data_6YF9
#
_entry.id   6YF9
#
_cell.length_a   278.090
_cell.length_b   390.209
_cell.length_c   554.470
_cell.angle_alpha   90.000
_cell.angle_beta   90.000
_cell.angle_gamma   90.000
#
_symmetry.space_group_name_H-M   'P 21 21 21'
#
_entity_poly.entity_id   1
_entity_poly.type   'polypeptide(L)'
_entity_poly.pdbx_seq_one_letter_code
;AAPSLALVGANSTLASTLVNYSLRSQNGNNVDYVCTDPDSTLSAPGLINAKFDIKAPGITGNDRIHANLRKVVLDEKTNL
PSTGSVTIQVSIPRNPAWNASMTVSLLKQAADYLAGTSATVSGQTDTSGFPAKWAGLMFP
;
_entity_poly.pdbx_strand_id   AA,AB,AC,AD,AE,AF,AG,AH,AI,AJ,AK,AL,AM,AN,AO,AP,AQ,AR,AS,AT,AU,AV,AW,AX,AY,AZ,BA,BB,BC,BD,BE,BF,BG,BH,BI,BJ,BK,BL,BM,BN,BO,BP,BQ,BR,BS,BT,BU,BV,BW,BX,BY,BZ,CA,CB,CC,CD,CE,CF,CG,CH,CI,CJ,CK,CL,CM,CN,CO,CP,CQ,CR,CS,CT,CU,CV,CW,CX,CY,CZ,DA,DB,DC,DD,DE,DF,DG,DH,DI,DJ,DK,DL,DM,DN,DO,DP,DQ,DR,DS,DT,DU,DV,DW,DX,DY,DZ,EA,EB,EC,ED,EE,EF,EG,EH,EI,EJ,EK,EL,EM,EN,EO,EP,EQ,ER,ES,ET,EU,EV,EW,EX,EY,EZ,FA,FB,FC,FD,FE,FF,FG,FH,FI,FJ,FK,FL,FM,FN,FO,FP,FQ,FR,FS,FT,FU,FV,FW,FX,FY,FZ,GA,GB,GC,GD,GE,GF,GG,GH,GI,GJ,GK,GL,GM,GN,GO,GP,GQ,GR,GS,GT,GU,GV,GW,GX
#
# COMPACT_ATOMS: atom_id res chain seq x y z
N ALA A 1 -114.68 -26.09 50.02
CA ALA A 1 -115.34 -25.20 49.07
C ALA A 1 -116.67 -25.78 48.60
N ALA A 2 -117.62 -24.89 48.29
CA ALA A 2 -118.92 -25.32 47.81
C ALA A 2 -118.78 -25.96 46.43
N PRO A 3 -119.55 -27.02 46.14
CA PRO A 3 -119.40 -27.68 44.84
C PRO A 3 -120.01 -26.90 43.69
N SER A 4 -120.97 -26.03 43.96
CA SER A 4 -121.63 -25.27 42.91
C SER A 4 -122.28 -24.04 43.52
N LEU A 5 -122.54 -23.06 42.66
CA LEU A 5 -123.03 -21.75 43.08
C LEU A 5 -124.06 -21.26 42.08
N ALA A 6 -125.08 -20.58 42.60
CA ALA A 6 -126.06 -19.88 41.78
C ALA A 6 -126.03 -18.42 42.23
N LEU A 7 -125.21 -17.61 41.57
CA LEU A 7 -125.03 -16.22 41.96
C LEU A 7 -125.99 -15.34 41.19
N VAL A 8 -126.35 -14.21 41.76
CA VAL A 8 -127.25 -13.28 41.09
C VAL A 8 -126.44 -12.26 40.31
N GLY A 9 -126.75 -12.10 39.02
CA GLY A 9 -126.19 -11.08 38.17
C GLY A 9 -127.30 -10.39 37.40
N ALA A 10 -126.95 -9.85 36.23
CA ALA A 10 -127.90 -9.09 35.42
C ALA A 10 -127.81 -9.51 33.96
N ASN A 11 -128.98 -9.55 33.31
CA ASN A 11 -129.07 -9.84 31.88
C ASN A 11 -128.91 -8.54 31.10
N SER A 12 -129.23 -8.58 29.80
CA SER A 12 -129.13 -7.38 28.98
C SER A 12 -130.13 -6.31 29.40
N THR A 13 -131.25 -6.72 30.01
CA THR A 13 -132.24 -5.78 30.55
C THR A 13 -131.82 -5.23 31.91
N LEU A 14 -130.76 -5.78 32.51
CA LEU A 14 -130.34 -5.51 33.89
C LEU A 14 -131.31 -6.07 34.91
N ALA A 15 -132.17 -6.99 34.51
CA ALA A 15 -133.01 -7.71 35.46
C ALA A 15 -132.18 -8.78 36.16
N SER A 16 -132.53 -9.06 37.42
CA SER A 16 -131.77 -10.01 38.22
C SER A 16 -131.91 -11.41 37.63
N THR A 17 -130.79 -12.02 37.27
CA THR A 17 -130.75 -13.32 36.61
C THR A 17 -129.76 -14.21 37.33
N LEU A 18 -130.06 -15.50 37.42
CA LEU A 18 -129.08 -16.42 37.98
C LEU A 18 -127.96 -16.69 36.99
N VAL A 19 -126.77 -16.90 37.54
CA VAL A 19 -125.61 -17.33 36.80
C VAL A 19 -124.96 -18.47 37.57
N ASN A 20 -124.78 -19.60 36.91
CA ASN A 20 -124.46 -20.85 37.56
C ASN A 20 -122.98 -21.18 37.38
N TYR A 21 -122.30 -21.37 38.49
CA TYR A 21 -120.91 -21.80 38.51
C TYR A 21 -120.82 -23.19 39.15
N SER A 22 -119.81 -23.95 38.75
CA SER A 22 -119.52 -25.23 39.36
C SER A 22 -118.02 -25.31 39.61
N LEU A 23 -117.65 -26.07 40.64
CA LEU A 23 -116.26 -26.12 41.09
C LEU A 23 -115.42 -26.87 40.07
N ARG A 24 -114.53 -26.14 39.40
CA ARG A 24 -113.53 -26.80 38.56
C ARG A 24 -112.47 -27.49 39.42
N SER A 25 -111.78 -26.72 40.27
CA SER A 25 -110.73 -27.37 41.03
C SER A 25 -110.44 -26.59 42.31
N GLN A 26 -110.14 -27.33 43.38
CA GLN A 26 -109.63 -26.74 44.62
C GLN A 26 -108.16 -27.13 44.75
N ASN A 27 -107.30 -26.13 44.72
CA ASN A 27 -105.93 -26.21 45.16
C ASN A 27 -105.88 -25.75 46.62
N GLY A 28 -104.74 -25.95 47.27
CA GLY A 28 -104.64 -25.56 48.66
C GLY A 28 -104.81 -24.07 48.87
N ASN A 29 -105.88 -23.68 49.56
CA ASN A 29 -106.23 -22.27 49.74
C ASN A 29 -106.46 -21.57 48.40
N ASN A 30 -106.97 -22.30 47.42
CA ASN A 30 -107.26 -21.72 46.12
C ASN A 30 -108.42 -22.47 45.50
N VAL A 31 -109.33 -21.73 44.88
CA VAL A 31 -110.56 -22.32 44.34
C VAL A 31 -110.85 -21.72 42.98
N ASP A 32 -111.18 -22.58 42.01
CA ASP A 32 -111.51 -22.18 40.64
C ASP A 32 -112.88 -22.74 40.28
N TYR A 33 -113.82 -21.84 39.97
CA TYR A 33 -115.16 -22.14 39.51
C TYR A 33 -115.31 -21.74 38.05
N VAL A 34 -116.21 -22.45 37.34
CA VAL A 34 -116.49 -22.22 35.93
C VAL A 34 -117.99 -22.07 35.73
N CYS A 35 -118.39 -21.18 34.82
CA CYS A 35 -119.80 -20.96 34.56
C CYS A 35 -120.35 -22.09 33.69
N THR A 36 -121.48 -22.65 34.11
CA THR A 36 -122.10 -23.80 33.46
C THR A 36 -123.29 -23.41 32.58
N ASP A 37 -123.49 -22.12 32.35
CA ASP A 37 -124.57 -21.65 31.49
C ASP A 37 -124.15 -21.80 30.03
N PRO A 38 -125.10 -21.67 29.11
CA PRO A 38 -124.72 -21.55 27.69
C PRO A 38 -123.93 -20.28 27.37
N ASP A 39 -123.96 -19.27 28.25
CA ASP A 39 -123.22 -18.04 28.04
C ASP A 39 -121.72 -18.30 27.95
N SER A 40 -121.19 -19.15 28.81
CA SER A 40 -119.77 -19.48 28.81
C SER A 40 -119.55 -20.77 28.03
N THR A 41 -118.49 -20.77 27.25
CA THR A 41 -117.95 -21.95 26.58
C THR A 41 -116.48 -22.02 26.94
N LEU A 42 -115.84 -23.14 26.60
CA LEU A 42 -114.41 -23.23 26.84
C LEU A 42 -113.66 -22.14 26.11
N SER A 43 -114.13 -21.75 24.92
CA SER A 43 -113.45 -20.72 24.14
C SER A 43 -113.58 -19.35 24.78
N ALA A 44 -114.74 -19.04 25.35
CA ALA A 44 -114.99 -17.75 26.00
C ALA A 44 -115.71 -18.00 27.32
N PRO A 45 -114.98 -18.35 28.37
CA PRO A 45 -115.61 -18.81 29.61
C PRO A 45 -115.93 -17.68 30.58
N GLY A 46 -116.78 -18.03 31.54
CA GLY A 46 -116.97 -17.23 32.75
C GLY A 46 -116.31 -17.97 33.91
N LEU A 47 -115.54 -17.24 34.71
CA LEU A 47 -114.64 -17.88 35.64
C LEU A 47 -114.64 -17.15 36.98
N ILE A 48 -114.37 -17.90 38.05
CA ILE A 48 -114.17 -17.32 39.38
C ILE A 48 -112.94 -17.97 40.00
N ASN A 49 -112.15 -17.14 40.69
CA ASN A 49 -110.93 -17.57 41.38
C ASN A 49 -110.89 -16.94 42.76
N ALA A 50 -110.52 -17.73 43.77
CA ALA A 50 -110.43 -17.24 45.15
C ALA A 50 -109.20 -17.81 45.83
N LYS A 51 -108.39 -16.93 46.42
CA LYS A 51 -107.09 -17.28 46.98
C LYS A 51 -106.97 -16.71 48.38
N PHE A 52 -106.13 -17.37 49.20
CA PHE A 52 -105.87 -16.96 50.58
C PHE A 52 -104.37 -16.83 50.80
N ASP A 53 -103.91 -15.59 50.98
CA ASP A 53 -102.54 -15.29 51.40
C ASP A 53 -102.55 -15.23 52.92
N ILE A 54 -102.24 -16.35 53.56
CA ILE A 54 -102.24 -16.46 55.02
C ILE A 54 -100.79 -16.52 55.49
N LYS A 55 -100.40 -15.54 56.30
CA LYS A 55 -99.04 -15.48 56.78
C LYS A 55 -98.83 -16.50 57.89
N ALA A 56 -97.56 -16.79 58.17
CA ALA A 56 -97.21 -17.73 59.23
C ALA A 56 -97.84 -17.28 60.55
N PRO A 57 -98.23 -18.23 61.41
CA PRO A 57 -98.94 -17.83 62.65
C PRO A 57 -98.09 -16.99 63.59
N GLY A 58 -96.77 -17.18 63.61
CA GLY A 58 -95.93 -16.33 64.44
C GLY A 58 -95.85 -14.91 63.92
N ILE A 59 -95.78 -14.73 62.61
CA ILE A 59 -95.57 -13.42 61.98
C ILE A 59 -96.85 -12.60 62.08
N THR A 60 -96.71 -11.32 62.42
CA THR A 60 -97.81 -10.36 62.30
C THR A 60 -97.74 -9.67 60.95
N GLY A 61 -98.88 -9.57 60.30
CA GLY A 61 -98.99 -8.84 59.06
C GLY A 61 -100.46 -8.68 58.77
N ASN A 62 -100.81 -8.62 57.49
CA ASN A 62 -102.20 -8.69 57.05
C ASN A 62 -102.42 -10.01 56.34
N ASP A 63 -103.49 -10.70 56.71
CA ASP A 63 -103.98 -11.81 55.89
C ASP A 63 -104.76 -11.24 54.71
N ARG A 64 -104.72 -11.94 53.58
CA ARG A 64 -105.29 -11.40 52.35
C ARG A 64 -106.19 -12.41 51.65
N ILE A 65 -107.26 -11.91 51.06
CA ILE A 65 -108.19 -12.67 50.23
C ILE A 65 -108.16 -12.06 48.83
N HIS A 66 -107.98 -12.89 47.82
CA HIS A 66 -107.98 -12.43 46.42
C HIS A 66 -109.10 -13.12 45.67
N ALA A 67 -110.06 -12.35 45.17
CA ALA A 67 -111.16 -12.89 44.39
C ALA A 67 -111.17 -12.25 43.01
N ASN A 68 -111.58 -13.05 42.02
CA ASN A 68 -111.59 -12.60 40.64
C ASN A 68 -112.77 -13.22 39.92
N LEU A 69 -113.65 -12.39 39.35
CA LEU A 69 -114.79 -12.83 38.58
C LEU A 69 -114.64 -12.30 37.15
N ARG A 70 -114.52 -13.21 36.20
CA ARG A 70 -114.17 -12.89 34.82
C ARG A 70 -115.25 -13.37 33.87
N LYS A 71 -115.40 -12.64 32.76
CA LYS A 71 -116.15 -13.11 31.60
C LYS A 71 -115.33 -12.79 30.35
N VAL A 72 -115.00 -13.81 29.57
CA VAL A 72 -114.27 -13.65 28.33
C VAL A 72 -115.28 -13.45 27.21
N VAL A 73 -114.95 -12.58 26.25
CA VAL A 73 -115.80 -12.35 25.10
C VAL A 73 -114.93 -12.38 23.85
N LEU A 74 -115.50 -12.87 22.75
CA LEU A 74 -114.80 -12.96 21.48
C LEU A 74 -115.23 -11.83 20.55
N ASP A 75 -114.27 -11.26 19.84
CA ASP A 75 -114.59 -10.25 18.83
C ASP A 75 -115.36 -10.89 17.68
N GLU A 76 -116.43 -10.23 17.24
CA GLU A 76 -117.19 -10.75 16.11
C GLU A 76 -116.30 -10.90 14.88
N LYS A 77 -115.49 -9.89 14.58
CA LYS A 77 -114.71 -9.92 13.35
C LYS A 77 -113.47 -10.80 13.48
N THR A 78 -112.71 -10.69 14.56
CA THR A 78 -111.42 -11.39 14.65
C THR A 78 -111.43 -12.63 15.55
N ASN A 79 -112.50 -12.87 16.29
CA ASN A 79 -112.59 -13.95 17.28
C ASN A 79 -111.47 -13.89 18.31
N LEU A 80 -110.77 -12.75 18.39
CA LEU A 80 -109.78 -12.57 19.44
C LEU A 80 -110.46 -12.33 20.78
N PRO A 81 -109.96 -12.93 21.83
CA PRO A 81 -110.64 -12.83 23.13
C PRO A 81 -110.16 -11.62 23.91
N SER A 82 -111.08 -10.84 24.43
CA SER A 82 -110.76 -9.88 25.47
C SER A 82 -111.70 -10.14 26.64
N THR A 83 -111.21 -9.87 27.84
CA THR A 83 -111.89 -10.29 29.04
C THR A 83 -112.25 -9.09 29.92
N GLY A 84 -113.39 -9.20 30.60
CA GLY A 84 -113.82 -8.19 31.56
C GLY A 84 -113.92 -8.81 32.93
N SER A 85 -113.50 -8.05 33.95
CA SER A 85 -113.31 -8.70 35.25
C SER A 85 -113.56 -7.74 36.41
N VAL A 86 -114.01 -8.30 37.52
CA VAL A 86 -114.06 -7.63 38.81
C VAL A 86 -113.17 -8.40 39.77
N THR A 87 -112.15 -7.73 40.29
CA THR A 87 -111.23 -8.33 41.26
C THR A 87 -111.36 -7.62 42.59
N ILE A 88 -111.17 -8.38 43.66
CA ILE A 88 -111.40 -7.92 45.03
C ILE A 88 -110.23 -8.39 45.89
N GLN A 89 -109.70 -7.50 46.71
CA GLN A 89 -108.64 -7.86 47.63
C GLN A 89 -109.07 -7.42 49.02
N VAL A 90 -109.15 -8.36 49.94
CA VAL A 90 -109.52 -8.09 51.32
C VAL A 90 -108.26 -8.24 52.16
N SER A 91 -107.87 -7.17 52.85
CA SER A 91 -106.69 -7.17 53.72
C SER A 91 -107.16 -7.02 55.16
N ILE A 92 -107.01 -8.09 55.94
CA ILE A 92 -107.49 -8.19 57.30
C ILE A 92 -106.27 -8.17 58.23
N PRO A 93 -106.16 -7.20 59.13
CA PRO A 93 -105.02 -7.19 60.06
C PRO A 93 -105.13 -8.20 61.18
N ARG A 94 -103.97 -8.64 61.65
CA ARG A 94 -103.86 -9.66 62.70
C ARG A 94 -103.85 -9.07 64.10
N ASN A 95 -104.37 -7.87 64.29
CA ASN A 95 -104.47 -7.24 65.60
C ASN A 95 -105.85 -7.51 66.20
N PRO A 96 -105.94 -7.99 67.45
CA PRO A 96 -107.27 -8.23 68.05
C PRO A 96 -108.16 -7.02 68.06
N ALA A 97 -107.62 -5.83 67.84
CA ALA A 97 -108.44 -4.63 67.72
C ALA A 97 -109.28 -4.61 66.44
N TRP A 98 -109.07 -5.57 65.55
CA TRP A 98 -109.88 -5.77 64.37
C TRP A 98 -110.66 -7.07 64.52
N ASN A 99 -111.85 -7.13 63.92
CA ASN A 99 -112.61 -8.37 64.04
C ASN A 99 -113.46 -8.61 62.78
N ALA A 100 -114.08 -9.78 62.78
CA ALA A 100 -114.83 -10.21 61.61
C ALA A 100 -116.01 -9.29 61.33
N SER A 101 -116.59 -8.67 62.37
CA SER A 101 -117.67 -7.72 62.13
C SER A 101 -117.18 -6.56 61.29
N MET A 102 -115.94 -6.13 61.50
CA MET A 102 -115.39 -5.04 60.71
C MET A 102 -115.08 -5.50 59.29
N THR A 103 -114.53 -6.72 59.14
CA THR A 103 -114.33 -7.27 57.80
C THR A 103 -115.65 -7.28 57.02
N VAL A 104 -116.70 -7.81 57.64
CA VAL A 104 -118.00 -7.90 56.99
C VAL A 104 -118.56 -6.52 56.72
N SER A 105 -118.33 -5.57 57.62
CA SER A 105 -118.83 -4.21 57.40
C SER A 105 -118.20 -3.60 56.15
N LEU A 106 -116.89 -3.77 55.98
CA LEU A 106 -116.26 -3.27 54.75
C LEU A 106 -116.83 -3.97 53.53
N LEU A 107 -117.03 -5.29 53.60
CA LEU A 107 -117.60 -6.00 52.45
C LEU A 107 -118.98 -5.45 52.09
N LYS A 108 -119.83 -5.26 53.10
CA LYS A 108 -121.19 -4.78 52.87
C LYS A 108 -121.18 -3.36 52.28
N GLN A 109 -120.28 -2.50 52.79
CA GLN A 109 -120.23 -1.14 52.28
C GLN A 109 -119.75 -1.11 50.83
N ALA A 110 -118.75 -1.93 50.52
CA ALA A 110 -118.30 -2.00 49.12
C ALA A 110 -119.43 -2.50 48.22
N ALA A 111 -120.18 -3.50 48.69
CA ALA A 111 -121.31 -4.00 47.92
C ALA A 111 -122.34 -2.89 47.67
N ASP A 112 -122.70 -2.15 48.73
CA ASP A 112 -123.64 -1.06 48.57
C ASP A 112 -123.13 -0.03 47.57
N TYR A 113 -121.85 0.35 47.67
CA TYR A 113 -121.38 1.51 46.92
C TYR A 113 -121.03 1.17 45.46
N LEU A 114 -120.64 -0.06 45.16
CA LEU A 114 -120.30 -0.40 43.79
C LEU A 114 -121.30 -1.28 43.08
N ALA A 115 -122.12 -2.04 43.81
CA ALA A 115 -123.15 -2.85 43.20
C ALA A 115 -124.56 -2.41 43.55
N GLY A 116 -124.72 -1.61 44.60
CA GLY A 116 -126.03 -1.15 45.00
C GLY A 116 -126.93 -2.27 45.45
N THR A 117 -126.45 -3.10 46.38
CA THR A 117 -127.20 -4.27 46.82
C THR A 117 -127.36 -4.36 48.33
N SER A 118 -127.04 -3.31 49.08
CA SER A 118 -127.20 -3.32 50.53
C SER A 118 -128.63 -3.68 50.95
N ALA A 119 -128.75 -4.13 52.20
CA ALA A 119 -130.05 -4.35 52.83
C ALA A 119 -130.74 -3.02 53.11
N THR A 120 -132.07 -3.06 53.19
CA THR A 120 -132.83 -1.84 53.40
C THR A 120 -132.64 -1.34 54.83
N VAL A 121 -132.21 -0.09 54.95
CA VAL A 121 -131.95 0.58 56.22
C VAL A 121 -132.34 2.04 56.05
N SER A 122 -133.13 2.57 56.97
CA SER A 122 -133.67 3.91 56.78
C SER A 122 -132.56 4.94 56.78
N GLY A 123 -132.61 5.86 55.82
CA GLY A 123 -131.59 6.88 55.68
C GLY A 123 -130.45 6.52 54.75
N GLN A 124 -130.43 5.30 54.21
CA GLN A 124 -129.41 4.92 53.25
C GLN A 124 -129.59 5.68 51.95
N THR A 125 -128.46 6.00 51.32
CA THR A 125 -128.55 6.59 49.99
C THR A 125 -128.99 5.53 48.99
N ASP A 126 -129.76 5.97 47.99
CA ASP A 126 -130.29 5.07 46.97
C ASP A 126 -129.15 4.74 46.02
N THR A 127 -128.55 3.57 46.22
CA THR A 127 -127.40 3.12 45.46
C THR A 127 -127.78 2.28 44.26
N SER A 128 -129.06 2.17 43.95
CA SER A 128 -129.53 1.26 42.92
C SER A 128 -128.93 1.59 41.55
N GLY A 129 -128.75 2.88 41.24
CA GLY A 129 -128.22 3.26 39.95
C GLY A 129 -126.72 3.34 39.89
N PHE A 130 -126.06 3.17 41.03
CA PHE A 130 -124.61 3.28 41.06
C PHE A 130 -123.90 2.27 40.16
N PRO A 131 -124.29 0.99 40.09
CA PRO A 131 -123.59 0.10 39.15
C PRO A 131 -123.70 0.57 37.71
N ALA A 132 -124.86 1.09 37.31
CA ALA A 132 -124.99 1.68 35.98
C ALA A 132 -124.00 2.83 35.79
N LYS A 133 -123.96 3.75 36.76
CA LYS A 133 -123.04 4.88 36.63
C LYS A 133 -121.59 4.42 36.56
N TRP A 134 -121.21 3.43 37.38
CA TRP A 134 -119.84 2.93 37.33
C TRP A 134 -119.54 2.33 35.96
N ALA A 135 -120.44 1.50 35.44
CA ALA A 135 -120.26 0.90 34.12
C ALA A 135 -120.20 1.96 33.03
N GLY A 136 -120.66 3.17 33.31
CA GLY A 136 -120.45 4.28 32.41
C GLY A 136 -119.22 5.12 32.68
N LEU A 137 -118.35 4.71 33.61
CA LEU A 137 -117.21 5.50 34.08
C LEU A 137 -117.65 6.89 34.56
N MET A 138 -118.64 6.90 35.45
CA MET A 138 -119.18 8.11 36.05
C MET A 138 -119.22 7.91 37.57
N PHE A 139 -118.72 8.89 38.31
CA PHE A 139 -118.81 8.80 39.75
C PHE A 139 -120.27 8.97 40.18
N PRO A 140 -120.76 8.14 41.10
CA PRO A 140 -122.12 8.27 41.62
C PRO A 140 -122.35 9.63 42.26
N ALA B 1 -110.50 -36.12 53.15
CA ALA B 1 -110.27 -35.77 54.55
C ALA B 1 -111.58 -35.38 55.24
N ALA B 2 -111.64 -35.56 56.56
CA ALA B 2 -112.84 -35.23 57.31
C ALA B 2 -113.10 -33.73 57.24
N PRO B 3 -114.32 -33.30 56.95
CA PRO B 3 -114.60 -31.85 56.84
C PRO B 3 -114.53 -31.12 58.17
N SER B 4 -114.68 -31.82 59.29
CA SER B 4 -114.62 -31.17 60.59
C SER B 4 -114.25 -32.19 61.64
N LEU B 5 -113.73 -31.70 62.76
CA LEU B 5 -113.20 -32.54 63.84
C LEU B 5 -113.59 -31.95 65.18
N ALA B 6 -113.87 -32.84 66.14
CA ALA B 6 -114.12 -32.46 67.52
C ALA B 6 -113.13 -33.24 68.36
N LEU B 7 -111.98 -32.65 68.65
CA LEU B 7 -110.91 -33.33 69.36
C LEU B 7 -110.99 -33.02 70.84
N VAL B 8 -110.42 -33.90 71.66
CA VAL B 8 -110.42 -33.70 73.10
C VAL B 8 -109.11 -33.04 73.52
N GLY B 9 -109.22 -31.95 74.26
CA GLY B 9 -108.09 -31.29 74.87
C GLY B 9 -108.39 -31.00 76.32
N ALA B 10 -107.71 -30.01 76.90
CA ALA B 10 -107.87 -29.69 78.32
C ALA B 10 -108.17 -28.21 78.49
N ASN B 11 -109.10 -27.91 79.39
CA ASN B 11 -109.42 -26.53 79.75
C ASN B 11 -108.37 -26.00 80.71
N SER B 12 -108.62 -24.82 81.29
CA SER B 12 -107.67 -24.26 82.25
C SER B 12 -107.49 -25.14 83.47
N THR B 13 -108.46 -26.01 83.76
CA THR B 13 -108.40 -26.91 84.92
C THR B 13 -107.91 -28.29 84.54
N LEU B 14 -107.57 -28.52 83.27
CA LEU B 14 -107.12 -29.80 82.73
C LEU B 14 -108.25 -30.82 82.62
N ALA B 15 -109.51 -30.36 82.68
CA ALA B 15 -110.64 -31.23 82.41
C ALA B 15 -110.80 -31.43 80.91
N SER B 16 -111.23 -32.64 80.53
CA SER B 16 -111.40 -32.94 79.13
C SER B 16 -112.47 -32.06 78.52
N THR B 17 -112.11 -31.34 77.46
CA THR B 17 -112.97 -30.37 76.81
C THR B 17 -112.86 -30.53 75.31
N LEU B 18 -113.98 -30.39 74.59
CA LEU B 18 -113.89 -30.45 73.15
C LEU B 18 -113.25 -29.19 72.57
N VAL B 19 -112.56 -29.38 71.46
CA VAL B 19 -111.95 -28.32 70.66
C VAL B 19 -112.29 -28.60 69.21
N ASN B 20 -112.92 -27.63 68.56
CA ASN B 20 -113.59 -27.85 67.28
C ASN B 20 -112.75 -27.28 66.16
N TYR B 21 -112.40 -28.12 65.19
CA TYR B 21 -111.66 -27.72 64.01
C TYR B 21 -112.52 -27.96 62.78
N SER B 22 -112.29 -27.15 61.75
CA SER B 22 -112.93 -27.31 60.46
C SER B 22 -111.88 -27.26 59.37
N LEU B 23 -112.13 -28.01 58.30
CA LEU B 23 -111.17 -28.16 57.21
C LEU B 23 -111.14 -26.91 56.35
N ARG B 24 -109.98 -26.23 56.34
CA ARG B 24 -109.86 -25.01 55.55
C ARG B 24 -109.61 -25.33 54.08
N SER B 25 -108.64 -26.18 53.78
CA SER B 25 -108.33 -26.55 52.40
C SER B 25 -107.54 -27.85 52.39
N GLN B 26 -107.30 -28.36 51.19
CA GLN B 26 -106.47 -29.55 50.99
C GLN B 26 -105.59 -29.33 49.76
N ASN B 27 -104.28 -29.32 49.97
CA ASN B 27 -103.24 -29.16 48.95
C ASN B 27 -102.63 -30.53 48.65
N GLY B 28 -101.53 -30.53 47.90
CA GLY B 28 -100.79 -31.74 47.61
C GLY B 28 -100.31 -32.43 48.86
N ASN B 29 -100.92 -33.59 49.13
CA ASN B 29 -100.52 -34.47 50.23
C ASN B 29 -100.52 -33.74 51.57
N ASN B 30 -101.49 -32.86 51.79
CA ASN B 30 -101.56 -32.17 53.08
C ASN B 30 -103.01 -31.74 53.34
N VAL B 31 -103.24 -31.31 54.57
CA VAL B 31 -104.55 -30.97 55.08
C VAL B 31 -104.38 -29.86 56.11
N ASP B 32 -105.25 -28.85 56.04
CA ASP B 32 -105.18 -27.67 56.91
C ASP B 32 -106.52 -27.48 57.62
N TYR B 33 -106.49 -27.55 58.95
CA TYR B 33 -107.66 -27.35 59.79
C TYR B 33 -107.48 -26.10 60.65
N VAL B 34 -108.61 -25.44 60.95
CA VAL B 34 -108.65 -24.22 61.74
C VAL B 34 -109.64 -24.40 62.88
N CYS B 35 -109.31 -23.85 64.05
CA CYS B 35 -110.19 -23.95 65.20
C CYS B 35 -111.34 -22.97 65.04
N THR B 36 -112.56 -23.46 65.28
CA THR B 36 -113.79 -22.68 65.11
C THR B 36 -114.41 -22.24 66.44
N ASP B 37 -113.71 -22.44 67.54
CA ASP B 37 -114.20 -22.02 68.84
C ASP B 37 -114.10 -20.50 68.94
N PRO B 38 -114.75 -19.90 69.94
CA PRO B 38 -114.62 -18.44 70.11
C PRO B 38 -113.23 -17.99 70.50
N ASP B 39 -112.46 -18.81 71.22
CA ASP B 39 -111.15 -18.38 71.72
C ASP B 39 -110.10 -18.24 70.62
N SER B 40 -110.33 -18.83 69.44
CA SER B 40 -109.41 -18.70 68.32
C SER B 40 -109.95 -17.66 67.34
N THR B 41 -109.09 -16.72 66.97
CA THR B 41 -109.38 -15.66 66.01
C THR B 41 -108.19 -15.56 65.07
N LEU B 42 -108.32 -14.76 64.02
CA LEU B 42 -107.20 -14.63 63.09
C LEU B 42 -105.97 -14.04 63.78
N SER B 43 -106.19 -13.22 64.81
CA SER B 43 -105.07 -12.65 65.56
C SER B 43 -104.32 -13.73 66.32
N ALA B 44 -105.03 -14.72 66.88
CA ALA B 44 -104.40 -15.79 67.66
C ALA B 44 -105.17 -17.09 67.40
N PRO B 45 -104.89 -17.75 66.28
CA PRO B 45 -105.68 -18.92 65.89
C PRO B 45 -105.16 -20.22 66.49
N GLY B 46 -106.00 -21.25 66.37
CA GLY B 46 -105.58 -22.63 66.59
C GLY B 46 -105.60 -23.36 65.25
N LEU B 47 -104.55 -24.14 64.99
CA LEU B 47 -104.32 -24.69 63.67
C LEU B 47 -103.87 -26.14 63.76
N ILE B 48 -104.24 -26.94 62.76
CA ILE B 48 -103.71 -28.29 62.63
C ILE B 48 -103.33 -28.52 61.17
N ASN B 49 -102.18 -29.16 60.94
CA ASN B 49 -101.64 -29.35 59.61
C ASN B 49 -101.06 -30.75 59.49
N ALA B 50 -101.35 -31.41 58.37
CA ALA B 50 -100.85 -32.77 58.16
C ALA B 50 -100.35 -32.93 56.73
N LYS B 51 -99.26 -33.68 56.56
CA LYS B 51 -98.61 -33.84 55.27
C LYS B 51 -98.04 -35.25 55.15
N PHE B 52 -98.07 -35.79 53.93
CA PHE B 52 -97.43 -37.07 53.63
C PHE B 52 -96.25 -36.87 52.70
N ASP B 53 -95.10 -37.42 53.08
CA ASP B 53 -93.96 -37.59 52.18
C ASP B 53 -93.98 -39.06 51.78
N ILE B 54 -94.42 -39.32 50.55
CA ILE B 54 -94.66 -40.68 50.08
C ILE B 54 -93.59 -41.05 49.07
N LYS B 55 -92.82 -42.08 49.38
CA LYS B 55 -91.75 -42.49 48.49
C LYS B 55 -92.30 -43.40 47.39
N ALA B 56 -91.50 -43.59 46.35
CA ALA B 56 -91.92 -44.31 45.17
C ALA B 56 -92.31 -45.75 45.52
N PRO B 57 -93.10 -46.41 44.67
CA PRO B 57 -93.48 -47.80 44.94
C PRO B 57 -92.25 -48.69 45.04
N GLY B 58 -92.32 -49.67 45.92
CA GLY B 58 -91.23 -50.57 46.21
C GLY B 58 -91.19 -50.84 47.70
N ILE B 59 -90.16 -51.56 48.13
CA ILE B 59 -90.00 -51.85 49.55
C ILE B 59 -88.77 -51.18 50.13
N THR B 60 -88.17 -50.24 49.40
CA THR B 60 -86.87 -49.69 49.79
C THR B 60 -86.99 -48.56 50.80
N GLY B 61 -87.97 -47.68 50.64
CA GLY B 61 -87.95 -46.39 51.28
C GLY B 61 -88.51 -46.36 52.70
N ASN B 62 -88.73 -45.12 53.15
CA ASN B 62 -89.38 -44.79 54.41
C ASN B 62 -90.41 -43.69 54.13
N ASP B 63 -91.70 -44.02 54.24
CA ASP B 63 -92.76 -43.02 54.15
C ASP B 63 -92.78 -42.18 55.41
N ARG B 64 -93.27 -40.94 55.30
CA ARG B 64 -93.30 -40.04 56.45
C ARG B 64 -94.63 -39.30 56.54
N ILE B 65 -95.08 -39.10 57.78
CA ILE B 65 -96.26 -38.31 58.11
C ILE B 65 -95.80 -37.15 58.99
N HIS B 66 -96.25 -35.95 58.67
CA HIS B 66 -95.93 -34.74 59.43
C HIS B 66 -97.23 -34.12 59.92
N ALA B 67 -97.40 -34.07 61.23
CA ALA B 67 -98.55 -33.41 61.83
C ALA B 67 -98.05 -32.25 62.69
N ASN B 68 -98.89 -31.22 62.82
CA ASN B 68 -98.51 -30.03 63.55
C ASN B 68 -99.76 -29.40 64.14
N LEU B 69 -99.82 -29.31 65.47
CA LEU B 69 -100.94 -28.73 66.19
C LEU B 69 -100.43 -27.49 66.91
N ARG B 70 -100.94 -26.33 66.51
CA ARG B 70 -100.44 -25.05 67.01
C ARG B 70 -101.56 -24.24 67.65
N LYS B 71 -101.19 -23.40 68.61
CA LYS B 71 -102.07 -22.38 69.17
C LYS B 71 -101.26 -21.10 69.39
N VAL B 72 -101.77 -20.00 68.89
CA VAL B 72 -101.12 -18.70 69.04
C VAL B 72 -101.72 -17.99 70.25
N VAL B 73 -100.89 -17.26 70.99
CA VAL B 73 -101.35 -16.50 72.14
C VAL B 73 -100.74 -15.12 72.06
N LEU B 74 -101.46 -14.13 72.61
CA LEU B 74 -101.03 -12.75 72.60
C LEU B 74 -100.65 -12.31 74.01
N ASP B 75 -99.55 -11.55 74.11
CA ASP B 75 -99.09 -11.02 75.39
C ASP B 75 -100.12 -10.06 75.97
N GLU B 76 -100.42 -10.21 77.27
CA GLU B 76 -101.37 -9.29 77.91
C GLU B 76 -100.85 -7.86 77.90
N LYS B 77 -99.54 -7.67 77.84
CA LYS B 77 -98.99 -6.33 77.93
C LYS B 77 -98.80 -5.69 76.55
N THR B 78 -98.46 -6.49 75.54
CA THR B 78 -98.07 -5.96 74.25
C THR B 78 -98.85 -6.52 73.06
N ASN B 79 -99.76 -7.47 73.28
CA ASN B 79 -100.44 -8.19 72.19
C ASN B 79 -99.44 -8.80 71.20
N LEU B 80 -98.24 -9.10 71.66
CA LEU B 80 -97.32 -9.74 70.73
C LEU B 80 -97.56 -11.24 70.69
N PRO B 81 -97.57 -11.81 69.49
CA PRO B 81 -97.91 -13.23 69.35
C PRO B 81 -96.71 -14.12 69.63
N SER B 82 -96.93 -15.17 70.38
CA SER B 82 -96.03 -16.31 70.39
C SER B 82 -96.87 -17.57 70.30
N THR B 83 -96.29 -18.62 69.71
CA THR B 83 -97.05 -19.82 69.40
C THR B 83 -96.53 -21.01 70.20
N GLY B 84 -97.45 -21.85 70.66
CA GLY B 84 -97.13 -23.13 71.24
C GLY B 84 -97.51 -24.21 70.24
N SER B 85 -96.73 -25.29 70.20
CA SER B 85 -96.98 -26.28 69.17
C SER B 85 -96.54 -27.67 69.60
N VAL B 86 -97.27 -28.67 69.12
CA VAL B 86 -96.87 -30.06 69.20
C VAL B 86 -96.78 -30.58 67.77
N THR B 87 -95.57 -30.94 67.35
CA THR B 87 -95.34 -31.49 66.03
C THR B 87 -95.00 -32.98 66.14
N ILE B 88 -95.42 -33.74 65.14
CA ILE B 88 -95.27 -35.18 65.13
C ILE B 88 -94.73 -35.60 63.78
N GLN B 89 -93.78 -36.53 63.78
CA GLN B 89 -93.27 -37.11 62.55
C GLN B 89 -93.25 -38.63 62.69
N VAL B 90 -94.01 -39.29 61.83
CA VAL B 90 -94.08 -40.74 61.77
C VAL B 90 -93.28 -41.19 60.57
N SER B 91 -92.39 -42.15 60.77
CA SER B 91 -91.59 -42.72 59.69
C SER B 91 -91.86 -44.21 59.65
N ILE B 92 -92.45 -44.65 58.53
CA ILE B 92 -92.94 -46.01 58.30
C ILE B 92 -92.06 -46.65 57.22
N PRO B 93 -91.26 -47.66 57.57
CA PRO B 93 -90.48 -48.35 56.54
C PRO B 93 -91.35 -49.21 55.65
N ARG B 94 -90.85 -49.45 54.43
CA ARG B 94 -91.56 -50.24 53.44
C ARG B 94 -91.07 -51.70 53.36
N ASN B 95 -89.94 -52.01 54.00
CA ASN B 95 -89.51 -53.39 54.16
C ASN B 95 -90.65 -54.22 54.74
N PRO B 96 -91.08 -55.29 54.06
CA PRO B 96 -92.25 -56.05 54.51
C PRO B 96 -92.13 -56.61 55.90
N ALA B 97 -90.95 -56.49 56.52
CA ALA B 97 -90.77 -56.85 57.92
C ALA B 97 -91.39 -55.84 58.88
N TRP B 98 -92.07 -54.83 58.37
CA TRP B 98 -92.80 -53.84 59.17
C TRP B 98 -94.30 -53.99 58.93
N ASN B 99 -95.09 -53.55 59.91
CA ASN B 99 -96.54 -53.68 59.85
C ASN B 99 -97.23 -52.36 60.19
N ALA B 100 -98.40 -52.19 59.60
CA ALA B 100 -99.32 -51.17 60.10
C ALA B 100 -99.57 -51.37 61.59
N SER B 101 -99.57 -52.61 62.05
CA SER B 101 -99.73 -52.86 63.49
C SER B 101 -98.58 -52.25 64.28
N MET B 102 -97.37 -52.30 63.73
CA MET B 102 -96.23 -51.71 64.42
C MET B 102 -96.31 -50.19 64.42
N THR B 103 -96.76 -49.61 63.30
CA THR B 103 -97.02 -48.16 63.27
C THR B 103 -98.03 -47.77 64.35
N VAL B 104 -99.16 -48.47 64.41
CA VAL B 104 -100.19 -48.14 65.38
C VAL B 104 -99.66 -48.32 66.79
N SER B 105 -98.83 -49.35 67.01
CA SER B 105 -98.30 -49.59 68.35
C SER B 105 -97.41 -48.43 68.79
N LEU B 106 -96.56 -47.94 67.89
CA LEU B 106 -95.76 -46.77 68.24
C LEU B 106 -96.64 -45.56 68.52
N LEU B 107 -97.69 -45.36 67.73
CA LEU B 107 -98.58 -44.23 67.98
C LEU B 107 -99.22 -44.32 69.36
N LYS B 108 -99.72 -45.51 69.71
CA LYS B 108 -100.38 -45.70 70.99
C LYS B 108 -99.40 -45.51 72.14
N GLN B 109 -98.16 -46.00 71.98
CA GLN B 109 -97.18 -45.84 73.05
C GLN B 109 -96.80 -44.38 73.25
N ALA B 110 -96.60 -43.65 72.14
CA ALA B 110 -96.31 -42.22 72.26
C ALA B 110 -97.47 -41.49 72.94
N ALA B 111 -98.71 -41.87 72.60
CA ALA B 111 -99.87 -41.26 73.23
C ALA B 111 -99.88 -41.52 74.73
N ASP B 112 -99.66 -42.78 75.13
CA ASP B 112 -99.59 -43.11 76.55
C ASP B 112 -98.48 -42.33 77.26
N TYR B 113 -97.31 -42.22 76.63
CA TYR B 113 -96.15 -41.70 77.35
C TYR B 113 -96.10 -40.18 77.39
N LEU B 114 -96.66 -39.49 76.40
CA LEU B 114 -96.62 -38.03 76.41
C LEU B 114 -97.96 -37.38 76.69
N ALA B 115 -99.08 -38.07 76.48
CA ALA B 115 -100.39 -37.53 76.79
C ALA B 115 -101.12 -38.31 77.88
N GLY B 116 -100.70 -39.54 78.18
CA GLY B 116 -101.36 -40.33 79.19
C GLY B 116 -102.79 -40.66 78.86
N THR B 117 -103.03 -41.18 77.65
CA THR B 117 -104.37 -41.43 77.16
C THR B 117 -104.62 -42.86 76.72
N SER B 118 -103.65 -43.76 76.92
CA SER B 118 -103.80 -45.14 76.47
C SER B 118 -105.03 -45.84 77.08
N ALA B 119 -105.43 -46.93 76.43
CA ALA B 119 -106.49 -47.78 76.93
C ALA B 119 -106.02 -48.53 78.19
N THR B 120 -106.96 -49.20 78.85
CA THR B 120 -106.68 -49.83 80.12
C THR B 120 -106.22 -51.28 79.91
N VAL B 121 -105.05 -51.61 80.47
CA VAL B 121 -104.50 -52.96 80.45
C VAL B 121 -103.97 -53.24 81.86
N SER B 122 -103.84 -54.54 82.18
CA SER B 122 -103.60 -54.95 83.56
C SER B 122 -102.42 -54.22 84.18
N GLY B 123 -101.21 -54.48 83.69
CA GLY B 123 -100.05 -54.02 84.41
C GLY B 123 -99.53 -52.67 83.97
N GLN B 124 -100.39 -51.82 83.41
CA GLN B 124 -99.89 -50.62 82.75
C GLN B 124 -99.43 -49.63 83.81
N THR B 125 -98.43 -48.82 83.47
CA THR B 125 -98.05 -47.79 84.43
C THR B 125 -99.00 -46.61 84.31
N ASP B 126 -99.19 -45.94 85.44
CA ASP B 126 -100.11 -44.81 85.53
C ASP B 126 -99.46 -43.61 84.86
N THR B 127 -100.01 -43.21 83.72
CA THR B 127 -99.46 -42.14 82.91
C THR B 127 -100.34 -40.90 82.91
N SER B 128 -101.34 -40.85 83.80
CA SER B 128 -102.26 -39.73 83.81
C SER B 128 -101.57 -38.41 84.11
N GLY B 129 -100.56 -38.43 84.99
CA GLY B 129 -99.85 -37.22 85.36
C GLY B 129 -98.70 -36.85 84.47
N PHE B 130 -98.38 -37.73 83.52
CA PHE B 130 -97.24 -37.46 82.64
C PHE B 130 -97.39 -36.19 81.81
N PRO B 131 -98.54 -35.87 81.21
CA PRO B 131 -98.62 -34.60 80.48
C PRO B 131 -98.34 -33.40 81.37
N ALA B 132 -98.83 -33.42 82.62
CA ALA B 132 -98.51 -32.35 83.56
C ALA B 132 -97.01 -32.26 83.79
N LYS B 133 -96.36 -33.41 84.04
CA LYS B 133 -94.92 -33.39 84.30
C LYS B 133 -94.15 -32.89 83.08
N TRP B 134 -94.58 -33.27 81.87
CA TRP B 134 -93.93 -32.76 80.67
C TRP B 134 -94.08 -31.25 80.57
N ALA B 135 -95.32 -30.76 80.73
CA ALA B 135 -95.57 -29.33 80.65
C ALA B 135 -94.80 -28.55 81.70
N GLY B 136 -94.38 -29.20 82.77
CA GLY B 136 -93.46 -28.59 83.71
C GLY B 136 -91.99 -28.76 83.36
N LEU B 137 -91.69 -29.33 82.20
CA LEU B 137 -90.32 -29.65 81.78
C LEU B 137 -89.61 -30.52 82.81
N MET B 138 -90.25 -31.63 83.18
CA MET B 138 -89.61 -32.65 83.98
C MET B 138 -90.01 -34.03 83.47
N PHE B 139 -89.08 -34.97 83.58
CA PHE B 139 -89.30 -36.30 83.07
C PHE B 139 -90.29 -37.06 83.95
N PRO B 140 -91.16 -37.88 83.36
CA PRO B 140 -92.02 -38.80 84.09
C PRO B 140 -91.19 -39.78 84.91
N ALA C 1 -112.82 -31.46 44.26
CA ALA C 1 -113.12 -32.79 43.73
C ALA C 1 -113.80 -33.66 44.78
N ALA C 2 -114.33 -34.79 44.34
CA ALA C 2 -115.01 -35.71 45.26
C ALA C 2 -114.01 -36.28 46.26
N PRO C 3 -114.36 -36.32 47.55
CA PRO C 3 -113.40 -36.79 48.55
C PRO C 3 -113.18 -38.29 48.52
N SER C 4 -114.10 -39.05 47.92
CA SER C 4 -113.97 -40.49 47.87
C SER C 4 -114.81 -41.03 46.71
N LEU C 5 -114.39 -42.19 46.20
CA LEU C 5 -114.98 -42.81 45.03
C LEU C 5 -115.14 -44.31 45.25
N ALA C 6 -116.23 -44.86 44.75
CA ALA C 6 -116.46 -46.29 44.72
C ALA C 6 -116.63 -46.70 43.26
N LEU C 7 -115.52 -47.02 42.61
CA LEU C 7 -115.56 -47.36 41.19
C LEU C 7 -115.80 -48.85 41.03
N VAL C 8 -116.30 -49.26 39.86
CA VAL C 8 -116.55 -50.66 39.58
C VAL C 8 -115.40 -51.22 38.76
N GLY C 9 -114.79 -52.29 39.26
CA GLY C 9 -113.79 -53.06 38.56
C GLY C 9 -114.18 -54.53 38.57
N ALA C 10 -113.16 -55.38 38.46
CA ALA C 10 -113.35 -56.82 38.37
C ALA C 10 -112.42 -57.54 39.33
N ASN C 11 -112.94 -58.55 40.00
CA ASN C 11 -112.12 -59.40 40.85
C ASN C 11 -111.46 -60.48 40.00
N SER C 12 -110.88 -61.49 40.65
CA SER C 12 -110.22 -62.56 39.92
C SER C 12 -111.19 -63.35 39.06
N THR C 13 -112.47 -63.37 39.42
CA THR C 13 -113.50 -64.05 38.65
C THR C 13 -114.00 -63.21 37.48
N LEU C 14 -113.58 -61.95 37.38
CA LEU C 14 -114.11 -60.92 36.50
C LEU C 14 -115.51 -60.47 36.90
N ALA C 15 -115.98 -60.84 38.08
CA ALA C 15 -117.24 -60.33 38.58
C ALA C 15 -117.12 -58.87 38.98
N SER C 16 -118.19 -58.11 38.78
CA SER C 16 -118.17 -56.68 39.08
C SER C 16 -118.00 -56.46 40.59
N THR C 17 -116.92 -55.79 40.97
CA THR C 17 -116.55 -55.59 42.36
C THR C 17 -116.22 -54.12 42.58
N LEU C 18 -116.59 -53.58 43.75
CA LEU C 18 -116.21 -52.21 44.06
C LEU C 18 -114.73 -52.11 44.42
N VAL C 19 -114.12 -51.03 43.94
CA VAL C 19 -112.76 -50.63 44.30
C VAL C 19 -112.83 -49.19 44.78
N ASN C 20 -112.31 -48.96 45.99
CA ASN C 20 -112.57 -47.76 46.76
C ASN C 20 -111.33 -46.88 46.78
N TYR C 21 -111.51 -45.60 46.44
CA TYR C 21 -110.44 -44.62 46.45
C TYR C 21 -110.82 -43.46 47.37
N SER C 22 -109.82 -42.87 48.01
CA SER C 22 -110.01 -41.62 48.73
C SER C 22 -109.07 -40.56 48.18
N LEU C 23 -109.51 -39.30 48.28
CA LEU C 23 -108.77 -38.17 47.74
C LEU C 23 -107.59 -37.86 48.65
N ARG C 24 -106.40 -38.22 48.19
CA ARG C 24 -105.19 -37.93 48.96
C ARG C 24 -104.63 -36.55 48.67
N SER C 25 -104.57 -36.10 47.41
CA SER C 25 -104.07 -34.75 47.17
C SER C 25 -104.79 -34.11 46.02
N GLN C 26 -104.74 -32.78 46.00
CA GLN C 26 -105.24 -31.98 44.88
C GLN C 26 -104.42 -30.72 44.84
N ASN C 27 -103.78 -30.46 43.70
CA ASN C 27 -102.82 -29.37 43.58
C ASN C 27 -102.69 -28.99 42.10
N GLY C 28 -102.83 -27.70 41.82
CA GLY C 28 -102.54 -27.17 40.50
C GLY C 28 -103.25 -27.90 39.38
N ASN C 29 -104.58 -27.84 39.41
CA ASN C 29 -105.41 -28.57 38.46
C ASN C 29 -104.95 -30.02 38.32
N ASN C 30 -104.66 -30.63 39.46
CA ASN C 30 -104.21 -32.00 39.46
C ASN C 30 -104.88 -32.68 40.66
N VAL C 31 -105.31 -33.92 40.49
CA VAL C 31 -106.08 -34.64 41.50
C VAL C 31 -105.54 -36.06 41.62
N ASP C 32 -105.23 -36.48 42.84
CA ASP C 32 -104.61 -37.78 43.11
C ASP C 32 -105.38 -38.53 44.18
N TYR C 33 -105.86 -39.73 43.82
CA TYR C 33 -106.60 -40.63 44.69
C TYR C 33 -105.75 -41.86 45.00
N VAL C 34 -105.98 -42.45 46.18
CA VAL C 34 -105.32 -43.70 46.56
C VAL C 34 -106.38 -44.73 46.93
N CYS C 35 -106.09 -46.00 46.64
CA CYS C 35 -107.03 -47.07 46.90
C CYS C 35 -107.00 -47.46 48.37
N THR C 36 -108.19 -47.54 48.97
CA THR C 36 -108.35 -47.80 50.40
C THR C 36 -108.53 -49.28 50.71
N ASP C 37 -108.57 -50.13 49.71
CA ASP C 37 -108.87 -51.55 49.90
C ASP C 37 -107.64 -52.26 50.44
N PRO C 38 -107.79 -53.50 50.89
CA PRO C 38 -106.62 -54.25 51.38
C PRO C 38 -105.62 -54.59 50.29
N ASP C 39 -106.05 -54.70 49.03
CA ASP C 39 -105.14 -55.09 47.96
C ASP C 39 -104.13 -54.00 47.62
N SER C 40 -104.35 -52.75 48.04
CA SER C 40 -103.37 -51.69 47.88
C SER C 40 -102.64 -51.51 49.20
N THR C 41 -101.34 -51.77 49.19
CA THR C 41 -100.47 -51.55 50.32
C THR C 41 -99.60 -50.32 50.05
N LEU C 42 -98.84 -49.93 51.07
CA LEU C 42 -97.89 -48.84 50.89
C LEU C 42 -96.87 -49.20 49.84
N SER C 43 -96.41 -50.44 49.84
CA SER C 43 -95.33 -50.82 48.94
C SER C 43 -95.85 -51.01 47.52
N ALA C 44 -97.08 -51.49 47.39
CA ALA C 44 -97.69 -51.77 46.08
C ALA C 44 -99.12 -51.20 46.08
N PRO C 45 -99.27 -49.91 45.81
CA PRO C 45 -100.57 -49.27 45.96
C PRO C 45 -101.39 -49.29 44.68
N GLY C 46 -102.65 -48.89 44.81
CA GLY C 46 -103.50 -48.55 43.68
C GLY C 46 -103.73 -47.05 43.68
N LEU C 47 -103.60 -46.44 42.51
CA LEU C 47 -103.52 -45.00 42.44
C LEU C 47 -104.30 -44.46 41.26
N ILE C 48 -104.80 -43.23 41.39
CA ILE C 48 -105.46 -42.53 40.29
C ILE C 48 -104.92 -41.11 40.23
N ASN C 49 -104.73 -40.61 39.01
CA ASN C 49 -104.20 -39.29 38.73
C ASN C 49 -105.05 -38.63 37.64
N ALA C 50 -105.27 -37.32 37.75
CA ALA C 50 -106.05 -36.60 36.74
C ALA C 50 -105.59 -35.14 36.65
N LYS C 51 -105.20 -34.71 35.45
CA LYS C 51 -104.63 -33.39 35.17
C LYS C 51 -105.45 -32.66 34.12
N PHE C 52 -105.43 -31.33 34.19
CA PHE C 52 -106.05 -30.45 33.21
C PHE C 52 -104.99 -29.53 32.61
N ASP C 53 -104.75 -29.67 31.30
CA ASP C 53 -104.01 -28.66 30.54
C ASP C 53 -105.07 -27.73 29.93
N ILE C 54 -105.29 -26.60 30.59
CA ILE C 54 -106.28 -25.63 30.15
C ILE C 54 -105.57 -24.51 29.41
N LYS C 55 -105.86 -24.38 28.12
CA LYS C 55 -105.26 -23.35 27.29
C LYS C 55 -105.88 -21.99 27.63
N ALA C 56 -105.13 -20.94 27.32
CA ALA C 56 -105.59 -19.56 27.45
C ALA C 56 -106.88 -19.37 26.68
N PRO C 57 -107.73 -18.41 27.06
CA PRO C 57 -108.98 -18.20 26.33
C PRO C 57 -108.70 -17.93 24.86
N GLY C 58 -109.62 -18.39 24.03
CA GLY C 58 -109.43 -18.28 22.60
C GLY C 58 -110.21 -19.33 21.88
N ILE C 59 -110.34 -19.12 20.56
CA ILE C 59 -111.08 -20.05 19.73
C ILE C 59 -110.16 -21.11 19.12
N THR C 60 -108.85 -20.97 19.28
CA THR C 60 -107.86 -21.87 18.72
C THR C 60 -107.24 -22.73 19.80
N GLY C 61 -106.80 -23.92 19.41
CA GLY C 61 -106.13 -24.83 20.31
C GLY C 61 -107.02 -25.94 20.81
N ASN C 62 -106.40 -26.86 21.54
CA ASN C 62 -107.09 -27.96 22.20
C ASN C 62 -106.84 -27.88 23.71
N ASP C 63 -107.89 -28.07 24.49
CA ASP C 63 -107.78 -28.35 25.92
C ASP C 63 -107.51 -29.84 26.10
N ARG C 64 -106.83 -30.19 27.20
CA ARG C 64 -106.48 -31.60 27.38
C ARG C 64 -106.75 -32.08 28.80
N ILE C 65 -107.24 -33.32 28.89
CA ILE C 65 -107.46 -34.03 30.15
C ILE C 65 -106.55 -35.23 30.16
N HIS C 66 -105.83 -35.44 31.26
CA HIS C 66 -104.99 -36.62 31.44
C HIS C 66 -105.48 -37.40 32.65
N ALA C 67 -105.51 -38.73 32.52
CA ALA C 67 -105.97 -39.57 33.62
C ALA C 67 -105.16 -40.86 33.62
N ASN C 68 -104.81 -41.33 34.81
CA ASN C 68 -104.02 -42.54 34.95
C ASN C 68 -104.57 -43.38 36.08
N LEU C 69 -104.86 -44.64 35.80
CA LEU C 69 -105.31 -45.60 36.80
C LEU C 69 -104.27 -46.71 36.89
N ARG C 70 -103.63 -46.83 38.05
CA ARG C 70 -102.46 -47.67 38.25
C ARG C 70 -102.71 -48.70 39.34
N LYS C 71 -102.12 -49.87 39.16
CA LYS C 71 -101.97 -50.84 40.25
C LYS C 71 -100.53 -51.35 40.23
N VAL C 72 -99.84 -51.21 41.35
CA VAL C 72 -98.47 -51.68 41.49
C VAL C 72 -98.49 -53.11 42.03
N VAL C 73 -97.57 -53.94 41.55
CA VAL C 73 -97.44 -55.31 42.02
C VAL C 73 -95.97 -55.60 42.24
N LEU C 74 -95.68 -56.35 43.30
CA LEU C 74 -94.32 -56.70 43.67
C LEU C 74 -93.97 -58.09 43.16
N ASP C 75 -92.72 -58.25 42.70
CA ASP C 75 -92.23 -59.55 42.28
C ASP C 75 -92.17 -60.51 43.46
N GLU C 76 -92.53 -61.77 43.21
CA GLU C 76 -92.56 -62.75 44.29
C GLU C 76 -91.19 -62.94 44.91
N LYS C 77 -90.15 -63.02 44.08
CA LYS C 77 -88.80 -63.27 44.57
C LYS C 77 -88.06 -61.96 44.86
N THR C 78 -87.94 -61.09 43.86
CA THR C 78 -87.09 -59.91 43.99
C THR C 78 -87.77 -58.76 44.74
N ASN C 79 -89.10 -58.80 44.91
CA ASN C 79 -89.88 -57.72 45.52
C ASN C 79 -89.72 -56.40 44.78
N LEU C 80 -89.18 -56.43 43.56
CA LEU C 80 -89.14 -55.25 42.71
C LEU C 80 -90.54 -54.92 42.22
N PRO C 81 -90.92 -53.66 42.22
CA PRO C 81 -92.28 -53.31 41.80
C PRO C 81 -92.35 -53.09 40.30
N SER C 82 -93.35 -53.67 39.65
CA SER C 82 -93.75 -53.25 38.32
C SER C 82 -95.23 -52.88 38.37
N THR C 83 -95.61 -51.94 37.53
CA THR C 83 -96.93 -51.33 37.63
C THR C 83 -97.71 -51.49 36.32
N GLY C 84 -98.99 -51.81 36.45
CA GLY C 84 -99.89 -51.92 35.32
C GLY C 84 -100.86 -50.74 35.33
N SER C 85 -101.18 -50.22 34.15
CA SER C 85 -101.87 -48.94 34.13
C SER C 85 -102.71 -48.74 32.89
N VAL C 86 -103.89 -48.15 33.07
CA VAL C 86 -104.71 -47.64 31.98
C VAL C 86 -104.69 -46.13 32.05
N THR C 87 -104.21 -45.49 30.99
CA THR C 87 -104.11 -44.04 30.96
C THR C 87 -104.88 -43.48 29.77
N ILE C 88 -105.53 -42.34 29.99
CA ILE C 88 -106.46 -41.73 29.03
C ILE C 88 -106.04 -40.29 28.80
N GLN C 89 -106.03 -39.86 27.54
CA GLN C 89 -105.89 -38.47 27.16
C GLN C 89 -107.09 -38.05 26.33
N VAL C 90 -107.78 -37.00 26.79
CA VAL C 90 -108.91 -36.41 26.09
C VAL C 90 -108.45 -35.07 25.53
N SER C 91 -108.64 -34.86 24.23
CA SER C 91 -108.27 -33.62 23.57
C SER C 91 -109.52 -32.99 22.98
N ILE C 92 -109.93 -31.85 23.54
CA ILE C 92 -111.17 -31.15 23.24
C ILE C 92 -110.81 -29.87 22.48
N PRO C 93 -111.15 -29.77 21.21
CA PRO C 93 -110.88 -28.52 20.47
C PRO C 93 -111.76 -27.37 20.94
N ARG C 94 -111.36 -26.17 20.54
CA ARG C 94 -112.06 -24.96 20.93
C ARG C 94 -112.86 -24.31 19.81
N ASN C 95 -112.73 -24.79 18.58
CA ASN C 95 -113.61 -24.35 17.50
C ASN C 95 -115.06 -24.58 17.91
N PRO C 96 -115.93 -23.57 17.84
CA PRO C 96 -117.33 -23.76 18.28
C PRO C 96 -118.05 -24.86 17.55
N ALA C 97 -117.45 -25.39 16.50
CA ALA C 97 -117.97 -26.54 15.79
C ALA C 97 -117.77 -27.85 16.54
N TRP C 98 -117.23 -27.80 17.76
CA TRP C 98 -117.12 -28.95 18.65
C TRP C 98 -118.10 -28.80 19.80
N ASN C 99 -118.53 -29.92 20.37
CA ASN C 99 -119.50 -29.92 21.46
C ASN C 99 -119.04 -30.81 22.59
N ALA C 100 -119.45 -30.42 23.80
CA ALA C 100 -119.38 -31.35 24.92
C ALA C 100 -120.07 -32.66 24.59
N SER C 101 -121.14 -32.60 23.79
CA SER C 101 -121.82 -33.84 23.38
C SER C 101 -120.87 -34.73 22.59
N MET C 102 -120.02 -34.12 21.75
CA MET C 102 -119.07 -34.91 20.98
C MET C 102 -117.99 -35.49 21.88
N THR C 103 -117.53 -34.70 22.86
CA THR C 103 -116.59 -35.23 23.86
C THR C 103 -117.18 -36.44 24.57
N VAL C 104 -118.41 -36.31 25.06
CA VAL C 104 -119.06 -37.39 25.78
C VAL C 104 -119.26 -38.59 24.87
N SER C 105 -119.59 -38.34 23.60
CA SER C 105 -119.80 -39.44 22.67
C SER C 105 -118.52 -40.24 22.49
N LEU C 106 -117.38 -39.55 22.34
CA LEU C 106 -116.11 -40.28 22.24
C LEU C 106 -115.80 -41.04 23.52
N LEU C 107 -116.07 -40.44 24.68
CA LEU C 107 -115.84 -41.16 25.94
C LEU C 107 -116.67 -42.43 26.02
N LYS C 108 -117.96 -42.33 25.67
CA LYS C 108 -118.85 -43.49 25.74
C LYS C 108 -118.42 -44.57 24.76
N GLN C 109 -118.00 -44.16 23.56
CA GLN C 109 -117.57 -45.14 22.57
C GLN C 109 -116.29 -45.85 23.00
N ALA C 110 -115.34 -45.10 23.58
CA ALA C 110 -114.14 -45.72 24.11
C ALA C 110 -114.48 -46.71 25.22
N ALA C 111 -115.40 -46.32 26.11
CA ALA C 111 -115.84 -47.23 27.16
C ALA C 111 -116.43 -48.50 26.58
N ASP C 112 -117.27 -48.36 25.54
CA ASP C 112 -117.86 -49.54 24.91
C ASP C 112 -116.79 -50.42 24.28
N TYR C 113 -115.83 -49.83 23.58
CA TYR C 113 -114.93 -50.61 22.75
C TYR C 113 -113.78 -51.22 23.53
N LEU C 114 -113.29 -50.54 24.57
CA LEU C 114 -112.17 -51.08 25.34
C LEU C 114 -112.57 -51.68 26.67
N ALA C 115 -113.72 -51.29 27.22
CA ALA C 115 -114.19 -51.85 28.48
C ALA C 115 -115.48 -52.65 28.36
N GLY C 116 -116.25 -52.46 27.30
CA GLY C 116 -117.49 -53.19 27.14
C GLY C 116 -118.54 -52.84 28.17
N THR C 117 -118.79 -51.54 28.37
CA THR C 117 -119.70 -51.09 29.43
C THR C 117 -120.79 -50.14 28.94
N SER C 118 -120.93 -49.95 27.63
CA SER C 118 -121.95 -49.06 27.10
C SER C 118 -123.35 -49.42 27.60
N ALA C 119 -124.25 -48.42 27.57
CA ALA C 119 -125.66 -48.63 27.82
C ALA C 119 -126.29 -49.49 26.73
N THR C 120 -127.49 -50.00 27.01
CA THR C 120 -128.14 -50.90 26.09
C THR C 120 -128.90 -50.12 25.02
N VAL C 121 -128.62 -50.46 23.75
CA VAL C 121 -129.28 -49.88 22.58
C VAL C 121 -129.50 -50.99 21.58
N SER C 122 -130.66 -50.99 20.93
CA SER C 122 -130.97 -52.00 19.92
C SER C 122 -129.94 -51.97 18.80
N GLY C 123 -129.38 -53.13 18.48
CA GLY C 123 -128.41 -53.24 17.43
C GLY C 123 -126.97 -52.98 17.82
N GLN C 124 -126.67 -52.85 19.11
CA GLN C 124 -125.30 -52.55 19.49
C GLN C 124 -124.49 -53.83 19.39
N THR C 125 -123.20 -53.72 19.09
CA THR C 125 -122.40 -54.94 19.09
C THR C 125 -122.08 -55.34 20.52
N ASP C 126 -122.05 -56.65 20.74
CA ASP C 126 -121.78 -57.19 22.07
C ASP C 126 -120.31 -57.03 22.38
N THR C 127 -120.02 -56.14 23.31
CA THR C 127 -118.65 -55.80 23.68
C THR C 127 -118.25 -56.40 25.02
N SER C 128 -119.06 -57.30 25.56
CA SER C 128 -118.82 -57.83 26.89
C SER C 128 -117.45 -58.53 26.98
N GLY C 129 -117.08 -59.28 25.95
CA GLY C 129 -115.83 -60.01 25.96
C GLY C 129 -114.65 -59.22 25.47
N PHE C 130 -114.88 -57.99 25.01
CA PHE C 130 -113.78 -57.19 24.49
C PHE C 130 -112.71 -56.89 25.53
N PRO C 131 -113.03 -56.51 26.78
CA PRO C 131 -111.92 -56.29 27.73
C PRO C 131 -111.08 -57.53 27.94
N ALA C 132 -111.68 -58.71 27.97
CA ALA C 132 -110.91 -59.94 28.05
C ALA C 132 -109.99 -60.09 26.84
N LYS C 133 -110.53 -59.88 25.63
CA LYS C 133 -109.70 -60.01 24.44
C LYS C 133 -108.56 -58.99 24.45
N TRP C 134 -108.82 -57.77 24.92
CA TRP C 134 -107.75 -56.77 25.01
C TRP C 134 -106.67 -57.22 25.99
N ALA C 135 -107.08 -57.65 27.18
CA ALA C 135 -106.12 -58.12 28.18
C ALA C 135 -105.29 -59.28 27.65
N GLY C 136 -105.83 -60.04 26.70
CA GLY C 136 -105.05 -61.04 26.00
C GLY C 136 -104.27 -60.54 24.80
N LEU C 137 -104.27 -59.24 24.54
CA LEU C 137 -103.63 -58.66 23.35
C LEU C 137 -104.19 -59.27 22.07
N MET C 138 -105.52 -59.21 21.94
CA MET C 138 -106.23 -59.70 20.77
C MET C 138 -107.22 -58.64 20.33
N PHE C 139 -107.20 -58.29 19.05
CA PHE C 139 -108.17 -57.34 18.56
C PHE C 139 -109.56 -57.95 18.58
N PRO C 140 -110.57 -57.23 19.09
CA PRO C 140 -111.97 -57.68 19.14
C PRO C 140 -112.51 -57.96 17.75
N ALA D 1 15.07 -7.45 -126.48
CA ALA D 1 15.19 -6.00 -126.62
C ALA D 1 16.24 -5.61 -127.65
N ALA D 2 16.01 -4.48 -128.32
CA ALA D 2 16.95 -4.00 -129.32
C ALA D 2 18.25 -3.59 -128.65
N PRO D 3 19.40 -3.84 -129.29
CA PRO D 3 20.68 -3.52 -128.66
C PRO D 3 20.98 -2.03 -128.66
N SER D 4 20.40 -1.28 -129.59
CA SER D 4 20.69 0.15 -129.69
C SER D 4 19.56 0.82 -130.45
N LEU D 5 19.44 2.13 -130.26
CA LEU D 5 18.35 2.92 -130.78
C LEU D 5 18.87 4.26 -131.26
N ALA D 6 18.30 4.75 -132.35
CA ALA D 6 18.54 6.10 -132.84
C ALA D 6 17.18 6.78 -132.91
N LEU D 7 16.80 7.47 -131.84
CA LEU D 7 15.49 8.09 -131.75
C LEU D 7 15.58 9.53 -132.22
N VAL D 8 14.47 10.06 -132.71
CA VAL D 8 14.43 11.44 -133.18
C VAL D 8 13.98 12.35 -132.04
N GLY D 9 14.75 13.39 -131.78
CA GLY D 9 14.43 14.44 -130.84
C GLY D 9 14.68 15.80 -131.47
N ALA D 10 14.93 16.79 -130.63
CA ALA D 10 15.12 18.16 -131.07
C ALA D 10 16.34 18.79 -130.42
N ASN D 11 17.06 19.59 -131.19
CA ASN D 11 18.21 20.34 -130.69
C ASN D 11 17.72 21.68 -130.13
N SER D 12 18.65 22.60 -129.87
CA SER D 12 18.28 23.90 -129.34
C SER D 12 17.46 24.71 -130.35
N THR D 13 17.64 24.45 -131.65
CA THR D 13 16.86 25.07 -132.72
C THR D 13 15.48 24.43 -132.88
N LEU D 14 15.25 23.29 -132.21
CA LEU D 14 14.08 22.44 -132.39
C LEU D 14 14.07 21.74 -133.75
N ALA D 15 15.21 21.68 -134.42
CA ALA D 15 15.34 20.88 -135.62
C ALA D 15 15.48 19.41 -135.25
N SER D 16 14.96 18.53 -136.10
CA SER D 16 14.97 17.10 -135.82
C SER D 16 16.39 16.58 -135.80
N THR D 17 16.80 16.01 -134.67
CA THR D 17 18.16 15.54 -134.45
C THR D 17 18.12 14.11 -133.92
N LEU D 18 19.08 13.29 -134.32
CA LEU D 18 19.16 11.96 -133.73
C LEU D 18 19.71 12.02 -132.31
N VAL D 19 19.22 11.10 -131.49
CA VAL D 19 19.73 10.87 -130.15
C VAL D 19 19.90 9.38 -129.97
N ASN D 20 21.12 8.97 -129.60
CA ASN D 20 21.55 7.59 -129.68
C ASN D 20 21.53 6.96 -128.29
N TYR D 21 20.80 5.87 -128.15
CA TYR D 21 20.77 5.08 -126.94
C TYR D 21 21.35 3.71 -127.22
N SER D 22 21.92 3.09 -126.19
CA SER D 22 22.40 1.73 -126.27
C SER D 22 21.95 0.98 -125.03
N LEU D 23 21.74 -0.33 -125.19
CA LEU D 23 21.16 -1.15 -124.13
C LEU D 23 22.15 -1.29 -122.98
N ARG D 24 21.83 -0.68 -121.84
CA ARG D 24 22.59 -0.94 -120.63
C ARG D 24 22.30 -2.33 -120.09
N SER D 25 21.03 -2.61 -119.78
CA SER D 25 20.76 -3.92 -119.20
C SER D 25 19.32 -4.32 -119.42
N GLN D 26 19.09 -5.61 -119.66
CA GLN D 26 17.76 -6.19 -119.67
C GLN D 26 17.59 -7.06 -118.43
N ASN D 27 16.68 -6.66 -117.56
CA ASN D 27 16.12 -7.49 -116.52
C ASN D 27 14.84 -8.14 -117.07
N GLY D 28 14.30 -9.10 -116.32
CA GLY D 28 13.10 -9.77 -116.79
C GLY D 28 11.92 -8.83 -116.93
N ASN D 29 11.46 -8.63 -118.16
CA ASN D 29 10.40 -7.67 -118.47
C ASN D 29 10.79 -6.25 -118.05
N ASN D 30 12.08 -5.93 -118.16
CA ASN D 30 12.55 -4.59 -117.82
C ASN D 30 13.78 -4.28 -118.66
N VAL D 31 13.85 -3.07 -119.19
CA VAL D 31 14.92 -2.69 -120.09
C VAL D 31 15.42 -1.30 -119.74
N ASP D 32 16.75 -1.15 -119.69
CA ASP D 32 17.40 0.12 -119.38
C ASP D 32 18.38 0.47 -120.50
N TYR D 33 18.14 1.61 -121.16
CA TYR D 33 18.99 2.17 -122.20
C TYR D 33 19.66 3.45 -121.68
N VAL D 34 20.85 3.74 -122.24
CA VAL D 34 21.64 4.91 -121.88
C VAL D 34 22.02 5.66 -123.15
N CYS D 35 22.04 6.98 -123.05
CA CYS D 35 22.40 7.80 -124.21
C CYS D 35 23.91 7.79 -124.40
N THR D 36 24.33 7.54 -125.65
CA THR D 36 25.74 7.42 -126.01
C THR D 36 26.29 8.66 -126.68
N ASP D 37 25.54 9.75 -126.68
CA ASP D 37 26.01 11.00 -127.25
C ASP D 37 26.95 11.70 -126.28
N PRO D 38 27.67 12.72 -126.74
CA PRO D 38 28.39 13.58 -125.77
C PRO D 38 27.48 14.36 -124.85
N ASP D 39 26.18 14.48 -125.18
CA ASP D 39 25.23 15.19 -124.33
C ASP D 39 25.11 14.56 -122.96
N SER D 40 25.06 13.24 -122.91
CA SER D 40 24.96 12.52 -121.64
C SER D 40 26.35 12.06 -121.20
N THR D 41 26.59 12.19 -119.92
CA THR D 41 27.74 11.63 -119.22
C THR D 41 27.21 10.83 -118.05
N LEU D 42 28.09 10.07 -117.40
CA LEU D 42 27.66 9.34 -116.22
C LEU D 42 27.14 10.29 -115.15
N SER D 43 27.73 11.49 -115.06
CA SER D 43 27.30 12.44 -114.04
C SER D 43 25.92 13.00 -114.34
N ALA D 44 25.62 13.27 -115.61
CA ALA D 44 24.32 13.80 -116.02
C ALA D 44 23.83 13.04 -117.25
N PRO D 45 23.24 11.87 -117.06
CA PRO D 45 22.95 10.99 -118.17
C PRO D 45 21.58 11.22 -118.80
N GLY D 46 21.42 10.67 -120.00
CA GLY D 46 20.13 10.50 -120.63
C GLY D 46 19.77 9.02 -120.58
N LEU D 47 18.54 8.74 -120.16
CA LEU D 47 18.19 7.36 -119.79
C LEU D 47 16.81 7.00 -120.31
N ILE D 48 16.61 5.71 -120.56
CA ILE D 48 15.30 5.19 -120.91
C ILE D 48 15.06 3.91 -120.10
N ASN D 49 13.83 3.74 -119.63
CA ASN D 49 13.43 2.57 -118.85
C ASN D 49 12.07 2.09 -119.35
N ALA D 50 11.92 0.78 -119.51
CA ALA D 50 10.66 0.19 -119.98
C ALA D 50 10.35 -1.08 -119.19
N LYS D 51 9.12 -1.15 -118.65
CA LYS D 51 8.71 -2.20 -117.74
C LYS D 51 7.36 -2.76 -118.18
N PHE D 52 7.12 -4.03 -117.81
CA PHE D 52 5.88 -4.74 -118.14
C PHE D 52 5.28 -5.32 -116.87
N ASP D 53 4.15 -4.76 -116.45
CA ASP D 53 3.34 -5.32 -115.37
C ASP D 53 2.32 -6.24 -116.01
N ILE D 54 2.66 -7.53 -116.09
CA ILE D 54 1.81 -8.54 -116.70
C ILE D 54 1.21 -9.40 -115.61
N LYS D 55 -0.12 -9.38 -115.53
CA LYS D 55 -0.80 -10.14 -114.50
C LYS D 55 -0.81 -11.63 -114.85
N ALA D 56 -1.09 -12.45 -113.84
CA ALA D 56 -1.16 -13.89 -114.04
C ALA D 56 -2.18 -14.22 -115.14
N PRO D 57 -1.93 -15.27 -115.92
CA PRO D 57 -2.84 -15.57 -117.05
C PRO D 57 -4.26 -15.90 -116.63
N GLY D 58 -4.45 -16.50 -115.45
CA GLY D 58 -5.80 -16.76 -114.99
C GLY D 58 -6.55 -15.49 -114.61
N ILE D 59 -5.86 -14.55 -113.96
CA ILE D 59 -6.47 -13.34 -113.43
C ILE D 59 -6.81 -12.39 -114.57
N THR D 60 -8.00 -11.79 -114.51
CA THR D 60 -8.35 -10.67 -115.38
C THR D 60 -8.03 -9.35 -114.70
N GLY D 61 -7.40 -8.46 -115.44
CA GLY D 61 -7.12 -7.13 -114.97
C GLY D 61 -6.71 -6.31 -116.17
N ASN D 62 -5.84 -5.33 -115.93
CA ASN D 62 -5.19 -4.61 -117.00
C ASN D 62 -3.70 -4.96 -116.99
N ASP D 63 -3.17 -5.29 -118.17
CA ASP D 63 -1.73 -5.35 -118.33
C ASP D 63 -1.20 -3.91 -118.50
N ARG D 64 0.02 -3.67 -118.02
CA ARG D 64 0.55 -2.31 -117.99
C ARG D 64 1.95 -2.24 -118.58
N ILE D 65 2.21 -1.12 -119.27
CA ILE D 65 3.53 -0.78 -119.79
C ILE D 65 3.96 0.52 -119.13
N HIS D 66 5.18 0.55 -118.59
CA HIS D 66 5.73 1.76 -117.98
C HIS D 66 6.99 2.17 -118.72
N ALA D 67 6.97 3.36 -119.32
CA ALA D 67 8.13 3.88 -120.02
C ALA D 67 8.55 5.21 -119.40
N ASN D 68 9.85 5.46 -119.41
CA ASN D 68 10.40 6.66 -118.80
C ASN D 68 11.61 7.11 -119.61
N LEU D 69 11.58 8.35 -120.10
CA LEU D 69 12.67 8.96 -120.83
C LEU D 69 13.14 10.18 -120.06
N ARG D 70 14.40 10.15 -119.61
CA ARG D 70 14.95 11.11 -118.68
C ARG D 70 16.17 11.79 -119.29
N LYS D 71 16.38 13.05 -118.90
CA LYS D 71 17.65 13.75 -119.11
C LYS D 71 17.99 14.48 -117.82
N VAL D 72 19.17 14.17 -117.27
CA VAL D 72 19.66 14.83 -116.07
C VAL D 72 20.47 16.04 -116.49
N VAL D 73 20.37 17.13 -115.73
CA VAL D 73 21.14 18.33 -115.99
C VAL D 73 21.73 18.81 -114.68
N LEU D 74 22.94 19.38 -114.76
CA LEU D 74 23.64 19.89 -113.60
C LEU D 74 23.51 21.41 -113.53
N ASP D 75 23.31 21.92 -112.31
CA ASP D 75 23.30 23.36 -112.11
C ASP D 75 24.68 23.94 -112.36
N GLU D 76 24.73 25.06 -113.09
CA GLU D 76 26.02 25.70 -113.34
C GLU D 76 26.70 26.08 -112.02
N LYS D 77 25.94 26.67 -111.10
CA LYS D 77 26.56 27.17 -109.87
C LYS D 77 26.82 26.05 -108.86
N THR D 78 25.86 25.15 -108.63
CA THR D 78 26.01 24.17 -107.56
C THR D 78 26.35 22.77 -108.02
N ASN D 79 26.32 22.49 -109.32
CA ASN D 79 26.49 21.15 -109.89
C ASN D 79 25.52 20.14 -109.31
N LEU D 80 24.47 20.60 -108.65
CA LEU D 80 23.43 19.71 -108.17
C LEU D 80 22.57 19.24 -109.35
N PRO D 81 22.22 17.98 -109.38
CA PRO D 81 21.48 17.45 -110.53
C PRO D 81 19.98 17.59 -110.35
N SER D 82 19.31 18.12 -111.35
CA SER D 82 17.86 17.98 -111.44
C SER D 82 17.53 17.38 -112.80
N THR D 83 16.46 16.62 -112.84
CA THR D 83 16.17 15.80 -114.00
C THR D 83 14.82 16.17 -114.61
N GLY D 84 14.75 16.06 -115.93
CA GLY D 84 13.50 16.29 -116.67
C GLY D 84 13.10 15.01 -117.38
N SER D 85 11.81 14.72 -117.38
CA SER D 85 11.40 13.39 -117.81
C SER D 85 10.02 13.37 -118.46
N VAL D 86 9.84 12.44 -119.38
CA VAL D 86 8.53 12.08 -119.92
C VAL D 86 8.27 10.63 -119.57
N THR D 87 7.20 10.37 -118.83
CA THR D 87 6.80 9.03 -118.45
C THR D 87 5.46 8.68 -119.08
N ILE D 88 5.29 7.41 -119.42
CA ILE D 88 4.14 6.92 -120.16
C ILE D 88 3.66 5.64 -119.51
N GLN D 89 2.36 5.53 -119.32
CA GLN D 89 1.78 4.30 -118.77
C GLN D 89 0.67 3.87 -119.72
N VAL D 90 0.80 2.66 -120.25
CA VAL D 90 -0.20 2.09 -121.15
C VAL D 90 -0.92 1.00 -120.37
N SER D 91 -2.25 1.14 -120.24
CA SER D 91 -3.08 0.17 -119.54
C SER D 91 -3.99 -0.49 -120.56
N ILE D 92 -3.74 -1.77 -120.83
CA ILE D 92 -4.42 -2.57 -121.85
C ILE D 92 -5.32 -3.57 -121.15
N PRO D 93 -6.63 -3.54 -121.37
CA PRO D 93 -7.51 -4.52 -120.73
C PRO D 93 -7.46 -5.90 -121.38
N ARG D 94 -7.71 -6.91 -120.55
CA ARG D 94 -7.65 -8.31 -120.96
C ARG D 94 -8.99 -8.83 -121.50
N ASN D 95 -9.85 -7.96 -121.97
CA ASN D 95 -11.13 -8.34 -122.58
C ASN D 95 -10.97 -8.41 -124.10
N PRO D 96 -11.40 -9.51 -124.74
CA PRO D 96 -11.27 -9.59 -126.21
C PRO D 96 -11.95 -8.45 -126.95
N ALA D 97 -12.82 -7.70 -126.27
CA ALA D 97 -13.42 -6.52 -126.88
C ALA D 97 -12.42 -5.40 -127.10
N TRP D 98 -11.20 -5.54 -126.60
CA TRP D 98 -10.10 -4.62 -126.84
C TRP D 98 -9.06 -5.33 -127.70
N ASN D 99 -8.34 -4.57 -128.52
CA ASN D 99 -7.31 -5.20 -129.35
C ASN D 99 -6.14 -4.26 -129.59
N ALA D 100 -5.13 -4.84 -130.24
CA ALA D 100 -3.89 -4.11 -130.45
C ALA D 100 -4.11 -2.88 -131.33
N SER D 101 -5.08 -2.94 -132.25
CA SER D 101 -5.36 -1.76 -133.06
C SER D 101 -5.78 -0.59 -132.19
N MET D 102 -6.54 -0.87 -131.12
CA MET D 102 -6.96 0.18 -130.22
C MET D 102 -5.81 0.67 -129.36
N THR D 103 -4.95 -0.25 -128.89
CA THR D 103 -3.74 0.17 -128.18
C THR D 103 -2.91 1.13 -129.05
N VAL D 104 -2.67 0.74 -130.29
CA VAL D 104 -1.88 1.56 -131.20
C VAL D 104 -2.58 2.87 -131.48
N SER D 105 -3.91 2.86 -131.60
CA SER D 105 -4.64 4.09 -131.86
C SER D 105 -4.44 5.09 -130.73
N LEU D 106 -4.53 4.62 -129.48
CA LEU D 106 -4.26 5.52 -128.36
C LEU D 106 -2.83 6.04 -128.40
N LEU D 107 -1.87 5.17 -128.70
CA LEU D 107 -0.48 5.63 -128.79
C LEU D 107 -0.32 6.72 -129.85
N LYS D 108 -0.89 6.50 -131.03
CA LYS D 108 -0.77 7.46 -132.12
C LYS D 108 -1.43 8.78 -131.77
N GLN D 109 -2.59 8.73 -131.12
CA GLN D 109 -3.28 9.97 -130.76
C GLN D 109 -2.51 10.75 -129.71
N ALA D 110 -1.95 10.05 -128.72
CA ALA D 110 -1.12 10.73 -127.74
C ALA D 110 0.10 11.37 -128.41
N ALA D 111 0.71 10.66 -129.35
CA ALA D 111 1.85 11.22 -130.09
C ALA D 111 1.43 12.49 -130.83
N ASP D 112 0.31 12.44 -131.54
CA ASP D 112 -0.16 13.62 -132.27
C ASP D 112 -0.41 14.78 -131.30
N TYR D 113 -1.05 14.51 -130.17
CA TYR D 113 -1.53 15.62 -129.34
C TYR D 113 -0.45 16.21 -128.44
N LEU D 114 0.55 15.43 -128.04
CA LEU D 114 1.59 15.97 -127.17
C LEU D 114 2.93 16.18 -127.83
N ALA D 115 3.22 15.48 -128.93
CA ALA D 115 4.46 15.69 -129.66
C ALA D 115 4.25 16.26 -131.04
N GLY D 116 3.04 16.19 -131.59
CA GLY D 116 2.76 16.71 -132.91
C GLY D 116 3.52 15.98 -134.00
N THR D 117 3.42 14.64 -134.01
CA THR D 117 4.17 13.83 -134.95
C THR D 117 3.31 12.84 -135.75
N SER D 118 1.99 12.96 -135.70
CA SER D 118 1.12 12.08 -136.46
C SER D 118 1.46 12.07 -137.95
N ALA D 119 1.03 11.00 -138.62
CA ALA D 119 1.11 10.91 -140.08
C ALA D 119 0.13 11.87 -140.73
N THR D 120 0.42 12.26 -141.97
CA THR D 120 -0.42 13.22 -142.66
C THR D 120 -1.74 12.57 -143.05
N VAL D 121 -2.84 13.20 -142.63
CA VAL D 121 -4.20 12.73 -142.89
C VAL D 121 -5.06 13.97 -143.07
N SER D 122 -5.85 14.01 -144.15
CA SER D 122 -6.57 15.24 -144.46
C SER D 122 -7.60 15.54 -143.39
N GLY D 123 -7.65 16.80 -142.97
CA GLY D 123 -8.55 17.23 -141.92
C GLY D 123 -7.98 17.17 -140.52
N GLN D 124 -6.75 16.69 -140.35
CA GLN D 124 -6.10 16.69 -139.05
C GLN D 124 -5.80 18.11 -138.61
N THR D 125 -5.90 18.34 -137.30
CA THR D 125 -5.47 19.62 -136.78
C THR D 125 -3.95 19.71 -136.83
N ASP D 126 -3.45 20.92 -137.05
CA ASP D 126 -2.01 21.16 -137.16
C ASP D 126 -1.43 21.14 -135.75
N THR D 127 -0.86 20.01 -135.39
CA THR D 127 -0.33 19.78 -134.05
C THR D 127 1.15 20.11 -133.95
N SER D 128 1.73 20.71 -134.99
CA SER D 128 3.17 20.91 -135.02
C SER D 128 3.65 21.80 -133.88
N GLY D 129 2.87 22.81 -133.50
CA GLY D 129 3.27 23.72 -132.45
C GLY D 129 2.89 23.28 -131.06
N PHE D 130 2.13 22.19 -130.96
CA PHE D 130 1.68 21.74 -129.66
C PHE D 130 2.81 21.40 -128.70
N PRO D 131 3.89 20.71 -129.12
CA PRO D 131 4.97 20.46 -128.14
C PRO D 131 5.58 21.75 -127.60
N ALA D 132 5.72 22.77 -128.44
CA ALA D 132 6.17 24.07 -127.95
C ALA D 132 5.21 24.62 -126.91
N LYS D 133 3.90 24.60 -127.22
CA LYS D 133 2.95 25.13 -126.25
C LYS D 133 2.97 24.35 -124.94
N TRP D 134 3.09 23.02 -125.02
CA TRP D 134 3.15 22.22 -123.80
C TRP D 134 4.38 22.59 -122.99
N ALA D 135 5.55 22.69 -123.64
CA ALA D 135 6.78 23.07 -122.95
C ALA D 135 6.68 24.47 -122.36
N GLY D 136 5.73 25.27 -122.82
CA GLY D 136 5.43 26.53 -122.17
C GLY D 136 4.35 26.49 -121.10
N LEU D 137 3.85 25.30 -120.75
CA LEU D 137 2.69 25.14 -119.87
C LEU D 137 1.48 25.92 -120.38
N MET D 138 1.15 25.70 -121.64
CA MET D 138 0.00 26.32 -122.30
C MET D 138 -0.80 25.23 -122.99
N PHE D 139 -2.11 25.24 -122.78
CA PHE D 139 -2.94 24.27 -123.49
C PHE D 139 -2.99 24.62 -124.97
N PRO D 140 -2.84 23.65 -125.87
CA PRO D 140 -2.93 23.89 -127.31
C PRO D 140 -4.29 24.47 -127.70
N ALA E 1 19.41 -17.75 -124.71
CA ALA E 1 18.21 -18.48 -125.08
C ALA E 1 17.80 -18.20 -126.52
N ALA E 2 17.11 -19.16 -127.15
CA ALA E 2 16.68 -18.98 -128.53
C ALA E 2 15.68 -17.84 -128.63
N PRO E 3 15.85 -16.93 -129.59
CA PRO E 3 14.93 -15.79 -129.68
C PRO E 3 13.53 -16.17 -130.14
N SER E 4 13.37 -17.30 -130.80
CA SER E 4 12.05 -17.73 -131.25
C SER E 4 12.05 -19.24 -131.43
N LEU E 5 10.83 -19.81 -131.40
CA LEU E 5 10.65 -21.24 -131.43
C LEU E 5 9.46 -21.58 -132.32
N ALA E 6 9.57 -22.70 -133.03
CA ALA E 6 8.47 -23.25 -133.82
C ALA E 6 8.27 -24.67 -133.34
N LEU E 7 7.37 -24.86 -132.38
CA LEU E 7 7.16 -26.15 -131.76
C LEU E 7 6.01 -26.88 -132.43
N VAL E 8 5.99 -28.20 -132.33
CA VAL E 8 4.93 -29.00 -132.93
C VAL E 8 3.86 -29.28 -131.88
N GLY E 9 2.61 -28.97 -132.23
CA GLY E 9 1.47 -29.33 -131.41
C GLY E 9 0.40 -29.96 -132.28
N ALA E 10 -0.85 -29.90 -131.84
CA ALA E 10 -1.94 -30.54 -132.56
C ALA E 10 -3.07 -29.55 -132.80
N ASN E 11 -3.64 -29.59 -134.01
CA ASN E 11 -4.80 -28.78 -134.36
C ASN E 11 -6.06 -29.41 -133.77
N SER E 12 -7.22 -28.90 -134.17
CA SER E 12 -8.47 -29.47 -133.68
C SER E 12 -8.65 -30.92 -134.11
N THR E 13 -7.97 -31.36 -135.15
CA THR E 13 -8.05 -32.73 -135.65
C THR E 13 -6.91 -33.60 -135.14
N LEU E 14 -6.03 -33.05 -134.30
CA LEU E 14 -4.85 -33.73 -133.77
C LEU E 14 -3.77 -33.95 -134.82
N ALA E 15 -3.84 -33.23 -135.93
CA ALA E 15 -2.75 -33.25 -136.90
C ALA E 15 -1.61 -32.36 -136.43
N SER E 16 -0.39 -32.78 -136.74
CA SER E 16 0.78 -32.02 -136.31
C SER E 16 0.78 -30.65 -136.96
N THR E 17 0.83 -29.61 -136.14
CA THR E 17 0.76 -28.22 -136.58
C THR E 17 1.80 -27.40 -135.85
N LEU E 18 2.42 -26.45 -136.55
CA LEU E 18 3.36 -25.59 -135.86
C LEU E 18 2.64 -24.59 -134.96
N VAL E 19 3.33 -24.25 -133.87
CA VAL E 19 2.91 -23.24 -132.92
C VAL E 19 4.13 -22.37 -132.63
N ASN E 20 3.98 -21.07 -132.86
CA ASN E 20 5.12 -20.16 -132.93
C ASN E 20 5.20 -19.34 -131.65
N TYR E 21 6.36 -19.41 -130.99
CA TYR E 21 6.63 -18.64 -129.79
C TYR E 21 7.80 -17.70 -130.06
N SER E 22 7.80 -16.58 -129.36
CA SER E 22 8.90 -15.61 -129.41
C SER E 22 9.30 -15.26 -127.99
N LEU E 23 10.59 -14.99 -127.82
CA LEU E 23 11.17 -14.73 -126.50
C LEU E 23 10.78 -13.34 -126.02
N ARG E 24 10.01 -13.28 -124.93
CA ARG E 24 9.60 -11.98 -124.40
C ARG E 24 10.69 -11.33 -123.58
N SER E 25 11.27 -12.07 -122.62
CA SER E 25 12.35 -11.53 -121.79
C SER E 25 13.11 -12.69 -121.16
N GLN E 26 14.20 -12.35 -120.46
CA GLN E 26 14.99 -13.32 -119.72
C GLN E 26 15.40 -12.68 -118.38
N ASN E 27 14.95 -13.28 -117.28
CA ASN E 27 15.22 -12.88 -115.91
C ASN E 27 16.27 -13.83 -115.32
N GLY E 28 16.47 -13.75 -114.01
CA GLY E 28 17.37 -14.63 -113.30
C GLY E 28 16.96 -16.07 -113.44
N ASN E 29 17.77 -16.82 -114.19
CA ASN E 29 17.63 -18.27 -114.35
C ASN E 29 16.24 -18.63 -114.86
N ASN E 30 15.69 -17.84 -115.78
CA ASN E 30 14.38 -18.17 -116.35
C ASN E 30 14.26 -17.55 -117.73
N VAL E 31 13.21 -17.97 -118.43
CA VAL E 31 12.96 -17.60 -119.82
C VAL E 31 11.45 -17.58 -120.01
N ASP E 32 10.96 -16.54 -120.70
CA ASP E 32 9.54 -16.31 -120.93
C ASP E 32 9.27 -16.17 -122.42
N TYR E 33 8.47 -17.08 -122.97
CA TYR E 33 8.07 -17.08 -124.37
C TYR E 33 6.57 -16.85 -124.49
N VAL E 34 6.17 -16.20 -125.58
CA VAL E 34 4.78 -15.87 -125.87
C VAL E 34 4.42 -16.37 -127.26
N CYS E 35 3.20 -16.88 -127.41
CA CYS E 35 2.76 -17.37 -128.72
C CYS E 35 2.42 -16.20 -129.62
N THR E 36 2.92 -16.26 -130.86
CA THR E 36 2.76 -15.18 -131.84
C THR E 36 1.75 -15.51 -132.93
N ASP E 37 1.02 -16.62 -132.78
CA ASP E 37 0.00 -16.99 -133.75
C ASP E 37 -1.19 -16.06 -133.60
N PRO E 38 -2.12 -16.07 -134.57
CA PRO E 38 -3.32 -15.24 -134.42
C PRO E 38 -4.24 -15.68 -133.30
N ASP E 39 -4.28 -16.97 -132.96
CA ASP E 39 -5.24 -17.46 -131.96
C ASP E 39 -4.89 -17.03 -130.54
N SER E 40 -3.65 -16.59 -130.29
CA SER E 40 -3.27 -16.10 -128.97
C SER E 40 -3.27 -14.59 -128.98
N THR E 41 -3.93 -14.00 -127.97
CA THR E 41 -4.02 -12.57 -127.76
C THR E 41 -3.79 -12.32 -126.28
N LEU E 42 -3.67 -11.05 -125.90
CA LEU E 42 -3.46 -10.75 -124.49
C LEU E 42 -4.62 -11.23 -123.63
N SER E 43 -5.83 -11.27 -124.21
CA SER E 43 -6.99 -11.76 -123.48
C SER E 43 -6.87 -13.25 -123.18
N ALA E 44 -6.33 -14.02 -124.13
CA ALA E 44 -6.19 -15.47 -123.98
C ALA E 44 -4.89 -15.93 -124.64
N PRO E 45 -3.77 -15.75 -123.96
CA PRO E 45 -2.47 -16.00 -124.59
C PRO E 45 -2.01 -17.46 -124.47
N GLY E 46 -0.98 -17.79 -125.23
CA GLY E 46 -0.21 -19.01 -125.05
C GLY E 46 1.18 -18.63 -124.55
N LEU E 47 1.64 -19.36 -123.54
CA LEU E 47 2.84 -18.96 -122.82
C LEU E 47 3.73 -20.16 -122.54
N ILE E 48 5.05 -19.94 -122.51
CA ILE E 48 6.00 -20.95 -122.06
C ILE E 48 6.99 -20.29 -121.11
N ASN E 49 7.33 -20.99 -120.04
CA ASN E 49 8.19 -20.44 -119.00
C ASN E 49 9.15 -21.52 -118.51
N ALA E 50 10.42 -21.16 -118.33
CA ALA E 50 11.42 -22.12 -117.89
C ALA E 50 12.31 -21.48 -116.84
N LYS E 51 12.71 -22.26 -115.84
CA LYS E 51 13.50 -21.76 -114.71
C LYS E 51 14.47 -22.84 -114.24
N PHE E 52 15.65 -22.41 -113.80
CA PHE E 52 16.62 -23.31 -113.19
C PHE E 52 16.78 -22.99 -111.70
N ASP E 53 16.66 -24.01 -110.86
CA ASP E 53 17.07 -23.95 -109.46
C ASP E 53 18.41 -24.68 -109.40
N ILE E 54 19.50 -23.92 -109.30
CA ILE E 54 20.84 -24.45 -109.41
C ILE E 54 21.49 -24.42 -108.05
N LYS E 55 21.87 -25.59 -107.55
CA LYS E 55 22.48 -25.67 -106.23
C LYS E 55 23.97 -25.39 -106.33
N ALA E 56 24.58 -25.13 -105.17
CA ALA E 56 25.97 -24.72 -105.11
C ALA E 56 26.89 -25.77 -105.70
N PRO E 57 28.10 -25.39 -106.11
CA PRO E 57 29.04 -26.38 -106.65
C PRO E 57 29.33 -27.48 -105.64
N GLY E 58 29.51 -28.68 -106.15
CA GLY E 58 29.72 -29.87 -105.35
C GLY E 58 28.96 -31.02 -105.96
N ILE E 59 28.96 -32.15 -105.26
CA ILE E 59 28.23 -33.32 -105.74
C ILE E 59 27.06 -33.68 -104.82
N THR E 60 26.69 -32.79 -103.91
CA THR E 60 25.74 -33.13 -102.86
C THR E 60 24.29 -32.96 -103.32
N GLY E 61 23.99 -31.92 -104.09
CA GLY E 61 22.63 -31.47 -104.25
C GLY E 61 21.84 -32.16 -105.35
N ASN E 62 20.70 -31.54 -105.66
CA ASN E 62 19.82 -31.89 -106.76
C ASN E 62 19.44 -30.60 -107.50
N ASP E 63 19.92 -30.45 -108.73
CA ASP E 63 19.52 -29.33 -109.57
C ASP E 63 18.09 -29.56 -110.08
N ARG E 64 17.38 -28.48 -110.39
CA ARG E 64 16.00 -28.61 -110.85
C ARG E 64 15.71 -27.68 -112.03
N ILE E 65 14.89 -28.19 -112.95
CA ILE E 65 14.39 -27.47 -114.11
C ILE E 65 12.88 -27.40 -113.97
N HIS E 66 12.30 -26.22 -114.17
CA HIS E 66 10.86 -26.01 -114.12
C HIS E 66 10.41 -25.45 -115.46
N ALA E 67 9.57 -26.19 -116.17
CA ALA E 67 8.99 -25.73 -117.41
C ALA E 67 7.48 -25.67 -117.25
N ASN E 68 6.85 -24.76 -117.99
CA ASN E 68 5.41 -24.57 -117.87
C ASN E 68 4.88 -24.08 -119.21
N LEU E 69 3.98 -24.85 -119.82
CA LEU E 69 3.37 -24.52 -121.09
C LEU E 69 1.88 -24.32 -120.86
N ARG E 70 1.41 -23.10 -121.07
CA ARG E 70 0.04 -22.74 -120.75
C ARG E 70 -0.69 -22.20 -121.98
N LYS E 71 -2.00 -22.38 -121.99
CA LYS E 71 -2.89 -21.73 -122.94
C LYS E 71 -4.16 -21.30 -122.23
N VAL E 72 -4.54 -20.05 -122.39
CA VAL E 72 -5.74 -19.50 -121.79
C VAL E 72 -6.88 -19.58 -122.80
N VAL E 73 -8.09 -19.86 -122.32
CA VAL E 73 -9.26 -19.93 -123.17
C VAL E 73 -10.38 -19.16 -122.49
N LEU E 74 -11.26 -18.58 -123.30
CA LEU E 74 -12.38 -17.79 -122.82
C LEU E 74 -13.70 -18.54 -123.04
N ASP E 75 -14.58 -18.48 -122.04
CA ASP E 75 -15.89 -19.11 -122.13
C ASP E 75 -16.72 -18.46 -123.24
N GLU E 76 -17.36 -19.30 -124.07
CA GLU E 76 -18.20 -18.75 -125.13
C GLU E 76 -19.38 -17.96 -124.57
N LYS E 77 -19.80 -18.26 -123.35
CA LYS E 77 -20.97 -17.61 -122.79
C LYS E 77 -20.61 -16.35 -122.01
N THR E 78 -19.46 -16.36 -121.31
CA THR E 78 -19.12 -15.30 -120.38
C THR E 78 -17.77 -14.64 -120.62
N ASN E 79 -16.98 -15.10 -121.60
CA ASN E 79 -15.60 -14.65 -121.80
C ASN E 79 -14.77 -14.77 -120.52
N LEU E 80 -15.14 -15.71 -119.65
CA LEU E 80 -14.30 -15.86 -118.47
C LEU E 80 -13.11 -16.77 -118.77
N PRO E 81 -11.93 -16.37 -118.31
CA PRO E 81 -10.73 -17.12 -118.66
C PRO E 81 -10.54 -18.33 -117.75
N SER E 82 -10.19 -19.46 -118.33
CA SER E 82 -9.58 -20.55 -117.60
C SER E 82 -8.39 -21.05 -118.41
N THR E 83 -7.39 -21.59 -117.71
CA THR E 83 -6.13 -21.93 -118.34
C THR E 83 -5.90 -23.44 -118.29
N GLY E 84 -5.35 -23.96 -119.37
CA GLY E 84 -4.86 -25.33 -119.42
C GLY E 84 -3.34 -25.28 -119.41
N SER E 85 -2.71 -26.26 -118.76
CA SER E 85 -1.27 -26.18 -118.62
C SER E 85 -0.65 -27.56 -118.49
N VAL E 86 0.57 -27.67 -119.02
CA VAL E 86 1.45 -28.81 -118.78
C VAL E 86 2.72 -28.27 -118.14
N THR E 87 2.95 -28.67 -116.90
CA THR E 87 4.14 -28.27 -116.17
C THR E 87 5.06 -29.46 -116.01
N ILE E 88 6.36 -29.19 -116.01
CA ILE E 88 7.40 -30.22 -115.97
C ILE E 88 8.43 -29.82 -114.94
N GLN E 89 8.87 -30.78 -114.15
CA GLN E 89 9.96 -30.56 -113.20
C GLN E 89 10.98 -31.69 -113.34
N VAL E 90 12.20 -31.32 -113.71
CA VAL E 90 13.31 -32.24 -113.85
C VAL E 90 14.21 -32.05 -112.64
N SER E 91 14.57 -33.15 -111.99
CA SER E 91 15.47 -33.12 -110.84
C SER E 91 16.66 -34.01 -111.17
N ILE E 92 17.84 -33.37 -111.27
CA ILE E 92 19.10 -33.97 -111.71
C ILE E 92 20.03 -34.02 -110.50
N PRO E 93 20.36 -35.21 -109.98
CA PRO E 93 21.33 -35.29 -108.89
C PRO E 93 22.75 -34.99 -109.37
N ARG E 94 23.58 -34.55 -108.41
CA ARG E 94 24.96 -34.19 -108.68
C ARG E 94 25.95 -35.30 -108.31
N ASN E 95 25.50 -36.32 -107.58
CA ASN E 95 26.30 -37.51 -107.35
C ASN E 95 26.82 -38.04 -108.69
N PRO E 96 28.14 -38.18 -108.86
CA PRO E 96 28.70 -38.57 -110.16
C PRO E 96 28.19 -39.90 -110.68
N ALA E 97 27.42 -40.62 -109.87
CA ALA E 97 26.76 -41.83 -110.32
C ALA E 97 25.56 -41.55 -111.22
N TRP E 98 25.30 -40.29 -111.55
CA TRP E 98 24.24 -39.88 -112.47
C TRP E 98 24.87 -39.30 -113.74
N ASN E 99 24.12 -39.36 -114.84
CA ASN E 99 24.60 -38.90 -116.14
C ASN E 99 23.60 -37.98 -116.81
N ALA E 100 24.14 -37.05 -117.61
CA ALA E 100 23.30 -36.38 -118.58
C ALA E 100 22.55 -37.38 -119.45
N SER E 101 23.16 -38.53 -119.73
CA SER E 101 22.48 -39.56 -120.50
C SER E 101 21.24 -40.05 -119.76
N MET E 102 21.33 -40.17 -118.44
CA MET E 102 20.19 -40.62 -117.65
C MET E 102 19.09 -39.56 -117.63
N THR E 103 19.48 -38.28 -117.51
CA THR E 103 18.52 -37.19 -117.64
C THR E 103 17.78 -37.27 -118.98
N VAL E 104 18.53 -37.38 -120.07
CA VAL E 104 17.92 -37.42 -121.39
C VAL E 104 17.04 -38.65 -121.53
N SER E 105 17.44 -39.77 -120.95
CA SER E 105 16.64 -40.98 -121.04
C SER E 105 15.30 -40.80 -120.35
N LEU E 106 15.30 -40.18 -119.16
CA LEU E 106 14.02 -39.90 -118.51
C LEU E 106 13.16 -38.95 -119.35
N LEU E 107 13.78 -37.93 -119.94
CA LEU E 107 13.01 -37.01 -120.78
C LEU E 107 12.36 -37.74 -121.95
N LYS E 108 13.13 -38.58 -122.63
CA LYS E 108 12.61 -39.31 -123.78
C LYS E 108 11.51 -40.27 -123.38
N GLN E 109 11.66 -40.94 -122.22
CA GLN E 109 10.63 -41.87 -121.77
C GLN E 109 9.34 -41.14 -121.42
N ALA E 110 9.46 -40.00 -120.72
CA ALA E 110 8.26 -39.21 -120.42
C ALA E 110 7.59 -38.75 -121.70
N ALA E 111 8.37 -38.34 -122.69
CA ALA E 111 7.81 -37.93 -123.97
C ALA E 111 7.05 -39.07 -124.63
N ASP E 112 7.66 -40.25 -124.69
CA ASP E 112 6.99 -41.42 -125.25
C ASP E 112 5.70 -41.74 -124.49
N TYR E 113 5.73 -41.67 -123.16
CA TYR E 113 4.61 -42.20 -122.39
C TYR E 113 3.45 -41.22 -122.25
N LEU E 114 3.71 -39.91 -122.29
CA LEU E 114 2.64 -38.94 -122.16
C LEU E 114 2.30 -38.21 -123.44
N ALA E 115 3.22 -38.14 -124.41
CA ALA E 115 2.95 -37.52 -125.69
C ALA E 115 3.00 -38.49 -126.86
N GLY E 116 3.59 -39.66 -126.70
CA GLY E 116 3.70 -40.63 -127.78
C GLY E 116 4.50 -40.11 -128.95
N THR E 117 5.71 -39.61 -128.69
CA THR E 117 6.53 -38.98 -129.72
C THR E 117 7.92 -39.59 -129.84
N SER E 118 8.22 -40.67 -129.13
CA SER E 118 9.55 -41.25 -129.15
C SER E 118 9.97 -41.68 -130.56
N ALA E 119 11.29 -41.87 -130.73
CA ALA E 119 11.84 -42.40 -131.97
C ALA E 119 11.48 -43.87 -132.12
N THR E 120 11.77 -44.42 -133.30
CA THR E 120 11.37 -45.78 -133.62
C THR E 120 12.44 -46.78 -133.21
N VAL E 121 12.05 -47.79 -132.42
CA VAL E 121 12.92 -48.88 -132.01
C VAL E 121 12.10 -50.16 -132.14
N SER E 122 12.80 -51.29 -132.25
CA SER E 122 12.18 -52.55 -132.64
C SER E 122 10.96 -52.87 -131.80
N GLY E 123 11.17 -53.16 -130.51
CA GLY E 123 10.08 -53.72 -129.74
C GLY E 123 9.26 -52.71 -128.98
N GLN E 124 9.20 -51.46 -129.47
CA GLN E 124 8.62 -50.41 -128.66
C GLN E 124 7.12 -50.59 -128.62
N THR E 125 6.49 -50.16 -127.52
CA THR E 125 5.04 -50.22 -127.51
C THR E 125 4.47 -49.00 -128.24
N ASP E 126 3.31 -49.22 -128.84
CA ASP E 126 2.65 -48.18 -129.64
C ASP E 126 2.03 -47.17 -128.69
N THR E 127 2.61 -45.97 -128.67
CA THR E 127 2.20 -44.91 -127.77
C THR E 127 1.51 -43.77 -128.48
N SER E 128 1.15 -43.95 -129.75
CA SER E 128 0.55 -42.87 -130.51
C SER E 128 -0.78 -42.42 -129.91
N GLY E 129 -1.57 -43.35 -129.38
CA GLY E 129 -2.87 -43.02 -128.82
C GLY E 129 -2.85 -42.61 -127.37
N PHE E 130 -1.68 -42.70 -126.73
CA PHE E 130 -1.59 -42.35 -125.33
C PHE E 130 -1.97 -40.91 -125.02
N PRO E 131 -1.53 -39.89 -125.78
CA PRO E 131 -1.99 -38.53 -125.46
C PRO E 131 -3.49 -38.39 -125.51
N ALA E 132 -4.15 -39.04 -126.47
CA ALA E 132 -5.61 -39.03 -126.51
C ALA E 132 -6.19 -39.66 -125.24
N LYS E 133 -5.67 -40.82 -124.85
CA LYS E 133 -6.19 -41.48 -123.65
C LYS E 133 -5.97 -40.63 -122.41
N TRP E 134 -4.82 -39.96 -122.31
CA TRP E 134 -4.59 -39.07 -121.18
C TRP E 134 -5.59 -37.93 -121.17
N ALA E 135 -5.76 -37.26 -122.32
CA ALA E 135 -6.69 -36.15 -122.42
C ALA E 135 -8.11 -36.57 -122.12
N GLY E 136 -8.42 -37.86 -122.22
CA GLY E 136 -9.69 -38.37 -121.75
C GLY E 136 -9.70 -38.78 -120.30
N LEU E 137 -8.62 -38.52 -119.56
CA LEU E 137 -8.45 -38.95 -118.18
C LEU E 137 -8.63 -40.46 -118.03
N MET E 138 -7.90 -41.21 -118.84
CA MET E 138 -7.83 -42.66 -118.68
C MET E 138 -6.39 -43.12 -118.91
N PHE E 139 -6.00 -44.16 -118.18
CA PHE E 139 -4.65 -44.65 -118.25
C PHE E 139 -4.41 -45.39 -119.57
N PRO E 140 -3.23 -45.25 -120.16
CA PRO E 140 -2.80 -46.05 -121.31
C PRO E 140 -2.80 -47.53 -120.98
N ALA F 1 22.22 -8.02 -122.72
CA ALA F 1 23.59 -8.48 -122.86
C ALA F 1 23.73 -9.51 -123.98
N ALA F 2 24.97 -9.80 -124.36
CA ALA F 2 25.22 -10.78 -125.41
C ALA F 2 24.77 -12.16 -124.97
N PRO F 3 24.06 -12.90 -125.83
CA PRO F 3 23.53 -14.21 -125.42
C PRO F 3 24.60 -15.28 -125.32
N SER F 4 25.75 -15.08 -125.95
CA SER F 4 26.82 -16.07 -125.91
C SER F 4 28.15 -15.39 -126.21
N LEU F 5 29.23 -16.00 -125.70
CA LEU F 5 30.57 -15.46 -125.78
C LEU F 5 31.56 -16.55 -126.11
N ALA F 6 32.55 -16.21 -126.92
CA ALA F 6 33.67 -17.09 -127.21
C ALA F 6 34.93 -16.36 -126.78
N LEU F 7 35.32 -16.55 -125.52
CA LEU F 7 36.47 -15.86 -124.98
C LEU F 7 37.74 -16.68 -125.23
N VAL F 8 38.89 -16.02 -125.21
CA VAL F 8 40.16 -16.69 -125.42
C VAL F 8 40.81 -16.95 -124.07
N GLY F 9 41.13 -18.22 -123.80
CA GLY F 9 41.90 -18.65 -122.66
C GLY F 9 43.06 -19.52 -123.10
N ALA F 10 43.50 -20.38 -122.20
CA ALA F 10 44.67 -21.22 -122.44
C ALA F 10 44.34 -22.66 -122.04
N ASN F 11 44.80 -23.59 -122.86
CA ASN F 11 44.68 -25.01 -122.55
C ASN F 11 45.84 -25.43 -121.65
N SER F 12 46.03 -26.73 -121.49
CA SER F 12 47.11 -27.22 -120.65
C SER F 12 48.48 -26.85 -121.21
N THR F 13 48.58 -26.66 -122.52
CA THR F 13 49.81 -26.26 -123.18
C THR F 13 50.07 -24.75 -123.08
N LEU F 14 49.10 -23.99 -122.56
CA LEU F 14 49.04 -22.53 -122.60
C LEU F 14 48.80 -21.98 -124.01
N ALA F 15 48.42 -22.84 -124.95
CA ALA F 15 48.04 -22.37 -126.28
C ALA F 15 46.68 -21.68 -126.23
N SER F 16 46.52 -20.65 -127.06
CA SER F 16 45.28 -19.89 -127.08
C SER F 16 44.12 -20.76 -127.55
N THR F 17 43.13 -20.95 -126.69
CA THR F 17 42.00 -21.84 -126.93
C THR F 17 40.70 -21.10 -126.63
N LEU F 18 39.65 -21.37 -127.41
CA LEU F 18 38.37 -20.76 -127.11
C LEU F 18 37.71 -21.45 -125.92
N VAL F 19 37.07 -20.62 -125.09
CA VAL F 19 36.21 -21.07 -124.00
C VAL F 19 34.87 -20.38 -124.16
N ASN F 20 33.81 -21.19 -124.19
CA ASN F 20 32.50 -20.77 -124.67
C ASN F 20 31.54 -20.63 -123.50
N TYR F 21 30.85 -19.48 -123.43
CA TYR F 21 29.88 -19.20 -122.39
C TYR F 21 28.54 -18.87 -123.05
N SER F 22 27.45 -19.23 -122.37
CA SER F 22 26.11 -18.80 -122.77
C SER F 22 25.47 -18.05 -121.61
N LEU F 23 24.60 -17.11 -121.96
CA LEU F 23 23.92 -16.25 -121.00
C LEU F 23 22.84 -17.05 -120.30
N ARG F 24 23.10 -17.41 -119.06
CA ARG F 24 22.12 -18.14 -118.27
C ARG F 24 21.14 -17.22 -117.54
N SER F 25 21.61 -16.13 -116.92
CA SER F 25 20.64 -15.24 -116.28
C SER F 25 21.08 -13.78 -116.39
N GLN F 26 20.11 -12.91 -116.25
CA GLN F 26 20.36 -11.47 -116.18
C GLN F 26 19.25 -10.87 -115.32
N ASN F 27 19.64 -10.19 -114.26
CA ASN F 27 18.69 -9.71 -113.26
C ASN F 27 19.31 -8.55 -112.49
N GLY F 28 18.59 -7.43 -112.41
CA GLY F 28 18.96 -6.33 -111.55
C GLY F 28 20.37 -5.85 -111.76
N ASN F 29 20.64 -5.37 -112.98
CA ASN F 29 21.99 -4.95 -113.37
C ASN F 29 23.02 -6.01 -113.01
N ASN F 30 22.68 -7.25 -113.26
CA ASN F 30 23.56 -8.36 -112.95
C ASN F 30 23.46 -9.34 -114.10
N VAL F 31 24.59 -9.92 -114.50
CA VAL F 31 24.66 -10.78 -115.68
C VAL F 31 25.49 -12.01 -115.34
N ASP F 32 24.96 -13.20 -115.62
CA ASP F 32 25.57 -14.47 -115.24
C ASP F 32 25.63 -15.40 -116.45
N TYR F 33 26.85 -15.80 -116.82
CA TYR F 33 27.15 -16.73 -117.90
C TYR F 33 27.65 -18.06 -117.35
N VAL F 34 27.38 -19.13 -118.10
CA VAL F 34 27.89 -20.45 -117.77
C VAL F 34 28.67 -21.02 -118.94
N CYS F 35 29.70 -21.79 -118.64
CA CYS F 35 30.56 -22.35 -119.67
C CYS F 35 29.91 -23.58 -120.30
N THR F 36 29.87 -23.60 -121.63
CA THR F 36 29.18 -24.64 -122.39
C THR F 36 30.11 -25.78 -122.80
N ASP F 37 31.39 -25.69 -122.47
CA ASP F 37 32.37 -26.68 -122.91
C ASP F 37 32.25 -27.95 -122.07
N PRO F 38 32.92 -29.02 -122.49
CA PRO F 38 32.87 -30.25 -121.69
C PRO F 38 33.57 -30.13 -120.35
N ASP F 39 34.56 -29.24 -120.21
CA ASP F 39 35.29 -29.15 -118.96
C ASP F 39 34.47 -28.54 -117.83
N SER F 40 33.34 -27.89 -118.13
CA SER F 40 32.43 -27.41 -117.09
C SER F 40 31.28 -28.40 -116.98
N THR F 41 31.15 -29.02 -115.83
CA THR F 41 30.06 -29.91 -115.51
C THR F 41 29.13 -29.22 -114.52
N LEU F 42 28.00 -29.88 -114.24
CA LEU F 42 27.09 -29.36 -113.22
C LEU F 42 27.78 -29.28 -111.88
N SER F 43 28.58 -30.29 -111.56
CA SER F 43 29.16 -30.35 -110.23
C SER F 43 30.33 -29.38 -110.09
N ALA F 44 31.06 -29.17 -111.19
CA ALA F 44 32.24 -28.31 -111.21
C ALA F 44 32.17 -27.43 -112.46
N PRO F 45 31.44 -26.33 -112.40
CA PRO F 45 31.20 -25.52 -113.59
C PRO F 45 32.22 -24.42 -113.79
N GLY F 46 32.15 -23.79 -114.96
CA GLY F 46 32.84 -22.54 -115.23
C GLY F 46 31.79 -21.44 -115.33
N LEU F 47 32.06 -20.31 -114.67
CA LEU F 47 31.02 -19.32 -114.47
C LEU F 47 31.57 -17.91 -114.64
N ILE F 48 30.71 -16.99 -115.06
CA ILE F 48 31.05 -15.58 -115.15
C ILE F 48 29.92 -14.76 -114.53
N ASN F 49 30.29 -13.71 -113.82
CA ASN F 49 29.37 -12.81 -113.12
C ASN F 49 29.79 -11.36 -113.39
N ALA F 50 28.81 -10.47 -113.54
CA ALA F 50 29.10 -9.06 -113.77
C ALA F 50 27.98 -8.18 -113.22
N LYS F 51 28.34 -7.24 -112.33
CA LYS F 51 27.42 -6.37 -111.61
C LYS F 51 27.75 -4.90 -111.86
N PHE F 52 26.72 -4.06 -111.77
CA PHE F 52 26.87 -2.61 -111.85
C PHE F 52 26.31 -1.97 -110.58
N ASP F 53 27.18 -1.31 -109.83
CA ASP F 53 26.76 -0.39 -108.77
C ASP F 53 26.71 0.99 -109.40
N ILE F 54 25.51 1.42 -109.80
CA ILE F 54 25.33 2.71 -110.43
C ILE F 54 24.80 3.69 -109.40
N LYS F 55 25.61 4.71 -109.12
CA LYS F 55 25.23 5.74 -108.15
C LYS F 55 24.18 6.66 -108.76
N ALA F 56 23.41 7.30 -107.89
CA ALA F 56 22.44 8.32 -108.26
C ALA F 56 23.11 9.40 -109.09
N PRO F 57 22.36 10.11 -109.96
CA PRO F 57 22.98 11.16 -110.76
C PRO F 57 23.65 12.19 -109.87
N GLY F 58 24.73 12.74 -110.37
CA GLY F 58 25.52 13.68 -109.58
C GLY F 58 26.94 13.71 -110.07
N ILE F 59 27.64 14.74 -109.60
CA ILE F 59 29.04 14.91 -109.98
C ILE F 59 29.98 14.27 -108.96
N THR F 60 29.45 13.78 -107.84
CA THR F 60 30.23 13.19 -106.77
C THR F 60 30.02 11.69 -106.73
N GLY F 61 31.03 10.98 -106.26
CA GLY F 61 30.96 9.55 -106.07
C GLY F 61 31.68 8.79 -107.18
N ASN F 62 31.73 7.47 -106.98
CA ASN F 62 32.28 6.54 -107.96
C ASN F 62 31.21 5.54 -108.37
N ASP F 63 31.11 5.28 -109.67
CA ASP F 63 30.39 4.13 -110.19
C ASP F 63 31.28 2.90 -110.13
N ARG F 64 30.68 1.72 -109.99
CA ARG F 64 31.51 0.52 -109.85
C ARG F 64 31.03 -0.63 -110.73
N ILE F 65 31.99 -1.36 -111.29
CA ILE F 65 31.76 -2.56 -112.08
C ILE F 65 32.42 -3.71 -111.34
N HIS F 66 31.70 -4.81 -111.18
CA HIS F 66 32.24 -6.02 -110.58
C HIS F 66 32.17 -7.16 -111.58
N ALA F 67 33.22 -7.96 -111.65
CA ALA F 67 33.25 -9.08 -112.57
C ALA F 67 34.00 -10.23 -111.94
N ASN F 68 33.51 -11.45 -112.16
CA ASN F 68 34.10 -12.64 -111.58
C ASN F 68 34.13 -13.75 -112.62
N LEU F 69 35.31 -14.31 -112.85
CA LEU F 69 35.48 -15.46 -113.75
C LEU F 69 35.99 -16.63 -112.92
N ARG F 70 35.19 -17.69 -112.84
CA ARG F 70 35.39 -18.80 -111.92
C ARG F 70 35.51 -20.11 -112.69
N LYS F 71 36.34 -21.00 -112.15
CA LYS F 71 36.32 -22.41 -112.54
C LYS F 71 36.36 -23.25 -111.27
N VAL F 72 35.37 -24.13 -111.11
CA VAL F 72 35.29 -25.02 -109.96
C VAL F 72 36.00 -26.33 -110.31
N VAL F 73 36.69 -26.90 -109.33
CA VAL F 73 37.36 -28.18 -109.51
C VAL F 73 37.08 -29.04 -108.29
N LEU F 74 36.89 -30.33 -108.52
CA LEU F 74 36.57 -31.29 -107.48
C LEU F 74 37.83 -32.03 -107.03
N ASP F 75 37.93 -32.28 -105.73
CA ASP F 75 39.05 -33.07 -105.19
C ASP F 75 38.97 -34.51 -105.71
N GLU F 76 40.15 -35.07 -106.01
CA GLU F 76 40.18 -36.41 -106.56
C GLU F 76 39.58 -37.42 -105.60
N LYS F 77 39.92 -37.31 -104.31
CA LYS F 77 39.47 -38.28 -103.32
C LYS F 77 38.14 -37.85 -102.70
N THR F 78 38.11 -36.65 -102.09
CA THR F 78 36.95 -36.23 -101.31
C THR F 78 35.81 -35.69 -102.16
N ASN F 79 36.05 -35.37 -103.42
CA ASN F 79 35.06 -34.75 -104.32
C ASN F 79 34.53 -33.42 -103.77
N LEU F 80 35.19 -32.85 -102.77
CA LEU F 80 34.85 -31.52 -102.29
C LEU F 80 35.27 -30.48 -103.32
N PRO F 81 34.44 -29.49 -103.59
CA PRO F 81 34.79 -28.51 -104.61
C PRO F 81 35.60 -27.37 -104.02
N SER F 82 36.68 -26.99 -104.70
CA SER F 82 37.30 -25.70 -104.47
C SER F 82 37.37 -24.96 -105.79
N THR F 83 37.31 -23.64 -105.72
CA THR F 83 37.11 -22.83 -106.91
C THR F 83 38.26 -21.82 -107.07
N GLY F 84 38.71 -21.67 -108.31
CA GLY F 84 39.74 -20.69 -108.66
C GLY F 84 39.10 -19.57 -109.45
N SER F 85 39.55 -18.34 -109.20
CA SER F 85 38.79 -17.21 -109.72
C SER F 85 39.65 -15.98 -109.95
N VAL F 86 39.38 -15.29 -111.05
CA VAL F 86 39.90 -13.95 -111.29
C VAL F 86 38.73 -12.97 -111.20
N THR F 87 38.83 -12.02 -110.28
CA THR F 87 37.77 -11.06 -110.08
C THR F 87 38.30 -9.63 -110.23
N ILE F 88 37.49 -8.77 -110.83
CA ILE F 88 37.87 -7.42 -111.22
C ILE F 88 36.86 -6.43 -110.65
N GLN F 89 37.36 -5.33 -110.08
CA GLN F 89 36.54 -4.20 -109.69
C GLN F 89 37.05 -2.95 -110.40
N VAL F 90 36.16 -2.30 -111.15
CA VAL F 90 36.45 -1.05 -111.83
C VAL F 90 35.71 0.06 -111.09
N SER F 91 36.43 1.10 -110.70
CA SER F 91 35.85 2.25 -109.99
C SER F 91 36.07 3.49 -110.84
N ILE F 92 34.98 4.04 -111.36
CA ILE F 92 34.95 5.15 -112.31
C ILE F 92 34.41 6.38 -111.58
N PRO F 93 35.24 7.40 -111.33
CA PRO F 93 34.73 8.62 -110.68
C PRO F 93 33.80 9.40 -111.61
N ARG F 94 33.08 10.34 -110.99
CA ARG F 94 32.11 11.15 -111.72
C ARG F 94 32.54 12.60 -111.91
N ASN F 95 33.64 13.02 -111.31
CA ASN F 95 34.21 14.32 -111.62
C ASN F 95 34.48 14.41 -113.12
N PRO F 96 34.00 15.45 -113.81
CA PRO F 96 34.19 15.54 -115.26
C PRO F 96 35.65 15.52 -115.68
N ALA F 97 36.56 15.62 -114.74
CA ALA F 97 37.98 15.49 -114.99
C ALA F 97 38.40 14.04 -115.20
N TRP F 98 37.46 13.10 -115.23
CA TRP F 98 37.73 11.71 -115.58
C TRP F 98 37.11 11.42 -116.95
N ASN F 99 37.68 10.44 -117.65
CA ASN F 99 37.22 10.08 -118.98
C ASN F 99 37.04 8.58 -119.12
N ALA F 100 36.08 8.21 -119.97
CA ALA F 100 36.03 6.83 -120.44
C ALA F 100 37.37 6.41 -121.02
N SER F 101 38.10 7.35 -121.65
CA SER F 101 39.43 7.01 -122.16
C SER F 101 40.36 6.58 -121.04
N MET F 102 40.24 7.22 -119.88
CA MET F 102 41.07 6.86 -118.74
C MET F 102 40.65 5.50 -118.18
N THR F 103 39.34 5.24 -118.13
CA THR F 103 38.87 3.91 -117.74
C THR F 103 39.45 2.84 -118.65
N VAL F 104 39.33 3.04 -119.96
CA VAL F 104 39.83 2.07 -120.92
C VAL F 104 41.33 1.92 -120.81
N SER F 105 42.04 3.02 -120.55
CA SER F 105 43.49 2.95 -120.43
C SER F 105 43.88 2.07 -119.24
N LEU F 106 43.19 2.24 -118.10
CA LEU F 106 43.48 1.37 -116.97
C LEU F 106 43.15 -0.09 -117.28
N LEU F 107 42.04 -0.34 -117.98
CA LEU F 107 41.71 -1.72 -118.34
C LEU F 107 42.80 -2.34 -119.22
N LYS F 108 43.25 -1.59 -120.22
CA LYS F 108 44.27 -2.12 -121.14
C LYS F 108 45.58 -2.36 -120.41
N GLN F 109 45.95 -1.45 -119.49
CA GLN F 109 47.20 -1.63 -118.75
C GLN F 109 47.12 -2.85 -117.83
N ALA F 110 45.97 -3.04 -117.17
CA ALA F 110 45.80 -4.24 -116.34
C ALA F 110 45.89 -5.50 -117.19
N ALA F 111 45.27 -5.48 -118.37
CA ALA F 111 45.37 -6.62 -119.28
C ALA F 111 46.82 -6.89 -119.65
N ASP F 112 47.58 -5.84 -119.96
CA ASP F 112 48.98 -6.02 -120.31
C ASP F 112 49.78 -6.60 -119.13
N TYR F 113 49.55 -6.07 -117.92
CA TYR F 113 50.44 -6.39 -116.82
C TYR F 113 50.10 -7.71 -116.14
N LEU F 114 48.82 -8.10 -116.10
CA LEU F 114 48.46 -9.35 -115.45
C LEU F 114 48.14 -10.47 -116.42
N ALA F 115 47.79 -10.16 -117.67
CA ALA F 115 47.52 -11.18 -118.66
C ALA F 115 48.48 -11.20 -119.83
N GLY F 116 49.22 -10.11 -120.06
CA GLY F 116 50.15 -10.06 -121.16
C GLY F 116 49.49 -10.12 -122.52
N THR F 117 48.48 -9.28 -122.75
CA THR F 117 47.69 -9.34 -123.98
C THR F 117 47.58 -8.00 -124.70
N SER F 118 48.30 -6.97 -124.26
CA SER F 118 48.24 -5.66 -124.89
C SER F 118 48.53 -5.73 -126.40
N ALA F 119 48.04 -4.72 -127.11
CA ALA F 119 48.36 -4.53 -128.53
C ALA F 119 49.85 -4.18 -128.69
N THR F 120 50.33 -4.29 -129.92
CA THR F 120 51.74 -4.07 -130.18
C THR F 120 52.04 -2.58 -130.37
N VAL F 121 53.02 -2.09 -129.60
CA VAL F 121 53.50 -0.70 -129.66
C VAL F 121 55.01 -0.75 -129.50
N SER F 122 55.70 0.09 -130.28
CA SER F 122 57.16 0.16 -130.20
C SER F 122 57.59 0.53 -128.79
N GLY F 123 58.51 -0.25 -128.23
CA GLY F 123 59.03 0.02 -126.91
C GLY F 123 58.23 -0.55 -125.77
N GLN F 124 57.25 -1.41 -126.02
CA GLN F 124 56.45 -1.93 -124.93
C GLN F 124 57.26 -3.03 -124.24
N THR F 125 57.06 -3.21 -122.94
CA THR F 125 57.74 -4.32 -122.30
C THR F 125 57.05 -5.63 -122.65
N ASP F 126 57.87 -6.68 -122.80
CA ASP F 126 57.36 -7.99 -123.17
C ASP F 126 56.68 -8.60 -121.96
N THR F 127 55.36 -8.70 -122.02
CA THR F 127 54.55 -9.19 -120.93
C THR F 127 54.04 -10.60 -121.16
N SER F 128 54.56 -11.27 -122.19
CA SER F 128 54.03 -12.59 -122.57
C SER F 128 54.16 -13.58 -121.43
N GLY F 129 55.27 -13.57 -120.71
CA GLY F 129 55.48 -14.51 -119.63
C GLY F 129 54.93 -14.08 -118.30
N PHE F 130 54.39 -12.86 -118.22
CA PHE F 130 53.86 -12.37 -116.97
C PHE F 130 52.72 -13.21 -116.41
N PRO F 131 51.73 -13.66 -117.20
CA PRO F 131 50.69 -14.51 -116.60
C PRO F 131 51.26 -15.78 -116.00
N ALA F 132 52.26 -16.39 -116.65
CA ALA F 132 52.92 -17.55 -116.06
C ALA F 132 53.56 -17.19 -114.73
N LYS F 133 54.32 -16.09 -114.69
CA LYS F 133 54.97 -15.70 -113.44
C LYS F 133 53.94 -15.42 -112.35
N TRP F 134 52.80 -14.81 -112.70
CA TRP F 134 51.77 -14.56 -111.70
C TRP F 134 51.21 -15.88 -111.18
N ALA F 135 50.87 -16.80 -112.09
CA ALA F 135 50.34 -18.09 -111.67
C ALA F 135 51.32 -18.83 -110.77
N GLY F 136 52.61 -18.54 -110.91
CA GLY F 136 53.60 -19.04 -109.98
C GLY F 136 53.82 -18.22 -108.73
N LEU F 137 53.02 -17.16 -108.53
CA LEU F 137 53.20 -16.23 -107.41
C LEU F 137 54.59 -15.61 -107.42
N MET F 138 54.95 -15.02 -108.56
CA MET F 138 56.23 -14.35 -108.73
C MET F 138 55.98 -12.99 -109.37
N PHE F 139 56.53 -11.94 -108.79
CA PHE F 139 56.38 -10.63 -109.39
C PHE F 139 57.15 -10.57 -110.70
N PRO F 140 56.55 -10.05 -111.77
CA PRO F 140 57.19 -9.90 -113.08
C PRO F 140 58.41 -9.00 -113.02
N ALA G 1 82.08 70.17 67.68
CA ALA G 1 81.09 71.19 67.96
C ALA G 1 81.22 71.73 69.37
N ALA G 2 80.86 73.00 69.54
CA ALA G 2 80.92 73.63 70.85
C ALA G 2 79.88 73.00 71.79
N PRO G 3 80.21 72.82 73.07
CA PRO G 3 79.26 72.17 73.98
C PRO G 3 78.10 73.07 74.37
N SER G 4 78.28 74.38 74.30
CA SER G 4 77.23 75.30 74.72
C SER G 4 77.49 76.65 74.07
N LEU G 5 76.43 77.46 73.99
CA LEU G 5 76.45 78.73 73.29
C LEU G 5 75.65 79.76 74.07
N ALA G 6 76.13 81.00 74.07
CA ALA G 6 75.38 82.13 74.60
C ALA G 6 75.26 83.13 73.45
N LEU G 7 74.16 83.04 72.71
CA LEU G 7 73.96 83.89 71.54
C LEU G 7 73.18 85.13 71.93
N VAL G 8 73.38 86.21 71.19
CA VAL G 8 72.67 87.46 71.47
C VAL G 8 71.39 87.50 70.64
N GLY G 9 70.26 87.75 71.31
CA GLY G 9 68.98 87.98 70.70
C GLY G 9 68.33 89.22 71.30
N ALA G 10 67.00 89.25 71.25
CA ALA G 10 66.24 90.39 71.72
C ALA G 10 65.07 89.96 72.59
N ASN G 11 64.80 90.73 73.63
CA ASN G 11 63.66 90.50 74.51
C ASN G 11 62.44 91.22 73.93
N SER G 12 61.38 91.33 74.73
CA SER G 12 60.18 92.02 74.28
C SER G 12 60.43 93.50 74.04
N THR G 13 61.40 94.09 74.73
CA THR G 13 61.81 95.49 74.53
C THR G 13 62.71 95.65 73.32
N LEU G 14 63.17 94.54 72.73
CA LEU G 14 64.19 94.51 71.68
C LEU G 14 65.57 94.91 72.20
N ALA G 15 65.77 94.89 73.51
CA ALA G 15 67.09 95.06 74.08
C ALA G 15 67.90 93.78 73.92
N SER G 16 69.21 93.93 73.76
CA SER G 16 70.08 92.78 73.53
C SER G 16 70.11 91.89 74.76
N THR G 17 69.72 90.63 74.60
CA THR G 17 69.59 89.67 75.69
C THR G 17 70.29 88.39 75.31
N LEU G 18 70.93 87.74 76.28
CA LEU G 18 71.51 86.45 76.00
C LEU G 18 70.44 85.37 75.90
N VAL G 19 70.69 84.40 75.03
CA VAL G 19 69.89 83.20 74.89
C VAL G 19 70.83 82.01 74.86
N ASN G 20 70.60 81.06 75.76
CA ASN G 20 71.56 80.02 76.07
C ASN G 20 71.14 78.71 75.41
N TYR G 21 72.03 78.15 74.61
CA TYR G 21 71.84 76.85 74.00
C TYR G 21 72.89 75.89 74.54
N SER G 22 72.55 74.60 74.56
CA SER G 22 73.49 73.56 74.92
C SER G 22 73.36 72.42 73.91
N LEU G 23 74.46 71.72 73.70
CA LEU G 23 74.52 70.69 72.66
C LEU G 23 73.66 69.50 73.04
N ARG G 24 72.57 69.30 72.32
CA ARG G 24 71.80 68.07 72.46
C ARG G 24 72.54 66.89 71.85
N SER G 25 72.85 66.96 70.56
CA SER G 25 73.50 65.80 69.96
C SER G 25 74.28 66.21 68.72
N GLN G 26 75.44 65.56 68.53
CA GLN G 26 76.18 65.67 67.28
C GLN G 26 76.06 64.35 66.54
N ASN G 27 75.44 64.39 65.37
CA ASN G 27 75.52 63.37 64.36
C ASN G 27 76.64 63.74 63.39
N GLY G 28 77.01 62.82 62.51
CA GLY G 28 78.08 63.10 61.58
C GLY G 28 77.76 64.26 60.64
N ASN G 29 78.52 65.35 60.77
CA ASN G 29 78.25 66.58 60.02
C ASN G 29 76.86 67.13 60.31
N ASN G 30 76.39 66.94 61.54
CA ASN G 30 75.08 67.46 61.92
C ASN G 30 75.10 67.76 63.42
N VAL G 31 74.52 68.88 63.80
CA VAL G 31 74.57 69.34 65.19
C VAL G 31 73.20 69.87 65.59
N ASP G 32 72.74 69.46 66.78
CA ASP G 32 71.46 69.88 67.35
C ASP G 32 71.69 70.47 68.73
N TYR G 33 71.33 71.75 68.88
CA TYR G 33 71.37 72.49 70.13
C TYR G 33 69.95 72.78 70.62
N VAL G 34 69.81 72.90 71.95
CA VAL G 34 68.53 73.17 72.60
C VAL G 34 68.69 74.35 73.54
N CYS G 35 67.67 75.19 73.63
CA CYS G 35 67.71 76.35 74.51
C CYS G 35 67.49 75.91 75.96
N THR G 36 68.37 76.38 76.84
CA THR G 36 68.36 76.02 78.26
C THR G 36 67.73 77.09 79.14
N ASP G 37 67.11 78.11 78.56
CA ASP G 37 66.46 79.14 79.33
C ASP G 37 65.10 78.64 79.80
N PRO G 38 64.46 79.36 80.73
CA PRO G 38 63.06 79.07 81.04
C PRO G 38 62.11 79.34 79.87
N ASP G 39 62.54 80.12 78.86
CA ASP G 39 61.70 80.39 77.70
C ASP G 39 61.32 79.12 76.96
N SER G 40 62.27 78.21 76.78
CA SER G 40 62.02 76.95 76.10
C SER G 40 61.75 75.86 77.12
N THR G 41 60.76 75.04 76.80
CA THR G 41 60.47 73.80 77.49
C THR G 41 60.43 72.69 76.45
N LEU G 42 60.36 71.44 76.91
CA LEU G 42 60.25 70.35 75.95
C LEU G 42 58.99 70.50 75.10
N SER G 43 57.92 71.03 75.68
CA SER G 43 56.66 71.18 74.95
C SER G 43 56.77 72.25 73.87
N ALA G 44 57.47 73.35 74.16
CA ALA G 44 57.64 74.45 73.21
C ALA G 44 59.09 74.91 73.24
N PRO G 45 59.97 74.20 72.54
CA PRO G 45 61.42 74.42 72.67
C PRO G 45 61.95 75.49 71.73
N GLY G 46 63.16 75.94 72.06
CA GLY G 46 64.00 76.70 71.14
C GLY G 46 65.14 75.79 70.69
N LEU G 47 65.37 75.79 69.38
CA LEU G 47 66.22 74.76 68.80
C LEU G 47 67.15 75.34 67.75
N ILE G 48 68.31 74.71 67.57
CA ILE G 48 69.24 75.04 66.50
C ILE G 48 69.70 73.76 65.84
N ASN G 49 69.83 73.78 64.52
CA ASN G 49 70.27 72.65 63.73
C ASN G 49 71.27 73.14 62.68
N ALA G 50 72.37 72.40 62.51
CA ALA G 50 73.40 72.76 61.53
C ALA G 50 73.90 71.52 60.81
N LYS G 51 73.89 71.56 59.47
CA LYS G 51 74.19 70.42 58.62
C LYS G 51 75.21 70.82 57.56
N PHE G 52 75.95 69.82 57.09
CA PHE G 52 76.98 69.99 56.05
C PHE G 52 76.73 69.01 54.92
N ASP G 53 76.33 69.53 53.76
CA ASP G 53 76.24 68.76 52.53
C ASP G 53 77.58 68.92 51.81
N ILE G 54 78.48 67.96 52.04
CA ILE G 54 79.82 67.99 51.47
C ILE G 54 79.90 66.93 50.39
N LYS G 55 80.15 67.36 49.16
CA LYS G 55 80.21 66.44 48.04
C LYS G 55 81.53 65.66 48.07
N ALA G 56 81.55 64.56 47.32
CA ALA G 56 82.75 63.75 47.23
C ALA G 56 83.94 64.59 46.76
N PRO G 57 85.15 64.29 47.24
CA PRO G 57 86.29 65.15 46.87
C PRO G 57 86.61 65.18 45.39
N GLY G 58 86.36 64.08 44.66
CA GLY G 58 86.56 64.11 43.23
C GLY G 58 85.57 64.99 42.50
N ILE G 59 84.31 64.96 42.92
CA ILE G 59 83.23 65.66 42.23
C ILE G 59 83.33 67.16 42.48
N THR G 60 83.14 67.95 41.44
CA THR G 60 82.96 69.39 41.58
C THR G 60 81.49 69.73 41.68
N GLY G 61 81.16 70.58 42.64
CA GLY G 61 79.81 71.08 42.80
C GLY G 61 79.88 72.25 43.75
N ASN G 62 78.80 72.44 44.50
CA ASN G 62 78.79 73.39 45.61
C ASN G 62 78.70 72.60 46.91
N ASP G 63 79.55 72.94 47.87
CA ASP G 63 79.36 72.49 49.23
C ASP G 63 78.29 73.35 49.89
N ARG G 64 77.52 72.78 50.81
CA ARG G 64 76.39 73.48 51.38
C ARG G 64 76.36 73.40 52.90
N ILE G 65 75.93 74.49 53.52
CA ILE G 65 75.69 74.58 54.96
C ILE G 65 74.22 74.89 55.17
N HIS G 66 73.56 74.12 56.03
CA HIS G 66 72.15 74.34 56.36
C HIS G 66 72.02 74.64 57.84
N ALA G 67 71.53 75.82 58.18
CA ALA G 67 71.32 76.21 59.57
C ALA G 67 69.85 76.55 59.78
N ASN G 68 69.37 76.24 60.98
CA ASN G 68 67.97 76.47 61.31
C ASN G 68 67.87 76.85 62.78
N LEU G 69 67.28 78.02 63.05
CA LEU G 69 67.04 78.50 64.40
C LEU G 69 65.54 78.66 64.60
N ARG G 70 64.98 77.89 65.53
CA ARG G 70 63.55 77.76 65.70
C ARG G 70 63.14 78.16 67.11
N LYS G 71 61.92 78.68 67.24
CA LYS G 71 61.25 78.84 68.52
C LYS G 71 59.81 78.37 68.34
N VAL G 72 59.41 77.39 69.13
CA VAL G 72 58.03 76.87 69.12
C VAL G 72 57.23 77.67 70.13
N VAL G 73 55.97 77.96 69.79
CA VAL G 73 55.07 78.66 70.70
C VAL G 73 53.74 77.92 70.70
N LEU G 74 53.09 77.92 71.87
CA LEU G 74 51.80 77.27 72.05
C LEU G 74 50.68 78.30 72.02
N ASP G 75 49.57 77.93 71.35
CA ASP G 75 48.39 78.78 71.37
C ASP G 75 47.79 78.83 72.77
N GLU G 76 47.43 80.04 73.22
CA GLU G 76 46.81 80.15 74.53
C GLU G 76 45.54 79.33 74.62
N LYS G 77 44.70 79.40 73.58
CA LYS G 77 43.39 78.73 73.66
C LYS G 77 43.51 77.24 73.37
N THR G 78 44.25 76.83 72.34
CA THR G 78 44.24 75.42 71.93
C THR G 78 45.49 74.65 72.33
N ASN G 79 46.53 75.31 72.84
CA ASN G 79 47.84 74.70 73.13
C ASN G 79 48.44 74.00 71.92
N LEU G 80 47.93 74.27 70.73
CA LEU G 80 48.53 73.74 69.51
C LEU G 80 49.82 74.49 69.21
N PRO G 81 50.86 73.78 68.81
CA PRO G 81 52.14 74.45 68.59
C PRO G 81 52.29 74.96 67.18
N SER G 82 52.71 76.21 67.04
CA SER G 82 53.20 76.69 65.76
C SER G 82 54.59 77.29 66.01
N THR G 83 55.43 77.19 65.00
CA THR G 83 56.84 77.48 65.17
C THR G 83 57.27 78.62 64.25
N GLY G 84 58.21 79.41 64.73
CA GLY G 84 58.82 80.48 63.94
C GLY G 84 60.30 80.23 63.79
N SER G 85 60.82 80.51 62.60
CA SER G 85 62.18 80.02 62.31
C SER G 85 62.92 80.93 61.35
N VAL G 86 64.25 80.96 61.51
CA VAL G 86 65.16 81.53 60.53
C VAL G 86 66.07 80.42 60.03
N THR G 87 66.04 80.17 58.73
CA THR G 87 66.87 79.16 58.10
C THR G 87 67.84 79.82 57.13
N ILE G 88 69.03 79.24 57.03
CA ILE G 88 70.14 79.81 56.27
C ILE G 88 70.78 78.70 55.47
N GLN G 89 71.05 78.97 54.19
CA GLN G 89 71.74 78.01 53.35
C GLN G 89 72.93 78.72 52.72
N VAL G 90 74.12 78.20 52.96
CA VAL G 90 75.35 78.75 52.41
C VAL G 90 75.82 77.78 51.34
N SER G 91 75.95 78.27 50.10
CA SER G 91 76.41 77.47 48.97
C SER G 91 77.77 78.02 48.54
N ILE G 92 78.82 77.23 48.77
CA ILE G 92 80.21 77.59 48.55
C ILE G 92 80.71 76.79 47.35
N PRO G 93 81.13 77.42 46.27
CA PRO G 93 81.66 76.67 45.12
C PRO G 93 83.07 76.14 45.33
N ARG G 94 83.35 75.01 44.67
CA ARG G 94 84.62 74.31 44.78
C ARG G 94 85.67 74.80 43.79
N ASN G 95 85.54 76.01 43.27
CA ASN G 95 86.50 76.61 42.35
C ASN G 95 87.49 77.46 43.13
N PRO G 96 88.81 77.29 42.95
CA PRO G 96 89.77 78.13 43.68
C PRO G 96 89.57 79.62 43.47
N ALA G 97 88.79 80.01 42.46
CA ALA G 97 88.47 81.42 42.28
C ALA G 97 87.54 81.95 43.36
N TRP G 98 87.03 81.09 44.23
CA TRP G 98 86.26 81.46 45.40
C TRP G 98 87.07 81.15 46.65
N ASN G 99 86.87 81.93 47.71
CA ASN G 99 87.61 81.67 48.92
C ASN G 99 86.81 82.03 50.16
N ALA G 100 87.39 81.69 51.31
CA ALA G 100 86.69 81.86 52.57
C ALA G 100 86.41 83.33 52.85
N SER G 101 87.26 84.24 52.37
CA SER G 101 87.00 85.66 52.56
C SER G 101 85.68 86.05 51.89
N MET G 102 85.39 85.44 50.73
CA MET G 102 84.14 85.73 50.05
C MET G 102 82.95 85.09 50.76
N THR G 103 83.13 83.86 51.25
CA THR G 103 82.08 83.25 52.08
C THR G 103 81.73 84.15 53.26
N VAL G 104 82.76 84.59 53.99
CA VAL G 104 82.54 85.44 55.16
C VAL G 104 81.92 86.77 54.76
N SER G 105 82.33 87.31 53.60
CA SER G 105 81.77 88.58 53.16
C SER G 105 80.27 88.45 52.93
N LEU G 106 79.84 87.37 52.28
CA LEU G 106 78.40 87.17 52.11
C LEU G 106 77.70 87.03 53.46
N LEU G 107 78.30 86.28 54.39
CA LEU G 107 77.68 86.14 55.70
C LEU G 107 77.52 87.50 56.38
N LYS G 108 78.57 88.32 56.36
CA LYS G 108 78.53 89.62 57.02
C LYS G 108 77.50 90.53 56.38
N GLN G 109 77.41 90.50 55.04
CA GLN G 109 76.44 91.36 54.36
C GLN G 109 75.02 90.93 54.69
N ALA G 110 74.76 89.62 54.71
CA ALA G 110 73.43 89.14 55.09
C ALA G 110 73.09 89.56 56.51
N ALA G 111 74.08 89.47 57.42
CA ALA G 111 73.86 89.91 58.80
C ALA G 111 73.51 91.39 58.85
N ASP G 112 74.27 92.23 58.14
CA ASP G 112 73.97 93.65 58.11
C ASP G 112 72.57 93.91 57.57
N TYR G 113 72.19 93.24 56.48
CA TYR G 113 70.97 93.64 55.79
C TYR G 113 69.71 93.07 56.42
N LEU G 114 69.78 91.90 57.09
CA LEU G 114 68.58 91.33 57.68
C LEU G 114 68.53 91.42 59.21
N ALA G 115 69.68 91.54 59.88
CA ALA G 115 69.69 91.70 61.32
C ALA G 115 70.21 93.05 61.78
N GLY G 116 70.90 93.79 60.91
CA GLY G 116 71.42 95.09 61.26
C GLY G 116 72.48 95.02 62.35
N THR G 117 73.48 94.16 62.16
CA THR G 117 74.50 93.94 63.18
C THR G 117 75.93 94.08 62.67
N SER G 118 76.13 94.62 61.47
CA SER G 118 77.47 94.83 60.94
C SER G 118 78.35 95.66 61.88
N ALA G 119 79.66 95.52 61.69
CA ALA G 119 80.63 96.36 62.38
C ALA G 119 80.58 97.79 61.85
N THR G 120 81.01 98.73 62.68
CA THR G 120 80.95 100.15 62.30
C THR G 120 82.00 100.43 61.23
N VAL G 121 81.53 100.98 60.10
CA VAL G 121 82.36 101.34 58.96
C VAL G 121 81.78 102.60 58.35
N SER G 122 82.62 103.60 58.11
CA SER G 122 82.09 104.90 57.69
C SER G 122 81.43 104.79 56.32
N GLY G 123 80.25 105.38 56.20
CA GLY G 123 79.48 105.32 54.98
C GLY G 123 78.49 104.19 54.89
N GLN G 124 78.45 103.30 55.88
CA GLN G 124 77.47 102.24 55.90
C GLN G 124 76.07 102.79 56.11
N THR G 125 75.09 102.16 55.47
CA THR G 125 73.72 102.53 55.74
C THR G 125 73.32 102.07 57.14
N ASP G 126 72.46 102.86 57.78
CA ASP G 126 72.01 102.56 59.14
C ASP G 126 70.99 101.44 59.06
N THR G 127 71.45 100.23 59.32
CA THR G 127 70.64 99.03 59.21
C THR G 127 69.97 98.64 60.53
N SER G 128 70.06 99.50 61.54
CA SER G 128 69.59 99.14 62.87
C SER G 128 68.09 98.83 62.88
N GLY G 129 67.31 99.56 62.10
CA GLY G 129 65.87 99.35 62.08
C GLY G 129 65.39 98.30 61.11
N PHE G 130 66.31 97.79 60.30
CA PHE G 130 65.92 96.80 59.30
C PHE G 130 65.29 95.55 59.88
N PRO G 131 65.80 94.95 60.97
CA PRO G 131 65.10 93.76 61.51
C PRO G 131 63.67 94.07 61.92
N ALA G 132 63.43 95.24 62.50
CA ALA G 132 62.05 95.65 62.79
C ALA G 132 61.22 95.70 61.52
N LYS G 133 61.74 96.36 60.49
CA LYS G 133 60.97 96.45 59.24
C LYS G 133 60.70 95.07 58.65
N TRP G 134 61.69 94.18 58.68
CA TRP G 134 61.48 92.83 58.15
C TRP G 134 60.39 92.11 58.94
N ALA G 135 60.47 92.17 60.28
CA ALA G 135 59.45 91.55 61.12
C ALA G 135 58.07 92.15 60.89
N GLY G 136 58.01 93.33 60.29
CA GLY G 136 56.74 93.87 59.85
C GLY G 136 56.36 93.56 58.42
N LEU G 137 57.12 92.72 57.72
CA LEU G 137 56.95 92.46 56.28
C LEU G 137 56.99 93.76 55.47
N MET G 138 58.03 94.54 55.70
CA MET G 138 58.28 95.80 55.00
C MET G 138 59.71 95.80 54.48
N PHE G 139 59.89 96.14 53.22
CA PHE G 139 61.24 96.25 52.69
C PHE G 139 61.93 97.45 53.32
N PRO G 140 63.19 97.32 53.76
CA PRO G 140 63.96 98.43 54.31
C PRO G 140 64.10 99.56 53.30
N ALA H 1 87.47 60.49 70.01
CA ALA H 1 88.53 60.66 69.03
C ALA H 1 89.34 61.93 69.30
N ALA H 2 90.61 61.93 68.88
CA ALA H 2 91.46 63.09 69.09
C ALA H 2 90.92 64.29 68.33
N PRO H 3 90.83 65.46 68.96
CA PRO H 3 90.27 66.62 68.27
C PRO H 3 91.17 67.18 67.17
N SER H 4 92.47 66.89 67.21
CA SER H 4 93.38 67.37 66.18
C SER H 4 94.60 66.47 66.14
N LEU H 5 95.28 66.50 65.00
CA LEU H 5 96.41 65.62 64.72
C LEU H 5 97.50 66.38 64.01
N ALA H 6 98.75 66.05 64.33
CA ALA H 6 99.92 66.58 63.63
C ALA H 6 100.71 65.39 63.12
N LEU H 7 100.44 64.99 61.89
CA LEU H 7 101.05 63.78 61.34
C LEU H 7 102.28 64.15 60.53
N VAL H 8 103.19 63.19 60.37
CA VAL H 8 104.41 63.43 59.60
C VAL H 8 104.20 62.95 58.17
N GLY H 9 104.49 63.83 57.21
CA GLY H 9 104.50 63.48 55.81
C GLY H 9 105.77 64.00 55.17
N ALA H 10 105.75 64.21 53.86
CA ALA H 10 106.94 64.65 53.13
C ALA H 10 106.64 65.89 52.30
N ASN H 11 107.58 66.83 52.30
CA ASN H 11 107.48 68.02 51.47
C ASN H 11 107.87 67.68 50.04
N SER H 12 108.02 68.70 49.20
CA SER H 12 108.43 68.47 47.82
C SER H 12 109.80 67.81 47.72
N THR H 13 110.64 67.94 48.76
CA THR H 13 111.97 67.37 48.79
C THR H 13 112.02 66.04 49.51
N LEU H 14 110.87 65.56 50.00
CA LEU H 14 110.75 64.32 50.78
C LEU H 14 111.31 64.45 52.18
N ALA H 15 111.52 65.68 52.66
CA ALA H 15 111.88 65.89 54.05
C ALA H 15 110.66 65.76 54.95
N SER H 16 110.88 65.24 56.15
CA SER H 16 109.77 65.06 57.08
C SER H 16 109.18 66.40 57.47
N THR H 17 107.87 66.55 57.24
CA THR H 17 107.17 67.81 57.47
C THR H 17 105.85 67.52 58.16
N LEU H 18 105.46 68.37 59.10
CA LEU H 18 104.16 68.17 59.72
C LEU H 18 103.02 68.53 58.77
N VAL H 19 101.91 67.82 58.95
CA VAL H 19 100.66 68.03 58.24
C VAL H 19 99.55 68.00 59.28
N ASN H 20 98.78 69.07 59.35
CA ASN H 20 97.89 69.32 60.46
C ASN H 20 96.45 69.02 60.06
N TYR H 21 95.81 68.13 60.81
CA TYR H 21 94.41 67.79 60.61
C TYR H 21 93.62 68.17 61.86
N SER H 22 92.35 68.48 61.65
CA SER H 22 91.42 68.76 62.73
C SER H 22 90.14 67.95 62.51
N LEU H 23 89.53 67.55 63.62
CA LEU H 23 88.37 66.67 63.60
C LEU H 23 87.14 67.45 63.15
N ARG H 24 86.58 67.07 62.00
CA ARG H 24 85.40 67.76 61.49
C ARG H 24 84.12 67.26 62.19
N SER H 25 83.92 65.95 62.24
CA SER H 25 82.74 65.39 62.89
C SER H 25 83.01 63.92 63.23
N GLN H 26 82.05 63.31 63.92
CA GLN H 26 82.09 61.88 64.24
C GLN H 26 80.69 61.31 64.09
N ASN H 27 80.53 60.38 63.16
CA ASN H 27 79.30 59.66 62.86
C ASN H 27 79.37 58.26 63.47
N GLY H 28 78.41 57.40 63.10
CA GLY H 28 78.39 56.02 63.53
C GLY H 28 79.65 55.29 63.12
N ASN H 29 80.47 54.96 64.11
CA ASN H 29 81.67 54.15 63.93
C ASN H 29 82.60 54.73 62.87
N ASN H 30 82.73 56.05 62.84
CA ASN H 30 83.65 56.66 61.87
C ASN H 30 84.11 58.02 62.41
N VAL H 31 85.11 58.57 61.73
CA VAL H 31 85.78 59.80 62.13
C VAL H 31 86.25 60.49 60.85
N ASP H 32 86.04 61.80 60.79
CA ASP H 32 86.37 62.62 59.62
C ASP H 32 87.28 63.77 60.03
N TYR H 33 88.49 63.80 59.47
CA TYR H 33 89.48 64.85 59.71
C TYR H 33 89.74 65.62 58.42
N VAL H 34 90.05 66.91 58.59
CA VAL H 34 90.32 67.82 57.49
C VAL H 34 91.66 68.50 57.72
N CYS H 35 92.43 68.71 56.65
CA CYS H 35 93.71 69.36 56.77
C CYS H 35 93.52 70.87 56.94
N THR H 36 94.23 71.44 57.91
CA THR H 36 94.11 72.85 58.28
C THR H 36 95.29 73.68 57.80
N ASP H 37 96.17 73.12 57.00
CA ASP H 37 97.31 73.85 56.47
C ASP H 37 96.81 74.82 55.40
N PRO H 38 97.65 75.77 54.99
CA PRO H 38 97.25 76.68 53.91
C PRO H 38 97.07 75.99 52.56
N ASP H 39 97.82 74.92 52.27
CA ASP H 39 97.76 74.30 50.95
C ASP H 39 96.46 73.55 50.69
N SER H 40 95.68 73.24 51.72
CA SER H 40 94.39 72.59 51.55
C SER H 40 93.28 73.62 51.67
N THR H 41 92.38 73.60 50.69
CA THR H 41 91.21 74.47 50.63
C THR H 41 90.03 73.61 50.23
N LEU H 42 88.83 74.18 50.27
CA LEU H 42 87.65 73.40 49.88
C LEU H 42 87.74 72.95 48.43
N SER H 43 88.42 73.73 47.59
CA SER H 43 88.60 73.36 46.19
C SER H 43 89.47 72.12 46.06
N ALA H 44 90.52 72.01 46.89
CA ALA H 44 91.44 70.87 46.84
C ALA H 44 91.89 70.52 48.24
N PRO H 45 91.06 69.79 48.99
CA PRO H 45 91.34 69.55 50.41
C PRO H 45 92.21 68.33 50.64
N GLY H 46 92.69 68.22 51.88
CA GLY H 46 93.28 67.00 52.39
C GLY H 46 92.36 66.42 53.46
N LEU H 47 92.14 65.11 53.38
CA LEU H 47 91.11 64.49 54.19
C LEU H 47 91.60 63.17 54.77
N ILE H 48 91.10 62.82 55.96
CA ILE H 48 91.33 61.51 56.55
C ILE H 48 90.01 60.99 57.09
N ASN H 49 89.75 59.70 56.88
CA ASN H 49 88.48 59.08 57.25
C ASN H 49 88.73 57.70 57.82
N ALA H 50 88.05 57.37 58.92
CA ALA H 50 88.23 56.07 59.56
C ALA H 50 86.88 55.51 59.96
N LYS H 51 86.72 54.19 59.83
CA LYS H 51 85.45 53.52 60.10
C LYS H 51 85.71 52.14 60.68
N PHE H 52 84.83 51.71 61.59
CA PHE H 52 84.87 50.35 62.12
C PHE H 52 83.65 49.57 61.66
N ASP H 53 83.90 48.38 61.10
CA ASP H 53 82.86 47.37 60.88
C ASP H 53 83.04 46.35 62.01
N ILE H 54 82.15 46.41 63.00
CA ILE H 54 82.29 45.63 64.22
C ILE H 54 81.24 44.53 64.22
N LYS H 55 81.70 43.29 64.26
CA LYS H 55 80.77 42.17 64.24
C LYS H 55 80.27 41.88 65.65
N ALA H 56 79.20 41.09 65.72
CA ALA H 56 78.52 40.83 66.98
C ALA H 56 79.46 40.16 67.97
N PRO H 57 79.14 40.23 69.27
CA PRO H 57 79.99 39.56 70.27
C PRO H 57 80.08 38.07 70.00
N GLY H 58 81.24 37.52 70.29
CA GLY H 58 81.56 36.14 70.04
C GLY H 58 82.97 36.02 69.54
N ILE H 59 83.35 34.81 69.14
CA ILE H 59 84.69 34.59 68.60
C ILE H 59 84.64 34.18 67.13
N THR H 60 83.49 34.34 66.48
CA THR H 60 83.31 33.79 65.14
C THR H 60 83.83 34.72 64.04
N GLY H 61 83.62 36.02 64.18
CA GLY H 61 83.71 36.92 63.06
C GLY H 61 85.11 37.44 62.77
N ASN H 62 85.13 38.48 61.92
CA ASN H 62 86.30 39.28 61.57
C ASN H 62 85.91 40.76 61.66
N ASP H 63 86.47 41.47 62.62
CA ASP H 63 86.29 42.92 62.71
C ASP H 63 87.12 43.60 61.62
N ARG H 64 86.69 44.80 61.21
CA ARG H 64 87.40 45.50 60.14
C ARG H 64 87.55 46.99 60.47
N ILE H 65 88.71 47.53 60.09
CA ILE H 65 89.03 48.94 60.18
C ILE H 65 89.26 49.46 58.76
N HIS H 66 88.65 50.59 58.43
CA HIS H 66 88.82 51.23 57.13
C HIS H 66 89.37 52.63 57.34
N ALA H 67 90.57 52.88 56.84
CA ALA H 67 91.15 54.20 56.87
C ALA H 67 91.36 54.70 55.45
N ASN H 68 91.33 56.01 55.27
CA ASN H 68 91.45 56.60 53.94
C ASN H 68 92.07 57.97 54.08
N LEU H 69 93.24 58.16 53.47
CA LEU H 69 93.96 59.44 53.49
C LEU H 69 94.02 59.95 52.06
N ARG H 70 93.37 61.09 51.82
CA ARG H 70 93.22 61.63 50.48
C ARG H 70 93.79 63.05 50.40
N LYS H 71 94.24 63.40 49.20
CA LYS H 71 94.59 64.78 48.87
C LYS H 71 94.12 65.07 47.44
N VAL H 72 93.40 66.17 47.28
CA VAL H 72 92.90 66.58 45.98
C VAL H 72 93.86 67.59 45.38
N VAL H 73 94.05 67.54 44.06
CA VAL H 73 94.93 68.46 43.36
C VAL H 73 94.19 68.96 42.12
N LEU H 74 94.51 70.18 41.72
CA LEU H 74 93.89 70.82 40.58
C LEU H 74 94.88 70.93 39.43
N ASP H 75 94.41 70.66 38.21
CA ASP H 75 95.24 70.76 37.02
C ASP H 75 95.68 72.21 36.80
N GLU H 76 96.97 72.42 36.51
CA GLU H 76 97.45 73.77 36.24
C GLU H 76 96.80 74.38 35.02
N LYS H 77 96.32 73.54 34.09
CA LYS H 77 95.77 74.05 32.85
C LYS H 77 94.27 74.26 32.93
N THR H 78 93.56 73.40 33.67
CA THR H 78 92.12 73.39 33.66
C THR H 78 91.46 73.50 35.04
N ASN H 79 92.23 73.53 36.13
CA ASN H 79 91.70 73.46 37.48
C ASN H 79 90.77 72.26 37.68
N LEU H 80 90.99 71.20 36.91
CA LEU H 80 90.14 70.04 37.15
C LEU H 80 90.72 69.18 38.26
N PRO H 81 89.86 68.72 39.17
CA PRO H 81 90.35 68.00 40.34
C PRO H 81 90.60 66.53 40.02
N SER H 82 91.72 66.03 40.50
CA SER H 82 91.91 64.60 40.65
C SER H 82 92.51 64.33 42.02
N THR H 83 92.22 63.16 42.58
CA THR H 83 92.57 62.87 43.96
C THR H 83 93.59 61.74 44.02
N GLY H 84 94.53 61.88 44.94
CA GLY H 84 95.44 60.80 45.30
C GLY H 84 95.04 60.28 46.66
N SER H 85 95.20 58.98 46.87
CA SER H 85 94.71 58.42 48.12
C SER H 85 95.48 57.18 48.52
N VAL H 86 95.61 56.99 49.83
CA VAL H 86 96.09 55.76 50.43
C VAL H 86 94.97 55.24 51.34
N THR H 87 94.42 54.09 50.99
CA THR H 87 93.38 53.46 51.77
C THR H 87 93.93 52.21 52.44
N ILE H 88 93.43 51.92 53.63
CA ILE H 88 93.90 50.84 54.46
C ILE H 88 92.70 50.07 54.98
N GLN H 89 92.80 48.74 54.97
CA GLN H 89 91.78 47.89 55.56
C GLN H 89 92.45 46.85 56.45
N VAL H 90 92.12 46.89 57.74
CA VAL H 90 92.62 45.95 58.73
C VAL H 90 91.50 44.98 59.03
N SER H 91 91.80 43.68 58.98
CA SER H 91 90.83 42.64 59.32
C SER H 91 91.41 41.82 60.46
N ILE H 92 90.73 41.88 61.61
CA ILE H 92 91.13 41.30 62.89
C ILE H 92 90.19 40.14 63.20
N PRO H 93 90.65 38.90 63.18
CA PRO H 93 89.79 37.79 63.58
C PRO H 93 89.52 37.78 65.09
N ARG H 94 88.41 37.17 65.46
CA ARG H 94 87.99 37.08 66.84
C ARG H 94 88.31 35.73 67.48
N ASN H 95 88.71 34.74 66.69
CA ASN H 95 89.26 33.49 67.21
C ASN H 95 90.36 33.80 68.21
N PRO H 96 90.26 33.33 69.47
CA PRO H 96 91.24 33.71 70.50
C PRO H 96 92.67 33.32 70.15
N ALA H 97 92.86 32.60 69.06
CA ALA H 97 94.19 32.31 68.56
C ALA H 97 94.84 33.51 67.89
N TRP H 98 94.20 34.67 67.90
CA TRP H 98 94.73 35.92 67.37
C TRP H 98 94.97 36.89 68.53
N ASN H 99 95.89 37.84 68.31
CA ASN H 99 96.27 38.81 69.34
C ASN H 99 96.27 40.22 68.79
N ALA H 100 95.97 41.16 69.70
CA ALA H 100 96.28 42.56 69.41
C ALA H 100 97.75 42.71 69.04
N SER H 101 98.63 41.89 69.62
CA SER H 101 100.04 41.93 69.25
C SER H 101 100.23 41.56 67.78
N MET H 102 99.44 40.61 67.28
CA MET H 102 99.55 40.22 65.88
C MET H 102 99.01 41.33 64.96
N THR H 103 97.92 41.96 65.37
CA THR H 103 97.43 43.14 64.64
C THR H 103 98.51 44.21 64.55
N VAL H 104 99.11 44.57 65.69
CA VAL H 104 100.12 45.61 65.70
C VAL H 104 101.32 45.18 64.86
N SER H 105 101.68 43.90 64.89
CA SER H 105 102.82 43.44 64.10
C SER H 105 102.57 43.61 62.61
N LEU H 106 101.36 43.27 62.15
CA LEU H 106 101.03 43.51 60.75
C LEU H 106 101.07 44.99 60.41
N LEU H 107 100.56 45.84 61.30
CA LEU H 107 100.60 47.27 61.04
C LEU H 107 102.04 47.77 60.90
N LYS H 108 102.91 47.36 61.82
CA LYS H 108 104.31 47.79 61.79
C LYS H 108 105.02 47.29 60.54
N GLN H 109 104.72 46.04 60.13
CA GLN H 109 105.36 45.49 58.94
C GLN H 109 104.91 46.23 57.69
N ALA H 110 103.61 46.51 57.57
CA ALA H 110 103.12 47.28 56.44
C ALA H 110 103.76 48.67 56.41
N ALA H 111 103.91 49.29 57.58
CA ALA H 111 104.55 50.59 57.66
C ALA H 111 105.99 50.52 57.16
N ASP H 112 106.75 49.54 57.64
CA ASP H 112 108.12 49.36 57.18
C ASP H 112 108.18 49.12 55.68
N TYR H 113 107.27 48.30 55.13
CA TYR H 113 107.44 47.85 53.76
C TYR H 113 106.90 48.85 52.74
N LEU H 114 105.92 49.66 53.10
CA LEU H 114 105.38 50.63 52.14
C LEU H 114 105.73 52.07 52.45
N ALA H 115 106.09 52.40 53.69
CA ALA H 115 106.51 53.74 54.05
C ALA H 115 107.95 53.83 54.52
N GLY H 116 108.57 52.70 54.89
CA GLY H 116 109.94 52.71 55.37
C GLY H 116 110.12 53.51 56.64
N THR H 117 109.29 53.25 57.65
CA THR H 117 109.29 54.03 58.88
C THR H 117 109.48 53.19 60.14
N SER H 118 109.74 51.90 60.01
CA SER H 118 109.89 51.03 61.17
C SER H 118 110.99 51.49 62.13
N ALA H 119 110.92 51.00 63.36
CA ALA H 119 111.96 51.22 64.36
C ALA H 119 113.23 50.46 63.98
N THR H 120 114.31 50.73 64.70
CA THR H 120 115.61 50.18 64.37
C THR H 120 115.83 48.84 65.08
N VAL H 121 116.15 47.80 64.31
CA VAL H 121 116.48 46.48 64.82
C VAL H 121 117.70 46.00 64.04
N SER H 122 118.43 45.04 64.63
CA SER H 122 119.75 44.68 64.14
C SER H 122 119.74 44.36 62.65
N GLY H 123 119.08 43.27 62.28
CA GLY H 123 119.25 42.78 60.91
C GLY H 123 118.23 43.29 59.93
N GLN H 124 117.64 44.46 60.19
CA GLN H 124 116.48 44.87 59.40
C GLN H 124 116.96 45.27 58.01
N THR H 125 116.10 45.08 57.01
CA THR H 125 116.47 45.57 55.69
C THR H 125 116.18 47.06 55.60
N ASP H 126 117.01 47.73 54.79
CA ASP H 126 116.91 49.17 54.63
C ASP H 126 115.71 49.48 53.74
N THR H 127 114.68 50.07 54.35
CA THR H 127 113.42 50.35 53.68
C THR H 127 113.20 51.83 53.45
N SER H 128 114.24 52.65 53.65
CA SER H 128 114.07 54.10 53.52
C SER H 128 113.68 54.49 52.10
N GLY H 129 114.22 53.80 51.10
CA GLY H 129 113.92 54.15 49.72
C GLY H 129 112.69 53.50 49.15
N PHE H 130 112.08 52.59 49.92
CA PHE H 130 110.90 51.90 49.42
C PHE H 130 109.74 52.82 49.07
N PRO H 131 109.38 53.83 49.87
CA PRO H 131 108.28 54.70 49.42
C PRO H 131 108.56 55.38 48.10
N ALA H 132 109.82 55.80 47.87
CA ALA H 132 110.18 56.36 46.57
C ALA H 132 109.98 55.34 45.45
N LYS H 133 110.44 54.11 45.66
CA LYS H 133 110.30 53.09 44.63
C LYS H 133 108.82 52.79 44.37
N TRP H 134 108.00 52.76 45.42
CA TRP H 134 106.56 52.55 45.20
C TRP H 134 105.97 53.69 44.39
N ALA H 135 106.25 54.93 44.79
CA ALA H 135 105.71 56.09 44.08
C ALA H 135 106.17 56.13 42.63
N GLY H 136 107.26 55.44 42.30
CA GLY H 136 107.65 55.25 40.92
C GLY H 136 107.01 54.04 40.25
N LEU H 137 106.10 53.35 40.93
CA LEU H 137 105.49 52.11 40.45
C LEU H 137 106.54 51.06 40.10
N MET H 138 107.44 50.81 41.05
CA MET H 138 108.38 49.70 40.94
C MET H 138 108.52 49.01 42.29
N PHE H 139 108.72 47.70 42.24
CA PHE H 139 108.81 46.92 43.46
C PHE H 139 110.13 47.18 44.17
N PRO H 140 110.12 47.22 45.51
CA PRO H 140 111.34 47.27 46.32
C PRO H 140 112.22 46.05 46.05
N ALA I 1 78.41 64.76 72.46
CA ALA I 1 78.50 64.04 73.72
C ALA I 1 79.93 64.01 74.23
N ALA I 2 80.10 63.60 75.50
CA ALA I 2 81.43 63.53 76.10
C ALA I 2 82.27 62.48 75.38
N PRO I 3 83.53 62.79 75.06
CA PRO I 3 84.35 61.84 74.31
C PRO I 3 84.81 60.66 75.14
N SER I 4 84.79 60.77 76.47
CA SER I 4 85.23 59.69 77.32
C SER I 4 84.62 59.85 78.70
N LEU I 5 84.48 58.73 79.41
CA LEU I 5 83.81 58.66 80.69
C LEU I 5 84.59 57.76 81.63
N ALA I 6 84.62 58.16 82.91
CA ALA I 6 85.18 57.34 83.98
C ALA I 6 84.07 57.09 84.98
N LEU I 7 83.31 56.02 84.78
CA LEU I 7 82.18 55.72 85.64
C LEU I 7 82.64 54.87 86.81
N VAL I 8 81.87 54.88 87.90
CA VAL I 8 82.20 54.09 89.09
C VAL I 8 81.37 52.81 89.07
N GLY I 9 82.06 51.67 89.14
CA GLY I 9 81.45 50.37 89.31
C GLY I 9 82.10 49.65 90.48
N ALA I 10 82.05 48.32 90.42
CA ALA I 10 82.55 47.48 91.49
C ALA I 10 83.41 46.37 90.93
N ASN I 11 84.52 46.10 91.61
CA ASN I 11 85.39 44.98 91.26
C ASN I 11 84.84 43.71 91.89
N SER I 12 85.65 42.65 91.89
CA SER I 12 85.21 41.39 92.46
C SER I 12 84.97 41.50 93.96
N THR I 13 85.64 42.44 94.63
CA THR I 13 85.48 42.68 96.05
C THR I 13 84.25 43.55 96.35
N LEU I 14 83.59 44.08 95.32
CA LEU I 14 82.56 45.11 95.40
C LEU I 14 83.12 46.46 95.83
N ALA I 15 84.43 46.63 95.83
CA ALA I 15 85.02 47.94 96.10
C ALA I 15 84.82 48.87 94.90
N SER I 16 84.63 50.16 95.20
CA SER I 16 84.37 51.13 94.14
C SER I 16 85.60 51.27 93.24
N THR I 17 85.41 50.95 91.95
CA THR I 17 86.49 50.92 90.98
C THR I 17 86.07 51.70 89.74
N LEU I 18 87.01 52.39 89.11
CA LEU I 18 86.69 53.08 87.86
C LEU I 18 86.58 52.10 86.71
N VAL I 19 85.61 52.35 85.84
CA VAL I 19 85.44 51.67 84.57
C VAL I 19 85.36 52.72 83.48
N ASN I 20 86.23 52.58 82.48
CA ASN I 20 86.53 53.64 81.54
C ASN I 20 85.91 53.35 80.18
N TYR I 21 85.20 54.33 79.64
CA TYR I 21 84.56 54.21 78.33
C TYR I 21 85.05 55.34 77.43
N SER I 22 85.16 55.05 76.13
CA SER I 22 85.40 56.09 75.14
C SER I 22 84.27 56.09 74.12
N LEU I 23 84.01 57.27 73.56
CA LEU I 23 82.94 57.47 72.61
C LEU I 23 83.32 56.89 71.27
N ARG I 24 82.74 55.74 70.93
CA ARG I 24 83.00 55.10 69.66
C ARG I 24 82.10 55.62 68.54
N SER I 25 80.80 55.79 68.79
CA SER I 25 79.97 56.33 67.71
C SER I 25 78.87 57.22 68.27
N GLN I 26 78.36 58.09 67.41
CA GLN I 26 77.20 58.91 67.71
C GLN I 26 76.49 59.18 66.40
N ASN I 27 75.21 58.82 66.34
CA ASN I 27 74.45 58.85 65.10
C ASN I 27 72.97 58.91 65.42
N GLY I 28 72.28 59.88 64.82
CA GLY I 28 70.83 59.93 64.88
C GLY I 28 70.27 59.88 66.28
N ASN I 29 70.62 60.89 67.09
CA ASN I 29 70.25 60.93 68.50
C ASN I 29 70.55 59.61 69.19
N ASN I 30 71.70 59.05 68.88
CA ASN I 30 72.10 57.79 69.46
C ASN I 30 73.58 57.90 69.79
N VAL I 31 74.00 57.35 70.92
CA VAL I 31 75.36 57.50 71.43
C VAL I 31 75.85 56.15 71.94
N ASP I 32 77.03 55.71 71.47
CA ASP I 32 77.57 54.38 71.77
C ASP I 32 79.00 54.52 72.27
N TYR I 33 79.24 54.02 73.49
CA TYR I 33 80.54 54.00 74.15
C TYR I 33 81.04 52.57 74.25
N VAL I 34 82.37 52.41 74.25
CA VAL I 34 83.00 51.11 74.45
C VAL I 34 83.98 51.21 75.62
N CYS I 35 84.11 50.11 76.36
CA CYS I 35 84.98 50.08 77.54
C CYS I 35 86.43 49.90 77.11
N THR I 36 87.30 50.74 77.64
CA THR I 36 88.71 50.78 77.28
C THR I 36 89.59 49.93 78.19
N ASP I 37 89.01 49.32 79.21
CA ASP I 37 89.77 48.58 80.20
C ASP I 37 90.19 47.22 79.64
N PRO I 38 91.10 46.52 80.33
CA PRO I 38 91.50 45.19 79.84
C PRO I 38 90.39 44.16 79.91
N ASP I 39 89.41 44.31 80.82
CA ASP I 39 88.36 43.31 80.95
C ASP I 39 87.39 43.29 79.77
N SER I 40 87.38 44.34 78.93
CA SER I 40 86.59 44.32 77.70
C SER I 40 87.51 44.01 76.54
N THR I 41 87.26 42.89 75.90
CA THR I 41 87.98 42.48 74.69
C THR I 41 87.07 42.67 73.49
N LEU I 42 87.64 42.44 72.30
CA LEU I 42 86.83 42.48 71.09
C LEU I 42 85.75 41.42 71.14
N SER I 43 86.09 40.24 71.64
CA SER I 43 85.15 39.13 71.60
C SER I 43 84.08 39.29 72.66
N ALA I 44 84.45 39.85 73.81
CA ALA I 44 83.55 40.02 74.95
C ALA I 44 83.71 41.44 75.49
N PRO I 45 83.03 42.41 74.89
CA PRO I 45 83.27 43.81 75.24
C PRO I 45 82.33 44.31 76.34
N GLY I 46 82.65 45.51 76.83
CA GLY I 46 81.73 46.28 77.66
C GLY I 46 81.24 47.47 76.85
N LEU I 47 79.93 47.71 76.89
CA LEU I 47 79.32 48.64 75.96
C LEU I 47 78.26 49.49 76.64
N ILE I 48 78.08 50.70 76.12
CA ILE I 48 77.00 51.59 76.56
C ILE I 48 76.29 52.16 75.36
N ASN I 49 74.97 52.27 75.46
CA ASN I 49 74.09 52.77 74.41
C ASN I 49 73.11 53.76 75.01
N ALA I 50 72.78 54.83 74.27
CA ALA I 50 71.82 55.81 74.74
C ALA I 50 71.09 56.47 73.58
N LYS I 51 69.75 56.40 73.58
CA LYS I 51 68.88 56.86 72.52
C LYS I 51 67.88 57.89 73.04
N PHE I 52 67.45 58.78 72.15
CA PHE I 52 66.41 59.77 72.41
C PHE I 52 65.26 59.58 71.43
N ASP I 53 64.08 59.23 71.94
CA ASP I 53 62.85 59.33 71.17
C ASP I 53 62.24 60.68 71.51
N ILE I 54 62.47 61.66 70.65
CA ILE I 54 61.97 63.02 70.86
C ILE I 54 60.72 63.20 70.02
N LYS I 55 59.60 63.42 70.69
CA LYS I 55 58.33 63.63 70.02
C LYS I 55 58.29 65.02 69.41
N ALA I 56 57.44 65.17 68.39
CA ALA I 56 57.16 66.46 67.76
C ALA I 56 56.74 67.49 68.80
N PRO I 57 56.95 68.78 68.56
CA PRO I 57 56.54 69.79 69.55
C PRO I 57 55.07 69.67 69.84
N GLY I 58 54.72 69.97 71.08
CA GLY I 58 53.35 69.81 71.52
C GLY I 58 53.29 69.62 73.01
N ILE I 59 52.08 69.77 73.53
CA ILE I 59 51.85 69.61 74.97
C ILE I 59 51.46 68.19 75.32
N THR I 60 51.22 67.33 74.33
CA THR I 60 50.79 65.96 74.53
C THR I 60 51.91 65.00 74.20
N GLY I 61 51.88 63.84 74.85
CA GLY I 61 52.84 62.79 74.60
C GLY I 61 53.93 62.72 75.65
N ASN I 62 54.76 61.68 75.51
CA ASN I 62 55.93 61.48 76.36
C ASN I 62 57.18 61.45 75.48
N ASP I 63 58.22 62.16 75.93
CA ASP I 63 59.57 61.98 75.41
C ASP I 63 60.21 60.78 76.09
N ARG I 64 61.14 60.10 75.40
CA ARG I 64 61.73 58.91 75.99
C ARG I 64 63.25 58.88 75.84
N ILE I 65 63.90 58.39 76.89
CA ILE I 65 65.35 58.16 76.93
C ILE I 65 65.56 56.66 77.11
N HIS I 66 66.44 56.08 76.31
CA HIS I 66 66.81 54.68 76.45
C HIS I 66 68.30 54.58 76.72
N ALA I 67 68.68 53.70 77.63
CA ALA I 67 70.08 53.52 77.96
C ALA I 67 70.35 52.06 78.28
N ASN I 68 71.50 51.57 77.83
CA ASN I 68 71.86 50.18 78.03
C ASN I 68 73.32 50.07 78.41
N LEU I 69 73.60 49.41 79.52
CA LEU I 69 74.97 49.15 79.97
C LEU I 69 75.18 47.64 79.98
N ARG I 70 76.10 47.17 79.14
CA ARG I 70 76.27 45.76 78.84
C ARG I 70 77.70 45.32 79.17
N LYS I 71 77.82 44.07 79.62
CA LYS I 71 79.10 43.38 79.66
C LYS I 71 78.88 41.98 79.08
N VAL I 72 79.67 41.64 78.05
CA VAL I 72 79.61 40.33 77.43
C VAL I 72 80.62 39.42 78.10
N VAL I 73 80.25 38.15 78.26
CA VAL I 73 81.14 37.16 78.84
C VAL I 73 81.06 35.89 78.00
N LEU I 74 82.21 35.24 77.82
CA LEU I 74 82.31 34.04 77.01
C LEU I 74 82.27 32.80 77.90
N ASP I 75 81.60 31.75 77.41
CA ASP I 75 81.57 30.48 78.12
C ASP I 75 82.96 29.85 78.16
N GLU I 76 83.29 29.25 79.30
CA GLU I 76 84.63 28.68 79.47
C GLU I 76 84.89 27.59 78.43
N LYS I 77 83.91 26.73 78.19
CA LYS I 77 84.09 25.60 77.28
C LYS I 77 83.69 25.98 75.86
N THR I 78 82.45 26.41 75.67
CA THR I 78 81.92 26.61 74.33
C THR I 78 82.34 27.93 73.70
N ASN I 79 82.85 28.88 74.49
CA ASN I 79 83.19 30.23 74.03
C ASN I 79 82.01 30.97 73.41
N LEU I 80 80.79 30.48 73.64
CA LEU I 80 79.59 31.19 73.23
C LEU I 80 79.39 32.40 74.13
N PRO I 81 79.03 33.53 73.58
CA PRO I 81 78.87 34.73 74.40
C PRO I 81 77.47 34.84 74.96
N SER I 82 77.37 35.13 76.26
CA SER I 82 76.13 35.62 76.82
C SER I 82 76.42 36.94 77.51
N THR I 83 75.42 37.81 77.53
CA THR I 83 75.62 39.19 77.93
C THR I 83 74.71 39.57 79.10
N GLY I 84 75.28 40.29 80.07
CA GLY I 84 74.55 40.81 81.21
C GLY I 84 74.38 42.31 81.07
N SER I 85 73.21 42.81 81.46
CA SER I 85 72.91 44.19 81.08
C SER I 85 71.94 44.85 82.05
N VAL I 86 72.20 46.12 82.33
CA VAL I 86 71.25 47.00 83.02
C VAL I 86 70.75 48.02 82.01
N THR I 87 69.45 48.03 81.77
CA THR I 87 68.86 48.95 80.81
C THR I 87 67.79 49.81 81.46
N ILE I 88 67.73 51.08 81.06
CA ILE I 88 66.90 52.10 81.67
C ILE I 88 66.05 52.77 80.60
N GLN I 89 64.77 52.96 80.89
CA GLN I 89 63.88 53.78 80.08
C GLN I 89 63.30 54.90 80.94
N VAL I 90 63.51 56.13 80.52
CA VAL I 90 62.96 57.32 81.16
C VAL I 90 61.86 57.86 80.26
N SER I 91 60.67 58.05 80.82
CA SER I 91 59.52 58.58 80.10
C SER I 91 59.10 59.88 80.76
N ILE I 92 59.28 60.99 80.04
CA ILE I 92 59.08 62.35 80.51
C ILE I 92 57.84 62.92 79.81
N PRO I 93 56.74 63.15 80.52
CA PRO I 93 55.56 63.74 79.89
C PRO I 93 55.80 65.20 79.51
N ARG I 94 54.89 65.71 78.67
CA ARG I 94 54.99 67.07 78.17
C ARG I 94 53.95 68.01 78.76
N ASN I 95 52.99 67.51 79.53
CA ASN I 95 52.10 68.38 80.27
C ASN I 95 52.92 69.31 81.17
N PRO I 96 52.72 70.63 81.10
CA PRO I 96 53.54 71.56 81.91
C PRO I 96 53.47 71.27 83.39
N ALA I 97 52.57 70.40 83.82
CA ALA I 97 52.49 69.96 85.20
C ALA I 97 53.58 68.96 85.56
N TRP I 98 54.52 68.69 84.65
CA TRP I 98 55.70 67.89 84.93
C TRP I 98 56.93 68.78 84.94
N ASN I 99 57.96 68.37 85.68
CA ASN I 99 59.19 69.14 85.80
C ASN I 99 60.42 68.28 85.58
N ALA I 100 61.45 68.93 85.05
CA ALA I 100 62.77 68.32 85.10
C ALA I 100 63.14 67.91 86.52
N SER I 101 62.68 68.67 87.52
CA SER I 101 62.93 68.30 88.90
C SER I 101 62.30 66.95 89.22
N MET I 102 61.12 66.68 88.67
CA MET I 102 60.47 65.40 88.90
C MET I 102 61.21 64.28 88.18
N THR I 103 61.67 64.55 86.96
CA THR I 103 62.52 63.57 86.26
C THR I 103 63.75 63.22 87.09
N VAL I 104 64.46 64.24 87.56
CA VAL I 104 65.67 64.02 88.35
C VAL I 104 65.34 63.30 89.65
N SER I 105 64.20 63.62 90.25
CA SER I 105 63.83 62.96 91.49
C SER I 105 63.62 61.46 91.27
N LEU I 106 62.94 61.09 90.18
CA LEU I 106 62.79 59.68 89.88
C LEU I 106 64.14 59.02 89.61
N LEU I 107 65.03 59.70 88.88
CA LEU I 107 66.35 59.13 88.63
C LEU I 107 67.10 58.86 89.94
N LYS I 108 67.09 59.85 90.84
CA LYS I 108 67.81 59.71 92.10
C LYS I 108 67.20 58.60 92.96
N GLN I 109 65.87 58.49 92.96
CA GLN I 109 65.24 57.44 93.74
C GLN I 109 65.56 56.06 93.18
N ALA I 110 65.55 55.92 91.86
CA ALA I 110 65.94 54.65 91.26
C ALA I 110 67.38 54.31 91.60
N ALA I 111 68.27 55.30 91.56
CA ALA I 111 69.66 55.06 91.94
C ALA I 111 69.76 54.60 93.39
N ASP I 112 68.99 55.22 94.28
CA ASP I 112 69.02 54.82 95.68
C ASP I 112 68.50 53.39 95.85
N TYR I 113 67.40 53.06 95.16
CA TYR I 113 66.71 51.80 95.47
C TYR I 113 67.33 50.60 94.76
N LEU I 114 67.89 50.78 93.57
CA LEU I 114 68.48 49.65 92.86
C LEU I 114 70.01 49.63 92.91
N ALA I 115 70.65 50.77 93.16
CA ALA I 115 72.10 50.80 93.24
C ALA I 115 72.62 51.20 94.62
N GLY I 116 71.80 51.82 95.46
CA GLY I 116 72.24 52.22 96.78
C GLY I 116 73.31 53.28 96.76
N THR I 117 73.08 54.37 96.00
CA THR I 117 74.10 55.40 95.82
C THR I 117 73.60 56.81 96.14
N SER I 118 72.39 56.96 96.69
CA SER I 118 71.86 58.28 97.01
C SER I 118 72.80 59.09 97.90
N ALA I 119 72.62 60.41 97.85
CA ALA I 119 73.31 61.32 98.76
C ALA I 119 72.81 61.12 100.19
N THR I 120 73.56 61.66 101.14
CA THR I 120 73.22 61.46 102.55
C THR I 120 72.17 62.48 103.00
N VAL I 121 71.09 61.97 103.60
CA VAL I 121 70.01 62.76 104.16
C VAL I 121 69.58 62.08 105.45
N SER I 122 69.29 62.89 106.49
CA SER I 122 68.85 62.36 107.76
C SER I 122 67.57 61.55 107.58
N GLY I 123 67.56 60.34 108.11
CA GLY I 123 66.40 59.49 108.03
C GLY I 123 66.28 58.65 106.78
N GLN I 124 67.31 58.59 105.93
CA GLN I 124 67.19 57.82 104.70
C GLN I 124 67.36 56.35 105.06
N THR I 125 66.72 55.47 104.30
CA THR I 125 66.95 54.06 104.56
C THR I 125 68.29 53.65 103.98
N ASP I 126 68.97 52.75 104.70
CA ASP I 126 70.29 52.28 104.29
C ASP I 126 70.12 51.33 103.11
N THR I 127 70.55 51.79 101.94
CA THR I 127 70.40 51.05 100.70
C THR I 127 71.71 50.44 100.24
N SER I 128 72.74 50.45 101.09
CA SER I 128 74.06 50.00 100.68
C SER I 128 74.04 48.55 100.21
N GLY I 129 73.29 47.69 100.91
CA GLY I 129 73.25 46.28 100.57
C GLY I 129 72.22 45.92 99.54
N PHE I 130 71.41 46.90 99.12
CA PHE I 130 70.38 46.60 98.14
C PHE I 130 70.91 46.10 96.80
N PRO I 131 71.98 46.67 96.22
CA PRO I 131 72.47 46.08 94.96
C PRO I 131 72.89 44.63 95.11
N ALA I 132 73.50 44.27 96.24
CA ALA I 132 73.82 42.88 96.49
C ALA I 132 72.56 42.03 96.53
N LYS I 133 71.55 42.48 97.28
CA LYS I 133 70.30 41.71 97.36
C LYS I 133 69.65 41.56 95.99
N TRP I 134 69.69 42.61 95.17
CA TRP I 134 69.12 42.52 93.83
C TRP I 134 69.89 41.50 93.00
N ALA I 135 71.22 41.58 93.01
CA ALA I 135 72.04 40.63 92.25
C ALA I 135 71.77 39.21 92.69
N GLY I 136 71.33 39.01 93.94
CA GLY I 136 70.88 37.71 94.38
C GLY I 136 69.42 37.40 94.10
N LEU I 137 68.71 38.28 93.39
CA LEU I 137 67.27 38.12 93.14
C LEU I 137 66.49 38.04 94.46
N MET I 138 66.70 39.04 95.31
CA MET I 138 66.02 39.14 96.59
C MET I 138 65.49 40.55 96.74
N PHE I 139 64.21 40.69 97.07
CA PHE I 139 63.68 42.02 97.30
C PHE I 139 64.28 42.61 98.56
N PRO I 140 64.73 43.88 98.52
CA PRO I 140 65.30 44.58 99.67
C PRO I 140 64.30 44.70 100.80
N ALA J 1 111.27 31.39 -54.08
CA ALA J 1 110.71 32.59 -54.69
C ALA J 1 111.71 33.75 -54.65
N ALA J 2 111.62 34.62 -55.65
CA ALA J 2 112.49 35.78 -55.72
C ALA J 2 112.18 36.76 -54.59
N PRO J 3 113.19 37.39 -54.00
CA PRO J 3 112.92 38.29 -52.86
C PRO J 3 112.29 39.60 -53.29
N SER J 4 112.50 40.03 -54.53
CA SER J 4 111.97 41.31 -54.98
C SER J 4 111.90 41.30 -56.50
N LEU J 5 111.07 42.18 -57.04
CA LEU J 5 110.76 42.22 -58.45
C LEU J 5 110.66 43.67 -58.90
N ALA J 6 111.13 43.93 -60.12
CA ALA J 6 110.94 45.21 -60.78
C ALA J 6 110.23 44.92 -62.09
N LEU J 7 108.90 44.98 -62.08
CA LEU J 7 108.11 44.63 -63.25
C LEU J 7 107.82 45.88 -64.06
N VAL J 8 107.61 45.72 -65.35
CA VAL J 8 107.29 46.85 -66.21
C VAL J 8 105.79 47.02 -66.31
N GLY J 9 105.31 48.23 -66.05
CA GLY J 9 103.93 48.62 -66.23
C GLY J 9 103.87 49.95 -66.96
N ALA J 10 102.77 50.67 -66.75
CA ALA J 10 102.53 51.93 -67.44
C ALA J 10 102.08 53.02 -66.46
N ASN J 11 102.55 54.24 -66.71
CA ASN J 11 102.15 55.40 -65.93
C ASN J 11 100.88 55.99 -66.54
N SER J 12 100.53 57.21 -66.11
CA SER J 12 99.34 57.86 -66.66
C SER J 12 99.50 58.19 -68.14
N THR J 13 100.74 58.39 -68.60
CA THR J 13 101.05 58.62 -70.01
C THR J 13 101.05 57.32 -70.81
N LEU J 14 100.99 56.17 -70.15
CA LEU J 14 101.18 54.84 -70.72
C LEU J 14 102.62 54.60 -71.18
N ALA J 15 103.56 55.39 -70.68
CA ALA J 15 104.97 55.12 -70.90
C ALA J 15 105.42 54.00 -69.97
N SER J 16 106.38 53.21 -70.44
CA SER J 16 106.85 52.06 -69.68
C SER J 16 107.56 52.53 -68.41
N THR J 17 107.04 52.09 -67.26
CA THR J 17 107.52 52.52 -65.95
C THR J 17 107.77 51.30 -65.08
N LEU J 18 108.81 51.34 -64.25
CA LEU J 18 109.00 50.25 -63.31
C LEU J 18 108.01 50.33 -62.17
N VAL J 19 107.62 49.15 -61.69
CA VAL J 19 106.80 48.99 -60.50
C VAL J 19 107.45 47.93 -59.63
N ASN J 20 107.73 48.27 -58.38
CA ASN J 20 108.61 47.50 -57.52
C ASN J 20 107.78 46.71 -56.51
N TYR J 21 107.97 45.40 -56.50
CA TYR J 21 107.36 44.52 -55.53
C TYR J 21 108.44 43.89 -54.68
N SER J 22 108.10 43.54 -53.44
CA SER J 22 108.98 42.81 -52.57
C SER J 22 108.19 41.69 -51.90
N LEU J 23 108.89 40.61 -51.57
CA LEU J 23 108.24 39.40 -51.07
C LEU J 23 107.70 39.65 -49.67
N ARG J 24 106.38 39.67 -49.54
CA ARG J 24 105.76 39.68 -48.23
C ARG J 24 105.91 38.32 -47.56
N SER J 25 105.38 37.27 -48.18
CA SER J 25 105.45 35.97 -47.51
C SER J 25 105.37 34.83 -48.51
N GLN J 26 106.12 33.77 -48.24
CA GLN J 26 105.98 32.52 -48.98
C GLN J 26 105.35 31.48 -48.06
N ASN J 27 104.16 31.05 -48.42
CA ASN J 27 103.54 29.85 -47.90
C ASN J 27 103.87 28.69 -48.85
N GLY J 28 103.58 27.47 -48.43
CA GLY J 28 103.90 26.33 -49.27
C GLY J 28 103.18 26.35 -50.59
N ASN J 29 103.94 26.49 -51.69
CA ASN J 29 103.37 26.64 -53.04
C ASN J 29 102.47 27.87 -53.13
N ASN J 30 102.82 28.92 -52.39
CA ASN J 30 102.04 30.15 -52.43
C ASN J 30 102.96 31.31 -52.12
N VAL J 31 102.82 32.41 -52.87
CA VAL J 31 103.72 33.55 -52.76
C VAL J 31 102.90 34.83 -52.79
N ASP J 32 103.22 35.75 -51.87
CA ASP J 32 102.56 37.05 -51.77
C ASP J 32 103.61 38.15 -51.81
N TYR J 33 103.51 39.02 -52.82
CA TYR J 33 104.35 40.19 -53.02
C TYR J 33 103.53 41.46 -52.79
N VAL J 34 104.22 42.52 -52.36
CA VAL J 34 103.61 43.83 -52.09
C VAL J 34 104.39 44.90 -52.82
N CYS J 35 103.68 45.91 -53.33
CA CYS J 35 104.33 47.00 -54.03
C CYS J 35 104.99 47.96 -53.04
N THR J 36 106.26 48.28 -53.30
CA THR J 36 107.06 49.13 -52.42
C THR J 36 107.18 50.56 -52.92
N ASP J 37 106.41 50.94 -53.93
CA ASP J 37 106.41 52.30 -54.43
C ASP J 37 105.58 53.19 -53.52
N PRO J 38 105.68 54.51 -53.67
CA PRO J 38 104.72 55.39 -53.00
C PRO J 38 103.28 55.23 -53.49
N ASP J 39 103.09 54.61 -54.67
CA ASP J 39 101.74 54.39 -55.19
C ASP J 39 100.89 53.53 -54.26
N SER J 40 101.48 52.47 -53.71
CA SER J 40 100.77 51.60 -52.80
C SER J 40 101.09 52.00 -51.35
N THR J 41 100.05 51.97 -50.54
CA THR J 41 100.14 52.10 -49.10
C THR J 41 99.40 50.91 -48.50
N LEU J 42 99.54 50.72 -47.18
CA LEU J 42 98.79 49.64 -46.55
C LEU J 42 97.29 49.83 -46.76
N SER J 43 96.82 51.08 -46.79
CA SER J 43 95.39 51.32 -46.94
C SER J 43 94.92 50.97 -48.35
N ALA J 44 95.73 51.25 -49.37
CA ALA J 44 95.37 50.96 -50.76
C ALA J 44 96.59 50.36 -51.45
N PRO J 45 96.81 49.06 -51.27
CA PRO J 45 98.07 48.44 -51.72
C PRO J 45 98.02 47.94 -53.15
N GLY J 46 99.20 47.67 -53.68
CA GLY J 46 99.38 46.89 -54.88
C GLY J 46 99.95 45.53 -54.49
N LEU J 47 99.36 44.48 -55.04
CA LEU J 47 99.62 43.14 -54.51
C LEU J 47 99.77 42.13 -55.63
N ILE J 48 100.54 41.08 -55.36
CA ILE J 48 100.66 39.95 -56.28
C ILE J 48 100.55 38.66 -55.46
N ASN J 49 99.86 37.68 -56.03
CA ASN J 49 99.67 36.37 -55.41
C ASN J 49 99.87 35.29 -56.46
N ALA J 50 100.58 34.23 -56.09
CA ALA J 50 100.85 33.11 -57.00
C ALA J 50 100.72 31.79 -56.27
N LYS J 51 99.93 30.88 -56.82
CA LYS J 51 99.57 29.61 -56.19
C LYS J 51 99.77 28.47 -57.16
N PHE J 52 100.01 27.28 -56.60
CA PHE J 52 100.23 26.05 -57.36
C PHE J 52 99.28 24.97 -56.87
N ASP J 53 98.31 24.61 -57.70
CA ASP J 53 97.45 23.45 -57.46
C ASP J 53 98.09 22.26 -58.16
N ILE J 54 98.88 21.51 -57.40
CA ILE J 54 99.62 20.35 -57.92
C ILE J 54 98.94 19.10 -57.40
N LYS J 55 98.45 18.27 -58.32
CA LYS J 55 97.76 17.06 -57.94
C LYS J 55 98.77 16.00 -57.50
N ALA J 56 98.26 14.98 -56.81
CA ALA J 56 99.11 13.89 -56.35
C ALA J 56 99.83 13.25 -57.53
N PRO J 57 101.06 12.76 -57.34
CA PRO J 57 101.82 12.23 -58.48
C PRO J 57 101.19 11.02 -59.14
N GLY J 58 100.47 10.19 -58.39
CA GLY J 58 99.78 9.07 -59.01
C GLY J 58 98.61 9.50 -59.89
N ILE J 59 97.86 10.51 -59.43
CA ILE J 59 96.64 10.93 -60.11
C ILE J 59 96.99 11.69 -61.38
N THR J 60 96.26 11.41 -62.46
CA THR J 60 96.31 12.23 -63.66
C THR J 60 95.22 13.29 -63.62
N GLY J 61 95.60 14.51 -63.95
CA GLY J 61 94.65 15.60 -64.05
C GLY J 61 95.36 16.74 -64.75
N ASN J 62 94.97 17.96 -64.41
CA ASN J 62 95.69 19.15 -64.83
C ASN J 62 96.33 19.77 -63.59
N ASP J 63 97.61 20.11 -63.70
CA ASP J 63 98.24 20.99 -62.73
C ASP J 63 97.84 22.43 -63.05
N ARG J 64 97.73 23.26 -62.00
CA ARG J 64 97.22 24.61 -62.19
C ARG J 64 98.11 25.65 -61.52
N ILE J 65 98.21 26.81 -62.17
CA ILE J 65 98.88 27.98 -61.65
C ILE J 65 97.86 29.10 -61.54
N HIS J 66 97.79 29.75 -60.38
CA HIS J 66 96.87 30.87 -60.17
C HIS J 66 97.68 32.11 -59.83
N ALA J 67 97.59 33.14 -60.66
CA ALA J 67 98.27 34.40 -60.43
C ALA J 67 97.26 35.52 -60.36
N ASN J 68 97.56 36.52 -59.52
CA ASN J 68 96.65 37.63 -59.31
C ASN J 68 97.48 38.89 -59.06
N LEU J 69 97.26 39.92 -59.88
CA LEU J 69 97.92 41.21 -59.74
C LEU J 69 96.85 42.26 -59.50
N ARG J 70 96.90 42.90 -58.33
CA ARG J 70 95.84 43.78 -57.84
C ARG J 70 96.40 45.17 -57.58
N LYS J 71 95.53 46.17 -57.76
CA LYS J 71 95.77 47.52 -57.26
C LYS J 71 94.49 48.02 -56.61
N VAL J 72 94.56 48.37 -55.34
CA VAL J 72 93.43 48.92 -54.61
C VAL J 72 93.44 50.43 -54.76
N VAL J 73 92.26 51.03 -54.89
CA VAL J 73 92.13 52.47 -54.98
C VAL J 73 91.02 52.92 -54.04
N LEU J 74 91.19 54.10 -53.47
CA LEU J 74 90.23 54.67 -52.53
C LEU J 74 89.39 55.73 -53.23
N ASP J 75 88.09 55.73 -52.95
CA ASP J 75 87.22 56.78 -53.46
C ASP J 75 87.58 58.12 -52.83
N GLU J 76 87.64 59.17 -53.67
CA GLU J 76 87.94 60.49 -53.15
C GLU J 76 86.92 60.91 -52.10
N LYS J 77 85.63 60.69 -52.40
CA LYS J 77 84.59 61.19 -51.50
C LYS J 77 84.39 60.28 -50.28
N THR J 78 84.34 58.96 -50.47
CA THR J 78 83.99 58.06 -49.36
C THR J 78 85.17 57.30 -48.77
N ASN J 79 86.34 57.36 -49.39
CA ASN J 79 87.52 56.57 -48.99
C ASN J 79 87.22 55.07 -48.95
N LEU J 80 86.13 54.64 -49.55
CA LEU J 80 85.83 53.22 -49.67
C LEU J 80 86.74 52.60 -50.73
N PRO J 81 87.28 51.43 -50.46
CA PRO J 81 88.23 50.83 -51.40
C PRO J 81 87.54 49.98 -52.45
N SER J 82 87.88 50.18 -53.71
CA SER J 82 87.55 49.22 -54.74
C SER J 82 88.84 48.86 -55.46
N THR J 83 88.90 47.63 -55.94
CA THR J 83 90.15 47.08 -56.43
C THR J 83 90.03 46.68 -57.89
N GLY J 84 91.14 46.83 -58.61
CA GLY J 84 91.22 46.40 -60.00
C GLY J 84 92.30 45.34 -60.14
N SER J 85 92.02 44.32 -60.96
CA SER J 85 92.89 43.15 -60.91
C SER J 85 92.99 42.44 -62.25
N VAL J 86 94.14 41.82 -62.49
CA VAL J 86 94.33 40.87 -63.58
C VAL J 86 94.67 39.52 -62.96
N THR J 87 93.84 38.51 -63.22
CA THR J 87 94.06 37.16 -62.73
C THR J 87 94.31 36.22 -63.91
N ILE J 88 95.15 35.23 -63.66
CA ILE J 88 95.63 34.31 -64.70
C ILE J 88 95.57 32.90 -64.15
N GLN J 89 95.05 31.97 -64.94
CA GLN J 89 95.01 30.57 -64.54
C GLN J 89 95.64 29.76 -65.67
N VAL J 90 96.70 29.03 -65.35
CA VAL J 90 97.40 28.19 -66.31
C VAL J 90 97.07 26.75 -65.96
N SER J 91 96.47 26.02 -66.90
CA SER J 91 96.10 24.62 -66.71
C SER J 91 96.96 23.78 -67.64
N ILE J 92 97.88 23.02 -67.06
CA ILE J 92 98.88 22.22 -67.76
C ILE J 92 98.51 20.75 -67.61
N PRO J 93 98.25 20.03 -68.69
CA PRO J 93 97.93 18.60 -68.57
C PRO J 93 99.14 17.72 -68.29
N ARG J 94 98.89 16.62 -67.60
CA ARG J 94 99.92 15.67 -67.19
C ARG J 94 100.19 14.58 -68.22
N ASN J 95 99.87 14.82 -69.48
CA ASN J 95 100.13 13.88 -70.57
C ASN J 95 101.46 14.25 -71.24
N PRO J 96 102.38 13.30 -71.42
CA PRO J 96 103.65 13.63 -72.10
C PRO J 96 103.47 14.24 -73.48
N ALA J 97 102.28 14.14 -74.07
CA ALA J 97 102.01 14.80 -75.34
C ALA J 97 101.96 16.32 -75.20
N TRP J 98 102.01 16.85 -73.98
CA TRP J 98 102.12 18.27 -73.71
C TRP J 98 103.50 18.55 -73.12
N ASN J 99 104.03 19.74 -73.37
CA ASN J 99 105.32 20.06 -72.81
C ASN J 99 105.44 21.55 -72.49
N ALA J 100 106.58 21.87 -71.86
CA ALA J 100 106.78 23.24 -71.39
C ALA J 100 106.83 24.22 -72.55
N SER J 101 107.29 23.79 -73.72
CA SER J 101 107.30 24.69 -74.86
C SER J 101 105.88 25.13 -75.20
N MET J 102 104.90 24.22 -75.05
CA MET J 102 103.52 24.57 -75.32
C MET J 102 102.95 25.46 -74.22
N THR J 103 103.30 25.18 -72.96
CA THR J 103 102.91 26.09 -71.88
C THR J 103 103.41 27.52 -72.15
N VAL J 104 104.69 27.63 -72.49
CA VAL J 104 105.29 28.94 -72.75
C VAL J 104 104.64 29.58 -73.97
N SER J 105 104.33 28.78 -74.99
CA SER J 105 103.70 29.32 -76.18
C SER J 105 102.36 29.96 -75.85
N LEU J 106 101.54 29.28 -75.04
CA LEU J 106 100.28 29.89 -74.63
C LEU J 106 100.51 31.17 -73.84
N LEU J 107 101.49 31.16 -72.93
CA LEU J 107 101.78 32.37 -72.16
C LEU J 107 102.16 33.53 -73.08
N LYS J 108 103.05 33.27 -74.05
CA LYS J 108 103.50 34.32 -74.96
C LYS J 108 102.36 34.84 -75.82
N GLN J 109 101.48 33.95 -76.28
CA GLN J 109 100.37 34.39 -77.12
C GLN J 109 99.40 35.24 -76.31
N ALA J 110 99.10 34.84 -75.08
CA ALA J 110 98.24 35.64 -74.23
C ALA J 110 98.86 37.02 -73.99
N ALA J 111 100.17 37.06 -73.75
CA ALA J 111 100.85 38.33 -73.57
C ALA J 111 100.71 39.21 -74.80
N ASP J 112 100.96 38.65 -75.99
CA ASP J 112 100.81 39.41 -77.22
C ASP J 112 99.39 39.94 -77.38
N TYR J 113 98.38 39.10 -77.11
CA TYR J 113 97.02 39.46 -77.49
C TYR J 113 96.36 40.38 -76.46
N LEU J 114 96.72 40.31 -75.19
CA LEU J 114 96.09 41.16 -74.19
C LEU J 114 96.96 42.29 -73.67
N ALA J 115 98.28 42.17 -73.76
CA ALA J 115 99.17 43.24 -73.35
C ALA J 115 99.95 43.85 -74.49
N GLY J 116 100.04 43.16 -75.63
CA GLY J 116 100.76 43.68 -76.77
C GLY J 116 102.24 43.82 -76.50
N THR J 117 102.87 42.75 -76.01
CA THR J 117 104.28 42.79 -75.63
C THR J 117 105.13 41.69 -76.26
N SER J 118 104.62 40.97 -77.24
CA SER J 118 105.38 39.93 -77.91
C SER J 118 106.71 40.45 -78.47
N ALA J 119 107.64 39.52 -78.69
CA ALA J 119 108.88 39.81 -79.38
C ALA J 119 108.63 40.09 -80.86
N THR J 120 109.55 40.83 -81.47
CA THR J 120 109.37 41.20 -82.87
C THR J 120 109.58 39.98 -83.76
N VAL J 121 108.59 39.69 -84.60
CA VAL J 121 108.58 38.57 -85.53
C VAL J 121 107.84 39.02 -86.78
N SER J 122 108.45 38.81 -87.95
CA SER J 122 107.87 39.37 -89.16
C SER J 122 106.52 38.74 -89.45
N GLY J 123 105.55 39.58 -89.80
CA GLY J 123 104.20 39.12 -90.07
C GLY J 123 103.28 39.13 -88.87
N GLN J 124 103.77 39.48 -87.69
CA GLN J 124 102.92 39.59 -86.51
C GLN J 124 101.96 40.76 -86.65
N THR J 125 100.76 40.59 -86.13
CA THR J 125 99.85 41.72 -86.07
C THR J 125 100.34 42.73 -85.03
N ASP J 126 100.09 44.01 -85.31
CA ASP J 126 100.52 45.09 -84.42
C ASP J 126 99.57 45.13 -83.24
N THR J 127 100.01 44.53 -82.14
CA THR J 127 99.21 44.39 -80.94
C THR J 127 99.44 45.52 -79.94
N SER J 128 100.18 46.55 -80.34
CA SER J 128 100.57 47.59 -79.40
C SER J 128 99.36 48.32 -78.81
N GLY J 129 98.31 48.54 -79.61
CA GLY J 129 97.14 49.24 -79.13
C GLY J 129 96.10 48.38 -78.48
N PHE J 130 96.31 47.07 -78.51
CA PHE J 130 95.32 46.16 -77.93
C PHE J 130 95.08 46.39 -76.45
N PRO J 131 96.10 46.60 -75.60
CA PRO J 131 95.77 46.87 -74.18
C PRO J 131 94.89 48.09 -74.00
N ALA J 132 95.14 49.15 -74.78
CA ALA J 132 94.25 50.31 -74.75
C ALA J 132 92.82 49.91 -75.12
N LYS J 133 92.66 49.17 -76.22
CA LYS J 133 91.31 48.77 -76.62
C LYS J 133 90.64 47.91 -75.56
N TRP J 134 91.38 46.99 -74.94
CA TRP J 134 90.81 46.16 -73.90
C TRP J 134 90.35 47.01 -72.72
N ALA J 135 91.22 47.93 -72.27
CA ALA J 135 90.86 48.83 -71.18
C ALA J 135 89.67 49.70 -71.52
N GLY J 136 89.34 49.84 -72.80
CA GLY J 136 88.11 50.47 -73.20
C GLY J 136 86.93 49.55 -73.40
N LEU J 137 87.05 48.27 -73.05
CA LEU J 137 86.05 47.24 -73.35
C LEU J 137 85.69 47.21 -74.83
N MET J 138 86.72 47.11 -75.67
CA MET J 138 86.58 47.02 -77.12
C MET J 138 87.41 45.86 -77.62
N PHE J 139 86.83 45.02 -78.45
CA PHE J 139 87.60 43.93 -79.02
C PHE J 139 88.62 44.50 -80.01
N PRO J 140 89.87 44.03 -79.97
CA PRO J 140 90.90 44.46 -80.92
C PRO J 140 90.49 44.17 -82.36
N ALA K 1 116.24 25.81 -45.59
CA ALA K 1 116.52 24.59 -46.35
C ALA K 1 117.42 24.87 -47.54
N ALA K 2 118.17 23.86 -47.97
CA ALA K 2 119.08 24.03 -49.10
C ALA K 2 118.28 24.31 -50.36
N PRO K 3 118.67 25.32 -51.16
CA PRO K 3 117.89 25.65 -52.36
C PRO K 3 118.00 24.61 -53.46
N SER K 4 119.03 23.77 -53.45
CA SER K 4 119.18 22.76 -54.47
C SER K 4 120.06 21.64 -53.93
N LEU K 5 119.94 20.46 -54.54
CA LEU K 5 120.60 19.25 -54.08
C LEU K 5 121.10 18.47 -55.28
N ALA K 6 122.26 17.83 -55.12
CA ALA K 6 122.81 16.92 -56.10
C ALA K 6 123.05 15.60 -55.38
N LEU K 7 122.08 14.70 -55.44
CA LEU K 7 122.14 13.45 -54.70
C LEU K 7 122.67 12.35 -55.59
N VAL K 8 123.23 11.31 -54.99
CA VAL K 8 123.77 10.18 -55.74
C VAL K 8 122.71 9.09 -55.83
N GLY K 9 122.43 8.63 -57.04
CA GLY K 9 121.58 7.49 -57.28
C GLY K 9 122.24 6.55 -58.25
N ALA K 10 121.46 5.73 -58.95
CA ALA K 10 122.00 4.73 -59.86
C ALA K 10 121.37 4.86 -61.23
N ASN K 11 122.18 4.73 -62.28
CA ASN K 11 121.69 4.73 -63.65
C ASN K 11 121.13 3.34 -63.97
N SER K 12 120.83 3.10 -65.25
CA SER K 12 120.30 1.81 -65.65
C SER K 12 121.29 0.67 -65.40
N THR K 13 122.58 0.99 -65.27
CA THR K 13 123.62 0.01 -65.03
C THR K 13 124.00 -0.08 -63.55
N LEU K 14 123.35 0.70 -62.70
CA LEU K 14 123.62 0.79 -61.27
C LEU K 14 124.92 1.51 -60.96
N ALA K 15 125.46 2.26 -61.92
CA ALA K 15 126.60 3.12 -61.65
C ALA K 15 126.15 4.39 -60.93
N SER K 16 127.00 4.88 -60.03
CA SER K 16 126.65 6.07 -59.28
C SER K 16 126.51 7.26 -60.22
N THR K 17 125.35 7.91 -60.18
CA THR K 17 125.01 9.01 -61.08
C THR K 17 124.36 10.12 -60.27
N LEU K 18 124.65 11.37 -60.60
CA LEU K 18 123.98 12.46 -59.91
C LEU K 18 122.53 12.59 -60.37
N VAL K 19 121.70 13.03 -59.43
CA VAL K 19 120.29 13.34 -59.64
C VAL K 19 120.02 14.68 -58.98
N ASN K 20 119.54 15.62 -59.76
CA ASN K 20 119.51 17.03 -59.37
C ASN K 20 118.10 17.43 -58.96
N TYR K 21 117.97 17.93 -57.74
CA TYR K 21 116.71 18.43 -57.22
C TYR K 21 116.84 19.91 -56.91
N SER K 22 115.73 20.63 -57.02
CA SER K 22 115.65 22.03 -56.66
C SER K 22 114.45 22.25 -55.74
N LEU K 23 114.60 23.21 -54.83
CA LEU K 23 113.58 23.46 -53.82
C LEU K 23 112.39 24.19 -54.42
N ARG K 24 111.23 23.53 -54.41
CA ARG K 24 110.04 24.14 -54.98
C ARG K 24 109.40 25.13 -54.01
N SER K 25 109.17 24.72 -52.77
CA SER K 25 108.58 25.60 -51.77
C SER K 25 108.88 25.06 -50.37
N GLN K 26 108.49 25.82 -49.36
CA GLN K 26 108.60 25.42 -47.96
C GLN K 26 107.36 25.85 -47.22
N ASN K 27 106.60 24.88 -46.70
CA ASN K 27 105.38 25.05 -45.92
C ASN K 27 105.70 24.84 -44.44
N GLY K 28 104.66 24.75 -43.62
CA GLY K 28 104.80 24.47 -42.21
C GLY K 28 105.49 23.15 -41.97
N ASN K 29 106.72 23.24 -41.46
CA ASN K 29 107.51 22.08 -41.04
C ASN K 29 107.66 21.06 -42.17
N ASN K 30 107.85 21.54 -43.40
CA ASN K 30 108.04 20.61 -44.51
C ASN K 30 108.83 21.30 -45.62
N VAL K 31 109.26 20.50 -46.58
CA VAL K 31 110.13 20.93 -47.67
C VAL K 31 109.80 20.07 -48.88
N ASP K 32 109.69 20.71 -50.05
CA ASP K 32 109.31 20.06 -51.29
C ASP K 32 110.37 20.32 -52.36
N TYR K 33 111.01 19.26 -52.85
CA TYR K 33 112.01 19.33 -53.90
C TYR K 33 111.51 18.61 -55.15
N VAL K 34 111.96 19.09 -56.31
CA VAL K 34 111.57 18.56 -57.62
C VAL K 34 112.84 18.27 -58.41
N CYS K 35 112.82 17.17 -59.17
CA CYS K 35 113.97 16.80 -59.98
C CYS K 35 114.04 17.68 -61.22
N THR K 36 115.22 18.22 -61.51
CA THR K 36 115.45 19.15 -62.60
C THR K 36 116.17 18.50 -63.79
N ASP K 37 116.36 17.20 -63.77
CA ASP K 37 116.99 16.50 -64.86
C ASP K 37 116.04 16.45 -66.05
N PRO K 38 116.53 16.08 -67.24
CA PRO K 38 115.62 15.95 -68.38
C PRO K 38 114.63 14.81 -68.26
N ASP K 39 114.98 13.73 -67.55
CA ASP K 39 114.09 12.56 -67.49
C ASP K 39 112.84 12.79 -66.65
N SER K 40 112.81 13.82 -65.81
CA SER K 40 111.63 14.15 -65.03
C SER K 40 110.89 15.30 -65.68
N THR K 41 109.59 15.13 -65.87
CA THR K 41 108.69 16.12 -66.42
C THR K 41 107.44 16.12 -65.56
N LEU K 42 106.54 17.08 -65.81
CA LEU K 42 105.31 17.14 -65.01
C LEU K 42 104.48 15.88 -65.19
N SER K 43 104.59 15.24 -66.36
CA SER K 43 103.86 13.99 -66.60
C SER K 43 104.39 12.87 -65.71
N ALA K 44 105.70 12.82 -65.51
CA ALA K 44 106.33 11.76 -64.70
C ALA K 44 107.51 12.35 -63.93
N PRO K 45 107.23 13.03 -62.82
CA PRO K 45 108.28 13.77 -62.10
C PRO K 45 109.03 12.91 -61.10
N GLY K 46 110.15 13.46 -60.63
CA GLY K 46 110.84 12.96 -59.45
C GLY K 46 110.70 13.98 -58.33
N LEU K 47 110.38 13.48 -57.13
CA LEU K 47 109.99 14.38 -56.04
C LEU K 47 110.64 13.93 -54.73
N ILE K 48 110.92 14.90 -53.87
CA ILE K 48 111.36 14.61 -52.50
C ILE K 48 110.59 15.52 -51.55
N ASN K 49 110.15 14.96 -50.42
CA ASN K 49 109.32 15.66 -49.47
C ASN K 49 109.76 15.33 -48.06
N ALA K 50 109.85 16.35 -47.20
CA ALA K 50 110.27 16.13 -45.82
C ALA K 50 109.39 16.93 -44.87
N LYS K 51 109.10 16.36 -43.71
CA LYS K 51 108.19 16.97 -42.74
C LYS K 51 108.64 16.64 -41.33
N PHE K 52 108.45 17.59 -40.41
CA PHE K 52 108.70 17.37 -39.00
C PHE K 52 107.39 17.39 -38.21
N ASP K 53 107.17 16.35 -37.41
CA ASP K 53 106.14 16.35 -36.38
C ASP K 53 106.87 16.59 -35.06
N ILE K 54 106.77 17.82 -34.55
CA ILE K 54 107.55 18.26 -33.40
C ILE K 54 106.63 18.37 -32.20
N LYS K 55 106.92 17.60 -31.16
CA LYS K 55 106.08 17.63 -29.98
C LYS K 55 106.51 18.79 -29.06
N ALA K 56 105.63 19.10 -28.11
CA ALA K 56 105.83 20.26 -27.25
C ALA K 56 107.12 20.13 -26.45
N PRO K 57 107.65 21.26 -25.95
CA PRO K 57 108.88 21.20 -25.15
C PRO K 57 108.68 20.31 -23.92
N GLY K 58 109.74 19.61 -23.55
CA GLY K 58 109.73 18.66 -22.47
C GLY K 58 110.56 17.46 -22.85
N ILE K 59 110.54 16.44 -21.99
CA ILE K 59 111.25 15.22 -22.28
C ILE K 59 110.31 14.03 -22.48
N THR K 60 109.02 14.29 -22.62
CA THR K 60 108.03 13.22 -22.61
C THR K 60 107.85 12.56 -23.98
N GLY K 61 107.87 13.34 -25.05
CA GLY K 61 107.35 12.89 -26.32
C GLY K 61 108.32 12.11 -27.19
N ASN K 62 107.91 11.95 -28.45
CA ASN K 62 108.70 11.39 -29.54
C ASN K 62 108.54 12.30 -30.76
N ASP K 63 109.62 12.98 -31.14
CA ASP K 63 109.64 13.76 -32.37
C ASP K 63 109.70 12.82 -33.58
N ARG K 64 109.20 13.29 -34.72
CA ARG K 64 109.18 12.45 -35.92
C ARG K 64 109.61 13.23 -37.16
N ILE K 65 110.33 12.54 -38.04
CA ILE K 65 110.75 13.04 -39.34
C ILE K 65 110.13 12.14 -40.39
N HIS K 66 109.53 12.74 -41.41
CA HIS K 66 108.93 12.01 -42.52
C HIS K 66 109.60 12.44 -43.81
N ALA K 67 110.28 11.52 -44.48
CA ALA K 67 110.86 11.78 -45.78
C ALA K 67 110.22 10.88 -46.81
N ASN K 68 110.18 11.35 -48.06
CA ASN K 68 109.53 10.59 -49.12
C ASN K 68 110.21 10.93 -50.44
N LEU K 69 110.80 9.93 -51.08
CA LEU K 69 111.47 10.08 -52.36
C LEU K 69 110.70 9.27 -53.39
N ARG K 70 110.13 9.96 -54.38
CA ARG K 70 109.25 9.33 -55.35
C ARG K 70 109.76 9.56 -56.76
N LYS K 71 109.43 8.62 -57.65
CA LYS K 71 109.61 8.78 -59.09
C LYS K 71 108.41 8.18 -59.80
N VAL K 72 107.81 8.94 -60.70
CA VAL K 72 106.66 8.49 -61.48
C VAL K 72 107.15 7.96 -62.82
N VAL K 73 106.51 6.90 -63.31
CA VAL K 73 106.87 6.32 -64.59
C VAL K 73 105.57 6.08 -65.37
N LEU K 74 105.68 6.15 -66.69
CA LEU K 74 104.53 5.97 -67.58
C LEU K 74 104.66 4.64 -68.33
N ASP K 75 103.53 3.94 -68.46
CA ASP K 75 103.49 2.67 -69.19
C ASP K 75 103.82 2.90 -70.66
N GLU K 76 104.69 2.06 -71.22
CA GLU K 76 105.02 2.18 -72.64
C GLU K 76 103.80 1.95 -73.52
N LYS K 77 102.81 1.20 -73.03
CA LYS K 77 101.66 0.86 -73.86
C LYS K 77 100.54 1.87 -73.71
N THR K 78 100.35 2.41 -72.50
CA THR K 78 99.18 3.23 -72.20
C THR K 78 99.49 4.60 -71.63
N ASN K 79 100.76 4.94 -71.39
CA ASN K 79 101.14 6.18 -70.69
C ASN K 79 100.43 6.31 -69.34
N LEU K 80 100.06 5.19 -68.75
CA LEU K 80 99.45 5.33 -67.43
C LEU K 80 100.51 5.42 -66.35
N PRO K 81 100.33 6.35 -65.41
CA PRO K 81 101.36 6.59 -64.40
C PRO K 81 101.26 5.59 -63.27
N SER K 82 102.42 5.07 -62.85
CA SER K 82 102.55 4.44 -61.55
C SER K 82 103.83 4.96 -60.90
N THR K 83 103.84 5.01 -59.58
CA THR K 83 104.92 5.65 -58.85
C THR K 83 105.69 4.64 -58.02
N GLY K 84 107.01 4.81 -57.99
CA GLY K 84 107.86 4.08 -57.07
C GLY K 84 108.32 5.03 -55.99
N SER K 85 108.47 4.53 -54.76
CA SER K 85 108.78 5.44 -53.68
C SER K 85 109.55 4.75 -52.57
N VAL K 86 110.43 5.52 -51.93
CA VAL K 86 111.07 5.14 -50.68
C VAL K 86 110.68 6.18 -49.64
N THR K 87 109.94 5.76 -48.62
CA THR K 87 109.54 6.62 -47.54
C THR K 87 110.29 6.24 -46.27
N ILE K 88 110.57 7.24 -45.44
CA ILE K 88 111.38 7.09 -44.25
C ILE K 88 110.67 7.80 -43.10
N GLN K 89 110.64 7.15 -41.94
CA GLN K 89 110.12 7.78 -40.73
C GLN K 89 111.11 7.58 -39.60
N VAL K 90 111.61 8.68 -39.07
CA VAL K 90 112.54 8.69 -37.94
C VAL K 90 111.75 9.12 -36.71
N SER K 91 111.87 8.36 -35.64
CA SER K 91 111.21 8.68 -34.37
C SER K 91 112.30 8.82 -33.31
N ILE K 92 112.45 10.03 -32.78
CA ILE K 92 113.49 10.44 -31.85
C ILE K 92 112.83 10.70 -30.50
N PRO K 93 113.10 9.89 -29.48
CA PRO K 93 112.57 10.19 -28.14
C PRO K 93 113.25 11.39 -27.50
N ARG K 94 112.54 12.01 -26.58
CA ARG K 94 113.03 13.19 -25.88
C ARG K 94 113.58 12.86 -24.49
N ASN K 95 113.34 11.66 -23.98
CA ASN K 95 114.00 11.19 -22.77
C ASN K 95 115.51 11.39 -22.88
N PRO K 96 116.13 12.13 -21.96
CA PRO K 96 117.56 12.45 -22.10
C PRO K 96 118.46 11.24 -22.18
N ALA K 97 117.92 10.05 -21.99
CA ALA K 97 118.65 8.82 -22.20
C ALA K 97 118.87 8.49 -23.68
N TRP K 98 118.44 9.38 -24.59
CA TRP K 98 118.65 9.24 -26.02
C TRP K 98 119.60 10.34 -26.51
N ASN K 99 120.28 10.08 -27.62
CA ASN K 99 121.25 11.00 -28.17
C ASN K 99 121.04 11.23 -29.66
N ALA K 100 121.41 12.44 -30.09
CA ALA K 100 121.59 12.65 -31.51
C ALA K 100 122.55 11.63 -32.10
N SER K 101 123.54 11.19 -31.32
CA SER K 101 124.44 10.15 -31.79
C SER K 101 123.69 8.85 -32.07
N MET K 102 122.69 8.54 -31.24
CA MET K 102 121.92 7.32 -31.46
C MET K 102 121.02 7.46 -32.69
N THR K 103 120.43 8.65 -32.89
CA THR K 103 119.70 8.91 -34.12
C THR K 103 120.58 8.70 -35.34
N VAL K 104 121.77 9.31 -35.35
CA VAL K 104 122.66 9.20 -36.49
C VAL K 104 123.09 7.74 -36.69
N SER K 105 123.30 7.01 -35.59
CA SER K 105 123.70 5.62 -35.71
C SER K 105 122.63 4.79 -36.39
N LEU K 106 121.36 5.00 -36.01
CA LEU K 106 120.27 4.30 -36.69
C LEU K 106 120.22 4.67 -38.17
N LEU K 107 120.41 5.96 -38.48
CA LEU K 107 120.39 6.38 -39.89
C LEU K 107 121.49 5.67 -40.68
N LYS K 108 122.71 5.65 -40.13
CA LYS K 108 123.83 5.03 -40.82
C LYS K 108 123.61 3.53 -40.99
N GLN K 109 123.04 2.87 -39.98
CA GLN K 109 122.79 1.43 -40.07
C GLN K 109 121.74 1.13 -41.13
N ALA K 110 120.66 1.90 -41.16
CA ALA K 110 119.65 1.72 -42.19
C ALA K 110 120.24 1.94 -43.57
N ALA K 111 121.11 2.94 -43.71
CA ALA K 111 121.76 3.20 -44.99
C ALA K 111 122.61 2.00 -45.41
N ASP K 112 123.44 1.49 -44.49
CA ASP K 112 124.24 0.31 -44.79
C ASP K 112 123.37 -0.89 -45.17
N TYR K 113 122.26 -1.11 -44.46
CA TYR K 113 121.54 -2.36 -44.63
C TYR K 113 120.58 -2.34 -45.81
N LEU K 114 120.05 -1.18 -46.20
CA LEU K 114 119.14 -1.13 -47.33
C LEU K 114 119.70 -0.49 -48.58
N ALA K 115 120.75 0.33 -48.46
CA ALA K 115 121.40 0.91 -49.62
C ALA K 115 122.85 0.46 -49.80
N GLY K 116 123.47 -0.11 -48.78
CA GLY K 116 124.85 -0.55 -48.88
C GLY K 116 125.81 0.59 -49.15
N THR K 117 125.74 1.66 -48.35
CA THR K 117 126.53 2.86 -48.58
C THR K 117 127.38 3.27 -47.38
N SER K 118 127.42 2.46 -46.32
CA SER K 118 128.16 2.84 -45.12
C SER K 118 129.64 3.07 -45.39
N ALA K 119 130.29 3.78 -44.46
CA ALA K 119 131.73 3.98 -44.49
C ALA K 119 132.45 2.66 -44.22
N THR K 120 133.77 2.68 -44.40
CA THR K 120 134.57 1.47 -44.30
C THR K 120 135.07 1.28 -42.86
N VAL K 121 134.79 0.10 -42.30
CA VAL K 121 135.26 -0.30 -40.97
C VAL K 121 135.74 -1.75 -41.10
N SER K 122 136.61 -2.15 -40.16
CA SER K 122 137.34 -3.41 -40.29
C SER K 122 136.41 -4.58 -40.57
N GLY K 123 135.58 -4.95 -39.62
CA GLY K 123 134.87 -6.20 -39.74
C GLY K 123 133.50 -6.11 -40.37
N GLN K 124 133.27 -5.08 -41.19
CA GLN K 124 131.91 -4.81 -41.62
C GLN K 124 131.49 -5.87 -42.62
N THR K 125 130.19 -6.17 -42.66
CA THR K 125 129.74 -7.10 -43.69
C THR K 125 129.56 -6.36 -45.01
N ASP K 126 129.79 -7.10 -46.09
CA ASP K 126 129.71 -6.54 -47.43
C ASP K 126 128.25 -6.35 -47.80
N THR K 127 127.83 -5.10 -47.88
CA THR K 127 126.44 -4.73 -48.13
C THR K 127 126.24 -4.13 -49.51
N SER K 128 127.26 -4.22 -50.39
CA SER K 128 127.16 -3.58 -51.69
C SER K 128 126.02 -4.19 -52.52
N GLY K 129 125.79 -5.49 -52.40
CA GLY K 129 124.76 -6.15 -53.18
C GLY K 129 123.39 -6.14 -52.57
N PHE K 130 123.29 -5.63 -51.33
CA PHE K 130 122.00 -5.62 -50.65
C PHE K 130 120.93 -4.81 -51.37
N PRO K 131 121.20 -3.61 -51.90
CA PRO K 131 120.13 -2.92 -52.63
C PRO K 131 119.61 -3.72 -53.82
N ALA K 132 120.50 -4.41 -54.54
CA ALA K 132 120.05 -5.29 -55.62
C ALA K 132 119.15 -6.39 -55.09
N LYS K 133 119.57 -7.04 -54.00
CA LYS K 133 118.75 -8.13 -53.45
C LYS K 133 117.39 -7.61 -52.98
N TRP K 134 117.35 -6.42 -52.38
CA TRP K 134 116.08 -5.85 -51.97
C TRP K 134 115.19 -5.60 -53.19
N ALA K 135 115.75 -4.93 -54.21
CA ALA K 135 114.98 -4.64 -55.42
C ALA K 135 114.49 -5.89 -56.11
N GLY K 136 115.11 -7.03 -55.84
CA GLY K 136 114.58 -8.30 -56.28
C GLY K 136 113.58 -8.94 -55.32
N LEU K 137 113.21 -8.24 -54.25
CA LEU K 137 112.35 -8.77 -53.19
C LEU K 137 112.90 -10.06 -52.61
N MET K 138 114.16 -10.01 -52.20
CA MET K 138 114.76 -11.10 -51.43
C MET K 138 115.63 -10.53 -50.32
N PHE K 139 115.66 -11.24 -49.21
CA PHE K 139 116.40 -10.77 -48.05
C PHE K 139 117.91 -10.90 -48.29
N PRO K 140 118.70 -9.95 -47.80
CA PRO K 140 120.16 -10.04 -47.78
C PRO K 140 120.61 -11.25 -46.97
N ALA L 1 110.78 34.50 -46.61
CA ALA L 1 111.56 35.02 -45.50
C ALA L 1 113.01 34.56 -45.56
N ALA L 2 113.87 35.18 -44.75
CA ALA L 2 115.27 34.82 -44.73
C ALA L 2 115.45 33.38 -44.23
N PRO L 3 116.28 32.58 -44.90
CA PRO L 3 116.42 31.18 -44.50
C PRO L 3 117.19 30.99 -43.21
N SER L 4 117.98 31.99 -42.80
CA SER L 4 118.78 31.86 -41.58
C SER L 4 119.11 33.26 -41.07
N LEU L 5 119.34 33.34 -39.75
CA LEU L 5 119.57 34.60 -39.06
C LEU L 5 120.69 34.43 -38.06
N ALA L 6 121.50 35.47 -37.92
CA ALA L 6 122.54 35.55 -36.89
C ALA L 6 122.22 36.79 -36.04
N LEU L 7 121.41 36.60 -35.01
CA LEU L 7 121.01 37.72 -34.17
C LEU L 7 122.01 37.92 -33.05
N VAL L 8 122.05 39.12 -32.48
CA VAL L 8 122.96 39.43 -31.38
C VAL L 8 122.19 39.33 -30.06
N GLY L 9 122.70 38.51 -29.15
CA GLY L 9 122.22 38.39 -27.79
C GLY L 9 123.38 38.55 -26.83
N ALA L 10 123.21 37.96 -25.64
CA ALA L 10 124.18 38.07 -24.58
C ALA L 10 124.46 36.70 -23.98
N ASN L 11 125.74 36.44 -23.70
CA ASN L 11 126.13 35.22 -23.01
C ASN L 11 125.98 35.42 -21.51
N SER L 12 126.54 34.50 -20.73
CA SER L 12 126.45 34.61 -19.27
C SER L 12 127.17 35.84 -18.74
N THR L 13 128.17 36.34 -19.47
CA THR L 13 128.90 37.54 -19.10
C THR L 13 128.16 38.82 -19.51
N LEU L 14 127.06 38.70 -20.25
CA LEU L 14 126.36 39.79 -20.94
C LEU L 14 127.16 40.35 -22.10
N ALA L 15 128.22 39.68 -22.53
CA ALA L 15 128.95 40.10 -23.72
C ALA L 15 128.14 39.78 -24.97
N SER L 16 128.27 40.64 -25.98
CA SER L 16 127.50 40.47 -27.22
C SER L 16 127.94 39.20 -27.93
N THR L 17 127.01 38.27 -28.11
CA THR L 17 127.29 36.96 -28.68
C THR L 17 126.26 36.66 -29.77
N LEU L 18 126.70 35.99 -30.84
CA LEU L 18 125.74 35.60 -31.87
C LEU L 18 124.90 34.42 -31.41
N VAL L 19 123.61 34.47 -31.77
CA VAL L 19 122.67 33.38 -31.61
C VAL L 19 122.04 33.11 -32.96
N ASN L 20 122.11 31.86 -33.40
CA ASN L 20 121.88 31.48 -34.79
C ASN L 20 120.55 30.75 -34.92
N TYR L 21 119.73 31.19 -35.86
CA TYR L 21 118.43 30.59 -36.13
C TYR L 21 118.37 30.17 -37.59
N SER L 22 117.65 29.07 -37.86
CA SER L 22 117.33 28.68 -39.23
C SER L 22 115.82 28.60 -39.39
N LEU L 23 115.37 28.87 -40.61
CA LEU L 23 113.95 28.91 -40.94
C LEU L 23 113.42 27.49 -41.01
N ARG L 24 112.67 27.09 -39.99
CA ARG L 24 112.07 25.77 -39.97
C ARG L 24 110.71 25.72 -40.67
N SER L 25 109.83 26.70 -40.46
CA SER L 25 108.57 26.64 -41.19
C SER L 25 108.09 28.05 -41.55
N GLN L 26 107.23 28.10 -42.56
CA GLN L 26 106.56 29.33 -42.95
C GLN L 26 105.22 28.92 -43.55
N ASN L 27 104.14 29.45 -42.98
CA ASN L 27 102.79 29.02 -43.33
C ASN L 27 101.81 30.11 -42.96
N GLY L 28 100.97 30.50 -43.91
CA GLY L 28 99.85 31.39 -43.64
C GLY L 28 100.24 32.66 -42.94
N ASN L 29 101.08 33.46 -43.61
CA ASN L 29 101.63 34.68 -43.03
C ASN L 29 102.17 34.42 -41.63
N ASN L 30 102.87 33.32 -41.48
CA ASN L 30 103.45 32.96 -40.20
C ASN L 30 104.84 32.39 -40.49
N VAL L 31 105.80 32.73 -39.64
CA VAL L 31 107.20 32.36 -39.86
C VAL L 31 107.79 31.87 -38.55
N ASP L 32 108.42 30.68 -38.58
CA ASP L 32 108.94 30.02 -37.38
C ASP L 32 110.39 29.60 -37.60
N TYR L 33 111.28 30.12 -36.74
CA TYR L 33 112.70 29.83 -36.73
C TYR L 33 113.06 29.00 -35.51
N VAL L 34 114.10 28.19 -35.64
CA VAL L 34 114.64 27.42 -34.52
C VAL L 34 116.12 27.72 -34.36
N CYS L 35 116.59 27.69 -33.11
CA CYS L 35 117.97 28.01 -32.81
C CYS L 35 118.87 26.82 -33.10
N THR L 36 119.95 27.06 -33.84
CA THR L 36 120.86 26.01 -34.31
C THR L 36 122.04 25.81 -33.37
N ASP L 37 122.14 26.58 -32.31
CA ASP L 37 123.29 26.52 -31.41
C ASP L 37 123.19 25.30 -30.51
N PRO L 38 124.27 24.98 -29.80
CA PRO L 38 124.20 23.83 -28.87
C PRO L 38 123.28 24.07 -27.69
N ASP L 39 123.06 25.32 -27.28
CA ASP L 39 122.22 25.57 -26.11
C ASP L 39 120.74 25.29 -26.35
N SER L 40 120.31 25.15 -27.60
CA SER L 40 118.94 24.74 -27.90
C SER L 40 118.97 23.26 -28.26
N THR L 41 118.29 22.46 -27.45
CA THR L 41 118.11 21.04 -27.69
C THR L 41 116.68 20.79 -28.14
N LEU L 42 116.40 19.53 -28.52
CA LEU L 42 115.04 19.16 -28.85
C LEU L 42 114.13 19.35 -27.66
N SER L 43 114.61 19.00 -26.47
CA SER L 43 113.75 19.02 -25.31
C SER L 43 113.55 20.44 -24.80
N ALA L 44 114.57 21.28 -24.94
CA ALA L 44 114.56 22.66 -24.48
C ALA L 44 115.11 23.56 -25.57
N PRO L 45 114.27 23.95 -26.54
CA PRO L 45 114.79 24.66 -27.72
C PRO L 45 114.73 26.18 -27.54
N GLY L 46 115.35 26.87 -28.49
CA GLY L 46 115.18 28.29 -28.68
C GLY L 46 114.40 28.52 -29.96
N LEU L 47 113.39 29.39 -29.88
CA LEU L 47 112.42 29.48 -30.96
C LEU L 47 112.04 30.93 -31.25
N ILE L 48 111.66 31.20 -32.50
CA ILE L 48 111.15 32.50 -32.89
C ILE L 48 109.90 32.30 -33.73
N ASN L 49 108.91 33.17 -33.53
CA ASN L 49 107.62 33.14 -34.19
C ASN L 49 107.26 34.55 -34.65
N ALA L 50 106.64 34.67 -35.82
CA ALA L 50 106.23 35.98 -36.33
C ALA L 50 105.00 35.85 -37.22
N LYS L 51 103.92 36.58 -36.88
CA LYS L 51 102.63 36.53 -37.53
C LYS L 51 102.22 37.90 -38.05
N PHE L 52 101.41 37.90 -39.10
CA PHE L 52 100.81 39.11 -39.67
C PHE L 52 99.29 38.98 -39.66
N ASP L 53 98.64 39.85 -38.89
CA ASP L 53 97.19 40.06 -39.02
C ASP L 53 97.02 41.22 -39.99
N ILE L 54 96.75 40.91 -41.24
CA ILE L 54 96.58 41.93 -42.28
C ILE L 54 95.09 42.12 -42.52
N LYS L 55 94.61 43.32 -42.22
CA LYS L 55 93.22 43.66 -42.41
C LYS L 55 92.92 43.86 -43.89
N ALA L 56 91.65 43.70 -44.24
CA ALA L 56 91.14 43.95 -45.58
C ALA L 56 91.51 45.37 -46.02
N PRO L 57 91.63 45.63 -47.32
CA PRO L 57 91.96 47.00 -47.75
C PRO L 57 90.96 47.99 -47.23
N GLY L 58 91.44 49.19 -46.95
CA GLY L 58 90.60 50.20 -46.36
C GLY L 58 91.43 51.20 -45.60
N ILE L 59 90.78 52.31 -45.27
CA ILE L 59 91.45 53.38 -44.54
C ILE L 59 91.24 53.24 -43.04
N THR L 60 90.39 52.31 -42.60
CA THR L 60 90.07 52.11 -41.20
C THR L 60 90.69 50.83 -40.70
N GLY L 61 90.97 50.80 -39.41
CA GLY L 61 91.51 49.63 -38.75
C GLY L 61 93.01 49.72 -38.50
N ASN L 62 93.51 48.71 -37.80
CA ASN L 62 94.93 48.55 -37.53
C ASN L 62 95.41 47.22 -38.10
N ASP L 63 96.55 47.23 -38.77
CA ASP L 63 97.30 46.03 -39.09
C ASP L 63 98.14 45.63 -37.88
N ARG L 64 98.42 44.33 -37.74
CA ARG L 64 99.15 43.90 -36.55
C ARG L 64 100.27 42.92 -36.89
N ILE L 65 101.39 43.07 -36.18
CA ILE L 65 102.54 42.18 -36.26
C ILE L 65 102.72 41.55 -34.89
N HIS L 66 102.89 40.23 -34.86
CA HIS L 66 103.16 39.51 -33.62
C HIS L 66 104.51 38.82 -33.74
N ALA L 67 105.29 38.86 -32.67
CA ALA L 67 106.60 38.23 -32.67
C ALA L 67 106.89 37.66 -31.30
N ASN L 68 107.51 36.49 -31.25
CA ASN L 68 107.80 35.83 -30.01
C ASN L 68 109.20 35.22 -30.07
N LEU L 69 110.04 35.55 -29.09
CA LEU L 69 111.38 34.98 -28.98
C LEU L 69 111.44 34.22 -27.65
N ARG L 70 111.64 32.91 -27.75
CA ARG L 70 111.50 31.99 -26.63
C ARG L 70 112.79 31.22 -26.40
N LYS L 71 113.06 30.93 -25.12
CA LYS L 71 114.06 29.94 -24.75
C LYS L 71 113.44 29.04 -23.68
N VAL L 72 113.43 27.74 -23.94
CA VAL L 72 112.90 26.76 -22.99
C VAL L 72 114.05 26.27 -22.12
N VAL L 73 113.76 26.05 -20.84
CA VAL L 73 114.74 25.52 -19.90
C VAL L 73 114.08 24.43 -19.08
N LEU L 74 114.84 23.37 -18.79
CA LEU L 74 114.36 22.22 -18.04
C LEU L 74 114.76 22.34 -16.57
N ASP L 75 113.85 21.92 -15.68
CA ASP L 75 114.17 21.89 -14.26
C ASP L 75 115.25 20.86 -13.98
N GLU L 76 116.15 21.21 -13.06
CA GLU L 76 117.27 20.33 -12.75
C GLU L 76 116.78 18.98 -12.23
N LYS L 77 115.79 18.99 -11.34
CA LYS L 77 115.31 17.77 -10.72
C LYS L 77 114.17 17.16 -11.52
N THR L 78 113.09 17.92 -11.73
CA THR L 78 111.88 17.36 -12.32
C THR L 78 111.94 17.25 -13.84
N ASN L 79 112.89 17.93 -14.50
CA ASN L 79 112.98 17.99 -15.96
C ASN L 79 111.73 18.55 -16.61
N LEU L 80 110.85 19.17 -15.83
CA LEU L 80 109.70 19.88 -16.39
C LEU L 80 110.18 21.15 -17.08
N PRO L 81 109.64 21.46 -18.25
CA PRO L 81 110.10 22.64 -18.97
C PRO L 81 109.32 23.87 -18.56
N SER L 82 110.03 24.97 -18.30
CA SER L 82 109.41 26.27 -18.26
C SER L 82 110.15 27.17 -19.25
N THR L 83 109.43 28.12 -19.82
CA THR L 83 109.94 28.89 -20.94
C THR L 83 109.94 30.38 -20.64
N GLY L 84 111.03 31.05 -21.04
CA GLY L 84 111.16 32.49 -20.90
C GLY L 84 111.05 33.13 -22.27
N SER L 85 110.39 34.28 -22.34
CA SER L 85 110.02 34.79 -23.65
C SER L 85 109.88 36.30 -23.68
N VAL L 86 110.35 36.90 -24.77
CA VAL L 86 110.07 38.31 -25.09
C VAL L 86 109.14 38.32 -26.29
N THR L 87 107.96 38.90 -26.14
CA THR L 87 106.99 38.94 -27.21
C THR L 87 106.58 40.38 -27.51
N ILE L 88 106.39 40.68 -28.80
CA ILE L 88 106.17 42.03 -29.31
C ILE L 88 104.90 42.03 -30.14
N GLN L 89 104.07 43.05 -29.94
CA GLN L 89 102.94 43.34 -30.81
C GLN L 89 103.06 44.75 -31.36
N VAL L 90 103.07 44.86 -32.68
CA VAL L 90 103.10 46.14 -33.38
C VAL L 90 101.73 46.37 -33.99
N SER L 91 101.13 47.52 -33.70
CA SER L 91 99.81 47.88 -34.21
C SER L 91 99.97 49.15 -35.04
N ILE L 92 99.77 49.02 -36.36
CA ILE L 92 99.99 50.06 -37.36
C ILE L 92 98.63 50.51 -37.88
N PRO L 93 98.19 51.73 -37.58
CA PRO L 93 96.91 52.21 -38.13
C PRO L 93 96.98 52.44 -39.63
N ARG L 94 95.79 52.58 -40.23
CA ARG L 94 95.68 52.77 -41.66
C ARG L 94 95.27 54.18 -42.06
N ASN L 95 94.92 55.04 -41.12
CA ASN L 95 94.72 56.45 -41.43
C ASN L 95 95.99 57.01 -42.09
N PRO L 96 95.88 57.65 -43.26
CA PRO L 96 97.08 58.15 -43.94
C PRO L 96 97.91 59.10 -43.11
N ALA L 97 97.37 59.54 -41.98
CA ALA L 97 98.10 60.36 -41.02
C ALA L 97 99.12 59.56 -40.22
N TRP L 98 99.29 58.28 -40.51
CA TRP L 98 100.34 57.45 -39.93
C TRP L 98 101.40 57.15 -40.98
N ASN L 99 102.64 56.91 -40.53
CA ASN L 99 103.74 56.64 -41.43
C ASN L 99 104.52 55.42 -41.01
N ALA L 100 105.09 54.74 -42.00
CA ALA L 100 106.12 53.76 -41.71
C ALA L 100 107.23 54.38 -40.87
N SER L 101 107.52 55.67 -41.07
CA SER L 101 108.52 56.33 -40.25
C SER L 101 108.12 56.34 -38.79
N MET L 102 106.82 56.50 -38.52
CA MET L 102 106.34 56.49 -37.14
C MET L 102 106.41 55.08 -36.56
N THR L 103 106.08 54.07 -37.37
CA THR L 103 106.27 52.68 -36.94
C THR L 103 107.72 52.41 -36.55
N VAL L 104 108.64 52.79 -37.43
CA VAL L 104 110.06 52.55 -37.18
C VAL L 104 110.52 53.34 -35.96
N SER L 105 110.00 54.55 -35.78
CA SER L 105 110.39 55.35 -34.63
C SER L 105 109.98 54.66 -33.33
N LEU L 106 108.76 54.12 -33.28
CA LEU L 106 108.36 53.39 -32.09
C LEU L 106 109.21 52.14 -31.88
N LEU L 107 109.55 51.43 -32.96
CA LEU L 107 110.41 50.25 -32.81
C LEU L 107 111.76 50.63 -32.23
N LYS L 108 112.37 51.69 -32.76
CA LYS L 108 113.69 52.12 -32.30
C LYS L 108 113.64 52.58 -30.85
N GLN L 109 112.57 53.28 -30.47
CA GLN L 109 112.45 53.75 -29.09
C GLN L 109 112.27 52.58 -28.13
N ALA L 110 111.46 51.59 -28.52
CA ALA L 110 111.32 50.40 -27.70
C ALA L 110 112.65 49.67 -27.55
N ALA L 111 113.41 49.56 -28.64
CA ALA L 111 114.73 48.95 -28.57
C ALA L 111 115.64 49.71 -27.60
N ASP L 112 115.61 51.04 -27.67
CA ASP L 112 116.43 51.83 -26.76
C ASP L 112 116.02 51.63 -25.31
N TYR L 113 114.70 51.63 -25.05
CA TYR L 113 114.25 51.69 -23.66
C TYR L 113 114.23 50.33 -22.98
N LEU L 114 113.97 49.25 -23.72
CA LEU L 114 113.95 47.93 -23.10
C LEU L 114 115.18 47.09 -23.38
N ALA L 115 115.92 47.39 -24.44
CA ALA L 115 117.14 46.65 -24.74
C ALA L 115 118.40 47.48 -24.66
N GLY L 116 118.30 48.81 -24.73
CA GLY L 116 119.47 49.66 -24.67
C GLY L 116 120.40 49.50 -25.85
N THR L 117 119.84 49.57 -27.07
CA THR L 117 120.62 49.31 -28.28
C THR L 117 120.51 50.43 -29.32
N SER L 118 119.88 51.55 -29.00
CA SER L 118 119.75 52.65 -29.95
C SER L 118 121.09 53.10 -30.53
N ALA L 119 121.02 53.73 -31.70
CA ALA L 119 122.18 54.37 -32.31
C ALA L 119 122.61 55.58 -31.47
N THR L 120 123.82 56.06 -31.75
CA THR L 120 124.38 57.15 -30.95
C THR L 120 123.90 58.50 -31.46
N VAL L 121 123.35 59.31 -30.56
CA VAL L 121 122.88 60.67 -30.83
C VAL L 121 123.26 61.53 -29.63
N SER L 122 123.71 62.75 -29.91
CA SER L 122 124.07 63.68 -28.84
C SER L 122 122.88 63.92 -27.93
N GLY L 123 123.10 63.77 -26.62
CA GLY L 123 122.07 64.00 -25.64
C GLY L 123 121.17 62.83 -25.35
N GLN L 124 121.48 61.64 -25.84
CA GLN L 124 120.58 60.51 -25.60
C GLN L 124 120.83 60.02 -24.18
N THR L 125 119.79 59.47 -23.55
CA THR L 125 120.03 58.91 -22.23
C THR L 125 120.74 57.57 -22.36
N ASP L 126 121.63 57.30 -21.42
CA ASP L 126 122.40 56.07 -21.41
C ASP L 126 121.50 54.92 -20.98
N THR L 127 121.17 54.05 -21.93
CA THR L 127 120.26 52.95 -21.72
C THR L 127 120.98 51.62 -21.62
N SER L 128 122.31 51.64 -21.52
CA SER L 128 123.09 50.41 -21.54
C SER L 128 122.69 49.47 -20.41
N GLY L 129 122.45 50.01 -19.21
CA GLY L 129 122.10 49.19 -18.08
C GLY L 129 120.64 48.90 -17.93
N PHE L 130 119.82 49.47 -18.80
CA PHE L 130 118.37 49.25 -18.71
C PHE L 130 117.98 47.79 -18.90
N PRO L 131 118.51 47.01 -19.84
CA PRO L 131 118.11 45.60 -19.90
C PRO L 131 118.43 44.84 -18.62
N ALA L 132 119.56 45.14 -18.00
CA ALA L 132 119.87 44.53 -16.71
C ALA L 132 118.82 44.91 -15.67
N LYS L 133 118.49 46.20 -15.57
CA LYS L 133 117.49 46.62 -14.59
C LYS L 133 116.14 45.97 -14.86
N TRP L 134 115.77 45.83 -16.14
CA TRP L 134 114.50 45.16 -16.46
C TRP L 134 114.54 43.71 -16.01
N ALA L 135 115.61 42.99 -16.36
CA ALA L 135 115.74 41.59 -15.96
C ALA L 135 115.68 41.43 -14.45
N GLY L 136 116.07 42.48 -13.71
CA GLY L 136 115.88 42.49 -12.28
C GLY L 136 114.53 42.98 -11.81
N LEU L 137 113.59 43.26 -12.72
CA LEU L 137 112.29 43.84 -12.38
C LEU L 137 112.45 45.16 -11.63
N MET L 138 113.19 46.08 -12.25
CA MET L 138 113.42 47.41 -11.70
C MET L 138 113.20 48.42 -12.80
N PHE L 139 112.38 49.43 -12.54
CA PHE L 139 112.18 50.48 -13.53
C PHE L 139 113.48 51.27 -13.71
N PRO L 140 113.90 51.53 -14.95
CA PRO L 140 115.09 52.32 -15.26
C PRO L 140 114.98 53.74 -14.71
N ALA M 1 -15.85 15.05 125.57
CA ALA M 1 -16.21 16.45 125.42
C ALA M 1 -17.33 16.86 126.37
N ALA M 2 -17.31 18.13 126.77
CA ALA M 2 -18.34 18.64 127.66
C ALA M 2 -19.69 18.68 126.95
N PRO M 3 -20.78 18.37 127.65
CA PRO M 3 -22.09 18.34 126.98
C PRO M 3 -22.63 19.73 126.68
N SER M 4 -22.22 20.74 127.43
CA SER M 4 -22.73 22.09 127.22
C SER M 4 -21.75 23.08 127.81
N LEU M 5 -21.86 24.32 127.34
CA LEU M 5 -20.91 25.38 127.67
C LEU M 5 -21.66 26.68 127.87
N ALA M 6 -21.21 27.48 128.83
CA ALA M 6 -21.69 28.84 129.03
C ALA M 6 -20.45 29.74 128.92
N LEU M 7 -20.19 30.24 127.72
CA LEU M 7 -18.99 31.04 127.48
C LEU M 7 -19.34 32.52 127.65
N VAL M 8 -18.34 33.32 128.00
CA VAL M 8 -18.55 34.75 128.16
C VAL M 8 -18.23 35.46 126.86
N GLY M 9 -19.17 36.28 126.39
CA GLY M 9 -19.01 37.14 125.25
C GLY M 9 -19.50 38.54 125.59
N ALA M 10 -19.90 39.28 124.55
CA ALA M 10 -20.33 40.67 124.71
C ALA M 10 -21.62 40.93 123.96
N ASN M 11 -22.48 41.74 124.56
CA ASN M 11 -23.73 42.17 123.94
C ASN M 11 -23.47 43.41 123.10
N SER M 12 -24.54 44.09 122.67
CA SER M 12 -24.38 45.29 121.87
C SER M 12 -23.73 46.42 122.68
N THR M 13 -23.89 46.42 124.01
CA THR M 13 -23.25 47.37 124.90
C THR M 13 -21.78 47.01 125.16
N LEU M 14 -21.35 45.82 124.75
CA LEU M 14 -20.05 45.23 125.08
C LEU M 14 -19.94 44.85 126.55
N ALA M 15 -21.07 44.74 127.25
CA ALA M 15 -21.09 44.19 128.59
C ALA M 15 -20.96 42.67 128.54
N SER M 16 -20.33 42.10 129.55
CA SER M 16 -20.08 40.67 129.58
C SER M 16 -21.40 39.91 129.69
N THR M 17 -21.68 39.05 128.71
CA THR M 17 -22.93 38.33 128.61
C THR M 17 -22.64 36.85 128.39
N LEU M 18 -23.46 35.98 128.97
CA LEU M 18 -23.30 34.56 128.68
C LEU M 18 -23.84 34.23 127.29
N VAL M 19 -23.18 33.26 126.67
CA VAL M 19 -23.61 32.67 125.41
C VAL M 19 -23.53 31.16 125.55
N ASN M 20 -24.65 30.49 125.30
CA ASN M 20 -24.84 29.11 125.68
C ASN M 20 -24.70 28.22 124.45
N TYR M 21 -23.79 27.26 124.53
CA TYR M 21 -23.60 26.24 123.50
C TYR M 21 -23.95 24.88 124.09
N SER M 22 -24.39 23.97 123.22
CA SER M 22 -24.62 22.60 123.59
C SER M 22 -24.02 21.69 122.52
N LEU M 23 -23.61 20.50 122.95
CA LEU M 23 -22.87 19.59 122.07
C LEU M 23 -23.81 19.04 121.00
N ARG M 24 -23.58 19.45 119.75
CA ARG M 24 -24.26 18.82 118.63
C ARG M 24 -23.72 17.42 118.39
N SER M 25 -22.43 17.30 118.12
CA SER M 25 -21.92 15.96 117.82
C SER M 25 -20.44 15.86 118.09
N GLN M 26 -20.01 14.71 118.59
CA GLN M 26 -18.59 14.39 118.71
C GLN M 26 -18.26 13.32 117.68
N ASN M 27 -17.41 13.67 116.73
CA ASN M 27 -16.70 12.75 115.87
C ASN M 27 -15.34 12.46 116.50
N GLY M 28 -14.63 11.46 115.98
CA GLY M 28 -13.34 11.13 116.56
C GLY M 28 -12.34 12.25 116.47
N ASN M 29 -11.94 12.79 117.63
CA ASN M 29 -11.06 13.96 117.71
C ASN M 29 -11.68 15.16 117.02
N ASN M 30 -13.01 15.27 117.08
CA ASN M 30 -13.69 16.41 116.47
C ASN M 30 -14.97 16.68 117.25
N VAL M 31 -15.27 17.94 117.50
CA VAL M 31 -16.40 18.32 118.34
C VAL M 31 -17.11 19.50 117.70
N ASP M 32 -18.45 19.41 117.65
CA ASP M 32 -19.30 20.47 117.10
C ASP M 32 -20.34 20.86 118.14
N TYR M 33 -20.31 22.14 118.53
CA TYR M 33 -21.27 22.76 119.44
C TYR M 33 -22.14 23.76 118.69
N VAL M 34 -23.36 23.96 119.19
CA VAL M 34 -24.33 24.87 118.61
C VAL M 34 -24.86 25.80 119.70
N CYS M 35 -25.11 27.06 119.33
CA CYS M 35 -25.62 28.02 120.29
C CYS M 35 -27.11 27.79 120.52
N THR M 36 -27.50 27.74 121.80
CA THR M 36 -28.87 27.45 122.21
C THR M 36 -29.64 28.70 122.61
N ASP M 37 -29.09 29.88 122.37
CA ASP M 37 -29.78 31.12 122.68
C ASP M 37 -30.80 31.44 121.59
N PRO M 38 -31.70 32.39 121.83
CA PRO M 38 -32.53 32.89 120.73
C PRO M 38 -31.75 33.61 119.64
N ASP M 39 -30.49 34.02 119.92
CA ASP M 39 -29.66 34.68 118.92
C ASP M 39 -29.42 33.81 117.71
N SER M 40 -29.14 32.53 117.93
CA SER M 40 -28.91 31.59 116.85
C SER M 40 -30.18 30.82 116.55
N THR M 41 -30.42 30.64 115.25
CA THR M 41 -31.44 29.76 114.72
C THR M 41 -30.76 28.83 113.73
N LEU M 42 -31.48 27.80 113.27
CA LEU M 42 -30.92 26.94 112.26
C LEU M 42 -30.54 27.72 111.01
N SER M 43 -31.33 28.75 110.67
CA SER M 43 -31.06 29.52 109.47
C SER M 43 -29.79 30.36 109.62
N ALA M 44 -29.56 30.93 110.81
CA ALA M 44 -28.38 31.76 111.06
C ALA M 44 -27.79 31.36 112.42
N PRO M 45 -27.01 30.29 112.46
CA PRO M 45 -26.59 29.72 113.75
C PRO M 45 -25.30 30.32 114.28
N GLY M 46 -25.07 30.06 115.56
CA GLY M 46 -23.77 30.25 116.19
C GLY M 46 -23.17 28.88 116.44
N LEU M 47 -21.90 28.72 116.08
CA LEU M 47 -21.32 27.39 115.99
C LEU M 47 -19.91 27.38 116.55
N ILE M 48 -19.49 26.22 117.06
CA ILE M 48 -18.12 26.01 117.49
C ILE M 48 -17.66 24.65 116.97
N ASN M 49 -16.41 24.59 116.53
CA ASN M 49 -15.79 23.38 116.00
C ASN M 49 -14.38 23.26 116.56
N ALA M 50 -14.01 22.04 116.99
CA ALA M 50 -12.68 21.79 117.54
C ALA M 50 -12.14 20.46 117.03
N LYS M 51 -10.93 20.49 116.50
CA LYS M 51 -10.31 19.35 115.82
C LYS M 51 -8.90 19.13 116.34
N PHE M 52 -8.44 17.88 116.25
CA PHE M 52 -7.11 17.47 116.69
C PHE M 52 -6.39 16.75 115.56
N ASP M 53 -5.36 17.39 115.01
CA ASP M 53 -4.45 16.77 114.05
C ASP M 53 -3.30 16.18 114.86
N ILE M 54 -3.42 14.90 115.20
CA ILE M 54 -2.42 14.20 116.02
C ILE M 54 -1.66 13.26 115.11
N LYS M 55 -0.36 13.46 115.01
CA LYS M 55 0.47 12.64 114.14
C LYS M 55 0.72 11.28 114.79
N ALA M 56 1.16 10.33 113.98
CA ALA M 56 1.46 8.99 114.47
C ALA M 56 2.50 9.07 115.59
N PRO M 57 2.42 8.19 116.58
CA PRO M 57 3.34 8.30 117.73
C PRO M 57 4.81 8.13 117.37
N GLY M 58 5.12 7.33 116.34
CA GLY M 58 6.51 7.22 115.92
C GLY M 58 7.03 8.48 115.27
N ILE M 59 6.20 9.14 114.45
CA ILE M 59 6.61 10.30 113.66
C ILE M 59 6.77 11.51 114.57
N THR M 60 7.84 12.27 114.36
CA THR M 60 7.98 13.59 114.98
C THR M 60 7.45 14.67 114.04
N GLY M 61 6.67 15.57 114.59
CA GLY M 61 6.17 16.72 113.86
C GLY M 61 5.60 17.68 114.87
N ASN M 62 4.59 18.42 114.45
CA ASN M 62 3.79 19.24 115.35
C ASN M 62 2.40 18.64 115.45
N ASP M 63 1.90 18.49 116.67
CA ASP M 63 0.49 18.22 116.87
C ASP M 63 -0.27 19.54 116.74
N ARG M 64 -1.51 19.47 116.25
CA ARG M 64 -2.26 20.68 115.95
C ARG M 64 -3.67 20.64 116.53
N ILE M 65 -4.13 21.81 116.97
CA ILE M 65 -5.50 22.03 117.43
C ILE M 65 -6.12 23.08 116.53
N HIS M 66 -7.32 22.78 116.02
CA HIS M 66 -8.05 23.72 115.17
C HIS M 66 -9.38 24.07 115.84
N ALA M 67 -9.57 25.33 116.16
CA ALA M 67 -10.82 25.78 116.76
C ALA M 67 -11.44 26.86 115.89
N ASN M 68 -12.78 26.88 115.87
CA ASN M 68 -13.50 27.82 115.03
C ASN M 68 -14.79 28.21 115.75
N LEU M 69 -14.97 29.52 115.97
CA LEU M 69 -16.17 30.07 116.59
C LEU M 69 -16.83 31.01 115.58
N ARG M 70 -18.05 30.66 115.17
CA ARG M 70 -18.74 31.32 114.07
C ARG M 70 -20.07 31.89 114.54
N LYS M 71 -20.48 32.99 113.90
CA LYS M 71 -21.85 33.48 113.99
C LYS M 71 -22.29 33.85 112.58
N VAL M 72 -23.37 33.25 112.13
CA VAL M 72 -23.96 33.54 110.82
C VAL M 72 -24.98 34.67 111.00
N VAL M 73 -25.04 35.58 110.03
CA VAL M 73 -26.01 36.65 110.05
C VAL M 73 -26.66 36.75 108.67
N LEU M 74 -27.93 37.10 108.65
CA LEU M 74 -28.70 37.23 107.42
C LEU M 74 -28.83 38.70 107.02
N ASP M 75 -28.69 38.97 105.73
CA ASP M 75 -28.91 40.32 105.23
C ASP M 75 -30.38 40.70 105.38
N GLU M 76 -30.64 41.92 105.86
CA GLU M 76 -32.02 42.37 105.99
C GLU M 76 -32.73 42.34 104.64
N LYS M 77 -32.07 42.84 103.59
CA LYS M 77 -32.74 42.97 102.31
C LYS M 77 -32.80 41.63 101.55
N THR M 78 -31.70 40.88 101.50
CA THR M 78 -31.65 39.68 100.65
C THR M 78 -31.75 38.37 101.41
N ASN M 79 -31.70 38.38 102.74
CA ASN M 79 -31.66 37.19 103.58
C ASN M 79 -30.52 36.25 103.21
N LEU M 80 -29.54 36.74 102.44
CA LEU M 80 -28.36 35.95 102.14
C LEU M 80 -27.46 35.90 103.37
N PRO M 81 -26.90 34.75 103.67
CA PRO M 81 -26.10 34.62 104.89
C PRO M 81 -24.65 34.96 104.66
N SER M 82 -24.09 35.80 105.51
CA SER M 82 -22.64 35.91 105.60
C SER M 82 -22.24 35.68 107.05
N THR M 83 -21.05 35.14 107.23
CA THR M 83 -20.64 34.64 108.53
C THR M 83 -19.39 35.36 109.03
N GLY M 84 -19.32 35.54 110.34
CA GLY M 84 -18.15 36.11 110.98
C GLY M 84 -17.55 35.11 111.95
N SER M 85 -16.22 35.04 111.99
CA SER M 85 -15.61 33.93 112.68
C SER M 85 -14.26 34.27 113.28
N VAL M 86 -13.94 33.60 114.38
CA VAL M 86 -12.61 33.59 114.96
C VAL M 86 -12.10 32.16 114.92
N THR M 87 -10.98 31.94 114.22
CA THR M 87 -10.35 30.64 114.13
C THR M 87 -8.98 30.67 114.79
N ILE M 88 -8.60 29.54 115.39
CA ILE M 88 -7.41 29.42 116.21
C ILE M 88 -6.70 28.13 115.82
N GLN M 89 -5.39 28.20 115.63
CA GLN M 89 -4.61 27.01 115.34
C GLN M 89 -3.46 26.98 116.34
N VAL M 90 -3.39 25.90 117.12
CA VAL M 90 -2.33 25.71 118.10
C VAL M 90 -1.41 24.62 117.55
N SER M 91 -0.14 24.95 117.37
CA SER M 91 0.86 24.01 116.87
C SER M 91 1.86 23.74 118.00
N ILE M 92 1.83 22.53 118.53
CA ILE M 92 2.60 22.09 119.68
C ILE M 92 3.67 21.13 119.19
N PRO M 93 4.96 21.42 119.36
CA PRO M 93 6.00 20.50 118.93
C PRO M 93 6.17 19.30 119.86
N ARG M 94 6.60 18.18 119.25
CA ARG M 94 6.79 16.92 119.95
C ARG M 94 8.17 16.76 120.57
N ASN M 95 8.87 17.84 120.83
CA ASN M 95 10.19 17.83 121.48
C ASN M 95 10.02 18.04 122.98
N PRO M 96 10.60 17.19 123.84
CA PRO M 96 10.48 17.40 125.29
C PRO M 96 10.94 18.77 125.76
N ALA M 97 11.68 19.50 124.93
CA ALA M 97 12.06 20.86 125.27
C ALA M 97 10.87 21.82 125.26
N TRP M 98 9.70 21.37 124.82
CA TRP M 98 8.46 22.11 124.89
C TRP M 98 7.54 21.44 125.89
N ASN M 99 6.69 22.21 126.55
CA ASN M 99 5.77 21.60 127.51
C ASN M 99 4.46 22.37 127.58
N ALA M 100 3.53 21.78 128.34
CA ALA M 100 2.19 22.32 128.41
C ALA M 100 2.18 23.70 129.02
N SER M 101 3.12 24.02 129.91
CA SER M 101 3.19 25.37 130.46
C SER M 101 3.43 26.38 129.35
N MET M 102 4.24 26.01 128.35
CA MET M 102 4.50 26.91 127.24
C MET M 102 3.29 27.01 126.32
N THR M 103 2.61 25.87 126.07
CA THR M 103 1.37 25.93 125.31
C THR M 103 0.37 26.90 125.96
N VAL M 104 0.17 26.74 127.27
CA VAL M 104 -0.77 27.58 128.01
C VAL M 104 -0.30 29.03 127.99
N SER M 105 1.01 29.25 128.09
CA SER M 105 1.51 30.63 128.07
C SER M 105 1.17 31.31 126.77
N LEU M 106 1.35 30.62 125.64
CA LEU M 106 0.96 31.21 124.37
C LEU M 106 -0.54 31.48 124.32
N LEU M 107 -1.35 30.54 124.81
CA LEU M 107 -2.79 30.77 124.81
C LEU M 107 -3.15 32.00 125.63
N LYS M 108 -2.58 32.14 126.82
CA LYS M 108 -2.88 33.27 127.68
C LYS M 108 -2.45 34.59 127.06
N GLN M 109 -1.27 34.59 126.40
CA GLN M 109 -0.79 35.83 125.78
C GLN M 109 -1.68 36.23 124.62
N ALA M 110 -2.09 35.26 123.80
CA ALA M 110 -3.01 35.57 122.72
C ALA M 110 -4.33 36.12 123.25
N ALA M 111 -4.83 35.52 124.34
CA ALA M 111 -6.05 36.03 124.96
C ALA M 111 -5.87 37.47 125.41
N ASP M 112 -4.78 37.76 126.11
CA ASP M 112 -4.52 39.13 126.55
C ASP M 112 -4.47 40.09 125.37
N TYR M 113 -3.76 39.71 124.30
CA TYR M 113 -3.46 40.68 123.25
C TYR M 113 -4.60 40.87 122.27
N LEU M 114 -5.46 39.87 122.06
CA LEU M 114 -6.55 40.03 121.11
C LEU M 114 -7.92 40.15 121.74
N ALA M 115 -8.11 39.65 122.96
CA ALA M 115 -9.38 39.79 123.66
C ALA M 115 -9.29 40.67 124.89
N GLY M 116 -8.10 40.92 125.41
CA GLY M 116 -7.93 41.75 126.59
C GLY M 116 -8.58 41.15 127.82
N THR M 117 -8.26 39.88 128.11
CA THR M 117 -8.88 39.16 129.22
C THR M 117 -7.88 38.51 130.18
N SER M 118 -6.60 38.85 130.09
CA SER M 118 -5.60 38.31 131.00
C SER M 118 -5.95 38.55 132.47
N ALA M 119 -5.36 37.74 133.34
CA ALA M 119 -5.46 37.94 134.78
C ALA M 119 -4.66 39.17 135.19
N THR M 120 -5.05 39.75 136.33
CA THR M 120 -4.39 40.96 136.80
C THR M 120 -2.98 40.64 137.29
N VAL M 121 -2.00 41.34 136.73
CA VAL M 121 -0.58 41.19 137.06
C VAL M 121 0.06 42.57 136.96
N SER M 122 0.80 42.96 137.99
CA SER M 122 1.30 44.33 138.02
C SER M 122 2.28 44.56 136.89
N GLY M 123 2.13 45.70 136.21
CA GLY M 123 2.96 46.04 135.08
C GLY M 123 2.42 45.61 133.73
N GLN M 124 1.30 44.90 133.70
CA GLN M 124 0.69 44.51 132.43
C GLN M 124 0.16 45.74 131.71
N THR M 125 0.25 45.71 130.38
CA THR M 125 -0.40 46.76 129.62
C THR M 125 -1.91 46.58 129.67
N ASP M 126 -2.61 47.72 129.65
CA ASP M 126 -4.07 47.72 129.73
C ASP M 126 -4.60 47.32 128.37
N THR M 127 -4.97 46.06 128.26
CA THR M 127 -5.43 45.47 127.01
C THR M 127 -6.94 45.51 126.86
N SER M 128 -7.64 46.20 127.77
CA SER M 128 -9.10 46.16 127.78
C SER M 128 -9.70 46.70 126.48
N GLY M 129 -9.09 47.73 125.89
CA GLY M 129 -9.62 48.31 124.68
C GLY M 129 -9.14 47.67 123.40
N PHE M 130 -8.21 46.73 123.52
CA PHE M 130 -7.66 46.09 122.34
C PHE M 130 -8.71 45.38 121.50
N PRO M 131 -9.66 44.61 122.06
CA PRO M 131 -10.67 43.99 121.18
C PRO M 131 -11.46 45.01 120.39
N ALA M 132 -11.80 46.15 121.00
CA ALA M 132 -12.46 47.22 120.27
C ALA M 132 -11.59 47.69 119.11
N LYS M 133 -10.30 47.97 119.39
CA LYS M 133 -9.42 48.43 118.32
C LYS M 133 -9.30 47.40 117.21
N TRP M 134 -9.19 46.11 117.56
CA TRP M 134 -9.10 45.08 116.53
C TRP M 134 -10.35 45.06 115.68
N ALA M 135 -11.53 45.09 116.32
CA ALA M 135 -12.79 45.11 115.60
C ALA M 135 -12.92 46.35 114.71
N GLY M 136 -12.13 47.38 114.98
CA GLY M 136 -12.04 48.51 114.08
C GLY M 136 -10.94 48.43 113.03
N LEU M 137 -10.24 47.29 112.92
CA LEU M 137 -9.06 47.14 112.07
C LEU M 137 -8.01 48.22 112.38
N MET M 138 -7.67 48.32 113.67
CA MET M 138 -6.65 49.25 114.17
C MET M 138 -5.68 48.49 115.04
N PHE M 139 -4.40 48.67 114.82
CA PHE M 139 -3.42 48.03 115.70
C PHE M 139 -3.47 48.68 117.07
N PRO M 140 -3.46 47.91 118.16
CA PRO M 140 -3.44 48.45 119.51
C PRO M 140 -2.21 49.32 119.74
N ALA N 1 -18.34 4.03 126.08
CA ALA N 1 -17.04 3.60 126.57
C ALA N 1 -16.72 4.24 127.92
N ALA N 2 -15.89 3.57 128.71
CA ALA N 2 -15.52 4.09 130.03
C ALA N 2 -14.73 5.38 129.86
N PRO N 3 -15.08 6.44 130.62
CA PRO N 3 -14.36 7.71 130.45
C PRO N 3 -12.93 7.68 130.95
N SER N 4 -12.58 6.75 131.82
CA SER N 4 -11.22 6.66 132.33
C SER N 4 -10.97 5.25 132.83
N LEU N 5 -9.68 4.90 132.90
CA LEU N 5 -9.24 3.55 133.23
C LEU N 5 -8.03 3.60 134.14
N ALA N 6 -7.96 2.67 135.08
CA ALA N 6 -6.80 2.50 135.94
C ALA N 6 -6.35 1.05 135.77
N LEU N 7 -5.41 0.82 134.85
CA LEU N 7 -4.98 -0.53 134.51
C LEU N 7 -3.73 -0.88 135.30
N VAL N 8 -3.50 -2.17 135.48
CA VAL N 8 -2.32 -2.63 136.21
C VAL N 8 -1.21 -2.94 135.23
N GLY N 9 -0.03 -2.37 135.47
CA GLY N 9 1.17 -2.68 134.73
C GLY N 9 2.31 -2.93 135.69
N ALA N 10 3.55 -2.76 135.23
CA ALA N 10 4.72 -3.04 136.05
C ALA N 10 5.66 -1.84 136.06
N ASN N 11 6.20 -1.53 137.24
CA ASN N 11 7.20 -0.47 137.38
C ASN N 11 8.56 -1.00 136.93
N SER N 12 9.61 -0.22 137.19
CA SER N 12 10.95 -0.66 136.80
C SER N 12 11.36 -1.94 137.51
N THR N 13 10.74 -2.26 138.64
CA THR N 13 11.05 -3.45 139.42
C THR N 13 10.09 -4.60 139.12
N LEU N 14 9.14 -4.40 138.21
CA LEU N 14 8.11 -5.35 137.85
C LEU N 14 7.06 -5.53 138.94
N ALA N 15 6.98 -4.59 139.88
CA ALA N 15 5.89 -4.59 140.84
C ALA N 15 4.62 -4.04 140.22
N SER N 16 3.49 -4.59 140.63
CA SER N 16 2.22 -4.14 140.08
C SER N 16 1.97 -2.68 140.43
N THR N 17 1.75 -1.86 139.39
CA THR N 17 1.60 -0.42 139.55
C THR N 17 0.44 0.05 138.68
N LEU N 18 -0.35 1.00 139.17
CA LEU N 18 -1.41 1.53 138.33
C LEU N 18 -0.86 2.41 137.23
N VAL N 19 -1.57 2.41 136.11
CA VAL N 19 -1.31 3.25 134.95
C VAL N 19 -2.65 3.82 134.51
N ASN N 20 -2.74 5.14 134.46
CA ASN N 20 -4.00 5.84 134.36
C ASN N 20 -4.21 6.35 132.94
N TYR N 21 -5.31 5.95 132.34
CA TYR N 21 -5.70 6.39 131.01
C TYR N 21 -7.02 7.15 131.09
N SER N 22 -7.19 8.09 130.17
CA SER N 22 -8.44 8.84 130.04
C SER N 22 -8.87 8.82 128.58
N LEU N 23 -10.18 8.83 128.38
CA LEU N 23 -10.77 8.70 127.05
C LEU N 23 -10.62 10.00 126.28
N ARG N 24 -9.85 9.96 125.19
CA ARG N 24 -9.65 11.17 124.40
C ARG N 24 -10.84 11.44 123.47
N SER N 25 -11.26 10.44 122.70
CA SER N 25 -12.39 10.60 121.80
C SER N 25 -12.94 9.22 121.44
N GLN N 26 -14.05 9.22 120.70
CA GLN N 26 -14.66 8.00 120.18
C GLN N 26 -15.14 8.26 118.77
N ASN N 27 -14.57 7.53 117.80
CA ASN N 27 -14.89 7.57 116.37
C ASN N 27 -15.75 6.36 116.02
N GLY N 28 -15.94 6.14 114.72
CA GLY N 28 -16.65 4.99 114.23
C GLY N 28 -16.02 3.70 114.67
N ASN N 29 -16.71 2.99 115.56
CA ASN N 29 -16.31 1.67 116.03
C ASN N 29 -14.89 1.65 116.58
N ASN N 30 -14.51 2.70 117.31
CA ASN N 30 -13.17 2.72 117.90
C ASN N 30 -13.18 3.63 119.12
N VAL N 31 -12.09 3.56 119.87
CA VAL N 31 -11.93 4.24 121.15
C VAL N 31 -10.45 4.55 121.31
N ASP N 32 -10.16 5.78 121.76
CA ASP N 32 -8.80 6.29 121.90
C ASP N 32 -8.58 6.78 123.33
N TYR N 33 -7.65 6.15 124.05
CA TYR N 33 -7.28 6.52 125.41
C TYR N 33 -5.84 7.02 125.44
N VAL N 34 -5.58 7.94 126.37
CA VAL N 34 -4.27 8.56 126.56
C VAL N 34 -3.86 8.42 128.02
N CYS N 35 -2.58 8.18 128.25
CA CYS N 35 -2.08 8.05 129.61
C CYS N 35 -1.96 9.42 130.25
N THR N 36 -2.46 9.55 131.49
CA THR N 36 -2.51 10.81 132.21
C THR N 36 -1.47 10.88 133.33
N ASP N 37 -0.56 9.92 133.41
CA ASP N 37 0.47 9.93 134.40
C ASP N 37 1.50 11.01 134.05
N PRO N 38 2.40 11.35 134.98
CA PRO N 38 3.45 12.33 134.64
C PRO N 38 4.45 11.83 133.62
N ASP N 39 4.73 10.51 133.56
CA ASP N 39 5.76 10.00 132.66
C ASP N 39 5.36 10.05 131.19
N SER N 40 4.08 10.22 130.88
CA SER N 40 3.64 10.35 129.49
C SER N 40 3.38 11.81 129.18
N THR N 41 3.95 12.26 128.07
CA THR N 41 3.81 13.62 127.56
C THR N 41 3.57 13.51 126.06
N LEU N 42 3.23 14.64 125.43
CA LEU N 42 3.00 14.59 123.98
C LEU N 42 4.25 14.15 123.23
N SER N 43 5.43 14.44 123.79
CA SER N 43 6.67 14.01 123.14
C SER N 43 6.81 12.49 123.18
N ALA N 44 6.39 11.86 124.27
CA ALA N 44 6.50 10.40 124.42
C ALA N 44 5.29 9.89 125.20
N PRO N 45 4.16 9.72 124.52
CA PRO N 45 2.90 9.38 125.20
C PRO N 45 2.72 7.89 125.39
N GLY N 46 1.74 7.55 126.23
CA GLY N 46 1.19 6.21 126.32
C GLY N 46 -0.24 6.23 125.78
N LEU N 47 -0.55 5.24 124.95
CA LEU N 47 -1.79 5.27 124.19
C LEU N 47 -2.46 3.90 124.19
N ILE N 48 -3.78 3.89 124.13
CA ILE N 48 -4.54 2.67 123.93
C ILE N 48 -5.61 2.93 122.87
N ASN N 49 -5.81 1.97 121.97
CA ASN N 49 -6.73 2.14 120.85
C ASN N 49 -7.49 0.84 120.62
N ALA N 50 -8.80 0.94 120.40
CA ALA N 50 -9.62 -0.25 120.18
C ALA N 50 -10.58 -0.01 119.04
N LYS N 51 -10.82 -1.04 118.22
CA LYS N 51 -11.66 -0.93 117.04
C LYS N 51 -12.42 -2.23 116.82
N PHE N 52 -13.65 -2.12 116.32
CA PHE N 52 -14.44 -3.27 115.92
C PHE N 52 -14.63 -3.31 114.41
N ASP N 53 -14.32 -4.44 113.81
CA ASP N 53 -14.71 -4.75 112.43
C ASP N 53 -15.91 -5.68 112.54
N ILE N 54 -17.11 -5.16 112.31
CA ILE N 54 -18.35 -5.88 112.55
C ILE N 54 -18.96 -6.25 111.22
N LYS N 55 -19.13 -7.54 110.99
CA LYS N 55 -19.69 -8.00 109.73
C LYS N 55 -21.21 -7.95 109.79
N ALA N 56 -21.84 -8.05 108.61
CA ALA N 56 -23.27 -7.90 108.49
C ALA N 56 -24.01 -8.95 109.32
N PRO N 57 -25.28 -8.71 109.65
CA PRO N 57 -26.05 -9.71 110.40
C PRO N 57 -26.13 -11.02 109.65
N GLY N 58 -26.11 -12.11 110.40
CA GLY N 58 -26.09 -13.45 109.87
C GLY N 58 -25.18 -14.30 110.70
N ILE N 59 -24.96 -15.53 110.25
CA ILE N 59 -24.06 -16.43 110.94
C ILE N 59 -22.82 -16.78 110.11
N THR N 60 -22.61 -16.04 109.02
CA THR N 60 -21.58 -16.43 108.05
C THR N 60 -20.19 -15.94 108.43
N GLY N 61 -20.09 -14.71 108.96
CA GLY N 61 -18.83 -14.02 109.00
C GLY N 61 -17.95 -14.32 110.20
N ASN N 62 -16.94 -13.47 110.37
CA ASN N 62 -16.02 -13.42 111.50
C ASN N 62 -15.89 -11.97 111.95
N ASP N 63 -16.41 -11.64 113.12
CA ASP N 63 -16.21 -10.32 113.71
C ASP N 63 -14.79 -10.19 114.22
N ARG N 64 -14.27 -8.96 114.29
CA ARG N 64 -12.89 -8.76 114.73
C ARG N 64 -12.80 -7.58 115.69
N ILE N 65 -11.91 -7.74 116.68
CA ILE N 65 -11.56 -6.70 117.65
C ILE N 65 -10.08 -6.41 117.48
N HIS N 66 -9.72 -5.13 117.41
CA HIS N 66 -8.33 -4.70 117.30
C HIS N 66 -8.01 -3.80 118.49
N ALA N 67 -7.07 -4.23 119.32
CA ALA N 67 -6.59 -3.42 120.42
C ALA N 67 -5.11 -3.14 120.23
N ASN N 68 -4.66 -2.01 120.75
CA ASN N 68 -3.28 -1.60 120.57
C ASN N 68 -2.86 -0.76 121.77
N LEU N 69 -1.86 -1.23 122.51
CA LEU N 69 -1.33 -0.54 123.68
C LEU N 69 0.10 -0.14 123.37
N ARG N 70 0.37 1.16 123.32
CA ARG N 70 1.66 1.68 122.91
C ARG N 70 2.25 2.58 123.98
N LYS N 71 3.58 2.62 124.00
CA LYS N 71 4.34 3.60 124.79
C LYS N 71 5.53 4.07 123.97
N VAL N 72 5.68 5.38 123.87
CA VAL N 72 6.79 5.99 123.14
C VAL N 72 7.90 6.32 124.12
N VAL N 73 9.15 6.15 123.68
CA VAL N 73 10.30 6.46 124.51
C VAL N 73 11.29 7.26 123.67
N LEU N 74 12.04 8.13 124.33
CA LEU N 74 13.02 8.98 123.66
C LEU N 74 14.43 8.53 124.01
N ASP N 75 15.31 8.53 123.01
CA ASP N 75 16.71 8.16 123.20
C ASP N 75 17.40 9.16 124.14
N GLU N 76 18.15 8.63 125.12
CA GLU N 76 18.88 9.52 126.02
C GLU N 76 19.91 10.37 125.29
N LYS N 77 20.39 9.90 124.14
CA LYS N 77 21.45 10.61 123.44
C LYS N 77 20.89 11.59 122.43
N THR N 78 19.78 11.24 121.77
CA THR N 78 19.28 12.01 120.64
C THR N 78 17.84 12.47 120.76
N ASN N 79 17.12 12.09 121.83
CA ASN N 79 15.68 12.34 121.96
C ASN N 79 14.90 11.80 120.75
N LEU N 80 15.44 10.79 120.08
CA LEU N 80 14.65 10.25 118.97
C LEU N 80 13.64 9.24 119.48
N PRO N 81 12.41 9.32 118.97
CA PRO N 81 11.35 8.47 119.49
C PRO N 81 11.39 7.09 118.85
N SER N 82 11.22 6.07 119.67
CA SER N 82 10.83 4.75 119.20
C SER N 82 9.72 4.24 120.10
N THR N 83 8.84 3.41 119.55
CA THR N 83 7.64 2.99 120.27
C THR N 83 7.68 1.49 120.53
N GLY N 84 7.20 1.11 121.72
CA GLY N 84 6.95 -0.27 122.06
C GLY N 84 5.44 -0.48 122.07
N SER N 85 5.00 -1.66 121.65
CA SER N 85 3.57 -1.86 121.52
C SER N 85 3.19 -3.33 121.69
N VAL N 86 2.00 -3.53 122.26
CA VAL N 86 1.33 -4.82 122.29
C VAL N 86 0.01 -4.65 121.55
N THR N 87 -0.14 -5.34 120.43
CA THR N 87 -1.36 -5.31 119.65
C THR N 87 -2.07 -6.65 119.77
N ILE N 88 -3.40 -6.61 119.73
CA ILE N 88 -4.23 -7.78 119.93
C ILE N 88 -5.30 -7.78 118.85
N GLN N 89 -5.56 -8.95 118.28
CA GLN N 89 -6.66 -9.13 117.34
C GLN N 89 -7.48 -10.35 117.73
N VAL N 90 -8.74 -10.12 118.04
CA VAL N 90 -9.69 -11.17 118.38
C VAL N 90 -10.59 -11.39 117.18
N SER N 91 -10.74 -12.65 116.77
CA SER N 91 -11.62 -13.01 115.67
C SER N 91 -12.65 -14.00 116.19
N ILE N 92 -13.91 -13.57 116.19
CA ILE N 92 -15.06 -14.26 116.75
C ILE N 92 -15.95 -14.73 115.60
N PRO N 93 -16.06 -16.03 115.35
CA PRO N 93 -16.99 -16.51 114.32
C PRO N 93 -18.44 -16.36 114.74
N ARG N 94 -19.30 -16.27 113.74
CA ARG N 94 -20.73 -16.10 113.95
C ARG N 94 -21.52 -17.41 113.84
N ASN N 95 -20.89 -18.48 113.32
CA ASN N 95 -21.47 -19.82 113.37
C ASN N 95 -21.93 -20.13 114.80
N PRO N 96 -23.21 -20.45 115.01
CA PRO N 96 -23.70 -20.65 116.38
C PRO N 96 -22.99 -21.74 117.15
N ALA N 97 -22.10 -22.47 116.51
CA ALA N 97 -21.25 -23.43 117.18
C ALA N 97 -20.13 -22.76 117.99
N TRP N 98 -20.09 -21.44 118.04
CA TRP N 98 -19.15 -20.67 118.83
C TRP N 98 -19.88 -19.95 119.97
N ASN N 99 -19.15 -19.65 121.04
CA ASN N 99 -19.72 -19.02 122.21
C ASN N 99 -18.90 -17.82 122.67
N ALA N 100 -19.60 -16.86 123.27
CA ALA N 100 -18.91 -15.85 124.05
C ALA N 100 -18.02 -16.51 125.10
N SER N 101 -18.44 -17.66 125.63
CA SER N 101 -17.59 -18.38 126.58
C SER N 101 -16.29 -18.81 125.94
N MET N 102 -16.33 -19.20 124.66
CA MET N 102 -15.11 -19.61 123.99
C MET N 102 -14.21 -18.41 123.72
N THR N 103 -14.81 -17.26 123.34
CA THR N 103 -14.04 -16.03 123.22
C THR N 103 -13.33 -15.70 124.53
N VAL N 104 -14.08 -15.70 125.63
CA VAL N 104 -13.49 -15.36 126.93
C VAL N 104 -12.41 -16.36 127.30
N SER N 105 -12.61 -17.64 126.98
CA SER N 105 -11.61 -18.65 127.30
C SER N 105 -10.31 -18.39 126.57
N LEU N 106 -10.39 -18.04 125.28
CA LEU N 106 -9.17 -17.69 124.56
C LEU N 106 -8.50 -16.46 125.16
N LEU N 107 -9.30 -15.45 125.54
CA LEU N 107 -8.71 -14.27 126.15
C LEU N 107 -7.96 -14.61 127.44
N LYS N 108 -8.60 -15.41 128.30
CA LYS N 108 -7.98 -15.79 129.57
C LYS N 108 -6.71 -16.61 129.35
N GLN N 109 -6.74 -17.52 128.36
CA GLN N 109 -5.55 -18.33 128.10
C GLN N 109 -4.40 -17.48 127.57
N ALA N 110 -4.69 -16.56 126.66
CA ALA N 110 -3.65 -15.66 126.17
C ALA N 110 -3.09 -14.83 127.32
N ALA N 111 -3.95 -14.36 128.22
CA ALA N 111 -3.48 -13.60 129.37
C ALA N 111 -2.55 -14.43 130.24
N ASP N 112 -2.96 -15.66 130.55
CA ASP N 112 -2.11 -16.55 131.34
C ASP N 112 -0.77 -16.80 130.64
N TYR N 113 -0.78 -17.02 129.33
CA TYR N 113 0.42 -17.51 128.66
C TYR N 113 1.39 -16.39 128.30
N LEU N 114 0.92 -15.17 128.07
CA LEU N 114 1.82 -14.08 127.72
C LEU N 114 1.99 -13.04 128.82
N ALA N 115 1.07 -12.93 129.76
CA ALA N 115 1.21 -12.02 130.88
C ALA N 115 1.29 -12.71 132.22
N GLY N 116 0.91 -13.99 132.33
CA GLY N 116 0.95 -14.70 133.58
C GLY N 116 0.06 -14.10 134.63
N THR N 117 -1.22 -13.87 134.30
CA THR N 117 -2.15 -13.19 135.19
C THR N 117 -3.42 -13.99 135.46
N SER N 118 -3.52 -15.23 134.99
CA SER N 118 -4.73 -16.02 135.17
C SER N 118 -5.10 -16.21 136.65
N ALA N 119 -6.36 -16.56 136.87
CA ALA N 119 -6.85 -16.92 138.19
C ALA N 119 -6.24 -18.25 138.65
N THR N 120 -6.46 -18.58 139.92
CA THR N 120 -5.83 -19.75 140.52
C THR N 120 -6.72 -20.98 140.34
N VAL N 121 -6.14 -22.04 139.78
CA VAL N 121 -6.81 -23.33 139.61
C VAL N 121 -5.79 -24.40 140.00
N SER N 122 -6.29 -25.59 140.35
CA SER N 122 -5.47 -26.60 140.99
C SER N 122 -4.20 -26.89 140.19
N GLY N 123 -4.33 -27.46 139.01
CA GLY N 123 -3.16 -27.99 138.35
C GLY N 123 -2.50 -27.03 137.38
N GLN N 124 -2.66 -25.72 137.60
CA GLN N 124 -2.25 -24.77 136.58
C GLN N 124 -0.74 -24.70 136.55
N THR N 125 -0.17 -24.42 135.38
CA THR N 125 1.27 -24.22 135.35
C THR N 125 1.61 -22.81 135.80
N ASP N 126 2.78 -22.68 136.42
CA ASP N 126 3.23 -21.41 136.96
C ASP N 126 3.69 -20.53 135.81
N THR N 127 2.92 -19.48 135.55
CA THR N 127 3.16 -18.58 134.44
C THR N 127 3.64 -17.20 134.88
N SER N 128 4.00 -17.07 136.16
CA SER N 128 4.39 -15.75 136.67
C SER N 128 5.64 -15.22 135.97
N GLY N 129 6.58 -16.10 135.63
CA GLY N 129 7.81 -15.68 134.98
C GLY N 129 7.74 -15.58 133.48
N PHE N 130 6.63 -16.00 132.90
CA PHE N 130 6.51 -15.99 131.44
C PHE N 130 6.63 -14.60 130.85
N PRO N 131 6.02 -13.53 131.39
CA PRO N 131 6.24 -12.21 130.78
C PRO N 131 7.71 -11.81 130.77
N ALA N 132 8.45 -12.11 131.83
CA ALA N 132 9.88 -11.86 131.84
C ALA N 132 10.58 -12.62 130.73
N LYS N 133 10.27 -13.91 130.59
CA LYS N 133 10.91 -14.71 129.56
C LYS N 133 10.58 -14.18 128.16
N TRP N 134 9.34 -13.76 127.94
CA TRP N 134 8.98 -13.18 126.66
C TRP N 134 9.77 -11.91 126.40
N ALA N 135 9.80 -11.00 127.38
CA ALA N 135 10.54 -9.75 127.22
C ALA N 135 12.01 -9.97 126.99
N GLY N 136 12.53 -11.13 127.36
CA GLY N 136 13.87 -11.53 126.98
C GLY N 136 13.98 -12.22 125.64
N LEU N 137 12.89 -12.31 124.89
CA LEU N 137 12.81 -13.04 123.63
C LEU N 137 13.26 -14.49 123.80
N MET N 138 12.65 -15.17 124.77
CA MET N 138 12.82 -16.61 124.90
C MET N 138 11.48 -17.25 125.26
N PHE N 139 11.30 -18.46 124.76
CA PHE N 139 10.03 -19.16 124.97
C PHE N 139 9.91 -19.63 126.41
N PRO N 140 8.69 -19.57 126.98
CA PRO N 140 8.40 -20.17 128.28
C PRO N 140 8.67 -21.67 128.26
N ALA O 1 -22.73 12.49 122.15
CA ALA O 1 -24.01 11.85 122.41
C ALA O 1 -23.99 11.07 123.72
N ALA O 2 -25.17 10.66 124.17
CA ALA O 2 -25.27 9.90 125.41
C ALA O 2 -24.57 8.54 125.26
N PRO O 3 -23.78 8.14 126.24
CA PRO O 3 -23.03 6.88 126.11
C PRO O 3 -23.89 5.66 126.25
N SER O 4 -25.08 5.77 126.84
CA SER O 4 -25.95 4.63 127.03
C SER O 4 -27.38 5.12 127.20
N LEU O 5 -28.33 4.25 126.86
CA LEU O 5 -29.75 4.56 126.84
C LEU O 5 -30.54 3.41 127.42
N ALA O 6 -31.60 3.74 128.16
CA ALA O 6 -32.56 2.76 128.65
C ALA O 6 -33.91 3.16 128.08
N LEU O 7 -34.24 2.65 126.91
CA LEU O 7 -35.49 3.01 126.25
C LEU O 7 -36.60 2.06 126.69
N VAL O 8 -37.84 2.49 126.55
CA VAL O 8 -38.99 1.67 126.92
C VAL O 8 -39.56 1.02 125.67
N GLY O 9 -39.66 -0.31 125.68
CA GLY O 9 -40.32 -1.09 124.67
C GLY O 9 -41.32 -2.02 125.30
N ALA O 10 -41.59 -3.12 124.60
CA ALA O 10 -42.61 -4.09 125.03
C ALA O 10 -42.04 -5.49 124.94
N ASN O 11 -42.34 -6.30 125.96
CA ASN O 11 -41.97 -7.71 125.95
C ASN O 11 -43.04 -8.50 125.18
N SER O 12 -42.99 -9.82 125.29
CA SER O 12 -43.97 -10.65 124.59
C SER O 12 -45.39 -10.41 125.08
N THR O 13 -45.54 -9.96 126.33
CA THR O 13 -46.84 -9.65 126.91
C THR O 13 -47.34 -8.26 126.50
N LEU O 14 -46.50 -7.48 125.82
CA LEU O 14 -46.69 -6.06 125.55
C LEU O 14 -46.58 -5.20 126.80
N ALA O 15 -46.08 -5.75 127.91
CA ALA O 15 -45.81 -4.95 129.10
C ALA O 15 -44.59 -4.07 128.87
N SER O 16 -44.62 -2.88 129.47
CA SER O 16 -43.52 -1.93 129.30
C SER O 16 -42.23 -2.48 129.93
N THR O 17 -41.21 -2.66 129.10
CA THR O 17 -39.95 -3.28 129.51
C THR O 17 -38.80 -2.42 129.04
N LEU O 18 -37.74 -2.33 129.84
CA LEU O 18 -36.56 -1.60 129.40
C LEU O 18 -35.77 -2.39 128.37
N VAL O 19 -35.26 -1.66 127.37
CA VAL O 19 -34.34 -2.17 126.39
C VAL O 19 -33.12 -1.26 126.37
N ASN O 20 -31.95 -1.84 126.54
CA ASN O 20 -30.73 -1.12 126.91
C ASN O 20 -29.78 -1.05 125.72
N TYR O 21 -29.31 0.14 125.40
CA TYR O 21 -28.38 0.36 124.31
C TYR O 21 -27.13 1.05 124.85
N SER O 22 -25.97 0.74 124.25
CA SER O 22 -24.75 1.47 124.53
C SER O 22 -24.21 2.06 123.22
N LEU O 23 -23.52 3.18 123.36
CA LEU O 23 -22.99 3.92 122.22
C LEU O 23 -21.77 3.20 121.68
N ARG O 24 -21.93 2.53 120.55
CA ARG O 24 -20.83 1.83 119.91
C ARG O 24 -20.01 2.74 118.99
N SER O 25 -20.65 3.58 118.16
CA SER O 25 -19.84 4.47 117.34
C SER O 25 -20.52 5.81 117.15
N GLN O 26 -19.71 6.81 116.81
CA GLN O 26 -20.19 8.13 116.44
C GLN O 26 -19.19 8.71 115.46
N ASN O 27 -19.66 9.08 114.27
CA ASN O 27 -18.80 9.49 113.19
C ASN O 27 -19.59 10.34 112.20
N GLY O 28 -19.06 11.52 111.88
CA GLY O 28 -19.61 12.34 110.82
C GLY O 28 -21.08 12.61 110.96
N ASN O 29 -21.46 13.29 112.04
CA ASN O 29 -22.86 13.54 112.37
C ASN O 29 -23.69 12.28 112.24
N ASN O 30 -23.14 11.18 112.74
CA ASN O 30 -23.82 9.91 112.69
C ASN O 30 -23.57 9.21 114.02
N VAL O 31 -24.60 8.54 114.56
CA VAL O 31 -24.54 7.95 115.89
C VAL O 31 -25.16 6.56 115.84
N ASP O 32 -24.41 5.55 116.34
CA ASP O 32 -24.81 4.15 116.26
C ASP O 32 -24.73 3.49 117.63
N TYR O 33 -25.87 2.97 118.09
CA TYR O 33 -26.02 2.27 119.35
C TYR O 33 -26.28 0.80 119.10
N VAL O 34 -25.85 -0.05 120.05
CA VAL O 34 -26.12 -1.47 119.99
C VAL O 34 -26.82 -1.90 121.29
N CYS O 35 -27.70 -2.89 121.17
CA CYS O 35 -28.46 -3.36 122.32
C CYS O 35 -27.62 -4.30 123.18
N THR O 36 -27.60 -4.03 124.48
CA THR O 36 -26.77 -4.76 125.43
C THR O 36 -27.50 -5.93 126.09
N ASP O 37 -28.77 -6.13 125.77
CA ASP O 37 -29.57 -7.15 126.42
C ASP O 37 -29.23 -8.52 125.87
N PRO O 38 -29.70 -9.59 126.51
CA PRO O 38 -29.43 -10.93 125.98
C PRO O 38 -30.12 -11.22 124.66
N ASP O 39 -31.25 -10.56 124.36
CA ASP O 39 -31.96 -10.85 123.13
C ASP O 39 -31.24 -10.36 121.87
N SER O 40 -30.24 -9.48 122.01
CA SER O 40 -29.40 -9.09 120.88
C SER O 40 -28.10 -9.86 120.96
N THR O 41 -27.85 -10.69 119.96
CA THR O 41 -26.62 -11.43 119.82
C THR O 41 -25.79 -10.80 118.70
N LEU O 42 -24.57 -11.31 118.53
CA LEU O 42 -23.74 -10.86 117.42
C LEU O 42 -24.40 -11.19 116.10
N SER O 43 -25.02 -12.36 116.01
CA SER O 43 -25.56 -12.80 114.73
C SER O 43 -26.86 -12.09 114.43
N ALA O 44 -27.65 -11.79 115.46
CA ALA O 44 -28.96 -11.16 115.33
C ALA O 44 -29.07 -10.03 116.36
N PRO O 45 -28.53 -8.85 116.05
CA PRO O 45 -28.44 -7.79 117.04
C PRO O 45 -29.64 -6.86 117.02
N GLY O 46 -29.71 -6.00 118.04
CA GLY O 46 -30.59 -4.85 118.05
C GLY O 46 -29.76 -3.59 117.90
N LEU O 47 -30.20 -2.69 117.02
CA LEU O 47 -29.34 -1.59 116.61
C LEU O 47 -30.12 -0.30 116.48
N ILE O 48 -29.43 0.82 116.69
CA ILE O 48 -30.02 2.14 116.48
C ILE O 48 -29.02 2.99 115.69
N ASN O 49 -29.55 3.79 114.78
CA ASN O 49 -28.79 4.66 113.90
C ASN O 49 -29.45 6.04 113.86
N ALA O 50 -28.64 7.10 113.81
CA ALA O 50 -29.18 8.46 113.73
C ALA O 50 -28.22 9.38 113.00
N LYS O 51 -28.71 10.03 111.93
CA LYS O 51 -27.93 10.88 111.04
C LYS O 51 -28.52 12.28 110.98
N PHE O 52 -27.64 13.26 110.70
CA PHE O 52 -28.02 14.65 110.47
C PHE O 52 -27.56 15.09 109.09
N ASP O 53 -28.53 15.42 108.23
CA ASP O 53 -28.24 16.16 106.99
C ASP O 53 -28.44 17.63 107.32
N ILE O 54 -27.35 18.32 107.60
CA ILE O 54 -27.39 19.74 107.96
C ILE O 54 -27.02 20.55 106.72
N LYS O 55 -27.98 21.34 106.25
CA LYS O 55 -27.77 22.19 105.09
C LYS O 55 -26.89 23.38 105.46
N ALA O 56 -26.23 23.95 104.46
CA ALA O 56 -25.44 25.18 104.60
C ALA O 56 -26.30 26.28 105.19
N PRO O 57 -25.71 27.26 105.88
CA PRO O 57 -26.51 28.34 106.45
C PRO O 57 -27.34 29.03 105.38
N GLY O 58 -28.51 29.49 105.78
CA GLY O 58 -29.41 30.09 104.83
C GLY O 58 -30.84 29.97 105.31
N ILE O 59 -31.70 30.75 104.67
CA ILE O 59 -33.11 30.76 105.01
C ILE O 59 -33.91 29.77 104.18
N THR O 60 -33.29 29.16 103.17
CA THR O 60 -33.94 28.24 102.27
C THR O 60 -33.47 26.82 102.53
N GLY O 61 -34.34 25.86 102.23
CA GLY O 61 -34.02 24.46 102.36
C GLY O 61 -34.62 23.83 103.61
N ASN O 62 -34.45 22.51 103.70
CA ASN O 62 -34.85 21.73 104.86
C ASN O 62 -33.63 21.03 105.45
N ASP O 63 -33.51 21.07 106.76
CA ASP O 63 -32.60 20.20 107.50
C ASP O 63 -33.28 18.84 107.72
N ARG O 64 -32.49 17.77 107.82
CA ARG O 64 -33.09 16.45 107.94
C ARG O 64 -32.44 15.62 109.05
N ILE O 65 -33.28 14.87 109.76
CA ILE O 65 -32.87 13.91 110.78
C ILE O 65 -33.31 12.53 110.30
N HIS O 66 -32.41 11.57 110.36
CA HIS O 66 -32.73 10.18 110.03
C HIS O 66 -32.48 9.31 111.25
N ALA O 67 -33.38 8.37 111.51
CA ALA O 67 -33.23 7.48 112.65
C ALA O 67 -33.76 6.11 112.29
N ASN O 68 -33.08 5.08 112.75
CA ASN O 68 -33.46 3.70 112.45
C ASN O 68 -33.32 2.85 113.68
N LEU O 69 -34.39 2.14 114.05
CA LEU O 69 -34.37 1.21 115.16
C LEU O 69 -34.66 -0.18 114.62
N ARG O 70 -33.69 -1.08 114.74
CA ARG O 70 -33.68 -2.37 114.08
C ARG O 70 -33.59 -3.49 115.10
N LYS O 71 -34.25 -4.61 114.79
CA LYS O 71 -34.00 -5.88 115.46
C LYS O 71 -33.87 -6.95 114.39
N VAL O 72 -32.75 -7.67 114.40
CA VAL O 72 -32.49 -8.76 113.47
C VAL O 72 -32.98 -10.06 114.09
N VAL O 73 -33.55 -10.93 113.27
CA VAL O 73 -33.99 -12.25 113.72
C VAL O 73 -33.54 -13.28 112.71
N LEU O 74 -33.14 -14.44 113.20
CA LEU O 74 -32.66 -15.53 112.37
C LEU O 74 -33.76 -16.55 112.12
N ASP O 75 -33.79 -17.08 110.90
CA ASP O 75 -34.74 -18.14 110.56
C ASP O 75 -34.44 -19.41 111.35
N GLU O 76 -35.50 -20.08 111.79
CA GLU O 76 -35.32 -21.27 112.62
C GLU O 76 -34.54 -22.34 111.87
N LYS O 77 -34.87 -22.56 110.60
CA LYS O 77 -34.24 -23.62 109.82
C LYS O 77 -33.00 -23.11 109.09
N THR O 78 -33.17 -22.08 108.26
CA THR O 78 -32.08 -21.65 107.39
C THR O 78 -31.05 -20.76 108.08
N ASN O 79 -31.37 -20.21 109.26
CA ASN O 79 -30.53 -19.27 109.98
C ASN O 79 -30.20 -18.02 109.16
N LEU O 80 -30.94 -17.78 108.08
CA LEU O 80 -30.82 -16.55 107.32
C LEU O 80 -31.43 -15.40 108.12
N PRO O 81 -30.79 -14.26 108.16
CA PRO O 81 -31.31 -13.15 108.96
C PRO O 81 -32.30 -12.31 108.16
N SER O 82 -33.43 -11.99 108.75
CA SER O 82 -34.26 -10.91 108.27
C SER O 82 -34.48 -9.93 109.41
N THR O 83 -34.64 -8.66 109.07
CA THR O 83 -34.61 -7.60 110.06
C THR O 83 -35.90 -6.79 110.03
N GLY O 84 -36.42 -6.46 111.21
CA GLY O 84 -37.59 -5.62 111.37
C GLY O 84 -37.16 -4.26 111.89
N SER O 85 -37.81 -3.20 111.40
CA SER O 85 -37.26 -1.88 111.66
C SER O 85 -38.32 -0.79 111.64
N VAL O 86 -38.19 0.15 112.57
CA VAL O 86 -38.94 1.40 112.54
C VAL O 86 -37.97 2.52 112.22
N THR O 87 -38.19 3.22 111.12
CA THR O 87 -37.31 4.30 110.71
C THR O 87 -38.07 5.61 110.56
N ILE O 88 -37.42 6.70 110.95
CA ILE O 88 -38.05 8.02 111.06
C ILE O 88 -37.21 9.02 110.28
N GLN O 89 -37.88 9.87 109.50
CA GLN O 89 -37.26 11.03 108.87
C GLN O 89 -37.98 12.29 109.31
N VAL O 90 -37.23 13.22 109.89
CA VAL O 90 -37.74 14.52 110.30
C VAL O 90 -37.18 15.56 109.34
N SER O 91 -38.06 16.37 108.74
CA SER O 91 -37.68 17.41 107.80
C SER O 91 -38.12 18.75 108.37
N ILE O 92 -37.14 19.57 108.75
CA ILE O 92 -37.33 20.84 109.44
C ILE O 92 -36.99 21.97 108.46
N PRO O 93 -37.96 22.76 108.02
CA PRO O 93 -37.66 23.88 107.13
C PRO O 93 -36.89 24.99 107.85
N ARG O 94 -36.33 25.89 107.04
CA ARG O 94 -35.53 26.99 107.56
C ARG O 94 -36.20 28.35 107.46
N ASN O 95 -37.35 28.44 106.80
CA ASN O 95 -38.13 29.66 106.84
C ASN O 95 -38.44 30.02 108.29
N PRO O 96 -38.15 31.25 108.74
CA PRO O 96 -38.39 31.60 110.15
C PRO O 96 -39.82 31.41 110.59
N ALA O 97 -40.73 31.17 109.65
CA ALA O 97 -42.10 30.85 109.95
C ALA O 97 -42.28 29.43 110.47
N TRP O 98 -41.20 28.68 110.68
CA TRP O 98 -41.22 27.39 111.32
C TRP O 98 -40.59 27.48 112.72
N ASN O 99 -41.01 26.60 113.62
CA ASN O 99 -40.51 26.60 114.98
C ASN O 99 -40.09 25.22 115.43
N ALA O 100 -39.10 25.21 116.32
CA ALA O 100 -38.82 23.99 117.06
C ALA O 100 -40.07 23.48 117.75
N SER O 101 -40.97 24.38 118.16
CA SER O 101 -42.22 23.94 118.77
C SER O 101 -43.05 23.14 117.77
N MET O 102 -43.02 23.53 116.50
CA MET O 102 -43.75 22.80 115.48
C MET O 102 -43.11 21.44 115.22
N THR O 103 -41.77 21.40 115.19
CA THR O 103 -41.07 20.13 115.08
C THR O 103 -41.49 19.18 116.22
N VAL O 104 -41.42 19.68 117.45
CA VAL O 104 -41.77 18.85 118.61
C VAL O 104 -43.22 18.43 118.55
N SER O 105 -44.09 19.32 118.08
CA SER O 105 -45.52 18.97 117.99
C SER O 105 -45.72 17.81 117.02
N LEU O 106 -45.06 17.85 115.87
CA LEU O 106 -45.16 16.73 114.94
C LEU O 106 -44.60 15.45 115.55
N LEU O 107 -43.48 15.54 116.27
CA LEU O 107 -42.92 14.35 116.89
C LEU O 107 -43.90 13.75 117.90
N LYS O 108 -44.50 14.60 118.75
CA LYS O 108 -45.43 14.12 119.76
C LYS O 108 -46.67 13.51 119.12
N GLN O 109 -47.16 14.12 118.05
CA GLN O 109 -48.34 13.58 117.37
C GLN O 109 -48.05 12.23 116.73
N ALA O 110 -46.88 12.11 116.10
CA ALA O 110 -46.50 10.81 115.55
C ALA O 110 -46.38 9.76 116.64
N ALA O 111 -45.79 10.13 117.78
CA ALA O 111 -45.72 9.20 118.91
C ALA O 111 -47.11 8.77 119.35
N ASP O 112 -48.04 9.72 119.44
CA ASP O 112 -49.41 9.38 119.85
C ASP O 112 -50.06 8.45 118.84
N TYR O 113 -49.90 8.74 117.55
CA TYR O 113 -50.71 8.04 116.54
C TYR O 113 -50.14 6.69 116.16
N LEU O 114 -48.82 6.53 116.17
CA LEU O 114 -48.22 5.25 115.79
C LEU O 114 -47.74 4.42 116.98
N ALA O 115 -47.48 5.05 118.12
CA ALA O 115 -47.05 4.31 119.30
C ALA O 115 -48.02 4.38 120.46
N GLY O 116 -48.93 5.36 120.47
CA GLY O 116 -49.88 5.47 121.56
C GLY O 116 -49.25 5.81 122.89
N THR O 117 -48.39 6.83 122.91
CA THR O 117 -47.63 7.18 124.11
C THR O 117 -47.76 8.64 124.53
N SER O 118 -48.64 9.41 123.91
CA SER O 118 -48.81 10.81 124.25
C SER O 118 -49.10 11.02 125.74
N ALA O 119 -48.81 12.22 126.22
CA ALA O 119 -49.19 12.65 127.57
C ALA O 119 -50.71 12.76 127.68
N THR O 120 -51.20 12.83 128.91
CA THR O 120 -52.63 12.86 129.14
C THR O 120 -53.18 14.28 129.02
N VAL O 121 -54.20 14.43 128.19
CA VAL O 121 -54.91 15.68 127.96
C VAL O 121 -56.39 15.36 127.84
N SER O 122 -57.23 16.21 128.44
CA SER O 122 -58.67 16.02 128.38
C SER O 122 -59.15 16.01 126.93
N GLY O 123 -59.90 14.99 126.57
CA GLY O 123 -60.43 14.88 125.23
C GLY O 123 -59.55 14.22 124.21
N GLN O 124 -58.43 13.62 124.62
CA GLN O 124 -57.54 13.01 123.65
C GLN O 124 -58.13 11.69 123.23
N THR O 125 -57.87 11.27 121.99
CA THR O 125 -58.36 9.95 121.61
C THR O 125 -57.46 8.88 122.21
N ASP O 126 -58.08 7.77 122.60
CA ASP O 126 -57.36 6.66 123.21
C ASP O 126 -56.58 5.94 122.14
N THR O 127 -55.26 6.08 122.20
CA THR O 127 -54.35 5.52 121.22
C THR O 127 -53.63 4.30 121.74
N SER O 128 -54.03 3.77 122.90
CA SER O 128 -53.30 2.68 123.53
C SER O 128 -53.23 1.46 122.62
N GLY O 129 -54.32 1.13 121.94
CA GLY O 129 -54.36 -0.04 121.08
C GLY O 129 -53.86 0.19 119.68
N PHE O 130 -53.53 1.44 119.34
CA PHE O 130 -53.07 1.73 118.00
C PHE O 130 -51.79 1.00 117.62
N PRO O 131 -50.75 0.90 118.46
CA PRO O 131 -49.57 0.13 118.04
C PRO O 131 -49.90 -1.31 117.73
N ALA O 132 -50.80 -1.93 118.51
CA ALA O 132 -51.24 -3.27 118.19
C ALA O 132 -51.91 -3.32 116.82
N LYS O 133 -52.85 -2.39 116.57
CA LYS O 133 -53.53 -2.39 115.28
C LYS O 133 -52.54 -2.17 114.12
N TRP O 134 -51.53 -1.32 114.32
CA TRP O 134 -50.53 -1.12 113.28
C TRP O 134 -49.75 -2.40 113.03
N ALA O 135 -49.28 -3.03 114.11
CA ALA O 135 -48.53 -4.28 113.96
C ALA O 135 -49.36 -5.34 113.25
N GLY O 136 -50.69 -5.26 113.35
CA GLY O 136 -51.55 -6.11 112.56
C GLY O 136 -51.87 -5.61 111.17
N LEU O 137 -51.27 -4.50 110.74
CA LEU O 137 -51.59 -3.87 109.46
C LEU O 137 -53.07 -3.51 109.36
N MET O 138 -53.54 -2.75 110.35
CA MET O 138 -54.91 -2.29 110.41
C MET O 138 -54.91 -0.80 110.75
N PHE O 139 -55.62 -0.01 109.97
CA PHE O 139 -55.71 1.41 110.28
C PHE O 139 -56.50 1.59 111.56
N PRO O 140 -56.01 2.43 112.49
CA PRO O 140 -56.69 2.75 113.75
C PRO O 140 -58.06 3.39 113.51
N ALA P 1 -86.73 -63.78 -67.20
CA ALA P 1 -87.56 -62.59 -67.35
C ALA P 1 -88.21 -62.51 -68.72
N ALA P 2 -89.40 -61.93 -68.78
CA ALA P 2 -90.09 -61.77 -70.05
C ALA P 2 -89.34 -60.79 -70.95
N PRO P 3 -89.30 -61.04 -72.26
CA PRO P 3 -88.53 -60.16 -73.15
C PRO P 3 -89.22 -58.82 -73.40
N SER P 4 -90.54 -58.77 -73.26
CA SER P 4 -91.26 -57.54 -73.52
C SER P 4 -92.61 -57.60 -72.81
N LEU P 5 -93.19 -56.42 -72.60
CA LEU P 5 -94.40 -56.26 -71.82
C LEU P 5 -95.30 -55.23 -72.47
N ALA P 6 -96.60 -55.47 -72.41
CA ALA P 6 -97.60 -54.50 -72.81
C ALA P 6 -98.49 -54.27 -71.59
N LEU P 7 -98.17 -53.26 -70.79
CA LEU P 7 -98.88 -53.01 -69.55
C LEU P 7 -99.98 -51.99 -69.81
N VAL P 8 -101.03 -52.04 -69.00
CA VAL P 8 -102.13 -51.09 -69.14
C VAL P 8 -101.90 -49.90 -68.24
N GLY P 9 -101.97 -48.70 -68.81
CA GLY P 9 -101.91 -47.44 -68.10
C GLY P 9 -103.04 -46.54 -68.57
N ALA P 10 -102.82 -45.23 -68.43
CA ALA P 10 -103.83 -44.24 -68.76
C ALA P 10 -103.22 -43.10 -69.58
N ASN P 11 -104.00 -42.61 -70.55
CA ASN P 11 -103.61 -41.47 -71.37
C ASN P 11 -104.05 -40.19 -70.66
N SER P 12 -104.01 -39.07 -71.39
CA SER P 12 -104.43 -37.80 -70.80
C SER P 12 -105.92 -37.79 -70.47
N THR P 13 -106.72 -38.59 -71.19
CA THR P 13 -108.14 -38.75 -70.92
C THR P 13 -108.41 -39.69 -69.75
N LEU P 14 -107.37 -40.39 -69.27
CA LEU P 14 -107.47 -41.48 -68.31
C LEU P 14 -108.15 -42.72 -68.87
N ALA P 15 -108.24 -42.81 -70.20
CA ALA P 15 -108.71 -44.04 -70.83
C ALA P 15 -107.58 -45.07 -70.82
N SER P 16 -107.97 -46.35 -70.73
CA SER P 16 -107.00 -47.42 -70.64
C SER P 16 -106.20 -47.52 -71.94
N THR P 17 -104.88 -47.38 -71.83
CA THR P 17 -103.98 -47.35 -72.98
C THR P 17 -102.83 -48.31 -72.74
N LEU P 18 -102.37 -48.97 -73.80
CA LEU P 18 -101.19 -49.80 -73.64
C LEU P 18 -99.93 -48.95 -73.55
N VAL P 19 -98.98 -49.45 -72.77
CA VAL P 19 -97.64 -48.89 -72.67
C VAL P 19 -96.65 -50.03 -72.77
N ASN P 20 -95.73 -49.91 -73.73
CA ASN P 20 -94.90 -51.02 -74.18
C ASN P 20 -93.50 -50.90 -73.59
N TYR P 21 -93.07 -51.94 -72.89
CA TYR P 21 -91.72 -52.03 -72.36
C TYR P 21 -91.02 -53.20 -73.03
N SER P 22 -89.69 -53.10 -73.12
CA SER P 22 -88.86 -54.18 -73.62
C SER P 22 -87.67 -54.33 -72.69
N LEU P 23 -87.17 -55.56 -72.59
CA LEU P 23 -86.12 -55.90 -71.63
C LEU P 23 -84.81 -55.23 -72.06
N ARG P 24 -84.36 -54.25 -71.27
CA ARG P 24 -83.03 -53.71 -71.45
C ARG P 24 -81.97 -54.71 -70.97
N SER P 25 -82.03 -55.10 -69.70
CA SER P 25 -80.98 -55.99 -69.23
C SER P 25 -81.45 -56.79 -68.02
N GLN P 26 -81.02 -58.04 -67.95
CA GLN P 26 -81.19 -58.85 -66.75
C GLN P 26 -79.84 -59.04 -66.09
N ASN P 27 -79.70 -58.50 -64.90
CA ASN P 27 -78.64 -58.84 -63.96
C ASN P 27 -79.17 -59.95 -63.03
N GLY P 28 -78.28 -60.55 -62.25
CA GLY P 28 -78.70 -61.62 -61.38
C GLY P 28 -79.72 -61.16 -60.35
N ASN P 29 -80.94 -61.69 -60.44
CA ASN P 29 -82.06 -61.27 -59.60
C ASN P 29 -82.35 -59.78 -59.75
N ASN P 30 -82.15 -59.26 -60.96
CA ASN P 30 -82.43 -57.86 -61.22
C ASN P 30 -82.81 -57.70 -62.69
N VAL P 31 -83.84 -56.89 -62.95
CA VAL P 31 -84.37 -56.76 -64.31
C VAL P 31 -84.65 -55.28 -64.58
N ASP P 32 -84.24 -54.82 -65.76
CA ASP P 32 -84.44 -53.45 -66.21
C ASP P 32 -85.15 -53.46 -67.55
N TYR P 33 -86.34 -52.85 -67.59
CA TYR P 33 -87.14 -52.66 -68.79
C TYR P 33 -87.19 -51.19 -69.17
N VAL P 34 -87.36 -50.93 -70.47
CA VAL P 34 -87.42 -49.57 -71.02
C VAL P 34 -88.67 -49.44 -71.88
N CYS P 35 -89.29 -48.27 -71.85
CA CYS P 35 -90.49 -48.04 -72.64
C CYS P 35 -90.11 -47.79 -74.09
N THR P 36 -90.79 -48.49 -75.00
CA THR P 36 -90.51 -48.45 -76.43
C THR P 36 -91.50 -47.57 -77.20
N ASP P 37 -92.34 -46.82 -76.50
CA ASP P 37 -93.28 -45.93 -77.15
C ASP P 37 -92.56 -44.65 -77.58
N PRO P 38 -93.20 -43.83 -78.41
CA PRO P 38 -92.66 -42.47 -78.64
C PRO P 38 -92.69 -41.59 -77.40
N ASP P 39 -93.46 -41.95 -76.37
CA ASP P 39 -93.51 -41.16 -75.13
C ASP P 39 -92.15 -41.08 -74.46
N SER P 40 -91.42 -42.20 -74.41
CA SER P 40 -90.11 -42.22 -73.80
C SER P 40 -89.04 -42.08 -74.89
N THR P 41 -88.03 -41.29 -74.57
CA THR P 41 -86.80 -41.17 -75.32
C THR P 41 -85.65 -41.42 -74.36
N LEU P 42 -84.44 -41.55 -74.90
CA LEU P 42 -83.29 -41.71 -74.01
C LEU P 42 -83.15 -40.52 -73.07
N SER P 43 -83.50 -39.32 -73.55
CA SER P 43 -83.37 -38.12 -72.73
C SER P 43 -84.38 -38.11 -71.58
N ALA P 44 -85.61 -38.58 -71.84
CA ALA P 44 -86.67 -38.62 -70.84
C ALA P 44 -87.38 -39.96 -70.91
N PRO P 45 -86.82 -41.00 -70.32
CA PRO P 45 -87.32 -42.35 -70.54
C PRO P 45 -88.41 -42.76 -69.57
N GLY P 46 -89.09 -43.84 -69.93
CA GLY P 46 -89.94 -44.59 -69.03
C GLY P 46 -89.24 -45.91 -68.71
N LEU P 47 -89.21 -46.25 -67.42
CA LEU P 47 -88.32 -47.31 -66.98
C LEU P 47 -89.01 -48.19 -65.94
N ILE P 48 -88.59 -49.45 -65.89
CA ILE P 48 -89.03 -50.38 -64.86
C ILE P 48 -87.82 -51.14 -64.33
N ASN P 49 -87.79 -51.34 -63.01
CA ASN P 49 -86.72 -52.06 -62.34
C ASN P 49 -87.33 -53.01 -61.32
N ALA P 50 -86.80 -54.25 -61.27
CA ALA P 50 -87.29 -55.26 -60.34
C ALA P 50 -86.13 -56.04 -59.73
N LYS P 51 -86.09 -56.13 -58.41
CA LYS P 51 -84.98 -56.68 -57.66
C LYS P 51 -85.49 -57.69 -56.64
N PHE P 52 -84.62 -58.64 -56.29
CA PHE P 52 -84.93 -59.70 -55.31
C PHE P 52 -83.85 -59.72 -54.25
N ASP P 53 -84.22 -59.32 -53.02
CA ASP P 53 -83.37 -59.47 -51.85
C ASP P 53 -83.74 -60.81 -51.21
N ILE P 54 -82.99 -61.85 -51.56
CA ILE P 54 -83.23 -63.20 -51.08
C ILE P 54 -82.15 -63.54 -50.08
N LYS P 55 -82.55 -63.82 -48.85
CA LYS P 55 -81.60 -64.13 -47.80
C LYS P 55 -81.08 -65.56 -47.96
N ALA P 56 -79.96 -65.85 -47.30
CA ALA P 56 -79.37 -67.18 -47.35
C ALA P 56 -80.40 -68.22 -46.90
N PRO P 57 -80.37 -69.42 -47.47
CA PRO P 57 -81.40 -70.42 -47.12
C PRO P 57 -81.40 -70.84 -45.66
N GLY P 58 -80.23 -70.84 -45.00
CA GLY P 58 -80.22 -71.15 -43.59
C GLY P 58 -80.85 -70.08 -42.73
N ILE P 59 -80.61 -68.80 -43.07
CA ILE P 59 -81.06 -67.67 -42.26
C ILE P 59 -82.56 -67.49 -42.42
N THR P 60 -83.25 -67.23 -41.30
CA THR P 60 -84.63 -66.78 -41.33
C THR P 60 -84.69 -65.26 -41.32
N GLY P 61 -85.52 -64.71 -42.19
CA GLY P 61 -85.77 -63.28 -42.23
C GLY P 61 -86.98 -63.07 -43.09
N ASN P 62 -87.01 -61.92 -43.76
CA ASN P 62 -88.00 -61.66 -44.80
C ASN P 62 -87.28 -61.61 -46.14
N ASP P 63 -87.83 -62.31 -47.12
CA ASP P 63 -87.43 -62.10 -48.50
C ASP P 63 -88.12 -60.84 -49.03
N ARG P 64 -87.45 -60.12 -49.93
CA ARG P 64 -87.98 -58.83 -50.37
C ARG P 64 -87.97 -58.71 -51.90
N ILE P 65 -89.00 -58.03 -52.41
CA ILE P 65 -89.13 -57.68 -53.82
C ILE P 65 -89.16 -56.17 -53.90
N HIS P 66 -88.34 -55.59 -54.79
CA HIS P 66 -88.31 -54.15 -55.00
C HIS P 66 -88.66 -53.86 -56.44
N ALA P 67 -89.75 -53.13 -56.67
CA ALA P 67 -90.17 -52.75 -58.00
C ALA P 67 -90.25 -51.23 -58.10
N ASN P 68 -89.93 -50.72 -59.28
CA ASN P 68 -89.90 -49.28 -59.50
C ASN P 68 -90.34 -49.00 -60.93
N LEU P 69 -91.39 -48.18 -61.08
CA LEU P 69 -91.89 -47.76 -62.38
C LEU P 69 -91.78 -46.25 -62.46
N ARG P 70 -90.97 -45.76 -63.41
CA ARG P 70 -90.58 -44.37 -63.50
C ARG P 70 -90.97 -43.79 -64.85
N LYS P 71 -91.27 -42.50 -64.86
CA LYS P 71 -91.37 -41.71 -66.07
C LYS P 71 -90.63 -40.39 -65.84
N VAL P 72 -89.64 -40.12 -66.68
CA VAL P 72 -88.88 -38.87 -66.61
C VAL P 72 -89.56 -37.85 -67.51
N VAL P 73 -89.60 -36.60 -67.07
CA VAL P 73 -90.16 -35.52 -67.87
C VAL P 73 -89.20 -34.35 -67.84
N LEU P 74 -89.14 -33.62 -68.94
CA LEU P 74 -88.27 -32.47 -69.10
C LEU P 74 -89.05 -31.18 -68.92
N ASP P 75 -88.46 -30.22 -68.22
CA ASP P 75 -89.07 -28.90 -68.10
C ASP P 75 -89.08 -28.19 -69.45
N GLU P 76 -90.22 -27.59 -69.78
CA GLU P 76 -90.31 -26.86 -71.04
C GLU P 76 -89.25 -25.75 -71.10
N LYS P 77 -89.11 -24.99 -70.01
CA LYS P 77 -88.22 -23.84 -70.05
C LYS P 77 -86.75 -24.24 -69.89
N THR P 78 -86.43 -25.12 -68.93
CA THR P 78 -85.03 -25.40 -68.62
C THR P 78 -84.53 -26.74 -69.15
N ASN P 79 -85.40 -27.60 -69.68
CA ASN P 79 -85.06 -28.96 -70.10
C ASN P 79 -84.42 -29.78 -68.99
N LEU P 80 -84.51 -29.32 -67.74
CA LEU P 80 -84.04 -30.10 -66.61
C LEU P 80 -85.01 -31.25 -66.34
N PRO P 81 -84.49 -32.42 -66.06
CA PRO P 81 -85.36 -33.58 -65.88
C PRO P 81 -85.81 -33.73 -64.45
N SER P 82 -87.11 -33.92 -64.25
CA SER P 82 -87.59 -34.43 -62.98
C SER P 82 -88.44 -35.66 -63.26
N THR P 83 -88.46 -36.57 -62.32
CA THR P 83 -89.02 -37.89 -62.55
C THR P 83 -90.16 -38.18 -61.59
N GLY P 84 -91.15 -38.92 -62.08
CA GLY P 84 -92.27 -39.37 -61.26
C GLY P 84 -92.28 -40.88 -61.21
N SER P 85 -92.59 -41.44 -60.03
CA SER P 85 -92.35 -42.87 -59.88
C SER P 85 -93.33 -43.51 -58.90
N VAL P 86 -93.60 -44.79 -59.14
CA VAL P 86 -94.28 -45.66 -58.19
C VAL P 86 -93.34 -46.79 -57.83
N THR P 87 -93.01 -46.90 -56.55
CA THR P 87 -92.14 -47.96 -56.05
C THR P 87 -92.92 -48.86 -55.09
N ILE P 88 -92.56 -50.14 -55.12
CA ILE P 88 -93.28 -51.18 -54.40
C ILE P 88 -92.27 -52.07 -53.71
N GLN P 89 -92.51 -52.38 -52.44
CA GLN P 89 -91.65 -53.29 -51.71
C GLN P 89 -92.54 -54.38 -51.11
N VAL P 90 -92.27 -55.63 -51.47
CA VAL P 90 -93.00 -56.77 -50.96
C VAL P 90 -92.08 -57.50 -49.99
N SER P 91 -92.51 -57.63 -48.73
CA SER P 91 -91.74 -58.32 -47.70
C SER P 91 -92.51 -59.58 -47.31
N ILE P 92 -91.95 -60.73 -47.67
CA ILE P 92 -92.56 -62.05 -47.51
C ILE P 92 -91.79 -62.78 -46.41
N PRO P 93 -92.43 -63.16 -45.31
CA PRO P 93 -91.73 -63.90 -44.26
C PRO P 93 -91.48 -65.36 -44.60
N ARG P 94 -90.39 -65.89 -44.04
CA ARG P 94 -89.96 -67.26 -44.29
C ARG P 94 -90.56 -68.27 -43.32
N ASN P 95 -91.70 -67.96 -42.71
CA ASN P 95 -92.41 -68.87 -41.82
C ASN P 95 -93.49 -69.62 -42.60
N PRO P 96 -93.55 -70.95 -42.51
CA PRO P 96 -94.60 -71.69 -43.24
C PRO P 96 -96.00 -71.24 -42.91
N ALA P 97 -96.19 -70.48 -41.83
CA ALA P 97 -97.49 -69.92 -41.52
C ALA P 97 -97.91 -68.83 -42.51
N TRP P 98 -97.02 -68.42 -43.41
CA TRP P 98 -97.30 -67.51 -44.50
C TRP P 98 -97.23 -68.26 -45.81
N ASN P 99 -98.02 -67.84 -46.79
CA ASN P 99 -97.96 -68.53 -48.08
C ASN P 99 -98.24 -67.57 -49.22
N ALA P 100 -98.08 -68.12 -50.43
CA ALA P 100 -98.20 -67.31 -51.63
C ALA P 100 -99.60 -66.74 -51.79
N SER P 101 -100.62 -67.45 -51.29
CA SER P 101 -101.97 -66.91 -51.37
C SER P 101 -102.06 -65.60 -50.59
N MET P 102 -101.36 -65.51 -49.46
CA MET P 102 -101.37 -64.29 -48.67
C MET P 102 -100.56 -63.19 -49.36
N THR P 103 -99.41 -63.56 -49.94
CA THR P 103 -98.66 -62.57 -50.75
C THR P 103 -99.55 -61.97 -51.83
N VAL P 104 -100.22 -62.84 -52.59
CA VAL P 104 -101.07 -62.39 -53.68
C VAL P 104 -102.23 -61.58 -53.15
N SER P 105 -102.78 -61.96 -51.99
CA SER P 105 -103.89 -61.21 -51.41
C SER P 105 -103.48 -59.78 -51.10
N LEU P 106 -102.29 -59.61 -50.50
CA LEU P 106 -101.82 -58.25 -50.26
C LEU P 106 -101.62 -57.49 -51.56
N LEU P 107 -101.06 -58.14 -52.59
CA LEU P 107 -100.88 -57.45 -53.86
C LEU P 107 -102.22 -57.00 -54.44
N LYS P 108 -103.21 -57.89 -54.42
CA LYS P 108 -104.52 -57.56 -54.97
C LYS P 108 -105.19 -56.43 -54.21
N GLN P 109 -105.05 -56.44 -52.88
CA GLN P 109 -105.68 -55.39 -52.08
C GLN P 109 -105.01 -54.04 -52.34
N ALA P 110 -103.68 -54.03 -52.44
CA ALA P 110 -102.99 -52.78 -52.76
C ALA P 110 -103.42 -52.27 -54.13
N ALA P 111 -103.55 -53.18 -55.10
CA ALA P 111 -104.03 -52.79 -56.42
C ALA P 111 -105.42 -52.16 -56.34
N ASP P 112 -106.34 -52.81 -55.63
CA ASP P 112 -107.68 -52.26 -55.49
C ASP P 112 -107.65 -50.87 -54.84
N TYR P 113 -106.86 -50.71 -53.78
CA TYR P 113 -106.97 -49.50 -52.99
C TYR P 113 -106.20 -48.32 -53.57
N LEU P 114 -105.13 -48.55 -54.32
CA LEU P 114 -104.37 -47.43 -54.88
C LEU P 114 -104.53 -47.25 -56.38
N ALA P 115 -104.91 -48.31 -57.12
CA ALA P 115 -105.15 -48.18 -58.55
C ALA P 115 -106.60 -48.40 -58.93
N GLY P 116 -107.40 -49.00 -58.06
CA GLY P 116 -108.80 -49.26 -58.36
C GLY P 116 -108.98 -50.21 -59.51
N THR P 117 -108.32 -51.38 -59.45
CA THR P 117 -108.36 -52.34 -60.55
C THR P 117 -108.74 -53.75 -60.11
N SER P 118 -109.24 -53.94 -58.90
CA SER P 118 -109.66 -55.25 -58.44
C SER P 118 -110.70 -55.89 -59.38
N ALA P 119 -110.80 -57.22 -59.29
CA ALA P 119 -111.84 -57.97 -59.98
C ALA P 119 -113.20 -57.69 -59.34
N THR P 120 -114.26 -57.88 -60.14
CA THR P 120 -115.60 -57.59 -59.65
C THR P 120 -116.02 -58.64 -58.62
N VAL P 121 -116.41 -58.18 -57.44
CA VAL P 121 -116.84 -59.01 -56.32
C VAL P 121 -117.94 -58.25 -55.59
N SER P 122 -119.07 -58.91 -55.33
CA SER P 122 -120.21 -58.18 -54.79
C SER P 122 -119.89 -57.66 -53.40
N GLY P 123 -120.25 -56.41 -53.16
CA GLY P 123 -119.98 -55.76 -51.89
C GLY P 123 -118.67 -55.01 -51.82
N GLN P 124 -117.86 -55.05 -52.87
CA GLN P 124 -116.63 -54.28 -52.91
C GLN P 124 -116.93 -52.79 -52.97
N THR P 125 -116.09 -52.00 -52.32
CA THR P 125 -116.21 -50.56 -52.48
C THR P 125 -115.76 -50.16 -53.87
N ASP P 126 -116.41 -49.12 -54.41
CA ASP P 126 -116.11 -48.63 -55.75
C ASP P 126 -114.81 -47.84 -55.69
N THR P 127 -113.72 -48.50 -56.07
CA THR P 127 -112.39 -47.92 -55.98
C THR P 127 -111.96 -47.25 -57.27
N SER P 128 -112.88 -47.10 -58.23
CA SER P 128 -112.51 -46.59 -59.55
C SER P 128 -111.93 -45.19 -59.49
N GLY P 129 -112.45 -44.33 -58.60
CA GLY P 129 -111.98 -42.97 -58.51
C GLY P 129 -110.82 -42.77 -57.58
N PHE P 130 -110.43 -43.83 -56.87
CA PHE P 130 -109.33 -43.70 -55.92
C PHE P 130 -108.02 -43.27 -56.55
N PRO P 131 -107.59 -43.80 -57.72
CA PRO P 131 -106.33 -43.28 -58.29
C PRO P 131 -106.38 -41.79 -58.59
N ALA P 132 -107.53 -41.30 -59.07
CA ALA P 132 -107.68 -39.86 -59.23
C ALA P 132 -107.50 -39.12 -57.92
N LYS P 133 -108.18 -39.59 -56.86
CA LYS P 133 -108.05 -38.92 -55.57
C LYS P 133 -106.61 -38.95 -55.07
N TRP P 134 -105.93 -40.09 -55.23
CA TRP P 134 -104.54 -40.17 -54.78
C TRP P 134 -103.67 -39.17 -55.54
N ALA P 135 -103.82 -39.13 -56.87
CA ALA P 135 -103.06 -38.18 -57.69
C ALA P 135 -103.38 -36.74 -57.33
N GLY P 136 -104.50 -36.50 -56.66
CA GLY P 136 -104.77 -35.20 -56.09
C GLY P 136 -104.30 -34.99 -54.66
N LEU P 137 -103.57 -35.94 -54.08
CA LEU P 137 -103.21 -35.94 -52.65
C LEU P 137 -104.44 -35.80 -51.76
N MET P 138 -105.42 -36.67 -52.00
CA MET P 138 -106.66 -36.73 -51.23
C MET P 138 -106.89 -38.16 -50.80
N PHE P 139 -107.19 -38.37 -49.53
CA PHE P 139 -107.53 -39.73 -49.09
C PHE P 139 -108.87 -40.13 -49.67
N PRO P 140 -109.00 -41.36 -50.20
CA PRO P 140 -110.27 -41.86 -50.72
C PRO P 140 -111.34 -41.86 -49.64
N ALA Q 1 -78.39 -70.66 -70.56
CA ALA Q 1 -78.71 -71.74 -69.63
C ALA Q 1 -80.11 -72.28 -69.87
N ALA Q 2 -80.33 -73.55 -69.53
CA ALA Q 2 -81.63 -74.16 -69.71
C ALA Q 2 -82.67 -73.47 -68.83
N PRO Q 3 -83.84 -73.11 -69.38
CA PRO Q 3 -84.84 -72.41 -68.57
C PRO Q 3 -85.48 -73.28 -67.49
N SER Q 4 -85.44 -74.60 -67.64
CA SER Q 4 -86.03 -75.48 -66.64
C SER Q 4 -85.37 -76.84 -66.74
N LEU Q 5 -85.46 -77.59 -65.65
CA LEU Q 5 -84.80 -78.88 -65.51
C LEU Q 5 -85.71 -79.87 -64.81
N ALA Q 6 -85.65 -81.13 -65.23
CA ALA Q 6 -86.34 -82.22 -64.57
C ALA Q 6 -85.28 -83.26 -64.21
N LEU Q 7 -84.77 -83.17 -62.99
CA LEU Q 7 -83.66 -84.01 -62.57
C LEU Q 7 -84.21 -85.23 -61.82
N VAL Q 8 -83.44 -86.31 -61.78
CA VAL Q 8 -83.85 -87.51 -61.09
C VAL Q 8 -83.26 -87.51 -59.68
N GLY Q 9 -84.12 -87.71 -58.69
CA GLY Q 9 -83.70 -87.89 -57.31
C GLY Q 9 -84.41 -89.08 -56.72
N ALA Q 10 -84.55 -89.13 -55.40
CA ALA Q 10 -85.14 -90.27 -54.72
C ALA Q 10 -86.26 -89.80 -53.79
N ASN Q 11 -87.36 -90.56 -53.78
CA ASN Q 11 -88.47 -90.29 -52.86
C ASN Q 11 -88.12 -90.86 -51.49
N SER Q 12 -89.10 -90.89 -50.59
CA SER Q 12 -88.86 -91.43 -49.25
C SER Q 12 -88.48 -92.91 -49.29
N THR Q 13 -88.82 -93.61 -50.37
CA THR Q 13 -88.51 -95.03 -50.52
C THR Q 13 -87.25 -95.26 -51.34
N LEU Q 14 -86.59 -94.19 -51.79
CA LEU Q 14 -85.41 -94.24 -52.65
C LEU Q 14 -85.73 -94.66 -54.07
N ALA Q 15 -86.99 -94.60 -54.48
CA ALA Q 15 -87.35 -94.81 -55.86
C ALA Q 15 -87.04 -93.57 -56.69
N SER Q 16 -86.64 -93.79 -57.93
CA SER Q 16 -86.30 -92.66 -58.80
C SER Q 16 -87.54 -91.81 -59.06
N THR Q 17 -87.43 -90.52 -58.73
CA THR Q 17 -88.54 -89.58 -58.83
C THR Q 17 -88.04 -88.29 -59.45
N LEU Q 18 -88.87 -87.67 -60.29
CA LEU Q 18 -88.46 -86.39 -60.85
C LEU Q 18 -88.54 -85.28 -59.79
N VAL Q 19 -87.65 -84.31 -59.96
CA VAL Q 19 -87.59 -83.10 -59.16
C VAL Q 19 -87.40 -81.94 -60.11
N ASN Q 20 -88.31 -80.99 -60.07
CA ASN Q 20 -88.45 -79.97 -61.10
C ASN Q 20 -87.87 -78.65 -60.64
N TYR Q 21 -86.93 -78.13 -61.40
CA TYR Q 21 -86.31 -76.85 -61.13
C TYR Q 21 -86.61 -75.90 -62.29
N SER Q 22 -86.66 -74.61 -61.98
CA SER Q 22 -86.83 -73.56 -62.98
C SER Q 22 -85.78 -72.48 -62.74
N LEU Q 23 -85.33 -71.87 -63.82
CA LEU Q 23 -84.25 -70.89 -63.79
C LEU Q 23 -84.76 -69.58 -63.21
N ARG Q 24 -84.21 -69.19 -62.06
CA ARG Q 24 -84.64 -67.94 -61.43
C ARG Q 24 -83.95 -66.74 -62.08
N SER Q 25 -82.62 -66.77 -62.21
CA SER Q 25 -81.90 -65.67 -62.83
C SER Q 25 -80.52 -66.17 -63.28
N GLN Q 26 -79.79 -65.29 -63.95
CA GLN Q 26 -78.42 -65.57 -64.37
C GLN Q 26 -77.58 -64.31 -64.18
N ASN Q 27 -76.58 -64.40 -63.31
CA ASN Q 27 -75.62 -63.34 -62.97
C ASN Q 27 -74.30 -63.62 -63.69
N GLY Q 28 -73.27 -62.87 -63.32
CA GLY Q 28 -71.94 -63.08 -63.85
C GLY Q 28 -71.42 -64.46 -63.56
N ASN Q 29 -71.32 -65.26 -64.62
CA ASN Q 29 -70.73 -66.60 -64.59
C ASN Q 29 -71.41 -67.48 -63.55
N ASN Q 30 -72.74 -67.37 -63.43
CA ASN Q 30 -73.46 -68.22 -62.50
C ASN Q 30 -74.90 -68.38 -62.95
N VAL Q 31 -75.58 -69.32 -62.30
CA VAL Q 31 -76.94 -69.73 -62.65
C VAL Q 31 -77.63 -70.17 -61.37
N ASP Q 32 -78.88 -69.72 -61.19
CA ASP Q 32 -79.67 -69.97 -59.99
C ASP Q 32 -81.00 -70.63 -60.38
N TYR Q 33 -81.22 -71.85 -59.89
CA TYR Q 33 -82.44 -72.61 -60.12
C TYR Q 33 -83.18 -72.81 -58.81
N VAL Q 34 -84.51 -72.88 -58.90
CA VAL Q 34 -85.39 -73.06 -57.75
C VAL Q 34 -86.32 -74.24 -58.02
N CYS Q 35 -86.61 -75.03 -56.99
CA CYS Q 35 -87.50 -76.16 -57.15
C CYS Q 35 -88.94 -75.68 -57.20
N THR Q 36 -89.70 -76.20 -58.17
CA THR Q 36 -91.08 -75.80 -58.43
C THR Q 36 -92.09 -76.83 -57.97
N ASP Q 37 -91.66 -77.87 -57.26
CA ASP Q 37 -92.56 -78.88 -56.76
C ASP Q 37 -93.36 -78.30 -55.60
N PRO Q 38 -94.42 -78.99 -55.17
CA PRO Q 38 -95.17 -78.50 -54.00
C PRO Q 38 -94.39 -78.56 -52.70
N ASP Q 39 -93.46 -79.51 -52.55
CA ASP Q 39 -92.77 -79.67 -51.26
C ASP Q 39 -91.77 -78.55 -50.98
N SER Q 40 -91.38 -77.76 -51.98
CA SER Q 40 -90.48 -76.63 -51.77
C SER Q 40 -91.29 -75.35 -51.74
N THR Q 41 -91.06 -74.54 -50.72
CA THR Q 41 -91.67 -73.24 -50.52
C THR Q 41 -90.59 -72.27 -50.09
N LEU Q 42 -90.93 -70.99 -50.02
CA LEU Q 42 -89.92 -70.01 -49.61
C LEU Q 42 -89.41 -70.29 -48.21
N SER Q 43 -90.25 -70.88 -47.36
CA SER Q 43 -89.84 -71.22 -46.01
C SER Q 43 -88.78 -72.32 -46.02
N ALA Q 44 -88.92 -73.29 -46.92
CA ALA Q 44 -87.98 -74.41 -47.00
C ALA Q 44 -87.80 -74.81 -48.46
N PRO Q 45 -86.97 -74.08 -49.20
CA PRO Q 45 -86.86 -74.28 -50.65
C PRO Q 45 -85.84 -75.35 -51.02
N GLY Q 46 -85.90 -75.74 -52.29
CA GLY Q 46 -84.85 -76.51 -52.93
C GLY Q 46 -84.17 -75.63 -53.98
N LEU Q 47 -82.84 -75.66 -53.99
CA LEU Q 47 -82.08 -74.69 -54.77
C LEU Q 47 -80.92 -75.38 -55.48
N ILE Q 48 -80.55 -74.86 -56.64
CA ILE Q 48 -79.34 -75.28 -57.35
C ILE Q 48 -78.61 -74.04 -57.83
N ASN Q 49 -77.28 -74.04 -57.69
CA ASN Q 49 -76.47 -72.88 -58.02
C ASN Q 49 -75.19 -73.33 -58.70
N ALA Q 50 -74.80 -72.65 -59.78
CA ALA Q 50 -73.60 -73.01 -60.52
C ALA Q 50 -72.81 -71.75 -60.88
N LYS Q 51 -71.49 -71.85 -60.83
CA LYS Q 51 -70.60 -70.72 -61.05
C LYS Q 51 -69.33 -71.17 -61.75
N PHE Q 52 -68.80 -70.32 -62.62
CA PHE Q 52 -67.51 -70.56 -63.27
C PHE Q 52 -66.48 -69.55 -62.78
N ASP Q 53 -65.34 -70.05 -62.33
CA ASP Q 53 -64.13 -69.24 -62.12
C ASP Q 53 -63.23 -69.51 -63.31
N ILE Q 54 -63.19 -68.56 -64.24
CA ILE Q 54 -62.52 -68.75 -65.53
C ILE Q 54 -61.24 -67.92 -65.54
N LYS Q 55 -60.11 -68.59 -65.68
CA LYS Q 55 -58.83 -67.89 -65.68
C LYS Q 55 -58.54 -67.34 -67.08
N ALA Q 56 -57.57 -66.43 -67.14
CA ALA Q 56 -57.26 -65.71 -68.37
C ALA Q 56 -56.83 -66.68 -69.47
N PRO Q 57 -56.92 -66.26 -70.73
CA PRO Q 57 -56.49 -67.13 -71.82
C PRO Q 57 -55.02 -67.52 -71.68
N GLY Q 58 -54.72 -68.75 -72.08
CA GLY Q 58 -53.40 -69.31 -71.94
C GLY Q 58 -53.53 -70.76 -71.54
N ILE Q 59 -52.39 -71.40 -71.26
CA ILE Q 59 -52.39 -72.78 -70.82
C ILE Q 59 -51.90 -72.92 -69.38
N THR Q 60 -51.80 -71.81 -68.65
CA THR Q 60 -51.14 -71.84 -67.35
C THR Q 60 -52.09 -72.26 -66.22
N GLY Q 61 -53.34 -71.81 -66.25
CA GLY Q 61 -54.18 -71.82 -65.08
C GLY Q 61 -54.94 -73.11 -64.84
N ASN Q 62 -55.91 -73.01 -63.93
CA ASN Q 62 -56.89 -74.04 -63.60
C ASN Q 62 -58.26 -73.38 -63.54
N ASP Q 63 -59.13 -73.72 -64.50
CA ASP Q 63 -60.52 -73.28 -64.47
C ASP Q 63 -61.28 -74.04 -63.39
N ARG Q 64 -62.35 -73.44 -62.86
CA ARG Q 64 -63.12 -74.09 -61.81
C ARG Q 64 -64.61 -73.94 -62.02
N ILE Q 65 -65.35 -75.00 -61.68
CA ILE Q 65 -66.80 -75.04 -61.69
C ILE Q 65 -67.26 -75.29 -60.26
N HIS Q 66 -68.23 -74.51 -59.82
CA HIS Q 66 -68.82 -74.65 -58.48
C HIS Q 66 -70.30 -74.92 -58.64
N ALA Q 67 -70.76 -76.09 -58.19
CA ALA Q 67 -72.17 -76.42 -58.17
C ALA Q 67 -72.61 -76.65 -56.72
N ASN Q 68 -73.87 -76.38 -56.46
CA ASN Q 68 -74.39 -76.49 -55.10
C ASN Q 68 -75.87 -76.84 -55.18
N LEU Q 69 -76.24 -78.00 -54.63
CA LEU Q 69 -77.62 -78.47 -54.61
C LEU Q 69 -78.06 -78.54 -53.16
N ARG Q 70 -79.03 -77.72 -52.79
CA ARG Q 70 -79.46 -77.58 -51.42
C ARG Q 70 -80.95 -77.87 -51.27
N LYS Q 71 -81.32 -78.34 -50.08
CA LYS Q 71 -82.71 -78.46 -49.66
C LYS Q 71 -82.83 -78.06 -48.20
N VAL Q 72 -83.76 -77.16 -47.91
CA VAL Q 72 -83.99 -76.69 -46.55
C VAL Q 72 -85.13 -77.51 -45.96
N VAL Q 73 -85.03 -77.80 -44.66
CA VAL Q 73 -86.06 -78.54 -43.95
C VAL Q 73 -86.34 -77.82 -42.63
N LEU Q 74 -87.58 -77.94 -42.17
CA LEU Q 74 -88.02 -77.30 -40.94
C LEU Q 74 -88.25 -78.35 -39.85
N ASP Q 75 -87.82 -78.02 -38.63
CA ASP Q 75 -88.02 -78.91 -37.49
C ASP Q 75 -89.51 -79.09 -37.20
N GLU Q 76 -89.93 -80.35 -36.98
CA GLU Q 76 -91.34 -80.59 -36.65
C GLU Q 76 -91.73 -79.92 -35.34
N LYS Q 77 -90.77 -79.69 -34.45
CA LYS Q 77 -91.10 -79.15 -33.14
C LYS Q 77 -91.02 -77.63 -33.12
N THR Q 78 -90.09 -77.04 -33.86
CA THR Q 78 -89.81 -75.61 -33.76
C THR Q 78 -89.88 -74.85 -35.08
N ASN Q 79 -90.11 -75.52 -36.21
CA ASN Q 79 -90.02 -74.90 -37.54
C ASN Q 79 -88.68 -74.22 -37.75
N LEU Q 80 -87.64 -74.68 -37.07
CA LEU Q 80 -86.36 -74.05 -37.34
C LEU Q 80 -85.69 -74.68 -38.54
N PRO Q 81 -85.13 -73.86 -39.42
CA PRO Q 81 -84.58 -74.37 -40.68
C PRO Q 81 -83.17 -74.91 -40.48
N SER Q 82 -82.91 -76.07 -41.07
CA SER Q 82 -81.55 -76.50 -41.33
C SER Q 82 -81.49 -77.02 -42.75
N THR Q 83 -80.32 -76.91 -43.37
CA THR Q 83 -80.18 -77.21 -44.79
C THR Q 83 -79.27 -78.40 -44.99
N GLY Q 84 -79.62 -79.24 -45.97
CA GLY Q 84 -78.76 -80.30 -46.45
C GLY Q 84 -78.26 -79.90 -47.82
N SER Q 85 -77.02 -80.27 -48.13
CA SER Q 85 -76.45 -79.80 -49.38
C SER Q 85 -75.40 -80.76 -49.92
N VAL Q 86 -75.33 -80.82 -51.25
CA VAL Q 86 -74.24 -81.46 -51.96
C VAL Q 86 -73.58 -80.39 -52.82
N THR Q 87 -72.32 -80.09 -52.52
CA THR Q 87 -71.55 -79.12 -53.29
C THR Q 87 -70.47 -79.85 -54.08
N ILE Q 88 -70.17 -79.31 -55.25
CA ILE Q 88 -69.23 -79.92 -56.19
C ILE Q 88 -68.29 -78.85 -56.69
N GLN Q 89 -67.00 -79.18 -56.77
CA GLN Q 89 -66.01 -78.30 -57.36
C GLN Q 89 -65.17 -79.07 -58.36
N VAL Q 90 -65.23 -78.65 -59.61
CA VAL Q 90 -64.45 -79.23 -60.69
C VAL Q 90 -63.30 -78.28 -61.00
N SER Q 91 -62.09 -78.82 -61.06
CA SER Q 91 -60.91 -78.04 -61.40
C SER Q 91 -60.28 -78.66 -62.64
N ILE Q 92 -60.27 -77.91 -63.73
CA ILE Q 92 -59.85 -78.31 -65.07
C ILE Q 92 -58.56 -77.57 -65.41
N PRO Q 93 -57.42 -78.25 -65.51
CA PRO Q 93 -56.20 -77.57 -65.93
C PRO Q 93 -56.23 -77.20 -67.41
N ARG Q 94 -55.43 -76.19 -67.75
CA ARG Q 94 -55.35 -75.68 -69.11
C ARG Q 94 -54.13 -76.21 -69.86
N ASN Q 95 -53.19 -76.84 -69.17
CA ASN Q 95 -52.10 -77.56 -69.82
C ASN Q 95 -52.67 -78.52 -70.86
N PRO Q 96 -52.26 -78.40 -72.13
CA PRO Q 96 -52.87 -79.22 -73.19
C PRO Q 96 -52.74 -80.72 -72.97
N ALA Q 97 -52.00 -81.12 -71.94
CA ALA Q 97 -51.94 -82.52 -71.55
C ALA Q 97 -53.20 -82.99 -70.85
N TRP Q 98 -54.23 -82.14 -70.73
CA TRP Q 98 -55.52 -82.48 -70.15
C TRP Q 98 -56.59 -82.44 -71.25
N ASN Q 99 -57.68 -83.19 -71.02
CA ASN Q 99 -58.75 -83.29 -72.00
C ASN Q 99 -60.10 -83.08 -71.35
N ALA Q 100 -61.02 -82.54 -72.17
CA ALA Q 100 -62.42 -82.62 -71.80
C ALA Q 100 -62.84 -84.06 -71.52
N SER Q 101 -62.23 -85.03 -72.21
CA SER Q 101 -62.51 -86.43 -71.92
C SER Q 101 -62.11 -86.79 -70.50
N MET Q 102 -61.00 -86.24 -70.02
CA MET Q 102 -60.55 -86.52 -68.67
C MET Q 102 -61.47 -85.87 -67.65
N THR Q 103 -61.92 -84.64 -67.93
CA THR Q 103 -62.94 -84.00 -67.10
C THR Q 103 -64.19 -84.88 -66.99
N VAL Q 104 -64.71 -85.31 -68.13
CA VAL Q 104 -65.93 -86.11 -68.14
C VAL Q 104 -65.69 -87.43 -67.41
N SER Q 105 -64.50 -88.00 -67.56
CA SER Q 105 -64.22 -89.27 -66.89
C SER Q 105 -64.25 -89.10 -65.37
N LEU Q 106 -63.66 -88.02 -64.86
CA LEU Q 106 -63.75 -87.77 -63.42
C LEU Q 106 -65.20 -87.56 -62.99
N LEU Q 107 -65.98 -86.84 -63.78
CA LEU Q 107 -67.38 -86.63 -63.42
C LEU Q 107 -68.13 -87.97 -63.34
N LYS Q 108 -67.94 -88.82 -64.34
CA LYS Q 108 -68.63 -90.11 -64.36
C LYS Q 108 -68.19 -90.99 -63.20
N GLN Q 109 -66.90 -90.97 -62.86
CA GLN Q 109 -66.40 -91.78 -61.76
C GLN Q 109 -66.97 -91.31 -60.43
N ALA Q 110 -66.99 -89.99 -60.22
CA ALA Q 110 -67.60 -89.45 -59.00
C ALA Q 110 -69.07 -89.82 -58.91
N ALA Q 111 -69.78 -89.77 -60.05
CA ALA Q 111 -71.18 -90.16 -60.06
C ALA Q 111 -71.35 -91.61 -59.67
N ASP Q 112 -70.55 -92.50 -60.27
CA ASP Q 112 -70.61 -93.92 -59.92
C ASP Q 112 -70.30 -94.13 -58.44
N TYR Q 113 -69.30 -93.44 -57.90
CA TYR Q 113 -68.82 -93.78 -56.57
C TYR Q 113 -69.63 -93.16 -55.44
N LEU Q 114 -70.27 -92.01 -55.68
CA LEU Q 114 -71.06 -91.38 -54.63
C LEU Q 114 -72.56 -91.45 -54.86
N ALA Q 115 -73.01 -91.63 -56.10
CA ALA Q 115 -74.43 -91.77 -56.38
C ALA Q 115 -74.80 -93.13 -56.93
N GLY Q 116 -73.85 -93.91 -57.43
CA GLY Q 116 -74.13 -95.22 -57.98
C GLY Q 116 -75.03 -95.16 -59.21
N THR Q 117 -74.67 -94.31 -60.18
CA THR Q 117 -75.51 -94.08 -61.35
C THR Q 117 -74.80 -94.32 -62.68
N SER Q 118 -73.57 -94.82 -62.66
CA SER Q 118 -72.82 -95.03 -63.88
C SER Q 118 -73.53 -95.96 -64.87
N ALA Q 119 -73.10 -95.88 -66.13
CA ALA Q 119 -73.58 -96.79 -67.17
C ALA Q 119 -73.05 -98.20 -66.92
N THR Q 120 -73.55 -99.15 -67.69
CA THR Q 120 -73.24 -100.56 -67.49
C THR Q 120 -72.01 -100.97 -68.31
N VAL Q 121 -71.01 -101.53 -67.64
CA VAL Q 121 -69.81 -102.05 -68.26
C VAL Q 121 -69.52 -103.40 -67.60
N SER Q 122 -68.75 -104.24 -68.30
CA SER Q 122 -68.61 -105.64 -67.92
C SER Q 122 -68.20 -105.80 -66.46
N GLY Q 123 -66.99 -105.38 -66.12
CA GLY Q 123 -66.48 -105.75 -64.81
C GLY Q 123 -66.72 -104.72 -63.73
N GLN Q 124 -67.77 -103.92 -63.86
CA GLN Q 124 -67.92 -102.77 -62.98
C GLN Q 124 -68.32 -103.26 -61.59
N THR Q 125 -67.91 -102.54 -60.56
CA THR Q 125 -68.37 -102.91 -59.24
C THR Q 125 -69.78 -102.37 -59.02
N ASP Q 126 -70.55 -103.10 -58.23
CA ASP Q 126 -71.94 -102.76 -57.94
C ASP Q 126 -71.96 -101.59 -56.97
N THR Q 127 -72.38 -100.43 -57.46
CA THR Q 127 -72.37 -99.20 -56.69
C THR Q 127 -73.78 -98.73 -56.34
N SER Q 128 -74.79 -99.57 -56.55
CA SER Q 128 -76.17 -99.17 -56.32
C SER Q 128 -76.41 -98.81 -54.86
N GLY Q 129 -75.77 -99.53 -53.93
CA GLY Q 129 -75.96 -99.29 -52.51
C GLY Q 129 -75.06 -98.25 -51.91
N PHE Q 130 -74.11 -97.76 -52.71
CA PHE Q 130 -73.17 -96.77 -52.19
C PHE Q 130 -73.83 -95.49 -51.70
N PRO Q 131 -74.81 -94.90 -52.39
CA PRO Q 131 -75.44 -93.69 -51.82
C PRO Q 131 -76.08 -93.94 -50.48
N ALA Q 132 -76.71 -95.11 -50.29
CA ALA Q 132 -77.26 -95.46 -48.99
C ALA Q 132 -76.14 -95.53 -47.93
N LYS Q 133 -75.04 -96.20 -48.27
CA LYS Q 133 -73.95 -96.33 -47.30
C LYS Q 133 -73.37 -94.96 -46.96
N TRP Q 134 -73.24 -94.07 -47.94
CA TRP Q 134 -72.75 -92.72 -47.67
C TRP Q 134 -73.71 -91.99 -46.74
N ALA Q 135 -75.01 -92.01 -47.06
CA ALA Q 135 -76.00 -91.33 -46.23
C ALA Q 135 -76.04 -91.88 -44.82
N GLY Q 136 -75.55 -93.10 -44.62
CA GLY Q 136 -75.35 -93.61 -43.28
C GLY Q 136 -74.02 -93.27 -42.65
N LEU Q 137 -73.21 -92.44 -43.32
CA LEU Q 137 -71.85 -92.12 -42.89
C LEU Q 137 -71.01 -93.37 -42.69
N MET Q 138 -70.97 -94.22 -43.71
CA MET Q 138 -70.06 -95.34 -43.74
C MET Q 138 -69.49 -95.51 -45.14
N PHE Q 139 -68.24 -95.94 -45.20
CA PHE Q 139 -67.56 -96.09 -46.47
C PHE Q 139 -68.11 -97.28 -47.24
N PRO Q 140 -68.21 -97.16 -48.57
CA PRO Q 140 -68.55 -98.29 -49.45
C PRO Q 140 -67.50 -99.39 -49.33
N ALA R 1 -81.02 -60.80 -72.10
CA ALA R 1 -80.40 -60.93 -73.42
C ALA R 1 -80.68 -62.30 -74.03
N ALA R 2 -80.37 -62.43 -75.32
CA ALA R 2 -80.59 -63.70 -76.01
C ALA R 2 -79.67 -64.78 -75.43
N PRO R 3 -80.20 -65.98 -75.17
CA PRO R 3 -79.38 -67.02 -74.54
C PRO R 3 -78.35 -67.62 -75.48
N SER R 4 -78.54 -67.48 -76.80
CA SER R 4 -77.61 -68.06 -77.75
C SER R 4 -77.74 -67.31 -79.07
N LEU R 5 -76.65 -67.33 -79.84
CA LEU R 5 -76.53 -66.58 -81.08
C LEU R 5 -75.85 -67.44 -82.14
N ALA R 6 -76.32 -67.31 -83.38
CA ALA R 6 -75.68 -67.93 -84.54
C ALA R 6 -75.29 -66.80 -85.48
N LEU R 7 -74.08 -66.26 -85.31
CA LEU R 7 -73.63 -65.15 -86.12
C LEU R 7 -72.95 -65.67 -87.38
N VAL R 8 -72.88 -64.83 -88.40
CA VAL R 8 -72.23 -65.20 -89.66
C VAL R 8 -70.82 -64.63 -89.68
N GLY R 9 -69.83 -65.50 -89.88
CA GLY R 9 -68.46 -65.14 -90.10
C GLY R 9 -67.94 -65.81 -91.35
N ALA R 10 -66.63 -66.01 -91.39
CA ALA R 10 -65.96 -66.56 -92.56
C ALA R 10 -65.01 -67.66 -92.13
N ASN R 11 -64.99 -68.75 -92.90
CA ASN R 11 -64.04 -69.83 -92.68
C ASN R 11 -62.72 -69.48 -93.37
N SER R 12 -61.84 -70.47 -93.49
CA SER R 12 -60.54 -70.23 -94.12
C SER R 12 -60.69 -69.85 -95.59
N THR R 13 -61.78 -70.29 -96.23
CA THR R 13 -62.07 -69.97 -97.62
C THR R 13 -62.70 -68.59 -97.78
N LEU R 14 -63.04 -67.93 -96.68
CA LEU R 14 -63.86 -66.72 -96.61
C LEU R 14 -65.32 -66.98 -96.98
N ALA R 15 -65.73 -68.24 -97.05
CA ALA R 15 -67.14 -68.56 -97.26
C ALA R 15 -67.94 -68.27 -95.99
N SER R 16 -69.19 -67.84 -96.19
CA SER R 16 -70.03 -67.49 -95.04
C SER R 16 -70.34 -68.73 -94.22
N THR R 17 -69.93 -68.71 -92.94
CA THR R 17 -70.04 -69.85 -92.04
C THR R 17 -70.65 -69.39 -90.73
N LEU R 18 -71.48 -70.22 -90.12
CA LEU R 18 -72.02 -69.88 -88.81
C LEU R 18 -70.97 -70.04 -87.72
N VAL R 19 -70.98 -69.11 -86.78
CA VAL R 19 -70.20 -69.16 -85.56
C VAL R 19 -71.16 -68.98 -84.38
N ASN R 20 -71.13 -69.93 -83.45
CA ASN R 20 -72.17 -70.11 -82.46
C ASN R 20 -71.69 -69.66 -81.09
N TYR R 21 -72.48 -68.83 -80.43
CA TYR R 21 -72.17 -68.32 -79.10
C TYR R 21 -73.32 -68.67 -78.16
N SER R 22 -72.98 -68.91 -76.89
CA SER R 22 -73.99 -69.04 -75.84
C SER R 22 -73.71 -68.01 -74.75
N LEU R 23 -74.79 -67.59 -74.10
CA LEU R 23 -74.73 -66.56 -73.07
C LEU R 23 -74.15 -67.15 -71.80
N ARG R 24 -72.91 -66.82 -71.52
CA ARG R 24 -72.25 -67.29 -70.30
C ARG R 24 -72.52 -66.39 -69.10
N SER R 25 -72.45 -65.07 -69.24
CA SER R 25 -72.77 -64.24 -68.09
C SER R 25 -73.47 -62.95 -68.51
N GLN R 26 -74.18 -62.36 -67.55
CA GLN R 26 -74.79 -61.06 -67.73
C GLN R 26 -74.84 -60.41 -66.35
N ASN R 27 -74.23 -59.23 -66.24
CA ASN R 27 -74.05 -58.57 -64.94
C ASN R 27 -73.85 -57.08 -65.17
N GLY R 28 -74.63 -56.27 -64.47
CA GLY R 28 -74.42 -54.84 -64.42
C GLY R 28 -74.36 -54.20 -65.79
N ASN R 29 -75.45 -54.29 -66.54
CA ASN R 29 -75.51 -53.81 -67.91
C ASN R 29 -74.30 -54.29 -68.71
N ASN R 30 -73.95 -55.55 -68.52
CA ASN R 30 -72.82 -56.13 -69.22
C ASN R 30 -73.23 -57.54 -69.63
N VAL R 31 -72.84 -57.95 -70.83
CA VAL R 31 -73.26 -59.23 -71.40
C VAL R 31 -72.06 -59.92 -72.04
N ASP R 32 -71.82 -61.18 -71.68
CA ASP R 32 -70.66 -61.93 -72.11
C ASP R 32 -71.07 -63.28 -72.69
N TYR R 33 -70.71 -63.50 -73.95
CA TYR R 33 -70.97 -64.74 -74.69
C TYR R 33 -69.67 -65.48 -74.93
N VAL R 34 -69.76 -66.81 -75.02
CA VAL R 34 -68.62 -67.65 -75.37
C VAL R 34 -68.96 -68.51 -76.58
N CYS R 35 -67.96 -68.78 -77.40
CA CYS R 35 -68.15 -69.54 -78.63
C CYS R 35 -68.22 -71.03 -78.31
N THR R 36 -69.25 -71.69 -78.84
CA THR R 36 -69.53 -73.09 -78.56
C THR R 36 -68.92 -74.04 -79.59
N ASP R 37 -68.25 -73.51 -80.61
CA ASP R 37 -67.74 -74.31 -81.70
C ASP R 37 -66.46 -75.02 -81.27
N PRO R 38 -65.98 -75.98 -82.06
CA PRO R 38 -64.72 -76.65 -81.69
C PRO R 38 -63.50 -75.75 -81.76
N ASP R 39 -63.53 -74.70 -82.59
CA ASP R 39 -62.35 -73.84 -82.73
C ASP R 39 -62.09 -72.99 -81.49
N SER R 40 -63.06 -72.84 -80.58
CA SER R 40 -62.83 -72.16 -79.31
C SER R 40 -62.63 -73.22 -78.24
N THR R 41 -61.44 -73.23 -77.65
CA THR R 41 -61.11 -74.09 -76.53
C THR R 41 -61.04 -73.26 -75.27
N LEU R 42 -60.87 -73.95 -74.13
CA LEU R 42 -60.68 -73.24 -72.88
C LEU R 42 -59.44 -72.37 -72.92
N SER R 43 -58.38 -72.89 -73.54
CA SER R 43 -57.11 -72.17 -73.51
C SER R 43 -57.12 -71.01 -74.49
N ALA R 44 -57.80 -71.18 -75.61
CA ALA R 44 -57.88 -70.19 -76.68
C ALA R 44 -59.33 -70.04 -77.13
N PRO R 45 -60.12 -69.24 -76.43
CA PRO R 45 -61.56 -69.19 -76.68
C PRO R 45 -61.93 -68.10 -77.68
N GLY R 46 -63.20 -68.14 -78.10
CA GLY R 46 -63.83 -67.05 -78.80
C GLY R 46 -64.86 -66.41 -77.90
N LEU R 47 -64.84 -65.08 -77.84
CA LEU R 47 -65.59 -64.39 -76.80
C LEU R 47 -66.26 -63.14 -77.34
N ILE R 48 -67.39 -62.77 -76.72
CA ILE R 48 -68.07 -61.53 -77.05
C ILE R 48 -68.44 -60.81 -75.75
N ASN R 49 -68.30 -59.49 -75.76
CA ASN R 49 -68.56 -58.62 -74.63
C ASN R 49 -69.39 -57.43 -75.09
N ALA R 50 -70.33 -56.97 -74.25
CA ALA R 50 -71.14 -55.80 -74.60
C ALA R 50 -71.58 -55.06 -73.33
N LYS R 51 -71.26 -53.77 -73.27
CA LYS R 51 -71.50 -52.90 -72.11
C LYS R 51 -72.34 -51.70 -72.50
N PHE R 52 -73.08 -51.18 -71.52
CA PHE R 52 -73.87 -49.96 -71.64
C PHE R 52 -73.42 -48.95 -70.60
N ASP R 53 -72.87 -47.82 -71.06
CA ASP R 53 -72.69 -46.64 -70.21
C ASP R 53 -73.92 -45.77 -70.41
N ILE R 54 -74.89 -45.88 -69.50
CA ILE R 54 -76.13 -45.14 -69.58
C ILE R 54 -76.03 -43.94 -68.65
N LYS R 55 -76.07 -42.74 -69.23
CA LYS R 55 -76.00 -41.51 -68.48
C LYS R 55 -77.33 -41.28 -67.76
N ALA R 56 -77.26 -40.49 -66.68
CA ALA R 56 -78.43 -40.03 -65.94
C ALA R 56 -79.41 -39.35 -66.88
N PRO R 57 -80.71 -39.34 -66.56
CA PRO R 57 -81.67 -38.68 -67.44
C PRO R 57 -81.29 -37.22 -67.66
N GLY R 58 -81.60 -36.74 -68.85
CA GLY R 58 -81.22 -35.40 -69.21
C GLY R 58 -81.10 -35.26 -70.70
N ILE R 59 -81.04 -33.99 -71.13
CA ILE R 59 -80.94 -33.69 -72.55
C ILE R 59 -79.48 -33.54 -72.98
N THR R 60 -78.54 -33.54 -72.03
CA THR R 60 -77.13 -33.35 -72.30
C THR R 60 -76.38 -34.65 -72.11
N GLY R 61 -75.28 -34.80 -72.85
CA GLY R 61 -74.40 -35.94 -72.73
C GLY R 61 -74.60 -36.94 -73.86
N ASN R 62 -73.74 -37.95 -73.85
CA ASN R 62 -73.81 -39.07 -74.77
C ASN R 62 -73.96 -40.37 -73.99
N ASP R 63 -74.88 -41.23 -74.45
CA ASP R 63 -74.92 -42.63 -74.03
C ASP R 63 -73.91 -43.43 -74.84
N ARG R 64 -73.38 -44.51 -74.26
CA ARG R 64 -72.35 -45.26 -74.96
C ARG R 64 -72.59 -46.76 -74.92
N ILE R 65 -72.31 -47.42 -76.05
CA ILE R 65 -72.35 -48.86 -76.20
C ILE R 65 -70.95 -49.34 -76.49
N HIS R 66 -70.49 -50.36 -75.79
CA HIS R 66 -69.19 -50.97 -76.05
C HIS R 66 -69.39 -52.44 -76.42
N ALA R 67 -68.64 -52.90 -77.41
CA ALA R 67 -68.76 -54.29 -77.85
C ALA R 67 -67.39 -54.78 -78.28
N ASN R 68 -67.09 -56.04 -77.95
CA ASN R 68 -65.81 -56.63 -78.27
C ASN R 68 -66.01 -58.05 -78.75
N LEU R 69 -65.47 -58.36 -79.92
CA LEU R 69 -65.51 -59.72 -80.48
C LEU R 69 -64.07 -60.20 -80.61
N ARG R 70 -63.73 -61.25 -79.87
CA ARG R 70 -62.36 -61.70 -79.68
C ARG R 70 -62.21 -63.15 -80.12
N LYS R 71 -61.05 -63.47 -80.67
CA LYS R 71 -60.60 -64.84 -80.84
C LYS R 71 -59.17 -64.95 -80.35
N VAL R 72 -58.92 -65.84 -79.41
CA VAL R 72 -57.58 -66.07 -78.86
C VAL R 72 -56.92 -67.18 -79.67
N VAL R 73 -55.61 -67.04 -79.89
CA VAL R 73 -54.84 -68.05 -80.60
C VAL R 73 -53.54 -68.27 -79.85
N LEU R 74 -53.10 -69.52 -79.79
CA LEU R 74 -51.90 -69.91 -79.08
C LEU R 74 -50.72 -70.03 -80.05
N ASP R 75 -49.55 -69.60 -79.59
CA ASP R 75 -48.33 -69.76 -80.38
C ASP R 75 -47.99 -71.23 -80.56
N GLU R 76 -47.52 -71.58 -81.76
CA GLU R 76 -47.22 -72.97 -82.05
C GLU R 76 -46.14 -73.51 -81.12
N LYS R 77 -45.09 -72.73 -80.88
CA LYS R 77 -43.97 -73.18 -80.06
C LYS R 77 -44.18 -72.83 -78.60
N THR R 78 -44.36 -71.54 -78.30
CA THR R 78 -44.38 -71.09 -76.91
C THR R 78 -45.73 -71.31 -76.22
N ASN R 79 -46.80 -71.57 -76.96
CA ASN R 79 -48.15 -71.69 -76.43
C ASN R 79 -48.62 -70.45 -75.69
N LEU R 80 -47.92 -69.33 -75.87
CA LEU R 80 -48.36 -68.05 -75.34
C LEU R 80 -49.57 -67.57 -76.14
N PRO R 81 -50.59 -67.05 -75.48
CA PRO R 81 -51.78 -66.61 -76.21
C PRO R 81 -51.65 -65.18 -76.68
N SER R 82 -51.99 -64.92 -77.93
CA SER R 82 -52.27 -63.57 -78.38
C SER R 82 -53.67 -63.56 -78.99
N THR R 83 -54.34 -62.42 -78.88
CA THR R 83 -55.75 -62.34 -79.20
C THR R 83 -56.01 -61.29 -80.28
N GLY R 84 -56.88 -61.65 -81.22
CA GLY R 84 -57.31 -60.74 -82.28
C GLY R 84 -58.75 -60.32 -82.01
N SER R 85 -59.04 -59.05 -82.29
CA SER R 85 -60.32 -58.52 -81.80
C SER R 85 -60.84 -57.38 -82.65
N VAL R 86 -62.15 -57.37 -82.86
CA VAL R 86 -62.87 -56.23 -83.42
C VAL R 86 -63.72 -55.63 -82.31
N THR R 87 -63.48 -54.37 -82.00
CA THR R 87 -64.21 -53.70 -80.93
C THR R 87 -64.89 -52.44 -81.45
N ILE R 88 -66.10 -52.19 -80.96
CA ILE R 88 -66.98 -51.14 -81.44
C ILE R 88 -67.41 -50.27 -80.27
N GLN R 89 -67.38 -48.95 -80.46
CA GLN R 89 -67.97 -47.99 -79.54
C GLN R 89 -69.00 -47.16 -80.28
N VAL R 90 -70.24 -47.17 -79.77
CA VAL R 90 -71.32 -46.36 -80.31
C VAL R 90 -71.60 -45.25 -79.30
N SER R 91 -71.60 -44.00 -79.77
CA SER R 91 -71.86 -42.84 -78.94
C SER R 91 -73.10 -42.13 -79.47
N ILE R 92 -74.17 -42.17 -78.69
CA ILE R 92 -75.49 -41.68 -79.05
C ILE R 92 -75.77 -40.42 -78.23
N PRO R 93 -75.83 -39.24 -78.85
CA PRO R 93 -76.16 -38.03 -78.11
C PRO R 93 -77.62 -38.02 -77.64
N ARG R 94 -77.89 -37.10 -76.71
CA ARG R 94 -79.22 -36.99 -76.12
C ARG R 94 -79.98 -35.75 -76.57
N ASN R 95 -79.35 -34.85 -77.31
CA ASN R 95 -80.09 -33.75 -77.94
C ASN R 95 -81.20 -34.33 -78.81
N PRO R 96 -82.45 -33.88 -78.65
CA PRO R 96 -83.55 -34.46 -79.44
C PRO R 96 -83.36 -34.34 -80.93
N ALA R 97 -82.35 -33.57 -81.35
CA ALA R 97 -81.99 -33.47 -82.75
C ALA R 97 -81.23 -34.70 -83.25
N TRP R 98 -81.09 -35.74 -82.42
CA TRP R 98 -80.54 -37.02 -82.83
C TRP R 98 -81.65 -38.06 -82.85
N ASN R 99 -81.48 -39.09 -83.69
CA ASN R 99 -82.48 -40.14 -83.84
C ASN R 99 -81.85 -41.52 -83.76
N ALA R 100 -82.65 -42.46 -83.25
CA ALA R 100 -82.31 -43.86 -83.42
C ALA R 100 -82.06 -44.18 -84.89
N SER R 101 -82.78 -43.51 -85.81
CA SER R 101 -82.54 -43.73 -87.23
C SER R 101 -81.11 -43.34 -87.60
N MET R 102 -80.60 -42.26 -87.00
CA MET R 102 -79.24 -41.84 -87.27
C MET R 102 -78.23 -42.83 -86.69
N THR R 103 -78.50 -43.33 -85.49
CA THR R 103 -77.67 -44.39 -84.91
C THR R 103 -77.61 -45.60 -85.85
N VAL R 104 -78.77 -46.07 -86.29
CA VAL R 104 -78.83 -47.24 -87.16
C VAL R 104 -78.13 -46.96 -88.48
N SER R 105 -78.27 -45.72 -88.99
CA SER R 105 -77.61 -45.39 -90.26
C SER R 105 -76.10 -45.48 -90.11
N LEU R 106 -75.55 -44.96 -89.02
CA LEU R 106 -74.11 -45.10 -88.80
C LEU R 106 -73.70 -46.56 -88.66
N LEU R 107 -74.50 -47.36 -87.96
CA LEU R 107 -74.17 -48.77 -87.83
C LEU R 107 -74.13 -49.46 -89.19
N LYS R 108 -75.15 -49.20 -90.02
CA LYS R 108 -75.21 -49.84 -91.33
C LYS R 108 -74.06 -49.39 -92.22
N GLN R 109 -73.70 -48.10 -92.15
CA GLN R 109 -72.60 -47.60 -92.97
C GLN R 109 -71.27 -48.21 -92.54
N ALA R 110 -71.06 -48.33 -91.22
CA ALA R 110 -69.86 -49.00 -90.74
C ALA R 110 -69.81 -50.45 -91.19
N ALA R 111 -70.94 -51.14 -91.13
CA ALA R 111 -71.00 -52.52 -91.63
C ALA R 111 -70.64 -52.58 -93.11
N ASP R 112 -71.17 -51.65 -93.90
CA ASP R 112 -70.85 -51.65 -95.33
C ASP R 112 -69.37 -51.38 -95.56
N TYR R 113 -68.80 -50.42 -94.83
CA TYR R 113 -67.45 -49.95 -95.18
C TYR R 113 -66.35 -50.84 -94.60
N LEU R 114 -66.56 -51.44 -93.45
CA LEU R 114 -65.53 -52.28 -92.86
C LEU R 114 -65.79 -53.78 -93.00
N ALA R 115 -67.05 -54.18 -93.21
CA ALA R 115 -67.36 -55.59 -93.39
C ALA R 115 -67.92 -55.92 -94.76
N GLY R 116 -68.42 -54.94 -95.50
CA GLY R 116 -68.97 -55.20 -96.82
C GLY R 116 -70.22 -56.05 -96.79
N THR R 117 -71.19 -55.69 -95.95
CA THR R 117 -72.39 -56.50 -95.76
C THR R 117 -73.69 -55.73 -95.94
N SER R 118 -73.65 -54.48 -96.39
CA SER R 118 -74.86 -53.69 -96.59
C SER R 118 -75.88 -54.40 -97.47
N ALA R 119 -77.14 -53.99 -97.32
CA ALA R 119 -78.21 -54.43 -98.21
C ALA R 119 -78.00 -53.86 -99.61
N THR R 120 -78.73 -54.42 -100.57
CA THR R 120 -78.56 -54.02 -101.96
C THR R 120 -79.38 -52.77 -102.28
N VAL R 121 -78.71 -51.76 -102.83
CA VAL R 121 -79.32 -50.51 -103.27
C VAL R 121 -78.65 -50.11 -104.57
N SER R 122 -79.45 -49.61 -105.53
CA SER R 122 -78.92 -49.16 -106.80
C SER R 122 -77.88 -48.08 -106.60
N GLY R 123 -76.71 -48.26 -107.21
CA GLY R 123 -75.65 -47.28 -107.12
C GLY R 123 -74.74 -47.42 -105.93
N GLN R 124 -74.83 -48.50 -105.15
CA GLN R 124 -73.98 -48.62 -103.98
C GLN R 124 -72.59 -49.02 -104.44
N THR R 125 -71.57 -48.61 -103.71
CA THR R 125 -70.23 -49.08 -104.09
C THR R 125 -70.05 -50.51 -103.62
N ASP R 126 -69.34 -51.29 -104.45
CA ASP R 126 -69.09 -52.69 -104.15
C ASP R 126 -68.07 -52.80 -103.04
N THR R 127 -68.53 -53.22 -101.88
CA THR R 127 -67.71 -53.30 -100.68
C THR R 127 -67.33 -54.74 -100.34
N SER R 128 -67.58 -55.68 -101.26
CA SER R 128 -67.37 -57.09 -100.97
C SER R 128 -65.91 -57.38 -100.61
N GLY R 129 -64.98 -56.75 -101.32
CA GLY R 129 -63.57 -56.98 -101.08
C GLY R 129 -62.95 -56.12 -100.01
N PHE R 130 -63.74 -55.18 -99.47
CA PHE R 130 -63.20 -54.29 -98.44
C PHE R 130 -62.73 -55.02 -97.19
N PRO R 131 -63.45 -55.99 -96.63
CA PRO R 131 -62.90 -56.68 -95.45
C PRO R 131 -61.56 -57.35 -95.74
N ALA R 132 -61.40 -57.93 -96.92
CA ALA R 132 -60.10 -58.48 -97.30
C ALA R 132 -59.03 -57.39 -97.31
N LYS R 133 -59.32 -56.25 -97.96
CA LYS R 133 -58.34 -55.18 -98.01
C LYS R 133 -57.99 -54.67 -96.62
N TRP R 134 -59.00 -54.58 -95.73
CA TRP R 134 -58.71 -54.15 -94.36
C TRP R 134 -57.80 -55.15 -93.65
N ALA R 135 -58.14 -56.44 -93.74
CA ALA R 135 -57.31 -57.46 -93.11
C ALA R 135 -55.89 -57.42 -93.64
N GLY R 136 -55.69 -56.94 -94.86
CA GLY R 136 -54.37 -56.70 -95.37
C GLY R 136 -53.76 -55.35 -95.02
N LEU R 137 -54.44 -54.55 -94.20
CA LEU R 137 -54.01 -53.18 -93.88
C LEU R 137 -53.86 -52.34 -95.14
N MET R 138 -54.93 -52.28 -95.93
CA MET R 138 -54.97 -51.51 -97.16
C MET R 138 -56.27 -50.72 -97.18
N PHE R 139 -56.18 -49.43 -97.40
CA PHE R 139 -57.39 -48.62 -97.50
C PHE R 139 -58.17 -49.02 -98.75
N PRO R 140 -59.48 -49.24 -98.66
CA PRO R 140 -60.35 -49.57 -99.79
C PRO R 140 -60.35 -48.48 -100.85
N ALA S 1 -61.72 109.24 23.18
CA ALA S 1 -61.14 109.88 22.00
C ALA S 1 -62.15 110.75 21.27
N ALA S 2 -61.66 111.82 20.65
CA ALA S 2 -62.52 112.72 19.89
C ALA S 2 -63.10 112.01 18.68
N PRO S 3 -64.36 112.27 18.33
CA PRO S 3 -64.96 111.56 17.18
C PRO S 3 -64.45 112.05 15.84
N SER S 4 -63.98 113.30 15.77
CA SER S 4 -63.51 113.85 14.51
C SER S 4 -62.59 115.01 14.80
N LEU S 5 -61.76 115.34 13.80
CA LEU S 5 -60.71 116.32 13.93
C LEU S 5 -60.62 117.16 12.66
N ALA S 6 -60.34 118.44 12.82
CA ALA S 6 -60.03 119.33 11.71
C ALA S 6 -58.66 119.91 12.00
N LEU S 7 -57.62 119.27 11.47
CA LEU S 7 -56.25 119.67 11.75
C LEU S 7 -55.77 120.62 10.66
N VAL S 8 -54.83 121.47 10.99
CA VAL S 8 -54.28 122.41 10.02
C VAL S 8 -53.05 121.81 9.36
N GLY S 9 -53.04 121.79 8.03
CA GLY S 9 -51.91 121.39 7.23
C GLY S 9 -51.66 122.41 6.14
N ALA S 10 -51.05 121.97 5.04
CA ALA S 10 -50.67 122.84 3.94
C ALA S 10 -51.07 122.24 2.61
N ASN S 11 -51.52 123.09 1.69
CA ASN S 11 -51.85 122.69 0.33
C ASN S 11 -50.60 122.76 -0.53
N SER S 12 -50.78 122.68 -1.85
CA SER S 12 -49.63 122.77 -2.76
C SER S 12 -48.97 124.14 -2.72
N THR S 13 -49.72 125.18 -2.37
CA THR S 13 -49.19 126.53 -2.19
C THR S 13 -48.49 126.71 -0.84
N LEU S 14 -48.63 125.74 0.05
CA LEU S 14 -48.21 125.81 1.46
C LEU S 14 -49.06 126.79 2.27
N ALA S 15 -50.23 127.16 1.76
CA ALA S 15 -51.18 127.93 2.55
C ALA S 15 -51.88 127.02 3.55
N SER S 16 -52.23 127.58 4.70
CA SER S 16 -52.85 126.80 5.76
C SER S 16 -54.23 126.31 5.33
N THR S 17 -54.40 124.99 5.33
CA THR S 17 -55.62 124.34 4.85
C THR S 17 -56.10 123.34 5.88
N LEU S 18 -57.41 123.21 6.03
CA LEU S 18 -57.92 122.18 6.92
C LEU S 18 -57.80 120.81 6.27
N VAL S 19 -57.57 119.81 7.13
CA VAL S 19 -57.57 118.41 6.76
C VAL S 19 -58.40 117.66 7.79
N ASN S 20 -59.40 116.94 7.32
CA ASN S 20 -60.46 116.41 8.16
C ASN S 20 -60.25 114.92 8.40
N TYR S 21 -60.18 114.54 9.66
CA TYR S 21 -60.09 113.15 10.06
C TYR S 21 -61.34 112.79 10.86
N SER S 22 -61.71 111.51 10.81
CA SER S 22 -62.80 110.99 11.62
C SER S 22 -62.36 109.67 12.24
N LEU S 23 -62.91 109.38 13.41
CA LEU S 23 -62.47 108.23 14.20
C LEU S 23 -62.88 106.94 13.50
N ARG S 24 -61.91 106.19 13.00
CA ARG S 24 -62.18 104.84 12.52
C ARG S 24 -62.44 103.89 13.68
N SER S 25 -61.48 103.77 14.59
CA SER S 25 -61.69 102.80 15.67
C SER S 25 -60.85 103.14 16.88
N GLN S 26 -61.41 102.92 18.06
CA GLN S 26 -60.66 102.99 19.31
C GLN S 26 -60.50 101.58 19.85
N ASN S 27 -59.27 101.11 19.91
CA ASN S 27 -58.87 99.97 20.70
C ASN S 27 -58.37 100.48 22.06
N GLY S 28 -58.17 99.56 22.99
CA GLY S 28 -57.74 99.98 24.32
C GLY S 28 -56.39 100.68 24.30
N ASN S 29 -56.39 101.97 24.66
CA ASN S 29 -55.19 102.80 24.59
C ASN S 29 -54.64 102.87 23.17
N ASN S 30 -55.52 102.84 22.18
CA ASN S 30 -55.10 102.92 20.79
C ASN S 30 -56.22 103.56 19.98
N VAL S 31 -55.87 104.46 19.09
CA VAL S 31 -56.85 105.23 18.32
C VAL S 31 -56.41 105.31 16.87
N ASP S 32 -57.35 105.06 15.95
CA ASP S 32 -57.13 105.12 14.51
C ASP S 32 -58.13 106.08 13.88
N TYR S 33 -57.62 107.13 13.25
CA TYR S 33 -58.38 108.12 12.50
C TYR S 33 -58.09 107.99 11.01
N VAL S 34 -59.07 108.37 10.19
CA VAL S 34 -58.97 108.31 8.74
C VAL S 34 -59.36 109.67 8.16
N CYS S 35 -58.69 110.08 7.09
CA CYS S 35 -58.98 111.36 6.45
C CYS S 35 -60.25 111.23 5.61
N THR S 36 -61.16 112.19 5.80
CA THR S 36 -62.47 112.19 5.14
C THR S 36 -62.53 113.15 3.95
N ASP S 37 -61.39 113.70 3.54
CA ASP S 37 -61.36 114.59 2.39
C ASP S 37 -61.37 113.77 1.11
N PRO S 38 -61.60 114.42 -0.04
CA PRO S 38 -61.38 113.72 -1.31
C PRO S 38 -59.92 113.35 -1.57
N ASP S 39 -58.97 113.95 -0.83
CA ASP S 39 -57.55 113.63 -0.99
C ASP S 39 -57.27 112.16 -0.69
N SER S 40 -57.88 111.64 0.38
CA SER S 40 -57.68 110.25 0.76
C SER S 40 -58.84 109.41 0.21
N THR S 41 -58.48 108.24 -0.28
CA THR S 41 -59.39 107.18 -0.65
C THR S 41 -58.95 105.92 0.07
N LEU S 42 -59.78 104.88 0.03
CA LEU S 42 -59.36 103.62 0.63
C LEU S 42 -58.09 103.11 -0.01
N SER S 43 -57.91 103.34 -1.31
CA SER S 43 -56.73 102.86 -2.01
C SER S 43 -55.47 103.60 -1.58
N ALA S 44 -55.57 104.91 -1.36
CA ALA S 44 -54.44 105.75 -0.94
C ALA S 44 -54.90 106.67 0.18
N PRO S 45 -54.95 106.18 1.41
CA PRO S 45 -55.59 106.94 2.50
C PRO S 45 -54.63 107.86 3.23
N GLY S 46 -55.23 108.78 3.98
CA GLY S 46 -54.53 109.54 5.01
C GLY S 46 -54.97 109.02 6.36
N LEU S 47 -54.00 108.77 7.24
CA LEU S 47 -54.27 108.01 8.44
C LEU S 47 -53.56 108.62 9.64
N ILE S 48 -54.15 108.42 10.82
CA ILE S 48 -53.52 108.79 12.09
C ILE S 48 -53.68 107.64 13.07
N ASN S 49 -52.62 107.39 13.84
CA ASN S 49 -52.59 106.33 14.84
C ASN S 49 -51.95 106.88 16.11
N ALA S 50 -52.55 106.56 17.27
CA ALA S 50 -52.03 107.02 18.56
C ALA S 50 -52.13 105.90 19.59
N LYS S 51 -51.02 105.62 20.26
CA LYS S 51 -50.87 104.48 21.16
C LYS S 51 -50.26 104.94 22.48
N PHE S 52 -50.57 104.20 23.55
CA PHE S 52 -50.08 104.47 24.90
C PHE S 52 -49.43 103.22 25.47
N ASP S 53 -48.11 103.27 25.61
CA ASP S 53 -47.34 102.25 26.33
C ASP S 53 -47.25 102.69 27.79
N ILE S 54 -48.18 102.21 28.60
CA ILE S 54 -48.26 102.58 30.02
C ILE S 54 -47.80 101.37 30.83
N LYS S 55 -46.74 101.57 31.61
CA LYS S 55 -46.19 100.49 32.40
C LYS S 55 -47.05 100.26 33.64
N ALA S 56 -46.87 99.09 34.26
CA ALA S 56 -47.62 98.76 35.46
C ALA S 56 -47.40 99.84 36.53
N PRO S 57 -48.40 100.11 37.36
CA PRO S 57 -48.26 101.20 38.34
C PRO S 57 -47.15 100.98 39.35
N GLY S 58 -46.87 99.73 39.73
CA GLY S 58 -45.77 99.48 40.64
C GLY S 58 -44.41 99.75 40.01
N ILE S 59 -44.24 99.37 38.73
CA ILE S 59 -42.96 99.45 38.05
C ILE S 59 -42.64 100.92 37.73
N THR S 60 -41.39 101.31 37.94
CA THR S 60 -40.87 102.58 37.45
C THR S 60 -40.22 102.38 36.10
N GLY S 61 -40.54 103.27 35.17
CA GLY S 61 -39.92 103.28 33.86
C GLY S 61 -40.28 104.58 33.20
N ASN S 62 -40.38 104.56 31.88
CA ASN S 62 -40.93 105.67 31.13
C ASN S 62 -42.27 105.24 30.53
N ASP S 63 -43.28 106.08 30.68
CA ASP S 63 -44.50 105.92 29.90
C ASP S 63 -44.26 106.49 28.50
N ARG S 64 -44.92 105.91 27.51
CA ARG S 64 -44.64 106.29 26.12
C ARG S 64 -45.91 106.57 25.34
N ILE S 65 -45.83 107.55 24.45
CA ILE S 65 -46.88 107.89 23.50
C ILE S 65 -46.32 107.70 22.10
N HIS S 66 -47.06 106.98 21.25
CA HIS S 66 -46.65 106.75 19.86
C HIS S 66 -47.70 107.34 18.94
N ALA S 67 -47.32 108.31 18.13
CA ALA S 67 -48.24 108.91 17.17
C ALA S 67 -47.67 108.76 15.76
N ASN S 68 -48.57 108.60 14.80
CA ASN S 68 -48.17 108.38 13.42
C ASN S 68 -49.18 109.04 12.50
N LEU S 69 -48.72 109.94 11.65
CA LEU S 69 -49.55 110.63 10.66
C LEU S 69 -49.02 110.28 9.27
N ARG S 70 -49.85 109.61 8.48
CA ARG S 70 -49.45 109.02 7.21
C ARG S 70 -50.30 109.58 6.07
N LYS S 71 -49.68 109.65 4.90
CA LYS S 71 -50.40 109.85 3.64
C LYS S 71 -49.83 108.89 2.61
N VAL S 72 -50.69 108.04 2.06
CA VAL S 72 -50.30 107.09 1.02
C VAL S 72 -50.49 107.76 -0.33
N VAL S 73 -49.58 107.49 -1.26
CA VAL S 73 -49.68 108.02 -2.61
C VAL S 73 -49.43 106.89 -3.59
N LEU S 74 -50.10 106.93 -4.73
CA LEU S 74 -49.97 105.93 -5.77
C LEU S 74 -49.08 106.44 -6.90
N ASP S 75 -48.22 105.57 -7.40
CA ASP S 75 -47.41 105.91 -8.56
C ASP S 75 -48.30 106.08 -9.79
N GLU S 76 -48.05 107.14 -10.56
CA GLU S 76 -48.82 107.36 -11.78
C GLU S 76 -48.68 106.17 -12.73
N LYS S 77 -47.45 105.69 -12.92
CA LYS S 77 -47.23 104.64 -13.91
C LYS S 77 -47.62 103.26 -13.38
N THR S 78 -47.23 102.91 -12.15
CA THR S 78 -47.43 101.54 -11.67
C THR S 78 -48.58 101.38 -10.67
N ASN S 79 -49.17 102.47 -10.19
CA ASN S 79 -50.19 102.45 -9.15
C ASN S 79 -49.73 101.74 -7.89
N LEU S 80 -48.42 101.52 -7.75
CA LEU S 80 -47.87 100.97 -6.53
C LEU S 80 -47.87 102.03 -5.44
N PRO S 81 -48.24 101.66 -4.22
CA PRO S 81 -48.35 102.67 -3.16
C PRO S 81 -47.04 102.84 -2.42
N SER S 82 -46.62 104.09 -2.25
CA SER S 82 -45.61 104.39 -1.26
C SER S 82 -46.15 105.47 -0.35
N THR S 83 -45.70 105.45 0.90
CA THR S 83 -46.32 106.25 1.94
C THR S 83 -45.30 107.21 2.55
N GLY S 84 -45.79 108.38 2.94
CA GLY S 84 -44.98 109.37 3.63
C GLY S 84 -45.57 109.63 5.01
N SER S 85 -44.70 109.79 6.00
CA SER S 85 -45.21 109.76 7.38
C SER S 85 -44.38 110.62 8.31
N VAL S 86 -45.05 111.15 9.33
CA VAL S 86 -44.41 111.76 10.49
C VAL S 86 -44.80 110.96 11.72
N THR S 87 -43.81 110.40 12.41
CA THR S 87 -44.03 109.64 13.62
C THR S 87 -43.38 110.35 14.81
N ILE S 88 -44.02 110.22 15.97
CA ILE S 88 -43.65 110.95 17.17
C ILE S 88 -43.67 109.98 18.34
N GLN S 89 -42.63 110.02 19.17
CA GLN S 89 -42.58 109.19 20.36
C GLN S 89 -42.29 110.10 21.53
N VAL S 90 -43.19 110.12 22.51
CA VAL S 90 -43.03 110.92 23.72
C VAL S 90 -42.71 109.95 24.85
N SER S 91 -41.57 110.14 25.49
CA SER S 91 -41.14 109.31 26.62
C SER S 91 -41.14 110.18 27.87
N ILE S 92 -42.08 109.91 28.77
CA ILE S 92 -42.33 110.67 29.99
C ILE S 92 -41.85 109.84 31.17
N PRO S 93 -40.89 110.31 31.97
CA PRO S 93 -40.46 109.54 33.14
C PRO S 93 -41.43 109.61 34.30
N ARG S 94 -41.43 108.53 35.10
CA ARG S 94 -42.33 108.39 36.24
C ARG S 94 -41.75 108.95 37.54
N ASN S 95 -40.81 109.87 37.45
CA ASN S 95 -40.22 110.53 38.62
C ASN S 95 -40.95 111.85 38.87
N PRO S 96 -41.41 112.12 40.10
CA PRO S 96 -42.09 113.39 40.37
C PRO S 96 -41.26 114.62 40.02
N ALA S 97 -39.96 114.46 39.82
CA ALA S 97 -39.12 115.57 39.37
C ALA S 97 -39.43 115.98 37.93
N TRP S 98 -40.27 115.23 37.23
CA TRP S 98 -40.77 115.57 35.91
C TRP S 98 -42.26 115.88 36.01
N ASN S 99 -42.73 116.77 35.15
CA ASN S 99 -44.16 117.08 35.20
C ASN S 99 -44.69 117.42 33.81
N ALA S 100 -46.02 117.60 33.78
CA ALA S 100 -46.69 117.81 32.51
C ALA S 100 -46.25 119.10 31.85
N SER S 101 -45.86 120.11 32.65
CA SER S 101 -45.36 121.34 32.03
C SER S 101 -44.11 121.05 31.21
N MET S 102 -43.27 120.14 31.68
CA MET S 102 -42.07 119.79 30.93
C MET S 102 -42.41 118.96 29.70
N THR S 103 -43.36 118.03 29.83
CA THR S 103 -43.83 117.30 28.64
C THR S 103 -44.33 118.28 27.57
N VAL S 104 -45.18 119.22 27.97
CA VAL S 104 -45.73 120.18 27.03
C VAL S 104 -44.63 121.06 26.47
N SER S 105 -43.65 121.43 27.29
CA SER S 105 -42.55 122.27 26.81
C SER S 105 -41.78 121.56 25.69
N LEU S 106 -41.49 120.27 25.87
CA LEU S 106 -40.82 119.54 24.79
C LEU S 106 -41.70 119.49 23.54
N LEU S 107 -43.00 119.25 23.71
CA LEU S 107 -43.88 119.21 22.55
C LEU S 107 -43.86 120.55 21.80
N LYS S 108 -43.97 121.66 22.53
CA LYS S 108 -43.98 122.98 21.92
C LYS S 108 -42.67 123.28 21.21
N GLN S 109 -41.55 122.90 21.82
CA GLN S 109 -40.26 123.16 21.19
C GLN S 109 -40.09 122.35 19.92
N ALA S 110 -40.51 121.08 19.94
CA ALA S 110 -40.45 120.27 18.73
C ALA S 110 -41.33 120.87 17.64
N ALA S 111 -42.52 121.35 18.01
CA ALA S 111 -43.40 122.00 17.04
C ALA S 111 -42.71 123.22 16.43
N ASP S 112 -42.13 124.08 17.27
CA ASP S 112 -41.44 125.25 16.76
C ASP S 112 -40.30 124.86 15.81
N TYR S 113 -39.50 123.86 16.18
CA TYR S 113 -38.27 123.61 15.44
C TYR S 113 -38.49 122.80 14.18
N LEU S 114 -39.52 121.95 14.12
CA LEU S 114 -39.73 121.14 12.92
C LEU S 114 -40.93 121.57 12.08
N ALA S 115 -41.91 122.25 12.67
CA ALA S 115 -43.05 122.74 11.91
C ALA S 115 -43.12 124.26 11.85
N GLY S 116 -42.41 124.96 12.73
CA GLY S 116 -42.41 126.41 12.73
C GLY S 116 -43.78 126.98 13.07
N THR S 117 -44.38 126.52 14.18
CA THR S 117 -45.72 126.92 14.55
C THR S 117 -45.84 127.45 15.98
N SER S 118 -44.73 127.72 16.65
CA SER S 118 -44.77 128.25 18.01
C SER S 118 -45.60 129.54 18.10
N ALA S 119 -46.05 129.84 19.32
CA ALA S 119 -46.69 131.11 19.62
C ALA S 119 -45.68 132.25 19.57
N THR S 120 -46.19 133.46 19.32
CA THR S 120 -45.31 134.61 19.20
C THR S 120 -44.74 134.98 20.57
N VAL S 121 -43.42 135.05 20.65
CA VAL S 121 -42.68 135.39 21.85
C VAL S 121 -41.45 136.18 21.44
N SER S 122 -41.22 137.32 22.07
CA SER S 122 -40.16 138.20 21.59
C SER S 122 -38.80 137.53 21.76
N GLY S 123 -37.97 137.62 20.73
CA GLY S 123 -36.67 137.00 20.73
C GLY S 123 -36.62 135.60 20.16
N GLN S 124 -37.76 135.04 19.78
CA GLN S 124 -37.78 133.72 19.15
C GLN S 124 -37.14 133.78 17.78
N THR S 125 -36.46 132.71 17.41
CA THR S 125 -35.97 132.62 16.05
C THR S 125 -37.14 132.39 15.10
N ASP S 126 -37.00 132.95 13.89
CA ASP S 126 -38.05 132.85 12.88
C ASP S 126 -37.99 131.45 12.28
N THR S 127 -38.86 130.59 12.75
CA THR S 127 -38.89 129.19 12.37
C THR S 127 -39.84 128.92 11.22
N SER S 128 -40.39 129.97 10.60
CA SER S 128 -41.43 129.79 9.60
C SER S 128 -40.94 128.99 8.39
N GLY S 129 -39.67 129.17 8.00
CA GLY S 129 -39.14 128.47 6.85
C GLY S 129 -38.55 127.13 7.15
N PHE S 130 -38.46 126.79 8.43
CA PHE S 130 -37.85 125.52 8.81
C PHE S 130 -38.55 124.31 8.23
N PRO S 131 -39.89 124.20 8.21
CA PRO S 131 -40.50 123.02 7.57
C PRO S 131 -40.12 122.88 6.12
N ALA S 132 -40.05 124.00 5.38
CA ALA S 132 -39.56 123.95 4.01
C ALA S 132 -38.15 123.39 3.95
N LYS S 133 -37.25 123.91 4.79
CA LYS S 133 -35.88 123.43 4.77
C LYS S 133 -35.80 121.95 5.11
N TRP S 134 -36.58 121.50 6.09
CA TRP S 134 -36.58 120.08 6.45
C TRP S 134 -37.05 119.23 5.28
N ALA S 135 -38.17 119.63 4.64
CA ALA S 135 -38.67 118.91 3.48
C ALA S 135 -37.68 118.91 2.33
N GLY S 136 -36.70 119.81 2.35
CA GLY S 136 -35.60 119.74 1.41
C GLY S 136 -34.38 118.97 1.89
N LEU S 137 -34.46 118.31 3.04
CA LEU S 137 -33.30 117.68 3.70
C LEU S 137 -32.14 118.67 3.89
N MET S 138 -32.47 119.80 4.51
CA MET S 138 -31.51 120.86 4.82
C MET S 138 -31.68 121.24 6.28
N PHE S 139 -30.58 121.31 7.01
CA PHE S 139 -30.68 121.76 8.39
C PHE S 139 -31.00 123.24 8.42
N PRO S 140 -31.95 123.67 9.26
CA PRO S 140 -32.30 125.09 9.42
C PRO S 140 -31.08 125.92 9.83
N ALA T 1 -69.60 102.99 28.36
CA ALA T 1 -69.16 103.28 29.71
C ALA T 1 -69.24 104.78 30.00
N ALA T 2 -69.42 105.13 31.27
CA ALA T 2 -69.51 106.53 31.66
C ALA T 2 -68.19 107.24 31.36
N PRO T 3 -68.23 108.42 30.73
CA PRO T 3 -66.98 109.11 30.40
C PRO T 3 -66.24 109.66 31.61
N SER T 4 -66.92 109.86 32.73
CA SER T 4 -66.27 110.38 33.92
C SER T 4 -67.09 109.99 35.14
N LEU T 5 -66.42 109.99 36.30
CA LEU T 5 -67.00 109.53 37.55
C LEU T 5 -66.56 110.44 38.68
N ALA T 6 -67.48 110.67 39.63
CA ALA T 6 -67.18 111.39 40.86
C ALA T 6 -67.57 110.47 42.01
N LEU T 7 -66.59 109.71 42.50
CA LEU T 7 -66.85 108.71 43.52
C LEU T 7 -66.55 109.28 44.90
N VAL T 8 -67.17 108.70 45.92
CA VAL T 8 -66.96 109.16 47.28
C VAL T 8 -65.87 108.32 47.94
N GLY T 9 -64.88 108.98 48.50
CA GLY T 9 -63.85 108.34 49.30
C GLY T 9 -63.66 109.11 50.59
N ALA T 10 -62.48 108.98 51.21
CA ALA T 10 -62.22 109.61 52.49
C ALA T 10 -60.93 110.42 52.43
N ASN T 11 -60.96 111.61 53.03
CA ASN T 11 -59.77 112.45 53.13
C ASN T 11 -58.89 111.94 54.27
N SER T 12 -57.87 112.71 54.63
CA SER T 12 -56.99 112.31 55.73
C SER T 12 -57.73 112.19 57.05
N THR T 13 -58.88 112.85 57.18
CA THR T 13 -59.68 112.81 58.40
C THR T 13 -60.82 111.81 58.32
N LEU T 14 -60.92 111.07 57.20
CA LEU T 14 -61.99 110.11 56.94
C LEU T 14 -63.34 110.77 56.67
N ALA T 15 -63.34 112.06 56.36
CA ALA T 15 -64.56 112.71 55.91
C ALA T 15 -64.83 112.38 54.46
N SER T 16 -66.11 112.27 54.13
CA SER T 16 -66.49 111.93 52.76
C SER T 16 -66.04 113.04 51.80
N THR T 17 -65.25 112.65 50.79
CA THR T 17 -64.67 113.59 49.85
C THR T 17 -64.80 113.02 48.45
N LEU T 18 -65.07 113.88 47.46
CA LEU T 18 -65.12 113.38 46.10
C LEU T 18 -63.74 113.07 45.57
N VAL T 19 -63.69 112.08 44.68
CA VAL T 19 -62.50 111.66 43.96
C VAL T 19 -62.91 111.49 42.51
N ASN T 20 -62.24 112.20 41.62
CA ASN T 20 -62.69 112.37 40.25
C ASN T 20 -61.87 111.49 39.31
N TYR T 21 -62.56 110.65 38.56
CA TYR T 21 -61.95 109.79 37.57
C TYR T 21 -62.49 110.15 36.19
N SER T 22 -61.67 109.93 35.18
CA SER T 22 -62.07 110.10 33.79
C SER T 22 -61.68 108.87 33.00
N LEU T 23 -62.49 108.56 31.99
CA LEU T 23 -62.31 107.35 31.20
C LEU T 23 -61.14 107.50 30.25
N ARG T 24 -60.10 106.68 30.44
CA ARG T 24 -58.93 106.76 29.58
C ARG T 24 -59.17 106.03 28.25
N SER T 25 -59.63 104.78 28.31
CA SER T 25 -59.89 104.01 27.10
C SER T 25 -60.83 102.86 27.43
N GLN T 26 -61.25 102.14 26.39
CA GLN T 26 -62.08 100.94 26.54
C GLN T 26 -61.58 99.89 25.55
N ASN T 27 -61.11 98.76 26.07
CA ASN T 27 -60.62 97.60 25.35
C ASN T 27 -61.69 96.51 25.36
N GLY T 28 -61.32 95.32 24.91
CA GLY T 28 -62.20 94.17 24.94
C GLY T 28 -62.66 93.84 26.35
N ASN T 29 -63.94 94.08 26.59
CA ASN T 29 -64.61 93.73 27.84
C ASN T 29 -63.90 94.32 29.05
N ASN T 30 -63.42 95.57 28.92
CA ASN T 30 -62.77 96.21 30.06
C ASN T 30 -62.88 97.73 29.91
N VAL T 31 -62.53 98.42 30.99
CA VAL T 31 -62.67 99.86 31.12
C VAL T 31 -61.55 100.35 32.03
N ASP T 32 -60.91 101.45 31.63
CA ASP T 32 -59.75 102.02 32.34
C ASP T 32 -60.04 103.49 32.68
N TYR T 33 -60.07 103.80 33.97
CA TYR T 33 -60.27 105.16 34.46
C TYR T 33 -59.03 105.64 35.20
N VAL T 34 -58.81 106.95 35.13
CA VAL T 34 -57.65 107.61 35.74
C VAL T 34 -58.15 108.75 36.62
N CYS T 35 -57.50 108.96 37.77
CA CYS T 35 -57.88 110.04 38.65
C CYS T 35 -57.37 111.37 38.12
N THR T 36 -58.25 112.36 38.09
CA THR T 36 -57.96 113.69 37.54
C THR T 36 -57.73 114.75 38.61
N ASP T 37 -57.66 114.36 39.87
CA ASP T 37 -57.41 115.30 40.94
C ASP T 37 -55.95 115.75 40.89
N PRO T 38 -55.60 116.79 41.63
CA PRO T 38 -54.19 117.21 41.66
C PRO T 38 -53.27 116.21 42.34
N ASP T 39 -53.76 115.44 43.32
CA ASP T 39 -52.88 114.53 44.07
C ASP T 39 -52.41 113.33 43.26
N SER T 40 -53.06 113.02 42.14
CA SER T 40 -52.63 111.93 41.27
C SER T 40 -51.87 112.50 40.07
N THR T 41 -50.70 111.93 39.84
CA THR T 41 -49.83 112.27 38.72
C THR T 41 -49.32 110.98 38.11
N LEU T 42 -48.64 111.07 36.97
CA LEU T 42 -48.13 109.86 36.34
C LEU T 42 -47.15 109.14 37.24
N SER T 43 -46.44 109.89 38.09
CA SER T 43 -45.51 109.27 39.02
C SER T 43 -46.23 108.43 40.07
N ALA T 44 -47.39 108.90 40.53
CA ALA T 44 -48.18 108.20 41.55
C ALA T 44 -49.66 108.38 41.28
N PRO T 45 -50.21 107.61 40.34
CA PRO T 45 -51.58 107.82 39.89
C PRO T 45 -52.61 107.09 40.75
N GLY T 46 -53.87 107.46 40.53
CA GLY T 46 -55.01 106.69 41.00
C GLY T 46 -55.72 106.10 39.79
N LEU T 47 -56.08 104.82 39.90
CA LEU T 47 -56.56 104.08 38.73
C LEU T 47 -57.74 103.21 39.10
N ILE T 48 -58.64 103.00 38.14
CA ILE T 48 -59.73 102.04 38.28
C ILE T 48 -59.82 101.22 37.00
N ASN T 49 -60.04 99.92 37.15
CA ASN T 49 -60.04 99.01 36.01
C ASN T 49 -61.15 97.98 36.20
N ALA T 50 -61.90 97.71 35.13
CA ALA T 50 -63.00 96.75 35.20
C ALA T 50 -62.99 95.86 33.97
N LYS T 51 -63.32 94.58 34.16
CA LYS T 51 -63.26 93.59 33.10
C LYS T 51 -64.39 92.57 33.27
N PHE T 52 -64.93 92.09 32.16
CA PHE T 52 -65.91 91.01 32.18
C PHE T 52 -65.32 89.75 31.55
N ASP T 53 -65.43 88.64 32.26
CA ASP T 53 -65.20 87.30 31.70
C ASP T 53 -66.59 86.72 31.48
N ILE T 54 -67.02 86.70 30.21
CA ILE T 54 -68.38 86.33 29.86
C ILE T 54 -68.37 84.96 29.19
N LYS T 55 -69.07 84.01 29.80
CA LYS T 55 -69.09 82.67 29.24
C LYS T 55 -70.16 82.57 28.16
N ALA T 56 -70.07 81.49 27.38
CA ALA T 56 -70.92 81.31 26.22
C ALA T 56 -72.39 81.28 26.61
N PRO T 57 -73.30 81.55 25.67
CA PRO T 57 -74.73 81.49 25.99
C PRO T 57 -75.13 80.12 26.49
N GLY T 58 -76.06 80.10 27.44
CA GLY T 58 -76.52 78.89 28.08
C GLY T 58 -76.73 79.18 29.55
N ILE T 59 -77.03 78.12 30.31
CA ILE T 59 -77.22 78.27 31.75
C ILE T 59 -76.15 77.54 32.54
N THR T 60 -75.07 77.11 31.88
CA THR T 60 -74.11 76.22 32.52
C THR T 60 -73.06 76.98 33.33
N GLY T 61 -72.60 78.12 32.84
CA GLY T 61 -71.37 78.70 33.32
C GLY T 61 -71.50 79.60 34.54
N ASN T 62 -70.41 80.33 34.79
CA ASN T 62 -70.31 81.38 35.79
C ASN T 62 -69.65 82.60 35.15
N ASP T 63 -70.40 83.68 34.97
CA ASP T 63 -69.85 84.95 34.50
C ASP T 63 -69.03 85.59 35.62
N ARG T 64 -68.05 86.42 35.25
CA ARG T 64 -67.19 87.06 36.25
C ARG T 64 -66.96 88.52 35.92
N ILE T 65 -66.92 89.34 36.98
CA ILE T 65 -66.58 90.76 36.92
C ILE T 65 -65.32 90.96 37.75
N HIS T 66 -64.35 91.68 37.19
CA HIS T 66 -63.11 92.00 37.87
C HIS T 66 -62.97 93.51 37.95
N ALA T 67 -62.95 94.05 39.17
CA ALA T 67 -62.72 95.46 39.39
C ALA T 67 -61.45 95.64 40.20
N ASN T 68 -60.78 96.77 40.00
CA ASN T 68 -59.52 97.02 40.67
C ASN T 68 -59.35 98.52 40.86
N LEU T 69 -59.27 98.96 42.11
CA LEU T 69 -59.10 100.36 42.45
C LEU T 69 -57.74 100.51 43.13
N ARG T 70 -56.85 101.25 42.49
CA ARG T 70 -55.47 101.36 42.96
C ARG T 70 -55.10 102.82 43.20
N LYS T 71 -54.16 103.02 44.12
CA LYS T 71 -53.50 104.31 44.32
C LYS T 71 -52.02 104.06 44.60
N VAL T 72 -51.16 104.75 43.87
CA VAL T 72 -49.72 104.64 44.03
C VAL T 72 -49.25 105.75 44.97
N VAL T 73 -48.27 105.44 45.80
CA VAL T 73 -47.70 106.43 46.72
C VAL T 73 -46.18 106.31 46.64
N LEU T 74 -45.50 107.44 46.87
CA LEU T 74 -44.05 107.51 46.82
C LEU T 74 -43.48 107.69 48.22
N ASP T 75 -42.39 106.99 48.50
CA ASP T 75 -41.71 107.10 49.79
C ASP T 75 -41.16 108.50 49.98
N GLU T 76 -41.38 109.07 51.18
CA GLU T 76 -40.85 110.41 51.45
C GLU T 76 -39.32 110.43 51.42
N LYS T 77 -38.69 109.28 51.67
CA LYS T 77 -37.24 109.24 51.75
C LYS T 77 -36.60 108.93 50.40
N THR T 78 -37.24 108.06 49.60
CA THR T 78 -36.63 107.54 48.39
C THR T 78 -37.44 107.74 47.11
N ASN T 79 -38.65 108.30 47.20
CA ASN T 79 -39.59 108.37 46.07
C ASN T 79 -39.83 107.01 45.43
N LEU T 80 -39.68 105.94 46.21
CA LEU T 80 -39.97 104.65 45.61
C LEU T 80 -41.46 104.35 45.68
N PRO T 81 -42.02 103.84 44.59
CA PRO T 81 -43.48 103.65 44.53
C PRO T 81 -43.88 102.34 45.19
N SER T 82 -44.94 102.40 45.97
CA SER T 82 -45.68 101.21 46.34
C SER T 82 -47.16 101.51 46.18
N THR T 83 -47.95 100.49 45.88
CA THR T 83 -49.35 100.68 45.52
C THR T 83 -50.26 100.04 46.56
N GLY T 84 -51.37 100.72 46.85
CA GLY T 84 -52.44 100.16 47.63
C GLY T 84 -53.60 99.88 46.69
N SER T 85 -54.34 98.80 46.98
CA SER T 85 -55.37 98.42 46.04
C SER T 85 -56.51 97.67 46.72
N VAL T 86 -57.70 97.88 46.19
CA VAL T 86 -58.88 97.07 46.52
C VAL T 86 -59.35 96.43 45.22
N THR T 87 -59.28 95.11 45.16
CA THR T 87 -59.74 94.35 44.00
C THR T 87 -61.00 93.58 44.36
N ILE T 88 -61.89 93.43 43.38
CA ILE T 88 -63.19 92.82 43.56
C ILE T 88 -63.41 91.82 42.44
N GLN T 89 -63.94 90.66 42.79
CA GLN T 89 -64.34 89.67 41.80
C GLN T 89 -65.75 89.18 42.10
N VAL T 90 -66.65 89.41 41.16
CA VAL T 90 -68.03 88.98 41.25
C VAL T 90 -68.19 87.77 40.34
N SER T 91 -68.78 86.70 40.86
CA SER T 91 -69.04 85.49 40.09
C SER T 91 -70.54 85.24 40.15
N ILE T 92 -71.18 85.33 38.98
CA ILE T 92 -72.63 85.25 38.77
C ILE T 92 -72.94 83.95 38.04
N PRO T 93 -73.59 82.98 38.68
CA PRO T 93 -73.99 81.77 37.96
C PRO T 93 -75.11 82.03 36.98
N ARG T 94 -75.20 81.16 35.97
CA ARG T 94 -76.20 81.27 34.92
C ARG T 94 -77.38 80.33 35.13
N ASN T 95 -77.27 79.37 36.06
CA ASN T 95 -78.41 78.58 36.49
C ASN T 95 -79.58 79.49 36.84
N PRO T 96 -80.74 79.33 36.20
CA PRO T 96 -81.85 80.27 36.42
C PRO T 96 -82.31 80.34 37.87
N ALA T 97 -81.77 79.50 38.73
CA ALA T 97 -82.03 79.59 40.16
C ALA T 97 -81.29 80.74 40.82
N TRP T 98 -80.58 81.56 40.04
CA TRP T 98 -79.90 82.76 40.52
C TRP T 98 -80.57 84.00 39.93
N ASN T 99 -80.42 85.13 40.63
CA ASN T 99 -81.05 86.38 40.23
C ASN T 99 -80.05 87.53 40.23
N ALA T 100 -80.30 88.49 39.35
CA ALA T 100 -79.67 89.78 39.49
C ALA T 100 -79.91 90.36 40.88
N SER T 101 -81.07 90.07 41.48
CA SER T 101 -81.33 90.52 42.84
C SER T 101 -80.34 89.91 43.82
N MET T 102 -79.97 88.65 43.60
CA MET T 102 -79.01 87.99 44.48
C MET T 102 -77.62 88.58 44.29
N THR T 103 -77.24 88.86 43.04
CA THR T 103 -75.99 89.58 42.78
C THR T 103 -75.95 90.90 43.53
N VAL T 104 -77.00 91.71 43.38
CA VAL T 104 -77.04 93.02 44.02
C VAL T 104 -77.00 92.86 45.54
N SER T 105 -77.67 91.84 46.06
CA SER T 105 -77.68 91.64 47.51
C SER T 105 -76.28 91.35 48.03
N LEU T 106 -75.53 90.49 47.32
CA LEU T 106 -74.14 90.25 47.73
C LEU T 106 -73.32 91.53 47.65
N LEU T 107 -73.51 92.33 46.59
CA LEU T 107 -72.76 93.58 46.49
C LEU T 107 -73.06 94.50 47.66
N LYS T 108 -74.33 94.66 48.00
CA LYS T 108 -74.72 95.53 49.10
C LYS T 108 -74.18 95.03 50.43
N GLN T 109 -74.20 93.71 50.63
CA GLN T 109 -73.70 93.15 51.89
C GLN T 109 -72.19 93.35 52.01
N ALA T 110 -71.45 93.12 50.93
CA ALA T 110 -70.02 93.37 50.95
C ALA T 110 -69.73 94.83 51.24
N ALA T 111 -70.52 95.73 50.63
CA ALA T 111 -70.33 97.16 50.88
C ALA T 111 -70.56 97.49 52.36
N ASP T 112 -71.65 96.99 52.93
CA ASP T 112 -71.92 97.20 54.35
C ASP T 112 -70.79 96.65 55.22
N TYR T 113 -70.29 95.46 54.90
CA TYR T 113 -69.39 94.78 55.82
C TYR T 113 -67.94 95.25 55.71
N LEU T 114 -67.51 95.71 54.55
CA LEU T 114 -66.13 96.16 54.40
C LEU T 114 -65.98 97.66 54.26
N ALA T 115 -67.02 98.38 53.85
CA ALA T 115 -66.98 99.83 53.77
C ALA T 115 -67.93 100.54 54.71
N GLY T 116 -68.93 99.82 55.25
CA GLY T 116 -69.89 100.44 56.15
C GLY T 116 -70.70 101.53 55.50
N THR T 117 -71.29 101.24 54.34
CA THR T 117 -72.01 102.25 53.56
C THR T 117 -73.45 101.86 53.23
N SER T 118 -73.95 100.75 53.77
CA SER T 118 -75.30 100.30 53.45
C SER T 118 -76.36 101.34 53.80
N ALA T 119 -77.54 101.17 53.20
CA ALA T 119 -78.70 101.98 53.53
C ALA T 119 -79.22 101.65 54.93
N THR T 120 -80.15 102.45 55.41
CA THR T 120 -80.64 102.33 56.77
C THR T 120 -81.84 101.38 56.84
N VAL T 121 -81.73 100.38 57.72
CA VAL T 121 -82.79 99.41 57.98
C VAL T 121 -82.85 99.23 59.50
N SER T 122 -84.00 98.77 59.98
CA SER T 122 -84.29 98.80 61.41
C SER T 122 -83.18 98.14 62.23
N GLY T 123 -83.01 96.83 62.08
CA GLY T 123 -82.15 96.13 63.01
C GLY T 123 -80.72 95.98 62.57
N GLN T 124 -80.24 96.89 61.71
CA GLN T 124 -78.95 96.66 61.08
C GLN T 124 -77.85 96.86 62.10
N THR T 125 -76.74 96.14 61.94
CA THR T 125 -75.63 96.39 62.84
C THR T 125 -74.85 97.61 62.35
N ASP T 126 -74.28 98.32 63.32
CA ASP T 126 -73.54 99.54 63.05
C ASP T 126 -72.19 99.19 62.44
N THR T 127 -72.04 99.49 61.16
CA THR T 127 -70.86 99.14 60.39
C THR T 127 -70.00 100.35 60.04
N SER T 128 -70.29 101.50 60.65
CA SER T 128 -69.56 102.71 60.29
C SER T 128 -68.07 102.59 60.61
N GLY T 129 -67.73 101.92 61.71
CA GLY T 129 -66.34 101.79 62.10
C GLY T 129 -65.61 100.63 61.50
N PHE T 130 -66.33 99.78 60.76
CA PHE T 130 -65.70 98.61 60.17
C PHE T 130 -64.57 98.94 59.20
N PRO T 131 -64.69 99.92 58.29
CA PRO T 131 -63.54 100.22 57.43
C PRO T 131 -62.30 100.61 58.22
N ALA T 132 -62.47 101.38 59.30
CA ALA T 132 -61.34 101.71 60.17
C ALA T 132 -60.73 100.43 60.76
N LYS T 133 -61.57 99.55 61.29
CA LYS T 133 -61.05 98.32 61.89
C LYS T 133 -60.33 97.46 60.85
N TRP T 134 -60.85 97.40 59.63
CA TRP T 134 -60.17 96.64 58.58
C TRP T 134 -58.81 97.26 58.28
N ALA T 135 -58.78 98.59 58.07
CA ALA T 135 -57.53 99.27 57.77
C ALA T 135 -56.51 99.11 58.88
N GLY T 136 -56.96 98.80 60.09
CA GLY T 136 -56.06 98.43 61.15
C GLY T 136 -55.70 96.96 61.21
N LEU T 137 -56.15 96.17 60.23
CA LEU T 137 -55.97 94.72 60.20
C LEU T 137 -56.53 94.07 61.47
N MET T 138 -57.78 94.39 61.79
CA MET T 138 -58.50 93.69 62.84
C MET T 138 -59.94 93.45 62.39
N PHE T 139 -60.49 92.32 62.83
CA PHE T 139 -61.82 91.94 62.43
C PHE T 139 -62.87 92.82 63.12
N PRO T 140 -63.95 93.18 62.43
CA PRO T 140 -65.10 93.85 63.02
C PRO T 140 -65.72 93.00 64.12
N ALA U 1 -66.20 104.21 18.69
CA ALA U 1 -67.56 103.89 18.26
C ALA U 1 -68.59 104.50 19.20
N ALA U 2 -69.86 104.49 18.77
CA ALA U 2 -70.93 105.04 19.58
C ALA U 2 -71.09 104.22 20.86
N PRO U 3 -71.24 104.87 22.01
CA PRO U 3 -71.32 104.12 23.27
C PRO U 3 -72.66 103.42 23.46
N SER U 4 -73.70 103.84 22.74
CA SER U 4 -75.01 103.23 22.88
C SER U 4 -75.81 103.49 21.62
N LEU U 5 -76.77 102.59 21.37
CA LEU U 5 -77.58 102.60 20.16
C LEU U 5 -79.03 102.31 20.50
N ALA U 6 -79.94 102.97 19.81
CA ALA U 6 -81.36 102.69 19.88
C ALA U 6 -81.82 102.31 18.47
N LEU U 7 -81.75 101.03 18.16
CA LEU U 7 -82.10 100.56 16.83
C LEU U 7 -83.60 100.24 16.78
N VAL U 8 -84.16 100.23 15.57
CA VAL U 8 -85.57 99.92 15.39
C VAL U 8 -85.71 98.47 14.95
N GLY U 9 -86.50 97.70 15.71
CA GLY U 9 -86.87 96.35 15.37
C GLY U 9 -88.38 96.22 15.45
N ALA U 10 -88.83 94.99 15.69
CA ALA U 10 -90.25 94.65 15.71
C ALA U 10 -90.57 93.84 16.95
N ASN U 11 -91.70 94.15 17.58
CA ASN U 11 -92.20 93.36 18.70
C ASN U 11 -92.98 92.17 18.16
N SER U 12 -93.71 91.50 19.05
CA SER U 12 -94.49 90.34 18.63
C SER U 12 -95.60 90.72 17.64
N THR U 13 -96.05 91.97 17.68
CA THR U 13 -97.07 92.47 16.76
C THR U 13 -96.48 92.89 15.41
N LEU U 14 -95.14 92.88 15.29
CA LEU U 14 -94.38 93.46 14.19
C LEU U 14 -94.45 94.99 14.17
N ALA U 15 -94.93 95.61 15.24
CA ALA U 15 -94.90 97.06 15.35
C ALA U 15 -93.47 97.54 15.60
N SER U 16 -93.13 98.71 15.04
CA SER U 16 -91.79 99.25 15.19
C SER U 16 -91.50 99.58 16.64
N THR U 17 -90.49 98.92 17.21
CA THR U 17 -90.14 99.05 18.62
C THR U 17 -88.65 99.30 18.76
N LEU U 18 -88.25 100.12 19.73
CA LEU U 18 -86.83 100.32 19.96
C LEU U 18 -86.21 99.12 20.66
N VAL U 19 -85.00 98.79 20.23
CA VAL U 19 -84.14 97.80 20.88
C VAL U 19 -82.81 98.47 21.18
N ASN U 20 -82.39 98.40 22.44
CA ASN U 20 -81.33 99.25 22.97
C ASN U 20 -80.08 98.43 23.21
N TYR U 21 -78.95 98.93 22.71
CA TYR U 21 -77.66 98.29 22.86
C TYR U 21 -76.69 99.26 23.51
N SER U 22 -75.77 98.73 24.32
CA SER U 22 -74.65 99.51 24.83
C SER U 22 -73.34 98.87 24.41
N LEU U 23 -72.32 99.70 24.26
CA LEU U 23 -71.00 99.27 23.80
C LEU U 23 -70.30 98.56 24.94
N ARG U 24 -70.21 97.24 24.84
CA ARG U 24 -69.52 96.45 25.84
C ARG U 24 -68.03 96.32 25.55
N SER U 25 -67.62 96.07 24.30
CA SER U 25 -66.17 96.01 24.05
C SER U 25 -65.84 96.56 22.68
N GLN U 26 -64.58 96.95 22.54
CA GLN U 26 -64.03 97.36 21.24
C GLN U 26 -62.55 97.02 21.27
N ASN U 27 -62.11 96.23 20.30
CA ASN U 27 -60.76 95.69 20.30
C ASN U 27 -60.39 95.29 18.88
N GLY U 28 -59.23 95.77 18.42
CA GLY U 28 -58.65 95.32 17.18
C GLY U 28 -59.60 95.42 16.00
N ASN U 29 -60.02 96.64 15.68
CA ASN U 29 -61.01 96.90 14.64
C ASN U 29 -62.21 95.96 14.79
N ASN U 30 -62.65 95.80 16.01
CA ASN U 30 -63.78 94.94 16.30
C ASN U 30 -64.63 95.64 17.35
N VAL U 31 -65.95 95.57 17.21
CA VAL U 31 -66.88 96.31 18.08
C VAL U 31 -68.02 95.39 18.48
N ASP U 32 -68.28 95.30 19.79
CA ASP U 32 -69.26 94.38 20.34
C ASP U 32 -70.23 95.12 21.27
N TYR U 33 -71.52 95.06 20.93
CA TYR U 33 -72.62 95.65 21.69
C TYR U 33 -73.46 94.56 22.33
N VAL U 34 -74.06 94.90 23.47
CA VAL U 34 -75.00 94.00 24.14
C VAL U 34 -76.33 94.71 24.34
N CYS U 35 -77.43 93.95 24.28
CA CYS U 35 -78.75 94.51 24.41
C CYS U 35 -79.09 94.75 25.88
N THR U 36 -79.56 95.96 26.17
CA THR U 36 -79.83 96.40 27.53
C THR U 36 -81.28 96.18 27.96
N ASP U 37 -82.11 95.66 27.07
CA ASP U 37 -83.53 95.50 27.34
C ASP U 37 -83.76 94.30 28.25
N PRO U 38 -84.98 94.15 28.79
CA PRO U 38 -85.26 92.98 29.63
C PRO U 38 -85.25 91.66 28.86
N ASP U 39 -85.52 91.68 27.55
CA ASP U 39 -85.58 90.43 26.79
C ASP U 39 -84.21 89.79 26.60
N SER U 40 -83.11 90.52 26.82
CA SER U 40 -81.78 89.93 26.79
C SER U 40 -81.33 89.70 28.22
N THR U 41 -81.11 88.44 28.56
CA THR U 41 -80.59 88.03 29.85
C THR U 41 -79.15 87.59 29.67
N LEU U 42 -78.48 87.31 30.80
CA LEU U 42 -77.14 86.75 30.73
C LEU U 42 -77.14 85.43 30.01
N SER U 43 -78.14 84.60 30.27
CA SER U 43 -78.14 83.26 29.72
C SER U 43 -78.51 83.27 28.24
N ALA U 44 -79.40 84.18 27.86
CA ALA U 44 -79.90 84.30 26.49
C ALA U 44 -79.86 85.77 26.07
N PRO U 45 -78.72 86.26 25.62
CA PRO U 45 -78.56 87.70 25.37
C PRO U 45 -78.89 88.08 23.93
N GLY U 46 -78.96 89.39 23.70
CA GLY U 46 -78.96 89.96 22.37
C GLY U 46 -77.64 90.67 22.14
N LEU U 47 -77.04 90.42 20.98
CA LEU U 47 -75.65 90.82 20.77
C LEU U 47 -75.45 91.38 19.38
N ILE U 48 -74.47 92.27 19.25
CA ILE U 48 -74.06 92.80 17.95
C ILE U 48 -72.55 92.77 17.87
N ASN U 49 -72.04 92.43 16.68
CA ASN U 49 -70.62 92.31 16.39
C ASN U 49 -70.32 93.00 15.07
N ALA U 50 -69.16 93.66 14.98
CA ALA U 50 -68.77 94.33 13.73
C ALA U 50 -67.26 94.38 13.60
N LYS U 51 -66.73 93.84 12.48
CA LYS U 51 -65.31 93.70 12.21
C LYS U 51 -64.93 94.39 10.91
N PHE U 52 -63.67 94.83 10.84
CA PHE U 52 -63.08 95.41 9.63
C PHE U 52 -61.86 94.61 9.22
N ASP U 53 -61.93 93.98 8.05
CA ASP U 53 -60.74 93.44 7.38
C ASP U 53 -60.26 94.53 6.44
N ILE U 54 -59.26 95.29 6.88
CA ILE U 54 -58.70 96.39 6.10
C ILE U 54 -57.41 95.91 5.45
N LYS U 55 -57.42 95.87 4.12
CA LYS U 55 -56.26 95.45 3.37
C LYS U 55 -55.20 96.54 3.37
N ALA U 56 -53.95 96.14 3.16
CA ALA U 56 -52.82 97.04 3.01
C ALA U 56 -53.11 98.07 1.92
N PRO U 57 -52.51 99.25 1.98
CA PRO U 57 -52.76 100.26 0.93
C PRO U 57 -52.43 99.69 -0.44
N GLY U 58 -53.20 100.14 -1.43
CA GLY U 58 -53.05 99.62 -2.76
C GLY U 58 -54.32 99.78 -3.54
N ILE U 59 -54.19 99.61 -4.85
CA ILE U 59 -55.34 99.73 -5.74
C ILE U 59 -56.01 98.39 -5.98
N THR U 60 -55.42 97.30 -5.50
CA THR U 60 -55.93 95.95 -5.71
C THR U 60 -56.50 95.40 -4.41
N GLY U 61 -57.48 94.51 -4.55
CA GLY U 61 -58.07 93.84 -3.41
C GLY U 61 -59.42 94.41 -3.03
N ASN U 62 -60.05 93.75 -2.07
CA ASN U 62 -61.30 94.17 -1.48
C ASN U 62 -61.12 94.38 0.02
N ASP U 63 -61.65 95.50 0.53
CA ASP U 63 -61.86 95.69 1.96
C ASP U 63 -63.15 95.01 2.37
N ARG U 64 -63.22 94.56 3.64
CA ARG U 64 -64.41 93.83 4.06
C ARG U 64 -64.93 94.30 5.41
N ILE U 65 -66.26 94.36 5.51
CA ILE U 65 -66.98 94.67 6.74
C ILE U 65 -67.80 93.44 7.12
N HIS U 66 -67.72 93.04 8.38
CA HIS U 66 -68.52 91.93 8.88
C HIS U 66 -69.40 92.44 10.01
N ALA U 67 -70.66 91.99 10.04
CA ALA U 67 -71.58 92.42 11.07
C ALA U 67 -72.50 91.27 11.42
N ASN U 68 -72.82 91.13 12.70
CA ASN U 68 -73.67 90.04 13.16
C ASN U 68 -74.62 90.58 14.22
N LEU U 69 -75.92 90.33 14.02
CA LEU U 69 -76.95 90.69 14.97
C LEU U 69 -77.63 89.42 15.43
N ARG U 70 -77.50 89.11 16.73
CA ARG U 70 -77.86 87.83 17.30
C ARG U 70 -78.90 88.02 18.41
N LYS U 71 -79.80 87.04 18.52
CA LYS U 71 -80.63 86.87 19.71
C LYS U 71 -80.61 85.41 20.09
N VAL U 72 -80.22 85.13 21.33
CA VAL U 72 -80.17 83.77 21.87
C VAL U 72 -81.50 83.47 22.54
N VAL U 73 -81.96 82.23 22.39
CA VAL U 73 -83.20 81.80 23.02
C VAL U 73 -82.95 80.42 23.64
N LEU U 74 -83.54 80.20 24.81
CA LEU U 74 -83.38 78.96 25.55
C LEU U 74 -84.57 78.03 25.30
N ASP U 75 -84.29 76.73 25.20
CA ASP U 75 -85.35 75.74 25.05
C ASP U 75 -86.20 75.69 26.31
N GLU U 76 -87.51 75.53 26.13
CA GLU U 76 -88.42 75.53 27.26
C GLU U 76 -88.10 74.39 28.22
N LYS U 77 -87.82 73.21 27.69
CA LYS U 77 -87.59 72.03 28.53
C LYS U 77 -86.10 71.89 28.85
N THR U 78 -85.26 71.79 27.81
CA THR U 78 -83.85 71.46 28.03
C THR U 78 -83.00 72.65 28.45
N ASN U 79 -83.50 73.88 28.29
CA ASN U 79 -82.75 75.11 28.55
C ASN U 79 -81.46 75.20 27.74
N LEU U 80 -81.33 74.38 26.69
CA LEU U 80 -80.22 74.50 25.76
C LEU U 80 -80.42 75.74 24.90
N PRO U 81 -79.37 76.50 24.66
CA PRO U 81 -79.53 77.73 23.87
C PRO U 81 -79.38 77.46 22.40
N SER U 82 -80.28 78.00 21.60
CA SER U 82 -80.03 78.13 20.18
C SER U 82 -80.21 79.59 19.80
N THR U 83 -79.48 80.03 18.79
CA THR U 83 -79.37 81.45 18.49
C THR U 83 -79.81 81.74 17.06
N GLY U 84 -80.56 82.83 16.90
CA GLY U 84 -81.01 83.30 15.60
C GLY U 84 -80.24 84.57 15.24
N SER U 85 -79.88 84.71 13.97
CA SER U 85 -78.91 85.74 13.64
C SER U 85 -79.05 86.24 12.20
N VAL U 86 -78.91 87.55 12.02
CA VAL U 86 -78.74 88.16 10.71
C VAL U 86 -77.31 88.66 10.62
N THR U 87 -76.56 88.15 9.65
CA THR U 87 -75.17 88.54 9.47
C THR U 87 -74.93 89.10 8.07
N ILE U 88 -74.10 90.12 7.99
CA ILE U 88 -73.85 90.90 6.78
C ILE U 88 -72.37 90.94 6.50
N GLN U 89 -72.00 90.73 5.24
CA GLN U 89 -70.64 90.95 4.75
C GLN U 89 -70.68 91.96 3.60
N VAL U 90 -69.94 93.05 3.77
CA VAL U 90 -69.79 94.08 2.74
C VAL U 90 -68.38 93.96 2.18
N SER U 91 -68.28 93.85 0.85
CA SER U 91 -66.99 93.73 0.16
C SER U 91 -66.86 94.92 -0.78
N ILE U 92 -65.93 95.81 -0.47
CA ILE U 92 -65.71 97.08 -1.15
C ILE U 92 -64.40 96.98 -1.93
N PRO U 93 -64.43 96.97 -3.25
CA PRO U 93 -63.20 96.94 -4.03
C PRO U 93 -62.41 98.25 -3.93
N ARG U 94 -61.15 98.18 -4.34
CA ARG U 94 -60.26 99.32 -4.28
C ARG U 94 -59.95 99.95 -5.63
N ASN U 95 -60.37 99.34 -6.73
CA ASN U 95 -60.28 99.99 -8.03
C ASN U 95 -61.02 101.33 -7.97
N PRO U 96 -60.36 102.44 -8.37
CA PRO U 96 -61.02 103.75 -8.27
C PRO U 96 -62.33 103.84 -9.03
N ALA U 97 -62.63 102.83 -9.84
CA ALA U 97 -63.90 102.74 -10.53
C ALA U 97 -65.04 102.32 -9.60
N TRP U 98 -64.78 102.18 -8.31
CA TRP U 98 -65.81 101.94 -7.30
C TRP U 98 -65.99 103.19 -6.45
N ASN U 99 -67.19 103.36 -5.89
CA ASN U 99 -67.50 104.54 -5.08
C ASN U 99 -68.16 104.14 -3.77
N ALA U 100 -67.91 104.96 -2.76
CA ALA U 100 -68.73 104.89 -1.55
C ALA U 100 -70.21 104.99 -1.91
N SER U 101 -70.55 105.76 -2.95
CA SER U 101 -71.93 105.85 -3.37
C SER U 101 -72.46 104.48 -3.80
N MET U 102 -71.61 103.69 -4.46
CA MET U 102 -72.03 102.36 -4.88
C MET U 102 -72.18 101.43 -3.67
N THR U 103 -71.26 101.54 -2.70
CA THR U 103 -71.41 100.80 -1.46
C THR U 103 -72.74 101.12 -0.78
N VAL U 104 -73.03 102.41 -0.63
CA VAL U 104 -74.27 102.82 0.02
C VAL U 104 -75.48 102.37 -0.77
N SER U 105 -75.38 102.40 -2.11
CA SER U 105 -76.51 101.97 -2.92
C SER U 105 -76.81 100.50 -2.69
N LEU U 106 -75.77 99.66 -2.63
CA LEU U 106 -76.00 98.25 -2.33
C LEU U 106 -76.59 98.06 -0.93
N LEU U 107 -76.10 98.82 0.05
CA LEU U 107 -76.66 98.71 1.39
C LEU U 107 -78.15 99.06 1.40
N LYS U 108 -78.51 100.16 0.75
CA LYS U 108 -79.90 100.59 0.72
C LYS U 108 -80.78 99.59 0.00
N GLN U 109 -80.28 99.01 -1.10
CA GLN U 109 -81.07 98.03 -1.83
C GLN U 109 -81.27 96.76 -1.01
N ALA U 110 -80.23 96.31 -0.31
CA ALA U 110 -80.38 95.16 0.57
C ALA U 110 -81.39 95.45 1.66
N ALA U 111 -81.34 96.65 2.25
CA ALA U 111 -82.33 97.03 3.25
C ALA U 111 -83.74 96.99 2.68
N ASP U 112 -83.92 97.49 1.46
CA ASP U 112 -85.24 97.47 0.84
C ASP U 112 -85.70 96.04 0.60
N TYR U 113 -84.82 95.18 0.09
CA TYR U 113 -85.26 93.88 -0.39
C TYR U 113 -85.40 92.85 0.72
N LEU U 114 -84.59 92.92 1.76
CA LEU U 114 -84.68 91.95 2.84
C LEU U 114 -85.36 92.48 4.09
N ALA U 115 -85.39 93.79 4.28
CA ALA U 115 -86.06 94.37 5.45
C ALA U 115 -87.26 95.23 5.10
N GLY U 116 -87.37 95.70 3.86
CA GLY U 116 -88.48 96.53 3.47
C GLY U 116 -88.51 97.88 4.18
N THR U 117 -87.38 98.60 4.16
CA THR U 117 -87.25 99.84 4.90
C THR U 117 -86.76 101.01 4.06
N SER U 118 -86.65 100.85 2.73
CA SER U 118 -86.18 101.93 1.87
C SER U 118 -87.00 103.21 2.04
N ALA U 119 -86.38 104.33 1.67
CA ALA U 119 -87.07 105.62 1.60
C ALA U 119 -88.11 105.60 0.48
N THR U 120 -89.00 106.58 0.51
CA THR U 120 -90.10 106.62 -0.45
C THR U 120 -89.65 107.27 -1.76
N VAL U 121 -89.88 106.58 -2.87
CA VAL U 121 -89.59 107.04 -4.21
C VAL U 121 -90.73 106.58 -5.11
N SER U 122 -91.15 107.47 -6.03
CA SER U 122 -92.22 107.14 -6.96
C SER U 122 -91.85 105.90 -7.78
N GLY U 123 -92.75 104.93 -7.82
CA GLY U 123 -92.53 103.73 -8.58
C GLY U 123 -91.77 102.63 -7.88
N GLN U 124 -91.52 102.74 -6.57
CA GLN U 124 -90.75 101.71 -5.90
C GLN U 124 -91.69 100.53 -5.65
N THR U 125 -91.13 99.32 -5.63
CA THR U 125 -91.98 98.19 -5.30
C THR U 125 -92.22 98.16 -3.79
N ASP U 126 -93.44 97.76 -3.42
CA ASP U 126 -93.84 97.71 -2.03
C ASP U 126 -93.16 96.50 -1.37
N THR U 127 -92.20 96.79 -0.51
CA THR U 127 -91.40 95.78 0.15
C THR U 127 -91.80 95.58 1.60
N SER U 128 -92.92 96.15 2.02
CA SER U 128 -93.31 96.12 3.42
C SER U 128 -93.48 94.69 3.93
N GLY U 129 -94.08 93.82 3.11
CA GLY U 129 -94.32 92.45 3.52
C GLY U 129 -93.17 91.51 3.26
N PHE U 130 -92.11 92.00 2.60
CA PHE U 130 -90.99 91.13 2.30
C PHE U 130 -90.30 90.55 3.53
N PRO U 131 -90.05 91.30 4.61
CA PRO U 131 -89.43 90.65 5.78
C PRO U 131 -90.29 89.52 6.33
N ALA U 132 -91.61 89.69 6.34
CA ALA U 132 -92.50 88.61 6.75
C ALA U 132 -92.32 87.39 5.83
N LYS U 133 -92.35 87.62 4.52
CA LYS U 133 -92.19 86.50 3.59
C LYS U 133 -90.84 85.81 3.77
N TRP U 134 -89.78 86.58 4.02
CA TRP U 134 -88.48 85.96 4.26
C TRP U 134 -88.50 85.11 5.52
N ALA U 135 -89.04 85.66 6.61
CA ALA U 135 -89.11 84.91 7.86
C ALA U 135 -89.92 83.63 7.69
N GLY U 136 -90.84 83.61 6.73
CA GLY U 136 -91.51 82.39 6.36
C GLY U 136 -90.80 81.52 5.35
N LEU U 137 -89.58 81.88 4.95
CA LEU U 137 -88.84 81.17 3.90
C LEU U 137 -89.62 81.13 2.59
N MET U 138 -90.03 82.31 2.14
CA MET U 138 -90.76 82.47 0.89
C MET U 138 -90.13 83.60 0.10
N PHE U 139 -89.81 83.34 -1.16
CA PHE U 139 -89.26 84.40 -1.99
C PHE U 139 -90.32 85.47 -2.24
N PRO U 140 -89.99 86.75 -2.09
CA PRO U 140 -90.91 87.87 -2.34
C PRO U 140 -91.38 87.90 -3.78
N ALA V 1 -79.47 81.58 -56.60
CA ALA V 1 -79.32 82.55 -55.52
C ALA V 1 -79.29 83.98 -56.03
N ALA V 2 -79.79 84.90 -55.21
CA ALA V 2 -79.80 86.31 -55.57
C ALA V 2 -78.37 86.84 -55.64
N PRO V 3 -78.07 87.72 -56.60
CA PRO V 3 -76.70 88.22 -56.72
C PRO V 3 -76.32 89.22 -55.64
N SER V 4 -77.30 89.91 -55.06
CA SER V 4 -77.01 90.91 -54.05
C SER V 4 -78.26 91.15 -53.22
N LEU V 5 -78.05 91.70 -52.03
CA LEU V 5 -79.09 91.86 -51.04
C LEU V 5 -78.92 93.19 -50.33
N ALA V 6 -80.04 93.83 -50.02
CA ALA V 6 -80.06 95.03 -49.18
C ALA V 6 -80.97 94.70 -48.00
N LEU V 7 -80.39 94.21 -46.91
CA LEU V 7 -81.16 93.78 -45.75
C LEU V 7 -81.27 94.93 -44.77
N VAL V 8 -82.33 94.93 -43.97
CA VAL V 8 -82.52 95.97 -42.97
C VAL V 8 -81.92 95.53 -41.65
N GLY V 9 -81.07 96.37 -41.07
CA GLY V 9 -80.51 96.19 -39.76
C GLY V 9 -80.64 97.48 -38.96
N ALA V 10 -79.74 97.66 -37.99
CA ALA V 10 -79.77 98.81 -37.10
C ALA V 10 -78.39 99.42 -36.94
N ASN V 11 -78.35 100.75 -36.88
CA ASN V 11 -77.12 101.49 -36.64
C ASN V 11 -76.90 101.62 -35.13
N SER V 12 -75.96 102.48 -34.73
CA SER V 12 -75.70 102.68 -33.32
C SER V 12 -76.89 103.31 -32.60
N THR V 13 -77.73 104.07 -33.32
CA THR V 13 -78.96 104.65 -32.79
C THR V 13 -80.09 103.63 -32.72
N LEU V 14 -79.90 102.45 -33.31
CA LEU V 14 -80.94 101.45 -33.53
C LEU V 14 -81.99 101.89 -34.53
N ALA V 15 -81.70 102.91 -35.33
CA ALA V 15 -82.56 103.27 -36.45
C ALA V 15 -82.36 102.28 -37.59
N SER V 16 -83.44 102.05 -38.35
CA SER V 16 -83.39 101.08 -39.43
C SER V 16 -82.46 101.55 -40.53
N THR V 17 -81.43 100.75 -40.83
CA THR V 17 -80.39 101.09 -41.77
C THR V 17 -80.20 99.95 -42.75
N LEU V 18 -79.91 100.27 -44.01
CA LEU V 18 -79.60 99.20 -44.94
C LEU V 18 -78.19 98.66 -44.70
N VAL V 19 -78.05 97.37 -44.96
CA VAL V 19 -76.77 96.68 -44.94
C VAL V 19 -76.69 95.83 -46.20
N ASN V 20 -75.64 96.04 -46.99
CA ASN V 20 -75.55 95.54 -48.35
C ASN V 20 -74.64 94.33 -48.41
N TYR V 21 -75.17 93.23 -48.91
CA TYR V 21 -74.42 92.02 -49.15
C TYR V 21 -74.38 91.74 -50.65
N SER V 22 -73.32 91.07 -51.09
CA SER V 22 -73.21 90.62 -52.47
C SER V 22 -72.72 89.18 -52.46
N LEU V 23 -73.13 88.43 -53.49
CA LEU V 23 -72.86 87.00 -53.54
C LEU V 23 -71.38 86.75 -53.76
N ARG V 24 -70.71 86.22 -52.74
CA ARG V 24 -69.34 85.74 -52.92
C ARG V 24 -69.33 84.46 -53.74
N SER V 25 -70.01 83.41 -53.28
CA SER V 25 -69.93 82.17 -54.03
C SER V 25 -71.14 81.28 -53.75
N GLN V 26 -71.60 80.59 -54.78
CA GLN V 26 -72.60 79.54 -54.63
C GLN V 26 -71.93 78.20 -54.87
N ASN V 27 -71.89 77.38 -53.83
CA ASN V 27 -71.63 75.96 -53.91
C ASN V 27 -72.98 75.23 -54.01
N GLY V 28 -72.93 73.94 -54.30
CA GLY V 28 -74.17 73.20 -54.44
C GLY V 28 -74.98 73.17 -53.17
N ASN V 29 -76.16 73.79 -53.18
CA ASN V 29 -77.00 73.93 -51.99
C ASN V 29 -76.26 74.69 -50.88
N ASN V 30 -75.42 75.63 -51.26
CA ASN V 30 -74.70 76.42 -50.28
C ASN V 30 -74.42 77.80 -50.87
N VAL V 31 -74.59 78.85 -50.07
CA VAL V 31 -74.47 80.21 -50.57
C VAL V 31 -73.70 81.04 -49.54
N ASP V 32 -72.73 81.83 -50.02
CA ASP V 32 -71.92 82.70 -49.19
C ASP V 32 -72.01 84.12 -49.73
N TYR V 33 -72.50 85.04 -48.89
CA TYR V 33 -72.59 86.47 -49.16
C TYR V 33 -71.62 87.23 -48.28
N VAL V 34 -71.17 88.39 -48.77
CA VAL V 34 -70.23 89.25 -48.07
C VAL V 34 -70.78 90.67 -48.04
N CYS V 35 -70.55 91.37 -46.93
CA CYS V 35 -71.03 92.74 -46.80
C CYS V 35 -70.14 93.69 -47.60
N THR V 36 -70.76 94.55 -48.40
CA THR V 36 -70.06 95.47 -49.29
C THR V 36 -70.01 96.89 -48.74
N ASP V 37 -70.41 97.10 -47.49
CA ASP V 37 -70.35 98.41 -46.87
C ASP V 37 -68.92 98.70 -46.43
N PRO V 38 -68.63 99.96 -46.07
CA PRO V 38 -67.35 100.24 -45.41
C PRO V 38 -67.23 99.59 -44.03
N ASP V 39 -68.35 99.16 -43.42
CA ASP V 39 -68.31 98.51 -42.12
C ASP V 39 -67.49 97.24 -42.14
N SER V 40 -67.64 96.43 -43.18
CA SER V 40 -66.89 95.20 -43.32
C SER V 40 -65.68 95.43 -44.20
N THR V 41 -64.57 94.84 -43.79
CA THR V 41 -63.35 94.73 -44.57
C THR V 41 -62.96 93.26 -44.60
N LEU V 42 -61.98 92.92 -45.43
CA LEU V 42 -61.52 91.53 -45.44
C LEU V 42 -61.01 91.12 -44.07
N SER V 43 -60.40 92.05 -43.33
CA SER V 43 -59.85 91.72 -42.02
C SER V 43 -60.96 91.46 -41.01
N ALA V 44 -62.04 92.23 -41.06
CA ALA V 44 -63.17 92.07 -40.13
C ALA V 44 -64.47 92.14 -40.93
N PRO V 45 -64.87 91.04 -41.55
CA PRO V 45 -65.98 91.08 -42.50
C PRO V 45 -67.34 90.85 -41.86
N GLY V 46 -68.37 91.20 -42.63
CA GLY V 46 -69.72 90.78 -42.36
C GLY V 46 -70.12 89.72 -43.40
N LEU V 47 -70.70 88.64 -42.91
CA LEU V 47 -70.84 87.45 -43.75
C LEU V 47 -72.20 86.80 -43.57
N ILE V 48 -72.66 86.13 -44.61
CA ILE V 48 -73.88 85.34 -44.54
C ILE V 48 -73.61 83.99 -45.21
N ASN V 49 -74.15 82.92 -44.63
CA ASN V 49 -74.01 81.56 -45.14
C ASN V 49 -75.35 80.86 -45.05
N ALA V 50 -75.72 80.14 -46.11
CA ALA V 50 -76.99 79.41 -46.16
C ALA V 50 -76.79 78.04 -46.79
N LYS V 51 -77.25 77.00 -46.10
CA LYS V 51 -77.01 75.60 -46.47
C LYS V 51 -78.32 74.83 -46.44
N PHE V 52 -78.37 73.77 -47.24
CA PHE V 52 -79.54 72.88 -47.36
C PHE V 52 -79.11 71.44 -47.14
N ASP V 53 -79.53 70.87 -46.00
CA ASP V 53 -79.38 69.45 -45.73
C ASP V 53 -80.65 68.76 -46.22
N ILE V 54 -80.61 68.27 -47.45
CA ILE V 54 -81.77 67.63 -48.09
C ILE V 54 -81.49 66.14 -48.15
N LYS V 55 -82.35 65.36 -47.50
CA LYS V 55 -82.18 63.93 -47.45
C LYS V 55 -82.60 63.30 -48.78
N ALA V 56 -82.17 62.07 -49.00
CA ALA V 56 -82.53 61.35 -50.21
C ALA V 56 -84.04 61.29 -50.37
N PRO V 57 -84.55 61.32 -51.60
CA PRO V 57 -86.02 61.35 -51.77
C PRO V 57 -86.74 60.13 -51.23
N GLY V 58 -86.10 58.95 -51.27
CA GLY V 58 -86.73 57.78 -50.68
C GLY V 58 -86.83 57.85 -49.17
N ILE V 59 -85.79 58.36 -48.52
CA ILE V 59 -85.69 58.36 -47.06
C ILE V 59 -86.63 59.42 -46.49
N THR V 60 -87.34 59.06 -45.41
CA THR V 60 -88.08 60.02 -44.61
C THR V 60 -87.21 60.52 -43.47
N GLY V 61 -87.21 61.82 -43.28
CA GLY V 61 -86.52 62.45 -42.16
C GLY V 61 -87.00 63.87 -42.07
N ASN V 62 -86.12 64.75 -41.60
CA ASN V 62 -86.35 66.18 -41.66
C ASN V 62 -85.37 66.79 -42.64
N ASP V 63 -85.86 67.63 -43.53
CA ASP V 63 -85.00 68.49 -44.31
C ASP V 63 -84.59 69.68 -43.45
N ARG V 64 -83.38 70.20 -43.68
CA ARG V 64 -82.84 71.23 -42.80
C ARG V 64 -82.28 72.40 -43.59
N ILE V 65 -82.46 73.60 -43.03
CA ILE V 65 -81.89 74.83 -43.53
C ILE V 65 -80.98 75.39 -42.46
N HIS V 66 -79.74 75.75 -42.83
CA HIS V 66 -78.78 76.33 -41.89
C HIS V 66 -78.40 77.72 -42.39
N ALA V 67 -78.70 78.75 -41.61
CA ALA V 67 -78.34 80.11 -41.94
C ALA V 67 -77.46 80.70 -40.86
N ASN V 68 -76.53 81.56 -41.27
CA ASN V 68 -75.58 82.16 -40.34
C ASN V 68 -75.27 83.58 -40.81
N LEU V 69 -75.50 84.55 -39.93
CA LEU V 69 -75.21 85.95 -40.19
C LEU V 69 -74.18 86.42 -39.15
N ARG V 70 -73.00 86.81 -39.63
CA ARG V 70 -71.85 87.08 -38.80
C ARG V 70 -71.36 88.50 -39.01
N LYS V 71 -70.80 89.08 -37.94
CA LYS V 71 -70.00 90.30 -38.04
C LYS V 71 -68.75 90.11 -37.19
N VAL V 72 -67.59 90.23 -37.81
CA VAL V 72 -66.31 90.13 -37.12
C VAL V 72 -65.91 91.51 -36.65
N VAL V 73 -65.32 91.59 -35.45
CA VAL V 73 -64.83 92.85 -34.91
C VAL V 73 -63.42 92.63 -34.37
N LEU V 74 -62.59 93.66 -34.50
CA LEU V 74 -61.21 93.62 -34.04
C LEU V 74 -61.07 94.35 -32.71
N ASP V 75 -60.29 93.77 -31.81
CA ASP V 75 -59.98 94.44 -30.55
C ASP V 75 -59.14 95.68 -30.80
N GLU V 76 -59.50 96.78 -30.15
CA GLU V 76 -58.71 98.01 -30.30
C GLU V 76 -57.27 97.78 -29.90
N LYS V 77 -57.06 97.12 -28.76
CA LYS V 77 -55.70 96.98 -28.24
C LYS V 77 -54.93 95.87 -28.95
N THR V 78 -55.52 94.69 -29.17
CA THR V 78 -54.77 93.56 -29.69
C THR V 78 -55.03 93.24 -31.16
N ASN V 79 -56.01 93.88 -31.79
CA ASN V 79 -56.44 93.58 -33.15
C ASN V 79 -56.83 92.12 -33.34
N LEU V 80 -57.02 91.39 -32.25
CA LEU V 80 -57.50 90.02 -32.33
C LEU V 80 -58.98 90.02 -32.69
N PRO V 81 -59.40 89.14 -33.58
CA PRO V 81 -60.79 89.16 -34.03
C PRO V 81 -61.68 88.30 -33.15
N SER V 82 -62.80 88.85 -32.73
CA SER V 82 -63.87 88.02 -32.19
C SER V 82 -65.14 88.36 -32.97
N THR V 83 -66.01 87.37 -33.09
CA THR V 83 -67.13 87.46 -34.01
C THR V 83 -68.45 87.32 -33.26
N GLY V 84 -69.46 88.03 -33.75
CA GLY V 84 -70.81 87.93 -33.22
C GLY V 84 -71.75 87.44 -34.31
N SER V 85 -72.68 86.56 -33.93
CA SER V 85 -73.41 85.86 -34.97
C SER V 85 -74.83 85.49 -34.54
N VAL V 86 -75.72 85.45 -35.52
CA VAL V 86 -77.05 84.86 -35.38
C VAL V 86 -77.15 83.69 -36.34
N THR V 87 -77.39 82.50 -35.80
CA THR V 87 -77.55 81.28 -36.59
C THR V 87 -78.96 80.75 -36.44
N ILE V 88 -79.46 80.16 -37.52
CA ILE V 88 -80.85 79.72 -37.62
C ILE V 88 -80.86 78.33 -38.24
N GLN V 89 -81.64 77.43 -37.65
CA GLN V 89 -81.78 76.09 -38.20
C GLN V 89 -83.28 75.82 -38.35
N VAL V 90 -83.71 75.54 -39.56
CA VAL V 90 -85.10 75.24 -39.86
C VAL V 90 -85.18 73.75 -40.16
N SER V 91 -85.98 73.01 -39.38
CA SER V 91 -86.16 71.58 -39.56
C SER V 91 -87.60 71.35 -40.00
N ILE V 92 -87.76 70.94 -41.25
CA ILE V 92 -89.05 70.76 -41.91
C ILE V 92 -89.28 69.25 -42.09
N PRO V 93 -90.34 68.69 -41.51
CA PRO V 93 -90.60 67.26 -41.70
C PRO V 93 -91.19 66.92 -43.06
N ARG V 94 -90.89 65.71 -43.51
CA ARG V 94 -91.31 65.20 -44.81
C ARG V 94 -92.68 64.52 -44.79
N ASN V 95 -93.51 64.82 -43.82
CA ASN V 95 -94.87 64.29 -43.72
C ASN V 95 -95.85 65.27 -44.35
N PRO V 96 -96.72 64.83 -45.26
CA PRO V 96 -97.70 65.76 -45.86
C PRO V 96 -98.57 66.48 -44.84
N ALA V 97 -98.61 66.00 -43.60
CA ALA V 97 -99.32 66.72 -42.55
C ALA V 97 -98.65 68.04 -42.16
N TRP V 98 -97.46 68.30 -42.69
CA TRP V 98 -96.77 69.57 -42.54
C TRP V 98 -96.75 70.28 -43.89
N ASN V 99 -96.75 71.62 -43.87
CA ASN V 99 -96.71 72.33 -45.14
C ASN V 99 -95.97 73.66 -45.00
N ALA V 100 -95.79 74.29 -46.15
CA ALA V 100 -95.01 75.51 -46.21
C ALA V 100 -95.65 76.62 -45.39
N SER V 101 -96.98 76.63 -45.27
CA SER V 101 -97.62 77.64 -44.45
C SER V 101 -97.15 77.51 -42.99
N MET V 102 -96.95 76.29 -42.53
CA MET V 102 -96.47 76.08 -41.17
C MET V 102 -95.01 76.46 -41.03
N THR V 103 -94.19 76.12 -42.04
CA THR V 103 -92.80 76.59 -42.04
C THR V 103 -92.73 78.10 -41.92
N VAL V 104 -93.50 78.80 -42.76
CA VAL V 104 -93.50 80.26 -42.76
C VAL V 104 -94.04 80.78 -41.44
N SER V 105 -95.05 80.11 -40.87
CA SER V 105 -95.59 80.56 -39.60
C SER V 105 -94.53 80.53 -38.51
N LEU V 106 -93.76 79.45 -38.45
CA LEU V 106 -92.67 79.41 -37.46
C LEU V 106 -91.65 80.51 -37.72
N LEU V 107 -91.29 80.74 -38.99
CA LEU V 107 -90.34 81.81 -39.28
C LEU V 107 -90.86 83.16 -38.81
N LYS V 108 -92.14 83.46 -39.11
CA LYS V 108 -92.72 84.74 -38.73
C LYS V 108 -92.77 84.90 -37.22
N GLN V 109 -93.12 83.83 -36.50
CA GLN V 109 -93.20 83.91 -35.05
C GLN V 109 -91.82 84.14 -34.44
N ALA V 110 -90.80 83.44 -34.95
CA ALA V 110 -89.45 83.66 -34.47
C ALA V 110 -89.01 85.10 -34.73
N ALA V 111 -89.34 85.63 -35.91
CA ALA V 111 -89.03 87.02 -36.22
C ALA V 111 -89.70 87.97 -35.22
N ASP V 112 -90.99 87.77 -34.97
CA ASP V 112 -91.70 88.61 -34.01
C ASP V 112 -91.04 88.53 -32.63
N TYR V 113 -90.71 87.33 -32.17
CA TYR V 113 -90.33 87.17 -30.77
C TYR V 113 -88.87 87.53 -30.51
N LEU V 114 -87.97 87.39 -31.50
CA LEU V 114 -86.57 87.73 -31.26
C LEU V 114 -86.11 88.99 -31.94
N ALA V 115 -86.77 89.44 -33.00
CA ALA V 115 -86.41 90.69 -33.65
C ALA V 115 -87.48 91.76 -33.53
N GLY V 116 -88.70 91.39 -33.19
CA GLY V 116 -89.79 92.34 -33.06
C GLY V 116 -90.12 93.02 -34.37
N THR V 117 -90.35 92.23 -35.43
CA THR V 117 -90.60 92.78 -36.75
C THR V 117 -91.87 92.24 -37.41
N SER V 118 -92.74 91.56 -36.68
CA SER V 118 -93.98 91.05 -37.24
C SER V 118 -94.82 92.16 -37.89
N ALA V 119 -95.72 91.75 -38.78
CA ALA V 119 -96.71 92.64 -39.37
C ALA V 119 -97.74 93.05 -38.32
N THR V 120 -98.38 94.19 -38.55
CA THR V 120 -99.35 94.70 -37.58
C THR V 120 -100.61 93.85 -37.62
N VAL V 121 -101.00 93.33 -36.46
CA VAL V 121 -102.18 92.49 -36.27
C VAL V 121 -102.76 92.82 -34.91
N SER V 122 -104.06 93.09 -34.86
CA SER V 122 -104.64 93.57 -33.61
C SER V 122 -104.55 92.50 -32.53
N GLY V 123 -104.15 92.92 -31.34
CA GLY V 123 -103.97 92.01 -30.23
C GLY V 123 -102.58 91.43 -30.09
N GLN V 124 -101.67 91.73 -31.00
CA GLN V 124 -100.29 91.28 -30.89
C GLN V 124 -99.60 91.97 -29.72
N THR V 125 -98.72 91.23 -29.06
CA THR V 125 -97.89 91.86 -28.04
C THR V 125 -96.87 92.77 -28.72
N ASP V 126 -96.54 93.87 -28.03
CA ASP V 126 -95.60 94.86 -28.54
C ASP V 126 -94.20 94.29 -28.37
N THR V 127 -93.67 93.74 -29.45
CA THR V 127 -92.38 93.09 -29.45
C THR V 127 -91.25 94.01 -29.84
N SER V 128 -91.52 95.30 -29.97
CA SER V 128 -90.53 96.24 -30.49
C SER V 128 -89.27 96.29 -29.62
N GLY V 129 -89.43 96.19 -28.30
CA GLY V 129 -88.29 96.27 -27.40
C GLY V 129 -87.62 94.96 -27.12
N PHE V 130 -88.20 93.87 -27.63
CA PHE V 130 -87.63 92.55 -27.37
C PHE V 130 -86.20 92.39 -27.88
N PRO V 131 -85.83 92.85 -29.08
CA PRO V 131 -84.42 92.71 -29.48
C PRO V 131 -83.47 93.42 -28.53
N ALA V 132 -83.85 94.60 -28.04
CA ALA V 132 -83.05 95.27 -27.03
C ALA V 132 -82.90 94.40 -25.78
N LYS V 133 -84.02 93.87 -25.28
CA LYS V 133 -83.94 93.03 -24.09
C LYS V 133 -83.07 91.80 -24.32
N TRP V 134 -83.20 91.17 -25.48
CA TRP V 134 -82.37 90.00 -25.77
C TRP V 134 -80.90 90.37 -25.79
N ALA V 135 -80.55 91.47 -26.47
CA ALA V 135 -79.17 91.94 -26.51
C ALA V 135 -78.65 92.29 -25.12
N GLY V 136 -79.55 92.51 -24.16
CA GLY V 136 -79.14 92.65 -22.78
C GLY V 136 -79.13 91.37 -21.97
N LEU V 137 -79.36 90.21 -22.60
CA LEU V 137 -79.55 88.93 -21.90
C LEU V 137 -80.65 89.02 -20.84
N MET V 138 -81.82 89.51 -21.28
CA MET V 138 -83.01 89.63 -20.45
C MET V 138 -84.19 89.01 -21.18
N PHE V 139 -84.93 88.16 -20.50
CA PHE V 139 -86.13 87.61 -21.12
C PHE V 139 -87.17 88.70 -21.29
N PRO V 140 -87.83 88.79 -22.45
CA PRO V 140 -88.90 89.76 -22.68
C PRO V 140 -90.03 89.59 -21.69
N ALA W 1 -76.39 77.10 -66.52
CA ALA W 1 -77.58 76.26 -66.68
C ALA W 1 -78.85 77.09 -66.72
N ALA W 2 -79.87 76.57 -67.39
CA ALA W 2 -81.14 77.28 -67.50
C ALA W 2 -81.77 77.44 -66.12
N PRO W 3 -82.24 78.64 -65.76
CA PRO W 3 -82.81 78.83 -64.42
C PRO W 3 -84.14 78.13 -64.22
N SER W 4 -84.85 77.81 -65.28
CA SER W 4 -86.13 77.13 -65.16
C SER W 4 -86.44 76.40 -66.45
N LEU W 5 -87.31 75.40 -66.34
CA LEU W 5 -87.64 74.51 -67.44
C LEU W 5 -89.14 74.21 -67.45
N ALA W 6 -89.69 74.09 -68.64
CA ALA W 6 -91.07 73.67 -68.83
C ALA W 6 -91.04 72.46 -69.75
N LEU W 7 -91.01 71.27 -69.16
CA LEU W 7 -90.85 70.04 -69.93
C LEU W 7 -92.21 69.43 -70.20
N VAL W 8 -92.30 68.62 -71.25
CA VAL W 8 -93.55 67.95 -71.59
C VAL W 8 -93.57 66.56 -70.99
N GLY W 9 -94.64 66.25 -70.25
CA GLY W 9 -94.88 64.92 -69.74
C GLY W 9 -96.31 64.53 -70.04
N ALA W 10 -96.87 63.60 -69.26
CA ALA W 10 -98.20 63.09 -69.50
C ALA W 10 -99.05 63.18 -68.23
N ASN W 11 -100.31 63.58 -68.39
CA ASN W 11 -101.25 63.62 -67.29
C ASN W 11 -101.79 62.21 -67.03
N SER W 12 -102.81 62.11 -66.19
CA SER W 12 -103.39 60.80 -65.90
C SER W 12 -103.98 60.14 -67.15
N THR W 13 -104.30 60.93 -68.18
CA THR W 13 -104.88 60.42 -69.41
C THR W 13 -103.83 60.24 -70.50
N LEU W 14 -102.57 60.52 -70.20
CA LEU W 14 -101.45 60.45 -71.14
C LEU W 14 -101.46 61.58 -72.16
N ALA W 15 -102.23 62.64 -71.91
CA ALA W 15 -102.18 63.82 -72.75
C ALA W 15 -100.94 64.65 -72.41
N SER W 16 -100.37 65.28 -73.43
CA SER W 16 -99.18 66.08 -73.22
C SER W 16 -99.48 67.26 -72.30
N THR W 17 -98.73 67.35 -71.21
CA THR W 17 -98.96 68.36 -70.17
C THR W 17 -97.61 68.94 -69.75
N LEU W 18 -97.58 70.25 -69.49
CA LEU W 18 -96.33 70.82 -69.00
C LEU W 18 -96.06 70.43 -67.56
N VAL W 19 -94.77 70.32 -67.25
CA VAL W 19 -94.27 70.06 -65.91
C VAL W 19 -93.12 71.03 -65.68
N ASN W 20 -93.24 71.82 -64.62
CA ASN W 20 -92.40 73.01 -64.43
C ASN W 20 -91.33 72.71 -63.39
N TYR W 21 -90.07 72.90 -63.77
CA TYR W 21 -88.94 72.74 -62.88
C TYR W 21 -88.22 74.07 -62.75
N SER W 22 -87.59 74.27 -61.60
CA SER W 22 -86.76 75.43 -61.34
C SER W 22 -85.42 74.99 -60.78
N LEU W 23 -84.38 75.73 -61.12
CA LEU W 23 -83.02 75.37 -60.75
C LEU W 23 -82.78 75.65 -59.27
N ARG W 24 -82.52 74.59 -58.50
CA ARG W 24 -82.28 74.74 -57.07
C ARG W 24 -80.86 75.21 -56.79
N SER W 25 -79.86 74.52 -57.36
CA SER W 25 -78.46 74.90 -57.16
C SER W 25 -77.62 74.28 -58.27
N GLN W 26 -76.33 74.63 -58.26
CA GLN W 26 -75.36 74.06 -59.20
C GLN W 26 -74.06 73.81 -58.43
N ASN W 27 -73.65 72.54 -58.35
CA ASN W 27 -72.44 72.06 -57.71
C ASN W 27 -71.39 71.74 -58.79
N GLY W 28 -70.31 71.09 -58.39
CA GLY W 28 -69.28 70.65 -59.31
C GLY W 28 -69.84 69.70 -60.35
N ASN W 29 -69.89 70.19 -61.59
CA ASN W 29 -70.28 69.40 -62.75
C ASN W 29 -71.64 68.75 -62.58
N ASN W 30 -72.59 69.47 -61.96
CA ASN W 30 -73.92 68.92 -61.79
C ASN W 30 -74.93 70.06 -61.68
N VAL W 31 -76.21 69.68 -61.75
CA VAL W 31 -77.33 70.61 -61.78
C VAL W 31 -78.50 69.92 -61.11
N ASP W 32 -79.21 70.66 -60.25
CA ASP W 32 -80.34 70.14 -59.47
C ASP W 32 -81.57 71.00 -59.72
N TYR W 33 -82.62 70.38 -60.27
CA TYR W 33 -83.90 71.04 -60.52
C TYR W 33 -84.99 70.41 -59.66
N VAL W 34 -85.98 71.24 -59.30
CA VAL W 34 -87.10 70.84 -58.46
C VAL W 34 -88.40 71.23 -59.16
N CYS W 35 -89.41 70.37 -59.05
CA CYS W 35 -90.70 70.65 -59.66
C CYS W 35 -91.45 71.69 -58.84
N THR W 36 -92.00 72.70 -59.52
CA THR W 36 -92.68 73.82 -58.89
C THR W 36 -94.20 73.75 -59.03
N ASP W 37 -94.72 72.64 -59.55
CA ASP W 37 -96.15 72.48 -59.69
C ASP W 37 -96.77 72.25 -58.30
N PRO W 38 -98.09 72.34 -58.20
CA PRO W 38 -98.73 72.05 -56.90
C PRO W 38 -98.61 70.60 -56.46
N ASP W 39 -98.55 69.65 -57.40
CA ASP W 39 -98.56 68.24 -57.02
C ASP W 39 -97.24 67.78 -56.38
N SER W 40 -96.16 68.55 -56.51
CA SER W 40 -94.90 68.21 -55.87
C SER W 40 -94.73 69.08 -54.62
N THR W 41 -94.40 68.42 -53.52
CA THR W 41 -94.15 69.03 -52.22
C THR W 41 -92.91 68.37 -51.64
N LEU W 42 -92.41 68.92 -50.53
CA LEU W 42 -91.21 68.33 -49.93
C LEU W 42 -91.46 66.89 -49.50
N SER W 43 -92.71 66.56 -49.16
CA SER W 43 -93.04 65.20 -48.77
C SER W 43 -92.92 64.25 -49.96
N ALA W 44 -93.32 64.70 -51.15
CA ALA W 44 -93.27 63.87 -52.36
C ALA W 44 -92.91 64.73 -53.55
N PRO W 45 -91.62 65.04 -53.73
CA PRO W 45 -91.20 66.00 -54.75
C PRO W 45 -90.97 65.35 -56.10
N GLY W 46 -90.84 66.21 -57.12
CA GLY W 46 -90.32 65.83 -58.41
C GLY W 46 -88.96 66.49 -58.61
N LEU W 47 -88.00 65.73 -59.10
CA LEU W 47 -86.61 66.15 -59.11
C LEU W 47 -85.94 65.79 -60.42
N ILE W 48 -84.99 66.62 -60.84
CA ILE W 48 -84.13 66.30 -61.98
C ILE W 48 -82.69 66.63 -61.60
N ASN W 49 -81.76 65.75 -61.98
CA ASN W 49 -80.36 65.88 -61.60
C ASN W 49 -79.47 65.51 -62.77
N ALA W 50 -78.43 66.30 -63.02
CA ALA W 50 -77.54 66.04 -64.13
C ALA W 50 -76.09 66.24 -63.70
N LYS W 51 -75.19 65.40 -64.20
CA LYS W 51 -73.79 65.40 -63.80
C LYS W 51 -72.91 65.04 -64.98
N PHE W 52 -71.72 65.65 -65.05
CA PHE W 52 -70.72 65.30 -66.05
C PHE W 52 -69.51 64.65 -65.38
N ASP W 53 -69.11 63.49 -65.89
CA ASP W 53 -67.82 62.88 -65.58
C ASP W 53 -66.94 63.17 -66.79
N ILE W 54 -66.03 64.13 -66.64
CA ILE W 54 -65.24 64.65 -67.76
C ILE W 54 -63.81 64.17 -67.60
N LYS W 55 -63.34 63.40 -68.58
CA LYS W 55 -61.98 62.88 -68.50
C LYS W 55 -60.99 63.93 -69.00
N ALA W 56 -59.71 63.68 -68.70
CA ALA W 56 -58.66 64.64 -68.99
C ALA W 56 -58.57 64.92 -70.49
N PRO W 57 -57.97 66.06 -70.87
CA PRO W 57 -57.82 66.35 -72.30
C PRO W 57 -57.04 65.27 -73.01
N GLY W 58 -57.41 65.01 -74.25
CA GLY W 58 -56.84 63.95 -75.06
C GLY W 58 -57.92 63.28 -75.86
N ILE W 59 -57.56 62.21 -76.55
CA ILE W 59 -58.53 61.46 -77.32
C ILE W 59 -58.73 60.05 -76.77
N THR W 60 -58.22 59.78 -75.56
CA THR W 60 -58.18 58.41 -75.06
C THR W 60 -59.49 57.98 -74.39
N GLY W 61 -60.12 58.88 -73.64
CA GLY W 61 -61.12 58.50 -72.68
C GLY W 61 -62.53 58.35 -73.24
N ASN W 62 -63.47 58.26 -72.28
CA ASN W 62 -64.91 58.27 -72.52
C ASN W 62 -65.54 59.24 -71.52
N ASP W 63 -66.07 60.36 -72.02
CA ASP W 63 -66.84 61.28 -71.19
C ASP W 63 -68.20 60.68 -70.86
N ARG W 64 -68.80 61.09 -69.74
CA ARG W 64 -70.08 60.55 -69.34
C ARG W 64 -71.02 61.64 -68.84
N ILE W 65 -72.31 61.47 -69.16
CA ILE W 65 -73.39 62.32 -68.70
C ILE W 65 -74.34 61.45 -67.89
N HIS W 66 -74.73 61.92 -66.71
CA HIS W 66 -75.67 61.21 -65.86
C HIS W 66 -76.87 62.11 -65.61
N ALA W 67 -78.04 61.67 -66.07
CA ALA W 67 -79.28 62.39 -65.80
C ALA W 67 -80.20 61.49 -64.98
N ASN W 68 -81.06 62.12 -64.19
CA ASN W 68 -81.95 61.36 -63.31
C ASN W 68 -83.22 62.17 -63.09
N LEU W 69 -84.36 61.63 -63.51
CA LEU W 69 -85.66 62.26 -63.36
C LEU W 69 -86.49 61.41 -62.42
N ARG W 70 -86.83 61.96 -61.26
CA ARG W 70 -87.50 61.21 -60.21
C ARG W 70 -88.82 61.88 -59.83
N LYS W 71 -89.75 61.06 -59.35
CA LYS W 71 -90.98 61.53 -58.71
C LYS W 71 -91.29 60.62 -57.54
N VAL W 72 -91.53 61.24 -56.38
CA VAL W 72 -91.86 60.50 -55.16
C VAL W 72 -93.38 60.47 -55.02
N VAL W 73 -93.90 59.34 -54.52
CA VAL W 73 -95.32 59.18 -54.31
C VAL W 73 -95.52 58.58 -52.92
N LEU W 74 -96.65 58.92 -52.30
CA LEU W 74 -96.99 58.45 -50.96
C LEU W 74 -98.13 57.45 -51.03
N ASP W 75 -98.03 56.38 -50.24
CA ASP W 75 -99.07 55.36 -50.17
C ASP W 75 -100.36 55.96 -49.61
N GLU W 76 -101.49 55.64 -50.26
CA GLU W 76 -102.78 56.14 -49.76
C GLU W 76 -103.09 55.60 -48.37
N LYS W 77 -102.54 54.45 -48.02
CA LYS W 77 -102.87 53.82 -46.76
C LYS W 77 -101.92 54.23 -45.65
N THR W 78 -100.63 54.43 -45.97
CA THR W 78 -99.61 54.63 -44.95
C THR W 78 -98.77 55.90 -45.13
N ASN W 79 -98.98 56.67 -46.20
CA ASN W 79 -98.12 57.81 -46.53
C ASN W 79 -96.65 57.40 -46.62
N LEU W 80 -96.39 56.13 -46.93
CA LEU W 80 -94.98 55.78 -47.07
C LEU W 80 -94.49 56.11 -48.47
N PRO W 81 -93.29 56.70 -48.56
CA PRO W 81 -92.80 57.15 -49.86
C PRO W 81 -92.15 56.01 -50.64
N SER W 82 -92.47 55.95 -51.92
CA SER W 82 -91.65 55.20 -52.86
C SER W 82 -91.45 56.08 -54.09
N THR W 83 -90.34 55.90 -54.77
CA THR W 83 -89.95 56.79 -55.87
C THR W 83 -89.93 56.04 -57.18
N GLY W 84 -90.38 56.72 -58.23
CA GLY W 84 -90.23 56.25 -59.60
C GLY W 84 -89.17 57.11 -60.27
N SER W 85 -88.40 56.49 -61.16
CA SER W 85 -87.28 57.25 -61.73
C SER W 85 -86.91 56.74 -63.11
N VAL W 86 -86.47 57.68 -63.95
CA VAL W 86 -85.82 57.38 -65.22
C VAL W 86 -84.43 57.97 -65.16
N THR W 87 -83.42 57.10 -65.20
CA THR W 87 -82.03 57.53 -65.19
C THR W 87 -81.42 57.26 -66.56
N ILE W 88 -80.49 58.13 -66.95
CA ILE W 88 -79.86 58.11 -68.27
C ILE W 88 -78.37 58.26 -68.09
N GLN W 89 -77.61 57.46 -68.84
CA GLN W 89 -76.16 57.59 -68.87
C GLN W 89 -75.68 57.61 -70.31
N VAL W 90 -75.07 58.72 -70.70
CA VAL W 90 -74.50 58.90 -72.03
C VAL W 90 -72.99 58.75 -71.91
N SER W 91 -72.40 57.93 -72.76
CA SER W 91 -70.96 57.73 -72.79
C SER W 91 -70.47 58.09 -74.19
N ILE W 92 -69.66 59.15 -74.26
CA ILE W 92 -69.17 59.79 -75.48
C ILE W 92 -67.66 59.51 -75.57
N PRO W 93 -67.21 58.72 -76.53
CA PRO W 93 -65.77 58.52 -76.72
C PRO W 93 -65.10 59.76 -77.28
N ARG W 94 -63.80 59.86 -77.00
CA ARG W 94 -63.00 61.00 -77.45
C ARG W 94 -62.18 60.69 -78.70
N ASN W 95 -62.08 59.42 -79.10
CA ASN W 95 -61.51 59.05 -80.38
C ASN W 95 -62.15 59.86 -81.48
N PRO W 96 -61.37 60.62 -82.28
CA PRO W 96 -61.97 61.51 -83.28
C PRO W 96 -62.84 60.80 -84.30
N ALA W 97 -62.89 59.48 -84.27
CA ALA W 97 -63.80 58.72 -85.09
C ALA W 97 -65.24 58.77 -84.59
N TRP W 98 -65.51 59.55 -83.54
CA TRP W 98 -66.84 59.77 -83.01
C TRP W 98 -67.26 61.22 -83.24
N ASN W 99 -68.57 61.46 -83.28
CA ASN W 99 -69.11 62.79 -83.55
C ASN W 99 -70.18 63.17 -82.54
N ALA W 100 -70.27 64.48 -82.30
CA ALA W 100 -71.46 65.00 -81.65
C ALA W 100 -72.72 64.58 -82.41
N SER W 101 -72.63 64.44 -83.73
CA SER W 101 -73.77 63.95 -84.50
C SER W 101 -74.15 62.55 -84.09
N MET W 102 -73.15 61.71 -83.80
CA MET W 102 -73.43 60.35 -83.37
C MET W 102 -74.05 60.32 -81.98
N THR W 103 -73.55 61.18 -81.08
CA THR W 103 -74.18 61.34 -79.77
C THR W 103 -75.66 61.71 -79.92
N VAL W 104 -75.93 62.75 -80.71
CA VAL W 104 -77.30 63.21 -80.89
C VAL W 104 -78.16 62.13 -81.52
N SER W 105 -77.58 61.35 -82.45
CA SER W 105 -78.35 60.29 -83.09
C SER W 105 -78.76 59.23 -82.08
N LEU W 106 -77.84 58.83 -81.20
CA LEU W 106 -78.23 57.90 -80.15
C LEU W 106 -79.30 58.48 -79.24
N LEU W 107 -79.18 59.76 -78.90
CA LEU W 107 -80.21 60.36 -78.04
C LEU W 107 -81.57 60.33 -78.72
N LYS W 108 -81.63 60.70 -80.00
CA LYS W 108 -82.90 60.71 -80.72
C LYS W 108 -83.48 59.32 -80.85
N GLN W 109 -82.62 58.32 -81.09
CA GLN W 109 -83.11 56.95 -81.22
C GLN W 109 -83.67 56.44 -79.91
N ALA W 110 -82.96 56.69 -78.80
CA ALA W 110 -83.48 56.30 -77.49
C ALA W 110 -84.81 56.98 -77.21
N ALA W 111 -84.92 58.26 -77.57
CA ALA W 111 -86.18 58.98 -77.38
C ALA W 111 -87.30 58.33 -78.17
N ASP W 112 -87.06 58.03 -79.45
CA ASP W 112 -88.07 57.37 -80.27
C ASP W 112 -88.45 56.01 -79.68
N TYR W 113 -87.46 55.23 -79.21
CA TYR W 113 -87.75 53.85 -78.87
C TYR W 113 -88.33 53.67 -77.47
N LEU W 114 -88.04 54.57 -76.53
CA LEU W 114 -88.58 54.44 -75.19
C LEU W 114 -89.64 55.48 -74.84
N ALA W 115 -89.68 56.61 -75.54
CA ALA W 115 -90.72 57.61 -75.31
C ALA W 115 -91.63 57.82 -76.51
N GLY W 116 -91.24 57.38 -77.69
CA GLY W 116 -92.04 57.57 -78.88
C GLY W 116 -92.27 59.02 -79.22
N THR W 117 -91.19 59.81 -79.29
CA THR W 117 -91.29 61.24 -79.50
C THR W 117 -90.49 61.75 -80.69
N SER W 118 -89.90 60.87 -81.49
CA SER W 118 -89.06 61.28 -82.61
C SER W 118 -89.83 62.15 -83.61
N ALA W 119 -89.06 62.87 -84.44
CA ALA W 119 -89.62 63.65 -85.54
C ALA W 119 -90.16 62.72 -86.62
N THR W 120 -90.85 63.30 -87.59
CA THR W 120 -91.52 62.51 -88.63
C THR W 120 -90.60 62.30 -89.82
N VAL W 121 -90.43 61.02 -90.20
CA VAL W 121 -89.66 60.63 -91.37
C VAL W 121 -90.46 59.55 -92.08
N SER W 122 -90.18 59.37 -93.38
CA SER W 122 -91.04 58.57 -94.24
C SER W 122 -91.31 57.18 -93.66
N GLY W 123 -90.29 56.35 -93.57
CA GLY W 123 -90.54 54.95 -93.27
C GLY W 123 -90.46 54.60 -91.80
N GLN W 124 -90.70 55.57 -90.91
CA GLN W 124 -90.41 55.34 -89.51
C GLN W 124 -91.44 54.38 -88.94
N THR W 125 -91.04 53.60 -87.95
CA THR W 125 -92.03 52.77 -87.30
C THR W 125 -92.81 53.59 -86.28
N ASP W 126 -94.06 53.21 -86.09
CA ASP W 126 -94.96 53.92 -85.19
C ASP W 126 -94.60 53.56 -83.76
N THR W 127 -94.05 54.53 -83.05
CA THR W 127 -93.56 54.33 -81.69
C THR W 127 -94.42 55.04 -80.65
N SER W 128 -95.60 55.52 -81.05
CA SER W 128 -96.43 56.28 -80.12
C SER W 128 -96.88 55.43 -78.94
N GLY W 129 -97.14 54.14 -79.16
CA GLY W 129 -97.60 53.27 -78.10
C GLY W 129 -96.50 52.62 -77.29
N PHE W 130 -95.26 52.81 -77.72
CA PHE W 130 -94.14 52.18 -77.01
C PHE W 130 -94.02 52.59 -75.55
N PRO W 131 -94.15 53.87 -75.18
CA PRO W 131 -94.08 54.18 -73.74
C PRO W 131 -95.14 53.46 -72.92
N ALA W 132 -96.35 53.33 -73.45
CA ALA W 132 -97.39 52.57 -72.78
C ALA W 132 -96.96 51.10 -72.61
N LYS W 133 -96.45 50.50 -73.68
CA LYS W 133 -96.03 49.10 -73.60
C LYS W 133 -94.89 48.92 -72.60
N TRP W 134 -93.95 49.88 -72.56
CA TRP W 134 -92.88 49.79 -71.56
C TRP W 134 -93.43 49.88 -70.15
N ALA W 135 -94.30 50.88 -69.91
CA ALA W 135 -94.88 51.05 -68.58
C ALA W 135 -95.70 49.85 -68.16
N GLY W 136 -96.13 49.03 -69.11
CA GLY W 136 -96.73 47.75 -68.78
C GLY W 136 -95.74 46.60 -68.64
N LEU W 137 -94.44 46.89 -68.70
CA LEU W 137 -93.39 45.88 -68.69
C LEU W 137 -93.58 44.84 -69.79
N MET W 138 -93.74 45.32 -71.01
CA MET W 138 -93.74 44.46 -72.18
C MET W 138 -92.97 45.13 -73.31
N PHE W 139 -92.29 44.30 -74.10
CA PHE W 139 -91.47 44.82 -75.17
C PHE W 139 -92.33 45.36 -76.31
N PRO W 140 -91.92 46.45 -76.95
CA PRO W 140 -92.55 46.95 -78.17
C PRO W 140 -92.47 45.91 -79.28
N ALA X 1 -71.91 82.85 -59.23
CA ALA X 1 -71.11 83.44 -60.29
C ALA X 1 -71.94 83.63 -61.56
N ALA X 2 -71.38 84.39 -62.51
CA ALA X 2 -72.07 84.63 -63.77
C ALA X 2 -72.24 83.33 -64.55
N PRO X 3 -73.42 83.07 -65.09
CA PRO X 3 -73.65 81.80 -65.79
C PRO X 3 -72.95 81.72 -67.14
N SER X 4 -72.58 82.85 -67.73
CA SER X 4 -71.94 82.86 -69.03
C SER X 4 -71.15 84.15 -69.20
N LEU X 5 -70.12 84.08 -70.04
CA LEU X 5 -69.19 85.18 -70.24
C LEU X 5 -68.87 85.31 -71.72
N ALA X 6 -68.72 86.55 -72.18
CA ALA X 6 -68.26 86.85 -73.52
C ALA X 6 -66.99 87.68 -73.37
N LEU X 7 -65.84 87.01 -73.30
CA LEU X 7 -64.58 87.70 -73.10
C LEU X 7 -63.98 88.09 -74.45
N VAL X 8 -63.09 89.08 -74.45
CA VAL X 8 -62.44 89.53 -75.67
C VAL X 8 -61.06 88.90 -75.76
N GLY X 9 -60.81 88.20 -76.85
CA GLY X 9 -59.50 87.66 -77.20
C GLY X 9 -59.12 88.11 -78.60
N ALA X 10 -58.26 87.30 -79.22
CA ALA X 10 -57.72 87.61 -80.54
C ALA X 10 -57.83 86.38 -81.44
N ASN X 11 -58.22 86.61 -82.70
CA ASN X 11 -58.24 85.56 -83.70
C ASN X 11 -56.84 85.42 -84.29
N SER X 12 -56.74 84.68 -85.40
CA SER X 12 -55.45 84.48 -86.05
C SER X 12 -54.86 85.79 -86.57
N THR X 13 -55.71 86.77 -86.87
CA THR X 13 -55.28 88.08 -87.34
C THR X 13 -54.87 89.00 -86.19
N LEU X 14 -55.08 88.58 -84.94
CA LEU X 14 -54.98 89.38 -83.73
C LEU X 14 -56.09 90.42 -83.62
N ALA X 15 -57.12 90.33 -84.45
CA ALA X 15 -58.27 91.20 -84.32
C ALA X 15 -59.09 90.81 -83.10
N SER X 16 -59.69 91.82 -82.45
CA SER X 16 -60.46 91.57 -81.24
C SER X 16 -61.70 90.74 -81.57
N THR X 17 -61.80 89.56 -80.97
CA THR X 17 -62.85 88.59 -81.24
C THR X 17 -63.45 88.10 -79.93
N LEU X 18 -64.75 87.87 -79.91
CA LEU X 18 -65.36 87.31 -78.71
C LEU X 18 -65.05 85.83 -78.57
N VAL X 19 -64.80 85.42 -77.33
CA VAL X 19 -64.66 84.03 -76.94
C VAL X 19 -65.63 83.77 -75.79
N ASN X 20 -66.48 82.75 -75.97
CA ASN X 20 -67.67 82.57 -75.15
C ASN X 20 -67.48 81.39 -74.22
N TYR X 21 -67.77 81.62 -72.94
CA TYR X 21 -67.68 80.60 -71.90
C TYR X 21 -69.03 80.46 -71.21
N SER X 22 -69.34 79.24 -70.78
CA SER X 22 -70.49 78.99 -69.92
C SER X 22 -70.03 78.34 -68.62
N LEU X 23 -70.78 78.61 -67.56
CA LEU X 23 -70.45 78.12 -66.22
C LEU X 23 -70.79 76.65 -66.14
N ARG X 24 -69.76 75.80 -66.16
CA ARG X 24 -69.96 74.37 -66.04
C ARG X 24 -70.01 73.90 -64.59
N SER X 25 -69.12 74.38 -63.71
CA SER X 25 -69.22 73.95 -62.32
C SER X 25 -68.83 75.08 -61.38
N GLN X 26 -69.31 74.96 -60.14
CA GLN X 26 -68.92 75.85 -59.05
C GLN X 26 -69.01 75.04 -57.76
N ASN X 27 -67.89 74.98 -57.04
CA ASN X 27 -67.78 74.11 -55.88
C ASN X 27 -66.67 74.62 -54.98
N GLY X 28 -66.99 74.80 -53.70
CA GLY X 28 -65.99 75.08 -52.70
C GLY X 28 -65.11 76.27 -53.04
N ASN X 29 -65.73 77.44 -53.16
CA ASN X 29 -65.04 78.65 -53.57
C ASN X 29 -64.19 78.40 -54.81
N ASN X 30 -64.74 77.66 -55.75
CA ASN X 30 -64.04 77.35 -56.97
C ASN X 30 -65.05 77.45 -58.11
N VAL X 31 -64.62 78.00 -59.25
CA VAL X 31 -65.52 78.29 -60.36
C VAL X 31 -64.84 77.85 -61.66
N ASP X 32 -65.55 77.04 -62.46
CA ASP X 32 -65.00 76.45 -63.68
C ASP X 32 -65.93 76.71 -64.86
N TYR X 33 -65.39 77.38 -65.88
CA TYR X 33 -66.07 77.69 -67.13
C TYR X 33 -65.49 76.88 -68.28
N VAL X 34 -66.32 76.60 -69.28
CA VAL X 34 -65.87 75.93 -70.49
C VAL X 34 -66.25 76.78 -71.70
N CYS X 35 -65.41 76.73 -72.73
CA CYS X 35 -65.62 77.52 -73.93
C CYS X 35 -66.66 76.86 -74.83
N THR X 36 -67.64 77.66 -75.26
CA THR X 36 -68.77 77.17 -76.04
C THR X 36 -68.55 77.29 -77.54
N ASP X 37 -67.43 77.84 -77.97
CA ASP X 37 -67.18 78.10 -79.37
C ASP X 37 -66.80 76.81 -80.10
N PRO X 38 -66.77 76.83 -81.43
CA PRO X 38 -66.37 75.61 -82.16
C PRO X 38 -64.92 75.23 -81.95
N ASP X 39 -64.04 76.18 -81.64
CA ASP X 39 -62.63 75.87 -81.50
C ASP X 39 -62.31 75.06 -80.25
N SER X 40 -63.23 74.98 -79.29
CA SER X 40 -63.07 74.11 -78.12
C SER X 40 -63.89 72.86 -78.35
N THR X 41 -63.22 71.72 -78.44
CA THR X 41 -63.85 70.42 -78.55
C THR X 41 -63.72 69.69 -77.22
N LEU X 42 -64.37 68.53 -77.14
CA LEU X 42 -64.21 67.69 -75.96
C LEU X 42 -62.78 67.28 -75.78
N SER X 43 -62.10 66.95 -76.88
CA SER X 43 -60.75 66.41 -76.78
C SER X 43 -59.74 67.52 -76.49
N ALA X 44 -60.00 68.71 -77.01
CA ALA X 44 -59.10 69.86 -76.88
C ALA X 44 -59.93 71.08 -76.52
N PRO X 45 -60.26 71.26 -75.24
CA PRO X 45 -61.21 72.32 -74.86
C PRO X 45 -60.50 73.62 -74.50
N GLY X 46 -61.32 74.67 -74.33
CA GLY X 46 -60.89 75.90 -73.71
C GLY X 46 -61.56 76.01 -72.35
N LEU X 47 -60.78 76.38 -71.34
CA LEU X 47 -61.24 76.24 -69.97
C LEU X 47 -60.82 77.44 -69.13
N ILE X 48 -61.61 77.74 -68.11
CA ILE X 48 -61.27 78.77 -67.13
C ILE X 48 -61.53 78.23 -65.74
N ASN X 49 -60.63 78.58 -64.81
CA ASN X 49 -60.67 78.15 -63.42
C ASN X 49 -60.40 79.35 -62.52
N ALA X 50 -61.08 79.41 -61.37
CA ALA X 50 -60.88 80.51 -60.42
C ALA X 50 -61.16 80.04 -59.00
N LYS X 51 -60.17 80.21 -58.11
CA LYS X 51 -60.20 79.74 -56.72
C LYS X 51 -59.97 80.90 -55.76
N PHE X 52 -60.52 80.76 -54.56
CA PHE X 52 -60.32 81.69 -53.45
C PHE X 52 -59.73 80.96 -52.26
N ASP X 53 -58.51 81.34 -51.88
CA ASP X 53 -57.94 80.96 -50.59
C ASP X 53 -58.26 82.10 -49.63
N ILE X 54 -59.33 81.94 -48.85
CA ILE X 54 -59.76 82.96 -47.91
C ILE X 54 -59.27 82.58 -46.52
N LYS X 55 -58.39 83.40 -45.97
CA LYS X 55 -57.85 83.18 -44.65
C LYS X 55 -58.91 83.48 -43.59
N ALA X 56 -58.74 82.88 -42.41
CA ALA X 56 -59.56 83.15 -41.24
C ALA X 56 -59.57 84.64 -40.93
N PRO X 57 -60.61 85.16 -40.29
CA PRO X 57 -60.64 86.59 -39.97
C PRO X 57 -59.42 86.98 -39.16
N GLY X 58 -58.97 88.21 -39.38
CA GLY X 58 -57.77 88.67 -38.73
C GLY X 58 -57.12 89.76 -39.53
N ILE X 59 -56.19 90.45 -38.86
CA ILE X 59 -55.47 91.54 -39.50
C ILE X 59 -54.17 91.06 -40.14
N THR X 60 -53.79 89.81 -39.93
CA THR X 60 -52.55 89.25 -40.44
C THR X 60 -52.84 88.26 -41.55
N GLY X 61 -51.88 88.12 -42.46
CA GLY X 61 -51.96 87.17 -43.55
C GLY X 61 -52.35 87.82 -44.87
N ASN X 62 -52.33 86.99 -45.91
CA ASN X 62 -52.75 87.38 -47.24
C ASN X 62 -53.89 86.48 -47.69
N ASP X 63 -54.92 87.09 -48.28
CA ASP X 63 -55.93 86.36 -49.05
C ASP X 63 -55.40 86.14 -50.46
N ARG X 64 -55.86 85.05 -51.11
CA ARG X 64 -55.33 84.75 -52.43
C ARG X 64 -56.41 84.40 -53.42
N ILE X 65 -56.24 84.86 -54.66
CA ILE X 65 -57.09 84.55 -55.80
C ILE X 65 -56.25 83.81 -56.81
N HIS X 66 -56.76 82.69 -57.33
CA HIS X 66 -56.09 81.94 -58.38
C HIS X 66 -56.98 81.89 -59.60
N ALA X 67 -56.39 82.06 -60.79
CA ALA X 67 -57.17 82.02 -62.01
C ALA X 67 -56.33 81.39 -63.11
N ASN X 68 -56.97 80.58 -63.94
CA ASN X 68 -56.28 79.88 -65.01
C ASN X 68 -57.13 79.93 -66.27
N LEU X 69 -56.54 80.39 -67.37
CA LEU X 69 -57.19 80.40 -68.67
C LEU X 69 -56.39 79.52 -69.61
N ARG X 70 -57.01 78.43 -70.07
CA ARG X 70 -56.34 77.35 -70.78
C ARG X 70 -56.96 77.15 -72.16
N LYS X 71 -56.11 76.78 -73.11
CA LYS X 71 -56.55 76.22 -74.38
C LYS X 71 -55.72 74.99 -74.67
N VAL X 72 -56.39 73.85 -74.88
CA VAL X 72 -55.72 72.60 -75.20
C VAL X 72 -55.63 72.47 -76.72
N VAL X 73 -54.52 71.93 -77.20
CA VAL X 73 -54.33 71.68 -78.62
C VAL X 73 -53.76 70.29 -78.80
N LEU X 74 -54.20 69.61 -79.85
CA LEU X 74 -53.79 68.25 -80.15
C LEU X 74 -52.69 68.25 -81.21
N ASP X 75 -51.70 67.35 -81.04
CA ASP X 75 -50.66 67.19 -82.03
C ASP X 75 -51.23 66.66 -83.34
N GLU X 76 -50.71 67.19 -84.45
CA GLU X 76 -51.22 66.80 -85.75
C GLU X 76 -51.07 65.30 -85.99
N LYS X 77 -49.91 64.75 -85.64
CA LYS X 77 -49.62 63.34 -85.90
C LYS X 77 -50.03 62.48 -84.72
N THR X 78 -49.49 62.76 -83.53
CA THR X 78 -49.68 61.86 -82.39
C THR X 78 -51.02 62.06 -81.68
N ASN X 79 -51.72 63.17 -81.93
CA ASN X 79 -52.97 63.52 -81.25
C ASN X 79 -52.80 63.63 -79.73
N LEU X 80 -51.55 63.70 -79.25
CA LEU X 80 -51.29 63.96 -77.84
C LEU X 80 -51.62 65.41 -77.53
N PRO X 81 -52.27 65.67 -76.42
CA PRO X 81 -52.65 67.05 -76.09
C PRO X 81 -51.54 67.77 -75.36
N SER X 82 -51.24 68.98 -75.77
CA SER X 82 -50.49 69.90 -74.94
C SER X 82 -51.30 71.19 -74.79
N THR X 83 -51.14 71.84 -73.65
CA THR X 83 -52.03 72.93 -73.28
C THR X 83 -51.25 74.22 -73.04
N GLY X 84 -51.80 75.32 -73.54
CA GLY X 84 -51.23 76.65 -73.32
C GLY X 84 -52.10 77.42 -72.36
N SER X 85 -51.47 78.21 -71.48
CA SER X 85 -52.24 78.74 -70.37
C SER X 85 -51.67 80.04 -69.83
N VAL X 86 -52.57 80.97 -69.50
CA VAL X 86 -52.22 82.16 -68.72
C VAL X 86 -52.85 82.01 -67.34
N THR X 87 -52.02 82.02 -66.31
CA THR X 87 -52.50 81.85 -64.95
C THR X 87 -52.07 83.03 -64.08
N ILE X 88 -52.97 83.45 -63.19
CA ILE X 88 -52.82 84.66 -62.38
C ILE X 88 -53.00 84.29 -60.91
N GLN X 89 -52.12 84.82 -60.07
CA GLN X 89 -52.28 84.78 -58.62
C GLN X 89 -52.29 86.19 -58.07
N VAL X 90 -53.37 86.53 -57.36
CA VAL X 90 -53.51 87.82 -56.69
C VAL X 90 -53.37 87.57 -55.19
N SER X 91 -52.47 88.31 -54.54
CA SER X 91 -52.23 88.20 -53.10
C SER X 91 -52.54 89.53 -52.46
N ILE X 92 -53.61 89.57 -51.67
CA ILE X 92 -54.16 90.76 -51.05
C ILE X 92 -53.88 90.70 -49.55
N PRO X 93 -53.02 91.57 -49.02
CA PRO X 93 -52.78 91.58 -47.57
C PRO X 93 -53.98 92.07 -46.79
N ARG X 94 -53.94 91.82 -45.48
CA ARG X 94 -55.02 92.20 -44.59
C ARG X 94 -54.70 93.37 -43.67
N ASN X 95 -53.46 93.84 -43.65
CA ASN X 95 -53.13 95.07 -42.95
C ASN X 95 -54.01 96.20 -43.49
N PRO X 96 -54.71 96.95 -42.63
CA PRO X 96 -55.61 98.00 -43.13
C PRO X 96 -54.92 99.04 -43.96
N ALA X 97 -53.59 99.01 -44.00
CA ALA X 97 -52.82 99.88 -44.86
C ALA X 97 -52.83 99.43 -46.32
N TRP X 98 -53.62 98.40 -46.65
CA TRP X 98 -53.85 97.99 -48.03
C TRP X 98 -55.28 98.34 -48.43
N ASN X 99 -55.50 98.54 -49.73
CA ASN X 99 -56.82 98.91 -50.24
C ASN X 99 -57.21 98.06 -51.43
N ALA X 100 -58.52 97.86 -51.55
CA ALA X 100 -59.05 97.34 -52.81
C ALA X 100 -58.58 98.21 -53.97
N SER X 101 -58.42 99.51 -53.75
CA SER X 101 -57.91 100.37 -54.82
C SER X 101 -56.52 99.95 -55.24
N MET X 102 -55.70 99.52 -54.28
CA MET X 102 -54.35 99.06 -54.61
C MET X 102 -54.38 97.73 -55.35
N THR X 103 -55.28 96.83 -54.93
CA THR X 103 -55.49 95.59 -55.67
C THR X 103 -55.86 95.88 -57.13
N VAL X 104 -56.85 96.74 -57.33
CA VAL X 104 -57.32 97.06 -58.67
C VAL X 104 -56.21 97.73 -59.46
N SER X 105 -55.41 98.59 -58.81
CA SER X 105 -54.33 99.25 -59.51
C SER X 105 -53.31 98.24 -60.02
N LEU X 106 -52.96 97.25 -59.20
CA LEU X 106 -52.05 96.21 -59.68
C LEU X 106 -52.66 95.41 -60.82
N LEU X 107 -53.97 95.10 -60.73
CA LEU X 107 -54.61 94.36 -61.81
C LEU X 107 -54.55 95.16 -63.12
N LYS X 108 -54.88 96.46 -63.06
CA LYS X 108 -54.88 97.28 -64.25
C LYS X 108 -53.48 97.42 -64.84
N GLN X 109 -52.47 97.55 -63.98
CA GLN X 109 -51.10 97.67 -64.47
C GLN X 109 -50.64 96.38 -65.13
N ALA X 110 -50.97 95.24 -64.53
CA ALA X 110 -50.64 93.97 -65.17
C ALA X 110 -51.33 93.84 -66.51
N ALA X 111 -52.60 94.24 -66.59
CA ALA X 111 -53.31 94.21 -67.88
C ALA X 111 -52.61 95.09 -68.90
N ASP X 112 -52.18 96.29 -68.49
CA ASP X 112 -51.48 97.17 -69.42
C ASP X 112 -50.16 96.55 -69.88
N TYR X 113 -49.39 95.98 -68.95
CA TYR X 113 -48.02 95.60 -69.27
C TYR X 113 -47.93 94.26 -69.98
N LEU X 114 -48.83 93.31 -69.68
CA LEU X 114 -48.76 92.01 -70.33
C LEU X 114 -49.80 91.81 -71.42
N ALA X 115 -50.89 92.57 -71.39
CA ALA X 115 -51.91 92.45 -72.42
C ALA X 115 -52.08 93.70 -73.27
N GLY X 116 -51.62 94.86 -72.80
CA GLY X 116 -51.75 96.09 -73.55
C GLY X 116 -53.19 96.53 -73.74
N THR X 117 -53.95 96.59 -72.64
CA THR X 117 -55.37 96.88 -72.72
C THR X 117 -55.82 98.02 -71.80
N SER X 118 -54.88 98.72 -71.15
CA SER X 118 -55.24 99.81 -70.25
C SER X 118 -56.12 100.86 -70.93
N ALA X 119 -56.85 101.61 -70.10
CA ALA X 119 -57.61 102.76 -70.56
C ALA X 119 -56.67 103.88 -71.02
N THR X 120 -57.22 104.85 -71.74
CA THR X 120 -56.40 105.91 -72.31
C THR X 120 -56.15 107.01 -71.28
N VAL X 121 -54.88 107.35 -71.09
CA VAL X 121 -54.44 108.43 -70.21
C VAL X 121 -53.29 109.14 -70.90
N SER X 122 -53.27 110.47 -70.80
CA SER X 122 -52.20 111.26 -71.39
C SER X 122 -50.85 110.83 -70.84
N GLY X 123 -49.91 110.56 -71.73
CA GLY X 123 -48.57 110.17 -71.32
C GLY X 123 -48.37 108.70 -71.05
N GLN X 124 -49.33 107.84 -71.38
CA GLN X 124 -49.16 106.43 -71.08
C GLN X 124 -48.24 105.84 -72.14
N THR X 125 -47.48 104.82 -71.77
CA THR X 125 -46.66 104.17 -72.80
C THR X 125 -47.54 103.27 -73.65
N ASP X 126 -47.21 103.24 -74.95
CA ASP X 126 -47.97 102.44 -75.90
C ASP X 126 -47.64 100.98 -75.69
N THR X 127 -48.61 100.24 -75.17
CA THR X 127 -48.44 98.84 -74.83
C THR X 127 -49.13 97.92 -75.83
N SER X 128 -49.59 98.47 -76.96
CA SER X 128 -50.36 97.67 -77.91
C SER X 128 -49.59 96.47 -78.42
N GLY X 129 -48.29 96.65 -78.70
CA GLY X 129 -47.49 95.57 -79.22
C GLY X 129 -46.86 94.69 -78.18
N PHE X 130 -47.05 95.02 -76.90
CA PHE X 130 -46.45 94.22 -75.85
C PHE X 130 -46.95 92.78 -75.82
N PRO X 131 -48.24 92.47 -75.98
CA PRO X 131 -48.63 91.05 -75.99
C PRO X 131 -47.96 90.28 -77.11
N ALA X 132 -47.80 90.89 -78.28
CA ALA X 132 -47.06 90.25 -79.35
C ALA X 132 -45.62 89.97 -78.94
N LYS X 133 -44.95 90.98 -78.37
CA LYS X 133 -43.56 90.78 -77.95
C LYS X 133 -43.45 89.69 -76.89
N TRP X 134 -44.42 89.63 -75.96
CA TRP X 134 -44.40 88.58 -74.95
C TRP X 134 -44.56 87.21 -75.59
N ALA X 135 -45.55 87.07 -76.49
CA ALA X 135 -45.76 85.80 -77.16
C ALA X 135 -44.53 85.37 -77.94
N GLY X 136 -43.70 86.33 -78.36
CA GLY X 136 -42.42 86.00 -78.94
C GLY X 136 -41.27 85.81 -77.95
N LEU X 137 -41.56 85.84 -76.65
CA LEU X 137 -40.53 85.77 -75.61
C LEU X 137 -39.50 86.89 -75.76
N MET X 138 -40.00 88.12 -75.80
CA MET X 138 -39.17 89.31 -75.92
C MET X 138 -39.64 90.33 -74.90
N PHE X 139 -38.73 90.85 -74.10
CA PHE X 139 -39.11 91.87 -73.15
C PHE X 139 -39.50 93.15 -73.89
N PRO X 140 -40.63 93.78 -73.53
CA PRO X 140 -41.11 95.03 -74.13
C PRO X 140 -40.11 96.15 -73.94
N ALA Y 1 -4.52 120.67 -40.42
CA ALA Y 1 -5.95 120.59 -40.68
C ALA Y 1 -6.67 121.88 -40.30
N ALA Y 2 -7.74 122.19 -41.03
CA ALA Y 2 -8.52 123.38 -40.75
C ALA Y 2 -9.22 123.24 -39.39
N PRO Y 3 -9.32 124.33 -38.63
CA PRO Y 3 -9.94 124.23 -37.30
C PRO Y 3 -11.44 124.09 -37.35
N SER Y 4 -12.08 124.57 -38.43
CA SER Y 4 -13.53 124.51 -38.52
C SER Y 4 -13.93 124.62 -39.99
N LEU Y 5 -15.14 124.17 -40.28
CA LEU Y 5 -15.64 124.05 -41.64
C LEU Y 5 -17.11 124.46 -41.68
N ALA Y 6 -17.49 125.12 -42.76
CA ALA Y 6 -18.90 125.42 -43.04
C ALA Y 6 -19.18 124.81 -44.42
N LEU Y 7 -19.68 123.58 -44.42
CA LEU Y 7 -19.91 122.85 -45.66
C LEU Y 7 -21.35 123.07 -46.10
N VAL Y 8 -21.60 122.96 -47.38
CA VAL Y 8 -22.95 123.13 -47.91
C VAL Y 8 -23.62 121.76 -48.01
N GLY Y 9 -24.82 121.66 -47.43
CA GLY Y 9 -25.68 120.50 -47.53
C GLY Y 9 -27.09 120.93 -47.88
N ALA Y 10 -28.06 120.10 -47.49
CA ALA Y 10 -29.46 120.34 -47.82
C ALA Y 10 -30.35 120.14 -46.60
N ASN Y 11 -31.37 120.99 -46.47
CA ASN Y 11 -32.36 120.88 -45.41
C ASN Y 11 -33.47 119.94 -45.88
N SER Y 12 -34.58 119.93 -45.15
CA SER Y 12 -35.71 119.08 -45.52
C SER Y 12 -36.33 119.51 -46.85
N THR Y 13 -36.21 120.79 -47.20
CA THR Y 13 -36.67 121.32 -48.48
C THR Y 13 -35.70 121.01 -49.62
N LEU Y 14 -34.50 120.52 -49.29
CA LEU Y 14 -33.38 120.35 -50.21
C LEU Y 14 -32.80 121.68 -50.67
N ALA Y 15 -33.09 122.76 -49.95
CA ALA Y 15 -32.42 124.03 -50.19
C ALA Y 15 -31.02 124.01 -49.60
N SER Y 16 -30.11 124.73 -50.25
CA SER Y 16 -28.71 124.72 -49.82
C SER Y 16 -28.59 125.38 -48.44
N THR Y 17 -28.06 124.63 -47.47
CA THR Y 17 -27.96 125.06 -46.09
C THR Y 17 -26.55 124.81 -45.58
N LEU Y 18 -26.05 125.72 -44.75
CA LEU Y 18 -24.75 125.45 -44.14
C LEU Y 18 -24.86 124.40 -43.05
N VAL Y 19 -23.79 123.61 -42.92
CA VAL Y 19 -23.62 122.66 -41.85
C VAL Y 19 -22.22 122.83 -41.29
N ASN Y 20 -22.13 123.07 -39.99
CA ASN Y 20 -20.92 123.56 -39.35
C ASN Y 20 -20.22 122.42 -38.62
N TYR Y 21 -18.96 122.19 -38.97
CA TYR Y 21 -18.12 121.22 -38.29
C TYR Y 21 -16.97 121.95 -37.62
N SER Y 22 -16.46 121.37 -36.54
CA SER Y 22 -15.28 121.87 -35.87
C SER Y 22 -14.35 120.70 -35.56
N LEU Y 23 -13.05 121.00 -35.53
CA LEU Y 23 -12.04 119.95 -35.40
C LEU Y 23 -12.09 119.35 -34.00
N ARG Y 24 -12.52 118.09 -33.91
CA ARG Y 24 -12.39 117.35 -32.66
C ARG Y 24 -10.94 117.00 -32.39
N SER Y 25 -10.31 116.25 -33.30
CA SER Y 25 -8.94 115.84 -33.00
C SER Y 25 -8.19 115.52 -34.28
N GLN Y 26 -6.90 115.87 -34.30
CA GLN Y 26 -6.00 115.44 -35.36
C GLN Y 26 -5.04 114.42 -34.77
N ASN Y 27 -5.12 113.20 -35.27
CA ASN Y 27 -4.10 112.18 -35.12
C ASN Y 27 -3.17 112.25 -36.35
N GLY Y 28 -2.06 111.55 -36.28
CA GLY Y 28 -1.13 111.59 -37.39
C GLY Y 28 -1.73 111.07 -38.68
N ASN Y 29 -1.87 111.96 -39.68
CA ASN Y 29 -2.53 111.63 -40.94
C ASN Y 29 -3.97 111.17 -40.72
N ASN Y 30 -4.62 111.74 -39.71
CA ASN Y 30 -6.02 111.39 -39.43
C ASN Y 30 -6.70 112.58 -38.78
N VAL Y 31 -7.92 112.87 -39.22
CA VAL Y 31 -8.63 114.07 -38.76
C VAL Y 31 -10.08 113.70 -38.46
N ASP Y 32 -10.58 114.17 -37.31
CA ASP Y 32 -11.95 113.94 -36.87
C ASP Y 32 -12.61 115.28 -36.58
N TYR Y 33 -13.69 115.58 -37.32
CA TYR Y 33 -14.53 116.74 -37.15
C TYR Y 33 -15.90 116.35 -36.62
N VAL Y 34 -16.54 117.28 -35.89
CA VAL Y 34 -17.85 117.07 -35.28
C VAL Y 34 -18.76 118.22 -35.67
N CYS Y 35 -20.04 117.93 -35.89
CA CYS Y 35 -20.99 118.95 -36.25
C CYS Y 35 -21.39 119.76 -35.02
N THR Y 36 -21.34 121.09 -35.15
CA THR Y 36 -21.62 122.01 -34.05
C THR Y 36 -23.01 122.62 -34.12
N ASP Y 37 -23.86 122.12 -35.01
CA ASP Y 37 -25.23 122.61 -35.11
C ASP Y 37 -26.07 121.99 -34.01
N PRO Y 38 -27.29 122.51 -33.80
CA PRO Y 38 -28.24 121.80 -32.94
C PRO Y 38 -28.69 120.45 -33.49
N ASP Y 39 -28.48 120.21 -34.79
CA ASP Y 39 -28.86 118.93 -35.41
C ASP Y 39 -28.12 117.77 -34.76
N SER Y 40 -26.83 117.93 -34.50
CA SER Y 40 -26.04 116.88 -33.88
C SER Y 40 -25.93 117.14 -32.40
N THR Y 41 -26.05 116.05 -31.64
CA THR Y 41 -25.77 116.00 -30.22
C THR Y 41 -24.77 114.88 -30.00
N LEU Y 42 -24.23 114.79 -28.78
CA LEU Y 42 -23.34 113.67 -28.49
C LEU Y 42 -24.05 112.34 -28.68
N SER Y 43 -25.34 112.28 -28.37
CA SER Y 43 -26.09 111.03 -28.49
C SER Y 43 -26.27 110.64 -29.95
N ALA Y 44 -26.53 111.61 -30.83
CA ALA Y 44 -26.73 111.36 -32.26
C ALA Y 44 -25.95 112.39 -33.06
N PRO Y 45 -24.65 112.18 -33.24
CA PRO Y 45 -23.79 113.22 -33.80
C PRO Y 45 -23.70 113.18 -35.32
N GLY Y 46 -23.21 114.28 -35.87
CA GLY Y 46 -22.73 114.35 -37.23
C GLY Y 46 -21.22 114.42 -37.22
N LEU Y 47 -20.59 113.60 -38.05
CA LEU Y 47 -19.15 113.36 -37.90
C LEU Y 47 -18.47 113.33 -39.26
N ILE Y 48 -17.19 113.70 -39.28
CA ILE Y 48 -16.35 113.57 -40.45
C ILE Y 48 -15.02 112.98 -40.03
N ASN Y 49 -14.49 112.08 -40.87
CA ASN Y 49 -13.21 111.42 -40.64
C ASN Y 49 -12.43 111.39 -41.94
N ALA Y 50 -11.12 111.70 -41.86
CA ALA Y 50 -10.25 111.71 -43.04
C ALA Y 50 -8.90 111.10 -42.71
N LYS Y 51 -8.48 110.13 -43.51
CA LYS Y 51 -7.28 109.33 -43.25
C LYS Y 51 -6.42 109.27 -44.50
N PHE Y 52 -5.12 109.07 -44.28
CA PHE Y 52 -4.12 108.99 -45.36
C PHE Y 52 -3.33 107.69 -45.21
N ASP Y 53 -3.52 106.76 -46.13
CA ASP Y 53 -2.70 105.56 -46.25
C ASP Y 53 -1.58 105.88 -47.22
N ILE Y 54 -0.44 106.31 -46.68
CA ILE Y 54 0.71 106.71 -47.48
C ILE Y 54 1.77 105.62 -47.35
N LYS Y 55 2.13 105.01 -48.47
CA LYS Y 55 3.10 103.93 -48.47
C LYS Y 55 4.51 104.50 -48.30
N ALA Y 56 5.44 103.63 -47.93
CA ALA Y 56 6.83 104.03 -47.77
C ALA Y 56 7.34 104.66 -49.06
N PRO Y 57 8.23 105.65 -48.98
CA PRO Y 57 8.69 106.34 -50.20
C PRO Y 57 9.41 105.44 -51.19
N GLY Y 58 10.13 104.41 -50.71
CA GLY Y 58 10.76 103.50 -51.64
C GLY Y 58 9.77 102.63 -52.39
N ILE Y 59 8.72 102.17 -51.70
CA ILE Y 59 7.75 101.23 -52.26
C ILE Y 59 6.85 101.94 -53.27
N THR Y 60 6.60 101.29 -54.40
CA THR Y 60 5.57 101.74 -55.33
C THR Y 60 4.25 101.03 -55.02
N GLY Y 61 3.18 101.80 -54.99
CA GLY Y 61 1.85 101.26 -54.82
C GLY Y 61 0.88 102.36 -55.16
N ASN Y 62 -0.28 102.32 -54.51
CA ASN Y 62 -1.22 103.43 -54.56
C ASN Y 62 -1.27 104.08 -53.19
N ASP Y 63 -1.18 105.41 -53.16
CA ASP Y 63 -1.53 106.16 -51.96
C ASP Y 63 -3.05 106.27 -51.88
N ARG Y 64 -3.58 106.31 -50.66
CA ARG Y 64 -5.03 106.25 -50.48
C ARG Y 64 -5.51 107.34 -49.51
N ILE Y 65 -6.69 107.87 -49.82
CA ILE Y 65 -7.41 108.81 -48.98
C ILE Y 65 -8.73 108.18 -48.59
N HIS Y 66 -9.06 108.19 -47.30
CA HIS Y 66 -10.32 107.64 -46.81
C HIS Y 66 -11.10 108.74 -46.11
N ALA Y 67 -12.27 109.07 -46.64
CA ALA Y 67 -13.13 110.07 -46.05
C ALA Y 67 -14.48 109.46 -45.69
N ASN Y 68 -15.07 109.96 -44.61
CA ASN Y 68 -16.33 109.42 -44.12
C ASN Y 68 -17.14 110.57 -43.51
N LEU Y 69 -18.36 110.77 -44.03
CA LEU Y 69 -19.28 111.77 -43.52
C LEU Y 69 -20.53 111.06 -43.02
N ARG Y 70 -20.80 111.17 -41.72
CA ARG Y 70 -21.82 110.39 -41.04
C ARG Y 70 -22.84 111.32 -40.38
N LYS Y 71 -24.07 110.83 -40.30
CA LYS Y 71 -25.10 111.41 -39.44
C LYS Y 71 -25.81 110.28 -38.72
N VAL Y 72 -25.79 110.31 -37.39
CA VAL Y 72 -26.47 109.32 -36.57
C VAL Y 72 -27.88 109.83 -36.30
N VAL Y 73 -28.85 108.91 -36.30
CA VAL Y 73 -30.23 109.26 -36.00
C VAL Y 73 -30.77 108.23 -34.99
N LEU Y 74 -31.64 108.68 -34.11
CA LEU Y 74 -32.24 107.86 -33.08
C LEU Y 74 -33.66 107.46 -33.49
N ASP Y 75 -34.02 106.21 -33.24
CA ASP Y 75 -35.39 105.76 -33.47
C ASP Y 75 -36.33 106.45 -32.49
N GLU Y 76 -37.46 106.93 -33.01
CA GLU Y 76 -38.44 107.57 -32.12
C GLU Y 76 -38.91 106.61 -31.04
N LYS Y 77 -39.20 105.36 -31.41
CA LYS Y 77 -39.77 104.43 -30.44
C LYS Y 77 -38.70 103.82 -29.53
N THR Y 78 -37.56 103.38 -30.07
CA THR Y 78 -36.59 102.64 -29.28
C THR Y 78 -35.36 103.45 -28.89
N ASN Y 79 -35.17 104.66 -29.43
CA ASN Y 79 -33.97 105.46 -29.23
C ASN Y 79 -32.69 104.73 -29.62
N LEU Y 80 -32.82 103.62 -30.34
CA LEU Y 80 -31.65 102.92 -30.86
C LEU Y 80 -31.05 103.70 -32.02
N PRO Y 81 -29.75 103.82 -32.07
CA PRO Y 81 -29.13 104.64 -33.11
C PRO Y 81 -28.84 103.84 -34.37
N SER Y 82 -29.24 104.38 -35.51
CA SER Y 82 -28.71 103.89 -36.78
C SER Y 82 -28.14 105.08 -37.53
N THR Y 83 -27.13 104.81 -38.34
CA THR Y 83 -26.34 105.88 -38.92
C THR Y 83 -26.38 105.81 -40.44
N GLY Y 84 -26.34 106.99 -41.06
CA GLY Y 84 -26.27 107.09 -42.51
C GLY Y 84 -24.99 107.80 -42.91
N SER Y 85 -24.36 107.32 -43.99
CA SER Y 85 -23.00 107.77 -44.24
C SER Y 85 -22.66 107.79 -45.73
N VAL Y 86 -21.77 108.71 -46.08
CA VAL Y 86 -21.11 108.72 -47.39
C VAL Y 86 -19.62 108.56 -47.16
N THR Y 87 -19.05 107.50 -47.72
CA THR Y 87 -17.62 107.23 -47.61
C THR Y 87 -16.98 107.30 -49.00
N ILE Y 88 -15.73 107.76 -49.01
CA ILE Y 88 -15.00 108.05 -50.24
C ILE Y 88 -13.60 107.49 -50.11
N GLN Y 89 -13.12 106.82 -51.13
CA GLN Y 89 -11.76 106.30 -51.14
C GLN Y 89 -11.12 106.78 -52.43
N VAL Y 90 -10.02 107.51 -52.30
CA VAL Y 90 -9.27 108.02 -53.44
C VAL Y 90 -7.97 107.21 -53.51
N SER Y 91 -7.74 106.53 -54.63
CA SER Y 91 -6.54 105.73 -54.84
C SER Y 91 -5.73 106.39 -55.96
N ILE Y 92 -4.59 106.96 -55.57
CA ILE Y 92 -3.71 107.74 -56.44
C ILE Y 92 -2.46 106.91 -56.71
N PRO Y 93 -2.16 106.56 -57.95
CA PRO Y 93 -0.93 105.81 -58.23
C PRO Y 93 0.33 106.65 -58.18
N ARG Y 94 1.43 105.98 -57.82
CA ARG Y 94 2.74 106.62 -57.67
C ARG Y 94 3.55 106.66 -58.95
N ASN Y 95 2.91 106.57 -60.10
CA ASN Y 95 3.58 106.66 -61.40
C ASN Y 95 3.51 108.10 -61.91
N PRO Y 96 4.64 108.69 -62.33
CA PRO Y 96 4.58 110.07 -62.86
C PRO Y 96 3.62 110.26 -64.01
N ALA Y 97 3.18 109.17 -64.64
CA ALA Y 97 2.16 109.27 -65.67
C ALA Y 97 0.80 109.67 -65.14
N TRP Y 98 0.65 109.74 -63.81
CA TRP Y 98 -0.54 110.25 -63.16
C TRP Y 98 -0.20 111.57 -62.47
N ASN Y 99 -1.17 112.47 -62.37
CA ASN Y 99 -0.89 113.73 -61.71
C ASN Y 99 -2.13 114.27 -60.99
N ALA Y 100 -1.90 115.36 -60.26
CA ALA Y 100 -2.94 115.92 -59.42
C ALA Y 100 -4.11 116.41 -60.26
N SER Y 101 -3.86 116.85 -61.50
CA SER Y 101 -4.98 117.26 -62.34
C SER Y 101 -5.92 116.10 -62.58
N MET Y 102 -5.38 114.89 -62.72
CA MET Y 102 -6.22 113.71 -62.92
C MET Y 102 -6.95 113.33 -61.63
N THR Y 103 -6.26 113.42 -60.49
CA THR Y 103 -6.94 113.21 -59.21
C THR Y 103 -8.14 114.15 -59.08
N VAL Y 104 -7.91 115.44 -59.32
CA VAL Y 104 -8.97 116.43 -59.20
C VAL Y 104 -10.06 116.17 -60.21
N SER Y 105 -9.70 115.73 -61.42
CA SER Y 105 -10.71 115.46 -62.43
C SER Y 105 -11.64 114.35 -61.98
N LEU Y 106 -11.09 113.28 -61.41
CA LEU Y 106 -11.96 112.22 -60.88
C LEU Y 106 -12.85 112.75 -59.76
N LEU Y 107 -12.29 113.57 -58.86
CA LEU Y 107 -13.11 114.12 -57.78
C LEU Y 107 -14.26 114.95 -58.33
N LYS Y 108 -13.98 115.82 -59.30
CA LYS Y 108 -15.00 116.68 -59.88
C LYS Y 108 -16.07 115.86 -60.59
N GLN Y 109 -15.67 114.81 -61.31
CA GLN Y 109 -16.65 113.99 -62.02
C GLN Y 109 -17.54 113.24 -61.05
N ALA Y 110 -16.96 112.70 -59.98
CA ALA Y 110 -17.76 112.04 -58.96
C ALA Y 110 -18.75 113.01 -58.32
N ALA Y 111 -18.29 114.24 -58.06
CA ALA Y 111 -19.18 115.26 -57.51
C ALA Y 111 -20.34 115.54 -58.46
N ASP Y 112 -20.03 115.74 -59.74
CA ASP Y 112 -21.09 115.98 -60.72
C ASP Y 112 -22.08 114.82 -60.77
N TYR Y 113 -21.58 113.58 -60.78
CA TYR Y 113 -22.46 112.45 -61.06
C TYR Y 113 -23.26 111.98 -59.86
N LEU Y 114 -22.74 112.16 -58.63
CA LEU Y 114 -23.49 111.71 -57.46
C LEU Y 114 -24.09 112.82 -56.63
N ALA Y 115 -23.56 114.04 -56.71
CA ALA Y 115 -24.15 115.16 -55.98
C ALA Y 115 -24.73 116.23 -56.89
N GLY Y 116 -24.37 116.22 -58.18
CA GLY Y 116 -24.89 117.21 -59.11
C GLY Y 116 -24.46 118.61 -58.77
N THR Y 117 -23.14 118.82 -58.57
CA THR Y 117 -22.63 120.13 -58.16
C THR Y 117 -21.50 120.65 -59.04
N SER Y 118 -21.26 120.05 -60.21
CA SER Y 118 -20.22 120.53 -61.12
C SER Y 118 -20.41 122.01 -61.48
N ALA Y 119 -19.31 122.62 -61.92
CA ALA Y 119 -19.34 123.97 -62.46
C ALA Y 119 -20.05 123.98 -63.81
N THR Y 120 -20.58 125.16 -64.17
CA THR Y 120 -21.33 125.26 -65.42
C THR Y 120 -20.37 125.19 -66.61
N VAL Y 121 -20.65 124.26 -67.51
CA VAL Y 121 -19.86 124.02 -68.72
C VAL Y 121 -20.84 123.61 -69.81
N SER Y 122 -20.74 124.25 -70.98
CA SER Y 122 -21.75 124.02 -72.01
C SER Y 122 -21.69 122.58 -72.50
N GLY Y 123 -22.87 121.96 -72.63
CA GLY Y 123 -22.96 120.58 -73.05
C GLY Y 123 -22.97 119.57 -71.92
N GLN Y 124 -22.82 120.01 -70.68
CA GLN Y 124 -22.91 119.11 -69.54
C GLN Y 124 -24.33 118.58 -69.38
N THR Y 125 -24.43 117.33 -68.95
CA THR Y 125 -25.75 116.82 -68.61
C THR Y 125 -26.24 117.47 -67.32
N ASP Y 126 -27.55 117.66 -67.24
CA ASP Y 126 -28.18 118.30 -66.08
C ASP Y 126 -28.22 117.28 -64.96
N THR Y 127 -27.25 117.37 -64.06
CA THR Y 127 -27.10 116.43 -62.96
C THR Y 127 -27.79 116.88 -61.69
N SER Y 128 -28.59 117.95 -61.77
CA SER Y 128 -29.18 118.53 -60.57
C SER Y 128 -30.08 117.55 -59.83
N GLY Y 129 -30.83 116.72 -60.57
CA GLY Y 129 -31.74 115.78 -59.94
C GLY Y 129 -31.13 114.45 -59.58
N PHE Y 130 -29.87 114.25 -59.97
CA PHE Y 130 -29.22 112.97 -59.69
C PHE Y 130 -29.14 112.64 -58.21
N PRO Y 131 -28.78 113.56 -57.30
CA PRO Y 131 -28.77 113.18 -55.89
C PRO Y 131 -30.13 112.71 -55.40
N ALA Y 132 -31.20 113.35 -55.85
CA ALA Y 132 -32.55 112.87 -55.52
C ALA Y 132 -32.75 111.45 -56.02
N LYS Y 133 -32.41 111.19 -57.29
CA LYS Y 133 -32.59 109.84 -57.83
C LYS Y 133 -31.76 108.82 -57.06
N TRP Y 134 -30.52 109.17 -56.70
CA TRP Y 134 -29.70 108.24 -55.95
C TRP Y 134 -30.32 107.94 -54.59
N ALA Y 135 -30.77 108.99 -53.88
CA ALA Y 135 -31.42 108.80 -52.59
C ALA Y 135 -32.70 107.99 -52.71
N GLY Y 136 -33.25 107.88 -53.91
CA GLY Y 136 -34.34 106.95 -54.15
C GLY Y 136 -33.94 105.57 -54.63
N LEU Y 137 -32.64 105.25 -54.65
CA LEU Y 137 -32.10 104.02 -55.25
C LEU Y 137 -32.57 103.85 -56.69
N MET Y 138 -32.36 104.88 -57.49
CA MET Y 138 -32.69 104.90 -58.91
C MET Y 138 -31.48 105.38 -59.69
N PHE Y 139 -31.12 104.66 -60.74
CA PHE Y 139 -30.02 105.12 -61.57
C PHE Y 139 -30.45 106.37 -62.33
N PRO Y 140 -29.60 107.41 -62.39
CA PRO Y 140 -29.90 108.62 -63.16
C PRO Y 140 -30.13 108.31 -64.62
N ALA Z 1 4.34 122.64 -33.67
CA ALA Z 1 5.35 122.62 -34.73
C ALA Z 1 5.09 123.69 -35.77
N ALA Z 2 6.15 124.15 -36.44
CA ALA Z 2 6.01 125.18 -37.46
C ALA Z 2 5.17 124.66 -38.61
N PRO Z 3 4.18 125.44 -39.08
CA PRO Z 3 3.32 124.94 -40.17
C PRO Z 3 4.03 124.85 -41.51
N SER Z 4 5.13 125.57 -41.70
CA SER Z 4 5.85 125.50 -42.96
C SER Z 4 7.29 125.93 -42.72
N LEU Z 5 8.17 125.51 -43.64
CA LEU Z 5 9.60 125.71 -43.52
C LEU Z 5 10.18 126.09 -44.87
N ALA Z 6 11.18 126.97 -44.86
CA ALA Z 6 11.95 127.32 -46.05
C ALA Z 6 13.40 127.05 -45.71
N LEU Z 7 13.89 125.86 -46.04
CA LEU Z 7 15.23 125.45 -45.67
C LEU Z 7 16.19 125.70 -46.82
N VAL Z 8 17.47 125.84 -46.50
CA VAL Z 8 18.48 126.08 -47.52
C VAL Z 8 19.11 124.76 -47.94
N GLY Z 9 19.13 124.51 -49.25
CA GLY Z 9 19.82 123.38 -49.81
C GLY Z 9 20.66 123.81 -50.99
N ALA Z 10 20.97 122.91 -51.90
CA ALA Z 10 21.83 123.22 -53.04
C ALA Z 10 21.15 122.81 -54.34
N ASN Z 11 21.27 123.66 -55.36
CA ASN Z 11 20.76 123.35 -56.69
C ASN Z 11 21.76 122.44 -57.41
N SER Z 12 21.55 122.22 -58.71
CA SER Z 12 22.46 121.38 -59.46
C SER Z 12 23.88 121.93 -59.50
N THR Z 13 24.04 123.23 -59.26
CA THR Z 13 25.35 123.88 -59.27
C THR Z 13 25.92 124.04 -57.86
N LEU Z 14 25.21 123.57 -56.85
CA LEU Z 14 25.59 123.67 -55.44
C LEU Z 14 25.44 125.10 -54.90
N ALA Z 15 24.69 125.95 -55.61
CA ALA Z 15 24.35 127.26 -55.07
C ALA Z 15 23.23 127.15 -54.05
N SER Z 16 23.29 127.99 -53.04
CA SER Z 16 22.28 127.95 -51.99
C SER Z 16 20.91 128.30 -52.57
N THR Z 17 19.95 127.40 -52.38
CA THR Z 17 18.62 127.53 -52.94
C THR Z 17 17.59 127.15 -51.89
N LEU Z 18 16.46 127.86 -51.84
CA LEU Z 18 15.43 127.48 -50.90
C LEU Z 18 14.73 126.21 -51.34
N VAL Z 19 14.28 125.45 -50.34
CA VAL Z 19 13.49 124.24 -50.50
C VAL Z 19 12.34 124.33 -49.50
N ASN Z 20 11.11 124.25 -50.00
CA ASN Z 20 9.94 124.61 -49.24
C ASN Z 20 9.21 123.37 -48.77
N TYR Z 21 9.02 123.25 -47.47
CA TYR Z 21 8.28 122.16 -46.86
C TYR Z 21 7.05 122.71 -46.16
N SER Z 22 6.01 121.88 -46.09
CA SER Z 22 4.80 122.21 -45.36
C SER Z 22 4.44 121.04 -44.46
N LEU Z 23 3.84 121.36 -43.31
CA LEU Z 23 3.53 120.37 -42.29
C LEU Z 23 2.32 119.54 -42.72
N ARG Z 24 2.54 118.24 -42.92
CA ARG Z 24 1.44 117.37 -43.33
C ARG Z 24 0.58 116.96 -42.14
N SER Z 25 1.19 116.47 -41.06
CA SER Z 25 0.44 116.08 -39.87
C SER Z 25 1.40 116.03 -38.67
N GLN Z 26 0.82 115.77 -37.50
CA GLN Z 26 1.59 115.60 -36.26
C GLN Z 26 0.96 114.46 -35.47
N ASN Z 27 1.73 113.39 -35.26
CA ASN Z 27 1.37 112.20 -34.49
C ASN Z 27 2.04 112.27 -33.13
N GLY Z 28 1.99 111.16 -32.39
CA GLY Z 28 2.64 111.05 -31.11
C GLY Z 28 4.13 111.26 -31.22
N ASN Z 29 4.58 112.39 -30.67
CA ASN Z 29 6.00 112.73 -30.57
C ASN Z 29 6.70 112.68 -31.93
N ASN Z 30 6.02 113.15 -32.98
CA ASN Z 30 6.64 113.18 -34.30
C ASN Z 30 5.99 114.26 -35.14
N VAL Z 31 6.63 114.53 -36.28
CA VAL Z 31 6.25 115.61 -37.18
C VAL Z 31 6.62 115.17 -38.59
N ASP Z 32 5.70 115.41 -39.54
CA ASP Z 32 5.85 114.99 -40.93
C ASP Z 32 5.69 116.20 -41.85
N TYR Z 33 6.74 116.52 -42.60
CA TYR Z 33 6.75 117.61 -43.56
C TYR Z 33 6.92 117.06 -44.97
N VAL Z 34 6.33 117.77 -45.94
CA VAL Z 34 6.36 117.40 -47.35
C VAL Z 34 6.85 118.59 -48.16
N CYS Z 35 7.65 118.32 -49.20
CA CYS Z 35 8.16 119.39 -50.04
C CYS Z 35 7.06 119.86 -50.99
N THR Z 36 6.90 121.19 -51.09
CA THR Z 36 5.85 121.82 -51.87
C THR Z 36 6.37 122.43 -53.17
N ASP Z 37 7.63 122.19 -53.50
CA ASP Z 37 8.20 122.71 -54.74
C ASP Z 37 7.63 121.93 -55.92
N PRO Z 38 7.83 122.42 -57.14
CA PRO Z 38 7.35 121.66 -58.30
C PRO Z 38 8.10 120.35 -58.53
N ASP Z 39 9.38 120.26 -58.14
CA ASP Z 39 10.16 119.06 -58.44
C ASP Z 39 9.75 117.86 -57.59
N SER Z 40 9.02 118.06 -56.50
CA SER Z 40 8.53 116.95 -55.69
C SER Z 40 7.06 116.68 -56.02
N THR Z 41 6.75 115.42 -56.27
CA THR Z 41 5.42 114.94 -56.57
C THR Z 41 5.22 113.66 -55.77
N LEU Z 42 3.98 113.15 -55.77
CA LEU Z 42 3.73 111.91 -55.03
C LEU Z 42 4.56 110.76 -55.57
N SER Z 43 4.88 110.79 -56.86
CA SER Z 43 5.71 109.75 -57.46
C SER Z 43 7.13 109.80 -56.91
N ALA Z 44 7.67 111.00 -56.68
CA ALA Z 44 9.03 111.17 -56.18
C ALA Z 44 9.08 112.36 -55.24
N PRO Z 45 8.66 112.20 -54.00
CA PRO Z 45 8.51 113.32 -53.09
C PRO Z 45 9.79 113.65 -52.33
N GLY Z 46 9.78 114.82 -51.70
CA GLY Z 46 10.76 115.18 -50.68
C GLY Z 46 10.07 115.23 -49.32
N LEU Z 47 10.71 114.64 -48.33
CA LEU Z 47 10.05 114.42 -47.04
C LEU Z 47 11.00 114.74 -45.89
N ILE Z 48 10.42 115.21 -44.78
CA ILE Z 48 11.18 115.38 -43.55
C ILE Z 48 10.34 114.81 -42.40
N ASN Z 49 11.00 114.10 -41.48
CA ASN Z 49 10.31 113.42 -40.39
C ASN Z 49 11.12 113.57 -39.11
N ALA Z 50 10.44 113.88 -38.01
CA ALA Z 50 11.12 114.05 -36.72
C ALA Z 50 10.33 113.35 -35.62
N LYS Z 51 11.05 112.76 -34.67
CA LYS Z 51 10.44 111.98 -33.59
C LYS Z 51 11.25 112.15 -32.31
N PHE Z 52 10.56 112.14 -31.18
CA PHE Z 52 11.20 112.16 -29.87
C PHE Z 52 10.94 110.84 -29.15
N ASP Z 53 12.02 110.21 -28.68
CA ASP Z 53 11.94 109.11 -27.71
C ASP Z 53 12.29 109.73 -26.36
N ILE Z 54 11.28 109.95 -25.53
CA ILE Z 54 11.42 110.69 -24.29
C ILE Z 54 11.31 109.73 -23.13
N LYS Z 55 12.37 109.64 -22.33
CA LYS Z 55 12.37 108.72 -21.21
C LYS Z 55 11.69 109.37 -20.00
N ALA Z 56 11.36 108.53 -19.02
CA ALA Z 56 10.58 108.97 -17.87
C ALA Z 56 11.32 110.07 -17.10
N PRO Z 57 10.61 110.84 -16.29
CA PRO Z 57 11.27 111.89 -15.50
C PRO Z 57 12.32 111.29 -14.58
N GLY Z 58 13.40 112.04 -14.38
CA GLY Z 58 14.53 111.60 -13.61
C GLY Z 58 15.80 112.06 -14.29
N ILE Z 59 16.94 111.62 -13.74
CA ILE Z 59 18.22 111.95 -14.35
C ILE Z 59 18.93 110.72 -14.88
N THR Z 60 18.23 109.59 -14.99
CA THR Z 60 18.89 108.33 -15.30
C THR Z 60 19.08 108.12 -16.80
N GLY Z 61 18.11 108.50 -17.62
CA GLY Z 61 18.03 108.01 -18.98
C GLY Z 61 18.84 108.80 -20.00
N ASN Z 62 18.52 108.51 -21.26
CA ASN Z 62 19.02 109.19 -22.45
C ASN Z 62 17.83 109.47 -23.36
N ASP Z 63 17.48 110.75 -23.51
CA ASP Z 63 16.45 111.15 -24.48
C ASP Z 63 17.02 111.06 -25.89
N ARG Z 64 16.15 110.86 -26.88
CA ARG Z 64 16.61 110.72 -28.27
C ARG Z 64 15.73 111.51 -29.23
N ILE Z 65 16.37 112.08 -30.24
CA ILE Z 65 15.73 112.79 -31.34
C ILE Z 65 16.08 112.05 -32.62
N HIS Z 66 15.08 111.78 -33.45
CA HIS Z 66 15.27 111.12 -34.74
C HIS Z 66 14.76 112.04 -35.83
N ALA Z 67 15.65 112.46 -36.72
CA ALA Z 67 15.28 113.25 -37.88
C ALA Z 67 15.63 112.49 -39.14
N ASN Z 68 14.88 112.73 -40.20
CA ASN Z 68 15.08 112.01 -41.45
C ASN Z 68 14.66 112.90 -42.60
N LEU Z 69 15.61 113.22 -43.49
CA LEU Z 69 15.37 114.06 -44.65
C LEU Z 69 15.59 113.20 -45.89
N ARG Z 70 14.53 112.98 -46.66
CA ARG Z 70 14.57 112.08 -47.79
C ARG Z 70 14.16 112.79 -49.07
N LYS Z 71 14.69 112.30 -50.19
CA LYS Z 71 14.25 112.68 -51.53
C LYS Z 71 14.22 111.44 -52.41
N VAL Z 72 13.10 111.21 -53.08
CA VAL Z 72 12.93 110.09 -53.98
C VAL Z 72 13.24 110.55 -55.40
N VAL Z 73 13.87 109.67 -56.18
CA VAL Z 73 14.19 109.96 -57.57
C VAL Z 73 13.79 108.77 -58.41
N LEU Z 74 13.42 109.04 -59.66
CA LEU Z 74 12.99 108.01 -60.60
C LEU Z 74 14.05 107.80 -61.68
N ASP Z 75 14.28 106.53 -62.03
CA ASP Z 75 15.24 106.19 -63.07
C ASP Z 75 14.77 106.74 -64.42
N GLU Z 76 15.68 107.36 -65.17
CA GLU Z 76 15.32 107.88 -66.49
C GLU Z 76 14.90 106.76 -67.44
N LYS Z 77 15.38 105.54 -67.20
CA LYS Z 77 15.10 104.45 -68.12
C LYS Z 77 13.85 103.68 -67.72
N THR Z 78 13.60 103.53 -66.42
CA THR Z 78 12.55 102.64 -65.94
C THR Z 78 11.53 103.29 -65.01
N ASN Z 79 11.71 104.58 -64.65
CA ASN Z 79 10.89 105.24 -63.63
C ASN Z 79 10.88 104.46 -62.32
N LEU Z 80 11.93 103.69 -62.06
CA LEU Z 80 11.93 103.00 -60.78
C LEU Z 80 12.47 103.91 -59.68
N PRO Z 81 11.81 103.91 -58.53
CA PRO Z 81 12.19 104.84 -57.46
C PRO Z 81 13.34 104.30 -56.65
N SER Z 82 14.30 105.18 -56.36
CA SER Z 82 15.24 104.96 -55.28
C SER Z 82 15.35 106.24 -54.48
N THR Z 83 15.64 106.13 -53.19
CA THR Z 83 15.59 107.27 -52.29
C THR Z 83 16.99 107.57 -51.75
N GLY Z 84 17.28 108.87 -51.63
CA GLY Z 84 18.45 109.34 -50.93
C GLY Z 84 18.01 109.95 -49.61
N SER Z 85 18.82 109.79 -48.58
CA SER Z 85 18.37 110.24 -47.27
C SER Z 85 19.54 110.62 -46.38
N VAL Z 86 19.28 111.61 -45.53
CA VAL Z 86 20.16 111.96 -44.41
C VAL Z 86 19.35 111.79 -43.14
N THR Z 87 19.76 110.84 -42.30
CA THR Z 87 19.10 110.59 -41.02
C THR Z 87 20.01 111.05 -39.89
N ILE Z 88 19.40 111.53 -38.82
CA ILE Z 88 20.11 112.10 -37.68
C ILE Z 88 19.52 111.52 -36.41
N GLN Z 89 20.39 111.16 -35.47
CA GLN Z 89 19.95 110.73 -34.15
C GLN Z 89 20.74 111.46 -33.09
N VAL Z 90 20.04 112.22 -32.26
CA VAL Z 90 20.62 112.96 -31.16
C VAL Z 90 20.28 112.21 -29.88
N SER Z 91 21.28 111.96 -29.05
CA SER Z 91 21.09 111.30 -27.76
C SER Z 91 21.60 112.24 -26.68
N ILE Z 92 20.68 112.69 -25.83
CA ILE Z 92 20.88 113.70 -24.79
C ILE Z 92 20.77 113.00 -23.43
N PRO Z 93 21.85 112.88 -22.67
CA PRO Z 93 21.74 112.32 -21.32
C PRO Z 93 21.04 113.26 -20.36
N ARG Z 94 20.47 112.67 -19.32
CA ARG Z 94 19.73 113.41 -18.30
C ARG Z 94 20.55 113.67 -17.04
N ASN Z 95 21.71 113.02 -16.89
CA ASN Z 95 22.67 113.35 -15.85
C ASN Z 95 22.95 114.85 -15.86
N PRO Z 96 22.71 115.56 -14.75
CA PRO Z 96 22.85 117.02 -14.76
C PRO Z 96 24.24 117.51 -15.14
N ALA Z 97 25.18 116.60 -15.31
CA ALA Z 97 26.49 116.95 -15.83
C ALA Z 97 26.49 117.22 -17.33
N TRP Z 98 25.31 117.19 -17.97
CA TRP Z 98 25.14 117.52 -19.38
C TRP Z 98 24.34 118.80 -19.51
N ASN Z 99 24.52 119.50 -20.65
CA ASN Z 99 23.86 120.77 -20.88
C ASN Z 99 23.21 120.81 -22.25
N ALA Z 100 22.12 121.58 -22.33
CA ALA Z 100 21.62 121.99 -23.63
C ALA Z 100 22.73 122.64 -24.46
N SER Z 101 23.65 123.34 -23.79
CA SER Z 101 24.78 123.94 -24.51
C SER Z 101 25.63 122.85 -25.16
N MET Z 102 25.80 121.72 -24.48
CA MET Z 102 26.59 120.63 -25.04
C MET Z 102 25.86 119.98 -26.21
N THR Z 103 24.55 119.81 -26.09
CA THR Z 103 23.74 119.34 -27.22
C THR Z 103 23.93 120.26 -28.43
N VAL Z 104 23.76 121.57 -28.23
CA VAL Z 104 23.88 122.51 -29.33
C VAL Z 104 25.28 122.48 -29.92
N SER Z 105 26.30 122.32 -29.05
CA SER Z 105 27.67 122.28 -29.55
C SER Z 105 27.89 121.09 -30.46
N LEU Z 106 27.38 119.92 -30.07
CA LEU Z 106 27.49 118.76 -30.95
C LEU Z 106 26.75 119.00 -32.27
N LEU Z 107 25.57 119.61 -32.21
CA LEU Z 107 24.83 119.88 -33.44
C LEU Z 107 25.63 120.79 -34.37
N LYS Z 108 26.19 121.87 -33.81
CA LYS Z 108 26.96 122.82 -34.62
C LYS Z 108 28.20 122.16 -35.21
N GLN Z 109 28.87 121.31 -34.42
CA GLN Z 109 30.07 120.64 -34.92
C GLN Z 109 29.74 119.68 -36.05
N ALA Z 110 28.67 118.90 -35.88
CA ALA Z 110 28.24 118.01 -36.96
C ALA Z 110 27.89 118.80 -38.21
N ALA Z 111 27.22 119.94 -38.04
CA ALA Z 111 26.89 120.78 -39.19
C ALA Z 111 28.15 121.26 -39.90
N ASP Z 112 29.12 121.77 -39.14
CA ASP Z 112 30.38 122.20 -39.73
C ASP Z 112 31.09 121.06 -40.45
N TYR Z 113 31.10 119.86 -39.85
CA TYR Z 113 31.96 118.81 -40.38
C TYR Z 113 31.33 118.05 -41.54
N LEU Z 114 30.01 117.96 -41.61
CA LEU Z 114 29.37 117.23 -42.69
C LEU Z 114 28.66 118.12 -43.71
N ALA Z 115 28.30 119.34 -43.34
CA ALA Z 115 27.68 120.27 -44.28
C ALA Z 115 28.51 121.52 -44.54
N GLY Z 116 29.50 121.82 -43.70
CA GLY Z 116 30.33 122.99 -43.88
C GLY Z 116 29.55 124.28 -43.79
N THR Z 117 28.75 124.45 -42.73
CA THR Z 117 27.87 125.60 -42.60
C THR Z 117 28.07 126.38 -41.31
N SER Z 118 29.08 126.05 -40.50
CA SER Z 118 29.29 126.73 -39.23
C SER Z 118 29.50 128.23 -39.39
N ALA Z 119 29.30 128.94 -38.29
CA ALA Z 119 29.59 130.37 -38.22
C ALA Z 119 31.10 130.62 -38.29
N THR Z 120 31.47 131.88 -38.43
CA THR Z 120 32.86 132.25 -38.65
C THR Z 120 33.56 132.50 -37.31
N VAL Z 121 34.68 131.81 -37.10
CA VAL Z 121 35.53 131.97 -35.92
C VAL Z 121 36.97 131.99 -36.43
N SER Z 122 37.87 132.57 -35.62
CA SER Z 122 39.22 132.89 -36.07
C SER Z 122 39.90 131.68 -36.69
N GLY Z 123 40.21 130.67 -35.89
CA GLY Z 123 41.08 129.63 -36.37
C GLY Z 123 40.38 128.43 -36.99
N GLN Z 124 39.17 128.64 -37.51
CA GLN Z 124 38.36 127.50 -37.89
C GLN Z 124 38.94 126.88 -39.15
N THR Z 125 38.78 125.56 -39.30
CA THR Z 125 39.22 124.97 -40.56
C THR Z 125 38.15 125.18 -41.63
N ASP Z 126 38.62 125.29 -42.87
CA ASP Z 126 37.75 125.55 -44.01
C ASP Z 126 37.00 124.28 -44.34
N THR Z 127 35.70 124.28 -44.09
CA THR Z 127 34.85 123.11 -44.27
C THR Z 127 33.89 123.27 -45.43
N SER Z 128 34.08 124.30 -46.26
CA SER Z 128 33.14 124.55 -47.35
C SER Z 128 33.11 123.39 -48.35
N GLY Z 129 34.25 122.76 -48.60
CA GLY Z 129 34.31 121.67 -49.55
C GLY Z 129 34.00 120.30 -48.99
N PHE Z 130 33.83 120.23 -47.68
CA PHE Z 130 33.57 118.93 -47.06
C PHE Z 130 32.30 118.26 -47.56
N PRO Z 131 31.15 118.94 -47.73
CA PRO Z 131 29.99 118.24 -48.27
C PRO Z 131 30.25 117.63 -49.64
N ALA Z 132 30.99 118.34 -50.50
CA ALA Z 132 31.37 117.78 -51.79
C ALA Z 132 32.20 116.52 -51.61
N LYS Z 133 33.21 116.58 -50.73
CA LYS Z 133 34.06 115.41 -50.52
C LYS Z 133 33.27 114.24 -49.96
N TRP Z 134 32.32 114.51 -49.06
CA TRP Z 134 31.48 113.42 -48.56
C TRP Z 134 30.65 112.81 -49.67
N ALA Z 135 29.98 113.66 -50.46
CA ALA Z 135 29.15 113.18 -51.56
C ALA Z 135 29.95 112.40 -52.58
N GLY Z 136 31.27 112.60 -52.62
CA GLY Z 136 32.13 111.75 -53.41
C GLY Z 136 32.62 110.51 -52.70
N LEU Z 137 32.14 110.25 -51.48
CA LEU Z 137 32.60 109.14 -50.64
C LEU Z 137 34.11 109.20 -50.42
N MET Z 138 34.59 110.36 -49.97
CA MET Z 138 35.95 110.50 -49.52
C MET Z 138 36.01 111.36 -48.28
N PHE Z 139 36.95 111.04 -47.40
CA PHE Z 139 37.06 111.75 -46.14
C PHE Z 139 37.61 113.16 -46.36
N PRO Z 140 37.12 114.14 -45.60
CA PRO Z 140 37.70 115.49 -45.57
C PRO Z 140 39.16 115.45 -45.12
N ALA AA 1 -5.63 120.31 -32.40
CA ALA AA 1 -5.56 121.07 -31.16
C ALA AA 1 -4.68 122.32 -31.32
N ALA AA 2 -4.75 123.22 -30.34
CA ALA AA 2 -3.95 124.43 -30.38
C ALA AA 2 -2.47 124.08 -30.29
N PRO AA 3 -1.63 124.70 -31.13
CA PRO AA 3 -0.21 124.36 -31.13
C PRO AA 3 0.55 124.88 -29.92
N SER AA 4 0.01 125.88 -29.23
CA SER AA 4 0.68 126.45 -28.08
C SER AA 4 -0.34 127.14 -27.19
N LEU AA 5 -0.01 127.22 -25.90
CA LEU AA 5 -0.90 127.75 -24.87
C LEU AA 5 -0.13 128.64 -23.91
N ALA AA 6 -0.78 129.72 -23.48
CA ALA AA 6 -0.25 130.60 -22.44
C ALA AA 6 -1.26 130.59 -21.30
N LEU AA 7 -1.10 129.64 -20.37
CA LEU AA 7 -2.04 129.51 -19.27
C LEU AA 7 -1.61 130.39 -18.11
N VAL AA 8 -2.55 130.73 -17.23
CA VAL AA 8 -2.25 131.55 -16.07
C VAL AA 8 -2.07 130.66 -14.85
N GLY AA 9 -0.93 130.77 -14.20
CA GLY AA 9 -0.65 130.13 -12.93
C GLY AA 9 -0.16 131.15 -11.93
N ALA AA 10 0.61 130.67 -10.97
CA ALA AA 10 1.11 131.50 -9.87
C ALA AA 10 2.59 131.27 -9.67
N ASN AA 11 3.32 132.36 -9.44
CA ASN AA 11 4.74 132.28 -9.11
C ASN AA 11 4.88 132.02 -7.61
N SER AA 12 6.11 132.17 -7.09
CA SER AA 12 6.35 131.95 -5.68
C SER AA 12 5.58 132.94 -4.80
N THR AA 13 5.27 134.13 -5.34
CA THR AA 13 4.51 135.15 -4.63
C THR AA 13 3.01 134.91 -4.69
N LEU AA 14 2.57 133.91 -5.47
CA LEU AA 14 1.18 133.66 -5.85
C LEU AA 14 0.63 134.73 -6.79
N ALA AA 15 1.49 135.58 -7.35
CA ALA AA 15 1.05 136.53 -8.35
C ALA AA 15 0.76 135.81 -9.67
N SER AA 16 -0.25 136.32 -10.40
CA SER AA 16 -0.65 135.69 -11.65
C SER AA 16 0.47 135.79 -12.68
N THR AA 17 0.97 134.64 -13.13
CA THR AA 17 2.11 134.56 -14.04
C THR AA 17 1.76 133.63 -15.19
N LEU AA 18 2.25 133.95 -16.39
CA LEU AA 18 2.03 133.05 -17.52
C LEU AA 18 2.94 131.83 -17.43
N VAL AA 19 2.38 130.69 -17.80
CA VAL AA 19 3.10 129.44 -17.97
C VAL AA 19 2.80 128.91 -19.36
N ASN AA 20 3.85 128.65 -20.13
CA ASN AA 20 3.76 128.47 -21.57
C ASN AA 20 3.96 127.01 -21.93
N TYR AA 21 3.05 126.47 -22.74
CA TYR AA 21 3.11 125.09 -23.20
C TYR AA 21 3.10 125.07 -24.72
N SER AA 22 3.79 124.09 -25.30
CA SER AA 22 3.69 123.83 -26.73
C SER AA 22 3.23 122.40 -26.95
N LEU AA 23 2.53 122.20 -28.07
CA LEU AA 23 1.95 120.90 -28.40
C LEU AA 23 3.05 119.97 -28.88
N ARG AA 24 3.41 119.02 -28.03
CA ARG AA 24 4.43 118.04 -28.39
C ARG AA 24 3.85 116.84 -29.12
N SER AA 25 2.72 116.28 -28.68
CA SER AA 25 2.16 115.16 -29.43
C SER AA 25 0.64 115.19 -29.40
N GLN AA 26 0.06 114.51 -30.37
CA GLN AA 26 -1.39 114.29 -30.42
C GLN AA 26 -1.61 112.97 -31.15
N ASN AA 27 -2.30 112.05 -30.48
CA ASN AA 27 -2.44 110.69 -30.98
C ASN AA 27 -3.67 110.05 -30.35
N GLY AA 28 -4.54 109.49 -31.18
CA GLY AA 28 -5.64 108.68 -30.71
C GLY AA 28 -6.50 109.37 -29.67
N ASN AA 29 -7.11 110.48 -30.07
CA ASN AA 29 -7.90 111.31 -29.16
C ASN AA 29 -7.14 111.58 -27.88
N ASN AA 30 -5.86 111.88 -28.02
CA ASN AA 30 -5.02 112.17 -26.87
C ASN AA 30 -4.12 113.33 -27.26
N VAL AA 31 -3.89 114.24 -26.32
CA VAL AA 31 -3.16 115.48 -26.60
C VAL AA 31 -2.17 115.74 -25.46
N ASP AA 32 -0.90 115.97 -25.80
CA ASP AA 32 0.17 116.11 -24.83
C ASP AA 32 0.98 117.38 -25.10
N TYR AA 33 1.01 118.27 -24.11
CA TYR AA 33 1.75 119.52 -24.14
C TYR AA 33 2.93 119.47 -23.19
N VAL AA 34 3.98 120.21 -23.51
CA VAL AA 34 5.14 120.35 -22.63
C VAL AA 34 5.40 121.82 -22.35
N CYS AA 35 5.89 122.11 -21.15
CA CYS AA 35 6.13 123.48 -20.74
C CYS AA 35 7.44 123.99 -21.32
N THR AA 36 7.39 125.17 -21.94
CA THR AA 36 8.52 125.76 -22.64
C THR AA 36 9.34 126.70 -21.77
N ASP AA 37 8.94 126.91 -20.52
CA ASP AA 37 9.59 127.87 -19.66
C ASP AA 37 10.89 127.30 -19.12
N PRO AA 38 11.73 128.14 -18.50
CA PRO AA 38 12.98 127.61 -17.92
C PRO AA 38 12.77 126.66 -16.75
N ASP AA 39 11.66 126.80 -16.03
CA ASP AA 39 11.44 125.95 -14.84
C ASP AA 39 11.16 124.49 -15.21
N SER AA 40 10.81 124.19 -16.46
CA SER AA 40 10.67 122.81 -16.90
C SER AA 40 11.93 122.42 -17.65
N THR AA 41 12.64 121.43 -17.11
CA THR AA 41 13.81 120.86 -17.74
C THR AA 41 13.46 119.48 -18.28
N LEU AA 42 14.42 118.88 -19.00
CA LEU AA 42 14.22 117.52 -19.46
C LEU AA 42 14.05 116.57 -18.29
N SER AA 43 14.83 116.78 -17.23
CA SER AA 43 14.81 115.84 -16.12
C SER AA 43 13.58 116.03 -15.25
N ALA AA 44 13.12 117.27 -15.13
CA ALA AA 44 11.97 117.62 -14.30
C ALA AA 44 11.06 118.56 -15.09
N PRO AA 45 10.19 118.01 -15.93
CA PRO AA 45 9.41 118.84 -16.85
C PRO AA 45 8.06 119.24 -16.27
N GLY AA 46 7.40 120.16 -16.97
CA GLY AA 46 5.99 120.45 -16.76
C GLY AA 46 5.21 119.93 -17.95
N LEU AA 47 4.11 119.25 -17.67
CA LEU AA 47 3.43 118.47 -18.71
C LEU AA 47 1.92 118.61 -18.59
N ILE AA 48 1.25 118.48 -19.73
CA ILE AA 48 -0.22 118.44 -19.76
C ILE AA 48 -0.66 117.30 -20.66
N ASN AA 49 -1.73 116.61 -20.25
CA ASN AA 49 -2.29 115.46 -20.93
C ASN AA 49 -3.81 115.62 -20.99
N ALA AA 50 -4.42 115.19 -22.11
CA ALA AA 50 -5.87 115.28 -22.24
C ALA AA 50 -6.39 114.18 -23.17
N LYS AA 51 -7.32 113.35 -22.66
CA LYS AA 51 -7.86 112.19 -23.34
C LYS AA 51 -9.38 112.29 -23.47
N PHE AA 52 -9.91 111.64 -24.51
CA PHE AA 52 -11.35 111.52 -24.74
C PHE AA 52 -11.74 110.05 -24.80
N ASP AA 53 -12.55 109.60 -23.84
CA ASP AA 53 -13.25 108.32 -23.93
C ASP AA 53 -14.60 108.63 -24.55
N ILE AA 54 -14.73 108.43 -25.87
CA ILE AA 54 -15.97 108.71 -26.58
C ILE AA 54 -16.70 107.39 -26.79
N LYS AA 55 -17.87 107.28 -26.19
CA LYS AA 55 -18.69 106.09 -26.31
C LYS AA 55 -19.34 106.04 -27.70
N ALA AA 56 -19.70 104.83 -28.11
CA ALA AA 56 -20.44 104.59 -29.35
C ALA AA 56 -21.72 105.42 -29.36
N PRO AA 57 -22.25 105.76 -30.53
CA PRO AA 57 -23.48 106.55 -30.57
C PRO AA 57 -24.59 105.85 -29.81
N GLY AA 58 -25.45 106.65 -29.20
CA GLY AA 58 -26.50 106.09 -28.38
C GLY AA 58 -26.94 107.10 -27.34
N ILE AA 59 -28.09 106.80 -26.74
CA ILE AA 59 -28.65 107.68 -25.72
C ILE AA 59 -28.22 107.26 -24.32
N THR AA 60 -27.54 106.12 -24.19
CA THR AA 60 -27.11 105.58 -22.91
C THR AA 60 -25.60 105.72 -22.76
N GLY AA 61 -25.16 105.83 -21.52
CA GLY AA 61 -23.75 105.89 -21.20
C GLY AA 61 -23.28 107.31 -20.89
N ASN AA 62 -22.02 107.39 -20.48
CA ASN AA 62 -21.33 108.64 -20.23
C ASN AA 62 -20.11 108.74 -21.13
N ASP AA 63 -19.93 109.92 -21.74
CA ASP AA 63 -18.65 110.29 -22.36
C ASP AA 63 -17.72 110.81 -21.29
N ARG AA 64 -16.40 110.65 -21.50
CA ARG AA 64 -15.47 111.07 -20.46
C ARG AA 64 -14.29 111.86 -21.03
N ILE AA 65 -13.89 112.89 -20.27
CA ILE AA 65 -12.72 113.71 -20.55
C ILE AA 65 -11.74 113.52 -19.42
N HIS AA 66 -10.48 113.27 -19.74
CA HIS AA 66 -9.42 113.16 -18.74
C HIS AA 66 -8.37 114.23 -19.01
N ALA AA 67 -7.88 114.86 -17.95
CA ALA AA 67 -6.88 115.90 -18.10
C ALA AA 67 -5.92 115.84 -16.92
N ASN AA 68 -4.64 116.04 -17.18
CA ASN AA 68 -3.62 115.98 -16.15
C ASN AA 68 -2.63 117.11 -16.35
N LEU AA 69 -2.40 117.90 -15.30
CA LEU AA 69 -1.42 118.97 -15.30
C LEU AA 69 -0.38 118.64 -14.25
N ARG AA 70 0.87 118.42 -14.69
CA ARG AA 70 1.93 117.88 -13.88
C ARG AA 70 3.12 118.83 -13.83
N LYS AA 71 3.80 118.86 -12.69
CA LYS AA 71 5.13 119.44 -12.57
C LYS AA 71 6.00 118.47 -11.80
N VAL AA 72 7.12 118.07 -12.41
CA VAL AA 72 8.08 117.17 -11.78
C VAL AA 72 9.12 118.00 -11.05
N VAL AA 73 9.55 117.51 -9.89
CA VAL AA 73 10.59 118.15 -9.11
C VAL AA 73 11.57 117.09 -8.64
N LEU AA 74 12.85 117.45 -8.63
CA LEU AA 74 13.93 116.55 -8.24
C LEU AA 74 14.33 116.80 -6.80
N ASP AA 75 14.63 115.71 -6.08
CA ASP AA 75 15.13 115.83 -4.71
C ASP AA 75 16.49 116.50 -4.69
N GLU AA 76 16.71 117.36 -3.68
CA GLU AA 76 17.95 118.10 -3.61
C GLU AA 76 19.15 117.17 -3.49
N LYS AA 77 19.04 116.13 -2.66
CA LYS AA 77 20.15 115.23 -2.41
C LYS AA 77 20.12 114.06 -3.39
N THR AA 78 19.02 113.30 -3.40
CA THR AA 78 18.99 112.05 -4.16
C THR AA 78 18.72 112.25 -5.65
N ASN AA 79 18.25 113.42 -6.07
CA ASN AA 79 17.86 113.71 -7.45
C ASN AA 79 16.77 112.78 -7.96
N LEU AA 80 16.10 112.04 -7.06
CA LEU AA 80 14.95 111.25 -7.43
C LEU AA 80 13.78 112.16 -7.74
N PRO AA 81 13.03 111.89 -8.78
CA PRO AA 81 11.92 112.78 -9.14
C PRO AA 81 10.64 112.38 -8.42
N SER AA 82 9.96 113.36 -7.85
CA SER AA 82 8.57 113.17 -7.48
C SER AA 82 7.74 114.26 -8.15
N THR AA 83 6.50 113.94 -8.46
CA THR AA 83 5.68 114.79 -9.31
C THR AA 83 4.41 115.23 -8.61
N GLY AA 84 4.06 116.50 -8.78
CA GLY AA 84 2.81 117.06 -8.24
C GLY AA 84 1.85 117.31 -9.39
N SER AA 85 0.57 117.06 -9.15
CA SER AA 85 -0.35 117.01 -10.28
C SER AA 85 -1.78 117.35 -9.90
N VAL AA 86 -2.44 118.11 -10.76
CA VAL AA 86 -3.89 118.31 -10.69
C VAL AA 86 -4.51 117.58 -11.88
N THR AA 87 -5.39 116.62 -11.59
CA THR AA 87 -6.02 115.85 -12.64
C THR AA 87 -7.55 115.94 -12.54
N ILE AA 88 -8.20 116.01 -13.70
CA ILE AA 88 -9.62 116.28 -13.82
C ILE AA 88 -10.26 115.18 -14.66
N GLN AA 89 -11.41 114.68 -14.21
CA GLN AA 89 -12.26 113.80 -14.99
C GLN AA 89 -13.65 114.42 -15.13
N VAL AA 90 -14.08 114.62 -16.37
CA VAL AA 90 -15.41 115.13 -16.68
C VAL AA 90 -16.23 113.98 -17.24
N SER AA 91 -17.40 113.73 -16.66
CA SER AA 91 -18.29 112.66 -17.09
C SER AA 91 -19.61 113.30 -17.53
N ILE AA 92 -19.87 113.23 -18.84
CA ILE AA 92 -21.00 113.87 -19.50
C ILE AA 92 -22.00 112.78 -19.91
N PRO AA 93 -23.17 112.71 -19.32
CA PRO AA 93 -24.16 111.72 -19.74
C PRO AA 93 -24.73 112.03 -21.11
N ARG AA 94 -25.40 111.02 -21.68
CA ARG AA 94 -25.98 111.14 -23.01
C ARG AA 94 -27.49 111.24 -23.02
N ASN AA 95 -28.16 111.07 -21.89
CA ASN AA 95 -29.57 111.35 -21.80
C ASN AA 95 -29.84 112.79 -22.24
N PRO AA 96 -30.75 113.02 -23.19
CA PRO AA 96 -30.97 114.40 -23.68
C PRO AA 96 -31.37 115.37 -22.59
N ALA AA 97 -31.66 114.86 -21.39
CA ALA AA 97 -31.92 115.70 -20.24
C ALA AA 97 -30.66 116.32 -19.65
N TRP AA 98 -29.51 116.12 -20.28
CA TRP AA 98 -28.26 116.79 -19.92
C TRP AA 98 -27.90 117.82 -21.00
N ASN AA 99 -27.16 118.85 -20.60
CA ASN AA 99 -26.78 119.92 -21.51
C ASN AA 99 -25.30 120.23 -21.40
N ALA AA 100 -24.75 120.67 -22.53
CA ALA AA 100 -23.44 121.31 -22.50
C ALA AA 100 -23.42 122.45 -21.49
N SER AA 101 -24.56 123.14 -21.32
CA SER AA 101 -24.63 124.20 -20.32
C SER AA 101 -24.39 123.64 -18.93
N MET AA 102 -24.90 122.45 -18.65
CA MET AA 102 -24.69 121.83 -17.35
C MET AA 102 -23.24 121.40 -17.18
N THR AA 103 -22.64 120.86 -18.25
CA THR AA 103 -21.20 120.56 -18.21
C THR AA 103 -20.39 121.80 -17.87
N VAL AA 104 -20.65 122.89 -18.59
CA VAL AA 104 -19.90 124.12 -18.37
C VAL AA 104 -20.15 124.65 -16.98
N SER AA 105 -21.38 124.52 -16.48
CA SER AA 105 -21.69 125.00 -15.14
C SER AA 105 -20.88 124.26 -14.10
N LEU AA 106 -20.78 122.94 -14.23
CA LEU AA 106 -19.94 122.18 -13.30
C LEU AA 106 -18.47 122.58 -13.42
N LEU AA 107 -17.99 122.80 -14.64
CA LEU AA 107 -16.59 123.23 -14.80
C LEU AA 107 -16.34 124.56 -14.10
N LYS AA 108 -17.24 125.53 -14.30
CA LYS AA 108 -17.08 126.85 -13.70
C LYS AA 108 -17.15 126.77 -12.19
N GLN AA 109 -18.05 125.94 -11.65
CA GLN AA 109 -18.16 125.81 -10.20
C GLN AA 109 -16.92 125.17 -9.61
N ALA AA 110 -16.38 124.14 -10.27
CA ALA AA 110 -15.14 123.54 -9.82
C ALA AA 110 -14.00 124.56 -9.84
N ALA AA 111 -13.93 125.36 -10.90
CA ALA AA 111 -12.92 126.42 -10.97
C ALA AA 111 -13.07 127.39 -9.81
N ASP AA 112 -14.30 127.78 -9.50
CA ASP AA 112 -14.52 128.71 -8.39
C ASP AA 112 -14.11 128.07 -7.06
N TYR AA 113 -14.47 126.81 -6.84
CA TYR AA 113 -14.33 126.23 -5.51
C TYR AA 113 -12.92 125.72 -5.23
N LEU AA 114 -12.21 125.23 -6.24
CA LEU AA 114 -10.87 124.72 -6.02
C LEU AA 114 -9.77 125.66 -6.48
N ALA AA 115 -10.05 126.58 -7.39
CA ALA AA 115 -9.06 127.53 -7.85
C ALA AA 115 -9.39 128.97 -7.52
N GLY AA 116 -10.64 129.29 -7.21
CA GLY AA 116 -11.02 130.65 -6.88
C GLY AA 116 -10.86 131.62 -8.05
N THR AA 117 -11.41 131.25 -9.21
CA THR AA 117 -11.24 132.05 -10.42
C THR AA 117 -12.54 132.42 -11.12
N SER AA 118 -13.69 132.14 -10.52
CA SER AA 118 -14.98 132.45 -11.13
C SER AA 118 -15.09 133.92 -11.52
N ALA AA 119 -15.98 134.20 -12.48
CA ALA AA 119 -16.33 135.56 -12.85
C ALA AA 119 -17.07 136.25 -11.70
N THR AA 120 -17.19 137.57 -11.79
CA THR AA 120 -17.79 138.34 -10.72
C THR AA 120 -19.31 138.36 -10.85
N VAL AA 121 -20.00 137.99 -9.78
CA VAL AA 121 -21.45 138.00 -9.67
C VAL AA 121 -21.81 138.48 -8.28
N SER AA 122 -22.85 139.31 -8.18
CA SER AA 122 -23.30 139.82 -6.90
C SER AA 122 -23.69 138.67 -5.98
N GLY AA 123 -23.15 138.68 -4.77
CA GLY AA 123 -23.46 137.66 -3.80
C GLY AA 123 -22.61 136.42 -3.86
N GLN AA 124 -21.54 136.40 -4.65
CA GLN AA 124 -20.75 135.18 -4.76
C GLN AA 124 -19.87 135.09 -3.52
N THR AA 125 -19.56 133.87 -3.09
CA THR AA 125 -18.63 133.77 -1.97
C THR AA 125 -17.21 134.02 -2.45
N ASP AA 126 -16.43 134.68 -1.59
CA ASP AA 126 -15.06 135.03 -1.91
C ASP AA 126 -14.21 133.77 -1.84
N THR AA 127 -13.77 133.31 -3.00
CA THR AA 127 -13.01 132.07 -3.13
C THR AA 127 -11.53 132.33 -3.38
N SER AA 128 -11.09 133.58 -3.24
CA SER AA 128 -9.72 133.94 -3.58
C SER AA 128 -8.70 133.14 -2.76
N GLY AA 129 -8.97 132.94 -1.48
CA GLY AA 129 -8.05 132.22 -0.61
C GLY AA 129 -8.24 130.73 -0.60
N PHE AA 130 -9.25 130.24 -1.30
CA PHE AA 130 -9.50 128.81 -1.32
C PHE AA 130 -8.35 127.99 -1.90
N PRO AA 131 -7.70 128.37 -3.01
CA PRO AA 131 -6.57 127.56 -3.47
C PRO AA 131 -5.46 127.47 -2.45
N ALA AA 132 -5.18 128.56 -1.73
CA ALA AA 132 -4.21 128.51 -0.65
C ALA AA 132 -4.64 127.52 0.42
N LYS AA 133 -5.90 127.60 0.87
CA LYS AA 133 -6.36 126.68 1.89
C LYS AA 133 -6.28 125.23 1.42
N TRP AA 134 -6.60 124.97 0.15
CA TRP AA 134 -6.49 123.61 -0.38
C TRP AA 134 -5.04 123.14 -0.36
N ALA AA 135 -4.12 123.98 -0.86
CA ALA AA 135 -2.71 123.62 -0.86
C ALA AA 135 -2.21 123.35 0.55
N GLY AA 136 -2.83 123.94 1.55
CA GLY AA 136 -2.55 123.60 2.93
C GLY AA 136 -3.32 122.42 3.49
N LEU AA 137 -4.11 121.73 2.66
CA LEU AA 137 -4.98 120.64 3.11
C LEU AA 137 -5.96 121.11 4.20
N MET AA 138 -6.69 122.17 3.89
CA MET AA 138 -7.69 122.74 4.78
C MET AA 138 -8.97 122.97 4.00
N PHE AA 139 -10.08 122.49 4.50
CA PHE AA 139 -11.35 122.74 3.83
C PHE AA 139 -11.69 124.21 3.91
N PRO AA 140 -12.10 124.84 2.82
CA PRO AA 140 -12.51 126.25 2.76
C PRO AA 140 -13.69 126.53 3.67
N ALA BA 1 -19.18 26.47 -123.42
CA ALA BA 1 -20.49 27.06 -123.16
C ALA BA 1 -20.73 28.30 -124.01
N ALA BA 2 -22.00 28.54 -124.35
CA ALA BA 2 -22.36 29.70 -125.13
C ALA BA 2 -22.12 30.98 -124.33
N PRO BA 3 -21.65 32.05 -124.98
CA PRO BA 3 -21.36 33.28 -124.22
C PRO BA 3 -22.61 34.03 -123.81
N SER BA 4 -23.72 33.85 -124.52
CA SER BA 4 -24.94 34.58 -124.22
C SER BA 4 -26.11 33.83 -124.81
N LEU BA 5 -27.30 34.12 -124.28
CA LEU BA 5 -28.52 33.41 -124.62
C LEU BA 5 -29.68 34.38 -124.69
N ALA BA 6 -30.58 34.14 -125.64
CA ALA BA 6 -31.84 34.86 -125.73
C ALA BA 6 -32.94 33.81 -125.66
N LEU BA 7 -33.44 33.54 -124.46
CA LEU BA 7 -34.42 32.49 -124.26
C LEU BA 7 -35.82 33.09 -124.32
N VAL BA 8 -36.80 32.28 -124.70
CA VAL BA 8 -38.17 32.75 -124.78
C VAL BA 8 -38.87 32.46 -123.46
N GLY BA 9 -39.49 33.49 -122.89
CA GLY BA 9 -40.34 33.39 -121.71
C GLY BA 9 -41.64 34.13 -121.95
N ALA BA 10 -42.25 34.59 -120.85
CA ALA BA 10 -43.54 35.25 -120.91
C ALA BA 10 -43.54 36.51 -120.05
N ASN BA 11 -44.21 37.55 -120.54
CA ASN BA 11 -44.39 38.80 -119.81
C ASN BA 11 -45.62 38.69 -118.92
N SER BA 12 -46.07 39.82 -118.39
CA SER BA 12 -47.26 39.81 -117.56
C SER BA 12 -48.52 39.44 -118.33
N THR BA 13 -48.53 39.70 -119.65
CA THR BA 13 -49.62 39.29 -120.53
C THR BA 13 -49.54 37.83 -120.92
N LEU BA 14 -48.43 37.16 -120.59
CA LEU BA 14 -48.09 35.80 -121.05
C LEU BA 14 -47.79 35.75 -122.55
N ALA BA 15 -47.52 36.89 -123.16
CA ALA BA 15 -47.03 36.92 -124.53
C ALA BA 15 -45.55 36.52 -124.56
N SER BA 16 -45.15 35.87 -125.65
CA SER BA 16 -43.78 35.40 -125.77
C SER BA 16 -42.80 36.56 -125.82
N THR BA 17 -41.88 36.61 -124.88
CA THR BA 17 -40.93 37.72 -124.73
C THR BA 17 -39.52 37.16 -124.61
N LEU BA 18 -38.54 37.85 -125.18
CA LEU BA 18 -37.17 37.42 -124.97
C LEU BA 18 -36.69 37.78 -123.57
N VAL BA 19 -35.83 36.91 -123.04
CA VAL BA 19 -35.13 37.15 -121.79
C VAL BA 19 -33.66 36.81 -122.02
N ASN BA 20 -32.79 37.78 -121.72
CA ASN BA 20 -31.40 37.75 -122.15
C ASN BA 20 -30.51 37.35 -120.99
N TYR BA 21 -29.73 36.30 -121.18
CA TYR BA 21 -28.74 35.87 -120.23
C TYR BA 21 -27.35 36.01 -120.86
N SER BA 22 -26.35 36.22 -120.01
CA SER BA 22 -24.96 36.24 -120.43
C SER BA 22 -24.14 35.42 -119.46
N LEU BA 23 -23.06 34.84 -119.98
CA LEU BA 23 -22.26 33.89 -119.20
C LEU BA 23 -21.52 34.62 -118.10
N ARG BA 24 -21.91 34.36 -116.85
CA ARG BA 24 -21.12 34.84 -115.72
C ARG BA 24 -19.83 34.05 -115.59
N SER BA 25 -19.93 32.73 -115.42
CA SER BA 25 -18.69 31.98 -115.22
C SER BA 25 -18.87 30.52 -115.61
N GLN BA 26 -17.83 29.94 -116.20
CA GLN BA 26 -17.77 28.51 -116.42
C GLN BA 26 -16.73 27.91 -115.47
N ASN BA 27 -17.20 27.08 -114.57
CA ASN BA 27 -16.38 26.15 -113.82
C ASN BA 27 -16.37 24.80 -114.56
N GLY BA 28 -15.50 23.89 -114.14
CA GLY BA 28 -15.41 22.62 -114.82
C GLY BA 28 -16.70 21.84 -114.75
N ASN BA 29 -17.33 21.62 -115.90
CA ASN BA 29 -18.65 20.97 -115.98
C ASN BA 29 -19.69 21.73 -115.18
N ASN BA 30 -19.57 23.06 -115.14
CA ASN BA 30 -20.54 23.87 -114.43
C ASN BA 30 -20.60 25.23 -115.10
N VAL BA 31 -21.81 25.76 -115.28
CA VAL BA 31 -22.02 27.01 -116.00
C VAL BA 31 -23.02 27.87 -115.26
N ASP BA 32 -22.70 29.17 -115.11
CA ASP BA 32 -23.56 30.14 -114.45
C ASP BA 32 -23.80 31.31 -115.40
N TYR BA 33 -25.08 31.53 -115.72
CA TYR BA 33 -25.55 32.65 -116.53
C TYR BA 33 -26.35 33.62 -115.67
N VAL BA 34 -26.36 34.89 -116.07
CA VAL BA 34 -27.06 35.97 -115.38
C VAL BA 34 -27.92 36.72 -116.37
N CYS BA 35 -29.10 37.16 -115.93
CA CYS BA 35 -30.00 37.90 -116.79
C CYS BA 35 -29.51 39.34 -116.93
N THR BA 36 -29.44 39.82 -118.18
CA THR BA 36 -28.93 41.15 -118.51
C THR BA 36 -30.04 42.16 -118.78
N ASP BA 37 -31.29 41.80 -118.52
CA ASP BA 37 -32.40 42.72 -118.72
C ASP BA 37 -32.47 43.68 -117.55
N PRO BA 38 -33.26 44.75 -117.67
CA PRO BA 38 -33.57 45.57 -116.49
C PRO BA 38 -34.37 44.83 -115.42
N ASP BA 39 -35.01 43.70 -115.77
CA ASP BA 39 -35.77 42.92 -114.80
C ASP BA 39 -34.90 42.44 -113.65
N SER BA 40 -33.70 41.96 -113.97
CA SER BA 40 -32.78 41.47 -112.95
C SER BA 40 -31.79 42.57 -112.59
N THR BA 41 -31.51 42.67 -111.30
CA THR BA 41 -30.45 43.48 -110.74
C THR BA 41 -29.61 42.58 -109.86
N LEU BA 42 -28.47 43.08 -109.41
CA LEU BA 42 -27.67 42.28 -108.48
C LEU BA 42 -28.45 41.96 -107.22
N SER BA 43 -29.32 42.89 -106.78
CA SER BA 43 -30.09 42.66 -105.56
C SER BA 43 -31.13 41.57 -105.74
N ALA BA 44 -31.78 41.53 -106.91
CA ALA BA 44 -32.82 40.54 -107.22
C ALA BA 44 -32.59 40.00 -108.62
N PRO BA 45 -31.67 39.06 -108.78
CA PRO BA 45 -31.24 38.64 -110.11
C PRO BA 45 -32.08 37.52 -110.70
N GLY BA 46 -31.91 37.35 -112.01
CA GLY BA 46 -32.35 36.15 -112.71
C GLY BA 46 -31.12 35.35 -113.09
N LEU BA 47 -31.18 34.05 -112.82
CA LEU BA 47 -29.97 33.24 -112.85
C LEU BA 47 -30.24 31.89 -113.50
N ILE BA 48 -29.19 31.33 -114.10
CA ILE BA 48 -29.24 29.97 -114.64
C ILE BA 48 -27.97 29.24 -114.22
N ASN BA 49 -28.11 27.97 -113.87
CA ASN BA 49 -27.01 27.12 -113.45
C ASN BA 49 -27.15 25.75 -114.11
N ALA BA 50 -26.05 25.21 -114.63
CA ALA BA 50 -26.05 23.91 -115.28
C ALA BA 50 -24.82 23.10 -114.89
N LYS BA 51 -25.04 21.87 -114.43
CA LYS BA 51 -24.01 21.02 -113.86
C LYS BA 51 -24.06 19.64 -114.50
N PHE BA 52 -22.91 18.96 -114.50
CA PHE BA 52 -22.76 17.61 -115.06
C PHE BA 52 -22.13 16.70 -114.01
N ASP BA 53 -22.93 15.76 -113.50
CA ASP BA 53 -22.45 14.67 -112.66
C ASP BA 53 -22.10 13.50 -113.57
N ILE BA 54 -20.83 13.43 -113.97
CA ILE BA 54 -20.35 12.40 -114.88
C ILE BA 54 -19.52 11.41 -114.07
N LYS BA 55 -19.96 10.15 -114.06
CA LYS BA 55 -19.26 9.14 -113.30
C LYS BA 55 -17.99 8.70 -114.04
N ALA BA 56 -17.09 8.05 -113.30
CA ALA BA 56 -15.86 7.56 -113.89
C ALA BA 56 -16.17 6.64 -115.08
N PRO BA 57 -15.32 6.64 -116.11
CA PRO BA 57 -15.63 5.84 -117.30
C PRO BA 57 -15.72 4.34 -117.05
N GLY BA 58 -14.94 3.82 -116.10
CA GLY BA 58 -15.07 2.41 -115.78
C GLY BA 58 -16.38 2.07 -115.10
N ILE BA 59 -16.84 2.93 -114.19
CA ILE BA 59 -18.03 2.67 -113.38
C ILE BA 59 -19.28 2.80 -114.23
N THR BA 60 -20.22 1.85 -114.06
CA THR BA 60 -21.56 1.99 -114.61
C THR BA 60 -22.48 2.63 -113.58
N GLY BA 61 -23.26 3.59 -114.03
CA GLY BA 61 -24.26 4.24 -113.20
C GLY BA 61 -25.15 5.04 -114.12
N ASN BA 62 -25.68 6.13 -113.58
CA ASN BA 62 -26.38 7.11 -114.39
C ASN BA 62 -25.55 8.38 -114.42
N ASP BA 63 -25.36 8.94 -115.60
CA ASP BA 63 -24.86 10.30 -115.72
C ASP BA 63 -26.01 11.27 -115.47
N ARG BA 64 -25.70 12.44 -114.90
CA ARG BA 64 -26.75 13.36 -114.49
C ARG BA 64 -26.49 14.78 -114.96
N ILE BA 65 -27.57 15.47 -115.32
CA ILE BA 65 -27.56 16.88 -115.67
C ILE BA 65 -28.44 17.61 -114.67
N HIS BA 66 -27.92 18.69 -114.10
CA HIS BA 66 -28.69 19.52 -113.15
C HIS BA 66 -28.81 20.92 -113.69
N ALA BA 67 -30.03 21.36 -113.94
CA ALA BA 67 -30.29 22.71 -114.43
C ALA BA 67 -31.19 23.44 -113.46
N ASN BA 68 -30.98 24.75 -113.35
CA ASN BA 68 -31.74 25.57 -112.41
C ASN BA 68 -31.93 26.95 -113.02
N LEU BA 69 -33.18 27.37 -113.15
CA LEU BA 69 -33.54 28.70 -113.65
C LEU BA 69 -34.30 29.43 -112.56
N ARG BA 70 -33.73 30.53 -112.08
CA ARG BA 70 -34.21 31.23 -110.90
C ARG BA 70 -34.55 32.68 -111.25
N LYS BA 71 -35.54 33.22 -110.53
CA LYS BA 71 -35.79 34.66 -110.49
C LYS BA 71 -36.02 35.05 -109.04
N VAL BA 72 -35.21 35.98 -108.54
CA VAL BA 72 -35.35 36.50 -107.19
C VAL BA 72 -36.27 37.70 -107.23
N VAL BA 73 -37.12 37.84 -106.22
CA VAL BA 73 -38.00 38.99 -106.11
C VAL BA 73 -37.93 39.53 -104.69
N LEU BA 74 -38.05 40.85 -104.56
CA LEU BA 74 -38.00 41.52 -103.28
C LEU BA 74 -39.40 41.87 -102.80
N ASP BA 75 -39.64 41.69 -101.50
CA ASP BA 75 -40.91 42.10 -100.91
C ASP BA 75 -41.03 43.62 -100.94
N GLU BA 76 -42.20 44.12 -101.33
CA GLU BA 76 -42.41 45.56 -101.34
C GLU BA 76 -42.20 46.15 -99.95
N LYS BA 77 -42.76 45.51 -98.93
CA LYS BA 77 -42.71 46.09 -97.59
C LYS BA 77 -41.37 45.85 -96.91
N THR BA 78 -40.82 44.64 -96.98
CA THR BA 78 -39.62 44.32 -96.20
C THR BA 78 -38.33 44.25 -97.02
N ASN BA 79 -38.41 44.30 -98.34
CA ASN BA 79 -37.27 44.12 -99.24
C ASN BA 79 -36.54 42.81 -99.00
N LEU BA 80 -37.16 41.88 -98.28
CA LEU BA 80 -36.59 40.55 -98.11
C LEU BA 80 -36.74 39.76 -99.39
N PRO BA 81 -35.73 39.03 -99.79
CA PRO BA 81 -35.78 38.32 -101.07
C PRO BA 81 -36.37 36.93 -100.92
N SER BA 82 -37.33 36.60 -101.77
CA SER BA 82 -37.71 35.21 -101.95
C SER BA 82 -37.60 34.88 -103.43
N THR BA 83 -37.30 33.64 -103.73
CA THR BA 83 -36.92 33.25 -105.08
C THR BA 83 -37.87 32.19 -105.61
N GLY BA 84 -38.11 32.25 -106.93
CA GLY BA 84 -38.91 31.26 -107.62
C GLY BA 84 -38.06 30.57 -108.67
N SER BA 85 -38.24 29.26 -108.81
CA SER BA 85 -37.27 28.51 -109.60
C SER BA 85 -37.88 27.29 -110.28
N VAL BA 86 -37.32 26.95 -111.43
CA VAL BA 86 -37.57 25.68 -112.10
C VAL BA 86 -36.25 24.92 -112.18
N THR BA 87 -36.21 23.74 -111.57
CA THR BA 87 -35.03 22.89 -111.59
C THR BA 87 -35.33 21.60 -112.34
N ILE BA 88 -34.31 21.08 -113.01
CA ILE BA 88 -34.44 19.95 -113.91
C ILE BA 88 -33.29 19.01 -113.66
N GLN BA 89 -33.58 17.71 -113.56
CA GLN BA 89 -32.53 16.72 -113.39
C GLN BA 89 -32.74 15.66 -114.47
N VAL BA 90 -31.73 15.46 -115.29
CA VAL BA 90 -31.76 14.47 -116.36
C VAL BA 90 -30.84 13.34 -115.94
N SER BA 91 -31.38 12.12 -115.82
CA SER BA 91 -30.61 10.94 -115.46
C SER BA 91 -30.58 10.01 -116.65
N ILE BA 92 -29.39 9.87 -117.24
CA ILE BA 92 -29.14 9.12 -118.47
C ILE BA 92 -28.36 7.86 -118.10
N PRO BA 93 -28.90 6.66 -118.36
CA PRO BA 93 -28.15 5.45 -118.04
C PRO BA 93 -27.04 5.15 -119.05
N ARG BA 94 -26.00 4.47 -118.53
CA ARG BA 94 -24.82 4.13 -119.31
C ARG BA 94 -24.92 2.79 -120.03
N ASN BA 95 -26.13 2.32 -120.28
CA ASN BA 95 -26.37 1.08 -121.02
C ASN BA 95 -26.60 1.39 -122.50
N PRO BA 96 -25.91 0.74 -123.43
CA PRO BA 96 -26.15 1.01 -124.86
C PRO BA 96 -27.59 0.84 -125.28
N ALA BA 97 -28.41 0.17 -124.47
CA ALA BA 97 -29.84 0.06 -124.76
C ALA BA 97 -30.56 1.39 -124.62
N TRP BA 98 -29.90 2.42 -124.13
CA TRP BA 98 -30.41 3.79 -124.07
C TRP BA 98 -29.62 4.65 -125.04
N ASN BA 99 -30.27 5.66 -125.60
CA ASN BA 99 -29.54 6.53 -126.51
C ASN BA 99 -30.05 7.96 -126.45
N ALA BA 100 -29.34 8.82 -127.19
CA ALA BA 100 -29.63 10.24 -127.13
C ALA BA 100 -31.03 10.55 -127.66
N SER BA 101 -31.54 9.74 -128.60
CA SER BA 101 -32.90 9.96 -129.07
C SER BA 101 -33.89 9.81 -127.94
N MET BA 102 -33.64 8.87 -127.02
CA MET BA 102 -34.52 8.69 -125.88
C MET BA 102 -34.36 9.81 -124.87
N THR BA 103 -33.12 10.27 -124.64
CA THR BA 103 -32.92 11.44 -123.79
C THR BA 103 -33.72 12.64 -124.32
N VAL BA 104 -33.58 12.90 -125.62
CA VAL BA 104 -34.28 14.04 -126.24
C VAL BA 104 -35.78 13.83 -126.19
N SER BA 105 -36.24 12.59 -126.36
CA SER BA 105 -37.68 12.33 -126.31
C SER BA 105 -38.24 12.69 -124.94
N LEU BA 106 -37.54 12.29 -123.87
CA LEU BA 106 -38.01 12.69 -122.54
C LEU BA 106 -38.01 14.20 -122.37
N LEU BA 107 -36.96 14.87 -122.86
CA LEU BA 107 -36.92 16.33 -122.75
C LEU BA 107 -38.12 16.96 -123.47
N LYS BA 108 -38.39 16.51 -124.70
CA LYS BA 108 -39.49 17.07 -125.48
C LYS BA 108 -40.83 16.82 -124.81
N GLN BA 109 -41.03 15.63 -124.24
CA GLN BA 109 -42.29 15.32 -123.59
C GLN BA 109 -42.49 16.17 -122.35
N ALA BA 110 -41.42 16.35 -121.55
CA ALA BA 110 -41.52 17.21 -120.39
C ALA BA 110 -41.85 18.64 -120.81
N ALA BA 111 -41.22 19.12 -121.89
CA ALA BA 111 -41.52 20.44 -122.39
C ALA BA 111 -42.99 20.57 -122.78
N ASP BA 112 -43.50 19.59 -123.54
CA ASP BA 112 -44.91 19.62 -123.92
C ASP BA 112 -45.81 19.63 -122.69
N TYR BA 113 -45.53 18.79 -121.70
CA TYR BA 113 -46.49 18.58 -120.63
C TYR BA 113 -46.44 19.67 -119.55
N LEU BA 114 -45.29 20.30 -119.34
CA LEU BA 114 -45.22 21.33 -118.31
C LEU BA 114 -45.11 22.75 -118.84
N ALA BA 115 -44.64 22.95 -120.06
CA ALA BA 115 -44.58 24.27 -120.66
C ALA BA 115 -45.51 24.44 -121.85
N GLY BA 116 -45.99 23.35 -122.44
CA GLY BA 116 -46.88 23.42 -123.58
C GLY BA 116 -46.21 24.05 -124.79
N THR BA 117 -45.04 23.54 -125.17
CA THR BA 117 -44.27 24.11 -126.28
C THR BA 117 -43.85 23.09 -127.33
N SER BA 118 -44.40 21.88 -127.31
CA SER BA 118 -44.08 20.88 -128.32
C SER BA 118 -44.32 21.39 -129.75
N ALA BA 119 -43.65 20.73 -130.70
CA ALA BA 119 -43.90 20.97 -132.12
C ALA BA 119 -45.27 20.44 -132.53
N THR BA 120 -45.81 21.00 -133.60
CA THR BA 120 -47.14 20.60 -134.04
C THR BA 120 -47.09 19.21 -134.65
N VAL BA 121 -47.93 18.32 -134.13
CA VAL BA 121 -48.04 16.93 -134.55
C VAL BA 121 -49.51 16.53 -134.42
N SER BA 122 -50.07 15.95 -135.48
CA SER BA 122 -51.51 15.71 -135.49
C SER BA 122 -51.86 14.69 -134.41
N GLY BA 123 -52.93 14.99 -133.67
CA GLY BA 123 -53.37 14.14 -132.57
C GLY BA 123 -52.79 14.48 -131.22
N GLN BA 124 -51.89 15.46 -131.15
CA GLN BA 124 -51.36 15.90 -129.87
C GLN BA 124 -52.44 16.58 -129.04
N THR BA 125 -52.38 16.38 -127.73
CA THR BA 125 -53.26 17.13 -126.86
C THR BA 125 -52.83 18.60 -126.82
N ASP BA 126 -53.82 19.48 -126.69
CA ASP BA 126 -53.57 20.91 -126.67
C ASP BA 126 -53.02 21.27 -125.30
N THR BA 127 -51.70 21.40 -125.23
CA THR BA 127 -51.00 21.65 -123.98
C THR BA 127 -50.76 23.13 -123.72
N SER BA 128 -51.36 24.00 -124.54
CA SER BA 128 -51.07 25.43 -124.47
C SER BA 128 -51.43 26.01 -123.09
N GLY BA 129 -52.53 25.54 -122.50
CA GLY BA 129 -52.95 26.08 -121.22
C GLY BA 129 -52.37 25.39 -120.02
N PHE BA 130 -51.61 24.32 -120.25
CA PHE BA 130 -51.03 23.58 -119.14
C PHE BA 130 -50.11 24.41 -118.27
N PRO BA 131 -49.21 25.26 -118.80
CA PRO BA 131 -48.39 26.07 -117.88
C PRO BA 131 -49.22 26.97 -116.99
N ALA BA 132 -50.30 27.55 -117.52
CA ALA BA 132 -51.20 28.32 -116.68
C ALA BA 132 -51.78 27.45 -115.56
N LYS BA 133 -52.28 26.27 -115.92
CA LYS BA 133 -52.86 25.40 -114.89
C LYS BA 133 -51.82 25.01 -113.84
N TRP BA 134 -50.60 24.70 -114.27
CA TRP BA 134 -49.55 24.36 -113.31
C TRP BA 134 -49.27 25.53 -112.37
N ALA BA 135 -49.11 26.73 -112.93
CA ALA BA 135 -48.89 27.92 -112.11
C ALA BA 135 -50.05 28.19 -111.17
N GLY BA 136 -51.22 27.61 -111.44
CA GLY BA 136 -52.31 27.65 -110.48
C GLY BA 136 -52.37 26.49 -109.51
N LEU BA 137 -51.38 25.59 -109.51
CA LEU BA 137 -51.41 24.33 -108.77
C LEU BA 137 -52.67 23.51 -109.09
N MET BA 138 -52.89 23.30 -110.38
CA MET BA 138 -53.99 22.51 -110.90
C MET BA 138 -53.45 21.49 -111.89
N PHE BA 139 -53.84 20.23 -111.74
CA PHE BA 139 -53.43 19.24 -112.71
C PHE BA 139 -54.12 19.51 -114.05
N PRO BA 140 -53.39 19.45 -115.18
CA PRO BA 140 -53.99 19.62 -116.50
C PRO BA 140 -55.07 18.60 -116.76
N ALA CA 1 -7.92 27.03 -124.33
CA ALA CA 1 -7.75 25.73 -124.94
C ALA CA 1 -8.49 25.62 -126.26
N ALA CA 2 -8.01 24.76 -127.15
CA ALA CA 2 -8.63 24.58 -128.45
C ALA CA 2 -10.05 24.03 -128.29
N PRO CA 3 -11.05 24.60 -128.96
CA PRO CA 3 -12.42 24.11 -128.77
C PRO CA 3 -12.66 22.74 -129.37
N SER CA 4 -11.84 22.30 -130.32
CA SER CA 4 -12.02 21.00 -130.92
C SER CA 4 -10.69 20.53 -131.51
N LEU CA 5 -10.58 19.22 -131.68
CA LEU CA 5 -9.35 18.58 -132.11
C LEU CA 5 -9.65 17.47 -133.10
N ALA CA 6 -8.78 17.32 -134.09
CA ALA CA 6 -8.85 16.21 -135.04
C ALA CA 6 -7.50 15.50 -134.97
N LEU CA 7 -7.42 14.47 -134.14
CA LEU CA 7 -6.15 13.79 -133.90
C LEU CA 7 -6.05 12.56 -134.80
N VAL CA 8 -4.83 12.12 -135.06
CA VAL CA 8 -4.61 10.95 -135.89
C VAL CA 8 -4.47 9.71 -135.01
N GLY CA 9 -5.25 8.68 -135.31
CA GLY CA 9 -5.13 7.39 -134.67
C GLY CA 9 -5.12 6.30 -135.72
N ALA CA 10 -5.50 5.09 -135.34
CA ALA CA 10 -5.46 3.95 -136.24
C ALA CA 10 -6.81 3.24 -136.25
N ASN CA 11 -7.25 2.85 -137.45
CA ASN CA 11 -8.47 2.07 -137.62
C ASN CA 11 -8.18 0.60 -137.28
N SER CA 12 -9.14 -0.28 -137.56
CA SER CA 12 -8.93 -1.70 -137.30
C SER CA 12 -7.78 -2.28 -138.11
N THR CA 13 -7.40 -1.63 -139.22
CA THR CA 13 -6.30 -2.08 -140.07
C THR CA 13 -4.99 -1.36 -139.76
N LEU CA 14 -5.00 -0.46 -138.78
CA LEU CA 14 -3.84 0.36 -138.40
C LEU CA 14 -3.54 1.45 -139.41
N ALA CA 15 -4.48 1.76 -140.30
CA ALA CA 15 -4.32 2.90 -141.19
C ALA CA 15 -4.62 4.19 -140.44
N SER CA 16 -3.90 5.24 -140.81
CA SER CA 16 -4.09 6.53 -140.14
C SER CA 16 -5.50 7.05 -140.39
N THR CA 17 -6.22 7.32 -139.32
CA THR CA 17 -7.62 7.75 -139.38
C THR CA 17 -7.83 8.89 -138.40
N LEU CA 18 -8.65 9.86 -138.80
CA LEU CA 18 -8.95 10.94 -137.85
C LEU CA 18 -9.87 10.47 -136.74
N VAL CA 19 -9.70 11.07 -135.58
CA VAL CA 19 -10.52 10.88 -134.40
C VAL CA 19 -10.83 12.25 -133.84
N ASN CA 20 -12.11 12.56 -133.71
CA ASN CA 20 -12.58 13.93 -133.48
C ASN CA 20 -12.98 14.10 -132.03
N TYR CA 21 -12.37 15.08 -131.37
CA TYR CA 21 -12.68 15.42 -130.00
C TYR CA 21 -13.20 16.85 -129.95
N SER CA 22 -14.05 17.12 -128.98
CA SER CA 22 -14.56 18.46 -128.71
C SER CA 22 -14.41 18.77 -127.23
N LEU CA 23 -14.17 20.04 -126.94
CA LEU CA 23 -13.90 20.49 -125.59
C LEU CA 23 -15.18 20.51 -124.76
N ARG CA 24 -15.23 19.67 -123.73
CA ARG CA 24 -16.43 19.62 -122.88
C ARG CA 24 -16.44 20.75 -121.87
N SER CA 25 -15.35 20.93 -121.12
CA SER CA 25 -15.27 22.00 -120.14
C SER CA 25 -13.80 22.28 -119.81
N GLN CA 26 -13.57 23.31 -119.00
CA GLN CA 26 -12.25 23.65 -118.50
C GLN CA 26 -12.36 24.06 -117.05
N ASN CA 27 -11.70 23.30 -116.16
CA ASN CA 27 -11.64 23.50 -114.72
C ASN CA 27 -10.28 24.11 -114.37
N GLY CA 28 -9.97 24.15 -113.08
CA GLY CA 28 -8.70 24.63 -112.60
C GLY CA 28 -7.55 23.80 -113.15
N ASN CA 29 -6.77 24.42 -114.03
CA ASN CA 29 -5.56 23.85 -114.58
C ASN CA 29 -5.81 22.49 -115.23
N ASN CA 30 -6.95 22.36 -115.93
CA ASN CA 30 -7.22 21.10 -116.61
C ASN CA 30 -8.17 21.35 -117.78
N VAL CA 31 -8.32 20.34 -118.61
CA VAL CA 31 -9.06 20.39 -119.85
C VAL CA 31 -9.65 19.01 -120.10
N ASP CA 32 -10.93 18.97 -120.51
CA ASP CA 32 -11.67 17.74 -120.72
C ASP CA 32 -12.24 17.73 -122.13
N TYR CA 33 -11.82 16.75 -122.94
CA TYR CA 33 -12.31 16.56 -124.30
C TYR CA 33 -13.06 15.23 -124.41
N VAL CA 34 -14.04 15.21 -125.31
CA VAL CA 34 -14.89 14.05 -125.54
C VAL CA 34 -14.88 13.74 -127.04
N CYS CA 35 -14.88 12.45 -127.38
CA CYS CA 35 -14.90 12.05 -128.78
C CYS CA 35 -16.29 12.21 -129.35
N THR CA 36 -16.38 12.83 -130.53
CA THR CA 36 -17.64 13.15 -131.20
C THR CA 36 -17.94 12.24 -132.37
N ASP CA 37 -17.16 11.18 -132.56
CA ASP CA 37 -17.40 10.23 -133.63
C ASP CA 37 -18.62 9.39 -133.29
N PRO CA 38 -19.15 8.64 -134.26
CA PRO CA 38 -20.29 7.76 -133.94
C PRO CA 38 -19.92 6.61 -133.02
N ASP CA 39 -18.68 6.11 -133.06
CA ASP CA 39 -18.33 4.93 -132.27
C ASP CA 39 -18.25 5.22 -130.77
N SER CA 40 -18.18 6.48 -130.35
CA SER CA 40 -18.17 6.83 -128.94
C SER CA 40 -19.55 7.31 -128.52
N THR CA 41 -20.06 6.74 -127.44
CA THR CA 41 -21.34 7.08 -126.84
C THR CA 41 -21.14 7.18 -125.35
N LEU CA 42 -22.16 7.64 -124.63
CA LEU CA 42 -22.02 7.76 -123.18
C LEU CA 42 -21.77 6.41 -122.54
N SER CA 43 -22.28 5.33 -123.15
CA SER CA 43 -22.06 3.99 -122.64
C SER CA 43 -20.59 3.60 -122.75
N ALA CA 44 -19.93 3.98 -123.85
CA ALA CA 44 -18.54 3.63 -124.09
C ALA CA 44 -17.85 4.78 -124.79
N PRO CA 45 -17.45 5.82 -124.04
CA PRO CA 45 -16.92 7.04 -124.66
C PRO CA 45 -15.42 6.97 -124.92
N GLY CA 46 -14.96 7.96 -125.70
CA GLY CA 46 -13.55 8.26 -125.82
C GLY CA 46 -13.29 9.62 -125.18
N LEU CA 47 -12.23 9.69 -124.38
CA LEU CA 47 -12.00 10.85 -123.53
C LEU CA 47 -10.54 11.26 -123.56
N ILE CA 48 -10.29 12.57 -123.41
CA ILE CA 48 -8.94 13.09 -123.22
C ILE CA 48 -8.97 14.10 -122.08
N ASN CA 49 -7.96 14.06 -121.22
CA ASN CA 49 -7.91 14.90 -120.03
C ASN CA 49 -6.49 15.40 -119.82
N ALA CA 50 -6.35 16.69 -119.51
CA ALA CA 50 -5.03 17.26 -119.29
C ALA CA 50 -5.05 18.17 -118.07
N LYS CA 51 -3.96 18.16 -117.30
CA LYS CA 51 -3.87 18.91 -116.05
C LYS CA 51 -2.45 19.41 -115.85
N PHE CA 52 -2.32 20.60 -115.26
CA PHE CA 52 -1.03 21.15 -114.88
C PHE CA 52 -0.91 21.21 -113.35
N ASP CA 53 0.18 20.65 -112.83
CA ASP CA 53 0.60 20.88 -111.45
C ASP CA 53 1.73 21.90 -111.53
N ILE CA 54 1.43 23.15 -111.18
CA ILE CA 54 2.36 24.27 -111.38
C ILE CA 54 2.88 24.70 -110.02
N LYS CA 55 4.19 24.62 -109.85
CA LYS CA 55 4.79 25.00 -108.58
C LYS CA 55 5.01 26.50 -108.53
N ALA CA 56 5.27 27.00 -107.33
CA ALA CA 56 5.38 28.43 -107.09
C ALA CA 56 6.51 29.03 -107.91
N PRO CA 57 6.48 30.35 -108.14
CA PRO CA 57 7.57 30.99 -108.90
C PRO CA 57 8.90 30.78 -108.21
N GLY CA 58 9.94 30.63 -109.03
CA GLY CA 58 11.28 30.34 -108.56
C GLY CA 58 11.92 29.34 -109.49
N ILE CA 59 13.11 28.90 -109.13
CA ILE CA 59 13.81 27.91 -109.93
C ILE CA 59 13.96 26.57 -109.20
N THR CA 60 13.25 26.39 -108.09
CA THR CA 60 13.49 25.24 -107.22
C THR CA 60 12.73 24.00 -107.67
N GLY CA 61 11.50 24.15 -108.14
CA GLY CA 61 10.59 23.04 -108.23
C GLY CA 61 10.69 22.22 -109.51
N ASN CA 62 9.65 21.38 -109.69
CA ASN CA 62 9.40 20.58 -110.89
C ASN CA 62 7.93 20.74 -111.26
N ASP CA 63 7.65 21.40 -112.38
CA ASP CA 63 6.29 21.48 -112.91
C ASP CA 63 5.91 20.14 -113.52
N ARG CA 64 4.59 19.86 -113.54
CA ARG CA 64 4.13 18.58 -114.08
C ARG CA 64 2.92 18.75 -114.98
N ILE CA 65 2.87 17.94 -116.03
CA ILE CA 65 1.76 17.86 -116.97
C ILE CA 65 1.22 16.43 -116.89
N HIS CA 66 -0.10 16.30 -116.78
CA HIS CA 66 -0.77 15.01 -116.74
C HIS CA 66 -1.76 14.94 -117.90
N ALA CA 67 -1.53 14.01 -118.82
CA ALA CA 67 -2.46 13.76 -119.90
C ALA CA 67 -2.99 12.34 -119.81
N ASN CA 68 -4.21 12.14 -120.30
CA ASN CA 68 -4.84 10.84 -120.19
C ASN CA 68 -5.79 10.67 -121.37
N LEU CA 69 -5.54 9.67 -122.20
CA LEU CA 69 -6.35 9.36 -123.37
C LEU CA 69 -6.99 7.99 -123.14
N ARG CA 70 -8.31 7.96 -123.04
CA ARG CA 70 -9.03 6.75 -122.69
C ARG CA 70 -10.07 6.40 -123.76
N LYS CA 71 -10.35 5.11 -123.87
CA LYS CA 71 -11.47 4.60 -124.65
C LYS CA 71 -12.12 3.45 -123.90
N VAL CA 72 -13.43 3.52 -123.74
CA VAL CA 72 -14.20 2.48 -123.05
C VAL CA 72 -14.75 1.53 -124.10
N VAL CA 73 -14.79 0.24 -123.76
CA VAL CA 73 -15.33 -0.78 -124.64
C VAL CA 73 -16.25 -1.68 -123.83
N LEU CA 74 -17.27 -2.22 -124.49
CA LEU CA 74 -18.26 -3.07 -123.86
C LEU CA 74 -18.08 -4.52 -124.33
N ASP CA 75 -18.20 -5.45 -123.39
CA ASP CA 75 -18.09 -6.88 -123.70
C ASP CA 75 -19.22 -7.30 -124.63
N GLU CA 76 -18.88 -8.06 -125.68
CA GLU CA 76 -19.92 -8.55 -126.59
C GLU CA 76 -20.91 -9.47 -125.89
N LYS CA 77 -20.49 -10.12 -124.81
CA LYS CA 77 -21.35 -11.08 -124.14
C LYS CA 77 -22.17 -10.45 -123.04
N THR CA 78 -21.60 -9.47 -122.32
CA THR CA 78 -22.23 -8.93 -121.12
C THR CA 78 -22.43 -7.42 -121.12
N ASN CA 79 -21.98 -6.70 -122.15
CA ASN CA 79 -21.96 -5.24 -122.16
C ASN CA 79 -21.26 -4.66 -120.94
N LEU CA 80 -20.32 -5.41 -120.37
CA LEU CA 80 -19.62 -4.83 -119.24
C LEU CA 80 -18.46 -3.97 -119.72
N PRO CA 81 -18.30 -2.80 -119.12
CA PRO CA 81 -17.28 -1.85 -119.61
C PRO CA 81 -15.91 -2.18 -119.05
N SER CA 82 -14.91 -2.12 -119.91
CA SER CA 82 -13.53 -2.01 -119.48
C SER CA 82 -12.87 -0.94 -120.34
N THR CA 83 -11.88 -0.27 -119.77
CA THR CA 83 -11.28 0.89 -120.41
C THR CA 83 -9.83 0.62 -120.76
N GLY CA 84 -9.42 1.12 -121.93
CA GLY CA 84 -8.02 1.15 -122.31
C GLY CA 84 -7.55 2.59 -122.24
N SER CA 85 -6.28 2.78 -121.85
CA SER CA 85 -5.83 4.15 -121.63
C SER CA 85 -4.34 4.28 -121.85
N VAL CA 86 -3.95 5.45 -122.34
CA VAL CA 86 -2.56 5.90 -122.39
C VAL CA 86 -2.46 7.16 -121.57
N THR CA 87 -1.72 7.09 -120.46
CA THR CA 87 -1.50 8.25 -119.61
C THR CA 87 -0.06 8.71 -119.73
N ILE CA 88 0.13 10.02 -119.61
CA ILE CA 88 1.43 10.66 -119.81
C ILE CA 88 1.66 11.62 -118.66
N GLN CA 89 2.89 11.63 -118.14
CA GLN CA 89 3.28 12.59 -117.13
C GLN CA 89 4.62 13.21 -117.54
N VAL CA 90 4.61 14.52 -117.73
CA VAL CA 90 5.79 15.29 -118.07
C VAL CA 90 6.22 16.04 -116.82
N SER CA 91 7.50 15.94 -116.46
CA SER CA 91 8.05 16.66 -115.32
C SER CA 91 9.19 17.54 -115.83
N ILE CA 92 8.99 18.85 -115.71
CA ILE CA 92 9.85 19.90 -116.23
C ILE CA 92 10.51 20.60 -115.05
N PRO CA 93 11.83 20.47 -114.86
CA PRO CA 93 12.50 21.21 -113.78
C PRO CA 93 12.59 22.70 -114.10
N ARG CA 94 12.70 23.49 -113.03
CA ARG CA 94 12.79 24.94 -113.13
C ARG CA 94 14.21 25.46 -113.04
N ASN CA 95 15.17 24.63 -112.63
CA ASN CA 95 16.58 24.96 -112.70
C ASN CA 95 16.92 25.46 -114.11
N PRO CA 96 17.45 26.68 -114.25
CA PRO CA 96 17.68 27.25 -115.59
C PRO CA 96 18.59 26.42 -116.46
N ALA CA 97 19.18 25.36 -115.92
CA ALA CA 97 19.94 24.41 -116.70
C ALA CA 97 19.07 23.49 -117.54
N TRP CA 98 17.75 23.69 -117.53
CA TRP CA 98 16.80 22.96 -118.36
C TRP CA 98 16.18 23.90 -119.39
N ASN CA 99 15.71 23.31 -120.49
CA ASN CA 99 15.14 24.08 -121.59
C ASN CA 99 13.80 23.52 -122.04
N ALA CA 100 12.95 24.42 -122.53
CA ALA CA 100 11.81 23.97 -123.31
C ALA CA 100 12.25 23.08 -124.46
N SER CA 101 13.45 23.32 -125.02
CA SER CA 101 13.97 22.44 -126.06
C SER CA 101 14.17 21.03 -125.53
N MET CA 102 14.62 20.91 -124.29
CA MET CA 102 14.83 19.58 -123.71
C MET CA 102 13.50 18.90 -123.44
N THR CA 103 12.50 19.65 -122.97
CA THR CA 103 11.15 19.10 -122.84
C THR CA 103 10.65 18.56 -124.17
N VAL CA 104 10.74 19.38 -125.23
CA VAL CA 104 10.25 18.97 -126.54
C VAL CA 104 11.03 17.76 -127.04
N SER CA 105 12.33 17.71 -126.76
CA SER CA 105 13.14 16.58 -127.21
C SER CA 105 12.67 15.28 -126.55
N LEU CA 106 12.40 15.33 -125.25
CA LEU CA 106 11.87 14.13 -124.59
C LEU CA 106 10.52 13.75 -125.18
N LEU CA 107 9.66 14.72 -125.45
CA LEU CA 107 8.35 14.40 -126.03
C LEU CA 107 8.51 13.71 -127.39
N LYS CA 108 9.38 14.26 -128.24
CA LYS CA 108 9.59 13.68 -129.57
C LYS CA 108 10.19 12.29 -129.48
N GLN CA 109 11.11 12.08 -128.54
CA GLN CA 109 11.72 10.75 -128.41
C GLN CA 109 10.70 9.73 -127.92
N ALA CA 110 9.88 10.10 -126.94
CA ALA CA 110 8.83 9.20 -126.48
C ALA CA 110 7.86 8.87 -127.62
N ALA CA 111 7.53 9.87 -128.43
CA ALA CA 111 6.64 9.64 -129.57
C ALA CA 111 7.27 8.65 -130.55
N ASP CA 112 8.54 8.86 -130.89
CA ASP CA 112 9.23 7.93 -131.79
C ASP CA 112 9.27 6.52 -131.20
N TYR CA 113 9.54 6.39 -129.89
CA TYR CA 113 9.82 5.07 -129.35
C TYR CA 113 8.57 4.28 -128.99
N LEU CA 114 7.45 4.95 -128.67
CA LEU CA 114 6.25 4.22 -128.33
C LEU CA 114 5.15 4.31 -129.37
N ALA CA 115 5.17 5.32 -130.25
CA ALA CA 115 4.20 5.43 -131.32
C ALA CA 115 4.81 5.33 -132.71
N GLY CA 116 6.13 5.49 -132.85
CA GLY CA 116 6.78 5.41 -134.14
C GLY CA 116 6.31 6.50 -135.10
N THR CA 117 6.32 7.76 -134.66
CA THR CA 117 5.78 8.86 -135.45
C THR CA 117 6.78 9.99 -135.67
N SER CA 118 8.03 9.83 -135.25
CA SER CA 118 9.02 10.90 -135.38
C SER CA 118 9.21 11.34 -136.84
N ALA CA 119 9.78 12.53 -137.00
CA ALA CA 119 10.16 13.05 -138.30
C ALA CA 119 11.34 12.26 -138.86
N THR CA 120 11.65 12.52 -140.13
CA THR CA 120 12.67 11.75 -140.83
C THR CA 120 14.05 12.39 -140.67
N VAL CA 121 15.01 11.60 -140.20
CA VAL CA 121 16.41 12.01 -140.05
C VAL CA 121 17.26 10.84 -140.57
N SER CA 122 18.50 11.16 -140.94
CA SER CA 122 19.34 10.23 -141.69
C SER CA 122 19.41 8.88 -141.01
N GLY CA 123 20.05 8.82 -139.85
CA GLY CA 123 20.38 7.52 -139.29
C GLY CA 123 19.35 6.96 -138.33
N GLN CA 124 18.09 7.37 -138.46
CA GLN CA 124 17.13 7.05 -137.42
C GLN CA 124 16.79 5.57 -137.51
N THR CA 125 16.46 4.97 -136.36
CA THR CA 125 16.01 3.59 -136.42
C THR CA 125 14.55 3.54 -136.82
N ASP CA 126 14.19 2.47 -137.51
CA ASP CA 126 12.84 2.28 -138.02
C ASP CA 126 11.93 1.90 -136.86
N THR CA 127 11.05 2.82 -136.49
CA THR CA 127 10.16 2.65 -135.34
C THR CA 127 8.71 2.45 -135.75
N SER CA 128 8.46 2.22 -137.04
CA SER CA 128 7.09 2.10 -137.51
C SER CA 128 6.36 0.92 -136.87
N GLY CA 129 7.07 -0.18 -136.63
CA GLY CA 129 6.47 -1.37 -136.06
C GLY CA 129 6.44 -1.40 -134.56
N PHE CA 130 7.08 -0.43 -133.92
CA PHE CA 130 7.14 -0.42 -132.47
C PHE CA 130 5.77 -0.35 -131.80
N PRO CA 131 4.81 0.48 -132.24
CA PRO CA 131 3.50 0.44 -131.59
C PRO CA 131 2.84 -0.93 -131.66
N ALA CA 132 2.98 -1.62 -132.79
CA ALA CA 132 2.46 -2.98 -132.88
C ALA CA 132 3.14 -3.89 -131.85
N LYS CA 133 4.47 -3.81 -131.77
CA LYS CA 133 5.18 -4.68 -130.82
C LYS CA 133 4.78 -4.36 -129.38
N TRP CA 134 4.58 -3.08 -129.06
CA TRP CA 134 4.13 -2.73 -127.72
C TRP CA 134 2.75 -3.31 -127.45
N ALA CA 135 1.82 -3.10 -128.38
CA ALA CA 135 0.45 -3.61 -128.21
C ALA CA 135 0.42 -5.13 -128.09
N GLY CA 136 1.47 -5.80 -128.57
CA GLY CA 136 1.62 -7.22 -128.30
C GLY CA 136 2.34 -7.55 -127.01
N LEU CA 137 2.65 -6.55 -126.19
CA LEU CA 137 3.43 -6.71 -124.97
C LEU CA 137 4.77 -7.39 -125.24
N MET CA 138 5.51 -6.83 -126.20
CA MET CA 138 6.89 -7.23 -126.43
C MET CA 138 7.74 -6.01 -126.71
N PHE CA 139 8.99 -6.08 -126.27
CA PHE CA 139 9.89 -4.94 -126.42
C PHE CA 139 10.31 -4.79 -127.87
N PRO CA 140 10.45 -3.54 -128.36
CA PRO CA 140 11.04 -3.26 -129.66
C PRO CA 140 12.47 -3.77 -129.74
N ALA DA 1 -15.32 32.50 -119.66
CA ALA DA 1 -14.47 33.67 -119.86
C ALA DA 1 -13.75 33.62 -121.21
N ALA DA 2 -13.15 34.74 -121.60
CA ALA DA 2 -12.44 34.81 -122.87
C ALA DA 2 -11.23 33.87 -122.84
N PRO DA 3 -11.01 33.10 -123.90
CA PRO DA 3 -9.90 32.13 -123.89
C PRO DA 3 -8.54 32.78 -124.02
N SER DA 4 -8.48 34.01 -124.53
CA SER DA 4 -7.20 34.68 -124.71
C SER DA 4 -7.44 36.18 -124.76
N LEU DA 5 -6.40 36.94 -124.40
CA LEU DA 5 -6.46 38.39 -124.26
C LEU DA 5 -5.20 39.01 -124.84
N ALA DA 6 -5.37 40.16 -125.49
CA ALA DA 6 -4.25 40.97 -125.96
C ALA DA 6 -4.38 42.33 -125.28
N LEU DA 7 -3.77 42.48 -124.11
CA LEU DA 7 -3.88 43.71 -123.35
C LEU DA 7 -2.76 44.66 -123.76
N VAL DA 8 -2.97 45.96 -123.52
CA VAL DA 8 -1.96 46.96 -123.85
C VAL DA 8 -1.18 47.31 -122.59
N GLY DA 9 0.14 47.18 -122.67
CA GLY DA 9 1.06 47.61 -121.65
C GLY DA 9 2.14 48.48 -122.27
N ALA DA 10 3.29 48.51 -121.61
CA ALA DA 10 4.40 49.36 -122.02
C ALA DA 10 5.70 48.55 -122.04
N ASN DA 11 6.51 48.78 -123.07
CA ASN DA 11 7.83 48.18 -123.16
C ASN DA 11 8.82 49.03 -122.36
N SER DA 12 10.10 48.76 -122.54
CA SER DA 12 11.13 49.52 -121.82
C SER DA 12 11.12 50.99 -122.20
N THR DA 13 10.66 51.32 -123.41
CA THR DA 13 10.55 52.70 -123.89
C THR DA 13 9.29 53.39 -123.37
N LEU DA 14 8.40 52.66 -122.70
CA LEU DA 14 7.04 53.08 -122.35
C LEU DA 14 6.13 53.20 -123.56
N ALA DA 15 6.54 52.70 -124.72
CA ALA DA 15 5.67 52.67 -125.89
C ALA DA 15 4.59 51.60 -125.71
N SER DA 16 3.40 51.89 -126.24
CA SER DA 16 2.28 50.97 -126.10
C SER DA 16 2.57 49.67 -126.84
N THR DA 17 2.60 48.56 -126.10
CA THR DA 17 2.96 47.25 -126.62
C THR DA 17 1.93 46.23 -126.19
N LEU DA 18 1.62 45.26 -127.06
CA LEU DA 18 0.71 44.20 -126.66
C LEU DA 18 1.39 43.21 -125.72
N VAL DA 19 0.63 42.76 -124.73
CA VAL DA 19 1.00 41.68 -123.84
C VAL DA 19 -0.12 40.65 -123.87
N ASN DA 20 0.25 39.41 -124.15
CA ASN DA 20 -0.70 38.37 -124.55
C ASN DA 20 -0.87 37.36 -123.43
N TYR DA 21 -2.12 37.07 -123.08
CA TYR DA 21 -2.46 36.11 -122.06
C TYR DA 21 -3.38 35.04 -122.64
N SER DA 22 -3.26 33.81 -122.15
CA SER DA 22 -4.21 32.76 -122.46
C SER DA 22 -4.83 32.24 -121.18
N LEU DA 23 -6.07 31.77 -121.30
CA LEU DA 23 -6.84 31.28 -120.16
C LEU DA 23 -6.32 29.91 -119.75
N ARG DA 24 -5.59 29.88 -118.64
CA ARG DA 24 -5.09 28.62 -118.13
C ARG DA 24 -6.08 27.91 -117.22
N SER DA 25 -6.75 28.60 -116.31
CA SER DA 25 -7.74 27.90 -115.49
C SER DA 25 -8.94 28.79 -115.19
N GLN DA 26 -10.04 28.14 -114.86
CA GLN DA 26 -11.24 28.82 -114.38
C GLN DA 26 -11.96 27.85 -113.45
N ASN DA 27 -12.20 28.29 -112.22
CA ASN DA 27 -12.71 27.43 -111.17
C ASN DA 27 -13.36 28.27 -110.09
N GLY DA 28 -14.60 27.94 -109.74
CA GLY DA 28 -15.27 28.53 -108.60
C GLY DA 28 -15.27 30.04 -108.62
N ASN DA 29 -15.92 30.61 -109.64
CA ASN DA 29 -15.93 32.05 -109.86
C ASN DA 29 -14.53 32.63 -109.74
N ASN DA 30 -13.58 31.95 -110.34
CA ASN DA 30 -12.20 32.40 -110.30
C ASN DA 30 -11.61 32.13 -111.69
N VAL DA 31 -10.80 33.07 -112.18
CA VAL DA 31 -10.27 33.00 -113.54
C VAL DA 31 -8.79 33.36 -113.52
N ASP DA 32 -7.96 32.50 -114.11
CA ASP DA 32 -6.51 32.64 -114.08
C ASP DA 32 -5.93 32.56 -115.49
N TYR DA 33 -5.23 33.62 -115.90
CA TYR DA 33 -4.57 33.74 -117.18
C TYR DA 33 -3.06 33.71 -116.99
N VAL DA 34 -2.35 33.22 -118.02
CA VAL DA 34 -0.89 33.25 -118.02
C VAL DA 34 -0.39 33.95 -119.28
N CYS DA 35 0.74 34.64 -119.15
CA CYS DA 35 1.29 35.40 -120.26
C CYS DA 35 2.03 34.47 -121.23
N THR DA 36 1.71 34.60 -122.51
CA THR DA 36 2.24 33.73 -123.55
C THR DA 36 3.49 34.30 -124.22
N ASP DA 37 3.93 35.48 -123.82
CA ASP DA 37 5.05 36.15 -124.47
C ASP DA 37 6.36 35.52 -124.02
N PRO DA 38 7.47 35.85 -124.68
CA PRO DA 38 8.77 35.32 -124.25
C PRO DA 38 9.22 35.84 -122.89
N ASP DA 39 8.79 37.03 -122.49
CA ASP DA 39 9.24 37.59 -121.22
C ASP DA 39 8.68 36.86 -120.00
N SER DA 40 7.64 36.04 -120.16
CA SER DA 40 7.15 35.21 -119.08
C SER DA 40 7.68 33.80 -119.29
N THR DA 41 8.48 33.33 -118.34
CA THR DA 41 9.00 31.98 -118.32
C THR DA 41 8.28 31.20 -117.23
N LEU DA 42 8.56 29.89 -117.19
CA LEU DA 42 8.02 29.06 -116.11
C LEU DA 42 8.51 29.56 -114.76
N SER DA 43 9.78 29.95 -114.69
CA SER DA 43 10.36 30.31 -113.40
C SER DA 43 9.90 31.70 -112.97
N ALA DA 44 9.71 32.59 -113.93
CA ALA DA 44 9.31 33.97 -113.67
C ALA DA 44 8.19 34.35 -114.63
N PRO DA 45 6.94 34.01 -114.30
CA PRO DA 45 5.84 34.18 -115.24
C PRO DA 45 5.15 35.53 -115.09
N GLY DA 46 4.27 35.82 -116.05
CA GLY DA 46 3.30 36.89 -115.94
C GLY DA 46 1.92 36.27 -115.79
N LEU DA 47 1.15 36.79 -114.84
CA LEU DA 47 -0.07 36.11 -114.41
C LEU DA 47 -1.19 37.10 -114.17
N ILE DA 48 -2.42 36.63 -114.37
CA ILE DA 48 -3.61 37.42 -114.05
C ILE DA 48 -4.60 36.53 -113.30
N ASN DA 49 -5.25 37.12 -112.29
CA ASN DA 49 -6.21 36.46 -111.43
C ASN DA 49 -7.44 37.34 -111.27
N ALA DA 50 -8.63 36.73 -111.22
CA ALA DA 50 -9.87 37.48 -111.04
C ALA DA 50 -10.92 36.63 -110.32
N LYS DA 51 -11.42 37.15 -109.20
CA LYS DA 51 -12.37 36.46 -108.31
C LYS DA 51 -13.64 37.28 -108.14
N PHE DA 52 -14.74 36.57 -107.87
CA PHE DA 52 -16.04 37.17 -107.55
C PHE DA 52 -16.49 36.69 -106.18
N ASP DA 53 -16.62 37.62 -105.23
CA ASP DA 53 -17.33 37.37 -103.99
C ASP DA 53 -18.77 37.85 -104.22
N ILE DA 54 -19.65 36.92 -104.55
CA ILE DA 54 -21.05 37.24 -104.82
C ILE DA 54 -21.86 36.92 -103.58
N LYS DA 55 -22.45 37.96 -102.99
CA LYS DA 55 -23.27 37.80 -101.81
C LYS DA 55 -24.62 37.19 -102.18
N ALA DA 56 -25.26 36.55 -101.20
CA ALA DA 56 -26.60 36.01 -101.32
C ALA DA 56 -27.56 37.10 -101.80
N PRO DA 57 -28.65 36.73 -102.47
CA PRO DA 57 -29.60 37.76 -102.93
C PRO DA 57 -30.10 38.59 -101.77
N GLY DA 58 -30.35 39.86 -102.06
CA GLY DA 58 -30.74 40.78 -101.02
C GLY DA 58 -30.40 42.19 -101.40
N ILE DA 59 -30.98 43.12 -100.66
CA ILE DA 59 -30.76 44.54 -100.91
C ILE DA 59 -29.61 45.08 -100.07
N THR DA 60 -29.08 44.28 -99.14
CA THR DA 60 -28.01 44.70 -98.25
C THR DA 60 -26.71 44.01 -98.62
N GLY DA 61 -25.60 44.68 -98.30
CA GLY DA 61 -24.29 44.13 -98.53
C GLY DA 61 -23.62 44.71 -99.76
N ASN DA 62 -22.35 44.31 -99.93
CA ASN DA 62 -21.56 44.66 -101.10
C ASN DA 62 -21.11 43.38 -101.81
N ASP DA 63 -21.22 43.38 -103.13
CA ASP DA 63 -20.55 42.40 -103.98
C ASP DA 63 -19.12 42.85 -104.22
N ARG DA 64 -18.21 41.89 -104.43
CA ARG DA 64 -16.81 42.27 -104.58
C ARG DA 64 -16.14 41.57 -105.76
N ILE DA 65 -15.28 42.31 -106.46
CA ILE DA 65 -14.46 41.82 -107.55
C ILE DA 65 -13.01 41.98 -107.12
N HIS DA 66 -12.22 40.92 -107.29
CA HIS DA 66 -10.78 40.98 -107.01
C HIS DA 66 -10.02 40.68 -108.29
N ALA DA 67 -8.94 41.42 -108.53
CA ALA DA 67 -8.15 41.21 -109.73
C ALA DA 67 -6.69 41.46 -109.40
N ASN DA 68 -5.81 40.64 -109.97
CA ASN DA 68 -4.38 40.75 -109.70
C ASN DA 68 -3.62 40.56 -111.00
N LEU DA 69 -2.75 41.51 -111.32
CA LEU DA 69 -1.87 41.44 -112.48
C LEU DA 69 -0.43 41.43 -111.99
N ARG DA 70 0.28 40.32 -112.23
CA ARG DA 70 1.58 40.05 -111.64
C ARG DA 70 2.62 39.84 -112.73
N LYS DA 71 3.84 40.26 -112.42
CA LYS DA 71 5.02 39.85 -113.18
C LYS DA 71 6.10 39.45 -112.18
N VAL DA 72 6.60 38.23 -112.31
CA VAL DA 72 7.67 37.72 -111.44
C VAL DA 72 9.01 38.02 -112.11
N VAL DA 73 10.00 38.35 -111.29
CA VAL DA 73 11.34 38.60 -111.78
C VAL DA 73 12.33 37.90 -110.85
N LEU DA 74 13.38 37.34 -111.44
CA LEU DA 74 14.39 36.61 -110.70
C LEU DA 74 15.60 37.50 -110.42
N ASP DA 75 16.18 37.34 -109.23
CA ASP DA 75 17.40 38.06 -108.89
C ASP DA 75 18.56 37.60 -109.77
N GLU DA 76 19.40 38.57 -110.17
CA GLU DA 76 20.50 38.25 -111.06
C GLU DA 76 21.45 37.24 -110.43
N LYS DA 77 21.77 37.43 -109.15
CA LYS DA 77 22.73 36.56 -108.48
C LYS DA 77 22.04 35.37 -107.82
N THR DA 78 21.09 35.65 -106.91
CA THR DA 78 20.50 34.59 -106.09
C THR DA 78 19.42 33.80 -106.81
N ASN DA 79 18.90 34.29 -107.94
CA ASN DA 79 17.78 33.67 -108.66
C ASN DA 79 16.53 33.52 -107.80
N LEU DA 80 16.47 34.20 -106.66
CA LEU DA 80 15.27 34.23 -105.85
C LEU DA 80 14.23 35.10 -106.55
N PRO DA 81 12.97 34.67 -106.56
CA PRO DA 81 11.95 35.44 -107.27
C PRO DA 81 11.33 36.49 -106.37
N SER DA 82 11.20 37.70 -106.86
CA SER DA 82 10.30 38.67 -106.26
C SER DA 82 9.33 39.14 -107.33
N THR DA 83 8.12 39.49 -106.91
CA THR DA 83 7.03 39.74 -107.84
C THR DA 83 6.47 41.14 -107.68
N GLY DA 84 6.19 41.79 -108.80
CA GLY DA 84 5.57 43.10 -108.84
C GLY DA 84 4.13 42.96 -109.31
N SER DA 85 3.23 43.74 -108.73
CA SER DA 85 1.82 43.46 -108.96
C SER DA 85 0.94 44.68 -108.80
N VAL DA 86 -0.05 44.79 -109.68
CA VAL DA 86 -1.15 45.75 -109.53
C VAL DA 86 -2.41 44.95 -109.23
N THR DA 87 -3.02 45.22 -108.09
CA THR DA 87 -4.21 44.50 -107.67
C THR DA 87 -5.36 45.47 -107.41
N ILE DA 88 -6.56 45.06 -107.79
CA ILE DA 88 -7.76 45.90 -107.78
C ILE DA 88 -8.85 45.19 -107.00
N GLN DA 89 -9.55 45.93 -106.14
CA GLN DA 89 -10.77 45.47 -105.49
C GLN DA 89 -11.90 46.44 -105.82
N VAL DA 90 -12.97 45.91 -106.39
CA VAL DA 90 -14.17 46.67 -106.71
C VAL DA 90 -15.25 46.23 -105.73
N SER DA 91 -15.87 47.18 -105.03
CA SER DA 91 -16.93 46.91 -104.06
C SER DA 91 -18.19 47.63 -104.54
N ILE DA 92 -19.19 46.84 -104.93
CA ILE DA 92 -20.43 47.29 -105.54
C ILE DA 92 -21.55 47.09 -104.53
N PRO DA 93 -22.15 48.14 -103.98
CA PRO DA 93 -23.27 47.97 -103.06
C PRO DA 93 -24.52 47.47 -103.77
N ARG DA 94 -25.47 47.01 -102.96
CA ARG DA 94 -26.71 46.45 -103.47
C ARG DA 94 -27.92 47.35 -103.25
N ASN DA 95 -27.79 48.44 -102.51
CA ASN DA 95 -28.86 49.42 -102.43
C ASN DA 95 -29.20 49.90 -103.83
N PRO DA 96 -30.48 49.86 -104.24
CA PRO DA 96 -30.84 50.27 -105.61
C PRO DA 96 -30.43 51.68 -105.95
N ALA DA 97 -29.98 52.44 -104.97
CA ALA DA 97 -29.44 53.77 -105.19
C ALA DA 97 -28.03 53.73 -105.78
N TRP DA 98 -27.50 52.55 -106.10
CA TRP DA 98 -26.24 52.40 -106.80
C TRP DA 98 -26.51 51.92 -108.22
N ASN DA 99 -25.60 52.24 -109.15
CA ASN DA 99 -25.75 51.86 -110.54
C ASN DA 99 -24.48 51.24 -111.09
N ALA DA 100 -24.68 50.33 -112.04
CA ALA DA 100 -23.56 49.90 -112.87
C ALA DA 100 -22.86 51.10 -113.49
N SER DA 101 -23.60 52.17 -113.79
CA SER DA 101 -22.97 53.37 -114.33
C SER DA 101 -22.00 53.96 -113.32
N MET DA 102 -22.35 53.90 -112.04
CA MET DA 102 -21.45 54.42 -111.01
C MET DA 102 -20.22 53.53 -110.86
N THR DA 103 -20.42 52.21 -110.92
CA THR DA 103 -19.28 51.29 -110.94
C THR DA 103 -18.33 51.61 -112.09
N VAL DA 104 -18.87 51.74 -113.29
CA VAL DA 104 -18.05 52.03 -114.47
C VAL DA 104 -17.37 53.38 -114.33
N SER DA 105 -18.07 54.36 -113.76
CA SER DA 105 -17.47 55.68 -113.59
C SER DA 105 -16.26 55.60 -112.67
N LEU DA 106 -16.37 54.87 -111.56
CA LEU DA 106 -15.21 54.71 -110.70
C LEU DA 106 -14.08 53.97 -111.41
N LEU DA 107 -14.39 52.95 -112.20
CA LEU DA 107 -13.34 52.24 -112.92
C LEU DA 107 -12.63 53.18 -113.88
N LYS DA 108 -13.39 53.97 -114.64
CA LYS DA 108 -12.78 54.89 -115.60
C LYS DA 108 -11.94 55.95 -114.92
N GLN DA 109 -12.41 56.46 -113.78
CA GLN DA 109 -11.65 57.48 -113.06
C GLN DA 109 -10.35 56.90 -112.50
N ALA DA 110 -10.40 55.67 -111.97
CA ALA DA 110 -9.18 55.02 -111.51
C ALA DA 110 -8.21 54.82 -112.67
N ALA DA 111 -8.72 54.40 -113.82
CA ALA DA 111 -7.86 54.25 -115.00
C ALA DA 111 -7.21 55.57 -115.37
N ASP DA 112 -7.98 56.66 -115.34
CA ASP DA 112 -7.42 57.97 -115.68
C ASP DA 112 -6.35 58.38 -114.66
N TYR DA 113 -6.61 58.18 -113.38
CA TYR DA 113 -5.75 58.77 -112.35
C TYR DA 113 -4.51 57.94 -112.08
N LEU DA 114 -4.58 56.61 -112.19
CA LEU DA 114 -3.41 55.78 -111.93
C LEU DA 114 -2.73 55.26 -113.18
N ALA DA 115 -3.43 55.19 -114.31
CA ALA DA 115 -2.83 54.73 -115.55
C ALA DA 115 -2.78 55.79 -116.63
N GLY DA 116 -3.57 56.85 -116.53
CA GLY DA 116 -3.56 57.90 -117.54
C GLY DA 116 -4.07 57.43 -118.89
N THR DA 117 -5.22 56.77 -118.93
CA THR DA 117 -5.74 56.19 -120.16
C THR DA 117 -7.16 56.59 -120.49
N SER DA 118 -7.75 57.54 -119.77
CA SER DA 118 -9.11 57.98 -120.02
C SER DA 118 -9.32 58.43 -121.47
N ALA DA 119 -10.58 58.38 -121.91
CA ALA DA 119 -10.97 58.93 -123.19
C ALA DA 119 -10.83 60.45 -123.20
N THR DA 120 -10.86 61.04 -124.39
CA THR DA 120 -10.64 62.47 -124.52
C THR DA 120 -11.94 63.25 -124.28
N VAL DA 121 -11.87 64.22 -123.37
CA VAL DA 121 -12.97 65.11 -123.03
C VAL DA 121 -12.39 66.51 -122.83
N SER DA 122 -13.09 67.52 -123.33
CA SER DA 122 -12.64 68.89 -123.16
C SER DA 122 -12.49 69.24 -121.69
N GLY DA 123 -11.34 69.79 -121.33
CA GLY DA 123 -11.09 70.18 -119.97
C GLY DA 123 -10.55 69.10 -119.06
N GLN DA 124 -10.18 67.94 -119.58
CA GLN DA 124 -9.70 66.89 -118.70
C GLN DA 124 -8.27 67.20 -118.31
N THR DA 125 -7.86 66.78 -117.11
CA THR DA 125 -6.47 67.00 -116.76
C THR DA 125 -5.59 65.97 -117.48
N ASP DA 126 -4.41 66.43 -117.89
CA ASP DA 126 -3.47 65.59 -118.61
C ASP DA 126 -2.86 64.59 -117.64
N THR DA 127 -3.23 63.33 -117.77
CA THR DA 127 -2.80 62.26 -116.89
C THR DA 127 -1.75 61.38 -117.52
N SER DA 128 -1.21 61.78 -118.68
CA SER DA 128 -0.29 60.93 -119.42
C SER DA 128 0.94 60.57 -118.59
N GLY DA 129 1.48 61.52 -117.84
CA GLY DA 129 2.66 61.29 -117.04
C GLY DA 129 2.41 60.74 -115.67
N PHE DA 130 1.14 60.61 -115.30
CA PHE DA 130 0.82 60.09 -113.97
C PHE DA 130 1.32 58.68 -113.72
N PRO DA 131 1.20 57.71 -114.64
CA PRO DA 131 1.77 56.39 -114.34
C PRO DA 131 3.27 56.44 -114.09
N ALA DA 132 4.00 57.27 -114.83
CA ALA DA 132 5.41 57.45 -114.55
C ALA DA 132 5.63 57.99 -113.15
N LYS DA 133 4.89 59.05 -112.78
CA LYS DA 133 5.06 59.62 -111.44
C LYS DA 133 4.72 58.59 -110.35
N TRP DA 134 3.69 57.77 -110.58
CA TRP DA 134 3.35 56.75 -109.60
C TRP DA 134 4.49 55.74 -109.47
N ALA DA 135 4.99 55.24 -110.60
CA ALA DA 135 6.09 54.28 -110.58
C ALA DA 135 7.31 54.84 -109.88
N GLY DA 136 7.45 56.18 -109.87
CA GLY DA 136 8.47 56.82 -109.07
C GLY DA 136 8.09 57.11 -107.64
N LEU DA 137 6.91 56.68 -107.19
CA LEU DA 137 6.39 57.00 -105.86
C LEU DA 137 6.31 58.51 -105.64
N MET DA 138 5.61 59.18 -106.56
CA MET DA 138 5.40 60.61 -106.49
C MET DA 138 3.93 60.90 -106.76
N PHE DA 139 3.31 61.67 -105.88
CA PHE DA 139 1.91 62.03 -106.11
C PHE DA 139 1.81 62.93 -107.32
N PRO DA 140 0.87 62.68 -108.25
CA PRO DA 140 0.64 63.50 -109.43
C PRO DA 140 0.26 64.92 -109.07
N ALA EA 1 63.73 103.85 38.30
CA ALA EA 1 63.45 104.57 37.06
C ALA EA 1 63.16 106.04 37.30
N ALA EA 2 63.52 106.87 36.33
CA ALA EA 2 63.28 108.30 36.44
C ALA EA 2 61.77 108.59 36.41
N PRO EA 3 61.31 109.56 37.19
CA PRO EA 3 59.86 109.82 37.23
C PRO EA 3 59.35 110.53 35.99
N SER EA 4 60.21 111.26 35.28
CA SER EA 4 59.78 112.00 34.12
C SER EA 4 60.99 112.29 33.25
N LEU EA 5 60.72 112.57 31.97
CA LEU EA 5 61.75 112.74 30.96
C LEU EA 5 61.37 113.87 30.03
N ALA EA 6 62.37 114.63 29.60
CA ALA EA 6 62.21 115.64 28.55
C ALA EA 6 63.20 115.27 27.46
N LEU EA 7 62.74 114.50 26.47
CA LEU EA 7 63.60 114.01 25.42
C LEU EA 7 63.54 114.97 24.23
N VAL EA 8 64.61 115.00 23.45
CA VAL EA 8 64.65 115.87 22.28
C VAL EA 8 64.18 115.08 21.06
N GLY EA 9 63.21 115.66 20.34
CA GLY EA 9 62.72 115.14 19.07
C GLY EA 9 62.65 116.27 18.06
N ALA EA 10 61.76 116.11 17.08
CA ALA EA 10 61.63 117.07 15.99
C ALA EA 10 60.16 117.39 15.74
N ASN EA 11 59.89 118.67 15.43
CA ASN EA 11 58.56 119.13 15.06
C ASN EA 11 58.36 118.93 13.56
N SER EA 12 57.31 119.54 13.02
CA SER EA 12 57.05 119.43 11.58
C SER EA 12 58.14 120.13 10.76
N THR EA 13 58.80 121.13 11.33
CA THR EA 13 59.93 121.81 10.69
C THR EA 13 61.22 121.02 10.80
N LEU EA 14 61.23 119.94 11.61
CA LEU EA 14 62.42 119.18 12.00
C LEU EA 14 63.35 119.98 12.90
N ALA EA 15 62.86 121.05 13.50
CA ALA EA 15 63.61 121.76 14.53
C ALA EA 15 63.56 120.98 15.84
N SER EA 16 64.64 121.07 16.62
CA SER EA 16 64.73 120.31 17.86
C SER EA 16 63.70 120.82 18.86
N THR EA 17 62.82 119.92 19.30
CA THR EA 17 61.71 120.24 20.18
C THR EA 17 61.68 119.27 21.34
N LEU EA 18 61.31 119.75 22.52
CA LEU EA 18 61.16 118.84 23.64
C LEU EA 18 59.87 118.03 23.51
N VAL EA 19 59.95 116.79 23.99
CA VAL EA 19 58.80 115.90 24.11
C VAL EA 19 58.84 115.29 25.50
N ASN EA 20 57.74 115.45 26.23
CA ASN EA 20 57.71 115.21 27.66
C ASN EA 20 57.02 113.88 27.94
N TYR EA 21 57.72 113.01 28.65
CA TYR EA 21 57.17 111.73 29.11
C TYR EA 21 57.14 111.73 30.63
N SER EA 22 56.20 110.98 31.18
CA SER EA 22 56.12 110.76 32.62
C SER EA 22 55.90 109.29 32.88
N LEU EA 23 56.40 108.82 34.03
CA LEU EA 23 56.38 107.39 34.34
C LEU EA 23 54.95 106.94 34.60
N ARG EA 24 54.43 106.11 33.69
CA ARG EA 24 53.16 105.44 33.97
C ARG EA 24 53.33 104.36 35.01
N SER EA 25 54.20 103.37 34.74
CA SER EA 25 54.31 102.29 35.71
C SER EA 25 55.66 101.60 35.59
N GLN EA 26 56.21 101.19 36.73
CA GLN EA 26 57.38 100.32 36.76
C GLN EA 26 56.94 98.95 37.25
N ASN EA 27 57.08 97.97 36.37
CA ASN EA 27 57.05 96.57 36.72
C ASN EA 27 58.51 96.11 36.93
N GLY EA 28 58.67 94.91 37.46
CA GLY EA 28 60.02 94.42 37.73
C GLY EA 28 60.85 94.30 36.47
N ASN EA 29 61.91 95.11 36.37
CA ASN EA 29 62.74 95.18 35.17
C ASN EA 29 61.92 95.59 33.94
N ASN EA 30 60.92 96.42 34.15
CA ASN EA 30 60.09 96.89 33.04
C ASN EA 30 59.57 98.28 33.38
N VAL EA 31 59.59 99.18 32.40
CA VAL EA 31 59.20 100.56 32.64
C VAL EA 31 58.35 101.05 31.49
N ASP EA 32 57.24 101.73 31.82
CA ASP EA 32 56.31 102.29 30.85
C ASP EA 32 56.14 103.78 31.12
N TYR EA 33 56.49 104.60 30.13
CA TYR EA 33 56.33 106.05 30.12
C TYR EA 33 55.26 106.46 29.12
N VAL EA 34 54.61 107.59 29.40
CA VAL EA 34 53.55 108.15 28.56
C VAL EA 34 53.85 109.60 28.27
N CYS EA 35 53.54 110.04 27.05
CA CYS EA 35 53.79 111.42 26.67
C CYS EA 35 52.71 112.33 27.28
N THR EA 36 53.16 113.41 27.91
CA THR EA 36 52.29 114.35 28.62
C THR EA 36 52.01 115.62 27.83
N ASP EA 37 52.40 115.65 26.56
CA ASP EA 37 52.14 116.81 25.71
C ASP EA 37 50.69 116.76 25.23
N PRO EA 38 50.20 117.87 24.65
CA PRO EA 38 48.91 117.79 23.95
C PRO EA 38 48.95 116.91 22.71
N ASP EA 39 50.13 116.57 22.19
CA ASP EA 39 50.25 115.69 21.02
C ASP EA 39 49.65 114.32 21.28
N SER EA 40 49.91 113.76 22.45
CA SER EA 40 49.37 112.46 22.81
C SER EA 40 48.12 112.63 23.65
N THR EA 41 47.14 111.79 23.35
CA THR EA 41 45.94 111.61 24.14
C THR EA 41 45.82 110.12 24.44
N LEU EA 42 44.88 109.77 25.33
CA LEU EA 42 44.66 108.35 25.59
C LEU EA 42 44.27 107.62 24.32
N SER EA 43 43.52 108.28 23.43
CA SER EA 43 43.07 107.64 22.20
C SER EA 43 44.24 107.39 21.24
N ALA EA 44 45.18 108.33 21.16
CA ALA EA 44 46.34 108.21 20.27
C ALA EA 44 47.58 108.65 21.03
N PRO EA 45 48.15 107.76 21.84
CA PRO EA 45 49.22 108.17 22.77
C PRO EA 45 50.61 108.07 22.17
N GLY EA 46 51.54 108.72 22.87
CA GLY EA 46 52.96 108.50 22.67
C GLY EA 46 53.49 107.73 23.88
N LEU EA 47 54.27 106.70 23.60
CA LEU EA 47 54.58 105.72 24.64
C LEU EA 47 56.04 105.30 24.57
N ILE EA 48 56.59 104.92 25.71
CA ILE EA 48 57.93 104.33 25.79
C ILE EA 48 57.87 103.12 26.70
N ASN EA 49 58.59 102.06 26.31
CA ASN EA 49 58.68 100.82 27.06
C ASN EA 49 60.13 100.37 27.10
N ALA EA 50 60.58 99.91 28.27
CA ALA EA 50 61.95 99.43 28.44
C ALA EA 50 61.98 98.19 29.31
N LYS EA 51 62.63 97.13 28.82
CA LYS EA 51 62.62 95.82 29.44
C LYS EA 51 64.04 95.29 29.55
N PHE EA 52 64.26 94.41 30.54
CA PHE EA 52 65.55 93.78 30.80
C PHE EA 52 65.39 92.27 30.84
N ASP EA 53 65.93 91.58 29.84
CA ASP EA 53 66.05 90.13 29.82
C ASP EA 53 67.39 89.78 30.43
N ILE EA 54 67.40 89.52 31.73
CA ILE EA 54 68.63 89.21 32.47
C ILE EA 54 68.62 87.73 32.80
N LYS EA 55 69.62 87.02 32.29
CA LYS EA 55 69.69 85.59 32.52
C LYS EA 55 70.18 85.30 33.93
N ALA EA 56 69.96 84.06 34.38
CA ALA EA 56 70.40 83.64 35.70
C ALA EA 56 71.90 83.88 35.85
N PRO EA 57 72.37 84.22 37.06
CA PRO EA 57 73.80 84.54 37.21
C PRO EA 57 74.73 83.39 36.91
N GLY EA 58 74.31 82.14 37.16
CA GLY EA 58 75.15 81.01 36.80
C GLY EA 58 75.26 80.82 35.30
N ILE EA 59 74.16 81.00 34.56
CA ILE EA 59 74.12 80.74 33.14
C ILE EA 59 74.88 81.82 32.37
N THR EA 60 75.66 81.40 31.37
CA THR EA 60 76.25 82.33 30.41
C THR EA 60 75.35 82.45 29.20
N GLY EA 61 75.13 83.67 28.77
CA GLY EA 61 74.37 83.95 27.56
C GLY EA 61 74.60 85.40 27.22
N ASN EA 62 73.60 86.02 26.59
CA ASN EA 62 73.57 87.45 26.39
C ASN EA 62 72.47 88.04 27.26
N ASP EA 63 72.80 89.10 27.98
CA ASP EA 63 71.77 89.93 28.59
C ASP EA 63 71.19 90.85 27.53
N ARG EA 64 69.90 91.18 27.66
CA ARG EA 64 69.22 91.93 26.61
C ARG EA 64 68.44 93.11 27.16
N ILE EA 65 68.43 94.20 26.40
CA ILE EA 65 67.64 95.39 26.68
C ILE EA 65 66.68 95.58 25.51
N HIS EA 66 65.39 95.77 25.82
CA HIS EA 66 64.37 96.01 24.80
C HIS EA 66 63.75 97.37 25.04
N ALA EA 67 63.89 98.27 24.07
CA ALA EA 67 63.28 99.60 24.17
C ALA EA 67 62.34 99.81 22.99
N ASN EA 68 61.28 100.56 23.25
CA ASN EA 68 60.26 100.81 22.23
C ASN EA 68 59.70 102.20 22.42
N LEU EA 69 59.79 103.03 21.39
CA LEU EA 69 59.24 104.39 21.39
C LEU EA 69 58.18 104.48 20.30
N ARG EA 70 56.94 104.73 20.69
CA ARG EA 70 55.78 104.65 19.82
C ARG EA 70 55.05 105.98 19.77
N LYS EA 71 54.43 106.24 18.63
CA LYS EA 71 53.43 107.30 18.50
C LYS EA 71 52.26 106.74 17.71
N VAL EA 72 51.07 106.78 18.30
CA VAL EA 72 49.85 106.32 17.64
C VAL EA 72 49.23 107.51 16.93
N VAL EA 73 48.67 107.28 15.75
CA VAL EA 73 47.99 108.31 14.99
C VAL EA 73 46.66 107.76 14.50
N LEU EA 74 45.65 108.63 14.44
CA LEU EA 74 44.32 108.26 14.01
C LEU EA 74 44.09 108.71 12.56
N ASP EA 75 43.45 107.85 11.78
CA ASP EA 75 43.07 108.22 10.42
C ASP EA 75 42.02 109.32 10.45
N GLU EA 76 42.20 110.33 9.61
CA GLU EA 76 41.21 111.41 9.54
C GLU EA 76 39.84 110.86 9.18
N LYS EA 77 39.77 109.98 8.18
CA LYS EA 77 38.48 109.52 7.70
C LYS EA 77 37.88 108.44 8.61
N THR EA 78 38.66 107.44 9.03
CA THR EA 78 38.11 106.31 9.76
C THR EA 78 38.37 106.31 11.26
N ASN EA 79 39.21 107.21 11.76
CA ASN EA 79 39.66 107.24 13.15
C ASN EA 79 40.27 105.92 13.60
N LEU EA 80 40.63 105.06 12.66
CA LEU EA 80 41.33 103.84 12.99
C LEU EA 80 42.78 104.14 13.34
N PRO EA 81 43.32 103.54 14.36
CA PRO EA 81 44.67 103.87 14.80
C PRO EA 81 45.72 103.05 14.09
N SER EA 82 46.74 103.69 13.56
CA SER EA 82 47.96 102.98 13.19
C SER EA 82 49.12 103.67 13.88
N THR EA 83 50.14 102.88 14.19
CA THR EA 83 51.20 103.33 15.07
C THR EA 83 52.55 103.29 14.36
N GLY EA 84 53.41 104.24 14.70
CA GLY EA 84 54.78 104.28 14.19
C GLY EA 84 55.75 104.16 15.35
N SER EA 85 56.83 103.41 15.14
CA SER EA 85 57.65 103.05 16.29
C SER EA 85 59.11 102.86 15.92
N VAL EA 86 59.97 103.15 16.90
CA VAL EA 86 61.38 102.79 16.85
C VAL EA 86 61.66 101.84 18.01
N THR EA 87 62.12 100.63 17.69
CA THR EA 87 62.45 99.63 18.70
C THR EA 87 63.94 99.33 18.63
N ILE EA 88 64.51 99.04 19.80
CA ILE EA 88 65.95 98.87 19.98
C ILE EA 88 66.18 97.65 20.83
N GLN EA 89 67.12 96.80 20.42
CA GLN EA 89 67.48 95.63 21.21
C GLN EA 89 68.99 95.66 21.39
N VAL EA 90 69.42 95.68 22.64
CA VAL EA 90 70.84 95.68 22.98
C VAL EA 90 71.16 94.30 23.54
N SER EA 91 72.09 93.60 22.91
CA SER EA 91 72.52 92.27 23.35
C SER EA 91 73.96 92.37 23.81
N ILE EA 92 74.16 92.23 25.12
CA ILE EA 92 75.45 92.40 25.80
C ILE EA 92 75.92 91.02 26.25
N PRO EA 93 77.08 90.55 25.78
CA PRO EA 93 77.57 89.25 26.21
C PRO EA 93 78.17 89.26 27.61
N ARG EA 94 78.08 88.11 28.28
CA ARG EA 94 78.54 87.93 29.66
C ARG EA 94 80.00 87.50 29.75
N ASN EA 95 80.80 87.77 28.74
CA ASN EA 95 82.23 87.47 28.73
C ASN EA 95 83.01 88.70 29.16
N PRO EA 96 83.92 88.59 30.14
CA PRO EA 96 84.70 89.77 30.55
C PRO EA 96 85.46 90.43 29.42
N ALA EA 97 85.62 89.76 28.29
CA ALA EA 97 86.23 90.38 27.12
C ALA EA 97 85.36 91.48 26.51
N TRP EA 98 84.13 91.63 26.98
CA TRP EA 98 83.23 92.71 26.61
C TRP EA 98 83.05 93.64 27.80
N ASN EA 99 82.82 94.92 27.54
CA ASN EA 99 82.63 95.83 28.66
C ASN EA 99 81.67 96.96 28.28
N ALA EA 100 81.35 97.76 29.30
CA ALA EA 100 80.36 98.81 29.13
C ALA EA 100 80.83 99.85 28.12
N SER EA 101 82.14 100.07 28.01
CA SER EA 101 82.62 101.01 27.00
C SER EA 101 82.22 100.55 25.60
N MET EA 102 82.25 99.23 25.37
CA MET EA 102 81.85 98.70 24.07
C MET EA 102 80.35 98.80 23.88
N THR EA 103 79.58 98.50 24.93
CA THR EA 103 78.13 98.71 24.85
C THR EA 103 77.80 100.16 24.46
N VAL EA 104 78.42 101.11 25.16
CA VAL EA 104 78.17 102.52 24.89
C VAL EA 104 78.65 102.89 23.48
N SER EA 105 79.76 102.31 23.04
CA SER EA 105 80.26 102.61 21.71
C SER EA 105 79.26 102.20 20.65
N LEU EA 106 78.68 101.01 20.78
CA LEU EA 106 77.64 100.60 19.83
C LEU EA 106 76.44 101.54 19.90
N LEU EA 107 76.02 101.92 21.10
CA LEU EA 107 74.90 102.85 21.20
C LEU EA 107 75.19 104.17 20.49
N LYS EA 108 76.37 104.73 20.72
CA LYS EA 108 76.74 106.00 20.10
C LYS EA 108 76.81 105.89 18.60
N GLN EA 109 77.35 104.78 18.08
CA GLN EA 109 77.45 104.62 16.63
C GLN EA 109 76.08 104.49 16.00
N ALA EA 110 75.19 103.72 16.65
CA ALA EA 110 73.82 103.62 16.12
C ALA EA 110 73.15 104.98 16.13
N ALA EA 111 73.34 105.77 17.19
CA ALA EA 111 72.79 107.11 17.23
C ALA EA 111 73.30 107.96 16.09
N ASP EA 112 74.62 107.96 15.87
CA ASP EA 112 75.20 108.72 14.77
C ASP EA 112 74.61 108.28 13.44
N TYR EA 113 74.50 106.97 13.20
CA TYR EA 113 74.18 106.51 11.86
C TYR EA 113 72.70 106.55 11.53
N LEU EA 114 71.81 106.44 12.53
CA LEU EA 114 70.39 106.47 12.24
C LEU EA 114 69.68 107.75 12.68
N ALA EA 115 70.23 108.49 13.64
CA ALA EA 115 69.64 109.74 14.05
C ALA EA 115 70.52 110.95 13.74
N GLY EA 116 71.80 110.74 13.47
CA GLY EA 116 72.70 111.84 13.16
C GLY EA 116 72.88 112.79 14.32
N THR EA 117 73.22 112.25 15.50
CA THR EA 117 73.33 113.06 16.71
C THR EA 117 74.65 112.88 17.45
N SER EA 118 75.64 112.24 16.85
CA SER EA 118 76.95 112.07 17.49
C SER EA 118 77.55 113.40 17.92
N ALA EA 119 78.49 113.32 18.87
CA ALA EA 119 79.29 114.46 19.28
C ALA EA 119 80.27 114.85 18.17
N THR EA 120 80.69 116.11 18.18
CA THR EA 120 81.59 116.59 17.14
C THR EA 120 82.98 116.00 17.32
N VAL EA 121 83.48 115.35 16.27
CA VAL EA 121 84.79 114.72 16.25
C VAL EA 121 85.35 114.88 14.84
N SER EA 122 86.59 115.36 14.73
CA SER EA 122 87.11 115.70 13.42
C SER EA 122 87.23 114.46 12.55
N GLY EA 123 86.79 114.58 11.30
CA GLY EA 123 86.80 113.46 10.38
C GLY EA 123 85.54 112.64 10.35
N GLN EA 124 84.57 112.94 11.20
CA GLN EA 124 83.29 112.24 11.18
C GLN EA 124 82.52 112.58 9.91
N THR EA 125 81.80 111.59 9.40
CA THR EA 125 80.91 111.87 8.29
C THR EA 125 79.72 112.70 8.78
N ASP EA 126 79.25 113.58 7.91
CA ASP EA 126 78.13 114.46 8.24
C ASP EA 126 76.85 113.65 8.18
N THR EA 127 76.39 113.21 9.34
CA THR EA 127 75.24 112.35 9.47
C THR EA 127 73.94 113.12 9.69
N SER EA 128 73.99 114.45 9.58
CA SER EA 128 72.84 115.27 9.92
C SER EA 128 71.62 114.94 9.06
N GLY EA 129 71.83 114.64 7.78
CA GLY EA 129 70.72 114.36 6.89
C GLY EA 129 70.29 112.92 6.86
N PHE EA 130 71.03 112.06 7.55
CA PHE EA 130 70.70 110.63 7.53
C PHE EA 130 69.32 110.32 8.07
N PRO EA 131 68.83 110.92 9.18
CA PRO EA 131 67.46 110.60 9.60
C PRO EA 131 66.42 110.96 8.54
N ALA EA 132 66.61 112.08 7.84
CA ALA EA 132 65.74 112.41 6.72
C ALA EA 132 65.77 111.31 5.66
N LYS EA 133 66.98 110.89 5.26
CA LYS EA 133 67.08 109.86 4.24
C LYS EA 133 66.43 108.57 4.69
N TRP EA 134 66.63 108.18 5.95
CA TRP EA 134 66.01 106.96 6.45
C TRP EA 134 64.49 107.07 6.40
N ALA EA 135 63.94 108.19 6.88
CA ALA EA 135 62.51 108.41 6.83
C ALA EA 135 61.97 108.42 5.41
N GLY EA 136 62.84 108.61 4.43
CA GLY EA 136 62.45 108.42 3.04
C GLY EA 136 62.69 107.04 2.46
N LEU EA 137 63.10 106.07 3.30
CA LEU EA 137 63.52 104.74 2.84
C LEU EA 137 64.62 104.83 1.79
N MET EA 138 65.67 105.58 2.12
CA MET EA 138 66.85 105.76 1.28
C MET EA 138 68.09 105.49 2.10
N PHE EA 139 69.00 104.68 1.58
CA PHE EA 139 70.25 104.46 2.30
C PHE EA 139 71.08 105.73 2.26
N PRO EA 140 71.68 106.14 3.38
CA PRO EA 140 72.56 107.31 3.43
C PRO EA 140 73.74 107.16 2.48
N ALA FA 1 61.20 100.77 48.89
CA ALA FA 1 62.50 100.18 49.19
C ALA FA 1 63.61 101.22 49.08
N ALA FA 2 64.69 101.01 49.82
CA ALA FA 2 65.81 101.94 49.80
C ALA FA 2 66.45 101.95 48.40
N PRO FA 3 66.71 103.13 47.84
CA PRO FA 3 67.27 103.18 46.48
C PRO FA 3 68.71 102.70 46.40
N SER FA 4 69.44 102.70 47.51
CA SER FA 4 70.82 102.24 47.50
C SER FA 4 71.21 101.82 48.91
N LEU FA 5 72.25 100.98 48.98
CA LEU FA 5 72.69 100.37 50.23
C LEU FA 5 74.21 100.35 50.27
N ALA FA 6 74.75 100.55 51.47
CA ALA FA 6 76.18 100.42 51.73
C ALA FA 6 76.32 99.40 52.85
N LEU FA 7 76.51 98.14 52.49
CA LEU FA 7 76.54 97.05 53.47
C LEU FA 7 77.99 96.75 53.85
N VAL FA 8 78.18 96.17 55.02
CA VAL FA 8 79.52 95.81 55.47
C VAL FA 8 79.80 94.36 55.13
N GLY FA 9 80.92 94.11 54.46
CA GLY FA 9 81.41 92.77 54.20
C GLY FA 9 82.87 92.69 54.56
N ALA FA 10 83.60 91.74 53.96
CA ALA FA 10 85.00 91.53 54.28
C ALA FA 10 85.85 91.53 53.03
N ASN FA 11 87.02 92.18 53.10
CA ASN FA 11 87.97 92.18 52.00
C ASN FA 11 88.74 90.86 52.00
N SER FA 12 89.79 90.78 51.19
CA SER FA 12 90.59 89.57 51.15
C SER FA 12 91.26 89.26 52.48
N THR FA 13 91.41 90.26 53.35
CA THR FA 13 92.03 90.09 54.66
C THR FA 13 90.99 89.94 55.77
N LEU FA 14 89.71 89.93 55.43
CA LEU FA 14 88.59 89.84 56.36
C LEU FA 14 88.40 91.12 57.17
N ALA FA 15 88.98 92.22 56.72
CA ALA FA 15 88.69 93.51 57.33
C ALA FA 15 87.34 94.04 56.85
N SER FA 16 86.64 94.74 57.74
CA SER FA 16 85.33 95.26 57.40
C SER FA 16 85.46 96.29 56.28
N THR FA 17 84.74 96.05 55.18
CA THR FA 17 84.81 96.88 53.99
C THR FA 17 83.41 97.14 53.47
N LEU FA 18 83.15 98.34 52.98
CA LEU FA 18 81.84 98.61 52.40
C LEU FA 18 81.69 97.91 51.05
N VAL FA 19 80.44 97.53 50.77
CA VAL FA 19 80.02 96.96 49.51
C VAL FA 19 78.74 97.65 49.10
N ASN FA 20 78.74 98.25 47.92
CA ASN FA 20 77.72 99.20 47.52
C ASN FA 20 76.74 98.56 46.55
N TYR FA 21 75.48 98.58 46.89
CA TYR FA 21 74.41 98.08 46.06
C TYR FA 21 73.47 99.21 45.68
N SER FA 22 72.85 99.08 44.52
CA SER FA 22 71.84 100.02 44.07
C SER FA 22 70.62 99.25 43.59
N LEU FA 23 69.45 99.86 43.79
CA LEU FA 23 68.18 99.21 43.50
C LEU FA 23 67.93 99.16 41.99
N ARG FA 24 67.89 97.96 41.44
CA ARG FA 24 67.66 97.81 40.00
C ARG FA 24 66.19 97.95 39.65
N SER FA 25 65.31 97.22 40.34
CA SER FA 25 63.87 97.31 40.08
C SER FA 25 63.11 96.76 41.28
N GLN FA 26 61.78 96.87 41.22
CA GLN FA 26 60.90 96.32 42.24
C GLN FA 26 59.69 95.72 41.55
N ASN FA 27 59.51 94.40 41.70
CA ASN FA 27 58.40 93.61 41.16
C ASN FA 27 57.41 93.31 42.28
N GLY FA 28 56.47 92.42 42.01
CA GLY FA 28 55.51 91.99 43.00
C GLY FA 28 56.18 91.35 44.20
N ASN FA 29 56.11 92.06 45.32
CA ASN FA 29 56.60 91.58 46.61
C ASN FA 29 58.06 91.14 46.54
N ASN FA 30 58.89 91.90 45.81
CA ASN FA 30 60.30 91.56 45.75
C ASN FA 30 61.10 92.81 45.42
N VAL FA 31 62.41 92.69 45.55
CA VAL FA 31 63.36 93.79 45.41
C VAL FA 31 64.67 93.21 44.87
N ASP FA 32 65.25 93.89 43.89
CA ASP FA 32 66.47 93.44 43.22
C ASP FA 32 67.53 94.53 43.29
N TYR FA 33 68.66 94.22 43.94
CA TYR FA 33 69.80 95.12 44.07
C TYR FA 33 71.00 94.55 43.33
N VAL FA 34 71.84 95.46 42.82
CA VAL FA 34 73.04 95.12 42.06
C VAL FA 34 74.23 95.84 42.68
N CYS FA 35 75.38 95.17 42.72
CA CYS FA 35 76.57 95.78 43.27
C CYS FA 35 77.17 96.76 42.26
N THR FA 36 77.51 97.96 42.75
CA THR FA 36 78.02 99.05 41.92
C THR FA 36 79.51 99.27 42.07
N ASP FA 37 80.21 98.39 42.77
CA ASP FA 37 81.64 98.50 42.93
C ASP FA 37 82.32 98.14 41.61
N PRO FA 38 83.62 98.43 41.48
CA PRO FA 38 84.33 98.03 40.26
C PRO FA 38 84.48 96.53 40.09
N ASP FA 39 84.56 95.77 41.19
CA ASP FA 39 84.81 94.32 41.08
C ASP FA 39 83.61 93.55 40.53
N SER FA 40 82.41 94.12 40.53
CA SER FA 40 81.24 93.46 39.96
C SER FA 40 80.96 94.05 38.57
N THR FA 41 80.79 93.15 37.61
CA THR FA 41 80.46 93.46 36.23
C THR FA 41 79.38 92.52 35.79
N LEU FA 42 78.82 92.75 34.59
CA LEU FA 42 77.76 91.87 34.12
C LEU FA 42 78.26 90.44 33.96
N SER FA 43 79.56 90.28 33.67
CA SER FA 43 80.14 88.94 33.54
C SER FA 43 80.14 88.22 34.88
N ALA FA 44 80.42 88.94 35.97
CA ALA FA 44 80.48 88.34 37.31
C ALA FA 44 79.95 89.33 38.32
N PRO FA 45 78.63 89.43 38.44
CA PRO FA 45 78.02 90.47 39.28
C PRO FA 45 77.86 90.05 40.74
N GLY FA 46 77.56 91.04 41.57
CA GLY FA 46 77.07 90.82 42.92
C GLY FA 46 75.61 91.26 42.99
N LEU FA 47 74.78 90.42 43.62
CA LEU FA 47 73.34 90.61 43.55
C LEU FA 47 72.71 90.38 44.91
N ILE FA 48 71.62 91.09 45.17
CA ILE FA 48 70.79 90.84 46.36
C ILE FA 48 69.33 90.84 45.94
N ASN FA 49 68.56 89.89 46.47
CA ASN FA 49 67.17 89.71 46.08
C ASN FA 49 66.33 89.40 47.31
N ALA FA 50 65.16 90.04 47.40
CA ALA FA 50 64.28 89.83 48.55
C ALA FA 50 62.84 89.69 48.09
N LYS FA 51 62.09 88.81 48.74
CA LYS FA 51 60.71 88.50 48.35
C LYS FA 51 59.88 88.22 49.59
N PHE FA 52 58.61 88.60 49.55
CA PHE FA 52 57.65 88.27 50.59
C PHE FA 52 56.60 87.31 50.06
N ASP FA 53 56.39 86.20 50.77
CA ASP FA 53 55.22 85.34 50.59
C ASP FA 53 54.27 85.68 51.72
N ILE FA 54 53.22 86.43 51.41
CA ILE FA 54 52.32 86.99 52.42
C ILE FA 54 51.00 86.24 52.34
N LYS FA 55 50.63 85.61 53.44
CA LYS FA 55 49.40 84.84 53.47
C LYS FA 55 48.22 85.76 53.78
N ALA FA 56 47.01 85.26 53.54
CA ALA FA 56 45.80 86.06 53.65
C ALA FA 56 45.63 86.59 55.08
N PRO FA 57 44.83 87.64 55.25
CA PRO FA 57 44.60 88.16 56.60
C PRO FA 57 43.99 87.11 57.50
N GLY FA 58 44.36 87.14 58.77
CA GLY FA 58 43.95 86.17 59.75
C GLY FA 58 45.12 85.85 60.65
N ILE FA 59 44.92 84.88 61.53
CA ILE FA 59 46.00 84.45 62.42
C ILE FA 59 46.44 83.02 62.13
N THR FA 60 46.03 82.45 61.00
CA THR FA 60 46.23 81.04 60.75
C THR FA 60 47.61 80.73 60.17
N GLY FA 61 48.09 81.57 59.27
CA GLY FA 61 49.18 81.19 58.39
C GLY FA 61 50.58 81.41 58.96
N ASN FA 62 51.55 81.31 58.04
CA ASN FA 62 52.96 81.61 58.25
C ASN FA 62 53.44 82.48 57.10
N ASP FA 63 53.76 83.75 57.38
CA ASP FA 63 54.37 84.63 56.39
C ASP FA 63 55.83 84.22 56.17
N ARG FA 64 56.37 84.52 54.99
CA ARG FA 64 57.75 84.14 54.69
C ARG FA 64 58.50 85.27 54.00
N ILE FA 65 59.78 85.39 54.35
CA ILE FA 65 60.72 86.33 53.73
C ILE FA 65 61.82 85.50 53.10
N HIS FA 66 62.17 85.81 51.85
CA HIS FA 66 63.23 85.14 51.13
C HIS FA 66 64.27 86.18 50.72
N ALA FA 67 65.49 86.03 51.24
CA ALA FA 67 66.59 86.89 50.84
C ALA FA 67 67.67 86.04 50.20
N ASN FA 68 68.43 86.65 49.30
CA ASN FA 68 69.46 85.91 48.57
C ASN FA 68 70.57 86.88 48.21
N LEU FA 69 71.78 86.62 48.71
CA LEU FA 69 72.95 87.44 48.44
C LEU FA 69 73.95 86.60 47.66
N ARG FA 70 74.22 86.98 46.42
CA ARG FA 70 75.04 86.18 45.53
C ARG FA 70 76.24 86.99 45.03
N LYS FA 71 77.31 86.27 44.72
CA LYS FA 71 78.45 86.82 43.99
C LYS FA 71 78.95 85.79 43.00
N VAL FA 72 79.11 86.21 41.75
CA VAL FA 72 79.60 85.34 40.69
C VAL FA 72 81.10 85.54 40.55
N VAL FA 73 81.82 84.46 40.26
CA VAL FA 73 83.27 84.52 40.07
C VAL FA 73 83.60 83.71 38.82
N LEU FA 74 84.66 84.13 38.14
CA LEU FA 74 85.12 83.49 36.91
C LEU FA 74 86.42 82.73 37.16
N ASP FA 75 86.51 81.54 36.57
CA ASP FA 75 87.72 80.72 36.68
C ASP FA 75 88.90 81.42 36.02
N GLU FA 76 90.05 81.44 36.72
CA GLU FA 76 91.24 82.05 36.12
C GLU FA 76 91.69 81.33 34.86
N LYS FA 77 91.35 80.05 34.73
CA LYS FA 77 91.82 79.28 33.59
C LYS FA 77 90.84 79.31 32.43
N THR FA 78 89.54 79.33 32.72
CA THR FA 78 88.53 79.17 31.69
C THR FA 78 87.48 80.28 31.63
N ASN FA 79 87.52 81.26 32.54
CA ASN FA 79 86.47 82.27 32.67
C ASN FA 79 85.09 81.64 32.83
N LEU FA 80 85.04 80.43 33.37
CA LEU FA 80 83.71 79.86 33.58
C LEU FA 80 83.12 80.34 34.90
N PRO FA 81 81.85 80.71 34.88
CA PRO FA 81 81.24 81.31 36.08
C PRO FA 81 80.79 80.23 37.05
N SER FA 82 81.06 80.45 38.32
CA SER FA 82 80.36 79.76 39.39
C SER FA 82 79.99 80.79 40.44
N THR FA 83 78.89 80.55 41.15
CA THR FA 83 78.33 81.53 42.06
C THR FA 83 78.41 81.04 43.49
N GLY FA 84 78.71 81.97 44.40
CA GLY FA 84 78.59 81.74 45.82
C GLY FA 84 77.40 82.51 46.34
N SER FA 85 76.70 81.94 47.32
CA SER FA 85 75.47 82.57 47.74
C SER FA 85 75.16 82.27 49.20
N VAL FA 86 74.53 83.25 49.86
CA VAL FA 86 73.91 83.08 51.17
C VAL FA 86 72.43 83.40 51.00
N THR FA 87 71.58 82.39 51.20
CA THR FA 87 70.15 82.55 51.12
C THR FA 87 69.55 82.45 52.52
N ILE FA 88 68.48 83.19 52.75
CA ILE FA 88 67.83 83.29 54.05
C ILE FA 88 66.34 83.14 53.85
N GLN FA 89 65.70 82.38 54.74
CA GLN FA 89 64.25 82.26 54.75
C GLN FA 89 63.75 82.46 56.17
N VAL FA 90 62.93 83.50 56.35
CA VAL FA 90 62.30 83.80 57.63
C VAL FA 90 60.85 83.38 57.53
N SER FA 91 60.39 82.63 58.53
CA SER FA 91 59.00 82.19 58.60
C SER FA 91 58.42 82.71 59.91
N ILE FA 92 57.43 83.61 59.80
CA ILE FA 92 56.81 84.35 60.88
C ILE FA 92 55.37 83.84 61.03
N PRO FA 93 55.03 83.16 62.12
CA PRO FA 93 53.64 82.76 62.33
C PRO FA 93 52.75 83.95 62.66
N ARG FA 94 51.46 83.77 62.38
CA ARG FA 94 50.47 84.80 62.61
C ARG FA 94 49.67 84.59 63.91
N ASN FA 95 49.78 83.42 64.52
CA ASN FA 95 49.25 83.18 65.85
C ASN FA 95 49.71 84.29 66.80
N PRO FA 96 48.80 85.03 67.44
CA PRO FA 96 49.21 86.18 68.26
C PRO FA 96 50.15 85.83 69.38
N ALA FA 97 50.42 84.55 69.59
CA ALA FA 97 51.43 84.12 70.55
C ALA FA 97 52.85 84.33 70.03
N TRP FA 98 53.01 84.94 68.86
CA TRP FA 98 54.31 85.29 68.29
C TRP FA 98 54.46 86.81 68.25
N ASN FA 99 55.71 87.28 68.24
CA ASN FA 99 56.00 88.71 68.27
C ASN FA 99 57.02 89.07 67.20
N ALA FA 100 56.89 90.31 66.72
CA ALA FA 100 57.99 90.91 65.99
C ALA FA 100 59.28 90.86 66.81
N SER FA 101 59.18 90.95 68.13
CA SER FA 101 60.37 90.82 68.98
C SER FA 101 60.99 89.44 68.82
N MET FA 102 60.16 88.42 68.69
CA MET FA 102 60.69 87.06 68.52
C MET FA 102 61.34 86.89 67.15
N THR FA 103 60.72 87.47 66.11
CA THR FA 103 61.36 87.51 64.80
C THR FA 103 62.74 88.15 64.86
N VAL FA 104 62.81 89.35 65.46
CA VAL FA 104 64.07 90.06 65.54
C VAL FA 104 65.09 89.27 66.37
N SER FA 105 64.62 88.59 67.41
CA SER FA 105 65.54 87.81 68.24
C SER FA 105 66.15 86.67 67.44
N LEU FA 106 65.35 85.97 66.64
CA LEU FA 106 65.91 84.94 65.78
C LEU FA 106 66.90 85.52 64.78
N LEU FA 107 66.58 86.68 64.20
CA LEU FA 107 67.50 87.30 63.25
C LEU FA 107 68.84 87.62 63.91
N LYS FA 108 68.80 88.22 65.10
CA LYS FA 108 70.01 88.59 65.81
C LYS FA 108 70.82 87.36 66.19
N GLN FA 109 70.15 86.29 66.62
CA GLN FA 109 70.87 85.07 66.99
C GLN FA 109 71.53 84.43 65.79
N ALA FA 110 70.83 84.36 64.65
CA ALA FA 110 71.44 83.83 63.44
C ALA FA 110 72.63 84.67 63.03
N ALA FA 111 72.53 86.00 63.16
CA ALA FA 111 73.64 86.87 62.82
C ALA FA 111 74.84 86.58 63.72
N ASP FA 112 74.62 86.50 65.03
CA ASP FA 112 75.70 86.16 65.96
C ASP FA 112 76.32 84.81 65.62
N TYR FA 113 75.51 83.80 65.30
CA TYR FA 113 76.03 82.44 65.22
C TYR FA 113 76.68 82.13 63.88
N LEU FA 114 76.25 82.78 62.79
CA LEU FA 114 76.85 82.51 61.49
C LEU FA 114 77.72 83.62 60.95
N ALA FA 115 77.55 84.86 61.44
CA ALA FA 115 78.40 85.97 61.03
C ALA FA 115 79.24 86.55 62.15
N GLY FA 116 78.89 86.27 63.42
CA GLY FA 116 79.62 86.80 64.54
C GLY FA 116 79.59 88.31 64.61
N THR FA 117 78.38 88.90 64.54
CA THR FA 117 78.22 90.34 64.48
C THR FA 117 77.32 90.91 65.56
N SER FA 118 76.86 90.09 66.52
CA SER FA 118 75.94 90.55 67.54
C SER FA 118 76.52 91.70 68.36
N ALA FA 119 75.62 92.42 69.05
CA ALA FA 119 76.00 93.46 69.99
C ALA FA 119 76.66 92.84 71.22
N THR FA 120 77.21 93.71 72.06
CA THR FA 120 77.98 93.25 73.22
C THR FA 120 77.07 93.10 74.45
N VAL FA 121 77.12 91.91 75.05
CA VAL FA 121 76.39 91.59 76.27
C VAL FA 121 77.35 90.82 77.16
N SER FA 122 77.07 90.82 78.47
CA SER FA 122 78.03 90.35 79.46
C SER FA 122 78.55 88.96 79.14
N GLY FA 123 77.69 87.96 79.21
CA GLY FA 123 78.18 86.60 79.17
C GLY FA 123 78.21 85.98 77.79
N GLN FA 124 78.30 86.80 76.74
CA GLN FA 124 78.09 86.27 75.41
C GLN FA 124 79.28 85.42 75.01
N THR FA 125 79.05 84.41 74.18
CA THR FA 125 80.19 83.66 73.69
C THR FA 125 80.84 84.42 72.53
N ASP FA 126 82.16 84.23 72.42
CA ASP FA 126 82.95 84.90 71.40
C ASP FA 126 82.69 84.24 70.06
N THR FA 127 82.00 84.97 69.18
CA THR FA 127 81.59 84.44 67.89
C THR FA 127 82.34 85.09 66.74
N SER FA 128 83.41 85.83 67.02
CA SER FA 128 84.13 86.54 65.98
C SER FA 128 84.74 85.58 64.96
N GLY FA 129 85.22 84.42 65.41
CA GLY FA 129 85.84 83.47 64.53
C GLY FA 129 84.91 82.50 63.86
N PHE FA 130 83.63 82.54 64.24
CA PHE FA 130 82.67 81.60 63.68
C PHE FA 130 82.52 81.73 62.17
N PRO FA 131 82.43 82.92 61.56
CA PRO FA 131 82.34 82.95 60.09
C PRO FA 131 83.53 82.29 59.42
N ALA FA 132 84.74 82.48 59.96
CA ALA FA 132 85.90 81.79 59.43
C ALA FA 132 85.74 80.27 59.53
N LYS FA 133 85.31 79.79 60.70
CA LYS FA 133 85.14 78.35 60.86
C LYS FA 133 84.08 77.80 59.92
N TRP FA 134 82.99 78.55 59.71
CA TRP FA 134 81.98 78.10 58.76
C TRP FA 134 82.55 78.03 57.35
N ALA FA 135 83.24 79.10 56.92
CA ALA FA 135 83.82 79.13 55.59
C ALA FA 135 84.84 78.02 55.39
N GLY FA 136 85.38 77.49 56.47
CA GLY FA 136 86.20 76.30 56.38
C GLY FA 136 85.44 74.99 56.45
N LEU FA 137 84.11 75.05 56.46
CA LEU FA 137 83.23 73.88 56.63
C LEU FA 137 83.58 73.11 57.91
N MET FA 138 83.62 73.83 59.02
CA MET FA 138 83.72 73.20 60.33
C MET FA 138 82.82 73.92 61.32
N PHE FA 139 82.27 73.15 62.25
CA PHE FA 139 81.35 73.69 63.21
C PHE FA 139 82.07 74.57 64.24
N PRO FA 140 81.46 75.67 64.67
CA PRO FA 140 81.95 76.49 65.77
C PRO FA 140 82.04 75.66 67.06
N ALA GA 1 56.00 104.24 40.68
CA ALA GA 1 55.08 104.87 41.63
C ALA GA 1 55.82 105.42 42.84
N ALA GA 2 55.12 106.22 43.64
CA ALA GA 2 55.73 106.80 44.83
C ALA GA 2 56.09 105.71 45.83
N PRO GA 3 57.29 105.77 46.41
CA PRO GA 3 57.71 104.70 47.33
C PRO GA 3 57.00 104.75 48.67
N SER GA 4 56.42 105.89 49.04
CA SER GA 4 55.75 106.01 50.33
C SER GA 4 54.75 107.15 50.26
N LEU GA 5 53.72 107.06 51.10
CA LEU GA 5 52.61 108.00 51.11
C LEU GA 5 52.22 108.34 52.54
N ALA GA 6 51.86 109.59 52.75
CA ALA GA 6 51.31 110.06 54.02
C ALA GA 6 49.92 110.60 53.73
N LEU GA 7 48.91 109.74 53.79
CA LEU GA 7 47.56 110.15 53.47
C LEU GA 7 46.87 110.67 54.74
N VAL GA 8 45.83 111.47 54.55
CA VAL GA 8 45.07 112.01 55.67
C VAL GA 8 43.81 111.18 55.87
N GLY GA 9 43.65 110.66 57.08
CA GLY GA 9 42.44 109.97 57.53
C GLY GA 9 41.96 110.58 58.82
N ALA GA 10 41.24 109.77 59.59
CA ALA GA 10 40.61 110.21 60.83
C ALA GA 10 40.90 109.21 61.94
N ASN GA 11 41.21 109.73 63.13
CA ASN GA 11 41.38 108.89 64.31
C ASN GA 11 40.01 108.61 64.93
N SER GA 12 40.02 108.08 66.14
CA SER GA 12 38.75 107.78 66.81
C SER GA 12 37.94 109.03 67.10
N THR GA 13 38.60 110.19 67.22
CA THR GA 13 37.94 111.47 67.43
C THR GA 13 37.41 112.08 66.15
N LEU GA 14 37.72 111.48 65.00
CA LEU GA 14 37.52 112.02 63.66
C LEU GA 14 38.43 113.20 63.35
N ALA GA 15 39.44 113.44 64.19
CA ALA GA 15 40.42 114.47 63.89
C ALA GA 15 41.34 114.02 62.75
N SER GA 16 41.78 114.97 61.93
CA SER GA 16 42.62 114.65 60.78
C SER GA 16 43.96 114.13 61.26
N THR GA 17 44.28 112.89 60.88
CA THR GA 17 45.47 112.18 61.33
C THR GA 17 46.18 111.58 60.12
N LEU GA 18 47.51 111.57 60.13
CA LEU GA 18 48.23 110.93 59.06
C LEU GA 18 48.18 109.41 59.19
N VAL GA 19 48.05 108.75 58.04
CA VAL GA 19 48.16 107.30 57.92
C VAL GA 19 49.19 107.02 56.83
N ASN GA 20 50.19 106.21 57.18
CA ASN GA 20 51.42 106.09 56.42
C ASN GA 20 51.46 104.75 55.70
N TYR GA 21 51.75 104.80 54.40
CA TYR GA 21 51.87 103.61 53.57
C TYR GA 21 53.23 103.57 52.91
N SER GA 22 53.76 102.37 52.71
CA SER GA 22 54.96 102.18 51.91
C SER GA 22 54.65 101.23 50.76
N LEU GA 23 55.37 101.43 49.66
CA LEU GA 23 55.17 100.66 48.44
C LEU GA 23 55.76 99.28 48.62
N ARG GA 24 54.90 98.28 48.79
CA ARG GA 24 55.35 96.91 48.94
C ARG GA 24 55.52 96.20 47.59
N SER GA 25 54.58 96.36 46.65
CA SER GA 25 54.80 95.71 45.36
C SER GA 25 54.25 96.57 44.23
N GLN GA 26 54.77 96.31 43.03
CA GLN GA 26 54.25 96.91 41.81
C GLN GA 26 54.52 95.91 40.68
N ASN GA 27 53.46 95.53 39.99
CA ASN GA 27 53.53 94.46 39.00
C ASN GA 27 52.38 94.59 38.03
N GLY GA 28 52.69 94.58 36.73
CA GLY GA 28 51.68 94.52 35.69
C GLY GA 28 50.61 95.57 35.82
N ASN GA 29 51.02 96.82 35.72
CA ASN GA 29 50.12 97.97 35.91
C ASN GA 29 49.28 97.79 37.18
N ASN GA 30 49.93 97.34 38.23
CA ASN GA 30 49.25 97.14 39.50
C ASN GA 30 50.20 97.62 40.59
N VAL GA 31 49.65 98.28 41.62
CA VAL GA 31 50.45 98.91 42.66
C VAL GA 31 49.83 98.60 44.01
N ASP GA 32 50.63 98.09 44.96
CA ASP GA 32 50.16 97.64 46.26
C ASP GA 32 51.00 98.27 47.37
N TYR GA 33 50.33 99.00 48.25
CA TYR GA 33 50.91 99.65 49.41
C TYR GA 33 50.44 98.97 50.69
N VAL GA 34 51.29 99.03 51.73
CA VAL GA 34 50.93 98.52 53.05
C VAL GA 34 51.12 99.62 54.08
N CYS GA 35 50.27 99.61 55.11
CA CYS GA 35 50.30 100.63 56.14
C CYS GA 35 51.42 100.34 57.14
N THR GA 36 52.23 101.35 57.41
CA THR GA 36 53.41 101.22 58.26
C THR GA 36 53.13 101.57 59.72
N ASP GA 37 51.92 101.98 60.04
CA ASP GA 37 51.59 102.45 61.38
C ASP GA 37 51.43 101.26 62.32
N PRO GA 38 51.35 101.51 63.63
CA PRO GA 38 51.14 100.39 64.57
C PRO GA 38 49.78 99.73 64.45
N ASP GA 39 48.76 100.45 63.97
CA ASP GA 39 47.43 99.87 63.89
C ASP GA 39 47.29 98.80 62.81
N SER GA 40 48.24 98.72 61.88
CA SER GA 40 48.26 97.64 60.89
C SER GA 40 49.29 96.61 61.35
N THR GA 41 48.81 95.40 61.63
CA THR GA 41 49.65 94.28 61.98
C THR GA 41 49.69 93.31 60.81
N LEU GA 42 50.53 92.28 60.94
CA LEU GA 42 50.56 91.23 59.92
C LEU GA 42 49.21 90.54 59.83
N SER GA 43 48.57 90.31 60.98
CA SER GA 43 47.35 89.54 60.98
C SER GA 43 46.17 90.38 60.49
N ALA GA 44 46.20 91.68 60.81
CA ALA GA 44 45.12 92.61 60.45
C ALA GA 44 45.74 93.88 59.88
N PRO GA 45 46.07 93.87 58.60
CA PRO GA 45 46.83 94.99 58.01
C PRO GA 45 45.92 96.07 57.42
N GLY GA 46 46.55 97.19 57.08
CA GLY GA 46 45.94 98.21 56.24
C GLY GA 46 46.61 98.18 54.87
N LEU GA 47 45.81 98.21 53.82
CA LEU GA 47 46.32 97.92 52.49
C LEU GA 47 45.73 98.85 51.45
N ILE GA 48 46.48 99.10 50.39
CA ILE GA 48 46.00 99.86 49.24
C ILE GA 48 46.39 99.13 47.96
N ASN GA 49 45.46 99.14 47.00
CA ASN GA 49 45.62 98.48 45.71
C ASN GA 49 45.18 99.43 44.60
N ALA GA 50 45.88 99.41 43.46
CA ALA GA 50 45.50 100.27 42.33
C ALA GA 50 45.90 99.61 41.01
N LYS GA 51 44.92 99.43 40.11
CA LYS GA 51 45.07 98.74 38.84
C LYS GA 51 44.67 99.65 37.68
N PHE GA 52 45.28 99.39 36.52
CA PHE GA 52 44.95 100.06 35.27
C PHE GA 52 44.52 99.03 34.23
N ASP GA 53 43.26 99.12 33.79
CA ASP GA 53 42.80 98.42 32.59
C ASP GA 53 42.95 99.41 31.44
N ILE GA 54 44.05 99.29 30.70
CA ILE GA 54 44.33 100.19 29.59
C ILE GA 54 43.96 99.48 28.29
N LYS GA 55 42.97 100.04 27.60
CA LYS GA 55 42.51 99.48 26.34
C LYS GA 55 43.52 99.78 25.25
N ALA GA 56 43.48 98.95 24.20
CA ALA GA 56 44.29 99.15 22.99
C ALA GA 56 44.05 100.53 22.42
N PRO GA 57 45.01 101.11 21.68
CA PRO GA 57 44.80 102.43 21.11
C PRO GA 57 43.55 102.45 20.24
N GLY GA 58 42.89 103.60 20.24
CA GLY GA 58 41.65 103.72 19.52
C GLY GA 58 40.79 104.81 20.11
N ILE GA 59 39.79 105.19 19.34
CA ILE GA 59 38.87 106.24 19.77
C ILE GA 59 37.66 105.67 20.49
N THR GA 60 37.50 104.35 20.50
CA THR GA 60 36.36 103.68 21.12
C THR GA 60 36.78 102.97 22.39
N GLY GA 61 35.84 102.83 23.32
CA GLY GA 61 36.06 102.12 24.56
C GLY GA 61 36.29 103.06 25.72
N ASN GA 62 36.38 102.44 26.91
CA ASN GA 62 36.68 103.13 28.15
C ASN GA 62 37.96 102.54 28.76
N ASP GA 63 38.85 103.42 29.22
CA ASP GA 63 39.94 103.03 30.10
C ASP GA 63 39.42 102.96 31.53
N ARG GA 64 40.04 102.12 32.36
CA ARG GA 64 39.53 101.97 33.71
C ARG GA 64 40.65 101.99 34.76
N ILE GA 65 40.35 102.64 35.89
CA ILE GA 65 41.21 102.69 37.06
C ILE GA 65 40.47 102.00 38.20
N HIS GA 66 41.15 101.11 38.90
CA HIS GA 66 40.59 100.46 40.07
C HIS GA 66 41.46 100.78 41.29
N ALA GA 67 40.81 101.05 42.42
CA ALA GA 67 41.55 101.37 43.64
C ALA GA 67 40.80 100.82 44.83
N ASN GA 68 41.55 100.29 45.79
CA ASN GA 68 40.95 99.69 46.97
C ASN GA 68 41.75 100.10 48.20
N LEU GA 69 41.06 100.64 49.20
CA LEU GA 69 41.66 101.00 50.48
C LEU GA 69 40.99 100.18 51.57
N ARG GA 70 41.77 99.32 52.21
CA ARG GA 70 41.29 98.28 53.11
C ARG GA 70 41.89 98.44 54.50
N LYS GA 71 41.10 98.11 55.51
CA LYS GA 71 41.58 97.88 56.86
C LYS GA 71 40.97 96.59 57.37
N VAL GA 72 41.82 95.64 57.78
CA VAL GA 72 41.37 94.37 58.33
C VAL GA 72 41.26 94.50 59.84
N VAL GA 73 40.25 93.87 60.41
CA VAL GA 73 40.06 93.86 61.85
C VAL GA 73 39.73 92.44 62.29
N LEU GA 74 40.26 92.05 63.44
CA LEU GA 74 40.07 90.71 63.99
C LEU GA 74 38.95 90.71 65.03
N ASP GA 75 38.16 89.64 65.03
CA ASP GA 75 37.11 89.48 66.04
C ASP GA 75 37.74 89.31 67.42
N GLU GA 76 37.10 89.92 68.43
CA GLU GA 76 37.65 89.87 69.77
C GLU GA 76 37.74 88.44 70.28
N LYS GA 77 36.70 87.64 70.04
CA LYS GA 77 36.65 86.27 70.55
C LYS GA 77 37.25 85.29 69.55
N THR GA 78 36.69 85.25 68.32
CA THR GA 78 37.06 84.22 67.37
C THR GA 78 38.37 84.51 66.63
N ASN GA 79 38.87 85.76 66.68
CA ASN GA 79 40.05 86.19 65.94
C ASN GA 79 39.91 85.99 64.42
N LEU GA 80 38.68 85.76 63.94
CA LEU GA 80 38.42 85.71 62.51
C LEU GA 80 38.50 87.12 61.94
N PRO GA 81 39.13 87.29 60.79
CA PRO GA 81 39.27 88.62 60.22
C PRO GA 81 38.08 89.00 59.37
N SER GA 82 37.56 90.19 59.56
CA SER GA 82 36.69 90.80 58.57
C SER GA 82 37.27 92.16 58.19
N THR GA 83 37.04 92.56 56.95
CA THR GA 83 37.73 93.70 56.39
C THR GA 83 36.74 94.77 55.92
N GLY GA 84 37.08 96.03 56.20
CA GLY GA 84 36.30 97.17 55.76
C GLY GA 84 37.06 97.90 54.67
N SER GA 85 36.32 98.39 53.66
CA SER GA 85 37.03 98.84 52.46
C SER GA 85 36.25 99.91 51.70
N VAL GA 86 36.98 100.89 51.19
CA VAL GA 86 36.46 101.85 50.22
C VAL GA 86 37.15 101.56 48.89
N THR GA 87 36.36 101.25 47.88
CA THR GA 87 36.89 100.92 46.57
C THR GA 87 36.29 101.83 45.50
N ILE GA 88 37.13 102.23 44.53
CA ILE GA 88 36.80 103.24 43.53
C ILE GA 88 37.08 102.64 42.15
N GLN GA 89 36.15 102.86 41.22
CA GLN GA 89 36.35 102.58 39.82
C GLN GA 89 36.14 103.85 39.01
N VAL GA 90 37.15 104.24 38.25
CA VAL GA 90 37.10 105.38 37.35
C VAL GA 90 37.04 104.86 35.93
N SER GA 91 36.05 105.29 35.16
CA SER GA 91 35.87 104.88 33.77
C SER GA 91 35.96 106.12 32.89
N ILE GA 92 37.03 106.20 32.09
CA ILE GA 92 37.39 107.34 31.28
C ILE GA 92 37.16 106.96 29.81
N PRO GA 93 36.18 107.56 29.13
CA PRO GA 93 35.98 107.26 27.71
C PRO GA 93 37.11 107.81 26.85
N ARG GA 94 37.14 107.32 25.61
CA ARG GA 94 38.18 107.72 24.65
C ARG GA 94 37.67 108.63 23.54
N ASN GA 95 36.37 108.85 23.44
CA ASN GA 95 35.86 109.87 22.53
C ASN GA 95 36.51 111.21 22.85
N PRO GA 96 37.11 111.90 21.87
CA PRO GA 96 37.81 113.17 22.16
C PRO GA 96 36.91 114.20 22.80
N ALA GA 97 35.61 113.95 22.83
CA ALA GA 97 34.67 114.81 23.53
C ALA GA 97 34.72 114.65 25.05
N TRP GA 98 35.66 113.84 25.56
CA TRP GA 98 35.93 113.74 26.99
C TRP GA 98 37.26 114.40 27.31
N ASN GA 99 37.41 114.87 28.55
CA ASN GA 99 38.63 115.54 28.98
C ASN GA 99 39.12 115.00 30.30
N ALA GA 100 40.44 115.06 30.45
CA ALA GA 100 41.02 114.88 31.78
C ALA GA 100 40.38 115.84 32.77
N SER GA 101 40.00 117.04 32.32
CA SER GA 101 39.32 117.97 33.22
C SER GA 101 38.01 117.39 33.71
N MET GA 102 37.31 116.67 32.85
CA MET GA 102 36.04 116.05 33.26
C MET GA 102 36.29 114.90 34.23
N THR GA 103 37.35 114.11 33.97
CA THR GA 103 37.74 113.07 34.93
C THR GA 103 38.02 113.68 36.30
N VAL GA 104 38.84 114.73 36.34
CA VAL GA 104 39.20 115.35 37.60
C VAL GA 104 37.97 115.96 38.26
N SER GA 105 37.06 116.52 37.47
CA SER GA 105 35.86 117.10 38.04
C SER GA 105 35.02 116.04 38.74
N LEU GA 106 34.86 114.88 38.11
CA LEU GA 106 34.13 113.80 38.77
C LEU GA 106 34.85 113.34 40.04
N LEU GA 107 36.18 113.25 40.00
CA LEU GA 107 36.91 112.85 41.20
C LEU GA 107 36.68 113.84 42.34
N LYS GA 108 36.78 115.13 42.04
CA LYS GA 108 36.61 116.16 43.06
C LYS GA 108 35.19 116.14 43.62
N GLN GA 109 34.19 115.94 42.76
CA GLN GA 109 32.81 115.91 43.22
C GLN GA 109 32.56 114.70 44.10
N ALA GA 110 33.10 113.54 43.73
CA ALA GA 110 32.98 112.37 44.58
C ALA GA 110 33.64 112.60 45.94
N ALA GA 111 34.82 113.23 45.93
CA ALA GA 111 35.48 113.56 47.19
C ALA GA 111 34.61 114.47 48.04
N ASP GA 112 33.99 115.48 47.43
CA ASP GA 112 33.13 116.38 48.18
C ASP GA 112 31.93 115.65 48.74
N TYR GA 113 31.30 114.79 47.95
CA TYR GA 113 30.00 114.23 48.34
C TYR GA 113 30.12 113.04 49.27
N LEU GA 114 31.17 112.23 49.15
CA LEU GA 114 31.31 111.07 50.02
C LEU GA 114 32.35 111.26 51.12
N ALA GA 115 33.30 112.18 50.97
CA ALA GA 115 34.28 112.44 52.00
C ALA GA 115 34.21 113.83 52.60
N GLY GA 116 33.57 114.78 51.92
CA GLY GA 116 33.46 116.13 52.44
C GLY GA 116 34.80 116.84 52.54
N THR GA 117 35.58 116.82 51.44
CA THR GA 117 36.93 117.37 51.46
C THR GA 117 37.19 118.39 50.34
N SER GA 118 36.17 118.78 49.59
CA SER GA 118 36.35 119.75 48.50
C SER GA 118 37.02 121.04 48.98
N ALA GA 119 37.64 121.74 48.02
CA ALA GA 119 38.17 123.07 48.26
C ALA GA 119 37.04 124.06 48.51
N THR GA 120 37.41 125.23 49.04
CA THR GA 120 36.40 126.22 49.40
C THR GA 120 36.00 127.06 48.20
N VAL GA 121 34.69 127.14 47.95
CA VAL GA 121 34.10 127.94 46.89
C VAL GA 121 32.81 128.55 47.45
N SER GA 122 32.57 129.81 47.10
CA SER GA 122 31.37 130.50 47.55
C SER GA 122 30.12 129.75 47.08
N GLY GA 123 29.22 129.48 48.02
CA GLY GA 123 27.99 128.80 47.70
C GLY GA 123 28.04 127.30 47.70
N GLN GA 124 29.13 126.69 48.17
CA GLN GA 124 29.21 125.24 48.14
C GLN GA 124 28.38 124.70 49.29
N THR GA 125 27.81 123.51 49.11
CA THR GA 125 27.09 122.93 50.24
C THR GA 125 28.08 122.37 51.24
N ASP GA 126 27.74 122.51 52.52
CA ASP GA 126 28.59 122.04 53.60
C ASP GA 126 28.52 120.53 53.67
N THR GA 127 29.62 119.88 53.28
CA THR GA 127 29.71 118.45 53.21
C THR GA 127 30.51 117.85 54.35
N SER GA 128 30.83 118.66 55.36
CA SER GA 128 31.71 118.21 56.44
C SER GA 128 31.14 117.00 57.17
N GLY GA 129 29.83 116.99 57.40
CA GLY GA 129 29.20 115.90 58.12
C GLY GA 129 28.76 114.74 57.26
N PHE GA 130 28.92 114.88 55.95
CA PHE GA 130 28.51 113.81 55.05
C PHE GA 130 29.25 112.49 55.29
N PRO GA 131 30.57 112.45 55.49
CA PRO GA 131 31.20 111.15 55.77
C PRO GA 131 30.63 110.48 57.01
N ALA GA 132 30.34 111.26 58.05
CA ALA GA 132 29.69 110.70 59.23
C ALA GA 132 28.33 110.11 58.87
N LYS GA 133 27.51 110.86 58.13
CA LYS GA 133 26.20 110.35 57.76
C LYS GA 133 26.31 109.09 56.91
N TRP GA 134 27.29 109.03 56.01
CA TRP GA 134 27.48 107.83 55.20
C TRP GA 134 27.85 106.65 56.09
N ALA GA 135 28.83 106.85 56.99
CA ALA GA 135 29.24 105.77 57.88
C ALA GA 135 28.07 105.28 58.73
N GLY GA 136 27.08 106.13 58.97
CA GLY GA 136 25.85 105.70 59.60
C GLY GA 136 24.80 105.14 58.67
N LEU GA 137 25.11 104.99 57.39
CA LEU GA 137 24.13 104.55 56.37
C LEU GA 137 22.92 105.48 56.33
N MET GA 138 23.20 106.77 56.16
CA MET GA 138 22.18 107.80 56.05
C MET GA 138 22.50 108.67 54.85
N PHE GA 139 21.53 108.89 53.98
CA PHE GA 139 21.75 109.77 52.85
C PHE GA 139 21.90 111.20 53.35
N PRO GA 140 22.92 111.95 52.88
CA PRO GA 140 23.16 113.34 53.24
C PRO GA 140 21.98 114.23 52.85
N ALA HA 1 -115.53 22.19 48.59
CA ALA HA 1 -115.17 23.56 48.92
C ALA HA 1 -116.33 24.53 48.66
N ALA HA 2 -116.38 25.59 49.45
CA ALA HA 2 -117.42 26.60 49.30
C ALA HA 2 -117.22 27.34 47.97
N PRO HA 3 -118.31 27.68 47.28
CA PRO HA 3 -118.17 28.36 45.98
C PRO HA 3 -117.75 29.80 46.10
N SER HA 4 -118.03 30.45 47.22
CA SER HA 4 -117.70 31.86 47.39
C SER HA 4 -117.66 32.17 48.89
N LEU HA 5 -116.96 33.26 49.21
CA LEU HA 5 -116.69 33.65 50.58
C LEU HA 5 -116.81 35.15 50.72
N ALA HA 6 -117.33 35.60 51.85
CA ALA HA 6 -117.34 37.00 52.23
C ALA HA 6 -116.62 37.09 53.56
N LEU HA 7 -115.31 37.35 53.52
CA LEU HA 7 -114.49 37.38 54.72
C LEU HA 7 -114.41 38.80 55.24
N VAL HA 8 -114.19 38.93 56.54
CA VAL HA 8 -114.06 40.26 57.14
C VAL HA 8 -112.60 40.67 57.18
N GLY HA 9 -112.30 41.86 56.66
CA GLY HA 9 -110.99 42.47 56.72
C GLY HA 9 -111.14 43.92 57.17
N ALA HA 10 -110.16 44.74 56.78
CA ALA HA 10 -110.11 46.14 57.18
C ALA HA 10 -109.82 47.04 56.00
N ASN HA 11 -110.46 48.20 55.98
CA ASN HA 11 -110.22 49.23 54.97
C ASN HA 11 -109.06 50.11 55.43
N SER HA 12 -108.88 51.25 54.75
CA SER HA 12 -107.82 52.17 55.13
C SER HA 12 -108.05 52.78 56.51
N THR HA 13 -109.31 52.88 56.93
CA THR HA 13 -109.67 53.35 58.28
C THR HA 13 -109.49 52.27 59.33
N LEU HA 14 -109.25 51.03 58.91
CA LEU HA 14 -109.25 49.83 59.76
C LEU HA 14 -110.64 49.48 60.28
N ALA HA 15 -111.68 50.02 59.65
CA ALA HA 15 -113.04 49.58 59.94
C ALA HA 15 -113.31 48.24 59.27
N SER HA 16 -114.16 47.43 59.92
CA SER HA 16 -114.45 46.10 59.42
C SER HA 16 -115.18 46.18 58.08
N THR HA 17 -114.60 45.59 57.05
CA THR HA 17 -115.11 45.65 55.68
C THR HA 17 -115.17 44.25 55.11
N LEU HA 18 -116.19 43.98 54.29
CA LEU HA 18 -116.21 42.69 53.62
C LEU HA 18 -115.21 42.67 52.46
N VAL HA 19 -114.65 41.49 52.23
CA VAL HA 19 -113.80 41.21 51.09
C VAL HA 19 -114.27 39.89 50.48
N ASN HA 20 -114.58 39.93 49.19
CA ASN HA 20 -115.33 38.87 48.53
C ASN HA 20 -114.38 38.02 47.70
N TYR HA 21 -114.37 36.73 47.96
CA TYR HA 21 -113.62 35.75 47.19
C TYR HA 21 -114.59 34.80 46.50
N SER HA 22 -114.17 34.26 45.36
CA SER HA 22 -114.93 33.24 44.67
C SER HA 22 -113.97 32.13 44.24
N LEU HA 23 -114.50 30.91 44.17
CA LEU HA 23 -113.68 29.74 43.92
C LEU HA 23 -113.16 29.76 42.49
N ARG HA 24 -111.85 29.95 42.33
CA ARG HA 24 -111.22 29.77 41.04
C ARG HA 24 -111.15 28.29 40.67
N SER HA 25 -110.49 27.49 41.50
CA SER HA 25 -110.36 26.08 41.11
C SER HA 25 -110.12 25.21 42.33
N GLN HA 26 -110.70 24.01 42.30
CA GLN HA 26 -110.40 22.98 43.28
C GLN HA 26 -109.61 21.88 42.58
N ASN HA 27 -108.37 21.70 43.01
CA ASN HA 27 -107.57 20.53 42.75
C ASN HA 27 -107.75 19.55 43.93
N GLY HA 28 -107.27 18.34 43.77
CA GLY HA 28 -107.43 17.36 44.83
C GLY HA 28 -106.75 17.77 46.11
N ASN HA 29 -107.53 18.02 47.16
CA ASN HA 29 -107.01 18.53 48.44
C ASN HA 29 -106.30 19.87 48.25
N ASN HA 30 -106.79 20.69 47.31
CA ASN HA 30 -106.20 22.00 47.09
C ASN HA 30 -107.29 22.92 46.56
N VAL HA 31 -107.31 24.15 47.06
CA VAL HA 31 -108.37 25.10 46.72
C VAL HA 31 -107.75 26.46 46.47
N ASP HA 32 -108.18 27.11 45.38
CA ASP HA 32 -107.72 28.45 45.00
C ASP HA 32 -108.93 29.36 44.82
N TYR HA 33 -108.97 30.43 45.63
CA TYR HA 33 -109.98 31.48 45.58
C TYR HA 33 -109.35 32.78 45.09
N VAL HA 34 -110.18 33.62 44.46
CA VAL HA 34 -109.77 34.90 43.90
C VAL HA 34 -110.70 35.98 44.41
N CYS HA 35 -110.16 37.16 44.67
CA CYS HA 35 -110.97 38.28 45.15
C CYS HA 35 -111.74 38.90 43.99
N THR HA 36 -113.05 39.09 44.19
CA THR HA 36 -113.96 39.59 43.18
C THR HA 36 -114.29 41.07 43.36
N ASP HA 37 -113.60 41.75 44.25
CA ASP HA 37 -113.81 43.18 44.45
C ASP HA 37 -113.10 43.96 43.36
N PRO HA 38 -113.40 45.26 43.24
CA PRO HA 38 -112.57 46.12 42.38
C PRO HA 38 -111.14 46.27 42.88
N ASP HA 39 -110.87 45.94 44.15
CA ASP HA 39 -109.50 46.04 44.70
C ASP HA 39 -108.54 45.14 43.95
N SER HA 40 -108.95 43.92 43.63
CA SER HA 40 -108.11 42.99 42.91
C SER HA 40 -108.46 43.03 41.42
N THR HA 41 -107.42 42.98 40.62
CA THR HA 41 -107.50 42.78 39.18
C THR HA 41 -106.59 41.61 38.83
N LEU HA 42 -106.67 41.14 37.59
CA LEU HA 42 -105.76 40.07 37.19
C LEU HA 42 -104.31 40.51 37.32
N SER HA 43 -104.02 41.79 37.08
CA SER HA 43 -102.65 42.28 37.16
C SER HA 43 -102.16 42.30 38.60
N ALA HA 44 -103.01 42.67 39.55
CA ALA HA 44 -102.64 42.74 40.97
C ALA HA 44 -103.76 42.12 41.79
N PRO HA 45 -103.80 40.80 41.90
CA PRO HA 45 -104.95 40.11 42.48
C PRO HA 45 -104.85 39.92 43.99
N GLY HA 46 -105.99 39.61 44.57
CA GLY HA 46 -106.07 39.08 45.93
C GLY HA 46 -106.43 37.60 45.83
N LEU HA 47 -105.69 36.78 46.57
CA LEU HA 47 -105.75 35.34 46.34
C LEU HA 47 -105.76 34.58 47.66
N ILE HA 48 -106.37 33.40 47.63
CA ILE HA 48 -106.34 32.48 48.76
C ILE HA 48 -106.03 31.09 48.23
N ASN HA 49 -105.21 30.35 48.99
CA ASN HA 49 -104.81 28.98 48.65
C ASN HA 49 -104.87 28.13 49.91
N ALA HA 50 -105.42 26.92 49.78
CA ALA HA 50 -105.53 25.99 50.91
C ALA HA 50 -105.20 24.57 50.48
N LYS HA 51 -104.29 23.93 51.19
CA LYS HA 51 -103.74 22.63 50.83
C LYS HA 51 -103.78 21.69 52.03
N PHE HA 52 -103.84 20.39 51.73
CA PHE HA 52 -103.88 19.33 52.74
C PHE HA 52 -102.78 18.31 52.47
N ASP HA 53 -101.78 18.29 53.34
CA ASP HA 53 -100.75 17.26 53.34
C ASP HA 53 -101.23 16.16 54.28
N ILE HA 54 -101.88 15.14 53.71
CA ILE HA 54 -102.45 14.04 54.48
C ILE HA 54 -101.59 12.81 54.22
N LYS HA 55 -100.99 12.28 55.28
CA LYS HA 55 -100.13 11.12 55.16
C LYS HA 55 -100.96 9.86 54.97
N ALA HA 56 -100.30 8.81 54.50
CA ALA HA 56 -100.97 7.53 54.29
C ALA HA 56 -101.61 7.06 55.60
N PRO HA 57 -102.76 6.37 55.52
CA PRO HA 57 -103.44 5.99 56.77
C PRO HA 57 -102.65 5.04 57.66
N GLY HA 58 -101.81 4.18 57.08
CA GLY HA 58 -100.98 3.33 57.92
C GLY HA 58 -99.90 4.11 58.66
N ILE HA 59 -99.28 5.09 57.99
CA ILE HA 59 -98.15 5.83 58.54
C ILE HA 59 -98.63 6.78 59.63
N THR HA 60 -97.88 6.84 60.74
CA THR HA 60 -98.07 7.88 61.74
C THR HA 60 -97.15 9.06 61.45
N GLY HA 61 -97.70 10.25 61.53
CA GLY HA 61 -96.93 11.47 61.39
C GLY HA 61 -97.81 12.60 61.85
N ASN HA 62 -97.60 13.77 61.25
CA ASN HA 62 -98.50 14.90 61.42
C ASN HA 62 -99.20 15.15 60.09
N ASP HA 63 -100.52 15.31 60.15
CA ASP HA 63 -101.25 15.86 59.02
C ASP HA 63 -101.08 17.38 59.02
N ARG HA 64 -101.08 17.98 57.83
CA ARG HA 64 -100.77 19.40 57.72
C ARG HA 64 -101.79 20.13 56.85
N ILE HA 65 -102.07 21.37 57.25
CA ILE HA 65 -102.91 22.30 56.50
C ILE HA 65 -102.05 23.50 56.15
N HIS HA 66 -102.07 23.91 54.87
CA HIS HA 66 -101.32 25.07 54.42
C HIS HA 66 -102.29 26.09 53.83
N ALA HA 67 -102.35 27.26 54.43
CA ALA HA 67 -103.22 28.33 53.95
C ALA HA 67 -102.38 29.56 53.62
N ASN HA 68 -102.82 30.29 52.60
CA ASN HA 68 -102.08 31.47 52.15
C ASN HA 68 -103.08 32.50 51.65
N LEU HA 69 -103.02 33.70 52.24
CA LEU HA 69 -103.86 34.82 51.84
C LEU HA 69 -102.95 35.95 51.37
N ARG HA 70 -103.08 36.32 50.09
CA ARG HA 70 -102.16 37.21 49.41
C ARG HA 70 -102.91 38.42 48.87
N LYS HA 71 -102.20 39.56 48.81
CA LYS HA 71 -102.63 40.71 48.05
C LYS HA 71 -101.42 41.25 47.30
N VAL HA 72 -101.53 41.31 45.98
CA VAL HA 72 -100.47 41.86 45.13
C VAL HA 72 -100.71 43.34 44.95
N VAL HA 73 -99.63 44.12 44.94
CA VAL HA 73 -99.72 45.56 44.73
C VAL HA 73 -98.68 45.96 43.70
N LEU HA 74 -99.01 46.95 42.88
CA LEU HA 74 -98.12 47.45 41.84
C LEU HA 74 -97.46 48.74 42.29
N ASP HA 75 -96.17 48.87 41.98
CA ASP HA 75 -95.46 50.12 42.25
C ASP HA 75 -96.01 51.23 41.37
N GLU HA 76 -96.24 52.40 41.96
CA GLU HA 76 -96.72 53.54 41.18
C GLU HA 76 -95.75 53.88 40.05
N LYS HA 77 -94.46 53.92 40.35
CA LYS HA 77 -93.49 54.36 39.36
C LYS HA 77 -93.15 53.25 38.36
N THR HA 78 -92.91 52.02 38.82
CA THR HA 78 -92.41 50.98 37.92
C THR HA 78 -93.44 49.94 37.53
N ASN HA 79 -94.64 49.95 38.13
CA ASN HA 79 -95.67 48.94 37.94
C ASN HA 79 -95.16 47.52 38.21
N LEU HA 80 -94.02 47.40 38.86
CA LEU HA 80 -93.53 46.09 39.28
C LEU HA 80 -94.34 45.57 40.45
N PRO HA 81 -94.70 44.31 40.45
CA PRO HA 81 -95.56 43.79 41.51
C PRO HA 81 -94.77 43.29 42.69
N SER HA 82 -95.16 43.71 43.89
CA SER HA 82 -94.71 43.04 45.09
C SER HA 82 -95.94 42.64 45.89
N THR HA 83 -95.83 41.55 46.63
CA THR HA 83 -96.99 40.94 47.24
C THR HA 83 -96.84 40.87 48.75
N GLY HA 84 -97.96 41.02 49.45
CA GLY HA 84 -98.01 40.88 50.90
C GLY HA 84 -98.91 39.72 51.27
N SER HA 85 -98.50 38.95 52.28
CA SER HA 85 -99.20 37.68 52.50
C SER HA 85 -99.19 37.27 53.96
N VAL HA 86 -100.25 36.55 54.33
CA VAL HA 86 -100.32 35.83 55.60
C VAL HA 86 -100.45 34.34 55.29
N THR HA 87 -99.49 33.55 55.75
CA THR HA 87 -99.49 32.11 55.55
C THR HA 87 -99.62 31.40 56.91
N ILE HA 88 -100.30 30.27 56.88
CA ILE HA 88 -100.66 29.54 58.10
C ILE HA 88 -100.39 28.07 57.85
N GLN HA 89 -99.75 27.41 58.82
CA GLN HA 89 -99.50 25.98 58.72
C GLN HA 89 -100.02 25.35 60.00
N VAL HA 90 -100.96 24.43 59.87
CA VAL HA 90 -101.53 23.70 60.99
C VAL HA 90 -100.99 22.28 60.94
N SER HA 91 -100.30 21.86 62.01
CA SER HA 91 -99.74 20.53 62.11
C SER HA 91 -100.48 19.79 63.21
N ILE HA 92 -101.27 18.79 62.82
CA ILE HA 92 -102.15 18.03 63.69
C ILE HA 92 -101.56 16.62 63.84
N PRO HA 93 -101.21 16.18 65.05
CA PRO HA 93 -100.69 14.83 65.22
C PRO HA 93 -101.75 13.75 65.15
N ARG HA 94 -101.32 12.57 64.70
CA ARG HA 94 -102.20 11.42 64.52
C ARG HA 94 -102.33 10.54 65.76
N ASN HA 95 -102.06 11.09 66.94
CA ASN HA 95 -102.20 10.38 68.21
C ASN HA 95 -103.57 10.67 68.81
N PRO HA 96 -104.35 9.66 69.21
CA PRO HA 96 -105.66 9.93 69.82
C PRO HA 96 -105.60 10.84 71.03
N ALA HA 97 -104.42 11.04 71.61
CA ALA HA 97 -104.26 11.98 72.70
C ALA HA 97 -104.43 13.43 72.26
N TRP HA 98 -104.54 13.68 70.96
CA TRP HA 98 -104.86 14.98 70.39
C TRP HA 98 -106.25 14.92 69.77
N ASN HA 99 -106.95 16.05 69.78
CA ASN HA 99 -108.28 16.05 69.18
C ASN HA 99 -108.61 17.40 68.56
N ALA HA 100 -109.76 17.42 67.89
CA ALA HA 100 -110.16 18.60 67.15
C ALA HA 100 -110.38 19.79 68.07
N SER HA 101 -110.79 19.55 69.32
CA SER HA 101 -110.93 20.66 70.25
C SER HA 101 -109.60 21.37 70.46
N MET HA 102 -108.51 20.60 70.49
CA MET HA 102 -107.19 21.20 70.65
C MET HA 102 -106.75 21.92 69.39
N THR HA 103 -107.03 21.32 68.22
CA THR HA 103 -106.76 22.04 66.96
C THR HA 103 -107.46 23.39 66.95
N VAL HA 104 -108.76 23.39 67.26
CA VAL HA 104 -109.54 24.62 67.25
C VAL HA 104 -109.02 25.59 68.31
N SER HA 105 -108.60 25.07 69.46
CA SER HA 105 -108.08 25.96 70.51
C SER HA 105 -106.85 26.69 70.03
N LEU HA 106 -105.92 25.98 69.36
CA LEU HA 106 -104.76 26.67 68.81
C LEU HA 106 -105.16 27.71 67.77
N LEU HA 107 -106.12 27.37 66.90
CA LEU HA 107 -106.57 28.33 65.91
C LEU HA 107 -107.13 29.59 66.57
N LYS HA 108 -107.98 29.41 67.58
CA LYS HA 108 -108.60 30.55 68.25
C LYS HA 108 -107.56 31.40 68.97
N GLN HA 109 -106.57 30.77 69.59
CA GLN HA 109 -105.54 31.53 70.29
C GLN HA 109 -104.69 32.33 69.32
N ALA HA 110 -104.33 31.72 68.19
CA ALA HA 110 -103.58 32.45 67.18
C ALA HA 110 -104.38 33.63 66.65
N ALA HA 111 -105.69 33.43 66.44
CA ALA HA 111 -106.55 34.53 66.01
C ALA HA 111 -106.55 35.65 67.03
N ASP HA 112 -106.74 35.32 68.31
CA ASP HA 112 -106.72 36.33 69.35
C ASP HA 112 -105.40 37.09 69.36
N TYR HA 113 -104.28 36.37 69.28
CA TYR HA 113 -102.99 37.01 69.53
C TYR HA 113 -102.44 37.77 68.33
N LEU HA 114 -102.78 37.37 67.10
CA LEU HA 114 -102.26 38.09 65.95
C LEU HA 114 -103.28 38.93 65.22
N ALA HA 115 -104.57 38.64 65.35
CA ALA HA 115 -105.60 39.47 64.73
C ALA HA 115 -106.49 40.18 65.73
N GLY HA 116 -106.49 39.76 67.00
CA GLY HA 116 -107.29 40.38 68.01
C GLY HA 116 -108.77 40.25 67.75
N THR HA 117 -109.24 39.01 67.50
CA THR HA 117 -110.64 38.76 67.14
C THR HA 117 -111.31 37.71 68.00
N SER HA 118 -110.71 37.29 69.11
CA SER HA 118 -111.33 36.31 69.99
C SER HA 118 -112.72 36.74 70.45
N ALA HA 119 -113.50 35.75 70.88
CA ALA HA 119 -114.80 35.99 71.51
C ALA HA 119 -114.61 36.61 72.89
N THR HA 120 -115.63 37.33 73.35
CA THR HA 120 -115.53 38.01 74.64
C THR HA 120 -115.58 36.98 75.77
N VAL HA 121 -114.57 37.03 76.63
CA VAL HA 121 -114.41 36.13 77.78
C VAL HA 121 -113.77 36.94 78.89
N SER HA 122 -114.35 36.90 80.09
CA SER HA 122 -113.88 37.78 81.14
C SER HA 122 -112.45 37.43 81.54
N GLY HA 123 -111.62 38.46 81.69
CA GLY HA 123 -110.23 38.27 82.02
C GLY HA 123 -109.30 38.16 80.83
N GLN HA 124 -109.81 38.18 79.61
CA GLN HA 124 -108.98 38.16 78.43
C GLN HA 124 -108.20 39.47 78.30
N THR HA 125 -106.98 39.36 77.81
CA THR HA 125 -106.25 40.58 77.49
C THR HA 125 -106.86 41.26 76.28
N ASP HA 126 -106.80 42.59 76.28
CA ASP HA 126 -107.38 43.39 75.20
C ASP HA 126 -106.42 43.31 74.02
N THR HA 127 -106.76 42.44 73.07
CA THR HA 127 -105.92 42.18 71.91
C THR HA 127 -106.29 43.02 70.71
N SER HA 128 -107.19 43.99 70.89
CA SER HA 128 -107.71 44.75 69.76
C SER HA 128 -106.62 45.50 69.01
N GLY HA 129 -105.63 46.03 69.73
CA GLY HA 129 -104.57 46.79 69.10
C GLY HA 129 -103.39 45.97 68.62
N PHE HA 130 -103.41 44.67 68.93
CA PHE HA 130 -102.30 43.81 68.54
C PHE HA 130 -102.06 43.76 67.04
N PRO HA 131 -103.08 43.64 66.18
CA PRO HA 131 -102.79 43.65 64.73
C PRO HA 131 -102.10 44.92 64.29
N ALA HA 132 -102.50 46.07 64.83
CA ALA HA 132 -101.80 47.32 64.54
C ALA HA 132 -100.33 47.21 64.96
N LYS HA 133 -100.07 46.76 66.18
CA LYS HA 133 -98.69 46.65 66.65
C LYS HA 133 -97.89 45.70 65.77
N TRP HA 134 -98.48 44.57 65.38
CA TRP HA 134 -97.76 43.63 64.52
C TRP HA 134 -97.43 44.27 63.18
N ALA HA 135 -98.41 44.95 62.56
CA ALA HA 135 -98.17 45.63 61.29
C ALA HA 135 -97.12 46.73 61.44
N GLY HA 136 -96.85 47.17 62.65
CA GLY HA 136 -95.73 48.06 62.89
C GLY HA 136 -94.42 47.37 63.25
N LEU HA 137 -94.35 46.04 63.19
CA LEU HA 137 -93.21 45.25 63.68
C LEU HA 137 -92.88 45.59 65.13
N MET HA 138 -93.89 45.54 65.98
CA MET HA 138 -93.77 45.77 67.41
C MET HA 138 -94.42 44.62 68.16
N PHE HA 139 -93.73 44.07 69.14
CA PHE HA 139 -94.35 43.03 69.95
C PHE HA 139 -95.45 43.63 70.81
N PRO HA 140 -96.63 43.00 70.89
CA PRO HA 140 -97.72 43.46 71.74
C PRO HA 140 -97.29 43.53 73.20
N ALA IA 1 -119.51 14.27 41.55
CA ALA IA 1 -119.62 13.21 42.55
C ALA IA 1 -120.56 13.61 43.67
N ALA IA 2 -121.17 12.60 44.31
CA ALA IA 2 -122.10 12.87 45.40
C ALA IA 2 -121.37 13.54 46.57
N PRO IA 3 -121.92 14.62 47.13
CA PRO IA 3 -121.21 15.30 48.23
C PRO IA 3 -121.19 14.51 49.51
N SER IA 4 -122.10 13.55 49.71
CA SER IA 4 -122.10 12.76 50.92
C SER IA 4 -122.80 11.44 50.63
N LEU IA 5 -122.50 10.44 51.48
CA LEU IA 5 -122.98 9.09 51.30
C LEU IA 5 -123.38 8.50 52.64
N ALA IA 6 -124.43 7.69 52.63
CA ALA IA 6 -124.86 6.93 53.80
C ALA IA 6 -124.90 5.47 53.38
N LEU IA 7 -123.80 4.76 53.61
CA LEU IA 7 -123.67 3.39 53.15
C LEU IA 7 -124.03 2.42 54.26
N VAL IA 8 -124.44 1.21 53.89
CA VAL IA 8 -124.81 0.20 54.87
C VAL IA 8 -123.60 -0.68 55.17
N GLY IA 9 -123.28 -0.83 56.45
CA GLY IA 9 -122.27 -1.76 56.92
C GLY IA 9 -122.81 -2.56 58.07
N ALA IA 10 -121.92 -3.09 58.92
CA ALA IA 10 -122.33 -3.94 60.02
C ALA IA 10 -121.73 -3.44 61.33
N ASN IA 11 -122.54 -3.46 62.39
CA ASN IA 11 -122.07 -3.10 63.73
C ASN IA 11 -121.31 -4.29 64.33
N SER IA 12 -121.00 -4.20 65.62
CA SER IA 12 -120.30 -5.30 66.28
C SER IA 12 -121.11 -6.59 66.27
N THR IA 13 -122.44 -6.50 66.12
CA THR IA 13 -123.31 -7.66 66.10
C THR IA 13 -123.65 -8.10 64.68
N LEU IA 14 -123.10 -7.43 63.67
CA LEU IA 14 -123.37 -7.70 62.25
C LEU IA 14 -124.75 -7.25 61.82
N ALA IA 15 -125.41 -6.41 62.61
CA ALA IA 15 -126.66 -5.80 62.18
C ALA IA 15 -126.39 -4.67 61.22
N SER IA 16 -127.29 -4.50 60.25
CA SER IA 16 -127.11 -3.45 59.25
C SER IA 16 -127.16 -2.07 59.92
N THR IA 17 -126.11 -1.30 59.72
CA THR IA 17 -125.95 0.01 60.36
C THR IA 17 -125.45 1.01 59.33
N LEU IA 18 -125.94 2.24 59.40
CA LEU IA 18 -125.42 3.25 58.49
C LEU IA 18 -124.01 3.68 58.87
N VAL IA 19 -123.24 4.03 57.84
CA VAL IA 19 -121.89 4.58 57.97
C VAL IA 19 -121.81 5.77 57.03
N ASN IA 20 -121.49 6.93 57.59
CA ASN IA 20 -121.66 8.21 56.91
C ASN IA 20 -120.32 8.71 56.41
N TYR IA 21 -120.24 8.96 55.10
CA TYR IA 21 -119.06 9.52 54.47
C TYR IA 21 -119.41 10.87 53.87
N SER IA 22 -118.41 11.74 53.80
CA SER IA 22 -118.54 13.04 53.15
C SER IA 22 -117.37 13.23 52.20
N LEU IA 23 -117.63 13.94 51.10
CA LEU IA 23 -116.66 14.13 50.03
C LEU IA 23 -115.60 15.13 50.46
N ARG IA 24 -114.35 14.66 50.57
CA ARG IA 24 -113.27 15.56 50.98
C ARG IA 24 -112.77 16.40 49.81
N SER IA 25 -112.46 15.76 48.68
CA SER IA 25 -112.00 16.50 47.50
C SER IA 25 -112.19 15.63 46.26
N GLN IA 26 -111.90 16.22 45.11
CA GLN IA 26 -111.94 15.51 43.83
C GLN IA 26 -110.75 15.96 42.99
N ASN IA 27 -109.86 15.02 42.67
CA ASN IA 27 -108.66 15.21 41.85
C ASN IA 27 -108.92 14.64 40.45
N GLY IA 28 -107.86 14.54 39.65
CA GLY IA 28 -107.94 13.95 38.34
C GLY IA 28 -108.43 12.52 38.39
N ASN IA 29 -109.65 12.32 37.90
CA ASN IA 29 -110.26 11.00 37.74
C ASN IA 29 -110.27 10.22 39.06
N ASN IA 30 -110.54 10.91 40.16
CA ASN IA 30 -110.62 10.23 41.44
C ASN IA 30 -111.51 11.01 42.40
N VAL IA 31 -111.85 10.37 43.51
CA VAL IA 31 -112.78 10.88 44.50
C VAL IA 31 -112.33 10.36 45.86
N ASP IA 32 -112.35 11.24 46.87
CA ASP IA 32 -111.89 10.93 48.22
C ASP IA 32 -113.00 11.25 49.22
N TYR IA 33 -113.47 10.24 49.93
CA TYR IA 33 -114.49 10.37 50.97
C TYR IA 33 -113.91 10.02 52.32
N VAL IA 34 -114.44 10.67 53.36
CA VAL IA 34 -114.01 10.49 54.74
C VAL IA 34 -115.23 10.18 55.61
N CYS IA 35 -115.05 9.28 56.57
CA CYS IA 35 -116.15 8.94 57.47
C CYS IA 35 -116.37 10.03 58.50
N THR IA 36 -117.62 10.43 58.68
CA THR IA 36 -118.01 11.53 59.57
C THR IA 36 -118.64 11.06 60.86
N ASP IA 37 -118.63 9.76 61.13
CA ASP IA 37 -119.17 9.23 62.36
C ASP IA 37 -118.23 9.56 63.51
N PRO IA 38 -118.69 9.40 64.76
CA PRO IA 38 -117.79 9.63 65.89
C PRO IA 38 -116.64 8.65 65.99
N ASP IA 39 -116.81 7.40 65.54
CA ASP IA 39 -115.77 6.39 65.71
C ASP IA 39 -114.54 6.62 64.82
N SER IA 40 -114.66 7.45 63.78
CA SER IA 40 -113.52 7.77 62.92
C SER IA 40 -112.98 9.14 63.30
N THR IA 41 -111.67 9.19 63.50
CA THR IA 41 -110.92 10.39 63.82
C THR IA 41 -109.67 10.41 62.96
N LEU IA 42 -108.93 11.52 62.99
CA LEU IA 42 -107.72 11.58 62.17
C LEU IA 42 -106.71 10.52 62.60
N SER IA 43 -106.74 10.13 63.88
CA SER IA 43 -105.85 9.10 64.36
C SER IA 43 -106.19 7.74 63.75
N ALA IA 44 -107.47 7.46 63.58
CA ALA IA 44 -107.93 6.18 63.02
C ALA IA 44 -109.17 6.41 62.16
N PRO IA 45 -108.98 6.87 60.93
CA PRO IA 45 -110.12 7.27 60.09
C PRO IA 45 -110.72 6.12 59.31
N GLY IA 46 -111.89 6.39 58.74
CA GLY IA 46 -112.48 5.55 57.71
C GLY IA 46 -112.48 6.33 56.40
N LEU IA 47 -112.08 5.65 55.33
CA LEU IA 47 -111.80 6.34 54.07
C LEU IA 47 -112.35 5.54 52.89
N ILE IA 48 -112.76 6.25 51.85
CA ILE IA 48 -113.14 5.63 50.58
C ILE IA 48 -112.48 6.41 49.45
N ASN IA 49 -111.96 5.69 48.45
CA ASN IA 49 -111.22 6.31 47.36
C ASN IA 49 -111.59 5.62 46.05
N ALA IA 50 -111.82 6.40 45.01
CA ALA IA 50 -112.18 5.84 43.70
C ALA IA 50 -111.42 6.55 42.60
N LYS IA 51 -111.02 5.79 41.58
CA LYS IA 51 -110.20 6.32 40.49
C LYS IA 51 -110.58 5.64 39.18
N PHE IA 52 -110.52 6.38 38.08
CA PHE IA 52 -110.71 5.83 36.75
C PHE IA 52 -109.41 5.88 35.96
N ASP IA 53 -109.03 4.74 35.39
CA ASP IA 53 -107.99 4.67 34.36
C ASP IA 53 -108.73 4.53 33.04
N ILE IA 54 -108.79 5.62 32.28
CA ILE IA 54 -109.62 5.68 31.08
C ILE IA 54 -108.71 5.68 29.86
N LYS IA 55 -108.87 4.68 29.01
CA LYS IA 55 -108.03 4.58 27.83
C LYS IA 55 -108.60 5.44 26.72
N ALA IA 56 -107.77 5.67 25.69
CA ALA IA 56 -108.11 6.58 24.61
C ALA IA 56 -109.37 6.10 23.88
N PRO IA 57 -110.05 7.01 23.17
CA PRO IA 57 -111.23 6.60 22.40
C PRO IA 57 -110.90 5.51 21.40
N GLY IA 58 -111.84 4.60 21.20
CA GLY IA 58 -111.68 3.45 20.34
C GLY IA 58 -112.31 2.25 20.99
N ILE IA 59 -112.13 1.09 20.36
CA ILE IA 59 -112.67 -0.14 20.91
C ILE IA 59 -111.57 -1.11 21.33
N THR IA 60 -110.32 -0.63 21.41
CA THR IA 60 -109.19 -1.53 21.60
C THR IA 60 -108.95 -1.85 23.07
N GLY IA 61 -109.09 -0.88 23.96
CA GLY IA 61 -108.52 -0.97 25.28
C GLY IA 61 -109.39 -1.68 26.32
N ASN IA 62 -108.97 -1.50 27.57
CA ASN IA 62 -109.69 -1.93 28.78
C ASN IA 62 -109.68 -0.77 29.76
N ASP IA 63 -110.86 -0.19 30.02
CA ASP IA 63 -111.02 0.82 31.05
C ASP IA 63 -110.95 0.16 32.43
N ARG IA 64 -110.53 0.92 33.44
CA ARG IA 64 -110.42 0.36 34.78
C ARG IA 64 -110.97 1.31 35.83
N ILE IA 65 -111.61 0.73 36.86
CA ILE IA 65 -112.11 1.42 38.03
C ILE IA 65 -111.38 0.86 39.24
N HIS IA 66 -110.89 1.74 40.11
CA HIS IA 66 -110.21 1.36 41.33
C HIS IA 66 -110.96 1.96 42.51
N ALA IA 67 -111.49 1.10 43.37
CA ALA IA 67 -112.13 1.55 44.59
C ALA IA 67 -111.37 0.98 45.78
N ASN IA 68 -111.42 1.71 46.90
CA ASN IA 68 -110.68 1.29 48.09
C ASN IA 68 -111.42 1.80 49.31
N LEU IA 69 -111.87 0.88 50.17
CA LEU IA 69 -112.58 1.20 51.39
C LEU IA 69 -111.72 0.74 52.56
N ARG IA 70 -111.26 1.70 53.37
CA ARG IA 70 -110.32 1.43 54.44
C ARG IA 70 -110.87 1.87 55.78
N LYS IA 71 -110.42 1.20 56.84
CA LYS IA 71 -110.64 1.63 58.21
C LYS IA 71 -109.38 1.37 59.02
N VAL IA 72 -108.92 2.39 59.73
CA VAL IA 72 -107.73 2.28 60.56
C VAL IA 72 -108.15 1.98 61.98
N VAL IA 73 -107.37 1.16 62.68
CA VAL IA 73 -107.65 0.81 64.06
C VAL IA 73 -106.36 0.93 64.85
N LEU IA 74 -106.48 1.26 66.14
CA LEU IA 74 -105.35 1.44 67.02
C LEU IA 74 -105.28 0.31 68.03
N ASP IA 75 -104.07 -0.18 68.29
CA ASP IA 75 -103.86 -1.25 69.27
C ASP IA 75 -104.23 -0.77 70.67
N GLU IA 76 -104.98 -1.60 71.40
CA GLU IA 76 -105.35 -1.23 72.78
C GLU IA 76 -104.11 -1.08 73.67
N LYS IA 77 -103.02 -1.76 73.33
CA LYS IA 77 -101.85 -1.75 74.19
C LYS IA 77 -100.88 -0.65 73.81
N THR IA 78 -100.76 -0.35 72.51
CA THR IA 78 -99.71 0.55 72.03
C THR IA 78 -100.22 1.72 71.19
N ASN IA 79 -101.52 1.80 70.90
CA ASN IA 79 -102.07 2.80 69.97
C ASN IA 79 -101.37 2.74 68.61
N LEU IA 80 -100.83 1.58 68.25
CA LEU IA 80 -100.22 1.54 66.93
C LEU IA 80 -101.27 1.24 65.88
N PRO IA 81 -101.21 1.96 64.76
CA PRO IA 81 -102.26 1.83 63.73
C PRO IA 81 -101.99 0.64 62.83
N SER IA 82 -103.04 -0.11 62.56
CA SER IA 82 -103.06 -1.01 61.42
C SER IA 82 -104.39 -0.83 60.69
N THR IA 83 -104.40 -1.06 59.39
CA THR IA 83 -105.55 -0.75 58.56
C THR IA 83 -106.14 -2.03 57.99
N GLY IA 84 -107.47 -2.06 57.92
CA GLY IA 84 -108.20 -3.09 57.19
C GLY IA 84 -108.77 -2.45 55.95
N SER IA 85 -108.83 -3.23 54.87
CA SER IA 85 -109.25 -2.61 53.61
C SER IA 85 -109.90 -3.63 52.69
N VAL IA 86 -110.87 -3.15 51.92
CA VAL IA 86 -111.43 -3.87 50.78
C VAL IA 86 -111.18 -3.03 49.55
N THR IA 87 -110.38 -3.55 48.63
CA THR IA 87 -110.09 -2.87 47.37
C THR IA 87 -110.75 -3.62 46.23
N ILE IA 88 -111.17 -2.87 45.22
CA ILE IA 88 -111.93 -3.40 44.09
C ILE IA 88 -111.31 -2.84 42.81
N GLN IA 89 -111.17 -3.70 41.81
CA GLN IA 89 -110.72 -3.28 40.49
C GLN IA 89 -111.67 -3.85 39.44
N VAL IA 90 -112.32 -2.97 38.70
CA VAL IA 90 -113.21 -3.34 37.61
C VAL IA 90 -112.48 -3.06 36.31
N SER IA 91 -112.46 -4.04 35.41
CA SER IA 91 -111.85 -3.89 34.10
C SER IA 91 -112.92 -4.16 33.06
N ILE IA 92 -113.25 -3.12 32.28
CA ILE IA 92 -114.32 -3.07 31.30
C ILE IA 92 -113.69 -3.00 29.91
N PRO IA 93 -113.82 -4.04 29.09
CA PRO IA 93 -113.32 -3.96 27.72
C PRO IA 93 -114.16 -3.03 26.85
N ARG IA 94 -113.53 -2.52 25.81
CA ARG IA 94 -114.17 -1.60 24.88
C ARG IA 94 -114.65 -2.28 23.59
N ASN IA 95 -114.24 -3.53 23.35
CA ASN IA 95 -114.80 -4.34 22.27
C ASN IA 95 -116.32 -4.34 22.38
N PRO IA 96 -117.03 -3.91 21.32
CA PRO IA 96 -118.50 -3.77 21.42
C PRO IA 96 -119.22 -5.06 21.76
N ALA IA 97 -118.49 -6.17 21.83
CA ALA IA 97 -119.05 -7.43 22.30
C ALA IA 97 -119.23 -7.45 23.81
N TRP IA 98 -118.95 -6.35 24.51
CA TRP IA 98 -119.16 -6.22 25.94
C TRP IA 98 -120.26 -5.19 26.19
N ASN IA 99 -120.92 -5.31 27.36
CA ASN IA 99 -122.03 -4.44 27.72
C ASN IA 99 -121.87 -3.87 29.11
N ALA IA 100 -122.42 -2.67 29.29
CA ALA IA 100 -122.65 -2.18 30.64
C ALA IA 100 -123.46 -3.19 31.45
N SER IA 101 -124.36 -3.93 30.79
CA SER IA 101 -125.11 -4.97 31.49
C SER IA 101 -124.18 -6.05 32.02
N MET IA 102 -123.14 -6.38 31.26
CA MET IA 102 -122.19 -7.40 31.72
C MET IA 102 -121.35 -6.88 32.87
N THR IA 103 -120.94 -5.60 32.80
CA THR IA 103 -120.27 -4.97 33.95
C THR IA 103 -121.14 -5.06 35.20
N VAL IA 104 -122.39 -4.63 35.09
CA VAL IA 104 -123.28 -4.65 36.24
C VAL IA 104 -123.50 -6.07 36.75
N SER IA 105 -123.57 -7.04 35.83
CA SER IA 105 -123.78 -8.42 36.25
C SER IA 105 -122.59 -8.92 37.07
N LEU IA 106 -121.37 -8.61 36.64
CA LEU IA 106 -120.20 -8.98 37.45
C LEU IA 106 -120.22 -8.30 38.80
N LEU IA 107 -120.60 -7.02 38.84
CA LEU IA 107 -120.67 -6.32 40.13
C LEU IA 107 -121.67 -6.99 41.07
N LYS IA 108 -122.86 -7.30 40.56
CA LYS IA 108 -123.89 -7.93 41.38
C LYS IA 108 -123.45 -9.32 41.86
N GLN IA 109 -122.78 -10.08 41.00
CA GLN IA 109 -122.33 -11.41 41.39
C GLN IA 109 -121.26 -11.33 42.46
N ALA IA 110 -120.29 -10.41 42.31
CA ALA IA 110 -119.29 -10.22 43.34
C ALA IA 110 -119.93 -9.81 44.66
N ALA IA 111 -120.94 -8.94 44.59
CA ALA IA 111 -121.64 -8.53 45.81
C ALA IA 111 -122.30 -9.71 46.49
N ASP IA 112 -123.03 -10.52 45.71
CA ASP IA 112 -123.66 -11.71 46.27
C ASP IA 112 -122.63 -12.66 46.87
N TYR IA 113 -121.49 -12.86 46.20
CA TYR IA 113 -120.59 -13.93 46.62
C TYR IA 113 -119.66 -13.53 47.75
N LEU IA 114 -119.32 -12.24 47.88
CA LEU IA 114 -118.43 -11.82 48.96
C LEU IA 114 -119.12 -11.03 50.06
N ALA IA 115 -120.27 -10.42 49.78
CA ALA IA 115 -121.02 -9.70 50.80
C ALA IA 115 -122.38 -10.31 51.11
N GLY IA 116 -122.90 -11.17 50.23
CA GLY IA 116 -124.20 -11.77 50.45
C GLY IA 116 -125.33 -10.76 50.49
N THR IA 117 -125.40 -9.89 49.48
CA THR IA 117 -126.36 -8.80 49.46
C THR IA 117 -127.24 -8.77 48.22
N SER IA 118 -127.14 -9.77 47.35
CA SER IA 118 -127.91 -9.77 46.11
C SER IA 118 -129.41 -9.71 46.36
N ALA IA 119 -130.14 -9.33 45.31
CA ALA IA 119 -131.60 -9.34 45.32
C ALA IA 119 -132.12 -10.77 45.34
N THR IA 120 -133.43 -10.90 45.54
CA THR IA 120 -134.04 -12.22 45.70
C THR IA 120 -134.49 -12.78 44.35
N VAL IA 121 -134.03 -14.00 44.04
CA VAL IA 121 -134.42 -14.72 42.84
C VAL IA 121 -134.68 -16.17 43.28
N SER IA 122 -135.46 -16.89 42.46
CA SER IA 122 -136.00 -18.18 42.86
C SER IA 122 -134.91 -19.11 43.37
N GLY IA 123 -134.03 -19.55 42.48
CA GLY IA 123 -133.14 -20.64 42.86
C GLY IA 123 -131.81 -20.20 43.43
N GLN IA 124 -131.75 -19.00 44.03
CA GLN IA 124 -130.44 -18.45 44.36
C GLN IA 124 -129.88 -19.21 45.56
N THR IA 125 -128.56 -19.30 45.64
CA THR IA 125 -127.99 -19.91 46.83
C THR IA 125 -127.95 -18.90 47.96
N ASP IA 126 -128.08 -19.42 49.18
CA ASP IA 126 -128.10 -18.58 50.37
C ASP IA 126 -126.69 -18.11 50.66
N THR IA 127 -126.47 -16.81 50.48
CA THR IA 127 -125.15 -16.21 50.62
C THR IA 127 -125.06 -15.31 51.84
N SER IA 128 -126.06 -15.35 52.72
CA SER IA 128 -126.07 -14.46 53.87
C SER IA 128 -124.88 -14.69 54.79
N GLY IA 129 -124.46 -15.95 54.95
CA GLY IA 129 -123.35 -16.27 55.83
C GLY IA 129 -121.99 -16.18 55.20
N PHE IA 130 -121.95 -15.95 53.89
CA PHE IA 130 -120.66 -15.90 53.20
C PHE IA 130 -119.74 -14.80 53.72
N PRO IA 131 -120.18 -13.56 53.99
CA PRO IA 131 -119.24 -12.58 54.53
C PRO IA 131 -118.63 -13.04 55.86
N ALA IA 132 -119.41 -13.68 56.72
CA ALA IA 132 -118.86 -14.24 57.95
C ALA IA 132 -117.80 -15.28 57.65
N LYS IA 133 -118.10 -16.20 56.72
CA LYS IA 133 -117.13 -17.24 56.40
C LYS IA 133 -115.85 -16.64 55.82
N TRP IA 134 -115.98 -15.61 54.98
CA TRP IA 134 -114.79 -14.96 54.44
C TRP IA 134 -113.97 -14.32 55.56
N ALA IA 135 -114.63 -13.55 56.43
CA ALA IA 135 -113.94 -12.90 57.54
C ALA IA 135 -113.27 -13.90 58.46
N GLY IA 136 -113.72 -15.15 58.45
CA GLY IA 136 -113.01 -16.20 59.13
C GLY IA 136 -111.92 -16.87 58.32
N LEU IA 137 -111.64 -16.36 57.13
CA LEU IA 137 -110.69 -16.97 56.19
C LEU IA 137 -111.04 -18.43 55.89
N MET IA 138 -112.29 -18.66 55.50
CA MET IA 138 -112.71 -19.95 54.99
C MET IA 138 -113.64 -19.76 53.81
N PHE IA 139 -113.54 -20.69 52.86
CA PHE IA 139 -114.33 -20.59 51.65
C PHE IA 139 -115.80 -20.89 51.94
N PRO IA 140 -116.72 -20.18 51.26
CA PRO IA 140 -118.15 -20.50 51.30
C PRO IA 140 -118.41 -21.90 50.76
N ALA JA 1 -115.40 23.69 40.63
CA ALA JA 1 -116.23 23.85 39.45
C ALA JA 1 -117.60 23.20 39.62
N ALA JA 2 -118.52 23.49 38.71
CA ALA JA 2 -119.87 22.94 38.79
C ALA JA 2 -119.81 21.42 38.62
N PRO JA 3 -120.54 20.67 39.44
CA PRO JA 3 -120.46 19.20 39.35
C PRO JA 3 -121.18 18.64 38.15
N SER JA 4 -122.09 19.40 37.55
CA SER JA 4 -122.85 18.91 36.39
C SER JA 4 -123.37 20.10 35.61
N LEU JA 5 -123.60 19.87 34.31
CA LEU JA 5 -123.99 20.90 33.37
C LEU JA 5 -125.06 20.36 32.44
N ALA JA 6 -126.02 21.23 32.10
CA ALA JA 6 -127.03 20.93 31.10
C ALA JA 6 -126.89 21.99 30.01
N LEU JA 7 -126.05 21.72 29.01
CA LEU JA 7 -125.80 22.69 27.96
C LEU JA 7 -126.81 22.49 26.82
N VAL JA 8 -127.01 23.53 26.03
CA VAL JA 8 -127.93 23.46 24.89
C VAL JA 8 -127.15 23.20 23.62
N GLY JA 9 -127.51 22.13 22.91
CA GLY JA 9 -127.00 21.82 21.60
C GLY JA 9 -128.16 21.59 20.65
N ALA JA 10 -127.89 20.80 19.61
CA ALA JA 10 -128.85 20.53 18.55
C ALA JA 10 -128.92 19.05 18.27
N ASN JA 11 -130.13 18.54 18.07
CA ASN JA 11 -130.34 17.16 17.66
C ASN JA 11 -130.19 17.07 16.14
N SER JA 12 -130.60 15.93 15.58
CA SER JA 12 -130.50 15.75 14.13
C SER JA 12 -131.38 16.73 13.37
N THR JA 13 -132.46 17.21 13.99
CA THR JA 13 -133.35 18.19 13.39
C THR JA 13 -132.82 19.62 13.51
N LEU JA 14 -131.72 19.81 14.25
CA LEU JA 14 -131.20 21.11 14.68
C LEU JA 14 -132.09 21.78 15.71
N ALA JA 15 -133.06 21.07 16.28
CA ALA JA 15 -133.85 21.62 17.37
C ALA JA 15 -133.01 21.70 18.65
N SER JA 16 -133.28 22.72 19.45
CA SER JA 16 -132.52 22.92 20.69
C SER JA 16 -132.78 21.78 21.66
N THR JA 17 -131.72 21.06 22.02
CA THR JA 17 -131.81 19.87 22.86
C THR JA 17 -130.78 19.96 23.97
N LEU JA 18 -131.11 19.47 25.16
CA LEU JA 18 -130.14 19.45 26.22
C LEU JA 18 -129.12 18.34 26.01
N VAL JA 19 -127.86 18.65 26.34
CA VAL JA 19 -126.77 17.71 26.39
C VAL JA 19 -126.12 17.82 27.76
N ASN JA 20 -126.02 16.69 28.46
CA ASN JA 20 -125.75 16.66 29.89
C ASN JA 20 -124.33 16.17 30.14
N TYR JA 21 -123.59 16.92 30.96
CA TYR JA 21 -122.23 16.58 31.33
C TYR JA 21 -122.12 16.49 32.85
N SER JA 22 -121.27 15.60 33.32
CA SER JA 22 -120.91 15.55 34.74
C SER JA 22 -119.41 15.73 34.89
N LEU JA 23 -119.02 16.31 36.02
CA LEU JA 23 -117.63 16.62 36.31
C LEU JA 23 -116.89 15.34 36.68
N ARG JA 24 -116.07 14.85 35.74
CA ARG JA 24 -115.29 13.66 35.99
C ARG JA 24 -113.95 13.96 36.67
N SER JA 25 -113.22 15.00 36.24
CA SER JA 25 -111.97 15.28 36.94
C SER JA 25 -111.73 16.78 37.00
N GLN JA 26 -110.89 17.18 37.96
CA GLN JA 26 -110.40 18.54 38.07
C GLN JA 26 -109.03 18.47 38.71
N ASN JA 27 -108.03 19.02 38.03
CA ASN JA 27 -106.64 18.87 38.44
C ASN JA 27 -105.82 20.00 37.82
N GLY JA 28 -105.06 20.70 38.67
CA GLY JA 28 -104.09 21.66 38.21
C GLY JA 28 -104.66 22.68 37.25
N ASN JA 29 -105.60 23.48 37.75
CA ASN JA 29 -106.32 24.46 36.94
C ASN JA 29 -106.80 23.84 35.63
N ASN JA 30 -107.33 22.63 35.73
CA ASN JA 30 -107.82 21.92 34.57
C ASN JA 30 -109.12 21.23 34.99
N VAL JA 31 -110.11 21.24 34.10
CA VAL JA 31 -111.45 20.72 34.42
C VAL JA 31 -111.94 19.88 33.25
N ASP JA 32 -112.38 18.66 33.54
CA ASP JA 32 -112.78 17.68 32.52
C ASP JA 32 -114.16 17.12 32.84
N TYR JA 33 -115.09 17.30 31.91
CA TYR JA 33 -116.46 16.81 31.98
C TYR JA 33 -116.68 15.70 30.97
N VAL JA 34 -117.59 14.79 31.29
CA VAL JA 34 -117.99 13.73 30.36
C VAL JA 34 -119.50 13.78 30.16
N CYS JA 35 -119.94 13.41 28.96
CA CYS JA 35 -121.36 13.46 28.62
C CYS JA 35 -122.07 12.23 29.17
N THR JA 36 -123.18 12.47 29.87
CA THR JA 36 -123.94 11.42 30.55
C THR JA 36 -125.06 10.84 29.70
N ASP JA 37 -125.25 11.35 28.49
CA ASP JA 37 -126.36 10.94 27.66
C ASP JA 37 -126.08 9.60 27.02
N PRO JA 38 -127.09 8.96 26.41
CA PRO JA 38 -126.84 7.68 25.75
C PRO JA 38 -125.94 7.78 24.53
N ASP JA 39 -125.90 8.95 23.86
CA ASP JA 39 -125.10 9.07 22.65
C ASP JA 39 -123.59 9.05 22.93
N SER JA 40 -123.16 9.25 24.17
CA SER JA 40 -121.76 9.12 24.53
C SER JA 40 -121.57 7.76 25.19
N THR JA 41 -120.77 6.92 24.56
CA THR JA 41 -120.39 5.62 25.09
C THR JA 41 -118.94 5.68 25.55
N LEU JA 42 -118.49 4.59 26.18
CA LEU JA 42 -117.10 4.50 26.56
C LEU JA 42 -116.20 4.56 25.34
N SER JA 43 -116.61 3.90 24.26
CA SER JA 43 -115.75 3.80 23.10
C SER JA 43 -115.74 5.10 22.31
N ALA JA 44 -116.88 5.80 22.29
CA ALA JA 44 -117.06 7.04 21.54
C ALA JA 44 -117.76 8.06 22.43
N PRO JA 45 -117.01 8.75 23.29
CA PRO JA 45 -117.63 9.61 24.29
C PRO JA 45 -117.80 11.05 23.81
N GLY JA 46 -118.53 11.82 24.60
CA GLY JA 46 -118.56 13.27 24.48
C GLY JA 46 -117.85 13.87 25.67
N LEU JA 47 -116.99 14.85 25.39
CA LEU JA 47 -116.04 15.30 26.41
C LEU JA 47 -115.89 16.82 26.38
N ILE JA 48 -115.57 17.39 27.54
CA ILE JA 48 -115.26 18.81 27.65
C ILE JA 48 -114.01 18.98 28.49
N ASN JA 49 -113.16 19.92 28.08
CA ASN JA 49 -111.89 20.23 28.72
C ASN JA 49 -111.76 21.74 28.87
N ALA JA 50 -111.16 22.19 29.98
CA ALA JA 50 -110.95 23.63 30.19
C ALA JA 50 -109.74 23.86 31.07
N LYS JA 51 -108.78 24.65 30.57
CA LYS JA 51 -107.50 24.93 31.19
C LYS JA 51 -107.31 26.43 31.40
N PHE JA 52 -106.52 26.77 32.42
CA PHE JA 52 -106.11 28.15 32.72
C PHE JA 52 -104.59 28.24 32.70
N ASP JA 53 -104.05 29.02 31.76
CA ASP JA 53 -102.66 29.46 31.82
C ASP JA 53 -102.67 30.81 32.51
N ILE JA 54 -102.38 30.82 33.80
CA ILE JA 54 -102.38 32.04 34.60
C ILE JA 54 -100.94 32.50 34.76
N LYS JA 55 -100.65 33.67 34.21
CA LYS JA 55 -99.32 34.24 34.30
C LYS JA 55 -99.07 34.78 35.71
N ALA JA 56 -97.80 34.88 36.07
CA ALA JA 56 -97.35 35.50 37.32
C ALA JA 56 -97.92 36.90 37.45
N PRO JA 57 -98.10 37.42 38.67
CA PRO JA 57 -98.64 38.77 38.81
C PRO JA 57 -97.78 39.77 38.06
N GLY JA 58 -98.44 40.81 37.55
CA GLY JA 58 -97.74 41.78 36.75
C GLY JA 58 -98.70 42.45 35.80
N ILE JA 59 -98.21 43.57 35.25
CA ILE JA 59 -99.02 44.34 34.31
C ILE JA 59 -98.77 43.92 32.87
N THR JA 60 -97.78 43.06 32.63
CA THR JA 60 -97.42 42.62 31.30
C THR JA 60 -97.84 41.17 31.09
N GLY JA 61 -98.10 40.83 29.83
CA GLY JA 61 -98.44 39.48 29.44
C GLY JA 61 -99.93 39.30 29.21
N ASN JA 62 -100.27 38.10 28.74
CA ASN JA 62 -101.65 37.68 28.54
C ASN JA 62 -101.93 36.45 29.38
N ASP JA 63 -103.08 36.44 30.05
CA ASP JA 63 -103.66 35.23 30.63
C ASP JA 63 -104.40 34.47 29.54
N ARG JA 64 -104.49 33.14 29.68
CA ARG JA 64 -105.13 32.36 28.63
C ARG JA 64 -106.09 31.32 29.18
N ILE JA 65 -107.21 31.16 28.48
CA ILE JA 65 -108.22 30.15 28.76
C ILE JA 65 -108.28 29.22 27.56
N HIS JA 66 -108.25 27.91 27.80
CA HIS JA 66 -108.40 26.93 26.75
C HIS JA 66 -109.64 26.07 27.03
N ALA JA 67 -110.40 25.78 25.99
CA ALA JA 67 -111.60 24.97 26.16
C ALA JA 67 -111.79 24.10 24.93
N ASN JA 68 -112.22 22.86 25.15
CA ASN JA 68 -112.40 21.90 24.06
C ASN JA 68 -113.69 21.14 24.28
N LEU JA 69 -114.56 21.13 23.27
CA LEU JA 69 -115.79 20.36 23.29
C LEU JA 69 -115.73 19.34 22.17
N ARG JA 70 -115.73 18.06 22.54
CA ARG JA 70 -115.43 16.96 21.64
C ARG JA 70 -116.60 15.97 21.59
N LYS JA 71 -116.80 15.38 20.42
CA LYS JA 71 -117.63 14.20 20.28
C LYS JA 71 -116.88 13.20 19.41
N VAL JA 72 -116.68 11.99 19.92
CA VAL JA 72 -116.01 10.93 19.20
C VAL JA 72 -117.05 10.10 18.46
N VAL JA 73 -116.71 9.65 17.26
CA VAL JA 73 -117.60 8.81 16.47
C VAL JA 73 -116.77 7.68 15.89
N LEU JA 74 -117.36 6.49 15.84
CA LEU JA 74 -116.71 5.29 15.34
C LEU JA 74 -117.09 5.03 13.90
N ASP JA 75 -116.12 4.57 13.10
CA ASP JA 75 -116.40 4.19 11.71
C ASP JA 75 -117.32 2.98 11.67
N GLU JA 76 -118.25 2.99 10.71
CA GLU JA 76 -119.22 1.91 10.62
C GLU JA 76 -118.53 0.58 10.38
N LYS JA 77 -117.54 0.55 9.50
CA LYS JA 77 -116.88 -0.71 9.14
C LYS JA 77 -115.67 -0.96 10.03
N THR JA 78 -114.72 -0.01 10.06
CA THR JA 78 -113.45 -0.26 10.73
C THR JA 78 -113.52 -0.05 12.24
N ASN JA 79 -114.56 0.60 12.76
CA ASN JA 79 -114.69 0.95 14.17
C ASN JA 79 -113.54 1.81 14.68
N LEU JA 80 -112.75 2.39 13.76
CA LEU JA 80 -111.73 3.35 14.14
C LEU JA 80 -112.39 4.65 14.56
N PRO JA 81 -111.93 5.28 15.62
CA PRO JA 81 -112.56 6.51 16.10
C PRO JA 81 -111.98 7.73 15.41
N SER JA 82 -112.84 8.62 14.94
CA SER JA 82 -112.41 9.97 14.62
C SER JA 82 -113.29 10.94 15.41
N THR JA 83 -112.73 12.08 15.75
CA THR JA 83 -113.36 12.98 16.70
C THR JA 83 -113.58 14.37 16.09
N GLY JA 84 -114.75 14.93 16.36
CA GLY JA 84 -115.10 16.28 15.93
C GLY JA 84 -115.10 17.20 17.14
N SER JA 85 -114.62 18.43 16.93
CA SER JA 85 -114.35 19.25 18.11
C SER JA 85 -114.43 20.74 17.81
N VAL JA 86 -114.99 21.49 18.76
CA VAL JA 86 -114.92 22.94 18.78
C VAL JA 86 -114.04 23.35 19.94
N THR JA 87 -112.94 24.04 19.64
CA THR JA 87 -112.00 24.45 20.67
C THR JA 87 -111.82 25.98 20.65
N ILE JA 88 -111.70 26.55 21.84
CA ILE JA 88 -111.68 28.00 22.05
C ILE JA 88 -110.45 28.37 22.85
N GLN JA 89 -109.77 29.43 22.42
CA GLN JA 89 -108.69 30.06 23.20
C GLN JA 89 -109.04 31.52 23.44
N VAL JA 90 -109.09 31.91 24.70
CA VAL JA 90 -109.32 33.28 25.11
C VAL JA 90 -108.00 33.84 25.65
N SER JA 91 -107.57 34.98 25.10
CA SER JA 91 -106.33 35.63 25.52
C SER JA 91 -106.68 37.01 26.06
N ILE JA 92 -106.49 37.18 27.37
CA ILE JA 92 -106.87 38.37 28.13
C ILE JA 92 -105.60 39.11 28.52
N PRO JA 93 -105.34 40.29 27.97
CA PRO JA 93 -104.16 41.05 28.38
C PRO JA 93 -104.28 41.58 29.80
N ARG JA 94 -103.14 42.02 30.34
CA ARG JA 94 -103.06 42.53 31.70
C ARG JA 94 -102.87 44.03 31.79
N ASN JA 95 -102.65 44.71 30.68
CA ASN JA 95 -102.66 46.17 30.69
C ASN JA 95 -104.00 46.67 31.23
N PRO JA 96 -104.01 47.54 32.24
CA PRO JA 96 -105.29 48.00 32.82
C PRO JA 96 -106.23 48.62 31.81
N ALA JA 97 -105.74 48.89 30.60
CA ALA JA 97 -106.57 49.37 29.52
C ALA JA 97 -107.44 48.28 28.91
N TRP JA 98 -107.43 47.07 29.47
CA TRP JA 98 -108.35 46.01 29.10
C TRP JA 98 -109.37 45.77 30.21
N ASN JA 99 -110.54 45.27 29.84
CA ASN JA 99 -111.62 45.04 30.80
C ASN JA 99 -112.20 43.65 30.64
N ALA JA 100 -112.67 43.12 31.77
CA ALA JA 100 -113.54 41.95 31.71
C ALA JA 100 -114.72 42.22 30.77
N SER JA 101 -115.19 43.46 30.71
CA SER JA 101 -116.27 43.78 29.78
C SER JA 101 -115.85 43.54 28.34
N MET JA 102 -114.59 43.83 28.03
CA MET JA 102 -114.09 43.59 26.67
C MET JA 102 -113.96 42.10 26.40
N THR JA 103 -113.49 41.35 27.40
CA THR JA 103 -113.45 39.88 27.28
C THR JA 103 -114.85 39.33 26.98
N VAL JA 104 -115.83 39.75 27.77
CA VAL JA 104 -117.20 39.26 27.61
C VAL JA 104 -117.75 39.69 26.25
N SER JA 105 -117.41 40.90 25.81
CA SER JA 105 -117.90 41.37 24.52
C SER JA 105 -117.37 40.49 23.39
N LEU JA 106 -116.09 40.15 23.44
CA LEU JA 106 -115.55 39.23 22.42
C LEU JA 106 -116.23 37.87 22.50
N LEU JA 107 -116.46 37.36 23.71
CA LEU JA 107 -117.14 36.06 23.82
C LEU JA 107 -118.53 36.11 23.19
N LYS JA 108 -119.29 37.17 23.51
CA LYS JA 108 -120.65 37.28 22.98
C LYS JA 108 -120.64 37.42 21.46
N GLN JA 109 -119.68 38.18 20.92
CA GLN JA 109 -119.62 38.36 19.48
C GLN JA 109 -119.25 37.06 18.79
N ALA JA 110 -118.31 36.30 19.35
CA ALA JA 110 -117.98 34.99 18.80
C ALA JA 110 -119.19 34.08 18.83
N ALA JA 111 -119.94 34.08 19.94
CA ALA JA 111 -121.16 33.28 20.02
C ALA JA 111 -122.14 33.68 18.93
N ASP JA 112 -122.32 34.99 18.71
CA ASP JA 112 -123.24 35.44 17.68
C ASP JA 112 -122.77 34.99 16.29
N TYR JA 113 -121.47 35.13 16.01
CA TYR JA 113 -121.00 34.96 14.64
C TYR JA 113 -120.78 33.51 14.25
N LEU JA 114 -120.38 32.65 15.20
CA LEU JA 114 -120.15 31.25 14.87
C LEU JA 114 -121.25 30.32 15.34
N ALA JA 115 -122.05 30.72 16.33
CA ALA JA 115 -123.14 29.89 16.79
C ALA JA 115 -124.51 30.50 16.56
N GLY JA 116 -124.61 31.81 16.35
CA GLY JA 116 -125.89 32.45 16.13
C GLY JA 116 -126.80 32.41 17.34
N THR JA 117 -126.28 32.82 18.51
CA THR JA 117 -127.03 32.71 19.75
C THR JA 117 -127.10 34.02 20.53
N SER JA 118 -126.64 35.13 19.97
CA SER JA 118 -126.68 36.41 20.67
C SER JA 118 -128.09 36.76 21.17
N ALA JA 119 -128.13 37.64 22.18
CA ALA JA 119 -129.38 38.22 22.64
C ALA JA 119 -129.98 39.14 21.58
N THR JA 120 -131.25 39.48 21.77
CA THR JA 120 -131.95 40.29 20.78
C THR JA 120 -131.68 41.78 20.99
N VAL JA 121 -131.23 42.44 19.92
CA VAL JA 121 -130.98 43.88 19.90
C VAL JA 121 -131.46 44.41 18.55
N SER JA 122 -132.08 45.58 18.57
CA SER JA 122 -132.56 46.20 17.34
C SER JA 122 -131.41 46.42 16.37
N GLY JA 123 -131.59 45.97 15.14
CA GLY JA 123 -130.58 46.14 14.12
C GLY JA 123 -129.51 45.07 14.06
N GLN JA 124 -129.66 43.97 14.79
CA GLN JA 124 -128.60 42.97 14.78
C GLN JA 124 -128.75 42.16 13.50
N THR JA 125 -127.64 41.65 12.98
CA THR JA 125 -127.77 40.80 11.81
C THR JA 125 -128.27 39.42 12.23
N ASP JA 126 -129.11 38.83 11.38
CA ASP JA 126 -129.68 37.53 11.65
C ASP JA 126 -128.61 36.47 11.46
N THR JA 127 -128.17 35.88 12.56
CA THR JA 127 -127.11 34.90 12.57
C THR JA 127 -127.63 33.48 12.76
N SER JA 128 -128.94 33.29 12.68
CA SER JA 128 -129.53 31.98 12.98
C SER JA 128 -128.98 30.90 12.06
N GLY JA 129 -128.81 31.20 10.78
CA GLY JA 129 -128.32 30.22 9.83
C GLY JA 129 -126.83 30.13 9.73
N PHE JA 130 -126.11 30.99 10.44
CA PHE JA 130 -124.65 30.96 10.38
C PHE JA 130 -124.05 29.64 10.85
N PRO JA 131 -124.48 29.02 11.95
CA PRO JA 131 -123.88 27.73 12.31
C PRO JA 131 -124.06 26.68 11.23
N ALA JA 132 -125.22 26.66 10.57
CA ALA JA 132 -125.41 25.76 9.44
C ALA JA 132 -124.41 26.06 8.32
N LYS JA 133 -124.28 27.34 7.96
CA LYS JA 133 -123.34 27.68 6.89
C LYS JA 133 -121.91 27.31 7.27
N TRP JA 134 -121.53 27.50 8.54
CA TRP JA 134 -120.19 27.10 8.96
C TRP JA 134 -120.01 25.60 8.84
N ALA JA 135 -120.97 24.82 9.35
CA ALA JA 135 -120.88 23.37 9.25
C ALA JA 135 -120.78 22.91 7.81
N GLY JA 136 -121.31 23.70 6.88
CA GLY JA 136 -121.09 23.44 5.47
C GLY JA 136 -119.82 24.01 4.88
N LEU JA 137 -118.95 24.61 5.70
CA LEU JA 137 -117.75 25.29 5.23
C LEU JA 137 -118.08 26.39 4.22
N MET JA 138 -118.97 27.29 4.64
CA MET JA 138 -119.38 28.43 3.83
C MET JA 138 -119.32 29.68 4.70
N PHE JA 139 -118.67 30.71 4.21
CA PHE JA 139 -118.63 31.96 4.96
C PHE JA 139 -120.02 32.58 4.98
N PRO JA 140 -120.51 33.03 6.14
CA PRO JA 140 -121.80 33.68 6.30
C PRO JA 140 -121.90 34.95 5.47
N ALA KA 1 82.76 97.24 -5.59
CA ALA KA 1 83.53 96.60 -6.65
C ALA KA 1 84.01 97.62 -7.68
N ALA KA 2 85.16 97.33 -8.28
CA ALA KA 2 85.71 98.21 -9.30
C ALA KA 2 84.83 98.20 -10.54
N PRO KA 3 84.66 99.35 -11.20
CA PRO KA 3 83.77 99.38 -12.38
C PRO KA 3 84.37 98.72 -13.60
N SER KA 4 85.70 98.66 -13.69
CA SER KA 4 86.35 98.08 -14.86
C SER KA 4 87.76 97.66 -14.48
N LEU KA 5 88.31 96.77 -15.28
CA LEU KA 5 89.60 96.13 -15.00
C LEU KA 5 90.39 95.99 -16.29
N ALA KA 6 91.70 96.18 -16.20
CA ALA KA 6 92.62 95.89 -17.29
C ALA KA 6 93.61 94.88 -16.75
N LEU KA 7 93.34 93.60 -16.95
CA LEU KA 7 94.17 92.54 -16.39
C LEU KA 7 95.20 92.12 -17.43
N VAL KA 8 96.34 91.61 -16.97
CA VAL KA 8 97.38 91.16 -17.89
C VAL KA 8 97.19 89.67 -18.16
N GLY KA 9 97.16 89.31 -19.45
CA GLY KA 9 97.13 87.94 -19.91
C GLY KA 9 98.17 87.76 -21.01
N ALA KA 10 97.91 86.78 -21.87
CA ALA KA 10 98.85 86.43 -22.94
C ALA KA 10 98.12 86.25 -24.26
N ASN KA 11 98.76 86.70 -25.35
CA ASN KA 11 98.24 86.53 -26.69
C ASN KA 11 98.71 85.18 -27.24
N SER KA 12 98.56 84.98 -28.54
CA SER KA 12 98.98 83.72 -29.15
C SER KA 12 100.50 83.56 -29.09
N THR KA 13 101.25 84.67 -29.05
CA THR KA 13 102.70 84.65 -28.89
C THR KA 13 103.12 84.41 -27.44
N LEU KA 14 102.18 84.46 -26.50
CA LEU KA 14 102.42 84.47 -25.06
C LEU KA 14 103.08 85.75 -24.58
N ALA KA 15 103.03 86.81 -25.38
CA ALA KA 15 103.46 88.12 -24.93
C ALA KA 15 102.39 88.73 -24.04
N SER KA 16 102.83 89.53 -23.06
CA SER KA 16 101.91 90.12 -22.10
C SER KA 16 100.98 91.11 -22.79
N THR KA 17 99.68 90.87 -22.70
CA THR KA 17 98.66 91.65 -23.39
C THR KA 17 97.58 92.04 -22.40
N LEU KA 18 97.03 93.24 -22.55
CA LEU KA 18 95.90 93.61 -21.72
C LEU KA 18 94.64 92.91 -22.16
N VAL KA 19 93.79 92.60 -21.19
CA VAL KA 19 92.45 92.07 -21.41
C VAL KA 19 91.49 92.86 -20.53
N ASN KA 20 90.47 93.44 -21.14
CA ASN KA 20 89.65 94.46 -20.52
C ASN KA 20 88.32 93.85 -20.09
N TYR KA 21 88.01 94.00 -18.82
CA TYR KA 21 86.73 93.59 -18.26
C TYR KA 21 85.99 94.83 -17.76
N SER KA 22 84.67 94.75 -17.76
CA SER KA 22 83.83 95.79 -17.18
C SER KA 22 82.75 95.13 -16.35
N LEU KA 23 82.31 95.85 -15.32
CA LEU KA 23 81.38 95.29 -14.34
C LEU KA 23 80.01 95.09 -14.97
N ARG KA 24 79.62 93.84 -15.15
CA ARG KA 24 78.25 93.54 -15.54
C ARG KA 24 77.30 93.78 -14.38
N SER KA 25 77.50 93.09 -13.26
CA SER KA 25 76.53 93.27 -12.18
C SER KA 25 77.16 92.91 -10.83
N GLN KA 26 76.79 93.66 -9.80
CA GLN KA 26 77.13 93.31 -8.43
C GLN KA 26 75.85 92.88 -7.72
N ASN KA 27 75.82 91.61 -7.32
CA ASN KA 27 74.90 91.10 -6.35
C ASN KA 27 75.56 91.16 -4.97
N GLY KA 28 74.78 90.92 -3.93
CA GLY KA 28 75.34 90.99 -2.58
C GLY KA 28 76.44 89.99 -2.35
N ASN KA 29 77.66 90.48 -2.14
CA ASN KA 29 78.86 89.63 -2.01
C ASN KA 29 79.07 88.77 -3.26
N ASN KA 30 78.72 89.32 -4.42
CA ASN KA 30 78.92 88.60 -5.67
C ASN KA 30 79.13 89.62 -6.79
N VAL KA 31 80.09 89.33 -7.66
CA VAL KA 31 80.47 90.28 -8.71
C VAL KA 31 80.67 89.53 -10.02
N ASP KA 32 80.10 90.08 -11.10
CA ASP KA 32 80.21 89.52 -12.44
C ASP KA 32 80.76 90.57 -13.39
N TYR KA 33 81.92 90.26 -13.98
CA TYR KA 33 82.58 91.09 -14.99
C TYR KA 33 82.53 90.39 -16.34
N VAL KA 34 82.55 91.20 -17.41
CA VAL KA 34 82.50 90.71 -18.79
C VAL KA 34 83.64 91.35 -19.58
N CYS KA 35 84.23 90.58 -20.49
CA CYS KA 35 85.32 91.08 -21.30
C CYS KA 35 84.78 91.99 -22.41
N THR KA 36 85.37 93.17 -22.55
CA THR KA 36 84.94 94.19 -23.49
C THR KA 36 85.80 94.24 -24.75
N ASP KA 37 86.69 93.27 -24.93
CA ASP KA 37 87.52 93.22 -26.12
C ASP KA 37 86.72 92.64 -27.29
N PRO KA 38 87.23 92.76 -28.51
CA PRO KA 38 86.62 92.01 -29.62
C PRO KA 38 86.74 90.50 -29.47
N ASP KA 39 87.64 90.00 -28.61
CA ASP KA 39 87.79 88.57 -28.39
C ASP KA 39 86.51 87.93 -27.88
N SER KA 40 85.84 88.60 -26.94
CA SER KA 40 84.60 88.09 -26.39
C SER KA 40 83.42 88.74 -27.09
N THR KA 41 82.42 87.92 -27.37
CA THR KA 41 81.11 88.34 -27.84
C THR KA 41 80.08 87.72 -26.91
N LEU KA 42 78.82 88.14 -27.03
CA LEU KA 42 77.79 87.52 -26.22
C LEU KA 42 77.70 86.02 -26.49
N SER KA 43 77.96 85.60 -27.73
CA SER KA 43 77.87 84.18 -28.08
C SER KA 43 79.00 83.39 -27.43
N ALA KA 44 80.21 83.95 -27.38
CA ALA KA 44 81.36 83.28 -26.79
C ALA KA 44 82.12 84.27 -25.92
N PRO KA 45 81.67 84.48 -24.69
CA PRO KA 45 82.18 85.58 -23.87
C PRO KA 45 83.39 85.18 -23.03
N GLY KA 46 84.07 86.21 -22.54
CA GLY KA 46 85.04 86.07 -21.46
C GLY KA 46 84.43 86.66 -20.20
N LEU KA 47 84.54 85.93 -19.10
CA LEU KA 47 83.75 86.25 -17.92
C LEU KA 47 84.58 86.10 -16.66
N ILE KA 48 84.22 86.87 -15.63
CA ILE KA 48 84.81 86.74 -14.30
C ILE KA 48 83.68 86.77 -13.28
N ASN KA 49 83.80 85.93 -12.25
CA ASN KA 49 82.84 85.83 -11.16
C ASN KA 49 83.59 85.75 -9.84
N ALA KA 50 83.12 86.49 -8.83
CA ALA KA 50 83.74 86.51 -7.52
C ALA KA 50 82.67 86.50 -6.43
N LYS KA 51 82.79 85.56 -5.49
CA LYS KA 51 81.79 85.31 -4.46
C LYS KA 51 82.45 85.25 -3.09
N PHE KA 52 81.65 85.57 -2.06
CA PHE KA 52 82.11 85.55 -0.67
C PHE KA 52 81.15 84.70 0.16
N ASP KA 53 81.64 83.56 0.62
CA ASP KA 53 80.93 82.72 1.60
C ASP KA 53 81.41 83.15 2.97
N ILE KA 54 80.67 84.06 3.59
CA ILE KA 54 81.01 84.61 4.90
C ILE KA 54 80.05 84.03 5.92
N LYS KA 55 80.60 83.31 6.90
CA LYS KA 55 79.78 82.68 7.91
C LYS KA 55 79.30 83.72 8.92
N ALA KA 56 78.27 83.36 9.68
CA ALA KA 56 77.73 84.23 10.70
C ALA KA 56 78.83 84.65 11.68
N PRO KA 57 78.78 85.87 12.21
CA PRO KA 57 79.89 86.32 13.08
C PRO KA 57 80.06 85.51 14.35
N GLY KA 58 78.98 84.96 14.90
CA GLY KA 58 79.13 84.10 16.07
C GLY KA 58 79.81 82.78 15.75
N ILE KA 59 79.48 82.19 14.60
CA ILE KA 59 79.97 80.86 14.23
C ILE KA 59 81.44 80.94 13.85
N THR KA 60 82.23 79.97 14.32
CA THR KA 60 83.59 79.77 13.84
C THR KA 60 83.59 78.76 12.70
N GLY KA 61 84.30 79.09 11.64
CA GLY KA 61 84.48 78.20 10.51
C GLY KA 61 85.59 78.77 9.66
N ASN KA 62 85.50 78.50 8.36
CA ASN KA 62 86.36 79.16 7.39
C ASN KA 62 85.51 80.09 6.55
N ASP KA 63 85.97 81.33 6.37
CA ASP KA 63 85.41 82.19 5.34
C ASP KA 63 86.00 81.79 3.99
N ARG KA 64 85.21 81.95 2.93
CA ARG KA 64 85.63 81.46 1.62
C ARG KA 64 85.47 82.51 0.53
N ILE KA 65 86.40 82.51 -0.42
CA ILE KA 65 86.36 83.33 -1.60
C ILE KA 65 86.33 82.39 -2.80
N HIS KA 66 85.39 82.64 -3.73
CA HIS KA 66 85.29 81.82 -4.95
C HIS KA 66 85.47 82.74 -6.15
N ALA KA 67 86.51 82.48 -6.95
CA ALA KA 67 86.76 83.25 -8.16
C ALA KA 67 86.77 82.32 -9.36
N ASN KA 68 86.30 82.85 -10.48
CA ASN KA 68 86.20 82.05 -11.70
C ASN KA 68 86.47 82.96 -12.90
N LEU KA 69 87.47 82.60 -13.71
CA LEU KA 69 87.82 83.32 -14.93
C LEU KA 69 87.63 82.38 -16.11
N ARG KA 70 86.71 82.70 -17.00
CA ARG KA 70 86.26 81.84 -18.07
C ARG KA 70 86.49 82.48 -19.42
N LYS KA 71 86.73 81.65 -20.43
CA LYS KA 71 86.67 82.05 -21.83
C LYS KA 71 85.91 80.96 -22.59
N VAL KA 72 84.82 81.34 -23.24
CA VAL KA 72 84.03 80.42 -24.05
C VAL KA 72 84.58 80.46 -25.47
N VAL KA 73 84.61 79.29 -26.13
CA VAL KA 73 85.05 79.21 -27.51
C VAL KA 73 84.04 78.36 -28.28
N LEU KA 74 83.84 78.70 -29.55
CA LEU KA 74 82.91 78.00 -30.42
C LEU KA 74 83.67 77.06 -31.34
N ASP KA 75 83.12 75.87 -31.54
CA ASP KA 75 83.68 74.94 -32.51
C ASP KA 75 83.53 75.48 -33.92
N GLU KA 76 84.60 75.39 -34.71
CA GLU KA 76 84.52 75.85 -36.09
C GLU KA 76 83.43 75.11 -36.86
N LYS KA 77 83.38 73.79 -36.70
CA LYS KA 77 82.44 73.00 -37.50
C LYS KA 77 81.02 73.06 -36.94
N THR KA 78 80.83 72.91 -35.62
CA THR KA 78 79.48 72.79 -35.07
C THR KA 78 78.98 74.04 -34.36
N ASN KA 79 79.82 75.05 -34.15
CA ASN KA 79 79.49 76.25 -33.37
C ASN KA 79 79.00 75.93 -31.98
N LEU KA 80 79.22 74.70 -31.51
CA LEU KA 80 78.90 74.33 -30.15
C LEU KA 80 79.92 74.95 -29.20
N PRO KA 81 79.49 75.49 -28.08
CA PRO KA 81 80.41 76.18 -27.18
C PRO KA 81 81.03 75.23 -26.17
N SER KA 82 82.34 75.28 -26.03
CA SER KA 82 82.98 74.69 -24.87
C SER KA 82 83.84 75.76 -24.22
N THR KA 83 84.00 75.67 -22.91
CA THR KA 83 84.56 76.75 -22.14
C THR KA 83 85.82 76.28 -21.40
N GLY KA 84 86.78 77.19 -21.27
CA GLY KA 84 87.99 76.94 -20.51
C GLY KA 84 88.08 77.91 -19.35
N SER KA 85 88.52 77.43 -18.19
CA SER KA 85 88.36 78.24 -16.99
C SER KA 85 89.45 77.98 -15.96
N VAL KA 86 89.75 79.02 -15.20
CA VAL KA 86 90.57 78.92 -13.99
C VAL KA 86 89.71 79.35 -12.81
N THR KA 87 89.53 78.46 -11.86
CA THR KA 87 88.76 78.73 -10.66
C THR KA 87 89.65 78.66 -9.43
N ILE KA 88 89.35 79.50 -8.44
CA ILE KA 88 90.19 79.70 -7.27
C ILE KA 88 89.29 79.72 -6.05
N GLN KA 89 89.68 78.99 -5.01
CA GLN KA 89 88.94 79.00 -3.76
C GLN KA 89 89.92 79.32 -2.65
N VAL KA 90 89.66 80.39 -1.92
CA VAL KA 90 90.49 80.81 -0.81
C VAL KA 90 89.70 80.52 0.47
N SER KA 91 90.27 79.69 1.34
CA SER KA 91 89.65 79.33 2.61
C SER KA 91 90.49 79.92 3.73
N ILE KA 92 89.94 80.92 4.41
CA ILE KA 92 90.61 81.70 5.45
C ILE KA 92 89.99 81.32 6.79
N PRO KA 93 90.78 80.80 7.74
CA PRO KA 93 90.21 80.46 9.04
C PRO KA 93 89.99 81.67 9.94
N ARG KA 94 88.98 81.54 10.81
CA ARG KA 94 88.58 82.60 11.72
C ARG KA 94 89.32 82.58 13.06
N ASN KA 95 90.50 81.99 13.10
CA ASN KA 95 91.34 81.96 14.30
C ASN KA 95 92.35 83.10 14.24
N PRO KA 96 92.48 83.93 15.29
CA PRO KA 96 93.47 85.02 15.26
C PRO KA 96 94.87 84.55 14.99
N ALA KA 97 95.15 83.26 15.13
CA ALA KA 97 96.46 82.72 14.78
C ALA KA 97 96.73 82.76 13.27
N TRP KA 98 95.73 83.11 12.47
CA TRP KA 98 95.86 83.34 11.03
C TRP KA 98 95.67 84.82 10.76
N ASN KA 99 96.33 85.31 9.71
CA ASN KA 99 96.17 86.72 9.39
C ASN KA 99 96.28 86.97 7.90
N ALA KA 100 96.01 88.22 7.52
CA ALA KA 100 95.97 88.58 6.12
C ALA KA 100 97.32 88.41 5.46
N SER KA 101 98.42 88.57 6.21
CA SER KA 101 99.73 88.34 5.61
C SER KA 101 99.86 86.90 5.15
N MET KA 102 99.27 85.95 5.89
CA MET KA 102 99.33 84.56 5.49
C MET KA 102 98.40 84.30 4.30
N THR KA 103 97.21 84.91 4.29
CA THR KA 103 96.35 84.81 3.12
C THR KA 103 97.09 85.29 1.86
N VAL KA 104 97.71 86.46 1.95
CA VAL KA 104 98.42 87.02 0.81
C VAL KA 104 99.60 86.15 0.44
N SER KA 105 100.28 85.57 1.43
CA SER KA 105 101.42 84.71 1.13
C SER KA 105 100.99 83.51 0.31
N LEU KA 106 99.87 82.87 0.69
CA LEU KA 106 99.38 81.77 -0.12
C LEU KA 106 99.01 82.22 -1.53
N LEU KA 107 98.36 83.39 -1.65
CA LEU KA 107 98.03 83.88 -2.98
C LEU KA 107 99.27 84.08 -3.84
N LYS KA 108 100.30 84.71 -3.26
CA LYS KA 108 101.53 84.99 -4.00
C LYS KA 108 102.23 83.70 -4.41
N GLN KA 109 102.25 82.70 -3.52
CA GLN KA 109 102.91 81.45 -3.84
C GLN KA 109 102.17 80.71 -4.95
N ALA KA 110 100.84 80.71 -4.89
CA ALA KA 110 100.06 80.08 -5.96
C ALA KA 110 100.33 80.79 -7.28
N ALA KA 111 100.40 82.12 -7.26
CA ALA KA 111 100.70 82.88 -8.47
C ALA KA 111 102.06 82.49 -9.03
N ASP KA 112 103.08 82.44 -8.16
CA ASP KA 112 104.41 82.04 -8.61
C ASP KA 112 104.39 80.64 -9.22
N TYR KA 113 103.72 79.70 -8.57
CA TYR KA 113 103.88 78.30 -8.97
C TYR KA 113 103.00 77.91 -10.16
N LEU KA 114 101.87 78.57 -10.37
CA LEU KA 114 101.01 78.20 -11.50
C LEU KA 114 101.00 79.21 -12.63
N ALA KA 115 101.33 80.48 -12.36
CA ALA KA 115 101.41 81.47 -13.42
C ALA KA 115 102.82 82.00 -13.65
N GLY KA 116 103.74 81.80 -12.71
CA GLY KA 116 105.10 82.26 -12.85
C GLY KA 116 105.19 83.76 -12.91
N THR KA 117 104.59 84.45 -11.94
CA THR KA 117 104.55 85.91 -11.94
C THR KA 117 105.02 86.55 -10.64
N SER KA 118 105.65 85.79 -9.75
CA SER KA 118 106.18 86.35 -8.50
C SER KA 118 107.12 87.53 -8.75
N ALA KA 119 107.27 88.34 -7.70
CA ALA KA 119 108.27 89.41 -7.69
C ALA KA 119 109.68 88.82 -7.63
N THR KA 120 110.65 89.61 -8.10
CA THR KA 120 112.03 89.12 -8.14
C THR KA 120 112.60 89.08 -6.72
N VAL KA 121 113.09 87.91 -6.33
CA VAL KA 121 113.68 87.64 -5.02
C VAL KA 121 114.82 86.67 -5.22
N SER KA 122 115.99 86.97 -4.67
CA SER KA 122 117.16 86.15 -4.97
C SER KA 122 116.97 84.74 -4.41
N GLY KA 123 117.30 83.75 -5.23
CA GLY KA 123 117.15 82.36 -4.85
C GLY KA 123 115.83 81.74 -5.24
N GLN KA 124 114.92 82.51 -5.82
CA GLN KA 124 113.65 81.96 -6.30
C GLN KA 124 113.89 81.04 -7.49
N THR KA 125 113.09 79.98 -7.57
CA THR KA 125 113.14 79.16 -8.76
C THR KA 125 112.53 79.90 -9.93
N ASP KA 126 113.08 79.65 -11.12
CA ASP KA 126 112.62 80.31 -12.34
C ASP KA 126 111.31 79.66 -12.76
N THR KA 127 110.22 80.32 -12.41
CA THR KA 127 108.88 79.80 -12.65
C THR KA 127 108.29 80.30 -13.97
N SER KA 128 109.09 80.97 -14.80
CA SER KA 128 108.56 81.60 -16.00
C SER KA 128 107.93 80.59 -16.95
N GLY KA 129 108.52 79.40 -17.06
CA GLY KA 129 108.01 78.39 -17.98
C GLY KA 129 106.94 77.50 -17.40
N PHE KA 130 106.67 77.65 -16.11
CA PHE KA 130 105.68 76.78 -15.47
C PHE KA 130 104.29 76.91 -16.08
N PRO KA 131 103.76 78.09 -16.39
CA PRO KA 131 102.43 78.11 -17.03
C PRO KA 131 102.39 77.36 -18.34
N ALA KA 132 103.46 77.44 -19.14
CA ALA KA 132 103.54 76.63 -20.36
C ALA KA 132 103.47 75.15 -20.02
N LYS KA 133 104.28 74.71 -19.05
CA LYS KA 133 104.27 73.29 -18.69
C LYS KA 133 102.90 72.86 -18.19
N TRP KA 134 102.24 73.68 -17.37
CA TRP KA 134 100.92 73.33 -16.89
C TRP KA 134 99.94 73.19 -18.05
N ALA KA 135 99.93 74.17 -18.96
CA ALA KA 135 99.07 74.11 -20.14
C ALA KA 135 99.37 72.90 -21.00
N GLY KA 136 100.54 72.30 -20.85
CA GLY KA 136 100.81 71.03 -21.49
C GLY KA 136 100.50 69.79 -20.65
N LEU KA 137 99.87 69.95 -19.49
CA LEU KA 137 99.66 68.86 -18.52
C LEU KA 137 100.99 68.16 -18.16
N MET KA 138 101.97 68.98 -17.77
CA MET KA 138 103.28 68.51 -17.34
C MET KA 138 103.62 69.15 -16.01
N PHE KA 139 104.06 68.37 -15.05
CA PHE KA 139 104.48 68.95 -13.78
C PHE KA 139 105.77 69.73 -13.99
N PRO KA 140 105.89 70.94 -13.43
CA PRO KA 140 107.12 71.74 -13.52
C PRO KA 140 108.29 71.00 -12.92
N ALA LA 1 74.37 103.82 -1.81
CA ALA LA 1 74.82 103.87 -0.43
C ALA LA 1 76.22 104.48 -0.32
N ALA LA 2 76.51 105.08 0.84
CA ALA LA 2 77.82 105.71 1.04
C ALA LA 2 78.91 104.65 1.00
N PRO LA 3 80.00 104.88 0.26
CA PRO LA 3 81.05 103.86 0.17
C PRO LA 3 81.84 103.67 1.45
N SER LA 4 81.83 104.65 2.35
CA SER LA 4 82.56 104.53 3.60
C SER LA 4 81.94 105.46 4.63
N LEU LA 5 82.18 105.16 5.90
CA LEU LA 5 81.58 105.87 7.02
C LEU LA 5 82.61 106.04 8.12
N ALA LA 6 82.53 107.18 8.80
CA ALA LA 6 83.35 107.46 9.98
C ALA LA 6 82.37 107.81 11.09
N LEU LA 7 81.98 106.81 11.88
CA LEU LA 7 80.97 107.00 12.91
C LEU LA 7 81.63 107.27 14.25
N VAL LA 8 80.91 107.92 15.15
CA VAL LA 8 81.44 108.22 16.47
C VAL LA 8 81.01 107.13 17.45
N GLY LA 9 81.98 106.57 18.16
CA GLY LA 9 81.73 105.64 19.24
C GLY LA 9 82.53 106.03 20.45
N ALA LA 10 82.81 105.08 21.35
CA ALA LA 10 83.52 105.35 22.58
C ALA LA 10 84.71 104.42 22.74
N ASN LA 11 85.84 104.97 23.19
CA ASN LA 11 87.02 104.18 23.49
C ASN LA 11 86.85 103.50 24.85
N SER LA 12 87.93 102.90 25.36
CA SER LA 12 87.85 102.26 26.66
C SER LA 12 87.52 103.24 27.78
N THR LA 13 87.77 104.53 27.57
CA THR LA 13 87.50 105.57 28.56
C THR LA 13 86.17 106.26 28.32
N LEU LA 14 85.43 105.86 27.29
CA LEU LA 14 84.16 106.45 26.88
C LEU LA 14 84.34 107.82 26.23
N ALA LA 15 85.54 108.15 25.80
CA ALA LA 15 85.76 109.35 25.01
C ALA LA 15 85.32 109.12 23.57
N SER LA 16 84.79 110.17 22.96
CA SER LA 16 84.32 110.06 21.59
C SER LA 16 85.49 109.75 20.66
N THR LA 17 85.37 108.65 19.91
CA THR LA 17 86.42 108.16 19.04
C THR LA 17 85.82 107.74 17.70
N LEU LA 18 86.52 108.02 16.61
CA LEU LA 18 86.01 107.56 15.33
C LEU LA 18 86.16 106.05 15.18
N VAL LA 19 85.22 105.47 14.44
CA VAL LA 19 85.20 104.06 14.06
C VAL LA 19 84.87 104.01 12.58
N ASN LA 20 85.74 103.38 11.81
CA ASN LA 20 85.74 103.50 10.36
C ASN LA 20 85.15 102.25 9.74
N TYR LA 21 84.12 102.42 8.93
CA TYR LA 21 83.49 101.33 8.21
C TYR LA 21 83.63 101.58 6.72
N SER LA 22 83.66 100.50 5.95
CA SER LA 22 83.67 100.56 4.50
C SER LA 22 82.62 99.61 3.95
N LEU LA 23 82.04 99.99 2.82
CA LEU LA 23 80.93 99.25 2.23
C LEU LA 23 81.44 97.98 1.56
N ARG LA 24 81.02 96.83 2.08
CA ARG LA 24 81.45 95.57 1.52
C ARG LA 24 80.66 95.20 0.26
N SER LA 25 79.34 95.26 0.33
CA SER LA 25 78.50 94.94 -0.82
C SER LA 25 77.11 95.53 -0.61
N GLN LA 26 76.27 95.42 -1.64
CA GLN LA 26 74.88 95.84 -1.57
C GLN LA 26 74.02 94.81 -2.30
N ASN LA 27 73.12 94.16 -1.56
CA ASN LA 27 72.17 93.16 -2.04
C ASN LA 27 70.79 93.80 -2.16
N GLY LA 28 69.77 92.98 -2.38
CA GLY LA 28 68.40 93.43 -2.44
C GLY LA 28 67.97 94.10 -1.16
N ASN LA 29 67.78 95.42 -1.26
CA ASN LA 29 67.26 96.25 -0.17
C ASN LA 29 68.08 96.09 1.11
N ASN LA 30 69.40 96.00 0.97
CA ASN LA 30 70.25 95.90 2.15
C ASN LA 30 71.63 96.44 1.83
N VAL LA 31 72.42 96.61 2.88
CA VAL LA 31 73.74 97.22 2.83
C VAL LA 31 74.59 96.59 3.92
N ASP LA 32 75.84 96.23 3.57
CA ASP LA 32 76.77 95.55 4.48
C ASP LA 32 78.06 96.35 4.58
N TYR LA 33 78.37 96.81 5.79
CA TYR LA 33 79.59 97.55 6.08
C TYR LA 33 80.48 96.75 7.04
N VAL LA 34 81.80 96.94 6.89
CA VAL LA 34 82.80 96.24 7.69
C VAL LA 34 83.74 97.28 8.30
N CYS LA 35 84.16 97.05 9.53
CA CYS LA 35 85.08 97.96 10.20
C CYS LA 35 86.48 97.77 9.66
N THR LA 36 87.15 98.89 9.33
CA THR LA 36 88.47 98.88 8.73
C THR LA 36 89.57 99.28 9.70
N ASP LA 37 89.25 99.42 10.98
CA ASP LA 37 90.24 99.76 11.98
C ASP LA 37 91.14 98.56 12.24
N PRO LA 38 92.27 98.75 12.92
CA PRO LA 38 93.12 97.60 13.24
C PRO LA 38 92.49 96.62 14.22
N ASP LA 39 91.62 97.08 15.12
CA ASP LA 39 91.07 96.19 16.16
C ASP LA 39 90.08 95.18 15.60
N SER LA 40 89.54 95.39 14.40
CA SER LA 40 88.64 94.43 13.78
C SER LA 40 89.39 93.61 12.75
N THR LA 41 89.25 92.29 12.85
CA THR LA 41 89.84 91.32 11.94
C THR LA 41 88.77 90.30 11.61
N LEU LA 42 89.05 89.41 10.66
CA LEU LA 42 88.06 88.40 10.29
C LEU LA 42 87.73 87.50 11.47
N SER LA 43 88.68 87.31 12.38
CA SER LA 43 88.42 86.50 13.57
C SER LA 43 87.41 87.18 14.49
N ALA LA 44 87.48 88.51 14.61
CA ALA LA 44 86.58 89.26 15.50
C ALA LA 44 86.27 90.60 14.85
N PRO LA 45 85.33 90.62 13.90
CA PRO LA 45 85.07 91.83 13.11
C PRO LA 45 84.06 92.76 13.77
N GLY LA 46 84.00 93.98 13.23
CA GLY LA 46 82.91 94.90 13.48
C GLY LA 46 82.09 95.06 12.21
N LEU LA 47 80.77 95.01 12.36
CA LEU LA 47 79.89 94.91 11.20
C LEU LA 47 78.68 95.82 11.37
N ILE LA 48 78.17 96.33 10.24
CA ILE LA 48 76.91 97.07 10.22
C ILE LA 48 76.08 96.57 9.04
N ASN LA 49 74.78 96.39 9.27
CA ASN LA 49 73.89 95.82 8.27
C ASN LA 49 72.57 96.57 8.28
N ALA LA 50 72.05 96.88 7.10
CA ALA LA 50 70.78 97.60 7.01
C ALA LA 50 69.92 97.00 5.91
N LYS LA 51 68.60 96.96 6.16
CA LYS LA 51 67.67 96.32 5.23
C LYS LA 51 66.34 97.07 5.25
N PHE LA 52 65.69 97.14 4.10
CA PHE LA 52 64.34 97.70 3.99
C PHE LA 52 63.34 96.61 3.65
N ASP LA 53 62.27 96.54 4.43
CA ASP LA 53 61.06 95.77 4.08
C ASP LA 53 60.06 96.79 3.59
N ILE LA 54 59.86 96.86 2.28
CA ILE LA 54 59.07 97.90 1.64
C ILE LA 54 57.77 97.29 1.14
N LYS LA 55 56.66 97.78 1.65
CA LYS LA 55 55.37 97.24 1.26
C LYS LA 55 54.91 97.90 -0.04
N ALA LA 56 53.90 97.29 -0.66
CA ALA LA 56 53.43 97.71 -1.97
C ALA LA 56 52.92 99.16 -1.93
N PRO LA 57 52.85 99.82 -3.08
CA PRO LA 57 52.34 101.19 -3.10
C PRO LA 57 50.92 101.26 -2.57
N GLY LA 58 50.62 102.35 -1.88
CA GLY LA 58 49.34 102.56 -1.24
C GLY LA 58 49.56 103.22 0.10
N ILE LA 59 48.49 103.36 0.87
CA ILE LA 59 48.59 103.95 2.20
C ILE LA 59 48.26 102.95 3.29
N THR LA 60 48.20 101.66 2.95
CA THR LA 60 47.69 100.66 3.90
C THR LA 60 48.77 100.15 4.84
N GLY LA 61 49.99 99.95 4.36
CA GLY LA 61 50.95 99.13 5.06
C GLY LA 61 51.78 99.85 6.11
N ASN LA 62 52.84 99.15 6.53
CA ASN LA 62 53.89 99.64 7.42
C ASN LA 62 55.23 99.25 6.83
N ASP LA 63 56.00 100.24 6.37
CA ASP LA 63 57.37 100.00 5.92
C ASP LA 63 58.27 99.74 7.13
N ARG LA 64 59.36 99.01 6.91
CA ARG LA 64 60.27 98.69 8.02
C ARG LA 64 61.73 98.84 7.61
N ILE LA 65 62.53 99.33 8.56
CA ILE LA 65 63.98 99.45 8.44
C ILE LA 65 64.60 98.57 9.51
N HIS LA 66 65.59 97.77 9.13
CA HIS LA 66 66.31 96.90 10.05
C HIS LA 66 67.78 97.28 10.00
N ALA LA 67 68.32 97.74 11.12
CA ALA LA 67 69.74 98.03 11.25
C ALA LA 67 70.34 97.13 12.31
N ASN LA 68 71.62 96.82 12.16
CA ASN LA 68 72.28 95.91 13.09
C ASN LA 68 73.76 96.28 13.15
N LEU LA 69 74.23 96.67 14.34
CA LEU LA 69 75.61 97.04 14.57
C LEU LA 69 76.21 96.03 15.53
N ARG LA 70 77.20 95.27 15.06
CA ARG LA 70 77.76 94.17 15.82
C ARG LA 70 79.27 94.34 15.99
N LYS LA 71 79.78 93.78 17.08
CA LYS LA 71 81.21 93.63 17.30
C LYS LA 71 81.47 92.28 17.95
N VAL LA 72 82.39 91.52 17.37
CA VAL LA 72 82.76 90.20 17.89
C VAL LA 72 83.98 90.35 18.77
N VAL LA 73 84.04 89.58 19.85
CA VAL LA 73 85.16 89.60 20.77
C VAL LA 73 85.55 88.16 21.07
N LEU LA 74 86.84 87.96 21.34
CA LEU LA 74 87.39 86.64 21.62
C LEU LA 74 87.77 86.54 23.09
N ASP LA 75 87.47 85.39 23.70
CA ASP LA 75 87.82 85.13 25.09
C ASP LA 75 89.33 85.12 25.26
N GLU LA 76 89.83 85.81 26.31
CA GLU LA 76 91.27 85.80 26.57
C GLU LA 76 91.78 84.40 26.89
N LYS LA 77 90.91 83.53 27.39
CA LYS LA 77 91.36 82.21 27.82
C LYS LA 77 91.23 81.19 26.70
N THR LA 78 90.20 81.30 25.87
CA THR LA 78 89.88 80.26 24.90
C THR LA 78 89.78 80.75 23.45
N ASN LA 79 89.91 82.05 23.19
CA ASN LA 79 89.66 82.63 21.87
C ASN LA 79 88.27 82.26 21.33
N LEU LA 80 87.33 81.99 22.24
CA LEU LA 80 86.00 81.70 21.72
C LEU LA 80 85.23 82.99 21.46
N PRO LA 81 84.55 83.06 20.33
CA PRO LA 81 83.89 84.31 19.95
C PRO LA 81 82.53 84.44 20.62
N SER LA 82 82.25 85.63 21.13
CA SER LA 82 80.89 86.04 21.42
C SER LA 82 80.69 87.45 20.88
N THR LA 83 79.46 87.77 20.51
CA THR LA 83 79.18 89.01 19.81
C THR LA 83 78.29 89.91 20.66
N GLY LA 84 78.58 91.20 20.62
CA GLY LA 84 77.71 92.22 21.18
C GLY LA 84 77.04 92.95 20.03
N SER LA 85 75.79 93.36 20.23
CA SER LA 85 75.07 93.94 19.11
C SER LA 85 74.01 94.93 19.58
N VAL LA 86 73.79 95.95 18.77
CA VAL LA 86 72.66 96.85 18.89
C VAL LA 86 71.86 96.75 17.58
N THR LA 87 70.65 96.26 17.68
CA THR LA 87 69.76 96.14 16.53
C THR LA 87 68.63 97.15 16.66
N ILE LA 88 68.18 97.66 15.52
CA ILE LA 88 67.17 98.71 15.46
C ILE LA 88 66.14 98.31 14.42
N GLN LA 89 64.87 98.53 14.75
CA GLN LA 89 63.78 98.32 13.79
C GLN LA 89 62.87 99.54 13.80
N VAL LA 90 62.78 100.19 12.66
CA VAL LA 90 61.91 101.34 12.47
C VAL LA 90 60.70 100.88 11.67
N SER LA 91 59.51 101.21 12.15
CA SER LA 91 58.26 100.88 11.46
C SER LA 91 57.53 102.19 11.18
N ILE LA 92 57.37 102.50 9.89
CA ILE LA 92 56.83 103.74 9.36
C ILE LA 92 55.48 103.43 8.71
N PRO LA 93 54.37 103.89 9.27
CA PRO LA 93 53.08 103.69 8.61
C PRO LA 93 52.93 104.55 7.36
N ARG LA 94 52.08 104.09 6.46
CA ARG LA 94 51.82 104.77 5.20
C ARG LA 94 50.55 105.61 5.21
N ASN LA 95 49.70 105.45 6.23
CA ASN LA 95 48.58 106.36 6.46
C ASN LA 95 49.08 107.80 6.43
N PRO LA 96 48.52 108.65 5.55
CA PRO LA 96 49.05 110.02 5.42
C PRO LA 96 48.99 110.84 6.69
N ALA LA 97 48.39 110.30 7.74
CA ALA LA 97 48.42 110.93 9.05
C ALA LA 97 49.78 110.78 9.74
N TRP LA 98 50.77 110.18 9.08
CA TRP LA 98 52.12 110.06 9.57
C TRP LA 98 53.07 110.90 8.73
N ASN LA 99 54.20 111.30 9.32
CA ASN LA 99 55.16 112.17 8.66
C ASN LA 99 56.58 111.61 8.78
N ALA LA 100 57.38 111.92 7.76
CA ALA LA 100 58.82 111.77 7.91
C ALA LA 100 59.31 112.53 9.14
N SER LA 101 58.66 113.66 9.47
CA SER LA 101 59.03 114.39 10.68
C SER LA 101 58.80 113.55 11.92
N MET LA 102 57.73 112.76 11.93
CA MET LA 102 57.44 111.91 13.08
C MET LA 102 58.44 110.76 13.16
N THR LA 103 58.81 110.19 12.01
CA THR LA 103 59.89 109.20 11.98
C THR LA 103 61.18 109.76 12.59
N VAL LA 104 61.59 110.94 12.10
CA VAL LA 104 62.83 111.55 12.58
C VAL LA 104 62.72 111.86 14.07
N SER LA 105 61.54 112.29 14.53
CA SER LA 105 61.37 112.61 15.94
C SER LA 105 61.57 111.36 16.81
N LEU LA 106 61.00 110.23 16.39
CA LEU LA 106 61.23 109.00 17.12
C LEU LA 106 62.71 108.61 17.12
N LEU LA 107 63.38 108.77 15.98
CA LEU LA 107 64.80 108.44 15.92
C LEU LA 107 65.60 109.31 16.90
N LYS LA 108 65.34 110.61 16.90
CA LYS LA 108 66.07 111.52 17.78
C LYS LA 108 65.79 111.22 19.25
N GLN LA 109 64.54 110.88 19.58
CA GLN LA 109 64.20 110.57 20.96
C GLN LA 109 64.89 109.29 21.42
N ALA LA 110 64.88 108.25 20.57
CA ALA LA 110 65.59 107.02 20.91
C ALA LA 110 67.08 107.30 21.09
N ALA LA 111 67.66 108.14 20.23
CA ALA LA 111 69.07 108.49 20.38
C ALA LA 111 69.34 109.17 21.71
N ASP LA 112 68.51 110.16 22.07
CA ASP LA 112 68.66 110.83 23.35
C ASP LA 112 68.52 109.86 24.51
N TYR LA 113 67.56 108.94 24.44
CA TYR LA 113 67.23 108.15 25.63
C TYR LA 113 68.14 106.94 25.81
N LEU LA 114 68.70 106.39 24.73
CA LEU LA 114 69.58 105.23 24.88
C LEU LA 114 71.05 105.52 24.63
N ALA LA 115 71.38 106.60 23.90
CA ALA LA 115 72.75 106.99 23.68
C ALA LA 115 73.11 108.33 24.30
N GLY LA 116 72.14 109.16 24.66
CA GLY LA 116 72.41 110.45 25.23
C GLY LA 116 73.17 111.37 24.30
N THR LA 117 72.68 111.53 23.07
CA THR LA 117 73.37 112.29 22.04
C THR LA 117 72.54 113.41 21.43
N SER LA 118 71.34 113.66 21.94
CA SER LA 118 70.46 114.66 21.36
C SER LA 118 71.10 116.05 21.34
N ALA LA 119 70.54 116.92 20.50
CA ALA LA 119 70.93 118.32 20.45
C ALA LA 119 70.48 119.05 21.71
N THR LA 120 70.94 120.29 21.87
CA THR LA 120 70.69 121.04 23.09
C THR LA 120 69.40 121.85 22.98
N VAL LA 121 68.51 121.67 23.94
CA VAL LA 121 67.26 122.41 24.05
C VAL LA 121 67.09 122.79 25.52
N SER LA 122 66.29 123.83 25.77
CA SER LA 122 66.25 124.47 27.08
C SER LA 122 66.01 123.46 28.18
N GLY LA 123 64.83 122.86 28.22
CA GLY LA 123 64.46 122.09 29.40
C GLY LA 123 64.78 120.62 29.32
N GLN LA 124 65.78 120.25 28.52
CA GLN LA 124 65.98 118.83 28.24
C GLN LA 124 66.54 118.15 29.47
N THR LA 125 66.22 116.87 29.64
CA THR LA 125 66.85 116.16 30.75
C THR LA 125 68.24 115.71 30.35
N ASP LA 126 69.12 115.65 31.34
CA ASP LA 126 70.52 115.29 31.12
C ASP LA 126 70.59 113.79 30.89
N THR LA 127 70.92 113.42 29.66
CA THR LA 127 70.95 112.02 29.24
C THR LA 127 72.37 111.54 28.98
N SER LA 128 73.38 112.31 29.37
CA SER LA 128 74.76 111.94 29.08
C SER LA 128 75.14 110.62 29.76
N GLY LA 129 74.63 110.38 30.96
CA GLY LA 129 74.97 109.17 31.69
C GLY LA 129 74.11 107.98 31.39
N PHE LA 130 73.06 108.19 30.59
CA PHE LA 130 72.14 107.10 30.30
C PHE LA 130 72.81 105.91 29.59
N PRO LA 131 73.67 106.10 28.59
CA PRO LA 131 74.32 104.91 28.00
C PRO LA 131 75.11 104.10 29.02
N ALA LA 132 75.80 104.78 29.94
CA ALA LA 132 76.50 104.07 31.01
C ALA LA 132 75.51 103.27 31.86
N LYS LA 133 74.40 103.90 32.26
CA LYS LA 133 73.43 103.19 33.09
C LYS LA 133 72.84 102.00 32.35
N TRP LA 134 72.57 102.15 31.05
CA TRP LA 134 72.06 101.01 30.28
C TRP LA 134 73.09 99.88 30.24
N ALA LA 135 74.35 100.22 29.91
CA ALA LA 135 75.40 99.21 29.84
C ALA LA 135 75.61 98.51 31.18
N GLY LA 136 75.19 99.15 32.28
CA GLY LA 136 75.15 98.47 33.55
C GLY LA 136 73.89 97.70 33.84
N LEU LA 137 72.98 97.62 32.87
CA LEU LA 137 71.67 96.99 33.04
C LEU LA 137 70.90 97.63 34.20
N MET LA 138 70.79 98.95 34.17
CA MET LA 138 69.91 99.66 35.08
C MET LA 138 69.20 100.79 34.34
N PHE LA 139 67.97 101.05 34.76
CA PHE LA 139 67.17 102.05 34.09
C PHE LA 139 67.67 103.46 34.42
N PRO LA 140 67.63 104.38 33.44
CA PRO LA 140 67.90 105.79 33.68
C PRO LA 140 66.91 106.37 34.69
N ALA MA 1 76.45 98.60 -10.46
CA ALA MA 1 75.70 99.64 -11.17
C ALA MA 1 75.95 101.02 -10.57
N ALA MA 2 75.52 102.06 -11.28
CA ALA MA 2 75.70 103.42 -10.81
C ALA MA 2 74.90 103.65 -9.53
N PRO MA 3 75.49 104.28 -8.52
CA PRO MA 3 74.78 104.45 -7.24
C PRO MA 3 73.69 105.49 -7.31
N SER MA 4 73.72 106.39 -8.29
CA SER MA 4 72.72 107.43 -8.40
C SER MA 4 72.66 107.93 -9.84
N LEU MA 5 71.50 108.46 -10.22
CA LEU MA 5 71.22 108.89 -11.58
C LEU MA 5 70.47 110.20 -11.56
N ALA MA 6 70.80 111.07 -12.52
CA ALA MA 6 70.06 112.30 -12.76
C ALA MA 6 69.53 112.24 -14.18
N LEU MA 7 68.32 111.70 -14.34
CA LEU MA 7 67.74 111.53 -15.67
C LEU MA 7 66.94 112.78 -16.03
N VAL MA 8 66.74 112.99 -17.33
CA VAL MA 8 65.97 114.13 -17.81
C VAL MA 8 64.56 113.69 -18.11
N GLY MA 9 63.59 114.36 -17.49
CA GLY MA 9 62.18 114.20 -17.77
C GLY MA 9 61.56 115.56 -18.04
N ALA MA 10 60.25 115.65 -17.79
CA ALA MA 10 59.48 116.84 -18.06
C ALA MA 10 58.62 117.21 -16.86
N ASN MA 11 58.57 118.50 -16.56
CA ASN MA 11 57.67 118.99 -15.51
C ASN MA 11 56.28 119.20 -16.09
N SER MA 12 55.43 119.89 -15.34
CA SER MA 12 54.07 120.14 -15.80
C SER MA 12 54.04 121.00 -17.07
N THR MA 13 55.07 121.83 -17.27
CA THR MA 13 55.20 122.67 -18.45
C THR MA 13 55.76 121.91 -19.65
N LEU MA 14 56.19 120.66 -19.45
CA LEU MA 14 56.97 119.86 -20.40
C LEU MA 14 58.38 120.39 -20.58
N ALA MA 15 58.84 121.30 -19.73
CA ALA MA 15 60.22 121.76 -19.77
C ALA MA 15 61.14 120.66 -19.24
N SER MA 16 62.34 120.58 -19.81
CA SER MA 16 63.30 119.55 -19.41
C SER MA 16 63.74 119.77 -17.96
N THR MA 17 63.47 118.79 -17.11
CA THR MA 17 63.71 118.87 -15.67
C THR MA 17 64.45 117.62 -15.23
N LEU MA 18 65.37 117.77 -14.27
CA LEU MA 18 66.03 116.58 -13.73
C LEU MA 18 65.11 115.83 -12.78
N VAL MA 19 65.19 114.50 -12.87
CA VAL MA 19 64.56 113.58 -11.95
C VAL MA 19 65.62 112.64 -11.41
N ASN MA 20 65.73 112.56 -10.08
CA ASN MA 20 66.88 112.00 -9.41
C ASN MA 20 66.53 110.66 -8.80
N TYR MA 21 67.35 109.65 -9.06
CA TYR MA 21 67.17 108.31 -8.54
C TYR MA 21 68.43 107.89 -7.78
N SER MA 22 68.24 107.09 -6.74
CA SER MA 22 69.36 106.46 -6.05
C SER MA 22 69.17 104.94 -6.08
N LEU MA 23 70.30 104.23 -6.07
CA LEU MA 23 70.31 102.78 -6.16
C LEU MA 23 69.90 102.19 -4.82
N ARG MA 24 68.66 101.68 -4.77
CA ARG MA 24 68.17 101.06 -3.55
C ARG MA 24 68.54 99.58 -3.47
N SER MA 25 68.41 98.80 -4.54
CA SER MA 25 68.81 97.41 -4.44
C SER MA 25 69.42 96.92 -5.74
N GLN MA 26 70.20 95.85 -5.62
CA GLN MA 26 70.73 95.15 -6.78
C GLN MA 26 70.91 93.69 -6.36
N ASN MA 27 70.28 92.79 -7.12
CA ASN MA 27 70.22 91.38 -6.75
C ASN MA 27 69.93 90.56 -7.99
N GLY MA 28 70.77 89.53 -8.20
CA GLY MA 28 70.50 88.53 -9.23
C GLY MA 28 70.26 89.13 -10.60
N ASN MA 29 71.27 89.82 -11.13
CA ASN MA 29 71.16 90.53 -12.40
C ASN MA 29 69.89 91.38 -12.44
N ASN MA 30 69.62 92.05 -11.33
CA ASN MA 30 68.44 92.89 -11.25
C ASN MA 30 68.85 94.16 -10.50
N VAL MA 31 68.35 95.30 -10.94
CA VAL MA 31 68.75 96.60 -10.41
C VAL MA 31 67.52 97.46 -10.19
N ASP MA 32 67.37 98.01 -8.99
CA ASP MA 32 66.18 98.77 -8.59
C ASP MA 32 66.59 100.12 -8.00
N TYR MA 33 66.11 101.19 -8.62
CA TYR MA 33 66.33 102.56 -8.21
C TYR MA 33 65.03 103.17 -7.68
N VAL MA 34 65.16 104.13 -6.76
CA VAL MA 34 64.03 104.87 -6.24
C VAL MA 34 64.27 106.37 -6.43
N CYS MA 35 63.19 107.11 -6.67
CA CYS MA 35 63.28 108.53 -6.92
C CYS MA 35 63.44 109.29 -5.61
N THR MA 36 64.43 110.18 -5.56
CA THR MA 36 64.78 110.91 -4.35
C THR MA 36 64.10 112.27 -4.26
N ASP MA 37 63.32 112.65 -5.26
CA ASP MA 37 62.71 113.96 -5.32
C ASP MA 37 61.52 114.04 -4.38
N PRO MA 38 60.98 115.24 -4.14
CA PRO MA 38 59.80 115.34 -3.27
C PRO MA 38 58.55 114.73 -3.87
N ASP MA 39 58.45 114.65 -5.20
CA ASP MA 39 57.24 114.12 -5.81
C ASP MA 39 57.08 112.61 -5.61
N SER MA 40 58.13 111.90 -5.22
CA SER MA 40 58.01 110.49 -4.88
C SER MA 40 57.97 110.37 -3.36
N THR MA 41 56.85 109.86 -2.85
CA THR MA 41 56.67 109.60 -1.44
C THR MA 41 56.72 108.08 -1.23
N LEU MA 42 56.69 107.68 0.05
CA LEU MA 42 56.62 106.27 0.36
C LEU MA 42 55.35 105.66 -0.19
N SER MA 43 54.24 106.39 -0.10
CA SER MA 43 52.96 105.82 -0.50
C SER MA 43 52.82 105.79 -2.01
N ALA MA 44 53.39 106.78 -2.69
CA ALA MA 44 53.31 106.93 -4.14
C ALA MA 44 54.69 107.25 -4.69
N PRO MA 45 55.53 106.24 -4.89
CA PRO MA 45 56.93 106.48 -5.25
C PRO MA 45 57.15 106.53 -6.76
N GLY MA 46 58.36 106.94 -7.13
CA GLY MA 46 58.87 106.77 -8.48
C GLY MA 46 59.97 105.73 -8.45
N LEU MA 47 59.91 104.81 -9.41
CA LEU MA 47 60.74 103.61 -9.32
C LEU MA 47 61.31 103.23 -10.68
N ILE MA 48 62.47 102.58 -10.66
CA ILE MA 48 63.08 102.04 -11.87
C ILE MA 48 63.55 100.62 -11.59
N ASN MA 49 63.37 99.75 -12.58
CA ASN MA 49 63.72 98.34 -12.51
C ASN MA 49 64.45 97.94 -13.79
N ALA MA 50 65.44 97.07 -13.68
CA ALA MA 50 66.18 96.59 -14.85
C ALA MA 50 66.72 95.19 -14.63
N LYS MA 51 66.35 94.26 -15.52
CA LYS MA 51 66.69 92.83 -15.43
C LYS MA 51 67.44 92.38 -16.67
N PHE MA 52 68.26 91.34 -16.48
CA PHE MA 52 68.99 90.68 -17.56
C PHE MA 52 68.62 89.20 -17.59
N ASP MA 53 67.98 88.77 -18.69
CA ASP MA 53 67.85 87.34 -18.99
C ASP MA 53 69.02 86.99 -19.89
N ILE MA 54 70.07 86.43 -19.30
CA ILE MA 54 71.28 86.07 -20.04
C ILE MA 54 71.23 84.57 -20.31
N LYS MA 55 71.16 84.22 -21.60
CA LYS MA 55 71.14 82.83 -22.01
C LYS MA 55 72.52 82.21 -21.86
N ALA MA 56 72.53 80.88 -21.74
CA ALA MA 56 73.77 80.10 -21.70
C ALA MA 56 74.61 80.40 -22.93
N PRO MA 57 75.93 80.23 -22.86
CA PRO MA 57 76.77 80.51 -24.03
C PRO MA 57 76.32 79.68 -25.22
N GLY MA 58 76.47 80.27 -26.39
CA GLY MA 58 76.01 79.61 -27.60
C GLY MA 58 75.73 80.64 -28.67
N ILE MA 59 75.58 80.13 -29.88
CA ILE MA 59 75.31 80.98 -31.03
C ILE MA 59 73.81 81.12 -31.29
N THR MA 60 72.98 80.36 -30.57
CA THR MA 60 71.54 80.35 -30.76
C THR MA 60 70.86 81.04 -29.58
N GLY MA 61 69.70 81.61 -29.85
CA GLY MA 61 68.88 82.23 -28.82
C GLY MA 61 69.00 83.74 -28.83
N ASN MA 62 68.17 84.37 -27.98
CA ASN MA 62 68.19 85.80 -27.76
C ASN MA 62 68.47 86.08 -26.28
N ASP MA 63 69.36 87.05 -26.03
CA ASP MA 63 69.50 87.66 -24.72
C ASP MA 63 68.43 88.74 -24.55
N ARG MA 64 68.02 88.99 -23.31
CA ARG MA 64 66.95 89.95 -23.11
C ARG MA 64 67.25 90.93 -21.98
N ILE MA 65 66.86 92.19 -22.19
CA ILE MA 65 66.95 93.26 -21.21
C ILE MA 65 65.52 93.72 -20.91
N HIS MA 66 65.19 93.85 -19.64
CA HIS MA 66 63.90 94.37 -19.23
C HIS MA 66 64.11 95.63 -18.40
N ALA MA 67 63.28 96.64 -18.62
CA ALA MA 67 63.40 97.89 -17.89
C ALA MA 67 62.02 98.46 -17.65
N ASN MA 68 61.80 99.02 -16.48
CA ASN MA 68 60.51 99.58 -16.12
C ASN MA 68 60.71 100.89 -15.39
N LEU MA 69 60.06 101.96 -15.87
CA LEU MA 69 60.09 103.26 -15.21
C LEU MA 69 58.66 103.60 -14.80
N ARG MA 70 58.44 103.71 -13.49
CA ARG MA 70 57.12 103.80 -12.89
C ARG MA 70 56.98 105.09 -12.09
N LYS MA 71 55.77 105.64 -12.09
CA LYS MA 71 55.36 106.65 -11.13
C LYS MA 71 53.99 106.26 -10.59
N VAL MA 72 53.89 106.15 -9.27
CA VAL MA 72 52.63 105.82 -8.62
C VAL MA 72 51.92 107.11 -8.25
N VAL MA 73 50.60 107.12 -8.37
CA VAL MA 73 49.79 108.27 -8.01
C VAL MA 73 48.59 107.77 -7.21
N LEU MA 74 48.20 108.54 -6.20
CA LEU MA 74 47.10 108.20 -5.32
C LEU MA 74 45.83 108.93 -5.74
N ASP MA 75 44.69 108.24 -5.65
CA ASP MA 75 43.41 108.87 -5.94
C ASP MA 75 43.10 109.96 -4.91
N GLU MA 76 42.52 111.06 -5.39
CA GLU MA 76 42.24 112.18 -4.52
C GLU MA 76 41.29 111.78 -3.40
N LYS MA 77 40.25 111.03 -3.72
CA LYS MA 77 39.24 110.65 -2.74
C LYS MA 77 39.60 109.33 -2.05
N THR MA 78 39.76 108.27 -2.84
CA THR MA 78 39.91 106.93 -2.27
C THR MA 78 41.32 106.63 -1.79
N ASN MA 79 42.32 107.43 -2.19
CA ASN MA 79 43.73 107.19 -1.88
C ASN MA 79 44.23 105.84 -2.37
N LEU MA 80 43.47 105.19 -3.26
CA LEU MA 80 43.93 103.98 -3.90
C LEU MA 80 45.02 104.31 -4.92
N PRO MA 81 46.08 103.55 -4.97
CA PRO MA 81 47.18 103.86 -5.89
C PRO MA 81 46.94 103.25 -7.26
N SER MA 82 47.13 104.04 -8.30
CA SER MA 82 47.30 103.50 -9.64
C SER MA 82 48.62 104.02 -10.19
N THR MA 83 49.26 103.23 -11.03
CA THR MA 83 50.63 103.49 -11.45
C THR MA 83 50.73 103.62 -12.96
N GLY MA 84 51.51 104.60 -13.40
CA GLY MA 84 51.79 104.81 -14.82
C GLY MA 84 53.23 104.42 -15.11
N SER MA 85 53.44 103.81 -16.27
CA SER MA 85 54.74 103.16 -16.47
C SER MA 85 55.13 103.08 -17.94
N VAL MA 86 56.41 103.30 -18.20
CA VAL MA 86 57.02 103.00 -19.50
C VAL MA 86 57.96 101.83 -19.30
N THR MA 87 57.71 100.75 -20.01
CA THR MA 87 58.52 99.54 -19.89
C THR MA 87 59.10 99.13 -21.25
N ILE MA 88 60.35 98.67 -21.22
CA ILE MA 88 61.13 98.38 -22.42
C ILE MA 88 61.65 96.96 -22.35
N GLN MA 89 61.55 96.24 -23.46
CA GLN MA 89 62.20 94.94 -23.63
C GLN MA 89 63.11 94.99 -24.84
N VAL MA 90 64.39 94.70 -24.62
CA VAL MA 90 65.39 94.62 -25.68
C VAL MA 90 65.73 93.15 -25.88
N SER MA 91 65.63 92.68 -27.13
CA SER MA 91 65.93 91.29 -27.47
C SER MA 91 67.08 91.30 -28.48
N ILE MA 92 68.23 90.80 -28.05
CA ILE MA 92 69.49 90.82 -28.78
C ILE MA 92 69.81 89.39 -29.22
N PRO MA 93 69.76 89.07 -30.50
CA PRO MA 93 70.12 87.73 -30.95
C PRO MA 93 71.62 87.45 -30.80
N ARG MA 94 71.96 86.17 -30.91
CA ARG MA 94 73.33 85.73 -30.75
C ARG MA 94 74.00 85.29 -32.04
N ASN MA 95 73.26 85.22 -33.14
CA ASN MA 95 73.88 84.99 -34.44
C ASN MA 95 74.90 86.09 -34.70
N PRO MA 96 76.16 85.75 -35.04
CA PRO MA 96 77.19 86.78 -35.23
C PRO MA 96 76.82 87.80 -36.28
N ALA MA 97 75.76 87.56 -37.04
CA ALA MA 97 75.24 88.52 -37.99
C ALA MA 97 74.47 89.66 -37.32
N TRP MA 98 74.46 89.72 -36.00
CA TRP MA 98 73.92 90.84 -35.24
C TRP MA 98 75.06 91.62 -34.60
N ASN MA 99 74.84 92.91 -34.35
CA ASN MA 99 75.86 93.77 -33.77
C ASN MA 99 75.30 94.59 -32.62
N ALA MA 100 76.18 94.88 -31.66
CA ALA MA 100 75.86 95.91 -30.69
C ALA MA 100 75.47 97.21 -31.39
N SER MA 101 76.06 97.49 -32.56
CA SER MA 101 75.67 98.69 -33.31
C SER MA 101 74.21 98.62 -33.71
N MET MA 102 73.72 97.43 -34.06
CA MET MA 102 72.32 97.29 -34.42
C MET MA 102 71.42 97.44 -33.20
N THR MA 103 71.85 96.89 -32.05
CA THR MA 103 71.12 97.11 -30.81
C THR MA 103 71.00 98.60 -30.51
N VAL MA 104 72.12 99.31 -30.56
CA VAL MA 104 72.12 100.74 -30.26
C VAL MA 104 71.28 101.50 -31.28
N SER MA 105 71.32 101.08 -32.55
CA SER MA 105 70.52 101.76 -33.56
C SER MA 105 69.03 101.63 -33.25
N LEU MA 106 68.59 100.44 -32.87
CA LEU MA 106 67.19 100.29 -32.48
C LEU MA 106 66.85 101.13 -31.25
N LEU MA 107 67.75 101.18 -30.27
CA LEU MA 107 67.49 102.00 -29.10
C LEU MA 107 67.33 103.47 -29.47
N LYS MA 108 68.24 103.98 -30.30
CA LYS MA 108 68.18 105.38 -30.70
C LYS MA 108 66.93 105.68 -31.51
N GLN MA 109 66.54 104.76 -32.39
CA GLN MA 109 65.33 104.98 -33.19
C GLN MA 109 64.08 104.97 -32.31
N ALA MA 110 64.01 104.06 -31.34
CA ALA MA 110 62.89 104.08 -30.40
C ALA MA 110 62.86 105.38 -29.61
N ALA MA 111 64.01 105.85 -29.17
CA ALA MA 111 64.07 107.13 -28.47
C ALA MA 111 63.56 108.26 -29.36
N ASP MA 112 63.96 108.27 -30.62
CA ASP MA 112 63.49 109.31 -31.53
C ASP MA 112 61.98 109.24 -31.73
N TYR MA 113 61.45 108.02 -31.92
CA TYR MA 113 60.06 107.89 -32.37
C TYR MA 113 59.07 107.99 -31.22
N LEU MA 114 59.42 107.53 -30.02
CA LEU MA 114 58.49 107.59 -28.90
C LEU MA 114 58.79 108.70 -27.90
N ALA MA 115 60.03 109.19 -27.86
CA ALA MA 115 60.38 110.28 -26.96
C ALA MA 115 60.79 111.56 -27.67
N GLY MA 116 61.18 111.49 -28.94
CA GLY MA 116 61.59 112.67 -29.67
C GLY MA 116 62.87 113.29 -29.13
N THR MA 117 63.91 112.48 -28.95
CA THR MA 117 65.15 112.94 -28.33
C THR MA 117 66.39 112.64 -29.16
N SER MA 118 66.25 112.15 -30.38
CA SER MA 118 67.40 111.83 -31.22
C SER MA 118 68.35 113.03 -31.38
N ALA MA 119 69.61 112.71 -31.70
CA ALA MA 119 70.59 113.73 -32.07
C ALA MA 119 70.21 114.38 -33.40
N THR MA 120 70.85 115.51 -33.68
CA THR MA 120 70.52 116.28 -34.87
C THR MA 120 71.25 115.73 -36.10
N VAL MA 121 70.49 115.45 -37.14
CA VAL MA 121 70.99 114.97 -38.43
C VAL MA 121 70.18 115.64 -39.52
N SER MA 122 70.85 116.07 -40.60
CA SER MA 122 70.16 116.71 -41.71
C SER MA 122 69.12 115.77 -42.29
N GLY MA 123 67.90 116.27 -42.44
CA GLY MA 123 66.82 115.50 -43.01
C GLY MA 123 66.04 114.65 -42.04
N GLN MA 124 66.26 114.80 -40.73
CA GLN MA 124 65.55 113.94 -39.79
C GLN MA 124 64.13 114.49 -39.64
N THR MA 125 63.17 113.60 -39.37
CA THR MA 125 61.83 114.12 -39.13
C THR MA 125 61.76 114.73 -37.73
N ASP MA 126 60.98 115.80 -37.63
CA ASP MA 126 60.82 116.51 -36.36
C ASP MA 126 59.94 115.68 -35.45
N THR MA 127 60.54 115.12 -34.42
CA THR MA 127 59.85 114.24 -33.48
C THR MA 127 59.56 114.91 -32.15
N SER MA 128 59.75 116.24 -32.08
CA SER MA 128 59.62 116.93 -30.81
C SER MA 128 58.22 116.78 -30.21
N GLY MA 129 57.19 116.84 -31.05
CA GLY MA 129 55.83 116.73 -30.59
C GLY MA 129 55.30 115.33 -30.47
N PHE MA 130 56.09 114.35 -30.90
CA PHE MA 130 55.65 112.97 -30.84
C PHE MA 130 55.34 112.48 -29.42
N PRO MA 131 56.15 112.75 -28.39
CA PRO MA 131 55.75 112.29 -27.05
C PRO MA 131 54.43 112.87 -26.61
N ALA MA 132 54.16 114.13 -26.94
CA ALA MA 132 52.84 114.70 -26.63
C ALA MA 132 51.74 113.93 -27.36
N LYS MA 133 51.92 113.68 -28.66
CA LYS MA 133 50.89 112.96 -29.41
C LYS MA 133 50.69 111.55 -28.84
N TRP MA 134 51.77 110.89 -28.42
CA TRP MA 134 51.63 109.56 -27.82
C TRP MA 134 50.84 109.64 -26.51
N ALA MA 135 51.20 110.59 -25.64
CA ALA MA 135 50.50 110.74 -24.38
C ALA MA 135 49.02 111.04 -24.61
N GLY MA 136 48.68 111.62 -25.76
CA GLY MA 136 47.29 111.75 -26.14
C GLY MA 136 46.69 110.57 -26.86
N LEU MA 137 47.42 109.46 -26.99
CA LEU MA 137 46.98 108.30 -27.76
C LEU MA 137 46.65 108.67 -29.20
N MET MA 138 47.63 109.29 -29.86
CA MET MA 138 47.51 109.69 -31.26
C MET MA 138 48.76 109.26 -31.99
N PHE MA 139 48.60 108.56 -33.10
CA PHE MA 139 49.77 108.17 -33.88
C PHE MA 139 50.42 109.42 -34.48
N PRO MA 140 51.74 109.56 -34.39
CA PRO MA 140 52.50 110.67 -34.96
C PRO MA 140 52.34 110.75 -36.47
N ALA NA 1 -87.51 38.86 84.13
CA ALA NA 1 -86.57 38.84 85.24
C ALA NA 1 -86.78 40.01 86.20
N ALA NA 2 -86.49 39.78 87.47
CA ALA NA 2 -86.61 40.84 88.47
C ALA NA 2 -85.59 41.94 88.22
N PRO NA 3 -85.95 43.20 88.42
CA PRO NA 3 -85.01 44.29 88.14
C PRO NA 3 -83.91 44.40 89.17
N SER NA 4 -84.15 43.94 90.40
CA SER NA 4 -83.15 44.06 91.45
C SER NA 4 -83.44 43.02 92.52
N LEU NA 5 -82.41 42.72 93.31
CA LEU NA 5 -82.45 41.65 94.30
C LEU NA 5 -81.72 42.10 95.55
N ALA NA 6 -82.25 41.69 96.70
CA ALA NA 6 -81.58 41.86 97.98
C ALA NA 6 -81.45 40.47 98.58
N LEU NA 7 -80.31 39.81 98.33
CA LEU NA 7 -80.11 38.45 98.77
C LEU NA 7 -79.40 38.45 100.12
N VAL NA 8 -79.61 37.41 100.90
CA VAL NA 8 -78.96 37.31 102.20
C VAL NA 8 -77.65 36.53 102.06
N GLY NA 9 -76.57 37.12 102.56
CA GLY NA 9 -75.27 36.49 102.65
C GLY NA 9 -74.70 36.70 104.03
N ALA NA 10 -73.37 36.68 104.12
CA ALA NA 10 -72.66 36.77 105.40
C ALA NA 10 -71.52 37.76 105.30
N ASN NA 11 -71.32 38.52 106.38
CA ASN NA 11 -70.20 39.46 106.50
C ASN NA 11 -68.99 38.72 107.05
N SER NA 12 -67.97 39.47 107.47
CA SER NA 12 -66.78 38.84 108.03
C SER NA 12 -67.08 38.16 109.36
N THR NA 13 -68.10 38.60 110.09
CA THR NA 13 -68.56 37.97 111.32
C THR NA 13 -69.41 36.73 111.05
N LEU NA 14 -69.82 36.51 109.80
CA LEU NA 14 -70.79 35.51 109.39
C LEU NA 14 -72.20 35.83 109.86
N ALA NA 15 -72.45 37.09 110.24
CA ALA NA 15 -73.80 37.53 110.52
C ALA NA 15 -74.55 37.77 109.20
N SER NA 16 -75.86 37.53 109.24
CA SER NA 16 -76.67 37.65 108.03
C SER NA 16 -76.71 39.11 107.56
N THR NA 17 -76.26 39.35 106.34
CA THR NA 17 -76.14 40.69 105.78
C THR NA 17 -76.78 40.72 104.40
N LEU NA 18 -77.43 41.83 104.05
CA LEU NA 18 -77.94 41.95 102.70
C LEU NA 18 -76.82 42.21 101.71
N VAL NA 19 -77.00 41.68 100.51
CA VAL NA 19 -76.15 41.95 99.37
C VAL NA 19 -77.04 42.26 98.18
N ASN NA 20 -76.80 43.42 97.57
CA ASN NA 20 -77.74 44.02 96.62
C ASN NA 20 -77.23 43.81 95.21
N TYR NA 21 -78.07 43.20 94.38
CA TYR NA 21 -77.80 43.04 92.96
C TYR NA 21 -78.83 43.82 92.17
N SER NA 22 -78.44 44.25 90.97
CA SER NA 22 -79.35 44.88 90.04
C SER NA 22 -79.13 44.29 88.66
N LEU NA 23 -80.20 44.27 87.86
CA LEU NA 23 -80.18 43.62 86.56
C LEU NA 23 -79.29 44.37 85.60
N ARG NA 24 -78.16 43.77 85.24
CA ARG NA 24 -77.34 44.32 84.16
C ARG NA 24 -78.02 44.08 82.81
N SER NA 25 -78.28 42.83 82.46
CA SER NA 25 -78.85 42.60 81.14
C SER NA 25 -79.61 41.28 81.10
N GLN NA 26 -80.72 41.27 80.36
CA GLN NA 26 -81.42 40.03 80.04
C GLN NA 26 -81.23 39.74 78.56
N ASN NA 27 -80.56 38.63 78.28
CA ASN NA 27 -80.56 38.00 76.98
C ASN NA 27 -81.66 36.92 76.99
N GLY NA 28 -81.95 36.37 75.82
CA GLY NA 28 -83.00 35.38 75.74
C GLY NA 28 -82.69 34.14 76.56
N ASN NA 29 -83.48 33.90 77.60
CA ASN NA 29 -83.26 32.80 78.55
C ASN NA 29 -81.89 32.94 79.23
N ASN NA 30 -81.46 34.18 79.46
CA ASN NA 30 -80.19 34.42 80.13
C ASN NA 30 -80.27 35.74 80.88
N VAL NA 31 -79.76 35.77 82.10
CA VAL NA 31 -79.88 36.94 82.96
C VAL NA 31 -78.55 37.20 83.66
N ASP NA 32 -78.12 38.47 83.66
CA ASP NA 32 -76.88 38.89 84.30
C ASP NA 32 -77.18 40.02 85.28
N TYR NA 33 -76.88 39.77 86.56
CA TYR NA 33 -77.00 40.74 87.65
C TYR NA 33 -75.62 41.14 88.14
N VAL NA 34 -75.54 42.36 88.69
CA VAL NA 34 -74.30 42.94 89.20
C VAL NA 34 -74.54 43.45 90.61
N CYS NA 35 -73.56 43.30 91.48
CA CYS NA 35 -73.68 43.77 92.85
C CYS NA 35 -73.50 45.28 92.90
N THR NA 36 -74.42 45.96 93.58
CA THR NA 36 -74.46 47.42 93.67
C THR NA 36 -73.91 47.94 95.00
N ASP NA 37 -73.31 47.09 95.80
CA ASP NA 37 -72.73 47.51 97.07
C ASP NA 37 -71.37 48.15 96.81
N PRO NA 38 -70.80 48.82 97.81
CA PRO NA 38 -69.40 49.24 97.70
C PRO NA 38 -68.42 48.07 97.64
N ASP NA 39 -68.83 46.86 98.03
CA ASP NA 39 -67.97 45.69 97.98
C ASP NA 39 -67.50 45.39 96.56
N SER NA 40 -68.41 45.48 95.60
CA SER NA 40 -68.08 45.23 94.21
C SER NA 40 -67.79 46.55 93.50
N THR NA 41 -66.77 46.53 92.67
CA THR NA 41 -66.45 47.58 91.72
C THR NA 41 -66.33 46.93 90.35
N LEU NA 42 -66.24 47.76 89.31
CA LEU NA 42 -66.04 47.19 87.98
C LEU NA 42 -64.76 46.38 87.92
N SER NA 43 -63.73 46.79 88.66
CA SER NA 43 -62.46 46.07 88.64
C SER NA 43 -62.57 44.71 89.32
N ALA NA 44 -63.31 44.63 90.42
CA ALA NA 44 -63.50 43.37 91.16
C ALA NA 44 -64.97 43.23 91.53
N PRO NA 45 -65.79 42.76 90.59
CA PRO NA 45 -67.24 42.78 90.78
C PRO NA 45 -67.79 41.55 91.47
N GLY NA 46 -69.03 41.68 91.93
CA GLY NA 46 -69.85 40.56 92.33
C GLY NA 46 -70.93 40.38 91.27
N LEU NA 47 -71.13 39.14 90.85
CA LEU NA 47 -71.91 38.89 89.64
C LEU NA 47 -72.81 37.68 89.82
N ILE NA 48 -73.93 37.68 89.11
CA ILE NA 48 -74.84 36.54 89.06
C ILE NA 48 -75.23 36.30 87.60
N ASN NA 49 -75.30 35.04 87.21
CA ASN NA 49 -75.67 34.63 85.86
C ASN NA 49 -76.64 33.45 85.95
N ALA NA 50 -77.70 33.49 85.14
CA ALA NA 50 -78.71 32.43 85.14
C ALA NA 50 -79.13 32.12 83.71
N LYS NA 51 -79.07 30.84 83.33
CA LYS NA 51 -79.29 30.38 81.96
C LYS NA 51 -80.28 29.22 81.96
N PHE NA 52 -80.97 29.06 80.83
CA PHE NA 52 -81.95 28.00 80.61
C PHE NA 52 -81.63 27.24 79.34
N ASP NA 53 -81.20 25.99 79.50
CA ASP NA 53 -81.03 25.06 78.39
C ASP NA 53 -82.35 24.30 78.25
N ILE NA 54 -83.22 24.79 77.37
CA ILE NA 54 -84.54 24.20 77.15
C ILE NA 54 -84.52 23.51 75.81
N LYS NA 55 -84.75 22.20 75.82
CA LYS NA 55 -84.73 21.42 74.59
C LYS NA 55 -86.01 21.65 73.80
N ALA NA 56 -85.97 21.29 72.52
CA ALA NA 56 -87.12 21.43 71.66
C ALA NA 56 -88.32 20.69 72.26
N PRO NA 57 -89.54 21.20 72.06
CA PRO NA 57 -90.71 20.56 72.70
C PRO NA 57 -90.96 19.14 72.25
N GLY NA 58 -90.64 18.79 71.00
CA GLY NA 58 -90.79 17.42 70.57
C GLY NA 58 -89.80 16.48 71.23
N ILE NA 59 -88.55 16.92 71.39
CA ILE NA 59 -87.47 16.07 71.90
C ILE NA 59 -87.66 15.84 73.39
N THR NA 60 -87.45 14.60 73.83
CA THR NA 60 -87.34 14.29 75.26
C THR NA 60 -85.88 14.33 75.68
N GLY NA 61 -85.63 14.97 76.80
CA GLY NA 61 -84.32 15.00 77.40
C GLY NA 61 -84.46 15.54 78.80
N ASN NA 62 -83.42 16.22 79.26
CA ASN NA 62 -83.50 16.98 80.50
C ASN NA 62 -83.42 18.46 80.17
N ASP NA 63 -84.33 19.25 80.74
CA ASP NA 63 -84.16 20.68 80.75
C ASP NA 63 -83.16 21.07 81.83
N ARG NA 64 -82.40 22.14 81.61
CA ARG NA 64 -81.32 22.49 82.52
C ARG NA 64 -81.35 23.96 82.91
N ILE NA 65 -80.99 24.22 84.16
CA ILE NA 65 -80.81 25.56 84.70
C ILE NA 65 -79.36 25.70 85.13
N HIS NA 66 -78.71 26.78 84.71
CA HIS NA 66 -77.32 27.05 85.09
C HIS NA 66 -77.26 28.37 85.83
N ALA NA 67 -76.85 28.33 87.09
CA ALA NA 67 -76.69 29.54 87.89
C ALA NA 67 -75.25 29.67 88.37
N ASN NA 68 -74.80 30.91 88.48
CA ASN NA 68 -73.43 31.19 88.86
C ASN NA 68 -73.39 32.47 89.68
N LEU NA 69 -72.86 32.38 90.90
CA LEU NA 69 -72.70 33.52 91.80
C LEU NA 69 -71.22 33.70 92.08
N ARG NA 70 -70.67 34.83 91.67
CA ARG NA 70 -69.24 35.08 91.67
C ARG NA 70 -68.90 36.30 92.50
N LYS NA 71 -67.71 36.28 93.10
CA LYS NA 71 -67.09 37.47 93.68
C LYS NA 71 -65.63 37.48 93.26
N VAL NA 72 -65.21 38.55 92.58
CA VAL NA 72 -63.82 38.73 92.17
C VAL NA 72 -63.09 39.46 93.28
N VAL NA 73 -61.84 39.08 93.51
CA VAL NA 73 -61.01 39.74 94.50
C VAL NA 73 -59.64 40.01 93.87
N LEU NA 74 -59.03 41.13 94.27
CA LEU NA 74 -57.73 41.54 93.77
C LEU NA 74 -56.65 41.21 94.79
N ASP NA 75 -55.51 40.73 94.30
CA ASP NA 75 -54.37 40.51 95.16
C ASP NA 75 -53.83 41.83 95.68
N GLU NA 76 -53.53 41.89 96.97
CA GLU NA 76 -52.97 43.12 97.54
C GLU NA 76 -51.67 43.49 96.83
N LYS NA 77 -50.79 42.51 96.63
CA LYS NA 77 -49.47 42.82 96.08
C LYS NA 77 -49.50 43.01 94.56
N THR NA 78 -50.19 42.14 93.82
CA THR NA 78 -50.11 42.19 92.36
C THR NA 78 -51.35 42.77 91.68
N ASN NA 79 -52.43 43.02 92.42
CA ASN NA 79 -53.71 43.46 91.86
C ASN NA 79 -54.24 42.53 90.79
N LEU NA 80 -53.70 41.31 90.70
CA LEU NA 80 -54.22 40.31 89.80
C LEU NA 80 -55.53 39.76 90.35
N PRO NA 81 -56.53 39.57 89.50
CA PRO NA 81 -57.83 39.14 90.00
C PRO NA 81 -57.94 37.63 90.05
N SER NA 82 -58.39 37.09 91.16
CA SER NA 82 -58.87 35.72 91.20
C SER NA 82 -60.28 35.73 91.76
N THR NA 83 -61.08 34.77 91.32
CA THR NA 83 -62.50 34.81 91.57
C THR NA 83 -62.95 33.57 92.34
N GLY NA 84 -63.94 33.76 93.20
CA GLY NA 84 -64.55 32.67 93.95
C GLY NA 84 -66.02 32.56 93.58
N SER NA 85 -66.51 31.33 93.44
CA SER NA 85 -67.83 31.18 92.83
C SER NA 85 -68.57 29.96 93.35
N VAL NA 86 -69.89 30.07 93.36
CA VAL NA 86 -70.79 28.95 93.56
C VAL NA 86 -71.64 28.79 92.30
N THR NA 87 -71.54 27.64 91.66
CA THR NA 87 -72.31 27.34 90.47
C THR NA 87 -73.27 26.18 90.75
N ILE NA 88 -74.43 26.24 90.10
CA ILE NA 88 -75.53 25.32 90.34
C ILE NA 88 -76.09 24.87 89.01
N GLN NA 89 -76.33 23.58 88.87
CA GLN NA 89 -76.93 23.05 87.66
C GLN NA 89 -78.13 22.21 88.07
N VAL NA 90 -79.31 22.58 87.60
CA VAL NA 90 -80.54 21.85 87.89
C VAL NA 90 -80.93 21.11 86.61
N SER NA 91 -81.03 19.79 86.68
CA SER NA 91 -81.42 18.96 85.55
C SER NA 91 -82.77 18.34 85.86
N ILE NA 92 -83.80 18.79 85.13
CA ILE NA 92 -85.19 18.42 85.34
C ILE NA 92 -85.61 17.52 84.18
N PRO NA 93 -86.02 16.28 84.42
CA PRO NA 93 -86.47 15.42 83.33
C PRO NA 93 -87.86 15.76 82.82
N ARG NA 94 -88.07 15.47 81.53
CA ARG NA 94 -89.32 15.76 80.83
C ARG NA 94 -90.34 14.64 80.93
N ASN NA 95 -90.24 13.78 81.92
CA ASN NA 95 -91.19 12.70 82.16
C ASN NA 95 -92.25 13.15 83.17
N PRO NA 96 -93.54 12.99 82.87
CA PRO NA 96 -94.57 13.39 83.86
C PRO NA 96 -94.42 12.73 85.22
N ALA NA 97 -93.63 11.67 85.32
CA ALA NA 97 -93.34 11.07 86.61
C ALA NA 97 -92.49 11.95 87.50
N TRP NA 98 -91.98 13.06 86.98
CA TRP NA 98 -91.26 14.08 87.73
C TRP NA 98 -92.12 15.34 87.79
N ASN NA 99 -91.99 16.10 88.87
CA ASN NA 99 -92.77 17.33 88.95
C ASN NA 99 -92.02 18.41 89.72
N ALA NA 100 -92.63 19.59 89.72
CA ALA NA 100 -92.00 20.75 90.33
C ALA NA 100 -91.79 20.57 91.81
N SER NA 101 -92.66 19.80 92.48
CA SER NA 101 -92.44 19.55 93.90
C SER NA 101 -91.13 18.83 94.12
N MET NA 102 -90.77 17.91 93.21
CA MET NA 102 -89.51 17.20 93.33
C MET NA 102 -88.33 18.12 93.01
N THR NA 103 -88.46 18.97 91.98
CA THR NA 103 -87.43 19.96 91.72
C THR NA 103 -87.17 20.82 92.95
N VAL NA 104 -88.23 21.34 93.55
CA VAL NA 104 -88.10 22.19 94.73
C VAL NA 104 -87.52 21.41 95.89
N SER NA 105 -87.91 20.13 96.03
CA SER NA 105 -87.37 19.33 97.12
C SER NA 105 -85.87 19.19 97.01
N LEU NA 106 -85.36 18.92 95.80
CA LEU NA 106 -83.91 18.86 95.63
C LEU NA 106 -83.26 20.20 95.95
N LEU NA 107 -83.86 21.30 95.50
CA LEU NA 107 -83.30 22.61 95.81
C LEU NA 107 -83.22 22.85 97.31
N LYS NA 108 -84.30 22.54 98.03
CA LYS NA 108 -84.34 22.76 99.47
C LYS NA 108 -83.32 21.88 100.18
N GLN NA 109 -83.17 20.63 99.74
CA GLN NA 109 -82.21 19.74 100.40
C GLN NA 109 -80.79 20.21 100.17
N ALA NA 110 -80.48 20.65 98.94
CA ALA NA 110 -79.14 21.19 98.68
C ALA NA 110 -78.89 22.43 99.54
N ALA NA 111 -79.89 23.29 99.68
CA ALA NA 111 -79.76 24.47 100.53
C ALA NA 111 -79.46 24.06 101.97
N ASP NA 112 -80.23 23.11 102.51
CA ASP NA 112 -79.99 22.65 103.87
C ASP NA 112 -78.58 22.09 104.01
N TYR NA 113 -78.13 21.27 103.07
CA TYR NA 113 -76.89 20.52 103.28
C TYR NA 113 -75.64 21.33 103.00
N LEU NA 114 -75.69 22.32 102.11
CA LEU NA 114 -74.50 23.10 101.81
C LEU NA 114 -74.51 24.51 102.36
N ALA NA 115 -75.68 25.09 102.63
CA ALA NA 115 -75.77 26.41 103.23
C ALA NA 115 -76.35 26.41 104.63
N GLY NA 116 -77.03 25.33 105.03
CA GLY NA 116 -77.62 25.26 106.34
C GLY NA 116 -78.71 26.29 106.56
N THR NA 117 -79.68 26.35 105.63
CA THR NA 117 -80.72 27.36 105.69
C THR NA 117 -82.14 26.79 105.60
N SER NA 118 -82.32 25.48 105.73
CA SER NA 118 -83.64 24.88 105.69
C SER NA 118 -84.59 25.50 106.72
N ALA NA 119 -85.89 25.33 106.47
CA ALA NA 119 -86.92 25.69 107.43
C ALA NA 119 -86.89 24.75 108.63
N THR NA 120 -87.41 25.23 109.76
CA THR NA 120 -87.38 24.43 110.98
C THR NA 120 -88.39 23.29 110.87
N VAL NA 121 -87.91 22.06 111.06
CA VAL NA 121 -88.71 20.84 111.00
C VAL NA 121 -88.15 19.89 112.04
N SER NA 122 -89.01 19.33 112.88
CA SER NA 122 -88.53 18.54 114.00
C SER NA 122 -87.81 17.30 113.50
N GLY NA 123 -86.65 17.01 114.09
CA GLY NA 123 -85.84 15.89 113.70
C GLY NA 123 -84.80 16.19 112.64
N GLN NA 124 -84.76 17.41 112.12
CA GLN NA 124 -83.74 17.79 111.16
C GLN NA 124 -82.37 17.83 111.82
N THR NA 125 -81.35 17.46 111.07
CA THR NA 125 -80.00 17.63 111.57
C THR NA 125 -79.64 19.11 111.59
N ASP NA 126 -78.84 19.51 112.58
CA ASP NA 126 -78.43 20.89 112.74
C ASP NA 126 -77.37 21.18 111.70
N THR NA 127 -77.78 21.81 110.61
CA THR NA 127 -76.92 22.10 109.47
C THR NA 127 -76.29 23.48 109.55
N SER NA 128 -76.46 24.18 110.68
CA SER NA 128 -76.02 25.56 110.78
C SER NA 128 -74.52 25.70 110.56
N GLY NA 129 -73.73 24.76 111.05
CA GLY NA 129 -72.28 24.84 110.92
C GLY NA 129 -71.73 24.25 109.66
N PHE NA 130 -72.59 23.61 108.86
CA PHE NA 130 -72.12 22.98 107.64
C PHE NA 130 -71.47 23.95 106.65
N PRO NA 131 -71.99 25.15 106.40
CA PRO NA 131 -71.27 26.06 105.49
C PRO NA 131 -69.87 26.39 105.97
N ALA NA 132 -69.70 26.58 107.28
CA ALA NA 132 -68.36 26.77 107.82
C ALA NA 132 -67.47 25.56 107.52
N LYS NA 133 -67.97 24.36 107.79
CA LYS NA 133 -67.17 23.16 107.53
C LYS NA 133 -66.81 23.04 106.06
N TRP NA 134 -67.77 23.33 105.17
CA TRP NA 134 -67.48 23.24 103.74
C TRP NA 134 -66.40 24.25 103.35
N ALA NA 135 -66.53 25.50 103.82
CA ALA NA 135 -65.52 26.52 103.54
C ALA NA 135 -64.17 26.15 104.10
N GLY NA 136 -64.12 25.21 105.05
CA GLY NA 136 -62.86 24.65 105.49
C GLY NA 136 -62.40 23.40 104.77
N LEU NA 137 -63.11 22.98 103.70
CA LEU NA 137 -62.88 21.70 103.03
C LEU NA 137 -62.94 20.53 104.00
N MET NA 138 -64.02 20.47 104.76
CA MET NA 138 -64.29 19.41 105.73
C MET NA 138 -65.69 18.87 105.50
N PHE NA 139 -65.84 17.57 105.42
CA PHE NA 139 -67.17 17.00 105.29
C PHE NA 139 -67.93 17.21 106.60
N PRO NA 140 -69.20 17.64 106.54
CA PRO NA 140 -70.04 17.79 107.73
C PRO NA 140 -70.18 16.47 108.48
N ALA OA 1 -92.59 43.96 75.40
CA ALA OA 1 -93.63 42.95 75.21
C ALA OA 1 -94.49 42.79 76.46
N ALA OA 2 -95.73 42.36 76.26
CA ALA OA 2 -96.65 42.19 77.39
C ALA OA 2 -96.13 41.10 78.32
N PRO OA 3 -96.10 41.34 79.63
CA PRO OA 3 -95.57 40.32 80.55
C PRO OA 3 -96.44 39.10 80.68
N SER OA 4 -97.73 39.19 80.35
CA SER OA 4 -98.61 38.04 80.45
C SER OA 4 -99.80 38.25 79.52
N LEU OA 5 -100.44 37.14 79.15
CA LEU OA 5 -101.51 37.13 78.18
C LEU OA 5 -102.61 36.18 78.63
N ALA OA 6 -103.85 36.55 78.35
CA ALA OA 6 -105.01 35.69 78.59
C ALA OA 6 -105.73 35.57 77.24
N LEU OA 7 -105.41 34.53 76.49
CA LEU OA 7 -105.94 34.37 75.14
C LEU OA 7 -107.16 33.45 75.18
N VAL OA 8 -108.02 33.58 74.18
CA VAL OA 8 -109.21 32.75 74.10
C VAL OA 8 -108.94 31.54 73.22
N GLY OA 9 -109.22 30.35 73.74
CA GLY OA 9 -109.16 29.13 72.97
C GLY OA 9 -110.43 28.32 73.20
N ALA OA 10 -110.37 27.02 73.00
CA ALA OA 10 -111.54 26.16 73.12
C ALA OA 10 -111.25 25.00 74.05
N ASN OA 11 -112.23 24.68 74.91
CA ASN OA 11 -112.15 23.51 75.79
C ASN OA 11 -112.47 22.26 75.00
N SER OA 12 -112.64 21.14 75.70
CA SER OA 12 -112.97 19.88 75.02
C SER OA 12 -114.32 19.97 74.31
N THR OA 13 -115.19 20.88 74.71
CA THR OA 13 -116.50 21.06 74.11
C THR OA 13 -116.52 22.17 73.06
N LEU OA 14 -115.38 22.81 72.82
CA LEU OA 14 -115.23 23.93 71.90
C LEU OA 14 -115.86 25.21 72.42
N ALA OA 15 -116.14 25.28 73.73
CA ALA OA 15 -116.57 26.52 74.34
C ALA OA 15 -115.37 27.45 74.56
N SER OA 16 -115.61 28.75 74.43
CA SER OA 16 -114.53 29.71 74.59
C SER OA 16 -114.01 29.68 76.02
N THR OA 17 -112.71 29.45 76.16
CA THR OA 17 -112.06 29.29 77.46
C THR OA 17 -110.76 30.07 77.46
N LEU OA 18 -110.43 30.70 78.59
CA LEU OA 18 -109.16 31.38 78.66
C LEU OA 18 -108.00 30.40 78.75
N VAL OA 19 -106.87 30.82 78.19
CA VAL OA 19 -105.61 30.11 78.25
C VAL OA 19 -104.54 31.13 78.58
N ASN OA 20 -103.81 30.89 79.67
CA ASN OA 20 -102.97 31.90 80.30
C ASN OA 20 -101.51 31.64 79.96
N TYR OA 21 -100.87 32.64 79.39
CA TYR OA 21 -99.45 32.59 79.07
C TYR OA 21 -98.72 33.67 79.86
N SER OA 22 -97.46 33.41 80.15
CA SER OA 22 -96.58 34.37 80.80
C SER OA 22 -95.27 34.45 80.02
N LEU OA 23 -94.69 35.64 80.02
CA LEU OA 23 -93.49 35.92 79.23
C LEU OA 23 -92.28 35.29 79.89
N ARG OA 24 -91.66 34.32 79.21
CA ARG OA 24 -90.48 33.66 79.77
C ARG OA 24 -89.22 34.50 79.57
N SER OA 25 -88.96 34.97 78.35
CA SER OA 25 -87.79 35.80 78.08
C SER OA 25 -88.00 36.57 76.78
N GLN OA 26 -87.06 37.44 76.46
CA GLN OA 26 -87.05 38.19 75.21
C GLN OA 26 -85.62 38.25 74.70
N ASN OA 27 -85.39 37.67 73.52
CA ASN OA 27 -84.11 37.63 72.80
C ASN OA 27 -84.15 38.65 71.67
N GLY OA 28 -83.16 38.59 70.79
CA GLY OA 28 -83.10 39.43 69.61
C GLY OA 28 -84.30 39.24 68.72
N ASN OA 29 -85.15 40.26 68.67
CA ASN OA 29 -86.31 40.31 67.80
C ASN OA 29 -87.22 39.10 67.96
N ASN OA 30 -87.41 38.65 69.20
CA ASN OA 30 -88.30 37.53 69.44
C ASN OA 30 -88.83 37.59 70.87
N VAL OA 31 -89.83 36.75 71.12
CA VAL OA 31 -90.57 36.73 72.38
C VAL OA 31 -91.02 35.30 72.62
N ASP OA 32 -90.86 34.83 73.87
CA ASP OA 32 -91.17 33.46 74.26
C ASP OA 32 -92.14 33.46 75.43
N TYR OA 33 -93.33 32.90 75.23
CA TYR OA 33 -94.37 32.77 76.24
C TYR OA 33 -94.61 31.30 76.57
N VAL OA 34 -94.98 31.05 77.82
CA VAL OA 34 -95.24 29.71 78.33
C VAL OA 34 -96.63 29.69 78.98
N CYS OA 35 -97.34 28.59 78.81
CA CYS OA 35 -98.67 28.46 79.40
C CYS OA 35 -98.55 28.16 80.89
N THR OA 36 -99.31 28.89 81.70
CA THR OA 36 -99.26 28.80 83.15
C THR OA 36 -100.46 28.06 83.74
N ASP OA 37 -101.29 27.45 82.91
CA ASP OA 37 -102.42 26.69 83.39
C ASP OA 37 -101.93 25.38 84.00
N PRO OA 38 -102.79 24.68 84.73
CA PRO OA 38 -102.37 23.38 85.28
C PRO OA 38 -102.13 22.31 84.22
N ASP OA 39 -102.81 22.36 83.07
CA ASP OA 39 -102.68 21.30 82.08
C ASP OA 39 -101.34 21.32 81.35
N SER OA 40 -100.59 22.42 81.42
CA SER OA 40 -99.27 22.48 80.80
C SER OA 40 -98.20 22.31 81.88
N THR OA 41 -97.26 21.41 81.61
CA THR OA 41 -96.14 21.11 82.47
C THR OA 41 -94.90 21.01 81.59
N LEU OA 42 -93.73 20.91 82.21
CA LEU OA 42 -92.51 20.82 81.39
C LEU OA 42 -92.52 19.57 80.52
N SER OA 43 -93.20 18.51 80.96
CA SER OA 43 -93.31 17.30 80.17
C SER OA 43 -94.12 17.54 78.90
N ALA OA 44 -95.19 18.34 78.99
CA ALA OA 44 -96.07 18.62 77.86
C ALA OA 44 -96.56 20.06 77.95
N PRO OA 45 -95.73 21.01 77.52
CA PRO OA 45 -96.05 22.43 77.72
C PRO OA 45 -96.89 23.01 76.59
N GLY OA 46 -97.41 24.20 76.84
CA GLY OA 46 -97.97 25.06 75.82
C GLY OA 46 -97.07 26.27 75.65
N LEU OA 47 -96.80 26.62 74.39
CA LEU OA 47 -95.76 27.61 74.10
C LEU OA 47 -96.23 28.56 73.00
N ILE OA 48 -95.76 29.81 73.07
CA ILE OA 48 -95.96 30.77 72.00
C ILE OA 48 -94.64 31.48 71.73
N ASN OA 49 -94.32 31.69 70.45
CA ASN OA 49 -93.05 32.25 70.05
C ASN OA 49 -93.26 33.23 68.91
N ALA OA 50 -92.61 34.39 68.97
CA ALA OA 50 -92.76 35.39 67.92
C ALA OA 50 -91.41 35.99 67.59
N LYS OA 51 -91.19 36.28 66.30
CA LYS OA 51 -89.91 36.77 65.81
C LYS OA 51 -90.14 37.75 64.67
N PHE OA 52 -89.27 38.76 64.59
CA PHE OA 52 -89.28 39.70 63.47
C PHE OA 52 -88.01 39.54 62.64
N ASP OA 53 -88.18 39.38 61.32
CA ASP OA 53 -87.10 39.51 60.35
C ASP OA 53 -87.28 40.89 59.73
N ILE OA 54 -86.44 41.84 60.13
CA ILE OA 54 -86.60 43.23 59.76
C ILE OA 54 -85.51 43.60 58.78
N LYS OA 55 -85.91 44.01 57.58
CA LYS OA 55 -84.94 44.36 56.56
C LYS OA 55 -84.48 45.80 56.75
N ALA OA 56 -83.39 46.14 56.07
CA ALA OA 56 -82.74 47.44 56.25
C ALA OA 56 -83.69 48.57 55.88
N PRO OA 57 -83.43 49.79 56.37
CA PRO OA 57 -84.28 50.92 56.00
C PRO OA 57 -84.31 51.14 54.50
N GLY OA 58 -85.46 51.56 54.01
CA GLY OA 58 -85.70 51.74 52.60
C GLY OA 58 -87.09 51.26 52.26
N ILE OA 59 -87.41 51.26 50.97
CA ILE OA 59 -88.71 50.77 50.52
C ILE OA 59 -88.59 49.51 49.69
N THR OA 60 -87.42 48.87 49.68
CA THR OA 60 -87.16 47.77 48.76
C THR OA 60 -87.67 46.43 49.27
N GLY OA 61 -87.53 46.16 50.57
CA GLY OA 61 -87.62 44.81 51.07
C GLY OA 61 -89.02 44.33 51.41
N ASN OA 62 -89.05 43.21 52.12
CA ASN OA 62 -90.24 42.60 52.71
C ASN OA 62 -89.91 42.23 54.15
N ASP OA 63 -90.54 42.91 55.11
CA ASP OA 63 -90.42 42.54 56.52
C ASP OA 63 -91.23 41.28 56.79
N ARG OA 64 -90.84 40.52 57.82
CA ARG OA 64 -91.53 39.28 58.12
C ARG OA 64 -91.76 39.11 59.62
N ILE OA 65 -92.92 38.55 59.95
CA ILE OA 65 -93.29 38.19 61.32
C ILE OA 65 -93.49 36.69 61.35
N HIS OA 66 -92.92 36.03 62.36
CA HIS OA 66 -93.05 34.59 62.55
C HIS OA 66 -93.68 34.34 63.91
N ALA OA 67 -94.86 33.75 63.93
CA ALA OA 67 -95.50 33.35 65.18
C ALA OA 67 -95.68 31.84 65.19
N ASN OA 68 -95.68 31.27 66.38
CA ASN OA 68 -95.77 29.82 66.52
C ASN OA 68 -96.46 29.51 67.84
N LEU OA 69 -97.61 28.85 67.77
CA LEU OA 69 -98.38 28.45 68.94
C LEU OA 69 -98.40 26.93 68.99
N ARG OA 70 -97.79 26.35 70.03
CA ARG OA 70 -97.62 24.92 70.13
C ARG OA 70 -98.23 24.39 71.42
N LYS OA 71 -98.65 23.13 71.37
CA LYS OA 71 -99.04 22.37 72.55
C LYS OA 71 -98.53 20.94 72.41
N VAL OA 72 -97.85 20.46 73.44
CA VAL OA 72 -97.32 19.11 73.45
C VAL OA 72 -98.30 18.20 74.17
N VAL OA 73 -98.43 16.97 73.70
CA VAL OA 73 -99.32 15.99 74.32
C VAL OA 73 -98.56 14.68 74.44
N LEU OA 74 -98.90 13.90 75.47
CA LEU OA 74 -98.26 12.63 75.74
C LEU OA 74 -99.22 11.48 75.45
N ASP OA 75 -98.69 10.42 74.83
CA ASP OA 75 -99.48 9.24 74.52
C ASP OA 75 -99.97 8.57 75.81
N GLU OA 76 -101.25 8.19 75.84
CA GLU OA 76 -101.78 7.51 77.02
C GLU OA 76 -101.10 6.16 77.24
N LYS OA 77 -100.56 5.56 76.19
CA LYS OA 77 -99.98 4.24 76.31
C LYS OA 77 -98.49 4.29 76.62
N THR OA 78 -97.78 5.27 76.06
CA THR OA 78 -96.32 5.30 76.12
C THR OA 78 -95.73 6.59 76.69
N ASN OA 79 -96.55 7.59 77.02
CA ASN OA 79 -96.06 8.93 77.40
C ASN OA 79 -95.10 9.51 76.36
N LEU OA 80 -95.25 9.09 75.11
CA LEU OA 80 -94.37 9.71 74.13
C LEU OA 80 -94.96 11.02 73.63
N PRO OA 81 -94.11 12.04 73.52
CA PRO OA 81 -94.61 13.38 73.18
C PRO OA 81 -94.80 13.52 71.67
N SER OA 82 -95.90 14.11 71.28
CA SER OA 82 -96.04 14.68 69.96
C SER OA 82 -96.68 16.06 70.11
N THR OA 83 -96.36 16.96 69.18
CA THR OA 83 -96.76 18.35 69.32
C THR OA 83 -97.73 18.75 68.22
N GLY OA 84 -98.72 19.55 68.58
CA GLY OA 84 -99.59 20.20 67.62
C GLY OA 84 -99.23 21.67 67.58
N SER OA 85 -99.34 22.26 66.39
CA SER OA 85 -98.87 23.65 66.27
C SER OA 85 -99.62 24.39 65.18
N VAL OA 86 -99.79 25.68 65.41
CA VAL OA 86 -100.23 26.64 64.40
C VAL OA 86 -99.14 27.68 64.24
N THR OA 87 -98.53 27.72 63.07
CA THR OA 87 -97.49 28.69 62.77
C THR OA 87 -98.02 29.71 61.76
N ILE OA 88 -97.55 30.94 61.89
CA ILE OA 88 -98.02 32.06 61.08
C ILE OA 88 -96.81 32.82 60.57
N GLN OA 89 -96.86 33.22 59.31
CA GLN OA 89 -95.82 34.06 58.73
C GLN OA 89 -96.48 35.23 58.00
N VAL OA 90 -96.21 36.44 58.45
CA VAL OA 90 -96.71 37.66 57.84
C VAL OA 90 -95.56 38.28 57.07
N SER OA 91 -95.80 38.64 55.81
CA SER OA 91 -94.81 39.30 54.97
C SER OA 91 -95.40 40.62 54.52
N ILE OA 92 -94.77 41.71 54.97
CA ILE OA 92 -95.20 43.09 54.79
C ILE OA 92 -94.22 43.78 53.84
N PRO OA 93 -94.62 44.14 52.63
CA PRO OA 93 -93.74 44.89 51.74
C PRO OA 93 -93.53 46.32 52.21
N ARG OA 94 -92.41 46.89 51.81
CA ARG OA 94 -92.03 48.25 52.18
C ARG OA 94 -92.34 49.27 51.08
N ASN OA 95 -92.65 48.82 49.87
CA ASN OA 95 -93.17 49.70 48.82
C ASN OA 95 -94.34 50.52 49.37
N PRO OA 96 -94.25 51.86 49.32
CA PRO OA 96 -95.29 52.70 49.94
C PRO OA 96 -96.68 52.45 49.39
N ALA OA 97 -96.81 51.63 48.36
CA ALA OA 97 -98.11 51.22 47.86
C ALA OA 97 -98.79 50.19 48.76
N TRP OA 98 -98.18 49.85 49.90
CA TRP OA 98 -98.75 48.95 50.90
C TRP OA 98 -99.07 49.73 52.17
N ASN OA 99 -100.02 49.22 52.96
CA ASN OA 99 -100.48 49.88 54.17
C ASN OA 99 -100.51 48.92 55.35
N ALA OA 100 -100.28 49.49 56.53
CA ALA OA 100 -100.64 48.77 57.74
C ALA OA 100 -102.10 48.33 57.71
N SER OA 101 -102.97 49.13 57.06
CA SER OA 101 -104.36 48.72 56.92
C SER OA 101 -104.47 47.43 56.11
N MET OA 102 -103.63 47.28 55.09
CA MET OA 102 -103.67 46.07 54.28
C MET OA 102 -103.15 44.87 55.06
N THR OA 103 -102.09 45.09 55.85
CA THR OA 103 -101.63 44.04 56.77
C THR OA 103 -102.74 43.58 57.69
N VAL OA 104 -103.40 44.54 58.36
CA VAL OA 104 -104.45 44.20 59.30
C VAL OA 104 -105.61 43.50 58.58
N SER OA 105 -105.90 43.93 57.35
CA SER OA 105 -107.00 43.30 56.61
C SER OA 105 -106.69 41.84 56.32
N LEU OA 106 -105.46 41.54 55.92
CA LEU OA 106 -105.09 40.14 55.72
C LEU OA 106 -105.18 39.35 57.02
N LEU OA 107 -104.74 39.96 58.13
CA LEU OA 107 -104.82 39.25 59.42
C LEU OA 107 -106.26 38.93 59.76
N LYS OA 108 -107.16 39.91 59.62
CA LYS OA 108 -108.57 39.71 59.94
C LYS OA 108 -109.20 38.66 59.04
N GLN OA 109 -108.85 38.67 57.75
CA GLN OA 109 -109.42 37.69 56.83
C GLN OA 109 -108.95 36.29 57.16
N ALA OA 110 -107.66 36.12 57.45
CA ALA OA 110 -107.15 34.81 57.87
C ALA OA 110 -107.85 34.34 59.14
N ALA OA 111 -108.06 35.26 60.09
CA ALA OA 111 -108.77 34.90 61.31
C ALA OA 111 -110.18 34.42 61.01
N ASP OA 112 -110.91 35.16 60.19
CA ASP OA 112 -112.26 34.75 59.81
C ASP OA 112 -112.25 33.39 59.11
N TYR OA 113 -111.29 33.16 58.21
CA TYR OA 113 -111.38 31.98 57.36
C TYR OA 113 -110.86 30.71 58.01
N LEU OA 114 -109.91 30.83 58.95
CA LEU OA 114 -109.38 29.63 59.59
C LEU OA 114 -109.80 29.46 61.04
N ALA OA 115 -110.21 30.54 61.72
CA ALA OA 115 -110.71 30.44 63.08
C ALA OA 115 -112.17 30.83 63.23
N GLY OA 116 -112.75 31.52 62.25
CA GLY OA 116 -114.14 31.94 62.34
C GLY OA 116 -114.40 32.89 63.48
N THR OA 117 -113.60 33.95 63.60
CA THR OA 117 -113.69 34.88 64.72
C THR OA 117 -113.89 36.33 64.30
N SER OA 118 -114.09 36.61 63.02
CA SER OA 118 -114.24 37.98 62.55
C SER OA 118 -115.40 38.71 63.22
N ALA OA 119 -115.36 40.04 63.15
CA ALA OA 119 -116.45 40.89 63.61
C ALA OA 119 -117.67 40.73 62.71
N THR OA 120 -118.79 41.30 63.14
CA THR OA 120 -120.06 41.13 62.44
C THR OA 120 -120.24 42.22 61.39
N VAL OA 121 -120.50 41.81 60.14
CA VAL OA 121 -120.79 42.70 59.03
C VAL OA 121 -121.96 42.08 58.27
N SER OA 122 -122.66 42.92 57.51
CA SER OA 122 -123.95 42.53 56.94
C SER OA 122 -123.87 41.22 56.18
N GLY OA 123 -123.16 41.22 55.06
CA GLY OA 123 -123.26 40.07 54.17
C GLY OA 123 -122.21 39.00 54.40
N GLN OA 124 -121.68 38.90 55.62
CA GLN OA 124 -120.51 38.05 55.82
C GLN OA 124 -120.94 36.59 55.74
N THR OA 125 -120.05 35.73 55.30
CA THR OA 125 -120.38 34.32 55.33
C THR OA 125 -120.16 33.77 56.73
N ASP OA 126 -120.97 32.77 57.07
CA ASP OA 126 -120.93 32.16 58.40
C ASP OA 126 -119.71 31.26 58.47
N THR OA 127 -118.73 31.67 59.27
CA THR OA 127 -117.46 30.98 59.39
C THR OA 127 -117.29 30.30 60.74
N SER OA 128 -118.36 30.21 61.53
CA SER OA 128 -118.25 29.66 62.87
C SER OA 128 -117.81 28.18 62.83
N GLY OA 129 -118.28 27.43 61.83
CA GLY OA 129 -117.95 26.02 61.74
C GLY OA 129 -116.67 25.72 61.01
N PHE OA 130 -116.06 26.74 60.42
CA PHE OA 130 -114.83 26.51 59.67
C PHE OA 130 -113.70 25.92 60.49
N PRO OA 131 -113.41 26.37 61.72
CA PRO OA 131 -112.34 25.71 62.47
C PRO OA 131 -112.60 24.23 62.68
N ALA OA 132 -113.85 23.85 62.94
CA ALA OA 132 -114.18 22.44 63.06
C ALA OA 132 -113.89 21.70 61.76
N LYS OA 133 -114.33 22.27 60.63
CA LYS OA 133 -114.09 21.61 59.34
C LYS OA 133 -112.60 21.50 59.05
N TRP OA 134 -111.81 22.51 59.39
CA TRP OA 134 -110.37 22.41 59.19
C TRP OA 134 -109.78 21.30 60.05
N ALA OA 135 -110.14 21.29 61.35
CA ALA OA 135 -109.62 20.26 62.25
C ALA OA 135 -110.02 18.86 61.81
N GLY OA 136 -111.06 18.74 61.00
CA GLY OA 136 -111.38 17.49 60.37
C GLY OA 136 -110.69 17.23 59.05
N LEU OA 137 -109.77 18.12 58.66
CA LEU OA 137 -109.10 18.06 57.36
C LEU OA 137 -110.09 18.03 56.21
N MET OA 138 -111.01 19.00 56.21
CA MET OA 138 -111.89 19.21 55.08
C MET OA 138 -112.06 20.70 54.84
N PHE OA 139 -112.20 21.06 53.57
CA PHE OA 139 -112.31 22.46 53.20
C PHE OA 139 -113.66 23.02 53.61
N PRO OA 140 -113.72 24.28 54.05
CA PRO OA 140 -114.96 25.01 54.29
C PRO OA 140 -115.78 25.11 53.00
N ALA PA 1 -83.81 45.18 80.67
CA ALA PA 1 -83.92 46.60 80.38
C ALA PA 1 -85.38 47.07 80.44
N ALA PA 2 -85.57 48.38 80.43
CA ALA PA 2 -86.91 48.95 80.48
C ALA PA 2 -87.69 48.57 79.22
N PRO PA 3 -88.94 48.14 79.36
CA PRO PA 3 -89.70 47.71 78.17
C PRO PA 3 -90.14 48.85 77.29
N SER PA 4 -90.18 50.07 77.81
CA SER PA 4 -90.62 51.21 77.03
C SER PA 4 -90.05 52.49 77.64
N LEU PA 5 -89.90 53.51 76.81
CA LEU PA 5 -89.28 54.77 77.17
C LEU PA 5 -90.06 55.93 76.57
N ALA PA 6 -90.15 57.01 77.34
CA ALA PA 6 -90.73 58.27 76.87
C ALA PA 6 -89.64 59.33 77.01
N LEU PA 7 -88.83 59.49 75.96
CA LEU PA 7 -87.72 60.42 76.00
C LEU PA 7 -88.20 61.80 75.53
N VAL PA 8 -87.47 62.84 75.92
CA VAL PA 8 -87.81 64.20 75.52
C VAL PA 8 -86.94 64.61 74.35
N GLY PA 9 -87.57 65.01 73.25
CA GLY PA 9 -86.93 65.59 72.10
C GLY PA 9 -87.59 66.91 71.74
N ALA PA 10 -87.48 67.28 70.47
CA ALA PA 10 -87.99 68.55 69.98
C ALA PA 10 -88.80 68.34 68.71
N ASN PA 11 -89.91 69.04 68.61
CA ASN PA 11 -90.72 69.03 67.40
C ASN PA 11 -90.14 70.05 66.41
N SER PA 12 -90.92 70.35 65.36
CA SER PA 12 -90.45 71.30 64.36
C SER PA 12 -90.27 72.70 64.94
N THR PA 13 -91.01 73.03 66.01
CA THR PA 13 -90.89 74.31 66.69
C THR PA 13 -89.72 74.35 67.67
N LEU PA 14 -89.05 73.23 67.89
CA LEU PA 14 -88.06 73.00 68.95
C LEU PA 14 -88.69 72.97 70.33
N ALA PA 15 -90.01 72.89 70.43
CA ALA PA 15 -90.66 72.72 71.72
C ALA PA 15 -90.45 71.30 72.24
N SER PA 16 -90.33 71.18 73.56
CA SER PA 16 -90.07 69.88 74.17
C SER PA 16 -91.26 68.95 73.96
N THR PA 17 -91.01 67.83 73.27
CA THR PA 17 -92.05 66.88 72.88
C THR PA 17 -91.61 65.48 73.26
N LEU PA 18 -92.55 64.65 73.68
CA LEU PA 18 -92.21 63.26 73.96
C LEU PA 18 -92.02 62.46 72.67
N VAL PA 19 -91.02 61.59 72.70
CA VAL PA 19 -90.78 60.60 71.66
C VAL PA 19 -90.70 59.23 72.32
N ASN PA 20 -91.52 58.31 71.84
CA ASN PA 20 -91.83 57.07 72.54
C ASN PA 20 -91.15 55.89 71.86
N TYR PA 21 -90.45 55.08 72.65
CA TYR PA 21 -89.76 53.90 72.17
C TYR PA 21 -90.26 52.68 72.94
N SER PA 22 -90.29 51.54 72.27
CA SER PA 22 -90.55 50.26 72.93
C SER PA 22 -89.38 49.32 72.67
N LEU PA 23 -89.15 48.43 73.63
CA LEU PA 23 -88.03 47.49 73.58
C LEU PA 23 -88.36 46.38 72.58
N ARG PA 24 -87.72 46.44 71.43
CA ARG PA 24 -87.90 45.42 70.41
C ARG PA 24 -86.97 44.22 70.60
N SER PA 25 -85.69 44.43 70.90
CA SER PA 25 -84.84 43.26 71.12
C SER PA 25 -83.81 43.55 72.19
N GLN PA 26 -83.30 42.47 72.78
CA GLN PA 26 -82.19 42.52 73.71
C GLN PA 26 -81.43 41.21 73.59
N ASN PA 27 -80.14 41.30 73.29
CA ASN PA 27 -79.34 40.13 72.98
C ASN PA 27 -77.87 40.46 73.21
N GLY PA 28 -77.19 39.60 73.98
CA GLY PA 28 -75.75 39.68 74.12
C GLY PA 28 -75.26 41.04 74.54
N ASN PA 29 -75.67 41.47 75.73
CA ASN PA 29 -75.36 42.81 76.23
C ASN PA 29 -75.62 43.87 75.17
N ASN PA 30 -76.74 43.73 74.48
CA ASN PA 30 -77.12 44.67 73.45
C ASN PA 30 -78.61 44.90 73.58
N VAL PA 31 -79.05 46.15 73.39
CA VAL PA 31 -80.43 46.54 73.61
C VAL PA 31 -80.89 47.44 72.47
N ASP PA 32 -82.03 47.10 71.84
CA ASP PA 32 -82.53 47.78 70.66
C ASP PA 32 -83.98 48.18 70.86
N TYR PA 33 -84.25 49.48 70.77
CA TYR PA 33 -85.57 50.08 70.88
C TYR PA 33 -86.01 50.62 69.52
N VAL PA 34 -87.34 50.64 69.31
CA VAL PA 34 -87.92 51.23 68.12
C VAL PA 34 -88.94 52.28 68.51
N CYS PA 35 -89.07 53.32 67.69
CA CYS PA 35 -89.97 54.42 67.99
C CYS PA 35 -91.40 54.04 67.61
N THR PA 36 -92.33 54.26 68.53
CA THR PA 36 -93.72 53.87 68.38
C THR PA 36 -94.60 54.98 67.82
N ASP PA 37 -94.04 56.15 67.58
CA ASP PA 37 -94.81 57.31 67.14
C ASP PA 37 -95.15 57.17 65.67
N PRO PA 38 -96.05 58.04 65.17
CA PRO PA 38 -96.38 57.98 63.74
C PRO PA 38 -95.23 58.39 62.83
N ASP PA 39 -94.30 59.22 63.31
CA ASP PA 39 -93.22 59.70 62.46
C ASP PA 39 -92.20 58.59 62.12
N SER PA 40 -92.20 57.49 62.84
CA SER PA 40 -91.36 56.34 62.50
C SER PA 40 -92.23 55.31 61.80
N THR PA 41 -91.91 55.05 60.53
CA THR PA 41 -92.55 54.03 59.74
C THR PA 41 -91.60 52.84 59.59
N LEU PA 42 -92.12 51.77 58.98
CA LEU PA 42 -91.26 50.63 58.68
C LEU PA 42 -90.15 51.03 57.74
N SER PA 43 -90.46 51.87 56.76
CA SER PA 43 -89.47 52.19 55.74
C SER PA 43 -88.45 53.19 56.27
N ALA PA 44 -88.89 54.09 57.15
CA ALA PA 44 -88.05 55.14 57.71
C ALA PA 44 -88.28 55.21 59.21
N PRO PA 45 -87.62 54.36 59.99
CA PRO PA 45 -87.93 54.24 61.42
C PRO PA 45 -87.06 55.15 62.27
N GLY PA 46 -87.43 55.23 63.55
CA GLY PA 46 -86.58 55.80 64.59
C GLY PA 46 -86.12 54.68 65.49
N LEU PA 47 -84.81 54.68 65.79
CA LEU PA 47 -84.21 53.51 66.42
C LEU PA 47 -83.22 53.92 67.49
N ILE PA 48 -83.06 53.05 68.48
CA ILE PA 48 -82.04 53.23 69.52
C ILE PA 48 -81.30 51.91 69.73
N ASN PA 49 -79.99 52.01 69.93
CA ASN PA 49 -79.09 50.88 70.12
C ASN PA 49 -78.17 51.16 71.30
N ALA PA 50 -77.87 50.14 72.10
CA ALA PA 50 -76.96 50.31 73.23
C ALA PA 50 -76.22 49.01 73.52
N LYS PA 51 -74.87 49.07 73.52
CA LYS PA 51 -73.98 47.93 73.68
C LYS PA 51 -73.05 48.13 74.87
N PHE PA 52 -72.61 47.02 75.46
CA PHE PA 52 -71.63 46.99 76.53
C PHE PA 52 -70.44 46.14 76.11
N ASP PA 53 -69.27 46.77 75.99
CA ASP PA 53 -68.00 46.04 75.90
C ASP PA 53 -67.46 45.95 77.33
N ILE PA 54 -67.70 44.81 77.98
CA ILE PA 54 -67.26 44.61 79.35
C ILE PA 54 -65.99 43.78 79.33
N LYS PA 55 -64.91 44.38 79.80
CA LYS PA 55 -63.62 43.72 79.86
C LYS PA 55 -63.62 42.69 81.00
N ALA PA 56 -62.73 41.70 80.87
CA ALA PA 56 -62.49 40.70 81.90
C ALA PA 56 -62.15 41.39 83.22
N PRO PA 57 -62.40 40.75 84.37
CA PRO PA 57 -62.07 41.38 85.64
C PRO PA 57 -60.60 41.74 85.70
N GLY PA 58 -60.32 42.83 86.39
CA GLY PA 58 -58.96 43.33 86.46
C GLY PA 58 -58.95 44.81 86.73
N ILE PA 59 -57.77 45.28 87.09
CA ILE PA 59 -57.60 46.70 87.41
C ILE PA 59 -57.15 47.49 86.18
N THR PA 60 -56.85 46.82 85.07
CA THR PA 60 -56.36 47.45 83.86
C THR PA 60 -57.43 47.41 82.78
N GLY PA 61 -57.38 48.39 81.89
CA GLY PA 61 -58.28 48.45 80.76
C GLY PA 61 -59.41 49.46 80.97
N ASN PA 62 -60.19 49.63 79.90
CA ASN PA 62 -61.38 50.46 79.91
C ASN PA 62 -62.60 49.61 79.55
N ASP PA 63 -63.69 49.79 80.30
CA ASP PA 63 -65.00 49.32 79.90
C ASP PA 63 -65.63 50.33 78.94
N ARG PA 64 -66.51 49.85 78.05
CA ARG PA 64 -67.06 50.77 77.06
C ARG PA 64 -68.57 50.61 76.90
N ILE PA 65 -69.25 51.74 76.74
CA ILE PA 65 -70.67 51.81 76.46
C ILE PA 65 -70.83 52.44 75.09
N HIS PA 66 -71.66 51.83 74.24
CA HIS PA 66 -71.97 52.40 72.93
C HIS PA 66 -73.47 52.65 72.85
N ALA PA 67 -73.85 53.78 72.27
CA ALA PA 67 -75.27 54.12 72.14
C ALA PA 67 -75.48 54.86 70.84
N ASN PA 68 -76.59 54.57 70.17
CA ASN PA 68 -76.90 55.19 68.89
C ASN PA 68 -78.37 55.54 68.85
N LEU PA 69 -78.67 56.80 68.54
CA LEU PA 69 -80.04 57.27 68.36
C LEU PA 69 -80.19 57.75 66.93
N ARG PA 70 -81.06 57.07 66.18
CA ARG PA 70 -81.17 57.22 64.74
C ARG PA 70 -82.58 57.63 64.34
N LYS PA 71 -82.67 58.44 63.29
CA LYS PA 71 -83.91 58.67 62.58
C LYS PA 71 -83.63 58.56 61.09
N VAL PA 72 -84.36 57.68 60.41
CA VAL PA 72 -84.22 57.49 58.97
C VAL PA 72 -85.21 58.39 58.27
N VAL PA 73 -84.81 58.95 57.13
CA VAL PA 73 -85.67 59.78 56.32
C VAL PA 73 -85.51 59.38 54.87
N LEU PA 74 -86.62 59.39 54.13
CA LEU PA 74 -86.65 59.00 52.74
C LEU PA 74 -86.59 60.22 51.83
N ASP PA 75 -85.86 60.10 50.72
CA ASP PA 75 -85.82 61.18 49.74
C ASP PA 75 -87.17 61.38 49.09
N GLU PA 76 -87.52 62.65 48.85
CA GLU PA 76 -88.84 62.94 48.29
C GLU PA 76 -89.02 62.30 46.93
N LYS PA 77 -87.99 62.36 46.08
CA LYS PA 77 -88.09 61.84 44.72
C LYS PA 77 -87.66 60.38 44.65
N THR PA 78 -86.42 60.10 45.07
CA THR PA 78 -85.84 58.77 44.86
C THR PA 78 -86.30 57.75 45.91
N ASN PA 79 -86.88 58.20 47.03
CA ASN PA 79 -87.26 57.33 48.14
C ASN PA 79 -86.08 56.54 48.71
N LEU PA 80 -84.85 56.93 48.38
CA LEU PA 80 -83.67 56.36 48.99
C LEU PA 80 -83.54 56.85 50.43
N PRO PA 81 -83.21 55.97 51.35
CA PRO PA 81 -83.14 56.39 52.76
C PRO PA 81 -81.77 56.93 53.10
N SER PA 82 -81.73 58.07 53.78
CA SER PA 82 -80.53 58.47 54.49
C SER PA 82 -80.89 58.70 55.94
N THR PA 83 -79.93 58.47 56.82
CA THR PA 83 -80.22 58.42 58.25
C THR PA 83 -79.37 59.44 59.01
N GLY PA 84 -80.01 60.12 59.97
CA GLY PA 84 -79.33 61.06 60.85
C GLY PA 84 -79.22 60.45 62.24
N SER PA 85 -78.09 60.71 62.90
CA SER PA 85 -77.82 59.93 64.11
C SER PA 85 -76.92 60.66 65.09
N VAL PA 86 -77.25 60.52 66.37
CA VAL PA 86 -76.36 60.93 67.46
C VAL PA 86 -75.86 59.66 68.14
N THR PA 87 -74.55 59.46 68.15
CA THR PA 87 -73.96 58.28 68.75
C THR PA 87 -72.95 58.65 69.82
N ILE PA 88 -72.94 57.88 70.90
CA ILE PA 88 -72.17 58.16 72.11
C ILE PA 88 -71.31 56.95 72.44
N GLN PA 89 -70.05 57.20 72.79
CA GLN PA 89 -69.16 56.20 73.36
C GLN PA 89 -68.66 56.68 74.71
N VAL PA 90 -68.90 55.89 75.74
CA VAL PA 90 -68.42 56.15 77.09
C VAL PA 90 -67.31 55.15 77.40
N SER PA 91 -66.16 55.66 77.81
CA SER PA 91 -65.00 54.83 78.14
C SER PA 91 -64.66 55.06 79.60
N ILE PA 92 -64.86 54.03 80.42
CA ILE PA 92 -64.73 54.06 81.87
C ILE PA 92 -63.49 53.25 82.24
N PRO PA 93 -62.43 53.87 82.74
CA PRO PA 93 -61.25 53.11 83.17
C PRO PA 93 -61.52 52.29 84.42
N ARG PA 94 -60.61 51.36 84.69
CA ARG PA 94 -60.74 50.46 85.83
C ARG PA 94 -59.77 50.75 86.96
N ASN PA 95 -58.82 51.66 86.77
CA ASN PA 95 -57.99 52.12 87.87
C ASN PA 95 -58.89 52.66 88.98
N PRO PA 96 -58.73 52.19 90.24
CA PRO PA 96 -59.62 52.65 91.31
C PRO PA 96 -59.61 54.15 91.51
N ALA PA 97 -58.68 54.84 90.87
CA ALA PA 97 -58.64 56.29 90.87
C ALA PA 97 -59.71 56.92 89.99
N TRP PA 98 -60.59 56.12 89.39
CA TRP PA 98 -61.76 56.60 88.66
C TRP PA 98 -63.02 56.31 89.46
N ASN PA 99 -64.06 57.11 89.24
CA ASN PA 99 -65.32 56.96 89.95
C ASN PA 99 -66.50 56.98 89.00
N ALA PA 100 -67.55 56.25 89.40
CA ALA PA 100 -68.84 56.45 88.77
C ALA PA 100 -69.24 57.91 88.81
N SER PA 101 -68.85 58.64 89.86
CA SER PA 101 -69.14 60.07 89.92
C SER PA 101 -68.47 60.81 88.78
N MET PA 102 -67.26 60.40 88.41
CA MET PA 102 -66.57 61.03 87.30
C MET PA 102 -67.23 60.69 85.97
N THR PA 103 -67.66 59.43 85.82
CA THR PA 103 -68.44 59.05 84.64
C THR PA 103 -69.69 59.92 84.51
N VAL PA 104 -70.46 60.03 85.59
CA VAL PA 104 -71.69 60.81 85.55
C VAL PA 104 -71.38 62.28 85.29
N SER PA 105 -70.28 62.79 85.84
CA SER PA 105 -69.93 64.19 85.61
C SER PA 105 -69.65 64.44 84.14
N LEU PA 106 -68.91 63.54 83.48
CA LEU PA 106 -68.69 63.69 82.05
C LEU PA 106 -70.00 63.61 81.27
N LEU PA 107 -70.89 62.69 81.66
CA LEU PA 107 -72.17 62.59 80.95
C LEU PA 107 -72.96 63.89 81.08
N LYS PA 108 -73.03 64.44 82.29
CA LYS PA 108 -73.79 65.67 82.52
C LYS PA 108 -73.18 66.84 81.77
N GLN PA 109 -71.85 66.92 81.72
CA GLN PA 109 -71.19 68.00 81.01
C GLN PA 109 -71.44 67.90 79.51
N ALA PA 110 -71.38 66.68 78.96
CA ALA PA 110 -71.69 66.49 77.55
C ALA PA 110 -73.12 66.89 77.25
N ALA PA 111 -74.06 66.51 78.14
CA ALA PA 111 -75.45 66.92 77.97
C ALA PA 111 -75.58 68.43 77.97
N ASP PA 112 -74.88 69.11 78.89
CA ASP PA 112 -74.95 70.57 78.93
C ASP PA 112 -74.37 71.18 77.65
N TYR PA 113 -73.23 70.67 77.18
CA TYR PA 113 -72.51 71.36 76.12
C TYR PA 113 -73.05 71.06 74.73
N LEU PA 114 -73.58 69.85 74.50
CA LEU PA 114 -74.10 69.52 73.17
C LEU PA 114 -75.61 69.53 73.09
N ALA PA 115 -76.31 69.39 74.22
CA ALA PA 115 -77.77 69.43 74.21
C ALA PA 115 -78.35 70.60 74.98
N GLY PA 116 -77.59 71.23 75.87
CA GLY PA 116 -78.09 72.35 76.63
C GLY PA 116 -79.21 71.97 77.59
N THR PA 117 -78.99 70.92 78.39
CA THR PA 117 -80.04 70.40 79.27
C THR PA 117 -79.61 70.27 80.73
N SER PA 118 -78.44 70.77 81.10
CA SER PA 118 -77.97 70.67 82.48
C SER PA 118 -78.97 71.25 83.48
N ALA PA 119 -78.86 70.79 84.73
CA ALA PA 119 -79.61 71.36 85.84
C ALA PA 119 -79.16 72.79 86.11
N THR PA 120 -79.96 73.51 86.90
CA THR PA 120 -79.68 74.91 87.15
C THR PA 120 -78.69 75.06 88.31
N VAL PA 121 -77.61 75.80 88.07
CA VAL PA 121 -76.58 76.13 89.05
C VAL PA 121 -76.17 77.57 88.83
N SER PA 122 -75.96 78.30 89.94
CA SER PA 122 -75.54 79.70 89.85
C SER PA 122 -74.23 79.81 89.09
N GLY PA 123 -74.20 80.68 88.10
CA GLY PA 123 -73.00 80.91 87.32
C GLY PA 123 -72.80 79.98 86.14
N GLN PA 124 -73.79 79.17 85.79
CA GLN PA 124 -73.59 78.24 84.67
C GLN PA 124 -73.72 79.03 83.38
N THR PA 125 -73.00 78.60 82.34
CA THR PA 125 -73.19 79.28 81.06
C THR PA 125 -74.50 78.83 80.44
N ASP PA 126 -75.16 79.77 79.77
CA ASP PA 126 -76.44 79.50 79.12
C ASP PA 126 -76.20 78.69 77.87
N THR PA 127 -76.59 77.42 77.92
CA THR PA 127 -76.36 76.48 76.84
C THR PA 127 -77.63 76.20 76.05
N SER PA 128 -78.69 76.97 76.27
CA SER PA 128 -79.97 76.69 75.65
C SER PA 128 -79.88 76.72 74.13
N GLY PA 129 -79.14 77.66 73.57
CA GLY PA 129 -79.01 77.77 72.14
C GLY PA 129 -77.93 76.93 71.52
N PHE PA 130 -77.15 76.24 72.35
CA PHE PA 130 -76.06 75.43 71.83
C PHE PA 130 -76.53 74.31 70.91
N PRO PA 131 -77.59 73.55 71.21
CA PRO PA 131 -78.00 72.52 70.23
C PRO PA 131 -78.38 73.11 68.89
N ALA PA 132 -79.02 74.28 68.87
CA ALA PA 132 -79.29 74.95 67.61
C ALA PA 132 -77.99 75.28 66.87
N LYS PA 133 -77.03 75.88 67.59
CA LYS PA 133 -75.76 76.22 66.93
C LYS PA 133 -75.05 74.98 66.41
N TRP PA 134 -75.10 73.87 67.15
CA TRP PA 134 -74.48 72.64 66.68
C TRP PA 134 -75.17 72.15 65.41
N ALA PA 135 -76.50 72.10 65.42
CA ALA PA 135 -77.25 71.66 64.24
C ALA PA 135 -76.93 72.53 63.04
N GLY PA 136 -76.55 73.79 63.27
CA GLY PA 136 -76.06 74.63 62.20
C GLY PA 136 -74.58 74.50 61.89
N LEU PA 137 -73.88 73.56 62.53
CA LEU PA 137 -72.42 73.41 62.38
C LEU PA 137 -71.70 74.70 62.75
N MET PA 138 -71.97 75.20 63.95
CA MET PA 138 -71.35 76.40 64.48
C MET PA 138 -70.89 76.12 65.90
N PHE PA 139 -69.63 76.41 66.19
CA PHE PA 139 -69.15 76.23 67.55
C PHE PA 139 -69.84 77.23 68.48
N PRO PA 140 -70.33 76.79 69.64
CA PRO PA 140 -70.97 77.63 70.64
C PRO PA 140 -70.03 78.71 71.15
N ALA QA 1 -60.84 4.74 -112.50
CA ALA QA 1 -61.76 3.66 -112.13
C ALA QA 1 -63.18 3.91 -112.63
N ALA QA 2 -63.88 2.83 -112.92
CA ALA QA 2 -65.26 2.94 -113.39
C ALA QA 2 -66.15 3.48 -112.27
N PRO QA 3 -67.13 4.32 -112.60
CA PRO QA 3 -67.97 4.90 -111.56
C PRO QA 3 -68.98 3.92 -110.99
N SER QA 4 -69.35 2.90 -111.75
CA SER QA 4 -70.35 1.94 -111.29
C SER QA 4 -70.20 0.66 -112.08
N LEU QA 5 -70.72 -0.42 -111.51
CA LEU QA 5 -70.55 -1.77 -112.04
C LEU QA 5 -71.85 -2.54 -111.89
N ALA QA 6 -72.16 -3.38 -112.88
CA ALA QA 6 -73.25 -4.33 -112.80
C ALA QA 6 -72.64 -5.70 -113.03
N LEU QA 7 -72.27 -6.37 -111.95
CA LEU QA 7 -71.59 -7.66 -112.04
C LEU QA 7 -72.62 -8.78 -111.99
N VAL QA 8 -72.29 -9.92 -112.58
CA VAL QA 8 -73.19 -11.07 -112.56
C VAL QA 8 -72.85 -11.95 -111.37
N GLY QA 9 -73.85 -12.27 -110.56
CA GLY QA 9 -73.76 -13.22 -109.47
C GLY QA 9 -74.93 -14.18 -109.52
N ALA QA 10 -75.28 -14.73 -108.36
CA ALA QA 10 -76.34 -15.74 -108.26
C ALA QA 10 -77.28 -15.42 -107.12
N ASN QA 11 -78.58 -15.68 -107.34
CA ASN QA 11 -79.59 -15.52 -106.32
C ASN QA 11 -79.69 -16.82 -105.50
N SER QA 12 -80.75 -16.94 -104.71
CA SER QA 12 -80.94 -18.15 -103.93
C SER QA 12 -81.20 -19.38 -104.81
N THR QA 13 -81.75 -19.17 -106.01
CA THR QA 13 -81.96 -20.23 -106.99
C THR QA 13 -80.67 -20.58 -107.74
N LEU QA 14 -79.62 -19.78 -107.57
CA LEU QA 14 -78.38 -19.84 -108.35
C LEU QA 14 -78.59 -19.42 -109.81
N ALA QA 15 -79.69 -18.74 -110.10
CA ALA QA 15 -79.86 -18.13 -111.41
C ALA QA 15 -79.04 -16.86 -111.51
N SER QA 16 -78.57 -16.57 -112.73
CA SER QA 16 -77.69 -15.42 -112.94
C SER QA 16 -78.46 -14.12 -112.67
N THR QA 17 -77.97 -13.32 -111.73
CA THR QA 17 -78.63 -12.11 -111.28
C THR QA 17 -77.62 -10.97 -111.28
N LEU QA 18 -78.07 -9.77 -111.63
CA LEU QA 18 -77.17 -8.62 -111.51
C LEU QA 18 -77.01 -8.21 -110.06
N VAL QA 19 -75.82 -7.72 -109.76
CA VAL QA 19 -75.49 -7.11 -108.48
C VAL QA 19 -74.75 -5.81 -108.75
N ASN QA 20 -75.27 -4.72 -108.21
CA ASN QA 20 -74.90 -3.37 -108.60
C ASN QA 20 -73.97 -2.77 -107.56
N TYR QA 21 -72.79 -2.35 -108.00
CA TYR QA 21 -71.83 -1.64 -107.18
C TYR QA 21 -71.65 -0.23 -107.72
N SER QA 22 -71.31 0.70 -106.82
CA SER QA 22 -70.97 2.06 -107.20
C SER QA 22 -69.71 2.47 -106.46
N LEU QA 23 -68.94 3.36 -107.09
CA LEU QA 23 -67.64 3.74 -106.57
C LEU QA 23 -67.80 4.56 -105.30
N ARG QA 24 -67.40 3.99 -104.17
CA ARG QA 24 -67.30 4.76 -102.93
C ARG QA 24 -66.12 5.71 -102.99
N SER QA 25 -64.91 5.18 -103.17
CA SER QA 25 -63.77 6.09 -103.14
C SER QA 25 -62.59 5.50 -103.91
N GLN QA 26 -61.86 6.36 -104.59
CA GLN QA 26 -60.58 5.99 -105.18
C GLN QA 26 -59.47 6.69 -104.41
N ASN QA 27 -58.64 5.89 -103.76
CA ASN QA 27 -57.34 6.29 -103.25
C ASN QA 27 -56.30 5.96 -104.32
N GLY QA 28 -55.08 6.45 -104.12
CA GLY QA 28 -54.05 6.19 -105.11
C GLY QA 28 -53.73 4.72 -105.27
N ASN QA 29 -54.02 4.18 -106.46
CA ASN QA 29 -53.88 2.73 -106.72
C ASN QA 29 -54.74 1.90 -105.77
N ASN QA 30 -55.89 2.44 -105.40
CA ASN QA 30 -56.79 1.70 -104.51
C ASN QA 30 -58.22 2.15 -104.81
N VAL QA 31 -59.14 1.19 -104.86
CA VAL QA 31 -60.52 1.47 -105.25
C VAL QA 31 -61.46 0.71 -104.33
N ASP QA 32 -62.50 1.41 -103.84
CA ASP QA 32 -63.52 0.84 -102.97
C ASP QA 32 -64.90 1.08 -103.58
N TYR QA 33 -65.60 -0.02 -103.87
CA TYR QA 33 -66.97 -0.03 -104.37
C TYR QA 33 -67.91 -0.57 -103.31
N VAL QA 34 -69.17 -0.13 -103.37
CA VAL QA 34 -70.22 -0.53 -102.43
C VAL QA 34 -71.44 -1.00 -103.21
N CYS QA 35 -72.11 -2.02 -102.69
CA CYS QA 35 -73.30 -2.54 -103.35
C CYS QA 35 -74.48 -1.62 -103.10
N THR QA 36 -75.19 -1.27 -104.19
CA THR QA 36 -76.31 -0.35 -104.15
C THR QA 36 -77.66 -1.04 -104.18
N ASP QA 37 -77.69 -2.35 -104.04
CA ASP QA 37 -78.94 -3.10 -104.02
C ASP QA 37 -79.57 -2.99 -102.64
N PRO QA 38 -80.84 -3.39 -102.50
CA PRO QA 38 -81.41 -3.53 -101.15
C PRO QA 38 -80.75 -4.64 -100.33
N ASP QA 39 -80.01 -5.55 -100.96
CA ASP QA 39 -79.33 -6.62 -100.24
C ASP QA 39 -78.31 -6.06 -99.25
N SER QA 40 -77.56 -5.05 -99.64
CA SER QA 40 -76.57 -4.44 -98.77
C SER QA 40 -77.16 -3.20 -98.12
N THR QA 41 -76.85 -3.04 -96.85
CA THR QA 41 -77.11 -1.83 -96.08
C THR QA 41 -75.79 -1.42 -95.44
N LEU QA 42 -75.76 -0.22 -94.86
CA LEU QA 42 -74.55 0.18 -94.15
C LEU QA 42 -74.22 -0.80 -93.02
N SER QA 43 -75.24 -1.36 -92.39
CA SER QA 43 -75.00 -2.28 -91.27
C SER QA 43 -74.40 -3.60 -91.76
N ALA QA 44 -74.87 -4.10 -92.91
CA ALA QA 44 -74.37 -5.36 -93.47
C ALA QA 44 -74.14 -5.17 -94.97
N PRO QA 45 -73.00 -4.58 -95.35
CA PRO QA 45 -72.79 -4.17 -96.74
C PRO QA 45 -72.19 -5.25 -97.61
N GLY QA 46 -72.29 -5.02 -98.91
CA GLY QA 46 -71.52 -5.74 -99.91
C GLY QA 46 -70.45 -4.79 -100.45
N LEU QA 47 -69.22 -5.28 -100.54
CA LEU QA 47 -68.09 -4.40 -100.74
C LEU QA 47 -67.11 -5.00 -101.72
N ILE QA 48 -66.38 -4.13 -102.44
CA ILE QA 48 -65.29 -4.55 -103.30
C ILE QA 48 -64.10 -3.63 -103.06
N ASN QA 49 -62.91 -4.19 -103.05
CA ASN QA 49 -61.66 -3.47 -102.85
C ASN QA 49 -60.62 -3.97 -103.85
N ALA QA 50 -59.89 -3.04 -104.46
CA ALA QA 50 -58.85 -3.40 -105.44
C ALA QA 50 -57.62 -2.52 -105.23
N LYS QA 51 -56.45 -3.17 -105.12
CA LYS QA 51 -55.20 -2.52 -104.77
C LYS QA 51 -54.10 -2.94 -105.74
N PHE QA 52 -53.11 -2.07 -105.89
CA PHE QA 52 -51.96 -2.29 -106.78
C PHE QA 52 -50.67 -2.10 -105.99
N ASP QA 53 -49.95 -3.20 -105.76
CA ASP QA 53 -48.61 -3.16 -105.20
C ASP QA 53 -47.63 -3.12 -106.38
N ILE QA 54 -47.24 -1.90 -106.77
CA ILE QA 54 -46.36 -1.68 -107.90
C ILE QA 54 -44.99 -1.29 -107.37
N LYS QA 55 -43.98 -2.10 -107.68
CA LYS QA 55 -42.64 -1.84 -107.19
C LYS QA 55 -42.00 -0.71 -107.99
N ALA QA 56 -40.93 -0.15 -107.44
CA ALA QA 56 -40.22 0.93 -108.11
C ALA QA 56 -39.76 0.47 -109.50
N PRO QA 57 -39.73 1.37 -110.48
CA PRO QA 57 -39.38 0.95 -111.85
C PRO QA 57 -37.98 0.37 -111.99
N GLY QA 58 -37.02 0.84 -111.19
CA GLY QA 58 -35.70 0.24 -111.24
C GLY QA 58 -35.66 -1.18 -110.70
N ILE QA 59 -36.38 -1.43 -109.61
CA ILE QA 59 -36.34 -2.71 -108.91
C ILE QA 59 -37.08 -3.77 -109.73
N THR QA 60 -36.49 -4.97 -109.82
CA THR QA 60 -37.19 -6.13 -110.35
C THR QA 60 -37.83 -6.90 -109.21
N GLY QA 61 -39.07 -7.28 -109.41
CA GLY QA 61 -39.80 -8.12 -108.46
C GLY QA 61 -41.03 -8.61 -109.16
N ASN QA 62 -42.09 -8.83 -108.37
CA ASN QA 62 -43.41 -9.09 -108.91
C ASN QA 62 -44.31 -7.89 -108.59
N ASP QA 63 -45.03 -7.43 -109.59
CA ASP QA 63 -46.13 -6.51 -109.34
C ASP QA 63 -47.34 -7.32 -108.88
N ARG QA 64 -48.17 -6.71 -108.01
CA ARG QA 64 -49.25 -7.46 -107.40
C ARG QA 64 -50.58 -6.71 -107.49
N ILE QA 65 -51.65 -7.47 -107.67
CA ILE QA 65 -53.02 -6.99 -107.65
C ILE QA 65 -53.75 -7.69 -106.52
N HIS QA 66 -54.43 -6.91 -105.66
CA HIS QA 66 -55.20 -7.48 -104.55
C HIS QA 66 -56.65 -7.09 -104.72
N ALA QA 67 -57.53 -8.08 -104.87
CA ALA QA 67 -58.95 -7.85 -105.00
C ALA QA 67 -59.70 -8.58 -103.89
N ASN QA 68 -60.79 -7.97 -103.43
CA ASN QA 68 -61.57 -8.53 -102.34
C ASN QA 68 -63.04 -8.21 -102.56
N LEU QA 69 -63.88 -9.25 -102.62
CA LEU QA 69 -65.31 -9.12 -102.76
C LEU QA 69 -65.98 -9.71 -101.53
N ARG QA 70 -66.69 -8.88 -100.78
CA ARG QA 70 -67.21 -9.22 -99.47
C ARG QA 70 -68.72 -9.06 -99.43
N LYS QA 71 -69.37 -9.89 -98.61
CA LYS QA 71 -70.75 -9.68 -98.22
C LYS QA 71 -70.85 -9.93 -96.72
N VAL QA 72 -71.31 -8.92 -95.98
CA VAL QA 72 -71.51 -9.02 -94.54
C VAL QA 72 -72.92 -9.51 -94.29
N VAL QA 73 -73.09 -10.37 -93.29
CA VAL QA 73 -74.40 -10.86 -92.90
C VAL QA 73 -74.54 -10.75 -91.39
N LEU QA 74 -75.75 -10.48 -90.93
CA LEU QA 74 -76.05 -10.34 -89.51
C LEU QA 74 -76.72 -11.61 -88.99
N ASP QA 75 -76.32 -12.02 -87.78
CA ASP QA 75 -76.97 -13.14 -87.13
C ASP QA 75 -78.40 -12.77 -86.77
N GLU QA 76 -79.35 -13.68 -87.05
CA GLU QA 76 -80.73 -13.42 -86.69
C GLU QA 76 -80.88 -13.19 -85.19
N LYS QA 77 -80.24 -14.03 -84.38
CA LYS QA 77 -80.43 -13.93 -82.94
C LYS QA 77 -79.61 -12.81 -82.31
N THR QA 78 -78.32 -12.67 -82.68
CA THR QA 78 -77.46 -11.72 -81.99
C THR QA 78 -77.16 -10.45 -82.78
N ASN QA 79 -77.55 -10.36 -84.04
CA ASN QA 79 -77.23 -9.26 -84.94
C ASN QA 79 -75.72 -9.00 -85.03
N LEU QA 80 -74.90 -9.95 -84.58
CA LEU QA 80 -73.47 -9.85 -84.75
C LEU QA 80 -73.09 -10.12 -86.20
N PRO QA 81 -72.19 -9.34 -86.75
CA PRO QA 81 -71.86 -9.49 -88.17
C PRO QA 81 -70.76 -10.49 -88.40
N SER QA 82 -70.97 -11.42 -89.32
CA SER QA 82 -69.87 -12.19 -89.87
C SER QA 82 -69.89 -12.05 -91.37
N THR QA 83 -68.72 -12.12 -91.98
CA THR QA 83 -68.56 -11.75 -93.37
C THR QA 83 -68.03 -12.92 -94.19
N GLY QA 84 -68.49 -13.00 -95.43
CA GLY QA 84 -68.01 -14.00 -96.38
C GLY QA 84 -67.34 -13.30 -97.56
N SER QA 85 -66.23 -13.87 -98.03
CA SER QA 85 -65.42 -13.11 -98.97
C SER QA 85 -64.67 -14.00 -99.94
N VAL QA 86 -64.44 -13.46 -101.14
CA VAL QA 86 -63.53 -14.03 -102.12
C VAL QA 86 -62.42 -13.01 -102.36
N THR QA 87 -61.18 -13.41 -102.09
CA THR QA 87 -60.02 -12.57 -102.30
C THR QA 87 -59.12 -13.18 -103.36
N ILE QA 88 -58.47 -12.31 -104.13
CA ILE QA 88 -57.69 -12.69 -105.30
C ILE QA 88 -56.38 -11.93 -105.27
N GLN QA 89 -55.28 -12.62 -105.51
CA GLN QA 89 -53.98 -11.97 -105.58
C GLN QA 89 -53.34 -12.38 -106.89
N VAL QA 90 -53.03 -11.41 -107.73
CA VAL QA 90 -52.38 -11.65 -109.01
C VAL QA 90 -50.93 -11.18 -108.88
N SER QA 91 -49.98 -12.08 -109.10
CA SER QA 91 -48.55 -11.76 -109.03
C SER QA 91 -47.98 -11.89 -110.43
N ILE QA 92 -47.60 -10.76 -111.02
CA ILE QA 92 -47.13 -10.64 -112.38
C ILE QA 92 -45.63 -10.35 -112.34
N PRO QA 93 -44.78 -11.19 -112.90
CA PRO QA 93 -43.34 -10.91 -112.90
C PRO QA 93 -42.94 -9.85 -113.92
N ARG QA 94 -41.85 -9.13 -113.58
CA ARG QA 94 -41.33 -8.04 -114.40
C ARG QA 94 -40.32 -8.49 -115.44
N ASN QA 95 -40.34 -9.75 -115.83
CA ASN QA 95 -39.46 -10.29 -116.86
C ASN QA 95 -40.19 -10.27 -118.21
N PRO QA 96 -39.58 -9.72 -119.27
CA PRO QA 96 -40.24 -9.72 -120.58
C PRO QA 96 -40.66 -11.09 -121.07
N ALA QA 97 -40.13 -12.16 -120.47
CA ALA QA 97 -40.57 -13.50 -120.82
C ALA QA 97 -41.99 -13.79 -120.35
N TRP QA 98 -42.60 -12.88 -119.59
CA TRP QA 98 -44.00 -12.95 -119.19
C TRP QA 98 -44.75 -11.83 -119.89
N ASN QA 99 -46.04 -12.05 -120.18
CA ASN QA 99 -46.79 -11.01 -120.84
C ASN QA 99 -48.26 -11.05 -120.41
N ALA QA 100 -48.98 -10.03 -120.88
CA ALA QA 100 -50.37 -9.86 -120.47
C ALA QA 100 -51.23 -11.03 -120.93
N SER QA 101 -50.89 -11.67 -122.05
CA SER QA 101 -51.64 -12.83 -122.49
C SER QA 101 -51.57 -13.93 -121.44
N MET QA 102 -50.41 -14.08 -120.79
CA MET QA 102 -50.27 -15.09 -119.75
C MET QA 102 -51.02 -14.68 -118.49
N THR QA 103 -50.95 -13.40 -118.12
CA THR QA 103 -51.77 -12.93 -117.00
C THR QA 103 -53.24 -13.25 -117.22
N VAL QA 104 -53.75 -12.90 -118.40
CA VAL QA 104 -55.16 -13.14 -118.71
C VAL QA 104 -55.46 -14.62 -118.75
N SER QA 105 -54.51 -15.43 -119.24
CA SER QA 105 -54.75 -16.87 -119.29
C SER QA 105 -54.93 -17.44 -117.88
N LEU QA 106 -54.09 -17.02 -116.94
CA LEU QA 106 -54.28 -17.47 -115.56
C LEU QA 106 -55.62 -17.00 -115.01
N LEU QA 107 -56.00 -15.74 -115.29
CA LEU QA 107 -57.29 -15.27 -114.81
C LEU QA 107 -58.44 -16.11 -115.36
N LYS QA 108 -58.41 -16.40 -116.66
CA LYS QA 108 -59.47 -17.18 -117.30
C LYS QA 108 -59.53 -18.59 -116.74
N GLN QA 109 -58.37 -19.20 -116.51
CA GLN QA 109 -58.36 -20.57 -115.99
C GLN QA 109 -58.90 -20.61 -114.57
N ALA QA 110 -58.52 -19.63 -113.74
CA ALA QA 110 -59.07 -19.57 -112.39
C ALA QA 110 -60.58 -19.38 -112.42
N ALA QA 111 -61.07 -18.53 -113.33
CA ALA QA 111 -62.50 -18.35 -113.49
C ALA QA 111 -63.18 -19.66 -113.85
N ASP QA 112 -62.64 -20.36 -114.84
CA ASP QA 112 -63.22 -21.64 -115.24
C ASP QA 112 -63.25 -22.62 -114.07
N TYR QA 113 -62.14 -22.72 -113.32
CA TYR QA 113 -62.03 -23.81 -112.36
C TYR QA 113 -62.74 -23.52 -111.04
N LEU QA 114 -62.90 -22.26 -110.64
CA LEU QA 114 -63.57 -21.97 -109.38
C LEU QA 114 -64.96 -21.37 -109.52
N ALA QA 115 -65.26 -20.74 -110.66
CA ALA QA 115 -66.60 -20.21 -110.88
C ALA QA 115 -67.34 -20.90 -112.01
N GLY QA 116 -66.63 -21.64 -112.87
CA GLY QA 116 -67.27 -22.34 -113.97
C GLY QA 116 -67.91 -21.40 -114.96
N THR QA 117 -67.14 -20.40 -115.45
CA THR QA 117 -67.67 -19.39 -116.34
C THR QA 117 -66.86 -19.20 -117.63
N SER QA 118 -65.93 -20.11 -117.93
CA SER QA 118 -65.15 -20.02 -119.15
C SER QA 118 -66.03 -19.94 -120.41
N ALA QA 119 -65.43 -19.42 -121.48
CA ALA QA 119 -66.07 -19.42 -122.79
C ALA QA 119 -66.13 -20.84 -123.34
N THR QA 120 -67.08 -21.06 -124.25
CA THR QA 120 -67.27 -22.39 -124.81
C THR QA 120 -66.12 -22.74 -125.75
N VAL QA 121 -65.46 -23.85 -125.49
CA VAL QA 121 -64.33 -24.36 -126.26
C VAL QA 121 -64.42 -25.88 -126.27
N SER QA 122 -64.33 -26.48 -127.46
CA SER QA 122 -64.58 -27.91 -127.55
C SER QA 122 -63.52 -28.69 -126.78
N GLY QA 123 -63.97 -29.67 -126.00
CA GLY QA 123 -63.08 -30.46 -125.18
C GLY QA 123 -62.88 -29.96 -123.77
N GLN QA 124 -63.46 -28.80 -123.42
CA GLN QA 124 -63.37 -28.29 -122.07
C GLN QA 124 -64.15 -29.17 -121.11
N THR QA 125 -63.64 -29.31 -119.90
CA THR QA 125 -64.42 -30.01 -118.88
C THR QA 125 -65.60 -29.14 -118.46
N ASP QA 126 -66.70 -29.81 -118.12
CA ASP QA 126 -67.92 -29.12 -117.73
C ASP QA 126 -67.74 -28.63 -116.30
N THR QA 127 -67.41 -27.36 -116.17
CA THR QA 127 -67.11 -26.74 -114.89
C THR QA 127 -68.33 -26.08 -114.25
N SER QA 128 -69.51 -26.29 -114.83
CA SER QA 128 -70.70 -25.57 -114.38
C SER QA 128 -71.02 -25.87 -112.92
N GLY QA 129 -70.82 -27.11 -112.48
CA GLY QA 129 -71.15 -27.48 -111.12
C GLY QA 129 -70.04 -27.26 -110.12
N PHE QA 130 -68.87 -26.86 -110.61
CA PHE QA 130 -67.74 -26.67 -109.71
C PHE QA 130 -67.99 -25.62 -108.64
N PRO QA 131 -68.59 -24.45 -108.92
CA PRO QA 131 -68.84 -23.52 -107.81
C PRO QA 131 -69.72 -24.10 -106.74
N ALA QA 132 -70.73 -24.88 -107.11
CA ALA QA 132 -71.54 -25.59 -106.12
C ALA QA 132 -70.67 -26.52 -105.28
N LYS QA 133 -69.84 -27.34 -105.94
CA LYS QA 133 -69.00 -28.25 -105.18
C LYS QA 133 -68.05 -27.50 -104.25
N TRP QA 134 -67.47 -26.40 -104.71
CA TRP QA 134 -66.57 -25.62 -103.85
C TRP QA 134 -67.32 -25.09 -102.64
N ALA QA 135 -68.51 -24.50 -102.87
CA ALA QA 135 -69.32 -24.00 -101.77
C ALA QA 135 -69.73 -25.10 -100.81
N GLY QA 136 -69.65 -26.36 -101.24
CA GLY QA 136 -69.82 -27.47 -100.33
C GLY QA 136 -68.55 -28.01 -99.70
N LEU QA 137 -67.40 -27.35 -99.91
CA LEU QA 137 -66.09 -27.86 -99.51
C LEU QA 137 -65.83 -29.26 -100.06
N MET QA 138 -66.01 -29.40 -101.36
CA MET QA 138 -65.78 -30.64 -102.09
C MET QA 138 -64.91 -30.35 -103.29
N PHE QA 139 -63.86 -31.13 -103.48
CA PHE QA 139 -63.04 -30.95 -104.68
C PHE QA 139 -63.83 -31.39 -105.90
N PRO QA 140 -63.80 -30.61 -107.00
CA PRO QA 140 -64.48 -30.97 -108.24
C PRO QA 140 -63.96 -32.29 -108.78
N ALA RA 1 -57.86 15.63 -113.02
CA ALA RA 1 -56.74 15.44 -113.94
C ALA RA 1 -57.21 14.85 -115.26
N ALA RA 2 -56.47 15.12 -116.33
CA ALA RA 2 -56.83 14.61 -117.65
C ALA RA 2 -56.75 13.08 -117.65
N PRO RA 3 -57.76 12.39 -118.17
CA PRO RA 3 -57.73 10.92 -118.14
C PRO RA 3 -56.69 10.32 -119.08
N SER RA 4 -56.25 11.06 -120.09
CA SER RA 4 -55.26 10.54 -121.02
C SER RA 4 -54.54 11.70 -121.68
N LEU RA 5 -53.33 11.42 -122.19
CA LEU RA 5 -52.45 12.42 -122.75
C LEU RA 5 -51.78 11.88 -123.99
N ALA RA 6 -51.58 12.76 -124.96
CA ALA RA 6 -50.82 12.45 -126.17
C ALA RA 6 -49.71 13.48 -126.26
N LEU RA 7 -48.54 13.16 -125.72
CA LEU RA 7 -47.44 14.11 -125.65
C LEU RA 7 -46.49 13.91 -126.83
N VAL RA 8 -45.75 14.95 -127.17
CA VAL RA 8 -44.80 14.87 -128.28
C VAL RA 8 -43.42 14.52 -127.73
N GLY RA 9 -42.82 13.49 -128.30
CA GLY RA 9 -41.43 13.14 -128.01
C GLY RA 9 -40.69 12.90 -129.31
N ALA RA 10 -39.61 12.14 -129.27
CA ALA RA 10 -38.78 11.90 -130.44
C ALA RA 10 -38.58 10.41 -130.65
N ASN RA 11 -38.66 9.98 -131.92
CA ASN RA 11 -38.38 8.60 -132.30
C ASN RA 11 -36.87 8.38 -132.35
N SER RA 12 -36.45 7.23 -132.87
CA SER RA 12 -35.03 6.96 -132.98
C SER RA 12 -34.31 7.95 -133.88
N THR RA 13 -35.03 8.62 -134.78
CA THR RA 13 -34.47 9.60 -135.69
C THR RA 13 -34.62 11.03 -135.19
N LEU RA 14 -35.21 11.21 -134.01
CA LEU RA 14 -35.48 12.51 -133.40
C LEU RA 14 -36.61 13.26 -134.10
N ALA RA 15 -37.42 12.55 -134.90
CA ALA RA 15 -38.62 13.14 -135.46
C ALA RA 15 -39.72 13.20 -134.41
N SER RA 16 -40.53 14.25 -134.47
CA SER RA 16 -41.61 14.41 -133.50
C SER RA 16 -42.61 13.27 -133.64
N THR RA 17 -42.84 12.56 -132.55
CA THR RA 17 -43.70 11.39 -132.53
C THR RA 17 -44.59 11.44 -131.29
N LEU RA 18 -45.85 11.02 -131.43
CA LEU RA 18 -46.70 10.98 -130.26
C LEU RA 18 -46.31 9.84 -129.32
N VAL RA 19 -46.54 10.08 -128.04
CA VAL RA 19 -46.34 9.12 -126.97
C VAL RA 19 -47.57 9.20 -126.07
N ASN RA 20 -48.26 8.08 -125.90
CA ASN RA 20 -49.59 8.05 -125.33
C ASN RA 20 -49.54 7.57 -123.89
N TYR RA 21 -50.07 8.39 -122.98
CA TYR RA 21 -50.17 8.06 -121.57
C TYR RA 21 -51.64 8.01 -121.18
N SER RA 22 -51.93 7.20 -120.18
CA SER RA 22 -53.26 7.11 -119.59
C SER RA 22 -53.14 7.20 -118.08
N LEU RA 23 -54.16 7.79 -117.47
CA LEU RA 23 -54.16 8.06 -116.03
C LEU RA 23 -54.39 6.77 -115.25
N ARG RA 24 -53.40 6.35 -114.48
CA ARG RA 24 -53.55 5.12 -113.70
C ARG RA 24 -54.34 5.36 -112.42
N SER RA 25 -53.98 6.37 -111.63
CA SER RA 25 -54.69 6.68 -110.41
C SER RA 25 -54.38 8.12 -109.99
N GLN RA 26 -55.06 8.58 -108.94
CA GLN RA 26 -54.81 9.89 -108.34
C GLN RA 26 -54.87 9.76 -106.83
N ASN RA 27 -53.75 10.05 -106.17
CA ASN RA 27 -53.58 10.03 -104.71
C ASN RA 27 -53.59 11.46 -104.19
N GLY RA 28 -53.24 11.63 -102.93
CA GLY RA 28 -53.12 12.94 -102.32
C GLY RA 28 -52.12 13.81 -103.04
N ASN RA 29 -52.64 14.83 -103.71
CA ASN RA 29 -51.85 15.86 -104.38
C ASN RA 29 -50.85 15.25 -105.35
N ASN RA 30 -51.26 14.21 -106.09
CA ASN RA 30 -50.37 13.63 -107.08
C ASN RA 30 -51.19 12.93 -108.16
N VAL RA 31 -50.51 12.55 -109.23
CA VAL RA 31 -51.10 12.00 -110.43
C VAL RA 31 -50.09 11.03 -111.04
N ASP RA 32 -50.57 9.86 -111.45
CA ASP RA 32 -49.75 8.79 -112.00
C ASP RA 32 -50.26 8.39 -113.37
N TYR RA 33 -49.42 8.56 -114.41
CA TYR RA 33 -49.73 8.19 -115.77
C TYR RA 33 -48.79 7.08 -116.24
N VAL RA 34 -49.31 6.23 -117.13
CA VAL RA 34 -48.59 5.09 -117.67
C VAL RA 34 -48.66 5.15 -119.20
N CYS RA 35 -47.56 4.77 -119.85
CA CYS RA 35 -47.53 4.78 -121.31
C CYS RA 35 -48.28 3.57 -121.85
N THR RA 36 -49.15 3.82 -122.83
CA THR RA 36 -50.01 2.79 -123.42
C THR RA 36 -49.56 2.34 -124.80
N ASP RA 37 -48.38 2.76 -125.23
CA ASP RA 37 -47.86 2.35 -126.52
C ASP RA 37 -47.41 0.90 -126.43
N PRO RA 38 -47.13 0.26 -127.57
CA PRO RA 38 -46.62 -1.12 -127.51
C PRO RA 38 -45.23 -1.24 -126.91
N ASP RA 39 -44.37 -0.22 -127.05
CA ASP RA 39 -43.00 -0.34 -126.59
C ASP RA 39 -42.87 -0.33 -125.06
N SER RA 40 -43.90 0.09 -124.34
CA SER RA 40 -43.88 0.06 -122.87
C SER RA 40 -44.68 -1.13 -122.39
N THR RA 41 -44.07 -1.90 -121.49
CA THR RA 41 -44.67 -3.06 -120.86
C THR RA 41 -44.33 -3.00 -119.37
N LEU RA 42 -44.93 -3.88 -118.58
CA LEU RA 42 -44.64 -3.86 -117.15
C LEU RA 42 -43.17 -4.12 -116.88
N SER RA 43 -42.51 -4.88 -117.76
CA SER RA 43 -41.08 -5.15 -117.59
C SER RA 43 -40.26 -3.87 -117.78
N ALA RA 44 -40.65 -3.02 -118.72
CA ALA RA 44 -39.93 -1.79 -119.01
C ALA RA 44 -40.93 -0.69 -119.39
N PRO RA 45 -41.56 -0.08 -118.40
CA PRO RA 45 -42.65 0.87 -118.66
C PRO RA 45 -42.16 2.29 -118.90
N GLY RA 46 -43.08 3.12 -119.40
CA GLY RA 46 -42.92 4.56 -119.41
C GLY RA 46 -43.93 5.17 -118.43
N LEU RA 47 -43.45 6.11 -117.62
CA LEU RA 47 -44.24 6.60 -116.51
C LEU RA 47 -44.13 8.11 -116.39
N ILE RA 48 -45.21 8.74 -115.90
CA ILE RA 48 -45.19 10.16 -115.56
C ILE RA 48 -45.85 10.34 -114.20
N ASN RA 49 -45.27 11.19 -113.36
CA ASN RA 49 -45.75 11.38 -111.99
C ASN RA 49 -45.69 12.85 -111.64
N ALA RA 50 -46.74 13.35 -110.99
CA ALA RA 50 -46.77 14.76 -110.61
C ALA RA 50 -47.32 14.90 -109.20
N LYS RA 51 -46.77 15.85 -108.44
CA LYS RA 51 -47.13 16.04 -107.04
C LYS RA 51 -47.07 17.53 -106.69
N PHE RA 52 -47.97 17.95 -105.81
CA PHE RA 52 -47.95 19.31 -105.27
C PHE RA 52 -47.60 19.27 -103.78
N ASP RA 53 -46.61 20.08 -103.39
CA ASP RA 53 -46.35 20.40 -102.00
C ASP RA 53 -46.93 21.80 -101.79
N ILE RA 54 -48.09 21.89 -101.14
CA ILE RA 54 -48.85 23.12 -101.03
C ILE RA 54 -48.74 23.62 -99.59
N LYS RA 55 -48.20 24.81 -99.42
CA LYS RA 55 -48.04 25.35 -98.09
C LYS RA 55 -49.33 26.04 -97.65
N ALA RA 56 -49.42 26.32 -96.34
CA ALA RA 56 -50.64 26.85 -95.75
C ALA RA 56 -51.00 28.19 -96.36
N PRO RA 57 -52.27 28.60 -96.25
CA PRO RA 57 -52.67 29.90 -96.79
C PRO RA 57 -51.88 31.03 -96.16
N GLY RA 58 -51.59 32.04 -96.96
CA GLY RA 58 -50.78 33.16 -96.57
C GLY RA 58 -49.88 33.56 -97.71
N ILE RA 59 -48.97 34.50 -97.45
CA ILE RA 59 -48.03 34.93 -98.47
C ILE RA 59 -46.59 34.58 -98.10
N THR RA 60 -46.40 33.73 -97.09
CA THR RA 60 -45.07 33.50 -96.55
C THR RA 60 -44.29 32.45 -97.32
N GLY RA 61 -44.95 31.38 -97.76
CA GLY RA 61 -44.26 30.17 -98.15
C GLY RA 61 -43.78 30.13 -99.59
N ASN RA 62 -43.40 28.92 -99.99
CA ASN RA 62 -43.04 28.55 -101.36
C ASN RA 62 -43.75 27.25 -101.71
N ASP RA 63 -44.72 27.32 -102.62
CA ASP RA 63 -45.37 26.12 -103.14
C ASP RA 63 -44.41 25.38 -104.08
N ARG RA 64 -44.59 24.07 -104.22
CA ARG RA 64 -43.70 23.28 -105.06
C ARG RA 64 -44.48 22.29 -105.91
N ILE RA 65 -44.00 22.10 -107.15
CA ILE RA 65 -44.52 21.11 -108.10
C ILE RA 65 -43.38 20.15 -108.39
N HIS RA 66 -43.67 18.85 -108.34
CA HIS RA 66 -42.70 17.81 -108.66
C HIS RA 66 -43.24 16.97 -109.81
N ALA RA 67 -42.54 16.99 -110.93
CA ALA RA 67 -42.87 16.14 -112.06
C ALA RA 67 -41.72 15.18 -112.34
N ASN RA 68 -42.06 14.03 -112.89
CA ASN RA 68 -41.06 13.00 -113.14
C ASN RA 68 -41.50 12.17 -114.34
N LEU RA 69 -40.69 12.19 -115.39
CA LEU RA 69 -40.96 11.43 -116.61
C LEU RA 69 -39.87 10.38 -116.76
N ARG RA 70 -40.26 9.12 -116.69
CA ARG RA 70 -39.30 8.01 -116.68
C ARG RA 70 -39.58 7.05 -117.83
N LYS RA 71 -38.52 6.38 -118.27
CA LYS RA 71 -38.62 5.24 -119.18
C LYS RA 71 -37.60 4.19 -118.77
N VAL RA 72 -38.06 2.96 -118.62
CA VAL RA 72 -37.20 1.85 -118.24
C VAL RA 72 -36.76 1.12 -119.50
N VAL RA 73 -35.52 0.64 -119.51
CA VAL RA 73 -34.98 -0.10 -120.64
C VAL RA 73 -34.27 -1.33 -120.09
N LEU RA 74 -34.27 -2.40 -120.90
CA LEU RA 74 -33.66 -3.66 -120.53
C LEU RA 74 -32.40 -3.90 -121.36
N ASP RA 75 -31.36 -4.41 -120.69
CA ASP RA 75 -30.10 -4.73 -121.36
C ASP RA 75 -30.30 -5.83 -122.38
N GLU RA 76 -29.75 -5.65 -123.59
CA GLU RA 76 -29.86 -6.68 -124.62
C GLU RA 76 -29.18 -7.97 -124.19
N LYS RA 77 -28.20 -7.89 -123.30
CA LYS RA 77 -27.44 -9.07 -122.93
C LYS RA 77 -28.03 -9.76 -121.70
N THR RA 78 -28.57 -8.99 -120.75
CA THR RA 78 -28.98 -9.53 -119.47
C THR RA 78 -30.42 -9.25 -119.08
N ASN RA 79 -31.17 -8.48 -119.89
CA ASN RA 79 -32.52 -8.01 -119.51
C ASN RA 79 -32.51 -7.29 -118.16
N LEU RA 80 -31.38 -6.71 -117.80
CA LEU RA 80 -31.42 -5.97 -116.54
C LEU RA 80 -31.93 -4.56 -116.77
N PRO RA 81 -32.82 -4.10 -115.88
CA PRO RA 81 -33.46 -2.80 -116.08
C PRO RA 81 -32.57 -1.67 -115.60
N SER RA 82 -32.49 -0.62 -116.41
CA SER RA 82 -32.04 0.68 -115.93
C SER RA 82 -33.00 1.73 -116.47
N THR RA 83 -33.15 2.82 -115.72
CA THR RA 83 -34.16 3.82 -116.04
C THR RA 83 -33.51 5.14 -116.42
N GLY RA 84 -34.10 5.80 -117.41
CA GLY RA 84 -33.77 7.17 -117.75
C GLY RA 84 -34.90 8.06 -117.29
N SER RA 85 -34.56 9.27 -116.84
CA SER RA 85 -35.61 10.10 -116.27
C SER RA 85 -35.29 11.58 -116.43
N VAL RA 86 -36.36 12.37 -116.59
CA VAL RA 86 -36.31 13.82 -116.49
C VAL RA 86 -37.24 14.23 -115.36
N THR RA 87 -36.67 14.80 -114.31
CA THR RA 87 -37.44 15.28 -113.17
C THR RA 87 -37.42 16.80 -113.16
N ILE RA 88 -38.53 17.38 -112.69
CA ILE RA 88 -38.73 18.82 -112.70
C ILE RA 88 -39.25 19.23 -111.33
N GLN RA 89 -38.74 20.33 -110.81
CA GLN RA 89 -39.24 20.91 -109.57
C GLN RA 89 -39.47 22.41 -109.78
N VAL RA 90 -40.71 22.82 -109.63
CA VAL RA 90 -41.10 24.22 -109.74
C VAL RA 90 -41.35 24.73 -108.33
N SER RA 91 -40.76 25.87 -107.99
CA SER RA 91 -40.94 26.51 -106.69
C SER RA 91 -41.50 27.90 -106.93
N ILE RA 92 -42.72 28.12 -106.48
CA ILE RA 92 -43.53 29.32 -106.70
C ILE RA 92 -43.67 30.04 -105.35
N PRO RA 93 -43.06 31.22 -105.18
CA PRO RA 93 -43.28 31.97 -103.95
C PRO RA 93 -44.67 32.57 -103.86
N ARG RA 94 -45.10 32.80 -102.63
CA ARG RA 94 -46.43 33.35 -102.36
C ARG RA 94 -46.40 34.86 -102.09
N ASN RA 95 -45.24 35.45 -101.90
CA ASN RA 95 -45.09 36.90 -101.85
C ASN RA 95 -45.77 37.52 -103.07
N PRO RA 96 -46.73 38.42 -102.89
CA PRO RA 96 -47.50 38.95 -104.03
C PRO RA 96 -46.64 39.64 -105.07
N ALA RA 97 -45.35 39.81 -104.81
CA ALA RA 97 -44.42 40.31 -105.80
C ALA RA 97 -44.08 39.27 -106.86
N TRP RA 98 -44.70 38.09 -106.83
CA TRP RA 98 -44.53 37.05 -107.82
C TRP RA 98 -45.83 36.87 -108.60
N ASN RA 99 -45.72 36.36 -109.83
CA ASN RA 99 -46.88 36.17 -110.70
C ASN RA 99 -46.90 34.78 -111.30
N ALA RA 100 -48.12 34.32 -111.57
CA ALA RA 100 -48.28 33.18 -112.45
C ALA RA 100 -47.59 33.43 -113.77
N SER RA 101 -47.54 34.68 -114.23
CA SER RA 101 -46.82 35.01 -115.46
C SER RA 101 -45.34 34.70 -115.31
N MET RA 102 -44.78 34.96 -114.13
CA MET RA 102 -43.37 34.68 -113.91
C MET RA 102 -43.11 33.18 -113.85
N THR RA 103 -44.02 32.43 -113.21
CA THR RA 103 -43.94 30.97 -113.26
C THR RA 103 -43.93 30.46 -114.70
N VAL RA 104 -44.90 30.91 -115.49
CA VAL RA 104 -44.98 30.46 -116.88
C VAL RA 104 -43.75 30.86 -117.66
N SER RA 105 -43.20 32.04 -117.38
CA SER RA 105 -42.02 32.50 -118.10
C SER RA 105 -40.83 31.58 -117.81
N LEU RA 106 -40.65 31.21 -116.54
CA LEU RA 106 -39.58 30.26 -116.22
C LEU RA 106 -39.81 28.93 -116.91
N LEU RA 107 -41.06 28.45 -116.95
CA LEU RA 107 -41.33 27.18 -117.61
C LEU RA 107 -40.97 27.25 -119.10
N LYS RA 108 -41.38 28.33 -119.76
CA LYS RA 108 -41.11 28.48 -121.18
C LYS RA 108 -39.61 28.59 -121.45
N GLN RA 109 -38.88 29.31 -120.58
CA GLN RA 109 -37.45 29.44 -120.78
C GLN RA 109 -36.73 28.11 -120.59
N ALA RA 110 -37.12 27.35 -119.56
CA ALA RA 110 -36.53 26.03 -119.38
C ALA RA 110 -36.82 25.14 -120.57
N ALA RA 111 -38.04 25.21 -121.11
CA ALA RA 111 -38.39 24.42 -122.29
C ALA RA 111 -37.51 24.80 -123.48
N ASP RA 112 -37.37 26.10 -123.74
CA ASP RA 112 -36.50 26.55 -124.83
C ASP RA 112 -35.05 26.09 -124.62
N TYR RA 113 -34.55 26.16 -123.38
CA TYR RA 113 -33.11 25.96 -123.18
C TYR RA 113 -32.72 24.50 -123.08
N LEU RA 114 -33.62 23.63 -122.61
CA LEU RA 114 -33.28 22.22 -122.49
C LEU RA 114 -33.97 21.32 -123.51
N ALA RA 115 -35.09 21.74 -124.08
CA ALA RA 115 -35.77 20.98 -125.11
C ALA RA 115 -35.80 21.66 -126.47
N GLY RA 116 -35.54 22.97 -126.53
CA GLY RA 116 -35.57 23.69 -127.79
C GLY RA 116 -36.94 23.69 -128.44
N THR RA 117 -37.98 24.05 -127.69
CA THR RA 117 -39.35 23.98 -128.18
C THR RA 117 -40.11 25.29 -128.09
N SER RA 118 -39.45 26.38 -127.70
CA SER RA 118 -40.13 27.66 -127.53
C SER RA 118 -40.82 28.13 -128.82
N ALA RA 119 -41.76 29.06 -128.65
CA ALA RA 119 -42.41 29.72 -129.78
C ALA RA 119 -41.43 30.64 -130.50
N THR RA 120 -41.86 31.15 -131.65
CA THR RA 120 -40.99 31.94 -132.51
C THR RA 120 -41.08 33.42 -132.16
N VAL RA 121 -39.92 34.03 -131.89
CA VAL RA 121 -39.80 35.46 -131.61
C VAL RA 121 -38.59 35.95 -132.40
N SER RA 122 -38.55 37.26 -132.65
CA SER RA 122 -37.60 37.83 -133.61
C SER RA 122 -36.18 37.41 -133.29
N GLY RA 123 -35.63 37.88 -132.18
CA GLY RA 123 -34.21 37.72 -131.97
C GLY RA 123 -33.81 36.47 -131.20
N GLN RA 124 -34.64 35.43 -131.25
CA GLN RA 124 -34.41 34.31 -130.34
C GLN RA 124 -33.19 33.53 -130.81
N THR RA 125 -32.48 32.91 -129.87
CA THR RA 125 -31.39 32.06 -130.29
C THR RA 125 -31.93 30.70 -130.71
N ASP RA 126 -31.22 30.10 -131.66
CA ASP RA 126 -31.62 28.82 -132.23
C ASP RA 126 -31.29 27.72 -131.23
N THR RA 127 -32.34 27.14 -130.65
CA THR RA 127 -32.21 26.14 -129.61
C THR RA 127 -32.61 24.75 -130.07
N SER RA 128 -32.78 24.57 -131.38
CA SER RA 128 -33.24 23.28 -131.90
C SER RA 128 -32.25 22.16 -131.59
N GLY RA 129 -30.95 22.47 -131.64
CA GLY RA 129 -29.94 21.45 -131.41
C GLY RA 129 -29.55 21.27 -129.96
N PHE RA 130 -30.08 22.12 -129.08
CA PHE RA 130 -29.73 22.02 -127.68
C PHE RA 130 -30.08 20.68 -127.04
N PRO RA 131 -31.26 20.09 -127.27
CA PRO RA 131 -31.51 18.77 -126.67
C PRO RA 131 -30.49 17.72 -127.10
N ALA RA 132 -30.08 17.75 -128.36
CA ALA RA 132 -29.03 16.85 -128.82
C ALA RA 132 -27.73 17.09 -128.05
N LYS RA 133 -27.34 18.36 -127.93
CA LYS RA 133 -26.09 18.67 -127.21
C LYS RA 133 -26.17 18.23 -125.76
N TRP RA 134 -27.33 18.42 -125.11
CA TRP RA 134 -27.48 17.96 -123.73
C TRP RA 134 -27.34 16.45 -123.66
N ALA RA 135 -28.07 15.73 -124.52
CA ALA RA 135 -28.02 14.27 -124.51
C ALA RA 135 -26.61 13.75 -124.79
N GLY RA 136 -25.76 14.57 -125.40
CA GLY RA 136 -24.36 14.24 -125.50
C GLY RA 136 -23.50 14.68 -124.34
N LEU RA 137 -24.12 15.21 -123.27
CA LEU RA 137 -23.42 15.77 -122.13
C LEU RA 137 -22.42 16.85 -122.54
N MET RA 138 -22.92 17.82 -123.30
CA MET RA 138 -22.15 19.02 -123.60
C MET RA 138 -23.06 20.24 -123.54
N PHE RA 139 -22.48 21.35 -123.10
CA PHE RA 139 -23.25 22.57 -122.94
C PHE RA 139 -23.60 23.17 -124.30
N PRO RA 140 -24.80 23.75 -124.45
CA PRO RA 140 -25.18 24.52 -125.62
C PRO RA 140 -24.25 25.72 -125.81
N ALA SA 1 -64.19 9.90 -107.24
CA ALA SA 1 -65.02 11.09 -107.11
C ALA SA 1 -65.05 11.89 -108.42
N ALA SA 2 -65.97 12.85 -108.50
CA ALA SA 2 -66.09 13.67 -109.69
C ALA SA 2 -64.84 14.51 -109.87
N PRO SA 3 -64.31 14.58 -111.10
CA PRO SA 3 -63.05 15.32 -111.31
C PRO SA 3 -63.23 16.83 -111.26
N SER SA 4 -64.46 17.33 -111.42
CA SER SA 4 -64.70 18.76 -111.40
C SER SA 4 -66.15 19.02 -111.06
N LEU SA 5 -66.41 20.20 -110.49
CA LEU SA 5 -67.72 20.59 -110.00
C LEU SA 5 -68.01 22.03 -110.37
N ALA SA 6 -69.27 22.30 -110.70
CA ALA SA 6 -69.76 23.66 -110.93
C ALA SA 6 -70.88 23.89 -109.93
N LEU SA 7 -70.53 24.39 -108.74
CA LEU SA 7 -71.51 24.60 -107.70
C LEU SA 7 -72.11 25.99 -107.83
N VAL SA 8 -73.29 26.19 -107.26
CA VAL SA 8 -73.96 27.48 -107.29
C VAL SA 8 -73.73 28.21 -105.98
N GLY SA 9 -73.18 29.41 -106.06
CA GLY SA 9 -73.03 30.32 -104.95
C GLY SA 9 -73.62 31.67 -105.30
N ALA SA 10 -73.10 32.69 -104.64
CA ALA SA 10 -73.61 34.05 -104.79
C ALA SA 10 -72.46 35.02 -105.00
N ASN SA 11 -72.64 35.97 -105.92
CA ASN SA 11 -71.67 37.03 -106.13
C ASN SA 11 -71.93 38.15 -105.12
N SER SA 12 -71.31 39.30 -105.34
CA SER SA 12 -71.48 40.42 -104.43
C SER SA 12 -72.93 40.93 -104.42
N THR SA 13 -73.66 40.71 -105.51
CA THR SA 13 -75.07 41.10 -105.61
C THR SA 13 -76.00 40.08 -104.96
N LEU SA 14 -75.47 38.94 -104.53
CA LEU SA 14 -76.21 37.75 -104.10
C LEU SA 14 -76.92 37.06 -105.25
N ALA SA 15 -76.60 37.41 -106.50
CA ALA SA 15 -77.14 36.69 -107.65
C ALA SA 15 -76.48 35.33 -107.77
N SER SA 16 -77.25 34.34 -108.23
CA SER SA 16 -76.75 32.98 -108.36
C SER SA 16 -75.64 32.92 -109.40
N THR SA 17 -74.44 32.52 -108.97
CA THR SA 17 -73.25 32.51 -109.81
C THR SA 17 -72.56 31.16 -109.68
N LEU SA 18 -71.98 30.66 -110.77
CA LEU SA 18 -71.22 29.42 -110.67
C LEU SA 18 -69.88 29.66 -110.02
N VAL SA 19 -69.47 28.70 -109.18
CA VAL SA 19 -68.16 28.62 -108.59
C VAL SA 19 -67.59 27.24 -108.91
N ASN SA 20 -66.40 27.22 -109.51
CA ASN SA 20 -65.86 26.04 -110.17
C ASN SA 20 -64.73 25.44 -109.35
N TYR SA 21 -64.81 24.14 -109.12
CA TYR SA 21 -63.80 23.40 -108.38
C TYR SA 21 -63.27 22.27 -109.24
N SER SA 22 -61.99 21.94 -109.07
CA SER SA 22 -61.40 20.75 -109.67
C SER SA 22 -60.83 19.87 -108.57
N LEU SA 23 -60.84 18.56 -108.83
CA LEU SA 23 -60.38 17.56 -107.88
C LEU SA 23 -58.86 17.57 -107.82
N ARG SA 24 -58.32 18.13 -106.74
CA ARG SA 24 -56.88 18.17 -106.57
C ARG SA 24 -56.35 16.92 -105.89
N SER SA 25 -57.00 16.39 -104.84
CA SER SA 25 -56.48 15.16 -104.25
C SER SA 25 -57.62 14.29 -103.76
N GLN SA 26 -57.31 13.00 -103.63
CA GLN SA 26 -58.21 12.04 -103.01
C GLN SA 26 -57.35 10.96 -102.37
N ASN SA 27 -57.54 10.76 -101.07
CA ASN SA 27 -56.67 9.88 -100.29
C ASN SA 27 -57.41 9.43 -99.05
N GLY SA 28 -57.44 8.11 -98.83
CA GLY SA 28 -57.91 7.55 -97.58
C GLY SA 28 -59.30 8.02 -97.21
N ASN SA 29 -60.28 7.70 -98.06
CA ASN SA 29 -61.65 8.16 -97.89
C ASN SA 29 -61.70 9.65 -97.60
N ASN SA 30 -60.89 10.41 -98.34
CA ASN SA 30 -60.83 11.84 -98.16
C ASN SA 30 -60.73 12.46 -99.56
N VAL SA 31 -61.42 13.57 -99.78
CA VAL SA 31 -61.53 14.18 -101.10
C VAL SA 31 -61.35 15.69 -100.96
N ASP SA 32 -60.43 16.27 -101.74
CA ASP SA 32 -60.07 17.68 -101.65
C ASP SA 32 -60.14 18.34 -103.02
N TYR SA 33 -60.97 19.37 -103.12
CA TYR SA 33 -61.17 20.17 -104.32
C TYR SA 33 -60.61 21.57 -104.11
N VAL SA 34 -60.16 22.19 -105.21
CA VAL SA 34 -59.70 23.58 -105.18
C VAL SA 34 -60.48 24.39 -106.20
N CYS SA 35 -60.69 25.66 -105.90
CA CYS SA 35 -61.47 26.54 -106.75
C CYS SA 35 -60.62 27.05 -107.91
N THR SA 36 -61.14 26.92 -109.13
CA THR SA 36 -60.42 27.25 -110.35
C THR SA 36 -60.68 28.68 -110.82
N ASP SA 37 -61.52 29.42 -110.12
CA ASP SA 37 -61.91 30.76 -110.55
C ASP SA 37 -60.80 31.75 -110.25
N PRO SA 38 -60.90 32.97 -110.79
CA PRO SA 38 -59.87 33.98 -110.47
C PRO SA 38 -59.87 34.43 -109.03
N ASP SA 39 -61.01 34.35 -108.34
CA ASP SA 39 -61.07 34.83 -106.95
C ASP SA 39 -60.30 33.94 -105.98
N SER SA 40 -59.93 32.72 -106.37
CA SER SA 40 -59.08 31.88 -105.54
C SER SA 40 -57.67 31.95 -106.10
N THR SA 41 -56.76 32.47 -105.30
CA THR SA 41 -55.34 32.54 -105.61
C THR SA 41 -54.60 31.49 -104.77
N LEU SA 42 -53.31 31.35 -105.06
CA LEU SA 42 -52.48 30.47 -104.24
C LEU SA 42 -52.45 30.94 -102.81
N SER SA 43 -52.36 32.26 -102.62
CA SER SA 43 -52.20 32.78 -101.27
C SER SA 43 -53.52 32.74 -100.50
N ALA SA 44 -54.62 32.94 -101.20
CA ALA SA 44 -55.95 32.99 -100.61
C ALA SA 44 -56.90 32.15 -101.45
N PRO SA 45 -56.92 30.83 -101.24
CA PRO SA 45 -57.67 29.94 -102.14
C PRO SA 45 -59.09 29.69 -101.65
N GLY SA 46 -59.87 29.05 -102.52
CA GLY SA 46 -61.15 28.46 -102.16
C GLY SA 46 -61.00 26.95 -102.20
N LEU SA 47 -61.51 26.29 -101.15
CA LEU SA 47 -61.18 24.88 -100.95
C LEU SA 47 -62.40 24.11 -100.48
N ILE SA 48 -62.43 22.82 -100.81
CA ILE SA 48 -63.46 21.91 -100.33
C ILE SA 48 -62.80 20.63 -99.84
N ASN SA 49 -63.32 20.10 -98.74
CA ASN SA 49 -62.83 18.89 -98.09
C ASN SA 49 -64.00 17.99 -97.74
N ALA SA 50 -63.82 16.67 -97.87
CA ALA SA 50 -64.89 15.72 -97.52
C ALA SA 50 -64.29 14.40 -97.07
N LYS SA 51 -64.66 13.96 -95.85
CA LYS SA 51 -64.14 12.76 -95.20
C LYS SA 51 -65.26 11.80 -94.84
N PHE SA 52 -64.91 10.51 -94.79
CA PHE SA 52 -65.81 9.45 -94.35
C PHE SA 52 -65.20 8.72 -93.16
N ASP SA 53 -65.86 8.80 -92.01
CA ASP SA 53 -65.59 7.92 -90.88
C ASP SA 53 -66.55 6.75 -91.01
N ILE SA 54 -66.06 5.64 -91.57
CA ILE SA 54 -66.88 4.46 -91.79
C ILE SA 54 -66.57 3.46 -90.68
N LYS SA 55 -67.57 3.17 -89.86
CA LYS SA 55 -67.42 2.23 -88.77
C LYS SA 55 -67.39 0.80 -89.32
N ALA SA 56 -66.80 -0.10 -88.54
CA ALA SA 56 -66.78 -1.53 -88.83
C ALA SA 56 -68.19 -2.04 -89.03
N PRO SA 57 -68.39 -3.13 -89.80
CA PRO SA 57 -69.74 -3.65 -89.99
C PRO SA 57 -70.40 -3.97 -88.66
N GLY SA 58 -71.71 -3.78 -88.62
CA GLY SA 58 -72.43 -3.96 -87.39
C GLY SA 58 -73.70 -3.15 -87.39
N ILE SA 59 -74.57 -3.49 -86.44
CA ILE SA 59 -75.84 -2.80 -86.31
C ILE SA 59 -75.75 -1.63 -85.34
N THR SA 60 -74.64 -1.48 -84.64
CA THR SA 60 -74.45 -0.44 -83.64
C THR SA 60 -73.47 0.61 -84.16
N GLY SA 61 -73.64 1.83 -83.67
CA GLY SA 61 -72.76 2.93 -83.99
C GLY SA 61 -73.36 3.87 -85.03
N ASN SA 62 -72.62 4.96 -85.28
CA ASN SA 62 -72.95 5.93 -86.29
C ASN SA 62 -71.81 6.03 -87.29
N ASP SA 63 -72.16 6.05 -88.58
CA ASP SA 63 -71.24 6.46 -89.64
C ASP SA 63 -71.23 7.99 -89.72
N ARG SA 64 -70.10 8.57 -90.16
CA ARG SA 64 -70.02 10.02 -90.18
C ARG SA 64 -69.44 10.54 -91.49
N ILE SA 65 -70.01 11.66 -91.95
CA ILE SA 65 -69.54 12.40 -93.11
C ILE SA 65 -69.10 13.78 -92.63
N HIS SA 66 -67.91 14.20 -93.07
CA HIS SA 66 -67.42 15.54 -92.76
C HIS SA 66 -67.20 16.31 -94.05
N ALA SA 67 -67.57 17.57 -94.07
CA ALA SA 67 -67.41 18.39 -95.26
C ALA SA 67 -67.07 19.81 -94.85
N ASN SA 68 -66.17 20.44 -95.58
CA ASN SA 68 -65.74 21.79 -95.28
C ASN SA 68 -65.61 22.59 -96.57
N LEU SA 69 -66.28 23.74 -96.62
CA LEU SA 69 -66.19 24.66 -97.75
C LEU SA 69 -65.59 25.97 -97.24
N ARG SA 70 -64.41 26.31 -97.75
CA ARG SA 70 -63.58 27.38 -97.22
C ARG SA 70 -63.30 28.41 -98.30
N LYS SA 71 -63.21 29.68 -97.88
CA LYS SA 71 -62.62 30.74 -98.69
C LYS SA 71 -61.67 31.52 -97.81
N VAL SA 72 -60.41 31.63 -98.24
CA VAL SA 72 -59.40 32.39 -97.52
C VAL SA 72 -59.38 33.80 -98.06
N VAL SA 73 -59.16 34.77 -97.16
CA VAL SA 73 -59.06 36.16 -97.54
C VAL SA 73 -57.88 36.77 -96.81
N LEU SA 74 -57.16 37.65 -97.50
CA LEU SA 74 -55.97 38.30 -96.96
C LEU SA 74 -56.32 39.69 -96.44
N ASP SA 75 -55.70 40.07 -95.32
CA ASP SA 75 -55.88 41.42 -94.77
C ASP SA 75 -55.29 42.45 -95.71
N GLU SA 76 -55.98 43.58 -95.84
CA GLU SA 76 -55.53 44.61 -96.77
C GLU SA 76 -54.15 45.13 -96.40
N LYS SA 77 -53.91 45.36 -95.11
CA LYS SA 77 -52.64 45.92 -94.66
C LYS SA 77 -51.64 44.83 -94.34
N THR SA 78 -51.99 43.92 -93.42
CA THR SA 78 -51.02 42.95 -92.91
C THR SA 78 -50.82 41.75 -93.83
N ASN SA 79 -51.71 41.53 -94.80
CA ASN SA 79 -51.69 40.36 -95.68
C ASN SA 79 -51.76 39.04 -94.91
N LEU SA 80 -52.13 39.09 -93.63
CA LEU SA 80 -52.37 37.88 -92.86
C LEU SA 80 -53.67 37.23 -93.33
N PRO SA 81 -53.69 35.92 -93.49
CA PRO SA 81 -54.90 35.27 -93.99
C PRO SA 81 -55.85 34.93 -92.85
N SER SA 82 -57.13 35.23 -93.02
CA SER SA 82 -58.16 34.62 -92.21
C SER SA 82 -59.17 33.98 -93.14
N THR SA 83 -59.78 32.90 -92.67
CA THR SA 83 -60.58 32.05 -93.53
C THR SA 83 -62.02 31.94 -93.01
N GLY SA 84 -62.97 32.00 -93.94
CA GLY SA 84 -64.39 31.83 -93.64
C GLY SA 84 -64.85 30.48 -94.18
N SER SA 85 -65.72 29.81 -93.43
CA SER SA 85 -65.97 28.41 -93.74
C SER SA 85 -67.36 27.95 -93.30
N VAL SA 86 -67.99 27.15 -94.14
CA VAL SA 86 -69.19 26.40 -93.77
C VAL SA 86 -68.80 24.93 -93.70
N THR SA 87 -68.97 24.32 -92.54
CA THR SA 87 -68.62 22.92 -92.35
C THR SA 87 -69.82 22.12 -91.87
N ILE SA 88 -69.94 20.89 -92.37
CA ILE SA 88 -71.10 20.03 -92.16
C ILE SA 88 -70.63 18.69 -91.61
N GLN SA 89 -71.33 18.19 -90.60
CA GLN SA 89 -71.17 16.82 -90.12
C GLN SA 89 -72.50 16.09 -90.20
N VAL SA 90 -72.50 14.97 -90.92
CA VAL SA 90 -73.67 14.11 -91.05
C VAL SA 90 -73.39 12.85 -90.24
N SER SA 91 -74.31 12.50 -89.34
CA SER SA 91 -74.18 11.32 -88.49
C SER SA 91 -75.36 10.41 -88.78
N ILE SA 92 -75.07 9.25 -89.39
CA ILE SA 92 -76.04 8.28 -89.88
C ILE SA 92 -75.98 7.06 -88.98
N PRO SA 93 -77.01 6.77 -88.18
CA PRO SA 93 -77.01 5.57 -87.37
C PRO SA 93 -77.13 4.30 -88.20
N ARG SA 94 -76.83 3.17 -87.55
CA ARG SA 94 -76.86 1.88 -88.21
C ARG SA 94 -78.02 0.99 -87.80
N ASN SA 95 -78.79 1.39 -86.80
CA ASN SA 95 -80.04 0.69 -86.48
C ASN SA 95 -80.92 0.65 -87.72
N PRO SA 96 -81.40 -0.52 -88.15
CA PRO SA 96 -82.21 -0.59 -89.38
C PRO SA 96 -83.44 0.28 -89.34
N ALA SA 97 -83.77 0.84 -88.18
CA ALA SA 97 -84.85 1.78 -88.04
C ALA SA 97 -84.49 3.16 -88.58
N TRP SA 98 -83.32 3.33 -89.19
CA TRP SA 98 -82.93 4.54 -89.89
C TRP SA 98 -82.91 4.28 -91.40
N ASN SA 99 -83.12 5.34 -92.18
CA ASN SA 99 -83.15 5.22 -93.64
C ASN SA 99 -82.30 6.28 -94.30
N ALA SA 100 -81.76 5.90 -95.46
CA ALA SA 100 -81.19 6.91 -96.34
C ALA SA 100 -82.21 8.02 -96.62
N SER SA 101 -83.50 7.67 -96.66
CA SER SA 101 -84.51 8.71 -96.85
C SER SA 101 -84.49 9.70 -95.70
N MET SA 102 -84.25 9.22 -94.49
CA MET SA 102 -84.18 10.13 -93.35
C MET SA 102 -82.93 10.99 -93.40
N THR SA 103 -81.80 10.40 -93.82
CA THR SA 103 -80.58 11.19 -94.05
C THR SA 103 -80.84 12.30 -95.05
N VAL SA 104 -81.42 11.96 -96.19
CA VAL SA 104 -81.69 12.94 -97.23
C VAL SA 104 -82.67 13.99 -96.75
N SER SA 105 -83.66 13.58 -95.94
CA SER SA 105 -84.62 14.54 -95.44
C SER SA 105 -83.94 15.57 -94.55
N LEU SA 106 -83.04 15.13 -93.66
CA LEU SA 106 -82.30 16.07 -92.85
C LEU SA 106 -81.43 16.99 -93.70
N LEU SA 107 -80.78 16.44 -94.73
CA LEU SA 107 -79.96 17.28 -95.60
C LEU SA 107 -80.81 18.37 -96.27
N LYS SA 108 -81.97 17.97 -96.81
CA LYS SA 108 -82.83 18.93 -97.50
C LYS SA 108 -83.36 19.99 -96.55
N GLN SA 109 -83.70 19.59 -95.32
CA GLN SA 109 -84.21 20.55 -94.35
C GLN SA 109 -83.12 21.53 -93.94
N ALA SA 110 -81.90 21.05 -93.74
CA ALA SA 110 -80.79 21.95 -93.44
C ALA SA 110 -80.56 22.92 -94.58
N ALA SA 111 -80.62 22.43 -95.83
CA ALA SA 111 -80.47 23.30 -96.98
C ALA SA 111 -81.56 24.38 -96.99
N ASP SA 112 -82.80 23.99 -96.70
CA ASP SA 112 -83.88 24.97 -96.67
C ASP SA 112 -83.66 25.99 -95.57
N TYR SA 113 -83.26 25.55 -94.37
CA TYR SA 113 -83.26 26.44 -93.22
C TYR SA 113 -82.03 27.33 -93.15
N LEU SA 114 -80.88 26.86 -93.60
CA LEU SA 114 -79.67 27.68 -93.54
C LEU SA 114 -79.26 28.27 -94.87
N ALA SA 115 -79.71 27.70 -95.99
CA ALA SA 115 -79.38 28.26 -97.29
C ALA SA 115 -80.59 28.76 -98.07
N GLY SA 116 -81.80 28.33 -97.71
CA GLY SA 116 -82.99 28.78 -98.41
C GLY SA 116 -83.04 28.30 -99.85
N THR SA 117 -82.84 26.99 -100.08
CA THR SA 117 -82.75 26.45 -101.43
C THR SA 117 -83.69 25.27 -101.66
N SER SA 118 -84.57 24.94 -100.72
CA SER SA 118 -85.49 23.82 -100.90
C SER SA 118 -86.31 23.92 -102.19
N ALA SA 119 -86.79 22.76 -102.65
CA ALA SA 119 -87.73 22.69 -103.76
C ALA SA 119 -89.07 23.31 -103.36
N THR SA 120 -89.89 23.59 -104.36
CA THR SA 120 -91.16 24.26 -104.11
C THR SA 120 -92.23 23.25 -103.71
N VAL SA 121 -92.89 23.54 -102.57
CA VAL SA 121 -93.99 22.74 -102.03
C VAL SA 121 -95.01 23.71 -101.47
N SER SA 122 -96.29 23.42 -101.70
CA SER SA 122 -97.37 24.25 -101.19
C SER SA 122 -97.29 24.35 -99.67
N GLY SA 123 -97.31 25.58 -99.16
CA GLY SA 123 -97.27 25.79 -97.73
C GLY SA 123 -95.89 25.87 -97.11
N GLN SA 124 -94.83 25.90 -97.91
CA GLN SA 124 -93.50 25.93 -97.33
C GLN SA 124 -93.22 27.34 -96.83
N THR SA 125 -92.42 27.47 -95.79
CA THR SA 125 -92.07 28.82 -95.37
C THR SA 125 -91.02 29.40 -96.32
N ASP SA 126 -91.14 30.70 -96.56
CA ASP SA 126 -90.22 31.39 -97.46
C ASP SA 126 -88.89 31.56 -96.76
N THR SA 127 -87.90 30.82 -97.23
CA THR SA 127 -86.57 30.80 -96.64
C THR SA 127 -85.56 31.58 -97.47
N SER SA 128 -86.02 32.33 -98.47
CA SER SA 128 -85.11 33.01 -99.39
C SER SA 128 -84.17 33.97 -98.65
N GLY SA 129 -84.70 34.70 -97.67
CA GLY SA 129 -83.90 35.66 -96.95
C GLY SA 129 -83.16 35.10 -95.76
N PHE SA 130 -83.37 33.83 -95.46
CA PHE SA 130 -82.70 33.23 -94.32
C PHE SA 130 -81.17 33.23 -94.43
N PRO SA 131 -80.55 32.91 -95.56
CA PRO SA 131 -79.08 33.00 -95.61
C PRO SA 131 -78.57 34.40 -95.33
N ALA SA 132 -79.26 35.43 -95.81
CA ALA SA 132 -78.89 36.79 -95.48
C ALA SA 132 -78.99 37.02 -93.97
N LYS SA 133 -80.10 36.63 -93.36
CA LYS SA 133 -80.25 36.82 -91.92
C LYS SA 133 -79.17 36.07 -91.15
N TRP SA 134 -78.82 34.87 -91.58
CA TRP SA 134 -77.76 34.12 -90.91
C TRP SA 134 -76.42 34.86 -91.02
N ALA SA 135 -76.08 35.30 -92.24
CA ALA SA 135 -74.83 36.02 -92.44
C ALA SA 135 -74.79 37.28 -91.59
N GLY SA 136 -75.95 37.83 -91.25
CA GLY SA 136 -76.01 38.92 -90.28
C GLY SA 136 -76.06 38.50 -88.83
N LEU SA 137 -75.95 37.21 -88.54
CA LEU SA 137 -76.09 36.68 -87.17
C LEU SA 137 -77.45 37.05 -86.58
N MET SA 138 -78.51 36.71 -87.31
CA MET SA 138 -79.87 36.95 -86.88
C MET SA 138 -80.68 35.68 -87.08
N PHE SA 139 -81.38 35.24 -86.05
CA PHE SA 139 -82.23 34.07 -86.20
C PHE SA 139 -83.38 34.38 -87.14
N PRO SA 140 -83.67 33.51 -88.12
CA PRO SA 140 -84.79 33.67 -89.06
C PRO SA 140 -86.12 33.71 -88.35
N ALA TA 1 -114.89 -42.20 -34.81
CA ALA TA 1 -115.47 -41.89 -33.52
C ALA TA 1 -116.89 -41.35 -33.65
N ALA TA 2 -117.73 -41.63 -32.66
CA ALA TA 2 -119.10 -41.15 -32.66
C ALA TA 2 -119.12 -39.63 -32.53
N PRO TA 3 -120.03 -38.95 -33.23
CA PRO TA 3 -120.06 -37.49 -33.17
C PRO TA 3 -120.61 -36.95 -31.86
N SER TA 4 -121.44 -37.73 -31.16
CA SER TA 4 -122.04 -37.26 -29.92
C SER TA 4 -122.49 -38.47 -29.12
N LEU TA 5 -122.66 -38.24 -27.82
CA LEU TA 5 -122.94 -39.29 -26.85
C LEU TA 5 -123.96 -38.80 -25.83
N ALA TA 6 -124.84 -39.69 -25.43
CA ALA TA 6 -125.76 -39.44 -24.32
C ALA TA 6 -125.51 -40.55 -23.30
N LEU TA 7 -124.63 -40.28 -22.33
CA LEU TA 7 -124.24 -41.28 -21.37
C LEU TA 7 -125.12 -41.15 -20.13
N VAL TA 8 -125.28 -42.25 -19.41
CA VAL TA 8 -126.09 -42.23 -18.19
C VAL TA 8 -125.19 -41.96 -16.99
N GLY TA 9 -125.55 -40.97 -16.18
CA GLY TA 9 -124.90 -40.66 -14.93
C GLY TA 9 -125.96 -40.47 -13.85
N ALA TA 10 -125.60 -39.69 -12.83
CA ALA TA 10 -126.47 -39.47 -11.68
C ALA TA 10 -126.54 -38.00 -11.32
N ASN TA 11 -127.73 -37.55 -10.92
CA ASN TA 11 -127.93 -36.19 -10.44
C ASN TA 11 -127.64 -36.12 -8.95
N SER TA 12 -128.03 -35.02 -8.31
CA SER TA 12 -127.81 -34.89 -6.88
C SER TA 12 -128.64 -35.90 -6.08
N THR TA 13 -129.76 -36.35 -6.62
CA THR TA 13 -130.59 -37.39 -6.01
C THR TA 13 -130.03 -38.79 -6.25
N LEU TA 14 -129.02 -38.91 -7.12
CA LEU TA 14 -128.49 -40.18 -7.63
C LEU TA 14 -129.46 -40.91 -8.53
N ALA TA 15 -130.48 -40.21 -9.03
CA ALA TA 15 -131.34 -40.76 -10.06
C ALA TA 15 -130.63 -40.76 -11.41
N SER TA 16 -130.94 -41.75 -12.24
CA SER TA 16 -130.28 -41.88 -13.53
C SER TA 16 -130.64 -40.70 -14.43
N THR TA 17 -129.63 -39.96 -14.88
CA THR TA 17 -129.81 -38.75 -15.66
C THR TA 17 -128.90 -38.81 -16.89
N LEU TA 18 -129.38 -38.29 -18.01
CA LEU TA 18 -128.50 -38.21 -19.17
C LEU TA 18 -127.48 -37.09 -19.00
N VAL TA 19 -126.30 -37.32 -19.56
CA VAL TA 19 -125.24 -36.34 -19.67
C VAL TA 19 -124.71 -36.38 -21.09
N ASN TA 20 -124.72 -35.23 -21.75
CA ASN TA 20 -124.55 -35.13 -23.19
C ASN TA 20 -123.14 -34.66 -23.51
N TYR TA 21 -122.42 -35.44 -24.30
CA TYR TA 21 -121.11 -35.08 -24.79
C TYR TA 21 -121.17 -34.95 -26.31
N SER TA 22 -120.30 -34.11 -26.86
CA SER TA 22 -120.14 -33.97 -28.30
C SER TA 22 -118.66 -33.97 -28.63
N LEU TA 23 -118.34 -34.46 -29.83
CA LEU TA 23 -116.95 -34.65 -30.23
C LEU TA 23 -116.28 -33.30 -30.43
N ARG TA 24 -115.33 -32.98 -29.54
CA ARG TA 24 -114.48 -31.83 -29.78
C ARG TA 24 -113.48 -32.11 -30.89
N SER TA 25 -112.65 -33.13 -30.73
CA SER TA 25 -111.64 -33.36 -31.76
C SER TA 25 -111.18 -34.81 -31.76
N GLN TA 26 -110.93 -35.34 -32.96
CA GLN TA 26 -110.28 -36.62 -33.11
C GLN TA 26 -108.87 -36.39 -33.65
N ASN TA 27 -107.89 -36.74 -32.85
CA ASN TA 27 -106.52 -36.93 -33.27
C ASN TA 27 -106.32 -38.42 -33.60
N GLY TA 28 -105.19 -38.74 -34.21
CA GLY TA 28 -104.94 -40.13 -34.58
C GLY TA 28 -104.91 -41.06 -33.38
N ASN TA 29 -105.88 -41.97 -33.30
CA ASN TA 29 -106.02 -42.86 -32.15
C ASN TA 29 -106.23 -42.07 -30.85
N ASN TA 30 -106.90 -40.93 -30.95
CA ASN TA 30 -107.17 -40.12 -29.77
C ASN TA 30 -108.46 -39.34 -29.99
N VAL TA 31 -109.30 -39.28 -28.97
CA VAL TA 31 -110.62 -38.67 -29.10
C VAL TA 31 -110.89 -37.82 -27.87
N ASP TA 32 -111.39 -36.60 -28.09
CA ASP TA 32 -111.74 -35.66 -27.04
C ASP TA 32 -113.20 -35.22 -27.21
N TYR TA 33 -114.02 -35.51 -26.19
CA TYR TA 33 -115.41 -35.11 -26.10
C TYR TA 33 -115.59 -34.06 -25.02
N VAL TA 34 -116.61 -33.21 -25.19
CA VAL TA 34 -116.93 -32.14 -24.25
C VAL TA 34 -118.41 -32.22 -23.90
N CYS TA 35 -118.72 -31.92 -22.64
CA CYS TA 35 -120.11 -31.96 -22.19
C CYS TA 35 -120.85 -30.72 -22.69
N THR TA 36 -122.03 -30.94 -23.28
CA THR TA 36 -122.84 -29.88 -23.87
C THR TA 36 -124.00 -29.45 -22.99
N ASP TA 37 -124.04 -29.91 -21.75
CA ASP TA 37 -125.10 -29.52 -20.82
C ASP TA 37 -124.78 -28.15 -20.25
N PRO TA 38 -125.75 -27.52 -19.59
CA PRO TA 38 -125.44 -26.31 -18.81
C PRO TA 38 -124.51 -26.57 -17.63
N ASP TA 39 -124.35 -27.83 -17.20
CA ASP TA 39 -123.46 -28.16 -16.10
C ASP TA 39 -122.02 -27.78 -16.41
N SER TA 40 -121.57 -28.05 -17.63
CA SER TA 40 -120.21 -27.71 -18.03
C SER TA 40 -120.20 -26.39 -18.77
N THR TA 41 -119.20 -25.58 -18.47
CA THR TA 41 -118.86 -24.38 -19.20
C THR TA 41 -117.39 -24.48 -19.58
N LEU TA 42 -116.93 -23.56 -20.43
CA LEU TA 42 -115.51 -23.56 -20.76
C LEU TA 42 -114.67 -23.38 -19.51
N SER TA 43 -115.15 -22.60 -18.54
CA SER TA 43 -114.38 -22.34 -17.33
C SER TA 43 -114.28 -23.60 -16.46
N ALA TA 44 -115.36 -24.37 -16.37
CA ALA TA 44 -115.40 -25.59 -15.56
C ALA TA 44 -116.08 -26.69 -16.37
N PRO TA 45 -115.33 -27.34 -17.27
CA PRO TA 45 -115.95 -28.26 -18.22
C PRO TA 45 -116.06 -29.69 -17.72
N GLY TA 46 -116.89 -30.45 -18.42
CA GLY TA 46 -116.90 -31.90 -18.33
C GLY TA 46 -116.30 -32.46 -19.60
N LEU TA 47 -115.39 -33.42 -19.44
CA LEU TA 47 -114.53 -33.82 -20.55
C LEU TA 47 -114.36 -35.33 -20.58
N ILE TA 48 -114.12 -35.85 -21.79
CA ILE TA 48 -113.79 -37.25 -21.98
C ILE TA 48 -112.62 -37.34 -22.94
N ASN TA 49 -111.69 -38.25 -22.66
CA ASN TA 49 -110.51 -38.48 -23.49
C ASN TA 49 -110.30 -39.99 -23.64
N ALA TA 50 -109.99 -40.43 -24.86
CA ALA TA 50 -109.76 -41.84 -25.14
C ALA TA 50 -108.57 -42.01 -26.08
N LYS TA 51 -107.62 -42.86 -25.70
CA LYS TA 51 -106.35 -43.03 -26.39
C LYS TA 51 -106.07 -44.50 -26.62
N PHE TA 52 -105.29 -44.79 -27.66
CA PHE TA 52 -104.90 -46.15 -28.03
C PHE TA 52 -103.39 -46.23 -28.15
N ASP TA 53 -102.76 -46.94 -27.23
CA ASP TA 53 -101.35 -47.30 -27.31
C ASP TA 53 -101.25 -48.64 -28.01
N ILE TA 54 -101.06 -48.61 -29.32
CA ILE TA 54 -101.00 -49.81 -30.15
C ILE TA 54 -99.56 -50.02 -30.56
N LYS TA 55 -98.99 -51.16 -30.16
CA LYS TA 55 -97.61 -51.44 -30.47
C LYS TA 55 -97.48 -51.88 -31.93
N ALA TA 56 -96.25 -51.84 -32.44
CA ALA TA 56 -95.97 -52.24 -33.80
C ALA TA 56 -96.45 -53.67 -34.02
N PRO TA 57 -96.93 -54.00 -35.23
CA PRO TA 57 -97.49 -55.34 -35.46
C PRO TA 57 -96.50 -56.47 -35.28
N GLY TA 58 -95.22 -56.24 -35.57
CA GLY TA 58 -94.22 -57.27 -35.33
C GLY TA 58 -93.98 -57.53 -33.85
N ILE TA 59 -93.95 -56.46 -33.05
CA ILE TA 59 -93.61 -56.55 -31.63
C ILE TA 59 -94.76 -57.18 -30.85
N THR TA 60 -94.43 -58.09 -29.93
CA THR TA 60 -95.39 -58.58 -28.96
C THR TA 60 -95.30 -57.75 -27.69
N GLY TA 61 -96.45 -57.37 -27.17
CA GLY TA 61 -96.54 -56.66 -25.91
C GLY TA 61 -97.99 -56.67 -25.49
N ASN TA 62 -98.39 -55.63 -24.77
CA ASN TA 62 -99.80 -55.38 -24.49
C ASN TA 62 -100.23 -54.14 -25.25
N ASP TA 63 -101.37 -54.24 -25.93
CA ASP TA 63 -102.04 -53.05 -26.43
C ASP TA 63 -102.80 -52.40 -25.27
N ARG TA 64 -102.92 -51.07 -25.31
CA ARG TA 64 -103.49 -50.35 -24.19
C ARG TA 64 -104.56 -49.35 -24.62
N ILE TA 65 -105.58 -49.21 -23.80
CA ILE TA 65 -106.64 -48.22 -23.95
C ILE TA 65 -106.61 -47.32 -22.73
N HIS TA 66 -106.61 -46.00 -22.95
CA HIS TA 66 -106.62 -45.03 -21.86
C HIS TA 66 -107.86 -44.17 -21.98
N ALA TA 67 -108.73 -44.22 -20.98
CA ALA TA 67 -109.93 -43.42 -20.95
C ALA TA 67 -109.93 -42.53 -19.71
N ASN TA 68 -110.50 -41.34 -19.86
CA ASN TA 68 -110.53 -40.37 -18.77
C ASN TA 68 -111.82 -39.57 -18.85
N LEU TA 69 -112.60 -39.60 -17.77
CA LEU TA 69 -113.84 -38.85 -17.66
C LEU TA 69 -113.69 -37.86 -16.51
N ARG TA 70 -113.75 -36.57 -16.81
CA ARG TA 70 -113.44 -35.50 -15.89
C ARG TA 70 -114.63 -34.56 -15.72
N LYS TA 71 -114.74 -33.98 -14.52
CA LYS TA 71 -115.60 -32.84 -14.27
C LYS TA 71 -114.82 -31.83 -13.45
N VAL TA 72 -114.68 -30.62 -13.97
CA VAL TA 72 -113.99 -29.53 -13.27
C VAL TA 72 -115.03 -28.78 -12.44
N VAL TA 73 -114.65 -28.35 -11.25
CA VAL TA 73 -115.52 -27.56 -10.39
C VAL TA 73 -114.73 -26.37 -9.86
N LEU TA 74 -115.41 -25.25 -9.69
CA LEU TA 74 -114.80 -24.02 -9.20
C LEU TA 74 -115.14 -23.82 -7.72
N ASP TA 75 -114.15 -23.37 -6.95
CA ASP TA 75 -114.38 -23.04 -5.55
C ASP TA 75 -115.29 -21.82 -5.46
N GLU TA 76 -116.28 -21.89 -4.57
CA GLU TA 76 -117.17 -20.75 -4.38
C GLU TA 76 -116.38 -19.51 -3.98
N LYS TA 77 -115.45 -19.65 -3.03
CA LYS TA 77 -114.76 -18.48 -2.50
C LYS TA 77 -113.64 -18.02 -3.44
N THR TA 78 -112.82 -18.93 -3.96
CA THR TA 78 -111.63 -18.52 -4.71
C THR TA 78 -111.77 -18.67 -6.22
N ASN TA 79 -112.81 -19.32 -6.72
CA ASN TA 79 -112.98 -19.66 -8.13
C ASN TA 79 -111.81 -20.44 -8.70
N LEU TA 80 -110.97 -21.00 -7.83
CA LEU TA 80 -109.89 -21.88 -8.27
C LEU TA 80 -110.47 -23.23 -8.69
N PRO TA 81 -110.00 -23.78 -9.78
CA PRO TA 81 -110.58 -25.03 -10.27
C PRO TA 81 -109.90 -26.24 -9.68
N SER TA 82 -110.68 -27.18 -9.17
CA SER TA 82 -110.17 -28.52 -8.91
C SER TA 82 -111.08 -29.51 -9.63
N THR TA 83 -110.49 -30.63 -10.04
CA THR TA 83 -111.15 -31.53 -10.95
C THR TA 83 -111.29 -32.91 -10.33
N GLY TA 84 -112.40 -33.57 -10.66
CA GLY TA 84 -112.64 -34.95 -10.23
C GLY TA 84 -112.75 -35.85 -11.44
N SER TA 85 -112.17 -37.05 -11.35
CA SER TA 85 -112.01 -37.83 -12.56
C SER TA 85 -112.05 -39.33 -12.30
N VAL TA 86 -112.52 -40.07 -13.30
CA VAL TA 86 -112.41 -41.52 -13.36
C VAL TA 86 -111.57 -41.86 -14.58
N THR TA 87 -110.44 -42.53 -14.36
CA THR TA 87 -109.56 -42.96 -15.45
C THR TA 87 -109.51 -44.48 -15.49
N ILE TA 88 -109.37 -45.01 -16.71
CA ILE TA 88 -109.46 -46.43 -16.97
C ILE TA 88 -108.33 -46.81 -17.91
N GLN TA 89 -107.63 -47.90 -17.60
CA GLN TA 89 -106.58 -48.39 -18.48
C GLN TA 89 -106.87 -49.86 -18.75
N VAL TA 90 -107.03 -50.20 -20.02
CA VAL TA 90 -107.28 -51.57 -20.44
C VAL TA 90 -106.00 -52.07 -21.10
N SER TA 91 -105.43 -53.15 -20.57
CA SER TA 91 -104.22 -53.76 -21.11
C SER TA 91 -104.59 -55.13 -21.65
N ILE TA 92 -104.54 -55.26 -22.97
CA ILE TA 92 -104.95 -56.44 -23.72
C ILE TA 92 -103.69 -57.11 -24.27
N PRO TA 93 -103.40 -58.36 -23.90
CA PRO TA 93 -102.22 -59.03 -24.45
C PRO TA 93 -102.41 -59.52 -25.87
N ARG TA 94 -101.29 -59.57 -26.60
CA ARG TA 94 -101.26 -59.97 -28.00
C ARG TA 94 -101.09 -61.47 -28.21
N ASN TA 95 -101.44 -62.28 -27.23
CA ASN TA 95 -101.37 -63.73 -27.32
C ASN TA 95 -102.75 -64.27 -27.74
N PRO TA 96 -102.83 -65.12 -28.77
CA PRO TA 96 -104.15 -65.67 -29.16
C PRO TA 96 -104.87 -66.39 -28.03
N ALA TA 97 -104.18 -66.73 -26.94
CA ALA TA 97 -104.83 -67.31 -25.79
C ALA TA 97 -105.73 -66.31 -25.06
N TRP TA 98 -105.70 -65.04 -25.45
CA TRP TA 98 -106.61 -64.00 -24.96
C TRP TA 98 -107.53 -63.59 -26.09
N ASN TA 99 -108.75 -63.19 -25.74
CA ASN TA 99 -109.67 -62.77 -26.79
C ASN TA 99 -110.61 -61.66 -26.29
N ALA TA 100 -111.38 -61.15 -27.24
CA ALA TA 100 -112.25 -60.02 -26.95
C ALA TA 100 -113.31 -60.37 -25.91
N SER TA 101 -113.74 -61.63 -25.85
CA SER TA 101 -114.69 -62.02 -24.83
C SER TA 101 -114.10 -61.80 -23.45
N MET TA 102 -112.80 -62.06 -23.29
CA MET TA 102 -112.15 -61.84 -22.00
C MET TA 102 -111.97 -60.35 -21.71
N THR TA 103 -111.62 -59.57 -22.73
CA THR TA 103 -111.57 -58.12 -22.56
C THR TA 103 -112.92 -57.60 -22.05
N VAL TA 104 -114.00 -57.99 -22.73
CA VAL TA 104 -115.33 -57.53 -22.36
C VAL TA 104 -115.71 -58.04 -20.98
N SER TA 105 -115.31 -59.26 -20.64
CA SER TA 105 -115.63 -59.80 -19.32
C SER TA 105 -114.99 -58.94 -18.23
N LEU TA 106 -113.73 -58.56 -18.41
CA LEU TA 106 -113.11 -57.67 -17.42
C LEU TA 106 -113.83 -56.34 -17.35
N LEU TA 107 -114.21 -55.78 -18.51
CA LEU TA 107 -114.93 -54.50 -18.49
C LEU TA 107 -116.24 -54.63 -17.71
N LYS TA 108 -117.01 -55.69 -17.98
CA LYS TA 108 -118.29 -55.88 -17.32
C LYS TA 108 -118.12 -56.07 -15.82
N GLN TA 109 -117.09 -56.82 -15.41
CA GLN TA 109 -116.89 -57.05 -13.98
C GLN TA 109 -116.49 -55.76 -13.29
N ALA TA 110 -115.63 -54.97 -13.91
CA ALA TA 110 -115.27 -53.68 -13.32
C ALA TA 110 -116.49 -52.78 -13.19
N ALA TA 111 -117.35 -52.78 -14.23
CA ALA TA 111 -118.58 -52.00 -14.16
C ALA TA 111 -119.46 -52.45 -13.00
N ASP TA 112 -119.66 -53.77 -12.86
CA ASP TA 112 -120.46 -54.28 -11.75
C ASP TA 112 -119.86 -53.86 -10.40
N TYR TA 113 -118.54 -53.99 -10.25
CA TYR TA 113 -117.96 -53.84 -8.91
C TYR TA 113 -117.75 -52.40 -8.51
N LEU TA 114 -117.54 -51.48 -9.45
CA LEU TA 114 -117.31 -50.09 -9.09
C LEU TA 114 -118.47 -49.16 -9.40
N ALA TA 115 -119.33 -49.51 -10.35
CA ALA TA 115 -120.50 -48.69 -10.65
C ALA TA 115 -121.82 -49.38 -10.32
N GLY TA 116 -121.81 -50.69 -10.14
CA GLY TA 116 -123.02 -51.42 -9.82
C GLY TA 116 -124.05 -51.37 -10.93
N THR TA 117 -123.63 -51.71 -12.16
CA THR TA 117 -124.51 -51.60 -13.32
C THR TA 117 -124.58 -52.88 -14.15
N SER TA 118 -124.09 -54.01 -13.64
CA SER TA 118 -124.17 -55.27 -14.36
C SER TA 118 -125.61 -55.63 -14.76
N ALA TA 119 -125.72 -56.49 -15.76
CA ALA TA 119 -127.00 -57.07 -16.15
C ALA TA 119 -127.49 -58.04 -15.07
N THR TA 120 -128.80 -58.26 -15.04
CA THR TA 120 -129.38 -59.12 -14.03
C THR TA 120 -129.04 -60.58 -14.34
N VAL TA 121 -128.44 -61.25 -13.35
CA VAL TA 121 -128.02 -62.65 -13.44
C VAL TA 121 -128.22 -63.26 -12.05
N SER TA 122 -128.89 -64.41 -11.99
CA SER TA 122 -129.25 -64.96 -10.69
C SER TA 122 -128.01 -65.34 -9.91
N GLY TA 123 -127.98 -64.97 -8.63
CA GLY TA 123 -126.85 -65.23 -7.78
C GLY TA 123 -125.82 -64.12 -7.72
N GLN TA 124 -126.00 -63.06 -8.49
CA GLN TA 124 -125.10 -61.92 -8.44
C GLN TA 124 -125.24 -61.19 -7.11
N THR TA 125 -124.12 -60.67 -6.62
CA THR TA 125 -124.20 -59.84 -5.44
C THR TA 125 -124.83 -58.49 -5.81
N ASP TA 126 -125.58 -57.93 -4.86
CA ASP TA 126 -126.28 -56.66 -5.07
C ASP TA 126 -125.26 -55.55 -4.99
N THR TA 127 -124.82 -55.09 -6.15
CA THR TA 127 -123.78 -54.08 -6.26
C THR TA 127 -124.33 -52.67 -6.36
N SER TA 128 -125.64 -52.50 -6.16
CA SER TA 128 -126.27 -51.22 -6.40
C SER TA 128 -125.70 -50.13 -5.48
N GLY TA 129 -125.38 -50.47 -4.24
CA GLY TA 129 -124.87 -49.48 -3.30
C GLY TA 129 -123.38 -49.30 -3.33
N PHE TA 130 -122.70 -50.13 -4.11
CA PHE TA 130 -121.24 -50.04 -4.16
C PHE TA 130 -120.73 -48.69 -4.63
N PRO TA 131 -121.28 -48.04 -5.66
CA PRO TA 131 -120.77 -46.71 -6.03
C PRO TA 131 -120.89 -45.71 -4.89
N ALA TA 132 -121.98 -45.75 -4.15
CA ALA TA 132 -122.11 -44.91 -2.96
C ALA TA 132 -120.99 -45.20 -1.97
N LYS TA 133 -120.77 -46.49 -1.66
CA LYS TA 133 -119.71 -46.83 -0.70
C LYS TA 133 -118.35 -46.36 -1.20
N TRP TA 134 -118.06 -46.53 -2.50
CA TRP TA 134 -116.78 -46.09 -3.02
C TRP TA 134 -116.63 -44.58 -2.87
N ALA TA 135 -117.67 -43.82 -3.26
CA ALA TA 135 -117.64 -42.37 -3.11
C ALA TA 135 -117.50 -41.95 -1.66
N GLY TA 136 -117.78 -42.84 -0.72
CA GLY TA 136 -117.47 -42.58 0.67
C GLY TA 136 -116.12 -43.08 1.15
N LEU TA 137 -115.26 -43.58 0.25
CA LEU TA 137 -114.00 -44.25 0.58
C LEU TA 137 -114.23 -45.40 1.58
N MET TA 138 -115.16 -46.28 1.24
CA MET TA 138 -115.49 -47.47 2.02
C MET TA 138 -115.48 -48.68 1.10
N PHE TA 139 -114.80 -49.74 1.51
CA PHE TA 139 -114.83 -50.96 0.72
C PHE TA 139 -116.22 -51.57 0.78
N PRO TA 140 -116.78 -52.02 -0.35
CA PRO TA 140 -118.08 -52.69 -0.38
C PRO TA 140 -118.08 -53.94 0.49
N ALA UA 1 -111.93 -39.49 -45.39
CA ALA UA 1 -111.59 -40.85 -45.81
C ALA UA 1 -112.79 -41.79 -45.70
N ALA UA 2 -112.80 -42.83 -46.52
CA ALA UA 2 -113.90 -43.78 -46.50
C ALA UA 2 -113.96 -44.49 -45.15
N PRO UA 3 -115.13 -44.60 -44.53
CA PRO UA 3 -115.20 -45.25 -43.21
C PRO UA 3 -114.97 -46.74 -43.24
N SER UA 4 -115.15 -47.39 -44.39
CA SER UA 4 -114.93 -48.82 -44.49
C SER UA 4 -114.64 -49.18 -45.94
N LEU UA 5 -114.00 -50.33 -46.12
CA LEU UA 5 -113.53 -50.79 -47.42
C LEU UA 5 -113.77 -52.28 -47.57
N ALA UA 6 -114.10 -52.69 -48.77
CA ALA UA 6 -114.22 -54.11 -49.12
C ALA UA 6 -113.31 -54.34 -50.32
N LEU UA 7 -112.07 -54.75 -50.04
CA LEU UA 7 -111.06 -54.89 -51.09
C LEU UA 7 -111.02 -56.34 -51.55
N VAL UA 8 -110.53 -56.55 -52.77
CA VAL UA 8 -110.43 -57.90 -53.33
C VAL UA 8 -109.02 -58.42 -53.08
N GLY UA 9 -108.94 -59.62 -52.50
CA GLY UA 9 -107.70 -60.33 -52.34
C GLY UA 9 -107.87 -61.77 -52.79
N ALA UA 10 -107.03 -62.68 -52.30
CA ALA UA 10 -107.07 -64.07 -52.72
C ALA UA 10 -107.15 -64.98 -51.50
N ASN UA 11 -107.99 -66.02 -51.61
CA ASN UA 11 -108.10 -67.03 -50.58
C ASN UA 11 -106.93 -68.01 -50.70
N SER UA 12 -106.98 -69.12 -49.96
CA SER UA 12 -105.92 -70.11 -50.04
C SER UA 12 -105.80 -70.72 -51.43
N THR UA 13 -106.85 -70.65 -52.24
CA THR UA 13 -106.86 -71.20 -53.59
C THR UA 13 -106.57 -70.13 -54.64
N LEU UA 14 -106.34 -68.89 -54.22
CA LEU UA 14 -106.11 -67.74 -55.10
C LEU UA 14 -107.37 -67.29 -55.81
N ALA UA 15 -108.54 -67.70 -55.34
CA ALA UA 15 -109.79 -67.17 -55.84
C ALA UA 15 -110.05 -65.79 -55.27
N SER UA 16 -110.67 -64.93 -56.07
CA SER UA 16 -110.95 -63.58 -55.61
C SER UA 16 -111.93 -63.61 -54.44
N THR UA 17 -111.53 -63.01 -53.33
CA THR UA 17 -112.30 -63.03 -52.09
C THR UA 17 -112.29 -61.63 -51.47
N LEU UA 18 -113.41 -61.21 -50.91
CA LEU UA 18 -113.42 -59.92 -50.23
C LEU UA 18 -112.64 -59.98 -48.92
N VAL UA 19 -112.05 -58.84 -48.59
CA VAL UA 19 -111.34 -58.61 -47.34
C VAL UA 19 -111.80 -57.26 -46.83
N ASN UA 20 -112.33 -57.24 -45.61
CA ASN UA 20 -113.09 -56.11 -45.09
C ASN UA 20 -112.24 -55.32 -44.11
N TYR UA 21 -112.07 -54.03 -44.38
CA TYR UA 21 -111.34 -53.13 -43.51
C TYR UA 21 -112.29 -52.04 -43.02
N SER UA 22 -112.01 -51.53 -41.83
CA SER UA 22 -112.74 -50.41 -41.26
C SER UA 22 -111.76 -49.36 -40.76
N LEU UA 23 -112.17 -48.11 -40.85
CA LEU UA 23 -111.30 -46.98 -40.52
C LEU UA 23 -111.14 -46.85 -39.02
N ARG UA 24 -109.91 -47.04 -38.53
CA ARG UA 24 -109.67 -46.95 -37.09
C ARG UA 24 -109.55 -45.50 -36.65
N SER UA 25 -108.71 -44.70 -37.32
CA SER UA 25 -108.55 -43.30 -36.97
C SER UA 25 -107.94 -42.55 -38.16
N GLN UA 26 -107.83 -41.24 -38.02
CA GLN UA 26 -107.18 -40.38 -39.01
C GLN UA 26 -106.35 -39.33 -38.29
N ASN UA 27 -105.04 -39.36 -38.50
CA ASN UA 27 -104.04 -38.44 -37.95
C ASN UA 27 -103.64 -37.43 -39.03
N GLY UA 28 -102.59 -36.67 -38.76
CA GLY UA 28 -102.05 -35.74 -39.71
C GLY UA 28 -101.60 -36.41 -40.98
N ASN UA 29 -102.34 -36.16 -42.05
CA ASN UA 29 -102.00 -36.64 -43.40
C ASN UA 29 -101.82 -38.15 -43.44
N ASN UA 30 -102.66 -38.88 -42.71
CA ASN UA 30 -102.57 -40.34 -42.75
C ASN UA 30 -103.92 -40.93 -42.40
N VAL UA 31 -104.02 -42.24 -42.62
CA VAL UA 31 -105.25 -43.01 -42.46
C VAL UA 31 -104.87 -44.41 -42.05
N ASP UA 32 -105.59 -44.95 -41.06
CA ASP UA 32 -105.32 -46.27 -40.48
C ASP UA 32 -106.58 -47.13 -40.56
N TYR UA 33 -106.50 -48.24 -41.29
CA TYR UA 33 -107.58 -49.21 -41.43
C TYR UA 33 -107.18 -50.53 -40.80
N VAL UA 34 -108.19 -51.25 -40.29
CA VAL UA 34 -108.02 -52.54 -39.63
C VAL UA 34 -108.95 -53.55 -40.26
N CYS UA 35 -108.49 -54.79 -40.41
CA CYS UA 35 -109.32 -55.83 -40.99
C CYS UA 35 -110.34 -56.32 -39.96
N THR UA 36 -111.59 -56.43 -40.40
CA THR UA 36 -112.71 -56.80 -39.54
C THR UA 36 -113.19 -58.23 -39.76
N ASP UA 37 -112.46 -59.00 -40.56
CA ASP UA 37 -112.83 -60.38 -40.79
C ASP UA 37 -112.52 -61.21 -39.54
N PRO UA 38 -113.02 -62.44 -39.47
CA PRO UA 38 -112.69 -63.29 -38.32
C PRO UA 38 -111.23 -63.69 -38.25
N ASP UA 39 -110.53 -63.82 -39.40
CA ASP UA 39 -109.15 -64.32 -39.38
C ASP UA 39 -108.16 -63.31 -38.80
N SER UA 40 -108.53 -62.02 -38.70
CA SER UA 40 -107.66 -61.02 -38.10
C SER UA 40 -108.11 -60.74 -36.67
N THR UA 41 -107.15 -60.79 -35.76
CA THR UA 41 -107.35 -60.51 -34.35
C THR UA 41 -106.20 -59.62 -33.89
N LEU UA 42 -106.29 -59.11 -32.67
CA LEU UA 42 -105.22 -58.25 -32.17
C LEU UA 42 -103.89 -58.99 -32.13
N SER UA 43 -103.94 -60.32 -31.93
CA SER UA 43 -102.71 -61.11 -31.91
C SER UA 43 -102.06 -61.14 -33.29
N ALA UA 44 -102.87 -61.23 -34.35
CA ALA UA 44 -102.35 -61.29 -35.72
C ALA UA 44 -103.29 -60.54 -36.65
N PRO UA 45 -103.17 -59.21 -36.68
CA PRO UA 45 -104.13 -58.38 -37.41
C PRO UA 45 -103.77 -58.20 -38.89
N GLY UA 46 -104.73 -57.68 -39.64
CA GLY UA 46 -104.50 -57.15 -40.96
C GLY UA 46 -104.70 -55.64 -40.93
N LEU UA 47 -103.76 -54.92 -41.55
CA LEU UA 47 -103.70 -53.48 -41.39
C LEU UA 47 -103.44 -52.79 -42.72
N ILE UA 48 -103.97 -51.58 -42.88
CA ILE UA 48 -103.64 -50.73 -44.02
C ILE UA 48 -103.37 -49.32 -43.52
N ASN UA 49 -102.34 -48.68 -44.05
CA ASN UA 49 -101.90 -47.37 -43.59
C ASN UA 49 -101.52 -46.51 -44.79
N ALA UA 50 -101.96 -45.25 -44.78
CA ALA UA 50 -101.66 -44.35 -45.88
C ALA UA 50 -101.26 -42.98 -45.34
N LYS UA 51 -100.30 -42.34 -46.01
CA LYS UA 51 -99.74 -41.07 -45.55
C LYS UA 51 -99.38 -40.20 -46.76
N PHE UA 52 -99.55 -38.90 -46.61
CA PHE UA 52 -99.11 -37.94 -47.62
C PHE UA 52 -97.96 -37.09 -47.08
N ASP UA 53 -96.88 -37.01 -47.84
CA ASP UA 53 -95.82 -36.03 -47.65
C ASP UA 53 -96.06 -34.96 -48.70
N ILE UA 54 -96.60 -33.81 -48.28
CA ILE UA 54 -97.05 -32.77 -49.20
C ILE UA 54 -96.10 -31.59 -49.10
N LYS UA 55 -95.46 -31.27 -50.21
CA LYS UA 55 -94.50 -30.17 -50.21
C LYS UA 55 -95.24 -28.84 -50.39
N ALA UA 56 -94.52 -27.75 -50.11
CA ALA UA 56 -95.11 -26.42 -50.10
C ALA UA 56 -95.66 -26.07 -51.48
N PRO UA 57 -96.58 -25.10 -51.54
CA PRO UA 57 -97.13 -24.70 -52.85
C PRO UA 57 -96.01 -24.21 -53.77
N GLY UA 58 -96.18 -24.49 -55.05
CA GLY UA 58 -95.21 -24.17 -56.07
C GLY UA 58 -95.12 -25.32 -57.05
N ILE UA 59 -94.17 -25.22 -57.98
CA ILE UA 59 -93.98 -26.29 -58.95
C ILE UA 59 -92.63 -26.97 -58.77
N THR UA 60 -91.94 -26.74 -57.66
CA THR UA 60 -90.57 -27.19 -57.50
C THR UA 60 -90.48 -28.63 -57.02
N GLY UA 61 -91.35 -29.04 -56.10
CA GLY UA 61 -91.11 -30.23 -55.31
C GLY UA 61 -91.58 -31.53 -55.94
N ASN UA 62 -91.61 -32.56 -55.09
CA ASN UA 62 -92.15 -33.88 -55.37
C ASN UA 62 -93.03 -34.30 -54.19
N ASP UA 63 -94.34 -34.38 -54.42
CA ASP UA 63 -95.26 -34.90 -53.42
C ASP UA 63 -95.09 -36.42 -53.32
N ARG UA 64 -95.42 -36.99 -52.16
CA ARG UA 64 -95.27 -38.43 -51.96
C ARG UA 64 -96.47 -39.03 -51.24
N ILE UA 65 -96.82 -40.24 -51.65
CA ILE UA 65 -97.87 -41.05 -51.04
C ILE UA 65 -97.20 -42.32 -50.53
N HIS UA 66 -97.51 -42.69 -49.28
CA HIS UA 66 -96.99 -43.91 -48.66
C HIS UA 66 -98.16 -44.78 -48.26
N ALA UA 67 -98.25 -45.97 -48.85
CA ALA UA 67 -99.25 -46.94 -48.48
C ALA UA 67 -98.57 -48.19 -47.95
N ASN UA 68 -99.25 -48.90 -47.06
CA ASN UA 68 -98.67 -50.08 -46.44
C ASN UA 68 -99.79 -51.04 -46.08
N LEU UA 69 -99.76 -52.24 -46.68
CA LEU UA 69 -100.75 -53.27 -46.43
C LEU UA 69 -100.04 -54.45 -45.76
N ARG UA 70 -100.41 -54.74 -44.51
CA ARG UA 70 -99.72 -55.73 -43.72
C ARG UA 70 -100.69 -56.81 -43.24
N LYS UA 71 -100.15 -58.00 -43.04
CA LYS UA 71 -100.85 -59.09 -42.35
C LYS UA 71 -99.86 -59.82 -41.45
N VAL UA 72 -100.24 -59.99 -40.19
CA VAL UA 72 -99.42 -60.69 -39.21
C VAL UA 72 -99.86 -62.14 -39.15
N VAL UA 73 -98.90 -63.04 -38.97
CA VAL UA 73 -99.18 -64.46 -38.86
C VAL UA 73 -98.39 -65.01 -37.68
N LEU UA 74 -98.95 -66.04 -37.05
CA LEU UA 74 -98.34 -66.67 -35.88
C LEU UA 74 -97.82 -68.06 -36.25
N ASP UA 75 -96.63 -68.39 -35.74
CA ASP UA 75 -96.03 -69.70 -35.97
C ASP UA 75 -96.89 -70.80 -35.34
N GLU UA 76 -97.13 -71.88 -36.09
CA GLU UA 76 -97.91 -72.99 -35.54
C GLU UA 76 -97.21 -73.64 -34.36
N LYS UA 77 -95.89 -73.51 -34.28
CA LYS UA 77 -95.15 -74.19 -33.22
C LYS UA 77 -94.96 -73.30 -32.00
N THR UA 78 -94.77 -71.99 -32.21
CA THR UA 78 -94.39 -71.09 -31.13
C THR UA 78 -95.31 -69.88 -30.95
N ASN UA 79 -96.33 -69.70 -31.80
CA ASN UA 79 -97.15 -68.48 -31.81
C ASN UA 79 -96.31 -67.23 -31.93
N LEU UA 80 -95.13 -67.34 -32.53
CA LEU UA 80 -94.36 -66.11 -32.69
C LEU UA 80 -94.81 -65.37 -33.94
N PRO UA 81 -94.96 -64.05 -33.83
CA PRO UA 81 -95.50 -63.27 -34.95
C PRO UA 81 -94.41 -62.93 -35.96
N SER UA 82 -94.73 -63.09 -37.22
CA SER UA 82 -93.99 -62.43 -38.29
C SER UA 82 -94.99 -61.83 -39.26
N THR UA 83 -94.60 -60.75 -39.91
CA THR UA 83 -95.52 -59.97 -40.72
C THR UA 83 -95.13 -60.03 -42.19
N GLY UA 84 -96.13 -60.10 -43.05
CA GLY UA 84 -95.95 -59.94 -44.49
C GLY UA 84 -96.53 -58.59 -44.88
N SER UA 85 -95.90 -57.94 -45.85
CA SER UA 85 -96.35 -56.59 -46.17
C SER UA 85 -96.07 -56.24 -47.62
N VAL UA 86 -96.95 -55.41 -48.17
CA VAL UA 86 -96.75 -54.75 -49.46
C VAL UA 86 -96.80 -53.25 -49.19
N THR UA 87 -95.67 -52.57 -49.40
CA THR UA 87 -95.59 -51.13 -49.22
C THR UA 87 -95.45 -50.47 -50.59
N ILE UA 88 -96.03 -49.27 -50.70
CA ILE UA 88 -96.08 -48.54 -51.96
C ILE UA 88 -95.67 -47.11 -51.68
N GLN UA 89 -94.86 -46.55 -52.57
CA GLN UA 89 -94.50 -45.13 -52.50
C GLN UA 89 -94.68 -44.51 -53.88
N VAL UA 90 -95.57 -43.52 -53.95
CA VAL UA 90 -95.84 -42.78 -55.17
C VAL UA 90 -95.17 -41.42 -55.02
N SER UA 91 -94.40 -41.01 -56.02
CA SER UA 91 -93.74 -39.71 -56.04
C SER UA 91 -94.22 -38.97 -57.28
N ILE UA 92 -94.93 -37.87 -57.05
CA ILE UA 92 -95.61 -37.05 -58.05
C ILE UA 92 -94.88 -35.71 -58.15
N PRO UA 93 -94.21 -35.41 -59.25
CA PRO UA 93 -93.59 -34.09 -59.41
C PRO UA 93 -94.62 -33.00 -59.63
N ARG UA 94 -94.22 -31.78 -59.27
CA ARG UA 94 -95.08 -30.61 -59.38
C ARG UA 94 -94.81 -29.78 -60.63
N ASN UA 95 -93.69 -30.04 -61.32
CA ASN UA 95 -93.44 -29.46 -62.64
C ASN UA 95 -94.66 -29.69 -63.54
N PRO UA 96 -95.25 -28.61 -64.07
CA PRO UA 96 -96.50 -28.77 -64.86
C PRO UA 96 -96.37 -29.68 -66.06
N ALA UA 97 -95.16 -30.14 -66.36
CA ALA UA 97 -94.95 -31.14 -67.38
C ALA UA 97 -95.38 -32.53 -66.94
N TRP UA 98 -95.94 -32.68 -65.75
CA TRP UA 98 -96.48 -33.94 -65.24
C TRP UA 98 -98.00 -33.83 -65.11
N ASN UA 99 -98.67 -34.99 -65.15
CA ASN UA 99 -100.13 -35.04 -65.11
C ASN UA 99 -100.61 -36.06 -64.09
N ALA UA 100 -101.78 -35.76 -63.53
CA ALA UA 100 -102.52 -36.80 -62.83
C ALA UA 100 -102.72 -38.02 -63.72
N SER UA 101 -102.86 -37.81 -65.04
CA SER UA 101 -102.97 -38.94 -65.94
C SER UA 101 -101.71 -39.80 -65.92
N MET UA 102 -100.55 -39.16 -65.79
CA MET UA 102 -99.30 -39.91 -65.74
C MET UA 102 -99.18 -40.66 -64.42
N THR UA 103 -99.59 -40.04 -63.31
CA THR UA 103 -99.67 -40.74 -62.04
C THR UA 103 -100.54 -42.00 -62.15
N VAL UA 104 -101.76 -41.82 -62.68
CA VAL UA 104 -102.67 -42.95 -62.79
C VAL UA 104 -102.11 -44.02 -63.71
N SER UA 105 -101.41 -43.60 -64.77
CA SER UA 105 -100.84 -44.58 -65.70
C SER UA 105 -99.78 -45.43 -65.00
N LEU UA 106 -98.92 -44.80 -64.20
CA LEU UA 106 -97.95 -45.58 -63.44
C LEU UA 106 -98.64 -46.53 -62.46
N LEU UA 107 -99.71 -46.06 -61.80
CA LEU UA 107 -100.41 -46.94 -60.87
C LEU UA 107 -100.99 -48.15 -61.59
N LYS UA 108 -101.63 -47.92 -62.73
CA LYS UA 108 -102.23 -49.02 -63.49
C LYS UA 108 -101.18 -49.99 -63.99
N GLN UA 109 -100.02 -49.48 -64.44
CA GLN UA 109 -98.96 -50.35 -64.93
C GLN UA 109 -98.39 -51.19 -63.80
N ALA UA 110 -98.15 -50.59 -62.64
CA ALA UA 110 -97.67 -51.35 -61.49
C ALA UA 110 -98.68 -52.43 -61.11
N ALA UA 111 -99.97 -52.09 -61.14
CA ALA UA 111 -101.00 -53.07 -60.84
C ALA UA 111 -100.95 -54.24 -61.81
N ASP UA 112 -100.89 -53.94 -63.11
CA ASP UA 112 -100.80 -54.99 -64.12
C ASP UA 112 -99.55 -55.85 -63.90
N TYR UA 113 -98.41 -55.24 -63.59
CA TYR UA 113 -97.15 -55.98 -63.62
C TYR UA 113 -96.89 -56.76 -62.34
N LEU UA 114 -97.41 -56.31 -61.19
CA LEU UA 114 -97.17 -57.03 -59.95
C LEU UA 114 -98.39 -57.75 -59.41
N ALA UA 115 -99.60 -57.35 -59.80
CA ALA UA 115 -100.81 -58.04 -59.37
C ALA UA 115 -101.58 -58.67 -60.51
N GLY UA 116 -101.31 -58.30 -61.76
CA GLY UA 116 -102.01 -58.86 -62.90
C GLY UA 116 -103.49 -58.56 -62.88
N THR UA 117 -103.87 -57.30 -62.70
CA THR UA 117 -105.27 -56.90 -62.55
C THR UA 117 -105.72 -55.84 -63.54
N SER UA 118 -104.88 -55.46 -64.51
CA SER UA 118 -105.23 -54.42 -65.45
C SER UA 118 -106.50 -54.74 -66.24
N ALA UA 119 -107.09 -53.69 -66.82
CA ALA UA 119 -108.23 -53.83 -67.72
C ALA UA 119 -107.80 -54.49 -69.02
N THR UA 120 -108.77 -54.85 -69.85
CA THR UA 120 -108.51 -55.59 -71.07
C THR UA 120 -108.26 -54.65 -72.24
N VAL UA 121 -107.13 -54.84 -72.92
CA VAL UA 121 -106.76 -54.10 -74.11
C VAL UA 121 -106.19 -55.11 -75.11
N SER UA 122 -106.22 -54.74 -76.40
CA SER UA 122 -105.96 -55.69 -77.46
C SER UA 122 -104.66 -56.46 -77.25
N GLY UA 123 -103.54 -55.76 -77.34
CA GLY UA 123 -102.28 -56.48 -77.40
C GLY UA 123 -101.61 -56.69 -76.07
N GLN UA 124 -102.38 -56.73 -74.98
CA GLN UA 124 -101.77 -56.69 -73.66
C GLN UA 124 -101.11 -58.04 -73.39
N THR UA 125 -100.03 -58.03 -72.61
CA THR UA 125 -99.46 -59.32 -72.23
C THR UA 125 -100.25 -59.91 -71.08
N ASP UA 126 -100.29 -61.23 -71.05
CA ASP UA 126 -101.04 -61.96 -70.04
C ASP UA 126 -100.28 -61.92 -68.73
N THR UA 127 -100.82 -61.18 -67.77
CA THR UA 127 -100.18 -60.95 -66.48
C THR UA 127 -100.89 -61.67 -65.35
N SER UA 128 -101.81 -62.57 -65.65
CA SER UA 128 -102.58 -63.23 -64.61
C SER UA 128 -101.69 -64.07 -63.69
N GLY UA 129 -100.65 -64.70 -64.24
CA GLY UA 129 -99.77 -65.52 -63.45
C GLY UA 129 -98.63 -64.80 -62.78
N PHE UA 130 -98.47 -63.51 -63.09
CA PHE UA 130 -97.36 -62.76 -62.53
C PHE UA 130 -97.39 -62.69 -61.00
N PRO UA 131 -98.52 -62.45 -60.33
CA PRO UA 131 -98.46 -62.46 -58.86
C PRO UA 131 -97.98 -63.79 -58.30
N ALA UA 132 -98.38 -64.91 -58.89
CA ALA UA 132 -97.88 -66.21 -58.47
C ALA UA 132 -96.36 -66.28 -58.65
N LYS UA 133 -95.88 -65.86 -59.82
CA LYS UA 133 -94.43 -65.91 -60.06
C LYS UA 133 -93.67 -65.03 -59.08
N TRP UA 134 -94.22 -63.85 -58.77
CA TRP UA 134 -93.56 -62.99 -57.79
C TRP UA 134 -93.52 -63.67 -56.42
N ALA UA 135 -94.67 -64.18 -55.97
CA ALA UA 135 -94.73 -64.84 -54.67
C ALA UA 135 -93.80 -66.05 -54.59
N GLY UA 136 -93.40 -66.59 -55.74
CA GLY UA 136 -92.37 -67.59 -55.77
C GLY UA 136 -90.96 -67.05 -55.87
N LEU UA 137 -90.80 -65.73 -55.80
CA LEU UA 137 -89.51 -65.06 -55.99
C LEU UA 137 -88.87 -65.44 -57.33
N MET UA 138 -89.64 -65.29 -58.40
CA MET UA 138 -89.09 -65.40 -59.74
C MET UA 138 -89.70 -64.33 -60.63
N PHE UA 139 -88.90 -63.86 -61.58
CA PHE UA 139 -89.33 -62.78 -62.45
C PHE UA 139 -90.36 -63.29 -63.46
N PRO UA 140 -91.36 -62.47 -63.79
CA PRO UA 140 -92.30 -62.75 -64.87
C PRO UA 140 -91.58 -62.88 -66.20
N ALA VA 1 -114.08 -34.37 -36.71
CA ALA VA 1 -114.59 -33.30 -37.56
C ALA VA 1 -115.33 -33.86 -38.78
N ALA VA 2 -116.03 -32.98 -39.49
CA ALA VA 2 -116.77 -33.40 -40.68
C ALA VA 2 -115.80 -33.86 -41.75
N PRO VA 3 -116.09 -35.00 -42.40
CA PRO VA 3 -115.15 -35.52 -43.41
C PRO VA 3 -115.14 -34.73 -44.69
N SER VA 4 -116.18 -33.95 -44.96
CA SER VA 4 -116.25 -33.18 -46.20
C SER VA 4 -117.21 -32.02 -46.00
N LEU VA 5 -116.99 -30.96 -46.78
CA LEU VA 5 -117.72 -29.71 -46.68
C LEU VA 5 -118.06 -29.18 -48.05
N ALA VA 6 -119.25 -28.60 -48.18
CA ALA VA 6 -119.67 -27.90 -49.39
C ALA VA 6 -119.97 -26.46 -48.98
N LEU VA 7 -118.96 -25.61 -49.03
CA LEU VA 7 -119.11 -24.23 -48.61
C LEU VA 7 -119.57 -23.38 -49.79
N VAL VA 8 -120.18 -22.23 -49.51
CA VAL VA 8 -120.63 -21.32 -50.55
C VAL VA 8 -119.62 -20.21 -50.72
N GLY VA 9 -119.13 -20.05 -51.96
CA GLY VA 9 -118.29 -18.94 -52.35
C GLY VA 9 -118.86 -18.28 -53.59
N ALA VA 10 -117.98 -17.65 -54.35
CA ALA VA 10 -118.37 -16.88 -55.53
C ALA VA 10 -117.49 -17.26 -56.71
N ASN VA 11 -118.10 -17.39 -57.88
CA ASN VA 11 -117.36 -17.62 -59.12
C ASN VA 11 -116.90 -16.28 -59.67
N SER VA 12 -116.43 -16.29 -60.91
CA SER VA 12 -115.95 -15.05 -61.54
C SER VA 12 -117.07 -14.02 -61.68
N THR VA 13 -118.32 -14.47 -61.78
CA THR VA 13 -119.49 -13.60 -61.88
C THR VA 13 -119.93 -13.06 -60.52
N LEU VA 14 -119.33 -13.54 -59.44
CA LEU VA 14 -119.77 -13.35 -58.06
C LEU VA 14 -121.08 -14.07 -57.74
N ALA VA 15 -121.52 -14.97 -58.61
CA ALA VA 15 -122.68 -15.80 -58.31
C ALA VA 15 -122.33 -16.85 -57.27
N SER VA 16 -123.31 -17.17 -56.41
CA SER VA 16 -123.08 -18.13 -55.34
C SER VA 16 -122.80 -19.51 -55.92
N THR VA 17 -121.62 -20.05 -55.63
CA THR VA 17 -121.15 -21.31 -56.20
C THR VA 17 -120.61 -22.19 -55.07
N LEU VA 18 -120.84 -23.50 -55.16
CA LEU VA 18 -120.26 -24.39 -54.17
C LEU VA 18 -118.77 -24.58 -54.39
N VAL VA 19 -118.04 -24.63 -53.28
CA VAL VA 19 -116.63 -24.98 -53.24
C VAL VA 19 -116.46 -26.12 -52.23
N ASN VA 20 -115.85 -27.21 -52.69
CA ASN VA 20 -115.91 -28.49 -52.01
C ASN VA 20 -114.56 -28.80 -51.37
N TYR VA 21 -114.59 -29.16 -50.10
CA TYR VA 21 -113.40 -29.52 -49.35
C TYR VA 21 -113.56 -30.92 -48.77
N SER VA 22 -112.46 -31.66 -48.67
CA SER VA 22 -112.43 -32.92 -47.95
C SER VA 22 -111.39 -32.85 -46.85
N LEU VA 23 -111.66 -33.60 -45.78
CA LEU VA 23 -110.80 -33.61 -44.59
C LEU VA 23 -109.55 -34.42 -44.89
N ARG VA 24 -108.43 -33.71 -45.07
CA ARG VA 24 -107.16 -34.36 -45.32
C ARG VA 24 -106.43 -34.74 -44.04
N SER VA 25 -106.38 -33.86 -43.03
CA SER VA 25 -105.71 -34.26 -41.79
C SER VA 25 -106.41 -33.66 -40.59
N GLN VA 26 -106.18 -34.29 -39.44
CA GLN VA 26 -106.62 -33.78 -38.16
C GLN VA 26 -105.64 -34.28 -37.11
N ASN VA 27 -105.04 -33.34 -36.37
CA ASN VA 27 -103.96 -33.65 -35.47
C ASN VA 27 -103.85 -32.55 -34.42
N GLY VA 28 -103.84 -32.96 -33.15
CA GLY VA 28 -103.54 -32.05 -32.06
C GLY VA 28 -104.41 -30.80 -32.06
N ASN VA 29 -105.72 -31.01 -31.90
CA ASN VA 29 -106.70 -29.93 -31.98
C ASN VA 29 -106.44 -29.05 -33.20
N ASN VA 30 -106.16 -29.68 -34.32
CA ASN VA 30 -105.91 -28.97 -35.55
C ASN VA 30 -106.59 -29.75 -36.66
N VAL VA 31 -107.20 -29.04 -37.62
CA VAL VA 31 -108.01 -29.65 -38.67
C VAL VA 31 -107.66 -28.99 -39.99
N ASP VA 32 -107.35 -29.80 -41.01
CA ASP VA 32 -106.88 -29.32 -42.31
C ASP VA 32 -107.69 -29.97 -43.44
N TYR VA 33 -108.35 -29.13 -44.23
CA TYR VA 33 -109.15 -29.52 -45.39
C TYR VA 33 -108.46 -29.08 -46.67
N VAL VA 34 -108.70 -29.83 -47.74
CA VAL VA 34 -108.20 -29.47 -49.07
C VAL VA 34 -109.37 -29.41 -50.04
N CYS VA 35 -109.27 -28.51 -51.02
CA CYS VA 35 -110.32 -28.31 -51.99
C CYS VA 35 -110.27 -29.38 -53.06
N THR VA 36 -111.43 -30.00 -53.33
CA THR VA 36 -111.53 -31.12 -54.25
C THR VA 36 -111.90 -30.69 -55.67
N ASP VA 37 -112.12 -29.41 -55.89
CA ASP VA 37 -112.58 -28.92 -57.18
C ASP VA 37 -111.43 -28.89 -58.19
N PRO VA 38 -111.73 -28.68 -59.47
CA PRO VA 38 -110.64 -28.60 -60.45
C PRO VA 38 -109.77 -27.38 -60.29
N ASP VA 39 -110.27 -26.28 -59.71
CA ASP VA 39 -109.48 -25.07 -59.59
C ASP VA 39 -108.35 -25.19 -58.57
N SER VA 40 -108.38 -26.20 -57.70
CA SER VA 40 -107.27 -26.45 -56.78
C SER VA 40 -106.45 -27.61 -57.35
N THR VA 41 -105.21 -27.32 -57.68
CA THR VA 41 -104.25 -28.31 -58.15
C THR VA 41 -103.24 -28.58 -57.03
N LEU VA 42 -102.37 -29.57 -57.27
CA LEU VA 42 -101.30 -29.83 -56.33
C LEU VA 42 -100.39 -28.63 -56.20
N SER VA 43 -100.12 -27.97 -57.31
CA SER VA 43 -99.14 -26.88 -57.29
C SER VA 43 -99.75 -25.62 -56.69
N ALA VA 44 -101.05 -25.41 -56.92
CA ALA VA 44 -101.77 -24.23 -56.46
C ALA VA 44 -103.10 -24.66 -55.84
N PRO VA 45 -103.09 -25.08 -54.58
CA PRO VA 45 -104.29 -25.68 -53.98
C PRO VA 45 -105.17 -24.65 -53.28
N GLY VA 46 -106.35 -25.12 -52.89
CA GLY VA 46 -107.21 -24.41 -51.97
C GLY VA 46 -107.24 -25.17 -50.66
N LEU VA 47 -107.09 -24.43 -49.56
CA LEU VA 47 -106.81 -25.08 -48.28
C LEU VA 47 -107.58 -24.41 -47.15
N ILE VA 48 -107.90 -25.19 -46.13
CA ILE VA 48 -108.52 -24.66 -44.90
C ILE VA 48 -107.80 -25.24 -43.70
N ASN VA 49 -107.62 -24.40 -42.68
CA ASN VA 49 -106.93 -24.75 -41.45
C ASN VA 49 -107.74 -24.24 -40.26
N ALA VA 50 -107.77 -25.01 -39.16
CA ALA VA 50 -108.49 -24.58 -37.96
C ALA VA 50 -107.85 -25.17 -36.71
N LYS VA 51 -107.47 -24.29 -35.77
CA LYS VA 51 -106.76 -24.64 -34.55
C LYS VA 51 -107.53 -24.17 -33.31
N PHE VA 52 -107.32 -24.89 -32.22
CA PHE VA 52 -107.87 -24.54 -30.90
C PHE VA 52 -106.73 -24.36 -29.91
N ASP VA 53 -106.58 -23.14 -29.39
CA ASP VA 53 -105.76 -22.88 -28.21
C ASP VA 53 -106.71 -22.94 -27.02
N ILE VA 54 -106.74 -24.09 -26.35
CA ILE VA 54 -107.62 -24.30 -25.20
C ILE VA 54 -106.79 -24.13 -23.93
N LYS VA 55 -107.14 -23.11 -23.15
CA LYS VA 55 -106.45 -22.83 -21.90
C LYS VA 55 -106.87 -23.86 -20.85
N ALA VA 56 -105.99 -24.04 -19.86
CA ALA VA 56 -106.26 -24.87 -18.69
C ALA VA 56 -107.56 -24.44 -18.02
N PRO VA 57 -108.24 -25.35 -17.32
CA PRO VA 57 -109.49 -24.96 -16.66
C PRO VA 57 -109.27 -23.80 -15.71
N GLY VA 58 -110.27 -22.96 -15.61
CA GLY VA 58 -110.15 -21.77 -14.81
C GLY VA 58 -111.12 -20.70 -15.28
N ILE VA 59 -111.28 -19.69 -14.43
CA ILE VA 59 -112.19 -18.59 -14.74
C ILE VA 59 -111.45 -17.45 -15.42
N THR VA 60 -110.12 -17.51 -15.52
CA THR VA 60 -109.30 -16.45 -16.09
C THR VA 60 -108.74 -16.91 -17.43
N GLY VA 61 -108.50 -15.93 -18.29
CA GLY VA 61 -107.90 -16.18 -19.59
C GLY VA 61 -108.90 -16.17 -20.71
N ASN VA 62 -108.37 -16.28 -21.94
CA ASN VA 62 -109.16 -16.39 -23.15
C ASN VA 62 -108.83 -17.69 -23.86
N ASP VA 63 -109.86 -18.40 -24.31
CA ASP VA 63 -109.71 -19.48 -25.29
C ASP VA 63 -109.63 -18.88 -26.69
N ARG VA 64 -108.93 -19.57 -27.60
CA ARG VA 64 -108.76 -19.00 -28.93
C ARG VA 64 -109.02 -20.02 -30.04
N ILE VA 65 -109.66 -19.54 -31.10
CA ILE VA 65 -109.92 -20.31 -32.33
C ILE VA 65 -109.17 -19.62 -33.45
N HIS VA 66 -108.43 -20.39 -34.24
CA HIS VA 66 -107.76 -19.86 -35.42
C HIS VA 66 -108.28 -20.57 -36.66
N ALA VA 67 -108.49 -19.82 -37.73
CA ALA VA 67 -108.99 -20.41 -38.97
C ALA VA 67 -108.37 -19.69 -40.15
N ASN VA 68 -108.03 -20.44 -41.18
CA ASN VA 68 -107.39 -19.88 -42.36
C ASN VA 68 -107.99 -20.51 -43.61
N LEU VA 69 -108.47 -19.67 -44.53
CA LEU VA 69 -108.98 -20.12 -45.81
C LEU VA 69 -108.11 -19.53 -46.90
N ARG VA 70 -107.42 -20.40 -47.65
CA ARG VA 70 -106.37 -20.02 -48.57
C ARG VA 70 -106.69 -20.49 -49.99
N LYS VA 71 -106.27 -19.70 -50.96
CA LYS VA 71 -106.19 -20.13 -52.35
C LYS VA 71 -104.84 -19.69 -52.90
N VAL VA 72 -104.08 -20.66 -53.41
CA VAL VA 72 -102.78 -20.39 -54.01
C VAL VA 72 -102.97 -20.15 -55.50
N VAL VA 73 -102.20 -19.23 -56.06
CA VAL VA 73 -102.22 -18.95 -57.48
C VAL VA 73 -100.79 -18.82 -57.98
N LEU VA 74 -100.55 -19.32 -59.18
CA LEU VA 74 -99.22 -19.32 -59.79
C LEU VA 74 -99.09 -18.16 -60.76
N ASP VA 75 -97.91 -17.54 -60.78
CA ASP VA 75 -97.63 -16.48 -61.74
C ASP VA 75 -97.62 -17.03 -63.16
N GLU VA 76 -98.17 -16.24 -64.08
CA GLU VA 76 -98.27 -16.68 -65.46
C GLU VA 76 -96.91 -16.97 -66.06
N LYS VA 77 -95.94 -16.09 -65.80
CA LYS VA 77 -94.61 -16.24 -66.39
C LYS VA 77 -93.69 -17.05 -65.48
N THR VA 78 -93.50 -16.60 -64.24
CA THR VA 78 -92.50 -17.21 -63.36
C THR VA 78 -92.97 -18.49 -62.69
N ASN VA 79 -94.28 -18.76 -62.70
CA ASN VA 79 -94.87 -19.91 -62.00
C ASN VA 79 -94.58 -19.91 -60.50
N LEU VA 80 -94.11 -18.77 -59.96
CA LEU VA 80 -93.96 -18.62 -58.52
C LEU VA 80 -95.33 -18.50 -57.86
N PRO VA 81 -95.54 -19.18 -56.75
CA PRO VA 81 -96.86 -19.13 -56.11
C PRO VA 81 -96.99 -17.96 -55.17
N SER VA 82 -98.09 -17.23 -55.25
CA SER VA 82 -98.50 -16.34 -54.19
C SER VA 82 -99.90 -16.72 -53.76
N THR VA 83 -100.20 -16.52 -52.49
CA THR VA 83 -101.42 -17.05 -51.90
C THR VA 83 -102.28 -15.93 -51.32
N GLY VA 84 -103.59 -16.04 -51.55
CA GLY VA 84 -104.57 -15.11 -50.99
C GLY VA 84 -105.36 -15.82 -49.90
N SER VA 85 -105.67 -15.08 -48.83
CA SER VA 85 -106.17 -15.77 -47.65
C SER VA 85 -107.05 -14.90 -46.78
N VAL VA 86 -108.12 -15.49 -46.27
CA VAL VA 86 -108.93 -14.89 -45.21
C VAL VA 86 -108.70 -15.69 -43.94
N THR VA 87 -108.20 -15.04 -42.90
CA THR VA 87 -107.91 -15.71 -41.65
C THR VA 87 -108.66 -15.04 -40.49
N ILE VA 88 -109.14 -15.86 -39.57
CA ILE VA 88 -110.02 -15.45 -38.48
C ILE VA 88 -109.43 -15.91 -37.16
N GLN VA 89 -109.44 -15.02 -36.17
CA GLN VA 89 -109.13 -15.36 -34.79
C GLN VA 89 -110.31 -14.99 -33.90
N VAL VA 90 -110.82 -15.99 -33.18
CA VAL VA 90 -111.89 -15.80 -32.21
C VAL VA 90 -111.30 -15.93 -30.82
N SER VA 91 -111.53 -14.93 -29.97
CA SER VA 91 -111.03 -14.92 -28.60
C SER VA 91 -112.22 -14.87 -27.66
N ILE VA 92 -112.43 -15.95 -26.93
CA ILE VA 92 -113.58 -16.18 -26.06
C ILE VA 92 -113.10 -16.12 -24.61
N PRO VA 93 -113.48 -15.10 -23.84
CA PRO VA 93 -113.09 -15.05 -22.43
C PRO VA 93 -113.78 -16.13 -21.60
N ARG VA 94 -113.24 -16.32 -20.39
CA ARG VA 94 -113.76 -17.34 -19.48
C ARG VA 94 -114.52 -16.78 -18.29
N ASN VA 95 -114.52 -15.46 -18.10
CA ASN VA 95 -115.39 -14.86 -17.10
C ASN VA 95 -116.84 -15.26 -17.38
N PRO VA 96 -117.56 -15.80 -16.39
CA PRO VA 96 -118.94 -16.25 -16.65
C PRO VA 96 -119.85 -15.16 -17.17
N ALA VA 97 -119.39 -13.92 -17.15
CA ALA VA 97 -120.10 -12.80 -17.74
C ALA VA 97 -120.02 -12.78 -19.26
N TRP VA 98 -119.42 -13.79 -19.88
CA TRP VA 98 -119.43 -13.98 -21.32
C TRP VA 98 -120.31 -15.18 -21.68
N ASN VA 99 -120.86 -15.15 -22.90
CA ASN VA 99 -121.76 -16.21 -23.35
C ASN VA 99 -121.36 -16.70 -24.73
N ALA VA 100 -121.65 -17.98 -24.96
CA ALA VA 100 -121.63 -18.49 -26.33
C ALA VA 100 -122.52 -17.63 -27.23
N SER VA 101 -123.61 -17.10 -26.69
CA SER VA 101 -124.47 -16.22 -27.48
C SER VA 101 -123.69 -14.98 -27.93
N MET VA 102 -122.83 -14.46 -27.07
CA MET VA 102 -122.02 -13.30 -27.45
C MET VA 102 -120.98 -13.66 -28.49
N THR VA 103 -120.37 -14.84 -28.35
CA THR VA 103 -119.46 -15.34 -29.38
C THR VA 103 -120.17 -15.42 -30.73
N VAL VA 104 -121.33 -16.06 -30.76
CA VAL VA 104 -122.08 -16.23 -32.00
C VAL VA 104 -122.50 -14.87 -32.55
N SER VA 105 -122.87 -13.93 -31.67
CA SER VA 105 -123.27 -12.62 -32.14
C SER VA 105 -122.11 -11.92 -32.85
N LEU VA 106 -120.90 -11.99 -32.28
CA LEU VA 106 -119.76 -11.40 -32.96
C LEU VA 106 -119.48 -12.10 -34.29
N LEU VA 107 -119.61 -13.43 -34.34
CA LEU VA 107 -119.40 -14.14 -35.59
C LEU VA 107 -120.39 -13.68 -36.66
N LYS VA 108 -121.67 -13.58 -36.29
CA LYS VA 108 -122.69 -13.17 -37.24
C LYS VA 108 -122.48 -11.74 -37.72
N GLN VA 109 -122.07 -10.85 -36.80
CA GLN VA 109 -121.83 -9.46 -37.18
C GLN VA 109 -120.64 -9.35 -38.13
N ALA VA 110 -119.57 -10.11 -37.85
CA ALA VA 110 -118.43 -10.12 -38.76
C ALA VA 110 -118.84 -10.64 -40.13
N ALA VA 111 -119.66 -11.70 -40.16
CA ALA VA 111 -120.15 -12.22 -41.44
C ALA VA 111 -120.94 -11.15 -42.18
N ASP VA 112 -121.81 -10.41 -41.47
CA ASP VA 112 -122.58 -9.37 -42.12
C ASP VA 112 -121.68 -8.26 -42.66
N TYR VA 113 -120.69 -7.84 -41.87
CA TYR VA 113 -119.95 -6.62 -42.22
C TYR VA 113 -118.85 -6.88 -43.23
N LEU VA 114 -118.22 -8.06 -43.22
CA LEU VA 114 -117.15 -8.32 -44.16
C LEU VA 114 -117.56 -9.23 -45.30
N ALA VA 115 -118.61 -10.03 -45.15
CA ALA VA 115 -119.07 -10.89 -46.23
C ALA VA 115 -120.46 -10.55 -46.73
N GLY VA 116 -121.26 -9.81 -45.97
CA GLY VA 116 -122.59 -9.45 -46.40
C GLY VA 116 -123.52 -10.63 -46.53
N THR VA 117 -123.59 -11.48 -45.50
CA THR VA 117 -124.36 -12.71 -45.55
C THR VA 117 -125.34 -12.89 -44.39
N SER VA 118 -125.53 -11.86 -43.56
CA SER VA 118 -126.45 -11.96 -42.43
C SER VA 118 -127.86 -12.38 -42.86
N ALA VA 119 -128.61 -12.94 -41.91
CA ALA VA 119 -130.02 -13.23 -42.10
C ALA VA 119 -130.82 -11.94 -42.24
N THR VA 120 -132.06 -12.07 -42.71
CA THR VA 120 -132.88 -10.89 -42.96
C THR VA 120 -133.58 -10.43 -41.68
N VAL VA 121 -133.42 -9.16 -41.36
CA VAL VA 121 -134.07 -8.51 -40.22
C VAL VA 121 -134.48 -7.11 -40.65
N SER VA 122 -135.66 -6.69 -40.23
CA SER VA 122 -136.16 -5.36 -40.56
C SER VA 122 -135.20 -4.30 -40.06
N GLY VA 123 -134.82 -3.38 -40.95
CA GLY VA 123 -133.94 -2.30 -40.60
C GLY VA 123 -132.46 -2.60 -40.70
N GLN VA 124 -132.07 -3.74 -41.27
CA GLN VA 124 -130.65 -4.06 -41.32
C GLN VA 124 -130.03 -3.25 -42.45
N THR VA 125 -128.75 -2.90 -42.31
CA THR VA 125 -128.12 -2.21 -43.43
C THR VA 125 -127.79 -3.21 -44.53
N ASP VA 126 -127.92 -2.76 -45.77
CA ASP VA 126 -127.67 -3.60 -46.93
C ASP VA 126 -126.17 -3.78 -47.07
N THR VA 127 -125.70 -4.99 -46.79
CA THR VA 127 -124.29 -5.32 -46.81
C THR VA 127 -123.89 -6.13 -48.03
N SER VA 128 -124.79 -6.25 -49.01
CA SER VA 128 -124.54 -7.11 -50.16
C SER VA 128 -123.30 -6.69 -50.92
N GLY VA 129 -123.08 -5.39 -51.09
CA GLY VA 129 -121.94 -4.90 -51.82
C GLY VA 129 -120.68 -4.73 -51.01
N PHE VA 130 -120.78 -4.95 -49.70
CA PHE VA 130 -119.61 -4.77 -48.85
C PHE VA 130 -118.45 -5.69 -49.20
N PRO VA 131 -118.64 -7.00 -49.48
CA PRO VA 131 -117.47 -7.80 -49.88
C PRO VA 131 -116.78 -7.28 -51.12
N ALA VA 132 -117.55 -6.79 -52.10
CA ALA VA 132 -116.95 -6.16 -53.26
C ALA VA 132 -116.12 -4.94 -52.86
N LYS VA 133 -116.70 -4.06 -52.03
CA LYS VA 133 -115.95 -2.87 -51.61
C LYS VA 133 -114.69 -3.24 -50.85
N TRP VA 134 -114.75 -4.29 -50.01
CA TRP VA 134 -113.56 -4.73 -49.29
C TRP VA 134 -112.50 -5.22 -50.27
N ALA VA 135 -112.90 -6.09 -51.20
CA ALA VA 135 -111.96 -6.62 -52.19
C ALA VA 135 -111.32 -5.49 -52.99
N GLY VA 136 -112.01 -4.36 -53.12
CA GLY VA 136 -111.41 -3.18 -53.70
C GLY VA 136 -110.64 -2.29 -52.75
N LEU VA 137 -110.47 -2.71 -51.48
CA LEU VA 137 -109.83 -1.89 -50.45
C LEU VA 137 -110.54 -0.56 -50.28
N MET VA 138 -111.85 -0.62 -50.05
CA MET VA 138 -112.68 0.54 -49.82
C MET VA 138 -113.55 0.29 -48.60
N PHE VA 139 -113.55 1.22 -47.66
CA PHE VA 139 -114.40 1.07 -46.50
C PHE VA 139 -115.86 1.18 -46.92
N PRO VA 140 -116.74 0.28 -46.47
CA PRO VA 140 -118.17 0.30 -46.75
C PRO VA 140 -118.83 1.58 -46.25
N ALA WA 1 81.28 35.75 -91.64
CA ALA WA 1 80.35 35.34 -92.69
C ALA WA 1 80.36 36.32 -93.86
N ALA WA 2 80.12 35.78 -95.06
CA ALA WA 2 80.07 36.61 -96.25
C ALA WA 2 78.87 37.56 -96.19
N PRO WA 3 79.03 38.80 -96.66
CA PRO WA 3 77.91 39.75 -96.58
C PRO WA 3 76.80 39.47 -97.57
N SER WA 4 77.11 38.81 -98.68
CA SER WA 4 76.11 38.54 -99.71
C SER WA 4 76.58 37.38 -100.55
N LEU WA 5 75.62 36.75 -101.23
CA LEU WA 5 75.85 35.53 -101.99
C LEU WA 5 75.05 35.58 -103.28
N ALA WA 6 75.65 35.04 -104.34
CA ALA WA 6 74.96 34.83 -105.61
C ALA WA 6 75.06 33.34 -105.91
N LEU WA 7 74.05 32.58 -105.50
CA LEU WA 7 74.08 31.13 -105.64
C LEU WA 7 73.38 30.74 -106.93
N VAL WA 8 73.76 29.61 -107.49
CA VAL WA 8 73.15 29.13 -108.73
C VAL WA 8 71.98 28.21 -108.39
N GLY WA 9 70.82 28.49 -108.97
CA GLY WA 9 69.64 27.65 -108.89
C GLY WA 9 69.05 27.47 -110.27
N ALA WA 10 67.74 27.21 -110.30
CA ALA WA 10 67.04 26.94 -111.55
C ALA WA 10 65.74 27.72 -111.62
N ASN WA 11 65.42 28.20 -112.83
CA ASN WA 11 64.16 28.89 -113.09
C ASN WA 11 63.09 27.86 -113.45
N SER WA 12 61.96 28.33 -113.97
CA SER WA 12 60.90 27.42 -114.36
C SER WA 12 61.30 26.53 -115.53
N THR WA 13 62.24 26.99 -116.37
CA THR WA 13 62.80 26.20 -117.46
C THR WA 13 63.86 25.20 -116.98
N LEU WA 14 64.27 25.31 -115.71
CA LEU WA 14 65.41 24.59 -115.14
C LEU WA 14 66.74 25.03 -115.71
N ALA WA 15 66.78 26.21 -116.35
CA ALA WA 15 68.04 26.81 -116.75
C ALA WA 15 68.74 27.43 -115.54
N SER WA 16 70.06 27.41 -115.57
CA SER WA 16 70.84 27.90 -114.43
C SER WA 16 70.64 29.41 -114.27
N THR WA 17 70.15 29.81 -113.10
CA THR WA 17 69.80 31.20 -112.82
C THR WA 17 70.43 31.62 -111.51
N LEU WA 18 70.88 32.86 -111.41
CA LEU WA 18 71.37 33.34 -110.13
C LEU WA 18 70.22 33.62 -109.18
N VAL WA 19 70.48 33.39 -107.89
CA VAL WA 19 69.58 33.73 -106.81
C VAL WA 19 70.41 34.42 -105.74
N ASN WA 20 69.99 35.62 -105.37
CA ASN WA 20 70.80 36.55 -104.59
C ASN WA 20 70.34 36.56 -103.14
N TYR WA 21 71.26 36.29 -102.24
CA TYR WA 21 71.02 36.37 -100.81
C TYR WA 21 71.91 37.45 -100.22
N SER WA 22 71.44 38.05 -99.12
CA SER WA 22 72.24 39.01 -98.38
C SER WA 22 72.11 38.69 -96.90
N LEU WA 23 73.17 39.01 -96.15
CA LEU WA 23 73.25 38.62 -94.74
C LEU WA 23 72.24 39.41 -93.92
N ARG WA 24 71.23 38.72 -93.41
CA ARG WA 24 70.34 39.33 -92.43
C ARG WA 24 71.03 39.49 -91.10
N SER WA 25 71.50 38.40 -90.50
CA SER WA 25 72.11 38.54 -89.18
C SER WA 25 73.07 37.40 -88.90
N GLN WA 26 74.17 37.72 -88.22
CA GLN WA 26 75.07 36.71 -87.68
C GLN WA 26 74.92 36.70 -86.17
N ASN WA 27 74.44 35.58 -85.64
CA ASN WA 27 74.54 35.23 -84.24
C ASN WA 27 75.81 34.38 -84.06
N GLY WA 28 76.18 34.13 -82.82
CA GLY WA 28 77.39 33.35 -82.57
C GLY WA 28 77.29 31.95 -83.12
N ASN WA 29 78.12 31.63 -84.11
CA ASN WA 29 78.08 30.34 -84.81
C ASN WA 29 76.71 30.11 -85.47
N ASN WA 30 76.08 31.19 -85.92
CA ASN WA 30 74.79 31.07 -86.59
C ASN WA 30 74.66 32.21 -87.58
N VAL WA 31 74.14 31.90 -88.78
CA VAL WA 31 74.07 32.88 -89.85
C VAL WA 31 72.72 32.76 -90.55
N ASP WA 32 72.08 33.91 -90.79
CA ASP WA 32 70.79 33.99 -91.47
C ASP WA 32 70.90 34.92 -92.66
N TYR WA 33 70.65 34.38 -93.86
CA TYR WA 33 70.60 35.10 -95.12
C TYR WA 33 69.17 35.17 -95.64
N VAL WA 34 68.89 36.22 -96.42
CA VAL WA 34 67.58 36.46 -97.00
C VAL WA 34 67.73 36.72 -98.50
N CYS WA 35 66.78 36.23 -99.29
CA CYS WA 35 66.83 36.43 -100.72
C CYS WA 35 66.40 37.84 -101.07
N THR WA 36 67.20 38.51 -101.90
CA THR WA 36 66.99 39.90 -102.29
C THR WA 36 66.38 40.05 -103.67
N ASP WA 37 65.93 38.96 -104.27
CA ASP WA 37 65.28 39.01 -105.57
C ASP WA 37 63.84 39.46 -105.41
N PRO WA 38 63.16 39.80 -106.51
CA PRO WA 38 61.70 39.99 -106.43
C PRO WA 38 60.94 38.73 -106.11
N ASP WA 39 61.55 37.54 -106.27
CA ASP WA 39 60.89 36.28 -105.94
C ASP WA 39 60.48 36.21 -104.49
N SER WA 40 61.36 36.64 -103.59
CA SER WA 40 61.07 36.64 -102.17
C SER WA 40 60.57 38.00 -101.73
N THR WA 41 59.57 37.99 -100.88
CA THR WA 41 59.07 39.13 -100.16
C THR WA 41 59.06 38.78 -98.68
N LEU WA 42 58.83 39.78 -97.82
CA LEU WA 42 58.72 39.46 -96.40
C LEU WA 42 57.60 38.47 -96.13
N SER WA 43 56.51 38.56 -96.92
CA SER WA 43 55.38 37.66 -96.71
C SER WA 43 55.72 36.22 -97.10
N ALA WA 44 56.47 36.04 -98.18
CA ALA WA 44 56.86 34.71 -98.66
C ALA WA 44 58.34 34.74 -99.03
N PRO WA 45 59.23 34.60 -98.05
CA PRO WA 45 60.65 34.84 -98.29
C PRO WA 45 61.40 33.59 -98.72
N GLY WA 46 62.60 33.84 -99.25
CA GLY WA 46 63.60 32.80 -99.44
C GLY WA 46 64.70 33.02 -98.40
N LEU WA 47 65.09 31.94 -97.74
CA LEU WA 47 65.90 32.08 -96.53
C LEU WA 47 66.99 31.02 -96.50
N ILE WA 48 68.10 31.36 -95.83
CA ILE WA 48 69.17 30.41 -95.58
C ILE WA 48 69.60 30.55 -94.12
N ASN WA 49 69.89 29.42 -93.48
CA ASN WA 49 70.31 29.36 -92.09
C ASN WA 49 71.47 28.37 -91.98
N ALA WA 50 72.51 28.75 -91.22
CA ALA WA 50 73.67 27.89 -91.03
C ALA WA 50 74.14 27.94 -89.58
N LYS WA 51 74.30 26.78 -88.95
CA LYS WA 51 74.58 26.65 -87.53
C LYS WA 51 75.75 25.69 -87.33
N PHE WA 52 76.45 25.89 -86.21
CA PHE WA 52 77.61 25.07 -85.82
C PHE WA 52 77.41 24.55 -84.41
N ASP WA 53 77.20 23.24 -84.29
CA ASP WA 53 77.19 22.54 -83.01
C ASP WA 53 78.61 22.05 -82.76
N ILE WA 54 79.39 22.85 -82.03
CA ILE WA 54 80.78 22.54 -81.74
C ILE WA 54 80.88 22.15 -80.28
N LYS WA 55 81.33 20.92 -80.05
CA LYS WA 55 81.43 20.41 -78.69
C LYS WA 55 82.65 21.01 -77.99
N ALA WA 56 82.67 20.91 -76.67
CA ALA WA 56 83.78 21.43 -75.89
C ALA WA 56 85.08 20.79 -76.36
N PRO WA 57 86.20 21.52 -76.31
CA PRO WA 57 87.46 20.96 -76.85
C PRO WA 57 87.95 19.72 -76.13
N GLY WA 58 87.68 19.60 -74.82
CA GLY WA 58 88.07 18.38 -74.12
C GLY WA 58 87.26 17.17 -74.54
N ILE WA 59 85.94 17.36 -74.76
CA ILE WA 59 85.03 16.26 -75.05
C ILE WA 59 85.25 15.76 -76.48
N THR WA 60 85.26 14.44 -76.64
CA THR WA 60 85.21 13.84 -77.97
C THR WA 60 83.76 13.54 -78.35
N GLY WA 61 83.40 13.89 -79.57
CA GLY WA 61 82.10 13.58 -80.11
C GLY WA 61 82.16 13.84 -81.60
N ASN WA 62 81.03 14.22 -82.17
CA ASN WA 62 80.97 14.72 -83.53
C ASN WA 62 80.65 16.20 -83.49
N ASP WA 63 81.41 16.99 -84.25
CA ASP WA 63 81.01 18.36 -84.54
C ASP WA 63 79.96 18.33 -85.65
N ARG WA 64 79.03 19.29 -85.61
CA ARG WA 64 77.91 19.26 -86.54
C ARG WA 64 77.69 20.61 -87.22
N ILE WA 65 77.29 20.54 -88.48
CA ILE WA 65 76.91 21.69 -89.28
C ILE WA 65 75.45 21.50 -89.69
N HIS WA 66 74.62 22.52 -89.47
CA HIS WA 66 73.21 22.47 -89.85
C HIS WA 66 72.93 23.59 -90.85
N ALA WA 67 72.52 23.22 -92.05
CA ALA WA 67 72.18 24.20 -93.08
C ALA WA 67 70.74 23.99 -93.52
N ASN WA 68 70.09 25.10 -93.87
CA ASN WA 68 68.68 25.05 -94.26
C ASN WA 68 68.44 26.12 -95.32
N LEU WA 69 67.93 25.69 -96.49
CA LEU WA 69 67.59 26.59 -97.58
C LEU WA 69 66.10 26.45 -97.84
N ARG WA 70 65.36 27.54 -97.65
CA ARG WA 70 63.91 27.54 -97.65
C ARG WA 70 63.37 28.50 -98.72
N LYS WA 71 62.20 28.16 -99.26
CA LYS WA 71 61.40 29.09 -100.04
C LYS WA 71 59.96 28.94 -99.59
N VAL WA 72 59.37 30.04 -99.13
CA VAL WA 72 57.97 30.08 -98.72
C VAL WA 72 57.12 30.43 -99.92
N VAL WA 73 55.94 29.80 -100.04
CA VAL WA 73 55.02 30.11 -101.11
C VAL WA 73 53.63 30.27 -100.51
N LEU WA 74 52.85 31.17 -101.10
CA LEU WA 74 51.50 31.46 -100.65
C LEU WA 74 50.48 30.76 -101.55
N ASP WA 75 49.43 30.21 -100.93
CA ASP WA 75 48.35 29.62 -101.70
C ASP WA 75 47.60 30.71 -102.45
N GLU WA 76 47.29 30.45 -103.72
CA GLU WA 76 46.53 31.43 -104.51
C GLU WA 76 45.18 31.71 -103.85
N LYS WA 77 44.48 30.67 -103.42
CA LYS WA 77 43.13 30.85 -102.92
C LYS WA 77 43.14 31.37 -101.47
N THR WA 78 43.95 30.79 -100.58
CA THR WA 78 43.87 31.12 -99.16
C THR WA 78 44.98 32.03 -98.66
N ASN WA 79 46.01 32.29 -99.46
CA ASN WA 79 47.20 33.04 -99.05
C ASN WA 79 47.88 32.45 -97.83
N LEU WA 80 47.54 31.20 -97.48
CA LEU WA 80 48.23 30.51 -96.41
C LEU WA 80 49.61 30.08 -96.87
N PRO WA 81 50.62 30.23 -96.05
CA PRO WA 81 51.98 29.92 -96.48
C PRO WA 81 52.34 28.48 -96.22
N SER WA 82 52.88 27.81 -97.22
CA SER WA 82 53.58 26.56 -96.99
C SER WA 82 54.97 26.68 -97.60
N THR WA 83 55.92 25.98 -97.00
CA THR WA 83 57.32 26.20 -97.30
C THR WA 83 57.97 24.92 -97.81
N GLY WA 84 58.92 25.10 -98.73
CA GLY WA 84 59.70 23.98 -99.25
C GLY WA 84 61.16 24.20 -98.92
N SER WA 85 61.85 23.12 -98.55
CA SER WA 85 63.17 23.31 -97.96
C SER WA 85 64.12 22.15 -98.25
N VAL WA 86 65.40 22.47 -98.32
CA VAL WA 86 66.47 21.50 -98.32
C VAL WA 86 67.33 21.74 -97.09
N THR WA 87 67.43 20.75 -96.22
CA THR WA 87 68.23 20.82 -95.01
C THR WA 87 69.37 19.81 -95.08
N ILE WA 88 70.51 20.19 -94.51
CA ILE WA 88 71.75 19.44 -94.60
C ILE WA 88 72.37 19.38 -93.22
N GLN WA 89 72.82 18.19 -92.82
CA GLN WA 89 73.50 18.03 -91.54
C GLN WA 89 74.82 17.33 -91.83
N VAL WA 90 75.92 17.98 -91.46
CA VAL WA 90 77.26 17.42 -91.64
C VAL WA 90 77.77 17.03 -90.26
N SER WA 91 78.09 15.75 -90.06
CA SER WA 91 78.61 15.25 -88.80
C SER WA 91 80.05 14.81 -89.02
N ILE WA 92 80.98 15.56 -88.43
CA ILE WA 92 82.42 15.40 -88.60
C ILE WA 92 82.98 14.84 -87.30
N PRO WA 93 83.59 13.65 -87.30
CA PRO WA 93 84.17 13.12 -86.07
C PRO WA 93 85.49 13.78 -85.69
N ARG WA 94 85.74 13.81 -84.38
CA ARG WA 94 86.92 14.43 -83.79
C ARG WA 94 88.12 13.49 -83.70
N ASN WA 95 88.16 12.45 -84.49
CA ASN WA 95 89.29 11.51 -84.52
C ASN WA 95 90.25 11.90 -85.64
N PRO WA 96 91.56 12.03 -85.37
CA PRO WA 96 92.50 12.39 -86.44
C PRO WA 96 92.46 11.45 -87.63
N ALA WA 97 91.86 10.28 -87.49
CA ALA WA 97 91.69 9.38 -88.61
C ALA WA 97 90.70 9.91 -89.65
N TRP WA 98 90.01 11.00 -89.34
CA TRP WA 98 89.13 11.72 -90.27
C TRP WA 98 89.76 13.06 -90.60
N ASN WA 99 89.51 13.55 -91.81
CA ASN WA 99 90.07 14.85 -92.16
C ASN WA 99 89.16 15.61 -93.11
N ALA WA 100 89.57 16.85 -93.38
CA ALA WA 100 88.74 17.74 -94.17
C ALA WA 100 88.57 17.22 -95.59
N SER WA 101 89.56 16.49 -96.12
CA SER WA 101 89.40 15.92 -97.45
C SER WA 101 88.22 14.96 -97.47
N MET WA 102 88.01 14.21 -96.39
CA MET WA 102 86.88 13.29 -96.33
C MET WA 102 85.57 14.05 -96.15
N THR WA 103 85.57 15.10 -95.32
CA THR WA 103 84.38 15.94 -95.23
C THR WA 103 83.98 16.47 -96.61
N VAL WA 104 84.94 17.04 -97.33
CA VAL WA 104 84.67 17.59 -98.65
C VAL WA 104 84.23 16.50 -99.62
N SER WA 105 84.82 15.31 -99.50
CA SER WA 105 84.44 14.22 -100.39
C SER WA 105 82.98 13.86 -100.21
N LEU WA 106 82.52 13.76 -98.95
CA LEU WA 106 81.10 13.50 -98.73
C LEU WA 106 80.23 14.62 -99.29
N LEU WA 107 80.65 15.87 -99.09
CA LEU WA 107 79.87 16.98 -99.64
C LEU WA 107 79.75 16.89 -101.16
N LYS WA 108 80.88 16.62 -101.82
CA LYS WA 108 80.88 16.54 -103.29
C LYS WA 108 80.02 15.39 -103.78
N GLN WA 109 80.08 14.24 -103.10
CA GLN WA 109 79.29 13.10 -103.52
C GLN WA 109 77.80 13.36 -103.34
N ALA WA 110 77.42 13.99 -102.23
CA ALA WA 110 76.02 14.35 -102.03
C ALA WA 110 75.56 15.31 -103.11
N ALA WA 111 76.42 16.28 -103.45
CA ALA WA 111 76.08 17.22 -104.53
C ALA WA 111 75.85 16.49 -105.84
N ASP WA 112 76.77 15.59 -106.20
CA ASP WA 112 76.62 14.82 -107.42
C ASP WA 112 75.32 14.02 -107.42
N TYR WA 113 75.01 13.35 -106.31
CA TYR WA 113 73.93 12.37 -106.33
C TYR WA 113 72.55 13.01 -106.17
N LEU WA 114 72.43 14.16 -105.50
CA LEU WA 114 71.13 14.78 -105.33
C LEU WA 114 70.91 16.03 -106.15
N ALA WA 115 71.97 16.72 -106.57
CA ALA WA 115 71.82 17.88 -107.43
C ALA WA 115 72.40 17.70 -108.82
N GLY WA 116 73.26 16.69 -109.01
CA GLY WA 116 73.85 16.43 -110.30
C GLY WA 116 74.75 17.57 -110.76
N THR WA 117 75.70 17.98 -109.90
CA THR WA 117 76.56 19.12 -110.19
C THR WA 117 78.05 18.82 -110.04
N SER WA 118 78.44 17.55 -109.90
CA SER WA 118 79.85 17.20 -109.78
C SER WA 118 80.68 17.74 -110.95
N ALA WA 119 81.99 17.84 -110.71
CA ALA WA 119 82.95 18.17 -111.76
C ALA WA 119 83.08 17.01 -112.74
N THR WA 120 83.51 17.33 -113.95
CA THR WA 120 83.63 16.30 -114.98
C THR WA 120 84.82 15.40 -114.68
N VAL WA 121 84.54 14.09 -114.62
CA VAL WA 121 85.53 13.05 -114.33
C VAL WA 121 85.15 11.82 -115.14
N SER WA 122 86.10 11.26 -115.87
CA SER WA 122 85.75 10.18 -116.80
C SER WA 122 85.26 8.97 -116.03
N GLY WA 123 84.16 8.39 -116.52
CA GLY WA 123 83.55 7.25 -115.87
C GLY WA 123 82.46 7.58 -114.86
N GLN WA 124 82.23 8.86 -114.60
CA GLN WA 124 81.15 9.26 -113.70
C GLN WA 124 79.79 8.95 -114.32
N THR WA 125 78.85 8.55 -113.47
CA THR WA 125 77.49 8.40 -113.96
C THR WA 125 76.89 9.77 -114.26
N ASP WA 126 76.03 9.81 -115.28
CA ASP WA 126 75.40 11.06 -115.71
C ASP WA 126 74.29 11.38 -114.72
N THR WA 127 74.60 12.27 -113.79
CA THR WA 127 73.70 12.63 -112.71
C THR WA 127 72.85 13.85 -113.04
N SER WA 128 72.89 14.32 -114.30
CA SER WA 128 72.23 15.57 -114.65
C SER WA 128 70.73 15.50 -114.43
N GLY WA 129 70.11 14.35 -114.69
CA GLY WA 129 68.67 14.23 -114.53
C GLY WA 129 68.22 13.83 -113.15
N PHE WA 130 69.18 13.52 -112.28
CA PHE WA 130 68.81 13.08 -110.93
C PHE WA 130 68.00 14.11 -110.15
N PRO WA 131 68.32 15.41 -110.16
CA PRO WA 131 67.46 16.34 -109.42
C PRO WA 131 66.03 16.34 -109.91
N ALA WA 132 65.83 16.22 -111.23
CA ALA WA 132 64.47 16.07 -111.76
C ALA WA 132 63.80 14.83 -111.20
N LYS WA 133 64.49 13.69 -111.23
CA LYS WA 133 63.89 12.46 -110.71
C LYS WA 133 63.57 12.58 -109.23
N TRP WA 134 64.47 13.19 -108.45
CA TRP WA 134 64.19 13.37 -107.02
C TRP WA 134 62.96 14.24 -106.81
N ALA WA 135 62.87 15.37 -107.53
CA ALA WA 135 61.72 16.24 -107.43
C ALA WA 135 60.44 15.54 -107.86
N GLY WA 136 60.55 14.44 -108.60
CA GLY WA 136 59.41 13.60 -108.88
C GLY WA 136 59.16 12.47 -107.89
N LEU WA 137 59.92 12.41 -106.80
CA LEU WA 137 59.92 11.26 -105.87
C LEU WA 137 60.16 9.94 -106.59
N MET WA 138 61.24 9.91 -107.35
CA MET WA 138 61.69 8.73 -108.10
C MET WA 138 63.17 8.50 -107.80
N PHE WA 139 63.52 7.27 -107.47
CA PHE WA 139 64.93 6.98 -107.27
C PHE WA 139 65.66 7.03 -108.61
N PRO WA 140 66.83 7.66 -108.68
CA PRO WA 140 67.63 7.70 -109.91
C PRO WA 140 67.99 6.31 -110.38
N ALA XA 1 85.41 43.30 -84.29
CA ALA XA 1 86.59 42.53 -83.93
C ALA XA 1 87.47 42.27 -85.14
N ALA XA 2 88.77 42.10 -84.91
CA ALA XA 2 89.71 41.84 -85.99
C ALA XA 2 89.38 40.51 -86.67
N PRO XA 3 89.32 40.47 -88.00
CA PRO XA 3 88.96 39.21 -88.68
C PRO XA 3 90.03 38.14 -88.59
N SER XA 4 91.28 38.51 -88.33
CA SER XA 4 92.35 37.54 -88.22
C SER XA 4 93.47 38.12 -87.39
N LEU XA 5 94.30 37.24 -86.83
CA LEU XA 5 95.36 37.59 -85.91
C LEU XA 5 96.59 36.76 -86.19
N ALA XA 6 97.76 37.39 -86.04
CA ALA XA 6 99.04 36.70 -86.12
C ALA XA 6 99.78 36.98 -84.82
N LEU XA 7 99.63 36.08 -83.85
CA LEU XA 7 100.17 36.28 -82.53
C LEU XA 7 101.52 35.59 -82.41
N VAL XA 8 102.36 36.07 -81.48
CA VAL XA 8 103.67 35.48 -81.29
C VAL XA 8 103.60 34.45 -80.16
N GLY XA 9 104.08 33.24 -80.44
CA GLY XA 9 104.23 32.20 -79.44
C GLY XA 9 105.61 31.59 -79.55
N ALA XA 10 105.77 30.36 -79.08
CA ALA XA 10 107.06 29.70 -79.06
C ALA XA 10 106.98 28.34 -79.73
N ASN XA 11 108.00 28.01 -80.53
CA ASN XA 11 108.11 26.70 -81.16
C ASN XA 11 108.64 25.69 -80.14
N SER XA 12 108.99 24.50 -80.60
CA SER XA 12 109.53 23.49 -79.70
C SER XA 12 110.84 23.94 -79.05
N THR XA 13 111.54 24.88 -79.67
CA THR XA 13 112.81 25.39 -79.15
C THR XA 13 112.64 26.68 -78.36
N LEU XA 14 111.41 27.16 -78.21
CA LEU XA 14 111.08 28.41 -77.53
C LEU XA 14 111.49 29.64 -78.33
N ALA XA 15 111.75 29.48 -79.62
CA ALA XA 15 111.96 30.63 -80.49
C ALA XA 15 110.63 31.27 -80.85
N SER XA 16 110.65 32.60 -80.98
CA SER XA 16 109.42 33.32 -81.31
C SER XA 16 108.93 32.90 -82.69
N THR XA 17 107.67 32.44 -82.74
CA THR XA 17 107.07 31.91 -83.96
C THR XA 17 105.65 32.45 -84.08
N LEU XA 18 105.23 32.78 -85.29
CA LEU XA 18 103.85 33.22 -85.46
C LEU XA 18 102.88 32.05 -85.32
N VAL XA 19 101.69 32.38 -84.82
CA VAL XA 19 100.57 31.48 -84.68
C VAL XA 19 99.34 32.22 -85.19
N ASN XA 20 98.67 31.64 -86.18
CA ASN XA 20 97.68 32.35 -86.97
C ASN XA 20 96.28 31.93 -86.55
N TYR XA 21 95.47 32.91 -86.16
CA TYR XA 21 94.08 32.69 -85.79
C TYR XA 21 93.19 33.45 -86.75
N SER XA 22 91.98 32.94 -86.95
CA SER XA 22 90.96 33.59 -87.75
C SER XA 22 89.65 33.61 -86.97
N LEU XA 23 88.88 34.66 -87.19
CA LEU XA 23 87.65 34.89 -86.44
C LEU XA 23 86.56 33.95 -86.91
N ARG XA 24 86.11 33.06 -86.03
CA ARG XA 24 85.06 32.11 -86.40
C ARG XA 24 83.68 32.76 -86.35
N SER XA 25 83.34 33.42 -85.24
CA SER XA 25 82.05 34.08 -85.11
C SER XA 25 82.13 35.12 -83.99
N GLN XA 26 81.04 35.87 -83.84
CA GLN XA 26 80.91 36.85 -82.75
C GLN XA 26 79.48 36.79 -82.21
N ASN XA 27 79.36 36.42 -80.94
CA ASN XA 27 78.11 36.32 -80.19
C ASN XA 27 77.97 37.55 -79.28
N GLY XA 28 77.00 37.51 -78.38
CA GLY XA 28 76.79 38.55 -77.40
C GLY XA 28 78.01 38.74 -76.53
N ASN XA 29 78.68 39.87 -76.71
CA ASN XA 29 79.81 40.30 -75.89
C ASN XA 29 80.91 39.24 -75.84
N ASN XA 30 81.17 38.58 -76.98
CA ASN XA 30 82.24 37.60 -77.01
C ASN XA 30 82.76 37.46 -78.44
N VAL XA 31 83.88 36.76 -78.56
CA VAL XA 31 84.62 36.60 -79.81
C VAL XA 31 85.30 35.24 -79.76
N ASP XA 32 85.23 34.51 -80.88
CA ASP XA 32 85.76 33.16 -80.99
C ASP XA 32 86.72 33.08 -82.17
N TYR XA 33 87.99 32.77 -81.89
CA TYR XA 33 89.03 32.62 -82.90
C TYR XA 33 89.52 31.17 -82.93
N VAL XA 34 89.94 30.74 -84.12
CA VAL XA 34 90.42 29.38 -84.36
C VAL XA 34 91.78 29.45 -85.03
N CYS XA 35 92.68 28.55 -84.66
CA CYS XA 35 94.01 28.51 -85.25
C CYS XA 35 93.93 27.91 -86.65
N THR XA 36 94.57 28.57 -87.62
CA THR XA 36 94.54 28.17 -89.02
C THR XA 36 95.84 27.54 -89.49
N ASP XA 37 96.76 27.25 -88.57
CA ASP XA 37 98.01 26.61 -88.92
C ASP XA 37 97.74 25.14 -89.24
N PRO XA 38 98.72 24.45 -89.84
CA PRO XA 38 98.52 23.02 -90.10
C PRO XA 38 98.45 22.16 -88.84
N ASP XA 39 99.12 22.56 -87.75
CA ASP XA 39 99.17 21.72 -86.56
C ASP XA 39 97.84 21.66 -85.81
N SER XA 40 96.92 22.59 -86.07
CA SER XA 40 95.60 22.56 -85.44
C SER XA 40 94.58 21.99 -86.42
N THR XA 41 93.81 21.02 -85.94
CA THR XA 41 92.75 20.37 -86.69
C THR XA 41 91.55 20.26 -85.76
N LEU XA 42 90.41 19.85 -86.31
CA LEU XA 42 89.22 19.72 -85.47
C LEU XA 42 89.43 18.70 -84.35
N SER XA 43 90.29 17.71 -84.60
CA SER XA 43 90.59 16.71 -83.57
C SER XA 43 91.36 17.33 -82.42
N ALA XA 44 92.27 18.25 -82.71
CA ALA XA 44 93.09 18.90 -81.68
C ALA XA 44 93.33 20.36 -82.06
N PRO XA 45 92.36 21.22 -81.82
CA PRO XA 45 92.43 22.60 -82.31
C PRO XA 45 93.16 23.54 -81.35
N GLY XA 46 93.47 24.72 -81.85
CA GLY XA 46 93.89 25.86 -81.04
C GLY XA 46 92.79 26.92 -81.09
N LEU XA 47 92.46 27.46 -79.92
CA LEU XA 47 91.28 28.31 -79.80
C LEU XA 47 91.57 29.52 -78.94
N ILE XA 48 90.90 30.63 -79.25
CA ILE XA 48 90.93 31.82 -78.39
C ILE XA 48 89.51 32.33 -78.24
N ASN XA 49 89.16 32.75 -77.02
CA ASN XA 49 87.80 33.16 -76.69
C ASN XA 49 87.84 34.38 -75.78
N ALA XA 50 87.01 35.38 -76.06
CA ALA XA 50 86.99 36.58 -75.24
C ALA XA 50 85.56 37.02 -74.98
N LYS XA 51 85.29 37.52 -73.78
CA LYS XA 51 83.95 37.88 -73.36
C LYS XA 51 84.00 39.10 -72.45
N PHE XA 52 82.99 39.95 -72.54
CA PHE XA 52 82.83 41.08 -71.64
C PHE XA 52 81.60 40.89 -70.75
N ASP XA 53 81.79 41.03 -69.44
CA ASP XA 53 80.70 41.18 -68.48
C ASP XA 53 80.65 42.66 -68.15
N ILE XA 54 79.67 43.36 -68.71
CA ILE XA 54 79.58 44.81 -68.65
C ILE XA 54 78.44 45.18 -67.71
N LYS XA 55 78.77 45.90 -66.63
CA LYS XA 55 77.75 46.27 -65.68
C LYS XA 55 77.06 47.55 -66.15
N ALA XA 56 75.92 47.85 -65.52
CA ALA XA 56 75.07 48.95 -65.93
C ALA XA 56 75.81 50.28 -65.83
N PRO XA 57 75.35 51.31 -66.54
CA PRO XA 57 76.01 52.61 -66.45
C PRO XA 57 75.99 53.13 -65.02
N GLY XA 58 77.05 53.83 -64.65
CA GLY XA 58 77.26 54.34 -63.31
C GLY XA 58 78.71 54.17 -62.93
N ILE XA 59 79.02 54.49 -61.68
CA ILE XA 59 80.38 54.32 -61.19
C ILE XA 59 80.48 53.25 -60.11
N THR XA 60 79.43 52.45 -59.94
CA THR XA 60 79.36 51.54 -58.80
C THR XA 60 80.08 50.22 -59.05
N GLY XA 61 79.99 49.67 -60.26
CA GLY XA 61 80.30 48.28 -60.48
C GLY XA 61 81.77 47.99 -60.76
N ASN XA 62 81.99 46.76 -61.24
CA ASN XA 62 83.26 46.24 -61.73
C ASN XA 62 83.01 45.53 -63.05
N ASP XA 63 83.50 46.10 -64.15
CA ASP XA 63 83.46 45.43 -65.45
C ASP XA 63 84.47 44.30 -65.48
N ARG XA 64 84.21 43.28 -66.32
CA ARG XA 64 85.11 42.13 -66.38
C ARG XA 64 85.36 41.71 -67.83
N ILE XA 65 86.59 41.28 -68.08
CA ILE XA 65 87.04 40.73 -69.36
C ILE XA 65 87.48 39.30 -69.09
N HIS XA 66 87.02 38.37 -69.92
CA HIS XA 66 87.40 36.96 -69.82
C HIS XA 66 88.06 36.54 -71.13
N ALA XA 67 89.33 36.16 -71.07
CA ALA XA 67 90.02 35.63 -72.22
C ALA XA 67 90.45 34.20 -71.94
N ASN XA 68 90.56 33.41 -72.99
CA ASN XA 68 90.90 31.99 -72.83
C ASN XA 68 91.62 31.53 -74.08
N LEU XA 69 92.87 31.09 -73.92
CA LEU XA 69 93.69 30.60 -75.01
C LEU XA 69 93.97 29.12 -74.76
N ARG XA 70 93.47 28.26 -75.63
CA ARG XA 70 93.54 26.83 -75.44
C ARG XA 70 94.24 26.15 -76.61
N LYS XA 71 94.87 25.02 -76.31
CA LYS XA 71 95.38 24.10 -77.33
C LYS XA 71 95.11 22.67 -76.89
N VAL XA 72 94.52 21.89 -77.77
CA VAL XA 72 94.23 20.49 -77.50
C VAL XA 72 95.35 19.63 -78.06
N VAL XA 73 95.69 18.55 -77.35
CA VAL XA 73 96.72 17.63 -77.78
C VAL XA 73 96.19 16.22 -77.61
N LEU XA 74 96.66 15.31 -78.47
CA LEU XA 74 96.24 13.92 -78.46
C LEU XA 74 97.38 13.04 -77.97
N ASP XA 75 97.03 12.05 -77.14
CA ASP XA 75 98.02 11.10 -76.62
C ASP XA 75 98.60 10.27 -77.75
N GLU XA 76 99.93 10.11 -77.76
CA GLU XA 76 100.58 9.30 -78.79
C GLU XA 76 100.13 7.84 -78.71
N LYS XA 77 99.70 7.39 -77.54
CA LYS XA 77 99.35 5.99 -77.37
C LYS XA 77 97.88 5.74 -77.64
N THR XA 78 97.00 6.68 -77.27
CA THR XA 78 95.57 6.46 -77.30
C THR XA 78 94.77 7.48 -78.09
N ASN XA 79 95.41 8.52 -78.64
CA ASN XA 79 94.70 9.65 -79.26
C ASN XA 79 93.66 10.26 -78.34
N LEU XA 80 93.87 10.15 -77.03
CA LEU XA 80 92.90 10.79 -76.16
C LEU XA 80 93.25 12.26 -75.96
N PRO XA 81 92.25 13.13 -76.03
CA PRO XA 81 92.52 14.58 -75.98
C PRO XA 81 92.67 15.05 -74.54
N SER XA 82 93.66 15.88 -74.32
CA SER XA 82 93.71 16.73 -73.14
C SER XA 82 94.10 18.13 -73.59
N THR XA 83 93.64 19.13 -72.85
CA THR XA 83 93.80 20.51 -73.28
C THR XA 83 94.69 21.28 -72.32
N GLY XA 84 95.53 22.15 -72.86
CA GLY XA 84 96.28 23.11 -72.09
C GLY XA 84 95.67 24.48 -72.33
N SER XA 85 95.68 25.32 -71.29
CA SER XA 85 94.98 26.59 -71.43
C SER XA 85 95.59 27.66 -70.54
N VAL XA 86 95.54 28.89 -71.04
CA VAL XA 86 95.82 30.09 -70.26
C VAL XA 86 94.57 30.95 -70.29
N THR XA 87 93.95 31.12 -69.12
CA THR XA 87 92.76 31.95 -68.99
C THR XA 87 93.12 33.22 -68.22
N ILE XA 88 92.44 34.31 -68.58
CA ILE XA 88 92.71 35.63 -68.04
C ILE XA 88 91.40 36.28 -67.66
N GLN XA 89 91.37 36.92 -66.50
CA GLN XA 89 90.21 37.69 -66.07
C GLN XA 89 90.67 39.07 -65.61
N VAL XA 90 90.20 40.09 -66.29
CA VAL XA 90 90.48 41.49 -65.95
C VAL XA 90 89.24 42.06 -65.29
N SER XA 91 89.42 42.69 -64.14
CA SER XA 91 88.33 43.35 -63.42
C SER XA 91 88.68 44.81 -63.26
N ILE XA 92 87.89 45.67 -63.90
CA ILE XA 92 88.08 47.11 -64.02
C ILE XA 92 86.98 47.80 -63.20
N PRO XA 93 87.33 48.47 -62.10
CA PRO XA 93 86.33 49.23 -61.36
C PRO XA 93 85.89 50.48 -62.10
N ARG XA 94 84.68 50.92 -61.77
CA ARG XA 94 84.08 52.10 -62.40
C ARG XA 94 84.22 53.36 -61.54
N ASN XA 95 84.60 53.22 -60.27
CA ASN XA 95 84.95 54.37 -59.45
C ASN XA 95 85.97 55.23 -60.19
N PRO XA 96 85.66 56.52 -60.41
CA PRO XA 96 86.55 57.38 -61.22
C PRO XA 96 87.96 57.49 -60.68
N ALA XA 97 88.22 56.93 -59.51
CA ALA XA 97 89.57 56.84 -58.98
C ALA XA 97 90.41 55.78 -59.67
N TRP XA 98 89.87 55.11 -60.70
CA TRP XA 98 90.59 54.14 -61.51
C TRP XA 98 90.77 54.69 -62.92
N ASN XA 99 91.80 54.18 -63.61
CA ASN XA 99 92.13 54.65 -64.96
C ASN XA 99 92.33 53.49 -65.91
N ALA XA 100 92.02 53.75 -67.18
CA ALA XA 100 92.49 52.88 -68.24
C ALA XA 100 94.00 52.70 -68.15
N SER XA 101 94.72 53.74 -67.71
CA SER XA 101 96.17 53.61 -67.53
C SER XA 101 96.50 52.56 -66.49
N MET XA 102 95.69 52.48 -65.42
CA MET XA 102 95.93 51.48 -64.40
C MET XA 102 95.61 50.08 -64.90
N THR XA 103 94.53 49.94 -65.69
CA THR XA 103 94.25 48.67 -66.35
C THR XA 103 95.43 48.22 -67.20
N VAL XA 104 95.92 49.12 -68.07
CA VAL XA 104 97.03 48.78 -68.95
C VAL XA 104 98.27 48.44 -68.15
N SER XA 105 98.49 49.15 -67.03
CA SER XA 105 99.67 48.87 -66.22
C SER XA 105 99.62 47.47 -65.63
N LEU XA 106 98.45 47.06 -65.14
CA LEU XA 106 98.33 45.69 -64.65
C LEU XA 106 98.54 44.68 -65.77
N LEU XA 107 98.01 44.95 -66.96
CA LEU XA 107 98.22 44.03 -68.08
C LEU XA 107 99.70 43.88 -68.40
N LYS XA 108 100.41 45.01 -68.48
CA LYS XA 108 101.84 44.98 -68.81
C LYS XA 108 102.63 44.26 -67.73
N GLN XA 109 102.28 44.47 -66.46
CA GLN XA 109 103.00 43.81 -65.37
C GLN XA 109 102.78 42.31 -65.40
N ALA XA 110 101.52 41.88 -65.62
CA ALA XA 110 101.25 40.46 -65.73
C ALA XA 110 102.02 39.86 -66.91
N ALA XA 111 102.08 40.57 -68.03
CA ALA XA 111 102.84 40.09 -69.18
C ALA XA 111 104.32 39.92 -68.84
N ASP XA 112 104.91 40.94 -68.21
CA ASP XA 112 106.30 40.84 -67.79
C ASP XA 112 106.52 39.66 -66.84
N TYR XA 113 105.62 39.47 -65.88
CA TYR XA 113 105.90 38.52 -64.80
C TYR XA 113 105.59 37.08 -65.17
N LEU XA 114 104.64 36.84 -66.08
CA LEU XA 114 104.32 35.47 -66.45
C LEU XA 114 104.77 35.07 -67.85
N ALA XA 115 105.00 36.03 -68.74
CA ALA XA 115 105.50 35.75 -70.07
C ALA XA 115 106.88 36.34 -70.35
N GLY XA 116 107.34 37.29 -69.54
CA GLY XA 116 108.63 37.91 -69.75
C GLY XA 116 108.74 38.63 -71.07
N THR XA 117 107.77 39.51 -71.37
CA THR XA 117 107.70 40.18 -72.66
C THR XA 117 107.66 41.71 -72.57
N SER XA 118 107.81 42.27 -71.36
CA SER XA 118 107.72 43.71 -71.19
C SER XA 118 108.75 44.47 -72.04
N ALA XA 119 108.49 45.76 -72.23
CA ALA XA 119 109.42 46.66 -72.89
C ALA XA 119 110.64 46.90 -72.01
N THR XA 120 111.64 47.55 -72.58
CA THR XA 120 112.92 47.74 -71.90
C THR XA 120 112.92 49.04 -71.10
N VAL XA 121 113.24 48.92 -69.81
CA VAL XA 121 113.38 50.06 -68.90
C VAL XA 121 114.63 49.82 -68.08
N SER XA 122 115.20 50.90 -67.53
CA SER XA 122 116.52 50.85 -66.94
C SER XA 122 116.65 49.73 -65.92
N GLY XA 123 115.95 49.84 -64.80
CA GLY XA 123 116.24 48.94 -63.70
C GLY XA 123 115.39 47.68 -63.67
N GLN XA 124 114.89 47.25 -64.82
CA GLN XA 124 113.88 46.19 -64.82
C GLN XA 124 114.55 44.88 -64.47
N THR XA 125 113.80 43.98 -63.82
CA THR XA 125 114.38 42.67 -63.58
C THR XA 125 114.25 41.81 -64.83
N ASP XA 126 115.22 40.92 -64.99
CA ASP XA 126 115.28 40.05 -66.16
C ASP XA 126 114.22 38.96 -66.02
N THR XA 127 113.20 39.04 -66.85
CA THR XA 127 112.06 38.13 -66.78
C THR XA 127 112.02 37.18 -67.96
N SER XA 128 113.09 37.11 -68.75
CA SER XA 128 113.07 36.27 -69.95
C SER XA 128 112.90 34.80 -69.60
N GLY XA 129 113.47 34.35 -68.49
CA GLY XA 129 113.38 32.95 -68.10
C GLY XA 129 112.17 32.59 -67.28
N PHE XA 130 111.39 33.60 -66.90
CA PHE XA 130 110.22 33.34 -66.07
C PHE XA 130 109.21 32.42 -66.71
N PRO XA 131 108.85 32.55 -68.01
CA PRO XA 131 107.90 31.58 -68.57
C PRO XA 131 108.40 30.15 -68.49
N ALA XA 132 109.70 29.94 -68.71
CA ALA XA 132 110.27 28.60 -68.54
C ALA XA 132 110.10 28.12 -67.10
N LYS XA 133 110.43 28.97 -66.13
CA LYS XA 133 110.31 28.56 -64.74
C LYS XA 133 108.86 28.25 -64.37
N TRP XA 134 107.91 29.03 -64.89
CA TRP XA 134 106.51 28.75 -64.63
C TRP XA 134 106.11 27.40 -65.23
N ALA XA 135 106.47 27.18 -66.50
CA ALA XA 135 106.14 25.92 -67.17
C ALA XA 135 106.76 24.72 -66.47
N GLY XA 136 107.81 24.95 -65.68
CA GLY XA 136 108.34 23.91 -64.82
C GLY XA 136 107.68 23.83 -63.45
N LEU XA 137 106.63 24.61 -63.22
CA LEU XA 137 105.97 24.71 -61.91
C LEU XA 137 106.96 25.08 -60.81
N MET XA 138 107.70 26.17 -61.04
CA MET XA 138 108.54 26.75 -60.00
C MET XA 138 108.45 28.26 -60.08
N PHE XA 139 108.53 28.89 -58.91
CA PHE XA 139 108.40 30.33 -58.84
C PHE XA 139 109.64 31.02 -59.39
N PRO XA 140 109.48 32.15 -60.09
CA PRO XA 140 110.59 33.00 -60.51
C PRO XA 140 111.37 33.50 -59.30
N ALA YA 1 76.56 41.94 -89.41
CA ALA YA 1 76.43 43.39 -89.42
C ALA YA 1 77.79 44.06 -89.61
N ALA YA 2 77.76 45.37 -89.88
CA ALA YA 2 78.99 46.13 -90.08
C ALA YA 2 79.81 46.15 -88.80
N PRO YA 3 81.12 45.91 -88.89
CA PRO YA 3 81.93 45.86 -87.66
C PRO YA 3 82.17 47.22 -87.05
N SER YA 4 82.01 48.30 -87.80
CA SER YA 4 82.25 49.63 -87.28
C SER YA 4 81.48 50.64 -88.13
N LEU YA 5 81.16 51.78 -87.50
CA LEU YA 5 80.33 52.81 -88.09
C LEU YA 5 80.91 54.19 -87.78
N ALA YA 6 80.82 55.08 -88.75
CA ALA YA 6 81.18 56.49 -88.55
C ALA YA 6 79.93 57.30 -88.87
N LEU YA 7 79.10 57.54 -87.85
CA LEU YA 7 77.85 58.25 -88.05
C LEU YA 7 78.09 59.75 -87.88
N VAL YA 8 77.20 60.56 -88.45
CA VAL YA 8 77.30 62.01 -88.34
C VAL YA 8 76.38 62.51 -87.25
N GLY YA 9 76.94 63.22 -86.28
CA GLY YA 9 76.19 63.91 -85.25
C GLY YA 9 76.62 65.37 -85.19
N ALA YA 10 76.45 65.96 -84.02
CA ALA YA 10 76.73 67.37 -83.80
C ALA YA 10 77.56 67.56 -82.55
N ASN YA 11 78.55 68.44 -82.63
CA ASN YA 11 79.34 68.81 -81.46
C ASN YA 11 78.60 69.90 -80.69
N SER YA 12 79.30 70.54 -79.74
CA SER YA 12 78.68 71.58 -78.94
C SER YA 12 78.28 72.78 -79.79
N THR YA 13 78.95 72.99 -80.92
CA THR YA 13 78.63 74.07 -81.85
C THR YA 13 77.47 73.73 -82.77
N LEU YA 14 76.99 72.48 -82.73
CA LEU YA 14 76.06 71.89 -83.69
C LEU YA 14 76.68 71.68 -85.07
N ALA YA 15 78.00 71.79 -85.19
CA ALA YA 15 78.67 71.47 -86.43
C ALA YA 15 78.70 69.96 -86.66
N SER YA 16 78.61 69.55 -87.92
CA SER YA 16 78.58 68.14 -88.25
C SER YA 16 79.89 67.48 -87.88
N THR YA 17 79.84 66.51 -86.98
CA THR YA 17 81.02 65.83 -86.44
C THR YA 17 80.83 64.32 -86.51
N LEU YA 18 81.90 63.59 -86.79
CA LEU YA 18 81.79 62.14 -86.77
C LEU YA 18 81.74 61.60 -85.34
N VAL YA 19 80.90 60.60 -85.15
CA VAL YA 19 80.82 59.81 -83.92
C VAL YA 19 80.97 58.35 -84.30
N ASN YA 20 81.94 57.69 -83.66
CA ASN YA 20 82.45 56.40 -84.11
C ASN YA 20 81.97 55.29 -83.18
N TYR YA 21 81.43 54.24 -83.78
CA TYR YA 21 80.95 53.08 -83.04
C TYR YA 21 81.64 51.83 -83.57
N SER YA 22 81.87 50.86 -82.67
CA SER YA 22 82.33 49.54 -83.07
C SER YA 22 81.34 48.49 -82.58
N LEU YA 23 81.26 47.40 -83.34
CA LEU YA 23 80.32 46.31 -83.07
C LEU YA 23 80.82 45.51 -81.89
N ARG YA 24 80.17 45.69 -80.74
CA ARG YA 24 80.53 44.95 -79.54
C ARG YA 24 79.82 43.60 -79.46
N SER YA 25 78.52 43.53 -79.75
CA SER YA 25 77.87 42.21 -79.71
C SER YA 25 76.80 42.10 -80.78
N GLN YA 26 76.49 40.86 -81.11
CA GLN YA 26 75.38 40.54 -82.01
C GLN YA 26 74.86 39.17 -81.60
N ASN YA 27 73.57 39.11 -81.29
CA ASN YA 27 72.97 37.91 -80.72
C ASN YA 27 71.48 37.94 -80.96
N GLY YA 28 70.95 36.85 -81.51
CA GLY YA 28 69.53 36.64 -81.63
C GLY YA 28 68.80 37.80 -82.29
N ASN YA 29 69.14 38.04 -83.55
CA ASN YA 29 68.62 39.18 -84.31
C ASN YA 29 68.69 40.46 -83.49
N ASN YA 30 69.82 40.65 -82.83
CA ASN YA 30 70.03 41.83 -82.02
C ASN YA 30 71.46 42.27 -82.24
N VAL YA 31 71.68 43.58 -82.32
CA VAL YA 31 72.99 44.15 -82.67
C VAL YA 31 73.29 45.32 -81.75
N ASP YA 32 74.45 45.31 -81.10
CA ASP YA 32 74.83 46.29 -80.10
C ASP YA 32 76.20 46.88 -80.41
N TYR YA 33 76.25 48.20 -80.60
CA TYR YA 33 77.45 48.97 -80.87
C TYR YA 33 77.80 49.85 -79.67
N VAL YA 34 79.09 50.11 -79.51
CA VAL YA 34 79.56 51.03 -78.47
C VAL YA 34 80.40 52.12 -79.11
N CYS YA 35 80.35 53.32 -78.52
CA CYS YA 35 81.05 54.47 -79.06
C CYS YA 35 82.53 54.42 -78.66
N THR YA 36 83.40 54.59 -79.64
CA THR YA 36 84.85 54.48 -79.46
C THR YA 36 85.52 55.80 -79.16
N ASP YA 37 84.77 56.89 -79.14
CA ASP YA 37 85.34 58.22 -78.98
C ASP YA 37 85.70 58.47 -77.52
N PRO YA 38 86.44 59.53 -77.23
CA PRO YA 38 86.76 59.83 -75.83
C PRO YA 38 85.56 60.23 -74.99
N ASP YA 39 84.51 60.78 -75.60
CA ASP YA 39 83.36 61.22 -74.81
C ASP YA 39 82.54 60.07 -74.24
N SER YA 40 82.73 58.84 -74.72
CA SER YA 40 82.09 57.68 -74.13
C SER YA 40 83.11 56.97 -73.25
N THR YA 41 82.84 56.91 -71.96
CA THR YA 41 83.65 56.20 -70.99
C THR YA 41 82.91 54.94 -70.57
N LEU YA 42 83.59 54.11 -69.78
CA LEU YA 42 82.94 52.93 -69.23
C LEU YA 42 81.77 53.33 -68.35
N SER YA 43 81.93 54.39 -67.57
CA SER YA 43 80.90 54.74 -66.61
C SER YA 43 79.74 55.43 -67.30
N ALA YA 44 80.02 56.19 -68.35
CA ALA YA 44 79.01 56.96 -69.09
C ALA YA 44 79.24 56.75 -70.58
N PRO YA 45 78.73 55.66 -71.14
CA PRO YA 45 79.06 55.31 -72.53
C PRO YA 45 78.04 55.87 -73.52
N GLY YA 46 78.41 55.75 -74.80
CA GLY YA 46 77.48 55.94 -75.90
C GLY YA 46 77.20 54.60 -76.55
N LEU YA 47 75.92 54.32 -76.80
CA LEU YA 47 75.52 52.96 -77.15
C LEU YA 47 74.48 52.97 -78.25
N ILE YA 48 74.47 51.90 -79.04
CA ILE YA 48 73.43 51.70 -80.06
C ILE YA 48 72.93 50.28 -79.97
N ASN YA 49 71.62 50.11 -80.16
CA ASN YA 49 70.92 48.83 -80.08
C ASN YA 49 69.97 48.71 -81.26
N ALA YA 50 69.85 47.50 -81.82
CA ALA YA 50 68.92 47.28 -82.94
C ALA YA 50 68.41 45.85 -82.94
N LYS YA 51 67.08 45.69 -82.92
CA LYS YA 51 66.38 44.41 -82.81
C LYS YA 51 65.44 44.22 -83.99
N PHE YA 52 65.20 42.94 -84.32
CA PHE YA 52 64.23 42.53 -85.33
C PHE YA 52 63.20 41.61 -84.71
N ASP YA 53 61.95 42.04 -84.67
CA ASP YA 53 60.82 41.15 -84.41
C ASP YA 53 60.31 40.69 -85.76
N ILE YA 54 60.73 39.49 -86.18
CA ILE YA 54 60.35 38.94 -87.47
C ILE YA 54 59.22 37.93 -87.24
N LYS YA 55 58.05 38.24 -87.79
CA LYS YA 55 56.90 37.37 -87.67
C LYS YA 55 57.07 36.16 -88.57
N ALA YA 56 56.37 35.08 -88.22
CA ALA YA 56 56.29 33.86 -89.03
C ALA YA 56 55.84 34.20 -90.44
N PRO YA 57 56.21 33.39 -91.44
CA PRO YA 57 55.77 33.68 -92.81
C PRO YA 57 54.26 33.78 -92.89
N GLY YA 58 53.80 34.64 -93.77
CA GLY YA 58 52.39 34.88 -93.89
C GLY YA 58 52.13 36.25 -94.46
N ILE YA 59 50.88 36.45 -94.88
CA ILE YA 59 50.47 37.72 -95.47
C ILE YA 59 49.90 38.66 -94.41
N THR YA 60 49.71 38.19 -93.19
CA THR YA 60 49.12 38.96 -92.11
C THR YA 60 50.18 39.32 -91.08
N GLY YA 61 49.97 40.44 -90.40
CA GLY YA 61 50.84 40.88 -89.34
C GLY YA 61 51.78 41.99 -89.78
N ASN YA 62 52.53 42.51 -88.80
CA ASN YA 62 53.56 43.50 -89.01
C ASN YA 62 54.90 42.96 -88.53
N ASP YA 63 55.95 43.16 -89.33
CA ASP YA 63 57.33 43.00 -88.88
C ASP YA 63 57.77 44.27 -88.17
N ARG YA 64 58.70 44.14 -87.23
CA ARG YA 64 59.10 45.32 -86.47
C ARG YA 64 60.61 45.44 -86.33
N ILE YA 65 61.09 46.68 -86.41
CA ILE YA 65 62.49 47.04 -86.21
C ILE YA 65 62.54 47.96 -85.00
N HIS YA 66 63.45 47.69 -84.07
CA HIS YA 66 63.67 48.55 -82.91
C HIS YA 66 65.10 49.06 -82.93
N ALA YA 67 65.28 50.33 -82.61
CA ALA YA 67 66.61 50.91 -82.59
C ALA YA 67 66.70 51.93 -81.48
N ASN YA 68 67.84 51.97 -80.80
CA ASN YA 68 68.04 52.87 -79.68
C ASN YA 68 69.44 53.47 -79.76
N LEU YA 69 69.51 54.79 -79.72
CA LEU YA 69 70.79 55.50 -79.69
C LEU YA 69 70.86 56.29 -78.38
N ARG YA 70 71.82 55.93 -77.53
CA ARG YA 70 71.89 56.39 -76.16
C ARG YA 70 73.22 57.10 -75.91
N LYS YA 71 73.17 58.12 -75.05
CA LYS YA 71 74.36 58.68 -74.43
C LYS YA 71 74.09 58.84 -72.94
N VAL YA 72 74.96 58.24 -72.12
CA VAL YA 72 74.85 58.34 -70.67
C VAL YA 72 75.68 59.52 -70.20
N VAL YA 73 75.18 60.22 -69.19
CA VAL YA 73 75.89 61.33 -68.59
C VAL YA 73 75.80 61.21 -67.08
N LEU YA 74 76.89 61.55 -66.39
CA LEU YA 74 76.98 61.46 -64.95
C LEU YA 74 76.71 62.83 -64.31
N ASP YA 75 76.01 62.82 -63.18
CA ASP YA 75 75.78 64.05 -62.43
C ASP YA 75 77.09 64.59 -61.88
N GLU YA 76 77.22 65.92 -61.92
CA GLU YA 76 78.46 66.54 -61.47
C GLU YA 76 78.75 66.23 -60.01
N LYS YA 77 77.72 66.29 -59.16
CA LYS YA 77 77.91 66.09 -57.73
C LYS YA 77 77.72 64.62 -57.35
N THR YA 78 76.55 64.06 -57.66
CA THR YA 78 76.20 62.73 -57.18
C THR YA 78 76.83 61.61 -58.01
N ASN YA 79 77.32 61.89 -59.21
CA ASN YA 79 77.84 60.90 -60.14
C ASN YA 79 76.82 59.82 -60.50
N LEU YA 80 75.53 60.08 -60.22
CA LEU YA 80 74.47 59.19 -60.66
C LEU YA 80 74.28 59.35 -62.15
N PRO YA 81 74.10 58.26 -62.88
CA PRO YA 81 73.95 58.36 -64.33
C PRO YA 81 72.51 58.59 -64.73
N SER YA 82 72.29 59.54 -65.63
CA SER YA 82 71.03 59.59 -66.36
C SER YA 82 71.36 59.58 -67.85
N THR YA 83 70.45 59.01 -68.63
CA THR YA 83 70.74 58.73 -70.03
C THR YA 83 69.73 59.41 -70.95
N GLY YA 84 70.25 59.97 -72.05
CA GLY YA 84 69.44 60.60 -73.08
C GLY YA 84 69.43 59.71 -74.31
N SER YA 85 68.27 59.62 -74.97
CA SER YA 85 68.14 58.58 -75.98
C SER YA 85 67.13 58.94 -77.06
N VAL YA 86 67.47 58.60 -78.30
CA VAL YA 86 66.54 58.62 -79.42
C VAL YA 86 66.27 57.18 -79.82
N THR YA 87 65.01 56.77 -79.74
CA THR YA 87 64.63 55.40 -80.07
C THR YA 87 63.57 55.38 -81.17
N ILE YA 88 63.69 54.40 -82.07
CA ILE YA 88 62.89 54.31 -83.28
C ILE YA 88 62.24 52.93 -83.34
N GLN YA 89 60.96 52.89 -83.68
CA GLN YA 89 60.25 51.67 -84.01
C GLN YA 89 59.69 51.77 -85.41
N VAL YA 90 60.07 50.83 -86.27
CA VAL YA 90 59.55 50.73 -87.63
C VAL YA 90 58.62 49.53 -87.69
N SER YA 91 57.39 49.74 -88.16
CA SER YA 91 56.39 48.67 -88.28
C SER YA 91 56.02 48.54 -89.74
N ILE YA 92 56.39 47.42 -90.34
CA ILE YA 92 56.26 47.12 -91.76
C ILE YA 92 55.17 46.06 -91.93
N PRO YA 93 54.03 46.39 -92.50
CA PRO YA 93 52.99 45.37 -92.74
C PRO YA 93 53.41 44.36 -93.81
N ARG YA 94 52.66 43.27 -93.85
CA ARG YA 94 52.94 42.19 -94.79
C ARG YA 94 51.94 42.07 -95.92
N ASN YA 95 50.85 42.84 -95.89
CA ASN YA 95 49.96 42.91 -97.03
C ASN YA 95 50.75 43.36 -98.26
N PRO YA 96 50.68 42.62 -99.38
CA PRO YA 96 51.48 42.99 -100.57
C PRO YA 96 51.22 44.39 -101.06
N ALA YA 97 50.19 45.04 -100.53
CA ALA YA 97 49.91 46.43 -100.84
C ALA YA 97 50.85 47.40 -100.13
N TRP YA 98 51.86 46.89 -99.42
CA TRP YA 98 52.92 47.69 -98.83
C TRP YA 98 54.22 47.46 -99.58
N ASN YA 99 55.11 48.45 -99.57
CA ASN YA 99 56.37 48.37 -100.28
C ASN YA 99 57.54 48.77 -99.40
N ALA YA 100 58.68 48.17 -99.67
CA ALA YA 100 59.93 48.70 -99.13
C ALA YA 100 60.08 50.17 -99.48
N SER YA 101 59.57 50.59 -100.65
CA SER YA 101 59.62 52.00 -101.01
C SER YA 101 58.84 52.84 -100.01
N MET YA 102 57.71 52.32 -99.53
CA MET YA 102 56.91 53.05 -98.55
C MET YA 102 57.63 53.09 -97.20
N THR YA 103 58.26 51.99 -96.82
CA THR YA 103 59.09 51.98 -95.61
C THR YA 103 60.17 53.06 -95.69
N VAL YA 104 60.92 53.07 -96.79
CA VAL YA 104 61.99 54.03 -96.96
C VAL YA 104 61.44 55.45 -96.99
N SER YA 105 60.28 55.65 -97.60
CA SER YA 105 59.70 56.98 -97.64
C SER YA 105 59.38 57.48 -96.24
N LEU YA 106 58.81 56.62 -95.40
CA LEU YA 106 58.55 57.04 -94.02
C LEU YA 106 59.85 57.33 -93.28
N LEU YA 107 60.89 56.51 -93.49
CA LEU YA 107 62.17 56.77 -92.84
C LEU YA 107 62.73 58.13 -93.25
N LYS YA 108 62.71 58.42 -94.55
CA LYS YA 108 63.25 59.68 -95.04
C LYS YA 108 62.45 60.87 -94.52
N GLN YA 109 61.13 60.73 -94.45
CA GLN YA 109 60.30 61.82 -93.95
C GLN YA 109 60.55 62.06 -92.47
N ALA YA 110 60.69 61.00 -91.68
CA ALA YA 110 61.03 61.16 -90.27
C ALA YA 110 62.38 61.84 -90.12
N ALA YA 111 63.36 61.43 -90.93
CA ALA YA 111 64.66 62.09 -90.89
C ALA YA 111 64.54 63.59 -91.21
N ASP YA 112 63.73 63.93 -92.21
CA ASP YA 112 63.55 65.34 -92.55
C ASP YA 112 62.89 66.10 -91.41
N TYR YA 113 61.86 65.51 -90.81
CA TYR YA 113 61.02 66.28 -89.88
C TYR YA 113 61.61 66.36 -88.48
N LEU YA 114 62.31 65.33 -88.03
CA LEU YA 114 62.88 65.37 -86.69
C LEU YA 114 64.38 65.65 -86.66
N ALA YA 115 65.09 65.39 -87.75
CA ALA YA 115 66.52 65.67 -87.80
C ALA YA 115 66.90 66.74 -88.80
N GLY YA 116 66.05 67.04 -89.78
CA GLY YA 116 66.36 68.04 -90.77
C GLY YA 116 67.52 67.66 -91.66
N THR YA 117 67.49 66.45 -92.24
CA THR YA 117 68.61 65.95 -93.02
C THR YA 117 68.22 65.45 -94.41
N SER YA 118 66.98 65.66 -94.84
CA SER YA 118 66.53 65.20 -96.15
C SER YA 118 67.42 65.73 -97.27
N ALA YA 119 67.39 65.01 -98.40
CA ALA YA 119 68.05 65.45 -99.63
C ALA YA 119 67.36 66.70 -100.18
N THR YA 120 68.03 67.37 -101.10
CA THR YA 120 67.51 68.62 -101.63
C THR YA 120 66.52 68.36 -102.77
N VAL YA 121 65.33 68.96 -102.64
CA VAL YA 121 64.26 68.89 -103.64
C VAL YA 121 63.62 70.27 -103.70
N SER YA 122 63.29 70.72 -104.92
CA SER YA 122 62.65 72.00 -105.11
C SER YA 122 61.33 72.04 -104.35
N GLY YA 123 61.15 73.09 -103.55
CA GLY YA 123 59.92 73.27 -102.80
C GLY YA 123 59.88 72.59 -101.45
N GLN YA 124 60.99 72.05 -100.97
CA GLN YA 124 60.95 71.35 -99.69
C GLN YA 124 60.94 72.39 -98.58
N THR YA 125 60.32 72.07 -97.45
CA THR YA 125 60.38 73.02 -96.35
C THR YA 125 61.74 72.93 -95.69
N ASP YA 126 62.24 74.09 -95.25
CA ASP YA 126 63.53 74.17 -94.60
C ASP YA 126 63.43 73.60 -93.20
N THR YA 127 64.03 72.43 -93.01
CA THR YA 127 63.96 71.71 -91.75
C THR YA 127 65.26 71.80 -90.96
N SER YA 128 66.17 72.68 -91.38
CA SER YA 128 67.49 72.74 -90.75
C SER YA 128 67.39 73.06 -89.26
N GLY YA 129 66.49 73.97 -88.88
CA GLY YA 129 66.34 74.35 -87.49
C GLY YA 129 65.42 73.49 -86.68
N PHE YA 130 64.76 72.53 -87.34
CA PHE YA 130 63.83 71.67 -86.63
C PHE YA 130 64.47 70.85 -85.51
N PRO YA 131 65.65 70.23 -85.68
CA PRO YA 131 66.23 69.51 -84.55
C PRO YA 131 66.49 70.41 -83.35
N ALA YA 132 66.93 71.65 -83.59
CA ALA YA 132 67.08 72.60 -82.50
C ALA YA 132 65.74 72.85 -81.80
N LYS YA 133 64.70 73.13 -82.59
CA LYS YA 133 63.38 73.38 -81.99
C LYS YA 133 62.89 72.18 -81.20
N TRP YA 134 63.13 70.96 -81.71
CA TRP YA 134 62.73 69.77 -80.97
C TRP YA 134 63.49 69.67 -79.65
N ALA YA 135 64.80 69.84 -79.69
CA ALA YA 135 65.61 69.77 -78.48
C ALA YA 135 65.16 70.82 -77.46
N GLY YA 136 64.57 71.92 -77.93
CA GLY YA 136 63.93 72.87 -77.04
C GLY YA 136 62.50 72.56 -76.65
N LEU YA 137 61.96 71.41 -77.07
CA LEU YA 137 60.56 71.06 -76.85
C LEU YA 137 59.62 72.11 -77.45
N MET YA 138 59.81 72.38 -78.74
CA MET YA 138 59.00 73.33 -79.48
C MET YA 138 58.60 72.70 -80.79
N PHE YA 139 57.31 72.72 -81.10
CA PHE YA 139 56.87 72.18 -82.37
C PHE YA 139 57.38 73.06 -83.51
N PRO YA 140 57.95 72.49 -84.57
CA PRO YA 140 58.44 73.21 -85.74
C PRO YA 140 57.32 73.98 -86.44
N ALA ZA 1 12.15 52.81 114.99
CA ALA ZA 1 13.34 53.55 114.60
C ALA ZA 1 13.35 54.96 115.18
N ALA ZA 2 14.56 55.48 115.44
CA ALA ZA 2 14.69 56.82 115.97
C ALA ZA 2 14.26 57.85 114.93
N PRO ZA 3 13.60 58.93 115.35
CA PRO ZA 3 13.13 59.92 114.37
C PRO ZA 3 14.24 60.77 113.79
N SER ZA 4 15.34 60.93 114.51
CA SER ZA 4 16.42 61.78 114.05
C SER ZA 4 17.70 61.39 114.77
N LEU ZA 5 18.83 61.75 114.17
CA LEU ZA 5 20.15 61.34 114.63
C LEU ZA 5 21.12 62.50 114.49
N ALA ZA 6 22.02 62.61 115.45
CA ALA ZA 6 23.14 63.54 115.37
C ALA ZA 6 24.40 62.70 115.52
N LEU ZA 7 24.97 62.28 114.38
CA LEU ZA 7 26.13 61.39 114.39
C LEU ZA 7 27.40 62.22 114.32
N VAL ZA 8 28.49 61.69 114.83
CA VAL ZA 8 29.76 62.40 114.79
C VAL ZA 8 30.53 61.97 113.55
N GLY ZA 9 30.98 62.95 112.77
CA GLY ZA 9 31.85 62.76 111.63
C GLY ZA 9 32.99 63.75 111.69
N ALA ZA 10 33.55 64.07 110.51
CA ALA ZA 10 34.70 64.95 110.42
C ALA ZA 10 34.51 65.99 109.33
N ASN ZA 11 34.98 67.20 109.59
CA ASN ZA 11 34.96 68.29 108.62
C ASN ZA 11 36.21 68.22 107.76
N SER ZA 12 36.48 69.28 107.01
CA SER ZA 12 37.67 69.31 106.16
C SER ZA 12 38.95 69.31 106.99
N THR ZA 13 38.90 69.83 108.23
CA THR ZA 13 40.02 69.81 109.16
C THR ZA 13 40.18 68.46 109.83
N LEU ZA 14 39.21 67.55 109.66
CA LEU ZA 14 39.09 66.29 110.39
C LEU ZA 14 38.78 66.48 111.86
N ALA ZA 15 38.30 67.67 112.24
CA ALA ZA 15 37.78 67.87 113.59
C ALA ZA 15 36.40 67.25 113.72
N SER ZA 16 36.09 66.77 114.91
CA SER ZA 16 34.81 66.10 115.15
C SER ZA 16 33.65 67.08 114.98
N THR ZA 17 32.75 66.77 114.06
CA THR ZA 17 31.64 67.64 113.70
C THR ZA 17 30.35 66.84 113.71
N LEU ZA 18 29.26 67.46 114.15
CA LEU ZA 18 27.98 66.77 114.05
C LEU ZA 18 27.48 66.75 112.61
N VAL ZA 19 26.78 65.66 112.28
CA VAL ZA 19 26.08 65.51 111.02
C VAL ZA 19 24.69 64.99 111.33
N ASN ZA 20 23.67 65.70 110.85
CA ASN ZA 20 22.30 65.53 111.31
C ASN ZA 20 21.52 64.77 110.25
N TYR ZA 21 20.92 63.65 110.67
CA TYR ZA 21 20.03 62.87 109.84
C TYR ZA 21 18.63 62.90 110.43
N SER ZA 22 17.63 62.76 109.58
CA SER ZA 22 16.25 62.63 110.01
C SER ZA 22 15.60 61.50 109.24
N LEU ZA 23 14.62 60.85 109.87
CA LEU ZA 23 14.01 59.65 109.32
C LEU ZA 23 13.17 60.01 108.10
N ARG ZA 24 13.62 59.58 106.92
CA ARG ZA 24 12.79 59.67 105.73
C ARG ZA 24 11.67 58.67 105.78
N SER ZA 25 11.99 57.38 105.88
CA SER ZA 25 10.90 56.40 105.85
C SER ZA 25 11.32 55.11 106.53
N GLN ZA 26 10.38 54.49 107.23
CA GLN ZA 26 10.56 53.13 107.74
C GLN ZA 26 9.66 52.20 106.95
N ASN ZA 27 10.28 51.28 106.23
CA ASN ZA 27 9.65 50.10 105.68
C ASN ZA 27 9.85 48.95 106.68
N GLY ZA 28 9.15 47.84 106.47
CA GLY ZA 28 9.27 46.74 107.39
C GLY ZA 28 10.68 46.17 107.47
N ASN ZA 29 11.32 46.31 108.63
CA ASN ZA 29 12.71 45.92 108.82
C ASN ZA 29 13.63 46.68 107.86
N ASN ZA 30 13.29 47.92 107.57
CA ASN ZA 30 14.12 48.74 106.69
C ASN ZA 30 13.94 50.20 107.07
N VAL ZA 31 15.03 50.95 107.12
CA VAL ZA 31 15.01 52.33 107.58
C VAL ZA 31 15.87 53.18 106.66
N ASP ZA 32 15.34 54.34 106.26
CA ASP ZA 32 16.03 55.30 105.41
C ASP ZA 32 16.05 56.66 106.09
N TYR ZA 33 17.26 57.17 106.34
CA TYR ZA 33 17.53 58.48 106.90
C TYR ZA 33 18.16 59.38 105.86
N VAL ZA 34 17.94 60.69 105.99
CA VAL ZA 34 18.47 61.70 105.08
C VAL ZA 34 19.17 62.78 105.89
N CYS ZA 35 20.26 63.31 105.36
CA CYS ZA 35 21.00 64.36 106.04
C CYS ZA 35 20.28 65.70 105.89
N THR ZA 36 20.10 66.40 107.01
CA THR ZA 36 19.37 67.65 107.08
C THR ZA 36 20.28 68.87 107.13
N ASP ZA 37 21.58 68.69 106.93
CA ASP ZA 37 22.50 69.80 106.92
C ASP ZA 37 22.45 70.51 105.58
N PRO ZA 38 23.04 71.70 105.47
CA PRO ZA 38 23.23 72.31 104.15
C PRO ZA 38 24.16 71.52 103.24
N ASP ZA 39 24.98 70.61 103.80
CA ASP ZA 39 25.88 69.79 102.99
C ASP ZA 39 25.13 68.94 101.98
N SER ZA 40 24.03 68.33 102.40
CA SER ZA 40 23.21 67.51 101.52
C SER ZA 40 22.07 68.33 100.96
N THR ZA 41 21.80 68.13 99.68
CA THR ZA 41 20.63 68.60 98.98
C THR ZA 41 19.98 67.41 98.31
N LEU ZA 42 18.76 67.61 97.79
CA LEU ZA 42 18.14 66.52 97.05
C LEU ZA 42 19.00 66.09 95.87
N SER ZA 43 19.70 67.03 95.24
CA SER ZA 43 20.52 66.71 94.08
C SER ZA 43 21.73 65.87 94.47
N ALA ZA 44 22.35 66.19 95.61
CA ALA ZA 44 23.54 65.46 96.09
C ALA ZA 44 23.37 65.19 97.58
N PRO ZA 45 22.63 64.15 97.94
CA PRO ZA 45 22.24 63.94 99.33
C PRO ZA 45 23.25 63.12 100.13
N GLY ZA 46 23.08 63.19 101.45
CA GLY ZA 46 23.70 62.26 102.37
C GLY ZA 46 22.62 61.34 102.91
N LEU ZA 47 22.90 60.05 102.91
CA LEU ZA 47 21.85 59.06 103.12
C LEU ZA 47 22.33 57.94 104.02
N ILE ZA 48 21.38 57.34 104.75
CA ILE ZA 48 21.65 56.15 105.54
C ILE ZA 48 20.53 55.15 105.29
N ASN ZA 49 20.89 53.87 105.20
CA ASN ZA 49 19.96 52.77 104.98
C ASN ZA 49 20.33 51.62 105.90
N ALA ZA 50 19.32 51.01 106.53
CA ALA ZA 50 19.53 49.88 107.44
C ALA ZA 50 18.46 48.82 107.24
N LYS ZA 51 18.89 47.57 107.03
CA LYS ZA 51 18.04 46.46 106.65
C LYS ZA 51 18.31 45.27 107.56
N PHE ZA 52 17.29 44.41 107.71
CA PHE ZA 52 17.35 43.21 108.53
C PHE ZA 52 16.92 42.01 107.70
N ASP ZA 53 17.88 41.14 107.38
CA ASP ZA 53 17.59 39.83 106.78
C ASP ZA 53 17.44 38.83 107.92
N ILE ZA 54 16.20 38.62 108.34
CA ILE ZA 54 15.88 37.72 109.44
C ILE ZA 54 15.24 36.47 108.87
N LYS ZA 55 15.88 35.34 109.10
CA LYS ZA 55 15.39 34.08 108.57
C LYS ZA 55 14.20 33.59 109.40
N ALA ZA 56 13.44 32.66 108.82
CA ALA ZA 56 12.29 32.10 109.52
C ALA ZA 56 12.73 31.50 110.86
N PRO ZA 57 11.87 31.56 111.88
CA PRO ZA 57 12.30 31.09 113.21
C PRO ZA 57 12.64 29.60 113.27
N GLY ZA 58 11.98 28.77 112.44
CA GLY ZA 58 12.35 27.36 112.41
C GLY ZA 58 13.71 27.12 111.80
N ILE ZA 59 14.04 27.86 110.73
CA ILE ZA 59 15.27 27.64 109.97
C ILE ZA 59 16.47 28.15 110.76
N THR ZA 60 17.55 27.37 110.76
CA THR ZA 60 18.83 27.84 111.26
C THR ZA 60 19.66 28.41 110.11
N GLY ZA 61 20.25 29.56 110.35
CA GLY ZA 61 21.16 30.19 109.40
C GLY ZA 61 21.87 31.29 110.12
N ASN ZA 62 22.22 32.33 109.37
CA ASN ZA 62 22.73 33.57 109.95
C ASN ZA 62 21.69 34.66 109.73
N ASP ZA 63 21.39 35.40 110.79
CA ASP ZA 63 20.66 36.64 110.64
C ASP ZA 63 21.64 37.72 110.18
N ARG ZA 64 21.14 38.68 109.38
CA ARG ZA 64 22.03 39.67 108.78
C ARG ZA 64 21.51 41.09 108.97
N ILE ZA 65 22.45 42.01 109.15
CA ILE ZA 65 22.20 43.44 109.22
C ILE ZA 65 22.95 44.09 108.08
N HIS ZA 66 22.28 44.94 107.30
CA HIS ZA 66 22.91 45.67 106.20
C HIS ZA 66 22.78 47.15 106.45
N ALA ZA 67 23.90 47.84 106.59
CA ALA ZA 67 23.92 49.28 106.79
C ALA ZA 67 24.71 49.95 105.68
N ASN ZA 68 24.28 51.15 105.31
CA ASN ZA 68 24.91 51.88 104.22
C ASN ZA 68 24.85 53.36 104.53
N LEU ZA 69 26.01 54.01 104.56
CA LEU ZA 69 26.12 55.45 104.77
C LEU ZA 69 26.77 56.07 103.54
N ARG ZA 70 26.04 56.94 102.86
CA ARG ZA 70 26.41 57.46 101.56
C ARG ZA 70 26.50 58.99 101.60
N LYS ZA 71 27.39 59.53 100.78
CA LYS ZA 71 27.39 60.95 100.45
C LYS ZA 71 27.59 61.08 98.94
N VAL ZA 72 26.64 61.73 98.28
CA VAL ZA 72 26.72 61.99 96.84
C VAL ZA 72 27.42 63.32 96.64
N VAL ZA 73 28.26 63.40 95.60
CA VAL ZA 73 28.94 64.63 95.25
C VAL ZA 73 28.80 64.85 93.75
N LEU ZA 74 28.70 66.12 93.35
CA LEU ZA 74 28.55 66.50 91.96
C LEU ZA 74 29.89 66.98 91.41
N ASP ZA 75 30.18 66.58 90.18
CA ASP ZA 75 31.37 67.08 89.50
C ASP ZA 75 31.22 68.57 89.21
N GLU ZA 76 32.29 69.33 89.48
CA GLU ZA 76 32.25 70.76 89.20
C GLU ZA 76 31.97 71.02 87.72
N LYS ZA 77 32.66 70.29 86.83
CA LYS ZA 77 32.54 70.57 85.41
C LYS ZA 77 31.27 69.97 84.81
N THR ZA 78 30.94 68.71 85.13
CA THR ZA 78 29.83 68.05 84.45
C THR ZA 78 28.56 67.93 85.27
N ASN ZA 79 28.59 68.27 86.56
CA ASN ZA 79 27.49 68.07 87.50
C ASN ZA 79 26.99 66.64 87.54
N LEU ZA 80 27.78 65.70 87.01
CA LEU ZA 80 27.44 64.29 87.12
C LEU ZA 80 27.70 63.80 88.54
N PRO ZA 81 26.82 63.01 89.08
CA PRO ZA 81 26.97 62.59 90.48
C PRO ZA 81 27.78 61.32 90.61
N SER ZA 82 28.76 61.33 91.50
CA SER ZA 82 29.37 60.09 91.95
C SER ZA 82 29.29 60.07 93.47
N THR ZA 83 29.20 58.87 94.01
CA THR ZA 83 28.86 58.71 95.41
C THR ZA 83 29.97 57.94 96.15
N GLY ZA 84 30.17 58.32 97.41
CA GLY ZA 84 31.11 57.63 98.28
C GLY ZA 84 30.37 57.03 99.45
N SER ZA 85 30.77 55.82 99.86
CA SER ZA 85 29.92 55.10 100.79
C SER ZA 85 30.71 54.16 101.69
N VAL ZA 86 30.19 53.97 102.90
CA VAL ZA 86 30.64 52.91 103.80
C VAL ZA 86 29.47 51.98 104.06
N THR ZA 87 29.65 50.71 103.70
CA THR ZA 87 28.62 49.69 103.90
C THR ZA 87 29.12 48.65 104.90
N ILE ZA 88 28.19 48.11 105.68
CA ILE ZA 88 28.49 47.22 106.79
C ILE ZA 88 27.52 46.06 106.74
N GLN ZA 89 28.03 44.84 106.90
CA GLN ZA 89 27.18 43.67 106.95
C GLN ZA 89 27.54 42.91 108.21
N VAL ZA 90 26.56 42.71 109.08
CA VAL ZA 90 26.74 41.96 110.32
C VAL ZA 90 26.03 40.64 110.15
N SER ZA 91 26.77 39.54 110.27
CA SER ZA 91 26.22 38.19 110.16
C SER ZA 91 26.31 37.52 111.53
N ILE ZA 92 25.16 37.31 112.15
CA ILE ZA 92 25.02 36.79 113.50
C ILE ZA 92 24.48 35.36 113.41
N PRO ZA 93 25.19 34.36 113.89
CA PRO ZA 93 24.67 32.99 113.84
C PRO ZA 93 23.61 32.71 114.89
N ARG ZA 94 22.71 31.78 114.55
CA ARG ZA 94 21.59 31.41 115.39
C ARG ZA 94 21.91 30.28 116.37
N ASN ZA 95 23.17 30.07 116.69
CA ASN ZA 95 23.60 29.07 117.66
C ASN ZA 95 23.75 29.71 119.04
N PRO ZA 96 23.15 29.15 120.09
CA PRO ZA 96 23.32 29.75 121.43
C PRO ZA 96 24.75 29.90 121.86
N ALA ZA 97 25.70 29.23 121.19
CA ALA ZA 97 27.10 29.43 121.48
C ALA ZA 97 27.60 30.81 121.07
N TRP ZA 98 26.78 31.60 120.38
CA TRP ZA 98 27.05 32.98 120.05
C TRP ZA 98 26.11 33.87 120.83
N ASN ZA 99 26.56 35.09 121.17
CA ASN ZA 99 25.68 35.98 121.90
C ASN ZA 99 25.94 37.43 121.53
N ALA ZA 100 25.08 38.29 122.09
CA ALA ZA 100 25.13 39.70 121.75
C ALA ZA 100 26.44 40.33 122.19
N SER ZA 101 27.05 39.83 123.26
CA SER ZA 101 28.35 40.36 123.67
C SER ZA 101 29.38 40.16 122.56
N MET ZA 102 29.31 39.04 121.87
CA MET ZA 102 30.24 38.78 120.77
C MET ZA 102 29.91 39.65 119.56
N THR ZA 103 28.61 39.81 119.25
CA THR ZA 103 28.24 40.75 118.19
C THR ZA 103 28.81 42.14 118.47
N VAL ZA 104 28.60 42.64 119.68
CA VAL ZA 104 29.07 43.97 120.05
C VAL ZA 104 30.59 44.02 120.02
N SER ZA 105 31.26 42.93 120.43
CA SER ZA 105 32.71 42.92 120.42
C SER ZA 105 33.24 43.08 119.00
N LEU ZA 106 32.64 42.37 118.04
CA LEU ZA 106 33.06 42.56 116.65
C LEU ZA 106 32.80 43.98 116.18
N LEU ZA 107 31.64 44.56 116.54
CA LEU ZA 107 31.36 45.93 116.14
C LEU ZA 107 32.42 46.89 116.69
N LYS ZA 108 32.74 46.75 117.98
CA LYS ZA 108 33.71 47.63 118.62
C LYS ZA 108 35.09 47.49 117.99
N GLN ZA 109 35.49 46.25 117.68
CA GLN ZA 109 36.81 46.05 117.09
C GLN ZA 109 36.89 46.65 115.70
N ALA ZA 110 35.82 46.48 114.90
CA ALA ZA 110 35.80 47.09 113.58
C ALA ZA 110 35.87 48.61 113.69
N ALA ZA 111 35.14 49.19 114.67
CA ALA ZA 111 35.21 50.62 114.89
C ALA ZA 111 36.62 51.06 115.23
N ASP ZA 112 37.27 50.36 116.15
CA ASP ZA 112 38.65 50.70 116.51
C ASP ZA 112 39.57 50.63 115.29
N TYR ZA 113 39.45 49.56 114.49
CA TYR ZA 113 40.46 49.31 113.47
C TYR ZA 113 40.24 50.14 112.20
N LEU ZA 114 39.00 50.51 111.87
CA LEU ZA 114 38.78 51.28 110.65
C LEU ZA 114 38.43 52.74 110.90
N ALA ZA 115 37.90 53.09 112.07
CA ALA ZA 115 37.60 54.48 112.38
C ALA ZA 115 38.47 55.04 113.50
N GLY ZA 116 39.11 54.19 114.29
CA GLY ZA 116 39.95 54.64 115.38
C GLY ZA 116 39.17 55.38 116.45
N THR ZA 117 38.09 54.75 116.94
CA THR ZA 117 37.21 55.39 117.91
C THR ZA 117 36.95 54.56 119.16
N SER ZA 118 37.70 53.48 119.38
CA SER ZA 118 37.53 52.66 120.58
C SER ZA 118 37.64 53.48 121.86
N ALA ZA 119 37.09 52.92 122.94
CA ALA ZA 119 37.24 53.48 124.28
C ALA ZA 119 38.68 53.29 124.76
N THR ZA 120 39.10 54.14 125.69
CA THR ZA 120 40.47 54.07 126.19
C THR ZA 120 40.65 52.84 127.07
N VAL ZA 121 41.63 52.01 126.72
CA VAL ZA 121 41.97 50.78 127.43
C VAL ZA 121 43.48 50.63 127.35
N SER ZA 122 44.12 50.38 128.50
CA SER ZA 122 45.57 50.38 128.53
C SER ZA 122 46.12 49.25 127.67
N GLY ZA 123 47.14 49.57 126.87
CA GLY ZA 123 47.73 48.61 125.98
C GLY ZA 123 47.14 48.56 124.59
N GLN ZA 124 46.09 49.34 124.32
CA GLN ZA 124 45.51 49.41 122.99
C GLN ZA 124 46.48 50.08 122.03
N THR ZA 125 46.47 49.63 120.78
CA THR ZA 125 47.24 50.32 119.78
C THR ZA 125 46.57 51.65 119.45
N ASP ZA 126 47.39 52.65 119.13
CA ASP ZA 126 46.90 53.99 118.81
C ASP ZA 126 46.33 53.96 117.41
N THR ZA 127 45.02 53.84 117.33
CA THR ZA 127 44.30 53.72 116.07
C THR ZA 127 43.82 55.05 115.53
N SER ZA 128 44.25 56.16 116.14
CA SER ZA 128 43.72 57.47 115.78
C SER ZA 128 44.01 57.82 114.32
N GLY ZA 129 45.18 57.43 113.82
CA GLY ZA 129 45.54 57.77 112.44
C GLY ZA 129 45.10 56.76 111.41
N PHE ZA 130 44.53 55.65 111.87
CA PHE ZA 130 44.12 54.61 110.94
C PHE ZA 130 43.07 55.08 109.93
N PRO ZA 131 42.04 55.85 110.29
CA PRO ZA 131 41.10 56.31 109.24
C PRO ZA 131 41.79 57.14 108.18
N ALA ZA 132 42.74 57.99 108.56
CA ALA ZA 132 43.53 58.72 107.58
C ALA ZA 132 44.27 57.76 106.65
N LYS ZA 133 44.96 56.77 107.22
CA LYS ZA 133 45.70 55.82 106.39
C LYS ZA 133 44.76 55.06 105.45
N TRP ZA 134 43.59 54.65 105.95
CA TRP ZA 134 42.65 53.94 105.09
C TRP ZA 134 42.19 54.83 103.95
N ALA ZA 135 41.82 56.07 104.25
CA ALA ZA 135 41.41 57.02 103.21
C ALA ZA 135 42.53 57.28 102.21
N GLY ZA 136 43.77 56.99 102.58
CA GLY ZA 136 44.85 57.02 101.62
C GLY ZA 136 45.14 55.70 100.91
N LEU ZA 137 44.32 54.68 101.11
CA LEU ZA 137 44.57 53.31 100.62
C LEU ZA 137 45.94 52.80 101.09
N MET ZA 138 46.17 52.89 102.39
CA MET ZA 138 47.39 52.42 103.05
C MET ZA 138 47.00 51.55 104.22
N PHE ZA 139 47.61 50.38 104.33
CA PHE ZA 139 47.34 49.54 105.49
C PHE ZA 139 47.96 50.18 106.74
N PRO ZA 140 47.23 50.24 107.86
CA PRO ZA 140 47.76 50.77 109.11
C PRO ZA 140 48.99 50.01 109.56
N ALA AB 1 0.93 51.63 115.92
CA ALA AB 1 0.98 50.45 116.78
C ALA AB 1 1.70 50.75 118.09
N ALA AB 2 1.35 50.00 119.14
CA ALA AB 2 1.97 50.21 120.44
C ALA AB 2 3.46 49.88 120.37
N PRO AB 3 4.34 50.74 120.89
CA PRO AB 3 5.78 50.47 120.79
C PRO AB 3 6.23 49.31 121.66
N SER AB 4 5.48 48.93 122.68
CA SER AB 4 5.87 47.82 123.54
C SER AB 4 4.62 47.27 124.21
N LEU AB 5 4.73 46.01 124.66
CA LEU AB 5 3.61 45.27 125.23
C LEU AB 5 4.09 44.46 126.42
N ALA AB 6 3.23 44.35 127.42
CA ALA AB 6 3.47 43.49 128.58
C ALA AB 6 2.26 42.57 128.67
N LEU AB 7 2.36 41.39 128.07
CA LEU AB 7 1.24 40.46 127.99
C LEU AB 7 1.34 39.45 129.12
N VAL AB 8 0.20 38.86 129.48
CA VAL AB 8 0.17 37.86 130.53
C VAL AB 8 0.26 36.47 129.92
N GLY AB 9 1.20 35.67 130.40
CA GLY AB 9 1.31 34.28 130.04
C GLY AB 9 1.47 33.44 131.29
N ALA AB 10 2.05 32.25 131.15
CA ALA AB 10 2.19 31.33 132.28
C ALA AB 10 3.64 30.88 132.42
N ASN AB 11 4.12 30.82 133.66
CA ASN AB 11 5.45 30.30 133.95
C ASN AB 11 5.41 28.78 133.93
N SER AB 12 6.51 28.14 134.38
CA SER AB 12 6.55 26.68 134.41
C SER AB 12 5.48 26.10 135.33
N THR AB 13 4.98 26.88 136.28
CA THR AB 13 3.96 26.43 137.22
C THR AB 13 2.56 26.84 136.80
N LEU AB 14 2.43 27.50 135.65
CA LEU AB 14 1.17 28.03 135.13
C LEU AB 14 0.65 29.22 135.91
N ALA AB 15 1.50 29.86 136.71
CA ALA AB 15 1.15 31.12 137.35
C ALA AB 15 1.23 32.26 136.35
N SER AB 16 0.33 33.23 136.50
CA SER AB 16 0.32 34.36 135.59
C SER AB 16 1.61 35.16 135.71
N THR AB 17 2.30 35.33 134.59
CA THR AB 17 3.60 35.99 134.55
C THR AB 17 3.64 36.94 133.36
N LEU AB 18 4.27 38.09 133.53
CA LEU AB 18 4.40 38.99 132.40
C LEU AB 18 5.42 38.48 131.39
N VAL AB 19 5.16 38.79 130.14
CA VAL AB 19 6.04 38.51 129.01
C VAL AB 19 6.12 39.77 128.17
N ASN AB 20 7.34 40.27 127.97
CA ASN AB 20 7.56 41.62 127.47
C ASN AB 20 7.96 41.56 126.00
N TYR AB 21 7.20 42.26 125.17
CA TYR AB 21 7.49 42.37 123.75
C TYR AB 21 7.76 43.83 123.41
N SER AB 22 8.58 44.04 122.38
CA SER AB 22 8.85 45.36 121.85
C SER AB 22 8.68 45.34 120.34
N LEU AB 23 8.23 46.47 119.80
CA LEU AB 23 7.92 46.58 118.38
C LEU AB 23 9.19 46.66 117.55
N ARG AB 24 9.41 45.65 116.72
CA ARG AB 24 10.61 45.63 115.89
C ARG AB 24 10.45 46.52 114.66
N SER AB 25 9.36 46.36 113.91
CA SER AB 25 9.12 47.18 112.73
C SER AB 25 7.64 47.13 112.37
N GLN AB 26 7.26 47.92 111.37
CA GLN AB 26 5.90 47.92 110.84
C GLN AB 26 5.97 48.04 109.32
N ASN AB 27 5.48 47.02 108.63
CA ASN AB 27 5.40 46.92 107.17
C ASN AB 27 3.97 47.19 106.72
N GLY AB 28 3.70 46.94 105.45
CA GLY AB 28 2.36 47.07 104.90
C GLY AB 28 1.36 46.19 105.62
N ASN AB 29 0.47 46.84 106.37
CA ASN AB 29 -0.64 46.19 107.05
C ASN AB 29 -0.17 45.05 107.95
N ASN AB 30 0.95 45.25 108.64
CA ASN AB 30 1.43 44.23 109.56
C ASN AB 30 2.29 44.87 110.65
N VAL AB 31 2.59 44.07 111.66
CA VAL AB 31 3.29 44.51 112.86
C VAL AB 31 4.09 43.33 113.38
N ASP AB 32 5.36 43.58 113.75
CA ASP AB 32 6.29 42.56 114.21
C ASP AB 32 6.83 42.94 115.58
N TYR AB 33 6.56 42.09 116.58
CA TYR AB 33 7.04 42.26 117.95
C TYR AB 33 8.00 41.14 118.31
N VAL AB 34 8.96 41.46 119.18
CA VAL AB 34 9.99 40.53 119.63
C VAL AB 34 10.01 40.53 121.15
N CYS AB 35 10.21 39.36 121.75
CA CYS AB 35 10.27 39.26 123.20
C CYS AB 35 11.61 39.77 123.71
N THR AB 36 11.55 40.61 124.75
CA THR AB 36 12.73 41.28 125.31
C THR AB 36 13.16 40.68 126.64
N ASP AB 37 12.56 39.56 127.05
CA ASP AB 37 12.93 38.92 128.28
C ASP AB 37 14.28 38.23 128.10
N PRO AB 38 14.92 37.80 129.20
CA PRO AB 38 16.19 37.08 129.05
C PRO AB 38 16.06 35.72 128.39
N ASP AB 39 14.92 35.03 128.53
CA ASP AB 39 14.78 33.68 128.01
C ASP AB 39 14.69 33.64 126.48
N SER AB 40 14.41 34.75 125.82
CA SER AB 40 14.37 34.81 124.37
C SER AB 40 15.67 35.43 123.85
N THR AB 41 16.29 34.75 122.89
CA THR AB 41 17.50 35.17 122.22
C THR AB 41 17.31 34.93 120.73
N LEU AB 42 18.26 35.42 119.93
CA LEU AB 42 18.13 35.21 118.49
C LEU AB 42 18.13 33.72 118.14
N SER AB 43 18.81 32.91 118.95
CA SER AB 43 18.82 31.47 118.71
C SER AB 43 17.44 30.86 118.93
N ALA AB 44 16.71 31.34 119.94
CA ALA AB 44 15.38 30.81 120.25
C ALA AB 44 14.49 31.95 120.73
N PRO AB 45 13.93 32.73 119.79
CA PRO AB 45 13.20 33.94 120.15
C PRO AB 45 11.72 33.68 120.44
N GLY AB 46 11.09 34.69 121.01
CA GLY AB 46 9.64 34.77 121.08
C GLY AB 46 9.17 35.91 120.19
N LEU AB 47 8.12 35.64 119.41
CA LEU AB 47 7.73 36.56 118.35
C LEU AB 47 6.22 36.71 118.30
N ILE AB 48 5.76 37.89 117.90
CA ILE AB 48 4.35 38.12 117.63
C ILE AB 48 4.22 38.87 116.31
N ASN AB 49 3.25 38.49 115.50
CA ASN AB 49 3.09 39.05 114.15
C ASN AB 49 1.60 39.25 113.86
N ALA AB 50 1.25 40.40 113.30
CA ALA AB 50 -0.14 40.69 112.99
C ALA AB 50 -0.25 41.33 111.61
N LYS AB 51 -1.30 40.98 110.88
CA LYS AB 51 -1.49 41.42 109.51
C LYS AB 51 -2.97 41.64 109.23
N PHE AB 52 -3.29 42.64 108.41
CA PHE AB 52 -4.65 42.87 107.93
C PHE AB 52 -4.74 42.60 106.44
N ASP AB 53 -5.71 41.76 106.05
CA ASP AB 53 -6.14 41.64 104.66
C ASP AB 53 -7.43 42.44 104.55
N ILE AB 54 -7.34 43.63 103.96
CA ILE AB 54 -8.44 44.59 103.94
C ILE AB 54 -9.01 44.65 102.53
N LYS AB 55 -10.28 44.31 102.39
CA LYS AB 55 -10.90 44.31 101.08
C LYS AB 55 -11.38 45.71 100.74
N ALA AB 56 -11.69 45.92 99.46
CA ALA AB 56 -12.03 47.23 98.94
C ALA AB 56 -13.27 47.79 99.64
N PRO AB 57 -13.46 49.11 99.59
CA PRO AB 57 -14.66 49.68 100.21
C PRO AB 57 -15.93 49.12 99.60
N GLY AB 58 -16.95 48.96 100.44
CA GLY AB 58 -18.20 48.36 100.08
C GLY AB 58 -18.69 47.48 101.19
N ILE AB 59 -19.78 46.77 100.94
CA ILE AB 59 -20.32 45.85 101.94
C ILE AB 59 -20.22 44.40 101.50
N THR AB 60 -19.47 44.12 100.43
CA THR AB 60 -19.48 42.81 99.81
C THR AB 60 -18.54 41.82 100.50
N GLY AB 61 -17.36 42.27 100.92
CA GLY AB 61 -16.27 41.36 101.22
C GLY AB 61 -16.25 40.82 102.63
N ASN AB 62 -15.11 40.22 102.96
CA ASN AB 62 -14.74 39.74 104.29
C ASN AB 62 -13.33 40.21 104.61
N ASP AB 63 -13.20 41.12 105.57
CA ASP AB 63 -11.89 41.54 106.05
C ASP AB 63 -11.28 40.43 106.91
N ARG AB 64 -9.94 40.39 106.97
CA ARG AB 64 -9.28 39.35 107.75
C ARG AB 64 -8.13 39.91 108.58
N ILE AB 65 -7.97 39.34 109.77
CA ILE AB 65 -6.88 39.63 110.70
C ILE AB 65 -6.10 38.34 110.89
N HIS AB 66 -4.78 38.42 110.80
CA HIS AB 66 -3.90 37.27 111.01
C HIS AB 66 -2.94 37.61 112.14
N ALA AB 67 -3.02 36.86 113.23
CA ALA AB 67 -2.09 37.00 114.35
C ALA AB 67 -1.33 35.70 114.51
N ASN AB 68 -0.10 35.81 115.02
CA ASN AB 68 0.76 34.64 115.17
C ASN AB 68 1.69 34.88 116.35
N LEU AB 69 1.58 34.03 117.37
CA LEU AB 69 2.42 34.11 118.56
C LEU AB 69 3.28 32.86 118.61
N ARG AB 70 4.60 33.03 118.49
CA ARG AB 70 5.52 31.92 118.39
C ARG AB 70 6.57 31.97 119.49
N LYS AB 71 7.07 30.79 119.85
CA LYS AB 71 8.24 30.65 120.72
C LYS AB 71 9.09 29.50 120.20
N VAL AB 72 10.38 29.77 120.00
CA VAL AB 72 11.31 28.75 119.54
C VAL AB 72 12.01 28.14 120.74
N VAL AB 73 12.28 26.84 120.67
CA VAL AB 73 12.96 26.13 121.74
C VAL AB 73 14.04 25.26 121.10
N LEU AB 74 15.13 25.04 121.85
CA LEU AB 74 16.26 24.25 121.40
C LEU AB 74 16.31 22.92 122.14
N ASP AB 75 16.61 21.84 121.41
CA ASP AB 75 16.74 20.53 122.00
C ASP AB 75 17.91 20.49 122.98
N GLU AB 76 17.69 19.91 124.17
CA GLU AB 76 18.77 19.80 125.15
C GLU AB 76 19.91 18.94 124.63
N LYS AB 77 19.63 18.03 123.70
CA LYS AB 77 20.65 17.10 123.24
C LYS AB 77 21.38 17.64 122.01
N THR AB 78 20.67 18.35 121.13
CA THR AB 78 21.22 18.73 119.84
C THR AB 78 21.16 20.22 119.52
N ASN AB 79 20.57 21.04 120.40
CA ASN AB 79 20.31 22.46 120.11
C ASN AB 79 19.54 22.64 118.80
N LEU AB 80 18.76 21.64 118.41
CA LEU AB 80 17.99 21.86 117.20
C LEU AB 80 16.70 22.59 117.51
N PRO AB 81 16.35 23.58 116.69
CA PRO AB 81 15.18 24.41 117.00
C PRO AB 81 13.90 23.75 116.53
N SER AB 82 12.88 23.80 117.38
CA SER AB 82 11.51 23.60 116.95
C SER AB 82 10.66 24.68 117.58
N THR AB 83 9.58 25.05 116.90
CA THR AB 83 8.78 26.19 117.30
C THR AB 83 7.38 25.76 117.73
N GLY AB 84 6.87 26.39 118.77
CA GLY AB 84 5.49 26.27 119.17
C GLY AB 84 4.77 27.56 118.81
N SER AB 85 3.51 27.45 118.40
CA SER AB 85 2.84 28.64 117.92
C SER AB 85 1.33 28.57 118.14
N VAL AB 86 0.74 29.73 118.38
CA VAL AB 86 -0.70 29.92 118.35
C VAL AB 86 -1.00 30.96 117.29
N THR AB 87 -1.70 30.55 116.24
CA THR AB 87 -2.09 31.45 115.17
C THR AB 87 -3.59 31.68 115.22
N ILE AB 88 -4.00 32.88 114.84
CA ILE AB 88 -5.39 33.32 114.92
C ILE AB 88 -5.76 33.98 113.61
N GLN AB 89 -6.96 33.67 113.11
CA GLN AB 89 -7.50 34.33 111.93
C GLN AB 89 -8.92 34.78 112.23
N VAL AB 90 -9.13 36.08 112.16
CA VAL AB 90 -10.44 36.69 112.34
C VAL AB 90 -10.96 37.09 110.97
N SER AB 91 -12.19 36.71 110.66
CA SER AB 91 -12.84 37.07 109.41
C SER AB 91 -14.12 37.83 109.75
N ILE AB 92 -14.15 39.11 109.36
CA ILE AB 92 -15.19 40.07 109.66
C ILE AB 92 -15.93 40.40 108.37
N PRO AB 93 -17.20 40.01 108.24
CA PRO AB 93 -17.97 40.40 107.05
C PRO AB 93 -18.32 41.88 107.06
N ARG AB 94 -18.54 42.40 105.85
CA ARG AB 94 -18.87 43.81 105.66
C ARG AB 94 -20.36 44.05 105.48
N ASN AB 95 -21.15 43.01 105.26
CA ASN AB 95 -22.60 43.11 105.29
C ASN AB 95 -23.05 43.81 106.57
N PRO AB 96 -23.78 44.92 106.47
CA PRO AB 96 -24.13 45.69 107.67
C PRO AB 96 -24.91 44.92 108.70
N ALA AB 97 -25.29 43.69 108.40
CA ALA AB 97 -25.91 42.80 109.36
C ALA AB 97 -24.91 42.23 110.36
N TRP AB 98 -23.64 42.65 110.29
CA TRP AB 98 -22.59 42.26 111.23
C TRP AB 98 -22.16 43.49 112.04
N ASN AB 99 -21.62 43.22 113.24
CA ASN AB 99 -21.22 44.28 114.16
C ASN AB 99 -19.82 44.05 114.68
N ALA AB 100 -19.14 45.17 114.97
CA ALA AB 100 -17.95 45.09 115.81
C ALA AB 100 -18.26 44.38 117.12
N SER AB 101 -19.49 44.53 117.63
CA SER AB 101 -19.88 43.80 118.84
C SER AB 101 -19.83 42.30 118.61
N MET AB 102 -20.23 41.85 117.42
CA MET AB 102 -20.20 40.42 117.12
C MET AB 102 -18.76 39.93 116.98
N THR AB 103 -17.90 40.74 116.35
CA THR AB 103 -16.48 40.42 116.32
C THR AB 103 -15.92 40.25 117.73
N VAL AB 104 -16.16 41.23 118.59
CA VAL AB 104 -15.64 41.18 119.95
C VAL AB 104 -16.21 39.98 120.70
N SER AB 105 -17.48 39.65 120.46
CA SER AB 105 -18.08 38.52 121.14
C SER AB 105 -17.40 37.21 120.75
N LEU AB 106 -17.12 37.04 119.46
CA LEU AB 106 -16.36 35.85 119.04
C LEU AB 106 -14.98 35.82 119.69
N LEU AB 107 -14.31 36.97 119.74
CA LEU AB 107 -12.98 37.00 120.36
C LEU AB 107 -13.05 36.58 121.83
N LYS AB 108 -14.02 37.13 122.57
CA LYS AB 108 -14.15 36.80 123.99
C LYS AB 108 -14.49 35.34 124.19
N GLN AB 109 -15.36 34.78 123.33
CA GLN AB 109 -15.73 33.38 123.46
C GLN AB 109 -14.54 32.47 123.18
N ALA AB 110 -13.77 32.77 122.13
CA ALA AB 110 -12.58 31.99 121.86
C ALA AB 110 -11.59 32.07 123.01
N ALA AB 111 -11.45 33.25 123.61
CA ALA AB 111 -10.56 33.41 124.76
C ALA AB 111 -11.03 32.55 125.92
N ASP AB 112 -12.32 32.60 126.25
CA ASP AB 112 -12.86 31.76 127.31
C ASP AB 112 -12.65 30.28 127.02
N TYR AB 113 -12.86 29.85 125.77
CA TYR AB 113 -12.92 28.41 125.50
C TYR AB 113 -11.53 27.80 125.30
N LEU AB 114 -10.56 28.56 124.83
CA LEU AB 114 -9.22 28.00 124.63
C LEU AB 114 -8.18 28.49 125.63
N ALA AB 115 -8.39 29.63 126.27
CA ALA AB 115 -7.48 30.12 127.29
C ALA AB 115 -8.09 30.19 128.68
N GLY AB 116 -9.42 30.16 128.79
CA GLY AB 116 -10.07 30.24 130.08
C GLY AB 116 -9.81 31.54 130.80
N THR AB 117 -10.03 32.67 130.11
CA THR AB 117 -9.71 33.99 130.66
C THR AB 117 -10.89 34.95 130.67
N SER AB 118 -12.09 34.50 130.31
CA SER AB 118 -13.24 35.39 130.23
C SER AB 118 -13.53 36.07 131.57
N ALA AB 119 -14.30 37.16 131.49
CA ALA AB 119 -14.80 37.86 132.68
C ALA AB 119 -15.83 37.01 133.40
N THR AB 120 -16.21 37.45 134.60
CA THR AB 120 -17.10 36.68 135.44
C THR AB 120 -18.56 37.03 135.18
N VAL AB 121 -19.36 36.00 134.89
CA VAL AB 121 -20.80 36.13 134.68
C VAL AB 121 -21.46 34.98 135.43
N SER AB 122 -22.74 35.15 135.75
CA SER AB 122 -23.43 34.25 136.69
C SER AB 122 -23.26 32.79 136.30
N GLY AB 123 -23.85 32.39 135.18
CA GLY AB 123 -23.94 30.97 134.90
C GLY AB 123 -22.82 30.42 134.06
N GLN AB 124 -21.65 31.05 134.09
CA GLN AB 124 -20.62 30.70 133.12
C GLN AB 124 -20.04 29.35 133.48
N THR AB 125 -19.58 28.59 132.49
CA THR AB 125 -18.92 27.35 132.82
C THR AB 125 -17.46 27.64 133.19
N ASP AB 126 -16.95 26.79 134.09
CA ASP AB 126 -15.59 26.95 134.60
C ASP AB 126 -14.62 26.50 133.53
N THR AB 127 -13.88 27.47 132.97
CA THR AB 127 -12.97 27.23 131.88
C THR AB 127 -11.51 27.36 132.30
N SER AB 128 -11.25 27.45 133.59
CA SER AB 128 -9.88 27.66 134.06
C SER AB 128 -8.96 26.51 133.66
N GLY AB 129 -9.47 25.28 133.67
CA GLY AB 129 -8.65 24.12 133.34
C GLY AB 129 -8.59 23.80 131.87
N PHE AB 130 -9.38 24.50 131.06
CA PHE AB 130 -9.40 24.20 129.63
C PHE AB 130 -8.05 24.37 128.95
N PRO AB 131 -7.26 25.43 129.20
CA PRO AB 131 -5.95 25.49 128.54
C PRO AB 131 -5.06 24.29 128.87
N ALA AB 132 -5.11 23.82 130.13
CA ALA AB 132 -4.37 22.61 130.48
C ALA AB 132 -4.85 21.42 129.68
N LYS AB 133 -6.18 21.25 129.60
CA LYS AB 133 -6.71 20.11 128.86
C LYS AB 133 -6.33 20.19 127.38
N TRP AB 134 -6.36 21.39 126.79
CA TRP AB 134 -5.95 21.53 125.41
C TRP AB 134 -4.49 21.16 125.24
N ALA AB 135 -3.61 21.70 126.10
CA ALA AB 135 -2.19 21.41 126.02
C ALA AB 135 -1.89 19.93 126.21
N GLY AB 136 -2.81 19.20 126.82
CA GLY AB 136 -2.72 17.75 126.85
C GLY AB 136 -3.35 17.04 125.66
N LEU AB 137 -3.80 17.80 124.66
CA LEU AB 137 -4.52 17.26 123.51
C LEU AB 137 -5.74 16.44 123.92
N MET AB 138 -6.58 17.04 124.76
CA MET AB 138 -7.87 16.45 125.08
C MET AB 138 -8.93 17.55 125.13
N PHE AB 139 -10.13 17.19 124.74
CA PHE AB 139 -11.21 18.16 124.66
C PHE AB 139 -11.69 18.53 126.06
N PRO AB 140 -12.06 19.80 126.28
CA PRO AB 140 -12.70 20.24 127.52
C PRO AB 140 -14.03 19.51 127.71
N ALA BB 1 7.39 57.23 110.14
CA ALA BB 1 6.35 58.25 110.11
C ALA BB 1 5.62 58.34 111.45
N ALA BB 2 4.84 59.40 111.62
CA ALA BB 2 4.10 59.60 112.86
C ALA BB 2 3.06 58.49 113.03
N PRO BB 3 2.96 57.91 114.23
CA PRO BB 3 2.04 56.79 114.43
C PRO BB 3 0.57 57.21 114.46
N SER BB 4 0.29 58.49 114.70
CA SER BB 4 -1.08 58.96 114.76
C SER BB 4 -1.11 60.46 114.50
N LEU BB 5 -2.25 60.93 114.00
CA LEU BB 5 -2.43 62.31 113.58
C LEU BB 5 -3.79 62.81 114.04
N ALA BB 6 -3.83 64.08 114.44
CA ALA BB 6 -5.08 64.77 114.75
C ALA BB 6 -5.17 65.96 113.82
N LEU BB 7 -5.77 65.76 112.65
CA LEU BB 7 -5.86 66.82 111.66
C LEU BB 7 -7.12 67.63 111.88
N VAL BB 8 -7.14 68.86 111.38
CA VAL BB 8 -8.30 69.73 111.51
C VAL BB 8 -9.11 69.68 110.22
N GLY BB 9 -10.39 69.33 110.34
CA GLY BB 9 -11.35 69.39 109.27
C GLY BB 9 -12.57 70.18 109.70
N ALA BB 10 -13.70 69.87 109.08
CA ALA BB 10 -14.95 70.58 109.32
C ALA BB 10 -16.08 69.59 109.52
N ASN BB 11 -16.94 69.88 110.50
CA ASN BB 11 -18.14 69.09 110.72
C ASN BB 11 -19.24 69.58 109.78
N SER BB 12 -20.48 69.15 110.04
CA SER BB 12 -21.59 69.56 109.19
C SER BB 12 -21.85 71.05 109.27
N THR BB 13 -21.47 71.70 110.38
CA THR BB 13 -21.61 73.13 110.56
C THR BB 13 -20.48 73.91 109.90
N LEU BB 14 -19.46 73.22 109.39
CA LEU BB 14 -18.18 73.78 108.93
C LEU BB 14 -17.34 74.31 110.08
N ALA BB 15 -17.68 73.99 111.33
CA ALA BB 15 -16.84 74.35 112.45
C ALA BB 15 -15.59 73.46 112.48
N SER BB 16 -14.49 74.04 112.93
CA SER BB 16 -13.21 73.32 112.96
C SER BB 16 -13.30 72.16 113.95
N THR BB 17 -13.12 70.94 113.45
CA THR BB 17 -13.27 69.72 114.24
C THR BB 17 -12.06 68.82 114.00
N LEU BB 18 -11.62 68.12 115.05
CA LEU BB 18 -10.53 67.18 114.86
C LEU BB 18 -11.01 65.91 114.15
N VAL BB 19 -10.17 65.41 113.25
CA VAL BB 19 -10.33 64.12 112.60
C VAL BB 19 -9.06 63.33 112.82
N ASN BB 20 -9.20 62.12 113.37
CA ASN BB 20 -8.11 61.36 113.95
C ASN BB 20 -7.74 60.20 113.05
N TYR BB 21 -6.45 60.06 112.76
CA TYR BB 21 -5.93 58.99 111.93
C TYR BB 21 -4.86 58.24 112.71
N SER BB 22 -4.76 56.93 112.48
CA SER BB 22 -3.66 56.14 112.99
C SER BB 22 -2.93 55.47 111.83
N LEU BB 23 -1.63 55.25 112.03
CA LEU BB 23 -0.76 54.69 111.00
C LEU BB 23 -1.03 53.20 110.88
N ARG BB 24 -1.71 52.82 109.80
CA ARG BB 24 -1.99 51.41 109.56
C ARG BB 24 -0.87 50.71 108.80
N SER BB 25 -0.31 51.32 107.76
CA SER BB 25 0.80 50.65 107.09
C SER BB 25 1.84 51.65 106.60
N GLN BB 26 3.04 51.13 106.39
CA GLN BB 26 4.12 51.91 105.77
C GLN BB 26 5.00 50.91 105.04
N ASN BB 27 5.19 51.13 103.74
CA ASN BB 27 5.88 50.17 102.88
C ASN BB 27 6.39 50.89 101.65
N GLY BB 28 7.68 50.71 101.36
CA GLY BB 28 8.26 51.15 100.11
C GLY BB 28 8.00 52.62 99.83
N ASN BB 29 8.52 53.48 100.70
CA ASN BB 29 8.29 54.92 100.62
C ASN BB 29 6.81 55.22 100.40
N ASN BB 30 5.98 54.51 101.14
CA ASN BB 30 4.54 54.71 101.04
C ASN BB 30 3.99 54.63 102.46
N VAL BB 31 3.01 55.48 102.77
CA VAL BB 31 2.47 55.62 104.12
C VAL BB 31 0.95 55.70 104.04
N ASP BB 32 0.26 54.85 104.81
CA ASP BB 32 -1.19 54.73 104.77
C ASP BB 32 -1.77 54.83 106.17
N TYR BB 33 -2.64 55.82 106.37
CA TYR BB 33 -3.35 56.08 107.61
C TYR BB 33 -4.83 55.77 107.45
N VAL BB 34 -5.47 55.37 108.56
CA VAL BB 34 -6.91 55.14 108.58
C VAL BB 34 -7.54 55.99 109.68
N CYS BB 35 -8.77 56.43 109.44
CA CYS BB 35 -9.47 57.29 110.37
C CYS BB 35 -10.06 56.48 111.51
N THR BB 36 -9.80 56.91 112.75
CA THR BB 36 -10.19 56.19 113.95
C THR BB 36 -11.54 56.65 114.50
N ASP BB 37 -12.17 57.64 113.88
CA ASP BB 37 -13.40 58.22 114.40
C ASP BB 37 -14.57 57.31 114.10
N PRO BB 38 -15.73 57.57 114.69
CA PRO BB 38 -16.91 56.74 114.40
C PRO BB 38 -17.41 56.89 112.97
N ASP BB 39 -17.18 58.03 112.32
CA ASP BB 39 -17.69 58.25 110.97
C ASP BB 39 -17.00 57.39 109.92
N SER BB 40 -15.83 56.81 110.23
CA SER BB 40 -15.19 55.87 109.33
C SER BB 40 -15.46 54.47 109.82
N THR BB 41 -16.16 53.69 109.01
CA THR BB 41 -16.44 52.29 109.27
C THR BB 41 -15.58 51.44 108.35
N LEU BB 42 -15.64 50.13 108.57
CA LEU BB 42 -14.94 49.21 107.67
C LEU BB 42 -15.47 49.33 106.27
N SER BB 43 -16.79 49.47 106.13
CA SER BB 43 -17.39 49.46 104.81
C SER BB 43 -17.17 50.79 104.10
N ALA BB 44 -17.15 51.88 104.85
CA ALA BB 44 -17.00 53.23 104.32
C ALA BB 44 -15.97 53.99 105.16
N PRO BB 45 -14.68 53.80 104.89
CA PRO BB 45 -13.65 54.34 105.77
C PRO BB 45 -13.18 55.73 105.33
N GLY BB 46 -12.39 56.35 106.21
CA GLY BB 46 -11.61 57.53 105.87
C GLY BB 46 -10.15 57.14 105.82
N LEU BB 47 -9.46 57.58 104.77
CA LEU BB 47 -8.14 57.04 104.49
C LEU BB 47 -7.18 58.14 104.03
N ILE BB 48 -5.89 57.94 104.31
CA ILE BB 48 -4.85 58.83 103.81
C ILE BB 48 -3.72 58.00 103.24
N ASN BB 49 -3.15 58.48 102.14
CA ASN BB 49 -2.08 57.83 101.41
C ASN BB 49 -1.01 58.85 101.06
N ALA BB 50 0.27 58.46 101.12
CA ALA BB 50 1.36 59.36 100.76
C ALA BB 50 2.56 58.58 100.23
N LYS BB 51 2.99 58.93 99.01
CA LYS BB 51 4.06 58.26 98.27
C LYS BB 51 5.18 59.23 97.92
N PHE BB 52 6.39 58.67 97.78
CA PHE BB 52 7.56 59.41 97.33
C PHE BB 52 8.14 58.75 96.08
N ASP BB 53 8.10 59.48 94.96
CA ASP BB 53 8.89 59.11 93.78
C ASP BB 53 10.20 59.86 93.90
N ILE BB 54 11.24 59.18 94.38
CA ILE BB 54 12.55 59.78 94.57
C ILE BB 54 13.43 59.37 93.40
N LYS BB 55 13.85 60.36 92.61
CA LYS BB 55 14.71 60.11 91.48
C LYS BB 55 16.13 59.81 91.95
N ALA BB 56 16.89 59.12 91.10
CA ALA BB 56 18.31 58.85 91.32
C ALA BB 56 19.06 60.15 91.55
N PRO BB 57 20.19 60.13 92.27
CA PRO BB 57 20.93 61.37 92.50
C PRO BB 57 21.30 62.03 91.18
N GLY BB 58 21.33 63.35 91.21
CA GLY BB 58 21.59 64.09 90.00
C GLY BB 58 20.99 65.48 90.10
N ILE BB 59 21.42 66.32 89.18
CA ILE BB 59 20.95 67.70 89.14
C ILE BB 59 19.74 67.85 88.22
N THR BB 60 19.39 66.82 87.49
CA THR BB 60 18.29 66.85 86.53
C THR BB 60 17.11 66.04 87.06
N GLY BB 61 15.92 66.43 86.64
CA GLY BB 61 14.70 65.72 86.97
C GLY BB 61 13.92 66.41 88.08
N ASN BB 62 12.74 65.85 88.35
CA ASN BB 62 11.87 66.28 89.43
C ASN BB 62 11.64 65.12 90.38
N ASP BB 63 11.72 65.41 91.68
CA ASP BB 63 11.20 64.51 92.72
C ASP BB 63 9.71 64.74 92.87
N ARG BB 64 8.97 63.70 93.29
CA ARG BB 64 7.52 63.87 93.38
C ARG BB 64 6.97 63.31 94.69
N ILE BB 65 5.98 64.02 95.23
CA ILE BB 65 5.22 63.63 96.41
C ILE BB 65 3.77 63.44 95.98
N HIS BB 66 3.18 62.33 96.37
CA HIS BB 66 1.75 62.08 96.11
C HIS BB 66 1.03 61.92 97.43
N ALA BB 67 -0.17 62.49 97.53
CA ALA BB 67 -0.94 62.40 98.76
C ALA BB 67 -2.42 62.32 98.41
N ASN BB 68 -3.15 61.50 99.13
CA ASN BB 68 -4.57 61.31 98.87
C ASN BB 68 -5.32 61.26 100.19
N LEU BB 69 -6.35 62.09 100.32
CA LEU BB 69 -7.21 62.09 101.50
C LEU BB 69 -8.62 61.75 101.03
N ARG BB 70 -9.13 60.62 101.51
CA ARG BB 70 -10.35 60.00 101.00
C ARG BB 70 -11.38 59.84 102.12
N LYS BB 71 -12.65 59.98 101.76
CA LYS BB 71 -13.76 59.53 102.59
C LYS BB 71 -14.73 58.76 101.71
N VAL BB 72 -15.01 57.52 102.08
CA VAL BB 72 -15.96 56.68 101.35
C VAL BB 72 -17.34 56.87 101.96
N VAL BB 73 -18.36 56.87 101.11
CA VAL BB 73 -19.74 56.97 101.56
C VAL BB 73 -20.57 55.94 100.81
N LEU BB 74 -21.53 55.34 101.51
CA LEU BB 74 -22.39 54.31 100.95
C LEU BB 74 -23.72 54.91 100.51
N ASP BB 75 -24.23 54.41 99.38
CA ASP BB 75 -25.56 54.84 98.92
C ASP BB 75 -26.64 54.37 99.88
N GLU BB 76 -27.64 55.23 100.10
CA GLU BB 76 -28.69 54.92 101.06
C GLU BB 76 -29.44 53.66 100.65
N LYS BB 77 -29.75 53.52 99.36
CA LYS BB 77 -30.55 52.39 98.89
C LYS BB 77 -29.65 51.23 98.47
N THR BB 78 -28.73 51.48 97.52
CA THR BB 78 -27.96 50.39 96.93
C THR BB 78 -26.77 49.95 97.77
N ASN BB 79 -26.37 50.74 98.77
CA ASN BB 79 -25.18 50.49 99.59
C ASN BB 79 -23.90 50.38 98.76
N LEU BB 80 -23.94 50.81 97.50
CA LEU BB 80 -22.74 50.90 96.69
C LEU BB 80 -21.86 52.05 97.17
N PRO BB 81 -20.56 51.85 97.27
CA PRO BB 81 -19.70 52.91 97.78
C PRO BB 81 -19.25 53.84 96.69
N SER BB 82 -19.33 55.14 96.92
CA SER BB 82 -18.60 56.10 96.12
C SER BB 82 -17.75 56.94 97.07
N THR BB 83 -16.61 57.40 96.56
CA THR BB 83 -15.60 58.00 97.41
C THR BB 83 -15.28 59.43 96.96
N GLY BB 84 -15.14 60.32 97.93
CA GLY BB 84 -14.75 61.71 97.69
C GLY BB 84 -13.33 61.90 98.17
N SER BB 85 -12.56 62.70 97.42
CA SER BB 85 -11.12 62.70 97.68
C SER BB 85 -10.46 64.01 97.27
N VAL BB 86 -9.52 64.47 98.10
CA VAL BB 86 -8.60 65.53 97.75
C VAL BB 86 -7.21 64.93 97.59
N THR BB 87 -6.64 65.06 96.41
CA THR BB 87 -5.32 64.49 96.13
C THR BB 87 -4.36 65.57 95.66
N ILE BB 88 -3.11 65.45 96.10
CA ILE BB 88 -2.08 66.46 95.91
C ILE BB 88 -0.86 65.81 95.27
N GLN BB 89 -0.29 66.47 94.27
CA GLN BB 89 1.01 66.11 93.71
C GLN BB 89 1.95 67.30 93.82
N VAL BB 90 3.09 67.09 94.48
CA VAL BB 90 4.14 68.09 94.61
C VAL BB 90 5.30 67.65 93.73
N SER BB 91 5.76 68.53 92.84
CA SER BB 91 6.86 68.26 91.94
C SER BB 91 7.97 69.25 92.23
N ILE BB 92 9.08 68.75 92.77
CA ILE BB 92 10.21 69.52 93.26
C ILE BB 92 11.38 69.31 92.29
N PRO BB 93 11.80 70.32 91.53
CA PRO BB 93 12.96 70.17 90.66
C PRO BB 93 14.25 70.03 91.44
N ARG BB 94 15.29 69.59 90.71
CA ARG BB 94 16.60 69.37 91.31
C ARG BB 94 17.64 70.40 90.90
N ASN BB 95 17.33 71.27 89.96
CA ASN BB 95 18.22 72.39 89.66
C ASN BB 95 18.46 73.20 90.94
N PRO BB 96 19.71 73.46 91.32
CA PRO BB 96 19.98 74.18 92.58
C PRO BB 96 19.31 75.54 92.64
N ALA BB 97 18.77 76.01 91.53
CA ALA BB 97 18.01 77.24 91.49
C ALA BB 97 16.61 77.08 92.08
N TRP BB 98 16.28 75.92 92.64
CA TRP BB 98 15.05 75.70 93.38
C TRP BB 98 15.36 75.56 94.87
N ASN BB 99 14.39 75.90 95.72
CA ASN BB 99 14.58 75.85 97.16
C ASN BB 99 13.42 75.13 97.84
N ALA BB 100 13.75 74.48 98.96
CA ALA BB 100 12.71 74.05 99.86
C ALA BB 100 11.79 75.21 100.23
N SER BB 101 12.34 76.42 100.32
CA SER BB 101 11.50 77.59 100.61
C SER BB 101 10.46 77.79 99.51
N MET BB 102 10.84 77.53 98.26
CA MET BB 102 9.90 77.67 97.16
C MET BB 102 8.84 76.57 97.22
N THR BB 103 9.26 75.34 97.55
CA THR BB 103 8.29 74.27 97.76
C THR BB 103 7.27 74.65 98.83
N VAL BB 104 7.76 75.10 99.98
CA VAL BB 104 6.87 75.48 101.08
C VAL BB 104 5.98 76.64 100.68
N SER BB 105 6.52 77.59 99.91
CA SER BB 105 5.70 78.72 99.49
C SER BB 105 4.55 78.26 98.63
N LEU BB 106 4.80 77.34 97.68
CA LEU BB 106 3.70 76.81 96.88
C LEU BB 106 2.69 76.07 97.74
N LEU BB 107 3.17 75.28 98.72
CA LEU BB 107 2.24 74.57 99.59
C LEU BB 107 1.35 75.54 100.35
N LYS BB 108 1.94 76.59 100.91
CA LYS BB 108 1.18 77.57 101.70
C LYS BB 108 0.18 78.31 100.82
N GLN BB 109 0.58 78.65 99.58
CA GLN BB 109 -0.33 79.35 98.69
C GLN BB 109 -1.50 78.47 98.28
N ALA BB 110 -1.22 77.19 98.01
CA ALA BB 110 -2.31 76.26 97.69
C ALA BB 110 -3.25 76.14 98.88
N ALA BB 111 -2.71 76.04 100.10
CA ALA BB 111 -3.55 75.99 101.29
C ALA BB 111 -4.42 77.23 101.40
N ASP BB 112 -3.85 78.40 101.14
CA ASP BB 112 -4.63 79.63 101.20
C ASP BB 112 -5.74 79.64 100.15
N TYR BB 113 -5.41 79.24 98.93
CA TYR BB 113 -6.33 79.45 97.82
C TYR BB 113 -7.42 78.38 97.74
N LEU BB 114 -7.13 77.14 98.12
CA LEU BB 114 -8.13 76.08 98.03
C LEU BB 114 -8.74 75.72 99.38
N ALA BB 115 -8.05 76.00 100.49
CA ALA BB 115 -8.59 75.71 101.80
C ALA BB 115 -8.85 76.94 102.65
N GLY BB 116 -8.25 78.07 102.33
CA GLY BB 116 -8.45 79.29 103.10
C GLY BB 116 -7.92 79.19 104.52
N THR BB 117 -6.66 78.76 104.66
CA THR BB 117 -6.08 78.53 105.98
C THR BB 117 -4.74 79.24 106.21
N SER BB 118 -4.31 80.10 105.29
CA SER BB 118 -3.06 80.81 105.44
C SER BB 118 -2.96 81.57 106.77
N ALA BB 119 -1.72 81.83 107.19
CA ALA BB 119 -1.45 82.69 108.34
C ALA BB 119 -1.86 84.13 108.03
N THR BB 120 -1.95 84.94 109.08
CA THR BB 120 -2.41 86.31 108.92
C THR BB 120 -1.26 87.23 108.51
N VAL BB 121 -1.47 87.97 107.42
CA VAL BB 121 -0.54 88.96 106.90
C VAL BB 121 -1.34 90.15 106.43
N SER BB 122 -0.84 91.35 106.69
CA SER BB 122 -1.51 92.57 106.27
C SER BB 122 -1.68 92.59 104.76
N GLY BB 123 -2.89 92.83 104.31
CA GLY BB 123 -3.18 92.91 102.90
C GLY BB 123 -3.50 91.59 102.23
N GLN BB 124 -3.68 90.51 102.98
CA GLN BB 124 -3.95 89.23 102.34
C GLN BB 124 -5.42 89.22 101.91
N THR BB 125 -5.72 88.49 100.83
CA THR BB 125 -7.13 88.40 100.46
C THR BB 125 -7.84 87.41 101.39
N ASP BB 126 -9.08 87.73 101.71
CA ASP BB 126 -9.88 86.89 102.60
C ASP BB 126 -10.30 85.64 101.85
N THR BB 127 -9.71 84.51 102.24
CA THR BB 127 -9.94 83.24 101.59
C THR BB 127 -10.83 82.32 102.42
N SER BB 128 -11.46 82.85 103.47
CA SER BB 128 -12.23 82.02 104.38
C SER BB 128 -13.37 81.30 103.65
N GLY BB 129 -14.04 81.98 102.73
CA GLY BB 129 -15.16 81.39 102.02
C GLY BB 129 -14.78 80.62 100.79
N PHE BB 130 -13.50 80.64 100.43
CA PHE BB 130 -13.07 79.94 99.23
C PHE BB 130 -13.32 78.43 99.27
N PRO BB 131 -13.06 77.70 100.36
CA PRO BB 131 -13.39 76.27 100.34
C PRO BB 131 -14.86 76.01 100.11
N ALA BB 132 -15.74 76.83 100.67
CA ALA BB 132 -17.16 76.72 100.39
C ALA BB 132 -17.44 76.92 98.91
N LYS BB 133 -16.88 77.99 98.32
CA LYS BB 133 -17.11 78.24 96.90
C LYS BB 133 -16.58 77.10 96.04
N TRP BB 134 -15.44 76.52 96.41
CA TRP BB 134 -14.91 75.39 95.65
C TRP BB 134 -15.85 74.20 95.74
N ALA BB 135 -16.28 73.86 96.96
CA ALA BB 135 -17.20 72.75 97.14
C ALA BB 135 -18.48 72.94 96.37
N GLY BB 136 -18.85 74.19 96.10
CA GLY BB 136 -19.95 74.48 95.20
C GLY BB 136 -19.60 74.55 93.73
N LEU BB 137 -18.35 74.24 93.36
CA LEU BB 137 -17.86 74.36 91.98
C LEU BB 137 -18.03 75.80 91.46
N MET BB 138 -17.49 76.74 92.22
CA MET BB 138 -17.52 78.16 91.86
C MET BB 138 -16.12 78.72 92.04
N PHE BB 139 -15.62 79.40 91.02
CA PHE BB 139 -14.31 80.03 91.15
C PHE BB 139 -14.39 81.17 92.15
N PRO BB 140 -13.45 81.26 93.10
CA PRO BB 140 -13.38 82.34 94.09
C PRO BB 140 -13.23 83.70 93.45
N ALA CB 1 118.93 -45.78 3.72
CA ALA CB 1 118.57 -46.96 2.95
C ALA CB 1 119.66 -47.37 1.97
N ALA CB 2 119.78 -48.66 1.72
CA ALA CB 2 120.76 -49.16 0.78
C ALA CB 2 120.42 -48.70 -0.64
N PRO CB 3 121.42 -48.37 -1.45
CA PRO CB 3 121.13 -47.86 -2.81
C PRO CB 3 120.69 -48.95 -3.76
N SER CB 4 121.07 -50.21 -3.50
CA SER CB 4 120.72 -51.29 -4.40
C SER CB 4 120.82 -52.60 -3.64
N LEU CB 5 120.13 -53.62 -4.16
CA LEU CB 5 119.99 -54.90 -3.51
C LEU CB 5 120.08 -56.02 -4.54
N ALA CB 6 120.70 -57.12 -4.14
CA ALA CB 6 120.71 -58.34 -4.94
C ALA CB 6 120.12 -59.42 -4.05
N LEU CB 7 118.82 -59.65 -4.16
CA LEU CB 7 118.12 -60.58 -3.30
C LEU CB 7 118.05 -61.93 -3.99
N VAL CB 8 117.96 -63.00 -3.22
CA VAL CB 8 117.86 -64.34 -3.78
C VAL CB 8 116.39 -64.72 -3.93
N GLY CB 9 116.02 -65.15 -5.12
CA GLY CB 9 114.71 -65.69 -5.42
C GLY CB 9 114.85 -66.99 -6.21
N ALA CB 10 113.82 -67.31 -6.98
CA ALA CB 10 113.78 -68.56 -7.74
C ALA CB 10 113.34 -68.31 -9.17
N ASN CB 11 113.96 -69.05 -10.10
CA ASN CB 11 113.59 -69.01 -11.51
C ASN CB 11 112.46 -70.01 -11.76
N SER CB 12 112.18 -70.29 -13.04
CA SER CB 12 111.13 -71.23 -13.37
C SER CB 12 111.49 -72.66 -12.92
N THR CB 13 112.78 -72.97 -12.82
CA THR CB 13 113.27 -74.25 -12.30
C THR CB 13 113.22 -74.31 -10.77
N LEU CB 14 112.97 -73.18 -10.11
CA LEU CB 14 113.09 -73.00 -8.67
C LEU CB 14 114.54 -73.06 -8.19
N ALA CB 15 115.49 -72.90 -9.09
CA ALA CB 15 116.88 -72.75 -8.70
C ALA CB 15 117.12 -71.34 -8.17
N SER CB 16 118.04 -71.22 -7.22
CA SER CB 16 118.31 -69.93 -6.59
C SER CB 16 118.92 -68.96 -7.60
N THR CB 17 118.24 -67.83 -7.81
CA THR CB 17 118.62 -66.84 -8.81
C THR CB 17 118.65 -65.46 -8.17
N LEU CB 18 119.59 -64.63 -8.60
CA LEU CB 18 119.58 -63.25 -8.11
C LEU CB 18 118.47 -62.45 -8.78
N VAL CB 19 117.93 -61.52 -8.01
CA VAL CB 19 116.97 -60.53 -8.49
C VAL CB 19 117.41 -59.18 -7.97
N ASN CB 20 117.59 -58.23 -8.89
CA ASN CB 20 118.29 -56.99 -8.61
C ASN CB 20 117.28 -55.86 -8.47
N TYR CB 21 117.34 -55.18 -7.33
CA TYR CB 21 116.54 -54.00 -7.07
C TYR CB 21 117.46 -52.80 -6.91
N SER CB 22 116.94 -51.62 -7.23
CA SER CB 22 117.65 -50.37 -7.00
C SER CB 22 116.69 -49.37 -6.39
N LEU CB 23 117.24 -48.46 -5.59
CA LEU CB 23 116.43 -47.53 -4.82
C LEU CB 23 115.76 -46.52 -5.75
N ARG CB 24 114.43 -46.62 -5.87
CA ARG CB 24 113.69 -45.57 -6.56
C ARG CB 24 113.62 -44.31 -5.70
N SER CB 25 113.07 -44.41 -4.50
CA SER CB 25 112.94 -43.19 -3.72
C SER CB 25 112.85 -43.50 -2.23
N GLN CB 26 113.46 -42.65 -1.42
CA GLN CB 26 113.27 -42.69 0.03
C GLN CB 26 112.45 -41.48 0.44
N ASN CB 27 111.26 -41.75 0.97
CA ASN CB 27 110.48 -40.80 1.72
C ASN CB 27 110.79 -41.01 3.21
N GLY CB 28 110.34 -40.09 4.05
CA GLY CB 28 110.63 -40.21 5.47
C GLY CB 28 110.05 -41.47 6.08
N ASN CB 29 110.94 -42.37 6.53
CA ASN CB 29 110.54 -43.68 7.05
C ASN CB 29 109.78 -44.49 6.00
N ASN CB 30 110.14 -44.31 4.74
CA ASN CB 30 109.51 -45.06 3.67
C ASN CB 30 110.51 -45.24 2.54
N VAL CB 31 110.55 -46.44 1.96
CA VAL CB 31 111.54 -46.76 0.94
C VAL CB 31 110.87 -47.54 -0.18
N ASP CB 32 111.17 -47.15 -1.43
CA ASP CB 32 110.65 -47.79 -2.63
C ASP CB 32 111.80 -48.22 -3.52
N TYR CB 33 111.90 -49.53 -3.77
CA TYR CB 33 112.86 -50.15 -4.67
C TYR CB 33 112.15 -50.68 -5.91
N VAL CB 34 112.91 -50.74 -7.02
CA VAL CB 34 112.40 -51.22 -8.30
C VAL CB 34 113.35 -52.27 -8.85
N CYS CB 35 112.81 -53.30 -9.50
CA CYS CB 35 113.63 -54.35 -10.06
C CYS CB 35 114.28 -53.87 -11.36
N THR CB 36 115.58 -54.07 -11.47
CA THR CB 36 116.37 -53.61 -12.61
C THR CB 36 116.69 -54.72 -13.61
N ASP CB 37 116.07 -55.88 -13.46
CA ASP CB 37 116.27 -56.98 -14.39
C ASP CB 37 115.43 -56.75 -15.64
N PRO CB 38 115.68 -57.52 -16.70
CA PRO CB 38 114.74 -57.50 -17.84
C PRO CB 38 113.37 -58.05 -17.50
N ASP CB 39 113.23 -58.79 -16.38
CA ASP CB 39 111.93 -59.32 -15.98
C ASP CB 39 110.91 -58.23 -15.73
N SER CB 40 111.33 -57.15 -15.07
CA SER CB 40 110.45 -56.03 -14.80
C SER CB 40 110.64 -54.95 -15.84
N THR CB 41 109.52 -54.38 -16.25
CA THR CB 41 109.46 -53.19 -17.08
C THR CB 41 108.56 -52.20 -16.36
N LEU CB 42 108.53 -50.95 -16.87
CA LEU CB 42 107.61 -49.99 -16.27
C LEU CB 42 106.17 -50.46 -16.38
N SER CB 43 105.83 -51.17 -17.46
CA SER CB 43 104.46 -51.63 -17.65
C SER CB 43 104.11 -52.74 -16.65
N ALA CB 44 105.05 -53.64 -16.37
CA ALA CB 44 104.82 -54.75 -15.43
C ALA CB 44 106.03 -54.87 -14.53
N PRO CB 45 106.10 -54.06 -13.48
CA PRO CB 45 107.33 -53.95 -12.68
C PRO CB 45 107.39 -54.95 -11.53
N GLY CB 46 108.60 -55.11 -11.00
CA GLY CB 46 108.82 -55.74 -9.72
C GLY CB 46 109.20 -54.65 -8.72
N LEU CB 47 108.58 -54.68 -7.55
CA LEU CB 47 108.64 -53.54 -6.65
C LEU CB 47 108.80 -54.00 -5.21
N ILE CB 48 109.43 -53.15 -4.40
CA ILE CB 48 109.54 -53.36 -2.96
C ILE CB 48 109.21 -52.05 -2.26
N ASN CB 49 108.49 -52.15 -1.14
CA ASN CB 49 108.10 -51.01 -0.33
C ASN CB 49 108.30 -51.36 1.14
N ALA CB 50 108.87 -50.41 1.90
CA ALA CB 50 109.11 -50.62 3.33
C ALA CB 50 108.78 -49.35 4.11
N LYS CB 51 107.96 -49.50 5.15
CA LYS CB 51 107.41 -48.39 5.91
C LYS CB 51 107.60 -48.64 7.41
N PHE CB 52 107.66 -47.54 8.16
CA PHE CB 52 107.84 -47.57 9.61
C PHE CB 52 106.74 -46.74 10.28
N ASP CB 53 105.82 -47.43 10.97
CA ASP CB 53 104.83 -46.79 11.82
C ASP CB 53 105.42 -46.70 13.22
N ILE CB 54 106.06 -45.58 13.53
CA ILE CB 54 106.72 -45.36 14.80
C ILE CB 54 105.87 -44.39 15.62
N LYS CB 55 105.40 -44.85 16.77
CA LYS CB 55 104.55 -44.03 17.61
C LYS CB 55 105.39 -42.98 18.35
N ALA CB 56 104.72 -41.97 18.86
CA ALA CB 56 105.39 -40.92 19.62
C ALA CB 56 106.18 -41.53 20.78
N PRO CB 57 107.33 -40.94 21.14
CA PRO CB 57 108.15 -41.56 22.20
C PRO CB 57 107.46 -41.63 23.55
N GLY CB 58 106.59 -40.68 23.88
CA GLY CB 58 105.87 -40.76 25.14
C GLY CB 58 104.85 -41.89 25.15
N ILE CB 59 104.15 -42.09 24.04
CA ILE CB 59 103.06 -43.06 23.96
C ILE CB 59 103.62 -44.47 23.94
N THR CB 60 102.99 -45.38 24.71
CA THR CB 60 103.25 -46.80 24.59
C THR CB 60 102.27 -47.44 23.61
N GLY CB 61 102.79 -48.26 22.73
CA GLY CB 61 101.98 -49.02 21.81
C GLY CB 61 102.87 -50.08 21.20
N ASN CB 62 102.57 -50.44 19.96
CA ASN CB 62 103.46 -51.27 19.16
C ASN CB 62 104.01 -50.43 18.02
N ASP CB 63 105.32 -50.51 17.83
CA ASP CB 63 105.93 -50.00 16.60
C ASP CB 63 105.72 -51.03 15.50
N ARG CB 64 105.58 -50.55 14.26
CA ARG CB 64 105.23 -51.45 13.16
C ARG CB 64 106.14 -51.26 11.96
N ILE CB 65 106.42 -52.37 11.28
CA ILE CB 65 107.16 -52.40 10.02
C ILE CB 65 106.25 -53.00 8.97
N HIS CB 66 106.12 -52.32 7.82
CA HIS CB 66 105.30 -52.81 6.71
C HIS CB 66 106.19 -53.02 5.50
N ALA CB 67 106.28 -54.25 5.02
CA ALA CB 67 107.06 -54.56 3.84
C ALA CB 67 106.17 -55.20 2.79
N ASN CB 68 106.48 -54.92 1.52
CA ASN CB 68 105.66 -55.41 0.42
C ASN CB 68 106.58 -55.69 -0.77
N LEU CB 69 106.56 -56.94 -1.25
CA LEU CB 69 107.33 -57.35 -2.43
C LEU CB 69 106.34 -57.81 -3.50
N ARG CB 70 106.33 -57.10 -4.63
CA ARG CB 70 105.33 -57.27 -5.66
C ARG CB 70 105.99 -57.64 -6.98
N LYS CB 71 105.25 -58.41 -7.79
CA LYS CB 71 105.56 -58.60 -9.20
C LYS CB 71 104.28 -58.47 -9.99
N VAL CB 72 104.25 -57.54 -10.94
CA VAL CB 72 103.10 -57.33 -11.81
C VAL CB 72 103.28 -58.21 -13.05
N VAL CB 73 102.19 -58.77 -13.54
CA VAL CB 73 102.22 -59.58 -14.75
C VAL CB 73 101.06 -59.15 -15.64
N LEU CB 74 101.29 -59.20 -16.94
CA LEU CB 74 100.29 -58.82 -17.93
C LEU CB 74 99.64 -60.07 -18.54
N ASP CB 75 98.33 -59.99 -18.73
CA ASP CB 75 97.62 -61.07 -19.40
C ASP CB 75 98.04 -61.14 -20.87
N GLU CB 76 98.30 -62.35 -21.35
CA GLU CB 76 98.68 -62.52 -22.76
C GLU CB 76 97.59 -61.97 -23.67
N LYS CB 77 96.32 -62.30 -23.39
CA LYS CB 77 95.26 -61.91 -24.29
C LYS CB 77 94.84 -60.45 -24.13
N THR CB 78 94.68 -59.97 -22.88
CA THR CB 78 94.12 -58.64 -22.67
C THR CB 78 95.14 -57.59 -22.27
N ASN CB 79 96.39 -57.98 -21.97
CA ASN CB 79 97.41 -57.08 -21.44
C ASN CB 79 96.98 -56.36 -20.17
N LEU CB 80 95.90 -56.82 -19.54
CA LEU CB 80 95.50 -56.27 -18.26
C LEU CB 80 96.44 -56.75 -17.16
N PRO CB 81 96.83 -55.87 -16.26
CA PRO CB 81 97.80 -56.25 -15.24
C PRO CB 81 97.15 -56.83 -14.01
N SER CB 82 97.64 -57.97 -13.55
CA SER CB 82 97.33 -58.43 -12.20
C SER CB 82 98.65 -58.69 -11.49
N THR CB 83 98.64 -58.50 -10.19
CA THR CB 83 99.88 -58.47 -9.42
C THR CB 83 99.87 -59.55 -8.35
N GLY CB 84 101.05 -60.10 -8.08
CA GLY CB 84 101.25 -61.07 -7.02
C GLY CB 84 102.22 -60.51 -6.00
N SER CB 85 101.93 -60.76 -4.72
CA SER CB 85 102.67 -60.02 -3.70
C SER CB 85 102.83 -60.82 -2.41
N VAL CB 86 103.93 -60.55 -1.71
CA VAL CB 86 104.14 -61.00 -0.34
C VAL CB 86 104.28 -59.76 0.54
N THR CB 87 103.39 -59.62 1.50
CA THR CB 87 103.43 -58.50 2.45
C THR CB 87 103.69 -59.01 3.85
N ILE CB 88 104.40 -58.20 4.62
CA ILE CB 88 104.89 -58.57 5.94
C ILE CB 88 104.64 -57.41 6.89
N GLN CB 89 104.11 -57.73 8.07
CA GLN CB 89 103.89 -56.70 9.09
C GLN CB 89 104.56 -57.19 10.36
N VAL CB 90 105.50 -56.41 10.87
CA VAL CB 90 106.21 -56.72 12.11
C VAL CB 90 105.69 -55.76 13.17
N SER CB 91 105.12 -56.30 14.25
CA SER CB 91 104.61 -55.50 15.36
C SER CB 91 105.47 -55.78 16.58
N ILE CB 92 106.24 -54.78 16.98
CA ILE CB 92 107.23 -54.85 18.06
C ILE CB 92 106.70 -54.05 19.24
N PRO CB 93 106.48 -54.66 20.40
CA PRO CB 93 106.01 -53.90 21.56
C PRO CB 93 107.09 -53.06 22.22
N ARG CB 94 106.66 -51.97 22.83
CA ARG CB 94 107.54 -51.00 23.48
C ARG CB 94 107.81 -51.32 24.95
N ASN CB 95 107.65 -52.56 25.36
CA ASN CB 95 107.94 -53.01 26.72
C ASN CB 95 109.34 -53.58 26.78
N PRO CB 96 110.19 -53.14 27.73
CA PRO CB 96 111.55 -53.71 27.82
C PRO CB 96 111.58 -55.22 27.97
N ALA CB 97 110.46 -55.84 28.32
CA ALA CB 97 110.40 -57.29 28.36
C ALA CB 97 110.48 -57.93 26.98
N TRP CB 98 110.46 -57.13 25.92
CA TRP CB 98 110.68 -57.57 24.55
C TRP CB 98 112.01 -57.00 24.07
N ASN CB 99 112.67 -57.73 23.17
CA ASN CB 99 113.93 -57.21 22.66
C ASN CB 99 114.16 -57.65 21.21
N ALA CB 100 115.24 -57.11 20.66
CA ALA CB 100 115.53 -57.34 19.25
C ALA CB 100 115.80 -58.80 18.97
N SER CB 101 116.34 -59.53 19.95
CA SER CB 101 116.56 -60.96 19.74
C SER CB 101 115.23 -61.67 19.47
N MET CB 102 114.17 -61.24 20.15
CA MET CB 102 112.86 -61.83 19.94
C MET CB 102 112.28 -61.41 18.60
N THR CB 103 112.46 -60.13 18.23
CA THR CB 103 112.04 -59.70 16.88
C THR CB 103 112.70 -60.57 15.81
N VAL CB 104 114.02 -60.72 15.91
CA VAL CB 104 114.77 -61.50 14.93
C VAL CB 104 114.34 -62.96 14.96
N SER CB 105 114.04 -63.49 16.16
CA SER CB 105 113.61 -64.88 16.26
C SER CB 105 112.31 -65.10 15.49
N LEU CB 106 111.35 -64.17 15.65
CA LEU CB 106 110.12 -64.31 14.87
C LEU CB 106 110.39 -64.21 13.38
N LEU CB 107 111.26 -63.28 12.96
CA LEU CB 107 111.59 -63.18 11.55
C LEU CB 107 112.18 -64.48 11.01
N LYS CB 108 113.13 -65.06 11.74
CA LYS CB 108 113.78 -66.29 11.31
C LYS CB 108 112.80 -67.44 11.24
N GLN CB 109 111.89 -67.54 12.21
CA GLN CB 109 110.92 -68.63 12.21
C GLN CB 109 109.95 -68.49 11.04
N ALA CB 110 109.50 -67.27 10.77
CA ALA CB 110 108.63 -67.06 9.61
C ALA CB 110 109.36 -67.43 8.32
N ALA CB 111 110.63 -67.06 8.22
CA ALA CB 111 111.42 -67.43 7.05
C ALA CB 111 111.49 -68.95 6.89
N ASP CB 112 111.82 -69.65 7.98
CA ASP CB 112 111.87 -71.11 7.93
C ASP CB 112 110.54 -71.70 7.49
N TYR CB 113 109.43 -71.21 8.06
CA TYR CB 113 108.16 -71.90 7.88
C TYR CB 113 107.48 -71.57 6.56
N LEU CB 114 107.71 -70.37 6.00
CA LEU CB 114 107.05 -70.03 4.74
C LEU CB 114 107.97 -70.01 3.54
N ALA CB 115 109.27 -69.83 3.73
CA ALA CB 115 110.21 -69.87 2.62
C ALA CB 115 111.18 -71.04 2.69
N GLY CB 116 111.32 -71.68 3.85
CA GLY CB 116 112.21 -72.81 4.00
C GLY CB 116 113.66 -72.44 3.79
N THR CB 117 114.13 -71.40 4.50
CA THR CB 117 115.48 -70.89 4.32
C THR CB 117 116.27 -70.78 5.62
N SER CB 118 115.80 -71.34 6.72
CA SER CB 118 116.52 -71.30 7.98
C SER CB 118 117.95 -71.84 7.85
N ALA CB 119 118.79 -71.45 8.80
CA ALA CB 119 120.14 -72.01 8.93
C ALA CB 119 120.07 -73.45 9.41
N THR CB 120 121.11 -74.21 9.10
CA THR CB 120 121.12 -75.62 9.48
C THR CB 120 121.31 -75.77 10.98
N VAL CB 121 120.38 -76.48 11.61
CA VAL CB 121 120.37 -76.74 13.05
C VAL CB 121 119.82 -78.14 13.25
N SER CB 122 120.52 -78.96 14.04
CA SER CB 122 120.14 -80.36 14.14
C SER CB 122 118.77 -80.49 14.78
N GLY CB 123 117.93 -81.34 14.20
CA GLY CB 123 116.57 -81.54 14.67
C GLY CB 123 115.53 -80.65 14.05
N GLN CB 124 115.93 -79.73 13.18
CA GLN CB 124 114.98 -78.89 12.46
C GLN CB 124 114.16 -79.72 11.49
N THR CB 125 112.89 -79.35 11.33
CA THR CB 125 112.10 -79.99 10.29
C THR CB 125 112.57 -79.52 8.92
N ASP CB 126 112.49 -80.42 7.94
CA ASP CB 126 112.93 -80.13 6.58
C ASP CB 126 111.87 -79.25 5.93
N THR CB 127 112.13 -77.96 5.91
CA THR CB 127 111.18 -76.96 5.40
C THR CB 127 111.41 -76.63 3.94
N SER CB 128 112.30 -77.38 3.27
CA SER CB 128 112.68 -77.02 1.91
C SER CB 128 111.49 -77.04 0.95
N GLY CB 129 110.57 -77.98 1.13
CA GLY CB 129 109.43 -78.07 0.23
C GLY CB 129 108.25 -77.25 0.62
N PHE CB 130 108.33 -76.60 1.78
CA PHE CB 130 107.20 -75.80 2.25
C PHE CB 130 106.82 -74.67 1.31
N PRO CB 131 107.75 -73.89 0.73
CA PRO CB 131 107.31 -72.85 -0.21
C PRO CB 131 106.55 -73.42 -1.40
N ALA CB 132 106.97 -74.58 -1.92
CA ALA CB 132 106.21 -75.23 -2.96
C ALA CB 132 104.80 -75.56 -2.49
N LYS CB 133 104.68 -76.18 -1.31
CA LYS CB 133 103.35 -76.52 -0.81
C LYS CB 133 102.49 -75.27 -0.62
N TRP CB 134 103.07 -74.19 -0.09
CA TRP CB 134 102.29 -72.97 0.09
C TRP CB 134 101.81 -72.44 -1.26
N ALA CB 135 102.71 -72.38 -2.24
CA ALA CB 135 102.34 -71.92 -3.58
C ALA CB 135 101.28 -72.82 -4.21
N GLY CB 136 101.10 -74.03 -3.70
CA GLY CB 136 99.99 -74.86 -4.09
C GLY CB 136 98.74 -74.74 -3.24
N LEU CB 137 98.70 -73.81 -2.29
CA LEU CB 137 97.64 -73.70 -1.29
C LEU CB 137 97.44 -75.02 -0.54
N MET CB 138 98.54 -75.54 0.00
CA MET CB 138 98.56 -76.77 0.79
C MET CB 138 99.31 -76.51 2.08
N PHE CB 139 98.73 -76.90 3.20
CA PHE CB 139 99.46 -76.75 4.46
C PHE CB 139 100.63 -77.73 4.50
N PRO CB 140 101.81 -77.30 4.92
CA PRO CB 140 102.97 -78.18 5.06
C PRO CB 140 102.69 -79.33 6.01
N ALA DB 1 122.38 -35.03 4.51
CA ALA DB 1 122.62 -35.05 5.95
C ALA DB 1 123.67 -36.08 6.34
N ALA DB 2 124.36 -35.85 7.44
CA ALA DB 2 125.39 -36.78 7.90
C ALA DB 2 124.76 -38.13 8.24
N PRO DB 3 125.33 -39.24 7.78
CA PRO DB 3 124.73 -40.55 8.07
C PRO DB 3 124.84 -40.96 9.52
N SER DB 4 125.79 -40.40 10.27
CA SER DB 4 125.94 -40.77 11.67
C SER DB 4 126.65 -39.63 12.40
N LEU DB 5 126.46 -39.59 13.72
CA LEU DB 5 126.95 -38.52 14.56
C LEU DB 5 127.50 -39.09 15.87
N ALA DB 6 128.56 -38.48 16.36
CA ALA DB 6 129.12 -38.81 17.67
C ALA DB 6 129.16 -37.51 18.46
N LEU DB 7 128.10 -37.26 19.23
CA LEU DB 7 127.96 -36.00 19.94
C LEU DB 7 128.47 -36.16 21.37
N VAL DB 8 128.85 -35.04 21.98
CA VAL DB 8 129.35 -35.06 23.35
C VAL DB 8 128.20 -34.76 24.31
N GLY DB 9 128.02 -35.62 25.31
CA GLY DB 9 127.08 -35.39 26.38
C GLY DB 9 127.75 -35.67 27.71
N ALA DB 10 126.97 -35.98 28.74
CA ALA DB 10 127.51 -36.20 30.07
C ALA DB 10 127.03 -37.54 30.63
N ASN DB 11 127.94 -38.26 31.29
CA ASN DB 11 127.60 -39.51 31.96
C ASN DB 11 126.94 -39.20 33.29
N SER DB 12 126.76 -40.22 34.13
CA SER DB 12 126.15 -40.00 35.44
C SER DB 12 126.99 -39.08 36.32
N THR DB 13 128.28 -38.96 36.03
CA THR DB 13 129.19 -38.10 36.79
C THR DB 13 129.40 -36.74 36.15
N LEU DB 14 128.73 -36.49 35.02
CA LEU DB 14 128.85 -35.25 34.25
C LEU DB 14 130.18 -35.15 33.51
N ALA DB 15 130.90 -36.27 33.36
CA ALA DB 15 132.08 -36.29 32.52
C ALA DB 15 131.68 -36.36 31.05
N SER DB 16 132.47 -35.71 30.20
CA SER DB 16 132.17 -35.70 28.79
C SER DB 16 132.26 -37.11 28.21
N THR DB 17 131.16 -37.55 27.59
CA THR DB 17 131.03 -38.90 27.07
C THR DB 17 130.41 -38.85 25.69
N LEU DB 18 130.88 -39.70 24.78
CA LEU DB 18 130.24 -39.74 23.46
C LEU DB 18 128.86 -40.39 23.53
N VAL DB 19 127.99 -39.93 22.65
CA VAL DB 19 126.65 -40.46 22.45
C VAL DB 19 126.45 -40.57 20.95
N ASN DB 20 126.15 -41.78 20.50
CA ASN DB 20 126.22 -42.14 19.09
C ASN DB 20 124.82 -42.18 18.49
N TYR DB 21 124.60 -41.40 17.44
CA TYR DB 21 123.36 -41.37 16.70
C TYR DB 21 123.60 -41.82 15.27
N SER DB 22 122.58 -42.41 14.66
CA SER DB 22 122.61 -42.80 13.26
C SER DB 22 121.35 -42.29 12.59
N LEU DB 23 121.49 -41.95 11.31
CA LEU DB 23 120.41 -41.35 10.54
C LEU DB 23 119.36 -42.39 10.18
N ARG DB 24 118.14 -42.24 10.70
CA ARG DB 24 117.09 -43.20 10.42
C ARG DB 24 116.45 -42.93 9.05
N SER DB 25 116.05 -41.69 8.79
CA SER DB 25 115.45 -41.34 7.50
C SER DB 25 115.54 -39.84 7.30
N GLN DB 26 115.13 -39.39 6.11
CA GLN DB 26 115.05 -37.97 5.77
C GLN DB 26 113.78 -37.72 4.99
N ASN DB 27 112.88 -36.91 5.54
CA ASN DB 27 111.60 -36.50 4.96
C ASN DB 27 111.74 -35.07 4.42
N GLY DB 28 110.61 -34.47 4.06
CA GLY DB 28 110.58 -33.10 3.60
C GLY DB 28 111.10 -32.15 4.65
N ASN DB 29 112.27 -31.58 4.36
CA ASN DB 29 112.89 -30.55 5.18
C ASN DB 29 113.05 -30.99 6.63
N ASN DB 30 113.42 -32.26 6.84
CA ASN DB 30 113.64 -32.73 8.20
C ASN DB 30 114.61 -33.91 8.18
N VAL DB 31 115.05 -34.29 9.37
CA VAL DB 31 116.07 -35.31 9.57
C VAL DB 31 115.79 -35.98 10.90
N ASP DB 32 115.87 -37.31 10.92
CA ASP DB 32 115.57 -38.13 12.10
C ASP DB 32 116.75 -39.02 12.43
N TYR DB 33 117.32 -38.83 13.62
CA TYR DB 33 118.44 -39.63 14.12
C TYR DB 33 118.00 -40.42 15.35
N VAL DB 34 118.63 -41.59 15.51
CA VAL DB 34 118.33 -42.50 16.61
C VAL DB 34 119.64 -42.86 17.31
N CYS DB 35 119.59 -42.98 18.63
CA CYS DB 35 120.78 -43.34 19.40
C CYS DB 35 121.06 -44.83 19.25
N THR DB 36 122.32 -45.17 18.97
CA THR DB 36 122.76 -46.54 18.72
C THR DB 36 123.53 -47.14 19.88
N ASP DB 37 123.58 -46.46 21.02
CA ASP DB 37 124.26 -46.97 22.19
C ASP DB 37 123.43 -48.10 22.79
N PRO DB 38 124.02 -48.87 23.71
CA PRO DB 38 123.22 -49.93 24.36
C PRO DB 38 122.12 -49.41 25.26
N ASP DB 39 122.27 -48.22 25.87
CA ASP DB 39 121.28 -47.73 26.82
C ASP DB 39 119.98 -47.30 26.15
N SER DB 40 119.96 -47.08 24.84
CA SER DB 40 118.74 -46.73 24.12
C SER DB 40 118.19 -47.96 23.42
N THR DB 41 116.91 -48.22 23.63
CA THR DB 41 116.18 -49.30 23.02
C THR DB 41 114.84 -48.75 22.54
N LEU DB 42 114.08 -49.56 21.80
CA LEU DB 42 112.79 -49.08 21.31
C LEU DB 42 111.86 -48.74 22.47
N SER DB 43 112.03 -49.41 23.60
CA SER DB 43 111.20 -49.11 24.78
C SER DB 43 111.52 -47.73 25.33
N ALA DB 44 112.79 -47.34 25.32
CA ALA DB 44 113.22 -46.04 25.85
C ALA DB 44 114.37 -45.50 25.00
N PRO DB 45 114.04 -44.90 23.85
CA PRO DB 45 115.07 -44.50 22.89
C PRO DB 45 115.62 -43.11 23.17
N GLY DB 46 116.73 -42.81 22.49
CA GLY DB 46 117.24 -41.45 22.36
C GLY DB 46 117.08 -41.01 20.91
N LEU DB 47 116.60 -39.79 20.73
CA LEU DB 47 116.18 -39.33 19.41
C LEU DB 47 116.63 -37.91 19.18
N ILE DB 48 116.92 -37.59 17.91
CA ILE DB 48 117.18 -36.22 17.49
C ILE DB 48 116.40 -35.94 16.20
N ASN DB 49 115.79 -34.76 16.12
CA ASN DB 49 114.93 -34.40 15.00
C ASN DB 49 115.19 -32.96 14.60
N ALA DB 50 115.29 -32.71 13.29
CA ALA DB 50 115.54 -31.35 12.81
C ALA DB 50 114.65 -31.06 11.61
N LYS DB 51 114.17 -29.82 11.52
CA LYS DB 51 113.23 -29.42 10.48
C LYS DB 51 113.50 -27.97 10.08
N PHE DB 52 113.31 -27.67 8.79
CA PHE DB 52 113.38 -26.31 8.29
C PHE DB 52 112.00 -25.83 7.84
N ASP DB 53 111.59 -24.66 8.33
CA ASP DB 53 110.46 -23.92 7.78
C ASP DB 53 111.07 -22.80 6.95
N ILE DB 54 111.03 -22.98 5.62
CA ILE DB 54 111.73 -22.09 4.70
C ILE DB 54 110.70 -21.24 3.96
N LYS DB 55 110.80 -19.93 4.12
CA LYS DB 55 109.85 -19.05 3.48
C LYS DB 55 110.28 -18.77 2.05
N ALA DB 56 109.35 -18.22 1.27
CA ALA DB 56 109.57 -18.01 -0.16
C ALA DB 56 110.75 -17.08 -0.41
N PRO DB 57 111.32 -17.13 -1.60
CA PRO DB 57 112.44 -16.22 -1.91
C PRO DB 57 112.04 -14.77 -1.76
N GLY DB 58 112.98 -13.96 -1.30
CA GLY DB 58 112.76 -12.56 -1.02
C GLY DB 58 113.48 -12.18 0.24
N ILE DB 59 113.27 -10.96 0.69
CA ILE DB 59 113.89 -10.50 1.93
C ILE DB 59 112.87 -10.23 3.02
N THR DB 60 111.62 -10.67 2.83
CA THR DB 60 110.53 -10.28 3.72
C THR DB 60 110.45 -11.15 4.97
N GLY DB 61 110.66 -12.45 4.83
CA GLY DB 61 110.23 -13.40 5.83
C GLY DB 61 111.21 -13.64 6.96
N ASN DB 62 110.92 -14.70 7.71
CA ASN DB 62 111.75 -15.25 8.78
C ASN DB 62 111.83 -16.77 8.58
N ASP DB 63 113.00 -17.28 8.22
CA ASP DB 63 113.24 -18.71 8.16
C ASP DB 63 113.33 -19.29 9.56
N ARG DB 64 113.00 -20.57 9.72
CA ARG DB 64 113.02 -21.19 11.05
C ARG DB 64 113.66 -22.57 10.99
N ILE DB 65 114.40 -22.88 12.05
CA ILE DB 65 115.01 -24.20 12.28
C ILE DB 65 114.42 -24.75 13.56
N HIS DB 66 113.99 -26.01 13.53
CA HIS DB 66 113.44 -26.70 14.70
C HIS DB 66 114.29 -27.92 14.98
N ALA DB 67 114.94 -27.95 16.14
CA ALA DB 67 115.68 -29.12 16.58
C ALA DB 67 115.06 -29.66 17.86
N ASN DB 68 115.20 -30.95 18.07
CA ASN DB 68 114.60 -31.59 19.23
C ASN DB 68 115.44 -32.80 19.62
N LEU DB 69 116.00 -32.78 20.82
CA LEU DB 69 116.82 -33.86 21.35
C LEU DB 69 116.09 -34.47 22.54
N ARG DB 70 115.68 -35.73 22.41
CA ARG DB 70 114.86 -36.38 23.42
C ARG DB 70 115.54 -37.65 23.93
N LYS DB 71 115.22 -37.99 25.17
CA LYS DB 71 115.56 -39.28 25.76
C LYS DB 71 114.39 -39.77 26.60
N VAL DB 72 113.98 -41.01 26.36
CA VAL DB 72 112.87 -41.62 27.09
C VAL DB 72 113.46 -42.44 28.24
N VAL DB 73 112.77 -42.44 29.38
CA VAL DB 73 113.19 -43.21 30.53
C VAL DB 73 111.98 -43.94 31.09
N LEU DB 74 112.22 -45.10 31.69
CA LEU DB 74 111.17 -45.94 32.25
C LEU DB 74 111.24 -45.92 33.77
N ASP DB 75 110.07 -45.85 34.41
CA ASP DB 75 109.98 -45.87 35.87
C ASP DB 75 110.48 -47.20 36.42
N GLU DB 76 111.32 -47.14 37.46
CA GLU DB 76 111.81 -48.38 38.07
C GLU DB 76 110.68 -49.21 38.67
N LYS DB 77 109.57 -48.56 39.03
CA LYS DB 77 108.50 -49.26 39.70
C LYS DB 77 107.46 -49.79 38.72
N THR DB 78 107.20 -49.04 37.64
CA THR DB 78 106.10 -49.35 36.74
C THR DB 78 106.48 -49.49 35.27
N ASN DB 79 107.75 -49.27 34.91
CA ASN DB 79 108.17 -49.21 33.50
C ASN DB 79 107.34 -48.22 32.69
N LEU DB 80 106.80 -47.20 33.35
CA LEU DB 80 106.06 -46.23 32.55
C LEU DB 80 107.01 -45.19 31.97
N PRO DB 81 106.82 -44.86 30.70
CA PRO DB 81 107.76 -43.96 30.03
C PRO DB 81 107.44 -42.50 30.32
N SER DB 82 108.48 -41.74 30.60
CA SER DB 82 108.40 -40.29 30.50
C SER DB 82 109.65 -39.81 29.78
N THR DB 83 109.53 -38.68 29.07
CA THR DB 83 110.59 -38.22 28.19
C THR DB 83 111.16 -36.90 28.69
N GLY DB 84 112.47 -36.76 28.56
CA GLY DB 84 113.14 -35.50 28.77
C GLY DB 84 113.59 -34.97 27.42
N SER DB 85 113.55 -33.65 27.25
CA SER DB 85 113.83 -33.11 25.93
C SER DB 85 114.40 -31.71 26.01
N VAL DB 86 115.28 -31.41 25.06
CA VAL DB 86 115.75 -30.06 24.78
C VAL DB 86 115.36 -29.73 23.35
N THR DB 87 114.47 -28.74 23.19
CA THR DB 87 114.04 -28.30 21.88
C THR DB 87 114.61 -26.91 21.61
N ILE DB 88 114.90 -26.65 20.34
CA ILE DB 88 115.56 -25.43 19.91
C ILE DB 88 114.80 -24.89 18.70
N GLN DB 89 114.59 -23.58 18.67
CA GLN DB 89 114.00 -22.92 17.51
C GLN DB 89 114.84 -21.70 17.16
N VAL DB 90 115.39 -21.72 15.95
CA VAL DB 90 116.19 -20.62 15.42
C VAL DB 90 115.32 -19.89 14.40
N SER DB 91 115.24 -18.57 14.53
CA SER DB 91 114.50 -17.73 13.60
C SER DB 91 115.47 -16.73 13.00
N ILE DB 92 115.68 -16.83 11.69
CA ILE DB 92 116.65 -16.09 10.91
C ILE DB 92 115.89 -15.15 9.97
N PRO DB 93 115.96 -13.84 10.19
CA PRO DB 93 115.32 -12.90 9.25
C PRO DB 93 116.05 -12.84 7.91
N ARG DB 94 115.30 -12.46 6.89
CA ARG DB 94 115.83 -12.35 5.53
C ARG DB 94 116.19 -10.93 5.14
N ASN DB 95 115.78 -9.93 5.93
CA ASN DB 95 116.25 -8.56 5.75
C ASN DB 95 117.78 -8.55 5.69
N PRO DB 96 118.37 -8.03 4.61
CA PRO DB 96 119.84 -8.10 4.45
C PRO DB 96 120.62 -7.45 5.56
N ALA DB 97 119.93 -6.79 6.49
CA ALA DB 97 120.57 -6.26 7.68
C ALA DB 97 120.90 -7.34 8.71
N TRP DB 98 120.66 -8.61 8.38
CA TRP DB 98 121.01 -9.75 9.21
C TRP DB 98 122.11 -10.56 8.55
N ASN DB 99 122.87 -11.30 9.35
CA ASN DB 99 124.00 -12.09 8.85
C ASN DB 99 123.96 -13.51 9.38
N ALA DB 100 124.50 -14.42 8.56
CA ALA DB 100 124.85 -15.72 9.09
C ALA DB 100 125.76 -15.59 10.30
N SER DB 101 126.61 -14.56 10.33
CA SER DB 101 127.45 -14.33 11.51
C SER DB 101 126.61 -14.05 12.74
N MET DB 102 125.50 -13.32 12.56
CA MET DB 102 124.63 -13.03 13.70
C MET DB 102 123.90 -14.28 14.16
N THR DB 103 123.45 -15.11 13.21
CA THR DB 103 122.88 -16.42 13.56
C THR DB 103 123.87 -17.23 14.40
N VAL DB 104 125.10 -17.37 13.90
CA VAL DB 104 126.10 -18.16 14.60
C VAL DB 104 126.40 -17.56 15.97
N SER DB 105 126.40 -16.23 16.07
CA SER DB 105 126.68 -15.60 17.36
C SER DB 105 125.61 -15.93 18.37
N LEU DB 106 124.33 -15.89 17.95
CA LEU DB 106 123.27 -16.29 18.86
C LEU DB 106 123.41 -17.76 19.27
N LEU DB 107 123.76 -18.62 18.32
CA LEU DB 107 123.93 -20.04 18.66
C LEU DB 107 125.04 -20.22 19.70
N LYS DB 108 126.17 -19.56 19.49
CA LYS DB 108 127.30 -19.69 20.42
C LYS DB 108 126.94 -19.14 21.78
N GLN DB 109 126.22 -18.02 21.83
CA GLN DB 109 125.84 -17.44 23.12
C GLN DB 109 124.87 -18.35 23.87
N ALA DB 110 123.89 -18.90 23.17
CA ALA DB 110 122.98 -19.85 23.81
C ALA DB 110 123.74 -21.06 24.33
N ALA DB 111 124.71 -21.55 23.56
CA ALA DB 111 125.52 -22.69 24.00
C ALA DB 111 126.28 -22.34 25.28
N ASP DB 112 126.94 -21.18 25.30
CA ASP DB 112 127.66 -20.75 26.50
C ASP DB 112 126.72 -20.62 27.69
N TYR DB 113 125.52 -20.05 27.48
CA TYR DB 113 124.70 -19.69 28.63
C TYR DB 113 123.88 -20.85 29.17
N LEU DB 114 123.52 -21.84 28.34
CA LEU DB 114 122.73 -22.96 28.82
C LEU DB 114 123.50 -24.26 28.92
N ALA DB 115 124.60 -24.42 28.18
CA ALA DB 115 125.43 -25.61 28.27
C ALA DB 115 126.83 -25.34 28.80
N GLY DB 116 127.28 -24.09 28.81
CA GLY DB 116 128.61 -23.77 29.29
C GLY DB 116 129.71 -24.41 28.47
N THR DB 117 129.66 -24.26 27.15
CA THR DB 117 130.59 -24.93 26.24
C THR DB 117 131.34 -23.97 25.32
N SER DB 118 131.18 -22.67 25.49
CA SER DB 118 131.82 -21.70 24.59
C SER DB 118 133.34 -21.85 24.57
N ALA DB 119 133.95 -21.29 23.52
CA ALA DB 119 135.40 -21.21 23.42
C ALA DB 119 135.96 -20.22 24.44
N THR DB 120 137.28 -20.22 24.56
CA THR DB 120 137.94 -19.42 25.59
C THR DB 120 138.27 -18.01 25.06
N VAL DB 121 137.81 -16.99 25.79
CA VAL DB 121 138.09 -15.60 25.49
C VAL DB 121 138.43 -14.93 26.82
N SER DB 122 139.14 -13.80 26.74
CA SER DB 122 139.75 -13.20 27.92
C SER DB 122 138.75 -13.00 29.05
N GLY DB 123 137.79 -12.11 28.85
CA GLY DB 123 136.98 -11.70 29.98
C GLY DB 123 135.70 -12.48 30.16
N GLN DB 124 135.66 -13.73 29.68
CA GLN DB 124 134.40 -14.44 29.61
C GLN DB 124 133.97 -14.82 31.02
N THR DB 125 132.66 -14.90 31.25
CA THR DB 125 132.23 -15.39 32.55
C THR DB 125 132.28 -16.91 32.56
N ASP DB 126 132.53 -17.45 33.74
CA ASP DB 126 132.67 -18.89 33.92
C ASP DB 126 131.27 -19.51 33.89
N THR DB 127 131.00 -20.26 32.83
CA THR DB 127 129.69 -20.85 32.59
C THR DB 127 129.70 -22.36 32.75
N SER DB 128 130.78 -22.92 33.30
CA SER DB 128 130.89 -24.37 33.40
C SER DB 128 129.80 -24.96 34.29
N GLY DB 129 129.43 -24.25 35.36
CA GLY DB 129 128.42 -24.75 36.28
C GLY DB 129 127.01 -24.42 35.91
N PHE DB 130 126.82 -23.61 34.86
CA PHE DB 130 125.48 -23.21 34.47
C PHE DB 130 124.58 -24.39 34.09
N PRO DB 131 125.02 -25.39 33.32
CA PRO DB 131 124.11 -26.51 33.06
C PRO DB 131 123.65 -27.21 34.32
N ALA DB 132 124.53 -27.37 35.31
CA ALA DB 132 124.12 -27.93 36.59
C ALA DB 132 123.06 -27.06 37.25
N LYS DB 133 123.28 -25.75 37.28
CA LYS DB 133 122.31 -24.86 37.92
C LYS DB 133 120.97 -24.90 37.19
N TRP DB 134 120.98 -24.98 35.86
CA TRP DB 134 119.73 -25.08 35.12
C TRP DB 134 119.02 -26.38 35.47
N ALA DB 135 119.75 -27.52 35.43
CA ALA DB 135 119.15 -28.81 35.74
C ALA DB 135 118.60 -28.85 37.16
N GLY DB 136 119.08 -27.97 38.03
CA GLY DB 136 118.46 -27.81 39.34
C GLY DB 136 117.31 -26.82 39.39
N LEU DB 137 116.90 -26.30 38.23
CA LEU DB 137 115.88 -25.25 38.13
C LEU DB 137 116.24 -24.03 38.98
N MET DB 138 117.46 -23.52 38.78
CA MET DB 138 117.84 -22.25 39.36
C MET DB 138 118.64 -21.45 38.34
N PHE DB 139 118.49 -20.14 38.41
CA PHE DB 139 119.14 -19.26 37.45
C PHE DB 139 120.64 -19.19 37.73
N PRO DB 140 121.47 -19.12 36.69
CA PRO DB 140 122.90 -18.85 36.82
C PRO DB 140 123.14 -17.50 37.47
N ALA EB 1 117.97 -40.94 -2.70
CA ALA EB 1 118.67 -40.12 -3.68
C ALA EB 1 120.07 -39.75 -3.20
N ALA EB 2 120.89 -39.22 -4.12
CA ALA EB 2 122.25 -38.82 -3.76
C ALA EB 2 122.21 -37.67 -2.76
N PRO EB 3 123.03 -37.73 -1.71
CA PRO EB 3 122.98 -36.68 -0.69
C PRO EB 3 123.60 -35.37 -1.13
N SER EB 4 124.43 -35.39 -2.18
CA SER EB 4 125.07 -34.18 -2.65
C SER EB 4 125.49 -34.36 -4.10
N LEU EB 5 125.59 -33.25 -4.81
CA LEU EB 5 125.86 -33.22 -6.24
C LEU EB 5 126.84 -32.11 -6.56
N ALA EB 6 127.74 -32.39 -7.51
CA ALA EB 6 128.65 -31.41 -8.05
C ALA EB 6 128.38 -31.32 -9.55
N LEU EB 7 127.45 -30.45 -9.94
CA LEU EB 7 127.08 -30.34 -11.34
C LEU EB 7 127.97 -29.32 -12.03
N VAL EB 8 128.06 -29.41 -13.35
CA VAL EB 8 128.87 -28.49 -14.14
C VAL EB 8 127.97 -27.41 -14.73
N GLY EB 9 128.29 -26.16 -14.45
CA GLY EB 9 127.66 -25.00 -15.05
C GLY EB 9 128.72 -24.08 -15.61
N ALA EB 10 128.36 -22.80 -15.71
CA ALA EB 10 129.22 -21.80 -16.31
C ALA EB 10 129.29 -20.58 -15.41
N ASN EB 11 130.50 -20.02 -15.27
CA ASN EB 11 130.70 -18.78 -14.54
C ASN EB 11 130.41 -17.60 -15.47
N SER EB 12 130.78 -16.40 -15.05
CA SER EB 12 130.54 -15.21 -15.86
C SER EB 12 131.31 -15.26 -17.17
N THR EB 13 132.44 -15.99 -17.21
CA THR EB 13 133.25 -16.15 -18.41
C THR EB 13 132.69 -17.23 -19.34
N LEU EB 14 131.67 -17.97 -18.90
CA LEU EB 14 131.16 -19.19 -19.53
C LEU EB 14 132.12 -20.36 -19.41
N ALA EB 15 133.16 -20.24 -18.58
CA ALA EB 15 134.04 -21.37 -18.32
C ALA EB 15 133.34 -22.41 -17.45
N SER EB 16 133.67 -23.68 -17.70
CA SER EB 16 133.03 -24.76 -16.96
C SER EB 16 133.41 -24.70 -15.48
N THR EB 17 132.42 -24.53 -14.62
CA THR EB 17 132.61 -24.35 -13.19
C THR EB 17 131.69 -25.28 -12.43
N LEU EB 18 132.17 -25.81 -11.30
CA LEU EB 18 131.29 -26.64 -10.48
C LEU EB 18 130.29 -25.80 -9.71
N VAL EB 19 129.07 -26.31 -9.62
CA VAL EB 19 128.00 -25.78 -8.79
C VAL EB 19 127.50 -26.90 -7.90
N ASN EB 20 127.49 -26.65 -6.59
CA ASN EB 20 127.37 -27.70 -5.59
C ASN EB 20 126.00 -27.64 -4.93
N TYR EB 21 125.33 -28.78 -4.88
CA TYR EB 21 124.01 -28.91 -4.27
C TYR EB 21 124.06 -29.97 -3.18
N SER EB 22 123.28 -29.77 -2.12
CA SER EB 22 123.07 -30.81 -1.11
C SER EB 22 121.58 -31.11 -1.01
N LEU EB 23 121.30 -32.37 -0.65
CA LEU EB 23 119.93 -32.87 -0.57
C LEU EB 23 119.27 -32.31 0.68
N ARG EB 24 118.37 -31.34 0.50
CA ARG EB 24 117.65 -30.77 1.61
C ARG EB 24 116.39 -31.55 1.96
N SER EB 25 115.58 -31.96 0.97
CA SER EB 25 114.41 -32.76 1.33
C SER EB 25 114.12 -33.81 0.28
N GLN EB 26 113.39 -34.83 0.71
CA GLN EB 26 112.87 -35.85 -0.18
C GLN EB 26 111.58 -36.36 0.42
N ASN EB 27 110.50 -36.29 -0.36
CA ASN EB 27 109.16 -36.57 0.14
C ASN EB 27 108.25 -36.93 -1.02
N GLY EB 28 107.56 -38.06 -0.91
CA GLY EB 28 106.52 -38.42 -1.84
C GLY EB 28 106.96 -38.38 -3.29
N ASN EB 29 107.94 -39.23 -3.62
CA ASN EB 29 108.54 -39.25 -4.96
C ASN EB 29 108.90 -37.84 -5.41
N ASN EB 30 109.47 -37.07 -4.50
CA ASN EB 30 109.87 -35.71 -4.80
C ASN EB 30 111.21 -35.48 -4.12
N VAL EB 31 112.12 -34.77 -4.80
CA VAL EB 31 113.49 -34.59 -4.33
C VAL EB 31 113.89 -33.14 -4.53
N ASP EB 32 114.38 -32.49 -3.47
CA ASP EB 32 114.71 -31.07 -3.47
C ASP EB 32 116.12 -30.85 -2.95
N TYR EB 33 116.95 -30.22 -3.80
CA TYR EB 33 118.33 -29.88 -3.51
C TYR EB 33 118.48 -28.36 -3.38
N VAL EB 34 119.45 -27.94 -2.57
CA VAL EB 34 119.77 -26.52 -2.44
C VAL EB 34 121.25 -26.31 -2.74
N CYS EB 35 121.59 -25.16 -3.32
CA CYS EB 35 122.95 -24.86 -3.69
C CYS EB 35 123.75 -24.40 -2.48
N THR EB 36 124.92 -25.00 -2.29
CA THR EB 36 125.76 -24.76 -1.13
C THR EB 36 126.81 -23.68 -1.37
N ASP EB 37 126.88 -23.13 -2.57
CA ASP EB 37 127.90 -22.17 -2.93
C ASP EB 37 127.59 -20.81 -2.32
N PRO EB 38 128.55 -19.88 -2.36
CA PRO EB 38 128.27 -18.53 -1.82
C PRO EB 38 127.26 -17.76 -2.65
N ASP EB 39 127.11 -18.05 -3.94
CA ASP EB 39 126.19 -17.29 -4.77
C ASP EB 39 124.72 -17.57 -4.45
N SER EB 40 124.42 -18.64 -3.73
CA SER EB 40 123.06 -18.90 -3.26
C SER EB 40 122.97 -18.48 -1.81
N THR EB 41 122.13 -17.49 -1.54
CA THR EB 41 121.85 -17.03 -0.20
C THR EB 41 120.44 -17.49 0.20
N LEU EB 42 120.09 -17.25 1.46
CA LEU EB 42 118.74 -17.54 1.91
C LEU EB 42 117.73 -16.74 1.12
N SER EB 43 118.05 -15.47 0.85
CA SER EB 43 117.07 -14.60 0.22
C SER EB 43 116.96 -14.90 -1.27
N ALA EB 44 118.07 -15.29 -1.89
CA ALA EB 44 118.14 -15.55 -3.32
C ALA EB 44 118.89 -16.86 -3.54
N PRO EB 45 118.22 -18.00 -3.42
CA PRO EB 45 118.91 -19.30 -3.44
C PRO EB 45 119.00 -19.89 -4.84
N GLY EB 46 119.78 -20.95 -4.94
CA GLY EB 46 119.77 -21.83 -6.09
C GLY EB 46 119.16 -23.16 -5.67
N LEU EB 47 118.25 -23.67 -6.51
CA LEU EB 47 117.39 -24.77 -6.08
C LEU EB 47 117.20 -25.78 -7.20
N ILE EB 48 116.99 -27.04 -6.82
CA ILE EB 48 116.65 -28.09 -7.78
C ILE EB 48 115.49 -28.90 -7.22
N ASN EB 49 114.58 -29.28 -8.12
CA ASN EB 49 113.37 -30.03 -7.80
C ASN EB 49 113.21 -31.16 -8.81
N ALA EB 50 112.73 -32.33 -8.35
CA ALA EB 50 112.50 -33.46 -9.25
C ALA EB 50 111.38 -34.33 -8.73
N LYS EB 51 110.36 -34.54 -9.57
CA LYS EB 51 109.13 -35.27 -9.25
C LYS EB 51 108.92 -36.45 -10.20
N PHE EB 52 108.23 -37.48 -9.70
CA PHE EB 52 107.82 -38.63 -10.49
C PHE EB 52 106.30 -38.78 -10.44
N ASP EB 53 105.66 -38.63 -11.60
CA ASP EB 53 104.27 -39.06 -11.77
C ASP EB 53 104.31 -40.48 -12.29
N ILE EB 54 104.15 -41.45 -11.40
CA ILE EB 54 104.20 -42.86 -11.78
C ILE EB 54 102.78 -43.37 -11.88
N LYS EB 55 102.39 -43.77 -13.09
CA LYS EB 55 101.06 -44.29 -13.34
C LYS EB 55 100.95 -45.71 -12.77
N ALA EB 56 99.71 -46.11 -12.50
CA ALA EB 56 99.38 -47.48 -12.07
C ALA EB 56 99.92 -48.48 -13.08
N PRO EB 57 100.21 -49.71 -12.66
CA PRO EB 57 100.72 -50.71 -13.60
C PRO EB 57 99.78 -50.88 -14.77
N GLY EB 58 100.34 -51.16 -15.93
CA GLY EB 58 99.55 -51.27 -17.13
C GLY EB 58 100.39 -50.98 -18.34
N ILE EB 59 99.82 -51.34 -19.49
CA ILE EB 59 100.51 -51.13 -20.76
C ILE EB 59 100.13 -49.80 -21.40
N THR EB 60 99.16 -49.10 -20.82
CA THR EB 60 98.66 -47.84 -21.36
C THR EB 60 99.10 -46.69 -20.47
N GLY EB 61 99.23 -45.51 -21.09
CA GLY EB 61 99.57 -44.30 -20.38
C GLY EB 61 101.03 -43.92 -20.53
N ASN EB 62 101.36 -42.75 -19.99
CA ASN EB 62 102.72 -42.24 -19.93
C ASN EB 62 103.11 -42.01 -18.48
N ASP EB 63 104.33 -42.43 -18.13
CA ASP EB 63 104.98 -42.02 -16.90
C ASP EB 63 105.64 -40.66 -17.12
N ARG EB 64 105.77 -39.86 -16.06
CA ARG EB 64 106.33 -38.52 -16.24
C ARG EB 64 107.37 -38.18 -15.19
N ILE EB 65 108.42 -37.49 -15.64
CA ILE EB 65 109.48 -36.95 -14.80
C ILE EB 65 109.44 -35.44 -14.92
N HIS EB 66 109.48 -34.74 -13.78
CA HIS EB 66 109.54 -33.29 -13.77
C HIS EB 66 110.82 -32.86 -13.06
N ALA EB 67 111.48 -31.84 -13.61
CA ALA EB 67 112.71 -31.35 -13.01
C ALA EB 67 112.79 -29.85 -13.19
N ASN EB 68 113.28 -29.15 -12.18
CA ASN EB 68 113.37 -27.70 -12.22
C ASN EB 68 114.69 -27.27 -11.61
N LEU EB 69 115.46 -26.47 -12.35
CA LEU EB 69 116.72 -25.91 -11.88
C LEU EB 69 116.57 -24.39 -11.87
N ARG EB 70 116.63 -23.80 -10.68
CA ARG EB 70 116.27 -22.40 -10.44
C ARG EB 70 117.45 -21.65 -9.84
N LYS EB 71 117.56 -20.37 -10.22
CA LYS EB 71 118.41 -19.42 -9.51
C LYS EB 71 117.59 -18.15 -9.29
N VAL EB 72 117.48 -17.74 -8.03
CA VAL EB 72 116.76 -16.52 -7.67
C VAL EB 72 117.75 -15.36 -7.65
N VAL EB 73 117.30 -14.20 -8.09
CA VAL EB 73 118.12 -12.99 -8.07
C VAL EB 73 117.27 -11.84 -7.55
N LEU EB 74 117.88 -10.97 -6.76
CA LEU EB 74 117.21 -9.83 -6.15
C LEU EB 74 117.46 -8.57 -6.96
N ASP EB 75 116.43 -7.73 -7.07
CA ASP EB 75 116.58 -6.44 -7.74
C ASP EB 75 117.52 -5.54 -6.96
N GLU EB 76 118.35 -4.79 -7.69
CA GLU EB 76 119.33 -3.94 -7.03
C GLU EB 76 118.66 -2.90 -6.14
N LYS EB 77 117.59 -2.28 -6.63
CA LYS EB 77 116.93 -1.22 -5.90
C LYS EB 77 115.81 -1.77 -5.00
N THR EB 78 114.85 -2.48 -5.59
CA THR EB 78 113.66 -2.89 -4.86
C THR EB 78 113.87 -4.13 -4.00
N ASN EB 79 114.94 -4.89 -4.24
CA ASN EB 79 115.21 -6.16 -3.56
C ASN EB 79 114.09 -7.18 -3.76
N LEU EB 80 113.19 -6.94 -4.72
CA LEU EB 80 112.19 -7.92 -5.10
C LEU EB 80 112.86 -9.07 -5.84
N PRO EB 81 112.49 -10.30 -5.54
CA PRO EB 81 113.13 -11.44 -6.19
C PRO EB 81 112.45 -11.80 -7.49
N SER EB 82 113.24 -12.01 -8.55
CA SER EB 82 112.75 -12.70 -9.72
C SER EB 82 113.68 -13.88 -9.98
N THR EB 83 113.12 -14.95 -10.54
CA THR EB 83 113.82 -16.22 -10.63
C THR EB 83 113.95 -16.68 -12.07
N GLY EB 84 115.12 -17.20 -12.42
CA GLY EB 84 115.38 -17.77 -13.73
C GLY EB 84 115.49 -19.27 -13.61
N SER EB 85 114.96 -19.99 -14.60
CA SER EB 85 114.78 -21.42 -14.40
C SER EB 85 114.80 -22.20 -15.71
N VAL EB 86 115.44 -23.36 -15.67
CA VAL EB 86 115.33 -24.37 -16.73
C VAL EB 86 114.55 -25.54 -16.17
N THR EB 87 113.42 -25.85 -16.79
CA THR EB 87 112.57 -26.94 -16.33
C THR EB 87 112.35 -27.96 -17.45
N ILE EB 88 112.33 -29.25 -17.07
CA ILE EB 88 112.31 -30.37 -17.99
C ILE EB 88 111.14 -31.27 -17.63
N GLN EB 89 110.39 -31.72 -18.64
CA GLN EB 89 109.39 -32.76 -18.49
C GLN EB 89 109.73 -33.91 -19.44
N VAL EB 90 109.88 -35.10 -18.88
CA VAL EB 90 110.12 -36.33 -19.63
C VAL EB 90 108.85 -37.16 -19.58
N SER EB 91 108.34 -37.56 -20.75
CA SER EB 91 107.13 -38.37 -20.85
C SER EB 91 107.49 -39.68 -21.53
N ILE EB 92 107.43 -40.77 -20.77
CA ILE EB 92 107.86 -42.11 -21.16
C ILE EB 92 106.61 -42.97 -21.34
N PRO EB 93 106.28 -43.37 -22.55
CA PRO EB 93 105.11 -44.26 -22.75
C PRO EB 93 105.36 -45.65 -22.20
N ARG EB 94 104.27 -46.41 -22.06
CA ARG EB 94 104.32 -47.74 -21.52
C ARG EB 94 104.10 -48.84 -22.54
N ASN EB 95 103.75 -48.49 -23.78
CA ASN EB 95 103.73 -49.48 -24.85
C ASN EB 95 105.10 -50.14 -24.97
N PRO EB 96 105.18 -51.48 -24.95
CA PRO EB 96 106.50 -52.14 -24.99
C PRO EB 96 107.31 -51.77 -26.21
N ALA EB 97 106.71 -51.08 -27.17
CA ALA EB 97 107.41 -50.56 -28.33
C ALA EB 97 108.25 -49.33 -28.01
N TRP EB 98 108.33 -48.94 -26.74
CA TRP EB 98 109.22 -47.89 -26.28
C TRP EB 98 110.35 -48.49 -25.46
N ASN EB 99 111.50 -47.81 -25.42
CA ASN EB 99 112.67 -48.30 -24.70
C ASN EB 99 113.27 -47.21 -23.84
N ALA EB 100 113.87 -47.66 -22.73
CA ALA EB 100 114.76 -46.78 -22.00
C ALA EB 100 115.83 -46.20 -22.91
N SER EB 101 116.26 -46.97 -23.92
CA SER EB 101 117.24 -46.44 -24.87
C SER EB 101 116.67 -45.25 -25.61
N MET EB 102 115.38 -45.28 -25.93
CA MET EB 102 114.76 -44.15 -26.62
C MET EB 102 114.63 -42.95 -25.68
N THR EB 103 114.28 -43.20 -24.42
CA THR EB 103 114.29 -42.13 -23.42
C THR EB 103 115.65 -41.46 -23.34
N VAL EB 104 116.70 -42.28 -23.19
CA VAL EB 104 118.05 -41.73 -23.06
C VAL EB 104 118.46 -41.01 -24.33
N SER EB 105 118.04 -41.52 -25.49
CA SER EB 105 118.38 -40.85 -26.74
C SER EB 105 117.77 -39.46 -26.81
N LEU EB 106 116.51 -39.33 -26.41
CA LEU EB 106 115.89 -38.00 -26.37
C LEU EB 106 116.61 -37.09 -25.37
N LEU EB 107 116.98 -37.63 -24.21
CA LEU EB 107 117.70 -36.80 -23.23
C LEU EB 107 119.02 -36.30 -23.80
N LYS EB 108 119.78 -37.18 -24.44
CA LYS EB 108 121.08 -36.80 -24.99
C LYS EB 108 120.92 -35.79 -26.11
N GLN EB 109 119.88 -35.95 -26.95
CA GLN EB 109 119.67 -35.01 -28.05
C GLN EB 109 119.28 -33.64 -27.51
N ALA EB 110 118.41 -33.61 -26.49
CA ALA EB 110 118.07 -32.33 -25.87
C ALA EB 110 119.30 -31.66 -25.28
N ALA EB 111 120.15 -32.45 -24.61
CA ALA EB 111 121.38 -31.89 -24.07
C ALA EB 111 122.25 -31.32 -25.17
N ASP EB 112 122.36 -32.02 -26.30
CA ASP EB 112 123.17 -31.51 -27.41
C ASP EB 112 122.58 -30.21 -27.97
N TYR EB 113 121.26 -30.17 -28.14
CA TYR EB 113 120.66 -29.07 -28.90
C TYR EB 113 120.43 -27.83 -28.05
N LEU EB 114 120.15 -27.98 -26.76
CA LEU EB 114 119.93 -26.80 -25.93
C LEU EB 114 121.09 -26.46 -25.02
N ALA EB 115 121.97 -27.41 -24.72
CA ALA EB 115 123.14 -27.13 -23.89
C ALA EB 115 124.45 -27.29 -24.61
N GLY EB 116 124.49 -28.00 -25.74
CA GLY EB 116 125.73 -28.20 -26.46
C GLY EB 116 126.75 -29.02 -25.71
N THR EB 117 126.35 -30.17 -25.18
CA THR EB 117 127.21 -30.99 -24.33
C THR EB 117 127.34 -32.44 -24.78
N SER EB 118 126.80 -32.80 -25.93
CA SER EB 118 126.86 -34.18 -26.42
C SER EB 118 128.30 -34.70 -26.47
N ALA EB 119 128.43 -36.03 -26.44
CA ALA EB 119 129.70 -36.69 -26.66
C ALA EB 119 130.16 -36.50 -28.10
N THR EB 120 131.44 -36.80 -28.35
CA THR EB 120 132.02 -36.57 -29.66
C THR EB 120 131.72 -37.74 -30.59
N VAL EB 121 131.17 -37.44 -31.76
CA VAL EB 121 130.86 -38.39 -32.82
C VAL EB 121 131.20 -37.73 -34.16
N SER EB 122 131.79 -38.51 -35.06
CA SER EB 122 132.13 -37.99 -36.38
C SER EB 122 130.88 -37.48 -37.09
N GLY EB 123 130.95 -36.26 -37.60
CA GLY EB 123 129.84 -35.68 -38.33
C GLY EB 123 128.80 -34.98 -37.48
N GLN EB 124 129.04 -34.78 -36.19
CA GLN EB 124 128.03 -34.15 -35.36
C GLN EB 124 128.06 -32.66 -35.64
N THR EB 125 126.91 -31.99 -35.51
CA THR EB 125 126.95 -30.55 -35.68
C THR EB 125 127.52 -29.90 -34.43
N ASP EB 126 128.28 -28.83 -34.64
CA ASP EB 126 128.92 -28.11 -33.54
C ASP EB 126 127.87 -27.32 -32.79
N THR EB 127 127.56 -27.76 -31.58
CA THR EB 127 126.52 -27.17 -30.76
C THR EB 127 127.09 -26.33 -29.63
N SER EB 128 128.39 -26.06 -29.65
CA SER EB 128 129.05 -25.37 -28.54
C SER EB 128 128.44 -23.99 -28.30
N GLY EB 129 128.13 -23.26 -29.37
CA GLY EB 129 127.57 -21.93 -29.25
C GLY EB 129 126.08 -21.87 -29.11
N PHE EB 130 125.42 -23.02 -29.20
CA PHE EB 130 123.97 -23.03 -29.11
C PHE EB 130 123.44 -22.54 -27.76
N PRO EB 131 124.00 -22.89 -26.61
CA PRO EB 131 123.47 -22.31 -25.37
C PRO EB 131 123.57 -20.80 -25.33
N ALA EB 132 124.66 -20.24 -25.86
CA ALA EB 132 124.76 -18.79 -25.96
C ALA EB 132 123.65 -18.23 -26.84
N LYS EB 133 123.44 -18.83 -28.02
CA LYS EB 133 122.39 -18.33 -28.91
C LYS EB 133 121.02 -18.44 -28.25
N TRP EB 134 120.77 -19.52 -27.51
CA TRP EB 134 119.49 -19.65 -26.82
C TRP EB 134 119.33 -18.55 -25.77
N ALA EB 135 120.35 -18.35 -24.95
CA ALA EB 135 120.30 -17.30 -23.93
C ALA EB 135 120.07 -15.94 -24.54
N GLY EB 136 120.47 -15.75 -25.80
CA GLY EB 136 120.13 -14.55 -26.54
C GLY EB 136 118.79 -14.57 -27.24
N LEU EB 137 117.99 -15.63 -27.06
CA LEU EB 137 116.73 -15.81 -27.77
C LEU EB 137 116.93 -15.79 -29.29
N MET EB 138 117.82 -16.66 -29.75
CA MET EB 138 118.13 -16.80 -31.17
C MET EB 138 118.13 -18.28 -31.50
N PHE EB 139 117.39 -18.66 -32.53
CA PHE EB 139 117.41 -20.05 -32.95
C PHE EB 139 118.78 -20.41 -33.51
N PRO EB 140 119.36 -21.54 -33.11
CA PRO EB 140 120.65 -22.04 -33.60
C PRO EB 140 120.63 -22.27 -35.10
N ALA FB 1 2.27 -76.73 101.45
CA ALA FB 1 3.72 -76.91 101.38
C ALA FB 1 4.36 -76.94 102.76
N ALA FB 2 5.45 -77.69 102.88
CA ALA FB 2 6.17 -77.77 104.14
C ALA FB 2 6.81 -76.43 104.47
N PRO FB 3 6.83 -76.04 105.75
CA PRO FB 3 7.40 -74.74 106.10
C PRO FB 3 8.91 -74.70 106.03
N SER FB 4 9.57 -75.85 106.19
CA SER FB 4 11.02 -75.89 106.18
C SER FB 4 11.47 -77.30 105.85
N LEU FB 5 12.72 -77.40 105.40
CA LEU FB 5 13.28 -78.64 104.90
C LEU FB 5 14.73 -78.77 105.36
N ALA FB 6 15.13 -79.99 105.67
CA ALA FB 6 16.52 -80.32 105.93
C ALA FB 6 16.90 -81.41 104.94
N LEU FB 7 17.46 -81.01 103.80
CA LEU FB 7 17.77 -81.96 102.73
C LEU FB 7 19.22 -82.40 102.88
N VAL FB 8 19.52 -83.60 102.39
CA VAL FB 8 20.89 -84.11 102.46
C VAL FB 8 21.63 -83.75 101.17
N GLY FB 9 22.80 -83.13 101.32
CA GLY FB 9 23.71 -82.85 100.24
C GLY FB 9 25.11 -83.27 100.62
N ALA FB 10 26.10 -82.62 100.00
CA ALA FB 10 27.50 -82.96 100.21
C ALA FB 10 28.34 -81.72 100.44
N ASN FB 11 29.32 -81.84 101.34
CA ASN FB 11 30.27 -80.78 101.63
C ASN FB 11 31.45 -80.88 100.65
N SER FB 12 32.53 -80.15 100.93
CA SER FB 12 33.69 -80.21 100.07
C SER FB 12 34.35 -81.59 100.10
N THR FB 13 34.19 -82.34 101.20
CA THR FB 13 34.69 -83.71 101.32
C THR FB 13 33.78 -84.71 100.62
N LEU FB 14 32.59 -84.28 100.19
CA LEU FB 14 31.52 -85.13 99.69
C LEU FB 14 30.90 -85.99 100.77
N ALA FB 15 31.12 -85.65 102.03
CA ALA FB 15 30.41 -86.30 103.13
C ALA FB 15 28.99 -85.76 103.21
N SER FB 16 28.06 -86.62 103.64
CA SER FB 16 26.65 -86.25 103.70
C SER FB 16 26.44 -85.16 104.75
N THR FB 17 25.92 -84.02 104.30
CA THR FB 17 25.73 -82.84 105.15
C THR FB 17 24.31 -82.32 104.99
N LEU FB 18 23.73 -81.83 106.07
CA LEU FB 18 22.42 -81.21 105.94
C LEU FB 18 22.53 -79.84 105.29
N VAL FB 19 21.50 -79.50 104.52
CA VAL FB 19 21.32 -78.18 103.95
C VAL FB 19 19.88 -77.75 104.21
N ASN FB 20 19.73 -76.59 104.83
CA ASN FB 20 18.47 -76.16 105.42
C ASN FB 20 17.80 -75.14 104.53
N TYR FB 21 16.56 -75.43 104.14
CA TYR FB 21 15.74 -74.51 103.39
C TYR FB 21 14.52 -74.13 104.23
N SER FB 22 14.00 -72.93 103.98
CA SER FB 22 12.76 -72.49 104.60
C SER FB 22 11.88 -71.86 103.54
N LEU FB 23 10.57 -71.96 103.76
CA LEU FB 23 9.60 -71.53 102.75
C LEU FB 23 9.61 -70.02 102.63
N ARG FB 24 10.09 -69.52 101.49
CA ARG FB 24 9.95 -68.10 101.17
C ARG FB 24 8.51 -67.77 100.83
N SER FB 25 7.95 -68.42 99.80
CA SER FB 25 6.59 -68.05 99.44
C SER FB 25 5.90 -69.19 98.70
N GLN FB 26 4.60 -69.35 98.95
CA GLN FB 26 3.76 -70.24 98.16
C GLN FB 26 2.82 -69.38 97.32
N ASN FB 27 2.98 -69.47 96.01
CA ASN FB 27 2.00 -69.04 95.04
C ASN FB 27 1.12 -70.26 94.67
N GLY FB 28 0.04 -70.01 93.95
CA GLY FB 28 -0.85 -71.10 93.61
C GLY FB 28 -0.17 -72.15 92.74
N ASN FB 29 -0.01 -73.36 93.27
CA ASN FB 29 0.71 -74.44 92.60
C ASN FB 29 2.16 -74.04 92.32
N ASN FB 30 2.74 -73.24 93.21
CA ASN FB 30 4.13 -72.83 93.04
C ASN FB 30 4.73 -72.59 94.41
N VAL FB 31 5.96 -73.05 94.63
CA VAL FB 31 6.59 -72.96 95.93
C VAL FB 31 8.05 -72.53 95.77
N ASP FB 32 8.48 -71.57 96.59
CA ASP FB 32 9.83 -71.05 96.59
C ASP FB 32 10.43 -71.17 97.99
N TYR FB 33 11.52 -71.94 98.09
CA TYR FB 33 12.31 -72.12 99.31
C TYR FB 33 13.66 -71.45 99.17
N VAL FB 34 14.22 -71.03 100.31
CA VAL FB 34 15.52 -70.36 100.38
C VAL FB 34 16.39 -71.06 101.40
N CYS FB 35 17.68 -71.14 101.12
CA CYS FB 35 18.61 -71.78 102.03
C CYS FB 35 18.93 -70.85 103.20
N THR FB 36 18.82 -71.39 104.42
CA THR FB 36 19.00 -70.63 105.65
C THR FB 36 20.38 -70.85 106.28
N ASP FB 37 21.29 -71.51 105.58
CA ASP FB 37 22.63 -71.73 106.09
C ASP FB 37 23.46 -70.47 105.89
N PRO FB 38 24.64 -70.40 106.52
CA PRO FB 38 25.58 -69.33 106.16
C PRO FB 38 26.11 -69.43 104.75
N ASP FB 39 25.97 -70.59 104.09
CA ASP FB 39 26.43 -70.76 102.71
C ASP FB 39 25.72 -69.80 101.76
N SER FB 40 24.41 -69.65 101.92
CA SER FB 40 23.64 -68.75 101.09
C SER FB 40 23.46 -67.41 101.78
N THR FB 41 23.58 -66.36 101.00
CA THR FB 41 23.25 -65.00 101.38
C THR FB 41 22.29 -64.46 100.32
N LEU FB 42 21.70 -63.29 100.60
CA LEU FB 42 20.85 -62.70 99.58
C LEU FB 42 21.62 -62.43 98.29
N SER FB 43 22.91 -62.09 98.40
CA SER FB 43 23.71 -61.80 97.22
C SER FB 43 23.97 -63.05 96.40
N ALA FB 44 24.23 -64.18 97.06
CA ALA FB 44 24.49 -65.45 96.39
C ALA FB 44 23.71 -66.55 97.08
N PRO FB 45 22.43 -66.70 96.75
CA PRO FB 45 21.55 -67.58 97.52
C PRO FB 45 21.53 -69.02 97.00
N GLY FB 46 21.01 -69.88 97.85
CA GLY FB 46 20.60 -71.22 97.46
C GLY FB 46 19.08 -71.26 97.44
N LEU FB 47 18.52 -71.81 96.37
CA LEU FB 47 17.09 -71.65 96.12
C LEU FB 47 16.47 -72.94 95.63
N ILE FB 48 15.18 -73.10 95.90
CA ILE FB 48 14.41 -74.21 95.36
C ILE FB 48 13.08 -73.66 94.86
N ASN FB 49 12.62 -74.18 93.72
CA ASN FB 49 11.36 -73.79 93.09
C ASN FB 49 10.64 -75.04 92.62
N ALA FB 50 9.32 -75.10 92.86
CA ALA FB 50 8.51 -76.24 92.46
C ALA FB 50 7.17 -75.77 91.91
N LYS FB 51 6.82 -76.24 90.72
CA LYS FB 51 5.66 -75.78 89.96
C LYS FB 51 4.84 -76.98 89.48
N PHE FB 52 3.54 -76.74 89.28
CA PHE FB 52 2.60 -77.75 88.81
C PHE FB 52 1.86 -77.23 87.59
N ASP FB 53 2.14 -77.81 86.43
CA ASP FB 53 1.38 -77.57 85.21
C ASP FB 53 0.29 -78.62 85.15
N ILE FB 54 -0.90 -78.28 85.65
CA ILE FB 54 -2.03 -79.19 85.71
C ILE FB 54 -3.04 -78.75 84.67
N LYS FB 55 -3.33 -79.64 83.72
CA LYS FB 55 -4.24 -79.31 82.65
C LYS FB 55 -5.69 -79.38 83.16
N ALA FB 56 -6.59 -78.78 82.40
CA ALA FB 56 -8.00 -78.80 82.76
C ALA FB 56 -8.49 -80.23 82.92
N PRO FB 57 -9.44 -80.48 83.84
CA PRO FB 57 -9.85 -81.87 84.08
C PRO FB 57 -10.50 -82.55 82.89
N GLY FB 58 -11.19 -81.80 82.02
CA GLY FB 58 -11.74 -82.40 80.81
C GLY FB 58 -10.68 -82.82 79.83
N ILE FB 59 -9.64 -81.99 79.65
CA ILE FB 59 -8.61 -82.19 78.64
C ILE FB 59 -7.70 -83.35 79.06
N THR FB 60 -7.37 -84.22 78.11
CA THR FB 60 -6.32 -85.21 78.29
C THR FB 60 -4.99 -84.66 77.79
N GLY FB 61 -3.96 -84.85 78.59
CA GLY FB 61 -2.61 -84.48 78.20
C GLY FB 61 -1.67 -85.12 79.19
N ASN FB 62 -0.55 -84.46 79.43
CA ASN FB 62 0.35 -84.83 80.51
C ASN FB 62 0.31 -83.73 81.56
N ASP FB 63 0.17 -84.13 82.82
CA ASP FB 63 0.42 -83.21 83.93
C ASP FB 63 1.94 -83.12 84.14
N ARG FB 64 2.40 -81.96 84.58
CA ARG FB 64 3.84 -81.73 84.67
C ARG FB 64 4.24 -81.15 86.03
N ILE FB 65 5.41 -81.57 86.50
CA ILE FB 65 6.04 -81.05 87.70
C ILE FB 65 7.38 -80.45 87.28
N HIS FB 66 7.64 -79.21 87.72
CA HIS FB 66 8.91 -78.54 87.42
C HIS FB 66 9.61 -78.21 88.73
N ALA FB 67 10.80 -78.77 88.94
CA ALA FB 67 11.58 -78.51 90.13
C ALA FB 67 12.94 -77.94 89.72
N ASN FB 68 13.45 -77.05 90.57
CA ASN FB 68 14.72 -76.38 90.29
C ASN FB 68 15.44 -76.14 91.60
N LEU FB 69 16.67 -76.66 91.69
CA LEU FB 69 17.53 -76.47 92.86
C LEU FB 69 18.79 -75.74 92.41
N ARG FB 70 19.00 -74.54 92.93
CA ARG FB 70 20.02 -73.62 92.47
C ARG FB 70 20.96 -73.26 93.60
N LYS FB 71 22.22 -72.99 93.23
CA LYS FB 71 23.18 -72.33 94.11
C LYS FB 71 23.91 -71.27 93.30
N VAL FB 72 23.83 -70.02 93.74
CA VAL FB 72 24.52 -68.91 93.10
C VAL FB 72 25.89 -68.78 93.74
N VAL FB 73 26.90 -68.46 92.92
CA VAL FB 73 28.25 -68.24 93.42
C VAL FB 73 28.78 -66.96 92.79
N LEU FB 74 29.59 -66.23 93.55
CA LEU FB 74 30.19 -64.99 93.10
C LEU FB 74 31.63 -65.21 92.70
N ASP FB 75 32.04 -64.57 91.60
CA ASP FB 75 33.43 -64.61 91.18
C ASP FB 75 34.31 -63.87 92.20
N GLU FB 76 35.44 -64.48 92.54
CA GLU FB 76 36.36 -63.81 93.48
C GLU FB 76 36.80 -62.47 92.93
N LYS FB 77 37.18 -62.42 91.65
CA LYS FB 77 37.74 -61.19 91.10
C LYS FB 77 36.66 -60.16 90.75
N THR FB 78 35.57 -60.58 90.09
CA THR FB 78 34.59 -59.62 89.60
C THR FB 78 33.31 -59.53 90.42
N ASN FB 79 33.09 -60.43 91.38
CA ASN FB 79 31.85 -60.53 92.14
C ASN FB 79 30.63 -60.69 91.25
N LEU FB 80 30.83 -61.04 89.98
CA LEU FB 80 29.72 -61.34 89.10
C LEU FB 80 29.13 -62.71 89.44
N PRO FB 81 27.83 -62.83 89.46
CA PRO FB 81 27.22 -64.09 89.88
C PRO FB 81 27.03 -65.04 88.72
N SER FB 82 27.44 -66.28 88.89
CA SER FB 82 27.00 -67.34 88.01
C SER FB 82 26.42 -68.45 88.86
N THR FB 83 25.45 -69.16 88.31
CA THR FB 83 24.63 -70.07 89.09
C THR FB 83 24.75 -71.49 88.55
N GLY FB 84 24.68 -72.45 89.47
CA GLY FB 84 24.67 -73.86 89.12
C GLY FB 84 23.38 -74.49 89.59
N SER FB 85 22.82 -75.38 88.77
CA SER FB 85 21.44 -75.80 89.04
C SER FB 85 21.17 -77.23 88.58
N VAL FB 86 20.26 -77.88 89.28
CA VAL FB 86 19.66 -79.14 88.85
C VAL FB 86 18.17 -78.91 88.69
N THR FB 87 17.67 -79.12 87.48
CA THR FB 87 16.25 -78.98 87.19
C THR FB 87 15.66 -80.32 86.79
N ILE FB 88 14.40 -80.53 87.15
CA ILE FB 88 13.71 -81.80 87.00
C ILE FB 88 12.33 -81.54 86.44
N GLN FB 89 11.94 -82.32 85.44
CA GLN FB 89 10.60 -82.20 84.88
C GLN FB 89 9.99 -83.59 84.88
N VAL FB 90 8.85 -83.73 85.57
CA VAL FB 90 8.13 -84.98 85.65
C VAL FB 90 6.87 -84.82 84.79
N SER FB 91 6.73 -85.68 83.79
CA SER FB 91 5.57 -85.67 82.89
C SER FB 91 4.78 -86.95 83.13
N ILE FB 92 3.60 -86.81 83.72
CA ILE FB 92 2.73 -87.90 84.14
C ILE FB 92 1.52 -87.93 83.21
N PRO FB 93 1.29 -89.01 82.48
CA PRO FB 93 0.12 -89.07 81.60
C PRO FB 93 -1.18 -89.32 82.35
N ARG FB 94 -2.27 -88.80 81.77
CA ARG FB 94 -3.61 -88.88 82.34
C ARG FB 94 -4.37 -90.14 81.94
N ASN FB 95 -3.68 -91.19 81.54
CA ASN FB 95 -4.29 -92.47 81.17
C ASN FB 95 -4.26 -93.40 82.38
N PRO FB 96 -5.39 -94.01 82.76
CA PRO FB 96 -5.37 -94.94 83.91
C PRO FB 96 -4.38 -96.07 83.77
N ALA FB 97 -3.85 -96.32 82.57
CA ALA FB 97 -2.80 -97.30 82.39
C ALA FB 97 -1.49 -96.88 83.02
N TRP FB 98 -1.39 -95.65 83.51
CA TRP FB 98 -0.25 -95.14 84.26
C TRP FB 98 -0.69 -94.92 85.71
N ASN FB 99 0.24 -95.08 86.65
CA ASN FB 99 -0.12 -94.85 88.03
C ASN FB 99 1.06 -94.30 88.83
N ALA FB 100 0.74 -93.96 90.08
CA ALA FB 100 1.73 -93.31 90.93
C ALA FB 100 2.91 -94.23 91.21
N SER FB 101 2.70 -95.55 91.23
CA SER FB 101 3.82 -96.46 91.40
C SER FB 101 4.84 -96.29 90.28
N MET FB 102 4.35 -96.05 89.06
CA MET FB 102 5.25 -95.85 87.93
C MET FB 102 5.93 -94.49 88.01
N THR FB 103 5.19 -93.45 88.41
CA THR FB 103 5.83 -92.15 88.65
C THR FB 103 6.98 -92.28 89.65
N VAL FB 104 6.70 -92.93 90.78
CA VAL FB 104 7.71 -93.09 91.82
C VAL FB 104 8.87 -93.95 91.32
N SER FB 105 8.57 -94.97 90.51
CA SER FB 105 9.64 -95.82 89.98
C SER FB 105 10.59 -95.01 89.13
N LEU FB 106 10.07 -94.15 88.25
CA LEU FB 106 10.95 -93.29 87.47
C LEU FB 106 11.77 -92.37 88.37
N LEU FB 107 11.14 -91.79 89.40
CA LEU FB 107 11.88 -90.92 90.30
C LEU FB 107 13.02 -91.67 90.97
N LYS FB 108 12.73 -92.87 91.48
CA LYS FB 108 13.76 -93.66 92.17
C LYS FB 108 14.89 -94.05 91.24
N GLN FB 109 14.56 -94.41 89.99
CA GLN FB 109 15.61 -94.80 89.06
C GLN FB 109 16.49 -93.62 88.69
N ALA FB 110 15.89 -92.45 88.48
CA ALA FB 110 16.67 -91.25 88.21
C ALA FB 110 17.58 -90.93 89.38
N ALA FB 111 17.07 -91.07 90.62
CA ALA FB 111 17.89 -90.85 91.80
C ALA FB 111 19.07 -91.81 91.83
N ASP FB 112 18.82 -93.10 91.60
CA ASP FB 112 19.90 -94.07 91.58
C ASP FB 112 20.94 -93.72 90.53
N TYR FB 113 20.50 -93.36 89.32
CA TYR FB 113 21.44 -93.25 88.21
C TYR FB 113 22.20 -91.93 88.18
N LEU FB 114 21.62 -90.84 88.71
CA LEU FB 114 22.33 -89.57 88.68
C LEU FB 114 22.85 -89.11 90.03
N ALA FB 115 22.28 -89.58 91.13
CA ALA FB 115 22.77 -89.24 92.45
C ALA FB 115 23.35 -90.42 93.21
N GLY FB 116 23.05 -91.64 92.79
CA GLY FB 116 23.56 -92.82 93.46
C GLY FB 116 23.06 -92.95 94.88
N THR FB 117 21.73 -92.87 95.06
CA THR FB 117 21.15 -92.90 96.39
C THR FB 117 20.03 -93.93 96.56
N SER FB 118 19.87 -94.86 95.62
CA SER FB 118 18.86 -95.90 95.73
C SER FB 118 18.99 -96.70 97.03
N ALA FB 119 17.88 -97.34 97.41
CA ALA FB 119 17.88 -98.28 98.52
C ALA FB 119 18.65 -99.54 98.16
N THR FB 120 19.14 -100.24 99.18
CA THR FB 120 19.93 -101.44 98.93
C THR FB 120 19.04 -102.57 98.44
N VAL FB 121 19.39 -103.13 97.29
CA VAL FB 121 18.67 -104.22 96.64
C VAL FB 121 19.70 -105.10 95.96
N SER FB 122 19.64 -106.41 96.20
CA SER FB 122 20.69 -107.29 95.72
C SER FB 122 20.72 -107.31 94.20
N GLY FB 123 21.92 -107.21 93.64
CA GLY FB 123 22.10 -107.15 92.21
C GLY FB 123 22.10 -105.77 91.60
N GLN FB 124 21.89 -104.73 92.40
CA GLN FB 124 21.96 -103.36 91.90
C GLN FB 124 23.39 -103.01 91.53
N THR FB 125 23.54 -102.21 90.48
CA THR FB 125 24.85 -101.69 90.17
C THR FB 125 25.26 -100.65 91.21
N ASP FB 126 26.56 -100.61 91.50
CA ASP FB 126 27.10 -99.69 92.50
C ASP FB 126 27.13 -98.31 91.88
N THR FB 127 26.13 -97.50 92.21
CA THR FB 127 25.97 -96.18 91.65
C THR FB 127 26.60 -95.09 92.51
N SER FB 128 27.34 -95.48 93.54
CA SER FB 128 27.86 -94.51 94.50
C SER FB 128 28.76 -93.48 93.84
N GLY FB 129 29.58 -93.90 92.87
CA GLY FB 129 30.50 -92.98 92.23
C GLY FB 129 29.93 -92.24 91.04
N PHE FB 130 28.70 -92.57 90.66
CA PHE FB 130 28.10 -91.93 89.50
C PHE FB 130 27.96 -90.42 89.64
N PRO FB 131 27.53 -89.86 90.78
CA PRO FB 131 27.48 -88.39 90.86
C PRO FB 131 28.83 -87.74 90.65
N ALA FB 132 29.90 -88.34 91.17
CA ALA FB 132 31.24 -87.84 90.89
C ALA FB 132 31.53 -87.86 89.39
N LYS FB 133 31.26 -89.00 88.73
CA LYS FB 133 31.52 -89.08 87.30
C LYS FB 133 30.71 -88.05 86.53
N TRP FB 134 29.43 -87.86 86.89
CA TRP FB 134 28.62 -86.87 86.21
C TRP FB 134 29.20 -85.47 86.38
N ALA FB 135 29.56 -85.11 87.62
CA ALA FB 135 30.17 -83.82 87.88
C ALA FB 135 31.49 -83.64 87.14
N GLY FB 136 32.09 -84.74 86.69
CA GLY FB 136 33.23 -84.64 85.80
C GLY FB 136 32.91 -84.67 84.31
N LEU FB 137 31.63 -84.62 83.94
CA LEU FB 137 31.18 -84.82 82.55
C LEU FB 137 31.72 -86.12 81.96
N MET FB 138 31.50 -87.21 82.69
CA MET FB 138 31.88 -88.56 82.28
C MET FB 138 30.69 -89.48 82.42
N PHE FB 139 30.40 -90.27 81.39
CA PHE FB 139 29.32 -91.23 81.51
C PHE FB 139 29.72 -92.33 82.48
N PRO FB 140 28.84 -92.73 83.40
CA PRO FB 140 29.12 -93.83 84.33
C PRO FB 140 29.42 -95.12 83.58
N ALA GB 1 -6.95 -71.18 104.95
CA ALA GB 1 -7.91 -72.20 104.54
C ALA GB 1 -7.65 -73.53 105.25
N ALA GB 2 -8.69 -74.33 105.41
CA ALA GB 2 -8.56 -75.62 106.07
C ALA GB 2 -7.64 -76.54 105.27
N PRO GB 3 -6.67 -77.19 105.91
CA PRO GB 3 -5.75 -78.04 105.15
C PRO GB 3 -6.39 -79.30 104.60
N SER GB 4 -7.51 -79.75 105.18
CA SER GB 4 -8.18 -80.94 104.68
C SER GB 4 -9.65 -80.89 105.08
N LEU GB 5 -10.46 -81.65 104.35
CA LEU GB 5 -11.90 -81.64 104.50
C LEU GB 5 -12.45 -83.06 104.39
N ALA GB 6 -13.47 -83.35 105.17
CA ALA GB 6 -14.20 -84.61 105.10
C ALA GB 6 -15.67 -84.24 104.88
N LEU GB 7 -16.08 -84.19 103.62
CA LEU GB 7 -17.42 -83.75 103.26
C LEU GB 7 -18.33 -84.95 103.09
N VAL GB 8 -19.64 -84.73 103.25
CA VAL GB 8 -20.61 -85.80 103.11
C VAL GB 8 -21.16 -85.80 101.70
N GLY GB 9 -21.11 -86.95 101.04
CA GLY GB 9 -21.73 -87.16 99.75
C GLY GB 9 -22.53 -88.43 99.76
N ALA GB 10 -22.76 -89.03 98.60
CA ALA GB 10 -23.59 -90.23 98.49
C ALA GB 10 -22.84 -91.32 97.72
N ASN GB 11 -22.95 -92.55 98.21
CA ASN GB 11 -22.37 -93.71 97.54
C ASN GB 11 -23.29 -94.12 96.39
N SER GB 12 -23.02 -95.29 95.80
CA SER GB 12 -23.85 -95.77 94.70
C SER GB 12 -25.30 -96.01 95.14
N THR GB 13 -25.53 -96.19 96.44
CA THR GB 13 -26.86 -96.44 96.98
C THR GB 13 -27.50 -95.18 97.53
N LEU GB 14 -26.81 -94.03 97.44
CA LEU GB 14 -27.25 -92.75 97.96
C LEU GB 14 -27.19 -92.69 99.48
N ALA GB 15 -26.46 -93.59 100.12
CA ALA GB 15 -26.19 -93.50 101.54
C ALA GB 15 -25.11 -92.46 101.81
N SER GB 16 -25.25 -91.75 102.93
CA SER GB 16 -24.29 -90.73 103.28
C SER GB 16 -22.91 -91.35 103.50
N THR GB 17 -21.92 -90.86 102.76
CA THR GB 17 -20.57 -91.40 102.78
C THR GB 17 -19.58 -90.25 102.81
N LEU GB 18 -18.49 -90.41 103.56
CA LEU GB 18 -17.48 -89.36 103.55
C LEU GB 18 -16.69 -89.36 102.24
N VAL GB 19 -16.26 -88.16 101.86
CA VAL GB 19 -15.42 -87.91 100.71
C VAL GB 19 -14.32 -86.95 101.17
N ASN GB 20 -13.08 -87.37 101.00
CA ASN GB 20 -11.94 -86.72 101.65
C ASN GB 20 -11.18 -85.88 100.65
N TYR GB 21 -11.04 -84.60 100.96
CA TYR GB 21 -10.28 -83.66 100.15
C TYR GB 21 -9.11 -83.14 100.97
N SER GB 22 -8.04 -82.78 100.26
CA SER GB 22 -6.87 -82.15 100.87
C SER GB 22 -6.50 -80.92 100.05
N LEU GB 23 -5.97 -79.92 100.75
CA LEU GB 23 -5.67 -78.63 100.15
C LEU GB 23 -4.41 -78.73 99.29
N ARG GB 24 -4.55 -78.53 97.98
CA ARG GB 24 -3.40 -78.62 97.09
C ARG GB 24 -2.57 -77.33 97.12
N SER GB 25 -3.21 -76.17 96.96
CA SER GB 25 -2.50 -74.90 96.99
C SER GB 25 -3.50 -73.78 97.27
N GLN GB 26 -2.97 -72.57 97.43
CA GLN GB 26 -3.78 -71.37 97.60
C GLN GB 26 -3.14 -70.23 96.81
N ASN GB 27 -3.87 -69.71 95.82
CA ASN GB 27 -3.49 -68.61 94.95
C ASN GB 27 -4.22 -67.34 95.40
N GLY GB 28 -4.15 -66.30 94.58
CA GLY GB 28 -4.86 -65.06 94.84
C GLY GB 28 -6.35 -65.28 94.93
N ASN GB 29 -6.87 -65.13 96.14
CA ASN GB 29 -8.31 -65.18 96.42
C ASN GB 29 -8.93 -66.47 95.91
N ASN GB 30 -8.23 -67.59 96.07
CA ASN GB 30 -8.80 -68.87 95.65
C ASN GB 30 -8.15 -70.00 96.44
N VAL GB 31 -8.75 -71.17 96.32
CA VAL GB 31 -8.39 -72.36 97.07
C VAL GB 31 -8.68 -73.57 96.20
N ASP GB 32 -7.73 -74.52 96.17
CA ASP GB 32 -7.80 -75.71 95.34
C ASP GB 32 -7.66 -76.96 96.20
N TYR GB 33 -8.69 -77.80 96.22
CA TYR GB 33 -8.70 -79.06 96.96
C TYR GB 33 -8.79 -80.23 95.99
N VAL GB 34 -8.19 -81.35 96.39
CA VAL GB 34 -8.14 -82.58 95.60
C VAL GB 34 -8.65 -83.74 96.44
N CYS GB 35 -9.38 -84.65 95.82
CA CYS GB 35 -9.90 -85.80 96.54
C CYS GB 35 -8.79 -86.82 96.75
N THR GB 36 -8.68 -87.32 97.99
CA THR GB 36 -7.63 -88.24 98.39
C THR GB 36 -8.12 -89.68 98.55
N ASP GB 37 -9.36 -89.96 98.15
CA ASP GB 37 -9.88 -91.30 98.23
C ASP GB 37 -9.24 -92.17 97.14
N PRO GB 38 -9.40 -93.49 97.23
CA PRO GB 38 -8.85 -94.33 96.16
C PRO GB 38 -9.52 -94.16 94.81
N ASP GB 39 -10.82 -93.80 94.77
CA ASP GB 39 -11.53 -93.72 93.50
C ASP GB 39 -11.10 -92.53 92.64
N SER GB 40 -10.43 -91.54 93.21
CA SER GB 40 -9.92 -90.41 92.44
C SER GB 40 -8.43 -90.59 92.17
N THR GB 41 -8.06 -90.44 90.91
CA THR GB 41 -6.69 -90.52 90.43
C THR GB 41 -6.46 -89.36 89.48
N LEU GB 42 -5.22 -89.16 89.06
CA LEU GB 42 -4.95 -88.06 88.14
C LEU GB 42 -5.69 -88.24 86.83
N SER GB 43 -5.96 -89.49 86.44
CA SER GB 43 -6.72 -89.75 85.22
C SER GB 43 -8.16 -89.28 85.36
N ALA GB 44 -8.76 -89.46 86.54
CA ALA GB 44 -10.15 -89.08 86.78
C ALA GB 44 -10.29 -88.57 88.21
N PRO GB 45 -9.92 -87.32 88.45
CA PRO GB 45 -9.86 -86.80 89.83
C PRO GB 45 -11.19 -86.22 90.29
N GLY GB 46 -11.26 -85.99 91.60
CA GLY GB 46 -12.29 -85.16 92.21
C GLY GB 46 -11.66 -83.88 92.72
N LEU GB 47 -12.32 -82.76 92.43
CA LEU GB 47 -11.71 -81.45 92.66
C LEU GB 47 -12.72 -80.49 93.27
N ILE GB 48 -12.22 -79.56 94.09
CA ILE GB 48 -13.02 -78.46 94.59
C ILE GB 48 -12.21 -77.17 94.47
N ASN GB 49 -12.87 -76.10 94.04
CA ASN GB 49 -12.21 -74.83 93.78
C ASN GB 49 -13.08 -73.68 94.27
N ALA GB 50 -12.46 -72.71 94.93
CA ALA GB 50 -13.20 -71.57 95.47
C ALA GB 50 -12.44 -70.28 95.20
N LYS GB 51 -13.17 -69.22 94.89
CA LYS GB 51 -12.57 -67.93 94.52
C LYS GB 51 -13.44 -66.80 95.03
N PHE GB 52 -12.80 -65.70 95.43
CA PHE GB 52 -13.50 -64.47 95.80
C PHE GB 52 -13.22 -63.37 94.79
N ASP GB 53 -14.28 -62.75 94.28
CA ASP GB 53 -14.19 -61.49 93.55
C ASP GB 53 -14.63 -60.41 94.54
N ILE GB 54 -13.66 -59.66 95.07
CA ILE GB 54 -13.89 -58.72 96.15
C ILE GB 54 -13.79 -57.31 95.60
N LYS GB 55 -14.88 -56.56 95.71
CA LYS GB 55 -14.89 -55.20 95.19
C LYS GB 55 -14.29 -54.25 96.21
N ALA GB 56 -13.97 -53.04 95.75
CA ALA GB 56 -13.26 -52.06 96.57
C ALA GB 56 -14.09 -51.70 97.80
N PRO GB 57 -13.43 -51.16 98.83
CA PRO GB 57 -14.18 -50.76 100.03
C PRO GB 57 -15.24 -49.72 99.70
N GLY GB 58 -16.35 -49.81 100.40
CA GLY GB 58 -17.49 -48.96 100.18
C GLY GB 58 -18.76 -49.78 100.32
N ILE GB 59 -19.89 -49.16 100.01
CA ILE GB 59 -21.17 -49.86 100.07
C ILE GB 59 -21.81 -50.01 98.69
N THR GB 60 -21.05 -49.74 97.63
CA THR GB 60 -21.63 -49.66 96.29
C THR GB 60 -21.76 -51.02 95.63
N GLY GB 61 -20.76 -51.89 95.78
CA GLY GB 61 -20.60 -53.02 94.91
C GLY GB 61 -21.40 -54.25 95.28
N ASN GB 62 -21.02 -55.36 94.63
CA ASN GB 62 -21.50 -56.71 94.89
C ASN GB 62 -20.28 -57.64 94.93
N ASP GB 63 -19.97 -58.17 96.11
CA ASP GB 63 -18.93 -59.18 96.24
C ASP GB 63 -19.43 -60.52 95.69
N ARG GB 64 -18.51 -61.36 95.24
CA ARG GB 64 -18.91 -62.65 94.65
C ARG GB 64 -18.02 -63.78 95.14
N ILE GB 65 -18.64 -64.95 95.34
CA ILE GB 65 -17.98 -66.19 95.70
C ILE GB 65 -18.24 -67.18 94.58
N HIS GB 66 -17.20 -67.87 94.12
CA HIS GB 66 -17.30 -68.88 93.07
C HIS GB 66 -16.79 -70.19 93.64
N ALA GB 67 -17.66 -71.19 93.71
CA ALA GB 67 -17.27 -72.53 94.12
C ALA GB 67 -17.54 -73.49 92.97
N ASN GB 68 -16.75 -74.56 92.93
CA ASN GB 68 -16.86 -75.53 91.84
C ASN GB 68 -16.44 -76.89 92.36
N LEU GB 69 -17.36 -77.85 92.33
CA LEU GB 69 -17.10 -79.21 92.78
C LEU GB 69 -17.23 -80.12 91.56
N ARG GB 70 -16.13 -80.76 91.17
CA ARG GB 70 -16.08 -81.55 89.96
C ARG GB 70 -15.65 -82.98 90.26
N LYS GB 71 -16.11 -83.90 89.41
CA LYS GB 71 -15.62 -85.27 89.38
C LYS GB 71 -15.50 -85.72 87.93
N VAL GB 72 -14.34 -86.26 87.57
CA VAL GB 72 -14.09 -86.75 86.23
C VAL GB 72 -14.36 -88.25 86.21
N VAL GB 73 -14.92 -88.74 85.10
CA VAL GB 73 -15.19 -90.15 84.92
C VAL GB 73 -14.70 -90.57 83.54
N LEU GB 74 -14.29 -91.83 83.43
CA LEU GB 74 -13.77 -92.39 82.19
C LEU GB 74 -14.77 -93.38 81.60
N ASP GB 75 -14.93 -93.31 80.27
CA ASP GB 75 -15.83 -94.23 79.57
C ASP GB 75 -15.32 -95.66 79.70
N GLU GB 76 -16.24 -96.60 80.01
CA GLU GB 76 -15.84 -98.01 80.10
C GLU GB 76 -15.33 -98.54 78.76
N LYS GB 77 -15.77 -97.94 77.66
CA LYS GB 77 -15.40 -98.47 76.35
C LYS GB 77 -14.14 -97.81 75.81
N THR GB 78 -13.94 -96.53 76.08
CA THR GB 78 -12.87 -95.76 75.45
C THR GB 78 -11.93 -95.05 76.42
N ASN GB 79 -12.18 -95.12 77.73
CA ASN GB 79 -11.43 -94.34 78.72
C ASN GB 79 -11.43 -92.84 78.40
N LEU GB 80 -12.46 -92.39 77.69
CA LEU GB 80 -12.49 -90.95 77.44
C LEU GB 80 -13.12 -90.21 78.61
N PRO GB 81 -12.50 -89.10 79.00
CA PRO GB 81 -12.96 -88.39 80.21
C PRO GB 81 -14.14 -87.48 79.89
N SER GB 82 -15.15 -87.51 80.75
CA SER GB 82 -16.12 -86.44 80.82
C SER GB 82 -16.32 -86.10 82.29
N THR GB 83 -16.67 -84.84 82.57
CA THR GB 83 -16.70 -84.34 83.93
C THR GB 83 -18.13 -83.97 84.32
N GLY GB 84 -18.48 -84.26 85.56
CA GLY GB 84 -19.71 -83.78 86.16
C GLY GB 84 -19.34 -82.71 87.17
N SER GB 85 -20.20 -81.70 87.30
CA SER GB 85 -19.82 -80.59 88.17
C SER GB 85 -21.04 -79.89 88.74
N VAL GB 86 -20.87 -79.38 89.96
CA VAL GB 86 -21.80 -78.45 90.59
C VAL GB 86 -21.04 -77.17 90.87
N THR GB 87 -21.43 -76.09 90.22
CA THR GB 87 -20.82 -74.79 90.42
C THR GB 87 -21.81 -73.88 91.15
N ILE GB 88 -21.27 -72.99 91.97
CA ILE GB 88 -22.05 -72.12 92.82
C ILE GB 88 -21.49 -70.71 92.71
N GLN GB 89 -22.38 -69.73 92.61
CA GLN GB 89 -21.98 -68.33 92.63
C GLN GB 89 -22.85 -67.57 93.62
N VAL GB 90 -22.22 -67.01 94.63
CA VAL GB 90 -22.88 -66.21 95.65
C VAL GB 90 -22.56 -64.75 95.35
N SER GB 91 -23.58 -63.90 95.32
CA SER GB 91 -23.42 -62.47 95.11
C SER GB 91 -24.02 -61.76 96.30
N ILE GB 92 -23.16 -61.07 97.05
CA ILE GB 92 -23.45 -60.40 98.32
C ILE GB 92 -23.36 -58.89 98.09
N PRO GB 93 -24.47 -58.16 98.15
CA PRO GB 93 -24.40 -56.71 98.05
C PRO GB 93 -23.78 -56.07 99.28
N ARG GB 94 -23.22 -54.87 99.08
CA ARG GB 94 -22.57 -54.12 100.13
C ARG GB 94 -23.46 -53.03 100.74
N ASN GB 95 -24.58 -52.72 100.10
CA ASN GB 95 -25.60 -51.85 100.69
C ASN GB 95 -25.94 -52.34 102.09
N PRO GB 96 -25.79 -51.50 103.12
CA PRO GB 96 -25.99 -51.98 104.50
C PRO GB 96 -27.37 -52.53 104.77
N ALA GB 97 -28.28 -52.43 103.80
CA ALA GB 97 -29.58 -53.07 103.89
C ALA GB 97 -29.52 -54.57 103.68
N TRP GB 98 -28.32 -55.15 103.52
CA TRP GB 98 -28.10 -56.58 103.39
C TRP GB 98 -27.35 -57.09 104.62
N ASN GB 99 -27.52 -58.38 104.91
CA ASN GB 99 -26.90 -59.00 106.09
C ASN GB 99 -26.19 -60.29 105.73
N ALA GB 100 -25.14 -60.57 106.49
CA ALA GB 100 -24.60 -61.93 106.50
C ALA GB 100 -25.70 -62.94 106.81
N SER GB 101 -26.67 -62.56 107.63
CA SER GB 101 -27.80 -63.46 107.89
C SER GB 101 -28.58 -63.76 106.63
N MET GB 102 -28.72 -62.76 105.76
CA MET GB 102 -29.45 -62.97 104.51
C MET GB 102 -28.64 -63.86 103.57
N THR GB 103 -27.32 -63.65 103.51
CA THR GB 103 -26.44 -64.56 102.76
C THR GB 103 -26.62 -66.00 103.23
N VAL GB 104 -26.51 -66.21 104.55
CA VAL GB 104 -26.62 -67.56 105.10
C VAL GB 104 -28.00 -68.14 104.82
N SER GB 105 -29.04 -67.31 104.86
CA SER GB 105 -30.39 -67.79 104.61
C SER GB 105 -30.52 -68.29 103.17
N LEU GB 106 -29.97 -67.54 102.21
CA LEU GB 106 -29.99 -68.02 100.84
C LEU GB 106 -29.21 -69.31 100.69
N LEU GB 107 -28.06 -69.43 101.35
CA LEU GB 107 -27.29 -70.66 101.27
C LEU GB 107 -28.08 -71.85 101.80
N LYS GB 108 -28.71 -71.68 102.97
CA LYS GB 108 -29.49 -72.76 103.57
C LYS GB 108 -30.68 -73.15 102.70
N GLN GB 109 -31.34 -72.15 102.10
CA GLN GB 109 -32.49 -72.45 101.24
C GLN GB 109 -32.06 -73.21 100.00
N ALA GB 110 -30.97 -72.78 99.36
CA ALA GB 110 -30.45 -73.50 98.21
C ALA GB 110 -30.08 -74.93 98.59
N ALA GB 111 -29.48 -75.12 99.76
CA ALA GB 111 -29.13 -76.45 100.22
C ALA GB 111 -30.38 -77.32 100.38
N ASP GB 112 -31.40 -76.78 101.05
CA ASP GB 112 -32.66 -77.51 101.21
C ASP GB 112 -33.28 -77.86 99.86
N TYR GB 113 -33.26 -76.92 98.91
CA TYR GB 113 -34.06 -77.10 97.69
C TYR GB 113 -33.35 -77.95 96.64
N LEU GB 114 -32.01 -77.95 96.61
CA LEU GB 114 -31.29 -78.74 95.62
C LEU GB 114 -30.59 -79.96 96.19
N ALA GB 115 -30.29 -79.99 97.48
CA ALA GB 115 -29.68 -81.15 98.10
C ALA GB 115 -30.55 -81.81 99.15
N GLY GB 116 -31.59 -81.12 99.65
CA GLY GB 116 -32.45 -81.69 100.66
C GLY GB 116 -31.74 -82.00 101.96
N THR GB 117 -31.00 -81.02 102.48
CA THR GB 117 -30.17 -81.23 103.67
C THR GB 117 -30.46 -80.26 104.81
N SER GB 118 -31.49 -79.42 104.69
CA SER GB 118 -31.79 -78.42 105.71
C SER GB 118 -32.05 -79.05 107.08
N ALA GB 119 -31.94 -78.22 108.11
CA ALA GB 119 -32.28 -78.62 109.47
C ALA GB 119 -33.80 -78.80 109.60
N THR GB 120 -34.22 -79.35 110.74
CA THR GB 120 -35.62 -79.70 110.95
C THR GB 120 -36.38 -78.53 111.56
N VAL GB 121 -37.48 -78.15 110.90
CA VAL GB 121 -38.39 -77.11 111.38
C VAL GB 121 -39.80 -77.63 111.16
N SER GB 122 -40.75 -77.06 111.91
CA SER GB 122 -42.10 -77.64 112.00
C SER GB 122 -42.71 -77.86 110.62
N GLY GB 123 -43.00 -76.80 109.90
CA GLY GB 123 -43.81 -76.95 108.71
C GLY GB 123 -43.02 -77.14 107.43
N GLN GB 124 -41.80 -77.66 107.52
CA GLN GB 124 -40.93 -77.64 106.36
C GLN GB 124 -41.43 -78.66 105.35
N THR GB 125 -41.20 -78.39 104.06
CA THR GB 125 -41.55 -79.41 103.08
C THR GB 125 -40.45 -80.46 103.01
N ASP GB 126 -40.88 -81.68 102.70
CA ASP GB 126 -39.97 -82.82 102.64
C ASP GB 126 -39.15 -82.72 101.36
N THR GB 127 -37.87 -82.44 101.53
CA THR GB 127 -36.96 -82.22 100.41
C THR GB 127 -35.95 -83.35 100.25
N SER GB 128 -36.16 -84.47 100.95
CA SER GB 128 -35.19 -85.55 100.90
C SER GB 128 -35.06 -86.14 99.49
N GLY GB 129 -36.16 -86.21 98.76
CA GLY GB 129 -36.14 -86.78 97.42
C GLY GB 129 -35.79 -85.81 96.32
N PHE GB 130 -35.66 -84.52 96.66
CA PHE GB 130 -35.37 -83.52 95.65
C PHE GB 130 -34.05 -83.75 94.93
N PRO GB 131 -32.94 -84.10 95.58
CA PRO GB 131 -31.72 -84.36 94.80
C PRO GB 131 -31.90 -85.48 93.79
N ALA GB 132 -32.62 -86.53 94.16
CA ALA GB 132 -32.92 -87.59 93.20
C ALA GB 132 -33.71 -87.06 92.01
N LYS GB 133 -34.76 -86.26 92.28
CA LYS GB 133 -35.56 -85.73 91.20
C LYS GB 133 -34.75 -84.80 90.30
N TRP GB 134 -33.85 -84.01 90.89
CA TRP GB 134 -32.99 -83.15 90.07
C TRP GB 134 -32.08 -84.01 89.19
N ALA GB 135 -31.42 -85.00 89.78
CA ALA GB 135 -30.52 -85.86 89.02
C ALA GB 135 -31.24 -86.61 87.91
N GLY GB 136 -32.56 -86.75 88.03
CA GLY GB 136 -33.36 -87.25 86.93
C GLY GB 136 -33.82 -86.20 85.94
N LEU GB 137 -33.37 -84.96 86.10
CA LEU GB 137 -33.83 -83.83 85.30
C LEU GB 137 -35.34 -83.68 85.34
N MET GB 138 -35.88 -83.63 86.54
CA MET GB 138 -37.29 -83.28 86.74
C MET GB 138 -37.42 -82.38 87.95
N PHE GB 139 -38.38 -81.47 87.87
CA PHE GB 139 -38.59 -80.49 88.93
C PHE GB 139 -39.19 -81.17 90.16
N PRO GB 140 -38.78 -80.74 91.36
CA PRO GB 140 -39.42 -81.15 92.61
C PRO GB 140 -40.88 -80.74 92.64
N ALA HB 1 3.05 -68.98 103.67
CA ALA HB 1 2.90 -68.04 104.78
C ALA HB 1 1.97 -68.60 105.86
N ALA HB 2 1.96 -67.95 107.03
CA ALA HB 2 1.11 -68.39 108.12
C ALA HB 2 -0.36 -68.23 107.74
N PRO HB 3 -1.19 -69.25 108.02
CA PRO HB 3 -2.59 -69.19 107.61
C PRO HB 3 -3.42 -68.22 108.44
N SER HB 4 -2.95 -67.87 109.64
CA SER HB 4 -3.70 -66.97 110.51
C SER HB 4 -2.74 -66.31 111.49
N LEU HB 5 -3.13 -65.12 111.96
CA LEU HB 5 -2.31 -64.29 112.83
C LEU HB 5 -3.16 -63.69 113.93
N ALA HB 6 -2.58 -63.59 115.12
CA ALA HB 6 -3.20 -62.90 116.24
C ALA HB 6 -2.23 -61.78 116.64
N LEU HB 7 -2.39 -60.61 116.04
CA LEU HB 7 -1.50 -59.50 116.31
C LEU HB 7 -2.02 -58.68 117.48
N VAL HB 8 -1.13 -57.93 118.13
CA VAL HB 8 -1.52 -57.09 119.25
C VAL HB 8 -1.70 -55.66 118.77
N GLY HB 9 -2.88 -55.10 119.02
CA GLY HB 9 -3.19 -53.71 118.79
C GLY HB 9 -3.77 -53.09 120.05
N ALA HB 10 -4.56 -52.05 119.85
CA ALA HB 10 -5.13 -51.29 120.95
C ALA HB 10 -6.62 -51.06 120.72
N ASN HB 11 -7.40 -51.21 121.78
CA ASN HB 11 -8.83 -50.90 121.72
C ASN HB 11 -9.02 -49.40 121.94
N SER HB 12 -10.27 -49.00 122.18
CA SER HB 12 -10.56 -47.59 122.40
C SER HB 12 -9.88 -47.05 123.66
N THR HB 13 -9.61 -47.93 124.63
CA THR HB 13 -8.92 -47.55 125.86
C THR HB 13 -7.41 -47.49 125.69
N LEU HB 14 -6.90 -47.90 124.52
CA LEU HB 14 -5.48 -48.14 124.25
C LEU HB 14 -4.94 -49.36 124.99
N ALA HB 15 -5.80 -50.17 125.58
CA ALA HB 15 -5.36 -51.43 126.20
C ALA HB 15 -4.98 -52.44 125.12
N SER HB 16 -3.97 -53.26 125.42
CA SER HB 16 -3.49 -54.24 124.46
C SER HB 16 -4.57 -55.28 124.18
N THR HB 17 -4.99 -55.37 122.92
CA THR HB 17 -6.08 -56.23 122.49
C THR HB 17 -5.65 -57.03 121.27
N LEU HB 18 -6.09 -58.28 121.18
CA LEU HB 18 -5.80 -59.06 119.98
C LEU HB 18 -6.65 -58.62 118.81
N VAL HB 19 -6.03 -58.58 117.64
CA VAL HB 19 -6.68 -58.37 116.36
C VAL HB 19 -6.29 -59.53 115.44
N ASN HB 20 -7.30 -60.21 114.90
CA ASN HB 20 -7.14 -61.51 114.28
C ASN HB 20 -7.26 -61.40 112.76
N TYR HB 21 -6.29 -61.97 112.06
CA TYR HB 21 -6.27 -61.98 110.61
C TYR HB 21 -6.20 -63.42 110.11
N SER HB 22 -6.82 -63.68 108.96
CA SER HB 22 -6.65 -64.95 108.27
C SER HB 22 -6.12 -64.70 106.87
N LEU HB 23 -5.36 -65.67 106.37
CA LEU HB 23 -4.71 -65.58 105.07
C LEU HB 23 -5.75 -65.77 103.98
N ARG HB 24 -6.10 -64.68 103.32
CA ARG HB 24 -7.06 -64.74 102.23
C ARG HB 24 -6.39 -65.03 100.88
N SER HB 25 -5.26 -64.40 100.56
CA SER HB 25 -4.62 -64.74 99.29
C SER HB 25 -3.11 -64.69 99.41
N GLN HB 26 -2.45 -65.38 98.49
CA GLN HB 26 -1.01 -65.33 98.36
C GLN HB 26 -0.69 -65.60 96.89
N ASN HB 27 0.01 -64.65 96.25
CA ASN HB 27 0.23 -64.70 94.82
C ASN HB 27 1.45 -63.86 94.48
N GLY HB 28 2.39 -64.45 93.73
CA GLY HB 28 3.50 -63.72 93.17
C GLY HB 28 4.28 -62.93 94.19
N ASN HB 29 4.87 -63.64 95.16
CA ASN HB 29 5.57 -63.01 96.28
C ASN HB 29 4.75 -61.90 96.89
N ASN HB 30 3.46 -62.16 97.06
CA ASN HB 30 2.56 -61.18 97.64
C ASN HB 30 1.63 -61.95 98.57
N VAL HB 31 1.31 -61.35 99.73
CA VAL HB 31 0.54 -62.02 100.78
C VAL HB 31 -0.50 -61.05 101.32
N ASP HB 32 -1.76 -61.48 101.36
CA ASP HB 32 -2.89 -60.62 101.74
C ASP HB 32 -3.73 -61.30 102.81
N TYR HB 33 -3.85 -60.65 103.96
CA TYR HB 33 -4.63 -61.09 105.10
C TYR HB 33 -5.85 -60.20 105.28
N VAL HB 34 -6.92 -60.77 105.82
CA VAL HB 34 -8.12 -60.00 106.17
C VAL HB 34 -8.45 -60.21 107.64
N CYS HB 35 -9.01 -59.18 108.26
CA CYS HB 35 -9.33 -59.21 109.68
C CYS HB 35 -10.63 -59.98 109.90
N THR HB 36 -10.60 -60.93 110.83
CA THR HB 36 -11.73 -61.80 111.11
C THR HB 36 -12.63 -61.30 112.23
N ASP HB 37 -12.29 -60.18 112.84
CA ASP HB 37 -13.02 -59.67 113.99
C ASP HB 37 -14.32 -59.02 113.54
N PRO HB 38 -15.22 -58.71 114.48
CA PRO HB 38 -16.47 -58.04 114.09
C PRO HB 38 -16.26 -56.62 113.57
N ASP HB 39 -15.20 -55.94 113.99
CA ASP HB 39 -14.99 -54.56 113.56
C ASP HB 39 -14.63 -54.43 112.09
N SER HB 40 -14.22 -55.51 111.42
CA SER HB 40 -13.99 -55.49 109.98
C SER HB 40 -15.20 -56.12 109.31
N THR HB 41 -15.89 -55.32 108.51
CA THR HB 41 -17.01 -55.76 107.70
C THR HB 41 -16.57 -55.84 106.25
N LEU HB 42 -17.47 -56.35 105.40
CA LEU HB 42 -17.19 -56.36 103.97
C LEU HB 42 -17.03 -54.94 103.45
N SER HB 43 -17.87 -54.02 103.94
CA SER HB 43 -17.86 -52.68 103.39
C SER HB 43 -16.67 -51.89 103.91
N ALA HB 44 -16.27 -52.15 105.15
CA ALA HB 44 -15.18 -51.43 105.81
C ALA HB 44 -14.27 -52.44 106.50
N PRO HB 45 -13.35 -53.06 105.76
CA PRO HB 45 -12.57 -54.17 106.31
C PRO HB 45 -11.27 -53.70 106.94
N GLY HB 46 -10.62 -54.64 107.62
CA GLY HB 46 -9.24 -54.50 108.05
C GLY HB 46 -8.37 -55.44 107.23
N LEU HB 47 -7.25 -54.92 106.73
CA LEU HB 47 -6.50 -55.64 105.71
C LEU HB 47 -5.00 -55.54 105.96
N ILE HB 48 -4.27 -56.56 105.51
CA ILE HB 48 -2.81 -56.53 105.54
C ILE HB 48 -2.28 -57.02 104.20
N ASN HB 49 -1.21 -56.38 103.74
CA ASN HB 49 -0.56 -56.66 102.47
C ASN HB 49 0.95 -56.72 102.68
N ALA HB 50 1.62 -57.64 101.97
CA ALA HB 50 3.08 -57.74 102.08
C ALA HB 50 3.68 -58.26 100.78
N LYS HB 51 4.62 -57.50 100.21
CA LYS HB 51 5.25 -57.76 98.91
C LYS HB 51 6.76 -57.88 99.06
N PHE HB 52 7.37 -58.64 98.16
CA PHE HB 52 8.81 -58.78 98.05
C PHE HB 52 9.27 -58.37 96.65
N ASP HB 53 10.05 -57.30 96.58
CA ASP HB 53 10.82 -56.97 95.36
C ASP HB 53 12.18 -57.61 95.53
N ILE HB 54 12.38 -58.79 94.95
CA ILE HB 54 13.63 -59.52 95.05
C ILE HB 54 14.42 -59.29 93.78
N LYS HB 55 15.57 -58.64 93.93
CA LYS HB 55 16.45 -58.37 92.80
C LYS HB 55 17.15 -59.65 92.36
N ALA HB 56 17.59 -59.66 91.10
CA ALA HB 56 18.39 -60.73 90.54
C ALA HB 56 19.63 -60.97 91.39
N PRO HB 57 20.20 -62.18 91.38
CA PRO HB 57 21.39 -62.42 92.19
C PRO HB 57 22.51 -61.46 91.81
N GLY HB 58 23.29 -61.10 92.80
CA GLY HB 58 24.33 -60.12 92.60
C GLY HB 58 24.69 -59.44 93.90
N ILE HB 59 25.81 -58.75 93.86
CA ILE HB 59 26.29 -58.04 95.04
C ILE HB 59 25.82 -56.59 95.06
N THR HB 60 25.18 -56.14 93.98
CA THR HB 60 24.73 -54.76 93.85
C THR HB 60 23.22 -54.70 93.94
N GLY HB 61 22.70 -53.57 94.41
CA GLY HB 61 21.29 -53.32 94.49
C GLY HB 61 20.75 -53.48 95.90
N ASN HB 62 19.46 -53.16 96.03
CA ASN HB 62 18.72 -53.33 97.27
C ASN HB 62 17.52 -54.25 97.01
N ASP HB 63 17.31 -55.20 97.94
CA ASP HB 63 16.06 -55.94 98.02
C ASP HB 63 15.05 -55.11 98.81
N ARG HB 64 13.76 -55.31 98.51
CA ARG HB 64 12.76 -54.47 99.18
C ARG HB 64 11.58 -55.29 99.70
N ILE HB 65 11.10 -54.91 100.87
CA ILE HB 65 9.91 -55.47 101.50
C ILE HB 65 8.89 -54.35 101.62
N HIS HB 66 7.64 -54.62 101.21
CA HIS HB 66 6.56 -53.67 101.37
C HIS HB 66 5.48 -54.28 102.24
N ALA HB 67 4.92 -53.49 103.14
CA ALA HB 67 3.87 -53.98 104.02
C ALA HB 67 2.87 -52.86 104.28
N ASN HB 68 1.60 -53.22 104.32
CA ASN HB 68 0.54 -52.25 104.53
C ASN HB 68 -0.50 -52.82 105.49
N LEU HB 69 -0.80 -52.07 106.55
CA LEU HB 69 -1.83 -52.44 107.51
C LEU HB 69 -2.91 -51.37 107.47
N ARG HB 70 -4.11 -51.75 107.06
CA ARG HB 70 -5.20 -50.84 106.73
C ARG HB 70 -6.41 -51.13 107.59
N LYS HB 71 -7.14 -50.06 107.93
CA LYS HB 71 -8.50 -50.17 108.45
C LYS HB 71 -9.37 -49.16 107.70
N VAL HB 72 -10.44 -49.65 107.10
CA VAL HB 72 -11.38 -48.79 106.38
C VAL HB 72 -12.49 -48.38 107.33
N VAL HB 73 -12.95 -47.14 107.20
CA VAL HB 73 -14.05 -46.63 108.01
C VAL HB 73 -15.01 -45.89 107.09
N LEU HB 74 -16.30 -46.02 107.37
CA LEU HB 74 -17.35 -45.41 106.58
C LEU HB 74 -17.82 -44.12 107.24
N ASP HB 75 -18.10 -43.11 106.41
CA ASP HB 75 -18.67 -41.86 106.93
C ASP HB 75 -20.06 -42.08 107.49
N GLU HB 76 -20.34 -41.40 108.60
CA GLU HB 76 -21.63 -41.60 109.27
C GLU HB 76 -22.79 -41.23 108.36
N LYS HB 77 -22.66 -40.11 107.64
CA LYS HB 77 -23.75 -39.63 106.80
C LYS HB 77 -23.63 -40.18 105.37
N THR HB 78 -22.51 -39.93 104.71
CA THR HB 78 -22.37 -40.26 103.30
C THR HB 78 -22.05 -41.72 103.04
N ASN HB 79 -21.62 -42.47 104.05
CA ASN HB 79 -21.19 -43.86 103.92
C ASN HB 79 -20.03 -44.03 102.92
N LEU HB 80 -19.38 -42.93 102.55
CA LEU HB 80 -18.17 -42.99 101.74
C LEU HB 80 -17.03 -43.53 102.58
N PRO HB 81 -16.22 -44.42 102.03
CA PRO HB 81 -15.13 -45.01 102.82
C PRO HB 81 -13.89 -44.17 102.74
N SER HB 82 -13.25 -43.92 103.88
CA SER HB 82 -11.88 -43.47 103.91
C SER HB 82 -11.08 -44.43 104.78
N THR HB 83 -9.81 -44.59 104.44
CA THR HB 83 -9.00 -45.65 105.02
C THR HB 83 -7.76 -45.07 105.72
N GLY HB 84 -7.47 -45.62 106.90
CA GLY HB 84 -6.28 -45.25 107.66
C GLY HB 84 -5.28 -46.40 107.60
N SER HB 85 -4.00 -46.05 107.50
CA SER HB 85 -3.03 -47.09 107.17
C SER HB 85 -1.64 -46.79 107.67
N VAL HB 86 -0.97 -47.83 108.17
CA VAL HB 86 0.46 -47.79 108.46
C VAL HB 86 1.17 -48.66 107.43
N THR HB 87 2.08 -48.08 106.66
CA THR HB 87 2.79 -48.80 105.63
C THR HB 87 4.29 -48.70 105.84
N ILE HB 88 5.00 -49.80 105.57
CA ILE HB 88 6.42 -49.96 105.87
C ILE HB 88 7.13 -50.40 104.60
N GLN HB 89 8.29 -49.78 104.33
CA GLN HB 89 9.21 -50.23 103.30
C GLN HB 89 10.56 -50.51 103.93
N VAL HB 90 11.04 -51.73 103.75
CA VAL HB 90 12.36 -52.16 104.21
C VAL HB 90 13.25 -52.31 102.98
N SER HB 91 14.41 -51.65 102.99
CA SER HB 91 15.37 -51.70 101.90
C SER HB 91 16.67 -52.28 102.43
N ILE HB 92 17.00 -53.49 101.97
CA ILE HB 92 18.12 -54.30 102.43
C ILE HB 92 19.17 -54.31 101.33
N PRO HB 93 20.32 -53.69 101.52
CA PRO HB 93 21.38 -53.75 100.50
C PRO HB 93 21.99 -55.15 100.39
N ARG HB 94 22.73 -55.34 99.30
CA ARG HB 94 23.35 -56.62 99.03
C ARG HB 94 24.87 -56.63 99.20
N ASN HB 95 25.48 -55.48 99.43
CA ASN HB 95 26.89 -55.44 99.80
C ASN HB 95 27.10 -56.30 101.05
N PRO HB 96 28.05 -57.26 101.03
CA PRO HB 96 28.24 -58.15 102.18
C PRO HB 96 28.53 -57.40 103.47
N ALA HB 97 28.80 -56.10 103.38
CA ALA HB 97 28.97 -55.26 104.54
C ALA HB 97 27.66 -54.93 105.24
N TRP HB 98 26.54 -55.51 104.79
CA TRP HB 98 25.25 -55.40 105.47
C TRP HB 98 24.90 -56.75 106.09
N ASN HB 99 24.11 -56.72 107.16
CA ASN HB 99 23.72 -57.93 107.87
C ASN HB 99 22.22 -57.98 108.12
N ALA HB 100 21.69 -59.20 108.15
CA ALA HB 100 20.36 -59.39 108.69
C ALA HB 100 20.25 -58.80 110.09
N SER HB 101 21.35 -58.82 110.86
CA SER HB 101 21.32 -58.20 112.18
C SER HB 101 21.05 -56.71 112.08
N MET HB 102 21.60 -56.07 111.05
CA MET HB 102 21.36 -54.64 110.86
C MET HB 102 19.93 -54.39 110.42
N THR HB 103 19.40 -55.24 109.54
CA THR HB 103 17.98 -55.15 109.19
C THR HB 103 17.09 -55.24 110.43
N VAL HB 104 17.33 -56.26 111.26
CA VAL HB 104 16.53 -56.47 112.45
C VAL HB 104 16.70 -55.30 113.41
N SER HB 105 17.91 -54.75 113.50
CA SER HB 105 18.14 -53.62 114.40
C SER HB 105 17.31 -52.42 113.97
N LEU HB 106 17.27 -52.14 112.66
CA LEU HB 106 16.43 -51.04 112.20
C LEU HB 106 14.95 -51.32 112.46
N LEU HB 107 14.51 -52.56 112.26
CA LEU HB 107 13.11 -52.88 112.53
C LEU HB 107 12.77 -52.64 114.01
N LYS HB 108 13.64 -53.12 114.91
CA LYS HB 108 13.39 -52.97 116.34
C LYS HB 108 13.39 -51.50 116.74
N GLN HB 109 14.31 -50.70 116.17
CA GLN HB 109 14.36 -49.29 116.50
C GLN HB 109 13.12 -48.56 116.02
N ALA HB 110 12.66 -48.88 114.81
CA ALA HB 110 11.43 -48.29 114.32
C ALA HB 110 10.25 -48.66 115.21
N ALA HB 111 10.18 -49.93 115.63
CA ALA HB 111 9.13 -50.34 116.55
C ALA HB 111 9.19 -49.55 117.85
N ASP HB 112 10.39 -49.34 118.39
CA ASP HB 112 10.52 -48.58 119.62
C ASP HB 112 10.08 -47.13 119.42
N TYR HB 113 10.50 -46.51 118.30
CA TYR HB 113 10.32 -45.07 118.16
C TYR HB 113 8.92 -44.68 117.69
N LEU HB 114 8.28 -45.51 116.87
CA LEU HB 114 6.94 -45.17 116.38
C LEU HB 114 5.83 -45.94 117.06
N ALA HB 115 6.11 -47.09 117.66
CA ALA HB 115 5.11 -47.85 118.37
C ALA HB 115 5.36 -47.97 119.86
N GLY HB 116 6.57 -47.75 120.33
CA GLY HB 116 6.88 -47.86 121.74
C GLY HB 116 6.73 -49.26 122.29
N THR HB 117 7.35 -50.24 121.61
CA THR HB 117 7.19 -51.64 121.97
C THR HB 117 8.50 -52.39 122.18
N SER HB 118 9.64 -51.69 122.17
CA SER HB 118 10.93 -52.34 122.34
C SER HB 118 11.00 -53.18 123.63
N ALA HB 119 11.92 -54.14 123.64
CA ALA HB 119 12.22 -54.91 124.83
C ALA HB 119 12.89 -54.01 125.88
N THR HB 120 12.94 -54.51 127.11
CA THR HB 120 13.47 -53.72 128.21
C THR HB 120 15.00 -53.82 128.27
N VAL HB 121 15.65 -52.65 128.29
CA VAL HB 121 17.09 -52.52 128.41
C VAL HB 121 17.37 -51.33 129.32
N SER HB 122 18.36 -51.48 130.20
CA SER HB 122 18.74 -50.41 131.11
C SER HB 122 19.14 -49.17 130.32
N GLY HB 123 18.54 -48.03 130.68
CA GLY HB 123 18.86 -46.78 130.05
C GLY HB 123 18.06 -46.48 128.79
N GLN HB 124 17.04 -47.25 128.46
CA GLN HB 124 16.30 -46.99 127.23
C GLN HB 124 15.38 -45.81 127.48
N THR HB 125 15.09 -45.03 126.45
CA THR HB 125 14.13 -43.96 126.64
C THR HB 125 12.72 -44.54 126.67
N ASP HB 126 11.88 -43.94 127.51
CA ASP HB 126 10.50 -44.39 127.66
C ASP HB 126 9.70 -43.96 126.45
N THR HB 127 9.34 -44.93 125.62
CA THR HB 127 8.64 -44.68 124.37
C THR HB 127 7.17 -45.05 124.46
N SER HB 128 6.66 -45.31 125.67
CA SER HB 128 5.29 -45.79 125.82
C SER HB 128 4.28 -44.79 125.26
N GLY HB 129 4.50 -43.49 125.50
CA GLY HB 129 3.58 -42.48 125.03
C GLY HB 129 3.83 -41.99 123.63
N PHE HB 130 4.90 -42.47 122.99
CA PHE HB 130 5.20 -42.03 121.64
C PHE HB 130 4.12 -42.36 120.63
N PRO HB 131 3.50 -43.55 120.60
CA PRO HB 131 2.43 -43.77 119.64
C PRO HB 131 1.27 -42.80 119.80
N ALA HB 132 0.93 -42.46 121.06
CA ALA HB 132 -0.09 -41.45 121.29
C ALA HB 132 0.33 -40.11 120.70
N LYS HB 133 1.57 -39.68 120.99
CA LYS HB 133 2.03 -38.40 120.46
C LYS HB 133 2.03 -38.40 118.93
N TRP HB 134 2.41 -39.52 118.31
CA TRP HB 134 2.38 -39.60 116.86
C TRP HB 134 0.96 -39.46 116.34
N ALA HB 135 0.02 -40.23 116.92
CA ALA HB 135 -1.37 -40.16 116.50
C ALA HB 135 -1.93 -38.75 116.65
N GLY HB 136 -1.36 -37.96 117.56
CA GLY HB 136 -1.69 -36.55 117.65
C GLY HB 136 -0.89 -35.63 116.74
N LEU HB 137 -0.03 -36.19 115.88
CA LEU HB 137 0.86 -35.39 115.03
C LEU HB 137 1.76 -34.48 115.87
N MET HB 138 2.46 -35.09 116.82
CA MET HB 138 3.40 -34.39 117.69
C MET HB 138 4.69 -35.18 117.74
N PHE HB 139 5.81 -34.51 117.50
CA PHE HB 139 7.08 -35.19 117.60
C PHE HB 139 7.36 -35.56 119.04
N PRO HB 140 7.79 -36.80 119.32
CA PRO HB 140 8.14 -37.28 120.66
C PRO HB 140 9.28 -36.46 121.27
N ALA IB 1 -8.77 -117.84 -48.21
CA ALA IB 1 -8.93 -118.44 -46.89
C ALA IB 1 -9.93 -119.58 -46.90
N ALA IB 2 -9.72 -120.57 -46.02
CA ALA IB 2 -10.62 -121.69 -45.92
C ALA IB 2 -11.98 -121.24 -45.38
N PRO IB 3 -13.07 -121.80 -45.89
CA PRO IB 3 -14.39 -121.36 -45.43
C PRO IB 3 -14.75 -121.84 -44.03
N SER IB 4 -14.15 -122.95 -43.59
CA SER IB 4 -14.47 -123.49 -42.28
C SER IB 4 -13.32 -124.39 -41.83
N LEU IB 5 -13.27 -124.61 -40.53
CA LEU IB 5 -12.17 -125.32 -39.89
C LEU IB 5 -12.71 -126.22 -38.79
N ALA IB 6 -12.10 -127.40 -38.65
CA ALA IB 6 -12.37 -128.29 -37.53
C ALA IB 6 -11.03 -128.52 -36.84
N LEU IB 7 -10.73 -127.71 -35.83
CA LEU IB 7 -9.45 -127.77 -35.16
C LEU IB 7 -9.55 -128.68 -33.95
N VAL IB 8 -8.44 -129.28 -33.55
CA VAL IB 8 -8.43 -130.15 -32.39
C VAL IB 8 -8.06 -129.34 -31.15
N GLY IB 9 -8.88 -129.45 -30.11
CA GLY IB 9 -8.63 -128.88 -28.81
C GLY IB 9 -8.90 -129.92 -27.73
N ALA IB 10 -9.23 -129.44 -26.53
CA ALA IB 10 -9.43 -130.31 -25.38
C ALA IB 10 -10.70 -129.93 -24.64
N ASN IB 11 -11.42 -130.94 -24.15
CA ASN IB 11 -12.61 -130.75 -23.33
C ASN IB 11 -12.20 -130.62 -21.87
N SER IB 12 -13.17 -130.70 -20.97
CA SER IB 12 -12.85 -130.60 -19.54
C SER IB 12 -12.02 -131.78 -19.06
N THR IB 13 -12.13 -132.94 -19.72
CA THR IB 13 -11.32 -134.12 -19.43
C THR IB 13 -9.92 -134.02 -20.03
N LEU IB 14 -9.68 -133.01 -20.87
CA LEU IB 14 -8.48 -132.87 -21.69
C LEU IB 14 -8.37 -133.94 -22.77
N ALA IB 15 -9.48 -134.60 -23.10
CA ALA IB 15 -9.52 -135.48 -24.24
C ALA IB 15 -9.63 -134.67 -25.53
N SER IB 16 -9.04 -135.19 -26.61
CA SER IB 16 -9.01 -134.48 -27.87
C SER IB 16 -10.43 -134.34 -28.43
N THR IB 17 -10.87 -133.10 -28.64
CA THR IB 17 -12.22 -132.78 -29.07
C THR IB 17 -12.16 -131.83 -30.25
N LEU IB 18 -13.07 -131.98 -31.20
CA LEU IB 18 -13.13 -131.01 -32.28
C LEU IB 18 -13.76 -129.71 -31.81
N VAL IB 19 -13.28 -128.62 -32.39
CA VAL IB 19 -13.84 -127.29 -32.21
C VAL IB 19 -13.98 -126.65 -33.59
N ASN IB 20 -15.19 -126.22 -33.90
CA ASN IB 20 -15.57 -125.87 -35.26
C ASN IB 20 -15.61 -124.36 -35.42
N TYR IB 21 -14.85 -123.85 -36.38
CA TYR IB 21 -14.85 -122.45 -36.75
C TYR IB 21 -15.37 -122.31 -38.17
N SER IB 22 -15.97 -121.16 -38.45
CA SER IB 22 -16.40 -120.82 -39.79
C SER IB 22 -15.98 -119.39 -40.09
N LEU IB 23 -15.73 -119.11 -41.37
CA LEU IB 23 -15.18 -117.84 -41.78
C LEU IB 23 -16.22 -116.74 -41.61
N ARG IB 24 -15.98 -115.84 -40.65
CA ARG IB 24 -16.78 -114.63 -40.55
C ARG IB 24 -16.46 -113.67 -41.68
N SER IB 25 -15.21 -113.24 -41.79
CA SER IB 25 -14.92 -112.27 -42.84
C SER IB 25 -13.46 -112.30 -43.22
N GLN IB 26 -13.18 -112.10 -44.51
CA GLN IB 26 -11.83 -111.88 -45.00
C GLN IB 26 -11.70 -110.43 -45.42
N ASN IB 27 -10.84 -109.71 -44.73
CA ASN IB 27 -10.31 -108.43 -45.17
C ASN IB 27 -8.98 -108.69 -45.88
N GLY IB 28 -8.45 -107.67 -46.54
CA GLY IB 28 -7.21 -107.86 -47.26
C GLY IB 28 -6.05 -108.24 -46.36
N ASN IB 29 -5.53 -109.46 -46.54
CA ASN IB 29 -4.49 -110.02 -45.68
C ASN IB 29 -4.95 -110.08 -44.22
N ASN IB 30 -6.24 -110.33 -44.01
CA ASN IB 30 -6.78 -110.45 -42.66
C ASN IB 30 -7.97 -111.39 -42.69
N VAL IB 31 -8.06 -112.27 -41.70
CA VAL IB 31 -9.09 -113.29 -41.69
C VAL IB 31 -9.65 -113.42 -40.27
N ASP IB 32 -10.99 -113.47 -40.17
CA ASP IB 32 -11.70 -113.60 -38.91
C ASP IB 32 -12.62 -114.81 -38.98
N TYR IB 33 -12.39 -115.78 -38.09
CA TYR IB 33 -13.21 -116.97 -37.92
C TYR IB 33 -13.95 -116.92 -36.59
N VAL IB 34 -15.11 -117.58 -36.54
CA VAL IB 34 -15.96 -117.63 -35.36
C VAL IB 34 -16.30 -119.08 -35.05
N CYS IB 35 -16.37 -119.43 -33.77
CA CYS IB 35 -16.70 -120.78 -33.37
C CYS IB 35 -18.19 -121.03 -33.52
N THR IB 36 -18.55 -122.14 -34.18
CA THR IB 36 -19.93 -122.50 -34.47
C THR IB 36 -20.49 -123.55 -33.53
N ASP IB 37 -19.78 -123.86 -32.45
CA ASP IB 37 -20.26 -124.82 -31.48
C ASP IB 37 -21.26 -124.14 -30.55
N PRO IB 38 -22.00 -124.93 -29.76
CA PRO IB 38 -22.80 -124.31 -28.68
C PRO IB 38 -21.95 -123.66 -27.60
N ASP IB 39 -20.65 -123.96 -27.53
CA ASP IB 39 -19.76 -123.35 -26.54
C ASP IB 39 -19.70 -121.84 -26.71
N SER IB 40 -19.60 -121.37 -27.95
CA SER IB 40 -19.55 -119.94 -28.22
C SER IB 40 -20.93 -119.44 -28.58
N THR IB 41 -21.24 -118.26 -28.06
CA THR IB 41 -22.40 -117.47 -28.43
C THR IB 41 -21.91 -116.08 -28.80
N LEU IB 42 -22.79 -115.26 -29.36
CA LEU IB 42 -22.39 -113.89 -29.65
C LEU IB 42 -21.96 -113.16 -28.38
N SER IB 43 -22.59 -113.47 -27.25
CA SER IB 43 -22.25 -112.80 -26.01
C SER IB 43 -20.87 -113.20 -25.51
N ALA IB 44 -20.51 -114.48 -25.64
CA ALA IB 44 -19.22 -114.99 -25.20
C ALA IB 44 -18.65 -115.90 -26.28
N PRO IB 45 -18.03 -115.32 -27.30
CA PRO IB 45 -17.66 -116.09 -28.49
C PRO IB 45 -16.27 -116.71 -28.39
N GLY IB 46 -16.03 -117.67 -29.28
CA GLY IB 46 -14.69 -118.16 -29.58
C GLY IB 46 -14.29 -117.63 -30.95
N LEU IB 47 -13.08 -117.10 -31.04
CA LEU IB 47 -12.71 -116.32 -32.21
C LEU IB 47 -11.28 -116.63 -32.64
N ILE IB 48 -11.04 -116.46 -33.94
CA ILE IB 48 -9.69 -116.58 -34.49
C ILE IB 48 -9.45 -115.41 -35.43
N ASN IB 49 -8.25 -114.85 -35.40
CA ASN IB 49 -7.83 -113.74 -36.24
C ASN IB 49 -6.44 -114.01 -36.78
N ALA IB 50 -6.24 -113.73 -38.07
CA ALA IB 50 -4.94 -113.94 -38.72
C ALA IB 50 -4.62 -112.78 -39.66
N LYS IB 51 -3.43 -112.20 -39.49
CA LYS IB 51 -3.02 -110.99 -40.18
C LYS IB 51 -1.64 -111.18 -40.79
N PHE IB 52 -1.38 -110.43 -41.87
CA PHE IB 52 -0.11 -110.46 -42.58
C PHE IB 52 0.46 -109.06 -42.71
N ASP IB 53 1.54 -108.79 -41.99
CA ASP IB 53 2.33 -107.56 -42.14
C ASP IB 53 3.41 -107.84 -43.18
N ILE IB 54 3.12 -107.51 -44.43
CA ILE IB 54 4.02 -107.76 -45.54
C ILE IB 54 4.60 -106.42 -45.99
N LYS IB 55 5.92 -106.30 -45.89
CA LYS IB 55 6.58 -105.06 -46.25
C LYS IB 55 6.65 -104.92 -47.76
N ALA IB 56 6.91 -103.69 -48.22
CA ALA IB 56 7.03 -103.42 -49.65
C ALA IB 56 8.10 -104.33 -50.26
N PRO IB 57 7.93 -104.74 -51.51
CA PRO IB 57 8.91 -105.69 -52.10
C PRO IB 57 10.31 -105.12 -52.21
N GLY IB 58 10.47 -103.82 -52.42
CA GLY IB 58 11.81 -103.25 -52.44
C GLY IB 58 12.48 -103.27 -51.09
N ILE IB 59 11.73 -102.97 -50.03
CA ILE IB 59 12.28 -102.83 -48.68
C ILE IB 59 12.65 -104.20 -48.12
N THR IB 60 13.81 -104.29 -47.48
CA THR IB 60 14.17 -105.46 -46.68
C THR IB 60 13.77 -105.24 -45.23
N GLY IB 61 13.15 -106.24 -44.65
CA GLY IB 61 12.80 -106.23 -43.24
C GLY IB 61 12.42 -107.65 -42.87
N ASN IB 62 11.51 -107.76 -41.90
CA ASN IB 62 10.89 -109.03 -41.58
C ASN IB 62 9.42 -108.96 -41.99
N ASP IB 63 8.96 -109.99 -42.69
CA ASP IB 63 7.52 -110.18 -42.86
C ASP IB 63 6.96 -110.80 -41.58
N ARG IB 64 5.71 -110.48 -41.26
CA ARG IB 64 5.15 -110.91 -39.99
C ARG IB 64 3.76 -111.53 -40.16
N ILE IB 65 3.50 -112.55 -39.35
CA ILE IB 65 2.20 -113.20 -39.25
C ILE IB 65 1.70 -113.00 -37.82
N HIS IB 66 0.45 -112.55 -37.68
CA HIS IB 66 -0.16 -112.37 -36.36
C HIS IB 66 -1.40 -113.25 -36.26
N ALA IB 67 -1.40 -114.18 -35.33
CA ALA IB 67 -2.54 -115.05 -35.11
C ALA IB 67 -3.02 -114.90 -33.68
N ASN IB 68 -4.34 -115.04 -33.50
CA ASN IB 68 -4.95 -114.86 -32.20
C ASN IB 68 -6.14 -115.82 -32.08
N LEU IB 69 -6.11 -116.67 -31.06
CA LEU IB 69 -7.19 -117.61 -30.77
C LEU IB 69 -7.74 -117.28 -29.39
N ARG IB 70 -9.01 -116.88 -29.34
CA ARG IB 70 -9.64 -116.33 -28.15
C ARG IB 70 -10.86 -117.16 -27.75
N LYS IB 71 -11.12 -117.20 -26.46
CA LYS IB 71 -12.39 -117.67 -25.91
C LYS IB 71 -12.84 -116.69 -24.84
N VAL IB 72 -14.02 -116.11 -25.01
CA VAL IB 72 -14.59 -115.20 -24.03
C VAL IB 72 -15.43 -116.01 -23.05
N VAL IB 73 -15.39 -115.64 -21.77
CA VAL IB 73 -16.19 -116.30 -20.75
C VAL IB 73 -16.86 -115.23 -19.91
N LEU IB 74 -18.07 -115.52 -19.45
CA LEU IB 74 -18.86 -114.61 -18.64
C LEU IB 74 -18.78 -115.01 -17.17
N ASP IB 75 -18.65 -114.02 -16.30
CA ASP IB 75 -18.69 -114.28 -14.86
C ASP IB 75 -20.09 -114.74 -14.46
N GLU IB 76 -20.14 -115.79 -13.63
CA GLU IB 76 -21.43 -116.28 -13.15
C GLU IB 76 -22.18 -115.18 -12.41
N LYS IB 77 -21.51 -114.46 -11.53
CA LYS IB 77 -22.19 -113.48 -10.69
C LYS IB 77 -22.48 -112.18 -11.45
N THR IB 78 -21.50 -111.64 -12.19
CA THR IB 78 -21.65 -110.31 -12.78
C THR IB 78 -21.93 -110.32 -14.28
N ASN IB 79 -21.82 -111.47 -14.95
CA ASN IB 79 -21.94 -111.59 -16.41
C ASN IB 79 -20.95 -110.68 -17.14
N LEU IB 80 -19.95 -110.16 -16.44
CA LEU IB 80 -18.90 -109.39 -17.08
C LEU IB 80 -17.98 -110.33 -17.86
N PRO IB 81 -17.58 -109.95 -19.05
CA PRO IB 81 -16.77 -110.85 -19.87
C PRO IB 81 -15.29 -110.67 -19.62
N SER IB 82 -14.58 -111.76 -19.41
CA SER IB 82 -13.13 -111.74 -19.50
C SER IB 82 -12.72 -112.83 -20.47
N THR IB 83 -11.61 -112.59 -21.16
CA THR IB 83 -11.24 -113.42 -22.29
C THR IB 83 -9.88 -114.07 -22.07
N GLY IB 84 -9.73 -115.28 -22.59
CA GLY IB 84 -8.47 -116.00 -22.55
C GLY IB 84 -7.99 -116.26 -23.96
N SER IB 85 -6.68 -116.12 -24.18
CA SER IB 85 -6.21 -116.09 -25.57
C SER IB 85 -4.80 -116.65 -25.71
N VAL IB 86 -4.55 -117.22 -26.88
CA VAL IB 86 -3.20 -117.57 -27.33
C VAL IB 86 -2.92 -116.78 -28.59
N THR IB 87 -1.87 -115.95 -28.54
CA THR IB 87 -1.45 -115.15 -29.68
C THR IB 87 -0.06 -115.58 -30.13
N ILE IB 88 0.15 -115.50 -31.44
CA ILE IB 88 1.35 -116.02 -32.09
C ILE IB 88 1.85 -114.97 -33.07
N GLN IB 89 3.15 -114.71 -33.06
CA GLN IB 89 3.73 -113.78 -34.02
C GLN IB 89 4.90 -114.50 -34.68
N VAL IB 90 4.84 -114.63 -35.99
CA VAL IB 90 5.89 -115.26 -36.78
C VAL IB 90 6.62 -114.16 -37.53
N SER IB 91 7.93 -114.02 -37.30
CA SER IB 91 8.75 -113.03 -37.96
C SER IB 91 9.74 -113.75 -38.86
N ILE IB 92 9.54 -113.61 -40.17
CA ILE IB 92 10.29 -114.30 -41.22
C ILE IB 92 11.19 -113.28 -41.90
N PRO IB 93 12.50 -113.45 -41.88
CA PRO IB 93 13.39 -112.50 -42.57
C PRO IB 93 13.41 -112.69 -44.08
N ARG IB 94 13.66 -111.56 -44.78
CA ARG IB 94 13.67 -111.51 -46.23
C ARG IB 94 15.04 -111.82 -46.83
N ASN IB 95 15.90 -112.51 -46.11
CA ASN IB 95 17.22 -112.92 -46.60
C ASN IB 95 17.14 -114.34 -47.15
N PRO IB 96 17.62 -114.59 -48.38
CA PRO IB 96 17.58 -115.96 -48.93
C PRO IB 96 18.26 -116.99 -48.04
N ALA IB 97 19.07 -116.56 -47.08
CA ALA IB 97 19.66 -117.49 -46.13
C ALA IB 97 18.63 -118.09 -45.18
N TRP IB 98 17.39 -117.61 -45.21
CA TRP IB 98 16.28 -118.18 -44.47
C TRP IB 98 15.30 -118.79 -45.47
N ASN IB 99 14.60 -119.84 -45.04
CA ASN IB 99 13.64 -120.47 -45.95
C ASN IB 99 12.45 -121.04 -45.18
N ALA IB 100 11.49 -121.50 -45.97
CA ALA IB 100 10.24 -121.98 -45.41
C ALA IB 100 10.46 -123.19 -44.51
N SER IB 101 11.47 -124.02 -44.81
CA SER IB 101 11.75 -125.15 -43.93
C SER IB 101 12.10 -124.67 -42.54
N MET IB 102 12.81 -123.55 -42.43
CA MET IB 102 13.16 -123.00 -41.13
C MET IB 102 11.94 -122.39 -40.45
N THR IB 103 11.10 -121.68 -41.21
CA THR IB 103 9.84 -121.19 -40.64
C THR IB 103 9.03 -122.34 -40.05
N VAL IB 104 8.85 -123.41 -40.83
CA VAL IB 104 8.08 -124.56 -40.37
C VAL IB 104 8.75 -125.23 -39.18
N SER IB 105 10.08 -125.27 -39.17
CA SER IB 105 10.79 -125.88 -38.05
C SER IB 105 10.50 -125.14 -36.75
N LEU IB 106 10.53 -123.80 -36.81
CA LEU IB 106 10.19 -123.05 -35.61
C LEU IB 106 8.75 -123.29 -35.19
N LEU IB 107 7.83 -123.34 -36.16
CA LEU IB 107 6.44 -123.61 -35.81
C LEU IB 107 6.29 -124.96 -35.12
N LYS IB 108 6.92 -126.00 -35.68
CA LYS IB 108 6.82 -127.34 -35.11
C LYS IB 108 7.43 -127.41 -33.72
N GLN IB 109 8.55 -126.72 -33.50
CA GLN IB 109 9.19 -126.75 -32.19
C GLN IB 109 8.34 -126.04 -31.16
N ALA IB 110 7.74 -124.90 -31.54
CA ALA IB 110 6.85 -124.21 -30.62
C ALA IB 110 5.65 -125.08 -30.28
N ALA IB 111 5.10 -125.78 -31.28
CA ALA IB 111 4.00 -126.70 -31.03
C ALA IB 111 4.40 -127.78 -30.05
N ASP IB 112 5.55 -128.41 -30.27
CA ASP IB 112 6.02 -129.45 -29.35
C ASP IB 112 6.19 -128.90 -27.93
N TYR IB 113 6.78 -127.71 -27.80
CA TYR IB 113 7.18 -127.27 -26.47
C TYR IB 113 6.04 -126.63 -25.67
N LEU IB 114 5.04 -126.04 -26.34
CA LEU IB 114 3.95 -125.42 -25.60
C LEU IB 114 2.64 -126.17 -25.67
N ALA IB 115 2.43 -127.00 -26.70
CA ALA IB 115 1.21 -127.80 -26.78
C ALA IB 115 1.47 -129.29 -26.67
N GLY IB 116 2.71 -129.74 -26.85
CA GLY IB 116 3.04 -131.14 -26.76
C GLY IB 116 2.36 -131.96 -27.83
N THR IB 117 2.50 -131.55 -29.10
CA THR IB 117 1.83 -132.22 -30.20
C THR IB 117 2.75 -132.63 -31.35
N SER IB 118 4.07 -132.58 -31.16
CA SER IB 118 5.00 -132.98 -32.20
C SER IB 118 4.74 -134.41 -32.69
N ALA IB 119 5.24 -134.70 -33.89
CA ALA IB 119 5.23 -136.04 -34.44
C ALA IB 119 6.21 -136.93 -33.69
N THR IB 120 5.96 -138.24 -33.73
CA THR IB 120 6.80 -139.17 -32.99
C THR IB 120 8.16 -139.29 -33.67
N VAL IB 121 9.22 -139.04 -32.90
CA VAL IB 121 10.61 -139.09 -33.36
C VAL IB 121 11.44 -139.62 -32.20
N SER IB 122 12.27 -140.63 -32.45
CA SER IB 122 12.97 -141.29 -31.36
C SER IB 122 13.93 -140.32 -30.68
N GLY IB 123 13.92 -140.32 -29.35
CA GLY IB 123 14.75 -139.43 -28.58
C GLY IB 123 14.12 -138.12 -28.21
N GLN IB 124 12.89 -137.85 -28.68
CA GLN IB 124 12.19 -136.63 -28.31
C GLN IB 124 11.82 -136.68 -26.83
N THR IB 125 11.85 -135.50 -26.19
CA THR IB 125 11.34 -135.43 -24.84
C THR IB 125 9.82 -135.56 -24.84
N ASP IB 126 9.30 -136.18 -23.79
CA ASP IB 126 7.86 -136.41 -23.66
C ASP IB 126 7.22 -135.09 -23.26
N THR IB 127 6.66 -134.41 -24.25
CA THR IB 127 6.08 -133.08 -24.06
C THR IB 127 4.58 -133.15 -23.79
N SER IB 128 4.04 -134.34 -23.58
CA SER IB 128 2.59 -134.50 -23.46
C SER IB 128 2.03 -133.70 -22.29
N GLY IB 129 2.76 -133.65 -21.16
CA GLY IB 129 2.27 -132.94 -20.00
C GLY IB 129 2.60 -131.48 -19.94
N PHE IB 130 3.40 -131.02 -20.92
CA PHE IB 130 3.79 -129.61 -20.91
C PHE IB 130 2.63 -128.65 -20.99
N PRO IB 131 1.59 -128.85 -21.82
CA PRO IB 131 0.47 -127.89 -21.80
C PRO IB 131 -0.20 -127.80 -20.44
N ALA IB 132 -0.34 -128.94 -19.75
CA ALA IB 132 -0.85 -128.90 -18.39
C ALA IB 132 0.04 -128.05 -17.48
N LYS IB 133 1.36 -128.29 -17.53
CA LYS IB 133 2.26 -127.50 -16.69
C LYS IB 133 2.18 -126.02 -17.02
N TRP IB 134 2.12 -125.67 -18.31
CA TRP IB 134 2.02 -124.26 -18.68
C TRP IB 134 0.73 -123.66 -18.13
N ALA IB 135 -0.40 -124.35 -18.31
CA ALA IB 135 -1.67 -123.86 -17.78
C ALA IB 135 -1.64 -123.73 -16.26
N GLY IB 136 -0.69 -124.40 -15.60
CA GLY IB 136 -0.48 -124.17 -14.19
C GLY IB 136 0.55 -123.11 -13.85
N LEU IB 137 1.06 -122.38 -14.84
CA LEU IB 137 2.19 -121.45 -14.66
C LEU IB 137 3.40 -122.13 -14.02
N MET IB 138 3.80 -123.25 -14.61
CA MET IB 138 4.96 -124.04 -14.19
C MET IB 138 5.84 -124.31 -15.39
N PHE IB 139 7.12 -124.07 -15.26
CA PHE IB 139 8.02 -124.41 -16.36
C PHE IB 139 8.12 -125.92 -16.48
N PRO IB 140 8.06 -126.47 -17.71
CA PRO IB 140 8.21 -127.91 -17.93
C PRO IB 140 9.57 -128.40 -17.44
N ALA JB 1 -12.85 -113.06 -57.62
CA ALA JB 1 -11.61 -113.14 -58.38
C ALA JB 1 -11.15 -114.58 -58.54
N ALA JB 2 -10.40 -114.84 -59.61
CA ALA JB 2 -9.90 -116.19 -59.87
C ALA JB 2 -8.95 -116.62 -58.77
N PRO JB 3 -9.09 -117.82 -58.22
CA PRO JB 3 -8.21 -118.23 -57.11
C PRO JB 3 -6.77 -118.49 -57.55
N SER JB 4 -6.54 -118.75 -58.84
CA SER JB 4 -5.19 -119.00 -59.32
C SER JB 4 -5.13 -118.70 -60.80
N LEU JB 5 -3.91 -118.44 -61.28
CA LEU JB 5 -3.67 -118.01 -62.64
C LEU JB 5 -2.42 -118.70 -63.18
N ALA JB 6 -2.46 -119.03 -64.47
CA ALA JB 6 -1.31 -119.56 -65.18
C ALA JB 6 -1.08 -118.65 -66.39
N LEU JB 7 -0.21 -117.65 -66.21
CA LEU JB 7 -0.01 -116.64 -67.23
C LEU JB 7 1.21 -117.01 -68.08
N VAL JB 8 1.26 -116.50 -69.30
CA VAL JB 8 2.37 -116.77 -70.19
C VAL JB 8 3.40 -115.65 -70.08
N GLY JB 9 4.65 -116.02 -69.85
CA GLY JB 9 5.76 -115.10 -69.87
C GLY JB 9 6.89 -115.68 -70.69
N ALA JB 10 8.13 -115.24 -70.45
CA ALA JB 10 9.27 -115.68 -71.22
C ALA JB 10 10.37 -116.18 -70.30
N ASN JB 11 11.00 -117.30 -70.70
CA ASN JB 11 12.14 -117.84 -69.97
C ASN JB 11 13.40 -117.04 -70.35
N SER JB 12 14.56 -117.53 -69.93
CA SER JB 12 15.81 -116.85 -70.25
C SER JB 12 16.06 -116.78 -71.76
N THR JB 13 15.43 -117.66 -72.53
CA THR JB 13 15.59 -117.70 -73.99
C THR JB 13 14.46 -116.97 -74.71
N LEU JB 14 13.52 -116.39 -73.96
CA LEU JB 14 12.33 -115.72 -74.49
C LEU JB 14 11.31 -116.68 -75.08
N ALA JB 15 11.41 -117.97 -74.74
CA ALA JB 15 10.38 -118.91 -75.11
C ALA JB 15 9.18 -118.77 -74.18
N SER JB 16 7.99 -118.99 -74.74
CA SER JB 16 6.78 -118.87 -73.94
C SER JB 16 6.77 -119.92 -72.84
N THR JB 17 6.63 -119.47 -71.59
CA THR JB 17 6.70 -120.32 -70.42
C THR JB 17 5.59 -119.93 -69.46
N LEU JB 18 4.97 -120.91 -68.82
CA LEU JB 18 3.97 -120.57 -67.81
C LEU JB 18 4.60 -120.00 -66.55
N VAL JB 19 3.86 -119.11 -65.92
CA VAL JB 19 4.20 -118.51 -64.64
C VAL JB 19 2.94 -118.55 -63.78
N ASN JB 20 3.05 -119.18 -62.62
CA ASN JB 20 1.89 -119.57 -61.83
C ASN JB 20 1.72 -118.62 -60.66
N TYR JB 21 0.54 -118.02 -60.56
CA TYR JB 21 0.18 -117.13 -59.47
C TYR JB 21 -1.00 -117.73 -58.72
N SER JB 22 -1.08 -117.42 -57.43
CA SER JB 22 -2.20 -117.80 -56.59
C SER JB 22 -2.68 -116.60 -55.81
N LEU JB 23 -3.99 -116.56 -55.57
CA LEU JB 23 -4.63 -115.42 -54.94
C LEU JB 23 -4.32 -115.39 -53.46
N ARG JB 24 -3.61 -114.35 -53.01
CA ARG JB 24 -3.26 -114.25 -51.60
C ARG JB 24 -4.43 -113.70 -50.77
N SER JB 25 -5.01 -112.59 -51.20
CA SER JB 25 -6.16 -112.01 -50.48
C SER JB 25 -6.91 -111.08 -51.41
N GLN JB 26 -8.03 -110.56 -50.91
CA GLN JB 26 -8.84 -109.57 -51.63
C GLN JB 26 -9.32 -108.52 -50.64
N ASN JB 27 -8.90 -107.27 -50.84
CA ASN JB 27 -9.26 -106.10 -50.05
C ASN JB 27 -10.31 -105.29 -50.80
N GLY JB 28 -10.58 -104.09 -50.31
CA GLY JB 28 -11.48 -103.16 -50.97
C GLY JB 28 -11.02 -102.83 -52.38
N ASN JB 29 -11.77 -103.32 -53.35
CA ASN JB 29 -11.56 -103.01 -54.76
C ASN JB 29 -10.14 -103.33 -55.21
N ASN JB 30 -9.58 -104.43 -54.72
CA ASN JB 30 -8.24 -104.81 -55.15
C ASN JB 30 -8.06 -106.32 -54.99
N VAL JB 31 -6.97 -106.82 -55.56
CA VAL JB 31 -6.67 -108.24 -55.64
C VAL JB 31 -5.15 -108.38 -55.61
N ASP JB 32 -4.66 -109.34 -54.82
CA ASP JB 32 -3.23 -109.58 -54.60
C ASP JB 32 -2.90 -111.03 -54.94
N TYR JB 33 -2.04 -111.23 -55.94
CA TYR JB 33 -1.57 -112.54 -56.35
C TYR JB 33 -0.08 -112.67 -56.09
N VAL JB 34 0.35 -113.90 -55.81
CA VAL JB 34 1.75 -114.23 -55.52
C VAL JB 34 2.19 -115.37 -56.42
N CYS JB 35 3.44 -115.32 -56.89
CA CYS JB 35 3.95 -116.37 -57.74
C CYS JB 35 4.30 -117.60 -56.91
N THR JB 36 3.87 -118.77 -57.37
CA THR JB 36 4.04 -120.03 -56.66
C THR JB 36 5.11 -120.92 -57.27
N ASP JB 37 5.86 -120.40 -58.24
CA ASP JB 37 6.94 -121.17 -58.84
C ASP JB 37 8.09 -121.28 -57.85
N PRO JB 38 9.06 -122.16 -58.13
CA PRO JB 38 10.23 -122.24 -57.24
C PRO JB 38 11.11 -121.00 -57.26
N ASP JB 39 11.18 -120.28 -58.39
CA ASP JB 39 12.10 -119.14 -58.47
C ASP JB 39 11.67 -117.93 -57.64
N SER JB 40 10.41 -117.88 -57.20
CA SER JB 40 9.94 -116.80 -56.35
C SER JB 40 9.89 -117.29 -54.90
N THR JB 41 10.48 -116.50 -54.01
CA THR JB 41 10.52 -116.75 -52.58
C THR JB 41 10.21 -115.43 -51.89
N LEU JB 42 10.03 -115.47 -50.57
CA LEU JB 42 9.73 -114.24 -49.85
C LEU JB 42 10.87 -113.23 -49.98
N SER JB 43 12.10 -113.73 -50.14
CA SER JB 43 13.24 -112.84 -50.33
C SER JB 43 13.15 -112.09 -51.65
N ALA JB 44 12.69 -112.76 -52.71
CA ALA JB 44 12.59 -112.16 -54.03
C ALA JB 44 11.34 -112.69 -54.74
N PRO JB 45 10.18 -112.15 -54.41
CA PRO JB 45 8.92 -112.71 -54.90
C PRO JB 45 8.51 -112.15 -56.26
N GLY JB 46 7.53 -112.80 -56.87
CA GLY JB 46 6.79 -112.27 -57.99
C GLY JB 46 5.37 -111.98 -57.56
N LEU JB 47 4.88 -110.80 -57.95
CA LEU JB 47 3.63 -110.29 -57.40
C LEU JB 47 2.77 -109.68 -58.50
N ILE JB 48 1.45 -109.77 -58.33
CA ILE JB 48 0.51 -109.05 -59.19
C ILE JB 48 -0.56 -108.40 -58.32
N ASN JB 49 -0.92 -107.16 -58.66
CA ASN JB 49 -1.85 -106.38 -57.85
C ASN JB 49 -2.79 -105.62 -58.76
N ALA JB 50 -4.08 -105.62 -58.42
CA ALA JB 50 -5.07 -104.92 -59.24
C ALA JB 50 -6.03 -104.17 -58.34
N LYS JB 51 -6.46 -102.99 -58.79
CA LYS JB 51 -7.31 -102.10 -58.00
C LYS JB 51 -8.27 -101.35 -58.92
N PHE JB 52 -9.48 -101.10 -58.43
CA PHE JB 52 -10.45 -100.28 -59.13
C PHE JB 52 -10.69 -98.99 -58.37
N ASP JB 53 -10.57 -97.85 -59.07
CA ASP JB 53 -11.07 -96.57 -58.59
C ASP JB 53 -12.38 -96.33 -59.33
N ILE JB 54 -13.49 -96.51 -58.62
CA ILE JB 54 -14.82 -96.49 -59.22
C ILE JB 54 -15.53 -95.23 -58.80
N LYS JB 55 -15.90 -94.40 -59.78
CA LYS JB 55 -16.56 -93.15 -59.46
C LYS JB 55 -18.06 -93.39 -59.28
N ALA JB 56 -18.73 -92.39 -58.71
CA ALA JB 56 -20.14 -92.52 -58.35
C ALA JB 56 -20.99 -92.78 -59.59
N PRO JB 57 -22.19 -93.32 -59.41
CA PRO JB 57 -23.07 -93.56 -60.56
C PRO JB 57 -23.37 -92.26 -61.30
N GLY JB 58 -23.49 -92.37 -62.61
CA GLY JB 58 -23.69 -91.25 -63.49
C GLY JB 58 -22.87 -91.43 -64.74
N ILE JB 59 -22.87 -90.41 -65.60
CA ILE JB 59 -22.07 -90.46 -66.81
C ILE JB 59 -20.96 -89.45 -66.81
N THR JB 60 -20.66 -88.84 -65.66
CA THR JB 60 -19.74 -87.72 -65.61
C THR JB 60 -18.28 -88.15 -65.53
N GLY JB 61 -17.98 -89.19 -64.77
CA GLY JB 61 -16.62 -89.44 -64.33
C GLY JB 61 -15.76 -90.23 -65.30
N ASN JB 62 -14.62 -90.69 -64.76
CA ASN JB 62 -13.67 -91.59 -65.39
C ASN JB 62 -13.31 -92.68 -64.39
N ASP JB 63 -13.73 -93.92 -64.65
CA ASP JB 63 -13.33 -95.06 -63.84
C ASP JB 63 -11.87 -95.41 -64.15
N ARG JB 64 -11.17 -96.02 -63.19
CA ARG JB 64 -9.77 -96.35 -63.38
C ARG JB 64 -9.46 -97.76 -62.88
N ILE JB 65 -8.58 -98.44 -63.60
CA ILE JB 65 -8.04 -99.75 -63.26
C ILE JB 65 -6.54 -99.59 -63.09
N HIS JB 66 -6.00 -100.13 -62.00
CA HIS JB 66 -4.57 -100.10 -61.71
C HIS JB 66 -4.08 -101.53 -61.59
N ALA JB 67 -3.18 -101.94 -62.48
CA ALA JB 67 -2.54 -103.24 -62.39
C ALA JB 67 -1.05 -103.05 -62.22
N ASN JB 68 -0.41 -104.02 -61.56
CA ASN JB 68 1.01 -103.92 -61.27
C ASN JB 68 1.59 -105.33 -61.20
N LEU JB 69 2.54 -105.62 -62.10
CA LEU JB 69 3.20 -106.91 -62.15
C LEU JB 69 4.67 -106.70 -61.82
N ARG JB 70 5.11 -107.27 -60.71
CA ARG JB 70 6.45 -107.03 -60.20
C ARG JB 70 7.22 -108.34 -60.04
N LYS JB 71 8.54 -108.25 -60.16
CA LYS JB 71 9.45 -109.32 -59.80
C LYS JB 71 10.68 -108.73 -59.11
N VAL JB 72 11.01 -109.27 -57.96
CA VAL JB 72 12.17 -108.83 -57.19
C VAL JB 72 13.35 -109.73 -57.52
N VAL JB 73 14.55 -109.13 -57.59
CA VAL JB 73 15.76 -109.87 -57.86
C VAL JB 73 16.82 -109.43 -56.87
N LEU JB 74 17.72 -110.35 -56.54
CA LEU JB 74 18.79 -110.11 -55.58
C LEU JB 74 20.13 -110.03 -56.30
N ASP JB 75 20.97 -109.07 -55.88
CA ASP JB 75 22.30 -108.91 -56.45
C ASP JB 75 23.16 -110.13 -56.15
N GLU JB 76 23.87 -110.64 -57.17
CA GLU JB 76 24.75 -111.78 -56.95
C GLU JB 76 25.87 -111.46 -55.97
N LYS JB 77 26.23 -110.18 -55.84
CA LYS JB 77 27.35 -109.82 -55.00
C LYS JB 77 26.92 -109.49 -53.58
N THR JB 78 25.74 -108.87 -53.43
CA THR JB 78 25.32 -108.34 -52.13
C THR JB 78 23.96 -108.82 -51.64
N ASN JB 79 23.24 -109.63 -52.43
CA ASN JB 79 21.85 -110.02 -52.13
C ASN JB 79 20.96 -108.79 -51.89
N LEU JB 80 21.32 -107.66 -52.48
CA LEU JB 80 20.43 -106.53 -52.29
C LEU JB 80 19.29 -106.56 -53.30
N PRO JB 81 18.07 -106.30 -52.84
CA PRO JB 81 16.90 -106.43 -53.72
C PRO JB 81 16.72 -105.19 -54.58
N SER JB 82 16.43 -105.41 -55.85
CA SER JB 82 15.84 -104.39 -56.69
C SER JB 82 14.70 -105.03 -57.47
N THR JB 83 13.69 -104.24 -57.80
CA THR JB 83 12.47 -104.77 -58.39
C THR JB 83 12.28 -104.26 -59.81
N GLY JB 84 11.81 -105.14 -60.68
CA GLY JB 84 11.36 -104.77 -62.00
C GLY JB 84 9.84 -104.83 -62.03
N SER JB 85 9.22 -103.93 -62.78
CA SER JB 85 7.77 -103.87 -62.72
C SER JB 85 7.18 -103.34 -64.03
N VAL JB 86 6.00 -103.85 -64.36
CA VAL JB 86 5.14 -103.30 -65.40
C VAL JB 86 3.84 -102.90 -64.74
N THR JB 87 3.55 -101.60 -64.74
CA THR JB 87 2.32 -101.08 -64.18
C THR JB 87 1.42 -100.59 -65.31
N ILE JB 88 0.12 -100.72 -65.12
CA ILE JB 88 -0.88 -100.40 -66.12
C ILE JB 88 -1.97 -99.58 -65.47
N GLN JB 89 -2.43 -98.54 -66.16
CA GLN JB 89 -3.57 -97.75 -65.71
C GLN JB 89 -4.54 -97.58 -66.85
N VAL JB 90 -5.75 -98.08 -66.68
CA VAL JB 90 -6.83 -97.96 -67.65
C VAL JB 90 -7.80 -96.91 -67.13
N SER JB 91 -8.14 -95.95 -67.98
CA SER JB 91 -9.10 -94.92 -67.64
C SER JB 91 -10.25 -94.98 -68.64
N ILE JB 92 -11.43 -95.32 -68.13
CA ILE JB 92 -12.65 -95.59 -68.89
C ILE JB 92 -13.64 -94.46 -68.60
N PRO JB 93 -13.95 -93.61 -69.58
CA PRO JB 93 -14.98 -92.58 -69.36
C PRO JB 93 -16.38 -93.18 -69.28
N ARG JB 94 -17.26 -92.44 -68.61
CA ARG JB 94 -18.64 -92.86 -68.42
C ARG JB 94 -19.61 -92.20 -69.40
N ASN JB 95 -19.17 -91.16 -70.11
CA ASN JB 95 -19.93 -90.60 -71.21
C ASN JB 95 -20.37 -91.72 -72.16
N PRO JB 96 -21.68 -91.88 -72.40
CA PRO JB 96 -22.16 -93.02 -73.21
C PRO JB 96 -21.58 -93.06 -74.61
N ALA JB 97 -20.83 -92.05 -75.01
CA ALA JB 97 -20.11 -92.05 -76.26
C ALA JB 97 -18.87 -92.96 -76.22
N TRP JB 98 -18.64 -93.66 -75.12
CA TRP JB 98 -17.56 -94.63 -74.98
C TRP JB 98 -18.14 -96.04 -74.86
N ASN JB 99 -17.33 -97.04 -75.21
CA ASN JB 99 -17.77 -98.43 -75.21
C ASN JB 99 -16.76 -99.32 -74.51
N ALA JB 100 -17.28 -100.39 -73.91
CA ALA JB 100 -16.42 -101.49 -73.53
C ALA JB 100 -15.60 -101.98 -74.71
N SER JB 101 -16.16 -101.91 -75.92
CA SER JB 101 -15.41 -102.28 -77.11
C SER JB 101 -14.20 -101.37 -77.29
N MET JB 102 -14.35 -100.09 -76.99
CA MET JB 102 -13.22 -99.16 -77.11
C MET JB 102 -12.17 -99.43 -76.05
N THR JB 103 -12.61 -99.74 -74.82
CA THR JB 103 -11.67 -100.18 -73.78
C THR JB 103 -10.87 -101.39 -74.24
N VAL JB 104 -11.56 -102.42 -74.72
CA VAL JB 104 -10.89 -103.64 -75.15
C VAL JB 104 -9.96 -103.35 -76.32
N SER JB 105 -10.35 -102.44 -77.22
CA SER JB 105 -9.51 -102.12 -78.36
C SER JB 105 -8.20 -101.48 -77.90
N LEU JB 106 -8.27 -100.56 -76.95
CA LEU JB 106 -7.05 -99.98 -76.41
C LEU JB 106 -6.18 -101.04 -75.74
N LEU JB 107 -6.81 -101.96 -74.98
CA LEU JB 107 -6.02 -103.01 -74.34
C LEU JB 107 -5.30 -103.86 -75.37
N LYS JB 108 -6.01 -104.27 -76.42
CA LYS JB 108 -5.41 -105.11 -77.46
C LYS JB 108 -4.28 -104.38 -78.19
N GLN JB 109 -4.47 -103.08 -78.46
CA GLN JB 109 -3.44 -102.32 -79.15
C GLN JB 109 -2.20 -102.17 -78.28
N ALA JB 110 -2.38 -101.87 -76.99
CA ALA JB 110 -1.24 -101.79 -76.10
C ALA JB 110 -0.51 -103.13 -76.02
N ALA JB 111 -1.26 -104.23 -75.99
CA ALA JB 111 -0.65 -105.55 -75.97
C ALA JB 111 0.18 -105.79 -77.22
N ASP JB 112 -0.39 -105.49 -78.40
CA ASP JB 112 0.35 -105.63 -79.64
C ASP JB 112 1.61 -104.76 -79.66
N TYR JB 113 1.51 -103.53 -79.17
CA TYR JB 113 2.61 -102.58 -79.38
C TYR JB 113 3.72 -102.72 -78.35
N LEU JB 114 3.42 -103.18 -77.14
CA LEU JB 114 4.46 -103.32 -76.13
C LEU JB 114 4.83 -104.77 -75.82
N ALA JB 115 3.96 -105.74 -76.10
CA ALA JB 115 4.27 -107.14 -75.90
C ALA JB 115 4.31 -107.95 -77.19
N GLY JB 116 3.74 -107.44 -78.28
CA GLY JB 116 3.73 -108.16 -79.54
C GLY JB 116 2.97 -109.46 -79.47
N THR JB 117 1.73 -109.41 -78.95
CA THR JB 117 0.95 -110.62 -78.72
C THR JB 117 -0.42 -110.59 -79.41
N SER JB 118 -0.72 -109.58 -80.21
CA SER JB 118 -2.03 -109.47 -80.85
C SER JB 118 -2.36 -110.70 -81.72
N ALA JB 119 -3.66 -110.84 -82.00
CA ALA JB 119 -4.13 -111.86 -82.92
C ALA JB 119 -3.72 -111.53 -84.35
N THR JB 120 -3.93 -112.47 -85.25
CA THR JB 120 -3.47 -112.34 -86.63
C THR JB 120 -4.54 -111.68 -87.50
N VAL JB 121 -4.14 -110.60 -88.18
CA VAL JB 121 -5.00 -109.88 -89.13
C VAL JB 121 -4.13 -109.58 -90.35
N SER JB 122 -4.79 -109.34 -91.49
CA SER JB 122 -4.10 -109.30 -92.77
C SER JB 122 -2.92 -108.35 -92.75
N GLY JB 123 -3.18 -107.05 -92.63
CA GLY JB 123 -2.12 -106.09 -92.86
C GLY JB 123 -1.36 -105.68 -91.62
N GLN JB 124 -1.33 -106.53 -90.60
CA GLN JB 124 -0.82 -106.07 -89.31
C GLN JB 124 0.69 -105.93 -89.40
N THR JB 125 1.25 -104.99 -88.64
CA THR JB 125 2.70 -104.91 -88.61
C THR JB 125 3.26 -105.97 -87.67
N ASP JB 126 4.45 -106.44 -88.00
CA ASP JB 126 5.12 -107.48 -87.24
C ASP JB 126 5.65 -106.89 -85.95
N THR JB 127 5.04 -107.27 -84.84
CA THR JB 127 5.37 -106.73 -83.53
C THR JB 127 6.06 -107.75 -82.63
N SER JB 128 6.48 -108.88 -83.19
CA SER JB 128 7.09 -109.93 -82.38
C SER JB 128 8.36 -109.45 -81.70
N GLY JB 129 9.15 -108.62 -82.38
CA GLY JB 129 10.41 -108.14 -81.83
C GLY JB 129 10.31 -106.91 -80.98
N PHE JB 130 9.12 -106.32 -80.93
CA PHE JB 130 8.95 -105.09 -80.15
C PHE JB 130 9.26 -105.25 -78.67
N PRO JB 131 8.83 -106.30 -77.97
CA PRO JB 131 9.22 -106.41 -76.56
C PRO JB 131 10.73 -106.45 -76.37
N ALA JB 132 11.45 -107.14 -77.26
CA ALA JB 132 12.91 -107.12 -77.20
C ALA JB 132 13.45 -105.71 -77.36
N LYS JB 133 12.94 -104.98 -78.36
CA LYS JB 133 13.43 -103.62 -78.59
C LYS JB 133 13.12 -102.71 -77.41
N TRP JB 134 11.95 -102.88 -76.79
CA TRP JB 134 11.63 -102.09 -75.60
C TRP JB 134 12.59 -102.41 -74.47
N ALA JB 135 12.79 -103.70 -74.19
CA ALA JB 135 13.69 -104.13 -73.12
C ALA JB 135 15.11 -103.65 -73.36
N GLY JB 136 15.47 -103.34 -74.60
CA GLY JB 136 16.72 -102.68 -74.88
C GLY JB 136 16.67 -101.17 -74.81
N LEU JB 137 15.55 -100.59 -74.38
CA LEU JB 137 15.34 -99.14 -74.37
C LEU JB 137 15.56 -98.53 -75.74
N MET JB 138 14.89 -99.08 -76.75
CA MET JB 138 14.85 -98.47 -78.06
C MET JB 138 13.45 -98.60 -78.64
N PHE JB 139 13.06 -97.59 -79.41
CA PHE JB 139 11.73 -97.55 -79.97
C PHE JB 139 11.58 -98.58 -81.09
N PRO JB 140 10.41 -99.22 -81.20
CA PRO JB 140 10.09 -100.08 -82.34
C PRO JB 140 10.12 -99.30 -83.64
N ALA KB 1 -16.07 -114.35 -47.91
CA ALA KB 1 -17.43 -114.39 -48.45
C ALA KB 1 -17.47 -115.13 -49.78
N ALA KB 2 -18.68 -115.44 -50.23
CA ALA KB 2 -18.84 -116.14 -51.50
C ALA KB 2 -18.36 -115.27 -52.66
N PRO KB 3 -17.60 -115.83 -53.59
CA PRO KB 3 -17.05 -115.01 -54.67
C PRO KB 3 -18.08 -114.61 -55.71
N SER KB 4 -19.22 -115.31 -55.77
CA SER KB 4 -20.25 -115.00 -56.75
C SER KB 4 -21.58 -115.55 -56.26
N LEU KB 5 -22.65 -114.91 -56.73
CA LEU KB 5 -24.01 -115.20 -56.30
C LEU KB 5 -24.95 -115.20 -57.49
N ALA KB 6 -25.91 -116.12 -57.47
CA ALA KB 6 -26.99 -116.16 -58.45
C ALA KB 6 -28.29 -116.02 -57.68
N LEU KB 7 -28.74 -114.78 -57.48
CA LEU KB 7 -29.94 -114.53 -56.70
C LEU KB 7 -31.16 -114.56 -57.62
N VAL KB 8 -32.33 -114.80 -57.04
CA VAL KB 8 -33.57 -114.82 -57.81
C VAL KB 8 -34.27 -113.47 -57.66
N GLY KB 9 -34.57 -112.84 -58.79
CA GLY KB 9 -35.37 -111.64 -58.87
C GLY KB 9 -36.48 -111.84 -59.89
N ALA KB 10 -36.94 -110.72 -60.44
CA ALA KB 10 -38.06 -110.72 -61.38
C ALA KB 10 -37.72 -109.88 -62.59
N ASN KB 11 -38.10 -110.39 -63.77
CA ASN KB 11 -37.95 -109.63 -65.01
C ASN KB 11 -39.14 -108.69 -65.17
N SER KB 12 -39.28 -108.12 -66.36
CA SER KB 12 -40.40 -107.21 -66.62
C SER KB 12 -41.75 -107.91 -66.50
N THR KB 13 -41.79 -109.23 -66.73
CA THR KB 13 -43.00 -110.02 -66.62
C THR KB 13 -43.31 -110.42 -65.17
N LEU KB 14 -42.39 -110.13 -64.24
CA LEU KB 14 -42.38 -110.63 -62.87
C LEU KB 14 -42.08 -112.11 -62.78
N ALA KB 15 -41.64 -112.73 -63.88
CA ALA KB 15 -41.21 -114.13 -63.82
C ALA KB 15 -39.88 -114.24 -63.10
N SER KB 16 -39.70 -115.35 -62.38
CA SER KB 16 -38.49 -115.57 -61.60
C SER KB 16 -37.29 -115.69 -62.53
N THR KB 17 -36.32 -114.78 -62.38
CA THR KB 17 -35.16 -114.68 -63.24
C THR KB 17 -33.90 -114.59 -62.39
N LEU KB 18 -32.81 -115.21 -62.84
CA LEU KB 18 -31.56 -115.07 -62.12
C LEU KB 18 -30.94 -113.70 -62.36
N VAL KB 19 -30.37 -113.15 -61.29
CA VAL KB 19 -29.56 -111.94 -61.32
C VAL KB 19 -28.22 -112.26 -60.66
N ASN KB 20 -27.13 -112.00 -61.39
CA ASN KB 20 -25.82 -112.54 -61.08
C ASN KB 20 -24.93 -111.44 -60.53
N TYR KB 21 -24.29 -111.71 -59.40
CA TYR KB 21 -23.37 -110.80 -58.76
C TYR KB 21 -22.01 -111.46 -58.58
N SER KB 22 -20.95 -110.67 -58.67
CA SER KB 22 -19.61 -111.14 -58.31
C SER KB 22 -19.05 -110.25 -57.21
N LEU KB 23 -18.19 -110.85 -56.39
CA LEU KB 23 -17.60 -110.18 -55.24
C LEU KB 23 -16.51 -109.23 -55.73
N ARG KB 24 -16.82 -107.94 -55.69
CA ARG KB 24 -15.86 -106.92 -56.08
C ARG KB 24 -14.95 -106.50 -54.93
N SER KB 25 -15.48 -106.27 -53.74
CA SER KB 25 -14.58 -105.91 -52.64
C SER KB 25 -15.07 -106.50 -51.33
N GLN KB 26 -14.12 -106.61 -50.40
CA GLN KB 26 -14.43 -107.00 -49.01
C GLN KB 26 -13.38 -106.34 -48.14
N ASN KB 27 -13.84 -105.55 -47.17
CA ASN KB 27 -12.95 -104.73 -46.35
C ASN KB 27 -13.65 -104.39 -45.04
N GLY KB 28 -12.98 -104.64 -43.93
CA GLY KB 28 -13.42 -104.19 -42.64
C GLY KB 28 -14.85 -104.60 -42.31
N ASN KB 29 -15.07 -105.91 -42.24
CA ASN KB 29 -16.41 -106.47 -42.04
C ASN KB 29 -17.42 -105.82 -42.97
N ASN KB 30 -17.01 -105.65 -44.22
CA ASN KB 30 -17.89 -105.04 -45.20
C ASN KB 30 -17.70 -105.82 -46.50
N VAL KB 31 -18.79 -106.06 -47.23
CA VAL KB 31 -18.76 -106.90 -48.42
C VAL KB 31 -19.58 -106.23 -49.52
N ASP KB 32 -18.99 -106.08 -50.70
CA ASP KB 32 -19.58 -105.35 -51.82
C ASP KB 32 -19.55 -106.20 -53.09
N TYR KB 33 -20.73 -106.46 -53.64
CA TYR KB 33 -20.94 -107.22 -54.87
C TYR KB 33 -21.42 -106.29 -55.98
N VAL KB 34 -21.08 -106.64 -57.22
CA VAL KB 34 -21.57 -105.92 -58.39
C VAL KB 34 -22.28 -106.89 -59.34
N CYS KB 35 -23.31 -106.40 -60.02
CA CYS KB 35 -24.09 -107.23 -60.92
C CYS KB 35 -23.36 -107.42 -62.25
N THR KB 36 -23.25 -108.67 -62.69
CA THR KB 36 -22.50 -109.04 -63.88
C THR KB 36 -23.37 -109.10 -65.13
N ASP KB 37 -24.66 -108.86 -65.01
CA ASP KB 37 -25.59 -109.00 -66.12
C ASP KB 37 -25.47 -107.81 -67.05
N PRO KB 38 -26.08 -107.88 -68.24
CA PRO KB 38 -26.03 -106.72 -69.15
C PRO KB 38 -26.80 -105.51 -68.65
N ASP KB 39 -27.82 -105.71 -67.81
CA ASP KB 39 -28.62 -104.58 -67.35
C ASP KB 39 -27.87 -103.67 -66.38
N SER KB 40 -26.75 -104.12 -65.81
CA SER KB 40 -25.91 -103.25 -64.99
C SER KB 40 -24.73 -102.80 -65.83
N THR KB 41 -24.65 -101.49 -66.06
CA THR KB 41 -23.54 -100.87 -66.74
C THR KB 41 -22.67 -100.13 -65.74
N LEU KB 42 -21.55 -99.60 -66.22
CA LEU KB 42 -20.71 -98.78 -65.37
C LEU KB 42 -21.46 -97.55 -64.90
N SER KB 43 -22.24 -96.95 -65.79
CA SER KB 43 -22.89 -95.70 -65.46
C SER KB 43 -24.08 -95.92 -64.55
N ALA KB 44 -24.78 -97.05 -64.74
CA ALA KB 44 -25.98 -97.39 -63.98
C ALA KB 44 -25.88 -98.85 -63.53
N PRO KB 45 -25.20 -99.11 -62.43
CA PRO KB 45 -24.90 -100.50 -62.03
C PRO KB 45 -25.96 -101.06 -61.10
N GLY KB 46 -25.85 -102.37 -60.87
CA GLY KB 46 -26.56 -103.04 -59.79
C GLY KB 46 -25.56 -103.45 -58.74
N LEU KB 47 -25.89 -103.19 -57.48
CA LEU KB 47 -24.89 -103.28 -56.42
C LEU KB 47 -25.48 -103.90 -55.17
N ILE KB 48 -24.63 -104.57 -54.39
CA ILE KB 48 -25.01 -105.10 -53.08
C ILE KB 48 -23.94 -104.75 -52.07
N ASN KB 49 -24.38 -104.41 -50.86
CA ASN KB 49 -23.53 -104.00 -49.75
C ASN KB 49 -23.98 -104.73 -48.49
N ALA KB 50 -23.02 -105.13 -47.64
CA ALA KB 50 -23.36 -105.79 -46.38
C ALA KB 50 -22.30 -105.51 -45.33
N LYS KB 51 -22.73 -104.97 -44.17
CA LYS KB 51 -21.86 -104.53 -43.08
C LYS KB 51 -22.23 -105.25 -41.78
N PHE KB 52 -21.23 -105.40 -40.91
CA PHE KB 52 -21.42 -105.93 -39.57
C PHE KB 52 -20.95 -104.92 -38.54
N ASP KB 53 -21.88 -104.44 -37.72
CA ASP KB 53 -21.54 -103.71 -36.49
C ASP KB 53 -21.50 -104.74 -35.37
N ILE KB 54 -20.31 -105.22 -35.04
CA ILE KB 54 -20.14 -106.24 -34.01
C ILE KB 54 -19.70 -105.54 -32.72
N LYS KB 55 -20.54 -105.62 -31.70
CA LYS KB 55 -20.24 -105.02 -30.42
C LYS KB 55 -19.19 -105.85 -29.69
N ALA KB 56 -18.49 -105.19 -28.75
CA ALA KB 56 -17.54 -105.83 -27.87
C ALA KB 56 -18.20 -106.99 -27.13
N PRO KB 57 -17.44 -108.00 -26.70
CA PRO KB 57 -18.05 -109.13 -25.99
C PRO KB 57 -18.80 -108.63 -24.76
N GLY KB 58 -19.87 -109.32 -24.44
CA GLY KB 58 -20.71 -108.90 -23.35
C GLY KB 58 -22.12 -109.41 -23.54
N ILE KB 59 -22.88 -109.33 -22.45
CA ILE KB 59 -24.26 -109.79 -22.47
C ILE KB 59 -25.23 -108.66 -22.81
N THR KB 60 -24.74 -107.42 -22.88
CA THR KB 60 -25.56 -106.25 -23.14
C THR KB 60 -25.29 -105.73 -24.54
N GLY KB 61 -26.31 -105.09 -25.11
CA GLY KB 61 -26.19 -104.46 -26.41
C GLY KB 61 -26.83 -105.29 -27.52
N ASN KB 62 -26.85 -104.70 -28.71
CA ASN KB 62 -27.32 -105.35 -29.92
C ASN KB 62 -26.20 -105.37 -30.95
N ASP KB 63 -26.03 -106.52 -31.60
CA ASP KB 63 -25.24 -106.62 -32.82
C ASP KB 63 -26.10 -106.22 -34.01
N ARG KB 64 -25.46 -105.69 -35.06
CA ARG KB 64 -26.26 -105.20 -36.19
C ARG KB 64 -25.70 -105.66 -37.53
N ILE KB 65 -26.61 -105.99 -38.44
CA ILE KB 65 -26.31 -106.35 -39.82
C ILE KB 65 -26.96 -105.30 -40.70
N HIS KB 66 -26.21 -104.77 -41.67
CA HIS KB 66 -26.75 -103.85 -42.65
C HIS KB 66 -26.58 -104.43 -44.04
N ALA KB 67 -27.60 -104.27 -44.87
CA ALA KB 67 -27.55 -104.80 -46.23
C ALA KB 67 -28.29 -103.87 -47.16
N ASN KB 68 -27.74 -103.67 -48.35
CA ASN KB 68 -28.34 -102.77 -49.33
C ASN KB 68 -28.28 -103.40 -50.70
N LEU KB 69 -29.43 -103.48 -51.38
CA LEU KB 69 -29.51 -103.98 -52.75
C LEU KB 69 -30.02 -102.84 -53.62
N ARG KB 70 -29.18 -102.40 -54.56
CA ARG KB 70 -29.40 -101.18 -55.34
C ARG KB 70 -29.43 -101.49 -56.82
N LYS KB 71 -30.26 -100.74 -57.54
CA LYS KB 71 -30.18 -100.66 -59.00
C LYS KB 71 -30.25 -99.20 -59.39
N VAL KB 72 -29.25 -98.73 -60.13
CA VAL KB 72 -29.19 -97.36 -60.61
C VAL KB 72 -29.84 -97.30 -61.99
N VAL KB 73 -30.56 -96.22 -62.25
CA VAL KB 73 -31.17 -96.00 -63.55
C VAL KB 73 -30.92 -94.57 -63.97
N LEU KB 74 -30.69 -94.37 -65.26
CA LEU KB 74 -30.38 -93.06 -65.83
C LEU KB 74 -31.64 -92.45 -66.45
N ASP KB 75 -31.79 -91.14 -66.28
CA ASP KB 75 -32.91 -90.43 -66.91
C ASP KB 75 -32.77 -90.46 -68.43
N GLU KB 76 -33.90 -90.61 -69.11
CA GLU KB 76 -33.87 -90.71 -70.57
C GLU KB 76 -33.29 -89.45 -71.19
N LYS KB 77 -33.69 -88.28 -70.69
CA LYS KB 77 -33.25 -87.01 -71.28
C LYS KB 77 -31.98 -86.51 -70.61
N THR KB 78 -32.01 -86.32 -69.29
CA THR KB 78 -30.91 -85.66 -68.59
C THR KB 78 -29.74 -86.60 -68.29
N ASN KB 79 -29.93 -87.92 -68.39
CA ASN KB 79 -28.92 -88.91 -68.04
C ASN KB 79 -28.45 -88.80 -66.59
N LEU KB 80 -29.19 -88.06 -65.76
CA LEU KB 80 -28.91 -88.02 -64.33
C LEU KB 80 -29.32 -89.33 -63.69
N PRO KB 81 -28.51 -89.87 -62.80
CA PRO KB 81 -28.84 -91.17 -62.20
C PRO KB 81 -29.71 -91.00 -60.98
N SER KB 82 -30.77 -91.79 -60.89
CA SER KB 82 -31.45 -92.00 -59.62
C SER KB 82 -31.47 -93.49 -59.33
N THR KB 83 -31.45 -93.84 -58.06
CA THR KB 83 -31.24 -95.22 -57.65
C THR KB 83 -32.40 -95.73 -56.80
N GLY KB 84 -32.81 -96.97 -57.07
CA GLY KB 84 -33.84 -97.65 -56.31
C GLY KB 84 -33.20 -98.74 -55.45
N SER KB 85 -33.70 -98.91 -54.23
CA SER KB 85 -32.95 -99.73 -53.30
C SER KB 85 -33.84 -100.36 -52.23
N VAL KB 86 -33.54 -101.62 -51.91
CA VAL KB 86 -34.09 -102.29 -50.75
C VAL KB 86 -32.97 -102.47 -49.74
N THR KB 87 -33.14 -101.90 -48.56
CA THR KB 87 -32.12 -101.98 -47.52
C THR KB 87 -32.69 -102.59 -46.24
N ILE KB 88 -31.87 -103.40 -45.58
CA ILE KB 88 -32.29 -104.22 -44.43
C ILE KB 88 -31.33 -103.95 -43.27
N GLN KB 89 -31.90 -103.77 -42.08
CA GLN KB 89 -31.13 -103.74 -40.84
C GLN KB 89 -31.65 -104.82 -39.91
N VAL KB 90 -30.75 -105.70 -39.48
CA VAL KB 90 -31.05 -106.76 -38.53
C VAL KB 90 -30.38 -106.39 -37.21
N SER KB 91 -31.15 -106.36 -36.12
CA SER KB 91 -30.64 -106.04 -34.80
C SER KB 91 -30.87 -107.24 -33.90
N ILE KB 92 -29.77 -107.87 -33.49
CA ILE KB 92 -29.74 -109.12 -32.73
C ILE KB 92 -29.28 -108.79 -31.31
N PRO KB 93 -30.13 -108.91 -30.30
CA PRO KB 93 -29.70 -108.68 -28.92
C PRO KB 93 -28.75 -109.76 -28.42
N ARG KB 94 -28.09 -109.45 -27.31
CA ARG KB 94 -27.12 -110.36 -26.72
C ARG KB 94 -27.59 -111.02 -25.43
N ASN KB 95 -28.73 -110.62 -24.89
CA ASN KB 95 -29.32 -111.35 -23.78
C ASN KB 95 -29.53 -112.80 -24.19
N PRO KB 96 -29.04 -113.77 -23.39
CA PRO KB 96 -29.17 -115.19 -23.78
C PRO KB 96 -30.60 -115.63 -24.00
N ALA KB 97 -31.56 -114.79 -23.64
CA ALA KB 97 -32.96 -115.04 -23.91
C ALA KB 97 -33.32 -114.81 -25.38
N TRP KB 98 -32.35 -114.50 -26.23
CA TRP KB 98 -32.54 -114.40 -27.67
C TRP KB 98 -31.86 -115.59 -28.35
N ASN KB 99 -32.37 -115.97 -29.52
CA ASN KB 99 -31.83 -117.10 -30.27
C ASN KB 99 -31.59 -116.74 -31.72
N ALA KB 100 -30.58 -117.40 -32.30
CA ALA KB 100 -30.46 -117.41 -33.74
C ALA KB 100 -31.76 -117.87 -34.40
N SER KB 101 -32.49 -118.78 -33.74
CA SER KB 101 -33.77 -119.22 -34.28
C SER KB 101 -34.74 -118.04 -34.37
N MET KB 102 -34.70 -117.14 -33.39
CA MET KB 102 -35.57 -115.98 -33.42
C MET KB 102 -35.15 -115.00 -34.51
N THR KB 103 -33.83 -114.82 -34.68
CA THR KB 103 -33.33 -114.02 -35.80
C THR KB 103 -33.84 -114.57 -37.13
N VAL KB 104 -33.65 -115.87 -37.34
CA VAL KB 104 -34.08 -116.49 -38.59
C VAL KB 104 -35.58 -116.38 -38.77
N SER KB 105 -36.33 -116.52 -37.67
CA SER KB 105 -37.78 -116.42 -37.78
C SER KB 105 -38.20 -115.04 -38.25
N LEU KB 106 -37.59 -113.99 -37.71
CA LEU KB 106 -37.88 -112.64 -38.19
C LEU KB 106 -37.49 -112.47 -39.65
N LEU KB 107 -36.35 -113.02 -40.05
CA LEU KB 107 -35.95 -112.91 -41.46
C LEU KB 107 -36.97 -113.58 -42.37
N LYS KB 108 -37.40 -114.79 -42.01
CA LYS KB 108 -38.36 -115.52 -42.83
C LYS KB 108 -39.69 -114.81 -42.89
N GLN KB 109 -40.14 -114.23 -41.77
CA GLN KB 109 -41.40 -113.52 -41.76
C GLN KB 109 -41.34 -112.27 -42.62
N ALA KB 110 -40.22 -111.53 -42.54
CA ALA KB 110 -40.05 -110.37 -43.40
C ALA KB 110 -40.06 -110.77 -44.87
N ALA KB 111 -39.38 -111.87 -45.20
CA ALA KB 111 -39.40 -112.37 -46.57
C ALA KB 111 -40.82 -112.69 -47.02
N ASP KB 112 -41.61 -113.34 -46.14
CA ASP KB 112 -42.98 -113.67 -46.50
C ASP KB 112 -43.80 -112.41 -46.71
N TYR KB 113 -43.66 -111.42 -45.82
CA TYR KB 113 -44.59 -110.30 -45.80
C TYR KB 113 -44.24 -109.23 -46.84
N LEU KB 114 -42.95 -109.02 -47.13
CA LEU KB 114 -42.59 -107.99 -48.09
C LEU KB 114 -42.18 -108.56 -49.45
N ALA KB 115 -41.79 -109.82 -49.53
CA ALA KB 115 -41.43 -110.42 -50.81
C ALA KB 115 -42.33 -111.56 -51.23
N GLY KB 116 -43.09 -112.16 -50.30
CA GLY KB 116 -43.97 -113.25 -50.64
C GLY KB 116 -43.24 -114.50 -51.11
N THR KB 117 -42.24 -114.94 -50.33
CA THR KB 117 -41.39 -116.05 -50.73
C THR KB 117 -41.30 -117.17 -49.68
N SER KB 118 -42.07 -117.09 -48.60
CA SER KB 118 -42.02 -118.12 -47.56
C SER KB 118 -42.23 -119.53 -48.12
N ALA KB 119 -41.74 -120.51 -47.36
CA ALA KB 119 -42.01 -121.91 -47.64
C ALA KB 119 -43.48 -122.23 -47.43
N THR KB 120 -43.91 -123.38 -47.94
CA THR KB 120 -45.31 -123.75 -47.88
C THR KB 120 -45.65 -124.40 -46.54
N VAL KB 121 -46.67 -123.87 -45.88
CA VAL KB 121 -47.19 -124.38 -44.62
C VAL KB 121 -48.71 -124.27 -44.67
N SER KB 122 -49.39 -125.30 -44.16
CA SER KB 122 -50.85 -125.30 -44.13
C SER KB 122 -51.37 -124.11 -43.35
N GLY KB 123 -52.29 -123.36 -43.95
CA GLY KB 123 -52.87 -122.21 -43.31
C GLY KB 123 -52.12 -120.91 -43.47
N GLN KB 124 -51.09 -120.86 -44.31
CA GLN KB 124 -50.34 -119.62 -44.42
C GLN KB 124 -51.14 -118.66 -45.28
N THR KB 125 -50.99 -117.36 -45.03
CA THR KB 125 -51.68 -116.42 -45.92
C THR KB 125 -50.93 -116.31 -47.24
N ASP KB 126 -51.70 -116.16 -48.31
CA ASP KB 126 -51.13 -116.07 -49.64
C ASP KB 126 -50.49 -114.69 -49.81
N THR KB 127 -49.17 -114.68 -49.86
CA THR KB 127 -48.40 -113.45 -49.95
C THR KB 127 -47.84 -113.22 -51.34
N SER KB 128 -48.27 -114.00 -52.32
CA SER KB 128 -47.69 -113.93 -53.66
C SER KB 128 -47.83 -112.53 -54.26
N GLY KB 129 -48.98 -111.89 -54.06
CA GLY KB 129 -49.23 -110.58 -54.62
C GLY KB 129 -48.76 -109.43 -53.78
N PHE KB 130 -48.25 -109.73 -52.57
CA PHE KB 130 -47.81 -108.67 -51.69
C PHE KB 130 -46.66 -107.84 -52.27
N PRO KB 131 -45.62 -108.41 -52.89
CA PRO KB 131 -44.59 -107.54 -53.46
C PRO KB 131 -45.13 -106.59 -54.50
N ALA KB 132 -46.08 -107.04 -55.32
CA ALA KB 132 -46.73 -106.15 -56.27
C ALA KB 132 -47.46 -105.01 -55.55
N LYS KB 133 -48.25 -105.36 -54.52
CA LYS KB 133 -48.96 -104.32 -53.79
C LYS KB 133 -48.01 -103.33 -53.13
N TRP KB 134 -46.88 -103.82 -52.61
CA TRP KB 134 -45.90 -102.92 -52.01
C TRP KB 134 -45.33 -101.98 -53.06
N ALA KB 135 -44.91 -102.54 -54.20
CA ALA KB 135 -44.36 -101.71 -55.28
C ALA KB 135 -45.36 -100.67 -55.74
N GLY KB 136 -46.66 -100.94 -55.57
CA GLY KB 136 -47.67 -99.93 -55.80
C GLY KB 136 -47.97 -99.02 -54.63
N LEU KB 137 -47.22 -99.12 -53.53
CA LEU KB 137 -47.49 -98.37 -52.30
C LEU KB 137 -48.90 -98.63 -51.79
N MET KB 138 -49.21 -99.90 -51.60
CA MET KB 138 -50.51 -100.33 -51.08
C MET KB 138 -50.27 -101.36 -49.99
N PHE KB 139 -50.88 -101.15 -48.83
CA PHE KB 139 -50.74 -102.13 -47.77
C PHE KB 139 -51.46 -103.42 -48.17
N PRO KB 140 -50.81 -104.59 -47.99
CA PRO KB 140 -51.40 -105.89 -48.27
C PRO KB 140 -52.65 -106.16 -47.46
N ALA LB 1 -44.18 -79.62 88.87
CA ALA LB 1 -43.55 -78.84 89.94
C ALA LB 1 -44.43 -78.76 91.18
N ALA LB 2 -43.79 -78.68 92.34
CA ALA LB 2 -44.52 -78.58 93.60
C ALA LB 2 -45.26 -77.24 93.68
N PRO LB 3 -46.46 -77.22 94.23
CA PRO LB 3 -47.23 -75.96 94.27
C PRO LB 3 -46.70 -74.98 95.30
N SER LB 4 -46.03 -75.46 96.34
CA SER LB 4 -45.53 -74.59 97.39
C SER LB 4 -44.40 -75.29 98.12
N LEU LB 5 -43.58 -74.49 98.80
CA LEU LB 5 -42.37 -74.95 99.44
C LEU LB 5 -42.19 -74.25 100.78
N ALA LB 6 -41.70 -74.98 101.77
CA ALA LB 6 -41.29 -74.42 103.04
C ALA LB 6 -39.82 -74.78 103.22
N LEU LB 7 -38.93 -73.89 102.80
CA LEU LB 7 -37.50 -74.16 102.83
C LEU LB 7 -36.92 -73.63 104.13
N VAL LB 8 -35.82 -74.21 104.58
CA VAL LB 8 -35.17 -73.77 105.80
C VAL LB 8 -34.09 -72.76 105.46
N GLY LB 9 -34.13 -71.59 106.11
CA GLY LB 9 -33.11 -70.57 106.02
C GLY LB 9 -32.75 -70.10 107.42
N ALA LB 10 -32.26 -68.86 107.50
CA ALA LB 10 -31.80 -68.29 108.76
C ALA LB 10 -32.34 -66.89 108.96
N ASN LB 11 -32.68 -66.56 110.20
CA ASN LB 11 -33.13 -65.24 110.59
C ASN LB 11 -31.92 -64.37 110.92
N SER LB 12 -32.16 -63.21 111.53
CA SER LB 12 -31.06 -62.34 111.90
C SER LB 12 -30.17 -62.96 112.98
N THR LB 13 -30.72 -63.87 113.80
CA THR LB 13 -29.97 -64.61 114.80
C THR LB 13 -29.20 -65.78 114.19
N LEU LB 14 -29.45 -66.10 112.92
CA LEU LB 14 -28.97 -67.29 112.23
C LEU LB 14 -29.60 -68.57 112.77
N ALA LB 15 -30.71 -68.46 113.48
CA ALA LB 15 -31.49 -69.62 113.87
C ALA LB 15 -32.29 -70.14 112.68
N SER LB 16 -32.49 -71.45 112.63
CA SER LB 16 -33.19 -72.05 111.51
C SER LB 16 -34.64 -71.61 111.47
N THR LB 17 -35.05 -70.98 110.37
CA THR LB 17 -36.37 -70.39 110.21
C THR LB 17 -36.98 -70.86 108.90
N LEU LB 18 -38.28 -71.09 108.88
CA LEU LB 18 -38.91 -71.41 107.62
C LEU LB 18 -39.06 -70.17 106.74
N VAL LB 19 -38.96 -70.39 105.44
CA VAL LB 19 -39.22 -69.38 104.42
C VAL LB 19 -40.11 -70.01 103.37
N ASN LB 20 -41.25 -69.38 103.11
CA ASN LB 20 -42.35 -69.99 102.37
C ASN LB 20 -42.37 -69.43 100.96
N TYR LB 21 -42.32 -70.34 99.98
CA TYR LB 21 -42.46 -69.99 98.58
C TYR LB 21 -43.72 -70.66 98.03
N SER LB 22 -44.30 -70.03 97.00
CA SER LB 22 -45.43 -70.60 96.30
C SER LB 22 -45.18 -70.44 94.80
N LEU LB 23 -45.73 -71.38 94.03
CA LEU LB 23 -45.46 -71.44 92.60
C LEU LB 23 -46.13 -70.27 91.89
N ARG LB 24 -45.31 -69.35 91.39
CA ARG LB 24 -45.82 -68.31 90.50
C ARG LB 24 -46.19 -68.88 89.15
N SER LB 25 -45.22 -69.49 88.45
CA SER LB 25 -45.56 -69.97 87.11
C SER LB 25 -44.62 -71.09 86.70
N GLN LB 26 -45.17 -72.07 85.99
CA GLN LB 26 -44.36 -73.09 85.32
C GLN LB 26 -44.43 -72.86 83.83
N ASN LB 27 -43.29 -72.53 83.24
CA ASN LB 27 -43.05 -72.60 81.81
C ASN LB 27 -42.43 -73.98 81.51
N GLY LB 28 -42.33 -74.32 80.23
CA GLY LB 28 -41.79 -75.60 79.87
C GLY LB 28 -40.35 -75.77 80.31
N ASN LB 29 -40.11 -76.71 81.23
CA ASN LB 29 -38.79 -76.92 81.83
C ASN LB 29 -38.29 -75.65 82.54
N ASN LB 30 -39.22 -74.89 83.10
CA ASN LB 30 -38.83 -73.67 83.82
C ASN LB 30 -39.86 -73.42 84.91
N VAL LB 31 -39.40 -73.04 86.10
CA VAL LB 31 -40.27 -72.88 87.25
C VAL LB 31 -39.88 -71.61 88.00
N ASP LB 32 -40.89 -70.81 88.36
CA ASP LB 32 -40.72 -69.56 89.11
C ASP LB 32 -41.57 -69.61 90.37
N TYR LB 33 -40.91 -69.51 91.52
CA TYR LB 33 -41.54 -69.44 92.84
C TYR LB 33 -41.32 -68.05 93.43
N VAL LB 34 -42.26 -67.65 94.30
CA VAL LB 34 -42.23 -66.34 94.97
C VAL LB 34 -42.41 -66.55 96.47
N CYS LB 35 -41.72 -65.75 97.26
CA CYS LB 35 -41.82 -65.85 98.71
C CYS LB 35 -43.12 -65.22 99.19
N THR LB 36 -43.85 -65.96 100.03
CA THR LB 36 -45.16 -65.54 100.53
C THR LB 36 -45.11 -65.00 101.95
N ASP LB 37 -43.92 -64.77 102.48
CA ASP LB 37 -43.77 -64.21 103.82
C ASP LB 37 -43.98 -62.70 103.76
N PRO LB 38 -44.14 -62.06 104.91
CA PRO LB 38 -44.09 -60.58 104.93
C PRO LB 38 -42.73 -60.01 104.56
N ASP LB 39 -41.66 -60.82 104.58
CA ASP LB 39 -40.33 -60.36 104.20
C ASP LB 39 -40.29 -59.88 102.77
N SER LB 40 -40.92 -60.61 101.86
CA SER LB 40 -40.96 -60.24 100.46
C SER LB 40 -42.26 -59.50 100.16
N THR LB 41 -42.13 -58.46 99.35
CA THR LB 41 -43.23 -57.73 98.75
C THR LB 41 -42.96 -57.69 97.25
N LEU LB 42 -43.97 -57.24 96.48
CA LEU LB 42 -43.74 -57.10 95.05
C LEU LB 42 -42.60 -56.13 94.78
N SER LB 43 -42.44 -55.11 95.61
CA SER LB 43 -41.39 -54.12 95.39
C SER LB 43 -40.01 -54.71 95.65
N ALA LB 44 -39.88 -55.55 96.68
CA ALA LB 44 -38.60 -56.18 97.03
C ALA LB 44 -38.85 -57.65 97.33
N PRO LB 45 -38.94 -58.49 96.29
CA PRO LB 45 -39.38 -59.87 96.47
C PRO LB 45 -38.26 -60.84 96.78
N GLY LB 46 -38.66 -62.02 97.27
CA GLY LB 46 -37.81 -63.18 97.32
C GLY LB 46 -38.27 -64.16 96.24
N LEU LB 47 -37.32 -64.68 95.48
CA LEU LB 47 -37.67 -65.38 94.26
C LEU LB 47 -36.82 -66.63 94.09
N ILE LB 48 -37.37 -67.62 93.39
CA ILE LB 48 -36.64 -68.82 93.00
C ILE LB 48 -36.95 -69.12 91.55
N ASN LB 49 -35.93 -69.55 90.81
CA ASN LB 49 -36.03 -69.90 89.40
C ASN LB 49 -35.26 -71.18 89.15
N ALA LB 50 -35.86 -72.10 88.38
CA ALA LB 50 -35.22 -73.38 88.05
C ALA LB 50 -35.45 -73.73 86.59
N LYS LB 51 -34.37 -74.04 85.88
CA LYS LB 51 -34.39 -74.25 84.43
C LYS LB 51 -33.66 -75.55 84.09
N PHE LB 52 -34.05 -76.14 82.96
CA PHE LB 52 -33.47 -77.38 82.45
C PHE LB 52 -33.00 -77.18 81.02
N ASP LB 53 -31.69 -77.18 80.82
CA ASP LB 53 -31.08 -77.21 79.49
C ASP LB 53 -30.86 -78.67 79.12
N ILE LB 54 -31.83 -79.26 78.42
CA ILE LB 54 -31.78 -80.66 78.04
C ILE LB 54 -31.50 -80.73 76.55
N LYS LB 55 -30.39 -81.35 76.19
CA LYS LB 55 -30.00 -81.46 74.81
C LYS LB 55 -30.84 -82.52 74.09
N ALA LB 56 -30.83 -82.46 72.77
CA ALA LB 56 -31.57 -83.43 71.97
C ALA LB 56 -31.13 -84.85 72.32
N PRO LB 57 -32.05 -85.83 72.28
CA PRO LB 57 -31.67 -87.19 72.71
C PRO LB 57 -30.58 -87.83 71.86
N GLY LB 58 -30.50 -87.51 70.57
CA GLY LB 58 -29.41 -88.04 69.76
C GLY LB 58 -28.06 -87.46 70.14
N ILE LB 59 -28.02 -86.16 70.43
CA ILE LB 59 -26.76 -85.45 70.68
C ILE LB 59 -26.21 -85.85 72.04
N THR LB 60 -24.89 -86.08 72.11
CA THR LB 60 -24.20 -86.21 73.39
C THR LB 60 -23.65 -84.85 73.81
N GLY LB 61 -23.85 -84.53 75.08
CA GLY LB 61 -23.30 -83.33 75.67
C GLY LB 61 -23.46 -83.43 77.15
N ASN LB 62 -23.61 -82.29 77.81
CA ASN LB 62 -24.00 -82.25 79.22
C ASN LB 62 -25.40 -81.68 79.31
N ASP LB 63 -26.26 -82.35 80.07
CA ASP LB 63 -27.51 -81.75 80.50
C ASP LB 63 -27.24 -80.79 81.65
N ARG LB 64 -28.03 -79.72 81.74
CA ARG LB 64 -27.74 -78.67 82.70
C ARG LB 64 -28.98 -78.28 83.51
N ILE LB 65 -28.77 -77.98 84.78
CA ILE LB 65 -29.79 -77.46 85.68
C ILE LB 65 -29.33 -76.08 86.14
N HIS LB 66 -30.21 -75.09 86.05
CA HIS LB 66 -29.91 -73.73 86.49
C HIS LB 66 -30.88 -73.34 87.59
N ALA LB 67 -30.38 -73.07 88.78
CA ALA LB 67 -31.21 -72.63 89.90
C ALA LB 67 -30.73 -71.28 90.40
N ASN LB 68 -31.68 -70.48 90.86
CA ASN LB 68 -31.38 -69.13 91.31
C ASN LB 68 -32.31 -68.79 92.46
N LEU LB 69 -31.74 -68.43 93.61
CA LEU LB 69 -32.48 -68.01 94.79
C LEU LB 69 -32.08 -66.58 95.12
N ARG LB 70 -33.04 -65.66 95.05
CA ARG LB 70 -32.80 -64.22 95.13
C ARG LB 70 -33.58 -63.62 96.28
N LYS LB 71 -33.02 -62.56 96.86
CA LYS LB 71 -33.74 -61.66 97.75
C LYS LB 71 -33.38 -60.24 97.36
N VAL LB 72 -34.40 -59.44 97.02
CA VAL LB 72 -34.22 -58.03 96.68
C VAL LB 72 -34.36 -57.22 97.95
N VAL LB 73 -33.53 -56.18 98.08
CA VAL LB 73 -33.60 -55.28 99.22
C VAL LB 73 -33.58 -53.85 98.71
N LEU LB 74 -34.28 -52.96 99.40
CA LEU LB 74 -34.37 -51.56 99.04
C LEU LB 74 -33.46 -50.73 99.93
N ASP LB 75 -32.78 -49.76 99.34
CA ASP LB 75 -31.96 -48.83 100.11
C ASP LB 75 -32.86 -47.96 100.98
N GLU LB 76 -32.47 -47.78 102.24
CA GLU LB 76 -33.25 -46.92 103.13
C GLU LB 76 -33.34 -45.51 102.57
N LYS LB 77 -32.22 -44.96 102.11
CA LYS LB 77 -32.23 -43.56 101.67
C LYS LB 77 -32.82 -43.39 100.27
N THR LB 78 -32.45 -44.24 99.31
CA THR LB 78 -32.86 -44.01 97.92
C THR LB 78 -33.97 -44.93 97.43
N ASN LB 79 -34.35 -45.95 98.20
CA ASN LB 79 -35.32 -46.97 97.79
C ASN LB 79 -34.93 -47.66 96.49
N LEU LB 80 -33.67 -47.51 96.06
CA LEU LB 80 -33.18 -48.23 94.91
C LEU LB 80 -32.95 -49.70 95.27
N PRO LB 81 -33.32 -50.60 94.40
CA PRO LB 81 -33.22 -52.02 94.74
C PRO LB 81 -31.88 -52.60 94.36
N SER LB 82 -31.24 -53.31 95.28
CA SER LB 82 -30.15 -54.18 94.92
C SER LB 82 -30.46 -55.57 95.45
N THR LB 83 -29.97 -56.58 94.76
CA THR LB 83 -30.40 -57.94 95.00
C THR LB 83 -29.22 -58.83 95.39
N GLY LB 84 -29.48 -59.79 96.26
CA GLY LB 84 -28.48 -60.77 96.66
C GLY LB 84 -28.97 -62.16 96.27
N SER LB 85 -28.04 -62.99 95.79
CA SER LB 85 -28.49 -64.22 95.15
C SER LB 85 -27.49 -65.35 95.29
N VAL LB 86 -28.02 -66.57 95.33
CA VAL LB 86 -27.24 -67.80 95.19
C VAL LB 86 -27.71 -68.52 93.95
N THR LB 87 -26.80 -68.72 93.00
CA THR LB 87 -27.10 -69.43 91.77
C THR LB 87 -26.29 -70.72 91.70
N ILE LB 88 -26.88 -71.73 91.09
CA ILE LB 88 -26.35 -73.09 91.06
C ILE LB 88 -26.49 -73.63 89.65
N GLN LB 89 -25.42 -74.23 89.13
CA GLN LB 89 -25.47 -74.85 87.82
C GLN LB 89 -24.97 -76.29 87.98
N VAL LB 90 -25.81 -77.24 87.62
CA VAL LB 90 -25.48 -78.65 87.68
C VAL LB 90 -25.28 -79.13 86.25
N SER LB 91 -24.09 -79.65 85.94
CA SER LB 91 -23.77 -80.16 84.62
C SER LB 91 -23.57 -81.66 84.73
N ILE LB 92 -24.49 -82.42 84.16
CA ILE LB 92 -24.57 -83.88 84.24
C ILE LB 92 -24.19 -84.44 82.87
N PRO LB 93 -23.14 -85.23 82.76
CA PRO LB 93 -22.79 -85.81 81.46
C PRO LB 93 -23.69 -86.98 81.05
N ARG LB 94 -23.84 -87.14 79.73
CA ARG LB 94 -24.69 -88.16 79.15
C ARG LB 94 -23.98 -89.50 78.92
N ASN LB 95 -22.90 -89.75 79.63
CA ASN LB 95 -22.16 -91.02 79.53
C ASN LB 95 -22.65 -91.97 80.63
N PRO LB 96 -23.00 -93.21 80.29
CA PRO LB 96 -23.45 -94.15 81.34
C PRO LB 96 -22.44 -94.35 82.46
N ALA LB 97 -21.19 -93.94 82.26
CA ALA LB 97 -20.20 -93.99 83.32
C ALA LB 97 -20.49 -92.99 84.44
N TRP LB 98 -21.47 -92.11 84.25
CA TRP LB 98 -21.96 -91.19 85.27
C TRP LB 98 -23.36 -91.61 85.68
N ASN LB 99 -23.73 -91.36 86.93
CA ASN LB 99 -25.06 -91.73 87.35
C ASN LB 99 -25.60 -90.76 88.40
N ALA LB 100 -26.87 -90.98 88.74
CA ALA LB 100 -27.56 -90.07 89.65
C ALA LB 100 -26.92 -90.08 91.02
N SER LB 101 -26.34 -91.20 91.45
CA SER LB 101 -25.66 -91.22 92.73
C SER LB 101 -24.51 -90.21 92.74
N MET LB 102 -23.82 -90.06 91.61
CA MET LB 102 -22.72 -89.11 91.54
C MET LB 102 -23.26 -87.68 91.49
N THR LB 103 -24.35 -87.45 90.75
CA THR LB 103 -24.99 -86.13 90.79
C THR LB 103 -25.35 -85.73 92.21
N VAL LB 104 -26.01 -86.64 92.93
CA VAL LB 104 -26.42 -86.36 94.29
C VAL LB 104 -25.22 -86.17 95.20
N SER LB 105 -24.14 -86.95 94.96
CA SER LB 105 -22.95 -86.80 95.79
C SER LB 105 -22.36 -85.41 95.65
N LEU LB 106 -22.28 -84.90 94.42
CA LEU LB 106 -21.80 -83.53 94.25
C LEU LB 106 -22.71 -82.53 94.93
N LEU LB 107 -24.04 -82.71 94.81
CA LEU LB 107 -24.96 -81.80 95.48
C LEU LB 107 -24.74 -81.80 96.99
N LYS LB 108 -24.62 -82.99 97.58
CA LYS LB 108 -24.44 -83.09 99.03
C LYS LB 108 -23.14 -82.48 99.47
N GLN LB 109 -22.06 -82.67 98.70
CA GLN LB 109 -20.77 -82.11 99.08
C GLN LB 109 -20.80 -80.59 98.99
N ALA LB 110 -21.42 -80.05 97.95
CA ALA LB 110 -21.55 -78.60 97.86
C ALA LB 110 -22.36 -78.06 99.03
N ALA LB 111 -23.44 -78.74 99.40
CA ALA LB 111 -24.22 -78.33 100.55
C ALA LB 111 -23.38 -78.32 101.82
N ASP LB 112 -22.62 -79.40 102.06
CA ASP LB 112 -21.76 -79.45 103.24
C ASP LB 112 -20.76 -78.30 103.23
N TYR LB 113 -20.13 -78.03 102.09
CA TYR LB 113 -18.99 -77.13 102.09
C TYR LB 113 -19.39 -75.65 102.05
N LEU LB 114 -20.54 -75.31 101.48
CA LEU LB 114 -20.94 -73.92 101.42
C LEU LB 114 -22.08 -73.54 102.36
N ALA LB 115 -22.91 -74.50 102.77
CA ALA LB 115 -23.97 -74.22 103.71
C ALA LB 115 -23.79 -74.91 105.05
N GLY LB 116 -22.93 -75.93 105.13
CA GLY LB 116 -22.70 -76.64 106.36
C GLY LB 116 -23.93 -77.37 106.85
N THR LB 117 -24.56 -78.17 105.98
CA THR LB 117 -25.79 -78.86 106.32
C THR LB 117 -25.76 -80.36 106.06
N SER LB 118 -24.59 -80.94 105.81
CA SER LB 118 -24.49 -82.38 105.60
C SER LB 118 -25.08 -83.20 106.76
N ALA LB 119 -25.41 -84.44 106.47
CA ALA LB 119 -25.83 -85.40 107.48
C ALA LB 119 -24.64 -85.79 108.36
N THR LB 120 -24.95 -86.23 109.58
CA THR LB 120 -23.88 -86.57 110.52
C THR LB 120 -23.21 -87.87 110.08
N VAL LB 121 -21.89 -87.82 109.93
CA VAL LB 121 -21.06 -88.95 109.51
C VAL LB 121 -19.73 -88.82 110.25
N SER LB 122 -19.28 -89.89 110.89
CA SER LB 122 -18.11 -89.78 111.74
C SER LB 122 -16.88 -89.44 110.91
N GLY LB 123 -16.09 -88.49 111.41
CA GLY LB 123 -14.91 -88.02 110.71
C GLY LB 123 -15.12 -86.85 109.79
N GLN LB 124 -16.36 -86.38 109.64
CA GLN LB 124 -16.63 -85.20 108.82
C GLN LB 124 -16.04 -83.96 109.49
N THR LB 125 -15.58 -83.04 108.66
CA THR LB 125 -15.16 -81.76 109.21
C THR LB 125 -16.39 -80.96 109.63
N ASP LB 126 -16.21 -80.19 110.70
CA ASP LB 126 -17.30 -79.38 111.25
C ASP LB 126 -17.50 -78.17 110.35
N THR LB 127 -18.49 -78.27 109.48
CA THR LB 127 -18.77 -77.26 108.48
C THR LB 127 -19.80 -76.24 108.95
N SER LB 128 -20.18 -76.29 110.22
CA SER LB 128 -21.28 -75.46 110.71
C SER LB 128 -20.98 -73.97 110.55
N GLY LB 129 -19.72 -73.56 110.76
CA GLY LB 129 -19.37 -72.16 110.66
C GLY LB 129 -18.99 -71.70 109.29
N PHE LB 130 -18.91 -72.63 108.34
CA PHE LB 130 -18.51 -72.27 106.99
C PHE LB 130 -19.44 -71.25 106.33
N PRO LB 131 -20.77 -71.35 106.42
CA PRO LB 131 -21.59 -70.30 105.81
C PRO LB 131 -21.31 -68.92 106.38
N ALA LB 132 -21.08 -68.82 107.68
CA ALA LB 132 -20.66 -67.55 108.27
C ALA LB 132 -19.36 -67.06 107.64
N LYS LB 133 -18.35 -67.93 107.56
CA LYS LB 133 -17.09 -67.51 106.97
C LYS LB 133 -17.26 -67.08 105.53
N TRP LB 134 -18.06 -67.81 104.75
CA TRP LB 134 -18.28 -67.42 103.36
C TRP LB 134 -18.93 -66.05 103.27
N ALA LB 135 -19.98 -65.83 104.08
CA ALA LB 135 -20.66 -64.53 104.10
C ALA LB 135 -19.73 -63.43 104.55
N GLY LB 136 -18.61 -63.76 105.19
CA GLY LB 136 -17.58 -62.79 105.46
C GLY LB 136 -16.49 -62.67 104.41
N LEU LB 137 -16.63 -63.36 103.27
CA LEU LB 137 -15.57 -63.48 102.26
C LEU LB 137 -14.26 -63.99 102.86
N MET LB 138 -14.36 -65.11 103.58
CA MET LB 138 -13.23 -65.78 104.19
C MET LB 138 -13.26 -67.25 103.81
N PHE LB 139 -12.14 -67.79 103.37
CA PHE LB 139 -12.10 -69.20 103.07
C PHE LB 139 -12.18 -70.00 104.37
N PRO LB 140 -13.00 -71.06 104.43
CA PRO LB 140 -13.09 -71.91 105.62
C PRO LB 140 -11.75 -72.53 105.96
N ALA MB 1 -52.79 -81.98 81.92
CA ALA MB 1 -52.25 -83.26 81.45
C ALA MB 1 -52.07 -84.24 82.60
N ALA MB 2 -52.13 -85.54 82.28
CA ALA MB 2 -51.97 -86.57 83.30
C ALA MB 2 -50.57 -86.51 83.89
N PRO MB 3 -50.42 -86.54 85.22
CA PRO MB 3 -49.09 -86.43 85.81
C PRO MB 3 -48.21 -87.65 85.58
N SER MB 4 -48.81 -88.81 85.29
CA SER MB 4 -48.03 -90.01 85.05
C SER MB 4 -48.85 -90.97 84.21
N LEU MB 5 -48.15 -91.89 83.54
CA LEU MB 5 -48.74 -92.82 82.60
C LEU MB 5 -48.12 -94.19 82.76
N ALA MB 6 -48.94 -95.22 82.58
CA ALA MB 6 -48.48 -96.60 82.56
C ALA MB 6 -48.96 -97.20 81.24
N LEU MB 7 -48.10 -97.14 80.22
CA LEU MB 7 -48.49 -97.56 78.88
C LEU MB 7 -48.05 -99.00 78.65
N VAL MB 8 -48.71 -99.67 77.72
CA VAL MB 8 -48.36 -101.05 77.40
C VAL MB 8 -47.42 -101.07 76.21
N GLY MB 9 -46.29 -101.77 76.38
CA GLY MB 9 -45.37 -102.02 75.29
C GLY MB 9 -44.99 -103.48 75.28
N ALA MB 10 -43.83 -103.82 74.71
CA ALA MB 10 -43.40 -105.21 74.58
C ALA MB 10 -42.01 -105.38 75.15
N ASN MB 11 -41.80 -106.49 75.87
CA ASN MB 11 -40.49 -106.85 76.38
C ASN MB 11 -39.66 -107.47 75.26
N SER MB 12 -38.51 -108.05 75.62
CA SER MB 12 -37.66 -108.69 74.61
C SER MB 12 -38.37 -109.86 73.95
N THR MB 13 -39.38 -110.44 74.58
CA THR MB 13 -40.13 -111.57 74.05
C THR MB 13 -41.41 -111.14 73.37
N LEU MB 14 -41.70 -109.84 73.32
CA LEU MB 14 -42.91 -109.27 72.75
C LEU MB 14 -44.14 -109.52 73.62
N ALA MB 15 -43.94 -109.88 74.88
CA ALA MB 15 -45.04 -109.96 75.82
C ALA MB 15 -45.43 -108.56 76.30
N SER MB 16 -46.72 -108.38 76.54
CA SER MB 16 -47.20 -107.08 76.99
C SER MB 16 -46.62 -106.74 78.35
N THR MB 17 -45.95 -105.59 78.42
CA THR MB 17 -45.26 -105.15 79.62
C THR MB 17 -45.54 -103.68 79.86
N LEU MB 18 -45.71 -103.29 81.11
CA LEU MB 18 -45.89 -101.86 81.38
C LEU MB 18 -44.60 -101.09 81.20
N VAL MB 19 -44.76 -99.83 80.79
CA VAL MB 19 -43.69 -98.87 80.65
C VAL MB 19 -44.17 -97.57 81.27
N ASN MB 20 -43.43 -97.07 82.25
CA ASN MB 20 -43.90 -96.02 83.14
C ASN MB 20 -43.29 -94.69 82.75
N TYR MB 21 -44.14 -93.71 82.49
CA TYR MB 21 -43.73 -92.36 82.17
C TYR MB 21 -44.26 -91.41 83.23
N SER MB 22 -43.53 -90.32 83.45
CA SER MB 22 -43.95 -89.26 84.35
C SER MB 22 -43.80 -87.92 83.64
N LEU MB 23 -44.70 -87.00 83.98
CA LEU MB 23 -44.77 -85.70 83.31
C LEU MB 23 -43.62 -84.81 83.78
N ARG MB 24 -42.73 -84.45 82.84
CA ARG MB 24 -41.60 -83.60 83.20
C ARG MB 24 -42.00 -82.13 83.26
N SER MB 25 -42.66 -81.63 82.23
CA SER MB 25 -43.11 -80.23 82.21
C SER MB 25 -44.22 -80.07 81.17
N GLN MB 26 -44.80 -78.88 81.13
CA GLN MB 26 -45.80 -78.51 80.14
C GLN MB 26 -45.54 -77.09 79.67
N ASN MB 27 -45.25 -76.94 78.37
CA ASN MB 27 -44.98 -75.68 77.69
C ASN MB 27 -46.23 -75.29 76.89
N GLY MB 28 -46.08 -74.28 76.03
CA GLY MB 28 -47.14 -73.85 75.14
C GLY MB 28 -47.59 -74.96 74.22
N ASN MB 29 -48.80 -75.44 74.47
CA ASN MB 29 -49.47 -76.43 73.63
C ASN MB 29 -48.62 -77.68 73.44
N ASN MB 30 -47.94 -78.12 74.50
CA ASN MB 30 -47.14 -79.34 74.41
C ASN MB 30 -47.00 -79.96 75.79
N VAL MB 31 -46.50 -81.19 75.80
CA VAL MB 31 -46.38 -82.02 76.99
C VAL MB 31 -45.16 -82.91 76.80
N ASP MB 32 -44.35 -83.03 77.87
CA ASP MB 32 -43.10 -83.78 77.85
C ASP MB 32 -43.12 -84.82 78.98
N TYR MB 33 -43.03 -86.10 78.60
CA TYR MB 33 -42.99 -87.21 79.54
C TYR MB 33 -41.66 -87.93 79.44
N VAL MB 34 -41.21 -88.49 80.57
CA VAL MB 34 -39.94 -89.20 80.68
C VAL MB 34 -40.20 -90.57 81.28
N CYS MB 35 -39.47 -91.58 80.80
CA CYS MB 35 -39.63 -92.93 81.32
C CYS MB 35 -38.92 -93.04 82.67
N THR MB 36 -39.63 -93.62 83.65
CA THR MB 36 -39.13 -93.75 85.02
C THR MB 36 -38.70 -95.16 85.37
N ASP MB 37 -38.64 -96.06 84.39
CA ASP MB 37 -38.19 -97.41 84.62
C ASP MB 37 -36.67 -97.41 84.85
N PRO MB 38 -36.11 -98.52 85.33
CA PRO MB 38 -34.66 -98.58 85.49
C PRO MB 38 -33.89 -98.57 84.18
N ASP MB 39 -34.47 -99.10 83.08
CA ASP MB 39 -33.73 -99.21 81.83
C ASP MB 39 -33.50 -97.86 81.16
N SER MB 40 -34.23 -96.82 81.53
CA SER MB 40 -34.03 -95.48 80.97
C SER MB 40 -33.24 -94.63 81.96
N THR MB 41 -32.19 -94.01 81.44
CA THR MB 41 -31.32 -93.11 82.19
C THR MB 41 -31.07 -91.88 81.32
N LEU MB 42 -30.43 -90.87 81.89
CA LEU MB 42 -30.16 -89.67 81.10
C LEU MB 42 -29.28 -89.98 79.91
N SER MB 43 -28.41 -90.99 80.03
CA SER MB 43 -27.56 -91.39 78.92
C SER MB 43 -28.38 -91.97 77.77
N ALA MB 44 -29.42 -92.74 78.08
CA ALA MB 44 -30.26 -93.37 77.07
C ALA MB 44 -31.71 -93.39 77.56
N PRO MB 45 -32.42 -92.28 77.43
CA PRO MB 45 -33.75 -92.15 78.02
C PRO MB 45 -34.86 -92.66 77.09
N GLY MB 46 -36.04 -92.81 77.67
CA GLY MB 46 -37.27 -92.97 76.93
C GLY MB 46 -38.13 -91.73 77.12
N LEU MB 47 -38.69 -91.24 76.02
CA LEU MB 47 -39.33 -89.93 76.02
C LEU MB 47 -40.63 -89.97 75.24
N ILE MB 48 -41.59 -89.14 75.66
CA ILE MB 48 -42.83 -88.93 74.90
C ILE MB 48 -43.11 -87.43 74.85
N ASN MB 49 -43.54 -86.95 73.69
CA ASN MB 49 -43.74 -85.52 73.48
C ASN MB 49 -45.01 -85.31 72.65
N ALA MB 50 -45.83 -84.35 73.05
CA ALA MB 50 -47.06 -84.07 72.32
C ALA MB 50 -47.26 -82.57 72.18
N LYS MB 51 -47.80 -82.15 71.03
CA LYS MB 51 -47.95 -80.74 70.70
C LYS MB 51 -49.22 -80.54 69.88
N PHE MB 52 -49.89 -79.40 70.10
CA PHE MB 52 -51.03 -79.01 69.29
C PHE MB 52 -50.70 -77.78 68.45
N ASP MB 53 -50.95 -77.87 67.16
CA ASP MB 53 -50.98 -76.71 66.26
C ASP MB 53 -52.46 -76.39 66.05
N ILE MB 54 -52.93 -75.35 66.71
CA ILE MB 54 -54.36 -75.02 66.76
C ILE MB 54 -54.60 -73.77 65.92
N LYS MB 55 -55.42 -73.91 64.89
CA LYS MB 55 -55.69 -72.79 64.02
C LYS MB 55 -56.80 -71.92 64.61
N ALA MB 56 -56.93 -70.72 64.07
CA ALA MB 56 -57.85 -69.73 64.60
C ALA MB 56 -59.30 -70.23 64.56
N PRO MB 57 -60.18 -69.66 65.38
CA PRO MB 57 -61.58 -70.08 65.36
C PRO MB 57 -62.19 -69.90 63.98
N GLY MB 58 -63.07 -70.81 63.61
CA GLY MB 58 -63.69 -70.84 62.31
C GLY MB 58 -63.80 -72.27 61.84
N ILE MB 59 -64.25 -72.45 60.60
CA ILE MB 59 -64.34 -73.78 60.03
C ILE MB 59 -63.38 -73.99 58.87
N THR MB 60 -62.42 -73.07 58.68
CA THR MB 60 -61.59 -73.08 57.49
C THR MB 60 -60.40 -74.03 57.60
N GLY MB 61 -59.77 -74.10 58.77
CA GLY MB 61 -58.44 -74.65 58.87
C GLY MB 61 -58.37 -76.16 59.04
N ASN MB 62 -57.17 -76.60 59.41
CA ASN MB 62 -56.84 -77.98 59.79
C ASN MB 62 -56.01 -77.92 61.08
N ASP MB 63 -56.59 -78.39 62.18
CA ASP MB 63 -55.83 -78.53 63.43
C ASP MB 63 -54.88 -79.71 63.33
N ARG MB 64 -53.79 -79.68 64.09
CA ARG MB 64 -52.80 -80.76 64.03
C ARG MB 64 -52.34 -81.17 65.42
N ILE MB 65 -52.10 -82.46 65.58
CA ILE MB 65 -51.54 -83.07 66.78
C ILE MB 65 -50.24 -83.73 66.38
N HIS MB 66 -49.18 -83.48 67.16
CA HIS MB 66 -47.87 -84.08 66.94
C HIS MB 66 -47.48 -84.87 68.17
N ALA MB 67 -47.32 -86.18 68.02
CA ALA MB 67 -46.84 -87.03 69.10
C ALA MB 67 -45.53 -87.67 68.67
N ASN MB 68 -44.69 -87.97 69.65
CA ASN MB 68 -43.37 -88.52 69.37
C ASN MB 68 -42.95 -89.38 70.55
N LEU MB 69 -42.74 -90.68 70.29
CA LEU MB 69 -42.32 -91.64 71.29
C LEU MB 69 -40.94 -92.14 70.91
N ARG MB 70 -39.94 -91.84 71.75
CA ARG MB 70 -38.56 -92.13 71.44
C ARG MB 70 -37.93 -92.99 72.52
N LYS MB 71 -36.93 -93.79 72.11
CA LYS MB 71 -36.05 -94.51 73.02
C LYS MB 71 -34.63 -94.45 72.49
N VAL MB 72 -33.70 -94.05 73.34
CA VAL MB 72 -32.29 -93.96 72.97
C VAL MB 72 -31.60 -95.25 73.40
N VAL MB 73 -30.65 -95.71 72.60
CA VAL MB 73 -29.89 -96.91 72.90
C VAL MB 73 -28.41 -96.61 72.66
N LEU MB 74 -27.55 -97.28 73.43
CA LEU MB 74 -26.11 -97.10 73.33
C LEU MB 74 -25.47 -98.33 72.70
N ASP MB 75 -24.49 -98.09 71.82
CA ASP MB 75 -23.75 -99.18 71.18
C ASP MB 75 -22.96 -99.97 72.22
N GLU MB 76 -23.03 -101.30 72.14
CA GLU MB 76 -22.26 -102.13 73.08
C GLU MB 76 -20.77 -101.93 72.91
N LYS MB 77 -20.33 -101.50 71.73
CA LYS MB 77 -18.91 -101.38 71.48
C LYS MB 77 -18.38 -99.98 71.80
N THR MB 78 -19.20 -98.95 71.54
CA THR MB 78 -18.73 -97.57 71.62
C THR MB 78 -19.56 -96.66 72.54
N ASN MB 79 -20.65 -97.16 73.13
CA ASN MB 79 -21.60 -96.32 73.88
C ASN MB 79 -22.10 -95.14 73.05
N LEU MB 80 -22.09 -95.28 71.73
CA LEU MB 80 -22.63 -94.16 70.96
C LEU MB 80 -24.14 -94.27 70.86
N PRO MB 81 -24.83 -93.14 71.05
CA PRO MB 81 -26.29 -93.16 71.09
C PRO MB 81 -26.88 -93.14 69.69
N SER MB 82 -27.89 -93.98 69.48
CA SER MB 82 -28.81 -93.80 68.37
C SER MB 82 -30.21 -93.99 68.91
N THR MB 83 -31.18 -93.32 68.27
CA THR MB 83 -32.54 -93.27 68.80
C THR MB 83 -33.49 -93.97 67.85
N GLY MB 84 -34.45 -94.69 68.42
CA GLY MB 84 -35.58 -95.21 67.68
C GLY MB 84 -36.81 -94.42 68.05
N SER MB 85 -37.70 -94.22 67.09
CA SER MB 85 -38.83 -93.33 67.36
C SER MB 85 -40.05 -93.70 66.52
N VAL MB 86 -41.22 -93.49 67.12
CA VAL MB 86 -42.49 -93.51 66.41
C VAL MB 86 -43.12 -92.14 66.57
N THR MB 87 -43.28 -91.43 65.46
CA THR MB 87 -43.90 -90.12 65.45
C THR MB 87 -45.26 -90.22 64.78
N ILE MB 88 -46.19 -89.40 65.24
CA ILE MB 88 -47.58 -89.41 64.79
C ILE MB 88 -48.01 -87.98 64.53
N GLN MB 89 -48.72 -87.78 63.42
CA GLN MB 89 -49.31 -86.48 63.12
C GLN MB 89 -50.78 -86.68 62.74
N VAL MB 90 -51.66 -86.09 63.52
CA VAL MB 90 -53.09 -86.12 63.28
C VAL MB 90 -53.50 -84.76 62.71
N SER MB 91 -54.22 -84.76 61.61
CA SER MB 91 -54.73 -83.54 61.00
C SER MB 91 -56.25 -83.64 60.94
N ILE MB 92 -56.91 -82.75 61.68
CA ILE MB 92 -58.35 -82.71 61.90
C ILE MB 92 -58.90 -81.48 61.19
N PRO MB 93 -59.69 -81.64 60.13
CA PRO MB 93 -60.31 -80.47 59.50
C PRO MB 93 -61.43 -79.89 60.36
N ARG MB 94 -61.68 -78.61 60.13
CA ARG MB 94 -62.70 -77.87 60.87
C ARG MB 94 -64.02 -77.74 60.11
N ASN MB 95 -64.03 -78.05 58.82
CA ASN MB 95 -65.28 -78.17 58.07
C ASN MB 95 -66.25 -79.07 58.82
N PRO MB 96 -67.45 -78.57 59.15
CA PRO MB 96 -68.39 -79.35 59.98
C PRO MB 96 -68.77 -80.69 59.38
N ALA MB 97 -68.34 -80.97 58.16
CA ALA MB 97 -68.51 -82.27 57.55
C ALA MB 97 -67.56 -83.32 58.12
N TRP MB 98 -66.75 -82.97 59.12
CA TRP MB 98 -65.86 -83.88 59.81
C TRP MB 98 -66.33 -84.06 61.26
N ASN MB 99 -65.96 -85.19 61.85
CA ASN MB 99 -66.39 -85.54 63.21
C ASN MB 99 -65.21 -85.97 64.06
N ALA MB 100 -65.34 -85.71 65.36
CA ALA MB 100 -64.48 -86.38 66.32
C ALA MB 100 -64.57 -87.90 66.14
N SER MB 101 -65.73 -88.41 65.75
CA SER MB 101 -65.86 -89.84 65.48
C SER MB 101 -64.96 -90.27 64.35
N MET MB 102 -64.82 -89.42 63.32
CA MET MB 102 -63.94 -89.75 62.21
C MET MB 102 -62.47 -89.70 62.62
N THR MB 103 -62.11 -88.71 63.44
CA THR MB 103 -60.77 -88.69 64.03
C THR MB 103 -60.46 -89.98 64.79
N VAL MB 104 -61.38 -90.37 65.68
CA VAL MB 104 -61.16 -91.57 66.48
C VAL MB 104 -61.09 -92.79 65.60
N SER MB 105 -61.90 -92.83 64.53
CA SER MB 105 -61.89 -93.99 63.64
C SER MB 105 -60.54 -94.12 62.95
N LEU MB 106 -59.97 -93.01 62.48
CA LEU MB 106 -58.63 -93.07 61.90
C LEU MB 106 -57.60 -93.52 62.93
N LEU MB 107 -57.70 -93.03 64.16
CA LEU MB 107 -56.75 -93.46 65.18
C LEU MB 107 -56.83 -94.97 65.43
N LYS MB 108 -58.05 -95.48 65.55
CA LYS MB 108 -58.25 -96.91 65.81
C LYS MB 108 -57.74 -97.75 64.64
N GLN MB 109 -57.98 -97.29 63.41
CA GLN MB 109 -57.52 -98.04 62.24
C GLN MB 109 -56.01 -98.06 62.16
N ALA MB 110 -55.36 -96.91 62.41
CA ALA MB 110 -53.90 -96.88 62.44
C ALA MB 110 -53.36 -97.81 63.51
N ALA MB 111 -54.01 -97.83 64.67
CA ALA MB 111 -53.58 -98.72 65.76
C ALA MB 111 -53.68 -100.17 65.33
N ASP MB 112 -54.82 -100.56 64.74
CA ASP MB 112 -54.98 -101.92 64.25
C ASP MB 112 -53.93 -102.27 63.20
N TYR MB 113 -53.65 -101.34 62.28
CA TYR MB 113 -52.85 -101.72 61.11
C TYR MB 113 -51.35 -101.67 61.39
N LEU MB 114 -50.89 -100.84 62.32
CA LEU MB 114 -49.46 -100.77 62.61
C LEU MB 114 -49.06 -101.36 63.94
N ALA MB 115 -49.99 -101.49 64.90
CA ALA MB 115 -49.70 -102.11 66.18
C ALA MB 115 -50.49 -103.38 66.41
N GLY MB 116 -51.56 -103.63 65.67
CA GLY MB 116 -52.37 -104.81 65.86
C GLY MB 116 -53.00 -104.89 67.23
N THR MB 117 -53.68 -103.81 67.64
CA THR MB 117 -54.25 -103.71 68.98
C THR MB 117 -55.75 -103.41 69.00
N SER MB 118 -56.42 -103.40 67.84
CA SER MB 118 -57.83 -103.06 67.78
C SER MB 118 -58.68 -104.00 68.64
N ALA MB 119 -59.90 -103.54 68.94
CA ALA MB 119 -60.90 -104.35 69.61
C ALA MB 119 -61.39 -105.47 68.69
N THR MB 120 -62.16 -106.38 69.27
CA THR MB 120 -62.61 -107.57 68.53
C THR MB 120 -63.94 -107.31 67.85
N VAL MB 121 -63.97 -107.55 66.53
CA VAL MB 121 -65.17 -107.45 65.71
C VAL MB 121 -65.20 -108.68 64.81
N SER MB 122 -66.39 -109.01 64.31
CA SER MB 122 -66.61 -110.29 63.64
C SER MB 122 -65.60 -110.54 62.54
N GLY MB 123 -65.66 -109.76 61.47
CA GLY MB 123 -64.89 -110.12 60.29
C GLY MB 123 -63.52 -109.49 60.21
N GLN MB 124 -62.93 -109.14 61.35
CA GLN MB 124 -61.72 -108.32 61.32
C GLN MB 124 -60.57 -109.18 60.83
N THR MB 125 -59.60 -108.55 60.16
CA THR MB 125 -58.43 -109.31 59.78
C THR MB 125 -57.48 -109.40 60.97
N ASP MB 126 -56.74 -110.50 61.02
CA ASP MB 126 -55.83 -110.79 62.11
C ASP MB 126 -54.59 -109.91 61.94
N THR MB 127 -54.44 -108.94 62.83
CA THR MB 127 -53.36 -107.97 62.75
C THR MB 127 -52.33 -108.15 63.85
N SER MB 128 -52.40 -109.27 64.58
CA SER MB 128 -51.49 -109.47 65.71
C SER MB 128 -50.03 -109.51 65.26
N GLY MB 129 -49.76 -110.09 64.08
CA GLY MB 129 -48.40 -110.20 63.59
C GLY MB 129 -47.90 -109.01 62.81
N PHE MB 130 -48.78 -108.06 62.55
CA PHE MB 130 -48.39 -106.90 61.76
C PHE MB 130 -47.26 -106.09 62.39
N PRO MB 131 -47.25 -105.80 63.70
CA PRO MB 131 -46.10 -105.06 64.23
C PRO MB 131 -44.78 -105.78 64.02
N ALA MB 132 -44.77 -107.11 64.16
CA ALA MB 132 -43.56 -107.87 63.86
C ALA MB 132 -43.15 -107.70 62.40
N LYS MB 133 -44.11 -107.83 61.48
CA LYS MB 133 -43.79 -107.68 60.06
C LYS MB 133 -43.26 -106.28 59.76
N TRP MB 134 -43.84 -105.25 60.38
CA TRP MB 134 -43.34 -103.90 60.17
C TRP MB 134 -41.92 -103.78 60.68
N ALA MB 135 -41.67 -104.24 61.91
CA ALA MB 135 -40.33 -104.16 62.49
C ALA MB 135 -39.31 -104.92 61.67
N GLY MB 136 -39.75 -105.87 60.86
CA GLY MB 136 -38.88 -106.51 59.90
C GLY MB 136 -38.78 -105.79 58.56
N LEU MB 137 -39.39 -104.61 58.44
CA LEU MB 137 -39.46 -103.87 57.18
C LEU MB 137 -40.08 -104.70 56.06
N MET MB 138 -41.24 -105.28 56.33
CA MET MB 138 -42.03 -105.93 55.30
C MET MB 138 -43.50 -105.61 55.49
N PHE MB 139 -44.21 -105.52 54.38
CA PHE MB 139 -45.61 -105.14 54.42
C PHE MB 139 -46.45 -106.29 54.96
N PRO MB 140 -47.49 -105.98 55.75
CA PRO MB 140 -48.49 -106.96 56.17
C PRO MB 140 -49.19 -107.58 54.98
N ALA NB 1 -49.63 -73.81 87.38
CA ALA NB 1 -51.04 -73.46 87.50
C ALA NB 1 -51.92 -74.69 87.68
N ALA NB 2 -53.18 -74.47 88.05
CA ALA NB 2 -54.11 -75.56 88.25
C ALA NB 2 -54.37 -76.29 86.92
N PRO NB 3 -54.34 -77.62 86.93
CA PRO NB 3 -54.50 -78.36 85.67
C PRO NB 3 -55.93 -78.33 85.14
N SER NB 4 -56.91 -78.04 85.99
CA SER NB 4 -58.30 -78.03 85.56
C SER NB 4 -59.10 -77.16 86.51
N LEU NB 5 -60.20 -76.62 85.99
CA LEU NB 5 -61.05 -75.67 86.70
C LEU NB 5 -62.52 -76.00 86.47
N ALA NB 6 -63.33 -75.83 87.50
CA ALA NB 6 -64.78 -75.93 87.40
C ALA NB 6 -65.35 -74.59 87.84
N LEU NB 7 -65.51 -73.67 86.88
CA LEU NB 7 -65.99 -72.33 87.20
C LEU NB 7 -67.51 -72.31 87.14
N VAL NB 8 -68.12 -71.34 87.81
CA VAL NB 8 -69.57 -71.20 87.81
C VAL NB 8 -69.97 -70.14 86.80
N GLY NB 9 -70.84 -70.51 85.87
CA GLY NB 9 -71.47 -69.60 84.93
C GLY NB 9 -72.97 -69.78 84.96
N ALA NB 10 -73.60 -69.44 83.84
CA ALA NB 10 -75.06 -69.48 83.73
C ALA NB 10 -75.46 -70.18 82.45
N ASN NB 11 -76.49 -71.02 82.55
CA ASN NB 11 -77.07 -71.67 81.38
C ASN NB 11 -78.06 -70.71 80.72
N SER NB 12 -78.87 -71.24 79.80
CA SER NB 12 -79.85 -70.40 79.11
C SER NB 12 -80.91 -69.86 80.07
N THR NB 13 -81.15 -70.56 81.18
CA THR NB 13 -82.09 -70.13 82.20
C THR NB 13 -81.50 -69.09 83.16
N LEU NB 14 -80.20 -68.83 83.05
CA LEU NB 14 -79.40 -68.07 84.00
C LEU NB 14 -79.20 -68.80 85.32
N ALA NB 15 -79.53 -70.09 85.38
CA ALA NB 15 -79.23 -70.88 86.57
C ALA NB 15 -77.75 -71.17 86.66
N SER NB 16 -77.24 -71.23 87.90
CA SER NB 16 -75.81 -71.44 88.12
C SER NB 16 -75.42 -72.84 87.64
N THR NB 17 -74.50 -72.88 86.67
CA THR NB 17 -74.09 -74.12 86.02
C THR NB 17 -72.56 -74.17 85.99
N LEU NB 18 -72.00 -75.37 86.15
CA LEU NB 18 -70.56 -75.49 86.02
C LEU NB 18 -70.12 -75.45 84.57
N VAL NB 19 -69.00 -74.77 84.34
CA VAL NB 19 -68.30 -74.74 83.07
C VAL NB 19 -66.85 -75.16 83.32
N ASN NB 20 -66.41 -76.17 82.58
CA ASN NB 20 -65.20 -76.92 82.91
C ASN NB 20 -64.09 -76.57 81.93
N TYR NB 21 -62.92 -76.24 82.46
CA TYR NB 21 -61.75 -75.91 81.67
C TYR NB 21 -60.60 -76.83 82.05
N SER NB 22 -59.75 -77.16 81.08
CA SER NB 22 -58.50 -77.86 81.35
C SER NB 22 -57.33 -77.02 80.84
N LEU NB 23 -56.20 -77.18 81.51
CA LEU NB 23 -54.99 -76.41 81.20
C LEU NB 23 -54.36 -76.96 79.93
N ARG NB 24 -54.52 -76.21 78.84
CA ARG NB 24 -53.92 -76.61 77.58
C ARG NB 24 -52.48 -76.13 77.42
N SER NB 25 -52.18 -74.87 77.78
CA SER NB 25 -50.78 -74.45 77.67
C SER NB 25 -50.42 -73.49 78.79
N GLN NB 26 -49.11 -73.40 79.04
CA GLN NB 26 -48.56 -72.42 79.96
C GLN NB 26 -47.15 -72.11 79.48
N ASN NB 27 -46.90 -70.83 79.22
CA ASN NB 27 -45.66 -70.40 78.59
C ASN NB 27 -45.41 -68.93 78.91
N GLY NB 28 -44.21 -68.63 79.41
CA GLY NB 28 -43.77 -67.26 79.58
C GLY NB 28 -44.74 -66.41 80.36
N ASN NB 29 -44.95 -66.79 81.62
CA ASN NB 29 -45.93 -66.12 82.49
C ASN NB 29 -47.25 -65.94 81.77
N ASN NB 30 -47.67 -66.98 81.07
CA ASN NB 30 -48.93 -66.94 80.34
C ASN NB 30 -49.59 -68.30 80.52
N VAL NB 31 -50.91 -68.30 80.69
CA VAL NB 31 -51.66 -69.52 81.02
C VAL NB 31 -52.93 -69.56 80.17
N ASP NB 32 -53.16 -70.68 79.47
CA ASP NB 32 -54.26 -70.82 78.52
C ASP NB 32 -55.04 -72.10 78.81
N TYR NB 33 -56.33 -71.93 79.09
CA TYR NB 33 -57.27 -73.01 79.37
C TYR NB 33 -58.26 -73.13 78.22
N VAL NB 34 -58.76 -74.36 78.02
CA VAL NB 34 -59.81 -74.61 77.03
C VAL NB 34 -60.99 -75.29 77.70
N CYS NB 35 -62.19 -75.00 77.21
CA CYS NB 35 -63.40 -75.54 77.80
C CYS NB 35 -63.63 -76.97 77.32
N THR NB 36 -63.89 -77.87 78.27
CA THR NB 36 -64.02 -79.30 78.00
C THR NB 36 -65.47 -79.73 77.77
N ASP NB 37 -66.41 -78.81 77.88
CA ASP NB 37 -67.82 -79.13 77.79
C ASP NB 37 -68.22 -79.36 76.33
N PRO NB 38 -69.42 -79.90 76.09
CA PRO NB 38 -69.85 -80.08 74.70
C PRO NB 38 -70.09 -78.79 73.95
N ASP NB 39 -70.42 -77.69 74.66
CA ASP NB 39 -70.72 -76.43 73.98
C ASP NB 39 -69.49 -75.79 73.35
N SER NB 40 -68.27 -76.20 73.73
CA SER NB 40 -67.07 -75.72 73.08
C SER NB 40 -66.60 -76.80 72.11
N THR NB 41 -66.60 -76.45 70.83
CA THR NB 41 -66.08 -77.30 69.76
C THR NB 41 -64.75 -76.75 69.29
N LEU NB 42 -64.10 -77.52 68.40
CA LEU NB 42 -62.86 -77.03 67.80
C LEU NB 42 -63.12 -75.76 67.01
N SER NB 43 -64.24 -75.70 66.31
CA SER NB 43 -64.48 -74.57 65.43
C SER NB 43 -64.92 -73.34 66.23
N ALA NB 44 -65.65 -73.56 67.32
CA ALA NB 44 -66.18 -72.50 68.17
C ALA NB 44 -65.92 -72.85 69.63
N PRO NB 45 -64.72 -72.56 70.12
CA PRO NB 45 -64.33 -73.03 71.46
C PRO NB 45 -64.65 -72.01 72.55
N GLY NB 46 -64.51 -72.46 73.78
CA GLY NB 46 -64.47 -71.58 74.95
C GLY NB 46 -63.06 -71.57 75.50
N LEU NB 47 -62.56 -70.37 75.80
CA LEU NB 47 -61.13 -70.22 76.06
C LEU NB 47 -60.89 -69.26 77.22
N ILE NB 48 -59.77 -69.47 77.92
CA ILE NB 48 -59.35 -68.56 78.97
C ILE NB 48 -57.85 -68.29 78.80
N ASN NB 49 -57.46 -67.04 79.04
CA ASN NB 49 -56.10 -66.56 78.90
C ASN NB 49 -55.74 -65.71 80.12
N ALA NB 50 -54.49 -65.82 80.58
CA ALA NB 50 -54.04 -65.02 81.74
C ALA NB 50 -52.55 -64.75 81.65
N LYS NB 51 -52.17 -63.46 81.67
CA LYS NB 51 -50.81 -62.98 81.50
C LYS NB 51 -50.36 -62.16 82.71
N PHE NB 52 -49.06 -62.16 82.96
CA PHE NB 52 -48.42 -61.33 83.99
C PHE NB 52 -47.38 -60.43 83.35
N ASP NB 53 -47.60 -59.12 83.41
CA ASP NB 53 -46.55 -58.13 83.13
C ASP NB 53 -45.92 -57.80 84.48
N ILE NB 54 -44.79 -58.43 84.77
CA ILE NB 54 -44.09 -58.22 86.04
C ILE NB 54 -42.93 -57.27 85.79
N LYS NB 55 -43.00 -56.10 86.42
CA LYS NB 55 -41.96 -55.10 86.29
C LYS NB 55 -40.73 -55.52 87.09
N ALA NB 56 -39.58 -54.98 86.70
CA ALA NB 56 -38.32 -55.16 87.41
C ALA NB 56 -38.48 -54.75 88.86
N PRO NB 57 -37.68 -55.30 89.77
CA PRO NB 57 -37.80 -54.92 91.19
C PRO NB 57 -37.63 -53.42 91.35
N GLY NB 58 -38.34 -52.88 92.32
CA GLY NB 58 -38.34 -51.46 92.52
C GLY NB 58 -39.61 -51.01 93.21
N ILE NB 59 -39.57 -49.78 93.71
CA ILE NB 59 -40.70 -49.21 94.40
C ILE NB 59 -41.60 -48.43 93.46
N THR NB 60 -41.19 -48.23 92.21
CA THR NB 60 -41.93 -47.46 91.22
C THR NB 60 -42.53 -48.39 90.18
N GLY NB 61 -43.64 -47.95 89.60
CA GLY NB 61 -44.29 -48.67 88.53
C GLY NB 61 -45.51 -49.44 89.00
N ASN NB 62 -46.20 -50.03 88.03
CA ASN NB 62 -47.34 -50.89 88.27
C ASN NB 62 -47.06 -52.28 87.67
N ASP NB 63 -47.37 -53.32 88.43
CA ASP NB 63 -47.49 -54.68 87.91
C ASP NB 63 -48.86 -54.85 87.28
N ARG NB 64 -48.95 -55.74 86.28
CA ARG NB 64 -50.23 -55.89 85.59
C ARG NB 64 -50.60 -57.35 85.38
N ILE NB 65 -51.90 -57.63 85.55
CA ILE NB 65 -52.50 -58.93 85.29
C ILE NB 65 -53.50 -58.75 84.16
N HIS NB 66 -53.45 -59.63 83.16
CA HIS NB 66 -54.40 -59.63 82.07
C HIS NB 66 -55.15 -60.96 82.05
N ALA NB 67 -56.45 -60.92 81.81
CA ALA NB 67 -57.25 -62.13 81.79
C ALA NB 67 -58.34 -61.98 80.74
N ASN NB 68 -58.61 -63.06 80.01
CA ASN NB 68 -59.61 -63.02 78.96
C ASN NB 68 -60.42 -64.31 79.00
N LEU NB 69 -61.74 -64.17 79.07
CA LEU NB 69 -62.66 -65.30 79.03
C LEU NB 69 -63.53 -65.16 77.79
N ARG NB 70 -63.40 -66.12 76.86
CA ARG NB 70 -63.96 -66.02 75.52
C ARG NB 70 -64.89 -67.20 75.26
N LYS NB 71 -65.94 -66.93 74.48
CA LYS NB 71 -66.74 -67.97 73.86
C LYS NB 71 -66.94 -67.59 72.40
N VAL NB 72 -66.56 -68.49 71.49
CA VAL NB 72 -66.73 -68.28 70.06
C VAL NB 72 -68.06 -68.86 69.63
N VAL NB 73 -68.74 -68.20 68.70
CA VAL NB 73 -69.99 -68.68 68.16
C VAL NB 73 -69.96 -68.51 66.65
N LEU NB 74 -70.52 -69.49 65.95
CA LEU NB 74 -70.55 -69.50 64.50
C LEU NB 74 -71.88 -68.98 63.97
N ASP NB 75 -71.83 -68.21 62.88
CA ASP NB 75 -73.06 -67.74 62.25
C ASP NB 75 -73.85 -68.90 61.67
N GLU NB 76 -75.18 -68.82 61.79
CA GLU NB 76 -76.02 -69.91 61.34
C GLU NB 76 -75.86 -70.15 59.84
N LYS NB 77 -75.82 -69.08 59.06
CA LYS NB 77 -75.74 -69.20 57.61
C LYS NB 77 -74.29 -69.23 57.13
N THR NB 78 -73.53 -68.19 57.46
CA THR NB 78 -72.18 -68.04 56.90
C THR NB 78 -71.13 -68.88 57.60
N ASN NB 79 -71.41 -69.40 58.79
CA ASN NB 79 -70.46 -70.14 59.61
C ASN NB 79 -69.21 -69.32 59.94
N LEU NB 80 -69.26 -68.01 59.75
CA LEU NB 80 -68.18 -67.13 60.17
C LEU NB 80 -68.21 -67.01 61.69
N PRO NB 81 -67.06 -67.05 62.33
CA PRO NB 81 -67.03 -66.99 63.79
C PRO NB 81 -66.99 -65.56 64.28
N SER NB 82 -67.83 -65.24 65.26
CA SER NB 82 -67.62 -64.04 66.05
C SER NB 82 -67.56 -64.46 67.52
N THR NB 83 -66.80 -63.71 68.31
CA THR NB 83 -66.47 -64.13 69.66
C THR NB 83 -66.91 -63.09 70.67
N GLY NB 84 -67.48 -63.56 71.78
CA GLY NB 84 -67.88 -62.73 72.90
C GLY NB 84 -66.93 -62.94 74.06
N SER NB 85 -66.61 -61.86 74.78
CA SER NB 85 -65.49 -61.97 75.71
C SER NB 85 -65.61 -60.98 76.86
N VAL NB 86 -65.24 -61.45 78.05
CA VAL NB 86 -65.03 -60.60 79.21
C VAL NB 86 -63.54 -60.59 79.51
N THR NB 87 -62.93 -59.41 79.48
CA THR NB 87 -61.51 -59.29 79.71
C THR NB 87 -61.23 -58.31 80.86
N ILE NB 88 -60.23 -58.65 81.67
CA ILE NB 88 -59.93 -57.94 82.92
C ILE NB 88 -58.46 -57.55 82.90
N GLN NB 89 -58.18 -56.31 83.30
CA GLN NB 89 -56.83 -55.83 83.57
C GLN NB 89 -56.74 -55.34 85.01
N VAL NB 90 -55.83 -55.92 85.77
CA VAL NB 90 -55.55 -55.52 87.14
C VAL NB 90 -54.20 -54.81 87.16
N SER NB 91 -54.17 -53.59 87.70
CA SER NB 91 -52.96 -52.79 87.79
C SER NB 91 -52.67 -52.53 89.26
N ILE NB 92 -51.58 -53.13 89.74
CA ILE NB 92 -51.17 -53.13 91.15
C ILE NB 92 -49.93 -52.25 91.29
N PRO NB 93 -50.03 -51.10 91.95
CA PRO NB 93 -48.84 -50.27 92.15
C PRO NB 93 -47.85 -50.90 93.12
N ARG NB 94 -46.64 -50.35 93.11
CA ARG NB 94 -45.56 -50.86 93.95
C ARG NB 94 -45.20 -49.96 95.12
N ASN NB 95 -45.77 -48.77 95.20
CA ASN NB 95 -45.63 -47.95 96.39
C ASN NB 95 -46.11 -48.74 97.60
N PRO NB 96 -45.30 -48.86 98.68
CA PRO NB 96 -45.72 -49.66 99.84
C PRO NB 96 -47.02 -49.20 100.45
N ALA NB 97 -47.52 -48.05 100.03
CA ALA NB 97 -48.82 -47.57 100.46
C ALA NB 97 -49.98 -48.29 99.78
N TRP NB 98 -49.69 -49.32 98.98
CA TRP NB 98 -50.69 -50.19 98.40
C TRP NB 98 -50.63 -51.56 99.07
N ASN NB 99 -51.76 -52.28 99.09
CA ASN NB 99 -51.84 -53.58 99.71
C ASN NB 99 -52.50 -54.60 98.81
N ALA NB 100 -52.07 -55.85 98.98
CA ALA NB 100 -52.84 -56.95 98.41
C ALA NB 100 -54.30 -56.88 98.87
N SER NB 101 -54.54 -56.38 100.09
CA SER NB 101 -55.91 -56.23 100.55
C SER NB 101 -56.68 -55.25 99.67
N MET NB 102 -56.00 -54.21 99.21
CA MET NB 102 -56.65 -53.24 98.33
C MET NB 102 -56.91 -53.84 96.95
N THR NB 103 -55.95 -54.62 96.45
CA THR NB 103 -56.17 -55.36 95.21
C THR NB 103 -57.40 -56.26 95.31
N VAL NB 104 -57.46 -57.05 96.37
CA VAL NB 104 -58.58 -57.98 96.56
C VAL NB 104 -59.89 -57.21 96.72
N SER NB 105 -59.84 -56.06 97.40
CA SER NB 105 -61.04 -55.27 97.58
C SER NB 105 -61.58 -54.79 96.25
N LEU NB 106 -60.71 -54.31 95.37
CA LEU NB 106 -61.16 -53.91 94.04
C LEU NB 106 -61.71 -55.10 93.26
N LEU NB 107 -61.06 -56.26 93.36
CA LEU NB 107 -61.58 -57.44 92.66
C LEU NB 107 -62.98 -57.79 93.14
N LYS NB 108 -63.17 -57.81 94.46
CA LYS NB 108 -64.48 -58.17 95.02
C LYS NB 108 -65.55 -57.15 94.63
N GLN NB 109 -65.19 -55.87 94.62
CA GLN NB 109 -66.16 -54.84 94.24
C GLN NB 109 -66.54 -54.96 92.77
N ALA NB 110 -65.56 -55.22 91.91
CA ALA NB 110 -65.88 -55.44 90.50
C ALA NB 110 -66.78 -56.65 90.33
N ALA NB 111 -66.50 -57.73 91.06
CA ALA NB 111 -67.37 -58.90 91.01
C ALA NB 111 -68.78 -58.56 91.44
N ASP NB 112 -68.93 -57.77 92.51
CA ASP NB 112 -70.26 -57.39 92.95
C ASP NB 112 -70.97 -56.53 91.91
N TYR NB 113 -70.26 -55.57 91.32
CA TYR NB 113 -70.94 -54.57 90.50
C TYR NB 113 -71.21 -55.04 89.08
N LEU NB 114 -70.35 -55.88 88.51
CA LEU NB 114 -70.57 -56.35 87.15
C LEU NB 114 -71.09 -57.77 87.06
N ALA NB 115 -70.89 -58.59 88.09
CA ALA NB 115 -71.40 -59.95 88.09
C ALA NB 115 -72.45 -60.21 89.16
N GLY NB 116 -72.53 -59.39 90.19
CA GLY NB 116 -73.51 -59.59 91.25
C GLY NB 116 -73.27 -60.86 92.05
N THR NB 117 -72.04 -61.06 92.53
CA THR NB 117 -71.67 -62.29 93.21
C THR NB 117 -71.03 -62.07 94.58
N SER NB 118 -70.99 -60.84 95.08
CA SER NB 118 -70.38 -60.56 96.38
C SER NB 118 -70.97 -61.43 97.50
N ALA NB 119 -70.18 -61.59 98.56
CA ALA NB 119 -70.65 -62.24 99.78
C ALA NB 119 -71.72 -61.38 100.46
N THR NB 120 -72.43 -61.99 101.40
CA THR NB 120 -73.54 -61.31 102.05
C THR NB 120 -73.04 -60.45 103.21
N VAL NB 121 -73.44 -59.17 103.19
CA VAL NB 121 -73.13 -58.20 104.24
C VAL NB 121 -74.37 -57.34 104.44
N SER NB 122 -74.67 -57.03 105.69
CA SER NB 122 -75.81 -56.19 106.02
C SER NB 122 -75.69 -54.84 105.33
N GLY NB 123 -76.74 -54.44 104.63
CA GLY NB 123 -76.76 -53.16 103.95
C GLY NB 123 -76.18 -53.14 102.56
N GLN NB 124 -75.86 -54.29 101.98
CA GLN NB 124 -75.25 -54.28 100.66
C GLN NB 124 -76.35 -54.03 99.64
N THR NB 125 -76.01 -53.40 98.53
CA THR NB 125 -77.02 -53.24 97.50
C THR NB 125 -77.21 -54.56 96.75
N ASP NB 126 -78.46 -54.82 96.38
CA ASP NB 126 -78.80 -56.05 95.67
C ASP NB 126 -78.31 -55.95 94.25
N THR NB 127 -77.29 -56.73 93.93
CA THR NB 127 -76.64 -56.70 92.63
C THR NB 127 -77.01 -57.91 91.79
N SER NB 128 -78.00 -58.69 92.21
CA SER NB 128 -78.32 -59.93 91.53
C SER NB 128 -78.72 -59.69 90.07
N GLY NB 129 -79.48 -58.63 89.81
CA GLY NB 129 -79.93 -58.35 88.47
C GLY NB 129 -78.97 -57.52 87.64
N PHE NB 130 -77.88 -57.07 88.25
CA PHE NB 130 -76.93 -56.25 87.53
C PHE NB 130 -76.31 -56.95 86.32
N PRO NB 131 -75.88 -58.22 86.39
CA PRO NB 131 -75.35 -58.83 85.17
C PRO NB 131 -76.36 -58.86 84.03
N ALA NB 132 -77.63 -59.11 84.34
CA ALA NB 132 -78.66 -59.04 83.32
C ALA NB 132 -78.74 -57.64 82.72
N LYS NB 133 -78.78 -56.61 83.58
CA LYS NB 133 -78.85 -55.25 83.06
C LYS NB 133 -77.64 -54.90 82.21
N TRP NB 134 -76.45 -55.37 82.61
CA TRP NB 134 -75.26 -55.12 81.80
C TRP NB 134 -75.38 -55.79 80.45
N ALA NB 135 -75.76 -57.07 80.44
CA ALA NB 135 -75.92 -57.79 79.18
C ALA NB 135 -76.92 -57.12 78.27
N GLY NB 136 -77.87 -56.39 78.86
CA GLY NB 136 -78.76 -55.55 78.07
C GLY NB 136 -78.25 -54.17 77.74
N LEU NB 137 -77.00 -53.85 78.09
CA LEU NB 137 -76.43 -52.51 77.92
C LEU NB 137 -77.27 -51.46 78.64
N MET NB 138 -77.49 -51.68 79.93
CA MET NB 138 -78.23 -50.77 80.78
C MET NB 138 -77.46 -50.56 82.06
N PHE NB 139 -77.23 -49.31 82.43
CA PHE NB 139 -76.55 -49.05 83.69
C PHE NB 139 -77.43 -49.48 84.85
N PRO NB 140 -76.88 -50.20 85.84
CA PRO NB 140 -77.60 -50.63 87.05
C PRO NB 140 -78.12 -49.45 87.84
N ALA OB 1 12.48 -94.27 -84.34
CA ALA OB 1 11.08 -94.66 -84.19
C ALA OB 1 10.46 -95.05 -85.53
N ALA OB 2 9.51 -95.98 -85.48
CA ALA OB 2 8.81 -96.41 -86.69
C ALA OB 2 7.96 -95.27 -87.24
N PRO OB 3 7.89 -95.12 -88.56
CA PRO OB 3 7.12 -94.01 -89.13
C PRO OB 3 5.62 -94.21 -89.03
N SER OB 4 5.16 -95.45 -88.96
CA SER OB 4 3.73 -95.73 -88.91
C SER OB 4 3.51 -97.11 -88.31
N LEU OB 5 2.30 -97.32 -87.82
CA LEU OB 5 1.95 -98.52 -87.09
C LEU OB 5 0.53 -98.96 -87.47
N ALA OB 6 0.34 -100.27 -87.55
CA ALA OB 6 -0.98 -100.86 -87.72
C ALA OB 6 -1.18 -101.80 -86.53
N LEU OB 7 -1.79 -101.29 -85.47
CA LEU OB 7 -1.96 -102.07 -84.25
C LEU OB 7 -3.32 -102.75 -84.27
N VAL OB 8 -3.42 -103.87 -83.57
CA VAL OB 8 -4.68 -104.60 -83.50
C VAL OB 8 -5.47 -104.13 -82.29
N GLY OB 9 -6.73 -103.75 -82.51
CA GLY OB 9 -7.68 -103.43 -81.47
C GLY OB 9 -8.99 -104.13 -81.73
N ALA OB 10 -10.08 -103.54 -81.22
CA ALA OB 10 -11.40 -104.15 -81.32
C ALA OB 10 -12.43 -103.12 -81.76
N ASN OB 11 -13.37 -103.55 -82.59
CA ASN OB 11 -14.49 -102.72 -83.04
C ASN OB 11 -15.62 -102.84 -82.03
N SER OB 12 -16.81 -102.35 -82.40
CA SER OB 12 -17.96 -102.45 -81.52
C SER OB 12 -18.39 -103.89 -81.28
N THR OB 13 -18.11 -104.79 -82.23
CA THR OB 13 -18.37 -106.22 -82.09
C THR OB 13 -17.31 -106.92 -81.24
N LEU OB 14 -16.21 -106.23 -80.92
CA LEU OB 14 -15.01 -106.79 -80.31
C LEU OB 14 -14.25 -107.74 -81.24
N ALA OB 15 -14.52 -107.66 -82.54
CA ALA OB 15 -13.72 -108.37 -83.51
C ALA OB 15 -12.39 -107.64 -83.73
N SER OB 16 -11.35 -108.41 -84.02
CA SER OB 16 -10.01 -107.83 -84.18
C SER OB 16 -9.98 -106.93 -85.41
N THR OB 17 -9.64 -105.66 -85.20
CA THR OB 17 -9.65 -104.64 -86.24
C THR OB 17 -8.34 -103.89 -86.22
N LEU OB 18 -7.84 -103.50 -87.39
CA LEU OB 18 -6.66 -102.66 -87.41
C LEU OB 18 -6.98 -101.24 -87.02
N VAL OB 19 -6.02 -100.60 -86.36
CA VAL OB 19 -6.07 -99.19 -86.03
C VAL OB 19 -4.72 -98.59 -86.40
N ASN OB 20 -4.75 -97.55 -87.23
CA ASN OB 20 -3.58 -97.05 -87.92
C ASN OB 20 -3.09 -95.78 -87.24
N TYR OB 21 -1.82 -95.80 -86.84
CA TYR OB 21 -1.15 -94.63 -86.29
C TYR OB 21 -0.02 -94.23 -87.21
N SER OB 22 0.31 -92.94 -87.20
CA SER OB 22 1.46 -92.42 -87.93
C SER OB 22 2.22 -91.47 -87.02
N LEU OB 23 3.53 -91.40 -87.24
CA LEU OB 23 4.41 -90.64 -86.36
C LEU OB 23 4.15 -89.15 -86.51
N ARG OB 24 3.60 -88.54 -85.46
CA ARG OB 24 3.50 -87.09 -85.41
C ARG OB 24 4.88 -86.47 -85.17
N SER OB 25 5.53 -86.83 -84.06
CA SER OB 25 6.81 -86.17 -83.80
C SER OB 25 7.67 -87.04 -82.89
N GLN OB 26 8.97 -87.02 -83.15
CA GLN OB 26 9.95 -87.61 -82.23
C GLN OB 26 10.74 -86.48 -81.58
N ASN OB 27 10.59 -86.35 -80.28
CA ASN OB 27 11.48 -85.60 -79.43
C ASN OB 27 12.53 -86.57 -78.87
N GLY OB 28 13.57 -86.03 -78.24
CA GLY OB 28 14.62 -86.87 -77.72
C GLY OB 28 14.12 -87.84 -76.66
N ASN OB 29 14.17 -89.14 -76.97
CA ASN OB 29 13.62 -90.18 -76.09
C ASN OB 29 12.13 -89.98 -75.85
N ASN OB 30 11.43 -89.46 -76.85
CA ASN OB 30 9.99 -89.26 -76.72
C ASN OB 30 9.36 -89.36 -78.11
N VAL OB 31 8.22 -90.03 -78.19
CA VAL OB 31 7.59 -90.31 -79.47
C VAL OB 31 6.09 -90.08 -79.34
N ASP OB 32 5.51 -89.38 -80.33
CA ASP OB 32 4.08 -89.09 -80.38
C ASP OB 32 3.52 -89.56 -81.72
N TYR OB 33 2.57 -90.49 -81.65
CA TYR OB 33 1.83 -91.02 -82.80
C TYR OB 33 0.38 -90.56 -82.74
N VAL OB 34 -0.24 -90.45 -83.92
CA VAL OB 34 -1.62 -90.02 -84.08
C VAL OB 34 -2.36 -91.02 -84.94
N CYS OB 35 -3.64 -91.27 -84.60
CA CYS OB 35 -4.44 -92.20 -85.37
C CYS OB 35 -4.90 -91.56 -86.68
N THR OB 36 -4.71 -92.29 -87.78
CA THR OB 36 -5.01 -91.81 -89.13
C THR OB 36 -6.32 -92.35 -89.67
N ASP OB 37 -7.11 -93.02 -88.84
CA ASP OB 37 -8.40 -93.54 -89.26
C ASP OB 37 -9.43 -92.41 -89.27
N PRO OB 38 -10.60 -92.64 -89.88
CA PRO OB 38 -11.71 -91.69 -89.70
C PRO OB 38 -12.22 -91.61 -88.26
N ASP OB 39 -11.89 -92.60 -87.41
CA ASP OB 39 -12.31 -92.58 -86.01
C ASP OB 39 -11.77 -91.37 -85.27
N SER OB 40 -10.51 -91.04 -85.50
CA SER OB 40 -9.90 -89.89 -84.85
C SER OB 40 -9.94 -88.70 -85.79
N THR OB 41 -10.23 -87.55 -85.20
CA THR OB 41 -10.12 -86.24 -85.83
C THR OB 41 -9.27 -85.37 -84.91
N LEU OB 42 -8.88 -84.20 -85.41
CA LEU OB 42 -8.13 -83.29 -84.54
C LEU OB 42 -8.95 -82.94 -83.30
N SER OB 43 -10.27 -82.83 -83.44
CA SER OB 43 -11.11 -82.45 -82.31
C SER OB 43 -11.17 -83.57 -81.27
N ALA OB 44 -11.23 -84.83 -81.71
CA ALA OB 44 -11.30 -85.97 -80.80
C ALA OB 44 -10.34 -87.05 -81.31
N PRO OB 45 -9.05 -86.92 -80.99
CA PRO OB 45 -8.04 -87.77 -81.61
C PRO OB 45 -7.79 -89.07 -80.84
N GLY OB 46 -7.13 -89.99 -81.53
CA GLY OB 46 -6.51 -91.14 -80.91
C GLY OB 46 -5.00 -90.94 -80.94
N LEU OB 47 -4.36 -91.19 -79.80
CA LEU OB 47 -2.99 -90.74 -79.62
C LEU OB 47 -2.17 -91.81 -78.91
N ILE OB 48 -0.86 -91.81 -79.19
CA ILE OB 48 0.09 -92.67 -78.48
C ILE OB 48 1.30 -91.82 -78.12
N ASN OB 49 1.83 -92.05 -76.92
CA ASN OB 49 3.00 -91.35 -76.40
C ASN OB 49 3.92 -92.37 -75.73
N ALA OB 50 5.23 -92.26 -76.00
CA ALA OB 50 6.22 -93.16 -75.42
C ALA OB 50 7.47 -92.38 -74.99
N LYS OB 51 7.88 -92.57 -73.74
CA LYS OB 51 8.95 -91.80 -73.12
C LYS OB 51 9.94 -92.74 -72.45
N PHE OB 52 11.19 -92.26 -72.34
CA PHE OB 52 12.28 -93.01 -71.71
C PHE OB 52 12.93 -92.16 -70.62
N ASP OB 53 12.74 -92.55 -69.37
CA ASP OB 53 13.45 -91.98 -68.23
C ASP OB 53 14.70 -92.81 -68.01
N ILE OB 54 15.80 -92.38 -68.61
CA ILE OB 54 17.08 -93.10 -68.53
C ILE OB 54 18.00 -92.32 -67.61
N LYS OB 55 18.42 -92.96 -66.52
CA LYS OB 55 19.27 -92.30 -65.56
C LYS OB 55 20.70 -92.23 -66.09
N ALA OB 56 21.50 -91.36 -65.47
CA ALA OB 56 22.90 -91.22 -65.85
C ALA OB 56 23.61 -92.57 -65.77
N PRO OB 57 24.59 -92.82 -66.65
CA PRO OB 57 25.23 -94.14 -66.65
C PRO OB 57 25.96 -94.48 -65.36
N GLY OB 58 26.53 -93.48 -64.67
CA GLY OB 58 27.16 -93.76 -63.40
C GLY OB 58 26.18 -94.15 -62.31
N ILE OB 59 25.02 -93.48 -62.28
CA ILE OB 59 24.04 -93.67 -61.21
C ILE OB 59 23.33 -95.01 -61.39
N THR OB 60 23.14 -95.74 -60.28
CA THR OB 60 22.26 -96.89 -60.26
C THR OB 60 20.86 -96.47 -59.84
N GLY OB 61 19.88 -96.97 -60.55
CA GLY OB 61 18.48 -96.76 -60.21
C GLY OB 61 17.66 -97.71 -61.04
N ASN OB 62 16.45 -97.29 -61.37
CA ASN OB 62 15.62 -98.00 -62.34
C ASN OB 62 15.49 -97.11 -63.57
N ASP OB 63 15.70 -97.71 -64.74
CA ASP OB 63 15.30 -97.06 -65.98
C ASP OB 63 13.80 -97.26 -66.16
N ARG OB 64 13.15 -96.28 -66.81
CA ARG OB 64 11.69 -96.31 -66.90
C ARG OB 64 11.21 -96.06 -68.32
N ILE OB 65 10.12 -96.74 -68.68
CA ILE OB 65 9.42 -96.55 -69.94
C ILE OB 65 8.00 -96.11 -69.60
N HIS OB 66 7.54 -95.04 -70.24
CA HIS OB 66 6.18 -94.54 -70.04
C HIS OB 66 5.44 -94.56 -71.36
N ALA OB 67 4.37 -95.34 -71.44
CA ALA OB 67 3.55 -95.42 -72.63
C ALA OB 67 2.12 -95.02 -72.31
N ASN OB 68 1.47 -94.40 -73.28
CA ASN OB 68 0.11 -93.90 -73.09
C ASN OB 68 -0.64 -94.02 -74.40
N LEU OB 69 -1.77 -94.74 -74.38
CA LEU OB 69 -2.64 -94.90 -75.53
C LEU OB 69 -4.00 -94.32 -75.19
N ARG OB 70 -4.41 -93.27 -75.92
CA ARG OB 70 -5.56 -92.46 -75.59
C ARG OB 70 -6.56 -92.47 -76.75
N LYS OB 71 -7.84 -92.35 -76.41
CA LYS OB 71 -8.89 -92.03 -77.36
C LYS OB 71 -9.78 -90.96 -76.74
N VAL OB 72 -9.91 -89.82 -77.40
CA VAL OB 72 -10.76 -88.74 -76.95
C VAL OB 72 -12.15 -88.94 -77.56
N VAL OB 73 -13.19 -88.65 -76.80
CA VAL OB 73 -14.55 -88.74 -77.29
C VAL OB 73 -15.29 -87.48 -76.88
N LEU OB 74 -16.21 -87.04 -77.75
CA LEU OB 74 -17.00 -85.84 -77.51
C LEU OB 74 -18.40 -86.21 -77.03
N ASP OB 75 -18.90 -85.45 -76.06
CA ASP OB 75 -20.27 -85.65 -75.60
C ASP OB 75 -21.24 -85.26 -76.71
N GLU OB 76 -22.27 -86.09 -76.91
CA GLU OB 76 -23.27 -85.76 -77.92
C GLU OB 76 -23.94 -84.43 -77.62
N LYS OB 77 -24.32 -84.21 -76.36
CA LYS OB 77 -25.08 -83.01 -76.02
C LYS OB 77 -24.18 -81.78 -75.90
N THR OB 78 -23.04 -81.88 -75.21
CA THR OB 78 -22.23 -80.70 -74.92
C THR OB 78 -20.97 -80.56 -75.77
N ASN OB 79 -20.62 -81.57 -76.56
CA ASN OB 79 -19.37 -81.61 -77.33
C ASN OB 79 -18.14 -81.41 -76.45
N LEU OB 80 -18.28 -81.55 -75.14
CA LEU OB 80 -17.14 -81.50 -74.24
C LEU OB 80 -16.34 -82.79 -74.36
N PRO OB 81 -15.03 -82.71 -74.39
CA PRO OB 81 -14.23 -83.90 -74.58
C PRO OB 81 -13.89 -84.58 -73.27
N SER OB 82 -14.09 -85.89 -73.20
CA SER OB 82 -13.50 -86.68 -72.15
C SER OB 82 -12.73 -87.83 -72.82
N THR OB 83 -11.65 -88.25 -72.16
CA THR OB 83 -10.70 -89.14 -72.80
C THR OB 83 -10.58 -90.45 -72.00
N GLY OB 84 -10.36 -91.53 -72.73
CA GLY OB 84 -10.13 -92.84 -72.14
C GLY OB 84 -8.74 -93.32 -72.52
N SER OB 85 -8.05 -93.95 -71.56
CA SER OB 85 -6.63 -94.19 -71.79
C SER OB 85 -6.12 -95.44 -71.09
N VAL OB 86 -5.12 -96.05 -71.69
CA VAL OB 86 -4.32 -97.10 -71.05
C VAL OB 86 -2.89 -96.62 -70.98
N THR OB 87 -2.37 -96.52 -69.76
CA THR OB 87 -0.99 -96.09 -69.53
C THR OB 87 -0.20 -97.24 -68.92
N ILE OB 88 1.09 -97.30 -69.27
CA ILE OB 88 1.97 -98.39 -68.91
C ILE OB 88 3.29 -97.81 -68.44
N GLN OB 89 3.80 -98.32 -67.33
CA GLN OB 89 5.09 -97.89 -66.83
C GLN OB 89 5.93 -99.14 -66.61
N VAL OB 90 7.07 -99.21 -67.28
CA VAL OB 90 7.99 -100.33 -67.16
C VAL OB 90 9.20 -99.82 -66.38
N SER OB 91 9.49 -100.44 -65.24
CA SER OB 91 10.63 -100.09 -64.39
C SER OB 91 11.61 -101.24 -64.41
N ILE OB 92 12.76 -101.02 -65.06
CA ILE OB 92 13.79 -102.02 -65.30
C ILE OB 92 14.99 -101.68 -64.40
N PRO OB 93 15.39 -102.56 -63.49
CA PRO OB 93 16.55 -102.27 -62.65
C PRO OB 93 17.89 -102.43 -63.37
N ARG OB 94 18.86 -101.66 -62.92
CA ARG OB 94 20.19 -101.63 -63.51
C ARG OB 94 21.15 -102.65 -62.91
N ASN OB 95 20.64 -103.70 -62.30
CA ASN OB 95 21.45 -104.78 -61.74
C ASN OB 95 21.58 -105.91 -62.74
N PRO OB 96 22.80 -106.39 -63.04
CA PRO OB 96 22.94 -107.51 -64.00
C PRO OB 96 22.13 -108.74 -63.64
N ALA OB 97 21.65 -108.84 -62.39
CA ALA OB 97 20.78 -109.93 -62.02
C ALA OB 97 19.41 -109.85 -62.68
N TRP OB 98 19.11 -108.75 -63.38
CA TRP OB 98 17.91 -108.60 -64.18
C TRP OB 98 18.31 -108.57 -65.65
N ASN OB 99 17.43 -109.04 -66.52
CA ASN OB 99 17.75 -109.02 -67.94
C ASN OB 99 16.50 -108.82 -68.79
N ALA OB 100 16.76 -108.67 -70.09
CA ALA OB 100 15.69 -108.35 -71.02
C ALA OB 100 14.66 -109.48 -71.08
N SER OB 101 15.09 -110.73 -70.87
CA SER OB 101 14.13 -111.82 -70.86
C SER OB 101 13.10 -111.61 -69.76
N MET OB 102 13.54 -111.09 -68.61
CA MET OB 102 12.61 -110.83 -67.51
C MET OB 102 11.72 -109.64 -67.81
N THR OB 103 12.28 -108.58 -68.42
CA THR OB 103 11.44 -107.46 -68.87
C THR OB 103 10.33 -107.96 -69.80
N VAL OB 104 10.71 -108.75 -70.80
CA VAL OB 104 9.75 -109.26 -71.78
C VAL OB 104 8.75 -110.19 -71.09
N SER OB 105 9.20 -110.98 -70.12
CA SER OB 105 8.29 -111.88 -69.43
C SER OB 105 7.21 -111.09 -68.70
N LEU OB 106 7.59 -110.01 -68.02
CA LEU OB 106 6.57 -109.17 -67.37
C LEU OB 106 5.62 -108.57 -68.40
N LEU OB 107 6.15 -108.10 -69.52
CA LEU OB 107 5.28 -107.54 -70.56
C LEU OB 107 4.28 -108.58 -71.05
N LYS OB 108 4.75 -109.79 -71.34
CA LYS OB 108 3.88 -110.84 -71.85
C LYS OB 108 2.82 -111.23 -70.83
N GLN OB 109 3.19 -111.30 -69.55
CA GLN OB 109 2.22 -111.68 -68.53
C GLN OB 109 1.16 -110.61 -68.37
N ALA OB 110 1.57 -109.33 -68.38
CA ALA OB 110 0.59 -108.25 -68.32
C ALA OB 110 -0.35 -108.30 -69.51
N ALA OB 111 0.19 -108.58 -70.70
CA ALA OB 111 -0.66 -108.71 -71.88
C ALA OB 111 -1.67 -109.83 -71.71
N ASP OB 112 -1.20 -111.01 -71.26
CA ASP OB 112 -2.12 -112.11 -71.03
C ASP OB 112 -3.21 -111.75 -70.02
N TYR OB 113 -2.84 -111.11 -68.93
CA TYR OB 113 -3.78 -110.96 -67.82
C TYR OB 113 -4.74 -109.80 -68.01
N LEU OB 114 -4.35 -108.74 -68.74
CA LEU OB 114 -5.26 -107.61 -68.93
C LEU OB 114 -5.84 -107.51 -70.33
N ALA OB 115 -5.20 -108.07 -71.34
CA ALA OB 115 -5.75 -108.05 -72.69
C ALA OB 115 -6.12 -109.43 -73.21
N GLY OB 116 -5.62 -110.49 -72.58
CA GLY OB 116 -5.93 -111.84 -73.01
C GLY OB 116 -5.41 -112.15 -74.39
N THR OB 117 -4.11 -111.89 -74.63
CA THR OB 117 -3.52 -112.06 -75.95
C THR OB 117 -2.26 -112.91 -75.95
N SER OB 118 -1.95 -113.62 -74.86
CA SER OB 118 -0.77 -114.48 -74.82
C SER OB 118 -0.77 -115.52 -75.94
N ALA OB 119 0.42 -116.03 -76.23
CA ALA OB 119 0.59 -117.14 -77.15
C ALA OB 119 0.03 -118.43 -76.55
N THR OB 120 -0.33 -119.37 -77.41
CA THR OB 120 -0.93 -120.61 -76.94
C THR OB 120 0.14 -121.48 -76.27
N VAL OB 121 -0.12 -121.86 -75.03
CA VAL OB 121 0.76 -122.69 -74.21
C VAL OB 121 -0.12 -123.59 -73.36
N SER OB 122 0.16 -124.89 -73.36
CA SER OB 122 -0.74 -125.82 -72.70
C SER OB 122 -0.76 -125.56 -71.20
N GLY OB 123 -1.97 -125.56 -70.64
CA GLY OB 123 -2.16 -125.29 -69.23
C GLY OB 123 -2.38 -123.83 -68.88
N GLN OB 124 -2.34 -122.93 -69.86
CA GLN OB 124 -2.63 -121.53 -69.61
C GLN OB 124 -4.10 -121.35 -69.28
N THR OB 125 -4.38 -120.40 -68.38
CA THR OB 125 -5.77 -120.05 -68.15
C THR OB 125 -6.34 -119.30 -69.34
N ASP OB 126 -7.62 -119.52 -69.60
CA ASP OB 126 -8.31 -118.90 -70.74
C ASP OB 126 -8.57 -117.45 -70.37
N THR OB 127 -7.71 -116.57 -70.87
CA THR OB 127 -7.76 -115.15 -70.56
C THR OB 127 -8.56 -114.36 -71.59
N SER OB 128 -9.23 -115.04 -72.51
CA SER OB 128 -9.89 -114.35 -73.62
C SER OB 128 -10.96 -113.38 -73.13
N GLY OB 129 -11.69 -113.74 -72.07
CA GLY OB 129 -12.75 -112.88 -71.58
C GLY OB 129 -12.32 -111.86 -70.57
N PHE OB 130 -11.05 -111.92 -70.16
CA PHE OB 130 -10.57 -110.98 -69.15
C PHE OB 130 -10.68 -109.52 -69.57
N PRO OB 131 -10.34 -109.13 -70.80
CA PRO OB 131 -10.53 -107.70 -71.15
C PRO OB 131 -11.97 -107.24 -71.02
N ALA OB 132 -12.93 -108.10 -71.40
CA ALA OB 132 -14.33 -107.78 -71.18
C ALA OB 132 -14.61 -107.57 -69.69
N LYS OB 133 -14.16 -108.51 -68.85
CA LYS OB 133 -14.41 -108.36 -67.42
C LYS OB 133 -13.78 -107.09 -66.87
N TRP OB 134 -12.56 -106.77 -67.30
CA TRP OB 134 -11.91 -105.56 -66.82
C TRP OB 134 -12.71 -104.33 -67.23
N ALA OB 135 -13.12 -104.26 -68.51
CA ALA OB 135 -13.94 -103.15 -68.97
C ALA OB 135 -15.27 -103.06 -68.25
N GLY OB 136 -15.69 -104.13 -67.58
CA GLY OB 136 -16.83 -104.06 -66.70
C GLY OB 136 -16.51 -103.76 -65.25
N LEU OB 137 -15.26 -103.45 -64.91
CA LEU OB 137 -14.79 -103.32 -63.53
C LEU OB 137 -15.11 -104.55 -62.69
N MET OB 138 -14.70 -105.71 -63.22
CA MET OB 138 -14.87 -107.01 -62.57
C MET OB 138 -13.53 -107.73 -62.57
N PHE OB 139 -13.13 -108.25 -61.43
CA PHE OB 139 -11.91 -109.04 -61.40
C PHE OB 139 -12.12 -110.35 -62.14
N PRO OB 140 -11.19 -110.77 -63.00
CA PRO OB 140 -11.28 -112.04 -63.70
C PRO OB 140 -11.36 -113.21 -62.73
N ALA PB 1 20.69 -88.05 -89.02
CA ALA PB 1 21.80 -88.81 -88.46
C ALA PB 1 21.76 -90.27 -88.91
N ALA PB 2 22.93 -90.90 -88.95
CA ALA PB 2 23.01 -92.30 -89.37
C ALA PB 2 22.25 -93.19 -88.39
N PRO PB 3 21.40 -94.09 -88.87
CA PRO PB 3 20.62 -94.94 -87.95
C PRO PB 3 21.46 -95.95 -87.20
N SER PB 4 22.64 -96.30 -87.71
CA SER PB 4 23.49 -97.27 -87.03
C SER PB 4 24.93 -97.06 -87.47
N LEU PB 5 25.85 -97.52 -86.63
CA LEU PB 5 27.28 -97.31 -86.83
C LEU PB 5 28.05 -98.58 -86.48
N ALA PB 6 29.11 -98.83 -87.22
CA ALA PB 6 30.04 -99.93 -86.93
C ALA PB 6 31.42 -99.30 -86.83
N LEU PB 7 31.81 -98.96 -85.61
CA LEU PB 7 33.06 -98.24 -85.37
C LEU PB 7 34.16 -99.24 -85.01
N VAL PB 8 35.41 -98.84 -85.25
CA VAL PB 8 36.55 -99.70 -84.93
C VAL PB 8 37.08 -99.34 -83.56
N GLY PB 9 37.22 -100.35 -82.71
CA GLY PB 9 37.85 -100.22 -81.41
C GLY PB 9 38.85 -101.34 -81.22
N ALA PB 10 39.18 -101.65 -79.97
CA ALA PB 10 40.17 -102.67 -79.67
C ALA PB 10 39.61 -103.70 -78.71
N ASN PB 11 39.93 -104.97 -78.97
CA ASN PB 11 39.55 -106.06 -78.08
C ASN PB 11 40.52 -106.11 -76.90
N SER PB 12 40.44 -107.17 -76.09
CA SER PB 12 41.34 -107.30 -74.95
C SER PB 12 42.80 -107.40 -75.38
N THR PB 13 43.07 -107.78 -76.63
CA THR PB 13 44.43 -107.89 -77.15
C THR PB 13 44.84 -106.66 -77.94
N LEU PB 14 43.99 -105.66 -78.04
CA LEU PB 14 44.21 -104.43 -78.80
C LEU PB 14 44.14 -104.66 -80.30
N ALA PB 15 43.57 -105.77 -80.74
CA ALA PB 15 43.30 -105.98 -82.16
C ALA PB 15 42.07 -105.19 -82.58
N SER PB 16 42.09 -104.70 -83.81
CA SER PB 16 40.97 -103.91 -84.32
C SER PB 16 39.72 -104.78 -84.38
N THR PB 17 38.66 -104.32 -83.71
CA THR PB 17 37.41 -105.06 -83.60
C THR PB 17 36.24 -104.12 -83.81
N LEU PB 18 35.20 -104.58 -84.49
CA LEU PB 18 34.03 -103.73 -84.64
C LEU PB 18 33.26 -103.62 -83.33
N VAL PB 19 32.63 -102.45 -83.16
CA VAL PB 19 31.75 -102.13 -82.06
C VAL PB 19 30.52 -101.47 -82.65
N ASN PB 20 29.35 -102.05 -82.38
CA ASN PB 20 28.13 -101.72 -83.11
C ASN PB 20 27.25 -100.83 -82.25
N TYR PB 21 26.89 -99.67 -82.79
CA TYR PB 21 26.00 -98.74 -82.14
C TYR PB 21 24.75 -98.57 -83.00
N SER PB 22 23.64 -98.26 -82.34
CA SER PB 22 22.38 -97.95 -83.02
C SER PB 22 21.82 -96.67 -82.44
N LEU PB 23 21.13 -95.91 -83.28
CA LEU PB 23 20.62 -94.59 -82.92
C LEU PB 23 19.39 -94.75 -82.04
N ARG PB 24 19.50 -94.29 -80.78
CA ARG PB 24 18.38 -94.39 -79.86
C ARG PB 24 17.35 -93.29 -80.10
N SER PB 25 17.79 -92.03 -80.16
CA SER PB 25 16.88 -90.91 -80.41
C SER PB 25 17.69 -89.72 -80.91
N GLN PB 26 16.96 -88.66 -81.27
CA GLN PB 26 17.57 -87.40 -81.68
C GLN PB 26 16.75 -86.25 -81.09
N ASN PB 27 17.38 -85.45 -80.23
CA ASN PB 27 16.82 -84.28 -79.56
C ASN PB 27 17.34 -83.02 -80.26
N GLY PB 28 17.10 -81.86 -79.64
CA GLY PB 28 17.59 -80.60 -80.13
C GLY PB 28 19.10 -80.59 -80.22
N ASN PB 29 19.60 -80.58 -81.45
CA ASN PB 29 21.02 -80.45 -81.75
C ASN PB 29 21.85 -81.50 -81.04
N ASN PB 30 21.34 -82.74 -80.97
CA ASN PB 30 22.11 -83.81 -80.34
C ASN PB 30 21.66 -85.15 -80.91
N VAL PB 31 22.44 -86.17 -80.58
CA VAL PB 31 22.28 -87.52 -81.10
C VAL PB 31 22.75 -88.49 -80.03
N ASP PB 32 21.97 -89.56 -79.81
CA ASP PB 32 22.24 -90.55 -78.78
C ASP PB 32 22.30 -91.94 -79.40
N TYR PB 33 23.46 -92.59 -79.29
CA TYR PB 33 23.68 -93.95 -79.78
C TYR PB 33 23.95 -94.89 -78.62
N VAL PB 34 23.54 -96.15 -78.80
CA VAL PB 34 23.69 -97.20 -77.80
C VAL PB 34 24.38 -98.39 -78.43
N CYS PB 35 25.26 -99.05 -77.68
CA CYS PB 35 25.96 -100.21 -78.19
C CYS PB 35 25.02 -101.42 -78.19
N THR PB 36 25.01 -102.15 -79.30
CA THR PB 36 24.12 -103.29 -79.52
C THR PB 36 24.83 -104.63 -79.42
N ASP PB 37 26.10 -104.63 -79.01
CA ASP PB 37 26.84 -105.86 -78.85
C ASP PB 37 26.34 -106.61 -77.63
N PRO PB 38 26.71 -107.87 -77.47
CA PRO PB 38 26.30 -108.60 -76.25
C PRO PB 38 26.93 -108.07 -74.98
N ASP PB 39 28.15 -107.51 -75.04
CA ASP PB 39 28.84 -107.08 -73.82
C ASP PB 39 28.22 -105.84 -73.17
N SER PB 40 27.39 -105.09 -73.90
CA SER PB 40 26.71 -103.94 -73.33
C SER PB 40 25.27 -104.30 -72.99
N THR PB 41 24.88 -103.99 -71.77
CA THR PB 41 23.53 -104.20 -71.25
C THR PB 41 23.12 -102.94 -70.52
N LEU PB 42 21.85 -102.87 -70.10
CA LEU PB 42 21.40 -101.68 -69.40
C LEU PB 42 22.17 -101.49 -68.09
N SER PB 43 22.64 -102.58 -67.49
CA SER PB 43 23.42 -102.49 -66.26
C SER PB 43 24.77 -101.83 -66.52
N ALA PB 44 25.40 -102.13 -67.67
CA ALA PB 44 26.70 -101.57 -68.01
C ALA PB 44 26.77 -101.32 -69.51
N PRO PB 45 26.19 -100.21 -69.97
CA PRO PB 45 26.05 -99.96 -71.41
C PRO PB 45 27.28 -99.28 -72.01
N GLY PB 46 27.30 -99.28 -73.33
CA GLY PB 46 28.19 -98.43 -74.11
C GLY PB 46 27.36 -97.37 -74.83
N LEU PB 47 27.83 -96.12 -74.78
CA LEU PB 47 27.02 -95.00 -75.21
C LEU PB 47 27.85 -94.02 -76.01
N ILE PB 48 27.21 -93.34 -76.97
CA ILE PB 48 27.83 -92.24 -77.69
C ILE PB 48 26.82 -91.10 -77.77
N ASN PB 49 27.30 -89.87 -77.57
CA ASN PB 49 26.44 -88.70 -77.51
C ASN PB 49 27.11 -87.53 -78.23
N ALA PB 50 26.34 -86.82 -79.05
CA ALA PB 50 26.90 -85.69 -79.79
C ALA PB 50 25.93 -84.51 -79.74
N LYS PB 51 26.47 -83.29 -79.65
CA LYS PB 51 25.67 -82.09 -79.50
C LYS PB 51 26.35 -80.93 -80.23
N PHE PB 52 25.54 -80.04 -80.81
CA PHE PB 52 26.03 -78.82 -81.42
C PHE PB 52 25.57 -77.61 -80.61
N ASP PB 53 26.51 -76.74 -80.26
CA ASP PB 53 26.22 -75.40 -79.76
C ASP PB 53 26.49 -74.46 -80.93
N ILE PB 54 25.41 -73.99 -81.56
CA ILE PB 54 25.49 -73.24 -82.80
C ILE PB 54 25.15 -71.79 -82.51
N LYS PB 55 26.10 -70.90 -82.79
CA LYS PB 55 25.89 -69.49 -82.52
C LYS PB 55 25.15 -68.85 -83.69
N ALA PB 56 24.63 -67.64 -83.43
CA ALA PB 56 23.78 -66.95 -84.40
C ALA PB 56 24.53 -66.69 -85.70
N PRO PB 57 23.81 -66.47 -86.79
CA PRO PB 57 24.48 -66.17 -88.07
C PRO PB 57 25.35 -64.94 -87.95
N GLY PB 58 26.47 -64.96 -88.66
CA GLY PB 58 27.47 -63.92 -88.63
C GLY PB 58 28.84 -64.54 -88.64
N ILE PB 59 29.86 -63.71 -88.49
CA ILE PB 59 31.23 -64.20 -88.45
C ILE PB 59 31.87 -63.98 -87.09
N THR PB 60 31.09 -63.65 -86.07
CA THR PB 60 31.64 -63.23 -84.79
C THR PB 60 31.99 -64.40 -83.89
N GLY PB 61 31.16 -65.43 -83.86
CA GLY PB 61 31.17 -66.40 -82.78
C GLY PB 61 32.16 -67.55 -82.95
N ASN PB 62 31.96 -68.56 -82.10
CA ASN PB 62 32.65 -69.84 -82.12
C ASN PB 62 31.61 -70.94 -81.97
N ASP PB 63 31.39 -71.72 -83.02
CA ASP PB 63 30.53 -72.90 -82.95
C ASP PB 63 31.24 -74.00 -82.17
N ARG PB 64 30.47 -74.90 -81.55
CA ARG PB 64 31.06 -75.97 -80.76
C ARG PB 64 30.38 -77.30 -81.01
N ILE PB 65 31.17 -78.36 -81.01
CA ILE PB 65 30.73 -79.75 -81.12
C ILE PB 65 31.16 -80.45 -79.84
N HIS PB 66 30.23 -81.20 -79.25
CA HIS PB 66 30.49 -81.98 -78.04
C HIS PB 66 30.20 -83.44 -78.34
N ALA PB 67 31.22 -84.29 -78.26
CA ALA PB 67 31.06 -85.72 -78.41
C ALA PB 67 31.47 -86.40 -77.11
N ASN PB 68 30.87 -87.56 -76.85
CA ASN PB 68 31.13 -88.28 -75.62
C ASN PB 68 30.94 -89.76 -75.86
N LEU PB 69 32.00 -90.54 -75.69
CA LEU PB 69 31.98 -91.99 -75.87
C LEU PB 69 32.25 -92.63 -74.53
N ARG PB 70 31.27 -93.35 -74.00
CA ARG PB 70 31.34 -93.90 -72.65
C ARG PB 70 31.15 -95.41 -72.67
N LYS PB 71 31.74 -96.07 -71.69
CA LYS PB 71 31.48 -97.48 -71.40
C LYS PB 71 31.44 -97.68 -69.90
N VAL PB 72 30.38 -98.32 -69.42
CA VAL PB 72 30.21 -98.59 -67.99
C VAL PB 72 30.71 -99.99 -67.70
N VAL PB 73 31.34 -100.17 -66.55
CA VAL PB 73 31.84 -101.47 -66.13
C VAL PB 73 31.42 -101.70 -64.68
N LEU PB 74 31.22 -102.97 -64.33
CA LEU PB 74 30.80 -103.37 -63.00
C LEU PB 74 31.94 -104.06 -62.27
N ASP PB 75 32.09 -103.72 -60.98
CA ASP PB 75 33.12 -104.34 -60.14
C ASP PB 75 32.86 -105.84 -59.99
N GLU PB 76 33.91 -106.66 -60.16
CA GLU PB 76 33.74 -108.11 -59.98
C GLU PB 76 33.33 -108.46 -58.56
N LYS PB 77 33.66 -107.60 -57.59
CA LYS PB 77 33.38 -107.93 -56.20
C LYS PB 77 32.02 -107.40 -55.75
N THR PB 78 31.63 -106.23 -56.25
CA THR PB 78 30.44 -105.56 -55.74
C THR PB 78 29.40 -105.19 -56.79
N ASN PB 79 29.66 -105.46 -58.08
CA ASN PB 79 28.79 -105.00 -59.18
C ASN PB 79 28.56 -103.49 -59.12
N LEU PB 80 29.50 -102.75 -58.54
CA LEU PB 80 29.28 -101.31 -58.55
C LEU PB 80 29.79 -100.71 -59.85
N PRO PB 81 29.00 -99.80 -60.43
CA PRO PB 81 29.35 -99.26 -61.74
C PRO PB 81 30.36 -98.12 -61.63
N SER PB 82 31.35 -98.16 -62.50
CA SER PB 82 32.15 -96.97 -62.79
C SER PB 82 32.29 -96.88 -64.31
N THR PB 83 32.43 -95.65 -64.80
CA THR PB 83 32.39 -95.41 -66.24
C THR PB 83 33.73 -94.89 -66.72
N GLY PB 84 34.13 -95.35 -67.91
CA GLY PB 84 35.26 -94.79 -68.62
C GLY PB 84 34.73 -93.99 -69.80
N SER PB 85 35.41 -92.90 -70.12
CA SER PB 85 34.86 -92.03 -71.16
C SER PB 85 35.96 -91.27 -71.89
N VAL PB 86 35.71 -91.02 -73.17
CA VAL PB 86 36.49 -90.09 -73.98
C VAL PB 86 35.52 -89.03 -74.48
N THR PB 87 35.73 -87.79 -74.04
CA THR PB 87 34.92 -86.67 -74.45
C THR PB 87 35.75 -85.76 -75.36
N ILE PB 88 35.07 -85.13 -76.32
CA ILE PB 88 35.70 -84.32 -77.33
C ILE PB 88 34.92 -83.02 -77.46
N GLN PB 89 35.64 -81.91 -77.56
CA GLN PB 89 35.02 -80.61 -77.82
C GLN PB 89 35.76 -79.92 -78.95
N VAL PB 90 35.04 -79.66 -80.04
CA VAL PB 90 35.57 -78.96 -81.20
C VAL PB 90 35.01 -77.55 -81.16
N SER PB 91 35.88 -76.56 -81.31
CA SER PB 91 35.49 -75.16 -81.36
C SER PB 91 35.97 -74.58 -82.68
N ILE PB 92 35.01 -74.19 -83.52
CA ILE PB 92 35.19 -73.72 -84.89
C ILE PB 92 34.86 -72.23 -84.93
N PRO PB 93 35.83 -71.36 -85.16
CA PRO PB 93 35.52 -69.94 -85.31
C PRO PB 93 34.83 -69.65 -86.63
N ARG PB 94 34.08 -68.53 -86.62
CA ARG PB 94 33.31 -68.11 -87.79
C ARG PB 94 34.01 -67.02 -88.59
N ASN PB 95 35.07 -66.42 -88.05
CA ASN PB 95 35.93 -65.52 -88.81
C ASN PB 95 36.36 -66.20 -90.11
N PRO PB 96 36.07 -65.60 -91.27
CA PRO PB 96 36.36 -66.28 -92.55
C PRO PB 96 37.81 -66.64 -92.75
N ALA PB 97 38.68 -66.22 -91.85
CA ALA PB 97 40.06 -66.64 -91.85
C ALA PB 97 40.24 -68.09 -91.37
N TRP PB 98 39.16 -68.79 -91.08
CA TRP PB 98 39.18 -70.20 -90.69
C TRP PB 98 38.52 -71.04 -91.79
N ASN PB 99 38.89 -72.33 -91.84
CA ASN PB 99 38.39 -73.22 -92.87
C ASN PB 99 37.90 -74.53 -92.26
N ALA PB 100 36.91 -75.11 -92.95
CA ALA PB 100 36.59 -76.51 -92.68
C ALA PB 100 37.84 -77.37 -92.84
N SER PB 101 38.76 -77.00 -93.74
CA SER PB 101 40.01 -77.74 -93.87
C SER PB 101 40.82 -77.67 -92.58
N MET PB 102 40.81 -76.53 -91.92
CA MET PB 102 41.55 -76.39 -90.67
C MET PB 102 40.89 -77.20 -89.55
N THR PB 103 39.55 -77.20 -89.51
CA THR PB 103 38.85 -78.09 -88.59
C THR PB 103 39.25 -79.55 -88.79
N VAL PB 104 39.19 -80.01 -90.04
CA VAL PB 104 39.51 -81.40 -90.34
C VAL PB 104 40.96 -81.69 -89.99
N SER PB 105 41.85 -80.71 -90.23
CA SER PB 105 43.27 -80.93 -89.92
C SER PB 105 43.47 -81.13 -88.42
N LEU PB 106 42.81 -80.32 -87.60
CA LEU PB 106 42.90 -80.53 -86.16
C LEU PB 106 42.34 -81.88 -85.76
N LEU PB 107 41.22 -82.30 -86.37
CA LEU PB 107 40.66 -83.61 -86.03
C LEU PB 107 41.64 -84.72 -86.36
N LYS PB 108 42.24 -84.66 -87.56
CA LYS PB 108 43.18 -85.70 -87.98
C LYS PB 108 44.41 -85.73 -87.08
N GLN PB 109 44.90 -84.55 -86.69
CA GLN PB 109 46.08 -84.50 -85.83
C GLN PB 109 45.78 -85.07 -84.44
N ALA PB 110 44.63 -84.72 -83.87
CA ALA PB 110 44.24 -85.29 -82.60
C ALA PB 110 44.11 -86.81 -82.70
N ALA PB 111 43.54 -87.30 -83.81
CA ALA PB 111 43.42 -88.73 -84.01
C ALA PB 111 44.79 -89.39 -84.05
N ASP PB 112 45.72 -88.83 -84.82
CA ASP PB 112 47.07 -89.37 -84.88
C ASP PB 112 47.74 -89.36 -83.51
N TYR PB 113 47.57 -88.28 -82.74
CA TYR PB 113 48.37 -88.11 -81.54
C TYR PB 113 47.81 -88.85 -80.33
N LEU PB 114 46.49 -89.06 -80.27
CA LEU PB 114 45.91 -89.76 -79.13
C LEU PB 114 45.41 -91.16 -79.44
N ALA PB 115 45.13 -91.47 -80.71
CA ALA PB 115 44.71 -92.81 -81.10
C ALA PB 115 45.69 -93.50 -82.03
N GLY PB 116 46.60 -92.76 -82.67
CA GLY PB 116 47.56 -93.36 -83.58
C GLY PB 116 46.90 -94.00 -84.78
N THR PB 117 46.01 -93.28 -85.46
CA THR PB 117 45.23 -93.82 -86.57
C THR PB 117 45.37 -93.04 -87.87
N SER PB 118 46.24 -92.05 -87.93
CA SER PB 118 46.37 -91.22 -89.12
C SER PB 118 46.73 -92.04 -90.36
N ALA PB 119 46.50 -91.44 -91.52
CA ALA PB 119 46.92 -92.01 -92.80
C ALA PB 119 48.44 -91.98 -92.92
N THR PB 120 48.94 -92.64 -93.96
CA THR PB 120 50.37 -92.80 -94.14
C THR PB 120 50.95 -91.66 -94.98
N VAL PB 121 51.97 -90.98 -94.43
CA VAL PB 121 52.70 -89.91 -95.10
C VAL PB 121 54.18 -90.15 -94.83
N SER PB 122 55.03 -89.59 -95.70
CA SER PB 122 56.44 -89.94 -95.72
C SER PB 122 57.08 -89.81 -94.34
N GLY PB 123 57.19 -88.59 -93.83
CA GLY PB 123 58.00 -88.40 -92.65
C GLY PB 123 57.27 -88.48 -91.34
N GLN PB 124 56.14 -89.20 -91.30
CA GLN PB 124 55.28 -89.11 -90.14
C GLN PB 124 55.93 -89.83 -88.98
N THR PB 125 55.66 -89.38 -87.76
CA THR PB 125 56.17 -90.12 -86.62
C THR PB 125 55.26 -91.30 -86.34
N ASP PB 126 55.87 -92.37 -85.82
CA ASP PB 126 55.16 -93.60 -85.53
C ASP PB 126 54.33 -93.41 -84.27
N THR PB 127 53.02 -93.38 -84.44
CA THR PB 127 52.08 -93.11 -83.36
C THR PB 127 51.28 -94.34 -82.97
N SER PB 128 51.65 -95.51 -83.46
CA SER PB 128 50.88 -96.72 -83.20
C SER PB 128 50.84 -97.04 -81.71
N GLY PB 129 51.93 -96.79 -80.99
CA GLY PB 129 51.99 -97.11 -79.57
C GLY PB 129 51.49 -96.02 -78.66
N PHE PB 130 51.17 -94.86 -79.23
CA PHE PB 130 50.72 -93.76 -78.40
C PHE PB 130 49.45 -94.05 -77.61
N PRO PB 131 48.40 -94.69 -78.17
CA PRO PB 131 47.24 -95.00 -77.32
C PRO PB 131 47.59 -95.87 -76.13
N ALA PB 132 48.48 -96.84 -76.31
CA ALA PB 132 48.95 -97.65 -75.19
C ALA PB 132 49.64 -96.78 -74.15
N LYS PB 133 50.54 -95.90 -74.59
CA LYS PB 133 51.25 -95.05 -73.64
C LYS PB 133 50.29 -94.12 -72.89
N TRP PB 134 49.27 -93.59 -73.59
CA TRP PB 134 48.29 -92.77 -72.92
C TRP PB 134 47.52 -93.57 -71.87
N ALA PB 135 47.03 -94.75 -72.26
CA ALA PB 135 46.28 -95.59 -71.34
C ALA PB 135 47.11 -96.01 -70.13
N GLY PB 136 48.44 -95.95 -70.25
CA GLY PB 136 49.30 -96.11 -69.10
C GLY PB 136 49.59 -94.83 -68.34
N LEU PB 137 48.94 -93.72 -68.70
CA LEU PB 137 49.20 -92.41 -68.13
C LEU PB 137 50.67 -92.02 -68.24
N MET PB 138 51.20 -92.11 -69.45
CA MET PB 138 52.53 -91.59 -69.74
C MET PB 138 52.53 -90.91 -71.09
N PHE PB 139 53.32 -89.85 -71.20
CA PHE PB 139 53.37 -89.07 -72.43
C PHE PB 139 54.08 -89.84 -73.54
N PRO PB 140 53.61 -89.72 -74.78
CA PRO PB 140 54.30 -90.25 -75.95
C PRO PB 140 55.68 -89.62 -76.09
N ALA QB 1 10.46 -87.27 -87.90
CA ALA QB 1 10.46 -86.55 -89.17
C ALA QB 1 11.48 -87.14 -90.15
N ALA QB 2 11.38 -86.71 -91.41
CA ALA QB 2 12.29 -87.21 -92.44
C ALA QB 2 13.72 -86.76 -92.13
N PRO QB 3 14.70 -87.66 -92.24
CA PRO QB 3 16.08 -87.29 -91.89
C PRO QB 3 16.73 -86.38 -92.91
N SER QB 4 16.22 -86.32 -94.12
CA SER QB 4 16.81 -85.50 -95.16
C SER QB 4 15.77 -85.19 -96.22
N LEU QB 5 15.96 -84.07 -96.90
CA LEU QB 5 15.02 -83.54 -97.88
C LEU QB 5 15.76 -83.02 -99.10
N ALA QB 6 15.19 -83.25 -100.27
CA ALA QB 6 15.67 -82.67 -101.52
C ALA QB 6 14.55 -81.83 -102.09
N LEU QB 7 14.51 -80.55 -101.71
CA LEU QB 7 13.44 -79.66 -102.14
C LEU QB 7 13.83 -79.00 -103.47
N VAL QB 8 12.84 -78.53 -104.21
CA VAL QB 8 13.09 -77.86 -105.49
C VAL QB 8 13.03 -76.35 -105.27
N GLY QB 9 14.11 -75.67 -105.65
CA GLY QB 9 14.18 -74.23 -105.68
C GLY QB 9 14.66 -73.77 -107.05
N ALA QB 10 15.26 -72.59 -107.06
CA ALA QB 10 15.70 -71.96 -108.30
C ALA QB 10 17.13 -71.46 -108.15
N ASN QB 11 17.94 -71.66 -109.18
CA ASN QB 11 19.29 -71.14 -109.23
C ASN QB 11 19.25 -69.69 -109.72
N SER QB 12 20.41 -69.14 -110.05
CA SER QB 12 20.46 -67.76 -110.53
C SER QB 12 19.71 -67.58 -111.84
N THR QB 13 19.59 -68.64 -112.64
CA THR QB 13 18.85 -68.62 -113.90
C THR QB 13 17.35 -68.77 -113.70
N LEU QB 14 16.91 -69.04 -112.47
CA LEU QB 14 15.55 -69.46 -112.13
C LEU QB 14 15.22 -70.86 -112.62
N ALA QB 15 16.21 -71.63 -113.07
CA ALA QB 15 15.98 -73.01 -113.43
C ALA QB 15 15.76 -73.86 -112.18
N SER QB 16 14.90 -74.88 -112.31
CA SER QB 16 14.58 -75.72 -111.17
C SER QB 16 15.81 -76.51 -110.73
N THR QB 17 16.24 -76.29 -109.49
CA THR QB 17 17.46 -76.88 -108.95
C THR QB 17 17.16 -77.50 -107.59
N LEU QB 18 17.80 -78.63 -107.28
CA LEU QB 18 17.62 -79.22 -105.97
C LEU QB 18 18.39 -78.44 -104.91
N VAL QB 19 17.76 -78.29 -103.75
CA VAL QB 19 18.38 -77.75 -102.55
C VAL QB 19 18.18 -78.76 -101.42
N ASN QB 20 19.28 -79.15 -100.79
CA ASN QB 20 19.35 -80.34 -99.94
C ASN QB 20 19.43 -79.93 -98.48
N TYR QB 21 18.57 -80.51 -97.66
CA TYR QB 21 18.54 -80.26 -96.23
C TYR QB 21 18.70 -81.58 -95.48
N SER QB 22 19.35 -81.52 -94.32
CA SER QB 22 19.39 -82.66 -93.41
C SER QB 22 18.81 -82.24 -92.05
N LEU QB 23 18.23 -83.22 -91.38
CA LEU QB 23 17.56 -82.99 -90.09
C LEU QB 23 18.61 -82.81 -89.01
N ARG QB 24 18.79 -81.57 -88.57
CA ARG QB 24 19.74 -81.27 -87.51
C ARG QB 24 19.13 -81.42 -86.11
N SER QB 25 17.90 -80.93 -85.88
CA SER QB 25 17.33 -81.15 -84.56
C SER QB 25 15.83 -81.35 -84.65
N GLN QB 26 15.29 -81.97 -83.60
CA GLN QB 26 13.85 -82.12 -83.43
C GLN QB 26 13.59 -82.16 -81.94
N ASN QB 27 12.73 -81.25 -81.47
CA ASN QB 27 12.52 -81.06 -80.04
C ASN QB 27 11.17 -80.38 -79.83
N GLY QB 28 10.34 -80.97 -78.97
CA GLY QB 28 9.12 -80.34 -78.52
C GLY QB 28 8.23 -79.88 -79.64
N ASN QB 29 7.77 -80.84 -80.44
CA ASN QB 29 6.97 -80.55 -81.64
C ASN QB 29 7.62 -79.44 -82.47
N ASN QB 30 8.92 -79.53 -82.62
CA ASN QB 30 9.65 -78.55 -83.39
C ASN QB 30 10.70 -79.30 -84.19
N VAL QB 31 10.92 -78.89 -85.45
CA VAL QB 31 11.79 -79.59 -86.37
C VAL QB 31 12.66 -78.58 -87.11
N ASP QB 32 13.99 -78.81 -87.10
CA ASP QB 32 14.95 -77.87 -87.66
C ASP QB 32 15.90 -78.60 -88.61
N TYR QB 33 15.91 -78.15 -89.87
CA TYR QB 33 16.76 -78.66 -90.93
C TYR QB 33 17.82 -77.62 -91.30
N VAL QB 34 18.97 -78.11 -91.76
CA VAL QB 34 20.03 -77.24 -92.27
C VAL QB 34 20.39 -77.66 -93.68
N CYS QB 35 20.78 -76.67 -94.50
CA CYS QB 35 21.11 -76.92 -95.89
C CYS QB 35 22.51 -77.49 -96.01
N THR QB 36 22.65 -78.58 -96.76
CA THR QB 36 23.91 -79.31 -96.89
C THR QB 36 24.71 -78.88 -98.12
N ASP QB 37 24.20 -77.95 -98.91
CA ASP QB 37 24.84 -77.55 -100.15
C ASP QB 37 26.02 -76.63 -99.86
N PRO QB 38 26.85 -76.36 -100.86
CA PRO QB 38 27.97 -75.44 -100.63
C PRO QB 38 27.54 -73.99 -100.38
N ASP QB 39 26.37 -73.58 -100.88
CA ASP QB 39 25.95 -72.20 -100.71
C ASP QB 39 25.56 -71.86 -99.27
N SER QB 40 25.34 -72.86 -98.42
CA SER QB 40 25.10 -72.61 -97.00
C SER QB 40 26.39 -72.90 -96.25
N THR QB 41 26.94 -71.87 -95.62
CA THR QB 41 28.12 -71.98 -94.78
C THR QB 41 27.69 -71.84 -93.33
N LEU QB 42 28.66 -72.05 -92.42
CA LEU QB 42 28.38 -71.84 -91.00
C LEU QB 42 28.00 -70.40 -90.74
N SER QB 43 28.66 -69.46 -91.41
CA SER QB 43 28.44 -68.06 -91.12
C SER QB 43 27.14 -67.57 -91.74
N ALA QB 44 26.79 -68.11 -92.91
CA ALA QB 44 25.60 -67.72 -93.65
C ALA QB 44 24.87 -68.97 -94.12
N PRO QB 45 24.06 -69.58 -93.26
CA PRO QB 45 23.46 -70.89 -93.58
C PRO QB 45 22.11 -70.75 -94.25
N GLY QB 46 21.62 -71.90 -94.73
CA GLY QB 46 20.24 -72.06 -95.14
C GLY QB 46 19.54 -72.96 -94.15
N LEU QB 47 18.35 -72.56 -93.71
CA LEU QB 47 17.72 -73.18 -92.56
C LEU QB 47 16.23 -73.37 -92.77
N ILE QB 48 15.67 -74.39 -92.14
CA ILE QB 48 14.23 -74.62 -92.14
C ILE QB 48 13.77 -74.92 -90.72
N ASN QB 49 12.61 -74.39 -90.36
CA ASN QB 49 12.01 -74.53 -89.04
C ASN QB 49 10.54 -74.88 -89.19
N ALA QB 50 10.02 -75.74 -88.31
CA ALA QB 50 8.60 -76.10 -88.37
C ALA QB 50 8.09 -76.46 -86.97
N LYS QB 51 7.03 -75.77 -86.53
CA LYS QB 51 6.45 -75.89 -85.19
C LYS QB 51 4.98 -76.27 -85.27
N PHE QB 52 4.50 -76.95 -84.22
CA PHE QB 52 3.10 -77.29 -84.05
C PHE QB 52 2.58 -76.71 -82.74
N ASP QB 53 1.62 -75.78 -82.84
CA ASP QB 53 0.82 -75.36 -81.69
C ASP QB 53 -0.42 -76.24 -81.71
N ILE QB 54 -0.43 -77.30 -80.92
CA ILE QB 54 -1.54 -78.24 -80.85
C ILE QB 54 -2.36 -77.91 -79.62
N LYS QB 55 -3.61 -77.49 -79.85
CA LYS QB 55 -4.52 -77.16 -78.77
C LYS QB 55 -5.01 -78.43 -78.09
N ALA QB 56 -5.43 -78.28 -76.84
CA ALA QB 56 -6.05 -79.35 -76.06
C ALA QB 56 -7.24 -79.93 -76.83
N PRO QB 57 -7.60 -81.19 -76.59
CA PRO QB 57 -8.74 -81.78 -77.30
C PRO QB 57 -9.99 -80.95 -77.08
N GLY QB 58 -10.83 -80.91 -78.10
CA GLY QB 58 -12.01 -80.09 -78.05
C GLY QB 58 -12.47 -79.72 -79.44
N ILE QB 59 -13.70 -79.22 -79.50
CA ILE QB 59 -14.28 -78.83 -80.77
C ILE QB 59 -14.05 -77.36 -81.06
N THR QB 60 -13.50 -76.61 -80.10
CA THR QB 60 -13.27 -75.17 -80.24
C THR QB 60 -11.79 -74.89 -80.37
N GLY QB 61 -11.48 -73.80 -81.06
CA GLY QB 61 -10.11 -73.35 -81.22
C GLY QB 61 -9.54 -73.67 -82.58
N ASN QB 62 -8.33 -73.17 -82.81
CA ASN QB 62 -7.56 -73.45 -84.01
C ASN QB 62 -6.24 -74.11 -83.64
N ASP QB 63 -5.88 -75.16 -84.36
CA ASP QB 63 -4.51 -75.69 -84.35
C ASP QB 63 -3.65 -74.87 -85.30
N ARG QB 64 -2.35 -74.80 -85.01
CA ARG QB 64 -1.50 -73.96 -85.85
C ARG QB 64 -0.19 -74.65 -86.23
N ILE QB 65 0.22 -74.41 -87.48
CA ILE QB 65 1.49 -74.89 -88.02
C ILE QB 65 2.31 -73.65 -88.37
N HIS QB 66 3.58 -73.64 -87.96
CA HIS QB 66 4.50 -72.57 -88.30
C HIS QB 66 5.67 -73.15 -89.08
N ALA QB 67 6.10 -72.46 -90.12
CA ALA QB 67 7.21 -72.93 -90.93
C ALA QB 67 8.02 -71.73 -91.41
N ASN QB 68 9.34 -71.89 -91.43
CA ASN QB 68 10.22 -70.81 -91.83
C ASN QB 68 11.34 -71.37 -92.69
N LEU QB 69 11.51 -70.79 -93.88
CA LEU QB 69 12.60 -71.16 -94.78
C LEU QB 69 13.48 -69.93 -94.97
N ARG QB 70 14.74 -70.04 -94.53
CA ARG QB 70 15.65 -68.92 -94.40
C ARG QB 70 16.91 -69.16 -95.23
N LYS QB 71 17.46 -68.07 -95.77
CA LYS QB 71 18.82 -68.06 -96.30
C LYS QB 71 19.50 -66.80 -95.77
N VAL QB 72 20.63 -66.99 -95.11
CA VAL QB 72 21.43 -65.88 -94.59
C VAL QB 72 22.45 -65.47 -95.63
N VAL QB 73 22.70 -64.18 -95.74
CA VAL QB 73 23.71 -63.65 -96.65
C VAL QB 73 24.53 -62.61 -95.91
N LEU QB 74 25.83 -62.59 -96.19
CA LEU QB 74 26.76 -61.67 -95.55
C LEU QB 74 27.02 -60.46 -96.45
N ASP QB 75 27.14 -59.28 -95.83
CA ASP QB 75 27.48 -58.08 -96.56
C ASP QB 75 28.89 -58.18 -97.13
N GLU QB 76 29.07 -57.68 -98.35
CA GLU QB 76 30.37 -57.79 -99.00
C GLU QB 76 31.45 -57.07 -98.20
N LYS QB 77 31.14 -55.88 -97.70
CA LYS QB 77 32.14 -55.08 -96.98
C LYS QB 77 32.10 -55.37 -95.48
N THR QB 78 30.94 -55.19 -94.84
CA THR QB 78 30.87 -55.26 -93.39
C THR QB 78 30.79 -56.69 -92.86
N ASN QB 79 30.49 -57.68 -93.71
CA ASN QB 79 30.28 -59.07 -93.31
C ASN QB 79 29.17 -59.24 -92.28
N LEU QB 80 28.34 -58.20 -92.09
CA LEU QB 80 27.16 -58.31 -91.25
C LEU QB 80 26.13 -59.18 -91.95
N PRO QB 81 25.47 -60.07 -91.23
CA PRO QB 81 24.50 -60.96 -91.87
C PRO QB 81 23.13 -60.33 -91.92
N SER QB 82 22.47 -60.40 -93.07
CA SER QB 82 21.03 -60.18 -93.13
C SER QB 82 20.40 -61.40 -93.79
N THR QB 83 19.18 -61.70 -93.40
CA THR QB 83 18.56 -62.96 -93.76
C THR QB 83 17.25 -62.73 -94.52
N GLY QB 84 17.05 -63.53 -95.56
CA GLY QB 84 15.82 -63.50 -96.35
C GLY QB 84 15.02 -64.75 -96.05
N SER QB 85 13.69 -64.61 -95.99
CA SER QB 85 12.91 -65.72 -95.44
C SER QB 85 11.49 -65.74 -95.98
N VAL QB 86 10.99 -66.94 -96.24
CA VAL QB 86 9.58 -67.19 -96.50
C VAL QB 86 9.02 -67.96 -95.31
N THR QB 87 8.03 -67.39 -94.64
CA THR QB 87 7.44 -68.03 -93.47
C THR QB 87 5.94 -68.20 -93.66
N ILE QB 88 5.43 -69.34 -93.17
CA ILE QB 88 4.05 -69.78 -93.40
C ILE QB 88 3.41 -70.08 -92.06
N GLN QB 89 2.17 -69.62 -91.88
CA GLN QB 89 1.34 -70.02 -90.76
C GLN QB 89 0.04 -70.62 -91.28
N VAL QB 90 -0.23 -71.85 -90.88
CA VAL QB 90 -1.46 -72.56 -91.22
C VAL QB 90 -2.32 -72.62 -89.95
N SER QB 91 -3.56 -72.17 -90.06
CA SER QB 91 -4.51 -72.18 -88.95
C SER QB 91 -5.69 -73.04 -89.33
N ILE QB 92 -5.82 -74.18 -88.65
CA ILE QB 92 -6.80 -75.23 -88.94
C ILE QB 92 -7.84 -75.22 -87.81
N PRO QB 93 -9.09 -74.83 -88.09
CA PRO QB 93 -10.11 -74.88 -87.05
C PRO QB 93 -10.50 -76.30 -86.67
N ARG QB 94 -11.19 -76.42 -85.54
CA ARG QB 94 -11.60 -77.71 -85.02
C ARG QB 94 -13.09 -77.99 -85.15
N ASN QB 95 -13.88 -77.02 -85.57
CA ASN QB 95 -15.28 -77.27 -85.90
C ASN QB 95 -15.34 -78.37 -86.97
N PRO QB 96 -16.12 -79.44 -86.75
CA PRO QB 96 -16.15 -80.54 -87.73
C PRO QB 96 -16.57 -80.11 -89.12
N ALA QB 97 -17.03 -78.88 -89.26
CA ALA QB 97 -17.34 -78.29 -90.55
C ALA QB 97 -16.10 -77.90 -91.33
N TRP QB 98 -14.90 -78.19 -90.81
CA TRP QB 98 -13.65 -78.01 -91.53
C TRP QB 98 -13.08 -79.38 -91.91
N ASN QB 99 -12.29 -79.41 -92.99
CA ASN QB 99 -11.71 -80.65 -93.47
C ASN QB 99 -10.22 -80.49 -93.75
N ALA QB 100 -9.51 -81.61 -93.57
CA ALA QB 100 -8.17 -81.69 -94.10
C ALA QB 100 -8.15 -81.34 -95.59
N SER QB 101 -9.22 -81.67 -96.32
CA SER QB 101 -9.29 -81.33 -97.72
C SER QB 101 -9.27 -79.81 -97.90
N MET QB 102 -9.92 -79.08 -96.99
CA MET QB 102 -9.92 -77.63 -97.06
C MET QB 102 -8.54 -77.07 -96.72
N THR QB 103 -7.89 -77.65 -95.72
CA THR QB 103 -6.50 -77.27 -95.43
C THR QB 103 -5.61 -77.45 -96.65
N VAL QB 104 -5.68 -78.63 -97.27
CA VAL QB 104 -4.84 -78.91 -98.44
C VAL QB 104 -5.20 -77.97 -99.59
N SER QB 105 -6.48 -77.67 -99.74
CA SER QB 105 -6.89 -76.76 -100.82
C SER QB 105 -6.27 -75.39 -100.64
N LEU QB 106 -6.28 -74.86 -99.41
CA LEU QB 106 -5.63 -73.58 -99.16
C LEU QB 106 -4.13 -73.67 -99.41
N LEU QB 107 -3.49 -74.77 -99.00
CA LEU QB 107 -2.06 -74.90 -99.25
C LEU QB 107 -1.76 -74.89 -100.75
N LYS QB 108 -2.53 -75.65 -101.53
CA LYS QB 108 -2.31 -75.71 -102.97
C LYS QB 108 -2.55 -74.37 -103.64
N GLN QB 109 -3.58 -73.64 -103.18
CA GLN QB 109 -3.86 -72.34 -103.78
C GLN QB 109 -2.76 -71.34 -103.46
N ALA QB 110 -2.26 -71.36 -102.22
CA ALA QB 110 -1.13 -70.49 -101.88
C ALA QB 110 0.09 -70.84 -102.72
N ALA QB 111 0.35 -72.13 -102.91
CA ALA QB 111 1.47 -72.53 -103.76
C ALA QB 111 1.29 -72.00 -105.18
N ASP QB 112 0.07 -72.10 -105.72
CA ASP QB 112 -0.18 -71.60 -107.06
C ASP QB 112 0.02 -70.08 -107.13
N TYR QB 113 -0.49 -69.36 -106.14
CA TYR QB 113 -0.55 -67.90 -106.27
C TYR QB 113 0.76 -67.22 -105.91
N LEU QB 114 1.53 -67.77 -104.98
CA LEU QB 114 2.79 -67.13 -104.59
C LEU QB 114 4.01 -67.82 -105.15
N ALA QB 115 3.92 -69.09 -105.53
CA ALA QB 115 5.04 -69.80 -106.11
C ALA QB 115 4.83 -70.23 -107.55
N GLY QB 116 3.58 -70.29 -108.02
CA GLY QB 116 3.31 -70.70 -109.38
C GLY QB 116 3.68 -72.14 -109.66
N THR QB 117 3.23 -73.07 -108.81
CA THR QB 117 3.62 -74.47 -108.92
C THR QB 117 2.44 -75.44 -108.95
N SER QB 118 1.21 -74.94 -109.03
CA SER QB 118 0.04 -75.81 -109.05
C SER QB 118 0.12 -76.86 -110.16
N ALA QB 119 -0.64 -77.96 -109.97
CA ALA QB 119 -0.81 -78.96 -111.00
C ALA QB 119 -1.61 -78.40 -112.17
N THR QB 120 -1.57 -79.12 -113.30
CA THR QB 120 -2.23 -78.63 -114.50
C THR QB 120 -3.71 -78.98 -114.51
N VAL QB 121 -4.54 -77.96 -114.72
CA VAL QB 121 -5.99 -78.09 -114.83
C VAL QB 121 -6.45 -77.15 -115.92
N SER QB 122 -7.41 -77.61 -116.74
CA SER QB 122 -7.95 -76.79 -117.82
C SER QB 122 -8.55 -75.51 -117.26
N GLY QB 123 -8.14 -74.38 -117.83
CA GLY QB 123 -8.66 -73.10 -117.41
C GLY QB 123 -7.93 -72.45 -116.26
N GLN QB 124 -6.79 -72.97 -115.83
CA GLN QB 124 -6.11 -72.38 -114.68
C GLN QB 124 -5.39 -71.13 -115.17
N THR QB 125 -5.24 -70.14 -114.29
CA THR QB 125 -4.47 -68.98 -114.71
C THR QB 125 -2.98 -69.32 -114.67
N ASP QB 126 -2.25 -68.77 -115.63
CA ASP QB 126 -0.81 -69.01 -115.73
C ASP QB 126 -0.10 -68.24 -114.63
N THR QB 127 0.42 -68.97 -113.65
CA THR QB 127 1.06 -68.39 -112.49
C THR QB 127 2.57 -68.51 -112.54
N SER QB 128 3.11 -68.92 -113.70
CA SER QB 128 4.55 -69.19 -113.80
C SER QB 128 5.38 -67.95 -113.47
N GLY QB 129 4.95 -66.78 -113.92
CA GLY QB 129 5.69 -65.56 -113.67
C GLY QB 129 5.37 -64.87 -112.37
N PHE QB 130 4.39 -65.39 -111.64
CA PHE QB 130 4.01 -64.76 -110.38
C PHE QB 130 5.14 -64.72 -109.35
N PRO QB 131 5.93 -65.78 -109.13
CA PRO QB 131 7.03 -65.63 -108.16
C PRO QB 131 8.01 -64.55 -108.54
N ALA QB 132 8.30 -64.39 -109.83
CA ALA QB 132 9.14 -63.29 -110.28
C ALA QB 132 8.50 -61.95 -109.93
N LYS QB 133 7.22 -61.78 -110.25
CA LYS QB 133 6.55 -60.52 -109.95
C LYS QB 133 6.54 -60.24 -108.45
N TRP QB 134 6.34 -61.27 -107.63
CA TRP QB 134 6.38 -61.07 -106.18
C TRP QB 134 7.76 -60.63 -105.74
N ALA QB 135 8.81 -61.32 -106.20
CA ALA QB 135 10.17 -60.95 -105.83
C ALA QB 135 10.49 -59.52 -106.25
N GLY QB 136 9.81 -59.03 -107.27
CA GLY QB 136 9.90 -57.63 -107.62
C GLY QB 136 8.97 -56.69 -106.88
N LEU QB 137 8.20 -57.20 -105.91
CA LEU QB 137 7.20 -56.42 -105.20
C LEU QB 137 6.16 -55.84 -106.16
N MET QB 138 5.57 -56.71 -106.96
CA MET QB 138 4.54 -56.34 -107.92
C MET QB 138 3.38 -57.32 -107.79
N PHE QB 139 2.17 -56.81 -107.65
CA PHE QB 139 1.02 -57.70 -107.58
C PHE QB 139 0.82 -58.36 -108.93
N PRO QB 140 0.60 -59.69 -108.97
CA PRO QB 140 0.34 -60.44 -110.18
C PRO QB 140 -0.91 -59.95 -110.91
N ALA RB 1 119.56 -14.47 40.30
CA ALA RB 1 120.12 -14.33 38.96
C ALA RB 1 121.42 -13.54 38.98
N ALA RB 2 122.31 -13.86 38.04
CA ALA RB 2 123.58 -13.16 37.93
C ALA RB 2 123.34 -11.72 37.49
N PRO RB 3 124.11 -10.77 38.03
CA PRO RB 3 123.89 -9.36 37.68
C PRO RB 3 124.37 -9.02 36.28
N SER RB 4 125.33 -9.75 35.74
CA SER RB 4 125.87 -9.45 34.42
C SER RB 4 126.53 -10.70 33.86
N LEU RB 5 126.69 -10.71 32.55
CA LEU RB 5 127.17 -11.88 31.81
C LEU RB 5 128.10 -11.43 30.70
N ALA RB 6 129.14 -12.21 30.46
CA ALA RB 6 130.02 -12.04 29.32
C ALA RB 6 129.99 -13.35 28.54
N LEU RB 7 129.09 -13.44 27.56
CA LEU RB 7 128.90 -14.67 26.82
C LEU RB 7 129.77 -14.64 25.56
N VAL RB 8 130.14 -15.81 25.08
CA VAL RB 8 130.95 -15.90 23.87
C VAL RB 8 130.04 -16.04 22.66
N GLY RB 9 130.25 -15.17 21.66
CA GLY RB 9 129.59 -15.24 20.38
C GLY RB 9 130.61 -15.09 19.27
N ALA RB 10 130.15 -14.61 18.11
CA ALA RB 10 130.99 -14.48 16.93
C ALA RB 10 130.81 -13.11 16.29
N ASN RB 11 131.91 -12.56 15.78
CA ASN RB 11 131.90 -11.30 15.05
C ASN RB 11 131.63 -11.59 13.57
N SER RB 12 131.85 -10.59 12.72
CA SER RB 12 131.63 -10.78 11.29
C SER RB 12 132.63 -11.78 10.70
N THR RB 13 133.82 -11.92 11.31
CA THR RB 13 134.82 -12.90 10.91
C THR RB 13 134.50 -14.29 11.43
N LEU RB 14 133.50 -14.41 12.31
CA LEU RB 14 133.19 -15.63 13.07
C LEU RB 14 134.26 -15.98 14.09
N ALA RB 15 135.12 -15.03 14.44
CA ALA RB 15 136.05 -15.21 15.54
C ALA RB 15 135.32 -15.05 16.87
N SER RB 16 135.77 -15.79 17.87
CA SER RB 16 135.11 -15.77 19.18
C SER RB 16 135.25 -14.40 19.83
N THR RB 17 134.12 -13.77 20.12
CA THR RB 17 134.07 -12.41 20.65
C THR RB 17 133.17 -12.38 21.86
N LEU RB 18 133.52 -11.57 22.85
CA LEU RB 18 132.62 -11.42 23.98
C LEU RB 18 131.43 -10.54 23.62
N VAL RB 19 130.30 -10.86 24.23
CA VAL RB 19 129.08 -10.07 24.15
C VAL RB 19 128.53 -9.92 25.56
N ASN RB 20 128.34 -8.67 25.97
CA ASN RB 20 128.11 -8.32 27.37
C ASN RB 20 126.64 -8.04 27.60
N TYR RB 21 126.05 -8.76 28.54
CA TYR RB 21 124.69 -8.54 28.98
C TYR RB 21 124.69 -8.09 30.43
N SER RB 22 123.68 -7.32 30.81
CA SER RB 22 123.47 -6.93 32.20
C SER RB 22 122.01 -7.11 32.55
N LEU RB 23 121.76 -7.40 33.82
CA LEU RB 23 120.41 -7.75 34.26
C LEU RB 23 119.51 -6.52 34.20
N ARG RB 24 118.54 -6.55 33.29
CA ARG RB 24 117.49 -5.53 33.30
C ARG RB 24 116.54 -5.75 34.45
N SER RB 25 115.90 -6.92 34.52
CA SER RB 25 114.93 -7.10 35.59
C SER RB 25 114.72 -8.58 35.90
N GLN RB 26 114.54 -8.90 37.17
CA GLN RB 26 114.10 -10.22 37.58
C GLN RB 26 112.67 -10.12 38.09
N ASN RB 27 111.78 -10.79 37.38
CA ASN RB 27 110.45 -11.12 37.85
C ASN RB 27 110.50 -12.52 38.48
N GLY RB 28 109.43 -12.91 39.16
CA GLY RB 28 109.43 -14.21 39.80
C GLY RB 28 109.57 -15.36 38.81
N ASN RB 29 110.68 -16.08 38.90
CA ASN RB 29 111.01 -17.16 37.95
C ASN RB 29 111.09 -16.62 36.52
N ASN RB 30 111.55 -15.38 36.38
CA ASN RB 30 111.71 -14.79 35.05
C ASN RB 30 112.84 -13.78 35.09
N VAL RB 31 113.68 -13.77 34.07
CA VAL RB 31 114.87 -12.93 34.06
C VAL RB 31 115.03 -12.31 32.67
N ASP RB 32 115.31 -11.00 32.65
CA ASP RB 32 115.52 -10.24 31.42
C ASP RB 32 116.87 -9.55 31.48
N TYR RB 33 117.74 -9.88 30.54
CA TYR RB 33 119.06 -9.28 30.35
C TYR RB 33 119.07 -8.45 29.06
N VAL RB 34 119.93 -7.43 29.05
CA VAL RB 34 120.09 -6.52 27.91
C VAL RB 34 121.56 -6.42 27.56
N CYS RB 35 121.85 -6.32 26.26
CA CYS RB 35 123.23 -6.21 25.81
C CYS RB 35 123.74 -4.79 26.03
N THR RB 36 124.92 -4.68 26.64
CA THR RB 36 125.52 -3.40 27.01
C THR RB 36 126.62 -2.97 26.04
N ASP RB 37 126.76 -3.65 24.92
CA ASP RB 37 127.75 -3.28 23.91
C ASP RB 37 127.22 -2.12 23.09
N PRO RB 38 128.08 -1.48 22.29
CA PRO RB 38 127.58 -0.52 21.30
C PRO RB 38 126.73 -1.17 20.20
N ASP RB 39 126.81 -2.50 20.05
CA ASP RB 39 126.00 -3.20 19.04
C ASP RB 39 124.51 -3.02 19.28
N SER RB 40 124.08 -3.11 20.53
CA SER RB 40 122.69 -2.94 20.88
C SER RB 40 122.44 -1.51 21.35
N THR RB 41 121.32 -0.96 20.90
CA THR RB 41 120.77 0.29 21.38
C THR RB 41 119.33 0.02 21.79
N LEU RB 42 118.70 0.99 22.45
CA LEU RB 42 117.30 0.82 22.79
C LEU RB 42 116.45 0.60 21.55
N SER RB 43 116.82 1.24 20.43
CA SER RB 43 116.04 1.11 19.20
C SER RB 43 116.17 -0.29 18.60
N ALA RB 44 117.38 -0.87 18.65
CA ALA RB 44 117.64 -2.21 18.11
C ALA RB 44 118.47 -2.99 19.11
N PRO RB 45 117.84 -3.57 20.13
CA PRO RB 45 118.58 -4.15 21.25
C PRO RB 45 118.95 -5.61 21.04
N GLY RB 46 119.88 -6.07 21.87
CA GLY RB 46 120.13 -7.48 22.06
C GLY RB 46 119.61 -7.87 23.43
N LEU RB 47 118.88 -8.98 23.47
CA LEU RB 47 118.08 -9.29 24.65
C LEU RB 47 118.17 -10.77 24.99
N ILE RB 48 118.00 -11.08 26.28
CA ILE RB 48 117.91 -12.45 26.75
C ILE RB 48 116.75 -12.54 27.74
N ASN RB 49 115.99 -13.63 27.66
CA ASN RB 49 114.86 -13.90 28.53
C ASN RB 49 114.89 -15.35 28.98
N ALA RB 50 114.65 -15.58 30.27
CA ALA RB 50 114.65 -16.93 30.82
C ALA RB 50 113.50 -17.11 31.80
N LYS RB 51 112.71 -18.16 31.61
CA LYS RB 51 111.47 -18.41 32.34
C LYS RB 51 111.45 -19.84 32.86
N PHE RB 52 110.71 -20.04 33.95
CA PHE RB 52 110.54 -21.34 34.60
C PHE RB 52 109.06 -21.65 34.76
N ASP RB 53 108.59 -22.64 33.99
CA ASP RB 53 107.25 -23.20 34.16
C ASP RB 53 107.37 -24.38 35.12
N ILE RB 54 107.15 -24.11 36.41
CA ILE RB 54 107.28 -25.12 37.45
C ILE RB 54 105.89 -25.49 37.92
N LYS RB 55 105.53 -26.76 37.76
CA LYS RB 55 104.21 -27.21 38.15
C LYS RB 55 104.12 -27.36 39.67
N ALA RB 56 102.88 -27.43 40.16
CA ALA RB 56 102.66 -27.59 41.59
C ALA RB 56 103.38 -28.85 42.09
N PRO RB 57 103.87 -28.84 43.33
CA PRO RB 57 104.65 -29.99 43.81
C PRO RB 57 103.86 -31.29 43.87
N GLY RB 58 102.56 -31.22 44.14
CA GLY RB 58 101.76 -32.45 44.12
C GLY RB 58 101.60 -33.02 42.73
N ILE RB 59 101.41 -32.16 41.73
CA ILE RB 59 101.11 -32.59 40.35
C ILE RB 59 102.36 -33.15 39.71
N THR RB 60 102.23 -34.27 39.00
CA THR RB 60 103.28 -34.78 38.12
C THR RB 60 103.07 -34.24 36.71
N GLY RB 61 104.15 -33.78 36.12
CA GLY RB 61 104.14 -33.33 34.74
C GLY RB 61 105.58 -33.18 34.31
N ASN RB 62 105.81 -32.25 33.40
CA ASN RB 62 107.15 -31.83 33.04
C ASN RB 62 107.37 -30.40 33.53
N ASP RB 63 108.48 -30.17 34.20
CA ASP RB 63 108.94 -28.81 34.45
C ASP RB 63 109.60 -28.28 33.17
N ARG RB 64 109.49 -26.97 32.94
CA ARG RB 64 109.95 -26.40 31.69
C ARG RB 64 110.81 -25.17 31.91
N ILE RB 65 111.83 -25.02 31.04
CA ILE RB 65 112.69 -23.86 30.99
C ILE RB 65 112.53 -23.24 29.61
N HIS RB 66 112.29 -21.93 29.56
CA HIS RB 66 112.17 -21.20 28.29
C HIS RB 66 113.25 -20.13 28.23
N ALA RB 67 114.13 -20.23 27.24
CA ALA RB 67 115.18 -19.26 27.04
C ALA RB 67 115.06 -18.65 25.65
N ASN RB 68 115.41 -17.38 25.55
CA ASN RB 68 115.29 -16.66 24.28
C ASN RB 68 116.42 -15.65 24.19
N LEU RB 69 117.23 -15.75 23.12
CA LEU RB 69 118.32 -14.83 22.84
C LEU RB 69 118.04 -14.14 21.52
N ARG RB 70 117.87 -12.82 21.56
CA ARG RB 70 117.39 -12.04 20.44
C ARG RB 70 118.40 -10.96 20.07
N LYS RB 71 118.43 -10.63 18.78
CA LYS RB 71 119.10 -9.42 18.30
C LYS RB 71 118.17 -8.75 17.29
N VAL RB 72 117.82 -7.50 17.56
CA VAL RB 72 116.98 -6.70 16.67
C VAL RB 72 117.89 -5.96 15.70
N VAL RB 73 117.46 -5.85 14.44
CA VAL RB 73 118.19 -5.11 13.44
C VAL RB 73 117.23 -4.21 12.69
N LEU RB 74 117.72 -3.04 12.29
CA LEU RB 74 116.91 -2.06 11.56
C LEU RB 74 117.25 -2.11 10.08
N ASP RB 75 116.20 -2.00 9.25
CA ASP RB 75 116.41 -1.91 7.81
C ASP RB 75 117.10 -0.61 7.46
N GLU RB 76 118.10 -0.69 6.59
CA GLU RB 76 118.79 0.54 6.16
C GLU RB 76 117.81 1.52 5.53
N LYS RB 77 116.95 1.03 4.64
CA LYS RB 77 116.07 1.93 3.90
C LYS RB 77 114.86 2.38 4.74
N THR RB 78 114.19 1.47 5.44
CA THR RB 78 112.95 1.81 6.12
C THR RB 78 113.06 1.98 7.63
N ASN RB 79 114.21 1.64 8.23
CA ASN RB 79 114.40 1.63 9.68
C ASN RB 79 113.37 0.77 10.41
N LEU RB 80 112.65 -0.08 9.68
CA LEU RB 80 111.74 -1.02 10.30
C LEU RB 80 112.52 -2.14 10.97
N PRO RB 81 112.13 -2.54 12.15
CA PRO RB 81 112.91 -3.54 12.88
C PRO RB 81 112.46 -4.95 12.55
N SER RB 82 113.40 -5.82 12.24
CA SER RB 82 113.14 -7.25 12.25
C SER RB 82 114.17 -7.91 13.15
N THR RB 83 113.77 -9.00 13.78
CA THR RB 83 114.56 -9.58 14.85
C THR RB 83 114.95 -11.02 14.50
N GLY RB 84 116.15 -11.40 14.95
CA GLY RB 84 116.63 -12.77 14.80
C GLY RB 84 116.86 -13.37 16.17
N SER RB 85 116.50 -14.66 16.32
CA SER RB 85 116.45 -15.19 17.68
C SER RB 85 116.75 -16.69 17.71
N VAL RB 86 117.32 -17.11 18.84
CA VAL RB 86 117.45 -18.52 19.18
C VAL RB 86 116.66 -18.75 20.47
N THR RB 87 115.67 -19.63 20.41
CA THR RB 87 114.86 -19.98 21.56
C THR RB 87 115.06 -21.45 21.91
N ILE RB 88 114.99 -21.73 23.21
CA ILE RB 88 115.31 -23.04 23.75
C ILE RB 88 114.24 -23.41 24.76
N GLN RB 89 113.75 -24.64 24.70
CA GLN RB 89 112.77 -25.13 25.66
C GLN RB 89 113.31 -26.44 26.22
N VAL RB 90 113.49 -26.49 27.53
CA VAL RB 90 113.97 -27.68 28.21
C VAL RB 90 112.78 -28.26 28.98
N SER RB 91 112.41 -29.50 28.68
CA SER RB 91 111.31 -30.18 29.34
C SER RB 91 111.89 -31.33 30.15
N ILE RB 92 111.84 -31.20 31.47
CA ILE RB 92 112.44 -32.13 32.43
C ILE RB 92 111.30 -32.88 33.12
N PRO RB 93 111.24 -34.21 33.01
CA PRO RB 93 110.18 -34.95 33.70
C PRO RB 93 110.41 -35.10 35.19
N ARG RB 94 109.30 -35.20 35.93
CA ARG RB 94 109.31 -35.29 37.39
C ARG RB 94 109.39 -36.73 37.89
N ASN RB 95 109.89 -37.65 37.09
CA ASN RB 95 110.08 -39.06 37.48
C ASN RB 95 111.51 -39.25 37.97
N PRO RB 96 111.73 -39.86 39.14
CA PRO RB 96 113.10 -40.08 39.62
C PRO RB 96 113.96 -40.87 38.65
N ALA RB 97 113.36 -41.53 37.66
CA ALA RB 97 114.12 -42.21 36.63
C ALA RB 97 114.87 -41.24 35.71
N TRP RB 98 114.61 -39.95 35.84
CA TRP RB 98 115.33 -38.89 35.13
C TRP RB 98 116.15 -38.11 36.15
N ASN RB 99 117.29 -37.57 35.71
CA ASN RB 99 118.10 -36.80 36.64
C ASN RB 99 118.84 -35.68 35.92
N ALA RB 100 119.51 -34.86 36.73
CA ALA RB 100 120.16 -33.68 36.21
C ALA RB 100 121.29 -34.05 35.25
N SER RB 101 121.93 -35.20 35.45
CA SER RB 101 122.96 -35.62 34.50
C SER RB 101 122.37 -35.79 33.11
N MET RB 102 121.14 -36.29 33.02
CA MET RB 102 120.48 -36.44 31.73
C MET RB 102 120.07 -35.10 31.15
N THR RB 103 119.55 -34.19 32.00
CA THR RB 103 119.27 -32.84 31.53
C THR RB 103 120.52 -32.20 30.92
N VAL RB 104 121.63 -32.26 31.65
CA VAL RB 104 122.88 -31.68 31.18
C VAL RB 104 123.36 -32.37 29.92
N SER RB 105 123.18 -33.69 29.83
CA SER RB 105 123.61 -34.41 28.65
C SER RB 105 122.88 -33.92 27.41
N LEU RB 106 121.55 -33.73 27.52
CA LEU RB 106 120.81 -33.18 26.39
C LEU RB 106 121.30 -31.77 26.04
N LEU RB 107 121.54 -30.94 27.06
CA LEU RB 107 122.04 -29.59 26.78
C LEU RB 107 123.38 -29.64 26.03
N LYS RB 108 124.30 -30.49 26.49
CA LYS RB 108 125.61 -30.57 25.86
C LYS RB 108 125.52 -31.09 24.44
N GLN RB 109 124.64 -32.07 24.20
CA GLN RB 109 124.50 -32.61 22.85
C GLN RB 109 123.90 -31.58 21.90
N ALA RB 110 122.90 -30.84 22.37
CA ALA RB 110 122.35 -29.77 21.55
C ALA RB 110 123.40 -28.72 21.23
N ALA RB 111 124.22 -28.37 22.22
CA ALA RB 111 125.31 -27.42 21.99
C ALA RB 111 126.27 -27.94 20.92
N ASP RB 112 126.69 -29.19 21.05
CA ASP RB 112 127.59 -29.78 20.05
C ASP RB 112 126.96 -29.75 18.67
N TYR RB 113 125.69 -30.12 18.55
CA TYR RB 113 125.12 -30.36 17.23
C TYR RB 113 124.67 -29.07 16.54
N LEU RB 114 124.29 -28.03 17.29
CA LEU RB 114 123.83 -26.80 16.65
C LEU RB 114 124.81 -25.65 16.76
N ALA RB 115 125.70 -25.65 17.74
CA ALA RB 115 126.71 -24.60 17.86
C ALA RB 115 128.12 -25.10 17.65
N GLY RB 116 128.35 -26.41 17.74
CA GLY RB 116 129.68 -26.97 17.55
C GLY RB 116 130.65 -26.52 18.62
N THR RB 117 130.27 -26.67 19.90
CA THR RB 117 131.09 -26.19 21.00
C THR RB 117 131.37 -27.24 22.06
N SER RB 118 131.08 -28.51 21.80
CA SER RB 118 131.36 -29.58 22.76
C SER RB 118 132.83 -29.60 23.20
N ALA RB 119 133.07 -30.21 24.35
CA ALA RB 119 134.42 -30.48 24.83
C ALA RB 119 135.09 -31.54 23.97
N THR RB 120 136.42 -31.52 23.96
CA THR RB 120 137.16 -32.46 23.13
C THR RB 120 137.07 -33.87 23.73
N VAL RB 121 136.61 -34.82 22.90
CA VAL RB 121 136.44 -36.22 23.28
C VAL RB 121 136.77 -37.05 22.04
N SER RB 122 137.62 -38.06 22.21
CA SER RB 122 138.10 -38.78 21.04
C SER RB 122 136.95 -39.53 20.36
N GLY RB 123 136.89 -39.42 19.04
CA GLY RB 123 135.84 -40.03 18.27
C GLY RB 123 134.64 -39.16 18.01
N GLN RB 124 134.62 -37.94 18.55
CA GLN RB 124 133.53 -37.01 18.28
C GLN RB 124 133.57 -36.56 16.84
N THR RB 125 132.40 -36.34 16.26
CA THR RB 125 132.35 -35.76 14.93
C THR RB 125 132.74 -34.28 15.02
N ASP RB 126 133.41 -33.80 13.96
CA ASP RB 126 133.87 -32.41 13.91
C ASP RB 126 132.68 -31.54 13.62
N THR RB 127 132.14 -30.93 14.67
CA THR RB 127 130.94 -30.12 14.59
C THR RB 127 131.25 -28.64 14.39
N SER RB 128 132.51 -28.30 14.15
CA SER RB 128 132.91 -26.90 14.11
C SER RB 128 132.19 -26.12 13.01
N GLY RB 129 131.95 -26.77 11.86
CA GLY RB 129 131.30 -26.09 10.76
C GLY RB 129 129.80 -26.16 10.77
N PHE RB 130 129.24 -26.91 11.70
CA PHE RB 130 127.80 -27.07 11.76
C PHE RB 130 127.05 -25.76 11.96
N PRO RB 131 127.46 -24.83 12.83
CA PRO RB 131 126.72 -23.56 12.92
C PRO RB 131 126.70 -22.80 11.61
N ALA RB 132 127.81 -22.81 10.87
CA ALA RB 132 127.81 -22.22 9.54
C ALA RB 132 126.77 -22.88 8.64
N LYS RB 133 126.78 -24.22 8.60
CA LYS RB 133 125.81 -24.92 7.75
C LYS RB 133 124.38 -24.61 8.17
N TRP RB 134 124.11 -24.57 9.46
CA TRP RB 134 122.75 -24.25 9.91
C TRP RB 134 122.35 -22.85 9.47
N ALA RB 135 123.24 -21.87 9.68
CA ALA RB 135 122.96 -20.49 9.25
C ALA RB 135 122.77 -20.40 7.74
N GLY RB 136 123.23 -21.40 6.99
CA GLY RB 136 122.91 -21.49 5.58
C GLY RB 136 121.67 -22.29 5.24
N LEU RB 137 120.90 -22.74 6.23
CA LEU RB 137 119.79 -23.68 6.05
C LEU RB 137 120.22 -24.94 5.30
N MET RB 138 121.27 -25.56 5.82
CA MET RB 138 121.83 -26.80 5.28
C MET RB 138 122.00 -27.79 6.42
N PHE RB 139 121.52 -29.01 6.23
CA PHE RB 139 121.74 -30.02 7.25
C PHE RB 139 123.22 -30.40 7.29
N PRO RB 140 123.82 -30.50 8.48
CA PRO RB 140 125.21 -30.92 8.62
C PRO RB 140 125.45 -32.30 8.02
N ALA SB 1 115.97 -10.24 50.17
CA ALA SB 1 115.85 -11.53 50.85
C ALA SB 1 117.20 -12.24 50.92
N ALA SB 2 117.37 -13.09 51.92
CA ALA SB 2 118.61 -13.83 52.08
C ALA SB 2 118.82 -14.78 50.90
N PRO SB 3 120.01 -14.80 50.30
CA PRO SB 3 120.21 -15.67 49.13
C PRO SB 3 120.24 -17.15 49.47
N SER SB 4 120.50 -17.52 50.73
CA SER SB 4 120.53 -18.91 51.12
C SER SB 4 120.28 -19.02 52.61
N LEU SB 5 119.83 -20.19 53.03
CA LEU SB 5 119.43 -20.46 54.40
C LEU SB 5 119.90 -21.83 54.83
N ALA SB 6 120.29 -21.94 56.10
CA ALA SB 6 120.65 -23.21 56.72
C ALA SB 6 119.75 -23.35 57.95
N LEU SB 7 118.61 -24.01 57.78
CA LEU SB 7 117.62 -24.11 58.84
C LEU SB 7 117.81 -25.43 59.59
N VAL SB 8 117.35 -25.46 60.83
CA VAL SB 8 117.46 -26.67 61.65
C VAL SB 8 116.18 -27.48 61.54
N GLY SB 9 116.30 -28.75 61.21
CA GLY SB 9 115.20 -29.69 61.21
C GLY SB 9 115.61 -30.95 61.94
N ALA SB 10 114.95 -32.07 61.65
CA ALA SB 10 115.22 -33.32 62.33
C ALA SB 10 115.49 -34.43 61.33
N ASN SB 11 116.48 -35.27 61.63
CA ASN SB 11 116.78 -36.44 60.82
C ASN SB 11 115.79 -37.56 61.16
N SER SB 12 116.06 -38.76 60.64
CA SER SB 12 115.18 -39.89 60.93
C SER SB 12 115.12 -40.21 62.43
N THR SB 13 116.13 -39.80 63.19
CA THR SB 13 116.20 -40.06 64.62
C THR SB 13 115.72 -38.87 65.44
N LEU SB 14 115.29 -37.80 64.79
CA LEU SB 14 114.85 -36.56 65.41
C LEU SB 14 116.00 -35.76 66.01
N ALA SB 15 117.23 -36.06 65.61
CA ALA SB 15 118.36 -35.22 65.99
C ALA SB 15 118.40 -33.96 65.14
N SER SB 16 118.84 -32.87 65.74
CA SER SB 16 118.90 -31.60 65.02
C SER SB 16 119.90 -31.70 63.87
N THR SB 17 119.41 -31.41 62.66
CA THR SB 17 120.21 -31.54 61.44
C THR SB 17 119.97 -30.33 60.56
N LEU SB 18 121.02 -29.85 59.90
CA LEU SB 18 120.82 -28.73 58.99
C LEU SB 18 120.09 -29.18 57.72
N VAL SB 19 119.32 -28.24 57.18
CA VAL SB 19 118.61 -28.39 55.92
C VAL SB 19 118.84 -27.11 55.13
N ASN SB 20 119.38 -27.25 53.93
CA ASN SB 20 119.94 -26.14 53.19
C ASN SB 20 118.99 -25.72 52.08
N TYR SB 21 118.61 -24.45 52.09
CA TYR SB 21 117.76 -23.88 51.06
C TYR SB 21 118.52 -22.77 50.35
N SER SB 22 118.18 -22.56 49.09
CA SER SB 22 118.72 -21.47 48.29
C SER SB 22 117.57 -20.73 47.61
N LEU SB 23 117.77 -19.42 47.44
CA LEU SB 23 116.73 -18.55 46.91
C LEU SB 23 116.58 -18.75 45.41
N ARG SB 24 115.41 -19.25 44.99
CA ARG SB 24 115.19 -19.48 43.57
C ARG SB 24 114.83 -18.19 42.83
N SER SB 25 113.86 -17.43 43.35
CA SER SB 25 113.46 -16.18 42.73
C SER SB 25 112.71 -15.33 43.75
N GLN SB 26 112.38 -14.10 43.35
CA GLN SB 26 111.58 -13.20 44.16
C GLN SB 26 110.59 -12.46 43.25
N ASN SB 27 109.30 -12.68 43.49
CA ASN SB 27 108.18 -12.07 42.77
C ASN SB 27 107.58 -10.96 43.64
N GLY SB 28 106.42 -10.45 43.23
CA GLY SB 28 105.71 -9.44 43.98
C GLY SB 28 105.35 -9.93 45.37
N ASN SB 29 106.02 -9.34 46.36
CA ASN SB 29 105.75 -9.59 47.77
C ASN SB 29 105.81 -11.07 48.13
N ASN SB 30 106.79 -11.77 47.55
CA ASN SB 30 106.94 -13.18 47.88
C ASN SB 30 108.38 -13.61 47.63
N VAL SB 31 108.71 -14.81 48.10
CA VAL SB 31 110.05 -15.36 48.09
C VAL SB 31 109.92 -16.88 47.97
N ASP SB 32 110.75 -17.46 47.11
CA ASP SB 32 110.71 -18.89 46.81
C ASP SB 32 112.10 -19.50 47.03
N TYR SB 33 112.19 -20.44 47.97
CA TYR SB 33 113.42 -21.15 48.29
C TYR SB 33 113.27 -22.63 47.95
N VAL SB 34 114.39 -23.25 47.57
CA VAL SB 34 114.46 -24.65 47.19
C VAL SB 34 115.54 -25.34 48.00
N CYS SB 35 115.29 -26.58 48.39
CA CYS SB 35 116.27 -27.33 49.16
C CYS SB 35 117.38 -27.83 48.25
N THR SB 36 118.63 -27.64 48.67
CA THR SB 36 119.81 -27.98 47.89
C THR SB 36 120.52 -29.23 48.39
N ASP SB 37 119.92 -29.95 49.33
CA ASP SB 37 120.50 -31.17 49.84
C ASP SB 37 120.37 -32.26 48.78
N PRO SB 38 121.08 -33.39 48.96
CA PRO SB 38 120.91 -34.49 48.00
C PRO SB 38 119.54 -35.14 48.03
N ASP SB 39 118.87 -35.15 49.19
CA ASP SB 39 117.59 -35.87 49.29
C ASP SB 39 116.46 -35.18 48.54
N SER SB 40 116.60 -33.91 48.18
CA SER SB 40 115.58 -33.20 47.40
C SER SB 40 116.01 -33.15 45.95
N THR SB 41 115.09 -33.53 45.07
CA THR SB 41 115.27 -33.51 43.62
C THR SB 41 114.00 -32.94 43.01
N LEU SB 42 114.03 -32.68 41.71
CA LEU SB 42 112.83 -32.14 41.08
C LEU SB 42 111.65 -33.09 41.19
N SER SB 43 111.92 -34.40 41.26
CA SER SB 43 110.85 -35.37 41.42
C SER SB 43 110.19 -35.24 42.79
N ALA SB 44 110.97 -34.97 43.84
CA ALA SB 44 110.45 -34.86 45.19
C ALA SB 44 111.23 -33.77 45.94
N PRO SB 45 110.88 -32.50 45.71
CA PRO SB 45 111.67 -31.40 46.25
C PRO SB 45 111.25 -30.99 47.65
N GLY SB 46 112.11 -30.17 48.27
CA GLY SB 46 111.75 -29.43 49.47
C GLY SB 46 111.68 -27.95 49.13
N LEU SB 47 110.63 -27.29 49.62
CA LEU SB 47 110.34 -25.94 49.16
C LEU SB 47 109.92 -25.07 50.33
N ILE SB 48 110.24 -23.77 50.24
CA ILE SB 48 109.74 -22.78 51.19
C ILE SB 48 109.24 -21.57 50.41
N ASN SB 49 108.11 -21.02 50.83
CA ASN SB 49 107.47 -19.92 50.12
C ASN SB 49 106.93 -18.92 51.13
N ALA SB 50 107.14 -17.63 50.86
CA ALA SB 50 106.67 -16.59 51.77
C ALA SB 50 106.05 -15.45 50.97
N LYS SB 51 104.98 -14.86 51.50
CA LYS SB 51 104.23 -13.82 50.81
C LYS SB 51 103.70 -12.80 51.82
N PHE SB 52 103.65 -11.54 51.41
CA PHE SB 52 103.04 -10.49 52.22
C PHE SB 52 101.77 -9.98 51.53
N ASP SB 53 100.67 -9.94 52.28
CA ASP SB 53 99.47 -9.21 51.90
C ASP SB 53 99.49 -7.92 52.73
N ILE SB 54 99.84 -6.82 52.07
CA ILE SB 54 100.08 -5.56 52.75
C ILE SB 54 98.94 -4.60 52.43
N LYS SB 55 98.24 -4.16 53.47
CA LYS SB 55 97.11 -3.28 53.25
C LYS SB 55 97.60 -1.83 53.16
N ALA SB 56 96.72 -0.95 52.68
CA ALA SB 56 97.07 0.42 52.39
C ALA SB 56 97.53 1.14 53.66
N PRO SB 57 98.27 2.23 53.52
CA PRO SB 57 98.70 2.99 54.71
C PRO SB 57 97.52 3.46 55.53
N GLY SB 58 97.69 3.47 56.84
CA GLY SB 58 96.66 3.80 57.79
C GLY SB 58 96.75 2.89 58.98
N ILE SB 59 95.78 3.00 59.88
CA ILE SB 59 95.75 2.13 61.05
C ILE SB 59 94.55 1.20 61.03
N THR SB 60 93.86 1.09 59.90
CA THR SB 60 92.58 0.38 59.86
C THR SB 60 92.74 -1.11 59.68
N GLY SB 61 93.68 -1.54 58.84
CA GLY SB 61 93.67 -2.89 58.32
C GLY SB 61 94.34 -3.94 59.19
N ASN SB 62 94.56 -5.10 58.56
CA ASN SB 62 95.31 -6.23 59.09
C ASN SB 62 96.28 -6.71 58.01
N ASP SB 63 97.58 -6.53 58.23
CA ASP SB 63 98.60 -7.07 57.35
C ASP SB 63 98.69 -8.58 57.55
N ARG SB 64 99.14 -9.30 56.51
CA ARG SB 64 99.23 -10.76 56.62
C ARG SB 64 100.54 -11.28 56.02
N ILE SB 65 101.08 -12.31 56.66
CA ILE SB 65 102.26 -13.03 56.22
C ILE SB 65 101.83 -14.47 55.96
N HIS SB 66 102.22 -15.03 54.82
CA HIS SB 66 101.92 -16.41 54.46
C HIS SB 66 103.24 -17.13 54.23
N ALA SB 67 103.53 -18.13 55.04
CA ALA SB 67 104.69 -18.99 54.87
C ALA SB 67 104.24 -20.42 54.61
N ASN SB 68 105.05 -21.16 53.87
CA ASN SB 68 104.69 -22.52 53.50
C ASN SB 68 105.96 -23.33 53.33
N LEU SB 69 106.12 -24.37 54.14
CA LEU SB 69 107.29 -25.25 54.10
C LEU SB 69 106.80 -26.63 53.69
N ARG SB 70 107.24 -27.10 52.53
CA ARG SB 70 106.75 -28.34 51.96
C ARG SB 70 107.89 -29.30 51.68
N LYS SB 71 107.57 -30.60 51.73
CA LYS SB 71 108.46 -31.66 51.27
C LYS SB 71 107.63 -32.71 50.55
N VAL SB 72 108.06 -33.06 49.35
CA VAL SB 72 107.38 -34.07 48.54
C VAL SB 72 108.07 -35.41 48.76
N VAL SB 73 107.28 -36.48 48.78
CA VAL SB 73 107.80 -37.83 48.95
C VAL SB 73 107.14 -38.72 47.92
N LEU SB 74 107.87 -39.75 47.49
CA LEU SB 74 107.41 -40.69 46.49
C LEU SB 74 107.13 -42.05 47.13
N ASP SB 75 106.03 -42.68 46.72
CA ASP SB 75 105.65 -44.00 47.22
C ASP SB 75 106.69 -45.03 46.81
N GLU SB 76 107.10 -45.89 47.75
CA GLU SB 76 108.07 -46.93 47.42
C GLU SB 76 107.52 -47.91 46.41
N LYS SB 77 106.19 -48.04 46.32
CA LYS SB 77 105.61 -49.03 45.43
C LYS SB 77 105.29 -48.44 44.06
N THR SB 78 104.88 -47.17 44.01
CA THR SB 78 104.38 -46.58 42.78
C THR SB 78 105.08 -45.30 42.35
N ASN SB 79 106.04 -44.78 43.12
CA ASN SB 79 106.64 -43.46 42.88
C ASN SB 79 105.59 -42.37 42.76
N LEU SB 80 104.43 -42.55 43.39
CA LEU SB 80 103.47 -41.47 43.30
C LEU SB 80 103.74 -40.43 44.38
N PRO SB 81 103.67 -39.15 44.00
CA PRO SB 81 104.05 -38.09 44.94
C PRO SB 81 102.90 -37.75 45.86
N SER SB 82 103.22 -37.58 47.14
CA SER SB 82 102.35 -36.87 48.06
C SER SB 82 103.22 -35.92 48.88
N THR SB 83 102.63 -34.81 49.31
CA THR SB 83 103.39 -33.74 49.93
C THR SB 83 102.98 -33.57 51.39
N GLY SB 84 103.96 -33.30 52.23
CA GLY SB 84 103.74 -32.89 53.60
C GLY SB 84 104.07 -31.41 53.71
N SER SB 85 103.32 -30.70 54.54
CA SER SB 85 103.51 -29.25 54.58
C SER SB 85 103.14 -28.67 55.93
N VAL SB 86 103.87 -27.61 56.29
CA VAL SB 86 103.53 -26.74 57.41
C VAL SB 86 103.33 -25.34 56.86
N THR SB 87 102.10 -24.85 56.93
CA THR SB 87 101.79 -23.51 56.48
C THR SB 87 101.50 -22.62 57.69
N ILE SB 88 101.86 -21.34 57.55
CA ILE SB 88 101.76 -20.37 58.64
C ILE SB 88 101.12 -19.12 58.08
N GLN SB 89 100.21 -18.53 58.85
CA GLN SB 89 99.61 -17.25 58.51
C GLN SB 89 99.65 -16.33 59.72
N VAL SB 90 100.36 -15.22 59.59
CA VAL SB 90 100.47 -14.21 60.62
C VAL SB 90 99.58 -13.05 60.21
N SER SB 91 98.74 -12.59 61.13
CA SER SB 91 97.86 -11.44 60.89
C SER SB 91 98.19 -10.39 61.95
N ILE SB 92 98.70 -9.25 61.50
CA ILE SB 92 99.21 -8.14 62.30
C ILE SB 92 98.26 -6.96 62.13
N PRO SB 93 97.53 -6.57 63.17
CA PRO SB 93 96.69 -5.37 63.07
C PRO SB 93 97.51 -4.10 63.04
N ARG SB 94 96.92 -3.06 62.46
CA ARG SB 94 97.57 -1.76 62.33
C ARG SB 94 97.12 -0.76 63.39
N ASN SB 95 96.05 -1.07 64.13
CA ASN SB 95 95.69 -0.29 65.31
C ASN SB 95 96.91 -0.11 66.22
N PRO SB 96 97.29 1.13 66.52
CA PRO SB 96 98.54 1.35 67.30
C PRO SB 96 98.54 0.69 68.65
N ALA SB 97 97.42 0.09 69.06
CA ALA SB 97 97.36 -0.70 70.28
C ALA SB 97 98.03 -2.07 70.12
N TRP SB 98 98.63 -2.34 68.96
CA TRP SB 98 99.38 -3.56 68.71
C TRP SB 98 100.87 -3.23 68.55
N ASN SB 99 101.72 -4.22 68.81
CA ASN SB 99 103.17 -4.03 68.75
C ASN SB 99 103.84 -5.13 67.95
N ALA SB 100 104.96 -4.76 67.32
CA ALA SB 100 105.88 -5.77 66.83
C ALA SB 100 106.27 -6.74 67.95
N SER SB 101 106.33 -6.25 69.19
CA SER SB 101 106.62 -7.14 70.32
C SER SB 101 105.53 -8.18 70.47
N MET SB 102 104.27 -7.79 70.24
CA MET SB 102 103.17 -8.74 70.36
C MET SB 102 103.21 -9.76 69.22
N THR SB 103 103.54 -9.30 68.00
CA THR SB 103 103.76 -10.23 66.89
C THR SB 103 104.82 -11.26 67.24
N VAL SB 104 105.99 -10.78 67.71
CA VAL SB 104 107.08 -11.69 68.03
C VAL SB 104 106.68 -12.63 69.16
N SER SB 105 105.90 -12.13 70.13
CA SER SB 105 105.48 -12.99 71.23
C SER SB 105 104.61 -14.13 70.73
N LEU SB 106 103.66 -13.83 69.83
CA LEU SB 106 102.86 -14.91 69.26
C LEU SB 106 103.72 -15.89 68.49
N LEU SB 107 104.70 -15.40 67.73
CA LEU SB 107 105.57 -16.30 66.98
C LEU SB 107 106.32 -17.23 67.92
N LYS SB 108 106.90 -16.67 68.99
CA LYS SB 108 107.66 -17.47 69.94
C LYS SB 108 106.77 -18.50 70.65
N GLN SB 109 105.55 -18.11 70.99
CA GLN SB 109 104.64 -19.04 71.66
C GLN SB 109 104.24 -20.18 70.74
N ALA SB 110 103.92 -19.86 69.47
CA ALA SB 110 103.61 -20.91 68.52
C ALA SB 110 104.80 -21.86 68.34
N ALA SB 111 106.00 -21.30 68.29
CA ALA SB 111 107.19 -22.13 68.16
C ALA SB 111 107.33 -23.07 69.36
N ASP SB 112 107.19 -22.53 70.57
CA ASP SB 112 107.25 -23.37 71.77
C ASP SB 112 106.18 -24.45 71.75
N TYR SB 113 104.96 -24.11 71.35
CA TYR SB 113 103.84 -25.04 71.53
C TYR SB 113 103.74 -26.09 70.43
N LEU SB 114 104.20 -25.79 69.22
CA LEU SB 114 104.12 -26.78 68.15
C LEU SB 114 105.45 -27.37 67.74
N ALA SB 115 106.58 -26.70 68.02
CA ALA SB 115 107.89 -27.24 67.73
C ALA SB 115 108.73 -27.50 68.97
N GLY SB 116 108.37 -26.93 70.12
CA GLY SB 116 109.13 -27.12 71.34
C GLY SB 116 110.55 -26.59 71.24
N THR SB 117 110.70 -25.34 70.80
CA THR SB 117 112.01 -24.75 70.56
C THR SB 117 112.27 -23.45 71.32
N SER SB 118 111.35 -23.04 72.19
CA SER SB 118 111.50 -21.78 72.89
C SER SB 118 112.79 -21.71 73.72
N ALA SB 119 113.18 -20.49 74.07
CA ALA SB 119 114.30 -20.24 74.97
C ALA SB 119 113.96 -20.70 76.38
N THR SB 120 114.96 -20.71 77.24
CA THR SB 120 114.81 -21.22 78.60
C THR SB 120 114.39 -20.13 79.56
N VAL SB 121 113.28 -20.37 80.28
CA VAL SB 121 112.76 -19.47 81.30
C VAL SB 121 112.36 -20.35 82.49
N SER SB 122 112.30 -19.74 83.67
CA SER SB 122 112.19 -20.48 84.92
C SER SB 122 111.04 -21.48 84.88
N GLY SB 123 109.81 -20.98 84.84
CA GLY SB 123 108.69 -21.88 85.07
C GLY SB 123 108.10 -22.48 83.81
N GLN SB 124 108.89 -22.59 82.74
CA GLN SB 124 108.30 -22.92 81.45
C GLN SB 124 107.88 -24.39 81.47
N THR SB 125 106.85 -24.73 80.71
CA THR SB 125 106.50 -26.14 80.61
C THR SB 125 107.41 -26.81 79.58
N ASP SB 126 107.67 -28.09 79.82
CA ASP SB 126 108.55 -28.86 78.97
C ASP SB 126 107.82 -29.20 77.68
N THR SB 127 108.26 -28.60 76.59
CA THR SB 127 107.61 -28.73 75.29
C THR SB 127 108.45 -29.54 74.31
N SER SB 128 109.51 -30.20 74.79
CA SER SB 128 110.40 -30.91 73.88
C SER SB 128 109.69 -32.04 73.16
N GLY SB 129 108.75 -32.72 73.84
CA GLY SB 129 108.05 -33.84 73.24
C GLY SB 129 106.82 -33.46 72.46
N PHE SB 130 106.44 -32.19 72.51
CA PHE SB 130 105.23 -31.76 71.82
C PHE SB 130 105.27 -32.00 70.31
N PRO SB 131 106.36 -31.71 69.58
CA PRO SB 131 106.34 -32.02 68.15
C PRO SB 131 106.10 -33.49 67.87
N ALA SB 132 106.68 -34.38 68.68
CA ALA SB 132 106.40 -35.81 68.53
C ALA SB 132 104.92 -36.10 68.74
N LYS SB 133 104.35 -35.55 69.81
CA LYS SB 133 102.93 -35.80 70.08
C LYS SB 133 102.05 -35.27 68.95
N TRP SB 134 102.39 -34.10 68.40
CA TRP SB 134 101.62 -33.58 67.27
C TRP SB 134 101.72 -34.51 66.08
N ALA SB 135 102.95 -34.91 65.72
CA ALA SB 135 103.15 -35.79 64.58
C ALA SB 135 102.44 -37.12 64.76
N GLY SB 136 102.13 -37.50 66.00
CA GLY SB 136 101.27 -38.63 66.24
C GLY SB 136 99.79 -38.33 66.25
N LEU SB 137 99.40 -37.10 65.92
CA LEU SB 137 98.02 -36.63 65.99
C LEU SB 137 97.42 -36.84 67.38
N MET SB 138 98.14 -36.34 68.39
CA MET SB 138 97.59 -36.28 69.74
C MET SB 138 97.99 -34.96 70.39
N PHE SB 139 97.10 -34.46 71.23
CA PHE SB 139 97.31 -33.17 71.86
C PHE SB 139 98.40 -33.28 72.93
N PRO SB 140 99.24 -32.26 73.08
CA PRO SB 140 100.20 -32.15 74.19
C PRO SB 140 99.47 -32.13 75.53
N ALA TB 1 117.40 -6.66 40.60
CA ALA TB 1 117.70 -5.39 41.21
C ALA TB 1 118.48 -5.54 42.51
N ALA TB 2 119.02 -4.44 43.02
CA ALA TB 2 119.80 -4.48 44.26
C ALA TB 2 118.90 -4.88 45.42
N PRO TB 3 119.36 -5.79 46.28
CA PRO TB 3 118.50 -6.26 47.38
C PRO TB 3 118.33 -5.24 48.48
N SER TB 4 119.22 -4.25 48.57
CA SER TB 4 119.13 -3.26 49.63
C SER TB 4 119.88 -2.01 49.18
N LEU TB 5 119.46 -0.87 49.75
CA LEU TB 5 119.98 0.44 49.38
C LEU TB 5 120.20 1.28 50.63
N ALA TB 6 121.27 2.07 50.60
CA ALA TB 6 121.53 3.07 51.65
C ALA TB 6 121.60 4.42 50.96
N LEU TB 7 120.45 5.08 50.84
CA LEU TB 7 120.38 6.36 50.16
C LEU TB 7 120.66 7.49 51.14
N VAL TB 8 121.06 8.64 50.61
CA VAL TB 8 121.34 9.80 51.45
C VAL TB 8 120.14 10.74 51.42
N GLY TB 9 119.61 11.06 52.60
CA GLY TB 9 118.58 12.05 52.78
C GLY TB 9 119.01 13.04 53.84
N ALA TB 10 118.01 13.65 54.48
CA ALA TB 10 118.25 14.70 55.47
C ALA TB 10 117.41 14.42 56.72
N ASN TB 11 118.02 14.63 57.89
CA ASN TB 11 117.31 14.54 59.15
C ASN TB 11 116.60 15.85 59.42
N SER TB 12 116.13 16.02 60.66
CA SER TB 12 115.42 17.25 61.02
C SER TB 12 116.35 18.47 60.95
N THR TB 13 117.66 18.26 61.11
CA THR TB 13 118.65 19.33 61.02
C THR TB 13 119.02 19.65 59.58
N LEU TB 14 118.55 18.86 58.62
CA LEU TB 14 118.97 18.85 57.22
C LEU TB 14 120.39 18.32 57.04
N ALA TB 15 120.96 17.69 58.07
CA ALA TB 15 122.25 17.04 57.92
C ALA TB 15 122.11 15.76 57.11
N SER TB 16 123.14 15.44 56.33
CA SER TB 16 123.10 14.26 55.47
C SER TB 16 123.05 13.00 56.32
N THR TB 17 121.98 12.23 56.16
CA THR TB 17 121.72 11.03 56.97
C THR TB 17 121.36 9.87 56.05
N LEU TB 18 121.81 8.67 56.40
CA LEU TB 18 121.42 7.50 55.62
C LEU TB 18 119.97 7.11 55.90
N VAL TB 19 119.28 6.72 54.82
CA VAL TB 19 117.96 6.13 54.88
C VAL TB 19 118.01 4.81 54.12
N ASN TB 20 117.58 3.74 54.80
CA ASN TB 20 117.87 2.37 54.38
C ASN TB 20 116.61 1.71 53.84
N TYR TB 21 116.73 1.11 52.67
CA TYR TB 21 115.63 0.42 52.02
C TYR TB 21 116.04 -1.02 51.73
N SER TB 22 115.09 -1.94 51.80
CA SER TB 22 115.29 -3.31 51.35
C SER TB 22 114.27 -3.64 50.27
N LEU TB 23 114.69 -4.53 49.36
CA LEU TB 23 113.87 -4.93 48.22
C LEU TB 23 112.76 -5.86 48.69
N ARG TB 24 111.54 -5.33 48.75
CA ARG TB 24 110.40 -6.13 49.14
C ARG TB 24 109.76 -6.87 47.96
N SER TB 25 109.59 -6.23 46.80
CA SER TB 25 109.03 -6.98 45.68
C SER TB 25 109.63 -6.52 44.37
N GLN TB 26 109.54 -7.40 43.38
CA GLN TB 26 109.92 -7.09 42.01
C GLN TB 26 109.06 -7.94 41.10
N ASN TB 27 108.32 -7.29 40.20
CA ASN TB 27 107.32 -7.96 39.38
C ASN TB 27 107.05 -7.13 38.14
N GLY TB 28 107.14 -7.77 36.97
CA GLY TB 28 106.71 -7.16 35.73
C GLY TB 28 107.35 -5.83 35.47
N ASN TB 29 108.68 -5.82 35.34
CA ASN TB 29 109.46 -4.59 35.18
C ASN TB 29 109.04 -3.55 36.21
N ASN TB 30 108.85 -3.99 37.43
CA ASN TB 30 108.45 -3.09 38.50
C ASN TB 30 109.23 -3.50 39.74
N VAL TB 31 109.68 -2.52 40.52
CA VAL TB 31 110.56 -2.77 41.66
C VAL TB 31 110.09 -1.92 42.84
N ASP TB 32 109.88 -2.56 43.99
CA ASP TB 32 109.33 -1.92 45.18
C ASP TB 32 110.21 -2.17 46.39
N TYR TB 33 110.69 -1.09 47.00
CA TYR TB 33 111.53 -1.10 48.20
C TYR TB 33 110.75 -0.54 49.38
N VAL TB 34 111.09 -1.01 50.58
CA VAL TB 34 110.51 -0.49 51.81
C VAL TB 34 111.63 -0.02 52.74
N CYS TB 35 111.35 1.01 53.51
CA CYS TB 35 112.34 1.59 54.40
C CYS TB 35 112.45 0.75 55.68
N THR TB 36 113.68 0.41 56.05
CA THR TB 36 113.96 -0.47 57.17
C THR TB 36 114.22 0.29 58.47
N ASP TB 37 114.22 1.61 58.43
CA ASP TB 37 114.56 2.43 59.59
C ASP TB 37 113.40 2.45 60.57
N PRO TB 38 113.64 2.96 61.79
CA PRO TB 38 112.53 3.05 62.74
C PRO TB 38 111.46 4.05 62.36
N ASP TB 39 111.79 5.08 61.57
CA ASP TB 39 110.80 6.09 61.22
C ASP TB 39 109.73 5.58 60.25
N SER TB 40 109.95 4.43 59.60
CA SER TB 40 108.92 3.81 58.78
C SER TB 40 108.30 2.67 59.57
N THR TB 41 107.01 2.80 59.86
CA THR TB 41 106.23 1.77 60.52
C THR TB 41 105.31 1.12 59.50
N LEU TB 42 104.62 0.06 59.95
CA LEU TB 42 103.63 -0.56 59.09
C LEU TB 42 102.53 0.42 58.74
N SER TB 43 102.12 1.24 59.70
CA SER TB 43 100.98 2.11 59.47
C SER TB 43 101.37 3.32 58.62
N ALA TB 44 102.60 3.78 58.79
CA ALA TB 44 103.13 4.95 58.08
C ALA TB 44 104.52 4.64 57.56
N PRO TB 45 104.61 3.99 56.40
CA PRO TB 45 105.91 3.48 55.92
C PRO TB 45 106.61 4.49 55.02
N GLY TB 46 107.86 4.18 54.72
CA GLY TB 46 108.61 4.82 53.64
C GLY TB 46 108.80 3.83 52.52
N LEU TB 47 108.54 4.29 51.29
CA LEU TB 47 108.41 3.36 50.17
C LEU TB 47 109.08 3.92 48.93
N ILE TB 48 109.55 3.02 48.07
CA ILE TB 48 110.09 3.38 46.77
C ILE TB 48 109.51 2.46 45.71
N ASN TB 49 109.20 3.03 44.54
CA ASN TB 49 108.60 2.33 43.41
C ASN TB 49 109.35 2.73 42.14
N ALA TB 50 109.53 1.77 41.22
CA ALA TB 50 110.20 2.07 39.95
C ALA TB 50 109.68 1.14 38.85
N LYS TB 51 109.19 1.73 37.75
CA LYS TB 51 108.57 1.04 36.64
C LYS TB 51 109.27 1.37 35.33
N PHE TB 52 109.21 0.42 34.39
CA PHE TB 52 109.72 0.59 33.03
C PHE TB 52 108.59 0.37 32.03
N ASP TB 53 108.25 1.43 31.29
CA ASP TB 53 107.41 1.29 30.09
C ASP TB 53 108.38 1.16 28.92
N ILE TB 54 108.63 -0.08 28.49
CA ILE TB 54 109.54 -0.36 27.40
C ILE TB 54 108.73 -0.59 26.13
N LYS TB 55 108.92 0.29 25.16
CA LYS TB 55 108.22 0.19 23.90
C LYS TB 55 108.82 -0.95 23.07
N ALA TB 56 108.02 -1.45 22.13
CA ALA TB 56 108.44 -2.45 21.16
C ALA TB 56 109.66 -1.94 20.40
N PRO TB 57 110.51 -2.84 19.88
CA PRO TB 57 111.69 -2.39 19.14
C PRO TB 57 111.28 -1.49 17.98
N GLY TB 58 112.14 -0.52 17.69
CA GLY TB 58 111.84 0.45 16.67
C GLY TB 58 112.59 1.73 16.91
N ILE TB 59 112.60 2.56 15.88
CA ILE TB 59 113.29 3.84 15.95
C ILE TB 59 112.37 4.95 16.40
N THR TB 60 111.07 4.68 16.52
CA THR TB 60 110.07 5.67 16.87
C THR TB 60 109.56 5.41 18.29
N GLY TB 61 109.14 6.48 18.95
CA GLY TB 61 108.55 6.40 20.27
C GLY TB 61 109.53 6.81 21.36
N ASN TB 62 108.99 6.86 22.58
CA ASN TB 62 109.77 7.12 23.78
C ASN TB 62 109.64 5.95 24.74
N ASP TB 63 110.77 5.53 25.32
CA ASP TB 63 110.78 4.66 26.49
C ASP TB 63 110.58 5.51 27.74
N ARG TB 64 109.99 4.90 28.78
CA ARG TB 64 109.70 5.69 29.98
C ARG TB 64 110.11 4.97 31.25
N ILE TB 65 110.63 5.75 32.20
CA ILE TB 65 110.98 5.30 33.54
C ILE TB 65 110.11 6.07 34.52
N HIS TB 66 109.51 5.36 35.47
CA HIS TB 66 108.72 5.98 36.52
C HIS TB 66 109.32 5.63 37.87
N ALA TB 67 109.38 6.61 38.77
CA ALA TB 67 109.96 6.37 40.08
C ALA TB 67 109.20 7.20 41.11
N ASN TB 68 108.96 6.62 42.27
CA ASN TB 68 108.22 7.30 43.33
C ASN TB 68 108.89 7.04 44.66
N LEU TB 69 109.20 8.11 45.40
CA LEU TB 69 109.75 8.02 46.73
C LEU TB 69 108.77 8.66 47.70
N ARG TB 70 108.23 7.86 48.61
CA ARG TB 70 107.09 8.22 49.46
C ARG TB 70 107.47 8.11 50.93
N LYS TB 71 106.90 9.00 51.74
CA LYS TB 71 106.87 8.84 53.18
C LYS TB 71 105.45 9.14 53.65
N VAL TB 72 104.86 8.18 54.35
CA VAL TB 72 103.51 8.34 54.91
C VAL TB 72 103.63 8.89 56.31
N VAL TB 73 102.70 9.77 56.69
CA VAL TB 73 102.65 10.33 58.03
C VAL TB 73 101.21 10.31 58.51
N LEU TB 74 101.04 10.02 59.79
CA LEU TB 74 99.72 9.92 60.40
C LEU TB 74 99.36 11.21 61.13
N ASP TB 75 98.10 11.60 61.03
CA ASP TB 75 97.62 12.78 61.76
C ASP TB 75 97.68 12.53 63.27
N GLU TB 76 98.06 13.58 64.00
CA GLU TB 76 98.21 13.43 65.45
C GLU TB 76 96.89 13.04 66.11
N LYS TB 77 95.80 13.67 65.69
CA LYS TB 77 94.50 13.42 66.32
C LYS TB 77 93.75 12.30 65.60
N THR TB 78 93.52 12.45 64.29
CA THR TB 78 92.65 11.53 63.57
C THR TB 78 93.35 10.23 63.16
N ASN TB 79 94.69 10.19 63.20
CA ASN TB 79 95.48 9.05 62.74
C ASN TB 79 95.21 8.70 61.28
N LEU TB 80 94.58 9.61 60.53
CA LEU TB 80 94.43 9.44 59.10
C LEU TB 80 95.78 9.65 58.41
N PRO TB 81 96.12 8.82 57.45
CA PRO TB 81 97.43 8.96 56.80
C PRO TB 81 97.37 9.92 55.64
N SER TB 82 98.33 10.83 55.57
CA SER TB 82 98.60 11.54 54.33
C SER TB 82 100.07 11.33 53.97
N THR TB 83 100.35 11.34 52.68
CA THR TB 83 101.65 10.91 52.19
C THR TB 83 102.32 12.01 51.38
N GLY TB 84 103.62 12.18 51.61
CA GLY TB 84 104.44 13.13 50.86
C GLY TB 84 105.36 12.38 49.93
N SER TB 85 105.56 12.91 48.73
CA SER TB 85 106.20 12.10 47.71
C SER TB 85 106.94 12.93 46.66
N VAL TB 86 108.11 12.44 46.26
CA VAL TB 86 108.83 12.94 45.09
C VAL TB 86 108.76 11.88 44.01
N THR TB 87 108.18 12.22 42.87
CA THR TB 87 108.04 11.27 41.78
C THR TB 87 108.67 11.81 40.51
N ILE TB 88 109.32 10.91 39.75
CA ILE TB 88 110.13 11.24 38.60
C ILE TB 88 109.66 10.44 37.40
N GLN TB 89 109.54 11.09 36.25
CA GLN TB 89 109.32 10.44 34.98
C GLN TB 89 110.43 10.82 34.02
N VAL TB 90 111.12 9.81 33.50
CA VAL TB 90 112.17 9.97 32.51
C VAL TB 90 111.63 9.46 31.18
N SER TB 91 111.71 10.30 30.13
CA SER TB 91 111.24 9.95 28.80
C SER TB 91 112.43 10.02 27.85
N ILE TB 92 112.83 8.85 27.34
CA ILE TB 92 114.02 8.66 26.52
C ILE TB 92 113.56 8.35 25.10
N PRO TB 93 113.79 9.24 24.14
CA PRO TB 93 113.42 8.95 22.75
C PRO TB 93 114.30 7.86 22.14
N ARG TB 94 113.84 7.34 21.01
CA ARG TB 94 114.54 6.26 20.32
C ARG TB 94 115.21 6.69 19.03
N ASN TB 95 114.99 7.93 18.58
CA ASN TB 95 115.77 8.46 17.46
C ASN TB 95 117.26 8.37 17.80
N PRO TB 96 118.08 7.78 16.93
CA PRO TB 96 119.52 7.63 17.26
C PRO TB 96 120.21 8.94 17.54
N ALA TB 97 119.54 10.06 17.27
CA ALA TB 97 120.05 11.38 17.61
C ALA TB 97 119.93 11.68 19.10
N TRP TB 98 119.50 10.73 19.92
CA TRP TB 98 119.50 10.83 21.37
C TRP TB 98 120.57 9.92 21.94
N ASN TB 99 121.08 10.27 23.12
CA ASN TB 99 122.14 9.49 23.77
C ASN TB 99 121.81 9.23 25.23
N ALA TB 100 122.29 8.09 25.71
CA ALA TB 100 122.34 7.87 27.15
C ALA TB 100 123.05 9.02 27.85
N SER TB 101 124.05 9.62 27.18
CA SER TB 101 124.72 10.78 27.77
C SER TB 101 123.75 11.93 27.99
N MET TB 102 122.81 12.10 27.05
CA MET TB 102 121.82 13.17 27.19
C MET TB 102 120.83 12.84 28.30
N THR TB 103 120.44 11.57 28.41
CA THR TB 103 119.60 11.14 29.53
C THR TB 103 120.29 11.46 30.86
N VAL TB 104 121.54 11.05 31.00
CA VAL TB 104 122.28 11.27 32.23
C VAL TB 104 122.45 12.75 32.50
N SER TB 105 122.67 13.53 31.45
CA SER TB 105 122.83 14.97 31.64
C SER TB 105 121.56 15.59 32.20
N LEU TB 106 120.40 15.20 31.68
CA LEU TB 106 119.15 15.70 32.24
C LEU TB 106 118.97 15.26 33.69
N LEU TB 107 119.33 14.00 34.00
CA LEU TB 107 119.20 13.54 35.38
C LEU TB 107 120.08 14.36 36.31
N LYS TB 108 121.33 14.61 35.92
CA LYS TB 108 122.26 15.37 36.75
C LYS TB 108 121.79 16.80 36.93
N GLN TB 109 121.25 17.41 35.86
CA GLN TB 109 120.77 18.78 35.97
C GLN TB 109 119.56 18.87 36.88
N ALA TB 110 118.64 17.91 36.78
CA ALA TB 110 117.51 17.89 37.69
C ALA TB 110 117.96 17.73 39.13
N ALA TB 111 118.95 16.85 39.37
CA ALA TB 111 119.50 16.69 40.70
C ALA TB 111 120.09 18.00 41.21
N ASP TB 112 120.82 18.71 40.36
CA ASP TB 112 121.40 19.99 40.77
C ASP TB 112 120.31 21.00 41.09
N TYR TB 113 119.28 21.08 40.25
CA TYR TB 113 118.34 22.19 40.35
C TYR TB 113 117.27 21.97 41.42
N LEU TB 114 116.85 20.73 41.64
CA LEU TB 114 115.82 20.47 42.64
C LEU TB 114 116.35 19.89 43.93
N ALA TB 115 117.53 19.28 43.92
CA ALA TB 115 118.11 18.74 45.15
C ALA TB 115 119.41 19.41 45.56
N GLY TB 116 120.09 20.10 44.65
CA GLY TB 116 121.34 20.77 44.98
C GLY TB 116 122.45 19.80 45.33
N THR TB 117 122.68 18.80 44.48
CA THR TB 117 123.65 17.74 44.78
C THR TB 117 124.67 17.53 43.67
N SER TB 118 124.69 18.37 42.64
CA SER TB 118 125.64 18.21 41.54
C SER TB 118 127.09 18.13 42.04
N ALA TB 119 127.95 17.53 41.20
CA ALA TB 119 129.38 17.53 41.42
C ALA TB 119 129.95 18.95 41.28
N THR TB 120 131.17 19.13 41.76
CA THR TB 120 131.79 20.45 41.75
C THR TB 120 132.43 20.76 40.40
N VAL TB 121 132.05 21.90 39.83
CA VAL TB 121 132.60 22.40 38.57
C VAL TB 121 132.77 23.91 38.72
N SER TB 122 133.86 24.43 38.19
CA SER TB 122 134.13 25.86 38.25
C SER TB 122 133.01 26.63 37.57
N GLY TB 123 132.46 27.62 38.26
CA GLY TB 123 131.41 28.45 37.71
C GLY TB 123 130.00 27.93 37.89
N GLN TB 124 129.80 26.86 38.68
CA GLN TB 124 128.46 26.33 38.81
C GLN TB 124 127.69 27.23 39.77
N THR TB 125 126.38 27.32 39.58
CA THR TB 125 125.60 28.10 40.54
C THR TB 125 125.43 27.30 41.83
N ASP TB 126 125.45 28.00 42.95
CA ASP TB 126 125.32 27.38 44.25
C ASP TB 126 123.87 26.99 44.46
N THR TB 127 123.62 25.68 44.43
CA THR TB 127 122.29 25.12 44.53
C THR TB 127 122.01 24.51 45.89
N SER TB 128 122.90 24.75 46.87
CA SER TB 128 122.77 24.11 48.17
C SER TB 128 121.45 24.45 48.85
N GLY TB 129 121.02 25.70 48.75
CA GLY TB 129 119.79 26.13 49.39
C GLY TB 129 118.55 25.92 48.58
N PHE TB 130 118.71 25.46 47.34
CA PHE TB 130 117.54 25.26 46.48
C PHE TB 130 116.55 24.24 47.03
N PRO TB 131 116.95 23.07 47.57
CA PRO TB 131 115.93 22.17 48.12
C PRO TB 131 115.14 22.80 49.25
N ALA TB 132 115.80 23.61 50.09
CA ALA TB 132 115.07 24.35 51.12
C ALA TB 132 114.05 25.29 50.50
N LYS TB 133 114.48 26.08 49.50
CA LYS TB 133 113.56 27.02 48.86
C LYS TB 133 112.39 26.28 48.21
N TRP TB 134 112.65 25.13 47.60
CA TRP TB 134 111.56 24.36 46.99
C TRP TB 134 110.58 23.88 48.06
N ALA TB 135 111.11 23.31 49.14
CA ALA TB 135 110.25 22.84 50.23
C ALA TB 135 109.41 23.97 50.80
N GLY TB 136 109.90 25.21 50.69
CA GLY TB 136 109.09 26.36 51.04
C GLY TB 136 108.19 26.90 49.93
N LEU TB 137 108.13 26.21 48.78
CA LEU TB 137 107.39 26.68 47.62
C LEU TB 137 107.87 28.06 47.17
N MET TB 138 109.17 28.17 46.94
CA MET TB 138 109.79 29.39 46.47
C MET TB 138 110.71 29.05 45.31
N PHE TB 139 110.57 29.76 44.21
CA PHE TB 139 111.47 29.53 43.08
C PHE TB 139 112.88 29.98 43.46
N PRO TB 140 113.90 29.16 43.18
CA PRO TB 140 115.31 29.48 43.44
C PRO TB 140 115.75 30.73 42.67
N ALA UB 1 -2.70 -121.25 37.69
CA ALA UB 1 -3.95 -121.47 36.99
C ALA UB 1 -4.01 -122.85 36.34
N ALA UB 2 -5.21 -123.42 36.25
CA ALA UB 2 -5.39 -124.71 35.62
C ALA UB 2 -5.09 -124.61 34.12
N PRO UB 3 -4.46 -125.64 33.54
CA PRO UB 3 -4.12 -125.56 32.11
C PRO UB 3 -5.32 -125.73 31.20
N SER UB 4 -6.37 -126.39 31.66
CA SER UB 4 -7.53 -126.65 30.83
C SER UB 4 -8.73 -126.94 31.73
N LEU UB 5 -9.92 -126.76 31.16
CA LEU UB 5 -11.17 -126.85 31.89
C LEU UB 5 -12.22 -127.54 31.03
N ALA UB 6 -13.05 -128.35 31.67
CA ALA UB 6 -14.22 -128.93 31.03
C ALA UB 6 -15.42 -128.50 31.87
N LEU UB 7 -16.05 -127.39 31.48
CA LEU UB 7 -17.14 -126.82 32.24
C LEU UB 7 -18.46 -127.34 31.70
N VAL UB 8 -19.47 -127.39 32.55
CA VAL UB 8 -20.79 -127.86 32.11
C VAL UB 8 -21.62 -126.66 31.67
N GLY UB 9 -22.19 -126.76 30.47
CA GLY UB 9 -23.12 -125.80 29.93
C GLY UB 9 -24.33 -126.53 29.34
N ALA UB 10 -24.98 -125.88 28.38
CA ALA UB 10 -26.18 -126.42 27.77
C ALA UB 10 -26.13 -126.30 26.26
N ASN UB 11 -26.66 -127.33 25.57
CA ASN UB 11 -26.76 -127.34 24.12
C ASN UB 11 -28.07 -126.67 23.72
N SER UB 12 -28.46 -126.83 22.46
CA SER UB 12 -29.72 -126.25 21.99
C SER UB 12 -30.93 -126.89 22.66
N THR UB 13 -30.80 -128.15 23.09
CA THR UB 13 -31.84 -128.85 23.83
C THR UB 13 -31.88 -128.44 25.30
N LEU UB 14 -30.88 -127.70 25.76
CA LEU UB 14 -30.64 -127.38 27.17
C LEU UB 14 -30.21 -128.60 27.98
N ALA UB 15 -29.77 -129.67 27.31
CA ALA UB 15 -29.17 -130.79 28.00
C ALA UB 15 -27.74 -130.44 28.42
N SER UB 16 -27.32 -131.01 29.54
CA SER UB 16 -25.99 -130.70 30.08
C SER UB 16 -24.91 -131.22 29.14
N THR UB 17 -24.06 -130.31 28.66
CA THR UB 17 -23.04 -130.61 27.68
C THR UB 17 -21.70 -130.05 28.16
N LEU UB 18 -20.62 -130.77 27.89
CA LEU UB 18 -19.32 -130.21 28.22
C LEU UB 18 -18.92 -129.12 27.23
N VAL UB 19 -18.20 -128.13 27.75
CA VAL UB 19 -17.59 -127.08 26.95
C VAL UB 19 -16.15 -126.94 27.42
N ASN UB 20 -15.21 -127.04 26.48
CA ASN UB 20 -13.80 -127.23 26.78
C ASN UB 20 -13.06 -125.93 26.57
N TYR UB 21 -12.37 -125.48 27.60
CA TYR UB 21 -11.51 -124.32 27.55
C TYR UB 21 -10.07 -124.75 27.80
N SER UB 22 -9.13 -124.00 27.24
CA SER UB 22 -7.71 -124.21 27.49
C SER UB 22 -7.06 -122.87 27.76
N LEU UB 23 -6.01 -122.88 28.57
CA LEU UB 23 -5.37 -121.65 29.03
C LEU UB 23 -4.65 -120.97 27.87
N ARG UB 24 -5.17 -119.82 27.45
CA ARG UB 24 -4.45 -118.99 26.51
C ARG UB 24 -3.25 -118.33 27.18
N SER UB 25 -3.50 -117.54 28.23
CA SER UB 25 -2.36 -116.84 28.84
C SER UB 25 -2.66 -116.49 30.28
N GLN UB 26 -1.63 -116.56 31.12
CA GLN UB 26 -1.70 -116.05 32.48
C GLN UB 26 -0.81 -114.81 32.56
N ASN UB 27 -1.43 -113.68 32.81
CA ASN UB 27 -0.77 -112.47 33.28
C ASN UB 27 -0.83 -112.45 34.81
N GLY UB 28 -0.09 -111.53 35.41
CA GLY UB 28 -0.07 -111.48 36.87
C GLY UB 28 -1.44 -111.18 37.46
N ASN UB 29 -2.00 -112.15 38.19
CA ASN UB 29 -3.35 -112.06 38.74
C ASN UB 29 -4.38 -111.88 37.62
N ASN UB 30 -4.13 -112.48 36.47
CA ASN UB 30 -5.07 -112.40 35.36
C ASN UB 30 -4.94 -113.65 34.52
N VAL UB 31 -6.07 -114.21 34.10
CA VAL UB 31 -6.09 -115.48 33.38
C VAL UB 31 -7.06 -115.38 32.21
N ASP UB 32 -6.63 -115.86 31.04
CA ASP UB 32 -7.43 -115.88 29.83
C ASP UB 32 -7.48 -117.30 29.27
N TYR UB 33 -8.70 -117.85 29.19
CA TYR UB 33 -8.99 -119.16 28.61
C TYR UB 33 -9.76 -118.98 27.31
N VAL UB 34 -9.60 -119.96 26.41
CA VAL UB 34 -10.25 -119.98 25.11
C VAL UB 34 -10.94 -121.32 24.91
N CYS UB 35 -12.10 -121.30 24.26
CA CYS UB 35 -12.85 -122.52 24.01
C CYS UB 35 -12.21 -123.29 22.86
N THR UB 36 -11.98 -124.59 23.07
CA THR UB 36 -11.33 -125.45 22.11
C THR UB 36 -12.30 -126.33 21.33
N ASP UB 37 -13.59 -126.08 21.46
CA ASP UB 37 -14.59 -126.84 20.72
C ASP UB 37 -14.67 -126.32 19.29
N PRO UB 38 -15.34 -127.06 18.40
CA PRO UB 38 -15.65 -126.48 17.08
C PRO UB 38 -16.61 -125.30 17.15
N ASP UB 39 -17.33 -125.11 18.26
CA ASP UB 39 -18.25 -123.99 18.42
C ASP UB 39 -17.52 -122.65 18.30
N SER UB 40 -16.36 -122.53 18.93
CA SER UB 40 -15.58 -121.31 18.87
C SER UB 40 -14.52 -121.42 17.79
N THR UB 41 -14.35 -120.34 17.07
CA THR UB 41 -13.26 -120.12 16.14
C THR UB 41 -12.60 -118.80 16.51
N LEU UB 42 -11.45 -118.53 15.90
CA LEU UB 42 -10.82 -117.24 16.16
C LEU UB 42 -11.73 -116.08 15.77
N SER UB 43 -12.53 -116.27 14.72
CA SER UB 43 -13.42 -115.20 14.26
C SER UB 43 -14.56 -114.96 15.26
N ALA UB 44 -15.10 -116.03 15.84
CA ALA UB 44 -16.20 -115.92 16.81
C ALA UB 44 -15.91 -116.85 17.98
N PRO UB 45 -15.08 -116.39 18.93
CA PRO UB 45 -14.57 -117.28 19.97
C PRO UB 45 -15.47 -117.35 21.20
N GLY UB 46 -15.21 -118.37 22.01
CA GLY UB 46 -15.71 -118.44 23.38
C GLY UB 46 -14.53 -118.21 24.31
N LEU UB 47 -14.74 -117.34 25.30
CA LEU UB 47 -13.62 -116.82 26.06
C LEU UB 47 -13.96 -116.75 27.54
N ILE UB 48 -12.93 -116.86 28.38
CA ILE UB 48 -13.07 -116.66 29.82
C ILE UB 48 -11.92 -115.78 30.29
N ASN UB 49 -12.22 -114.86 31.21
CA ASN UB 49 -11.24 -113.94 31.79
C ASN UB 49 -11.47 -113.86 33.29
N ALA UB 50 -10.38 -113.90 34.07
CA ALA UB 50 -10.46 -113.82 35.52
C ALA UB 50 -9.36 -112.94 36.07
N LYS UB 51 -9.73 -111.96 36.90
CA LYS UB 51 -8.84 -110.92 37.40
C LYS UB 51 -8.98 -110.80 38.90
N PHE UB 52 -7.90 -110.32 39.54
CA PHE UB 52 -7.84 -110.12 40.99
C PHE UB 52 -7.41 -108.69 41.29
N ASP UB 53 -8.32 -107.89 41.81
CA ASP UB 53 -8.03 -106.56 42.34
C ASP UB 53 -7.72 -106.73 43.82
N ILE UB 54 -6.44 -106.88 44.15
CA ILE UB 54 -5.99 -107.10 45.52
C ILE UB 54 -5.33 -105.82 46.00
N LYS UB 55 -5.89 -105.23 47.05
CA LYS UB 55 -5.36 -103.99 47.58
C LYS UB 55 -4.09 -104.25 48.39
N ALA UB 56 -3.33 -103.19 48.62
CA ALA UB 56 -2.10 -103.30 49.40
C ALA UB 56 -2.40 -103.90 50.77
N PRO UB 57 -1.47 -104.68 51.32
CA PRO UB 57 -1.76 -105.36 52.60
C PRO UB 57 -2.01 -104.42 53.76
N GLY UB 58 -1.37 -103.24 53.77
CA GLY UB 58 -1.67 -102.28 54.82
C GLY UB 58 -3.06 -101.69 54.72
N ILE UB 59 -3.51 -101.39 53.50
CA ILE UB 59 -4.78 -100.71 53.27
C ILE UB 59 -5.94 -101.66 53.53
N THR UB 60 -6.97 -101.16 54.21
CA THR UB 60 -8.24 -101.87 54.31
C THR UB 60 -9.18 -101.42 53.21
N GLY UB 61 -9.81 -102.38 52.56
CA GLY UB 61 -10.81 -102.10 51.56
C GLY UB 61 -11.54 -103.39 51.28
N ASN UB 62 -12.01 -103.54 50.05
CA ASN UB 62 -12.54 -104.82 49.57
C ASN UB 62 -11.58 -105.35 48.52
N ASP UB 63 -11.23 -106.63 48.65
CA ASP UB 63 -10.59 -107.34 47.55
C ASP UB 63 -11.66 -107.75 46.54
N ARG UB 64 -11.29 -107.79 45.26
CA ARG UB 64 -12.27 -108.02 44.21
C ARG UB 64 -11.82 -109.10 43.24
N ILE UB 65 -12.80 -109.88 42.77
CA ILE UB 65 -12.62 -110.88 41.73
C ILE UB 65 -13.51 -110.48 40.55
N HIS UB 66 -12.93 -110.46 39.34
CA HIS UB 66 -13.69 -110.14 38.13
C HIS UB 66 -13.62 -111.33 37.18
N ALA UB 67 -14.77 -111.91 36.87
CA ALA UB 67 -14.84 -113.02 35.95
C ALA UB 67 -15.76 -112.67 34.79
N ASN UB 68 -15.42 -113.18 33.61
CA ASN UB 68 -16.18 -112.87 32.39
C ASN UB 68 -16.17 -114.09 31.50
N LEU UB 69 -17.37 -114.58 31.15
CA LEU UB 69 -17.55 -115.71 30.24
C LEU UB 69 -18.32 -115.21 29.02
N ARG UB 70 -17.69 -115.28 27.86
CA ARG UB 70 -18.19 -114.68 26.63
C ARG UB 70 -18.36 -115.73 25.55
N LYS UB 71 -19.34 -115.50 24.68
CA LYS UB 71 -19.45 -116.20 23.40
C LYS UB 71 -19.77 -115.18 22.32
N VAL UB 72 -18.91 -115.10 21.31
CA VAL UB 72 -19.11 -114.21 20.17
C VAL UB 72 -19.90 -114.96 19.11
N VAL UB 73 -20.81 -114.26 18.44
CA VAL UB 73 -21.59 -114.84 17.37
C VAL UB 73 -21.58 -113.88 16.18
N LEU UB 74 -21.59 -114.43 14.98
CA LEU UB 74 -21.57 -113.65 13.75
C LEU UB 74 -22.97 -113.59 13.15
N ASP UB 75 -23.34 -112.41 12.65
CA ASP UB 75 -24.60 -112.27 11.94
C ASP UB 75 -24.56 -113.05 10.63
N GLU UB 76 -25.64 -113.78 10.35
CA GLU UB 76 -25.70 -114.53 9.10
C GLU UB 76 -25.55 -113.60 7.90
N LYS UB 77 -26.27 -112.47 7.92
CA LYS UB 77 -26.28 -111.59 6.75
C LYS UB 77 -25.03 -110.72 6.68
N THR UB 78 -24.59 -110.11 7.78
CA THR UB 78 -23.50 -109.14 7.72
C THR UB 78 -22.17 -109.65 8.24
N ASN UB 79 -22.13 -110.83 8.86
CA ASN UB 79 -20.94 -111.37 9.52
C ASN UB 79 -20.37 -110.43 10.57
N LEU UB 80 -21.13 -109.42 10.98
CA LEU UB 80 -20.71 -108.55 12.06
C LEU UB 80 -20.83 -109.28 13.39
N PRO UB 81 -19.87 -109.14 14.26
CA PRO UB 81 -19.88 -109.91 15.51
C PRO UB 81 -20.61 -109.16 16.62
N SER UB 82 -21.52 -109.85 17.29
CA SER UB 82 -22.02 -109.36 18.56
C SER UB 82 -21.83 -110.47 19.59
N THR UB 83 -21.62 -110.07 20.83
CA THR UB 83 -21.17 -110.99 21.85
C THR UB 83 -22.18 -111.05 23.01
N GLY UB 84 -22.29 -112.23 23.59
CA GLY UB 84 -23.13 -112.44 24.77
C GLY UB 84 -22.27 -112.90 25.93
N SER UB 85 -22.57 -112.40 27.12
CA SER UB 85 -21.60 -112.59 28.21
C SER UB 85 -22.28 -112.65 29.57
N VAL UB 86 -21.65 -113.40 30.47
CA VAL UB 86 -21.97 -113.38 31.89
C VAL UB 86 -20.74 -112.90 32.63
N THR UB 87 -20.86 -111.80 33.36
CA THR UB 87 -19.78 -111.25 34.15
C THR UB 87 -20.14 -111.30 35.63
N ILE UB 88 -19.12 -111.50 36.46
CA ILE UB 88 -19.29 -111.73 37.90
C ILE UB 88 -18.26 -110.91 38.63
N GLN UB 89 -18.68 -110.22 39.68
CA GLN UB 89 -17.77 -109.45 40.50
C GLN UB 89 -17.98 -109.88 41.94
N VAL UB 90 -16.93 -110.37 42.58
CA VAL UB 90 -16.97 -110.80 43.96
C VAL UB 90 -16.20 -109.76 44.77
N SER UB 91 -16.87 -109.13 45.74
CA SER UB 91 -16.25 -108.14 46.61
C SER UB 91 -16.21 -108.70 48.02
N ILE UB 92 -15.00 -109.00 48.48
CA ILE UB 92 -14.72 -109.65 49.76
C ILE UB 92 -14.11 -108.62 50.70
N PRO UB 93 -14.73 -108.31 51.83
CA PRO UB 93 -14.13 -107.35 52.76
C PRO UB 93 -12.98 -107.92 53.57
N ARG UB 94 -12.06 -107.02 53.94
CA ARG UB 94 -10.85 -107.38 54.68
C ARG UB 94 -11.04 -107.35 56.19
N ASN UB 95 -12.26 -107.48 56.68
CA ASN UB 95 -12.56 -107.54 58.11
C ASN UB 95 -12.63 -108.99 58.56
N PRO UB 96 -11.93 -109.38 59.62
CA PRO UB 96 -12.02 -110.78 60.10
C PRO UB 96 -13.43 -111.23 60.40
N ALA UB 97 -14.38 -110.31 60.54
CA ALA UB 97 -15.77 -110.68 60.72
C ALA UB 97 -16.38 -111.31 59.46
N TRP UB 98 -15.66 -111.31 58.35
CA TRP UB 98 -16.03 -112.00 57.13
C TRP UB 98 -15.08 -113.17 56.91
N ASN UB 99 -15.57 -114.22 56.26
CA ASN UB 99 -14.70 -115.35 56.02
C ASN UB 99 -15.07 -116.07 54.72
N ALA UB 100 -14.21 -117.03 54.38
CA ALA UB 100 -14.37 -117.73 53.11
C ALA UB 100 -15.68 -118.50 53.06
N SER UB 101 -16.17 -118.97 54.20
CA SER UB 101 -17.45 -119.66 54.19
C SER UB 101 -18.56 -118.72 53.70
N MET UB 102 -18.48 -117.44 54.07
CA MET UB 102 -19.47 -116.48 53.62
C MET UB 102 -19.28 -116.15 52.14
N THR UB 103 -18.04 -116.02 51.69
CA THR UB 103 -17.79 -115.85 50.26
C THR UB 103 -18.41 -116.99 49.46
N VAL UB 104 -18.14 -118.23 49.88
CA VAL UB 104 -18.67 -119.40 49.19
C VAL UB 104 -20.17 -119.44 49.27
N SER UB 105 -20.75 -119.03 50.41
CA SER UB 105 -22.20 -119.04 50.55
C SER UB 105 -22.84 -118.11 49.53
N LEU UB 106 -22.28 -116.90 49.36
CA LEU UB 106 -22.81 -116.01 48.33
C LEU UB 106 -22.67 -116.62 46.94
N LEU UB 107 -21.52 -117.23 46.65
CA LEU UB 107 -21.36 -117.86 45.35
C LEU UB 107 -22.41 -118.93 45.10
N LYS UB 108 -22.63 -119.80 46.09
CA LYS UB 108 -23.59 -120.88 45.95
C LYS UB 108 -25.01 -120.35 45.77
N GLN UB 109 -25.36 -119.30 46.52
CA GLN UB 109 -26.70 -118.75 46.40
C GLN UB 109 -26.91 -118.12 45.03
N ALA UB 110 -25.91 -117.39 44.54
CA ALA UB 110 -26.03 -116.83 43.20
C ALA UB 110 -26.18 -117.93 42.15
N ALA UB 111 -25.41 -119.01 42.31
CA ALA UB 111 -25.54 -120.15 41.40
C ALA UB 111 -26.95 -120.73 41.43
N ASP UB 112 -27.48 -120.96 42.62
CA ASP UB 112 -28.85 -121.47 42.74
C ASP UB 112 -29.85 -120.53 42.07
N TYR UB 113 -29.73 -119.23 42.31
CA TYR UB 113 -30.80 -118.32 41.91
C TYR UB 113 -30.73 -117.92 40.44
N LEU UB 114 -29.55 -117.92 39.82
CA LEU UB 114 -29.46 -117.52 38.42
C LEU UB 114 -29.17 -118.68 37.47
N ALA UB 115 -28.58 -119.77 37.94
CA ALA UB 115 -28.34 -120.92 37.10
C ALA UB 115 -29.14 -122.15 37.50
N GLY UB 116 -29.67 -122.17 38.72
CA GLY UB 116 -30.45 -123.30 39.19
C GLY UB 116 -29.62 -124.56 39.29
N THR UB 117 -28.48 -124.49 39.98
CA THR UB 117 -27.56 -125.63 40.07
C THR UB 117 -27.17 -125.99 41.49
N SER UB 118 -27.83 -125.45 42.51
CA SER UB 118 -27.53 -125.78 43.89
C SER UB 118 -27.58 -127.29 44.16
N ALA UB 119 -26.92 -127.69 45.23
CA ALA UB 119 -27.00 -129.07 45.72
C ALA UB 119 -28.38 -129.33 46.32
N THR UB 120 -28.78 -130.59 46.36
CA THR UB 120 -30.10 -130.95 46.86
C THR UB 120 -30.14 -130.78 48.38
N VAL UB 121 -31.10 -129.99 48.84
CA VAL UB 121 -31.32 -129.69 50.26
C VAL UB 121 -32.82 -129.56 50.47
N SER UB 122 -33.34 -130.26 51.48
CA SER UB 122 -34.79 -130.31 51.63
C SER UB 122 -35.35 -128.93 51.95
N GLY UB 123 -36.43 -128.57 51.27
CA GLY UB 123 -37.04 -127.27 51.44
C GLY UB 123 -36.55 -126.19 50.49
N GLN UB 124 -35.57 -126.50 49.64
CA GLN UB 124 -35.11 -125.55 48.65
C GLN UB 124 -36.17 -125.31 47.60
N THR UB 125 -36.24 -124.07 47.12
CA THR UB 125 -37.12 -123.80 46.00
C THR UB 125 -36.55 -124.44 44.73
N ASP UB 126 -37.45 -124.89 43.86
CA ASP UB 126 -37.06 -125.54 42.61
C ASP UB 126 -36.60 -124.47 41.65
N THR UB 127 -35.29 -124.31 41.55
CA THR UB 127 -34.67 -123.28 40.74
C THR UB 127 -34.32 -123.76 39.35
N SER UB 128 -34.75 -124.96 38.98
CA SER UB 128 -34.32 -125.56 37.72
C SER UB 128 -34.75 -124.72 36.52
N GLY UB 129 -35.93 -124.11 36.57
CA GLY UB 129 -36.41 -123.33 35.45
C GLY UB 129 -35.99 -121.88 35.46
N PHE UB 130 -35.33 -121.47 36.54
CA PHE UB 130 -34.93 -120.07 36.64
C PHE UB 130 -34.00 -119.62 35.52
N PRO UB 131 -32.99 -120.38 35.10
CA PRO UB 131 -32.16 -119.89 33.98
C PRO UB 131 -32.97 -119.67 32.72
N ALA UB 132 -33.94 -120.54 32.44
CA ALA UB 132 -34.84 -120.31 31.31
C ALA UB 132 -35.59 -119.00 31.47
N LYS UB 133 -36.18 -118.77 32.65
CA LYS UB 133 -36.92 -117.53 32.87
C LYS UB 133 -36.02 -116.31 32.72
N TRP UB 134 -34.80 -116.38 33.25
CA TRP UB 134 -33.88 -115.25 33.11
C TRP UB 134 -33.57 -114.98 31.65
N ALA UB 135 -33.24 -116.04 30.89
CA ALA UB 135 -32.97 -115.89 29.47
C ALA UB 135 -34.18 -115.36 28.71
N GLY UB 136 -35.36 -115.44 29.29
CA GLY UB 136 -36.52 -114.77 28.73
C GLY UB 136 -36.79 -113.38 29.26
N LEU UB 137 -35.89 -112.82 30.07
CA LEU UB 137 -36.11 -111.55 30.77
C LEU UB 137 -37.41 -111.58 31.59
N MET UB 138 -37.54 -112.62 32.42
CA MET UB 138 -38.67 -112.80 33.31
C MET UB 138 -38.15 -113.09 34.71
N PHE UB 139 -38.68 -112.39 35.70
CA PHE UB 139 -38.28 -112.69 37.07
C PHE UB 139 -38.83 -114.05 37.48
N PRO UB 140 -38.03 -114.91 38.12
CA PRO UB 140 -38.48 -116.21 38.61
C PRO UB 140 -39.64 -116.06 39.59
N ALA VB 1 8.60 -120.92 38.15
CA ALA VB 1 8.69 -120.77 39.59
C ALA VB 1 8.06 -121.95 40.31
N ALA VB 2 8.53 -122.23 41.53
CA ALA VB 2 7.99 -123.35 42.30
C ALA VB 2 6.53 -123.09 42.64
N PRO VB 3 5.64 -124.08 42.44
CA PRO VB 3 4.22 -123.85 42.71
C PRO VB 3 3.89 -123.72 44.18
N SER VB 4 4.75 -124.22 45.07
CA SER VB 4 4.49 -124.11 46.49
C SER VB 4 5.81 -124.22 47.25
N LEU VB 5 5.81 -123.71 48.48
CA LEU VB 5 7.01 -123.62 49.29
C LEU VB 5 6.67 -123.97 50.74
N ALA VB 6 7.60 -124.63 51.40
CA ALA VB 6 7.52 -124.91 52.83
C ALA VB 6 8.77 -124.34 53.47
N LEU VB 7 8.69 -123.10 53.94
CA LEU VB 7 9.85 -122.40 54.47
C LEU VB 7 9.90 -122.56 55.98
N VAL VB 8 11.09 -122.41 56.55
CA VAL VB 8 11.26 -122.52 57.99
C VAL VB 8 11.21 -121.14 58.62
N GLY VB 9 10.35 -120.98 59.63
CA GLY VB 9 10.29 -119.77 60.42
C GLY VB 9 10.28 -120.14 61.89
N ALA VB 10 9.76 -119.26 62.74
CA ALA VB 10 9.75 -119.48 64.17
C ALA VB 10 8.35 -119.30 64.74
N ASN VB 11 7.97 -120.20 65.66
CA ASN VB 11 6.70 -120.10 66.36
C ASN VB 11 6.81 -119.06 67.47
N SER VB 12 5.80 -118.99 68.33
CA SER VB 12 5.84 -118.03 69.44
C SER VB 12 7.00 -118.30 70.39
N THR VB 13 7.53 -119.52 70.40
CA THR VB 13 8.64 -119.90 71.26
C THR VB 13 9.98 -119.83 70.55
N LEU VB 14 9.99 -119.43 69.28
CA LEU VB 14 11.18 -119.36 68.43
C LEU VB 14 11.69 -120.74 68.01
N ALA VB 15 10.85 -121.77 68.15
CA ALA VB 15 11.20 -123.08 67.61
C ALA VB 15 10.97 -123.11 66.11
N SER VB 16 11.82 -123.85 65.41
CA SER VB 16 11.70 -123.93 63.96
C SER VB 16 10.38 -124.59 63.58
N THR VB 17 9.60 -123.89 62.77
CA THR VB 17 8.26 -124.31 62.37
C THR VB 17 8.08 -124.06 60.88
N LEU VB 18 7.40 -124.99 60.20
CA LEU VB 18 7.13 -124.74 58.79
C LEU VB 18 6.07 -123.67 58.60
N VAL VB 19 6.21 -122.95 57.50
CA VAL VB 19 5.27 -121.94 57.05
C VAL VB 19 5.05 -122.17 55.56
N ASN VB 20 3.80 -122.38 55.18
CA ASN VB 20 3.46 -122.91 53.86
C ASN VB 20 2.95 -121.79 52.96
N TYR VB 21 3.60 -121.62 51.82
CA TYR VB 21 3.21 -120.65 50.82
C TYR VB 21 2.82 -121.39 49.53
N SER VB 22 1.92 -120.78 48.77
CA SER VB 22 1.53 -121.28 47.46
C SER VB 22 1.59 -120.14 46.46
N LEU VB 23 1.92 -120.49 45.22
CA LEU VB 23 2.13 -119.50 44.17
C LEU VB 23 0.80 -118.96 43.68
N ARG VB 24 0.56 -117.67 43.89
CA ARG VB 24 -0.69 -117.06 43.46
C ARG VB 24 -0.68 -116.75 41.97
N SER VB 25 0.35 -116.06 41.49
CA SER VB 25 0.46 -115.73 40.07
C SER VB 25 1.91 -115.40 39.73
N GLN VB 26 2.16 -115.19 38.45
CA GLN VB 26 3.48 -114.77 37.96
C GLN VB 26 3.29 -113.72 36.87
N ASN VB 27 3.78 -112.50 37.12
CA ASN VB 27 3.74 -111.37 36.21
C ASN VB 27 5.12 -111.19 35.57
N GLY VB 28 5.32 -110.06 34.89
CA GLY VB 28 6.59 -109.72 34.31
C GLY VB 28 7.69 -109.65 35.35
N ASN VB 29 8.60 -110.62 35.28
CA ASN VB 29 9.80 -110.66 36.11
C ASN VB 29 9.46 -110.58 37.60
N ASN VB 30 8.39 -111.25 38.02
CA ASN VB 30 8.05 -111.26 39.43
C ASN VB 30 7.23 -112.51 39.75
N VAL VB 31 7.05 -112.74 41.05
CA VAL VB 31 6.42 -113.93 41.59
C VAL VB 31 5.72 -113.53 42.88
N ASP VB 32 4.48 -114.01 43.06
CA ASP VB 32 3.65 -113.68 44.21
C ASP VB 32 3.20 -114.96 44.90
N TYR VB 33 3.59 -115.13 46.17
CA TYR VB 33 3.20 -116.26 46.99
C TYR VB 33 2.34 -115.79 48.16
N VAL VB 34 1.44 -116.69 48.59
CA VAL VB 34 0.50 -116.43 49.67
C VAL VB 34 0.60 -117.55 50.69
N CYS VB 35 0.50 -117.20 51.97
CA CYS VB 35 0.57 -118.21 53.02
C CYS VB 35 -0.76 -118.96 53.10
N THR VB 36 -0.68 -120.29 53.16
CA THR VB 36 -1.83 -121.17 53.16
C THR VB 36 -2.12 -121.77 54.53
N ASP VB 37 -1.44 -121.32 55.57
CA ASP VB 37 -1.68 -121.81 56.91
C ASP VB 37 -3.01 -121.24 57.42
N PRO VB 38 -3.53 -121.77 58.52
CA PRO VB 38 -4.76 -121.21 59.08
C PRO VB 38 -4.60 -119.80 59.63
N ASP VB 39 -3.41 -119.44 60.14
CA ASP VB 39 -3.25 -118.13 60.77
C ASP VB 39 -3.27 -116.96 59.78
N SER VB 40 -3.10 -117.23 58.48
CA SER VB 40 -3.19 -116.17 57.47
C SER VB 40 -4.54 -116.23 56.79
N THR VB 41 -5.19 -115.08 56.72
CA THR VB 41 -6.48 -114.89 56.06
C THR VB 41 -6.39 -113.63 55.24
N LEU VB 42 -7.42 -113.36 54.43
CA LEU VB 42 -7.40 -112.15 53.61
C LEU VB 42 -7.34 -110.91 54.48
N SER VB 43 -7.91 -110.97 55.68
CA SER VB 43 -7.86 -109.83 56.59
C SER VB 43 -6.43 -109.55 57.06
N ALA VB 44 -5.65 -110.61 57.30
CA ALA VB 44 -4.28 -110.47 57.78
C ALA VB 44 -3.41 -111.56 57.17
N PRO VB 45 -2.98 -111.38 55.92
CA PRO VB 45 -2.29 -112.44 55.20
C PRO VB 45 -0.79 -112.46 55.44
N GLY VB 46 -0.16 -113.55 55.02
CA GLY VB 46 1.28 -113.64 54.87
C GLY VB 46 1.62 -113.72 53.38
N LEU VB 47 2.61 -112.94 52.97
CA LEU VB 47 2.87 -112.75 51.55
C LEU VB 47 4.37 -112.79 51.27
N ILE VB 48 4.73 -113.28 50.08
CA ILE VB 48 6.10 -113.20 49.60
C ILE VB 48 6.08 -112.73 48.15
N ASN VB 49 7.00 -111.84 47.81
CA ASN VB 49 7.04 -111.23 46.48
C ASN VB 49 8.47 -111.12 46.01
N ALA VB 50 8.71 -111.46 44.74
CA ALA VB 50 10.06 -111.40 44.19
C ALA VB 50 10.03 -110.81 42.79
N LYS VB 51 11.04 -110.00 42.46
CA LYS VB 51 11.10 -109.28 41.20
C LYS VB 51 12.55 -109.19 40.72
N PHE VB 52 12.73 -109.24 39.40
CA PHE VB 52 14.04 -109.02 38.79
C PHE VB 52 14.04 -107.73 37.98
N ASP VB 53 15.01 -106.86 38.24
CA ASP VB 53 15.34 -105.74 37.38
C ASP VB 53 16.57 -106.17 36.59
N ILE VB 54 16.36 -106.53 35.32
CA ILE VB 54 17.41 -107.14 34.49
C ILE VB 54 17.85 -106.12 33.46
N LYS VB 55 19.13 -105.76 33.50
CA LYS VB 55 19.65 -104.78 32.57
C LYS VB 55 20.02 -105.45 31.25
N ALA VB 56 20.23 -104.64 30.23
CA ALA VB 56 20.45 -105.12 28.87
C ALA VB 56 21.71 -106.00 28.82
N PRO VB 57 21.82 -106.84 27.80
CA PRO VB 57 23.03 -107.67 27.67
C PRO VB 57 24.28 -106.80 27.57
N GLY VB 58 25.36 -107.30 28.14
CA GLY VB 58 26.62 -106.60 28.22
C GLY VB 58 27.24 -106.84 29.57
N ILE VB 59 28.35 -106.15 29.83
CA ILE VB 59 29.01 -106.26 31.13
C ILE VB 59 28.96 -104.96 31.91
N THR VB 60 28.14 -104.00 31.49
CA THR VB 60 28.18 -102.66 32.04
C THR VB 60 27.36 -102.53 33.32
N GLY VB 61 26.18 -103.15 33.37
CA GLY VB 61 25.17 -102.80 34.34
C GLY VB 61 25.30 -103.48 35.69
N ASN VB 62 24.21 -103.35 36.46
CA ASN VB 62 23.98 -104.02 37.73
C ASN VB 62 22.57 -104.60 37.72
N ASP VB 63 22.46 -105.92 37.70
CA ASP VB 63 21.18 -106.60 37.84
C ASP VB 63 20.69 -106.50 39.28
N ARG VB 64 19.37 -106.55 39.49
CA ARG VB 64 18.83 -106.44 40.84
C ARG VB 64 17.72 -107.45 41.09
N ILE VB 65 17.69 -107.96 42.32
CA ILE VB 65 16.65 -108.86 42.81
C ILE VB 65 15.97 -108.16 43.98
N HIS VB 66 14.64 -108.16 43.98
CA HIS VB 66 13.84 -107.57 45.05
C HIS VB 66 12.96 -108.66 45.64
N ALA VB 67 13.17 -108.96 46.92
CA ALA VB 67 12.31 -109.89 47.64
C ALA VB 67 11.64 -109.17 48.79
N ASN VB 68 10.46 -109.64 49.15
CA ASN VB 68 9.69 -108.98 50.20
C ASN VB 68 8.83 -110.03 50.89
N LEU VB 69 9.06 -110.22 52.19
CA LEU VB 69 8.31 -111.17 53.01
C LEU VB 69 7.53 -110.39 54.04
N ARG VB 70 6.20 -110.44 53.96
CA ARG VB 70 5.34 -109.63 54.81
C ARG VB 70 4.38 -110.51 55.59
N LYS VB 71 3.97 -110.00 56.75
CA LYS VB 71 2.88 -110.56 57.54
C LYS VB 71 2.05 -109.43 58.12
N VAL VB 72 0.75 -109.49 57.93
CA VAL VB 72 -0.17 -108.48 58.45
C VAL VB 72 -0.73 -108.97 59.77
N VAL VB 73 -0.92 -108.05 60.71
CA VAL VB 73 -1.49 -108.37 62.02
C VAL VB 73 -2.57 -107.35 62.33
N LEU VB 74 -3.57 -107.78 63.09
CA LEU VB 74 -4.69 -106.93 63.48
C LEU VB 74 -4.61 -106.60 64.96
N ASP VB 75 -4.91 -105.34 65.30
CA ASP VB 75 -4.91 -104.90 66.69
C ASP VB 75 -6.00 -105.63 67.48
N GLU VB 76 -5.65 -106.12 68.68
CA GLU VB 76 -6.65 -106.79 69.51
C GLU VB 76 -7.78 -105.85 69.90
N LYS VB 77 -7.52 -104.54 69.93
CA LYS VB 77 -8.52 -103.59 70.41
C LYS VB 77 -9.37 -103.07 69.26
N THR VB 78 -8.77 -102.86 68.09
CA THR VB 78 -9.44 -102.17 66.99
C THR VB 78 -9.49 -102.94 65.68
N ASN VB 79 -8.88 -104.13 65.60
CA ASN VB 79 -8.72 -104.85 64.33
C ASN VB 79 -8.06 -104.00 63.25
N LEU VB 80 -7.27 -103.02 63.66
CA LEU VB 80 -6.61 -102.26 62.61
C LEU VB 80 -5.33 -102.95 62.16
N PRO VB 81 -5.10 -103.00 60.85
CA PRO VB 81 -3.97 -103.76 60.33
C PRO VB 81 -2.69 -102.95 60.39
N SER VB 82 -1.61 -103.59 60.82
CA SER VB 82 -0.27 -103.10 60.56
C SER VB 82 0.57 -104.28 60.10
N THR VB 83 1.57 -104.01 59.27
CA THR VB 83 2.32 -105.06 58.62
C THR VB 83 3.77 -105.04 59.09
N GLY VB 84 4.33 -106.24 59.27
CA GLY VB 84 5.75 -106.42 59.49
C GLY VB 84 6.35 -107.00 58.23
N SER VB 85 7.59 -106.61 57.93
CA SER VB 85 8.15 -107.03 56.66
C SER VB 85 9.67 -107.12 56.73
N VAL VB 86 10.21 -108.06 55.97
CA VAL VB 86 11.64 -108.15 55.68
C VAL VB 86 11.80 -108.05 54.17
N THR VB 87 12.43 -106.98 53.71
CA THR VB 87 12.68 -106.78 52.29
C THR VB 87 14.18 -106.95 52.02
N ILE VB 88 14.48 -107.47 50.83
CA ILE VB 88 15.85 -107.79 50.43
C ILE VB 88 16.09 -107.25 49.04
N GLN VB 89 17.25 -106.65 48.83
CA GLN VB 89 17.66 -106.21 47.51
C GLN VB 89 19.08 -106.69 47.23
N VAL VB 90 19.21 -107.52 46.19
CA VAL VB 90 20.49 -108.04 45.75
C VAL VB 90 20.88 -107.28 44.50
N SER VB 91 22.10 -106.77 44.46
CA SER VB 91 22.63 -106.07 43.29
C SER VB 91 23.89 -106.80 42.84
N ILE VB 92 23.82 -107.37 41.63
CA ILE VB 92 24.82 -108.23 41.01
C ILE VB 92 25.45 -107.47 39.85
N PRO VB 93 26.71 -107.08 39.93
CA PRO VB 93 27.36 -106.45 38.78
C PRO VB 93 27.63 -107.44 37.66
N ARG VB 94 27.72 -106.90 36.45
CA ARG VB 94 27.96 -107.69 35.26
C ARG VB 94 29.42 -107.69 34.81
N ASN VB 95 30.25 -106.81 35.37
CA ASN VB 95 31.70 -106.86 35.18
C ASN VB 95 32.19 -108.27 35.47
N PRO VB 96 32.86 -108.93 34.51
CA PRO VB 96 33.26 -110.34 34.70
C PRO VB 96 34.16 -110.57 35.90
N ALA VB 97 34.58 -109.51 36.56
CA ALA VB 97 35.32 -109.62 37.81
C ALA VB 97 34.42 -110.00 38.98
N TRP VB 98 33.13 -110.25 38.74
CA TRP VB 98 32.19 -110.71 39.75
C TRP VB 98 31.76 -112.14 39.44
N ASN VB 99 31.31 -112.87 40.47
CA ASN VB 99 30.93 -114.26 40.34
C ASN VB 99 29.59 -114.53 40.99
N ALA VB 100 28.88 -115.51 40.42
CA ALA VB 100 27.77 -116.10 41.14
C ALA VB 100 28.21 -116.58 42.51
N SER VB 101 29.47 -117.03 42.64
CA SER VB 101 29.98 -117.44 43.94
C SER VB 101 30.00 -116.27 44.90
N MET VB 102 30.33 -115.08 44.41
CA MET VB 102 30.36 -113.90 45.27
C MET VB 102 28.95 -113.48 45.68
N THR VB 103 28.00 -113.58 44.74
CA THR VB 103 26.59 -113.37 45.09
C THR VB 103 26.15 -114.30 46.20
N VAL VB 104 26.41 -115.60 46.02
CA VAL VB 104 25.99 -116.59 47.02
C VAL VB 104 26.69 -116.33 48.35
N SER VB 105 27.96 -115.91 48.30
CA SER VB 105 28.68 -115.64 49.55
C SER VB 105 28.04 -114.50 50.32
N LEU VB 106 27.66 -113.42 49.61
CA LEU VB 106 26.96 -112.34 50.29
C LEU VB 106 25.62 -112.81 50.86
N LEU VB 107 24.89 -113.64 50.12
CA LEU VB 107 23.62 -114.14 50.63
C LEU VB 107 23.82 -114.95 51.92
N LYS VB 108 24.81 -115.84 51.91
CA LYS VB 108 25.08 -116.68 53.08
C LYS VB 108 25.51 -115.84 54.26
N GLN VB 109 26.34 -114.81 54.02
CA GLN VB 109 26.79 -113.96 55.12
C GLN VB 109 25.64 -113.18 55.72
N ALA VB 110 24.78 -112.61 54.86
CA ALA VB 110 23.61 -111.90 55.37
C ALA VB 110 22.72 -112.84 56.18
N ALA VB 111 22.55 -114.07 55.71
CA ALA VB 111 21.75 -115.05 56.44
C ALA VB 111 22.35 -115.33 57.82
N ASP VB 112 23.66 -115.58 57.86
CA ASP VB 112 24.33 -115.79 59.15
C ASP VB 112 24.18 -114.59 60.07
N TYR VB 113 24.32 -113.37 59.53
CA TYR VB 113 24.44 -112.21 60.41
C TYR VB 113 23.08 -111.67 60.87
N LEU VB 114 22.01 -111.86 60.08
CA LEU VB 114 20.71 -111.36 60.48
C LEU VB 114 19.72 -112.44 60.88
N ALA VB 115 19.91 -113.68 60.45
CA ALA VB 115 19.06 -114.78 60.84
C ALA VB 115 19.78 -115.85 61.66
N GLY VB 116 21.10 -115.88 61.65
CA GLY VB 116 21.85 -116.88 62.38
C GLY VB 116 21.57 -118.29 61.92
N THR VB 117 21.68 -118.53 60.61
CA THR VB 117 21.32 -119.83 60.03
C THR VB 117 22.44 -120.45 59.20
N SER VB 118 23.63 -119.87 59.18
CA SER VB 118 24.72 -120.38 58.38
C SER VB 118 25.08 -121.83 58.74
N ALA VB 119 25.78 -122.49 57.80
CA ALA VB 119 26.32 -123.81 58.03
C ALA VB 119 27.46 -123.76 59.05
N THR VB 120 27.90 -124.94 59.48
CA THR VB 120 28.90 -125.04 60.54
C THR VB 120 30.31 -125.05 59.96
N VAL VB 121 31.15 -124.13 60.45
CA VAL VB 121 32.56 -124.03 60.08
C VAL VB 121 33.33 -123.81 61.38
N SER VB 122 34.63 -124.13 61.34
CA SER VB 122 35.41 -124.21 62.56
C SER VB 122 35.32 -122.94 63.40
N GLY VB 123 35.84 -121.83 62.90
CA GLY VB 123 35.99 -120.68 63.76
C GLY VB 123 34.83 -119.70 63.72
N GLN VB 124 33.63 -120.17 63.37
CA GLN VB 124 32.56 -119.23 63.08
C GLN VB 124 32.08 -118.62 64.38
N THR VB 125 31.59 -117.38 64.31
CA THR VB 125 31.02 -116.80 65.51
C THR VB 125 29.59 -117.30 65.69
N ASP VB 126 29.20 -117.41 66.96
CA ASP VB 126 27.88 -117.92 67.31
C ASP VB 126 26.85 -116.85 67.02
N THR VB 127 26.02 -117.09 66.00
CA THR VB 127 25.04 -116.13 65.54
C THR VB 127 23.62 -116.57 65.84
N SER VB 128 23.45 -117.59 66.68
CA SER VB 128 22.10 -118.11 66.95
C SER VB 128 21.23 -117.06 67.63
N GLY VB 129 21.80 -116.23 68.49
CA GLY VB 129 21.03 -115.23 69.20
C GLY VB 129 20.87 -113.91 68.47
N PHE VB 130 21.55 -113.77 67.34
CA PHE VB 130 21.49 -112.52 66.60
C PHE VB 130 20.08 -112.15 66.16
N PRO VB 131 19.25 -113.05 65.62
CA PRO VB 131 17.89 -112.63 65.26
C PRO VB 131 17.11 -112.10 66.44
N ALA VB 132 17.27 -112.71 67.62
CA ALA VB 132 16.63 -112.18 68.82
C ALA VB 132 17.12 -110.77 69.13
N LYS VB 133 18.44 -110.56 69.08
CA LYS VB 133 18.98 -109.24 69.38
C LYS VB 133 18.50 -108.21 68.36
N TRP VB 134 18.40 -108.58 67.09
CA TRP VB 134 17.87 -107.65 66.09
C TRP VB 134 16.42 -107.31 66.40
N ALA VB 135 15.60 -108.33 66.64
CA ALA VB 135 14.18 -108.10 66.95
C ALA VB 135 13.99 -107.25 68.19
N GLY VB 136 14.99 -107.20 69.05
CA GLY VB 136 14.99 -106.25 70.15
C GLY VB 136 15.55 -104.89 69.83
N LEU VB 137 15.89 -104.64 68.56
CA LEU VB 137 16.54 -103.41 68.12
C LEU VB 137 17.83 -103.15 68.90
N MET VB 138 18.70 -104.15 68.93
CA MET VB 138 20.05 -103.98 69.45
C MET VB 138 21.04 -104.73 68.58
N PHE VB 139 22.23 -104.16 68.46
CA PHE VB 139 23.25 -104.74 67.60
C PHE VB 139 23.81 -106.02 68.22
N PRO VB 140 24.11 -107.02 67.39
CA PRO VB 140 24.84 -108.22 67.82
C PRO VB 140 26.21 -107.86 68.37
N ALA WB 1 1.41 -120.51 30.76
CA ALA WB 1 2.39 -121.16 29.88
C ALA WB 1 3.21 -122.20 30.64
N ALA WB 2 3.95 -123.01 29.89
CA ALA WB 2 4.76 -124.05 30.50
C ALA WB 2 5.87 -123.42 31.34
N PRO WB 3 6.10 -123.92 32.56
CA PRO WB 3 7.10 -123.29 33.43
C PRO WB 3 8.53 -123.57 33.00
N SER WB 4 8.75 -124.60 32.19
CA SER WB 4 10.11 -124.94 31.75
C SER WB 4 10.03 -125.75 30.47
N LEU WB 5 11.10 -125.67 29.69
CA LEU WB 5 11.17 -126.28 28.36
C LEU WB 5 12.53 -126.93 28.17
N ALA WB 6 12.54 -128.08 27.50
CA ALA WB 6 13.76 -128.75 27.08
C ALA WB 6 13.71 -128.86 25.57
N LEU WB 7 14.22 -127.84 24.88
CA LEU WB 7 14.17 -127.81 23.43
C LEU WB 7 15.42 -128.49 22.86
N VAL WB 8 15.33 -128.95 21.61
CA VAL WB 8 16.44 -129.60 20.95
C VAL WB 8 17.15 -128.60 20.06
N GLY WB 9 18.46 -128.43 20.26
CA GLY WB 9 19.32 -127.65 19.42
C GLY WB 9 20.53 -128.49 19.03
N ALA WB 10 21.63 -127.79 18.72
CA ALA WB 10 22.84 -128.42 18.23
C ALA WB 10 24.04 -127.89 19.01
N ASN WB 11 24.95 -128.79 19.35
CA ASN WB 11 26.21 -128.40 19.98
C ASN WB 11 27.20 -128.01 18.89
N SER WB 12 28.48 -127.88 19.27
CA SER WB 12 29.50 -127.50 18.30
C SER WB 12 29.67 -128.56 17.21
N THR WB 13 29.35 -129.82 17.51
CA THR WB 13 29.42 -130.92 16.56
C THR WB 13 28.21 -130.98 15.64
N LEU WB 14 27.18 -130.15 15.90
CA LEU WB 14 25.85 -130.21 15.30
C LEU WB 14 25.07 -131.43 15.76
N ALA WB 15 25.53 -132.13 16.80
CA ALA WB 15 24.76 -133.23 17.37
C ALA WB 15 23.56 -132.69 18.16
N SER WB 16 22.46 -133.43 18.12
CA SER WB 16 21.24 -132.99 18.80
C SER WB 16 21.46 -132.94 20.31
N THR WB 17 21.32 -131.76 20.90
CA THR WB 17 21.59 -131.52 22.31
C THR WB 17 20.42 -130.77 22.93
N LEU WB 18 20.10 -131.08 24.18
CA LEU WB 18 19.06 -130.32 24.86
C LEU WB 18 19.55 -128.95 25.29
N VAL WB 19 18.67 -127.97 25.14
CA VAL WB 19 18.86 -126.62 25.63
C VAL WB 19 17.65 -126.27 26.49
N ASN WB 20 17.91 -125.86 27.73
CA ASN WB 20 16.91 -125.81 28.78
C ASN WB 20 16.54 -124.38 29.09
N TYR WB 21 15.24 -124.09 29.10
CA TYR WB 21 14.72 -122.77 29.40
C TYR WB 21 13.75 -122.86 30.58
N SER WB 22 13.71 -121.81 31.39
CA SER WB 22 12.69 -121.68 32.43
C SER WB 22 11.91 -120.39 32.21
N LEU WB 23 10.65 -120.41 32.63
CA LEU WB 23 9.73 -119.29 32.44
C LEU WB 23 10.07 -118.20 33.43
N ARG WB 24 10.70 -117.13 32.94
CA ARG WB 24 11.04 -116.00 33.79
C ARG WB 24 9.90 -114.99 33.91
N SER WB 25 9.23 -114.64 32.82
CA SER WB 25 8.11 -113.71 32.98
C SER WB 25 6.99 -114.04 32.01
N GLN WB 26 5.79 -113.57 32.35
CA GLN WB 26 4.64 -113.64 31.47
C GLN WB 26 3.75 -112.45 31.81
N ASN WB 27 3.46 -111.64 30.80
CA ASN WB 27 2.77 -110.37 31.00
C ASN WB 27 2.12 -109.95 29.70
N GLY WB 28 0.82 -109.64 29.76
CA GLY WB 28 0.12 -109.03 28.65
C GLY WB 28 0.27 -109.78 27.35
N ASN WB 29 -0.23 -111.02 27.35
CA ASN WB 29 -0.08 -111.92 26.20
C ASN WB 29 1.35 -111.94 25.70
N ASN WB 30 2.29 -111.99 26.64
CA ASN WB 30 3.69 -112.02 26.29
C ASN WB 30 4.37 -112.99 27.24
N VAL WB 31 5.31 -113.79 26.72
CA VAL WB 31 5.94 -114.87 27.48
C VAL WB 31 7.44 -114.84 27.22
N ASP WB 32 8.24 -114.83 28.30
CA ASP WB 32 9.68 -114.68 28.22
C ASP WB 32 10.36 -115.79 29.03
N TYR WB 33 11.19 -116.58 28.35
CA TYR WB 33 11.99 -117.66 28.92
C TYR WB 33 13.46 -117.30 28.91
N VAL WB 34 14.20 -117.85 29.88
CA VAL WB 34 15.65 -117.68 29.92
C VAL WB 34 16.31 -119.05 29.96
N CYS WB 35 17.50 -119.14 29.37
CA CYS WB 35 18.21 -120.41 29.28
C CYS WB 35 18.94 -120.69 30.59
N THR WB 36 18.75 -121.90 31.12
CA THR WB 36 19.28 -122.30 32.42
C THR WB 36 20.63 -122.99 32.32
N ASP WB 37 21.14 -123.18 31.11
CA ASP WB 37 22.38 -123.93 30.91
C ASP WB 37 23.57 -123.07 31.28
N PRO WB 38 24.76 -123.68 31.37
CA PRO WB 38 25.95 -122.87 31.68
C PRO WB 38 26.35 -121.90 30.57
N ASP WB 39 25.99 -122.20 29.32
CA ASP WB 39 26.40 -121.32 28.22
C ASP WB 39 25.66 -119.98 28.21
N SER WB 40 24.57 -119.85 28.95
CA SER WB 40 23.90 -118.56 29.11
C SER WB 40 24.29 -117.99 30.46
N THR WB 41 24.98 -116.85 30.42
CA THR WB 41 25.35 -116.09 31.60
C THR WB 41 24.47 -114.86 31.70
N LEU WB 42 24.61 -114.14 32.82
CA LEU WB 42 23.90 -112.88 32.96
C LEU WB 42 24.32 -111.90 31.89
N SER WB 43 25.62 -111.87 31.57
CA SER WB 43 26.11 -110.87 30.63
C SER WB 43 25.76 -111.24 29.20
N ALA WB 44 25.74 -112.53 28.90
CA ALA WB 44 25.46 -113.04 27.57
C ALA WB 44 24.47 -114.20 27.66
N PRO WB 45 23.18 -113.89 27.74
CA PRO WB 45 22.18 -114.93 28.02
C PRO WB 45 21.61 -115.54 26.75
N GLY WB 46 20.85 -116.62 26.94
CA GLY WB 46 19.98 -117.17 25.92
C GLY WB 46 18.55 -116.91 26.31
N LEU WB 47 17.75 -116.44 25.35
CA LEU WB 47 16.45 -115.89 25.68
C LEU WB 47 15.40 -116.31 24.65
N ILE WB 48 14.15 -116.40 25.10
CA ILE WB 48 13.03 -116.66 24.21
C ILE WB 48 11.90 -115.69 24.55
N ASN WB 49 11.22 -115.21 23.52
CA ASN WB 49 10.13 -114.24 23.61
C ASN WB 49 8.99 -114.70 22.72
N ALA WB 50 7.74 -114.50 23.18
CA ALA WB 50 6.58 -114.87 22.38
C ALA WB 50 5.39 -113.97 22.70
N LYS WB 51 4.84 -113.32 21.66
CA LYS WB 51 3.77 -112.33 21.77
C LYS WB 51 2.57 -112.74 20.93
N PHE WB 52 1.39 -112.29 21.35
CA PHE WB 52 0.13 -112.48 20.62
C PHE WB 52 -0.49 -111.12 20.34
N ASP WB 53 -0.59 -110.77 19.05
CA ASP WB 53 -1.44 -109.66 18.60
C ASP WB 53 -2.79 -110.28 18.24
N ILE WB 54 -3.73 -110.21 19.17
CA ILE WB 54 -5.07 -110.77 18.97
C ILE WB 54 -6.02 -109.65 18.59
N LYS WB 55 -6.54 -109.73 17.37
CA LYS WB 55 -7.47 -108.73 16.87
C LYS WB 55 -8.83 -108.92 17.53
N ALA WB 56 -9.61 -107.84 17.56
CA ALA WB 56 -10.99 -107.85 18.03
C ALA WB 56 -11.80 -108.91 17.29
N PRO WB 57 -12.85 -109.44 17.90
CA PRO WB 57 -13.65 -110.46 17.20
C PRO WB 57 -14.16 -109.94 15.88
N GLY WB 58 -14.25 -110.84 14.91
CA GLY WB 58 -14.65 -110.45 13.58
C GLY WB 58 -14.13 -111.44 12.58
N ILE WB 59 -14.68 -111.33 11.37
CA ILE WB 59 -14.29 -112.21 10.28
C ILE WB 59 -13.17 -111.61 9.44
N THR WB 60 -12.80 -110.36 9.69
CA THR WB 60 -11.79 -109.66 8.93
C THR WB 60 -10.54 -109.48 9.76
N GLY WB 61 -9.39 -109.41 9.08
CA GLY WB 61 -8.12 -109.16 9.72
C GLY WB 61 -7.30 -110.42 9.87
N ASN WB 62 -6.07 -110.22 10.36
CA ASN WB 62 -5.15 -111.30 10.67
C ASN WB 62 -4.76 -111.23 12.15
N ASP WB 63 -4.77 -112.38 12.81
CA ASP WB 63 -4.13 -112.54 14.11
C ASP WB 63 -2.64 -112.78 13.90
N ARG WB 64 -1.82 -112.39 14.88
CA ARG WB 64 -0.38 -112.53 14.70
C ARG WB 64 0.31 -113.11 15.92
N ILE WB 65 1.29 -113.97 15.66
CA ILE WB 65 2.16 -114.57 16.67
C ILE WB 65 3.58 -114.10 16.39
N HIS WB 66 4.27 -113.64 17.42
CA HIS WB 66 5.67 -113.25 17.29
C HIS WB 66 6.51 -114.10 18.22
N ALA WB 67 7.67 -114.54 17.76
CA ALA WB 67 8.55 -115.37 18.57
C ALA WB 67 9.99 -115.03 18.25
N ASN WB 68 10.83 -115.01 19.28
CA ASN WB 68 12.23 -114.66 19.11
C ASN WB 68 13.08 -115.58 19.96
N LEU WB 69 14.06 -116.23 19.34
CA LEU WB 69 15.02 -117.07 20.03
C LEU WB 69 16.40 -116.48 19.85
N ARG WB 70 17.01 -116.06 20.95
CA ARG WB 70 18.23 -115.24 20.95
C ARG WB 70 19.33 -115.94 21.72
N LYS WB 71 20.56 -115.74 21.26
CA LYS WB 71 21.76 -116.04 22.05
C LYS WB 71 22.70 -114.85 21.94
N VAL WB 72 23.09 -114.29 23.08
CA VAL WB 72 24.02 -113.18 23.13
C VAL WB 72 25.43 -113.72 23.26
N VAL WB 73 26.38 -113.07 22.61
CA VAL WB 73 27.78 -113.44 22.70
C VAL WB 73 28.60 -112.17 22.88
N LEU WB 74 29.65 -112.28 23.71
CA LEU WB 74 30.51 -111.15 24.01
C LEU WB 74 31.77 -111.20 23.16
N ASP WB 75 32.23 -110.03 22.72
CA ASP WB 75 33.48 -109.94 21.98
C ASP WB 75 34.66 -110.32 22.87
N GLU WB 76 35.62 -111.05 22.27
CA GLU WB 76 36.76 -111.52 23.05
C GLU WB 76 37.55 -110.36 23.64
N LYS WB 77 37.77 -109.32 22.86
CA LYS WB 77 38.58 -108.18 23.30
C LYS WB 77 37.72 -107.11 23.97
N THR WB 78 36.73 -106.60 23.24
CA THR WB 78 35.97 -105.44 23.71
C THR WB 78 34.89 -105.79 24.72
N ASN WB 79 34.51 -107.08 24.83
CA ASN WB 79 33.41 -107.53 25.67
C ASN WB 79 32.07 -106.87 25.33
N LEU WB 80 31.99 -106.23 24.15
CA LEU WB 80 30.73 -105.69 23.67
C LEU WB 80 29.84 -106.86 23.23
N PRO WB 81 28.57 -106.81 23.56
CA PRO WB 81 27.68 -107.93 23.19
C PRO WB 81 27.09 -107.74 21.81
N SER WB 82 27.12 -108.79 21.01
CA SER WB 82 26.28 -108.85 19.83
C SER WB 82 25.45 -110.13 19.92
N THR WB 83 24.26 -110.08 19.35
CA THR WB 83 23.28 -111.14 19.56
C THR WB 83 22.85 -111.77 18.24
N GLY WB 84 22.74 -113.09 18.23
CA GLY WB 84 22.25 -113.84 17.08
C GLY WB 84 20.85 -114.37 17.38
N SER WB 85 19.98 -114.35 16.37
CA SER WB 85 18.57 -114.58 16.68
C SER WB 85 17.81 -115.16 15.50
N VAL WB 86 16.91 -116.10 15.80
CA VAL WB 86 15.92 -116.58 14.86
C VAL WB 86 14.56 -116.08 15.33
N THR WB 87 13.88 -115.30 14.51
CA THR WB 87 12.59 -114.74 14.86
C THR WB 87 11.53 -115.13 13.83
N ILE WB 88 10.32 -115.41 14.34
CA ILE WB 88 9.23 -115.96 13.55
C ILE WB 88 8.00 -115.07 13.73
N GLN WB 89 7.32 -114.79 12.63
CA GLN WB 89 6.01 -114.15 12.64
C GLN WB 89 5.01 -115.05 11.92
N VAL WB 90 3.94 -115.42 12.63
CA VAL WB 90 2.86 -116.20 12.07
C VAL WB 90 1.65 -115.28 11.91
N SER WB 91 1.08 -115.23 10.71
CA SER WB 91 -0.08 -114.40 10.42
C SER WB 91 -1.21 -115.30 9.98
N ILE WB 92 -2.25 -115.39 10.81
CA ILE WB 92 -3.38 -116.28 10.67
C ILE WB 92 -4.61 -115.46 10.30
N PRO WB 93 -5.14 -115.57 9.08
CA PRO WB 93 -6.35 -114.83 8.71
C PRO WB 93 -7.58 -115.35 9.46
N ARG WB 94 -8.64 -114.54 9.41
CA ARG WB 94 -9.88 -114.87 10.09
C ARG WB 94 -11.01 -115.26 9.15
N ASN WB 95 -10.83 -115.15 7.84
CA ASN WB 95 -11.79 -115.69 6.90
C ASN WB 95 -11.97 -117.19 7.18
N PRO WB 96 -13.21 -117.67 7.36
CA PRO WB 96 -13.41 -119.09 7.68
C PRO WB 96 -12.83 -120.04 6.66
N ALA WB 97 -12.40 -119.51 5.52
CA ALA WB 97 -11.70 -120.29 4.51
C ALA WB 97 -10.26 -120.60 4.89
N TRP WB 98 -9.83 -120.23 6.10
CA TRP WB 98 -8.54 -120.61 6.63
C TRP WB 98 -8.73 -121.63 7.76
N ASN WB 99 -7.71 -122.46 7.98
CA ASN WB 99 -7.78 -123.50 9.00
C ASN WB 99 -6.54 -123.50 9.87
N ALA WB 100 -6.74 -123.89 11.13
CA ALA WB 100 -5.61 -124.26 11.95
C ALA WB 100 -4.74 -125.30 11.26
N SER WB 101 -5.35 -126.19 10.47
CA SER WB 101 -4.55 -127.16 9.71
C SER WB 101 -3.62 -126.47 8.75
N MET WB 102 -4.08 -125.37 8.13
CA MET WB 102 -3.22 -124.64 7.21
C MET WB 102 -2.11 -123.92 7.96
N THR WB 103 -2.42 -123.35 9.13
CA THR WB 103 -1.39 -122.76 9.99
C THR WB 103 -0.31 -123.79 10.31
N VAL WB 104 -0.74 -124.96 10.79
CA VAL WB 104 0.21 -126.00 11.17
C VAL WB 104 1.00 -126.48 9.96
N SER WB 105 0.35 -126.55 8.79
CA SER WB 105 1.06 -126.98 7.60
C SER WB 105 2.18 -126.01 7.25
N LEU WB 106 1.90 -124.70 7.32
CA LEU WB 106 2.97 -123.73 7.08
C LEU WB 106 4.08 -123.84 8.11
N LEU WB 107 3.73 -124.05 9.39
CA LEU WB 107 4.75 -124.21 10.41
C LEU WB 107 5.64 -125.41 10.12
N LYS WB 108 5.04 -126.54 9.77
CA LYS WB 108 5.80 -127.75 9.49
C LYS WB 108 6.69 -127.58 8.27
N GLN WB 109 6.18 -126.90 7.23
CA GLN WB 109 6.98 -126.70 6.03
C GLN WB 109 8.16 -125.78 6.32
N ALA WB 110 7.94 -124.72 7.09
CA ALA WB 110 9.04 -123.85 7.48
C ALA WB 110 10.08 -124.63 8.27
N ALA WB 111 9.64 -125.47 9.20
CA ALA WB 111 10.57 -126.30 9.95
C ALA WB 111 11.38 -127.20 9.02
N ASP WB 112 10.71 -127.81 8.04
CA ASP WB 112 11.44 -128.68 7.10
C ASP WB 112 12.45 -127.88 6.29
N TYR WB 113 12.06 -126.70 5.80
CA TYR WB 113 12.89 -125.99 4.82
C TYR WB 113 14.02 -125.20 5.45
N LEU WB 114 13.82 -124.66 6.65
CA LEU WB 114 14.88 -123.87 7.28
C LEU WB 114 15.61 -124.61 8.40
N ALA WB 115 15.00 -125.63 8.99
CA ALA WB 115 15.65 -126.40 10.04
C ALA WB 115 15.90 -127.85 9.67
N GLY WB 116 15.21 -128.39 8.67
CA GLY WB 116 15.41 -129.77 8.26
C GLY WB 116 14.99 -130.76 9.32
N THR WB 117 13.77 -130.61 9.86
CA THR WB 117 13.30 -131.44 10.97
C THR WB 117 11.96 -132.11 10.71
N SER WB 118 11.42 -132.01 9.50
CA SER WB 118 10.12 -132.63 9.20
C SER WB 118 10.09 -134.12 9.53
N ALA WB 119 8.88 -134.64 9.73
CA ALA WB 119 8.65 -136.07 9.89
C ALA WB 119 8.95 -136.80 8.58
N THR WB 120 9.07 -138.11 8.67
CA THR WB 120 9.44 -138.91 7.51
C THR WB 120 8.21 -139.24 6.66
N VAL WB 121 8.30 -138.93 5.37
CA VAL WB 121 7.27 -139.22 4.38
C VAL WB 121 7.97 -139.65 3.10
N SER WB 122 7.41 -140.66 2.44
CA SER WB 122 7.98 -141.16 1.19
C SER WB 122 8.03 -140.04 0.15
N GLY WB 123 9.21 -139.85 -0.44
CA GLY WB 123 9.37 -138.85 -1.46
C GLY WB 123 9.72 -137.46 -0.96
N GLN WB 124 10.03 -137.30 0.32
CA GLN WB 124 10.31 -135.95 0.81
C GLN WB 124 11.73 -135.60 0.40
N THR WB 125 12.00 -134.31 0.19
CA THR WB 125 13.37 -133.94 -0.12
C THR WB 125 14.19 -133.95 1.17
N ASP WB 126 15.45 -134.37 1.03
CA ASP WB 126 16.35 -134.46 2.16
C ASP WB 126 16.79 -133.06 2.56
N THR WB 127 16.30 -132.61 3.70
CA THR WB 127 16.54 -131.27 4.19
C THR WB 127 17.55 -131.25 5.34
N SER WB 128 18.23 -132.37 5.58
CA SER WB 128 19.11 -132.46 6.73
C SER WB 128 20.23 -131.43 6.68
N GLY WB 129 20.79 -131.19 5.50
CA GLY WB 129 21.88 -130.25 5.36
C GLY WB 129 21.45 -128.81 5.13
N PHE WB 130 20.15 -128.59 5.01
CA PHE WB 130 19.67 -127.23 4.77
C PHE WB 130 20.01 -126.26 5.89
N PRO WB 131 19.87 -126.58 7.18
CA PRO WB 131 20.28 -125.61 8.19
C PRO WB 131 21.74 -125.23 8.10
N ALA WB 132 22.61 -126.19 7.78
CA ALA WB 132 24.01 -125.86 7.55
C ALA WB 132 24.16 -124.89 6.38
N LYS WB 133 23.50 -125.18 5.25
CA LYS WB 133 23.61 -124.30 4.10
C LYS WB 133 23.09 -122.90 4.42
N TRP WB 134 22.00 -122.82 5.20
CA TRP WB 134 21.48 -121.50 5.58
C TRP WB 134 22.49 -120.76 6.44
N ALA WB 135 23.03 -121.43 7.45
CA ALA WB 135 24.03 -120.79 8.32
C ALA WB 135 25.23 -120.32 7.53
N GLY WB 136 25.51 -120.95 6.39
CA GLY WB 136 26.51 -120.46 5.48
C GLY WB 136 26.05 -119.42 4.49
N LEU WB 137 24.80 -118.96 4.59
CA LEU WB 137 24.20 -118.04 3.62
C LEU WB 137 24.24 -118.61 2.20
N MET WB 138 23.71 -119.81 2.05
CA MET WB 138 23.63 -120.49 0.76
C MET WB 138 22.21 -121.03 0.59
N PHE WB 139 21.60 -120.73 -0.54
CA PHE WB 139 20.27 -121.29 -0.79
C PHE WB 139 20.37 -122.79 -0.98
N PRO WB 140 19.50 -123.57 -0.33
CA PRO WB 140 19.44 -125.03 -0.45
C PRO WB 140 19.17 -125.47 -1.88
N ALA XB 1 65.93 -105.96 -28.59
CA ALA XB 1 66.86 -105.23 -29.44
C ALA XB 1 68.29 -105.75 -29.30
N ALA XB 2 69.06 -105.65 -30.39
CA ALA XB 2 70.44 -106.09 -30.36
C ALA XB 2 71.27 -105.19 -29.45
N PRO XB 3 72.22 -105.74 -28.71
CA PRO XB 3 73.01 -104.91 -27.78
C PRO XB 3 74.01 -104.01 -28.48
N SER XB 4 74.46 -104.40 -29.68
CA SER XB 4 75.47 -103.63 -30.38
C SER XB 4 75.40 -103.97 -31.87
N LEU XB 5 75.93 -103.07 -32.68
CA LEU XB 5 75.84 -103.15 -34.13
C LEU XB 5 77.15 -102.71 -34.75
N ALA XB 6 77.53 -103.38 -35.83
CA ALA XB 6 78.65 -102.97 -36.66
C ALA XB 6 78.10 -102.77 -38.07
N LEU XB 7 77.72 -101.54 -38.38
CA LEU XB 7 77.08 -101.24 -39.66
C LEU XB 7 78.14 -100.78 -40.66
N VAL XB 8 77.89 -100.99 -41.93
CA VAL XB 8 78.83 -100.57 -42.96
C VAL XB 8 78.47 -99.18 -43.45
N GLY XB 9 79.45 -98.28 -43.44
CA GLY XB 9 79.34 -96.95 -43.99
C GLY XB 9 80.54 -96.66 -44.87
N ALA XB 10 80.86 -95.36 -45.00
CA ALA XB 10 81.94 -94.93 -45.87
C ALA XB 10 82.83 -93.90 -45.16
N ASN XB 11 84.14 -93.99 -45.41
CA ASN XB 11 85.10 -93.04 -44.89
C ASN XB 11 85.21 -91.86 -45.85
N SER XB 12 86.24 -91.03 -45.66
CA SER XB 12 86.43 -89.89 -46.55
C SER XB 12 86.78 -90.33 -47.98
N THR XB 13 87.37 -91.51 -48.13
CA THR XB 13 87.66 -92.09 -49.45
C THR XB 13 86.42 -92.73 -50.08
N LEU XB 14 85.34 -92.87 -49.32
CA LEU XB 14 84.14 -93.62 -49.68
C LEU XB 14 84.39 -95.13 -49.74
N ALA XB 15 85.48 -95.59 -49.13
CA ALA XB 15 85.70 -97.02 -48.97
C ALA XB 15 84.82 -97.55 -47.83
N SER XB 16 84.40 -98.80 -47.97
CA SER XB 16 83.50 -99.40 -46.99
C SER XB 16 84.20 -99.55 -45.64
N THR XB 17 83.64 -98.92 -44.61
CA THR XB 17 84.23 -98.86 -43.28
C THR XB 17 83.19 -99.26 -42.25
N LEU XB 18 83.61 -99.96 -41.21
CA LEU XB 18 82.67 -100.24 -40.13
C LEU XB 18 82.43 -99.01 -39.28
N VAL XB 19 81.19 -98.91 -38.78
CA VAL XB 19 80.80 -97.91 -37.80
C VAL XB 19 80.03 -98.61 -36.71
N ASN XB 20 80.48 -98.43 -35.47
CA ASN XB 20 80.08 -99.23 -34.34
C ASN XB 20 79.08 -98.48 -33.49
N TYR XB 21 77.91 -99.07 -33.28
CA TYR XB 21 76.89 -98.54 -32.40
C TYR XB 21 76.69 -99.51 -31.23
N SER XB 22 76.27 -98.96 -30.10
CA SER XB 22 75.90 -99.78 -28.95
C SER XB 22 74.60 -99.25 -28.38
N LEU XB 23 73.83 -100.15 -27.78
CA LEU XB 23 72.49 -99.82 -27.31
C LEU XB 23 72.56 -98.88 -26.12
N ARG XB 24 72.13 -97.63 -26.33
CA ARG XB 24 71.95 -96.72 -25.21
C ARG XB 24 70.75 -97.11 -24.37
N SER XB 25 69.56 -97.15 -24.99
CA SER XB 25 68.39 -97.45 -24.18
C SER XB 25 67.27 -98.02 -25.04
N GLN XB 26 66.52 -98.97 -24.47
CA GLN XB 26 65.29 -99.45 -25.08
C GLN XB 26 64.12 -98.96 -24.24
N ASN XB 27 63.30 -98.12 -24.82
CA ASN XB 27 61.96 -97.81 -24.34
C ASN XB 27 60.98 -98.75 -25.04
N GLY XB 28 59.74 -98.76 -24.58
CA GLY XB 28 58.76 -99.64 -25.18
C GLY XB 28 58.50 -99.34 -26.64
N ASN XB 29 58.87 -100.27 -27.52
CA ASN XB 29 58.78 -100.07 -28.97
C ASN XB 29 59.63 -98.87 -29.41
N ASN XB 30 60.75 -98.65 -28.74
CA ASN XB 30 61.64 -97.55 -29.10
C ASN XB 30 63.06 -97.94 -28.72
N VAL XB 31 64.02 -97.65 -29.59
CA VAL XB 31 65.40 -98.07 -29.39
C VAL XB 31 66.33 -96.92 -29.76
N ASP XB 32 67.32 -96.65 -28.89
CA ASP XB 32 68.32 -95.61 -29.11
C ASP XB 32 69.71 -96.23 -29.01
N TYR XB 33 70.47 -96.12 -30.11
CA TYR XB 33 71.85 -96.55 -30.21
C TYR XB 33 72.77 -95.33 -30.34
N VAL XB 34 74.01 -95.50 -29.88
CA VAL XB 34 75.03 -94.45 -29.91
C VAL XB 34 76.29 -95.00 -30.54
N CYS XB 35 76.98 -94.17 -31.31
CA CYS XB 35 78.21 -94.59 -31.97
C CYS XB 35 79.35 -94.61 -30.95
N THR XB 36 80.10 -95.72 -30.93
CA THR XB 36 81.18 -95.95 -29.98
C THR XB 36 82.56 -95.71 -30.59
N ASP XB 37 82.63 -95.16 -31.79
CA ASP XB 37 83.90 -94.87 -32.42
C ASP XB 37 84.47 -93.57 -31.85
N PRO XB 38 85.73 -93.28 -32.12
CA PRO XB 38 86.25 -91.94 -31.80
C PRO XB 38 85.61 -90.83 -32.62
N ASP XB 39 84.92 -91.16 -33.71
CA ASP XB 39 84.24 -90.15 -34.54
C ASP XB 39 83.17 -89.42 -33.74
N SER XB 40 82.39 -90.15 -32.95
CA SER XB 40 81.35 -89.54 -32.14
C SER XB 40 81.86 -89.31 -30.73
N THR XB 41 81.50 -88.16 -30.18
CA THR XB 41 81.67 -87.82 -28.79
C THR XB 41 80.31 -87.38 -28.26
N LEU XB 42 80.22 -87.21 -26.94
CA LEU XB 42 78.96 -86.71 -26.40
C LEU XB 42 78.61 -85.35 -26.97
N SER XB 43 79.63 -84.52 -27.25
CA SER XB 43 79.37 -83.18 -27.78
C SER XB 43 78.85 -83.24 -29.21
N ALA XB 44 79.37 -84.15 -30.03
CA ALA XB 44 78.94 -84.31 -31.43
C ALA XB 44 78.78 -85.78 -31.72
N PRO XB 45 77.64 -86.37 -31.36
CA PRO XB 45 77.48 -87.82 -31.42
C PRO XB 45 76.95 -88.31 -32.75
N GLY XB 46 77.10 -89.63 -32.93
CA GLY XB 46 76.40 -90.36 -33.97
C GLY XB 46 75.33 -91.21 -33.30
N LEU XB 47 74.13 -91.17 -33.85
CA LEU XB 47 72.97 -91.69 -33.14
C LEU XB 47 72.05 -92.46 -34.07
N ILE XB 48 71.33 -93.42 -33.51
CA ILE XB 48 70.29 -94.14 -34.23
C ILE XB 48 69.07 -94.25 -33.34
N ASN XB 49 67.89 -94.09 -33.93
CA ASN XB 49 66.61 -94.17 -33.24
C ASN XB 49 65.64 -94.98 -34.09
N ALA XB 50 64.89 -95.89 -33.43
CA ALA XB 50 63.91 -96.73 -34.13
C ALA XB 50 62.64 -96.86 -33.30
N LYS XB 51 61.51 -96.57 -33.93
CA LYS XB 51 60.21 -96.49 -33.26
C LYS XB 51 59.17 -97.31 -34.03
N PHE XB 52 58.15 -97.77 -33.29
CA PHE XB 52 57.06 -98.55 -33.84
C PHE XB 52 55.73 -97.92 -33.47
N ASP XB 53 55.04 -97.37 -34.48
CA ASP XB 53 53.66 -96.90 -34.33
C ASP XB 53 52.75 -98.06 -34.70
N ILE XB 54 52.34 -98.83 -33.71
CA ILE XB 54 51.49 -100.00 -33.90
C ILE XB 54 50.08 -99.66 -33.42
N LYS XB 55 49.13 -99.73 -34.34
CA LYS XB 55 47.75 -99.39 -34.00
C LYS XB 55 47.11 -100.54 -33.22
N ALA XB 56 46.00 -100.22 -32.55
CA ALA XB 56 45.27 -101.22 -31.79
C ALA XB 56 44.90 -102.40 -32.69
N PRO XB 57 44.87 -103.62 -32.14
CA PRO XB 57 44.61 -104.79 -33.00
C PRO XB 57 43.24 -104.78 -33.66
N GLY XB 58 42.23 -104.21 -33.01
CA GLY XB 58 40.93 -104.10 -33.66
C GLY XB 58 40.92 -103.14 -34.83
N ILE XB 59 41.61 -102.00 -34.68
CA ILE XB 59 41.57 -100.93 -35.68
C ILE XB 59 42.38 -101.34 -36.91
N THR XB 60 41.85 -101.06 -38.10
CA THR XB 60 42.60 -101.17 -39.33
C THR XB 60 43.23 -99.82 -39.66
N GLY XB 61 44.49 -99.85 -40.03
CA GLY XB 61 45.20 -98.67 -40.49
C GLY XB 61 46.49 -99.13 -41.11
N ASN XB 62 47.51 -98.28 -41.02
CA ASN XB 62 48.86 -98.67 -41.38
C ASN XB 62 49.70 -98.72 -40.10
N ASP XB 63 50.45 -99.80 -39.93
CA ASP XB 63 51.51 -99.83 -38.93
C ASP XB 63 52.72 -99.08 -39.49
N ARG XB 64 53.49 -98.43 -38.61
CA ARG XB 64 54.57 -97.58 -39.06
C ARG XB 64 55.87 -97.86 -38.32
N ILE XB 65 56.98 -97.76 -39.05
CA ILE XB 65 58.32 -97.85 -38.51
C ILE XB 65 59.02 -96.53 -38.79
N HIS XB 66 59.64 -95.95 -37.76
CA HIS XB 66 60.38 -94.70 -37.89
C HIS XB 66 61.83 -94.94 -37.51
N ALA XB 67 62.74 -94.73 -38.45
CA ALA XB 67 64.17 -94.89 -38.20
C ALA XB 67 64.89 -93.58 -38.50
N ASN XB 68 65.93 -93.31 -37.73
CA ASN XB 68 66.68 -92.07 -37.87
C ASN XB 68 68.14 -92.35 -37.57
N LEU XB 69 69.02 -92.03 -38.53
CA LEU XB 69 70.46 -92.17 -38.38
C LEU XB 69 71.08 -90.79 -38.52
N ARG XB 70 71.73 -90.32 -37.46
CA ARG XB 70 72.21 -88.95 -37.34
C ARG XB 70 73.70 -88.93 -37.10
N LYS XB 71 74.34 -87.87 -37.60
CA LYS XB 71 75.70 -87.51 -37.20
C LYS XB 71 75.74 -86.02 -36.95
N VAL XB 72 76.13 -85.62 -35.74
CA VAL XB 72 76.27 -84.22 -35.37
C VAL XB 72 77.69 -83.79 -35.69
N VAL XB 73 77.85 -82.55 -36.17
CA VAL XB 73 79.16 -81.99 -36.45
C VAL XB 73 79.22 -80.59 -35.86
N LEU XB 74 80.40 -80.20 -35.39
CA LEU XB 74 80.63 -78.90 -34.80
C LEU XB 74 81.32 -77.98 -35.80
N ASP XB 75 80.89 -76.72 -35.83
CA ASP XB 75 81.55 -75.72 -36.65
C ASP XB 75 82.95 -75.45 -36.11
N GLU XB 76 83.93 -75.39 -37.02
CA GLU XB 76 85.29 -75.10 -36.59
C GLU XB 76 85.35 -73.76 -35.88
N LYS XB 77 84.71 -72.72 -36.45
CA LYS XB 77 84.84 -71.39 -35.89
C LYS XB 77 83.94 -71.19 -34.66
N THR XB 78 82.68 -71.62 -34.71
CA THR XB 78 81.75 -71.29 -33.63
C THR XB 78 81.44 -72.45 -32.69
N ASN XB 79 81.89 -73.67 -33.00
CA ASN XB 79 81.56 -74.88 -32.25
C ASN XB 79 80.06 -75.09 -32.11
N LEU XB 80 79.26 -74.39 -32.92
CA LEU XB 80 77.82 -74.62 -32.95
C LEU XB 80 77.52 -75.93 -33.67
N PRO XB 81 76.61 -76.72 -33.15
CA PRO XB 81 76.36 -78.03 -33.77
C PRO XB 81 75.30 -77.96 -34.84
N SER XB 82 75.59 -78.53 -36.00
CA SER XB 82 74.54 -78.83 -36.97
C SER XB 82 74.62 -80.31 -37.30
N THR XB 83 73.48 -80.89 -37.62
CA THR XB 83 73.38 -82.33 -37.71
C THR XB 83 72.93 -82.75 -39.12
N GLY XB 84 73.44 -83.89 -39.56
CA GLY XB 84 73.03 -84.48 -40.84
C GLY XB 84 72.39 -85.83 -40.58
N SER XB 85 71.34 -86.14 -41.33
CA SER XB 85 70.53 -87.29 -40.94
C SER XB 85 69.87 -87.95 -42.13
N VAL XB 86 69.67 -89.27 -42.01
CA VAL XB 86 68.82 -90.04 -42.91
C VAL XB 86 67.69 -90.63 -42.08
N THR XB 87 66.45 -90.27 -42.42
CA THR XB 87 65.27 -90.78 -41.75
C THR XB 87 64.44 -91.62 -42.71
N ILE XB 88 63.80 -92.65 -42.17
CA ILE XB 88 63.09 -93.65 -42.95
C ILE XB 88 61.75 -93.92 -42.27
N GLN XB 89 60.69 -93.95 -43.05
CA GLN XB 89 59.37 -94.27 -42.53
C GLN XB 89 58.80 -95.40 -43.37
N VAL XB 90 58.49 -96.52 -42.73
CA VAL XB 90 57.91 -97.67 -43.40
C VAL XB 90 56.45 -97.74 -42.97
N SER XB 91 55.54 -97.69 -43.94
CA SER XB 91 54.10 -97.76 -43.70
C SER XB 91 53.59 -99.06 -44.29
N ILE XB 92 53.21 -99.99 -43.43
CA ILE XB 92 52.78 -101.35 -43.77
C ILE XB 92 51.28 -101.44 -43.54
N PRO XB 93 50.48 -101.73 -44.57
CA PRO XB 93 49.04 -101.87 -44.37
C PRO XB 93 48.64 -103.18 -43.72
N ARG XB 94 47.52 -103.13 -42.98
CA ARG XB 94 46.99 -104.27 -42.23
C ARG XB 94 46.05 -105.14 -43.05
N ASN XB 95 46.13 -105.10 -44.36
CA ASN XB 95 45.32 -105.93 -45.24
C ASN XB 95 46.10 -107.20 -45.61
N PRO XB 96 45.51 -108.40 -45.46
CA PRO XB 96 46.24 -109.62 -45.84
C PRO XB 96 46.73 -109.63 -47.27
N ALA XB 97 46.22 -108.73 -48.12
CA ALA XB 97 46.71 -108.61 -49.48
C ALA XB 97 48.12 -108.03 -49.54
N TRP XB 98 48.66 -107.59 -48.40
CA TRP XB 98 50.04 -107.15 -48.27
C TRP XB 98 50.79 -108.15 -47.40
N ASN XB 99 52.09 -108.31 -47.64
CA ASN XB 99 52.85 -109.24 -46.82
C ASN XB 99 54.29 -108.78 -46.65
N ALA XB 100 55.00 -109.53 -45.81
CA ALA XB 100 56.35 -109.15 -45.46
C ALA XB 100 57.28 -109.18 -46.66
N SER XB 101 57.00 -110.06 -47.63
CA SER XB 101 57.83 -110.07 -48.85
C SER XB 101 57.74 -108.73 -49.55
N MET XB 102 56.56 -108.11 -49.54
CA MET XB 102 56.41 -106.81 -50.18
C MET XB 102 57.08 -105.71 -49.36
N THR XB 103 56.96 -105.77 -48.03
CA THR XB 103 57.70 -104.84 -47.18
C THR XB 103 59.21 -104.90 -47.49
N VAL XB 104 59.75 -106.12 -47.50
CA VAL XB 104 61.17 -106.30 -47.76
C VAL XB 104 61.52 -105.84 -49.17
N SER XB 105 60.64 -106.08 -50.13
CA SER XB 105 60.92 -105.65 -51.50
C SER XB 105 61.06 -104.14 -51.58
N LEU XB 106 60.16 -103.41 -50.92
CA LEU XB 106 60.31 -101.95 -50.90
C LEU XB 106 61.61 -101.54 -50.21
N LEU XB 107 61.96 -102.19 -49.10
CA LEU XB 107 63.21 -101.85 -48.43
C LEU XB 107 64.41 -102.06 -49.36
N LYS XB 108 64.45 -103.21 -50.03
CA LYS XB 108 65.57 -103.53 -50.92
C LYS XB 108 65.65 -102.55 -52.09
N GLN XB 109 64.50 -102.16 -52.65
CA GLN XB 109 64.52 -101.23 -53.77
C GLN XB 109 64.99 -99.87 -53.33
N ALA XB 110 64.54 -99.40 -52.15
CA ALA XB 110 65.03 -98.12 -51.64
C ALA XB 110 66.53 -98.17 -51.41
N ALA XB 111 67.02 -99.29 -50.87
CA ALA XB 111 68.47 -99.45 -50.67
C ALA XB 111 69.20 -99.36 -51.99
N ASP XB 112 68.73 -100.09 -53.01
CA ASP XB 112 69.38 -100.04 -54.32
C ASP XB 112 69.39 -98.61 -54.87
N TYR XB 113 68.26 -97.90 -54.78
CA TYR XB 113 68.13 -96.64 -55.50
C TYR XB 113 68.78 -95.47 -54.78
N LEU XB 114 68.86 -95.49 -53.45
CA LEU XB 114 69.47 -94.37 -52.74
C LEU XB 114 70.84 -94.65 -52.15
N ALA XB 115 71.18 -95.92 -51.90
CA ALA XB 115 72.50 -96.26 -51.41
C ALA XB 115 73.32 -97.08 -52.39
N GLY XB 116 72.67 -97.68 -53.39
CA GLY XB 116 73.38 -98.48 -54.37
C GLY XB 116 74.03 -99.71 -53.76
N THR XB 117 73.25 -100.50 -53.02
CA THR XB 117 73.78 -101.67 -52.32
C THR XB 117 73.02 -102.96 -52.59
N SER XB 118 72.14 -102.98 -53.59
CA SER XB 118 71.41 -104.20 -53.93
C SER XB 118 72.34 -105.38 -54.21
N ALA XB 119 71.78 -106.59 -54.09
CA ALA XB 119 72.47 -107.81 -54.48
C ALA XB 119 72.62 -107.87 -56.00
N THR XB 120 73.61 -108.63 -56.45
CA THR XB 120 73.87 -108.73 -57.88
C THR XB 120 72.77 -109.55 -58.56
N VAL XB 121 72.14 -108.95 -59.57
CA VAL XB 121 71.07 -109.56 -60.35
C VAL XB 121 71.21 -109.09 -61.79
N SER XB 122 71.20 -110.01 -62.74
CA SER XB 122 71.50 -109.63 -64.11
C SER XB 122 70.44 -108.69 -64.64
N GLY XB 123 70.88 -107.63 -65.31
CA GLY XB 123 70.00 -106.62 -65.84
C GLY XB 123 69.72 -105.46 -64.92
N GLN XB 124 70.22 -105.48 -63.69
CA GLN XB 124 70.07 -104.36 -62.77
C GLN XB 124 70.84 -103.15 -63.28
N THR XB 125 70.28 -101.97 -63.04
CA THR XB 125 71.03 -100.77 -63.33
C THR XB 125 72.15 -100.60 -62.32
N ASP XB 126 73.27 -100.04 -62.79
CA ASP XB 126 74.45 -99.84 -61.96
C ASP XB 126 74.18 -98.66 -61.05
N THR XB 127 73.80 -98.95 -59.82
CA THR XB 127 73.42 -97.94 -58.85
C THR XB 127 74.58 -97.52 -57.96
N SER XB 128 75.80 -97.97 -58.28
CA SER XB 128 76.94 -97.73 -57.40
C SER XB 128 77.22 -96.24 -57.20
N GLY XB 129 77.03 -95.44 -58.25
CA GLY XB 129 77.31 -94.01 -58.14
C GLY XB 129 76.16 -93.18 -57.67
N PHE XB 130 75.00 -93.80 -57.50
CA PHE XB 130 73.81 -93.05 -57.09
C PHE XB 130 73.98 -92.36 -55.74
N PRO XB 131 74.55 -92.99 -54.70
CA PRO XB 131 74.72 -92.23 -53.44
C PRO XB 131 75.58 -90.99 -53.61
N ALA XB 132 76.63 -91.07 -54.43
CA ALA XB 132 77.42 -89.88 -54.75
C ALA XB 132 76.55 -88.81 -55.39
N LYS XB 133 75.77 -89.20 -56.42
CA LYS XB 133 74.92 -88.22 -57.09
C LYS XB 133 73.92 -87.60 -56.12
N TRP XB 134 73.31 -88.42 -55.26
CA TRP XB 134 72.35 -87.88 -54.29
C TRP XB 134 73.04 -86.88 -53.37
N ALA XB 135 74.20 -87.25 -52.82
CA ALA XB 135 74.95 -86.33 -51.95
C ALA XB 135 75.35 -85.06 -52.67
N GLY XB 136 75.34 -85.07 -54.00
CA GLY XB 136 75.51 -83.84 -54.76
C GLY XB 136 74.23 -83.11 -55.13
N LEU XB 137 73.08 -83.56 -54.63
CA LEU XB 137 71.76 -83.06 -55.05
C LEU XB 137 71.58 -83.13 -56.56
N MET XB 138 71.82 -84.33 -57.10
CA MET XB 138 71.66 -84.62 -58.52
C MET XB 138 70.83 -85.89 -58.67
N PHE XB 139 69.83 -85.84 -59.53
CA PHE XB 139 69.06 -87.06 -59.77
C PHE XB 139 69.92 -88.06 -60.54
N PRO XB 140 69.91 -89.34 -60.15
CA PRO XB 140 70.66 -90.38 -60.86
C PRO XB 140 70.20 -90.49 -62.31
N ALA YB 1 62.58 -110.03 -18.58
CA ALA YB 1 61.51 -110.88 -19.10
C ALA YB 1 62.06 -111.93 -20.07
N ALA YB 2 61.36 -113.05 -20.19
CA ALA YB 2 61.79 -114.12 -21.07
C ALA YB 2 61.77 -113.63 -22.52
N PRO YB 3 62.83 -113.88 -23.30
CA PRO YB 3 62.85 -113.38 -24.68
C PRO YB 3 61.88 -114.12 -25.60
N SER YB 4 61.46 -115.33 -25.25
CA SER YB 4 60.52 -116.05 -26.09
C SER YB 4 59.79 -117.07 -25.23
N LEU YB 5 58.62 -117.51 -25.72
CA LEU YB 5 57.73 -118.38 -24.98
C LEU YB 5 57.13 -119.41 -25.93
N ALA YB 6 56.94 -120.62 -25.41
CA ALA YB 6 56.25 -121.69 -26.13
C ALA YB 6 55.11 -122.14 -25.24
N LEU YB 7 53.93 -121.56 -25.42
CA LEU YB 7 52.79 -121.82 -24.55
C LEU YB 7 51.91 -122.90 -25.16
N VAL YB 8 51.15 -123.58 -24.32
CA VAL YB 8 50.26 -124.64 -24.80
C VAL YB 8 48.86 -124.06 -25.02
N GLY YB 9 48.31 -124.29 -26.21
CA GLY YB 9 46.94 -123.94 -26.52
C GLY YB 9 46.26 -125.11 -27.19
N ALA YB 10 45.21 -124.85 -27.96
CA ALA YB 10 44.44 -125.91 -28.59
C ALA YB 10 44.31 -125.65 -30.09
N ASN YB 11 44.45 -126.71 -30.88
CA ASN YB 11 44.25 -126.63 -32.32
C ASN YB 11 42.75 -126.66 -32.62
N SER YB 12 42.40 -126.80 -33.90
CA SER YB 12 40.98 -126.86 -34.27
C SER YB 12 40.27 -128.06 -33.64
N THR YB 13 41.01 -129.09 -33.26
CA THR YB 13 40.44 -130.29 -32.66
C THR YB 13 40.53 -130.26 -31.14
N LEU YB 14 41.06 -129.19 -30.55
CA LEU YB 14 41.26 -129.03 -29.12
C LEU YB 14 42.39 -129.89 -28.58
N ALA YB 15 43.26 -130.40 -29.46
CA ALA YB 15 44.46 -131.08 -29.01
C ALA YB 15 45.51 -130.06 -28.58
N SER YB 16 46.28 -130.44 -27.57
CA SER YB 16 47.31 -129.54 -27.06
C SER YB 16 48.36 -129.28 -28.13
N THR YB 17 48.57 -128.00 -28.44
CA THR YB 17 49.47 -127.57 -29.51
C THR YB 17 50.30 -126.40 -29.02
N LEU YB 18 51.57 -126.36 -29.39
CA LEU YB 18 52.37 -125.21 -29.02
C LEU YB 18 51.98 -123.97 -29.82
N VAL YB 19 52.14 -122.82 -29.17
CA VAL YB 19 51.94 -121.50 -29.75
C VAL YB 19 53.12 -120.65 -29.32
N ASN YB 20 53.84 -120.10 -30.30
CA ASN YB 20 55.15 -119.52 -30.08
C ASN YB 20 55.05 -118.01 -30.08
N TYR YB 21 55.51 -117.39 -28.99
CA TYR YB 21 55.55 -115.95 -28.85
C TYR YB 21 57.00 -115.51 -28.69
N SER YB 22 57.28 -114.29 -29.14
CA SER YB 22 58.58 -113.68 -28.97
C SER YB 22 58.40 -112.27 -28.41
N LEU YB 23 59.37 -111.85 -27.60
CA LEU YB 23 59.28 -110.57 -26.89
C LEU YB 23 59.54 -109.42 -27.85
N ARG YB 24 58.53 -108.58 -28.05
CA ARG YB 24 58.68 -107.44 -28.95
C ARG YB 24 59.42 -106.28 -28.29
N SER YB 25 58.97 -105.89 -27.10
CA SER YB 25 59.63 -104.80 -26.37
C SER YB 25 59.24 -104.88 -24.90
N GLN YB 26 59.85 -103.99 -24.10
CA GLN YB 26 59.53 -103.87 -22.68
C GLN YB 26 59.54 -102.38 -22.31
N ASN YB 27 58.38 -101.88 -21.89
CA ASN YB 27 58.14 -100.51 -21.46
C ASN YB 27 58.08 -100.47 -19.93
N GLY YB 28 57.66 -99.34 -19.38
CA GLY YB 28 57.47 -99.19 -17.95
C GLY YB 28 56.47 -100.18 -17.40
N ASN YB 29 56.99 -101.13 -16.63
CA ASN YB 29 56.19 -102.12 -15.91
C ASN YB 29 55.25 -102.88 -16.84
N ASN YB 30 55.73 -103.22 -18.04
CA ASN YB 30 54.91 -104.00 -18.95
C ASN YB 30 55.81 -104.78 -19.91
N VAL YB 31 55.18 -105.69 -20.64
CA VAL YB 31 55.85 -106.63 -21.53
C VAL YB 31 54.91 -106.93 -22.67
N ASP YB 32 55.44 -106.93 -23.90
CA ASP YB 32 54.67 -107.13 -25.13
C ASP YB 32 55.27 -108.29 -25.93
N TYR YB 33 54.47 -109.34 -26.13
CA TYR YB 33 54.85 -110.51 -26.90
C TYR YB 33 53.98 -110.62 -28.15
N VAL YB 34 54.57 -111.18 -29.20
CA VAL YB 34 53.92 -111.35 -30.50
C VAL YB 34 54.04 -112.81 -30.92
N CYS YB 35 52.99 -113.34 -31.54
CA CYS YB 35 53.03 -114.73 -31.99
C CYS YB 35 53.84 -114.83 -33.27
N THR YB 36 54.75 -115.81 -33.32
CA THR YB 36 55.68 -116.01 -34.43
C THR YB 36 55.30 -117.18 -35.32
N ASP YB 37 54.13 -117.77 -35.11
CA ASP YB 37 53.67 -118.87 -35.93
C ASP YB 37 53.27 -118.34 -37.31
N PRO YB 38 53.07 -119.22 -38.29
CA PRO YB 38 52.61 -118.73 -39.61
C PRO YB 38 51.20 -118.17 -39.59
N ASP YB 39 50.31 -118.66 -38.72
CA ASP YB 39 48.92 -118.21 -38.74
C ASP YB 39 48.73 -116.79 -38.26
N SER YB 40 49.71 -116.20 -37.57
CA SER YB 40 49.62 -114.81 -37.14
C SER YB 40 50.45 -113.94 -38.07
N THR YB 41 49.83 -112.86 -38.55
CA THR YB 41 50.43 -111.87 -39.41
C THR YB 41 50.02 -110.50 -38.89
N LEU YB 42 50.62 -109.45 -39.45
CA LEU YB 42 50.27 -108.10 -38.99
C LEU YB 42 48.80 -107.81 -39.22
N SER YB 43 48.20 -108.42 -40.26
CA SER YB 43 46.78 -108.23 -40.52
C SER YB 43 45.93 -108.84 -39.42
N ALA YB 44 46.33 -109.99 -38.89
CA ALA YB 44 45.58 -110.68 -37.85
C ALA YB 44 46.54 -111.35 -36.89
N PRO YB 45 47.12 -110.60 -35.96
CA PRO YB 45 48.18 -111.11 -35.09
C PRO YB 45 47.66 -111.81 -33.84
N GLY YB 46 48.56 -112.52 -33.18
CA GLY YB 46 48.35 -112.99 -31.82
C GLY YB 46 49.29 -112.24 -30.89
N LEU YB 47 48.74 -111.79 -29.76
CA LEU YB 47 49.47 -110.86 -28.90
C LEU YB 47 49.30 -111.24 -27.44
N ILE YB 48 50.32 -110.95 -26.64
CA ILE YB 48 50.24 -111.08 -25.19
C ILE YB 48 50.84 -109.83 -24.55
N ASN YB 49 50.19 -109.32 -23.51
CA ASN YB 49 50.60 -108.07 -22.87
C ASN YB 49 50.46 -108.21 -21.37
N ALA YB 50 51.46 -107.74 -20.63
CA ALA YB 50 51.44 -107.82 -19.17
C ALA YB 50 51.92 -106.51 -18.57
N LYS YB 51 51.30 -106.11 -17.46
CA LYS YB 51 51.58 -104.83 -16.82
C LYS YB 51 51.46 -104.98 -15.30
N PHE YB 52 52.30 -104.25 -14.57
CA PHE YB 52 52.21 -104.18 -13.12
C PHE YB 52 51.80 -102.77 -12.68
N ASP YB 53 50.76 -102.69 -11.85
CA ASP YB 53 50.43 -101.48 -11.10
C ASP YB 53 50.95 -101.72 -9.69
N ILE YB 54 52.07 -101.09 -9.35
CA ILE YB 54 52.78 -101.35 -8.11
C ILE YB 54 52.60 -100.16 -7.19
N LYS YB 55 52.00 -100.40 -6.03
CA LYS YB 55 51.77 -99.31 -5.09
C LYS YB 55 53.01 -99.08 -4.24
N ALA YB 56 53.02 -97.93 -3.56
CA ALA YB 56 54.19 -97.50 -2.82
C ALA YB 56 54.54 -98.50 -1.72
N PRO YB 57 55.79 -98.49 -1.24
CA PRO YB 57 56.17 -99.40 -0.15
C PRO YB 57 55.30 -99.20 1.07
N GLY YB 58 55.02 -100.28 1.77
CA GLY YB 58 54.15 -100.29 2.91
C GLY YB 58 53.29 -101.53 2.88
N ILE YB 59 52.34 -101.61 3.81
CA ILE YB 59 51.42 -102.74 3.84
C ILE YB 59 49.99 -102.32 3.56
N THR YB 60 49.78 -101.10 3.08
CA THR YB 60 48.43 -100.55 2.96
C THR YB 60 47.73 -100.97 1.68
N GLY YB 61 48.44 -101.02 0.56
CA GLY YB 61 47.81 -101.03 -0.74
C GLY YB 61 47.40 -102.40 -1.25
N ASN YB 62 47.08 -102.41 -2.54
CA ASN YB 62 46.80 -103.60 -3.35
C ASN YB 62 47.58 -103.49 -4.66
N ASP YB 63 48.58 -104.34 -4.84
CA ASP YB 63 49.29 -104.44 -6.11
C ASP YB 63 48.40 -105.12 -7.15
N ARG YB 64 48.64 -104.81 -8.43
CA ARG YB 64 47.82 -105.39 -9.50
C ARG YB 64 48.68 -105.85 -10.67
N ILE YB 65 48.26 -106.97 -11.26
CA ILE YB 65 48.84 -107.54 -12.47
C ILE YB 65 47.76 -107.55 -13.53
N HIS YB 66 48.09 -107.08 -14.74
CA HIS YB 66 47.17 -107.06 -15.87
C HIS YB 66 47.79 -107.87 -16.99
N ALA YB 67 47.14 -108.96 -17.38
CA ALA YB 67 47.55 -109.76 -18.52
C ALA YB 67 46.46 -109.75 -19.57
N ASN YB 68 46.86 -109.88 -20.82
CA ASN YB 68 45.90 -109.83 -21.93
C ASN YB 68 46.43 -110.68 -23.06
N LEU YB 69 45.67 -111.70 -23.43
CA LEU YB 69 46.02 -112.61 -24.51
C LEU YB 69 44.98 -112.45 -25.62
N ARG YB 70 45.41 -111.97 -26.78
CA ARG YB 70 44.49 -111.64 -27.85
C ARG YB 70 44.86 -112.40 -29.13
N LYS YB 71 43.84 -112.64 -29.95
CA LYS YB 71 44.02 -113.13 -31.31
C LYS YB 71 43.02 -112.43 -32.23
N VAL YB 72 43.52 -111.88 -33.32
CA VAL YB 72 42.69 -111.19 -34.29
C VAL YB 72 42.33 -112.17 -35.41
N VAL YB 73 41.11 -112.06 -35.92
CA VAL YB 73 40.64 -112.91 -37.01
C VAL YB 73 39.96 -112.02 -38.04
N LEU YB 74 40.03 -112.44 -39.30
CA LEU YB 74 39.45 -111.71 -40.41
C LEU YB 74 38.23 -112.45 -40.96
N ASP YB 75 37.18 -111.69 -41.27
CA ASP YB 75 35.97 -112.25 -41.85
C ASP YB 75 36.26 -112.87 -43.22
N GLU YB 76 35.75 -114.09 -43.45
CA GLU YB 76 35.95 -114.73 -44.75
C GLU YB 76 35.30 -113.93 -45.88
N LYS YB 77 34.27 -113.14 -45.56
CA LYS YB 77 33.54 -112.44 -46.60
C LYS YB 77 34.09 -111.04 -46.84
N THR YB 78 34.56 -110.37 -45.78
CA THR YB 78 34.94 -108.96 -45.86
C THR YB 78 36.35 -108.64 -45.39
N ASN YB 79 37.11 -109.63 -44.90
CA ASN YB 79 38.42 -109.39 -44.27
C ASN YB 79 38.33 -108.34 -43.15
N LEU YB 80 37.16 -108.21 -42.54
CA LEU YB 80 37.12 -107.26 -41.43
C LEU YB 80 37.59 -107.91 -40.14
N PRO YB 81 38.41 -107.19 -39.39
CA PRO YB 81 39.02 -107.79 -38.19
C PRO YB 81 38.06 -107.72 -37.00
N SER YB 82 37.99 -108.81 -36.27
CA SER YB 82 37.47 -108.79 -34.92
C SER YB 82 38.41 -109.61 -34.04
N THR YB 83 38.48 -109.26 -32.77
CA THR YB 83 39.48 -109.84 -31.88
C THR YB 83 38.81 -110.65 -30.77
N GLY YB 84 39.41 -111.77 -30.43
CA GLY YB 84 39.05 -112.54 -29.27
C GLY YB 84 40.13 -112.36 -28.22
N SER YB 85 39.73 -112.33 -26.96
CA SER YB 85 40.72 -112.03 -25.92
C SER YB 85 40.36 -112.66 -24.60
N VAL YB 86 41.39 -113.03 -23.85
CA VAL YB 86 41.28 -113.40 -22.45
C VAL YB 86 42.15 -112.45 -21.65
N THR YB 87 41.51 -111.64 -20.81
CA THR YB 87 42.22 -110.70 -19.95
C THR YB 87 42.14 -111.16 -18.51
N ILE YB 88 43.20 -110.88 -17.76
CA ILE YB 88 43.35 -111.34 -16.38
C ILE YB 88 43.80 -110.17 -15.54
N GLN YB 89 43.22 -110.04 -14.35
CA GLN YB 89 43.65 -109.04 -13.39
C GLN YB 89 43.83 -109.70 -12.02
N VAL YB 90 45.06 -109.66 -11.53
CA VAL YB 90 45.40 -110.20 -10.22
C VAL YB 90 45.56 -109.02 -9.27
N SER YB 91 44.91 -109.08 -8.12
CA SER YB 91 45.02 -108.05 -7.09
C SER YB 91 45.53 -108.71 -5.82
N ILE YB 92 46.73 -108.31 -5.40
CA ILE YB 92 47.50 -108.87 -4.30
C ILE YB 92 47.56 -107.83 -3.18
N PRO YB 93 46.91 -108.06 -2.05
CA PRO YB 93 47.02 -107.13 -0.92
C PRO YB 93 48.40 -107.20 -0.27
N ARG YB 94 48.76 -106.09 0.37
CA ARG YB 94 50.05 -105.96 1.04
C ARG YB 94 49.97 -106.20 2.54
N ASN YB 95 48.77 -106.25 3.11
CA ASN YB 95 48.57 -106.68 4.49
C ASN YB 95 49.28 -108.01 4.72
N PRO YB 96 50.20 -108.08 5.67
CA PRO YB 96 50.99 -109.32 5.86
C PRO YB 96 50.17 -110.55 6.14
N ALA YB 97 48.86 -110.39 6.31
CA ALA YB 97 47.96 -111.52 6.43
C ALA YB 97 47.69 -112.21 5.10
N TRP YB 98 48.35 -111.77 4.02
CA TRP YB 98 48.27 -112.40 2.70
C TRP YB 98 49.61 -113.03 2.35
N ASN YB 99 49.57 -114.02 1.46
CA ASN YB 99 50.77 -114.75 1.07
C ASN YB 99 50.88 -114.87 -0.44
N ALA YB 100 52.12 -114.94 -0.90
CA ALA YB 100 52.36 -115.41 -2.26
C ALA YB 100 51.72 -116.77 -2.48
N SER YB 101 51.66 -117.61 -1.43
CA SER YB 101 50.97 -118.89 -1.55
C SER YB 101 49.50 -118.70 -1.87
N MET YB 102 48.88 -117.68 -1.26
CA MET YB 102 47.47 -117.42 -1.53
C MET YB 102 47.26 -116.90 -2.94
N THR YB 103 48.17 -116.03 -3.41
CA THR YB 103 48.15 -115.61 -4.81
C THR YB 103 48.21 -116.81 -5.75
N VAL YB 104 49.20 -117.68 -5.54
CA VAL YB 104 49.37 -118.84 -6.40
C VAL YB 104 48.15 -119.75 -6.33
N SER YB 105 47.56 -119.87 -5.14
CA SER YB 105 46.38 -120.73 -5.00
C SER YB 105 45.21 -120.20 -5.83
N LEU YB 106 44.99 -118.89 -5.79
CA LEU YB 106 43.95 -118.31 -6.64
C LEU YB 106 44.25 -118.53 -8.12
N LEU YB 107 45.52 -118.37 -8.52
CA LEU YB 107 45.86 -118.59 -9.91
C LEU YB 107 45.57 -120.03 -10.34
N LYS YB 108 45.97 -120.99 -9.51
CA LYS YB 108 45.75 -122.40 -9.84
C LYS YB 108 44.28 -122.73 -9.89
N GLN YB 109 43.47 -122.16 -8.97
CA GLN YB 109 42.05 -122.43 -8.98
C GLN YB 109 41.38 -121.86 -10.21
N ALA YB 110 41.73 -120.62 -10.57
CA ALA YB 110 41.19 -120.04 -11.80
C ALA YB 110 41.57 -120.88 -13.01
N ALA YB 111 42.81 -121.38 -13.05
CA ALA YB 111 43.24 -122.23 -14.15
C ALA YB 111 42.40 -123.50 -14.22
N ASP YB 112 42.22 -124.17 -13.08
CA ASP YB 112 41.38 -125.36 -13.05
C ASP YB 112 39.95 -125.06 -13.48
N TYR YB 113 39.38 -123.94 -13.04
CA TYR YB 113 37.95 -123.73 -13.24
C TYR YB 113 37.61 -123.17 -14.62
N LEU YB 114 38.52 -122.42 -15.25
CA LEU YB 114 38.22 -121.87 -16.56
C LEU YB 114 38.99 -122.52 -17.70
N ALA YB 115 40.13 -123.17 -17.42
CA ALA YB 115 40.87 -123.88 -18.45
C ALA YB 115 40.94 -125.38 -18.23
N GLY YB 116 40.64 -125.86 -17.03
CA GLY YB 116 40.69 -127.28 -16.74
C GLY YB 116 42.09 -127.86 -16.89
N THR YB 117 43.08 -127.23 -16.26
CA THR YB 117 44.48 -127.63 -16.42
C THR YB 117 45.18 -127.94 -15.10
N SER YB 118 44.47 -127.95 -13.97
CA SER YB 118 45.10 -128.18 -12.68
C SER YB 118 45.82 -129.53 -12.62
N ALA YB 119 46.72 -129.63 -11.63
CA ALA YB 119 47.40 -130.89 -11.33
C ALA YB 119 46.42 -131.90 -10.75
N THR YB 120 46.88 -133.14 -10.61
CA THR YB 120 46.02 -134.24 -10.18
C THR YB 120 46.04 -134.37 -8.66
N VAL YB 121 44.85 -134.35 -8.05
CA VAL YB 121 44.67 -134.55 -6.61
C VAL YB 121 43.48 -135.49 -6.46
N SER YB 122 43.40 -136.15 -5.30
CA SER YB 122 42.48 -137.26 -5.11
C SER YB 122 41.05 -136.88 -5.48
N GLY YB 123 40.44 -135.98 -4.71
CA GLY YB 123 39.01 -135.78 -4.86
C GLY YB 123 38.63 -134.67 -5.81
N GLN YB 124 39.49 -134.35 -6.78
CA GLN YB 124 39.27 -133.15 -7.56
C GLN YB 124 38.10 -133.37 -8.50
N THR YB 125 37.38 -132.30 -8.82
CA THR YB 125 36.33 -132.46 -9.81
C THR YB 125 36.93 -132.41 -11.20
N ASP YB 126 36.29 -133.14 -12.12
CA ASP YB 126 36.76 -133.25 -13.50
C ASP YB 126 36.43 -131.96 -14.22
N THR YB 127 37.47 -131.20 -14.54
CA THR YB 127 37.33 -129.89 -15.17
C THR YB 127 37.80 -129.89 -16.61
N SER YB 128 38.04 -131.06 -17.20
CA SER YB 128 38.57 -131.11 -18.55
C SER YB 128 37.60 -130.50 -19.56
N GLY YB 129 36.30 -130.68 -19.35
CA GLY YB 129 35.31 -130.16 -20.28
C GLY YB 129 34.87 -128.75 -20.02
N PHE YB 130 35.33 -128.17 -18.91
CA PHE YB 130 34.91 -126.82 -18.57
C PHE YB 130 35.29 -125.78 -19.62
N PRO YB 131 36.50 -125.77 -20.20
CA PRO YB 131 36.76 -124.77 -21.24
C PRO YB 131 35.81 -124.87 -22.41
N ALA YB 132 35.45 -126.10 -22.82
CA ALA YB 132 34.45 -126.27 -23.87
C ALA YB 132 33.12 -125.67 -23.46
N LYS YB 133 32.67 -125.96 -22.23
CA LYS YB 133 31.39 -125.42 -21.78
C LYS YB 133 31.42 -123.90 -21.71
N TRP YB 134 32.54 -123.32 -21.28
CA TRP YB 134 32.64 -121.86 -21.26
C TRP YB 134 32.56 -121.30 -22.67
N ALA YB 135 33.34 -121.87 -23.60
CA ALA YB 135 33.34 -121.40 -24.97
C ALA YB 135 31.98 -121.53 -25.62
N GLY YB 136 31.12 -122.40 -25.08
CA GLY YB 136 29.74 -122.44 -25.50
C GLY YB 136 28.82 -121.50 -24.76
N LEU YB 137 29.37 -120.65 -23.89
CA LEU YB 137 28.59 -119.75 -23.02
C LEU YB 137 27.59 -120.52 -22.18
N MET YB 138 28.07 -121.54 -21.48
CA MET YB 138 27.28 -122.23 -20.48
C MET YB 138 28.13 -122.54 -19.26
N PHE YB 139 27.50 -122.50 -18.10
CA PHE YB 139 28.22 -122.72 -16.85
C PHE YB 139 28.60 -124.18 -16.70
N PRO YB 140 29.79 -124.47 -16.14
CA PRO YB 140 30.19 -125.81 -15.76
C PRO YB 140 29.24 -126.41 -14.74
N ALA ZB 1 68.85 -102.53 -21.86
CA ALA ZB 1 69.63 -102.77 -20.65
C ALA ZB 1 69.69 -104.26 -20.32
N ALA ZB 2 70.58 -104.61 -19.38
CA ALA ZB 2 70.72 -106.00 -18.97
C ALA ZB 2 69.45 -106.49 -18.31
N PRO ZB 3 68.96 -107.68 -18.65
CA PRO ZB 3 67.70 -108.17 -18.08
C PRO ZB 3 67.82 -108.59 -16.62
N SER ZB 4 69.03 -108.86 -16.15
CA SER ZB 4 69.22 -109.30 -14.77
C SER ZB 4 70.65 -109.02 -14.35
N LEU ZB 5 70.84 -108.85 -13.04
CA LEU ZB 5 72.11 -108.46 -12.45
C LEU ZB 5 72.36 -109.26 -11.19
N ALA ZB 6 73.62 -109.63 -10.98
CA ALA ZB 6 74.08 -110.27 -9.75
C ALA ZB 6 75.15 -109.35 -9.15
N LEU ZB 7 74.72 -108.40 -8.32
CA LEU ZB 7 75.65 -107.45 -7.74
C LEU ZB 7 76.20 -108.01 -6.43
N VAL ZB 8 77.35 -107.49 -6.01
CA VAL ZB 8 77.97 -107.92 -4.76
C VAL ZB 8 77.66 -106.91 -3.67
N GLY ZB 9 77.07 -107.39 -2.58
CA GLY ZB 9 76.83 -106.64 -1.38
C GLY ZB 9 77.39 -107.38 -0.18
N ALA ZB 10 76.81 -107.10 0.98
CA ALA ZB 10 77.27 -107.66 2.24
C ALA ZB 10 76.09 -108.20 3.04
N ASN ZB 11 76.28 -109.37 3.64
CA ASN ZB 11 75.30 -109.95 4.54
C ASN ZB 11 75.46 -109.34 5.92
N SER ZB 12 74.81 -109.94 6.92
CA SER ZB 12 74.91 -109.43 8.29
C SER ZB 12 76.33 -109.54 8.83
N THR ZB 13 77.12 -110.48 8.32
CA THR ZB 13 78.51 -110.65 8.72
C THR ZB 13 79.45 -109.69 8.01
N LEU ZB 14 78.94 -108.92 7.04
CA LEU ZB 14 79.70 -108.11 6.09
C LEU ZB 14 80.48 -108.97 5.09
N ALA ZB 15 80.22 -110.27 5.02
CA ALA ZB 15 80.83 -111.10 4.00
C ALA ZB 15 80.23 -110.80 2.63
N SER ZB 16 81.05 -110.91 1.59
CA SER ZB 16 80.61 -110.60 0.24
C SER ZB 16 79.55 -111.61 -0.20
N THR ZB 17 78.35 -111.11 -0.50
CA THR ZB 17 77.20 -111.93 -0.84
C THR ZB 17 76.55 -111.40 -2.11
N LEU ZB 18 76.04 -112.29 -2.95
CA LEU ZB 18 75.32 -111.82 -4.13
C LEU ZB 18 73.93 -111.31 -3.78
N VAL ZB 19 73.54 -110.23 -4.44
CA VAL ZB 19 72.19 -109.69 -4.38
C VAL ZB 19 71.70 -109.56 -5.82
N ASN ZB 20 70.54 -110.16 -6.09
CA ASN ZB 20 70.07 -110.43 -7.43
C ASN ZB 20 68.93 -109.50 -7.80
N TYR ZB 21 69.04 -108.85 -8.95
CA TYR ZB 21 68.02 -107.95 -9.46
C TYR ZB 21 67.57 -108.41 -10.84
N SER ZB 22 66.30 -108.20 -11.15
CA SER ZB 22 65.79 -108.39 -12.50
C SER ZB 22 65.19 -107.09 -13.01
N LEU ZB 23 65.27 -106.92 -14.34
CA LEU ZB 23 64.80 -105.71 -15.00
C LEU ZB 23 63.28 -105.71 -15.04
N ARG ZB 24 62.67 -104.89 -14.19
CA ARG ZB 24 61.23 -104.77 -14.17
C ARG ZB 24 60.71 -103.74 -15.18
N SER ZB 25 61.32 -102.57 -15.29
CA SER ZB 25 60.83 -101.63 -16.30
C SER ZB 25 61.97 -100.84 -16.92
N GLN ZB 26 61.71 -100.31 -18.11
CA GLN ZB 26 62.62 -99.40 -18.78
C GLN ZB 26 61.77 -98.47 -19.63
N ASN ZB 27 61.90 -97.17 -19.41
CA ASN ZB 27 61.04 -96.19 -20.03
C ASN ZB 27 61.73 -94.83 -20.03
N GLY ZB 28 61.79 -94.20 -21.20
CA GLY ZB 28 62.24 -92.83 -21.30
C GLY ZB 28 63.59 -92.59 -20.67
N ASN ZB 29 64.61 -93.26 -21.21
CA ASN ZB 29 65.96 -93.21 -20.65
C ASN ZB 29 65.94 -93.42 -19.14
N ASN ZB 30 65.14 -94.37 -18.70
CA ASN ZB 30 65.03 -94.66 -17.29
C ASN ZB 30 64.96 -96.19 -17.16
N VAL ZB 31 65.62 -96.73 -16.15
CA VAL ZB 31 65.76 -98.17 -15.98
C VAL ZB 31 65.53 -98.53 -14.52
N ASP ZB 32 64.63 -99.49 -14.26
CA ASP ZB 32 64.21 -99.85 -12.92
C ASP ZB 32 64.31 -101.37 -12.72
N TYR ZB 33 65.12 -101.77 -11.74
CA TYR ZB 33 65.34 -103.16 -11.35
C TYR ZB 33 64.70 -103.42 -9.98
N VAL ZB 34 64.30 -104.68 -9.78
CA VAL ZB 34 63.78 -105.11 -8.47
C VAL ZB 34 64.58 -106.31 -8.00
N CYS ZB 35 64.74 -106.42 -6.69
CA CYS ZB 35 65.52 -107.49 -6.09
C CYS ZB 35 64.70 -108.77 -6.02
N THR ZB 36 65.27 -109.86 -6.50
CA THR ZB 36 64.60 -111.15 -6.61
C THR ZB 36 64.82 -112.05 -5.40
N ASP ZB 37 65.61 -111.60 -4.43
CA ASP ZB 37 65.97 -112.43 -3.28
C ASP ZB 37 64.81 -112.49 -2.30
N PRO ZB 38 64.89 -113.39 -1.31
CA PRO ZB 38 63.81 -113.45 -0.31
C PRO ZB 38 63.74 -112.23 0.58
N ASP ZB 39 64.85 -111.50 0.78
CA ASP ZB 39 64.83 -110.35 1.68
C ASP ZB 39 64.04 -109.16 1.12
N SER ZB 40 63.74 -109.16 -0.18
CA SER ZB 40 62.88 -108.13 -0.76
C SER ZB 40 61.49 -108.72 -0.93
N THR ZB 41 60.53 -108.15 -0.23
CA THR ZB 41 59.13 -108.52 -0.34
C THR ZB 41 58.39 -107.42 -1.10
N LEU ZB 42 57.11 -107.68 -1.39
CA LEU ZB 42 56.29 -106.65 -2.01
C LEU ZB 42 56.17 -105.45 -1.10
N SER ZB 43 56.04 -105.68 0.21
CA SER ZB 43 55.79 -104.58 1.12
C SER ZB 43 57.07 -103.80 1.40
N ALA ZB 44 58.20 -104.49 1.41
CA ALA ZB 44 59.50 -103.91 1.71
C ALA ZB 44 60.52 -104.41 0.68
N PRO ZB 45 60.57 -103.79 -0.49
CA PRO ZB 45 61.39 -104.32 -1.58
C PRO ZB 45 62.80 -103.74 -1.60
N GLY ZB 46 63.64 -104.33 -2.43
CA GLY ZB 46 64.91 -103.76 -2.82
C GLY ZB 46 64.83 -103.31 -4.27
N LEU ZB 47 65.32 -102.10 -4.54
CA LEU ZB 47 65.03 -101.47 -5.82
C LEU ZB 47 66.26 -100.74 -6.34
N ILE ZB 48 66.34 -100.64 -7.67
CA ILE ZB 48 67.39 -99.86 -8.32
C ILE ZB 48 66.76 -99.01 -9.42
N ASN ZB 49 67.24 -97.78 -9.55
CA ASN ZB 49 66.76 -96.79 -10.50
C ASN ZB 49 67.95 -96.14 -11.19
N ALA ZB 50 67.83 -95.85 -12.49
CA ALA ZB 50 68.89 -95.18 -13.22
C ALA ZB 50 68.34 -94.34 -14.36
N LYS ZB 51 68.66 -93.05 -14.37
CA LYS ZB 51 68.16 -92.06 -15.31
C LYS ZB 51 69.30 -91.38 -16.06
N PHE ZB 52 68.99 -90.92 -17.27
CA PHE ZB 52 69.91 -90.13 -18.10
C PHE ZB 52 69.27 -88.79 -18.44
N ASP ZB 53 69.88 -87.71 -17.97
CA ASP ZB 53 69.58 -86.37 -18.45
C ASP ZB 53 70.59 -86.08 -19.56
N ILE ZB 54 70.18 -86.28 -20.81
CA ILE ZB 54 71.05 -86.08 -21.95
C ILE ZB 54 70.72 -84.72 -22.56
N LYS ZB 55 71.70 -83.83 -22.53
CA LYS ZB 55 71.54 -82.50 -23.08
C LYS ZB 55 71.58 -82.56 -24.61
N ALA ZB 56 70.98 -81.55 -25.24
CA ALA ZB 56 71.03 -81.36 -26.68
C ALA ZB 56 72.47 -81.34 -27.17
N PRO ZB 57 72.73 -81.72 -28.42
CA PRO ZB 57 74.12 -81.70 -28.92
C PRO ZB 57 74.72 -80.31 -28.77
N GLY ZB 58 76.01 -80.29 -28.51
CA GLY ZB 58 76.69 -79.04 -28.26
C GLY ZB 58 77.93 -79.27 -27.43
N ILE ZB 59 78.77 -78.23 -27.40
CA ILE ZB 59 80.01 -78.29 -26.65
C ILE ZB 59 79.83 -77.76 -25.24
N THR ZB 60 78.69 -77.17 -24.92
CA THR ZB 60 78.41 -76.56 -23.63
C THR ZB 60 77.42 -77.42 -22.85
N GLY ZB 61 77.54 -77.34 -21.53
CA GLY ZB 61 76.62 -78.03 -20.63
C GLY ZB 61 77.23 -79.29 -20.05
N ASN ZB 62 76.46 -79.89 -19.14
CA ASN ZB 62 76.81 -81.15 -18.52
C ASN ZB 62 75.70 -82.18 -18.80
N ASP ZB 63 76.11 -83.39 -19.17
CA ASP ZB 63 75.23 -84.55 -19.16
C ASP ZB 63 75.17 -85.12 -17.75
N ARG ZB 64 74.04 -85.75 -17.40
CA ARG ZB 64 73.90 -86.24 -16.03
C ARG ZB 64 73.37 -87.66 -15.98
N ILE ZB 65 73.91 -88.44 -15.04
CA ILE ZB 65 73.47 -89.79 -14.73
C ILE ZB 65 72.96 -89.80 -13.30
N HIS ZB 66 71.78 -90.37 -13.08
CA HIS ZB 66 71.23 -90.53 -11.74
C HIS ZB 66 71.03 -92.00 -11.44
N ALA ZB 67 71.37 -92.42 -10.23
CA ALA ZB 67 71.23 -93.81 -9.85
C ALA ZB 67 70.82 -93.89 -8.39
N ASN ZB 68 69.93 -94.82 -8.07
CA ASN ZB 68 69.43 -94.98 -6.71
C ASN ZB 68 69.34 -96.45 -6.38
N LEU ZB 69 69.96 -96.84 -5.28
CA LEU ZB 69 69.88 -98.21 -4.77
C LEU ZB 69 69.23 -98.18 -3.40
N ARG ZB 70 68.05 -98.80 -3.29
CA ARG ZB 70 67.16 -98.67 -2.14
C ARG ZB 70 66.89 -100.04 -1.53
N LYS ZB 71 66.74 -100.04 -0.21
CA LYS ZB 71 66.15 -101.16 0.51
C LYS ZB 71 65.14 -100.61 1.50
N VAL ZB 72 63.90 -101.08 1.39
CA VAL ZB 72 62.82 -100.68 2.29
C VAL ZB 72 62.78 -101.64 3.46
N VAL ZB 73 62.49 -101.12 4.65
CA VAL ZB 73 62.35 -101.93 5.84
C VAL ZB 73 61.12 -101.46 6.60
N LEU ZB 74 60.40 -102.41 7.17
CA LEU ZB 74 59.16 -102.15 7.90
C LEU ZB 74 59.44 -102.09 9.40
N ASP ZB 75 58.76 -101.17 10.09
CA ASP ZB 75 58.86 -101.08 11.54
C ASP ZB 75 58.27 -102.32 12.20
N GLU ZB 76 58.94 -102.78 13.26
CA GLU ZB 76 58.49 -104.01 13.92
C GLU ZB 76 57.08 -103.86 14.46
N LYS ZB 77 56.77 -102.72 15.07
CA LYS ZB 77 55.47 -102.52 15.69
C LYS ZB 77 54.48 -101.90 14.71
N THR ZB 78 54.82 -100.72 14.16
CA THR ZB 78 53.87 -99.96 13.36
C THR ZB 78 53.76 -100.46 11.92
N ASN ZB 79 54.70 -101.27 11.44
CA ASN ZB 79 54.76 -101.74 10.06
C ASN ZB 79 54.84 -100.59 9.05
N LEU ZB 80 55.15 -99.37 9.52
CA LEU ZB 80 55.40 -98.25 8.63
C LEU ZB 80 56.74 -98.45 7.94
N PRO ZB 81 56.82 -98.18 6.65
CA PRO ZB 81 58.07 -98.40 5.93
C PRO ZB 81 58.98 -97.19 6.01
N SER ZB 82 60.25 -97.41 6.30
CA SER ZB 82 61.27 -96.41 6.05
C SER ZB 82 62.34 -97.05 5.17
N THR ZB 83 62.97 -96.24 4.34
CA THR ZB 83 63.85 -96.76 3.30
C THR ZB 83 65.25 -96.19 3.43
N GLY ZB 84 66.24 -97.06 3.23
CA GLY ZB 84 67.65 -96.69 3.23
C GLY ZB 84 68.18 -96.74 1.81
N SER ZB 85 69.04 -95.79 1.47
CA SER ZB 85 69.37 -95.64 0.05
C SER ZB 85 70.73 -95.02 -0.18
N VAL ZB 86 71.44 -95.54 -1.18
CA VAL ZB 86 72.64 -94.92 -1.71
C VAL ZB 86 72.31 -94.40 -3.09
N THR ZB 87 72.45 -93.09 -3.29
CA THR ZB 87 72.14 -92.47 -4.58
C THR ZB 87 73.36 -91.72 -5.12
N ILE ZB 88 73.53 -91.79 -6.43
CA ILE ZB 88 74.72 -91.29 -7.13
C ILE ZB 88 74.27 -90.36 -8.25
N GLN ZB 89 74.94 -89.22 -8.37
CA GLN ZB 89 74.81 -88.33 -9.51
C GLN ZB 89 76.16 -88.13 -10.17
N VAL ZB 90 76.24 -88.46 -11.45
CA VAL ZB 90 77.45 -88.26 -12.26
C VAL ZB 90 77.18 -87.10 -13.20
N SER ZB 91 78.06 -86.10 -13.20
CA SER ZB 91 77.93 -84.92 -14.06
C SER ZB 91 79.16 -84.88 -14.96
N ILE ZB 92 78.93 -85.09 -16.26
CA ILE ZB 92 79.97 -85.22 -17.29
C ILE ZB 92 79.91 -83.97 -18.16
N PRO ZB 93 80.91 -83.10 -18.13
CA PRO ZB 93 80.92 -81.93 -19.01
C PRO ZB 93 81.13 -82.32 -20.47
N ARG ZB 94 80.84 -81.35 -21.35
CA ARG ZB 94 80.94 -81.56 -22.78
C ARG ZB 94 82.12 -80.85 -23.43
N ASN ZB 95 82.83 -80.01 -22.70
CA ASN ZB 95 84.08 -79.44 -23.20
C ASN ZB 95 85.01 -80.58 -23.59
N PRO ZB 96 85.56 -80.59 -24.81
CA PRO ZB 96 86.43 -81.71 -25.23
C PRO ZB 96 87.62 -81.91 -24.33
N ALA ZB 97 87.88 -80.99 -23.41
CA ALA ZB 97 88.91 -81.13 -22.42
C ALA ZB 97 88.53 -82.09 -21.30
N TRP ZB 98 87.37 -82.75 -21.40
CA TRP ZB 98 86.98 -83.82 -20.49
C TRP ZB 98 87.03 -85.16 -21.23
N ASN ZB 99 87.24 -86.23 -20.47
CA ASN ZB 99 87.35 -87.57 -21.03
C ASN ZB 99 86.47 -88.56 -20.29
N ALA ZB 100 86.01 -89.56 -21.04
CA ALA ZB 100 85.45 -90.74 -20.39
C ALA ZB 100 86.43 -91.32 -19.39
N SER ZB 101 87.73 -91.21 -19.65
CA SER ZB 101 88.72 -91.69 -18.70
C SER ZB 101 88.62 -90.93 -17.39
N MET ZB 102 88.33 -89.63 -17.46
CA MET ZB 102 88.18 -88.84 -16.25
C MET ZB 102 86.89 -89.21 -15.52
N THR ZB 103 85.81 -89.45 -16.26
CA THR ZB 103 84.58 -89.96 -15.65
C THR ZB 103 84.85 -91.25 -14.89
N VAL ZB 104 85.49 -92.21 -15.56
CA VAL ZB 104 85.76 -93.50 -14.95
C VAL ZB 104 86.68 -93.34 -13.75
N SER ZB 105 87.65 -92.43 -13.83
CA SER ZB 105 88.56 -92.21 -12.71
C SER ZB 105 87.79 -91.73 -11.49
N LEU ZB 106 86.88 -90.78 -11.68
CA LEU ZB 106 86.06 -90.33 -10.54
C LEU ZB 106 85.20 -91.45 -10.00
N LEU ZB 107 84.62 -92.28 -10.88
CA LEU ZB 107 83.81 -93.40 -10.39
C LEU ZB 107 84.65 -94.36 -9.55
N LYS ZB 108 85.84 -94.70 -10.03
CA LYS ZB 108 86.70 -95.63 -9.31
C LYS ZB 108 87.14 -95.06 -7.98
N GLN ZB 109 87.46 -93.75 -7.95
CA GLN ZB 109 87.88 -93.13 -6.70
C GLN ZB 109 86.74 -93.09 -5.69
N ALA ZB 110 85.53 -92.78 -6.15
CA ALA ZB 110 84.37 -92.82 -5.26
C ALA ZB 110 84.16 -94.22 -4.71
N ALA ZB 111 84.29 -95.24 -5.57
CA ALA ZB 111 84.16 -96.61 -5.12
C ALA ZB 111 85.21 -96.93 -4.05
N ASP ZB 112 86.45 -96.49 -4.27
CA ASP ZB 112 87.50 -96.75 -3.28
C ASP ZB 112 87.19 -96.04 -1.96
N TYR ZB 113 86.75 -94.79 -2.02
CA TYR ZB 113 86.68 -93.98 -0.81
C TYR ZB 113 85.41 -94.23 -0.01
N LEU ZB 114 84.29 -94.54 -0.65
CA LEU ZB 114 83.05 -94.78 0.08
C LEU ZB 114 82.69 -96.25 0.21
N ALA ZB 115 83.20 -97.11 -0.67
CA ALA ZB 115 82.91 -98.54 -0.58
C ALA ZB 115 84.14 -99.39 -0.29
N GLY ZB 116 85.34 -98.88 -0.52
CA GLY ZB 116 86.54 -99.65 -0.28
C GLY ZB 116 86.69 -100.86 -1.17
N THR ZB 117 86.53 -100.65 -2.49
CA THR ZB 117 86.54 -101.76 -3.44
C THR ZB 117 87.52 -101.59 -4.60
N SER ZB 118 88.37 -100.56 -4.56
CA SER ZB 118 89.33 -100.33 -5.64
C SER ZB 118 90.20 -101.57 -5.92
N ALA ZB 119 90.75 -101.61 -7.13
CA ALA ZB 119 91.73 -102.62 -7.50
C ALA ZB 119 93.03 -102.40 -6.72
N THR ZB 120 93.89 -103.41 -6.75
CA THR ZB 120 95.12 -103.35 -5.98
C THR ZB 120 96.22 -102.61 -6.74
N VAL ZB 121 96.80 -101.60 -6.08
CA VAL ZB 121 97.91 -100.81 -6.62
C VAL ZB 121 98.87 -100.56 -5.46
N SER ZB 122 100.17 -100.64 -5.75
CA SER ZB 122 101.19 -100.38 -4.74
C SER ZB 122 101.04 -98.98 -4.17
N GLY ZB 123 101.00 -98.88 -2.85
CA GLY ZB 123 100.88 -97.60 -2.18
C GLY ZB 123 99.48 -97.10 -1.99
N GLN ZB 124 98.45 -97.89 -2.25
CA GLN ZB 124 97.09 -97.39 -2.11
C GLN ZB 124 96.75 -97.39 -0.63
N THR ZB 125 95.89 -96.46 -0.21
CA THR ZB 125 95.47 -96.51 1.18
C THR ZB 125 94.45 -97.61 1.38
N ASP ZB 126 94.53 -98.26 2.54
CA ASP ZB 126 93.62 -99.36 2.86
C ASP ZB 126 92.26 -98.80 3.18
N THR ZB 127 91.32 -99.03 2.28
CA THR ZB 127 89.97 -98.51 2.39
C THR ZB 127 88.97 -99.57 2.80
N SER ZB 128 89.44 -100.74 3.22
CA SER ZB 128 88.55 -101.85 3.52
C SER ZB 128 87.56 -101.50 4.63
N GLY ZB 129 88.01 -100.79 5.66
CA GLY ZB 129 87.14 -100.44 6.76
C GLY ZB 129 86.37 -99.16 6.58
N PHE ZB 130 86.61 -98.46 5.48
CA PHE ZB 130 85.91 -97.21 5.24
C PHE ZB 130 84.40 -97.36 5.13
N PRO ZB 131 83.84 -98.36 4.43
CA PRO ZB 131 82.36 -98.47 4.43
C PRO ZB 131 81.79 -98.66 5.82
N ALA ZB 132 82.47 -99.43 6.67
CA ALA ZB 132 82.04 -99.56 8.06
C ALA ZB 132 82.05 -98.20 8.76
N LYS ZB 133 83.15 -97.47 8.63
CA LYS ZB 133 83.23 -96.16 9.29
C LYS ZB 133 82.15 -95.21 8.77
N TRP ZB 134 81.86 -95.26 7.47
CA TRP ZB 134 80.79 -94.42 6.93
C TRP ZB 134 79.45 -94.80 7.52
N ALA ZB 135 79.14 -96.10 7.53
CA ALA ZB 135 77.87 -96.57 8.10
C ALA ZB 135 77.74 -96.16 9.56
N GLY ZB 136 78.86 -95.98 10.25
CA GLY ZB 136 78.85 -95.41 11.58
C GLY ZB 136 78.85 -93.91 11.65
N LEU ZB 137 78.78 -93.22 10.52
CA LEU ZB 137 78.88 -91.75 10.47
C LEU ZB 137 80.19 -91.26 11.07
N MET ZB 138 81.29 -91.80 10.57
CA MET ZB 138 82.63 -91.44 11.00
C MET ZB 138 83.48 -91.20 9.77
N PHE ZB 139 84.16 -90.06 9.72
CA PHE ZB 139 85.05 -89.81 8.59
C PHE ZB 139 86.24 -90.76 8.65
N PRO ZB 140 86.60 -91.40 7.52
CA PRO ZB 140 87.75 -92.30 7.42
C PRO ZB 140 89.05 -91.60 7.77
N ALA AC 1 79.19 -77.01 62.94
CA ALA AC 1 78.95 -76.30 64.19
C ALA AC 1 78.91 -77.25 65.39
N ALA AC 2 79.33 -76.74 66.54
CA ALA AC 2 79.31 -77.53 67.76
C ALA AC 2 77.87 -77.82 68.18
N PRO AC 3 77.59 -79.03 68.69
CA PRO AC 3 76.21 -79.36 69.06
C PRO AC 3 75.75 -78.66 70.33
N SER AC 4 76.67 -78.29 71.20
CA SER AC 4 76.30 -77.67 72.47
C SER AC 4 77.49 -76.91 73.01
N LEU AC 5 77.20 -75.96 73.90
CA LEU AC 5 78.19 -75.03 74.42
C LEU AC 5 77.93 -74.80 75.90
N ALA AC 6 79.01 -74.67 76.66
CA ALA AC 6 78.95 -74.25 78.06
C ALA AC 6 79.81 -73.00 78.16
N LEU AC 7 79.19 -71.84 78.03
CA LEU AC 7 79.92 -70.57 78.01
C LEU AC 7 79.95 -70.00 79.43
N VAL AC 8 80.96 -69.20 79.73
CA VAL AC 8 81.07 -68.59 81.04
C VAL AC 8 80.42 -67.22 81.01
N GLY AC 9 79.51 -66.97 81.95
CA GLY AC 9 78.89 -65.68 82.17
C GLY AC 9 78.93 -65.34 83.65
N ALA AC 10 77.99 -64.51 84.08
CA ALA AC 10 77.93 -64.03 85.46
C ALA AC 10 76.53 -64.14 86.02
N ASN AC 11 76.44 -64.49 87.30
CA ASN AC 11 75.17 -64.55 88.01
C ASN AC 11 74.87 -63.17 88.60
N SER AC 12 73.89 -63.11 89.50
CA SER AC 12 73.55 -61.83 90.13
C SER AC 12 74.68 -61.31 91.01
N THR AC 13 75.52 -62.20 91.54
CA THR AC 13 76.70 -61.83 92.32
C THR AC 13 77.87 -61.41 91.43
N LEU AC 14 77.75 -61.61 90.12
CA LEU AC 14 78.83 -61.44 89.14
C LEU AC 14 79.92 -62.49 89.30
N ALA AC 15 79.62 -63.59 89.99
CA ALA AC 15 80.52 -64.73 90.02
C ALA AC 15 80.43 -65.51 88.72
N SER AC 16 81.55 -66.12 88.31
CA SER AC 16 81.59 -66.83 87.04
C SER AC 16 80.69 -68.06 87.09
N THR AC 17 79.71 -68.12 86.19
CA THR AC 17 78.71 -69.17 86.17
C THR AC 17 78.60 -69.73 84.76
N LEU AC 18 78.38 -71.03 84.64
CA LEU AC 18 78.14 -71.60 83.33
C LEU AC 18 76.74 -71.25 82.83
N VAL AC 19 76.65 -71.07 81.52
CA VAL AC 19 75.40 -70.90 80.81
C VAL AC 19 75.41 -71.82 79.60
N ASN AC 20 74.39 -72.66 79.50
CA ASN AC 20 74.40 -73.80 78.60
C ASN AC 20 73.54 -73.51 77.38
N TYR AC 21 74.13 -73.61 76.20
CA TYR AC 21 73.42 -73.48 74.94
C TYR AC 21 73.47 -74.81 74.20
N SER AC 22 72.46 -75.05 73.38
CA SER AC 22 72.43 -76.22 72.51
C SER AC 22 72.00 -75.77 71.12
N LEU AC 23 72.47 -76.49 70.11
CA LEU AC 23 72.26 -76.09 68.73
C LEU AC 23 70.79 -76.27 68.35
N ARG AC 24 70.10 -75.16 68.13
CA ARG AC 24 68.76 -75.23 67.55
C ARG AC 24 68.82 -75.60 66.08
N SER AC 25 69.52 -74.80 65.28
CA SER AC 25 69.51 -75.12 63.85
C SER AC 25 70.74 -74.53 63.16
N GLN AC 26 71.28 -75.27 62.21
CA GLN AC 26 72.30 -74.74 61.30
C GLN AC 26 71.69 -74.57 59.92
N ASN AC 27 71.63 -73.33 59.48
CA ASN AC 27 71.41 -72.97 58.09
C ASN AC 27 72.79 -72.77 57.44
N GLY AC 28 72.80 -72.64 56.11
CA GLY AC 28 74.07 -72.49 55.43
C GLY AC 28 74.81 -71.23 55.85
N ASN AC 29 75.97 -71.42 56.48
CA ASN AC 29 76.75 -70.29 57.04
C ASN AC 29 75.94 -69.51 58.07
N ASN AC 30 75.08 -70.21 58.80
CA ASN AC 30 74.27 -69.55 59.83
C ASN AC 30 73.97 -70.57 60.93
N VAL AC 31 74.08 -70.14 62.18
CA VAL AC 31 73.93 -71.04 63.32
C VAL AC 31 73.10 -70.37 64.39
N ASP AC 32 72.12 -71.11 64.94
CA ASP AC 32 71.24 -70.63 66.00
C ASP AC 32 71.30 -71.60 67.18
N TYR AC 33 71.73 -71.08 68.32
CA TYR AC 33 71.79 -71.79 69.60
C TYR AC 33 70.75 -71.22 70.56
N VAL AC 34 70.28 -72.08 71.48
CA VAL AC 34 69.28 -71.73 72.47
C VAL AC 34 69.78 -72.13 73.85
N CYS AC 35 69.47 -71.32 74.85
CA CYS AC 35 69.90 -71.61 76.22
C CYS AC 35 69.01 -72.69 76.82
N THR AC 36 69.65 -73.70 77.41
CA THR AC 36 68.96 -74.87 77.97
C THR AC 36 68.84 -74.80 79.48
N ASP AC 37 69.16 -73.68 80.09
CA ASP AC 37 69.03 -73.51 81.53
C ASP AC 37 67.58 -73.23 81.88
N PRO AC 38 67.22 -73.31 83.16
CA PRO AC 38 65.91 -72.81 83.58
C PRO AC 38 65.74 -71.30 83.41
N ASP AC 39 66.84 -70.56 83.24
CA ASP AC 39 66.77 -69.11 83.04
C ASP AC 39 65.97 -68.76 81.78
N SER AC 40 66.21 -69.49 80.70
CA SER AC 40 65.50 -69.25 79.45
C SER AC 40 64.34 -70.20 79.33
N THR AC 41 63.23 -69.67 78.84
CA THR AC 41 62.05 -70.42 78.44
C THR AC 41 61.72 -69.99 77.02
N LEU AC 42 60.80 -70.71 76.38
CA LEU AC 42 60.38 -70.28 75.04
C LEU AC 42 59.81 -68.87 75.06
N SER AC 43 59.13 -68.50 76.15
CA SER AC 43 58.53 -67.18 76.24
C SER AC 43 59.59 -66.09 76.36
N ALA AC 44 60.65 -66.34 77.12
CA ALA AC 44 61.73 -65.37 77.32
C ALA AC 44 63.07 -66.10 77.20
N PRO AC 45 63.54 -66.32 75.97
CA PRO AC 45 64.70 -67.20 75.77
C PRO AC 45 66.03 -66.47 75.83
N GLY AC 46 67.08 -67.26 75.94
CA GLY AC 46 68.44 -66.83 75.70
C GLY AC 46 68.91 -67.45 74.40
N LEU AC 47 69.51 -66.63 73.54
CA LEU AC 47 69.73 -67.04 72.16
C LEU AC 47 71.10 -66.61 71.68
N ILE AC 48 71.64 -67.36 70.73
CA ILE AC 48 72.88 -67.00 70.05
C ILE AC 48 72.69 -67.23 68.55
N ASN AC 49 73.23 -66.30 67.75
CA ASN AC 49 73.16 -66.36 66.30
C ASN AC 49 74.52 -66.00 65.73
N ALA AC 50 74.97 -66.76 64.71
CA ALA AC 50 76.26 -66.52 64.08
C ALA AC 50 76.14 -66.69 62.57
N LYS AC 51 76.59 -65.68 61.82
CA LYS AC 51 76.42 -65.60 60.38
C LYS AC 51 77.76 -65.28 59.71
N PHE AC 52 77.88 -65.70 58.45
CA PHE AC 52 79.08 -65.48 57.64
C PHE AC 52 78.69 -64.81 56.32
N ASP AC 53 79.07 -63.56 56.16
CA ASP AC 53 78.96 -62.85 54.89
C ASP AC 53 80.28 -63.04 54.15
N ILE AC 54 80.32 -64.06 53.29
CA ILE AC 54 81.52 -64.41 52.54
C ILE AC 54 81.30 -64.00 51.09
N LYS AC 55 82.15 -63.11 50.61
CA LYS AC 55 82.02 -62.61 49.24
C LYS AC 55 82.53 -63.65 48.26
N ALA AC 56 82.15 -63.49 46.99
CA ALA AC 56 82.59 -64.39 45.95
C ALA AC 56 84.11 -64.46 45.91
N PRO AC 57 84.69 -65.61 45.58
CA PRO AC 57 86.17 -65.74 45.63
C PRO AC 57 86.90 -64.81 44.67
N GLY AC 58 86.30 -64.49 43.52
CA GLY AC 58 86.94 -63.54 42.62
C GLY AC 58 86.96 -62.13 43.16
N ILE AC 59 85.86 -61.71 43.81
CA ILE AC 59 85.69 -60.34 44.28
C ILE AC 59 86.57 -60.09 45.49
N THR AC 60 87.23 -58.94 45.53
CA THR AC 60 87.89 -58.46 46.74
C THR AC 60 86.96 -57.57 47.53
N GLY AC 61 86.91 -57.79 48.82
CA GLY AC 61 86.14 -56.96 49.73
C GLY AC 61 86.57 -57.33 51.13
N ASN AC 62 85.64 -57.18 52.07
CA ASN AC 62 85.81 -57.69 53.42
C ASN AC 62 84.86 -58.85 53.63
N ASP AC 63 85.38 -59.95 54.17
CA ASP AC 63 84.53 -61.00 54.70
C ASP AC 63 84.03 -60.57 56.09
N ARG AC 64 82.82 -60.99 56.44
CA ARG AC 64 82.21 -60.51 57.67
C ARG AC 64 81.65 -61.65 58.51
N ILE AC 65 81.76 -61.50 59.83
CA ILE AC 65 81.17 -62.39 60.81
C ILE AC 65 80.19 -61.58 61.64
N HIS AC 66 78.97 -62.09 61.80
CA HIS AC 66 77.95 -61.44 62.60
C HIS AC 66 77.54 -62.37 63.75
N ALA AC 67 77.76 -61.93 64.98
CA ALA AC 67 77.37 -62.70 66.14
C ALA AC 67 76.41 -61.89 67.01
N ASN AC 68 75.48 -62.59 67.65
CA ASN AC 68 74.47 -61.94 68.46
C ASN AC 68 74.13 -62.84 69.64
N LEU AC 69 74.29 -62.32 70.86
CA LEU AC 69 73.96 -63.02 72.09
C LEU AC 69 72.87 -62.24 72.80
N ARG AC 70 71.70 -62.85 72.96
CA ARG AC 70 70.50 -62.18 73.42
C ARG AC 70 69.98 -62.86 74.69
N LYS AC 71 69.34 -62.06 75.54
CA LYS AC 71 68.51 -62.56 76.63
C LYS AC 71 67.22 -61.75 76.65
N VAL AC 72 66.09 -62.42 76.52
CA VAL AC 72 64.78 -61.78 76.58
C VAL AC 72 64.31 -61.79 78.02
N VAL AC 73 63.66 -60.70 78.45
CA VAL AC 73 63.11 -60.62 79.79
C VAL AC 73 61.68 -60.09 79.69
N LEU AC 74 60.82 -60.56 80.58
CA LEU AC 74 59.42 -60.17 80.62
C LEU AC 74 59.20 -59.15 81.73
N ASP AC 75 58.39 -58.13 81.43
CA ASP AC 75 58.00 -57.17 82.45
C ASP AC 75 57.13 -57.84 83.50
N GLU AC 76 57.41 -57.55 84.77
CA GLU AC 76 56.60 -58.12 85.85
C GLU AC 76 55.14 -57.72 85.69
N LYS AC 77 54.89 -56.44 85.42
CA LYS AC 77 53.51 -55.96 85.39
C LYS AC 77 52.81 -56.31 84.08
N THR AC 78 53.46 -56.11 82.92
CA THR AC 78 52.77 -56.27 81.64
C THR AC 78 53.12 -57.55 80.89
N ASN AC 79 54.11 -58.31 81.34
CA ASN AC 79 54.62 -59.50 80.64
C ASN AC 79 55.05 -59.19 79.22
N LEU AC 80 55.22 -57.91 78.88
CA LEU AC 80 55.75 -57.53 77.58
C LEU AC 80 57.25 -57.83 77.53
N PRO AC 81 57.74 -58.37 76.45
CA PRO AC 81 59.15 -58.75 76.38
C PRO AC 81 60.02 -57.61 75.89
N SER AC 82 61.10 -57.34 76.60
CA SER AC 82 62.18 -56.53 76.04
C SER AC 82 63.46 -57.32 76.17
N THR AC 83 64.37 -57.10 75.23
CA THR AC 83 65.53 -57.96 75.09
C THR AC 83 66.82 -57.15 75.25
N GLY AC 84 67.82 -57.80 75.82
CA GLY AC 84 69.15 -57.21 75.95
C GLY AC 84 70.16 -58.05 75.19
N SER AC 85 71.10 -57.39 74.53
CA SER AC 85 71.91 -58.13 73.56
C SER AC 85 73.32 -57.54 73.42
N VAL AC 86 74.25 -58.43 73.11
CA VAL AC 86 75.59 -58.05 72.66
C VAL AC 86 75.79 -58.58 71.25
N THR AC 87 76.03 -57.68 70.31
CA THR AC 87 76.27 -58.04 68.92
C THR AC 87 77.69 -57.67 68.52
N ILE AC 88 78.27 -58.48 67.64
CA ILE AC 88 79.67 -58.39 67.27
C ILE AC 88 79.77 -58.53 65.76
N GLN AC 89 80.54 -57.65 65.13
CA GLN AC 89 80.76 -57.75 63.69
C GLN AC 89 82.26 -57.74 63.46
N VAL AC 90 82.77 -58.80 62.83
CA VAL AC 90 84.17 -58.93 62.51
C VAL AC 90 84.32 -58.73 61.01
N SER AC 91 85.11 -57.73 60.60
CA SER AC 91 85.34 -57.43 59.19
C SER AC 91 86.82 -57.72 58.90
N ILE AC 92 87.05 -58.77 58.12
CA ILE AC 92 88.37 -59.30 57.80
C ILE AC 92 88.66 -58.97 56.34
N PRO AC 93 89.71 -58.20 56.04
CA PRO AC 93 90.03 -57.91 54.63
C PRO AC 93 90.70 -59.08 53.92
N ARG AC 94 90.46 -59.12 52.59
CA ARG AC 94 90.97 -60.18 51.73
C ARG AC 94 92.35 -59.89 51.15
N ASN AC 95 93.12 -59.04 51.79
CA ASN AC 95 94.49 -58.72 51.38
C ASN AC 95 95.47 -59.59 52.16
N PRO AC 96 96.40 -60.28 51.50
CA PRO AC 96 97.37 -61.11 52.24
C PRO AC 96 98.17 -60.34 53.28
N ALA AC 97 98.16 -59.01 53.23
CA ALA AC 97 98.79 -58.21 54.26
C ALA AC 97 98.06 -58.30 55.60
N TRP AC 98 96.89 -58.94 55.64
CA TRP AC 98 96.15 -59.23 56.85
C TRP AC 98 96.17 -60.73 57.09
N ASN AC 99 96.14 -61.13 58.36
CA ASN AC 99 96.13 -62.57 58.63
C ASN AC 99 95.34 -62.88 59.90
N ALA AC 100 95.20 -64.19 60.13
CA ALA AC 100 94.37 -64.65 61.23
C ALA AC 100 94.93 -64.20 62.57
N SER AC 101 96.25 -64.05 62.68
CA SER AC 101 96.83 -63.57 63.93
C SER AC 101 96.28 -62.18 64.25
N MET AC 102 96.10 -61.34 63.22
CA MET AC 102 95.56 -60.01 63.43
C MET AC 102 94.08 -60.06 63.77
N THR AC 103 93.32 -60.93 63.09
CA THR AC 103 91.92 -61.13 63.46
C THR AC 103 91.81 -61.50 64.94
N VAL AC 104 92.59 -62.50 65.36
CA VAL AC 104 92.54 -62.96 66.74
C VAL AC 104 92.99 -61.86 67.69
N SER AC 105 93.99 -61.06 67.29
CA SER AC 105 94.46 -59.98 68.14
C SER AC 105 93.35 -58.98 68.41
N LEU AC 106 92.60 -58.60 67.37
CA LEU AC 106 91.47 -57.70 67.58
C LEU AC 106 90.43 -58.34 68.50
N LEU AC 107 90.14 -59.62 68.29
CA LEU AC 107 89.16 -60.28 69.17
C LEU AC 107 89.61 -60.25 70.62
N LYS AC 108 90.88 -60.57 70.88
CA LYS AC 108 91.40 -60.60 72.23
C LYS AC 108 91.38 -59.23 72.87
N GLN AC 109 91.72 -58.19 72.10
CA GLN AC 109 91.72 -56.84 72.64
C GLN AC 109 90.32 -56.38 72.98
N ALA AC 110 89.35 -56.68 72.11
CA ALA AC 110 87.97 -56.34 72.41
C ALA AC 110 87.49 -57.07 73.66
N ALA AC 111 87.87 -58.34 73.81
CA ALA AC 111 87.53 -59.09 75.02
C ALA AC 111 88.11 -58.43 76.25
N ASP AC 112 89.39 -58.08 76.21
CA ASP AC 112 90.02 -57.41 77.35
C ASP AC 112 89.30 -56.10 77.68
N TYR AC 113 88.98 -55.29 76.66
CA TYR AC 113 88.54 -53.94 76.95
C TYR AC 113 87.05 -53.85 77.31
N LEU AC 114 86.22 -54.78 76.82
CA LEU AC 114 84.80 -54.71 77.13
C LEU AC 114 84.32 -55.78 78.11
N ALA AC 115 85.02 -56.90 78.22
CA ALA AC 115 84.65 -57.92 79.18
C ALA AC 115 85.68 -58.12 80.28
N GLY AC 116 86.90 -57.63 80.09
CA GLY AC 116 87.93 -57.77 81.10
C GLY AC 116 88.31 -59.21 81.34
N THR AC 117 88.62 -59.95 80.26
CA THR AC 117 88.93 -61.37 80.37
C THR AC 117 90.24 -61.79 79.72
N SER AC 118 91.09 -60.84 79.35
CA SER AC 118 92.39 -61.16 78.75
C SER AC 118 93.22 -62.10 79.63
N ALA AC 119 94.18 -62.77 79.00
CA ALA AC 119 95.16 -63.57 79.71
C ALA AC 119 96.12 -62.68 80.47
N THR AC 120 96.73 -63.23 81.51
CA THR AC 120 97.64 -62.45 82.34
C THR AC 120 98.92 -62.17 81.59
N VAL AC 121 99.27 -60.89 81.49
CA VAL AC 121 100.47 -60.40 80.81
C VAL AC 121 100.97 -59.19 81.58
N SER AC 122 102.26 -59.17 81.91
CA SER AC 122 102.76 -58.13 82.78
C SER AC 122 102.65 -56.76 82.12
N GLY AC 123 102.16 -55.78 82.87
CA GLY AC 123 101.96 -54.45 82.36
C GLY AC 123 100.58 -54.18 81.79
N GLN AC 124 99.72 -55.19 81.74
CA GLN AC 124 98.35 -54.99 81.28
C GLN AC 124 97.58 -54.12 82.26
N THR AC 125 96.69 -53.30 81.73
CA THR AC 125 95.79 -52.56 82.61
C THR AC 125 94.77 -53.53 83.22
N ASP AC 126 94.38 -53.23 84.46
CA ASP AC 126 93.43 -54.08 85.18
C ASP AC 126 92.05 -53.78 84.64
N THR AC 127 91.59 -54.66 83.75
CA THR AC 127 90.33 -54.49 83.06
C THR AC 127 89.18 -55.20 83.76
N SER AC 128 89.41 -55.72 84.97
CA SER AC 128 88.42 -56.55 85.63
C SER AC 128 87.12 -55.79 85.90
N GLY AC 129 87.22 -54.50 86.23
CA GLY AC 129 86.03 -53.72 86.54
C GLY AC 129 85.38 -53.06 85.35
N PHE AC 130 86.03 -53.17 84.19
CA PHE AC 130 85.50 -52.52 83.00
C PHE AC 130 84.10 -53.01 82.62
N PRO AC 131 83.78 -54.31 82.64
CA PRO AC 131 82.39 -54.69 82.32
C PRO AC 131 81.37 -54.06 83.25
N ALA AC 132 81.69 -53.96 84.54
CA ALA AC 132 80.81 -53.25 85.46
C ALA AC 132 80.63 -51.79 85.02
N LYS AC 133 81.74 -51.10 84.73
CA LYS AC 133 81.63 -49.71 84.31
C LYS AC 133 80.81 -49.57 83.03
N TRP AC 134 81.02 -50.47 82.07
CA TRP AC 134 80.24 -50.40 80.83
C TRP AC 134 78.76 -50.58 81.11
N ALA AC 135 78.42 -51.60 81.92
CA ALA AC 135 77.02 -51.83 82.28
C ALA AC 135 76.42 -50.66 83.04
N GLY AC 136 77.27 -49.78 83.58
CA GLY AC 136 76.78 -48.53 84.14
C GLY AC 136 76.78 -47.35 83.19
N LEU AC 137 77.08 -47.56 81.90
CA LEU AC 137 77.27 -46.49 80.92
C LEU AC 137 78.32 -45.48 81.39
N MET AC 138 79.49 -46.00 81.76
CA MET AC 138 80.63 -45.21 82.21
C MET AC 138 81.86 -45.66 81.44
N PHE AC 139 82.60 -44.71 80.89
CA PHE AC 139 83.84 -45.09 80.22
C PHE AC 139 84.86 -45.56 81.25
N PRO AC 140 85.57 -46.66 81.01
CA PRO AC 140 86.61 -47.15 81.90
C PRO AC 140 87.70 -46.11 82.10
N ALA BC 1 76.77 -85.09 55.40
CA ALA BC 1 77.98 -84.93 54.60
C ALA BC 1 79.23 -85.18 55.44
N ALA BC 2 80.31 -85.61 54.78
CA ALA BC 2 81.55 -85.89 55.48
C ALA BC 2 82.10 -84.61 56.11
N PRO BC 3 82.51 -84.63 57.38
CA PRO BC 3 83.00 -83.41 58.01
C PRO BC 3 84.36 -82.95 57.48
N SER BC 4 85.13 -83.83 56.87
CA SER BC 4 86.42 -83.45 56.33
C SER BC 4 86.82 -84.42 55.24
N LEU BC 5 87.72 -83.97 54.37
CA LEU BC 5 88.12 -84.71 53.19
C LEU BC 5 89.63 -84.56 52.98
N ALA BC 6 90.26 -85.64 52.52
CA ALA BC 6 91.66 -85.63 52.12
C ALA BC 6 91.71 -86.12 50.68
N LEU BC 7 91.68 -85.19 49.73
CA LEU BC 7 91.60 -85.53 48.32
C LEU BC 7 93.00 -85.54 47.71
N VAL BC 8 93.16 -86.27 46.62
CA VAL BC 8 94.46 -86.33 45.95
C VAL BC 8 94.49 -85.31 44.83
N GLY BC 9 95.53 -84.49 44.82
CA GLY BC 9 95.80 -83.56 43.73
C GLY BC 9 97.25 -83.67 43.33
N ALA BC 10 97.79 -82.61 42.72
CA ALA BC 10 99.16 -82.62 42.22
C ALA BC 10 99.93 -81.42 42.75
N ASN BC 11 101.19 -81.66 43.14
CA ASN BC 11 102.07 -80.58 43.58
C ASN BC 11 102.63 -79.87 42.35
N SER BC 12 103.62 -79.00 42.56
CA SER BC 12 104.23 -78.30 41.44
C SER BC 12 104.91 -79.24 40.46
N THR BC 13 105.26 -80.45 40.90
CA THR BC 13 105.91 -81.45 40.05
C THR BC 13 104.92 -82.45 39.48
N LEU BC 14 103.64 -82.30 39.79
CA LEU BC 14 102.57 -83.22 39.37
C LEU BC 14 102.61 -84.55 40.10
N ALA BC 15 103.32 -84.61 41.22
CA ALA BC 15 103.27 -85.79 42.08
C ALA BC 15 101.98 -85.78 42.91
N SER BC 16 101.45 -86.96 43.16
CA SER BC 16 100.21 -87.07 43.92
C SER BC 16 100.44 -86.56 45.34
N THR BC 17 99.63 -85.58 45.75
CA THR BC 17 99.76 -84.92 47.04
C THR BC 17 98.39 -84.75 47.66
N LEU BC 18 98.29 -84.93 48.98
CA LEU BC 18 97.01 -84.70 49.62
C LEU BC 18 96.68 -83.21 49.68
N VAL BC 19 95.38 -82.93 49.63
CA VAL BC 19 94.81 -81.60 49.78
C VAL BC 19 93.63 -81.73 50.72
N ASN BC 20 93.66 -80.98 51.82
CA ASN BC 20 92.78 -81.21 52.95
C ASN BC 20 91.67 -80.17 52.96
N TYR BC 21 90.43 -80.63 52.95
CA TYR BC 21 89.26 -79.78 53.03
C TYR BC 21 88.49 -80.11 54.29
N SER BC 22 87.79 -79.11 54.82
CA SER BC 22 86.91 -79.27 55.96
C SER BC 22 85.57 -78.64 55.64
N LEU BC 23 84.51 -79.23 56.20
CA LEU BC 23 83.15 -78.83 55.92
C LEU BC 23 82.83 -77.52 56.63
N ARG BC 24 82.57 -76.47 55.85
CA ARG BC 24 82.25 -75.17 56.46
C ARG BC 24 80.80 -75.10 56.91
N SER BC 25 79.86 -75.45 56.03
CA SER BC 25 78.44 -75.44 56.38
C SER BC 25 77.67 -76.33 55.41
N GLN BC 26 76.38 -76.48 55.67
CA GLN BC 26 75.47 -77.22 54.79
C GLN BC 26 74.13 -76.47 54.74
N ASN BC 27 73.78 -76.00 53.54
CA ASN BC 27 72.54 -75.28 53.24
C ASN BC 27 71.57 -76.25 52.54
N GLY BC 28 70.49 -75.70 51.99
CA GLY BC 28 69.53 -76.46 51.23
C GLY BC 28 70.16 -77.14 50.04
N ASN BC 29 70.26 -78.46 50.11
CA ASN BC 29 70.74 -79.30 49.01
C ASN BC 29 72.11 -78.86 48.52
N ASN BC 30 72.99 -78.48 49.43
CA ASN BC 30 74.34 -78.09 49.03
C ASN BC 30 75.30 -78.31 50.19
N VAL BC 31 76.59 -78.21 49.88
CA VAL BC 31 77.68 -78.50 50.80
C VAL BC 31 78.84 -77.60 50.41
N ASP BC 32 79.48 -77.00 51.42
CA ASP BC 32 80.58 -76.05 51.24
C ASP BC 32 81.80 -76.51 52.02
N TYR BC 33 82.90 -76.79 51.32
CA TYR BC 33 84.16 -77.20 51.92
C TYR BC 33 85.23 -76.14 51.65
N VAL BC 34 86.17 -76.03 52.60
CA VAL BC 34 87.26 -75.06 52.54
C VAL BC 34 88.58 -75.80 52.74
N CYS BC 35 89.61 -75.38 52.02
CA CYS BC 35 90.91 -76.01 52.15
C CYS BC 35 91.59 -75.52 53.43
N THR BC 36 92.14 -76.47 54.20
CA THR BC 36 92.75 -76.20 55.49
C THR BC 36 94.28 -76.27 55.46
N ASP BC 37 94.86 -76.37 54.27
CA ASP BC 37 96.30 -76.40 54.14
C ASP BC 37 96.86 -75.00 54.39
N PRO BC 38 98.17 -74.87 54.57
CA PRO BC 38 98.75 -73.53 54.74
C PRO BC 38 98.66 -72.66 53.50
N ASP BC 39 98.67 -73.25 52.29
CA ASP BC 39 98.70 -72.44 51.07
C ASP BC 39 97.38 -71.73 50.79
N SER BC 40 96.28 -72.14 51.42
CA SER BC 40 95.00 -71.47 51.26
C SER BC 40 94.73 -70.58 52.45
N THR BC 41 94.39 -69.33 52.16
CA THR BC 41 94.04 -68.32 53.14
C THR BC 41 92.79 -67.61 52.64
N LEU BC 42 92.22 -66.75 53.49
CA LEU BC 42 91.02 -66.03 53.06
C LEU BC 42 91.29 -65.15 51.85
N SER BC 43 92.53 -64.68 51.71
CA SER BC 43 92.89 -63.86 50.56
C SER BC 43 92.86 -64.69 49.27
N ALA BC 44 93.30 -65.95 49.34
CA ALA BC 44 93.34 -66.82 48.17
C ALA BC 44 93.01 -68.24 48.59
N PRO BC 45 91.72 -68.56 48.76
CA PRO BC 45 91.32 -69.85 49.32
C PRO BC 45 91.19 -70.94 48.27
N GLY BC 46 91.08 -72.17 48.76
CA GLY BC 46 90.64 -73.31 47.97
C GLY BC 46 89.27 -73.74 48.47
N LEU BC 47 88.36 -74.00 47.53
CA LEU BC 47 86.96 -74.19 47.87
C LEU BC 47 86.37 -75.35 47.09
N ILE BC 48 85.41 -76.05 47.69
CA ILE BC 48 84.62 -77.05 46.99
C ILE BC 48 83.15 -76.85 47.35
N ASN BC 49 82.28 -76.97 46.35
CA ASN BC 49 80.86 -76.70 46.53
C ASN BC 49 80.05 -77.73 45.76
N ALA BC 50 78.99 -78.26 46.39
CA ALA BC 50 78.15 -79.25 45.73
C ALA BC 50 76.69 -78.96 45.99
N LYS BC 51 75.84 -79.20 45.00
CA LYS BC 51 74.42 -78.88 45.06
C LYS BC 51 73.62 -79.92 44.30
N PHE BC 52 72.42 -80.22 44.80
CA PHE BC 52 71.48 -81.09 44.10
C PHE BC 52 70.27 -80.29 43.64
N ASP BC 53 69.93 -80.42 42.36
CA ASP BC 53 68.64 -79.98 41.82
C ASP BC 53 67.82 -81.25 41.67
N ILE BC 54 66.87 -81.45 42.58
CA ILE BC 54 66.12 -82.70 42.68
C ILE BC 54 64.70 -82.45 42.20
N LYS BC 55 64.30 -83.15 41.16
CA LYS BC 55 62.96 -82.96 40.61
C LYS BC 55 61.96 -83.80 41.40
N ALA BC 56 60.67 -83.49 41.20
CA ALA BC 56 59.61 -84.11 41.97
C ALA BC 56 59.59 -85.63 41.76
N PRO BC 57 58.97 -86.37 42.67
CA PRO BC 57 58.89 -87.83 42.50
C PRO BC 57 58.17 -88.18 41.21
N GLY BC 58 58.62 -89.26 40.58
CA GLY BC 58 58.12 -89.72 39.31
C GLY BC 58 59.27 -90.20 38.46
N ILE BC 59 58.97 -90.54 37.22
CA ILE BC 59 60.02 -90.99 36.30
C ILE BC 59 60.22 -90.01 35.15
N THR BC 60 59.67 -88.80 35.26
CA THR BC 60 59.64 -87.89 34.12
C THR BC 60 60.93 -87.07 33.99
N GLY BC 61 61.49 -86.62 35.11
CA GLY BC 61 62.46 -85.56 35.09
C GLY BC 61 63.90 -85.98 34.85
N ASN BC 62 64.79 -85.02 35.11
CA ASN BC 62 66.24 -85.18 35.12
C ASN BC 62 66.79 -84.52 36.38
N ASP BC 63 67.30 -85.34 37.31
CA ASP BC 63 67.99 -84.82 38.48
C ASP BC 63 69.36 -84.26 38.08
N ARG BC 64 69.88 -83.31 38.85
CA ARG BC 64 71.17 -82.71 38.52
C ARG BC 64 72.04 -82.55 39.76
N ILE BC 65 73.34 -82.75 39.56
CA ILE BC 65 74.37 -82.55 40.57
C ILE BC 65 75.31 -81.48 40.04
N HIS BC 66 75.63 -80.50 40.88
CA HIS BC 66 76.54 -79.41 40.53
C HIS BC 66 77.70 -79.42 41.51
N ALA BC 67 78.91 -79.67 41.01
CA ALA BC 67 80.11 -79.60 41.83
C ALA BC 67 81.02 -78.51 41.29
N ASN BC 68 81.81 -77.92 42.17
CA ASN BC 68 82.68 -76.82 41.77
C ASN BC 68 83.90 -76.83 42.67
N LEU BC 69 85.09 -77.00 42.08
CA LEU BC 69 86.35 -77.01 42.79
C LEU BC 69 87.16 -75.81 42.33
N ARG BC 70 87.43 -74.89 43.23
CA ARG BC 70 88.07 -73.63 42.89
C ARG BC 70 89.34 -73.44 43.71
N LYS BC 71 90.28 -72.69 43.12
CA LYS BC 71 91.46 -72.19 43.82
C LYS BC 71 91.74 -70.77 43.36
N VAL BC 72 91.90 -69.86 44.31
CA VAL BC 72 92.19 -68.46 44.02
C VAL BC 72 93.70 -68.25 44.10
N VAL BC 73 94.23 -67.41 43.22
CA VAL BC 73 95.65 -67.10 43.21
C VAL BC 73 95.80 -65.59 43.09
N LEU BC 74 96.88 -65.07 43.66
CA LEU BC 74 97.17 -63.64 43.65
C LEU BC 74 98.35 -63.34 42.74
N ASP BC 75 98.23 -62.25 41.98
CA ASP BC 75 99.31 -61.82 41.08
C ASP BC 75 100.54 -61.44 41.89
N GLU BC 76 101.72 -61.91 41.44
CA GLU BC 76 102.96 -61.55 42.13
C GLU BC 76 103.22 -60.05 42.07
N LYS BC 77 102.68 -59.37 41.06
CA LYS BC 77 102.98 -57.96 40.89
C LYS BC 77 101.96 -57.08 41.58
N THR BC 78 100.69 -57.49 41.60
CA THR BC 78 99.61 -56.64 42.07
C THR BC 78 98.74 -57.24 43.17
N ASN BC 79 98.98 -58.48 43.59
CA ASN BC 79 98.09 -59.21 44.51
C ASN BC 79 96.64 -59.21 44.02
N LEU BC 80 96.44 -59.10 42.72
CA LEU BC 80 95.06 -59.18 42.27
C LEU BC 80 94.62 -60.62 42.11
N PRO BC 81 93.41 -60.94 42.58
CA PRO BC 81 92.97 -62.34 42.58
C PRO BC 81 92.40 -62.73 41.22
N SER BC 82 92.78 -63.91 40.76
CA SER BC 82 92.04 -64.60 39.73
C SER BC 82 91.88 -66.05 40.15
N THR BC 83 90.81 -66.68 39.70
CA THR BC 83 90.44 -68.00 40.19
C THR BC 83 90.52 -69.02 39.05
N GLY BC 84 90.99 -70.22 39.40
CA GLY BC 84 90.93 -71.36 38.51
C GLY BC 84 89.89 -72.31 39.06
N SER BC 85 89.17 -72.99 38.16
CA SER BC 85 88.06 -73.80 38.64
C SER BC 85 87.79 -74.98 37.70
N VAL BC 86 87.34 -76.07 38.30
CA VAL BC 86 86.78 -77.21 37.58
C VAL BC 86 85.37 -77.40 38.09
N THR BC 87 84.38 -77.19 37.21
CA THR BC 87 82.98 -77.38 37.55
C THR BC 87 82.45 -78.61 36.84
N ILE BC 88 81.51 -79.29 37.50
CA ILE BC 88 80.97 -80.55 37.02
C ILE BC 88 79.45 -80.48 37.14
N GLN BC 89 78.75 -80.97 36.12
CA GLN BC 89 77.31 -81.10 36.18
C GLN BC 89 76.90 -82.49 35.71
N VAL BC 90 76.27 -83.23 36.60
CA VAL BC 90 75.77 -84.56 36.32
C VAL BC 90 74.26 -84.46 36.15
N SER BC 91 73.74 -85.03 35.06
CA SER BC 91 72.32 -85.05 34.80
C SER BC 91 71.89 -86.51 34.68
N ILE BC 92 71.04 -86.94 35.62
CA ILE BC 92 70.59 -88.32 35.81
C ILE BC 92 69.11 -88.38 35.44
N PRO BC 93 68.73 -89.04 34.36
CA PRO BC 93 67.30 -89.21 34.06
C PRO BC 93 66.61 -90.16 35.02
N ARG BC 94 65.31 -89.99 35.15
CA ARG BC 94 64.49 -90.79 36.04
C ARG BC 94 63.74 -91.92 35.31
N ASN BC 95 63.70 -91.89 33.98
CA ASN BC 95 63.21 -93.01 33.19
C ASN BC 95 63.89 -94.29 33.65
N PRO BC 96 63.13 -95.31 34.07
CA PRO BC 96 63.75 -96.53 34.63
C PRO BC 96 64.69 -97.22 33.68
N ALA BC 97 64.77 -96.78 32.43
CA ALA BC 97 65.75 -97.28 31.49
C ALA BC 97 67.16 -96.77 31.78
N TRP BC 98 67.35 -96.01 32.86
CA TRP BC 98 68.65 -95.53 33.30
C TRP BC 98 69.03 -96.19 34.62
N ASN BC 99 70.33 -96.26 34.89
CA ASN BC 99 70.84 -96.92 36.10
C ASN BC 99 71.84 -96.05 36.83
N ALA BC 100 71.87 -96.22 38.14
CA ALA BC 100 73.02 -95.74 38.90
C ALA BC 100 74.32 -96.27 38.32
N SER BC 101 74.30 -97.49 37.77
CA SER BC 101 75.50 -98.02 37.12
C SER BC 101 75.91 -97.17 35.93
N MET BC 102 74.92 -96.66 35.19
CA MET BC 102 75.24 -95.81 34.04
C MET BC 102 75.77 -94.46 34.49
N THR BC 103 75.19 -93.91 35.56
CA THR BC 103 75.76 -92.70 36.16
C THR BC 103 77.23 -92.89 36.55
N VAL BC 104 77.51 -93.97 37.28
CA VAL BC 104 78.87 -94.23 37.73
C VAL BC 104 79.79 -94.45 36.54
N SER BC 105 79.29 -95.11 35.49
CA SER BC 105 80.12 -95.35 34.32
C SER BC 105 80.51 -94.04 33.65
N LEU BC 106 79.57 -93.11 33.52
CA LEU BC 106 79.93 -91.81 32.97
C LEU BC 106 80.94 -91.08 33.86
N LEU BC 107 80.76 -91.16 35.17
CA LEU BC 107 81.72 -90.52 36.08
C LEU BC 107 83.12 -91.09 35.89
N LYS BC 108 83.22 -92.42 35.85
CA LYS BC 108 84.52 -93.06 35.69
C LYS BC 108 85.16 -92.72 34.35
N GLN BC 109 84.35 -92.67 33.28
CA GLN BC 109 84.90 -92.33 31.97
C GLN BC 109 85.40 -90.90 31.93
N ALA BC 110 84.63 -89.97 32.49
CA ALA BC 110 85.09 -88.58 32.55
C ALA BC 110 86.37 -88.48 33.36
N ALA BC 111 86.47 -89.23 34.46
CA ALA BC 111 87.69 -89.22 35.26
C ALA BC 111 88.88 -89.72 34.45
N ASP BC 112 88.71 -90.85 33.75
CA ASP BC 112 89.77 -91.37 32.90
C ASP BC 112 90.17 -90.38 31.82
N TYR BC 113 89.20 -89.72 31.19
CA TYR BC 113 89.50 -88.93 30.00
C TYR BC 113 90.03 -87.53 30.31
N LEU BC 114 89.65 -86.95 31.44
CA LEU BC 114 90.13 -85.62 31.77
C LEU BC 114 91.14 -85.58 32.90
N ALA BC 115 91.19 -86.59 33.77
CA ALA BC 115 92.16 -86.66 34.83
C ALA BC 115 93.13 -87.82 34.69
N GLY BC 116 92.81 -88.83 33.89
CA GLY BC 116 93.68 -89.98 33.73
C GLY BC 116 93.87 -90.76 35.00
N THR BC 117 92.77 -91.11 35.68
CA THR BC 117 92.83 -91.77 36.98
C THR BC 117 92.07 -93.09 37.03
N SER BC 118 91.55 -93.58 35.92
CA SER BC 118 90.76 -94.81 35.92
C SER BC 118 91.55 -96.01 36.46
N ALA BC 119 90.80 -97.04 36.85
CA ALA BC 119 91.38 -98.32 37.26
C ALA BC 119 92.00 -99.02 36.06
N THR BC 120 92.72 -100.09 36.33
CA THR BC 120 93.47 -100.81 35.29
C THR BC 120 92.62 -101.90 34.66
N VAL BC 121 92.51 -101.86 33.33
CA VAL BC 121 91.81 -102.87 32.54
C VAL BC 121 92.70 -103.17 31.33
N SER BC 122 92.48 -104.35 30.74
CA SER BC 122 93.41 -104.88 29.75
C SER BC 122 93.70 -103.88 28.64
N GLY BC 123 92.69 -103.57 27.83
CA GLY BC 123 92.98 -102.82 26.62
C GLY BC 123 92.84 -101.33 26.74
N GLN BC 124 93.00 -100.79 27.94
CA GLN BC 124 92.64 -99.39 28.16
C GLN BC 124 93.68 -98.52 27.49
N THR BC 125 93.25 -97.33 27.04
CA THR BC 125 94.25 -96.42 26.51
C THR BC 125 94.94 -95.69 27.64
N ASP BC 126 96.20 -95.35 27.41
CA ASP BC 126 97.03 -94.68 28.40
C ASP BC 126 96.60 -93.23 28.50
N THR BC 127 95.99 -92.88 29.63
CA THR BC 127 95.43 -91.55 29.84
C THR BC 127 96.22 -90.76 30.88
N SER BC 128 97.39 -91.25 31.27
CA SER BC 128 98.16 -90.58 32.32
C SER BC 128 98.57 -89.16 31.92
N GLY BC 129 98.89 -88.96 30.64
CA GLY BC 129 99.31 -87.65 30.17
C GLY BC 129 98.21 -86.73 29.76
N PHE BC 130 96.97 -87.23 29.74
CA PHE BC 130 95.86 -86.41 29.31
C PHE BC 130 95.64 -85.17 30.16
N PRO BC 131 95.72 -85.21 31.50
CA PRO BC 131 95.56 -83.95 32.25
C PRO BC 131 96.59 -82.92 31.87
N ALA BC 132 97.83 -83.34 31.64
CA ALA BC 132 98.86 -82.40 31.18
C ALA BC 132 98.47 -81.80 29.83
N LYS BC 133 98.04 -82.64 28.89
CA LYS BC 133 97.66 -82.12 27.58
C LYS BC 133 96.48 -81.16 27.68
N TRP BC 134 95.51 -81.46 28.54
CA TRP BC 134 94.39 -80.54 28.72
C TRP BC 134 94.88 -79.21 29.28
N ALA BC 135 95.68 -79.26 30.35
CA ALA BC 135 96.20 -78.04 30.96
C ALA BC 135 97.03 -77.22 29.99
N GLY BC 136 97.54 -77.84 28.93
CA GLY BC 136 98.17 -77.11 27.85
C GLY BC 136 97.21 -76.64 26.77
N LEU BC 137 95.91 -76.83 26.96
CA LEU BC 137 94.88 -76.54 25.95
C LEU BC 137 95.17 -77.24 24.63
N MET BC 138 95.39 -78.56 24.70
CA MET BC 138 95.46 -79.38 23.52
C MET BC 138 94.73 -80.70 23.76
N PHE BC 139 94.12 -81.20 22.69
CA PHE BC 139 93.33 -82.42 22.81
C PHE BC 139 94.23 -83.64 22.99
N PRO BC 140 93.81 -84.61 23.80
CA PRO BC 140 94.48 -85.90 23.91
C PRO BC 140 94.51 -86.63 22.58
N ALA CC 1 71.73 -80.18 62.95
CA ALA CC 1 70.97 -81.41 63.13
C ALA CC 1 71.85 -82.65 62.94
N ALA CC 2 71.32 -83.81 63.33
CA ALA CC 2 72.07 -85.05 63.20
C ALA CC 2 72.31 -85.37 61.73
N PRO CC 3 73.54 -85.75 61.36
CA PRO CC 3 73.83 -86.00 59.94
C PRO CC 3 73.22 -87.28 59.41
N SER CC 4 72.83 -88.21 60.28
CA SER CC 4 72.26 -89.46 59.83
C SER CC 4 71.44 -90.07 60.97
N LEU CC 5 70.45 -90.88 60.60
CA LEU CC 5 69.50 -91.47 61.52
C LEU CC 5 69.24 -92.92 61.16
N ALA CC 6 69.09 -93.75 62.19
CA ALA CC 6 68.68 -95.14 62.03
C ALA CC 6 67.38 -95.31 62.80
N LEU CC 7 66.26 -95.06 62.13
CA LEU CC 7 64.95 -95.15 62.78
C LEU CC 7 64.42 -96.56 62.69
N VAL CC 8 63.50 -96.92 63.59
CA VAL CC 8 62.89 -98.24 63.59
C VAL CC 8 61.54 -98.17 62.91
N GLY CC 9 61.36 -99.00 61.88
CA GLY CC 9 60.09 -99.20 61.21
C GLY CC 9 59.77 -100.68 61.16
N ALA CC 10 58.98 -101.05 60.17
CA ALA CC 10 58.49 -102.42 60.01
C ALA CC 10 58.69 -102.88 58.57
N ASN CC 11 59.13 -104.12 58.41
CA ASN CC 11 59.23 -104.74 57.10
C ASN CC 11 57.87 -105.30 56.71
N SER CC 12 57.86 -106.11 55.65
CA SER CC 12 56.61 -106.71 55.20
C SER CC 12 56.00 -107.65 56.24
N THR CC 13 56.84 -108.22 57.12
CA THR CC 13 56.38 -109.09 58.19
C THR CC 13 55.88 -108.32 59.40
N LEU CC 14 56.04 -106.99 59.40
CA LEU CC 14 55.85 -106.11 60.55
C LEU CC 14 56.92 -106.29 61.62
N ALA CC 15 57.99 -107.01 61.31
CA ALA CC 15 59.11 -107.12 62.25
C ALA CC 15 59.88 -105.81 62.30
N SER CC 16 60.41 -105.49 63.48
CA SER CC 16 61.13 -104.24 63.67
C SER CC 16 62.41 -104.24 62.84
N THR CC 17 62.51 -103.29 61.92
CA THR CC 17 63.61 -103.20 60.96
C THR CC 17 64.16 -101.78 60.95
N LEU CC 18 65.47 -101.64 60.80
CA LEU CC 18 66.03 -100.31 60.68
C LEU CC 18 65.76 -99.70 59.30
N VAL CC 19 65.47 -98.41 59.30
CA VAL CC 19 65.35 -97.60 58.09
C VAL CC 19 66.27 -96.40 58.26
N ASN CC 20 67.15 -96.21 57.29
CA ASN CC 20 68.31 -95.34 57.42
C ASN CC 20 68.12 -94.08 56.61
N TYR CC 21 68.34 -92.93 57.23
CA TYR CC 21 68.23 -91.63 56.59
C TYR CC 21 69.54 -90.87 56.74
N SER CC 22 69.87 -90.07 55.73
CA SER CC 22 70.98 -89.14 55.83
C SER CC 22 70.48 -87.71 55.59
N LEU CC 23 71.16 -86.77 56.24
CA LEU CC 23 70.78 -85.36 56.17
C LEU CC 23 71.17 -84.79 54.82
N ARG CC 24 70.17 -84.58 53.96
CA ARG CC 24 70.42 -84.00 52.66
C ARG CC 24 70.41 -82.47 52.68
N SER CC 25 69.46 -81.84 53.37
CA SER CC 25 69.50 -80.37 53.41
C SER CC 25 69.04 -79.85 54.76
N GLN CC 26 69.45 -78.62 55.06
CA GLN CC 26 68.97 -77.90 56.22
C GLN CC 26 69.03 -76.42 55.88
N ASN CC 27 67.88 -75.75 55.99
CA ASN CC 27 67.74 -74.38 55.53
C ASN CC 27 66.57 -73.73 56.25
N GLY CC 28 66.81 -72.57 56.84
CA GLY CC 28 65.75 -71.74 57.38
C GLY CC 28 64.86 -72.47 58.35
N ASN CC 29 65.45 -72.94 59.45
CA ASN CC 29 64.74 -73.75 60.44
C ASN CC 29 63.94 -74.87 59.77
N ASN CC 30 64.58 -75.50 58.79
CA ASN CC 30 63.95 -76.59 58.08
C ASN CC 30 65.02 -77.66 57.86
N VAL CC 31 64.62 -78.93 58.00
CA VAL CC 31 65.56 -80.05 57.95
C VAL CC 31 64.96 -81.16 57.10
N ASP CC 32 65.74 -81.64 56.11
CA ASP CC 32 65.27 -82.62 55.14
C ASP CC 32 66.25 -83.78 55.05
N TYR CC 33 65.74 -84.98 55.34
CA TYR CC 33 66.47 -86.24 55.28
C TYR CC 33 65.97 -87.09 54.12
N VAL CC 34 66.87 -87.92 53.57
CA VAL CC 34 66.51 -88.87 52.53
C VAL CC 34 66.92 -90.28 52.96
N CYS CC 35 66.13 -91.26 52.55
CA CYS CC 35 66.37 -92.64 52.93
C CYS CC 35 67.48 -93.24 52.08
N THR CC 36 68.45 -93.87 52.73
CA THR CC 36 69.64 -94.41 52.08
C THR CC 36 69.50 -95.88 51.71
N ASP CC 37 68.38 -96.50 52.04
CA ASP CC 37 68.19 -97.93 51.83
C ASP CC 37 67.90 -98.21 50.36
N PRO CC 38 67.93 -99.47 49.95
CA PRO CC 38 67.60 -99.79 48.55
C PRO CC 38 66.15 -99.53 48.18
N ASP CC 39 65.23 -99.58 49.15
CA ASP CC 39 63.82 -99.39 48.82
C ASP CC 39 63.48 -97.96 48.44
N SER CC 40 64.35 -96.99 48.72
CA SER CC 40 64.15 -95.62 48.25
C SER CC 40 65.03 -95.41 47.03
N THR CC 41 64.41 -95.15 45.90
CA THR CC 41 65.09 -94.82 44.65
C THR CC 41 64.91 -93.34 44.38
N LEU CC 42 65.59 -92.85 43.33
CA LEU CC 42 65.40 -91.48 42.91
C LEU CC 42 63.97 -91.23 42.51
N SER CC 43 63.37 -92.19 41.82
CA SER CC 43 62.04 -91.97 41.28
C SER CC 43 60.98 -92.09 42.37
N ALA CC 44 61.21 -92.97 43.34
CA ALA CC 44 60.27 -93.23 44.43
C ALA CC 44 61.05 -93.26 45.75
N PRO CC 45 61.31 -92.10 46.33
CA PRO CC 45 62.19 -92.02 47.50
C PRO CC 45 61.43 -92.13 48.82
N GLY CC 46 62.20 -92.27 49.89
CA GLY CC 46 61.70 -92.10 51.25
C GLY CC 46 62.29 -90.82 51.81
N LEU CC 47 61.45 -90.01 52.44
CA LEU CC 47 61.85 -88.64 52.77
C LEU CC 47 61.34 -88.25 54.15
N ILE CC 48 62.07 -87.35 54.80
CA ILE CC 48 61.65 -86.77 56.07
C ILE CC 48 61.85 -85.26 56.02
N ASN CC 49 60.90 -84.53 56.59
CA ASN CC 49 60.88 -83.08 56.63
C ASN CC 49 60.54 -82.61 58.03
N ALA CC 50 61.16 -81.52 58.48
CA ALA CC 50 60.86 -80.98 59.81
C ALA CC 50 61.09 -79.47 59.84
N LYS CC 51 60.05 -78.72 60.23
CA LYS CC 51 60.02 -77.26 60.23
C LYS CC 51 59.71 -76.72 61.63
N PHE CC 52 60.20 -75.51 61.90
CA PHE CC 52 59.92 -74.78 63.13
C PHE CC 52 59.28 -73.44 62.78
N ASP CC 53 58.04 -73.25 63.20
CA ASP CC 53 57.42 -71.92 63.23
C ASP CC 53 57.65 -71.37 64.63
N ILE CC 54 58.68 -70.54 64.77
CA ILE CC 54 59.03 -69.95 66.06
C ILE CC 54 58.48 -68.54 66.11
N LYS CC 55 57.56 -68.31 67.04
CA LYS CC 55 56.96 -67.01 67.21
C LYS CC 55 57.95 -66.06 67.89
N ALA CC 56 57.74 -64.76 67.68
CA ALA CC 56 58.49 -63.71 68.35
C ALA CC 56 58.43 -63.89 69.86
N PRO CC 57 59.42 -63.41 70.61
CA PRO CC 57 59.38 -63.57 72.06
C PRO CC 57 58.12 -62.96 72.63
N GLY CC 58 57.64 -63.58 73.70
CA GLY CC 58 56.39 -63.15 74.29
C GLY CC 58 55.74 -64.29 75.03
N ILE CC 59 54.76 -63.91 75.85
CA ILE CC 59 54.03 -64.89 76.65
C ILE CC 59 52.79 -65.40 75.93
N THR CC 60 52.44 -64.81 74.79
CA THR CC 60 51.25 -65.15 74.04
C THR CC 60 51.62 -65.88 72.76
N GLY CC 61 50.72 -66.74 72.30
CA GLY CC 61 50.89 -67.45 71.05
C GLY CC 61 51.32 -68.89 71.27
N ASN CC 62 51.37 -69.62 70.16
CA ASN CC 62 51.85 -70.99 70.12
C ASN CC 62 53.05 -71.09 69.18
N ASP CC 63 54.09 -71.80 69.62
CA ASP CC 63 55.15 -72.26 68.74
C ASP CC 63 54.70 -73.55 68.06
N ARG CC 64 55.23 -73.79 66.85
CA ARG CC 64 54.77 -74.98 66.12
C ARG CC 64 55.93 -75.76 65.51
N ILE CC 65 55.79 -77.08 65.55
CA ILE CC 65 56.71 -78.03 64.94
C ILE CC 65 55.94 -78.79 63.87
N HIS CC 66 56.51 -78.90 62.68
CA HIS CC 66 55.92 -79.69 61.60
C HIS CC 66 56.88 -80.79 61.20
N ALA CC 67 56.36 -81.98 60.96
CA ALA CC 67 57.19 -83.11 60.58
C ALA CC 67 56.43 -83.97 59.59
N ASN CC 68 57.14 -84.49 58.59
CA ASN CC 68 56.52 -85.30 57.56
C ASN CC 68 57.43 -86.47 57.23
N LEU CC 69 56.88 -87.68 57.30
CA LEU CC 69 57.61 -88.90 56.94
C LEU CC 69 56.88 -89.53 55.76
N ARG CC 70 57.56 -89.60 54.61
CA ARG CC 70 56.96 -89.95 53.33
C ARG CC 70 57.65 -91.16 52.73
N LYS CC 71 56.87 -91.98 52.03
CA LYS CC 71 57.39 -93.00 51.12
C LYS CC 71 56.61 -92.90 49.82
N VAL CC 72 57.33 -92.72 48.71
CA VAL CC 72 56.72 -92.65 47.39
C VAL CC 72 56.72 -94.04 46.79
N VAL CC 73 55.65 -94.36 46.07
CA VAL CC 73 55.54 -95.64 45.38
C VAL CC 73 55.03 -95.39 43.97
N LEU CC 74 55.55 -96.15 43.01
CA LEU CC 74 55.19 -96.01 41.61
C LEU CC 74 54.14 -97.05 41.23
N ASP CC 75 53.18 -96.65 40.38
CA ASP CC 75 52.19 -97.58 39.87
C ASP CC 75 52.85 -98.62 38.97
N GLU CC 76 52.37 -99.86 39.09
CA GLU CC 76 52.97 -100.95 38.33
C GLU CC 76 52.86 -100.70 36.84
N LYS CC 77 51.71 -100.24 36.37
CA LYS CC 77 51.49 -100.05 34.94
C LYS CC 77 51.87 -98.63 34.51
N THR CC 78 51.25 -97.62 35.13
CA THR CC 78 51.42 -96.25 34.65
C THR CC 78 52.71 -95.60 35.13
N ASN CC 79 53.39 -96.15 36.13
CA ASN CC 79 54.59 -95.58 36.75
C ASN CC 79 54.33 -94.18 37.32
N LEU CC 80 53.06 -93.79 37.48
CA LEU CC 80 52.73 -92.55 38.16
C LEU CC 80 52.99 -92.70 39.65
N PRO CC 81 53.57 -91.70 40.28
CA PRO CC 81 53.89 -91.83 41.71
C PRO CC 81 52.72 -91.40 42.57
N SER CC 82 52.39 -92.19 43.58
CA SER CC 82 51.58 -91.72 44.67
C SER CC 82 52.34 -91.97 45.97
N THR CC 83 52.10 -91.10 46.95
CA THR CC 83 52.93 -91.07 48.15
C THR CC 83 52.09 -91.28 49.40
N GLY CC 84 52.62 -92.09 50.32
CA GLY CC 84 52.01 -92.33 51.61
C GLY CC 84 52.81 -91.63 52.69
N SER CC 85 52.11 -91.07 53.68
CA SER CC 85 52.81 -90.15 54.58
C SER CC 85 52.16 -90.09 55.95
N VAL CC 86 53.01 -90.03 56.98
CA VAL CC 86 52.58 -89.69 58.33
C VAL CC 86 53.14 -88.31 58.66
N THR CC 87 52.26 -87.36 58.96
CA THR CC 87 52.68 -86.01 59.26
C THR CC 87 52.17 -85.58 60.63
N ILE CC 88 53.00 -84.83 61.34
CA ILE CC 88 52.78 -84.46 62.75
C ILE CC 88 52.89 -82.95 62.87
N GLN CC 89 51.96 -82.34 63.61
CA GLN CC 89 52.04 -80.96 64.02
C GLN CC 89 51.99 -80.88 65.54
N VAL CC 90 53.01 -80.28 66.14
CA VAL CC 90 53.07 -80.05 67.58
C VAL CC 90 52.86 -78.56 67.81
N SER CC 91 51.91 -78.21 68.67
CA SER CC 91 51.60 -76.83 69.00
C SER CC 91 51.83 -76.64 70.50
N ILE CC 92 52.85 -75.85 70.84
CA ILE CC 92 53.35 -75.63 72.18
C ILE CC 92 52.98 -74.20 72.60
N PRO CC 93 52.08 -74.00 73.54
CA PRO CC 93 51.75 -72.65 73.99
C PRO CC 93 52.90 -72.02 74.77
N ARG CC 94 52.80 -70.71 74.95
CA ARG CC 94 53.83 -69.94 75.64
C ARG CC 94 53.42 -69.45 77.02
N ASN CC 95 52.16 -69.63 77.41
CA ASN CC 95 51.76 -69.37 78.78
C ASN CC 95 52.62 -70.21 79.73
N PRO CC 96 53.27 -69.61 80.73
CA PRO CC 96 54.15 -70.38 81.62
C PRO CC 96 53.46 -71.53 82.31
N ALA CC 97 52.14 -71.60 82.21
CA ALA CC 97 51.38 -72.72 82.71
C ALA CC 97 51.49 -73.96 81.84
N TRP CC 98 52.31 -73.93 80.79
CA TRP CC 98 52.63 -75.09 79.97
C TRP CC 98 54.08 -75.52 80.25
N ASN CC 99 54.35 -76.81 80.04
CA ASN CC 99 55.68 -77.37 80.29
C ASN CC 99 56.15 -78.20 79.13
N ALA CC 100 57.48 -78.20 78.95
CA ALA CC 100 58.08 -79.21 78.10
C ALA CC 100 57.65 -80.61 78.52
N SER CC 101 57.43 -80.82 79.82
CA SER CC 101 56.95 -82.13 80.27
C SER CC 101 55.59 -82.45 79.67
N MET CC 102 54.74 -81.43 79.53
CA MET CC 102 53.42 -81.65 78.93
C MET CC 102 53.55 -81.91 77.44
N THR CC 103 54.45 -81.19 76.76
CA THR CC 103 54.75 -81.49 75.36
C THR CC 103 55.18 -82.95 75.19
N VAL CC 104 56.15 -83.37 75.99
CA VAL CC 104 56.67 -84.73 75.89
C VAL CC 104 55.58 -85.74 76.22
N SER CC 105 54.71 -85.42 77.20
CA SER CC 105 53.65 -86.34 77.55
C SER CC 105 52.70 -86.55 76.38
N LEU CC 106 52.33 -85.46 75.69
CA LEU CC 106 51.48 -85.62 74.51
C LEU CC 106 52.19 -86.42 73.42
N LEU CC 107 53.49 -86.19 73.22
CA LEU CC 107 54.21 -86.96 72.20
C LEU CC 107 54.20 -88.45 72.54
N LYS CC 108 54.47 -88.79 73.80
CA LYS CC 108 54.51 -90.18 74.20
C LYS CC 108 53.14 -90.83 74.08
N GLN CC 109 52.08 -90.10 74.43
CA GLN CC 109 50.73 -90.65 74.33
C GLN CC 109 50.34 -90.88 72.88
N ALA CC 110 50.69 -89.94 71.99
CA ALA CC 110 50.44 -90.15 70.58
C ALA CC 110 51.20 -91.36 70.06
N ALA CC 111 52.45 -91.51 70.47
CA ALA CC 111 53.22 -92.69 70.07
C ALA CC 111 52.55 -93.97 70.55
N ASP CC 112 52.06 -93.99 71.79
CA ASP CC 112 51.38 -95.17 72.30
C ASP CC 112 50.10 -95.46 71.51
N TYR CC 113 49.31 -94.43 71.22
CA TYR CC 113 47.98 -94.66 70.69
C TYR CC 113 47.96 -94.91 69.19
N LEU CC 114 48.87 -94.29 68.43
CA LEU CC 114 48.88 -94.48 66.99
C LEU CC 114 49.98 -95.41 66.51
N ALA CC 115 51.05 -95.59 67.28
CA ALA CC 115 52.12 -96.50 66.89
C ALA CC 115 52.28 -97.69 67.82
N GLY CC 116 51.76 -97.63 69.04
CA GLY CC 116 51.89 -98.73 69.98
C GLY CC 116 53.32 -98.99 70.40
N THR CC 117 54.03 -97.94 70.84
CA THR CC 117 55.45 -98.05 71.17
C THR CC 117 55.80 -97.53 72.56
N SER CC 118 54.81 -97.18 73.39
CA SER CC 118 55.08 -96.66 74.71
C SER CC 118 55.96 -97.61 75.54
N ALA CC 119 56.63 -97.03 76.55
CA ALA CC 119 57.37 -97.80 77.53
C ALA CC 119 56.41 -98.63 78.39
N THR CC 120 56.97 -99.60 79.11
CA THR CC 120 56.15 -100.51 79.89
C THR CC 120 55.81 -99.90 81.26
N VAL CC 121 54.52 -99.87 81.57
CA VAL CC 121 53.99 -99.40 82.85
C VAL CC 121 52.86 -100.32 83.26
N SER CC 122 52.78 -100.65 84.54
CA SER CC 122 51.72 -101.51 85.05
C SER CC 122 50.36 -100.89 84.76
N GLY CC 123 49.48 -101.68 84.17
CA GLY CC 123 48.14 -101.23 83.87
C GLY CC 123 47.97 -100.51 82.56
N GLN CC 124 48.98 -100.51 81.69
CA GLN CC 124 48.83 -99.78 80.43
C GLN CC 124 47.99 -100.63 79.49
N THR CC 125 47.24 -99.98 78.60
CA THR CC 125 46.51 -100.78 77.64
C THR CC 125 47.45 -101.28 76.54
N ASP CC 126 47.20 -102.49 76.09
CA ASP CC 126 48.03 -103.12 75.07
C ASP CC 126 47.74 -102.47 73.73
N THR CC 127 48.70 -101.70 73.24
CA THR CC 127 48.57 -100.94 72.01
C THR CC 127 49.33 -101.56 70.86
N SER CC 128 49.82 -102.79 71.04
CA SER CC 128 50.68 -103.42 70.04
C SER CC 128 49.96 -103.54 68.69
N GLY CC 129 48.68 -103.91 68.71
CA GLY CC 129 47.94 -104.09 67.49
C GLY CC 129 47.30 -102.84 66.94
N PHE CC 130 47.41 -101.74 67.68
CA PHE CC 130 46.78 -100.50 67.23
C PHE CC 130 47.32 -99.99 65.89
N PRO CC 131 48.63 -99.99 65.62
CA PRO CC 131 49.07 -99.54 64.29
C PRO CC 131 48.48 -100.38 63.17
N ALA CC 132 48.36 -101.69 63.37
CA ALA CC 132 47.70 -102.53 62.37
C ALA CC 132 46.25 -102.10 62.18
N LYS CC 133 45.51 -101.92 63.28
CA LYS CC 133 44.11 -101.51 63.16
C LYS CC 133 43.99 -100.15 62.46
N TRP CC 134 44.91 -99.22 62.75
CA TRP CC 134 44.88 -97.93 62.07
C TRP CC 134 45.11 -98.10 60.57
N ALA CC 135 46.15 -98.86 60.20
CA ALA CC 135 46.44 -99.08 58.80
C ALA CC 135 45.27 -99.73 58.08
N GLY CC 136 44.42 -100.46 58.82
CA GLY CC 136 43.18 -100.95 58.27
C GLY CC 136 42.01 -100.00 58.35
N LEU CC 137 42.22 -98.76 58.80
CA LEU CC 137 41.14 -97.79 59.01
C LEU CC 137 40.09 -98.33 59.98
N MET CC 138 40.55 -98.76 61.16
CA MET CC 138 39.68 -99.27 62.20
C MET CC 138 40.07 -98.61 63.51
N PHE CC 139 39.10 -98.06 64.22
CA PHE CC 139 39.40 -97.47 65.51
C PHE CC 139 39.78 -98.56 66.50
N PRO CC 140 40.86 -98.39 67.26
CA PRO CC 140 41.33 -99.32 68.28
C PRO CC 140 40.28 -99.55 69.36
N ALA DC 1 94.89 -33.55 76.70
CA ALA DC 1 95.51 -32.23 76.60
C ALA DC 1 96.10 -31.78 77.94
N ALA DC 2 97.19 -31.00 77.86
CA ALA DC 2 97.83 -30.49 79.05
C ALA DC 2 96.91 -29.50 79.77
N PRO DC 3 96.89 -29.51 81.10
CA PRO DC 3 95.98 -28.61 81.83
C PRO DC 3 96.43 -27.17 81.81
N SER DC 4 97.72 -26.91 81.63
CA SER DC 4 98.24 -25.55 81.65
C SER DC 4 99.58 -25.53 80.94
N LEU DC 5 99.95 -24.33 80.51
CA LEU DC 5 101.13 -24.12 79.68
C LEU DC 5 101.84 -22.84 80.10
N ALA DC 6 103.17 -22.87 80.07
CA ALA DC 6 103.99 -21.68 80.26
C ALA DC 6 104.84 -21.55 79.00
N LEU DC 7 104.36 -20.79 78.04
CA LEU DC 7 105.04 -20.66 76.75
C LEU DC 7 105.95 -19.44 76.79
N VAL DC 8 107.01 -19.46 75.99
CA VAL DC 8 107.94 -18.34 75.94
C VAL DC 8 107.51 -17.39 74.83
N GLY DC 9 107.38 -16.11 75.16
CA GLY DC 9 107.12 -15.04 74.23
C GLY DC 9 108.07 -13.88 74.50
N ALA DC 10 107.64 -12.69 74.12
CA ALA DC 10 108.47 -11.49 74.24
C ALA DC 10 107.67 -10.34 74.84
N ASN DC 11 108.33 -9.56 75.69
CA ASN DC 11 107.75 -8.36 76.28
C ASN DC 11 107.97 -7.17 75.34
N SER DC 12 107.74 -5.96 75.84
CA SER DC 12 107.96 -4.77 75.01
C SER DC 12 109.43 -4.58 74.66
N THR DC 13 110.34 -5.08 75.50
CA THR DC 13 111.78 -5.05 75.25
C THR DC 13 112.21 -6.14 74.27
N LEU DC 14 111.31 -7.08 73.95
CA LEU DC 14 111.60 -8.31 73.20
C LEU DC 14 112.47 -9.28 73.99
N ALA DC 15 112.56 -9.10 75.29
CA ALA DC 15 113.21 -10.09 76.15
C ALA DC 15 112.28 -11.28 76.35
N SER DC 16 112.87 -12.47 76.50
CA SER DC 16 112.09 -13.69 76.63
C SER DC 16 111.31 -13.68 77.93
N THR DC 17 109.99 -13.78 77.83
CA THR DC 17 109.07 -13.68 78.97
C THR DC 17 108.10 -14.85 78.94
N LEU DC 18 107.75 -15.36 80.10
CA LEU DC 18 106.73 -16.39 80.13
C LEU DC 18 105.33 -15.79 79.90
N VAL DC 19 104.49 -16.58 79.25
CA VAL DC 19 103.09 -16.28 79.07
C VAL DC 19 102.30 -17.53 79.41
N ASN DC 20 101.36 -17.39 80.33
CA ASN DC 20 100.72 -18.52 80.99
C ASN DC 20 99.33 -18.74 80.42
N TYR DC 21 99.09 -19.95 79.93
CA TYR DC 21 97.78 -20.36 79.46
C TYR DC 21 97.27 -21.48 80.35
N SER DC 22 95.95 -21.59 80.44
CA SER DC 22 95.31 -22.69 81.14
C SER DC 22 94.17 -23.21 80.28
N LEU DC 23 93.87 -24.50 80.44
CA LEU DC 23 92.90 -25.17 79.58
C LEU DC 23 91.50 -24.68 79.88
N ARG DC 24 90.91 -23.95 78.94
CA ARG DC 24 89.50 -23.62 79.04
C ARG DC 24 88.63 -24.84 78.79
N SER DC 25 88.77 -25.45 77.61
CA SER DC 25 87.89 -26.58 77.33
C SER DC 25 88.51 -27.50 76.28
N GLN DC 26 88.29 -28.80 76.45
CA GLN DC 26 88.62 -29.78 75.42
C GLN DC 26 87.32 -30.31 74.84
N ASN DC 27 87.11 -30.05 73.57
CA ASN DC 27 86.14 -30.73 72.74
C ASN DC 27 86.85 -31.88 72.03
N GLY DC 28 86.09 -32.76 71.39
CA GLY DC 28 86.70 -33.88 70.72
C GLY DC 28 87.64 -33.48 69.61
N ASN DC 29 88.93 -33.76 69.79
CA ASN DC 29 89.98 -33.33 68.84
C ASN DC 29 90.01 -31.81 68.71
N ASN DC 30 89.71 -31.11 69.81
CA ASN DC 30 89.75 -29.65 69.79
C ASN DC 30 90.08 -29.17 71.19
N VAL DC 31 90.95 -28.17 71.28
CA VAL DC 31 91.43 -27.69 72.57
C VAL DC 31 91.46 -26.17 72.56
N ASP DC 32 90.95 -25.56 73.64
CA ASP DC 32 90.93 -24.11 73.82
C ASP DC 32 91.60 -23.75 75.12
N TYR DC 33 92.67 -22.96 75.03
CA TYR DC 33 93.42 -22.42 76.16
C TYR DC 33 93.22 -20.91 76.25
N VAL DC 34 93.32 -20.38 77.48
CA VAL DC 34 93.14 -18.96 77.75
C VAL DC 34 94.34 -18.46 78.56
N CYS DC 35 94.77 -17.24 78.29
CA CYS DC 35 95.89 -16.66 79.00
C CYS DC 35 95.45 -16.20 80.39
N THR DC 36 96.23 -16.60 81.40
CA THR DC 36 95.93 -16.33 82.80
C THR DC 36 96.74 -15.17 83.38
N ASP DC 37 97.46 -14.44 82.54
CA ASP DC 37 98.22 -13.29 82.98
C ASP DC 37 97.30 -12.10 83.17
N PRO DC 38 97.78 -11.04 83.81
CA PRO DC 38 97.03 -9.78 83.80
C PRO DC 38 96.91 -9.15 82.42
N ASP DC 39 97.76 -9.56 81.46
CA ASP DC 39 97.69 -9.02 80.10
C ASP DC 39 96.35 -9.30 79.45
N SER DC 40 95.82 -10.50 79.62
CA SER DC 40 94.53 -10.87 79.06
C SER DC 40 93.45 -10.70 80.11
N THR DC 41 92.32 -10.17 79.66
CA THR DC 41 91.08 -10.11 80.40
C THR DC 41 90.00 -10.73 79.53
N LEU DC 42 88.82 -10.96 80.11
CA LEU DC 42 87.72 -11.47 79.28
C LEU DC 42 87.40 -10.51 78.15
N SER DC 43 87.55 -9.21 78.38
CA SER DC 43 87.22 -8.23 77.35
C SER DC 43 88.24 -8.27 76.21
N ALA DC 44 89.52 -8.45 76.52
CA ALA DC 44 90.58 -8.51 75.51
C ALA DC 44 91.51 -9.68 75.84
N PRO DC 45 91.13 -10.89 75.46
CA PRO DC 45 91.85 -12.08 75.93
C PRO DC 45 93.01 -12.48 75.03
N GLY DC 46 93.86 -13.34 75.58
CA GLY DC 46 94.83 -14.09 74.81
C GLY DC 46 94.37 -15.54 74.76
N LEU DC 47 94.41 -16.12 73.57
CA LEU DC 47 93.71 -17.39 73.34
C LEU DC 47 94.55 -18.31 72.48
N ILE DC 48 94.35 -19.61 72.67
CA ILE DC 48 94.96 -20.63 71.83
C ILE DC 48 93.90 -21.66 71.48
N ASN DC 49 93.92 -22.12 70.22
CA ASN DC 49 92.99 -23.12 69.72
C ASN DC 49 93.77 -24.14 68.88
N ALA DC 50 93.45 -25.43 69.08
CA ALA DC 50 94.12 -26.50 68.35
C ALA DC 50 93.10 -27.57 67.93
N LYS DC 51 93.10 -27.90 66.64
CA LYS DC 51 92.11 -28.78 66.03
C LYS DC 51 92.80 -29.86 65.21
N PHE DC 52 92.11 -30.99 65.06
CA PHE DC 52 92.60 -32.14 64.30
C PHE DC 52 91.55 -32.55 63.26
N ASP DC 53 91.87 -32.33 61.99
CA ASP DC 53 91.08 -32.83 60.87
C ASP DC 53 91.67 -34.19 60.50
N ILE DC 54 91.10 -35.26 61.05
CA ILE DC 54 91.58 -36.62 60.83
C ILE DC 54 90.57 -37.32 59.94
N LYS DC 55 91.04 -37.75 58.76
CA LYS DC 55 90.15 -38.41 57.82
C LYS DC 55 89.88 -39.84 58.26
N ALA DC 56 88.84 -40.43 57.68
CA ALA DC 56 88.49 -41.80 57.98
C ALA DC 56 89.67 -42.73 57.72
N PRO DC 57 89.84 -43.79 58.51
CA PRO DC 57 91.03 -44.65 58.34
C PRO DC 57 91.11 -45.34 56.98
N GLY DC 58 89.98 -45.66 56.36
CA GLY DC 58 90.03 -46.23 55.03
C GLY DC 58 90.49 -45.23 53.97
N ILE DC 59 90.03 -43.99 54.07
CA ILE DC 59 90.30 -42.96 53.06
C ILE DC 59 91.74 -42.51 53.15
N THR DC 60 92.39 -42.36 51.99
CA THR DC 60 93.69 -41.70 51.91
C THR DC 60 93.49 -40.21 51.61
N GLY DC 61 94.20 -39.38 52.34
CA GLY DC 61 94.21 -37.95 52.11
C GLY DC 61 95.35 -37.38 52.90
N ASN DC 62 95.19 -36.13 53.33
CA ASN DC 62 96.10 -35.51 54.28
C ASN DC 62 95.36 -35.34 55.60
N ASP DC 63 96.01 -35.73 56.69
CA ASP DC 63 95.56 -35.34 58.01
C ASP DC 63 96.03 -33.90 58.28
N ARG DC 64 95.24 -33.15 59.05
CA ARG DC 64 95.53 -31.73 59.23
C ARG DC 64 95.49 -31.33 60.69
N ILE DC 65 96.38 -30.40 61.06
CA ILE DC 65 96.42 -29.78 62.37
C ILE DC 65 96.20 -28.29 62.17
N HIS DC 66 95.28 -27.70 62.94
CA HIS DC 66 95.01 -26.27 62.87
C HIS DC 66 95.29 -25.65 64.24
N ALA DC 67 96.24 -24.73 64.29
CA ALA DC 67 96.57 -24.03 65.53
C ALA DC 67 96.39 -22.54 65.33
N ASN DC 68 95.97 -21.87 66.41
CA ASN DC 68 95.71 -20.44 66.35
C ASN DC 68 96.07 -19.82 67.69
N LEU DC 69 96.96 -18.83 67.66
CA LEU DC 69 97.37 -18.09 68.85
C LEU DC 69 97.01 -16.63 68.65
N ARG DC 70 96.12 -16.12 69.51
CA ARG DC 70 95.50 -14.82 69.34
C ARG DC 70 95.77 -13.94 70.55
N LYS DC 71 95.85 -12.63 70.30
CA LYS DC 71 95.80 -11.62 71.36
C LYS DC 71 94.86 -10.51 70.89
N VAL DC 72 93.81 -10.26 71.67
CA VAL DC 72 92.86 -9.19 71.37
C VAL DC 72 93.36 -7.92 72.05
N VAL DC 73 93.18 -6.79 71.39
CA VAL DC 73 93.55 -5.49 71.95
C VAL DC 73 92.40 -4.53 71.73
N LEU DC 74 92.21 -3.62 72.68
CA LEU DC 74 91.15 -2.62 72.62
C LEU DC 74 91.72 -1.28 72.19
N ASP DC 75 90.98 -0.58 71.34
CA ASP DC 75 91.37 0.77 70.95
C ASP DC 75 91.24 1.71 72.14
N GLU DC 76 92.26 2.55 72.34
CA GLU DC 76 92.20 3.51 73.44
C GLU DC 76 90.98 4.42 73.30
N LYS DC 77 90.73 4.93 72.10
CA LYS DC 77 89.66 5.90 71.93
C LYS DC 77 88.28 5.23 71.88
N THR DC 78 88.12 4.14 71.11
CA THR DC 78 86.79 3.58 70.88
C THR DC 78 86.51 2.30 71.66
N ASN DC 79 87.51 1.72 72.33
CA ASN DC 79 87.40 0.42 73.00
C ASN DC 79 86.91 -0.69 72.08
N LEU DC 80 86.95 -0.46 70.77
CA LEU DC 80 86.63 -1.50 69.81
C LEU DC 80 87.77 -2.51 69.75
N PRO DC 81 87.46 -3.79 69.70
CA PRO DC 81 88.52 -4.80 69.74
C PRO DC 81 89.01 -5.14 68.34
N SER DC 82 90.33 -5.15 68.15
CA SER DC 82 90.91 -5.79 67.00
C SER DC 82 91.94 -6.79 67.49
N THR DC 83 92.12 -7.86 66.73
CA THR DC 83 92.89 -8.99 67.21
C THR DC 83 94.08 -9.25 66.29
N GLY DC 84 95.18 -9.72 66.89
CA GLY DC 84 96.36 -10.13 66.16
C GLY DC 84 96.63 -11.59 66.40
N SER DC 85 97.04 -12.30 65.35
CA SER DC 85 97.04 -13.76 65.47
C SER DC 85 98.12 -14.41 64.60
N VAL DC 86 98.61 -15.55 65.08
CA VAL DC 86 99.45 -16.45 64.29
C VAL DC 86 98.70 -17.77 64.17
N THR DC 87 98.41 -18.17 62.94
CA THR DC 87 97.75 -19.44 62.67
C THR DC 87 98.67 -20.36 61.89
N ILE DC 88 98.54 -21.66 62.16
CA ILE DC 88 99.43 -22.68 61.63
C ILE DC 88 98.59 -23.85 61.15
N GLN DC 89 98.90 -24.34 59.96
CA GLN DC 89 98.21 -25.51 59.42
C GLN DC 89 99.27 -26.53 59.03
N VAL DC 90 99.20 -27.71 59.61
CA VAL DC 90 100.13 -28.79 59.32
C VAL DC 90 99.36 -29.84 58.52
N SER DC 91 99.82 -30.12 57.30
CA SER DC 91 99.19 -31.11 56.44
C SER DC 91 100.16 -32.28 56.28
N ILE DC 92 99.81 -33.41 56.86
CA ILE DC 92 100.62 -34.63 56.93
C ILE DC 92 100.00 -35.67 56.01
N PRO DC 93 100.71 -36.14 54.99
CA PRO DC 93 100.16 -37.17 54.11
C PRO DC 93 100.16 -38.55 54.73
N ARG DC 94 99.17 -39.36 54.30
CA ARG DC 94 98.97 -40.71 54.80
C ARG DC 94 99.75 -41.77 54.04
N ASN DC 95 100.83 -41.39 53.37
CA ASN DC 95 101.69 -42.32 52.64
C ASN DC 95 102.87 -42.72 53.53
N PRO DC 96 103.15 -44.02 53.70
CA PRO DC 96 104.30 -44.42 54.54
C PRO DC 96 105.62 -43.81 54.10
N ALA DC 97 105.69 -43.25 52.89
CA ALA DC 97 106.89 -42.55 52.46
C ALA DC 97 107.10 -41.24 53.21
N TRP DC 98 106.14 -40.82 54.03
CA TRP DC 98 106.25 -39.68 54.93
C TRP DC 98 106.29 -40.19 56.36
N ASN DC 99 106.98 -39.46 57.24
CA ASN DC 99 107.03 -39.89 58.62
C ASN DC 99 107.12 -38.69 59.57
N ALA DC 100 107.04 -39.02 60.85
CA ALA DC 100 107.00 -37.99 61.88
C ALA DC 100 108.29 -37.19 61.90
N SER DC 101 109.42 -37.79 61.53
CA SER DC 101 110.65 -37.03 61.48
C SER DC 101 110.54 -35.90 60.46
N MET DC 102 109.85 -36.14 59.35
CA MET DC 102 109.65 -35.11 58.34
C MET DC 102 108.67 -34.06 58.83
N THR DC 103 107.59 -34.48 59.49
CA THR DC 103 106.68 -33.50 60.10
C THR DC 103 107.44 -32.57 61.05
N VAL DC 104 108.23 -33.15 61.94
CA VAL DC 104 108.99 -32.37 62.91
C VAL DC 104 110.01 -31.49 62.21
N SER DC 105 110.62 -31.99 61.13
CA SER DC 105 111.60 -31.19 60.41
C SER DC 105 110.95 -29.93 59.84
N LEU DC 106 109.77 -30.08 59.24
CA LEU DC 106 109.08 -28.88 58.75
C LEU DC 106 108.74 -27.93 59.90
N LEU DC 107 108.28 -28.46 61.03
CA LEU DC 107 107.97 -27.59 62.16
C LEU DC 107 109.21 -26.81 62.61
N LYS DC 108 110.33 -27.51 62.75
CA LYS DC 108 111.57 -26.86 63.21
C LYS DC 108 112.04 -25.81 62.22
N GLN DC 109 111.93 -26.10 60.92
CA GLN DC 109 112.39 -25.12 59.93
C GLN DC 109 111.50 -23.88 59.94
N ALA DC 110 110.18 -24.08 60.06
CA ALA DC 110 109.29 -22.93 60.16
C ALA DC 110 109.61 -22.10 61.39
N ALA DC 111 109.89 -22.77 62.52
CA ALA DC 111 110.27 -22.07 63.73
C ALA DC 111 111.53 -21.24 63.51
N ASP DC 112 112.55 -21.85 62.92
CA ASP DC 112 113.79 -21.13 62.65
C ASP DC 112 113.53 -19.91 61.76
N TYR DC 113 112.74 -20.09 60.69
CA TYR DC 113 112.66 -19.04 59.68
C TYR DC 113 111.70 -17.92 60.05
N LEU DC 114 110.67 -18.18 60.85
CA LEU DC 114 109.73 -17.12 61.20
C LEU DC 114 109.84 -16.63 62.64
N ALA DC 115 110.38 -17.45 63.55
CA ALA DC 115 110.57 -17.02 64.93
C ALA DC 115 112.03 -16.92 65.33
N GLY DC 116 112.93 -17.53 64.56
CA GLY DC 116 114.35 -17.48 64.88
C GLY DC 116 114.68 -18.17 66.19
N THR DC 117 114.22 -19.41 66.37
CA THR DC 117 114.40 -20.13 67.62
C THR DC 117 115.02 -21.51 67.46
N SER DC 118 115.56 -21.85 66.29
CA SER DC 118 116.20 -23.13 66.08
C SER DC 118 117.31 -23.41 67.10
N ALA DC 119 117.63 -24.68 67.27
CA ALA DC 119 118.78 -25.11 68.06
C ALA DC 119 120.08 -24.73 67.36
N THR DC 120 121.14 -24.60 68.15
CA THR DC 120 122.43 -24.18 67.60
C THR DC 120 123.03 -25.32 66.79
N VAL DC 121 123.35 -25.03 65.53
CA VAL DC 121 123.94 -25.97 64.58
C VAL DC 121 124.90 -25.19 63.69
N SER DC 122 126.13 -25.69 63.55
CA SER DC 122 127.14 -24.91 62.86
C SER DC 122 126.76 -24.72 61.40
N GLY DC 123 126.91 -23.49 60.91
CA GLY DC 123 126.55 -23.15 59.56
C GLY DC 123 125.13 -22.65 59.36
N GLN DC 124 124.33 -22.62 60.43
CA GLN DC 124 122.98 -22.08 60.34
C GLN DC 124 123.03 -20.57 60.12
N THR DC 125 122.07 -20.08 59.34
CA THR DC 125 121.95 -18.64 59.22
C THR DC 125 121.42 -18.04 60.53
N ASP DC 126 121.89 -16.84 60.84
CA ASP DC 126 121.48 -16.16 62.07
C ASP DC 126 120.08 -15.62 61.88
N THR DC 127 119.10 -16.36 62.40
CA THR DC 127 117.71 -16.04 62.24
C THR DC 127 117.15 -15.22 63.38
N SER DC 128 118.01 -14.75 64.28
CA SER DC 128 117.55 -14.07 65.49
C SER DC 128 116.74 -12.81 65.17
N GLY DC 129 117.13 -12.07 64.12
CA GLY DC 129 116.43 -10.85 63.80
C GLY DC 129 115.26 -11.02 62.86
N PHE DC 130 115.07 -12.25 62.37
CA PHE DC 130 113.98 -12.48 61.43
C PHE DC 130 112.60 -12.17 62.00
N PRO DC 131 112.25 -12.53 63.24
CA PRO DC 131 110.92 -12.13 63.73
C PRO DC 131 110.72 -10.63 63.75
N ALA DC 132 111.75 -9.87 64.09
CA ALA DC 132 111.67 -8.41 63.99
C ALA DC 132 111.38 -7.98 62.56
N LYS DC 133 112.15 -8.52 61.60
CA LYS DC 133 111.92 -8.14 60.21
C LYS DC 133 110.52 -8.50 59.74
N TRP DC 134 110.03 -9.68 60.13
CA TRP DC 134 108.69 -10.08 59.73
C TRP DC 134 107.65 -9.12 60.31
N ALA DC 135 107.78 -8.80 61.61
CA ALA DC 135 106.86 -7.85 62.24
C ALA DC 135 106.94 -6.48 61.61
N GLY DC 136 108.01 -6.19 60.87
CA GLY DC 136 108.06 -4.98 60.07
C GLY DC 136 107.59 -5.13 58.63
N LEU DC 137 107.04 -6.28 58.26
CA LEU DC 137 106.70 -6.61 56.86
C LEU DC 137 107.90 -6.44 55.94
N MET DC 138 109.01 -7.07 56.31
CA MET DC 138 110.25 -7.07 55.56
C MET DC 138 110.73 -8.50 55.40
N PHE DC 139 111.07 -8.89 54.19
CA PHE DC 139 111.63 -10.23 54.00
C PHE DC 139 113.02 -10.29 54.63
N PRO DC 140 113.34 -11.35 55.37
CA PRO DC 140 114.67 -11.53 55.96
C PRO DC 140 115.75 -11.56 54.88
N ALA EC 1 87.77 -40.95 81.44
CA ALA EC 1 88.27 -42.12 80.74
C ALA EC 1 89.74 -42.36 81.05
N ALA EC 2 90.17 -43.62 80.95
CA ALA EC 2 91.57 -43.97 81.23
C ALA EC 2 92.48 -43.28 80.21
N PRO EC 3 93.56 -42.64 80.66
CA PRO EC 3 94.45 -41.95 79.71
C PRO EC 3 95.23 -42.88 78.82
N SER EC 4 95.42 -44.14 79.20
CA SER EC 4 96.15 -45.09 78.37
C SER EC 4 95.74 -46.50 78.74
N LEU EC 5 95.96 -47.42 77.81
CA LEU EC 5 95.53 -48.80 77.93
C LEU EC 5 96.60 -49.73 77.41
N ALA EC 6 96.74 -50.89 78.06
CA ALA EC 6 97.62 -51.95 77.61
C ALA EC 6 96.75 -53.19 77.47
N LEU EC 7 96.24 -53.43 76.27
CA LEU EC 7 95.31 -54.52 76.03
C LEU EC 7 96.05 -55.73 75.51
N VAL EC 8 95.47 -56.92 75.70
CA VAL EC 8 96.09 -58.15 75.23
C VAL EC 8 95.53 -58.50 73.87
N GLY EC 9 96.43 -58.75 72.91
CA GLY EC 9 96.06 -59.25 71.61
C GLY EC 9 96.97 -60.40 71.23
N ALA EC 10 97.13 -60.67 69.94
CA ALA EC 10 97.92 -61.81 69.48
C ALA EC 10 98.95 -61.35 68.46
N ASN EC 11 100.16 -61.89 68.57
CA ASN EC 11 101.22 -61.63 67.60
C ASN EC 11 100.99 -62.49 66.36
N SER EC 12 101.98 -62.52 65.47
CA SER EC 12 101.85 -63.34 64.26
C SER EC 12 101.72 -64.83 64.58
N THR EC 13 102.16 -65.25 65.77
CA THR EC 13 102.08 -66.64 66.20
C THR EC 13 100.88 -66.92 67.08
N LEU EC 14 100.05 -65.91 67.31
CA LEU EC 14 98.87 -65.99 68.19
C LEU EC 14 99.24 -66.08 69.66
N ALA EC 15 100.47 -65.73 70.02
CA ALA EC 15 100.84 -65.62 71.43
C ALA EC 15 100.32 -64.31 72.00
N SER EC 16 99.94 -64.35 73.27
CA SER EC 16 99.41 -63.16 73.92
C SER EC 16 100.47 -62.07 73.98
N THR EC 17 100.16 -60.90 73.42
CA THR EC 17 101.09 -59.79 73.32
C THR EC 17 100.38 -58.51 73.70
N LEU EC 18 101.07 -57.61 74.39
CA LEU EC 18 100.46 -56.33 74.70
C LEU EC 18 100.36 -55.45 73.47
N VAL EC 19 99.32 -54.63 73.46
CA VAL EC 19 99.07 -53.62 72.43
C VAL EC 19 98.68 -52.35 73.17
N ASN EC 20 99.42 -51.27 72.91
CA ASN EC 20 99.38 -50.08 73.75
C ASN EC 20 98.59 -48.99 73.04
N TYR EC 21 97.55 -48.50 73.71
CA TYR EC 21 96.74 -47.40 73.22
C TYR EC 21 96.86 -46.22 74.17
N SER EC 22 96.70 -45.02 73.62
CA SER EC 22 96.67 -43.80 74.40
C SER EC 22 95.46 -42.97 73.98
N LEU EC 23 94.91 -42.24 74.95
CA LEU EC 23 93.68 -41.49 74.75
C LEU EC 23 93.96 -40.23 73.92
N ARG EC 24 93.39 -40.17 72.73
CA ARG EC 24 93.60 -39.01 71.87
C ARG EC 24 92.72 -37.83 72.28
N SER EC 25 91.42 -38.06 72.44
CA SER EC 25 90.50 -37.00 72.86
C SER EC 25 89.22 -37.63 73.42
N GLN EC 26 88.34 -36.77 73.93
CA GLN EC 26 87.03 -37.19 74.42
C GLN EC 26 86.00 -36.15 74.00
N ASN EC 27 85.03 -36.57 73.18
CA ASN EC 27 83.93 -35.76 72.67
C ASN EC 27 82.66 -36.12 73.44
N GLY EC 28 81.52 -35.64 72.96
CA GLY EC 28 80.24 -35.96 73.55
C GLY EC 28 79.97 -37.45 73.54
N ASN EC 29 79.97 -38.03 74.74
CA ASN EC 29 79.63 -39.42 74.96
C ASN EC 29 80.46 -40.37 74.09
N ASN EC 30 81.74 -40.07 73.93
CA ASN EC 30 82.61 -40.95 73.16
C ASN EC 30 84.06 -40.78 73.61
N VAL EC 31 84.90 -41.69 73.13
CA VAL EC 31 86.29 -41.79 73.54
C VAL EC 31 87.07 -42.34 72.34
N ASP EC 32 88.23 -41.74 72.07
CA ASP EC 32 89.07 -42.07 70.92
C ASP EC 32 90.47 -42.42 71.40
N TYR EC 33 90.91 -43.65 71.15
CA TYR EC 33 92.24 -44.14 71.49
C TYR EC 33 93.01 -44.47 70.23
N VAL EC 34 94.34 -44.30 70.31
CA VAL EC 34 95.25 -44.54 69.21
C VAL EC 34 96.36 -45.47 69.68
N CYS EC 35 96.79 -46.37 68.81
CA CYS EC 35 97.86 -47.30 69.15
C CYS EC 35 99.21 -46.58 69.09
N THR EC 36 100.01 -46.77 70.13
CA THR EC 36 101.31 -46.11 70.28
C THR EC 36 102.48 -47.03 70.02
N ASP EC 37 102.23 -48.23 69.52
CA ASP EC 37 103.30 -49.16 69.20
C ASP EC 37 104.02 -48.69 67.94
N PRO EC 38 105.17 -49.26 67.62
CA PRO EC 38 105.85 -48.88 66.38
C PRO EC 38 105.11 -49.31 65.12
N ASP EC 39 104.36 -50.42 65.16
CA ASP EC 39 103.71 -50.93 63.95
C ASP EC 39 102.55 -50.06 63.47
N SER EC 40 102.01 -49.18 64.32
CA SER EC 40 100.95 -48.27 63.91
C SER EC 40 101.53 -46.90 63.63
N THR EC 41 101.19 -46.35 62.48
CA THR EC 41 101.58 -45.03 62.03
C THR EC 41 100.35 -44.36 61.44
N LEU EC 42 100.47 -43.06 61.12
CA LEU EC 42 99.32 -42.37 60.55
C LEU EC 42 98.89 -42.99 59.24
N SER EC 43 99.83 -43.58 58.50
CA SER EC 43 99.50 -44.24 57.25
C SER EC 43 98.64 -45.48 57.49
N ALA EC 44 98.92 -46.22 58.55
CA ALA EC 44 98.18 -47.45 58.86
C ALA EC 44 98.04 -47.59 60.37
N PRO EC 45 97.10 -46.88 60.97
CA PRO EC 45 97.00 -46.81 62.43
C PRO EC 45 96.17 -47.94 63.03
N GLY EC 46 96.28 -48.08 64.35
CA GLY EC 46 95.35 -48.88 65.14
C GLY EC 46 94.53 -47.94 66.00
N LEU EC 47 93.22 -48.19 66.05
CA LEU EC 47 92.29 -47.23 66.64
C LEU EC 47 91.25 -47.96 67.48
N ILE EC 48 90.79 -47.29 68.54
CA ILE EC 48 89.66 -47.77 69.33
C ILE EC 48 88.72 -46.59 69.59
N ASN EC 49 87.42 -46.84 69.48
CA ASN EC 49 86.42 -45.79 69.59
C ASN EC 49 85.22 -46.31 70.37
N ALA EC 50 84.72 -45.50 71.31
CA ALA EC 50 83.57 -45.92 72.12
C ALA EC 50 82.59 -44.77 72.25
N LYS EC 51 81.29 -45.10 72.24
CA LYS EC 51 80.23 -44.09 72.27
C LYS EC 51 79.05 -44.62 73.07
N PHE EC 52 78.37 -43.72 73.77
CA PHE EC 52 77.13 -44.06 74.47
C PHE EC 52 75.95 -43.33 73.82
N ASP EC 53 74.91 -44.10 73.49
CA ASP EC 53 73.59 -43.54 73.15
C ASP EC 53 72.73 -43.73 74.39
N ILE EC 54 72.51 -42.64 75.12
CA ILE EC 54 71.87 -42.69 76.43
C ILE EC 54 70.48 -42.11 76.30
N LYS EC 55 69.46 -42.91 76.61
CA LYS EC 55 68.10 -42.45 76.49
C LYS EC 55 67.70 -41.70 77.76
N ALA EC 56 66.58 -40.97 77.66
CA ALA EC 56 66.14 -40.10 78.74
C ALA EC 56 65.87 -40.89 80.01
N PRO EC 57 65.87 -40.23 81.17
CA PRO EC 57 65.57 -40.95 82.42
C PRO EC 57 64.20 -41.59 82.37
N GLY EC 58 64.09 -42.75 83.01
CA GLY EC 58 62.89 -43.55 83.00
C GLY EC 58 63.26 -45.00 82.88
N ILE EC 59 62.25 -45.86 82.74
CA ILE EC 59 62.49 -47.28 82.57
C ILE EC 59 62.05 -47.77 81.20
N THR EC 60 61.77 -46.85 80.26
CA THR EC 60 61.15 -47.23 79.01
C THR EC 60 62.17 -47.70 77.97
N GLY EC 61 63.32 -47.05 77.89
CA GLY EC 61 64.17 -47.14 76.73
C GLY EC 61 65.14 -48.32 76.72
N ASN EC 62 66.08 -48.22 75.78
CA ASN EC 62 67.23 -49.12 75.64
C ASN EC 62 68.48 -48.26 75.44
N ASP EC 63 69.38 -48.27 76.42
CA ASP EC 63 70.67 -47.61 76.29
C ASP EC 63 71.57 -48.44 75.36
N ARG EC 64 72.52 -47.76 74.71
CA ARG EC 64 73.40 -48.47 73.77
C ARG EC 64 74.85 -48.03 73.94
N ILE EC 65 75.75 -49.01 73.78
CA ILE EC 65 77.20 -48.81 73.78
C ILE EC 65 77.72 -49.23 72.42
N HIS EC 66 78.56 -48.40 71.81
CA HIS EC 66 79.17 -48.69 70.52
C HIS EC 66 80.68 -48.67 70.69
N ALA EC 67 81.31 -49.82 70.46
CA ALA EC 67 82.77 -49.91 70.47
C ALA EC 67 83.25 -50.32 69.11
N ASN EC 68 84.46 -49.91 68.77
CA ASN EC 68 85.02 -50.19 67.44
C ASN EC 68 86.53 -50.27 67.56
N LEU EC 69 87.09 -51.42 67.24
CA LEU EC 69 88.53 -51.66 67.28
C LEU EC 69 88.99 -51.93 65.86
N ARG EC 70 89.83 -51.04 65.33
CA ARG EC 70 90.24 -51.09 63.93
C ARG EC 70 91.76 -51.16 63.82
N LYS EC 71 92.22 -51.78 62.74
CA LYS EC 71 93.62 -51.74 62.33
C LYS EC 71 93.69 -51.60 60.81
N VAL EC 72 94.46 -50.63 60.35
CA VAL EC 72 94.64 -50.40 58.92
C VAL EC 72 95.90 -51.12 58.46
N VAL EC 73 95.87 -51.65 57.25
CA VAL EC 73 97.02 -52.34 56.67
C VAL EC 73 97.19 -51.85 55.24
N LEU EC 74 98.44 -51.84 54.79
CA LEU EC 74 98.79 -51.38 53.45
C LEU EC 74 99.20 -52.56 52.57
N ASP EC 75 98.74 -52.55 51.32
CA ASP EC 75 99.10 -53.59 50.37
C ASP EC 75 100.60 -53.57 50.09
N GLU EC 76 101.23 -54.76 50.10
CA GLU EC 76 102.66 -54.82 49.80
C GLU EC 76 102.96 -54.36 48.38
N LYS EC 77 101.99 -54.46 47.48
CA LYS EC 77 102.24 -54.13 46.09
C LYS EC 77 101.92 -52.68 45.78
N THR EC 78 100.88 -52.12 46.41
CA THR EC 78 100.37 -50.81 46.05
C THR EC 78 100.29 -49.82 47.20
N ASN EC 79 100.61 -50.21 48.43
CA ASN EC 79 100.41 -49.37 49.62
C ASN EC 79 98.96 -48.88 49.72
N LEU EC 80 98.03 -49.64 49.17
CA LEU EC 80 96.65 -49.19 49.33
C LEU EC 80 96.08 -49.68 50.65
N PRO EC 81 95.38 -48.82 51.36
CA PRO EC 81 94.90 -49.17 52.71
C PRO EC 81 93.61 -49.96 52.63
N SER EC 82 93.54 -51.01 53.43
CA SER EC 82 92.27 -51.61 53.79
C SER EC 82 92.27 -51.86 55.29
N THR EC 83 91.10 -51.83 55.90
CA THR EC 83 90.98 -51.87 57.35
C THR EC 83 90.28 -53.14 57.80
N GLY EC 84 90.76 -53.71 58.90
CA GLY EC 84 90.08 -54.78 59.59
C GLY EC 84 89.50 -54.21 60.87
N SER EC 85 88.34 -54.73 61.27
CA SER EC 85 87.68 -54.13 62.42
C SER EC 85 86.80 -55.13 63.14
N VAL EC 86 86.71 -54.95 64.46
CA VAL EC 86 85.74 -55.62 65.31
C VAL EC 86 84.90 -54.53 65.96
N THR EC 87 83.61 -54.50 65.63
CA THR EC 87 82.68 -53.55 66.21
C THR EC 87 81.72 -54.28 67.15
N ILE EC 88 81.32 -53.59 68.20
CA ILE EC 88 80.49 -54.15 69.26
C ILE EC 88 79.37 -53.17 69.56
N GLN EC 89 78.16 -53.70 69.73
CA GLN EC 89 77.02 -52.90 70.15
C GLN EC 89 76.31 -53.60 71.29
N VAL EC 90 76.28 -52.94 72.44
CA VAL EC 90 75.59 -53.43 73.63
C VAL EC 90 74.30 -52.65 73.78
N SER EC 91 73.19 -53.36 73.96
CA SER EC 91 71.89 -52.74 74.17
C SER EC 91 71.35 -53.22 75.51
N ILE EC 92 71.20 -52.27 76.44
CA ILE EC 92 70.85 -52.48 77.84
C ILE EC 92 69.44 -51.90 78.05
N PRO EC 93 68.44 -52.74 78.30
CA PRO EC 93 67.10 -52.22 78.61
C PRO EC 93 67.05 -51.57 79.99
N ARG EC 94 66.10 -50.66 80.15
CA ARG EC 94 65.91 -49.93 81.39
C ARG EC 94 64.79 -50.50 82.25
N ASN EC 95 63.97 -51.39 81.71
CA ASN EC 95 63.00 -52.15 82.49
C ASN EC 95 63.71 -52.78 83.69
N PRO EC 96 63.28 -52.50 84.92
CA PRO EC 96 64.00 -52.99 86.11
C PRO EC 96 64.11 -54.49 86.17
N ALA EC 97 63.48 -55.21 85.26
CA ALA EC 97 63.65 -56.64 85.14
C ALA EC 97 64.99 -57.02 84.51
N TRP EC 98 65.85 -56.05 84.21
CA TRP EC 98 67.19 -56.27 83.70
C TRP EC 98 68.22 -55.86 84.74
N ASN EC 99 69.43 -56.44 84.64
CA ASN EC 99 70.49 -56.18 85.61
C ASN EC 99 71.80 -55.86 84.91
N ALA EC 100 72.61 -55.04 85.59
CA ALA EC 100 74.00 -54.95 85.21
C ALA EC 100 74.65 -56.33 85.20
N SER EC 101 74.20 -57.23 86.08
CA SER EC 101 74.73 -58.60 86.06
C SER EC 101 74.40 -59.28 84.73
N MET EC 102 73.23 -59.02 84.18
CA MET EC 102 72.86 -59.63 82.91
C MET EC 102 73.67 -59.03 81.76
N THR EC 103 73.90 -57.71 81.81
CA THR EC 103 74.81 -57.09 80.84
C THR EC 103 76.19 -57.75 80.88
N VAL EC 104 76.77 -57.86 82.08
CA VAL EC 104 78.09 -58.44 82.22
C VAL EC 104 78.09 -59.89 81.76
N SER EC 105 77.00 -60.62 82.03
CA SER EC 105 76.95 -62.02 81.61
C SER EC 105 76.98 -62.14 80.10
N LEU EC 106 76.22 -61.28 79.40
CA LEU EC 106 76.29 -61.29 77.93
C LEU EC 106 77.68 -60.94 77.44
N LEU EC 107 78.33 -59.96 78.08
CA LEU EC 107 79.68 -59.59 77.65
C LEU EC 107 80.64 -60.77 77.81
N LYS EC 108 80.58 -61.44 78.96
CA LYS EC 108 81.47 -62.57 79.21
C LYS EC 108 81.21 -63.72 78.24
N GLN EC 109 79.93 -63.97 77.94
CA GLN EC 109 79.61 -65.05 77.02
C GLN EC 109 80.10 -64.75 75.61
N ALA EC 110 79.90 -63.51 75.15
CA ALA EC 110 80.42 -63.12 73.84
C ALA EC 110 81.94 -63.26 73.81
N ALA EC 111 82.62 -62.86 74.90
CA ALA EC 111 84.06 -63.00 74.96
C ALA EC 111 84.48 -64.46 74.84
N ASP EC 112 83.83 -65.34 75.61
CA ASP EC 112 84.13 -66.76 75.53
C ASP EC 112 83.88 -67.31 74.12
N TYR EC 113 82.78 -66.90 73.49
CA TYR EC 113 82.38 -67.57 72.25
C TYR EC 113 83.10 -67.04 71.02
N LEU EC 114 83.52 -65.78 71.02
CA LEU EC 114 84.22 -65.24 69.85
C LEU EC 114 85.70 -65.01 70.06
N ALA EC 115 86.17 -64.87 71.31
CA ALA EC 115 87.58 -64.73 71.58
C ALA EC 115 88.18 -65.88 72.38
N GLY EC 116 87.35 -66.70 73.03
CA GLY EC 116 87.85 -67.80 73.82
C GLY EC 116 88.70 -67.37 74.98
N THR EC 117 88.20 -66.43 75.79
CA THR EC 117 88.96 -65.84 76.88
C THR EC 117 88.29 -65.94 78.24
N SER EC 118 87.16 -66.64 78.34
CA SER EC 118 86.43 -66.72 79.60
C SER EC 118 87.28 -67.33 80.73
N ALA EC 119 86.83 -67.08 81.96
CA ALA EC 119 87.43 -67.68 83.14
C ALA EC 119 87.15 -69.18 83.17
N THR EC 120 87.80 -69.88 84.11
CA THR EC 120 87.72 -71.32 84.17
C THR EC 120 86.57 -71.76 85.08
N VAL EC 121 85.68 -72.61 84.54
CA VAL EC 121 84.57 -73.20 85.27
C VAL EC 121 84.53 -74.68 84.89
N SER EC 122 83.90 -75.48 85.74
CA SER EC 122 84.00 -76.93 85.64
C SER EC 122 83.65 -77.42 84.25
N GLY EC 123 82.38 -77.29 83.85
CA GLY EC 123 81.95 -77.97 82.65
C GLY EC 123 82.04 -77.15 81.39
N GLN EC 124 82.94 -76.16 81.35
CA GLN EC 124 82.90 -75.21 80.26
C GLN EC 124 83.39 -75.87 78.99
N THR EC 125 82.89 -75.43 77.84
CA THR EC 125 83.43 -75.97 76.61
C THR EC 125 84.73 -75.25 76.26
N ASP EC 126 85.62 -75.99 75.61
CA ASP EC 126 86.93 -75.48 75.24
C ASP EC 126 86.77 -74.53 74.06
N THR EC 127 86.99 -73.24 74.32
CA THR EC 127 86.79 -72.19 73.33
C THR EC 127 88.10 -71.58 72.87
N SER EC 128 89.23 -72.19 73.22
CA SER EC 128 90.53 -71.60 72.89
C SER EC 128 90.72 -71.50 71.38
N GLY EC 129 90.23 -72.48 70.62
CA GLY EC 129 90.40 -72.49 69.18
C GLY EC 129 89.35 -71.73 68.42
N PHE EC 130 88.32 -71.26 69.11
CA PHE EC 130 87.23 -70.56 68.44
C PHE EC 130 87.68 -69.31 67.71
N PRO EC 131 88.53 -68.43 68.25
CA PRO EC 131 88.96 -67.27 67.46
C PRO EC 131 89.65 -67.67 66.16
N ALA EC 132 90.48 -68.73 66.20
CA ALA EC 132 91.08 -69.23 64.97
C ALA EC 132 90.02 -69.67 63.97
N LYS EC 133 89.04 -70.45 64.45
CA LYS EC 133 88.00 -70.93 63.54
C LYS EC 133 87.19 -69.76 62.96
N TRP EC 134 86.91 -68.74 63.76
CA TRP EC 134 86.21 -67.58 63.24
C TRP EC 134 87.05 -66.89 62.17
N ALA EC 135 88.32 -66.62 62.47
CA ALA EC 135 89.20 -65.96 61.51
C ALA EC 135 89.35 -66.75 60.23
N GLY EC 136 89.07 -68.05 60.27
CA GLY EC 136 88.98 -68.84 59.06
C GLY EC 136 87.61 -68.84 58.40
N LEU EC 137 86.68 -68.05 58.91
CA LEU EC 137 85.29 -68.04 58.46
C LEU EC 137 84.66 -69.43 58.50
N MET EC 138 84.76 -70.06 59.67
CA MET EC 138 84.05 -71.30 59.93
C MET EC 138 83.50 -71.29 61.34
N PHE EC 139 82.33 -71.91 61.51
CA PHE EC 139 81.67 -71.91 62.80
C PHE EC 139 82.40 -72.83 63.78
N PRO EC 140 82.46 -72.45 65.05
CA PRO EC 140 82.96 -73.31 66.12
C PRO EC 140 82.12 -74.58 66.23
N ALA FC 1 88.69 -30.68 81.06
CA ALA FC 1 88.10 -30.66 82.38
C ALA FC 1 88.57 -31.83 83.24
N ALA FC 2 88.29 -31.76 84.54
CA ALA FC 2 88.70 -32.82 85.45
C ALA FC 2 87.98 -34.12 85.10
N PRO FC 3 88.71 -35.25 85.05
CA PRO FC 3 88.08 -36.51 84.66
C PRO FC 3 87.16 -37.09 85.71
N SER FC 4 87.30 -36.67 86.97
CA SER FC 4 86.46 -37.20 88.04
C SER FC 4 86.44 -36.21 89.18
N LEU FC 5 85.37 -36.26 89.96
CA LEU FC 5 85.11 -35.32 91.05
C LEU FC 5 84.57 -36.07 92.26
N ALA FC 6 84.99 -35.62 93.44
CA ALA FC 6 84.45 -36.12 94.71
C ALA FC 6 83.86 -34.91 95.43
N LEU FC 7 82.58 -34.63 95.17
CA LEU FC 7 81.94 -33.46 95.77
C LEU FC 7 81.33 -33.85 97.12
N VAL FC 8 81.12 -32.85 97.97
CA VAL FC 8 80.52 -33.08 99.28
C VAL FC 8 79.03 -32.75 99.22
N GLY FC 9 78.21 -33.73 99.59
CA GLY FC 9 76.78 -33.57 99.77
C GLY FC 9 76.37 -34.06 101.14
N ALA FC 10 75.11 -34.47 101.24
CA ALA FC 10 74.51 -34.90 102.49
C ALA FC 10 73.77 -36.21 102.30
N ASN FC 11 73.92 -37.11 103.26
CA ASN FC 11 73.17 -38.35 103.27
C ASN FC 11 71.80 -38.10 103.90
N SER FC 12 71.09 -39.18 104.22
CA SER FC 12 69.77 -39.04 104.82
C SER FC 12 69.83 -38.39 106.19
N THR FC 13 70.96 -38.51 106.88
CA THR FC 13 71.18 -37.88 108.19
C THR FC 13 71.57 -36.41 108.07
N LEU FC 14 71.81 -35.92 106.85
CA LEU FC 14 72.42 -34.62 106.54
C LEU FC 14 73.90 -34.57 106.93
N ALA FC 15 74.51 -35.71 107.23
CA ALA FC 15 75.95 -35.74 107.48
C ALA FC 15 76.71 -35.57 106.16
N SER FC 16 77.86 -34.91 106.24
CA SER FC 16 78.66 -34.65 105.04
C SER FC 16 79.18 -35.95 104.45
N THR FC 17 78.79 -36.23 103.22
CA THR FC 17 79.10 -37.49 102.53
C THR FC 17 79.64 -37.19 101.16
N LEU FC 18 80.61 -37.98 100.69
CA LEU FC 18 81.09 -37.80 99.34
C LEU FC 18 80.11 -38.35 98.31
N VAL FC 19 79.98 -37.61 97.21
CA VAL FC 19 79.24 -38.03 96.04
C VAL FC 19 80.17 -37.92 94.83
N ASN FC 20 80.30 -39.01 94.10
CA ASN FC 20 81.38 -39.20 93.14
C ASN FC 20 80.84 -39.11 91.72
N TYR FC 21 81.49 -38.29 90.90
CA TYR FC 21 81.12 -38.11 89.51
C TYR FC 21 82.32 -38.43 88.62
N SER FC 22 82.05 -38.96 87.43
CA SER FC 22 83.08 -39.12 86.41
C SER FC 22 82.66 -38.38 85.15
N LEU FC 23 83.66 -37.91 84.41
CA LEU FC 23 83.45 -37.11 83.21
C LEU FC 23 82.99 -38.03 82.08
N ARG FC 24 81.70 -37.97 81.76
CA ARG FC 24 81.16 -38.77 80.67
C ARG FC 24 81.30 -38.07 79.31
N SER FC 25 81.00 -36.78 79.21
CA SER FC 25 81.20 -36.14 77.91
C SER FC 25 81.66 -34.70 78.07
N GLN FC 26 82.27 -34.20 77.00
CA GLN FC 26 82.65 -32.79 76.92
C GLN FC 26 82.62 -32.41 75.44
N ASN FC 27 81.82 -31.40 75.12
CA ASN FC 27 81.56 -31.03 73.73
C ASN FC 27 81.11 -29.59 73.67
N GLY FC 28 81.75 -28.80 72.82
CA GLY FC 28 81.31 -27.46 72.51
C GLY FC 28 81.10 -26.60 73.73
N ASN FC 29 82.20 -26.37 74.46
CA ASN FC 29 82.16 -25.63 75.73
C ASN FC 29 81.04 -26.15 76.61
N ASN FC 30 80.90 -27.46 76.68
CA ASN FC 30 79.87 -28.06 77.49
C ASN FC 30 80.50 -29.30 78.15
N VAL FC 31 80.17 -29.53 79.41
CA VAL FC 31 80.79 -30.59 80.21
C VAL FC 31 79.72 -31.32 80.99
N ASP FC 32 79.70 -32.66 80.87
CA ASP FC 32 78.66 -33.50 81.47
C ASP FC 32 79.29 -34.63 82.27
N TYR FC 33 78.96 -34.67 83.57
CA TYR FC 33 79.40 -35.67 84.52
C TYR FC 33 78.24 -36.57 84.92
N VAL FC 34 78.56 -37.82 85.26
CA VAL FC 34 77.56 -38.75 85.78
C VAL FC 34 78.02 -39.29 87.13
N CYS FC 35 77.07 -39.57 88.00
CA CYS FC 35 77.37 -40.05 89.34
C CYS FC 35 77.69 -41.54 89.32
N THR FC 36 78.81 -41.90 89.94
CA THR FC 36 79.32 -43.27 89.92
C THR FC 36 78.86 -44.09 91.13
N ASP FC 37 78.11 -43.49 92.04
CA ASP FC 37 77.71 -44.15 93.27
C ASP FC 37 76.59 -45.13 93.00
N PRO FC 38 76.25 -45.99 93.97
CA PRO FC 38 75.13 -46.91 93.76
C PRO FC 38 73.78 -46.23 93.68
N ASP FC 39 73.61 -45.06 94.29
CA ASP FC 39 72.32 -44.39 94.29
C ASP FC 39 71.93 -43.85 92.91
N SER FC 40 72.87 -43.72 91.98
CA SER FC 40 72.55 -43.34 90.61
C SER FC 40 72.54 -44.60 89.76
N THR FC 41 71.39 -44.92 89.20
CA THR FC 41 71.21 -46.02 88.28
C THR FC 41 71.03 -45.46 86.87
N LEU FC 42 70.99 -46.38 85.90
CA LEU FC 42 70.71 -45.95 84.53
C LEU FC 42 69.34 -45.32 84.44
N SER FC 43 68.36 -45.88 85.15
CA SER FC 43 67.00 -45.40 85.02
C SER FC 43 66.80 -44.08 85.76
N ALA FC 44 67.49 -43.92 86.88
CA ALA FC 44 67.38 -42.75 87.74
C ALA FC 44 68.78 -42.28 88.13
N PRO FC 45 69.44 -41.51 87.26
CA PRO FC 45 70.84 -41.17 87.49
C PRO FC 45 71.02 -39.87 88.26
N GLY FC 46 72.26 -39.63 88.65
CA GLY FC 46 72.70 -38.32 89.13
C GLY FC 46 73.61 -37.71 88.09
N LEU FC 47 73.38 -36.43 87.79
CA LEU FC 47 74.01 -35.83 86.62
C LEU FC 47 74.47 -34.41 86.91
N ILE FC 48 75.52 -33.98 86.21
CA ILE FC 48 75.98 -32.60 86.28
C ILE FC 48 76.25 -32.10 84.87
N ASN FC 49 75.89 -30.84 84.63
CA ASN FC 49 76.02 -30.16 83.35
C ASN FC 49 76.63 -28.78 83.56
N ALA FC 50 77.49 -28.35 82.63
CA ALA FC 50 78.09 -27.02 82.74
C ALA FC 50 78.41 -26.46 81.35
N LYS FC 51 77.89 -25.28 81.05
CA LYS FC 51 77.98 -24.62 79.74
C LYS FC 51 78.61 -23.24 79.89
N PHE FC 52 79.27 -22.80 78.81
CA PHE FC 52 79.84 -21.47 78.69
C PHE FC 52 79.24 -20.76 77.49
N ASP FC 53 78.51 -19.67 77.73
CA ASP FC 53 78.15 -18.72 76.68
C ASP FC 53 79.22 -17.64 76.69
N ILE FC 54 80.19 -17.77 75.79
CA ILE FC 54 81.30 -16.81 75.70
C ILE FC 54 81.00 -15.85 74.57
N LYS FC 55 80.84 -14.57 74.92
CA LYS FC 55 80.57 -13.54 73.94
C LYS FC 55 81.86 -13.22 73.17
N ALA FC 56 81.67 -12.67 71.96
CA ALA FC 56 82.76 -12.19 71.13
C ALA FC 56 83.60 -11.18 71.90
N PRO FC 57 84.88 -11.01 71.57
CA PRO FC 57 85.72 -10.05 72.29
C PRO FC 57 85.10 -8.66 72.23
N GLY FC 58 85.29 -7.92 73.30
CA GLY FC 58 84.69 -6.61 73.40
C GLY FC 58 84.53 -6.21 74.85
N ILE FC 59 84.26 -4.93 75.04
CA ILE FC 59 84.09 -4.39 76.38
C ILE FC 59 82.62 -4.39 76.79
N THR FC 60 81.72 -4.73 75.89
CA THR FC 60 80.28 -4.72 76.15
C THR FC 60 79.76 -6.15 76.21
N GLY FC 61 78.69 -6.33 76.98
CA GLY FC 61 78.02 -7.60 77.09
C GLY FC 61 78.37 -8.32 78.39
N ASN FC 62 77.68 -9.45 78.58
CA ASN FC 62 77.93 -10.35 79.71
C ASN FC 62 78.31 -11.73 79.18
N ASP FC 63 79.34 -12.32 79.78
CA ASP FC 63 79.62 -13.75 79.63
C ASP FC 63 78.75 -14.53 80.59
N ARG FC 64 78.42 -15.78 80.23
CA ARG FC 64 77.51 -16.54 81.09
C ARG FC 64 78.01 -17.96 81.32
N ILE FC 65 77.81 -18.43 82.55
CA ILE FC 65 78.10 -19.80 82.97
C ILE FC 65 76.78 -20.44 83.38
N HIS FC 66 76.51 -21.64 82.89
CA HIS FC 66 75.34 -22.40 83.29
C HIS FC 66 75.77 -23.71 83.93
N ALA FC 67 75.10 -24.09 85.01
CA ALA FC 67 75.44 -25.33 85.69
C ALA FC 67 74.17 -25.96 86.23
N ASN FC 68 74.09 -27.28 86.15
CA ASN FC 68 72.92 -28.01 86.59
C ASN FC 68 73.35 -29.26 87.33
N LEU FC 69 72.85 -29.44 88.55
CA LEU FC 69 73.10 -30.63 89.35
C LEU FC 69 71.76 -31.31 89.60
N ARG FC 70 71.61 -32.53 89.07
CA ARG FC 70 70.34 -33.23 88.99
C ARG FC 70 70.44 -34.57 89.71
N LYS FC 71 69.32 -34.96 90.33
CA LYS FC 71 69.11 -36.34 90.76
C LYS FC 71 67.72 -36.76 90.33
N VAL FC 72 67.64 -37.86 89.58
CA VAL FC 72 66.38 -38.41 89.11
C VAL FC 72 65.89 -39.43 90.12
N VAL FC 73 64.57 -39.47 90.35
CA VAL FC 73 63.97 -40.44 91.24
C VAL FC 73 62.74 -41.02 90.56
N LEU FC 74 62.52 -42.32 90.76
CA LEU FC 74 61.40 -43.02 90.15
C LEU FC 74 60.25 -43.15 91.15
N ASP FC 75 59.03 -43.02 90.64
CA ASP FC 75 57.84 -43.23 91.47
C ASP FC 75 57.75 -44.67 91.92
N GLU FC 76 57.33 -44.85 93.18
CA GLU FC 76 57.26 -46.20 93.74
C GLU FC 76 56.31 -47.08 92.93
N LYS FC 77 55.14 -46.54 92.57
CA LYS FC 77 54.12 -47.32 91.88
C LYS FC 77 54.29 -47.22 90.37
N THR FC 78 54.26 -46.00 89.82
CA THR FC 78 54.22 -45.83 88.38
C THR FC 78 55.59 -45.95 87.71
N ASN FC 79 56.68 -45.88 88.47
CA ASN FC 79 58.05 -45.88 87.96
C ASN FC 79 58.31 -44.73 86.99
N LEU FC 80 57.43 -43.72 86.96
CA LEU FC 80 57.67 -42.52 86.18
C LEU FC 80 58.76 -41.70 86.86
N PRO FC 81 59.68 -41.15 86.10
CA PRO FC 81 60.78 -40.40 86.71
C PRO FC 81 60.41 -38.95 86.90
N SER FC 82 60.69 -38.40 88.07
CA SER FC 82 60.72 -36.96 88.26
C SER FC 82 62.09 -36.60 88.83
N THR FC 83 62.56 -35.41 88.50
CA THR FC 83 63.93 -35.04 88.77
C THR FC 83 64.01 -33.77 89.63
N GLY FC 84 64.91 -33.79 90.60
CA GLY FC 84 65.17 -32.64 91.46
C GLY FC 84 66.51 -32.04 91.10
N SER FC 85 66.59 -30.71 91.13
CA SER FC 85 67.77 -30.08 90.52
C SER FC 85 68.08 -28.73 91.13
N VAL FC 86 69.37 -28.47 91.31
CA VAL FC 86 69.88 -27.14 91.63
C VAL FC 86 70.64 -26.62 90.42
N THR FC 87 70.19 -25.50 89.87
CA THR FC 87 70.82 -24.94 88.68
C THR FC 87 71.26 -23.50 88.94
N ILE FC 88 72.42 -23.16 88.38
CA ILE FC 88 73.11 -21.90 88.65
C ILE FC 88 73.40 -21.21 87.33
N GLN FC 89 73.16 -19.91 87.27
CA GLN FC 89 73.59 -19.05 86.18
C GLN FC 89 74.46 -17.92 86.72
N VAL FC 90 75.68 -17.84 86.21
CA VAL FC 90 76.61 -16.77 86.55
C VAL FC 90 76.71 -15.84 85.36
N SER FC 91 76.49 -14.54 85.58
CA SER FC 91 76.57 -13.53 84.54
C SER FC 91 77.66 -12.54 84.91
N ILE FC 92 78.74 -12.54 84.13
CA ILE FC 92 79.96 -11.79 84.37
C ILE FC 92 80.04 -10.67 83.33
N PRO FC 93 79.89 -9.41 83.71
CA PRO FC 93 80.03 -8.32 82.73
C PRO FC 93 81.46 -8.16 82.25
N ARG FC 94 81.59 -7.40 81.16
CA ARG FC 94 82.89 -7.17 80.54
C ARG FC 94 83.43 -5.77 80.73
N ASN FC 95 82.65 -4.85 81.30
CA ASN FC 95 83.17 -3.56 81.69
C ASN FC 95 84.35 -3.76 82.64
N PRO FC 96 85.52 -3.15 82.37
CA PRO FC 96 86.69 -3.38 83.24
C PRO FC 96 86.46 -3.02 84.68
N ALA FC 97 85.35 -2.36 84.97
CA ALA FC 97 84.94 -2.06 86.33
C ALA FC 97 84.40 -3.28 87.07
N TRP FC 98 84.44 -4.46 86.45
CA TRP FC 98 84.11 -5.72 87.11
C TRP FC 98 85.37 -6.54 87.32
N ASN FC 99 85.36 -7.40 88.32
CA ASN FC 99 86.53 -8.22 88.65
C ASN FC 99 86.13 -9.68 88.84
N ALA FC 100 87.09 -10.55 88.51
CA ALA FC 100 86.97 -11.93 88.95
C ALA FC 100 86.77 -12.00 90.46
N SER FC 101 87.35 -11.07 91.21
CA SER FC 101 87.12 -11.05 92.65
C SER FC 101 85.66 -10.83 92.97
N MET FC 102 84.98 -10.00 92.19
CA MET FC 102 83.56 -9.76 92.40
C MET FC 102 82.74 -10.99 92.04
N THR FC 103 83.11 -11.66 90.94
CA THR FC 103 82.48 -12.93 90.59
C THR FC 103 82.60 -13.93 91.74
N VAL FC 104 83.82 -14.12 92.23
CA VAL FC 104 84.06 -15.08 93.32
C VAL FC 104 83.30 -14.66 94.57
N SER FC 105 83.23 -13.36 94.84
CA SER FC 105 82.52 -12.90 96.02
C SER FC 105 81.03 -13.26 95.94
N LEU FC 106 80.43 -13.07 94.77
CA LEU FC 106 79.02 -13.47 94.62
C LEU FC 106 78.87 -14.98 94.76
N LEU FC 107 79.80 -15.75 94.20
CA LEU FC 107 79.71 -17.22 94.35
C LEU FC 107 79.77 -17.62 95.81
N LYS FC 108 80.72 -17.05 96.56
CA LYS FC 108 80.88 -17.40 97.98
C LYS FC 108 79.65 -16.99 98.78
N GLN FC 109 79.08 -15.82 98.48
CA GLN FC 109 77.90 -15.37 99.20
C GLN FC 109 76.70 -16.26 98.91
N ALA FC 110 76.53 -16.66 97.65
CA ALA FC 110 75.45 -17.59 97.32
C ALA FC 110 75.65 -18.92 98.05
N ALA FC 111 76.88 -19.41 98.10
CA ALA FC 111 77.16 -20.64 98.84
C ALA FC 111 76.80 -20.48 100.31
N ASP FC 112 77.15 -19.34 100.91
CA ASP FC 112 76.82 -19.12 102.32
C ASP FC 112 75.31 -19.07 102.52
N TYR FC 113 74.59 -18.37 101.64
CA TYR FC 113 73.18 -18.07 101.91
C TYR FC 113 72.26 -19.22 101.54
N LEU FC 114 72.58 -20.00 100.50
CA LEU FC 114 71.70 -21.09 100.11
C LEU FC 114 72.22 -22.47 100.52
N ALA FC 115 73.52 -22.61 100.77
CA ALA FC 115 74.06 -23.89 101.22
C ALA FC 115 74.65 -23.85 102.61
N GLY FC 116 74.97 -22.68 103.14
CA GLY FC 116 75.53 -22.59 104.47
C GLY FC 116 76.91 -23.21 104.59
N THR FC 117 77.82 -22.86 103.68
CA THR FC 117 79.14 -23.49 103.62
C THR FC 117 80.29 -22.48 103.63
N SER FC 118 80.03 -21.19 103.84
CA SER FC 118 81.08 -20.20 103.86
C SER FC 118 82.21 -20.54 104.85
N ALA FC 119 83.38 -19.97 104.60
CA ALA FC 119 84.49 -20.04 105.53
C ALA FC 119 84.18 -19.26 106.80
N THR FC 120 84.97 -19.50 107.84
CA THR FC 120 84.71 -18.88 109.14
C THR FC 120 85.32 -17.48 109.19
N VAL FC 121 84.48 -16.51 109.56
CA VAL FC 121 84.86 -15.11 109.74
C VAL FC 121 84.12 -14.59 110.96
N SER FC 122 84.81 -13.79 111.78
CA SER FC 122 84.20 -13.20 112.96
C SER FC 122 82.98 -12.37 112.57
N GLY FC 123 81.86 -12.61 113.23
CA GLY FC 123 80.66 -11.87 112.98
C GLY FC 123 79.79 -12.38 111.85
N GLN FC 124 80.07 -13.55 111.30
CA GLN FC 124 79.28 -14.02 110.17
C GLN FC 124 77.97 -14.57 110.73
N THR FC 125 76.89 -14.48 109.95
CA THR FC 125 75.66 -15.08 110.43
C THR FC 125 75.72 -16.59 110.26
N ASP FC 126 75.14 -17.30 111.22
CA ASP FC 126 75.13 -18.76 111.22
C ASP FC 126 74.16 -19.24 110.16
N THR FC 127 74.70 -19.79 109.08
CA THR FC 127 73.92 -20.24 107.94
C THR FC 127 73.79 -21.75 107.89
N SER FC 128 74.19 -22.44 108.96
CA SER FC 128 74.20 -23.89 108.94
C SER FC 128 72.82 -24.48 108.67
N GLY FC 129 71.78 -23.90 109.27
CA GLY FC 129 70.44 -24.40 109.10
C GLY FC 129 69.71 -23.87 107.89
N PHE FC 130 70.33 -22.94 107.18
CA PHE FC 130 69.67 -22.37 106.01
C PHE FC 130 69.35 -23.38 104.92
N PRO FC 131 70.23 -24.32 104.55
CA PRO FC 131 69.81 -25.29 103.53
C PRO FC 131 68.60 -26.11 103.96
N ALA FC 132 68.52 -26.47 105.23
CA ALA FC 132 67.33 -27.15 105.73
C ALA FC 132 66.09 -26.27 105.56
N LYS FC 133 66.18 -25.00 105.97
CA LYS FC 133 65.02 -24.11 105.85
C LYS FC 133 64.63 -23.94 104.39
N TRP FC 134 65.61 -23.86 103.48
CA TRP FC 134 65.28 -23.74 102.06
C TRP FC 134 64.56 -24.99 101.57
N ALA FC 135 65.10 -26.17 101.89
CA ALA FC 135 64.47 -27.42 101.49
C ALA FC 135 63.05 -27.53 102.02
N GLY FC 136 62.76 -26.86 103.13
CA GLY FC 136 61.41 -26.74 103.61
C GLY FC 136 60.59 -25.61 103.02
N LEU FC 137 61.14 -24.87 102.05
CA LEU FC 137 60.49 -23.68 101.48
C LEU FC 137 60.18 -22.65 102.56
N MET FC 138 61.21 -22.28 103.31
CA MET FC 138 61.11 -21.28 104.37
C MET FC 138 62.26 -20.30 104.22
N PHE FC 139 61.95 -19.02 104.20
CA PHE FC 139 63.01 -18.03 104.12
C PHE FC 139 63.82 -18.04 105.41
N PRO FC 140 65.16 -18.04 105.33
CA PRO FC 140 66.06 -18.01 106.49
C PRO FC 140 65.85 -16.76 107.32
N ALA GC 1 -47.25 -107.42 49.55
CA ALA GC 1 -48.32 -106.72 50.26
C ALA GC 1 -49.63 -107.50 50.24
N ALA GC 2 -50.41 -107.35 51.30
CA ALA GC 2 -51.70 -108.03 51.39
C ALA GC 2 -52.66 -107.47 50.35
N PRO GC 3 -53.48 -108.33 49.73
CA PRO GC 3 -54.39 -107.84 48.69
C PRO GC 3 -55.56 -107.03 49.22
N SER GC 4 -55.94 -107.26 50.47
CA SER GC 4 -57.09 -106.57 51.04
C SER GC 4 -56.98 -106.61 52.56
N LEU GC 5 -57.69 -105.68 53.20
CA LEU GC 5 -57.61 -105.47 54.64
C LEU GC 5 -58.99 -105.17 55.19
N ALA GC 6 -59.26 -105.68 56.39
CA ALA GC 6 -60.46 -105.33 57.14
C ALA GC 6 -59.97 -104.77 58.47
N LEU GC 7 -59.81 -103.45 58.54
CA LEU GC 7 -59.27 -102.81 59.73
C LEU GC 7 -60.41 -102.39 60.63
N VAL GC 8 -60.14 -102.29 61.93
CA VAL GC 8 -61.16 -101.86 62.88
C VAL GC 8 -61.08 -100.36 63.08
N GLY GC 9 -62.21 -99.67 62.92
CA GLY GC 9 -62.35 -98.26 63.21
C GLY GC 9 -63.60 -98.04 64.04
N ALA GC 10 -64.16 -96.83 63.93
CA ALA GC 10 -65.31 -96.43 64.72
C ALA GC 10 -66.36 -95.75 63.85
N ASN GC 11 -67.63 -96.02 64.14
CA ASN GC 11 -68.75 -95.38 63.46
C ASN GC 11 -69.09 -94.08 64.19
N SER GC 12 -70.24 -93.51 63.87
CA SER GC 12 -70.65 -92.27 64.53
C SER GC 12 -70.94 -92.49 66.01
N THR GC 13 -71.31 -93.71 66.40
CA THR GC 13 -71.51 -94.07 67.80
C THR GC 13 -70.19 -94.35 68.53
N LEU GC 14 -69.08 -94.42 67.79
CA LEU GC 14 -67.77 -94.87 68.27
C LEU GC 14 -67.75 -96.35 68.61
N ALA GC 15 -68.72 -97.11 68.11
CA ALA GC 15 -68.67 -98.56 68.22
C ALA GC 15 -67.70 -99.12 67.20
N SER GC 16 -67.05 -100.23 67.56
CA SER GC 16 -66.04 -100.82 66.69
C SER GC 16 -66.68 -101.35 65.42
N THR GC 17 -66.23 -100.83 64.27
CA THR GC 17 -66.79 -101.14 62.97
C THR GC 17 -65.68 -101.53 62.01
N LEU GC 18 -65.95 -102.48 61.13
CA LEU GC 18 -64.95 -102.78 60.11
C LEU GC 18 -64.93 -101.71 59.03
N VAL GC 19 -63.73 -101.49 58.49
CA VAL GC 19 -63.50 -100.62 57.35
C VAL GC 19 -62.60 -101.37 56.38
N ASN GC 20 -63.06 -101.51 55.15
CA ASN GC 20 -62.49 -102.43 54.19
C ASN GC 20 -61.63 -101.68 53.18
N TYR GC 21 -60.37 -102.08 53.07
CA TYR GC 21 -59.45 -101.54 52.09
C TYR GC 21 -59.05 -102.66 51.13
N SER GC 22 -58.73 -102.28 49.90
CA SER GC 22 -58.20 -103.21 48.92
C SER GC 22 -57.00 -102.56 48.23
N LEU GC 23 -56.07 -103.41 47.80
CA LEU GC 23 -54.80 -102.93 47.26
C LEU GC 23 -55.02 -102.26 45.92
N ARG GC 24 -54.84 -100.93 45.87
CA ARG GC 24 -54.81 -100.23 44.59
C ARG GC 24 -53.54 -100.55 43.83
N SER GC 25 -52.38 -100.25 44.42
CA SER GC 25 -51.15 -100.49 43.66
C SER GC 25 -49.96 -100.67 44.59
N GLN GC 26 -49.05 -101.56 44.21
CA GLN GC 26 -47.76 -101.67 44.87
C GLN GC 26 -46.69 -101.16 43.91
N ASN GC 27 -46.04 -100.08 44.32
CA ASN GC 27 -44.78 -99.63 43.76
C ASN GC 27 -43.65 -100.22 44.62
N GLY GC 28 -42.42 -100.09 44.14
CA GLY GC 28 -41.31 -100.65 44.87
C GLY GC 28 -41.14 -100.03 46.25
N ASN GC 29 -41.34 -100.83 47.30
CA ASN GC 29 -41.32 -100.34 48.68
C ASN GC 29 -42.37 -99.26 48.91
N ASN GC 30 -43.51 -99.38 48.22
CA ASN GC 30 -44.58 -98.42 48.38
C ASN GC 30 -45.91 -99.12 48.11
N VAL GC 31 -46.92 -98.85 48.93
CA VAL GC 31 -48.19 -99.54 48.83
C VAL GC 31 -49.32 -98.54 48.99
N ASP GC 32 -50.33 -98.63 48.12
CA ASP GC 32 -51.51 -97.76 48.14
C ASP GC 32 -52.76 -98.63 48.20
N TYR GC 33 -53.55 -98.46 49.27
CA TYR GC 33 -54.83 -99.11 49.48
C TYR GC 33 -55.95 -98.08 49.39
N VAL GC 34 -57.14 -98.56 48.99
CA VAL GC 34 -58.33 -97.73 48.84
C VAL GC 34 -59.48 -98.36 49.59
N CYS GC 35 -60.33 -97.54 50.20
CA CYS GC 35 -61.47 -98.05 50.94
C CYS GC 35 -62.57 -98.48 49.97
N THR GC 36 -63.10 -99.68 50.18
CA THR GC 36 -64.10 -100.28 49.30
C THR GC 36 -65.51 -100.20 49.88
N ASP GC 37 -65.70 -99.45 50.96
CA ASP GC 37 -67.01 -99.27 51.55
C ASP GC 37 -67.80 -98.24 50.75
N PRO GC 38 -69.11 -98.14 50.98
CA PRO GC 38 -69.85 -97.00 50.42
C PRO GC 38 -69.43 -95.66 51.00
N ASP GC 39 -68.72 -95.63 52.14
CA ASP GC 39 -68.25 -94.38 52.73
C ASP GC 39 -67.32 -93.63 51.80
N SER GC 40 -66.41 -94.34 51.15
CA SER GC 40 -65.48 -93.72 50.21
C SER GC 40 -66.00 -93.86 48.80
N THR GC 41 -65.84 -92.78 48.04
CA THR GC 41 -66.05 -92.74 46.61
C THR GC 41 -64.78 -92.18 45.98
N LEU GC 42 -64.70 -92.25 44.65
CA LEU GC 42 -63.55 -91.63 44.00
C LEU GC 42 -63.47 -90.15 44.30
N SER GC 43 -64.62 -89.48 44.44
CA SER GC 43 -64.62 -88.05 44.70
C SER GC 43 -64.11 -87.74 46.11
N ALA GC 44 -64.49 -88.56 47.09
CA ALA GC 44 -64.06 -88.36 48.49
C ALA GC 44 -63.63 -89.71 49.06
N PRO GC 45 -62.40 -90.12 48.79
CA PRO GC 45 -61.98 -91.49 49.11
C PRO GC 45 -61.39 -91.62 50.51
N GLY GC 46 -61.30 -92.88 50.94
CA GLY GC 46 -60.50 -93.26 52.08
C GLY GC 46 -59.28 -94.01 51.56
N LEU GC 47 -58.11 -93.64 52.07
CA LEU GC 47 -56.86 -94.07 51.45
C LEU GC 47 -55.84 -94.46 52.49
N ILE GC 48 -54.94 -95.38 52.12
CA ILE GC 48 -53.80 -95.75 52.94
C ILE GC 48 -52.56 -95.79 52.05
N ASN GC 49 -51.44 -95.31 52.59
CA ASN GC 49 -50.16 -95.28 51.90
C ASN GC 49 -49.07 -95.73 52.87
N ALA GC 50 -48.16 -96.59 52.39
CA ALA GC 50 -47.06 -97.09 53.21
C ALA GC 50 -45.78 -97.14 52.40
N LYS GC 51 -44.71 -96.53 52.94
CA LYS GC 51 -43.45 -96.34 52.25
C LYS GC 51 -42.29 -96.80 53.13
N PHE GC 52 -41.19 -97.19 52.48
CA PHE GC 52 -39.98 -97.66 53.15
C PHE GC 52 -38.79 -96.87 52.65
N ASP GC 53 -38.23 -96.03 53.50
CA ASP GC 53 -36.96 -95.35 53.26
C ASP GC 53 -35.85 -96.23 53.83
N ILE GC 54 -35.28 -97.07 52.98
CA ILE GC 54 -34.25 -98.02 53.38
C ILE GC 54 -32.92 -97.52 52.82
N LYS GC 55 -31.98 -97.24 53.71
CA LYS GC 55 -30.69 -96.73 53.30
C LYS GC 55 -29.83 -97.87 52.73
N ALA GC 56 -28.79 -97.48 52.00
CA ALA GC 56 -27.87 -98.46 51.42
C ALA GC 56 -27.31 -99.36 52.52
N PRO GC 57 -27.05 -100.63 52.21
CA PRO GC 57 -26.59 -101.55 53.27
C PRO GC 57 -25.25 -101.16 53.89
N GLY GC 58 -24.35 -100.54 53.13
CA GLY GC 58 -23.10 -100.09 53.72
C GLY GC 58 -23.29 -98.94 54.68
N ILE GC 59 -24.17 -97.99 54.35
CA ILE GC 59 -24.35 -96.77 55.12
C ILE GC 59 -25.10 -97.08 56.41
N THR GC 60 -24.64 -96.49 57.53
CA THR GC 60 -25.39 -96.50 58.77
C THR GC 60 -26.25 -95.25 58.86
N GLY GC 61 -27.49 -95.44 59.25
CA GLY GC 61 -28.41 -94.34 59.48
C GLY GC 61 -29.61 -94.90 60.20
N ASN GC 62 -30.76 -94.29 59.97
CA ASN GC 62 -32.04 -94.85 60.42
C ASN GC 62 -32.83 -95.28 59.19
N ASP GC 63 -33.36 -96.49 59.24
CA ASP GC 63 -34.38 -96.90 58.29
C ASP GC 63 -35.72 -96.31 58.72
N ARG GC 64 -36.58 -95.99 57.75
CA ARG GC 64 -37.80 -95.27 58.05
C ARG GC 64 -39.01 -95.93 57.40
N ILE GC 65 -40.14 -95.88 58.12
CA ILE GC 65 -41.44 -96.33 57.63
C ILE GC 65 -42.36 -95.12 57.66
N HIS GC 66 -43.06 -94.87 56.54
CA HIS GC 66 -44.02 -93.78 56.46
C HIS GC 66 -45.40 -94.35 56.16
N ALA GC 67 -46.34 -94.14 57.06
CA ALA GC 67 -47.71 -94.59 56.86
C ALA GC 67 -48.66 -93.41 56.92
N ASN GC 68 -49.72 -93.49 56.14
CA ASN GC 68 -50.69 -92.40 56.05
C ASN GC 68 -52.07 -92.98 55.84
N LEU GC 69 -53.01 -92.66 56.74
CA LEU GC 69 -54.40 -93.08 56.65
C LEU GC 69 -55.27 -91.85 56.53
N ARG GC 70 -55.97 -91.71 55.41
CA ARG GC 70 -56.68 -90.50 55.04
C ARG GC 70 -58.16 -90.80 54.83
N LYS GC 71 -58.99 -89.79 55.13
CA LYS GC 71 -60.39 -89.78 54.71
C LYS GC 71 -60.70 -88.39 54.17
N VAL GC 72 -61.13 -88.31 52.92
CA VAL GC 72 -61.52 -87.05 52.30
C VAL GC 72 -63.00 -86.83 52.55
N VAL GC 73 -63.38 -85.58 52.80
CA VAL GC 73 -64.78 -85.23 52.99
C VAL GC 73 -65.08 -83.99 52.15
N LEU GC 74 -66.30 -83.93 51.64
CA LEU GC 74 -66.76 -82.83 50.81
C LEU GC 74 -67.62 -81.87 51.62
N ASP GC 75 -67.43 -80.58 51.41
CA ASP GC 75 -68.28 -79.58 52.04
C ASP GC 75 -69.69 -79.68 51.49
N GLU GC 76 -70.69 -79.63 52.38
CA GLU GC 76 -72.07 -79.66 51.93
C GLU GC 76 -72.37 -78.51 50.98
N LYS GC 77 -71.94 -77.31 51.34
CA LYS GC 77 -72.29 -76.13 50.54
C LYS GC 77 -71.43 -76.01 49.28
N THR GC 78 -70.11 -76.19 49.39
CA THR GC 78 -69.24 -75.90 48.26
C THR GC 78 -68.71 -77.14 47.53
N ASN GC 79 -68.93 -78.34 48.08
CA ASN GC 79 -68.36 -79.59 47.57
C ASN GC 79 -66.85 -79.55 47.44
N LEU GC 80 -66.20 -78.58 48.09
CA LEU GC 80 -64.76 -78.53 48.13
C LEU GC 80 -64.24 -79.60 49.09
N PRO GC 81 -63.18 -80.30 48.72
CA PRO GC 81 -62.70 -81.40 49.55
C PRO GC 81 -61.70 -80.93 50.58
N SER GC 82 -61.89 -81.32 51.82
CA SER GC 82 -60.83 -81.24 52.81
C SER GC 82 -60.65 -82.61 53.43
N THR GC 83 -59.42 -82.91 53.83
CA THR GC 83 -59.06 -84.26 54.19
C THR GC 83 -58.57 -84.31 55.63
N GLY GC 84 -58.86 -85.43 56.30
CA GLY GC 84 -58.37 -85.68 57.65
C GLY GC 84 -57.50 -86.91 57.65
N SER GC 85 -56.41 -86.87 58.42
CA SER GC 85 -55.41 -87.92 58.25
C SER GC 85 -54.65 -88.21 59.53
N VAL GC 86 -54.21 -89.46 59.65
CA VAL GC 86 -53.25 -89.88 60.65
C VAL GC 86 -52.02 -90.40 59.93
N THR GC 87 -50.87 -89.76 60.18
CA THR GC 87 -49.61 -90.17 59.60
C THR GC 87 -48.66 -90.64 60.69
N ILE GC 88 -47.83 -91.62 60.33
CA ILE GC 88 -46.95 -92.31 61.27
C ILE GC 88 -45.58 -92.45 60.63
N GLN GC 89 -44.55 -92.14 61.40
CA GLN GC 89 -43.18 -92.30 60.91
C GLN GC 89 -42.44 -93.14 61.94
N VAL GC 90 -41.91 -94.27 61.52
CA VAL GC 90 -41.14 -95.16 62.37
C VAL GC 90 -39.69 -95.04 61.94
N SER GC 91 -38.82 -94.63 62.88
CA SER GC 91 -37.38 -94.50 62.62
C SER GC 91 -36.65 -95.54 63.44
N ILE GC 92 -36.10 -96.53 62.76
CA ILE GC 92 -35.44 -97.70 63.34
C ILE GC 92 -33.93 -97.56 63.12
N PRO GC 93 -33.12 -97.49 64.16
CA PRO GC 93 -31.67 -97.39 63.96
C PRO GC 93 -31.02 -98.72 63.56
N ARG GC 94 -29.92 -98.59 62.81
CA ARG GC 94 -29.19 -99.74 62.28
C ARG GC 94 -28.11 -100.26 63.22
N ASN GC 95 -28.22 -99.99 64.51
CA ASN GC 95 -27.28 -100.48 65.52
C ASN GC 95 -27.82 -101.77 66.13
N PRO GC 96 -27.03 -102.84 66.20
CA PRO GC 96 -27.54 -104.09 66.82
C PRO GC 96 -28.03 -103.92 68.23
N ALA GC 97 -27.70 -102.80 68.89
CA ALA GC 97 -28.24 -102.51 70.21
C ALA GC 97 -29.74 -102.21 70.19
N TRP GC 98 -30.33 -102.09 69.00
CA TRP GC 98 -31.76 -101.94 68.81
C TRP GC 98 -32.30 -103.21 68.16
N ASN GC 99 -33.54 -103.55 68.46
CA ASN GC 99 -34.10 -104.74 67.83
C ASN GC 99 -35.61 -104.60 67.60
N ALA GC 100 -36.15 -105.61 66.93
CA ALA GC 100 -37.55 -105.57 66.54
C ALA GC 100 -38.47 -105.54 67.75
N SER GC 101 -38.05 -106.14 68.86
CA SER GC 101 -38.88 -106.08 70.06
C SER GC 101 -39.06 -104.63 70.50
N MET GC 102 -38.02 -103.81 70.36
CA MET GC 102 -38.11 -102.41 70.74
C MET GC 102 -38.96 -101.64 69.74
N THR GC 103 -38.80 -101.93 68.43
CA THR GC 103 -39.69 -101.32 67.44
C THR GC 103 -41.15 -101.60 67.78
N VAL GC 104 -41.47 -102.86 68.03
CA VAL GC 104 -42.85 -103.26 68.35
C VAL GC 104 -43.30 -102.61 69.65
N SER GC 105 -42.40 -102.49 70.62
CA SER GC 105 -42.78 -101.88 71.90
C SER GC 105 -43.19 -100.43 71.69
N LEU GC 106 -42.44 -99.69 70.89
CA LEU GC 106 -42.85 -98.31 70.59
C LEU GC 106 -44.19 -98.28 69.87
N LEU GC 107 -44.39 -99.18 68.90
CA LEU GC 107 -45.67 -99.21 68.21
C LEU GC 107 -46.82 -99.46 69.17
N LYS GC 108 -46.67 -100.45 70.06
CA LYS GC 108 -47.72 -100.78 71.01
C LYS GC 108 -48.00 -99.64 71.97
N GLN GC 109 -46.95 -98.95 72.42
CA GLN GC 109 -47.16 -97.84 73.36
C GLN GC 109 -47.87 -96.69 72.68
N ALA GC 110 -47.49 -96.38 71.43
CA ALA GC 110 -48.20 -95.33 70.69
C ALA GC 110 -49.66 -95.71 70.50
N ALA GC 111 -49.94 -96.98 70.18
CA ALA GC 111 -51.31 -97.42 70.05
C ALA GC 111 -52.09 -97.23 71.34
N ASP GC 112 -51.50 -97.65 72.47
CA ASP GC 112 -52.17 -97.47 73.76
C ASP GC 112 -52.44 -95.99 74.03
N TYR GC 113 -51.46 -95.13 73.79
CA TYR GC 113 -51.58 -93.75 74.26
C TYR GC 113 -52.42 -92.86 73.34
N LEU GC 114 -52.48 -93.16 72.04
CA LEU GC 114 -53.26 -92.32 71.14
C LEU GC 114 -54.55 -92.96 70.65
N ALA GC 115 -54.65 -94.29 70.64
CA ALA GC 115 -55.88 -94.96 70.24
C ALA GC 115 -56.54 -95.71 71.38
N GLY GC 116 -55.83 -95.98 72.46
CA GLY GC 116 -56.40 -96.70 73.59
C GLY GC 116 -56.79 -98.11 73.24
N THR GC 117 -55.87 -98.88 72.64
CA THR GC 117 -56.16 -100.23 72.17
C THR GC 117 -55.18 -101.29 72.68
N SER GC 118 -54.33 -100.96 73.65
CA SER GC 118 -53.40 -101.94 74.19
C SER GC 118 -54.10 -103.20 74.70
N ALA GC 119 -53.33 -104.28 74.81
CA ALA GC 119 -53.79 -105.51 75.44
C ALA GC 119 -53.94 -105.31 76.95
N THR GC 120 -54.80 -106.14 77.55
CA THR GC 120 -55.05 -106.01 78.98
C THR GC 120 -53.84 -106.47 79.77
N VAL GC 121 -53.34 -105.60 80.64
CA VAL GC 121 -52.19 -105.84 81.51
C VAL GC 121 -52.44 -105.14 82.82
N SER GC 122 -52.27 -105.85 83.93
CA SER GC 122 -52.67 -105.28 85.22
C SER GC 122 -51.80 -104.07 85.55
N GLY GC 123 -52.45 -103.00 86.00
CA GLY GC 123 -51.76 -101.76 86.32
C GLY GC 123 -51.68 -100.77 85.19
N GLN GC 124 -52.17 -101.12 84.01
CA GLN GC 124 -52.20 -100.18 82.89
C GLN GC 124 -53.19 -99.05 83.16
N THR GC 125 -52.85 -97.86 82.70
CA THR GC 125 -53.81 -96.78 82.77
C THR GC 125 -54.94 -97.02 81.78
N ASP GC 126 -56.14 -96.59 82.16
CA ASP GC 126 -57.32 -96.78 81.31
C ASP GC 126 -57.27 -95.75 80.20
N THR GC 127 -56.81 -96.20 79.03
CA THR GC 127 -56.60 -95.35 77.89
C THR GC 127 -57.81 -95.32 76.95
N SER GC 128 -58.92 -95.91 77.36
CA SER GC 128 -60.08 -96.06 76.48
C SER GC 128 -60.62 -94.71 76.01
N GLY GC 129 -60.61 -93.70 76.89
CA GLY GC 129 -61.13 -92.40 76.53
C GLY GC 129 -60.15 -91.47 75.87
N PHE GC 130 -58.89 -91.89 75.82
CA PHE GC 130 -57.86 -91.02 75.24
C PHE GC 130 -58.13 -90.65 73.79
N PRO GC 131 -58.55 -91.54 72.90
CA PRO GC 131 -58.84 -91.08 71.52
C PRO GC 131 -59.91 -90.01 71.48
N ALA GC 132 -60.94 -90.13 72.30
CA ALA GC 132 -61.94 -89.07 72.40
C ALA GC 132 -61.29 -87.76 72.83
N LYS GC 133 -60.47 -87.79 73.89
CA LYS GC 133 -59.83 -86.57 74.35
C LYS GC 133 -58.94 -85.97 73.27
N TRP GC 134 -58.19 -86.80 72.56
CA TRP GC 134 -57.32 -86.29 71.49
C TRP GC 134 -58.15 -85.62 70.41
N ALA GC 135 -59.23 -86.29 69.97
CA ALA GC 135 -60.11 -85.72 68.96
C ALA GC 135 -60.75 -84.43 69.43
N GLY GC 136 -60.76 -84.18 70.73
CA GLY GC 136 -61.16 -82.89 71.24
C GLY GC 136 -60.04 -81.88 71.45
N LEU GC 137 -58.82 -82.20 71.02
CA LEU GC 137 -57.62 -81.40 71.31
C LEU GC 137 -57.45 -81.14 72.81
N MET GC 138 -57.49 -82.24 73.57
CA MET GC 138 -57.31 -82.23 75.02
C MET GC 138 -56.27 -83.27 75.39
N PHE GC 139 -55.30 -82.89 76.20
CA PHE GC 139 -54.32 -83.87 76.65
C PHE GC 139 -55.00 -84.84 77.62
N PRO GC 140 -54.75 -86.15 77.47
CA PRO GC 140 -55.30 -87.16 78.38
C PRO GC 140 -54.86 -86.90 79.82
N ALA HC 1 -43.04 -112.61 40.43
CA ALA HC 1 -41.85 -113.14 41.08
C ALA HC 1 -42.21 -114.07 42.24
N ALA HC 2 -41.32 -115.01 42.55
CA ALA HC 2 -41.57 -115.94 43.63
C ALA HC 2 -41.66 -115.20 44.96
N PRO HC 3 -42.67 -115.48 45.79
CA PRO HC 3 -42.79 -114.75 47.06
C PRO HC 3 -41.73 -115.10 48.08
N SER HC 4 -41.09 -116.26 47.95
CA SER HC 4 -40.05 -116.64 48.89
C SER HC 4 -39.12 -117.65 48.23
N LEU HC 5 -37.91 -117.75 48.77
CA LEU HC 5 -36.85 -118.57 48.20
C LEU HC 5 -36.10 -119.28 49.30
N ALA HC 6 -35.68 -120.51 49.03
CA ALA HC 6 -34.82 -121.28 49.92
C ALA HC 6 -33.60 -121.68 49.11
N LEU HC 7 -32.55 -120.87 49.16
CA LEU HC 7 -31.38 -121.08 48.33
C LEU HC 7 -30.32 -121.84 49.13
N VAL HC 8 -29.43 -122.52 48.41
CA VAL HC 8 -28.37 -123.29 49.06
C VAL HC 8 -27.11 -122.43 49.15
N GLY HC 9 -26.55 -122.33 50.34
CA GLY HC 9 -25.27 -121.68 50.56
C GLY HC 9 -24.40 -122.55 51.43
N ALA HC 10 -23.43 -121.97 52.12
CA ALA HC 10 -22.49 -122.74 52.92
C ALA HC 10 -22.43 -122.18 54.34
N ASN HC 11 -22.38 -123.08 55.32
CA ASN HC 11 -22.23 -122.69 56.72
C ASN HC 11 -20.75 -122.38 56.99
N SER HC 12 -20.40 -122.21 58.26
CA SER HC 12 -19.01 -121.95 58.61
C SER HC 12 -18.08 -123.08 58.22
N THR HC 13 -18.61 -124.29 58.04
CA THR HC 13 -17.82 -125.46 57.66
C THR HC 13 -17.89 -125.73 56.17
N LEU HC 14 -18.59 -124.90 55.41
CA LEU HC 14 -18.79 -125.06 53.97
C LEU HC 14 -19.74 -126.20 53.62
N ALA HC 15 -20.51 -126.68 54.60
CA ALA HC 15 -21.57 -127.64 54.32
C ALA HC 15 -22.77 -126.94 53.71
N SER HC 16 -23.45 -127.63 52.80
CA SER HC 16 -24.61 -127.04 52.15
C SER HC 16 -25.71 -126.78 53.17
N THR HC 17 -26.15 -125.53 53.24
CA THR HC 17 -27.13 -125.08 54.22
C THR HC 17 -28.15 -124.19 53.54
N LEU HC 18 -29.43 -124.32 53.93
CA LEU HC 18 -30.42 -123.42 53.35
C LEU HC 18 -30.28 -122.01 53.89
N VAL HC 19 -30.62 -121.05 53.05
CA VAL HC 19 -30.68 -119.63 53.36
C VAL HC 19 -31.99 -119.10 52.80
N ASN HC 20 -32.81 -118.52 53.68
CA ASN HC 20 -34.20 -118.24 53.37
C ASN HC 20 -34.39 -116.76 53.09
N TYR HC 21 -34.93 -116.46 51.91
CA TYR HC 21 -35.23 -115.10 51.50
C TYR HC 21 -36.73 -114.98 51.29
N SER HC 22 -37.24 -113.77 51.50
CA SER HC 22 -38.63 -113.44 51.23
C SER HC 22 -38.69 -112.16 50.42
N LEU HC 23 -39.71 -112.08 49.57
CA LEU HC 23 -39.84 -110.97 48.63
C LEU HC 23 -40.33 -109.72 49.36
N ARG HC 24 -39.50 -108.69 49.38
CA ARG HC 24 -39.87 -107.45 50.06
C ARG HC 24 -40.79 -106.59 49.19
N SER HC 25 -40.40 -106.34 47.94
CA SER HC 25 -41.24 -105.55 47.04
C SER HC 25 -40.82 -105.84 45.60
N GLN HC 26 -41.56 -105.26 44.66
CA GLN HC 26 -41.26 -105.34 43.24
C GLN HC 26 -41.51 -103.98 42.60
N ASN HC 27 -40.46 -103.36 42.06
CA ASN HC 27 -40.47 -102.08 41.37
C ASN HC 27 -40.40 -102.32 39.87
N GLY HC 28 -40.17 -101.25 39.11
CA GLY HC 28 -40.00 -101.33 37.68
C GLY HC 28 -38.83 -102.22 37.30
N ASN HC 29 -39.15 -103.38 36.73
CA ASN HC 29 -38.16 -104.31 36.20
C ASN HC 29 -37.12 -104.70 37.24
N ASN HC 30 -37.56 -104.89 38.48
CA ASN HC 30 -36.62 -105.32 39.52
C ASN HC 30 -37.38 -106.06 40.62
N VAL HC 31 -36.61 -106.68 41.50
CA VAL HC 31 -37.11 -107.55 42.55
C VAL HC 31 -36.14 -107.44 43.72
N ASP HC 32 -36.69 -107.32 44.94
CA ASP HC 32 -35.92 -107.13 46.16
C ASP HC 32 -36.31 -108.21 47.17
N TYR HC 33 -35.33 -109.05 47.56
CA TYR HC 33 -35.50 -110.10 48.55
C TYR HC 33 -34.65 -109.81 49.77
N VAL HC 34 -35.15 -110.25 50.93
CA VAL HC 34 -34.49 -110.06 52.22
C VAL HC 34 -34.36 -111.40 52.91
N CYS HC 35 -33.24 -111.62 53.60
CA CYS HC 35 -33.03 -112.87 54.31
C CYS HC 35 -33.84 -112.87 55.60
N THR HC 36 -34.54 -113.98 55.85
CA THR HC 36 -35.44 -114.13 56.98
C THR HC 36 -34.87 -115.03 58.08
N ASP HC 37 -33.60 -115.42 57.96
CA ASP HC 37 -32.98 -116.24 58.97
C ASP HC 37 -32.69 -115.39 60.21
N PRO HC 38 -32.35 -116.02 61.34
CA PRO HC 38 -32.01 -115.23 62.54
C PRO HC 38 -30.73 -114.43 62.39
N ASP HC 39 -29.75 -114.90 61.60
CA ASP HC 39 -28.46 -114.22 61.52
C ASP HC 39 -28.53 -112.88 60.77
N SER HC 40 -29.59 -112.63 60.01
CA SER HC 40 -29.76 -111.36 59.32
C SER HC 40 -30.74 -110.49 60.09
N THR HC 41 -30.33 -109.25 60.33
CA THR HC 41 -31.13 -108.23 61.01
C THR HC 41 -30.97 -106.94 60.23
N LEU HC 42 -31.75 -105.93 60.60
CA LEU HC 42 -31.64 -104.66 59.89
C LEU HC 42 -30.26 -104.05 60.03
N SER HC 43 -29.58 -104.34 61.14
CA SER HC 43 -28.23 -103.85 61.34
C SER HC 43 -27.25 -104.49 60.36
N ALA HC 44 -27.43 -105.78 60.07
CA ALA HC 44 -26.54 -106.50 59.16
C ALA HC 44 -27.35 -107.51 58.36
N PRO HC 45 -28.04 -107.05 57.31
CA PRO HC 45 -28.98 -107.91 56.58
C PRO HC 45 -28.31 -108.72 55.48
N GLY HC 46 -29.06 -109.69 54.98
CA GLY HC 46 -28.74 -110.37 53.73
C GLY HC 46 -29.79 -109.99 52.69
N LEU HC 47 -29.31 -109.68 51.49
CA LEU HC 47 -30.18 -109.07 50.48
C LEU HC 47 -29.92 -109.68 49.12
N ILE HC 48 -30.97 -109.73 48.29
CA ILE HC 48 -30.84 -110.12 46.89
C ILE HC 48 -31.65 -109.14 46.04
N ASN HC 49 -31.08 -108.73 44.91
CA ASN HC 49 -31.70 -107.73 44.06
C ASN HC 49 -31.52 -108.12 42.60
N ALA HC 50 -32.58 -107.97 41.81
CA ALA HC 50 -32.51 -108.33 40.39
C ALA HC 50 -33.21 -107.27 39.55
N LYS HC 51 -32.66 -106.99 38.38
CA LYS HC 51 -33.15 -105.92 37.52
C LYS HC 51 -32.98 -106.33 36.05
N PHE HC 52 -33.94 -105.91 35.21
CA PHE HC 52 -33.83 -106.10 33.77
C PHE HC 52 -33.68 -104.75 33.07
N ASP HC 53 -32.66 -104.64 32.22
CA ASP HC 53 -32.54 -103.56 31.26
C ASP HC 53 -32.98 -104.15 29.92
N ILE HC 54 -34.20 -103.81 29.49
CA ILE HC 54 -34.82 -104.43 28.33
C ILE HC 54 -34.85 -103.42 27.20
N LYS HC 55 -34.20 -103.75 26.10
CA LYS HC 55 -34.14 -102.84 24.97
C LYS HC 55 -35.40 -103.00 24.11
N ALA HC 56 -35.61 -102.03 23.23
CA ALA HC 56 -36.83 -101.96 22.43
C ALA HC 56 -36.97 -103.20 21.55
N PRO HC 57 -38.19 -103.50 21.10
CA PRO HC 57 -38.37 -104.66 20.21
C PRO HC 57 -37.54 -104.53 18.95
N GLY HC 58 -37.05 -105.66 18.47
CA GLY HC 58 -36.17 -105.73 17.33
C GLY HC 58 -35.10 -106.76 17.58
N ILE HC 59 -34.14 -106.85 16.67
CA ILE HC 59 -33.03 -107.78 16.84
C ILE HC 59 -31.71 -107.06 17.01
N THR HC 60 -31.73 -105.74 17.25
CA THR HC 60 -30.51 -104.95 17.23
C THR HC 60 -29.76 -104.98 18.55
N GLY HC 61 -30.48 -104.95 19.68
CA GLY HC 61 -29.88 -104.60 20.94
C GLY HC 61 -29.23 -105.74 21.70
N ASN HC 62 -28.94 -105.45 22.97
CA ASN HC 62 -28.45 -106.39 23.98
C ASN HC 62 -29.26 -106.18 25.25
N ASP HC 63 -30.09 -107.16 25.61
CA ASP HC 63 -30.80 -107.14 26.89
C ASP HC 63 -29.82 -107.43 28.02
N ARG HC 64 -30.13 -106.95 29.23
CA ARG HC 64 -29.23 -107.16 30.36
C ARG HC 64 -30.00 -107.53 31.62
N ILE HC 65 -29.40 -108.42 32.40
CA ILE HC 65 -29.89 -108.85 33.71
C ILE HC 65 -28.85 -108.46 34.73
N HIS HC 66 -29.28 -107.84 35.83
CA HIS HC 66 -28.40 -107.45 36.92
C HIS HC 66 -28.87 -108.12 38.20
N ALA HC 67 -28.04 -108.98 38.77
CA ALA HC 67 -28.33 -109.62 40.04
C ALA HC 67 -27.27 -109.20 41.04
N ASN HC 68 -27.66 -109.17 42.32
CA ASN HC 68 -26.76 -108.74 43.37
C ASN HC 68 -27.13 -109.44 44.66
N LEU HC 69 -26.20 -110.22 45.19
CA LEU HC 69 -26.40 -110.96 46.44
C LEU HC 69 -25.43 -110.41 47.47
N ARG HC 70 -25.95 -109.81 48.53
CA ARG HC 70 -25.13 -109.11 49.51
C ARG HC 70 -25.37 -109.67 50.90
N LYS HC 71 -24.34 -109.56 51.75
CA LYS HC 71 -24.45 -109.81 53.17
C LYS HC 71 -23.61 -108.78 53.93
N VAL HC 72 -24.22 -108.14 54.91
CA VAL HC 72 -23.55 -107.13 55.72
C VAL HC 72 -23.04 -107.80 56.98
N VAL HC 73 -21.86 -107.37 57.45
CA VAL HC 73 -21.27 -107.90 58.66
C VAL HC 73 -20.78 -106.73 59.50
N LEU HC 74 -20.80 -106.91 60.82
CA LEU HC 74 -20.38 -105.88 61.76
C LEU HC 74 -19.05 -106.27 62.41
N ASP HC 75 -18.17 -105.29 62.57
CA ASP HC 75 -16.88 -105.51 63.21
C ASP HC 75 -17.08 -105.89 64.68
N GLU HC 76 -16.36 -106.94 65.13
CA GLU HC 76 -16.45 -107.33 66.53
C GLU HC 76 -15.98 -106.24 67.46
N LYS HC 77 -15.11 -105.36 66.99
CA LYS HC 77 -14.54 -104.34 67.86
C LYS HC 77 -15.35 -103.05 67.85
N THR HC 78 -15.91 -102.69 66.69
CA THR HC 78 -16.54 -101.38 66.51
C THR HC 78 -17.98 -101.43 66.02
N ASN HC 79 -18.54 -102.60 65.73
CA ASN HC 79 -19.85 -102.73 65.09
C ASN HC 79 -19.94 -101.92 63.80
N LEU HC 80 -18.80 -101.69 63.15
CA LEU HC 80 -18.92 -100.97 61.88
C LEU HC 80 -19.24 -101.93 60.75
N PRO HC 81 -20.17 -101.53 59.88
CA PRO HC 81 -20.63 -102.44 58.83
C PRO HC 81 -19.69 -102.43 57.64
N SER HC 82 -19.39 -103.61 57.12
CA SER HC 82 -18.87 -103.75 55.78
C SER HC 82 -19.63 -104.87 55.10
N THR HC 83 -19.75 -104.78 53.77
CA THR HC 83 -20.61 -105.69 53.03
C THR HC 83 -19.78 -106.55 52.09
N GLY HC 84 -20.16 -107.82 51.98
CA GLY HC 84 -19.64 -108.72 50.97
C GLY HC 84 -20.71 -108.94 49.92
N SER HC 85 -20.31 -109.08 48.67
CA SER HC 85 -21.31 -109.15 47.62
C SER HC 85 -20.82 -109.95 46.42
N VAL HC 86 -21.76 -110.64 45.79
CA VAL HC 86 -21.56 -111.25 44.48
C VAL HC 86 -22.57 -110.62 43.53
N THR HC 87 -22.08 -109.90 42.54
CA THR HC 87 -22.94 -109.27 41.54
C THR HC 87 -22.75 -109.99 40.20
N ILE HC 88 -23.83 -110.05 39.43
CA ILE HC 88 -23.87 -110.77 38.18
C ILE HC 88 -24.51 -109.88 37.13
N GLN HC 89 -23.94 -109.88 35.92
CA GLN HC 89 -24.53 -109.17 34.79
C GLN HC 89 -24.56 -110.10 33.60
N VAL HC 90 -25.76 -110.38 33.11
CA VAL HC 90 -25.98 -111.21 31.93
C VAL HC 90 -26.35 -110.28 30.78
N SER HC 91 -25.68 -110.44 29.65
CA SER HC 91 -25.96 -109.65 28.45
C SER HC 91 -26.32 -110.62 27.34
N ILE HC 92 -27.56 -110.54 26.88
CA ILE HC 92 -28.19 -111.43 25.92
C ILE HC 92 -28.42 -110.64 24.62
N PRO HC 93 -27.72 -110.97 23.54
CA PRO HC 93 -27.99 -110.30 22.26
C PRO HC 93 -29.32 -110.73 21.66
N ARG HC 94 -29.87 -109.86 20.82
CA ARG HC 94 -31.14 -110.10 20.18
C ARG HC 94 -30.99 -110.59 18.73
N ASN HC 95 -29.79 -110.53 18.16
CA ASN HC 95 -29.50 -111.16 16.89
C ASN HC 95 -29.95 -112.62 16.93
N PRO HC 96 -30.82 -113.05 16.02
CA PRO HC 96 -31.38 -114.42 16.09
C PRO HC 96 -30.33 -115.50 16.03
N ALA HC 97 -29.07 -115.14 15.81
CA ALA HC 97 -27.97 -116.08 15.88
C ALA HC 97 -27.61 -116.46 17.33
N TRP HC 98 -28.36 -115.96 18.31
CA TRP HC 98 -28.18 -116.28 19.71
C TRP HC 98 -29.40 -117.08 20.20
N ASN HC 99 -29.19 -117.87 21.27
CA ASN HC 99 -30.24 -118.72 21.81
C ASN HC 99 -30.35 -118.58 23.31
N ALA HC 100 -31.57 -118.77 23.80
CA ALA HC 100 -31.75 -119.01 25.23
C ALA HC 100 -30.86 -120.16 25.69
N SER HC 101 -30.63 -121.15 24.82
CA SER HC 101 -29.73 -122.25 25.17
C SER HC 101 -28.32 -121.74 25.41
N MET HC 102 -27.88 -120.75 24.62
CA MET HC 102 -26.55 -120.19 24.81
C MET HC 102 -26.47 -119.39 26.09
N THR HC 103 -27.52 -118.63 26.40
CA THR HC 103 -27.61 -117.95 27.70
C THR HC 103 -27.46 -118.94 28.85
N VAL HC 104 -28.27 -120.00 28.82
CA VAL HC 104 -28.24 -120.99 29.89
C VAL HC 104 -26.87 -121.66 29.96
N SER HC 105 -26.25 -121.91 28.81
CA SER HC 105 -24.93 -122.54 28.82
C SER HC 105 -23.90 -121.65 29.51
N LEU HC 106 -23.92 -120.35 29.23
CA LEU HC 106 -23.01 -119.45 29.92
C LEU HC 106 -23.30 -119.44 31.43
N LEU HC 107 -24.57 -119.44 31.81
CA LEU HC 107 -24.90 -119.45 33.23
C LEU HC 107 -24.36 -120.70 33.91
N LYS HC 108 -24.56 -121.86 33.28
CA LYS HC 108 -24.10 -123.13 33.86
C LYS HC 108 -22.58 -123.17 33.95
N GLN HC 109 -21.89 -122.64 32.94
CA GLN HC 109 -20.43 -122.64 32.96
C GLN HC 109 -19.90 -121.72 34.05
N ALA HC 110 -20.48 -120.53 34.19
CA ALA HC 110 -20.08 -119.65 35.27
C ALA HC 110 -20.32 -120.29 36.63
N ALA HC 111 -21.45 -120.99 36.78
CA ALA HC 111 -21.73 -121.68 38.03
C ALA HC 111 -20.67 -122.74 38.32
N ASP HC 112 -20.35 -123.57 37.33
CA ASP HC 112 -19.31 -124.57 37.50
C ASP HC 112 -17.97 -123.94 37.85
N TYR HC 113 -17.60 -122.84 37.19
CA TYR HC 113 -16.24 -122.34 37.32
C TYR HC 113 -16.04 -121.47 38.56
N LEU HC 114 -17.07 -120.80 39.05
CA LEU HC 114 -16.91 -119.96 40.23
C LEU HC 114 -17.56 -120.51 41.49
N ALA HC 115 -18.55 -121.40 41.36
CA ALA HC 115 -19.17 -122.03 42.51
C ALA HC 115 -18.96 -123.53 42.58
N GLY HC 116 -18.55 -124.17 41.49
CA GLY HC 116 -18.35 -125.60 41.47
C GLY HC 116 -19.61 -126.39 41.75
N THR HC 117 -20.69 -126.08 41.03
CA THR HC 117 -22.00 -126.69 41.29
C THR HC 117 -22.61 -127.37 40.07
N SER HC 118 -21.89 -127.46 38.95
CA SER HC 118 -22.44 -128.04 37.74
C SER HC 118 -22.91 -129.49 37.94
N ALA HC 119 -23.74 -129.94 37.01
CA ALA HC 119 -24.18 -131.33 36.97
C ALA HC 119 -23.03 -132.24 36.57
N THR HC 120 -23.25 -133.54 36.67
CA THR HC 120 -22.20 -134.52 36.43
C THR HC 120 -22.17 -134.94 34.97
N VAL HC 121 -20.99 -134.82 34.35
CA VAL HC 121 -20.75 -135.25 32.97
C VAL HC 121 -19.40 -135.97 32.98
N SER HC 122 -19.19 -136.82 31.96
CA SER HC 122 -18.07 -137.75 31.98
C SER HC 122 -16.75 -137.05 32.24
N GLY HC 123 -16.30 -136.22 31.30
CA GLY HC 123 -14.94 -135.74 31.39
C GLY HC 123 -14.78 -134.42 32.10
N GLN HC 124 -15.70 -134.08 33.00
CA GLN HC 124 -15.72 -132.73 33.55
C GLN HC 124 -14.54 -132.56 34.49
N THR HC 125 -14.03 -131.33 34.59
CA THR HC 125 -12.99 -131.11 35.57
C THR HC 125 -13.62 -130.90 36.94
N ASP HC 126 -12.87 -131.33 37.96
CA ASP HC 126 -13.33 -131.26 39.34
C ASP HC 126 -13.26 -129.82 39.80
N THR HC 127 -14.42 -129.20 40.00
CA THR HC 127 -14.54 -127.80 40.36
C THR HC 127 -15.02 -127.61 41.79
N SER HC 128 -15.05 -128.67 42.59
CA SER HC 128 -15.59 -128.56 43.94
C SER HC 128 -14.77 -127.61 44.79
N GLY HC 129 -13.45 -127.59 44.60
CA GLY HC 129 -12.59 -126.73 45.40
C GLY HC 129 -12.41 -125.34 44.87
N PHE HC 130 -12.95 -125.08 43.68
CA PHE HC 130 -12.78 -123.75 43.08
C PHE HC 130 -13.36 -122.62 43.92
N PRO HC 131 -14.56 -122.73 44.51
CA PRO HC 131 -15.03 -121.61 45.35
C PRO HC 131 -14.08 -121.32 46.50
N ALA HC 132 -13.51 -122.35 47.13
CA ALA HC 132 -12.52 -122.14 48.17
C ALA HC 132 -11.32 -121.39 47.63
N LYS HC 133 -10.80 -121.83 46.47
CA LYS HC 133 -9.63 -121.15 45.90
C LYS HC 133 -9.93 -119.71 45.55
N TRP HC 134 -11.14 -119.43 45.04
CA TRP HC 134 -11.50 -118.05 44.74
C TRP HC 134 -11.55 -117.23 46.02
N ALA HC 135 -12.22 -117.74 47.05
CA ALA HC 135 -12.34 -117.03 48.32
C ALA HC 135 -10.98 -116.78 48.96
N GLY HC 136 -9.97 -117.58 48.58
CA GLY HC 136 -8.61 -117.28 48.96
C GLY HC 136 -7.86 -116.34 48.04
N LEU HC 137 -8.55 -115.77 47.04
CA LEU HC 137 -7.94 -114.94 46.01
C LEU HC 137 -6.79 -115.66 45.30
N MET HC 138 -7.08 -116.86 44.82
CA MET HC 138 -6.14 -117.58 43.95
C MET HC 138 -6.92 -118.26 42.84
N PHE HC 139 -6.27 -118.33 41.67
CA PHE HC 139 -6.92 -118.90 40.50
C PHE HC 139 -7.03 -120.41 40.64
N PRO HC 140 -8.13 -121.00 40.16
CA PRO HC 140 -8.27 -122.45 40.06
C PRO HC 140 -7.20 -123.03 39.14
N ALA IC 1 -50.63 -105.91 42.34
CA ALA IC 1 -51.34 -106.51 41.22
C ALA IC 1 -51.13 -108.02 41.17
N ALA IC 2 -51.92 -108.70 40.34
CA ALA IC 2 -51.80 -110.14 40.20
C ALA IC 2 -50.45 -110.51 39.60
N PRO IC 3 -49.76 -111.51 40.17
CA PRO IC 3 -48.42 -111.84 39.68
C PRO IC 3 -48.44 -112.54 38.33
N SER IC 4 -49.57 -113.12 37.94
CA SER IC 4 -49.64 -113.84 36.67
C SER IC 4 -51.10 -113.90 36.23
N LEU IC 5 -51.29 -114.03 34.92
CA LEU IC 5 -52.59 -114.00 34.29
C LEU IC 5 -52.68 -115.06 33.21
N ALA IC 6 -53.85 -115.68 33.09
CA ALA IC 6 -54.15 -116.60 32.00
C ALA IC 6 -55.36 -116.04 31.27
N LEU IC 7 -55.10 -115.20 30.27
CA LEU IC 7 -56.18 -114.56 29.53
C LEU IC 7 -56.60 -115.45 28.36
N VAL IC 8 -57.83 -115.24 27.87
CA VAL IC 8 -58.34 -116.00 26.74
C VAL IC 8 -58.18 -115.18 25.47
N GLY IC 9 -57.50 -115.75 24.48
CA GLY IC 9 -57.39 -115.20 23.15
C GLY IC 9 -57.78 -116.24 22.13
N ALA IC 10 -57.24 -116.08 20.92
CA ALA IC 10 -57.57 -116.95 19.80
C ALA IC 10 -56.29 -117.40 19.10
N ASN IC 11 -56.26 -118.68 18.73
CA ASN IC 11 -55.17 -119.22 17.94
C ASN IC 11 -55.42 -118.93 16.46
N SER IC 12 -54.65 -119.57 15.59
CA SER IC 12 -54.82 -119.36 14.16
C SER IC 12 -56.19 -119.83 13.67
N THR IC 13 -56.81 -120.78 14.36
CA THR IC 13 -58.13 -121.29 14.03
C THR IC 13 -59.24 -120.38 14.56
N LEU IC 14 -58.89 -119.37 15.36
CA LEU IC 14 -59.82 -118.55 16.16
C LEU IC 14 -60.45 -119.33 17.30
N ALA IC 15 -59.93 -120.52 17.62
CA ALA IC 15 -60.40 -121.25 18.79
C ALA IC 15 -59.89 -120.59 20.07
N SER IC 16 -60.70 -120.64 21.11
CA SER IC 16 -60.34 -120.01 22.39
C SER IC 16 -59.13 -120.70 22.99
N THR IC 17 -58.05 -119.95 23.17
CA THR IC 17 -56.77 -120.47 23.63
C THR IC 17 -56.25 -119.59 24.76
N LEU IC 18 -55.61 -120.20 25.75
CA LEU IC 18 -55.00 -119.40 26.81
C LEU IC 18 -53.72 -118.73 26.33
N VAL IC 19 -53.54 -117.48 26.78
CA VAL IC 19 -52.32 -116.72 26.60
C VAL IC 19 -51.88 -116.24 27.97
N ASN IC 20 -50.63 -116.55 28.32
CA ASN IC 20 -50.15 -116.48 29.69
C ASN IC 20 -49.20 -115.29 29.85
N TYR IC 21 -49.45 -114.48 30.87
CA TYR IC 21 -48.62 -113.32 31.18
C TYR IC 21 -48.12 -113.43 32.61
N SER IC 22 -46.91 -112.92 32.85
CA SER IC 22 -46.40 -112.78 34.20
C SER IC 22 -46.05 -111.31 34.46
N LEU IC 23 -46.18 -110.91 35.72
CA LEU IC 23 -45.96 -109.53 36.13
C LEU IC 23 -44.47 -109.25 36.15
N ARG IC 24 -44.01 -108.49 35.15
CA ARG IC 24 -42.60 -108.12 35.08
C ARG IC 24 -42.30 -106.85 35.86
N SER IC 25 -43.13 -105.80 35.77
CA SER IC 25 -42.83 -104.62 36.58
C SER IC 25 -44.11 -103.95 37.05
N GLN IC 26 -43.96 -103.17 38.11
CA GLN IC 26 -45.04 -102.33 38.61
C GLN IC 26 -44.39 -101.11 39.26
N ASN IC 27 -44.75 -99.93 38.80
CA ASN IC 27 -44.09 -98.70 39.21
C ASN IC 27 -45.02 -97.52 38.96
N GLY IC 28 -45.22 -96.70 40.00
CA GLY IC 28 -45.91 -95.44 39.85
C GLY IC 28 -47.27 -95.57 39.21
N ASN IC 29 -48.16 -96.31 39.88
CA ASN IC 29 -49.49 -96.61 39.34
C ASN IC 29 -49.41 -97.09 37.91
N ASN IC 30 -48.43 -97.95 37.64
CA ASN IC 30 -48.24 -98.48 36.31
C ASN IC 30 -47.90 -99.96 36.47
N VAL IC 31 -48.43 -100.80 35.58
CA VAL IC 31 -48.30 -102.25 35.70
C VAL IC 31 -47.98 -102.82 34.32
N ASP IC 32 -46.91 -103.63 34.24
CA ASP IC 32 -46.41 -104.16 32.98
C ASP IC 32 -46.23 -105.67 33.08
N TYR IC 33 -46.94 -106.40 32.19
CA TYR IC 33 -46.89 -107.85 32.08
C TYR IC 33 -46.20 -108.25 30.79
N VAL IC 34 -45.56 -109.42 30.80
CA VAL IC 34 -44.96 -109.99 29.60
C VAL IC 34 -45.51 -111.39 29.38
N CYS IC 35 -45.63 -111.77 28.09
CA CYS IC 35 -46.18 -113.06 27.74
C CYS IC 35 -45.14 -114.16 27.90
N THR IC 36 -45.52 -115.22 28.59
CA THR IC 36 -44.63 -116.32 28.92
C THR IC 36 -44.66 -117.46 27.91
N ASP IC 37 -45.49 -117.36 26.88
CA ASP IC 37 -45.68 -118.43 25.92
C ASP IC 37 -44.52 -118.47 24.94
N PRO IC 38 -44.41 -119.53 24.14
CA PRO IC 38 -43.32 -119.58 23.16
C PRO IC 38 -43.46 -118.56 22.05
N ASP IC 39 -44.67 -118.10 21.74
CA ASP IC 39 -44.86 -117.16 20.63
C ASP IC 39 -44.31 -115.77 20.95
N SER IC 40 -44.04 -115.45 22.22
CA SER IC 40 -43.39 -114.19 22.58
C SER IC 40 -41.92 -114.49 22.83
N THR IC 41 -41.06 -113.89 22.02
CA THR IC 41 -39.62 -113.97 22.18
C THR IC 41 -39.11 -112.63 22.69
N LEU IC 42 -37.81 -112.59 23.01
CA LEU IC 42 -37.20 -111.33 23.40
C LEU IC 42 -37.29 -110.31 22.28
N SER IC 43 -37.09 -110.76 21.04
CA SER IC 43 -37.03 -109.83 19.93
C SER IC 43 -38.43 -109.36 19.55
N ALA IC 44 -39.42 -110.25 19.67
CA ALA IC 44 -40.80 -109.97 19.30
C ALA IC 44 -41.72 -110.44 20.41
N PRO IC 45 -41.91 -109.64 21.45
CA PRO IC 45 -42.64 -110.10 22.64
C PRO IC 45 -44.12 -109.79 22.57
N GLY IC 46 -44.86 -110.36 23.52
CA GLY IC 46 -46.22 -109.97 23.81
C GLY IC 46 -46.24 -109.25 25.15
N LEU IC 47 -46.94 -108.12 25.19
CA LEU IC 47 -46.81 -107.21 26.32
C LEU IC 47 -48.16 -106.64 26.73
N ILE IC 48 -48.28 -106.31 28.02
CA ILE IC 48 -49.47 -105.61 28.52
C ILE IC 48 -49.01 -104.48 29.43
N ASN IC 49 -49.72 -103.35 29.32
CA ASN IC 49 -49.43 -102.13 30.07
C ASN IC 49 -50.75 -101.58 30.65
N ALA IC 50 -50.69 -101.04 31.87
CA ALA IC 50 -51.89 -100.45 32.48
C ALA IC 50 -51.50 -99.33 33.43
N LYS IC 51 -52.07 -98.13 33.20
CA LYS IC 51 -51.76 -96.91 33.93
C LYS IC 51 -53.03 -96.32 34.56
N PHE IC 52 -52.82 -95.60 35.66
CA PHE IC 52 -53.89 -94.85 36.34
C PHE IC 52 -53.51 -93.37 36.41
N ASP IC 53 -54.29 -92.53 35.74
CA ASP IC 53 -54.26 -91.08 35.97
C ASP IC 53 -55.32 -90.79 37.02
N ILE IC 54 -54.90 -90.67 38.27
CA ILE IC 54 -55.81 -90.41 39.38
C ILE IC 54 -55.75 -88.93 39.71
N LYS IC 55 -56.87 -88.25 39.53
CA LYS IC 55 -56.97 -86.83 39.82
C LYS IC 55 -57.02 -86.61 41.33
N ALA IC 56 -56.63 -85.42 41.76
CA ALA IC 56 -56.73 -84.97 43.14
C ALA IC 56 -58.16 -85.12 43.64
N PRO IC 57 -58.38 -85.30 44.94
CA PRO IC 57 -59.75 -85.44 45.44
C PRO IC 57 -60.59 -84.24 45.04
N GLY IC 58 -61.86 -84.51 44.81
CA GLY IC 58 -62.76 -83.47 44.35
C GLY IC 58 -63.92 -84.08 43.60
N ILE IC 59 -64.92 -83.23 43.39
CA ILE IC 59 -66.12 -83.67 42.69
C ILE IC 59 -66.03 -83.37 41.19
N THR IC 60 -64.99 -82.66 40.75
CA THR IC 60 -64.81 -82.27 39.36
C THR IC 60 -63.68 -83.06 38.74
N GLY IC 61 -63.78 -83.26 37.43
CA GLY IC 61 -62.74 -83.92 36.67
C GLY IC 61 -63.10 -85.36 36.34
N ASN IC 62 -62.22 -85.98 35.54
CA ASN IC 62 -62.32 -87.38 35.18
C ASN IC 62 -61.05 -88.10 35.63
N ASP IC 63 -61.23 -89.28 36.22
CA ASP IC 63 -60.16 -90.23 36.42
C ASP IC 63 -59.96 -91.04 35.14
N ARG IC 64 -58.73 -91.51 34.90
CA ARG IC 64 -58.49 -92.22 33.64
C ARG IC 64 -57.70 -93.50 33.85
N ILE IC 65 -58.07 -94.53 33.09
CA ILE IC 65 -57.39 -95.81 33.03
C ILE IC 65 -56.87 -95.99 31.62
N HIS IC 66 -55.60 -96.37 31.49
CA HIS IC 66 -55.00 -96.67 30.19
C HIS IC 66 -54.54 -98.11 30.18
N ALA IC 67 -54.77 -98.80 29.07
CA ALA IC 67 -54.36 -100.20 28.96
C ALA IC 67 -53.93 -100.48 27.53
N ASN IC 68 -52.88 -101.27 27.38
CA ASN IC 68 -52.34 -101.58 26.06
C ASN IC 68 -51.97 -103.05 26.01
N LEU IC 69 -52.49 -103.76 25.00
CA LEU IC 69 -52.16 -105.16 24.77
C LEU IC 69 -51.50 -105.25 23.41
N ARG IC 70 -50.22 -105.66 23.39
CA ARG IC 70 -49.35 -105.60 22.23
C ARG IC 70 -48.83 -106.98 21.88
N LYS IC 71 -48.66 -107.20 20.58
CA LYS IC 71 -47.86 -108.32 20.07
C LYS IC 71 -46.94 -107.78 18.98
N VAL IC 72 -45.64 -108.00 19.15
CA VAL IC 72 -44.64 -107.57 18.18
C VAL IC 72 -44.40 -108.72 17.20
N VAL IC 73 -44.20 -108.37 15.94
CA VAL IC 73 -43.89 -109.36 14.92
C VAL IC 73 -42.75 -108.83 14.06
N LEU IC 74 -41.85 -109.72 13.66
CA LEU IC 74 -40.68 -109.39 12.87
C LEU IC 74 -40.94 -109.66 11.40
N ASP IC 75 -40.42 -108.77 10.54
CA ASP IC 75 -40.52 -108.98 9.09
C ASP IC 75 -39.70 -110.20 8.68
N GLU IC 76 -40.25 -110.96 7.73
CA GLU IC 76 -39.58 -112.18 7.31
C GLU IC 76 -38.20 -111.89 6.73
N LYS IC 77 -38.10 -110.84 5.90
CA LYS IC 77 -36.84 -110.53 5.23
C LYS IC 77 -36.01 -109.56 6.06
N THR IC 78 -36.57 -108.39 6.38
CA THR IC 78 -35.79 -107.33 7.01
C THR IC 78 -35.61 -107.51 8.51
N ASN IC 79 -36.39 -108.39 9.16
CA ASN IC 79 -36.39 -108.58 10.59
C ASN IC 79 -36.70 -107.30 11.37
N LEU IC 80 -37.22 -106.27 10.69
CA LEU IC 80 -37.68 -105.07 11.35
C LEU IC 80 -38.98 -105.38 12.10
N PRO IC 81 -39.12 -104.89 13.31
CA PRO IC 81 -40.33 -105.19 14.08
C PRO IC 81 -41.44 -104.20 13.79
N SER IC 82 -42.64 -104.71 13.57
CA SER IC 82 -43.83 -103.88 13.65
C SER IC 82 -44.78 -104.54 14.65
N THR IC 83 -45.57 -103.71 15.32
CA THR IC 83 -46.34 -104.17 16.46
C THR IC 83 -47.83 -103.90 16.26
N GLY IC 84 -48.65 -104.89 16.62
CA GLY IC 84 -50.10 -104.77 16.58
C GLY IC 84 -50.64 -104.66 18.00
N SER IC 85 -51.67 -103.83 18.17
CA SER IC 85 -52.03 -103.47 19.54
C SER IC 85 -53.49 -103.09 19.67
N VAL IC 86 -54.11 -103.54 20.76
CA VAL IC 86 -55.42 -103.05 21.20
C VAL IC 86 -55.22 -102.23 22.45
N THR IC 87 -55.60 -100.96 22.40
CA THR IC 87 -55.42 -100.07 23.53
C THR IC 87 -56.76 -99.46 23.95
N ILE IC 88 -56.94 -99.32 25.26
CA ILE IC 88 -58.21 -98.91 25.87
C ILE IC 88 -57.96 -97.73 26.79
N GLN IC 89 -58.83 -96.73 26.70
CA GLN IC 89 -58.88 -95.62 27.65
C GLN IC 89 -60.26 -95.56 28.28
N VAL IC 90 -60.30 -95.64 29.60
CA VAL IC 90 -61.54 -95.52 30.38
C VAL IC 90 -61.50 -94.17 31.09
N SER IC 91 -62.55 -93.38 30.91
CA SER IC 91 -62.66 -92.06 31.54
C SER IC 91 -63.89 -92.06 32.43
N ILE IC 92 -63.65 -91.98 33.74
CA ILE IC 92 -64.66 -92.10 34.79
C ILE IC 92 -64.85 -90.72 35.42
N PRO IC 93 -65.99 -90.06 35.24
CA PRO IC 93 -66.23 -88.77 35.89
C PRO IC 93 -66.37 -88.91 37.39
N ARG IC 94 -66.29 -87.77 38.07
CA ARG IC 94 -66.38 -87.71 39.52
C ARG IC 94 -67.68 -87.11 40.04
N ASN IC 95 -68.52 -86.57 39.18
CA ASN IC 95 -69.85 -86.17 39.58
C ASN IC 95 -70.58 -87.37 40.20
N PRO IC 96 -71.14 -87.24 41.41
CA PRO IC 96 -71.78 -88.39 42.05
C PRO IC 96 -72.91 -88.99 41.22
N ALA IC 97 -73.31 -88.30 40.16
CA ALA IC 97 -74.29 -88.82 39.23
C ALA IC 97 -73.72 -89.90 38.30
N TRP IC 98 -72.46 -90.30 38.50
CA TRP IC 98 -71.86 -91.43 37.80
C TRP IC 98 -71.68 -92.60 38.78
N ASN IC 99 -71.67 -93.82 38.24
CA ASN IC 99 -71.55 -95.02 39.06
C ASN IC 99 -70.49 -95.95 38.49
N ALA IC 100 -69.86 -96.68 39.40
CA ALA IC 100 -69.09 -97.84 38.99
C ALA IC 100 -69.93 -98.77 38.12
N SER IC 101 -71.23 -98.85 38.39
CA SER IC 101 -72.10 -99.68 37.56
C SER IC 101 -72.11 -99.17 36.12
N MET IC 102 -72.08 -97.86 35.95
CA MET IC 102 -72.05 -97.29 34.60
C MET IC 102 -70.71 -97.55 33.92
N THR IC 103 -69.61 -97.44 34.69
CA THR IC 103 -68.30 -97.82 34.16
C THR IC 103 -68.30 -99.27 33.67
N VAL IC 104 -68.78 -100.18 34.52
CA VAL IC 104 -68.79 -101.59 34.17
C VAL IC 104 -69.71 -101.83 32.97
N SER IC 105 -70.83 -101.11 32.90
CA SER IC 105 -71.75 -101.29 31.78
C SER IC 105 -71.07 -100.90 30.47
N LEU IC 106 -70.33 -99.78 30.46
CA LEU IC 106 -69.60 -99.41 29.25
C LEU IC 106 -68.54 -100.45 28.90
N LEU IC 107 -67.84 -100.97 29.92
CA LEU IC 107 -66.82 -101.99 29.64
C LEU IC 107 -67.46 -103.23 29.01
N LYS IC 108 -68.57 -103.69 29.56
CA LYS IC 108 -69.23 -104.88 29.05
C LYS IC 108 -69.76 -104.66 27.63
N GLN IC 109 -70.29 -103.46 27.37
CA GLN IC 109 -70.81 -103.18 26.03
C GLN IC 109 -69.67 -103.12 25.01
N ALA IC 110 -68.55 -102.51 25.39
CA ALA IC 110 -67.40 -102.51 24.49
C ALA IC 110 -66.91 -103.93 24.22
N ALA IC 111 -66.87 -104.76 25.26
CA ALA IC 111 -66.49 -106.16 25.06
C ALA IC 111 -67.44 -106.86 24.10
N ASP IC 112 -68.74 -106.62 24.25
CA ASP IC 112 -69.71 -107.24 23.35
C ASP IC 112 -69.52 -106.76 21.92
N TYR IC 113 -69.32 -105.45 21.73
CA TYR IC 113 -69.36 -104.89 20.39
C TYR IC 113 -68.06 -105.05 19.62
N LEU IC 114 -66.92 -105.03 20.29
CA LEU IC 114 -65.64 -105.16 19.60
C LEU IC 114 -65.01 -106.54 19.75
N ALA IC 115 -65.37 -107.30 20.77
CA ALA IC 115 -64.83 -108.64 20.96
C ALA IC 115 -65.87 -109.75 20.86
N GLY IC 116 -67.15 -109.43 21.01
CA GLY IC 116 -68.19 -110.44 20.93
C GLY IC 116 -68.12 -111.45 22.04
N THR IC 117 -68.03 -110.98 23.30
CA THR IC 117 -67.84 -111.87 24.44
C THR IC 117 -68.87 -111.66 25.56
N SER IC 118 -69.89 -110.84 25.35
CA SER IC 118 -70.90 -110.60 26.37
C SER IC 118 -71.52 -111.89 26.90
N ALA IC 119 -72.08 -111.80 28.10
CA ALA IC 119 -72.87 -112.87 28.68
C ALA IC 119 -74.17 -113.05 27.89
N THR IC 120 -74.83 -114.19 28.13
CA THR IC 120 -76.04 -114.50 27.38
C THR IC 120 -77.27 -113.84 28.00
N VAL IC 121 -78.02 -113.11 27.19
CA VAL IC 121 -79.26 -112.44 27.57
C VAL IC 121 -80.23 -112.58 26.42
N SER IC 122 -81.50 -112.85 26.73
CA SER IC 122 -82.53 -112.98 25.71
C SER IC 122 -82.62 -111.71 24.89
N GLY IC 123 -82.57 -111.86 23.57
CA GLY IC 123 -82.69 -110.73 22.68
C GLY IC 123 -81.40 -110.01 22.37
N GLN IC 124 -80.24 -110.54 22.76
CA GLN IC 124 -79.00 -109.84 22.50
C GLN IC 124 -78.64 -110.06 21.03
N THR IC 125 -77.95 -109.08 20.44
CA THR IC 125 -77.52 -109.31 19.07
C THR IC 125 -76.30 -110.23 19.07
N ASP IC 126 -76.24 -111.09 18.06
CA ASP IC 126 -75.16 -112.04 17.92
C ASP IC 126 -73.91 -111.31 17.48
N THR IC 127 -72.94 -111.20 18.39
CA THR IC 127 -71.72 -110.46 18.17
C THR IC 127 -70.54 -111.39 17.93
N SER IC 128 -70.79 -112.68 17.75
CA SER IC 128 -69.70 -113.65 17.65
C SER IC 128 -68.77 -113.34 16.48
N GLY IC 129 -69.32 -112.92 15.34
CA GLY IC 129 -68.52 -112.63 14.18
C GLY IC 129 -68.00 -111.23 14.11
N PHE IC 130 -68.38 -110.38 15.06
CA PHE IC 130 -67.92 -109.00 15.04
C PHE IC 130 -66.41 -108.86 15.15
N PRO IC 131 -65.69 -109.58 16.01
CA PRO IC 131 -64.22 -109.42 16.01
C PRO IC 131 -63.60 -109.76 14.67
N ALA IC 132 -64.11 -110.79 14.00
CA ALA IC 132 -63.63 -111.09 12.65
C ALA IC 132 -63.88 -109.93 11.70
N LYS IC 133 -65.11 -109.38 11.71
CA LYS IC 133 -65.41 -108.26 10.83
C LYS IC 133 -64.53 -107.06 11.13
N TRP IC 134 -64.26 -106.80 12.41
CA TRP IC 134 -63.37 -105.69 12.76
C TRP IC 134 -61.97 -105.93 12.23
N ALA IC 135 -61.43 -107.13 12.46
CA ALA IC 135 -60.09 -107.45 11.97
C ALA IC 135 -60.01 -107.31 10.46
N GLY IC 136 -61.13 -107.48 9.76
CA GLY IC 136 -61.19 -107.18 8.36
C GLY IC 136 -61.48 -105.74 7.99
N LEU IC 137 -61.55 -104.84 8.97
CA LEU IC 137 -61.92 -103.44 8.76
C LEU IC 137 -63.29 -103.32 8.09
N MET IC 138 -64.28 -103.95 8.72
CA MET IC 138 -65.66 -103.92 8.24
C MET IC 138 -66.56 -103.61 9.41
N PHE IC 139 -67.43 -102.63 9.27
CA PHE IC 139 -68.38 -102.34 10.34
C PHE IC 139 -69.36 -103.48 10.49
N PRO IC 140 -69.63 -103.95 11.71
CA PRO IC 140 -70.59 -105.02 12.00
C PRO IC 140 -71.99 -104.64 11.56
N ALA JC 1 58.63 -87.10 -72.47
CA ALA JC 1 57.91 -86.66 -73.65
C ALA JC 1 58.79 -86.67 -74.89
N ALA JC 2 58.16 -86.92 -76.04
CA ALA JC 2 58.89 -86.93 -77.30
C ALA JC 2 59.38 -85.52 -77.64
N PRO JC 3 60.59 -85.40 -78.20
CA PRO JC 3 61.11 -84.06 -78.50
C PRO JC 3 60.44 -83.39 -79.68
N SER JC 4 59.89 -84.18 -80.60
CA SER JC 4 59.27 -83.62 -81.79
C SER JC 4 58.29 -84.63 -82.37
N LEU JC 5 57.37 -84.13 -83.17
CA LEU JC 5 56.27 -84.92 -83.70
C LEU JC 5 56.00 -84.52 -85.15
N ALA JC 6 55.65 -85.51 -85.97
CA ALA JC 6 55.18 -85.27 -87.33
C ALA JC 6 53.81 -85.92 -87.41
N LEU JC 7 52.77 -85.13 -87.16
CA LEU JC 7 51.41 -85.65 -87.12
C LEU JC 7 50.77 -85.48 -88.49
N VAL JC 8 49.81 -86.34 -88.81
CA VAL JC 8 49.11 -86.25 -90.08
C VAL JC 8 47.86 -85.39 -89.92
N GLY JC 9 47.72 -84.39 -90.79
CA GLY JC 9 46.54 -83.55 -90.88
C GLY JC 9 46.12 -83.44 -92.34
N ALA JC 10 45.43 -82.34 -92.64
CA ALA JC 10 44.89 -82.11 -93.98
C ALA JC 10 45.20 -80.69 -94.45
N ASN JC 11 45.50 -80.56 -95.75
CA ASN JC 11 45.72 -79.27 -96.37
C ASN JC 11 44.38 -78.71 -96.85
N SER JC 12 44.42 -77.67 -97.68
CA SER JC 12 43.18 -77.08 -98.20
C SER JC 12 42.45 -78.05 -99.12
N THR JC 13 43.17 -78.98 -99.77
CA THR JC 13 42.58 -80.02 -100.60
C THR JC 13 42.01 -81.17 -99.76
N LEU JC 14 42.30 -81.19 -98.46
CA LEU JC 14 42.02 -82.30 -97.56
C LEU JC 14 42.87 -83.53 -97.85
N ALA JC 15 43.96 -83.36 -98.59
CA ALA JC 15 44.94 -84.41 -98.75
C ALA JC 15 45.79 -84.54 -97.49
N SER JC 16 46.23 -85.77 -97.20
CA SER JC 16 46.99 -86.02 -95.99
C SER JC 16 48.35 -85.32 -96.06
N THR JC 17 48.61 -84.43 -95.09
CA THR JC 17 49.80 -83.62 -95.07
C THR JC 17 50.44 -83.70 -93.69
N LEU JC 18 51.77 -83.69 -93.65
CA LEU JC 18 52.42 -83.65 -92.36
C LEU JC 18 52.33 -82.26 -91.74
N VAL JC 19 52.24 -82.25 -90.42
CA VAL JC 19 52.31 -81.04 -89.61
C VAL JC 19 53.26 -81.29 -88.46
N ASN JC 20 54.27 -80.42 -88.35
CA ASN JC 20 55.44 -80.67 -87.53
C ASN JC 20 55.34 -79.87 -86.23
N TYR JC 21 55.42 -80.56 -85.11
CA TYR JC 21 55.47 -79.95 -83.79
C TYR JC 21 56.81 -80.26 -83.15
N SER JC 22 57.24 -79.36 -82.28
CA SER JC 22 58.45 -79.58 -81.48
C SER JC 22 58.14 -79.19 -80.04
N LEU JC 23 58.83 -79.85 -79.11
CA LEU JC 23 58.54 -79.69 -77.69
C LEU JC 23 58.97 -78.30 -77.23
N ARG JC 24 57.99 -77.46 -76.89
CA ARG JC 24 58.30 -76.20 -76.23
C ARG JC 24 58.73 -76.43 -74.79
N SER JC 25 57.88 -77.05 -73.98
CA SER JC 25 58.26 -77.21 -72.58
C SER JC 25 57.52 -78.38 -71.95
N GLN JC 26 58.22 -79.10 -71.07
CA GLN JC 26 57.59 -80.10 -70.22
C GLN JC 26 57.59 -79.58 -68.79
N ASN JC 27 56.39 -79.36 -68.26
CA ASN JC 27 56.13 -79.20 -66.85
C ASN JC 27 55.76 -80.58 -66.29
N GLY JC 28 55.70 -80.67 -64.97
CA GLY JC 28 55.38 -81.95 -64.36
C GLY JC 28 54.01 -82.46 -64.73
N ASN JC 29 53.95 -83.57 -65.46
CA ASN JC 29 52.70 -84.12 -66.00
C ASN JC 29 52.00 -83.12 -66.91
N ASN JC 30 52.79 -82.32 -67.64
CA ASN JC 30 52.23 -81.36 -68.57
C ASN JC 30 53.22 -81.13 -69.70
N VAL JC 31 52.72 -81.07 -70.93
CA VAL JC 31 53.57 -80.98 -72.10
C VAL JC 31 52.98 -79.96 -73.07
N ASP JC 32 53.84 -79.08 -73.59
CA ASP JC 32 53.46 -78.05 -74.56
C ASP JC 32 54.34 -78.17 -75.80
N TYR JC 33 53.71 -78.43 -76.95
CA TYR JC 33 54.33 -78.48 -78.26
C TYR JC 33 53.89 -77.30 -79.11
N VAL JC 34 54.76 -76.91 -80.04
CA VAL JC 34 54.53 -75.79 -80.95
C VAL JC 34 54.77 -76.24 -82.38
N CYS JC 35 53.96 -75.73 -83.30
CA CYS JC 35 54.11 -76.09 -84.70
C CYS JC 35 55.29 -75.33 -85.31
N THR JC 36 56.16 -76.08 -86.01
CA THR JC 36 57.39 -75.54 -86.59
C THR JC 36 57.27 -75.29 -88.09
N ASP JC 37 56.07 -75.39 -88.64
CA ASP JC 37 55.86 -75.12 -90.05
C ASP JC 37 55.80 -73.61 -90.29
N PRO JC 38 55.86 -73.18 -91.54
CA PRO JC 38 55.56 -71.77 -91.84
C PRO JC 38 54.12 -71.39 -91.56
N ASP JC 39 53.21 -72.37 -91.42
CA ASP JC 39 51.81 -72.08 -91.12
C ASP JC 39 51.65 -71.36 -89.80
N SER JC 40 52.39 -71.77 -88.78
CA SER JC 40 52.32 -71.15 -87.47
C SER JC 40 53.45 -70.14 -87.33
N THR JC 41 53.13 -69.00 -86.74
CA THR JC 41 54.07 -68.01 -86.30
C THR JC 41 53.78 -67.71 -84.84
N LEU JC 42 54.66 -66.97 -84.18
CA LEU JC 42 54.38 -66.60 -82.80
C LEU JC 42 53.08 -65.82 -82.69
N SER JC 43 52.76 -65.00 -83.70
CA SER JC 43 51.55 -64.21 -83.67
C SER JC 43 50.30 -65.07 -83.80
N ALA JC 44 50.35 -66.09 -84.64
CA ALA JC 44 49.22 -67.00 -84.85
C ALA JC 44 49.72 -68.43 -84.87
N PRO JC 45 49.93 -69.03 -83.70
CA PRO JC 45 50.62 -70.32 -83.62
C PRO JC 45 49.68 -71.51 -83.73
N GLY JC 46 50.30 -72.66 -83.98
CA GLY JC 46 49.66 -73.95 -83.80
C GLY JC 46 50.27 -74.62 -82.57
N LEU JC 47 49.41 -75.14 -81.71
CA LEU JC 47 49.84 -75.52 -80.37
C LEU JC 47 49.22 -76.85 -79.95
N ILE JC 48 49.93 -77.57 -79.09
CA ILE JC 48 49.41 -78.79 -78.48
C ILE JC 48 49.74 -78.75 -76.99
N ASN JC 49 48.78 -79.20 -76.17
CA ASN JC 49 48.92 -79.25 -74.72
C ASN JC 49 48.38 -80.59 -74.22
N ALA JC 50 49.11 -81.22 -73.31
CA ALA JC 50 48.70 -82.50 -72.74
C ALA JC 50 48.96 -82.53 -71.24
N LYS JC 51 47.94 -82.88 -70.46
CA LYS JC 51 47.96 -82.81 -69.00
C LYS JC 51 47.46 -84.13 -68.42
N PHE JC 52 47.92 -84.41 -67.20
CA PHE JC 52 47.56 -85.63 -66.46
C PHE JC 52 47.03 -85.25 -65.08
N ASP JC 53 45.74 -85.44 -64.87
CA ASP JC 53 45.12 -85.31 -63.55
C ASP JC 53 45.14 -86.71 -62.91
N ILE JC 54 46.18 -86.97 -62.13
CA ILE JC 54 46.38 -88.26 -61.48
C ILE JC 54 46.08 -88.09 -60.00
N LYS JC 55 45.09 -88.83 -59.52
CA LYS JC 55 44.69 -88.73 -58.13
C LYS JC 55 45.69 -89.47 -57.25
N ALA JC 56 45.65 -89.17 -55.95
CA ALA JC 56 46.53 -89.83 -54.99
C ALA JC 56 46.35 -91.34 -55.07
N PRO JC 57 47.42 -92.11 -54.85
CA PRO JC 57 47.30 -93.58 -55.00
C PRO JC 57 46.32 -94.23 -54.04
N GLY JC 58 46.16 -93.68 -52.83
CA GLY JC 58 45.16 -94.25 -51.93
C GLY JC 58 43.73 -93.99 -52.38
N ILE JC 59 43.47 -92.80 -52.92
CA ILE JC 59 42.11 -92.38 -53.28
C ILE JC 59 41.67 -93.11 -54.54
N THR JC 60 40.42 -93.58 -54.56
CA THR JC 60 39.79 -94.08 -55.77
C THR JC 60 39.02 -92.95 -56.44
N GLY JC 61 39.18 -92.83 -57.74
CA GLY JC 61 38.44 -91.88 -58.54
C GLY JC 61 38.66 -92.24 -59.99
N ASN JC 62 38.62 -91.23 -60.84
CA ASN JC 62 39.02 -91.38 -62.23
C ASN JC 62 40.31 -90.61 -62.45
N ASP JC 63 41.28 -91.25 -63.09
CA ASP JC 63 42.42 -90.53 -63.62
C ASP JC 63 42.01 -89.87 -64.95
N ARG JC 64 42.60 -88.71 -65.25
CA ARG JC 64 42.16 -87.93 -66.40
C ARG JC 64 43.33 -87.49 -67.26
N ILE JC 65 43.09 -87.47 -68.58
CA ILE JC 65 44.02 -86.96 -69.57
C ILE JC 65 43.33 -85.81 -70.28
N HIS JC 66 44.03 -84.66 -70.38
CA HIS JC 66 43.50 -83.50 -71.07
C HIS JC 66 44.42 -83.15 -72.23
N ALA JC 67 43.90 -83.21 -73.45
CA ALA JC 67 44.66 -82.85 -74.64
C ALA JC 67 43.97 -81.72 -75.38
N ASN JC 68 44.77 -80.86 -76.00
CA ASN JC 68 44.25 -79.70 -76.69
C ASN JC 68 45.14 -79.42 -77.90
N LEU JC 69 44.52 -79.39 -79.09
CA LEU JC 69 45.21 -79.07 -80.34
C LEU JC 69 44.58 -77.83 -80.93
N ARG JC 70 45.36 -76.76 -81.04
CA ARG JC 70 44.87 -75.44 -81.38
C ARG JC 70 45.56 -74.92 -82.64
N LYS JC 71 44.83 -74.12 -83.40
CA LYS JC 71 45.40 -73.28 -84.46
C LYS JC 71 44.79 -71.89 -84.34
N VAL JC 72 45.65 -70.89 -84.17
CA VAL JC 72 45.22 -69.49 -84.11
C VAL JC 72 45.24 -68.93 -85.51
N VAL JC 73 44.25 -68.09 -85.82
CA VAL JC 73 44.19 -67.42 -87.11
C VAL JC 73 43.88 -65.94 -86.88
N LEU JC 74 44.45 -65.10 -87.74
CA LEU JC 74 44.28 -63.66 -87.65
C LEU JC 74 43.25 -63.19 -88.68
N ASP JC 75 42.39 -62.25 -88.26
CA ASP JC 75 41.46 -61.64 -89.19
C ASP JC 75 42.20 -60.80 -90.23
N GLU JC 76 41.81 -60.94 -91.49
CA GLU JC 76 42.45 -60.15 -92.54
C GLU JC 76 42.28 -58.66 -92.25
N LYS JC 77 41.07 -58.24 -91.88
CA LYS JC 77 40.82 -56.81 -91.73
C LYS JC 77 41.34 -56.27 -90.39
N THR JC 78 41.11 -56.97 -89.28
CA THR JC 78 41.44 -56.42 -87.97
C THR JC 78 42.68 -57.02 -87.33
N ASN JC 79 43.26 -58.08 -87.89
CA ASN JC 79 44.38 -58.82 -87.30
C ASN JC 79 44.08 -59.31 -85.90
N LEU JC 80 42.81 -59.31 -85.49
CA LEU JC 80 42.42 -59.87 -84.21
C LEU JC 80 42.47 -61.39 -84.29
N PRO JC 81 42.99 -62.04 -83.27
CA PRO JC 81 43.14 -63.50 -83.33
C PRO JC 81 41.91 -64.22 -82.83
N SER JC 82 41.43 -65.19 -83.59
CA SER JC 82 40.49 -66.16 -83.06
C SER JC 82 41.06 -67.54 -83.32
N THR JC 83 40.73 -68.48 -82.44
CA THR JC 83 41.40 -69.76 -82.43
C THR JC 83 40.40 -70.89 -82.63
N GLY JC 84 40.85 -71.94 -83.31
CA GLY JC 84 40.05 -73.14 -83.49
C GLY JC 84 40.76 -74.32 -82.85
N SER JC 85 39.99 -75.21 -82.21
CA SER JC 85 40.64 -76.19 -81.36
C SER JC 85 39.85 -77.49 -81.27
N VAL JC 86 40.58 -78.58 -81.09
CA VAL JC 86 40.03 -79.87 -80.71
C VAL JC 86 40.59 -80.26 -79.36
N THR JC 87 39.71 -80.43 -78.38
CA THR JC 87 40.09 -80.83 -77.03
C THR JC 87 39.53 -82.20 -76.71
N ILE JC 88 40.28 -82.97 -75.93
CA ILE JC 88 39.99 -84.36 -75.64
C ILE JC 88 40.18 -84.59 -74.15
N GLN JC 89 39.23 -85.27 -73.52
CA GLN JC 89 39.36 -85.61 -72.12
C GLN JC 89 39.13 -87.11 -71.99
N VAL JC 90 40.12 -87.82 -71.46
CA VAL JC 90 40.04 -89.26 -71.25
C VAL JC 90 39.89 -89.48 -69.75
N SER JC 91 38.81 -90.12 -69.34
CA SER JC 91 38.55 -90.43 -67.94
C SER JC 91 38.62 -91.94 -67.76
N ILE JC 92 39.65 -92.40 -67.07
CA ILE JC 92 39.97 -93.81 -66.87
C ILE JC 92 39.68 -94.16 -65.41
N PRO JC 93 38.78 -95.09 -65.14
CA PRO JC 93 38.51 -95.47 -63.75
C PRO JC 93 39.59 -96.36 -63.15
N ARG JC 94 39.74 -96.24 -61.82
CA ARG JC 94 40.75 -96.97 -61.07
C ARG JC 94 40.27 -98.33 -60.57
N ASN JC 95 39.27 -98.91 -61.20
CA ASN JC 95 38.76 -100.24 -60.87
C ASN JC 95 39.42 -101.28 -61.76
N PRO JC 96 40.00 -102.36 -61.21
CA PRO JC 96 40.61 -103.39 -62.06
C PRO JC 96 39.68 -103.96 -63.11
N ALA JC 97 38.37 -103.75 -62.97
CA ALA JC 97 37.44 -104.18 -64.00
C ALA JC 97 37.56 -103.37 -65.29
N TRP JC 98 38.38 -102.32 -65.28
CA TRP JC 98 38.72 -101.54 -66.46
C TRP JC 98 40.18 -101.77 -66.80
N ASN JC 99 40.53 -101.70 -68.08
CA ASN JC 99 41.92 -101.89 -68.45
C ASN JC 99 42.29 -101.06 -69.67
N ALA JC 100 43.59 -101.11 -69.97
CA ALA JC 100 44.12 -100.28 -71.03
C ALA JC 100 43.54 -100.66 -72.38
N SER JC 101 43.17 -101.93 -72.57
CA SER JC 101 42.52 -102.31 -73.82
C SER JC 101 41.23 -101.55 -74.02
N MET JC 102 40.49 -101.32 -72.93
CA MET JC 102 39.24 -100.56 -73.03
C MET JC 102 39.52 -99.08 -73.25
N THR JC 103 40.53 -98.53 -72.59
CA THR JC 103 40.93 -97.15 -72.87
C THR JC 103 41.25 -96.97 -74.36
N VAL JC 104 42.07 -97.86 -74.90
CA VAL JC 104 42.47 -97.79 -76.30
C VAL JC 104 41.26 -97.99 -77.20
N SER JC 105 40.34 -98.87 -76.81
CA SER JC 105 39.16 -99.10 -77.63
C SER JC 105 38.33 -97.84 -77.76
N LEU JC 106 38.13 -97.13 -76.64
CA LEU JC 106 37.41 -95.85 -76.73
C LEU JC 106 38.16 -94.85 -77.60
N LEU JC 107 39.49 -94.78 -77.47
CA LEU JC 107 40.24 -93.85 -78.30
C LEU JC 107 40.06 -94.18 -79.78
N LYS JC 108 40.17 -95.46 -80.14
CA LYS JC 108 40.04 -95.87 -81.53
C LYS JC 108 38.66 -95.58 -82.07
N GLN JC 109 37.62 -95.82 -81.26
CA GLN JC 109 36.25 -95.57 -81.73
C GLN JC 109 36.02 -94.09 -81.94
N ALA JC 110 36.51 -93.26 -81.02
CA ALA JC 110 36.39 -91.81 -81.21
C ALA JC 110 37.10 -91.37 -82.47
N ALA JC 111 38.30 -91.92 -82.72
CA ALA JC 111 39.02 -91.60 -83.94
C ALA JC 111 38.22 -91.97 -85.18
N ASP JC 112 37.67 -93.19 -85.20
CA ASP JC 112 36.86 -93.61 -86.34
C ASP JC 112 35.67 -92.68 -86.53
N TYR JC 113 34.97 -92.32 -85.45
CA TYR JC 113 33.69 -91.64 -85.61
C TYR JC 113 33.82 -90.15 -85.85
N LEU JC 114 34.89 -89.50 -85.37
CA LEU JC 114 35.03 -88.07 -85.58
C LEU JC 114 36.11 -87.69 -86.59
N ALA JC 115 37.11 -88.54 -86.82
CA ALA JC 115 38.13 -88.27 -87.82
C ALA JC 115 38.10 -89.22 -89.00
N GLY JC 116 37.43 -90.37 -88.86
CA GLY JC 116 37.35 -91.33 -89.94
C GLY JC 116 38.71 -91.90 -90.30
N THR JC 117 39.44 -92.41 -89.30
CA THR JC 117 40.78 -92.92 -89.51
C THR JC 117 41.02 -94.33 -88.98
N SER JC 118 39.96 -95.05 -88.60
CA SER JC 118 40.11 -96.42 -88.13
C SER JC 118 40.86 -97.31 -89.12
N ALA JC 119 41.40 -98.41 -88.59
CA ALA JC 119 42.00 -99.45 -89.42
C ALA JC 119 40.91 -100.20 -90.19
N THR JC 120 41.32 -100.80 -91.30
CA THR JC 120 40.36 -101.51 -92.14
C THR JC 120 39.92 -102.80 -91.47
N VAL JC 121 38.60 -102.94 -91.31
CA VAL JC 121 37.97 -104.10 -90.69
C VAL JC 121 36.65 -104.34 -91.41
N SER JC 122 36.42 -105.58 -91.83
CA SER JC 122 35.26 -105.85 -92.67
C SER JC 122 33.97 -105.58 -91.91
N GLY JC 123 33.05 -104.89 -92.57
CA GLY JC 123 31.78 -104.53 -91.95
C GLY JC 123 31.76 -103.18 -91.28
N GLN JC 124 32.89 -102.49 -91.23
CA GLN JC 124 32.94 -101.14 -90.66
C GLN JC 124 32.16 -100.17 -91.54
N THR JC 125 31.51 -99.20 -90.90
CA THR JC 125 30.89 -98.14 -91.67
C THR JC 125 31.97 -97.24 -92.27
N ASP JC 126 31.69 -96.71 -93.45
CA ASP JC 126 32.63 -95.85 -94.16
C ASP JC 126 32.60 -94.48 -93.50
N THR JC 127 33.56 -94.24 -92.64
CA THR JC 127 33.65 -93.02 -91.86
C THR JC 127 34.49 -91.95 -92.52
N SER JC 128 34.90 -92.16 -93.77
CA SER JC 128 35.85 -91.26 -94.42
C SER JC 128 35.28 -89.84 -94.55
N GLY JC 129 33.98 -89.72 -94.80
CA GLY JC 129 33.39 -88.40 -94.98
C GLY JC 129 32.90 -87.76 -93.71
N PHE JC 130 32.97 -88.50 -92.60
CA PHE JC 130 32.48 -87.96 -91.33
C PHE JC 130 33.19 -86.69 -90.90
N PRO JC 131 34.52 -86.57 -90.98
CA PRO JC 131 35.14 -85.30 -90.58
C PRO JC 131 34.63 -84.12 -91.40
N ALA JC 132 34.42 -84.32 -92.70
CA ALA JC 132 33.80 -83.27 -93.51
C ALA JC 132 32.42 -82.90 -92.97
N LYS JC 133 31.58 -83.91 -92.72
CA LYS JC 133 30.24 -83.62 -92.21
C LYS JC 133 30.30 -82.89 -90.87
N TRP JC 134 31.20 -83.31 -89.97
CA TRP JC 134 31.32 -82.64 -88.68
C TRP JC 134 31.73 -81.18 -88.88
N ALA JC 135 32.73 -80.93 -89.72
CA ALA JC 135 33.17 -79.57 -90.00
C ALA JC 135 32.07 -78.74 -90.63
N GLY JC 136 31.05 -79.39 -91.19
CA GLY JC 136 29.87 -78.67 -91.62
C GLY JC 136 28.75 -78.56 -90.60
N LEU JC 137 28.98 -78.99 -89.35
CA LEU JC 137 27.94 -79.09 -88.33
C LEU JC 137 26.75 -79.93 -88.81
N MET JC 138 27.06 -81.13 -89.29
CA MET JC 138 26.08 -82.09 -89.76
C MET JC 138 26.37 -83.44 -89.11
N PHE JC 139 25.35 -84.07 -88.55
CA PHE JC 139 25.55 -85.40 -87.99
C PHE JC 139 25.79 -86.40 -89.13
N PRO JC 140 26.79 -87.28 -88.99
CA PRO JC 140 27.05 -88.32 -89.99
C PRO JC 140 25.85 -89.21 -90.20
N ALA KC 1 67.38 -86.56 -65.30
CA ALA KC 1 67.06 -87.79 -64.58
C ALA KC 1 67.08 -89.01 -65.51
N ALA KC 2 67.36 -90.18 -64.96
CA ALA KC 2 67.40 -91.39 -65.76
C ALA KC 2 66.02 -91.69 -66.33
N PRO KC 3 65.91 -91.99 -67.63
CA PRO KC 3 64.59 -92.25 -68.23
C PRO KC 3 63.94 -93.53 -67.75
N SER KC 4 64.73 -94.49 -67.25
CA SER KC 4 64.16 -95.74 -66.78
C SER KC 4 65.12 -96.37 -65.78
N LEU KC 5 64.58 -97.25 -64.95
CA LEU KC 5 65.31 -97.87 -63.85
C LEU KC 5 64.93 -99.33 -63.74
N ALA KC 6 65.92 -100.15 -63.38
CA ALA KC 6 65.70 -101.57 -63.09
C ALA KC 6 66.26 -101.80 -61.69
N LEU KC 7 65.39 -101.70 -60.69
CA LEU KC 7 65.80 -101.79 -59.30
C LEU KC 7 65.62 -103.22 -58.80
N VAL KC 8 66.37 -103.58 -57.76
CA VAL KC 8 66.27 -104.91 -57.18
C VAL KC 8 65.31 -104.88 -56.00
N GLY KC 9 64.34 -105.78 -56.01
CA GLY KC 9 63.44 -105.98 -54.89
C GLY KC 9 63.33 -107.45 -54.60
N ALA KC 10 62.23 -107.87 -53.96
CA ALA KC 10 62.05 -109.26 -53.56
C ALA KC 10 60.71 -109.79 -54.07
N ASN KC 11 60.73 -111.03 -54.57
CA ASN KC 11 59.51 -111.71 -54.99
C ASN KC 11 58.78 -112.25 -53.76
N SER KC 12 57.76 -113.06 -53.98
CA SER KC 12 57.02 -113.64 -52.87
C SER KC 12 57.89 -114.53 -52.00
N THR KC 13 59.01 -115.03 -52.52
CA THR KC 13 59.93 -115.89 -51.79
C THR KC 13 61.11 -115.12 -51.22
N LEU KC 14 61.15 -113.80 -51.43
CA LEU KC 14 62.24 -112.93 -50.99
C LEU KC 14 63.50 -113.11 -51.81
N ALA KC 15 63.40 -113.74 -52.98
CA ALA KC 15 64.52 -113.80 -53.90
C ALA KC 15 64.67 -112.48 -54.64
N SER KC 16 65.92 -112.11 -54.93
CA SER KC 16 66.18 -110.85 -55.61
C SER KC 16 65.57 -110.88 -57.01
N THR KC 17 64.71 -109.91 -57.30
CA THR KC 17 63.97 -109.83 -58.55
C THR KC 17 64.00 -108.41 -59.06
N LEU KC 18 64.11 -108.24 -60.37
CA LEU KC 18 64.06 -106.89 -60.90
C LEU KC 18 62.65 -106.33 -60.86
N VAL KC 19 62.58 -105.00 -60.69
CA VAL KC 19 61.35 -104.23 -60.72
C VAL KC 19 61.62 -103.02 -61.59
N ASN KC 20 60.82 -102.84 -62.63
CA ASN KC 20 61.12 -101.92 -63.71
C ASN KC 20 60.28 -100.67 -63.58
N TYR KC 21 60.93 -99.52 -63.52
CA TYR KC 21 60.28 -98.23 -63.47
C TYR KC 21 60.66 -97.42 -64.69
N SER KC 22 59.75 -96.54 -65.10
CA SER KC 22 60.00 -95.61 -66.19
C SER KC 22 59.61 -94.21 -65.74
N LEU KC 23 60.32 -93.22 -66.26
CA LEU KC 23 60.16 -91.83 -65.86
C LEU KC 23 58.88 -91.26 -66.46
N ARG KC 24 57.93 -90.90 -65.61
CA ARG KC 24 56.67 -90.34 -66.10
C ARG KC 24 56.82 -88.86 -66.44
N SER KC 25 57.35 -88.06 -65.54
CA SER KC 25 57.54 -86.64 -65.79
C SER KC 25 58.58 -86.09 -64.81
N GLN KC 26 58.93 -84.82 -65.01
CA GLN KC 26 59.85 -84.11 -64.11
C GLN KC 26 59.33 -82.69 -63.91
N ASN KC 27 58.99 -82.35 -62.68
CA ASN KC 27 58.50 -81.04 -62.23
C ASN KC 27 59.63 -80.30 -61.54
N GLY KC 28 59.29 -79.19 -60.89
CA GLY KC 28 60.24 -78.42 -60.11
C GLY KC 28 60.85 -79.24 -59.00
N ASN KC 29 62.14 -79.54 -59.17
CA ASN KC 29 62.95 -80.22 -58.16
C ASN KC 29 62.32 -81.54 -57.74
N ASN KC 30 61.76 -82.29 -58.68
CA ASN KC 30 61.19 -83.58 -58.35
C ASN KC 30 61.19 -84.47 -59.59
N VAL KC 31 60.90 -85.74 -59.35
CA VAL KC 31 60.96 -86.80 -60.36
C VAL KC 31 59.92 -87.84 -60.01
N ASP KC 32 59.16 -88.29 -61.01
CA ASP KC 32 58.07 -89.24 -60.84
C ASP KC 32 58.29 -90.45 -61.75
N TYR KC 33 58.43 -91.63 -61.14
CA TYR KC 33 58.59 -92.89 -61.84
C TYR KC 33 57.40 -93.80 -61.59
N VAL KC 34 57.08 -94.63 -62.59
CA VAL KC 34 55.96 -95.57 -62.54
C VAL KC 34 56.47 -96.96 -62.89
N CYS KC 35 55.93 -97.97 -62.21
CA CYS KC 35 56.33 -99.34 -62.47
C CYS KC 35 55.68 -99.83 -63.76
N THR KC 36 56.50 -100.46 -64.62
CA THR KC 36 56.07 -100.92 -65.93
C THR KC 36 55.89 -102.43 -66.00
N ASP KC 37 55.97 -103.12 -64.87
CA ASP KC 37 55.77 -104.55 -64.83
C ASP KC 37 54.29 -104.86 -65.04
N PRO KC 38 53.94 -106.12 -65.31
CA PRO KC 38 52.52 -106.47 -65.43
C PRO KC 38 51.74 -106.35 -64.13
N ASP KC 39 52.37 -106.55 -62.97
CA ASP KC 39 51.63 -106.55 -61.71
C ASP KC 39 51.15 -105.15 -61.29
N SER KC 40 51.71 -104.09 -61.87
CA SER KC 40 51.26 -102.74 -61.57
C SER KC 40 50.35 -102.23 -62.69
N THR KC 41 49.20 -101.72 -62.30
CA THR KC 41 48.20 -101.15 -63.19
C THR KC 41 47.73 -99.85 -62.56
N LEU KC 42 46.93 -99.08 -63.32
CA LEU KC 42 46.44 -97.82 -62.76
C LEU KC 42 45.59 -98.06 -61.51
N SER KC 43 44.93 -99.21 -61.44
CA SER KC 43 44.13 -99.53 -60.25
C SER KC 43 45.01 -99.73 -59.03
N ALA KC 44 46.18 -100.34 -59.20
CA ALA KC 44 47.10 -100.62 -58.10
C ALA KC 44 48.53 -100.48 -58.58
N PRO KC 45 49.04 -99.25 -58.68
CA PRO KC 45 50.34 -99.00 -59.29
C PRO KC 45 51.49 -99.13 -58.30
N GLY KC 46 52.69 -99.18 -58.87
CA GLY KC 46 53.92 -98.98 -58.11
C GLY KC 46 54.55 -97.65 -58.54
N LEU KC 47 54.99 -96.87 -57.56
CA LEU KC 47 55.40 -95.49 -57.82
C LEU KC 47 56.67 -95.16 -57.06
N ILE KC 48 57.47 -94.27 -57.66
CA ILE KC 48 58.63 -93.70 -56.96
C ILE KC 48 58.65 -92.20 -57.20
N ASN KC 49 58.95 -91.43 -56.16
CA ASN KC 49 58.90 -89.98 -56.22
C ASN KC 49 60.09 -89.40 -55.47
N ALA KC 50 60.74 -88.39 -56.05
CA ALA KC 50 61.90 -87.78 -55.41
C ALA KC 50 61.81 -86.26 -55.54
N LYS KC 51 62.24 -85.55 -54.50
CA LYS KC 51 62.15 -84.09 -54.45
C LYS KC 51 63.35 -83.52 -53.70
N PHE KC 52 63.80 -82.35 -54.13
CA PHE KC 52 64.84 -81.61 -53.43
C PHE KC 52 64.27 -80.33 -52.84
N ASP KC 53 64.52 -80.12 -51.55
CA ASP KC 53 64.33 -78.83 -50.90
C ASP KC 53 65.72 -78.22 -50.77
N ILE KC 54 66.02 -77.25 -51.62
CA ILE KC 54 67.36 -76.69 -51.75
C ILE KC 54 67.36 -75.29 -51.16
N LYS KC 55 68.17 -75.09 -50.13
CA LYS KC 55 68.22 -73.78 -49.50
C LYS KC 55 69.18 -72.86 -50.25
N ALA KC 56 69.08 -71.57 -49.95
CA ALA KC 56 69.82 -70.56 -50.68
C ALA KC 56 71.33 -70.78 -50.56
N PRO KC 57 72.12 -70.23 -51.48
CA PRO KC 57 73.57 -70.39 -51.39
C PRO KC 57 74.10 -69.84 -50.07
N GLY KC 58 75.13 -70.48 -49.56
CA GLY KC 58 75.72 -70.16 -48.29
C GLY KC 58 76.06 -71.44 -47.55
N ILE KC 59 76.50 -71.30 -46.31
CA ILE KC 59 76.82 -72.46 -45.50
C ILE KC 59 75.89 -72.60 -44.30
N THR KC 60 74.78 -71.87 -44.29
CA THR KC 60 73.93 -71.79 -43.11
C THR KC 60 72.94 -72.94 -43.01
N GLY KC 61 72.35 -73.33 -44.13
CA GLY KC 61 71.15 -74.12 -44.12
C GLY KC 61 71.35 -75.62 -44.00
N ASN KC 62 70.24 -76.34 -44.27
CA ASN KC 62 70.17 -77.79 -44.38
C ASN KC 62 69.37 -78.13 -45.64
N ASP KC 63 70.04 -78.69 -46.64
CA ASP KC 63 69.36 -79.19 -47.84
C ASP KC 63 68.63 -80.49 -47.48
N ARG KC 64 67.56 -80.79 -48.24
CA ARG KC 64 66.78 -81.99 -47.96
C ARG KC 64 66.41 -82.73 -49.24
N ILE KC 65 66.42 -84.06 -49.14
CA ILE KC 65 66.00 -84.97 -50.20
C ILE KC 65 64.82 -85.76 -49.67
N HIS KC 66 63.76 -85.86 -50.48
CA HIS KC 66 62.57 -86.62 -50.13
C HIS KC 66 62.35 -87.69 -51.18
N ALA KC 67 62.43 -88.95 -50.78
CA ALA KC 67 62.12 -90.06 -51.67
C ALA KC 67 60.93 -90.83 -51.12
N ASN KC 68 60.17 -91.45 -52.02
CA ASN KC 68 58.97 -92.16 -51.62
C ASN KC 68 58.73 -93.30 -52.60
N LEU KC 69 58.75 -94.53 -52.10
CA LEU KC 69 58.53 -95.73 -52.90
C LEU KC 69 57.25 -96.39 -52.42
N ARG KC 70 56.24 -96.43 -53.28
CA ARG KC 70 54.91 -96.90 -52.90
C ARG KC 70 54.47 -98.05 -53.79
N LYS KC 71 53.62 -98.91 -53.22
CA LYS KC 71 52.91 -99.93 -53.98
C LYS KC 71 51.48 -100.02 -53.44
N VAL KC 72 50.51 -99.96 -54.34
CA VAL KC 72 49.10 -100.07 -53.99
C VAL KC 72 48.66 -101.51 -54.16
N VAL KC 73 47.78 -101.97 -53.26
CA VAL KC 73 47.25 -103.33 -53.33
C VAL KC 73 45.75 -103.24 -53.13
N LEU KC 74 45.03 -104.18 -53.74
CA LEU KC 74 43.58 -104.24 -53.67
C LEU KC 74 43.14 -105.43 -52.82
N ASP KC 75 42.12 -105.21 -51.98
CA ASP KC 75 41.58 -106.26 -51.14
C ASP KC 75 40.96 -107.36 -52.01
N GLU KC 76 41.26 -108.63 -51.67
CA GLU KC 76 40.67 -109.74 -52.42
C GLU KC 76 39.16 -109.77 -52.28
N LYS KC 77 38.63 -109.22 -51.20
CA LYS KC 77 37.19 -109.30 -50.95
C LYS KC 77 36.45 -108.11 -51.52
N THR KC 78 37.06 -106.91 -51.48
CA THR KC 78 36.36 -105.68 -51.82
C THR KC 78 37.04 -104.84 -52.89
N ASN KC 79 38.21 -105.23 -53.39
CA ASN KC 79 39.01 -104.40 -54.30
C ASN KC 79 39.27 -103.02 -53.72
N LEU KC 80 39.27 -102.90 -52.40
CA LEU KC 80 39.58 -101.58 -51.87
C LEU KC 80 41.09 -101.39 -51.77
N PRO KC 81 41.57 -100.22 -52.17
CA PRO KC 81 43.01 -99.99 -52.23
C PRO KC 81 43.56 -99.60 -50.86
N SER KC 82 44.69 -100.19 -50.50
CA SER KC 82 45.54 -99.65 -49.45
C SER KC 82 46.98 -99.69 -49.96
N THR KC 83 47.79 -98.75 -49.48
CA THR KC 83 49.13 -98.57 -50.03
C THR KC 83 50.18 -98.89 -48.97
N GLY KC 84 51.26 -99.51 -49.41
CA GLY KC 84 52.45 -99.70 -48.59
C GLY KC 84 53.52 -98.77 -49.12
N SER KC 85 54.35 -98.24 -48.23
CA SER KC 85 55.30 -97.24 -48.68
C SER KC 85 56.56 -97.22 -47.80
N VAL KC 86 57.67 -96.92 -48.44
CA VAL KC 86 58.93 -96.58 -47.75
C VAL KC 86 59.31 -95.18 -48.18
N THR KC 87 59.30 -94.25 -47.22
CA THR KC 87 59.68 -92.88 -47.47
C THR KC 87 61.02 -92.60 -46.80
N ILE KC 88 61.81 -91.74 -47.44
CA ILE KC 88 63.17 -91.42 -47.00
C ILE KC 88 63.33 -89.92 -47.02
N GLN KC 89 63.98 -89.38 -45.98
CA GLN KC 89 64.33 -87.96 -45.94
C GLN KC 89 65.79 -87.84 -45.54
N VAL KC 90 66.58 -87.25 -46.43
CA VAL KC 90 67.99 -86.98 -46.20
C VAL KC 90 68.14 -85.50 -45.92
N SER KC 91 68.83 -85.15 -44.84
CA SER KC 91 69.10 -83.77 -44.48
C SER KC 91 70.60 -83.58 -44.42
N ILE KC 92 71.12 -82.75 -45.32
CA ILE KC 92 72.54 -82.50 -45.56
C ILE KC 92 72.85 -81.08 -45.11
N PRO KC 93 73.62 -80.90 -44.04
CA PRO KC 93 74.02 -79.54 -43.66
C PRO KC 93 75.03 -78.94 -44.63
N ARG KC 94 75.06 -77.61 -44.65
CA ARG KC 94 75.94 -76.86 -45.53
C ARG KC 94 77.20 -76.35 -44.82
N ASN KC 95 77.25 -76.42 -43.49
CA ASN KC 95 78.47 -76.17 -42.75
C ASN KC 95 79.61 -77.00 -43.33
N PRO KC 96 80.70 -76.37 -43.76
CA PRO KC 96 81.78 -77.13 -44.44
C PRO KC 96 82.37 -78.24 -43.60
N ALA KC 97 81.98 -78.35 -42.34
CA ALA KC 97 82.36 -79.46 -41.50
C ALA KC 97 81.62 -80.75 -41.84
N TRP KC 98 80.78 -80.73 -42.88
CA TRP KC 98 80.08 -81.91 -43.38
C TRP KC 98 80.61 -82.27 -44.77
N ASN KC 99 80.46 -83.55 -45.14
CA ASN KC 99 80.97 -84.05 -46.40
C ASN KC 99 79.91 -84.85 -47.15
N ALA KC 100 80.01 -84.81 -48.47
CA ALA KC 100 79.31 -85.80 -49.27
C ALA KC 100 79.66 -87.21 -48.82
N SER KC 101 80.89 -87.43 -48.35
CA SER KC 101 81.26 -88.73 -47.82
C SER KC 101 80.41 -89.10 -46.61
N MET KC 102 80.10 -88.11 -45.77
CA MET KC 102 79.28 -88.37 -44.60
C MET KC 102 77.84 -88.66 -44.99
N THR KC 103 77.32 -87.93 -45.99
CA THR KC 103 76.01 -88.25 -46.55
C THR KC 103 75.96 -89.70 -47.04
N VAL KC 104 76.94 -90.08 -47.86
CA VAL KC 104 76.95 -91.42 -48.42
C VAL KC 104 77.09 -92.45 -47.31
N SER KC 105 77.86 -92.15 -46.27
CA SER KC 105 78.03 -93.10 -45.17
C SER KC 105 76.70 -93.33 -44.46
N LEU KC 106 75.95 -92.27 -44.20
CA LEU KC 106 74.63 -92.46 -43.60
C LEU KC 106 73.72 -93.27 -44.51
N LEU KC 107 73.76 -93.02 -45.81
CA LEU KC 107 72.92 -93.78 -46.74
C LEU KC 107 73.27 -95.27 -46.68
N LYS KC 108 74.57 -95.58 -46.73
CA LYS KC 108 75.00 -96.97 -46.70
C LYS KC 108 74.64 -97.65 -45.39
N GLN KC 109 74.76 -96.93 -44.28
CA GLN KC 109 74.42 -97.52 -42.98
C GLN KC 109 72.93 -97.79 -42.88
N ALA KC 110 72.10 -96.84 -43.33
CA ALA KC 110 70.66 -97.07 -43.35
C ALA KC 110 70.31 -98.27 -44.22
N ALA KC 111 70.97 -98.40 -45.37
CA ALA KC 111 70.74 -99.53 -46.25
C ALA KC 111 71.08 -100.84 -45.55
N ASP KC 112 72.25 -100.90 -44.92
CA ASP KC 112 72.65 -102.09 -44.18
C ASP KC 112 71.65 -102.41 -43.07
N TYR KC 113 71.18 -101.40 -42.34
CA TYR KC 113 70.43 -101.68 -41.12
C TYR KC 113 68.96 -101.96 -41.38
N LEU KC 114 68.38 -101.40 -42.45
CA LEU KC 114 66.97 -101.64 -42.73
C LEU KC 114 66.70 -102.54 -43.92
N ALA KC 115 67.66 -102.67 -44.84
CA ALA KC 115 67.52 -103.58 -45.97
C ALA KC 115 68.52 -104.71 -45.99
N GLY KC 116 69.60 -104.62 -45.21
CA GLY KC 116 70.61 -105.65 -45.18
C GLY KC 116 71.28 -105.87 -46.52
N THR KC 117 71.77 -104.79 -47.13
CA THR KC 117 72.34 -104.85 -48.48
C THR KC 117 73.76 -104.30 -48.57
N SER KC 118 74.39 -103.95 -47.44
CA SER KC 118 75.72 -103.36 -47.48
C SER KC 118 76.75 -104.28 -48.14
N ALA KC 119 77.87 -103.67 -48.54
CA ALA KC 119 79.01 -104.42 -49.06
C ALA KC 119 79.67 -105.23 -47.95
N THR KC 120 80.60 -106.09 -48.35
CA THR KC 120 81.23 -107.02 -47.41
C THR KC 120 82.48 -106.40 -46.79
N VAL KC 121 82.53 -106.39 -45.46
CA VAL KC 121 83.68 -105.91 -44.69
C VAL KC 121 83.89 -106.92 -43.56
N SER KC 122 85.12 -106.94 -43.03
CA SER KC 122 85.55 -108.02 -42.14
C SER KC 122 84.56 -108.22 -40.99
N GLY KC 123 84.46 -107.26 -40.09
CA GLY KC 123 83.74 -107.52 -38.86
C GLY KC 123 82.29 -107.13 -38.88
N GLN KC 124 81.67 -107.11 -40.06
CA GLN KC 124 80.33 -106.54 -40.17
C GLN KC 124 79.33 -107.47 -39.51
N THR KC 125 78.26 -106.91 -38.96
CA THR KC 125 77.23 -107.78 -38.45
C THR KC 125 76.33 -108.25 -39.57
N ASP KC 126 75.82 -109.47 -39.40
CA ASP KC 126 74.99 -110.11 -40.41
C ASP KC 126 73.61 -109.45 -40.39
N THR KC 127 73.31 -108.70 -41.45
CA THR KC 127 72.08 -107.93 -41.54
C THR KC 127 71.12 -108.51 -42.58
N SER KC 128 71.39 -109.72 -43.08
CA SER KC 128 70.56 -110.28 -44.13
C SER KC 128 69.12 -110.48 -43.67
N GLY KC 129 68.93 -110.87 -42.41
CA GLY KC 129 67.60 -111.13 -41.89
C GLY KC 129 66.89 -109.93 -41.34
N PHE KC 130 67.58 -108.79 -41.28
CA PHE KC 130 66.97 -107.60 -40.72
C PHE KC 130 65.73 -107.13 -41.47
N PRO KC 131 65.70 -107.10 -42.81
CA PRO KC 131 64.45 -106.70 -43.46
C PRO KC 131 63.28 -107.58 -43.10
N ALA KC 132 63.50 -108.89 -42.98
CA ALA KC 132 62.44 -109.79 -42.53
C ALA KC 132 61.97 -109.42 -41.13
N LYS KC 133 62.92 -109.19 -40.21
CA LYS KC 133 62.54 -108.85 -38.85
C LYS KC 133 61.77 -107.53 -38.80
N TRP KC 134 62.18 -106.55 -39.62
CA TRP KC 134 61.44 -105.29 -39.67
C TRP KC 134 60.03 -105.52 -40.17
N ALA KC 135 59.89 -106.25 -41.29
CA ALA KC 135 58.58 -106.51 -41.85
C ALA KC 135 57.68 -107.28 -40.90
N GLY KC 136 58.27 -107.95 -39.92
CA GLY KC 136 57.50 -108.54 -38.84
C GLY KC 136 57.25 -107.62 -37.67
N LEU KC 137 57.64 -106.35 -37.78
CA LEU KC 137 57.55 -105.37 -36.69
C LEU KC 137 58.28 -105.87 -35.43
N MET KC 138 59.53 -106.27 -35.61
CA MET KC 138 60.40 -106.57 -34.48
C MET KC 138 61.79 -106.03 -34.75
N PHE KC 139 62.45 -105.60 -33.69
CA PHE KC 139 63.77 -105.00 -33.81
C PHE KC 139 64.81 -106.06 -34.14
N PRO KC 140 65.80 -105.73 -34.98
CA PRO KC 140 66.95 -106.59 -35.22
C PRO KC 140 67.74 -106.83 -33.94
N ALA LC 1 62.95 -80.26 -72.16
CA ALA LC 1 64.28 -79.69 -72.36
C ALA LC 1 65.36 -80.76 -72.31
N ALA LC 2 66.58 -80.38 -72.73
CA ALA LC 2 67.68 -81.32 -72.74
C ALA LC 2 68.04 -81.72 -71.31
N PRO LC 3 68.24 -83.02 -71.05
CA PRO LC 3 68.51 -83.46 -69.68
C PRO LC 3 69.89 -83.09 -69.18
N SER LC 4 70.83 -82.79 -70.08
CA SER LC 4 72.18 -82.44 -69.68
C SER LC 4 72.84 -81.65 -70.79
N LEU LC 5 73.83 -80.84 -70.40
CA LEU LC 5 74.51 -79.91 -71.29
C LEU LC 5 75.99 -79.91 -71.01
N ALA LC 6 76.78 -79.80 -72.07
CA ALA LC 6 78.23 -79.64 -71.96
C ALA LC 6 78.56 -78.32 -72.66
N LEU LC 7 78.54 -77.22 -71.90
CA LEU LC 7 78.79 -75.91 -72.46
C LEU LC 7 80.29 -75.61 -72.42
N VAL LC 8 80.73 -74.69 -73.28
CA VAL LC 8 82.13 -74.29 -73.32
C VAL LC 8 82.31 -73.01 -72.54
N GLY LC 9 83.21 -73.03 -71.56
CA GLY LC 9 83.64 -71.87 -70.82
C GLY LC 9 85.16 -71.79 -70.84
N ALA LC 10 85.70 -71.14 -69.81
CA ALA LC 10 87.12 -70.89 -69.71
C ALA LC 10 87.62 -71.26 -68.32
N ASN LC 11 88.79 -71.90 -68.27
CA ASN LC 11 89.44 -72.21 -67.01
C ASN LC 11 90.25 -70.98 -66.56
N SER LC 12 91.11 -71.18 -65.56
CA SER LC 12 91.91 -70.06 -65.06
C SER LC 12 92.88 -69.54 -66.11
N THR LC 13 93.27 -70.38 -67.08
CA THR LC 13 94.14 -69.98 -68.17
C THR LC 13 93.39 -69.27 -69.29
N LEU LC 14 92.06 -69.23 -69.22
CA LEU LC 14 91.16 -68.81 -70.29
C LEU LC 14 91.12 -69.82 -71.45
N ALA LC 15 91.67 -71.00 -71.26
CA ALA LC 15 91.55 -72.05 -72.27
C ALA LC 15 90.14 -72.61 -72.30
N SER LC 16 89.68 -72.98 -73.50
CA SER LC 16 88.32 -73.49 -73.65
C SER LC 16 88.16 -74.81 -72.91
N THR LC 17 87.26 -74.83 -71.94
CA THR LC 17 87.05 -75.98 -71.07
C THR LC 17 85.56 -76.29 -71.00
N LEU LC 18 85.21 -77.57 -70.92
CA LEU LC 18 83.81 -77.94 -70.76
C LEU LC 18 83.34 -77.69 -69.33
N VAL LC 19 82.11 -77.20 -69.23
CA VAL LC 19 81.39 -77.05 -67.98
C VAL LC 19 80.05 -77.75 -68.13
N ASN LC 20 79.77 -78.66 -67.21
CA ASN LC 20 78.72 -79.67 -67.36
C ASN LC 20 77.54 -79.34 -66.46
N TYR LC 21 76.35 -79.33 -67.03
CA TYR LC 21 75.12 -79.07 -66.30
C TYR LC 21 74.16 -80.23 -66.49
N SER LC 22 73.36 -80.52 -65.46
CA SER LC 22 72.25 -81.46 -65.59
C SER LC 22 70.96 -80.76 -65.23
N LEU LC 23 69.88 -81.23 -65.84
CA LEU LC 23 68.55 -80.64 -65.67
C LEU LC 23 68.00 -81.05 -64.31
N ARG LC 24 67.99 -80.10 -63.39
CA ARG LC 24 67.45 -80.35 -62.05
C ARG LC 24 65.94 -80.11 -61.98
N SER LC 25 65.43 -79.02 -62.56
CA SER LC 25 63.98 -78.83 -62.52
C SER LC 25 63.47 -78.19 -63.79
N GLN LC 26 62.18 -78.38 -64.04
CA GLN LC 26 61.49 -77.71 -65.13
C GLN LC 26 60.04 -77.55 -64.70
N ASN LC 27 59.55 -76.32 -64.68
CA ASN LC 27 58.24 -76.00 -64.13
C ASN LC 27 57.76 -74.69 -64.73
N GLY LC 28 56.54 -74.70 -65.26
CA GLY LC 28 55.86 -73.49 -65.68
C GLY LC 28 56.68 -72.64 -66.63
N ASN LC 29 56.98 -73.21 -67.79
CA ASN LC 29 57.85 -72.56 -68.77
C ASN LC 29 59.11 -72.02 -68.13
N ASN LC 30 59.68 -72.81 -67.24
CA ASN LC 30 60.90 -72.41 -66.55
C ASN LC 30 61.79 -73.64 -66.48
N VAL LC 31 63.09 -73.44 -66.66
CA VAL LC 31 64.05 -74.55 -66.75
C VAL LC 31 65.29 -74.20 -65.93
N ASP LC 32 65.69 -75.10 -65.04
CA ASP LC 32 66.78 -74.87 -64.09
C ASP LC 32 67.78 -76.02 -64.14
N TYR LC 33 69.03 -75.69 -64.47
CA TYR LC 33 70.15 -76.61 -64.54
C TYR LC 33 71.13 -76.35 -63.40
N VAL LC 34 71.83 -77.40 -62.97
CA VAL LC 34 72.87 -77.27 -61.96
C VAL LC 34 74.17 -77.85 -62.52
N CYS LC 35 75.30 -77.27 -62.11
CA CYS LC 35 76.59 -77.69 -62.59
C CYS LC 35 77.06 -78.93 -61.86
N THR LC 36 77.49 -79.94 -62.62
CA THR LC 36 77.86 -81.25 -62.08
C THR LC 36 79.35 -81.36 -61.80
N ASP LC 37 80.13 -80.33 -62.08
CA ASP LC 37 81.57 -80.38 -61.95
C ASP LC 37 81.97 -80.25 -60.48
N PRO LC 38 83.24 -80.51 -60.16
CA PRO LC 38 83.67 -80.35 -58.76
C PRO LC 38 83.67 -78.91 -58.28
N ASP LC 39 83.81 -77.94 -59.18
CA ASP LC 39 83.87 -76.54 -58.75
C ASP LC 39 82.53 -76.01 -58.25
N SER LC 40 81.42 -76.69 -58.53
CA SER LC 40 80.13 -76.33 -57.97
C SER LC 40 79.84 -77.26 -56.79
N THR LC 41 79.75 -76.69 -55.61
CA THR LC 41 79.37 -77.39 -54.40
C THR LC 41 77.95 -77.01 -54.02
N LEU LC 42 77.43 -77.70 -53.00
CA LEU LC 42 76.12 -77.33 -52.48
C LEU LC 42 76.13 -75.91 -51.96
N SER LC 43 77.20 -75.52 -51.30
CA SER LC 43 77.23 -74.21 -50.64
C SER LC 43 77.44 -73.11 -51.67
N ALA LC 44 78.23 -73.40 -52.71
CA ALA LC 44 78.58 -72.44 -53.74
C ALA LC 44 78.41 -73.09 -55.11
N PRO LC 45 77.20 -73.12 -55.64
CA PRO LC 45 76.93 -73.90 -56.86
C PRO LC 45 77.09 -73.06 -58.12
N GLY LC 46 77.06 -73.75 -59.26
CA GLY LC 46 76.88 -73.13 -60.56
C GLY LC 46 75.50 -73.48 -61.08
N LEU LC 47 74.81 -72.47 -61.60
CA LEU LC 47 73.39 -72.62 -61.87
C LEU LC 47 73.01 -71.95 -63.19
N ILE LC 48 71.97 -72.49 -63.82
CA ILE LC 48 71.40 -71.87 -65.02
C ILE LC 48 69.88 -71.85 -64.88
N ASN LC 49 69.29 -70.75 -65.35
CA ASN LC 49 67.85 -70.51 -65.29
C ASN LC 49 67.38 -69.98 -66.65
N ALA LC 50 66.18 -70.39 -67.07
CA ALA LC 50 65.62 -69.92 -68.34
C ALA LC 50 64.10 -69.90 -68.29
N LYS LC 51 63.51 -68.73 -68.56
CA LYS LC 51 62.08 -68.48 -68.47
C LYS LC 51 61.52 -67.97 -69.80
N PHE LC 52 60.24 -68.26 -70.03
CA PHE LC 52 59.50 -67.77 -71.18
C PHE LC 52 58.30 -66.96 -70.72
N ASP LC 53 58.28 -65.67 -71.03
CA ASP LC 53 57.07 -64.85 -70.94
C ASP LC 53 56.42 -64.88 -72.31
N ILE LC 54 55.43 -65.76 -72.47
CA ILE LC 54 54.73 -65.91 -73.74
C ILE LC 54 53.42 -65.16 -73.67
N LYS LC 55 53.29 -64.14 -74.51
CA LYS LC 55 52.09 -63.33 -74.56
C LYS LC 55 50.97 -64.10 -75.25
N ALA LC 56 49.73 -63.71 -74.95
CA ALA LC 56 48.54 -64.24 -75.59
C ALA LC 56 48.65 -64.09 -77.11
N PRO LC 57 47.98 -64.94 -77.89
CA PRO LC 57 48.08 -64.81 -79.34
C PRO LC 57 47.65 -63.42 -79.79
N GLY LC 58 48.27 -62.96 -80.86
CA GLY LC 58 48.03 -61.62 -81.33
C GLY LC 58 49.21 -61.11 -82.10
N ILE LC 59 48.96 -60.01 -82.82
CA ILE LC 59 49.99 -59.39 -83.63
C ILE LC 59 50.73 -58.30 -82.86
N THR LC 60 50.26 -57.95 -81.66
CA THR LC 60 50.82 -56.89 -80.85
C THR LC 60 51.55 -57.47 -79.65
N GLY LC 61 52.56 -56.76 -79.18
CA GLY LC 61 53.30 -57.12 -78.00
C GLY LC 61 54.64 -57.75 -78.33
N ASN LC 62 55.41 -58.01 -77.27
CA ASN LC 62 56.70 -58.70 -77.36
C ASN LC 62 56.65 -59.96 -76.51
N ASP LC 63 57.16 -61.06 -77.07
CA ASP LC 63 57.49 -62.25 -76.29
C ASP LC 63 58.86 -62.06 -75.65
N ARG LC 64 59.08 -62.71 -74.51
CA ARG LC 64 60.36 -62.50 -73.81
C ARG LC 64 60.98 -63.81 -73.35
N ILE LC 65 62.31 -63.88 -73.46
CA ILE LC 65 63.12 -64.98 -72.97
C ILE LC 65 64.04 -64.41 -71.90
N HIS LC 66 64.12 -65.09 -70.76
CA HIS LC 66 65.05 -64.71 -69.70
C HIS LC 66 66.00 -65.86 -69.43
N ALA LC 67 67.27 -65.55 -69.23
CA ALA LC 67 68.27 -66.57 -68.98
C ALA LC 67 69.30 -66.04 -68.00
N ASN LC 68 69.74 -66.89 -67.07
CA ASN LC 68 70.69 -66.48 -66.06
C ASN LC 68 71.71 -67.59 -65.87
N LEU LC 69 72.99 -67.24 -65.98
CA LEU LC 69 74.10 -68.16 -65.73
C LEU LC 69 74.90 -67.64 -64.56
N ARG LC 70 74.92 -68.40 -63.46
CA ARG LC 70 75.42 -67.97 -62.17
C ARG LC 70 76.54 -68.88 -61.70
N LYS LC 71 77.51 -68.29 -61.00
CA LYS LC 71 78.47 -69.04 -60.20
C LYS LC 71 78.57 -68.36 -58.84
N VAL LC 72 78.33 -69.12 -57.78
CA VAL LC 72 78.42 -68.62 -56.42
C VAL LC 72 79.83 -68.87 -55.90
N VAL LC 73 80.36 -67.93 -55.13
CA VAL LC 73 81.67 -68.08 -54.52
C VAL LC 73 81.57 -67.64 -53.06
N LEU LC 74 82.28 -68.34 -52.19
CA LEU LC 74 82.28 -68.07 -50.77
C LEU LC 74 83.49 -67.23 -50.38
N ASP LC 75 83.28 -66.30 -49.44
CA ASP LC 75 84.38 -65.50 -48.91
C ASP LC 75 85.36 -66.38 -48.15
N GLU LC 76 86.65 -66.09 -48.30
CA GLU LC 76 87.66 -66.91 -47.66
C GLU LC 76 87.52 -66.89 -46.14
N LYS LC 77 87.27 -65.71 -45.57
CA LYS LC 77 87.18 -65.57 -44.12
C LYS LC 77 85.75 -65.77 -43.63
N THR LC 78 84.82 -64.96 -44.13
CA THR LC 78 83.46 -64.94 -43.60
C THR LC 78 82.58 -66.07 -44.12
N ASN LC 79 82.99 -66.75 -45.20
CA ASN LC 79 82.19 -67.79 -45.85
C ASN LC 79 80.83 -67.29 -46.31
N LEU LC 80 80.64 -65.97 -46.36
CA LEU LC 80 79.44 -65.38 -46.94
C LEU LC 80 79.47 -65.55 -48.45
N PRO LC 81 78.37 -65.92 -49.06
CA PRO LC 81 78.35 -66.14 -50.51
C PRO LC 81 78.08 -64.86 -51.26
N SER LC 82 78.85 -64.58 -52.29
CA SER LC 82 78.47 -63.62 -53.30
C SER LC 82 78.52 -64.30 -54.65
N THR LC 83 77.66 -63.86 -55.55
CA THR LC 83 77.43 -64.58 -56.80
C THR LC 83 77.71 -63.69 -58.02
N GLY LC 84 78.37 -64.27 -59.01
CA GLY LC 84 78.65 -63.59 -60.27
C GLY LC 84 77.77 -64.19 -61.36
N SER LC 85 77.28 -63.34 -62.26
CA SER LC 85 76.22 -63.81 -63.14
C SER LC 85 76.19 -63.05 -64.47
N VAL LC 86 75.94 -63.80 -65.54
CA VAL LC 86 75.60 -63.23 -66.84
C VAL LC 86 74.14 -63.53 -67.12
N THR LC 87 73.34 -62.51 -67.29
CA THR LC 87 71.91 -62.68 -67.53
C THR LC 87 71.50 -62.01 -68.84
N ILE LC 88 70.59 -62.65 -69.56
CA ILE LC 88 70.20 -62.26 -70.91
C ILE LC 88 68.68 -62.14 -70.96
N GLN LC 89 68.20 -61.07 -71.58
CA GLN LC 89 66.80 -60.90 -71.93
C GLN LC 89 66.66 -60.70 -73.43
N VAL LC 90 65.87 -61.58 -74.05
CA VAL LC 90 65.55 -61.49 -75.47
C VAL LC 90 64.11 -61.04 -75.60
N SER LC 91 63.87 -59.98 -76.37
CA SER LC 91 62.54 -59.44 -76.60
C SER LC 91 62.24 -59.52 -78.08
N ILE LC 92 61.28 -60.38 -78.44
CA ILE LC 92 60.92 -60.72 -79.81
C ILE LC 92 59.55 -60.11 -80.10
N PRO LC 93 59.45 -59.10 -80.96
CA PRO LC 93 58.14 -58.55 -81.31
C PRO LC 93 57.29 -59.53 -82.12
N ARG LC 94 56.00 -59.20 -82.21
CA ARG LC 94 55.06 -60.05 -82.92
C ARG LC 94 54.57 -59.46 -84.24
N ASN LC 95 54.92 -58.22 -84.55
CA ASN LC 95 54.66 -57.68 -85.88
C ASN LC 95 55.30 -58.58 -86.92
N PRO LC 96 54.55 -59.04 -87.93
CA PRO LC 96 55.13 -59.97 -88.93
C PRO LC 96 56.34 -59.41 -89.64
N ALA LC 97 56.63 -58.13 -89.45
CA ALA LC 97 57.83 -57.51 -89.97
C ALA LC 97 59.08 -57.88 -89.18
N TRP LC 98 58.97 -58.77 -88.19
CA TRP LC 98 60.09 -59.33 -87.48
C TRP LC 98 60.28 -60.79 -87.88
N ASN LC 99 61.52 -61.28 -87.77
CA ASN LC 99 61.84 -62.65 -88.14
C ASN LC 99 62.65 -63.35 -87.07
N ALA LC 100 62.46 -64.66 -86.99
CA ALA LC 100 63.39 -65.48 -86.24
C ALA LC 100 64.82 -65.24 -86.72
N SER LC 101 65.00 -64.95 -88.01
CA SER LC 101 66.34 -64.65 -88.51
C SER LC 101 66.90 -63.41 -87.83
N MET LC 102 66.04 -62.42 -87.58
CA MET LC 102 66.49 -61.20 -86.90
C MET LC 102 66.82 -61.49 -85.44
N THR LC 103 66.00 -62.32 -84.78
CA THR LC 103 66.32 -62.76 -83.42
C THR LC 103 67.69 -63.43 -83.37
N VAL LC 104 67.91 -64.39 -84.27
CA VAL LC 104 69.18 -65.11 -84.28
C VAL LC 104 70.33 -64.17 -84.61
N SER LC 105 70.10 -63.20 -85.50
CA SER LC 105 71.16 -62.25 -85.84
C SER LC 105 71.57 -61.45 -84.62
N LEU LC 106 70.60 -60.98 -83.84
CA LEU LC 106 70.94 -60.26 -82.61
C LEU LC 106 71.68 -61.16 -81.63
N LEU LC 107 71.25 -62.41 -81.50
CA LEU LC 107 71.95 -63.32 -80.59
C LEU LC 107 73.40 -63.52 -81.02
N LYS LC 108 73.63 -63.74 -82.32
CA LYS LC 108 74.98 -63.97 -82.81
C LYS LC 108 75.84 -62.72 -82.63
N GLN LC 109 75.27 -61.53 -82.86
CA GLN LC 109 76.04 -60.31 -82.70
C GLN LC 109 76.40 -60.08 -81.24
N ALA LC 110 75.47 -60.34 -80.33
CA ALA LC 110 75.78 -60.23 -78.91
C ALA LC 110 76.88 -61.21 -78.51
N ALA LC 111 76.81 -62.43 -79.03
CA ALA LC 111 77.87 -63.40 -78.76
C ALA LC 111 79.21 -62.90 -79.26
N ASP LC 112 79.23 -62.32 -80.47
CA ASP LC 112 80.49 -61.80 -81.01
C ASP LC 112 81.01 -60.66 -80.15
N TYR LC 113 80.14 -59.74 -79.74
CA TYR LC 113 80.61 -58.50 -79.14
C TYR LC 113 80.93 -58.63 -77.66
N LEU LC 114 80.21 -59.49 -76.93
CA LEU LC 114 80.48 -59.65 -75.50
C LEU LC 114 81.25 -60.91 -75.16
N ALA LC 115 81.22 -61.93 -76.01
CA ALA LC 115 81.96 -63.15 -75.76
C ALA LC 115 83.06 -63.43 -76.77
N GLY LC 116 83.02 -62.82 -77.94
CA GLY LC 116 84.04 -63.03 -78.95
C GLY LC 116 84.05 -64.45 -79.49
N THR LC 117 82.88 -64.95 -79.90
CA THR LC 117 82.75 -66.34 -80.34
C THR LC 117 82.10 -66.50 -81.72
N SER LC 118 81.86 -65.41 -82.44
CA SER LC 118 81.25 -65.49 -83.76
C SER LC 118 82.00 -66.44 -84.70
N ALA LC 119 81.28 -66.93 -85.71
CA ALA LC 119 81.87 -67.70 -86.79
C ALA LC 119 82.80 -66.83 -87.63
N THR LC 120 83.62 -67.47 -88.45
CA THR LC 120 84.61 -66.73 -89.23
C THR LC 120 83.99 -66.20 -90.52
N VAL LC 121 84.16 -64.90 -90.75
CA VAL LC 121 83.70 -64.20 -91.95
C VAL LC 121 84.78 -63.20 -92.33
N SER LC 122 85.04 -63.08 -93.63
CA SER LC 122 86.04 -62.13 -94.12
C SER LC 122 85.66 -60.72 -93.70
N GLY LC 123 86.61 -60.01 -93.09
CA GLY LC 123 86.40 -58.65 -92.68
C GLY LC 123 85.78 -58.47 -91.31
N GLN LC 124 85.65 -59.53 -90.51
CA GLN LC 124 85.03 -59.38 -89.21
C GLN LC 124 86.04 -58.75 -88.28
N THR LC 125 85.57 -57.98 -87.29
CA THR LC 125 86.53 -57.46 -86.33
C THR LC 125 86.92 -58.55 -85.35
N ASP LC 126 88.19 -58.52 -84.95
CA ASP LC 126 88.73 -59.51 -84.02
C ASP LC 126 88.19 -59.23 -82.63
N THR LC 127 87.30 -60.10 -82.17
CA THR LC 127 86.64 -59.95 -80.88
C THR LC 127 87.19 -60.89 -79.83
N SER LC 128 88.32 -61.55 -80.12
CA SER LC 128 88.85 -62.56 -79.22
C SER LC 128 89.16 -61.98 -77.83
N GLY LC 129 89.72 -60.78 -77.79
CA GLY LC 129 90.07 -60.17 -76.53
C GLY LC 129 88.98 -59.38 -75.87
N PHE LC 130 87.84 -59.27 -76.54
CA PHE LC 130 86.74 -58.50 -75.97
C PHE LC 130 86.22 -59.05 -74.65
N PRO LC 131 86.03 -60.36 -74.46
CA PRO LC 131 85.58 -60.83 -73.13
C PRO LC 131 86.56 -60.47 -72.03
N ALA LC 132 87.86 -60.54 -72.30
CA ALA LC 132 88.84 -60.09 -71.34
C ALA LC 132 88.66 -58.61 -71.01
N LYS LC 133 88.54 -57.77 -72.04
CA LYS LC 133 88.35 -56.35 -71.80
C LYS LC 133 87.08 -56.07 -71.01
N TRP LC 134 86.00 -56.80 -71.30
CA TRP LC 134 84.77 -56.62 -70.55
C TRP LC 134 84.97 -57.00 -69.08
N ALA LC 135 85.57 -58.16 -68.83
CA ALA LC 135 85.83 -58.60 -67.47
C ALA LC 135 86.68 -57.60 -66.72
N GLY LC 136 87.50 -56.83 -67.43
CA GLY LC 136 88.21 -55.71 -66.83
C GLY LC 136 87.46 -54.41 -66.77
N LEU LC 137 86.18 -54.39 -67.16
CA LEU LC 137 85.38 -53.15 -67.23
C LEU LC 137 86.03 -52.13 -68.16
N MET LC 138 86.32 -52.56 -69.38
CA MET LC 138 86.91 -51.70 -70.40
C MET LC 138 86.13 -51.88 -71.69
N PHE LC 139 85.71 -50.78 -72.29
CA PHE LC 139 85.01 -50.88 -73.57
C PHE LC 139 85.98 -51.37 -74.64
N PRO LC 140 85.59 -52.34 -75.46
CA PRO LC 140 86.39 -52.87 -76.56
C PRO LC 140 86.72 -51.78 -77.58
N ALA MC 1 -109.61 -65.06 7.37
CA ALA MC 1 -109.07 -66.00 8.35
C ALA MC 1 -110.11 -66.38 9.41
N ALA MC 2 -110.00 -67.61 9.91
CA ALA MC 2 -110.91 -68.07 10.95
C ALA MC 2 -110.68 -67.30 12.25
N PRO MC 3 -111.74 -66.98 12.98
CA PRO MC 3 -111.56 -66.18 14.21
C PRO MC 3 -110.96 -66.98 15.35
N SER MC 4 -111.12 -68.30 15.35
CA SER MC 4 -110.62 -69.12 16.43
C SER MC 4 -110.47 -70.55 15.95
N LEU MC 5 -109.65 -71.31 16.65
CA LEU MC 5 -109.27 -72.66 16.26
C LEU MC 5 -109.20 -73.55 17.48
N ALA MC 6 -109.62 -74.80 17.32
CA ALA MC 6 -109.44 -75.83 18.33
C ALA MC 6 -108.65 -76.95 17.66
N LEU MC 7 -107.33 -76.91 17.80
CA LEU MC 7 -106.47 -77.87 17.14
C LEU MC 7 -106.19 -79.04 18.07
N VAL MC 8 -105.90 -80.20 17.51
CA VAL MC 8 -105.60 -81.37 18.32
C VAL MC 8 -104.09 -81.47 18.52
N GLY MC 9 -103.67 -81.59 19.79
CA GLY MC 9 -102.29 -81.84 20.16
C GLY MC 9 -102.24 -82.96 21.18
N ALA MC 10 -101.19 -82.94 22.00
CA ALA MC 10 -100.95 -84.00 22.97
C ALA MC 10 -100.59 -83.40 24.33
N ASN MC 11 -101.09 -84.04 25.40
CA ASN MC 11 -100.77 -83.67 26.77
C ASN MC 11 -99.49 -84.39 27.19
N SER MC 12 -99.20 -84.36 28.49
CA SER MC 12 -98.01 -85.04 28.99
C SER MC 12 -98.11 -86.56 28.83
N THR MC 13 -99.34 -87.11 28.80
CA THR MC 13 -99.59 -88.52 28.56
C THR MC 13 -99.50 -88.87 27.07
N LEU MC 14 -99.43 -87.87 26.20
CA LEU MC 14 -99.54 -87.99 24.74
C LEU MC 14 -100.95 -88.38 24.30
N ALA MC 15 -101.94 -88.22 25.17
CA ALA MC 15 -103.32 -88.38 24.77
C ALA MC 15 -103.79 -87.16 23.98
N SER MC 16 -104.70 -87.39 23.04
CA SER MC 16 -105.16 -86.31 22.17
C SER MC 16 -105.94 -85.27 22.99
N THR MC 17 -105.47 -84.02 22.97
CA THR MC 17 -106.03 -82.95 23.76
C THR MC 17 -106.27 -81.74 22.87
N LEU MC 18 -107.35 -81.01 23.14
CA LEU MC 18 -107.56 -79.78 22.39
C LEU MC 18 -106.62 -78.69 22.87
N VAL MC 19 -106.22 -77.84 21.93
CA VAL MC 19 -105.45 -76.63 22.20
C VAL MC 19 -106.11 -75.49 21.44
N ASN MC 20 -106.46 -74.43 22.15
CA ASN MC 20 -107.35 -73.41 21.65
C ASN MC 20 -106.55 -72.17 21.26
N TYR MC 21 -106.70 -71.74 20.02
CA TYR MC 21 -106.10 -70.52 19.52
C TYR MC 21 -107.20 -69.54 19.15
N SER MC 22 -106.90 -68.25 19.24
CA SER MC 22 -107.80 -67.20 18.77
C SER MC 22 -107.01 -66.20 17.97
N LEU MC 23 -107.68 -65.57 17.02
CA LEU MC 23 -107.02 -64.68 16.06
C LEU MC 23 -106.56 -63.42 16.77
N ARG MC 24 -105.24 -63.26 16.90
CA ARG MC 24 -104.69 -61.98 17.35
C ARG MC 24 -104.82 -60.92 16.28
N SER MC 25 -104.23 -61.16 15.11
CA SER MC 25 -104.29 -60.11 14.09
C SER MC 25 -104.12 -60.69 12.70
N GLN MC 26 -104.85 -60.13 11.74
CA GLN MC 26 -104.62 -60.41 10.33
C GLN MC 26 -104.01 -59.18 9.68
N ASN MC 27 -102.78 -59.34 9.21
CA ASN MC 27 -102.15 -58.45 8.26
C ASN MC 27 -102.40 -58.99 6.85
N GLY MC 28 -102.08 -58.19 5.84
CA GLY MC 28 -102.32 -58.62 4.48
C GLY MC 28 -101.53 -59.87 4.11
N ASN MC 29 -102.24 -60.96 3.85
CA ASN MC 29 -101.62 -62.27 3.60
C ASN MC 29 -100.76 -62.72 4.77
N ASN MC 30 -101.18 -62.37 5.99
CA ASN MC 30 -100.44 -62.77 7.17
C ASN MC 30 -101.42 -62.90 8.33
N VAL MC 31 -101.27 -63.95 9.13
CA VAL MC 31 -102.22 -64.23 10.21
C VAL MC 31 -101.45 -64.65 11.44
N ASP MC 32 -101.83 -64.08 12.60
CA ASP MC 32 -101.24 -64.39 13.89
C ASP MC 32 -102.32 -64.81 14.87
N TYR MC 33 -102.20 -66.05 15.37
CA TYR MC 33 -103.07 -66.64 16.39
C TYR MC 33 -102.31 -66.81 17.69
N VAL MC 34 -103.06 -66.77 18.80
CA VAL MC 34 -102.51 -66.90 20.15
C VAL MC 34 -103.28 -67.97 20.90
N CYS MC 35 -102.59 -68.74 21.72
CA CYS MC 35 -103.24 -69.79 22.50
C CYS MC 35 -103.97 -69.18 23.68
N THR MC 36 -105.23 -69.57 23.85
CA THR MC 36 -106.11 -69.04 24.89
C THR MC 36 -106.26 -69.98 26.08
N ASP MC 37 -105.44 -71.02 26.16
CA ASP MC 37 -105.48 -71.94 27.29
C ASP MC 37 -104.73 -71.33 28.46
N PRO MC 38 -104.86 -71.90 29.65
CA PRO MC 38 -103.96 -71.52 30.76
C PRO MC 38 -102.50 -71.88 30.51
N ASP MC 39 -102.23 -72.78 29.56
CA ASP MC 39 -100.84 -73.17 29.25
C ASP MC 39 -100.02 -71.98 28.77
N SER MC 40 -100.60 -71.14 27.93
CA SER MC 40 -99.91 -69.97 27.43
C SER MC 40 -100.30 -68.75 28.24
N THR MC 41 -99.31 -67.92 28.53
CA THR MC 41 -99.47 -66.60 29.10
C THR MC 41 -98.72 -65.63 28.19
N LEU MC 42 -98.92 -64.33 28.44
CA LEU MC 42 -98.16 -63.35 27.66
C LEU MC 42 -96.66 -63.55 27.84
N SER MC 43 -96.23 -63.97 29.03
CA SER MC 43 -94.81 -64.16 29.29
C SER MC 43 -94.26 -65.35 28.53
N ALA MC 44 -95.01 -66.44 28.43
CA ALA MC 44 -94.59 -67.65 27.74
C ALA MC 44 -95.75 -68.15 26.88
N PRO MC 45 -95.94 -67.57 25.69
CA PRO MC 45 -97.15 -67.84 24.91
C PRO MC 45 -97.00 -69.03 23.98
N GLY MC 46 -98.16 -69.48 23.50
CA GLY MC 46 -98.25 -70.38 22.37
C GLY MC 46 -98.79 -69.59 21.18
N LEU MC 47 -98.14 -69.75 20.03
CA LEU MC 47 -98.38 -68.83 18.92
C LEU MC 47 -98.43 -69.58 17.61
N ILE MC 48 -99.17 -69.01 16.66
CA ILE MC 48 -99.22 -69.52 15.30
C ILE MC 48 -99.11 -68.33 14.34
N ASN MC 49 -98.35 -68.52 13.25
CA ASN MC 49 -98.14 -67.51 12.23
C ASN MC 49 -98.25 -68.16 10.86
N ALA MC 50 -98.95 -67.50 9.94
CA ALA MC 50 -99.13 -68.01 8.58
C ALA MC 50 -99.00 -66.89 7.57
N LYS MC 51 -98.14 -67.09 6.57
CA LYS MC 51 -97.77 -66.07 5.59
C LYS MC 51 -97.89 -66.63 4.18
N PHE MC 52 -98.12 -65.73 3.23
CA PHE MC 52 -98.25 -66.07 1.81
C PHE MC 52 -97.29 -65.22 0.98
N ASP MC 53 -96.26 -65.85 0.43
CA ASP MC 53 -95.37 -65.23 -0.55
C ASP MC 53 -95.95 -65.53 -1.93
N ILE MC 54 -96.75 -64.60 -2.44
CA ILE MC 54 -97.40 -64.75 -3.73
C ILE MC 54 -96.72 -63.83 -4.72
N LYS MC 55 -96.16 -64.41 -5.77
CA LYS MC 55 -95.44 -63.63 -6.77
C LYS MC 55 -96.44 -62.92 -7.68
N ALA MC 56 -95.93 -61.91 -8.40
CA ALA MC 56 -96.76 -61.16 -9.33
C ALA MC 56 -97.40 -62.11 -10.34
N PRO MC 57 -98.62 -61.81 -10.79
CA PRO MC 57 -99.30 -62.75 -11.70
C PRO MC 57 -98.59 -62.96 -13.02
N GLY MC 58 -97.89 -61.96 -13.54
CA GLY MC 58 -97.14 -62.16 -14.77
C GLY MC 58 -95.94 -63.08 -14.58
N ILE MC 59 -95.24 -62.94 -13.45
CA ILE MC 59 -94.00 -63.68 -13.19
C ILE MC 59 -94.32 -65.14 -12.90
N THR MC 60 -93.53 -66.05 -13.48
CA THR MC 60 -93.55 -67.45 -13.09
C THR MC 60 -92.50 -67.71 -12.01
N GLY MC 61 -92.90 -68.44 -10.99
CA GLY MC 61 -91.99 -68.85 -9.94
C GLY MC 61 -92.70 -69.90 -9.13
N ASN MC 62 -92.37 -69.96 -7.85
CA ASN MC 62 -93.12 -70.76 -6.89
C ASN MC 62 -93.84 -69.82 -5.93
N ASP MC 63 -95.12 -70.07 -5.71
CA ASP MC 63 -95.82 -69.45 -4.60
C ASP MC 63 -95.46 -70.20 -3.32
N ARG MC 64 -95.43 -69.47 -2.19
CA ARG MC 64 -94.96 -70.07 -0.95
C ARG MC 64 -95.91 -69.80 0.21
N ILE MC 65 -96.02 -70.79 1.09
CA ILE MC 65 -96.77 -70.70 2.34
C ILE MC 65 -95.79 -70.92 3.48
N HIS MC 66 -95.80 -70.03 4.46
CA HIS MC 66 -94.94 -70.14 5.64
C HIS MC 66 -95.80 -70.26 6.88
N ALA MC 67 -95.70 -71.37 7.59
CA ALA MC 67 -96.44 -71.58 8.82
C ALA MC 67 -95.47 -71.84 9.97
N ASN MC 68 -95.84 -71.38 11.15
CA ASN MC 68 -94.99 -71.50 12.33
C ASN MC 68 -95.86 -71.70 13.55
N LEU MC 69 -95.64 -72.80 14.27
CA LEU MC 69 -96.35 -73.11 15.51
C LEU MC 69 -95.33 -73.18 16.63
N ARG MC 70 -95.46 -72.27 17.61
CA ARG MC 70 -94.47 -72.06 18.65
C ARG MC 70 -95.08 -72.28 20.02
N LYS MC 71 -94.24 -72.73 20.96
CA LYS MC 71 -94.55 -72.70 22.38
C LYS MC 71 -93.31 -72.21 23.11
N VAL MC 72 -93.46 -71.11 23.86
CA VAL MC 72 -92.39 -70.56 24.66
C VAL MC 72 -92.45 -71.20 26.04
N VAL MC 73 -91.28 -71.47 26.62
CA VAL MC 73 -91.20 -72.01 27.97
C VAL MC 73 -90.15 -71.23 28.74
N LEU MC 74 -90.39 -71.06 30.04
CA LEU MC 74 -89.50 -70.34 30.92
C LEU MC 74 -88.65 -71.31 31.75
N ASP MC 75 -87.38 -70.99 31.90
CA ASP MC 75 -86.52 -71.78 32.77
C ASP MC 75 -86.95 -71.64 34.22
N GLU MC 76 -87.02 -72.76 34.93
CA GLU MC 76 -87.39 -72.70 36.35
C GLU MC 76 -86.42 -71.81 37.13
N LYS MC 77 -85.12 -71.98 36.89
CA LYS MC 77 -84.15 -71.25 37.69
C LYS MC 77 -83.98 -69.80 37.23
N THR MC 78 -83.87 -69.55 35.92
CA THR MC 78 -83.54 -68.21 35.44
C THR MC 78 -84.72 -67.44 34.86
N ASN MC 79 -85.87 -68.08 34.66
CA ASN MC 79 -87.03 -67.50 33.98
C ASN MC 79 -86.69 -66.97 32.59
N LEU MC 80 -85.54 -67.36 32.04
CA LEU MC 80 -85.20 -67.01 30.68
C LEU MC 80 -86.03 -67.84 29.71
N PRO MC 81 -86.54 -67.23 28.65
CA PRO MC 81 -87.42 -67.96 27.75
C PRO MC 81 -86.66 -68.65 26.64
N SER MC 82 -86.93 -69.92 26.42
CA SER MC 82 -86.53 -70.57 25.19
C SER MC 82 -87.77 -71.19 24.55
N THR MC 83 -87.76 -71.25 23.23
CA THR MC 83 -88.97 -71.57 22.49
C THR MC 83 -88.77 -72.83 21.66
N GLY MC 84 -89.83 -73.60 21.52
CA GLY MC 84 -89.84 -74.78 20.66
C GLY MC 84 -90.87 -74.61 19.56
N SER MC 85 -90.52 -75.05 18.36
CA SER MC 85 -91.35 -74.66 17.21
C SER MC 85 -91.34 -75.70 16.11
N VAL MC 86 -92.46 -75.76 15.39
CA VAL MC 86 -92.57 -76.50 14.13
C VAL MC 86 -92.90 -75.49 13.04
N THR MC 87 -92.02 -75.39 12.04
CA THR MC 87 -92.21 -74.50 10.91
C THR MC 87 -92.37 -75.31 9.63
N ILE MC 88 -93.19 -74.80 8.72
CA ILE MC 88 -93.59 -75.50 7.51
C ILE MC 88 -93.50 -74.52 6.35
N GLN MC 89 -92.92 -74.96 5.24
CA GLN MC 89 -92.85 -74.13 4.05
C GLN MC 89 -93.40 -74.96 2.90
N VAL MC 90 -94.45 -74.46 2.26
CA VAL MC 90 -95.06 -75.13 1.12
C VAL MC 90 -94.70 -74.31 -0.12
N SER MC 91 -94.02 -74.95 -1.08
CA SER MC 91 -93.63 -74.31 -2.34
C SER MC 91 -94.41 -74.96 -3.46
N ILE MC 92 -95.33 -74.19 -4.04
CA ILE MC 92 -96.27 -74.64 -5.07
C ILE MC 92 -95.85 -74.00 -6.39
N PRO MC 93 -95.51 -74.79 -7.41
CA PRO MC 93 -95.15 -74.20 -8.70
C PRO MC 93 -96.34 -73.70 -9.51
N ARG MC 94 -96.08 -72.67 -10.32
CA ARG MC 94 -97.10 -72.02 -11.13
C ARG MC 94 -97.29 -72.66 -12.51
N ASN MC 95 -96.91 -73.92 -12.66
CA ASN MC 95 -97.08 -74.65 -13.91
C ASN MC 95 -98.39 -75.46 -13.85
N PRO MC 96 -99.26 -75.36 -14.85
CA PRO MC 96 -100.51 -76.15 -14.82
C PRO MC 96 -100.29 -77.64 -14.67
N ALA MC 97 -99.08 -78.13 -14.90
CA ALA MC 97 -98.76 -79.53 -14.66
C ALA MC 97 -98.77 -79.89 -13.18
N TRP MC 98 -98.90 -78.91 -12.30
CA TRP MC 98 -99.07 -79.10 -10.87
C TRP MC 98 -100.48 -78.69 -10.48
N ASN MC 99 -101.03 -79.32 -9.46
CA ASN MC 99 -102.38 -78.94 -9.03
C ASN MC 99 -102.56 -79.12 -7.54
N ALA MC 100 -103.73 -78.67 -7.08
CA ALA MC 100 -104.01 -78.67 -5.66
C ALA MC 100 -104.04 -80.08 -5.09
N SER MC 101 -104.43 -81.07 -5.90
CA SER MC 101 -104.40 -82.44 -5.41
C SER MC 101 -102.98 -82.85 -5.03
N MET MC 102 -101.99 -82.38 -5.79
CA MET MC 102 -100.60 -82.70 -5.48
C MET MC 102 -100.13 -81.93 -4.25
N THR MC 103 -100.52 -80.65 -4.14
CA THR MC 103 -100.22 -79.91 -2.91
C THR MC 103 -100.75 -80.64 -1.68
N VAL MC 104 -102.01 -81.04 -1.74
CA VAL MC 104 -102.64 -81.74 -0.61
C VAL MC 104 -101.97 -83.07 -0.37
N SER MC 105 -101.57 -83.77 -1.44
CA SER MC 105 -100.91 -85.05 -1.28
C SER MC 105 -99.61 -84.90 -0.50
N LEU MC 106 -98.80 -83.88 -0.84
CA LEU MC 106 -97.59 -83.64 -0.08
C LEU MC 106 -97.91 -83.31 1.39
N LEU MC 107 -98.93 -82.49 1.61
CA LEU MC 107 -99.28 -82.16 2.99
C LEU MC 107 -99.67 -83.42 3.78
N LYS MC 108 -100.50 -84.28 3.18
CA LYS MC 108 -100.95 -85.49 3.86
C LYS MC 108 -99.78 -86.43 4.14
N GLN MC 109 -98.85 -86.55 3.18
CA GLN MC 109 -97.71 -87.44 3.39
C GLN MC 109 -96.81 -86.92 4.50
N ALA MC 110 -96.57 -85.61 4.52
CA ALA MC 110 -95.77 -85.04 5.60
C ALA MC 110 -96.44 -85.27 6.95
N ALA MC 111 -97.78 -85.10 7.00
CA ALA MC 111 -98.51 -85.37 8.22
C ALA MC 111 -98.33 -86.82 8.67
N ASP MC 112 -98.51 -87.76 7.75
CA ASP MC 112 -98.33 -89.17 8.09
C ASP MC 112 -96.91 -89.43 8.60
N TYR MC 113 -95.90 -88.88 7.94
CA TYR MC 113 -94.54 -89.31 8.24
C TYR MC 113 -93.94 -88.61 9.46
N LEU MC 114 -94.38 -87.39 9.78
CA LEU MC 114 -93.82 -86.70 10.94
C LEU MC 114 -94.75 -86.60 12.13
N ALA MC 115 -96.07 -86.69 11.92
CA ALA MC 115 -97.01 -86.67 13.03
C ALA MC 115 -97.75 -87.98 13.21
N GLY MC 116 -97.76 -88.85 12.19
CA GLY MC 116 -98.45 -90.11 12.28
C GLY MC 116 -99.94 -89.95 12.42
N THR MC 117 -100.56 -89.16 11.54
CA THR MC 117 -101.99 -88.88 11.63
C THR MC 117 -102.76 -89.14 10.34
N SER MC 118 -102.17 -89.83 9.36
CA SER MC 118 -102.87 -90.15 8.12
C SER MC 118 -104.19 -90.89 8.38
N ALA MC 119 -105.07 -90.84 7.38
CA ALA MC 119 -106.29 -91.63 7.39
C ALA MC 119 -105.97 -93.11 7.19
N THR MC 120 -106.88 -93.95 7.65
CA THR MC 120 -106.65 -95.40 7.56
C THR MC 120 -106.77 -95.85 6.11
N VAL MC 121 -105.73 -96.52 5.63
CA VAL MC 121 -105.64 -97.04 4.26
C VAL MC 121 -104.87 -98.34 4.32
N SER MC 122 -105.40 -99.40 3.73
CA SER MC 122 -104.79 -100.71 3.89
C SER MC 122 -103.40 -100.73 3.27
N GLY MC 123 -102.45 -101.29 4.00
CA GLY MC 123 -101.07 -101.35 3.55
C GLY MC 123 -100.20 -100.20 3.99
N GLN MC 124 -100.77 -99.21 4.67
CA GLN MC 124 -99.98 -98.09 5.19
C GLN MC 124 -99.06 -98.57 6.30
N THR MC 125 -97.88 -97.97 6.36
CA THR MC 125 -97.01 -98.26 7.49
C THR MC 125 -97.58 -97.61 8.76
N ASP MC 126 -97.37 -98.27 9.89
CA ASP MC 126 -97.88 -97.80 11.17
C ASP MC 126 -96.99 -96.66 11.63
N THR MC 127 -97.46 -95.44 11.40
CA THR MC 127 -96.72 -94.23 11.69
C THR MC 127 -97.03 -93.66 13.06
N SER MC 128 -97.78 -94.40 13.88
CA SER MC 128 -98.25 -93.86 15.15
C SER MC 128 -97.10 -93.49 16.07
N GLY MC 129 -96.03 -94.28 16.07
CA GLY MC 129 -94.91 -94.01 16.96
C GLY MC 129 -93.87 -93.08 16.40
N PHE MC 130 -94.03 -92.69 15.14
CA PHE MC 130 -93.05 -91.82 14.51
C PHE MC 130 -92.88 -90.48 15.21
N PRO MC 131 -93.94 -89.78 15.64
CA PRO MC 131 -93.70 -88.52 16.35
C PRO MC 131 -92.88 -88.70 17.62
N ALA MC 132 -93.12 -89.79 18.36
CA ALA MC 132 -92.28 -90.10 19.51
C ALA MC 132 -90.82 -90.27 19.08
N LYS MC 133 -90.57 -91.07 18.04
CA LYS MC 133 -89.20 -91.28 17.60
C LYS MC 133 -88.55 -89.96 17.16
N TRP MC 134 -89.29 -89.12 16.43
CA TRP MC 134 -88.73 -87.84 16.01
C TRP MC 134 -88.37 -86.98 17.22
N ALA MC 135 -89.28 -86.89 18.20
CA ALA MC 135 -89.02 -86.12 19.41
C ALA MC 135 -87.84 -86.69 20.19
N GLY MC 136 -87.46 -87.93 19.91
CA GLY MC 136 -86.22 -88.47 20.46
C GLY MC 136 -84.99 -88.31 19.58
N LEU MC 137 -85.10 -87.58 18.46
CA LEU MC 137 -84.05 -87.50 17.45
C LEU MC 137 -83.61 -88.88 16.96
N MET MC 138 -84.60 -89.68 16.55
CA MET MC 138 -84.39 -91.02 16.02
C MET MC 138 -85.16 -91.14 14.71
N PHE MC 139 -84.50 -91.64 13.68
CA PHE MC 139 -85.20 -91.86 12.43
C PHE MC 139 -86.19 -93.01 12.60
N PRO MC 140 -87.43 -92.88 12.11
CA PRO MC 140 -88.42 -93.95 12.17
C PRO MC 140 -87.93 -95.20 11.45
N ALA NC 1 -114.80 -55.41 4.56
CA ALA NC 1 -115.00 -55.75 3.15
C ALA NC 1 -115.85 -57.00 2.99
N ALA NC 2 -116.54 -57.11 1.87
CA ALA NC 2 -117.40 -58.26 1.61
C ALA NC 2 -116.55 -59.53 1.52
N PRO NC 3 -116.93 -60.61 2.21
CA PRO NC 3 -116.11 -61.83 2.17
C PRO NC 3 -116.12 -62.53 0.83
N SER NC 4 -117.14 -62.30 -0.01
CA SER NC 4 -117.20 -62.93 -1.31
C SER NC 4 -118.07 -62.09 -2.23
N LEU NC 5 -117.86 -62.29 -3.53
CA LEU NC 5 -118.50 -61.51 -4.57
C LEU NC 5 -118.92 -62.40 -5.73
N ALA NC 6 -120.07 -62.08 -6.32
CA ALA NC 6 -120.53 -62.74 -7.53
C ALA NC 6 -120.77 -61.64 -8.56
N LEU NC 7 -119.76 -61.37 -9.38
CA LEU NC 7 -119.81 -60.27 -10.32
C LEU NC 7 -120.26 -60.79 -11.69
N VAL NC 8 -120.82 -59.89 -12.50
CA VAL NC 8 -121.27 -60.26 -13.83
C VAL NC 8 -120.17 -59.95 -14.84
N GLY NC 9 -119.83 -60.95 -15.65
CA GLY NC 9 -118.93 -60.78 -16.77
C GLY NC 9 -119.51 -61.43 -18.00
N ALA NC 10 -118.67 -61.79 -18.97
CA ALA NC 10 -119.13 -62.35 -20.22
C ALA NC 10 -118.42 -63.67 -20.51
N ASN NC 11 -119.18 -64.64 -21.00
CA ASN NC 11 -118.63 -65.93 -21.42
C ASN NC 11 -118.00 -65.77 -22.81
N SER NC 12 -117.62 -66.89 -23.43
CA SER NC 12 -117.04 -66.84 -24.76
C SER NC 12 -118.00 -66.27 -25.79
N THR NC 13 -119.31 -66.30 -25.52
CA THR NC 13 -120.32 -65.78 -26.42
C THR NC 13 -120.77 -64.38 -26.05
N LEU NC 14 -120.18 -63.79 -25.00
CA LEU NC 14 -120.52 -62.47 -24.48
C LEU NC 14 -121.87 -62.46 -23.76
N ALA NC 15 -122.39 -63.63 -23.39
CA ALA NC 15 -123.57 -63.68 -22.55
C ALA NC 15 -123.19 -63.40 -21.10
N SER NC 16 -124.10 -62.74 -20.38
CA SER NC 16 -123.84 -62.40 -19.00
C SER NC 16 -123.69 -63.67 -18.17
N THR NC 17 -122.56 -63.79 -17.47
CA THR NC 17 -122.21 -64.98 -16.70
C THR NC 17 -121.64 -64.56 -15.37
N LEU NC 18 -121.97 -65.28 -14.31
CA LEU NC 18 -121.36 -64.95 -13.02
C LEU NC 18 -119.90 -65.37 -12.98
N VAL NC 19 -119.13 -64.59 -12.21
CA VAL NC 19 -117.73 -64.85 -11.92
C VAL NC 19 -117.54 -64.64 -10.44
N ASN NC 20 -117.05 -65.66 -9.76
CA ASN NC 20 -117.08 -65.74 -8.30
C ASN NC 20 -115.71 -65.43 -7.73
N TYR NC 21 -115.66 -64.45 -6.85
CA TYR NC 21 -114.44 -64.06 -6.16
C TYR NC 21 -114.64 -64.26 -4.66
N SER NC 22 -113.55 -64.54 -3.97
CA SER NC 22 -113.54 -64.65 -2.51
C SER NC 22 -112.39 -63.82 -1.96
N LEU NC 23 -112.61 -63.26 -0.77
CA LEU NC 23 -111.66 -62.35 -0.15
C LEU NC 23 -110.47 -63.11 0.39
N ARG NC 24 -109.29 -62.86 -0.17
CA ARG NC 24 -108.09 -63.55 0.28
C ARG NC 24 -107.54 -62.92 1.57
N SER NC 25 -107.35 -61.60 1.58
CA SER NC 25 -106.85 -60.92 2.77
C SER NC 25 -107.19 -59.44 2.68
N GLN NC 26 -106.87 -58.71 3.75
CA GLN NC 26 -107.05 -57.26 3.79
C GLN NC 26 -105.85 -56.65 4.51
N ASN NC 27 -105.09 -55.83 3.79
CA ASN NC 27 -103.92 -55.10 4.27
C ASN NC 27 -104.30 -53.64 4.53
N GLY NC 28 -103.29 -52.80 4.75
CA GLY NC 28 -103.50 -51.39 4.93
C GLY NC 28 -104.16 -50.75 3.73
N ASN NC 29 -105.41 -50.34 3.91
CA ASN NC 29 -106.18 -49.61 2.91
C ASN NC 29 -106.23 -50.35 1.57
N ASN NC 30 -106.38 -51.67 1.62
CA ASN NC 30 -106.49 -52.42 0.38
C ASN NC 30 -107.24 -53.73 0.65
N VAL NC 31 -107.59 -54.40 -0.44
CA VAL NC 31 -108.43 -55.60 -0.43
C VAL NC 31 -108.01 -56.45 -1.61
N ASP NC 32 -107.87 -57.76 -1.37
CA ASP NC 32 -107.40 -58.73 -2.37
C ASP NC 32 -108.42 -59.85 -2.50
N TYR NC 33 -108.99 -59.99 -3.70
CA TYR NC 33 -109.94 -61.05 -4.02
C TYR NC 33 -109.35 -61.98 -5.08
N VAL NC 34 -109.77 -63.25 -5.01
CA VAL NC 34 -109.30 -64.30 -5.91
C VAL NC 34 -110.51 -64.99 -6.51
N CYS NC 35 -110.42 -65.37 -7.78
CA CYS NC 35 -111.52 -66.05 -8.45
C CYS NC 35 -111.55 -67.51 -8.02
N THR NC 36 -112.75 -68.00 -7.65
CA THR NC 36 -112.95 -69.34 -7.14
C THR NC 36 -113.59 -70.29 -8.15
N ASP NC 37 -113.73 -69.85 -9.40
CA ASP NC 37 -114.28 -70.69 -10.43
C ASP NC 37 -113.26 -71.76 -10.81
N PRO NC 38 -113.69 -72.78 -11.56
CA PRO NC 38 -112.72 -73.80 -12.01
C PRO NC 38 -111.69 -73.28 -13.01
N ASP NC 39 -112.04 -72.28 -13.82
CA ASP NC 39 -111.13 -71.81 -14.87
C ASP NC 39 -109.92 -71.05 -14.32
N SER NC 40 -109.98 -70.58 -13.07
CA SER NC 40 -108.84 -69.89 -12.45
C SER NC 40 -108.11 -70.86 -11.53
N THR NC 41 -106.79 -70.93 -11.70
CA THR NC 41 -105.91 -71.74 -10.89
C THR NC 41 -104.69 -70.89 -10.55
N LEU NC 42 -103.83 -71.41 -9.68
CA LEU NC 42 -102.65 -70.62 -9.31
C LEU NC 42 -101.76 -70.36 -10.52
N SER NC 43 -101.79 -71.26 -11.51
CA SER NC 43 -101.00 -71.07 -12.72
C SER NC 43 -101.54 -69.89 -13.53
N ALA NC 44 -102.86 -69.72 -13.58
CA ALA NC 44 -103.48 -68.64 -14.35
C ALA NC 44 -104.72 -68.15 -13.61
N PRO NC 45 -104.53 -67.30 -12.59
CA PRO NC 45 -105.63 -66.90 -11.72
C PRO NC 45 -106.40 -65.69 -12.25
N GLY NC 46 -107.56 -65.46 -11.64
CA GLY NC 46 -108.29 -64.21 -11.77
C GLY NC 46 -108.23 -63.48 -10.43
N LEU NC 47 -107.96 -62.17 -10.50
CA LEU NC 47 -107.65 -61.41 -9.30
C LEU NC 47 -108.34 -60.06 -9.33
N ILE NC 48 -108.70 -59.55 -8.16
CA ILE NC 48 -109.20 -58.19 -8.01
C ILE NC 48 -108.51 -57.55 -6.81
N ASN NC 49 -108.11 -56.29 -6.96
CA ASN NC 49 -107.35 -55.59 -5.94
C ASN NC 49 -107.84 -54.15 -5.83
N ALA NC 50 -108.01 -53.67 -4.60
CA ALA NC 50 -108.49 -52.31 -4.39
C ALA NC 50 -107.69 -51.64 -3.28
N LYS NC 51 -107.43 -50.35 -3.43
CA LYS NC 51 -106.59 -49.60 -2.50
C LYS NC 51 -107.10 -48.17 -2.38
N PHE NC 52 -106.99 -47.59 -1.18
CA PHE NC 52 -107.31 -46.19 -0.96
C PHE NC 52 -106.03 -45.41 -0.62
N ASP NC 53 -105.81 -44.32 -1.33
CA ASP NC 53 -104.83 -43.29 -0.96
C ASP NC 53 -105.64 -42.16 -0.34
N ILE NC 54 -105.61 -42.06 0.98
CA ILE NC 54 -106.46 -41.15 1.73
C ILE NC 54 -105.61 -40.01 2.27
N LYS NC 55 -105.92 -38.79 1.86
CA LYS NC 55 -105.14 -37.66 2.30
C LYS NC 55 -105.65 -37.17 3.66
N ALA NC 56 -104.84 -36.33 4.31
CA ALA NC 56 -105.11 -35.90 5.66
C ALA NC 56 -106.44 -35.15 5.75
N PRO NC 57 -107.02 -35.06 6.95
CA PRO NC 57 -108.28 -34.31 7.08
C PRO NC 57 -108.12 -32.87 6.64
N GLY NC 58 -109.17 -32.34 6.05
CA GLY NC 58 -109.19 -31.01 5.50
C GLY NC 58 -109.94 -31.01 4.19
N ILE NC 59 -109.94 -29.87 3.51
CA ILE NC 59 -110.59 -29.77 2.22
C ILE NC 59 -109.60 -29.55 1.08
N THR NC 60 -108.31 -29.73 1.34
CA THR NC 60 -107.29 -29.34 0.38
C THR NC 60 -107.03 -30.40 -0.67
N GLY NC 61 -107.02 -31.68 -0.28
CA GLY NC 61 -106.42 -32.70 -1.09
C GLY NC 61 -107.32 -33.32 -2.14
N ASN NC 62 -106.84 -34.45 -2.67
CA ASN NC 62 -107.55 -35.33 -3.59
C ASN NC 62 -107.37 -36.77 -3.11
N ASP NC 63 -108.46 -37.39 -2.64
CA ASP NC 63 -108.43 -38.80 -2.29
C ASP NC 63 -108.40 -39.64 -3.57
N ARG NC 64 -107.87 -40.86 -3.47
CA ARG NC 64 -107.76 -41.72 -4.65
C ARG NC 64 -108.16 -43.15 -4.33
N ILE NC 65 -108.81 -43.79 -5.30
CA ILE NC 65 -109.19 -45.20 -5.26
C ILE NC 65 -108.48 -45.88 -6.42
N HIS NC 66 -107.85 -47.02 -6.15
CA HIS NC 66 -107.17 -47.82 -7.18
C HIS NC 66 -107.80 -49.20 -7.20
N ALA NC 67 -108.41 -49.56 -8.31
CA ALA NC 67 -108.94 -50.90 -8.52
C ALA NC 67 -108.21 -51.56 -9.67
N ASN NC 68 -108.12 -52.89 -9.62
CA ASN NC 68 -107.40 -53.63 -10.64
C ASN NC 68 -108.02 -55.00 -10.77
N LEU NC 69 -108.55 -55.32 -11.96
CA LEU NC 69 -109.16 -56.60 -12.25
C LEU NC 69 -108.32 -57.29 -13.31
N ARG NC 70 -107.72 -58.42 -12.95
CA ARG NC 70 -106.77 -59.11 -13.81
C ARG NC 70 -107.21 -60.55 -14.06
N LYS NC 71 -106.81 -61.06 -15.22
CA LYS NC 71 -106.92 -62.48 -15.54
C LYS NC 71 -105.67 -62.92 -16.28
N VAL NC 72 -105.06 -64.00 -15.81
CA VAL NC 72 -103.86 -64.55 -16.43
C VAL NC 72 -104.27 -65.67 -17.38
N VAL NC 73 -103.56 -65.77 -18.51
CA VAL NC 73 -103.83 -66.81 -19.49
C VAL NC 73 -102.50 -67.41 -19.91
N LEU NC 74 -102.54 -68.70 -20.27
CA LEU NC 74 -101.35 -69.43 -20.67
C LEU NC 74 -101.38 -69.73 -22.16
N ASP NC 75 -100.24 -69.58 -22.82
CA ASP NC 75 -100.12 -69.86 -24.25
C ASP NC 75 -100.37 -71.34 -24.52
N GLU NC 76 -101.18 -71.63 -25.55
CA GLU NC 76 -101.46 -73.03 -25.89
C GLU NC 76 -100.19 -73.75 -26.34
N LYS NC 77 -99.20 -73.01 -26.84
CA LYS NC 77 -98.00 -73.64 -27.37
C LYS NC 77 -96.91 -73.78 -26.31
N THR NC 78 -96.81 -72.81 -25.41
CA THR NC 78 -95.69 -72.74 -24.48
C THR NC 78 -96.07 -72.66 -23.01
N ASN NC 79 -97.35 -72.59 -22.67
CA ASN NC 79 -97.82 -72.34 -21.29
C ASN NC 79 -97.18 -71.07 -20.71
N LEU NC 80 -96.80 -70.14 -21.56
CA LEU NC 80 -96.26 -68.92 -20.98
C LEU NC 80 -97.38 -67.96 -20.60
N PRO NC 81 -97.27 -67.36 -19.42
CA PRO NC 81 -98.37 -66.52 -18.92
C PRO NC 81 -98.29 -65.12 -19.50
N SER NC 82 -99.43 -64.60 -19.91
CA SER NC 82 -99.60 -63.17 -20.09
C SER NC 82 -100.92 -62.78 -19.46
N THR NC 83 -101.02 -61.54 -18.99
CA THR NC 83 -102.16 -61.10 -18.19
C THR NC 83 -102.92 -60.01 -18.93
N GLY NC 84 -104.25 -60.07 -18.82
CA GLY NC 84 -105.12 -59.00 -19.26
C GLY NC 84 -105.66 -58.30 -18.04
N SER NC 85 -105.85 -56.99 -18.13
CA SER NC 85 -106.25 -56.26 -16.93
C SER NC 85 -107.05 -55.02 -17.28
N VAL NC 86 -107.98 -54.69 -16.38
CA VAL NC 86 -108.68 -53.41 -16.37
C VAL NC 86 -108.37 -52.74 -15.04
N THR NC 87 -107.67 -51.62 -15.08
CA THR NC 87 -107.35 -50.85 -13.89
C THR NC 87 -108.14 -49.57 -13.89
N ILE NC 88 -108.51 -49.12 -12.68
CA ILE NC 88 -109.36 -47.96 -12.50
C ILE NC 88 -108.74 -47.08 -11.42
N GLN NC 89 -108.74 -45.77 -11.65
CA GLN NC 89 -108.30 -44.81 -10.65
C GLN NC 89 -109.33 -43.70 -10.52
N VAL NC 90 -109.90 -43.58 -9.34
CA VAL NC 90 -110.88 -42.55 -9.02
C VAL NC 90 -110.17 -41.50 -8.17
N SER NC 91 -110.31 -40.24 -8.56
CA SER NC 91 -109.74 -39.12 -7.81
C SER NC 91 -110.87 -38.19 -7.42
N ILE NC 92 -111.09 -38.08 -6.10
CA ILE NC 92 -112.19 -37.38 -5.47
C ILE NC 92 -111.62 -36.15 -4.75
N PRO NC 93 -111.90 -34.93 -5.20
CA PRO NC 93 -111.45 -33.76 -4.48
C PRO NC 93 -112.21 -33.56 -3.17
N ARG NC 94 -111.56 -32.86 -2.24
CA ARG NC 94 -112.12 -32.59 -0.93
C ARG NC 94 -112.72 -31.19 -0.82
N ASN NC 95 -112.47 -30.31 -1.79
CA ASN NC 95 -113.17 -29.04 -1.88
C ASN NC 95 -114.67 -29.27 -1.80
N PRO NC 96 -115.37 -28.65 -0.84
CA PRO NC 96 -116.80 -28.94 -0.64
C PRO NC 96 -117.66 -28.66 -1.86
N ALA NC 97 -117.08 -28.08 -2.90
CA ALA NC 97 -117.76 -27.90 -4.17
C ALA NC 97 -117.89 -29.21 -4.95
N TRP NC 98 -117.45 -30.33 -4.39
CA TRP NC 98 -117.59 -31.65 -4.99
C TRP NC 98 -118.55 -32.49 -4.15
N ASN NC 99 -119.16 -33.49 -4.79
CA ASN NC 99 -120.14 -34.35 -4.13
C ASN NC 99 -119.86 -35.82 -4.38
N ALA NC 100 -120.25 -36.63 -3.40
CA ALA NC 100 -120.37 -38.06 -3.65
C ALA NC 100 -121.27 -38.32 -4.86
N SER NC 101 -122.27 -37.46 -5.08
CA SER NC 101 -123.11 -37.61 -6.26
C SER NC 101 -122.31 -37.43 -7.53
N MET NC 102 -121.34 -36.52 -7.52
CA MET NC 102 -120.51 -36.30 -8.69
C MET NC 102 -119.57 -37.48 -8.92
N THR NC 103 -119.01 -38.02 -7.83
CA THR NC 103 -118.23 -39.25 -7.93
C THR NC 103 -119.04 -40.37 -8.57
N VAL NC 104 -120.24 -40.61 -8.05
CA VAL NC 104 -121.08 -41.68 -8.57
C VAL NC 104 -121.45 -41.42 -10.02
N SER NC 105 -121.67 -40.15 -10.38
CA SER NC 105 -122.03 -39.84 -11.75
C SER NC 105 -120.89 -40.18 -12.71
N LEU NC 106 -119.65 -39.83 -12.32
CA LEU NC 106 -118.52 -40.22 -13.15
C LEU NC 106 -118.40 -41.74 -13.26
N LEU NC 107 -118.61 -42.46 -12.16
CA LEU NC 107 -118.54 -43.91 -12.21
C LEU NC 107 -119.58 -44.49 -13.18
N LYS NC 108 -120.82 -44.00 -13.09
CA LYS NC 108 -121.89 -44.49 -13.95
C LYS NC 108 -121.61 -44.16 -15.42
N GLN NC 109 -121.07 -42.97 -15.68
CA GLN NC 109 -120.76 -42.60 -17.06
C GLN NC 109 -119.65 -43.45 -17.64
N ALA NC 110 -118.60 -43.70 -16.86
CA ALA NC 110 -117.53 -44.57 -17.32
C ALA NC 110 -118.07 -45.98 -17.58
N ALA NC 111 -118.96 -46.46 -16.72
CA ALA NC 111 -119.56 -47.78 -16.91
C ALA NC 111 -120.34 -47.82 -18.23
N ASP NC 112 -121.19 -46.82 -18.46
CA ASP NC 112 -121.93 -46.75 -19.71
C ASP NC 112 -121.01 -46.70 -20.92
N TYR NC 113 -119.94 -45.92 -20.84
CA TYR NC 113 -119.16 -45.64 -22.05
C TYR NC 113 -118.14 -46.73 -22.37
N LEU NC 114 -117.64 -47.46 -21.36
CA LEU NC 114 -116.66 -48.50 -21.63
C LEU NC 114 -117.20 -49.92 -21.45
N ALA NC 115 -118.28 -50.10 -20.70
CA ALA NC 115 -118.90 -51.42 -20.54
C ALA NC 115 -120.30 -51.50 -21.09
N GLY NC 116 -120.96 -50.36 -21.34
CA GLY NC 116 -122.32 -50.37 -21.85
C GLY NC 116 -123.31 -51.02 -20.91
N THR NC 117 -123.31 -50.60 -19.64
CA THR NC 117 -124.13 -51.23 -18.62
C THR NC 117 -125.05 -50.26 -17.88
N SER NC 118 -125.11 -49.00 -18.30
CA SER NC 118 -125.92 -48.00 -17.61
C SER NC 118 -127.40 -48.40 -17.54
N ALA NC 119 -128.11 -47.76 -16.62
CA ALA NC 119 -129.56 -47.91 -16.50
C ALA NC 119 -130.24 -47.25 -17.70
N THR NC 120 -131.55 -47.48 -17.81
CA THR NC 120 -132.32 -47.02 -18.95
C THR NC 120 -132.88 -45.62 -18.70
N VAL NC 121 -132.59 -44.69 -19.62
CA VAL NC 121 -133.11 -43.33 -19.60
C VAL NC 121 -133.53 -43.00 -21.03
N SER NC 122 -134.42 -42.01 -21.16
CA SER NC 122 -135.10 -41.76 -22.43
C SER NC 122 -134.12 -41.62 -23.58
N GLY NC 123 -133.32 -40.56 -23.58
CA GLY NC 123 -132.56 -40.25 -24.77
C GLY NC 123 -131.18 -40.83 -24.81
N GLN NC 124 -130.94 -41.93 -24.10
CA GLN NC 124 -129.57 -42.38 -23.91
C GLN NC 124 -129.07 -42.97 -25.22
N THR NC 125 -127.75 -42.86 -25.45
CA THR NC 125 -127.23 -43.51 -26.63
C THR NC 125 -127.01 -44.99 -26.34
N ASP NC 126 -127.15 -45.79 -27.40
CA ASP NC 126 -127.03 -47.24 -27.30
C ASP NC 126 -125.56 -47.60 -27.16
N THR NC 127 -125.18 -48.06 -25.97
CA THR NC 127 -123.81 -48.37 -25.65
C THR NC 127 -123.56 -49.86 -25.51
N SER NC 128 -124.51 -50.69 -25.92
CA SER NC 128 -124.37 -52.14 -25.74
C SER NC 128 -123.18 -52.69 -26.51
N GLY NC 129 -122.91 -52.15 -27.71
CA GLY NC 129 -121.82 -52.63 -28.52
C GLY NC 129 -120.49 -52.00 -28.24
N PHE NC 130 -120.47 -50.99 -27.38
CA PHE NC 130 -119.21 -50.30 -27.08
C PHE NC 130 -118.14 -51.22 -26.50
N PRO NC 131 -118.42 -52.11 -25.55
CA PRO NC 131 -117.34 -52.99 -25.07
C PRO NC 131 -116.73 -53.83 -26.18
N ALA NC 132 -117.56 -54.33 -27.11
CA ALA NC 132 -117.04 -55.05 -28.26
C ALA NC 132 -116.12 -54.16 -29.09
N LYS NC 133 -116.57 -52.93 -29.38
CA LYS NC 133 -115.75 -52.04 -30.19
C LYS NC 133 -114.43 -51.71 -29.48
N TRP NC 134 -114.46 -51.53 -28.16
CA TRP NC 134 -113.22 -51.27 -27.43
C TRP NC 134 -112.29 -52.48 -27.53
N ALA NC 135 -112.82 -53.68 -27.27
CA ALA NC 135 -112.02 -54.89 -27.32
C ALA NC 135 -111.44 -55.12 -28.71
N GLY NC 136 -112.03 -54.53 -29.74
CA GLY NC 136 -111.43 -54.51 -31.05
C GLY NC 136 -110.46 -53.37 -31.31
N LEU NC 137 -110.17 -52.57 -30.28
CA LEU NC 137 -109.33 -51.37 -30.40
C LEU NC 137 -109.88 -50.42 -31.47
N MET NC 138 -111.16 -50.09 -31.35
CA MET NC 138 -111.75 -49.04 -32.16
C MET NC 138 -112.70 -48.21 -31.31
N PHE NC 139 -112.76 -46.92 -31.63
CA PHE NC 139 -113.57 -46.00 -30.86
C PHE NC 139 -115.05 -46.23 -31.13
N PRO NC 140 -115.90 -46.11 -30.10
CA PRO NC 140 -117.35 -46.12 -30.26
C PRO NC 140 -117.81 -44.98 -31.17
N ALA OC 1 -109.60 -58.98 12.72
CA ALA OC 1 -110.45 -58.11 13.54
C ALA OC 1 -111.89 -58.08 13.01
N ALA OC 2 -112.80 -57.54 13.81
CA ALA OC 2 -114.19 -57.46 13.41
C ALA OC 2 -114.34 -56.52 12.21
N PRO OC 3 -115.11 -56.93 11.20
CA PRO OC 3 -115.22 -56.11 9.98
C PRO OC 3 -116.05 -54.86 10.17
N SER OC 4 -116.89 -54.81 11.21
CA SER OC 4 -117.73 -53.65 11.46
C SER OC 4 -118.15 -53.62 12.92
N LEU OC 5 -118.44 -52.42 13.40
CA LEU OC 5 -118.75 -52.17 14.80
C LEU OC 5 -119.91 -51.20 14.91
N ALA OC 6 -120.77 -51.44 15.90
CA ALA OC 6 -121.85 -50.52 16.25
C ALA OC 6 -121.61 -50.11 17.70
N LEU OC 7 -120.85 -49.04 17.91
CA LEU OC 7 -120.53 -48.59 19.25
C LEU OC 7 -121.60 -47.62 19.75
N VAL OC 8 -121.70 -47.48 21.06
CA VAL OC 8 -122.67 -46.56 21.66
C VAL OC 8 -121.97 -45.27 22.03
N GLY OC 9 -122.49 -44.16 21.51
CA GLY OC 9 -122.08 -42.82 21.86
C GLY OC 9 -123.29 -42.00 22.25
N ALA OC 10 -123.15 -40.68 22.09
CA ALA OC 10 -124.18 -39.74 22.50
C ALA OC 10 -124.44 -38.74 21.37
N ASN OC 11 -125.72 -38.44 21.15
CA ASN OC 11 -126.11 -37.41 20.19
C ASN OC 11 -126.04 -36.05 20.87
N SER OC 12 -126.60 -35.03 20.22
CA SER OC 12 -126.57 -33.69 20.79
C SER OC 12 -127.36 -33.61 22.10
N THR OC 13 -128.34 -34.49 22.29
CA THR OC 13 -129.14 -34.56 23.51
C THR OC 13 -128.43 -35.33 24.62
N LEU OC 14 -127.29 -35.95 24.32
CA LEU OC 14 -126.59 -36.92 25.17
C LEU OC 14 -127.35 -38.24 25.29
N ALA OC 15 -128.37 -38.46 24.47
CA ALA OC 15 -129.05 -39.75 24.45
C ALA OC 15 -128.17 -40.80 23.79
N SER OC 16 -128.27 -42.04 24.28
CA SER OC 16 -127.45 -43.13 23.76
C SER OC 16 -127.82 -43.41 22.30
N THR OC 17 -126.83 -43.24 21.41
CA THR OC 17 -127.04 -43.38 19.97
C THR OC 17 -125.95 -44.28 19.40
N LEU OC 18 -126.30 -45.09 18.40
CA LEU OC 18 -125.30 -45.90 17.74
C LEU OC 18 -124.43 -45.06 16.81
N VAL OC 19 -123.14 -45.37 16.81
CA VAL OC 19 -122.17 -44.83 15.88
C VAL OC 19 -121.46 -46.01 15.22
N ASN OC 20 -121.46 -46.03 13.89
CA ASN OC 20 -121.15 -47.21 13.11
C ASN OC 20 -119.79 -47.05 12.43
N TYR OC 21 -118.94 -48.06 12.59
CA TYR OC 21 -117.61 -48.07 12.00
C TYR OC 21 -117.46 -49.31 11.14
N SER OC 22 -116.69 -49.20 10.05
CA SER OC 22 -116.30 -50.35 9.27
C SER OC 22 -114.78 -50.43 9.21
N LEU OC 23 -114.28 -51.65 9.09
CA LEU OC 23 -112.85 -51.92 9.09
C LEU OC 23 -112.26 -51.52 7.74
N ARG OC 24 -111.55 -50.39 7.73
CA ARG OC 24 -110.90 -49.92 6.52
C ARG OC 24 -109.52 -50.54 6.31
N SER OC 25 -108.69 -50.62 7.35
CA SER OC 25 -107.38 -51.25 7.13
C SER OC 25 -106.95 -52.02 8.37
N GLN OC 26 -106.04 -52.96 8.13
CA GLN OC 26 -105.39 -53.70 9.20
C GLN OC 26 -104.00 -54.09 8.69
N ASN OC 27 -102.97 -53.68 9.42
CA ASN OC 27 -101.59 -53.83 8.98
C ASN OC 27 -100.67 -53.78 10.17
N GLY OC 28 -99.80 -54.80 10.28
CA GLY OC 28 -98.72 -54.79 11.25
C GLY OC 28 -99.20 -54.54 12.67
N ASN OC 29 -100.03 -55.46 13.17
CA ASN OC 29 -100.65 -55.32 14.48
C ASN OC 29 -101.25 -53.93 14.67
N ASN OC 30 -101.92 -53.46 13.63
CA ASN OC 30 -102.54 -52.16 13.67
C ASN OC 30 -103.89 -52.29 12.97
N VAL OC 31 -104.91 -51.62 13.52
CA VAL OC 31 -106.29 -51.77 13.03
C VAL OC 31 -106.93 -50.39 12.95
N ASP OC 32 -107.50 -50.06 11.79
CA ASP OC 32 -108.06 -48.74 11.52
C ASP OC 32 -109.48 -48.86 10.99
N TYR OC 33 -110.42 -48.24 11.70
CA TYR OC 33 -111.83 -48.19 11.37
C TYR OC 33 -112.23 -46.78 10.96
N VAL OC 34 -113.24 -46.68 10.09
CA VAL OC 34 -113.80 -45.39 9.70
C VAL OC 34 -115.29 -45.39 9.96
N CYS OC 35 -115.83 -44.21 10.31
CA CYS OC 35 -117.24 -44.09 10.64
C CYS OC 35 -118.07 -44.01 9.37
N THR OC 36 -119.12 -44.83 9.32
CA THR OC 36 -119.97 -44.97 8.14
C THR OC 36 -121.18 -44.06 8.17
N ASP OC 37 -121.36 -43.29 9.24
CA ASP OC 37 -122.55 -42.47 9.43
C ASP OC 37 -122.46 -41.22 8.56
N PRO OC 38 -123.56 -40.47 8.43
CA PRO OC 38 -123.50 -39.23 7.64
C PRO OC 38 -122.64 -38.15 8.29
N ASP OC 39 -122.48 -38.16 9.62
CA ASP OC 39 -121.71 -37.11 10.26
C ASP OC 39 -120.21 -37.19 9.99
N SER OC 40 -119.72 -38.32 9.48
CA SER OC 40 -118.33 -38.42 9.06
C SER OC 40 -118.28 -38.29 7.56
N THR OC 41 -117.61 -37.25 7.08
CA THR OC 41 -117.38 -37.00 5.67
C THR OC 41 -115.92 -37.30 5.36
N LEU OC 42 -115.59 -37.24 4.07
CA LEU OC 42 -114.19 -37.39 3.67
C LEU OC 42 -113.34 -36.29 4.27
N SER OC 43 -113.87 -35.08 4.29
CA SER OC 43 -113.07 -33.94 4.73
C SER OC 43 -112.95 -33.92 6.25
N ALA OC 44 -113.99 -34.36 6.95
CA ALA OC 44 -114.03 -34.36 8.41
C ALA OC 44 -114.57 -35.70 8.88
N PRO OC 45 -113.71 -36.71 8.98
CA PRO OC 45 -114.18 -38.08 9.25
C PRO OC 45 -114.18 -38.40 10.74
N GLY OC 46 -114.79 -39.54 11.06
CA GLY OC 46 -114.65 -40.17 12.36
C GLY OC 46 -113.82 -41.43 12.21
N LEU OC 47 -112.84 -41.60 13.11
CA LEU OC 47 -111.82 -42.60 12.90
C LEU OC 47 -111.49 -43.33 14.19
N ILE OC 48 -111.06 -44.59 14.05
CA ILE OC 48 -110.57 -45.36 15.19
C ILE OC 48 -109.27 -46.04 14.79
N ASN OC 49 -108.34 -46.10 15.73
CA ASN OC 49 -107.01 -46.67 15.56
C ASN OC 49 -106.68 -47.55 16.76
N ALA OC 50 -106.00 -48.68 16.53
CA ALA OC 50 -105.61 -49.56 17.63
C ALA OC 50 -104.34 -50.31 17.28
N LYS OC 51 -103.31 -50.19 18.14
CA LYS OC 51 -101.97 -50.75 17.93
C LYS OC 51 -101.60 -51.66 19.09
N PHE OC 52 -100.73 -52.64 18.79
CA PHE OC 52 -100.14 -53.54 19.78
C PHE OC 52 -98.63 -53.43 19.74
N ASP OC 53 -98.04 -52.96 20.84
CA ASP OC 53 -96.60 -53.10 21.07
C ASP OC 53 -96.42 -54.38 21.87
N ILE OC 54 -96.08 -55.46 21.18
CA ILE OC 54 -95.90 -56.76 21.83
C ILE OC 54 -94.40 -57.00 22.01
N LYS OC 55 -93.99 -57.08 23.26
CA LYS OC 55 -92.60 -57.32 23.60
C LYS OC 55 -92.23 -58.78 23.32
N ALA OC 56 -90.94 -59.01 23.11
CA ALA OC 56 -90.38 -60.35 22.95
C ALA OC 56 -90.77 -61.22 24.14
N PRO OC 57 -90.84 -62.54 23.96
CA PRO OC 57 -91.19 -63.41 25.10
C PRO OC 57 -90.25 -63.19 26.27
N GLY OC 58 -90.79 -63.34 27.46
CA GLY OC 58 -90.02 -63.07 28.65
C GLY OC 58 -90.91 -62.70 29.79
N ILE OC 59 -90.32 -62.73 30.99
CA ILE OC 59 -91.06 -62.40 32.20
C ILE OC 59 -90.92 -60.92 32.56
N THR OC 60 -90.07 -60.19 31.85
CA THR OC 60 -89.80 -58.79 32.13
C THR OC 60 -90.40 -57.91 31.03
N GLY OC 61 -90.75 -56.68 31.41
CA GLY OC 61 -91.28 -55.71 30.49
C GLY OC 61 -92.78 -55.56 30.58
N ASN OC 62 -93.28 -54.59 29.82
CA ASN OC 62 -94.71 -54.33 29.69
C ASN OC 62 -95.10 -54.46 28.22
N ASP OC 63 -96.23 -55.15 27.97
CA ASP OC 63 -96.92 -55.08 26.70
C ASP OC 63 -97.80 -53.84 26.66
N ARG OC 64 -98.04 -53.30 25.46
CA ARG OC 64 -98.80 -52.06 25.40
C ARG OC 64 -99.88 -52.11 24.30
N ILE OC 65 -101.03 -51.53 24.62
CA ILE OC 65 -102.15 -51.35 23.71
C ILE OC 65 -102.37 -49.86 23.53
N HIS OC 66 -102.50 -49.42 22.29
CA HIS OC 66 -102.81 -48.03 21.99
C HIS OC 66 -104.12 -47.96 21.22
N ALA OC 67 -104.96 -46.99 21.57
CA ALA OC 67 -106.25 -46.83 20.90
C ALA OC 67 -106.58 -45.36 20.80
N ASN OC 68 -107.15 -44.97 19.67
CA ASN OC 68 -107.49 -43.57 19.43
C ASN OC 68 -108.85 -43.50 18.76
N LEU OC 69 -109.75 -42.71 19.35
CA LEU OC 69 -111.08 -42.46 18.79
C LEU OC 69 -111.19 -40.97 18.48
N ARG OC 70 -111.33 -40.64 17.20
CA ARG OC 70 -111.20 -39.29 16.69
C ARG OC 70 -112.48 -38.87 15.98
N LYS OC 71 -112.80 -37.59 16.09
CA LYS OC 71 -113.78 -36.93 15.22
C LYS OC 71 -113.19 -35.61 14.76
N VAL OC 72 -113.12 -35.44 13.44
CA VAL OC 72 -112.60 -34.20 12.84
C VAL OC 72 -113.78 -33.26 12.60
N VAL OC 73 -113.54 -31.97 12.81
CA VAL OC 73 -114.55 -30.95 12.56
C VAL OC 73 -113.89 -29.80 11.83
N LEU OC 74 -114.63 -29.22 10.88
CA LEU OC 74 -114.14 -28.12 10.05
C LEU OC 74 -114.61 -26.78 10.61
N ASP OC 75 -113.75 -25.78 10.55
CA ASP OC 75 -114.12 -24.42 10.95
C ASP OC 75 -115.19 -23.87 10.02
N GLU OC 76 -116.14 -23.14 10.60
CA GLU OC 76 -117.24 -22.61 9.81
C GLU OC 76 -116.73 -21.67 8.73
N LYS OC 77 -115.79 -20.80 9.07
CA LYS OC 77 -115.30 -19.80 8.13
C LYS OC 77 -114.10 -20.32 7.34
N THR OC 78 -113.04 -20.72 8.06
CA THR OC 78 -111.77 -21.06 7.40
C THR OC 78 -111.76 -22.46 6.81
N ASN OC 79 -112.70 -23.34 7.19
CA ASN OC 79 -112.73 -24.74 6.78
C ASN OC 79 -111.46 -25.50 7.16
N LEU OC 80 -110.65 -24.92 8.05
CA LEU OC 80 -109.49 -25.64 8.59
C LEU OC 80 -109.97 -26.71 9.55
N PRO OC 81 -109.40 -27.90 9.49
CA PRO OC 81 -109.86 -28.98 10.36
C PRO OC 81 -109.15 -28.96 11.70
N SER OC 82 -109.91 -29.09 12.78
CA SER OC 82 -109.33 -29.45 14.06
C SER OC 82 -110.06 -30.70 14.55
N THR OC 83 -109.34 -31.53 15.31
CA THR OC 83 -109.82 -32.85 15.65
C THR OC 83 -109.90 -33.04 17.16
N GLY OC 84 -110.98 -33.67 17.60
CA GLY OC 84 -111.16 -34.01 19.01
C GLY OC 84 -111.01 -35.51 19.18
N SER OC 85 -110.39 -35.92 20.29
CA SER OC 85 -109.97 -37.32 20.37
C SER OC 85 -109.88 -37.82 21.80
N VAL OC 86 -110.32 -39.06 22.00
CA VAL OC 86 -110.06 -39.80 23.23
C VAL OC 86 -109.10 -40.92 22.90
N THR OC 87 -107.94 -40.91 23.56
CA THR OC 87 -106.91 -41.91 23.31
C THR OC 87 -106.55 -42.64 24.60
N ILE OC 88 -106.31 -43.94 24.47
CA ILE OC 88 -106.10 -44.85 25.59
C ILE OC 88 -104.80 -45.60 25.40
N GLN OC 89 -104.01 -45.70 26.47
CA GLN OC 89 -102.85 -46.58 26.51
C GLN OC 89 -103.00 -47.56 27.67
N VAL OC 90 -102.95 -48.85 27.35
CA VAL OC 90 -102.99 -49.92 28.34
C VAL OC 90 -101.59 -50.52 28.43
N SER OC 91 -101.05 -50.60 29.64
CA SER OC 91 -99.73 -51.15 29.89
C SER OC 91 -99.89 -52.35 30.82
N ILE OC 92 -99.62 -53.55 30.28
CA ILE OC 92 -99.82 -54.83 30.93
C ILE OC 92 -98.45 -55.41 31.26
N PRO OC 93 -98.08 -55.52 32.52
CA PRO OC 93 -96.79 -56.14 32.87
C PRO OC 93 -96.79 -57.64 32.61
N ARG OC 94 -95.59 -58.21 32.61
CA ARG OC 94 -95.40 -59.62 32.34
C ARG OC 94 -95.02 -60.45 33.55
N ASN OC 95 -94.76 -59.81 34.69
CA ASN OC 95 -94.59 -60.55 35.93
C ASN OC 95 -95.83 -61.39 36.19
N PRO OC 96 -95.70 -62.71 36.43
CA PRO OC 96 -96.88 -63.55 36.63
C PRO OC 96 -97.77 -63.10 37.76
N ALA OC 97 -97.31 -62.15 38.56
CA ALA OC 97 -98.11 -61.55 39.60
C ALA OC 97 -99.14 -60.56 39.05
N TRP OC 98 -99.25 -60.43 37.73
CA TRP OC 98 -100.30 -59.65 37.09
C TRP OC 98 -101.30 -60.59 36.42
N ASN OC 99 -102.54 -60.13 36.27
CA ASN OC 99 -103.60 -60.94 35.67
C ASN OC 99 -104.36 -60.17 34.62
N ALA OC 100 -104.85 -60.90 33.63
CA ALA OC 100 -105.86 -60.36 32.75
C ALA OC 100 -107.03 -59.80 33.54
N SER OC 101 -107.34 -60.42 34.69
CA SER OC 101 -108.42 -59.89 35.53
C SER OC 101 -108.08 -58.48 36.02
N MET OC 102 -106.81 -58.24 36.32
CA MET OC 102 -106.40 -56.91 36.77
C MET OC 102 -106.45 -55.92 35.62
N THR OC 103 -106.04 -56.34 34.42
CA THR OC 103 -106.20 -55.50 33.24
C THR OC 103 -107.66 -55.10 33.04
N VAL OC 104 -108.55 -56.08 33.07
CA VAL OC 104 -109.97 -55.82 32.86
C VAL OC 104 -110.52 -54.94 33.96
N SER OC 105 -110.04 -55.14 35.20
CA SER OC 105 -110.52 -54.32 36.30
C SER OC 105 -110.16 -52.85 36.08
N LEU OC 106 -108.92 -52.59 35.65
CA LEU OC 106 -108.54 -51.20 35.35
C LEU OC 106 -109.37 -50.65 34.20
N LEU OC 107 -109.63 -51.45 33.17
CA LEU OC 107 -110.44 -50.96 32.06
C LEU OC 107 -111.85 -50.58 32.53
N LYS OC 108 -112.47 -51.45 33.34
CA LYS OC 108 -113.82 -51.19 33.82
C LYS OC 108 -113.86 -49.97 34.73
N GLN OC 109 -112.83 -49.79 35.57
CA GLN OC 109 -112.80 -48.63 36.46
C GLN OC 109 -112.62 -47.34 35.66
N ALA OC 110 -111.76 -47.36 34.64
CA ALA OC 110 -111.62 -46.19 33.78
C ALA OC 110 -112.93 -45.87 33.08
N ALA OC 111 -113.62 -46.90 32.59
CA ALA OC 111 -114.93 -46.68 31.97
C ALA OC 111 -115.91 -46.05 32.95
N ASP OC 112 -115.92 -46.53 34.20
CA ASP OC 112 -116.82 -45.95 35.19
C ASP OC 112 -116.46 -44.50 35.48
N TYR OC 113 -115.17 -44.21 35.63
CA TYR OC 113 -114.78 -42.89 36.15
C TYR OC 113 -114.75 -41.81 35.08
N LEU OC 114 -114.42 -42.16 33.84
CA LEU OC 114 -114.38 -41.14 32.79
C LEU OC 114 -115.56 -41.19 31.84
N ALA OC 115 -116.26 -42.31 31.75
CA ALA OC 115 -117.45 -42.40 30.90
C ALA OC 115 -118.74 -42.65 31.65
N GLY OC 116 -118.67 -43.12 32.89
CA GLY OC 116 -119.88 -43.38 33.66
C GLY OC 116 -120.73 -44.48 33.09
N THR OC 117 -120.13 -45.64 32.79
CA THR OC 117 -120.83 -46.73 32.13
C THR OC 117 -120.71 -48.07 32.85
N SER OC 118 -120.15 -48.10 34.05
CA SER OC 118 -119.99 -49.35 34.79
C SER OC 118 -121.33 -50.09 34.96
N ALA OC 119 -121.22 -51.40 35.19
CA ALA OC 119 -122.37 -52.22 35.55
C ALA OC 119 -122.89 -51.83 36.94
N THR OC 120 -124.10 -52.28 37.25
CA THR OC 120 -124.73 -51.90 38.50
C THR OC 120 -124.27 -52.82 39.64
N VAL OC 121 -123.79 -52.19 40.72
CA VAL OC 121 -123.36 -52.86 41.94
C VAL OC 121 -123.82 -52.03 43.12
N SER OC 122 -124.30 -52.69 44.17
CA SER OC 122 -124.75 -52.00 45.37
C SER OC 122 -123.61 -51.16 45.95
N GLY OC 123 -123.89 -49.89 46.21
CA GLY OC 123 -122.92 -49.00 46.79
C GLY OC 123 -121.99 -48.32 45.82
N GLN OC 124 -122.24 -48.41 44.52
CA GLN OC 124 -121.32 -47.79 43.57
C GLN OC 124 -121.61 -46.30 43.55
N THR OC 125 -120.59 -45.49 43.28
CA THR OC 125 -120.88 -44.06 43.16
C THR OC 125 -121.52 -43.78 41.82
N ASP OC 126 -122.45 -42.83 41.82
CA ASP OC 126 -123.18 -42.46 40.62
C ASP OC 126 -122.25 -41.66 39.72
N THR OC 127 -121.86 -42.27 38.61
CA THR OC 127 -120.92 -41.68 37.68
C THR OC 127 -121.60 -41.18 36.41
N SER OC 128 -122.93 -41.14 36.40
CA SER OC 128 -123.67 -40.79 35.19
C SER OC 128 -123.29 -39.40 34.68
N GLY OC 129 -123.13 -38.44 35.58
CA GLY OC 129 -122.81 -37.09 35.19
C GLY OC 129 -121.34 -36.80 35.02
N PHE OC 130 -120.50 -37.79 35.33
CA PHE OC 130 -119.07 -37.57 35.22
C PHE OC 130 -118.60 -37.26 33.80
N PRO OC 131 -119.07 -37.93 32.74
CA PRO OC 131 -118.61 -37.52 31.40
C PRO OC 131 -118.97 -36.08 31.08
N ALA OC 132 -120.14 -35.62 31.50
CA ALA OC 132 -120.48 -34.22 31.33
C ALA OC 132 -119.50 -33.31 32.07
N LYS OC 133 -119.22 -33.63 33.34
CA LYS OC 133 -118.29 -32.81 34.10
C LYS OC 133 -116.90 -32.80 33.46
N TRP OC 134 -116.46 -33.94 32.93
CA TRP OC 134 -115.16 -33.99 32.26
C TRP OC 134 -115.16 -33.10 31.03
N ALA OC 135 -116.20 -33.24 30.18
CA ALA OC 135 -116.30 -32.42 28.99
C ALA OC 135 -116.31 -30.94 29.32
N GLY OC 136 -116.76 -30.59 30.52
CA GLY OC 136 -116.64 -29.23 31.00
C GLY OC 136 -115.33 -28.88 31.68
N LEU OC 137 -114.36 -29.81 31.70
CA LEU OC 137 -113.10 -29.62 32.42
C LEU OC 137 -113.34 -29.35 33.90
N MET OC 138 -114.09 -30.25 34.54
CA MET OC 138 -114.39 -30.17 35.96
C MET OC 138 -114.15 -31.53 36.58
N PHE OC 139 -113.39 -31.58 37.65
CA PHE OC 139 -113.18 -32.85 38.34
C PHE OC 139 -114.47 -33.31 38.96
N PRO OC 140 -114.85 -34.59 38.79
CA PRO OC 140 -116.05 -35.18 39.39
C PRO OC 140 -116.02 -35.11 40.91
N ALA PC 1 69.59 -8.55 -106.59
CA ALA PC 1 69.50 -10.01 -106.59
C ALA PC 1 69.35 -10.57 -108.00
N ALA PC 2 69.88 -11.77 -108.21
CA ALA PC 2 69.77 -12.42 -109.51
C ALA PC 2 68.32 -12.80 -109.80
N PRO PC 3 67.88 -12.66 -111.05
CA PRO PC 3 66.47 -12.97 -111.35
C PRO PC 3 66.16 -14.45 -111.35
N SER PC 4 67.16 -15.30 -111.59
CA SER PC 4 66.93 -16.73 -111.66
C SER PC 4 68.25 -17.45 -111.42
N LEU PC 5 68.14 -18.71 -111.04
CA LEU PC 5 69.28 -19.52 -110.63
C LEU PC 5 69.11 -20.94 -111.15
N ALA PC 6 70.23 -21.54 -111.56
CA ALA PC 6 70.28 -22.96 -111.90
C ALA PC 6 71.33 -23.58 -110.99
N LEU PC 7 70.90 -24.11 -109.86
CA LEU PC 7 71.81 -24.65 -108.87
C LEU PC 7 71.98 -26.14 -109.11
N VAL PC 8 73.12 -26.68 -108.70
CA VAL PC 8 73.36 -28.11 -108.85
C VAL PC 8 72.94 -28.84 -107.59
N GLY PC 9 72.11 -29.87 -107.75
CA GLY PC 9 71.71 -30.77 -106.69
C GLY PC 9 71.86 -32.21 -107.16
N ALA PC 10 71.06 -33.09 -106.55
CA ALA PC 10 71.14 -34.52 -106.84
C ALA PC 10 69.75 -35.11 -107.04
N ASN PC 11 69.65 -36.04 -107.99
CA ASN PC 11 68.41 -36.77 -108.26
C ASN PC 11 68.35 -37.98 -107.34
N SER PC 12 67.42 -38.90 -107.62
CA SER PC 12 67.31 -40.12 -106.82
C SER PC 12 68.54 -41.01 -106.96
N THR PC 13 69.25 -40.92 -108.09
CA THR PC 13 70.49 -41.65 -108.32
C THR PC 13 71.68 -40.98 -107.63
N LEU PC 14 71.49 -39.76 -107.12
CA LEU PC 14 72.55 -38.88 -106.62
C LEU PC 14 73.47 -38.37 -107.72
N ALA PC 15 73.02 -38.45 -108.98
CA ALA PC 15 73.73 -37.82 -110.07
C ALA PC 15 73.47 -36.32 -110.06
N SER PC 16 74.46 -35.55 -110.50
CA SER PC 16 74.35 -34.09 -110.47
C SER PC 16 73.27 -33.63 -111.43
N THR PC 17 72.27 -32.93 -110.91
CA THR PC 17 71.11 -32.49 -111.68
C THR PC 17 70.87 -31.01 -111.43
N LEU PC 18 70.44 -30.29 -112.45
CA LEU PC 18 70.07 -28.91 -112.23
C LEU PC 18 68.74 -28.80 -111.51
N VAL PC 19 68.63 -27.76 -110.69
CA VAL PC 19 67.40 -27.38 -110.02
C VAL PC 19 67.23 -25.88 -110.19
N ASN PC 20 66.08 -25.48 -110.74
CA ASN PC 20 65.87 -24.14 -111.25
C ASN PC 20 65.03 -23.34 -110.27
N TYR PC 21 65.56 -22.20 -109.84
CA TYR PC 21 64.84 -21.25 -109.00
C TYR PC 21 64.66 -19.96 -109.77
N SER PC 22 63.59 -19.24 -109.43
CA SER PC 22 63.35 -17.91 -109.97
C SER PC 22 62.94 -16.99 -108.84
N LEU PC 23 63.26 -15.71 -108.99
CA LEU PC 23 63.08 -14.74 -107.93
C LEU PC 23 61.59 -14.48 -107.72
N ARG PC 24 61.07 -14.92 -106.57
CA ARG PC 24 59.73 -14.54 -106.16
C ARG PC 24 59.68 -13.08 -105.74
N SER PC 25 60.47 -12.71 -104.73
CA SER PC 25 60.37 -11.33 -104.28
C SER PC 25 61.64 -10.90 -103.57
N GLN PC 26 62.03 -9.64 -103.78
CA GLN PC 26 63.10 -9.02 -103.01
C GLN PC 26 62.47 -7.98 -102.08
N ASN PC 27 62.59 -8.23 -100.79
CA ASN PC 27 62.40 -7.24 -99.74
C ASN PC 27 63.76 -6.62 -99.41
N GLY PC 28 63.76 -5.55 -98.63
CA GLY PC 28 65.01 -4.90 -98.30
C GLY PC 28 65.95 -5.79 -97.53
N ASN PC 29 67.09 -6.14 -98.15
CA ASN PC 29 68.05 -7.09 -97.57
C ASN PC 29 67.40 -8.45 -97.33
N ASN PC 30 66.47 -8.83 -98.20
CA ASN PC 30 65.82 -10.13 -98.06
C ASN PC 30 65.40 -10.60 -99.45
N VAL PC 31 65.62 -11.88 -99.74
CA VAL PC 31 65.35 -12.42 -101.07
C VAL PC 31 64.67 -13.77 -100.93
N ASP PC 32 63.61 -13.97 -101.73
CA ASP PC 32 62.85 -15.21 -101.76
C ASP PC 32 62.81 -15.74 -103.19
N TYR PC 33 63.34 -16.95 -103.38
CA TYR PC 33 63.32 -17.68 -104.64
C TYR PC 33 62.42 -18.90 -104.52
N VAL PC 34 61.85 -19.31 -105.66
CA VAL PC 34 60.95 -20.46 -105.75
C VAL PC 34 61.43 -21.39 -106.86
N CYS PC 35 61.29 -22.70 -106.64
CA CYS PC 35 61.70 -23.67 -107.62
C CYS PC 35 60.68 -23.75 -108.75
N THR PC 36 61.16 -23.67 -109.99
CA THR PC 36 60.33 -23.65 -111.18
C THR PC 36 60.26 -25.01 -111.89
N ASP PC 37 60.78 -26.06 -111.27
CA ASP PC 37 60.72 -27.38 -111.85
C ASP PC 37 59.34 -27.99 -111.61
N PRO PC 38 59.02 -29.08 -112.29
CA PRO PC 38 57.81 -29.84 -111.92
C PRO PC 38 57.88 -30.46 -110.53
N ASP PC 39 59.08 -30.57 -109.93
CA ASP PC 39 59.23 -31.13 -108.58
C ASP PC 39 58.46 -30.30 -107.56
N SER PC 40 58.55 -28.98 -107.65
CA SER PC 40 57.85 -28.11 -106.73
C SER PC 40 56.54 -27.66 -107.35
N THR PC 41 55.51 -27.62 -106.51
CA THR PC 41 54.22 -27.03 -106.80
C THR PC 41 53.92 -26.05 -105.67
N LEU PC 42 52.87 -25.25 -105.85
CA LEU PC 42 52.48 -24.36 -104.76
C LEU PC 42 52.15 -25.14 -103.50
N SER PC 43 51.58 -26.33 -103.65
CA SER PC 43 51.19 -27.14 -102.49
C SER PC 43 52.41 -27.66 -101.75
N ALA PC 44 53.45 -28.08 -102.49
CA ALA PC 44 54.68 -28.61 -101.89
C ALA PC 44 55.88 -28.00 -102.61
N PRO PC 45 56.26 -26.79 -102.23
CA PRO PC 45 57.26 -26.04 -103.01
C PRO PC 45 58.69 -26.31 -102.58
N GLY PC 46 59.60 -25.91 -103.46
CA GLY PC 46 61.01 -25.77 -103.12
C GLY PC 46 61.32 -24.28 -103.04
N LEU PC 47 62.02 -23.90 -101.98
CA LEU PC 47 62.13 -22.48 -101.65
C LEU PC 47 63.54 -22.12 -101.20
N ILE PC 48 63.92 -20.88 -101.43
CA ILE PC 48 65.18 -20.34 -100.92
C ILE PC 48 64.90 -18.96 -100.32
N ASN PC 49 65.55 -18.67 -99.20
CA ASN PC 49 65.44 -17.41 -98.50
C ASN PC 49 66.82 -16.93 -98.06
N ALA PC 50 67.10 -15.64 -98.25
CA ALA PC 50 68.40 -15.07 -97.88
C ALA PC 50 68.20 -13.71 -97.24
N LYS PC 51 68.79 -13.51 -96.05
CA LYS PC 51 68.58 -12.33 -95.23
C LYS PC 51 69.92 -11.77 -94.78
N PHE PC 52 69.94 -10.46 -94.51
CA PHE PC 52 71.13 -9.75 -94.05
C PHE PC 52 70.81 -8.98 -92.78
N ASP PC 53 71.38 -9.44 -91.66
CA ASP PC 53 71.34 -8.71 -90.39
C ASP PC 53 72.59 -7.82 -90.35
N ILE PC 54 72.44 -6.58 -90.79
CA ILE PC 54 73.54 -5.63 -90.84
C ILE PC 54 73.34 -4.61 -89.73
N LYS PC 55 74.31 -4.55 -88.83
CA LYS PC 55 74.21 -3.63 -87.70
C LYS PC 55 74.53 -2.21 -88.15
N ALA PC 56 74.14 -1.25 -87.31
CA ALA PC 56 74.39 0.15 -87.61
C ALA PC 56 75.89 0.38 -87.82
N PRO PC 57 76.26 1.30 -88.71
CA PRO PC 57 77.68 1.48 -89.02
C PRO PC 57 78.53 1.93 -87.83
N GLY PC 58 77.96 2.69 -86.91
CA GLY PC 58 78.71 3.06 -85.71
C GLY PC 58 78.97 1.89 -84.79
N ILE PC 59 77.97 1.01 -84.62
CA ILE PC 59 78.04 -0.09 -83.66
C ILE PC 59 78.98 -1.17 -84.19
N THR PC 60 79.82 -1.70 -83.30
CA THR PC 60 80.60 -2.91 -83.59
C THR PC 60 79.84 -4.14 -83.11
N GLY PC 61 79.79 -5.15 -83.96
CA GLY PC 61 79.20 -6.42 -83.63
C GLY PC 61 79.60 -7.40 -84.69
N ASN PC 62 78.74 -8.38 -84.94
CA ASN PC 62 78.89 -9.26 -86.08
C ASN PC 62 77.77 -8.98 -87.07
N ASP PC 63 78.12 -8.84 -88.33
CA ASP PC 63 77.13 -8.86 -89.39
C ASP PC 63 76.76 -10.32 -89.68
N ARG PC 64 75.50 -10.54 -90.07
CA ARG PC 64 75.01 -11.91 -90.21
C ARG PC 64 74.30 -12.12 -91.54
N ILE PC 65 74.47 -13.33 -92.10
CA ILE PC 65 73.79 -13.78 -93.29
C ILE PC 65 72.97 -15.01 -92.91
N HIS PC 66 71.69 -15.02 -93.28
CA HIS PC 66 70.82 -16.16 -93.00
C HIS PC 66 70.30 -16.71 -94.32
N ALA PC 67 70.63 -17.97 -94.61
CA ALA PC 67 70.17 -18.63 -95.82
C ALA PC 67 69.38 -19.88 -95.45
N ASN PC 68 68.37 -20.18 -96.26
CA ASN PC 68 67.50 -21.32 -95.99
C ASN PC 68 67.06 -21.92 -97.32
N LEU PC 69 67.34 -23.21 -97.51
CA LEU PC 69 66.94 -23.95 -98.70
C LEU PC 69 66.01 -25.08 -98.26
N ARG PC 70 64.77 -25.04 -98.72
CA ARG PC 70 63.70 -25.91 -98.24
C ARG PC 70 63.12 -26.71 -99.41
N LYS PC 71 62.65 -27.91 -99.08
CA LYS PC 71 61.78 -28.69 -99.97
C LYS PC 71 60.65 -29.25 -99.13
N VAL PC 72 59.41 -28.93 -99.49
CA VAL PC 72 58.23 -29.44 -98.81
C VAL PC 72 57.81 -30.73 -99.51
N VAL PC 73 57.36 -31.70 -98.72
CA VAL PC 73 56.87 -32.96 -99.26
C VAL PC 73 55.54 -33.29 -98.58
N LEU PC 74 54.64 -33.91 -99.34
CA LEU PC 74 53.33 -34.30 -98.86
C LEU PC 74 53.30 -35.78 -98.52
N ASP PC 75 52.65 -36.12 -97.41
CA ASP PC 75 52.46 -37.52 -97.06
C ASP PC 75 51.53 -38.18 -98.06
N GLU PC 76 51.89 -39.39 -98.50
CA GLU PC 76 51.03 -40.11 -99.43
C GLU PC 76 49.65 -40.34 -98.83
N LYS PC 77 49.60 -40.77 -97.57
CA LYS PC 77 48.32 -41.13 -96.98
C LYS PC 77 47.53 -39.91 -96.52
N THR PC 78 48.16 -38.94 -95.85
CA THR PC 78 47.42 -37.84 -95.25
C THR PC 78 47.53 -36.52 -96.00
N ASN PC 79 48.40 -36.42 -97.01
CA ASN PC 79 48.70 -35.18 -97.71
C ASN PC 79 49.13 -34.05 -96.78
N LEU PC 80 49.48 -34.38 -95.54
CA LEU PC 80 50.02 -33.39 -94.63
C LEU PC 80 51.46 -33.05 -95.03
N PRO PC 81 51.82 -31.78 -94.99
CA PRO PC 81 53.15 -31.39 -95.46
C PRO PC 81 54.18 -31.44 -94.34
N SER PC 82 55.31 -32.07 -94.60
CA SER PC 82 56.47 -31.87 -93.76
C SER PC 82 57.63 -31.44 -94.65
N THR PC 83 58.52 -30.65 -94.10
CA THR PC 83 59.52 -29.97 -94.89
C THR PC 83 60.93 -30.37 -94.44
N GLY PC 84 61.84 -30.44 -95.41
CA GLY PC 84 63.25 -30.70 -95.13
C GLY PC 84 64.08 -29.52 -95.58
N SER PC 85 65.10 -29.17 -94.78
CA SER PC 85 65.75 -27.89 -95.02
C SER PC 85 67.22 -27.90 -94.63
N VAL PC 86 68.00 -27.09 -95.34
CA VAL PC 86 69.36 -26.75 -94.95
C VAL PC 86 69.42 -25.25 -94.71
N THR PC 87 69.77 -24.86 -93.49
CA THR PC 87 69.91 -23.46 -93.12
C THR PC 87 71.35 -23.15 -92.77
N ILE PC 88 71.77 -21.93 -93.09
CA ILE PC 88 73.16 -21.50 -92.98
C ILE PC 88 73.18 -20.12 -92.34
N GLN PC 89 74.06 -19.92 -91.37
CA GLN PC 89 74.21 -18.62 -90.75
C GLN PC 89 75.70 -18.27 -90.81
N VAL PC 90 76.00 -17.14 -91.45
CA VAL PC 90 77.36 -16.65 -91.56
C VAL PC 90 77.49 -15.44 -90.65
N SER PC 91 78.41 -15.50 -89.68
CA SER PC 91 78.65 -14.42 -88.74
C SER PC 91 80.03 -13.86 -89.01
N ILE PC 92 80.08 -12.64 -89.54
CA ILE PC 92 81.29 -11.95 -89.99
C ILE PC 92 81.58 -10.83 -89.00
N PRO PC 93 82.72 -10.84 -88.32
CA PRO PC 93 83.04 -9.75 -87.40
C PRO PC 93 83.48 -8.47 -88.10
N ARG PC 94 83.21 -7.34 -87.45
CA ARG PC 94 83.51 -6.01 -87.97
C ARG PC 94 84.90 -5.52 -87.60
N ASN PC 95 85.82 -6.41 -87.28
CA ASN PC 95 87.21 -6.06 -86.96
C ASN PC 95 88.06 -6.19 -88.22
N PRO PC 96 88.85 -5.17 -88.59
CA PRO PC 96 89.71 -5.29 -89.78
C PRO PC 96 90.64 -6.48 -89.76
N ALA PC 97 90.84 -7.10 -88.59
CA ALA PC 97 91.63 -8.32 -88.52
C ALA PC 97 90.93 -9.51 -89.19
N TRP PC 98 89.69 -9.35 -89.61
CA TRP PC 98 88.95 -10.33 -90.39
C TRP PC 98 88.74 -9.79 -91.79
N ASN PC 99 88.68 -10.69 -92.78
CA ASN PC 99 88.46 -10.21 -94.14
C ASN PC 99 87.66 -11.22 -94.95
N ALA PC 100 87.33 -10.78 -96.16
CA ALA PC 100 86.48 -11.58 -97.02
C ALA PC 100 87.14 -12.90 -97.39
N SER PC 101 88.48 -12.93 -97.47
CA SER PC 101 89.14 -14.19 -97.77
C SER PC 101 88.85 -15.22 -96.68
N MET PC 102 88.77 -14.76 -95.42
CA MET PC 102 88.46 -15.67 -94.33
C MET PC 102 87.00 -16.09 -94.36
N THR PC 103 86.10 -15.15 -94.67
CA THR PC 103 84.69 -15.53 -94.86
C THR PC 103 84.56 -16.63 -95.92
N VAL PC 104 85.19 -16.42 -97.07
CA VAL PC 104 85.11 -17.38 -98.16
C VAL PC 104 85.77 -18.69 -97.76
N SER PC 105 86.86 -18.63 -96.99
CA SER PC 105 87.52 -19.85 -96.57
C SER PC 105 86.59 -20.70 -95.71
N LEU PC 106 85.89 -20.07 -94.77
CA LEU PC 106 84.92 -20.83 -93.98
C LEU PC 106 83.82 -21.41 -94.86
N LEU PC 107 83.31 -20.63 -95.81
CA LEU PC 107 82.28 -21.16 -96.71
C LEU PC 107 82.78 -22.39 -97.47
N LYS PC 108 83.99 -22.30 -98.03
CA LYS PC 108 84.54 -23.40 -98.81
C LYS PC 108 84.76 -24.63 -97.95
N GLN PC 109 85.24 -24.44 -96.72
CA GLN PC 109 85.47 -25.59 -95.85
C GLN PC 109 84.17 -26.25 -95.46
N ALA PC 110 83.14 -25.46 -95.16
CA ALA PC 110 81.83 -26.04 -94.86
C ALA PC 110 81.30 -26.81 -96.06
N ALA PC 111 81.47 -26.26 -97.26
CA ALA PC 111 81.05 -26.96 -98.47
C ALA PC 111 81.76 -28.29 -98.60
N ASP PC 112 83.09 -28.29 -98.44
CA ASP PC 112 83.85 -29.54 -98.52
C ASP PC 112 83.36 -30.55 -97.49
N TYR PC 113 83.14 -30.12 -96.25
CA TYR PC 113 82.93 -31.09 -95.18
C TYR PC 113 81.49 -31.59 -95.12
N LEU PC 114 80.50 -30.80 -95.55
CA LEU PC 114 79.12 -31.26 -95.48
C LEU PC 114 78.51 -31.62 -96.82
N ALA PC 115 79.03 -31.08 -97.93
CA ALA PC 115 78.53 -31.44 -99.24
C ALA PC 115 79.55 -32.18 -100.10
N GLY PC 116 80.83 -32.13 -99.73
CA GLY PC 116 81.86 -32.80 -100.49
C GLY PC 116 82.01 -32.25 -101.89
N THR PC 117 82.17 -30.93 -102.01
CA THR PC 117 82.24 -30.28 -103.32
C THR PC 117 83.46 -29.37 -103.49
N SER PC 118 84.43 -29.42 -102.59
CA SER PC 118 85.64 -28.61 -102.72
C SER PC 118 86.34 -28.82 -104.07
N ALA PC 119 87.15 -27.83 -104.44
CA ALA PC 119 88.02 -27.93 -105.60
C ALA PC 119 89.14 -28.93 -105.34
N THR PC 120 89.69 -29.49 -106.42
CA THR PC 120 90.73 -30.50 -106.28
C THR PC 120 92.02 -29.85 -105.81
N VAL PC 121 92.56 -30.37 -104.71
CA VAL PC 121 93.80 -29.89 -104.09
C VAL PC 121 94.51 -31.10 -103.51
N SER PC 122 95.79 -31.26 -103.82
CA SER PC 122 96.48 -32.48 -103.44
C SER PC 122 96.57 -32.59 -101.92
N GLY PC 123 96.27 -33.78 -101.41
CA GLY PC 123 96.27 -34.02 -99.99
C GLY PC 123 94.94 -33.81 -99.30
N GLN PC 124 93.91 -33.36 -100.03
CA GLN PC 124 92.58 -33.22 -99.46
C GLN PC 124 91.99 -34.58 -99.14
N THR PC 125 91.22 -34.63 -98.05
CA THR PC 125 90.49 -35.86 -97.77
C THR PC 125 89.35 -36.01 -98.77
N ASP PC 126 89.05 -37.26 -99.11
CA ASP PC 126 88.00 -37.57 -100.08
C ASP PC 126 86.67 -37.39 -99.39
N THR PC 127 86.05 -36.25 -99.62
CA THR PC 127 84.80 -35.87 -98.98
C THR PC 127 83.58 -36.24 -99.81
N SER PC 128 83.77 -36.99 -100.90
CA SER PC 128 82.67 -37.26 -101.82
C SER PC 128 81.53 -38.01 -101.14
N GLY PC 129 81.83 -38.93 -100.23
CA GLY PC 129 80.81 -39.71 -99.58
C GLY PC 129 80.23 -39.09 -98.33
N PHE PC 130 80.81 -37.96 -97.92
CA PHE PC 130 80.35 -37.32 -96.70
C PHE PC 130 78.88 -36.90 -96.75
N PRO PC 131 78.35 -36.31 -97.83
CA PRO PC 131 76.91 -35.99 -97.82
C PRO PC 131 76.04 -37.21 -97.63
N ALA PC 132 76.41 -38.35 -98.24
CA ALA PC 132 75.69 -39.59 -97.98
C ALA PC 132 75.72 -39.95 -96.51
N LYS PC 133 76.92 -39.92 -95.91
CA LYS PC 133 77.02 -40.28 -94.49
C LYS PC 133 76.19 -39.33 -93.62
N TRP PC 134 76.22 -38.02 -93.92
CA TRP PC 134 75.43 -37.08 -93.14
C TRP PC 134 73.95 -37.39 -93.27
N ALA PC 135 73.47 -37.61 -94.50
CA ALA PC 135 72.07 -37.96 -94.71
C ALA PC 135 71.70 -39.27 -94.03
N GLY PC 136 72.68 -40.08 -93.67
CA GLY PC 136 72.42 -41.23 -92.82
C GLY PC 136 72.57 -41.01 -91.33
N LEU PC 137 72.79 -39.76 -90.89
CA LEU PC 137 73.12 -39.43 -89.49
C LEU PC 137 74.33 -40.23 -89.00
N MET PC 138 75.41 -40.16 -89.78
CA MET PC 138 76.68 -40.82 -89.47
C MET PC 138 77.80 -39.78 -89.61
N PHE PC 139 78.67 -39.71 -88.61
CA PHE PC 139 79.81 -38.82 -88.74
C PHE PC 139 80.77 -39.37 -89.79
N PRO PC 140 81.28 -38.52 -90.69
CA PRO PC 140 82.27 -38.94 -91.69
C PRO PC 140 83.52 -39.51 -91.04
N ALA QC 1 65.67 1.70 -109.36
CA ALA QC 1 66.86 2.44 -108.96
C ALA QC 1 68.08 1.98 -109.76
N ALA QC 2 69.05 2.87 -109.91
CA ALA QC 2 70.27 2.55 -110.65
C ALA QC 2 71.04 1.43 -109.95
N PRO QC 3 71.47 0.40 -110.67
CA PRO QC 3 72.17 -0.71 -110.00
C PRO QC 3 73.56 -0.33 -109.50
N SER QC 4 74.17 0.71 -110.03
CA SER QC 4 75.49 1.13 -109.58
C SER QC 4 75.68 2.60 -109.92
N LEU QC 5 76.62 3.22 -109.19
CA LEU QC 5 76.86 4.65 -109.27
C LEU QC 5 78.36 4.92 -109.23
N ALA QC 6 78.79 5.92 -109.98
CA ALA QC 6 80.17 6.40 -109.94
C ALA QC 6 80.09 7.90 -109.63
N LEU QC 7 80.17 8.24 -108.35
CA LEU QC 7 80.00 9.62 -107.92
C LEU QC 7 81.36 10.29 -107.78
N VAL QC 8 81.37 11.62 -107.86
CA VAL QC 8 82.61 12.37 -107.74
C VAL QC 8 82.78 12.83 -106.30
N GLY QC 9 83.94 12.54 -105.72
CA GLY QC 9 84.31 13.04 -104.41
C GLY QC 9 85.72 13.60 -104.46
N ALA QC 10 86.40 13.65 -103.32
CA ALA QC 10 87.72 14.24 -103.24
C ALA QC 10 88.69 13.27 -102.59
N ASN QC 11 89.90 13.18 -103.14
CA ASN QC 11 90.96 12.36 -102.55
C ASN QC 11 91.60 13.13 -101.38
N SER QC 12 92.71 12.62 -100.87
CA SER QC 12 93.39 13.30 -99.78
C SER QC 12 93.87 14.69 -100.16
N THR QC 13 94.04 14.97 -101.45
CA THR QC 13 94.50 16.25 -101.95
C THR QC 13 93.35 17.13 -102.40
N LEU QC 14 92.11 16.66 -102.27
CA LEU QC 14 90.90 17.36 -102.71
C LEU QC 14 90.75 17.38 -104.22
N ALA QC 15 91.48 16.53 -104.93
CA ALA QC 15 91.26 16.38 -106.36
C ALA QC 15 90.04 15.52 -106.62
N SER QC 16 89.32 15.84 -107.70
CA SER QC 16 88.11 15.10 -108.02
C SER QC 16 88.46 13.65 -108.33
N THR QC 17 87.83 12.73 -107.61
CA THR QC 17 88.12 11.30 -107.73
C THR QC 17 86.80 10.53 -107.73
N LEU QC 18 86.72 9.48 -108.54
CA LEU QC 18 85.51 8.68 -108.52
C LEU QC 18 85.43 7.84 -107.24
N VAL QC 19 84.19 7.61 -106.82
CA VAL QC 19 83.85 6.76 -105.70
C VAL QC 19 82.69 5.88 -106.14
N ASN QC 20 82.87 4.57 -106.07
CA ASN QC 20 82.00 3.61 -106.73
C ASN QC 20 81.07 2.97 -105.71
N TYR QC 21 79.78 3.07 -105.96
CA TYR QC 21 78.75 2.45 -105.13
C TYR QC 21 77.98 1.44 -105.96
N SER QC 22 77.47 0.42 -105.29
CA SER QC 22 76.61 -0.58 -105.91
C SER QC 22 75.38 -0.77 -105.04
N LEU QC 23 74.26 -1.07 -105.71
CA LEU QC 23 72.97 -1.17 -105.04
C LEU QC 23 72.89 -2.47 -104.26
N ARG QC 24 72.77 -2.36 -102.93
CA ARG QC 24 72.68 -3.55 -102.10
C ARG QC 24 71.28 -4.14 -102.09
N SER QC 25 70.26 -3.31 -101.83
CA SER QC 25 68.88 -3.77 -101.83
C SER QC 25 67.94 -2.58 -102.00
N GLN QC 26 66.65 -2.87 -102.11
CA GLN QC 26 65.61 -1.84 -102.17
C GLN QC 26 64.42 -2.31 -101.35
N ASN QC 27 64.10 -1.56 -100.30
CA ASN QC 27 62.98 -1.78 -99.39
C ASN QC 27 61.85 -0.81 -99.73
N GLY QC 28 60.85 -0.73 -98.86
CA GLY QC 28 59.75 0.19 -99.01
C GLY QC 28 60.24 1.63 -99.05
N ASN QC 29 60.12 2.24 -100.23
CA ASN QC 29 60.43 3.65 -100.44
C ASN QC 29 61.83 4.01 -99.98
N ASN QC 30 62.80 3.12 -100.23
CA ASN QC 30 64.17 3.43 -99.86
C ASN QC 30 65.13 2.64 -100.75
N VAL QC 31 66.40 3.00 -100.66
CA VAL QC 31 67.46 2.47 -101.51
C VAL QC 31 68.74 2.48 -100.68
N ASP QC 32 69.51 1.39 -100.75
CA ASP QC 32 70.72 1.19 -99.98
C ASP QC 32 71.88 0.87 -100.93
N TYR QC 33 72.89 1.74 -100.95
CA TYR QC 33 74.10 1.56 -101.74
C TYR QC 33 75.31 1.39 -100.84
N VAL QC 34 76.28 0.62 -101.34
CA VAL QC 34 77.52 0.31 -100.62
C VAL QC 34 78.71 0.64 -101.51
N CYS QC 35 79.77 1.16 -100.90
CA CYS QC 35 80.95 1.50 -101.66
C CYS QC 35 81.75 0.24 -101.99
N THR QC 36 82.16 0.10 -103.25
CA THR QC 36 82.85 -1.07 -103.75
C THR QC 36 84.35 -0.84 -103.97
N ASP QC 37 84.86 0.30 -103.53
CA ASP QC 37 86.28 0.58 -103.66
C ASP QC 37 87.06 -0.28 -102.66
N PRO QC 38 88.38 -0.35 -102.80
CA PRO QC 38 89.16 -1.11 -101.82
C PRO QC 38 89.18 -0.48 -100.43
N ASP QC 39 89.07 0.85 -100.32
CA ASP QC 39 89.19 1.50 -99.01
C ASP QC 39 87.97 1.25 -98.10
N SER QC 40 86.85 0.79 -98.65
CA SER QC 40 85.68 0.46 -97.83
C SER QC 40 85.61 -1.05 -97.65
N THR QC 41 85.44 -1.45 -96.40
CA THR QC 41 85.30 -2.84 -95.99
C THR QC 41 84.17 -2.90 -94.98
N LEU QC 42 83.77 -4.12 -94.61
CA LEU QC 42 82.67 -4.24 -93.63
C LEU QC 42 83.05 -3.60 -92.31
N SER QC 43 84.34 -3.59 -91.97
CA SER QC 43 84.79 -2.96 -90.74
C SER QC 43 84.59 -1.44 -90.78
N ALA QC 44 84.82 -0.83 -91.94
CA ALA QC 44 84.69 0.62 -92.11
C ALA QC 44 84.14 0.93 -93.49
N PRO QC 45 82.84 0.80 -93.69
CA PRO QC 45 82.25 0.91 -95.02
C PRO QC 45 81.91 2.35 -95.40
N GLY QC 46 81.63 2.53 -96.69
CA GLY QC 46 80.98 3.72 -97.20
C GLY QC 46 79.58 3.37 -97.67
N LEU QC 47 78.61 4.20 -97.29
CA LEU QC 47 77.21 3.85 -97.46
C LEU QC 47 76.41 5.05 -97.98
N ILE QC 48 75.37 4.76 -98.76
CA ILE QC 48 74.41 5.79 -99.17
C ILE QC 48 73.01 5.22 -99.00
N ASN QC 49 72.09 6.04 -98.49
CA ASN QC 49 70.74 5.60 -98.18
C ASN QC 49 69.75 6.69 -98.57
N ALA QC 50 68.65 6.29 -99.20
CA ALA QC 50 67.65 7.26 -99.64
C ALA QC 50 66.26 6.72 -99.33
N LYS QC 51 65.35 7.62 -98.93
CA LYS QC 51 64.01 7.24 -98.52
C LYS QC 51 63.02 8.32 -98.92
N PHE QC 52 61.80 7.92 -99.28
CA PHE QC 52 60.71 8.85 -99.56
C PHE QC 52 59.63 8.71 -98.50
N ASP QC 53 59.24 9.84 -97.91
CA ASP QC 53 58.01 9.95 -97.11
C ASP QC 53 56.99 10.63 -98.01
N ILE QC 54 56.06 9.84 -98.54
CA ILE QC 54 55.12 10.29 -99.56
C ILE QC 54 53.74 10.43 -98.93
N LYS QC 55 53.21 11.63 -98.95
CA LYS QC 55 51.90 11.85 -98.35
C LYS QC 55 50.80 11.50 -99.35
N ALA QC 56 49.57 11.38 -98.83
CA ALA QC 56 48.45 10.90 -99.62
C ALA QC 56 48.18 11.84 -100.80
N PRO QC 57 47.49 11.36 -101.83
CA PRO QC 57 47.17 12.22 -102.96
C PRO QC 57 46.36 13.43 -102.53
N GLY QC 58 46.61 14.55 -103.18
CA GLY QC 58 46.00 15.82 -102.86
C GLY QC 58 47.03 16.91 -102.99
N ILE QC 59 46.65 18.12 -102.60
CA ILE QC 59 47.57 19.24 -102.64
C ILE QC 59 47.90 19.77 -101.25
N THR QC 60 47.55 19.03 -100.21
CA THR QC 60 47.63 19.54 -98.84
C THR QC 60 49.02 19.38 -98.25
N GLY QC 61 49.69 18.26 -98.50
CA GLY QC 61 50.81 17.85 -97.69
C GLY QC 61 52.16 18.42 -98.10
N ASN QC 62 53.20 17.82 -97.53
CA ASN QC 62 54.60 18.05 -97.84
C ASN QC 62 55.29 16.70 -97.99
N ASP QC 63 55.70 16.36 -99.21
CA ASP QC 63 56.50 15.16 -99.46
C ASP QC 63 57.92 15.38 -98.94
N ARG QC 64 58.61 14.30 -98.59
CA ARG QC 64 59.97 14.42 -98.06
C ARG QC 64 60.89 13.38 -98.66
N ILE QC 65 62.14 13.79 -98.90
CA ILE QC 65 63.23 12.92 -99.35
C ILE QC 65 64.30 12.96 -98.28
N HIS QC 66 64.80 11.78 -97.91
CA HIS QC 66 65.87 11.63 -96.92
C HIS QC 66 67.04 10.93 -97.58
N ALA QC 67 68.17 11.60 -97.67
CA ALA QC 67 69.40 11.01 -98.17
C ALA QC 67 70.45 11.03 -97.07
N ASN QC 68 71.36 10.06 -97.12
CA ASN QC 68 72.37 9.94 -96.08
C ASN QC 68 73.61 9.30 -96.69
N LEU QC 69 74.72 10.03 -96.68
CA LEU QC 69 76.00 9.56 -97.22
C LEU QC 69 76.97 9.45 -96.05
N ARG QC 70 77.41 8.24 -95.75
CA ARG QC 70 78.23 7.97 -94.58
C ARG QC 70 79.54 7.31 -94.98
N LYS QC 71 80.58 7.55 -94.16
CA LYS QC 71 81.83 6.82 -94.24
C LYS QC 71 82.33 6.54 -92.83
N VAL QC 72 82.65 5.29 -92.55
CA VAL QC 72 83.16 4.88 -91.24
C VAL QC 72 84.68 4.87 -91.29
N VAL QC 73 85.31 5.26 -90.19
CA VAL QC 73 86.76 5.28 -90.09
C VAL QC 73 87.14 4.63 -88.76
N LEU QC 74 88.31 4.00 -88.73
CA LEU QC 74 88.82 3.33 -87.55
C LEU QC 74 90.00 4.09 -86.98
N ASP QC 75 90.04 4.20 -85.64
CA ASP QC 75 91.13 4.87 -84.95
C ASP QC 75 92.45 4.13 -85.18
N GLU QC 76 93.51 4.86 -85.50
CA GLU QC 76 94.82 4.22 -85.69
C GLU QC 76 95.31 3.56 -84.41
N LYS QC 77 94.86 4.03 -83.26
CA LYS QC 77 95.36 3.51 -82.00
C LYS QC 77 94.52 2.35 -81.48
N THR QC 78 93.20 2.42 -81.69
CA THR QC 78 92.29 1.47 -81.06
C THR QC 78 91.37 0.72 -82.03
N ASN QC 79 91.42 1.02 -83.33
CA ASN QC 79 90.46 0.49 -84.31
C ASN QC 79 89.01 0.75 -83.90
N LEU QC 80 88.79 1.81 -83.12
CA LEU QC 80 87.41 2.06 -82.79
C LEU QC 80 86.73 2.88 -83.89
N PRO QC 81 85.52 2.50 -84.25
CA PRO QC 81 84.84 3.15 -85.38
C PRO QC 81 84.18 4.45 -84.96
N SER QC 82 84.36 5.47 -85.79
CA SER QC 82 83.48 6.63 -85.75
C SER QC 82 83.11 6.97 -87.19
N THR QC 83 81.93 7.55 -87.36
CA THR QC 83 81.38 7.76 -88.70
C THR QC 83 81.25 9.24 -89.00
N GLY QC 84 81.55 9.61 -90.24
CA GLY QC 84 81.27 10.93 -90.76
C GLY QC 84 80.10 10.82 -91.72
N SER QC 85 79.26 11.85 -91.76
CA SER QC 85 78.06 11.72 -92.57
C SER QC 85 77.57 13.08 -93.05
N VAL QC 86 76.98 13.07 -94.25
CA VAL QC 86 76.22 14.18 -94.78
C VAL QC 86 74.80 13.69 -95.02
N THR QC 87 73.84 14.24 -94.29
CA THR QC 87 72.44 13.88 -94.44
C THR QC 87 71.70 15.05 -95.07
N ILE QC 88 70.69 14.73 -95.87
CA ILE QC 88 69.93 15.70 -96.64
C ILE QC 88 68.45 15.40 -96.46
N GLN QC 89 67.65 16.44 -96.27
CA GLN QC 89 66.21 16.31 -96.23
C GLN QC 89 65.58 17.36 -97.14
N VAL QC 90 64.86 16.89 -98.14
CA VAL QC 90 64.14 17.74 -99.07
C VAL QC 90 62.67 17.67 -98.72
N SER QC 91 62.03 18.83 -98.59
CA SER QC 91 60.61 18.91 -98.30
C SER QC 91 59.96 19.70 -99.43
N ILE QC 92 59.08 19.02 -100.18
CA ILE QC 92 58.42 19.48 -101.39
C ILE QC 92 56.93 19.67 -101.08
N PRO QC 93 56.42 20.88 -101.05
CA PRO QC 93 54.98 21.08 -100.87
C PRO QC 93 54.18 20.65 -102.08
N ARG QC 94 52.92 20.31 -101.85
CA ARG QC 94 52.01 19.86 -102.88
C ARG QC 94 51.08 20.96 -103.38
N ASN QC 95 51.00 22.09 -102.67
CA ASN QC 95 50.31 23.27 -103.16
C ASN QC 95 50.79 23.60 -104.58
N PRO QC 96 49.89 23.65 -105.56
CA PRO QC 96 50.32 23.85 -106.96
C PRO QC 96 51.11 25.12 -107.20
N ALA QC 97 51.23 25.97 -106.19
CA ALA QC 97 52.08 27.14 -106.25
C ALA QC 97 53.56 26.79 -106.13
N TRP QC 98 53.91 25.51 -106.06
CA TRP QC 98 55.28 25.03 -106.03
C TRP QC 98 55.58 24.26 -107.31
N ASN QC 99 56.87 24.20 -107.67
CA ASN QC 99 57.31 23.56 -108.90
C ASN QC 99 58.47 22.60 -108.65
N ALA QC 100 58.51 21.56 -109.48
CA ALA QC 100 59.74 20.79 -109.58
C ALA QC 100 60.92 21.70 -109.90
N SER QC 101 60.69 22.78 -110.65
CA SER QC 101 61.77 23.73 -110.92
C SER QC 101 62.26 24.37 -109.63
N MET QC 102 61.35 24.65 -108.70
CA MET QC 102 61.76 25.25 -107.44
C MET QC 102 62.52 24.25 -106.58
N THR QC 103 62.08 22.98 -106.59
CA THR QC 103 62.84 21.92 -105.92
C THR QC 103 64.27 21.86 -106.47
N VAL QC 104 64.39 21.79 -107.80
CA VAL QC 104 65.71 21.68 -108.41
C VAL QC 104 66.54 22.92 -108.10
N SER QC 105 65.91 24.09 -108.06
CA SER QC 105 66.66 25.31 -107.77
C SER QC 105 67.24 25.28 -106.36
N LEU QC 106 66.45 24.82 -105.39
CA LEU QC 106 66.99 24.68 -104.04
C LEU QC 106 68.12 23.67 -104.00
N LEU QC 107 67.98 22.56 -104.72
CA LEU QC 107 69.06 21.56 -104.74
C LEU QC 107 70.34 22.15 -105.31
N LYS QC 108 70.23 22.87 -106.43
CA LYS QC 108 71.41 23.47 -107.05
C LYS QC 108 72.05 24.52 -106.15
N GLN QC 109 71.23 25.32 -105.47
CA GLN QC 109 71.77 26.34 -104.58
C GLN QC 109 72.49 25.72 -103.40
N ALA QC 110 71.90 24.69 -102.80
CA ALA QC 110 72.58 24.00 -101.71
C ALA QC 110 73.90 23.39 -102.18
N ALA QC 111 73.90 22.83 -103.39
CA ALA QC 111 75.14 22.28 -103.94
C ALA QC 111 76.20 23.35 -104.10
N ASP QC 112 75.83 24.49 -104.68
CA ASP QC 112 76.77 25.60 -104.83
C ASP QC 112 77.29 26.07 -103.48
N TYR QC 113 76.41 26.18 -102.47
CA TYR QC 113 76.80 26.85 -101.24
C TYR QC 113 77.54 25.94 -100.27
N LEU QC 114 77.30 24.63 -100.30
CA LEU QC 114 77.99 23.74 -99.39
C LEU QC 114 79.03 22.85 -100.05
N ALA QC 115 78.94 22.62 -101.36
CA ALA QC 115 79.94 21.85 -102.08
C ALA QC 115 80.70 22.65 -103.12
N GLY QC 116 80.20 23.81 -103.52
CA GLY QC 116 80.87 24.62 -104.53
C GLY QC 116 80.97 23.93 -105.87
N THR QC 117 79.85 23.40 -106.38
CA THR QC 117 79.86 22.61 -107.61
C THR QC 117 78.90 23.14 -108.67
N SER QC 118 78.26 24.29 -108.46
CA SER QC 118 77.29 24.81 -109.41
C SER QC 118 77.90 25.04 -110.79
N ALA QC 119 77.01 25.14 -111.79
CA ALA QC 119 77.40 25.49 -113.15
C ALA QC 119 77.86 26.94 -113.22
N THR QC 120 78.41 27.31 -114.37
CA THR QC 120 79.00 28.64 -114.53
C THR QC 120 77.97 29.64 -115.05
N VAL QC 121 77.82 30.75 -114.32
CA VAL QC 121 76.94 31.85 -114.69
C VAL QC 121 77.73 33.13 -114.44
N SER QC 122 77.31 34.21 -115.11
CA SER QC 122 78.11 35.43 -115.17
C SER QC 122 78.52 35.91 -113.78
N GLY QC 123 77.55 36.36 -112.99
CA GLY QC 123 77.91 37.06 -111.78
C GLY QC 123 78.02 36.19 -110.55
N GLN QC 124 78.30 34.90 -110.72
CA GLN QC 124 78.18 33.98 -109.60
C GLN QC 124 79.31 34.23 -108.63
N THR QC 125 79.07 33.98 -107.35
CA THR QC 125 80.17 34.09 -106.41
C THR QC 125 81.01 32.82 -106.45
N ASP QC 126 82.31 33.00 -106.19
CA ASP QC 126 83.26 31.90 -106.23
C ASP QC 126 83.07 31.04 -104.99
N THR QC 127 82.55 29.84 -105.19
CA THR QC 127 82.23 28.92 -104.11
C THR QC 127 83.16 27.73 -104.05
N SER QC 128 84.26 27.75 -104.81
CA SER QC 128 85.15 26.61 -104.87
C SER QC 128 85.76 26.30 -103.50
N GLY QC 129 86.07 27.33 -102.72
CA GLY QC 129 86.69 27.13 -101.42
C GLY QC 129 85.73 26.90 -100.28
N PHE QC 130 84.43 27.04 -100.56
CA PHE QC 130 83.44 26.87 -99.50
C PHE QC 130 83.45 25.50 -98.86
N PRO QC 131 83.57 24.37 -99.58
CA PRO QC 131 83.63 23.09 -98.86
C PRO QC 131 84.80 23.01 -97.92
N ALA QC 132 85.97 23.55 -98.31
CA ALA QC 132 87.11 23.60 -97.39
C ALA QC 132 86.77 24.41 -96.15
N LYS QC 133 86.18 25.59 -96.34
CA LYS QC 133 85.85 26.42 -95.18
C LYS QC 133 84.84 25.73 -94.27
N TRP QC 134 83.86 25.03 -94.85
CA TRP QC 134 82.91 24.29 -94.03
C TRP QC 134 83.62 23.21 -93.23
N ALA QC 135 84.44 22.40 -93.91
CA ALA QC 135 85.16 21.32 -93.24
C ALA QC 135 86.08 21.83 -92.15
N GLY QC 136 86.46 23.11 -92.21
CA GLY QC 136 87.14 23.74 -91.11
C GLY QC 136 86.25 24.34 -90.04
N LEU QC 137 84.94 24.13 -90.15
CA LEU QC 137 83.94 24.74 -89.26
C LEU QC 137 84.07 26.26 -89.22
N MET QC 138 84.07 26.86 -90.41
CA MET QC 138 83.98 28.32 -90.52
C MET QC 138 83.06 28.67 -91.67
N PHE QC 139 82.34 29.78 -91.49
CA PHE QC 139 81.38 30.21 -92.49
C PHE QC 139 82.08 30.75 -93.73
N PRO QC 140 81.54 30.49 -94.92
CA PRO QC 140 82.00 31.11 -96.16
C PRO QC 140 81.86 32.62 -96.10
N ALA RC 1 61.72 -7.79 -108.40
CA ALA RC 1 60.79 -7.41 -109.46
C ALA RC 1 61.45 -6.54 -110.52
N ALA RC 2 60.75 -6.35 -111.64
CA ALA RC 2 61.29 -5.54 -112.72
C ALA RC 2 61.43 -4.09 -112.27
N PRO RC 3 62.57 -3.45 -112.56
CA PRO RC 3 62.78 -2.08 -112.09
C PRO RC 3 61.94 -1.04 -112.83
N SER RC 4 61.44 -1.38 -114.02
CA SER RC 4 60.66 -0.43 -114.80
C SER RC 4 59.80 -1.19 -115.79
N LEU RC 5 58.68 -0.57 -116.17
CA LEU RC 5 57.68 -1.18 -117.02
C LEU RC 5 57.18 -0.17 -118.05
N ALA RC 6 56.93 -0.66 -119.26
CA ALA RC 6 56.31 0.12 -120.32
C ALA RC 6 55.01 -0.60 -120.70
N LEU RC 7 53.92 -0.26 -120.01
CA LEU RC 7 52.66 -0.93 -120.26
C LEU RC 7 51.89 -0.20 -121.37
N VAL RC 8 50.96 -0.89 -122.00
CA VAL RC 8 50.16 -0.31 -123.06
C VAL RC 8 48.80 0.11 -122.49
N GLY RC 9 48.46 1.38 -122.65
CA GLY RC 9 47.16 1.92 -122.33
C GLY RC 9 46.61 2.67 -123.53
N ALA RC 10 45.73 3.62 -123.24
CA ALA RC 10 45.03 4.39 -124.27
C ALA RC 10 45.10 5.87 -123.95
N ASN RC 11 45.33 6.67 -124.98
CA ASN RC 11 45.30 8.13 -124.85
C ASN RC 11 43.85 8.60 -124.98
N SER RC 12 43.67 9.91 -125.13
CA SER RC 12 42.32 10.46 -125.25
C SER RC 12 41.62 9.96 -126.50
N THR RC 13 42.38 9.59 -127.54
CA THR RC 13 41.82 9.05 -128.77
C THR RC 13 41.50 7.56 -128.67
N LEU RC 14 41.86 6.92 -127.56
CA LEU RC 14 41.85 5.47 -127.36
C LEU RC 14 42.91 4.76 -128.20
N ALA RC 15 43.84 5.49 -128.79
CA ALA RC 15 44.96 4.86 -129.49
C ALA RC 15 45.94 4.25 -128.50
N SER RC 16 46.55 3.13 -128.89
CA SER RC 16 47.46 2.43 -128.00
C SER RC 16 48.70 3.28 -127.73
N THR RC 17 48.92 3.61 -126.46
CA THR RC 17 49.98 4.51 -126.04
C THR RC 17 50.76 3.87 -124.89
N LEU RC 18 52.07 4.08 -124.84
CA LEU RC 18 52.83 3.58 -123.71
C LEU RC 18 52.61 4.43 -122.47
N VAL RC 19 52.52 3.76 -121.34
CA VAL RC 19 52.50 4.38 -120.01
C VAL RC 19 53.60 3.74 -119.18
N ASN RC 20 54.47 4.57 -118.63
CA ASN RC 20 55.76 4.15 -118.10
C ASN RC 20 55.74 4.21 -116.58
N TYR RC 21 56.16 3.11 -115.95
CA TYR RC 21 56.23 3.00 -114.51
C TYR RC 21 57.65 2.65 -114.10
N SER RC 22 58.08 3.14 -112.94
CA SER RC 22 59.34 2.71 -112.33
C SER RC 22 59.05 2.15 -110.94
N LEU RC 23 59.89 1.21 -110.53
CA LEU RC 23 59.74 0.52 -109.26
C LEU RC 23 60.17 1.44 -108.13
N ARG RC 24 59.19 1.96 -107.39
CA ARG RC 24 59.48 2.83 -106.26
C ARG RC 24 59.71 2.05 -104.97
N SER RC 25 58.90 1.03 -104.67
CA SER RC 25 59.18 0.27 -103.44
C SER RC 25 58.84 -1.20 -103.63
N GLN RC 26 59.45 -2.02 -102.78
CA GLN RC 26 59.13 -3.44 -102.71
C GLN RC 26 59.41 -3.87 -101.28
N ASN RC 27 58.39 -4.43 -100.62
CA ASN RC 27 58.46 -4.73 -99.20
C ASN RC 27 57.43 -5.79 -98.87
N GLY RC 28 57.88 -6.86 -98.21
CA GLY RC 28 56.98 -7.85 -97.65
C GLY RC 28 56.01 -8.42 -98.66
N ASN RC 29 56.55 -9.07 -99.69
CA ASN RC 29 55.76 -9.60 -100.80
C ASN RC 29 54.78 -8.55 -101.32
N ASN RC 30 55.27 -7.33 -101.44
CA ASN RC 30 54.46 -6.23 -101.93
C ASN RC 30 55.32 -5.40 -102.86
N VAL RC 31 54.75 -4.92 -103.96
CA VAL RC 31 55.49 -4.23 -105.01
C VAL RC 31 54.70 -3.00 -105.44
N ASP RC 32 55.35 -1.83 -105.45
CA ASP RC 32 54.71 -0.55 -105.73
C ASP RC 32 55.48 0.21 -106.80
N TYR RC 33 54.80 0.51 -107.91
CA TYR RC 33 55.33 1.26 -109.04
C TYR RC 33 54.66 2.62 -109.11
N VAL RC 34 55.39 3.61 -109.64
CA VAL RC 34 54.85 4.94 -109.88
C VAL RC 34 55.04 5.31 -111.34
N CYS RC 35 54.09 6.08 -111.88
CA CYS RC 35 54.12 6.46 -113.28
C CYS RC 35 55.10 7.61 -113.50
N THR RC 36 55.98 7.47 -114.48
CA THR RC 36 57.05 8.43 -114.75
C THR RC 36 56.65 9.46 -115.79
N ASP RC 37 55.46 9.36 -116.36
CA ASP RC 37 55.04 10.23 -117.44
C ASP RC 37 54.67 11.61 -116.89
N PRO RC 38 54.48 12.59 -117.78
CA PRO RC 38 54.07 13.93 -117.30
C PRO RC 38 52.66 13.95 -116.71
N ASP RC 39 51.78 13.04 -117.14
CA ASP RC 39 50.41 13.07 -116.64
C ASP RC 39 50.28 12.66 -115.18
N SER RC 40 51.30 12.03 -114.60
CA SER RC 40 51.31 11.73 -113.17
C SER RC 40 52.18 12.76 -112.48
N THR RC 41 51.56 13.54 -111.61
CA THR RC 41 52.23 14.52 -110.77
C THR RC 41 52.29 14.00 -109.35
N LEU RC 42 53.01 14.74 -108.49
CA LEU RC 42 53.04 14.39 -107.08
C LEU RC 42 51.65 14.46 -106.48
N SER RC 43 50.87 15.47 -106.88
CA SER RC 43 49.57 15.67 -106.26
C SER RC 43 48.55 14.69 -106.78
N ALA RC 44 48.68 14.31 -108.05
CA ALA RC 44 47.74 13.40 -108.72
C ALA RC 44 48.54 12.37 -109.51
N PRO RC 45 49.00 11.31 -108.84
CA PRO RC 45 49.92 10.37 -109.49
C PRO RC 45 49.20 9.21 -110.15
N GLY RC 46 49.97 8.43 -110.91
CA GLY RC 46 49.55 7.13 -111.40
C GLY RC 46 50.36 6.07 -110.67
N LEU RC 47 49.67 5.03 -110.19
CA LEU RC 47 50.29 4.12 -109.25
C LEU RC 47 49.90 2.67 -109.55
N ILE RC 48 50.78 1.74 -109.21
CA ILE RC 48 50.50 0.32 -109.30
C ILE RC 48 50.93 -0.36 -108.01
N ASN RC 49 50.14 -1.33 -107.57
CA ASN RC 49 50.34 -2.08 -106.34
C ASN RC 49 50.13 -3.56 -106.62
N ALA RC 50 50.93 -4.43 -106.00
CA ALA RC 50 50.76 -5.87 -106.18
C ALA RC 50 51.23 -6.63 -104.94
N LYS RC 51 50.34 -7.45 -104.37
CA LYS RC 51 50.54 -8.18 -103.12
C LYS RC 51 50.37 -9.68 -103.34
N PHE RC 52 51.05 -10.45 -102.51
CA PHE RC 52 50.93 -11.91 -102.47
C PHE RC 52 50.50 -12.36 -101.07
N ASP RC 53 49.31 -12.95 -100.97
CA ASP RC 53 48.91 -13.69 -99.78
C ASP RC 53 49.28 -15.15 -100.06
N ILE RC 54 50.43 -15.58 -99.54
CA ILE RC 54 50.91 -16.93 -99.74
C ILE RC 54 50.61 -17.74 -98.49
N LYS RC 55 49.76 -18.75 -98.66
CA LYS RC 55 49.36 -19.62 -97.56
C LYS RC 55 50.52 -20.57 -97.22
N ALA RC 56 50.51 -21.06 -95.98
CA ALA RC 56 51.45 -22.08 -95.51
C ALA RC 56 51.41 -23.30 -96.43
N PRO RC 57 52.49 -24.07 -96.52
CA PRO RC 57 52.48 -25.25 -97.40
C PRO RC 57 51.33 -26.17 -97.02
N GLY RC 58 50.80 -26.83 -98.02
CA GLY RC 58 49.65 -27.69 -97.81
C GLY RC 58 48.86 -27.84 -99.08
N ILE RC 59 47.97 -28.82 -99.06
CA ILE RC 59 47.13 -29.11 -100.21
C ILE RC 59 45.80 -28.38 -100.13
N THR RC 60 45.51 -27.73 -99.01
CA THR RC 60 44.25 -27.04 -98.77
C THR RC 60 44.47 -25.53 -98.79
N GLY RC 61 43.43 -24.81 -99.17
CA GLY RC 61 43.44 -23.36 -99.17
C GLY RC 61 43.64 -22.79 -100.56
N ASN RC 62 43.55 -21.46 -100.62
CA ASN RC 62 43.79 -20.70 -101.83
C ASN RC 62 44.93 -19.70 -101.58
N ASP RC 63 45.85 -19.62 -102.53
CA ASP RC 63 46.81 -18.52 -102.60
C ASP RC 63 46.14 -17.33 -103.29
N ARG RC 64 46.58 -16.11 -102.96
CA ARG RC 64 45.91 -14.95 -103.54
C ARG RC 64 46.91 -13.91 -104.04
N ILE RC 65 46.57 -13.30 -105.17
CA ILE RC 65 47.31 -12.20 -105.78
C ILE RC 65 46.39 -10.99 -105.79
N HIS RC 66 46.90 -9.84 -105.34
CA HIS RC 66 46.16 -8.59 -105.39
C HIS RC 66 46.92 -7.59 -106.24
N ALA RC 67 46.20 -6.85 -107.08
CA ALA RC 67 46.83 -5.87 -107.94
C ALA RC 67 45.91 -4.67 -108.08
N ASN RC 68 46.49 -3.47 -108.09
CA ASN RC 68 45.72 -2.24 -108.19
C ASN RC 68 46.43 -1.29 -109.13
N LEU RC 69 45.70 -0.79 -110.14
CA LEU RC 69 46.20 0.20 -111.07
C LEU RC 69 45.34 1.45 -110.92
N ARG RC 70 45.97 2.54 -110.49
CA ARG RC 70 45.28 3.75 -110.06
C ARG RC 70 45.75 4.95 -110.87
N LYS RC 71 44.83 5.87 -111.12
CA LYS RC 71 45.15 7.21 -111.58
C LYS RC 71 44.36 8.20 -110.75
N VAL RC 72 45.06 9.14 -110.11
CA VAL RC 72 44.43 10.18 -109.31
C VAL RC 72 44.18 11.39 -110.18
N VAL RC 73 43.05 12.06 -109.97
CA VAL RC 73 42.72 13.27 -110.69
C VAL RC 73 42.20 14.30 -109.69
N LEU RC 74 42.56 15.56 -109.92
CA LEU RC 74 42.18 16.66 -109.05
C LEU RC 74 40.98 17.40 -109.61
N ASP RC 75 40.08 17.81 -108.72
CA ASP RC 75 38.93 18.62 -109.14
C ASP RC 75 39.38 19.97 -109.66
N GLU RC 76 38.71 20.44 -110.70
CA GLU RC 76 39.10 21.70 -111.33
C GLU RC 76 39.00 22.86 -110.34
N LYS RC 77 37.91 22.90 -109.57
CA LYS RC 77 37.68 24.00 -108.65
C LYS RC 77 38.27 23.71 -107.27
N THR RC 78 37.84 22.61 -106.64
CA THR RC 78 38.21 22.34 -105.26
C THR RC 78 39.60 21.75 -105.09
N ASN RC 79 40.21 21.25 -106.17
CA ASN RC 79 41.50 20.56 -106.13
C ASN RC 79 41.50 19.35 -105.19
N LEU RC 80 40.32 18.88 -104.80
CA LEU RC 80 40.19 17.64 -104.05
C LEU RC 80 40.47 16.46 -104.97
N PRO RC 81 41.23 15.48 -104.51
CA PRO RC 81 41.57 14.35 -105.38
C PRO RC 81 40.52 13.27 -105.31
N SER RC 82 40.10 12.77 -106.46
CA SER RC 82 39.40 11.49 -106.52
C SER RC 82 40.16 10.58 -107.47
N THR RC 83 40.10 9.29 -107.21
CA THR RC 83 40.96 8.34 -107.89
C THR RC 83 40.14 7.27 -108.61
N GLY RC 84 40.57 6.93 -109.82
CA GLY RC 84 39.96 5.88 -110.62
C GLY RC 84 40.89 4.68 -110.66
N SER RC 85 40.33 3.48 -110.61
CA SER RC 85 41.18 2.33 -110.37
C SER RC 85 40.60 1.04 -110.93
N VAL RC 86 41.48 0.22 -111.51
CA VAL RC 86 41.17 -1.16 -111.85
C VAL RC 86 41.95 -2.07 -110.91
N THR RC 87 41.23 -2.89 -110.16
CA THR RC 87 41.87 -3.78 -109.20
C THR RC 87 41.48 -5.22 -109.47
N ILE RC 88 42.45 -6.13 -109.30
CA ILE RC 88 42.34 -7.53 -109.67
C ILE RC 88 42.69 -8.39 -108.45
N GLN RC 89 41.88 -9.42 -108.20
CA GLN RC 89 42.20 -10.46 -107.24
C GLN RC 89 42.21 -11.81 -107.94
N VAL RC 90 43.33 -12.51 -107.86
CA VAL RC 90 43.48 -13.86 -108.40
C VAL RC 90 43.52 -14.83 -107.22
N SER RC 91 42.66 -15.84 -107.26
CA SER RC 91 42.59 -16.86 -106.21
C SER RC 91 42.89 -18.21 -106.83
N ILE RC 92 44.03 -18.78 -106.45
CA ILE RC 92 44.60 -20.00 -107.01
C ILE RC 92 44.48 -21.10 -105.96
N PRO RC 93 43.64 -22.11 -106.16
CA PRO RC 93 43.56 -23.21 -105.19
C PRO RC 93 44.82 -24.07 -105.20
N ARG RC 94 44.93 -24.88 -104.15
CA ARG RC 94 46.09 -25.75 -103.97
C ARG RC 94 45.81 -27.22 -104.22
N ASN RC 95 44.55 -27.61 -104.41
CA ASN RC 95 44.25 -28.96 -104.84
C ASN RC 95 44.99 -29.26 -106.14
N PRO RC 96 45.76 -30.36 -106.22
CA PRO RC 96 46.54 -30.64 -107.43
C PRO RC 96 45.69 -30.73 -108.68
N ALA RC 97 44.38 -30.76 -108.54
CA ALA RC 97 43.46 -30.72 -109.66
C ALA RC 97 43.35 -29.33 -110.28
N TRP RC 98 44.14 -28.36 -109.81
CA TRP RC 98 44.24 -27.05 -110.42
C TRP RC 98 45.60 -26.91 -111.11
N ASN RC 99 45.66 -26.06 -112.13
CA ASN RC 99 46.89 -25.86 -112.89
C ASN RC 99 47.19 -24.38 -113.07
N ALA RC 100 48.49 -24.09 -113.14
CA ALA RC 100 48.90 -22.79 -113.64
C ALA RC 100 48.26 -22.50 -114.99
N SER RC 101 48.05 -23.53 -115.81
CA SER RC 101 47.39 -23.32 -117.10
C SER RC 101 45.98 -22.80 -116.89
N MET RC 102 45.30 -23.28 -115.86
CA MET RC 102 43.94 -22.80 -115.58
C MET RC 102 43.98 -21.36 -115.07
N THR RC 103 44.96 -21.04 -114.22
CA THR RC 103 45.15 -19.65 -113.79
C THR RC 103 45.34 -18.74 -115.00
N VAL RC 104 46.26 -19.10 -115.88
CA VAL RC 104 46.55 -18.28 -117.06
C VAL RC 104 45.33 -18.19 -117.96
N SER RC 105 44.56 -19.27 -118.07
CA SER RC 105 43.37 -19.24 -118.91
C SER RC 105 42.36 -18.24 -118.37
N LEU RC 106 42.16 -18.22 -117.06
CA LEU RC 106 41.26 -17.22 -116.49
C LEU RC 106 41.79 -15.80 -116.70
N LEU RC 107 43.10 -15.60 -116.55
CA LEU RC 107 43.66 -14.27 -116.78
C LEU RC 107 43.41 -13.82 -118.22
N LYS RC 108 43.67 -14.71 -119.19
CA LYS RC 108 43.50 -14.36 -120.59
C LYS RC 108 42.04 -14.08 -120.92
N GLN RC 109 41.12 -14.85 -120.34
CA GLN RC 109 39.70 -14.64 -120.60
C GLN RC 109 39.24 -13.32 -120.00
N ALA RC 110 39.70 -12.99 -118.80
CA ALA RC 110 39.37 -11.69 -118.22
C ALA RC 110 39.91 -10.56 -119.08
N ALA RC 111 41.15 -10.70 -119.57
CA ALA RC 111 41.70 -9.70 -120.47
C ALA RC 111 40.84 -9.54 -121.71
N ASP RC 112 40.40 -10.65 -122.30
CA ASP RC 112 39.56 -10.57 -123.49
C ASP RC 112 38.23 -9.89 -123.18
N TYR RC 113 37.61 -10.24 -122.05
CA TYR RC 113 36.23 -9.82 -121.82
C TYR RC 113 36.13 -8.40 -121.27
N LEU RC 114 37.09 -7.96 -120.46
CA LEU RC 114 37.03 -6.62 -119.90
C LEU RC 114 37.95 -5.62 -120.57
N ALA RC 115 39.01 -6.08 -121.26
CA ALA RC 115 39.90 -5.19 -121.95
C ALA RC 115 39.91 -5.37 -123.47
N GLY RC 116 39.44 -6.51 -123.97
CA GLY RC 116 39.43 -6.75 -125.40
C GLY RC 116 40.81 -6.83 -126.02
N THR RC 117 41.69 -7.65 -125.42
CA THR RC 117 43.08 -7.73 -125.86
C THR RC 117 43.55 -9.14 -126.16
N SER RC 118 42.67 -10.13 -126.16
CA SER RC 118 43.05 -11.50 -126.44
C SER RC 118 43.80 -11.65 -127.76
N ALA RC 119 44.57 -12.73 -127.87
CA ALA RC 119 45.22 -13.11 -129.12
C ALA RC 119 44.18 -13.54 -130.15
N THR RC 120 44.60 -13.61 -131.40
CA THR RC 120 43.66 -13.93 -132.48
C THR RC 120 43.48 -15.44 -132.62
N VAL RC 121 42.22 -15.87 -132.60
CA VAL RC 121 41.81 -17.26 -132.77
C VAL RC 121 40.55 -17.26 -133.63
N SER RC 122 40.48 -18.22 -134.56
CA SER RC 122 39.31 -18.35 -135.42
C SER RC 122 38.06 -18.55 -134.59
N GLY RC 123 37.03 -17.74 -134.85
CA GLY RC 123 35.78 -17.86 -134.15
C GLY RC 123 35.68 -17.09 -132.85
N GLN RC 124 36.65 -16.24 -132.52
CA GLN RC 124 36.59 -15.54 -131.25
C GLN RC 124 35.58 -14.41 -131.39
N THR RC 125 34.92 -14.04 -130.30
CA THR RC 125 34.03 -12.90 -130.39
C THR RC 125 34.85 -11.61 -130.38
N ASP RC 126 34.39 -10.64 -131.16
CA ASP RC 126 35.07 -9.36 -131.27
C ASP RC 126 34.85 -8.56 -129.99
N THR RC 127 35.91 -8.42 -129.21
CA THR RC 127 35.85 -7.75 -127.92
C THR RC 127 36.47 -6.37 -127.96
N SER RC 128 36.78 -5.86 -129.16
CA SER RC 128 37.48 -4.59 -129.27
C SER RC 128 36.71 -3.45 -128.62
N GLY RC 129 35.40 -3.42 -128.78
CA GLY RC 129 34.59 -2.36 -128.22
C GLY RC 129 34.13 -2.58 -126.81
N PHE RC 130 34.44 -3.75 -126.26
CA PHE RC 130 34.01 -4.06 -124.89
C PHE RC 130 34.58 -3.09 -123.85
N PRO RC 131 35.87 -2.72 -123.87
CA PRO RC 131 36.33 -1.75 -122.86
C PRO RC 131 35.58 -0.43 -122.93
N ALA RC 132 35.25 0.04 -124.14
CA ALA RC 132 34.44 1.24 -124.27
C ALA RC 132 33.07 1.03 -123.62
N LYS RC 133 32.41 -0.09 -123.95
CA LYS RC 133 31.09 -0.35 -123.36
C LYS RC 133 31.16 -0.43 -121.84
N TRP RC 134 32.22 -1.04 -121.31
CA TRP RC 134 32.37 -1.11 -119.85
C TRP RC 134 32.53 0.29 -119.26
N ALA RC 135 33.42 1.10 -119.85
CA ALA RC 135 33.63 2.45 -119.36
C ALA RC 135 32.33 3.26 -119.41
N GLY RC 136 31.42 2.91 -120.30
CA GLY RC 136 30.10 3.49 -120.29
C GLY RC 136 29.09 2.82 -119.37
N LEU RC 137 29.51 1.84 -118.58
CA LEU RC 137 28.61 1.05 -117.74
C LEU RC 137 27.51 0.38 -118.56
N MET RC 138 27.94 -0.37 -119.57
CA MET RC 138 27.04 -1.11 -120.43
C MET RC 138 27.57 -2.52 -120.59
N PHE RC 139 26.72 -3.51 -120.36
CA PHE RC 139 27.15 -4.89 -120.55
C PHE RC 139 27.39 -5.15 -122.03
N PRO RC 140 28.51 -5.78 -122.40
CA PRO RC 140 28.85 -6.13 -123.77
C PRO RC 140 27.83 -7.06 -124.39
N ALA SC 1 57.16 36.91 108.19
CA ALA SC 1 58.25 35.96 108.01
C ALA SC 1 59.58 36.54 108.44
N ALA SC 2 60.47 35.68 108.94
CA ALA SC 2 61.79 36.12 109.35
C ALA SC 2 62.60 36.57 108.14
N PRO SC 3 63.41 37.62 108.27
CA PRO SC 3 64.17 38.12 107.12
C PRO SC 3 65.34 37.22 106.75
N SER SC 4 65.87 36.45 107.70
CA SER SC 4 67.01 35.61 107.42
C SER SC 4 67.07 34.51 108.46
N LEU SC 5 67.79 33.44 108.12
CA LEU SC 5 67.84 32.22 108.91
C LEU SC 5 69.25 31.67 108.89
N ALA SC 6 69.67 31.12 110.03
CA ALA SC 6 70.92 30.38 110.14
C ALA SC 6 70.55 28.99 110.65
N LEU SC 7 70.32 28.06 109.74
CA LEU SC 7 69.87 26.72 110.10
C LEU SC 7 71.08 25.81 110.25
N VAL SC 8 70.94 24.78 111.07
CA VAL SC 8 72.03 23.82 111.25
C VAL SC 8 71.86 22.67 110.28
N GLY SC 9 72.93 22.37 109.54
CA GLY SC 9 73.02 21.22 108.66
C GLY SC 9 74.34 20.51 108.90
N ALA SC 10 74.80 19.80 107.86
CA ALA SC 10 76.02 18.99 107.96
C ALA SC 10 76.92 19.22 106.75
N ASN SC 11 78.22 19.25 107.01
CA ASN SC 11 79.23 19.36 105.96
C ASN SC 11 79.56 17.97 105.43
N SER SC 12 80.64 17.87 104.66
CA SER SC 12 81.05 16.58 104.12
C SER SC 12 81.50 15.62 105.24
N THR SC 13 81.99 16.16 106.36
CA THR SC 13 82.34 15.37 107.53
C THR SC 13 81.13 14.96 108.36
N LEU SC 14 79.96 15.52 108.05
CA LEU SC 14 78.73 15.41 108.85
C LEU SC 14 78.83 16.14 110.18
N ALA SC 15 79.79 17.05 110.31
CA ALA SC 15 79.84 17.93 111.47
C ALA SC 15 78.79 19.03 111.33
N SER SC 16 78.26 19.47 112.46
CA SER SC 16 77.20 20.48 112.45
C SER SC 16 77.74 21.81 111.91
N THR SC 17 77.14 22.29 110.84
CA THR SC 17 77.58 23.50 110.14
C THR SC 17 76.40 24.42 109.92
N LEU SC 18 76.62 25.72 110.01
CA LEU SC 18 75.56 26.64 109.68
C LEU SC 18 75.35 26.73 108.18
N VAL SC 19 74.09 26.94 107.79
CA VAL SC 19 73.69 27.21 106.42
C VAL SC 19 72.74 28.38 106.45
N ASN SC 20 73.07 29.42 105.68
CA ASN SC 20 72.47 30.73 105.80
C ASN SC 20 71.46 30.94 104.67
N TYR SC 21 70.23 31.24 105.05
CA TYR SC 21 69.18 31.58 104.10
C TYR SC 21 68.76 33.03 104.35
N SER SC 22 68.27 33.67 103.29
CA SER SC 22 67.70 35.01 103.40
C SER SC 22 66.40 35.04 102.60
N LEU SC 23 65.48 35.89 103.05
CA LEU SC 23 64.14 35.92 102.48
C LEU SC 23 64.19 36.49 101.07
N ARG SC 24 63.92 35.63 100.08
CA ARG SC 24 63.71 36.11 98.72
C ARG SC 24 62.38 36.84 98.60
N SER SC 25 61.28 36.16 98.90
CA SER SC 25 60.00 36.84 98.71
C SER SC 25 58.93 36.22 99.58
N GLN SC 26 58.04 37.07 100.10
CA GLN SC 26 56.82 36.60 100.77
C GLN SC 26 55.64 36.92 99.88
N ASN SC 27 54.97 35.87 99.42
CA ASN SC 27 53.63 35.94 98.87
C ASN SC 27 52.63 35.66 99.99
N GLY SC 28 51.36 35.88 99.72
CA GLY SC 28 50.35 35.66 100.75
C GLY SC 28 50.30 34.23 101.21
N ASN SC 29 50.66 33.98 102.48
CA ASN SC 29 50.76 32.62 103.03
C ASN SC 29 51.76 31.78 102.25
N ASN SC 30 52.82 32.41 101.77
CA ASN SC 30 53.85 31.69 101.03
C ASN SC 30 55.17 32.42 101.21
N VAL SC 31 56.25 31.66 101.45
CA VAL SC 31 57.54 32.25 101.76
C VAL SC 31 58.62 31.49 100.99
N ASP SC 32 59.53 32.25 100.36
CA ASP SC 32 60.66 31.70 99.60
C ASP SC 32 61.96 32.29 100.13
N TYR SC 33 62.83 31.40 100.62
CA TYR SC 33 64.17 31.73 101.10
C TYR SC 33 65.21 31.15 100.15
N VAL SC 34 66.38 31.81 100.10
CA VAL SC 34 67.50 31.42 99.25
C VAL SC 34 68.76 31.33 100.10
N CYS SC 35 69.61 30.36 99.79
CA CYS SC 35 70.86 30.20 100.52
C CYS SC 35 71.88 31.24 100.08
N THR SC 36 72.49 31.91 101.05
CA THR SC 36 73.43 32.99 100.81
C THR SC 36 74.88 32.57 100.96
N ASP SC 37 75.14 31.27 101.10
CA ASP SC 37 76.50 30.77 101.20
C ASP SC 37 77.13 30.71 99.82
N PRO SC 38 78.45 30.51 99.75
CA PRO SC 38 79.06 30.20 98.45
C PRO SC 38 78.62 28.86 97.87
N ASP SC 39 78.03 27.97 98.69
CA ASP SC 39 77.56 26.67 98.21
C ASP SC 39 76.49 26.83 97.14
N SER SC 40 75.56 27.75 97.34
CA SER SC 40 74.51 28.00 96.37
C SER SC 40 74.88 29.17 95.48
N THR SC 41 74.58 29.02 94.20
CA THR SC 41 74.64 30.06 93.20
C THR SC 41 73.29 30.10 92.51
N LEU SC 42 73.07 31.14 91.70
CA LEU SC 42 71.82 31.18 90.94
C LEU SC 42 71.69 29.95 90.04
N SER SC 43 72.80 29.45 89.51
CA SER SC 43 72.75 28.31 88.62
C SER SC 43 72.37 27.03 89.37
N ALA SC 44 72.89 26.85 90.58
CA ALA SC 44 72.61 25.67 91.40
C ALA SC 44 72.31 26.12 92.83
N PRO SC 45 71.08 26.55 93.10
CA PRO SC 45 70.78 27.21 94.38
C PRO SC 45 70.35 26.23 95.46
N GLY SC 46 70.38 26.74 96.70
CA GLY SC 46 69.72 26.11 97.82
C GLY SC 46 68.51 26.96 98.18
N LEU SC 47 67.37 26.28 98.38
CA LEU SC 47 66.10 26.99 98.42
C LEU SC 47 65.21 26.43 99.52
N ILE SC 48 64.34 27.29 100.04
CA ILE SC 48 63.31 26.87 100.99
C ILE SC 48 61.99 27.51 100.59
N ASN SC 49 60.91 26.75 100.71
CA ASN SC 49 59.57 27.19 100.38
C ASN SC 49 58.61 26.73 101.48
N ALA SC 50 57.71 27.63 101.90
CA ALA SC 50 56.73 27.30 102.94
C ALA SC 50 55.37 27.89 102.59
N LYS SC 51 54.33 27.05 102.62
CA LYS SC 51 53.00 27.38 102.16
C LYS SC 51 51.97 26.99 103.21
N PHE SC 52 50.84 27.69 103.21
CA PHE SC 52 49.73 27.46 104.13
C PHE SC 52 48.44 27.26 103.35
N ASP SC 53 47.93 26.03 103.35
CA ASP SC 53 46.60 25.71 102.82
C ASP SC 53 45.62 25.84 103.97
N ILE SC 54 45.01 27.01 104.11
CA ILE SC 54 44.08 27.30 105.19
C ILE SC 54 42.67 27.33 104.61
N LYS SC 55 41.82 26.44 105.09
CA LYS SC 55 40.46 26.37 104.59
C LYS SC 55 39.62 27.51 105.15
N ALA SC 56 38.48 27.75 104.51
CA ALA SC 56 37.58 28.80 104.95
C ALA SC 56 37.18 28.56 106.41
N PRO SC 57 36.97 29.63 107.19
CA PRO SC 57 36.68 29.44 108.62
C PRO SC 57 35.39 28.66 108.90
N GLY SC 58 34.38 28.78 108.03
CA GLY SC 58 33.18 28.00 108.23
C GLY SC 58 33.40 26.51 107.98
N ILE SC 59 34.18 26.17 106.95
CA ILE SC 59 34.37 24.79 106.54
C ILE SC 59 35.25 24.06 107.54
N THR SC 60 34.89 22.82 107.88
CA THR SC 60 35.77 21.93 108.62
C THR SC 60 36.55 21.06 107.65
N GLY SC 61 37.84 20.95 107.91
CA GLY SC 61 38.72 20.08 107.14
C GLY SC 61 40.01 19.96 107.90
N ASN SC 62 41.09 19.77 107.16
CA ASN SC 62 42.43 19.85 107.72
C ASN SC 62 43.11 21.10 107.16
N ASP SC 63 43.73 21.88 108.03
CA ASP SC 63 44.66 22.90 107.58
C ASP SC 63 45.99 22.23 107.28
N ARG SC 64 46.73 22.79 106.29
CA ARG SC 64 47.95 22.13 105.83
C ARG SC 64 49.11 23.10 105.75
N ILE SC 65 50.30 22.58 106.06
CA ILE SC 65 51.56 23.29 105.92
C ILE SC 65 52.41 22.50 104.94
N HIS SC 66 52.98 23.19 103.94
CA HIS SC 66 53.86 22.56 102.96
C HIS SC 66 55.22 23.22 103.02
N ALA SC 67 56.25 22.44 103.36
CA ALA SC 67 57.61 22.95 103.42
C ALA SC 67 58.49 22.15 102.47
N ASN SC 68 59.47 22.83 101.88
CA ASN SC 68 60.35 22.20 100.91
C ASN SC 68 61.74 22.81 101.05
N LEU SC 69 62.74 21.96 101.29
CA LEU SC 69 64.14 22.36 101.40
C LEU SC 69 64.91 21.65 100.30
N ARG SC 70 65.49 22.43 99.37
CA ARG SC 70 66.09 21.92 98.16
C ARG SC 70 67.55 22.33 98.06
N LYS SC 71 68.35 21.48 97.43
CA LYS SC 71 69.68 21.84 96.97
C LYS SC 71 69.85 21.31 95.55
N VAL SC 72 70.15 22.21 94.62
CA VAL SC 72 70.39 21.86 93.23
C VAL SC 72 71.88 21.58 93.06
N VAL SC 73 72.21 20.58 92.25
CA VAL SC 73 73.60 20.26 91.96
C VAL SC 73 73.74 20.07 90.45
N LEU SC 74 74.90 20.46 89.92
CA LEU SC 74 75.19 20.36 88.51
C LEU SC 74 76.08 19.14 88.24
N ASP SC 75 75.79 18.43 87.16
CA ASP SC 75 76.64 17.33 86.73
C ASP SC 75 77.99 17.86 86.28
N GLU SC 76 79.06 17.20 86.72
CA GLU SC 76 80.40 17.62 86.30
C GLU SC 76 80.53 17.58 84.77
N LYS SC 77 80.05 16.49 84.17
CA LYS SC 77 80.26 16.32 82.74
C LYS SC 77 79.27 17.13 81.91
N THR SC 78 77.98 17.12 82.25
CA THR SC 78 76.97 17.75 81.40
C THR SC 78 76.45 19.08 81.92
N ASN SC 79 76.80 19.48 83.13
CA ASN SC 79 76.27 20.68 83.79
C ASN SC 79 74.73 20.68 83.85
N LEU SC 80 74.11 19.53 83.62
CA LEU SC 80 72.67 19.41 83.78
C LEU SC 80 72.31 19.39 85.26
N PRO SC 81 71.28 20.09 85.66
CA PRO SC 81 70.96 20.19 87.08
C PRO SC 81 70.03 19.06 87.52
N SER SC 82 70.38 18.40 88.61
CA SER SC 82 69.42 17.57 89.32
C SER SC 82 69.38 18.03 90.76
N THR SC 83 68.23 17.88 91.39
CA THR SC 83 67.99 18.49 92.68
C THR SC 83 67.65 17.44 93.72
N GLY SC 84 68.08 17.69 94.95
CA GLY SC 84 67.75 16.84 96.09
C GLY SC 84 66.96 17.62 97.11
N SER SC 85 65.96 16.98 97.70
CA SER SC 85 65.00 17.77 98.48
C SER SC 85 64.40 16.97 99.63
N VAL SC 86 64.06 17.70 100.69
CA VAL SC 86 63.23 17.19 101.77
C VAL SC 86 61.96 18.03 101.82
N THR SC 87 60.82 17.37 101.65
CA THR SC 87 59.52 18.03 101.71
C THR SC 87 58.72 17.50 102.89
N ILE SC 88 57.92 18.38 103.47
CA ILE SC 88 57.19 18.11 104.71
C ILE SC 88 55.77 18.62 104.55
N GLN SC 89 54.79 17.81 104.93
CA GLN SC 89 53.41 18.23 104.90
C GLN SC 89 52.82 17.98 106.27
N VAL SC 90 52.32 19.04 106.90
CA VAL SC 90 51.70 18.96 108.21
C VAL SC 90 50.20 19.14 108.00
N SER SC 91 49.41 18.15 108.41
CA SER SC 91 47.96 18.19 108.31
C SER SC 91 47.37 18.25 109.72
N ILE SC 92 46.80 19.39 110.06
CA ILE SC 92 46.29 19.71 111.39
C ILE SC 92 44.76 19.72 111.30
N PRO SC 93 44.05 18.87 112.04
CA PRO SC 93 42.59 18.91 112.00
C PRO SC 93 41.99 20.05 112.80
N ARG SC 94 40.81 20.49 112.33
CA ARG SC 94 40.09 21.61 112.91
C ARG SC 94 39.15 21.22 114.04
N ASN SC 95 39.38 20.08 114.68
CA ASN SC 95 38.59 19.62 115.82
C ASN SC 95 39.26 20.04 117.12
N PRO SC 96 38.55 20.68 118.05
CA PRO SC 96 39.18 21.07 119.32
C PRO SC 96 39.82 19.91 120.07
N ALA SC 97 39.49 18.67 119.71
CA ALA SC 97 40.14 17.52 120.31
C ALA SC 97 41.60 17.39 119.89
N TRP SC 98 42.07 18.22 118.96
CA TRP SC 98 43.45 18.32 118.56
C TRP SC 98 43.99 19.67 119.01
N ASN SC 99 45.29 19.73 119.32
CA ASN SC 99 45.85 21.01 119.73
C ASN SC 99 47.31 21.13 119.31
N ALA SC 100 47.83 22.33 119.55
CA ALA SC 100 49.18 22.65 119.10
C ALA SC 100 50.22 21.76 119.77
N SER SC 101 49.95 21.32 121.01
CA SER SC 101 50.90 20.41 121.65
C SER SC 101 51.03 19.13 120.85
N MET SC 102 49.94 18.65 120.27
CA MET SC 102 49.99 17.44 119.46
C MET SC 102 50.68 17.71 118.12
N THR SC 103 50.41 18.86 117.51
CA THR SC 103 51.15 19.23 116.30
C THR SC 103 52.66 19.22 116.56
N VAL SC 104 53.08 19.88 117.64
CA VAL SC 104 54.49 19.96 117.97
C VAL SC 104 55.04 18.59 118.30
N SER SC 105 54.25 17.74 118.96
CA SER SC 105 54.71 16.40 119.30
C SER SC 105 55.02 15.61 118.04
N LEU SC 106 54.13 15.68 117.04
CA LEU SC 106 54.44 15.00 115.77
C LEU SC 106 55.68 15.57 115.12
N LEU SC 107 55.84 16.89 115.13
CA LEU SC 107 57.05 17.48 114.55
C LEU SC 107 58.31 16.98 115.25
N LYS SC 108 58.30 16.96 116.58
CA LYS SC 108 59.47 16.53 117.34
C LYS SC 108 59.78 15.06 117.08
N GLN SC 109 58.74 14.23 116.99
CA GLN SC 109 58.98 12.79 116.76
C GLN SC 109 59.55 12.56 115.36
N ALA SC 110 59.02 13.28 114.36
CA ALA SC 110 59.58 13.16 113.02
C ALA SC 110 61.03 13.60 113.00
N ALA SC 111 61.35 14.70 113.71
CA ALA SC 111 62.73 15.15 113.80
C ALA SC 111 63.62 14.08 114.42
N ASP SC 112 63.19 13.50 115.54
CA ASP SC 112 63.97 12.45 116.18
C ASP SC 112 64.18 11.27 115.23
N TYR SC 113 63.13 10.84 114.53
CA TYR SC 113 63.22 9.58 113.80
C TYR SC 113 63.90 9.71 112.45
N LEU SC 114 63.85 10.86 111.80
CA LEU SC 114 64.48 11.01 110.50
C LEU SC 114 65.75 11.85 110.50
N ALA SC 115 65.92 12.74 111.48
CA ALA SC 115 67.14 13.53 111.57
C ALA SC 115 67.96 13.22 112.80
N GLY SC 116 67.38 12.56 113.80
CA GLY SC 116 68.10 12.22 115.01
C GLY SC 116 68.54 13.43 115.79
N THR SC 117 67.61 14.35 116.06
CA THR SC 117 67.93 15.61 116.74
C THR SC 117 67.07 15.90 117.96
N SER SC 118 66.31 14.94 118.46
CA SER SC 118 65.50 15.15 119.65
C SER SC 118 66.33 15.62 120.85
N ALA SC 119 65.64 16.24 121.80
CA ALA SC 119 66.23 16.60 123.08
C ALA SC 119 66.53 15.36 123.91
N THR SC 120 67.48 15.49 124.82
CA THR SC 120 67.88 14.35 125.63
C THR SC 120 66.79 14.02 126.65
N VAL SC 121 66.34 12.77 126.62
CA VAL SC 121 65.29 12.25 127.51
C VAL SC 121 65.64 10.80 127.82
N SER SC 122 65.63 10.45 129.10
CA SER SC 122 66.12 9.13 129.47
C SER SC 122 65.22 8.04 128.89
N GLY SC 123 65.85 7.01 128.33
CA GLY SC 123 65.13 5.93 127.69
C GLY SC 123 64.87 6.10 126.22
N GLN SC 124 65.26 7.24 125.63
CA GLN SC 124 65.11 7.44 124.20
C GLN SC 124 66.05 6.52 123.44
N THR SC 125 65.60 6.07 122.28
CA THR SC 125 66.50 5.33 121.42
C THR SC 125 67.53 6.28 120.81
N ASP SC 126 68.74 5.76 120.61
CA ASP SC 126 69.84 6.55 120.05
C ASP SC 126 69.59 6.70 118.56
N THR SC 127 69.05 7.84 118.19
CA THR SC 127 68.68 8.13 116.81
C THR SC 127 69.77 8.85 116.04
N SER SC 128 70.96 8.97 116.63
CA SER SC 128 72.02 9.78 116.02
C SER SC 128 72.43 9.25 114.65
N GLY SC 129 72.45 7.92 114.48
CA GLY SC 129 72.86 7.36 113.21
C GLY SC 129 71.76 7.17 112.20
N PHE SC 130 70.52 7.45 112.62
CA PHE SC 130 69.39 7.26 111.72
C PHE SC 130 69.48 8.10 110.45
N PRO SC 131 69.87 9.39 110.48
CA PRO SC 131 69.98 10.11 109.20
C PRO SC 131 70.97 9.48 108.25
N ALA SC 132 72.09 8.98 108.77
CA ALA SC 132 73.03 8.24 107.93
C ALA SC 132 72.35 7.02 107.30
N LYS SC 133 71.66 6.22 108.13
CA LYS SC 133 71.00 5.04 107.58
C LYS SC 133 69.96 5.41 106.53
N TRP SC 134 69.18 6.46 106.77
CA TRP SC 134 68.18 6.89 105.79
C TRP SC 134 68.86 7.29 104.48
N ALA SC 135 69.92 8.10 104.57
CA ALA SC 135 70.65 8.50 103.37
C ALA SC 135 71.28 7.32 102.66
N GLY SC 136 71.40 6.18 103.33
CA GLY SC 136 71.77 4.96 102.66
C GLY SC 136 70.63 4.09 102.17
N LEU SC 137 69.39 4.57 102.26
CA LEU SC 137 68.19 3.77 101.98
C LEU SC 137 68.16 2.49 102.82
N MET SC 138 68.33 2.64 104.12
CA MET SC 138 68.30 1.55 105.09
C MET SC 138 67.36 1.93 106.22
N PHE SC 139 66.47 1.03 106.58
CA PHE SC 139 65.61 1.31 107.72
C PHE SC 139 66.43 1.27 109.01
N PRO SC 140 66.26 2.24 109.91
CA PRO SC 140 66.95 2.26 111.19
C PRO SC 140 66.65 1.00 112.01
N ALA TC 1 52.32 47.01 106.53
CA ALA TC 1 51.24 46.82 107.48
C ALA TC 1 51.78 46.59 108.89
N ALA TC 2 50.98 46.95 109.90
CA ALA TC 2 51.40 46.78 111.28
C ALA TC 2 51.58 45.30 111.59
N PRO TC 3 52.69 44.90 112.23
CA PRO TC 3 52.90 43.48 112.50
C PRO TC 3 51.97 42.91 113.56
N SER TC 4 51.38 43.75 114.41
CA SER TC 4 50.48 43.26 115.43
C SER TC 4 49.55 44.40 115.85
N LEU TC 5 48.41 44.02 116.42
CA LEU TC 5 47.35 44.95 116.78
C LEU TC 5 46.76 44.56 118.12
N ALA TC 6 46.38 45.57 118.90
CA ALA TC 6 45.67 45.38 120.15
C ALA TC 6 44.39 46.22 120.06
N LEU TC 7 43.31 45.59 119.61
CA LEU TC 7 42.06 46.30 119.35
C LEU TC 7 41.15 46.18 120.56
N VAL TC 8 40.23 47.13 120.70
CA VAL TC 8 39.29 47.11 121.81
C VAL TC 8 38.00 46.44 121.37
N GLY TC 9 37.56 45.45 122.15
CA GLY TC 9 36.27 44.81 121.95
C GLY TC 9 35.56 44.71 123.28
N ALA TC 10 34.62 43.77 123.41
CA ALA TC 10 33.81 43.64 124.61
C ALA TC 10 33.87 42.21 125.13
N ASN TC 11 33.99 42.08 126.45
CA ASN TC 11 33.95 40.77 127.11
C ASN TC 11 32.49 40.31 127.23
N SER TC 12 32.27 39.23 127.99
CA SER TC 12 30.92 38.74 128.16
C SER TC 12 30.02 39.76 128.86
N THR TC 13 30.60 40.72 129.59
CA THR TC 13 29.85 41.74 130.30
C THR TC 13 29.77 43.04 129.51
N LEU TC 14 30.34 43.08 128.31
CA LEU TC 14 30.40 44.26 127.44
C LEU TC 14 31.37 45.31 127.97
N ALA TC 15 32.27 44.94 128.87
CA ALA TC 15 33.34 45.83 129.28
C ALA TC 15 34.44 45.86 128.23
N SER TC 16 35.05 47.03 128.07
CA SER TC 16 36.10 47.17 127.07
C SER TC 16 37.29 46.27 127.42
N THR TC 17 37.67 45.40 126.48
CA THR TC 17 38.71 44.41 126.69
C THR TC 17 39.60 44.37 125.46
N LEU TC 18 40.90 44.21 125.66
CA LEU TC 18 41.78 44.09 124.51
C LEU TC 18 41.61 42.73 123.83
N VAL TC 19 41.81 42.75 122.52
CA VAL TC 19 41.82 41.56 121.67
C VAL TC 19 43.03 41.68 120.76
N ASN TC 20 43.89 40.68 120.81
CA ASN TC 20 45.23 40.76 120.25
C ASN TC 20 45.30 40.00 118.92
N TYR TC 21 45.70 40.70 117.87
CA TYR TC 21 45.88 40.11 116.56
C TYR TC 21 47.34 40.24 116.15
N SER TC 22 47.79 39.30 115.33
CA SER TC 22 49.13 39.33 114.75
C SER TC 22 49.03 39.08 113.26
N LEU TC 23 49.93 39.72 112.52
CA LEU TC 23 49.92 39.68 111.06
C LEU TC 23 50.40 38.32 110.56
N ARG TC 24 49.50 37.58 109.90
CA ARG TC 24 49.87 36.27 109.38
C ARG TC 24 50.65 36.38 108.07
N SER TC 25 50.12 37.13 107.11
CA SER TC 25 50.81 37.31 105.83
C SER TC 25 50.26 38.55 105.14
N GLN TC 26 50.87 38.90 104.00
CA GLN TC 26 50.41 40.01 103.16
C GLN TC 26 50.53 39.58 101.70
N ASN TC 27 49.39 39.53 101.01
CA ASN TC 27 49.25 39.19 99.60
C ASN TC 27 49.04 40.47 98.79
N GLY TC 28 48.67 40.32 97.52
CA GLY TC 28 48.35 41.44 96.67
C GLY TC 28 47.21 42.25 97.21
N ASN TC 29 47.52 43.46 97.65
CA ASN TC 29 46.55 44.45 98.11
C ASN TC 29 45.65 43.89 99.20
N ASN TC 30 46.22 43.11 100.12
CA ASN TC 30 45.43 42.58 101.22
C ASN TC 30 46.32 42.28 102.41
N VAL TC 31 45.70 42.01 103.54
CA VAL TC 31 46.35 41.82 104.83
C VAL TC 31 45.51 40.84 105.63
N ASP TC 32 46.18 39.87 106.28
CA ASP TC 32 45.53 38.81 107.03
C ASP TC 32 46.07 38.79 108.46
N TYR TC 33 45.21 39.02 109.44
CA TYR TC 33 45.54 38.99 110.85
C TYR TC 33 44.80 37.85 111.54
N VAL TC 34 45.44 37.31 112.58
CA VAL TC 34 44.91 36.19 113.36
C VAL TC 34 44.93 36.57 114.83
N CYS TC 35 43.91 36.15 115.57
CA CYS TC 35 43.85 36.44 117.00
C CYS TC 35 44.79 35.51 117.76
N THR TC 36 45.58 36.10 118.66
CA THR TC 36 46.59 35.38 119.42
C THR TC 36 46.19 35.14 120.87
N ASP TC 37 44.95 35.44 121.24
CA ASP TC 37 44.48 35.21 122.58
C ASP TC 37 44.29 33.72 122.79
N PRO TC 38 44.10 33.28 124.04
CA PRO TC 38 43.84 31.86 124.28
C PRO TC 38 42.50 31.38 123.74
N ASP TC 39 41.48 32.24 123.67
CA ASP TC 39 40.15 31.80 123.26
C ASP TC 39 40.06 31.47 121.77
N SER TC 40 41.01 31.91 120.96
CA SER TC 40 41.03 31.59 119.54
C SER TC 40 42.04 30.47 119.28
N THR TC 41 41.58 29.44 118.57
CA THR TC 41 42.38 28.30 118.18
C THR TC 41 42.07 28.01 116.72
N LEU TC 42 42.83 27.09 116.11
CA LEU TC 42 42.57 26.77 114.71
C LEU TC 42 41.17 26.21 114.52
N SER TC 43 40.63 25.54 115.55
CA SER TC 43 39.28 25.01 115.46
C SER TC 43 38.25 26.13 115.40
N ALA TC 44 38.47 27.21 116.15
CA ALA TC 44 37.54 28.34 116.19
C ALA TC 44 38.32 29.64 116.31
N PRO TC 45 38.86 30.15 115.22
CA PRO TC 45 39.77 31.29 115.27
C PRO TC 45 39.03 32.63 115.21
N GLY TC 46 39.79 33.69 115.53
CA GLY TC 46 39.39 35.05 115.24
C GLY TC 46 40.29 35.61 114.15
N LEU TC 47 39.68 36.28 113.18
CA LEU TC 47 40.39 36.66 111.97
C LEU TC 47 40.03 38.08 111.55
N ILE TC 48 40.99 38.77 110.93
CA ILE TC 48 40.74 40.06 110.31
C ILE TC 48 41.39 40.07 108.94
N ASN TC 49 40.69 40.63 107.95
CA ASN TC 49 41.15 40.61 106.57
C ASN TC 49 40.84 41.95 105.91
N ALA TC 50 41.81 42.49 105.17
CA ALA TC 50 41.61 43.77 104.51
C ALA TC 50 42.15 43.72 103.10
N LYS TC 51 41.47 44.38 102.16
CA LYS TC 51 41.82 44.34 100.75
C LYS TC 51 41.52 45.69 100.10
N PHE TC 52 42.34 46.08 99.14
CA PHE TC 52 42.10 47.28 98.34
C PHE TC 52 41.80 46.89 96.90
N ASP TC 53 40.69 47.41 96.36
CA ASP TC 53 40.41 47.41 94.94
C ASP TC 53 40.74 48.81 94.44
N ILE TC 54 41.88 48.96 93.77
CA ILE TC 54 42.42 50.26 93.39
C ILE TC 54 42.27 50.42 91.90
N LYS TC 55 41.52 51.45 91.49
CA LYS TC 55 41.31 51.67 90.08
C LYS TC 55 42.46 52.47 89.50
N ALA TC 56 42.53 52.49 88.16
CA ALA TC 56 43.65 53.09 87.45
C ALA TC 56 43.78 54.57 87.78
N PRO TC 57 44.95 55.16 87.56
CA PRO TC 57 45.11 56.59 87.83
C PRO TC 57 44.13 57.41 86.99
N GLY TC 58 43.67 58.50 87.57
CA GLY TC 58 42.68 59.37 86.96
C GLY TC 58 41.71 59.83 88.02
N ILE TC 59 40.67 60.52 87.59
CA ILE TC 59 39.64 60.98 88.51
C ILE TC 59 38.30 60.32 88.25
N THR TC 60 38.27 59.27 87.43
CA THR TC 60 37.01 58.70 86.96
C THR TC 60 36.41 57.71 87.95
N GLY TC 61 37.23 56.88 88.58
CA GLY TC 61 36.74 55.68 89.21
C GLY TC 61 36.25 55.86 90.65
N ASN TC 62 36.07 54.70 91.30
CA ASN TC 62 35.76 54.57 92.71
C ASN TC 62 36.68 53.50 93.30
N ASP TC 63 37.60 53.92 94.17
CA ASP TC 63 38.44 52.98 94.92
C ASP TC 63 37.59 52.29 96.00
N ARG TC 64 38.00 51.08 96.39
CA ARG TC 64 37.25 50.34 97.39
C ARG TC 64 38.16 49.69 98.42
N ILE TC 65 37.70 49.67 99.67
CA ILE TC 65 38.35 49.00 100.79
C ILE TC 65 37.40 47.93 101.29
N HIS TC 66 37.90 46.73 101.51
CA HIS TC 66 37.12 45.61 102.03
C HIS TC 66 37.77 45.14 103.32
N ALA TC 67 37.05 45.25 104.44
CA ALA TC 67 37.50 44.73 105.71
C ALA TC 67 36.53 43.67 106.19
N ASN TC 68 37.05 42.72 106.95
CA ASN TC 68 36.24 41.60 107.42
C ASN TC 68 36.78 41.13 108.76
N LEU TC 69 35.96 41.21 109.80
CA LEU TC 69 36.34 40.78 111.15
C LEU TC 69 35.44 39.61 111.52
N ARG TC 70 36.03 38.44 111.71
CA ARG TC 70 35.29 37.22 111.93
C ARG TC 70 35.71 36.55 113.24
N LYS TC 71 34.76 35.81 113.83
CA LYS TC 71 35.03 34.92 114.95
C LYS TC 71 34.22 33.65 114.77
N VAL TC 72 34.88 32.51 114.86
CA VAL TC 72 34.24 31.21 114.73
C VAL TC 72 33.91 30.69 116.12
N VAL TC 73 32.76 30.02 116.24
CA VAL TC 73 32.34 29.44 117.51
C VAL TC 73 31.87 28.02 117.24
N LEU TC 74 32.03 27.16 118.24
CA LEU TC 74 31.66 25.75 118.14
C LEU TC 74 30.43 25.48 119.02
N ASP TC 75 29.51 24.68 118.48
CA ASP TC 75 28.31 24.29 119.21
C ASP TC 75 28.68 23.46 120.44
N GLU TC 76 28.07 23.79 121.60
CA GLU TC 76 28.34 23.02 122.81
C GLU TC 76 27.90 21.56 122.67
N LYS TC 77 26.93 21.30 121.79
CA LYS TC 77 26.40 19.96 121.67
C LYS TC 77 27.13 19.14 120.61
N THR TC 78 27.54 19.79 119.52
CA THR TC 78 28.07 19.07 118.36
C THR TC 78 29.46 19.51 117.90
N ASN TC 79 30.05 20.54 118.52
CA ASN TC 79 31.29 21.16 118.04
C ASN TC 79 31.20 21.58 116.58
N LEU TC 80 29.99 21.87 116.11
CA LEU TC 80 29.92 22.33 114.74
C LEU TC 80 30.19 23.83 114.66
N PRO TC 81 30.99 24.25 113.69
CA PRO TC 81 31.39 25.65 113.62
C PRO TC 81 30.34 26.49 112.93
N SER TC 82 30.06 27.66 113.50
CA SER TC 82 29.41 28.73 112.79
C SER TC 82 30.15 30.02 113.08
N THR TC 83 30.13 30.94 112.13
CA THR TC 83 30.96 32.15 112.22
C THR TC 83 30.08 33.39 112.34
N GLY TC 84 30.53 34.33 113.16
CA GLY TC 84 29.96 35.65 113.22
C GLY TC 84 30.94 36.62 112.58
N SER TC 85 30.40 37.63 111.91
CA SER TC 85 31.30 38.50 111.15
C SER TC 85 30.73 39.90 111.02
N VAL TC 86 31.64 40.88 111.00
CA VAL TC 86 31.34 42.25 110.61
C VAL TC 86 32.21 42.58 109.41
N THR TC 87 31.58 42.82 108.26
CA THR TC 87 32.28 43.18 107.05
C THR TC 87 32.01 44.64 106.73
N ILE TC 88 33.00 45.30 106.14
CA ILE TC 88 32.95 46.73 105.85
C ILE TC 88 33.43 46.94 104.42
N GLN TC 89 32.74 47.80 103.69
CA GLN TC 89 33.16 48.20 102.35
C GLN TC 89 33.11 49.72 102.24
N VAL TC 90 34.28 50.31 102.00
CA VAL TC 90 34.42 51.74 101.81
C VAL TC 90 34.61 51.99 100.33
N SER TC 91 33.83 52.92 99.78
CA SER TC 91 33.94 53.30 98.37
C SER TC 91 34.24 54.79 98.32
N ILE TC 92 35.42 55.12 97.81
CA ILE TC 92 36.00 56.46 97.77
C ILE TC 92 36.04 56.92 96.31
N PRO TC 93 35.25 57.90 95.91
CA PRO TC 93 35.35 58.43 94.54
C PRO TC 93 36.63 59.21 94.32
N ARG TC 94 37.03 59.27 93.05
CA ARG TC 94 38.25 59.97 92.66
C ARG TC 94 37.98 61.36 92.11
N ASN TC 95 36.72 61.70 91.81
CA ASN TC 95 36.34 63.06 91.47
C ASN TC 95 36.88 64.02 92.54
N PRO TC 96 37.68 65.02 92.15
CA PRO TC 96 38.31 65.89 93.15
C PRO TC 96 37.33 66.62 94.04
N ALA TC 97 36.04 66.51 93.77
CA ALA TC 97 35.01 67.03 94.65
C ALA TC 97 34.82 66.19 95.91
N TRP TC 98 35.63 65.15 96.11
CA TRP TC 98 35.63 64.31 97.30
C TRP TC 98 36.93 64.52 98.07
N ASN TC 99 36.88 64.24 99.37
CA ASN TC 99 38.03 64.45 100.25
C ASN TC 99 38.29 63.23 101.13
N ALA TC 100 39.56 63.06 101.45
CA ALA TC 100 39.89 62.16 102.55
C ALA TC 100 39.14 62.55 103.81
N SER TC 101 38.88 63.84 104.00
CA SER TC 101 38.08 64.28 105.15
C SER TC 101 36.68 63.70 105.09
N MET TC 102 36.11 63.62 103.89
CA MET TC 102 34.77 63.06 103.74
C MET TC 102 34.77 61.56 104.00
N THR TC 103 35.81 60.87 103.52
CA THR TC 103 35.99 59.45 103.86
C THR TC 103 36.03 59.25 105.37
N VAL TC 104 36.89 60.01 106.04
CA VAL TC 104 37.02 59.87 107.49
C VAL TC 104 35.72 60.20 108.19
N SER TC 105 34.98 61.19 107.68
CA SER TC 105 33.73 61.57 108.31
C SER TC 105 32.72 60.42 108.23
N LEU TC 106 32.63 59.78 107.06
CA LEU TC 106 31.75 58.61 106.97
C LEU TC 106 32.19 57.50 107.91
N LEU TC 107 33.50 57.26 108.02
CA LEU TC 107 33.98 56.22 108.93
C LEU TC 107 33.57 56.53 110.36
N LYS TC 108 33.79 57.77 110.80
CA LYS TC 108 33.45 58.16 112.16
C LYS TC 108 31.96 58.06 112.43
N GLN TC 109 31.14 58.45 111.44
CA GLN TC 109 29.69 58.37 111.63
C GLN TC 109 29.22 56.94 111.73
N ALA TC 110 29.75 56.06 110.87
CA ALA TC 110 29.41 54.64 110.96
C ALA TC 110 29.82 54.08 112.31
N ALA TC 111 31.00 54.47 112.80
CA ALA TC 111 31.45 54.01 114.10
C ALA TC 111 30.50 54.46 115.20
N ASP TC 112 30.12 55.74 115.20
CA ASP TC 112 29.17 56.25 116.18
C ASP TC 112 27.84 55.50 116.10
N TYR TC 113 27.35 55.25 114.89
CA TYR TC 113 25.97 54.76 114.75
C TYR TC 113 25.84 53.25 114.94
N LEU TC 114 26.88 52.48 114.66
CA LEU TC 114 26.79 51.04 114.83
C LEU TC 114 27.61 50.50 115.99
N ALA TC 115 28.63 51.22 116.46
CA ALA TC 115 29.40 50.80 117.61
C ALA TC 115 29.28 51.74 118.80
N GLY TC 116 28.81 52.97 118.60
CA GLY TC 116 28.69 53.92 119.68
C GLY TC 116 30.02 54.29 120.30
N THR TC 117 31.00 54.66 119.47
CA THR TC 117 32.35 54.93 119.94
C THR TC 117 32.88 56.31 119.59
N SER TC 118 32.05 57.17 119.00
CA SER TC 118 32.51 58.49 118.56
C SER TC 118 33.07 59.32 119.72
N ALA TC 119 33.84 60.34 119.35
CA ALA TC 119 34.35 61.32 120.30
C ALA TC 119 33.21 62.18 120.84
N THR TC 120 33.52 62.98 121.86
CA THR TC 120 32.51 63.76 122.56
C THR TC 120 32.36 65.13 121.91
N VAL TC 121 31.12 65.47 121.54
CA VAL TC 121 30.75 66.77 120.98
C VAL TC 121 29.46 67.20 121.67
N SER TC 122 29.19 68.50 121.66
CA SER TC 122 28.14 69.08 122.48
C SER TC 122 26.81 68.36 122.28
N GLY TC 123 26.22 68.49 121.10
CA GLY TC 123 24.85 68.06 120.95
C GLY TC 123 24.69 66.64 120.46
N GLN TC 124 25.68 65.78 120.71
CA GLN TC 124 25.67 64.48 120.05
C GLN TC 124 24.60 63.61 120.68
N THR TC 125 24.03 62.70 119.89
CA THR TC 125 23.08 61.78 120.49
C THR TC 125 23.83 60.65 121.18
N ASP TC 126 23.22 60.14 122.25
CA ASP TC 126 23.82 59.09 123.05
C ASP TC 126 23.71 57.77 122.29
N THR TC 127 24.85 57.27 121.83
CA THR TC 127 24.92 56.07 121.01
C THR TC 127 25.53 54.90 121.75
N SER TC 128 25.72 55.01 123.06
CA SER TC 128 26.39 53.96 123.82
C SER TC 128 25.59 52.65 123.76
N GLY TC 129 24.27 52.72 123.76
CA GLY TC 129 23.44 51.53 123.75
C GLY TC 129 23.13 50.99 122.39
N PHE TC 130 23.52 51.72 121.35
CA PHE TC 130 23.22 51.28 120.00
C PHE TC 130 23.81 49.93 119.64
N PRO TC 131 25.07 49.60 119.97
CA PRO TC 131 25.55 48.25 119.64
C PRO TC 131 24.72 47.16 120.29
N ALA TC 132 24.29 47.36 121.53
CA ALA TC 132 23.40 46.40 122.18
C ALA TC 132 22.09 46.26 121.39
N LYS TC 133 21.49 47.39 121.01
CA LYS TC 133 20.23 47.33 120.28
C LYS TC 133 20.41 46.63 118.93
N TRP TC 134 21.53 46.88 118.26
CA TRP TC 134 21.78 46.19 116.99
C TRP TC 134 21.91 44.69 117.22
N ALA TC 135 22.73 44.29 118.20
CA ALA TC 135 22.93 42.88 118.49
C ALA TC 135 21.63 42.19 118.89
N GLY TC 136 20.64 42.95 119.33
CA GLY TC 136 19.31 42.42 119.52
C GLY TC 136 18.42 42.45 118.30
N LEU TC 137 18.97 42.86 117.15
CA LEU TC 137 18.20 43.04 115.92
C LEU TC 137 17.02 44.00 116.11
N MET TC 138 17.33 45.18 116.66
CA MET TC 138 16.36 46.26 116.72
C MET TC 138 17.04 47.58 116.41
N PHE TC 139 16.29 48.46 115.77
CA PHE TC 139 16.84 49.73 115.34
C PHE TC 139 17.06 50.65 116.54
N PRO TC 140 18.14 51.44 116.55
CA PRO TC 140 18.35 52.49 117.54
C PRO TC 140 17.23 53.52 117.49
N ALA UC 1 59.67 41.41 101.93
CA ALA UC 1 60.29 42.67 101.56
C ALA UC 1 60.16 43.71 102.68
N ALA UC 2 60.89 44.81 102.54
CA ALA UC 2 60.85 45.86 103.54
C ALA UC 2 59.46 46.50 103.57
N PRO UC 3 58.90 46.73 104.77
CA PRO UC 3 57.53 47.27 104.84
C PRO UC 3 57.45 48.74 104.47
N SER UC 4 58.57 49.46 104.52
CA SER UC 4 58.56 50.88 104.20
C SER UC 4 59.96 51.31 103.80
N LEU UC 5 60.02 52.38 103.00
CA LEU UC 5 61.25 52.88 102.42
C LEU UC 5 61.29 54.39 102.49
N ALA UC 6 62.47 54.94 102.74
CA ALA UC 6 62.72 56.37 102.68
C ALA UC 6 63.80 56.59 101.63
N LEU UC 7 63.40 56.77 100.39
CA LEU UC 7 64.35 56.93 99.30
C LEU UC 7 64.69 58.41 99.14
N VAL UC 8 65.85 58.68 98.52
CA VAL UC 8 66.27 60.05 98.29
C VAL UC 8 65.95 60.44 96.86
N GLY UC 9 65.20 61.53 96.70
CA GLY UC 9 64.92 62.15 95.43
C GLY UC 9 65.27 63.63 95.49
N ALA UC 10 64.59 64.40 94.64
CA ALA UC 10 64.85 65.82 94.51
C ALA UC 10 63.54 66.60 94.54
N ASN UC 11 63.54 67.73 95.24
CA ASN UC 11 62.41 68.63 95.25
C ASN UC 11 62.49 69.55 94.02
N SER UC 12 61.67 70.60 94.02
CA SER UC 12 61.67 71.53 92.89
C SER UC 12 63.01 72.26 92.77
N THR UC 13 63.75 72.40 93.87
CA THR UC 13 65.07 73.04 93.87
C THR UC 13 66.17 72.08 93.42
N LEU UC 14 65.85 70.80 93.23
CA LEU UC 14 66.79 69.70 93.05
C LEU UC 14 67.59 69.38 94.31
N ALA UC 15 67.19 69.92 95.46
CA ALA UC 15 67.82 69.56 96.72
C ALA UC 15 67.40 68.14 97.12
N SER UC 16 68.32 67.43 97.76
CA SER UC 16 68.06 66.05 98.17
C SER UC 16 66.95 66.01 99.22
N THR UC 17 65.85 65.34 98.90
CA THR UC 17 64.66 65.29 99.74
C THR UC 17 64.21 63.84 99.89
N LEU UC 18 63.71 63.48 101.07
CA LEU UC 18 63.18 62.14 101.24
C LEU UC 18 61.82 61.99 100.57
N VAL UC 19 61.61 60.83 99.95
CA VAL UC 19 60.33 60.40 99.42
C VAL UC 19 60.01 59.04 100.01
N ASN UC 20 58.83 58.94 100.61
CA ASN UC 20 58.48 57.85 101.52
C ASN UC 20 57.49 56.91 100.85
N TYR UC 21 57.79 55.62 100.88
CA TYR UC 21 56.94 54.59 100.33
C TYR UC 21 56.60 53.57 101.41
N SER UC 22 55.40 53.01 101.32
CA SER UC 22 55.02 51.88 102.16
C SER UC 22 54.62 50.70 101.27
N LEU UC 23 54.85 49.50 101.79
CA LEU UC 23 54.59 48.26 101.07
C LEU UC 23 53.10 48.01 101.04
N ARG UC 24 52.49 48.23 99.87
CA ARG UC 24 51.06 47.99 99.70
C ARG UC 24 50.77 46.54 99.31
N SER UC 25 51.52 45.95 98.38
CA SER UC 25 51.24 44.54 98.06
C SER UC 25 52.52 43.80 97.73
N GLN UC 26 52.44 42.48 97.87
CA GLN UC 26 53.51 41.58 97.45
C GLN UC 26 52.86 40.26 97.06
N ASN UC 27 53.10 39.84 95.83
CA ASN UC 27 52.42 38.69 95.25
C ASN UC 27 53.25 38.13 94.11
N GLY UC 28 53.50 36.82 94.16
CA GLY UC 28 54.09 36.12 93.04
C GLY UC 28 55.38 36.73 92.57
N ASN UC 29 56.39 36.76 93.45
CA ASN UC 29 57.67 37.41 93.18
C ASN UC 29 57.46 38.80 92.59
N ASN UC 30 56.52 39.53 93.17
CA ASN UC 30 56.22 40.87 92.71
C ASN UC 30 55.99 41.72 93.95
N VAL UC 31 56.47 42.96 93.93
CA VAL UC 31 56.44 43.84 95.10
C VAL UC 31 56.01 45.23 94.66
N ASP UC 32 55.00 45.79 95.32
CA ASP UC 32 54.40 47.07 94.95
C ASP UC 32 54.31 47.99 96.15
N TYR UC 33 54.97 49.15 96.04
CA TYR UC 33 55.00 50.20 97.04
C TYR UC 33 54.20 51.42 96.57
N VAL UC 34 53.64 52.15 97.53
CA VAL UC 34 52.94 53.40 97.22
C VAL UC 34 53.55 54.53 98.05
N CYS UC 35 53.55 55.73 97.47
CA CYS UC 35 54.15 56.88 98.13
C CYS UC 35 53.19 57.45 99.17
N THR UC 36 53.71 57.67 100.38
CA THR UC 36 52.91 58.11 101.52
C THR UC 36 52.91 59.63 101.69
N ASP UC 37 53.62 60.35 100.84
CA ASP UC 37 53.77 61.78 100.99
C ASP UC 37 52.52 62.50 100.51
N PRO UC 38 52.39 63.80 100.79
CA PRO UC 38 51.21 64.53 100.30
C PRO UC 38 51.17 64.68 98.79
N ASP UC 39 52.32 64.66 98.10
CA ASP UC 39 52.33 64.85 96.65
C ASP UC 39 51.74 63.67 95.89
N SER UC 40 51.59 62.50 96.52
CA SER UC 40 50.90 61.38 95.89
C SER UC 40 49.49 61.31 96.45
N THR UC 41 48.52 61.49 95.56
CA THR UC 41 47.10 61.37 95.89
C THR UC 41 46.58 60.08 95.29
N LEU UC 42 45.31 59.77 95.62
CA LEU UC 42 44.67 58.62 95.01
C LEU UC 42 44.59 58.78 93.51
N SER UC 43 44.29 59.99 93.05
CA SER UC 43 44.06 60.20 91.63
C SER UC 43 45.37 60.23 90.87
N ALA UC 44 46.42 60.75 91.50
CA ALA UC 44 47.74 60.90 90.89
C ALA UC 44 48.79 60.43 91.87
N PRO UC 45 49.04 59.12 91.94
CA PRO UC 45 49.91 58.57 92.98
C PRO UC 45 51.36 58.48 92.53
N GLY UC 46 52.23 58.18 93.50
CA GLY UC 46 53.59 57.76 93.24
C GLY UC 46 53.71 56.28 93.59
N LEU UC 47 54.34 55.52 92.70
CA LEU UC 47 54.27 54.06 92.79
C LEU UC 47 55.62 53.43 92.47
N ILE UC 48 55.86 52.26 93.06
CA ILE UC 48 57.04 51.47 92.74
C ILE UC 48 56.62 50.01 92.54
N ASN UC 49 57.25 49.36 91.56
CA ASN UC 49 56.97 47.99 91.18
C ASN UC 49 58.30 47.25 91.00
N ALA UC 50 58.34 45.98 91.41
CA ALA UC 50 59.56 45.17 91.24
C ALA UC 50 59.21 43.69 91.07
N LYS UC 51 59.68 43.10 89.97
CA LYS UC 51 59.38 41.73 89.57
C LYS UC 51 60.66 40.92 89.40
N PHE UC 52 60.53 39.61 89.62
CA PHE UC 52 61.61 38.65 89.39
C PHE UC 52 61.16 37.60 88.38
N ASP UC 53 61.82 37.56 87.22
CA ASP UC 53 61.72 36.43 86.29
C ASP UC 53 62.87 35.50 86.65
N ILE UC 54 62.57 34.46 87.43
CA ILE UC 54 63.58 33.50 87.87
C ILE UC 54 63.47 32.26 87.00
N LYS UC 55 64.52 31.99 86.24
CA LYS UC 55 64.56 30.84 85.36
C LYS UC 55 64.76 29.57 86.20
N ALA UC 56 64.34 28.44 85.62
CA ALA UC 56 64.57 27.12 86.19
C ALA UC 56 66.05 26.91 86.47
N PRO UC 57 66.40 26.05 87.44
CA PRO UC 57 67.82 25.82 87.71
C PRO UC 57 68.56 25.36 86.47
N GLY UC 58 69.81 25.75 86.37
CA GLY UC 58 70.58 25.45 85.19
C GLY UC 58 71.69 26.46 85.01
N ILE UC 59 72.63 26.08 84.14
CA ILE UC 59 73.76 26.94 83.85
C ILE UC 59 73.50 27.86 82.66
N THR UC 60 72.39 27.67 81.96
CA THR UC 60 72.05 28.44 80.78
C THR UC 60 70.89 29.39 81.08
N GLY UC 61 70.86 30.49 80.36
CA GLY UC 61 69.79 31.47 80.46
C GLY UC 61 70.20 32.68 81.27
N ASN UC 62 69.29 33.65 81.31
CA ASN UC 62 69.42 34.86 82.10
C ASN UC 62 68.26 34.95 83.08
N ASP UC 63 68.56 35.30 84.33
CA ASP UC 63 67.57 35.75 85.29
C ASP UC 63 67.30 37.23 85.07
N ARG UC 64 66.07 37.68 85.40
CA ARG UC 64 65.74 39.08 85.13
C ARG UC 64 65.06 39.75 86.31
N ILE UC 65 65.41 41.02 86.53
CA ILE UC 65 64.81 41.89 87.52
C ILE UC 65 64.15 43.04 86.79
N HIS UC 66 62.90 43.34 87.12
CA HIS UC 66 62.19 44.48 86.56
C HIS UC 66 61.81 45.43 87.68
N ALA UC 67 61.96 46.74 87.44
CA ALA UC 67 61.63 47.73 88.44
C ALA UC 67 61.07 48.96 87.76
N ASN UC 68 60.06 49.55 88.36
CA ASN UC 68 59.41 50.72 87.80
C ASN UC 68 59.12 51.73 88.90
N LEU UC 69 59.57 52.97 88.70
CA LEU UC 69 59.30 54.06 89.62
C LEU UC 69 58.51 55.12 88.88
N ARG UC 70 57.27 55.35 89.31
CA ARG UC 70 56.28 56.13 88.59
C ARG UC 70 55.81 57.30 89.45
N LYS UC 71 55.50 58.41 88.78
CA LYS UC 71 54.73 59.50 89.37
C LYS UC 71 53.68 59.92 88.36
N VAL UC 72 52.42 59.88 88.78
CA VAL UC 72 51.29 60.29 87.94
C VAL UC 72 51.02 61.76 88.17
N VAL UC 73 50.67 62.48 87.10
CA VAL UC 73 50.31 63.89 87.20
C VAL UC 73 49.06 64.12 86.38
N LEU UC 74 48.18 64.98 86.88
CA LEU UC 74 46.92 65.30 86.24
C LEU UC 74 47.04 66.59 85.44
N ASP UC 75 46.38 66.62 84.27
CA ASP UC 75 46.34 67.83 83.47
C ASP UC 75 45.55 68.92 84.19
N GLU UC 76 46.04 70.16 84.07
CA GLU UC 76 45.41 71.27 84.77
C GLU UC 76 43.96 71.45 84.33
N LYS UC 77 43.71 71.37 83.02
CA LYS UC 77 42.38 71.61 82.49
C LYS UC 77 41.58 70.30 82.41
N THR UC 78 42.10 69.31 81.69
CA THR UC 78 41.32 68.10 81.41
C THR UC 78 41.31 67.11 82.55
N ASN UC 79 42.21 67.24 83.53
CA ASN UC 79 42.38 66.29 84.63
C ASN UC 79 42.68 64.87 84.15
N LEU UC 80 43.06 64.72 82.88
CA LEU UC 80 43.52 63.45 82.37
C LEU UC 80 44.91 63.14 82.93
N PRO UC 81 45.15 61.91 83.36
CA PRO UC 81 46.45 61.59 83.95
C PRO UC 81 47.45 61.19 82.91
N SER UC 82 48.66 61.74 82.99
CA SER UC 82 49.80 61.17 82.31
C SER UC 82 50.89 60.90 83.34
N THR UC 83 51.69 59.88 83.07
CA THR UC 83 52.61 59.37 84.08
C THR UC 83 54.05 59.41 83.57
N GLY UC 84 54.95 59.81 84.46
CA GLY UC 84 56.38 59.84 84.18
C GLY UC 84 57.06 58.73 84.97
N SER UC 85 58.04 58.07 84.35
CA SER UC 85 58.53 56.84 84.95
C SER UC 85 59.98 56.54 84.58
N VAL UC 86 60.72 56.04 85.56
CA VAL UC 86 62.04 55.45 85.34
C VAL UC 86 61.93 53.95 85.57
N THR UC 87 62.22 53.16 84.55
CA THR UC 87 62.11 51.72 84.65
C THR UC 87 63.44 51.05 84.33
N ILE UC 88 63.76 49.99 85.06
CA ILE UC 88 65.05 49.32 85.02
C ILE UC 88 64.83 47.83 84.77
N GLN UC 89 65.63 47.27 83.87
CA GLN UC 89 65.70 45.82 83.67
C GLN UC 89 67.15 45.37 83.88
N VAL UC 90 67.34 44.44 84.81
CA VAL UC 90 68.62 43.82 85.09
C VAL UC 90 68.58 42.41 84.56
N SER UC 91 69.56 42.04 83.73
CA SER UC 91 69.66 40.71 83.14
C SER UC 91 70.97 40.09 83.60
N ILE UC 92 70.87 39.05 84.43
CA ILE UC 92 71.99 38.39 85.10
C ILE UC 92 72.16 37.00 84.46
N PRO UC 93 73.23 36.75 83.74
CA PRO UC 93 73.46 35.42 83.16
C PRO UC 93 73.78 34.39 84.24
N ARG UC 94 73.69 33.12 83.84
CA ARG UC 94 73.92 32.01 84.75
C ARG UC 94 75.23 31.27 84.50
N ASN UC 95 75.94 31.59 83.43
CA ASN UC 95 77.29 31.07 83.25
C ASN UC 95 78.14 31.43 84.47
N PRO UC 96 78.81 30.46 85.10
CA PRO UC 96 79.59 30.78 86.31
C PRO UC 96 80.66 31.83 86.08
N ALA UC 97 80.91 32.19 84.83
CA ALA UC 97 81.81 33.26 84.49
C ALA UC 97 81.21 34.65 84.74
N TRP UC 98 80.01 34.72 85.32
CA TRP UC 98 79.40 35.96 85.76
C TRP UC 98 79.40 36.01 87.29
N ASN UC 99 79.41 37.23 87.84
CA ASN UC 99 79.44 37.42 89.29
C ASN UC 99 78.39 38.42 89.73
N ALA UC 100 77.90 38.20 90.96
CA ALA UC 100 77.16 39.25 91.63
C ALA UC 100 77.96 40.55 91.66
N SER UC 101 79.29 40.45 91.75
CA SER UC 101 80.11 41.66 91.71
C SER UC 101 79.94 42.39 90.39
N MET UC 102 79.81 41.65 89.30
CA MET UC 102 79.61 42.26 87.99
C MET UC 102 78.23 42.89 87.90
N THR UC 103 77.21 42.22 88.44
CA THR UC 103 75.87 42.80 88.52
C THR UC 103 75.92 44.13 89.27
N VAL UC 104 76.52 44.13 90.45
CA VAL UC 104 76.59 45.33 91.27
C VAL UC 104 77.39 46.42 90.56
N SER UC 105 78.45 46.03 89.85
CA SER UC 105 79.24 47.01 89.14
C SER UC 105 78.41 47.72 88.06
N LEU UC 106 77.62 46.95 87.32
CA LEU UC 106 76.75 47.58 86.32
C LEU UC 106 75.71 48.48 86.99
N LEU UC 107 75.15 48.05 88.12
CA LEU UC 107 74.18 48.90 88.82
C LEU UC 107 74.82 50.21 89.24
N LYS UC 108 76.01 50.15 89.83
CA LYS UC 108 76.68 51.36 90.31
C LYS UC 108 77.04 52.27 89.15
N GLN UC 109 77.48 51.70 88.02
CA GLN UC 109 77.83 52.52 86.86
C GLN UC 109 76.60 53.20 86.28
N ALA UC 110 75.48 52.48 86.20
CA ALA UC 110 74.24 53.10 85.74
C ALA UC 110 73.82 54.22 86.67
N ALA UC 111 73.93 54.01 87.99
CA ALA UC 111 73.62 55.06 88.94
C ALA UC 111 74.51 56.29 88.72
N ASP UC 112 75.80 56.06 88.49
CA ASP UC 112 76.71 57.19 88.25
C ASP UC 112 76.34 57.93 86.96
N TYR UC 113 76.03 57.19 85.90
CA TYR UC 113 75.92 57.82 84.59
C TYR UC 113 74.55 58.44 84.35
N LEU UC 114 73.48 57.88 84.90
CA LEU UC 114 72.16 58.44 84.69
C LEU UC 114 71.62 59.23 85.88
N ALA UC 115 72.13 58.97 87.09
CA ALA UC 115 71.69 59.71 88.26
C ALA UC 115 72.78 60.56 88.90
N GLY UC 116 74.05 60.29 88.62
CA GLY UC 116 75.13 61.05 89.20
C GLY UC 116 75.24 60.90 90.70
N THR UC 117 75.25 59.65 91.19
CA THR UC 117 75.24 59.39 92.62
C THR UC 117 76.36 58.45 93.09
N SER UC 118 77.30 58.11 92.22
CA SER UC 118 78.39 57.21 92.59
C SER UC 118 79.15 57.71 93.83
N ALA UC 119 79.82 56.77 94.50
CA ALA UC 119 80.73 57.09 95.59
C ALA UC 119 81.95 57.84 95.06
N THR UC 120 82.70 58.45 95.97
CA THR UC 120 83.83 59.27 95.57
C THR UC 120 85.08 58.40 95.36
N VAL UC 121 85.70 58.55 94.19
CA VAL UC 121 86.93 57.87 93.81
C VAL UC 121 87.78 58.87 93.05
N SER UC 122 89.09 58.85 93.31
CA SER UC 122 90.01 59.74 92.62
C SER UC 122 89.95 59.51 91.11
N GLY UC 123 89.78 60.60 90.37
CA GLY UC 123 89.72 60.52 88.92
C GLY UC 123 88.37 60.21 88.33
N GLN UC 124 87.30 60.23 89.12
CA GLN UC 124 85.99 59.91 88.56
C GLN UC 124 85.49 61.13 87.81
N THR UC 125 84.70 60.91 86.76
CA THR UC 125 84.13 62.05 86.07
C THR UC 125 82.99 62.63 86.90
N ASP UC 126 82.86 63.95 86.87
CA ASP UC 126 81.82 64.64 87.63
C ASP UC 126 80.50 64.43 86.93
N THR UC 127 79.64 63.64 87.56
CA THR UC 127 78.35 63.28 87.00
C THR UC 127 77.20 64.01 87.66
N SER UC 128 77.50 65.03 88.48
CA SER UC 128 76.47 65.70 89.26
C SER UC 128 75.40 66.33 88.36
N GLY UC 129 75.81 66.92 87.25
CA GLY UC 129 74.88 67.56 86.35
C GLY UC 129 74.27 66.66 85.31
N PHE UC 130 74.70 65.41 85.28
CA PHE UC 130 74.16 64.48 84.29
C PHE UC 130 72.67 64.24 84.41
N PRO UC 131 72.08 64.06 85.61
CA PRO UC 131 70.62 63.89 85.65
C PRO UC 131 69.88 65.10 85.09
N ALA UC 132 70.37 66.30 85.36
CA ALA UC 132 69.78 67.49 84.75
C ALA UC 132 69.87 67.43 83.23
N LYS UC 133 71.05 67.11 82.70
CA LYS UC 133 71.18 67.03 81.25
C LYS UC 133 70.27 65.96 80.65
N TRP UC 134 70.12 64.84 81.33
CA TRP UC 134 69.21 63.80 80.84
C TRP UC 134 67.78 64.30 80.82
N ALA UC 135 67.34 64.91 81.93
CA ALA UC 135 65.98 65.43 82.00
C ALA UC 135 65.73 66.47 80.91
N GLY UC 136 66.79 67.14 80.45
CA GLY UC 136 66.68 67.99 79.29
C GLY UC 136 66.84 67.31 77.95
N LEU UC 137 66.96 65.98 77.92
CA LEU UC 137 67.22 65.22 76.69
C LEU UC 137 68.50 65.69 76.01
N MET UC 138 69.59 65.69 76.78
CA MET UC 138 70.91 66.07 76.29
C MET UC 138 71.91 65.03 76.74
N PHE UC 139 72.70 64.52 75.80
CA PHE UC 139 73.73 63.57 76.18
C PHE UC 139 74.79 64.26 77.02
N PRO UC 140 75.20 63.67 78.15
CA PRO UC 140 76.25 64.19 79.02
C PRO UC 140 77.58 64.33 78.30
N ALA VC 1 112.84 59.60 -3.36
CA ALA VC 1 113.52 58.44 -2.79
C ALA VC 1 114.89 58.23 -3.43
N ALA VC 2 115.82 57.68 -2.63
CA ALA VC 2 117.16 57.41 -3.13
C ALA VC 2 117.12 56.30 -4.18
N PRO VC 3 117.93 56.40 -5.23
CA PRO VC 3 117.87 55.38 -6.29
C PRO VC 3 118.51 54.06 -5.88
N SER VC 4 119.42 54.08 -4.93
CA SER VC 4 120.10 52.85 -4.51
C SER VC 4 120.68 53.07 -3.12
N LEU VC 5 120.95 51.95 -2.45
CA LEU VC 5 121.37 51.94 -1.06
C LEU VC 5 122.43 50.87 -0.86
N ALA VC 6 123.41 51.18 -0.01
CA ALA VC 6 124.39 50.21 0.44
C ALA VC 6 124.28 50.18 1.96
N LEU VC 7 123.48 49.26 2.49
CA LEU VC 7 123.23 49.19 3.92
C LEU VC 7 124.20 48.19 4.55
N VAL VC 8 124.49 48.40 5.83
CA VAL VC 8 125.39 47.48 6.53
C VAL VC 8 124.58 46.40 7.21
N GLY VC 9 124.95 45.14 6.97
CA GLY VC 9 124.39 43.98 7.62
C GLY VC 9 125.52 43.08 8.09
N ALA VC 10 125.21 41.78 8.22
CA ALA VC 10 126.16 40.80 8.74
C ALA VC 10 126.17 39.55 7.86
N ASN VC 11 127.37 38.99 7.67
CA ASN VC 11 127.53 37.75 6.95
C ASN VC 11 127.37 36.57 7.92
N SER VC 12 127.75 35.37 7.48
CA SER VC 12 127.65 34.21 8.35
C SER VC 12 128.58 34.30 9.54
N THR VC 13 129.69 35.04 9.41
CA THR VC 13 130.62 35.30 10.51
C THR VC 13 130.12 36.39 11.45
N LEU VC 14 129.05 37.09 11.07
CA LEU VC 14 128.55 38.29 11.73
C LEU VC 14 129.48 39.48 11.59
N ALA VC 15 130.41 39.42 10.64
CA ALA VC 15 131.21 40.58 10.29
C ALA VC 15 130.40 41.56 9.46
N SER VC 16 130.69 42.85 9.62
CA SER VC 16 129.93 43.88 8.94
C SER VC 16 130.14 43.79 7.43
N THR VC 17 129.06 43.60 6.69
CA THR VC 17 129.10 43.40 5.24
C THR VC 17 128.10 44.32 4.57
N LEU VC 18 128.46 44.83 3.39
CA LEU VC 18 127.48 45.61 2.66
C LEU VC 18 126.42 44.73 2.03
N VAL VC 19 125.21 45.27 1.95
CA VAL VC 19 124.09 44.66 1.25
C VAL VC 19 123.45 45.75 0.40
N ASN VC 20 123.34 45.47 -0.90
CA ASN VC 20 123.04 46.48 -1.90
C ASN VC 20 121.59 46.36 -2.33
N TYR VC 21 120.85 47.46 -2.20
CA TYR VC 21 119.48 47.56 -2.67
C TYR VC 21 119.41 48.60 -3.77
N SER VC 22 118.45 48.43 -4.67
CA SER VC 22 118.17 49.41 -5.71
C SER VC 22 116.67 49.62 -5.79
N LEU VC 23 116.28 50.83 -6.19
CA LEU VC 23 114.87 51.21 -6.16
C LEU VC 23 114.10 50.46 -7.24
N ARG VC 24 113.22 49.56 -6.81
CA ARG VC 24 112.28 48.94 -7.73
C ARG VC 24 111.22 49.94 -8.17
N SER VC 25 110.46 50.48 -7.21
CA SER VC 25 109.39 51.38 -7.63
C SER VC 25 109.01 52.33 -6.51
N GLN VC 26 108.69 53.56 -6.87
CA GLN VC 26 108.09 54.52 -5.95
C GLN VC 26 106.63 54.72 -6.34
N ASN VC 27 105.74 54.32 -5.45
CA ASN VC 27 104.35 54.73 -5.46
C ASN VC 27 104.21 55.96 -4.55
N GLY VC 28 103.06 56.60 -4.60
CA GLY VC 28 102.87 57.79 -3.79
C GLY VC 28 102.97 57.51 -2.30
N ASN VC 29 103.99 58.08 -1.66
CA ASN VC 29 104.30 57.81 -0.25
C ASN VC 29 104.55 56.33 -0.01
N ASN VC 30 105.15 55.67 -0.99
CA ASN VC 30 105.47 54.25 -0.84
C ASN VC 30 106.69 53.94 -1.68
N VAL VC 31 107.61 53.16 -1.14
CA VAL VC 31 108.88 52.88 -1.81
C VAL VC 31 109.22 51.40 -1.66
N ASP VC 32 109.62 50.78 -2.77
CA ASP VC 32 110.01 49.36 -2.81
C ASP VC 32 111.42 49.24 -3.39
N TYR VC 33 112.34 48.70 -2.58
CA TYR VC 33 113.71 48.41 -2.96
C TYR VC 33 113.92 46.89 -3.04
N VAL VC 34 114.87 46.50 -3.88
CA VAL VC 34 115.22 45.08 -4.10
C VAL VC 34 116.72 44.91 -3.95
N CYS VC 35 117.12 43.78 -3.37
CA CYS VC 35 118.54 43.51 -3.18
C CYS VC 35 119.16 43.07 -4.51
N THR VC 36 120.29 43.69 -4.85
CA THR VC 36 120.99 43.46 -6.11
C THR VC 36 122.20 42.54 -5.96
N ASP VC 37 122.38 41.92 -4.80
CA ASP VC 37 123.47 41.00 -4.59
C ASP VC 37 123.14 39.65 -5.21
N PRO VC 38 124.12 38.76 -5.33
CA PRO VC 38 123.81 37.37 -5.68
C PRO VC 38 122.99 36.64 -4.63
N ASP VC 39 122.95 37.15 -3.39
CA ASP VC 39 122.17 36.52 -2.32
C ASP VC 39 120.68 36.46 -2.67
N SER VC 40 120.15 37.54 -3.23
CA SER VC 40 118.75 37.58 -3.61
C SER VC 40 118.61 37.26 -5.09
N THR VC 41 117.59 36.47 -5.40
CA THR VC 41 117.13 36.21 -6.74
C THR VC 41 115.63 36.52 -6.78
N LEU VC 42 115.06 36.53 -7.98
CA LEU VC 42 113.62 36.74 -8.06
C LEU VC 42 112.86 35.67 -7.29
N SER VC 43 113.39 34.44 -7.28
CA SER VC 43 112.71 33.34 -6.60
C SER VC 43 112.76 33.52 -5.08
N ALA VC 44 113.89 33.99 -4.55
CA ALA VC 44 114.05 34.21 -3.11
C ALA VC 44 114.71 35.56 -2.88
N PRO VC 45 113.94 36.64 -2.92
CA PRO VC 45 114.53 37.98 -2.92
C PRO VC 45 114.76 38.55 -1.54
N GLY VC 46 115.56 39.61 -1.52
CA GLY VC 46 115.67 40.50 -0.37
C GLY VC 46 114.98 41.81 -0.73
N LEU VC 47 114.15 42.29 0.18
CA LEU VC 47 113.23 43.36 -0.18
C LEU VC 47 113.13 44.39 0.94
N ILE VC 48 112.83 45.63 0.56
CA ILE VC 48 112.55 46.70 1.52
C ILE VC 48 111.31 47.45 1.06
N ASN VC 49 110.46 47.83 2.01
CA ASN VC 49 109.23 48.55 1.75
C ASN VC 49 109.09 49.66 2.80
N ALA VC 50 108.72 50.86 2.35
CA ALA VC 50 108.53 52.00 3.25
C ALA VC 50 107.29 52.79 2.86
N LYS VC 51 106.42 53.04 3.84
CA LYS VC 51 105.11 53.63 3.64
C LYS VC 51 104.89 54.78 4.62
N PHE VC 52 104.05 55.73 4.22
CA PHE VC 52 103.71 56.90 5.02
C PHE VC 52 102.19 57.01 5.15
N ASP VC 53 101.68 56.77 6.35
CA ASP VC 53 100.29 57.02 6.70
C ASP VC 53 100.21 58.43 7.25
N ILE VC 54 99.91 59.40 6.38
CA ILE VC 54 99.84 60.80 6.74
C ILE VC 54 98.38 61.22 6.76
N LYS VC 55 97.92 61.66 7.92
CA LYS VC 55 96.53 62.04 8.07
C LYS VC 55 96.30 63.42 7.44
N ALA VC 56 95.03 63.74 7.20
CA ALA VC 56 94.67 65.02 6.63
C ALA VC 56 95.21 66.16 7.50
N PRO VC 57 95.59 67.28 6.91
CA PRO VC 57 96.22 68.35 7.70
C PRO VC 57 95.30 68.94 8.76
N GLY VC 58 93.99 68.98 8.52
CA GLY VC 58 93.07 69.46 9.54
C GLY VC 58 92.97 68.52 10.73
N ILE VC 59 92.95 67.21 10.47
CA ILE VC 59 92.73 66.20 11.51
C ILE VC 59 93.98 66.06 12.37
N THR VC 60 93.79 65.97 13.69
CA THR VC 60 94.85 65.59 14.60
C THR VC 60 94.82 64.09 14.84
N GLY VC 61 95.98 63.48 14.77
CA GLY VC 61 96.14 62.07 15.06
C GLY VC 61 97.61 61.80 15.22
N ASN VC 62 98.02 60.59 14.87
CA ASN VC 62 99.42 60.24 14.74
C ASN VC 62 99.74 60.00 13.26
N ASP VC 63 100.81 60.61 12.78
CA ASP VC 63 101.38 60.21 11.51
C ASP VC 63 102.19 58.93 11.70
N ARG VC 64 102.23 58.08 10.68
CA ARG VC 64 102.86 56.77 10.83
C ARG VC 64 103.82 56.47 9.69
N ILE VC 65 104.90 55.78 10.04
CA ILE VC 65 105.88 55.27 9.09
C ILE VC 65 105.90 53.75 9.22
N HIS VC 66 105.80 53.05 8.10
CA HIS VC 66 105.86 51.58 8.10
C HIS VC 66 107.04 51.13 7.25
N ALA VC 67 107.99 50.44 7.87
CA ALA VC 67 109.14 49.92 7.17
C ALA VC 67 109.21 48.41 7.32
N ASN VC 68 109.69 47.74 6.28
CA ASN VC 68 109.75 46.28 6.27
C ASN VC 68 110.99 45.86 5.50
N LEU VC 69 111.86 45.08 6.15
CA LEU VC 69 113.06 44.53 5.54
C LEU VC 69 112.96 43.01 5.58
N ARG VC 70 112.92 42.38 4.42
CA ARG VC 70 112.63 40.97 4.26
C ARG VC 70 113.77 40.25 3.56
N LYS VC 71 113.94 38.98 3.91
CA LYS VC 71 114.76 38.06 3.13
C LYS VC 71 114.00 36.74 3.00
N VAL VC 72 113.74 36.33 1.77
CA VAL VC 72 113.07 35.07 1.48
C VAL VC 72 114.13 33.98 1.36
N VAL VC 73 113.82 32.78 1.86
CA VAL VC 73 114.71 31.65 1.75
C VAL VC 73 113.91 30.44 1.29
N LEU VC 74 114.54 29.58 0.50
CA LEU VC 74 113.91 28.39 -0.03
C LEU VC 74 114.35 27.17 0.77
N ASP VC 75 113.40 26.27 1.03
CA ASP VC 75 113.73 25.00 1.68
C ASP VC 75 114.58 24.15 0.75
N GLU VC 76 115.64 23.55 1.30
CA GLU VC 76 116.48 22.68 0.47
C GLU VC 76 115.66 21.53 -0.11
N LYS VC 77 114.84 20.90 0.72
CA LYS VC 77 114.11 19.71 0.26
C LYS VC 77 112.90 20.07 -0.60
N THR VC 78 112.08 21.04 -0.18
CA THR VC 78 110.83 21.30 -0.88
C THR VC 78 110.83 22.54 -1.76
N ASN VC 79 111.88 23.37 -1.71
CA ASN VC 79 111.94 24.65 -2.41
C ASN VC 79 110.77 25.56 -2.07
N LEU VC 80 110.03 25.26 -1.01
CA LEU VC 80 108.99 26.14 -0.54
C LEU VC 80 109.59 27.36 0.14
N PRO VC 81 109.06 28.53 -0.12
CA PRO VC 81 109.67 29.75 0.43
C PRO VC 81 109.11 30.10 1.79
N SER VC 82 109.99 30.36 2.75
CA SER VC 82 109.58 31.04 3.96
C SER VC 82 110.46 32.26 4.13
N THR VC 83 109.91 33.29 4.75
CA THR VC 83 110.53 34.59 4.77
C THR VC 83 110.81 35.04 6.20
N GLY VC 84 111.92 35.76 6.37
CA GLY VC 84 112.27 36.36 7.65
C GLY VC 84 112.32 37.87 7.50
N SER VC 85 111.83 38.57 8.53
CA SER VC 85 111.61 40.00 8.32
C SER VC 85 111.76 40.80 9.62
N VAL VC 86 112.18 42.05 9.45
CA VAL VC 86 112.13 43.05 10.52
C VAL VC 86 111.22 44.18 10.05
N THR VC 87 110.15 44.42 10.79
CA THR VC 87 109.21 45.49 10.50
C THR VC 87 109.25 46.54 11.60
N ILE VC 88 109.04 47.79 11.20
CA ILE VC 88 109.17 48.94 12.08
C ILE VC 88 108.00 49.86 11.85
N GLN VC 89 107.39 50.33 12.93
CA GLN VC 89 106.29 51.29 12.83
C GLN VC 89 106.64 52.48 13.72
N VAL VC 90 106.71 53.65 13.12
CA VAL VC 90 107.00 54.89 13.84
C VAL VC 90 105.70 55.68 13.91
N SER VC 91 105.25 55.98 15.12
CA SER VC 91 104.02 56.76 15.33
C SER VC 91 104.41 58.09 15.96
N ILE VC 92 104.27 59.16 15.19
CA ILE VC 92 104.68 60.51 15.54
C ILE VC 92 103.42 61.34 15.80
N PRO VC 93 103.23 61.87 17.00
CA PRO VC 93 102.05 62.70 17.26
C PRO VC 93 102.15 64.10 16.66
N ARG VC 94 100.97 64.64 16.33
CA ARG VC 94 100.84 65.95 15.70
C ARG VC 94 100.73 67.10 16.70
N ASN VC 95 101.21 66.91 17.92
CA ASN VC 95 101.22 67.95 18.94
C ASN VC 95 102.58 68.65 18.94
N PRO VC 96 102.63 69.99 18.89
CA PRO VC 96 103.93 70.68 18.92
C PRO VC 96 104.79 70.33 20.11
N ALA VC 97 104.21 69.72 21.16
CA ALA VC 97 104.99 69.25 22.29
C ALA VC 97 105.89 68.07 21.94
N TRP VC 98 105.76 67.53 20.74
CA TRP VC 98 106.64 66.50 20.20
C TRP VC 98 107.45 67.09 19.07
N ASN VC 99 108.67 66.59 18.87
CA ASN VC 99 109.47 67.12 17.77
C ASN VC 99 110.37 66.04 17.19
N ALA VC 100 111.05 66.43 16.11
CA ALA VC 100 111.86 65.49 15.37
C ALA VC 100 113.02 64.98 16.21
N SER VC 101 113.52 65.78 17.15
CA SER VC 101 114.58 65.30 18.02
C SER VC 101 114.10 64.09 18.84
N MET VC 102 112.84 64.11 19.25
CA MET VC 102 112.29 63.00 20.00
C MET VC 102 112.05 61.78 19.10
N THR VC 103 111.56 62.02 17.87
CA THR VC 103 111.45 60.92 16.92
C THR VC 103 112.81 60.24 16.72
N VAL VC 104 113.85 61.03 16.47
CA VAL VC 104 115.18 60.49 16.24
C VAL VC 104 115.70 59.80 17.49
N SER VC 105 115.39 60.34 18.67
CA SER VC 105 115.85 59.73 19.90
C SER VC 105 115.27 58.33 20.05
N LEU VC 106 113.98 58.17 19.77
CA LEU VC 106 113.39 56.83 19.82
C LEU VC 106 114.05 55.91 18.80
N LEU VC 107 114.29 56.41 17.59
CA LEU VC 107 114.93 55.57 16.58
C LEU VC 107 116.31 55.10 17.05
N LYS VC 108 117.11 56.03 17.59
CA LYS VC 108 118.46 55.70 18.05
C LYS VC 108 118.42 54.70 19.20
N GLN VC 109 117.48 54.86 20.12
CA GLN VC 109 117.40 53.94 21.25
C GLN VC 109 117.00 52.55 20.79
N ALA VC 110 116.04 52.46 19.87
CA ALA VC 110 115.66 51.16 19.33
C ALA VC 110 116.84 50.51 18.62
N ALA VC 111 117.61 51.30 17.86
CA ALA VC 111 118.80 50.77 17.21
C ALA VC 111 119.78 50.22 18.23
N ASP VC 112 120.07 50.99 19.28
CA ASP VC 112 120.99 50.54 20.32
C ASP VC 112 120.48 49.23 20.94
N TYR VC 113 119.19 49.16 21.27
CA TYR VC 113 118.72 48.06 22.10
C TYR VC 113 118.45 46.78 21.31
N LEU VC 114 118.12 46.87 20.02
CA LEU VC 114 117.85 45.67 19.24
C LEU VC 114 118.93 45.32 18.23
N ALA VC 115 119.72 46.29 17.79
CA ALA VC 115 120.81 46.00 16.87
C ALA VC 115 122.19 46.24 17.47
N GLY VC 116 122.27 46.98 18.58
CA GLY VC 116 123.55 47.26 19.21
C GLY VC 116 124.47 48.07 18.33
N THR VC 117 123.97 49.20 17.81
CA THR VC 117 124.74 50.03 16.89
C THR VC 117 124.82 51.50 17.29
N SER VC 118 124.43 51.86 18.51
CA SER VC 118 124.51 53.24 18.96
C SER VC 118 125.94 53.80 18.84
N ALA VC 119 126.01 55.14 18.81
CA ALA VC 119 127.29 55.84 18.86
C ALA VC 119 127.92 55.70 20.25
N THR VC 120 129.25 55.84 20.29
CA THR VC 120 129.95 55.67 21.56
C THR VC 120 129.66 56.87 22.48
N VAL VC 121 129.18 56.56 23.68
CA VAL VC 121 128.84 57.54 24.71
C VAL VC 121 129.19 56.92 26.05
N SER VC 122 129.92 57.65 26.89
CA SER VC 122 130.42 57.06 28.12
C SER VC 122 129.26 56.69 29.04
N GLY VC 123 129.33 55.49 29.61
CA GLY VC 123 128.29 54.99 30.48
C GLY VC 123 127.21 54.19 29.78
N GLN VC 124 127.26 54.07 28.46
CA GLN VC 124 126.30 53.24 27.74
C GLN VC 124 126.51 51.78 28.06
N THR VC 125 125.41 51.04 28.11
CA THR VC 125 125.54 49.59 28.25
C THR VC 125 126.08 49.00 26.95
N ASP VC 126 126.87 47.94 27.08
CA ASP VC 126 127.48 47.27 25.93
C ASP VC 126 126.40 46.44 25.25
N THR VC 127 125.84 46.99 24.18
CA THR VC 127 124.74 46.38 23.47
C THR VC 127 125.20 45.53 22.29
N SER VC 128 126.51 45.31 22.17
CA SER VC 128 127.05 44.65 20.99
C SER VC 128 126.51 43.23 20.84
N GLY VC 129 126.31 42.51 21.95
CA GLY VC 129 125.83 41.15 21.88
C GLY VC 129 124.33 41.00 21.87
N PHE VC 130 123.62 42.12 22.03
CA PHE VC 130 122.17 42.06 22.08
C PHE VC 130 121.54 41.50 20.80
N PRO VC 131 121.98 41.86 19.58
CA PRO VC 131 121.35 41.23 18.41
C PRO VC 131 121.52 39.72 18.39
N ALA VC 132 122.68 39.22 18.81
CA ALA VC 132 122.85 37.78 18.96
C ALA VC 132 121.84 37.20 19.94
N LYS VC 133 121.71 37.82 21.12
CA LYS VC 133 120.76 37.30 22.10
C LYS VC 133 119.33 37.33 21.56
N TRP VC 134 118.96 38.40 20.87
CA TRP VC 134 117.61 38.47 20.31
C TRP VC 134 117.39 37.37 19.29
N ALA VC 135 118.35 37.17 18.38
CA ALA VC 135 118.25 36.10 17.40
C ALA VC 135 118.20 34.73 18.05
N GLY VC 136 118.62 34.62 19.31
CA GLY VC 136 118.41 33.41 20.06
C GLY VC 136 117.13 33.35 20.87
N LEU VC 137 116.23 34.34 20.74
CA LEU VC 137 115.05 34.48 21.59
C LEU VC 137 115.42 34.51 23.08
N MET VC 138 116.36 35.38 23.42
CA MET VC 138 116.82 35.59 24.78
C MET VC 138 116.79 37.08 25.08
N PHE VC 139 116.22 37.45 26.22
CA PHE VC 139 116.25 38.85 26.60
C PHE VC 139 117.67 39.26 26.97
N PRO VC 140 118.16 40.41 26.50
CA PRO VC 140 119.49 40.90 26.85
C PRO VC 140 119.62 41.09 28.35
N ALA WC 1 108.87 65.63 -12.07
CA ALA WC 1 108.57 66.83 -11.29
C ALA WC 1 109.83 67.41 -10.64
N ALA WC 2 109.82 68.72 -10.40
CA ALA WC 2 110.97 69.36 -9.78
C ALA WC 2 111.18 68.84 -8.37
N PRO WC 3 112.41 68.47 -7.99
CA PRO WC 3 112.62 67.91 -6.65
C PRO WC 3 112.47 68.92 -5.54
N SER WC 4 112.59 70.21 -5.83
CA SER WC 4 112.44 71.23 -4.81
C SER WC 4 112.05 72.55 -5.46
N LEU WC 5 111.47 73.43 -4.66
CA LEU WC 5 110.92 74.69 -5.14
C LEU WC 5 111.21 75.80 -4.14
N ALA WC 6 111.48 76.99 -4.65
CA ALA WC 6 111.65 78.19 -3.84
C ALA WC 6 110.65 79.21 -4.36
N LEU WC 7 109.46 79.24 -3.76
CA LEU WC 7 108.38 80.10 -4.24
C LEU WC 7 108.37 81.40 -3.47
N VAL WC 8 107.81 82.44 -4.07
CA VAL WC 8 107.72 83.74 -3.43
C VAL WC 8 106.38 83.89 -2.73
N GLY WC 9 106.41 84.24 -1.45
CA GLY WC 9 105.23 84.56 -0.69
C GLY WC 9 105.45 85.85 0.06
N ALA WC 10 104.70 86.06 1.15
CA ALA WC 10 104.77 87.30 1.91
C ALA WC 10 105.02 87.00 3.39
N ASN WC 11 105.89 87.79 4.01
CA ASN WC 11 106.15 87.69 5.44
C ASN WC 11 105.02 88.40 6.19
N SER WC 12 105.20 88.59 7.50
CA SER WC 12 104.19 89.28 8.30
C SER WC 12 103.99 90.72 7.84
N THR WC 13 104.97 91.30 7.16
CA THR WC 13 104.89 92.67 6.67
C THR WC 13 104.46 92.75 5.21
N LEU WC 14 104.20 91.61 4.59
CA LEU WC 14 103.82 91.49 3.17
C LEU WC 14 105.00 91.76 2.24
N ALA WC 15 106.22 91.71 2.75
CA ALA WC 15 107.40 91.77 1.90
C ALA WC 15 107.63 90.43 1.23
N SER WC 16 108.12 90.47 -0.01
CA SER WC 16 108.37 89.24 -0.73
C SER WC 16 109.44 88.41 -0.04
N THR WC 17 109.11 87.16 0.28
CA THR WC 17 109.98 86.28 1.03
C THR WC 17 109.95 84.90 0.41
N LEU WC 18 111.09 84.22 0.37
CA LEU WC 18 111.08 82.85 -0.16
C LEU WC 18 110.41 81.89 0.82
N VAL WC 19 109.79 80.87 0.25
CA VAL WC 19 109.19 79.76 0.96
C VAL WC 19 109.61 78.50 0.26
N ASN WC 20 110.23 77.59 0.99
CA ASN WC 20 110.96 76.48 0.42
C ASN WC 20 110.16 75.19 0.57
N TYR WC 21 109.89 74.54 -0.57
CA TYR WC 21 109.20 73.26 -0.59
C TYR WC 21 110.12 72.20 -1.17
N SER WC 22 109.92 70.97 -0.74
CA SER WC 22 110.63 69.81 -1.27
C SER WC 22 109.63 68.73 -1.62
N LEU WC 23 109.97 67.97 -2.67
CA LEU WC 23 109.06 66.96 -3.21
C LEU WC 23 109.03 65.74 -2.30
N ARG WC 24 107.86 65.47 -1.71
CA ARG WC 24 107.73 64.32 -0.82
C ARG WC 24 107.57 63.02 -1.59
N SER WC 25 106.63 62.98 -2.54
CA SER WC 25 106.41 61.78 -3.35
C SER WC 25 105.67 62.16 -4.63
N GLN WC 26 105.51 61.17 -5.51
CA GLN WC 26 104.73 61.33 -6.73
C GLN WC 26 103.91 60.07 -6.96
N ASN WC 27 102.58 60.22 -6.96
CA ASN WC 27 101.59 59.17 -7.18
C ASN WC 27 101.04 59.30 -8.60
N GLY WC 28 99.98 58.55 -8.89
CA GLY WC 28 99.30 58.63 -10.17
C GLY WC 28 98.79 60.03 -10.45
N ASN WC 29 99.42 60.68 -11.42
CA ASN WC 29 99.00 61.99 -11.91
C ASN WC 29 98.90 63.03 -10.80
N ASN WC 30 99.84 62.99 -9.86
CA ASN WC 30 99.81 63.98 -8.78
C ASN WC 30 101.23 64.15 -8.23
N VAL WC 31 101.38 65.18 -7.41
CA VAL WC 31 102.66 65.61 -6.87
C VAL WC 31 102.40 66.21 -5.50
N ASP WC 32 103.23 65.86 -4.52
CA ASP WC 32 103.08 66.29 -3.13
C ASP WC 32 104.38 66.95 -2.66
N TYR WC 33 104.29 68.23 -2.30
CA TYR WC 33 105.40 69.01 -1.78
C TYR WC 33 105.14 69.41 -0.34
N VAL WC 34 106.23 69.53 0.43
CA VAL WC 34 106.18 69.88 1.85
C VAL WC 34 107.12 71.06 2.09
N CYS WC 35 106.71 71.97 2.97
CA CYS WC 35 107.54 73.12 3.28
C CYS WC 35 108.67 72.71 4.21
N THR WC 36 109.89 73.14 3.89
CA THR WC 36 111.10 72.77 4.62
C THR WC 36 111.63 73.90 5.50
N ASP WC 37 110.89 74.99 5.63
CA ASP WC 37 111.30 76.09 6.46
C ASP WC 37 111.15 75.70 7.93
N PRO WC 38 111.72 76.48 8.85
CA PRO WC 38 111.53 76.17 10.28
C PRO WC 38 110.11 76.35 10.77
N ASP WC 39 109.32 77.26 10.17
CA ASP WC 39 107.98 77.55 10.68
C ASP WC 39 106.99 76.42 10.41
N SER WC 40 107.30 75.51 9.49
CA SER WC 40 106.42 74.37 9.21
C SER WC 40 106.97 73.13 9.90
N THR WC 41 106.10 72.45 10.63
CA THR WC 41 106.40 71.22 11.34
C THR WC 41 105.25 70.25 11.09
N LEU WC 42 105.41 69.00 11.50
CA LEU WC 42 104.33 68.04 11.29
C LEU WC 42 103.05 68.46 12.01
N SER WC 43 103.19 69.18 13.12
CA SER WC 43 102.02 69.66 13.83
C SER WC 43 101.26 70.71 13.02
N ALA WC 44 101.98 71.57 12.31
CA ALA WC 44 101.37 72.63 11.50
C ALA WC 44 102.17 72.84 10.23
N PRO WC 45 101.98 71.99 9.23
CA PRO WC 45 102.82 72.01 8.03
C PRO WC 45 102.33 72.97 6.98
N GLY WC 46 103.20 73.22 6.00
CA GLY WC 46 102.83 73.85 4.74
C GLY WC 46 102.94 72.83 3.62
N LEU WC 47 101.92 72.79 2.77
CA LEU WC 47 101.79 71.71 1.80
C LEU WC 47 101.38 72.24 0.44
N ILE WC 48 101.82 71.58 -0.62
CA ILE WC 48 101.36 71.86 -1.97
C ILE WC 48 101.05 70.53 -2.66
N ASN WC 49 99.94 70.49 -3.40
CA ASN WC 49 99.48 69.26 -4.03
C ASN WC 49 98.95 69.57 -5.42
N ALA WC 50 99.32 68.74 -6.40
CA ALA WC 50 98.88 68.96 -7.77
C ALA WC 50 98.45 67.65 -8.40
N LYS WC 51 97.40 67.68 -9.22
CA LYS WC 51 96.82 66.48 -9.82
C LYS WC 51 96.30 66.80 -11.21
N PHE WC 52 96.42 65.83 -12.11
CA PHE WC 52 95.85 65.93 -13.45
C PHE WC 52 94.71 64.94 -13.62
N ASP WC 53 93.55 65.44 -14.07
CA ASP WC 53 92.47 64.60 -14.57
C ASP WC 53 92.54 64.69 -16.09
N ILE WC 54 93.06 63.63 -16.72
CA ILE WC 54 93.38 63.64 -18.14
C ILE WC 54 92.37 62.75 -18.85
N LYS WC 55 91.62 63.35 -19.78
CA LYS WC 55 90.62 62.59 -20.50
C LYS WC 55 91.26 61.87 -21.68
N ALA WC 56 90.51 60.92 -22.24
CA ALA WC 56 91.02 60.05 -23.28
C ALA WC 56 91.44 60.86 -24.51
N PRO WC 57 92.29 60.28 -25.36
CA PRO WC 57 92.70 61.00 -26.57
C PRO WC 57 91.49 61.34 -27.45
N GLY WC 58 91.57 62.49 -28.10
CA GLY WC 58 90.50 63.01 -28.91
C GLY WC 58 90.39 64.50 -28.69
N ILE WC 59 89.36 65.10 -29.27
CA ILE WC 59 89.14 66.54 -29.11
C ILE WC 59 87.86 66.83 -28.35
N THR WC 60 87.26 65.81 -27.72
CA THR WC 60 85.93 65.96 -27.15
C THR WC 60 85.95 66.56 -25.75
N GLY WC 61 86.92 66.17 -24.92
CA GLY WC 61 86.82 66.36 -23.50
C GLY WC 61 87.30 67.71 -22.98
N ASN WC 62 87.45 67.76 -21.66
CA ASN WC 62 88.04 68.86 -20.90
C ASN WC 62 89.04 68.27 -19.91
N ASP WC 63 90.33 68.54 -20.12
CA ASP WC 63 91.36 68.16 -19.16
C ASP WC 63 91.28 69.08 -17.94
N ARG WC 64 91.74 68.60 -16.79
CA ARG WC 64 91.68 69.41 -15.57
C ARG WC 64 92.97 69.30 -14.78
N ILE WC 65 93.35 70.42 -14.17
CA ILE WC 65 94.49 70.54 -13.25
C ILE WC 65 93.94 70.97 -11.91
N HIS WC 66 94.38 70.29 -10.84
CA HIS WC 66 93.97 70.62 -9.48
C HIS WC 66 95.22 70.93 -8.67
N ALA WC 67 95.33 72.16 -8.19
CA ALA WC 67 96.41 72.57 -7.31
C ALA WC 67 95.84 72.98 -5.97
N ASN WC 68 96.64 72.80 -4.92
CA ASN WC 68 96.17 73.11 -3.57
C ASN WC 68 97.37 73.50 -2.73
N LEU WC 69 97.36 74.74 -2.22
CA LEU WC 69 98.42 75.27 -1.38
C LEU WC 69 97.84 75.53 -0.01
N ARG WC 70 98.32 74.81 1.00
CA ARG WC 70 97.76 74.85 2.33
C ARG WC 70 98.82 75.23 3.35
N LYS WC 71 98.37 75.86 4.44
CA LYS WC 71 99.18 76.08 5.63
C LYS WC 71 98.32 75.86 6.87
N VAL WC 72 98.81 75.05 7.79
CA VAL WC 72 98.10 74.76 9.03
C VAL WC 72 98.64 75.69 10.11
N VAL WC 73 97.74 76.13 11.00
CA VAL WC 73 98.11 77.00 12.11
C VAL WC 73 97.46 76.46 13.36
N LEU WC 74 98.12 76.68 14.50
CA LEU WC 74 97.64 76.22 15.80
C LEU WC 74 97.17 77.40 16.64
N ASP WC 75 96.05 77.21 17.33
CA ASP WC 75 95.51 78.24 18.22
C ASP WC 75 96.47 78.52 19.37
N GLU WC 76 96.72 79.80 19.66
CA GLU WC 76 97.59 80.14 20.77
C GLU WC 76 97.03 79.66 22.10
N LYS WC 77 95.72 79.49 22.19
CA LYS WC 77 95.11 79.13 23.46
C LYS WC 77 94.98 77.62 23.62
N THR WC 78 94.70 76.91 22.53
CA THR WC 78 94.36 75.50 22.60
C THR WC 78 95.22 74.58 21.73
N ASN WC 79 96.15 75.12 20.94
CA ASN WC 79 96.91 74.35 19.95
C ASN WC 79 95.98 73.57 19.00
N LEU WC 80 94.77 74.07 18.81
CA LEU WC 80 93.93 73.36 17.86
C LEU WC 80 94.22 73.81 16.44
N PRO WC 81 94.31 72.85 15.51
CA PRO WC 81 94.71 73.20 14.15
C PRO WC 81 93.52 73.69 13.34
N SER WC 82 93.75 74.75 12.58
CA SER WC 82 92.88 75.09 11.47
C SER WC 82 93.77 75.43 10.28
N THR WC 83 93.26 75.20 9.07
CA THR WC 83 94.07 75.31 7.88
C THR WC 83 93.55 76.44 6.99
N GLY WC 84 94.48 77.17 6.38
CA GLY WC 84 94.18 78.11 5.33
C GLY WC 84 94.65 77.53 4.02
N SER WC 85 93.91 77.81 2.95
CA SER WC 85 94.25 77.16 1.69
C SER WC 85 93.83 78.00 0.49
N VAL WC 86 94.61 77.90 -0.56
CA VAL WC 86 94.26 78.40 -1.89
C VAL WC 86 94.26 77.21 -2.84
N THR WC 87 93.09 76.90 -3.37
CA THR WC 87 92.95 75.80 -4.33
C THR WC 87 92.65 76.37 -5.70
N ILE WC 88 93.14 75.69 -6.73
CA ILE WC 88 93.05 76.14 -8.11
C ILE WC 88 92.59 74.97 -8.96
N GLN WC 89 91.67 75.24 -9.88
CA GLN WC 89 91.24 74.24 -10.85
C GLN WC 89 91.27 74.85 -12.24
N VAL WC 90 92.10 74.29 -13.11
CA VAL WC 90 92.22 74.70 -14.50
C VAL WC 90 91.50 73.67 -15.35
N SER WC 91 90.62 74.13 -16.24
CA SER WC 91 89.90 73.27 -17.16
C SER WC 91 90.22 73.72 -18.57
N ILE WC 92 90.90 72.83 -19.32
CA ILE WC 92 91.44 73.06 -20.65
C ILE WC 92 90.63 72.22 -21.64
N PRO WC 93 89.85 72.83 -22.52
CA PRO WC 93 89.15 72.05 -23.55
C PRO WC 93 90.10 71.51 -24.61
N ARG WC 94 89.67 70.42 -25.25
CA ARG WC 94 90.45 69.76 -26.27
C ARG WC 94 90.01 70.14 -27.69
N ASN WC 95 88.87 70.80 -27.85
CA ASN WC 95 88.47 71.39 -29.12
C ASN WC 95 89.62 72.24 -29.66
N PRO WC 96 90.12 71.94 -30.87
CA PRO WC 96 91.30 72.67 -31.39
C PRO WC 96 91.12 74.16 -31.49
N ALA WC 97 89.91 74.66 -31.23
CA ALA WC 97 89.68 76.09 -31.14
C ALA WC 97 90.22 76.70 -29.85
N TRP WC 98 90.89 75.91 -29.01
CA TRP WC 98 91.53 76.37 -27.79
C TRP WC 98 93.05 76.26 -27.93
N ASN WC 99 93.77 77.07 -27.16
CA ASN WC 99 95.23 77.12 -27.23
C ASN WC 99 95.85 77.04 -25.85
N ALA WC 100 97.04 76.45 -25.82
CA ALA WC 100 97.90 76.64 -24.65
C ALA WC 100 98.09 78.12 -24.34
N SER WC 101 98.10 78.96 -25.38
CA SER WC 101 98.21 80.40 -25.15
C SER WC 101 97.00 80.91 -24.37
N MET WC 102 95.82 80.37 -24.65
CA MET WC 102 94.62 80.79 -23.93
C MET WC 102 94.66 80.31 -22.49
N THR WC 103 95.13 79.08 -22.27
CA THR WC 103 95.35 78.59 -20.90
C THR WC 103 96.27 79.53 -20.14
N VAL WC 104 97.42 79.84 -20.72
CA VAL WC 104 98.40 80.70 -20.05
C VAL WC 104 97.82 82.08 -19.81
N SER WC 105 97.01 82.58 -20.75
CA SER WC 105 96.41 83.90 -20.57
C SER WC 105 95.47 83.92 -19.38
N LEU WC 106 94.64 82.88 -19.24
CA LEU WC 106 93.78 82.80 -18.06
C LEU WC 106 94.61 82.72 -16.78
N LEU WC 107 95.69 81.93 -16.79
CA LEU WC 107 96.52 81.84 -15.60
C LEU WC 107 97.10 83.21 -15.22
N LYS WC 108 97.63 83.93 -16.21
CA LYS WC 108 98.23 85.24 -15.94
C LYS WC 108 97.19 86.23 -15.44
N GLN WC 109 95.98 86.19 -16.01
CA GLN WC 109 94.94 87.11 -15.58
C GLN WC 109 94.50 86.81 -14.15
N ALA WC 110 94.33 85.53 -13.82
CA ALA WC 110 93.99 85.18 -12.45
C ALA WC 110 95.08 85.63 -11.49
N ALA WC 111 96.34 85.47 -11.89
CA ALA WC 111 97.45 85.91 -11.05
C ALA WC 111 97.39 87.41 -10.82
N ASP WC 112 97.20 88.19 -11.89
CA ASP WC 112 97.08 89.64 -11.76
C ASP WC 112 95.92 90.01 -10.86
N TYR WC 113 94.77 89.34 -11.01
CA TYR WC 113 93.56 89.82 -10.34
C TYR WC 113 93.44 89.37 -8.89
N LEU WC 114 94.03 88.24 -8.53
CA LEU WC 114 93.94 87.77 -7.15
C LEU WC 114 95.24 87.87 -6.37
N ALA WC 115 96.39 87.93 -7.04
CA ALA WC 115 97.67 88.10 -6.37
C ALA WC 115 98.37 89.41 -6.72
N GLY WC 116 97.98 90.08 -7.80
CA GLY WC 116 98.61 91.31 -8.20
C GLY WC 116 100.07 91.15 -8.55
N THR WC 117 100.38 90.18 -9.41
CA THR WC 117 101.77 89.84 -9.73
C THR WC 117 102.08 89.90 -11.23
N SER WC 118 101.14 90.34 -12.07
CA SER WC 118 101.35 90.36 -13.51
C SER WC 118 102.57 91.20 -13.91
N ALA WC 119 103.05 90.95 -15.13
CA ALA WC 119 104.11 91.75 -15.73
C ALA WC 119 103.60 93.15 -16.05
N THR WC 120 104.53 94.03 -16.42
CA THR WC 120 104.21 95.43 -16.65
C THR WC 120 103.81 95.67 -18.10
N VAL WC 121 102.63 96.28 -18.29
CA VAL WC 121 102.13 96.66 -19.60
C VAL WC 121 101.54 98.06 -19.45
N SER WC 122 101.44 98.78 -20.57
CA SER WC 122 101.15 100.21 -20.54
C SER WC 122 99.91 100.52 -19.71
N GLY WC 123 98.74 100.10 -20.17
CA GLY WC 123 97.53 100.59 -19.56
C GLY WC 123 96.99 99.71 -18.44
N GLN WC 124 97.84 98.94 -17.79
CA GLN WC 124 97.34 97.92 -16.88
C GLN WC 124 96.78 98.59 -15.63
N THR WC 125 95.78 97.98 -15.02
CA THR WC 125 95.31 98.53 -13.76
C THR WC 125 96.22 98.08 -12.63
N ASP WC 126 96.34 98.94 -11.62
CA ASP WC 126 97.21 98.70 -10.49
C ASP WC 126 96.56 97.66 -9.59
N THR WC 127 97.14 96.47 -9.55
CA THR WC 127 96.61 95.34 -8.82
C THR WC 127 97.43 94.99 -7.60
N SER WC 128 98.38 95.84 -7.22
CA SER WC 128 99.27 95.52 -6.11
C SER WC 128 98.51 95.36 -4.80
N GLY WC 129 97.46 96.16 -4.60
CA GLY WC 129 96.70 96.10 -3.36
C GLY WC 129 95.58 95.09 -3.36
N PHE WC 130 95.32 94.46 -4.50
CA PHE WC 130 94.23 93.50 -4.59
C PHE WC 130 94.38 92.33 -3.64
N PRO WC 131 95.55 91.69 -3.48
CA PRO WC 131 95.61 90.60 -2.49
C PRO WC 131 95.25 91.04 -1.09
N ALA WC 132 95.67 92.24 -0.69
CA ALA WC 132 95.27 92.78 0.60
C ALA WC 132 93.75 92.93 0.69
N LYS WC 133 93.14 93.50 -0.35
CA LYS WC 133 91.69 93.69 -0.32
C LYS WC 133 90.96 92.34 -0.27
N TRP WC 134 91.47 91.35 -0.99
CA TRP WC 134 90.85 90.02 -0.93
C TRP WC 134 90.96 89.44 0.48
N ALA WC 135 92.17 89.49 1.06
CA ALA WC 135 92.38 88.96 2.39
C ALA WC 135 91.53 89.67 3.44
N GLY WC 136 91.07 90.88 3.13
CA GLY WC 136 90.09 91.55 3.95
C GLY WC 136 88.65 91.22 3.61
N LEU WC 137 88.42 90.29 2.69
CA LEU WC 137 87.09 89.95 2.19
C LEU WC 137 86.36 91.17 1.66
N MET WC 138 87.02 91.90 0.76
CA MET WC 138 86.38 92.97 0.02
C MET WC 138 86.86 92.94 -1.43
N PHE WC 139 85.95 93.31 -2.33
CA PHE WC 139 86.24 93.26 -3.74
C PHE WC 139 87.21 94.37 -4.13
N PRO WC 140 88.14 94.11 -5.06
CA PRO WC 140 89.00 95.13 -5.65
C PRO WC 140 88.16 96.19 -6.36
N ALA XC 1 111.46 55.80 -10.37
CA ALA XC 1 111.83 55.74 -11.78
C ALA XC 1 112.49 57.04 -12.24
N ALA XC 2 113.09 57.01 -13.42
CA ALA XC 2 113.75 58.19 -13.97
C ALA XC 2 112.72 59.29 -14.24
N PRO XC 3 113.01 60.53 -13.86
CA PRO XC 3 112.02 61.60 -14.03
C PRO XC 3 111.86 62.04 -15.47
N SER XC 4 112.83 61.75 -16.33
CA SER XC 4 112.75 62.16 -17.72
C SER XC 4 113.66 61.27 -18.55
N LEU XC 5 113.31 61.14 -19.83
CA LEU XC 5 113.98 60.25 -20.77
C LEU XC 5 114.18 60.94 -22.11
N ALA XC 6 115.32 60.68 -22.73
CA ALA XC 6 115.60 61.13 -24.09
C ALA XC 6 115.85 59.88 -24.93
N LEU XC 7 114.79 59.32 -25.50
CA LEU XC 7 114.91 58.09 -26.26
C LEU XC 7 115.21 58.42 -27.73
N VAL XC 8 115.78 57.47 -28.45
CA VAL XC 8 116.10 57.66 -29.86
C VAL XC 8 115.00 57.02 -30.70
N GLY XC 9 114.41 57.82 -31.58
CA GLY XC 9 113.48 57.37 -32.59
C GLY XC 9 113.91 57.86 -33.96
N ALA XC 10 112.93 58.00 -34.85
CA ALA XC 10 113.18 58.38 -36.23
C ALA XC 10 112.22 59.48 -36.65
N ASN XC 11 112.75 60.47 -37.37
CA ASN XC 11 111.92 61.51 -37.95
C ASN XC 11 111.33 61.03 -39.26
N SER XC 12 110.76 61.95 -40.04
CA SER XC 12 110.17 61.58 -41.32
C SER XC 12 111.22 61.04 -42.29
N THR XC 13 112.48 61.44 -42.14
CA THR XC 13 113.57 60.97 -42.98
C THR XC 13 114.10 59.61 -42.53
N LEU XC 14 113.62 59.10 -41.39
CA LEU XC 14 114.17 57.95 -40.67
C LEU XC 14 115.53 58.23 -40.05
N ALA XC 15 115.95 59.49 -39.99
CA ALA XC 15 117.18 59.84 -39.30
C ALA XC 15 116.98 59.75 -37.79
N SER XC 16 118.03 59.35 -37.08
CA SER XC 16 117.95 59.18 -35.64
C SER XC 16 117.70 60.52 -34.96
N THR XC 17 116.57 60.63 -34.25
CA THR XC 17 116.13 61.88 -33.63
C THR XC 17 115.74 61.60 -32.19
N LEU XC 18 116.03 62.55 -31.30
CA LEU XC 18 115.59 62.39 -29.91
C LEU XC 18 114.10 62.64 -29.77
N VAL XC 19 113.46 61.82 -28.93
CA VAL XC 19 112.09 61.99 -28.51
C VAL XC 19 112.07 62.00 -26.99
N ASN XC 20 111.49 63.04 -26.42
CA ASN XC 20 111.66 63.39 -25.01
C ASN XC 20 110.40 63.08 -24.23
N TYR XC 21 110.55 62.37 -23.13
CA TYR XC 21 109.45 62.01 -22.25
C TYR XC 21 109.73 62.52 -20.84
N SER XC 22 108.68 62.91 -20.12
CA SER XC 22 108.79 63.20 -18.70
C SER XC 22 107.84 62.30 -17.92
N LEU XC 23 108.23 62.01 -16.68
CA LEU XC 23 107.49 61.11 -15.81
C LEU XC 23 106.26 61.83 -15.29
N ARG XC 24 105.10 61.47 -15.83
CA ARG XC 24 103.85 62.06 -15.38
C ARG XC 24 103.25 61.32 -14.19
N SER XC 25 103.23 59.99 -14.17
CA SER XC 25 102.70 59.31 -13.00
C SER XC 25 103.46 58.03 -12.71
N GLN XC 26 103.36 57.58 -11.46
CA GLN XC 26 103.88 56.29 -11.05
C GLN XC 26 103.01 55.82 -9.89
N ASN XC 27 102.43 54.63 -10.05
CA ASN XC 27 101.45 54.13 -9.10
C ASN XC 27 101.37 52.62 -9.22
N GLY XC 28 101.49 51.94 -8.08
CA GLY XC 28 101.23 50.51 -8.01
C GLY XC 28 102.02 49.71 -9.02
N ASN XC 29 103.35 49.77 -8.90
CA ASN XC 29 104.26 49.12 -9.86
C ASN XC 29 103.86 49.45 -11.29
N ASN XC 30 103.52 50.70 -11.52
CA ASN XC 30 103.12 51.14 -12.84
C ASN XC 30 103.75 52.51 -13.06
N VAL XC 31 104.24 52.76 -14.28
CA VAL XC 31 104.98 53.98 -14.60
C VAL XC 31 104.49 54.52 -15.93
N ASP XC 32 104.14 55.81 -15.96
CA ASP XC 32 103.54 56.45 -17.13
C ASP XC 32 104.29 57.74 -17.46
N TYR XC 33 104.83 57.80 -18.68
CA TYR XC 33 105.55 58.93 -19.22
C TYR XC 33 104.74 59.59 -20.33
N VAL XC 34 104.92 60.90 -20.50
CA VAL XC 34 104.30 61.64 -21.59
C VAL XC 34 105.38 62.35 -22.40
N CYS XC 35 105.14 62.48 -23.70
CA CYS XC 35 106.10 63.10 -24.60
C CYS XC 35 106.02 64.62 -24.50
N THR XC 36 107.18 65.26 -24.32
CA THR XC 36 107.26 66.70 -24.10
C THR XC 36 107.50 67.47 -25.39
N ASP XC 37 107.62 66.80 -26.53
CA ASP XC 37 107.95 67.45 -27.78
C ASP XC 37 106.72 68.14 -28.35
N PRO XC 38 106.89 68.98 -29.38
CA PRO XC 38 105.73 69.63 -29.99
C PRO XC 38 104.79 68.67 -30.70
N ASP XC 39 105.30 67.53 -31.18
CA ASP XC 39 104.44 66.61 -31.94
C ASP XC 39 103.41 65.90 -31.07
N SER XC 40 103.57 65.91 -29.74
CA SER XC 40 102.56 65.38 -28.84
C SER XC 40 101.76 66.55 -28.29
N THR XC 41 100.48 66.57 -28.58
CA THR XC 41 99.54 67.55 -28.06
C THR XC 41 98.65 66.87 -27.03
N LEU XC 42 97.82 67.68 -26.37
CA LEU XC 42 96.84 67.13 -25.45
C LEU XC 42 95.89 66.21 -26.17
N SER XC 43 95.48 66.59 -27.37
CA SER XC 43 94.45 65.82 -28.07
C SER XC 43 95.05 64.55 -28.68
N ALA XC 44 96.30 64.62 -29.11
CA ALA XC 44 96.99 63.51 -29.75
C ALA XC 44 98.39 63.38 -29.16
N PRO XC 45 98.51 62.71 -28.01
CA PRO XC 45 99.78 62.69 -27.28
C PRO XC 45 100.66 61.50 -27.68
N GLY XC 46 101.90 61.56 -27.20
CA GLY XC 46 102.79 60.41 -27.20
C GLY XC 46 102.97 59.94 -25.77
N LEU XC 47 102.87 58.63 -25.57
CA LEU XC 47 102.74 58.09 -24.22
C LEU XC 47 103.57 56.82 -24.05
N ILE XC 48 104.01 56.58 -22.82
CA ILE XC 48 104.69 55.34 -22.47
C ILE XC 48 104.12 54.81 -21.18
N ASN XC 49 103.97 53.48 -21.10
CA ASN XC 49 103.41 52.77 -19.98
C ASN XC 49 104.29 51.57 -19.65
N ALA XC 50 104.45 51.26 -18.37
CA ALA XC 50 105.25 50.09 -17.96
C ALA XC 50 104.75 49.54 -16.64
N LYS XC 51 104.40 48.24 -16.63
CA LYS XC 51 103.80 47.54 -15.50
C LYS XC 51 104.65 46.34 -15.11
N PHE XC 52 104.58 45.98 -13.82
CA PHE XC 52 105.22 44.78 -13.27
C PHE XC 52 104.16 43.88 -12.64
N ASP XC 53 103.98 42.69 -13.20
CA ASP XC 53 103.25 41.60 -12.53
C ASP XC 53 104.30 40.78 -11.79
N ILE XC 54 104.44 41.04 -10.49
CA ILE XC 54 105.43 40.35 -9.68
C ILE XC 54 104.70 39.26 -8.88
N LYS XC 55 105.06 38.02 -9.16
CA LYS XC 55 104.47 36.88 -8.48
C LYS XC 55 105.02 36.79 -7.05
N ALA XC 56 104.25 36.13 -6.19
CA ALA XC 56 104.65 35.83 -4.82
C ALA XC 56 105.98 35.08 -4.82
N PRO XC 57 106.78 35.17 -3.75
CA PRO XC 57 108.05 34.45 -3.73
C PRO XC 57 107.84 32.96 -3.96
N GLY XC 58 108.81 32.35 -4.60
CA GLY XC 58 108.68 30.96 -4.96
C GLY XC 58 109.54 30.64 -6.16
N ILE XC 59 109.73 29.34 -6.37
CA ILE XC 59 110.53 28.87 -7.48
C ILE XC 59 109.69 28.59 -8.71
N THR XC 60 108.36 28.66 -8.60
CA THR XC 60 107.44 28.37 -9.68
C THR XC 60 106.80 29.66 -10.18
N GLY XC 61 106.42 29.65 -11.45
CA GLY XC 61 105.72 30.77 -12.06
C GLY XC 61 106.63 31.63 -12.91
N ASN XC 62 106.01 32.60 -13.58
CA ASN XC 62 106.71 33.61 -14.37
C ASN XC 62 106.38 34.99 -13.82
N ASP XC 63 107.40 35.83 -13.71
CA ASP XC 63 107.23 37.27 -13.52
C ASP XC 63 107.01 37.91 -14.88
N ARG XC 64 106.28 39.03 -14.90
CA ARG XC 64 105.97 39.65 -16.19
C ARG XC 64 106.19 41.16 -16.19
N ILE XC 65 106.71 41.66 -17.30
CA ILE XC 65 106.91 43.08 -17.56
C ILE XC 65 106.03 43.45 -18.75
N HIS XC 66 105.28 44.53 -18.62
CA HIS XC 66 104.47 45.05 -19.73
C HIS XC 66 104.92 46.46 -20.06
N ALA XC 67 105.01 46.76 -21.35
CA ALA XC 67 105.43 48.09 -21.77
C ALA XC 67 104.68 48.48 -23.03
N ASN XC 68 104.29 49.75 -23.12
CA ASN XC 68 103.53 50.23 -24.26
C ASN XC 68 104.05 51.59 -24.66
N LEU XC 69 104.40 51.74 -25.94
CA LEU XC 69 104.83 53.02 -26.50
C LEU XC 69 103.83 53.42 -27.58
N ARG XC 70 103.13 54.53 -27.36
CA ARG XC 70 101.99 54.94 -28.14
C ARG XC 70 102.23 56.32 -28.75
N LYS XC 71 101.69 56.51 -29.95
CA LYS XC 71 101.51 57.84 -30.53
C LYS XC 71 100.10 57.93 -31.09
N VAL XC 72 99.35 58.93 -30.63
CA VAL XC 72 97.98 59.16 -31.11
C VAL XC 72 98.04 60.12 -32.28
N VAL XC 73 97.18 59.90 -33.26
CA VAL XC 73 97.07 60.78 -34.41
C VAL XC 73 95.60 61.03 -34.70
N LEU XC 74 95.28 62.26 -35.08
CA LEU XC 74 93.91 62.69 -35.36
C LEU XC 74 93.63 62.63 -36.86
N ASP XC 75 92.42 62.21 -37.22
CA ASP XC 75 92.00 62.21 -38.62
C ASP XC 75 91.91 63.63 -39.14
N GLU XC 76 92.33 63.81 -40.40
CA GLU XC 76 92.34 65.14 -40.98
C GLU XC 76 90.94 65.75 -41.02
N LYS XC 77 89.95 64.94 -41.41
CA LYS XC 77 88.60 65.45 -41.56
C LYS XC 77 87.80 65.29 -40.27
N THR XC 78 87.69 64.05 -39.77
CA THR XC 78 86.80 63.76 -38.65
C THR XC 78 87.40 64.12 -37.29
N ASN XC 79 88.72 64.34 -37.21
CA ASN XC 79 89.42 64.60 -35.96
C ASN XC 79 89.26 63.47 -34.94
N LEU XC 80 88.79 62.30 -35.39
CA LEU XC 80 88.73 61.13 -34.54
C LEU XC 80 90.15 60.60 -34.33
N PRO XC 81 90.49 60.21 -33.11
CA PRO XC 81 91.85 59.74 -32.85
C PRO XC 81 91.99 58.27 -33.12
N SER XC 82 93.04 57.88 -33.82
CA SER XC 82 93.48 56.50 -33.83
C SER XC 82 94.94 56.47 -33.39
N THR XC 83 95.34 55.38 -32.74
CA THR XC 83 96.62 55.33 -32.08
C THR XC 83 97.47 54.17 -32.61
N GLY XC 84 98.76 54.45 -32.81
CA GLY XC 84 99.72 53.45 -33.22
C GLY XC 84 100.64 53.12 -32.06
N SER XC 85 101.01 51.84 -31.93
CA SER XC 85 101.64 51.43 -30.68
C SER XC 85 102.54 50.22 -30.85
N VAL XC 86 103.68 50.25 -30.18
CA VAL XC 86 104.54 49.09 -30.00
C VAL XC 86 104.46 48.67 -28.55
N THR XC 87 104.01 47.44 -28.30
CA THR XC 87 103.87 46.95 -26.95
C THR XC 87 104.68 45.65 -26.76
N ILE XC 88 105.28 45.52 -25.58
CA ILE XC 88 106.23 44.46 -25.26
C ILE XC 88 105.77 43.76 -23.99
N GLN XC 89 105.81 42.42 -23.99
CA GLN XC 89 105.64 41.61 -22.80
C GLN XC 89 106.86 40.74 -22.60
N VAL XC 90 107.49 40.87 -21.43
CA VAL XC 90 108.63 40.06 -21.04
C VAL XC 90 108.16 39.09 -19.97
N SER XC 91 108.41 37.80 -20.18
CA SER XC 91 108.02 36.75 -19.24
C SER XC 91 109.28 36.04 -18.76
N ILE XC 92 109.61 36.22 -17.49
CA ILE XC 92 110.84 35.75 -16.86
C ILE XC 92 110.47 34.61 -15.91
N PRO XC 93 110.87 33.38 -16.20
CA PRO XC 93 110.59 32.27 -15.28
C PRO XC 93 111.41 32.39 -13.99
N ARG XC 94 111.00 31.61 -13.00
CA ARG XC 94 111.64 31.61 -11.69
C ARG XC 94 112.46 30.37 -11.40
N ASN XC 95 112.41 29.36 -12.25
CA ASN XC 95 113.32 28.23 -12.12
C ASN XC 95 114.76 28.75 -12.15
N PRO XC 96 115.60 28.38 -11.17
CA PRO XC 96 116.97 28.91 -11.14
C PRO XC 96 117.77 28.59 -12.38
N ALA XC 97 117.25 27.74 -13.25
CA ALA XC 97 117.84 27.46 -14.54
C ALA XC 97 117.64 28.59 -15.54
N TRP XC 98 117.04 29.70 -15.13
CA TRP XC 98 116.93 30.90 -15.95
C TRP XC 98 117.85 31.99 -15.39
N ASN XC 99 118.30 32.90 -16.26
CA ASN XC 99 119.20 33.96 -15.86
C ASN XC 99 118.73 35.32 -16.36
N ALA XC 100 119.06 36.35 -15.59
CA ALA XC 100 118.95 37.69 -16.11
C ALA XC 100 119.72 37.82 -17.42
N SER XC 101 120.82 37.09 -17.58
CA SER XC 101 121.55 37.12 -18.83
C SER XC 101 120.69 36.62 -19.98
N MET XC 102 119.85 35.61 -19.71
CA MET XC 102 118.97 35.09 -20.75
C MET XC 102 117.86 36.09 -21.06
N THR XC 103 117.33 36.75 -20.03
CA THR XC 103 116.37 37.84 -20.26
C THR XC 103 116.96 38.92 -21.15
N VAL XC 104 118.16 39.39 -20.81
CA VAL XC 104 118.80 40.44 -21.57
C VAL XC 104 119.10 39.97 -22.99
N SER XC 105 119.49 38.70 -23.14
CA SER XC 105 119.77 38.18 -24.47
C SER XC 105 118.53 38.22 -25.35
N LEU XC 106 117.39 37.81 -24.80
CA LEU XC 106 116.15 37.90 -25.57
C LEU XC 106 115.80 39.35 -25.91
N LEU XC 107 116.00 40.28 -24.96
CA LEU XC 107 115.72 41.68 -25.24
C LEU XC 107 116.59 42.19 -26.39
N LYS XC 108 117.89 41.88 -26.34
CA LYS XC 108 118.81 42.35 -27.37
C LYS XC 108 118.48 41.75 -28.72
N GLN XC 109 118.10 40.47 -28.74
CA GLN XC 109 117.75 39.83 -30.01
C GLN XC 109 116.48 40.42 -30.60
N ALA XC 110 115.48 40.69 -29.75
CA ALA XC 110 114.28 41.35 -30.23
C ALA XC 110 114.59 42.73 -30.79
N ALA XC 111 115.46 43.48 -30.10
CA ALA XC 111 115.87 44.78 -30.60
C ALA XC 111 116.54 44.66 -31.97
N ASP XC 112 117.42 43.66 -32.13
CA ASP XC 112 118.08 43.47 -33.41
C ASP XC 112 117.08 43.12 -34.50
N TYR XC 113 116.14 42.22 -34.20
CA TYR XC 113 115.31 41.66 -35.26
C TYR XC 113 114.13 42.55 -35.63
N LEU XC 114 113.57 43.30 -34.69
CA LEU XC 114 112.44 44.16 -35.00
C LEU XC 114 112.80 45.64 -35.12
N ALA XC 115 113.91 46.07 -34.53
CA ALA XC 115 114.32 47.46 -34.64
C ALA XC 115 115.65 47.64 -35.36
N GLY XC 116 116.46 46.61 -35.49
CA GLY XC 116 117.74 46.72 -36.17
C GLY XC 116 118.72 47.64 -35.46
N THR XC 117 118.91 47.41 -34.15
CA THR XC 117 119.75 48.30 -33.34
C THR XC 117 120.83 47.58 -32.55
N SER XC 118 121.03 46.28 -32.77
CA SER XC 118 122.04 45.53 -32.05
C SER XC 118 123.44 46.17 -32.16
N ALA XC 119 124.29 45.84 -31.19
CA ALA XC 119 125.70 46.22 -31.23
C ALA XC 119 126.41 45.47 -32.36
N THR XC 120 127.61 45.94 -32.70
CA THR XC 120 128.34 45.37 -33.82
C THR XC 120 129.12 44.14 -33.38
N VAL XC 121 128.92 43.04 -34.11
CA VAL XC 121 129.61 41.78 -33.90
C VAL XC 121 129.91 41.19 -35.28
N SER XC 122 131.11 40.62 -35.42
CA SER XC 122 131.50 39.99 -36.69
C SER XC 122 130.52 38.90 -37.06
N GLY XC 123 130.03 38.94 -38.29
CA GLY XC 123 129.11 37.93 -38.78
C GLY XC 123 127.66 38.18 -38.47
N GLN XC 124 127.28 39.34 -37.96
CA GLN XC 124 125.88 39.56 -37.62
C GLN XC 124 125.12 39.86 -38.91
N THR XC 125 123.84 39.48 -38.96
CA THR XC 125 123.09 39.84 -40.14
C THR XC 125 122.71 41.32 -40.09
N ASP XC 126 122.72 41.95 -41.26
CA ASP XC 126 122.42 43.37 -41.37
C ASP XC 126 120.92 43.55 -41.19
N THR XC 127 120.54 44.14 -40.05
CA THR XC 127 119.15 44.33 -39.68
C THR XC 127 118.71 45.77 -39.85
N SER XC 128 119.53 46.61 -40.49
CA SER XC 128 119.24 48.03 -40.58
C SER XC 128 117.90 48.29 -41.27
N GLY XC 129 117.60 47.54 -42.34
CA GLY XC 129 116.38 47.74 -43.08
C GLY XC 129 115.19 46.99 -42.55
N PHE XC 130 115.40 46.15 -41.53
CA PHE XC 130 114.30 45.38 -40.98
C PHE XC 130 113.17 46.21 -40.41
N PRO XC 131 113.40 47.29 -39.65
CA PRO XC 131 112.26 48.09 -39.19
C PRO XC 131 111.44 48.66 -40.33
N ALA XC 132 112.10 49.08 -41.42
CA ALA XC 132 111.36 49.53 -42.60
C ALA XC 132 110.51 48.39 -43.15
N LYS XC 133 111.10 47.21 -43.32
CA LYS XC 133 110.33 46.08 -43.86
C LYS XC 133 109.16 45.73 -42.95
N TRP XC 134 109.35 45.80 -41.64
CA TRP XC 134 108.24 45.52 -40.73
C TRP XC 134 107.14 46.55 -40.89
N ALA XC 135 107.50 47.84 -40.89
CA ALA XC 135 106.51 48.89 -41.07
C ALA XC 135 105.75 48.74 -42.37
N GLY XC 136 106.36 48.09 -43.36
CA GLY XC 136 105.65 47.73 -44.57
C GLY XC 136 104.92 46.41 -44.53
N LEU XC 137 104.88 45.74 -43.37
CA LEU XC 137 104.28 44.41 -43.24
C LEU XC 137 104.93 43.40 -44.19
N MET XC 138 106.25 43.31 -44.11
CA MET XC 138 107.04 42.39 -44.91
C MET XC 138 108.02 41.67 -44.01
N PHE XC 139 108.04 40.35 -44.08
CA PHE XC 139 109.00 39.60 -43.29
C PHE XC 139 110.41 39.88 -43.79
N PRO XC 140 111.37 40.17 -42.90
CA PRO XC 140 112.77 40.39 -43.24
C PRO XC 140 113.40 39.19 -43.92
N ALA YC 1 -69.05 0.89 107.51
CA ALA YC 1 -68.74 -0.52 107.79
C ALA YC 1 -68.51 -0.74 109.28
N ALA YC 2 -68.84 -1.95 109.74
CA ALA YC 2 -68.65 -2.31 111.14
C ALA YC 2 -67.15 -2.37 111.45
N PRO YC 3 -66.75 -1.93 112.65
CA PRO YC 3 -65.31 -1.93 112.97
C PRO YC 3 -64.77 -3.32 113.26
N SER YC 4 -65.62 -4.25 113.69
CA SER YC 4 -65.16 -5.58 114.04
C SER YC 4 -66.34 -6.53 113.98
N LEU YC 5 -66.02 -7.82 113.85
CA LEU YC 5 -67.01 -8.86 113.64
C LEU YC 5 -66.62 -10.10 114.43
N ALA YC 6 -67.63 -10.78 114.97
CA ALA YC 6 -67.44 -12.08 115.59
C ALA YC 6 -68.37 -13.04 114.85
N LEU YC 7 -67.85 -13.71 113.83
CA LEU YC 7 -68.65 -14.58 112.98
C LEU YC 7 -68.58 -16.01 113.51
N VAL YC 8 -69.60 -16.79 113.24
CA VAL YC 8 -69.62 -18.18 113.68
C VAL YC 8 -69.06 -19.07 112.58
N GLY YC 9 -68.08 -19.90 112.93
CA GLY YC 9 -67.53 -20.92 112.06
C GLY YC 9 -67.44 -22.24 112.81
N ALA YC 10 -66.50 -23.08 112.38
CA ALA YC 10 -66.34 -24.41 112.94
C ALA YC 10 -64.88 -24.72 113.23
N ASN YC 11 -64.64 -25.41 114.34
CA ASN YC 11 -63.31 -25.86 114.71
C ASN YC 11 -63.04 -27.22 114.05
N SER YC 12 -61.98 -27.89 114.50
CA SER YC 12 -61.66 -29.20 113.95
C SER YC 12 -62.72 -30.24 114.29
N THR YC 13 -63.45 -30.05 115.40
CA THR YC 13 -64.56 -30.91 115.78
C THR YC 13 -65.84 -30.58 115.02
N LEU YC 14 -65.85 -29.48 114.27
CA LEU YC 14 -67.02 -28.90 113.62
C LEU YC 14 -68.02 -28.34 114.62
N ALA YC 15 -67.59 -28.10 115.85
CA ALA YC 15 -68.40 -27.37 116.82
C ALA YC 15 -68.38 -25.89 116.50
N SER YC 16 -69.50 -25.22 116.80
CA SER YC 16 -69.63 -23.80 116.48
C SER YC 16 -68.65 -22.98 117.31
N THR YC 17 -67.77 -22.25 116.64
CA THR YC 17 -66.71 -21.48 117.27
C THR YC 17 -66.71 -20.06 116.73
N LEU YC 18 -66.41 -19.09 117.58
CA LEU YC 18 -66.27 -17.74 117.09
C LEU YC 18 -64.97 -17.56 116.32
N VAL YC 19 -65.02 -16.71 115.31
CA VAL YC 19 -63.86 -16.27 114.56
C VAL YC 19 -63.94 -14.77 114.42
N ASN YC 20 -62.89 -14.08 114.85
CA ASN YC 20 -62.90 -12.65 115.08
C ASN YC 20 -62.19 -11.94 113.95
N TYR YC 21 -62.89 -11.00 113.31
CA TYR YC 21 -62.33 -10.14 112.29
C TYR YC 21 -62.36 -8.71 112.78
N SER YC 22 -61.43 -7.91 112.28
CA SER YC 22 -61.42 -6.47 112.55
C SER YC 22 -61.15 -5.75 111.24
N LEU YC 23 -61.68 -4.53 111.14
CA LEU YC 23 -61.64 -3.77 109.90
C LEU YC 23 -60.22 -3.33 109.61
N ARG YC 24 -59.62 -3.90 108.56
CA ARG YC 24 -58.35 -3.39 108.06
C ARG YC 24 -58.54 -2.06 107.36
N SER YC 25 -59.36 -2.02 106.31
CA SER YC 25 -59.49 -0.76 105.59
C SER YC 25 -60.81 -0.69 104.84
N GLN YC 26 -61.39 0.49 104.80
CA GLN YC 26 -62.54 0.77 103.94
C GLN YC 26 -62.09 1.69 102.81
N ASN YC 27 -62.14 1.17 101.61
CA ASN YC 27 -62.10 1.96 100.38
C ASN YC 27 -63.54 2.26 99.96
N GLY YC 28 -63.70 3.14 98.99
CA GLY YC 28 -65.04 3.50 98.56
C GLY YC 28 -65.82 2.33 98.00
N ASN YC 29 -66.89 1.93 98.70
CA ASN YC 29 -67.68 0.74 98.34
C ASN YC 29 -66.81 -0.51 98.36
N ASN YC 30 -65.85 -0.55 99.27
CA ASN YC 30 -64.99 -1.73 99.38
C ASN YC 30 -64.51 -1.84 100.83
N VAL YC 31 -64.52 -3.05 101.37
CA VAL YC 31 -64.19 -3.26 102.77
C VAL YC 31 -63.29 -4.49 102.88
N ASP YC 32 -62.23 -4.36 103.69
CA ASP YC 32 -61.27 -5.43 103.95
C ASP YC 32 -61.15 -5.65 105.45
N TYR YC 33 -61.49 -6.86 105.89
CA TYR YC 33 -61.37 -7.31 107.27
C TYR YC 33 -60.27 -8.37 107.38
N VAL YC 34 -59.66 -8.44 108.57
CA VAL YC 34 -58.58 -9.39 108.86
C VAL YC 34 -58.91 -10.15 110.14
N CYS YC 35 -58.56 -11.43 110.18
CA CYS YC 35 -58.83 -12.24 111.36
C CYS YC 35 -57.81 -11.93 112.45
N THR YC 36 -58.31 -11.69 113.66
CA THR YC 36 -57.50 -11.30 114.80
C THR YC 36 -57.23 -12.44 115.76
N ASP YC 37 -57.56 -13.67 115.37
CA ASP YC 37 -57.30 -14.82 116.20
C ASP YC 37 -55.84 -15.22 116.07
N PRO YC 38 -55.35 -16.11 116.94
CA PRO YC 38 -54.02 -16.72 116.70
C PRO YC 38 -53.98 -17.59 115.46
N ASP YC 39 -55.13 -18.02 114.93
CA ASP YC 39 -55.17 -18.84 113.72
C ASP YC 39 -54.55 -18.14 112.53
N SER YC 40 -54.84 -16.86 112.36
CA SER YC 40 -54.28 -16.08 111.28
C SER YC 40 -53.06 -15.31 111.75
N THR YC 41 -52.06 -15.28 110.90
CA THR YC 41 -50.88 -14.44 111.04
C THR YC 41 -50.73 -13.67 109.74
N LEU YC 42 -49.83 -12.68 109.73
CA LEU YC 42 -49.58 -11.98 108.48
C LEU YC 42 -49.11 -12.93 107.39
N SER YC 43 -48.34 -13.96 107.77
CA SER YC 43 -47.83 -14.90 106.78
C SER YC 43 -48.94 -15.77 106.19
N ALA YC 44 -49.90 -16.18 107.02
CA ALA YC 44 -51.02 -17.01 106.57
C ALA YC 44 -52.31 -16.48 107.18
N PRO YC 45 -52.88 -15.44 106.57
CA PRO YC 45 -54.00 -14.73 107.20
C PRO YC 45 -55.36 -15.31 106.87
N GLY YC 46 -56.34 -14.90 107.66
CA GLY YC 46 -57.74 -15.05 107.33
C GLY YC 46 -58.30 -13.68 106.97
N LEU YC 47 -59.04 -13.63 105.86
CA LEU YC 47 -59.37 -12.35 105.26
C LEU YC 47 -60.81 -12.33 104.79
N ILE YC 48 -61.40 -11.14 104.77
CA ILE YC 48 -62.72 -10.92 104.20
C ILE YC 48 -62.67 -9.67 103.33
N ASN YC 49 -63.34 -9.72 102.19
CA ASN YC 49 -63.42 -8.61 101.24
C ASN YC 49 -64.86 -8.47 100.75
N ALA YC 50 -65.35 -7.23 100.69
CA ALA YC 50 -66.72 -6.97 100.23
C ALA YC 50 -66.75 -5.74 99.33
N LYS YC 51 -67.33 -5.88 98.15
CA LYS YC 51 -67.32 -4.87 97.10
C LYS YC 51 -68.73 -4.65 96.58
N PHE YC 52 -68.96 -3.43 96.05
CA PHE YC 52 -70.25 -3.03 95.49
C PHE YC 52 -70.04 -2.50 94.09
N ASP YC 53 -70.52 -3.24 93.09
CA ASP YC 53 -70.59 -2.79 91.71
C ASP YC 53 -71.96 -2.15 91.51
N ILE YC 54 -72.01 -0.83 91.69
CA ILE YC 54 -73.25 -0.08 91.58
C ILE YC 54 -73.22 0.72 90.29
N LYS YC 55 -74.17 0.43 89.40
CA LYS YC 55 -74.22 1.11 88.11
C LYS YC 55 -74.76 2.53 88.28
N ALA YC 56 -74.52 3.35 87.26
CA ALA YC 56 -75.01 4.72 87.27
C ALA YC 56 -76.52 4.74 87.48
N PRO YC 57 -77.05 5.75 88.18
CA PRO YC 57 -78.49 5.75 88.47
C PRO YC 57 -79.38 5.80 87.23
N GLY YC 58 -78.93 6.46 86.15
CA GLY YC 58 -79.72 6.45 84.93
C GLY YC 58 -79.77 5.09 84.27
N ILE YC 59 -78.64 4.37 84.26
CA ILE YC 59 -78.52 3.11 83.54
C ILE YC 59 -79.28 2.01 84.29
N THR YC 60 -80.01 1.19 83.54
CA THR YC 60 -80.58 -0.04 84.08
C THR YC 60 -79.62 -1.20 83.85
N GLY YC 61 -79.43 -2.00 84.88
CA GLY YC 61 -78.62 -3.21 84.78
C GLY YC 61 -78.88 -4.00 86.03
N ASN YC 62 -77.87 -4.76 86.45
CA ASN YC 62 -77.88 -5.42 87.75
C ASN YC 62 -76.83 -4.75 88.63
N ASP YC 63 -77.23 -4.42 89.86
CA ASP YC 63 -76.25 -4.08 90.88
C ASP YC 63 -75.64 -5.36 91.43
N ARG YC 64 -74.38 -5.30 91.84
CA ARG YC 64 -73.68 -6.52 92.24
C ARG YC 64 -72.96 -6.34 93.58
N ILE YC 65 -72.94 -7.41 94.35
CA ILE YC 65 -72.20 -7.52 95.60
C ILE YC 65 -71.19 -8.65 95.45
N HIS YC 66 -69.93 -8.37 95.79
CA HIS YC 66 -68.87 -9.38 95.73
C HIS YC 66 -68.29 -9.58 97.12
N ALA YC 67 -68.41 -10.78 97.66
CA ALA YC 67 -67.86 -11.10 98.96
C ALA YC 67 -66.88 -12.25 98.83
N ASN YC 68 -65.83 -12.22 99.66
CA ASN YC 68 -64.79 -13.23 99.61
C ASN YC 68 -64.28 -13.47 101.03
N LEU YC 69 -64.34 -14.73 101.47
CA LEU YC 69 -63.84 -15.15 102.77
C LEU YC 69 -62.74 -16.17 102.55
N ARG YC 70 -61.52 -15.84 102.97
CA ARG YC 70 -60.32 -16.60 102.65
C ARG YC 70 -59.63 -17.05 103.93
N LYS YC 71 -58.96 -18.19 103.85
CA LYS YC 71 -57.99 -18.63 104.85
C LYS YC 71 -56.77 -19.16 104.11
N VAL YC 72 -55.61 -18.57 104.38
CA VAL YC 72 -54.35 -19.00 103.79
C VAL YC 72 -53.74 -20.05 104.71
N VAL YC 73 -53.12 -21.07 104.13
CA VAL YC 73 -52.43 -22.09 104.90
C VAL YC 73 -51.06 -22.34 104.27
N LEU YC 74 -50.09 -22.64 105.12
CA LEU YC 74 -48.73 -22.90 104.69
C LEU YC 74 -48.46 -24.39 104.66
N ASP YC 75 -47.74 -24.84 103.63
CA ASP YC 75 -47.32 -26.23 103.56
C ASP YC 75 -46.30 -26.52 104.64
N GLU YC 76 -46.47 -27.65 105.33
CA GLU YC 76 -45.51 -28.04 106.36
C GLU YC 76 -44.11 -28.15 105.79
N LYS YC 77 -43.98 -28.81 104.64
CA LYS YC 77 -42.64 -29.06 104.10
C LYS YC 77 -42.06 -27.84 103.39
N THR YC 78 -42.83 -27.15 102.55
CA THR YC 78 -42.27 -26.08 101.73
C THR YC 78 -42.61 -24.67 102.20
N ASN YC 79 -43.50 -24.52 103.19
CA ASN YC 79 -44.00 -23.22 103.65
C ASN YC 79 -44.60 -22.39 102.52
N LEU YC 80 -44.88 -23.02 101.38
CA LEU YC 80 -45.56 -22.33 100.30
C LEU YC 80 -47.04 -22.15 100.65
N PRO YC 81 -47.60 -20.99 100.38
CA PRO YC 81 -48.98 -20.74 100.78
C PRO YC 81 -49.97 -21.17 99.72
N SER YC 82 -50.99 -21.91 100.12
CA SER YC 82 -52.16 -22.08 99.28
C SER YC 82 -53.38 -21.68 100.10
N THR YC 83 -54.39 -21.17 99.41
CA THR YC 83 -55.50 -20.53 100.08
C THR YC 83 -56.81 -21.23 99.75
N GLY YC 84 -57.72 -21.24 100.73
CA GLY YC 84 -59.06 -21.77 100.54
C GLY YC 84 -60.08 -20.68 100.77
N SER YC 85 -61.13 -20.67 99.94
CA SER YC 85 -61.98 -19.48 99.93
C SER YC 85 -63.42 -19.81 99.58
N VAL YC 86 -64.33 -19.02 100.12
CA VAL YC 86 -65.73 -18.99 99.70
C VAL YC 86 -66.03 -17.60 99.17
N THR YC 87 -66.43 -17.52 97.91
CA THR YC 87 -66.79 -16.26 97.27
C THR YC 87 -68.26 -16.27 96.91
N ILE YC 88 -68.87 -15.09 96.98
CA ILE YC 88 -70.31 -14.92 96.81
C ILE YC 88 -70.54 -13.72 95.92
N GLN YC 89 -71.44 -13.87 94.95
CA GLN YC 89 -71.80 -12.76 94.08
C GLN YC 89 -73.31 -12.64 94.10
N VAL YC 90 -73.81 -11.49 94.51
CA VAL YC 90 -75.23 -11.21 94.55
C VAL YC 90 -75.55 -10.25 93.42
N SER YC 91 -76.42 -10.64 92.51
CA SER YC 91 -76.83 -9.81 91.38
C SER YC 91 -78.29 -9.45 91.56
N ILE YC 92 -78.54 -8.17 91.84
CA ILE YC 92 -79.86 -7.63 92.16
C ILE YC 92 -80.32 -6.79 90.98
N PRO YC 93 -81.43 -7.11 90.34
CA PRO YC 93 -81.92 -6.29 89.23
C PRO YC 93 -82.57 -4.99 89.67
N ARG YC 94 -82.48 -3.98 88.79
CA ARG YC 94 -83.00 -2.64 89.05
C ARG YC 94 -84.45 -2.46 88.62
N ASN YC 95 -85.20 -3.53 88.51
CA ASN YC 95 -86.62 -3.49 88.16
C ASN YC 95 -87.46 -3.50 89.43
N PRO YC 96 -88.41 -2.58 89.60
CA PRO YC 96 -89.24 -2.59 90.82
C PRO YC 96 -89.97 -3.89 91.05
N ALA YC 97 -90.06 -4.76 90.04
CA ALA YC 97 -90.63 -6.08 90.23
C ALA YC 97 -89.77 -6.99 91.10
N TRP YC 98 -88.56 -6.55 91.45
CA TRP YC 98 -87.68 -7.22 92.39
C TRP YC 98 -87.58 -6.38 93.66
N ASN YC 99 -87.39 -7.04 94.80
CA ASN YC 99 -87.26 -6.27 96.03
C ASN YC 99 -86.32 -6.95 97.02
N ALA YC 100 -86.07 -6.24 98.11
CA ALA YC 100 -85.11 -6.70 99.10
C ALA YC 100 -85.56 -8.01 99.74
N SER YC 101 -86.87 -8.24 99.85
CA SER YC 101 -87.34 -9.50 100.39
C SER YC 101 -86.86 -10.67 99.53
N MET YC 102 -86.83 -10.47 98.21
CA MET YC 102 -86.37 -11.51 97.31
C MET YC 102 -84.86 -11.68 97.39
N THR YC 103 -84.12 -10.56 97.49
CA THR YC 103 -82.68 -10.66 97.72
C THR YC 103 -82.38 -11.49 98.97
N VAL YC 104 -83.05 -11.15 100.07
CA VAL YC 104 -82.84 -11.85 101.33
C VAL YC 104 -83.26 -13.31 101.21
N SER YC 105 -84.34 -13.58 100.48
CA SER YC 105 -84.79 -14.95 100.32
C SER YC 105 -83.72 -15.79 99.63
N LEU YC 106 -83.12 -15.25 98.56
CA LEU YC 106 -82.03 -16.00 97.92
C LEU YC 106 -80.86 -16.20 98.88
N LEU YC 107 -80.51 -15.17 99.64
CA LEU YC 107 -79.41 -15.34 100.59
C LEU YC 107 -79.71 -16.44 101.59
N LYS YC 108 -80.93 -16.44 102.15
CA LYS YC 108 -81.30 -17.44 103.15
C LYS YC 108 -81.30 -18.84 102.55
N GLN YC 109 -81.79 -18.99 101.32
CA GLN YC 109 -81.83 -20.31 100.71
C GLN YC 109 -80.42 -20.82 100.43
N ALA YC 110 -79.53 -19.94 99.95
CA ALA YC 110 -78.14 -20.35 99.74
C ALA YC 110 -77.50 -20.77 101.07
N ALA YC 111 -77.78 -20.02 102.13
CA ALA YC 111 -77.27 -20.39 103.45
C ALA YC 111 -77.75 -21.77 103.86
N ASP YC 112 -79.06 -22.01 103.73
CA ASP YC 112 -79.61 -23.32 104.07
C ASP YC 112 -78.94 -24.43 103.25
N TYR YC 113 -78.79 -24.23 101.95
CA TYR YC 113 -78.40 -25.33 101.09
C TYR YC 113 -76.90 -25.60 101.09
N LEU YC 114 -76.06 -24.59 101.34
CA LEU YC 114 -74.62 -24.83 101.34
C LEU YC 114 -73.98 -24.81 102.71
N ALA YC 115 -74.58 -24.15 103.70
CA ALA YC 115 -74.05 -24.14 105.05
C ALA YC 115 -74.95 -24.86 106.05
N GLY YC 116 -76.21 -25.10 105.71
CA GLY YC 116 -77.13 -25.77 106.61
C GLY YC 116 -77.39 -24.98 107.88
N THR YC 117 -77.76 -23.70 107.73
CA THR YC 117 -77.95 -22.82 108.88
C THR YC 117 -79.29 -22.10 108.90
N SER YC 118 -80.25 -22.50 108.05
CA SER YC 118 -81.56 -21.88 108.04
C SER YC 118 -82.24 -21.93 109.42
N ALA YC 119 -83.21 -21.03 109.60
CA ALA YC 119 -84.06 -21.04 110.78
C ALA YC 119 -85.00 -22.24 110.74
N THR YC 120 -85.46 -22.65 111.93
CA THR YC 120 -86.33 -23.83 112.01
C THR YC 120 -87.70 -23.50 111.46
N VAL YC 121 -88.14 -24.31 110.49
CA VAL YC 121 -89.43 -24.17 109.81
C VAL YC 121 -89.93 -25.57 109.51
N SER YC 122 -91.17 -25.86 109.87
CA SER YC 122 -91.65 -27.23 109.75
C SER YC 122 -91.70 -27.66 108.29
N GLY YC 123 -91.20 -28.87 108.02
CA GLY YC 123 -91.14 -29.38 106.67
C GLY YC 123 -89.85 -29.10 105.93
N GLN YC 124 -88.93 -28.36 106.53
CA GLN YC 124 -87.63 -28.12 105.91
C GLN YC 124 -86.82 -29.40 105.86
N THR YC 125 -86.05 -29.54 104.78
CA THR YC 125 -85.11 -30.66 104.73
C THR YC 125 -83.98 -30.42 105.72
N ASP YC 126 -83.49 -31.51 106.30
CA ASP YC 126 -82.41 -31.45 107.29
C ASP YC 126 -81.11 -31.20 106.55
N THR YC 127 -80.69 -29.94 106.54
CA THR YC 127 -79.51 -29.50 105.80
C THR YC 127 -78.26 -29.50 106.66
N SER YC 128 -78.34 -30.04 107.87
CA SER YC 128 -77.23 -29.94 108.81
C SER YC 128 -75.97 -30.61 108.28
N GLY YC 129 -76.11 -31.74 107.57
CA GLY YC 129 -74.95 -32.45 107.06
C GLY YC 129 -74.47 -32.00 105.70
N PHE YC 130 -75.23 -31.09 105.09
CA PHE YC 130 -74.85 -30.63 103.75
C PHE YC 130 -73.48 -29.99 103.69
N PRO YC 131 -73.07 -29.11 104.63
CA PRO YC 131 -71.70 -28.57 104.51
C PRO YC 131 -70.63 -29.66 104.55
N ALA YC 132 -70.82 -30.69 105.38
CA ALA YC 132 -69.91 -31.81 105.38
C ALA YC 132 -69.87 -32.47 103.99
N LYS YC 133 -71.05 -32.76 103.43
CA LYS YC 133 -71.07 -33.39 102.11
C LYS YC 133 -70.39 -32.52 101.06
N TRP YC 134 -70.64 -31.21 101.09
CA TRP YC 134 -70.01 -30.32 100.12
C TRP YC 134 -68.49 -30.36 100.27
N ALA YC 135 -68.00 -30.25 101.52
CA ALA YC 135 -66.57 -30.32 101.77
C ALA YC 135 -65.97 -31.65 101.34
N GLY YC 136 -66.80 -32.67 101.17
CA GLY YC 136 -66.35 -33.91 100.56
C GLY YC 136 -66.52 -34.01 99.06
N LEU YC 137 -66.94 -32.93 98.39
CA LEU YC 137 -67.31 -32.94 96.97
C LEU YC 137 -68.36 -34.01 96.67
N MET YC 138 -69.45 -33.96 97.44
CA MET YC 138 -70.59 -34.86 97.29
C MET YC 138 -71.86 -34.02 97.25
N PHE YC 139 -72.71 -34.29 96.28
CA PHE YC 139 -73.99 -33.58 96.25
C PHE YC 139 -74.86 -34.06 97.40
N PRO YC 140 -75.51 -33.15 98.13
CA PRO YC 140 -76.43 -33.52 99.22
C PRO YC 140 -77.56 -34.40 98.71
N ALA ZC 1 -66.90 11.97 108.09
CA ALA ZC 1 -68.19 12.42 107.58
C ALA ZC 1 -69.34 11.93 108.48
N ALA ZC 2 -70.44 12.67 108.48
CA ALA ZC 2 -71.59 12.30 109.30
C ALA ZC 2 -72.16 10.97 108.85
N PRO ZC 3 -72.42 10.03 109.76
CA PRO ZC 3 -72.94 8.73 109.34
C PRO ZC 3 -74.36 8.76 108.81
N SER ZC 4 -75.13 9.78 109.13
CA SER ZC 4 -76.49 9.87 108.64
C SER ZC 4 -76.94 11.33 108.68
N LEU ZC 5 -77.95 11.64 107.86
CA LEU ZC 5 -78.43 12.99 107.66
C LEU ZC 5 -79.94 12.99 107.60
N ALA ZC 6 -80.55 14.05 108.14
CA ALA ZC 6 -81.97 14.28 108.04
C ALA ZC 6 -82.14 15.68 107.44
N LEU ZC 7 -82.27 15.74 106.12
CA LEU ZC 7 -82.32 17.01 105.41
C LEU ZC 7 -83.77 17.41 105.17
N VAL ZC 8 -84.00 18.70 105.00
CA VAL ZC 8 -85.34 19.21 104.75
C VAL ZC 8 -85.56 19.34 103.25
N GLY ZC 9 -86.65 18.76 102.76
CA GLY ZC 9 -87.08 18.92 101.39
C GLY ZC 9 -88.56 19.25 101.36
N ALA ZC 10 -89.23 18.96 100.25
CA ALA ZC 10 -90.64 19.29 100.08
C ALA ZC 10 -91.43 18.06 99.65
N ASN ZC 11 -92.62 17.89 100.23
CA ASN ZC 11 -93.52 16.82 99.85
C ASN ZC 11 -94.26 17.22 98.57
N SER ZC 12 -95.27 16.44 98.19
CA SER ZC 12 -96.04 16.77 96.99
C SER ZC 12 -96.75 18.12 97.11
N THR ZC 13 -96.97 18.60 98.32
CA THR ZC 13 -97.63 19.88 98.56
C THR ZC 13 -96.65 21.01 98.80
N LEU ZC 14 -95.35 20.72 98.74
CA LEU ZC 14 -94.27 21.68 99.01
C LEU ZC 14 -94.16 22.04 100.49
N ALA ZC 15 -94.74 21.24 101.37
CA ALA ZC 15 -94.52 21.40 102.79
C ALA ZC 15 -93.17 20.83 103.19
N SER ZC 16 -92.53 21.47 104.17
CA SER ZC 16 -91.22 21.01 104.60
C SER ZC 16 -91.33 19.61 105.21
N THR ZC 17 -90.55 18.69 104.67
CA THR ZC 17 -90.60 17.28 105.07
C THR ZC 17 -89.17 16.76 105.21
N LEU ZC 18 -88.93 15.91 106.20
CA LEU ZC 18 -87.61 15.32 106.31
C LEU ZC 18 -87.37 14.28 105.24
N VAL ZC 19 -86.11 14.18 104.83
CA VAL ZC 19 -85.61 13.18 103.89
C VAL ZC 19 -84.34 12.61 104.48
N ASN ZC 20 -84.30 11.30 104.66
CA ASN ZC 20 -83.29 10.65 105.49
C ASN ZC 20 -82.26 9.97 104.60
N TYR ZC 21 -81.00 10.33 104.80
CA TYR ZC 21 -79.89 9.73 104.08
C TYR ZC 21 -78.97 9.04 105.08
N SER ZC 22 -78.29 8.01 104.62
CA SER ZC 22 -77.29 7.30 105.39
C SER ZC 22 -76.02 7.15 104.56
N LEU ZC 23 -74.89 7.18 105.25
CA LEU ZC 23 -73.58 7.15 104.60
C LEU ZC 23 -73.28 5.75 104.08
N ARG ZC 24 -73.17 5.62 102.76
CA ARG ZC 24 -72.89 4.31 102.17
C ARG ZC 24 -71.40 3.98 102.25
N SER ZC 25 -70.53 4.89 101.82
CA SER ZC 25 -69.09 4.66 101.88
C SER ZC 25 -68.37 6.01 101.77
N GLN ZC 26 -67.04 5.96 101.92
CA GLN ZC 26 -66.18 7.13 101.76
C GLN ZC 26 -64.92 6.70 101.02
N ASN ZC 27 -64.71 7.28 99.84
CA ASN ZC 27 -63.56 7.06 98.96
C ASN ZC 27 -62.62 8.25 99.08
N GLY ZC 28 -61.62 8.31 98.19
CA GLY ZC 28 -60.71 9.42 98.13
C GLY ZC 28 -61.41 10.74 97.89
N ASN ZC 29 -61.42 11.58 98.92
CA ASN ZC 29 -61.94 12.93 98.86
C ASN ZC 29 -63.39 12.97 98.36
N ASN ZC 30 -64.20 11.99 98.80
CA ASN ZC 30 -65.60 12.00 98.41
C ASN ZC 30 -66.42 11.26 99.46
N VAL ZC 31 -67.73 11.38 99.33
CA VAL ZC 31 -68.71 10.87 100.28
C VAL ZC 31 -69.96 10.51 99.50
N ASP ZC 32 -70.54 9.33 99.81
CA ASP ZC 32 -71.71 8.80 99.12
C ASP ZC 32 -72.80 8.49 100.13
N TYR ZC 33 -73.95 9.16 100.00
CA TYR ZC 33 -75.11 8.96 100.84
C TYR ZC 33 -76.27 8.40 100.02
N VAL ZC 34 -77.11 7.60 100.68
CA VAL ZC 34 -78.26 6.95 100.06
C VAL ZC 34 -79.49 7.26 100.89
N CYS ZC 35 -80.63 7.48 100.22
CA CYS ZC 35 -81.87 7.77 100.92
C CYS ZC 35 -82.45 6.48 101.51
N THR ZC 36 -82.84 6.54 102.77
CA THR ZC 36 -83.34 5.39 103.53
C THR ZC 36 -84.84 5.41 103.72
N ASP ZC 37 -85.55 6.34 103.08
CA ASP ZC 37 -86.99 6.41 103.18
C ASP ZC 37 -87.61 5.26 102.39
N PRO ZC 38 -88.90 5.00 102.57
CA PRO ZC 38 -89.54 3.94 101.77
C PRO ZC 38 -89.64 4.26 100.28
N ASP ZC 39 -89.74 5.55 99.91
CA ASP ZC 39 -89.95 5.90 98.50
C ASP ZC 39 -88.71 5.67 97.64
N SER ZC 40 -87.53 5.52 98.23
CA SER ZC 40 -86.32 5.23 97.48
C SER ZC 40 -85.99 3.75 97.59
N THR ZC 41 -85.75 3.12 96.44
CA THR ZC 41 -85.37 1.73 96.32
C THR ZC 41 -84.23 1.65 95.31
N LEU ZC 42 -83.63 0.47 95.18
CA LEU ZC 42 -82.53 0.33 94.23
C LEU ZC 42 -82.99 0.62 92.81
N SER ZC 43 -84.26 0.37 92.51
CA SER ZC 43 -84.79 0.66 91.18
C SER ZC 43 -84.84 2.15 90.93
N ALA ZC 44 -85.18 2.94 91.95
CA ALA ZC 44 -85.29 4.39 91.81
C ALA ZC 44 -84.82 5.06 93.10
N PRO ZC 45 -83.51 5.19 93.28
CA PRO ZC 45 -82.97 5.66 94.56
C PRO ZC 45 -82.87 7.17 94.64
N GLY ZC 46 -82.63 7.66 95.85
CA GLY ZC 46 -82.20 9.02 96.11
C GLY ZC 46 -80.76 8.99 96.60
N LEU ZC 47 -79.94 9.88 96.05
CA LEU ZC 47 -78.50 9.80 96.26
C LEU ZC 47 -77.92 11.19 96.51
N ILE ZC 48 -76.86 11.24 97.30
CA ILE ZC 48 -76.08 12.46 97.49
C ILE ZC 48 -74.60 12.12 97.41
N ASN ZC 49 -73.83 12.95 96.72
CA ASN ZC 49 -72.42 12.69 96.48
C ASN ZC 49 -71.62 13.98 96.62
N ALA ZC 50 -70.48 13.90 97.30
CA ALA ZC 50 -69.65 15.08 97.51
C ALA ZC 50 -68.19 14.74 97.28
N LYS ZC 51 -67.44 15.67 96.69
CA LYS ZC 51 -66.05 15.44 96.33
C LYS ZC 51 -65.25 16.73 96.50
N PHE ZC 52 -63.99 16.61 96.90
CA PHE ZC 52 -63.07 17.74 96.97
C PHE ZC 52 -61.97 17.57 95.93
N ASP ZC 53 -61.76 18.61 95.12
CA ASP ZC 53 -60.56 18.75 94.29
C ASP ZC 53 -59.68 19.75 95.03
N ILE ZC 54 -58.63 19.24 95.67
CA ILE ZC 54 -57.79 20.04 96.55
C ILE ZC 54 -56.44 20.26 95.89
N LYS ZC 55 -56.11 21.52 95.66
CA LYS ZC 55 -54.85 21.83 94.99
C LYS ZC 55 -53.72 21.86 96.02
N ALA ZC 56 -52.49 21.83 95.51
CA ALA ZC 56 -51.31 21.72 96.36
C ALA ZC 56 -51.21 22.90 97.32
N PRO ZC 57 -50.46 22.75 98.40
CA PRO ZC 57 -50.30 23.87 99.34
C PRO ZC 57 -49.70 25.09 98.66
N GLY ZC 58 -50.13 26.26 99.09
CA GLY ZC 58 -49.74 27.51 98.50
C GLY ZC 58 -50.93 28.44 98.43
N ILE ZC 59 -50.75 29.59 97.80
CA ILE ZC 59 -51.85 30.53 97.64
C ILE ZC 59 -52.23 30.71 96.18
N THR ZC 60 -51.75 29.83 95.29
CA THR ZC 60 -51.90 30.05 93.86
C THR ZC 60 -53.25 29.56 93.33
N GLY ZC 61 -53.72 28.40 93.82
CA GLY ZC 61 -54.75 27.67 93.13
C GLY ZC 61 -56.18 28.09 93.45
N ASN ZC 62 -57.10 27.22 93.03
CA ASN ZC 62 -58.53 27.28 93.32
C ASN ZC 62 -58.98 25.89 93.75
N ASP ZC 63 -59.35 25.74 95.02
CA ASP ZC 63 -59.95 24.50 95.52
C ASP ZC 63 -61.38 24.38 95.00
N ARG ZC 64 -61.88 23.15 94.89
CA ARG ZC 64 -63.23 22.95 94.37
C ARG ZC 64 -63.98 21.90 95.19
N ILE ZC 65 -65.28 22.14 95.37
CA ILE ZC 65 -66.21 21.23 96.00
C ILE ZC 65 -67.26 20.86 94.97
N HIS ZC 66 -67.56 19.56 94.85
CA HIS ZC 66 -68.58 19.07 93.94
C HIS ZC 66 -69.63 18.32 94.75
N ALA ZC 67 -70.86 18.81 94.74
CA ALA ZC 67 -71.97 18.12 95.36
C ALA ZC 67 -72.99 17.76 94.31
N ASN ZC 68 -73.73 16.69 94.55
CA ASN ZC 68 -74.71 16.20 93.59
C ASN ZC 68 -75.83 15.51 94.34
N LEU ZC 69 -77.05 16.03 94.21
CA LEU ZC 69 -78.23 15.47 94.85
C LEU ZC 69 -79.17 14.98 93.76
N ARG ZC 70 -79.40 13.67 93.71
CA ARG ZC 70 -80.15 13.05 92.64
C ARG ZC 70 -81.34 12.28 93.19
N LYS ZC 71 -82.38 12.18 92.37
CA LYS ZC 71 -83.51 11.28 92.61
C LYS ZC 71 -83.94 10.65 91.29
N VAL ZC 72 -84.05 9.33 91.28
CA VAL ZC 72 -84.47 8.60 90.09
C VAL ZC 72 -85.97 8.34 90.18
N VAL ZC 73 -86.64 8.40 89.03
CA VAL ZC 73 -88.07 8.15 88.96
C VAL ZC 73 -88.33 7.22 87.79
N LEU ZC 74 -89.38 6.41 87.92
CA LEU ZC 74 -89.76 5.44 86.91
C LEU ZC 74 -91.04 5.87 86.21
N ASP ZC 75 -91.08 5.70 84.89
CA ASP ZC 75 -92.26 6.03 84.10
C ASP ZC 75 -93.43 5.15 84.50
N GLU ZC 76 -94.61 5.75 84.69
CA GLU ZC 76 -95.80 4.96 85.03
C GLU ZC 76 -96.16 3.98 83.93
N LYS ZC 77 -95.78 4.28 82.68
CA LYS ZC 77 -96.18 3.44 81.57
C LYS ZC 77 -95.15 2.36 81.26
N THR ZC 78 -93.87 2.67 81.43
CA THR ZC 78 -92.80 1.78 81.00
C THR ZC 78 -91.78 1.40 82.07
N ASN ZC 79 -91.90 1.94 83.29
CA ASN ZC 79 -90.88 1.78 84.33
C ASN ZC 79 -89.48 2.18 83.84
N LEU ZC 80 -89.43 3.09 82.87
CA LEU ZC 80 -88.10 3.50 82.45
C LEU ZC 80 -87.59 4.61 83.36
N PRO ZC 81 -86.31 4.52 83.76
CA PRO ZC 81 -85.79 5.48 84.73
C PRO ZC 81 -85.34 6.76 84.04
N SER ZC 82 -85.68 7.89 84.65
CA SER ZC 82 -85.01 9.14 84.37
C SER ZC 82 -84.72 9.81 85.70
N THR ZC 83 -83.65 10.60 85.74
CA THR ZC 83 -83.15 11.16 86.99
C THR ZC 83 -83.27 12.67 86.98
N GLY ZC 84 -83.64 13.22 88.13
CA GLY ZC 84 -83.59 14.65 88.37
C GLY ZC 84 -82.43 14.92 89.32
N SER ZC 85 -81.77 16.06 89.13
CA SER ZC 85 -80.57 16.30 89.91
C SER ZC 85 -80.31 17.79 90.11
N VAL ZC 86 -79.75 18.11 91.27
CA VAL ZC 86 -79.18 19.42 91.55
C VAL ZC 86 -77.71 19.22 91.87
N THR ZC 87 -76.84 19.75 91.01
CA THR ZC 87 -75.41 19.67 91.20
C THR ZC 87 -74.87 21.05 91.58
N ILE ZC 88 -73.83 21.07 92.40
CA ILE ZC 88 -73.25 22.27 92.94
C ILE ZC 88 -71.74 22.19 92.79
N GLN ZC 89 -71.12 23.29 92.38
CA GLN ZC 89 -69.67 23.39 92.33
C GLN ZC 89 -69.23 24.68 93.00
N VAL ZC 90 -68.46 24.55 94.07
CA VAL ZC 90 -67.90 25.67 94.80
C VAL ZC 90 -66.43 25.78 94.43
N SER ZC 91 -65.99 26.96 94.06
CA SER ZC 91 -64.60 27.23 93.73
C SER ZC 91 -64.09 28.32 94.67
N ILE ZC 92 -63.13 27.95 95.52
CA ILE ZC 92 -62.57 28.75 96.60
C ILE ZC 92 -61.13 29.10 96.22
N PRO ZC 93 -60.82 30.36 95.94
CA PRO ZC 93 -59.42 30.74 95.69
C PRO ZC 93 -58.58 30.70 96.96
N ARG ZC 94 -57.28 30.54 96.76
CA ARG ZC 94 -56.33 30.46 97.85
C ARG ZC 94 -55.59 31.77 98.10
N ASN ZC 95 -55.70 32.73 97.17
CA ASN ZC 95 -55.21 34.09 97.40
C ASN ZC 95 -55.75 34.61 98.73
N PRO ZC 96 -54.88 35.00 99.68
CA PRO ZC 96 -55.36 35.39 101.01
C PRO ZC 96 -56.35 36.54 101.00
N ALA ZC 97 -56.59 37.14 99.85
CA ALA ZC 97 -57.63 38.15 99.70
C ALA ZC 97 -59.03 37.55 99.68
N TRP ZC 98 -59.15 36.24 99.88
CA TRP ZC 98 -60.43 35.55 99.97
C TRP ZC 98 -60.62 35.01 101.39
N ASN ZC 99 -61.88 34.82 101.78
CA ASN ZC 99 -62.22 34.36 103.13
C ASN ZC 99 -63.20 33.21 103.09
N ALA ZC 100 -63.09 32.36 104.12
CA ALA ZC 100 -64.17 31.43 104.39
C ALA ZC 100 -65.49 32.18 104.55
N SER ZC 101 -65.46 33.41 105.07
CA SER ZC 101 -66.68 34.21 105.17
C SER ZC 101 -67.25 34.49 103.79
N MET ZC 102 -66.39 34.72 102.80
CA MET ZC 102 -66.87 34.99 101.45
C MET ZC 102 -67.44 33.73 100.83
N THR ZC 103 -66.80 32.57 101.07
CA THR ZC 103 -67.38 31.29 100.65
C THR ZC 103 -68.78 31.11 101.22
N VAL ZC 104 -68.92 31.29 102.54
CA VAL ZC 104 -70.20 31.10 103.19
C VAL ZC 104 -71.22 32.08 102.66
N SER ZC 105 -70.79 33.32 102.38
CA SER ZC 105 -71.72 34.32 101.87
C SER ZC 105 -72.27 33.90 100.51
N LEU ZC 106 -71.40 33.40 99.63
CA LEU ZC 106 -71.90 32.90 98.34
C LEU ZC 106 -72.86 31.74 98.54
N LEU ZC 107 -72.54 30.82 99.46
CA LEU ZC 107 -73.44 29.69 99.70
C LEU ZC 107 -74.82 30.18 100.16
N LYS ZC 108 -74.84 31.11 101.12
CA LYS ZC 108 -76.10 31.62 101.64
C LYS ZC 108 -76.90 32.35 100.56
N GLN ZC 109 -76.20 33.12 99.71
CA GLN ZC 109 -76.90 33.85 98.65
C GLN ZC 109 -77.50 32.89 97.63
N ALA ZC 110 -76.73 31.87 97.23
CA ALA ZC 110 -77.27 30.87 96.32
C ALA ZC 110 -78.49 30.17 96.93
N ALA ZC 111 -78.41 29.87 98.23
CA ALA ZC 111 -79.55 29.23 98.90
C ALA ZC 111 -80.77 30.13 98.86
N ASP ZC 112 -80.60 31.41 99.21
CA ASP ZC 112 -81.72 32.36 99.15
C ASP ZC 112 -82.28 32.46 97.74
N TYR ZC 113 -81.42 32.51 96.72
CA TYR ZC 113 -81.90 32.85 95.38
C TYR ZC 113 -82.48 31.66 94.63
N LEU ZC 114 -82.03 30.44 94.91
CA LEU ZC 114 -82.55 29.28 94.22
C LEU ZC 114 -83.44 28.39 95.06
N ALA ZC 115 -83.33 28.44 96.38
CA ALA ZC 115 -84.19 27.67 97.26
C ALA ZC 115 -85.08 28.53 98.14
N GLY ZC 116 -84.79 29.82 98.30
CA GLY ZC 116 -85.59 30.68 99.14
C GLY ZC 116 -85.60 30.27 100.59
N THR ZC 117 -84.41 30.05 101.16
CA THR ZC 117 -84.29 29.53 102.53
C THR ZC 117 -83.45 30.41 103.45
N SER ZC 118 -83.01 31.58 102.99
CA SER ZC 118 -82.15 32.44 103.80
C SER ZC 118 -82.80 32.82 105.13
N ALA ZC 119 -81.95 33.27 106.06
CA ALA ZC 119 -82.40 33.80 107.33
C ALA ZC 119 -83.10 35.16 107.12
N THR ZC 120 -83.72 35.66 108.18
CA THR ZC 120 -84.53 36.87 108.10
C THR ZC 120 -83.67 38.11 108.38
N VAL ZC 121 -83.70 39.07 107.44
CA VAL ZC 121 -83.02 40.35 107.57
C VAL ZC 121 -83.99 41.41 107.09
N SER ZC 122 -83.77 42.65 107.52
CA SER ZC 122 -84.76 43.71 107.36
C SER ZC 122 -85.22 43.84 105.91
N GLY ZC 123 -84.33 44.26 105.03
CA GLY ZC 123 -84.78 44.64 103.70
C GLY ZC 123 -84.73 43.53 102.67
N GLN ZC 124 -84.81 42.28 103.11
CA GLN ZC 124 -84.52 41.18 102.19
C GLN ZC 124 -85.68 41.05 101.21
N THR ZC 125 -85.38 40.59 100.00
CA THR ZC 125 -86.47 40.34 99.08
C THR ZC 125 -87.09 38.97 99.39
N ASP ZC 126 -88.39 38.89 99.13
CA ASP ZC 126 -89.15 37.68 99.41
C ASP ZC 126 -88.81 36.63 98.36
N THR ZC 127 -88.11 35.59 98.78
CA THR ZC 127 -87.63 34.55 97.90
C THR ZC 127 -88.35 33.23 98.10
N SER ZC 128 -89.45 33.23 98.86
CA SER ZC 128 -90.14 31.98 99.17
C SER ZC 128 -90.68 31.31 97.90
N GLY ZC 129 -91.15 32.10 96.93
CA GLY ZC 129 -91.70 31.55 95.72
C GLY ZC 129 -90.70 31.26 94.63
N PHE ZC 130 -89.46 31.65 94.85
CA PHE ZC 130 -88.44 31.45 93.82
C PHE ZC 130 -88.22 29.99 93.46
N PRO ZC 131 -88.15 29.03 94.38
CA PRO ZC 131 -88.00 27.63 93.95
C PRO ZC 131 -89.14 27.17 93.06
N ALA ZC 132 -90.37 27.59 93.36
CA ALA ZC 132 -91.49 27.27 92.49
C ALA ZC 132 -91.29 27.85 91.09
N LYS ZC 133 -90.89 29.12 91.03
CA LYS ZC 133 -90.69 29.76 89.73
C LYS ZC 133 -89.57 29.08 88.95
N TRP ZC 134 -88.49 28.67 89.63
CA TRP ZC 134 -87.43 27.95 88.95
C TRP ZC 134 -87.94 26.63 88.41
N ALA ZC 135 -88.64 25.84 89.25
CA ALA ZC 135 -89.15 24.55 88.83
C ALA ZC 135 -90.14 24.69 87.67
N GLY ZC 136 -90.71 25.87 87.49
CA GLY ZC 136 -91.48 26.14 86.30
C GLY ZC 136 -90.69 26.66 85.11
N LEU ZC 137 -89.35 26.68 85.23
CA LEU ZC 137 -88.46 27.26 84.22
C LEU ZC 137 -88.84 28.70 83.89
N MET ZC 138 -88.96 29.52 84.92
CA MET ZC 138 -89.10 30.95 84.74
C MET ZC 138 -88.26 31.69 85.77
N PHE ZC 139 -87.74 32.84 85.37
CA PHE ZC 139 -86.87 33.61 86.24
C PHE ZC 139 -87.66 34.26 87.36
N PRO ZC 140 -87.10 34.34 88.56
CA PRO ZC 140 -87.67 35.10 89.67
C PRO ZC 140 -87.78 36.58 89.31
N ALA AD 1 -61.45 3.26 108.96
CA ALA AD 1 -60.59 3.98 109.89
C ALA AD 1 -61.41 4.93 110.78
N ALA AD 2 -60.76 5.44 111.83
CA ALA AD 2 -61.44 6.37 112.74
C ALA AD 2 -61.81 7.65 112.01
N PRO AD 3 -63.04 8.15 112.19
CA PRO AD 3 -63.46 9.35 111.46
C PRO AD 3 -62.82 10.62 111.97
N SER AD 4 -62.29 10.62 113.18
CA SER AD 4 -61.68 11.82 113.74
C SER AD 4 -60.71 11.41 114.84
N LEU AD 5 -59.72 12.28 115.07
CA LEU AD 5 -58.63 12.02 116.00
C LEU AD 5 -58.33 13.27 116.80
N ALA AD 6 -58.01 13.09 118.08
CA ALA AD 6 -57.53 14.16 118.94
C ALA AD 6 -56.15 13.75 119.42
N LEU AD 7 -55.11 14.11 118.67
CA LEU AD 7 -53.75 13.72 119.01
C LEU AD 7 -53.14 14.78 119.93
N VAL AD 8 -52.12 14.37 120.68
CA VAL AD 8 -51.42 15.30 121.59
C VAL AD 8 -50.16 15.79 120.91
N GLY AD 9 -50.03 17.11 120.82
CA GLY AD 9 -48.83 17.78 120.36
C GLY AD 9 -48.42 18.83 121.37
N ALA AD 10 -47.71 19.85 120.88
CA ALA AD 10 -47.15 20.90 121.72
C ALA AD 10 -47.46 22.25 121.12
N ASN AD 11 -47.84 23.20 121.97
CA ASN AD 11 -48.04 24.58 121.55
C ASN AD 11 -46.69 25.30 121.56
N SER AD 12 -46.73 26.63 121.44
CA SER AD 12 -45.49 27.41 121.42
C SER AD 12 -44.72 27.29 122.74
N THR AD 13 -45.43 27.01 123.83
CA THR AD 13 -44.81 26.83 125.15
C THR AD 13 -44.24 25.43 125.33
N LEU AD 14 -44.48 24.52 124.38
CA LEU AD 14 -44.23 23.08 124.48
C LEU AD 14 -45.16 22.39 125.46
N ALA AD 15 -46.23 23.07 125.91
CA ALA AD 15 -47.23 22.41 126.74
C ALA AD 15 -48.08 21.46 125.91
N SER AD 16 -48.49 20.37 126.53
CA SER AD 16 -49.28 19.35 125.83
C SER AD 16 -50.63 19.93 125.42
N THR AD 17 -50.89 19.95 124.11
CA THR AD 17 -52.08 20.57 123.54
C THR AD 17 -52.72 19.60 122.56
N LEU AD 18 -54.05 19.58 122.50
CA LEU AD 18 -54.70 18.74 121.51
C LEU AD 18 -54.61 19.36 120.12
N VAL AD 19 -54.41 18.49 119.13
CA VAL AD 19 -54.47 18.83 117.72
C VAL AD 19 -55.44 17.86 117.06
N ASN AD 20 -56.43 18.42 116.37
CA ASN AD 20 -57.63 17.69 115.96
C ASN AD 20 -57.60 17.45 114.46
N TYR AD 21 -57.84 16.20 114.07
CA TYR AD 21 -57.87 15.79 112.67
C TYR AD 21 -59.21 15.14 112.38
N SER AD 22 -59.69 15.32 111.16
CA SER AD 22 -60.85 14.58 110.66
C SER AD 22 -60.46 13.81 109.41
N LEU AD 23 -61.15 12.68 109.21
CA LEU AD 23 -60.86 11.77 108.10
C LEU AD 23 -61.42 12.37 106.82
N ARG AD 24 -60.53 12.89 105.98
CA ARG AD 24 -60.95 13.45 104.70
C ARG AD 24 -61.04 12.41 103.60
N SER AD 25 -60.07 11.49 103.48
CA SER AD 25 -60.21 10.47 102.44
C SER AD 25 -59.63 9.14 102.91
N GLN AD 26 -60.09 8.08 102.26
CA GLN AD 26 -59.55 6.74 102.45
C GLN AD 26 -59.73 6.00 101.14
N ASN AD 27 -58.62 5.50 100.60
CA ASN AD 27 -58.62 4.91 99.26
C ASN AD 27 -57.43 3.97 99.13
N GLY AD 28 -57.69 2.74 98.70
CA GLY AD 28 -56.64 1.82 98.33
C GLY AD 28 -55.60 1.63 99.42
N ASN AD 29 -56.04 1.12 100.56
CA ASN AD 29 -55.18 0.96 101.74
C ASN AD 29 -54.40 2.24 102.01
N ASN AD 30 -55.09 3.37 101.91
CA ASN AD 30 -54.46 4.65 102.15
C ASN AD 30 -55.47 5.50 102.90
N VAL AD 31 -54.99 6.27 103.88
CA VAL AD 31 -55.84 7.04 104.79
C VAL AD 31 -55.27 8.43 104.96
N ASP AD 32 -56.10 9.46 104.74
CA ASP AD 32 -55.68 10.85 104.75
C ASP AD 32 -56.58 11.68 105.66
N TYR AD 33 -55.97 12.30 106.67
CA TYR AD 33 -56.62 13.17 107.65
C TYR AD 33 -56.19 14.62 107.43
N VAL AD 34 -57.08 15.54 107.77
CA VAL AD 34 -56.76 16.96 107.73
C VAL AD 34 -57.03 17.58 109.10
N CYS AD 35 -56.23 18.59 109.45
CA CYS AD 35 -56.35 19.24 110.75
C CYS AD 35 -57.49 20.23 110.74
N THR AD 36 -58.35 20.14 111.76
CA THR AD 36 -59.56 20.95 111.86
C THR AD 36 -59.36 22.23 112.67
N ASP AD 37 -58.17 22.43 113.21
CA ASP AD 37 -57.91 23.56 114.09
C ASP AD 37 -57.75 24.84 113.27
N PRO AD 38 -57.74 26.00 113.94
CA PRO AD 38 -57.55 27.26 113.20
C PRO AD 38 -56.17 27.39 112.59
N ASP AD 39 -55.14 26.75 113.16
CA ASP AD 39 -53.78 26.90 112.64
C ASP AD 39 -53.58 26.23 111.29
N SER AD 40 -54.48 25.34 110.87
CA SER AD 40 -54.42 24.76 109.53
C SER AD 40 -55.44 25.49 108.66
N THR AD 41 -54.94 26.16 107.63
CA THR AD 41 -55.77 26.83 106.64
C THR AD 41 -55.72 26.03 105.35
N LEU AD 42 -56.53 26.46 104.38
CA LEU AD 42 -56.48 25.84 103.06
C LEU AD 42 -55.12 26.01 102.45
N SER AD 43 -54.53 27.19 102.62
CA SER AD 43 -53.27 27.48 101.93
C SER AD 43 -52.11 26.79 102.62
N ALA AD 44 -52.18 26.66 103.95
CA ALA AD 44 -51.13 26.07 104.76
C ALA AD 44 -51.75 25.09 105.75
N PRO AD 45 -52.02 23.87 105.32
CA PRO AD 45 -52.79 22.94 106.16
C PRO AD 45 -51.89 22.06 107.03
N GLY AD 46 -52.54 21.35 107.94
CA GLY AD 46 -51.92 20.24 108.66
C GLY AD 46 -52.53 18.95 108.18
N LEU AD 47 -51.68 17.96 107.90
CA LEU AD 47 -52.13 16.78 107.17
C LEU AD 47 -51.51 15.52 107.75
N ILE AD 48 -52.23 14.41 107.62
CA ILE AD 48 -51.72 13.09 107.99
C ILE AD 48 -52.02 12.11 106.87
N ASN AD 49 -51.06 11.21 106.61
CA ASN AD 49 -51.14 10.21 105.56
C ASN AD 49 -50.68 8.88 106.13
N ALA AD 50 -51.32 7.77 105.70
CA ALA AD 50 -50.93 6.44 106.16
C ALA AD 50 -51.25 5.40 105.11
N LYS AD 51 -50.22 4.63 104.69
CA LYS AD 51 -50.29 3.64 103.62
C LYS AD 51 -49.88 2.27 104.13
N PHE AD 52 -50.41 1.23 103.48
CA PHE AD 52 -50.06 -0.15 103.73
C PHE AD 52 -49.55 -0.79 102.44
N ASP AD 53 -48.28 -1.20 102.44
CA ASP AD 53 -47.74 -2.09 101.41
C ASP AD 53 -47.87 -3.50 101.97
N ILE AD 54 -48.93 -4.20 101.57
CA ILE AD 54 -49.19 -5.55 102.05
C ILE AD 54 -48.73 -6.53 100.99
N LYS AD 55 -47.74 -7.33 101.33
CA LYS AD 55 -47.20 -8.33 100.42
C LYS AD 55 -48.18 -9.50 100.30
N ALA AD 56 -48.07 -10.23 99.18
CA ALA AD 56 -48.83 -11.45 98.95
C ALA AD 56 -48.60 -12.44 100.09
N PRO AD 57 -49.55 -13.34 100.35
CA PRO AD 57 -49.34 -14.30 101.44
C PRO AD 57 -48.06 -15.09 101.24
N GLY AD 58 -47.44 -15.44 102.34
CA GLY AD 58 -46.17 -16.13 102.28
C GLY AD 58 -45.37 -15.89 103.53
N ILE AD 59 -44.34 -16.71 103.69
CA ILE AD 59 -43.47 -16.61 104.85
C ILE AD 59 -42.28 -15.70 104.60
N THR AD 60 -42.09 -15.25 103.36
CA THR AD 60 -40.96 -14.43 102.97
C THR AD 60 -41.42 -13.01 102.70
N GLY AD 61 -40.51 -12.06 102.90
CA GLY AD 61 -40.77 -10.67 102.61
C GLY AD 61 -41.07 -9.87 103.86
N ASN AD 62 -41.19 -8.55 103.66
CA ASN AD 62 -41.58 -7.61 104.69
C ASN AD 62 -42.86 -6.89 104.28
N ASP AD 63 -43.79 -6.77 105.21
CA ASP AD 63 -44.91 -5.84 105.09
C ASP AD 63 -44.45 -4.45 105.52
N ARG AD 64 -45.08 -3.41 104.95
CA ARG AD 64 -44.62 -2.06 105.27
C ARG AD 64 -45.78 -1.12 105.58
N ILE AD 65 -45.57 -0.25 106.56
CA ILE AD 65 -46.48 0.81 106.95
C ILE AD 65 -45.77 2.13 106.70
N HIS AD 66 -46.45 3.07 106.05
CA HIS AD 66 -45.93 4.41 105.83
C HIS AD 66 -46.85 5.42 106.49
N ALA AD 67 -46.27 6.43 107.13
CA ALA AD 67 -47.06 7.44 107.80
C ALA AD 67 -46.35 8.78 107.68
N ASN AD 68 -47.13 9.83 107.47
CA ASN AD 68 -46.57 11.17 107.31
C ASN AD 68 -47.43 12.17 108.05
N LEU AD 69 -46.80 12.96 108.93
CA LEU AD 69 -47.47 14.03 109.65
C LEU AD 69 -46.83 15.35 109.24
N ARG AD 70 -47.62 16.21 108.61
CA ARG AD 70 -47.14 17.41 107.93
C ARG AD 70 -47.80 18.65 108.51
N LYS AD 71 -47.04 19.74 108.55
CA LYS AD 71 -47.59 21.08 108.74
C LYS AD 71 -46.95 22.00 107.70
N VAL AD 72 -47.80 22.66 106.91
CA VAL AD 72 -47.34 23.61 105.90
C VAL AD 72 -47.30 24.99 106.52
N VAL AD 73 -46.29 25.78 106.15
CA VAL AD 73 -46.17 27.15 106.61
C VAL AD 73 -45.82 28.03 105.41
N LEU AD 74 -46.39 29.23 105.39
CA LEU AD 74 -46.18 30.19 104.31
C LEU AD 74 -45.11 31.20 104.69
N ASP AD 75 -44.28 31.58 103.71
CA ASP AD 75 -43.29 32.62 103.94
C ASP AD 75 -43.96 33.96 104.19
N GLU AD 76 -43.38 34.73 105.11
CA GLU AD 76 -43.99 36.01 105.47
C GLU AD 76 -44.06 36.95 104.28
N LYS AD 77 -42.99 37.01 103.49
CA LYS AD 77 -42.93 37.93 102.36
C LYS AD 77 -43.44 37.28 101.08
N THR AD 78 -42.84 36.17 100.68
CA THR AD 78 -43.14 35.57 99.39
C THR AD 78 -44.42 34.75 99.37
N ASN AD 79 -44.95 34.37 100.54
CA ASN AD 79 -46.11 33.49 100.66
C ASN AD 79 -45.90 32.13 99.99
N LEU AD 80 -44.65 31.79 99.67
CA LEU AD 80 -44.32 30.46 99.17
C LEU AD 80 -44.42 29.46 100.32
N PRO AD 81 -45.00 28.30 100.08
CA PRO AD 81 -45.15 27.32 101.16
C PRO AD 81 -43.94 26.44 101.29
N SER AD 82 -43.46 26.24 102.50
CA SER AD 82 -42.56 25.15 102.80
C SER AD 82 -43.17 24.32 103.93
N THR AD 83 -42.89 23.03 103.93
CA THR AD 83 -43.60 22.11 104.80
C THR AD 83 -42.62 21.35 105.70
N GLY AD 84 -43.00 21.21 106.97
CA GLY AD 84 -42.24 20.44 107.94
C GLY AD 84 -42.97 19.14 108.25
N SER AD 85 -42.21 18.06 108.42
CA SER AD 85 -42.86 16.76 108.43
C SER AD 85 -42.09 15.72 109.23
N VAL AD 86 -42.82 14.91 109.97
CA VAL AD 86 -42.30 13.70 110.58
C VAL AD 86 -42.90 12.50 109.86
N THR AD 87 -42.06 11.67 109.26
CA THR AD 87 -42.53 10.51 108.51
C THR AD 87 -41.91 9.23 109.06
N ILE AD 88 -42.72 8.17 109.08
CA ILE AD 88 -42.38 6.91 109.73
C ILE AD 88 -42.58 5.78 108.72
N GLN AD 89 -41.62 4.86 108.67
CA GLN AD 89 -41.74 3.62 107.93
C GLN AD 89 -41.53 2.45 108.89
N VAL AD 90 -42.53 1.57 108.97
CA VAL AD 90 -42.46 0.35 109.77
C VAL AD 90 -42.32 -0.82 108.82
N SER AD 91 -41.31 -1.66 109.02
CA SER AD 91 -41.06 -2.83 108.20
C SER AD 91 -41.15 -4.07 109.08
N ILE AD 92 -42.19 -4.88 108.85
CA ILE AD 92 -42.54 -6.03 109.65
C ILE AD 92 -42.24 -7.30 108.84
N PRO AD 93 -41.24 -8.09 109.22
CA PRO AD 93 -40.97 -9.33 108.49
C PRO AD 93 -42.07 -10.36 108.69
N ARG AD 94 -42.04 -11.39 107.83
CA ARG AD 94 -43.04 -12.45 107.85
C ARG AD 94 -42.53 -13.77 108.37
N ASN AD 95 -41.23 -13.90 108.61
CA ASN AD 95 -40.71 -15.07 109.30
C ASN AD 95 -41.41 -15.23 110.64
N PRO AD 96 -41.98 -16.40 110.96
CA PRO AD 96 -42.72 -16.55 112.22
C PRO AD 96 -41.89 -16.25 113.45
N ALA AD 97 -40.58 -16.09 113.28
CA ALA AD 97 -39.70 -15.69 114.35
C ALA AD 97 -39.82 -14.20 114.68
N TRP AD 98 -40.75 -13.48 114.05
CA TRP AD 98 -41.08 -12.11 114.39
C TRP AD 98 -42.44 -12.06 115.07
N ASN AD 99 -42.66 -11.04 115.90
CA ASN AD 99 -43.92 -10.90 116.62
C ASN AD 99 -44.45 -9.48 116.51
N ALA AD 100 -45.78 -9.39 116.55
CA ALA AD 100 -46.41 -8.10 116.79
C ALA AD 100 -45.84 -7.45 118.05
N SER AD 101 -45.48 -8.25 119.05
CA SER AD 101 -44.87 -7.69 120.26
C SER AD 101 -43.56 -6.99 119.92
N MET AD 102 -42.79 -7.55 118.98
CA MET AD 102 -41.54 -6.92 118.58
C MET AD 102 -41.80 -5.64 117.80
N THR AD 103 -42.82 -5.66 116.93
CA THR AD 103 -43.22 -4.44 116.24
C THR AD 103 -43.57 -3.35 117.24
N VAL AD 104 -44.43 -3.67 118.20
CA VAL AD 104 -44.87 -2.69 119.20
C VAL AD 104 -43.68 -2.22 120.03
N SER AD 105 -42.76 -3.13 120.34
CA SER AD 105 -41.59 -2.73 121.13
C SER AD 105 -40.76 -1.71 120.39
N LEU AD 106 -40.53 -1.92 119.08
CA LEU AD 106 -39.80 -0.92 118.31
C LEU AD 106 -40.56 0.40 118.25
N LEU AD 107 -41.89 0.35 118.09
CA LEU AD 107 -42.66 1.59 118.07
C LEU AD 107 -42.51 2.36 119.38
N LYS AD 108 -42.63 1.66 120.51
CA LYS AD 108 -42.54 2.30 121.81
C LYS AD 108 -41.15 2.88 122.04
N GLN AD 109 -40.11 2.15 121.61
CA GLN AD 109 -38.75 2.65 121.78
C GLN AD 109 -38.50 3.88 120.94
N ALA AD 110 -39.00 3.89 119.70
CA ALA AD 110 -38.87 5.08 118.86
C ALA AD 110 -39.60 6.26 119.50
N ALA AD 111 -40.80 6.01 120.04
CA ALA AD 111 -41.53 7.08 120.72
C ALA AD 111 -40.71 7.62 121.90
N ASP AD 112 -40.10 6.72 122.68
CA ASP AD 112 -39.30 7.19 123.81
C ASP AD 112 -38.10 8.00 123.34
N TYR AD 113 -37.41 7.53 122.30
CA TYR AD 113 -36.12 8.12 121.97
C TYR AD 113 -36.24 9.39 121.14
N LEU AD 114 -37.27 9.50 120.28
CA LEU AD 114 -37.41 10.70 119.46
C LEU AD 114 -38.49 11.65 119.95
N ALA AD 115 -39.46 11.17 120.72
CA ALA AD 115 -40.50 12.02 121.25
C ALA AD 115 -40.50 12.15 122.76
N GLY AD 116 -39.86 11.23 123.48
CA GLY AD 116 -39.82 11.29 124.93
C GLY AD 116 -41.17 11.10 125.57
N THR AD 117 -41.90 10.05 125.18
CA THR AD 117 -43.26 9.83 125.64
C THR AD 117 -43.51 8.45 126.23
N SER AD 118 -42.47 7.64 126.41
CA SER AD 118 -42.63 6.30 126.96
C SER AD 118 -43.36 6.31 128.31
N ALA AD 119 -43.95 5.15 128.65
CA ALA AD 119 -44.54 4.93 129.95
C ALA AD 119 -43.44 4.89 131.02
N THR AD 120 -43.86 5.00 132.28
CA THR AD 120 -42.90 5.06 133.38
C THR AD 120 -42.48 3.66 133.80
N VAL AD 121 -41.16 3.45 133.84
CA VAL AD 121 -40.53 2.21 134.29
C VAL AD 121 -39.31 2.57 135.10
N SER AD 122 -39.08 1.85 136.20
CA SER AD 122 -37.92 2.09 137.05
C SER AD 122 -36.64 1.93 136.24
N GLY AD 123 -35.77 2.93 136.31
CA GLY AD 123 -34.51 2.88 135.63
C GLY AD 123 -34.52 3.37 134.20
N GLN AD 124 -35.60 3.97 133.74
CA GLN AD 124 -35.64 4.41 132.35
C GLN AD 124 -34.85 5.70 132.23
N THR AD 125 -34.24 5.93 131.07
CA THR AD 125 -33.56 7.21 130.92
C THR AD 125 -34.57 8.31 130.68
N ASP AD 126 -34.28 9.49 131.22
CA ASP AD 126 -35.17 10.64 131.10
C ASP AD 126 -35.06 11.18 129.68
N THR AD 127 -36.12 10.99 128.91
CA THR AD 127 -36.16 11.39 127.52
C THR AD 127 -37.00 12.63 127.29
N SER AD 128 -37.40 13.32 128.37
CA SER AD 128 -38.30 14.45 128.25
C SER AD 128 -37.72 15.55 127.37
N GLY AD 129 -36.42 15.82 127.49
CA GLY AD 129 -35.80 16.87 126.71
C GLY AD 129 -35.29 16.44 125.37
N PHE AD 130 -35.40 15.14 125.06
CA PHE AD 130 -34.92 14.66 123.77
C PHE AD 130 -35.62 15.28 122.57
N PRO AD 131 -36.95 15.44 122.55
CA PRO AD 131 -37.55 16.10 121.38
C PRO AD 131 -37.02 17.51 121.17
N ALA AD 132 -36.80 18.26 122.26
CA ALA AD 132 -36.19 19.58 122.12
C ALA AD 132 -34.80 19.47 121.51
N LYS AD 133 -33.97 18.56 122.03
CA LYS AD 133 -32.62 18.42 121.48
C LYS AD 133 -32.66 18.02 120.00
N TRP AD 134 -33.59 17.14 119.62
CA TRP AD 134 -33.72 16.77 118.21
C TRP AD 134 -34.09 17.97 117.37
N ALA AD 135 -35.11 18.73 117.80
CA ALA AD 135 -35.53 19.91 117.05
C ALA AD 135 -34.40 20.91 116.91
N GLY AD 136 -33.44 20.89 117.84
CA GLY AD 136 -32.23 21.66 117.68
C GLY AD 136 -31.12 21.00 116.90
N LEU AD 137 -31.36 19.82 116.32
CA LEU AD 137 -30.33 19.04 115.63
C LEU AD 137 -29.15 18.74 116.55
N MET AD 138 -29.46 18.14 117.69
CA MET AD 138 -28.46 17.75 118.68
C MET AD 138 -28.75 16.33 119.11
N PHE AD 139 -27.75 15.47 119.07
CA PHE AD 139 -27.96 14.10 119.54
C PHE AD 139 -28.17 14.11 121.05
N PRO AD 140 -29.18 13.39 121.55
CA PRO AD 140 -29.47 13.27 122.98
C PRO AD 140 -28.31 12.65 123.74
N ALA BD 1 -52.19 -42.54 -108.34
CA ALA BD 1 -51.42 -43.78 -108.27
C ALA BD 1 -52.24 -44.98 -108.70
N ALA BD 2 -51.56 -45.97 -109.29
CA ALA BD 2 -52.23 -47.19 -109.72
C ALA BD 2 -52.75 -47.97 -108.52
N PRO BD 3 -53.93 -48.59 -108.63
CA PRO BD 3 -54.48 -49.31 -107.47
C PRO BD 3 -53.78 -50.63 -107.20
N SER BD 4 -53.16 -51.22 -108.20
CA SER BD 4 -52.51 -52.51 -108.03
C SER BD 4 -51.48 -52.70 -109.13
N LEU BD 5 -50.53 -53.59 -108.87
CA LEU BD 5 -49.39 -53.81 -109.75
C LEU BD 5 -49.07 -55.29 -109.81
N ALA BD 6 -48.66 -55.74 -110.99
CA ALA BD 6 -48.14 -57.09 -111.19
C ALA BD 6 -46.74 -56.92 -111.77
N LEU BD 7 -45.73 -56.89 -110.90
CA LEU BD 7 -44.37 -56.65 -111.32
C LEU BD 7 -43.67 -57.98 -111.57
N VAL BD 8 -42.67 -57.98 -112.44
CA VAL BD 8 -41.93 -59.19 -112.74
C VAL BD 8 -40.71 -59.27 -111.82
N GLY BD 9 -40.56 -60.40 -111.14
CA GLY BD 9 -39.39 -60.73 -110.34
C GLY BD 9 -38.92 -62.13 -110.67
N ALA BD 10 -38.25 -62.75 -109.68
CA ALA BD 10 -37.66 -64.07 -109.88
C ALA BD 10 -37.98 -64.98 -108.69
N ASN BD 11 -38.24 -66.25 -109.00
CA ASN BD 11 -38.46 -67.27 -107.98
C ASN BD 11 -37.11 -67.86 -107.55
N SER BD 12 -37.16 -68.97 -106.83
CA SER BD 12 -35.92 -69.61 -106.39
C SER BD 12 -35.11 -70.16 -107.56
N THR BD 13 -35.78 -70.49 -108.68
CA THR BD 13 -35.12 -70.92 -109.91
C THR BD 13 -34.56 -69.75 -110.71
N LEU BD 14 -34.90 -68.52 -110.32
CA LEU BD 14 -34.62 -67.29 -111.08
C LEU BD 14 -35.43 -67.20 -112.37
N ALA BD 15 -36.49 -68.00 -112.49
CA ALA BD 15 -37.43 -67.85 -113.58
C ALA BD 15 -38.33 -66.65 -113.33
N SER BD 16 -38.74 -65.99 -114.42
CA SER BD 16 -39.55 -64.78 -114.31
C SER BD 16 -40.92 -65.12 -113.72
N THR BD 17 -41.25 -64.50 -112.60
CA THR BD 17 -42.47 -64.78 -111.85
C THR BD 17 -43.17 -63.47 -111.54
N LEU BD 18 -44.50 -63.48 -111.56
CA LEU BD 18 -45.21 -62.28 -111.14
C LEU BD 18 -45.19 -62.14 -109.62
N VAL BD 19 -45.15 -60.88 -109.18
CA VAL BD 19 -45.28 -60.52 -107.78
C VAL BD 19 -46.29 -59.38 -107.70
N ASN BD 20 -47.32 -59.58 -106.88
CA ASN BD 20 -48.52 -58.76 -106.90
C ASN BD 20 -48.50 -57.78 -105.73
N TYR BD 21 -48.61 -56.50 -106.03
CA TYR BD 21 -48.73 -55.46 -105.03
C TYR BD 21 -50.09 -54.80 -105.17
N SER BD 22 -50.60 -54.26 -104.07
CA SER BD 22 -51.82 -53.48 -104.07
C SER BD 22 -51.59 -52.23 -103.23
N LEU BD 23 -52.30 -51.16 -103.59
CA LEU BD 23 -52.09 -49.86 -102.97
C LEU BD 23 -52.57 -49.88 -101.53
N ARG BD 24 -51.63 -49.79 -100.59
CA ARG BD 24 -52.00 -49.58 -99.19
C ARG BD 24 -52.50 -48.17 -98.97
N SER BD 25 -51.66 -47.17 -99.27
CA SER BD 25 -52.10 -45.81 -98.99
C SER BD 25 -51.35 -44.80 -99.86
N GLN BD 26 -52.06 -43.76 -100.29
CA GLN BD 26 -51.45 -42.62 -100.95
C GLN BD 26 -51.51 -41.44 -100.00
N ASN BD 27 -50.35 -40.97 -99.57
CA ASN BD 27 -50.17 -39.68 -98.96
C ASN BD 27 -49.78 -38.68 -100.06
N GLY BD 28 -49.77 -37.39 -99.73
CA GLY BD 28 -49.44 -36.40 -100.73
C GLY BD 28 -48.04 -36.56 -101.27
N ASN BD 29 -47.93 -36.89 -102.56
CA ASN BD 29 -46.63 -37.18 -103.21
C ASN BD 29 -45.93 -38.35 -102.51
N ASN BD 30 -46.70 -39.31 -102.03
CA ASN BD 30 -46.13 -40.48 -101.38
C ASN BD 30 -47.07 -41.66 -101.57
N VAL BD 31 -46.51 -42.82 -101.89
CA VAL BD 31 -47.33 -43.99 -102.20
C VAL BD 31 -46.73 -45.22 -101.52
N ASP BD 32 -47.59 -46.02 -100.89
CA ASP BD 32 -47.20 -47.25 -100.21
C ASP BD 32 -48.02 -48.41 -100.76
N TYR BD 33 -47.32 -49.39 -101.33
CA TYR BD 33 -47.88 -50.65 -101.84
C TYR BD 33 -47.44 -51.80 -100.96
N VAL BD 34 -48.28 -52.85 -100.93
CA VAL BD 34 -48.04 -54.05 -100.14
C VAL BD 34 -48.21 -55.27 -101.03
N CYS BD 35 -47.37 -56.29 -100.82
CA CYS BD 35 -47.46 -57.51 -101.61
C CYS BD 35 -48.63 -58.37 -101.14
N THR BD 36 -49.44 -58.81 -102.10
CA THR BD 36 -50.66 -59.57 -101.83
C THR BD 36 -50.48 -61.07 -102.06
N ASP BD 37 -49.26 -61.53 -102.28
CA ASP BD 37 -48.99 -62.94 -102.46
C ASP BD 37 -48.96 -63.64 -101.11
N PRO BD 38 -48.98 -64.97 -101.10
CA PRO BD 38 -48.71 -65.69 -99.85
C PRO BD 38 -47.29 -65.50 -99.34
N ASP BD 39 -46.36 -65.03 -100.18
CA ASP BD 39 -44.98 -64.79 -99.76
C ASP BD 39 -44.91 -63.76 -98.64
N SER BD 40 -45.68 -62.69 -98.75
CA SER BD 40 -45.68 -61.65 -97.73
C SER BD 40 -46.86 -61.88 -96.79
N THR BD 41 -46.59 -61.67 -95.51
CA THR BD 41 -47.58 -61.61 -94.45
C THR BD 41 -47.36 -60.29 -93.71
N LEU BD 42 -48.30 -59.94 -92.83
CA LEU BD 42 -48.09 -58.75 -92.02
C LEU BD 42 -46.81 -58.85 -91.20
N SER BD 43 -46.49 -60.06 -90.74
CA SER BD 43 -45.29 -60.24 -89.91
C SER BD 43 -44.01 -60.05 -90.73
N ALA BD 44 -43.99 -60.52 -91.97
CA ALA BD 44 -42.82 -60.40 -92.84
C ALA BD 44 -43.28 -59.97 -94.22
N PRO BD 45 -43.53 -58.68 -94.43
CA PRO BD 45 -44.18 -58.22 -95.65
C PRO BD 45 -43.21 -57.90 -96.78
N GLY BD 46 -43.78 -57.78 -97.97
CA GLY BD 46 -43.11 -57.19 -99.11
C GLY BD 46 -43.75 -55.83 -99.37
N LEU BD 47 -42.91 -54.82 -99.56
CA LEU BD 47 -43.40 -53.45 -99.51
C LEU BD 47 -42.75 -52.61 -100.61
N ILE BD 48 -43.48 -51.59 -101.06
CA ILE BD 48 -42.95 -50.60 -101.99
C ILE BD 48 -43.34 -49.21 -101.49
N ASN BD 49 -42.42 -48.26 -101.62
CA ASN BD 49 -42.62 -46.88 -101.21
C ASN BD 49 -42.06 -45.96 -102.29
N ALA BD 50 -42.81 -44.91 -102.63
CA ALA BD 50 -42.39 -43.95 -103.65
C ALA BD 50 -42.72 -42.53 -103.21
N LYS BD 51 -41.72 -41.65 -103.26
CA LYS BD 51 -41.81 -40.29 -102.72
C LYS BD 51 -41.29 -39.30 -103.75
N PHE BD 52 -41.80 -38.06 -103.66
CA PHE BD 52 -41.43 -36.96 -104.56
C PHE BD 52 -40.98 -35.77 -103.73
N ASP BD 53 -39.69 -35.46 -103.79
CA ASP BD 53 -39.13 -34.23 -103.23
C ASP BD 53 -39.15 -33.18 -104.35
N ILE BD 54 -40.21 -32.39 -104.39
CA ILE BD 54 -40.40 -31.37 -105.42
C ILE BD 54 -40.17 -30.01 -104.78
N LYS BD 55 -39.18 -29.29 -105.28
CA LYS BD 55 -38.84 -27.99 -104.72
C LYS BD 55 -39.85 -26.95 -105.19
N ALA BD 56 -39.88 -25.82 -104.48
CA ALA BD 56 -40.79 -24.73 -104.84
C ALA BD 56 -40.56 -24.31 -106.29
N PRO BD 57 -41.61 -23.89 -106.99
CA PRO BD 57 -41.44 -23.56 -108.43
C PRO BD 57 -40.49 -22.42 -108.70
N GLY BD 58 -40.40 -21.45 -107.79
CA GLY BD 58 -39.43 -20.37 -107.98
C GLY BD 58 -37.99 -20.84 -107.84
N ILE BD 59 -37.74 -21.72 -106.86
CA ILE BD 59 -36.38 -22.16 -106.53
C ILE BD 59 -35.86 -23.10 -107.61
N THR BD 60 -34.60 -22.92 -108.01
CA THR BD 60 -33.90 -23.90 -108.83
C THR BD 60 -33.13 -24.86 -107.94
N GLY BD 61 -33.24 -26.14 -108.25
CA GLY BD 61 -32.49 -27.18 -107.58
C GLY BD 61 -32.63 -28.44 -108.39
N ASN BD 62 -32.59 -29.57 -107.70
CA ASN BD 62 -32.92 -30.85 -108.31
C ASN BD 62 -34.22 -31.35 -107.70
N ASP BD 63 -35.15 -31.78 -108.54
CA ASP BD 63 -36.28 -32.55 -108.08
C ASP BD 63 -35.83 -34.00 -107.86
N ARG BD 64 -36.45 -34.67 -106.88
CA ARG BD 64 -35.98 -36.00 -106.49
C ARG BD 64 -37.12 -36.99 -106.40
N ILE BD 65 -36.83 -38.23 -106.79
CA ILE BD 65 -37.73 -39.37 -106.66
C ILE BD 65 -37.04 -40.39 -105.76
N HIS BD 66 -37.76 -40.87 -104.74
CA HIS BD 66 -37.24 -41.89 -103.84
C HIS BD 66 -38.12 -43.13 -103.92
N ALA BD 67 -37.54 -44.24 -104.33
CA ALA BD 67 -38.26 -45.50 -104.40
C ALA BD 67 -37.57 -46.55 -103.54
N ASN BD 68 -38.37 -47.43 -102.95
CA ASN BD 68 -37.86 -48.45 -102.06
C ASN BD 68 -38.69 -49.70 -102.21
N LEU BD 69 -38.03 -50.82 -102.55
CA LEU BD 69 -38.67 -52.12 -102.68
C LEU BD 69 -38.05 -53.06 -101.66
N ARG BD 70 -38.85 -53.55 -100.71
CA ARG BD 70 -38.39 -54.28 -99.54
C ARG BD 70 -39.04 -55.65 -99.50
N LYS BD 71 -38.30 -56.61 -98.93
CA LYS BD 71 -38.84 -57.89 -98.51
C LYS BD 71 -38.29 -58.20 -97.13
N VAL BD 72 -39.17 -58.40 -96.16
CA VAL BD 72 -38.79 -58.76 -94.80
C VAL BD 72 -38.76 -60.27 -94.71
N VAL BD 73 -37.79 -60.81 -93.97
CA VAL BD 73 -37.68 -62.23 -93.75
C VAL BD 73 -37.45 -62.48 -92.26
N LEU BD 74 -37.99 -63.59 -91.76
CA LEU BD 74 -37.87 -63.96 -90.36
C LEU BD 74 -36.81 -65.05 -90.20
N ASP BD 75 -36.00 -64.91 -89.15
CA ASP BD 75 -35.04 -65.96 -88.83
C ASP BD 75 -35.77 -67.23 -88.39
N GLU BD 76 -35.31 -68.38 -88.91
CA GLU BD 76 -35.93 -69.64 -88.51
C GLU BD 76 -35.83 -69.84 -87.01
N LYS BD 77 -34.64 -69.59 -86.44
CA LYS BD 77 -34.43 -69.89 -85.03
C LYS BD 77 -35.03 -68.82 -84.12
N THR BD 78 -34.83 -67.53 -84.41
CA THR BD 78 -35.23 -66.47 -83.49
C THR BD 78 -36.48 -65.72 -83.90
N ASN BD 79 -37.00 -65.93 -85.11
CA ASN BD 79 -38.12 -65.18 -85.67
C ASN BD 79 -37.88 -63.67 -85.67
N LEU BD 80 -36.63 -63.25 -85.49
CA LEU BD 80 -36.28 -61.85 -85.61
C LEU BD 80 -36.28 -61.43 -87.07
N PRO BD 81 -36.82 -60.27 -87.38
CA PRO BD 81 -36.92 -59.88 -88.79
C PRO BD 81 -35.69 -59.13 -89.26
N SER BD 82 -35.15 -59.52 -90.40
CA SER BD 82 -34.22 -58.68 -91.11
C SER BD 82 -34.72 -58.51 -92.53
N THR BD 83 -34.42 -57.36 -93.11
CA THR BD 83 -35.05 -56.96 -94.35
C THR BD 83 -34.00 -56.76 -95.44
N GLY BD 84 -34.40 -57.08 -96.68
CA GLY BD 84 -33.55 -56.85 -97.84
C GLY BD 84 -34.25 -55.89 -98.78
N SER BD 85 -33.48 -54.97 -99.38
CA SER BD 85 -34.14 -53.87 -100.07
C SER BD 85 -33.32 -53.36 -101.25
N VAL BD 86 -34.03 -52.84 -102.24
CA VAL BD 86 -33.45 -52.06 -103.33
C VAL BD 86 -34.06 -50.67 -103.28
N THR BD 87 -33.22 -49.66 -103.10
CA THR BD 87 -33.65 -48.27 -103.07
C THR BD 87 -33.06 -47.51 -104.24
N ILE BD 88 -33.83 -46.55 -104.74
CA ILE BD 88 -33.50 -45.81 -105.96
C ILE BD 88 -33.76 -44.34 -105.72
N GLN BD 89 -32.82 -43.50 -106.11
CA GLN BD 89 -32.99 -42.07 -106.00
C GLN BD 89 -32.73 -41.46 -107.37
N VAL BD 90 -33.72 -40.76 -107.91
CA VAL BD 90 -33.60 -40.10 -109.20
C VAL BD 90 -33.52 -38.61 -108.93
N SER BD 91 -32.43 -37.97 -109.37
CA SER BD 91 -32.22 -36.54 -109.19
C SER BD 91 -32.26 -35.89 -110.58
N ILE BD 92 -33.31 -35.13 -110.83
CA ILE BD 92 -33.60 -34.50 -112.12
C ILE BD 92 -33.36 -33.00 -111.97
N PRO BD 93 -32.44 -32.41 -112.73
CA PRO BD 93 -32.23 -30.96 -112.64
C PRO BD 93 -33.30 -30.14 -113.34
N ARG BD 94 -33.51 -28.93 -112.80
CA ARG BD 94 -34.53 -28.01 -113.29
C ARG BD 94 -34.04 -27.09 -114.41
N ASN BD 95 -32.99 -27.47 -115.11
CA ASN BD 95 -32.46 -26.71 -116.25
C ASN BD 95 -33.06 -27.25 -117.55
N PRO BD 96 -33.62 -26.40 -118.42
CA PRO BD 96 -34.16 -26.90 -119.69
C PRO BD 96 -33.17 -27.67 -120.52
N ALA BD 97 -31.88 -27.57 -120.22
CA ALA BD 97 -30.89 -28.37 -120.92
C ALA BD 97 -30.98 -29.86 -120.57
N TRP BD 98 -31.83 -30.22 -119.60
CA TRP BD 98 -32.13 -31.60 -119.25
C TRP BD 98 -33.58 -31.88 -119.64
N ASN BD 99 -33.86 -33.13 -119.99
CA ASN BD 99 -35.24 -33.46 -120.36
C ASN BD 99 -35.58 -34.90 -119.97
N ALA BD 100 -36.86 -35.21 -120.17
CA ALA BD 100 -37.37 -36.50 -119.75
C ALA BD 100 -36.72 -37.64 -120.51
N SER BD 101 -36.30 -37.39 -121.76
CA SER BD 101 -35.59 -38.44 -122.49
C SER BD 101 -34.31 -38.83 -121.78
N MET BD 102 -33.63 -37.85 -121.18
CA MET BD 102 -32.40 -38.13 -120.44
C MET BD 102 -32.71 -38.84 -119.12
N THR BD 103 -33.77 -38.40 -118.43
CA THR BD 103 -34.19 -39.14 -117.23
C THR BD 103 -34.44 -40.61 -117.55
N VAL BD 104 -35.23 -40.86 -118.60
CA VAL BD 104 -35.55 -42.23 -118.99
C VAL BD 104 -34.31 -42.98 -119.41
N SER BD 105 -33.38 -42.30 -120.10
CA SER BD 105 -32.15 -42.97 -120.52
C SER BD 105 -31.36 -43.46 -119.32
N LEU BD 106 -31.23 -42.62 -118.29
CA LEU BD 106 -30.55 -43.09 -117.09
C LEU BD 106 -31.28 -44.26 -116.45
N LEU BD 107 -32.62 -44.19 -116.38
CA LEU BD 107 -33.37 -45.32 -115.81
C LEU BD 107 -33.10 -46.61 -116.59
N LYS BD 108 -33.16 -46.53 -117.91
CA LYS BD 108 -32.96 -47.72 -118.75
C LYS BD 108 -31.56 -48.29 -118.59
N GLN BD 109 -30.55 -47.40 -118.51
CA GLN BD 109 -29.18 -47.88 -118.36
C GLN BD 109 -28.98 -48.55 -117.01
N ALA BD 110 -29.54 -47.96 -115.95
CA ALA BD 110 -29.44 -48.60 -114.64
C ALA BD 110 -30.12 -49.95 -114.65
N ALA BD 111 -31.28 -50.05 -115.30
CA ALA BD 111 -31.97 -51.33 -115.42
C ALA BD 111 -31.10 -52.36 -116.13
N ASP BD 112 -30.51 -51.97 -117.27
CA ASP BD 112 -29.63 -52.88 -118.00
C ASP BD 112 -28.47 -53.33 -117.13
N TYR BD 113 -27.83 -52.40 -116.41
CA TYR BD 113 -26.56 -52.72 -115.77
C TYR BD 113 -26.73 -53.44 -114.44
N LEU BD 114 -27.84 -53.22 -113.72
CA LEU BD 114 -28.01 -53.89 -112.43
C LEU BD 114 -29.06 -54.99 -112.43
N ALA BD 115 -30.01 -54.98 -113.36
CA ALA BD 115 -30.99 -56.04 -113.46
C ALA BD 115 -30.88 -56.85 -114.73
N GLY BD 116 -30.19 -56.34 -115.75
CA GLY BD 116 -30.04 -57.05 -117.01
C GLY BD 116 -31.36 -57.25 -117.73
N THR BD 117 -32.12 -56.16 -117.92
CA THR BD 117 -33.44 -56.25 -118.52
C THR BD 117 -33.65 -55.29 -119.70
N SER BD 118 -32.59 -54.68 -120.22
CA SER BD 118 -32.72 -53.78 -121.36
C SER BD 118 -33.39 -54.47 -122.55
N ALA BD 119 -33.93 -53.64 -123.45
CA ALA BD 119 -34.46 -54.10 -124.72
C ALA BD 119 -33.33 -54.56 -125.64
N THR BD 120 -33.66 -55.44 -126.58
CA THR BD 120 -32.64 -55.98 -127.47
C THR BD 120 -32.19 -54.91 -128.46
N VAL BD 121 -30.88 -54.67 -128.49
CA VAL BD 121 -30.24 -53.69 -129.36
C VAL BD 121 -28.89 -54.25 -129.77
N SER BD 122 -28.60 -54.24 -131.07
CA SER BD 122 -27.40 -54.93 -131.54
C SER BD 122 -26.15 -54.24 -130.99
N GLY BD 123 -25.22 -55.05 -130.50
CA GLY BD 123 -24.00 -54.56 -129.91
C GLY BD 123 -24.05 -54.34 -128.42
N GLN BD 124 -25.20 -54.56 -127.79
CA GLN BD 124 -25.31 -54.45 -126.34
C GLN BD 124 -24.52 -55.56 -125.67
N THR BD 125 -23.94 -55.24 -124.52
CA THR BD 125 -23.31 -56.29 -123.73
C THR BD 125 -24.39 -57.18 -123.11
N ASP BD 126 -24.07 -58.47 -122.99
CA ASP BD 126 -24.99 -59.45 -122.44
C ASP BD 126 -25.03 -59.26 -120.92
N THR BD 127 -26.05 -58.56 -120.46
CA THR BD 127 -26.19 -58.20 -119.06
C THR BD 127 -27.04 -59.20 -118.29
N SER BD 128 -27.40 -60.32 -118.92
CA SER BD 128 -28.34 -61.26 -118.30
C SER BD 128 -27.81 -61.82 -116.98
N GLY BD 129 -26.50 -62.06 -116.88
CA GLY BD 129 -25.94 -62.62 -115.67
C GLY BD 129 -25.53 -61.61 -114.63
N PHE BD 130 -25.62 -60.33 -114.98
CA PHE BD 130 -25.20 -59.29 -114.05
C PHE BD 130 -25.98 -59.29 -112.74
N PRO BD 131 -27.31 -59.47 -112.71
CA PRO BD 131 -27.98 -59.51 -111.40
C PRO BD 131 -27.47 -60.65 -110.53
N ALA BD 132 -27.19 -61.81 -111.11
CA ALA BD 132 -26.57 -62.89 -110.36
C ALA BD 132 -25.22 -62.46 -109.78
N LYS BD 133 -24.37 -61.86 -110.62
CA LYS BD 133 -23.07 -61.43 -110.13
C LYS BD 133 -23.20 -60.39 -109.02
N TRP BD 134 -24.13 -59.44 -109.16
CA TRP BD 134 -24.32 -58.44 -108.11
C TRP BD 134 -24.77 -59.10 -106.82
N ALA BD 135 -25.75 -60.01 -106.90
CA ALA BD 135 -26.21 -60.73 -105.71
C ALA BD 135 -25.10 -61.55 -105.08
N GLY BD 136 -24.04 -61.84 -105.83
CA GLY BD 136 -22.86 -62.44 -105.25
C GLY BD 136 -21.79 -61.48 -104.77
N LEU BD 137 -22.07 -60.17 -104.78
CA LEU BD 137 -21.07 -59.12 -104.51
C LEU BD 137 -19.83 -59.27 -105.40
N MET BD 138 -20.09 -59.36 -106.71
CA MET BD 138 -19.06 -59.46 -107.73
C MET BD 138 -19.33 -58.43 -108.81
N PHE BD 139 -18.32 -57.67 -109.19
CA PHE BD 139 -18.50 -56.72 -110.27
C PHE BD 139 -18.67 -57.48 -111.59
N PRO BD 140 -19.64 -57.10 -112.42
CA PRO BD 140 -19.83 -57.73 -113.73
C PRO BD 140 -18.59 -57.59 -114.60
N ALA CD 1 -61.24 -36.21 -105.90
CA ALA CD 1 -60.93 -35.13 -106.83
C ALA CD 1 -60.86 -35.63 -108.26
N ALA CD 2 -61.13 -34.73 -109.22
CA ALA CD 2 -61.11 -35.11 -110.62
C ALA CD 2 -59.70 -35.51 -111.03
N PRO CD 3 -59.53 -36.64 -111.73
CA PRO CD 3 -58.17 -37.07 -112.10
C PRO CD 3 -57.51 -36.20 -113.15
N SER CD 4 -58.29 -35.44 -113.93
CA SER CD 4 -57.70 -34.58 -114.94
C SER CD 4 -58.70 -33.46 -115.25
N LEU CD 5 -58.15 -32.37 -115.81
CA LEU CD 5 -58.91 -31.16 -116.06
C LEU CD 5 -58.51 -30.57 -117.41
N ALA CD 6 -59.47 -30.01 -118.11
CA ALA CD 6 -59.23 -29.27 -119.34
C ALA CD 6 -59.84 -27.89 -119.14
N LEU CD 7 -59.02 -26.94 -118.69
CA LEU CD 7 -59.49 -25.61 -118.35
C LEU CD 7 -59.29 -24.67 -119.53
N VAL CD 8 -60.07 -23.60 -119.57
CA VAL CD 8 -59.96 -22.62 -120.65
C VAL CD 8 -59.05 -21.48 -120.20
N GLY CD 9 -58.05 -21.18 -121.01
CA GLY CD 9 -57.20 -20.02 -120.81
C GLY CD 9 -57.06 -19.26 -122.11
N ALA CD 10 -55.98 -18.50 -122.25
CA ALA CD 10 -55.77 -17.67 -123.44
C ALA CD 10 -54.41 -17.94 -124.04
N ASN CD 11 -54.36 -18.00 -125.38
CA ASN CD 11 -53.11 -18.15 -126.10
C ASN CD 11 -52.41 -16.79 -126.19
N SER CD 12 -51.36 -16.71 -127.00
CA SER CD 12 -50.65 -15.44 -127.15
C SER CD 12 -51.55 -14.36 -127.76
N THR CD 13 -52.62 -14.74 -128.45
CA THR CD 13 -53.54 -13.80 -129.07
C THR CD 13 -54.77 -13.54 -128.20
N LEU CD 14 -54.84 -14.16 -127.02
CA LEU CD 14 -55.97 -14.07 -126.10
C LEU CD 14 -57.20 -14.83 -126.60
N ALA CD 15 -57.02 -15.73 -127.56
CA ALA CD 15 -58.10 -16.62 -127.95
C ALA CD 15 -58.26 -17.74 -126.94
N SER CD 16 -59.50 -18.17 -126.74
CA SER CD 16 -59.76 -19.23 -125.77
C SER CD 16 -59.09 -20.52 -126.22
N THR CD 17 -58.25 -21.08 -125.35
CA THR CD 17 -57.46 -22.26 -125.66
C THR CD 17 -57.51 -23.21 -124.46
N LEU CD 18 -57.57 -24.51 -124.73
CA LEU CD 18 -57.53 -25.44 -123.61
C LEU CD 18 -56.13 -25.54 -123.01
N VAL CD 19 -56.11 -25.80 -121.70
CA VAL CD 19 -54.91 -26.03 -120.93
C VAL CD 19 -55.18 -27.25 -120.06
N ASN CD 20 -54.34 -28.26 -120.20
CA ASN CD 20 -54.62 -29.60 -119.68
C ASN CD 20 -53.81 -29.85 -118.42
N TYR CD 21 -54.51 -30.17 -117.34
CA TYR CD 21 -53.90 -30.51 -116.07
C TYR CD 21 -54.24 -31.94 -115.71
N SER CD 22 -53.35 -32.58 -114.97
CA SER CD 22 -53.57 -33.92 -114.44
C SER CD 22 -53.25 -33.94 -112.96
N LEU CD 23 -53.97 -34.76 -112.22
CA LEU CD 23 -53.86 -34.82 -110.77
C LEU CD 23 -52.58 -35.54 -110.36
N ARG CD 24 -51.66 -34.81 -109.72
CA ARG CD 24 -50.41 -35.41 -109.30
C ARG CD 24 -50.58 -36.22 -108.01
N SER CD 25 -51.18 -35.63 -106.98
CA SER CD 25 -51.41 -36.33 -105.72
C SER CD 25 -52.50 -35.62 -104.94
N GLN CD 26 -52.89 -36.22 -103.80
CA GLN CD 26 -53.85 -35.63 -102.89
C GLN CD 26 -53.38 -35.88 -101.45
N ASN CD 27 -53.11 -34.80 -100.73
CA ASN CD 27 -52.67 -34.79 -99.34
C ASN CD 27 -53.86 -34.40 -98.45
N GLY CD 28 -53.58 -34.14 -97.18
CA GLY CD 28 -54.59 -33.68 -96.24
C GLY CD 28 -55.23 -32.38 -96.69
N ASN CD 29 -56.50 -32.48 -97.08
CA ASN CD 29 -57.33 -31.34 -97.44
C ASN CD 29 -56.68 -30.49 -98.53
N ASN CD 30 -56.06 -31.14 -99.51
CA ASN CD 30 -55.46 -30.38 -100.61
C ASN CD 30 -55.38 -31.27 -101.84
N VAL CD 31 -55.07 -30.63 -102.97
CA VAL CD 31 -55.05 -31.25 -104.28
C VAL CD 31 -53.99 -30.55 -105.11
N ASP CD 32 -53.18 -31.34 -105.84
CA ASP CD 32 -52.07 -30.83 -106.63
C ASP CD 32 -52.21 -31.31 -108.08
N TYR CD 33 -52.35 -30.36 -109.00
CA TYR CD 33 -52.44 -30.63 -110.43
C TYR CD 33 -51.23 -30.06 -111.15
N VAL CD 34 -50.86 -30.73 -112.25
CA VAL CD 34 -49.71 -30.35 -113.07
C VAL CD 34 -50.15 -30.25 -114.52
N CYS CD 35 -49.62 -29.26 -115.25
CA CYS CD 35 -49.97 -29.09 -116.64
C CYS CD 35 -49.25 -30.13 -117.49
N THR CD 36 -50.00 -30.77 -118.40
CA THR CD 36 -49.51 -31.85 -119.23
C THR CD 36 -49.27 -31.43 -120.67
N ASP CD 37 -49.38 -30.14 -120.97
CA ASP CD 37 -49.14 -29.65 -122.31
C ASP CD 37 -47.65 -29.69 -122.59
N PRO CD 38 -47.25 -29.52 -123.87
CA PRO CD 38 -45.82 -29.49 -124.17
C PRO CD 38 -45.10 -28.27 -123.61
N ASP CD 39 -45.77 -27.13 -123.46
CA ASP CD 39 -45.10 -25.91 -123.03
C ASP CD 39 -44.68 -25.95 -121.56
N SER CD 40 -45.23 -26.85 -120.76
CA SER CD 40 -44.84 -26.98 -119.35
C SER CD 40 -43.90 -28.17 -119.21
N THR CD 41 -42.78 -27.92 -118.54
CA THR CD 41 -41.77 -28.92 -118.24
C THR CD 41 -41.35 -28.73 -116.79
N LEU CD 42 -40.54 -29.66 -116.27
CA LEU CD 42 -40.11 -29.52 -114.88
C LEU CD 42 -39.32 -28.24 -114.67
N SER CD 43 -38.63 -27.78 -115.71
CA SER CD 43 -37.88 -26.54 -115.61
C SER CD 43 -38.80 -25.34 -115.44
N ALA CD 44 -39.94 -25.34 -116.13
CA ALA CD 44 -40.90 -24.23 -116.08
C ALA CD 44 -42.31 -24.79 -116.15
N PRO CD 45 -42.84 -25.29 -115.05
CA PRO CD 45 -44.13 -25.99 -115.06
C PRO CD 45 -45.32 -25.06 -114.91
N GLY CD 46 -46.49 -25.61 -115.18
CA GLY CD 46 -47.76 -25.01 -114.80
C GLY CD 46 -48.41 -25.85 -113.72
N LEU CD 47 -48.92 -25.19 -112.68
CA LEU CD 47 -49.35 -25.89 -111.48
C LEU CD 47 -50.66 -25.32 -110.97
N ILE CD 48 -51.47 -26.18 -110.35
CA ILE CD 48 -52.67 -25.75 -109.64
C ILE CD 48 -52.72 -26.47 -108.30
N ASN CD 49 -53.09 -25.72 -107.25
CA ASN CD 49 -53.09 -26.25 -105.89
C ASN CD 49 -54.32 -25.75 -105.16
N ALA CD 50 -54.98 -26.65 -104.42
CA ALA CD 50 -56.17 -26.28 -103.67
C ALA CD 50 -56.14 -26.89 -102.28
N LYS CD 51 -56.63 -26.14 -101.29
CA LYS CD 51 -56.58 -26.56 -99.90
C LYS CD 51 -57.82 -26.08 -99.16
N PHE CD 52 -58.29 -26.87 -98.22
CA PHE CD 52 -59.39 -26.48 -97.32
C PHE CD 52 -58.88 -26.31 -95.90
N ASP CD 53 -59.19 -25.16 -95.31
CA ASP CD 53 -59.06 -24.95 -93.86
C ASP CD 53 -60.47 -25.06 -93.30
N ILE CD 54 -60.77 -26.20 -92.67
CA ILE CD 54 -62.12 -26.54 -92.24
C ILE CD 54 -62.19 -26.43 -90.73
N LYS CD 55 -63.05 -25.55 -90.24
CA LYS CD 55 -63.16 -25.36 -88.80
C LYS CD 55 -64.11 -26.41 -88.22
N ALA CD 56 -64.07 -26.53 -86.89
CA ALA CD 56 -64.81 -27.57 -86.20
C ALA CD 56 -66.31 -27.42 -86.44
N PRO CD 57 -67.07 -28.50 -86.23
CA PRO CD 57 -68.52 -28.41 -86.41
C PRO CD 57 -69.12 -27.36 -85.50
N GLY CD 58 -70.15 -26.70 -85.99
CA GLY CD 58 -70.81 -25.61 -85.30
C GLY CD 58 -71.15 -24.53 -86.30
N ILE CD 59 -71.65 -23.40 -85.78
CA ILE CD 59 -71.96 -22.27 -86.63
C ILE CD 59 -71.08 -21.07 -86.35
N THR CD 60 -70.00 -21.26 -85.60
CA THR CD 60 -69.21 -20.13 -85.12
C THR CD 60 -68.19 -19.65 -86.14
N GLY CD 61 -67.54 -20.57 -86.85
CA GLY CD 61 -66.30 -20.25 -87.54
C GLY CD 61 -66.47 -19.68 -88.93
N ASN CD 62 -65.34 -19.67 -89.64
CA ASN CD 62 -65.22 -19.30 -91.05
C ASN CD 62 -64.36 -20.36 -91.74
N ASP CD 63 -64.96 -21.16 -92.62
CA ASP CD 63 -64.22 -22.09 -93.45
C ASP CD 63 -63.45 -21.33 -94.53
N ARG CD 64 -62.35 -21.91 -95.01
CA ARG CD 64 -61.55 -21.24 -96.03
C ARG CD 64 -61.11 -22.20 -97.12
N ILE CD 65 -61.08 -21.69 -98.35
CA ILE CD 65 -60.58 -22.38 -99.53
C ILE CD 65 -59.41 -21.59 -100.07
N HIS CD 66 -58.31 -22.28 -100.36
CA HIS CD 66 -57.12 -21.67 -100.92
C HIS CD 66 -56.82 -22.32 -102.27
N ALA CD 67 -56.87 -21.54 -103.33
CA ALA CD 67 -56.50 -22.02 -104.66
C ALA CD 67 -55.31 -21.21 -105.16
N ASN CD 68 -54.50 -21.84 -106.00
CA ASN CD 68 -53.29 -21.20 -106.50
C ASN CD 68 -52.98 -21.75 -107.88
N LEU CD 69 -52.98 -20.88 -108.89
CA LEU CD 69 -52.69 -21.25 -110.26
C LEU CD 69 -51.41 -20.54 -110.68
N ARG CD 70 -50.37 -21.32 -110.95
CA ARG CD 70 -49.04 -20.76 -111.22
C ARG CD 70 -48.54 -21.22 -112.58
N LYS CD 71 -47.69 -20.39 -113.18
CA LYS CD 71 -46.90 -20.75 -114.35
C LYS CD 71 -45.50 -20.16 -114.22
N VAL CD 72 -44.50 -21.01 -114.40
CA VAL CD 72 -43.10 -20.59 -114.33
C VAL CD 72 -42.61 -20.28 -115.73
N VAL CD 73 -41.76 -19.26 -115.84
CA VAL CD 73 -41.19 -18.86 -117.12
C VAL CD 73 -39.70 -18.65 -116.92
N LEU CD 74 -38.93 -18.91 -117.97
CA LEU CD 74 -37.47 -18.77 -117.95
C LEU CD 74 -37.04 -17.57 -118.79
N ASP CD 75 -36.07 -16.81 -118.26
CA ASP CD 75 -35.53 -15.66 -118.98
C ASP CD 75 -34.85 -16.10 -120.26
N GLU CD 76 -35.12 -15.40 -121.37
CA GLU CD 76 -34.46 -15.74 -122.63
C GLU CD 76 -32.96 -15.54 -122.56
N LYS CD 77 -32.49 -14.68 -121.66
CA LYS CD 77 -31.07 -14.38 -121.60
C LYS CD 77 -30.34 -15.28 -120.62
N THR CD 78 -30.99 -15.63 -119.51
CA THR CD 78 -30.31 -16.33 -118.42
C THR CD 78 -30.96 -17.64 -117.99
N ASN CD 79 -32.10 -18.02 -118.57
CA ASN CD 79 -32.89 -19.17 -118.10
C ASN CD 79 -33.21 -19.07 -116.61
N LEU CD 80 -33.27 -17.86 -116.09
CA LEU CD 80 -33.64 -17.78 -114.68
C LEU CD 80 -35.16 -17.80 -114.53
N PRO CD 81 -35.66 -18.58 -113.57
CA PRO CD 81 -37.11 -18.75 -113.43
C PRO CD 81 -37.72 -17.59 -112.65
N SER CD 82 -38.84 -17.11 -113.15
CA SER CD 82 -39.75 -16.32 -112.34
C SER CD 82 -41.17 -16.83 -112.59
N THR CD 83 -42.03 -16.70 -111.59
CA THR CD 83 -43.35 -17.31 -111.65
C THR CD 83 -44.43 -16.25 -111.65
N GLY CD 84 -45.47 -16.50 -112.43
CA GLY CD 84 -46.69 -15.71 -112.39
C GLY CD 84 -47.77 -16.55 -111.74
N SER CD 85 -48.64 -15.89 -110.98
CA SER CD 85 -49.61 -16.67 -110.22
C SER CD 85 -50.90 -15.88 -109.98
N VAL CD 86 -52.00 -16.61 -109.94
CA VAL CD 86 -53.28 -16.12 -109.46
C VAL CD 86 -53.69 -16.97 -108.27
N THR CD 87 -53.76 -16.37 -107.09
CA THR CD 87 -54.17 -17.06 -105.88
C THR CD 87 -55.55 -16.56 -105.47
N ILE CD 88 -56.32 -17.46 -104.88
CA ILE CD 88 -57.71 -17.19 -104.51
C ILE CD 88 -57.92 -17.70 -103.09
N GLN CD 89 -58.62 -16.90 -102.29
CA GLN CD 89 -59.02 -17.33 -100.95
C GLN CD 89 -60.50 -17.04 -100.75
N VAL CD 90 -61.26 -18.10 -100.51
CA VAL CD 90 -62.69 -18.01 -100.25
C VAL CD 90 -62.89 -18.23 -98.76
N SER CD 91 -63.64 -17.34 -98.12
CA SER CD 91 -63.97 -17.44 -96.70
C SER CD 91 -65.48 -17.50 -96.58
N ILE CD 92 -65.98 -18.64 -96.09
CA ILE CD 92 -67.39 -18.99 -95.99
C ILE CD 92 -67.76 -19.03 -94.51
N PRO CD 93 -68.59 -18.11 -94.03
CA PRO CD 93 -69.05 -18.18 -92.64
C PRO CD 93 -70.03 -19.32 -92.43
N ARG CD 94 -70.09 -19.77 -91.18
CA ARG CD 94 -70.96 -20.87 -90.78
C ARG CD 94 -72.26 -20.41 -90.12
N ASN CD 95 -72.36 -19.13 -89.76
CA ASN CD 95 -73.62 -18.54 -89.34
C ASN CD 95 -74.71 -18.86 -90.37
N PRO CD 96 -75.81 -19.50 -89.96
CA PRO CD 96 -76.83 -19.94 -90.93
C PRO CD 96 -77.43 -18.81 -91.73
N ALA CD 97 -77.08 -17.57 -91.42
CA ALA CD 97 -77.48 -16.43 -92.24
C ALA CD 97 -76.68 -16.33 -93.53
N TRP CD 98 -75.80 -17.28 -93.82
CA TRP CD 98 -75.04 -17.36 -95.05
C TRP CD 98 -75.49 -18.58 -95.86
N ASN CD 99 -75.28 -18.51 -97.18
CA ASN CD 99 -75.73 -19.57 -98.09
C ASN CD 99 -74.61 -19.97 -99.04
N ALA CD 100 -74.66 -21.25 -99.42
CA ALA CD 100 -73.89 -21.67 -100.58
C ALA CD 100 -74.22 -20.80 -101.79
N SER CD 101 -75.46 -20.32 -101.89
CA SER CD 101 -75.81 -19.42 -102.98
C SER CD 101 -75.01 -18.13 -102.90
N MET CD 102 -74.77 -17.63 -101.68
CA MET CD 102 -73.99 -16.41 -101.53
C MET CD 102 -72.53 -16.65 -101.86
N THR CD 103 -71.99 -17.81 -101.47
CA THR CD 103 -70.64 -18.20 -101.89
C THR CD 103 -70.53 -18.20 -103.41
N VAL CD 104 -71.46 -18.89 -104.08
CA VAL CD 104 -71.42 -18.99 -105.54
C VAL CD 104 -71.56 -17.61 -106.16
N SER CD 105 -72.40 -16.75 -105.57
CA SER CD 105 -72.58 -15.41 -106.13
C SER CD 105 -71.29 -14.61 -106.07
N LEU CD 106 -70.57 -14.68 -104.94
CA LEU CD 106 -69.28 -14.02 -104.88
C LEU CD 106 -68.30 -14.59 -105.91
N LEU CD 107 -68.29 -15.91 -106.07
CA LEU CD 107 -67.39 -16.50 -107.06
C LEU CD 107 -67.70 -15.99 -108.47
N LYS CD 108 -68.99 -15.98 -108.83
CA LYS CD 108 -69.38 -15.52 -110.16
C LYS CD 108 -69.05 -14.06 -110.37
N GLN CD 109 -69.24 -13.23 -109.33
CA GLN CD 109 -68.94 -11.81 -109.47
C GLN CD 109 -67.45 -11.57 -109.63
N ALA CD 110 -66.63 -12.28 -108.84
CA ALA CD 110 -65.18 -12.16 -109.00
C ALA CD 110 -64.76 -12.60 -110.41
N ALA CD 111 -65.37 -13.67 -110.91
CA ALA CD 111 -65.06 -14.14 -112.26
C ALA CD 111 -65.40 -13.08 -113.30
N ASP CD 112 -66.59 -12.49 -113.20
CA ASP CD 112 -66.99 -11.42 -114.12
C ASP CD 112 -66.03 -10.24 -114.02
N TYR CD 113 -65.63 -9.84 -112.81
CA TYR CD 113 -64.93 -8.58 -112.65
C TYR CD 113 -63.43 -8.69 -112.93
N LEU CD 114 -62.82 -9.86 -112.73
CA LEU CD 114 -61.40 -10.00 -112.97
C LEU CD 114 -61.06 -10.83 -114.20
N ALA CD 115 -61.96 -11.70 -114.66
CA ALA CD 115 -61.74 -12.47 -115.86
C ALA CD 115 -62.70 -12.15 -116.99
N GLY CD 116 -63.83 -11.50 -116.70
CA GLY CD 116 -64.80 -11.16 -117.71
C GLY CD 116 -65.41 -12.38 -118.37
N THR CD 117 -65.90 -13.33 -117.56
CA THR CD 117 -66.41 -14.60 -118.07
C THR CD 117 -67.85 -14.90 -117.64
N SER CD 118 -68.52 -13.98 -116.98
CA SER CD 118 -69.87 -14.23 -116.49
C SER CD 118 -70.84 -14.60 -117.61
N ALA CD 119 -71.96 -15.20 -117.21
CA ALA CD 119 -73.06 -15.50 -118.14
C ALA CD 119 -73.74 -14.21 -118.58
N THR CD 120 -74.63 -14.35 -119.56
CA THR CD 120 -75.27 -13.18 -120.16
C THR CD 120 -76.56 -12.83 -119.43
N VAL CD 121 -76.67 -11.58 -119.00
CA VAL CD 121 -77.86 -11.03 -118.35
C VAL CD 121 -78.10 -9.66 -118.95
N SER CD 122 -79.34 -9.18 -118.86
CA SER CD 122 -79.77 -8.01 -119.61
C SER CD 122 -78.85 -6.82 -119.41
N GLY CD 123 -78.81 -6.28 -118.20
CA GLY CD 123 -78.15 -5.00 -118.02
C GLY CD 123 -76.69 -5.10 -117.61
N GLN CD 124 -76.03 -6.20 -117.94
CA GLN CD 124 -74.71 -6.44 -117.36
C GLN CD 124 -73.71 -5.50 -117.99
N THR CD 125 -72.68 -5.12 -117.24
CA THR CD 125 -71.65 -4.31 -117.86
C THR CD 125 -70.69 -5.20 -118.64
N ASP CD 126 -70.14 -4.64 -119.71
CA ASP CD 126 -69.25 -5.36 -120.60
C ASP CD 126 -67.90 -5.51 -119.92
N THR CD 127 -67.57 -6.74 -119.53
CA THR CD 127 -66.36 -7.03 -118.79
C THR CD 127 -65.35 -7.80 -119.61
N SER CD 128 -65.55 -7.90 -120.92
CA SER CD 128 -64.66 -8.69 -121.75
C SER CD 128 -63.24 -8.14 -121.75
N GLY CD 129 -63.10 -6.81 -121.70
CA GLY CD 129 -61.78 -6.19 -121.72
C GLY CD 129 -61.13 -6.04 -120.38
N PHE CD 130 -61.85 -6.36 -119.32
CA PHE CD 130 -61.30 -6.20 -117.98
C PHE CD 130 -60.06 -7.02 -117.73
N PRO CD 131 -59.96 -8.29 -118.12
CA PRO CD 131 -58.69 -9.01 -117.89
C PRO CD 131 -57.51 -8.34 -118.57
N ALA CD 132 -57.70 -7.81 -119.78
CA ALA CD 132 -56.65 -7.06 -120.44
C ALA CD 132 -56.24 -5.84 -119.63
N LYS CD 133 -57.25 -5.08 -119.16
CA LYS CD 133 -56.93 -3.88 -118.38
C LYS CD 133 -56.21 -4.23 -117.09
N TRP CD 134 -56.60 -5.33 -116.44
CA TRP CD 134 -55.90 -5.75 -115.23
C TRP CD 134 -54.45 -6.12 -115.55
N ALA CD 135 -54.25 -6.94 -116.58
CA ALA CD 135 -52.91 -7.35 -116.96
C ALA CD 135 -52.03 -6.16 -117.34
N GLY CD 136 -52.64 -5.04 -117.71
CA GLY CD 136 -51.91 -3.81 -117.88
C GLY CD 136 -51.74 -2.98 -116.62
N LEU CD 137 -52.15 -3.51 -115.47
CA LEU CD 137 -52.15 -2.79 -114.20
C LEU CD 137 -52.91 -1.46 -114.30
N MET CD 138 -54.15 -1.54 -114.78
CA MET CD 138 -55.06 -0.40 -114.74
C MET CD 138 -56.45 -0.88 -114.38
N PHE CD 139 -57.17 -0.03 -113.66
CA PHE CD 139 -58.49 -0.39 -113.19
C PHE CD 139 -59.49 -0.39 -114.34
N PRO CD 140 -60.44 -1.32 -114.34
CA PRO CD 140 -61.57 -1.32 -115.28
C PRO CD 140 -62.39 -0.04 -115.13
N ALA DD 1 -56.71 -44.58 -101.94
CA ALA DD 1 -58.04 -45.00 -101.51
C ALA DD 1 -59.10 -44.65 -102.56
N ALA DD 2 -60.30 -45.20 -102.39
CA ALA DD 2 -61.38 -44.95 -103.32
C ALA DD 2 -61.78 -43.47 -103.26
N PRO DD 3 -61.96 -42.82 -104.42
CA PRO DD 3 -62.27 -41.39 -104.41
C PRO DD 3 -63.69 -41.09 -103.96
N SER DD 4 -64.59 -42.06 -104.00
CA SER DD 4 -65.97 -41.83 -103.60
C SER DD 4 -66.61 -43.16 -103.24
N LEU DD 5 -67.63 -43.08 -102.38
CA LEU DD 5 -68.29 -44.24 -101.81
C LEU DD 5 -69.80 -44.02 -101.79
N ALA DD 6 -70.54 -45.09 -102.05
CA ALA DD 6 -71.99 -45.10 -101.92
C ALA DD 6 -72.33 -46.18 -100.91
N LEU DD 7 -72.38 -45.81 -99.63
CA LEU DD 7 -72.64 -46.77 -98.58
C LEU DD 7 -74.15 -46.88 -98.34
N VAL DD 8 -74.57 -48.00 -97.76
CA VAL DD 8 -75.98 -48.21 -97.46
C VAL DD 8 -76.24 -47.89 -96.00
N GLY DD 9 -77.18 -46.98 -95.75
CA GLY DD 9 -77.67 -46.66 -94.43
C GLY DD 9 -79.19 -46.75 -94.42
N ALA DD 10 -79.80 -46.01 -93.51
CA ALA DD 10 -81.23 -46.04 -93.30
C ALA DD 10 -81.79 -44.62 -93.22
N ASN DD 11 -82.93 -44.42 -93.86
CA ASN DD 11 -83.63 -43.14 -93.78
C ASN DD 11 -84.48 -43.13 -92.51
N SER DD 12 -85.39 -42.15 -92.41
CA SER DD 12 -86.24 -42.05 -91.24
C SER DD 12 -87.17 -43.26 -91.11
N THR DD 13 -87.50 -43.91 -92.23
CA THR DD 13 -88.34 -45.10 -92.25
C THR DD 13 -87.56 -46.36 -91.90
N LEU DD 14 -86.23 -46.27 -91.78
CA LEU DD 14 -85.30 -47.39 -91.69
C LEU DD 14 -85.18 -48.16 -93.00
N ALA DD 15 -85.70 -47.63 -94.10
CA ALA DD 15 -85.51 -48.24 -95.40
C ALA DD 15 -84.07 -48.04 -95.87
N SER DD 16 -83.55 -49.04 -96.59
CA SER DD 16 -82.18 -48.98 -97.06
C SER DD 16 -82.01 -47.85 -98.07
N THR DD 17 -81.15 -46.89 -97.75
CA THR DD 17 -80.94 -45.69 -98.54
C THR DD 17 -79.45 -45.47 -98.76
N LEU DD 18 -79.07 -44.99 -99.94
CA LEU DD 18 -77.67 -44.67 -100.17
C LEU DD 18 -77.28 -43.39 -99.45
N VAL DD 19 -76.06 -43.41 -98.90
CA VAL DD 19 -75.41 -42.24 -98.33
C VAL DD 19 -74.03 -42.12 -99.00
N ASN DD 20 -73.77 -40.94 -99.56
CA ASN DD 20 -72.68 -40.75 -100.51
C ASN DD 20 -71.56 -39.95 -99.86
N TYR DD 21 -70.34 -40.46 -99.98
CA TYR DD 21 -69.15 -39.81 -99.45
C TYR DD 21 -68.15 -39.58 -100.57
N SER DD 22 -67.40 -38.50 -100.48
CA SER DD 22 -66.26 -38.27 -101.37
C SER DD 22 -64.99 -38.11 -100.54
N LEU DD 23 -63.87 -38.51 -101.14
CA LEU DD 23 -62.58 -38.50 -100.47
C LEU DD 23 -62.07 -37.07 -100.40
N ARG DD 24 -62.13 -36.49 -99.21
CA ARG DD 24 -61.65 -35.13 -98.99
C ARG DD 24 -60.15 -35.10 -98.67
N SER DD 25 -59.64 -35.97 -97.81
CA SER DD 25 -58.20 -35.94 -97.56
C SER DD 25 -57.66 -37.34 -97.33
N GLN DD 26 -56.35 -37.47 -97.53
CA GLN DD 26 -55.63 -38.69 -97.22
C GLN DD 26 -54.21 -38.29 -96.87
N ASN DD 27 -53.77 -38.66 -95.68
CA ASN DD 27 -52.49 -38.19 -95.15
C ASN DD 27 -52.01 -39.15 -94.07
N GLY DD 28 -50.77 -39.61 -94.21
CA GLY DD 28 -50.11 -40.37 -93.16
C GLY DD 28 -50.92 -41.57 -92.70
N ASN DD 29 -51.15 -42.50 -93.62
CA ASN DD 29 -51.99 -43.67 -93.36
C ASN DD 29 -53.30 -43.27 -92.68
N ASN DD 30 -53.89 -42.20 -93.18
CA ASN DD 30 -55.14 -41.71 -92.63
C ASN DD 30 -56.00 -41.27 -93.81
N VAL DD 31 -57.30 -41.56 -93.73
CA VAL DD 31 -58.22 -41.33 -94.85
C VAL DD 31 -59.50 -40.70 -94.30
N ASP DD 32 -59.91 -39.57 -94.90
CA ASP DD 32 -61.05 -38.79 -94.42
C ASP DD 32 -62.01 -38.50 -95.58
N TYR DD 33 -63.25 -38.96 -95.42
CA TYR DD 33 -64.35 -38.76 -96.36
C TYR DD 33 -65.38 -37.80 -95.78
N VAL DD 34 -66.06 -37.08 -96.67
CA VAL DD 34 -67.17 -36.21 -96.28
C VAL DD 34 -68.41 -36.58 -97.06
N CYS DD 35 -69.57 -36.41 -96.41
CA CYS DD 35 -70.84 -36.79 -97.02
C CYS DD 35 -71.30 -35.71 -98.00
N THR DD 36 -71.66 -36.12 -99.20
CA THR DD 36 -72.02 -35.21 -100.29
C THR DD 36 -73.51 -34.95 -100.37
N ASP DD 37 -74.31 -35.57 -99.51
CA ASP DD 37 -75.75 -35.48 -99.58
C ASP DD 37 -76.22 -34.14 -99.01
N PRO DD 38 -77.49 -33.80 -99.20
CA PRO DD 38 -77.99 -32.53 -98.62
C PRO DD 38 -78.05 -32.55 -97.10
N ASP DD 39 -78.18 -33.71 -96.48
CA ASP DD 39 -78.31 -33.75 -95.02
C ASP DD 39 -77.00 -33.40 -94.31
N SER DD 40 -75.86 -33.42 -94.99
CA SER DD 40 -74.61 -32.96 -94.41
C SER DD 40 -74.34 -31.54 -94.91
N THR DD 41 -74.31 -30.60 -93.99
CA THR DD 41 -73.97 -29.21 -94.26
C THR DD 41 -72.58 -28.93 -93.72
N LEU DD 42 -72.08 -27.73 -94.01
CA LEU DD 42 -70.81 -27.31 -93.45
C LEU DD 42 -70.88 -27.27 -91.94
N SER DD 43 -72.00 -26.79 -91.40
CA SER DD 43 -72.09 -26.61 -89.96
C SER DD 43 -72.30 -27.93 -89.24
N ALA DD 44 -73.03 -28.85 -89.88
CA ALA DD 44 -73.36 -30.15 -89.32
C ALA DD 44 -73.12 -31.23 -90.37
N PRO DD 45 -71.88 -31.68 -90.52
CA PRO DD 45 -71.53 -32.58 -91.62
C PRO DD 45 -71.66 -34.05 -91.24
N GLY DD 46 -71.56 -34.90 -92.26
CA GLY DD 46 -71.35 -36.32 -92.08
C GLY DD 46 -69.94 -36.67 -92.52
N LEU DD 47 -69.25 -37.46 -91.69
CA LEU DD 47 -67.81 -37.63 -91.87
C LEU DD 47 -67.39 -39.07 -91.63
N ILE DD 48 -66.31 -39.47 -92.30
CA ILE DD 48 -65.70 -40.78 -92.08
C ILE DD 48 -64.20 -40.61 -91.94
N ASN DD 49 -63.61 -41.38 -91.03
CA ASN DD 49 -62.19 -41.36 -90.72
C ASN DD 49 -61.68 -42.79 -90.63
N ALA DD 50 -60.44 -43.02 -91.11
CA ALA DD 50 -59.85 -44.36 -91.03
C ALA DD 50 -58.33 -44.26 -90.94
N LYS DD 51 -57.76 -44.87 -89.90
CA LYS DD 51 -56.34 -44.82 -89.57
C LYS DD 51 -55.76 -46.23 -89.50
N PHE DD 52 -54.45 -46.31 -89.79
CA PHE DD 52 -53.67 -47.54 -89.64
C PHE DD 52 -52.51 -47.31 -88.68
N ASP DD 53 -52.53 -48.03 -87.56
CA ASP DD 53 -51.35 -48.15 -86.71
C ASP DD 53 -50.63 -49.42 -87.15
N ILE DD 54 -49.61 -49.27 -87.99
CA ILE DD 54 -48.85 -50.40 -88.51
C ILE DD 54 -47.56 -50.53 -87.71
N LYS DD 55 -47.44 -51.65 -87.01
CA LYS DD 55 -46.26 -51.91 -86.20
C LYS DD 55 -45.09 -52.29 -87.12
N ALA DD 56 -43.88 -52.09 -86.60
CA ALA DD 56 -42.64 -52.49 -87.25
C ALA DD 56 -42.69 -53.97 -87.60
N PRO DD 57 -41.97 -54.42 -88.62
CA PRO DD 57 -41.99 -55.84 -88.97
C PRO DD 57 -41.59 -56.69 -87.78
N GLY DD 58 -42.18 -57.87 -87.71
CA GLY DD 58 -41.95 -58.74 -86.58
C GLY DD 58 -43.11 -59.68 -86.38
N ILE DD 59 -42.86 -60.69 -85.57
CA ILE DD 59 -43.88 -61.69 -85.27
C ILE DD 59 -44.68 -61.33 -84.03
N THR DD 60 -44.27 -60.30 -83.30
CA THR DD 60 -44.90 -59.89 -82.06
C THR DD 60 -45.67 -58.59 -82.27
N GLY DD 61 -46.71 -58.41 -81.47
CA GLY DD 61 -47.50 -57.20 -81.48
C GLY DD 61 -48.81 -57.36 -82.24
N ASN DD 62 -49.61 -56.30 -82.18
CA ASN DD 62 -50.87 -56.19 -82.90
C ASN DD 62 -50.82 -54.99 -83.84
N ASP DD 63 -51.27 -55.18 -85.07
CA ASP DD 63 -51.60 -54.08 -85.96
C ASP DD 63 -53.01 -53.57 -85.64
N ARG DD 64 -53.26 -52.29 -85.91
CA ARG DD 64 -54.57 -51.75 -85.53
C ARG DD 64 -55.17 -50.90 -86.65
N ILE DD 65 -56.49 -51.03 -86.80
CA ILE DD 65 -57.29 -50.24 -87.72
C ILE DD 65 -58.28 -49.44 -86.89
N HIS DD 66 -58.39 -48.15 -87.17
CA HIS DD 66 -59.36 -47.29 -86.52
C HIS DD 66 -60.30 -46.71 -87.56
N ALA DD 67 -61.58 -46.66 -87.25
CA ALA DD 67 -62.56 -46.12 -88.18
C ALA DD 67 -63.65 -45.39 -87.41
N ASN DD 68 -64.10 -44.26 -87.94
CA ASN DD 68 -65.11 -43.46 -87.28
C ASN DD 68 -66.11 -42.96 -88.31
N LEU DD 69 -67.40 -43.22 -88.05
CA LEU DD 69 -68.48 -42.72 -88.90
C LEU DD 69 -69.35 -41.81 -88.06
N ARG DD 70 -69.39 -40.53 -88.44
CA ARG DD 70 -69.96 -39.46 -87.64
C ARG DD 70 -71.08 -38.76 -88.40
N LYS DD 71 -72.09 -38.31 -87.66
CA LYS DD 71 -73.06 -37.35 -88.15
C LYS DD 71 -73.24 -36.28 -87.07
N VAL DD 72 -73.03 -35.03 -87.45
CA VAL DD 72 -73.20 -33.90 -86.54
C VAL DD 72 -74.62 -33.37 -86.69
N VAL DD 73 -75.21 -32.96 -85.56
CA VAL DD 73 -76.54 -32.38 -85.56
C VAL DD 73 -76.51 -31.14 -84.68
N LEU DD 74 -77.25 -30.12 -85.10
CA LEU DD 74 -77.31 -28.84 -84.39
C LEU DD 74 -78.56 -28.79 -83.52
N ASP DD 75 -78.43 -28.19 -82.33
CA ASP DD 75 -79.58 -27.98 -81.46
C ASP DD 75 -80.55 -27.01 -82.08
N GLU DD 76 -81.85 -27.29 -81.91
CA GLU DD 76 -82.86 -26.45 -82.53
C GLU DD 76 -82.78 -25.02 -82.02
N LYS DD 77 -82.60 -24.85 -80.71
CA LYS DD 77 -82.58 -23.52 -80.11
C LYS DD 77 -81.16 -22.94 -80.08
N THR DD 78 -80.24 -23.65 -79.44
CA THR DD 78 -78.90 -23.10 -79.19
C THR DD 78 -77.98 -23.20 -80.39
N ASN DD 79 -78.30 -24.01 -81.39
CA ASN DD 79 -77.45 -24.28 -82.56
C ASN DD 79 -76.08 -24.84 -82.17
N LEU DD 80 -75.93 -25.30 -80.92
CA LEU DD 80 -74.72 -25.99 -80.51
C LEU DD 80 -74.69 -27.37 -81.15
N PRO DD 81 -73.54 -27.79 -81.65
CA PRO DD 81 -73.46 -29.10 -82.31
C PRO DD 81 -73.18 -30.21 -81.33
N SER DD 82 -73.94 -31.29 -81.43
CA SER DD 82 -73.53 -32.55 -80.82
C SER DD 82 -73.50 -33.62 -81.90
N THR DD 83 -72.61 -34.58 -81.74
CA THR DD 83 -72.31 -35.52 -82.80
C THR DD 83 -72.56 -36.96 -82.35
N GLY DD 84 -73.15 -37.74 -83.24
CA GLY DD 84 -73.40 -39.16 -83.02
C GLY DD 84 -72.46 -39.98 -83.89
N SER DD 85 -71.95 -41.08 -83.35
CA SER DD 85 -70.85 -41.73 -84.04
C SER DD 85 -70.77 -43.22 -83.75
N VAL DD 86 -70.46 -43.99 -84.78
CA VAL DD 86 -70.08 -45.40 -84.65
C VAL DD 86 -68.60 -45.52 -84.97
N THR DD 87 -67.82 -45.99 -84.00
CA THR DD 87 -66.38 -46.12 -84.18
C THR DD 87 -65.93 -47.55 -83.95
N ILE DD 88 -64.98 -48.00 -84.76
CA ILE DD 88 -64.53 -49.39 -84.81
C ILE DD 88 -63.01 -49.42 -84.63
N GLN DD 89 -62.54 -50.35 -83.79
CA GLN DD 89 -61.13 -50.68 -83.69
C GLN DD 89 -60.93 -52.16 -83.97
N VAL DD 90 -60.09 -52.44 -84.96
CA VAL DD 90 -59.71 -53.80 -85.33
C VAL DD 90 -58.28 -54.02 -84.88
N SER DD 91 -58.04 -55.09 -84.11
CA SER DD 91 -56.71 -55.43 -83.61
C SER DD 91 -56.35 -56.80 -84.15
N ILE DD 92 -55.35 -56.84 -85.03
CA ILE DD 92 -54.92 -58.01 -85.78
C ILE DD 92 -53.56 -58.43 -85.24
N PRO DD 93 -53.45 -59.57 -84.56
CA PRO DD 93 -52.14 -60.03 -84.08
C PRO DD 93 -51.24 -60.47 -85.23
N ARG DD 94 -49.95 -60.60 -84.90
CA ARG DD 94 -48.94 -60.98 -85.88
C ARG DD 94 -48.42 -62.40 -85.73
N ASN DD 95 -48.80 -63.09 -84.67
CA ASN DD 95 -48.49 -64.52 -84.57
C ASN DD 95 -49.06 -65.25 -85.79
N PRO DD 96 -48.25 -66.03 -86.51
CA PRO DD 96 -48.75 -66.69 -87.73
C PRO DD 96 -49.95 -67.58 -87.48
N ALA DD 97 -50.29 -67.83 -86.22
CA ALA DD 97 -51.48 -68.55 -85.85
C ALA DD 97 -52.75 -67.73 -86.00
N TRP DD 98 -52.65 -66.51 -86.52
CA TRP DD 98 -53.80 -65.69 -86.87
C TRP DD 98 -53.93 -65.60 -88.39
N ASN DD 99 -55.15 -65.38 -88.87
CA ASN DD 99 -55.41 -65.31 -90.30
C ASN DD 99 -56.25 -64.09 -90.65
N ALA DD 100 -56.02 -63.59 -91.86
CA ALA DD 100 -56.96 -62.66 -92.44
C ALA DD 100 -58.37 -63.23 -92.43
N SER DD 101 -58.51 -64.55 -92.58
CA SER DD 101 -59.83 -65.16 -92.50
C SER DD 101 -60.45 -64.94 -91.14
N MET DD 102 -59.64 -64.98 -90.08
CA MET DD 102 -60.15 -64.74 -88.73
C MET DD 102 -60.53 -63.29 -88.55
N THR DD 103 -59.72 -62.37 -89.10
CA THR DD 103 -60.09 -60.95 -89.09
C THR DD 103 -61.45 -60.74 -89.76
N VAL DD 104 -61.60 -61.28 -90.97
CA VAL DD 104 -62.84 -61.11 -91.71
C VAL DD 104 -64.01 -61.76 -90.98
N SER DD 105 -63.76 -62.89 -90.33
CA SER DD 105 -64.83 -63.56 -89.59
C SER DD 105 -65.32 -62.68 -88.45
N LEU DD 106 -64.40 -62.06 -87.71
CA LEU DD 106 -64.82 -61.13 -86.66
C LEU DD 106 -65.58 -59.94 -87.22
N LEU DD 107 -65.11 -59.40 -88.36
CA LEU DD 107 -65.82 -58.27 -88.96
C LEU DD 107 -67.25 -58.66 -89.34
N LYS DD 108 -67.41 -59.82 -89.97
CA LYS DD 108 -68.74 -60.27 -90.40
C LYS DD 108 -69.64 -60.53 -89.20
N GLN DD 109 -69.10 -61.10 -88.13
CA GLN DD 109 -69.90 -61.37 -86.95
C GLN DD 109 -70.33 -60.07 -86.27
N ALA DD 110 -69.43 -59.09 -86.19
CA ALA DD 110 -69.81 -57.80 -85.65
C ALA DD 110 -70.90 -57.15 -86.50
N ALA DD 111 -70.77 -57.23 -87.83
CA ALA DD 111 -71.81 -56.70 -88.70
C ALA DD 111 -73.15 -57.39 -88.45
N ASP DD 112 -73.14 -58.71 -88.28
CA ASP DD 112 -74.38 -59.43 -88.01
C ASP DD 112 -74.97 -59.00 -86.67
N TYR DD 113 -74.14 -58.88 -85.63
CA TYR DD 113 -74.68 -58.72 -84.29
C TYR DD 113 -75.05 -57.29 -83.95
N LEU DD 114 -74.35 -56.30 -84.51
CA LEU DD 114 -74.67 -54.91 -84.22
C LEU DD 114 -75.41 -54.20 -85.34
N ALA DD 115 -75.32 -54.69 -86.58
CA ALA DD 115 -76.04 -54.07 -87.68
C ALA DD 115 -77.08 -54.97 -88.31
N GLY DD 116 -77.00 -56.29 -88.10
CA GLY DD 116 -77.97 -57.20 -88.67
C GLY DD 116 -77.92 -57.27 -90.18
N THR DD 117 -76.72 -57.46 -90.74
CA THR DD 117 -76.52 -57.42 -92.19
C THR DD 117 -75.81 -58.65 -92.75
N SER DD 118 -75.58 -59.68 -91.94
CA SER DD 118 -74.91 -60.88 -92.41
C SER DD 118 -75.58 -61.49 -93.64
N ALA DD 119 -74.81 -62.27 -94.39
CA ALA DD 119 -75.33 -63.07 -95.50
C ALA DD 119 -76.24 -64.17 -94.97
N THR DD 120 -77.01 -64.76 -95.87
CA THR DD 120 -77.99 -65.77 -95.47
C THR DD 120 -77.32 -67.15 -95.35
N VAL DD 121 -77.52 -67.78 -94.20
CA VAL DD 121 -77.03 -69.13 -93.91
C VAL DD 121 -78.12 -69.84 -93.12
N SER DD 122 -78.33 -71.13 -93.43
CA SER DD 122 -79.32 -71.92 -92.73
C SER DD 122 -79.01 -71.97 -91.24
N GLY DD 123 -80.01 -71.64 -90.42
CA GLY DD 123 -79.85 -71.69 -88.99
C GLY DD 123 -79.31 -70.42 -88.36
N GLN DD 124 -79.19 -69.33 -89.10
CA GLN DD 124 -78.62 -68.13 -88.52
C GLN DD 124 -79.70 -67.46 -87.67
N THR DD 125 -79.28 -66.77 -86.61
CA THR DD 125 -80.30 -66.05 -85.84
C THR DD 125 -80.70 -64.79 -86.59
N ASP DD 126 -81.99 -64.46 -86.48
CA ASP DD 126 -82.53 -63.29 -87.15
C ASP DD 126 -82.07 -62.04 -86.41
N THR DD 127 -81.19 -61.29 -87.05
CA THR DD 127 -80.58 -60.12 -86.47
C THR DD 127 -81.15 -58.82 -87.05
N SER DD 128 -82.24 -58.92 -87.82
CA SER DD 128 -82.78 -57.76 -88.51
C SER DD 128 -83.17 -56.64 -87.54
N GLY DD 129 -83.77 -57.01 -86.41
CA GLY DD 129 -84.20 -56.02 -85.44
C GLY DD 129 -83.15 -55.61 -84.44
N PHE DD 130 -81.98 -56.25 -84.49
CA PHE DD 130 -80.93 -55.92 -83.54
C PHE DD 130 -80.46 -54.48 -83.62
N PRO DD 131 -80.23 -53.87 -84.80
CA PRO DD 131 -79.83 -52.46 -84.80
C PRO DD 131 -80.87 -51.55 -84.14
N ALA DD 132 -82.15 -51.83 -84.35
CA ALA DD 132 -83.19 -51.08 -83.66
C ALA DD 132 -83.07 -51.25 -82.15
N LYS DD 133 -82.92 -52.50 -81.68
CA LYS DD 133 -82.80 -52.71 -80.24
C LYS DD 133 -81.57 -52.02 -79.68
N TRP DD 134 -80.45 -52.02 -80.41
CA TRP DD 134 -79.26 -51.32 -79.95
C TRP DD 134 -79.52 -49.83 -79.84
N ALA DD 135 -80.09 -49.23 -80.90
CA ALA DD 135 -80.40 -47.81 -80.88
C ALA DD 135 -81.32 -47.44 -79.73
N GLY DD 136 -82.13 -48.40 -79.27
CA GLY DD 136 -82.90 -48.21 -78.06
C GLY DD 136 -82.18 -48.54 -76.77
N LEU DD 137 -80.89 -48.87 -76.82
CA LEU DD 137 -80.13 -49.31 -75.64
C LEU DD 137 -80.77 -50.54 -74.99
N MET DD 138 -80.98 -51.57 -75.80
CA MET DD 138 -81.56 -52.83 -75.34
C MET DD 138 -80.71 -53.96 -75.88
N PHE DD 139 -80.29 -54.87 -75.01
CA PHE DD 139 -79.54 -56.02 -75.49
C PHE DD 139 -80.44 -56.91 -76.32
N PRO DD 140 -79.99 -57.37 -77.50
CA PRO DD 140 -80.73 -58.27 -78.38
C PRO DD 140 -81.05 -59.59 -77.69
N ALA ED 1 -97.22 80.11 -11.81
CA ALA ED 1 -97.87 79.57 -10.63
C ALA ED 1 -98.55 80.66 -9.81
N ALA ED 2 -99.64 80.29 -9.13
CA ALA ED 2 -100.37 81.24 -8.31
C ALA ED 2 -99.51 81.64 -7.10
N PRO ED 3 -99.57 82.90 -6.68
CA PRO ED 3 -98.72 83.33 -5.56
C PRO ED 3 -99.21 82.82 -4.22
N SER ED 4 -100.50 82.53 -4.09
CA SER ED 4 -101.05 82.09 -2.82
C SER ED 4 -102.35 81.35 -3.08
N LEU ED 5 -102.75 80.54 -2.11
CA LEU ED 5 -103.90 79.65 -2.23
C LEU ED 5 -104.65 79.62 -0.91
N ALA ED 6 -105.97 79.54 -1.01
CA ALA ED 6 -106.84 79.31 0.13
C ALA ED 6 -107.63 78.05 -0.18
N LEU ED 7 -107.13 76.89 0.26
CA LEU ED 7 -107.75 75.62 -0.06
C LEU ED 7 -108.71 75.23 1.06
N VAL ED 8 -109.71 74.44 0.74
CA VAL ED 8 -110.67 73.99 1.74
C VAL ED 8 -110.22 72.65 2.30
N GLY ED 9 -110.14 72.57 3.63
CA GLY ED 9 -109.87 71.34 4.35
C GLY ED 9 -110.86 71.20 5.49
N ALA ED 10 -110.45 70.46 6.52
CA ALA ED 10 -111.32 70.16 7.65
C ALA ED 10 -110.59 70.39 8.97
N ASN ED 11 -111.33 70.91 9.96
CA ASN ED 11 -110.81 71.11 11.30
C ASN ED 11 -111.02 69.83 12.11
N SER ED 12 -110.85 69.92 13.43
CA SER ED 12 -111.06 68.75 14.28
C SER ED 12 -112.52 68.31 14.28
N THR ED 13 -113.45 69.23 14.04
CA THR ED 13 -114.87 68.91 13.92
C THR ED 13 -115.22 68.33 12.56
N LEU ED 14 -114.28 68.36 11.61
CA LEU ED 14 -114.50 68.03 10.20
C LEU ED 14 -115.38 69.06 9.48
N ALA ED 15 -115.54 70.24 10.07
CA ALA ED 15 -116.20 71.34 9.37
C ALA ED 15 -115.24 71.95 8.35
N SER ED 16 -115.81 72.44 7.25
CA SER ED 16 -114.99 73.00 6.17
C SER ED 16 -114.27 74.26 6.64
N THR ED 17 -112.94 74.24 6.57
CA THR ED 17 -112.10 75.31 7.07
C THR ED 17 -111.09 75.69 6.00
N LEU ED 18 -110.78 76.98 5.90
CA LEU ED 18 -109.73 77.37 4.98
C LEU ED 18 -108.36 77.03 5.54
N VAL ED 19 -107.45 76.70 4.62
CA VAL ED 19 -106.05 76.47 4.91
C VAL ED 19 -105.24 77.23 3.87
N ASN ED 20 -104.35 78.09 4.34
CA ASN ED 20 -103.71 79.10 3.52
C ASN ED 20 -102.29 78.69 3.18
N TYR ED 21 -101.99 78.63 1.90
CA TYR ED 21 -100.64 78.37 1.41
C TYR ED 21 -100.14 79.59 0.66
N SER ED 22 -98.83 79.76 0.65
CA SER ED 22 -98.18 80.80 -0.13
C SER ED 22 -97.00 80.20 -0.85
N LEU ED 23 -96.68 80.76 -2.01
CA LEU ED 23 -95.65 80.21 -2.88
C LEU ED 23 -94.27 80.39 -2.25
N ARG ED 24 -93.65 79.29 -1.83
CA ARG ED 24 -92.26 79.33 -1.42
C ARG ED 24 -91.34 79.51 -2.63
N SER ED 25 -91.41 78.59 -3.59
CA SER ED 25 -90.47 78.73 -4.71
C SER ED 25 -91.00 78.00 -5.94
N GLN ED 26 -90.76 78.59 -7.10
CA GLN ED 26 -91.01 77.92 -8.37
C GLN ED 26 -89.67 77.60 -9.01
N ASN ED 27 -89.40 76.31 -9.15
CA ASN ED 27 -88.37 75.79 -10.02
C ASN ED 27 -89.01 75.46 -11.37
N GLY ED 28 -88.19 75.16 -12.37
CA GLY ED 28 -88.73 74.87 -13.68
C GLY ED 28 -89.62 73.65 -13.69
N ASN ED 29 -90.91 73.86 -13.97
CA ASN ED 29 -91.92 72.78 -13.90
C ASN ED 29 -92.00 72.18 -12.50
N ASN ED 30 -91.77 72.99 -11.49
CA ASN ED 30 -91.85 72.51 -10.12
C ASN ED 30 -92.27 73.67 -9.22
N VAL ED 31 -93.17 73.40 -8.28
CA VAL ED 31 -93.73 74.45 -7.44
C VAL ED 31 -93.82 73.94 -6.00
N ASP ED 32 -93.38 74.79 -5.06
CA ASP ED 32 -93.40 74.49 -3.63
C ASP ED 32 -94.16 75.59 -2.90
N TYR ED 33 -95.25 75.20 -2.23
CA TYR ED 33 -96.07 76.06 -1.39
C TYR ED 33 -95.91 75.67 0.08
N VAL ED 34 -96.09 76.66 0.97
CA VAL ED 34 -95.98 76.47 2.41
C VAL ED 34 -97.22 77.03 3.08
N CYS ED 35 -97.68 76.35 4.14
CA CYS ED 35 -98.85 76.81 4.86
C CYS ED 35 -98.51 77.99 5.75
N THR ED 36 -99.31 79.05 5.66
CA THR ED 36 -99.09 80.30 6.39
C THR ED 36 -99.97 80.44 7.62
N ASP ED 37 -100.66 79.37 8.02
CA ASP ED 37 -101.49 79.41 9.21
C ASP ED 37 -100.61 79.23 10.44
N PRO ED 38 -101.15 79.48 11.64
CA PRO ED 38 -100.43 79.09 12.86
C PRO ED 38 -100.28 77.59 13.02
N ASP ED 39 -101.05 76.78 12.28
CA ASP ED 39 -100.94 75.33 12.35
C ASP ED 39 -99.55 74.84 11.94
N SER ED 40 -99.00 75.42 10.89
CA SER ED 40 -97.68 75.05 10.42
C SER ED 40 -96.64 76.03 10.96
N THR ED 41 -95.52 75.48 11.36
CA THR ED 41 -94.32 76.21 11.72
C THR ED 41 -93.18 75.62 10.91
N LEU ED 42 -92.02 76.29 10.92
CA LEU ED 42 -90.86 75.72 10.23
C LEU ED 42 -90.52 74.35 10.78
N SER ED 43 -90.71 74.14 12.09
CA SER ED 43 -90.37 72.86 12.70
C SER ED 43 -91.33 71.75 12.25
N ALA ED 44 -92.62 72.06 12.11
CA ALA ED 44 -93.63 71.09 11.69
C ALA ED 44 -94.53 71.74 10.66
N PRO ED 45 -94.10 71.78 9.40
CA PRO ED 45 -94.80 72.58 8.39
C PRO ED 45 -95.90 71.82 7.66
N GLY ED 46 -96.75 72.58 7.00
CA GLY ED 46 -97.66 72.06 6.00
C GLY ED 46 -97.15 72.50 4.62
N LEU ED 47 -97.11 71.55 3.70
CA LEU ED 47 -96.37 71.77 2.46
C LEU ED 47 -97.14 71.22 1.27
N ILE ED 48 -96.90 71.83 0.11
CA ILE ED 48 -97.44 71.33 -1.16
C ILE ED 48 -96.32 71.38 -2.19
N ASN ED 49 -96.27 70.34 -3.03
CA ASN ED 49 -95.29 70.21 -4.10
C ASN ED 49 -95.99 69.73 -5.36
N ALA ED 50 -95.65 70.34 -6.50
CA ALA ED 50 -96.23 69.96 -7.79
C ALA ED 50 -95.18 69.95 -8.88
N LYS ED 51 -95.11 68.84 -9.62
CA LYS ED 51 -94.05 68.58 -10.59
C LYS ED 51 -94.66 68.12 -11.91
N PHE ED 52 -93.93 68.38 -13.00
CA PHE ED 52 -94.35 68.01 -14.35
C PHE ED 52 -93.24 67.21 -15.02
N ASP ED 53 -93.50 65.92 -15.23
CA ASP ED 53 -92.64 65.05 -16.04
C ASP ED 53 -93.16 65.10 -17.47
N ILE ED 54 -92.59 66.00 -18.27
CA ILE ED 54 -93.01 66.20 -19.65
C ILE ED 54 -91.95 65.62 -20.56
N LYS ED 55 -92.33 64.64 -21.36
CA LYS ED 55 -91.39 63.99 -22.25
C LYS ED 55 -91.10 64.88 -23.45
N ALA ED 56 -90.01 64.56 -24.15
CA ALA ED 56 -89.62 65.31 -25.34
C ALA ED 56 -90.77 65.31 -26.35
N PRO ED 57 -90.94 66.39 -27.11
CA PRO ED 57 -92.09 66.46 -28.02
C PRO ED 57 -92.09 65.39 -29.11
N GLY ED 58 -90.91 64.95 -29.57
CA GLY ED 58 -90.88 63.88 -30.54
C GLY ED 58 -91.32 62.53 -29.95
N ILE ED 59 -90.91 62.24 -28.72
CA ILE ED 59 -91.15 60.95 -28.09
C ILE ED 59 -92.62 60.83 -27.70
N THR ED 60 -93.20 59.66 -27.95
CA THR ED 60 -94.51 59.32 -27.40
C THR ED 60 -94.34 58.57 -26.09
N GLY ED 61 -95.12 58.96 -25.11
CA GLY ED 61 -95.15 58.28 -23.83
C GLY ED 61 -96.36 58.80 -23.08
N ASN ED 62 -96.25 58.82 -21.76
CA ASN ED 62 -97.23 59.49 -20.91
C ASN ED 62 -96.56 60.71 -20.28
N ASP ED 63 -97.25 61.84 -20.34
CA ASP ED 63 -96.88 62.98 -19.51
C ASP ED 63 -97.40 62.75 -18.10
N ARG ED 64 -96.69 63.26 -17.10
CA ARG ED 64 -97.03 62.97 -15.72
C ARG ED 64 -97.07 64.23 -14.87
N ILE ED 65 -98.01 64.24 -13.92
CA ILE ED 65 -98.14 65.28 -12.91
C ILE ED 65 -97.95 64.62 -11.55
N HIS ED 66 -97.09 65.19 -10.71
CA HIS ED 66 -96.86 64.67 -9.36
C HIS ED 66 -97.22 65.76 -8.35
N ALA ED 67 -98.21 65.48 -7.50
CA ALA ED 67 -98.62 66.41 -6.46
C ALA ED 67 -98.48 65.75 -5.10
N ASN ED 68 -98.13 66.57 -4.11
CA ASN ED 68 -97.91 66.06 -2.76
C ASN ED 68 -98.35 67.12 -1.77
N LEU ED 69 -99.28 66.74 -0.88
CA LEU ED 69 -99.77 67.61 0.18
C LEU ED 69 -99.45 66.96 1.52
N ARG ED 70 -98.62 67.64 2.31
CA ARG ED 70 -98.03 67.09 3.52
C ARG ED 70 -98.39 67.94 4.72
N LYS ED 71 -98.50 67.29 5.88
CA LYS ED 71 -98.53 67.95 7.18
C LYS ED 71 -97.60 67.19 8.12
N VAL ED 72 -96.60 67.89 8.66
CA VAL ED 72 -95.67 67.31 9.62
C VAL ED 72 -96.24 67.53 11.02
N VAL ED 73 -96.07 66.53 11.89
CA VAL ED 73 -96.50 66.64 13.27
C VAL ED 73 -95.37 66.16 14.16
N LEU ED 74 -95.26 66.77 15.34
CA LEU ED 74 -94.22 66.44 16.31
C LEU ED 74 -94.82 65.58 17.42
N ASP ED 75 -94.06 64.56 17.83
CA ASP ED 75 -94.46 63.75 18.98
C ASP ED 75 -94.43 64.59 20.25
N GLU ED 76 -95.48 64.46 21.07
CA GLU ED 76 -95.50 65.18 22.33
C GLU ED 76 -94.30 64.83 23.21
N LYS ED 77 -94.00 63.53 23.31
CA LYS ED 77 -92.95 63.10 24.22
C LYS ED 77 -91.56 63.31 23.63
N THR ED 78 -91.33 62.94 22.37
CA THR ED 78 -89.98 62.96 21.82
C THR ED 78 -89.70 64.12 20.87
N ASN ED 79 -90.71 64.91 20.49
CA ASN ED 79 -90.59 65.96 19.49
C ASN ED 79 -90.03 65.46 18.16
N LEU ED 80 -90.00 64.15 17.96
CA LEU ED 80 -89.61 63.59 16.68
C LEU ED 80 -90.71 63.81 15.65
N PRO ED 81 -90.36 64.19 14.44
CA PRO ED 81 -91.38 64.51 13.45
C PRO ED 81 -91.80 63.28 12.66
N SER ED 82 -93.09 63.06 12.53
CA SER ED 82 -93.61 62.15 11.53
C SER ED 82 -94.64 62.89 10.70
N THR ED 83 -94.74 62.51 9.43
CA THR ED 83 -95.49 63.30 8.48
C THR ED 83 -96.63 62.48 7.87
N GLY ED 84 -97.73 63.15 7.58
CA GLY ED 84 -98.87 62.54 6.91
C GLY ED 84 -99.10 63.23 5.58
N SER ED 85 -99.44 62.45 4.55
CA SER ED 85 -99.41 63.02 3.21
C SER ED 85 -100.42 62.37 2.28
N VAL ED 86 -100.90 63.17 1.33
CA VAL ED 86 -101.66 62.70 0.19
C VAL ED 86 -100.88 63.03 -1.07
N THR ED 87 -100.51 62.01 -1.84
CA THR ED 87 -99.79 62.18 -3.08
C THR ED 87 -100.64 61.71 -4.25
N ILE ED 88 -100.48 62.38 -5.38
CA ILE ED 88 -101.32 62.19 -6.57
C ILE ED 88 -100.42 62.12 -7.79
N GLN ED 89 -100.65 61.16 -8.65
CA GLN ED 89 -99.90 61.05 -9.89
C GLN ED 89 -100.92 60.96 -11.02
N VAL ED 90 -100.84 61.90 -11.96
CA VAL ED 90 -101.71 61.93 -13.11
C VAL ED 90 -100.87 61.54 -14.32
N SER ED 91 -101.26 60.47 -15.01
CA SER ED 91 -100.56 59.98 -16.20
C SER ED 91 -101.49 60.17 -17.39
N ILE ED 92 -101.12 61.11 -18.27
CA ILE ED 92 -101.90 61.53 -19.42
C ILE ED 92 -101.21 61.01 -20.67
N PRO ED 93 -101.86 60.18 -21.48
CA PRO ED 93 -101.23 59.70 -22.71
C PRO ED 93 -101.21 60.74 -23.83
N ARG ED 94 -100.19 60.63 -24.68
CA ARG ED 94 -99.97 61.54 -25.78
C ARG ED 94 -100.67 61.13 -27.07
N ASN ED 95 -101.72 60.33 -26.98
CA ASN ED 95 -102.52 59.91 -28.13
C ASN ED 95 -103.72 60.84 -28.27
N PRO ED 96 -103.98 61.40 -29.47
CA PRO ED 96 -105.16 62.28 -29.63
C PRO ED 96 -106.47 61.62 -29.25
N ALA ED 97 -106.50 60.29 -29.12
CA ALA ED 97 -107.69 59.61 -28.64
C ALA ED 97 -107.98 59.89 -27.17
N TRP ED 98 -107.08 60.57 -26.47
CA TRP ED 98 -107.28 61.05 -25.10
C TRP ED 98 -107.36 62.57 -25.12
N ASN ED 99 -108.12 63.14 -24.19
CA ASN ED 99 -108.22 64.58 -24.16
C ASN ED 99 -108.40 65.09 -22.72
N ALA ED 100 -108.38 66.42 -22.62
CA ALA ED 100 -108.42 67.05 -21.32
C ALA ED 100 -109.73 66.76 -20.60
N SER ED 101 -110.82 66.57 -21.34
CA SER ED 101 -112.08 66.22 -20.70
C SER ED 101 -111.95 64.91 -19.95
N MET ED 102 -111.19 63.96 -20.50
CA MET ED 102 -110.99 62.69 -19.83
C MET ED 102 -110.05 62.83 -18.64
N THR ED 103 -109.00 63.65 -18.78
CA THR ED 103 -108.15 63.94 -17.62
C THR ED 103 -108.98 64.51 -16.47
N VAL ED 104 -109.80 65.51 -16.78
CA VAL ED 104 -110.62 66.15 -15.75
C VAL ED 104 -111.64 65.16 -15.18
N SER ED 105 -112.19 64.28 -16.04
CA SER ED 105 -113.14 63.30 -15.55
C SER ED 105 -112.51 62.38 -14.52
N LEU ED 106 -111.30 61.90 -14.79
CA LEU ED 106 -110.62 61.08 -13.79
C LEU ED 106 -110.37 61.87 -12.51
N LEU ED 107 -109.94 63.13 -12.62
CA LEU ED 107 -109.72 63.93 -11.43
C LEU ED 107 -111.00 64.07 -10.61
N LYS ED 108 -112.12 64.37 -11.27
CA LYS ED 108 -113.39 64.56 -10.57
C LYS ED 108 -113.84 63.26 -9.91
N GLN ED 109 -113.66 62.13 -10.59
CA GLN ED 109 -114.09 60.87 -10.01
C GLN ED 109 -113.24 60.51 -8.79
N ALA ED 110 -111.94 60.73 -8.88
CA ALA ED 110 -111.08 60.49 -7.71
C ALA ED 110 -111.48 61.39 -6.55
N ALA ED 111 -111.80 62.65 -6.84
CA ALA ED 111 -112.26 63.55 -5.80
C ALA ED 111 -113.53 63.04 -5.14
N ASP ED 112 -114.51 62.63 -5.95
CA ASP ED 112 -115.76 62.10 -5.41
C ASP ED 112 -115.49 60.87 -4.54
N TYR ED 113 -114.63 59.96 -5.01
CA TYR ED 113 -114.54 58.66 -4.34
C TYR ED 113 -113.64 58.69 -3.12
N LEU ED 114 -112.64 59.57 -3.06
CA LEU ED 114 -111.76 59.59 -1.91
C LEU ED 114 -111.95 60.79 -0.99
N ALA ED 115 -112.51 61.90 -1.49
CA ALA ED 115 -112.78 63.05 -0.65
C ALA ED 115 -114.26 63.34 -0.50
N GLY ED 116 -115.11 62.78 -1.37
CA GLY ED 116 -116.54 63.02 -1.28
C GLY ED 116 -116.91 64.46 -1.52
N THR ED 117 -116.42 65.05 -2.62
CA THR ED 117 -116.65 66.46 -2.91
C THR ED 117 -117.22 66.72 -4.30
N SER ED 118 -117.68 65.70 -5.01
CA SER ED 118 -118.27 65.90 -6.33
C SER ED 118 -119.42 66.91 -6.31
N ALA ED 119 -119.72 67.46 -7.49
CA ALA ED 119 -120.88 68.31 -7.67
C ALA ED 119 -122.16 67.48 -7.60
N THR ED 120 -123.26 68.14 -7.26
CA THR ED 120 -124.53 67.43 -7.11
C THR ED 120 -125.06 67.01 -8.48
N VAL ED 121 -125.33 65.70 -8.62
CA VAL ED 121 -125.83 65.10 -9.85
C VAL ED 121 -126.77 63.97 -9.43
N SER ED 122 -127.97 63.95 -10.01
CA SER ED 122 -128.97 63.01 -9.53
C SER ED 122 -128.53 61.57 -9.80
N GLY ED 123 -128.69 60.72 -8.79
CA GLY ED 123 -128.27 59.34 -8.89
C GLY ED 123 -126.87 59.06 -8.42
N GLN ED 124 -126.12 60.08 -8.02
CA GLN ED 124 -124.79 59.87 -7.47
C GLN ED 124 -124.87 59.17 -6.12
N THR ED 125 -123.90 58.31 -5.86
CA THR ED 125 -123.81 57.74 -4.52
C THR ED 125 -123.36 58.81 -3.53
N ASP ED 126 -123.87 58.70 -2.30
CA ASP ED 126 -123.56 59.66 -1.25
C ASP ED 126 -122.16 59.36 -0.74
N THR ED 127 -121.20 60.12 -1.23
CA THR ED 127 -119.79 59.92 -0.91
C THR ED 127 -119.32 60.77 0.26
N SER ED 128 -120.25 61.42 0.96
CA SER ED 128 -119.87 62.37 2.00
C SER ED 128 -119.09 61.70 3.12
N GLY ED 129 -119.44 60.45 3.47
CA GLY ED 129 -118.76 59.77 4.56
C GLY ED 129 -117.54 58.99 4.15
N PHE ED 130 -117.29 58.92 2.84
CA PHE ED 130 -116.15 58.15 2.36
C PHE ED 130 -114.81 58.64 2.91
N PRO ED 131 -114.51 59.94 2.98
CA PRO ED 131 -113.22 60.33 3.57
C PRO ED 131 -113.07 59.86 5.00
N ALA ED 132 -114.14 59.92 5.80
CA ALA ED 132 -114.09 59.36 7.14
C ALA ED 132 -113.75 57.87 7.10
N LYS ED 133 -114.45 57.11 6.26
CA LYS ED 133 -114.17 55.68 6.18
C LYS ED 133 -112.74 55.40 5.75
N TRP ED 134 -112.23 56.17 4.78
CA TRP ED 134 -110.85 55.98 4.34
C TRP ED 134 -109.88 56.25 5.48
N ALA ED 135 -110.07 57.37 6.18
CA ALA ED 135 -109.23 57.70 7.33
C ALA ED 135 -109.31 56.66 8.43
N GLY ED 136 -110.35 55.83 8.42
CA GLY ED 136 -110.40 54.68 9.29
C GLY ED 136 -109.85 53.39 8.72
N LEU ED 137 -109.24 53.42 7.53
CA LEU ED 137 -108.83 52.23 6.79
C LEU ED 137 -109.99 51.24 6.60
N MET ED 138 -111.09 51.77 6.08
CA MET ED 138 -112.29 50.99 5.78
C MET ED 138 -112.72 51.29 4.35
N PHE ED 139 -112.99 50.26 3.58
CA PHE ED 139 -113.50 50.49 2.23
C PHE ED 139 -114.91 51.05 2.31
N PRO ED 140 -115.24 52.09 1.53
CA PRO ED 140 -116.59 52.64 1.48
C PRO ED 140 -117.61 51.59 1.06
N ALA FD 1 -90.12 87.25 -16.98
CA ALA FD 1 -90.55 86.94 -18.34
C ALA FD 1 -92.03 87.25 -18.54
N ALA FD 2 -92.41 87.55 -19.78
CA ALA FD 2 -93.81 87.87 -20.07
C ALA FD 2 -94.69 86.66 -19.80
N PRO FD 3 -95.81 86.83 -19.09
CA PRO FD 3 -96.66 85.67 -18.78
C PRO FD 3 -97.38 85.09 -19.99
N SER FD 4 -97.55 85.86 -21.06
CA SER FD 4 -98.21 85.36 -22.25
C SER FD 4 -97.76 86.17 -23.45
N LEU FD 5 -97.92 85.57 -24.63
CA LEU FD 5 -97.44 86.15 -25.88
C LEU FD 5 -98.47 85.92 -26.98
N ALA FD 6 -98.60 86.90 -27.87
CA ALA FD 6 -99.42 86.79 -29.06
C ALA FD 6 -98.51 87.09 -30.25
N LEU FD 7 -97.93 86.04 -30.83
CA LEU FD 7 -96.95 86.20 -31.90
C LEU FD 7 -97.64 86.08 -33.25
N VAL FD 8 -97.03 86.65 -34.28
CA VAL FD 8 -97.59 86.59 -35.62
C VAL FD 8 -96.95 85.43 -36.38
N GLY FD 9 -97.78 84.57 -36.94
CA GLY FD 9 -97.34 83.50 -37.82
C GLY FD 9 -98.19 83.50 -39.07
N ALA FD 10 -98.28 82.35 -39.75
CA ALA FD 10 -99.01 82.25 -41.00
C ALA FD 10 -100.01 81.10 -40.94
N ASN FD 11 -101.20 81.33 -41.48
CA ASN FD 11 -102.22 80.29 -41.59
C ASN FD 11 -101.90 79.41 -42.78
N SER FD 12 -102.84 78.53 -43.16
CA SER FD 12 -102.63 77.67 -44.30
C SER FD 12 -102.47 78.46 -45.60
N THR FD 13 -102.96 79.69 -45.65
CA THR FD 13 -102.85 80.54 -46.82
C THR FD 13 -101.69 81.51 -46.74
N LEU FD 14 -100.90 81.45 -45.67
CA LEU FD 14 -99.77 82.34 -45.42
C LEU FD 14 -100.20 83.76 -45.05
N ALA FD 15 -101.46 83.93 -44.66
CA ALA FD 15 -101.90 85.21 -44.12
C ALA FD 15 -101.45 85.36 -42.68
N SER FD 16 -101.13 86.59 -42.29
CA SER FD 16 -100.67 86.83 -40.93
C SER FD 16 -101.78 86.50 -39.93
N THR FD 17 -101.47 85.61 -38.99
CA THR FD 17 -102.43 85.11 -38.02
C THR FD 17 -101.78 85.09 -36.64
N LEU FD 18 -102.54 85.43 -35.61
CA LEU FD 18 -101.98 85.33 -34.27
C LEU FD 18 -101.85 83.89 -33.82
N VAL FD 19 -100.83 83.65 -33.01
CA VAL FD 19 -100.56 82.37 -32.36
C VAL FD 19 -100.24 82.67 -30.90
N ASN FD 20 -101.01 82.06 -30.01
CA ASN FD 20 -101.05 82.46 -28.61
C ASN FD 20 -100.25 81.47 -27.76
N TYR FD 21 -99.27 81.99 -27.03
CA TYR FD 21 -98.46 81.20 -26.12
C TYR FD 21 -98.67 81.71 -24.70
N SER FD 22 -98.52 80.82 -23.74
CA SER FD 22 -98.56 81.16 -22.33
C SER FD 22 -97.36 80.54 -21.63
N LEU FD 23 -96.88 81.24 -20.61
CA LEU FD 23 -95.67 80.85 -19.90
C LEU FD 23 -95.95 79.66 -18.99
N ARG FD 24 -95.30 78.53 -19.28
CA ARG FD 24 -95.52 77.34 -18.47
C ARG FD 24 -94.70 77.38 -17.19
N SER FD 25 -93.39 77.66 -17.29
CA SER FD 25 -92.53 77.75 -16.11
C SER FD 25 -91.27 78.53 -16.48
N GLN FD 26 -90.44 78.77 -15.46
CA GLN FD 26 -89.15 79.42 -15.63
C GLN FD 26 -88.13 78.72 -14.74
N ASN FD 27 -87.11 78.12 -15.36
CA ASN FD 27 -86.00 77.42 -14.71
C ASN FD 27 -84.76 78.32 -14.74
N GLY FD 28 -83.62 77.75 -14.39
CA GLY FD 28 -82.35 78.45 -14.44
C GLY FD 28 -82.03 78.94 -15.84
N ASN FD 29 -82.09 80.26 -16.01
CA ASN FD 29 -81.71 80.93 -17.25
C ASN FD 29 -82.47 80.37 -18.45
N ASN FD 30 -83.76 80.08 -18.28
CA ASN FD 30 -84.55 79.60 -19.40
C ASN FD 30 -86.02 79.92 -19.16
N VAL FD 31 -86.81 79.73 -20.20
CA VAL FD 31 -88.22 80.09 -20.24
C VAL FD 31 -88.92 79.11 -21.17
N ASP FD 32 -90.08 78.61 -20.75
CA ASP FD 32 -90.85 77.60 -21.47
C ASP FD 32 -92.27 78.12 -21.71
N TYR FD 33 -92.65 78.26 -22.98
CA TYR FD 33 -93.99 78.69 -23.38
C TYR FD 33 -94.68 77.57 -24.13
N VAL FD 34 -96.02 77.54 -24.01
CA VAL FD 34 -96.87 76.53 -24.63
C VAL FD 34 -97.97 77.24 -25.41
N CYS FD 35 -98.32 76.69 -26.57
CA CYS FD 35 -99.38 77.28 -27.38
C CYS FD 35 -100.74 76.94 -26.78
N THR FD 36 -101.60 77.95 -26.67
CA THR FD 36 -102.91 77.83 -26.04
C THR FD 36 -104.05 77.83 -27.06
N ASP FD 37 -103.74 77.76 -28.34
CA ASP FD 37 -104.75 77.72 -29.38
C ASP FD 37 -105.41 76.34 -29.36
N PRO FD 38 -106.54 76.18 -30.05
CA PRO FD 38 -107.16 74.86 -30.12
C PRO FD 38 -106.35 73.84 -30.91
N ASP FD 39 -105.57 74.26 -31.91
CA ASP FD 39 -104.84 73.31 -32.75
C ASP FD 39 -103.68 72.61 -32.03
N SER FD 40 -103.23 73.16 -30.90
CA SER FD 40 -102.17 72.52 -30.12
C SER FD 40 -102.78 71.78 -28.93
N THR FD 41 -102.39 70.53 -28.78
CA THR FD 41 -102.80 69.66 -27.69
C THR FD 41 -101.57 68.94 -27.18
N LEU FD 42 -101.71 68.22 -26.07
CA LEU FD 42 -100.55 67.50 -25.53
C LEU FD 42 -100.03 66.47 -26.52
N SER FD 43 -100.92 65.93 -27.36
CA SER FD 43 -100.50 64.97 -28.36
C SER FD 43 -99.62 65.62 -29.42
N ALA FD 44 -99.93 66.86 -29.80
CA ALA FD 44 -99.17 67.58 -30.83
C ALA FD 44 -99.11 69.06 -30.48
N PRO FD 45 -98.21 69.44 -29.56
CA PRO FD 45 -98.20 70.80 -29.03
C PRO FD 45 -97.36 71.75 -29.87
N GLY FD 46 -97.54 73.04 -29.59
CA GLY FD 46 -96.63 74.08 -30.05
C GLY FD 46 -95.88 74.63 -28.84
N LEU FD 47 -94.56 74.80 -29.01
CA LEU FD 47 -93.70 75.09 -27.87
C LEU FD 47 -92.68 76.16 -28.23
N ILE FD 48 -92.30 76.96 -27.25
CA ILE FD 48 -91.19 77.90 -27.40
C ILE FD 48 -90.31 77.81 -26.16
N ASN FD 49 -88.98 77.84 -26.37
CA ASN FD 49 -88.02 77.64 -25.30
C ASN FD 49 -86.85 78.59 -25.49
N ALA FD 50 -86.43 79.24 -24.40
CA ALA FD 50 -85.31 80.19 -24.48
C ALA FD 50 -84.37 79.97 -23.31
N LYS FD 51 -83.06 80.12 -23.55
CA LYS FD 51 -82.04 79.87 -22.55
C LYS FD 51 -80.88 80.83 -22.75
N PHE FD 52 -80.26 81.24 -21.64
CA PHE FD 52 -79.05 82.05 -21.67
C PHE FD 52 -77.86 81.25 -21.15
N ASP FD 53 -76.78 81.22 -21.91
CA ASP FD 53 -75.47 80.78 -21.45
C ASP FD 53 -74.67 82.04 -21.19
N ILE FD 54 -74.53 82.39 -19.92
CA ILE FD 54 -73.94 83.67 -19.51
C ILE FD 54 -72.56 83.42 -18.94
N LYS FD 55 -71.55 83.99 -19.55
CA LYS FD 55 -70.19 83.79 -19.09
C LYS FD 55 -69.87 84.77 -17.96
N ALA FD 56 -68.78 84.48 -17.25
CA ALA FD 56 -68.42 85.24 -16.07
C ALA FD 56 -68.18 86.71 -16.39
N PRO FD 57 -68.26 87.59 -15.40
CA PRO FD 57 -68.01 89.01 -15.66
C PRO FD 57 -66.62 89.23 -16.22
N GLY FD 58 -66.51 90.20 -17.11
CA GLY FD 58 -65.28 90.51 -17.81
C GLY FD 58 -65.61 90.84 -19.25
N ILE FD 59 -64.56 91.02 -20.05
CA ILE FD 59 -64.75 91.31 -21.47
C ILE FD 59 -64.23 90.19 -22.34
N THR FD 60 -63.93 89.02 -21.77
CA THR FD 60 -63.24 87.97 -22.50
C THR FD 60 -64.18 87.10 -23.32
N GLY FD 61 -65.35 86.78 -22.78
CA GLY FD 61 -66.13 85.67 -23.28
C GLY FD 61 -67.06 86.01 -24.44
N ASN FD 62 -67.96 85.06 -24.69
CA ASN FD 62 -69.08 85.16 -25.64
C ASN FD 62 -70.34 84.65 -24.95
N ASP FD 63 -71.29 85.55 -24.68
CA ASP FD 63 -72.59 85.16 -24.16
C ASP FD 63 -73.41 84.51 -25.27
N ARG FD 64 -74.36 83.65 -24.90
CA ARG FD 64 -75.16 82.96 -25.90
C ARG FD 64 -76.63 82.92 -25.50
N ILE FD 65 -77.49 83.04 -26.50
CA ILE FD 65 -78.93 82.93 -26.39
C ILE FD 65 -79.37 81.76 -27.25
N HIS FD 66 -80.20 80.88 -26.69
CA HIS FD 66 -80.74 79.73 -27.42
C HIS FD 66 -82.26 79.83 -27.42
N ALA FD 67 -82.85 79.96 -28.59
CA ALA FD 67 -84.30 79.95 -28.74
C ALA FD 67 -84.70 78.76 -29.59
N ASN FD 68 -85.91 78.26 -29.37
CA ASN FD 68 -86.38 77.08 -30.08
C ASN FD 68 -87.89 77.15 -30.18
N LEU FD 69 -88.41 77.21 -31.41
CA LEU FD 69 -89.83 77.27 -31.68
C LEU FD 69 -90.22 75.99 -32.41
N ARG FD 70 -91.06 75.16 -31.78
CA ARG FD 70 -91.40 73.85 -32.29
C ARG FD 70 -92.90 73.71 -32.46
N LYS FD 71 -93.30 72.86 -33.42
CA LYS FD 71 -94.66 72.42 -33.57
C LYS FD 71 -94.67 70.93 -33.94
N VAL FD 72 -95.44 70.15 -33.20
CA VAL FD 72 -95.55 68.72 -33.44
C VAL FD 72 -96.77 68.47 -34.32
N VAL FD 73 -96.66 67.49 -35.23
CA VAL FD 73 -97.76 67.13 -36.10
C VAL FD 73 -97.87 65.61 -36.10
N LEU FD 74 -99.09 65.12 -36.29
CA LEU FD 74 -99.38 63.70 -36.31
C LEU FD 74 -99.72 63.24 -37.73
N ASP FD 75 -99.21 62.07 -38.10
CA ASP FD 75 -99.47 61.48 -39.40
C ASP FD 75 -100.96 61.16 -39.54
N GLU FD 76 -101.55 61.53 -40.69
CA GLU FD 76 -102.96 61.21 -40.91
C GLU FD 76 -103.21 59.70 -40.95
N LYS FD 77 -102.18 58.92 -41.28
CA LYS FD 77 -102.37 57.48 -41.43
C LYS FD 77 -102.08 56.73 -40.14
N THR FD 78 -101.10 57.20 -39.37
CA THR FD 78 -100.60 56.46 -38.21
C THR FD 78 -100.61 57.23 -36.89
N ASN FD 79 -101.00 58.51 -36.89
CA ASN FD 79 -100.87 59.37 -35.72
C ASN FD 79 -99.45 59.37 -35.15
N LEU FD 80 -98.46 59.11 -36.00
CA LEU FD 80 -97.11 59.18 -35.46
C LEU FD 80 -96.60 60.61 -35.49
N PRO FD 81 -95.95 61.03 -34.39
CA PRO FD 81 -95.54 62.43 -34.27
C PRO FD 81 -94.22 62.67 -35.00
N SER FD 82 -94.16 63.78 -35.73
CA SER FD 82 -92.89 64.35 -36.13
C SER FD 82 -92.96 65.85 -35.88
N THR FD 83 -91.82 66.46 -35.60
CA THR FD 83 -91.78 67.85 -35.17
C THR FD 83 -91.06 68.71 -36.20
N GLY FD 84 -91.58 69.92 -36.40
CA GLY FD 84 -90.90 70.94 -37.17
C GLY FD 84 -90.40 71.99 -36.19
N SER FD 85 -89.24 72.57 -36.50
CA SER FD 85 -88.66 73.49 -35.54
C SER FD 85 -87.79 74.53 -36.21
N VAL FD 86 -87.78 75.73 -35.62
CA VAL FD 86 -86.83 76.78 -35.93
C VAL FD 86 -86.05 77.08 -34.66
N THR FD 87 -84.75 76.81 -34.68
CA THR FD 87 -83.89 77.09 -33.55
C THR FD 87 -82.95 78.24 -33.90
N ILE FD 88 -82.63 79.03 -32.89
CA ILE FD 88 -81.83 80.24 -33.05
C ILE FD 88 -80.75 80.25 -31.98
N GLN FD 89 -79.54 80.63 -32.37
CA GLN FD 89 -78.44 80.82 -31.42
C GLN FD 89 -77.78 82.15 -31.68
N VAL FD 90 -77.83 83.03 -30.69
CA VAL FD 90 -77.19 84.33 -30.75
C VAL FD 90 -75.93 84.26 -29.90
N SER FD 91 -74.81 84.71 -30.45
CA SER FD 91 -73.54 84.76 -29.74
C SER FD 91 -73.06 86.21 -29.74
N ILE FD 92 -72.98 86.79 -28.55
CA ILE FD 92 -72.69 88.19 -28.28
C ILE FD 92 -71.32 88.26 -27.61
N PRO FD 93 -70.30 88.80 -28.27
CA PRO FD 93 -69.00 88.98 -27.60
C PRO FD 93 -69.04 90.07 -26.56
N ARG FD 94 -68.12 89.97 -25.60
CA ARG FD 94 -68.03 90.91 -24.50
C ARG FD 94 -66.93 91.95 -24.72
N ASN FD 95 -66.05 91.77 -25.70
CA ASN FD 95 -65.11 92.79 -26.12
C ASN FD 95 -65.86 94.10 -26.36
N PRO FD 96 -65.49 95.19 -25.68
CA PRO FD 96 -66.26 96.44 -25.80
C PRO FD 96 -66.34 96.98 -27.21
N ALA FD 97 -65.63 96.37 -28.15
CA ALA FD 97 -65.76 96.71 -29.55
C ALA FD 97 -67.04 96.19 -30.18
N TRP FD 98 -67.92 95.57 -29.39
CA TRP FD 98 -69.22 95.09 -29.83
C TRP FD 98 -70.32 95.90 -29.15
N ASN FD 99 -71.50 95.95 -29.78
CA ASN FD 99 -72.61 96.74 -29.27
C ASN FD 99 -73.89 95.93 -29.26
N ALA FD 100 -74.75 96.28 -28.30
CA ALA FD 100 -76.15 95.84 -28.40
C ALA FD 100 -76.74 96.25 -29.74
N SER FD 101 -76.31 97.39 -30.29
CA SER FD 101 -76.79 97.78 -31.62
C SER FD 101 -76.39 96.77 -32.67
N MET FD 102 -75.18 96.21 -32.55
CA MET FD 102 -74.73 95.21 -33.51
C MET FD 102 -75.51 93.91 -33.35
N THR FD 103 -75.79 93.51 -32.10
CA THR FD 103 -76.66 92.36 -31.86
C THR FD 103 -78.02 92.56 -32.53
N VAL FD 104 -78.64 93.71 -32.28
CA VAL FD 104 -79.96 93.98 -32.84
C VAL FD 104 -79.89 94.01 -34.36
N SER FD 105 -78.80 94.54 -34.92
CA SER FD 105 -78.68 94.60 -36.38
C SER FD 105 -78.63 93.20 -36.97
N LEU FD 106 -77.86 92.30 -36.35
CA LEU FD 106 -77.86 90.92 -36.84
C LEU FD 106 -79.23 90.28 -36.72
N LEU FD 107 -79.95 90.53 -35.61
CA LEU FD 107 -81.29 89.97 -35.47
C LEU FD 107 -82.21 90.46 -36.58
N LYS FD 108 -82.20 91.77 -36.85
CA LYS FD 108 -83.06 92.34 -37.88
C LYS FD 108 -82.71 91.80 -39.25
N GLN FD 109 -81.41 91.64 -39.54
CA GLN FD 109 -81.01 91.12 -40.84
C GLN FD 109 -81.44 89.68 -41.02
N ALA FD 110 -81.25 88.85 -39.99
CA ALA FD 110 -81.73 87.47 -40.06
C ALA FD 110 -83.23 87.42 -40.26
N ALA FD 111 -83.97 88.30 -39.58
CA ALA FD 111 -85.42 88.35 -39.75
C ALA FD 111 -85.77 88.69 -41.20
N ASP FD 112 -85.15 89.73 -41.75
CA ASP FD 112 -85.40 90.10 -43.13
C ASP FD 112 -85.06 88.96 -44.09
N TYR FD 113 -83.94 88.26 -43.86
CA TYR FD 113 -83.46 87.32 -44.87
C TYR FD 113 -84.13 85.96 -44.79
N LEU FD 114 -84.60 85.54 -43.62
CA LEU FD 114 -85.24 84.24 -43.51
C LEU FD 114 -86.75 84.30 -43.30
N ALA FD 115 -87.28 85.41 -42.79
CA ALA FD 115 -88.71 85.57 -42.62
C ALA FD 115 -89.30 86.68 -43.49
N GLY FD 116 -88.49 87.59 -44.03
CA GLY FD 116 -88.99 88.68 -44.84
C GLY FD 116 -89.91 89.60 -44.09
N THR FD 117 -89.48 90.08 -42.92
CA THR FD 117 -90.32 90.89 -42.05
C THR FD 117 -89.71 92.24 -41.68
N SER FD 118 -88.57 92.60 -42.26
CA SER FD 118 -87.90 93.85 -41.90
C SER FD 118 -88.78 95.07 -42.14
N ALA FD 119 -88.40 96.18 -41.50
CA ALA FD 119 -89.05 97.47 -41.72
C ALA FD 119 -88.72 98.00 -43.11
N THR FD 120 -89.39 99.07 -43.50
CA THR FD 120 -89.27 99.61 -44.84
C THR FD 120 -88.16 100.65 -44.91
N VAL FD 121 -87.22 100.45 -45.85
CA VAL FD 121 -86.13 101.37 -46.12
C VAL FD 121 -86.02 101.48 -47.64
N SER FD 122 -85.41 102.57 -48.11
CA SER FD 122 -85.47 102.94 -49.51
C SER FD 122 -85.03 101.80 -50.41
N GLY FD 123 -83.76 101.43 -50.36
CA GLY FD 123 -83.24 100.53 -51.36
C GLY FD 123 -83.30 99.06 -50.99
N GLN FD 124 -84.22 98.67 -50.12
CA GLN FD 124 -84.15 97.33 -49.55
C GLN FD 124 -84.56 96.33 -50.61
N THR FD 125 -84.01 95.13 -50.54
CA THR FD 125 -84.48 94.10 -51.47
C THR FD 125 -85.77 93.50 -50.96
N ASP FD 126 -86.60 93.09 -51.91
CA ASP FD 126 -87.91 92.52 -51.60
C ASP FD 126 -87.73 91.10 -51.07
N THR FD 127 -88.00 90.93 -49.78
CA THR FD 127 -87.78 89.67 -49.10
C THR FD 127 -89.08 88.99 -48.72
N SER FD 128 -90.21 89.47 -49.24
CA SER FD 128 -91.50 88.92 -48.84
C SER FD 128 -91.63 87.44 -49.24
N GLY FD 129 -91.06 87.06 -50.40
CA GLY FD 129 -91.17 85.69 -50.86
C GLY FD 129 -90.10 84.77 -50.35
N PHE FD 130 -89.12 85.32 -49.64
CA PHE FD 130 -88.02 84.49 -49.15
C PHE FD 130 -88.47 83.37 -48.21
N PRO FD 131 -89.38 83.58 -47.25
CA PRO FD 131 -89.80 82.44 -46.42
C PRO FD 131 -90.41 81.32 -47.24
N ALA FD 132 -91.20 81.66 -48.27
CA ALA FD 132 -91.73 80.64 -49.17
C ALA FD 132 -90.61 79.88 -49.86
N LYS FD 133 -89.62 80.61 -50.40
CA LYS FD 133 -88.52 79.95 -51.08
C LYS FD 133 -87.73 79.06 -50.14
N TRP FD 134 -87.52 79.50 -48.90
CA TRP FD 134 -86.83 78.65 -47.94
C TRP FD 134 -87.62 77.39 -47.65
N ALA FD 135 -88.93 77.54 -47.37
CA ALA FD 135 -89.78 76.38 -47.09
C ALA FD 135 -89.84 75.42 -48.26
N GLY FD 136 -89.52 75.88 -49.46
CA GLY FD 136 -89.35 74.99 -50.59
C GLY FD 136 -87.95 74.43 -50.74
N LEU FD 137 -87.06 74.69 -49.79
CA LEU FD 137 -85.65 74.31 -49.86
C LEU FD 137 -84.99 74.83 -51.13
N MET FD 138 -85.13 76.14 -51.37
CA MET FD 138 -84.38 76.80 -52.42
C MET FD 138 -83.91 78.16 -51.93
N PHE FD 139 -82.74 78.56 -52.42
CA PHE FD 139 -82.14 79.80 -51.98
C PHE FD 139 -82.89 80.99 -52.56
N PRO FD 140 -83.03 82.08 -51.79
CA PRO FD 140 -83.55 83.35 -52.29
C PRO FD 140 -82.68 83.89 -53.42
N ALA GD 1 -91.34 83.54 -7.43
CA ALA GD 1 -90.81 84.81 -6.96
C ALA GD 1 -91.29 85.98 -7.81
N ALA GD 2 -91.08 87.20 -7.32
CA ALA GD 2 -91.50 88.39 -8.05
C ALA GD 2 -90.73 88.50 -9.37
N PRO GD 3 -91.41 88.80 -10.47
CA PRO GD 3 -90.73 88.84 -11.77
C PRO GD 3 -89.84 90.06 -11.93
N SER GD 4 -90.06 91.12 -11.14
CA SER GD 4 -89.26 92.33 -11.26
C SER GD 4 -89.34 93.09 -9.95
N LEU GD 5 -88.30 93.90 -9.70
CA LEU GD 5 -88.12 94.62 -8.46
C LEU GD 5 -87.62 96.03 -8.75
N ALA GD 6 -88.12 96.99 -7.97
CA ALA GD 6 -87.62 98.36 -8.00
C ALA GD 6 -87.11 98.67 -6.61
N LEU GD 7 -85.84 98.40 -6.36
CA LEU GD 7 -85.26 98.61 -5.05
C LEU GD 7 -84.71 100.03 -4.95
N VAL GD 8 -84.56 100.53 -3.72
CA VAL GD 8 -84.03 101.87 -3.49
C VAL GD 8 -82.55 101.76 -3.14
N GLY GD 9 -81.72 102.46 -3.90
CA GLY GD 9 -80.31 102.62 -3.62
C GLY GD 9 -79.95 104.09 -3.64
N ALA GD 10 -78.68 104.36 -3.94
CA ALA GD 10 -78.14 105.72 -3.92
C ALA GD 10 -77.34 105.98 -5.18
N ASN GD 11 -77.52 107.18 -5.73
CA ASN GD 11 -76.73 107.62 -6.88
C ASN GD 11 -75.41 108.18 -6.38
N SER GD 12 -74.67 108.86 -7.26
CA SER GD 12 -73.39 109.43 -6.88
C SER GD 12 -73.55 110.52 -5.81
N THR GD 13 -74.71 111.17 -5.76
CA THR GD 13 -75.01 112.19 -4.76
C THR GD 13 -75.44 111.59 -3.42
N LEU GD 14 -75.63 110.27 -3.37
CA LEU GD 14 -76.26 109.54 -2.27
C LEU GD 14 -77.76 109.83 -2.15
N ALA GD 15 -78.36 110.46 -3.16
CA ALA GD 15 -79.80 110.64 -3.18
C ALA GD 15 -80.50 109.32 -3.48
N SER GD 16 -81.67 109.13 -2.88
CA SER GD 16 -82.41 107.89 -3.04
C SER GD 16 -82.86 107.74 -4.49
N THR GD 17 -82.40 106.66 -5.15
CA THR GD 17 -82.64 106.42 -6.56
C THR GD 17 -83.12 104.99 -6.75
N LEU GD 18 -84.03 104.78 -7.68
CA LEU GD 18 -84.46 103.42 -7.98
C LEU GD 18 -83.40 102.66 -8.76
N VAL GD 19 -83.24 101.39 -8.43
CA VAL GD 19 -82.43 100.44 -9.16
C VAL GD 19 -83.31 99.23 -9.47
N ASN GD 20 -83.37 98.88 -10.76
CA ASN GD 20 -84.39 97.99 -11.29
C ASN GD 20 -83.78 96.64 -11.63
N TYR GD 21 -84.41 95.57 -11.15
CA TYR GD 21 -83.99 94.21 -11.41
C TYR GD 21 -85.12 93.43 -12.05
N SER GD 22 -84.79 92.49 -12.92
CA SER GD 22 -85.75 91.53 -13.44
C SER GD 22 -85.28 90.12 -13.13
N LEU GD 23 -86.26 89.24 -12.96
CA LEU GD 23 -86.01 87.85 -12.59
C LEU GD 23 -85.47 87.10 -13.80
N ARG GD 24 -84.17 86.82 -13.78
CA ARG GD 24 -83.55 86.06 -14.86
C ARG GD 24 -83.64 84.56 -14.65
N SER GD 25 -83.38 84.05 -13.44
CA SER GD 25 -83.53 82.60 -13.26
C SER GD 25 -84.05 82.27 -11.87
N GLN GD 26 -84.61 81.08 -11.76
CA GLN GD 26 -85.04 80.53 -10.48
C GLN GD 26 -84.94 79.02 -10.60
N ASN GD 27 -84.16 78.41 -9.69
CA ASN GD 27 -83.83 77.01 -9.78
C ASN GD 27 -83.42 76.49 -8.41
N GLY GD 28 -84.05 75.40 -7.98
CA GLY GD 28 -83.63 74.69 -6.78
C GLY GD 28 -83.52 75.58 -5.56
N ASN GD 29 -84.65 76.16 -5.16
CA ASN GD 29 -84.70 77.12 -4.06
C ASN GD 29 -83.61 78.17 -4.21
N ASN GD 30 -83.44 78.65 -5.42
CA ASN GD 30 -82.44 79.66 -5.69
C ASN GD 30 -83.06 80.65 -6.68
N VAL GD 31 -82.79 81.94 -6.47
CA VAL GD 31 -83.42 83.00 -7.25
C VAL GD 31 -82.36 84.02 -7.65
N ASP GD 32 -82.29 84.35 -8.95
CA ASP GD 32 -81.27 85.21 -9.51
C ASP GD 32 -81.89 86.32 -10.35
N TYR GD 33 -81.63 87.57 -9.95
CA TYR GD 33 -82.09 88.77 -10.62
C TYR GD 33 -80.91 89.48 -11.29
N VAL GD 34 -81.22 90.20 -12.38
CA VAL GD 34 -80.22 91.03 -13.05
C VAL GD 34 -80.73 92.46 -13.15
N CYS GD 35 -79.81 93.42 -13.09
CA CYS GD 35 -80.17 94.82 -13.12
C CYS GD 35 -80.45 95.27 -14.56
N THR GD 36 -81.58 95.93 -14.75
CA THR GD 36 -82.05 96.34 -16.08
C THR GD 36 -81.63 97.75 -16.45
N ASP GD 37 -80.94 98.46 -15.55
CA ASP GD 37 -80.59 99.84 -15.77
C ASP GD 37 -79.41 99.94 -16.73
N PRO GD 38 -79.10 101.15 -17.22
CA PRO GD 38 -77.94 101.30 -18.12
C PRO GD 38 -76.62 101.06 -17.43
N ASP GD 39 -76.52 101.26 -16.11
CA ASP GD 39 -75.24 101.09 -15.43
C ASP GD 39 -74.80 99.63 -15.33
N SER GD 40 -75.70 98.67 -15.56
CA SER GD 40 -75.32 97.27 -15.62
C SER GD 40 -75.23 96.86 -17.08
N THR GD 41 -74.03 96.49 -17.51
CA THR GD 41 -73.78 95.98 -18.84
C THR GD 41 -73.55 94.47 -18.75
N LEU GD 42 -73.42 93.84 -19.93
CA LEU GD 42 -73.09 92.43 -19.96
C LEU GD 42 -71.74 92.19 -19.32
N SER GD 43 -70.78 93.07 -19.58
CA SER GD 43 -69.43 92.84 -19.10
C SER GD 43 -69.31 93.14 -17.62
N ALA GD 44 -70.07 94.12 -17.14
CA ALA GD 44 -70.03 94.56 -15.74
C ALA GD 44 -71.46 94.72 -15.24
N PRO GD 45 -72.10 93.63 -14.82
CA PRO GD 45 -73.53 93.68 -14.49
C PRO GD 45 -73.78 93.98 -13.02
N GLY GD 46 -75.05 94.23 -12.71
CA GLY GD 46 -75.54 94.24 -11.35
C GLY GD 46 -76.42 93.03 -11.14
N LEU GD 47 -76.22 92.34 -10.02
CA LEU GD 47 -76.81 91.02 -9.86
C LEU GD 47 -77.32 90.82 -8.44
N ILE GD 48 -78.34 89.98 -8.31
CA ILE GD 48 -78.85 89.58 -6.99
C ILE GD 48 -79.06 88.07 -6.99
N ASN GD 49 -78.74 87.46 -5.85
CA ASN GD 49 -78.81 86.02 -5.63
C ASN GD 49 -79.47 85.76 -4.28
N ALA GD 50 -80.30 84.71 -4.21
CA ALA GD 50 -80.95 84.36 -2.94
C ALA GD 50 -81.22 82.85 -2.88
N LYS GD 51 -80.71 82.20 -1.82
CA LYS GD 51 -80.77 80.76 -1.63
C LYS GD 51 -81.45 80.42 -0.32
N PHE GD 52 -82.06 79.24 -0.27
CA PHE GD 52 -82.66 78.67 0.94
C PHE GD 52 -82.03 77.33 1.24
N ASP GD 53 -81.34 77.24 2.39
CA ASP GD 53 -80.95 75.95 2.96
C ASP GD 53 -82.06 75.57 3.94
N ILE GD 54 -82.98 74.73 3.49
CA ILE GD 54 -84.11 74.30 4.32
C ILE GD 54 -83.80 72.92 4.88
N LYS GD 55 -83.68 72.85 6.20
CA LYS GD 55 -83.40 71.60 6.88
C LYS GD 55 -84.65 70.72 6.88
N ALA GD 56 -84.42 69.41 7.02
CA ALA GD 56 -85.49 68.42 7.17
C ALA GD 56 -86.39 68.80 8.33
N PRO GD 57 -87.66 68.37 8.32
CA PRO GD 57 -88.55 68.72 9.43
C PRO GD 57 -87.98 68.24 10.74
N GLY GD 58 -88.26 69.01 11.78
CA GLY GD 58 -87.70 68.71 13.08
C GLY GD 58 -87.62 69.95 13.93
N ILE GD 59 -87.41 69.72 15.22
CA ILE GD 59 -87.31 70.82 16.17
C ILE GD 59 -85.87 71.28 16.36
N THR GD 60 -84.90 70.55 15.79
CA THR GD 60 -83.49 70.86 15.95
C THR GD 60 -82.93 71.40 14.64
N GLY GD 61 -81.89 72.23 14.77
CA GLY GD 61 -81.19 72.78 13.62
C GLY GD 61 -81.58 74.21 13.33
N ASN GD 62 -80.87 74.79 12.37
CA ASN GD 62 -81.14 76.12 11.86
C ASN GD 62 -81.46 76.06 10.38
N ASP GD 63 -82.50 76.78 9.96
CA ASP GD 63 -82.73 77.08 8.55
C ASP GD 63 -81.87 78.28 8.15
N ARG GD 64 -81.50 78.36 6.87
CA ARG GD 64 -80.62 79.44 6.47
C ARG GD 64 -81.08 80.10 5.17
N ILE GD 65 -80.94 81.42 5.14
CA ILE GD 65 -81.19 82.25 3.96
C ILE GD 65 -79.88 82.89 3.55
N HIS GD 66 -79.55 82.83 2.26
CA HIS GD 66 -78.37 83.49 1.74
C HIS GD 66 -78.80 84.50 0.68
N ALA GD 67 -78.17 85.67 0.69
CA ALA GD 67 -78.51 86.70 -0.28
C ALA GD 67 -77.25 87.47 -0.65
N ASN GD 68 -77.12 87.82 -1.93
CA ASN GD 68 -75.95 88.52 -2.41
C ASN GD 68 -76.39 89.61 -3.38
N LEU GD 69 -75.94 90.83 -3.13
CA LEU GD 69 -76.19 91.96 -4.03
C LEU GD 69 -74.86 92.47 -4.52
N ARG GD 70 -74.63 92.37 -5.84
CA ARG GD 70 -73.34 92.57 -6.47
C ARG GD 70 -73.43 93.67 -7.51
N LYS GD 71 -72.34 94.42 -7.64
CA LYS GD 71 -72.11 95.29 -8.79
C LYS GD 71 -70.68 95.07 -9.27
N VAL GD 72 -70.54 94.71 -10.54
CA VAL GD 72 -69.23 94.50 -11.16
C VAL GD 72 -68.77 95.80 -11.77
N VAL GD 73 -67.47 96.08 -11.68
CA VAL GD 73 -66.88 97.26 -12.29
C VAL GD 73 -65.60 96.84 -13.00
N LEU GD 74 -65.34 97.45 -14.14
CA LEU GD 74 -64.17 97.16 -14.96
C LEU GD 74 -63.08 98.18 -14.72
N ASP GD 75 -61.83 97.71 -14.69
CA ASP GD 75 -60.69 98.60 -14.56
C ASP GD 75 -60.56 99.50 -15.78
N GLU GD 76 -60.20 100.76 -15.54
CA GLU GD 76 -60.13 101.72 -16.64
C GLU GD 76 -59.11 101.29 -17.68
N LYS GD 77 -57.94 100.81 -17.24
CA LYS GD 77 -56.86 100.45 -18.15
C LYS GD 77 -56.96 98.98 -18.55
N THR GD 78 -56.93 98.07 -17.55
CA THR GD 78 -56.83 96.65 -17.85
C THR GD 78 -58.16 96.01 -18.24
N ASN GD 79 -59.29 96.67 -17.99
CA ASN GD 79 -60.63 96.13 -18.21
C ASN GD 79 -60.88 94.83 -17.45
N LEU GD 80 -60.03 94.52 -16.47
CA LEU GD 80 -60.26 93.39 -15.59
C LEU GD 80 -61.41 93.71 -14.64
N PRO GD 81 -62.31 92.79 -14.41
CA PRO GD 81 -63.46 93.08 -13.55
C PRO GD 81 -63.14 92.81 -12.09
N SER GD 82 -63.49 93.73 -11.22
CA SER GD 82 -63.59 93.44 -9.80
C SER GD 82 -65.00 93.81 -9.34
N THR GD 83 -65.48 93.09 -8.34
CA THR GD 83 -66.87 93.18 -7.96
C THR GD 83 -67.02 93.58 -6.50
N GLY GD 84 -67.98 94.47 -6.24
CA GLY GD 84 -68.32 94.90 -4.89
C GLY GD 84 -69.67 94.32 -4.50
N SER GD 85 -69.79 93.92 -3.24
CA SER GD 85 -70.94 93.09 -2.88
C SER GD 85 -71.33 93.23 -1.42
N VAL GD 86 -72.64 93.26 -1.18
CA VAL GD 86 -73.20 93.12 0.16
C VAL GD 86 -73.91 91.78 0.22
N THR GD 87 -73.47 90.91 1.13
CA THR GD 87 -74.06 89.58 1.26
C THR GD 87 -74.56 89.35 2.67
N ILE GD 88 -75.70 88.67 2.77
CA ILE GD 88 -76.44 88.49 4.02
C ILE GD 88 -76.69 87.01 4.24
N GLN GD 89 -76.47 86.55 5.46
CA GLN GD 89 -76.87 85.21 5.90
C GLN GD 89 -77.80 85.34 7.09
N VAL GD 90 -79.00 84.78 6.97
CA VAL GD 90 -79.98 84.72 8.05
C VAL GD 90 -80.05 83.29 8.54
N SER GD 91 -79.89 83.10 9.84
CA SER GD 91 -79.93 81.77 10.46
C SER GD 91 -81.07 81.76 11.47
N ILE GD 92 -82.12 80.99 11.16
CA ILE GD 92 -83.37 80.92 11.90
C ILE GD 92 -83.42 79.58 12.62
N PRO GD 93 -83.34 79.54 13.95
CA PRO GD 93 -83.46 78.26 14.66
C PRO GD 93 -84.87 77.69 14.60
N ARG GD 94 -84.98 76.41 14.96
CA ARG GD 94 -86.24 75.70 14.91
C ARG GD 94 -86.83 75.41 16.28
N ASN GD 95 -86.11 75.68 17.36
CA ASN GD 95 -86.70 75.62 18.70
C ASN GD 95 -87.92 76.54 18.75
N PRO GD 96 -89.08 76.04 19.18
CA PRO GD 96 -90.29 76.88 19.19
C PRO GD 96 -90.14 78.15 20.01
N ALA GD 97 -89.06 78.26 20.77
CA ALA GD 97 -88.74 79.46 21.51
C ALA GD 97 -88.20 80.57 20.62
N TRP GD 98 -88.17 80.37 19.31
CA TRP GD 98 -87.83 81.40 18.34
C TRP GD 98 -89.08 81.82 17.57
N ASN GD 99 -89.10 83.05 17.07
CA ASN GD 99 -90.24 83.58 16.35
C ASN GD 99 -89.82 84.24 15.06
N ALA GD 100 -90.73 84.18 14.08
CA ALA GD 100 -90.60 85.04 12.93
C ALA GD 100 -90.47 86.50 13.34
N SER GD 101 -91.11 86.88 14.44
CA SER GD 101 -90.97 88.25 14.93
C SER GD 101 -89.53 88.54 15.31
N MET GD 102 -88.83 87.55 15.87
CA MET GD 102 -87.43 87.73 16.23
C MET GD 102 -86.56 87.82 14.99
N THR GD 103 -86.85 86.97 13.98
CA THR GD 103 -86.16 87.08 12.70
C THR GD 103 -86.31 88.48 12.12
N VAL GD 104 -87.55 88.97 12.04
CA VAL GD 104 -87.81 90.29 11.48
C VAL GD 104 -87.13 91.37 12.30
N SER GD 105 -87.11 91.21 13.63
CA SER GD 105 -86.47 92.22 14.47
C SER GD 105 -84.98 92.31 14.17
N LEU GD 106 -84.31 91.16 14.00
CA LEU GD 106 -82.90 91.19 13.64
C LEU GD 106 -82.71 91.83 12.26
N LEU GD 107 -83.58 91.51 11.30
CA LEU GD 107 -83.46 92.12 9.98
C LEU GD 107 -83.58 93.65 10.06
N LYS GD 108 -84.58 94.12 10.80
CA LYS GD 108 -84.80 95.56 10.91
C LYS GD 108 -83.64 96.24 11.61
N GLN GD 109 -83.08 95.60 12.65
CA GLN GD 109 -81.95 96.19 13.37
C GLN GD 109 -80.71 96.25 12.47
N ALA GD 110 -80.47 95.19 11.70
CA ALA GD 110 -79.35 95.23 10.77
C ALA GD 110 -79.53 96.32 9.74
N ALA GD 111 -80.76 96.48 9.23
CA ALA GD 111 -81.04 97.57 8.29
C ALA GD 111 -80.75 98.92 8.92
N ASP GD 112 -81.17 99.11 10.18
CA ASP GD 112 -80.91 100.38 10.85
C ASP GD 112 -79.42 100.62 11.03
N TYR GD 113 -78.68 99.59 11.44
CA TYR GD 113 -77.30 99.80 11.88
C TYR GD 113 -76.32 99.85 10.72
N LEU GD 114 -76.57 99.11 9.64
CA LEU GD 114 -75.64 99.12 8.52
C LEU GD 114 -76.13 99.94 7.33
N ALA GD 115 -77.44 100.17 7.21
CA ALA GD 115 -77.96 100.98 6.12
C ALA GD 115 -78.62 102.27 6.57
N GLY GD 116 -79.00 102.38 7.84
CA GLY GD 116 -79.63 103.60 8.33
C GLY GD 116 -81.00 103.85 7.71
N THR GD 117 -81.87 102.83 7.71
CA THR GD 117 -83.16 102.94 7.05
C THR GD 117 -84.34 102.57 7.94
N SER GD 118 -84.13 102.37 9.23
CA SER GD 118 -85.22 102.02 10.13
C SER GD 118 -86.37 103.03 10.08
N ALA GD 119 -87.55 102.57 10.49
CA ALA GD 119 -88.71 103.43 10.67
C ALA GD 119 -88.48 104.39 11.82
N THR GD 120 -89.32 105.42 11.89
CA THR GD 120 -89.15 106.45 12.91
C THR GD 120 -89.79 106.04 14.22
N VAL GD 121 -89.01 106.10 15.30
CA VAL GD 121 -89.44 105.82 16.67
C VAL GD 121 -88.78 106.83 17.58
N SER GD 122 -89.53 107.32 18.57
CA SER GD 122 -89.00 108.28 19.52
C SER GD 122 -87.80 107.69 20.25
N GLY GD 123 -86.70 108.42 20.27
CA GLY GD 123 -85.50 107.99 20.96
C GLY GD 123 -84.57 107.11 20.16
N GLN GD 124 -84.79 106.96 18.85
CA GLN GD 124 -83.92 106.08 18.08
C GLN GD 124 -82.63 106.84 17.80
N THR GD 125 -81.52 106.11 17.69
CA THR GD 125 -80.29 106.81 17.33
C THR GD 125 -80.30 107.12 15.84
N ASP GD 126 -79.75 108.29 15.51
CA ASP GD 126 -79.70 108.75 14.13
C ASP GD 126 -78.65 107.94 13.38
N THR GD 127 -79.12 107.07 12.48
CA THR GD 127 -78.27 106.17 11.73
C THR GD 127 -78.09 106.62 10.29
N SER GD 128 -78.52 107.83 9.95
CA SER GD 128 -78.49 108.29 8.57
C SER GD 128 -77.09 108.28 8.00
N GLY GD 129 -76.10 108.68 8.78
CA GLY GD 129 -74.73 108.74 8.31
C GLY GD 129 -73.96 107.45 8.46
N PHE GD 130 -74.57 106.46 9.09
CA PHE GD 130 -73.87 105.19 9.29
C PHE GD 130 -73.46 104.51 7.99
N PRO GD 131 -74.29 104.42 6.95
CA PRO GD 131 -73.79 103.79 5.71
C PRO GD 131 -72.58 104.50 5.14
N ALA GD 132 -72.55 105.82 5.21
CA ALA GD 132 -71.36 106.56 4.78
C ALA GD 132 -70.15 106.16 5.61
N LYS GD 133 -70.29 106.14 6.94
CA LYS GD 133 -69.17 105.77 7.79
C LYS GD 133 -68.70 104.35 7.50
N TRP GD 134 -69.64 103.43 7.26
CA TRP GD 134 -69.24 102.07 6.92
C TRP GD 134 -68.46 102.03 5.62
N ALA GD 135 -68.98 102.70 4.58
CA ALA GD 135 -68.30 102.73 3.29
C ALA GD 135 -66.90 103.33 3.43
N GLY GD 136 -66.69 104.18 4.43
CA GLY GD 136 -65.35 104.64 4.75
C GLY GD 136 -64.55 103.75 5.68
N LEU GD 137 -65.07 102.58 6.04
CA LEU GD 137 -64.43 101.69 7.01
C LEU GD 137 -64.21 102.39 8.35
N MET GD 138 -65.29 102.94 8.90
CA MET GD 138 -65.27 103.61 10.18
C MET GD 138 -66.44 103.11 11.01
N PHE GD 139 -66.17 102.70 12.23
CA PHE GD 139 -67.26 102.26 13.10
C PHE GD 139 -68.13 103.45 13.46
N PRO GD 140 -69.46 103.33 13.36
CA PRO GD 140 -70.42 104.38 13.72
C PRO GD 140 -70.30 104.77 15.18
N ALA HD 1 -27.69 98.26 -76.21
CA ALA HD 1 -27.89 97.38 -77.35
C ALA HD 1 -29.05 97.85 -78.23
N ALA HD 2 -28.95 97.59 -79.53
CA ALA HD 2 -30.01 97.96 -80.45
C ALA HD 2 -31.26 97.13 -80.18
N PRO HD 3 -32.44 97.73 -80.30
CA PRO HD 3 -33.68 96.99 -80.00
C PRO HD 3 -34.04 95.98 -81.07
N SER HD 4 -33.60 96.19 -82.30
CA SER HD 4 -33.95 95.29 -83.39
C SER HD 4 -32.92 95.45 -84.51
N LEU HD 5 -32.86 94.44 -85.36
CA LEU HD 5 -31.86 94.34 -86.41
C LEU HD 5 -32.49 93.77 -87.66
N ALA HD 6 -32.05 94.28 -88.81
CA ALA HD 6 -32.40 93.72 -90.11
C ALA HD 6 -31.08 93.37 -90.79
N LEU HD 7 -30.64 92.13 -90.63
CA LEU HD 7 -29.35 91.71 -91.15
C LEU HD 7 -29.55 91.09 -92.54
N VAL HD 8 -28.52 91.15 -93.37
CA VAL HD 8 -28.60 90.56 -94.70
C VAL HD 8 -28.07 89.13 -94.66
N GLY HD 9 -28.87 88.20 -95.17
CA GLY HD 9 -28.49 86.82 -95.36
C GLY HD 9 -28.87 86.36 -96.76
N ALA HD 10 -29.09 85.06 -96.90
CA ALA HD 10 -29.38 84.46 -98.20
C ALA HD 10 -30.55 83.50 -98.11
N ASN HD 11 -31.39 83.50 -99.14
CA ASN HD 11 -32.51 82.58 -99.25
C ASN HD 11 -32.03 81.29 -99.91
N SER HD 12 -32.97 80.44 -100.33
CA SER HD 12 -32.60 79.19 -100.98
C SER HD 12 -31.94 79.43 -102.33
N THR HD 13 -32.22 80.56 -102.98
CA THR HD 13 -31.59 80.97 -104.23
C THR HD 13 -30.20 81.57 -103.99
N LEU HD 14 -29.85 81.85 -102.74
CA LEU HD 14 -28.67 82.61 -102.35
C LEU HD 14 -28.76 84.08 -102.73
N ALA HD 15 -29.96 84.57 -103.02
CA ALA HD 15 -30.17 85.99 -103.21
C ALA HD 15 -30.20 86.70 -101.86
N SER HD 16 -29.73 87.94 -101.84
CA SER HD 16 -29.65 88.70 -100.59
C SER HD 16 -31.05 88.97 -100.05
N THR HD 17 -31.30 88.50 -98.83
CA THR HD 17 -32.61 88.59 -98.20
C THR HD 17 -32.46 89.15 -96.79
N LEU HD 18 -33.42 89.96 -96.35
CA LEU HD 18 -33.37 90.41 -94.98
C LEU HD 18 -33.79 89.31 -94.02
N VAL HD 19 -33.17 89.32 -92.85
CA VAL HD 19 -33.54 88.47 -91.73
C VAL HD 19 -33.62 89.33 -90.48
N ASN HD 20 -34.77 89.28 -89.82
CA ASN HD 20 -35.14 90.24 -88.80
C ASN HD 20 -34.96 89.64 -87.42
N TYR HD 21 -34.17 90.31 -86.59
CA TYR HD 21 -33.99 89.94 -85.20
C TYR HD 21 -34.52 91.05 -84.32
N SER HD 22 -34.96 90.67 -83.12
CA SER HD 22 -35.39 91.63 -82.11
C SER HD 22 -34.77 91.24 -80.78
N LEU HD 23 -34.53 92.25 -79.94
CA LEU HD 23 -33.81 92.03 -78.69
C LEU HD 23 -34.67 91.24 -77.72
N ARG HD 24 -34.26 90.00 -77.44
CA ARG HD 24 -34.89 89.23 -76.37
C ARG HD 24 -34.48 89.78 -75.01
N SER HD 25 -33.18 89.80 -74.72
CA SER HD 25 -32.79 90.25 -73.39
C SER HD 25 -31.35 90.76 -73.39
N GLN HD 26 -31.10 91.80 -72.62
CA GLN HD 26 -29.75 92.26 -72.34
C GLN HD 26 -29.42 91.94 -70.88
N ASN HD 27 -28.45 91.06 -70.70
CA ASN HD 27 -27.75 90.88 -69.44
C ASN HD 27 -26.50 91.76 -69.46
N GLY HD 28 -25.85 91.88 -68.31
CA GLY HD 28 -24.67 92.73 -68.24
C GLY HD 28 -23.56 92.26 -69.15
N ASN HD 29 -23.22 93.05 -70.16
CA ASN HD 29 -22.24 92.69 -71.19
C ASN HD 29 -22.66 91.41 -71.92
N ASN HD 30 -23.96 91.22 -72.09
CA ASN HD 30 -24.46 90.05 -72.80
C ASN HD 30 -25.78 90.40 -73.47
N VAL HD 31 -25.95 89.98 -74.71
CA VAL HD 31 -27.13 90.35 -75.49
C VAL HD 31 -27.65 89.12 -76.23
N ASP HD 32 -28.97 88.93 -76.18
CA ASP HD 32 -29.66 87.82 -76.85
C ASP HD 32 -30.75 88.38 -77.75
N TYR HD 33 -30.63 88.11 -79.05
CA TYR HD 33 -31.61 88.46 -80.08
C TYR HD 33 -32.28 87.20 -80.61
N VAL HD 34 -33.52 87.36 -81.08
CA VAL HD 34 -34.33 86.28 -81.62
C VAL HD 34 -34.88 86.68 -82.99
N CYS HD 35 -34.95 85.73 -83.91
CA CYS HD 35 -35.45 86.02 -85.25
C CYS HD 35 -36.97 86.11 -85.21
N THR HD 36 -37.50 87.18 -85.81
CA THR HD 36 -38.93 87.47 -85.80
C THR HD 36 -39.61 87.11 -87.12
N ASP HD 37 -38.92 86.40 -88.01
CA ASP HD 37 -39.50 85.98 -89.27
C ASP HD 37 -40.36 84.74 -89.03
N PRO HD 38 -41.17 84.36 -90.02
CA PRO HD 38 -41.83 83.04 -89.94
C PRO HD 38 -40.86 81.88 -90.00
N ASP HD 39 -39.61 82.09 -90.44
CA ASP HD 39 -38.62 81.02 -90.50
C ASP HD 39 -38.34 80.44 -89.13
N SER HD 40 -38.22 81.30 -88.12
CA SER HD 40 -37.96 80.85 -86.76
C SER HD 40 -39.27 80.77 -85.99
N THR HD 41 -39.39 79.71 -85.20
CA THR HD 41 -40.44 79.53 -84.22
C THR HD 41 -39.76 79.22 -82.89
N LEU HD 42 -40.54 79.23 -81.82
CA LEU HD 42 -39.95 78.85 -80.53
C LEU HD 42 -39.37 77.44 -80.57
N SER HD 43 -40.01 76.55 -81.33
CA SER HD 43 -39.53 75.17 -81.41
C SER HD 43 -38.21 75.07 -82.17
N ALA HD 44 -38.04 75.86 -83.23
CA ALA HD 44 -36.82 75.85 -84.03
C ALA HD 44 -36.42 77.28 -84.34
N PRO HD 45 -35.76 77.96 -83.40
CA PRO HD 45 -35.55 79.40 -83.52
C PRO HD 45 -34.26 79.76 -84.26
N GLY HD 46 -34.20 81.02 -84.65
CA GLY HD 46 -32.96 81.66 -85.08
C GLY HD 46 -32.54 82.63 -83.99
N LEU HD 47 -31.26 82.57 -83.63
CA LEU HD 47 -30.81 83.22 -82.40
C LEU HD 47 -29.47 83.92 -82.62
N ILE HD 48 -29.24 84.98 -81.85
CA ILE HD 48 -27.95 85.65 -81.82
C ILE HD 48 -27.58 85.91 -80.37
N ASN HD 49 -26.30 85.74 -80.05
CA ASN HD 49 -25.76 85.96 -78.71
C ASN HD 49 -24.44 86.71 -78.83
N ALA HD 50 -24.25 87.71 -77.97
CA ALA HD 50 -23.02 88.52 -77.97
C ALA HD 50 -22.56 88.79 -76.54
N LYS HD 51 -21.30 88.49 -76.25
CA LYS HD 51 -20.74 88.54 -74.91
C LYS HD 51 -19.43 89.30 -74.92
N PHE HD 52 -19.09 89.89 -73.77
CA PHE HD 52 -17.86 90.67 -73.58
C PHE HD 52 -17.11 90.14 -72.37
N ASP HD 53 -15.97 89.50 -72.63
CA ASP HD 53 -15.02 89.11 -71.57
C ASP HD 53 -14.03 90.26 -71.42
N ILE HD 54 -14.32 91.16 -70.47
CA ILE HD 54 -13.50 92.34 -70.23
C ILE HD 54 -12.74 92.12 -68.93
N LYS HD 55 -11.42 92.12 -69.01
CA LYS HD 55 -10.60 91.89 -67.84
C LYS HD 55 -10.56 93.15 -66.97
N ALA HD 56 -10.14 92.96 -65.73
CA ALA HD 56 -10.03 94.08 -64.79
C ALA HD 56 -9.12 95.16 -65.39
N PRO HD 57 -9.39 96.43 -65.11
CA PRO HD 57 -8.59 97.51 -65.73
C PRO HD 57 -7.11 97.47 -65.35
N GLY HD 58 -6.78 97.03 -64.13
CA GLY HD 58 -5.37 96.91 -63.77
C GLY HD 58 -4.66 95.81 -64.54
N ILE HD 59 -5.33 94.67 -64.73
CA ILE HD 59 -4.72 93.48 -65.33
C ILE HD 59 -4.53 93.71 -66.84
N THR HD 60 -3.37 93.31 -67.35
CA THR HD 60 -3.15 93.23 -68.79
C THR HD 60 -3.48 91.82 -69.27
N GLY HD 61 -4.20 91.75 -70.37
CA GLY HD 61 -4.51 90.49 -71.03
C GLY HD 61 -5.08 90.81 -72.37
N ASN HD 62 -5.95 89.94 -72.86
CA ASN HD 62 -6.76 90.21 -74.04
C ASN HD 62 -8.20 90.39 -73.63
N ASP HD 63 -8.84 91.44 -74.10
CA ASP HD 63 -10.29 91.53 -74.04
C ASP HD 63 -10.89 90.68 -75.14
N ARG HD 64 -12.07 90.12 -74.89
CA ARG HD 64 -12.65 89.16 -75.82
C ARG HD 64 -14.11 89.48 -76.13
N ILE HD 65 -14.49 89.23 -77.38
CA ILE HD 65 -15.87 89.34 -77.85
C ILE HD 65 -16.29 87.96 -78.34
N HIS HD 66 -17.45 87.48 -77.88
CA HIS HD 66 -17.98 86.19 -78.30
C HIS HD 66 -19.34 86.41 -78.98
N ALA HD 67 -19.43 86.06 -80.25
CA ALA HD 67 -20.67 86.17 -80.99
C ALA HD 67 -21.09 84.81 -81.51
N ASN HD 68 -22.40 84.59 -81.57
CA ASN HD 68 -22.94 83.31 -82.00
C ASN HD 68 -24.24 83.55 -82.75
N LEU HD 69 -24.31 83.08 -83.99
CA LEU HD 69 -25.50 83.17 -84.83
C LEU HD 69 -25.95 81.75 -85.17
N ARG HD 70 -27.15 81.40 -84.71
CA ARG HD 70 -27.65 80.03 -84.76
C ARG HD 70 -28.96 79.97 -85.54
N LYS HD 71 -29.17 78.83 -86.20
CA LYS HD 71 -30.49 78.46 -86.73
C LYS HD 71 -30.74 77.01 -86.38
N VAL HD 72 -31.84 76.75 -85.66
CA VAL HD 72 -32.24 75.40 -85.30
C VAL HD 72 -33.15 74.87 -86.39
N VAL HD 73 -33.01 73.59 -86.71
CA VAL HD 73 -33.86 72.94 -87.69
C VAL HD 73 -34.35 71.61 -87.11
N LEU HD 74 -35.57 71.24 -87.47
CA LEU HD 74 -36.18 70.01 -87.00
C LEU HD 74 -36.11 68.94 -88.09
N ASP HD 75 -35.81 67.70 -87.68
CA ASP HD 75 -35.84 66.59 -88.61
C ASP HD 75 -37.27 66.32 -89.06
N GLU HD 76 -37.45 66.10 -90.37
CA GLU HD 76 -38.78 65.80 -90.88
C GLU HD 76 -39.35 64.55 -90.22
N LYS HD 77 -38.53 63.50 -90.11
CA LYS HD 77 -39.05 62.23 -89.61
C LYS HD 77 -39.15 62.22 -88.08
N THR HD 78 -38.15 62.70 -87.35
CA THR HD 78 -38.13 62.56 -85.90
C THR HD 78 -38.44 63.83 -85.13
N ASN HD 79 -38.54 64.98 -85.80
CA ASN HD 79 -38.71 66.28 -85.17
C ASN HD 79 -37.64 66.59 -84.14
N LEU HD 80 -36.55 65.82 -84.15
CA LEU HD 80 -35.42 66.11 -83.27
C LEU HD 80 -34.66 67.33 -83.79
N PRO HD 81 -34.26 68.23 -82.92
CA PRO HD 81 -33.62 69.46 -83.37
C PRO HD 81 -32.12 69.30 -83.50
N SER HD 82 -31.57 69.72 -84.63
CA SER HD 82 -30.14 69.94 -84.73
C SER HD 82 -29.92 71.36 -85.22
N THR HD 83 -28.81 71.95 -84.81
CA THR HD 83 -28.60 73.37 -84.99
C THR HD 83 -27.35 73.63 -85.81
N GLY HD 84 -27.40 74.68 -86.61
CA GLY HD 84 -26.24 75.13 -87.39
C GLY HD 84 -25.86 76.54 -86.97
N SER HD 85 -24.56 76.79 -86.88
CA SER HD 85 -24.14 78.02 -86.22
C SER HD 85 -22.83 78.56 -86.77
N VAL HD 86 -22.70 79.88 -86.71
CA VAL HD 86 -21.44 80.58 -86.94
C VAL HD 86 -21.08 81.32 -85.66
N THR HD 87 -19.92 80.98 -85.09
CA THR HD 87 -19.43 81.61 -83.88
C THR HD 87 -18.14 82.37 -84.18
N ILE HD 88 -17.96 83.48 -83.49
CA ILE HD 88 -16.87 84.41 -83.74
C ILE HD 88 -16.26 84.81 -82.40
N GLN HD 89 -14.94 84.81 -82.32
CA GLN HD 89 -14.25 85.24 -81.11
C GLN HD 89 -13.23 86.29 -81.53
N VAL HD 90 -13.35 87.48 -80.98
CA VAL HD 90 -12.43 88.58 -81.25
C VAL HD 90 -11.57 88.76 -80.00
N SER HD 91 -10.26 88.63 -80.15
CA SER HD 91 -9.32 88.80 -79.05
C SER HD 91 -8.48 90.04 -79.33
N ILE HD 92 -8.70 91.08 -78.55
CA ILE HD 92 -8.09 92.40 -78.70
C ILE HD 92 -7.08 92.59 -77.58
N PRO HD 93 -5.80 92.78 -77.88
CA PRO HD 93 -4.82 93.01 -76.81
C PRO HD 93 -4.87 94.42 -76.23
N ARG HD 94 -4.49 94.50 -74.94
CA ARG HD 94 -4.52 95.74 -74.19
C ARG HD 94 -3.24 96.55 -74.30
N ASN HD 95 -2.45 96.34 -75.35
CA ASN HD 95 -1.23 97.11 -75.60
C ASN HD 95 -1.54 98.27 -76.53
N PRO HD 96 -1.13 99.50 -76.19
CA PRO HD 96 -1.38 100.64 -77.09
C PRO HD 96 -0.84 100.45 -78.49
N ALA HD 97 0.06 99.49 -78.69
CA ALA HD 97 0.54 99.18 -80.03
C ALA HD 97 -0.53 98.54 -80.90
N TRP HD 98 -1.69 98.21 -80.34
CA TRP HD 98 -2.85 97.72 -81.07
C TRP HD 98 -3.94 98.79 -81.01
N ASN HD 99 -4.77 98.85 -82.05
CA ASN HD 99 -5.83 99.84 -82.03
C ASN HD 99 -7.07 99.34 -82.76
N ALA HD 100 -8.11 100.17 -82.67
CA ALA HD 100 -9.40 99.77 -83.23
C ALA HD 100 -9.33 99.61 -84.74
N SER HD 101 -8.45 100.37 -85.41
CA SER HD 101 -8.31 100.20 -86.86
C SER HD 101 -7.85 98.78 -87.17
N MET HD 102 -6.98 98.22 -86.33
CA MET HD 102 -6.52 96.86 -86.56
C MET HD 102 -7.61 95.85 -86.23
N THR HD 103 -8.37 96.08 -85.15
CA THR HD 103 -9.52 95.22 -84.87
C THR HD 103 -10.47 95.18 -86.07
N VAL HD 104 -10.82 96.35 -86.58
CA VAL HD 104 -11.74 96.44 -87.72
C VAL HD 104 -11.13 95.80 -88.94
N SER HD 105 -9.82 95.95 -89.14
CA SER HD 105 -9.18 95.36 -90.30
C SER HD 105 -9.30 93.84 -90.26
N LEU HD 106 -9.07 93.23 -89.10
CA LEU HD 106 -9.26 91.79 -89.00
C LEU HD 106 -10.72 91.40 -89.27
N LEU HD 107 -11.66 92.16 -88.73
CA LEU HD 107 -13.07 91.86 -88.98
C LEU HD 107 -13.38 91.90 -90.48
N LYS HD 108 -12.92 92.96 -91.15
CA LYS HD 108 -13.20 93.11 -92.58
C LYS HD 108 -12.57 91.99 -93.39
N GLN HD 109 -11.34 91.59 -93.04
CA GLN HD 109 -10.68 90.53 -93.79
C GLN HD 109 -11.39 89.20 -93.59
N ALA HD 110 -11.81 88.91 -92.36
CA ALA HD 110 -12.57 87.69 -92.12
C ALA HD 110 -13.87 87.70 -92.91
N ALA HD 111 -14.54 88.85 -92.96
CA ALA HD 111 -15.77 88.97 -93.75
C ALA HD 111 -15.49 88.68 -95.22
N ASP HD 112 -14.44 89.30 -95.77
CA ASP HD 112 -14.10 89.06 -97.17
C ASP HD 112 -13.81 87.58 -97.41
N TYR HD 113 -13.04 86.93 -96.54
CA TYR HD 113 -12.54 85.61 -96.86
C TYR HD 113 -13.55 84.50 -96.57
N LEU HD 114 -14.47 84.69 -95.63
CA LEU HD 114 -15.43 83.63 -95.34
C LEU HD 114 -16.85 83.93 -95.80
N ALA HD 115 -17.21 85.20 -95.99
CA ALA HD 115 -18.53 85.54 -96.50
C ALA HD 115 -18.49 86.19 -97.87
N GLY HD 116 -17.33 86.70 -98.30
CA GLY HD 116 -17.20 87.33 -99.59
C GLY HD 116 -18.04 88.60 -99.70
N THR HD 117 -17.88 89.51 -98.72
CA THR HD 117 -18.68 90.72 -98.68
C THR HD 117 -17.87 92.00 -98.56
N SER HD 118 -16.56 91.95 -98.75
CA SER HD 118 -15.72 93.14 -98.70
C SER HD 118 -16.21 94.24 -99.65
N ALA HD 119 -15.79 95.46 -99.35
CA ALA HD 119 -16.02 96.60 -100.24
C ALA HD 119 -15.15 96.48 -101.48
N THR HD 120 -15.59 97.13 -102.56
CA THR HD 120 -14.86 97.03 -103.82
C THR HD 120 -13.56 97.82 -103.73
N VAL HD 121 -12.45 97.13 -104.03
CA VAL HD 121 -11.10 97.69 -103.99
C VAL HD 121 -10.31 97.03 -105.12
N SER HD 122 -9.65 97.83 -105.95
CA SER HD 122 -9.02 97.27 -107.13
C SER HD 122 -7.90 96.31 -106.74
N GLY HD 123 -7.86 95.16 -107.40
CA GLY HD 123 -6.89 94.14 -107.10
C GLY HD 123 -7.31 93.12 -106.08
N GLN HD 124 -8.49 93.27 -105.49
CA GLN HD 124 -9.00 92.28 -104.55
C GLN HD 124 -9.33 90.98 -105.28
N THR HD 125 -9.11 89.86 -104.59
CA THR HD 125 -9.55 88.60 -105.15
C THR HD 125 -11.08 88.51 -105.09
N ASP HD 126 -11.64 87.84 -106.09
CA ASP HD 126 -13.09 87.70 -106.19
C ASP HD 126 -13.52 86.65 -105.19
N THR HD 127 -14.01 87.11 -104.05
CA THR HD 127 -14.39 86.25 -102.94
C THR HD 127 -15.87 85.89 -102.96
N SER HD 128 -16.57 86.24 -104.04
CA SER HD 128 -18.02 86.06 -104.07
C SER HD 128 -18.43 84.60 -103.92
N GLY HD 129 -17.66 83.67 -104.49
CA GLY HD 129 -17.99 82.27 -104.42
C GLY HD 129 -17.46 81.55 -103.22
N PHE HD 130 -16.64 82.24 -102.42
CA PHE HD 130 -16.03 81.59 -101.26
C PHE HD 130 -17.06 81.07 -100.26
N PRO HD 131 -18.14 81.79 -99.91
CA PRO HD 131 -19.10 81.19 -98.98
C PRO HD 131 -19.71 79.90 -99.51
N ALA HD 132 -19.99 79.83 -100.81
CA ALA HD 132 -20.44 78.58 -101.41
C ALA HD 132 -19.41 77.48 -101.21
N LYS HD 133 -18.14 77.77 -101.53
CA LYS HD 133 -17.11 76.76 -101.38
C LYS HD 133 -16.98 76.31 -99.93
N TRP HD 134 -17.04 77.25 -98.98
CA TRP HD 134 -16.95 76.87 -97.57
C TRP HD 134 -18.11 75.96 -97.18
N ALA HD 135 -19.33 76.34 -97.56
CA ALA HD 135 -20.50 75.51 -97.27
C ALA HD 135 -20.41 74.14 -97.92
N GLY HD 136 -19.54 73.99 -98.91
CA GLY HD 136 -19.24 72.68 -99.45
C GLY HD 136 -18.05 71.96 -98.82
N LEU HD 137 -17.48 72.52 -97.75
CA LEU HD 137 -16.22 72.03 -97.16
C LEU HD 137 -15.10 71.92 -98.20
N MET HD 138 -14.89 73.03 -98.91
CA MET HD 138 -13.85 73.16 -99.92
C MET HD 138 -13.07 74.43 -99.66
N PHE HD 139 -11.75 74.33 -99.66
CA PHE HD 139 -10.94 75.54 -99.50
C PHE HD 139 -11.06 76.39 -100.75
N PRO HD 140 -11.25 77.71 -100.61
CA PRO HD 140 -11.32 78.62 -101.75
C PRO HD 140 -10.04 78.57 -102.58
N ALA ID 1 -31.36 103.68 -66.97
CA ALA ID 1 -30.17 104.49 -66.79
C ALA ID 1 -29.92 105.38 -68.00
N ALA ID 2 -29.26 106.52 -67.78
CA ALA ID 2 -28.98 107.45 -68.86
C ALA ID 2 -28.05 106.80 -69.89
N PRO ID 3 -28.35 106.89 -71.18
CA PRO ID 3 -27.50 106.23 -72.19
C PRO ID 3 -26.14 106.88 -72.35
N SER ID 4 -25.99 108.15 -71.96
CA SER ID 4 -24.70 108.82 -72.08
C SER ID 4 -24.65 109.96 -71.08
N LEU ID 5 -23.42 110.38 -70.76
CA LEU ID 5 -23.17 111.38 -69.74
C LEU ID 5 -22.06 112.32 -70.20
N ALA ID 6 -22.18 113.58 -69.84
CA ALA ID 6 -21.15 114.58 -70.07
C ALA ID 6 -20.83 115.19 -68.71
N LEU ID 7 -19.83 114.65 -68.02
CA LEU ID 7 -19.51 115.06 -66.67
C LEU ID 7 -18.39 116.10 -66.71
N VAL ID 8 -18.31 116.92 -65.66
CA VAL ID 8 -17.28 117.94 -65.58
C VAL ID 8 -16.10 117.40 -64.77
N GLY ID 9 -14.91 117.50 -65.36
CA GLY ID 9 -13.67 117.18 -64.67
C GLY ID 9 -12.67 118.29 -64.88
N ALA ID 10 -11.38 117.99 -64.76
CA ALA ID 10 -10.33 119.00 -64.88
C ALA ID 10 -9.29 118.56 -65.90
N ASN ID 11 -8.84 119.51 -66.72
CA ASN ID 11 -7.76 119.26 -67.67
C ASN ID 11 -6.42 119.32 -66.94
N SER ID 12 -5.33 119.32 -67.69
CA SER ID 12 -4.00 119.39 -67.08
C SER ID 12 -3.80 120.69 -66.30
N THR ID 13 -4.58 121.73 -66.60
CA THR ID 13 -4.48 123.01 -65.93
C THR ID 13 -5.51 123.17 -64.84
N LEU ID 14 -6.33 122.15 -64.60
CA LEU ID 14 -7.42 122.17 -63.62
C LEU ID 14 -8.59 123.03 -64.05
N ALA ID 15 -8.67 123.39 -65.33
CA ALA ID 15 -9.85 124.06 -65.85
C ALA ID 15 -10.97 123.06 -66.06
N SER ID 16 -12.20 123.53 -65.84
CA SER ID 16 -13.35 122.65 -66.01
C SER ID 16 -13.48 122.21 -67.45
N THR ID 17 -13.50 120.90 -67.67
CA THR ID 17 -13.52 120.30 -69.00
C THR ID 17 -14.53 119.16 -69.01
N LEU ID 18 -15.26 119.01 -70.12
CA LEU ID 18 -16.17 117.88 -70.21
C LEU ID 18 -15.42 116.58 -70.41
N VAL ID 19 -16.00 115.51 -69.88
CA VAL ID 19 -15.54 114.14 -70.03
C VAL ID 19 -16.75 113.30 -70.36
N ASN ID 20 -16.69 112.61 -71.48
CA ASN ID 20 -17.87 111.99 -72.09
C ASN ID 20 -17.86 110.50 -71.84
N TYR ID 21 -18.93 110.00 -71.23
CA TYR ID 21 -19.13 108.60 -70.98
C TYR ID 21 -20.36 108.11 -71.74
N SER ID 22 -20.34 106.83 -72.10
CA SER ID 22 -21.48 106.18 -72.73
C SER ID 22 -21.76 104.87 -72.01
N LEU ID 23 -23.03 104.50 -71.97
CA LEU ID 23 -23.48 103.33 -71.22
C LEU ID 23 -23.12 102.06 -71.97
N ARG ID 24 -22.25 101.25 -71.37
CA ARG ID 24 -21.84 100.00 -72.02
C ARG ID 24 -22.88 98.90 -71.84
N SER ID 25 -23.32 98.67 -70.60
CA SER ID 25 -24.34 97.65 -70.34
C SER ID 25 -24.99 97.93 -68.98
N GLN ID 26 -26.01 97.13 -68.66
CA GLN ID 26 -26.67 97.19 -67.37
C GLN ID 26 -26.98 95.77 -66.91
N ASN ID 27 -26.39 95.37 -65.78
CA ASN ID 27 -26.55 94.08 -65.13
C ASN ID 27 -27.48 94.23 -63.93
N GLY ID 28 -27.56 93.19 -63.11
CA GLY ID 28 -28.34 93.22 -61.89
C GLY ID 28 -27.89 94.32 -60.96
N ASN ID 29 -28.73 95.33 -60.82
CA ASN ID 29 -28.53 96.43 -59.88
C ASN ID 29 -27.19 97.12 -60.08
N ASN ID 30 -26.77 97.29 -61.34
CA ASN ID 30 -25.52 97.99 -61.60
C ASN ID 30 -25.56 98.60 -63.00
N VAL ID 31 -24.57 99.44 -63.25
CA VAL ID 31 -24.48 100.23 -64.47
C VAL ID 31 -23.00 100.44 -64.77
N ASP ID 32 -22.62 100.26 -66.05
CA ASP ID 32 -21.24 100.34 -66.51
C ASP ID 32 -21.14 101.36 -67.63
N TYR ID 33 -20.35 102.42 -67.40
CA TYR ID 33 -20.09 103.47 -68.38
C TYR ID 33 -18.62 103.47 -68.78
N VAL ID 34 -18.36 103.86 -70.02
CA VAL ID 34 -17.02 103.90 -70.61
C VAL ID 34 -16.78 105.28 -71.18
N CYS ID 35 -15.56 105.79 -71.05
CA CYS ID 35 -15.23 107.10 -71.59
C CYS ID 35 -15.03 107.01 -73.09
N THR ID 36 -15.65 107.94 -73.83
CA THR ID 36 -15.65 107.95 -75.28
C THR ID 36 -14.73 109.02 -75.86
N ASP ID 37 -13.94 109.69 -75.03
CA ASP ID 37 -13.01 110.69 -75.50
C ASP ID 37 -11.85 110.01 -76.21
N PRO ID 38 -11.03 110.78 -76.94
CA PRO ID 38 -9.85 110.16 -77.58
C PRO ID 38 -8.80 109.67 -76.60
N ASP ID 39 -8.67 110.29 -75.41
CA ASP ID 39 -7.60 109.92 -74.49
C ASP ID 39 -7.83 108.56 -73.82
N SER ID 40 -9.04 108.02 -73.86
CA SER ID 40 -9.33 106.70 -73.31
C SER ID 40 -9.39 105.68 -74.43
N THR ID 41 -8.66 104.59 -74.27
CA THR ID 41 -8.62 103.47 -75.19
C THR ID 41 -8.70 102.20 -74.37
N LEU ID 42 -8.85 101.05 -75.04
CA LEU ID 42 -8.94 99.80 -74.30
C LEU ID 42 -7.66 99.54 -73.50
N SER ID 43 -6.52 100.05 -73.98
CA SER ID 43 -5.27 99.88 -73.24
C SER ID 43 -5.30 100.67 -71.93
N ALA ID 44 -5.90 101.86 -71.94
CA ALA ID 44 -5.96 102.71 -70.74
C ALA ID 44 -7.28 103.46 -70.72
N PRO ID 45 -8.35 102.79 -70.28
CA PRO ID 45 -9.69 103.36 -70.38
C PRO ID 45 -10.06 104.23 -69.18
N GLY ID 46 -11.14 104.97 -69.34
CA GLY ID 46 -11.84 105.62 -68.25
C GLY ID 46 -13.19 104.94 -68.05
N LEU ID 47 -13.51 104.66 -66.79
CA LEU ID 47 -14.66 103.81 -66.48
C LEU ID 47 -15.46 104.37 -65.31
N ILE ID 48 -16.77 104.14 -65.33
CA ILE ID 48 -17.62 104.45 -64.20
C ILE ID 48 -18.55 103.25 -63.95
N ASN ID 49 -18.74 102.92 -62.68
CA ASN ID 49 -19.52 101.74 -62.31
C ASN ID 49 -20.38 102.06 -61.09
N ALA ID 50 -21.63 101.63 -61.12
CA ALA ID 50 -22.54 101.90 -60.01
C ALA ID 50 -23.36 100.66 -59.69
N LYS ID 51 -23.62 100.43 -58.40
CA LYS ID 51 -24.31 99.23 -57.94
C LYS ID 51 -25.17 99.56 -56.74
N PHE ID 52 -26.32 98.89 -56.64
CA PHE ID 52 -27.18 99.00 -55.47
C PHE ID 52 -27.21 97.68 -54.70
N ASP ID 53 -26.96 97.76 -53.40
CA ASP ID 53 -27.24 96.67 -52.47
C ASP ID 53 -28.53 97.05 -51.76
N ILE ID 54 -29.63 96.41 -52.15
CA ILE ID 54 -30.96 96.80 -51.69
C ILE ID 54 -31.47 95.74 -50.73
N LYS ID 55 -31.74 96.14 -49.50
CA LYS ID 55 -32.21 95.19 -48.51
C LYS ID 55 -33.72 95.01 -48.63
N ALA ID 56 -34.22 93.95 -47.99
CA ALA ID 56 -35.61 93.56 -48.12
C ALA ID 56 -36.54 94.68 -47.64
N PRO ID 57 -37.80 94.66 -48.06
CA PRO ID 57 -38.74 95.69 -47.60
C PRO ID 57 -38.88 95.67 -46.08
N GLY ID 58 -39.05 96.85 -45.52
CA GLY ID 58 -39.12 97.04 -44.09
C GLY ID 58 -38.38 98.30 -43.71
N ILE ID 59 -38.26 98.54 -42.42
CA ILE ID 59 -37.52 99.70 -41.94
C ILE ID 59 -36.26 99.32 -41.18
N THR ID 60 -35.85 98.06 -41.27
CA THR ID 60 -34.78 97.56 -40.43
C THR ID 60 -33.39 97.85 -40.99
N GLY ID 61 -33.21 97.73 -42.30
CA GLY ID 61 -31.90 97.61 -42.88
C GLY ID 61 -31.19 98.92 -43.18
N ASN ID 62 -30.12 98.78 -43.96
CA ASN ID 62 -29.33 99.87 -44.52
C ASN ID 62 -29.09 99.57 -46.01
N ASP ID 63 -29.70 100.35 -46.89
CA ASP ID 63 -29.43 100.25 -48.32
C ASP ID 63 -28.05 100.83 -48.62
N ARG ID 64 -27.42 100.37 -49.71
CA ARG ID 64 -26.09 100.85 -50.06
C ARG ID 64 -25.97 101.13 -51.55
N ILE ID 65 -25.22 102.17 -51.87
CA ILE ID 65 -24.87 102.56 -53.23
C ILE ID 65 -23.36 102.49 -53.34
N HIS ID 66 -22.87 101.86 -54.41
CA HIS ID 66 -21.43 101.75 -54.68
C HIS ID 66 -21.15 102.39 -56.02
N ALA ID 67 -20.35 103.45 -56.03
CA ALA ID 67 -19.90 104.08 -57.26
C ALA ID 67 -18.39 103.99 -57.35
N ASN ID 68 -17.89 103.95 -58.58
CA ASN ID 68 -16.46 103.80 -58.79
C ASN ID 68 -16.08 104.48 -60.09
N LEU ID 69 -15.22 105.50 -60.01
CA LEU ID 69 -14.75 106.24 -61.17
C LEU ID 69 -13.27 105.99 -61.31
N ARG ID 70 -12.86 105.35 -62.40
CA ARG ID 70 -11.49 104.93 -62.60
C ARG ID 70 -10.91 105.52 -63.88
N LYS ID 71 -9.60 105.70 -63.89
CA LYS ID 71 -8.84 106.01 -65.09
C LYS ID 71 -7.52 105.25 -65.06
N VAL ID 72 -7.22 104.55 -66.14
CA VAL ID 72 -6.00 103.78 -66.27
C VAL ID 72 -4.96 104.63 -66.99
N VAL ID 73 -3.70 104.51 -66.59
CA VAL ID 73 -2.61 105.24 -67.22
C VAL ID 73 -1.47 104.26 -67.44
N LEU ID 74 -0.69 104.52 -68.50
CA LEU ID 74 0.42 103.68 -68.88
C LEU ID 74 1.74 104.40 -68.61
N ASP ID 75 2.72 103.66 -68.08
CA ASP ID 75 4.04 104.21 -67.81
C ASP ID 75 4.73 104.64 -69.10
N GLU ID 76 5.32 105.84 -69.10
CA GLU ID 76 6.04 106.29 -70.30
C GLU ID 76 7.21 105.40 -70.63
N LYS ID 77 7.77 104.70 -69.64
CA LYS ID 77 8.96 103.91 -69.87
C LYS ID 77 8.62 102.47 -70.23
N THR ID 78 7.55 101.92 -69.65
CA THR ID 78 7.25 100.50 -69.78
C THR ID 78 5.85 100.17 -70.30
N ASN ID 79 5.00 101.17 -70.53
CA ASN ID 79 3.59 100.96 -70.85
C ASN ID 79 2.89 100.06 -69.82
N LEU ID 80 3.38 100.06 -68.60
CA LEU ID 80 2.68 99.24 -67.61
C LEU ID 80 1.52 100.03 -67.02
N PRO ID 81 0.36 99.38 -66.88
CA PRO ID 81 -0.84 100.09 -66.44
C PRO ID 81 -0.88 100.21 -64.93
N SER ID 82 -1.24 101.39 -64.45
CA SER ID 82 -1.70 101.56 -63.09
C SER ID 82 -2.95 102.44 -63.13
N THR ID 83 -3.84 102.24 -62.17
CA THR ID 83 -5.15 102.88 -62.21
C THR ID 83 -5.30 103.83 -61.04
N GLY ID 84 -5.94 104.97 -61.31
CA GLY ID 84 -6.38 105.90 -60.28
C GLY ID 84 -7.87 105.80 -60.16
N SER ID 85 -8.38 105.95 -58.94
CA SER ID 85 -9.82 105.73 -58.76
C SER ID 85 -10.37 106.53 -57.60
N VAL ID 86 -11.61 106.94 -57.75
CA VAL ID 86 -12.42 107.49 -56.66
C VAL ID 86 -13.63 106.60 -56.50
N THR ID 87 -13.72 105.93 -55.35
CA THR ID 87 -14.86 105.07 -55.04
C THR ID 87 -15.71 105.73 -53.96
N ILE ID 88 -17.01 105.49 -54.03
CA ILE ID 88 -17.98 106.10 -53.14
C ILE ID 88 -18.92 105.01 -52.65
N GLN ID 89 -19.24 105.06 -51.35
CA GLN ID 89 -20.24 104.17 -50.79
C GLN ID 89 -21.21 104.99 -49.95
N VAL ID 90 -22.48 104.96 -50.35
CA VAL ID 90 -23.56 105.63 -49.64
C VAL ID 90 -24.34 104.57 -48.88
N SER ID 91 -24.58 104.81 -47.60
CA SER ID 91 -25.37 103.90 -46.77
C SER ID 91 -26.55 104.69 -46.21
N ILE ID 92 -27.76 104.29 -46.62
CA ILE ID 92 -29.03 104.95 -46.35
C ILE ID 92 -29.83 104.05 -45.40
N PRO ID 93 -30.05 104.46 -44.16
CA PRO ID 93 -30.91 103.66 -43.27
C PRO ID 93 -32.36 103.74 -43.67
N ARG ID 94 -33.11 102.72 -43.27
CA ARG ID 94 -34.53 102.61 -43.58
C ARG ID 94 -35.43 103.04 -42.42
N ASN ID 95 -34.86 103.20 -41.22
CA ASN ID 95 -35.58 103.80 -40.11
C ASN ID 95 -36.21 105.13 -40.55
N PRO ID 96 -37.53 105.28 -40.43
CA PRO ID 96 -38.19 106.49 -40.95
C PRO ID 96 -37.68 107.78 -40.36
N ALA ID 97 -36.80 107.70 -39.37
CA ALA ID 97 -36.13 108.87 -38.84
C ALA ID 97 -35.04 109.41 -39.77
N TRP ID 98 -34.88 108.82 -40.95
CA TRP ID 98 -33.95 109.27 -41.97
C TRP ID 98 -34.72 109.79 -43.18
N ASN ID 99 -34.08 110.67 -43.94
CA ASN ID 99 -34.70 111.31 -45.10
C ASN ID 99 -33.81 111.23 -46.33
N ALA ID 100 -34.47 111.18 -47.49
CA ALA ID 100 -33.77 111.47 -48.72
C ALA ID 100 -33.06 112.82 -48.64
N SER ID 101 -33.65 113.78 -47.91
CA SER ID 101 -33.00 115.07 -47.73
C SER ID 101 -31.67 114.91 -46.99
N MET ID 102 -31.62 114.00 -46.02
CA MET ID 102 -30.38 113.78 -45.28
C MET ID 102 -29.35 113.09 -46.16
N THR ID 103 -29.78 112.12 -46.98
CA THR ID 103 -28.89 111.53 -47.98
C THR ID 103 -28.28 112.60 -48.88
N VAL ID 104 -29.14 113.45 -49.45
CA VAL ID 104 -28.66 114.49 -50.36
C VAL ID 104 -27.73 115.45 -49.63
N SER ID 105 -28.03 115.75 -48.37
CA SER ID 105 -27.18 116.67 -47.62
C SER ID 105 -25.79 116.10 -47.43
N LEU ID 106 -25.70 114.81 -47.10
CA LEU ID 106 -24.37 114.19 -47.00
C LEU ID 106 -23.66 114.21 -48.35
N LEU ID 107 -24.37 113.94 -49.44
CA LEU ID 107 -23.73 113.97 -50.75
C LEU ID 107 -23.17 115.36 -51.05
N LYS ID 108 -23.97 116.40 -50.81
CA LYS ID 108 -23.53 117.77 -51.08
C LYS ID 108 -22.34 118.15 -50.21
N GLN ID 109 -22.35 117.74 -48.94
CA GLN ID 109 -21.24 118.07 -48.05
C GLN ID 109 -19.96 117.37 -48.49
N ALA ID 110 -20.05 116.08 -48.85
CA ALA ID 110 -18.88 115.39 -49.35
C ALA ID 110 -18.36 116.06 -50.62
N ALA ID 111 -19.26 116.49 -51.51
CA ALA ID 111 -18.84 117.17 -52.72
C ALA ID 111 -18.09 118.46 -52.39
N ASP ID 112 -18.66 119.27 -51.49
CA ASP ID 112 -17.99 120.50 -51.07
C ASP ID 112 -16.62 120.21 -50.46
N TYR ID 113 -16.53 119.18 -49.61
CA TYR ID 113 -15.30 119.02 -48.82
C TYR ID 113 -14.19 118.31 -49.58
N LEU ID 114 -14.51 117.44 -50.54
CA LEU ID 114 -13.47 116.74 -51.28
C LEU ID 114 -13.30 117.21 -52.71
N ALA ID 115 -14.31 117.84 -53.31
CA ALA ID 115 -14.20 118.39 -54.66
C ALA ID 115 -14.32 119.90 -54.72
N GLY ID 116 -14.85 120.54 -53.68
CA GLY ID 116 -15.00 121.98 -53.67
C GLY ID 116 -15.95 122.48 -54.74
N THR ID 117 -17.15 121.88 -54.82
CA THR ID 117 -18.10 122.19 -55.89
C THR ID 117 -19.47 122.64 -55.38
N SER ID 118 -19.64 122.81 -54.07
CA SER ID 118 -20.93 123.17 -53.52
C SER ID 118 -21.48 124.49 -54.11
N ALA ID 119 -22.78 124.68 -53.95
CA ALA ID 119 -23.45 125.92 -54.32
C ALA ID 119 -23.02 127.04 -53.37
N THR ID 120 -23.41 128.26 -53.71
CA THR ID 120 -22.98 129.44 -52.96
C THR ID 120 -23.96 129.76 -51.85
N VAL ID 121 -23.44 129.86 -50.62
CA VAL ID 121 -24.21 130.25 -49.44
C VAL ID 121 -23.35 131.25 -48.67
N SER ID 122 -24.02 132.06 -47.84
CA SER ID 122 -23.37 133.22 -47.23
C SER ID 122 -22.07 132.86 -46.54
N GLY ID 123 -22.13 132.10 -45.46
CA GLY ID 123 -20.95 131.94 -44.65
C GLY ID 123 -20.11 130.74 -44.97
N GLN ID 124 -20.16 130.27 -46.22
CA GLN ID 124 -19.54 128.98 -46.53
C GLN ID 124 -18.03 129.14 -46.51
N THR ID 125 -17.32 128.08 -46.16
CA THR ID 125 -15.87 128.16 -46.27
C THR ID 125 -15.44 127.92 -47.70
N ASP ID 126 -14.34 128.56 -48.06
CA ASP ID 126 -13.81 128.48 -49.42
C ASP ID 126 -13.15 127.12 -49.61
N THR ID 127 -13.77 126.28 -50.42
CA THR ID 127 -13.32 124.91 -50.64
C THR ID 127 -12.75 124.70 -52.03
N SER ID 128 -12.51 125.79 -52.77
CA SER ID 128 -12.05 125.65 -54.15
C SER ID 128 -10.68 124.96 -54.22
N GLY ID 129 -9.81 125.22 -53.24
CA GLY ID 129 -8.49 124.64 -53.25
C GLY ID 129 -8.38 123.30 -52.59
N PHE ID 130 -9.46 122.84 -51.99
CA PHE ID 130 -9.43 121.55 -51.29
C PHE ID 130 -9.09 120.38 -52.19
N PRO ID 131 -9.65 120.24 -53.41
CA PRO ID 131 -9.22 119.11 -54.25
C PRO ID 131 -7.73 119.11 -54.53
N ALA ID 132 -7.15 120.29 -54.77
CA ALA ID 132 -5.71 120.38 -54.94
C ALA ID 132 -4.97 119.89 -53.69
N LYS ID 133 -5.40 120.35 -52.52
CA LYS ID 133 -4.73 119.93 -51.28
C LYS ID 133 -4.86 118.43 -51.07
N TRP ID 134 -6.02 117.86 -51.39
CA TRP ID 134 -6.18 116.41 -51.27
C TRP ID 134 -5.23 115.69 -52.21
N ALA ID 135 -5.22 116.10 -53.48
CA ALA ID 135 -4.35 115.47 -54.47
C ALA ID 135 -2.88 115.58 -54.10
N GLY ID 136 -2.53 116.54 -53.25
CA GLY ID 136 -1.21 116.59 -52.68
C GLY ID 136 -1.03 115.79 -51.41
N LEU ID 137 -2.05 115.03 -51.01
CA LEU ID 137 -2.05 114.28 -49.74
C LEU ID 137 -1.78 115.20 -48.55
N MET ID 138 -2.56 116.27 -48.45
CA MET ID 138 -2.55 117.11 -47.27
C MET ID 138 -3.98 117.53 -46.95
N PHE ID 139 -4.24 117.66 -45.65
CA PHE ID 139 -5.58 118.00 -45.19
C PHE ID 139 -5.91 119.46 -45.51
N PRO ID 140 -7.16 119.75 -45.88
CA PRO ID 140 -7.66 121.12 -46.02
C PRO ID 140 -7.55 121.87 -44.70
N ALA JD 1 -34.40 95.55 -72.56
CA ALA JD 1 -35.76 95.90 -72.17
C ALA JD 1 -35.96 97.42 -72.14
N ALA JD 2 -37.22 97.84 -72.05
CA ALA JD 2 -37.53 99.26 -72.00
C ALA JD 2 -36.97 99.88 -70.74
N PRO JD 3 -36.31 101.05 -70.83
CA PRO JD 3 -35.69 101.64 -69.66
C PRO JD 3 -36.70 102.25 -68.69
N SER JD 4 -37.92 102.52 -69.12
CA SER JD 4 -38.92 103.11 -68.26
C SER JD 4 -40.30 102.82 -68.83
N LEU JD 5 -41.29 102.81 -67.93
CA LEU JD 5 -42.66 102.44 -68.26
C LEU JD 5 -43.63 103.38 -67.56
N ALA JD 6 -44.72 103.72 -68.25
CA ALA JD 6 -45.82 104.47 -67.69
C ALA JD 6 -47.07 103.60 -67.80
N LEU JD 7 -47.31 102.78 -66.79
CA LEU JD 7 -48.45 101.86 -66.83
C LEU JD 7 -49.68 102.55 -66.26
N VAL JD 8 -50.86 102.03 -66.62
CA VAL JD 8 -52.12 102.59 -66.12
C VAL JD 8 -52.61 101.74 -64.97
N GLY JD 9 -52.84 102.37 -63.82
CA GLY JD 9 -53.47 101.78 -62.67
C GLY JD 9 -54.63 102.65 -62.21
N ALA JD 10 -54.94 102.53 -60.93
CA ALA JD 10 -56.07 103.23 -60.34
C ALA JD 10 -55.66 103.91 -59.05
N ASN JD 11 -56.15 105.14 -58.86
CA ASN JD 11 -55.92 105.86 -57.61
C ASN JD 11 -56.98 105.43 -56.60
N SER JD 12 -57.09 106.17 -55.50
CA SER JD 12 -58.07 105.83 -54.47
C SER JD 12 -59.50 105.94 -54.97
N THR JD 13 -59.73 106.77 -55.99
CA THR JD 13 -61.05 106.93 -56.60
C THR JD 13 -61.34 105.84 -57.62
N LEU JD 14 -60.38 104.99 -57.93
CA LEU JD 14 -60.39 104.03 -59.05
C LEU JD 14 -60.31 104.72 -60.40
N ALA JD 15 -59.99 106.01 -60.44
CA ALA JD 15 -59.78 106.69 -61.71
C ALA JD 15 -58.45 106.26 -62.33
N SER JD 16 -58.41 106.19 -63.65
CA SER JD 16 -57.22 105.75 -64.35
C SER JD 16 -56.08 106.73 -64.14
N THR JD 17 -54.99 106.26 -63.53
CA THR JD 17 -53.85 107.08 -63.15
C THR JD 17 -52.57 106.43 -63.62
N LEU JD 18 -51.59 107.22 -64.05
CA LEU JD 18 -50.31 106.65 -64.42
C LEU JD 18 -49.50 106.26 -63.20
N VAL JD 19 -48.82 105.12 -63.32
CA VAL JD 19 -47.85 104.65 -62.35
C VAL JD 19 -46.56 104.37 -63.10
N ASN JD 20 -45.47 104.98 -62.63
CA ASN JD 20 -44.24 105.10 -63.39
C ASN JD 20 -43.17 104.18 -62.81
N TYR JD 21 -42.54 103.40 -63.69
CA TYR JD 21 -41.47 102.48 -63.30
C TYR JD 21 -40.23 102.80 -64.11
N SER JD 22 -39.05 102.60 -63.51
CA SER JD 22 -37.79 102.65 -64.23
C SER JD 22 -37.06 101.32 -64.08
N LEU JD 23 -36.28 100.99 -65.09
CA LEU JD 23 -35.55 99.73 -65.15
C LEU JD 23 -34.36 99.79 -64.22
N ARG JD 24 -34.48 99.10 -63.08
CA ARG JD 24 -33.39 99.05 -62.11
C ARG JD 24 -32.39 97.94 -62.42
N SER JD 25 -32.84 96.73 -62.76
CA SER JD 25 -31.87 95.70 -63.09
C SER JD 25 -32.38 94.79 -64.20
N GLN JD 26 -31.44 94.13 -64.87
CA GLN JD 26 -31.74 93.10 -65.85
C GLN JD 26 -30.59 92.12 -65.83
N ASN JD 27 -30.89 90.85 -65.59
CA ASN JD 27 -29.87 89.83 -65.37
C ASN JD 27 -30.47 88.47 -65.66
N GLY JD 28 -29.79 87.69 -66.50
CA GLY JD 28 -30.13 86.29 -66.70
C GLY JD 28 -31.57 86.08 -67.06
N ASN JD 29 -31.99 86.62 -68.20
CA ASN JD 29 -33.38 86.58 -68.64
C ASN JD 29 -34.32 86.97 -67.51
N ASN JD 30 -33.95 88.01 -66.78
CA ASN JD 30 -34.75 88.48 -65.68
C ASN JD 30 -34.72 90.01 -65.72
N VAL JD 31 -35.86 90.64 -65.45
CA VAL JD 31 -36.00 92.09 -65.59
C VAL JD 31 -36.75 92.64 -64.37
N ASP JD 32 -36.17 93.66 -63.72
CA ASP JD 32 -36.70 94.21 -62.48
C ASP JD 32 -36.84 95.72 -62.59
N TYR JD 33 -38.06 96.21 -62.41
CA TYR JD 33 -38.42 97.62 -62.42
C TYR JD 33 -38.80 98.08 -61.02
N VAL JD 34 -38.56 99.37 -60.74
CA VAL JD 34 -38.98 99.98 -59.49
C VAL JD 34 -39.85 101.20 -59.79
N CYS JD 35 -40.81 101.45 -58.90
CA CYS JD 35 -41.74 102.56 -59.09
C CYS JD 35 -41.10 103.87 -58.67
N THR JD 36 -41.19 104.87 -59.54
CA THR JD 36 -40.54 106.16 -59.34
C THR JD 36 -41.45 107.19 -58.68
N ASP JD 37 -42.68 106.84 -58.39
CA ASP JD 37 -43.67 107.77 -57.86
C ASP JD 37 -43.41 108.01 -56.38
N PRO JD 38 -44.05 109.01 -55.79
CA PRO JD 38 -43.87 109.25 -54.35
C PRO JD 38 -44.44 108.15 -53.48
N ASP JD 39 -45.44 107.41 -53.95
CA ASP JD 39 -46.06 106.37 -53.11
C ASP JD 39 -45.16 105.17 -52.89
N SER JD 40 -44.09 105.00 -53.68
CA SER JD 40 -43.11 103.96 -53.44
C SER JD 40 -41.91 104.59 -52.76
N THR JD 41 -41.64 104.15 -51.53
CA THR JD 41 -40.48 104.57 -50.76
C THR JD 41 -39.48 103.42 -50.73
N LEU JD 42 -38.31 103.70 -50.17
CA LEU JD 42 -37.33 102.63 -49.97
C LEU JD 42 -37.88 101.56 -49.06
N SER JD 43 -38.59 101.96 -48.02
CA SER JD 43 -39.04 101.00 -47.03
C SER JD 43 -40.23 100.20 -47.54
N ALA JD 44 -41.08 100.83 -48.34
CA ALA JD 44 -42.29 100.23 -48.89
C ALA JD 44 -42.39 100.56 -50.37
N PRO JD 45 -41.71 99.80 -51.22
CA PRO JD 45 -41.61 100.15 -52.63
C PRO JD 45 -42.70 99.52 -53.48
N GLY JD 46 -42.78 99.96 -54.72
CA GLY JD 46 -43.54 99.29 -55.76
C GLY JD 46 -42.57 98.68 -56.75
N LEU JD 47 -42.82 97.42 -57.12
CA LEU JD 47 -41.81 96.65 -57.82
C LEU JD 47 -42.45 95.80 -58.93
N ILE JD 48 -41.67 95.54 -59.98
CA ILE JD 48 -42.07 94.63 -61.03
C ILE JD 48 -40.93 93.68 -61.35
N ASN JD 49 -41.28 92.43 -61.62
CA ASN JD 49 -40.34 91.36 -61.90
C ASN JD 49 -40.84 90.56 -63.11
N ALA JD 50 -39.92 90.12 -63.98
CA ALA JD 50 -40.31 89.32 -65.14
C ALA JD 50 -39.18 88.37 -65.54
N LYS JD 51 -39.49 87.08 -65.60
CA LYS JD 51 -38.54 86.00 -65.86
C LYS JD 51 -38.96 85.18 -67.08
N PHE JD 52 -37.97 84.60 -67.75
CA PHE JD 52 -38.18 83.67 -68.87
C PHE JD 52 -37.54 82.33 -68.55
N ASP JD 53 -38.36 81.30 -68.44
CA ASP JD 53 -37.87 79.91 -68.46
C ASP JD 53 -37.95 79.45 -69.92
N ILE JD 54 -36.82 79.51 -70.62
CA ILE JD 54 -36.76 79.12 -72.02
C ILE JD 54 -36.18 77.73 -72.10
N LYS JD 55 -36.99 76.79 -72.59
CA LYS JD 55 -36.57 75.41 -72.74
C LYS JD 55 -35.62 75.29 -73.93
N ALA JD 56 -34.80 74.24 -73.90
CA ALA JD 56 -33.92 73.88 -75.01
C ALA JD 56 -34.71 73.73 -76.29
N PRO JD 57 -34.09 73.93 -77.46
CA PRO JD 57 -34.84 73.79 -78.72
C PRO JD 57 -35.47 72.41 -78.82
N GLY JD 58 -36.63 72.37 -79.45
CA GLY JD 58 -37.36 71.13 -79.54
C GLY JD 58 -38.83 71.39 -79.74
N ILE JD 59 -39.53 70.34 -80.12
CA ILE JD 59 -40.96 70.44 -80.36
C ILE JD 59 -41.77 70.08 -79.12
N THR JD 60 -41.10 69.59 -78.06
CA THR JD 60 -41.76 69.16 -76.84
C THR JD 60 -41.46 70.15 -75.72
N GLY JD 61 -42.39 70.23 -74.77
CA GLY JD 61 -42.23 71.06 -73.60
C GLY JD 61 -43.03 72.35 -73.70
N ASN JD 62 -43.00 73.09 -72.59
CA ASN JD 62 -43.60 74.42 -72.50
C ASN JD 62 -42.53 75.44 -72.14
N ASP JD 63 -42.55 76.58 -72.82
CA ASP JD 63 -41.82 77.77 -72.39
C ASP JD 63 -42.65 78.51 -71.35
N ARG JD 64 -41.98 79.23 -70.44
CA ARG JD 64 -42.75 79.89 -69.38
C ARG JD 64 -42.30 81.33 -69.17
N ILE JD 65 -43.28 82.19 -68.90
CA ILE JD 65 -43.08 83.60 -68.55
C ILE JD 65 -43.61 83.80 -67.15
N HIS JD 66 -42.82 84.45 -66.30
CA HIS JD 66 -43.25 84.79 -64.95
C HIS JD 66 -43.22 86.29 -64.78
N ALA JD 67 -44.23 86.84 -64.13
CA ALA JD 67 -44.31 88.28 -63.92
C ALA JD 67 -44.93 88.56 -62.56
N ASN JD 68 -44.41 89.55 -61.86
CA ASN JD 68 -44.90 89.90 -60.53
C ASN JD 68 -44.98 91.40 -60.41
N LEU JD 69 -46.15 91.91 -60.01
CA LEU JD 69 -46.35 93.33 -59.75
C LEU JD 69 -46.73 93.48 -58.28
N ARG JD 70 -45.87 94.17 -57.53
CA ARG JD 70 -45.92 94.22 -56.07
C ARG JD 70 -46.06 95.66 -55.60
N LYS JD 71 -46.79 95.84 -54.50
CA LYS JD 71 -46.75 97.07 -53.72
C LYS JD 71 -46.62 96.68 -52.25
N VAL JD 72 -45.59 97.20 -51.59
CA VAL JD 72 -45.35 96.95 -50.18
C VAL JD 72 -46.02 98.05 -49.38
N VAL JD 73 -46.59 97.69 -48.23
CA VAL JD 73 -47.22 98.65 -47.34
C VAL JD 73 -46.77 98.34 -45.92
N LEU JD 74 -46.54 99.38 -45.13
CA LEU JD 74 -46.09 99.27 -43.76
C LEU JD 74 -47.26 99.38 -42.79
N ASP JD 75 -47.22 98.58 -41.73
CA ASP JD 75 -48.24 98.67 -40.68
C ASP JD 75 -48.15 100.00 -39.96
N GLU JD 76 -49.32 100.57 -39.63
CA GLU JD 76 -49.35 101.88 -39.00
C GLU JD 76 -48.61 101.87 -37.67
N LYS JD 77 -48.82 100.82 -36.87
CA LYS JD 77 -48.22 100.76 -35.54
C LYS JD 77 -46.87 100.06 -35.57
N THR JD 78 -46.84 98.81 -36.06
CA THR JD 78 -45.62 98.01 -35.96
C THR JD 78 -44.59 98.33 -37.04
N ASN JD 79 -44.97 99.03 -38.10
CA ASN JD 79 -44.11 99.32 -39.25
C ASN JD 79 -43.58 98.04 -39.92
N LEU JD 80 -44.17 96.90 -39.61
CA LEU JD 80 -43.85 95.66 -40.31
C LEU JD 80 -44.42 95.71 -41.72
N PRO JD 81 -43.66 95.29 -42.71
CA PRO JD 81 -44.15 95.35 -44.09
C PRO JD 81 -44.96 94.13 -44.46
N SER JD 82 -46.11 94.32 -45.08
CA SER JD 82 -46.77 93.25 -45.81
C SER JD 82 -47.00 93.74 -47.24
N THR JD 83 -46.99 92.80 -48.17
CA THR JD 83 -46.96 93.15 -49.58
C THR JD 83 -48.14 92.54 -50.32
N GLY JD 84 -48.74 93.34 -51.21
CA GLY JD 84 -49.83 92.89 -52.06
C GLY JD 84 -49.34 92.75 -53.48
N SER JD 85 -49.82 91.72 -54.18
CA SER JD 85 -49.16 91.39 -55.44
C SER JD 85 -50.09 90.69 -56.42
N VAL JD 86 -49.96 91.05 -57.69
CA VAL JD 86 -50.57 90.31 -58.79
C VAL JD 86 -49.45 89.63 -59.57
N THR JD 87 -49.49 88.31 -59.65
CA THR JD 87 -48.46 87.56 -60.34
C THR JD 87 -49.07 86.69 -61.43
N ILE JD 88 -48.36 86.59 -62.56
CA ILE JD 88 -48.84 85.96 -63.78
C ILE JD 88 -47.82 84.92 -64.22
N GLN JD 89 -48.32 83.74 -64.61
CA GLN JD 89 -47.52 82.72 -65.28
C GLN JD 89 -48.14 82.39 -66.62
N VAL JD 90 -47.37 82.55 -67.69
CA VAL JD 90 -47.78 82.20 -69.04
C VAL JD 90 -47.02 80.95 -69.44
N SER JD 91 -47.74 79.92 -69.88
CA SER JD 91 -47.15 78.65 -70.31
C SER JD 91 -47.51 78.43 -71.78
N ILE JD 92 -46.51 78.50 -72.64
CA ILE JD 92 -46.63 78.45 -74.09
C ILE JD 92 -46.07 77.11 -74.56
N PRO JD 93 -46.91 76.20 -75.07
CA PRO JD 93 -46.39 74.94 -75.61
C PRO JD 93 -45.60 75.13 -76.89
N ARG JD 94 -44.86 74.09 -77.25
CA ARG JD 94 -44.01 74.11 -78.43
C ARG JD 94 -44.53 73.26 -79.59
N ASN JD 95 -45.58 72.49 -79.38
CA ASN JD 95 -46.24 71.82 -80.50
C ASN JD 95 -46.66 72.85 -81.53
N PRO JD 96 -46.30 72.68 -82.81
CA PRO JD 96 -46.63 73.70 -83.82
C PRO JD 96 -48.12 73.96 -83.93
N ALA JD 97 -48.94 73.14 -83.29
CA ALA JD 97 -50.37 73.37 -83.22
C ALA JD 97 -50.74 74.48 -82.24
N TRP JD 98 -49.77 75.17 -81.66
CA TRP JD 98 -50.00 76.35 -80.85
C TRP JD 98 -49.52 77.59 -81.60
N ASN JD 99 -50.12 78.74 -81.29
CA ASN JD 99 -49.77 79.99 -81.95
C ASN JD 99 -49.53 81.10 -80.96
N ALA JD 100 -48.65 82.03 -81.35
CA ALA JD 100 -48.58 83.29 -80.64
C ALA JD 100 -49.95 83.95 -80.57
N SER JD 101 -50.79 83.75 -81.61
CA SER JD 101 -52.14 84.30 -81.58
C SER JD 101 -52.93 83.72 -80.42
N MET JD 102 -52.73 82.43 -80.13
CA MET JD 102 -53.42 81.80 -79.02
C MET JD 102 -52.89 82.32 -77.68
N THR JD 103 -51.57 82.51 -77.59
CA THR JD 103 -51.00 83.13 -76.40
C THR JD 103 -51.62 84.50 -76.15
N VAL JD 104 -51.65 85.35 -77.19
CA VAL JD 104 -52.19 86.69 -77.06
C VAL JD 104 -53.68 86.64 -76.72
N SER JD 105 -54.40 85.68 -77.30
CA SER JD 105 -55.83 85.56 -77.00
C SER JD 105 -56.05 85.26 -75.53
N LEU JD 106 -55.26 84.34 -74.96
CA LEU JD 106 -55.39 84.07 -73.53
C LEU JD 106 -55.03 85.30 -72.69
N LEU JD 107 -53.98 86.03 -73.09
CA LEU JD 107 -53.62 87.24 -72.35
C LEU JD 107 -54.76 88.25 -72.36
N LYS JD 108 -55.35 88.48 -73.54
CA LYS JD 108 -56.43 89.46 -73.65
C LYS JD 108 -57.66 89.03 -72.85
N GLN JD 109 -57.96 87.72 -72.88
CA GLN JD 109 -59.12 87.24 -72.12
C GLN JD 109 -58.90 87.38 -70.62
N ALA JD 110 -57.69 87.07 -70.16
CA ALA JD 110 -57.38 87.27 -68.74
C ALA JD 110 -57.50 88.74 -68.36
N ALA JD 111 -56.99 89.63 -69.23
CA ALA JD 111 -57.13 91.05 -68.97
C ALA JD 111 -58.60 91.45 -68.87
N ASP JD 112 -59.44 90.94 -69.77
CA ASP JD 112 -60.86 91.27 -69.74
C ASP JD 112 -61.51 90.75 -68.45
N TYR JD 113 -61.18 89.51 -68.06
CA TYR JD 113 -61.95 88.87 -66.99
C TYR JD 113 -61.48 89.27 -65.60
N LEU JD 114 -60.19 89.55 -65.42
CA LEU JD 114 -59.70 89.92 -64.10
C LEU JD 114 -59.43 91.42 -63.95
N ALA JD 115 -59.23 92.14 -65.04
CA ALA JD 115 -59.00 93.57 -64.96
C ALA JD 115 -60.08 94.40 -65.64
N GLY JD 116 -60.88 93.82 -66.52
CA GLY JD 116 -61.92 94.55 -67.20
C GLY JD 116 -61.40 95.64 -68.13
N THR JD 117 -60.44 95.28 -69.00
CA THR JD 117 -59.78 96.26 -69.86
C THR JD 117 -59.81 95.90 -71.34
N SER JD 118 -60.53 94.85 -71.73
CA SER JD 118 -60.59 94.45 -73.14
C SER JD 118 -61.02 95.60 -74.05
N ALA JD 119 -60.65 95.47 -75.33
CA ALA JD 119 -61.13 96.37 -76.36
C ALA JD 119 -62.63 96.19 -76.58
N THR JD 120 -63.23 97.15 -77.27
CA THR JD 120 -64.68 97.13 -77.47
C THR JD 120 -65.05 96.25 -78.67
N VAL JD 121 -65.97 95.32 -78.43
CA VAL JD 121 -66.51 94.41 -79.43
C VAL JD 121 -68.01 94.26 -79.15
N SER JD 122 -68.81 94.25 -80.21
CA SER JD 122 -70.25 94.08 -80.07
C SER JD 122 -70.56 92.76 -79.36
N GLY JD 123 -71.38 92.83 -78.32
CA GLY JD 123 -71.77 91.65 -77.59
C GLY JD 123 -70.85 91.23 -76.48
N GLN JD 124 -69.85 92.04 -76.13
CA GLN JD 124 -68.93 91.62 -75.08
C GLN JD 124 -69.61 91.81 -73.73
N THR JD 125 -69.27 90.98 -72.76
CA THR JD 125 -69.84 91.22 -71.44
C THR JD 125 -69.13 92.39 -70.77
N ASP JD 126 -69.90 93.17 -70.02
CA ASP JD 126 -69.38 94.34 -69.34
C ASP JD 126 -68.55 93.88 -68.15
N THR JD 127 -67.25 94.05 -68.25
CA THR JD 127 -66.30 93.60 -67.25
C THR JD 127 -65.76 94.75 -66.41
N SER JD 128 -66.35 95.94 -66.55
CA SER JD 128 -65.81 97.13 -65.89
C SER JD 128 -65.76 96.95 -64.37
N GLY JD 129 -66.80 96.35 -63.78
CA GLY JD 129 -66.86 96.17 -62.36
C GLY JD 129 -66.21 94.92 -61.84
N PHE JD 130 -65.72 94.09 -62.75
CA PHE JD 130 -65.08 92.84 -62.32
C PHE JD 130 -63.86 93.04 -61.45
N PRO JD 131 -62.92 93.97 -61.75
CA PRO JD 131 -61.79 94.14 -60.82
C PRO JD 131 -62.24 94.53 -59.41
N ALA JD 132 -63.27 95.37 -59.30
CA ALA JD 132 -63.82 95.69 -57.99
C ALA JD 132 -64.35 94.44 -57.30
N LYS JD 133 -65.14 93.64 -58.02
CA LYS JD 133 -65.68 92.42 -57.41
C LYS JD 133 -64.56 91.47 -56.99
N TRP JD 134 -63.50 91.37 -57.80
CA TRP JD 134 -62.37 90.51 -57.42
C TRP JD 134 -61.70 91.03 -56.15
N ALA JD 135 -61.42 92.33 -56.11
CA ALA JD 135 -60.79 92.92 -54.92
C ALA JD 135 -61.64 92.71 -53.68
N GLY JD 136 -62.95 92.56 -53.86
CA GLY JD 136 -63.81 92.16 -52.76
C GLY JD 136 -63.94 90.67 -52.52
N LEU JD 137 -63.19 89.85 -53.25
CA LEU JD 137 -63.30 88.39 -53.18
C LEU JD 137 -64.71 87.92 -53.51
N MET JD 138 -65.20 88.35 -54.66
CA MET JD 138 -66.53 87.97 -55.14
C MET JD 138 -66.40 87.55 -56.60
N PHE JD 139 -66.93 86.39 -56.93
CA PHE JD 139 -66.91 85.96 -58.32
C PHE JD 139 -67.80 86.86 -59.15
N PRO JD 140 -67.34 87.33 -60.31
CA PRO JD 140 -68.11 88.16 -61.24
C PRO JD 140 -69.36 87.45 -61.73
N ALA KD 1 -16.84 125.41 16.07
CA ALA KD 1 -15.42 125.64 16.32
C ALA KD 1 -14.93 126.93 15.68
N ALA KD 2 -13.93 127.55 16.31
CA ALA KD 2 -13.36 128.77 15.78
C ALA KD 2 -12.62 128.50 14.48
N PRO KD 3 -12.69 129.40 13.50
CA PRO KD 3 -12.04 129.14 12.21
C PRO KD 3 -10.53 129.28 12.27
N SER KD 4 -10.00 130.05 13.22
CA SER KD 4 -8.57 130.27 13.30
C SER KD 4 -8.23 130.74 14.71
N LEU KD 5 -6.96 130.57 15.06
CA LEU KD 5 -6.48 130.81 16.41
C LEU KD 5 -5.10 131.46 16.34
N ALA KD 6 -4.85 132.39 17.25
CA ALA KD 6 -3.52 132.97 17.46
C ALA KD 6 -3.16 132.70 18.91
N LEU KD 7 -2.47 131.59 19.15
CA LEU KD 7 -2.13 131.18 20.51
C LEU KD 7 -0.76 131.72 20.87
N VAL KD 8 -0.53 131.93 22.17
CA VAL KD 8 0.77 132.42 22.62
C VAL KD 8 1.67 131.24 22.98
N GLY KD 9 2.87 131.22 22.41
CA GLY KD 9 3.91 130.27 22.73
C GLY KD 9 5.22 131.00 22.96
N ALA KD 10 6.32 130.28 22.72
CA ALA KD 10 7.66 130.81 22.98
C ALA KD 10 8.59 130.52 21.82
N ASN KD 11 9.45 131.49 21.50
CA ASN KD 11 10.47 131.34 20.48
C ASN KD 11 11.71 130.72 21.10
N SER KD 12 12.83 130.75 20.36
CA SER KD 12 14.07 130.19 20.89
C SER KD 12 14.59 130.98 22.08
N THR KD 13 14.25 132.27 22.18
CA THR KD 13 14.59 133.11 23.32
C THR KD 13 13.66 132.88 24.51
N LEU KD 14 12.56 132.14 24.31
CA LEU KD 14 11.47 131.97 25.26
C LEU KD 14 10.66 133.24 25.44
N ALA KD 15 10.78 134.20 24.53
CA ALA KD 15 9.91 135.35 24.52
C ALA KD 15 8.55 134.98 23.97
N SER KD 16 7.50 135.64 24.47
CA SER KD 16 6.14 135.32 24.06
C SER KD 16 5.94 135.65 22.59
N THR KD 17 5.56 134.65 21.80
CA THR KD 17 5.42 134.78 20.36
C THR KD 17 4.08 134.19 19.94
N LEU KD 18 3.44 134.80 18.95
CA LEU KD 18 2.22 134.21 18.43
C LEU KD 18 2.52 132.99 17.57
N VAL KD 19 1.61 132.03 17.62
CA VAL KD 19 1.62 130.86 16.76
C VAL KD 19 0.22 130.68 16.21
N ASN KD 20 0.11 130.62 14.88
CA ASN KD 20 -1.15 130.77 14.18
C ASN KD 20 -1.62 129.40 13.71
N TYR KD 21 -2.83 129.03 14.11
CA TYR KD 21 -3.49 127.83 13.66
C TYR KD 21 -4.74 128.20 12.88
N SER KD 22 -5.12 127.33 11.95
CA SER KD 22 -6.36 127.49 11.20
C SER KD 22 -7.07 126.15 11.15
N LEU KD 23 -8.39 126.19 11.09
CA LEU KD 23 -9.21 124.99 11.18
C LEU KD 23 -9.03 124.14 9.94
N ARG KD 24 -8.40 122.97 10.09
CA ARG KD 24 -8.38 122.00 9.01
C ARG KD 24 -9.74 121.35 8.84
N SER KD 25 -10.25 120.71 9.89
CA SER KD 25 -11.52 120.02 9.71
C SER KD 25 -12.24 119.85 11.04
N GLN KD 26 -13.56 119.97 11.00
CA GLN KD 26 -14.40 119.60 12.13
C GLN KD 26 -15.17 118.33 11.78
N ASN KD 27 -14.89 117.28 12.52
CA ASN KD 27 -15.72 116.10 12.60
C ASN KD 27 -16.66 116.26 13.79
N GLY KD 28 -17.64 115.37 13.90
CA GLY KD 28 -18.59 115.48 14.99
C GLY KD 28 -17.94 115.34 16.35
N ASN KD 29 -17.96 116.41 17.14
CA ASN KD 29 -17.28 116.47 18.43
C ASN KD 29 -15.77 116.21 18.29
N ASN KD 30 -15.20 116.67 17.17
CA ASN KD 30 -13.78 116.52 16.94
C ASN KD 30 -13.30 117.66 16.07
N VAL KD 31 -12.14 118.23 16.41
CA VAL KD 31 -11.63 119.40 15.71
C VAL KD 31 -10.14 119.24 15.46
N ASP KD 32 -9.71 119.55 14.24
CA ASP KD 32 -8.31 119.47 13.83
C ASP KD 32 -7.87 120.82 13.27
N TYR KD 33 -6.87 121.43 13.91
CA TYR KD 33 -6.24 122.67 13.51
C TYR KD 33 -4.82 122.41 13.03
N VAL KD 34 -4.34 123.27 12.13
CA VAL KD 34 -2.99 123.17 11.54
C VAL KD 34 -2.30 124.51 11.68
N CYS KD 35 -1.01 124.49 11.94
CA CYS KD 35 -0.23 125.71 12.07
C CYS KD 35 0.05 126.31 10.70
N THR KD 36 -0.23 127.61 10.55
CA THR KD 36 -0.09 128.33 9.29
C THR KD 36 1.18 129.16 9.21
N ASP KD 37 2.09 129.01 10.17
CA ASP KD 37 3.34 129.73 10.14
C ASP KD 37 4.30 129.06 9.18
N PRO KD 38 5.41 129.72 8.85
CA PRO KD 38 6.49 129.02 8.12
C PRO KD 38 7.15 127.92 8.94
N ASP KD 39 6.96 127.90 10.27
CA ASP KD 39 7.54 126.86 11.11
C ASP KD 39 7.02 125.48 10.74
N SER KD 40 5.72 125.37 10.48
CA SER KD 40 5.13 124.10 10.09
C SER KD 40 5.02 124.02 8.58
N THR KD 41 5.32 122.84 8.06
CA THR KD 41 5.08 122.46 6.68
C THR KD 41 4.29 121.16 6.70
N LEU KD 42 3.80 120.75 5.54
CA LEU KD 42 3.11 119.45 5.49
C LEU KD 42 4.03 118.33 5.93
N SER KD 43 5.33 118.44 5.62
CA SER KD 43 6.27 117.38 5.99
C SER KD 43 6.49 117.32 7.49
N ALA KD 44 6.56 118.47 8.15
CA ALA KD 44 6.78 118.55 9.60
C ALA KD 44 5.82 119.58 10.19
N PRO KD 45 4.57 119.20 10.43
CA PRO KD 45 3.54 120.17 10.79
C PRO KD 45 3.43 120.42 12.28
N GLY KD 46 2.73 121.51 12.60
CA GLY KD 46 2.24 121.77 13.94
C GLY KD 46 0.74 121.57 13.92
N LEU KD 47 0.24 120.85 14.92
CA LEU KD 47 -1.13 120.35 14.84
C LEU KD 47 -1.83 120.46 16.19
N ILE KD 48 -3.15 120.61 16.14
CA ILE KD 48 -3.98 120.58 17.34
C ILE KD 48 -5.18 119.69 17.08
N ASN KD 49 -5.56 118.91 18.07
CA ASN KD 49 -6.71 118.01 18.01
C ASN KD 49 -7.50 118.11 19.30
N ALA KD 50 -8.84 118.18 19.18
CA ALA KD 50 -9.71 118.27 20.34
C ALA KD 50 -10.93 117.39 20.16
N LYS KD 51 -11.21 116.54 21.16
CA LYS KD 51 -12.25 115.51 21.08
C LYS KD 51 -13.11 115.57 22.34
N PHE KD 52 -14.36 115.11 22.18
CA PHE KD 52 -15.34 115.06 23.26
C PHE KD 52 -15.91 113.66 23.38
N ASP KD 53 -15.57 112.98 24.47
CA ASP KD 53 -16.17 111.71 24.85
C ASP KD 53 -17.35 112.02 25.76
N ILE KD 54 -18.54 112.13 25.17
CA ILE KD 54 -19.76 112.47 25.88
C ILE KD 54 -20.62 111.23 25.99
N LYS KD 55 -20.89 110.80 27.21
CA LYS KD 55 -21.66 109.59 27.44
C LYS KD 55 -23.14 109.88 27.19
N ALA KD 56 -23.91 108.80 27.02
CA ALA KD 56 -25.34 108.93 26.80
C ALA KD 56 -25.98 109.70 27.95
N PRO KD 57 -27.02 110.48 27.68
CA PRO KD 57 -27.61 111.31 28.74
C PRO KD 57 -28.18 110.53 29.91
N GLY KD 58 -28.71 109.32 29.66
CA GLY KD 58 -29.20 108.51 30.77
C GLY KD 58 -28.08 108.00 31.66
N ILE KD 59 -26.96 107.59 31.05
CA ILE KD 59 -25.86 106.96 31.78
C ILE KD 59 -25.11 108.00 32.60
N THR KD 60 -24.77 107.65 33.85
CA THR KD 60 -23.85 108.45 34.65
C THR KD 60 -22.43 107.92 34.47
N GLY KD 61 -21.51 108.83 34.27
CA GLY KD 61 -20.10 108.51 34.19
C GLY KD 61 -19.33 109.80 34.27
N ASN KD 62 -18.18 109.83 33.63
CA ASN KD 62 -17.43 111.07 33.44
C ASN KD 62 -17.47 111.43 31.96
N ASP KD 63 -17.77 112.69 31.68
CA ASP KD 63 -17.54 113.24 30.34
C ASP KD 63 -16.06 113.58 30.22
N ARG KD 64 -15.52 113.45 29.00
CA ARG KD 64 -14.09 113.62 28.81
C ARG KD 64 -13.77 114.55 27.65
N ILE KD 65 -12.71 115.33 27.82
CA ILE KD 65 -12.14 116.18 26.79
C ILE KD 65 -10.72 115.72 26.53
N HIS KD 66 -10.39 115.52 25.24
CA HIS KD 66 -9.04 115.11 24.85
C HIS KD 66 -8.44 116.17 23.95
N ALA KD 67 -7.35 116.79 24.38
CA ALA KD 67 -6.66 117.79 23.58
C ALA KD 67 -5.23 117.36 23.33
N ASN KD 68 -4.71 117.71 22.16
CA ASN KD 68 -3.36 117.31 21.76
C ASN KD 68 -2.75 118.43 20.93
N LEU KD 69 -1.60 118.93 21.37
CA LEU KD 69 -0.85 119.96 20.66
C LEU KD 69 0.52 119.39 20.29
N ARG KD 70 0.79 119.28 18.99
CA ARG KD 70 1.94 118.55 18.47
C ARG KD 70 2.80 119.49 17.63
N LYS KD 71 4.10 119.22 17.62
CA LYS KD 71 5.02 119.79 16.64
C LYS KD 71 5.94 118.66 16.16
N VAL KD 72 5.93 118.42 14.85
CA VAL KD 72 6.79 117.42 14.23
C VAL KD 72 8.10 118.09 13.85
N VAL KD 73 9.21 117.37 14.02
CA VAL KD 73 10.52 117.87 13.62
C VAL KD 73 11.23 116.77 12.84
N LEU KD 74 12.04 117.19 11.86
CA LEU KD 74 12.78 116.27 11.02
C LEU KD 74 14.24 116.22 11.47
N ASP KD 75 14.81 115.02 11.48
CA ASP KD 75 16.23 114.87 11.77
C ASP KD 75 17.06 115.50 10.66
N GLU KD 76 18.09 116.26 11.05
CA GLU KD 76 18.96 116.85 10.04
C GLU KD 76 19.60 115.78 9.16
N LYS KD 77 20.10 114.71 9.77
CA LYS KD 77 20.84 113.71 9.01
C LYS KD 77 19.90 112.77 8.25
N THR KD 78 18.85 112.26 8.89
CA THR KD 78 18.02 111.22 8.27
C THR KD 78 16.68 111.71 7.74
N ASN KD 79 16.29 112.95 8.04
CA ASN KD 79 14.97 113.49 7.70
C ASN KD 79 13.82 112.63 8.24
N LEU KD 80 14.11 111.73 9.18
CA LEU KD 80 13.08 110.97 9.84
C LEU KD 80 12.33 111.86 10.83
N PRO KD 81 11.03 111.76 10.88
CA PRO KD 81 10.25 112.65 11.75
C PRO KD 81 10.09 112.09 13.14
N SER KD 82 10.37 112.90 14.14
CA SER KD 82 9.92 112.60 15.49
C SER KD 82 9.14 113.80 16.00
N THR KD 83 8.17 113.53 16.86
CA THR KD 83 7.19 114.54 17.23
C THR KD 83 7.22 114.79 18.74
N GLY KD 84 6.97 116.04 19.11
CA GLY KD 84 6.86 116.43 20.51
C GLY KD 84 5.46 116.96 20.77
N SER KD 85 4.91 116.61 21.94
CA SER KD 85 3.48 116.87 22.11
C SER KD 85 3.12 117.13 23.57
N VAL KD 86 2.08 117.94 23.75
CA VAL KD 86 1.41 118.11 25.04
C VAL KD 86 -0.03 117.65 24.87
N THR KD 87 -0.43 116.64 25.64
CA THR KD 87 -1.79 116.12 25.61
C THR KD 87 -2.45 116.36 26.96
N ILE KD 88 -3.76 116.59 26.91
CA ILE KD 88 -4.56 117.00 28.06
C ILE KD 88 -5.84 116.20 28.07
N GLN KD 89 -6.21 115.66 29.22
CA GLN KD 89 -7.46 114.94 29.35
C GLN KD 89 -8.22 115.54 30.53
N VAL KD 90 -9.41 116.04 30.26
CA VAL KD 90 -10.27 116.62 31.29
C VAL KD 90 -11.40 115.65 31.54
N SER KD 91 -11.53 115.18 32.77
CA SER KD 91 -12.59 114.25 33.17
C SER KD 91 -13.52 114.97 34.14
N ILE KD 92 -14.73 115.25 33.67
CA ILE KD 92 -15.74 116.02 34.37
C ILE KD 92 -16.85 115.07 34.83
N PRO KD 93 -17.11 114.94 36.12
CA PRO KD 93 -18.19 114.05 36.57
C PRO KD 93 -19.57 114.64 36.36
N ARG KD 94 -20.54 113.73 36.17
CA ARG KD 94 -21.93 114.09 35.91
C ARG KD 94 -22.77 114.26 37.18
N ASN KD 95 -22.14 114.51 38.30
CA ASN KD 95 -22.83 114.75 39.58
C ASN KD 95 -23.03 116.24 39.78
N PRO KD 96 -24.24 116.71 40.09
CA PRO KD 96 -24.43 118.17 40.32
C PRO KD 96 -23.54 118.74 41.40
N ALA KD 97 -22.93 117.89 42.23
CA ALA KD 97 -21.97 118.36 43.21
C ALA KD 97 -20.67 118.88 42.58
N TRP KD 98 -20.52 118.71 41.27
CA TRP KD 98 -19.41 119.27 40.50
C TRP KD 98 -19.97 120.34 39.57
N ASN KD 99 -19.16 121.35 39.27
CA ASN KD 99 -19.64 122.39 38.37
C ASN KD 99 -18.50 122.97 37.54
N ALA KD 100 -18.90 123.84 36.61
CA ALA KD 100 -17.95 124.39 35.67
C ALA KD 100 -16.89 125.23 36.36
N SER KD 101 -17.23 125.86 37.49
CA SER KD 101 -16.22 126.61 38.23
C SER KD 101 -15.09 125.70 38.68
N MET KD 102 -15.43 124.47 39.06
CA MET KD 102 -14.40 123.52 39.47
C MET KD 102 -13.60 123.01 38.28
N THR KD 103 -14.27 122.76 37.16
CA THR KD 103 -13.54 122.41 35.94
C THR KD 103 -12.51 123.49 35.60
N VAL KD 104 -12.96 124.75 35.58
CA VAL KD 104 -12.08 125.86 35.24
C VAL KD 104 -10.98 126.00 36.27
N SER KD 105 -11.30 125.76 37.55
CA SER KD 105 -10.27 125.87 38.58
C SER KD 105 -9.15 124.86 38.34
N LEU KD 106 -9.50 123.62 38.01
CA LEU KD 106 -8.46 122.65 37.69
C LEU KD 106 -7.66 123.07 36.47
N LEU KD 107 -8.33 123.59 35.44
CA LEU KD 107 -7.59 124.04 34.26
C LEU KD 107 -6.61 125.16 34.61
N LYS KD 108 -7.05 126.14 35.40
CA LYS KD 108 -6.19 127.26 35.77
C LYS KD 108 -5.01 126.79 36.61
N GLN KD 109 -5.24 125.85 37.53
CA GLN KD 109 -4.15 125.38 38.37
C GLN KD 109 -3.13 124.61 37.56
N ALA KD 110 -3.61 123.77 36.63
CA ALA KD 110 -2.67 123.06 35.75
C ALA KD 110 -1.85 124.05 34.92
N ALA KD 111 -2.51 125.10 34.41
CA ALA KD 111 -1.80 126.12 33.66
C ALA KD 111 -0.71 126.77 34.52
N ASP KD 112 -1.07 127.17 35.75
CA ASP KD 112 -0.09 127.78 36.63
C ASP KD 112 1.08 126.83 36.89
N TYR KD 113 0.80 125.56 37.16
CA TYR KD 113 1.86 124.68 37.66
C TYR KD 113 2.73 124.12 36.55
N LEU KD 114 2.22 123.96 35.33
CA LEU KD 114 3.04 123.41 34.26
C LEU KD 114 3.47 124.42 33.21
N ALA KD 115 2.75 125.53 33.05
CA ALA KD 115 3.14 126.56 32.11
C ALA KD 115 3.53 127.87 32.77
N GLY KD 116 3.15 128.06 34.04
CA GLY KD 116 3.47 129.28 34.75
C GLY KD 116 2.81 130.50 34.13
N THR KD 117 1.49 130.44 33.92
CA THR KD 117 0.77 131.53 33.27
C THR KD 117 -0.45 132.02 34.04
N SER KD 118 -0.61 131.64 35.30
CA SER KD 118 -1.71 132.11 36.12
C SER KD 118 -1.80 133.64 36.16
N ALA KD 119 -3.00 134.13 36.49
CA ALA KD 119 -3.21 135.55 36.76
C ALA KD 119 -2.52 135.96 38.06
N THR KD 120 -2.21 137.24 38.17
CA THR KD 120 -1.52 137.73 39.36
C THR KD 120 -2.47 137.73 40.56
N VAL KD 121 -2.05 137.06 41.62
CA VAL KD 121 -2.81 136.94 42.87
C VAL KD 121 -1.81 136.93 44.01
N SER KD 122 -2.02 137.77 45.03
CA SER KD 122 -1.01 137.92 46.06
C SER KD 122 -0.84 136.62 46.83
N GLY KD 123 0.42 136.25 47.06
CA GLY KD 123 0.74 135.01 47.75
C GLY KD 123 0.95 133.81 46.85
N GLN KD 124 0.75 133.96 45.54
CA GLN KD 124 1.00 132.88 44.61
C GLN KD 124 2.50 132.58 44.53
N THR KD 125 2.82 131.30 44.37
CA THR KD 125 4.21 130.96 44.11
C THR KD 125 4.61 131.42 42.72
N ASP KD 126 5.87 131.82 42.57
CA ASP KD 126 6.39 132.30 41.30
C ASP KD 126 6.63 131.10 40.41
N THR KD 127 5.69 130.85 39.52
CA THR KD 127 5.70 129.70 38.64
C THR KD 127 6.34 129.99 37.30
N SER KD 128 6.94 131.17 37.14
CA SER KD 128 7.45 131.59 35.83
C SER KD 128 8.52 130.64 35.30
N GLY KD 129 9.37 130.11 36.18
CA GLY KD 129 10.44 129.24 35.75
C GLY KD 129 10.08 127.79 35.67
N PHE KD 130 8.87 127.45 36.11
CA PHE KD 130 8.45 126.05 36.11
C PHE KD 130 8.44 125.42 34.72
N PRO KD 131 7.96 126.07 33.64
CA PRO KD 131 8.04 125.41 32.34
C PRO KD 131 9.47 125.09 31.93
N ALA KD 132 10.42 125.98 32.22
CA ALA KD 132 11.82 125.68 31.98
C ALA KD 132 12.25 124.45 32.75
N LYS KD 133 11.93 124.39 34.06
CA LYS KD 133 12.33 123.23 34.85
C LYS KD 133 11.71 121.95 34.31
N TRP KD 134 10.43 122.00 33.92
CA TRP KD 134 9.79 120.81 33.37
C TRP KD 134 10.47 120.36 32.10
N ALA KD 135 10.75 121.30 31.18
CA ALA KD 135 11.45 120.98 29.95
C ALA KD 135 12.84 120.43 30.21
N GLY KD 136 13.39 120.66 31.40
CA GLY KD 136 14.61 120.00 31.80
C GLY KD 136 14.44 118.68 32.55
N LEU KD 137 13.22 118.17 32.67
CA LEU KD 137 12.89 117.01 33.51
C LEU KD 137 13.35 117.21 34.94
N MET KD 138 12.95 118.34 35.52
CA MET KD 138 13.25 118.70 36.90
C MET KD 138 11.96 119.10 37.59
N PHE KD 139 11.70 118.57 38.77
CA PHE KD 139 10.53 118.99 39.51
C PHE KD 139 10.72 120.42 40.00
N PRO KD 140 9.72 121.29 39.85
CA PRO KD 140 9.79 122.67 40.36
C PRO KD 140 10.03 122.69 41.86
N ALA LD 1 -25.78 124.47 9.20
CA ALA LD 1 -26.78 124.48 10.26
C ALA LD 1 -26.73 125.78 11.06
N ALA LD 2 -27.87 126.17 11.64
CA ALA LD 2 -27.93 127.39 12.43
C ALA LD 2 -27.03 127.27 13.66
N PRO LD 3 -26.20 128.27 13.94
CA PRO LD 3 -25.29 128.16 15.09
C PRO LD 3 -25.99 128.21 16.43
N SER LD 4 -27.20 128.76 16.50
CA SER LD 4 -27.93 128.84 17.75
C SER LD 4 -29.41 128.96 17.46
N LEU LD 5 -30.22 128.59 18.45
CA LEU LD 5 -31.66 128.52 18.32
C LEU LD 5 -32.33 129.05 19.58
N ALA LD 6 -33.46 129.72 19.40
CA ALA LD 6 -34.29 130.17 20.51
C ALA LD 6 -35.68 129.60 20.26
N LEU LD 7 -35.95 128.43 20.83
CA LEU LD 7 -37.20 127.73 20.57
C LEU LD 7 -38.22 128.05 21.66
N VAL LD 8 -39.49 127.91 21.34
CA VAL LD 8 -40.55 128.18 22.31
C VAL LD 8 -40.95 126.87 22.99
N GLY LD 9 -40.95 126.89 24.32
CA GLY LD 9 -41.45 125.78 25.12
C GLY LD 9 -42.37 126.32 26.20
N ALA LD 10 -42.55 125.57 27.28
CA ALA LD 10 -43.46 125.95 28.34
C ALA LD 10 -42.75 125.93 29.69
N ASN LD 11 -43.04 126.94 30.52
CA ASN LD 11 -42.51 127.00 31.88
C ASN LD 11 -43.34 126.08 32.77
N SER LD 12 -43.13 126.18 34.08
CA SER LD 12 -43.90 125.36 35.02
C SER LD 12 -45.39 125.66 34.96
N THR LD 13 -45.77 126.84 34.47
CA THR LD 13 -47.17 127.25 34.36
C THR LD 13 -47.73 127.02 32.97
N LEU LD 14 -46.93 126.48 32.06
CA LEU LD 14 -47.29 126.23 30.66
C LEU LD 14 -47.37 127.52 29.85
N ALA LD 15 -46.80 128.62 30.35
CA ALA LD 15 -46.68 129.82 29.56
C ALA LD 15 -45.53 129.70 28.56
N SER LD 16 -45.71 130.31 27.39
CA SER LD 16 -44.69 130.23 26.37
C SER LD 16 -43.42 130.91 26.84
N THR LD 17 -42.31 130.17 26.82
CA THR LD 17 -41.03 130.63 27.32
C THR LD 17 -39.93 130.23 26.35
N LEU LD 18 -38.95 131.10 26.15
CA LEU LD 18 -37.84 130.71 25.29
C LEU LD 18 -36.94 129.70 25.96
N VAL LD 19 -36.36 128.84 25.12
CA VAL LD 19 -35.37 127.84 25.52
C VAL LD 19 -34.24 127.91 24.50
N ASN LD 20 -33.03 128.15 24.98
CA ASN LD 20 -31.91 128.55 24.15
C ASN LD 20 -30.97 127.37 23.93
N TYR LD 21 -30.74 127.03 22.67
CA TYR LD 21 -29.82 125.98 22.29
C TYR LD 21 -28.69 126.58 21.48
N SER LD 22 -27.52 125.95 21.55
CA SER LD 22 -26.37 126.32 20.74
C SER LD 22 -25.80 125.06 20.09
N LEU LD 23 -25.25 125.25 18.90
CA LEU LD 23 -24.75 124.14 18.09
C LEU LD 23 -23.43 123.63 18.65
N ARG LD 24 -23.43 122.38 19.12
CA ARG LD 24 -22.21 121.81 19.68
C ARG LD 24 -21.27 121.32 18.58
N SER LD 25 -21.76 120.52 17.63
CA SER LD 25 -20.95 120.03 16.54
C SER LD 25 -21.85 119.58 15.40
N GLN LD 26 -21.22 119.20 14.29
CA GLN LD 26 -21.92 118.65 13.12
C GLN LD 26 -21.10 117.51 12.56
N ASN LD 27 -21.66 116.30 12.58
CA ASN LD 27 -21.10 115.06 12.07
C ASN LD 27 -21.74 114.73 10.72
N GLY LD 28 -21.48 113.53 10.23
CA GLY LD 28 -22.09 113.05 9.01
C GLY LD 28 -23.60 113.03 9.09
N ASN LD 29 -24.22 113.93 8.34
CA ASN LD 29 -25.68 113.99 8.20
C ASN LD 29 -26.38 114.11 9.54
N ASN LD 30 -25.81 114.88 10.47
CA ASN LD 30 -26.45 115.07 11.76
C ASN LD 30 -26.01 116.39 12.36
N VAL LD 31 -26.70 116.78 13.43
CA VAL LD 31 -26.53 118.06 14.09
C VAL LD 31 -26.84 117.85 15.56
N ASP LD 32 -25.99 118.43 16.43
CA ASP LD 32 -26.10 118.28 17.88
C ASP LD 32 -26.17 119.66 18.54
N TYR LD 33 -27.27 119.94 19.22
CA TYR LD 33 -27.49 121.18 19.94
C TYR LD 33 -27.59 120.91 21.44
N VAL LD 34 -27.14 121.90 22.24
CA VAL LD 34 -27.13 121.81 23.69
C VAL LD 34 -27.84 123.04 24.26
N CYS LD 35 -28.59 122.85 25.33
CA CYS LD 35 -29.29 123.97 25.95
C CYS LD 35 -28.31 124.80 26.76
N THR LD 36 -28.38 126.12 26.60
CA THR LD 36 -27.47 127.07 27.23
C THR LD 36 -28.10 127.84 28.38
N ASP LD 37 -29.31 127.47 28.77
CA ASP LD 37 -29.98 128.11 29.88
C ASP LD 37 -29.31 127.69 31.19
N PRO LD 38 -29.61 128.38 32.29
CA PRO LD 38 -29.03 127.96 33.58
C PRO LD 38 -29.56 126.62 34.07
N ASP LD 39 -30.80 126.23 33.73
CA ASP LD 39 -31.37 125.00 34.27
C ASP LD 39 -30.75 123.73 33.68
N SER LD 40 -30.03 123.84 32.56
CA SER LD 40 -29.35 122.68 31.99
C SER LD 40 -27.87 122.75 32.33
N THR LD 41 -27.36 121.63 32.83
CA THR LD 41 -25.96 121.45 33.19
C THR LD 41 -25.52 120.09 32.67
N LEU LD 42 -24.23 119.80 32.76
CA LEU LD 42 -23.76 118.50 32.27
C LEU LD 42 -24.38 117.36 33.05
N SER LD 43 -24.73 117.60 34.31
CA SER LD 43 -25.39 116.57 35.12
C SER LD 43 -26.78 116.27 34.59
N ALA LD 44 -27.51 117.30 34.14
CA ALA LD 44 -28.88 117.12 33.64
C ALA LD 44 -29.11 118.09 32.48
N PRO LD 45 -28.64 117.74 31.29
CA PRO LD 45 -28.67 118.67 30.16
C PRO LD 45 -29.98 118.62 29.38
N GLY LD 46 -30.15 119.61 28.52
CA GLY LD 46 -31.16 119.60 27.47
C GLY LD 46 -30.46 119.49 26.12
N LEU LD 47 -30.97 118.62 25.27
CA LEU LD 47 -30.26 118.25 24.05
C LEU LD 47 -31.23 118.17 22.87
N ILE LD 48 -30.72 118.49 21.68
CA ILE LD 48 -31.46 118.28 20.44
C ILE LD 48 -30.52 117.65 19.43
N ASN LD 49 -31.03 116.67 18.68
CA ASN LD 49 -30.22 115.91 17.74
C ASN LD 49 -31.02 115.65 16.47
N ALA LD 50 -30.38 115.83 15.32
CA ALA LD 50 -31.06 115.63 14.04
C ALA LD 50 -30.15 114.88 13.08
N LYS LD 51 -30.74 113.99 12.28
CA LYS LD 51 -29.98 113.13 11.38
C LYS LD 51 -30.78 112.89 10.10
N PHE LD 52 -30.09 112.79 8.98
CA PHE LD 52 -30.69 112.42 7.70
C PHE LD 52 -30.20 111.04 7.26
N ASP LD 53 -31.15 110.16 6.93
CA ASP LD 53 -30.87 108.92 6.21
C ASP LD 53 -31.29 109.19 4.77
N ILE LD 54 -30.31 109.40 3.90
CA ILE LD 54 -30.55 109.84 2.54
C ILE LD 54 -30.26 108.70 1.58
N LYS LD 55 -31.28 108.28 0.84
CA LYS LD 55 -31.10 107.16 -0.07
C LYS LD 55 -30.51 107.66 -1.39
N ALA LD 56 -30.03 106.71 -2.19
CA ALA LD 56 -29.32 107.03 -3.42
C ALA LD 56 -30.22 107.82 -4.38
N PRO LD 57 -29.63 108.53 -5.33
CA PRO LD 57 -30.44 109.26 -6.32
C PRO LD 57 -31.36 108.33 -7.08
N GLY LD 58 -32.54 108.82 -7.40
CA GLY LD 58 -33.57 108.06 -8.06
C GLY LD 58 -34.92 108.41 -7.46
N ILE LD 59 -35.95 107.69 -7.89
CA ILE LD 59 -37.28 107.91 -7.35
C ILE LD 59 -37.79 106.71 -6.56
N THR LD 60 -36.91 105.76 -6.24
CA THR LD 60 -37.35 104.50 -5.67
C THR LD 60 -37.53 104.55 -4.16
N GLY LD 61 -36.65 105.26 -3.45
CA GLY LD 61 -36.52 105.07 -2.03
C GLY LD 61 -37.46 105.90 -1.17
N ASN LD 62 -37.12 105.92 0.13
CA ASN LD 62 -37.76 106.75 1.16
C ASN LD 62 -36.65 107.40 1.98
N ASP LD 63 -36.52 108.72 1.87
CA ASP LD 63 -35.60 109.48 2.71
C ASP LD 63 -36.17 109.57 4.12
N ARG LD 64 -35.29 109.73 5.12
CA ARG LD 64 -35.75 109.80 6.50
C ARG LD 64 -35.03 110.90 7.27
N ILE LD 65 -35.78 111.55 8.16
CA ILE LD 65 -35.28 112.56 9.09
C ILE LD 65 -35.54 112.04 10.49
N HIS LD 66 -34.51 112.12 11.35
CA HIS LD 66 -34.61 111.70 12.75
C HIS LD 66 -34.29 112.90 13.63
N ALA LD 67 -35.26 113.34 14.42
CA ALA LD 67 -35.05 114.40 15.39
C ALA LD 67 -35.29 113.84 16.79
N ASN LD 68 -34.61 114.43 17.77
CA ASN LD 68 -34.70 113.95 19.14
C ASN LD 68 -34.47 115.11 20.08
N LEU LD 69 -35.47 115.43 20.89
CA LEU LD 69 -35.40 116.52 21.87
C LEU LD 69 -35.49 115.91 23.25
N ARG LD 70 -34.42 116.03 24.03
CA ARG LD 70 -34.33 115.38 25.32
C ARG LD 70 -34.08 116.40 26.43
N LYS LD 71 -34.54 116.05 27.64
CA LYS LD 71 -34.18 116.76 28.85
C LYS LD 71 -33.96 115.76 29.97
N VAL LD 72 -32.83 115.86 30.65
CA VAL LD 72 -32.50 114.98 31.76
C VAL LD 72 -32.90 115.66 33.06
N VAL LD 73 -33.38 114.86 34.02
CA VAL LD 73 -33.78 115.37 35.32
C VAL LD 73 -33.20 114.45 36.38
N LEU LD 74 -32.91 115.02 37.54
CA LEU LD 74 -32.32 114.30 38.67
C LEU LD 74 -33.35 114.13 39.78
N ASP LD 75 -33.38 112.94 40.37
CA ASP LD 75 -34.28 112.66 41.49
C ASP LD 75 -33.93 113.53 42.69
N GLU LD 76 -34.96 114.13 43.32
CA GLU LD 76 -34.71 114.96 44.50
C GLU LD 76 -34.12 114.15 45.65
N LYS LD 77 -34.39 112.84 45.67
CA LYS LD 77 -33.95 112.02 46.78
C LYS LD 77 -32.57 111.40 46.53
N THR LD 78 -32.28 111.04 45.28
CA THR LD 78 -31.09 110.27 44.97
C THR LD 78 -30.18 110.88 43.91
N ASN LD 79 -30.56 112.01 43.30
CA ASN LD 79 -29.85 112.58 42.15
C ASN LD 79 -29.67 111.56 41.02
N LEU LD 80 -30.58 110.59 40.95
CA LEU LD 80 -30.43 109.67 39.83
C LEU LD 80 -31.09 110.24 38.58
N PRO LD 81 -30.43 110.12 37.44
CA PRO LD 81 -30.94 110.74 36.22
C PRO LD 81 -31.97 109.87 35.55
N SER LD 82 -33.06 110.50 35.10
CA SER LD 82 -33.93 109.90 34.10
C SER LD 82 -34.24 110.96 33.07
N THR LD 83 -34.49 110.53 31.83
CA THR LD 83 -34.61 111.47 30.72
C THR LD 83 -36.03 111.42 30.16
N GLY LD 84 -36.53 112.59 29.78
CA GLY LD 84 -37.75 112.71 29.01
C GLY LD 84 -37.39 113.11 27.59
N SER LD 85 -38.15 112.61 26.63
CA SER LD 85 -37.76 112.85 25.25
C SER LD 85 -38.95 112.84 24.32
N VAL LD 86 -38.85 113.67 23.28
CA VAL LD 86 -39.76 113.63 22.13
C VAL LD 86 -38.91 113.35 20.90
N THR LD 87 -39.13 112.20 20.27
CA THR LD 87 -38.41 111.83 19.07
C THR LD 87 -39.37 111.88 17.89
N ILE LD 88 -38.83 112.22 16.72
CA ILE LD 88 -39.61 112.43 15.52
C ILE LD 88 -38.91 111.71 14.37
N GLN LD 89 -39.67 111.03 13.54
CA GLN LD 89 -39.14 110.41 12.33
C GLN LD 89 -40.04 110.78 11.15
N VAL LD 90 -39.46 111.47 10.18
CA VAL LD 90 -40.14 111.85 8.96
C VAL LD 90 -39.64 110.93 7.85
N SER LD 91 -40.57 110.36 7.10
CA SER LD 91 -40.25 109.50 5.97
C SER LD 91 -40.90 110.09 4.73
N ILE LD 92 -40.05 110.52 3.79
CA ILE LD 92 -40.39 111.24 2.57
C ILE LD 92 -40.15 110.32 1.38
N PRO LD 93 -41.17 109.86 0.68
CA PRO LD 93 -40.95 109.07 -0.53
C PRO LD 93 -40.40 109.91 -1.67
N ARG LD 94 -39.71 109.22 -2.59
CA ARG LD 94 -39.10 109.86 -3.73
C ARG LD 94 -39.93 109.72 -5.01
N ASN LD 95 -40.95 108.86 -5.01
CA ASN LD 95 -41.92 108.81 -6.08
C ASN LD 95 -42.46 110.21 -6.37
N PRO LD 96 -42.33 110.71 -7.60
CA PRO LD 96 -42.71 112.11 -7.89
C PRO LD 96 -44.16 112.41 -7.59
N ALA LD 97 -44.95 111.41 -7.23
CA ALA LD 97 -46.31 111.62 -6.77
C ALA LD 97 -46.38 112.19 -5.35
N TRP LD 98 -45.23 112.49 -4.73
CA TRP LD 98 -45.15 113.12 -3.42
C TRP LD 98 -44.57 114.52 -3.57
N ASN LD 99 -44.88 115.39 -2.60
CA ASN LD 99 -44.46 116.78 -2.62
C ASN LD 99 -43.84 117.20 -1.31
N ALA LD 100 -42.91 118.14 -1.40
CA ALA LD 100 -42.50 118.88 -0.22
C ALA LD 100 -43.71 119.50 0.47
N SER LD 101 -44.74 119.89 -0.30
CA SER LD 101 -45.96 120.40 0.30
C SER LD 101 -46.63 119.35 1.18
N MET LD 102 -46.59 118.09 0.74
CA MET LD 102 -47.20 117.02 1.51
C MET LD 102 -46.40 116.75 2.78
N THR LD 103 -45.07 116.78 2.66
CA THR LD 103 -44.22 116.70 3.86
C THR LD 103 -44.58 117.78 4.88
N VAL LD 104 -44.62 119.04 4.41
CA VAL LD 104 -44.92 120.15 5.30
C VAL LD 104 -46.31 120.00 5.90
N SER LD 105 -47.27 119.50 5.10
CA SER LD 105 -48.62 119.33 5.61
C SER LD 105 -48.66 118.33 6.75
N LEU LD 106 -47.95 117.20 6.60
CA LEU LD 106 -47.88 116.25 7.70
C LEU LD 106 -47.22 116.86 8.92
N LEU LD 107 -46.15 117.64 8.72
CA LEU LD 107 -45.50 118.28 9.88
C LEU LD 107 -46.46 119.21 10.60
N LYS LD 108 -47.18 120.04 9.86
CA LYS LD 108 -48.11 120.99 10.46
C LYS LD 108 -49.24 120.27 11.19
N GLN LD 109 -49.74 119.17 10.61
CA GLN LD 109 -50.82 118.43 11.24
C GLN LD 109 -50.34 117.78 12.54
N ALA LD 110 -49.15 117.17 12.52
CA ALA LD 110 -48.60 116.60 13.74
C ALA LD 110 -48.41 117.67 14.81
N ALA LD 111 -47.95 118.86 14.40
CA ALA LD 111 -47.78 119.96 15.35
C ALA LD 111 -49.12 120.35 15.97
N ASP LD 112 -50.15 120.52 15.14
CA ASP LD 112 -51.48 120.85 15.65
C ASP LD 112 -51.99 119.76 16.60
N TYR LD 113 -51.79 118.49 16.25
CA TYR LD 113 -52.47 117.43 17.00
C TYR LD 113 -51.74 117.04 18.27
N LEU LD 114 -50.42 117.18 18.33
CA LEU LD 114 -49.69 116.82 19.54
C LEU LD 114 -49.17 118.00 20.34
N ALA LD 115 -49.00 119.17 19.73
CA ALA LD 115 -48.57 120.35 20.44
C ALA LD 115 -49.61 121.46 20.47
N GLY LD 116 -50.62 121.41 19.60
CA GLY LD 116 -51.63 122.45 19.55
C GLY LD 116 -51.08 123.81 19.19
N THR LD 117 -50.30 123.89 18.12
CA THR LD 117 -49.62 125.13 17.73
C THR LD 117 -49.93 125.59 16.31
N SER LD 118 -50.85 124.93 15.62
CA SER LD 118 -51.15 125.28 14.23
C SER LD 118 -51.61 126.75 14.09
N ALA LD 119 -51.53 127.24 12.86
CA ALA LD 119 -52.05 128.56 12.51
C ALA LD 119 -53.58 128.56 12.55
N THR LD 120 -54.15 129.74 12.44
CA THR LD 120 -55.60 129.90 12.60
C THR LD 120 -56.31 129.76 11.26
N VAL LD 121 -57.29 128.86 11.20
CA VAL LD 121 -58.13 128.63 10.04
C VAL LD 121 -59.57 128.51 10.55
N SER LD 122 -60.52 128.75 9.65
CA SER LD 122 -61.92 128.92 10.06
C SER LD 122 -62.41 127.77 10.92
N GLY LD 123 -62.52 126.58 10.34
CA GLY LD 123 -63.21 125.52 11.04
C GLY LD 123 -62.33 124.61 11.87
N GLN LD 124 -61.18 125.12 12.32
CA GLN LD 124 -60.20 124.22 12.91
C GLN LD 124 -60.69 123.78 14.28
N THR LD 125 -60.31 122.58 14.69
CA THR LD 125 -60.66 122.18 16.04
C THR LD 125 -59.67 122.78 17.03
N ASP LD 126 -60.17 123.06 18.23
CA ASP LD 126 -59.39 123.68 19.27
C ASP LD 126 -58.43 122.65 19.85
N THR LD 127 -57.15 122.83 19.58
CA THR LD 127 -56.12 121.88 19.98
C THR LD 127 -55.22 122.42 21.07
N SER LD 128 -55.60 123.55 21.68
CA SER LD 128 -54.74 124.17 22.69
C SER LD 128 -54.53 123.26 23.89
N GLY LD 129 -55.55 122.51 24.28
CA GLY LD 129 -55.44 121.64 25.44
C GLY LD 129 -54.89 120.27 25.16
N PHE LD 130 -54.68 119.95 23.89
CA PHE LD 130 -54.19 118.63 23.53
C PHE LD 130 -52.84 118.30 24.14
N PRO LD 131 -51.83 119.18 24.14
CA PRO LD 131 -50.58 118.80 24.80
C PRO LD 131 -50.76 118.45 26.27
N ALA LD 132 -51.62 119.18 26.98
CA ALA LD 132 -51.92 118.83 28.36
C ALA LD 132 -52.53 117.44 28.46
N LYS LD 133 -53.51 117.15 27.60
CA LYS LD 133 -54.15 115.85 27.64
C LYS LD 133 -53.16 114.73 27.33
N TRP LD 134 -52.25 114.97 26.37
CA TRP LD 134 -51.24 113.96 26.07
C TRP LD 134 -50.33 113.74 27.28
N ALA LD 135 -49.84 114.83 27.87
CA ALA LD 135 -48.95 114.72 29.02
C ALA LD 135 -49.63 114.04 30.20
N GLY LD 136 -50.96 114.02 30.22
CA GLY LD 136 -51.68 113.21 31.17
C GLY LD 136 -51.94 111.78 30.73
N LEU LD 137 -51.40 111.37 29.59
CA LEU LD 137 -51.65 110.06 28.99
C LEU LD 137 -53.14 109.82 28.80
N MET LD 138 -53.80 110.77 28.13
CA MET LD 138 -55.17 110.57 27.69
C MET LD 138 -55.34 111.16 26.29
N PHE LD 139 -56.20 110.51 25.51
CA PHE LD 139 -56.41 110.92 24.13
C PHE LD 139 -57.19 112.23 24.07
N PRO LD 140 -56.87 113.11 23.13
CA PRO LD 140 -57.66 114.31 22.84
C PRO LD 140 -59.08 113.92 22.43
N ALA MD 1 -15.54 123.65 8.28
CA ALA MD 1 -15.71 124.13 6.91
C ALA MD 1 -16.79 125.20 6.82
N ALA MD 2 -16.85 125.88 5.68
CA ALA MD 2 -17.84 126.93 5.49
C ALA MD 2 -19.25 126.33 5.50
N PRO MD 3 -20.19 126.95 6.20
CA PRO MD 3 -21.53 126.38 6.30
C PRO MD 3 -22.34 126.51 5.03
N SER MD 4 -21.97 127.43 4.13
CA SER MD 4 -22.70 127.63 2.90
C SER MD 4 -21.80 128.29 1.87
N LEU MD 5 -22.11 128.06 0.60
CA LEU MD 5 -21.30 128.50 -0.52
C LEU MD 5 -22.20 129.05 -1.62
N ALA MD 6 -21.74 130.11 -2.27
CA ALA MD 6 -22.39 130.66 -3.46
C ALA MD 6 -21.37 130.59 -4.59
N LEU MD 7 -21.35 129.47 -5.31
CA LEU MD 7 -20.38 129.27 -6.38
C LEU MD 7 -20.94 129.82 -7.69
N VAL MD 8 -20.05 130.13 -8.63
CA VAL MD 8 -20.46 130.64 -9.94
C VAL MD 8 -20.45 129.50 -10.94
N GLY MD 9 -21.59 129.28 -11.59
CA GLY MD 9 -21.74 128.35 -12.69
C GLY MD 9 -22.38 129.07 -13.87
N ALA MD 10 -23.04 128.28 -14.71
CA ALA MD 10 -23.64 128.78 -15.94
C ALA MD 10 -25.07 128.26 -16.07
N ASN MD 11 -25.97 129.14 -16.50
CA ASN MD 11 -27.34 128.75 -16.79
C ASN MD 11 -27.41 128.18 -18.20
N SER MD 12 -28.63 128.02 -18.72
CA SER MD 12 -28.80 127.47 -20.05
C SER MD 12 -28.21 128.38 -21.12
N THR MD 13 -28.12 129.68 -20.84
CA THR MD 13 -27.52 130.66 -21.75
C THR MD 13 -26.00 130.68 -21.67
N LEU MD 14 -25.42 129.96 -20.71
CA LEU MD 14 -24.00 130.04 -20.32
C LEU MD 14 -23.67 131.34 -19.62
N ALA MD 15 -24.66 132.13 -19.23
CA ALA MD 15 -24.41 133.33 -18.44
C ALA MD 15 -24.02 132.95 -17.01
N SER MD 16 -23.14 133.75 -16.42
CA SER MD 16 -22.66 133.46 -15.06
C SER MD 16 -23.80 133.58 -14.06
N THR MD 17 -24.10 132.48 -13.37
CA THR MD 17 -25.22 132.39 -12.45
C THR MD 17 -24.76 131.79 -11.14
N LEU MD 18 -25.31 132.26 -10.02
CA LEU MD 18 -24.96 131.65 -8.75
C LEU MD 18 -25.65 130.30 -8.57
N VAL MD 19 -24.91 129.36 -7.99
CA VAL MD 19 -25.41 128.07 -7.56
C VAL MD 19 -25.04 127.90 -6.10
N ASN MD 20 -26.06 127.62 -5.27
CA ASN MD 20 -25.97 127.75 -3.83
C ASN MD 20 -25.92 126.37 -3.17
N TYR MD 21 -24.95 126.17 -2.29
CA TYR MD 21 -24.77 124.93 -1.56
C TYR MD 21 -24.80 125.22 -0.07
N SER MD 22 -25.32 124.27 0.71
CA SER MD 22 -25.21 124.32 2.16
C SER MD 22 -24.51 123.07 2.66
N LEU MD 23 -23.81 123.21 3.78
CA LEU MD 23 -23.02 122.13 4.36
C LEU MD 23 -23.96 121.14 5.03
N ARG MD 24 -24.15 119.99 4.40
CA ARG MD 24 -24.99 118.94 4.96
C ARG MD 24 -24.22 118.02 5.91
N SER MD 25 -23.00 117.59 5.57
CA SER MD 25 -22.28 116.75 6.52
C SER MD 25 -20.79 117.03 6.46
N GLN MD 26 -20.11 116.68 7.55
CA GLN MD 26 -18.66 116.72 7.62
C GLN MD 26 -18.23 115.64 8.59
N ASN MD 27 -17.38 114.73 8.11
CA ASN MD 27 -17.02 113.54 8.87
C ASN MD 27 -15.69 113.01 8.36
N GLY MD 28 -14.75 112.79 9.27
CA GLY MD 28 -13.52 112.09 8.95
C GLY MD 28 -12.78 112.69 7.79
N ASN MD 29 -12.36 113.95 7.95
CA ASN MD 29 -11.71 114.69 6.87
C ASN MD 29 -12.48 114.57 5.57
N ASN MD 30 -13.80 114.68 5.67
CA ASN MD 30 -14.65 114.57 4.51
C ASN MD 30 -15.74 115.61 4.67
N VAL MD 31 -16.11 116.28 3.58
CA VAL MD 31 -17.05 117.41 3.60
C VAL MD 31 -18.04 117.26 2.45
N ASP MD 32 -19.34 117.33 2.75
CA ASP MD 32 -20.40 117.09 1.79
C ASP MD 32 -21.41 118.23 1.82
N TYR MD 33 -21.58 118.88 0.68
CA TYR MD 33 -22.52 119.97 0.46
C TYR MD 33 -23.66 119.52 -0.45
N VAL MD 34 -24.83 120.14 -0.26
CA VAL MD 34 -25.97 119.89 -1.13
C VAL MD 34 -26.47 121.21 -1.70
N CYS MD 35 -26.98 121.17 -2.93
CA CYS MD 35 -27.45 122.37 -3.61
C CYS MD 35 -28.83 122.75 -3.10
N THR MD 36 -28.99 124.03 -2.75
CA THR MD 36 -30.22 124.54 -2.15
C THR MD 36 -31.17 125.14 -3.18
N ASP MD 37 -30.79 125.15 -4.45
CA ASP MD 37 -31.58 125.80 -5.49
C ASP MD 37 -32.76 124.92 -5.87
N PRO MD 38 -33.71 125.45 -6.64
CA PRO MD 38 -34.83 124.62 -7.07
C PRO MD 38 -34.45 123.52 -8.04
N ASP MD 39 -33.37 123.68 -8.80
CA ASP MD 39 -32.98 122.67 -9.78
C ASP MD 39 -32.46 121.38 -9.14
N SER MD 40 -32.10 121.40 -7.87
CA SER MD 40 -31.73 120.18 -7.15
C SER MD 40 -32.92 119.74 -6.32
N THR MD 41 -33.45 118.56 -6.64
CA THR MD 41 -34.51 117.93 -5.88
C THR MD 41 -33.94 116.77 -5.08
N LEU MD 42 -34.79 116.17 -4.25
CA LEU MD 42 -34.38 114.97 -3.52
C LEU MD 42 -34.03 113.86 -4.48
N SER MD 43 -34.81 113.72 -5.55
CA SER MD 43 -34.63 112.59 -6.44
C SER MD 43 -33.42 112.82 -7.35
N ALA MD 44 -33.17 114.06 -7.73
CA ALA MD 44 -32.09 114.43 -8.63
C ALA MD 44 -31.36 115.64 -8.06
N PRO MD 45 -30.43 115.44 -7.14
CA PRO MD 45 -29.81 116.55 -6.42
C PRO MD 45 -28.55 117.05 -7.09
N GLY MD 46 -28.06 118.19 -6.59
CA GLY MD 46 -26.72 118.67 -6.88
C GLY MD 46 -25.88 118.54 -5.62
N LEU MD 47 -24.67 118.01 -5.78
CA LEU MD 47 -23.89 117.59 -4.63
C LEU MD 47 -22.42 117.95 -4.79
N ILE MD 48 -21.76 118.16 -3.66
CA ILE MD 48 -20.32 118.38 -3.64
C ILE MD 48 -19.70 117.53 -2.53
N ASN MD 49 -18.53 116.97 -2.83
CA ASN MD 49 -17.79 116.09 -1.93
C ASN MD 49 -16.32 116.51 -1.93
N ALA MD 50 -15.66 116.44 -0.76
CA ALA MD 50 -14.25 116.78 -0.67
C ALA MD 50 -13.58 116.00 0.45
N LYS MD 51 -12.51 115.26 0.11
CA LYS MD 51 -11.78 114.36 1.00
C LYS MD 51 -10.31 114.74 1.07
N PHE MD 52 -9.70 114.43 2.22
CA PHE MD 52 -8.26 114.59 2.44
C PHE MD 52 -7.64 113.24 2.79
N ASP MD 53 -6.74 112.76 1.93
CA ASP MD 53 -5.84 111.67 2.28
C ASP MD 53 -4.57 112.32 2.79
N ILE MD 54 -4.44 112.41 4.11
CA ILE MD 54 -3.28 113.03 4.74
C ILE MD 54 -2.34 111.93 5.20
N LYS MD 55 -1.15 111.90 4.61
CA LYS MD 55 -0.14 110.91 4.96
C LYS MD 55 0.47 111.25 6.32
N ALA MD 56 1.03 110.23 6.96
CA ALA MD 56 1.78 110.37 8.21
C ALA MD 56 2.90 111.39 8.03
N PRO MD 57 3.34 112.06 9.10
CA PRO MD 57 4.42 113.03 8.96
C PRO MD 57 5.64 112.39 8.34
N GLY MD 58 6.36 113.18 7.57
CA GLY MD 58 7.51 112.66 6.85
C GLY MD 58 7.79 113.49 5.64
N ILE MD 59 8.99 113.28 5.09
CA ILE MD 59 9.42 114.01 3.91
C ILE MD 59 9.08 113.26 2.62
N THR MD 60 8.61 112.02 2.73
CA THR MD 60 8.30 111.17 1.60
C THR MD 60 6.80 111.02 1.45
N GLY MD 61 6.37 110.80 0.21
CA GLY MD 61 4.97 110.55 -0.09
C GLY MD 61 4.27 111.77 -0.66
N ASN MD 62 3.03 111.55 -1.06
CA ASN MD 62 2.15 112.60 -1.55
C ASN MD 62 0.90 112.67 -0.67
N ASP MD 63 0.51 113.90 -0.31
CA ASP MD 63 -0.81 114.17 0.24
C ASP MD 63 -1.81 114.29 -0.90
N ARG MD 64 -3.08 113.97 -0.64
CA ARG MD 64 -4.06 114.00 -1.73
C ARG MD 64 -5.35 114.68 -1.30
N ILE MD 65 -5.92 115.45 -2.24
CA ILE MD 65 -7.21 116.10 -2.12
C ILE MD 65 -8.12 115.51 -3.17
N HIS MD 66 -9.33 115.13 -2.78
CA HIS MD 66 -10.33 114.64 -3.73
C HIS MD 66 -11.55 115.55 -3.66
N ALA MD 67 -12.12 115.86 -4.82
CA ALA MD 67 -13.29 116.73 -4.87
C ALA MD 67 -14.20 116.26 -6.00
N ASN MD 68 -15.51 116.31 -5.75
CA ASN MD 68 -16.48 115.86 -6.73
C ASN MD 68 -17.65 116.82 -6.76
N LEU MD 69 -17.98 117.33 -7.94
CA LEU MD 69 -19.14 118.20 -8.14
C LEU MD 69 -20.10 117.50 -9.09
N ARG MD 70 -21.28 117.17 -8.58
CA ARG MD 70 -22.23 116.29 -9.26
C ARG MD 70 -23.56 117.01 -9.48
N LYS MD 71 -24.20 116.69 -10.60
CA LYS MD 71 -25.61 117.00 -10.80
C LYS MD 71 -26.30 115.75 -11.34
N VAL MD 72 -27.35 115.30 -10.66
CA VAL MD 72 -28.12 114.14 -11.07
C VAL MD 72 -29.27 114.62 -11.94
N VAL MD 73 -29.60 113.84 -12.97
CA VAL MD 73 -30.72 114.14 -13.85
C VAL MD 73 -31.50 112.85 -14.08
N LEU MD 74 -32.82 112.98 -14.14
CA LEU MD 74 -33.72 111.86 -14.31
C LEU MD 74 -34.13 111.73 -15.78
N ASP MD 75 -34.23 110.49 -16.25
CA ASP MD 75 -34.71 110.24 -17.61
C ASP MD 75 -36.17 110.66 -17.75
N GLU MD 76 -36.50 111.24 -18.90
CA GLU MD 76 -37.86 111.73 -19.10
C GLU MD 76 -38.88 110.61 -19.01
N LYS MD 77 -38.57 109.45 -19.62
CA LYS MD 77 -39.52 108.34 -19.66
C LYS MD 77 -39.32 107.41 -18.47
N THR MD 78 -38.10 106.86 -18.31
CA THR MD 78 -37.86 105.82 -17.33
C THR MD 78 -37.66 106.36 -15.91
N ASN MD 79 -37.41 107.66 -15.75
CA ASN MD 79 -37.10 108.28 -14.46
C ASN MD 79 -35.88 107.66 -13.78
N LEU MD 80 -35.08 106.90 -14.53
CA LEU MD 80 -33.81 106.39 -14.03
C LEU MD 80 -32.81 107.53 -13.93
N PRO MD 81 -32.05 107.61 -12.86
CA PRO MD 81 -31.11 108.72 -12.71
C PRO MD 81 -29.78 108.42 -13.36
N SER MD 82 -29.25 109.36 -14.12
CA SER MD 82 -27.84 109.35 -14.48
C SER MD 82 -27.23 110.67 -14.04
N THR MD 83 -25.96 110.64 -13.70
CA THR MD 83 -25.32 111.76 -13.05
C THR MD 83 -24.11 112.25 -13.84
N GLY MD 84 -23.99 113.57 -13.94
CA GLY MD 84 -22.85 114.22 -14.60
C GLY MD 84 -21.97 114.85 -13.54
N SER MD 85 -20.66 114.78 -13.74
CA SER MD 85 -19.77 115.13 -12.64
C SER MD 85 -18.41 115.62 -13.12
N VAL MD 86 -17.89 116.63 -12.43
CA VAL MD 86 -16.50 117.06 -12.56
C VAL MD 86 -15.79 116.69 -11.27
N THR MD 87 -14.76 115.86 -11.36
CA THR MD 87 -14.02 115.43 -10.19
C THR MD 87 -12.54 115.77 -10.34
N ILE MD 88 -11.93 116.16 -9.22
CA ILE MD 88 -10.57 116.70 -9.18
C ILE MD 88 -9.77 115.91 -8.15
N GLN MD 89 -8.55 115.53 -8.51
CA GLN MD 89 -7.57 114.99 -7.58
C GLN MD 89 -6.32 115.85 -7.59
N VAL MD 90 -5.94 116.37 -6.43
CA VAL MD 90 -4.73 117.14 -6.24
C VAL MD 90 -3.74 116.28 -5.48
N SER MD 91 -2.53 116.13 -6.01
CA SER MD 91 -1.48 115.34 -5.38
C SER MD 91 -0.30 116.26 -5.10
N ILE MD 92 -0.04 116.50 -3.81
CA ILE MD 92 0.95 117.44 -3.31
C ILE MD 92 2.09 116.65 -2.70
N PRO MD 93 3.28 116.66 -3.29
CA PRO MD 93 4.42 115.95 -2.70
C PRO MD 93 4.90 116.63 -1.42
N ARG MD 94 5.72 115.88 -0.68
CA ARG MD 94 6.24 116.35 0.60
C ARG MD 94 7.72 116.70 0.56
N ASN MD 95 8.41 116.43 -0.53
CA ASN MD 95 9.78 116.93 -0.69
C ASN MD 95 9.78 118.45 -0.55
N PRO MD 96 10.63 119.02 0.32
CA PRO MD 96 10.61 120.49 0.51
C PRO MD 96 10.84 121.26 -0.76
N ALA MD 97 11.24 120.60 -1.83
CA ALA MD 97 11.39 121.21 -3.14
C ALA MD 97 10.05 121.47 -3.81
N TRP MD 98 8.93 121.22 -3.14
CA TRP MD 98 7.59 121.58 -3.60
C TRP MD 98 7.05 122.72 -2.76
N ASN MD 99 6.16 123.52 -3.35
CA ASN MD 99 5.58 124.67 -2.66
C ASN MD 99 4.06 124.70 -2.80
N ALA MD 100 3.43 125.24 -1.77
CA ALA MD 100 2.04 125.63 -1.92
C ALA MD 100 1.85 126.53 -3.13
N SER MD 101 2.86 127.36 -3.46
CA SER MD 101 2.76 128.18 -4.65
C SER MD 101 2.65 127.33 -5.90
N MET MD 102 3.36 126.21 -5.93
CA MET MD 102 3.28 125.31 -7.09
C MET MD 102 1.93 124.62 -7.14
N THR MD 103 1.40 124.21 -5.97
CA THR MD 103 0.04 123.67 -5.92
C THR MD 103 -0.97 124.66 -6.49
N VAL MD 104 -0.91 125.89 -6.01
CA VAL MD 104 -1.85 126.92 -6.46
C VAL MD 104 -1.66 127.20 -7.95
N SER MD 105 -0.42 127.18 -8.42
CA SER MD 105 -0.18 127.43 -9.84
C SER MD 105 -0.84 126.35 -10.70
N LEU MD 106 -0.71 125.09 -10.30
CA LEU MD 106 -1.40 124.03 -11.05
C LEU MD 106 -2.91 124.20 -10.98
N LEU MD 107 -3.45 124.57 -9.82
CA LEU MD 107 -4.89 124.78 -9.73
C LEU MD 107 -5.35 125.89 -10.68
N LYS MD 108 -4.63 127.01 -10.69
CA LYS MD 108 -5.01 128.13 -11.54
C LYS MD 108 -4.90 127.77 -13.02
N GLN MD 109 -3.86 127.01 -13.39
CA GLN MD 109 -3.70 126.61 -14.78
C GLN MD 109 -4.81 125.66 -15.21
N ALA MD 110 -5.18 124.72 -14.34
CA ALA MD 110 -6.29 123.83 -14.65
C ALA MD 110 -7.58 124.63 -14.82
N ALA MD 111 -7.81 125.60 -13.93
CA ALA MD 111 -8.98 126.46 -14.07
C ALA MD 111 -8.98 127.20 -15.40
N ASP MD 112 -7.82 127.72 -15.80
CA ASP MD 112 -7.74 128.42 -17.08
C ASP MD 112 -8.02 127.48 -18.25
N TYR MD 113 -7.45 126.28 -18.22
CA TYR MD 113 -7.46 125.43 -19.40
C TYR MD 113 -8.76 124.64 -19.54
N LEU MD 114 -9.39 124.25 -18.44
CA LEU MD 114 -10.63 123.48 -18.54
C LEU MD 114 -11.88 124.30 -18.26
N ALA MD 115 -11.76 125.42 -17.55
CA ALA MD 115 -12.92 126.25 -17.27
C ALA MD 115 -12.84 127.64 -17.91
N GLY MD 116 -11.65 128.10 -18.29
CA GLY MD 116 -11.50 129.40 -18.89
C GLY MD 116 -11.83 130.55 -17.94
N THR MD 117 -11.25 130.52 -16.74
CA THR MD 117 -11.58 131.51 -15.71
C THR MD 117 -10.38 132.22 -15.12
N SER MD 118 -9.18 132.02 -15.67
CA SER MD 118 -7.98 132.67 -15.15
C SER MD 118 -8.13 134.19 -15.07
N ALA MD 119 -7.32 134.80 -14.20
CA ALA MD 119 -7.20 136.25 -14.12
C ALA MD 119 -6.57 136.80 -15.39
N THR MD 120 -6.68 138.11 -15.56
CA THR MD 120 -6.20 138.74 -16.79
C THR MD 120 -4.70 139.05 -16.68
N VAL MD 121 -3.94 138.59 -17.68
CA VAL MD 121 -2.50 138.82 -17.80
C VAL MD 121 -2.22 139.07 -19.27
N SER MD 122 -1.33 140.03 -19.55
CA SER MD 122 -0.94 140.34 -20.92
C SER MD 122 -0.35 139.11 -21.59
N GLY MD 123 -0.86 138.78 -22.77
CA GLY MD 123 -0.37 137.66 -23.52
C GLY MD 123 -0.99 136.32 -23.19
N GLN MD 124 -2.06 136.28 -22.40
CA GLN MD 124 -2.63 135.00 -22.04
C GLN MD 124 -3.47 134.51 -23.21
N THR MD 125 -3.56 133.19 -23.38
CA THR MD 125 -4.43 132.71 -24.45
C THR MD 125 -5.89 132.82 -24.01
N ASP MD 126 -6.75 133.15 -24.97
CA ASP MD 126 -8.17 133.31 -24.70
C ASP MD 126 -8.79 131.94 -24.51
N THR MD 127 -9.16 131.66 -23.27
CA THR MD 127 -9.71 130.37 -22.88
C THR MD 127 -11.21 130.41 -22.66
N SER MD 128 -11.86 131.51 -23.05
CA SER MD 128 -13.28 131.69 -22.77
C SER MD 128 -14.12 130.59 -23.39
N GLY MD 129 -13.80 130.18 -24.61
CA GLY MD 129 -14.56 129.17 -25.30
C GLY MD 129 -14.13 127.75 -25.02
N PHE MD 130 -13.06 127.59 -24.24
CA PHE MD 130 -12.58 126.24 -23.94
C PHE MD 130 -13.58 125.39 -23.19
N PRO MD 131 -14.30 125.86 -22.17
CA PRO MD 131 -15.29 124.98 -21.54
C PRO MD 131 -16.36 124.51 -22.50
N ALA MD 132 -16.80 125.37 -23.42
CA ALA MD 132 -17.73 124.94 -24.46
C ALA MD 132 -17.12 123.84 -25.32
N LYS MD 133 -15.88 124.04 -25.78
CA LYS MD 133 -15.25 123.02 -26.61
C LYS MD 133 -15.09 121.70 -25.85
N TRP MD 134 -14.77 121.77 -24.56
CA TRP MD 134 -14.65 120.54 -23.77
C TRP MD 134 -15.99 119.83 -23.68
N ALA MD 135 -17.05 120.59 -23.34
CA ALA MD 135 -18.38 120.00 -23.24
C ALA MD 135 -18.80 119.37 -24.56
N GLY MD 136 -18.27 119.85 -25.67
CA GLY MD 136 -18.46 119.19 -26.94
C GLY MD 136 -17.49 118.08 -27.26
N LEU MD 137 -16.61 117.71 -26.33
CA LEU MD 137 -15.56 116.71 -26.57
C LEU MD 137 -14.67 117.12 -27.73
N MET MD 138 -14.12 118.33 -27.66
CA MET MD 138 -13.22 118.86 -28.67
C MET MD 138 -12.02 119.46 -27.96
N PHE MD 139 -10.83 119.08 -28.38
CA PHE MD 139 -9.63 119.67 -27.79
C PHE MD 139 -9.54 121.13 -28.19
N PRO MD 140 -9.27 122.04 -27.23
CA PRO MD 140 -9.11 123.47 -27.48
C PRO MD 140 -7.97 123.75 -28.43
N ALA ND 1 5.08 74.64 -102.44
CA ALA ND 1 6.38 74.10 -102.81
C ALA ND 1 6.50 73.93 -104.32
N ALA ND 2 7.72 74.07 -104.82
CA ALA ND 2 7.98 73.90 -106.24
C ALA ND 2 7.75 72.45 -106.66
N PRO ND 3 7.20 72.21 -107.85
CA PRO ND 3 6.92 70.83 -108.25
C PRO ND 3 8.16 70.06 -108.65
N SER ND 4 9.21 70.75 -109.08
CA SER ND 4 10.43 70.07 -109.51
C SER ND 4 11.58 71.06 -109.44
N LEU ND 5 12.80 70.50 -109.40
CA LEU ND 5 14.01 71.27 -109.18
C LEU ND 5 15.12 70.71 -110.06
N ALA ND 6 15.95 71.61 -110.57
CA ALA ND 6 17.17 71.24 -111.27
C ALA ND 6 18.31 71.92 -110.53
N LEU ND 7 18.91 71.22 -109.58
CA LEU ND 7 19.95 71.79 -108.73
C LEU ND 7 21.32 71.49 -109.34
N VAL ND 8 22.29 72.34 -109.07
CA VAL ND 8 23.64 72.12 -109.57
C VAL ND 8 24.45 71.35 -108.55
N GLY ND 9 25.08 70.26 -109.00
CA GLY ND 9 26.00 69.47 -108.22
C GLY ND 9 27.25 69.19 -109.04
N ALA ND 10 27.92 68.09 -108.71
CA ALA ND 10 29.19 67.74 -109.35
C ALA ND 10 29.20 66.26 -109.74
N ASN ND 11 29.78 65.97 -110.89
CA ASN ND 11 29.96 64.60 -111.37
C ASN ND 11 31.27 64.04 -110.81
N SER ND 12 31.72 62.92 -111.34
CA SER ND 12 32.97 62.33 -110.88
C SER ND 12 34.17 63.20 -111.22
N THR ND 13 34.07 64.02 -112.27
CA THR ND 13 35.11 64.98 -112.63
C THR ND 13 35.06 66.24 -111.77
N LEU ND 14 34.01 66.41 -110.97
CA LEU ND 14 33.69 67.62 -110.23
C LEU ND 14 33.28 68.78 -111.14
N ALA ND 15 32.91 68.47 -112.38
CA ALA ND 15 32.31 69.47 -113.26
C ALA ND 15 30.86 69.70 -112.86
N SER ND 16 30.40 70.93 -113.06
CA SER ND 16 29.04 71.30 -112.65
C SER ND 16 28.02 70.55 -113.51
N THR ND 17 27.16 69.77 -112.84
CA THR ND 17 26.19 68.91 -113.49
C THR ND 17 24.82 69.14 -112.88
N LEU ND 18 23.78 69.07 -113.70
CA LEU ND 18 22.44 69.16 -113.13
C LEU ND 18 22.06 67.85 -112.44
N VAL ND 19 21.27 68.00 -111.38
CA VAL ND 19 20.65 66.89 -110.67
C VAL ND 19 19.20 67.23 -110.46
N ASN ND 20 18.32 66.35 -110.91
CA ASN ND 20 16.90 66.64 -111.06
C ASN ND 20 16.12 66.00 -109.93
N TYR ND 21 15.36 66.82 -109.21
CA TYR ND 21 14.46 66.36 -108.18
C TYR ND 21 13.03 66.68 -108.58
N SER ND 22 12.09 65.88 -108.09
CA SER ND 22 10.67 66.14 -108.28
C SER ND 22 9.96 65.94 -106.96
N LEU ND 23 8.87 66.67 -106.77
CA LEU ND 23 8.17 66.68 -105.49
C LEU ND 23 7.48 65.35 -105.26
N ARG ND 24 7.98 64.59 -104.28
CA ARG ND 24 7.26 63.40 -103.83
C ARG ND 24 6.02 63.79 -103.05
N SER ND 25 6.18 64.52 -101.96
CA SER ND 25 5.00 64.83 -101.16
C SER ND 25 5.20 66.09 -100.34
N GLN ND 26 4.15 66.88 -100.20
CA GLN ND 26 4.12 68.00 -99.26
C GLN ND 26 3.19 67.65 -98.11
N ASN ND 27 3.76 67.53 -96.93
CA ASN ND 27 3.03 67.55 -95.67
C ASN ND 27 3.02 69.00 -95.16
N GLY ND 28 2.22 69.25 -94.13
CA GLY ND 28 2.14 70.60 -93.61
C GLY ND 28 3.46 71.10 -93.07
N ASN ND 29 4.01 72.13 -93.72
CA ASN ND 29 5.34 72.67 -93.38
C ASN ND 29 6.41 71.58 -93.52
N ASN ND 30 6.24 70.68 -94.47
CA ASN ND 30 7.22 69.64 -94.71
C ASN ND 30 7.18 69.25 -96.18
N VAL ND 31 8.35 69.07 -96.78
CA VAL ND 31 8.45 68.80 -98.21
C VAL ND 31 9.47 67.70 -98.44
N ASP ND 32 9.11 66.74 -99.30
CA ASP ND 32 9.98 65.62 -99.67
C ASP ND 32 10.10 65.56 -101.19
N TYR ND 33 11.35 65.70 -101.68
CA TYR ND 33 11.71 65.60 -103.08
C TYR ND 33 12.53 64.33 -103.31
N VAL ND 34 12.45 63.80 -104.53
CA VAL ND 34 13.16 62.59 -104.94
C VAL ND 34 13.91 62.86 -106.22
N CYS ND 35 15.10 62.28 -106.35
CA CYS ND 35 15.90 62.47 -107.55
C CYS ND 35 15.35 61.61 -108.68
N THR ND 36 15.17 62.23 -109.86
CA THR ND 36 14.58 61.58 -111.02
C THR ND 36 15.63 61.16 -112.05
N ASP ND 37 16.90 61.24 -111.72
CA ASP ND 37 17.96 60.82 -112.62
C ASP ND 37 18.08 59.30 -112.58
N PRO ND 38 18.82 58.72 -113.54
CA PRO ND 38 19.18 57.30 -113.40
C PRO ND 38 20.09 57.02 -112.22
N ASP ND 39 20.74 58.04 -111.64
CA ASP ND 39 21.61 57.84 -110.48
C ASP ND 39 20.85 57.27 -109.30
N SER ND 40 19.65 57.79 -109.04
CA SER ND 40 18.83 57.31 -107.94
C SER ND 40 17.83 56.30 -108.45
N THR ND 41 17.65 55.24 -107.66
CA THR ND 41 16.59 54.26 -107.81
C THR ND 41 15.87 54.16 -106.49
N LEU ND 42 14.74 53.46 -106.48
CA LEU ND 42 14.04 53.26 -105.21
C LEU ND 42 14.94 52.55 -104.20
N SER ND 43 15.79 51.64 -104.67
CA SER ND 43 16.66 50.90 -103.77
C SER ND 43 17.74 51.79 -103.16
N ALA ND 44 18.29 52.70 -103.95
CA ALA ND 44 19.34 53.63 -103.48
C ALA ND 44 19.03 55.02 -103.98
N PRO ND 45 18.15 55.74 -103.30
CA PRO ND 45 17.63 57.01 -103.83
C PRO ND 45 18.46 58.21 -103.45
N GLY ND 46 18.20 59.30 -104.16
CA GLY ND 46 18.63 60.63 -103.76
C GLY ND 46 17.40 61.40 -103.30
N LEU ND 47 17.54 62.06 -102.15
CA LEU ND 47 16.36 62.58 -101.46
C LEU ND 47 16.63 63.96 -100.90
N ILE ND 48 15.57 64.76 -100.79
CA ILE ND 48 15.63 66.06 -100.12
C ILE ND 48 14.42 66.17 -99.20
N ASN ND 49 14.65 66.76 -98.02
CA ASN ND 49 13.61 66.97 -97.02
C ASN ND 49 13.77 68.37 -96.44
N ALA ND 50 12.64 69.09 -96.28
CA ALA ND 50 12.65 70.44 -95.74
C ALA ND 50 11.49 70.62 -94.77
N LYS ND 51 11.79 71.11 -93.56
CA LYS ND 51 10.83 71.20 -92.47
C LYS ND 51 10.89 72.60 -91.85
N PHE ND 52 9.77 73.01 -91.26
CA PHE ND 52 9.63 74.31 -90.60
C PHE ND 52 9.13 74.10 -89.17
N ASP ND 53 10.00 74.37 -88.20
CA ASP ND 53 9.62 74.43 -86.79
C ASP ND 53 9.25 75.87 -86.48
N ILE ND 54 7.97 76.19 -86.59
CA ILE ND 54 7.46 77.54 -86.37
C ILE ND 54 6.73 77.57 -85.04
N LYS ND 55 7.21 78.39 -84.12
CA LYS ND 55 6.62 78.46 -82.80
C LYS ND 55 5.32 79.26 -82.85
N ALA ND 56 4.51 79.11 -81.81
CA ALA ND 56 3.25 79.84 -81.72
C ALA ND 56 3.50 81.34 -81.83
N PRO ND 57 2.58 82.10 -82.44
CA PRO ND 57 2.83 83.53 -82.65
C PRO ND 57 2.99 84.33 -81.37
N GLY ND 58 2.32 83.93 -80.28
CA GLY ND 58 2.52 84.63 -79.02
C GLY ND 58 3.90 84.39 -78.43
N ILE ND 59 4.39 83.15 -78.52
CA ILE ND 59 5.64 82.75 -77.88
C ILE ND 59 6.83 83.35 -78.64
N THR ND 60 7.81 83.86 -77.90
CA THR ND 60 9.10 84.23 -78.47
C THR ND 60 10.07 83.06 -78.35
N GLY ND 61 10.77 82.79 -79.43
CA GLY ND 61 11.81 81.78 -79.46
C GLY ND 61 12.59 81.97 -80.72
N ASN ND 62 13.13 80.87 -81.24
CA ASN ND 62 13.71 80.85 -82.56
C ASN ND 62 12.83 80.00 -83.47
N ASP ND 63 12.53 80.53 -84.66
CA ASP ND 63 11.97 79.70 -85.71
C ASP ND 63 13.10 78.90 -86.37
N ARG ND 64 12.79 77.70 -86.84
CA ARG ND 64 13.83 76.81 -87.35
C ARG ND 64 13.47 76.23 -88.70
N ILE ND 65 14.49 76.07 -89.54
CA ILE ND 65 14.39 75.41 -90.83
C ILE ND 65 15.32 74.20 -90.79
N HIS ND 66 14.81 73.03 -91.20
CA HIS ND 66 15.61 71.81 -91.25
C HIS ND 66 15.64 71.30 -92.68
N ALA ND 67 16.82 71.23 -93.27
CA ALA ND 67 16.97 70.72 -94.62
C ALA ND 67 17.93 69.54 -94.61
N ASN ND 68 17.67 68.58 -95.49
CA ASN ND 68 18.47 67.36 -95.56
C ASN ND 68 18.56 66.91 -97.01
N LEU ND 69 19.78 66.77 -97.51
CA LEU ND 69 20.04 66.29 -98.86
C LEU ND 69 20.86 65.01 -98.76
N ARG ND 70 20.28 63.90 -99.23
CA ARG ND 70 20.82 62.56 -99.03
C ARG ND 70 21.08 61.89 -100.36
N LYS ND 71 22.08 61.02 -100.38
CA LYS ND 71 22.29 60.06 -101.45
C LYS ND 71 22.62 58.71 -100.82
N VAL ND 72 21.80 57.70 -101.12
CA VAL ND 72 22.03 56.35 -100.63
C VAL ND 72 22.90 55.62 -101.64
N VAL ND 73 23.81 54.78 -101.16
CA VAL ND 73 24.66 53.97 -102.01
C VAL ND 73 24.67 52.55 -101.48
N LEU ND 74 24.75 51.59 -102.40
CA LEU ND 74 24.77 50.18 -102.06
C LEU ND 74 26.19 49.64 -102.12
N ASP ND 75 26.53 48.79 -101.16
CA ASP ND 75 27.83 48.11 -101.18
C ASP ND 75 27.88 47.13 -102.35
N GLU ND 76 28.99 47.14 -103.08
CA GLU ND 76 29.14 46.19 -104.18
C GLU ND 76 29.02 44.76 -103.70
N LYS ND 77 29.69 44.44 -102.59
CA LYS ND 77 29.72 43.04 -102.15
C LYS ND 77 28.44 42.65 -101.41
N THR ND 78 27.94 43.48 -100.49
CA THR ND 78 26.82 43.07 -99.65
C THR ND 78 25.48 43.69 -100.03
N ASN ND 79 25.44 44.65 -100.95
CA ASN ND 79 24.25 45.41 -101.31
C ASN ND 79 23.59 46.07 -100.10
N LEU ND 80 24.31 46.17 -98.99
CA LEU ND 80 23.80 46.89 -97.83
C LEU ND 80 23.89 48.39 -98.08
N PRO ND 81 22.87 49.13 -97.71
CA PRO ND 81 22.85 50.56 -98.03
C PRO ND 81 23.51 51.38 -96.94
N SER ND 82 24.42 52.28 -97.32
CA SER ND 82 24.83 53.34 -96.43
C SER ND 82 24.63 54.66 -97.15
N THR ND 83 24.35 55.70 -96.38
CA THR ND 83 23.89 56.95 -96.94
C THR ND 83 24.83 58.09 -96.58
N GLY ND 84 24.97 59.03 -97.50
CA GLY ND 84 25.76 60.24 -97.27
C GLY ND 84 24.86 61.45 -97.38
N SER ND 85 25.08 62.44 -96.49
CA SER ND 85 24.08 63.49 -96.37
C SER ND 85 24.68 64.82 -95.95
N VAL ND 86 24.04 65.89 -96.40
CA VAL ND 86 24.30 67.24 -95.90
C VAL ND 86 23.01 67.75 -95.28
N THR ND 87 23.05 68.07 -93.99
CA THR ND 87 21.92 68.61 -93.27
C THR ND 87 22.21 70.04 -92.82
N ILE ND 88 21.17 70.85 -92.80
CA ILE ND 88 21.27 72.28 -92.55
C ILE ND 88 20.17 72.67 -91.57
N GLN ND 89 20.53 73.46 -90.56
CA GLN ND 89 19.54 73.96 -89.62
C GLN ND 89 19.70 75.46 -89.55
N VAL ND 90 18.64 76.19 -89.86
CA VAL ND 90 18.63 77.64 -89.81
C VAL ND 90 17.78 78.05 -88.61
N SER ND 91 18.38 78.78 -87.67
CA SER ND 91 17.69 79.25 -86.47
C SER ND 91 17.60 80.77 -86.56
N ILE ND 92 16.38 81.26 -86.75
CA ILE ND 92 16.07 82.67 -86.97
C ILE ND 92 15.38 83.20 -85.72
N PRO ND 93 15.93 84.19 -85.03
CA PRO ND 93 15.26 84.75 -83.85
C PRO ND 93 14.08 85.66 -84.18
N ARG ND 94 13.12 85.69 -83.26
CA ARG ND 94 11.89 86.45 -83.42
C ARG ND 94 12.00 87.88 -82.90
N ASN ND 95 13.20 88.42 -82.80
CA ASN ND 95 13.43 89.80 -82.37
C ASN ND 95 13.54 90.70 -83.59
N PRO ND 96 12.80 91.82 -83.66
CA PRO ND 96 12.92 92.71 -84.82
C PRO ND 96 14.33 93.20 -85.08
N ALA ND 97 15.23 93.06 -84.11
CA ALA ND 97 16.63 93.40 -84.34
C ALA ND 97 17.32 92.43 -85.30
N TRP ND 98 16.66 91.37 -85.70
CA TRP ND 98 17.11 90.44 -86.73
C TRP ND 98 16.22 90.58 -87.95
N ASN ND 99 16.78 90.34 -89.13
CA ASN ND 99 15.95 90.44 -90.33
C ASN ND 99 16.41 89.46 -91.40
N ALA ND 100 15.61 89.42 -92.47
CA ALA ND 100 15.85 88.46 -93.53
C ALA ND 100 17.19 88.70 -94.22
N SER ND 101 17.65 89.96 -94.26
CA SER ND 101 18.96 90.21 -94.85
C SER ND 101 20.05 89.48 -94.06
N MET ND 102 19.89 89.40 -92.75
CA MET ND 102 20.88 88.69 -91.93
C MET ND 102 20.75 87.19 -92.11
N THR ND 103 19.52 86.68 -92.20
CA THR ND 103 19.34 85.26 -92.51
C THR ND 103 20.04 84.90 -93.82
N VAL ND 104 19.79 85.69 -94.86
CA VAL ND 104 20.39 85.44 -96.17
C VAL ND 104 21.90 85.57 -96.10
N SER ND 105 22.40 86.53 -95.32
CA SER ND 105 23.84 86.71 -95.20
C SER ND 105 24.49 85.47 -94.62
N LEU ND 106 23.90 84.90 -93.56
CA LEU ND 106 24.45 83.66 -93.03
C LEU ND 106 24.39 82.54 -94.05
N LEU ND 107 23.28 82.43 -94.79
CA LEU ND 107 23.20 81.39 -95.81
C LEU ND 107 24.31 81.54 -96.85
N LYS ND 108 24.51 82.77 -97.35
CA LYS ND 108 25.52 83.02 -98.36
C LYS ND 108 26.92 82.73 -97.85
N GLN ND 109 27.20 83.10 -96.59
CA GLN ND 109 28.53 82.85 -96.05
C GLN ND 109 28.78 81.37 -95.88
N ALA ND 110 27.78 80.62 -95.41
CA ALA ND 110 27.93 79.17 -95.30
C ALA ND 110 28.17 78.55 -96.67
N ALA ND 111 27.44 79.03 -97.69
CA ALA ND 111 27.65 78.55 -99.05
C ALA ND 111 29.07 78.80 -99.50
N ASP ND 112 29.56 80.03 -99.31
CA ASP ND 112 30.94 80.34 -99.69
C ASP ND 112 31.94 79.45 -98.98
N TYR ND 113 31.76 79.24 -97.67
CA TYR ND 113 32.82 78.60 -96.89
C TYR ND 113 32.80 77.09 -97.00
N LEU ND 114 31.64 76.46 -97.24
CA LEU ND 114 31.61 75.00 -97.32
C LEU ND 114 31.41 74.47 -98.74
N ALA ND 115 30.84 75.25 -99.65
CA ALA ND 115 30.68 74.82 -101.03
C ALA ND 115 31.51 75.63 -102.01
N GLY ND 116 31.98 76.81 -101.62
CA GLY ND 116 32.78 77.65 -102.49
C GLY ND 116 32.00 78.13 -103.69
N THR ND 117 30.82 78.71 -103.47
CA THR ND 117 29.95 79.14 -104.55
C THR ND 117 29.49 80.59 -104.45
N SER ND 118 30.08 81.39 -103.58
CA SER ND 118 29.73 82.80 -103.46
C SER ND 118 29.83 83.54 -104.79
N ALA ND 119 29.12 84.67 -104.87
CA ALA ND 119 29.24 85.59 -105.99
C ALA ND 119 30.60 86.28 -105.98
N THR ND 120 31.04 86.73 -107.15
CA THR ND 120 32.35 87.37 -107.25
C THR ND 120 32.31 88.75 -106.59
N VAL ND 121 33.22 88.97 -105.64
CA VAL ND 121 33.35 90.21 -104.90
C VAL ND 121 34.84 90.42 -104.63
N SER ND 122 35.34 91.61 -104.93
CA SER ND 122 36.78 91.82 -104.87
C SER ND 122 37.26 91.69 -103.42
N GLY ND 123 38.37 90.97 -103.25
CA GLY ND 123 38.92 90.73 -101.94
C GLY ND 123 38.44 89.46 -101.26
N GLN ND 124 37.51 88.74 -101.87
CA GLN ND 124 37.06 87.47 -101.31
C GLN ND 124 38.17 86.43 -101.37
N THR ND 125 38.22 85.58 -100.36
CA THR ND 125 39.13 84.45 -100.42
C THR ND 125 38.65 83.45 -101.46
N ASP ND 126 39.61 82.81 -102.12
CA ASP ND 126 39.30 81.83 -103.16
C ASP ND 126 38.84 80.55 -102.49
N THR ND 127 37.54 80.36 -102.43
CA THR ND 127 36.92 79.24 -101.75
C THR ND 127 36.65 78.07 -102.68
N SER ND 128 37.14 78.13 -103.91
CA SER ND 128 36.79 77.12 -104.91
C SER ND 128 37.25 75.72 -104.48
N GLY ND 129 38.41 75.62 -103.82
CA GLY ND 129 38.91 74.32 -103.43
C GLY ND 129 38.44 73.85 -102.08
N PHE ND 130 37.71 74.70 -101.37
CA PHE ND 130 37.26 74.33 -100.03
C PHE ND 130 36.36 73.10 -100.01
N PRO ND 131 35.39 72.92 -100.92
CA PRO ND 131 34.61 71.66 -100.87
C PRO ND 131 35.47 70.43 -101.03
N ALA ND 132 36.48 70.48 -101.90
CA ALA ND 132 37.42 69.37 -101.99
C ALA ND 132 38.12 69.12 -100.66
N LYS ND 133 38.63 70.19 -100.04
CA LYS ND 133 39.33 70.00 -98.76
C LYS ND 133 38.39 69.44 -97.70
N TRP ND 134 37.15 69.92 -97.66
CA TRP ND 134 36.20 69.39 -96.68
C TRP ND 134 35.94 67.92 -96.92
N ALA ND 135 35.70 67.53 -98.17
CA ALA ND 135 35.48 66.13 -98.51
C ALA ND 135 36.70 65.27 -98.19
N GLY ND 136 37.86 65.90 -98.02
CA GLY ND 136 39.02 65.19 -97.51
C GLY ND 136 39.22 65.23 -96.01
N LEU ND 137 38.25 65.79 -95.26
CA LEU ND 137 38.40 66.06 -93.82
C LEU ND 137 39.65 66.88 -93.52
N MET ND 138 39.78 68.00 -94.23
CA MET ND 138 40.87 68.95 -94.06
C MET ND 138 40.29 70.34 -93.90
N PHE ND 139 40.75 71.06 -92.90
CA PHE ND 139 40.30 72.45 -92.75
C PHE ND 139 40.88 73.30 -93.88
N PRO ND 140 40.08 74.16 -94.52
CA PRO ND 140 40.56 75.05 -95.57
C PRO ND 140 41.66 75.96 -95.05
N ALA OD 1 -6.24 74.59 -102.55
CA ALA OD 1 -6.41 75.91 -101.94
C ALA OD 1 -5.76 77.00 -102.80
N ALA OD 2 -6.28 78.22 -102.69
CA ALA OD 2 -5.74 79.34 -103.47
C ALA OD 2 -4.30 79.61 -103.05
N PRO OD 3 -3.38 79.77 -104.01
CA PRO OD 3 -1.97 80.00 -103.63
C PRO OD 3 -1.73 81.37 -103.01
N SER OD 4 -2.60 82.34 -103.24
CA SER OD 4 -2.42 83.66 -102.66
C SER OD 4 -3.77 84.36 -102.59
N LEU OD 5 -3.85 85.36 -101.70
CA LEU OD 5 -5.08 86.06 -101.41
C LEU OD 5 -4.80 87.55 -101.26
N ALA OD 6 -5.74 88.37 -101.72
CA ALA OD 6 -5.70 89.81 -101.51
C ALA OD 6 -7.02 90.18 -100.83
N LEU OD 7 -7.00 90.24 -99.51
CA LEU OD 7 -8.21 90.47 -98.73
C LEU OD 7 -8.33 91.94 -98.39
N VAL OD 8 -9.55 92.39 -98.13
CA VAL OD 8 -9.78 93.79 -97.77
C VAL OD 8 -9.81 93.93 -96.26
N GLY OD 9 -9.01 94.86 -95.74
CA GLY OD 9 -9.03 95.22 -94.34
C GLY OD 9 -9.07 96.73 -94.21
N ALA OD 10 -8.62 97.26 -93.08
CA ALA OD 10 -8.69 98.69 -92.82
C ALA OD 10 -7.31 99.21 -92.41
N ASN OD 11 -6.95 100.38 -92.93
CA ASN OD 11 -5.71 101.05 -92.54
C ASN OD 11 -5.92 101.75 -91.21
N SER OD 12 -4.96 102.58 -90.81
CA SER OD 12 -5.08 103.32 -89.55
C SER OD 12 -6.27 104.26 -89.56
N THR OD 13 -6.76 104.65 -90.74
CA THR OD 13 -7.90 105.56 -90.87
C THR OD 13 -9.20 104.81 -91.11
N LEU OD 14 -9.16 103.48 -91.13
CA LEU OD 14 -10.31 102.62 -91.40
C LEU OD 14 -10.74 102.65 -92.87
N ALA OD 15 -9.89 103.15 -93.75
CA ALA OD 15 -10.15 103.06 -95.18
C ALA OD 15 -9.85 101.66 -95.69
N SER OD 16 -10.64 101.21 -96.66
CA SER OD 16 -10.46 99.87 -97.20
C SER OD 16 -9.09 99.77 -97.87
N THR OD 17 -8.30 98.80 -97.43
CA THR OD 17 -6.93 98.61 -97.89
C THR OD 17 -6.68 97.13 -98.14
N LEU OD 18 -5.94 96.80 -99.19
CA LEU OD 18 -5.61 95.41 -99.41
C LEU OD 18 -4.58 94.91 -98.40
N VAL OD 19 -4.70 93.62 -98.08
CA VAL OD 19 -3.77 92.90 -97.22
C VAL OD 19 -3.48 91.58 -97.91
N ASN OD 20 -2.20 91.32 -98.17
CA ASN OD 20 -1.78 90.26 -99.08
C ASN OD 20 -1.27 89.07 -98.29
N TYR OD 21 -1.87 87.91 -98.54
CA TYR OD 21 -1.46 86.66 -97.93
C TYR OD 21 -1.00 85.70 -99.02
N SER OD 22 -0.09 84.81 -98.64
CA SER OD 22 0.39 83.76 -99.52
C SER OD 22 0.34 82.44 -98.77
N LEU OD 23 0.07 81.36 -99.51
CA LEU OD 23 -0.11 80.04 -98.94
C LEU OD 23 1.22 79.45 -98.52
N ARG OD 24 1.38 79.23 -97.21
CA ARG OD 24 2.64 78.67 -96.72
C ARG OD 24 2.69 77.16 -96.91
N SER OD 25 1.65 76.45 -96.46
CA SER OD 25 1.61 74.99 -96.62
C SER OD 25 0.16 74.53 -96.49
N GLN OD 26 -0.05 73.23 -96.72
CA GLN OD 26 -1.35 72.59 -96.55
C GLN OD 26 -1.14 71.22 -95.90
N ASN OD 27 -1.69 71.05 -94.70
CA ASN OD 27 -1.65 69.82 -93.90
C ASN OD 27 -3.00 69.12 -94.01
N GLY OD 28 -3.21 68.10 -93.18
CA GLY OD 28 -4.46 67.39 -93.11
C GLY OD 28 -5.62 68.31 -92.76
N ASN OD 29 -6.48 68.54 -93.75
CA ASN OD 29 -7.72 69.30 -93.58
C ASN OD 29 -7.46 70.69 -93.01
N ASN OD 30 -6.38 71.33 -93.45
CA ASN OD 30 -6.10 72.69 -92.98
C ASN OD 30 -5.26 73.43 -94.01
N VAL OD 31 -5.13 74.73 -93.80
CA VAL OD 31 -4.49 75.65 -94.73
C VAL OD 31 -3.87 76.77 -93.89
N ASP OD 32 -2.63 77.14 -94.23
CA ASP OD 32 -1.85 78.13 -93.50
C ASP OD 32 -1.39 79.22 -94.46
N TYR OD 33 -1.83 80.46 -94.23
CA TYR OD 33 -1.45 81.62 -95.02
C TYR OD 33 -0.66 82.59 -94.16
N VAL OD 34 0.26 83.32 -94.81
CA VAL OD 34 1.13 84.29 -94.17
C VAL OD 34 1.02 85.62 -94.90
N CYS OD 35 1.05 86.72 -94.15
CA CYS OD 35 0.97 88.04 -94.77
C CYS OD 35 2.32 88.40 -95.39
N THR OD 36 2.28 88.89 -96.63
CA THR OD 36 3.47 89.21 -97.41
C THR OD 36 3.71 90.71 -97.52
N ASP OD 37 2.97 91.52 -96.79
CA ASP OD 37 3.16 92.95 -96.80
C ASP OD 37 4.44 93.30 -96.04
N PRO OD 38 4.93 94.53 -96.15
CA PRO OD 38 6.11 94.92 -95.38
C PRO OD 38 5.87 94.97 -93.87
N ASP OD 39 4.65 95.29 -93.42
CA ASP OD 39 4.41 95.46 -91.99
C ASP OD 39 4.43 94.15 -91.21
N SER OD 40 4.33 92.99 -91.89
CA SER OD 40 4.42 91.70 -91.21
C SER OD 40 5.81 91.12 -91.43
N THR OD 41 6.43 90.70 -90.32
CA THR OD 41 7.73 90.07 -90.29
C THR OD 41 7.64 88.86 -89.37
N LEU OD 42 8.70 88.05 -89.33
CA LEU OD 42 8.66 86.89 -88.45
C LEU OD 42 8.53 87.29 -87.00
N SER OD 43 9.03 88.48 -86.64
CA SER OD 43 8.90 88.96 -85.27
C SER OD 43 7.44 89.27 -84.94
N ALA OD 44 6.69 89.81 -85.88
CA ALA OD 44 5.29 90.17 -85.67
C ALA OD 44 4.49 89.92 -86.94
N PRO OD 45 4.12 88.67 -87.20
CA PRO OD 45 3.51 88.31 -88.47
C PRO OD 45 1.99 88.49 -88.48
N GLY OD 46 1.43 88.44 -89.68
CA GLY OD 46 0.00 88.27 -89.88
C GLY OD 46 -0.27 86.89 -90.46
N LEU OD 47 -1.27 86.20 -89.91
CA LEU OD 47 -1.47 84.80 -90.21
C LEU OD 47 -2.94 84.49 -90.41
N ILE OD 48 -3.22 83.52 -91.27
CA ILE OD 48 -4.58 82.98 -91.43
C ILE OD 48 -4.51 81.47 -91.45
N ASN OD 49 -5.44 80.82 -90.77
CA ASN OD 49 -5.44 79.37 -90.62
C ASN OD 49 -6.85 78.84 -90.74
N ALA OD 50 -7.02 77.75 -91.49
CA ALA OD 50 -8.34 77.16 -91.67
C ALA OD 50 -8.26 75.65 -91.56
N LYS OD 51 -9.28 75.04 -90.96
CA LYS OD 51 -9.31 73.61 -90.69
C LYS OD 51 -10.73 73.08 -90.84
N PHE OD 52 -10.86 71.84 -91.32
CA PHE OD 52 -12.14 71.15 -91.37
C PHE OD 52 -12.14 69.97 -90.41
N ASP OD 53 -13.16 69.91 -89.56
CA ASP OD 53 -13.50 68.70 -88.80
C ASP OD 53 -14.66 68.06 -89.52
N ILE OD 54 -14.39 66.99 -90.26
CA ILE OD 54 -15.37 66.37 -91.15
C ILE OD 54 -15.81 65.05 -90.55
N LYS OD 55 -17.09 64.93 -90.27
CA LYS OD 55 -17.61 63.71 -89.67
C LYS OD 55 -17.89 62.68 -90.75
N ALA OD 56 -18.07 61.42 -90.31
CA ALA OD 56 -18.21 60.31 -91.24
C ALA OD 56 -19.43 60.49 -92.14
N PRO OD 57 -19.47 59.79 -93.27
CA PRO OD 57 -20.64 59.90 -94.15
C PRO OD 57 -21.92 59.49 -93.44
N GLY OD 58 -23.00 60.16 -93.78
CA GLY OD 58 -24.29 59.97 -93.15
C GLY OD 58 -24.96 61.30 -92.97
N ILE OD 59 -26.10 61.29 -92.29
CA ILE OD 59 -26.82 62.52 -92.01
C ILE OD 59 -26.85 62.84 -90.53
N THR OD 60 -26.05 62.14 -89.72
CA THR OD 60 -26.17 62.25 -88.27
C THR OD 60 -25.41 63.42 -87.69
N GLY OD 61 -24.23 63.72 -88.21
CA GLY OD 61 -23.27 64.55 -87.50
C GLY OD 61 -23.44 66.04 -87.72
N ASN OD 62 -22.40 66.77 -87.29
CA ASN OD 62 -22.20 68.20 -87.50
C ASN OD 62 -20.77 68.42 -87.97
N ASP OD 63 -20.61 68.84 -89.24
CA ASP OD 63 -19.30 69.23 -89.76
C ASP OD 63 -18.90 70.58 -89.17
N ARG OD 64 -17.59 70.83 -89.08
CA ARG OD 64 -17.12 72.09 -88.51
C ARG OD 64 -15.98 72.69 -89.33
N ILE OD 65 -15.99 74.01 -89.41
CA ILE OD 65 -14.95 74.82 -90.05
C ILE OD 65 -14.35 75.71 -88.98
N HIS OD 66 -13.02 75.75 -88.91
CA HIS OD 66 -12.29 76.60 -87.97
C HIS OD 66 -11.40 77.55 -88.75
N ALA OD 67 -11.66 78.84 -88.64
CA ALA OD 67 -10.81 79.85 -89.25
C ALA OD 67 -10.22 80.72 -88.15
N ASN OD 68 -9.04 81.27 -88.42
CA ASN OD 68 -8.33 82.06 -87.42
C ASN OD 68 -7.47 83.09 -88.15
N LEU OD 69 -7.76 84.38 -87.92
CA LEU OD 69 -7.02 85.47 -88.52
C LEU OD 69 -6.31 86.23 -87.40
N ARG OD 70 -4.99 86.21 -87.41
CA ARG OD 70 -4.20 86.77 -86.33
C ARG OD 70 -3.24 87.84 -86.85
N LYS OD 71 -2.90 88.78 -85.97
CA LYS OD 71 -1.83 89.73 -86.20
C LYS OD 71 -1.08 89.95 -84.90
N VAL OD 72 0.24 89.82 -84.95
CA VAL OD 72 1.09 90.02 -83.78
C VAL OD 72 1.61 91.44 -83.79
N VAL OD 73 1.72 92.04 -82.60
CA VAL OD 73 2.23 93.40 -82.47
C VAL OD 73 3.25 93.41 -81.33
N LEU OD 74 4.23 94.29 -81.45
CA LEU OD 74 5.30 94.42 -80.47
C LEU OD 74 5.14 95.71 -79.67
N ASP OD 75 5.38 95.63 -78.36
CA ASP OD 75 5.30 96.80 -77.49
C ASP OD 75 6.37 97.82 -77.87
N GLU OD 76 5.99 99.10 -77.96
CA GLU OD 76 6.97 100.13 -78.28
C GLU OD 76 8.05 100.24 -77.20
N LYS OD 77 7.73 99.84 -75.97
CA LYS OD 77 8.68 100.01 -74.88
C LYS OD 77 9.56 98.78 -74.70
N THR OD 78 9.00 97.58 -74.92
CA THR OD 78 9.70 96.34 -74.59
C THR OD 78 9.83 95.35 -75.74
N ASN OD 79 9.28 95.64 -76.92
CA ASN OD 79 9.21 94.68 -78.02
C ASN OD 79 8.57 93.36 -77.60
N LEU OD 80 7.72 93.40 -76.58
CA LEU OD 80 7.08 92.14 -76.22
C LEU OD 80 5.85 91.90 -77.10
N PRO OD 81 5.69 90.67 -77.58
CA PRO OD 81 4.61 90.39 -78.52
C PRO OD 81 3.31 90.13 -77.80
N SER OD 82 2.23 90.72 -78.32
CA SER OD 82 0.89 90.27 -78.02
C SER OD 82 0.12 90.19 -79.32
N THR OD 83 -0.86 89.29 -79.37
CA THR OD 83 -1.54 88.98 -80.62
C THR OD 83 -3.01 89.39 -80.53
N GLY OD 84 -3.52 89.92 -81.63
CA GLY OD 84 -4.95 90.15 -81.80
C GLY OD 84 -5.47 89.12 -82.79
N SER OD 85 -6.70 88.67 -82.57
CA SER OD 85 -7.20 87.59 -83.42
C SER OD 85 -8.71 87.63 -83.55
N VAL OD 86 -9.18 87.20 -84.72
CA VAL OD 86 -10.58 86.90 -84.96
C VAL OD 86 -10.67 85.44 -85.36
N THR OD 87 -11.33 84.64 -84.55
CA THR OD 87 -11.51 83.23 -84.83
C THR OD 87 -12.98 82.98 -85.15
N ILE OD 88 -13.22 82.02 -86.03
CA ILE OD 88 -14.54 81.70 -86.54
C ILE OD 88 -14.73 80.20 -86.49
N GLN OD 89 -15.91 79.77 -86.05
CA GLN OD 89 -16.27 78.35 -86.09
C GLN OD 89 -17.66 78.21 -86.70
N VAL OD 90 -17.71 77.50 -87.82
CA VAL OD 90 -18.95 77.20 -88.52
C VAL OD 90 -19.31 75.75 -88.23
N SER OD 91 -20.55 75.51 -87.82
CA SER OD 91 -21.04 74.16 -87.57
C SER OD 91 -22.25 73.93 -88.47
N ILE OD 92 -22.10 72.98 -89.38
CA ILE OD 92 -23.03 72.65 -90.45
C ILE OD 92 -23.63 71.27 -90.14
N PRO OD 93 -24.92 71.18 -89.82
CA PRO OD 93 -25.54 69.87 -89.63
C PRO OD 93 -25.72 69.12 -90.93
N ARG OD 94 -25.77 67.80 -90.82
CA ARG OD 94 -25.92 66.91 -91.97
C ARG OD 94 -27.35 66.45 -92.18
N ASN OD 95 -28.25 66.67 -91.21
CA ASN OD 95 -29.67 66.45 -91.40
C ASN OD 95 -30.14 67.17 -92.67
N PRO OD 96 -30.72 66.46 -93.63
CA PRO OD 96 -31.08 67.08 -94.92
C PRO OD 96 -32.02 68.25 -94.79
N ALA OD 97 -32.52 68.53 -93.59
CA ALA OD 97 -33.31 69.72 -93.34
C ALA OD 97 -32.45 70.98 -93.27
N TRP OD 98 -31.15 70.88 -93.52
CA TRP OD 98 -30.25 72.02 -93.58
C TRP OD 98 -29.74 72.20 -95.01
N ASN OD 99 -29.33 73.42 -95.33
CA ASN OD 99 -28.88 73.76 -96.68
C ASN OD 99 -27.56 74.52 -96.65
N ALA OD 100 -26.79 74.31 -97.73
CA ALA OD 100 -25.69 75.23 -97.99
C ALA OD 100 -26.18 76.67 -98.03
N SER OD 101 -27.43 76.89 -98.48
CA SER OD 101 -27.99 78.23 -98.47
C SER OD 101 -28.10 78.77 -97.05
N MET OD 102 -28.45 77.89 -96.10
CA MET OD 102 -28.56 78.32 -94.71
C MET OD 102 -27.19 78.62 -94.12
N THR OD 103 -26.19 77.80 -94.46
CA THR OD 103 -24.81 78.10 -94.08
C THR OD 103 -24.39 79.48 -94.58
N VAL OD 104 -24.59 79.73 -95.88
CA VAL OD 104 -24.19 81.00 -96.47
C VAL OD 104 -24.96 82.15 -95.83
N SER OD 105 -26.23 81.93 -95.51
CA SER OD 105 -27.02 82.99 -94.88
C SER OD 105 -26.46 83.37 -93.52
N LEU OD 106 -26.08 82.37 -92.72
CA LEU OD 106 -25.46 82.68 -91.44
C LEU OD 106 -24.14 83.41 -91.64
N LEU OD 107 -23.34 83.00 -92.62
CA LEU OD 107 -22.07 83.69 -92.87
C LEU OD 107 -22.31 85.16 -93.22
N LYS OD 108 -23.26 85.41 -94.13
CA LYS OD 108 -23.55 86.78 -94.55
C LYS OD 108 -24.08 87.62 -93.39
N GLN OD 109 -24.93 87.03 -92.55
CA GLN OD 109 -25.46 87.77 -91.41
C GLN OD 109 -24.38 88.12 -90.41
N ALA OD 110 -23.49 87.16 -90.11
CA ALA OD 110 -22.37 87.45 -89.22
C ALA OD 110 -21.49 88.53 -89.80
N ALA OD 111 -21.26 88.51 -91.11
CA ALA OD 111 -20.46 89.54 -91.75
C ALA OD 111 -21.11 90.91 -91.59
N ASP OD 112 -22.41 90.99 -91.88
CA ASP OD 112 -23.14 92.25 -91.71
C ASP OD 112 -23.07 92.74 -90.26
N TYR OD 113 -23.23 91.83 -89.29
CA TYR OD 113 -23.42 92.27 -87.91
C TYR OD 113 -22.11 92.58 -87.20
N LEU OD 114 -21.02 91.93 -87.56
CA LEU OD 114 -19.75 92.19 -86.90
C LEU OD 114 -18.74 92.95 -87.74
N ALA OD 115 -18.87 92.94 -89.07
CA ALA OD 115 -17.99 93.71 -89.93
C ALA OD 115 -18.70 94.80 -90.71
N GLY OD 116 -20.03 94.75 -90.81
CA GLY OD 116 -20.77 95.75 -91.56
C GLY OD 116 -20.42 95.78 -93.03
N THR OD 117 -20.44 94.62 -93.68
CA THR OD 117 -20.02 94.49 -95.08
C THR OD 117 -21.08 93.89 -95.99
N SER OD 118 -22.28 93.64 -95.50
CA SER OD 118 -23.32 93.00 -96.32
C SER OD 118 -23.64 93.80 -97.58
N ALA OD 119 -24.27 93.11 -98.54
CA ALA OD 119 -24.77 93.75 -99.75
C ALA OD 119 -25.95 94.65 -99.43
N THR OD 120 -26.37 95.43 -100.42
CA THR OD 120 -27.41 96.42 -100.23
C THR OD 120 -28.79 95.84 -100.49
N VAL OD 121 -29.69 95.97 -99.51
CA VAL OD 121 -31.08 95.55 -99.60
C VAL OD 121 -31.92 96.67 -99.01
N SER OD 122 -33.20 96.71 -99.39
CA SER OD 122 -34.05 97.86 -99.10
C SER OD 122 -34.02 98.24 -97.64
N GLY OD 123 -34.57 97.39 -96.77
CA GLY OD 123 -34.81 97.81 -95.41
C GLY OD 123 -33.68 97.49 -94.45
N GLN OD 124 -32.46 97.36 -94.94
CA GLN OD 124 -31.40 96.82 -94.11
C GLN OD 124 -31.01 97.86 -93.07
N THR OD 125 -30.57 97.41 -91.90
CA THR OD 125 -30.07 98.38 -90.94
C THR OD 125 -28.65 98.76 -91.28
N ASP OD 126 -28.30 100.00 -90.95
CA ASP OD 126 -26.99 100.54 -91.26
C ASP OD 126 -25.97 99.95 -90.28
N THR OD 127 -25.10 99.10 -90.80
CA THR OD 127 -24.13 98.38 -90.00
C THR OD 127 -22.71 98.86 -90.23
N SER OD 128 -22.54 99.99 -90.92
CA SER OD 128 -21.20 100.46 -91.26
C SER OD 128 -20.39 100.78 -90.00
N GLY OD 129 -21.04 101.32 -88.97
CA GLY OD 129 -20.34 101.68 -87.75
C GLY OD 129 -20.19 100.58 -86.74
N PHE OD 130 -20.83 99.43 -87.01
CA PHE OD 130 -20.76 98.33 -86.05
C PHE OD 130 -19.36 97.83 -85.78
N PRO OD 131 -18.47 97.64 -86.77
CA PRO OD 131 -17.11 97.21 -86.41
C PRO OD 131 -16.41 98.19 -85.48
N ALA OD 132 -16.60 99.49 -85.68
CA ALA OD 132 -16.05 100.48 -84.77
C ALA OD 132 -16.60 100.29 -83.36
N LYS OD 133 -17.92 100.13 -83.26
CA LYS OD 133 -18.53 99.96 -81.93
C LYS OD 133 -18.02 98.69 -81.26
N TRP OD 134 -17.85 97.61 -82.03
CA TRP OD 134 -17.32 96.38 -81.44
C TRP OD 134 -15.89 96.60 -80.95
N ALA OD 135 -15.04 97.20 -81.78
CA ALA OD 135 -13.66 97.45 -81.40
C ALA OD 135 -13.56 98.36 -80.19
N GLY OD 136 -14.61 99.13 -79.91
CA GLY OD 136 -14.68 99.85 -78.66
C GLY OD 136 -15.28 99.09 -77.50
N LEU OD 137 -15.57 97.80 -77.70
CA LEU OD 137 -16.25 96.97 -76.70
C LEU OD 137 -17.58 97.57 -76.27
N MET OD 138 -18.41 97.90 -77.25
CA MET OD 138 -19.78 98.29 -76.99
C MET OD 138 -20.70 97.67 -78.03
N PHE OD 139 -21.91 97.34 -77.59
CA PHE OD 139 -22.86 96.68 -78.47
C PHE OD 139 -23.41 97.66 -79.51
N PRO OD 140 -23.64 97.19 -80.74
CA PRO OD 140 -24.33 97.97 -81.77
C PRO OD 140 -25.74 98.32 -81.32
N ALA PD 1 1.26 67.72 -104.19
CA ALA PD 1 0.36 67.07 -105.13
C ALA PD 1 -0.45 68.09 -105.92
N ALA PD 2 -1.12 67.63 -106.98
CA ALA PD 2 -1.94 68.52 -107.80
C ALA PD 2 -3.10 69.07 -106.97
N PRO PD 3 -3.36 70.38 -107.07
CA PRO PD 3 -4.43 70.96 -106.25
C PRO PD 3 -5.83 70.60 -106.71
N SER PD 4 -5.98 70.16 -107.97
CA SER PD 4 -7.29 69.82 -108.49
C SER PD 4 -7.12 68.87 -109.67
N LEU PD 5 -8.16 68.07 -109.91
CA LEU PD 5 -8.14 67.02 -110.91
C LEU PD 5 -9.47 67.00 -111.66
N ALA PD 6 -9.39 66.74 -112.96
CA ALA PD 6 -10.58 66.52 -113.79
C ALA PD 6 -10.45 65.13 -114.38
N LEU PD 7 -10.97 64.13 -113.66
CA LEU PD 7 -10.85 62.75 -114.11
C LEU PD 7 -12.04 62.39 -115.01
N VAL PD 8 -11.86 61.36 -115.83
CA VAL PD 8 -12.93 60.91 -116.72
C VAL PD 8 -13.63 59.72 -116.10
N GLY PD 9 -14.94 59.83 -115.94
CA GLY PD 9 -15.80 58.74 -115.52
C GLY PD 9 -16.95 58.60 -116.49
N ALA PD 10 -18.06 58.05 -115.99
CA ALA PD 10 -19.22 57.76 -116.80
C ALA PD 10 -20.48 58.27 -116.11
N ASN PD 11 -21.38 58.86 -116.90
CA ASN PD 11 -22.68 59.28 -116.39
C ASN PD 11 -23.63 58.09 -116.43
N SER PD 12 -24.93 58.37 -116.25
CA SER PD 12 -25.91 57.30 -116.26
C SER PD 12 -26.00 56.61 -117.61
N THR PD 13 -25.64 57.32 -118.69
CA THR PD 13 -25.63 56.77 -120.04
C THR PD 13 -24.36 55.96 -120.32
N LEU PD 14 -23.39 55.97 -119.42
CA LEU PD 14 -22.03 55.48 -119.60
C LEU PD 14 -21.21 56.33 -120.57
N ALA PD 15 -21.70 57.51 -120.92
CA ALA PD 15 -20.92 58.43 -121.73
C ALA PD 15 -19.79 59.04 -120.90
N SER PD 16 -18.66 59.29 -121.55
CA SER PD 16 -17.49 59.83 -120.86
C SER PD 16 -17.79 61.23 -120.34
N THR PD 17 -17.72 61.40 -119.02
CA THR PD 17 -18.06 62.65 -118.35
C THR PD 17 -16.95 63.04 -117.38
N LEU PD 18 -16.68 64.33 -117.26
CA LEU PD 18 -15.70 64.76 -116.27
C LEU PD 18 -16.27 64.69 -114.86
N VAL PD 19 -15.41 64.26 -113.93
CA VAL PD 19 -15.68 64.30 -112.51
C VAL PD 19 -14.52 65.03 -111.84
N ASN PD 20 -14.86 66.06 -111.07
CA ASN PD 20 -13.91 67.06 -110.63
C ASN PD 20 -13.60 66.89 -109.15
N TYR PD 21 -12.31 66.87 -108.81
CA TYR PD 21 -11.86 66.74 -107.44
C TYR PD 21 -10.95 67.91 -107.09
N SER PD 22 -10.98 68.34 -105.84
CA SER PD 22 -10.02 69.31 -105.33
C SER PD 22 -9.28 68.70 -104.14
N LEU PD 23 -8.05 69.14 -103.97
CA LEU PD 23 -7.16 68.64 -102.92
C LEU PD 23 -7.59 69.22 -101.58
N ARG PD 24 -8.23 68.38 -100.77
CA ARG PD 24 -8.66 68.80 -99.44
C ARG PD 24 -7.56 68.62 -98.39
N SER PD 25 -6.84 67.50 -98.38
CA SER PD 25 -5.77 67.38 -97.38
C SER PD 25 -4.59 66.61 -97.96
N GLN PD 26 -3.44 66.82 -97.34
CA GLN PD 26 -2.23 66.06 -97.63
C GLN PD 26 -1.41 66.01 -96.36
N ASN PD 27 -1.10 64.80 -95.91
CA ASN PD 27 -0.47 64.61 -94.61
C ASN PD 27 0.22 63.25 -94.59
N GLY PD 28 1.50 63.26 -94.21
CA GLY PD 28 2.23 62.03 -93.96
C GLY PD 28 2.18 61.05 -95.11
N ASN PD 29 2.72 61.46 -96.25
CA ASN PD 29 2.66 60.66 -97.48
C ASN PD 29 1.25 60.15 -97.73
N ASN PD 30 0.28 61.02 -97.52
CA ASN PD 30 -1.11 60.66 -97.73
C ASN PD 30 -1.79 61.85 -98.39
N VAL PD 31 -2.68 61.59 -99.35
CA VAL PD 31 -3.30 62.63 -100.16
C VAL PD 31 -4.79 62.34 -100.28
N ASP PD 32 -5.63 63.32 -99.96
CA ASP PD 32 -7.08 63.16 -99.92
C ASP PD 32 -7.76 64.25 -100.75
N TYR PD 33 -8.52 63.83 -101.75
CA TYR PD 33 -9.29 64.70 -102.63
C TYR PD 33 -10.79 64.53 -102.37
N VAL PD 34 -11.55 65.60 -102.61
CA VAL PD 34 -13.01 65.54 -102.51
C VAL PD 34 -13.61 66.01 -103.83
N CYS PD 35 -14.77 65.43 -104.17
CA CYS PD 35 -15.43 65.74 -105.42
C CYS PD 35 -16.21 67.05 -105.30
N THR PD 36 -16.00 67.94 -106.27
CA THR PD 36 -16.57 69.28 -106.25
C THR PD 36 -17.89 69.37 -107.01
N ASP PD 37 -18.34 68.28 -107.61
CA ASP PD 37 -19.53 68.29 -108.44
C ASP PD 37 -20.78 68.32 -107.56
N PRO PD 38 -21.96 68.56 -108.16
CA PRO PD 38 -23.18 68.55 -107.36
C PRO PD 38 -23.56 67.17 -106.84
N ASP PD 39 -23.13 66.10 -107.50
CA ASP PD 39 -23.51 64.76 -107.05
C ASP PD 39 -22.83 64.34 -105.75
N SER PD 40 -21.78 65.04 -105.33
CA SER PD 40 -21.17 64.78 -104.02
C SER PD 40 -21.65 65.86 -103.06
N THR PD 41 -22.36 65.43 -102.03
CA THR PD 41 -22.83 66.29 -100.96
C THR PD 41 -22.00 66.01 -99.72
N LEU PD 42 -22.22 66.83 -98.68
CA LEU PD 42 -21.57 66.58 -97.41
C LEU PD 42 -21.97 65.22 -96.85
N SER PD 43 -23.25 64.88 -96.99
CA SER PD 43 -23.74 63.65 -96.38
C SER PD 43 -23.30 62.43 -97.17
N ALA PD 44 -23.21 62.57 -98.49
CA ALA PD 44 -22.87 61.47 -99.39
C ALA PD 44 -21.84 61.97 -100.40
N PRO PD 45 -20.56 62.00 -100.02
CA PRO PD 45 -19.54 62.62 -100.85
C PRO PD 45 -18.88 61.64 -101.82
N GLY PD 46 -18.10 62.21 -102.74
CA GLY PD 46 -17.17 61.44 -103.55
C GLY PD 46 -15.76 61.78 -103.10
N LEU PD 47 -14.93 60.75 -102.92
CA LEU PD 47 -13.66 60.92 -102.23
C LEU PD 47 -12.56 60.12 -102.91
N ILE PD 48 -11.33 60.62 -102.78
CA ILE PD 48 -10.15 59.90 -103.26
C ILE PD 48 -9.08 59.94 -102.18
N ASN PD 49 -8.37 58.83 -102.03
CA ASN PD 49 -7.32 58.64 -101.03
C ASN PD 49 -6.12 57.99 -101.69
N ALA PD 50 -4.90 58.39 -101.29
CA ALA PD 50 -3.69 57.79 -101.85
C ALA PD 50 -2.56 57.84 -100.83
N LYS PD 51 -1.98 56.67 -100.51
CA LYS PD 51 -0.96 56.49 -99.49
C LYS PD 51 0.29 55.86 -100.09
N PHE PD 52 1.44 56.17 -99.48
CA PHE PD 52 2.73 55.57 -99.81
C PHE PD 52 3.32 54.87 -98.60
N ASP PD 53 3.47 53.55 -98.68
CA ASP PD 53 4.29 52.80 -97.74
C ASP PD 53 5.68 52.70 -98.37
N ILE PD 54 6.58 53.58 -97.95
CA ILE PD 54 7.93 53.62 -98.48
C ILE PD 54 8.85 52.93 -97.50
N LYS PD 55 9.44 51.82 -97.94
CA LYS PD 55 10.37 51.06 -97.12
C LYS PD 55 11.70 51.80 -97.01
N ALA PD 56 12.43 51.49 -95.94
CA ALA PD 56 13.79 51.99 -95.73
C ALA PD 56 14.67 51.66 -96.93
N PRO PD 57 15.72 52.43 -97.18
CA PRO PD 57 16.58 52.14 -98.33
C PRO PD 57 17.13 50.73 -98.24
N GLY PD 58 17.31 50.12 -99.39
CA GLY PD 58 17.75 48.74 -99.44
C GLY PD 58 17.31 48.10 -100.73
N ILE PD 59 17.92 46.93 -100.98
CA ILE PD 59 17.61 46.19 -102.19
C ILE PD 59 16.51 45.16 -101.95
N THR PD 60 16.09 44.97 -100.70
CA THR PD 60 15.08 43.99 -100.34
C THR PD 60 13.79 44.68 -99.96
N GLY PD 61 12.68 43.98 -100.17
CA GLY PD 61 11.37 44.46 -99.80
C GLY PD 61 10.58 44.98 -100.99
N ASN PD 62 9.33 45.33 -100.71
CA ASN PD 62 8.43 45.96 -101.66
C ASN PD 62 7.98 47.31 -101.13
N ASP PD 63 7.99 48.32 -102.01
CA ASP PD 63 7.30 49.58 -101.77
C ASP PD 63 5.83 49.42 -102.15
N ARG PD 64 4.95 50.18 -101.49
CA ARG PD 64 3.53 50.00 -101.77
C ARG PD 64 2.81 51.33 -101.95
N ILE PD 65 1.87 51.33 -102.91
CA ILE PD 65 0.98 52.45 -103.18
C ILE PD 65 -0.44 51.98 -102.90
N HIS PD 66 -1.21 52.78 -102.17
CA HIS PD 66 -2.61 52.49 -101.90
C HIS PD 66 -3.46 53.63 -102.46
N ALA PD 67 -4.58 53.29 -103.09
CA ALA PD 67 -5.46 54.30 -103.65
C ALA PD 67 -6.89 53.84 -103.50
N ASN PD 68 -7.78 54.77 -103.18
CA ASN PD 68 -9.19 54.45 -102.99
C ASN PD 68 -10.04 55.54 -103.63
N LEU PD 69 -10.97 55.11 -104.49
CA LEU PD 69 -11.93 56.01 -105.11
C LEU PD 69 -13.32 55.61 -104.67
N ARG PD 70 -14.00 56.49 -103.94
CA ARG PD 70 -15.23 56.19 -103.24
C ARG PD 70 -16.36 57.10 -103.71
N LYS PD 71 -17.57 56.56 -103.74
CA LYS PD 71 -18.79 57.36 -103.82
C LYS PD 71 -19.77 56.84 -102.79
N VAL PD 72 -20.23 57.73 -101.90
CA VAL PD 72 -21.20 57.38 -100.88
C VAL PD 72 -22.59 57.64 -101.43
N VAL PD 73 -23.54 56.77 -101.06
CA VAL PD 73 -24.92 56.94 -101.46
C VAL PD 73 -25.81 56.67 -100.25
N LEU PD 74 -26.88 57.44 -100.12
CA LEU PD 74 -27.81 57.34 -99.01
C LEU PD 74 -29.02 56.51 -99.40
N ASP PD 75 -29.50 55.70 -98.46
CA ASP PD 75 -30.72 54.92 -98.67
C ASP PD 75 -31.92 55.85 -98.81
N GLU PD 76 -32.83 55.49 -99.73
CA GLU PD 76 -33.98 56.34 -99.99
C GLU PD 76 -34.83 56.50 -98.74
N LYS PD 77 -35.07 55.40 -98.01
CA LYS PD 77 -35.93 55.43 -96.84
C LYS PD 77 -35.15 55.74 -95.58
N THR PD 78 -34.14 54.92 -95.27
CA THR PD 78 -33.45 55.02 -93.99
C THR PD 78 -32.40 56.12 -93.95
N ASN PD 79 -31.98 56.65 -95.10
CA ASN PD 79 -30.91 57.64 -95.21
C ASN PD 79 -29.59 57.13 -94.62
N LEU PD 80 -29.47 55.83 -94.38
CA LEU PD 80 -28.20 55.24 -93.98
C LEU PD 80 -27.25 55.22 -95.17
N PRO PD 81 -25.99 55.55 -94.96
CA PRO PD 81 -25.06 55.61 -96.08
C PRO PD 81 -24.41 54.26 -96.33
N SER PD 82 -24.36 53.84 -97.58
CA SER PD 82 -23.46 52.78 -97.98
C SER PD 82 -22.60 53.30 -99.11
N THR PD 83 -21.37 52.79 -99.20
CA THR PD 83 -20.38 53.37 -100.08
C THR PD 83 -19.85 52.33 -101.07
N GLY PD 84 -19.69 52.76 -102.32
CA GLY PD 84 -19.13 51.94 -103.37
C GLY PD 84 -17.73 52.44 -103.70
N SER PD 85 -16.81 51.50 -103.98
CA SER PD 85 -15.41 51.92 -104.02
C SER PD 85 -14.57 51.02 -104.91
N VAL PD 86 -13.66 51.64 -105.66
CA VAL PD 86 -12.59 50.94 -106.36
C VAL PD 86 -11.28 51.27 -105.67
N THR PD 87 -10.60 50.25 -105.17
CA THR PD 87 -9.35 50.45 -104.45
C THR PD 87 -8.23 49.65 -105.10
N ILE PD 88 -7.04 50.25 -105.14
CA ILE PD 88 -5.87 49.72 -105.86
C ILE PD 88 -4.70 49.65 -104.91
N GLN PD 89 -3.97 48.53 -104.96
CA GLN PD 89 -2.69 48.38 -104.28
C GLN PD 89 -1.62 48.02 -105.31
N VAL PD 90 -0.59 48.84 -105.38
CA VAL PD 90 0.56 48.61 -106.25
C VAL PD 90 1.73 48.20 -105.36
N SER PD 91 2.36 47.07 -105.68
CA SER PD 91 3.50 46.55 -104.93
C SER PD 91 4.70 46.48 -105.87
N ILE PD 92 5.69 47.32 -105.62
CA ILE PD 92 6.86 47.52 -106.46
C ILE PD 92 8.07 46.94 -105.73
N PRO PD 93 8.65 45.85 -106.22
CA PRO PD 93 9.85 45.30 -105.57
C PRO PD 93 11.07 46.20 -105.76
N ARG PD 94 12.10 45.92 -104.96
CA ARG PD 94 13.32 46.71 -104.98
C ARG PD 94 14.51 46.00 -105.60
N ASN PD 95 14.38 44.73 -105.92
CA ASN PD 95 15.41 44.04 -106.70
C ASN PD 95 15.63 44.80 -108.01
N PRO PD 96 16.87 45.16 -108.34
CA PRO PD 96 17.11 45.94 -109.57
C PRO PD 96 16.61 45.26 -110.83
N ALA PD 97 16.22 44.00 -110.73
CA ALA PD 97 15.61 43.28 -111.82
C ALA PD 97 14.16 43.69 -112.07
N TRP PD 98 13.66 44.70 -111.35
CA TRP PD 98 12.35 45.28 -111.60
C TRP PD 98 12.53 46.68 -112.18
N ASN PD 99 11.54 47.13 -112.96
CA ASN PD 99 11.59 48.44 -113.59
C ASN PD 99 10.31 49.22 -113.38
N ALA PD 100 10.47 50.55 -113.34
CA ALA PD 100 9.31 51.40 -113.47
C ALA PD 100 8.51 51.06 -114.72
N SER PD 101 9.19 50.61 -115.79
CA SER PD 101 8.48 50.20 -116.99
C SER PD 101 7.56 49.03 -116.69
N MET PD 102 8.00 48.11 -115.83
CA MET PD 102 7.17 46.96 -115.48
C MET PD 102 5.99 47.40 -114.61
N THR PD 103 6.24 48.33 -113.69
CA THR PD 103 5.14 48.91 -112.90
C THR PD 103 4.09 49.53 -113.83
N VAL PD 104 4.53 50.37 -114.76
CA VAL PD 104 3.61 51.04 -115.67
C VAL PD 104 2.89 50.02 -116.55
N SER PD 105 3.60 48.97 -116.96
CA SER PD 105 2.96 47.95 -117.79
C SER PD 105 1.83 47.27 -117.04
N LEU PD 106 2.05 46.92 -115.77
CA LEU PD 106 0.97 46.34 -114.98
C LEU PD 106 -0.19 47.32 -114.81
N LEU PD 107 0.11 48.60 -114.58
CA LEU PD 107 -0.96 49.59 -114.44
C LEU PD 107 -1.80 49.67 -115.72
N LYS PD 108 -1.13 49.74 -116.87
CA LYS PD 108 -1.84 49.85 -118.14
C LYS PD 108 -2.66 48.60 -118.42
N GLN PD 109 -2.13 47.42 -118.10
CA GLN PD 109 -2.87 46.19 -118.33
C GLN PD 109 -4.11 46.11 -117.42
N ALA PD 110 -3.96 46.51 -116.16
CA ALA PD 110 -5.11 46.55 -115.27
C ALA PD 110 -6.16 47.53 -115.79
N ALA PD 111 -5.72 48.69 -116.28
CA ALA PD 111 -6.66 49.65 -116.87
C ALA PD 111 -7.39 49.03 -118.05
N ASP PD 112 -6.67 48.32 -118.91
CA ASP PD 112 -7.30 47.69 -120.07
C ASP PD 112 -8.31 46.63 -119.63
N TYR PD 113 -7.94 45.81 -118.65
CA TYR PD 113 -8.74 44.62 -118.35
C TYR PD 113 -9.93 44.92 -117.45
N LEU PD 114 -9.81 45.88 -116.54
CA LEU PD 114 -10.92 46.19 -115.65
C LEU PD 114 -11.67 47.46 -116.02
N ALA PD 115 -11.05 48.37 -116.77
CA ALA PD 115 -11.74 49.58 -117.18
C ALA PD 115 -11.92 49.70 -118.69
N GLY PD 116 -11.16 48.95 -119.48
CA GLY PD 116 -11.28 49.01 -120.92
C GLY PD 116 -10.88 50.35 -121.51
N THR PD 117 -9.69 50.85 -121.12
CA THR PD 117 -9.26 52.18 -121.53
C THR PD 117 -7.87 52.21 -122.18
N SER PD 118 -7.28 51.06 -122.45
CA SER PD 118 -5.95 51.00 -123.06
C SER PD 118 -5.88 51.81 -124.37
N ALA PD 119 -4.66 52.21 -124.72
CA ALA PD 119 -4.38 52.82 -126.01
C ALA PD 119 -4.59 51.81 -127.14
N THR PD 120 -4.67 52.32 -128.37
CA THR PD 120 -4.96 51.47 -129.51
C THR PD 120 -3.67 50.82 -130.04
N VAL PD 121 -3.72 49.50 -130.17
CA VAL PD 121 -2.62 48.69 -130.71
C VAL PD 121 -3.25 47.60 -131.57
N SER PD 122 -2.62 47.32 -132.72
CA SER PD 122 -3.12 46.28 -133.61
C SER PD 122 -3.16 44.95 -132.89
N GLY PD 123 -4.30 44.28 -132.96
CA GLY PD 123 -4.46 42.98 -132.35
C GLY PD 123 -4.89 42.99 -130.90
N GLN PD 124 -5.25 44.14 -130.34
CA GLN PD 124 -5.62 44.16 -128.93
C GLN PD 124 -7.02 43.61 -128.80
N THR PD 125 -7.33 42.98 -127.67
CA THR PD 125 -8.70 42.53 -127.48
C THR PD 125 -9.58 43.71 -127.12
N ASP PD 126 -10.81 43.68 -127.63
CA ASP PD 126 -11.77 44.75 -127.39
C ASP PD 126 -12.27 44.65 -125.96
N THR PD 127 -11.85 45.61 -125.14
CA THR PD 127 -12.17 45.63 -123.72
C THR PD 127 -13.23 46.65 -123.38
N SER PD 128 -13.87 47.24 -124.40
CA SER PD 128 -14.81 48.33 -124.17
C SER PD 128 -15.96 47.91 -123.26
N GLY PD 129 -16.47 46.69 -123.45
CA GLY PD 129 -17.59 46.22 -122.65
C GLY PD 129 -17.21 45.55 -121.35
N PHE PD 130 -15.91 45.40 -121.12
CA PHE PD 130 -15.47 44.75 -119.88
C PHE PD 130 -15.89 45.48 -118.62
N PRO PD 131 -15.80 46.81 -118.50
CA PRO PD 131 -16.29 47.44 -117.27
C PRO PD 131 -17.77 47.17 -117.01
N ALA PD 132 -18.57 47.15 -118.07
CA ALA PD 132 -19.98 46.78 -117.91
C ALA PD 132 -20.12 45.36 -117.37
N LYS PD 133 -19.39 44.42 -117.99
CA LYS PD 133 -19.47 43.03 -117.52
C LYS PD 133 -19.02 42.90 -116.08
N TRP PD 134 -17.98 43.64 -115.69
CA TRP PD 134 -17.52 43.60 -114.30
C TRP PD 134 -18.60 44.12 -113.37
N ALA PD 135 -19.17 45.29 -113.70
CA ALA PD 135 -20.22 45.87 -112.87
C ALA PD 135 -21.41 44.92 -112.74
N GLY PD 136 -21.60 44.05 -113.72
CA GLY PD 136 -22.58 42.99 -113.60
C GLY PD 136 -22.11 41.73 -112.91
N LEU PD 137 -20.87 41.72 -112.39
CA LEU PD 137 -20.28 40.52 -111.79
C LEU PD 137 -20.23 39.37 -112.79
N MET PD 138 -19.64 39.63 -113.96
CA MET PD 138 -19.47 38.65 -115.01
C MET PD 138 -18.04 38.70 -115.51
N PHE PD 139 -17.38 37.56 -115.56
CA PHE PD 139 -16.03 37.53 -116.09
C PHE PD 139 -16.06 37.85 -117.59
N PRO PD 140 -15.19 38.74 -118.07
CA PRO PD 140 -15.08 39.10 -119.48
C PRO PD 140 -14.71 37.90 -120.35
N ALA QD 1 9.32 114.72 55.20
CA ALA QD 1 9.66 114.12 56.48
C ALA QD 1 10.71 114.93 57.23
N ALA QD 2 10.63 114.92 58.56
CA ALA QD 2 11.59 115.63 59.38
C ALA QD 2 12.98 114.99 59.25
N PRO QD 3 14.04 115.79 59.23
CA PRO QD 3 15.39 115.22 59.05
C PRO QD 3 15.90 114.51 60.28
N SER QD 4 15.41 114.86 61.46
CA SER QD 4 15.90 114.27 62.69
C SER QD 4 14.85 114.46 63.77
N LEU QD 5 14.95 113.62 64.80
CA LEU QD 5 13.96 113.56 65.87
C LEU QD 5 14.65 113.35 67.20
N ALA QD 6 14.13 113.99 68.24
CA ALA QD 6 14.55 113.75 69.62
C ALA QD 6 13.30 113.32 70.38
N LEU QD 7 13.07 112.01 70.46
CA LEU QD 7 11.86 111.48 71.08
C LEU QD 7 12.15 111.18 72.54
N VAL QD 8 11.12 111.22 73.37
CA VAL QD 8 11.27 110.92 74.78
C VAL QD 8 11.01 109.43 75.02
N GLY QD 9 11.94 108.77 75.70
CA GLY QD 9 11.80 107.41 76.14
C GLY QD 9 12.22 107.29 77.59
N ALA QD 10 12.66 106.09 77.98
CA ALA QD 10 13.04 105.81 79.35
C ALA QD 10 14.35 105.06 79.42
N ASN QD 11 15.17 105.40 80.42
CA ASN QD 11 16.42 104.71 80.68
C ASN QD 11 16.16 103.51 81.58
N SER QD 12 17.23 102.93 82.13
CA SER QD 12 17.07 101.78 83.02
C SER QD 12 16.35 102.16 84.30
N THR QD 13 16.45 103.42 84.73
CA THR QD 13 15.72 103.93 85.89
C THR QD 13 14.26 104.25 85.57
N LEU QD 14 13.89 104.22 84.29
CA LEU QD 14 12.59 104.68 83.78
C LEU QD 14 12.43 106.18 83.88
N ALA QD 15 13.53 106.91 84.06
CA ALA QD 15 13.49 108.36 83.98
C ALA QD 15 13.41 108.80 82.51
N SER QD 16 12.74 109.92 82.27
CA SER QD 16 12.54 110.40 80.91
C SER QD 16 13.88 110.80 80.29
N THR QD 17 14.24 110.16 79.17
CA THR QD 17 15.52 110.34 78.51
C THR QD 17 15.29 110.60 77.04
N LEU QD 18 16.10 111.47 76.44
CA LEU QD 18 16.00 111.64 75.00
C LEU QD 18 16.61 110.45 74.26
N VAL QD 19 16.02 110.15 73.11
CA VAL QD 19 16.54 109.17 72.17
C VAL QD 19 16.49 109.79 70.78
N ASN QD 20 17.64 109.80 70.12
CA ASN QD 20 17.86 110.62 68.93
C ASN QD 20 17.80 109.73 67.69
N TYR QD 21 16.92 110.09 66.77
CA TYR QD 21 16.82 109.44 65.48
C TYR QD 21 17.17 110.44 64.38
N SER QD 22 17.69 109.92 63.27
CA SER QD 22 17.95 110.73 62.10
C SER QD 22 17.43 110.00 60.87
N LEU QD 23 17.03 110.77 59.86
CA LEU QD 23 16.38 110.20 58.69
C LEU QD 23 17.38 109.40 57.87
N ARG QD 24 17.19 108.08 57.84
CA ARG QD 24 17.96 107.24 56.91
C ARG QD 24 17.47 107.45 55.49
N SER QD 25 16.19 107.19 55.23
CA SER QD 25 15.75 107.30 53.84
C SER QD 25 14.24 107.55 53.77
N GLN QD 26 13.83 108.38 52.82
CA GLN QD 26 12.42 108.53 52.48
C GLN QD 26 12.18 107.89 51.13
N ASN QD 27 11.37 106.85 51.13
CA ASN QD 27 10.73 106.32 49.94
C ASN QD 27 9.34 106.96 49.81
N GLY QD 28 8.70 106.76 48.68
CA GLY QD 28 7.40 107.36 48.48
C GLY QD 28 6.36 106.88 49.47
N ASN QD 29 5.89 107.79 50.32
CA ASN QD 29 4.97 107.45 51.42
C ASN QD 29 5.59 106.43 52.37
N ASN QD 30 6.91 106.50 52.55
CA ASN QD 30 7.59 105.59 53.46
C ASN QD 30 8.81 106.29 54.03
N VAL QD 31 9.05 106.13 55.32
CA VAL QD 31 10.13 106.84 55.99
C VAL QD 31 10.84 105.88 56.94
N ASP QD 32 12.18 105.91 56.90
CA ASP QD 32 13.03 105.08 57.76
C ASP QD 32 14.01 105.98 58.51
N TYR QD 33 13.91 105.93 59.84
CA TYR QD 33 14.80 106.64 60.76
C TYR QD 33 15.67 105.63 61.51
N VAL QD 34 16.86 106.09 61.92
CA VAL QD 34 17.83 105.28 62.64
C VAL QD 34 18.28 106.02 63.89
N CYS QD 35 18.50 105.29 64.97
CA CYS QD 35 18.93 105.89 66.22
C CYS QD 35 20.42 106.24 66.15
N THR QD 36 20.74 107.48 66.52
CA THR QD 36 22.10 108.01 66.44
C THR QD 36 22.82 108.01 67.79
N ASP QD 37 22.24 107.38 68.80
CA ASP QD 37 22.87 107.31 70.11
C ASP QD 37 23.93 106.21 70.09
N PRO QD 38 24.78 106.17 71.12
CA PRO QD 38 25.66 104.99 71.28
C PRO QD 38 24.90 103.71 71.57
N ASP QD 39 23.63 103.79 71.99
CA ASP QD 39 22.83 102.60 72.27
C ASP QD 39 22.67 101.74 71.03
N SER QD 40 22.42 102.34 69.89
CA SER QD 40 22.27 101.62 68.64
C SER QD 40 23.58 101.61 67.87
N THR QD 41 23.89 100.46 67.30
CA THR QD 41 24.96 100.28 66.34
C THR QD 41 24.37 99.62 65.11
N LEU QD 42 25.15 99.55 64.03
CA LEU QD 42 24.65 98.84 62.86
C LEU QD 42 24.32 97.40 63.18
N SER QD 43 25.08 96.77 64.08
CA SER QD 43 24.85 95.37 64.43
C SER QD 43 23.55 95.20 65.20
N ALA QD 44 23.24 96.13 66.11
CA ALA QD 44 22.03 96.07 66.92
C ALA QD 44 21.39 97.45 66.96
N PRO QD 45 20.64 97.81 65.93
CA PRO QD 45 20.17 99.19 65.77
C PRO QD 45 18.84 99.46 66.46
N GLY QD 46 18.55 100.74 66.61
CA GLY QD 46 17.23 101.22 66.93
C GLY QD 46 16.66 101.89 65.68
N LEU QD 47 15.41 101.55 65.36
CA LEU QD 47 14.87 101.88 64.05
C LEU QD 47 13.44 102.36 64.16
N ILE QD 48 13.03 103.20 63.21
CA ILE QD 48 11.64 103.63 63.07
C ILE QD 48 11.26 103.55 61.61
N ASN QD 49 10.03 103.10 61.34
CA ASN QD 49 9.48 102.97 60.00
C ASN QD 49 8.05 103.49 60.01
N ALA QD 50 7.69 104.27 58.98
CA ALA QD 50 6.36 104.83 58.85
C ALA QD 50 5.88 104.76 57.41
N LYS QD 51 4.68 104.20 57.21
CA LYS QD 51 4.15 103.90 55.88
C LYS QD 51 2.72 104.42 55.77
N PHE QD 52 2.31 104.71 54.54
CA PHE QD 52 0.98 105.21 54.23
C PHE QD 52 0.34 104.35 53.15
N ASP QD 53 -0.68 103.59 53.55
CA ASP QD 53 -1.53 102.85 52.60
C ASP QD 53 -2.71 103.77 52.26
N ILE QD 54 -2.57 104.50 51.15
CA ILE QD 54 -3.58 105.46 50.72
C ILE QD 54 -4.26 104.87 49.49
N LYS QD 55 -5.57 104.67 49.59
CA LYS QD 55 -6.32 104.08 48.50
C LYS QD 55 -6.56 105.13 47.41
N ALA QD 56 -6.93 104.65 46.23
CA ALA QD 56 -7.21 105.53 45.11
C ALA QD 56 -8.30 106.53 45.50
N PRO QD 57 -8.25 107.75 44.98
CA PRO QD 57 -9.23 108.77 45.41
C PRO QD 57 -10.67 108.43 45.07
N GLY QD 58 -10.91 107.71 43.97
CA GLY QD 58 -12.26 107.29 43.66
C GLY QD 58 -12.80 106.25 44.63
N ILE QD 59 -11.94 105.29 45.03
CA ILE QD 59 -12.35 104.16 45.86
C ILE QD 59 -12.59 104.62 47.29
N THR QD 60 -13.68 104.13 47.89
CA THR QD 60 -13.89 104.29 49.32
C THR QD 60 -13.35 103.08 50.06
N GLY QD 61 -12.63 103.34 51.13
CA GLY QD 61 -12.12 102.29 52.00
C GLY QD 61 -11.64 102.96 53.26
N ASN QD 62 -10.63 102.35 53.88
CA ASN QD 62 -9.91 102.98 54.98
C ASN QD 62 -8.50 103.31 54.50
N ASP QD 63 -8.07 104.53 54.77
CA ASP QD 63 -6.65 104.86 54.66
C ASP QD 63 -5.93 104.34 55.89
N ARG QD 64 -4.66 103.95 55.73
CA ARG QD 64 -3.94 103.30 56.82
C ARG QD 64 -2.56 103.91 57.02
N ILE QD 65 -2.16 103.97 58.30
CA ILE QD 65 -0.83 104.39 58.70
C ILE QD 65 -0.19 103.23 59.44
N HIS QD 66 1.05 102.87 59.06
CA HIS QD 66 1.79 101.79 59.71
C HIS QD 66 3.06 102.36 60.30
N ALA QD 67 3.20 102.28 61.62
CA ALA QD 67 4.41 102.74 62.30
C ALA QD 67 5.04 101.59 63.06
N ASN QD 68 6.36 101.61 63.14
CA ASN QD 68 7.11 100.54 63.79
C ASN QD 68 8.34 101.13 64.45
N LEU QD 69 8.47 100.94 65.76
CA LEU QD 69 9.62 101.38 66.54
C LEU QD 69 10.29 100.16 67.13
N ARG QD 70 11.55 99.92 66.73
CA ARG QD 70 12.27 98.69 67.02
C ARG QD 70 13.55 99.01 67.77
N LYS QD 71 13.96 98.07 68.63
CA LYS QD 71 15.31 98.04 69.20
C LYS QD 71 15.82 96.60 69.12
N VAL QD 72 16.93 96.40 68.44
CA VAL QD 72 17.57 95.10 68.34
C VAL QD 72 18.55 94.94 69.49
N VAL QD 73 18.62 93.73 70.04
CA VAL QD 73 19.56 93.44 71.12
C VAL QD 73 20.27 92.13 70.79
N LEU QD 74 21.54 92.04 71.18
CA LEU QD 74 22.36 90.86 70.95
C LEU QD 74 22.46 90.02 72.21
N ASP QD 75 22.38 88.71 72.05
CA ASP QD 75 22.59 87.80 73.17
C ASP QD 75 24.03 87.87 73.65
N GLU QD 76 24.22 87.95 74.96
CA GLU QD 76 25.58 87.97 75.50
C GLU QD 76 26.36 86.74 75.07
N LYS QD 77 25.74 85.56 75.18
CA LYS QD 77 26.47 84.33 74.92
C LYS QD 77 26.60 84.04 73.41
N THR QD 78 25.53 84.20 72.63
CA THR QD 78 25.55 83.79 71.23
C THR QD 78 25.66 84.93 70.23
N ASN QD 79 25.54 86.18 70.67
CA ASN QD 79 25.51 87.35 69.80
C ASN QD 79 24.41 87.27 68.74
N LEU QD 80 23.45 86.35 68.92
CA LEU QD 80 22.32 86.28 68.04
C LEU QD 80 21.36 87.42 68.32
N PRO QD 81 20.82 88.05 67.30
CA PRO QD 81 19.97 89.22 67.53
C PRO QD 81 18.51 88.84 67.73
N SER QD 82 17.89 89.35 68.76
CA SER QD 82 16.44 89.35 68.84
C SER QD 82 15.97 90.78 69.06
N THR QD 83 14.80 91.08 68.56
CA THR QD 83 14.34 92.46 68.48
C THR QD 83 13.05 92.65 69.26
N GLY QD 84 12.91 93.83 69.85
CA GLY QD 84 11.68 94.21 70.55
C GLY QD 84 11.07 95.43 69.88
N SER QD 85 9.74 95.43 69.77
CA SER QD 85 9.13 96.42 68.90
C SER QD 85 7.75 96.84 69.37
N VAL QD 86 7.39 98.08 69.07
CA VAL QD 86 6.02 98.58 69.18
C VAL QD 86 5.57 98.99 67.79
N THR QD 87 4.49 98.35 67.31
CA THR QD 87 3.91 98.66 66.02
C THR QD 87 2.51 99.23 66.20
N ILE QD 88 2.15 100.14 65.30
CA ILE QD 88 0.91 100.91 65.39
C ILE QD 88 0.27 100.95 64.02
N GLN QD 89 -1.03 100.69 63.97
CA GLN QD 89 -1.77 100.77 62.72
C GLN QD 89 -2.96 101.69 62.95
N VAL QD 90 -3.04 102.76 62.18
CA VAL QD 90 -4.13 103.71 62.26
C VAL QD 90 -4.99 103.51 61.02
N SER QD 91 -6.26 103.19 61.21
CA SER QD 91 -7.21 102.99 60.11
C SER QD 91 -8.25 104.10 60.18
N ILE QD 92 -8.20 104.99 59.20
CA ILE QD 92 -9.02 106.21 59.12
C ILE QD 92 -10.04 106.00 58.00
N PRO QD 93 -11.34 106.03 58.28
CA PRO QD 93 -12.33 105.88 57.21
C PRO QD 93 -12.51 107.13 56.37
N ARG QD 94 -12.87 106.91 55.10
CA ARG QD 94 -13.05 107.97 54.12
C ARG QD 94 -14.46 108.55 54.11
N ASN QD 95 -15.21 108.42 55.19
CA ASN QD 95 -16.55 108.99 55.31
C ASN QD 95 -16.46 110.35 56.01
N PRO QD 96 -17.06 111.41 55.46
CA PRO QD 96 -17.01 112.72 56.12
C PRO QD 96 -17.54 112.71 57.54
N ALA QD 97 -18.26 111.67 57.94
CA ALA QD 97 -18.70 111.53 59.31
C ALA QD 97 -17.55 111.26 60.27
N TRP QD 98 -16.34 111.03 59.76
CA TRP QD 98 -15.13 110.91 60.54
C TRP QD 98 -14.23 112.11 60.26
N ASN QD 99 -13.44 112.51 61.25
CA ASN QD 99 -12.56 113.64 61.03
C ASN QD 99 -11.28 113.50 61.82
N ALA QD 100 -10.37 114.45 61.56
CA ALA QD 100 -9.06 114.40 62.15
C ALA QD 100 -9.12 114.52 63.66
N SER QD 101 -10.11 115.23 64.20
CA SER QD 101 -10.24 115.31 65.65
C SER QD 101 -10.46 113.93 66.24
N MET QD 102 -11.21 113.08 65.54
CA MET QD 102 -11.44 111.72 66.02
C MET QD 102 -10.19 110.86 65.87
N THR QD 103 -9.47 111.02 64.76
CA THR QD 103 -8.19 110.33 64.62
C THR QD 103 -7.26 110.68 65.79
N VAL QD 104 -7.11 111.98 66.06
CA VAL QD 104 -6.24 112.42 67.14
C VAL QD 104 -6.74 111.93 68.48
N SER QD 105 -8.07 111.90 68.67
CA SER QD 105 -8.62 111.42 69.94
C SER QD 105 -8.24 109.98 70.18
N LEU QD 106 -8.34 109.12 69.16
CA LEU QD 106 -7.91 107.75 69.33
C LEU QD 106 -6.42 107.67 69.63
N LEU QD 107 -5.60 108.47 68.95
CA LEU QD 107 -4.16 108.45 69.23
C LEU QD 107 -3.88 108.84 70.68
N LYS QD 108 -4.53 109.90 71.15
CA LYS QD 108 -4.30 110.36 72.52
C LYS QD 108 -4.75 109.33 73.54
N GLN QD 109 -5.88 108.66 73.28
CA GLN QD 109 -6.36 107.67 74.23
C GLN QD 109 -5.43 106.46 74.28
N ALA QD 110 -4.96 106.02 73.11
CA ALA QD 110 -4.00 104.92 73.10
C ALA QD 110 -2.73 105.30 73.85
N ALA QD 111 -2.26 106.55 73.66
CA ALA QD 111 -1.09 107.02 74.40
C ALA QD 111 -1.32 106.97 75.90
N ASP QD 112 -2.47 107.49 76.35
CA ASP QD 112 -2.79 107.47 77.77
C ASP QD 112 -2.82 106.03 78.30
N TYR QD 113 -3.46 105.12 77.57
CA TYR QD 113 -3.73 103.80 78.13
C TYR QD 113 -2.55 102.84 78.05
N LEU QD 114 -1.66 103.01 77.07
CA LEU QD 114 -0.52 102.09 76.96
C LEU QD 114 0.81 102.71 77.34
N ALA QD 115 0.96 104.04 77.28
CA ALA QD 115 2.18 104.69 77.69
C ALA QD 115 2.01 105.57 78.91
N GLY QD 116 0.78 105.93 79.26
CA GLY QD 116 0.54 106.78 80.41
C GLY QD 116 1.14 108.16 80.27
N THR QD 117 0.84 108.84 79.14
CA THR QD 117 1.43 110.14 78.85
C THR QD 117 0.41 111.22 78.51
N SER QD 118 -0.88 110.98 78.74
CA SER QD 118 -1.91 111.97 78.46
C SER QD 118 -1.63 113.30 79.19
N ALA QD 119 -2.24 114.36 78.67
CA ALA QD 119 -2.23 115.66 79.33
C ALA QD 119 -3.07 115.63 80.59
N THR QD 120 -2.77 116.54 81.52
CA THR QD 120 -3.48 116.56 82.79
C THR QD 120 -4.90 117.08 82.58
N VAL QD 121 -5.87 116.29 83.01
CA VAL QD 121 -7.30 116.60 82.91
C VAL QD 121 -7.98 116.03 84.15
N SER QD 122 -8.78 116.85 84.82
CA SER QD 122 -9.32 116.42 86.10
C SER QD 122 -10.26 115.23 85.92
N GLY QD 123 -10.11 114.23 86.78
CA GLY QD 123 -10.89 113.03 86.70
C GLY QD 123 -10.28 111.91 85.88
N GLN QD 124 -9.13 112.15 85.26
CA GLN QD 124 -8.45 111.10 84.51
C GLN QD 124 -7.92 110.04 85.46
N THR QD 125 -7.94 108.80 85.00
CA THR QD 125 -7.30 107.75 85.78
C THR QD 125 -5.79 107.91 85.70
N ASP QD 126 -5.12 107.55 86.81
CA ASP QD 126 -3.67 107.68 86.90
C ASP QD 126 -3.05 106.54 86.11
N THR QD 127 -2.63 106.86 84.89
CA THR QD 127 -2.10 105.88 83.96
C THR QD 127 -0.58 105.79 84.02
N SER QD 128 0.04 106.45 84.99
CA SER QD 128 1.49 106.52 85.03
C SER QD 128 2.14 105.15 85.15
N GLY QD 129 1.53 104.24 85.91
CA GLY QD 129 2.11 102.92 86.09
C GLY QD 129 1.71 101.90 85.06
N PHE QD 130 0.80 102.29 84.17
CA PHE QD 130 0.34 101.34 83.16
C PHE QD 130 1.45 100.82 82.25
N PRO QD 131 2.39 101.64 81.75
CA PRO QD 131 3.46 101.04 80.92
C PRO QD 131 4.27 99.99 81.67
N ALA QD 132 4.54 100.23 82.96
CA ALA QD 132 5.19 99.20 83.78
C ALA QD 132 4.36 97.92 83.81
N LYS QD 133 3.06 98.05 84.10
CA LYS QD 133 2.22 96.86 84.16
C LYS QD 133 2.18 96.14 82.82
N TRP QD 134 2.09 96.88 81.71
CA TRP QD 134 2.08 96.24 80.40
C TRP QD 134 3.39 95.48 80.17
N ALA QD 135 4.53 96.12 80.44
CA ALA QD 135 5.82 95.47 80.29
C ALA QD 135 5.96 94.26 81.19
N GLY QD 136 5.12 94.14 82.21
CA GLY QD 136 5.04 92.92 82.99
C GLY QD 136 4.00 91.91 82.53
N LEU QD 137 3.35 92.15 81.39
CA LEU QD 137 2.20 91.36 80.92
C LEU QD 137 1.11 91.26 81.98
N MET QD 138 0.70 92.43 82.48
CA MET QD 138 -0.36 92.56 83.47
C MET QD 138 -1.35 93.61 82.99
N PHE QD 139 -2.63 93.28 83.03
CA PHE QD 139 -3.62 94.28 82.66
C PHE QD 139 -3.67 95.37 83.72
N PRO QD 140 -3.70 96.66 83.34
CA PRO QD 140 -3.82 97.76 84.28
C PRO QD 140 -5.07 97.65 85.12
N ALA RD 1 12.14 118.84 45.04
CA ALA RD 1 10.83 119.40 44.73
C ALA RD 1 10.41 120.45 45.76
N ALA RD 2 9.58 121.40 45.34
CA ALA RD 2 9.12 122.45 46.24
C ALA RD 2 8.30 121.85 47.38
N PRO RD 3 8.57 122.24 48.63
CA PRO RD 3 7.83 121.65 49.75
C PRO RD 3 6.38 122.07 49.81
N SER RD 4 6.01 123.20 49.20
CA SER RD 4 4.64 123.65 49.21
C SER RD 4 4.40 124.57 48.02
N LEU RD 5 3.13 124.70 47.65
CA LEU RD 5 2.71 125.42 46.46
C LEU RD 5 1.46 126.22 46.77
N ALA RD 6 1.37 127.41 46.17
CA ALA RD 6 0.18 128.24 46.22
C ALA RD 6 -0.22 128.53 44.78
N LEU RD 7 -1.10 127.70 44.24
CA LEU RD 7 -1.47 127.79 42.83
C LEU RD 7 -2.75 128.61 42.69
N VAL RD 8 -2.95 129.19 41.52
CA VAL RD 8 -4.15 129.99 41.25
C VAL RD 8 -5.20 129.12 40.60
N GLY RD 9 -6.40 129.12 41.16
CA GLY RD 9 -7.55 128.48 40.57
C GLY RD 9 -8.73 129.42 40.60
N ALA RD 10 -9.95 128.88 40.56
CA ALA RD 10 -11.15 129.70 40.50
C ALA RD 10 -12.13 129.29 41.60
N ASN RD 11 -12.75 130.29 42.24
CA ASN RD 11 -13.77 130.05 43.24
C ASN RD 11 -15.09 129.73 42.54
N SER RD 12 -16.19 129.69 43.30
CA SER RD 12 -17.48 129.42 42.71
C SER RD 12 -17.90 130.49 41.70
N THR RD 13 -17.32 131.68 41.79
CA THR RD 13 -17.63 132.79 40.90
C THR RD 13 -16.61 132.91 39.76
N LEU RD 14 -15.63 132.02 39.71
CA LEU RD 14 -14.55 132.03 38.73
C LEU RD 14 -13.55 133.15 38.96
N ALA RD 15 -13.54 133.75 40.15
CA ALA RD 15 -12.51 134.71 40.51
C ALA RD 15 -11.24 133.97 40.89
N SER RD 16 -10.10 134.58 40.56
CA SER RD 16 -8.82 133.97 40.86
C SER RD 16 -8.64 133.83 42.38
N THR RD 17 -8.40 132.60 42.83
CA THR RD 17 -8.29 132.28 44.24
C THR RD 17 -7.10 131.36 44.46
N LEU RD 18 -6.37 131.54 45.55
CA LEU RD 18 -5.29 130.62 45.84
C LEU RD 18 -5.81 129.27 46.30
N VAL RD 19 -5.04 128.24 45.96
CA VAL RD 19 -5.28 126.86 46.37
C VAL RD 19 -3.93 126.31 46.84
N ASN RD 20 -3.89 125.84 48.07
CA ASN RD 20 -2.64 125.57 48.76
C ASN RD 20 -2.38 124.07 48.80
N TYR RD 21 -1.23 123.66 48.27
CA TYR RD 21 -0.80 122.28 48.28
C TYR RD 21 0.48 122.16 49.09
N SER RD 22 0.68 121.00 49.69
CA SER RD 22 1.90 120.67 50.41
C SER RD 22 2.41 119.32 49.95
N LEU RD 23 3.73 119.17 49.95
CA LEU RD 23 4.38 117.98 49.43
C LEU RD 23 4.23 116.82 50.41
N ARG RD 24 3.52 115.78 49.99
CA ARG RD 24 3.32 114.63 50.87
C ARG RD 24 4.54 113.71 50.88
N SER RD 25 5.03 113.32 49.69
CA SER RD 25 6.20 112.46 49.61
C SER RD 25 6.81 112.58 48.22
N GLN RD 26 7.96 111.92 48.04
CA GLN RD 26 8.62 111.85 46.74
C GLN RD 26 9.17 110.44 46.55
N ASN RD 27 8.67 109.74 45.53
CA ASN RD 27 9.06 108.40 45.13
C ASN RD 27 9.97 108.48 43.90
N GLY RD 28 10.24 107.34 43.29
CA GLY RD 28 11.01 107.26 42.07
C GLY RD 28 10.39 108.07 40.96
N ASN RD 29 11.06 109.18 40.62
CA ASN RD 29 10.69 110.02 39.49
C ASN RD 29 9.24 110.50 39.58
N ASN RD 30 8.79 110.83 40.80
CA ASN RD 30 7.43 111.33 40.94
C ASN RD 30 7.34 112.20 42.20
N VAL RD 31 6.22 112.89 42.31
CA VAL RD 31 5.98 113.88 43.36
C VAL RD 31 4.48 113.87 43.66
N ASP RD 32 4.13 113.89 44.94
CA ASP RD 32 2.74 113.81 45.40
C ASP RD 32 2.45 115.00 46.32
N TYR RD 33 1.50 115.84 45.91
CA TYR RD 33 1.05 116.99 46.67
C TYR RD 33 -0.40 116.81 47.09
N VAL RD 34 -0.74 117.39 48.26
CA VAL RD 34 -2.07 117.32 48.84
C VAL RD 34 -2.55 118.72 49.15
N CYS RD 35 -3.84 118.97 48.95
CA CYS RD 35 -4.40 120.29 49.23
C CYS RD 35 -4.60 120.45 50.73
N THR RD 36 -4.15 121.59 51.27
CA THR RD 36 -4.19 121.88 52.70
C THR RD 36 -5.28 122.87 53.08
N ASP RD 37 -6.16 123.22 52.15
CA ASP RD 37 -7.24 124.12 52.44
C ASP RD 37 -8.29 123.41 53.29
N PRO RD 38 -9.24 124.14 53.88
CA PRO RD 38 -10.30 123.47 54.65
C PRO RD 38 -11.24 122.62 53.79
N ASP RD 39 -11.45 122.98 52.52
CA ASP RD 39 -12.43 122.27 51.70
C ASP RD 39 -11.97 120.86 51.30
N SER RD 40 -10.68 120.56 51.41
CA SER RD 40 -10.17 119.23 51.11
C SER RD 40 -9.95 118.47 52.41
N THR RD 41 -10.48 117.25 52.46
CA THR RD 41 -10.35 116.34 53.58
C THR RD 41 -10.03 114.96 53.01
N LEU RD 42 -9.71 114.01 53.88
CA LEU RD 42 -9.39 112.67 53.39
C LEU RD 42 -10.59 112.05 52.68
N SER RD 43 -11.80 112.44 53.07
CA SER RD 43 -13.00 111.94 52.40
C SER RD 43 -13.09 112.45 50.97
N ALA RD 44 -12.71 113.70 50.74
CA ALA RD 44 -12.78 114.30 49.41
C ALA RD 44 -11.59 115.25 49.22
N PRO RD 45 -10.43 114.70 48.90
CA PRO RD 45 -9.20 115.50 48.85
C PRO RD 45 -8.97 116.18 47.51
N GLY RD 46 -8.03 117.11 47.51
CA GLY RD 46 -7.44 117.65 46.29
C GLY RD 46 -5.99 117.19 46.20
N LEU RD 47 -5.60 116.73 45.01
CA LEU RD 47 -4.33 116.05 44.85
C LEU RD 47 -3.63 116.51 43.59
N ILE RD 48 -2.29 116.50 43.62
CA ILE RD 48 -1.48 116.73 42.43
C ILE RD 48 -0.38 115.70 42.39
N ASN RD 49 -0.10 115.16 41.21
CA ASN RD 49 0.86 114.08 41.04
C ASN RD 49 1.67 114.31 39.77
N ALA RD 50 2.99 114.11 39.86
CA ALA RD 50 3.85 114.32 38.71
C ALA RD 50 4.87 113.20 38.61
N LYS RD 51 5.19 112.78 37.39
CA LYS RD 51 6.07 111.65 37.15
C LYS RD 51 6.88 111.89 35.88
N PHE RD 52 8.13 111.42 35.88
CA PHE RD 52 8.98 111.45 34.70
C PHE RD 52 9.24 110.03 34.20
N ASP RD 53 9.00 109.81 32.91
CA ASP RD 53 9.47 108.62 32.19
C ASP RD 53 10.68 109.08 31.40
N ILE RD 54 11.87 108.73 31.88
CA ILE RD 54 13.12 109.24 31.34
C ILE RD 54 13.82 108.12 30.58
N LYS RD 55 14.04 108.33 29.29
CA LYS RD 55 14.67 107.30 28.48
C LYS RD 55 16.19 107.40 28.62
N ALA RD 56 16.87 106.35 28.17
CA ALA RD 56 18.31 106.23 28.34
C ALA RD 56 19.04 107.37 27.64
N PRO RD 57 20.28 107.66 28.05
CA PRO RD 57 21.03 108.72 27.38
C PRO RD 57 21.19 108.44 25.89
N GLY RD 58 21.18 109.50 25.11
CA GLY RD 58 21.23 109.43 23.67
C GLY RD 58 20.30 110.45 23.08
N ILE RD 59 20.14 110.42 21.75
CA ILE RD 59 19.24 111.34 21.09
C ILE RD 59 18.06 110.61 20.44
N THR RD 60 17.87 109.33 20.78
CA THR RD 60 16.91 108.51 20.06
C THR RD 60 15.48 108.66 20.59
N GLY RD 61 15.32 108.76 21.90
CA GLY RD 61 14.03 108.52 22.51
C GLY RD 61 13.11 109.73 22.58
N ASN RD 62 12.06 109.56 23.38
CA ASN RD 62 11.09 110.59 23.76
C ASN RD 62 10.90 110.53 25.27
N ASP RD 63 11.35 111.56 25.98
CA ASP RD 63 11.08 111.69 27.41
C ASP RD 63 9.62 112.08 27.62
N ARG RD 64 9.07 111.73 28.79
CA ARG RD 64 7.66 112.03 29.06
C ARG RD 64 7.48 112.56 30.48
N ILE RD 65 6.55 113.51 30.61
CA ILE RD 65 6.12 114.08 31.87
C ILE RD 65 4.65 113.77 32.03
N HIS RD 66 4.25 113.29 33.20
CA HIS RD 66 2.85 112.99 33.51
C HIS RD 66 2.45 113.81 34.72
N ALA RD 67 1.49 114.69 34.54
CA ALA RD 67 0.92 115.47 35.65
C ALA RD 67 -0.55 115.13 35.78
N ASN RD 68 -1.07 115.24 37.00
CA ASN RD 68 -2.46 114.89 37.27
C ASN RD 68 -2.95 115.73 38.43
N LEU RD 69 -3.97 116.55 38.17
CA LEU RD 69 -4.58 117.42 39.18
C LEU RD 69 -6.01 116.95 39.39
N ARG RD 70 -6.31 116.46 40.59
CA ARG RD 70 -7.59 115.86 40.88
C ARG RD 70 -8.27 116.57 42.05
N LYS RD 71 -9.61 116.53 42.05
CA LYS RD 71 -10.42 116.93 43.18
C LYS RD 71 -11.58 115.96 43.32
N VAL RD 72 -11.78 115.43 44.52
CA VAL RD 72 -12.87 114.50 44.81
C VAL RD 72 -14.03 115.29 45.39
N VAL RD 73 -15.25 114.89 45.03
CA VAL RD 73 -16.45 115.52 45.53
C VAL RD 73 -17.42 114.43 45.97
N LEU RD 74 -18.24 114.75 46.96
CA LEU RD 74 -19.20 113.81 47.52
C LEU RD 74 -20.63 114.23 47.14
N ASP RD 75 -21.45 113.26 46.78
CA ASP RD 75 -22.84 113.50 46.43
C ASP RD 75 -23.60 114.04 47.64
N GLU RD 76 -24.40 115.11 47.42
CA GLU RD 76 -25.19 115.66 48.52
C GLU RD 76 -26.21 114.65 49.04
N LYS RD 77 -26.62 113.70 48.20
CA LYS RD 77 -27.66 112.77 48.60
C LYS RD 77 -27.09 111.51 49.23
N THR RD 78 -25.93 111.04 48.73
CA THR RD 78 -25.40 109.74 49.13
C THR RD 78 -23.98 109.76 49.66
N ASN RD 79 -23.31 110.92 49.68
CA ASN RD 79 -21.88 111.01 50.02
C ASN RD 79 -21.03 110.07 49.17
N LEU RD 80 -21.51 109.75 47.97
CA LEU RD 80 -20.65 108.91 47.15
C LEU RD 80 -19.63 109.74 46.40
N PRO RD 81 -18.38 109.28 46.36
CA PRO RD 81 -17.32 110.09 45.77
C PRO RD 81 -17.27 109.93 44.26
N SER RD 82 -17.11 111.04 43.56
CA SER RD 82 -16.66 111.03 42.19
C SER RD 82 -15.59 112.09 42.04
N THR RD 83 -14.66 111.87 41.12
CA THR RD 83 -13.48 112.72 41.01
C THR RD 83 -13.48 113.47 39.68
N GLY RD 84 -13.05 114.72 39.72
CA GLY RD 84 -12.76 115.49 38.53
C GLY RD 84 -11.27 115.63 38.40
N SER RD 85 -10.77 115.63 37.17
CA SER RD 85 -9.33 115.63 37.00
C SER RD 85 -8.91 116.27 35.69
N VAL RD 86 -7.74 116.92 35.74
CA VAL RD 86 -7.04 117.38 34.55
C VAL RD 86 -5.68 116.69 34.54
N THR RD 87 -5.46 115.85 33.54
CA THR RD 87 -4.20 115.15 33.38
C THR RD 87 -3.46 115.72 32.17
N ILE RD 88 -2.13 115.72 32.27
CA ILE RD 88 -1.27 116.31 31.26
C ILE RD 88 -0.14 115.33 30.96
N GLN RD 89 0.18 115.19 29.67
CA GLN RD 89 1.32 114.38 29.26
C GLN RD 89 2.15 115.18 28.27
N VAL RD 90 3.40 115.45 28.63
CA VAL RD 90 4.36 116.15 27.80
C VAL RD 90 5.32 115.11 27.25
N SER RD 91 5.53 115.14 25.93
CA SER RD 91 6.47 114.25 25.27
C SER RD 91 7.51 115.09 24.56
N ILE RD 92 8.76 115.00 25.01
CA ILE RD 92 9.90 115.79 24.60
C ILE RD 92 10.86 114.89 23.83
N PRO RD 93 11.02 115.08 22.52
CA PRO RD 93 12.01 114.29 21.77
C PRO RD 93 13.44 114.70 22.12
N ARG RD 94 14.35 113.75 21.92
CA ARG RD 94 15.76 113.95 22.22
C ARG RD 94 16.59 114.29 20.97
N ASN RD 95 16.02 114.13 19.77
CA ASN RD 95 16.63 114.63 18.55
C ASN RD 95 17.02 116.09 18.73
N PRO RD 96 18.31 116.44 18.56
CA PRO RD 96 18.75 117.82 18.84
C PRO RD 96 18.04 118.87 18.02
N ALA RD 97 17.19 118.46 17.08
CA ALA RD 97 16.34 119.38 16.34
C ALA RD 97 15.17 119.89 17.17
N TRP RD 98 15.09 119.51 18.45
CA TRP RD 98 14.08 119.98 19.39
C TRP RD 98 14.73 120.85 20.46
N ASN RD 99 13.93 121.73 21.06
CA ASN RD 99 14.44 122.67 22.07
C ASN RD 99 13.55 122.68 23.29
N ALA RD 100 14.20 122.96 24.44
CA ALA RD 100 13.43 123.35 25.61
C ALA RD 100 12.51 124.52 25.29
N SER RD 101 12.93 125.42 24.38
CA SER RD 101 12.07 126.52 23.97
C SER RD 101 10.80 126.00 23.30
N MET RD 102 10.93 124.93 22.52
CA MET RD 102 9.76 124.36 21.86
C MET RD 102 8.84 123.69 22.87
N THR RD 103 9.42 122.99 23.85
CA THR RD 103 8.63 122.45 24.95
C THR RD 103 7.83 123.56 25.65
N VAL RD 104 8.52 124.62 26.04
CA VAL RD 104 7.86 125.71 26.75
C VAL RD 104 6.80 126.35 25.87
N SER RD 105 7.05 126.46 24.56
CA SER RD 105 6.07 127.07 23.67
C SER RD 105 4.79 126.23 23.63
N LEU RD 106 4.93 124.91 23.54
CA LEU RD 106 3.74 124.06 23.59
C LEU RD 106 3.01 124.21 24.92
N LEU RD 107 3.74 124.28 26.02
CA LEU RD 107 3.10 124.45 27.32
C LEU RD 107 2.30 125.76 27.38
N LYS RD 108 2.91 126.85 26.91
CA LYS RD 108 2.25 128.15 26.93
C LYS RD 108 1.02 128.16 26.04
N GLN RD 109 1.11 127.52 24.86
CA GLN RD 109 -0.02 127.49 23.95
C GLN RD 109 -1.17 126.68 24.53
N ALA RD 110 -0.87 125.52 25.12
CA ALA RD 110 -1.91 124.73 25.78
C ALA RD 110 -2.56 125.54 26.90
N ALA RD 111 -1.75 126.27 27.67
CA ALA RD 111 -2.30 127.09 28.75
C ALA RD 111 -3.25 128.15 28.19
N ASP RD 112 -2.82 128.86 27.15
CA ASP RD 112 -3.68 129.86 26.52
C ASP RD 112 -4.97 129.23 26.00
N TYR RD 113 -4.88 128.05 25.37
CA TYR RD 113 -6.04 127.53 24.64
C TYR RD 113 -7.03 126.80 25.54
N LEU RD 114 -6.58 126.21 26.65
CA LEU RD 114 -7.50 125.49 27.51
C LEU RD 114 -7.76 126.19 28.84
N ALA RD 115 -6.88 127.08 29.29
CA ALA RD 115 -7.11 127.84 30.51
C ALA RD 115 -7.24 129.33 30.28
N GLY RD 116 -6.82 129.85 29.12
CA GLY RD 116 -6.91 131.27 28.85
C GLY RD 116 -6.07 132.11 29.79
N THR RD 117 -4.80 131.76 29.95
CA THR RD 117 -3.93 132.42 30.93
C THR RD 117 -2.65 132.98 30.32
N SER RD 118 -2.50 132.93 29.00
CA SER RD 118 -1.27 133.41 28.37
C SER RD 118 -0.97 134.87 28.69
N ALA RD 119 0.29 135.25 28.47
CA ALA RD 119 0.72 136.63 28.59
C ALA RD 119 0.14 137.47 27.45
N THR RD 120 0.30 138.78 27.55
CA THR RD 120 -0.31 139.71 26.60
C THR RD 120 0.62 139.97 25.42
N VAL RD 121 0.10 139.76 24.22
CA VAL RD 121 0.82 140.04 22.97
C VAL RD 121 -0.19 140.71 22.03
N SER RD 122 0.33 141.45 21.05
CA SER RD 122 -0.48 142.35 20.25
C SER RD 122 -1.71 141.64 19.67
N GLY RD 123 -1.50 140.72 18.75
CA GLY RD 123 -2.62 140.21 18.00
C GLY RD 123 -3.26 138.97 18.57
N GLN RD 124 -3.15 138.76 19.88
CA GLN RD 124 -3.54 137.47 20.43
C GLN RD 124 -5.05 137.36 20.42
N THR RD 125 -5.57 136.15 20.28
CA THR RD 125 -7.00 135.99 20.39
C THR RD 125 -7.41 135.96 21.86
N ASP RD 126 -8.61 136.46 22.12
CA ASP RD 126 -9.13 136.55 23.47
C ASP RD 126 -9.56 135.15 23.92
N THR RD 127 -8.81 134.60 24.87
CA THR RD 127 -9.03 133.25 25.35
C THR RD 127 -9.57 133.21 26.77
N SER RD 128 -10.00 134.35 27.30
CA SER RD 128 -10.46 134.40 28.69
C SER RD 128 -11.69 133.52 28.91
N GLY RD 129 -12.57 133.44 27.92
CA GLY RD 129 -13.78 132.66 28.06
C GLY RD 129 -13.65 131.22 27.67
N PHE RD 130 -12.49 130.84 27.14
CA PHE RD 130 -12.30 129.46 26.70
C PHE RD 130 -12.44 128.44 27.82
N PRO RD 131 -11.90 128.63 29.02
CA PRO RD 131 -12.13 127.62 30.07
C PRO RD 131 -13.60 127.43 30.37
N ALA RD 132 -14.38 128.50 30.38
CA ALA RD 132 -15.82 128.38 30.57
C ALA RD 132 -16.44 127.55 29.46
N LYS RD 133 -16.08 127.84 28.21
CA LYS RD 133 -16.65 127.09 27.09
C LYS RD 133 -16.27 125.63 27.16
N TRP RD 134 -15.03 125.33 27.55
CA TRP RD 134 -14.61 123.93 27.69
C TRP RD 134 -15.44 123.25 28.78
N ALA RD 135 -15.55 123.88 29.95
CA ALA RD 135 -16.31 123.30 31.06
C ALA RD 135 -17.77 123.10 30.70
N GLY RD 136 -18.26 123.81 29.69
CA GLY RD 136 -19.57 123.53 29.14
C GLY RD 136 -19.60 122.49 28.05
N LEU RD 137 -18.46 121.84 27.78
CA LEU RD 137 -18.31 120.88 26.69
C LEU RD 137 -18.72 121.49 25.34
N MET RD 138 -18.13 122.65 25.03
CA MET RD 138 -18.25 123.24 23.72
C MET RD 138 -16.92 123.83 23.29
N PHE RD 139 -16.67 123.75 21.99
CA PHE RD 139 -15.41 124.22 21.46
C PHE RD 139 -15.33 125.75 21.48
N PRO RD 140 -14.16 126.31 21.76
CA PRO RD 140 -13.90 127.75 21.63
C PRO RD 140 -14.11 128.20 20.20
N ALA SD 1 16.45 112.56 51.99
CA ALA SD 1 17.73 113.05 51.53
C ALA SD 1 17.67 114.54 51.21
N ALA SD 2 18.84 115.15 51.01
CA ALA SD 2 18.90 116.57 50.70
C ALA SD 2 18.26 116.84 49.34
N PRO SD 3 17.41 117.87 49.24
CA PRO SD 3 16.72 118.12 47.97
C PRO SD 3 17.62 118.68 46.89
N SER SD 4 18.78 119.25 47.25
CA SER SD 4 19.67 119.82 46.27
C SER SD 4 21.07 119.88 46.86
N LEU SD 5 22.07 119.87 45.95
CA LEU SD 5 23.47 119.80 46.32
C LEU SD 5 24.28 120.75 45.44
N ALA SD 6 25.27 121.39 46.05
CA ALA SD 6 26.25 122.20 45.32
C ALA SD 6 27.62 121.59 45.57
N LEU SD 7 28.02 120.65 44.72
CA LEU SD 7 29.29 119.96 44.91
C LEU SD 7 30.40 120.73 44.20
N VAL SD 8 31.64 120.50 44.63
CA VAL SD 8 32.79 121.15 44.02
C VAL SD 8 33.43 120.20 43.03
N GLY SD 9 33.57 120.64 41.79
CA GLY SD 9 34.30 119.96 40.75
C GLY SD 9 35.30 120.90 40.12
N ALA SD 10 35.65 120.61 38.87
CA ALA SD 10 36.66 121.36 38.14
C ALA SD 10 36.15 121.71 36.75
N ASN SD 11 36.43 122.94 36.33
CA ASN SD 11 36.11 123.37 34.97
C ASN SD 11 37.23 122.93 34.03
N SER SD 12 37.23 123.47 32.82
CA SER SD 12 38.25 123.11 31.85
C SER SD 12 39.64 123.54 32.30
N THR SD 13 39.72 124.59 33.14
CA THR SD 13 40.97 125.08 33.67
C THR SD 13 41.45 124.27 34.88
N LEU SD 14 40.63 123.33 35.36
CA LEU SD 14 40.78 122.63 36.63
C LEU SD 14 40.58 123.54 37.84
N ALA SD 15 40.04 124.74 37.65
CA ALA SD 15 39.69 125.60 38.77
C ALA SD 15 38.45 125.06 39.48
N SER SD 16 38.42 125.25 40.80
CA SER SD 16 37.30 124.74 41.58
C SER SD 16 36.01 125.46 41.21
N THR SD 17 35.03 124.70 40.72
CA THR SD 17 33.77 125.23 40.22
C THR SD 17 32.61 124.48 40.83
N LEU SD 18 31.52 125.16 41.12
CA LEU SD 18 30.34 124.46 41.62
C LEU SD 18 29.63 123.71 40.51
N VAL SD 19 29.15 122.52 40.85
CA VAL SD 19 28.28 121.71 40.00
C VAL SD 19 27.04 121.36 40.82
N ASN SD 20 25.88 121.67 40.26
CA ASN SD 20 24.63 121.74 41.01
C ASN SD 20 23.74 120.56 40.64
N TYR SD 21 23.24 119.86 41.65
CA TYR SD 21 22.36 118.72 41.47
C TYR SD 21 21.06 118.96 42.23
N SER SD 22 19.96 118.46 41.69
CA SER SD 22 18.69 118.43 42.42
C SER SD 22 18.20 116.99 42.53
N LEU SD 23 17.48 116.73 43.61
CA LEU SD 23 16.98 115.40 43.92
C LEU SD 23 15.80 115.07 43.00
N ARG SD 24 16.05 114.22 42.02
CA ARG SD 24 14.99 113.80 41.10
C ARG SD 24 14.20 112.61 41.62
N SER SD 25 14.84 111.59 42.19
CA SER SD 25 14.04 110.48 42.73
C SER SD 25 14.70 109.91 43.96
N GLN SD 26 13.87 109.23 44.76
CA GLN SD 26 14.33 108.47 45.91
C GLN SD 26 13.36 107.32 46.10
N ASN SD 27 13.89 106.10 46.10
CA ASN SD 27 13.05 104.91 46.10
C ASN SD 27 13.87 103.73 46.62
N GLY SD 28 13.33 103.03 47.61
CA GLY SD 28 13.89 101.77 48.06
C GLY SD 28 15.35 101.87 48.43
N ASN SD 29 15.65 102.69 49.44
CA ASN SD 29 17.03 102.97 49.85
C ASN SD 29 17.90 103.28 48.65
N ASN SD 30 17.36 104.10 47.75
CA ASN SD 30 18.09 104.49 46.56
C ASN SD 30 17.80 105.96 46.33
N VAL SD 31 18.80 106.72 45.91
CA VAL SD 31 18.71 108.17 45.77
C VAL SD 31 19.36 108.59 44.46
N ASP SD 32 18.64 109.36 43.64
CA ASP SD 32 19.08 109.74 42.30
C ASP SD 32 18.95 111.25 42.12
N TYR SD 33 20.08 111.89 41.84
CA TYR SD 33 20.19 113.32 41.58
C TYR SD 33 20.50 113.58 40.11
N VAL SD 34 20.05 114.73 39.60
CA VAL SD 34 20.38 115.15 38.24
C VAL SD 34 21.02 116.53 38.28
N CYS SD 35 21.94 116.78 37.35
CA CYS SD 35 22.67 118.04 37.31
C CYS SD 35 21.81 119.12 36.66
N THR SD 36 21.72 120.27 37.33
CA THR SD 36 20.86 121.37 36.90
C THR SD 36 21.59 122.39 36.05
N ASP SD 37 22.88 122.21 35.81
CA ASP SD 37 23.69 123.18 35.09
C ASP SD 37 23.42 123.09 33.60
N PRO SD 38 23.89 124.06 32.82
CA PRO SD 38 23.68 123.98 31.36
C PRO SD 38 24.45 122.85 30.70
N ASP SD 39 25.56 122.40 31.28
CA ASP SD 39 26.35 121.34 30.65
C ASP SD 39 25.67 119.98 30.67
N SER SD 40 24.64 119.78 31.50
CA SER SD 40 23.85 118.57 31.48
C SER SD 40 22.57 118.84 30.71
N THR SD 41 22.40 118.15 29.60
CA THR SD 41 21.19 118.20 28.79
C THR SD 41 20.41 116.91 28.98
N LEU SD 42 19.21 116.87 28.39
CA LEU SD 42 18.43 115.65 28.43
C LEU SD 42 19.17 114.53 27.72
N SER SD 43 19.82 114.84 26.61
CA SER SD 43 20.44 113.80 25.82
C SER SD 43 21.73 113.33 26.45
N ALA SD 44 22.45 114.24 27.09
CA ALA SD 44 23.75 113.96 27.72
C ALA SD 44 23.77 114.57 29.11
N PRO SD 45 23.21 113.88 30.10
CA PRO SD 45 23.03 114.48 31.43
C PRO SD 45 24.21 114.20 32.36
N GLY SD 46 24.19 114.89 33.50
CA GLY SD 46 25.04 114.56 34.63
C GLY SD 46 24.18 113.98 35.73
N LEU SD 47 24.63 112.87 36.32
CA LEU SD 47 23.76 112.09 37.19
C LEU SD 47 24.51 111.59 38.41
N ILE SD 48 23.78 111.40 39.50
CA ILE SD 48 24.33 110.80 40.71
C ILE SD 48 23.35 109.74 41.22
N ASN SD 49 23.90 108.64 41.71
CA ASN SD 49 23.16 107.49 42.21
C ASN SD 49 23.77 107.04 43.53
N ALA SD 50 22.92 106.63 44.49
CA ALA SD 50 23.42 106.13 45.77
C ALA SD 50 22.47 105.10 46.36
N LYS SD 51 23.00 103.91 46.66
CA LYS SD 51 22.24 102.75 47.14
C LYS SD 51 22.78 102.26 48.48
N PHE SD 52 21.89 101.66 49.27
CA PHE SD 52 22.24 101.01 50.53
C PHE SD 52 21.84 99.55 50.48
N ASP SD 53 22.83 98.66 50.56
CA ASP SD 53 22.58 97.24 50.85
C ASP SD 53 22.72 97.08 52.35
N ILE SD 54 21.59 97.09 53.06
CA ILE SD 54 21.58 96.96 54.51
C ILE SD 54 21.24 95.53 54.87
N LYS SD 55 22.19 94.85 55.50
CA LYS SD 55 22.02 93.48 55.92
C LYS SD 55 21.08 93.41 57.13
N ALA SD 56 20.46 92.26 57.32
CA ALA SD 56 19.63 91.97 58.48
C ALA SD 56 20.43 92.21 59.76
N PRO SD 57 19.76 92.52 60.88
CA PRO SD 57 20.50 92.74 62.12
C PRO SD 57 21.35 91.53 62.47
N GLY SD 58 22.49 91.80 63.09
CA GLY SD 58 23.42 90.74 63.39
C GLY SD 58 24.82 91.29 63.50
N ILE SD 59 25.69 90.46 64.07
CA ILE SD 59 27.08 90.84 64.25
C ILE SD 59 27.95 90.39 63.08
N THR SD 60 27.39 89.61 62.16
CA THR SD 60 28.13 89.08 61.02
C THR SD 60 27.69 89.77 59.74
N GLY SD 61 28.60 89.83 58.78
CA GLY SD 61 28.32 90.39 57.47
C GLY SD 61 28.87 91.80 57.31
N ASN SD 62 28.74 92.30 56.09
CA ASN SD 62 29.10 93.66 55.73
C ASN SD 62 27.88 94.40 55.20
N ASP SD 63 27.70 95.63 55.66
CA ASP SD 63 26.79 96.58 55.03
C ASP SD 63 27.49 97.24 53.86
N ARG SD 64 26.73 97.66 52.84
CA ARG SD 64 27.37 98.23 51.66
C ARG SD 64 26.69 99.51 51.19
N ILE SD 65 27.52 100.45 50.75
CA ILE SD 65 27.09 101.71 50.15
C ILE SD 65 27.59 101.73 48.72
N HIS SD 66 26.72 102.07 47.78
CA HIS SD 66 27.10 102.21 46.38
C HIS SD 66 26.82 103.64 45.93
N ALA SD 67 27.73 104.21 45.16
CA ALA SD 67 27.56 105.58 44.69
C ALA SD 67 28.15 105.69 43.29
N ASN SD 68 27.48 106.44 42.42
CA ASN SD 68 27.91 106.60 41.05
C ASN SD 68 27.73 108.05 40.64
N LEU SD 69 28.81 108.66 40.14
CA LEU SD 69 28.78 110.02 39.61
C LEU SD 69 29.13 109.96 38.13
N ARG SD 70 28.19 110.33 37.28
CA ARG SD 70 28.25 110.12 35.84
C ARG SD 70 28.14 111.45 35.10
N LYS SD 71 28.85 111.53 33.98
CA LYS SD 71 28.61 112.56 32.98
C LYS SD 71 28.57 111.90 31.61
N VAL SD 72 27.47 112.11 30.89
CA VAL SD 72 27.30 111.55 29.54
C VAL SD 72 27.79 112.58 28.54
N VAL SD 73 28.43 112.10 27.47
CA VAL SD 73 28.89 112.97 26.40
C VAL SD 73 28.52 112.33 25.07
N LEU SD 74 28.13 113.16 24.11
CA LEU SD 74 27.72 112.71 22.79
C LEU SD 74 28.87 112.83 21.81
N ASP SD 75 28.98 111.85 20.90
CA ASP SD 75 29.97 111.91 19.85
C ASP SD 75 29.67 113.06 18.88
N GLU SD 76 30.73 113.73 18.43
CA GLU SD 76 30.55 114.88 17.57
C GLU SD 76 29.84 114.50 16.28
N LYS SD 77 30.24 113.37 15.68
CA LYS SD 77 29.68 112.97 14.40
C LYS SD 77 28.47 112.06 14.59
N THR SD 78 28.63 110.95 15.30
CA THR SD 78 27.58 109.94 15.39
C THR SD 78 26.50 110.28 16.40
N ASN SD 79 26.74 111.23 17.30
CA ASN SD 79 25.82 111.57 18.40
C ASN SD 79 25.51 110.38 19.31
N LEU SD 80 26.29 109.30 19.21
CA LEU SD 80 26.17 108.19 20.13
C LEU SD 80 26.70 108.60 21.49
N PRO SD 81 26.02 108.24 22.56
CA PRO SD 81 26.48 108.65 23.89
C PRO SD 81 27.47 107.67 24.48
N SER SD 82 28.56 108.18 25.02
CA SER SD 82 29.38 107.39 25.92
C SER SD 82 29.51 108.17 27.23
N THR SD 83 29.65 107.43 28.33
CA THR SD 83 29.54 108.03 29.65
C THR SD 83 30.80 107.78 30.46
N GLY SD 84 31.25 108.82 31.17
CA GLY SD 84 32.38 108.74 32.07
C GLY SD 84 31.90 108.79 33.51
N SER SD 85 32.53 108.01 34.38
CA SER SD 85 31.93 107.81 35.69
C SER SD 85 32.94 107.47 36.77
N VAL SD 86 32.74 108.04 37.95
CA VAL SD 86 33.45 107.63 39.16
C VAL SD 86 32.46 106.94 40.07
N THR SD 87 32.72 105.68 40.40
CA THR SD 87 31.82 104.91 41.23
C THR SD 87 32.56 104.37 42.46
N ILE SD 88 31.85 104.38 43.60
CA ILE SD 88 32.43 104.07 44.91
C ILE SD 88 31.60 102.98 45.56
N GLN SD 89 32.28 101.99 46.15
CA GLN SD 89 31.65 101.00 47.00
C GLN SD 89 32.31 101.04 48.38
N VAL SD 90 31.50 101.26 49.42
CA VAL SD 90 31.95 101.24 50.79
C VAL SD 90 31.40 99.98 51.44
N SER SD 91 32.29 99.19 52.05
CA SER SD 91 31.92 97.95 52.72
C SER SD 91 32.29 98.07 54.19
N ILE SD 92 31.27 98.13 55.06
CA ILE SD 92 31.39 98.38 56.49
C ILE SD 92 31.06 97.08 57.22
N PRO SD 93 32.03 96.44 57.87
CA PRO SD 93 31.73 95.22 58.63
C PRO SD 93 30.90 95.52 59.87
N ARG SD 94 30.34 94.44 60.44
CA ARG SD 94 29.49 94.55 61.61
C ARG SD 94 30.12 94.04 62.89
N ASN SD 95 31.30 93.43 62.82
CA ASN SD 95 32.04 93.10 64.03
C ASN SD 95 32.28 94.37 64.84
N PRO SD 96 31.92 94.39 66.13
CA PRO SD 96 32.07 95.62 66.93
C PRO SD 96 33.49 96.14 66.97
N ALA SD 97 34.45 95.37 66.47
CA ALA SD 97 35.81 95.81 66.33
C ALA SD 97 36.01 96.77 65.15
N TRP SD 98 34.94 97.16 64.48
CA TRP SD 98 34.97 98.20 63.45
C TRP SD 98 34.27 99.45 63.96
N ASN SD 99 34.67 100.61 63.43
CA ASN SD 99 34.11 101.88 63.86
C ASN SD 99 33.70 102.73 62.67
N ALA SD 100 32.67 103.54 62.90
CA ALA SD 100 32.40 104.62 61.98
C ALA SD 100 33.63 105.48 61.76
N SER SD 101 34.48 105.62 62.79
CA SER SD 101 35.71 106.39 62.63
C SER SD 101 36.61 105.74 61.59
N MET SD 102 36.63 104.40 61.55
CA MET SD 102 37.44 103.70 60.56
C MET SD 102 36.85 103.85 59.17
N THR SD 103 35.52 103.80 59.06
CA THR SD 103 34.86 104.09 57.78
C THR SD 103 35.25 105.47 57.27
N VAL SD 104 35.12 106.48 58.13
CA VAL SD 104 35.42 107.85 57.75
C VAL SD 104 36.90 107.99 57.39
N SER SD 105 37.77 107.29 58.12
CA SER SD 105 39.19 107.37 57.83
C SER SD 105 39.49 106.84 56.44
N LEU SD 106 38.88 105.70 56.06
CA LEU SD 106 39.07 105.19 54.71
C LEU SD 106 38.52 106.16 53.67
N LEU SD 107 37.35 106.77 53.93
CA LEU SD 107 36.80 107.73 52.99
C LEU SD 107 37.75 108.91 52.79
N LYS SD 108 38.28 109.46 53.89
CA LYS SD 108 39.18 110.60 53.80
C LYS SD 108 40.46 110.25 53.07
N GLN SD 109 40.99 109.04 53.33
CA GLN SD 109 42.22 108.63 52.66
C GLN SD 109 42.00 108.44 51.17
N ALA SD 110 40.87 107.85 50.79
CA ALA SD 110 40.55 107.72 49.37
C ALA SD 110 40.42 109.10 48.72
N ALA SD 111 39.77 110.04 49.41
CA ALA SD 111 39.66 111.39 48.88
C ALA SD 111 41.04 112.00 48.69
N ASP SD 112 41.93 111.82 49.66
CA ASP SD 112 43.28 112.36 49.53
C ASP SD 112 44.02 111.73 48.35
N TYR SD 113 43.92 110.41 48.20
CA TYR SD 113 44.79 109.71 47.27
C TYR SD 113 44.28 109.76 45.83
N LEU SD 114 42.97 109.78 45.62
CA LEU SD 114 42.44 109.82 44.26
C LEU SD 114 41.93 111.18 43.84
N ALA SD 115 41.58 112.06 44.79
CA ALA SD 115 41.12 113.39 44.44
C ALA SD 115 42.04 114.50 44.93
N GLY SD 116 42.91 114.23 45.89
CA GLY SD 116 43.81 115.25 46.40
C GLY SD 116 43.09 116.38 47.12
N THR SD 117 42.20 116.04 48.06
CA THR SD 117 41.38 117.04 48.73
C THR SD 117 41.44 116.97 50.25
N SER SD 118 42.32 116.16 50.82
CA SER SD 118 42.43 116.04 52.27
C SER SD 118 42.64 117.40 52.95
N ALA SD 119 42.29 117.45 54.24
CA ALA SD 119 42.60 118.60 55.07
C ALA SD 119 44.10 118.72 55.30
N THR SD 120 44.52 119.89 55.78
CA THR SD 120 45.94 120.15 55.95
C THR SD 120 46.45 119.59 57.28
N VAL SD 121 47.51 118.79 57.21
CA VAL SD 121 48.19 118.21 58.35
C VAL SD 121 49.68 118.25 58.07
N SER SD 122 50.46 118.57 59.11
CA SER SD 122 51.91 118.63 58.97
C SER SD 122 52.45 117.28 58.52
N GLY SD 123 53.26 117.29 57.47
CA GLY SD 123 53.86 116.08 56.97
C GLY SD 123 53.04 115.30 55.97
N GLN SD 124 51.93 115.85 55.48
CA GLN SD 124 51.10 115.08 54.56
C GLN SD 124 51.76 115.14 53.19
N THR SD 125 51.58 114.09 52.39
CA THR SD 125 52.12 114.16 51.04
C THR SD 125 51.23 115.05 50.18
N ASP SD 126 51.87 115.80 49.29
CA ASP SD 126 51.15 116.71 48.40
C ASP SD 126 50.44 115.91 47.33
N THR SD 127 49.12 115.86 47.43
CA THR SD 127 48.29 115.08 46.54
C THR SD 127 47.57 115.94 45.51
N SER SD 128 47.93 117.21 45.41
CA SER SD 128 47.21 118.15 44.55
C SER SD 128 47.22 117.69 43.09
N GLY SD 129 48.35 117.18 42.62
CA GLY SD 129 48.47 116.74 41.24
C GLY SD 129 48.03 115.33 40.99
N PHE SD 130 47.68 114.60 42.05
CA PHE SD 130 47.28 113.21 41.88
C PHE SD 130 46.04 113.03 41.00
N PRO SD 131 44.97 113.83 41.13
CA PRO SD 131 43.84 113.63 40.21
C PRO SD 131 44.22 113.82 38.75
N ALA SD 132 45.10 114.79 38.46
CA ALA SD 132 45.61 114.94 37.11
C ALA SD 132 46.34 113.68 36.65
N LYS SD 133 47.26 113.18 37.49
CA LYS SD 133 48.00 111.98 37.12
C LYS SD 133 47.06 110.79 36.90
N TRP SD 134 46.03 110.66 37.73
CA TRP SD 134 45.07 109.57 37.54
C TRP SD 134 44.34 109.72 36.22
N ALA SD 135 43.83 110.93 35.93
CA ALA SD 135 43.14 111.16 34.67
C ALA SD 135 44.03 110.87 33.48
N GLY SD 136 45.35 110.98 33.65
CA GLY SD 136 46.28 110.54 32.64
C GLY SD 136 46.65 109.08 32.68
N LEU SD 137 46.04 108.29 33.57
CA LEU SD 137 46.40 106.88 33.76
C LEU SD 137 47.87 106.73 34.15
N MET SD 138 48.27 107.45 35.19
CA MET SD 138 49.63 107.40 35.71
C MET SD 138 49.55 107.24 37.22
N PHE SD 139 50.28 106.27 37.76
CA PHE SD 139 50.30 106.11 39.20
C PHE SD 139 51.02 107.29 39.83
N PRO SD 140 50.47 107.89 40.90
CA PRO SD 140 51.07 109.00 41.63
C PRO SD 140 52.42 108.61 42.22
N ALA TD 1 -120.81 38.71 -6.37
CA ALA TD 1 -121.32 37.38 -6.69
C ALA TD 1 -122.64 37.10 -6.00
N ALA TD 2 -123.47 36.28 -6.66
CA ALA TD 2 -124.76 35.92 -6.09
C ALA TD 2 -124.56 35.05 -4.84
N PRO TD 3 -125.38 35.24 -3.81
CA PRO TD 3 -125.19 34.46 -2.59
C PRO TD 3 -125.62 33.01 -2.72
N SER TD 4 -126.52 32.70 -3.64
CA SER TD 4 -127.02 31.35 -3.79
C SER TD 4 -127.61 31.20 -5.19
N LEU TD 5 -127.71 29.94 -5.63
CA LEU TD 5 -128.12 29.61 -6.98
C LEU TD 5 -129.01 28.39 -6.95
N ALA TD 6 -130.01 28.38 -7.83
CA ALA TD 6 -130.85 27.21 -8.07
C ALA TD 6 -130.72 26.90 -9.55
N LEU TD 7 -129.79 26.02 -9.91
CA LEU TD 7 -129.52 25.72 -11.31
C LEU TD 7 -130.34 24.49 -11.71
N VAL TD 8 -130.64 24.39 -13.00
CA VAL TD 8 -131.39 23.25 -13.50
C VAL TD 8 -130.43 22.18 -13.97
N GLY TD 9 -130.62 20.95 -13.49
CA GLY TD 9 -129.90 19.78 -13.93
C GLY TD 9 -130.88 18.64 -14.19
N ALA TD 10 -130.38 17.41 -14.07
CA ALA TD 10 -131.17 16.23 -14.36
C ALA TD 10 -131.01 15.18 -13.26
N ASN TD 11 -132.11 14.50 -12.96
CA ASN TD 11 -132.11 13.40 -11.99
C ASN TD 11 -131.76 12.10 -12.73
N SER TD 12 -131.98 10.96 -12.06
CA SER TD 12 -131.70 9.68 -12.69
C SER TD 12 -132.63 9.41 -13.87
N THR TD 13 -133.84 10.00 -13.86
CA THR TD 13 -134.78 9.90 -14.97
C THR TD 13 -134.43 10.85 -16.11
N LEU TD 14 -133.48 11.76 -15.89
CA LEU TD 14 -133.15 12.87 -16.78
C LEU TD 14 -134.26 13.91 -16.84
N ALA TD 15 -135.16 13.91 -15.88
CA ALA TD 15 -136.13 14.98 -15.74
C ALA TD 15 -135.47 16.22 -15.13
N SER TD 16 -135.95 17.39 -15.54
CA SER TD 16 -135.35 18.64 -15.07
C SER TD 16 -135.56 18.81 -13.57
N THR TD 17 -134.47 18.92 -12.83
CA THR TD 17 -134.48 18.99 -11.38
C THR TD 17 -133.64 20.16 -10.91
N LEU TD 18 -134.07 20.83 -9.85
CA LEU TD 18 -133.22 21.87 -9.30
C LEU TD 18 -132.05 21.29 -8.53
N VAL TD 19 -130.93 22.00 -8.59
CA VAL TD 19 -129.74 21.71 -7.80
C VAL TD 19 -129.26 23.01 -7.18
N ASN TD 20 -129.12 23.01 -5.86
CA ASN TD 20 -128.98 24.23 -5.08
C ASN TD 20 -127.54 24.41 -4.66
N TYR TD 21 -126.96 25.55 -5.02
CA TYR TD 21 -125.62 25.93 -4.60
C TYR TD 21 -125.71 27.17 -3.73
N SER TD 22 -124.74 27.31 -2.83
CA SER TD 22 -124.62 28.51 -2.01
C SER TD 22 -123.16 28.94 -2.00
N LEU TD 23 -122.95 30.24 -1.85
CA LEU TD 23 -121.62 30.82 -1.98
C LEU TD 23 -120.76 30.40 -0.80
N ARG TD 24 -119.75 29.57 -1.06
CA ARG TD 24 -118.74 29.29 -0.05
C ARG TD 24 -117.84 30.48 0.16
N SER TD 25 -117.16 30.93 -0.90
CA SER TD 25 -116.22 32.04 -0.69
C SER TD 25 -115.98 32.80 -1.98
N GLN TD 26 -115.84 34.12 -1.86
CA GLN TD 26 -115.39 34.95 -2.96
C GLN TD 26 -113.98 35.44 -2.64
N ASN TD 27 -113.03 35.02 -3.46
CA ASN TD 27 -111.71 35.61 -3.56
C ASN TD 27 -111.75 36.65 -4.69
N GLY TD 28 -110.69 37.45 -4.79
CA GLY TD 28 -110.68 38.48 -5.81
C GLY TD 28 -110.73 37.90 -7.22
N ASN TD 29 -111.82 38.18 -7.93
CA ASN TD 29 -112.07 37.60 -9.27
C ASN TD 29 -112.11 36.08 -9.22
N ASN TD 30 -112.61 35.53 -8.11
CA ASN TD 30 -112.72 34.09 -7.98
C ASN TD 30 -113.90 33.77 -7.06
N VAL TD 31 -114.68 32.77 -7.43
CA VAL TD 31 -115.90 32.45 -6.70
C VAL TD 31 -116.01 30.94 -6.55
N ASP TD 32 -116.34 30.49 -5.34
CA ASP TD 32 -116.52 29.08 -5.02
C ASP TD 32 -117.90 28.87 -4.40
N TYR TD 33 -118.72 28.05 -5.06
CA TYR TD 33 -120.04 27.64 -4.61
C TYR TD 33 -120.03 26.17 -4.24
N VAL TD 34 -120.91 25.79 -3.31
CA VAL TD 34 -121.06 24.42 -2.82
C VAL TD 34 -122.51 24.00 -2.90
N CYS TD 35 -122.75 22.74 -3.25
CA CYS TD 35 -124.11 22.23 -3.35
C CYS TD 35 -124.67 21.97 -1.95
N THR TD 36 -125.88 22.48 -1.71
CA THR TD 36 -126.55 22.40 -0.42
C THR TD 36 -127.61 21.31 -0.37
N ASP TD 37 -127.69 20.46 -1.38
CA ASP TD 37 -128.64 19.36 -1.39
C ASP TD 37 -128.11 18.22 -0.53
N PRO TD 38 -128.96 17.24 -0.22
CA PRO TD 38 -128.45 16.00 0.40
C PRO TD 38 -127.53 15.21 -0.52
N ASP TD 39 -127.55 15.48 -1.84
CA ASP TD 39 -126.68 14.78 -2.78
C ASP TD 39 -125.20 14.99 -2.46
N SER TD 40 -124.84 16.22 -2.13
CA SER TD 40 -123.46 16.53 -1.79
C SER TD 40 -123.29 16.53 -0.28
N THR TD 41 -122.17 15.97 0.16
CA THR TD 41 -121.68 16.04 1.51
C THR TD 41 -120.25 16.56 1.46
N LEU TD 42 -119.69 16.89 2.62
CA LEU TD 42 -118.29 17.31 2.63
C LEU TD 42 -117.39 16.23 2.06
N SER TD 43 -117.72 14.96 2.30
CA SER TD 43 -116.89 13.86 1.81
C SER TD 43 -116.96 13.73 0.30
N ALA TD 44 -118.13 13.93 -0.29
CA ALA TD 44 -118.32 13.84 -1.73
C ALA TD 44 -119.17 15.01 -2.21
N PRO TD 45 -118.56 16.18 -2.39
CA PRO TD 45 -119.34 17.40 -2.63
C PRO TD 45 -119.63 17.65 -4.10
N GLY TD 46 -120.59 18.56 -4.30
CA GLY TD 46 -120.81 19.19 -5.60
C GLY TD 46 -120.33 20.62 -5.50
N LEU TD 47 -119.57 21.04 -6.51
CA LEU TD 47 -118.81 22.28 -6.39
C LEU TD 47 -118.86 23.08 -7.68
N ILE TD 48 -118.74 24.40 -7.55
CA ILE TD 48 -118.62 25.29 -8.70
C ILE TD 48 -117.50 26.28 -8.42
N ASN TD 49 -116.71 26.58 -9.44
CA ASN TD 49 -115.60 27.53 -9.36
C ASN TD 49 -115.62 28.42 -10.59
N ALA TD 50 -115.41 29.72 -10.39
CA ALA TD 50 -115.40 30.68 -11.50
C ALA TD 50 -114.29 31.70 -11.30
N LYS TD 51 -113.45 31.88 -12.32
CA LYS TD 51 -112.24 32.69 -12.26
C LYS TD 51 -112.19 33.64 -13.45
N PHE TD 52 -111.49 34.76 -13.25
CA PHE TD 52 -111.32 35.79 -14.27
C PHE TD 52 -109.83 36.08 -14.45
N ASP TD 53 -109.29 35.70 -15.60
CA ASP TD 53 -107.94 36.07 -16.02
C ASP TD 53 -108.07 37.36 -16.84
N ILE TD 54 -107.91 38.50 -16.16
CA ILE TD 54 -108.05 39.81 -16.79
C ILE TD 54 -106.67 40.41 -16.92
N LYS TD 55 -106.26 40.69 -18.15
CA LYS TD 55 -104.94 41.23 -18.40
C LYS TD 55 -104.92 42.71 -18.06
N ALA TD 56 -103.71 43.25 -17.91
CA ALA TD 56 -103.54 44.67 -17.59
C ALA TD 56 -104.24 45.51 -18.66
N PRO TD 57 -104.79 46.67 -18.28
CA PRO TD 57 -105.54 47.47 -19.25
C PRO TD 57 -104.72 47.97 -20.42
N GLY TD 58 -103.43 48.23 -20.23
CA GLY TD 58 -102.59 48.64 -21.34
C GLY TD 58 -102.35 47.51 -22.33
N ILE TD 59 -102.14 46.29 -21.82
CA ILE TD 59 -101.76 45.15 -22.65
C ILE TD 59 -102.97 44.67 -23.45
N THR TD 60 -102.76 44.36 -24.72
CA THR TD 60 -103.75 43.66 -25.53
C THR TD 60 -103.50 42.15 -25.47
N GLY TD 61 -104.56 41.41 -25.27
CA GLY TD 61 -104.52 39.96 -25.28
C GLY TD 61 -105.94 39.47 -25.34
N ASN TD 62 -106.16 38.29 -24.76
CA ASN TD 62 -107.50 37.79 -24.54
C ASN TD 62 -107.78 37.79 -23.04
N ASP TD 63 -108.94 38.31 -22.66
CA ASP TD 63 -109.45 38.09 -21.32
C ASP TD 63 -110.07 36.70 -21.25
N ARG TD 64 -109.98 36.06 -20.08
CA ARG TD 64 -110.41 34.67 -19.96
C ARG TD 64 -111.33 34.45 -18.77
N ILE TD 65 -112.31 33.57 -18.95
CA ILE TD 65 -113.21 33.12 -17.91
C ILE TD 65 -113.01 31.61 -17.75
N HIS TD 66 -112.82 31.16 -16.51
CA HIS TD 66 -112.66 29.73 -16.23
C HIS TD 66 -113.76 29.28 -15.29
N ALA TD 67 -114.60 28.36 -15.74
CA ALA TD 67 -115.67 27.82 -14.93
C ALA TD 67 -115.51 26.31 -14.79
N ASN TD 68 -115.90 25.80 -13.64
CA ASN TD 68 -115.75 24.38 -13.34
C ASN TD 68 -116.92 23.93 -12.48
N LEU TD 69 -117.66 22.93 -12.96
CA LEU TD 69 -118.77 22.33 -12.23
C LEU TD 69 -118.45 20.86 -11.98
N ARG TD 70 -118.34 20.49 -10.71
CA ARG TD 70 -117.84 19.20 -10.30
C ARG TD 70 -118.87 18.47 -9.44
N LYS TD 71 -118.86 17.14 -9.53
CA LYS TD 71 -119.54 16.28 -8.58
C LYS TD 71 -118.59 15.14 -8.22
N VAL TD 72 -118.29 15.00 -6.93
CA VAL TD 72 -117.44 13.93 -6.43
C VAL TD 72 -118.33 12.75 -6.08
N VAL TD 73 -117.85 11.54 -6.35
CA VAL TD 73 -118.57 10.33 -6.01
C VAL TD 73 -117.60 9.36 -5.34
N LEU TD 74 -118.11 8.58 -4.39
CA LEU TD 74 -117.31 7.62 -3.65
C LEU TD 74 -117.57 6.21 -4.20
N ASP TD 75 -116.50 5.43 -4.31
CA ASP TD 75 -116.65 4.03 -4.69
C ASP TD 75 -117.36 3.25 -3.59
N GLU TD 76 -118.32 2.42 -3.99
CA GLU TD 76 -119.03 1.61 -3.00
C GLU TD 76 -118.06 0.72 -2.23
N LYS TD 77 -117.14 0.06 -2.93
CA LYS TD 77 -116.26 -0.89 -2.27
C LYS TD 77 -115.11 -0.21 -1.53
N THR TD 78 -114.45 0.77 -2.13
CA THR TD 78 -113.24 1.34 -1.53
C THR TD 78 -113.43 2.72 -0.90
N ASN TD 79 -114.58 3.36 -1.09
CA ASN TD 79 -114.84 4.73 -0.64
C ASN TD 79 -113.82 5.72 -1.17
N LEU TD 80 -113.04 5.33 -2.18
CA LEU TD 80 -112.12 6.25 -2.82
C LEU TD 80 -112.89 7.21 -3.71
N PRO TD 81 -112.54 8.48 -3.69
CA PRO TD 81 -113.31 9.45 -4.45
C PRO TD 81 -112.81 9.61 -5.87
N SER TD 82 -113.70 9.56 -6.84
CA SER TD 82 -113.38 10.04 -8.17
C SER TD 82 -114.43 11.07 -8.56
N THR TD 83 -114.03 12.03 -9.37
CA THR TD 83 -114.85 13.20 -9.62
C THR TD 83 -115.18 13.33 -11.10
N GLY TD 84 -116.37 13.83 -11.38
CA GLY TD 84 -116.79 14.11 -12.75
C GLY TD 84 -117.07 15.60 -12.90
N SER TD 85 -116.67 16.15 -14.04
CA SER TD 85 -116.66 17.62 -14.13
C SER TD 85 -116.92 18.12 -15.53
N VAL TD 86 -117.52 19.31 -15.61
CA VAL TD 86 -117.61 20.08 -16.84
C VAL TD 86 -116.88 21.39 -16.62
N THR TD 87 -115.86 21.64 -17.42
CA THR TD 87 -115.08 22.87 -17.35
C THR TD 87 -115.25 23.67 -18.64
N ILE TD 88 -115.23 25.00 -18.49
CA ILE TD 88 -115.52 25.92 -19.57
C ILE TD 88 -114.50 27.03 -19.55
N GLN TD 89 -113.95 27.37 -20.71
CA GLN TD 89 -113.01 28.47 -20.81
C GLN TD 89 -113.52 29.40 -21.90
N VAL TD 90 -113.77 30.65 -21.54
CA VAL TD 90 -114.23 31.66 -22.48
C VAL TD 90 -113.06 32.62 -22.71
N SER TD 91 -112.63 32.74 -23.97
CA SER TD 91 -111.54 33.63 -24.36
C SER TD 91 -112.12 34.74 -25.22
N ILE TD 92 -112.12 35.95 -24.68
CA ILE TD 92 -112.73 37.13 -25.26
C ILE TD 92 -111.60 38.06 -25.71
N PRO TD 93 -111.49 38.38 -26.99
CA PRO TD 93 -110.44 39.31 -27.42
C PRO TD 93 -110.73 40.77 -27.12
N ARG TD 94 -109.65 41.54 -26.91
CA ARG TD 94 -109.72 42.94 -26.54
C ARG TD 94 -109.78 43.87 -27.75
N ASN TD 95 -110.21 43.39 -28.90
CA ASN TD 95 -110.36 44.20 -30.10
C ASN TD 95 -111.81 44.69 -30.21
N PRO TD 96 -112.06 45.98 -30.41
CA PRO TD 96 -113.45 46.47 -30.55
C PRO TD 96 -114.23 45.77 -31.64
N ALA TD 97 -113.56 45.07 -32.54
CA ALA TD 97 -114.26 44.29 -33.56
C ALA TD 97 -114.98 43.08 -32.96
N TRP TD 98 -114.78 42.79 -31.68
CA TRP TD 98 -115.50 41.77 -30.94
C TRP TD 98 -116.40 42.45 -29.92
N ASN TD 99 -117.53 41.83 -29.60
CA ASN TD 99 -118.41 42.43 -28.62
C ASN TD 99 -119.16 41.36 -27.83
N ALA TD 100 -119.89 41.86 -26.82
CA ALA TD 100 -120.57 40.97 -25.90
C ALA TD 100 -121.63 40.14 -26.60
N SER TD 101 -122.23 40.67 -27.67
CA SER TD 101 -123.21 39.87 -28.41
C SER TD 101 -122.55 38.63 -28.98
N MET TD 102 -121.30 38.76 -29.42
CA MET TD 102 -120.59 37.60 -29.96
C MET TD 102 -120.19 36.63 -28.85
N THR TD 103 -119.75 37.16 -27.70
CA THR TD 103 -119.49 36.30 -26.55
C THR TD 103 -120.73 35.47 -26.20
N VAL TD 104 -121.87 36.15 -26.08
CA VAL TD 104 -123.12 35.48 -25.72
C VAL TD 104 -123.52 34.49 -26.81
N SER TD 105 -123.28 34.83 -28.08
CA SER TD 105 -123.64 33.93 -29.16
C SER TD 105 -122.87 32.64 -29.05
N LEU TD 106 -121.56 32.72 -28.77
CA LEU TD 106 -120.79 31.49 -28.57
C LEU TD 106 -121.31 30.69 -27.38
N LEU TD 107 -121.63 31.38 -26.28
CA LEU TD 107 -122.16 30.66 -25.12
C LEU TD 107 -123.45 29.93 -25.47
N LYS TD 108 -124.36 30.60 -26.16
CA LYS TD 108 -125.65 30.01 -26.51
C LYS TD 108 -125.47 28.82 -27.45
N GLN TD 109 -124.54 28.94 -28.41
CA GLN TD 109 -124.33 27.84 -29.34
C GLN TD 109 -123.73 26.63 -28.64
N ALA TD 110 -122.77 26.87 -27.74
CA ALA TD 110 -122.22 25.76 -26.97
C ALA TD 110 -123.29 25.09 -26.13
N ALA TD 111 -124.18 25.89 -25.51
CA ALA TD 111 -125.28 25.34 -24.74
C ALA TD 111 -126.17 24.47 -25.62
N ASP TD 112 -126.56 24.97 -26.79
CA ASP TD 112 -127.39 24.19 -27.70
C ASP TD 112 -126.70 22.88 -28.08
N TYR TD 113 -125.41 22.94 -28.42
CA TYR TD 113 -124.78 21.77 -29.02
C TYR TD 113 -124.34 20.73 -28.01
N LEU TD 114 -124.02 21.11 -26.78
CA LEU TD 114 -123.60 20.12 -25.79
C LEU TD 114 -124.61 19.83 -24.70
N ALA TD 115 -125.55 20.73 -24.43
CA ALA TD 115 -126.58 20.48 -23.45
C ALA TD 115 -127.98 20.40 -24.07
N GLY TD 116 -128.17 20.89 -25.28
CA GLY TD 116 -129.45 20.85 -25.93
C GLY TD 116 -130.49 21.69 -25.21
N THR TD 117 -130.16 22.96 -24.92
CA THR TD 117 -131.05 23.83 -24.16
C THR TD 117 -131.34 25.16 -24.84
N SER TD 118 -131.00 25.33 -26.11
CA SER TD 118 -131.29 26.57 -26.82
C SER TD 118 -132.77 26.94 -26.76
N ALA TD 119 -133.04 28.23 -26.99
CA ALA TD 119 -134.40 28.72 -27.16
C ALA TD 119 -135.00 28.23 -28.47
N THR TD 120 -136.32 28.16 -28.52
CA THR TD 120 -136.99 27.65 -29.71
C THR TD 120 -136.87 28.67 -30.84
N VAL TD 121 -136.34 28.21 -31.98
CA VAL TD 121 -136.14 29.02 -33.18
C VAL TD 121 -136.38 28.11 -34.38
N SER TD 122 -137.21 28.56 -35.32
CA SER TD 122 -137.62 27.67 -36.41
C SER TD 122 -136.41 27.31 -37.27
N GLY TD 123 -136.31 26.02 -37.59
CA GLY TD 123 -135.19 25.52 -38.37
C GLY TD 123 -134.01 25.03 -37.56
N GLN TD 124 -134.05 25.16 -36.24
CA GLN TD 124 -132.99 24.64 -35.39
C GLN TD 124 -132.98 23.12 -35.42
N THR TD 125 -131.79 22.55 -35.35
CA THR TD 125 -131.71 21.10 -35.21
C THR TD 125 -132.16 20.70 -33.80
N ASP TD 126 -132.79 19.53 -33.71
CA ASP TD 126 -133.30 19.02 -32.45
C ASP TD 126 -132.12 18.49 -31.65
N THR TD 127 -131.65 19.31 -30.72
CA THR TD 127 -130.48 19.01 -29.91
C THR TD 127 -130.83 18.35 -28.59
N SER TD 128 -132.09 17.98 -28.41
CA SER TD 128 -132.53 17.47 -27.11
C SER TD 128 -131.79 16.20 -26.70
N GLY TD 129 -131.48 15.33 -27.66
CA GLY TD 129 -130.80 14.08 -27.33
C GLY TD 129 -129.30 14.17 -27.33
N PHE TD 130 -128.76 15.32 -27.72
CA PHE TD 130 -127.32 15.46 -27.78
C PHE TD 130 -126.63 15.25 -26.44
N PRO TD 131 -127.11 15.77 -25.31
CA PRO TD 131 -126.41 15.48 -24.04
C PRO TD 131 -126.36 13.99 -23.74
N ALA TD 132 -127.43 13.25 -24.03
CA ALA TD 132 -127.40 11.80 -23.90
C ALA TD 132 -126.30 11.20 -24.76
N LYS TD 133 -126.26 11.59 -26.05
CA LYS TD 133 -125.23 11.03 -26.92
C LYS TD 133 -123.83 11.37 -26.44
N TRP TD 134 -123.62 12.60 -25.97
CA TRP TD 134 -122.30 12.97 -25.46
C TRP TD 134 -121.92 12.11 -24.26
N ALA TD 135 -122.86 11.97 -23.31
CA ALA TD 135 -122.61 11.14 -22.14
C ALA TD 135 -122.36 9.68 -22.51
N GLY TD 136 -122.75 9.28 -23.73
CA GLY TD 136 -122.35 7.98 -24.23
C GLY TD 136 -121.08 7.95 -25.05
N LEU TD 137 -120.34 9.06 -25.12
CA LEU TD 137 -119.17 9.21 -26.01
C LEU TD 137 -119.54 8.90 -27.46
N MET TD 138 -120.59 9.55 -27.95
CA MET TD 138 -121.07 9.42 -29.32
C MET TD 138 -121.26 10.82 -29.90
N PHE TD 139 -120.74 11.04 -31.09
CA PHE TD 139 -120.97 12.32 -31.73
C PHE TD 139 -122.43 12.44 -32.14
N PRO TD 140 -123.08 13.57 -31.89
CA PRO TD 140 -124.47 13.80 -32.30
C PRO TD 140 -124.62 13.67 -33.81
N ALA UD 1 -117.81 46.82 0.93
CA ALA UD 1 -117.68 47.87 -0.06
C ALA UD 1 -119.00 48.13 -0.78
N ALA UD 2 -119.19 49.35 -1.28
CA ALA UD 2 -120.42 49.70 -1.97
C ALA UD 2 -120.54 48.87 -3.26
N PRO UD 3 -121.69 48.27 -3.53
CA PRO UD 3 -121.82 47.44 -4.74
C PRO UD 3 -121.81 48.23 -6.03
N SER UD 4 -122.12 49.53 -5.98
CA SER UD 4 -122.11 50.34 -7.19
C SER UD 4 -121.92 51.80 -6.80
N LEU UD 5 -121.45 52.58 -7.76
CA LEU UD 5 -121.09 53.98 -7.55
C LEU UD 5 -121.55 54.82 -8.74
N ALA UD 6 -121.99 56.04 -8.46
CA ALA UD 6 -122.32 57.02 -9.48
C ALA UD 6 -121.48 58.26 -9.17
N LEU UD 7 -120.31 58.34 -9.81
CA LEU UD 7 -119.37 59.41 -9.52
C LEU UD 7 -119.54 60.54 -10.52
N VAL UD 8 -119.14 61.74 -10.14
CA VAL UD 8 -119.24 62.89 -11.03
C VAL UD 8 -117.93 63.09 -11.77
N GLY UD 9 -118.00 63.18 -13.09
CA GLY UD 9 -116.87 63.52 -13.92
C GLY UD 9 -117.27 64.60 -14.91
N ALA UD 10 -116.56 64.70 -16.03
CA ALA UD 10 -116.80 65.75 -17.01
C ALA UD 10 -116.98 65.14 -18.40
N ASN UD 11 -117.97 65.66 -19.13
CA ASN UD 11 -118.19 65.26 -20.52
C ASN UD 11 -117.18 65.96 -21.42
N SER UD 12 -117.38 65.87 -22.73
CA SER UD 12 -116.47 66.52 -23.67
C SER UD 12 -116.48 68.03 -23.50
N THR UD 13 -117.53 68.60 -22.92
CA THR UD 13 -117.66 70.03 -22.70
C THR UD 13 -117.26 70.45 -21.30
N LEU UD 14 -116.83 69.49 -20.47
CA LEU UD 14 -116.46 69.71 -19.07
C LEU UD 14 -117.67 69.98 -18.17
N ALA UD 15 -118.87 69.65 -18.64
CA ALA UD 15 -120.04 69.71 -17.79
C ALA UD 15 -120.09 68.50 -16.87
N SER UD 16 -120.59 68.70 -15.66
CA SER UD 16 -120.66 67.62 -14.70
C SER UD 16 -121.60 66.53 -15.21
N THR UD 17 -121.08 65.31 -15.29
CA THR UD 17 -121.80 64.17 -15.84
C THR UD 17 -121.58 62.96 -14.96
N LEU UD 18 -122.61 62.15 -14.76
CA LEU UD 18 -122.41 60.93 -13.99
C LEU UD 18 -121.61 59.91 -14.79
N VAL UD 19 -120.84 59.10 -14.04
CA VAL UD 19 -120.08 57.98 -14.55
C VAL UD 19 -120.31 56.82 -13.59
N ASN UD 20 -120.80 55.71 -14.14
CA ASN UD 20 -121.36 54.64 -13.34
C ASN UD 20 -120.38 53.48 -13.25
N TYR UD 21 -120.04 53.10 -12.03
CA TYR UD 21 -119.17 51.97 -11.77
C TYR UD 21 -119.93 50.91 -10.99
N SER UD 22 -119.54 49.66 -11.18
CA SER UD 22 -120.08 48.55 -10.42
C SER UD 22 -118.94 47.71 -9.88
N LEU UD 23 -119.16 47.11 -8.71
CA LEU UD 23 -118.13 46.36 -8.00
C LEU UD 23 -117.91 45.02 -8.67
N ARG UD 24 -116.71 44.80 -9.22
CA ARG UD 24 -116.42 43.54 -9.88
C ARG UD 24 -116.07 42.45 -8.87
N SER UD 25 -115.15 42.72 -7.95
CA SER UD 25 -114.76 41.75 -6.94
C SER UD 25 -114.09 42.47 -5.77
N GLN UD 26 -113.79 41.71 -4.72
CA GLN UD 26 -113.05 42.21 -3.57
C GLN UD 26 -112.06 41.15 -3.12
N ASN UD 27 -110.77 41.48 -3.18
CA ASN UD 27 -109.64 40.65 -2.78
C ASN UD 27 -109.13 41.12 -1.43
N GLY UD 28 -107.97 40.61 -1.01
CA GLY UD 28 -107.31 41.03 0.21
C GLY UD 28 -107.00 42.51 0.20
N ASN UD 29 -107.73 43.24 1.04
CA ASN UD 29 -107.51 44.65 1.28
C ASN UD 29 -107.55 45.46 -0.02
N ASN UD 30 -108.47 45.11 -0.92
CA ASN UD 30 -108.60 45.87 -2.16
C ASN UD 30 -110.01 45.73 -2.70
N VAL UD 31 -110.30 46.55 -3.71
CA VAL UD 31 -111.63 46.68 -4.30
C VAL UD 31 -111.44 47.04 -5.75
N ASP UD 32 -112.21 46.39 -6.64
CA ASP UD 32 -112.11 46.56 -8.09
C ASP UD 32 -113.49 46.93 -8.64
N TYR UD 33 -113.58 48.12 -9.24
CA TYR UD 33 -114.80 48.61 -9.88
C TYR UD 33 -114.59 48.76 -11.37
N VAL UD 34 -115.67 48.56 -12.13
CA VAL UD 34 -115.67 48.65 -13.58
C VAL UD 34 -116.76 49.60 -14.03
N CYS UD 35 -116.49 50.39 -15.07
CA CYS UD 35 -117.47 51.33 -15.58
C CYS UD 35 -118.53 50.58 -16.41
N THR UD 36 -119.79 50.88 -16.14
CA THR UD 36 -120.93 50.22 -16.76
C THR UD 36 -121.62 51.06 -17.82
N ASP UD 37 -121.04 52.21 -18.17
CA ASP UD 37 -121.60 53.06 -19.20
C ASP UD 37 -121.38 52.42 -20.57
N PRO UD 38 -122.05 52.91 -21.61
CA PRO UD 38 -121.82 52.36 -22.95
C PRO UD 38 -120.43 52.65 -23.49
N ASP UD 39 -119.80 53.77 -23.10
CA ASP UD 39 -118.50 54.14 -23.68
C ASP UD 39 -117.36 53.24 -23.22
N SER UD 40 -117.53 52.48 -22.14
CA SER UD 40 -116.51 51.55 -21.67
C SER UD 40 -116.87 50.14 -22.10
N THR UD 41 -115.91 49.47 -22.71
CA THR UD 41 -116.01 48.09 -23.14
C THR UD 41 -114.74 47.37 -22.74
N LEU UD 42 -114.71 46.04 -22.92
CA LEU UD 42 -113.51 45.31 -22.54
C LEU UD 42 -112.30 45.77 -23.35
N SER UD 43 -112.53 46.24 -24.58
CA SER UD 43 -111.44 46.73 -25.41
C SER UD 43 -110.85 48.01 -24.82
N ALA UD 44 -111.69 48.88 -24.26
CA ALA UD 44 -111.23 50.15 -23.69
C ALA UD 44 -112.08 50.48 -22.47
N PRO UD 45 -111.76 49.87 -21.33
CA PRO UD 45 -112.61 50.01 -20.14
C PRO UD 45 -112.27 51.22 -19.29
N GLY UD 46 -113.17 51.52 -18.36
CA GLY UD 46 -112.91 52.43 -17.26
C GLY UD 46 -112.88 51.63 -15.96
N LEU UD 47 -111.87 51.90 -15.14
CA LEU UD 47 -111.59 51.06 -13.98
C LEU UD 47 -111.27 51.91 -12.76
N ILE UD 48 -111.62 51.39 -11.59
CA ILE UD 48 -111.21 51.99 -10.32
C ILE UD 48 -110.72 50.88 -9.40
N ASN UD 49 -109.62 51.15 -8.68
CA ASN UD 49 -108.99 50.14 -7.85
C ASN UD 49 -108.53 50.78 -6.54
N ALA UD 50 -108.77 50.11 -5.42
CA ALA UD 50 -108.37 50.65 -4.12
C ALA UD 50 -107.76 49.55 -3.27
N LYS UD 51 -106.74 49.90 -2.49
CA LYS UD 51 -105.99 48.94 -1.70
C LYS UD 51 -105.54 49.58 -0.39
N PHE UD 52 -105.52 48.80 0.69
CA PHE UD 52 -104.97 49.25 1.96
C PHE UD 52 -103.71 48.47 2.29
N ASP UD 53 -102.64 49.21 2.61
CA ASP UD 53 -101.44 48.64 3.24
C ASP UD 53 -101.55 49.01 4.72
N ILE UD 54 -101.91 48.03 5.54
CA ILE UD 54 -102.23 48.26 6.95
C ILE UD 54 -101.11 47.69 7.79
N LYS UD 55 -100.46 48.55 8.57
CA LYS UD 55 -99.36 48.10 9.40
C LYS UD 55 -99.89 47.53 10.72
N ALA UD 56 -99.03 46.82 11.43
CA ALA UD 56 -99.41 46.10 12.63
C ALA UD 56 -99.95 47.06 13.69
N PRO UD 57 -100.72 46.55 14.65
CA PRO UD 57 -101.23 47.42 15.71
C PRO UD 57 -100.09 48.09 16.48
N GLY UD 58 -100.34 49.33 16.90
CA GLY UD 58 -99.36 50.14 17.56
C GLY UD 58 -99.47 51.55 17.07
N ILE UD 59 -98.55 52.41 17.51
CA ILE UD 59 -98.54 53.79 17.07
C ILE UD 59 -97.30 54.11 16.24
N THR UD 60 -96.55 53.09 15.80
CA THR UD 60 -95.26 53.33 15.18
C THR UD 60 -95.36 53.63 13.70
N GLY UD 61 -96.25 52.95 12.98
CA GLY UD 61 -96.17 52.87 11.55
C GLY UD 61 -96.84 54.01 10.79
N ASN UD 62 -96.99 53.79 9.49
CA ASN UD 62 -97.73 54.63 8.54
C ASN UD 62 -98.62 53.73 7.70
N ASP UD 63 -99.94 53.84 7.90
CA ASP UD 63 -100.90 53.14 7.04
C ASP UD 63 -100.95 53.82 5.68
N ARG UD 64 -101.33 53.06 4.64
CA ARG UD 64 -101.37 53.61 3.30
C ARG UD 64 -102.63 53.17 2.55
N ILE UD 65 -103.17 54.09 1.75
CA ILE UD 65 -104.29 53.86 0.86
C ILE UD 65 -103.81 54.10 -0.56
N HIS UD 66 -104.13 53.18 -1.46
CA HIS UD 66 -103.78 53.29 -2.88
C HIS UD 66 -105.05 53.27 -3.69
N ALA UD 67 -105.34 54.35 -4.40
CA ALA UD 67 -106.46 54.41 -5.32
C ALA UD 67 -105.95 54.64 -6.72
N ASN UD 68 -106.69 54.15 -7.70
CA ASN UD 68 -106.27 54.26 -9.10
C ASN UD 68 -107.51 54.31 -9.98
N LEU UD 69 -107.67 55.42 -10.71
CA LEU UD 69 -108.80 55.61 -11.61
C LEU UD 69 -108.24 55.69 -13.03
N ARG UD 70 -108.62 54.72 -13.86
CA ARG UD 70 -108.05 54.59 -15.19
C ARG UD 70 -109.15 54.61 -16.25
N LYS UD 71 -108.79 55.07 -17.45
CA LYS UD 71 -109.61 54.95 -18.64
C LYS UD 71 -108.72 54.62 -19.82
N VAL UD 72 -109.09 53.59 -20.56
CA VAL UD 72 -108.34 53.16 -21.74
C VAL UD 72 -108.99 53.78 -22.97
N VAL UD 73 -108.16 54.17 -23.94
CA VAL UD 73 -108.65 54.75 -25.18
C VAL UD 73 -107.92 54.07 -26.34
N LEU UD 74 -108.59 53.98 -27.48
CA LEU UD 74 -108.05 53.35 -28.67
C LEU UD 74 -107.75 54.39 -29.74
N ASP UD 75 -106.60 54.24 -30.40
CA ASP UD 75 -106.21 55.15 -31.48
C ASP UD 75 -107.20 55.06 -32.64
N GLU UD 76 -107.61 56.22 -33.16
CA GLU UD 76 -108.53 56.21 -34.31
C GLU UD 76 -107.90 55.57 -35.53
N LYS UD 77 -106.57 55.58 -35.62
CA LYS UD 77 -105.90 55.06 -36.80
C LYS UD 77 -105.56 53.59 -36.67
N THR UD 78 -105.19 53.14 -35.47
CA THR UD 78 -104.65 51.80 -35.28
C THR UD 78 -105.38 50.96 -34.23
N ASN UD 79 -106.38 51.51 -33.54
CA ASN UD 79 -107.02 50.84 -32.40
C ASN UD 79 -106.00 50.39 -31.35
N LEU UD 80 -104.87 51.09 -31.28
CA LEU UD 80 -103.94 50.69 -30.23
C LEU UD 80 -104.30 51.37 -28.91
N PRO UD 81 -104.26 50.62 -27.82
CA PRO UD 81 -104.72 51.15 -26.54
C PRO UD 81 -103.62 51.95 -25.86
N SER UD 82 -104.00 53.09 -25.32
CA SER UD 82 -103.20 53.77 -24.31
C SER UD 82 -104.14 54.20 -23.19
N THR UD 83 -103.61 54.27 -21.97
CA THR UD 83 -104.43 54.50 -20.79
C THR UD 83 -104.09 55.83 -20.16
N GLY UD 84 -105.12 56.52 -19.68
CA GLY UD 84 -104.96 57.69 -18.84
C GLY UD 84 -105.35 57.32 -17.42
N SER UD 85 -104.66 57.89 -16.45
CA SER UD 85 -104.91 57.46 -15.08
C SER UD 85 -104.63 58.57 -14.07
N VAL UD 86 -105.40 58.56 -13.00
CA VAL UD 86 -105.14 59.35 -11.80
C VAL UD 86 -104.97 58.38 -10.65
N THR UD 87 -103.77 58.33 -10.08
CA THR UD 87 -103.47 57.48 -8.95
C THR UD 87 -103.28 58.34 -7.71
N ILE UD 88 -103.67 57.80 -6.56
CA ILE UD 88 -103.66 58.51 -5.30
C ILE UD 88 -103.03 57.61 -4.24
N GLN UD 89 -102.16 58.18 -3.41
CA GLN UD 89 -101.61 57.47 -2.27
C GLN UD 89 -101.74 58.32 -1.02
N VAL UD 90 -102.48 57.82 -0.05
CA VAL UD 90 -102.67 58.46 1.24
C VAL UD 90 -101.80 57.73 2.25
N SER UD 91 -101.01 58.48 3.01
CA SER UD 91 -100.18 57.93 4.07
C SER UD 91 -100.57 58.58 5.38
N ILE UD 92 -101.11 57.77 6.29
CA ILE UD 92 -101.69 58.16 7.57
C ILE UD 92 -100.78 57.65 8.68
N PRO UD 93 -100.10 58.54 9.42
CA PRO UD 93 -99.30 58.07 10.56
C PRO UD 93 -100.17 57.62 11.71
N ARG UD 94 -99.59 56.75 12.54
CA ARG UD 94 -100.28 56.19 13.70
C ARG UD 94 -99.91 56.89 15.01
N ASN UD 95 -98.87 57.73 15.01
CA ASN UD 95 -98.58 58.60 16.14
C ASN UD 95 -99.83 59.36 16.53
N PRO UD 96 -100.29 59.25 17.79
CA PRO UD 96 -101.57 59.87 18.19
C PRO UD 96 -101.61 61.37 17.99
N ALA UD 97 -100.50 61.98 17.61
CA ALA UD 97 -100.46 63.38 17.25
C ALA UD 97 -101.07 63.65 15.87
N TRP UD 98 -101.62 62.63 15.21
CA TRP UD 98 -102.32 62.76 13.94
C TRP UD 98 -103.80 62.45 14.14
N ASN UD 99 -104.63 62.98 13.24
CA ASN UD 99 -106.08 62.82 13.34
C ASN UD 99 -106.67 62.40 12.00
N ALA UD 100 -107.77 61.65 12.11
CA ALA UD 100 -108.63 61.48 10.95
C ALA UD 100 -109.04 62.83 10.37
N SER UD 101 -109.18 63.85 11.23
CA SER UD 101 -109.48 65.20 10.73
C SER UD 101 -108.36 65.71 9.84
N MET UD 102 -107.12 65.41 10.19
CA MET UD 102 -105.99 65.85 9.39
C MET UD 102 -105.94 65.10 8.05
N THR UD 103 -106.23 63.79 8.09
CA THR UD 103 -106.36 63.02 6.85
C THR UD 103 -107.42 63.66 5.93
N VAL UD 104 -108.61 63.91 6.48
CA VAL UD 104 -109.69 64.48 5.68
C VAL UD 104 -109.30 65.85 5.15
N SER UD 105 -108.58 66.64 5.97
CA SER UD 105 -108.18 67.97 5.52
C SER UD 105 -107.24 67.89 4.33
N LEU UD 106 -106.28 66.97 4.38
CA LEU UD 106 -105.41 66.80 3.21
C LEU UD 106 -106.21 66.35 1.99
N LEU UD 107 -107.16 65.44 2.18
CA LEU UD 107 -107.97 65.00 1.04
C LEU UD 107 -108.74 66.17 0.42
N LYS UD 108 -109.37 66.98 1.26
CA LYS UD 108 -110.15 68.11 0.77
C LYS UD 108 -109.26 69.13 0.07
N GLN UD 109 -108.06 69.38 0.60
CA GLN UD 109 -107.15 70.34 -0.02
C GLN UD 109 -106.67 69.84 -1.37
N ALA UD 110 -106.31 68.55 -1.45
CA ALA UD 110 -105.92 67.99 -2.75
C ALA UD 110 -107.06 68.09 -3.75
N ALA UD 111 -108.29 67.82 -3.29
CA ALA UD 111 -109.45 67.94 -4.19
C ALA UD 111 -109.61 69.37 -4.70
N ASP UD 112 -109.53 70.35 -3.80
CA ASP UD 112 -109.63 71.75 -4.20
C ASP UD 112 -108.51 72.11 -5.18
N TYR UD 113 -107.28 71.64 -4.94
CA TYR UD 113 -106.15 72.16 -5.70
C TYR UD 113 -105.96 71.46 -7.04
N LEU UD 114 -106.37 70.20 -7.17
CA LEU UD 114 -106.21 69.51 -8.44
C LEU UD 114 -107.51 69.27 -9.20
N ALA UD 115 -108.66 69.28 -8.53
CA ALA UD 115 -109.94 69.14 -9.19
C ALA UD 115 -110.83 70.37 -9.08
N GLY UD 116 -110.54 71.29 -8.15
CA GLY UD 116 -111.35 72.47 -7.98
C GLY UD 116 -112.77 72.17 -7.58
N THR UD 117 -112.95 71.35 -6.54
CA THR UD 117 -114.27 70.89 -6.12
C THR UD 117 -114.60 71.18 -4.66
N SER UD 118 -113.74 71.91 -3.95
CA SER UD 118 -113.96 72.17 -2.54
C SER UD 118 -115.29 72.89 -2.28
N ALA UD 119 -115.74 72.81 -1.02
CA ALA UD 119 -116.91 73.56 -0.57
C ALA UD 119 -116.61 75.05 -0.53
N THR UD 120 -117.66 75.84 -0.30
CA THR UD 120 -117.55 77.29 -0.36
C THR UD 120 -117.20 77.86 1.00
N VAL UD 121 -116.13 78.65 1.06
CA VAL UD 121 -115.68 79.36 2.26
C VAL UD 121 -115.31 80.76 1.82
N SER UD 122 -115.31 81.69 2.78
CA SER UD 122 -115.24 83.12 2.48
C SER UD 122 -114.05 83.43 1.58
N GLY UD 123 -112.84 83.28 2.08
CA GLY UD 123 -111.70 83.81 1.37
C GLY UD 123 -111.03 82.83 0.44
N GLN UD 124 -111.76 81.83 -0.05
CA GLN UD 124 -111.10 80.74 -0.75
C GLN UD 124 -110.65 81.23 -2.12
N THR UD 125 -109.56 80.66 -2.63
CA THR UD 125 -109.18 81.03 -3.98
C THR UD 125 -110.01 80.23 -4.98
N ASP UD 126 -110.24 80.86 -6.13
CA ASP UD 126 -111.05 80.28 -7.18
C ASP UD 126 -110.25 79.19 -7.88
N THR UD 127 -110.65 77.95 -7.67
CA THR UD 127 -109.95 76.78 -8.19
C THR UD 127 -110.72 76.09 -9.29
N SER UD 128 -111.78 76.71 -9.82
CA SER UD 128 -112.61 76.06 -10.82
C SER UD 128 -111.81 75.76 -12.10
N GLY UD 129 -110.89 76.65 -12.47
CA GLY UD 129 -110.12 76.46 -13.68
C GLY UD 129 -108.87 75.64 -13.52
N PHE UD 130 -108.53 75.29 -12.28
CA PHE UD 130 -107.31 74.54 -12.04
C PHE UD 130 -107.28 73.19 -12.75
N PRO UD 131 -108.34 72.37 -12.75
CA PRO UD 131 -108.25 71.11 -13.51
C PRO UD 131 -107.94 71.32 -14.98
N ALA UD 132 -108.53 72.35 -15.59
CA ALA UD 132 -108.20 72.68 -16.98
C ALA UD 132 -106.72 73.03 -17.12
N LYS UD 133 -106.21 73.87 -16.22
CA LYS UD 133 -104.80 74.25 -16.32
C LYS UD 133 -103.89 73.05 -16.12
N TRP UD 134 -104.24 72.14 -15.21
CA TRP UD 134 -103.43 70.93 -15.04
C TRP UD 134 -103.46 70.08 -16.30
N ALA UD 135 -104.65 69.85 -16.86
CA ALA UD 135 -104.77 69.04 -18.07
C ALA UD 135 -104.03 69.66 -19.23
N GLY UD 136 -103.76 70.96 -19.17
CA GLY UD 136 -102.87 71.58 -20.14
C GLY UD 136 -101.40 71.54 -19.78
N LEU UD 137 -101.06 70.84 -18.70
CA LEU UD 137 -99.69 70.81 -18.16
C LEU UD 137 -99.15 72.20 -17.89
N MET UD 138 -99.91 72.98 -17.13
CA MET UD 138 -99.44 74.25 -16.63
C MET UD 138 -99.91 74.43 -15.19
N PHE UD 139 -99.07 75.09 -14.40
CA PHE UD 139 -99.37 75.28 -13.00
C PHE UD 139 -100.49 76.29 -12.81
N PRO UD 140 -101.37 76.08 -11.82
CA PRO UD 140 -102.38 77.06 -11.42
C PRO UD 140 -101.71 78.35 -10.93
N ALA VD 1 -118.93 36.57 1.20
CA ALA VD 1 -119.30 36.73 2.61
C ALA VD 1 -120.14 37.99 2.82
N ALA VD 2 -120.75 38.09 4.01
CA ALA VD 2 -121.56 39.25 4.33
C ALA VD 2 -120.71 40.51 4.36
N PRO VD 3 -121.18 41.60 3.75
CA PRO VD 3 -120.35 42.82 3.70
C PRO VD 3 -120.26 43.55 5.03
N SER VD 4 -121.19 43.28 5.94
CA SER VD 4 -121.19 43.96 7.23
C SER VD 4 -121.96 43.13 8.23
N LEU VD 5 -121.61 43.31 9.52
CA LEU VD 5 -122.15 42.53 10.61
C LEU VD 5 -122.45 43.42 11.80
N ALA VD 6 -123.54 43.13 12.49
CA ALA VD 6 -123.90 43.79 13.74
C ALA VD 6 -123.96 42.69 14.80
N LEU VD 7 -122.84 42.42 15.45
CA LEU VD 7 -122.79 41.35 16.44
C LEU VD 7 -123.15 41.91 17.81
N VAL VD 8 -123.57 41.04 18.72
CA VAL VD 8 -123.93 41.45 20.07
C VAL VD 8 -122.76 41.16 21.01
N GLY VD 9 -122.29 42.18 21.71
CA GLY VD 9 -121.31 42.08 22.75
C GLY VD 9 -121.81 42.75 24.01
N ALA VD 10 -120.87 43.19 24.84
CA ALA VD 10 -121.19 43.79 26.12
C ALA VD 10 -120.40 45.08 26.30
N ASN VD 11 -121.07 46.10 26.84
CA ASN VD 11 -120.40 47.35 27.18
C ASN VD 11 -119.76 47.21 28.56
N SER VD 12 -119.34 48.34 29.13
CA SER VD 12 -118.70 48.30 30.44
C SER VD 12 -119.66 47.83 31.53
N THR VD 13 -120.97 48.01 31.33
CA THR VD 13 -121.99 47.54 32.26
C THR VD 13 -122.32 46.07 32.09
N LEU VD 14 -121.76 45.42 31.06
CA LEU VD 14 -122.13 44.09 30.59
C LEU VD 14 -123.51 44.05 29.95
N ALA VD 15 -124.11 45.20 29.67
CA ALA VD 15 -125.37 45.23 28.94
C ALA VD 15 -125.15 44.88 27.48
N SER VD 16 -126.13 44.20 26.88
CA SER VD 16 -126.02 43.77 25.49
C SER VD 16 -125.97 44.98 24.56
N THR VD 17 -124.86 45.11 23.83
CA THR VD 17 -124.59 46.27 22.97
C THR VD 17 -124.16 45.78 21.60
N LEU VD 18 -124.57 46.49 20.55
CA LEU VD 18 -124.11 46.12 19.22
C LEU VD 18 -122.66 46.56 19.00
N VAL VD 19 -121.92 45.69 18.32
CA VAL VD 19 -120.57 45.97 17.84
C VAL VD 19 -120.55 45.69 16.35
N ASN VD 20 -120.12 46.68 15.57
CA ASN VD 20 -120.34 46.71 14.13
C ASN VD 20 -119.03 46.45 13.40
N TYR VD 21 -119.08 45.52 12.45
CA TYR VD 21 -117.92 45.17 11.63
C TYR VD 21 -118.27 45.35 10.15
N SER VD 22 -117.28 45.74 9.36
CA SER VD 22 -117.42 45.73 7.90
C SER VD 22 -116.35 44.85 7.29
N LEU VD 23 -116.68 44.27 6.14
CA LEU VD 23 -115.81 43.34 5.45
C LEU VD 23 -114.70 44.11 4.77
N ARG VD 24 -113.50 44.04 5.35
CA ARG VD 24 -112.34 44.70 4.76
C ARG VD 24 -111.63 43.83 3.72
N SER VD 25 -111.43 42.55 3.96
CA SER VD 25 -110.80 41.74 2.92
C SER VD 25 -111.36 40.33 2.90
N GLN VD 26 -111.19 39.68 1.76
CA GLN VD 26 -111.51 38.26 1.62
C GLN VD 26 -110.58 37.71 0.55
N ASN VD 27 -109.83 36.67 0.92
CA ASN VD 27 -108.78 36.14 0.07
C ASN VD 27 -108.48 34.71 0.47
N GLY VD 28 -108.49 33.81 -0.52
CA GLY VD 28 -108.04 32.45 -0.31
C GLY VD 28 -108.71 31.75 0.85
N ASN VD 29 -110.03 31.59 0.75
CA ASN VD 29 -110.84 31.03 1.82
C ASN VD 29 -110.50 31.66 3.16
N ASN VD 30 -110.35 32.97 3.13
CA ASN VD 30 -110.02 33.71 4.34
C ASN VD 30 -110.86 34.99 4.31
N VAL VD 31 -111.37 35.40 5.46
CA VAL VD 31 -112.30 36.54 5.56
C VAL VD 31 -111.90 37.39 6.76
N ASP VD 32 -111.73 38.71 6.53
CA ASP VD 32 -111.24 39.63 7.54
C ASP VD 32 -112.16 40.84 7.64
N TYR VD 33 -112.72 41.05 8.84
CA TYR VD 33 -113.60 42.16 9.17
C TYR VD 33 -112.90 43.12 10.12
N VAL VD 34 -113.27 44.40 10.04
CA VAL VD 34 -112.78 45.42 10.95
C VAL VD 34 -113.95 46.11 11.63
N CYS VD 35 -113.74 46.52 12.88
CA CYS VD 35 -114.79 47.16 13.66
C CYS VD 35 -114.92 48.61 13.27
N THR VD 36 -116.16 49.04 13.00
CA THR VD 36 -116.46 50.38 12.51
C THR VD 36 -116.81 51.36 13.63
N ASP VD 37 -116.84 50.90 14.87
CA ASP VD 37 -117.26 51.72 15.99
C ASP VD 37 -116.15 52.69 16.38
N PRO VD 38 -116.46 53.67 17.24
CA PRO VD 38 -115.40 54.58 17.69
C PRO VD 38 -114.34 53.93 18.56
N ASP VD 39 -114.68 52.85 19.26
CA ASP VD 39 -113.71 52.21 20.16
C ASP VD 39 -112.58 51.50 19.42
N SER VD 40 -112.73 51.24 18.11
CA SER VD 40 -111.64 50.69 17.31
C SER VD 40 -111.02 51.83 16.52
N THR VD 41 -109.75 52.10 16.79
CA THR VD 41 -108.96 53.08 16.07
C THR VD 41 -107.98 52.35 15.17
N LEU VD 42 -107.27 53.13 14.34
CA LEU VD 42 -106.22 52.56 13.52
C LEU VD 42 -105.14 51.93 14.39
N SER VD 43 -104.80 52.60 15.48
CA SER VD 43 -103.69 52.14 16.30
C SER VD 43 -104.09 50.94 17.15
N ALA VD 44 -105.34 50.91 17.59
CA ALA VD 44 -105.87 49.85 18.45
C ALA VD 44 -107.22 49.42 17.91
N PRO VD 45 -107.25 48.52 16.93
CA PRO VD 45 -108.50 48.19 16.24
C PRO VD 45 -109.19 46.99 16.87
N GLY VD 46 -110.42 46.76 16.41
CA GLY VD 46 -111.14 45.52 16.65
C GLY VD 46 -111.24 44.76 15.34
N LEU VD 47 -110.95 43.46 15.40
CA LEU VD 47 -110.73 42.70 14.17
C LEU VD 47 -111.37 41.32 14.27
N ILE VD 48 -111.76 40.79 13.12
CA ILE VD 48 -112.26 39.42 13.03
C ILE VD 48 -111.61 38.73 11.84
N ASN VD 49 -111.26 37.46 12.03
CA ASN VD 49 -110.60 36.62 11.03
C ASN VD 49 -111.28 35.27 10.97
N ALA VD 50 -111.40 34.69 9.77
CA ALA VD 50 -112.01 33.38 9.61
C ALA VD 50 -111.43 32.65 8.40
N LYS VD 51 -110.90 31.45 8.64
CA LYS VD 51 -110.20 30.63 7.66
C LYS VD 51 -110.87 29.26 7.52
N PHE VD 52 -110.72 28.68 6.32
CA PHE VD 52 -111.18 27.32 6.02
C PHE VD 52 -110.00 26.48 5.56
N ASP VD 53 -109.66 25.45 6.33
CA ASP VD 53 -108.78 24.38 5.87
C ASP VD 53 -109.68 23.29 5.32
N ILE VD 54 -109.86 23.27 4.00
CA ILE VD 54 -110.72 22.30 3.34
C ILE VD 54 -109.85 21.20 2.76
N LYS VD 55 -110.02 19.99 3.28
CA LYS VD 55 -109.26 18.84 2.81
C LYS VD 55 -109.79 18.40 1.45
N ALA VD 56 -108.92 17.70 0.71
CA ALA VD 56 -109.27 17.09 -0.57
C ALA VD 56 -110.47 16.17 -0.40
N PRO VD 57 -111.26 15.93 -1.45
CA PRO VD 57 -112.41 15.05 -1.31
C PRO VD 57 -112.00 13.69 -0.81
N GLY VD 58 -112.87 13.08 -0.03
CA GLY VD 58 -112.55 11.81 0.58
C GLY VD 58 -113.36 11.61 1.83
N ILE VD 59 -113.36 10.35 2.29
CA ILE VD 59 -114.10 9.99 3.49
C ILE VD 59 -113.23 10.09 4.74
N THR VD 60 -111.92 10.32 4.58
CA THR VD 60 -110.98 10.39 5.68
C THR VD 60 -110.53 11.82 5.91
N GLY VD 61 -110.17 12.12 7.15
CA GLY VD 61 -109.65 13.41 7.52
C GLY VD 61 -110.68 14.28 8.21
N ASN VD 62 -110.20 15.44 8.67
CA ASN VD 62 -111.04 16.47 9.27
C ASN VD 62 -110.92 17.76 8.46
N ASP VD 63 -112.06 18.41 8.21
CA ASP VD 63 -112.09 19.78 7.75
C ASP VD 63 -111.96 20.71 8.96
N ARG VD 64 -111.41 21.91 8.74
CA ARG VD 64 -111.20 22.79 9.89
C ARG VD 64 -111.64 24.22 9.59
N ILE VD 65 -112.23 24.85 10.61
CA ILE VD 65 -112.63 26.26 10.60
C ILE VD 65 -111.83 26.96 11.67
N HIS VD 66 -111.24 28.10 11.32
CA HIS VD 66 -110.52 28.93 12.29
C HIS VD 66 -111.17 30.30 12.36
N ALA VD 67 -111.31 30.83 13.56
CA ALA VD 67 -111.93 32.14 13.74
C ALA VD 67 -111.25 32.86 14.89
N ASN VD 68 -111.05 34.17 14.72
CA ASN VD 68 -110.37 34.97 15.73
C ASN VD 68 -111.09 36.30 15.87
N LEU VD 69 -111.47 36.63 17.11
CA LEU VD 69 -112.08 37.92 17.43
C LEU VD 69 -111.16 38.65 18.39
N ARG VD 70 -110.63 39.79 17.94
CA ARG VD 70 -109.56 40.51 18.60
C ARG VD 70 -110.00 41.93 18.95
N LYS VD 71 -109.50 42.42 20.08
CA LYS VD 71 -109.52 43.85 20.39
C LYS VD 71 -108.14 44.25 20.89
N VAL VD 72 -107.54 45.24 20.24
CA VAL VD 72 -106.23 45.75 20.62
C VAL VD 72 -106.43 46.90 21.59
N VAL VD 73 -105.55 46.99 22.58
CA VAL VD 73 -105.58 48.09 23.54
C VAL VD 73 -104.16 48.60 23.74
N LEU VD 74 -104.03 49.91 23.88
CA LEU VD 74 -102.74 50.56 24.04
C LEU VD 74 -102.47 50.84 25.52
N ASP VD 75 -101.20 50.67 25.92
CA ASP VD 75 -100.80 51.01 27.28
C ASP VD 75 -100.92 52.50 27.53
N GLU VD 76 -101.37 52.85 28.74
CA GLU VD 76 -101.58 54.27 29.04
C GLU VD 76 -100.29 55.06 28.95
N LYS VD 77 -99.19 54.50 29.46
CA LYS VD 77 -97.92 55.21 29.49
C LYS VD 77 -97.10 54.91 28.24
N THR VD 78 -96.81 53.63 27.97
CA THR VD 78 -95.89 53.27 26.92
C THR VD 78 -96.52 53.28 25.53
N ASN VD 79 -97.85 53.28 25.43
CA ASN VD 79 -98.58 53.19 24.16
C ASN VD 79 -98.24 51.92 23.38
N LEU VD 80 -97.61 50.94 24.04
CA LEU VD 80 -97.38 49.64 23.43
C LEU VD 80 -98.71 48.89 23.34
N PRO VD 81 -98.98 48.23 22.23
CA PRO VD 81 -100.25 47.53 22.10
C PRO VD 81 -100.18 46.12 22.64
N SER VD 82 -101.17 45.73 23.43
CA SER VD 82 -101.41 44.32 23.70
C SER VD 82 -102.85 44.01 23.33
N THR VD 83 -103.07 42.78 22.90
CA THR VD 83 -104.34 42.41 22.28
C THR VD 83 -105.02 41.27 23.04
N GLY VD 84 -106.33 41.38 23.21
CA GLY VD 84 -107.14 40.36 23.84
C GLY VD 84 -107.99 39.69 22.77
N SER VD 85 -108.16 38.37 22.89
CA SER VD 85 -108.73 37.64 21.76
C SER VD 85 -109.44 36.37 22.18
N VAL VD 86 -110.57 36.10 21.53
CA VAL VD 86 -111.25 34.81 21.60
C VAL VD 86 -111.10 34.13 20.25
N THR VD 87 -110.48 32.97 20.24
CA THR VD 87 -110.25 32.24 19.01
C THR VD 87 -110.87 30.84 19.07
N ILE VD 88 -111.43 30.40 17.96
CA ILE VD 88 -112.22 29.16 17.87
C ILE VD 88 -111.65 28.31 16.75
N GLN VD 89 -111.50 27.02 17.01
CA GLN VD 89 -111.20 26.02 15.99
C GLN VD 89 -112.29 24.95 15.98
N VAL VD 90 -112.92 24.77 14.83
CA VAL VD 90 -113.93 23.73 14.62
C VAL VD 90 -113.31 22.66 13.75
N SER VD 91 -113.37 21.40 14.21
CA SER VD 91 -112.83 20.27 13.48
C SER VD 91 -113.97 19.32 13.18
N ILE VD 92 -114.32 19.19 11.90
CA ILE VD 92 -115.46 18.44 11.39
C ILE VD 92 -114.93 17.21 10.67
N PRO VD 93 -115.14 16.01 11.19
CA PRO VD 93 -114.70 14.79 10.49
C PRO VD 93 -115.52 14.54 9.23
N ARG VD 94 -114.98 13.65 8.39
CA ARG VD 94 -115.61 13.32 7.12
C ARG VD 94 -116.24 11.94 7.09
N ASN VD 95 -116.05 11.12 8.12
CA ASN VD 95 -116.80 9.88 8.24
C ASN VD 95 -118.29 10.16 8.19
N PRO VD 96 -119.06 9.51 7.31
CA PRO VD 96 -120.50 9.82 7.21
C PRO VD 96 -121.25 9.65 8.51
N ALA VD 97 -120.61 9.05 9.52
CA ALA VD 97 -121.17 8.94 10.84
C ALA VD 97 -121.14 10.25 11.62
N TRP VD 98 -120.71 11.35 10.99
CA TRP VD 98 -120.78 12.69 11.55
C TRP VD 98 -121.85 13.49 10.81
N ASN VD 99 -122.42 14.49 11.51
CA ASN VD 99 -123.46 15.31 10.92
C ASN VD 99 -123.19 16.79 11.16
N ALA VD 100 -123.67 17.59 10.20
CA ALA VD 100 -123.77 19.02 10.45
C ALA VD 100 -124.55 19.29 11.73
N SER VD 101 -125.53 18.44 12.04
CA SER VD 101 -126.28 18.61 13.29
C SER VD 101 -125.35 18.47 14.50
N MET VD 102 -124.39 17.56 14.41
CA MET VD 102 -123.43 17.39 15.51
C MET VD 102 -122.49 18.57 15.60
N THR VD 103 -122.05 19.09 14.45
CA THR VD 103 -121.26 20.32 14.44
C THR VD 103 -122.01 21.46 15.13
N VAL VD 104 -123.25 21.68 14.72
CA VAL VD 104 -124.05 22.76 15.29
C VAL VD 104 -124.29 22.52 16.77
N SER VD 105 -124.48 21.27 17.18
CA SER VD 105 -124.70 20.98 18.59
C SER VD 105 -123.49 21.36 19.41
N LEU VD 106 -122.29 21.03 18.93
CA LEU VD 106 -121.07 21.44 19.64
C LEU VD 106 -120.96 22.96 19.69
N LEU VD 107 -121.27 23.64 18.59
CA LEU VD 107 -121.21 25.10 18.59
C LEU VD 107 -122.15 25.69 19.63
N LYS VD 108 -123.38 25.21 19.67
CA LYS VD 108 -124.38 25.72 20.62
C LYS VD 108 -123.97 25.45 22.05
N GLN VD 109 -123.41 24.26 22.31
CA GLN VD 109 -122.98 23.93 23.67
C GLN VD 109 -121.81 24.81 24.09
N ALA VD 110 -120.85 25.04 23.20
CA ALA VD 110 -119.76 25.95 23.52
C ALA VD 110 -120.28 27.35 23.81
N ALA VD 111 -121.24 27.83 23.00
CA ALA VD 111 -121.84 29.13 23.26
C ALA VD 111 -122.49 29.17 24.63
N ASP VD 112 -123.22 28.11 25.00
CA ASP VD 112 -123.86 28.07 26.31
C ASP VD 112 -122.82 28.08 27.42
N TYR VD 113 -121.75 27.29 27.28
CA TYR VD 113 -120.85 27.06 28.41
C TYR VD 113 -119.83 28.17 28.58
N LEU VD 114 -119.38 28.81 27.50
CA LEU VD 114 -118.38 29.86 27.63
C LEU VD 114 -118.96 31.26 27.46
N ALA VD 115 -120.11 31.41 26.82
CA ALA VD 115 -120.72 32.71 26.67
C ALA VD 115 -122.06 32.85 27.37
N GLY VD 116 -122.73 31.75 27.72
CA GLY VD 116 -124.00 31.82 28.39
C GLY VD 116 -125.10 32.41 27.54
N THR VD 117 -125.25 31.93 26.30
CA THR VD 117 -126.20 32.51 25.35
C THR VD 117 -127.17 31.50 24.74
N SER VD 118 -127.17 30.26 25.21
CA SER VD 118 -128.07 29.25 24.67
C SER VD 118 -129.53 29.68 24.69
N ALA VD 119 -130.32 29.06 23.80
CA ALA VD 119 -131.77 29.23 23.81
C ALA VD 119 -132.38 28.62 25.08
N THR VD 120 -133.62 28.98 25.34
CA THR VD 120 -134.29 28.53 26.57
C THR VD 120 -134.87 27.14 26.39
N VAL VD 121 -134.52 26.23 27.31
CA VAL VD 121 -135.02 24.87 27.37
C VAL VD 121 -135.25 24.52 28.83
N SER VD 122 -136.35 23.82 29.11
CA SER VD 122 -136.65 23.41 30.47
C SER VD 122 -135.53 22.55 31.03
N GLY VD 123 -135.05 22.90 32.22
CA GLY VD 123 -134.01 22.15 32.87
C GLY VD 123 -132.60 22.53 32.49
N GLN VD 124 -132.39 23.62 31.76
CA GLN VD 124 -131.03 23.97 31.36
C GLN VD 124 -130.34 24.61 32.55
N THR VD 125 -129.03 24.44 32.64
CA THR VD 125 -128.33 25.13 33.72
C THR VD 125 -128.17 26.61 33.38
N ASP VD 126 -128.28 27.44 34.40
CA ASP VD 126 -128.18 28.88 34.23
C ASP VD 126 -126.73 29.25 33.99
N THR VD 127 -126.43 29.64 32.76
CA THR VD 127 -125.08 29.96 32.33
C THR VD 127 -124.85 31.46 32.20
N SER VD 128 -125.79 32.27 32.69
CA SER VD 128 -125.70 33.72 32.49
C SER VD 128 -124.43 34.29 33.10
N GLY VD 129 -124.03 33.82 34.28
CA GLY VD 129 -122.86 34.32 34.94
C GLY VD 129 -121.56 33.65 34.54
N PHE VD 130 -121.65 32.63 33.71
CA PHE VD 130 -120.45 31.92 33.30
C PHE VD 130 -119.44 32.80 32.55
N PRO VD 131 -119.83 33.65 31.60
CA PRO VD 131 -118.81 34.51 30.98
C PRO VD 131 -118.08 35.39 31.97
N ALA VD 132 -118.80 35.92 32.97
CA ALA VD 132 -118.15 36.68 34.02
C ALA VD 132 -117.13 35.81 34.77
N LYS VD 133 -117.55 34.61 35.18
CA LYS VD 133 -116.64 33.74 35.91
C LYS VD 133 -115.41 33.38 35.06
N TRP VD 134 -115.61 33.16 33.76
CA TRP VD 134 -114.47 32.87 32.89
C TRP VD 134 -113.52 34.07 32.83
N ALA VD 135 -114.07 35.27 32.60
CA ALA VD 135 -113.24 36.47 32.55
C ALA VD 135 -112.48 36.67 33.84
N GLY VD 136 -112.99 36.16 34.95
CA GLY VD 136 -112.24 36.14 36.19
C GLY VD 136 -111.33 34.96 36.38
N LEU VD 137 -111.19 34.09 35.38
CA LEU VD 137 -110.40 32.86 35.49
C LEU VD 137 -110.91 31.97 36.63
N MET VD 138 -112.20 31.67 36.59
CA MET VD 138 -112.85 30.83 37.57
C MET VD 138 -113.71 29.81 36.83
N PHE VD 139 -113.53 28.54 37.17
CA PHE VD 139 -114.38 27.53 36.55
C PHE VD 139 -115.81 27.68 37.03
N PRO VD 140 -116.80 27.65 36.11
CA PRO VD 140 -118.22 27.75 36.43
C PRO VD 140 -118.67 26.62 37.35
N ALA WD 1 42.67 111.44 -45.04
CA ALA WD 1 41.97 112.17 -44.00
C ALA WD 1 42.79 113.36 -43.50
N ALA WD 2 42.10 114.42 -43.10
CA ALA WD 2 42.77 115.60 -42.57
C ALA WD 2 43.45 115.27 -41.24
N PRO WD 3 44.64 115.83 -40.99
CA PRO WD 3 45.35 115.51 -39.75
C PRO WD 3 44.73 116.16 -38.53
N SER WD 4 44.04 117.27 -38.69
CA SER WD 4 43.46 117.99 -37.56
C SER WD 4 42.33 118.88 -38.05
N LEU WD 5 41.45 119.24 -37.12
CA LEU WD 5 40.23 119.96 -37.43
C LEU WD 5 39.97 121.00 -36.35
N ALA WD 6 39.46 122.16 -36.77
CA ALA WD 6 38.97 123.18 -35.86
C ALA WD 6 37.51 123.41 -36.21
N LEU WD 7 36.61 122.71 -35.54
CA LEU WD 7 35.19 122.78 -35.86
C LEU WD 7 34.53 123.83 -34.97
N VAL WD 8 33.44 124.41 -35.45
CA VAL WD 8 32.72 125.41 -34.67
C VAL WD 8 31.62 124.73 -33.87
N GLY WD 9 31.59 125.00 -32.57
CA GLY WD 9 30.55 124.56 -31.66
C GLY WD 9 30.10 125.73 -30.80
N ALA WD 10 29.57 125.40 -29.62
CA ALA WD 10 29.03 126.41 -28.72
C ALA WD 10 29.51 126.18 -27.30
N ASN WD 11 29.79 127.27 -26.59
CA ASN WD 11 30.17 127.24 -25.19
C ASN WD 11 28.91 127.24 -24.32
N SER WD 12 29.09 127.48 -23.02
CA SER WD 12 27.93 127.52 -22.12
C SER WD 12 27.02 128.71 -22.43
N THR WD 13 27.57 129.78 -23.01
CA THR WD 13 26.80 130.94 -23.44
C THR WD 13 26.10 130.70 -24.77
N LEU WD 14 26.42 129.61 -25.46
CA LEU WD 14 26.02 129.31 -26.83
C LEU WD 14 26.67 130.24 -27.85
N ALA WD 15 27.75 130.92 -27.46
CA ALA WD 15 28.55 131.67 -28.42
C ALA WD 15 29.42 130.72 -29.22
N SER WD 16 29.67 131.10 -30.48
CA SER WD 16 30.44 130.23 -31.38
C SER WD 16 31.87 130.10 -30.89
N THR WD 17 32.30 128.88 -30.62
CA THR WD 17 33.61 128.59 -30.04
C THR WD 17 34.29 127.50 -30.87
N LEU WD 18 35.60 127.59 -31.03
CA LEU WD 18 36.30 126.51 -31.69
C LEU WD 18 36.43 125.30 -30.78
N VAL WD 19 36.41 124.13 -31.40
CA VAL WD 19 36.67 122.86 -30.75
C VAL WD 19 37.63 122.08 -31.63
N ASN WD 20 38.76 121.67 -31.05
CA ASN WD 20 39.91 121.19 -31.80
C ASN WD 20 39.98 119.68 -31.72
N TYR WD 21 40.00 119.03 -32.87
CA TYR WD 21 40.18 117.60 -32.98
C TYR WD 21 41.49 117.32 -33.72
N SER WD 22 42.08 116.17 -33.41
CA SER WD 22 43.26 115.71 -34.12
C SER WD 22 43.09 114.24 -34.45
N LEU WD 23 43.70 113.81 -35.54
CA LEU WD 23 43.50 112.46 -36.06
C LEU WD 23 44.15 111.45 -35.13
N ARG WD 24 43.32 110.65 -34.46
CA ARG WD 24 43.83 109.50 -33.72
C ARG WD 24 44.28 108.41 -34.66
N SER WD 25 43.38 107.90 -35.50
CA SER WD 25 43.78 106.79 -36.36
C SER WD 25 42.90 106.72 -37.60
N GLN WD 26 43.51 106.37 -38.72
CA GLN WD 26 42.77 106.03 -39.93
C GLN WD 26 42.90 104.53 -40.17
N ASN WD 27 41.77 103.84 -40.10
CA ASN WD 27 41.60 102.51 -40.62
C ASN WD 27 41.05 102.62 -42.05
N GLY WD 28 41.02 101.50 -42.77
CA GLY WD 28 40.54 101.55 -44.13
C GLY WD 28 39.09 101.98 -44.23
N ASN WD 29 38.84 103.14 -44.84
CA ASN WD 29 37.51 103.74 -44.92
C ASN WD 29 36.93 103.98 -43.52
N ASN WD 30 37.80 104.32 -42.57
CA ASN WD 30 37.35 104.61 -41.21
C ASN WD 30 38.32 105.60 -40.59
N VAL WD 31 37.79 106.59 -39.88
CA VAL WD 31 38.60 107.66 -39.33
C VAL WD 31 38.14 107.97 -37.91
N ASP WD 32 39.10 108.10 -36.98
CA ASP WD 32 38.84 108.41 -35.59
C ASP WD 32 39.64 109.65 -35.19
N TYR WD 33 38.93 110.70 -34.78
CA TYR WD 33 39.49 111.95 -34.27
C TYR WD 33 39.20 112.07 -32.78
N VAL WD 34 40.08 112.80 -32.09
CA VAL WD 34 39.99 113.03 -30.64
C VAL WD 34 40.10 114.52 -30.37
N CYS WD 35 39.35 115.00 -29.39
CA CYS WD 35 39.39 116.41 -29.04
C CYS WD 35 40.64 116.72 -28.22
N THR WD 36 41.36 117.76 -28.62
CA THR WD 36 42.63 118.15 -28.02
C THR WD 36 42.50 119.33 -27.06
N ASP WD 37 41.28 119.72 -26.74
CA ASP WD 37 41.05 120.81 -25.80
C ASP WD 37 41.22 120.29 -24.38
N PRO WD 38 41.29 121.20 -23.39
CA PRO WD 38 41.20 120.75 -21.99
C PRO WD 38 39.83 120.17 -21.63
N ASP WD 39 38.80 120.43 -22.45
CA ASP WD 39 37.46 119.88 -22.18
C ASP WD 39 37.47 118.35 -22.18
N SER WD 40 38.17 117.74 -23.12
CA SER WD 40 38.26 116.29 -23.20
C SER WD 40 39.53 115.83 -22.53
N THR WD 41 39.40 114.73 -21.80
CA THR WD 41 40.49 113.97 -21.25
C THR WD 41 40.30 112.52 -21.67
N LEU WD 42 41.32 111.69 -21.45
CA LEU WD 42 41.15 110.28 -21.76
C LEU WD 42 39.99 109.67 -20.99
N SER WD 43 39.76 110.14 -19.76
CA SER WD 43 38.68 109.59 -18.94
C SER WD 43 37.31 109.98 -19.49
N ALA WD 44 37.17 111.21 -19.97
CA ALA WD 44 35.91 111.71 -20.52
C ALA WD 44 36.19 112.46 -21.81
N PRO WD 45 36.35 111.74 -22.93
CA PRO WD 45 36.84 112.36 -24.16
C PRO WD 45 35.74 112.91 -25.04
N GLY WD 46 36.16 113.75 -25.99
CA GLY WD 46 35.35 114.13 -27.12
C GLY WD 46 35.90 113.43 -28.36
N LEU WD 47 35.00 112.84 -29.14
CA LEU WD 47 35.42 111.91 -30.16
C LEU WD 47 34.62 112.11 -31.44
N ILE WD 48 35.24 111.78 -32.57
CA ILE WD 48 34.57 111.76 -33.87
C ILE WD 48 34.96 110.47 -34.59
N ASN WD 49 33.98 109.87 -35.27
CA ASN WD 49 34.17 108.65 -36.03
C ASN WD 49 33.45 108.79 -37.37
N ALA WD 50 34.11 108.36 -38.45
CA ALA WD 50 33.54 108.43 -39.79
C ALA WD 50 33.85 107.16 -40.57
N LYS WD 51 32.81 106.54 -41.14
CA LYS WD 51 32.90 105.24 -41.79
C LYS WD 51 32.24 105.30 -43.15
N PHE WD 52 32.69 104.42 -44.05
CA PHE WD 52 32.18 104.30 -45.41
C PHE WD 52 31.78 102.86 -45.70
N ASP WD 53 30.47 102.64 -45.82
CA ASP WD 53 29.92 101.36 -46.28
C ASP WD 53 29.76 101.46 -47.79
N ILE WD 54 30.78 101.01 -48.52
CA ILE WD 54 30.81 101.08 -49.97
C ILE WD 54 30.60 99.68 -50.52
N LYS WD 55 29.52 99.50 -51.28
CA LYS WD 55 29.20 98.20 -51.83
C LYS WD 55 30.11 97.89 -53.01
N ALA WD 56 30.15 96.60 -53.37
CA ALA WD 56 30.97 96.16 -54.50
C ALA WD 56 30.56 96.94 -55.76
N PRO WD 57 31.51 97.22 -56.66
CA PRO WD 57 31.17 98.04 -57.83
C PRO WD 57 30.14 97.41 -58.76
N GLY WD 58 30.10 96.08 -58.86
CA GLY WD 58 29.08 95.44 -59.66
C GLY WD 58 27.68 95.57 -59.07
N ILE WD 59 27.58 95.44 -57.73
CA ILE WD 59 26.29 95.42 -57.04
C ILE WD 59 25.70 96.83 -57.02
N THR WD 60 24.39 96.92 -57.28
CA THR WD 60 23.64 98.16 -57.05
C THR WD 60 23.02 98.13 -55.66
N GLY WD 61 23.16 99.22 -54.95
CA GLY WD 61 22.54 99.39 -53.65
C GLY WD 61 22.64 100.85 -53.29
N ASN WD 62 22.72 101.12 -51.99
CA ASN WD 62 23.04 102.45 -51.49
C ASN WD 62 24.42 102.40 -50.86
N ASP WD 63 25.26 103.37 -51.22
CA ASP WD 63 26.48 103.62 -50.46
C ASP WD 63 26.11 104.41 -49.20
N ARG WD 64 26.87 104.18 -48.11
CA ARG WD 64 26.50 104.77 -46.84
C ARG WD 64 27.70 105.44 -46.17
N ILE WD 65 27.41 106.55 -45.49
CA ILE WD 65 28.37 107.29 -44.66
C ILE WD 65 27.84 107.27 -43.24
N HIS WD 66 28.69 106.91 -42.28
CA HIS WD 66 28.32 106.90 -40.87
C HIS WD 66 29.23 107.85 -40.12
N ALA WD 67 28.66 108.88 -39.51
CA ALA WD 67 29.42 109.83 -38.72
C ALA WD 67 28.87 109.86 -37.29
N ASN WD 68 29.79 110.08 -36.35
CA ASN WD 68 29.41 110.08 -34.93
C ASN WD 68 30.28 111.10 -34.20
N LEU WD 69 29.64 112.07 -33.54
CA LEU WD 69 30.32 113.07 -32.75
C LEU WD 69 29.85 112.93 -31.30
N ARG WD 70 30.78 112.60 -30.41
CA ARG WD 70 30.49 112.22 -29.03
C ARG WD 70 31.19 113.16 -28.06
N LYS WD 71 30.56 113.36 -26.90
CA LYS WD 71 31.22 113.95 -25.74
C LYS WD 71 30.83 113.12 -24.52
N VAL WD 72 31.82 112.59 -23.84
CA VAL WD 72 31.62 111.82 -22.60
C VAL WD 72 31.66 112.77 -21.42
N VAL WD 73 30.80 112.54 -20.44
CA VAL WD 73 30.79 113.34 -19.23
C VAL WD 73 30.72 112.42 -18.03
N LEU WD 74 31.38 112.83 -16.95
CA LEU WD 74 31.43 112.05 -15.72
C LEU WD 74 30.44 112.61 -14.70
N ASP WD 75 29.75 111.72 -13.99
CA ASP WD 75 28.87 112.13 -12.91
C ASP WD 75 29.70 112.72 -11.77
N GLU WD 76 29.25 113.85 -11.23
CA GLU WD 76 29.95 114.45 -10.10
C GLU WD 76 30.03 113.48 -8.93
N LYS WD 77 28.92 112.83 -8.61
CA LYS WD 77 28.88 111.99 -7.41
C LYS WD 77 29.53 110.62 -7.66
N THR WD 78 29.23 109.96 -8.77
CA THR WD 78 29.69 108.59 -8.97
C THR WD 78 30.86 108.45 -9.94
N ASN WD 79 31.24 109.50 -10.64
CA ASN WD 79 32.26 109.46 -11.70
C ASN WD 79 31.94 108.43 -12.77
N LEU WD 80 30.71 107.94 -12.83
CA LEU WD 80 30.29 107.05 -13.89
C LEU WD 80 30.10 107.85 -15.18
N PRO WD 81 30.55 107.32 -16.29
CA PRO WD 81 30.49 108.08 -17.55
C PRO WD 81 29.18 107.85 -18.27
N SER WD 82 28.53 108.93 -18.69
CA SER WD 82 27.48 108.82 -19.68
C SER WD 82 27.82 109.77 -20.82
N THR WD 83 27.40 109.40 -22.02
CA THR WD 83 27.87 110.07 -23.21
C THR WD 83 26.70 110.68 -23.99
N GLY WD 84 26.96 111.82 -24.62
CA GLY WD 84 25.98 112.48 -25.49
C GLY WD 84 26.53 112.55 -26.90
N SER WD 85 25.66 112.32 -27.88
CA SER WD 85 26.18 112.12 -29.23
C SER WD 85 25.21 112.57 -30.30
N VAL WD 86 25.79 113.00 -31.42
CA VAL WD 86 25.05 113.23 -32.66
C VAL WD 86 25.61 112.29 -33.72
N THR WD 87 24.75 111.42 -34.25
CA THR WD 87 25.12 110.48 -35.29
C THR WD 87 24.37 110.79 -36.57
N ILE WD 88 25.03 110.54 -37.70
CA ILE WD 88 24.54 110.92 -39.01
C ILE WD 88 24.76 109.75 -39.95
N GLN WD 89 23.74 109.43 -40.74
CA GLN WD 89 23.87 108.37 -41.73
C GLN WD 89 23.42 108.96 -43.07
N VAL WD 90 24.30 108.93 -44.05
CA VAL WD 90 24.02 109.42 -45.39
C VAL WD 90 23.91 108.20 -46.30
N SER WD 91 22.75 108.03 -46.94
CA SER WD 91 22.50 106.92 -47.84
C SER WD 91 22.35 107.49 -49.25
N ILE WD 92 23.32 107.22 -50.10
CA ILE WD 92 23.44 107.75 -51.45
C ILE WD 92 23.16 106.61 -52.43
N PRO WD 93 22.13 106.72 -53.27
CA PRO WD 93 21.86 105.66 -54.24
C PRO WD 93 22.82 105.66 -55.43
N ARG WD 94 23.03 104.46 -55.99
CA ARG WD 94 23.95 104.26 -57.10
C ARG WD 94 23.29 104.42 -58.47
N ASN WD 95 22.20 105.15 -58.55
CA ASN WD 95 21.52 105.42 -59.81
C ASN WD 95 21.97 106.78 -60.35
N PRO WD 96 22.40 106.86 -61.63
CA PRO WD 96 22.82 108.16 -62.17
C PRO WD 96 21.77 109.25 -62.05
N ALA WD 97 20.52 108.90 -61.79
CA ALA WD 97 19.49 109.89 -61.55
C ALA WD 97 19.69 110.65 -60.24
N TRP WD 98 20.65 110.22 -59.42
CA TRP WD 98 21.06 110.93 -58.21
C TRP WD 98 22.46 111.49 -58.42
N ASN WD 99 22.76 112.61 -57.77
CA ASN WD 99 24.09 113.17 -57.92
C ASN WD 99 24.54 113.88 -56.65
N ALA WD 100 25.81 114.30 -56.69
CA ALA WD 100 26.42 114.90 -55.52
C ALA WD 100 25.72 116.19 -55.13
N SER WD 101 25.16 116.92 -56.09
CA SER WD 101 24.43 118.14 -55.74
C SER WD 101 23.24 117.80 -54.85
N MET WD 102 22.60 116.66 -55.09
CA MET WD 102 21.48 116.25 -54.25
C MET WD 102 21.96 115.78 -52.89
N THR WD 103 23.07 115.03 -52.84
CA THR WD 103 23.66 114.67 -51.55
C THR WD 103 23.93 115.93 -50.71
N VAL WD 104 24.61 116.91 -51.33
CA VAL WD 104 24.95 118.14 -50.62
C VAL WD 104 23.70 118.89 -50.21
N SER WD 105 22.67 118.88 -51.07
CA SER WD 105 21.44 119.58 -50.74
C SER WD 105 20.81 118.99 -49.49
N LEU WD 106 20.75 117.66 -49.39
CA LEU WD 106 20.23 117.05 -48.16
C LEU WD 106 21.08 117.43 -46.95
N LEU WD 107 22.41 117.41 -47.10
CA LEU WD 107 23.27 117.79 -45.98
C LEU WD 107 22.98 119.22 -45.53
N LYS WD 108 22.89 120.14 -46.47
CA LYS WD 108 22.65 121.55 -46.15
C LYS WD 108 21.29 121.73 -45.48
N GLN WD 109 20.27 121.03 -45.95
CA GLN WD 109 18.94 121.18 -45.37
C GLN WD 109 18.91 120.63 -43.95
N ALA WD 110 19.56 119.48 -43.73
CA ALA WD 110 19.65 118.95 -42.37
C ALA WD 110 20.39 119.91 -41.45
N ALA WD 111 21.46 120.52 -41.95
CA ALA WD 111 22.19 121.51 -41.16
C ALA WD 111 21.29 122.68 -40.79
N ASP WD 112 20.56 123.22 -41.77
CA ASP WD 112 19.65 124.33 -41.50
C ASP WD 112 18.61 123.93 -40.46
N TYR WD 113 18.02 122.75 -40.59
CA TYR WD 113 16.85 122.43 -39.78
C TYR WD 113 17.19 121.95 -38.38
N LEU WD 114 18.36 121.34 -38.19
CA LEU WD 114 18.71 120.86 -36.85
C LEU WD 114 19.79 121.66 -36.16
N ALA WD 115 20.64 122.38 -36.89
CA ALA WD 115 21.65 123.22 -36.28
C ALA WD 115 21.44 124.70 -36.53
N GLY WD 116 20.61 125.06 -37.52
CA GLY WD 116 20.35 126.45 -37.82
C GLY WD 116 21.58 127.18 -38.30
N THR WD 117 22.26 126.62 -39.31
CA THR WD 117 23.52 127.20 -39.80
C THR WD 117 23.55 127.42 -41.30
N SER WD 118 22.42 127.33 -41.99
CA SER WD 118 22.37 127.57 -43.43
C SER WD 118 22.94 128.94 -43.81
N ALA WD 119 23.34 129.06 -45.08
CA ALA WD 119 23.74 130.34 -45.65
C ALA WD 119 22.53 131.25 -45.80
N THR WD 120 22.80 132.56 -45.83
CA THR WD 120 21.71 133.53 -45.91
C THR WD 120 21.10 133.50 -47.32
N VAL WD 121 19.79 133.29 -47.37
CA VAL WD 121 19.00 133.23 -48.61
C VAL WD 121 17.65 133.84 -48.33
N SER WD 122 17.21 134.77 -49.17
CA SER WD 122 16.00 135.51 -48.85
C SER WD 122 14.79 134.58 -48.84
N GLY WD 123 13.95 134.73 -47.83
CA GLY WD 123 12.80 133.89 -47.67
C GLY WD 123 13.00 132.65 -46.82
N GLN WD 124 14.22 132.40 -46.37
CA GLN WD 124 14.49 131.27 -45.49
C GLN WD 124 13.83 131.50 -44.13
N THR WD 125 13.37 130.41 -43.52
CA THR WD 125 12.88 130.51 -42.17
C THR WD 125 14.06 130.72 -41.22
N ASP WD 126 13.81 131.47 -40.15
CA ASP WD 126 14.84 131.79 -39.17
C ASP WD 126 15.04 130.55 -38.29
N THR WD 127 16.07 129.79 -38.61
CA THR WD 127 16.36 128.53 -37.94
C THR WD 127 17.33 128.70 -36.78
N SER WD 128 17.65 129.93 -36.42
CA SER WD 128 18.69 130.17 -35.42
C SER WD 128 18.35 129.56 -34.07
N GLY WD 129 17.07 129.58 -33.69
CA GLY WD 129 16.67 129.04 -32.39
C GLY WD 129 16.34 127.58 -32.40
N PHE WD 130 16.34 126.97 -33.59
CA PHE WD 130 15.98 125.56 -33.67
C PHE WD 130 16.90 124.64 -32.88
N PRO WD 131 18.23 124.81 -32.87
CA PRO WD 131 19.04 123.91 -32.03
C PRO WD 131 18.68 124.02 -30.55
N ALA WD 132 18.39 125.22 -30.07
CA ALA WD 132 17.91 125.37 -28.71
C ALA WD 132 16.62 124.57 -28.49
N LYS WD 133 15.65 124.74 -29.39
CA LYS WD 133 14.40 124.02 -29.24
C LYS WD 133 14.61 122.51 -29.26
N TRP WD 134 15.47 122.02 -30.16
CA TRP WD 134 15.74 120.59 -30.21
C TRP WD 134 16.35 120.11 -28.90
N ALA WD 135 17.35 120.83 -28.40
CA ALA WD 135 17.98 120.47 -27.13
C ALA WD 135 16.99 120.52 -25.97
N GLY WD 136 15.87 121.21 -26.15
CA GLY WD 136 14.78 121.13 -25.20
C GLY WD 136 13.73 120.07 -25.46
N LEU WD 137 13.95 119.20 -26.46
CA LEU WD 137 12.94 118.23 -26.93
C LEU WD 137 11.63 118.93 -27.29
N MET WD 138 11.73 119.95 -28.13
CA MET WD 138 10.60 120.72 -28.63
C MET WD 138 10.71 120.82 -30.15
N PHE WD 139 9.62 120.52 -30.85
CA PHE WD 139 9.65 120.69 -32.29
C PHE WD 139 9.69 122.18 -32.63
N PRO WD 140 10.54 122.59 -33.58
CA PRO WD 140 10.61 123.98 -34.03
C PRO WD 140 9.28 124.45 -34.56
N ALA XD 1 51.66 105.83 -49.03
CA ALA XD 1 51.20 105.76 -50.41
C ALA XD 1 50.99 107.14 -51.00
N ALA XD 2 51.11 107.24 -52.32
CA ALA XD 2 50.94 108.53 -52.99
C ALA XD 2 49.51 109.03 -52.81
N PRO XD 3 49.31 110.29 -52.44
CA PRO XD 3 47.94 110.79 -52.22
C PRO XD 3 47.14 110.92 -53.50
N SER XD 4 47.78 111.02 -54.66
CA SER XD 4 47.06 111.14 -55.91
C SER XD 4 47.95 110.67 -57.05
N LEU XD 5 47.31 110.30 -58.16
CA LEU XD 5 47.98 109.72 -59.30
C LEU XD 5 47.40 110.27 -60.58
N ALA XD 6 48.25 110.46 -61.58
CA ALA XD 6 47.85 110.84 -62.92
C ALA XD 6 48.41 109.79 -63.87
N LEU XD 7 47.60 108.78 -64.17
CA LEU XD 7 48.06 107.64 -64.97
C LEU XD 7 47.68 107.86 -66.43
N VAL XD 8 48.41 107.21 -67.32
CA VAL XD 8 48.12 107.33 -68.75
C VAL XD 8 47.23 106.18 -69.18
N GLY XD 9 46.13 106.51 -69.85
CA GLY XD 9 45.25 105.54 -70.46
C GLY XD 9 44.93 105.97 -71.88
N ALA XD 10 43.82 105.50 -72.42
CA ALA XD 10 43.45 105.79 -73.80
C ALA XD 10 42.02 106.34 -73.86
N ASN XD 11 41.84 107.36 -74.70
CA ASN XD 11 40.52 107.92 -74.94
C ASN XD 11 39.76 107.03 -75.92
N SER XD 12 38.62 107.51 -76.41
CA SER XD 12 37.84 106.73 -77.37
C SER XD 12 38.62 106.48 -78.67
N THR XD 13 39.62 107.30 -78.97
CA THR XD 13 40.42 107.17 -80.17
C THR XD 13 41.72 106.42 -79.91
N LEU XD 14 41.96 105.98 -78.68
CA LEU XD 14 43.19 105.30 -78.25
C LEU XD 14 44.37 106.25 -78.15
N ALA XD 15 44.13 107.55 -78.12
CA ALA XD 15 45.20 108.50 -77.85
C ALA XD 15 45.51 108.53 -76.37
N SER XD 16 46.79 108.74 -76.05
CA SER XD 16 47.21 108.77 -74.66
C SER XD 16 46.55 109.94 -73.93
N THR XD 17 45.83 109.63 -72.85
CA THR XD 17 45.07 110.62 -72.10
C THR XD 17 45.29 110.39 -70.61
N LEU XD 18 45.39 111.47 -69.85
CA LEU XD 18 45.51 111.29 -68.41
C LEU XD 18 44.20 110.84 -67.78
N VAL XD 19 44.33 110.06 -66.72
CA VAL XD 19 43.24 109.58 -65.89
C VAL XD 19 43.66 109.79 -64.44
N ASN XD 20 42.84 110.54 -63.70
CA ASN XD 20 43.24 111.07 -62.40
C ASN XD 20 42.60 110.27 -61.29
N TYR XD 21 43.42 109.74 -60.40
CA TYR XD 21 42.97 109.01 -59.23
C TYR XD 21 43.42 109.75 -57.98
N SER XD 22 42.64 109.58 -56.92
CA SER XD 22 42.99 110.12 -55.60
C SER XD 22 42.82 109.02 -54.56
N LEU XD 23 43.66 109.09 -53.54
CA LEU XD 23 43.72 108.05 -52.51
C LEU XD 23 42.52 108.18 -51.57
N ARG XD 24 41.66 107.16 -51.56
CA ARG XD 24 40.49 107.19 -50.70
C ARG XD 24 40.84 106.81 -49.27
N SER XD 25 41.52 105.68 -49.08
CA SER XD 25 41.92 105.25 -47.74
C SER XD 25 43.07 104.26 -47.86
N GLN XD 26 43.60 103.86 -46.71
CA GLN XD 26 44.63 102.83 -46.62
C GLN XD 26 44.34 101.94 -45.43
N ASN XD 27 44.10 100.65 -45.70
CA ASN XD 27 43.83 99.60 -44.72
C ASN XD 27 45.09 98.75 -44.54
N GLY XD 28 44.95 97.62 -43.86
CA GLY XD 28 46.03 96.68 -43.67
C GLY XD 28 46.56 96.16 -44.99
N ASN XD 29 47.78 96.59 -45.31
CA ASN XD 29 48.52 96.12 -46.49
C ASN XD 29 47.71 96.31 -47.77
N ASN XD 30 47.01 97.43 -47.89
CA ASN XD 30 46.26 97.69 -49.12
C ASN XD 30 46.08 99.19 -49.28
N VAL XD 31 45.61 99.57 -50.47
CA VAL XD 31 45.49 100.95 -50.89
C VAL XD 31 44.30 101.02 -51.86
N ASP XD 32 43.45 102.04 -51.68
CA ASP XD 32 42.23 102.22 -52.46
C ASP XD 32 42.23 103.61 -53.10
N TYR XD 33 42.22 103.66 -54.42
CA TYR XD 33 42.17 104.89 -55.20
C TYR XD 33 40.86 104.97 -55.97
N VAL XD 34 40.39 106.20 -56.17
CA VAL XD 34 39.15 106.49 -56.88
C VAL XD 34 39.43 107.50 -57.98
N CYS XD 35 38.76 107.34 -59.12
CA CYS XD 35 38.95 108.26 -60.23
C CYS XD 35 38.19 109.55 -59.96
N THR XD 36 38.85 110.68 -60.18
CA THR XD 36 38.31 112.01 -59.89
C THR XD 36 37.91 112.77 -61.15
N ASP XD 37 37.92 112.11 -62.30
CA ASP XD 37 37.51 112.74 -63.54
C ASP XD 37 36.00 112.91 -63.54
N PRO XD 38 35.46 113.70 -64.47
CA PRO XD 38 34.00 113.82 -64.55
C PRO XD 38 33.29 112.55 -64.98
N ASP XD 39 33.93 111.70 -65.79
CA ASP XD 39 33.24 110.51 -66.32
C ASP XD 39 33.01 109.43 -65.26
N SER XD 40 33.69 109.50 -64.12
CA SER XD 40 33.46 108.55 -63.04
C SER XD 40 32.60 109.20 -61.97
N THR XD 41 31.54 108.48 -61.58
CA THR XD 41 30.61 108.88 -60.54
C THR XD 41 30.36 107.67 -59.66
N LEU XD 42 29.65 107.87 -58.54
CA LEU XD 42 29.38 106.74 -57.66
C LEU XD 42 28.55 105.67 -58.37
N SER XD 43 27.73 106.08 -59.33
CA SER XD 43 26.95 105.12 -60.09
C SER XD 43 27.83 104.24 -60.96
N ALA XD 44 28.89 104.81 -61.54
CA ALA XD 44 29.79 104.07 -62.42
C ALA XD 44 31.21 104.58 -62.23
N PRO XD 45 31.88 104.13 -61.17
CA PRO XD 45 33.20 104.69 -60.81
C PRO XD 45 34.35 104.00 -61.52
N GLY XD 46 35.52 104.64 -61.42
CA GLY XD 46 36.79 104.02 -61.75
C GLY XD 46 37.59 103.84 -60.47
N LEU XD 47 38.18 102.66 -60.32
CA LEU XD 47 38.77 102.27 -59.04
C LEU XD 47 40.11 101.58 -59.26
N ILE XD 48 41.02 101.76 -58.30
CA ILE XD 48 42.27 101.01 -58.27
C ILE XD 48 42.50 100.51 -56.86
N ASN XD 49 42.96 99.26 -56.74
CA ASN XD 49 43.13 98.62 -55.44
C ASN XD 49 44.41 97.81 -55.43
N ALA XD 50 45.19 97.92 -54.36
CA ALA XD 50 46.44 97.18 -54.25
C ALA XD 50 46.58 96.58 -52.87
N LYS XD 51 47.16 95.37 -52.80
CA LYS XD 51 47.28 94.63 -51.55
C LYS XD 51 48.57 93.83 -51.55
N PHE XD 52 49.19 93.70 -50.38
CA PHE XD 52 50.36 92.85 -50.20
C PHE XD 52 50.01 91.66 -49.31
N ASP XD 53 50.33 90.46 -49.78
CA ASP XD 53 50.35 89.25 -48.96
C ASP XD 53 51.82 89.00 -48.65
N ILE XD 54 52.24 89.32 -47.42
CA ILE XD 54 53.64 89.30 -47.03
C ILE XD 54 53.87 88.13 -46.10
N LYS XD 55 54.75 87.22 -46.51
CA LYS XD 55 55.01 86.05 -45.71
C LYS XD 55 56.06 86.37 -44.65
N ALA XD 56 56.18 85.48 -43.66
CA ALA XD 56 57.04 85.72 -42.50
C ALA XD 56 58.49 85.89 -42.94
N PRO XD 57 59.33 86.50 -42.09
CA PRO XD 57 60.74 86.64 -42.44
C PRO XD 57 61.40 85.29 -42.66
N GLY XD 58 62.34 85.27 -43.59
CA GLY XD 58 63.01 84.06 -43.99
C GLY XD 58 63.19 84.06 -45.49
N ILE XD 59 63.69 82.95 -46.02
CA ILE XD 59 63.86 82.83 -47.46
C ILE XD 59 62.96 81.76 -48.06
N THR XD 60 61.98 81.28 -47.29
CA THR XD 60 61.20 80.11 -47.72
C THR XD 60 60.04 80.48 -48.64
N GLY XD 61 59.37 81.59 -48.38
CA GLY XD 61 58.05 81.81 -48.93
C GLY XD 61 58.03 82.45 -50.31
N ASN XD 62 56.83 82.90 -50.68
CA ASN XD 62 56.54 83.69 -51.87
C ASN XD 62 55.65 84.86 -51.47
N ASP XD 63 56.19 86.07 -51.54
CA ASP XD 63 55.39 87.28 -51.33
C ASP XD 63 54.49 87.52 -52.53
N ARG XD 64 53.35 88.20 -52.31
CA ARG XD 64 52.41 88.44 -53.40
C ARG XD 64 51.90 89.88 -53.38
N ILE XD 65 51.71 90.43 -54.58
CA ILE XD 65 51.11 91.74 -54.81
C ILE XD 65 49.85 91.53 -55.62
N HIS XD 66 48.76 92.16 -55.20
CA HIS XD 66 47.48 92.09 -55.89
C HIS XD 66 47.06 93.50 -56.28
N ALA XD 67 46.96 93.76 -57.57
CA ALA XD 67 46.46 95.03 -58.07
C ALA XD 67 45.19 94.79 -58.87
N ASN XD 68 44.32 95.78 -58.89
CA ASN XD 68 43.04 95.65 -59.57
C ASN XD 68 42.61 97.02 -60.05
N LEU XD 69 42.45 97.17 -61.37
CA LEU XD 69 42.02 98.42 -61.99
C LEU XD 69 40.67 98.16 -62.64
N ARG XD 70 39.63 98.84 -62.15
CA ARG XD 70 38.28 98.58 -62.59
C ARG XD 70 37.63 99.86 -63.12
N LYS XD 71 36.68 99.69 -64.03
CA LYS XD 71 35.79 100.75 -64.48
C LYS XD 71 34.39 100.19 -64.65
N VAL XD 72 33.41 100.83 -64.06
CA VAL XD 72 32.02 100.42 -64.16
C VAL XD 72 31.35 101.21 -65.28
N VAL XD 73 30.46 100.56 -66.01
CA VAL XD 73 29.72 101.20 -67.09
C VAL XD 73 28.25 100.83 -66.95
N LEU XD 74 27.38 101.73 -67.39
CA LEU XD 74 25.95 101.55 -67.31
C LEU XD 74 25.36 101.32 -68.71
N ASP XD 75 24.43 100.37 -68.81
CA ASP XD 75 23.76 100.08 -70.07
C ASP XD 75 22.96 101.29 -70.54
N GLU XD 76 23.08 101.64 -71.82
CA GLU XD 76 22.30 102.75 -72.36
C GLU XD 76 20.80 102.50 -72.28
N LYS XD 77 20.40 101.23 -72.27
CA LYS XD 77 18.98 100.90 -72.30
C LYS XD 77 18.40 100.75 -70.89
N THR XD 78 19.19 100.21 -69.95
CA THR XD 78 18.67 99.85 -68.65
C THR XD 78 19.42 100.46 -67.46
N ASN XD 79 20.50 101.20 -67.70
CA ASN XD 79 21.38 101.69 -66.62
C ASN XD 79 21.87 100.56 -65.73
N LEU XD 80 21.94 99.34 -66.27
CA LEU XD 80 22.46 98.29 -65.43
C LEU XD 80 23.99 98.26 -65.47
N PRO XD 81 24.62 98.11 -64.32
CA PRO XD 81 26.08 98.21 -64.26
C PRO XD 81 26.73 96.89 -64.64
N SER XD 82 27.77 96.98 -65.46
CA SER XD 82 28.73 95.89 -65.59
C SER XD 82 30.12 96.51 -65.54
N THR XD 83 31.09 95.73 -65.05
CA THR XD 83 32.42 96.26 -64.78
C THR XD 83 33.45 95.59 -65.69
N GLY XD 84 34.40 96.39 -66.15
CA GLY XD 84 35.58 95.89 -66.83
C GLY XD 84 36.76 96.03 -65.89
N SER XD 85 37.69 95.08 -65.96
CA SER XD 85 38.77 95.10 -64.98
C SER XD 85 40.03 94.46 -65.53
N VAL XD 86 41.17 94.98 -65.08
CA VAL XD 86 42.48 94.37 -65.27
C VAL XD 86 43.05 94.11 -63.89
N THR XD 87 43.22 92.84 -63.55
CA THR XD 87 43.80 92.44 -62.28
C THR XD 87 45.19 91.86 -62.52
N ILE XD 88 46.07 92.09 -61.54
CA ILE XD 88 47.47 91.71 -61.63
C ILE XD 88 47.87 91.02 -60.34
N GLN XD 89 48.62 89.93 -60.45
CA GLN XD 89 49.18 89.26 -59.29
C GLN XD 89 50.65 88.99 -59.53
N VAL XD 90 51.49 89.58 -58.68
CA VAL XD 90 52.93 89.41 -58.72
C VAL XD 90 53.31 88.47 -57.59
N SER XD 91 54.09 87.44 -57.89
CA SER XD 91 54.57 86.50 -56.89
C SER XD 91 56.09 86.52 -56.94
N ILE XD 92 56.69 86.97 -55.83
CA ILE XD 92 58.12 87.21 -55.66
C ILE XD 92 58.66 86.16 -54.68
N PRO XD 93 59.50 85.22 -55.12
CA PRO XD 93 60.11 84.29 -54.18
C PRO XD 93 61.16 84.96 -53.30
N ARG XD 94 61.38 84.35 -52.14
CA ARG XD 94 62.33 84.85 -51.16
C ARG XD 94 63.68 84.13 -51.20
N ASN XD 95 63.76 83.00 -51.91
CA ASN XD 95 65.04 82.35 -52.20
C ASN XD 95 66.02 83.39 -52.77
N PRO XD 96 67.18 83.58 -52.14
CA PRO XD 96 68.10 84.64 -52.58
C PRO XD 96 68.56 84.50 -54.02
N ALA XD 97 68.19 83.41 -54.68
CA ALA XD 97 68.44 83.24 -56.10
C ALA XD 97 67.50 84.08 -56.96
N TRP XD 98 66.64 84.90 -56.35
CA TRP XD 98 65.74 85.82 -57.05
C TRP XD 98 66.17 87.25 -56.76
N ASN XD 99 65.81 88.17 -57.67
CA ASN XD 99 66.19 89.57 -57.54
C ASN XD 99 64.99 90.48 -57.76
N ALA XD 100 65.05 91.64 -57.09
CA ALA XD 100 64.17 92.73 -57.48
C ALA XD 100 64.32 93.04 -58.96
N SER XD 101 65.53 92.86 -59.52
CA SER XD 101 65.72 93.06 -60.96
C SER XD 101 64.87 92.08 -61.75
N MET XD 102 64.75 90.84 -61.27
CA MET XD 102 63.93 89.85 -61.98
C MET XD 102 62.46 90.19 -61.87
N THR XD 103 62.02 90.65 -60.70
CA THR XD 103 60.65 91.16 -60.55
C THR XD 103 60.37 92.27 -61.57
N VAL XD 104 61.24 93.28 -61.60
CA VAL XD 104 61.04 94.40 -62.50
C VAL XD 104 61.06 93.94 -63.95
N SER XD 105 61.91 92.96 -64.28
CA SER XD 105 61.97 92.47 -65.65
C SER XD 105 60.66 91.82 -66.06
N LEU XD 106 60.08 91.01 -65.17
CA LEU XD 106 58.77 90.43 -65.48
C LEU XD 106 57.71 91.52 -65.64
N LEU XD 107 57.75 92.54 -64.78
CA LEU XD 107 56.77 93.62 -64.91
C LEU XD 107 56.89 94.33 -66.27
N LYS XD 108 58.12 94.64 -66.67
CA LYS XD 108 58.35 95.34 -67.93
C LYS XD 108 57.93 94.47 -69.11
N GLN XD 109 58.21 93.16 -69.05
CA GLN XD 109 57.83 92.27 -70.14
C GLN XD 109 56.31 92.16 -70.25
N ALA XD 110 55.62 92.02 -69.12
CA ALA XD 110 54.17 91.98 -69.16
C ALA XD 110 53.61 93.28 -69.73
N ALA XD 111 54.20 94.41 -69.36
CA ALA XD 111 53.76 95.70 -69.89
C ALA XD 111 53.94 95.75 -71.40
N ASP XD 112 55.11 95.34 -71.89
CA ASP XD 112 55.34 95.31 -73.33
C ASP XD 112 54.35 94.39 -74.04
N TYR XD 113 54.07 93.22 -73.46
CA TYR XD 113 53.34 92.20 -74.21
C TYR XD 113 51.83 92.40 -74.15
N LEU XD 114 51.30 93.01 -73.09
CA LEU XD 114 49.86 93.22 -73.00
C LEU XD 114 49.43 94.66 -73.18
N ALA XD 115 50.31 95.64 -72.95
CA ALA XD 115 49.99 97.03 -73.16
C ALA XD 115 50.80 97.68 -74.27
N GLY XD 116 51.92 97.08 -74.67
CA GLY XD 116 52.76 97.66 -75.70
C GLY XD 116 53.34 99.00 -75.31
N THR XD 117 53.96 99.07 -74.13
CA THR XD 117 54.47 100.34 -73.60
C THR XD 117 55.95 100.30 -73.24
N SER XD 118 56.66 99.22 -73.55
CA SER XD 118 58.06 99.11 -73.18
C SER XD 118 58.92 100.24 -73.78
N ALA XD 119 60.10 100.41 -73.18
CA ALA XD 119 61.10 101.35 -73.70
C ALA XD 119 61.68 100.83 -75.02
N THR XD 120 62.45 101.68 -75.67
CA THR XD 120 62.97 101.37 -77.00
C THR XD 120 64.32 100.67 -76.90
N VAL XD 121 64.42 99.50 -77.55
CA VAL XD 121 65.65 98.72 -77.64
C VAL XD 121 65.75 98.25 -79.09
N SER XD 122 66.98 97.92 -79.50
CA SER XD 122 67.28 97.70 -80.92
C SER XD 122 66.32 96.70 -81.54
N GLY XD 123 66.40 95.44 -81.13
CA GLY XD 123 65.70 94.41 -81.87
C GLY XD 123 64.31 94.09 -81.36
N GLN XD 124 63.66 95.05 -80.71
CA GLN XD 124 62.43 94.72 -79.99
C GLN XD 124 61.32 94.49 -81.01
N THR XD 125 60.37 93.62 -80.66
CA THR XD 125 59.24 93.47 -81.56
C THR XD 125 58.24 94.60 -81.33
N ASP XD 126 57.56 94.97 -82.40
CA ASP XD 126 56.60 96.06 -82.37
C ASP XD 126 55.34 95.59 -81.66
N THR XD 127 55.11 96.12 -80.46
CA THR XD 127 54.00 95.71 -79.61
C THR XD 127 52.94 96.79 -79.50
N SER XD 128 53.00 97.83 -80.33
CA SER XD 128 52.06 98.94 -80.21
C SER XD 128 50.62 98.47 -80.46
N GLY XD 129 50.43 97.53 -81.39
CA GLY XD 129 49.09 97.07 -81.71
C GLY XD 129 48.58 95.94 -80.85
N PHE XD 130 49.44 95.41 -79.98
CA PHE XD 130 49.04 94.29 -79.14
C PHE XD 130 47.86 94.60 -78.23
N PRO XD 131 47.78 95.75 -77.55
CA PRO XD 131 46.57 96.00 -76.73
C PRO XD 131 45.31 95.98 -77.55
N ALA XD 132 45.34 96.52 -78.77
CA ALA XD 132 44.18 96.44 -79.66
C ALA XD 132 43.82 94.99 -79.95
N LYS XD 133 44.83 94.18 -80.32
CA LYS XD 133 44.55 92.78 -80.63
C LYS XD 133 43.99 92.04 -79.42
N TRP XD 134 44.51 92.33 -78.22
CA TRP XD 134 43.97 91.69 -77.02
C TRP XD 134 42.51 92.09 -76.82
N ALA XD 135 42.23 93.40 -76.89
CA ALA XD 135 40.87 93.89 -76.70
C ALA XD 135 39.91 93.32 -77.73
N GLY XD 136 40.43 92.85 -78.86
CA GLY XD 136 39.62 92.10 -79.80
C GLY XD 136 39.55 90.61 -79.54
N LEU XD 137 40.12 90.16 -78.43
CA LEU XD 137 40.23 88.72 -78.11
C LEU XD 137 40.91 87.94 -79.22
N MET XD 138 42.09 88.42 -79.63
CA MET XD 138 42.95 87.67 -80.53
C MET XD 138 44.40 87.80 -80.09
N PHE XD 139 45.15 86.72 -80.30
CA PHE XD 139 46.53 86.69 -79.88
C PHE XD 139 47.39 87.59 -80.76
N PRO XD 140 48.38 88.27 -80.17
CA PRO XD 140 49.40 89.01 -80.93
C PRO XD 140 50.18 88.08 -81.85
N ALA YD 1 47.98 108.37 -39.73
CA ALA YD 1 49.37 108.41 -39.29
C ALA YD 1 50.27 108.99 -40.35
N ALA YD 2 51.50 109.31 -39.97
CA ALA YD 2 52.47 109.88 -40.91
C ALA YD 2 52.81 108.85 -42.00
N PRO YD 3 52.83 109.27 -43.26
CA PRO YD 3 53.08 108.30 -44.35
C PRO YD 3 54.52 107.84 -44.41
N SER YD 4 55.45 108.59 -43.83
CA SER YD 4 56.85 108.21 -43.88
C SER YD 4 57.59 108.87 -42.72
N LEU YD 5 58.69 108.25 -42.31
CA LEU YD 5 59.47 108.66 -41.16
C LEU YD 5 60.96 108.57 -41.47
N ALA YD 6 61.71 109.53 -40.94
CA ALA YD 6 63.17 109.52 -41.01
C ALA YD 6 63.67 109.52 -39.57
N LEU YD 7 63.84 108.34 -38.99
CA LEU YD 7 64.26 108.24 -37.61
C LEU YD 7 65.78 108.22 -37.53
N VAL YD 8 66.33 108.57 -36.37
CA VAL YD 8 67.77 108.58 -36.16
C VAL YD 8 68.17 107.30 -35.44
N GLY YD 9 69.10 106.55 -36.05
CA GLY YD 9 69.72 105.41 -35.45
C GLY YD 9 71.24 105.54 -35.54
N ALA YD 10 71.90 104.39 -35.53
CA ALA YD 10 73.36 104.33 -35.53
C ALA YD 10 73.85 103.35 -36.57
N ASN YD 11 74.90 103.73 -37.29
CA ASN YD 11 75.55 102.84 -38.24
C ASN YD 11 76.54 101.95 -37.49
N SER YD 12 77.40 101.26 -38.23
CA SER YD 12 78.38 100.38 -37.60
C SER YD 12 79.38 101.16 -36.75
N THR YD 13 79.59 102.43 -37.06
CA THR YD 13 80.48 103.30 -36.28
C THR YD 13 79.80 103.87 -35.03
N LEU YD 14 78.50 103.64 -34.88
CA LEU YD 14 77.63 104.29 -33.90
C LEU YD 14 77.40 105.77 -34.20
N ALA YD 15 77.77 106.23 -35.38
CA ALA YD 15 77.46 107.59 -35.79
C ALA YD 15 75.97 107.73 -36.09
N SER YD 16 75.42 108.90 -35.79
CA SER YD 16 74.00 109.14 -35.99
C SER YD 16 73.67 109.10 -37.48
N THR YD 17 72.81 108.17 -37.88
CA THR YD 17 72.46 107.92 -39.27
C THR YD 17 70.95 107.86 -39.41
N LEU YD 18 70.41 108.37 -40.52
CA LEU YD 18 68.99 108.25 -40.75
C LEU YD 18 68.61 106.83 -41.17
N VAL YD 19 67.48 106.38 -40.66
CA VAL YD 19 66.83 105.14 -41.06
C VAL YD 19 65.39 105.46 -41.44
N ASN YD 20 65.02 105.06 -42.66
CA ASN YD 20 63.82 105.56 -43.33
C ASN YD 20 62.75 104.49 -43.36
N TYR YD 21 61.54 104.86 -42.93
CA TYR YD 21 60.39 103.97 -42.91
C TYR YD 21 59.27 104.59 -43.72
N SER YD 22 58.47 103.74 -44.38
CA SER YD 22 57.24 104.18 -45.01
C SER YD 22 56.06 103.40 -44.43
N LEU YD 23 54.91 104.04 -44.43
CA LEU YD 23 53.69 103.47 -43.85
C LEU YD 23 53.14 102.42 -44.79
N ARG YD 24 53.31 101.15 -44.42
CA ARG YD 24 52.79 100.06 -45.22
C ARG YD 24 51.35 99.72 -44.88
N SER YD 25 50.98 99.65 -43.59
CA SER YD 25 49.57 99.38 -43.29
C SER YD 25 49.12 100.13 -42.05
N GLN YD 26 47.81 100.30 -41.96
CA GLN YD 26 47.17 100.85 -40.76
C GLN YD 26 45.78 100.25 -40.67
N ASN YD 27 45.49 99.61 -39.55
CA ASN YD 27 44.26 98.83 -39.39
C ASN YD 27 43.95 98.68 -37.92
N GLY YD 28 42.73 99.01 -37.54
CA GLY YD 28 42.23 98.74 -36.21
C GLY YD 28 43.12 99.25 -35.11
N ASN YD 29 43.30 100.57 -35.06
CA ASN YD 29 44.22 101.21 -34.12
C ASN YD 29 45.57 100.52 -34.11
N ASN YD 30 46.05 100.18 -35.29
CA ASN YD 30 47.33 99.51 -35.42
C ASN YD 30 48.04 100.13 -36.62
N VAL YD 31 49.34 100.34 -36.50
CA VAL YD 31 50.13 101.05 -37.53
C VAL YD 31 51.43 100.29 -37.76
N ASP YD 32 51.73 99.98 -39.03
CA ASP YD 32 52.87 99.17 -39.41
C ASP YD 32 53.68 99.87 -40.49
N TYR YD 33 54.96 100.12 -40.18
CA TYR YD 33 55.92 100.74 -41.08
C TYR YD 33 56.98 99.72 -41.50
N VAL YD 34 57.53 99.92 -42.71
CA VAL YD 34 58.62 99.09 -43.20
C VAL YD 34 59.79 99.99 -43.58
N CYS YD 35 61.01 99.46 -43.40
CA CYS YD 35 62.21 100.23 -43.68
C CYS YD 35 62.50 100.22 -45.17
N THR YD 36 62.75 101.42 -45.72
CA THR YD 36 62.95 101.61 -47.17
C THR YD 36 64.42 101.57 -47.57
N ASP YD 37 65.32 101.41 -46.61
CA ASP YD 37 66.74 101.47 -46.89
C ASP YD 37 67.21 100.17 -47.53
N PRO YD 38 68.44 100.14 -48.06
CA PRO YD 38 68.94 98.90 -48.64
C PRO YD 38 69.17 97.79 -47.63
N ASP YD 39 69.43 98.13 -46.36
CA ASP YD 39 69.71 97.09 -45.37
C ASP YD 39 68.48 96.27 -45.00
N SER YD 40 67.28 96.71 -45.34
CA SER YD 40 66.07 95.91 -45.14
C SER YD 40 65.70 95.30 -46.48
N THR YD 41 65.73 93.98 -46.55
CA THR YD 41 65.31 93.22 -47.71
C THR YD 41 63.97 92.57 -47.41
N LEU YD 42 63.39 91.94 -48.44
CA LEU YD 42 62.16 91.17 -48.22
C LEU YD 42 62.40 90.05 -47.24
N SER YD 43 63.55 89.39 -47.35
CA SER YD 43 63.79 88.21 -46.53
C SER YD 43 64.15 88.60 -45.10
N ALA YD 44 64.83 89.73 -44.94
CA ALA YD 44 65.29 90.21 -43.63
C ALA YD 44 64.98 91.71 -43.53
N PRO YD 45 63.75 92.05 -43.17
CA PRO YD 45 63.32 93.46 -43.21
C PRO YD 45 63.56 94.18 -41.89
N GLY YD 46 63.37 95.50 -41.94
CA GLY YD 46 63.25 96.32 -40.75
C GLY YD 46 61.82 96.80 -40.64
N LEU YD 47 61.26 96.69 -39.44
CA LEU YD 47 59.82 96.86 -39.27
C LEU YD 47 59.49 97.64 -38.02
N ILE YD 48 58.37 98.35 -38.05
CA ILE YD 48 57.84 99.05 -36.87
C ILE YD 48 56.36 98.75 -36.75
N ASN YD 49 55.91 98.57 -35.51
CA ASN YD 49 54.53 98.25 -35.16
C ASN YD 49 54.10 99.14 -34.00
N ALA YD 50 52.84 99.58 -34.01
CA ALA YD 50 52.32 100.40 -32.91
C ALA YD 50 50.81 100.19 -32.76
N LYS YD 51 50.39 99.81 -31.55
CA LYS YD 51 49.01 99.45 -31.21
C LYS YD 51 48.49 100.33 -30.07
N PHE YD 52 47.18 100.52 -30.05
CA PHE YD 52 46.47 101.22 -28.99
C PHE YD 52 45.42 100.30 -28.38
N ASP YD 53 45.59 99.96 -27.10
CA ASP YD 53 44.52 99.36 -26.30
C ASP YD 53 43.82 100.50 -25.59
N ILE YD 54 42.70 100.96 -26.16
CA ILE YD 54 41.95 102.07 -25.60
C ILE YD 54 40.76 101.50 -24.82
N LYS YD 55 40.76 101.74 -23.52
CA LYS YD 55 39.69 101.28 -22.66
C LYS YD 55 38.44 102.12 -22.87
N ALA YD 56 37.29 101.55 -22.54
CA ALA YD 56 36.01 102.23 -22.55
C ALA YD 56 36.09 103.50 -21.70
N PRO YD 57 35.27 104.51 -21.98
CA PRO YD 57 35.32 105.74 -21.17
C PRO YD 57 35.09 105.42 -19.71
N GLY YD 58 35.74 106.20 -18.87
CA GLY YD 58 35.67 105.95 -17.45
C GLY YD 58 36.88 106.51 -16.75
N ILE YD 59 36.77 106.59 -15.43
CA ILE YD 59 37.86 107.11 -14.62
C ILE YD 59 38.78 105.99 -14.12
N THR YD 60 38.41 104.73 -14.35
CA THR YD 60 39.17 103.59 -13.89
C THR YD 60 39.85 102.89 -15.05
N GLY YD 61 40.97 102.25 -14.76
CA GLY YD 61 41.69 101.47 -15.75
C GLY YD 61 42.91 102.20 -16.28
N ASN YD 62 43.67 101.48 -17.11
CA ASN YD 62 44.82 102.01 -17.81
C ASN YD 62 44.62 101.87 -19.30
N ASP YD 63 44.94 102.92 -20.05
CA ASP YD 63 45.12 102.85 -21.49
C ASP YD 63 46.52 102.34 -21.80
N ARG YD 64 46.69 101.68 -22.95
CA ARG YD 64 48.01 101.11 -23.24
C ARG YD 64 48.45 101.38 -24.67
N ILE YD 65 49.74 101.66 -24.82
CA ILE YD 65 50.40 101.84 -26.10
C ILE YD 65 51.44 100.74 -26.24
N HIS YD 66 51.46 100.07 -27.39
CA HIS YD 66 52.46 99.05 -27.68
C HIS YD 66 53.25 99.47 -28.91
N ALA YD 67 54.56 99.28 -28.88
CA ALA YD 67 55.40 99.64 -30.01
C ALA YD 67 56.53 98.65 -30.13
N ASN YD 68 56.88 98.30 -31.36
CA ASN YD 68 57.92 97.32 -31.62
C ASN YD 68 58.78 97.78 -32.78
N LEU YD 69 60.09 97.85 -32.57
CA LEU YD 69 61.04 98.19 -33.61
C LEU YD 69 61.96 96.99 -33.82
N ARG YD 70 61.90 96.41 -35.02
CA ARG YD 70 62.52 95.13 -35.33
C ARG YD 70 63.50 95.27 -36.48
N LYS YD 71 64.58 94.48 -36.41
CA LYS YD 71 65.44 94.23 -37.56
C LYS YD 71 65.69 92.73 -37.63
N VAL YD 72 65.37 92.14 -38.78
CA VAL YD 72 65.60 90.72 -39.02
C VAL YD 72 66.98 90.54 -39.65
N VAL YD 73 67.66 89.47 -39.26
CA VAL YD 73 68.97 89.14 -39.83
C VAL YD 73 68.99 87.66 -40.15
N LEU YD 74 69.62 87.31 -41.26
CA LEU YD 74 69.71 85.93 -41.72
C LEU YD 74 71.05 85.32 -41.32
N ASP YD 75 71.02 84.04 -40.94
CA ASP YD 75 72.25 83.32 -40.63
C ASP YD 75 73.11 83.16 -41.87
N GLU YD 76 74.43 83.30 -41.69
CA GLU YD 76 75.33 83.23 -42.82
C GLU YD 76 75.24 81.88 -43.53
N LYS YD 77 75.19 80.80 -42.75
CA LYS YD 77 75.19 79.46 -43.33
C LYS YD 77 73.76 78.97 -43.57
N THR YD 78 72.94 78.93 -42.51
CA THR YD 78 71.63 78.31 -42.62
C THR YD 78 70.57 79.20 -43.25
N ASN YD 79 70.83 80.51 -43.35
CA ASN YD 79 69.86 81.49 -43.85
C ASN YD 79 68.56 81.52 -43.03
N LEU YD 80 68.58 80.91 -41.84
CA LEU YD 80 67.46 81.01 -40.92
C LEU YD 80 67.40 82.41 -40.34
N PRO YD 81 66.23 83.01 -40.24
CA PRO YD 81 66.13 84.38 -39.72
C PRO YD 81 66.02 84.39 -38.21
N SER YD 82 66.80 85.25 -37.56
CA SER YD 82 66.52 85.62 -36.19
C SER YD 82 66.41 87.14 -36.13
N THR YD 83 65.60 87.63 -35.22
CA THR YD 83 65.21 89.03 -35.21
C THR YD 83 65.58 89.69 -33.88
N GLY YD 84 66.11 90.91 -33.97
CA GLY YD 84 66.43 91.72 -32.81
C GLY YD 84 65.44 92.86 -32.71
N SER YD 85 65.04 93.20 -31.47
CA SER YD 85 63.90 94.08 -31.33
C SER YD 85 63.92 94.88 -30.04
N VAL YD 86 63.53 96.14 -30.14
CA VAL YD 86 63.23 96.97 -28.97
C VAL YD 86 61.73 97.20 -28.94
N THR YD 87 61.08 96.78 -27.87
CA THR YD 87 59.65 96.93 -27.74
C THR YD 87 59.28 97.70 -26.48
N ILE YD 88 58.26 98.55 -26.59
CA ILE YD 88 57.87 99.51 -25.55
C ILE YD 88 56.39 99.32 -25.24
N GLN YD 89 56.06 99.31 -23.95
CA GLN YD 89 54.68 99.37 -23.50
C GLN YD 89 54.52 100.59 -22.58
N VAL YD 90 53.59 101.46 -22.94
CA VAL YD 90 53.23 102.63 -22.15
C VAL YD 90 51.87 102.37 -21.53
N SER YD 91 51.77 102.52 -20.21
CA SER YD 91 50.52 102.31 -19.47
C SER YD 91 50.15 103.63 -18.80
N ILE YD 92 49.07 104.24 -19.26
CA ILE YD 92 48.61 105.56 -18.85
C ILE YD 92 47.33 105.38 -18.03
N PRO YD 93 47.35 105.65 -16.73
CA PRO YD 93 46.12 105.55 -15.93
C PRO YD 93 45.12 106.63 -16.28
N ARG YD 94 43.88 106.42 -15.81
CA ARG YD 94 42.79 107.33 -16.10
C ARG YD 94 42.35 108.16 -14.89
N ASN YD 95 42.88 107.88 -13.71
CA ASN YD 95 42.65 108.75 -12.57
C ASN YD 95 43.11 110.17 -12.92
N PRO YD 96 42.26 111.19 -12.74
CA PRO YD 96 42.65 112.56 -13.12
C PRO YD 96 43.90 113.04 -12.43
N ALA YD 97 44.39 112.30 -11.44
CA ALA YD 97 45.64 112.60 -10.79
C ALA YD 97 46.85 112.21 -11.64
N TRP YD 98 46.64 111.75 -12.87
CA TRP YD 98 47.71 111.52 -13.83
C TRP YD 98 47.66 112.57 -14.93
N ASN YD 99 48.81 112.84 -15.55
CA ASN YD 99 48.91 113.86 -16.59
C ASN YD 99 49.64 113.33 -17.81
N ALA YD 100 49.25 113.87 -18.96
CA ALA YD 100 50.09 113.70 -20.15
C ALA YD 100 51.51 114.16 -19.87
N SER YD 101 51.69 115.17 -19.01
CA SER YD 101 53.03 115.61 -18.65
C SER YD 101 53.80 114.48 -17.96
N MET YD 102 53.11 113.69 -17.14
CA MET YD 102 53.77 112.58 -16.46
C MET YD 102 54.09 111.47 -17.45
N THR YD 103 53.19 111.20 -18.40
CA THR YD 103 53.50 110.26 -19.47
C THR YD 103 54.75 110.67 -20.24
N VAL YD 104 54.80 111.93 -20.66
CA VAL YD 104 55.94 112.43 -21.42
C VAL YD 104 57.20 112.39 -20.58
N SER YD 105 57.08 112.68 -19.28
CA SER YD 105 58.26 112.64 -18.42
C SER YD 105 58.83 111.23 -18.35
N LEU YD 106 57.98 110.22 -18.21
CA LEU YD 106 58.48 108.85 -18.22
C LEU YD 106 59.10 108.49 -19.56
N LEU YD 107 58.49 108.94 -20.66
CA LEU YD 107 59.08 108.65 -21.97
C LEU YD 107 60.47 109.27 -22.10
N LYS YD 108 60.61 110.53 -21.69
CA LYS YD 108 61.90 111.21 -21.80
C LYS YD 108 62.95 110.56 -20.91
N GLN YD 109 62.54 110.13 -19.71
CA GLN YD 109 63.49 109.49 -18.79
C GLN YD 109 63.94 108.15 -19.35
N ALA YD 110 63.01 107.37 -19.91
CA ALA YD 110 63.39 106.11 -20.54
C ALA YD 110 64.35 106.35 -21.70
N ALA YD 111 64.08 107.37 -22.51
CA ALA YD 111 64.99 107.71 -23.60
C ALA YD 111 66.37 108.05 -23.08
N ASP YD 112 66.44 108.83 -21.99
CA ASP YD 112 67.73 109.19 -21.42
C ASP YD 112 68.46 107.95 -20.90
N TYR YD 113 67.74 107.06 -20.20
CA TYR YD 113 68.42 106.00 -19.47
C TYR YD 113 68.77 104.81 -20.35
N LEU YD 114 67.96 104.50 -21.36
CA LEU YD 114 68.26 103.36 -22.22
C LEU YD 114 68.84 103.73 -23.56
N ALA YD 115 68.61 104.96 -24.04
CA ALA YD 115 69.18 105.40 -25.30
C ALA YD 115 70.18 106.53 -25.17
N GLY YD 116 70.20 107.26 -24.06
CA GLY YD 116 71.13 108.36 -23.89
C GLY YD 116 70.91 109.50 -24.85
N THR YD 117 69.66 109.98 -24.96
CA THR YD 117 69.30 110.99 -25.93
C THR YD 117 68.59 112.21 -25.33
N SER YD 118 68.50 112.30 -24.00
CA SER YD 118 67.83 113.42 -23.37
C SER YD 118 68.38 114.78 -23.82
N ALA YD 119 67.56 115.81 -23.67
CA ALA YD 119 67.99 117.19 -23.89
C ALA YD 119 69.00 117.60 -22.82
N THR YD 120 69.70 118.71 -23.07
CA THR YD 120 70.75 119.15 -22.18
C THR YD 120 70.17 119.96 -21.02
N VAL YD 121 70.52 119.56 -19.80
CA VAL YD 121 70.12 120.24 -18.56
C VAL YD 121 71.33 120.20 -17.62
N SER YD 122 71.56 121.32 -16.92
CA SER YD 122 72.66 121.39 -15.97
C SER YD 122 72.51 120.31 -14.90
N GLY YD 123 73.59 119.55 -14.70
CA GLY YD 123 73.59 118.51 -13.69
C GLY YD 123 73.06 117.17 -14.14
N GLN YD 124 72.81 116.97 -15.42
CA GLN YD 124 72.27 115.69 -15.85
C GLN YD 124 73.40 114.68 -15.88
N THR YD 125 73.08 113.41 -15.64
CA THR YD 125 74.14 112.41 -15.75
C THR YD 125 74.41 112.12 -17.21
N ASP YD 126 75.68 111.89 -17.53
CA ASP YD 126 76.10 111.61 -18.90
C ASP YD 126 75.67 110.21 -19.27
N THR YD 127 74.68 110.12 -20.15
CA THR YD 127 74.10 108.86 -20.56
C THR YD 127 74.54 108.43 -21.95
N SER YD 128 75.53 109.12 -22.51
CA SER YD 128 75.94 108.87 -23.89
C SER YD 128 76.38 107.42 -24.09
N GLY YD 129 77.12 106.87 -23.13
CA GLY YD 129 77.62 105.51 -23.26
C GLY YD 129 76.68 104.45 -22.77
N PHE YD 130 75.54 104.86 -22.21
CA PHE YD 130 74.59 103.88 -21.70
C PHE YD 130 74.05 102.94 -22.76
N PRO YD 131 73.67 103.38 -23.97
CA PRO YD 131 73.21 102.39 -24.96
C PRO YD 131 74.26 101.36 -25.30
N ALA YD 132 75.53 101.76 -25.37
CA ALA YD 132 76.61 100.80 -25.56
C ALA YD 132 76.67 99.80 -24.42
N LYS YD 133 76.62 100.30 -23.17
CA LYS YD 133 76.67 99.39 -22.03
C LYS YD 133 75.49 98.43 -22.03
N TRP YD 134 74.30 98.92 -22.41
CA TRP YD 134 73.13 98.04 -22.48
C TRP YD 134 73.34 96.96 -23.54
N ALA YD 135 73.76 97.37 -24.74
CA ALA YD 135 74.00 96.40 -25.81
C ALA YD 135 75.02 95.36 -25.39
N GLY YD 136 75.92 95.71 -24.47
CA GLY YD 136 76.81 94.73 -23.88
C GLY YD 136 76.27 93.97 -22.69
N LEU YD 137 74.99 94.17 -22.35
CA LEU YD 137 74.39 93.57 -21.15
C LEU YD 137 75.16 93.95 -19.89
N MET YD 138 75.32 95.26 -19.69
CA MET YD 138 75.99 95.81 -18.53
C MET YD 138 75.14 96.93 -17.97
N PHE YD 139 74.87 96.89 -16.67
CA PHE YD 139 74.12 97.98 -16.06
C PHE YD 139 74.96 99.25 -16.07
N PRO YD 140 74.39 100.39 -16.48
CA PRO YD 140 75.07 101.69 -16.49
C PRO YD 140 75.52 102.11 -15.09
N ALA ZD 1 -63.39 88.46 66.71
CA ALA ZD 1 -64.43 88.57 65.71
C ALA ZD 1 -65.81 88.72 66.33
N ALA ZD 2 -66.70 89.44 65.64
CA ALA ZD 2 -68.05 89.65 66.12
C ALA ZD 2 -68.82 88.33 66.11
N PRO ZD 3 -69.66 88.08 67.12
CA PRO ZD 3 -70.37 86.80 67.17
C PRO ZD 3 -71.49 86.69 66.15
N SER ZD 4 -72.05 87.82 65.71
CA SER ZD 4 -73.15 87.79 64.78
C SER ZD 4 -73.23 89.13 64.06
N LEU ZD 5 -73.88 89.12 62.91
CA LEU ZD 5 -73.94 90.26 62.01
C LEU ZD 5 -75.33 90.38 61.41
N ALA ZD 6 -75.79 91.61 61.24
CA ALA ZD 6 -77.01 91.91 60.51
C ALA ZD 6 -76.62 92.85 59.38
N LEU ZD 7 -76.32 92.30 58.21
CA LEU ZD 7 -75.84 93.09 57.10
C LEU ZD 7 -77.02 93.48 56.21
N VAL ZD 8 -76.90 94.59 55.51
CA VAL ZD 8 -77.95 95.05 54.62
C VAL ZD 8 -77.72 94.51 53.22
N GLY ZD 9 -78.73 93.86 52.65
CA GLY ZD 9 -78.73 93.40 51.28
C GLY ZD 9 -80.03 93.81 50.61
N ALA ZD 10 -80.43 93.04 49.60
CA ALA ZD 10 -81.62 93.34 48.80
C ALA ZD 10 -82.46 92.10 48.59
N ASN ZD 11 -83.78 92.28 48.63
CA ASN ZD 11 -84.73 91.22 48.36
C ASN ZD 11 -85.00 91.16 46.86
N SER ZD 12 -86.03 90.42 46.46
CA SER ZD 12 -86.38 90.32 45.04
C SER ZD 12 -86.84 91.66 44.48
N THR ZD 13 -87.40 92.54 45.32
CA THR ZD 13 -87.79 93.88 44.94
C THR ZD 13 -86.61 94.85 44.87
N LEU ZD 14 -85.44 94.41 45.36
CA LEU ZD 14 -84.25 95.25 45.57
C LEU ZD 14 -84.44 96.26 46.68
N ALA ZD 15 -85.44 96.06 47.54
CA ALA ZD 15 -85.58 96.86 48.75
C ALA ZD 15 -84.57 96.41 49.79
N SER ZD 16 -84.10 97.35 50.60
CA SER ZD 16 -83.07 97.06 51.59
C SER ZD 16 -83.63 96.11 52.65
N THR ZD 17 -82.99 94.95 52.80
CA THR ZD 17 -83.44 93.89 53.68
C THR ZD 17 -82.28 93.43 54.55
N LEU ZD 18 -82.55 93.09 55.81
CA LEU ZD 18 -81.49 92.52 56.62
C LEU ZD 18 -81.21 91.07 56.22
N VAL ZD 19 -79.95 90.69 56.35
CA VAL ZD 19 -79.49 89.33 56.18
C VAL ZD 19 -78.59 89.00 57.36
N ASN ZD 20 -78.92 87.93 58.07
CA ASN ZD 20 -78.35 87.64 59.37
C ASN ZD 20 -77.30 86.54 59.26
N TYR ZD 21 -76.10 86.84 59.71
CA TYR ZD 21 -75.01 85.88 59.79
C TYR ZD 21 -74.64 85.65 61.25
N SER ZD 22 -74.14 84.47 61.54
CA SER ZD 22 -73.61 84.16 62.87
C SER ZD 22 -72.28 83.45 62.70
N LEU ZD 23 -71.41 83.62 63.70
CA LEU ZD 23 -70.04 83.13 63.61
C LEU ZD 23 -70.03 81.60 63.69
N ARG ZD 24 -69.69 80.96 62.57
CA ARG ZD 24 -69.43 79.53 62.60
C ARG ZD 24 -68.12 79.22 63.31
N SER ZD 25 -67.01 79.76 62.82
CA SER ZD 25 -65.75 79.41 63.46
C SER ZD 25 -64.70 80.49 63.20
N GLN ZD 26 -63.86 80.73 64.21
CA GLN ZD 26 -62.67 81.56 64.04
C GLN ZD 26 -61.45 80.66 64.11
N ASN ZD 27 -60.73 80.58 63.02
CA ASN ZD 27 -59.38 80.09 62.96
C ASN ZD 27 -58.43 81.28 63.10
N GLY ZD 28 -57.14 81.01 63.29
CA GLY ZD 28 -56.19 82.09 63.46
C GLY ZD 28 -56.11 82.99 62.25
N ASN ZD 29 -56.52 84.25 62.41
CA ASN ZD 29 -56.60 85.22 61.30
C ASN ZD 29 -57.54 84.72 60.20
N ASN ZD 30 -58.59 84.00 60.60
CA ASN ZD 30 -59.56 83.51 59.62
C ASN ZD 30 -60.92 83.40 60.31
N VAL ZD 31 -61.97 83.82 59.62
CA VAL ZD 31 -63.30 83.87 60.22
C VAL ZD 31 -64.31 83.35 59.20
N ASP ZD 32 -65.22 82.48 59.67
CA ASP ZD 32 -66.27 81.90 58.85
C ASP ZD 32 -67.62 82.16 59.52
N TYR ZD 33 -68.49 82.88 58.80
CA TYR ZD 33 -69.87 83.18 59.19
C TYR ZD 33 -70.84 82.42 58.30
N VAL ZD 34 -72.02 82.13 58.85
CA VAL ZD 34 -73.08 81.41 58.15
C VAL ZD 34 -74.39 82.19 58.28
N CYS ZD 35 -75.19 82.18 57.23
CA CYS ZD 35 -76.46 82.88 57.25
C CYS ZD 35 -77.49 82.09 58.04
N THR ZD 36 -78.18 82.76 58.96
CA THR ZD 36 -79.14 82.15 59.86
C THR ZD 36 -80.58 82.38 59.44
N ASP ZD 37 -80.80 82.92 58.25
CA ASP ZD 37 -82.14 83.12 57.74
C ASP ZD 37 -82.70 81.81 57.21
N PRO ZD 38 -84.01 81.76 56.94
CA PRO ZD 38 -84.55 80.61 56.19
C PRO ZD 38 -84.03 80.52 54.76
N ASP ZD 39 -83.46 81.60 54.22
CA ASP ZD 39 -82.92 81.58 52.86
C ASP ZD 39 -81.80 80.56 52.71
N SER ZD 40 -80.91 80.49 53.69
CA SER ZD 40 -79.82 79.53 53.67
C SER ZD 40 -80.19 78.29 54.46
N THR ZD 41 -79.83 77.15 53.93
CA THR ZD 41 -79.86 75.86 54.59
C THR ZD 41 -78.49 75.24 54.47
N LEU ZD 42 -78.25 74.15 55.20
CA LEU ZD 42 -76.97 73.47 55.04
C LEU ZD 42 -76.75 73.02 53.61
N SER ZD 43 -77.82 72.64 52.90
CA SER ZD 43 -77.68 72.16 51.53
C SER ZD 43 -77.31 73.30 50.58
N ALA ZD 44 -77.87 74.49 50.79
CA ALA ZD 44 -77.59 75.66 49.95
C ALA ZD 44 -77.39 76.88 50.84
N PRO ZD 45 -76.20 77.04 51.40
CA PRO ZD 45 -75.97 78.05 52.44
C PRO ZD 45 -75.58 79.40 51.90
N GLY ZD 46 -75.68 80.40 52.77
CA GLY ZD 46 -75.06 81.69 52.57
C GLY ZD 46 -73.89 81.80 53.54
N LEU ZD 47 -72.75 82.25 53.02
CA LEU ZD 47 -71.50 82.11 53.76
C LEU ZD 47 -70.65 83.36 53.63
N ILE ZD 48 -69.83 83.62 54.65
CA ILE ZD 48 -68.84 84.68 54.61
C ILE ZD 48 -67.54 84.14 55.15
N ASN ZD 49 -66.43 84.54 54.51
CA ASN ZD 49 -65.09 84.14 54.90
C ASN ZD 49 -64.17 85.36 54.86
N ALA ZD 50 -63.32 85.50 55.88
CA ALA ZD 50 -62.39 86.62 55.96
C ALA ZD 50 -61.04 86.15 56.46
N LYS ZD 51 -59.97 86.49 55.72
CA LYS ZD 51 -58.62 86.00 55.95
C LYS ZD 51 -57.64 87.16 55.97
N PHE ZD 52 -56.54 86.97 56.69
CA PHE ZD 52 -55.46 87.95 56.81
C PHE ZD 52 -54.13 87.33 56.44
N ASP ZD 53 -53.58 87.75 55.30
CA ASP ZD 53 -52.22 87.40 54.90
C ASP ZD 53 -51.30 88.49 55.43
N ILE ZD 54 -50.74 88.26 56.62
CA ILE ZD 54 -49.87 89.22 57.28
C ILE ZD 54 -48.44 88.71 57.19
N LYS ZD 55 -47.58 89.49 56.54
CA LYS ZD 55 -46.21 89.08 56.37
C LYS ZD 55 -45.43 89.29 57.68
N ALA ZD 56 -44.26 88.64 57.76
CA ALA ZD 56 -43.42 88.76 58.93
C ALA ZD 56 -43.09 90.23 59.19
N PRO ZD 57 -42.95 90.62 60.46
CA PRO ZD 57 -42.73 92.05 60.75
C PRO ZD 57 -41.44 92.60 60.18
N GLY ZD 58 -40.38 91.79 60.07
CA GLY ZD 58 -39.16 92.27 59.44
C GLY ZD 58 -39.32 92.51 57.94
N ILE ZD 59 -40.04 91.63 57.25
CA ILE ZD 59 -40.16 91.67 55.80
C ILE ZD 59 -41.08 92.82 55.39
N THR ZD 60 -40.68 93.56 54.35
CA THR ZD 60 -41.57 94.51 53.70
C THR ZD 60 -42.28 93.85 52.53
N GLY ZD 61 -43.57 94.08 52.45
CA GLY ZD 61 -44.37 93.60 51.34
C GLY ZD 61 -45.70 94.31 51.41
N ASN ZD 62 -46.74 93.63 50.94
CA ASN ZD 62 -48.11 94.09 51.14
C ASN ZD 62 -48.80 93.12 52.09
N ASP ZD 63 -49.48 93.68 53.09
CA ASP ZD 63 -50.43 92.88 53.86
C ASP ZD 63 -51.72 92.75 53.07
N ARG ZD 64 -52.42 91.64 53.24
CA ARG ZD 64 -53.59 91.36 52.41
C ARG ZD 64 -54.78 90.92 53.25
N ILE ZD 65 -55.96 91.34 52.80
CA ILE ZD 65 -57.24 90.94 53.37
C ILE ZD 65 -58.02 90.23 52.26
N HIS ZD 66 -58.56 89.05 52.57
CA HIS ZD 66 -59.36 88.28 51.61
C HIS ZD 66 -60.76 88.08 52.19
N ALA ZD 67 -61.76 88.61 51.52
CA ALA ZD 67 -63.15 88.45 51.95
C ALA ZD 67 -63.94 87.78 50.85
N ASN ZD 68 -64.91 86.98 51.25
CA ASN ZD 68 -65.73 86.22 50.31
C ASN ZD 68 -67.14 86.10 50.86
N LEU ZD 69 -68.13 86.58 50.09
CA LEU ZD 69 -69.54 86.49 50.44
C LEU ZD 69 -70.24 85.65 49.38
N ARG ZD 70 -70.78 84.51 49.78
CA ARG ZD 70 -71.30 83.49 48.88
C ARG ZD 70 -72.78 83.22 49.18
N LYS ZD 71 -73.51 82.87 48.12
CA LYS ZD 71 -74.84 82.27 48.26
C LYS ZD 71 -74.91 81.09 47.30
N VAL ZD 72 -75.19 79.91 47.84
CA VAL ZD 72 -75.36 78.70 47.04
C VAL ZD 72 -76.81 78.58 46.65
N VAL ZD 73 -77.08 78.12 45.43
CA VAL ZD 73 -78.44 77.90 44.96
C VAL ZD 73 -78.50 76.53 44.29
N LEU ZD 74 -79.64 75.87 44.43
CA LEU ZD 74 -79.85 74.54 43.86
C LEU ZD 74 -80.69 74.65 42.60
N ASP ZD 75 -80.32 73.87 41.59
CA ASP ZD 75 -81.11 73.80 40.37
C ASP ZD 75 -82.47 73.15 40.66
N GLU ZD 76 -83.54 73.73 40.13
CA GLU ZD 76 -84.85 73.15 40.32
C GLU ZD 76 -84.90 71.73 39.79
N LYS ZD 77 -84.37 71.52 38.58
CA LYS ZD 77 -84.50 70.21 37.95
C LYS ZD 77 -83.49 69.20 38.50
N THR ZD 78 -82.22 69.58 38.67
CA THR ZD 78 -81.20 68.61 39.03
C THR ZD 78 -80.74 68.68 40.48
N ASN ZD 79 -81.16 69.69 41.24
CA ASN ZD 79 -80.70 69.94 42.61
C ASN ZD 79 -79.18 70.05 42.70
N LEU ZD 80 -78.51 70.23 41.57
CA LEU ZD 80 -77.07 70.47 41.58
C LEU ZD 80 -76.79 71.89 42.05
N PRO ZD 81 -75.80 72.08 42.89
CA PRO ZD 81 -75.55 73.41 43.45
C PRO ZD 81 -74.61 74.22 42.58
N SER ZD 82 -75.00 75.46 42.29
CA SER ZD 82 -74.05 76.42 41.77
C SER ZD 82 -74.10 77.65 42.67
N THR ZD 83 -72.97 78.33 42.78
CA THR ZD 83 -72.81 79.36 43.79
C THR ZD 83 -72.49 80.70 43.14
N GLY ZD 84 -73.00 81.77 43.76
CA GLY ZD 84 -72.70 83.13 43.33
C GLY ZD 84 -71.99 83.87 44.45
N SER ZD 85 -70.99 84.68 44.08
CA SER ZD 85 -70.11 85.19 45.11
C SER ZD 85 -69.54 86.56 44.77
N VAL ZD 86 -69.27 87.34 45.81
CA VAL ZD 86 -68.48 88.56 45.72
C VAL ZD 86 -67.24 88.38 46.58
N THR ZD 87 -66.07 88.47 45.96
CA THR ZD 87 -64.80 88.35 46.66
C THR ZD 87 -64.04 89.68 46.58
N ILE ZD 88 -63.30 89.97 47.64
CA ILE ZD 88 -62.63 91.26 47.81
C ILE ZD 88 -61.22 90.99 48.31
N GLN ZD 89 -60.25 91.65 47.71
CA GLN ZD 89 -58.86 91.53 48.16
C GLN ZD 89 -58.34 92.94 48.40
N VAL ZD 90 -57.91 93.21 49.63
CA VAL ZD 90 -57.35 94.49 50.00
C VAL ZD 90 -55.85 94.30 50.18
N SER ZD 91 -55.06 95.03 49.41
CA SER ZD 91 -53.60 94.97 49.48
C SER ZD 91 -53.09 96.30 50.02
N ILE ZD 92 -52.57 96.28 51.24
CA ILE ZD 92 -52.14 97.46 51.99
C ILE ZD 92 -50.61 97.42 52.05
N PRO ZD 93 -49.92 98.43 51.52
CA PRO ZD 93 -48.46 98.43 51.60
C PRO ZD 93 -47.92 98.83 52.98
N ARG ZD 94 -46.74 98.30 53.29
CA ARG ZD 94 -46.09 98.51 54.59
C ARG ZD 94 -45.20 99.74 54.61
N ASN ZD 95 -45.42 100.70 53.74
CA ASN ZD 95 -44.66 101.95 53.69
C ASN ZD 95 -45.42 103.02 54.48
N PRO ZD 96 -44.78 103.73 55.42
CA PRO ZD 96 -45.49 104.78 56.17
C PRO ZD 96 -46.11 105.84 55.29
N ALA ZD 97 -45.73 105.92 54.01
CA ALA ZD 97 -46.38 106.83 53.09
C ALA ZD 97 -47.82 106.42 52.77
N TRP ZD 98 -48.25 105.25 53.22
CA TRP ZD 98 -49.63 104.79 53.12
C TRP ZD 98 -50.23 104.77 54.52
N ASN ZD 99 -51.54 104.99 54.61
CA ASN ZD 99 -52.17 104.94 55.92
C ASN ZD 99 -53.61 104.44 55.84
N ALA ZD 100 -54.18 104.27 57.03
CA ALA ZD 100 -55.51 103.69 57.12
C ALA ZD 100 -56.54 104.57 56.45
N SER ZD 101 -56.34 105.89 56.44
CA SER ZD 101 -57.28 106.76 55.74
C SER ZD 101 -57.33 106.42 54.26
N MET ZD 102 -56.19 106.06 53.68
CA MET ZD 102 -56.16 105.69 52.27
C MET ZD 102 -56.80 104.31 52.06
N THR ZD 103 -56.53 103.36 52.96
CA THR ZD 103 -57.22 102.08 52.88
C THR ZD 103 -58.74 102.27 52.89
N VAL ZD 104 -59.23 103.05 53.85
CA VAL ZD 104 -60.66 103.30 53.97
C VAL ZD 104 -61.19 104.04 52.74
N SER ZD 105 -60.39 104.96 52.20
CA SER ZD 105 -60.83 105.69 51.02
C SER ZD 105 -61.05 104.75 49.84
N LEU ZD 106 -60.12 103.81 49.63
CA LEU ZD 106 -60.33 102.83 48.56
C LEU ZD 106 -61.58 101.98 48.83
N LEU ZD 107 -61.77 101.56 50.09
CA LEU ZD 107 -62.96 100.76 50.40
C LEU ZD 107 -64.24 101.54 50.08
N LYS ZD 108 -64.30 102.80 50.50
CA LYS ZD 108 -65.48 103.62 50.27
C LYS ZD 108 -65.73 103.84 48.79
N GLN ZD 109 -64.67 104.07 48.01
CA GLN ZD 109 -64.84 104.30 46.58
C GLN ZD 109 -65.34 103.04 45.89
N ALA ZD 110 -64.78 101.88 46.26
CA ALA ZD 110 -65.27 100.64 45.69
C ALA ZD 110 -66.73 100.41 46.03
N ALA ZD 111 -67.12 100.73 47.28
CA ALA ZD 111 -68.53 100.61 47.68
C ALA ZD 111 -69.41 101.50 46.82
N ASP ZD 112 -69.01 102.77 46.66
CA ASP ZD 112 -69.79 103.68 45.83
C ASP ZD 112 -69.92 103.15 44.41
N TYR ZD 113 -68.82 102.67 43.82
CA TYR ZD 113 -68.83 102.40 42.39
C TYR ZD 113 -69.45 101.06 42.04
N LEU ZD 114 -69.39 100.06 42.93
CA LEU ZD 114 -69.97 98.76 42.61
C LEU ZD 114 -71.26 98.45 43.35
N ALA ZD 115 -71.51 99.07 44.50
CA ALA ZD 115 -72.75 98.85 45.22
C ALA ZD 115 -73.63 100.10 45.28
N GLY ZD 116 -73.08 101.28 45.01
CA GLY ZD 116 -73.85 102.50 45.04
C GLY ZD 116 -74.37 102.82 46.42
N THR ZD 117 -73.48 102.82 47.42
CA THR ZD 117 -73.88 103.04 48.81
C THR ZD 117 -73.09 104.14 49.53
N SER ZD 118 -72.33 104.94 48.81
CA SER ZD 118 -71.58 106.04 49.41
C SER ZD 118 -72.48 106.98 50.22
N ALA ZD 119 -71.85 107.71 51.15
CA ALA ZD 119 -72.52 108.78 51.87
C ALA ZD 119 -72.82 109.95 50.95
N THR ZD 120 -73.83 110.74 51.33
CA THR ZD 120 -74.23 111.86 50.49
C THR ZD 120 -73.18 112.97 50.56
N VAL ZD 121 -72.69 113.37 49.39
CA VAL ZD 121 -71.67 114.41 49.23
C VAL ZD 121 -71.99 115.16 47.95
N SER ZD 122 -72.03 116.49 48.02
CA SER ZD 122 -72.50 117.25 46.86
C SER ZD 122 -71.54 117.08 45.70
N GLY ZD 123 -72.10 116.86 44.50
CA GLY ZD 123 -71.31 116.64 43.32
C GLY ZD 123 -70.99 115.19 43.02
N GLN ZD 124 -71.38 114.27 43.88
CA GLN ZD 124 -71.17 112.85 43.63
C GLN ZD 124 -72.04 112.39 42.47
N THR ZD 125 -71.51 111.46 41.69
CA THR ZD 125 -72.34 110.84 40.66
C THR ZD 125 -73.37 109.93 41.32
N ASP ZD 126 -74.55 109.85 40.70
CA ASP ZD 126 -75.65 109.04 41.22
C ASP ZD 126 -75.34 107.59 40.90
N THR ZD 127 -74.81 106.89 41.88
CA THR ZD 127 -74.38 105.51 41.73
C THR ZD 127 -75.46 104.50 42.11
N SER ZD 128 -76.68 104.97 42.36
CA SER ZD 128 -77.73 104.10 42.88
C SER ZD 128 -78.05 102.96 41.91
N GLY ZD 129 -78.02 103.22 40.61
CA GLY ZD 129 -78.35 102.19 39.63
C GLY ZD 129 -77.18 101.35 39.20
N PHE ZD 130 -75.99 101.69 39.65
CA PHE ZD 130 -74.81 100.94 39.23
C PHE ZD 130 -74.86 99.47 39.61
N PRO ZD 131 -75.29 99.06 40.82
CA PRO ZD 131 -75.35 97.62 41.10
C PRO ZD 131 -76.28 96.89 40.13
N ALA ZD 132 -77.41 97.50 39.78
CA ALA ZD 132 -78.27 96.91 38.76
C ALA ZD 132 -77.53 96.73 37.44
N LYS ZD 133 -76.85 97.80 36.99
CA LYS ZD 133 -76.13 97.69 35.72
C LYS ZD 133 -75.05 96.61 35.78
N TRP ZD 134 -74.33 96.53 36.90
CA TRP ZD 134 -73.30 95.50 37.03
C TRP ZD 134 -73.92 94.11 36.95
N ALA ZD 135 -75.01 93.89 37.70
CA ALA ZD 135 -75.69 92.60 37.66
C ALA ZD 135 -76.23 92.29 36.28
N GLY ZD 136 -76.35 93.29 35.41
CA GLY ZD 136 -76.66 93.03 34.01
C GLY ZD 136 -75.46 92.89 33.10
N LEU ZD 137 -74.23 92.87 33.64
CA LEU ZD 137 -73.00 92.92 32.86
C LEU ZD 137 -72.97 94.12 31.91
N MET ZD 138 -73.21 95.30 32.48
CA MET ZD 138 -73.19 96.56 31.75
C MET ZD 138 -72.33 97.55 32.52
N PHE ZD 139 -71.43 98.21 31.83
CA PHE ZD 139 -70.63 99.23 32.50
C PHE ZD 139 -71.52 100.43 32.84
N PRO ZD 140 -71.42 100.98 34.05
CA PRO ZD 140 -72.17 102.16 34.45
C PRO ZD 140 -71.88 103.34 33.53
N ALA AE 1 -58.82 83.79 75.95
CA ALA AE 1 -57.77 84.80 76.14
C ALA AE 1 -58.38 86.19 76.35
N ALA AE 2 -57.65 87.05 77.05
CA ALA AE 2 -58.12 88.40 77.31
C ALA AE 2 -58.27 89.17 76.01
N PRO AE 3 -59.40 89.86 75.79
CA PRO AE 3 -59.58 90.57 74.51
C PRO AE 3 -58.68 91.79 74.36
N SER AE 4 -58.17 92.34 75.46
CA SER AE 4 -57.30 93.50 75.37
C SER AE 4 -56.43 93.56 76.63
N LEU AE 5 -55.31 94.27 76.50
CA LEU AE 5 -54.30 94.34 77.54
C LEU AE 5 -53.76 95.76 77.64
N ALA AE 6 -53.46 96.19 78.86
CA ALA AE 6 -52.80 97.45 79.12
C ALA AE 6 -51.56 97.13 79.94
N LEU AE 7 -50.43 96.96 79.25
CA LEU AE 7 -49.20 96.53 79.90
C LEU AE 7 -48.34 97.75 80.22
N VAL AE 8 -47.46 97.61 81.20
CA VAL AE 8 -46.57 98.70 81.59
C VAL AE 8 -45.24 98.55 80.87
N GLY AE 9 -44.81 99.61 80.21
CA GLY AE 9 -43.49 99.69 79.60
C GLY AE 9 -42.84 101.00 79.97
N ALA AE 10 -41.89 101.46 79.16
CA ALA AE 10 -41.14 102.67 79.47
C ALA AE 10 -41.18 103.63 78.29
N ASN AE 11 -41.35 104.91 78.58
CA ASN AE 11 -41.31 105.96 77.55
C ASN AE 11 -39.85 106.27 77.23
N SER AE 12 -39.63 107.35 76.46
CA SER AE 12 -38.27 107.73 76.12
C SER AE 12 -37.43 108.08 77.34
N THR AE 13 -38.09 108.44 78.46
CA THR AE 13 -37.41 108.81 79.70
C THR AE 13 -37.32 107.65 80.67
N LEU AE 14 -37.84 106.48 80.30
CA LEU AE 14 -37.90 105.27 81.14
C LEU AE 14 -38.92 105.39 82.25
N ALA AE 15 -39.85 106.34 82.15
CA ALA AE 15 -40.97 106.39 83.07
C ALA AE 15 -42.01 105.35 82.70
N SER AE 16 -42.66 104.80 83.73
CA SER AE 16 -43.66 103.77 83.49
C SER AE 16 -44.83 104.35 82.70
N THR AE 17 -45.13 103.72 81.56
CA THR AE 17 -46.16 104.21 80.64
C THR AE 17 -46.98 103.02 80.16
N LEU AE 18 -48.29 103.21 80.02
CA LEU AE 18 -49.10 102.14 79.48
C LEU AE 18 -48.85 101.94 77.99
N VAL AE 19 -48.99 100.69 77.57
CA VAL AE 19 -48.91 100.26 76.18
C VAL AE 19 -50.08 99.33 75.94
N ASN AE 20 -50.91 99.66 74.96
CA ASN AE 20 -52.22 99.05 74.80
C ASN AE 20 -52.20 98.05 73.66
N TYR AE 21 -52.56 96.81 73.96
CA TYR AE 21 -52.66 95.75 72.97
C TYR AE 21 -54.10 95.28 72.89
N SER AE 22 -54.48 94.79 71.72
CA SER AE 22 -55.79 94.19 71.50
C SER AE 22 -55.61 92.85 70.79
N LEU AE 23 -56.49 91.92 71.10
CA LEU AE 23 -56.39 90.55 70.60
C LEU AE 23 -56.81 90.50 69.13
N ARG AE 24 -55.86 90.14 68.26
CA ARG AE 24 -56.15 90.07 66.84
C ARG AE 24 -56.87 88.76 66.48
N SER AE 25 -56.32 87.63 66.91
CA SER AE 25 -56.94 86.33 66.63
C SER AE 25 -56.41 85.30 67.62
N GLN AE 26 -56.96 84.10 67.55
CA GLN AE 26 -56.51 82.96 68.34
C GLN AE 26 -56.53 81.71 67.46
N ASN AE 27 -55.36 81.11 67.25
CA ASN AE 27 -55.14 79.89 66.47
C ASN AE 27 -54.93 78.73 67.44
N GLY AE 28 -54.50 77.59 66.90
CA GLY AE 28 -54.17 76.42 67.70
C GLY AE 28 -53.08 76.72 68.70
N ASN AE 29 -53.47 76.73 69.97
CA ASN AE 29 -52.55 76.89 71.09
C ASN AE 29 -51.68 78.13 70.96
N ASN AE 30 -52.28 79.23 70.49
CA ASN AE 30 -51.51 80.48 70.39
C ASN AE 30 -52.47 81.66 70.44
N VAL AE 31 -51.89 82.84 70.58
CA VAL AE 31 -52.60 84.09 70.79
C VAL AE 31 -51.77 85.20 70.16
N ASP AE 32 -52.44 86.10 69.42
CA ASP AE 32 -51.79 87.18 68.68
C ASP AE 32 -52.41 88.51 69.10
N TYR AE 33 -51.59 89.40 69.67
CA TYR AE 33 -52.00 90.73 70.09
C TYR AE 33 -51.27 91.78 69.27
N VAL AE 34 -51.94 92.92 69.05
CA VAL AE 34 -51.41 94.04 68.27
C VAL AE 34 -51.52 95.31 69.10
N CYS AE 35 -50.51 96.18 69.00
CA CYS AE 35 -50.53 97.43 69.74
C CYS AE 35 -51.48 98.41 69.06
N THR AE 36 -52.33 99.05 69.87
CA THR AE 36 -53.36 99.96 69.38
C THR AE 36 -53.03 101.43 69.65
N ASP AE 37 -51.82 101.72 70.11
CA ASP AE 37 -51.40 103.09 70.33
C ASP AE 37 -51.17 103.78 69.00
N PRO AE 38 -51.04 105.11 69.00
CA PRO AE 38 -50.74 105.80 67.74
C PRO AE 38 -49.36 105.50 67.18
N ASP AE 39 -48.37 105.20 68.02
CA ASP AE 39 -47.00 105.00 67.53
C ASP AE 39 -46.83 103.69 66.75
N SER AE 40 -47.75 102.74 66.86
CA SER AE 40 -47.69 101.50 66.10
C SER AE 40 -48.65 101.60 64.91
N THR AE 41 -48.12 101.27 63.73
CA THR AE 41 -48.87 101.24 62.49
C THR AE 41 -48.48 99.97 61.76
N LEU AE 42 -49.17 99.66 60.65
CA LEU AE 42 -48.83 98.45 59.92
C LEU AE 42 -47.40 98.50 59.40
N SER AE 43 -46.90 99.71 59.11
CA SER AE 43 -45.52 99.85 58.65
C SER AE 43 -44.52 99.47 59.74
N ALA AE 44 -44.82 99.81 60.99
CA ALA AE 44 -43.93 99.53 62.11
C ALA AE 44 -44.76 99.20 63.35
N PRO AE 45 -45.26 97.98 63.45
CA PRO AE 45 -46.20 97.62 64.50
C PRO AE 45 -45.52 97.16 65.79
N GLY AE 46 -46.32 97.09 66.84
CA GLY AE 46 -45.95 96.39 68.07
C GLY AE 46 -46.81 95.15 68.21
N LEU AE 47 -46.18 94.03 68.55
CA LEU AE 47 -46.84 92.74 68.49
C LEU AE 47 -46.50 91.90 69.71
N ILE AE 48 -47.46 91.06 70.12
CA ILE AE 48 -47.21 90.06 71.16
C ILE AE 48 -47.80 88.73 70.69
N ASN AE 49 -47.06 87.64 70.92
CA ASN AE 49 -47.46 86.32 70.45
C ASN AE 49 -47.16 85.28 71.51
N ALA AE 50 -48.10 84.37 71.74
CA ALA AE 50 -47.91 83.34 72.76
C ALA AE 50 -48.39 82.00 72.22
N LYS AE 51 -47.67 80.93 72.59
CA LYS AE 51 -47.95 79.59 72.08
C LYS AE 51 -47.65 78.55 73.16
N PHE AE 52 -48.45 77.49 73.18
CA PHE AE 52 -48.21 76.35 74.06
C PHE AE 52 -47.82 75.12 73.24
N ASP AE 53 -46.71 74.49 73.62
CA ASP AE 53 -46.35 73.15 73.17
C ASP AE 53 -46.70 72.22 74.32
N ILE AE 54 -47.81 71.50 74.18
CA ILE AE 54 -48.37 70.71 75.27
C ILE AE 54 -48.16 69.24 74.95
N LYS AE 55 -47.43 68.55 75.82
CA LYS AE 55 -47.13 67.14 75.59
C LYS AE 55 -48.29 66.29 76.11
N ALA AE 56 -48.30 65.02 75.69
CA ALA AE 56 -49.40 64.12 75.97
C ALA AE 56 -49.58 63.94 77.48
N PRO AE 57 -50.77 63.50 77.90
CA PRO AE 57 -50.99 63.28 79.34
C PRO AE 57 -50.00 62.26 79.89
N GLY AE 58 -49.60 62.48 81.13
CA GLY AE 58 -48.61 61.66 81.80
C GLY AE 58 -47.71 62.55 82.62
N ILE AE 59 -46.67 61.96 83.19
CA ILE AE 59 -45.71 62.72 83.97
C ILE AE 59 -44.33 62.73 83.32
N THR AE 60 -44.23 62.30 82.07
CA THR AE 60 -42.93 62.08 81.44
C THR AE 60 -42.34 63.36 80.85
N GLY AE 61 -43.16 64.19 80.23
CA GLY AE 61 -42.68 65.21 79.32
C GLY AE 61 -42.27 66.52 79.97
N ASN AE 62 -42.08 67.51 79.10
CA ASN AE 62 -41.83 68.90 79.43
C ASN AE 62 -42.74 69.78 78.58
N ASP AE 63 -43.72 70.44 79.21
CA ASP AE 63 -44.56 71.41 78.52
C ASP AE 63 -43.76 72.68 78.26
N ARG AE 64 -44.14 73.43 77.22
CA ARG AE 64 -43.41 74.65 76.88
C ARG AE 64 -44.36 75.79 76.55
N ILE AE 65 -43.96 76.99 76.95
CA ILE AE 65 -44.64 78.24 76.65
C ILE AE 65 -43.68 79.11 75.85
N HIS AE 66 -44.16 79.68 74.75
CA HIS AE 66 -43.37 80.57 73.91
C HIS AE 66 -44.06 81.92 73.85
N ALA AE 67 -43.40 82.95 74.35
CA ALA AE 67 -43.91 84.31 74.24
C ALA AE 67 -42.93 85.15 73.43
N ASN AE 68 -43.45 86.16 72.76
CA ASN AE 68 -42.62 86.99 71.89
C ASN AE 68 -43.22 88.38 71.84
N LEU AE 69 -42.46 89.38 72.30
CA LEU AE 69 -42.88 90.77 72.31
C LEU AE 69 -41.97 91.54 71.36
N ARG AE 70 -42.54 92.08 70.29
CA ARG AE 70 -41.76 92.71 69.24
C ARG AE 70 -42.22 94.15 69.02
N LYS AE 71 -41.28 94.98 68.56
CA LYS AE 71 -41.58 96.31 68.05
C LYS AE 71 -40.72 96.58 66.83
N VAL AE 72 -41.36 97.02 65.75
CA VAL AE 72 -40.66 97.34 64.52
C VAL AE 72 -40.37 98.83 64.49
N VAL AE 73 -39.22 99.21 63.94
CA VAL AE 73 -38.84 100.61 63.83
C VAL AE 73 -38.31 100.83 62.42
N LEU AE 74 -38.50 102.05 61.91
CA LEU AE 74 -38.07 102.43 60.58
C LEU AE 74 -36.89 103.38 60.65
N ASP AE 75 -35.91 103.18 59.77
CA ASP AE 75 -34.74 104.04 59.69
C ASP AE 75 -35.15 105.45 59.29
N GLU AE 76 -34.60 106.46 59.99
CA GLU AE 76 -34.92 107.85 59.65
C GLU AE 76 -34.42 108.19 58.25
N LYS AE 77 -33.40 107.49 57.76
CA LYS AE 77 -32.81 107.84 56.47
C LYS AE 77 -33.46 107.07 55.33
N THR AE 78 -33.84 105.81 55.57
CA THR AE 78 -34.28 104.93 54.50
C THR AE 78 -35.66 104.30 54.71
N ASN AE 79 -36.31 104.53 55.85
CA ASN AE 79 -37.56 103.84 56.22
C ASN AE 79 -37.40 102.32 56.15
N LEU AE 80 -36.17 101.83 56.34
CA LEU AE 80 -36.06 100.38 56.33
C LEU AE 80 -36.36 99.82 57.71
N PRO AE 81 -37.13 98.73 57.75
CA PRO AE 81 -37.58 98.19 59.04
C PRO AE 81 -36.52 97.31 59.67
N SER AE 82 -36.31 97.49 60.96
CA SER AE 82 -35.65 96.47 61.77
C SER AE 82 -36.46 96.31 63.05
N THR AE 83 -36.42 95.12 63.63
CA THR AE 83 -37.28 94.79 64.75
C THR AE 83 -36.45 94.53 66.00
N GLY AE 84 -36.98 94.99 67.13
CA GLY AE 84 -36.46 94.63 68.44
C GLY AE 84 -37.43 93.68 69.09
N SER AE 85 -36.89 92.73 69.87
CA SER AE 85 -37.79 91.71 70.40
C SER AE 85 -37.25 91.14 71.71
N VAL AE 86 -38.19 90.77 72.58
CA VAL AE 86 -37.92 89.98 73.77
C VAL AE 86 -38.74 88.70 73.65
N THR AE 87 -38.05 87.57 73.53
CA THR AE 87 -38.71 86.27 73.45
C THR AE 87 -38.46 85.51 74.74
N ILE AE 88 -39.45 84.70 75.13
CA ILE AE 88 -39.43 83.97 76.39
C ILE AE 88 -39.84 82.53 76.10
N GLN AE 89 -39.15 81.59 76.72
CA GLN AE 89 -39.52 80.18 76.65
C GLN AE 89 -39.52 79.59 78.05
N VAL AE 90 -40.68 79.13 78.47
CA VAL AE 90 -40.86 78.48 79.76
C VAL AE 90 -40.99 76.98 79.51
N SER AE 91 -40.20 76.19 80.24
CA SER AE 91 -40.26 74.73 80.14
C SER AE 91 -40.60 74.20 81.53
N ILE AE 92 -41.77 73.55 81.62
CA ILE AE 92 -42.40 73.06 82.85
C ILE AE 92 -42.37 71.53 82.79
N PRO AE 93 -41.60 70.87 83.65
CA PRO AE 93 -41.64 69.41 83.69
C PRO AE 93 -42.94 68.89 84.31
N ARG AE 94 -43.28 67.66 83.94
CA ARG AE 94 -44.49 67.02 84.41
C ARG AE 94 -44.25 66.04 85.57
N ASN AE 95 -42.99 65.71 85.84
CA ASN AE 95 -42.63 64.96 87.04
C ASN AE 95 -43.25 65.64 88.27
N PRO AE 96 -44.06 64.92 89.05
CA PRO AE 96 -44.78 65.56 90.17
C PRO AE 96 -43.86 66.20 91.19
N ALA AE 97 -42.56 66.04 91.05
CA ALA AE 97 -41.60 66.74 91.88
C ALA AE 97 -41.45 68.20 91.50
N TRP AE 98 -42.23 68.69 90.55
CA TRP AE 98 -42.26 70.09 90.14
C TRP AE 98 -43.60 70.71 90.52
N ASN AE 99 -43.61 72.03 90.69
CA ASN AE 99 -44.81 72.75 91.11
C ASN AE 99 -45.07 73.95 90.22
N ALA AE 100 -46.35 74.28 90.10
CA ALA AE 100 -46.71 75.59 89.59
C ALA AE 100 -46.03 76.69 90.40
N SER AE 101 -45.82 76.46 91.70
CA SER AE 101 -45.10 77.43 92.52
C SER AE 101 -43.68 77.61 92.02
N MET AE 102 -43.04 76.52 91.58
CA MET AE 102 -41.68 76.62 91.07
C MET AE 102 -41.64 77.35 89.73
N THR AE 103 -42.64 77.08 88.87
CA THR AE 103 -42.78 77.85 87.63
C THR AE 103 -42.90 79.35 87.93
N VAL AE 104 -43.81 79.71 88.83
CA VAL AE 104 -44.02 81.12 89.15
C VAL AE 104 -42.76 81.72 89.75
N SER AE 105 -42.04 80.95 90.56
CA SER AE 105 -40.82 81.46 91.18
C SER AE 105 -39.77 81.79 90.12
N LEU AE 106 -39.61 80.91 89.13
CA LEU AE 106 -38.68 81.23 88.04
C LEU AE 106 -39.13 82.46 87.27
N LEU AE 107 -40.43 82.58 87.02
CA LEU AE 107 -40.92 83.77 86.30
C LEU AE 107 -40.61 85.04 87.08
N LYS AE 108 -40.88 85.04 88.38
CA LYS AE 108 -40.63 86.22 89.21
C LYS AE 108 -39.14 86.55 89.27
N GLN AE 109 -38.29 85.53 89.36
CA GLN AE 109 -36.86 85.78 89.41
C GLN AE 109 -36.34 86.36 88.11
N ALA AE 110 -36.80 85.80 86.98
CA ALA AE 110 -36.42 86.36 85.68
C ALA AE 110 -36.88 87.81 85.57
N ALA AE 111 -38.09 88.11 86.04
CA ALA AE 111 -38.60 89.47 86.00
C ALA AE 111 -37.71 90.40 86.83
N ASP AE 112 -37.38 90.00 88.06
CA ASP AE 112 -36.49 90.79 88.89
C ASP AE 112 -35.13 91.00 88.23
N TYR AE 113 -34.57 89.96 87.61
CA TYR AE 113 -33.18 90.04 87.18
C TYR AE 113 -33.01 90.72 85.83
N LEU AE 114 -34.01 90.65 84.95
CA LEU AE 114 -33.88 91.29 83.65
C LEU AE 114 -34.74 92.53 83.47
N ALA AE 115 -35.80 92.70 84.25
CA ALA AE 115 -36.62 93.90 84.20
C ALA AE 115 -36.59 94.72 85.47
N GLY AE 116 -36.15 94.15 86.59
CA GLY AE 116 -36.11 94.86 87.85
C GLY AE 116 -37.48 95.29 88.33
N THR AE 117 -38.43 94.36 88.38
CA THR AE 117 -39.82 94.67 88.71
C THR AE 117 -40.37 93.85 89.88
N SER AE 118 -39.54 93.04 90.54
CA SER AE 118 -40.01 92.19 91.62
C SER AE 118 -40.67 93.00 92.75
N ALA AE 119 -41.45 92.29 93.57
CA ALA AE 119 -42.04 92.86 94.77
C ALA AE 119 -40.95 93.13 95.82
N THR AE 120 -41.35 93.82 96.89
CA THR AE 120 -40.40 94.26 97.90
C THR AE 120 -40.25 93.21 98.99
N VAL AE 121 -39.01 92.80 99.25
CA VAL AE 121 -38.66 91.87 100.32
C VAL AE 121 -37.42 92.42 100.99
N SER AE 122 -37.19 92.00 102.24
CA SER AE 122 -36.20 92.64 103.10
C SER AE 122 -34.84 92.73 102.43
N GLY AE 123 -34.19 91.59 102.20
CA GLY AE 123 -32.81 91.64 101.80
C GLY AE 123 -32.57 91.64 100.31
N GLN AE 124 -33.55 92.11 99.53
CA GLN AE 124 -33.47 91.92 98.08
C GLN AE 124 -32.39 92.83 97.53
N THR AE 125 -31.75 92.40 96.44
CA THR AE 125 -30.81 93.31 95.81
C THR AE 125 -31.56 94.29 94.92
N ASP AE 126 -30.99 95.48 94.81
CA ASP AE 126 -31.59 96.57 94.04
C ASP AE 126 -31.40 96.28 92.56
N THR AE 127 -32.50 95.96 91.89
CA THR AE 127 -32.48 95.57 90.49
C THR AE 127 -33.10 96.63 89.58
N SER AE 128 -33.36 97.82 90.11
CA SER AE 128 -34.02 98.85 89.32
C SER AE 128 -33.19 99.26 88.10
N GLY AE 129 -31.87 99.28 88.24
CA GLY AE 129 -31.01 99.69 87.14
C GLY AE 129 -30.60 98.59 86.21
N PHE AE 130 -30.97 97.35 86.54
CA PHE AE 130 -30.58 96.22 85.70
C PHE AE 130 -31.12 96.31 84.29
N PRO AE 131 -32.38 96.68 84.03
CA PRO AE 131 -32.79 96.78 82.62
C PRO AE 131 -31.97 97.78 81.83
N ALA AE 132 -31.59 98.91 82.45
CA ALA AE 132 -30.71 99.86 81.79
C ALA AE 132 -29.36 99.22 81.47
N LYS AE 133 -28.78 98.51 82.44
CA LYS AE 133 -27.48 97.88 82.20
C LYS AE 133 -27.58 96.83 81.11
N TRP AE 134 -28.67 96.06 81.06
CA TRP AE 134 -28.84 95.09 79.99
C TRP AE 134 -28.92 95.78 78.65
N ALA AE 135 -29.77 96.81 78.55
CA ALA AE 135 -29.94 97.53 77.29
C ALA AE 135 -28.64 98.18 76.83
N GLY AE 136 -27.70 98.39 77.75
CA GLY AE 136 -26.37 98.79 77.36
C GLY AE 136 -25.42 97.65 77.05
N LEU AE 137 -25.92 96.42 77.03
CA LEU AE 137 -25.09 95.21 76.85
C LEU AE 137 -23.96 95.14 77.87
N MET AE 138 -24.34 95.27 79.14
CA MET AE 138 -23.40 95.01 80.23
C MET AE 138 -24.12 94.26 81.35
N PHE AE 139 -23.36 93.39 82.02
CA PHE AE 139 -23.93 92.57 83.05
C PHE AE 139 -24.24 93.40 84.30
N PRO AE 140 -25.34 93.11 85.00
CA PRO AE 140 -25.65 93.69 86.29
C PRO AE 140 -24.55 93.36 87.31
N ALA BE 1 -65.73 81.00 68.83
CA ALA BE 1 -66.37 80.21 69.87
C ALA BE 1 -66.33 80.94 71.23
N ALA BE 2 -67.10 80.43 72.19
CA ALA BE 2 -67.14 81.04 73.51
C ALA BE 2 -65.78 80.91 74.18
N PRO BE 3 -65.29 81.98 74.81
CA PRO BE 3 -63.95 81.93 75.41
C PRO BE 3 -63.89 81.12 76.68
N SER BE 4 -65.04 80.88 77.33
CA SER BE 4 -65.05 80.12 78.57
C SER BE 4 -66.45 79.55 78.78
N LEU BE 5 -66.50 78.45 79.53
CA LEU BE 5 -67.71 77.68 79.76
C LEU BE 5 -67.80 77.26 81.21
N ALA BE 6 -69.02 77.28 81.75
CA ALA BE 6 -69.30 76.75 83.08
C ALA BE 6 -70.34 75.65 82.90
N LEU BE 7 -69.88 74.42 82.69
CA LEU BE 7 -70.78 73.30 82.44
C LEU BE 7 -71.17 72.67 83.77
N VAL BE 8 -72.29 71.96 83.77
CA VAL BE 8 -72.76 71.27 84.98
C VAL BE 8 -72.37 69.80 84.90
N GLY BE 9 -71.65 69.33 85.91
CA GLY BE 9 -71.33 67.94 86.11
C GLY BE 9 -71.72 67.51 87.51
N ALA BE 10 -71.03 66.48 87.99
CA ALA BE 10 -71.33 65.88 89.28
C ALA BE 10 -70.06 65.70 90.08
N ASN BE 11 -70.13 66.01 91.38
CA ASN BE 11 -69.02 65.76 92.29
C ASN BE 11 -69.08 64.31 92.76
N SER BE 12 -68.29 63.99 93.79
CA SER BE 12 -68.27 62.63 94.31
C SER BE 12 -69.61 62.22 94.89
N THR BE 13 -70.42 63.18 95.35
CA THR BE 13 -71.75 62.93 95.88
C THR BE 13 -72.80 62.78 94.79
N LEU BE 14 -72.43 63.03 93.54
CA LEU BE 14 -73.32 63.18 92.39
C LEU BE 14 -74.17 64.44 92.45
N ALA BE 15 -73.84 65.37 93.36
CA ALA BE 15 -74.52 66.65 93.38
C ALA BE 15 -74.09 67.51 92.20
N SER BE 16 -75.01 68.32 91.69
CA SER BE 16 -74.73 69.15 90.52
C SER BE 16 -73.67 70.20 90.88
N THR BE 17 -72.53 70.16 90.19
CA THR BE 17 -71.39 71.01 90.47
C THR BE 17 -70.90 71.63 89.17
N LEU BE 18 -70.44 72.89 89.23
CA LEU BE 18 -69.89 73.51 88.05
C LEU BE 18 -68.48 72.96 87.75
N VAL BE 19 -68.21 72.77 86.48
CA VAL BE 19 -66.90 72.44 85.96
C VAL BE 19 -66.56 73.45 84.87
N ASN BE 20 -65.40 74.10 85.03
CA ASN BE 20 -65.07 75.32 84.31
C ASN BE 20 -64.02 75.03 83.25
N TYR BE 21 -64.28 75.47 82.02
CA TYR BE 21 -63.36 75.31 80.91
C TYR BE 21 -63.03 76.68 80.31
N SER BE 22 -61.82 76.83 79.81
CA SER BE 22 -61.44 77.99 79.02
C SER BE 22 -60.97 77.55 77.65
N LEU BE 23 -61.18 78.43 76.67
CA LEU BE 23 -60.84 78.14 75.28
C LEU BE 23 -59.34 78.25 75.10
N ARG BE 24 -58.69 77.11 74.96
CA ARG BE 24 -57.26 77.08 74.74
C ARG BE 24 -56.89 77.19 73.26
N SER BE 25 -57.57 76.47 72.36
CA SER BE 25 -57.22 76.63 70.95
C SER BE 25 -58.46 76.51 70.08
N GLN BE 26 -58.34 77.07 68.88
CA GLN BE 26 -59.36 76.93 67.85
C GLN BE 26 -58.65 77.01 66.51
N ASN BE 27 -58.81 75.97 65.69
CA ASN BE 27 -58.07 75.83 64.46
C ASN BE 27 -58.82 74.90 63.52
N GLY BE 28 -59.03 75.36 62.28
CA GLY BE 28 -59.55 74.51 61.23
C GLY BE 28 -60.83 73.81 61.60
N ASN BE 29 -61.87 74.61 61.86
CA ASN BE 29 -63.16 74.09 62.33
C ASN BE 29 -62.97 73.09 63.46
N ASN BE 30 -62.08 73.43 64.38
CA ASN BE 30 -61.81 72.58 65.51
C ASN BE 30 -61.66 73.48 66.73
N VAL BE 31 -62.20 73.05 67.88
CA VAL BE 31 -62.25 73.87 69.08
C VAL BE 31 -61.84 73.01 70.28
N ASP BE 32 -60.88 73.50 71.07
CA ASP BE 32 -60.30 72.75 72.18
C ASP BE 32 -60.31 73.59 73.45
N TYR BE 33 -61.00 73.08 74.48
CA TYR BE 33 -61.11 73.70 75.80
C TYR BE 33 -60.34 72.88 76.82
N VAL BE 34 -59.83 73.57 77.86
CA VAL BE 34 -59.17 72.91 78.97
C VAL BE 34 -59.86 73.30 80.28
N CYS BE 35 -59.88 72.38 81.23
CA CYS BE 35 -60.54 72.61 82.50
C CYS BE 35 -59.66 73.43 83.42
N THR BE 36 -60.24 74.48 83.99
CA THR BE 36 -59.52 75.44 84.82
C THR BE 36 -59.57 75.12 86.30
N ASP BE 37 -60.27 74.06 86.69
CA ASP BE 37 -60.47 73.72 88.08
C ASP BE 37 -59.21 73.08 88.65
N PRO BE 38 -59.15 72.94 89.98
CA PRO BE 38 -57.97 72.28 90.56
C PRO BE 38 -57.85 70.80 90.22
N ASP BE 39 -58.97 70.12 89.93
CA ASP BE 39 -58.91 68.69 89.65
C ASP BE 39 -58.24 68.37 88.31
N SER BE 40 -58.08 69.35 87.42
CA SER BE 40 -57.33 69.15 86.19
C SER BE 40 -55.95 69.74 86.38
N THR BE 41 -54.93 68.89 86.31
CA THR BE 41 -53.54 69.29 86.36
C THR BE 41 -52.94 69.16 84.97
N LEU BE 42 -51.69 69.62 84.84
CA LEU BE 42 -50.98 69.43 83.59
C LEU BE 42 -50.83 67.97 83.26
N SER BE 43 -50.53 67.16 84.28
CA SER BE 43 -50.24 65.75 84.02
C SER BE 43 -51.52 64.97 83.74
N ALA BE 44 -52.61 65.35 84.39
CA ALA BE 44 -53.90 64.69 84.28
C ALA BE 44 -55.00 65.73 84.09
N PRO BE 45 -55.21 66.20 82.87
CA PRO BE 45 -56.11 67.34 82.64
C PRO BE 45 -57.53 66.89 82.34
N GLY BE 46 -58.43 67.87 82.32
CA GLY BE 46 -59.77 67.72 81.78
C GLY BE 46 -59.86 68.52 80.49
N LEU BE 47 -60.41 67.90 79.45
CA LEU BE 47 -60.30 68.45 78.11
C LEU BE 47 -61.61 68.31 77.34
N ILE BE 48 -61.84 69.23 76.41
CA ILE BE 48 -62.97 69.16 75.51
C ILE BE 48 -62.50 69.45 74.09
N ASN BE 49 -63.06 68.71 73.13
CA ASN BE 49 -62.72 68.79 71.72
C ASN BE 49 -64.01 68.82 70.90
N ALA BE 50 -64.03 69.61 69.82
CA ALA BE 50 -65.21 69.67 68.96
C ALA BE 50 -64.81 70.00 67.53
N LYS BE 51 -65.19 69.14 66.58
CA LYS BE 51 -64.83 69.21 65.17
C LYS BE 51 -66.08 69.27 64.29
N PHE BE 52 -65.92 69.90 63.12
CA PHE BE 52 -66.95 69.96 62.09
C PHE BE 52 -66.42 69.36 60.80
N ASP BE 53 -67.01 68.25 60.36
CA ASP BE 53 -66.83 67.75 59.00
C ASP BE 53 -67.97 68.35 58.17
N ILE BE 54 -67.68 69.43 57.46
CA ILE BE 54 -68.67 70.12 56.64
C ILE BE 54 -68.48 69.70 55.20
N LYS BE 55 -69.48 69.02 54.64
CA LYS BE 55 -69.43 68.58 53.27
C LYS BE 55 -69.64 69.76 52.32
N ALA BE 56 -69.15 69.60 51.09
CA ALA BE 56 -69.35 70.56 50.02
C ALA BE 56 -70.84 70.84 49.84
N PRO BE 57 -71.22 72.02 49.33
CA PRO BE 57 -72.64 72.30 49.13
C PRO BE 57 -73.30 71.24 48.26
N GLY BE 58 -74.55 70.98 48.54
CA GLY BE 58 -75.26 69.92 47.83
C GLY BE 58 -76.39 69.39 48.67
N ILE BE 59 -77.26 68.65 48.00
CA ILE BE 59 -78.42 68.06 48.67
C ILE BE 59 -78.12 66.66 49.17
N THR BE 60 -76.97 66.10 48.81
CA THR BE 60 -76.59 64.74 49.18
C THR BE 60 -75.49 64.76 50.22
N GLY BE 61 -75.46 63.71 51.04
CA GLY BE 61 -74.43 63.55 52.04
C GLY BE 61 -74.92 63.91 53.43
N ASN BE 62 -74.04 63.65 54.40
CA ASN BE 62 -74.25 64.01 55.80
C ASN BE 62 -73.14 64.94 56.25
N ASP BE 63 -73.53 66.01 56.97
CA ASP BE 63 -72.60 66.80 57.76
C ASP BE 63 -72.36 66.12 59.10
N ARG BE 64 -71.18 66.34 59.69
CA ARG BE 64 -70.88 65.64 60.94
C ARG BE 64 -70.27 66.56 61.98
N ILE BE 65 -70.68 66.35 63.22
CA ILE BE 65 -70.15 67.03 64.40
C ILE BE 65 -69.49 65.99 65.28
N HIS BE 66 -68.27 66.26 65.74
CA HIS BE 66 -67.58 65.38 66.67
C HIS BE 66 -67.29 66.14 67.95
N ALA BE 67 -67.46 65.48 69.09
CA ALA BE 67 -67.22 66.13 70.36
C ALA BE 67 -66.67 65.10 71.34
N ASN BE 68 -65.71 65.52 72.15
CA ASN BE 68 -65.06 64.63 73.10
C ASN BE 68 -64.87 65.35 74.42
N LEU BE 69 -65.35 64.75 75.51
CA LEU BE 69 -65.16 65.28 76.85
C LEU BE 69 -64.36 64.26 77.65
N ARG BE 70 -63.16 64.64 78.07
CA ARG BE 70 -62.16 63.75 78.62
C ARG BE 70 -61.76 64.19 80.02
N LYS BE 71 -61.47 63.21 80.88
CA LYS BE 71 -60.76 63.44 82.12
C LYS BE 71 -59.68 62.40 82.25
N VAL BE 72 -58.44 62.85 82.41
CA VAL BE 72 -57.29 61.96 82.58
C VAL BE 72 -57.08 61.72 84.06
N VAL BE 73 -56.69 60.48 84.41
CA VAL BE 73 -56.39 60.14 85.79
C VAL BE 73 -55.10 59.32 85.80
N LEU BE 74 -54.29 59.56 86.82
CA LEU BE 74 -53.00 58.90 86.97
C LEU BE 74 -53.11 57.72 87.94
N ASP BE 75 -52.41 56.63 87.62
CA ASP BE 75 -52.36 55.48 88.51
C ASP BE 75 -51.66 55.84 89.81
N GLU BE 76 -52.18 55.31 90.91
CA GLU BE 76 -51.61 55.64 92.22
C GLU BE 76 -50.15 55.21 92.32
N LYS BE 77 -49.84 54.01 91.83
CA LYS BE 77 -48.49 53.48 91.95
C LYS BE 77 -47.64 53.85 90.73
N THR BE 78 -48.09 53.47 89.53
CA THR BE 78 -47.26 53.62 88.35
C THR BE 78 -47.28 55.03 87.77
N ASN BE 79 -48.23 55.88 88.16
CA ASN BE 79 -48.41 57.22 87.61
C ASN BE 79 -48.65 57.21 86.10
N LEU BE 80 -48.97 56.05 85.53
CA LEU BE 80 -49.36 55.96 84.13
C LEU BE 80 -50.75 56.56 83.96
N PRO BE 81 -50.98 57.33 82.93
CA PRO BE 81 -52.28 57.96 82.76
C PRO BE 81 -53.24 57.06 82.00
N SER BE 82 -54.46 56.91 82.49
CA SER BE 82 -55.54 56.40 81.67
C SER BE 82 -56.67 57.42 81.70
N THR BE 83 -57.42 57.48 80.61
CA THR BE 83 -58.38 58.56 80.40
C THR BE 83 -59.79 58.02 80.21
N GLY BE 84 -60.75 58.69 80.84
CA GLY BE 84 -62.16 58.38 80.69
C GLY BE 84 -62.84 59.45 79.87
N SER BE 85 -63.77 59.04 79.01
CA SER BE 85 -64.25 59.99 78.01
C SER BE 85 -65.66 59.68 77.54
N VAL BE 86 -66.44 60.75 77.34
CA VAL BE 86 -67.73 60.68 76.66
C VAL BE 86 -67.57 61.39 75.32
N THR BE 87 -67.79 60.67 74.23
CA THR BE 87 -67.64 61.24 72.90
C THR BE 87 -68.93 61.09 72.11
N ILE BE 88 -69.25 62.12 71.32
CA ILE BE 88 -70.52 62.25 70.61
C ILE BE 88 -70.23 62.50 69.14
N GLN BE 89 -70.96 61.80 68.27
CA GLN BE 89 -70.99 62.08 66.84
C GLN BE 89 -72.42 62.37 66.41
N VAL BE 90 -72.62 63.55 65.82
CA VAL BE 90 -73.90 63.96 65.28
C VAL BE 90 -73.79 63.92 63.76
N SER BE 91 -74.71 63.21 63.11
CA SER BE 91 -74.73 63.10 61.65
C SER BE 91 -76.05 63.67 61.15
N ILE BE 92 -75.95 64.80 60.43
CA ILE BE 92 -77.08 65.60 59.97
C ILE BE 92 -77.17 65.45 58.45
N PRO BE 93 -78.20 64.79 57.93
CA PRO BE 93 -78.35 64.68 56.47
C PRO BE 93 -78.69 66.02 55.83
N ARG BE 94 -78.54 66.05 54.51
CA ARG BE 94 -78.78 67.27 53.74
C ARG BE 94 -80.06 67.22 52.90
N ASN BE 95 -80.73 66.09 52.82
CA ASN BE 95 -82.04 66.03 52.20
C ASN BE 95 -82.97 67.02 52.90
N PRO BE 96 -83.64 67.92 52.16
CA PRO BE 96 -84.49 68.93 52.82
C PRO BE 96 -85.57 68.34 53.68
N ALA BE 97 -85.77 67.03 53.61
CA ALA BE 97 -86.69 66.32 54.47
C ALA BE 97 -86.15 66.14 55.88
N TRP BE 98 -84.98 66.70 56.19
CA TRP BE 98 -84.45 66.74 57.55
C TRP BE 98 -84.52 68.17 58.08
N ASN BE 99 -84.59 68.30 59.41
CA ASN BE 99 -84.69 69.61 60.05
C ASN BE 99 -83.71 69.74 61.19
N ALA BE 100 -83.27 70.98 61.40
CA ALA BE 100 -82.60 71.30 62.65
C ALA BE 100 -83.44 70.89 63.85
N SER BE 101 -84.78 70.95 63.72
CA SER BE 101 -85.63 70.50 64.81
C SER BE 101 -85.42 69.01 65.08
N MET BE 102 -85.20 68.22 64.03
CA MET BE 102 -84.96 66.80 64.21
C MET BE 102 -83.60 66.55 64.84
N THR BE 103 -82.59 67.33 64.42
CA THR BE 103 -81.28 67.27 65.07
C THR BE 103 -81.39 67.54 66.57
N VAL BE 104 -82.07 68.65 66.91
CA VAL BE 104 -82.21 69.02 68.31
C VAL BE 104 -83.00 67.97 69.07
N SER BE 105 -84.02 67.38 68.43
CA SER BE 105 -84.81 66.36 69.09
C SER BE 105 -83.95 65.16 69.44
N LEU BE 106 -83.10 64.72 68.51
CA LEU BE 106 -82.19 63.62 68.83
C LEU BE 106 -81.23 63.99 69.95
N LEU BE 107 -80.71 65.22 69.93
CA LEU BE 107 -79.80 65.64 71.00
C LEU BE 107 -80.50 65.59 72.36
N LYS BE 108 -81.72 66.12 72.42
CA LYS BE 108 -82.45 66.15 73.68
C LYS BE 108 -82.79 64.75 74.17
N GLN BE 109 -83.15 63.85 73.24
CA GLN BE 109 -83.47 62.48 73.63
C GLN BE 109 -82.23 61.75 74.15
N ALA BE 110 -81.08 61.95 73.49
CA ALA BE 110 -79.85 61.36 73.98
C ALA BE 110 -79.51 61.89 75.37
N ALA BE 111 -79.68 63.20 75.58
CA ALA BE 111 -79.46 63.77 76.90
C ALA BE 111 -80.37 63.14 77.94
N ASP BE 112 -81.63 62.94 77.60
CA ASP BE 112 -82.56 62.31 78.54
C ASP BE 112 -82.15 60.88 78.84
N TYR BE 113 -81.78 60.12 77.82
CA TYR BE 113 -81.62 58.68 77.99
C TYR BE 113 -80.26 58.30 78.58
N LEU BE 114 -79.20 59.05 78.28
CA LEU BE 114 -77.89 58.72 78.80
C LEU BE 114 -77.44 59.61 79.94
N ALA BE 115 -78.00 60.81 80.08
CA ALA BE 115 -77.65 61.70 81.17
C ALA BE 115 -78.79 61.99 82.12
N GLY BE 116 -80.04 61.77 81.71
CA GLY BE 116 -81.17 62.03 82.59
C GLY BE 116 -81.35 63.49 82.91
N THR BE 117 -81.35 64.36 81.89
CA THR BE 117 -81.39 65.80 82.10
C THR BE 117 -82.51 66.50 81.31
N SER BE 118 -83.39 65.76 80.66
CA SER BE 118 -84.47 66.36 79.88
C SER BE 118 -85.31 67.34 80.72
N ALA BE 119 -85.97 68.26 80.01
CA ALA BE 119 -86.95 69.14 80.63
C ALA BE 119 -88.17 68.35 81.10
N THR BE 120 -88.97 68.99 81.94
CA THR BE 120 -90.12 68.31 82.53
C THR BE 120 -91.32 68.34 81.58
N VAL BE 121 -91.88 67.17 81.32
CA VAL BE 121 -93.07 66.98 80.50
C VAL BE 121 -93.93 65.91 81.14
N SER BE 122 -95.24 66.11 81.15
CA SER BE 122 -96.16 65.13 81.73
C SER BE 122 -96.01 63.80 81.03
N GLY BE 123 -95.83 62.74 81.82
CA GLY BE 123 -95.71 61.40 81.28
C GLY BE 123 -94.31 60.99 80.88
N GLN BE 124 -93.29 61.76 81.20
CA GLN BE 124 -91.95 61.39 80.77
C GLN BE 124 -91.45 60.30 81.71
N THR BE 125 -90.59 59.41 81.19
CA THR BE 125 -90.03 58.42 82.09
C THR BE 125 -88.94 59.05 82.95
N ASP BE 126 -88.87 58.61 84.20
CA ASP BE 126 -87.89 59.13 85.14
C ASP BE 126 -86.52 58.59 84.78
N THR BE 127 -85.67 59.48 84.28
CA THR BE 127 -84.35 59.11 83.81
C THR BE 127 -83.25 59.55 84.78
N SER BE 128 -83.64 59.98 85.99
CA SER BE 128 -82.66 60.53 86.92
C SER BE 128 -81.58 59.52 87.28
N GLY BE 129 -81.95 58.25 87.46
CA GLY BE 129 -80.99 57.24 87.83
C GLY BE 129 -80.30 56.58 86.66
N PHE BE 130 -80.69 56.93 85.45
CA PHE BE 130 -80.07 56.31 84.28
C PHE BE 130 -78.57 56.56 84.17
N PRO BE 131 -78.04 57.78 84.41
CA PRO BE 131 -76.58 57.92 84.33
C PRO BE 131 -75.86 57.03 85.33
N ALA BE 132 -76.40 56.87 86.52
CA ALA BE 132 -75.82 55.94 87.48
C ALA BE 132 -75.82 54.51 86.93
N LYS BE 133 -76.97 54.07 86.40
CA LYS BE 133 -77.03 52.71 85.87
C LYS BE 133 -76.05 52.53 84.70
N TRP BE 134 -75.90 53.56 83.86
CA TRP BE 134 -74.93 53.45 82.76
C TRP BE 134 -73.52 53.33 83.30
N ALA BE 135 -73.15 54.20 84.25
CA ALA BE 135 -71.82 54.14 84.83
C ALA BE 135 -71.54 52.79 85.47
N GLY BE 136 -72.60 52.09 85.90
CA GLY BE 136 -72.46 50.72 86.35
C GLY BE 136 -72.53 49.66 85.26
N LEU BE 137 -72.61 50.06 83.99
CA LEU BE 137 -72.78 49.14 82.86
C LEU BE 137 -74.05 48.30 83.03
N MET BE 138 -75.17 48.98 83.22
CA MET BE 138 -76.47 48.35 83.38
C MET BE 138 -77.45 49.08 82.48
N PHE BE 139 -78.19 48.33 81.66
CA PHE BE 139 -79.19 48.96 80.82
C PHE BE 139 -80.32 49.49 81.70
N PRO BE 140 -80.78 50.73 81.48
CA PRO BE 140 -81.88 51.34 82.22
C PRO BE 140 -83.18 50.56 82.05
N ALA CE 1 -91.76 40.54 -78.83
CA ALA CE 1 -90.93 41.65 -79.32
C ALA CE 1 -91.14 41.88 -80.81
N ALA CE 2 -90.99 43.13 -81.22
CA ALA CE 2 -91.12 43.48 -82.63
C ALA CE 2 -89.99 42.87 -83.44
N PRO CE 3 -90.26 42.40 -84.66
CA PRO CE 3 -89.20 41.76 -85.44
C PRO CE 3 -88.20 42.74 -86.02
N SER CE 4 -88.59 44.00 -86.21
CA SER CE 4 -87.70 44.99 -86.79
C SER CE 4 -88.20 46.37 -86.42
N LEU CE 5 -87.28 47.33 -86.50
CA LEU CE 5 -87.52 48.70 -86.06
C LEU CE 5 -86.87 49.68 -87.03
N ALA CE 6 -87.55 50.80 -87.25
CA ALA CE 6 -87.00 51.92 -88.00
C ALA CE 6 -87.04 53.12 -87.07
N LEU CE 7 -85.96 53.36 -86.34
CA LEU CE 7 -85.92 54.42 -85.35
C LEU CE 7 -85.35 55.68 -86.00
N VAL CE 8 -85.73 56.84 -85.47
CA VAL CE 8 -85.24 58.10 -85.99
C VAL CE 8 -83.99 58.51 -85.21
N GLY CE 9 -82.91 58.81 -85.93
CA GLY CE 9 -81.69 59.36 -85.40
C GLY CE 9 -81.24 60.54 -86.22
N ALA CE 10 -79.94 60.80 -86.20
CA ALA CE 10 -79.36 61.95 -86.89
C ALA CE 10 -78.12 61.54 -87.68
N ASN CE 11 -77.96 62.15 -88.86
CA ASN CE 11 -76.79 61.95 -89.70
C ASN CE 11 -75.71 62.95 -89.29
N SER CE 12 -74.67 63.08 -90.11
CA SER CE 12 -73.60 64.02 -89.82
C SER CE 12 -74.10 65.46 -89.86
N THR CE 13 -75.14 65.74 -90.64
CA THR CE 13 -75.78 67.06 -90.69
C THR CE 13 -76.71 67.31 -89.51
N LEU CE 14 -76.99 66.27 -88.72
CA LEU CE 14 -78.01 66.27 -87.68
C LEU CE 14 -79.42 66.34 -88.23
N ALA CE 15 -79.60 66.03 -89.51
CA ALA CE 15 -80.92 65.88 -90.08
C ALA CE 15 -81.52 64.53 -89.67
N SER CE 16 -82.84 64.51 -89.51
CA SER CE 16 -83.51 63.29 -89.06
C SER CE 16 -83.37 62.19 -90.11
N THR CE 17 -82.78 61.06 -89.71
CA THR CE 17 -82.49 59.95 -90.60
C THR CE 17 -82.98 58.66 -89.97
N LEU CE 18 -83.49 57.75 -90.80
CA LEU CE 18 -83.86 56.45 -90.26
C LEU CE 18 -82.61 55.61 -89.98
N VAL CE 19 -82.73 54.80 -88.94
CA VAL CE 19 -81.74 53.79 -88.59
C VAL CE 19 -82.48 52.49 -88.31
N ASN CE 20 -82.08 51.44 -89.02
CA ASN CE 20 -82.86 50.21 -89.12
C ASN CE 20 -82.24 49.14 -88.23
N TYR CE 21 -83.03 48.60 -87.32
CA TYR CE 21 -82.65 47.49 -86.49
C TYR CE 21 -83.52 46.28 -86.81
N SER CE 22 -82.97 45.09 -86.59
CA SER CE 22 -83.73 43.86 -86.73
C SER CE 22 -83.42 42.97 -85.53
N LEU CE 23 -84.40 42.14 -85.16
CA LEU CE 23 -84.31 41.34 -83.94
C LEU CE 23 -83.26 40.26 -84.12
N ARG CE 24 -82.15 40.38 -83.39
CA ARG CE 24 -81.20 39.28 -83.31
C ARG CE 24 -81.75 38.14 -82.48
N SER CE 25 -82.08 38.40 -81.21
CA SER CE 25 -82.55 37.29 -80.40
C SER CE 25 -83.40 37.78 -79.24
N GLN CE 26 -84.43 37.01 -78.91
CA GLN CE 26 -85.21 37.23 -77.70
C GLN CE 26 -84.89 36.11 -76.72
N ASN CE 27 -84.30 36.47 -75.60
CA ASN CE 27 -84.23 35.66 -74.40
C ASN CE 27 -85.40 36.03 -73.49
N GLY CE 28 -85.63 35.24 -72.46
CA GLY CE 28 -86.75 35.51 -71.58
C GLY CE 28 -86.64 36.86 -70.89
N ASN CE 29 -87.55 37.78 -71.21
CA ASN CE 29 -87.51 39.15 -70.71
C ASN CE 29 -86.21 39.85 -71.12
N ASN CE 30 -85.70 39.51 -72.30
CA ASN CE 30 -84.49 40.15 -72.79
C ASN CE 30 -84.54 40.16 -74.31
N VAL CE 31 -84.14 41.27 -74.91
CA VAL CE 31 -84.24 41.44 -76.36
C VAL CE 31 -82.97 42.10 -76.89
N ASP CE 32 -82.43 41.55 -77.97
CA ASP CE 32 -81.23 42.06 -78.64
C ASP CE 32 -81.53 42.34 -80.10
N TYR CE 33 -81.38 43.60 -80.50
CA TYR CE 33 -81.53 44.08 -81.88
C TYR CE 33 -80.17 44.49 -82.43
N VAL CE 34 -80.04 44.39 -83.75
CA VAL CE 34 -78.81 44.73 -84.46
C VAL CE 34 -79.14 45.67 -85.61
N CYS CE 35 -78.26 46.64 -85.87
CA CYS CE 35 -78.49 47.57 -86.96
C CYS CE 35 -78.18 46.93 -88.29
N THR CE 36 -79.10 47.07 -89.25
CA THR CE 36 -79.01 46.44 -90.56
C THR CE 36 -78.57 47.42 -91.65
N ASP CE 37 -78.13 48.61 -91.27
CA ASP CE 37 -77.63 49.57 -92.24
C ASP CE 37 -76.21 49.22 -92.63
N PRO CE 38 -75.68 49.85 -93.69
CA PRO CE 38 -74.24 49.73 -93.96
C PRO CE 38 -73.36 50.37 -92.88
N ASP CE 39 -73.94 51.23 -92.02
CA ASP CE 39 -73.17 51.86 -90.95
C ASP CE 39 -72.60 50.84 -89.99
N SER CE 40 -73.39 49.83 -89.63
CA SER CE 40 -72.95 48.79 -88.73
C SER CE 40 -72.47 47.58 -89.52
N THR CE 41 -71.38 47.00 -89.07
CA THR CE 41 -70.87 45.72 -89.52
C THR CE 41 -70.68 44.85 -88.28
N LEU CE 42 -70.41 43.56 -88.51
CA LEU CE 42 -70.12 42.70 -87.35
C LEU CE 42 -68.92 43.22 -86.58
N SER CE 43 -67.94 43.80 -87.26
CA SER CE 43 -66.74 44.28 -86.59
C SER CE 43 -67.04 45.51 -85.74
N ALA CE 44 -67.90 46.41 -86.22
CA ALA CE 44 -68.26 47.62 -85.49
C ALA CE 44 -69.76 47.81 -85.58
N PRO CE 45 -70.53 47.13 -84.74
CA PRO CE 45 -71.99 47.09 -84.90
C PRO CE 45 -72.70 48.21 -84.16
N GLY CE 46 -73.97 48.39 -84.55
CA GLY CE 46 -74.92 49.16 -83.78
C GLY CE 46 -75.91 48.19 -83.14
N LEU CE 47 -76.16 48.38 -81.85
CA LEU CE 47 -76.84 47.36 -81.07
C LEU CE 47 -77.86 47.97 -80.14
N ILE CE 48 -78.90 47.21 -79.83
CA ILE CE 48 -79.89 47.58 -78.82
C ILE CE 48 -80.15 46.38 -77.92
N ASN CE 49 -80.30 46.64 -76.63
CA ASN CE 49 -80.57 45.62 -75.63
C ASN CE 49 -81.64 46.13 -74.67
N ALA CE 50 -82.61 45.27 -74.34
CA ALA CE 50 -83.70 45.64 -73.43
C ALA CE 50 -84.00 44.49 -72.49
N LYS CE 51 -84.02 44.79 -71.19
CA LYS CE 51 -84.13 43.80 -70.12
C LYS CE 51 -85.22 44.21 -69.13
N PHE CE 52 -85.80 43.22 -68.47
CA PHE CE 52 -86.86 43.41 -67.47
C PHE CE 52 -86.47 42.71 -66.18
N ASP CE 53 -86.17 43.49 -65.15
CA ASP CE 53 -85.98 43.00 -63.79
C ASP CE 53 -87.33 43.07 -63.10
N ILE CE 54 -88.07 41.96 -63.13
CA ILE CE 54 -89.40 41.87 -62.55
C ILE CE 54 -89.31 41.04 -61.28
N LYS CE 55 -89.66 41.66 -60.16
CA LYS CE 55 -89.59 40.97 -58.88
C LYS CE 55 -90.75 40.00 -58.73
N ALA CE 56 -90.62 39.06 -57.80
CA ALA CE 56 -91.66 38.09 -57.54
C ALA CE 56 -92.97 38.81 -57.21
N PRO CE 57 -94.12 38.24 -57.59
CA PRO CE 57 -95.39 38.95 -57.39
C PRO CE 57 -95.73 39.20 -55.93
N GLY CE 58 -95.32 38.32 -55.01
CA GLY CE 58 -95.55 38.58 -53.61
C GLY CE 58 -94.72 39.74 -53.07
N ILE CE 59 -93.46 39.83 -53.51
CA ILE CE 59 -92.51 40.82 -52.98
C ILE CE 59 -92.86 42.20 -53.51
N THR CE 60 -92.81 43.20 -52.63
CA THR CE 60 -92.87 44.60 -53.05
C THR CE 60 -91.47 45.15 -53.25
N GLY CE 61 -91.28 45.85 -54.34
CA GLY CE 61 -90.02 46.52 -54.62
C GLY CE 61 -90.26 47.46 -55.78
N ASN CE 62 -89.22 47.69 -56.57
CA ASN CE 62 -89.35 48.38 -57.84
C ASN CE 62 -89.11 47.39 -58.96
N ASP CE 63 -89.99 47.39 -59.95
CA ASP CE 63 -89.70 46.73 -61.21
C ASP CE 63 -88.79 47.62 -62.04
N ARG CE 64 -87.92 47.01 -62.85
CA ARG CE 64 -86.90 47.78 -63.55
C ARG CE 64 -86.85 47.41 -65.03
N ILE CE 65 -86.59 48.42 -65.86
CA ILE CE 65 -86.35 48.27 -67.29
C ILE CE 65 -84.95 48.77 -67.58
N HIS CE 66 -84.16 47.97 -68.30
CA HIS CE 66 -82.80 48.35 -68.68
C HIS CE 66 -82.70 48.37 -70.19
N ALA CE 67 -82.41 49.54 -70.76
CA ALA CE 67 -82.24 49.68 -72.19
C ALA CE 67 -80.85 50.22 -72.49
N ASN CE 68 -80.30 49.78 -73.62
CA ASN CE 68 -78.95 50.16 -74.01
C ASN CE 68 -78.89 50.27 -75.53
N LEU CE 69 -78.49 51.44 -76.02
CA LEU CE 69 -78.32 51.69 -77.45
C LEU CE 69 -76.86 52.05 -77.70
N ARG CE 70 -76.17 51.22 -78.47
CA ARG CE 70 -74.73 51.28 -78.65
C ARG CE 70 -74.38 51.47 -80.12
N LYS CE 71 -73.26 52.16 -80.36
CA LYS CE 71 -72.60 52.17 -81.65
C LYS CE 71 -71.10 51.99 -81.42
N VAL CE 72 -70.53 50.95 -82.01
CA VAL CE 72 -69.10 50.69 -81.92
C VAL CE 72 -68.42 51.39 -83.08
N VAL CE 73 -67.23 51.95 -82.83
CA VAL CE 73 -66.44 52.59 -83.87
C VAL CE 73 -65.01 52.10 -83.75
N LEU CE 74 -64.35 51.98 -84.91
CA LEU CE 74 -62.97 51.53 -84.98
C LEU CE 74 -62.03 52.70 -85.17
N ASP CE 75 -60.90 52.66 -84.47
CA ASP CE 75 -59.86 53.66 -84.66
C ASP CE 75 -59.26 53.54 -86.06
N GLU CE 76 -59.10 54.69 -86.72
CA GLU CE 76 -58.48 54.66 -88.05
C GLU CE 76 -57.09 54.05 -87.99
N LYS CE 77 -56.28 54.45 -87.01
CA LYS CE 77 -54.89 54.00 -86.98
C LYS CE 77 -54.76 52.58 -86.41
N THR CE 78 -55.44 52.27 -85.31
CA THR CE 78 -55.22 50.99 -84.64
C THR CE 78 -56.32 49.95 -84.86
N ASN CE 79 -57.45 50.33 -85.47
CA ASN CE 79 -58.63 49.48 -85.63
C ASN CE 79 -59.13 48.92 -84.30
N LEU CE 80 -58.68 49.50 -83.18
CA LEU CE 80 -59.20 49.12 -81.89
C LEU CE 80 -60.61 49.69 -81.70
N PRO CE 81 -61.53 48.92 -81.16
CA PRO CE 81 -62.90 49.38 -81.05
C PRO CE 81 -63.15 50.14 -79.76
N SER CE 82 -63.76 51.30 -79.85
CA SER CE 82 -64.35 51.93 -78.68
C SER CE 82 -65.80 52.22 -79.01
N THR CE 83 -66.64 52.19 -77.98
CA THR CE 83 -68.08 52.21 -78.18
C THR CE 83 -68.70 53.41 -77.48
N GLY CE 84 -69.75 53.94 -78.09
CA GLY CE 84 -70.53 55.02 -77.52
C GLY CE 84 -71.96 54.57 -77.29
N SER CE 85 -72.54 54.98 -76.16
CA SER CE 85 -73.79 54.34 -75.77
C SER CE 85 -74.69 55.29 -74.97
N VAL CE 86 -76.00 55.07 -75.12
CA VAL CE 86 -77.01 55.66 -74.25
C VAL CE 86 -77.74 54.53 -73.54
N THR CE 87 -77.67 54.54 -72.21
CA THR CE 87 -78.35 53.54 -71.39
C THR CE 87 -79.43 54.21 -70.55
N ILE CE 88 -80.51 53.47 -70.32
CA ILE CE 88 -81.71 53.99 -69.67
C ILE CE 88 -82.17 52.96 -68.65
N GLN CE 89 -82.50 53.43 -67.44
CA GLN CE 89 -83.03 52.54 -66.42
C GLN CE 89 -84.32 53.15 -65.92
N VAL CE 90 -85.41 52.41 -66.04
CA VAL CE 90 -86.72 52.85 -65.59
C VAL CE 90 -87.05 52.04 -64.34
N SER CE 91 -87.28 52.72 -63.22
CA SER CE 91 -87.63 52.08 -61.95
C SER CE 91 -89.05 52.48 -61.60
N ILE CE 92 -89.95 51.50 -61.67
CA ILE CE 92 -91.39 51.67 -61.48
C ILE CE 92 -91.77 51.04 -60.16
N PRO CE 93 -92.31 51.79 -59.19
CA PRO CE 93 -92.72 51.19 -57.92
C PRO CE 93 -94.02 50.40 -58.01
N ARG CE 94 -94.12 49.39 -57.14
CA ARG CE 94 -95.27 48.49 -57.10
C ARG CE 94 -96.39 48.97 -56.19
N ASN CE 95 -96.47 50.27 -55.92
CA ASN CE 95 -97.52 50.86 -55.12
C ASN CE 95 -98.62 51.39 -56.03
N PRO CE 96 -99.90 51.04 -55.79
CA PRO CE 96 -100.98 51.56 -56.65
C PRO CE 96 -101.02 53.07 -56.73
N ALA CE 97 -100.34 53.77 -55.83
CA ALA CE 97 -100.25 55.23 -55.91
C ALA CE 97 -99.41 55.69 -57.09
N TRP CE 98 -98.75 54.77 -57.79
CA TRP CE 98 -98.03 55.03 -59.03
C TRP CE 98 -98.77 54.37 -60.19
N ASN CE 99 -98.68 54.95 -61.38
CA ASN CE 99 -99.35 54.34 -62.51
C ASN CE 99 -98.60 54.59 -63.80
N ALA CE 100 -99.10 53.95 -64.86
CA ALA CE 100 -98.42 53.99 -66.14
C ALA CE 100 -98.38 55.41 -66.70
N SER CE 101 -99.38 56.23 -66.38
CA SER CE 101 -99.33 57.62 -66.83
C SER CE 101 -98.11 58.33 -66.28
N MET CE 102 -97.74 58.02 -65.03
CA MET CE 102 -96.57 58.63 -64.43
C MET CE 102 -95.29 58.07 -65.04
N THR CE 103 -95.25 56.76 -65.28
CA THR CE 103 -94.11 56.17 -65.99
C THR CE 103 -93.90 56.88 -67.33
N VAL CE 104 -94.96 57.00 -68.11
CA VAL CE 104 -94.88 57.63 -69.42
C VAL CE 104 -94.49 59.10 -69.29
N SER CE 105 -94.99 59.78 -68.25
CA SER CE 105 -94.66 61.18 -68.07
C SER CE 105 -93.16 61.35 -67.84
N LEU CE 106 -92.57 60.49 -67.01
CA LEU CE 106 -91.11 60.56 -66.83
C LEU CE 106 -90.38 60.29 -68.13
N LEU CE 107 -90.84 59.29 -68.90
CA LEU CE 107 -90.18 59.00 -70.18
C LEU CE 107 -90.23 60.21 -71.11
N LYS CE 108 -91.41 60.84 -71.22
CA LYS CE 108 -91.58 61.98 -72.11
C LYS CE 108 -90.71 63.15 -71.66
N GLN CE 109 -90.63 63.39 -70.35
CA GLN CE 109 -89.83 64.51 -69.87
C GLN CE 109 -88.35 64.27 -70.12
N ALA CE 110 -87.88 63.04 -69.90
CA ALA CE 110 -86.49 62.73 -70.21
C ALA CE 110 -86.20 62.90 -71.69
N ALA CE 111 -87.14 62.48 -72.55
CA ALA CE 111 -86.99 62.68 -73.99
C ALA CE 111 -86.87 64.16 -74.32
N ASP CE 112 -87.77 64.98 -73.78
CA ASP CE 112 -87.71 66.42 -74.02
C ASP CE 112 -86.38 67.01 -73.57
N TYR CE 113 -85.91 66.63 -72.38
CA TYR CE 113 -84.78 67.34 -71.79
C TYR CE 113 -83.43 66.86 -72.32
N LEU CE 114 -83.31 65.61 -72.75
CA LEU CE 114 -82.03 65.14 -73.26
C LEU CE 114 -81.97 64.94 -74.77
N ALA CE 115 -83.11 64.74 -75.42
CA ALA CE 115 -83.13 64.62 -76.87
C ALA CE 115 -83.85 65.75 -77.57
N GLY CE 116 -84.66 66.53 -76.85
CA GLY CE 116 -85.39 67.64 -77.44
C GLY CE 116 -86.39 67.18 -78.47
N THR CE 117 -87.25 66.22 -78.11
CA THR CE 117 -88.21 65.66 -79.04
C THR CE 117 -89.65 65.66 -78.55
N SER CE 118 -89.95 66.38 -77.47
CA SER CE 118 -91.32 66.46 -76.97
C SER CE 118 -92.31 66.94 -78.03
N ALA CE 119 -93.58 66.63 -77.80
CA ALA CE 119 -94.67 67.16 -78.61
C ALA CE 119 -94.85 68.65 -78.37
N THR CE 120 -95.42 69.33 -79.35
CA THR CE 120 -95.60 70.78 -79.25
C THR CE 120 -96.69 71.09 -78.23
N VAL CE 121 -96.34 71.92 -77.23
CA VAL CE 121 -97.23 72.34 -76.16
C VAL CE 121 -96.86 73.78 -75.82
N SER CE 122 -97.86 74.66 -75.76
CA SER CE 122 -97.56 76.07 -75.60
C SER CE 122 -96.90 76.32 -74.25
N GLY CE 123 -95.84 77.12 -74.25
CA GLY CE 123 -95.10 77.42 -73.06
C GLY CE 123 -93.93 76.50 -72.77
N GLN CE 124 -93.73 75.47 -73.59
CA GLN CE 124 -92.59 74.59 -73.43
C GLN CE 124 -91.30 75.32 -73.75
N THR CE 125 -90.24 74.97 -73.02
CA THR CE 125 -88.94 75.52 -73.38
C THR CE 125 -88.46 74.86 -74.67
N ASP CE 126 -87.73 75.64 -75.46
CA ASP CE 126 -87.21 75.17 -76.75
C ASP CE 126 -86.03 74.26 -76.47
N THR CE 127 -86.28 72.96 -76.50
CA THR CE 127 -85.28 71.96 -76.18
C THR CE 127 -84.55 71.44 -77.40
N SER CE 128 -84.76 72.07 -78.56
CA SER CE 128 -84.21 71.54 -79.81
C SER CE 128 -82.68 71.48 -79.79
N GLY CE 129 -82.05 72.47 -79.16
CA GLY CE 129 -80.59 72.51 -79.14
C GLY CE 129 -79.96 71.76 -77.99
N PHE CE 130 -80.80 71.25 -77.08
CA PHE CE 130 -80.26 70.55 -75.92
C PHE CE 130 -79.43 69.33 -76.27
N PRO CE 131 -79.82 68.46 -77.22
CA PRO CE 131 -78.94 67.33 -77.53
C PRO CE 131 -77.57 67.78 -78.02
N ALA CE 132 -77.51 68.84 -78.82
CA ALA CE 132 -76.22 69.40 -79.20
C ALA CE 132 -75.42 69.84 -77.98
N LYS CE 133 -76.05 70.59 -77.07
CA LYS CE 133 -75.32 71.03 -75.88
C LYS CE 133 -74.84 69.86 -75.04
N TRP CE 134 -75.67 68.82 -74.89
CA TRP CE 134 -75.26 67.65 -74.12
C TRP CE 134 -74.05 66.98 -74.78
N ALA CE 135 -74.11 66.77 -76.10
CA ALA CE 135 -73.01 66.18 -76.82
C ALA CE 135 -71.75 67.03 -76.73
N GLY CE 136 -71.88 68.30 -76.37
CA GLY CE 136 -70.72 69.11 -76.06
C GLY CE 136 -70.31 69.13 -74.60
N LEU CE 137 -70.93 68.32 -73.75
CA LEU CE 137 -70.76 68.38 -72.29
C LEU CE 137 -71.01 69.78 -71.74
N MET CE 138 -72.17 70.33 -72.09
CA MET CE 138 -72.63 71.63 -71.64
C MET CE 138 -74.04 71.50 -71.10
N PHE CE 139 -74.30 72.05 -69.93
CA PHE CE 139 -75.66 72.03 -69.41
C PHE CE 139 -76.52 72.97 -70.23
N PRO CE 140 -77.74 72.55 -70.62
CA PRO CE 140 -78.67 73.40 -71.36
C PRO CE 140 -79.00 74.66 -70.58
N ALA DE 1 -95.46 29.86 -79.20
CA ALA DE 1 -96.55 30.04 -78.25
C ALA DE 1 -97.55 31.09 -78.75
N ALA DE 2 -98.80 30.96 -78.31
CA ALA DE 2 -99.84 31.91 -78.73
C ALA DE 2 -99.51 33.30 -78.21
N PRO DE 3 -99.60 34.33 -79.06
CA PRO DE 3 -99.26 35.68 -78.60
C PRO DE 3 -100.24 36.27 -77.62
N SER DE 4 -101.47 35.77 -77.58
CA SER DE 4 -102.47 36.29 -76.65
C SER DE 4 -103.52 35.23 -76.41
N LEU DE 5 -104.22 35.36 -75.29
CA LEU DE 5 -105.19 34.38 -74.83
C LEU DE 5 -106.41 35.09 -74.25
N ALA DE 6 -107.58 34.49 -74.47
CA ALA DE 6 -108.82 34.96 -73.88
C ALA DE 6 -109.41 33.76 -73.14
N LEU DE 7 -109.10 33.64 -71.86
CA LEU DE 7 -109.52 32.48 -71.08
C LEU DE 7 -110.81 32.79 -70.33
N VAL DE 8 -111.55 31.75 -69.99
CA VAL DE 8 -112.79 31.92 -69.26
C VAL DE 8 -112.54 31.77 -67.76
N GLY DE 9 -112.98 32.74 -66.98
CA GLY DE 9 -112.96 32.68 -65.54
C GLY DE 9 -114.30 33.10 -64.99
N ALA DE 10 -114.33 33.56 -63.74
CA ALA DE 10 -115.59 33.92 -63.09
C ALA DE 10 -115.51 35.32 -62.52
N ASN DE 11 -116.59 36.08 -62.68
CA ASN DE 11 -116.69 37.42 -62.09
C ASN DE 11 -117.04 37.29 -60.61
N SER DE 12 -117.37 38.41 -59.97
CA SER DE 12 -117.76 38.38 -58.56
C SER DE 12 -119.01 37.55 -58.33
N THR DE 13 -119.83 37.34 -59.36
CA THR DE 13 -121.05 36.56 -59.24
C THR DE 13 -120.87 35.12 -59.71
N LEU DE 14 -119.66 34.75 -60.12
CA LEU DE 14 -119.32 33.43 -60.65
C LEU DE 14 -119.89 33.20 -62.05
N ALA DE 15 -120.28 34.27 -62.74
CA ALA DE 15 -120.66 34.15 -64.15
C ALA DE 15 -119.42 34.05 -65.01
N SER DE 16 -119.53 33.28 -66.09
CA SER DE 16 -118.39 33.10 -66.99
C SER DE 16 -118.02 34.43 -67.64
N THR DE 17 -116.76 34.84 -67.47
CA THR DE 17 -116.26 36.12 -67.94
C THR DE 17 -114.91 35.93 -68.59
N LEU DE 18 -114.64 36.64 -69.67
CA LEU DE 18 -113.32 36.54 -70.28
C LEU DE 18 -112.27 37.24 -69.42
N VAL DE 19 -111.06 36.70 -69.48
CA VAL DE 19 -109.87 37.25 -68.85
C VAL DE 19 -108.75 37.20 -69.88
N ASN DE 20 -108.17 38.35 -70.17
CA ASN DE 20 -107.32 38.53 -71.33
C ASN DE 20 -105.85 38.55 -70.91
N TYR DE 21 -105.07 37.66 -71.48
CA TYR DE 21 -103.63 37.58 -71.24
C TYR DE 21 -102.89 37.85 -72.54
N SER DE 22 -101.69 38.40 -72.42
CA SER DE 22 -100.80 38.61 -73.55
C SER DE 22 -99.42 38.07 -73.21
N LEU DE 23 -98.74 37.57 -74.23
CA LEU DE 23 -97.45 36.91 -74.06
C LEU DE 23 -96.36 37.95 -73.79
N ARG DE 24 -95.77 37.89 -72.60
CA ARG DE 24 -94.72 38.85 -72.26
C ARG DE 24 -93.38 38.45 -72.86
N SER DE 25 -92.95 37.20 -72.66
CA SER DE 25 -91.70 36.71 -73.22
C SER DE 25 -91.71 35.20 -73.26
N GLN DE 26 -90.66 34.63 -73.85
CA GLN DE 26 -90.47 33.18 -73.89
C GLN DE 26 -88.99 32.88 -73.66
N ASN DE 27 -88.70 32.17 -72.58
CA ASN DE 27 -87.36 31.74 -72.16
C ASN DE 27 -87.20 30.26 -72.49
N GLY DE 28 -86.13 29.65 -71.99
CA GLY DE 28 -85.88 28.24 -72.15
C GLY DE 28 -87.00 27.40 -71.59
N ASN DE 29 -87.74 26.76 -72.49
CA ASN DE 29 -88.80 25.81 -72.13
C ASN DE 29 -89.82 26.43 -71.19
N ASN DE 30 -90.17 27.69 -71.40
CA ASN DE 30 -91.18 28.32 -70.55
C ASN DE 30 -91.85 29.46 -71.33
N VAL DE 31 -92.93 29.96 -70.74
CA VAL DE 31 -93.80 30.96 -71.35
C VAL DE 31 -94.39 31.79 -70.23
N ASP DE 32 -94.40 33.11 -70.42
CA ASP DE 32 -94.87 34.08 -69.42
C ASP DE 32 -95.95 34.96 -70.03
N TYR DE 33 -97.16 34.90 -69.46
CA TYR DE 33 -98.29 35.70 -69.88
C TYR DE 33 -98.70 36.66 -68.76
N VAL DE 34 -99.21 37.82 -69.16
CA VAL DE 34 -99.64 38.88 -68.24
C VAL DE 34 -101.08 39.26 -68.58
N CYS DE 35 -101.87 39.55 -67.55
CA CYS DE 35 -103.26 39.95 -67.77
C CYS DE 35 -103.31 41.40 -68.23
N THR DE 36 -104.09 41.66 -69.29
CA THR DE 36 -104.20 42.97 -69.91
C THR DE 36 -105.50 43.68 -69.59
N ASP DE 37 -106.29 43.14 -68.66
CA ASP DE 37 -107.53 43.77 -68.26
C ASP DE 37 -107.23 45.00 -67.41
N PRO DE 38 -108.22 45.86 -67.17
CA PRO DE 38 -107.97 47.00 -66.29
C PRO DE 38 -107.70 46.63 -64.84
N ASP DE 39 -108.28 45.52 -64.35
CA ASP DE 39 -108.14 45.17 -62.93
C ASP DE 39 -106.73 44.71 -62.56
N SER DE 40 -105.90 44.33 -63.52
CA SER DE 40 -104.52 43.95 -63.24
C SER DE 40 -103.59 45.10 -63.58
N THR DE 41 -102.72 45.43 -62.64
CA THR DE 41 -101.71 46.46 -62.76
C THR DE 41 -100.41 45.90 -62.21
N LEU DE 42 -99.31 46.64 -62.39
CA LEU DE 42 -98.04 46.14 -61.88
C LEU DE 42 -98.07 45.97 -60.36
N SER DE 43 -98.88 46.77 -59.68
CA SER DE 43 -99.01 46.65 -58.23
C SER DE 43 -99.68 45.33 -57.85
N ALA DE 44 -100.66 44.89 -58.63
CA ALA DE 44 -101.41 43.66 -58.34
C ALA DE 44 -101.76 42.98 -59.66
N PRO DE 45 -100.81 42.27 -60.26
CA PRO DE 45 -101.03 41.72 -61.61
C PRO DE 45 -101.69 40.35 -61.59
N GLY DE 46 -102.14 39.93 -62.77
CA GLY DE 46 -102.51 38.55 -63.04
C GLY DE 46 -101.50 37.94 -63.99
N LEU DE 47 -101.07 36.73 -63.68
CA LEU DE 47 -99.92 36.14 -64.37
C LEU DE 47 -100.19 34.67 -64.68
N ILE DE 48 -99.62 34.19 -65.79
CA ILE DE 48 -99.63 32.77 -66.12
C ILE DE 48 -98.22 32.38 -66.56
N ASN DE 49 -97.77 31.21 -66.12
CA ASN DE 49 -96.41 30.75 -66.39
C ASN DE 49 -96.43 29.26 -66.69
N ALA DE 50 -95.68 28.86 -67.71
CA ALA DE 50 -95.64 27.44 -68.09
C ALA DE 50 -94.21 27.04 -68.41
N LYS DE 51 -93.84 25.81 -68.03
CA LYS DE 51 -92.48 25.32 -68.18
C LYS DE 51 -92.50 23.83 -68.49
N PHE DE 52 -91.55 23.38 -69.30
CA PHE DE 52 -91.36 21.97 -69.59
C PHE DE 52 -90.03 21.48 -69.00
N ASP DE 53 -90.09 20.40 -68.23
CA ASP DE 53 -88.91 19.64 -67.84
C ASP DE 53 -88.90 18.41 -68.74
N ILE DE 54 -88.03 18.42 -69.75
CA ILE DE 54 -88.02 17.41 -70.80
C ILE DE 54 -86.80 16.52 -70.61
N LYS DE 55 -87.05 15.23 -70.39
CA LYS DE 55 -85.95 14.30 -70.18
C LYS DE 55 -85.39 13.84 -71.52
N ALA DE 56 -84.20 13.23 -71.45
CA ALA DE 56 -83.47 12.85 -72.65
C ALA DE 56 -84.28 11.86 -73.49
N PRO DE 57 -83.95 11.74 -74.78
CA PRO DE 57 -84.67 10.77 -75.62
C PRO DE 57 -84.53 9.36 -75.08
N GLY DE 58 -85.58 8.58 -75.25
CA GLY DE 58 -85.66 7.24 -74.73
C GLY DE 58 -87.04 6.99 -74.19
N ILE DE 59 -87.24 5.83 -73.56
CA ILE DE 59 -88.51 5.50 -72.97
C ILE DE 59 -88.43 5.40 -71.45
N THR DE 60 -87.33 5.85 -70.86
CA THR DE 60 -87.08 5.61 -69.44
C THR DE 60 -87.75 6.63 -68.53
N GLY DE 61 -87.76 7.89 -68.92
CA GLY DE 61 -88.02 8.97 -67.99
C GLY DE 61 -89.49 9.31 -67.78
N ASN DE 62 -89.68 10.46 -67.14
CA ASN DE 62 -90.97 11.11 -66.92
C ASN DE 62 -90.83 12.59 -67.29
N ASP DE 63 -91.49 13.01 -68.37
CA ASP DE 63 -91.54 14.42 -68.74
C ASP DE 63 -92.49 15.15 -67.78
N ARG DE 64 -92.27 16.46 -67.60
CA ARG DE 64 -93.10 17.23 -66.68
C ARG DE 64 -93.48 18.57 -67.28
N ILE DE 65 -94.71 18.99 -66.98
CA ILE DE 65 -95.26 20.29 -67.34
C ILE DE 65 -95.60 21.02 -66.04
N HIS DE 66 -95.18 22.28 -65.94
CA HIS DE 66 -95.46 23.11 -64.78
C HIS DE 66 -96.24 24.34 -65.25
N ALA DE 67 -97.46 24.48 -64.77
CA ALA DE 67 -98.27 25.67 -65.05
C ALA DE 67 -98.57 26.38 -63.74
N ASN DE 68 -98.75 27.69 -63.82
CA ASN DE 68 -98.98 28.49 -62.62
C ASN DE 68 -99.81 29.70 -63.00
N LEU DE 69 -101.01 29.80 -62.43
CA LEU DE 69 -101.92 30.91 -62.68
C LEU DE 69 -102.08 31.68 -61.38
N ARG DE 70 -101.64 32.93 -61.36
CA ARG DE 70 -101.60 33.73 -60.15
C ARG DE 70 -102.39 35.02 -60.33
N LYS DE 71 -102.91 35.53 -59.22
CA LYS DE 71 -103.48 36.87 -59.13
C LYS DE 71 -103.09 37.49 -57.80
N VAL DE 72 -102.55 38.70 -57.86
CA VAL DE 72 -102.15 39.43 -56.66
C VAL DE 72 -103.28 40.37 -56.26
N VAL DE 73 -103.47 40.52 -54.95
CA VAL DE 73 -104.50 41.42 -54.42
C VAL DE 73 -103.87 42.24 -53.32
N LEU DE 74 -104.39 43.46 -53.15
CA LEU DE 74 -103.89 44.40 -52.15
C LEU DE 74 -104.91 44.57 -51.03
N ASP DE 75 -104.41 44.60 -49.79
CA ASP DE 75 -105.28 44.80 -48.62
C ASP DE 75 -105.94 46.17 -48.67
N GLU DE 76 -107.26 46.21 -48.41
CA GLU DE 76 -107.96 47.50 -48.39
C GLU DE 76 -107.42 48.42 -47.31
N LYS DE 77 -106.84 47.86 -46.26
CA LYS DE 77 -106.39 48.68 -45.14
C LYS DE 77 -104.95 49.12 -45.29
N THR DE 78 -104.09 48.26 -45.86
CA THR DE 78 -102.66 48.49 -45.88
C THR DE 78 -102.01 48.44 -47.26
N ASN DE 79 -102.77 48.14 -48.32
CA ASN DE 79 -102.21 47.90 -49.66
C ASN DE 79 -101.10 46.84 -49.64
N LEU DE 80 -101.16 45.93 -48.66
CA LEU DE 80 -100.13 44.90 -48.69
C LEU DE 80 -100.54 43.77 -49.62
N PRO DE 81 -99.60 43.28 -50.43
CA PRO DE 81 -99.95 42.28 -51.45
C PRO DE 81 -99.96 40.89 -50.86
N SER DE 82 -100.98 40.11 -51.21
CA SER DE 82 -100.94 38.68 -51.07
C SER DE 82 -101.46 38.07 -52.37
N THR DE 83 -100.97 36.88 -52.70
CA THR DE 83 -101.25 36.28 -53.99
C THR DE 83 -102.07 35.00 -53.82
N GLY DE 84 -103.02 34.80 -54.73
CA GLY DE 84 -103.73 33.55 -54.86
C GLY DE 84 -103.23 32.85 -56.12
N SER DE 85 -103.17 31.52 -56.06
CA SER DE 85 -102.57 30.82 -57.19
C SER DE 85 -103.14 29.41 -57.34
N VAL DE 86 -103.21 28.98 -58.59
CA VAL DE 86 -103.47 27.59 -58.95
C VAL DE 86 -102.28 27.10 -59.74
N THR DE 87 -101.55 26.14 -59.19
CA THR DE 87 -100.41 25.55 -59.87
C THR DE 87 -100.74 24.12 -60.28
N ILE DE 88 -100.17 23.70 -61.40
CA ILE DE 88 -100.46 22.42 -62.01
C ILE DE 88 -99.15 21.76 -62.39
N GLN DE 89 -99.02 20.46 -62.12
CA GLN DE 89 -97.87 19.69 -62.56
C GLN DE 89 -98.35 18.41 -63.23
N VAL DE 90 -98.02 18.27 -64.50
CA VAL DE 90 -98.34 17.09 -65.28
C VAL DE 90 -97.07 16.26 -65.42
N SER DE 91 -97.15 14.98 -65.13
CA SER DE 91 -96.03 14.05 -65.27
C SER DE 91 -96.45 12.95 -66.23
N ILE DE 92 -95.78 12.90 -67.38
CA ILE DE 92 -96.06 12.04 -68.51
C ILE DE 92 -94.93 11.01 -68.62
N PRO DE 93 -95.18 9.73 -68.36
CA PRO DE 93 -94.14 8.71 -68.56
C PRO DE 93 -93.86 8.47 -70.04
N ARG DE 94 -92.66 7.99 -70.30
CA ARG DE 94 -92.20 7.71 -71.66
C ARG DE 94 -92.30 6.23 -72.03
N ASN DE 95 -92.54 5.35 -71.05
CA ASN DE 95 -92.86 3.96 -71.33
C ASN DE 95 -94.00 3.88 -72.35
N PRO DE 96 -93.79 3.21 -73.48
CA PRO DE 96 -94.82 3.22 -74.55
C PRO DE 96 -96.16 2.68 -74.12
N ALA DE 97 -96.26 2.16 -72.91
CA ALA DE 97 -97.52 1.75 -72.33
C ALA DE 97 -98.38 2.94 -71.89
N TRP DE 98 -97.93 4.17 -72.14
CA TRP DE 98 -98.67 5.39 -71.85
C TRP DE 98 -99.05 6.08 -73.16
N ASN DE 99 -100.11 6.88 -73.11
CA ASN DE 99 -100.62 7.56 -74.30
C ASN DE 99 -100.85 9.04 -74.03
N ALA DE 100 -100.70 9.82 -75.09
CA ALA DE 100 -101.24 11.17 -75.07
C ALA DE 100 -102.72 11.16 -74.71
N SER DE 101 -103.45 10.10 -75.11
CA SER DE 101 -104.85 9.99 -74.72
C SER DE 101 -105.00 9.88 -73.22
N MET DE 102 -104.07 9.18 -72.56
CA MET DE 102 -104.14 9.06 -71.11
C MET DE 102 -103.81 10.38 -70.43
N THR DE 103 -102.81 11.11 -70.97
CA THR DE 103 -102.54 12.46 -70.48
C THR DE 103 -103.78 13.33 -70.57
N VAL DE 104 -104.41 13.37 -71.75
CA VAL DE 104 -105.59 14.21 -71.95
C VAL DE 104 -106.71 13.77 -71.01
N SER DE 105 -106.85 12.46 -70.79
CA SER DE 105 -107.91 11.97 -69.92
C SER DE 105 -107.71 12.47 -68.49
N LEU DE 106 -106.47 12.41 -68.00
CA LEU DE 106 -106.22 12.97 -66.67
C LEU DE 106 -106.50 14.45 -66.62
N LEU DE 107 -106.12 15.19 -67.66
CA LEU DE 107 -106.40 16.63 -67.67
C LEU DE 107 -107.90 16.91 -67.61
N LYS DE 108 -108.67 16.19 -68.42
CA LYS DE 108 -110.13 16.39 -68.45
C LYS DE 108 -110.76 16.02 -67.11
N GLN DE 109 -110.27 14.93 -66.48
CA GLN DE 109 -110.83 14.52 -65.19
C GLN DE 109 -110.53 15.55 -64.11
N ALA DE 110 -109.29 16.06 -64.07
CA ALA DE 110 -108.94 17.10 -63.12
C ALA DE 110 -109.80 18.34 -63.33
N ALA DE 111 -110.04 18.69 -64.61
CA ALA DE 111 -110.88 19.85 -64.91
C ALA DE 111 -112.30 19.63 -64.39
N ASP DE 112 -112.87 18.46 -64.66
CA ASP DE 112 -114.21 18.15 -64.15
C ASP DE 112 -114.25 18.20 -62.62
N TYR DE 113 -113.23 17.66 -61.96
CA TYR DE 113 -113.34 17.46 -60.52
C TYR DE 113 -112.99 18.71 -59.72
N LEU DE 114 -112.14 19.59 -60.24
CA LEU DE 114 -111.78 20.78 -59.49
C LEU DE 114 -112.37 22.08 -60.06
N ALA DE 115 -112.74 22.10 -61.34
CA ALA DE 115 -113.38 23.25 -61.93
C ALA DE 115 -114.80 23.01 -62.39
N GLY DE 116 -115.23 21.75 -62.53
CA GLY DE 116 -116.57 21.45 -62.97
C GLY DE 116 -116.86 21.96 -64.36
N THR DE 117 -115.99 21.64 -65.32
CA THR DE 117 -116.10 22.17 -66.68
C THR DE 117 -116.14 21.09 -67.76
N SER DE 118 -116.18 19.81 -67.38
CA SER DE 118 -116.16 18.73 -68.36
C SER DE 118 -117.32 18.82 -69.36
N ALA DE 119 -117.15 18.12 -70.49
CA ALA DE 119 -118.20 17.98 -71.48
C ALA DE 119 -119.33 17.10 -70.94
N THR DE 120 -120.43 17.06 -71.68
CA THR DE 120 -121.63 16.37 -71.23
C THR DE 120 -121.61 14.91 -71.68
N VAL DE 121 -121.78 13.99 -70.71
CA VAL DE 121 -121.87 12.56 -70.96
C VAL DE 121 -123.01 12.05 -70.09
N SER DE 122 -123.57 10.90 -70.48
CA SER DE 122 -124.83 10.42 -69.90
C SER DE 122 -124.77 10.39 -68.38
N GLY DE 123 -123.96 9.52 -67.81
CA GLY DE 123 -124.06 9.27 -66.39
C GLY DE 123 -123.15 10.12 -65.53
N GLN DE 124 -122.76 11.30 -66.01
CA GLN DE 124 -121.70 12.03 -65.34
C GLN DE 124 -122.25 12.61 -64.04
N THR DE 125 -121.38 12.75 -63.04
CA THR DE 125 -121.85 13.41 -61.84
C THR DE 125 -121.81 14.92 -62.02
N ASP DE 126 -122.74 15.59 -61.35
CA ASP DE 126 -122.88 17.03 -61.45
C ASP DE 126 -121.76 17.69 -60.67
N THR DE 127 -120.83 18.32 -61.39
CA THR DE 127 -119.65 18.91 -60.81
C THR DE 127 -119.68 20.44 -60.86
N SER DE 128 -120.83 21.02 -61.21
CA SER DE 128 -120.90 22.47 -61.35
C SER DE 128 -120.60 23.19 -60.04
N GLY DE 129 -121.03 22.62 -58.92
CA GLY DE 129 -120.81 23.26 -57.63
C GLY DE 129 -119.51 22.94 -56.97
N PHE DE 130 -118.74 22.02 -57.56
CA PHE DE 130 -117.48 21.63 -56.95
C PHE DE 130 -116.48 22.78 -56.81
N PRO DE 131 -116.28 23.67 -57.79
CA PRO DE 131 -115.35 24.78 -57.54
C PRO DE 131 -115.76 25.64 -56.37
N ALA DE 132 -117.06 25.88 -56.19
CA ALA DE 132 -117.53 26.61 -55.02
C ALA DE 132 -117.17 25.86 -53.74
N LYS DE 133 -117.44 24.56 -53.71
CA LYS DE 133 -117.14 23.79 -52.50
C LYS DE 133 -115.64 23.79 -52.20
N TRP DE 134 -114.81 23.69 -53.24
CA TRP DE 134 -113.36 23.76 -53.02
C TRP DE 134 -112.97 25.11 -52.44
N ALA DE 135 -113.44 26.20 -53.07
CA ALA DE 135 -113.12 27.54 -52.60
C ALA DE 135 -113.59 27.79 -51.18
N GLY DE 136 -114.56 27.00 -50.71
CA GLY DE 136 -114.92 27.00 -49.31
C GLY DE 136 -114.12 26.08 -48.43
N LEU DE 137 -113.09 25.43 -48.98
CA LEU DE 137 -112.30 24.42 -48.29
C LEU DE 137 -113.18 23.30 -47.74
N MET DE 138 -114.01 22.73 -48.60
CA MET DE 138 -114.74 21.52 -48.27
C MET DE 138 -114.75 20.58 -49.46
N PHE DE 139 -114.74 19.28 -49.16
CA PHE DE 139 -114.69 18.28 -50.20
C PHE DE 139 -116.02 18.18 -50.94
N PRO DE 140 -116.00 17.97 -52.25
CA PRO DE 140 -117.20 17.67 -53.03
C PRO DE 140 -117.86 16.40 -52.53
N ALA EE 1 -87.18 35.01 -82.56
CA ALA EE 1 -87.14 34.05 -83.67
C ALA EE 1 -88.54 33.69 -84.15
N ALA EE 2 -88.61 33.03 -85.30
CA ALA EE 2 -89.90 32.63 -85.85
C ALA EE 2 -90.58 31.61 -84.94
N PRO EE 3 -91.87 31.78 -84.67
CA PRO EE 3 -92.54 30.86 -83.73
C PRO EE 3 -92.79 29.48 -84.32
N SER EE 4 -92.77 29.35 -85.64
CA SER EE 4 -93.02 28.06 -86.27
C SER EE 4 -92.42 28.06 -87.67
N LEU EE 5 -92.09 26.86 -88.14
CA LEU EE 5 -91.39 26.66 -89.40
C LEU EE 5 -92.01 25.49 -90.16
N ALA EE 6 -92.09 25.62 -91.47
CA ALA EE 6 -92.50 24.54 -92.37
C ALA EE 6 -91.33 24.29 -93.31
N LEU EE 7 -90.42 23.41 -92.93
CA LEU EE 7 -89.24 23.14 -93.74
C LEU EE 7 -89.54 22.02 -94.73
N VAL EE 8 -88.77 21.95 -95.80
CA VAL EE 8 -88.94 20.91 -96.80
C VAL EE 8 -87.93 19.80 -96.56
N GLY EE 9 -88.42 18.58 -96.41
CA GLY EE 9 -87.60 17.39 -96.33
C GLY EE 9 -88.11 16.36 -97.33
N ALA EE 10 -87.84 15.10 -97.02
CA ALA EE 10 -88.17 14.00 -97.92
C ALA EE 10 -88.87 12.90 -97.14
N ASN EE 11 -89.90 12.32 -97.74
CA ASN EE 11 -90.59 11.16 -97.16
C ASN EE 11 -89.82 9.90 -97.56
N SER EE 12 -90.45 8.74 -97.34
CA SER EE 12 -89.81 7.48 -97.67
C SER EE 12 -89.57 7.34 -99.17
N THR EE 13 -90.38 8.02 -99.99
CA THR EE 13 -90.22 8.02 -101.44
C THR EE 13 -89.15 8.99 -101.92
N LEU EE 14 -88.60 9.80 -101.02
CA LEU EE 14 -87.75 10.96 -101.31
C LEU EE 14 -88.51 12.09 -101.97
N ALA EE 15 -89.85 12.05 -101.98
CA ALA EE 15 -90.63 13.16 -102.48
C ALA EE 15 -90.59 14.32 -101.49
N SER EE 16 -90.62 15.55 -102.02
CA SER EE 16 -90.54 16.74 -101.19
C SER EE 16 -91.78 16.83 -100.29
N THR EE 17 -91.56 16.81 -98.98
CA THR EE 17 -92.63 16.78 -97.99
C THR EE 17 -92.37 17.83 -96.93
N LEU EE 18 -93.42 18.48 -96.43
CA LEU EE 18 -93.23 19.44 -95.35
C LEU EE 18 -92.98 18.72 -94.03
N VAL EE 19 -92.08 19.29 -93.24
CA VAL EE 19 -91.81 18.89 -91.87
C VAL EE 19 -91.93 20.13 -90.99
N ASN EE 20 -92.77 20.04 -89.96
CA ASN EE 20 -93.26 21.21 -89.24
C ASN EE 20 -92.62 21.27 -87.86
N TYR EE 21 -92.08 22.44 -87.52
CA TYR EE 21 -91.45 22.68 -86.23
C TYR EE 21 -92.13 23.86 -85.55
N SER EE 22 -92.20 23.81 -84.22
CA SER EE 22 -92.63 24.97 -83.44
C SER EE 22 -91.54 25.34 -82.45
N LEU EE 23 -91.48 26.63 -82.14
CA LEU EE 23 -90.46 27.19 -81.26
C LEU EE 23 -90.76 26.81 -79.82
N ARG EE 24 -90.01 25.86 -79.29
CA ARG EE 24 -90.19 25.44 -77.91
C ARG EE 24 -89.39 26.30 -76.93
N SER EE 25 -88.13 26.63 -77.22
CA SER EE 25 -87.42 27.49 -76.28
C SER EE 25 -86.47 28.43 -77.03
N GLN EE 26 -86.12 29.51 -76.35
CA GLN EE 26 -85.11 30.44 -76.82
C GLN EE 26 -84.47 31.06 -75.59
N ASN EE 27 -83.15 30.93 -75.49
CA ASN EE 27 -82.42 31.32 -74.29
C ASN EE 27 -80.96 31.55 -74.64
N GLY EE 28 -80.45 32.71 -74.26
CA GLY EE 28 -79.02 32.99 -74.34
C GLY EE 28 -78.45 32.77 -75.72
N ASN EE 29 -78.94 33.54 -76.69
CA ASN EE 29 -78.57 33.38 -78.09
C ASN EE 29 -78.63 31.91 -78.51
N ASN EE 30 -79.69 31.24 -78.08
CA ASN EE 30 -79.87 29.85 -78.41
C ASN EE 30 -81.34 29.65 -78.73
N VAL EE 31 -81.65 28.83 -79.74
CA VAL EE 31 -83.01 28.66 -80.24
C VAL EE 31 -83.26 27.18 -80.47
N ASP EE 32 -84.36 26.65 -79.90
CA ASP EE 32 -84.68 25.22 -79.95
C ASP EE 32 -86.11 25.02 -80.43
N TYR EE 33 -86.24 24.28 -81.53
CA TYR EE 33 -87.51 23.92 -82.15
C TYR EE 33 -87.77 22.43 -81.98
N VAL EE 34 -89.06 22.07 -81.92
CA VAL EE 34 -89.46 20.66 -81.88
C VAL EE 34 -90.42 20.38 -83.01
N CYS EE 35 -90.37 19.15 -83.53
CA CYS EE 35 -91.20 18.77 -84.66
C CYS EE 35 -92.60 18.43 -84.19
N THR EE 36 -93.60 19.01 -84.86
CA THR EE 36 -95.00 18.88 -84.48
C THR EE 36 -95.72 17.75 -85.20
N ASP EE 37 -95.03 17.05 -86.09
CA ASP EE 37 -95.65 16.02 -86.92
C ASP EE 37 -95.85 14.76 -86.10
N PRO EE 38 -96.62 13.79 -86.64
CA PRO EE 38 -96.80 12.53 -85.90
C PRO EE 38 -95.54 11.70 -85.78
N ASP EE 39 -94.60 11.84 -86.72
CA ASP EE 39 -93.39 11.01 -86.68
C ASP EE 39 -92.45 11.38 -85.53
N SER EE 40 -92.62 12.55 -84.91
CA SER EE 40 -91.85 12.90 -83.72
C SER EE 40 -92.74 12.66 -82.50
N THR EE 41 -92.31 11.74 -81.65
CA THR EE 41 -92.96 11.45 -80.38
C THR EE 41 -92.11 12.01 -79.25
N LEU EE 42 -92.65 11.93 -78.04
CA LEU EE 42 -91.88 12.32 -76.87
C LEU EE 42 -90.64 11.46 -76.73
N SER EE 43 -90.78 10.17 -77.00
CA SER EE 43 -89.67 9.26 -76.76
C SER EE 43 -88.62 9.37 -77.85
N ALA EE 44 -89.07 9.65 -79.08
CA ALA EE 44 -88.20 9.75 -80.25
C ALA EE 44 -88.57 10.99 -81.05
N PRO EE 45 -88.07 12.16 -80.65
CA PRO EE 45 -88.53 13.41 -81.26
C PRO EE 45 -87.67 13.83 -82.45
N GLY EE 46 -88.16 14.85 -83.15
CA GLY EE 46 -87.38 15.59 -84.11
C GLY EE 46 -87.10 16.97 -83.56
N LEU EE 47 -85.85 17.41 -83.67
CA LEU EE 47 -85.41 18.58 -82.94
C LEU EE 47 -84.50 19.45 -83.78
N ILE EE 48 -84.51 20.76 -83.50
CA ILE EE 48 -83.60 21.70 -84.13
C ILE EE 48 -83.00 22.60 -83.06
N ASN EE 49 -81.71 22.90 -83.22
CA ASN EE 49 -80.94 23.73 -82.29
C ASN EE 49 -80.13 24.73 -83.08
N ALA EE 50 -79.98 25.96 -82.56
CA ALA EE 50 -79.19 26.99 -83.23
C ALA EE 50 -78.59 27.96 -82.21
N LYS EE 51 -77.26 28.10 -82.24
CA LYS EE 51 -76.49 28.90 -81.29
C LYS EE 51 -75.66 29.95 -82.02
N PHE EE 52 -75.40 31.06 -81.31
CA PHE EE 52 -74.53 32.13 -81.79
C PHE EE 52 -73.39 32.33 -80.80
N ASP EE 53 -72.16 32.07 -81.25
CA ASP EE 53 -70.95 32.51 -80.54
C ASP EE 53 -70.58 33.86 -81.14
N ILE EE 54 -70.97 34.94 -80.47
CA ILE EE 54 -70.70 36.30 -80.95
C ILE EE 54 -69.51 36.83 -80.17
N LYS EE 55 -68.44 37.09 -80.90
CA LYS EE 55 -67.22 37.63 -80.30
C LYS EE 55 -67.42 39.11 -79.96
N ALA EE 56 -66.62 39.59 -79.01
CA ALA EE 56 -66.57 41.00 -78.63
C ALA EE 56 -66.30 41.86 -79.86
N PRO EE 57 -66.72 43.13 -79.86
CA PRO EE 57 -66.47 43.97 -81.02
C PRO EE 57 -64.99 44.05 -81.33
N GLY EE 58 -64.68 44.16 -82.60
CA GLY EE 58 -63.30 44.15 -83.02
C GLY EE 58 -63.19 43.69 -84.45
N ILE EE 59 -62.00 43.93 -85.01
CA ILE EE 59 -61.74 43.55 -86.39
C ILE EE 59 -61.12 42.16 -86.48
N THR EE 60 -60.75 41.57 -85.35
CA THR EE 60 -60.09 40.27 -85.30
C THR EE 60 -61.05 39.21 -84.77
N GLY EE 61 -60.83 37.98 -85.19
CA GLY EE 61 -61.60 36.85 -84.72
C GLY EE 61 -62.65 36.40 -85.73
N ASN EE 62 -63.30 35.29 -85.39
CA ASN EE 62 -64.41 34.75 -86.16
C ASN EE 62 -65.66 34.68 -85.27
N ASP EE 63 -66.79 35.10 -85.82
CA ASP EE 63 -68.10 34.80 -85.25
C ASP EE 63 -68.53 33.41 -85.69
N ARG EE 64 -69.34 32.75 -84.87
CA ARG EE 64 -69.73 31.38 -85.21
C ARG EE 64 -71.21 31.13 -85.03
N ILE EE 65 -71.77 30.35 -85.96
CA ILE EE 65 -73.15 29.88 -85.93
C ILE EE 65 -73.12 28.38 -85.83
N HIS EE 66 -73.90 27.82 -84.91
CA HIS EE 66 -74.04 26.37 -84.77
C HIS EE 66 -75.49 25.98 -84.99
N ALA EE 67 -75.71 24.89 -85.71
CA ALA EE 67 -77.07 24.44 -85.99
C ALA EE 67 -77.09 22.92 -86.01
N ASN EE 68 -78.14 22.34 -85.46
CA ASN EE 68 -78.26 20.89 -85.39
C ASN EE 68 -79.69 20.49 -85.72
N LEU EE 69 -79.85 19.58 -86.68
CA LEU EE 69 -81.14 19.03 -87.05
C LEU EE 69 -81.11 17.53 -86.77
N ARG EE 70 -81.95 17.08 -85.84
CA ARG EE 70 -81.90 15.74 -85.27
C ARG EE 70 -83.21 15.03 -85.49
N LYS EE 71 -83.13 13.72 -85.69
CA LYS EE 71 -84.28 12.82 -85.58
C LYS EE 71 -83.86 11.62 -84.75
N VAL EE 72 -84.58 11.36 -83.67
CA VAL EE 72 -84.32 10.21 -82.79
C VAL EE 72 -85.16 9.05 -83.28
N VAL EE 73 -84.58 7.85 -83.20
CA VAL EE 73 -85.29 6.63 -83.56
C VAL EE 73 -85.02 5.57 -82.49
N LEU EE 74 -86.05 4.79 -82.18
CA LEU EE 74 -85.97 3.76 -81.17
C LEU EE 74 -85.72 2.40 -81.80
N ASP EE 75 -84.89 1.59 -81.13
CA ASP EE 75 -84.65 0.22 -81.59
C ASP EE 75 -85.92 -0.61 -81.48
N GLU EE 76 -86.13 -1.47 -82.48
CA GLU EE 76 -87.34 -2.28 -82.52
C GLU EE 76 -87.44 -3.17 -81.29
N LYS EE 77 -86.33 -3.80 -80.91
CA LYS EE 77 -86.35 -4.75 -79.80
C LYS EE 77 -86.04 -4.06 -78.48
N THR EE 78 -84.88 -3.39 -78.40
CA THR EE 78 -84.40 -2.86 -77.12
C THR EE 78 -85.04 -1.53 -76.75
N ASN EE 79 -85.69 -0.84 -77.69
CA ASN EE 79 -86.26 0.49 -77.50
C ASN EE 79 -85.22 1.52 -77.05
N LEU EE 80 -83.93 1.19 -77.20
CA LEU EE 80 -82.88 2.16 -76.95
C LEU EE 80 -82.85 3.19 -78.07
N PRO EE 81 -82.70 4.46 -77.74
CA PRO EE 81 -82.73 5.48 -78.79
C PRO EE 81 -81.36 5.71 -79.39
N SER EE 82 -81.28 5.76 -80.71
CA SER EE 82 -80.13 6.33 -81.38
C SER EE 82 -80.62 7.43 -82.30
N THR EE 83 -79.77 8.44 -82.50
CA THR EE 83 -80.20 9.67 -83.15
C THR EE 83 -79.34 9.95 -84.38
N GLY EE 84 -80.01 10.38 -85.46
CA GLY EE 84 -79.35 10.78 -86.69
C GLY EE 84 -79.43 12.28 -86.83
N SER EE 85 -78.35 12.89 -87.34
CA SER EE 85 -78.28 14.35 -87.24
C SER EE 85 -77.42 14.96 -88.33
N VAL EE 86 -77.88 16.10 -88.84
CA VAL EE 86 -77.07 16.97 -89.70
C VAL EE 86 -76.76 18.23 -88.91
N THR EE 87 -75.49 18.50 -88.70
CA THR EE 87 -75.07 19.67 -87.93
C THR EE 87 -74.14 20.56 -88.76
N ILE EE 88 -74.29 21.87 -88.60
CA ILE EE 88 -73.64 22.88 -89.42
C ILE EE 88 -72.92 23.86 -88.50
N GLN EE 89 -71.69 24.20 -88.85
CA GLN EE 89 -70.95 25.29 -88.22
C GLN EE 89 -70.55 26.30 -89.28
N VAL EE 90 -70.97 27.55 -89.10
CA VAL EE 90 -70.61 28.66 -89.96
C VAL EE 90 -69.62 29.54 -89.21
N SER EE 91 -68.47 29.81 -89.82
CA SER EE 91 -67.43 30.64 -89.22
C SER EE 91 -67.21 31.84 -90.12
N ILE EE 92 -67.59 33.03 -89.63
CA ILE EE 92 -67.60 34.29 -90.35
C ILE EE 92 -66.49 35.17 -89.78
N PRO EE 93 -65.42 35.43 -90.55
CA PRO EE 93 -64.37 36.33 -90.06
C PRO EE 93 -64.85 37.77 -89.95
N ARG EE 94 -64.05 38.57 -89.24
CA ARG EE 94 -64.37 39.97 -89.01
C ARG EE 94 -63.49 40.94 -89.79
N ASN EE 95 -62.45 40.46 -90.46
CA ASN EE 95 -61.69 41.31 -91.37
C ASN EE 95 -62.66 41.90 -92.41
N PRO EE 96 -62.66 43.23 -92.60
CA PRO EE 96 -63.61 43.83 -93.56
C PRO EE 96 -63.48 43.29 -94.96
N ALA EE 97 -62.44 42.52 -95.23
CA ALA EE 97 -62.27 41.84 -96.49
C ALA EE 97 -63.19 40.62 -96.64
N TRP EE 98 -64.07 40.38 -95.68
CA TRP EE 98 -65.11 39.36 -95.79
C TRP EE 98 -66.47 40.03 -95.94
N ASN EE 99 -67.40 39.32 -96.57
CA ASN EE 99 -68.74 39.85 -96.82
C ASN EE 99 -69.82 38.85 -96.42
N ALA EE 100 -70.95 39.41 -96.01
CA ALA EE 100 -72.15 38.60 -95.90
C ALA EE 100 -72.43 37.88 -97.22
N SER EE 101 -72.08 38.50 -98.36
CA SER EE 101 -72.25 37.84 -99.64
C SER EE 101 -71.41 36.57 -99.71
N MET EE 102 -70.21 36.60 -99.14
CA MET EE 102 -69.35 35.43 -99.14
C MET EE 102 -69.91 34.36 -98.21
N THR EE 103 -70.43 34.77 -97.05
CA THR EE 103 -71.11 33.83 -96.16
C THR EE 103 -72.26 33.12 -96.90
N VAL EE 104 -73.12 33.91 -97.54
CA VAL EE 104 -74.26 33.35 -98.24
C VAL EE 104 -73.81 32.46 -99.38
N SER EE 105 -72.73 32.83 -100.07
CA SER EE 105 -72.23 32.02 -101.17
C SER EE 105 -71.79 30.65 -100.66
N LEU EE 106 -71.07 30.61 -99.53
CA LEU EE 106 -70.69 29.32 -98.97
C LEU EE 106 -71.92 28.51 -98.56
N LEU EE 107 -72.92 29.17 -97.97
CA LEU EE 107 -74.14 28.45 -97.58
C LEU EE 107 -74.82 27.82 -98.80
N LYS EE 108 -74.96 28.62 -99.87
CA LYS EE 108 -75.62 28.12 -101.07
C LYS EE 108 -74.84 26.98 -101.72
N GLN EE 109 -73.50 27.09 -101.72
CA GLN EE 109 -72.68 26.02 -102.30
C GLN EE 109 -72.79 24.74 -101.49
N ALA EE 110 -72.77 24.85 -100.16
CA ALA EE 110 -72.96 23.68 -99.33
C ALA EE 110 -74.33 23.05 -99.58
N ALA EE 111 -75.37 23.88 -99.70
CA ALA EE 111 -76.69 23.35 -100.01
C ALA EE 111 -76.69 22.61 -101.33
N ASP EE 112 -76.02 23.17 -102.35
CA ASP EE 112 -75.96 22.50 -103.65
C ASP EE 112 -75.22 21.18 -103.54
N TYR EE 113 -74.10 21.16 -102.84
CA TYR EE 113 -73.21 20.00 -102.91
C TYR EE 113 -73.64 18.87 -101.98
N LEU EE 114 -74.23 19.18 -100.83
CA LEU EE 114 -74.64 18.12 -99.91
C LEU EE 114 -76.14 17.85 -99.92
N ALA EE 115 -76.95 18.80 -100.37
CA ALA EE 115 -78.39 18.59 -100.44
C ALA EE 115 -78.94 18.61 -101.86
N GLY EE 116 -78.23 19.18 -102.82
CA GLY EE 116 -78.71 19.25 -104.18
C GLY EE 116 -79.94 20.11 -104.35
N THR EE 117 -79.90 21.35 -103.81
CA THR EE 117 -81.07 22.22 -103.81
C THR EE 117 -80.80 23.60 -104.39
N SER EE 118 -79.63 23.84 -104.98
CA SER EE 118 -79.32 25.15 -105.55
C SER EE 118 -80.36 25.61 -106.57
N ALA EE 119 -80.41 26.92 -106.77
CA ALA EE 119 -81.22 27.52 -107.82
C ALA EE 119 -80.67 27.14 -109.20
N THR EE 120 -81.47 27.36 -110.23
CA THR EE 120 -81.09 26.96 -111.58
C THR EE 120 -80.22 28.02 -112.23
N VAL EE 121 -79.06 27.59 -112.73
CA VAL EE 121 -78.11 28.43 -113.46
C VAL EE 121 -77.56 27.60 -114.61
N SER EE 122 -77.39 28.24 -115.77
CA SER EE 122 -76.84 27.55 -116.94
C SER EE 122 -75.46 27.02 -116.62
N GLY EE 123 -75.25 25.73 -116.92
CA GLY EE 123 -73.97 25.11 -116.70
C GLY EE 123 -73.73 24.56 -115.31
N GLN EE 124 -74.75 24.50 -114.46
CA GLN EE 124 -74.52 24.01 -113.11
C GLN EE 124 -74.45 22.49 -113.17
N THR EE 125 -73.69 21.88 -112.27
CA THR EE 125 -73.67 20.42 -112.25
C THR EE 125 -74.95 19.92 -111.59
N ASP EE 126 -75.45 18.81 -112.10
CA ASP EE 126 -76.68 18.20 -111.60
C ASP EE 126 -76.38 17.54 -110.27
N THR EE 127 -76.90 18.14 -109.19
CA THR EE 127 -76.64 17.68 -107.84
C THR EE 127 -77.84 16.97 -107.24
N SER EE 128 -78.85 16.65 -108.06
CA SER EE 128 -80.08 16.07 -107.55
C SER EE 128 -79.84 14.76 -106.83
N GLY EE 129 -78.95 13.91 -107.36
CA GLY EE 129 -78.68 12.64 -106.76
C GLY EE 129 -77.62 12.64 -105.70
N PHE EE 130 -77.00 13.79 -105.48
CA PHE EE 130 -75.93 13.87 -104.48
C PHE EE 130 -76.40 13.55 -103.07
N PRO EE 131 -77.56 14.03 -102.58
CA PRO EE 131 -77.96 13.62 -101.22
C PRO EE 131 -78.14 12.12 -101.09
N ALA EE 132 -78.66 11.46 -102.12
CA ALA EE 132 -78.75 10.01 -102.10
C ALA EE 132 -77.37 9.39 -102.00
N LYS EE 133 -76.42 9.84 -102.84
CA LYS EE 133 -75.08 9.28 -102.79
C LYS EE 133 -74.42 9.52 -101.43
N TRP EE 134 -74.65 10.68 -100.82
CA TRP EE 134 -74.10 10.94 -99.50
C TRP EE 134 -74.70 9.98 -98.47
N ALA EE 135 -76.02 9.84 -98.48
CA ALA EE 135 -76.68 8.92 -97.54
C ALA EE 135 -76.18 7.51 -97.71
N GLY EE 136 -75.71 7.16 -98.91
CA GLY EE 136 -75.03 5.89 -99.10
C GLY EE 136 -73.55 5.88 -98.80
N LEU EE 137 -73.00 6.97 -98.27
CA LEU EE 137 -71.56 7.11 -98.03
C LEU EE 137 -70.75 6.90 -99.32
N MET EE 138 -71.12 7.67 -100.34
CA MET EE 138 -70.44 7.64 -101.63
C MET EE 138 -70.15 9.06 -102.05
N PHE EE 139 -68.91 9.34 -102.41
CA PHE EE 139 -68.58 10.68 -102.91
C PHE EE 139 -69.27 10.92 -104.24
N PRO EE 140 -69.91 12.07 -104.43
CA PRO EE 140 -70.57 12.45 -105.68
C PRO EE 140 -69.59 12.51 -106.85
N ALA FE 1 -117.35 14.12 -47.65
CA ALA FE 1 -116.92 13.79 -49.00
C ALA FE 1 -117.94 12.95 -49.74
N ALA FE 2 -118.00 13.12 -51.06
CA ALA FE 2 -118.91 12.35 -51.89
C ALA FE 2 -118.53 10.88 -51.88
N PRO FE 3 -119.50 9.96 -51.87
CA PRO FE 3 -119.17 8.53 -51.81
C PRO FE 3 -118.63 8.00 -53.14
N SER FE 4 -118.99 8.62 -54.25
CA SER FE 4 -118.55 8.14 -55.55
C SER FE 4 -118.63 9.27 -56.55
N LEU FE 5 -117.90 9.12 -57.64
CA LEU FE 5 -117.73 10.15 -58.65
C LEU FE 5 -117.73 9.53 -60.03
N ALA FE 6 -118.33 10.24 -60.98
CA ALA FE 6 -118.26 9.88 -62.39
C ALA FE 6 -117.67 11.09 -63.11
N LEU FE 7 -116.35 11.10 -63.28
CA LEU FE 7 -115.66 12.24 -63.87
C LEU FE 7 -115.50 12.01 -65.36
N VAL FE 8 -115.42 13.10 -66.11
CA VAL FE 8 -115.24 12.99 -67.56
C VAL FE 8 -113.76 13.02 -67.89
N GLY FE 9 -113.31 12.04 -68.66
CA GLY FE 9 -111.97 11.98 -69.21
C GLY FE 9 -112.03 11.65 -70.69
N ALA FE 10 -110.95 11.04 -71.19
CA ALA FE 10 -110.83 10.72 -72.61
C ALA FE 10 -110.34 9.30 -72.81
N ASN FE 11 -110.88 8.64 -73.83
CA ASN FE 11 -110.45 7.31 -74.22
C ASN FE 11 -109.27 7.43 -75.20
N SER FE 12 -108.92 6.31 -75.84
CA SER FE 12 -107.83 6.34 -76.81
C SER FE 12 -108.15 7.20 -78.02
N THR FE 13 -109.44 7.36 -78.35
CA THR FE 13 -109.89 8.25 -79.43
C THR FE 13 -109.92 9.71 -78.99
N LEU FE 14 -109.74 9.99 -77.70
CA LEU FE 14 -109.93 11.29 -77.07
C LEU FE 14 -111.39 11.72 -77.06
N ALA FE 15 -112.32 10.78 -77.23
CA ALA FE 15 -113.73 11.06 -77.03
C ALA FE 15 -114.04 11.09 -75.54
N SER FE 16 -115.01 11.93 -75.18
CA SER FE 16 -115.36 12.11 -73.77
C SER FE 16 -115.95 10.82 -73.20
N THR FE 17 -115.31 10.28 -72.17
CA THR FE 17 -115.67 9.00 -71.58
C THR FE 17 -115.79 9.16 -70.06
N LEU FE 18 -116.73 8.47 -69.46
CA LEU FE 18 -116.79 8.49 -68.00
C LEU FE 18 -115.69 7.63 -67.40
N VAL FE 19 -115.22 8.08 -66.24
CA VAL FE 19 -114.28 7.34 -65.42
C VAL FE 19 -114.79 7.38 -63.99
N ASN FE 20 -114.96 6.21 -63.40
CA ASN FE 20 -115.71 6.05 -62.16
C ASN FE 20 -114.76 5.86 -60.99
N TYR FE 21 -114.90 6.72 -59.99
CA TYR FE 21 -114.16 6.61 -58.75
C TYR FE 21 -115.13 6.35 -57.60
N SER FE 22 -114.63 5.67 -56.57
CA SER FE 22 -115.40 5.47 -55.35
C SER FE 22 -114.50 5.76 -54.16
N LEU FE 23 -115.13 6.22 -53.07
CA LEU FE 23 -114.38 6.68 -51.91
C LEU FE 23 -113.72 5.49 -51.21
N ARG FE 24 -112.39 5.44 -51.28
CA ARG FE 24 -111.64 4.49 -50.47
C ARG FE 24 -111.67 4.89 -49.00
N SER FE 25 -111.16 6.09 -48.68
CA SER FE 25 -111.12 6.45 -47.27
C SER FE 25 -111.08 7.96 -47.10
N GLN FE 26 -111.76 8.43 -46.05
CA GLN FE 26 -111.64 9.82 -45.62
C GLN FE 26 -110.88 9.85 -44.31
N ASN FE 27 -109.72 10.47 -44.34
CA ASN FE 27 -109.00 10.91 -43.16
C ASN FE 27 -109.39 12.38 -42.90
N GLY FE 28 -109.00 12.89 -41.73
CA GLY FE 28 -109.35 14.26 -41.42
C GLY FE 28 -108.77 15.27 -42.38
N ASN FE 29 -109.63 15.95 -43.13
CA ASN FE 29 -109.21 16.88 -44.20
C ASN FE 29 -108.37 16.16 -45.25
N ASN FE 30 -108.69 14.90 -45.51
CA ASN FE 30 -107.97 14.15 -46.52
C ASN FE 30 -108.90 13.09 -47.11
N VAL FE 31 -108.88 12.93 -48.42
CA VAL FE 31 -109.81 12.04 -49.10
C VAL FE 31 -109.05 11.25 -50.16
N ASP FE 32 -109.32 9.94 -50.21
CA ASP FE 32 -108.71 9.02 -51.17
C ASP FE 32 -109.80 8.27 -51.91
N TYR FE 33 -109.84 8.45 -53.24
CA TYR FE 33 -110.74 7.77 -54.15
C TYR FE 33 -109.95 6.79 -55.03
N VAL FE 34 -110.64 5.74 -55.47
CA VAL FE 34 -110.06 4.69 -56.31
C VAL FE 34 -110.95 4.48 -57.53
N CYS FE 35 -110.34 4.21 -58.67
CA CYS FE 35 -111.09 3.99 -59.89
C CYS FE 35 -111.70 2.58 -59.88
N THR FE 36 -113.00 2.49 -60.18
CA THR FE 36 -113.74 1.24 -60.15
C THR FE 36 -113.96 0.64 -61.52
N ASP FE 37 -113.31 1.18 -62.55
CA ASP FE 37 -113.43 0.63 -63.89
C ASP FE 37 -112.54 -0.59 -64.03
N PRO FE 38 -112.71 -1.36 -65.10
CA PRO FE 38 -111.72 -2.41 -65.40
C PRO FE 38 -110.34 -1.86 -65.75
N ASP FE 39 -110.23 -0.57 -66.09
CA ASP FE 39 -108.94 0.04 -66.40
C ASP FE 39 -107.97 -0.05 -65.23
N SER FE 40 -108.46 0.22 -64.02
CA SER FE 40 -107.63 0.15 -62.83
C SER FE 40 -107.82 -1.20 -62.15
N THR FE 41 -106.70 -1.74 -61.69
CA THR FE 41 -106.65 -2.90 -60.81
C THR FE 41 -105.81 -2.51 -59.61
N LEU FE 42 -105.81 -3.37 -58.59
CA LEU FE 42 -104.95 -3.08 -57.44
C LEU FE 42 -103.49 -2.98 -57.85
N SER FE 43 -103.08 -3.78 -58.85
CA SER FE 43 -101.69 -3.76 -59.28
C SER FE 43 -101.33 -2.46 -59.98
N ALA FE 44 -102.25 -1.94 -60.80
CA ALA FE 44 -102.04 -0.69 -61.54
C ALA FE 44 -103.28 0.18 -61.42
N PRO FE 45 -103.44 0.90 -60.32
CA PRO FE 45 -104.70 1.59 -60.04
C PRO FE 45 -104.77 2.99 -60.62
N GLY FE 46 -106.00 3.51 -60.65
CA GLY FE 46 -106.25 4.91 -60.85
C GLY FE 46 -106.73 5.50 -59.53
N LEU FE 47 -106.15 6.64 -59.16
CA LEU FE 47 -106.30 7.13 -57.80
C LEU FE 47 -106.52 8.63 -57.77
N ILE FE 48 -107.21 9.10 -56.74
CA ILE FE 48 -107.38 10.53 -56.49
C ILE FE 48 -107.14 10.79 -55.01
N ASN FE 49 -106.47 11.89 -54.71
CA ASN FE 49 -106.15 12.31 -53.35
C ASN FE 49 -106.42 13.81 -53.23
N ALA FE 50 -107.05 14.21 -52.13
CA ALA FE 50 -107.36 15.62 -51.88
C ALA FE 50 -107.11 15.97 -50.41
N LYS FE 51 -106.33 17.02 -50.18
CA LYS FE 51 -105.86 17.41 -48.85
C LYS FE 51 -106.11 18.90 -48.62
N PHE FE 52 -106.25 19.26 -47.34
CA PHE FE 52 -106.49 20.64 -46.92
C PHE FE 52 -105.45 21.03 -45.88
N ASP FE 53 -104.55 21.93 -46.25
CA ASP FE 53 -103.62 22.57 -45.32
C ASP FE 53 -104.29 23.86 -44.84
N ILE FE 54 -104.97 23.76 -43.70
CA ILE FE 54 -105.70 24.88 -43.12
C ILE FE 54 -104.92 25.37 -41.90
N LYS FE 55 -104.49 26.62 -41.95
CA LYS FE 55 -103.72 27.18 -40.86
C LYS FE 55 -104.63 27.52 -39.69
N ALA FE 56 -104.02 27.70 -38.51
CA ALA FE 56 -104.77 28.06 -37.32
C ALA FE 56 -105.59 29.32 -37.57
N PRO FE 57 -106.77 29.45 -36.95
CA PRO FE 57 -107.61 30.62 -37.24
C PRO FE 57 -107.00 31.95 -36.85
N GLY FE 58 -106.18 31.98 -35.79
CA GLY FE 58 -105.51 33.22 -35.43
C GLY FE 58 -104.45 33.63 -36.45
N ILE FE 59 -103.69 32.66 -36.97
CA ILE FE 59 -102.56 32.93 -37.85
C ILE FE 59 -103.08 33.35 -39.22
N THR FE 60 -102.45 34.38 -39.80
CA THR FE 60 -102.64 34.73 -41.20
C THR FE 60 -101.60 34.03 -42.06
N GLY FE 61 -102.05 33.44 -43.15
CA GLY FE 61 -101.17 32.83 -44.12
C GLY FE 61 -102.00 32.57 -45.36
N ASN FE 62 -101.62 31.52 -46.08
CA ASN FE 62 -102.43 31.00 -47.18
C ASN FE 62 -102.97 29.64 -46.77
N ASP FE 63 -104.27 29.43 -46.96
CA ASP FE 63 -104.83 28.10 -46.91
C ASP FE 63 -104.53 27.38 -48.22
N ARG FE 64 -104.36 26.06 -48.16
CA ARG FE 64 -103.91 25.33 -49.34
C ARG FE 64 -104.77 24.09 -49.59
N ILE FE 65 -104.98 23.80 -50.86
CA ILE FE 65 -105.66 22.59 -51.32
C ILE FE 65 -104.67 21.81 -52.18
N HIS FE 66 -104.52 20.52 -51.90
CA HIS FE 66 -103.63 19.65 -52.68
C HIS FE 66 -104.46 18.54 -53.30
N ALA FE 67 -104.48 18.48 -54.63
CA ALA FE 67 -105.19 17.44 -55.34
C ALA FE 67 -104.22 16.67 -56.23
N ASN FE 68 -104.47 15.37 -56.38
CA ASN FE 68 -103.60 14.50 -57.16
C ASN FE 68 -104.45 13.45 -57.86
N LEU FE 69 -104.35 13.38 -59.18
CA LEU FE 69 -105.05 12.39 -59.99
C LEU FE 69 -104.00 11.55 -60.71
N ARG FE 70 -103.96 10.26 -60.41
CA ARG FE 70 -102.90 9.36 -60.84
C ARG FE 70 -103.49 8.20 -61.65
N LYS FE 71 -102.68 7.71 -62.58
CA LYS FE 71 -102.94 6.42 -63.24
C LYS FE 71 -101.61 5.68 -63.31
N VAL FE 72 -101.57 4.48 -62.72
CA VAL FE 72 -100.38 3.63 -62.75
C VAL FE 72 -100.49 2.73 -63.97
N VAL FE 73 -99.35 2.49 -64.62
CA VAL FE 73 -99.29 1.60 -65.76
C VAL FE 73 -98.11 0.65 -65.58
N LEU FE 74 -98.27 -0.57 -66.06
CA LEU FE 74 -97.24 -1.60 -65.97
C LEU FE 74 -96.52 -1.75 -67.29
N ASP FE 75 -95.20 -1.91 -67.23
CA ASP FE 75 -94.42 -2.18 -68.43
C ASP FE 75 -94.78 -3.56 -68.97
N GLU FE 76 -94.97 -3.63 -70.30
CA GLU FE 76 -95.26 -4.93 -70.91
C GLU FE 76 -94.16 -5.93 -70.63
N LYS FE 77 -92.90 -5.52 -70.80
CA LYS FE 77 -91.80 -6.47 -70.66
C LYS FE 77 -91.45 -6.75 -69.20
N THR FE 78 -91.36 -5.73 -68.35
CA THR FE 78 -90.86 -5.93 -66.99
C THR FE 78 -91.94 -5.92 -65.91
N ASN FE 79 -93.18 -5.56 -66.24
CA ASN FE 79 -94.28 -5.38 -65.29
C ASN FE 79 -93.92 -4.40 -64.17
N LEU FE 80 -92.86 -3.61 -64.35
CA LEU FE 80 -92.53 -2.56 -63.41
C LEU FE 80 -93.52 -1.40 -63.56
N PRO FE 81 -93.97 -0.84 -62.46
CA PRO FE 81 -94.99 0.21 -62.55
C PRO FE 81 -94.37 1.59 -62.67
N SER FE 82 -94.84 2.37 -63.64
CA SER FE 82 -94.57 3.79 -63.62
C SER FE 82 -95.92 4.52 -63.71
N THR FE 83 -95.98 5.69 -63.11
CA THR FE 83 -97.24 6.37 -62.90
C THR FE 83 -97.25 7.73 -63.58
N GLY FE 84 -98.42 8.11 -64.07
CA GLY FE 84 -98.63 9.42 -64.66
C GLY FE 84 -99.67 10.19 -63.86
N SER FE 85 -99.43 11.48 -63.67
CA SER FE 85 -100.25 12.19 -62.68
C SER FE 85 -100.43 13.66 -63.03
N VAL FE 86 -101.58 14.20 -62.63
CA VAL FE 86 -101.84 15.63 -62.61
C VAL FE 86 -102.07 16.06 -61.17
N THR FE 87 -101.23 16.96 -60.68
CA THR FE 87 -101.35 17.49 -59.34
C THR FE 87 -101.66 18.98 -59.38
N ILE FE 88 -102.44 19.43 -58.40
CA ILE FE 88 -102.98 20.77 -58.35
C ILE FE 88 -102.81 21.31 -56.95
N GLN FE 89 -102.33 22.54 -56.83
CA GLN FE 89 -102.20 23.18 -55.54
C GLN FE 89 -102.90 24.54 -55.63
N VAL FE 90 -103.89 24.74 -54.77
CA VAL FE 90 -104.65 25.98 -54.71
C VAL FE 90 -104.21 26.70 -53.43
N SER FE 91 -103.69 27.91 -53.57
CA SER FE 91 -103.25 28.72 -52.44
C SER FE 91 -104.16 29.94 -52.36
N ILE FE 92 -104.99 29.98 -51.32
CA ILE FE 92 -106.02 30.98 -51.09
C ILE FE 92 -105.57 31.85 -49.94
N PRO FE 93 -105.40 33.16 -50.13
CA PRO FE 93 -105.00 34.04 -49.03
C PRO FE 93 -106.14 34.36 -48.08
N ARG FE 94 -105.78 34.59 -46.82
CA ARG FE 94 -106.73 34.87 -45.74
C ARG FE 94 -107.05 36.36 -45.59
N ASN FE 95 -106.87 37.15 -46.63
CA ASN FE 95 -107.19 38.57 -46.63
C ASN FE 95 -108.59 38.77 -47.23
N PRO FE 96 -109.49 39.50 -46.55
CA PRO FE 96 -110.83 39.72 -47.13
C PRO FE 96 -110.82 40.34 -48.50
N ALA FE 97 -109.68 40.90 -48.93
CA ALA FE 97 -109.57 41.42 -50.29
C ALA FE 97 -109.58 40.30 -51.34
N TRP FE 98 -109.52 39.05 -50.91
CA TRP FE 98 -109.66 37.89 -51.78
C TRP FE 98 -110.98 37.20 -51.46
N ASN FE 99 -111.58 36.56 -52.46
CA ASN FE 99 -112.83 35.87 -52.21
C ASN FE 99 -112.98 34.64 -53.09
N ALA FE 100 -114.05 33.90 -52.81
CA ALA FE 100 -114.27 32.63 -53.47
C ALA FE 100 -114.48 32.83 -54.98
N SER FE 101 -115.03 33.97 -55.38
CA SER FE 101 -115.19 34.22 -56.81
C SER FE 101 -113.83 34.24 -57.50
N MET FE 102 -112.81 34.77 -56.82
CA MET FE 102 -111.47 34.81 -57.39
C MET FE 102 -110.84 33.42 -57.39
N THR FE 103 -111.04 32.65 -56.30
CA THR FE 103 -110.58 31.27 -56.30
C THR FE 103 -111.17 30.50 -57.49
N VAL FE 104 -112.48 30.60 -57.68
CA VAL FE 104 -113.14 29.90 -58.76
C VAL FE 104 -112.66 30.41 -60.11
N SER FE 105 -112.40 31.72 -60.22
CA SER FE 105 -111.93 32.27 -61.49
C SER FE 105 -110.60 31.66 -61.86
N LEU FE 106 -109.67 31.54 -60.90
CA LEU FE 106 -108.40 30.89 -61.20
C LEU FE 106 -108.61 29.45 -61.60
N LEU FE 107 -109.49 28.72 -60.90
CA LEU FE 107 -109.75 27.34 -61.28
C LEU FE 107 -110.26 27.23 -62.71
N LYS FE 108 -111.23 28.08 -63.07
CA LYS FE 108 -111.82 28.04 -64.40
C LYS FE 108 -110.79 28.37 -65.47
N GLN FE 109 -109.92 29.35 -65.19
CA GLN FE 109 -108.92 29.73 -66.19
C GLN FE 109 -107.90 28.62 -66.37
N ALA FE 110 -107.48 27.98 -65.29
CA ALA FE 110 -106.57 26.85 -65.41
C ALA FE 110 -107.21 25.72 -66.21
N ALA FE 111 -108.50 25.46 -65.96
CA ALA FE 111 -109.22 24.44 -66.72
C ALA FE 111 -109.22 24.78 -68.21
N ASP FE 112 -109.57 26.02 -68.54
CA ASP FE 112 -109.58 26.44 -69.94
C ASP FE 112 -108.19 26.27 -70.57
N TYR FE 113 -107.14 26.68 -69.88
CA TYR FE 113 -105.84 26.77 -70.52
C TYR FE 113 -105.11 25.44 -70.59
N LEU FE 114 -105.35 24.51 -69.65
CA LEU FE 114 -104.65 23.24 -69.69
C LEU FE 114 -105.51 22.06 -70.10
N ALA FE 115 -106.84 22.14 -69.94
CA ALA FE 115 -107.71 21.08 -70.38
C ALA FE 115 -108.63 21.48 -71.51
N GLY FE 116 -108.81 22.78 -71.76
CA GLY FE 116 -109.66 23.26 -72.83
C GLY FE 116 -111.11 22.89 -72.61
N THR FE 117 -111.65 23.22 -71.42
CA THR FE 117 -113.01 22.84 -71.07
C THR FE 117 -113.87 24.00 -70.58
N SER FE 118 -113.42 25.24 -70.74
CA SER FE 118 -114.21 26.40 -70.34
C SER FE 118 -115.60 26.40 -70.97
N ALA FE 119 -116.51 27.14 -70.34
CA ALA FE 119 -117.83 27.41 -70.89
C ALA FE 119 -117.73 28.33 -72.10
N THR FE 120 -118.74 28.25 -72.98
CA THR FE 120 -118.72 29.04 -74.19
C THR FE 120 -118.96 30.51 -73.85
N VAL FE 121 -118.04 31.37 -74.29
CA VAL FE 121 -118.09 32.82 -74.07
C VAL FE 121 -117.49 33.48 -75.31
N SER FE 122 -118.20 34.45 -75.86
CA SER FE 122 -117.77 35.01 -77.14
C SER FE 122 -116.43 35.70 -76.99
N GLY FE 123 -115.53 35.45 -77.94
CA GLY FE 123 -114.20 36.01 -77.91
C GLY FE 123 -113.17 35.16 -77.21
N GLN FE 124 -113.55 34.02 -76.63
CA GLN FE 124 -112.60 33.11 -76.02
C GLN FE 124 -111.71 32.48 -77.08
N THR FE 125 -110.46 32.27 -76.72
CA THR FE 125 -109.59 31.51 -77.61
C THR FE 125 -110.01 30.04 -77.62
N ASP FE 126 -109.85 29.41 -78.78
CA ASP FE 126 -110.23 28.01 -78.96
C ASP FE 126 -109.17 27.15 -78.29
N THR FE 127 -109.48 26.72 -77.08
CA THR FE 127 -108.55 25.95 -76.26
C THR FE 127 -108.72 24.45 -76.42
N SER FE 128 -109.55 24.02 -77.38
CA SER FE 128 -109.88 22.61 -77.50
C SER FE 128 -108.65 21.74 -77.76
N GLY FE 129 -107.70 22.24 -78.55
CA GLY FE 129 -106.52 21.46 -78.87
C GLY FE 129 -105.38 21.60 -77.90
N PHE FE 130 -105.54 22.49 -76.92
CA PHE FE 130 -104.47 22.72 -75.96
C PHE FE 130 -104.09 21.47 -75.17
N PRO FE 131 -105.02 20.65 -74.66
CA PRO FE 131 -104.57 19.44 -73.95
C PRO FE 131 -103.73 18.52 -74.83
N ALA FE 132 -104.09 18.39 -76.11
CA ALA FE 132 -103.25 17.63 -77.03
C ALA FE 132 -101.86 18.23 -77.13
N LYS FE 133 -101.77 19.55 -77.32
CA LYS FE 133 -100.46 20.18 -77.41
C LYS FE 133 -99.64 19.99 -76.14
N TRP FE 134 -100.29 20.12 -74.97
CA TRP FE 134 -99.58 19.92 -73.72
C TRP FE 134 -99.05 18.50 -73.62
N ALA FE 135 -99.90 17.51 -73.92
CA ALA FE 135 -99.47 16.12 -73.89
C ALA FE 135 -98.36 15.85 -74.89
N GLY FE 136 -98.16 16.73 -75.87
CA GLY FE 136 -97.01 16.65 -76.73
C GLY FE 136 -95.80 17.46 -76.28
N LEU FE 137 -95.84 18.07 -75.09
CA LEU FE 137 -94.83 19.01 -74.62
C LEU FE 137 -94.62 20.15 -75.62
N MET FE 138 -95.73 20.79 -76.00
CA MET FE 138 -95.74 21.93 -76.91
C MET FE 138 -96.56 23.04 -76.28
N PHE FE 139 -96.02 24.25 -76.27
CA PHE FE 139 -96.81 25.36 -75.77
C PHE FE 139 -97.93 25.68 -76.74
N PRO FE 140 -99.16 25.90 -76.26
CA PRO FE 140 -100.29 26.27 -77.11
C PRO FE 140 -100.01 27.56 -77.88
N ALA GE 1 -121.23 11.31 -37.41
CA ALA GE 1 -121.53 12.67 -36.97
C ALA GE 1 -122.56 13.33 -37.88
N ALA GE 2 -123.31 14.29 -37.35
CA ALA GE 2 -124.33 14.98 -38.12
C ALA GE 2 -123.67 15.76 -39.26
N PRO GE 3 -124.17 15.66 -40.50
CA PRO GE 3 -123.54 16.38 -41.61
C PRO GE 3 -123.71 17.87 -41.55
N SER GE 4 -124.71 18.37 -40.83
CA SER GE 4 -124.91 19.81 -40.72
C SER GE 4 -125.69 20.11 -39.46
N LEU GE 5 -125.57 21.36 -39.00
CA LEU GE 5 -126.14 21.80 -37.74
C LEU GE 5 -126.73 23.19 -37.89
N ALA GE 6 -127.84 23.43 -37.21
CA ALA GE 6 -128.45 24.76 -37.13
C ALA GE 6 -128.56 25.09 -35.65
N LEU GE 7 -127.56 25.77 -35.11
CA LEU GE 7 -127.49 26.05 -33.68
C LEU GE 7 -128.06 27.44 -33.40
N VAL GE 8 -128.52 27.65 -32.17
CA VAL GE 8 -129.08 28.94 -31.78
C VAL GE 8 -127.99 29.78 -31.13
N GLY GE 9 -127.82 31.00 -31.62
CA GLY GE 9 -126.95 31.98 -31.01
C GLY GE 9 -127.66 33.30 -30.90
N ALA GE 10 -126.92 34.41 -30.82
CA ALA GE 10 -127.51 35.72 -30.64
C ALA GE 10 -127.01 36.68 -31.69
N ASN GE 11 -127.92 37.51 -32.21
CA ASN GE 11 -127.57 38.55 -33.16
C ASN GE 11 -126.99 39.75 -32.41
N SER GE 12 -126.80 40.87 -33.11
CA SER GE 12 -126.27 42.06 -32.45
C SER GE 12 -127.19 42.57 -31.35
N THR GE 13 -128.47 42.21 -31.38
CA THR GE 13 -129.44 42.63 -30.38
C THR GE 13 -129.66 41.59 -29.31
N LEU GE 14 -128.95 40.46 -29.39
CA LEU GE 14 -129.08 39.33 -28.47
C LEU GE 14 -130.38 38.55 -28.68
N ALA GE 15 -131.04 38.74 -29.82
CA ALA GE 15 -132.19 37.91 -30.17
C ALA GE 15 -131.72 36.55 -30.67
N SER GE 16 -132.50 35.52 -30.37
CA SER GE 16 -132.13 34.19 -30.80
C SER GE 16 -132.13 34.09 -32.32
N THR GE 17 -131.00 33.69 -32.88
CA THR GE 17 -130.80 33.63 -34.32
C THR GE 17 -130.10 32.32 -34.68
N LEU GE 18 -130.49 31.71 -35.80
CA LEU GE 18 -129.80 30.50 -36.22
C LEU GE 18 -128.40 30.83 -36.75
N VAL GE 19 -127.50 29.86 -36.54
CA VAL GE 19 -126.15 29.89 -37.04
C VAL GE 19 -125.86 28.52 -37.63
N ASN GE 20 -125.50 28.48 -38.90
CA ASN GE 20 -125.48 27.25 -39.68
C ASN GE 20 -124.06 26.75 -39.85
N TYR GE 21 -123.83 25.51 -39.42
CA TYR GE 21 -122.55 24.85 -39.58
C TYR GE 21 -122.71 23.63 -40.47
N SER GE 22 -121.64 23.29 -41.16
CA SER GE 22 -121.58 22.08 -41.98
C SER GE 22 -120.31 21.31 -41.66
N LEU GE 23 -120.41 20.00 -41.74
CA LEU GE 23 -119.31 19.11 -41.36
C LEU GE 23 -118.22 19.13 -42.42
N ARG GE 24 -117.03 19.62 -42.04
CA ARG GE 24 -115.92 19.69 -42.99
C ARG GE 24 -115.24 18.34 -43.14
N SER GE 25 -114.87 17.70 -42.03
CA SER GE 25 -114.22 16.39 -42.08
C SER GE 25 -114.36 15.71 -40.72
N GLN GE 26 -113.90 14.46 -40.66
CA GLN GE 26 -113.86 13.69 -39.42
C GLN GE 26 -112.56 12.90 -39.37
N ASN GE 27 -111.72 13.20 -38.38
CA ASN GE 27 -110.44 12.56 -38.11
C ASN GE 27 -110.60 11.59 -36.94
N GLY GE 28 -109.48 11.09 -36.43
CA GLY GE 28 -109.47 10.23 -35.27
C GLY GE 28 -110.08 10.89 -34.07
N ASN GE 29 -111.26 10.40 -33.68
CA ASN GE 29 -111.95 10.82 -32.47
C ASN GE 29 -112.17 12.33 -32.44
N ASN GE 30 -112.49 12.92 -33.59
CA ASN GE 30 -112.77 14.35 -33.61
C ASN GE 30 -113.68 14.68 -34.79
N VAL GE 31 -114.18 15.91 -34.79
CA VAL GE 31 -115.16 16.40 -35.74
C VAL GE 31 -114.92 17.88 -35.94
N ASP GE 32 -114.95 18.32 -37.20
CA ASP GE 32 -114.67 19.71 -37.58
C ASP GE 32 -115.84 20.28 -38.38
N TYR GE 33 -116.47 21.32 -37.84
CA TYR GE 33 -117.58 22.01 -38.49
C TYR GE 33 -117.17 23.44 -38.83
N VAL GE 34 -117.75 23.95 -39.93
CA VAL GE 34 -117.49 25.29 -40.43
C VAL GE 34 -118.80 26.03 -40.61
N CYS GE 35 -118.82 27.32 -40.31
CA CYS GE 35 -120.03 28.12 -40.46
C CYS GE 35 -120.24 28.45 -41.92
N THR GE 36 -121.48 28.25 -42.39
CA THR GE 36 -121.85 28.44 -43.79
C THR GE 36 -122.65 29.70 -44.03
N ASP GE 37 -122.79 30.56 -43.03
CA ASP GE 37 -123.50 31.80 -43.17
C ASP GE 37 -122.66 32.77 -44.01
N PRO GE 38 -123.26 33.87 -44.48
CA PRO GE 38 -122.47 34.85 -45.23
C PRO GE 38 -121.41 35.57 -44.39
N ASP GE 39 -121.65 35.75 -43.09
CA ASP GE 39 -120.72 36.53 -42.27
C ASP GE 39 -119.40 35.81 -42.00
N SER GE 40 -119.34 34.49 -42.21
CA SER GE 40 -118.09 33.75 -42.05
C SER GE 40 -117.46 33.49 -43.42
N THR GE 41 -116.19 33.81 -43.53
CA THR GE 41 -115.39 33.61 -44.72
C THR GE 41 -114.05 33.02 -44.28
N LEU GE 42 -113.23 32.60 -45.25
CA LEU GE 42 -111.93 32.04 -44.87
C LEU GE 42 -111.07 33.05 -44.14
N SER GE 43 -111.26 34.34 -44.42
CA SER GE 43 -110.51 35.38 -43.73
C SER GE 43 -110.91 35.44 -42.25
N ALA GE 44 -112.20 35.27 -41.95
CA ALA GE 44 -112.70 35.34 -40.58
C ALA GE 44 -113.81 34.33 -40.39
N PRO GE 45 -113.46 33.06 -40.18
CA PRO GE 45 -114.46 31.99 -40.16
C PRO GE 45 -115.07 31.78 -38.78
N GLY GE 46 -116.16 31.01 -38.76
CA GLY GE 46 -116.70 30.44 -37.55
C GLY GE 46 -116.50 28.93 -37.58
N LEU GE 47 -116.04 28.39 -36.45
CA LEU GE 47 -115.58 27.00 -36.43
C LEU GE 47 -116.08 26.30 -35.17
N ILE GE 48 -116.31 25.00 -35.29
CA ILE GE 48 -116.60 24.15 -34.13
C ILE GE 48 -115.78 22.87 -34.24
N ASN GE 49 -115.22 22.43 -33.12
CA ASN GE 49 -114.31 21.28 -33.10
C ASN GE 49 -114.60 20.44 -31.87
N ALA GE 50 -114.64 19.12 -32.05
CA ALA GE 50 -114.92 18.22 -30.94
C ALA GE 50 -113.99 17.02 -30.99
N LYS GE 51 -113.55 16.56 -29.83
CA LYS GE 51 -112.59 15.47 -29.73
C LYS GE 51 -112.88 14.61 -28.50
N PHE GE 52 -112.64 13.31 -28.62
CA PHE GE 52 -112.74 12.39 -27.49
C PHE GE 52 -111.36 11.87 -27.11
N ASP GE 53 -111.02 11.96 -25.83
CA ASP GE 53 -109.89 11.25 -25.24
C ASP GE 53 -110.50 10.08 -24.49
N ILE GE 54 -110.40 8.88 -25.07
CA ILE GE 54 -111.08 7.70 -24.56
C ILE GE 54 -110.05 6.77 -23.94
N LYS GE 55 -110.21 6.49 -22.66
CA LYS GE 55 -109.26 5.64 -21.97
C LYS GE 55 -109.64 4.17 -22.18
N ALA GE 56 -108.69 3.29 -21.87
CA ALA GE 56 -108.84 1.87 -22.13
C ALA GE 56 -110.05 1.30 -21.39
N PRO GE 57 -110.56 0.15 -21.85
CA PRO GE 57 -111.71 -0.46 -21.15
C PRO GE 57 -111.35 -0.77 -19.70
N GLY GE 58 -112.35 -0.63 -18.83
CA GLY GE 58 -112.19 -0.80 -17.41
C GLY GE 58 -112.99 0.26 -16.69
N ILE GE 59 -112.85 0.30 -15.37
CA ILE GE 59 -113.54 1.30 -14.58
C ILE GE 59 -112.58 2.28 -13.92
N THR GE 60 -111.30 2.27 -14.34
CA THR GE 60 -110.28 3.02 -13.62
C THR GE 60 -110.22 4.49 -14.05
N GLY GE 61 -110.38 4.77 -15.35
CA GLY GE 61 -109.97 6.04 -15.89
C GLY GE 61 -110.99 7.15 -15.81
N ASN GE 62 -110.69 8.22 -16.56
CA ASN GE 62 -111.55 9.37 -16.79
C ASN GE 62 -111.56 9.67 -18.29
N ASP GE 63 -112.70 9.45 -18.94
CA ASP GE 63 -112.88 9.83 -20.34
C ASP GE 63 -113.02 11.35 -20.43
N ARG GE 64 -112.64 11.92 -21.59
CA ARG GE 64 -112.71 13.37 -21.75
C ARG GE 64 -113.29 13.75 -23.11
N ILE GE 65 -114.08 14.83 -23.11
CA ILE GE 65 -114.64 15.45 -24.30
C ILE GE 65 -114.09 16.86 -24.39
N HIS GE 66 -113.61 17.25 -25.56
CA HIS GE 66 -113.10 18.59 -25.82
C HIS GE 66 -113.91 19.22 -26.93
N ALA GE 67 -114.61 20.31 -26.63
CA ALA GE 67 -115.33 21.07 -27.63
C ALA GE 67 -114.75 22.48 -27.70
N ASN GE 68 -114.86 23.08 -28.87
CA ASN GE 68 -114.29 24.40 -29.08
C ASN GE 68 -115.10 25.12 -30.13
N LEU GE 69 -115.71 26.25 -29.76
CA LEU GE 69 -116.52 27.06 -30.66
C LEU GE 69 -115.82 28.40 -30.82
N ARG GE 70 -115.37 28.70 -32.03
CA ARG GE 70 -114.57 29.89 -32.29
C ARG GE 70 -115.23 30.76 -33.36
N LYS GE 71 -114.95 32.06 -33.28
CA LYS GE 71 -115.27 33.02 -34.32
C LYS GE 71 -114.12 34.00 -34.47
N VAL GE 72 -113.65 34.19 -35.68
CA VAL GE 72 -112.56 35.12 -35.97
C VAL GE 72 -113.17 36.44 -36.41
N VAL GE 73 -112.54 37.55 -36.03
CA VAL GE 73 -112.98 38.87 -36.40
C VAL GE 73 -111.77 39.67 -36.86
N LEU GE 74 -112.00 40.60 -37.78
CA LEU GE 74 -110.95 41.44 -38.35
C LEU GE 74 -111.10 42.88 -37.84
N ASP GE 75 -109.96 43.48 -37.51
CA ASP GE 75 -109.94 44.88 -37.06
C ASP GE 75 -110.41 45.81 -38.17
N GLU GE 76 -111.30 46.74 -37.83
CA GLU GE 76 -111.77 47.71 -38.84
C GLU GE 76 -110.64 48.57 -39.37
N LYS GE 77 -109.59 48.75 -38.58
CA LYS GE 77 -108.51 49.64 -38.98
C LYS GE 77 -107.41 48.90 -39.74
N THR GE 78 -107.12 47.66 -39.36
CA THR GE 78 -105.97 46.95 -39.88
C THR GE 78 -106.28 45.58 -40.50
N ASN GE 79 -107.53 45.13 -40.47
CA ASN GE 79 -107.89 43.77 -40.89
C ASN GE 79 -107.06 42.71 -40.16
N LEU GE 80 -106.59 43.03 -38.97
CA LEU GE 80 -105.85 41.98 -38.26
C LEU GE 80 -106.81 41.07 -37.51
N PRO GE 81 -106.57 39.77 -37.60
CA PRO GE 81 -107.52 38.81 -37.01
C PRO GE 81 -107.26 38.63 -35.52
N SER GE 82 -108.34 38.62 -34.75
CA SER GE 82 -108.31 38.07 -33.41
C SER GE 82 -109.54 37.18 -33.24
N THR GE 83 -109.43 36.16 -32.40
CA THR GE 83 -110.46 35.15 -32.30
C THR GE 83 -111.10 35.18 -30.92
N GLY GE 84 -112.41 34.97 -30.89
CA GLY GE 84 -113.15 34.74 -29.66
C GLY GE 84 -113.54 33.27 -29.62
N SER GE 85 -113.54 32.70 -28.41
CA SER GE 85 -113.78 31.27 -28.34
C SER GE 85 -114.41 30.87 -27.02
N VAL GE 86 -115.24 29.83 -27.08
CA VAL GE 86 -115.75 29.13 -25.91
C VAL GE 86 -115.30 27.68 -26.03
N THR GE 87 -114.46 27.24 -25.12
CA THR GE 87 -113.98 25.88 -25.08
C THR GE 87 -114.59 25.16 -23.89
N ILE GE 88 -114.83 23.86 -24.06
CA ILE GE 88 -115.50 23.04 -23.06
C ILE GE 88 -114.71 21.76 -22.91
N GLN GE 89 -114.54 21.32 -21.67
CA GLN GE 89 -113.92 20.02 -21.38
C GLN GE 89 -114.79 19.27 -20.38
N VAL GE 90 -115.29 18.12 -20.81
CA VAL GE 90 -116.09 17.23 -19.98
C VAL GE 90 -115.21 16.07 -19.56
N SER GE 91 -115.18 15.76 -18.26
CA SER GE 91 -114.42 14.64 -17.74
C SER GE 91 -115.41 13.72 -17.03
N ILE GE 92 -115.55 12.50 -17.56
CA ILE GE 92 -116.51 11.49 -17.16
C ILE GE 92 -115.74 10.33 -16.51
N PRO GE 93 -115.87 10.11 -15.21
CA PRO GE 93 -115.22 8.95 -14.59
C PRO GE 93 -115.88 7.64 -15.00
N ARG GE 94 -115.11 6.58 -14.92
CA ARG GE 94 -115.58 5.24 -15.28
C ARG GE 94 -115.97 4.39 -14.08
N ASN GE 95 -115.63 4.84 -12.85
CA ASN GE 95 -116.15 4.23 -11.64
C ASN GE 95 -117.67 4.10 -11.73
N PRO GE 96 -118.23 2.90 -11.61
CA PRO GE 96 -119.68 2.72 -11.80
C PRO GE 96 -120.54 3.55 -10.86
N ALA GE 97 -119.93 4.23 -9.91
CA ALA GE 97 -120.63 5.17 -9.06
C ALA GE 97 -120.97 6.47 -9.78
N TRP GE 98 -120.67 6.58 -11.07
CA TRP GE 98 -121.02 7.72 -11.90
C TRP GE 98 -122.06 7.30 -12.94
N ASN GE 99 -122.83 8.28 -13.43
CA ASN GE 99 -123.90 8.03 -14.38
C ASN GE 99 -123.83 8.98 -15.56
N ALA GE 100 -124.30 8.49 -16.70
CA ALA GE 100 -124.62 9.39 -17.80
C ALA GE 100 -125.59 10.46 -17.33
N SER GE 101 -126.48 10.14 -16.39
CA SER GE 101 -127.38 11.13 -15.84
C SER GE 101 -126.61 12.24 -15.13
N MET GE 102 -125.53 11.88 -14.44
CA MET GE 102 -124.72 12.89 -13.77
C MET GE 102 -123.97 13.76 -14.76
N THR GE 103 -123.44 13.14 -15.82
CA THR GE 103 -122.85 13.91 -16.92
C THR GE 103 -123.84 14.92 -17.48
N VAL GE 104 -125.04 14.46 -17.83
CA VAL GE 104 -126.04 15.35 -18.40
C VAL GE 104 -126.43 16.44 -17.41
N SER GE 105 -126.49 16.11 -16.12
CA SER GE 105 -126.85 17.11 -15.13
C SER GE 105 -125.81 18.21 -15.07
N LEU GE 106 -124.52 17.85 -15.09
CA LEU GE 106 -123.49 18.88 -15.13
C LEU GE 106 -123.60 19.72 -16.40
N LEU GE 107 -123.86 19.09 -17.55
CA LEU GE 107 -124.00 19.86 -18.79
C LEU GE 107 -125.14 20.87 -18.68
N LYS GE 108 -126.30 20.42 -18.18
CA LYS GE 108 -127.46 21.30 -18.06
C LYS GE 108 -127.19 22.43 -17.09
N GLN GE 109 -126.50 22.14 -15.98
CA GLN GE 109 -126.21 23.19 -15.00
C GLN GE 109 -125.25 24.23 -15.58
N ALA GE 110 -124.21 23.77 -16.28
CA ALA GE 110 -123.30 24.71 -16.93
C ALA GE 110 -124.04 25.57 -17.94
N ALA GE 111 -124.95 24.96 -18.69
CA ALA GE 111 -125.74 25.71 -19.67
C ALA GE 111 -126.57 26.78 -18.97
N ASP GE 112 -127.28 26.41 -17.91
CA ASP GE 112 -128.06 27.38 -17.15
C ASP GE 112 -127.19 28.50 -16.60
N TYR GE 113 -126.00 28.17 -16.07
CA TYR GE 113 -125.24 29.16 -15.32
C TYR GE 113 -124.41 30.08 -16.21
N LEU GE 114 -123.98 29.61 -17.38
CA LEU GE 114 -123.18 30.46 -18.25
C LEU GE 114 -123.89 30.94 -19.49
N ALA GE 115 -124.95 30.26 -19.93
CA ALA GE 115 -125.75 30.69 -21.07
C ALA GE 115 -127.17 31.07 -20.72
N GLY GE 116 -127.68 30.65 -19.55
CA GLY GE 116 -129.03 30.96 -19.16
C GLY GE 116 -130.07 30.36 -20.09
N THR GE 117 -129.96 29.05 -20.37
CA THR GE 117 -130.82 28.38 -21.33
C THR GE 117 -131.56 27.18 -20.76
N SER GE 118 -131.46 26.91 -19.47
CA SER GE 118 -132.09 25.74 -18.87
C SER GE 118 -133.61 25.73 -19.09
N ALA GE 119 -134.18 24.53 -18.92
CA ALA GE 119 -135.63 24.36 -18.96
C ALA GE 119 -136.27 25.00 -17.72
N THR GE 120 -137.60 25.07 -17.73
CA THR GE 120 -138.33 25.76 -16.69
C THR GE 120 -138.69 24.80 -15.55
N VAL GE 121 -138.30 25.18 -14.33
CA VAL GE 121 -138.62 24.44 -13.11
C VAL GE 121 -139.04 25.47 -12.07
N SER GE 122 -139.79 25.01 -11.07
CA SER GE 122 -140.49 25.92 -10.15
C SER GE 122 -139.54 26.95 -9.55
N GLY GE 123 -138.61 26.52 -8.73
CA GLY GE 123 -137.86 27.48 -7.94
C GLY GE 123 -136.57 27.94 -8.56
N GLN GE 124 -136.46 27.88 -9.89
CA GLN GE 124 -135.17 28.09 -10.51
C GLN GE 124 -134.80 29.56 -10.42
N THR GE 125 -133.50 29.85 -10.35
CA THR GE 125 -133.12 31.25 -10.38
C THR GE 125 -133.10 31.74 -11.82
N ASP GE 126 -133.40 33.03 -11.97
CA ASP GE 126 -133.48 33.66 -13.28
C ASP GE 126 -132.07 33.87 -13.81
N THR GE 127 -131.72 33.11 -14.83
CA THR GE 127 -130.38 33.12 -15.41
C THR GE 127 -130.35 33.75 -16.79
N SER GE 128 -131.43 34.41 -17.20
CA SER GE 128 -131.48 34.97 -18.55
C SER GE 128 -130.41 36.03 -18.76
N GLY GE 129 -130.12 36.83 -17.73
CA GLY GE 129 -129.15 37.90 -17.86
C GLY GE 129 -127.72 37.49 -17.59
N PHE GE 130 -127.52 36.25 -17.15
CA PHE GE 130 -126.17 35.79 -16.84
C PHE GE 130 -125.22 35.84 -18.02
N PRO GE 131 -125.59 35.42 -19.23
CA PRO GE 131 -124.62 35.55 -20.34
C PRO GE 131 -124.19 36.99 -20.57
N ALA GE 132 -125.11 37.94 -20.46
CA ALA GE 132 -124.74 39.35 -20.56
C ALA GE 132 -123.74 39.74 -19.48
N LYS GE 133 -124.02 39.34 -18.23
CA LYS GE 133 -123.11 39.69 -17.14
C LYS GE 133 -121.74 39.07 -17.35
N TRP GE 134 -121.69 37.82 -17.84
CA TRP GE 134 -120.40 37.20 -18.11
C TRP GE 134 -119.65 37.97 -19.20
N ALA GE 135 -120.34 38.27 -20.31
CA ALA GE 135 -119.71 39.00 -21.40
C ALA GE 135 -119.22 40.38 -20.98
N GLY GE 136 -119.78 40.91 -19.89
CA GLY GE 136 -119.23 42.10 -19.29
C GLY GE 136 -118.12 41.86 -18.27
N LEU GE 137 -117.67 40.62 -18.13
CA LEU GE 137 -116.69 40.23 -17.12
C LEU GE 137 -117.13 40.63 -15.71
N MET GE 138 -118.35 40.24 -15.35
CA MET GE 138 -118.82 40.37 -13.99
C MET GE 138 -119.60 39.12 -13.59
N PHE GE 139 -119.50 38.77 -12.32
CA PHE GE 139 -120.14 37.56 -11.83
C PHE GE 139 -121.64 37.75 -11.75
N PRO GE 140 -122.43 36.72 -12.05
CA PRO GE 140 -123.87 36.70 -11.84
C PRO GE 140 -124.19 36.88 -10.36
N ALA HE 1 -116.27 6.52 -45.06
CA ALA HE 1 -116.95 5.30 -44.64
C ALA HE 1 -118.39 5.60 -44.20
N ALA HE 2 -119.17 4.54 -44.04
CA ALA HE 2 -120.56 4.69 -43.62
C ALA HE 2 -120.62 5.28 -42.21
N PRO HE 3 -121.48 6.26 -41.98
CA PRO HE 3 -121.53 6.90 -40.66
C PRO HE 3 -122.16 6.04 -39.58
N SER HE 4 -122.94 5.03 -39.97
CA SER HE 4 -123.61 4.17 -39.00
C SER HE 4 -123.94 2.85 -39.67
N LEU HE 5 -124.05 1.80 -38.84
CA LEU HE 5 -124.26 0.44 -39.29
C LEU HE 5 -125.27 -0.26 -38.39
N ALA HE 6 -126.11 -1.09 -39.00
CA ALA HE 6 -127.04 -1.95 -38.27
C ALA HE 6 -126.69 -3.39 -38.67
N LEU HE 7 -125.78 -4.00 -37.92
CA LEU HE 7 -125.34 -5.35 -38.24
C LEU HE 7 -126.24 -6.37 -37.54
N VAL HE 8 -126.27 -7.59 -38.06
CA VAL HE 8 -127.07 -8.65 -37.47
C VAL HE 8 -126.18 -9.53 -36.60
N GLY HE 9 -126.56 -9.68 -35.33
CA GLY HE 9 -125.94 -10.60 -34.40
C GLY HE 9 -127.01 -11.46 -33.76
N ALA HE 10 -126.69 -11.94 -32.56
CA ALA HE 10 -127.56 -12.85 -31.84
C ALA HE 10 -127.72 -12.40 -30.40
N ASN HE 11 -128.95 -12.49 -29.89
CA ASN HE 11 -129.23 -12.21 -28.49
C ASN HE 11 -128.93 -13.45 -27.67
N SER HE 12 -129.38 -13.44 -26.41
CA SER HE 12 -129.15 -14.59 -25.53
C SER HE 12 -129.86 -15.84 -26.04
N THR HE 13 -130.94 -15.68 -26.79
CA THR HE 13 -131.69 -16.79 -27.37
C THR HE 13 -131.05 -17.31 -28.66
N LEU HE 14 -130.02 -16.62 -29.16
CA LEU HE 14 -129.43 -16.80 -30.49
C LEU HE 14 -130.37 -16.36 -31.61
N ALA HE 15 -131.44 -15.64 -31.29
CA ALA HE 15 -132.30 -15.06 -32.32
C ALA HE 15 -131.60 -13.89 -32.99
N SER HE 16 -131.86 -13.73 -34.29
CA SER HE 16 -131.22 -12.66 -35.05
C SER HE 16 -131.68 -11.29 -34.54
N THR HE 17 -130.73 -10.49 -34.05
CA THR HE 17 -131.00 -9.21 -33.43
C THR HE 17 -130.08 -8.15 -34.03
N LEU HE 18 -130.59 -6.93 -34.19
CA LEU HE 18 -129.72 -5.86 -34.68
C LEU HE 18 -128.79 -5.37 -33.58
N VAL HE 19 -127.55 -5.08 -33.98
CA VAL HE 19 -126.56 -4.43 -33.15
C VAL HE 19 -126.05 -3.21 -33.91
N ASN HE 20 -126.12 -2.05 -33.26
CA ASN HE 20 -126.01 -0.76 -33.92
C ASN HE 20 -124.66 -0.12 -33.59
N TYR HE 21 -123.96 0.32 -34.62
CA TYR HE 21 -122.67 0.99 -34.48
C TYR HE 21 -122.74 2.36 -35.14
N SER HE 22 -122.00 3.32 -34.58
CA SER HE 22 -121.81 4.61 -35.23
C SER HE 22 -120.32 4.85 -35.42
N LEU HE 23 -120.01 5.61 -36.47
CA LEU HE 23 -118.62 5.89 -36.84
C LEU HE 23 -118.04 6.92 -35.89
N ARG HE 24 -117.18 6.46 -34.99
CA ARG HE 24 -116.53 7.36 -34.04
C ARG HE 24 -115.25 7.97 -34.61
N SER HE 25 -114.39 7.21 -35.28
CA SER HE 25 -113.21 7.84 -35.86
C SER HE 25 -112.83 7.19 -37.18
N GLN HE 26 -112.07 7.95 -37.96
CA GLN HE 26 -111.49 7.44 -39.20
C GLN HE 26 -110.20 8.22 -39.43
N ASN HE 27 -109.09 7.50 -39.55
CA ASN HE 27 -107.78 8.11 -39.59
C ASN HE 27 -106.80 7.15 -40.25
N GLY HE 28 -106.08 7.64 -41.25
CA GLY HE 28 -104.97 6.90 -41.83
C GLY HE 28 -105.35 5.51 -42.29
N ASN HE 29 -106.27 5.43 -43.24
CA ASN HE 29 -106.82 4.15 -43.71
C ASN HE 29 -107.21 3.27 -42.54
N ASN HE 30 -107.84 3.87 -41.55
CA ASN HE 30 -108.27 3.12 -40.38
C ASN HE 30 -109.66 3.65 -40.02
N VAL HE 31 -110.55 2.75 -39.60
CA VAL HE 31 -111.95 3.09 -39.35
C VAL HE 31 -112.39 2.42 -38.05
N ASP HE 32 -112.97 3.20 -37.14
CA ASP HE 32 -113.34 2.74 -35.81
C ASP HE 32 -114.79 3.11 -35.49
N TYR HE 33 -115.60 2.08 -35.23
CA TYR HE 33 -117.00 2.21 -34.87
C TYR HE 33 -117.21 1.83 -33.40
N VAL HE 34 -118.22 2.43 -32.79
CA VAL HE 34 -118.61 2.09 -31.42
C VAL HE 34 -120.08 1.69 -31.41
N CYS HE 35 -120.42 0.77 -30.51
CA CYS HE 35 -121.78 0.27 -30.41
C CYS HE 35 -122.66 1.24 -29.63
N THR HE 36 -123.82 1.58 -30.20
CA THR HE 36 -124.72 2.57 -29.64
C THR HE 36 -125.80 1.98 -28.76
N ASP HE 37 -125.82 0.65 -28.60
CA ASP HE 37 -126.86 -0.02 -27.87
C ASP HE 37 -126.63 0.12 -26.37
N PRO HE 38 -127.62 -0.25 -25.55
CA PRO HE 38 -127.41 -0.17 -24.10
C PRO HE 38 -126.39 -1.15 -23.58
N ASP HE 39 -126.19 -2.28 -24.25
CA ASP HE 39 -125.25 -3.29 -23.75
C ASP HE 39 -123.79 -2.84 -23.84
N SER HE 40 -123.47 -1.81 -24.61
CA SER HE 40 -122.13 -1.24 -24.64
C SER HE 40 -122.13 0.02 -23.77
N THR HE 41 -121.34 -0.02 -22.71
CA THR HE 41 -121.13 1.12 -21.83
C THR HE 41 -119.74 1.68 -22.08
N LEU HE 42 -119.45 2.81 -21.42
CA LEU HE 42 -118.12 3.37 -21.50
C LEU HE 42 -117.10 2.40 -20.94
N SER HE 43 -117.45 1.73 -19.84
CA SER HE 43 -116.48 0.89 -19.16
C SER HE 43 -116.29 -0.43 -19.91
N ALA HE 44 -117.35 -0.93 -20.53
CA ALA HE 44 -117.34 -2.20 -21.25
C ALA HE 44 -118.04 -2.01 -22.59
N PRO HE 45 -117.33 -1.51 -23.60
CA PRO HE 45 -117.97 -1.14 -24.85
C PRO HE 45 -117.97 -2.27 -25.87
N GLY HE 46 -118.71 -2.05 -26.95
CA GLY HE 46 -118.61 -2.86 -28.16
C GLY HE 46 -117.97 -2.03 -29.25
N LEU HE 47 -117.00 -2.61 -29.95
CA LEU HE 47 -116.13 -1.84 -30.82
C LEU HE 47 -115.85 -2.57 -32.12
N ILE HE 48 -115.61 -1.80 -33.17
CA ILE HE 48 -115.20 -2.35 -34.46
C ILE HE 48 -114.02 -1.54 -34.98
N ASN HE 49 -113.06 -2.24 -35.59
CA ASN HE 49 -111.83 -1.65 -36.13
C ASN HE 49 -111.59 -2.24 -37.52
N ALA HE 50 -111.09 -1.41 -38.45
CA ALA HE 50 -110.78 -1.90 -39.80
C ALA HE 50 -109.64 -1.09 -40.40
N LYS HE 51 -108.58 -1.79 -40.83
CA LYS HE 51 -107.34 -1.20 -41.34
C LYS HE 51 -107.05 -1.72 -42.75
N PHE HE 52 -106.34 -0.89 -43.52
CA PHE HE 52 -105.85 -1.26 -44.86
C PHE HE 52 -104.34 -1.11 -44.90
N ASP HE 53 -103.64 -2.23 -45.10
CA ASP HE 53 -102.23 -2.22 -45.48
C ASP HE 53 -102.20 -2.26 -47.01
N ILE HE 54 -102.05 -1.10 -47.63
CA ILE HE 54 -102.03 -1.00 -49.09
C ILE HE 54 -100.57 -0.89 -49.53
N LYS HE 55 -100.12 -1.90 -50.28
CA LYS HE 55 -98.77 -1.92 -50.78
C LYS HE 55 -98.62 -0.93 -51.94
N ALA HE 56 -97.39 -0.50 -52.18
CA ALA HE 56 -97.03 0.35 -53.31
C ALA HE 56 -97.48 -0.29 -54.61
N PRO HE 57 -97.74 0.49 -55.66
CA PRO HE 57 -98.18 -0.11 -56.92
C PRO HE 57 -97.17 -1.13 -57.42
N GLY HE 58 -97.67 -2.15 -58.07
CA GLY HE 58 -96.82 -3.23 -58.52
C GLY HE 58 -97.61 -4.50 -58.67
N ILE HE 59 -96.98 -5.46 -59.35
CA ILE HE 59 -97.62 -6.74 -59.59
C ILE HE 59 -97.24 -7.75 -58.51
N THR HE 60 -96.33 -7.41 -57.62
CA THR HE 60 -95.85 -8.30 -56.58
C THR HE 60 -96.37 -7.85 -55.22
N GLY HE 61 -96.53 -8.81 -54.31
CA GLY HE 61 -96.94 -8.54 -52.95
C GLY HE 61 -98.40 -8.85 -52.72
N ASN HE 62 -98.80 -8.72 -51.45
CA ASN HE 62 -100.18 -8.88 -51.02
C ASN HE 62 -100.66 -7.59 -50.36
N ASP HE 63 -101.87 -7.16 -50.71
CA ASP HE 63 -102.60 -6.15 -49.95
C ASP HE 63 -103.29 -6.82 -48.78
N ARG HE 64 -103.50 -6.07 -47.69
CA ARG HE 64 -104.09 -6.70 -46.51
C ARG HE 64 -105.19 -5.84 -45.90
N ILE HE 65 -106.25 -6.51 -45.44
CA ILE HE 65 -107.36 -5.93 -44.71
C ILE HE 65 -107.38 -6.52 -43.32
N HIS HE 66 -107.50 -5.68 -42.31
CA HIS HE 66 -107.61 -6.13 -40.93
C HIS HE 66 -108.94 -5.64 -40.35
N ALA HE 67 -109.61 -6.50 -39.60
CA ALA HE 67 -110.89 -6.13 -39.01
C ALA HE 67 -111.01 -6.80 -37.65
N ASN HE 68 -111.57 -6.07 -36.70
CA ASN HE 68 -111.72 -6.58 -35.34
C ASN HE 68 -113.08 -6.18 -34.80
N LEU HE 69 -113.84 -7.17 -34.32
CA LEU HE 69 -115.13 -6.93 -33.69
C LEU HE 69 -115.04 -7.42 -32.25
N ARG HE 70 -115.18 -6.47 -31.31
CA ARG HE 70 -114.89 -6.68 -29.90
C ARG HE 70 -116.13 -6.40 -29.06
N LYS HE 71 -116.26 -7.17 -27.97
CA LYS HE 71 -117.18 -6.83 -26.89
C LYS HE 71 -116.42 -6.99 -25.57
N VAL HE 72 -116.38 -5.94 -24.77
CA VAL HE 72 -115.73 -5.97 -23.47
C VAL HE 72 -116.76 -6.35 -22.41
N VAL HE 73 -116.33 -7.12 -21.43
CA VAL HE 73 -117.19 -7.51 -20.33
C VAL HE 73 -116.41 -7.36 -19.03
N LEU HE 74 -117.09 -6.91 -17.99
CA LEU HE 74 -116.49 -6.67 -16.68
C LEU HE 74 -116.75 -7.86 -15.76
N ASP HE 75 -115.75 -8.19 -14.95
CA ASP HE 75 -115.92 -9.25 -13.95
C ASP HE 75 -116.92 -8.83 -12.89
N GLU HE 76 -117.74 -9.78 -12.45
CA GLU HE 76 -118.79 -9.47 -11.49
C GLU HE 76 -118.20 -8.94 -10.19
N LYS HE 77 -117.13 -9.56 -9.71
CA LYS HE 77 -116.53 -9.18 -8.43
C LYS HE 77 -115.46 -8.13 -8.62
N THR HE 78 -114.44 -8.43 -9.42
CA THR HE 78 -113.27 -7.56 -9.51
C THR HE 78 -113.47 -6.36 -10.43
N ASN HE 79 -114.50 -6.37 -11.28
CA ASN HE 79 -114.75 -5.33 -12.28
C ASN HE 79 -113.59 -5.16 -13.26
N LEU HE 80 -112.66 -6.12 -13.30
CA LEU HE 80 -111.61 -6.12 -14.29
C LEU HE 80 -112.19 -6.48 -15.65
N PRO HE 81 -111.79 -5.80 -16.70
CA PRO HE 81 -112.36 -6.06 -18.02
C PRO HE 81 -111.61 -7.16 -18.73
N SER HE 82 -112.34 -8.11 -19.31
CA SER HE 82 -111.77 -8.99 -20.31
C SER HE 82 -112.64 -8.88 -21.56
N THR HE 83 -112.01 -9.07 -22.72
CA THR HE 83 -112.66 -8.76 -23.98
C THR HE 83 -112.70 -9.99 -24.89
N GLY HE 84 -113.84 -10.19 -25.54
CA GLY HE 84 -114.02 -11.26 -26.51
C GLY HE 84 -114.08 -10.66 -27.91
N SER HE 85 -113.47 -11.36 -28.87
CA SER HE 85 -113.25 -10.70 -30.16
C SER HE 85 -113.17 -11.68 -31.31
N VAL HE 86 -113.78 -11.30 -32.44
CA VAL HE 86 -113.59 -11.98 -33.71
C VAL HE 86 -112.78 -11.05 -34.61
N THR HE 87 -111.62 -11.50 -35.05
CA THR HE 87 -110.76 -10.69 -35.89
C THR HE 87 -110.44 -11.41 -37.20
N ILE HE 88 -110.39 -10.64 -38.28
CA ILE HE 88 -110.28 -11.16 -39.65
C ILE HE 88 -109.10 -10.48 -40.33
N GLN HE 89 -108.29 -11.26 -41.03
CA GLN HE 89 -107.26 -10.76 -41.93
C GLN HE 89 -107.51 -11.30 -43.32
N VAL HE 90 -107.64 -10.39 -44.28
CA VAL HE 90 -107.81 -10.74 -45.70
C VAL HE 90 -106.51 -10.37 -46.40
N SER HE 91 -105.93 -11.33 -47.13
CA SER HE 91 -104.68 -11.13 -47.86
C SER HE 91 -104.98 -11.36 -49.34
N ILE HE 92 -104.90 -10.29 -50.13
CA ILE HE 92 -105.26 -10.26 -51.54
C ILE HE 92 -103.98 -10.11 -52.35
N PRO HE 93 -103.56 -11.11 -53.10
CA PRO HE 93 -102.37 -10.97 -53.95
C PRO HE 93 -102.59 -10.01 -55.11
N ARG HE 94 -101.48 -9.61 -55.72
CA ARG HE 94 -101.50 -8.67 -56.82
C ARG HE 94 -101.19 -9.28 -58.18
N ASN HE 95 -100.80 -10.55 -58.23
CA ASN HE 95 -100.69 -11.25 -59.49
C ASN HE 95 -102.03 -11.19 -60.22
N PRO HE 96 -102.06 -10.75 -61.48
CA PRO HE 96 -103.36 -10.63 -62.20
C PRO HE 96 -104.12 -11.93 -62.27
N ALA HE 97 -103.49 -13.03 -61.90
CA ALA HE 97 -104.16 -14.32 -61.81
C ALA HE 97 -105.06 -14.43 -60.58
N TRP HE 98 -105.22 -13.37 -59.80
CA TRP HE 98 -106.17 -13.30 -58.71
C TRP HE 98 -107.31 -12.36 -59.08
N ASN HE 99 -108.48 -12.59 -58.49
CA ASN HE 99 -109.66 -11.79 -58.78
C ASN HE 99 -110.35 -11.33 -57.50
N ALA HE 100 -110.98 -10.16 -57.60
CA ALA HE 100 -111.93 -9.77 -56.58
C ALA HE 100 -112.98 -10.87 -56.38
N SER HE 101 -113.34 -11.59 -57.45
CA SER HE 101 -114.29 -12.69 -57.30
C SER HE 101 -113.73 -13.75 -56.37
N MET HE 102 -112.42 -14.00 -56.44
CA MET HE 102 -111.81 -15.00 -55.56
C MET HE 102 -111.78 -14.49 -54.12
N THR HE 103 -111.48 -13.20 -53.95
CA THR HE 103 -111.57 -12.60 -52.61
C THR HE 103 -112.96 -12.78 -52.02
N VAL HE 104 -113.98 -12.41 -52.79
CA VAL HE 104 -115.36 -12.51 -52.30
C VAL HE 104 -115.73 -13.96 -52.04
N SER HE 105 -115.24 -14.88 -52.87
CA SER HE 105 -115.55 -16.29 -52.66
C SER HE 105 -114.99 -16.77 -51.34
N LEU HE 106 -113.75 -16.39 -51.01
CA LEU HE 106 -113.20 -16.77 -49.72
C LEU HE 106 -113.98 -16.13 -48.57
N LEU HE 107 -114.39 -14.87 -48.73
CA LEU HE 107 -115.17 -14.23 -47.67
C LEU HE 107 -116.48 -14.98 -47.44
N LYS HE 108 -117.19 -15.32 -48.53
CA LYS HE 108 -118.46 -16.01 -48.40
C LYS HE 108 -118.30 -17.39 -47.79
N GLN HE 109 -117.22 -18.10 -48.17
CA GLN HE 109 -116.99 -19.43 -47.60
C GLN HE 109 -116.66 -19.35 -46.12
N ALA HE 110 -115.86 -18.37 -45.72
CA ALA HE 110 -115.58 -18.18 -44.30
C ALA HE 110 -116.87 -17.86 -43.54
N ALA HE 111 -117.72 -17.01 -44.11
CA ALA HE 111 -119.01 -16.72 -43.48
C ALA HE 111 -119.83 -17.98 -43.32
N ASP HE 112 -119.88 -18.82 -44.35
CA ASP HE 112 -120.64 -20.06 -44.26
C ASP HE 112 -120.07 -20.98 -43.19
N TYR HE 113 -118.74 -21.12 -43.14
CA TYR HE 113 -118.15 -22.16 -42.31
C TYR HE 113 -118.01 -21.76 -40.85
N LEU HE 114 -117.79 -20.49 -40.56
CA LEU HE 114 -117.64 -20.06 -39.18
C LEU HE 114 -118.86 -19.36 -38.62
N ALA HE 115 -119.72 -18.79 -39.47
CA ALA HE 115 -120.93 -18.14 -39.00
C ALA HE 115 -122.21 -18.81 -39.45
N GLY HE 116 -122.18 -19.64 -40.48
CA GLY HE 116 -123.35 -20.31 -40.97
C GLY HE 116 -124.39 -19.37 -41.54
N THR HE 117 -123.97 -18.48 -42.46
CA THR HE 117 -124.84 -17.45 -42.99
C THR HE 117 -124.89 -17.42 -44.52
N SER HE 118 -124.28 -18.37 -45.20
CA SER HE 118 -124.27 -18.39 -46.66
C SER HE 118 -125.69 -18.33 -47.24
N ALA HE 119 -125.77 -17.87 -48.50
CA ALA HE 119 -127.01 -17.91 -49.26
C ALA HE 119 -127.41 -19.36 -49.56
N THR HE 120 -128.65 -19.53 -49.98
CA THR HE 120 -129.17 -20.87 -50.22
C THR HE 120 -128.79 -21.37 -51.61
N VAL HE 121 -128.19 -22.56 -51.67
CA VAL HE 121 -127.81 -23.24 -52.89
C VAL HE 121 -128.11 -24.72 -52.71
N SER HE 122 -128.62 -25.36 -53.75
CA SER HE 122 -128.92 -26.78 -53.70
C SER HE 122 -127.65 -27.58 -53.40
N GLY HE 123 -127.74 -28.45 -52.39
CA GLY HE 123 -126.63 -29.28 -52.02
C GLY HE 123 -125.65 -28.67 -51.04
N GLN HE 124 -125.96 -27.53 -50.45
CA GLN HE 124 -125.01 -26.91 -49.54
C GLN HE 124 -125.09 -27.65 -48.21
N THR HE 125 -123.98 -27.70 -47.48
CA THR HE 125 -124.06 -28.32 -46.17
C THR HE 125 -124.71 -27.37 -45.19
N ASP HE 126 -125.50 -27.93 -44.28
CA ASP HE 126 -126.22 -27.14 -43.29
C ASP HE 126 -125.23 -26.66 -42.25
N THR HE 127 -124.96 -25.35 -42.26
CA THR HE 127 -123.99 -24.74 -41.39
C THR HE 127 -124.64 -23.95 -40.26
N SER HE 128 -125.95 -24.11 -40.08
CA SER HE 128 -126.68 -23.31 -39.11
C SER HE 128 -126.14 -23.49 -37.69
N GLY HE 129 -125.80 -24.73 -37.33
CA GLY HE 129 -125.31 -25.02 -36.00
C GLY HE 129 -123.82 -24.86 -35.83
N PHE HE 130 -123.12 -24.56 -36.92
CA PHE HE 130 -121.67 -24.41 -36.82
C PHE HE 130 -121.22 -23.29 -35.89
N PRO HE 131 -121.82 -22.08 -35.90
CA PRO HE 131 -121.37 -21.07 -34.93
C PRO HE 131 -121.52 -21.53 -33.49
N ALA HE 132 -122.61 -22.25 -33.18
CA ALA HE 132 -122.76 -22.82 -31.85
C ALA HE 132 -121.63 -23.79 -31.54
N LYS HE 133 -121.35 -24.71 -32.47
CA LYS HE 133 -120.27 -25.67 -32.23
C LYS HE 133 -118.93 -24.98 -32.05
N TRP HE 134 -118.68 -23.92 -32.83
CA TRP HE 134 -117.42 -23.18 -32.66
C TRP HE 134 -117.35 -22.54 -31.28
N ALA HE 135 -118.43 -21.85 -30.88
CA ALA HE 135 -118.45 -21.21 -29.56
C ALA HE 135 -118.25 -22.23 -28.45
N GLY HE 136 -118.60 -23.49 -28.70
CA GLY HE 136 -118.27 -24.56 -27.78
C GLY HE 136 -116.90 -25.18 -27.96
N LEU HE 137 -116.07 -24.64 -28.86
CA LEU HE 137 -114.76 -25.22 -29.19
C LEU HE 137 -114.90 -26.66 -29.67
N MET HE 138 -115.74 -26.85 -30.69
CA MET HE 138 -115.97 -28.16 -31.29
C MET HE 138 -115.89 -28.00 -32.80
N PHE HE 139 -115.10 -28.84 -33.44
CA PHE HE 139 -115.05 -28.78 -34.90
C PHE HE 139 -116.38 -29.25 -35.48
N PRO HE 140 -116.93 -28.52 -36.46
CA PRO HE 140 -118.18 -28.87 -37.14
C PRO HE 140 -118.08 -30.22 -37.84
N ALA IE 1 48.52 82.91 -83.49
CA ALA IE 1 49.53 83.40 -82.56
C ALA IE 1 50.86 83.68 -83.25
N ALA IE 2 51.59 84.66 -82.73
CA ALA IE 2 52.89 85.01 -83.29
C ALA IE 2 53.88 83.87 -83.05
N PRO IE 3 54.75 83.58 -84.02
CA PRO IE 3 55.69 82.46 -83.84
C PRO IE 3 56.81 82.76 -82.86
N SER IE 4 57.15 84.03 -82.66
CA SER IE 4 58.24 84.39 -81.78
C SER IE 4 58.07 85.84 -81.35
N LEU IE 5 58.71 86.17 -80.23
CA LEU IE 5 58.56 87.46 -79.58
C LEU IE 5 59.90 87.93 -79.06
N ALA IE 6 60.13 89.25 -79.15
CA ALA IE 6 61.28 89.89 -78.53
C ALA IE 6 60.72 90.95 -77.61
N LEU IE 7 60.52 90.60 -76.33
CA LEU IE 7 59.90 91.50 -75.38
C LEU IE 7 61.00 92.27 -74.64
N VAL IE 8 60.66 93.46 -74.16
CA VAL IE 8 61.62 94.26 -73.41
C VAL IE 8 61.47 93.98 -71.93
N GLY IE 9 62.58 93.64 -71.27
CA GLY IE 9 62.68 93.48 -69.85
C GLY IE 9 63.88 94.23 -69.31
N ALA IE 10 64.40 93.76 -68.17
CA ALA IE 10 65.51 94.43 -67.50
C ALA IE 10 66.56 93.42 -67.07
N ASN IE 11 67.83 93.82 -67.20
CA ASN IE 11 68.95 93.02 -66.74
C ASN IE 11 69.23 93.31 -65.27
N SER IE 12 70.37 92.86 -64.77
CA SER IE 12 70.72 93.10 -63.38
C SER IE 12 70.94 94.59 -63.10
N THR IE 13 71.33 95.36 -64.12
CA THR IE 13 71.48 96.81 -64.01
C THR IE 13 70.14 97.54 -64.10
N LEU IE 14 69.06 96.82 -64.46
CA LEU IE 14 67.75 97.37 -64.79
C LEU IE 14 67.75 98.17 -66.09
N ALA IE 15 68.77 97.97 -66.92
CA ALA IE 15 68.77 98.53 -68.26
C ALA IE 15 67.86 97.70 -69.16
N SER IE 16 67.23 98.38 -70.13
CA SER IE 16 66.28 97.70 -71.01
C SER IE 16 67.00 96.68 -71.88
N THR IE 17 66.58 95.42 -71.77
CA THR IE 17 67.22 94.31 -72.45
C THR IE 17 66.16 93.47 -73.17
N LEU IE 18 66.49 92.95 -74.34
CA LEU IE 18 65.56 92.04 -74.98
C LEU IE 18 65.55 90.68 -74.30
N VAL IE 19 64.37 90.07 -74.31
CA VAL IE 19 64.16 88.70 -73.87
C VAL IE 19 63.33 87.99 -74.92
N ASN IE 20 63.86 86.88 -75.42
CA ASN IE 20 63.36 86.24 -76.62
C ASN IE 20 62.52 85.03 -76.26
N TYR IE 21 61.29 85.00 -76.73
CA TYR IE 21 60.39 83.86 -76.58
C TYR IE 21 60.08 83.29 -77.95
N SER IE 22 59.80 82.00 -77.99
CA SER IE 22 59.34 81.34 -79.21
C SER IE 22 58.16 80.45 -78.87
N LEU IE 23 57.27 80.28 -79.84
CA LEU IE 23 56.01 79.57 -79.61
C LEU IE 23 56.28 78.09 -79.39
N ARG IE 24 56.05 77.62 -78.16
CA ARG IE 24 56.06 76.20 -77.90
C ARG IE 24 54.83 75.53 -78.49
N SER IE 25 53.64 75.95 -78.08
CA SER IE 25 52.46 75.27 -78.59
C SER IE 25 51.23 76.16 -78.52
N GLN IE 26 50.37 76.06 -79.53
CA GLN IE 26 49.06 76.67 -79.48
C GLN IE 26 48.01 75.57 -79.35
N ASN IE 27 47.31 75.59 -78.22
CA ASN IE 27 46.07 74.89 -78.03
C ASN IE 27 44.91 75.84 -78.37
N GLY IE 28 43.70 75.31 -78.45
CA GLY IE 28 42.58 76.15 -78.80
C GLY IE 28 42.33 77.24 -77.79
N ASN IE 29 42.51 78.50 -78.21
CA ASN IE 29 42.41 79.66 -77.32
C ASN IE 29 43.42 79.57 -76.18
N ASN IE 30 44.58 78.99 -76.45
CA ASN IE 30 45.62 78.88 -75.44
C ASN IE 30 46.97 78.87 -76.14
N VAL IE 31 47.93 79.61 -75.58
CA VAL IE 31 49.23 79.78 -76.21
C VAL IE 31 50.32 79.66 -75.15
N ASP IE 32 51.38 78.89 -75.47
CA ASP IE 32 52.52 78.67 -74.59
C ASP IE 32 53.79 79.04 -75.33
N TYR IE 33 54.52 80.03 -74.80
CA TYR IE 33 55.82 80.48 -75.29
C TYR IE 33 56.91 80.10 -74.30
N VAL IE 34 58.13 79.91 -74.82
CA VAL IE 34 59.30 79.54 -74.02
C VAL IE 34 60.43 80.50 -74.35
N CYS IE 35 61.22 80.85 -73.33
CA CYS IE 35 62.35 81.75 -73.54
C CYS IE 35 63.51 81.00 -74.19
N THR IE 36 64.06 81.58 -75.25
CA THR IE 36 65.12 80.99 -76.04
C THR IE 36 66.50 81.55 -75.72
N ASP IE 37 66.62 82.35 -74.67
CA ASP IE 37 67.90 82.89 -74.26
C ASP IE 37 68.68 81.83 -73.50
N PRO IE 38 69.97 82.06 -73.26
CA PRO IE 38 70.71 81.20 -72.32
C PRO IE 38 70.22 81.31 -70.89
N ASP IE 39 69.45 82.36 -70.54
CA ASP IE 39 68.92 82.51 -69.19
C ASP IE 39 68.00 81.35 -68.81
N SER IE 40 67.15 80.93 -69.73
CA SER IE 40 66.24 79.82 -69.47
C SER IE 40 66.84 78.53 -70.03
N THR IE 41 66.68 77.47 -69.26
CA THR IE 41 66.95 76.11 -69.65
C THR IE 41 65.70 75.30 -69.38
N LEU IE 42 65.68 74.06 -69.86
CA LEU IE 42 64.54 73.20 -69.54
C LEU IE 42 64.40 73.02 -68.04
N SER IE 43 65.51 72.99 -67.31
CA SER IE 43 65.46 72.78 -65.86
C SER IE 43 64.88 73.99 -65.15
N ALA IE 44 65.23 75.20 -65.60
CA ALA IE 44 64.74 76.44 -65.00
C ALA IE 44 64.32 77.40 -66.11
N PRO IE 45 63.12 77.23 -66.65
CA PRO IE 45 62.73 77.95 -67.86
C PRO IE 45 62.08 79.31 -67.58
N GLY IE 46 62.01 80.10 -68.64
CA GLY IE 46 61.17 81.29 -68.68
C GLY IE 46 60.00 80.98 -69.61
N LEU IE 47 58.80 81.32 -69.15
CA LEU IE 47 57.60 80.82 -69.81
C LEU IE 47 56.54 81.90 -69.90
N ILE IE 48 55.69 81.80 -70.92
CA ILE IE 48 54.53 82.66 -71.06
C ILE IE 48 53.33 81.79 -71.44
N ASN IE 49 52.17 82.11 -70.86
CA ASN IE 49 50.93 81.41 -71.12
C ASN IE 49 49.81 82.43 -71.28
N ALA IE 50 48.95 82.22 -72.29
CA ALA IE 50 47.83 83.11 -72.56
C ALA IE 50 46.59 82.32 -72.91
N LYS IE 51 45.48 82.61 -72.22
CA LYS IE 51 44.24 81.85 -72.31
C LYS IE 51 43.07 82.79 -72.52
N PHE IE 52 42.01 82.27 -73.14
CA PHE IE 52 40.78 83.01 -73.43
C PHE IE 52 39.58 82.24 -72.89
N ASP IE 53 38.95 82.77 -71.85
CA ASP IE 53 37.68 82.28 -71.33
C ASP IE 53 36.59 83.06 -72.05
N ILE IE 54 36.07 82.51 -73.14
CA ILE IE 54 35.05 83.15 -73.95
C ILE IE 54 33.74 82.41 -73.71
N LYS IE 55 32.75 83.14 -73.21
CA LYS IE 55 31.47 82.54 -72.92
C LYS IE 55 30.67 82.33 -74.20
N ALA IE 56 29.65 81.49 -74.12
CA ALA IE 56 28.79 81.22 -75.27
C ALA IE 56 28.21 82.52 -75.80
N PRO IE 57 28.00 82.63 -77.12
CA PRO IE 57 27.52 83.91 -77.68
C PRO IE 57 26.16 84.33 -77.18
N GLY IE 58 25.27 83.38 -76.87
CA GLY IE 58 23.98 83.76 -76.31
C GLY IE 58 24.08 84.32 -74.91
N ILE IE 59 24.95 83.72 -74.08
CA ILE IE 59 25.06 84.07 -72.66
C ILE IE 59 25.75 85.43 -72.52
N THR IE 60 25.22 86.28 -71.64
CA THR IE 60 25.92 87.49 -71.21
C THR IE 60 26.74 87.20 -69.96
N GLY IE 61 27.97 87.67 -69.97
CA GLY IE 61 28.84 87.58 -68.81
C GLY IE 61 30.02 88.48 -69.06
N ASN IE 62 31.16 88.10 -68.50
CA ASN IE 62 32.43 88.75 -68.83
C ASN IE 62 33.28 87.75 -69.60
N ASP IE 63 33.86 88.20 -70.71
CA ASP IE 63 34.93 87.46 -71.34
C ASP IE 63 36.22 87.72 -70.58
N ARG IE 64 37.11 86.72 -70.56
CA ARG IE 64 38.31 86.83 -69.73
C ARG IE 64 39.57 86.46 -70.49
N ILE IE 65 40.65 87.16 -70.18
CA ILE IE 65 41.98 86.88 -70.70
C ILE IE 65 42.87 86.56 -69.50
N HIS IE 66 43.61 85.45 -69.58
CA HIS IE 66 44.54 85.05 -68.52
C HIS IE 66 45.95 84.99 -69.09
N ALA IE 67 46.84 85.82 -68.58
CA ALA IE 67 48.23 85.82 -69.01
C ALA IE 67 49.14 85.53 -67.82
N ASN IE 68 50.24 84.84 -68.09
CA ASN IE 68 51.18 84.45 -67.05
C ASN IE 68 52.58 84.48 -67.61
N LEU IE 69 53.46 85.26 -66.98
CA LEU IE 69 54.87 85.36 -67.36
C LEU IE 69 55.70 84.88 -66.17
N ARG IE 70 56.45 83.80 -66.36
CA ARG IE 70 57.14 83.09 -65.30
C ARG IE 70 58.64 83.04 -65.58
N LYS IE 71 59.42 83.03 -64.50
CA LYS IE 71 60.83 82.67 -64.56
C LYS IE 71 61.12 81.73 -63.39
N VAL IE 72 61.60 80.54 -63.69
CA VAL IE 72 61.98 79.56 -62.67
C VAL IE 72 63.44 79.78 -62.32
N VAL IE 73 63.78 79.63 -61.04
CA VAL IE 73 65.15 79.75 -60.59
C VAL IE 73 65.45 78.57 -59.67
N LEU IE 74 66.70 78.11 -59.70
CA LEU IE 74 67.14 76.99 -58.90
C LEU IE 74 67.95 77.49 -57.70
N ASP IE 75 67.72 76.87 -56.55
CA ASP IE 75 68.50 77.19 -55.36
C ASP IE 75 69.95 76.74 -55.56
N GLU IE 76 70.89 77.60 -55.20
CA GLU IE 76 72.30 77.23 -55.32
C GLU IE 76 72.60 75.98 -54.51
N LYS IE 77 72.11 75.92 -53.27
CA LYS IE 77 72.48 74.81 -52.40
C LYS IE 77 71.67 73.54 -52.70
N THR IE 78 70.35 73.65 -52.89
CA THR IE 78 69.51 72.46 -53.02
C THR IE 78 69.05 72.16 -54.45
N ASN IE 79 69.30 73.06 -55.41
CA ASN IE 79 68.79 72.95 -56.78
C ASN IE 79 67.28 72.77 -56.85
N LEU IE 80 66.58 73.04 -55.75
CA LEU IE 80 65.14 73.02 -55.76
C LEU IE 80 64.60 74.26 -56.49
N PRO IE 81 63.59 74.09 -57.32
CA PRO IE 81 63.11 75.21 -58.12
C PRO IE 81 62.05 76.00 -57.40
N SER IE 82 62.19 77.32 -57.37
CA SER IE 82 61.08 78.19 -57.02
C SER IE 82 60.92 79.19 -58.15
N THR IE 83 59.69 79.63 -58.35
CA THR IE 83 59.35 80.40 -59.54
C THR IE 83 58.79 81.77 -59.16
N GLY IE 84 59.09 82.76 -59.99
CA GLY IE 84 58.56 84.09 -59.83
C GLY IE 84 57.72 84.46 -61.05
N SER IE 85 56.60 85.14 -60.81
CA SER IE 85 55.65 85.27 -61.90
C SER IE 85 54.83 86.56 -61.80
N VAL IE 86 54.44 87.05 -62.97
CA VAL IE 86 53.44 88.11 -63.10
C VAL IE 86 52.26 87.55 -63.87
N THR IE 87 51.09 87.55 -63.25
CA THR IE 87 49.86 87.07 -63.87
C THR IE 87 48.87 88.22 -64.02
N ILE IE 88 48.10 88.17 -65.09
CA ILE IE 88 47.21 89.24 -65.49
C ILE IE 88 45.87 88.64 -65.88
N GLN IE 89 44.79 89.23 -65.40
CA GLN IE 89 43.46 88.78 -65.76
C GLN IE 89 42.69 90.00 -66.26
N VAL IE 90 42.21 89.94 -67.50
CA VAL IE 90 41.43 91.01 -68.10
C VAL IE 90 40.00 90.51 -68.19
N SER IE 91 39.07 91.24 -67.56
CA SER IE 91 37.66 90.90 -67.56
C SER IE 91 36.92 91.99 -68.34
N ILE IE 92 36.42 91.63 -69.51
CA ILE IE 92 35.77 92.54 -70.46
C ILE IE 92 34.29 92.23 -70.47
N PRO IE 93 33.42 93.17 -70.12
CA PRO IE 93 31.98 92.90 -70.15
C PRO IE 93 31.40 92.92 -71.56
N ARG IE 94 30.33 92.13 -71.73
CA ARG IE 94 29.65 91.97 -73.01
C ARG IE 94 28.55 92.98 -73.25
N ASN IE 95 28.59 94.12 -72.59
CA ASN IE 95 27.63 95.21 -72.78
C ASN IE 95 28.18 96.22 -73.78
N PRO IE 96 27.42 96.59 -74.82
CA PRO IE 96 27.94 97.58 -75.79
C PRO IE 96 28.36 98.89 -75.15
N ALA IE 97 27.97 99.15 -73.91
CA ALA IE 97 28.43 100.33 -73.20
C ALA IE 97 29.92 100.25 -72.85
N TRP IE 98 30.56 99.12 -73.09
CA TRP IE 98 32.00 98.94 -72.94
C TRP IE 98 32.60 98.73 -74.32
N ASN IE 99 33.85 99.16 -74.50
CA ASN IE 99 34.48 98.97 -75.80
C ASN IE 99 35.98 98.76 -75.66
N ALA IE 100 36.59 98.45 -76.81
CA ALA IE 100 37.99 98.12 -76.83
C ALA IE 100 38.86 99.28 -76.38
N SER IE 101 38.41 100.52 -76.63
CA SER IE 101 39.18 101.66 -76.14
C SER IE 101 39.30 101.64 -74.63
N MET IE 102 38.23 101.20 -73.94
CA MET IE 102 38.26 101.12 -72.50
C MET IE 102 39.13 99.95 -72.04
N THR IE 103 39.04 98.81 -72.73
CA THR IE 103 39.96 97.70 -72.43
C THR IE 103 41.42 98.17 -72.52
N VAL IE 104 41.76 98.82 -73.63
CA VAL IE 104 43.12 99.28 -73.83
C VAL IE 104 43.51 100.32 -72.79
N SER IE 105 42.56 101.19 -72.42
CA SER IE 105 42.85 102.20 -71.42
C SER IE 105 43.23 101.57 -70.09
N LEU IE 106 42.49 100.55 -69.67
CA LEU IE 106 42.87 99.85 -68.44
C LEU IE 106 44.25 99.20 -68.58
N LEU IE 107 44.52 98.57 -69.72
CA LEU IE 107 45.83 97.96 -69.91
C LEU IE 107 46.95 98.99 -69.80
N LYS IE 108 46.78 100.14 -70.46
CA LYS IE 108 47.79 101.18 -70.44
C LYS IE 108 48.00 101.74 -69.04
N GLN IE 109 46.91 101.92 -68.28
CA GLN IE 109 47.04 102.46 -66.94
C GLN IE 109 47.74 101.47 -66.02
N ALA IE 110 47.41 100.18 -66.14
CA ALA IE 110 48.12 99.18 -65.35
C ALA IE 110 49.60 99.16 -65.69
N ALA IE 111 49.92 99.28 -66.99
CA ALA IE 111 51.32 99.33 -67.40
C ALA IE 111 52.02 100.52 -66.76
N ASP IE 112 51.40 101.71 -66.84
CA ASP IE 112 52.01 102.89 -66.23
C ASP IE 112 52.22 102.69 -64.74
N TYR IE 113 51.22 102.15 -64.03
CA TYR IE 113 51.28 102.17 -62.58
C TYR IE 113 52.13 101.05 -61.98
N LEU IE 114 52.26 99.90 -62.67
CA LEU IE 114 53.05 98.82 -62.12
C LEU IE 114 54.38 98.59 -62.83
N ALA IE 115 54.52 99.02 -64.08
CA ALA IE 115 55.79 98.89 -64.78
C ALA IE 115 56.42 100.22 -65.12
N GLY IE 116 55.67 101.31 -65.06
CA GLY IE 116 56.21 102.63 -65.37
C GLY IE 116 56.67 102.76 -66.80
N THR IE 117 55.79 102.39 -67.75
CA THR IE 117 56.16 102.40 -69.16
C THR IE 117 55.19 103.17 -70.06
N SER IE 118 54.28 103.96 -69.48
CA SER IE 118 53.35 104.76 -70.27
C SER IE 118 54.08 105.66 -71.28
N ALA IE 119 53.34 106.08 -72.30
CA ALA IE 119 53.80 107.08 -73.26
C ALA IE 119 53.88 108.44 -72.59
N THR IE 120 54.73 109.30 -73.14
CA THR IE 120 54.93 110.63 -72.56
C THR IE 120 53.69 111.49 -72.81
N VAL IE 121 53.13 112.03 -71.72
CA VAL IE 121 51.94 112.88 -71.74
C VAL IE 121 52.11 113.91 -70.64
N SER IE 122 51.92 115.19 -70.97
CA SER IE 122 52.23 116.24 -70.01
C SER IE 122 51.32 116.14 -68.80
N GLY IE 123 51.90 116.27 -67.61
CA GLY IE 123 51.17 116.15 -66.38
C GLY IE 123 51.10 114.76 -65.79
N GLN IE 124 51.65 113.76 -66.47
CA GLN IE 124 51.71 112.41 -65.93
C GLN IE 124 52.64 112.35 -64.73
N THR IE 125 52.29 111.53 -63.76
CA THR IE 125 53.22 111.28 -62.67
C THR IE 125 54.39 110.44 -63.17
N ASP IE 126 55.56 110.71 -62.58
CA ASP IE 126 56.79 110.02 -62.97
C ASP IE 126 56.75 108.62 -62.35
N THR IE 127 56.36 107.65 -63.17
CA THR IE 127 56.18 106.28 -62.72
C THR IE 127 57.43 105.43 -62.93
N SER IE 128 58.54 106.05 -63.32
CA SER IE 128 59.73 105.29 -63.68
C SER IE 128 60.25 104.44 -62.52
N GLY IE 129 60.17 104.95 -61.29
CA GLY IE 129 60.67 104.21 -60.15
C GLY IE 129 59.68 103.27 -59.51
N PHE IE 130 58.44 103.30 -59.99
CA PHE IE 130 57.41 102.45 -59.40
C PHE IE 130 57.73 100.97 -59.49
N PRO IE 131 58.23 100.41 -60.60
CA PRO IE 131 58.56 98.97 -60.58
C PRO IE 131 59.60 98.63 -59.53
N ALA IE 132 60.60 99.49 -59.34
CA ALA IE 132 61.56 99.28 -58.25
C ALA IE 132 60.84 99.24 -56.90
N LYS IE 133 59.98 100.24 -56.64
CA LYS IE 133 59.28 100.26 -55.36
C LYS IE 133 58.41 99.02 -55.17
N TRP IE 134 57.72 98.59 -56.22
CA TRP IE 134 56.89 97.39 -56.11
C TRP IE 134 57.76 96.18 -55.78
N ALA IE 135 58.87 96.00 -56.51
CA ALA IE 135 59.78 94.89 -56.24
C ALA IE 135 60.36 94.95 -54.84
N GLY IE 136 60.30 96.11 -54.19
CA GLY IE 136 60.63 96.21 -52.79
C GLY IE 136 59.48 96.05 -51.82
N LEU IE 137 58.28 95.69 -52.31
CA LEU IE 137 57.05 95.67 -51.50
C LEU IE 137 56.80 97.01 -50.81
N MET IE 138 56.84 98.08 -51.61
CA MET IE 138 56.59 99.45 -51.15
C MET IE 138 55.57 100.08 -52.07
N PHE IE 139 54.56 100.70 -51.49
CA PHE IE 139 53.59 101.42 -52.33
C PHE IE 139 54.24 102.65 -52.91
N PRO IE 140 54.05 102.93 -54.21
CA PRO IE 140 54.59 104.12 -54.86
C PRO IE 140 54.08 105.39 -54.19
N ALA JE 1 44.90 75.76 -91.47
CA ALA JE 1 43.69 76.51 -91.82
C ALA JE 1 44.03 77.91 -92.31
N ALA JE 2 43.15 78.47 -93.15
CA ALA JE 2 43.39 79.81 -93.69
C ALA JE 2 43.38 80.84 -92.56
N PRO JE 3 44.37 81.74 -92.53
CA PRO JE 3 44.41 82.72 -91.42
C PRO JE 3 43.32 83.76 -91.48
N SER JE 4 42.72 83.99 -92.65
CA SER JE 4 41.65 84.96 -92.77
C SER JE 4 40.79 84.62 -93.97
N LEU JE 5 39.55 85.12 -93.95
CA LEU JE 5 38.56 84.81 -94.96
C LEU JE 5 37.77 86.05 -95.31
N ALA JE 6 37.40 86.17 -96.59
CA ALA JE 6 36.52 87.23 -97.07
C ALA JE 6 35.37 86.54 -97.76
N LEU JE 7 34.29 86.30 -97.02
CA LEU JE 7 33.15 85.54 -97.53
C LEU JE 7 32.09 86.50 -98.06
N VAL JE 8 31.25 86.01 -98.96
CA VAL JE 8 30.19 86.84 -99.53
C VAL JE 8 28.91 86.59 -98.75
N GLY JE 9 28.28 87.69 -98.30
CA GLY JE 9 26.98 87.64 -97.68
C GLY JE 9 26.09 88.72 -98.28
N ALA JE 10 25.07 89.15 -97.54
CA ALA JE 10 24.12 90.13 -98.06
C ALA JE 10 23.98 91.29 -97.09
N ASN JE 11 23.92 92.50 -97.64
CA ASN JE 11 23.69 93.70 -96.84
C ASN JE 11 22.20 93.81 -96.53
N SER JE 12 21.78 94.96 -95.98
CA SER JE 12 20.37 95.16 -95.68
C SER JE 12 19.49 95.11 -96.93
N THR JE 13 20.07 95.34 -98.11
CA THR JE 13 19.34 95.33 -99.37
C THR JE 13 19.48 94.00 -100.10
N LEU JE 14 20.19 93.04 -99.51
CA LEU JE 14 20.46 91.73 -100.10
C LEU JE 14 21.46 91.80 -101.25
N ALA JE 15 22.20 92.90 -101.37
CA ALA JE 15 23.29 92.97 -102.31
C ALA JE 15 24.51 92.22 -101.79
N SER JE 16 25.25 91.59 -102.70
CA SER JE 16 26.42 90.83 -102.30
C SER JE 16 27.46 91.75 -101.68
N THR JE 17 27.86 91.43 -100.45
CA THR JE 17 28.78 92.25 -99.67
C THR JE 17 29.81 91.36 -99.00
N LEU JE 18 31.06 91.80 -98.93
CA LEU JE 18 32.04 91.02 -98.23
C LEU JE 18 31.84 91.08 -96.72
N VAL JE 19 32.20 89.98 -96.07
CA VAL JE 19 32.18 89.84 -94.61
C VAL JE 19 33.51 89.19 -94.23
N ASN JE 20 34.26 89.85 -93.37
CA ASN JE 20 35.66 89.53 -93.13
C ASN JE 20 35.80 88.79 -91.81
N TYR JE 21 36.40 87.60 -91.88
CA TYR JE 21 36.67 86.79 -90.71
C TYR JE 21 38.18 86.60 -90.58
N SER JE 22 38.64 86.43 -89.34
CA SER JE 22 40.02 86.13 -89.05
C SER JE 22 40.09 84.95 -88.09
N LEU JE 23 41.13 84.15 -88.24
CA LEU JE 23 41.28 82.92 -87.47
C LEU JE 23 41.69 83.23 -86.05
N ARG JE 24 40.81 82.89 -85.09
CA ARG JE 24 41.12 83.16 -83.69
C ARG JE 24 42.06 82.10 -83.11
N SER JE 25 41.73 80.82 -83.28
CA SER JE 25 42.57 79.74 -82.77
C SER JE 25 42.21 78.45 -83.52
N GLN JE 26 42.99 77.40 -83.23
CA GLN JE 26 42.74 76.07 -83.77
C GLN JE 26 42.99 75.04 -82.67
N ASN JE 27 41.95 74.31 -82.30
CA ASN JE 27 41.95 73.25 -81.29
C ASN JE 27 41.95 71.89 -82.00
N GLY JE 28 41.74 70.83 -81.24
CA GLY JE 28 41.62 69.49 -81.77
C GLY JE 28 40.50 69.38 -82.78
N ASN JE 29 40.88 69.21 -84.04
CA ASN JE 29 39.95 68.97 -85.14
C ASN JE 29 38.87 70.05 -85.23
N ASN JE 30 39.26 71.30 -85.01
CA ASN JE 30 38.28 72.38 -85.12
C ASN JE 30 39.02 73.68 -85.44
N VAL JE 31 38.22 74.69 -85.79
CA VAL JE 31 38.71 75.98 -86.25
C VAL JE 31 37.69 77.03 -85.84
N ASP JE 32 38.18 78.16 -85.31
CA ASP JE 32 37.35 79.24 -84.79
C ASP JE 32 37.72 80.55 -85.48
N TYR JE 33 36.76 81.15 -86.19
CA TYR JE 33 36.92 82.42 -86.87
C TYR JE 33 35.99 83.46 -86.25
N VAL JE 34 36.46 84.72 -86.28
CA VAL JE 34 35.74 85.86 -85.72
C VAL JE 34 35.61 86.94 -86.80
N CYS JE 35 34.47 87.62 -86.83
CA CYS JE 35 34.27 88.68 -87.80
C CYS JE 35 35.02 89.93 -87.36
N THR JE 36 35.75 90.53 -88.30
CA THR JE 36 36.60 91.69 -88.04
C THR JE 36 36.01 92.99 -88.58
N ASP JE 37 34.76 92.97 -89.04
CA ASP JE 37 34.11 94.16 -89.53
C ASP JE 37 33.75 95.06 -88.35
N PRO JE 38 33.38 96.31 -88.61
CA PRO JE 38 32.97 97.19 -87.50
C PRO JE 38 31.66 96.75 -86.83
N ASP JE 39 30.73 96.12 -87.58
CA ASP JE 39 29.43 95.79 -87.02
C ASP JE 39 29.48 94.66 -85.98
N SER JE 40 30.57 93.89 -85.94
CA SER JE 40 30.73 92.84 -84.94
C SER JE 40 31.65 93.33 -83.83
N THR JE 41 31.19 93.15 -82.60
CA THR JE 41 31.92 93.51 -81.39
C THR JE 41 31.76 92.35 -80.41
N LEU JE 42 32.49 92.40 -79.30
CA LEU JE 42 32.38 91.32 -78.32
C LEU JE 42 30.96 91.23 -77.77
N SER JE 43 30.25 92.35 -77.72
CA SER JE 43 28.87 92.34 -77.24
C SER JE 43 27.96 91.58 -78.21
N ALA JE 44 28.19 91.71 -79.51
CA ALA JE 44 27.37 91.05 -80.52
C ALA JE 44 28.25 90.63 -81.70
N PRO JE 45 28.96 89.52 -81.57
CA PRO JE 45 29.96 89.14 -82.57
C PRO JE 45 29.37 88.32 -83.71
N GLY JE 46 30.17 88.18 -84.76
CA GLY JE 46 29.94 87.20 -85.81
C GLY JE 46 31.01 86.12 -85.72
N LEU JE 47 30.59 84.87 -85.83
CA LEU JE 47 31.48 83.75 -85.53
C LEU JE 47 31.31 82.64 -86.54
N ILE JE 48 32.39 81.91 -86.81
CA ILE JE 48 32.33 80.70 -87.62
C ILE JE 48 33.15 79.62 -86.93
N ASN JE 49 32.62 78.40 -86.92
CA ASN JE 49 33.24 77.29 -86.20
C ASN JE 49 33.14 76.02 -87.03
N ALA JE 50 34.23 75.26 -87.10
CA ALA JE 50 34.24 74.03 -87.89
C ALA JE 50 34.94 72.93 -87.11
N LYS JE 51 34.43 71.71 -87.24
CA LYS JE 51 34.94 70.56 -86.48
C LYS JE 51 34.85 69.30 -87.33
N PHE JE 52 35.82 68.40 -87.16
CA PHE JE 52 35.79 67.09 -87.80
C PHE JE 52 35.63 66.00 -86.75
N ASP JE 53 34.65 65.13 -86.95
CA ASP JE 53 34.53 63.86 -86.23
C ASP JE 53 35.05 62.79 -87.18
N ILE JE 54 36.27 62.32 -86.95
CA ILE JE 54 36.98 61.44 -87.87
C ILE JE 54 37.02 60.04 -87.27
N LYS JE 55 36.42 59.08 -87.97
CA LYS JE 55 36.40 57.72 -87.46
C LYS JE 55 37.70 57.01 -87.82
N ALA JE 56 37.92 55.86 -87.17
CA ALA JE 56 39.17 55.13 -87.30
C ALA JE 56 39.39 54.70 -88.75
N PRO JE 57 40.63 54.39 -89.12
CA PRO JE 57 40.90 53.93 -90.49
C PRO JE 57 40.12 52.67 -90.80
N GLY JE 58 39.68 52.55 -92.04
CA GLY JE 58 38.86 51.46 -92.51
C GLY JE 58 37.82 51.99 -93.44
N ILE JE 59 36.90 51.12 -93.86
CA ILE JE 59 35.82 51.53 -94.73
C ILE JE 59 34.46 51.42 -94.06
N THR JE 60 34.44 51.24 -92.74
CA THR JE 60 33.19 50.93 -92.04
C THR JE 60 32.38 52.17 -91.70
N GLY JE 61 33.05 53.25 -91.28
CA GLY JE 61 32.38 54.32 -90.57
C GLY JE 61 31.73 55.38 -91.45
N ASN JE 62 31.37 56.48 -90.79
CA ASN JE 62 30.87 57.71 -91.39
C ASN JE 62 31.61 58.89 -90.75
N ASP JE 63 32.46 59.56 -91.53
CA ASP JE 63 33.10 60.79 -91.07
C ASP JE 63 32.09 61.93 -91.04
N ARG JE 64 32.32 62.92 -90.18
CA ARG JE 64 31.39 64.03 -90.07
C ARG JE 64 32.12 65.37 -90.00
N ILE JE 65 31.51 66.38 -90.62
CA ILE JE 65 31.95 67.77 -90.60
C ILE JE 65 30.85 68.58 -89.95
N HIS JE 66 31.21 69.44 -89.00
CA HIS JE 66 30.27 70.33 -88.33
C HIS JE 66 30.71 71.76 -88.55
N ALA JE 67 29.88 72.54 -89.22
CA ALA JE 67 30.12 73.96 -89.41
C ALA JE 67 29.01 74.75 -88.75
N ASN JE 68 29.34 75.96 -88.30
CA ASN JE 68 28.37 76.79 -87.59
C ASN JE 68 28.71 78.25 -87.84
N LEU JE 69 27.78 78.97 -88.46
CA LEU JE 69 27.96 80.40 -88.75
C LEU JE 69 26.91 81.16 -87.96
N ARG JE 70 27.37 81.99 -87.02
CA ARG JE 70 26.48 82.67 -86.09
C ARG JE 70 26.68 84.18 -86.17
N LYS JE 71 25.60 84.91 -85.86
CA LYS JE 71 25.66 86.35 -85.64
C LYS JE 71 24.76 86.71 -84.47
N VAL JE 72 25.30 87.45 -83.51
CA VAL JE 72 24.56 87.89 -82.34
C VAL JE 72 24.01 89.29 -82.60
N VAL JE 73 22.80 89.55 -82.11
CA VAL JE 73 22.17 90.85 -82.24
C VAL JE 73 21.61 91.25 -80.89
N LEU JE 74 21.57 92.56 -80.65
CA LEU JE 74 21.08 93.12 -79.40
C LEU JE 74 19.74 93.82 -79.62
N ASP JE 75 18.82 93.62 -78.68
CA ASP JE 75 17.51 94.26 -78.75
C ASP JE 75 17.65 95.78 -78.64
N GLU JE 76 16.95 96.51 -79.51
CA GLU JE 76 17.00 97.97 -79.46
C GLU JE 76 16.43 98.50 -78.13
N LYS JE 77 15.56 97.73 -77.49
CA LYS JE 77 14.92 98.22 -76.27
C LYS JE 77 15.69 97.82 -75.03
N THR JE 78 16.29 96.63 -75.02
CA THR JE 78 16.88 96.08 -73.81
C THR JE 78 18.35 95.67 -73.94
N ASN JE 79 18.96 95.79 -75.12
CA ASN JE 79 20.30 95.26 -75.38
C ASN JE 79 20.42 93.79 -75.02
N LEU JE 80 19.31 93.06 -75.06
CA LEU JE 80 19.46 91.64 -74.77
C LEU JE 80 19.85 90.87 -76.02
N PRO JE 81 20.81 89.96 -75.87
CA PRO JE 81 21.35 89.26 -77.04
C PRO JE 81 20.47 88.10 -77.44
N SER JE 82 20.24 87.96 -78.74
CA SER JE 82 19.78 86.72 -79.32
C SER JE 82 20.60 86.45 -80.57
N THR JE 83 20.78 85.17 -80.89
CA THR JE 83 21.70 84.78 -81.95
C THR JE 83 20.94 84.14 -83.10
N GLY JE 84 21.37 84.45 -84.32
CA GLY JE 84 20.92 83.76 -85.51
C GLY JE 84 22.05 82.87 -85.99
N SER JE 85 21.70 81.71 -86.54
CA SER JE 85 22.76 80.77 -86.90
C SER JE 85 22.35 79.88 -88.05
N VAL JE 86 23.34 79.51 -88.87
CA VAL JE 86 23.22 78.46 -89.86
C VAL JE 86 24.25 77.40 -89.52
N THR JE 87 23.79 76.21 -89.17
CA THR JE 87 24.66 75.09 -88.85
C THR JE 87 24.55 74.05 -89.96
N ILE JE 88 25.67 73.38 -90.20
CA ILE JE 88 25.80 72.40 -91.29
C ILE JE 88 26.45 71.16 -90.75
N GLN JE 89 25.94 70.00 -91.14
CA GLN JE 89 26.56 68.73 -90.81
C GLN JE 89 26.68 67.88 -92.06
N VAL JE 90 27.90 67.55 -92.43
CA VAL JE 90 28.20 66.70 -93.57
C VAL JE 90 28.59 65.33 -93.03
N SER JE 91 27.97 64.28 -93.56
CA SER JE 91 28.28 62.91 -93.19
C SER JE 91 28.72 62.17 -94.45
N ILE JE 92 29.98 61.75 -94.45
CA ILE JE 92 30.69 61.14 -95.57
C ILE JE 92 30.95 59.66 -95.22
N PRO JE 93 30.31 58.72 -95.90
CA PRO JE 93 30.62 57.31 -95.65
C PRO JE 93 31.98 56.92 -96.20
N ARG JE 94 32.54 55.87 -95.61
CA ARG JE 94 33.86 55.37 -95.98
C ARG JE 94 33.79 54.16 -96.91
N ASN JE 95 32.61 53.55 -97.08
CA ASN JE 95 32.39 52.54 -98.09
C ASN JE 95 32.89 53.04 -99.44
N PRO JE 96 33.82 52.35 -100.10
CA PRO JE 96 34.41 52.87 -101.34
C PRO JE 96 33.40 53.11 -102.45
N ALA JE 97 32.14 52.75 -102.23
CA ALA JE 97 31.07 53.08 -103.15
C ALA JE 97 30.67 54.55 -103.07
N TRP JE 98 31.34 55.35 -102.25
CA TRP JE 98 31.12 56.79 -102.13
C TRP JE 98 32.33 57.55 -102.66
N ASN JE 99 32.10 58.79 -103.09
CA ASN JE 99 33.15 59.61 -103.68
C ASN JE 99 33.18 61.00 -103.06
N ALA JE 100 34.39 61.56 -103.04
CA ALA JE 100 34.51 63.00 -102.82
C ALA JE 100 33.64 63.77 -103.80
N SER JE 101 33.48 63.24 -105.03
CA SER JE 101 32.60 63.90 -106.00
C SER JE 101 31.16 63.92 -105.50
N MET JE 102 30.74 62.84 -104.83
CA MET JE 102 29.37 62.80 -104.31
C MET JE 102 29.21 63.76 -103.13
N THR JE 103 30.23 63.84 -102.27
CA THR JE 103 30.23 64.86 -101.21
C THR JE 103 30.06 66.26 -101.81
N VAL JE 104 30.91 66.60 -102.78
CA VAL JE 104 30.86 67.93 -103.39
C VAL JE 104 29.52 68.16 -104.05
N SER JE 105 28.95 67.12 -104.67
CA SER JE 105 27.66 67.29 -105.33
C SER JE 105 26.56 67.63 -104.33
N LEU JE 106 26.56 66.94 -103.18
CA LEU JE 106 25.59 67.30 -102.15
C LEU JE 106 25.81 68.72 -101.65
N LEU JE 107 27.07 69.13 -101.48
CA LEU JE 107 27.33 70.50 -101.03
C LEU JE 107 26.79 71.52 -102.02
N LYS JE 108 27.06 71.30 -103.31
CA LYS JE 108 26.61 72.23 -104.34
C LYS JE 108 25.09 72.28 -104.42
N GLN JE 109 24.44 71.12 -104.28
CA GLN JE 109 22.98 71.10 -104.34
C GLN JE 109 22.37 71.82 -103.15
N ALA JE 110 22.91 71.60 -101.95
CA ALA JE 110 22.43 72.33 -100.78
C ALA JE 110 22.62 73.83 -100.96
N ALA JE 111 23.76 74.23 -101.53
CA ALA JE 111 24.02 75.65 -101.77
C ALA JE 111 22.98 76.22 -102.74
N ASP JE 112 22.73 75.52 -103.85
CA ASP JE 112 21.71 75.97 -104.80
C ASP JE 112 20.34 76.07 -104.14
N TYR JE 113 19.97 75.09 -103.32
CA TYR JE 113 18.59 75.00 -102.87
C TYR JE 113 18.30 75.90 -101.66
N LEU JE 114 19.29 76.18 -100.82
CA LEU JE 114 19.04 77.03 -99.67
C LEU JE 114 19.66 78.42 -99.77
N ALA JE 115 20.68 78.61 -100.61
CA ALA JE 115 21.26 79.92 -100.81
C ALA JE 115 21.10 80.45 -102.22
N GLY JE 116 20.77 79.60 -103.20
CA GLY JE 116 20.61 80.04 -104.57
C GLY JE 116 21.88 80.59 -105.16
N THR JE 117 22.99 79.85 -105.05
CA THR JE 117 24.29 80.33 -105.49
C THR JE 117 24.98 79.40 -106.49
N SER JE 118 24.31 78.36 -106.95
CA SER JE 118 24.94 77.40 -107.86
C SER JE 118 25.43 78.07 -109.15
N ALA JE 119 26.33 77.35 -109.84
CA ALA JE 119 26.82 77.77 -111.15
C ALA JE 119 25.71 77.64 -112.19
N THR JE 120 25.98 78.16 -113.38
CA THR JE 120 24.96 78.20 -114.43
C THR JE 120 25.01 76.94 -115.30
N VAL JE 121 23.86 76.28 -115.43
CA VAL JE 121 23.70 75.10 -116.27
C VAL JE 121 22.37 75.29 -117.01
N SER JE 122 22.23 74.58 -118.15
CA SER JE 122 21.15 74.85 -119.07
C SER JE 122 19.80 74.83 -118.39
N GLY JE 123 19.36 73.68 -117.92
CA GLY JE 123 17.99 73.55 -117.50
C GLY JE 123 17.75 73.82 -116.02
N GLN JE 124 18.61 74.60 -115.39
CA GLN JE 124 18.57 74.68 -113.93
C GLN JE 124 17.35 75.48 -113.52
N THR JE 125 16.79 75.17 -112.35
CA THR JE 125 15.70 76.00 -111.88
C THR JE 125 16.25 77.26 -111.23
N ASP JE 126 15.48 78.34 -111.34
CA ASP JE 126 15.87 79.64 -110.82
C ASP JE 126 15.73 79.62 -109.31
N THR JE 127 16.88 79.64 -108.62
CA THR JE 127 16.92 79.54 -107.17
C THR JE 127 17.33 80.86 -106.52
N SER JE 128 17.37 81.95 -107.28
CA SER JE 128 17.84 83.22 -106.72
C SER JE 128 16.94 83.70 -105.58
N GLY JE 129 15.63 83.47 -105.68
CA GLY JE 129 14.71 83.93 -104.66
C GLY JE 129 14.51 82.98 -103.52
N PHE JE 130 15.10 81.78 -103.60
CA PHE JE 130 14.91 80.80 -102.56
C PHE JE 130 15.42 81.25 -101.19
N PRO JE 131 16.59 81.88 -101.06
CA PRO JE 131 16.98 82.34 -99.71
C PRO JE 131 15.99 83.31 -99.11
N ALA JE 132 15.41 84.21 -99.92
CA ALA JE 132 14.37 85.10 -99.44
C ALA JE 132 13.17 84.31 -98.95
N LYS JE 133 12.72 83.33 -99.75
CA LYS JE 133 11.56 82.55 -99.35
C LYS JE 133 11.83 81.76 -98.07
N TRP JE 134 13.04 81.23 -97.92
CA TRP JE 134 13.38 80.54 -96.68
C TRP JE 134 13.34 81.49 -95.49
N ALA JE 135 13.99 82.64 -95.63
CA ALA JE 135 14.02 83.62 -94.54
C ALA JE 135 12.63 84.11 -94.18
N GLY JE 136 11.66 83.96 -95.08
CA GLY JE 136 10.28 84.19 -94.75
C GLY JE 136 9.54 82.99 -94.19
N LEU JE 137 10.26 81.89 -93.94
CA LEU JE 137 9.67 80.63 -93.49
C LEU JE 137 8.58 80.15 -94.45
N MET JE 138 8.92 80.08 -95.73
CA MET JE 138 8.05 79.45 -96.72
C MET JE 138 8.89 78.63 -97.68
N PHE JE 139 8.31 77.53 -98.14
CA PHE JE 139 9.03 76.62 -99.02
C PHE JE 139 9.18 77.23 -100.41
N PRO JE 140 10.32 77.00 -101.07
CA PRO JE 140 10.51 77.36 -102.47
C PRO JE 140 9.51 76.64 -103.36
N ALA KE 1 52.17 75.72 -84.16
CA ALA KE 1 52.95 74.86 -85.05
C ALA KE 1 52.79 75.28 -86.52
N ALA KE 2 53.64 74.74 -87.38
CA ALA KE 2 53.57 75.06 -88.80
C ALA KE 2 52.25 74.56 -89.40
N PRO KE 3 51.57 75.38 -90.20
CA PRO KE 3 50.27 74.98 -90.73
C PRO KE 3 50.37 73.93 -91.82
N SER KE 4 51.53 73.78 -92.45
CA SER KE 4 51.69 72.81 -93.52
C SER KE 4 53.17 72.46 -93.66
N LEU KE 5 53.42 71.26 -94.17
CA LEU KE 5 54.76 70.70 -94.29
C LEU KE 5 54.92 70.01 -95.63
N ALA KE 6 56.12 70.13 -96.20
CA ALA KE 6 56.50 69.41 -97.41
C ALA KE 6 57.72 68.56 -97.04
N LEU KE 7 57.48 67.34 -96.58
CA LEU KE 7 58.57 66.48 -96.15
C LEU KE 7 59.07 65.66 -97.34
N VAL KE 8 60.30 65.18 -97.24
CA VAL KE 8 60.89 64.36 -98.30
C VAL KE 8 60.77 62.89 -97.92
N GLY KE 9 60.15 62.10 -98.80
CA GLY KE 9 60.09 60.67 -98.70
C GLY KE 9 60.56 60.04 -100.00
N ALA KE 10 60.07 58.83 -100.26
CA ALA KE 10 60.47 58.05 -101.41
C ALA KE 10 59.25 57.49 -102.12
N ASN KE 11 59.28 57.54 -103.45
CA ASN KE 11 58.23 56.93 -104.26
C ASN KE 11 58.55 55.44 -104.44
N SER KE 12 57.84 54.79 -105.35
CA SER KE 12 58.06 53.37 -105.59
C SER KE 12 59.47 53.10 -106.12
N THR KE 13 60.08 54.08 -106.79
CA THR KE 13 61.43 53.97 -107.31
C THR KE 13 62.49 54.22 -106.24
N LEU KE 14 62.08 54.65 -105.05
CA LEU KE 14 62.93 55.18 -103.98
C LEU KE 14 63.53 56.53 -104.32
N ALA KE 15 63.05 57.19 -105.38
CA ALA KE 15 63.49 58.54 -105.68
C ALA KE 15 62.89 59.53 -104.68
N SER KE 16 63.67 60.56 -104.36
CA SER KE 16 63.22 61.56 -103.38
C SER KE 16 62.01 62.30 -103.90
N THR KE 17 60.89 62.20 -103.18
CA THR KE 17 59.61 62.77 -103.58
C THR KE 17 59.01 63.55 -102.42
N LEU KE 18 58.34 64.65 -102.71
CA LEU KE 18 57.67 65.39 -101.65
C LEU KE 18 56.39 64.68 -101.22
N VAL KE 19 56.15 64.70 -99.92
CA VAL KE 19 54.92 64.25 -99.30
C VAL KE 19 54.40 65.39 -98.42
N ASN KE 20 53.15 65.77 -98.66
CA ASN KE 20 52.60 67.03 -98.19
C ASN KE 20 51.61 66.78 -97.06
N TYR KE 21 51.78 67.50 -95.95
CA TYR KE 21 50.90 67.40 -94.80
C TYR KE 21 50.34 68.78 -94.48
N SER KE 22 49.11 68.80 -93.97
CA SER KE 22 48.53 70.03 -93.43
C SER KE 22 48.14 69.79 -91.98
N LEU KE 23 48.19 70.86 -91.20
CA LEU KE 23 47.91 70.82 -89.76
C LEU KE 23 46.40 70.68 -89.55
N ARG KE 24 45.97 69.49 -89.18
CA ARG KE 24 44.56 69.26 -88.91
C ARG KE 24 44.17 69.58 -87.47
N SER KE 25 44.97 69.20 -86.47
CA SER KE 25 44.60 69.57 -85.11
C SER KE 25 45.83 69.86 -84.27
N GLN KE 26 45.62 70.62 -83.20
CA GLN KE 26 46.63 70.86 -82.19
C GLN KE 26 45.92 71.08 -80.87
N ASN KE 27 46.27 70.27 -79.87
CA ASN KE 27 45.55 70.25 -78.61
C ASN KE 27 46.45 69.68 -77.53
N GLY KE 28 46.57 70.40 -76.42
CA GLY KE 28 47.23 69.89 -75.24
C GLY KE 28 48.62 69.38 -75.50
N ASN KE 29 49.51 70.26 -75.95
CA ASN KE 29 50.86 69.90 -76.35
C ASN KE 29 50.86 68.67 -77.25
N ASN KE 30 49.93 68.67 -78.20
CA ASN KE 30 49.82 67.57 -79.13
C ASN KE 30 49.52 68.17 -80.50
N VAL KE 31 50.12 67.61 -81.54
CA VAL KE 31 50.03 68.18 -82.90
C VAL KE 31 49.79 67.05 -83.89
N ASP KE 32 48.76 67.18 -84.72
CA ASP KE 32 48.32 66.14 -85.65
C ASP KE 32 48.19 66.70 -87.06
N TYR KE 33 48.95 66.12 -87.98
CA TYR KE 33 48.96 66.47 -89.40
C TYR KE 33 48.35 65.35 -90.22
N VAL KE 34 47.74 65.71 -91.36
CA VAL KE 34 47.22 64.73 -92.30
C VAL KE 34 47.82 64.98 -93.67
N CYS KE 35 48.01 63.89 -94.42
CA CYS KE 35 48.63 63.97 -95.74
C CYS KE 35 47.61 64.43 -96.77
N THR KE 36 47.99 65.44 -97.56
CA THR KE 36 47.12 66.08 -98.53
C THR KE 36 47.23 65.46 -99.93
N ASP KE 37 48.12 64.50 -100.11
CA ASP KE 37 48.38 63.93 -101.42
C ASP KE 37 47.25 62.98 -101.82
N PRO KE 38 47.22 62.55 -103.08
CA PRO KE 38 46.19 61.59 -103.49
C PRO KE 38 46.34 60.22 -102.86
N ASP KE 39 47.55 59.82 -102.48
CA ASP KE 39 47.74 58.49 -101.92
C ASP KE 39 47.14 58.33 -100.52
N SER KE 40 46.81 59.42 -99.83
CA SER KE 40 46.10 59.34 -98.56
C SER KE 40 44.63 59.63 -98.82
N THR KE 41 43.79 58.64 -98.55
CA THR KE 41 42.35 58.77 -98.64
C THR KE 41 41.77 58.81 -97.22
N LEU KE 42 40.46 59.06 -97.15
CA LEU KE 42 39.79 59.02 -95.86
C LEU KE 42 39.90 57.64 -95.25
N SER KE 43 39.77 56.60 -96.07
CA SER KE 43 39.74 55.25 -95.53
C SER KE 43 41.13 54.77 -95.15
N ALA KE 44 42.14 55.22 -95.90
CA ALA KE 44 43.53 54.82 -95.70
C ALA KE 44 44.41 56.05 -95.75
N PRO KE 45 44.53 56.79 -94.66
CA PRO KE 45 45.22 58.09 -94.68
C PRO KE 45 46.69 57.96 -94.35
N GLY KE 46 47.40 59.08 -94.56
CA GLY KE 46 48.73 59.27 -94.04
C GLY KE 46 48.67 60.31 -92.94
N LEU KE 47 49.34 60.03 -91.81
CA LEU KE 47 49.12 60.81 -90.61
C LEU KE 47 50.43 61.05 -89.87
N ILE KE 48 50.48 62.18 -89.15
CA ILE KE 48 51.62 62.48 -88.28
C ILE KE 48 51.09 62.96 -86.94
N ASN KE 49 51.77 62.54 -85.87
CA ASN KE 49 51.41 62.85 -84.50
C ASN KE 49 52.67 63.26 -83.75
N ALA KE 50 52.55 64.24 -82.84
CA ALA KE 50 53.70 64.68 -82.03
C ALA KE 50 53.23 65.22 -80.69
N LYS KE 51 53.77 64.63 -79.61
CA LYS KE 51 53.39 64.93 -78.22
C LYS KE 51 54.61 65.38 -77.41
N PHE KE 52 54.34 66.19 -76.40
CA PHE KE 52 55.34 66.64 -75.42
C PHE KE 52 54.91 66.23 -74.02
N ASP KE 53 55.71 65.35 -73.39
CA ASP KE 53 55.61 65.11 -71.95
C ASP KE 53 56.61 66.05 -71.30
N ILE KE 54 56.13 67.19 -70.81
CA ILE KE 54 56.98 68.18 -70.18
C ILE KE 54 56.86 68.04 -68.67
N LYS KE 55 57.96 67.67 -68.03
CA LYS KE 55 57.99 67.51 -66.59
C LYS KE 55 57.98 68.87 -65.91
N ALA KE 56 57.53 68.88 -64.66
CA ALA KE 56 57.55 70.06 -63.79
C ALA KE 56 58.97 70.62 -63.71
N PRO KE 57 59.13 71.92 -63.46
CA PRO KE 57 60.47 72.49 -63.38
C PRO KE 57 61.30 71.77 -62.33
N GLY KE 58 62.59 71.67 -62.60
CA GLY KE 58 63.46 70.93 -61.72
C GLY KE 58 64.67 70.45 -62.48
N ILE KE 59 65.67 70.01 -61.70
CA ILE KE 59 66.90 69.52 -62.27
C ILE KE 59 66.88 68.02 -62.47
N THR KE 60 65.84 67.34 -61.98
CA THR KE 60 65.71 65.90 -62.05
C THR KE 60 64.63 65.51 -63.04
N GLY KE 61 64.80 64.34 -63.64
CA GLY KE 61 63.81 63.80 -64.56
C GLY KE 61 64.23 63.94 -66.01
N ASN KE 62 63.41 63.35 -66.88
CA ASN KE 62 63.57 63.45 -68.32
C ASN KE 62 62.31 64.06 -68.92
N ASP KE 63 62.50 65.02 -69.85
CA ASP KE 63 61.44 65.47 -70.74
C ASP KE 63 61.33 64.50 -71.91
N ARG KE 64 60.14 64.38 -72.49
CA ARG KE 64 59.97 63.40 -73.57
C ARG KE 64 59.22 63.98 -74.76
N ILE KE 65 59.65 63.59 -75.95
CA ILE KE 65 59.02 63.92 -77.22
C ILE KE 65 58.56 62.62 -77.85
N HIS KE 66 57.31 62.58 -78.31
CA HIS KE 66 56.79 61.42 -79.03
C HIS KE 66 56.38 61.85 -80.42
N ALA KE 67 56.67 61.02 -81.42
CA ALA KE 67 56.32 61.34 -82.79
C ALA KE 67 55.96 60.06 -83.52
N ASN KE 68 54.94 60.13 -84.36
CA ASN KE 68 54.48 58.96 -85.10
C ASN KE 68 54.16 59.36 -86.53
N LEU KE 69 54.75 58.65 -87.49
CA LEU KE 69 54.47 58.86 -88.91
C LEU KE 69 53.87 57.57 -89.46
N ARG KE 70 52.62 57.65 -89.90
CA ARG KE 70 51.80 56.50 -90.24
C ARG KE 70 51.34 56.58 -91.69
N LYS KE 71 51.23 55.42 -92.32
CA LYS KE 71 50.50 55.27 -93.57
C LYS KE 71 49.60 54.03 -93.45
N VAL KE 72 48.30 54.22 -93.66
CA VAL KE 72 47.34 53.13 -93.61
C VAL KE 72 47.18 52.55 -95.00
N VAL KE 73 47.03 51.24 -95.09
CA VAL KE 73 46.79 50.57 -96.36
C VAL KE 73 45.68 49.55 -96.17
N LEU KE 74 44.83 49.43 -97.19
CA LEU KE 74 43.69 48.54 -97.17
C LEU KE 74 44.02 47.23 -97.88
N ASP KE 75 43.51 46.12 -97.33
CA ASP KE 75 43.68 44.82 -97.98
C ASP KE 75 42.93 44.79 -99.30
N GLU KE 76 43.54 44.14 -100.30
CA GLU KE 76 42.93 44.11 -101.62
C GLU KE 76 41.57 43.41 -101.58
N LYS KE 77 41.47 42.30 -100.86
CA LYS KE 77 40.24 41.52 -100.83
C LYS KE 77 39.34 41.98 -99.68
N THR KE 78 39.84 41.94 -98.45
CA THR KE 78 39.00 42.17 -97.28
C THR KE 78 38.76 43.64 -96.99
N ASN KE 79 39.55 44.55 -97.58
CA ASN KE 79 39.48 45.99 -97.31
C ASN KE 79 39.71 46.32 -95.83
N LEU KE 80 40.23 45.37 -95.06
CA LEU KE 80 40.62 45.63 -93.68
C LEU KE 80 41.89 46.48 -93.68
N PRO KE 81 41.97 47.48 -92.83
CA PRO KE 81 43.14 48.35 -92.83
C PRO KE 81 44.23 47.80 -91.94
N SER KE 82 45.46 47.79 -92.43
CA SER KE 82 46.63 47.65 -91.56
C SER KE 82 47.55 48.82 -91.82
N THR KE 83 48.27 49.23 -90.80
CA THR KE 83 49.01 50.48 -90.84
C THR KE 83 50.50 50.25 -90.59
N GLY KE 84 51.32 50.94 -91.36
CA GLY KE 84 52.78 50.90 -91.21
C GLY KE 84 53.24 52.23 -90.64
N SER KE 85 54.23 52.17 -89.74
CA SER KE 85 54.53 53.37 -88.97
C SER KE 85 55.97 53.42 -88.50
N VAL KE 86 56.55 54.62 -88.55
CA VAL KE 86 57.82 54.92 -87.89
C VAL KE 86 57.54 55.85 -86.72
N THR KE 87 57.87 55.41 -85.52
CA THR KE 87 57.62 56.19 -84.32
C THR KE 87 58.92 56.44 -83.55
N ILE KE 88 59.04 57.64 -83.00
CA ILE KE 88 60.26 58.14 -82.37
C ILE KE 88 59.93 58.62 -80.97
N GLN KE 89 60.77 58.25 -80.01
CA GLN KE 89 60.74 58.81 -78.67
C GLN KE 89 62.09 59.43 -78.34
N VAL KE 90 62.08 60.72 -78.00
CA VAL KE 90 63.26 61.45 -77.58
C VAL KE 90 63.16 61.70 -76.09
N SER KE 91 64.18 61.31 -75.34
CA SER KE 91 64.23 61.49 -73.89
C SER KE 91 65.41 62.38 -73.56
N ILE KE 92 65.12 63.59 -73.09
CA ILE KE 92 66.07 64.66 -72.82
C ILE KE 92 66.19 64.82 -71.31
N PRO KE 93 67.33 64.48 -70.70
CA PRO KE 93 67.48 64.69 -69.26
C PRO KE 93 67.58 66.18 -68.90
N ARG KE 94 67.42 66.45 -67.61
CA ARG KE 94 67.44 67.81 -67.11
C ARG KE 94 68.69 68.16 -66.31
N ASN KE 95 69.55 67.20 -66.03
CA ASN KE 95 70.86 67.50 -65.45
C ASN KE 95 71.59 68.48 -66.37
N PRO KE 96 72.09 69.61 -65.84
CA PRO KE 96 72.74 70.60 -66.71
C PRO KE 96 73.92 70.05 -67.47
N ALA KE 97 74.35 68.84 -67.15
CA ALA KE 97 75.39 68.14 -67.88
C ALA KE 97 74.89 67.59 -69.22
N TRP KE 98 73.64 67.87 -69.60
CA TRP KE 98 73.11 67.54 -70.91
C TRP KE 98 72.92 68.82 -71.72
N ASN KE 99 72.98 68.71 -73.05
CA ASN KE 99 72.85 69.84 -73.93
C ASN KE 99 71.85 69.57 -75.05
N ALA KE 100 71.21 70.65 -75.49
CA ALA KE 100 70.49 70.59 -76.75
C ALA KE 100 71.40 70.10 -77.86
N SER KE 101 72.69 70.42 -77.80
CA SER KE 101 73.62 69.92 -78.81
C SER KE 101 73.69 68.40 -78.78
N MET KE 102 73.61 67.82 -77.58
CA MET KE 102 73.63 66.36 -77.47
C MET KE 102 72.33 65.76 -77.99
N THR KE 103 71.20 66.41 -77.70
CA THR KE 103 69.93 65.99 -78.28
C THR KE 103 69.99 65.97 -79.80
N VAL KE 104 70.46 67.08 -80.38
CA VAL KE 104 70.54 67.20 -81.84
C VAL KE 104 71.52 66.17 -82.40
N SER KE 105 72.61 65.92 -81.68
CA SER KE 105 73.58 64.93 -82.16
C SER KE 105 72.95 63.55 -82.24
N LEU KE 106 72.19 63.16 -81.22
CA LEU KE 106 71.50 61.87 -81.28
C LEU KE 106 70.48 61.85 -82.41
N LEU KE 107 69.75 62.94 -82.63
CA LEU KE 107 68.79 62.97 -83.72
C LEU KE 107 69.49 62.78 -85.06
N LYS KE 108 70.59 63.49 -85.28
CA LYS KE 108 71.31 63.40 -86.54
C LYS KE 108 71.90 62.00 -86.75
N GLN KE 109 72.41 61.39 -85.68
CA GLN KE 109 72.97 60.04 -85.80
C GLN KE 109 71.89 59.03 -86.12
N ALA KE 110 70.72 59.15 -85.47
CA ALA KE 110 69.61 58.26 -85.80
C ALA KE 110 69.19 58.44 -87.25
N ALA KE 111 69.12 59.69 -87.73
CA ALA KE 111 68.80 59.93 -89.13
C ALA KE 111 69.81 59.27 -90.05
N ASP KE 112 71.10 59.38 -89.72
CA ASP KE 112 72.13 58.75 -90.54
C ASP KE 112 71.98 57.23 -90.54
N TYR KE 113 71.75 56.64 -89.38
CA TYR KE 113 71.84 55.19 -89.27
C TYR KE 113 70.58 54.48 -89.71
N LEU KE 114 69.40 55.07 -89.53
CA LEU KE 114 68.17 54.40 -89.93
C LEU KE 114 67.58 54.95 -91.22
N ALA KE 115 67.92 56.19 -91.60
CA ALA KE 115 67.41 56.75 -92.84
C ALA KE 115 68.48 57.05 -93.87
N GLY KE 116 69.74 57.14 -93.47
CA GLY KE 116 70.82 57.42 -94.40
C GLY KE 116 70.74 58.80 -95.03
N THR KE 117 70.57 59.84 -94.19
CA THR KE 117 70.36 61.19 -94.68
C THR KE 117 71.32 62.21 -94.09
N SER KE 118 72.33 61.79 -93.32
CA SER KE 118 73.28 62.71 -92.73
C SER KE 118 73.93 63.64 -93.76
N ALA KE 119 74.42 64.78 -93.27
CA ALA KE 119 75.22 65.69 -94.08
C ALA KE 119 76.56 65.05 -94.43
N THR KE 120 77.25 65.64 -95.40
CA THR KE 120 78.50 65.07 -95.89
C THR KE 120 79.67 65.50 -95.01
N VAL KE 121 80.43 64.51 -94.53
CA VAL KE 121 81.63 64.71 -93.72
C VAL KE 121 82.67 63.69 -94.18
N SER KE 122 83.92 64.13 -94.27
CA SER KE 122 85.00 63.23 -94.68
C SER KE 122 85.10 62.05 -93.72
N GLY KE 123 85.11 60.85 -94.29
CA GLY KE 123 85.23 59.64 -93.49
C GLY KE 123 83.93 59.08 -92.97
N GLN KE 124 82.78 59.58 -93.40
CA GLN KE 124 81.53 59.08 -92.87
C GLN KE 124 81.24 57.74 -93.54
N THR KE 125 80.56 56.85 -92.84
CA THR KE 125 80.18 55.60 -93.50
C THR KE 125 79.00 55.85 -94.43
N ASP KE 126 79.01 55.16 -95.56
CA ASP KE 126 77.96 55.31 -96.56
C ASP KE 126 76.71 54.61 -96.06
N THR KE 127 75.71 55.41 -95.72
CA THR KE 127 74.47 54.92 -95.14
C THR KE 127 73.32 54.96 -96.15
N SER KE 128 73.63 55.19 -97.42
CA SER KE 128 72.58 55.37 -98.41
C SER KE 128 71.69 54.14 -98.52
N GLY KE 129 72.28 52.95 -98.47
CA GLY KE 129 71.52 51.71 -98.59
C GLY KE 129 70.96 51.19 -97.31
N PHE KE 130 71.27 51.84 -96.19
CA PHE KE 130 70.77 51.38 -94.91
C PHE KE 130 69.25 51.38 -94.81
N PRO KE 131 68.51 52.41 -95.25
CA PRO KE 131 67.05 52.30 -95.16
C PRO KE 131 66.50 51.12 -95.94
N ALA KE 132 67.07 50.82 -97.10
CA ALA KE 132 66.67 49.62 -97.84
C ALA KE 132 66.92 48.36 -97.01
N LYS KE 133 68.13 48.24 -96.45
CA LYS KE 133 68.43 47.05 -95.64
C LYS KE 133 67.50 46.93 -94.44
N TRP KE 134 67.16 48.07 -93.81
CA TRP KE 134 66.23 48.02 -92.69
C TRP KE 134 64.86 47.54 -93.14
N ALA KE 135 64.34 48.12 -94.23
CA ALA KE 135 63.05 47.71 -94.75
C ALA KE 135 63.03 46.23 -95.10
N GLY KE 136 64.19 45.66 -95.42
CA GLY KE 136 64.30 44.23 -95.57
C GLY KE 136 64.56 43.44 -94.32
N LEU KE 137 64.55 44.09 -93.15
CA LEU KE 137 64.89 43.45 -91.87
C LEU KE 137 66.28 42.83 -91.91
N MET KE 138 67.26 43.66 -92.27
CA MET KE 138 68.66 43.25 -92.32
C MET KE 138 69.50 44.30 -91.62
N PHE KE 139 70.34 43.87 -90.70
CA PHE KE 139 71.23 44.82 -90.05
C PHE KE 139 72.24 45.36 -91.04
N PRO KE 140 72.46 46.68 -91.09
CA PRO KE 140 73.44 47.32 -91.97
C PRO KE 140 74.85 46.83 -91.69
N ALA LE 1 -19.41 91.39 86.10
CA ALA LE 1 -20.60 90.73 86.61
C ALA LE 1 -20.70 90.83 88.13
N ALA LE 2 -21.92 90.86 88.64
CA ALA LE 2 -22.14 90.93 90.07
C ALA LE 2 -21.69 89.62 90.73
N PRO LE 3 -21.10 89.69 91.92
CA PRO LE 3 -20.60 88.46 92.56
C PRO LE 3 -21.71 87.60 93.13
N SER LE 4 -22.87 88.18 93.45
CA SER LE 4 -23.96 87.42 94.05
C SER LE 4 -25.24 88.18 93.83
N LEU LE 5 -26.36 87.45 93.93
CA LEU LE 5 -27.68 87.96 93.62
C LEU LE 5 -28.68 87.42 94.62
N ALA LE 6 -29.64 88.25 94.99
CA ALA LE 6 -30.79 87.83 95.78
C ALA LE 6 -32.03 88.18 94.96
N LEU LE 7 -32.51 87.23 94.18
CA LEU LE 7 -33.63 87.48 93.27
C LEU LE 7 -34.93 87.08 93.98
N VAL LE 8 -36.02 87.70 93.57
CA VAL LE 8 -37.32 87.38 94.15
C VAL LE 8 -38.00 86.31 93.32
N GLY LE 9 -38.45 85.24 93.97
CA GLY LE 9 -39.24 84.19 93.38
C GLY LE 9 -40.43 83.88 94.27
N ALA LE 10 -40.92 82.64 94.16
CA ALA LE 10 -42.10 82.21 94.89
C ALA LE 10 -41.88 80.86 95.53
N ASN LE 11 -42.41 80.69 96.75
CA ASN LE 11 -42.38 79.42 97.46
C ASN LE 11 -43.58 78.58 97.05
N SER LE 12 -43.84 77.51 97.80
CA SER LE 12 -44.98 76.66 97.49
C SER LE 12 -46.31 77.38 97.70
N THR LE 13 -46.34 78.39 98.58
CA THR LE 13 -47.51 79.23 98.81
C THR LE 13 -47.67 80.30 97.73
N LEU LE 14 -46.65 80.48 96.88
CA LEU LE 14 -46.53 81.57 95.92
C LEU LE 14 -46.30 82.92 96.60
N ALA LE 15 -45.89 82.91 97.86
CA ALA LE 15 -45.45 84.13 98.52
C ALA LE 15 -44.07 84.51 98.05
N SER LE 16 -43.79 85.82 98.01
CA SER LE 16 -42.51 86.31 97.51
C SER LE 16 -41.38 85.88 98.44
N THR LE 17 -40.42 85.14 97.90
CA THR LE 17 -39.32 84.57 98.66
C THR LE 17 -38.01 84.90 97.98
N LEU LE 18 -36.96 85.15 98.76
CA LEU LE 18 -35.66 85.33 98.15
C LEU LE 18 -35.08 84.00 97.69
N VAL LE 19 -34.33 84.07 96.60
CA VAL LE 19 -33.55 82.95 96.08
C VAL LE 19 -32.16 83.48 95.75
N ASN LE 20 -31.15 82.83 96.34
CA ASN LE 20 -29.81 83.37 96.39
C ASN LE 20 -28.92 82.66 95.36
N TYR LE 21 -28.32 83.44 94.49
CA TYR LE 21 -27.35 82.94 93.53
C TYR LE 21 -25.98 83.55 93.82
N SER LE 22 -24.93 82.83 93.46
CA SER LE 22 -23.58 83.34 93.55
C SER LE 22 -22.84 83.01 92.26
N LEU LE 23 -21.89 83.85 91.91
CA LEU LE 23 -21.20 83.74 90.63
C LEU LE 23 -20.31 82.51 90.62
N ARG LE 24 -20.68 81.51 89.81
CA ARG LE 24 -19.79 80.40 89.56
C ARG LE 24 -18.63 80.82 88.68
N SER LE 25 -18.90 81.31 87.48
CA SER LE 25 -17.78 81.64 86.61
C SER LE 25 -18.19 82.69 85.58
N GLN LE 26 -17.27 83.59 85.26
CA GLN LE 26 -17.43 84.51 84.15
C GLN LE 26 -16.45 84.11 83.05
N ASN LE 27 -17.00 83.69 81.92
CA ASN LE 27 -16.29 83.59 80.66
C ASN LE 27 -16.50 84.90 79.89
N GLY LE 28 -15.76 85.08 78.81
CA GLY LE 28 -15.88 86.32 78.05
C GLY LE 28 -17.27 86.50 77.48
N ASN LE 29 -17.98 87.54 77.94
CA ASN LE 29 -19.38 87.79 77.56
C ASN LE 29 -20.27 86.60 77.92
N ASN LE 30 -19.95 85.93 79.02
CA ASN LE 30 -20.77 84.80 79.47
C ASN LE 30 -20.65 84.70 80.99
N VAL LE 31 -21.78 84.44 81.64
CA VAL LE 31 -21.83 84.44 83.10
C VAL LE 31 -22.66 83.25 83.56
N ASP LE 32 -22.16 82.52 84.56
CA ASP LE 32 -22.83 81.37 85.15
C ASP LE 32 -22.94 81.58 86.66
N TYR LE 33 -24.19 81.61 87.15
CA TYR LE 33 -24.53 81.70 88.57
C TYR LE 33 -25.14 80.39 89.04
N VAL LE 34 -24.98 80.10 90.33
CA VAL LE 34 -25.48 78.89 90.97
C VAL LE 34 -26.27 79.27 92.21
N CYS LE 35 -27.35 78.56 92.49
CA CYS LE 35 -28.16 78.83 93.66
C CYS LE 35 -27.48 78.29 94.90
N THR LE 36 -27.39 79.13 95.94
CA THR LE 36 -26.71 78.80 97.18
C THR LE 36 -27.67 78.42 98.30
N ASP LE 37 -28.95 78.24 97.99
CA ASP LE 37 -29.92 77.84 99.00
C ASP LE 37 -29.80 76.33 99.24
N PRO LE 38 -30.44 75.83 100.29
CA PRO LE 38 -30.57 74.37 100.43
C PRO LE 38 -31.43 73.73 99.35
N ASP LE 39 -32.23 74.51 98.62
CA ASP LE 39 -33.07 73.98 97.54
C ASP LE 39 -32.22 73.34 96.45
N SER LE 40 -31.12 73.98 96.07
CA SER LE 40 -30.25 73.44 95.05
C SER LE 40 -29.08 72.70 95.70
N THR LE 41 -28.75 71.57 95.11
CA THR LE 41 -27.56 70.80 95.41
C THR LE 41 -26.83 70.58 94.09
N LEU LE 42 -25.59 70.07 94.17
CA LEU LE 42 -24.89 69.75 92.94
C LEU LE 42 -25.66 68.73 92.11
N SER LE 43 -26.36 67.81 92.77
CA SER LE 43 -27.10 66.79 92.02
C SER LE 43 -28.31 67.38 91.31
N ALA LE 44 -29.00 68.33 91.94
CA ALA LE 44 -30.18 68.97 91.35
C ALA LE 44 -30.09 70.47 91.58
N PRO LE 45 -29.33 71.18 90.75
CA PRO LE 45 -29.01 72.57 91.02
C PRO LE 45 -30.03 73.56 90.46
N GLY LE 46 -29.94 74.79 90.96
CA GLY LE 46 -30.58 75.93 90.34
C GLY LE 46 -29.49 76.79 89.70
N LEU LE 47 -29.74 77.20 88.47
CA LEU LE 47 -28.65 77.76 87.66
C LEU LE 47 -29.14 78.96 86.87
N ILE LE 48 -28.21 79.88 86.58
CA ILE LE 48 -28.48 81.01 85.69
C ILE LE 48 -27.31 81.14 84.73
N ASN LE 49 -27.63 81.45 83.47
CA ASN LE 49 -26.64 81.64 82.41
C ASN LE 49 -27.02 82.88 81.60
N ALA LE 50 -26.03 83.70 81.28
CA ALA LE 50 -26.24 84.92 80.51
C ALA LE 50 -25.12 85.11 79.49
N LYS LE 51 -25.51 85.31 78.22
CA LYS LE 51 -24.58 85.35 77.09
C LYS LE 51 -24.86 86.58 76.24
N PHE LE 52 -23.82 87.05 75.55
CA PHE LE 52 -23.89 88.21 74.66
C PHE LE 52 -23.36 87.84 73.28
N ASP LE 53 -24.27 87.79 72.31
CA ASP LE 53 -23.90 87.64 70.90
C ASP LE 53 -23.77 89.05 70.32
N ILE LE 54 -22.55 89.56 70.33
CA ILE LE 54 -22.26 90.92 69.86
C ILE LE 54 -21.55 90.81 68.52
N LYS LE 55 -22.15 91.37 67.48
CA LYS LE 55 -21.59 91.30 66.15
C LYS LE 55 -20.43 92.28 66.02
N ALA LE 56 -19.61 92.08 65.00
CA ALA LE 56 -18.48 92.96 64.75
C ALA LE 56 -18.97 94.40 64.59
N PRO LE 57 -18.17 95.38 65.02
CA PRO LE 57 -18.65 96.78 64.99
C PRO LE 57 -18.93 97.29 63.58
N GLY LE 58 -18.21 96.82 62.57
CA GLY LE 58 -18.52 97.24 61.21
C GLY LE 58 -19.85 96.68 60.72
N ILE LE 59 -20.14 95.42 61.04
CA ILE LE 59 -21.32 94.71 60.52
C ILE LE 59 -22.58 95.25 61.21
N THR LE 60 -23.62 95.46 60.41
CA THR LE 60 -24.96 95.73 60.94
C THR LE 60 -25.73 94.42 61.07
N GLY LE 61 -26.38 94.25 62.20
CA GLY LE 61 -27.24 93.11 62.44
C GLY LE 61 -28.04 93.41 63.68
N ASN LE 62 -28.39 92.35 64.40
CA ASN LE 62 -28.97 92.47 65.72
C ASN LE 62 -27.97 91.95 66.74
N ASP LE 63 -27.74 92.72 67.80
CA ASP LE 63 -27.06 92.20 68.97
C ASP LE 63 -28.05 91.38 69.78
N ARG LE 64 -27.55 90.34 70.46
CA ARG LE 64 -28.43 89.41 71.15
C ARG LE 64 -27.99 89.14 72.58
N ILE LE 65 -28.96 88.98 73.46
CA ILE LE 65 -28.76 88.59 74.85
C ILE LE 65 -29.49 87.27 75.06
N HIS LE 66 -28.80 86.29 75.64
CA HIS LE 66 -29.39 84.98 75.94
C HIS LE 66 -29.33 84.75 77.43
N ALA LE 67 -30.49 84.60 78.07
CA ALA LE 67 -30.56 84.33 79.49
C ALA LE 67 -31.32 83.03 79.73
N ASN LE 68 -30.91 82.30 80.76
CA ASN LE 68 -31.51 81.01 81.06
C ASN LE 68 -31.52 80.82 82.57
N LEU LE 69 -32.71 80.59 83.13
CA LEU LE 69 -32.88 80.32 84.56
C LEU LE 69 -33.48 78.93 84.71
N ARG LE 70 -32.74 78.04 85.35
CA ARG LE 70 -33.06 76.62 85.41
C ARG LE 70 -33.20 76.17 86.85
N LYS LE 71 -34.06 75.16 87.06
CA LYS LE 71 -34.11 74.39 88.29
C LYS LE 71 -34.23 72.92 87.92
N VAL LE 72 -33.27 72.12 88.36
CA VAL LE 72 -33.27 70.68 88.14
C VAL LE 72 -34.01 70.03 89.29
N VAL LE 73 -34.78 68.98 88.99
CA VAL LE 73 -35.49 68.22 90.00
C VAL LE 73 -35.28 66.74 89.73
N LEU LE 74 -35.21 65.96 90.81
CA LEU LE 74 -34.99 64.53 90.73
C LEU LE 74 -36.32 63.79 90.94
N ASP LE 75 -36.53 62.74 90.15
CA ASP LE 75 -37.69 61.88 90.33
C ASP LE 75 -37.59 61.14 91.66
N GLU LE 76 -38.69 61.11 92.40
CA GLU LE 76 -38.69 60.37 93.66
C GLU LE 76 -38.34 58.91 93.45
N LYS LE 77 -38.96 58.28 92.44
CA LYS LE 77 -38.77 56.85 92.25
C LYS LE 77 -37.44 56.52 91.56
N THR LE 78 -37.08 57.24 90.49
CA THR LE 78 -35.91 56.87 89.70
C THR LE 78 -34.68 57.74 89.92
N ASN LE 79 -34.80 58.85 90.65
CA ASN LE 79 -33.74 59.85 90.83
C ASN LE 79 -33.20 60.36 89.51
N LEU LE 80 -33.93 60.15 88.41
CA LEU LE 80 -33.54 60.71 87.14
C LEU LE 80 -33.86 62.20 87.12
N PRO LE 81 -32.97 63.02 86.59
CA PRO LE 81 -33.19 64.46 86.64
C PRO LE 81 -33.96 64.96 85.44
N SER LE 82 -34.99 65.76 85.69
CA SER LE 82 -35.58 66.56 84.63
C SER LE 82 -35.58 68.01 85.10
N THR LE 83 -35.47 68.92 84.14
CA THR LE 83 -35.21 70.32 84.46
C THR LE 83 -36.32 71.21 83.93
N GLY LE 84 -36.60 72.27 84.66
CA GLY LE 84 -37.57 73.27 84.25
C GLY LE 84 -36.88 74.62 84.11
N SER LE 85 -37.25 75.36 83.07
CA SER LE 85 -36.43 76.52 82.73
C SER LE 85 -37.24 77.64 82.10
N VAL LE 86 -36.78 78.87 82.33
CA VAL LE 86 -37.23 80.05 81.61
C VAL LE 86 -36.05 80.63 80.87
N THR LE 87 -36.16 80.71 79.54
CA THR LE 87 -35.12 81.27 78.70
C THR LE 87 -35.63 82.52 78.01
N ILE LE 88 -34.72 83.48 77.81
CA ILE LE 88 -35.05 84.80 77.31
C ILE LE 88 -34.03 85.18 76.25
N GLN LE 89 -34.51 85.70 75.12
CA GLN LE 89 -33.62 86.16 74.07
C GLN LE 89 -34.02 87.59 73.73
N VAL LE 90 -33.08 88.52 73.88
CA VAL LE 90 -33.30 89.92 73.57
C VAL LE 90 -32.53 90.23 72.30
N SER LE 91 -33.24 90.67 71.26
CA SER LE 91 -32.64 91.02 69.98
C SER LE 91 -32.79 92.53 69.79
N ILE LE 92 -31.65 93.23 69.84
CA ILE LE 92 -31.57 94.69 69.79
C ILE LE 92 -30.98 95.08 68.45
N PRO LE 93 -31.68 95.84 67.62
CA PRO LE 93 -31.11 96.26 66.34
C PRO LE 93 -30.10 97.38 66.47
N ARG LE 94 -29.15 97.39 65.53
CA ARG LE 94 -28.05 98.35 65.50
C ARG LE 94 -28.39 99.63 64.74
N ASN LE 95 -29.66 99.95 64.58
CA ASN LE 95 -30.10 101.18 63.92
C ASN LE 95 -30.35 102.26 64.96
N PRO LE 96 -29.80 103.47 64.81
CA PRO LE 96 -30.05 104.53 65.80
C PRO LE 96 -31.51 104.84 66.01
N ALA LE 97 -32.39 104.38 65.11
CA ALA LE 97 -33.83 104.53 65.31
C ALA LE 97 -34.35 103.67 66.46
N TRP LE 98 -33.52 102.80 67.02
CA TRP LE 98 -33.83 102.02 68.21
C TRP LE 98 -32.96 102.52 69.36
N ASN LE 99 -33.48 102.42 70.58
CA ASN LE 99 -32.67 102.86 71.71
C ASN LE 99 -32.96 102.03 72.95
N ALA LE 100 -32.17 102.31 73.99
CA ALA LE 100 -32.25 101.53 75.21
C ALA LE 100 -33.60 101.68 75.88
N SER LE 101 -34.26 102.84 75.71
CA SER LE 101 -35.59 103.00 76.29
C SER LE 101 -36.55 101.97 75.69
N MET LE 102 -36.40 101.68 74.40
CA MET LE 102 -37.26 100.69 73.75
C MET LE 102 -36.90 99.27 74.19
N THR LE 103 -35.59 98.99 74.33
CA THR LE 103 -35.19 97.70 74.89
C THR LE 103 -35.83 97.48 76.26
N VAL LE 104 -35.70 98.47 77.14
CA VAL LE 104 -36.24 98.37 78.48
C VAL LE 104 -37.76 98.26 78.44
N SER LE 105 -38.41 98.98 77.51
CA SER LE 105 -39.86 98.90 77.42
C SER LE 105 -40.31 97.50 77.08
N LEU LE 106 -39.64 96.84 76.13
CA LEU LE 106 -39.98 95.45 75.84
C LEU LE 106 -39.75 94.56 77.05
N LEU LE 107 -38.64 94.76 77.76
CA LEU LE 107 -38.39 93.95 78.95
C LEU LE 107 -39.50 94.12 79.98
N LYS LE 108 -39.89 95.37 80.25
CA LYS LE 108 -40.92 95.64 81.24
C LYS LE 108 -42.27 95.04 80.83
N GLN LE 109 -42.61 95.12 79.53
CA GLN LE 109 -43.88 94.59 79.09
C GLN LE 109 -43.89 93.07 79.20
N ALA LE 110 -42.79 92.41 78.83
CA ALA LE 110 -42.71 90.97 79.00
C ALA LE 110 -42.84 90.58 80.46
N ALA LE 111 -42.20 91.34 81.36
CA ALA LE 111 -42.32 91.08 82.78
C ALA LE 111 -43.77 91.19 83.23
N ASP LE 112 -44.45 92.28 82.83
CA ASP LE 112 -45.85 92.44 83.19
C ASP LE 112 -46.69 91.28 82.68
N TYR LE 113 -46.49 90.88 81.43
CA TYR LE 113 -47.44 89.95 80.81
C TYR LE 113 -47.18 88.49 81.19
N LEU LE 114 -45.94 88.11 81.50
CA LEU LE 114 -45.68 86.73 81.85
C LEU LE 114 -45.40 86.49 83.32
N ALA LE 115 -44.96 87.50 84.06
CA ALA LE 115 -44.73 87.35 85.49
C ALA LE 115 -45.66 88.20 86.34
N GLY LE 116 -46.32 89.20 85.75
CA GLY LE 116 -47.23 90.04 86.48
C GLY LE 116 -46.54 90.85 87.57
N THR LE 117 -45.47 91.56 87.20
CA THR LE 117 -44.67 92.30 88.16
C THR LE 117 -44.45 93.77 87.79
N SER LE 118 -45.17 94.30 86.80
CA SER LE 118 -45.03 95.70 86.42
C SER LE 118 -45.24 96.64 87.60
N ALA LE 119 -44.73 97.86 87.45
CA ALA LE 119 -44.99 98.94 88.41
C ALA LE 119 -46.44 99.40 88.30
N THR LE 120 -46.93 99.99 89.38
CA THR LE 120 -48.32 100.42 89.41
C THR LE 120 -48.51 101.64 88.52
N VAL LE 121 -49.44 101.54 87.58
CA VAL LE 121 -49.77 102.59 86.63
C VAL LE 121 -51.27 102.52 86.37
N SER LE 122 -51.96 103.66 86.47
CA SER LE 122 -53.41 103.62 86.41
C SER LE 122 -53.88 103.17 85.03
N GLY LE 123 -54.86 102.26 85.02
CA GLY LE 123 -55.36 101.70 83.79
C GLY LE 123 -54.69 100.43 83.33
N GLN LE 124 -53.66 99.98 84.04
CA GLN LE 124 -53.01 98.72 83.71
C GLN LE 124 -53.95 97.55 83.98
N THR LE 125 -53.85 96.52 83.15
CA THR LE 125 -54.59 95.31 83.44
C THR LE 125 -53.94 94.59 84.63
N ASP LE 126 -54.79 93.94 85.42
CA ASP LE 126 -54.34 93.22 86.61
C ASP LE 126 -53.69 91.93 86.16
N THR LE 127 -52.36 91.95 86.09
CA THR LE 127 -51.58 90.83 85.61
C THR LE 127 -51.12 89.90 86.72
N SER LE 128 -51.62 90.10 87.94
CA SER LE 128 -51.12 89.35 89.09
C SER LE 128 -51.34 87.85 88.93
N GLY LE 129 -52.47 87.45 88.35
CA GLY LE 129 -52.76 86.03 88.20
C GLY LE 129 -52.23 85.40 86.94
N PHE LE 130 -51.64 86.22 86.06
CA PHE LE 130 -51.14 85.69 84.81
C PHE LE 130 -50.07 84.63 84.98
N PRO LE 131 -49.08 84.76 85.88
CA PRO LE 131 -48.11 83.66 86.02
C PRO LE 131 -48.76 82.35 86.43
N ALA LE 132 -49.76 82.40 87.31
CA ALA LE 132 -50.52 81.20 87.63
C ALA LE 132 -51.17 80.61 86.38
N LYS LE 133 -51.86 81.45 85.60
CA LYS LE 133 -52.51 80.94 84.39
C LYS LE 133 -51.50 80.33 83.43
N TRP LE 134 -50.35 80.99 83.25
CA TRP LE 134 -49.33 80.45 82.36
C TRP LE 134 -48.84 79.09 82.85
N ALA LE 135 -48.54 78.99 84.15
CA ALA LE 135 -48.10 77.72 84.72
C ALA LE 135 -49.17 76.65 84.60
N GLY LE 136 -50.42 77.04 84.37
CA GLY LE 136 -51.45 76.07 84.02
C GLY LE 136 -51.65 75.82 82.54
N LEU LE 137 -50.80 76.37 81.68
CA LEU LE 137 -50.99 76.35 80.22
C LEU LE 137 -52.35 76.90 79.81
N MET LE 138 -52.65 78.09 80.31
CA MET LE 138 -53.89 78.81 80.01
C MET LE 138 -53.53 80.23 79.59
N PHE LE 139 -54.11 80.68 78.48
CA PHE LE 139 -53.87 82.06 78.08
C PHE LE 139 -54.57 83.01 79.06
N PRO LE 140 -53.92 84.07 79.51
CA PRO LE 140 -54.53 85.06 80.40
C PRO LE 140 -55.76 85.69 79.75
N ALA ME 1 -8.23 93.12 85.87
CA ALA ME 1 -8.26 94.31 85.04
C ALA ME 1 -9.08 95.42 85.70
N ALA ME 2 -8.75 96.67 85.37
CA ALA ME 2 -9.46 97.81 85.94
C ALA ME 2 -10.93 97.79 85.52
N PRO ME 3 -11.86 97.97 86.46
CA PRO ME 3 -13.28 97.90 86.09
C PRO ME 3 -13.74 99.08 85.25
N SER ME 4 -13.04 100.20 85.27
CA SER ME 4 -13.43 101.36 84.47
C SER ME 4 -12.20 102.22 84.24
N LEU ME 5 -12.28 103.05 83.19
CA LEU ME 5 -11.18 103.87 82.73
C LEU ME 5 -11.68 105.24 82.32
N ALA ME 6 -10.89 106.26 82.59
CA ALA ME 6 -11.15 107.62 82.14
C ALA ME 6 -9.92 108.06 81.36
N LEU ME 7 -9.95 107.87 80.05
CA LEU ME 7 -8.79 108.13 79.21
C LEU ME 7 -8.91 109.53 78.61
N VAL ME 8 -7.77 110.11 78.23
CA VAL ME 8 -7.77 111.43 77.63
C VAL ME 8 -7.77 111.30 76.11
N GLY ME 9 -8.70 111.99 75.46
CA GLY ME 9 -8.74 112.09 74.02
C GLY ME 9 -8.94 113.53 73.62
N ALA ME 10 -9.47 113.76 72.42
CA ALA ME 10 -9.64 115.13 71.90
C ALA ME 10 -11.07 115.34 71.45
N ASN ME 11 -11.61 116.52 71.77
CA ASN ME 11 -12.95 116.91 71.31
C ASN ME 11 -12.85 117.38 69.86
N SER ME 12 -13.94 117.97 69.35
CA SER ME 12 -13.93 118.47 67.98
C SER ME 12 -12.90 119.58 67.78
N THR ME 13 -12.48 120.24 68.85
CA THR ME 13 -11.50 121.31 68.78
C THR ME 13 -10.09 120.84 69.11
N LEU ME 14 -9.93 119.55 69.38
CA LEU ME 14 -8.65 118.93 69.76
C LEU ME 14 -8.23 119.31 71.18
N ALA ME 15 -9.14 119.80 71.99
CA ALA ME 15 -8.86 120.03 73.40
C ALA ME 15 -8.94 118.71 74.16
N SER ME 16 -8.08 118.57 75.17
CA SER ME 16 -8.07 117.34 75.94
C SER ME 16 -9.38 117.15 76.67
N THR ME 17 -10.02 116.00 76.43
CA THR ME 17 -11.34 115.70 76.97
C THR ME 17 -11.35 114.26 77.48
N LEU ME 18 -12.03 114.03 78.60
CA LEU ME 18 -12.13 112.65 79.07
C LEU ME 18 -13.07 111.84 78.20
N VAL ME 19 -12.76 110.54 78.12
CA VAL ME 19 -13.56 109.54 77.43
C VAL ME 19 -13.64 108.34 78.35
N ASN ME 20 -14.85 107.94 78.69
CA ASN ME 20 -15.10 107.02 79.79
C ASN ME 20 -15.42 105.64 79.24
N TYR ME 21 -14.64 104.64 79.67
CA TYR ME 21 -14.85 103.26 79.31
C TYR ME 21 -15.15 102.45 80.57
N SER ME 22 -15.92 101.39 80.39
CA SER ME 22 -16.22 100.44 81.45
C SER ME 22 -15.97 99.02 80.95
N LEU ME 23 -15.53 98.17 81.87
CA LEU ME 23 -15.13 96.80 81.53
C LEU ME 23 -16.37 95.95 81.26
N ARG ME 24 -16.50 95.47 80.02
CA ARG ME 24 -17.65 94.64 79.68
C ARG ME 24 -17.46 93.20 80.13
N SER ME 25 -16.33 92.59 79.80
CA SER ME 25 -16.05 91.22 80.21
C SER ME 25 -14.54 90.96 80.12
N GLN ME 26 -14.13 89.77 80.57
CA GLN ME 26 -12.76 89.32 80.47
C GLN ME 26 -12.75 87.85 80.09
N ASN ME 27 -12.18 87.54 78.92
CA ASN ME 27 -12.03 86.20 78.36
C ASN ME 27 -10.58 85.74 78.56
N GLY ME 28 -10.22 84.64 77.91
CA GLY ME 28 -8.87 84.13 77.93
C GLY ME 28 -7.88 85.14 77.39
N ASN ME 29 -7.06 85.67 78.29
CA ASN ME 29 -5.96 86.57 77.95
C ASN ME 29 -6.43 87.77 77.15
N ASN ME 30 -7.60 88.31 77.50
CA ASN ME 30 -8.09 89.50 76.79
C ASN ME 30 -9.03 90.27 77.71
N VAL ME 31 -9.36 91.48 77.28
CA VAL ME 31 -10.14 92.45 78.04
C VAL ME 31 -10.93 93.29 77.04
N ASP ME 32 -12.22 93.51 77.34
CA ASP ME 32 -13.14 94.23 76.47
C ASP ME 32 -13.76 95.39 77.24
N TYR ME 33 -13.53 96.62 76.78
CA TYR ME 33 -14.08 97.83 77.35
C TYR ME 33 -15.02 98.50 76.35
N VAL ME 34 -16.04 99.18 76.90
CA VAL ME 34 -17.06 99.87 76.12
C VAL ME 34 -17.15 101.31 76.60
N CYS ME 35 -17.36 102.24 75.67
CA CYS ME 35 -17.48 103.65 76.04
C CYS ME 35 -18.87 103.90 76.62
N THR ME 36 -18.90 104.61 77.76
CA THR ME 36 -20.13 104.88 78.50
C THR ME 36 -20.61 106.32 78.35
N ASP ME 37 -19.99 107.09 77.45
CA ASP ME 37 -20.41 108.45 77.22
C ASP ME 37 -21.73 108.45 76.45
N PRO ME 38 -22.40 109.60 76.36
CA PRO ME 38 -23.64 109.64 75.56
C PRO ME 38 -23.42 109.46 74.07
N ASP ME 39 -22.26 109.87 73.53
CA ASP ME 39 -22.05 109.81 72.09
C ASP ME 39 -21.87 108.39 71.55
N SER ME 40 -21.59 107.41 72.42
CA SER ME 40 -21.49 106.02 71.99
C SER ME 40 -22.76 105.28 72.35
N THR ME 41 -23.30 104.58 71.36
CA THR ME 41 -24.50 103.75 71.49
C THR ME 41 -24.22 102.44 70.79
N LEU ME 42 -25.14 101.48 70.94
CA LEU ME 42 -24.92 100.18 70.28
C LEU ME 42 -24.85 100.34 68.77
N SER ME 43 -25.53 101.35 68.21
CA SER ME 43 -25.48 101.59 66.79
C SER ME 43 -24.09 102.05 66.35
N ALA ME 44 -23.44 102.86 67.16
CA ALA ME 44 -22.11 103.39 66.84
C ALA ME 44 -21.29 103.51 68.11
N PRO ME 45 -20.72 102.40 68.58
CA PRO ME 45 -20.05 102.37 69.88
C PRO ME 45 -18.59 102.78 69.80
N GLY ME 46 -18.01 103.03 70.98
CA GLY ME 46 -16.58 103.13 71.16
C GLY ME 46 -16.10 101.93 71.97
N LEU ME 47 -15.00 101.33 71.52
CA LEU ME 47 -14.59 100.04 72.06
C LEU ME 47 -13.08 100.01 72.27
N ILE ME 48 -12.63 99.27 73.28
CA ILE ME 48 -11.22 98.99 73.48
C ILE ME 48 -11.05 97.51 73.78
N ASN ME 49 -10.03 96.90 73.19
CA ASN ME 49 -9.80 95.46 73.31
C ASN ME 49 -8.33 95.18 73.48
N ALA ME 50 -7.99 94.29 74.40
CA ALA ME 50 -6.59 93.95 74.64
C ALA ME 50 -6.42 92.45 74.81
N LYS ME 51 -5.32 91.92 74.30
CA LYS ME 51 -5.07 90.47 74.29
C LYS ME 51 -3.58 90.21 74.47
N PHE ME 52 -3.27 89.12 75.17
CA PHE ME 52 -1.89 88.66 75.31
C PHE ME 52 -1.70 87.33 74.57
N ASP ME 53 -0.68 87.27 73.73
CA ASP ME 53 -0.18 86.01 73.17
C ASP ME 53 1.09 85.71 73.97
N ILE ME 54 0.99 84.75 74.89
CA ILE ME 54 2.05 84.46 75.85
C ILE ME 54 2.69 83.14 75.47
N LYS ME 55 3.98 83.17 75.18
CA LYS ME 55 4.68 81.96 74.79
C LYS ME 55 5.12 81.19 76.03
N ALA ME 56 5.50 79.93 75.82
CA ALA ME 56 5.82 79.03 76.92
C ALA ME 56 7.00 79.55 77.73
N PRO ME 57 7.15 79.10 78.97
CA PRO ME 57 8.28 79.55 79.79
C PRO ME 57 9.61 79.20 79.12
N GLY ME 58 10.57 80.09 79.30
CA GLY ME 58 11.87 79.98 78.68
C GLY ME 58 12.33 81.36 78.23
N ILE ME 59 13.45 81.39 77.54
CA ILE ME 59 13.97 82.65 77.02
C ILE ME 59 13.96 82.70 75.50
N THR ME 60 13.27 81.75 74.86
CA THR ME 60 13.37 81.60 73.41
C THR ME 60 12.43 82.53 72.65
N GLY ME 61 11.21 82.73 73.14
CA GLY ME 61 10.13 83.26 72.34
C GLY ME 61 10.06 84.77 72.28
N ASN ME 62 8.92 85.23 71.76
CA ASN ME 62 8.50 86.63 71.71
C ASN ME 62 7.05 86.71 72.19
N ASP ME 63 6.83 87.32 73.35
CA ASP ME 63 5.49 87.60 73.84
C ASP ME 63 4.87 88.73 73.04
N ARG ME 64 3.54 88.77 72.94
CA ARG ME 64 2.87 89.81 72.17
C ARG ME 64 1.66 90.37 72.90
N ILE ME 65 1.45 91.67 72.75
CA ILE ME 65 0.31 92.40 73.26
C ILE ME 65 -0.43 92.99 72.07
N HIS ME 66 -1.75 92.81 72.04
CA HIS ME 66 -2.60 93.35 70.98
C HIS ME 66 -3.63 94.27 71.61
N ALA ME 67 -3.58 95.55 71.26
CA ALA ME 67 -4.58 96.51 71.70
C ALA ME 67 -5.31 97.06 70.49
N ASN ME 68 -6.56 97.45 70.69
CA ASN ME 68 -7.37 97.94 69.60
C ASN ME 68 -8.38 98.94 70.14
N LEU ME 69 -8.31 100.18 69.68
CA LEU ME 69 -9.21 101.25 70.10
C LEU ME 69 -10.02 101.67 68.88
N ARG ME 70 -11.34 101.45 68.93
CA ARG ME 70 -12.20 101.67 67.80
C ARG ME 70 -13.32 102.66 68.15
N LYS ME 71 -13.80 103.37 67.13
CA LYS ME 71 -15.01 104.17 67.22
C LYS ME 71 -15.79 104.02 65.91
N VAL ME 72 -17.07 103.71 66.03
CA VAL ME 72 -17.94 103.55 64.88
C VAL ME 72 -18.67 104.86 64.64
N VAL ME 73 -18.89 105.21 63.38
CA VAL ME 73 -19.61 106.42 63.02
C VAL ME 73 -20.62 106.06 61.94
N LEU ME 74 -21.73 106.79 61.92
CA LEU ME 74 -22.80 106.57 60.96
C LEU ME 74 -22.85 107.70 59.95
N ASP ME 75 -23.08 107.35 58.68
CA ASP ME 75 -23.19 108.35 57.61
C ASP ME 75 -24.41 109.23 57.84
N GLU ME 76 -24.22 110.55 57.68
CA GLU ME 76 -25.36 111.46 57.84
C GLU ME 76 -26.44 111.21 56.80
N LYS ME 77 -26.07 110.64 55.66
CA LYS ME 77 -27.04 110.46 54.57
C LYS ME 77 -27.72 109.10 54.65
N THR ME 78 -26.98 108.07 55.06
CA THR ME 78 -27.47 106.70 54.98
C THR ME 78 -27.44 105.92 56.29
N ASN ME 79 -26.94 106.50 57.38
CA ASN ME 79 -26.71 105.78 58.64
C ASN ME 79 -25.89 104.52 58.44
N LEU ME 80 -25.04 104.50 57.40
CA LEU ME 80 -24.21 103.32 57.26
C LEU ME 80 -22.97 103.43 58.11
N PRO ME 81 -22.62 102.34 58.80
CA PRO ME 81 -21.50 102.41 59.76
C PRO ME 81 -20.16 102.24 59.04
N SER ME 82 -19.20 103.06 59.42
CA SER ME 82 -17.80 102.78 59.15
C SER ME 82 -17.02 103.06 60.43
N THR ME 83 -15.92 102.34 60.62
CA THR ME 83 -15.19 102.38 61.88
C THR ME 83 -13.81 102.98 61.67
N GLY ME 84 -13.37 103.78 62.64
CA GLY ME 84 -12.01 104.24 62.72
C GLY ME 84 -11.33 103.52 63.86
N SER ME 85 -10.04 103.22 63.69
CA SER ME 85 -9.39 102.41 64.70
C SER ME 85 -7.90 102.70 64.78
N VAL ME 86 -7.36 102.58 65.98
CA VAL ME 86 -5.93 102.54 66.24
C VAL ME 86 -5.61 101.22 66.89
N THR ME 87 -4.84 100.38 66.21
CA THR ME 87 -4.42 99.09 66.73
C THR ME 87 -2.93 99.13 67.04
N ILE ME 88 -2.54 98.39 68.07
CA ILE ME 88 -1.19 98.39 68.59
C ILE ME 88 -0.77 96.95 68.80
N GLN ME 89 0.47 96.63 68.41
CA GLN ME 89 1.05 95.32 68.68
C GLN ME 89 2.43 95.49 69.28
N VAL ME 90 2.61 95.03 70.50
CA VAL ME 90 3.87 95.06 71.21
C VAL ME 90 4.45 93.66 71.17
N SER ME 91 5.72 93.54 70.77
CA SER ME 91 6.42 92.26 70.74
C SER ME 91 7.65 92.38 71.63
N ILE ME 92 7.65 91.61 72.71
CA ILE ME 92 8.64 91.62 73.79
C ILE ME 92 9.44 90.32 73.72
N PRO ME 93 10.72 90.38 73.37
CA PRO ME 93 11.54 89.16 73.40
C PRO ME 93 11.84 88.69 74.81
N ARG ME 94 12.11 87.40 74.93
CA ARG ME 94 12.39 86.78 76.22
C ARG ME 94 13.88 86.58 76.47
N ASN ME 95 14.72 86.75 75.45
CA ASN ME 95 16.16 86.80 75.63
C ASN ME 95 16.51 87.81 76.73
N PRO ME 96 17.21 87.37 77.79
CA PRO ME 96 17.46 88.27 78.93
C PRO ME 96 18.21 89.53 78.56
N ALA ME 97 18.66 89.65 77.32
CA ALA ME 97 19.25 90.88 76.83
C ALA ME 97 18.20 91.97 76.57
N TRP ME 98 16.94 91.71 76.87
CA TRP ME 98 15.86 92.69 76.76
C TRP ME 98 15.34 93.04 78.14
N ASN ME 99 14.74 94.24 78.25
CA ASN ME 99 14.25 94.74 79.54
C ASN ME 99 12.82 95.25 79.41
N ALA ME 100 12.11 95.14 80.53
CA ALA ME 100 10.87 95.91 80.66
C ALA ME 100 11.14 97.39 80.42
N SER ME 101 12.32 97.87 80.79
CA SER ME 101 12.67 99.27 80.52
C SER ME 101 12.69 99.54 79.03
N MET ME 102 13.17 98.58 78.24
CA MET ME 102 13.21 98.76 76.79
C MET ME 102 11.80 98.73 76.20
N THR ME 103 10.95 97.83 76.72
CA THR ME 103 9.54 97.84 76.32
C THR ME 103 8.91 99.22 76.59
N VAL ME 104 9.07 99.72 77.81
CA VAL ME 104 8.48 101.00 78.18
C VAL ME 104 9.05 102.12 77.32
N SER ME 105 10.34 102.05 77.00
CA SER ME 105 10.95 103.08 76.17
C SER ME 105 10.34 103.11 74.79
N LEU ME 106 10.13 101.93 74.18
CA LEU ME 106 9.45 101.91 72.89
C LEU ME 106 8.03 102.46 72.99
N LEU ME 107 7.31 102.12 74.06
CA LEU ME 107 5.96 102.63 74.22
C LEU ME 107 5.95 104.16 74.30
N LYS ME 108 6.86 104.72 75.11
CA LYS ME 108 6.93 106.17 75.28
C LYS ME 108 7.31 106.85 73.96
N GLN ME 109 8.24 106.25 73.21
CA GLN ME 109 8.66 106.86 71.94
C GLN ME 109 7.52 106.84 70.94
N ALA ME 110 6.80 105.72 70.84
CA ALA ME 110 5.65 105.67 69.95
C ALA ME 110 4.60 106.69 70.35
N ALA ME 111 4.38 106.86 71.65
CA ALA ME 111 3.43 107.86 72.12
C ALA ME 111 3.86 109.26 71.71
N ASP ME 112 5.13 109.60 71.92
CA ASP ME 112 5.64 110.90 71.51
C ASP ME 112 5.50 111.10 70.00
N TYR ME 113 5.80 110.07 69.20
CA TYR ME 113 5.92 110.28 67.77
C TYR ME 113 4.57 110.24 67.04
N LEU ME 114 3.59 109.50 67.57
CA LEU ME 114 2.30 109.44 66.90
C LEU ME 114 1.18 110.18 67.62
N ALA ME 115 1.31 110.43 68.93
CA ALA ME 115 0.33 111.20 69.67
C ALA ME 115 0.86 112.51 70.21
N GLY ME 116 2.19 112.69 70.29
CA GLY ME 116 2.77 113.90 70.81
C GLY ME 116 2.42 114.15 72.27
N THR ME 117 2.63 113.14 73.12
CA THR ME 117 2.22 113.20 74.52
C THR ME 117 3.37 112.95 75.50
N SER ME 118 4.60 112.81 75.03
CA SER ME 118 5.73 112.50 75.90
C SER ME 118 5.92 113.55 76.99
N ALA ME 119 6.65 113.15 78.04
CA ALA ME 119 7.05 114.06 79.10
C ALA ME 119 8.07 115.06 78.58
N THR ME 120 8.37 116.07 79.41
CA THR ME 120 9.24 117.16 79.01
C THR ME 120 10.69 116.85 79.33
N VAL ME 121 11.56 116.95 78.30
CA VAL ME 121 13.00 116.77 78.44
C VAL ME 121 13.65 117.88 77.62
N SER ME 122 14.91 118.18 77.95
CA SER ME 122 15.57 119.38 77.45
C SER ME 122 15.48 119.48 75.93
N GLY ME 123 16.15 118.58 75.23
CA GLY ME 123 16.30 118.78 73.80
C GLY ME 123 15.25 118.12 72.94
N GLN ME 124 14.06 117.89 73.49
CA GLN ME 124 13.10 117.05 72.79
C GLN ME 124 12.54 117.81 71.60
N THR ME 125 12.18 117.09 70.55
CA THR ME 125 11.54 117.78 69.44
C THR ME 125 10.06 117.99 69.76
N ASP ME 126 9.53 119.08 69.23
CA ASP ME 126 8.14 119.47 69.46
C ASP ME 126 7.23 118.56 68.64
N THR ME 127 6.51 117.70 69.33
CA THR ME 127 5.66 116.70 68.71
C THR ME 127 4.18 116.98 68.89
N SER ME 128 3.84 118.17 69.38
CA SER ME 128 2.45 118.49 69.66
C SER ME 128 1.59 118.45 68.40
N GLY ME 129 2.14 118.88 67.26
CA GLY ME 129 1.39 118.90 66.02
C GLY ME 129 1.42 117.62 65.23
N PHE ME 130 2.22 116.66 65.67
CA PHE ME 130 2.34 115.41 64.94
C PHE ME 130 1.03 114.66 64.80
N PRO ME 131 0.18 114.52 65.83
CA PRO ME 131 -1.10 113.82 65.61
C PRO ME 131 -1.95 114.49 64.55
N ALA ME 132 -1.97 115.83 64.51
CA ALA ME 132 -2.68 116.53 63.44
C ALA ME 132 -2.09 116.18 62.08
N LYS ME 133 -0.77 116.22 61.95
CA LYS ME 133 -0.15 115.90 60.67
C LYS ME 133 -0.45 114.47 60.25
N TRP ME 134 -0.44 113.53 61.20
CA TRP ME 134 -0.78 112.15 60.86
C TRP ME 134 -2.22 112.06 60.37
N ALA ME 135 -3.15 112.65 61.12
CA ALA ME 135 -4.56 112.61 60.75
C ALA ME 135 -4.80 113.26 59.39
N GLY ME 136 -3.90 114.11 58.94
CA GLY ME 136 -3.93 114.61 57.59
C GLY ME 136 -3.22 113.74 56.57
N LEU ME 137 -2.73 112.57 56.97
CA LEU ME 137 -1.94 111.69 56.13
C LEU ME 137 -0.72 112.40 55.56
N MET ME 138 0.05 113.03 56.44
CA MET ME 138 1.35 113.57 56.07
C MET ME 138 2.36 113.30 57.17
N PHE ME 139 3.60 113.09 56.76
CA PHE ME 139 4.64 112.76 57.71
C PHE ME 139 5.02 113.97 58.54
N PRO ME 140 5.33 113.79 59.83
CA PRO ME 140 5.90 114.83 60.68
C PRO ME 140 7.24 115.31 60.13
N ALA NE 1 -14.55 85.58 88.96
CA ALA NE 1 -13.55 85.26 89.97
C ALA NE 1 -12.90 86.52 90.53
N ALA NE 2 -12.16 86.37 91.63
CA ALA NE 2 -11.50 87.51 92.25
C ALA NE 2 -10.44 88.08 91.30
N PRO NE 3 -10.38 89.40 91.15
CA PRO NE 3 -9.43 89.99 90.21
C PRO NE 3 -7.99 89.94 90.69
N SER NE 4 -7.77 89.76 92.00
CA SER NE 4 -6.42 89.72 92.53
C SER NE 4 -6.43 88.99 93.86
N LEU NE 5 -5.28 88.42 94.21
CA LEU NE 5 -5.13 87.58 95.39
C LEU NE 5 -3.81 87.90 96.09
N ALA NE 6 -3.84 87.87 97.41
CA ALA NE 6 -2.64 87.99 98.23
C ALA NE 6 -2.54 86.72 99.06
N LEU NE 7 -1.87 85.70 98.53
CA LEU NE 7 -1.78 84.43 99.21
C LEU NE 7 -0.54 84.43 100.11
N VAL NE 8 -0.54 83.55 101.12
CA VAL NE 8 0.58 83.44 102.03
C VAL NE 8 1.45 82.27 101.62
N GLY NE 9 2.74 82.55 101.40
CA GLY NE 9 3.75 81.55 101.16
C GLY NE 9 4.91 81.77 102.10
N ALA NE 10 6.09 81.32 101.67
CA ALA NE 10 7.29 81.37 102.49
C ALA NE 10 8.45 81.93 101.69
N ASN NE 11 9.24 82.79 102.32
CA ASN NE 11 10.46 83.30 101.71
C ASN NE 11 11.59 82.30 101.92
N SER NE 12 12.82 82.73 101.65
CA SER NE 12 13.97 81.85 101.83
C SER NE 12 14.16 81.43 103.28
N THR NE 13 13.70 82.26 104.22
CA THR NE 13 13.78 81.97 105.65
C THR NE 13 12.66 81.05 106.12
N LEU NE 14 11.70 80.75 105.25
CA LEU NE 14 10.43 80.08 105.56
C LEU NE 14 9.49 80.96 106.39
N ALA NE 15 9.79 82.26 106.50
CA ALA NE 15 8.87 83.18 107.15
C ALA NE 15 7.66 83.44 106.27
N SER NE 16 6.50 83.63 106.90
CA SER NE 16 5.26 83.84 106.16
C SER NE 16 5.34 85.16 105.40
N THR NE 17 5.23 85.08 104.07
CA THR NE 17 5.38 86.21 103.17
C THR NE 17 4.22 86.25 102.19
N LEU NE 18 3.74 87.43 101.84
CA LEU NE 18 2.70 87.52 100.82
C LEU NE 18 3.27 87.28 99.43
N VAL NE 19 2.49 86.57 98.63
CA VAL NE 19 2.74 86.38 97.20
C VAL NE 19 1.48 86.80 96.45
N ASN NE 20 1.66 87.71 95.50
CA ASN NE 20 0.56 88.46 94.92
C ASN NE 20 0.28 87.98 93.49
N TYR NE 21 -0.99 87.68 93.22
CA TYR NE 21 -1.43 87.24 91.90
C TYR NE 21 -2.51 88.18 91.38
N SER NE 22 -2.54 88.37 90.07
CA SER NE 22 -3.65 89.07 89.43
C SER NE 22 -4.29 88.15 88.39
N LEU NE 23 -5.58 88.36 88.18
CA LEU NE 23 -6.38 87.54 87.27
C LEU NE 23 -6.04 87.92 85.84
N ARG NE 24 -5.29 87.06 85.16
CA ARG NE 24 -4.94 87.30 83.78
C ARG NE 24 -5.99 86.76 82.81
N SER NE 25 -6.53 85.56 83.02
CA SER NE 25 -7.57 85.10 82.10
C SER NE 25 -8.61 84.27 82.84
N GLN NE 26 -9.78 84.18 82.23
CA GLN NE 26 -10.85 83.30 82.69
C GLN NE 26 -11.66 82.91 81.47
N ASN NE 27 -11.77 81.60 81.24
CA ASN NE 27 -12.37 81.08 80.03
C ASN NE 27 -12.85 79.65 80.28
N GLY NE 28 -14.11 79.39 79.95
CA GLY NE 28 -14.64 78.04 79.94
C GLY NE 28 -14.43 77.31 81.24
N ASN NE 29 -15.02 77.83 82.31
CA ASN NE 29 -14.84 77.30 83.65
C ASN NE 29 -13.36 77.06 83.94
N ASN NE 30 -12.53 78.02 83.56
CA ASN NE 30 -11.10 77.91 83.78
C ASN NE 30 -10.62 79.29 84.19
N VAL NE 31 -9.71 79.35 85.15
CA VAL NE 31 -9.24 80.61 85.75
C VAL NE 31 -7.73 80.57 85.88
N ASP NE 32 -7.06 81.60 85.36
CA ASP NE 32 -5.59 81.66 85.31
C ASP NE 32 -5.10 82.98 85.89
N TYR NE 33 -4.27 82.87 86.94
CA TYR NE 33 -3.64 83.99 87.63
C TYR NE 33 -2.15 84.01 87.35
N VAL NE 34 -1.57 85.21 87.37
CA VAL NE 34 -0.11 85.36 87.23
C VAL NE 34 0.42 86.15 88.43
N CYS NE 35 1.65 85.82 88.83
CA CYS NE 35 2.25 86.46 89.99
C CYS NE 35 2.81 87.82 89.61
N THR NE 36 2.47 88.84 90.41
CA THR NE 36 2.82 90.22 90.14
C THR NE 36 4.11 90.65 90.82
N ASP NE 37 4.74 89.77 91.59
CA ASP NE 37 5.92 90.11 92.37
C ASP NE 37 7.14 90.18 91.47
N PRO NE 38 8.26 90.71 91.97
CA PRO NE 38 9.48 90.74 91.15
C PRO NE 38 10.06 89.36 90.86
N ASP NE 39 9.81 88.37 91.73
CA ASP NE 39 10.40 87.05 91.52
C ASP NE 39 9.79 86.31 90.32
N SER NE 40 8.64 86.73 89.82
CA SER NE 40 8.07 86.16 88.60
C SER NE 40 8.37 87.10 87.45
N THR NE 41 9.14 86.61 86.49
CA THR NE 41 9.45 87.32 85.27
C THR NE 41 8.68 86.70 84.12
N LEU NE 42 8.77 87.33 82.95
CA LEU NE 42 8.16 86.76 81.76
C LEU NE 42 8.77 85.41 81.45
N SER NE 43 10.09 85.29 81.61
CA SER NE 43 10.75 84.07 81.21
C SER NE 43 10.52 82.95 82.21
N ALA NE 44 10.43 83.32 83.49
CA ALA NE 44 10.25 82.36 84.59
C ALA NE 44 9.16 82.88 85.52
N PRO NE 45 7.89 82.63 85.19
CA PRO NE 45 6.79 83.24 85.92
C PRO NE 45 6.30 82.35 87.07
N GLY NE 46 5.44 82.94 87.90
CA GLY NE 46 4.64 82.21 88.85
C GLY NE 46 3.19 82.24 88.41
N LEU NE 47 2.55 81.07 88.44
CA LEU NE 47 1.26 80.92 87.78
C LEU NE 47 0.29 80.11 88.61
N ILE NE 48 -1.00 80.37 88.45
CA ILE NE 48 -2.04 79.57 89.07
C ILE NE 48 -3.11 79.26 88.04
N ASN NE 49 -3.63 78.04 88.11
CA ASN NE 49 -4.64 77.51 87.19
C ASN NE 49 -5.73 76.81 88.01
N ALA NE 50 -6.99 76.94 87.57
CA ALA NE 50 -8.09 76.27 88.26
C ALA NE 50 -9.22 75.96 87.29
N LYS NE 51 -9.61 74.68 87.21
CA LYS NE 51 -10.59 74.16 86.27
C LYS NE 51 -11.73 73.46 87.01
N PHE NE 52 -12.91 73.46 86.39
CA PHE NE 52 -14.09 72.76 86.87
C PHE NE 52 -14.56 71.77 85.81
N ASP NE 53 -14.50 70.47 86.14
CA ASP NE 53 -15.20 69.44 85.37
C ASP NE 53 -16.56 69.26 86.05
N ILE NE 54 -17.58 69.90 85.52
CA ILE NE 54 -18.93 69.82 86.07
C ILE NE 54 -19.74 68.82 85.25
N LYS NE 55 -20.14 67.74 85.90
CA LYS NE 55 -20.93 66.72 85.26
C LYS NE 55 -22.36 67.20 85.06
N ALA NE 56 -23.04 66.59 84.09
CA ALA NE 56 -24.46 66.83 83.83
C ALA NE 56 -25.27 66.59 85.10
N PRO NE 57 -26.43 67.23 85.24
CA PRO NE 57 -27.24 67.02 86.45
C PRO NE 57 -27.55 65.54 86.63
N GLY NE 58 -27.63 65.14 87.89
CA GLY NE 58 -27.85 63.74 88.19
C GLY NE 58 -27.31 63.41 89.56
N ILE NE 59 -27.73 62.24 90.04
CA ILE NE 59 -27.30 61.78 91.35
C ILE NE 59 -26.06 60.91 91.27
N THR NE 60 -25.61 60.56 90.06
CA THR NE 60 -24.47 59.70 89.84
C THR NE 60 -23.30 60.50 89.32
N GLY NE 61 -22.10 60.03 89.61
CA GLY NE 61 -20.87 60.63 89.11
C GLY NE 61 -20.18 61.48 90.16
N ASN NE 62 -19.00 61.96 89.78
CA ASN NE 62 -18.21 62.88 90.59
C ASN NE 62 -17.98 64.17 89.81
N ASP NE 63 -18.14 65.30 90.49
CA ASP NE 63 -17.65 66.58 90.01
C ASP NE 63 -16.17 66.72 90.36
N ARG NE 64 -15.43 67.49 89.55
CA ARG NE 64 -13.99 67.58 89.81
C ARG NE 64 -13.49 69.02 89.73
N ILE NE 65 -12.57 69.33 90.64
CA ILE NE 65 -11.86 70.61 90.68
C ILE NE 65 -10.39 70.32 90.45
N HIS NE 66 -9.76 71.09 89.55
CA HIS NE 66 -8.34 70.97 89.30
C HIS NE 66 -7.67 72.30 89.61
N ALA NE 67 -6.51 72.26 90.25
CA ALA NE 67 -5.79 73.48 90.61
C ALA NE 67 -4.30 73.23 90.49
N ASN NE 68 -3.58 74.22 89.99
CA ASN NE 68 -2.14 74.09 89.81
C ASN NE 68 -1.47 75.38 90.22
N LEU NE 69 -0.48 75.28 91.11
CA LEU NE 69 0.33 76.42 91.53
C LEU NE 69 1.77 76.15 91.13
N ARG NE 70 2.29 76.98 90.24
CA ARG NE 70 3.56 76.76 89.56
C ARG NE 70 4.52 77.90 89.82
N LYS NE 71 5.80 77.57 89.91
CA LYS NE 71 6.89 78.55 89.81
C LYS NE 71 7.93 78.00 88.85
N VAL NE 72 8.24 78.78 87.81
CA VAL NE 72 9.26 78.41 86.84
C VAL NE 72 10.59 78.97 87.28
N VAL NE 73 11.66 78.20 87.05
CA VAL NE 73 13.01 78.65 87.37
C VAL NE 73 13.91 78.31 86.20
N LEU NE 74 14.85 79.20 85.91
CA LEU NE 74 15.79 79.05 84.79
C LEU NE 74 17.11 78.50 85.29
N ASP NE 75 17.72 77.61 84.49
CA ASP NE 75 19.03 77.08 84.80
C ASP NE 75 20.08 78.20 84.74
N GLU NE 76 21.03 78.15 85.67
CA GLU NE 76 22.03 79.20 85.75
C GLU NE 76 22.85 79.26 84.47
N LYS NE 77 23.25 78.10 83.93
CA LYS NE 77 24.10 78.06 82.76
C LYS NE 77 23.27 78.00 81.47
N THR NE 78 22.41 76.99 81.36
CA THR NE 78 21.71 76.75 80.10
C THR NE 78 20.49 77.65 79.89
N ASN NE 79 20.01 78.31 80.94
CA ASN NE 79 18.78 79.12 80.90
C ASN NE 79 17.55 78.32 80.46
N LEU NE 80 17.65 76.99 80.46
CA LEU NE 80 16.49 76.15 80.22
C LEU NE 80 15.56 76.20 81.41
N PRO NE 81 14.26 76.30 81.19
CA PRO NE 81 13.33 76.41 82.31
C PRO NE 81 12.90 75.05 82.82
N SER NE 82 12.93 74.85 84.12
CA SER NE 82 12.21 73.75 84.74
C SER NE 82 11.27 74.33 85.79
N THR NE 83 10.14 73.66 86.00
CA THR NE 83 9.07 74.23 86.79
C THR NE 83 8.72 73.33 87.98
N GLY NE 84 8.49 73.95 89.13
CA GLY NE 84 8.07 73.25 90.33
C GLY NE 84 6.62 73.58 90.61
N SER NE 85 5.85 72.58 91.07
CA SER NE 85 4.41 72.77 91.09
C SER NE 85 3.72 71.94 92.15
N VAL NE 86 2.72 72.54 92.80
CA VAL NE 86 1.79 71.82 93.65
C VAL NE 86 0.44 71.81 92.94
N THR NE 87 -0.08 70.63 92.66
CA THR NE 87 -1.35 70.50 91.97
C THR NE 87 -2.33 69.67 92.78
N ILE NE 88 -3.60 70.06 92.75
CA ILE NE 88 -4.65 69.50 93.59
C ILE NE 88 -5.81 69.08 92.71
N GLN NE 89 -6.35 67.89 92.97
CA GLN NE 89 -7.60 67.43 92.38
C GLN NE 89 -8.59 67.10 93.49
N VAL NE 90 -9.74 67.75 93.44
CA VAL NE 90 -10.84 67.50 94.37
C VAL NE 90 -11.93 66.77 93.61
N SER NE 91 -12.37 65.63 94.14
CA SER NE 91 -13.42 64.81 93.54
C SER NE 91 -14.58 64.72 94.52
N ILE NE 92 -15.70 65.35 94.14
CA ILE NE 92 -16.89 65.51 94.97
C ILE NE 92 -17.99 64.62 94.40
N PRO NE 93 -18.39 63.56 95.08
CA PRO NE 93 -19.50 62.74 94.59
C PRO NE 93 -20.84 63.46 94.65
N ARG NE 94 -21.81 62.88 93.94
CA ARG NE 94 -23.14 63.46 93.86
C ARG NE 94 -24.20 62.69 94.64
N ASN NE 95 -23.87 61.53 95.18
CA ASN NE 95 -24.78 60.86 96.10
C ASN NE 95 -25.11 61.79 97.26
N PRO NE 96 -26.40 62.02 97.56
CA PRO NE 96 -26.75 62.96 98.64
C PRO NE 96 -26.14 62.61 99.98
N ALA NE 97 -25.56 61.43 100.09
CA ALA NE 97 -24.84 61.01 101.28
C ALA NE 97 -23.47 61.68 101.40
N TRP NE 98 -23.14 62.60 100.49
CA TRP NE 98 -21.94 63.42 100.59
C TRP NE 98 -22.34 64.86 100.92
N ASN NE 99 -21.42 65.59 101.57
CA ASN NE 99 -21.69 66.97 101.97
C ASN NE 99 -20.54 67.88 101.58
N ALA NE 100 -20.90 69.14 101.31
CA ALA NE 100 -19.89 70.18 101.25
C ALA NE 100 -19.05 70.19 102.52
N SER NE 101 -19.65 69.85 103.67
CA SER NE 101 -18.87 69.79 104.90
C SER NE 101 -17.79 68.72 104.79
N MET NE 102 -18.08 67.61 104.12
CA MET NE 102 -17.08 66.56 103.94
C MET NE 102 -15.99 67.01 102.98
N THR NE 103 -16.38 67.71 101.91
CA THR NE 103 -15.39 68.30 101.01
C THR NE 103 -14.44 69.23 101.77
N VAL NE 104 -15.01 70.14 102.55
CA VAL NE 104 -14.21 71.10 103.29
C VAL NE 104 -13.34 70.38 104.31
N SER NE 105 -13.86 69.33 104.94
CA SER NE 105 -13.07 68.59 105.91
C SER NE 105 -11.85 67.97 105.26
N LEU NE 106 -12.02 67.37 104.08
CA LEU NE 106 -10.85 66.83 103.38
C LEU NE 106 -9.87 67.92 102.99
N LEU NE 107 -10.37 69.08 102.55
CA LEU NE 107 -9.46 70.18 102.21
C LEU NE 107 -8.65 70.62 103.42
N LYS NE 108 -9.32 70.78 104.57
CA LYS NE 108 -8.64 71.23 105.78
C LYS NE 108 -7.61 70.20 106.24
N GLN NE 109 -7.96 68.91 106.15
CA GLN NE 109 -7.03 67.87 106.57
C GLN NE 109 -5.80 67.83 105.66
N ALA NE 110 -6.02 67.96 104.35
CA ALA NE 110 -4.89 68.03 103.43
C ALA NE 110 -4.00 69.22 103.74
N ALA NE 111 -4.62 70.38 104.03
CA ALA NE 111 -3.84 71.56 104.40
C ALA NE 111 -3.01 71.29 105.66
N ASP NE 112 -3.61 70.64 106.65
CA ASP NE 112 -2.89 70.34 107.88
C ASP NE 112 -1.72 69.38 107.61
N TYR NE 113 -1.96 68.34 106.80
CA TYR NE 113 -0.98 67.27 106.70
C TYR NE 113 0.14 67.57 105.73
N LEU NE 114 -0.13 68.33 104.65
CA LEU NE 114 0.91 68.63 103.68
C LEU NE 114 1.45 70.05 103.81
N ALA NE 115 0.70 70.98 104.39
CA ALA NE 115 1.18 72.33 104.57
C ALA NE 115 1.34 72.75 106.02
N GLY NE 116 0.73 72.05 106.96
CA GLY NE 116 0.84 72.39 108.37
C GLY NE 116 0.23 73.74 108.70
N THR NE 117 -1.02 73.97 108.28
CA THR NE 117 -1.67 75.26 108.45
C THR NE 117 -3.03 75.19 109.12
N SER NE 118 -3.44 74.03 109.62
CA SER NE 118 -4.73 73.89 110.27
C SER NE 118 -4.93 74.90 111.41
N ALA NE 119 -6.20 75.16 111.73
CA ALA NE 119 -6.56 75.94 112.90
C ALA NE 119 -6.19 75.21 114.18
N THR NE 120 -6.19 75.94 115.28
CA THR NE 120 -5.78 75.37 116.56
C THR NE 120 -6.93 74.63 117.24
N VAL NE 121 -6.69 73.37 117.59
CA VAL NE 121 -7.63 72.52 118.31
C VAL NE 121 -6.84 71.71 119.33
N SER NE 122 -7.42 71.56 120.53
CA SER NE 122 -6.76 70.78 121.58
C SER NE 122 -6.51 69.36 121.10
N GLY NE 123 -5.27 68.90 121.26
CA GLY NE 123 -4.91 67.55 120.89
C GLY NE 123 -4.50 67.37 119.45
N GLN NE 124 -4.32 68.44 118.68
CA GLN NE 124 -3.97 68.26 117.28
C GLN NE 124 -2.50 67.91 117.21
N THR NE 125 -2.10 67.14 116.19
CA THR NE 125 -0.68 66.88 116.05
C THR NE 125 0.01 68.10 115.46
N ASP NE 126 1.23 68.35 115.92
CA ASP NE 126 2.01 69.50 115.46
C ASP NE 126 2.51 69.22 114.06
N THR NE 127 1.95 69.93 113.09
CA THR NE 127 2.26 69.75 111.69
C THR NE 127 3.14 70.85 111.13
N SER NE 128 3.68 71.70 112.01
CA SER NE 128 4.44 72.86 111.55
C SER NE 128 5.64 72.46 110.70
N GLY NE 129 6.34 71.39 111.09
CA GLY NE 129 7.51 70.96 110.36
C GLY NE 129 7.23 70.03 109.21
N PHE NE 130 5.97 69.64 109.04
CA PHE NE 130 5.64 68.71 107.97
C PHE NE 130 5.94 69.24 106.58
N PRO NE 131 5.64 70.50 106.23
CA PRO NE 131 6.02 70.97 104.89
C PRO NE 131 7.52 70.89 104.64
N ALA NE 132 8.33 71.19 105.65
CA ALA NE 132 9.77 71.02 105.52
C ALA NE 132 10.12 69.57 105.25
N LYS NE 133 9.56 68.64 106.04
CA LYS NE 133 9.87 67.23 105.83
C LYS NE 133 9.43 66.77 104.44
N TRP NE 134 8.28 67.25 103.96
CA TRP NE 134 7.84 66.88 102.62
C TRP NE 134 8.81 67.40 101.57
N ALA NE 135 9.19 68.68 101.67
CA ALA NE 135 10.14 69.25 100.72
C ALA NE 135 11.45 68.50 100.73
N GLY NE 136 11.79 67.85 101.84
CA GLY NE 136 12.93 66.96 101.87
C GLY NE 136 12.65 65.53 101.44
N LEU NE 137 11.44 65.23 100.97
CA LEU NE 137 11.03 63.86 100.62
C LEU NE 137 11.17 62.92 101.81
N MET NE 138 10.55 63.31 102.92
CA MET NE 138 10.55 62.51 104.14
C MET NE 138 9.13 62.44 104.67
N PHE NE 139 8.66 61.24 104.94
CA PHE NE 139 7.32 61.10 105.52
C PHE NE 139 7.30 61.68 106.92
N PRO NE 140 6.30 62.50 107.26
CA PRO NE 140 6.13 63.09 108.59
C PRO NE 140 5.98 62.02 109.67
N ALA OE 1 117.81 -15.62 -45.68
CA ALA OE 1 118.31 -14.48 -44.94
C ALA OE 1 119.71 -14.73 -44.40
N ALA OE 2 120.50 -13.66 -44.29
CA ALA OE 2 121.85 -13.77 -43.77
C ALA OE 2 121.81 -14.13 -42.28
N PRO OE 3 122.73 -14.97 -41.81
CA PRO OE 3 122.69 -15.38 -40.40
C PRO OE 3 123.15 -14.29 -39.46
N SER OE 4 123.97 -13.35 -39.92
CA SER OE 4 124.48 -12.31 -39.05
C SER OE 4 124.94 -11.14 -39.90
N LEU OE 5 125.02 -9.97 -39.27
CA LEU OE 5 125.30 -8.72 -39.95
C LEU OE 5 126.23 -7.88 -39.10
N ALA OE 6 127.14 -7.16 -39.76
CA ALA OE 6 127.98 -6.16 -39.12
C ALA OE 6 127.71 -4.85 -39.85
N LEU OE 7 126.77 -4.06 -39.34
CA LEU OE 7 126.37 -2.83 -40.01
C LEU OE 7 127.17 -1.67 -39.44
N VAL OE 8 127.35 -0.62 -40.25
CA VAL OE 8 128.08 0.56 -39.79
C VAL OE 8 127.11 1.56 -39.21
N GLY OE 9 127.38 2.02 -37.99
CA GLY OE 9 126.67 3.09 -37.33
C GLY OE 9 127.65 4.09 -36.75
N ALA OE 10 127.20 4.79 -35.71
CA ALA OE 10 128.00 5.85 -35.09
C ALA OE 10 127.99 5.72 -33.57
N ASN OE 11 129.13 5.99 -32.94
CA ASN OE 11 129.26 6.01 -31.50
C ASN OE 11 128.89 7.39 -30.98
N SER OE 12 129.20 7.66 -29.72
CA SER OE 12 128.90 8.97 -29.14
C SER OE 12 129.72 10.08 -29.80
N THR OE 13 130.89 9.75 -30.34
CA THR OE 13 131.72 10.70 -31.08
C THR OE 13 131.22 10.90 -32.52
N LEU OE 14 130.27 10.08 -32.96
CA LEU OE 14 129.83 9.98 -34.35
C LEU OE 14 130.88 9.40 -35.27
N ALA OE 15 131.88 8.74 -34.72
CA ALA OE 15 132.83 7.97 -35.52
C ALA OE 15 132.19 6.67 -35.99
N SER OE 16 132.58 6.21 -37.17
CA SER OE 16 131.99 5.00 -37.74
C SER OE 16 132.36 3.79 -36.89
N THR OE 17 131.34 3.10 -36.39
CA THR OE 17 131.51 1.97 -35.48
C THR OE 17 130.68 0.80 -35.98
N LEU OE 18 131.19 -0.41 -35.83
CA LEU OE 18 130.38 -1.57 -36.16
C LEU OE 18 129.31 -1.82 -35.12
N VAL OE 19 128.17 -2.32 -35.58
CA VAL OE 19 127.08 -2.77 -34.74
C VAL OE 19 126.64 -4.13 -35.26
N ASN OE 20 126.63 -5.12 -34.37
CA ASN OE 20 126.53 -6.51 -34.76
C ASN OE 20 125.12 -7.02 -34.49
N TYR OE 21 124.49 -7.55 -35.52
CA TYR OE 21 123.19 -8.19 -35.41
C TYR OE 21 123.33 -9.67 -35.75
N SER OE 22 122.45 -10.48 -35.19
CA SER OE 22 122.37 -11.89 -35.53
C SER OE 22 120.91 -12.27 -35.71
N LEU OE 23 120.68 -13.25 -36.57
CA LEU OE 23 119.32 -13.62 -36.96
C LEU OE 23 118.60 -14.27 -35.79
N ARG OE 24 117.60 -13.58 -35.25
CA ARG OE 24 116.70 -14.20 -34.28
C ARG OE 24 115.79 -15.20 -34.95
N SER OE 25 114.98 -14.75 -35.92
CA SER OE 25 114.06 -15.71 -36.52
C SER OE 25 113.65 -15.25 -37.92
N GLN OE 26 113.49 -16.22 -38.82
CA GLN OE 26 112.89 -15.98 -40.12
C GLN OE 26 111.51 -16.62 -40.14
N ASN OE 27 110.50 -15.79 -40.27
CA ASN OE 27 109.16 -16.18 -40.66
C ASN OE 27 109.04 -16.03 -42.18
N GLY OE 28 107.95 -16.53 -42.75
CA GLY OE 28 107.81 -16.45 -44.19
C GLY OE 28 107.72 -15.03 -44.69
N ASN OE 29 108.73 -14.61 -45.48
CA ASN OE 29 108.85 -13.23 -45.95
C ASN OE 29 108.94 -12.25 -44.78
N ASN OE 30 109.57 -12.68 -43.69
CA ASN OE 30 109.75 -11.81 -42.54
C ASN OE 30 111.01 -12.23 -41.79
N VAL OE 31 111.80 -11.25 -41.36
CA VAL OE 31 113.10 -11.51 -40.76
C VAL OE 31 113.27 -10.61 -39.55
N ASP OE 32 113.74 -11.20 -38.43
CA ASP OE 32 113.99 -10.48 -37.18
C ASP OE 32 115.43 -10.73 -36.75
N TYR OE 33 116.21 -9.65 -36.65
CA TYR OE 33 117.57 -9.64 -36.16
C TYR OE 33 117.65 -8.93 -34.82
N VAL OE 34 118.65 -9.33 -34.01
CA VAL OE 34 118.87 -8.78 -32.68
C VAL OE 34 120.32 -8.35 -32.56
N CYS OE 35 120.57 -7.25 -31.86
CA CYS OE 35 121.93 -6.76 -31.67
C CYS OE 35 122.64 -7.59 -30.62
N THR OE 36 123.85 -8.04 -30.95
CA THR OE 36 124.65 -8.92 -30.09
C THR OE 36 125.74 -8.17 -29.35
N ASP OE 37 125.74 -6.84 -29.38
CA ASP OE 37 126.72 -6.06 -28.66
C ASP OE 37 126.33 -5.98 -27.19
N PRO OE 38 127.23 -5.51 -26.34
CA PRO OE 38 126.82 -5.17 -24.96
C PRO OE 38 125.84 -4.01 -24.88
N ASP OE 39 125.72 -3.21 -25.94
CA ASP OE 39 124.77 -2.09 -25.97
C ASP OE 39 123.34 -2.55 -25.77
N SER OE 40 122.96 -3.64 -26.44
CA SER OE 40 121.62 -4.18 -26.33
C SER OE 40 121.61 -5.32 -25.31
N THR OE 41 120.55 -5.32 -24.51
CA THR OE 41 120.20 -6.41 -23.62
C THR OE 41 118.77 -6.79 -23.92
N LEU OE 42 118.32 -7.91 -23.34
CA LEU OE 42 116.92 -8.27 -23.53
C LEU OE 42 116.00 -7.19 -23.00
N SER OE 43 116.39 -6.50 -21.93
CA SER OE 43 115.55 -5.46 -21.35
C SER OE 43 115.46 -4.25 -22.26
N ALA OE 44 116.56 -3.87 -22.91
CA ALA OE 44 116.60 -2.72 -23.81
C ALA OE 44 117.36 -3.10 -25.07
N PRO OE 45 116.70 -3.76 -26.00
CA PRO OE 45 117.40 -4.36 -27.15
C PRO OE 45 117.55 -3.41 -28.33
N GLY OE 46 118.45 -3.80 -29.23
CA GLY OE 46 118.52 -3.25 -30.56
C GLY OE 46 117.99 -4.30 -31.54
N LEU OE 47 117.12 -3.87 -32.45
CA LEU OE 47 116.34 -4.83 -33.22
C LEU OE 47 116.24 -4.38 -34.67
N ILE OE 48 116.09 -5.36 -35.56
CA ILE OE 48 115.81 -5.11 -36.97
C ILE OE 48 114.71 -6.04 -37.42
N ASN OE 49 113.80 -5.52 -38.25
CA ASN OE 49 112.68 -6.27 -38.80
C ASN OE 49 112.53 -5.94 -40.28
N ALA OE 50 112.31 -6.96 -41.10
CA ALA OE 50 112.15 -6.78 -42.54
C ALA OE 50 111.03 -7.66 -43.07
N LYS OE 51 110.09 -7.07 -43.79
CA LYS OE 51 108.87 -7.72 -44.25
C LYS OE 51 108.66 -7.46 -45.74
N PHE OE 52 107.95 -8.39 -46.38
CA PHE OE 52 107.64 -8.33 -47.81
C PHE OE 52 106.15 -8.48 -48.01
N ASP OE 53 105.49 -7.39 -48.43
CA ASP OE 53 104.10 -7.41 -48.86
C ASP OE 53 104.10 -7.65 -50.37
N ILE OE 54 103.98 -8.90 -50.77
CA ILE OE 54 104.02 -9.30 -52.16
C ILE OE 54 102.60 -9.68 -52.58
N LYS OE 55 102.06 -8.96 -53.56
CA LYS OE 55 100.71 -9.22 -54.01
C LYS OE 55 100.67 -10.46 -54.89
N ALA OE 56 99.47 -11.00 -55.07
CA ALA OE 56 99.29 -12.18 -55.91
C ALA OE 56 99.84 -11.91 -57.31
N PRO OE 57 100.40 -12.93 -57.98
CA PRO OE 57 101.02 -12.69 -59.29
C PRO OE 57 100.06 -12.19 -60.35
N GLY OE 58 98.79 -12.60 -60.31
CA GLY OE 58 97.83 -12.07 -61.26
C GLY OE 58 97.52 -10.60 -61.04
N ILE OE 59 97.40 -10.19 -59.78
CA ILE OE 59 96.98 -8.83 -59.43
C ILE OE 59 98.11 -7.85 -59.71
N THR OE 60 97.78 -6.70 -60.30
CA THR OE 60 98.70 -5.58 -60.40
C THR OE 60 98.51 -4.64 -59.21
N GLY OE 61 99.61 -4.24 -58.62
CA GLY OE 61 99.61 -3.27 -57.55
C GLY OE 61 101.03 -2.82 -57.34
N ASN OE 62 101.35 -2.46 -56.11
CA ASN OE 62 102.72 -2.20 -55.70
C ASN OE 62 103.16 -3.31 -54.75
N ASP OE 63 104.33 -3.88 -54.99
CA ASP OE 63 104.98 -4.71 -53.99
C ASP OE 63 105.64 -3.80 -52.97
N ARG OE 64 105.71 -4.25 -51.71
CA ARG OE 64 106.19 -3.39 -50.64
C ARG OE 64 107.23 -4.09 -49.78
N ILE OE 65 108.22 -3.31 -49.32
CA ILE OE 65 109.24 -3.73 -48.37
C ILE OE 65 109.10 -2.87 -47.14
N HIS OE 66 109.05 -3.50 -45.96
CA HIS OE 66 108.97 -2.78 -44.70
C HIS OE 66 110.18 -3.12 -43.85
N ALA OE 67 110.99 -2.11 -43.53
CA ALA OE 67 112.16 -2.31 -42.69
C ALA OE 67 112.06 -1.41 -41.46
N ASN OE 68 112.59 -1.92 -40.35
CA ASN OE 68 112.51 -1.19 -39.08
C ASN OE 68 113.78 -1.48 -38.28
N LEU OE 69 114.51 -0.42 -37.92
CA LEU OE 69 115.70 -0.51 -37.10
C LEU OE 69 115.46 0.27 -35.81
N ARG OE 70 115.49 -0.44 -34.68
CA ARG OE 70 115.06 0.09 -33.39
C ARG OE 70 116.20 -0.01 -32.38
N LYS OE 71 116.23 0.94 -31.45
CA LYS OE 71 117.03 0.84 -30.24
C LYS OE 71 116.16 1.27 -29.07
N VAL OE 72 116.00 0.38 -28.09
CA VAL OE 72 115.24 0.68 -26.88
C VAL OE 72 116.20 1.25 -25.85
N VAL OE 73 115.73 2.22 -25.08
CA VAL OE 73 116.52 2.81 -24.01
C VAL OE 73 115.66 2.91 -22.76
N LEU OE 74 116.28 2.74 -21.60
CA LEU OE 74 115.61 2.79 -20.33
C LEU OE 74 115.85 4.13 -19.65
N ASP OE 75 114.79 4.68 -19.04
CA ASP OE 75 114.95 5.90 -18.26
C ASP OE 75 115.80 5.64 -17.02
N GLU OE 76 116.74 6.54 -16.75
CA GLU OE 76 117.57 6.39 -15.56
C GLU OE 76 116.71 6.33 -14.30
N LYS OE 77 115.74 7.25 -14.20
CA LYS OE 77 114.98 7.34 -12.96
C LYS OE 77 113.88 6.27 -12.87
N THR OE 78 113.13 6.03 -13.94
CA THR OE 78 111.98 5.14 -13.86
C THR OE 78 112.19 3.77 -14.49
N ASN OE 79 113.30 3.54 -15.20
CA ASN OE 79 113.55 2.32 -15.96
C ASN OE 79 112.45 2.00 -16.95
N LEU OE 80 111.58 2.96 -17.24
CA LEU OE 80 110.57 2.79 -18.26
C LEU OE 80 111.21 2.85 -19.64
N PRO OE 81 110.83 1.97 -20.55
CA PRO OE 81 111.49 1.93 -21.85
C PRO OE 81 110.83 2.86 -22.85
N SER OE 82 111.62 3.66 -23.53
CA SER OE 82 111.15 4.32 -24.75
C SER OE 82 112.13 3.99 -25.86
N THR OE 83 111.61 3.93 -27.08
CA THR OE 83 112.36 3.39 -28.19
C THR OE 83 112.52 4.44 -29.29
N GLY OE 84 113.67 4.37 -29.97
CA GLY OE 84 113.94 5.23 -31.11
C GLY OE 84 114.15 4.37 -32.35
N SER OE 85 113.62 4.83 -33.48
CA SER OE 85 113.55 3.92 -34.62
C SER OE 85 113.64 4.65 -35.95
N VAL OE 86 114.20 3.96 -36.94
CA VAL OE 86 114.14 4.37 -38.34
C VAL OE 86 113.39 3.28 -39.10
N THR OE 87 112.28 3.67 -39.72
CA THR OE 87 111.48 2.75 -40.53
C THR OE 87 111.49 3.19 -41.98
N ILE OE 88 111.44 2.21 -42.87
CA ILE OE 88 111.59 2.41 -44.31
C ILE OE 88 110.54 1.60 -45.02
N GLN OE 89 109.87 2.21 -46.00
CA GLN OE 89 108.89 1.50 -46.80
C GLN OE 89 109.24 1.73 -48.25
N VAL OE 90 109.49 0.64 -48.97
CA VAL OE 90 109.82 0.69 -50.39
C VAL OE 90 108.60 0.18 -51.15
N SER OE 91 108.04 1.01 -52.03
CA SER OE 91 106.89 0.65 -52.84
C SER OE 91 107.34 0.58 -54.30
N ILE OE 92 107.36 -0.63 -54.84
CA ILE OE 92 107.87 -0.94 -56.18
C ILE OE 92 106.67 -1.29 -57.05
N PRO OE 93 106.42 -0.55 -58.13
CA PRO OE 93 105.29 -0.90 -59.01
C PRO OE 93 105.58 -2.09 -59.92
N ARG OE 94 104.50 -2.80 -60.26
CA ARG OE 94 104.56 -4.01 -61.08
C ARG OE 94 104.46 -3.73 -62.57
N ASN OE 95 104.78 -2.53 -63.01
CA ASN OE 95 104.79 -2.15 -64.42
C ASN OE 95 106.21 -2.32 -64.99
N PRO OE 96 106.39 -3.02 -66.12
CA PRO OE 96 107.73 -3.15 -66.69
C PRO OE 96 108.42 -1.83 -66.96
N ALA OE 97 107.69 -0.73 -66.98
CA ALA OE 97 108.30 0.58 -67.12
C ALA OE 97 109.12 0.99 -65.89
N TRP OE 98 109.06 0.20 -64.82
CA TRP OE 98 109.89 0.38 -63.63
C TRP OE 98 110.87 -0.78 -63.55
N ASN OE 99 112.05 -0.55 -62.99
CA ASN OE 99 113.00 -1.63 -62.87
C ASN OE 99 113.87 -1.48 -61.62
N ALA OE 100 114.68 -2.51 -61.40
CA ALA OE 100 115.47 -2.57 -60.18
C ALA OE 100 116.48 -1.44 -60.13
N SER OE 101 116.95 -0.96 -61.28
CA SER OE 101 117.87 0.17 -61.26
C SER OE 101 117.20 1.39 -60.65
N MET OE 102 115.90 1.58 -60.92
CA MET OE 102 115.18 2.70 -60.34
C MET OE 102 114.93 2.49 -58.85
N THR OE 103 114.59 1.25 -58.45
CA THR OE 103 114.48 0.95 -57.02
C THR OE 103 115.78 1.31 -56.29
N VAL OE 104 116.90 0.84 -56.82
CA VAL OE 104 118.20 1.09 -56.20
C VAL OE 104 118.51 2.57 -56.22
N SER OE 105 118.14 3.27 -57.29
CA SER OE 105 118.41 4.71 -57.36
C SER OE 105 117.69 5.44 -56.24
N LEU OE 106 116.42 5.11 -56.00
CA LEU OE 106 115.71 5.73 -54.88
C LEU OE 106 116.38 5.40 -53.55
N LEU OE 107 116.79 4.14 -53.37
CA LEU OE 107 117.46 3.78 -52.12
C LEU OE 107 118.74 4.60 -51.92
N LYS OE 108 119.55 4.72 -52.96
CA LYS OE 108 120.81 5.45 -52.86
C LYS OE 108 120.56 6.92 -52.57
N GLN OE 109 119.55 7.51 -53.22
CA GLN OE 109 119.27 8.93 -52.99
C GLN OE 109 118.79 9.16 -51.57
N ALA OE 110 117.93 8.28 -51.05
CA ALA OE 110 117.48 8.41 -49.67
C ALA OE 110 118.66 8.29 -48.72
N ALA OE 111 119.58 7.35 -49.00
CA ALA OE 111 120.78 7.21 -48.17
C ALA OE 111 121.59 8.49 -48.18
N ASP OE 112 121.84 9.05 -49.36
CA ASP OE 112 122.60 10.29 -49.46
C ASP OE 112 121.92 11.41 -48.67
N TYR OE 113 120.60 11.55 -48.81
CA TYR OE 113 119.94 12.74 -48.28
C TYR OE 113 119.64 12.66 -46.80
N LEU OE 114 119.45 11.45 -46.23
CA LEU OE 114 119.15 11.35 -44.81
C LEU OE 114 120.28 10.80 -43.97
N ALA OE 115 121.21 10.05 -44.56
CA ALA OE 115 122.36 9.55 -43.82
C ALA OE 115 123.68 10.13 -44.29
N GLY OE 116 123.72 10.72 -45.48
CA GLY OE 116 124.94 11.30 -46.00
C GLY OE 116 126.03 10.28 -46.24
N THR OE 117 125.69 9.21 -46.97
CA THR OE 117 126.62 8.11 -47.20
C THR OE 117 126.79 7.73 -48.67
N SER OE 118 126.32 8.55 -49.60
CA SER OE 118 126.49 8.28 -51.02
C SER OE 118 127.96 8.08 -51.40
N ALA OE 119 128.16 7.41 -52.54
CA ALA OE 119 129.48 7.28 -53.13
C ALA OE 119 129.95 8.63 -53.69
N THR OE 120 131.27 8.77 -53.79
CA THR OE 120 131.83 10.03 -54.27
C THR OE 120 131.56 10.20 -55.77
N VAL OE 121 130.93 11.32 -56.12
CA VAL OE 121 130.58 11.67 -57.49
C VAL OE 121 130.73 13.18 -57.62
N SER OE 122 131.43 13.64 -58.65
CA SER OE 122 131.75 15.05 -58.74
C SER OE 122 130.48 15.87 -58.91
N GLY OE 123 130.38 16.96 -58.16
CA GLY OE 123 129.21 17.81 -58.20
C GLY OE 123 128.13 17.47 -57.19
N GLN OE 124 128.31 16.39 -56.42
CA GLN OE 124 127.36 16.05 -55.38
C GLN OE 124 127.39 17.08 -54.26
N THR OE 125 126.23 17.34 -53.67
CA THR OE 125 126.21 18.18 -52.49
C THR OE 125 126.82 17.43 -51.31
N ASP OE 126 127.49 18.18 -50.44
CA ASP OE 126 128.15 17.60 -49.27
C ASP OE 126 127.07 17.28 -48.24
N THR OE 127 126.68 16.02 -48.20
CA THR OE 127 125.61 15.56 -47.33
C THR OE 127 126.11 15.03 -46.00
N SER OE 128 127.40 15.20 -45.71
CA SER OE 128 128.00 14.60 -44.53
C SER OE 128 127.33 15.10 -43.24
N GLY OE 129 126.96 16.37 -43.18
CA GLY OE 129 126.35 16.92 -41.98
C GLY OE 129 124.86 16.78 -41.90
N PHE OE 130 124.25 16.28 -42.97
CA PHE OE 130 122.80 16.14 -42.98
C PHE OE 130 122.26 15.25 -41.88
N PRO OE 131 122.85 14.08 -41.57
CA PRO OE 131 122.29 13.29 -40.45
C PRO OE 131 122.32 14.05 -39.14
N ALA OE 132 123.38 14.82 -38.87
CA ALA OE 132 123.40 15.67 -37.70
C ALA OE 132 122.23 16.66 -37.72
N LYS OE 133 122.05 17.35 -38.85
CA LYS OE 133 120.96 18.33 -38.92
C LYS OE 133 119.60 17.66 -38.72
N TRP OE 134 119.40 16.48 -39.31
CA TRP OE 134 118.12 15.78 -39.13
C TRP OE 134 117.90 15.43 -37.66
N ALA OE 135 118.94 14.88 -37.02
CA ALA OE 135 118.84 14.54 -35.59
C ALA OE 135 118.60 15.77 -34.74
N GLY OE 136 118.87 16.96 -35.27
CA GLY OE 136 118.47 18.18 -34.60
C GLY OE 136 117.12 18.73 -34.99
N LEU OE 137 116.34 18.01 -35.80
CA LEU OE 137 115.09 18.50 -36.40
C LEU OE 137 115.31 19.82 -37.15
N MET OE 138 116.29 19.81 -38.06
CA MET OE 138 116.63 20.94 -38.90
C MET OE 138 116.71 20.46 -40.34
N PHE OE 139 116.06 21.17 -41.24
CA PHE OE 139 116.17 20.81 -42.65
C PHE OE 139 117.58 21.13 -43.15
N PRO OE 140 118.22 20.22 -43.88
CA PRO OE 140 119.55 20.46 -44.46
C PRO OE 140 119.55 21.68 -45.37
N ALA PE 1 115.32 -26.62 -46.65
CA ALA PE 1 115.06 -26.60 -48.08
C ALA PE 1 116.28 -26.14 -48.86
N ALA PE 2 116.38 -26.58 -50.13
CA ALA PE 2 117.53 -26.22 -50.96
C ALA PE 2 117.53 -24.71 -51.19
N PRO PE 3 118.68 -24.04 -51.04
CA PRO PE 3 118.71 -22.58 -51.21
C PRO PE 3 118.53 -22.15 -52.66
N SER PE 4 118.80 -23.02 -53.63
CA SER PE 4 118.64 -22.66 -55.02
C SER PE 4 118.45 -23.93 -55.84
N LEU PE 5 117.86 -23.75 -57.03
CA LEU PE 5 117.49 -24.86 -57.89
C LEU PE 5 117.78 -24.51 -59.34
N ALA PE 6 118.21 -25.50 -60.10
CA ALA PE 6 118.41 -25.37 -61.55
C ALA PE 6 117.56 -26.47 -62.19
N LEU PE 7 116.33 -26.12 -62.56
CA LEU PE 7 115.39 -27.10 -63.08
C LEU PE 7 115.43 -27.09 -64.60
N VAL PE 8 115.03 -28.19 -65.22
CA VAL PE 8 115.00 -28.28 -66.67
C VAL PE 8 113.60 -27.94 -67.18
N GLY PE 9 113.54 -27.01 -68.13
CA GLY PE 9 112.32 -26.68 -68.82
C GLY PE 9 112.58 -26.64 -70.31
N ALA PE 10 111.75 -25.91 -71.05
CA ALA PE 10 111.86 -25.86 -72.50
C ALA PE 10 111.92 -24.41 -72.98
N ASN PE 11 112.79 -24.15 -73.95
CA ASN PE 11 112.89 -22.84 -74.58
C ASN PE 11 111.77 -22.69 -75.61
N SER PE 12 111.83 -21.63 -76.41
CA SER PE 12 110.82 -21.42 -77.44
C SER PE 12 110.79 -22.55 -78.46
N THR PE 13 111.89 -23.30 -78.59
CA THR PE 13 111.99 -24.40 -79.54
C THR PE 13 111.72 -25.75 -78.88
N LEU PE 14 111.41 -25.77 -77.59
CA LEU PE 14 111.18 -26.97 -76.80
C LEU PE 14 112.46 -27.75 -76.52
N ALA PE 15 113.62 -27.11 -76.70
CA ALA PE 15 114.88 -27.72 -76.29
C ALA PE 15 115.06 -27.60 -74.78
N SER PE 16 115.67 -28.61 -74.19
CA SER PE 16 115.87 -28.61 -72.75
C SER PE 16 116.79 -27.46 -72.35
N THR PE 17 116.31 -26.60 -71.45
CA THR PE 17 117.01 -25.40 -71.03
C THR PE 17 116.91 -25.26 -69.52
N LEU PE 18 117.98 -24.81 -68.88
CA LEU PE 18 117.90 -24.59 -67.45
C LEU PE 18 117.06 -23.36 -67.12
N VAL PE 19 116.40 -23.44 -65.96
CA VAL PE 19 115.62 -22.36 -65.39
C VAL PE 19 116.00 -22.28 -63.92
N ASN PE 20 116.46 -21.12 -63.49
CA ASN PE 20 117.13 -20.96 -62.21
C ASN PE 20 116.20 -20.31 -61.20
N TYR PE 21 115.99 -20.99 -60.08
CA TYR PE 21 115.19 -20.49 -58.98
C TYR PE 21 116.06 -20.33 -57.75
N SER PE 22 115.70 -19.38 -56.89
CA SER PE 22 116.35 -19.17 -55.62
C SER PE 22 115.30 -19.08 -54.53
N LEU PE 23 115.66 -19.54 -53.34
CA LEU PE 23 114.73 -19.64 -52.22
C LEU PE 23 114.48 -18.26 -51.63
N ARG PE 24 113.25 -17.77 -51.72
CA ARG PE 24 112.92 -16.47 -51.19
C ARG PE 24 112.71 -16.51 -49.68
N SER PE 25 111.89 -17.43 -49.19
CA SER PE 25 111.64 -17.55 -47.76
C SER PE 25 111.07 -18.94 -47.47
N GLN PE 26 110.90 -19.24 -46.18
CA GLN PE 26 110.28 -20.48 -45.73
C GLN PE 26 109.36 -20.16 -44.54
N ASN PE 27 108.06 -20.40 -44.72
CA ASN PE 27 107.01 -20.22 -43.72
C ASN PE 27 106.63 -21.58 -43.14
N GLY PE 28 105.54 -21.60 -42.39
CA GLY PE 28 105.00 -22.82 -41.83
C GLY PE 28 104.65 -23.82 -42.91
N ASN PE 29 105.43 -24.90 -42.97
CA ASN PE 29 105.19 -26.03 -43.86
C ASN PE 29 105.07 -25.59 -45.32
N ASN PE 30 105.90 -24.63 -45.73
CA ASN PE 30 105.87 -24.21 -47.13
C ASN PE 30 107.22 -23.62 -47.51
N VAL PE 31 107.39 -23.41 -48.80
CA VAL PE 31 108.65 -22.98 -49.41
C VAL PE 31 108.29 -22.14 -50.63
N ASP PE 32 108.99 -21.01 -50.79
CA ASP PE 32 108.74 -20.05 -51.86
C ASP PE 32 110.03 -19.80 -52.63
N TYR PE 33 110.03 -20.13 -53.92
CA TYR PE 33 111.16 -19.92 -54.82
C TYR PE 33 110.78 -18.91 -55.90
N VAL PE 34 111.79 -18.16 -56.36
CA VAL PE 34 111.63 -17.12 -57.37
C VAL PE 34 112.64 -17.37 -58.48
N CYS PE 35 112.24 -17.13 -59.73
CA CYS PE 35 113.13 -17.31 -60.85
C CYS PE 35 114.11 -16.15 -60.93
N THR PE 36 115.40 -16.47 -61.10
CA THR PE 36 116.48 -15.50 -61.11
C THR PE 36 117.03 -15.24 -62.51
N ASP PE 37 116.38 -15.76 -63.55
CA ASP PE 37 116.81 -15.53 -64.91
C ASP PE 37 116.47 -14.09 -65.31
N PRO PE 38 117.02 -13.61 -66.42
CA PRO PE 38 116.66 -12.26 -66.88
C PRO PE 38 115.21 -12.13 -67.32
N ASP PE 39 114.58 -13.19 -67.84
CA ASP PE 39 113.23 -13.08 -68.38
C ASP PE 39 112.16 -12.90 -67.30
N SER PE 40 112.47 -13.19 -66.03
CA SER PE 40 111.54 -12.99 -64.94
C SER PE 40 111.90 -11.70 -64.20
N THR PE 41 110.90 -10.86 -64.00
CA THR PE 41 111.00 -9.60 -63.28
C THR PE 41 109.80 -9.50 -62.36
N LEU PE 42 109.79 -8.50 -61.47
CA LEU PE 42 108.67 -8.35 -60.57
C LEU PE 42 107.37 -8.12 -61.32
N SER PE 43 107.46 -7.50 -62.51
CA SER PE 43 106.27 -7.28 -63.32
C SER PE 43 105.69 -8.60 -63.83
N ALA PE 44 106.56 -9.55 -64.20
CA ALA PE 44 106.13 -10.84 -64.73
C ALA PE 44 107.08 -11.93 -64.26
N PRO PE 45 106.91 -12.39 -63.02
CA PRO PE 45 107.88 -13.31 -62.41
C PRO PE 45 107.58 -14.77 -62.73
N GLY PE 46 108.57 -15.61 -62.43
CA GLY PE 46 108.39 -17.05 -62.36
C GLY PE 46 108.51 -17.49 -60.91
N LEU PE 47 107.59 -18.35 -60.48
CA LEU PE 47 107.47 -18.66 -59.06
C LEU PE 47 107.24 -20.16 -58.86
N ILE PE 48 107.72 -20.67 -57.73
CA ILE PE 48 107.43 -22.03 -57.31
C ILE PE 48 107.08 -22.02 -55.82
N ASN PE 49 106.05 -22.78 -55.45
CA ASN PE 49 105.54 -22.77 -54.09
C ASN PE 49 105.20 -24.20 -53.68
N ALA PE 50 105.57 -24.58 -52.45
CA ALA PE 50 105.30 -25.92 -51.97
C ALA PE 50 104.82 -25.87 -50.53
N LYS PE 51 103.86 -26.73 -50.18
CA LYS PE 51 103.24 -26.73 -48.87
C LYS PE 51 102.91 -28.16 -48.46
N PHE PE 52 103.01 -28.45 -47.16
CA PHE PE 52 102.59 -29.72 -46.60
C PHE PE 52 101.39 -29.53 -45.68
N ASP PE 53 100.34 -30.31 -45.92
CA ASP PE 53 99.23 -30.48 -44.98
C ASP PE 53 99.48 -31.82 -44.29
N ILE PE 54 99.96 -31.76 -43.05
CA ILE PE 54 100.41 -32.94 -42.34
C ILE PE 54 99.41 -33.27 -41.23
N LYS PE 55 98.82 -34.45 -41.31
CA LYS PE 55 97.82 -34.84 -40.33
C LYS PE 55 98.51 -35.41 -39.09
N ALA PE 56 97.73 -35.52 -38.01
CA ALA PE 56 98.27 -35.92 -36.72
C ALA PE 56 98.88 -37.31 -36.79
N PRO PE 57 99.76 -37.65 -35.85
CA PRO PE 57 100.35 -38.99 -35.85
C PRO PE 57 99.29 -40.06 -35.74
N GLY PE 58 99.53 -41.18 -36.40
CA GLY PE 58 98.60 -42.27 -36.49
C GLY PE 58 98.62 -42.85 -37.88
N ILE PE 59 97.71 -43.79 -38.14
CA ILE PE 59 97.62 -44.37 -39.47
C ILE PE 59 96.29 -44.04 -40.14
N THR PE 60 95.54 -43.09 -39.59
CA THR PE 60 94.17 -42.84 -40.05
C THR PE 60 94.12 -41.93 -41.27
N GLY PE 61 94.95 -40.89 -41.31
CA GLY PE 61 94.72 -39.78 -42.20
C GLY PE 61 95.27 -39.94 -43.61
N ASN PE 62 95.29 -38.80 -44.30
CA ASN PE 62 95.90 -38.63 -45.62
C ASN PE 62 96.74 -37.34 -45.58
N ASP PE 63 98.06 -37.48 -45.67
CA ASP PE 63 98.94 -36.34 -45.79
C ASP PE 63 98.84 -35.75 -47.20
N ARG PE 64 99.12 -34.46 -47.35
CA ARG PE 64 99.01 -33.82 -48.66
C ARG PE 64 100.20 -32.91 -48.93
N ILE PE 65 100.62 -32.89 -50.19
CA ILE PE 65 101.66 -32.01 -50.71
C ILE PE 65 101.02 -31.14 -51.78
N HIS PE 66 101.28 -29.83 -51.72
CA HIS PE 66 100.77 -28.87 -52.70
C HIS PE 66 101.95 -28.17 -53.34
N ALA PE 67 102.12 -28.35 -54.64
CA ALA PE 67 103.15 -27.63 -55.39
C ALA PE 67 102.48 -26.76 -56.44
N ASN PE 68 103.14 -25.67 -56.79
CA ASN PE 68 102.58 -24.72 -57.74
C ASN PE 68 103.72 -24.04 -58.48
N LEU PE 69 103.76 -24.21 -59.79
CA LEU PE 69 104.78 -23.60 -60.64
C LEU PE 69 104.09 -22.63 -61.58
N ARG PE 70 104.40 -21.35 -61.44
CA ARG PE 70 103.71 -20.30 -62.16
C ARG PE 70 104.69 -19.47 -62.97
N LYS PE 71 104.19 -18.91 -64.07
CA LYS PE 71 104.90 -17.88 -64.85
C LYS PE 71 103.89 -16.82 -65.30
N VAL PE 72 104.21 -15.57 -65.04
CA VAL PE 72 103.36 -14.45 -65.43
C VAL PE 72 103.85 -13.91 -66.76
N VAL PE 73 102.92 -13.49 -67.61
CA VAL PE 73 103.26 -12.91 -68.91
C VAL PE 73 102.43 -11.66 -69.10
N LEU PE 74 102.98 -10.70 -69.84
CA LEU PE 74 102.34 -9.43 -70.10
C LEU PE 74 101.90 -9.35 -71.56
N ASP PE 75 100.70 -8.81 -71.78
CA ASP PE 75 100.17 -8.62 -73.13
C ASP PE 75 101.04 -7.65 -73.91
N GLU PE 76 101.35 -8.00 -75.16
CA GLU PE 76 102.15 -7.09 -76.00
C GLU PE 76 101.42 -5.79 -76.27
N LYS PE 77 100.08 -5.81 -76.20
CA LYS PE 77 99.32 -4.62 -76.54
C LYS PE 77 99.03 -3.75 -75.32
N THR PE 78 98.80 -4.38 -74.16
CA THR PE 78 98.33 -3.66 -72.99
C THR PE 78 99.19 -3.84 -71.73
N ASN PE 79 100.24 -4.67 -71.77
CA ASN PE 79 101.02 -5.03 -70.59
C ASN PE 79 100.13 -5.58 -69.47
N LEU PE 80 98.99 -6.16 -69.84
CA LEU PE 80 98.18 -6.74 -68.77
C LEU PE 80 98.66 -8.14 -68.44
N PRO PE 81 98.75 -8.45 -67.15
CA PRO PE 81 99.32 -9.74 -66.74
C PRO PE 81 98.27 -10.85 -66.80
N SER PE 82 98.67 -11.98 -67.33
CA SER PE 82 97.97 -13.23 -67.10
C SER PE 82 98.99 -14.30 -66.78
N THR PE 83 98.60 -15.29 -65.98
CA THR PE 83 99.52 -16.26 -65.45
C THR PE 83 99.21 -17.65 -66.00
N GLY PE 84 100.26 -18.41 -66.29
CA GLY PE 84 100.15 -19.82 -66.60
C GLY PE 84 100.70 -20.60 -65.41
N SER PE 85 100.11 -21.76 -65.15
CA SER PE 85 100.51 -22.47 -63.94
C SER PE 85 100.29 -23.97 -64.08
N VAL PE 86 101.17 -24.73 -63.44
CA VAL PE 86 101.01 -26.15 -63.22
C VAL PE 86 100.99 -26.38 -61.71
N THR PE 87 99.86 -26.84 -61.21
CA THR PE 87 99.71 -27.14 -59.79
C THR PE 87 99.61 -28.65 -59.60
N ILE PE 88 100.15 -29.12 -58.48
CA ILE PE 88 100.23 -30.54 -58.18
C ILE PE 88 99.75 -30.76 -56.76
N GLN PE 89 98.96 -31.81 -56.55
CA GLN PE 89 98.55 -32.22 -55.22
C GLN PE 89 98.77 -33.71 -55.05
N VAL PE 90 99.63 -34.05 -54.10
CA VAL PE 90 99.93 -35.43 -53.75
C VAL PE 90 99.20 -35.76 -52.47
N SER PE 91 98.47 -36.87 -52.45
CA SER PE 91 97.77 -37.33 -51.26
C SER PE 91 98.28 -38.72 -50.92
N ILE PE 92 98.93 -38.83 -49.76
CA ILE PE 92 99.64 -40.01 -49.27
C ILE PE 92 98.85 -40.56 -48.07
N PRO PE 93 98.23 -41.73 -48.19
CA PRO PE 93 97.57 -42.32 -47.02
C PRO PE 93 98.57 -42.83 -46.00
N ARG PE 94 98.10 -42.91 -44.75
CA ARG PE 94 98.91 -43.35 -43.64
C ARG PE 94 98.67 -44.82 -43.27
N ASN PE 95 97.61 -45.43 -43.79
CA ASN PE 95 97.40 -46.87 -43.68
C ASN PE 95 98.68 -47.60 -44.10
N PRO PE 96 99.26 -48.43 -43.23
CA PRO PE 96 100.55 -49.07 -43.56
C PRO PE 96 100.52 -49.92 -44.81
N ALA PE 97 99.35 -50.10 -45.40
CA ALA PE 97 99.24 -50.77 -46.69
C ALA PE 97 99.71 -49.89 -47.85
N TRP PE 98 100.20 -48.68 -47.57
CA TRP PE 98 100.76 -47.77 -48.57
C TRP PE 98 102.27 -47.63 -48.35
N ASN PE 99 102.99 -47.28 -49.42
CA ASN PE 99 104.44 -47.16 -49.38
C ASN PE 99 104.91 -45.85 -49.98
N ALA PE 100 106.03 -45.37 -49.46
CA ALA PE 100 106.78 -44.35 -50.18
C ALA PE 100 107.07 -44.79 -51.60
N SER PE 101 107.27 -46.09 -51.81
CA SER PE 101 107.48 -46.59 -53.17
C SER PE 101 106.25 -46.34 -54.04
N MET PE 102 105.06 -46.47 -53.47
CA MET PE 102 103.84 -46.23 -54.22
C MET PE 102 103.68 -44.74 -54.53
N THR PE 103 104.02 -43.88 -53.56
CA THR PE 103 104.05 -42.44 -53.82
C THR PE 103 104.97 -42.12 -54.98
N VAL PE 104 106.21 -42.62 -54.92
CA VAL PE 104 107.18 -42.33 -55.98
C VAL PE 104 106.70 -42.89 -57.31
N SER PE 105 106.05 -44.05 -57.29
CA SER PE 105 105.56 -44.63 -58.55
C SER PE 105 104.51 -43.74 -59.19
N LEU PE 106 103.57 -43.21 -58.38
CA LEU PE 106 102.60 -42.28 -58.93
C LEU PE 106 103.27 -41.03 -59.48
N LEU PE 107 104.28 -40.51 -58.77
CA LEU PE 107 104.97 -39.32 -59.26
C LEU PE 107 105.63 -39.59 -60.61
N LYS PE 108 106.33 -40.72 -60.72
CA LYS PE 108 107.02 -41.07 -61.96
C LYS PE 108 106.03 -41.26 -63.11
N GLN PE 109 104.89 -41.90 -62.82
CA GLN PE 109 103.89 -42.12 -63.86
C GLN PE 109 103.28 -40.81 -64.34
N ALA PE 110 102.96 -39.91 -63.41
CA ALA PE 110 102.45 -38.60 -63.79
C ALA PE 110 103.48 -37.85 -64.63
N ALA PE 111 104.75 -37.95 -64.25
CA ALA PE 111 105.81 -37.29 -65.02
C ALA PE 111 105.87 -37.84 -66.44
N ASP PE 112 105.86 -39.18 -66.59
CA ASP PE 112 105.85 -39.79 -67.90
C ASP PE 112 104.64 -39.37 -68.72
N TYR PE 113 103.46 -39.32 -68.10
CA TYR PE 113 102.24 -39.15 -68.87
C TYR PE 113 101.94 -37.70 -69.22
N LEU PE 114 102.38 -36.74 -68.40
CA LEU PE 114 102.10 -35.34 -68.70
C LEU PE 114 103.32 -34.55 -69.14
N ALA PE 115 104.53 -34.99 -68.82
CA ALA PE 115 105.74 -34.33 -69.26
C ALA PE 115 106.60 -35.18 -70.19
N GLY PE 116 106.37 -36.49 -70.24
CA GLY PE 116 107.17 -37.36 -71.10
C GLY PE 116 108.63 -37.38 -70.73
N THR PE 117 108.94 -37.59 -69.45
CA THR PE 117 110.31 -37.53 -68.96
C THR PE 117 110.78 -38.79 -68.25
N SER PE 118 109.97 -39.86 -68.24
CA SER PE 118 110.33 -41.07 -67.53
C SER PE 118 111.66 -41.67 -68.02
N ALA PE 119 112.23 -42.53 -67.18
CA ALA PE 119 113.42 -43.29 -67.54
C ALA PE 119 113.08 -44.33 -68.60
N THR PE 120 114.12 -44.96 -69.15
CA THR PE 120 113.96 -45.89 -70.25
C THR PE 120 113.74 -47.32 -69.74
N VAL PE 121 112.65 -47.93 -70.20
CA VAL PE 121 112.31 -49.32 -69.90
C VAL PE 121 111.85 -49.96 -71.20
N SER PE 122 111.93 -51.28 -71.26
CA SER PE 122 111.77 -52.00 -72.53
C SER PE 122 110.49 -51.61 -73.24
N GLY PE 123 109.34 -51.96 -72.68
CA GLY PE 123 108.12 -51.84 -73.45
C GLY PE 123 107.38 -50.53 -73.27
N GLN PE 124 108.09 -49.46 -72.91
CA GLN PE 124 107.40 -48.25 -72.49
C GLN PE 124 106.79 -47.59 -73.72
N THR PE 125 105.68 -46.89 -73.52
CA THR PE 125 105.15 -46.14 -74.65
C THR PE 125 105.89 -44.83 -74.80
N ASP PE 126 105.98 -44.38 -76.05
CA ASP PE 126 106.70 -43.16 -76.37
C ASP PE 126 105.86 -41.96 -75.95
N THR PE 127 106.33 -41.27 -74.91
CA THR PE 127 105.61 -40.16 -74.32
C THR PE 127 106.28 -38.82 -74.60
N SER PE 128 107.26 -38.79 -75.50
CA SER PE 128 108.00 -37.55 -75.75
C SER PE 128 107.09 -36.45 -76.30
N GLY PE 129 106.11 -36.81 -77.12
CA GLY PE 129 105.22 -35.83 -77.71
C GLY PE 129 104.02 -35.48 -76.88
N PHE PE 130 103.83 -36.19 -75.77
CA PHE PE 130 102.66 -35.93 -74.93
C PHE PE 130 102.60 -34.52 -74.38
N PRO PE 131 103.68 -33.90 -73.88
CA PRO PE 131 103.55 -32.51 -73.42
C PRO PE 131 103.09 -31.57 -74.53
N ALA PE 132 103.57 -31.77 -75.75
CA ALA PE 132 103.10 -30.97 -76.88
C ALA PE 132 101.59 -31.17 -77.09
N LYS PE 133 101.15 -32.43 -77.09
CA LYS PE 133 99.73 -32.70 -77.30
C LYS PE 133 98.88 -32.09 -76.19
N TRP PE 134 99.36 -32.15 -74.95
CA TRP PE 134 98.62 -31.52 -73.85
C TRP PE 134 98.53 -30.02 -74.06
N ALA PE 135 99.67 -29.38 -74.35
CA ALA PE 135 99.69 -27.93 -74.55
C ALA PE 135 98.81 -27.50 -75.71
N GLY PE 136 98.50 -28.44 -76.62
CA GLY PE 136 97.50 -28.18 -77.64
C GLY PE 136 96.08 -28.51 -77.23
N LEU PE 137 95.86 -28.87 -75.96
CA LEU PE 137 94.57 -29.31 -75.46
C LEU PE 137 94.01 -30.48 -76.29
N MET PE 138 94.83 -31.52 -76.44
CA MET PE 138 94.37 -32.77 -77.00
C MET PE 138 94.98 -33.93 -76.24
N PHE PE 139 94.20 -35.01 -76.14
CA PHE PE 139 94.64 -36.16 -75.38
C PHE PE 139 95.75 -36.91 -76.12
N PRO PE 140 96.73 -37.45 -75.40
CA PRO PE 140 97.74 -38.34 -75.95
C PRO PE 140 97.09 -39.60 -76.54
N ALA QE 1 116.80 -19.97 -38.91
CA ALA QE 1 117.31 -21.09 -38.14
C ALA QE 1 118.12 -22.04 -39.02
N ALA QE 2 118.84 -22.96 -38.38
CA ALA QE 2 119.65 -23.92 -39.11
C ALA QE 2 118.76 -24.83 -39.95
N PRO QE 3 119.12 -25.08 -41.21
CA PRO QE 3 118.26 -25.89 -42.08
C PRO QE 3 118.29 -27.36 -41.74
N SER QE 4 119.32 -27.82 -41.03
CA SER QE 4 119.42 -29.24 -40.69
C SER QE 4 120.32 -29.39 -39.47
N LEU QE 5 120.10 -30.48 -38.73
CA LEU QE 5 120.78 -30.75 -37.47
C LEU QE 5 121.17 -32.21 -37.40
N ALA QE 6 122.34 -32.47 -36.83
CA ALA QE 6 122.79 -33.82 -36.52
C ALA QE 6 123.01 -33.88 -35.02
N LEU QE 7 121.97 -34.24 -34.28
CA LEU QE 7 122.05 -34.29 -32.83
C LEU QE 7 122.54 -35.66 -32.38
N VAL QE 8 123.08 -35.73 -31.17
CA VAL QE 8 123.56 -36.99 -30.61
C VAL QE 8 122.50 -37.55 -29.67
N GLY QE 9 122.07 -38.79 -29.94
CA GLY QE 9 121.21 -39.56 -29.07
C GLY QE 9 121.83 -40.91 -28.80
N ALA QE 10 120.96 -41.88 -28.50
CA ALA QE 10 121.39 -43.22 -28.13
C ALA QE 10 120.58 -44.24 -28.90
N ASN QE 11 121.27 -45.29 -29.37
CA ASN QE 11 120.61 -46.41 -30.02
C ASN QE 11 120.11 -47.38 -28.95
N SER QE 12 119.72 -48.58 -29.38
CA SER QE 12 119.23 -49.57 -28.43
C SER QE 12 120.31 -50.01 -27.44
N THR QE 13 121.58 -49.90 -27.84
CA THR QE 13 122.71 -50.23 -26.97
C THR QE 13 123.06 -49.11 -26.00
N LEU QE 14 122.42 -47.95 -26.15
CA LEU QE 14 122.78 -46.69 -25.50
C LEU QE 14 124.09 -46.10 -26.01
N ALA QE 15 124.62 -46.63 -27.12
CA ALA QE 15 125.79 -46.04 -27.74
C ALA QE 15 125.43 -44.72 -28.42
N SER QE 16 126.36 -43.78 -28.40
CA SER QE 16 126.12 -42.45 -28.98
C SER QE 16 125.93 -42.57 -30.49
N THR QE 17 124.76 -42.17 -30.97
CA THR QE 17 124.37 -42.31 -32.37
C THR QE 17 123.81 -40.99 -32.87
N LEU QE 18 124.09 -40.65 -34.13
CA LEU QE 18 123.50 -39.45 -34.69
C LEU QE 18 122.03 -39.64 -35.02
N VAL QE 19 121.25 -38.61 -34.75
CA VAL QE 19 119.85 -38.51 -35.15
C VAL QE 19 119.68 -37.21 -35.92
N ASN QE 20 119.14 -37.32 -37.13
CA ASN QE 20 119.21 -36.26 -38.13
C ASN QE 20 117.84 -35.61 -38.29
N TYR QE 21 117.82 -34.28 -38.22
CA TYR QE 21 116.59 -33.50 -38.40
C TYR QE 21 116.79 -32.51 -39.52
N SER QE 22 115.71 -32.22 -40.26
CA SER QE 22 115.69 -31.13 -41.22
C SER QE 22 114.60 -30.14 -40.86
N LEU QE 23 114.83 -28.89 -41.21
CA LEU QE 23 113.92 -27.80 -40.90
C LEU QE 23 112.71 -27.86 -41.82
N ARG QE 24 111.58 -28.30 -41.27
CA ARG QE 24 110.36 -28.38 -42.03
C ARG QE 24 109.57 -27.07 -42.02
N SER QE 25 109.43 -26.41 -40.87
CA SER QE 25 108.72 -25.13 -40.89
C SER QE 25 109.32 -24.15 -39.90
N GLN QE 26 109.05 -22.88 -40.16
CA GLN QE 26 109.41 -21.81 -39.22
C GLN QE 26 108.40 -20.70 -39.43
N ASN QE 27 107.72 -20.33 -38.34
CA ASN QE 27 106.59 -19.40 -38.40
C ASN QE 27 106.39 -18.76 -37.04
N GLY QE 28 106.32 -17.44 -37.01
CA GLY QE 28 105.93 -16.70 -35.83
C GLY QE 28 106.74 -17.07 -34.60
N ASN QE 29 108.05 -16.82 -34.67
CA ASN QE 29 108.99 -17.20 -33.62
C ASN QE 29 108.77 -18.64 -33.18
N ASN QE 30 108.57 -19.51 -34.16
CA ASN QE 30 108.36 -20.91 -33.89
C ASN QE 30 109.13 -21.69 -34.95
N VAL QE 31 109.76 -22.80 -34.54
CA VAL QE 31 110.65 -23.56 -35.41
C VAL QE 31 110.35 -25.05 -35.23
N ASP QE 32 110.12 -25.75 -36.34
CA ASP QE 32 109.71 -27.16 -36.32
C ASP QE 32 110.60 -27.98 -37.25
N TYR QE 33 111.27 -28.98 -36.67
CA TYR QE 33 112.15 -29.91 -37.36
C TYR QE 33 111.51 -31.30 -37.40
N VAL QE 34 111.83 -32.06 -38.44
CA VAL QE 34 111.40 -33.46 -38.55
C VAL QE 34 112.61 -34.35 -38.73
N CYS QE 35 112.52 -35.56 -38.19
CA CYS QE 35 113.63 -36.51 -38.26
C CYS QE 35 113.67 -37.18 -39.62
N THR QE 36 114.86 -37.19 -40.22
CA THR QE 36 115.07 -37.71 -41.57
C THR QE 36 115.50 -39.16 -41.60
N ASP QE 37 115.68 -39.78 -40.45
CA ASP QE 37 116.18 -41.15 -40.36
C ASP QE 37 115.09 -42.13 -40.71
N PRO QE 38 115.45 -43.41 -40.91
CA PRO QE 38 114.41 -44.41 -41.21
C PRO QE 38 113.48 -44.68 -40.04
N ASP QE 39 113.92 -44.47 -38.80
CA ASP QE 39 113.06 -44.78 -37.66
C ASP QE 39 111.89 -43.81 -37.51
N SER QE 40 111.91 -42.66 -38.18
CA SER QE 40 110.77 -41.76 -38.20
C SER QE 40 110.03 -41.96 -39.52
N THR QE 41 108.79 -42.41 -39.43
CA THR QE 41 107.90 -42.57 -40.56
C THR QE 41 106.85 -41.47 -40.51
N LEU QE 42 106.03 -41.41 -41.57
CA LEU QE 42 104.92 -40.48 -41.58
C LEU QE 42 103.96 -40.77 -40.45
N SER QE 43 103.71 -42.05 -40.19
CA SER QE 43 102.71 -42.41 -39.21
C SER QE 43 103.24 -42.23 -37.80
N ALA QE 44 104.53 -42.47 -37.60
CA ALA QE 44 105.17 -42.38 -36.29
C ALA QE 44 106.48 -41.60 -36.43
N PRO QE 45 106.42 -40.27 -36.43
CA PRO QE 45 107.60 -39.47 -36.74
C PRO QE 45 108.41 -39.10 -35.49
N GLY QE 46 109.59 -38.55 -35.75
CA GLY QE 46 110.36 -37.86 -34.72
C GLY QE 46 110.35 -36.38 -35.02
N LEU QE 47 110.11 -35.57 -33.99
CA LEU QE 47 109.80 -34.18 -34.21
C LEU QE 47 110.48 -33.28 -33.18
N ILE QE 48 110.77 -32.06 -33.57
CA ILE QE 48 111.30 -31.05 -32.65
C ILE QE 48 110.54 -29.74 -32.86
N ASN QE 49 110.26 -29.06 -31.76
CA ASN QE 49 109.52 -27.80 -31.72
C ASN QE 49 110.25 -26.82 -30.80
N ALA QE 50 110.25 -25.54 -31.19
CA ALA QE 50 110.89 -24.51 -30.36
C ALA QE 50 110.21 -23.16 -30.56
N LYS QE 51 109.74 -22.57 -29.44
CA LYS QE 51 108.97 -21.32 -29.42
C LYS QE 51 109.66 -20.27 -28.56
N PHE QE 52 109.42 -19.00 -28.89
CA PHE QE 52 109.88 -17.86 -28.11
C PHE QE 52 108.69 -17.01 -27.68
N ASP QE 53 108.46 -16.93 -26.38
CA ASP QE 53 107.56 -15.92 -25.80
C ASP QE 53 108.45 -14.73 -25.43
N ILE QE 54 108.49 -13.73 -26.30
CA ILE QE 54 109.31 -12.55 -26.08
C ILE QE 54 108.41 -11.43 -25.56
N LYS QE 55 108.68 -11.01 -24.33
CA LYS QE 55 107.91 -9.94 -23.71
C LYS QE 55 108.31 -8.60 -24.32
N ALA QE 56 107.39 -7.63 -24.23
CA ALA QE 56 107.62 -6.25 -24.63
C ALA QE 56 108.87 -5.70 -23.94
N PRO QE 57 109.55 -4.73 -24.53
CA PRO QE 57 110.75 -4.18 -23.88
C PRO QE 57 110.42 -3.67 -22.50
N GLY QE 58 111.39 -3.80 -21.61
CA GLY QE 58 111.18 -3.43 -20.23
C GLY QE 58 112.12 -4.18 -19.33
N ILE QE 59 112.20 -3.69 -18.09
CA ILE QE 59 113.07 -4.31 -17.10
C ILE QE 59 112.33 -5.34 -16.27
N THR QE 60 111.02 -5.46 -16.43
CA THR QE 60 110.19 -6.38 -15.66
C THR QE 60 109.71 -7.52 -16.55
N GLY QE 61 109.48 -8.66 -15.92
CA GLY QE 61 108.95 -9.83 -16.59
C GLY QE 61 110.03 -10.86 -16.89
N ASN QE 62 109.57 -12.00 -17.41
CA ASN QE 62 110.43 -13.08 -17.86
C ASN QE 62 110.18 -13.35 -19.34
N ASP QE 63 111.26 -13.52 -20.09
CA ASP QE 63 111.20 -14.10 -21.44
C ASP QE 63 111.18 -15.62 -21.32
N ARG QE 64 110.57 -16.28 -22.30
CA ARG QE 64 110.45 -17.74 -22.19
C ARG QE 64 110.81 -18.44 -23.49
N ILE QE 65 111.48 -19.58 -23.35
CA ILE QE 65 111.82 -20.48 -24.44
C ILE QE 65 111.13 -21.79 -24.20
N HIS QE 66 110.46 -22.33 -25.21
CA HIS QE 66 109.83 -23.63 -25.13
C HIS QE 66 110.44 -24.56 -26.17
N ALA QE 67 110.69 -25.81 -25.79
CA ALA QE 67 111.28 -26.77 -26.71
C ALA QE 67 110.69 -28.14 -26.44
N ASN QE 68 110.44 -28.90 -27.50
CA ASN QE 68 109.85 -30.21 -27.37
C ASN QE 68 110.53 -31.16 -28.33
N LEU QE 69 111.03 -32.29 -27.81
CA LEU QE 69 111.62 -33.35 -28.62
C LEU QE 69 110.79 -34.61 -28.45
N ARG QE 70 110.18 -35.06 -29.55
CA ARG QE 70 109.16 -36.09 -29.54
C ARG QE 70 109.58 -37.26 -30.42
N LYS QE 71 109.19 -38.46 -30.01
CA LYS QE 71 109.20 -39.63 -30.86
C LYS QE 71 107.87 -40.35 -30.70
N VAL QE 72 107.16 -40.56 -31.82
CA VAL QE 72 105.88 -41.25 -31.83
C VAL QE 72 106.15 -42.74 -32.07
N VAL QE 73 105.38 -43.58 -31.41
CA VAL QE 73 105.47 -45.02 -31.60
C VAL QE 73 104.06 -45.59 -31.71
N LEU QE 74 103.90 -46.58 -32.59
CA LEU QE 74 102.62 -47.20 -32.86
C LEU QE 74 102.49 -48.50 -32.06
N ASP QE 75 101.28 -48.76 -31.55
CA ASP QE 75 101.02 -50.02 -30.87
C ASP QE 75 101.11 -51.19 -31.83
N GLU QE 76 101.68 -52.30 -31.35
CA GLU QE 76 101.87 -53.45 -32.22
C GLU QE 76 100.54 -53.97 -32.75
N LYS QE 77 99.53 -54.05 -31.90
CA LYS QE 77 98.24 -54.62 -32.30
C LYS QE 77 97.30 -53.53 -32.82
N THR QE 78 97.04 -52.51 -32.01
CA THR QE 78 96.01 -51.53 -32.36
C THR QE 78 96.50 -50.46 -33.33
N ASN QE 79 97.81 -50.32 -33.53
CA ASN QE 79 98.42 -49.27 -34.35
C ASN QE 79 98.04 -47.86 -33.89
N LEU QE 80 97.51 -47.74 -32.67
CA LEU QE 80 97.26 -46.43 -32.07
C LEU QE 80 98.59 -45.80 -31.69
N PRO QE 81 98.77 -44.52 -31.95
CA PRO QE 81 100.05 -43.87 -31.64
C PRO QE 81 100.07 -43.35 -30.22
N SER QE 82 101.15 -43.63 -29.49
CA SER QE 82 101.46 -42.88 -28.29
C SER QE 82 102.86 -42.30 -28.44
N THR QE 83 103.09 -41.16 -27.82
CA THR QE 83 104.29 -40.39 -28.07
C THR QE 83 105.07 -40.15 -26.78
N GLY QE 84 106.39 -40.29 -26.87
CA GLY QE 84 107.30 -40.02 -25.77
C GLY QE 84 108.05 -38.73 -26.04
N SER QE 85 108.27 -37.95 -24.99
CA SER QE 85 108.74 -36.58 -25.25
C SER QE 85 109.54 -36.01 -24.09
N VAL QE 86 110.60 -35.29 -24.42
CA VAL QE 86 111.33 -34.45 -23.47
C VAL QE 86 111.06 -33.00 -23.84
N THR QE 87 110.48 -32.24 -22.92
CA THR QE 87 110.16 -30.85 -23.17
C THR QE 87 110.81 -29.95 -22.13
N ILE QE 88 111.27 -28.78 -22.58
CA ILE QE 88 112.08 -27.86 -21.80
C ILE QE 88 111.44 -26.48 -21.85
N GLN QE 89 111.35 -25.83 -20.69
CA GLN QE 89 110.98 -24.42 -20.59
C GLN QE 89 112.10 -23.65 -19.90
N VAL QE 90 112.61 -22.64 -20.58
CA VAL QE 90 113.62 -21.74 -20.03
C VAL QE 90 112.95 -20.41 -19.75
N SER QE 91 113.09 -19.91 -18.51
CA SER QE 91 112.51 -18.64 -18.10
C SER QE 91 113.66 -17.72 -17.68
N ILE QE 92 113.87 -16.66 -18.47
CA ILE QE 92 114.98 -15.72 -18.35
C ILE QE 92 114.41 -14.39 -17.85
N PRO QE 93 114.72 -13.98 -16.62
CA PRO QE 93 114.24 -12.68 -16.14
C PRO QE 93 114.93 -11.52 -16.86
N ARG QE 94 114.35 -10.34 -16.69
CA ARG QE 94 114.85 -9.13 -17.33
C ARG QE 94 115.52 -8.15 -16.38
N ASN QE 95 115.46 -8.40 -15.08
CA ASN QE 95 116.24 -7.61 -14.14
C ASN QE 95 117.72 -7.69 -14.53
N PRO QE 96 118.41 -6.55 -14.68
CA PRO QE 96 119.82 -6.60 -15.11
C PRO QE 96 120.70 -7.41 -14.19
N ALA QE 97 120.20 -7.81 -13.04
CA ALA QE 97 120.90 -8.69 -12.13
C ALA QE 97 120.91 -10.14 -12.61
N TRP QE 98 120.37 -10.42 -13.79
CA TRP QE 98 120.47 -11.73 -14.43
C TRP QE 98 121.42 -11.65 -15.62
N ASN QE 99 122.03 -12.79 -15.96
CA ASN QE 99 122.99 -12.85 -17.06
C ASN QE 99 122.69 -14.01 -17.98
N ALA QE 100 123.04 -13.81 -19.25
CA ALA QE 100 123.12 -14.93 -20.16
C ALA QE 100 124.02 -16.03 -19.59
N SER QE 101 125.06 -15.65 -18.84
CA SER QE 101 125.92 -16.65 -18.22
C SER QE 101 125.13 -17.50 -17.24
N MET QE 102 124.19 -16.88 -16.52
CA MET QE 102 123.37 -17.64 -15.59
C MET QE 102 122.40 -18.56 -16.33
N THR QE 103 121.82 -18.07 -17.43
CA THR QE 103 121.00 -18.92 -18.28
C THR QE 103 121.78 -20.15 -18.74
N VAL QE 104 122.97 -19.91 -19.29
CA VAL QE 104 123.79 -21.02 -19.80
C VAL QE 104 124.18 -21.95 -18.67
N SER QE 105 124.45 -21.41 -17.49
CA SER QE 105 124.83 -22.25 -16.36
C SER QE 105 123.69 -23.19 -15.99
N LEU QE 106 122.46 -22.68 -15.95
CA LEU QE 106 121.32 -23.56 -15.67
C LEU QE 106 121.15 -24.60 -16.77
N LEU QE 107 121.34 -24.21 -18.04
CA LEU QE 107 121.21 -25.19 -19.12
C LEU QE 107 122.25 -26.31 -18.97
N LYS QE 108 123.50 -25.94 -18.69
CA LYS QE 108 124.56 -26.93 -18.55
C LYS QE 108 124.31 -27.84 -17.35
N GLN QE 109 123.82 -27.28 -16.24
CA GLN QE 109 123.55 -28.09 -15.07
C GLN QE 109 122.41 -29.07 -15.33
N ALA QE 110 121.35 -28.61 -16.01
CA ALA QE 110 120.27 -29.51 -16.38
C ALA QE 110 120.78 -30.63 -17.28
N ALA QE 111 121.62 -30.29 -18.26
CA ALA QE 111 122.21 -31.31 -19.11
C ALA QE 111 123.00 -32.33 -18.30
N ASP QE 112 123.78 -31.85 -17.34
CA ASP QE 112 124.57 -32.77 -16.51
C ASP QE 112 123.64 -33.67 -15.68
N TYR QE 113 122.60 -33.10 -15.09
CA TYR QE 113 121.83 -33.85 -14.09
C TYR QE 113 120.80 -34.77 -14.71
N LEU QE 114 120.21 -34.40 -15.85
CA LEU QE 114 119.20 -35.25 -16.47
C LEU QE 114 119.71 -36.03 -17.67
N ALA QE 115 120.78 -35.59 -18.31
CA ALA QE 115 121.34 -36.30 -19.45
C ALA QE 115 122.74 -36.84 -19.21
N GLY QE 116 123.46 -36.33 -18.22
CA GLY QE 116 124.81 -36.79 -17.95
C GLY QE 116 125.79 -36.50 -19.06
N THR QE 117 125.83 -35.25 -19.53
CA THR QE 117 126.65 -34.88 -20.67
C THR QE 117 127.57 -33.69 -20.40
N SER QE 118 127.68 -33.22 -19.16
CA SER QE 118 128.53 -32.09 -18.85
C SER QE 118 129.99 -32.30 -19.31
N ALA QE 119 130.71 -31.20 -19.48
CA ALA QE 119 132.14 -31.23 -19.74
C ALA QE 119 132.89 -31.74 -18.51
N THR QE 120 134.15 -32.10 -18.71
CA THR QE 120 134.94 -32.68 -17.64
C THR QE 120 135.55 -31.58 -16.77
N VAL QE 121 135.32 -31.69 -15.46
CA VAL QE 121 135.88 -30.80 -14.44
C VAL QE 121 136.26 -31.65 -13.24
N SER QE 122 137.41 -31.33 -12.64
CA SER QE 122 137.86 -32.05 -11.46
C SER QE 122 136.83 -31.97 -10.35
N GLY QE 123 136.47 -33.12 -9.79
CA GLY QE 123 135.52 -33.16 -8.71
C GLY QE 123 134.06 -33.21 -9.10
N GLN QE 124 133.75 -33.40 -10.39
CA GLN QE 124 132.36 -33.41 -10.79
C GLN QE 124 131.77 -34.76 -10.41
N THR QE 125 130.47 -34.79 -10.11
CA THR QE 125 129.87 -36.09 -9.84
C THR QE 125 129.64 -36.83 -11.16
N ASP QE 126 129.82 -38.14 -11.11
CA ASP QE 126 129.65 -38.97 -12.30
C ASP QE 126 128.18 -39.11 -12.60
N THR QE 127 127.74 -38.48 -13.68
CA THR QE 127 126.35 -38.44 -14.07
C THR QE 127 126.06 -39.36 -15.25
N SER QE 128 127.02 -40.21 -15.62
CA SER QE 128 126.86 -41.03 -16.82
C SER QE 128 125.64 -41.93 -16.74
N GLY QE 129 125.38 -42.51 -15.57
CA GLY QE 129 124.26 -43.42 -15.40
C GLY QE 129 122.96 -42.75 -15.05
N PHE QE 130 122.99 -41.44 -14.84
CA PHE QE 130 121.77 -40.73 -14.46
C PHE QE 130 120.67 -40.82 -15.51
N PRO QE 131 120.93 -40.65 -16.82
CA PRO QE 131 119.82 -40.81 -17.77
C PRO QE 131 119.18 -42.18 -17.71
N ALA QE 132 119.98 -43.24 -17.52
CA ALA QE 132 119.41 -44.56 -17.33
C ALA QE 132 118.51 -44.61 -16.10
N LYS QE 133 119.01 -44.09 -14.97
CA LYS QE 133 118.19 -44.09 -13.75
C LYS QE 133 116.90 -43.30 -13.93
N TRP QE 134 116.97 -42.18 -14.65
CA TRP QE 134 115.76 -41.40 -14.90
C TRP QE 134 114.77 -42.20 -15.75
N ALA QE 135 115.26 -42.79 -16.84
CA ALA QE 135 114.39 -43.59 -17.70
C ALA QE 135 113.75 -44.74 -16.93
N GLY QE 136 114.41 -45.20 -15.86
CA GLY QE 136 113.79 -46.15 -14.96
C GLY QE 136 112.93 -45.56 -13.86
N LEU QE 137 112.72 -44.24 -13.87
CA LEU QE 137 111.98 -43.55 -12.80
C LEU QE 137 112.63 -43.78 -11.43
N MET QE 138 113.93 -43.49 -11.36
CA MET QE 138 114.70 -43.62 -10.13
C MET QE 138 115.51 -42.35 -9.93
N PHE QE 139 115.41 -41.77 -8.76
CA PHE QE 139 116.22 -40.58 -8.48
C PHE QE 139 117.69 -40.95 -8.43
N PRO QE 140 118.57 -40.20 -9.09
CA PRO QE 140 120.02 -40.43 -9.08
C PRO QE 140 120.59 -40.33 -7.68
N ALA RE 1 11.74 -24.53 124.58
CA ALA RE 1 10.31 -24.42 124.78
C ALA RE 1 9.79 -25.45 125.77
N ALA RE 2 8.74 -25.09 126.51
CA ALA RE 2 8.14 -26.00 127.46
C ALA RE 2 7.48 -27.17 126.73
N PRO RE 3 7.56 -28.39 127.28
CA PRO RE 3 7.00 -29.54 126.58
C PRO RE 3 5.47 -29.58 126.64
N SER RE 4 4.88 -28.96 127.65
CA SER RE 4 3.43 -29.01 127.80
C SER RE 4 3.00 -27.83 128.68
N LEU RE 5 1.72 -27.48 128.56
CA LEU RE 5 1.16 -26.30 129.21
C LEU RE 5 -0.24 -26.63 129.72
N ALA RE 6 -0.57 -26.07 130.87
CA ALA RE 6 -1.92 -26.11 131.42
C ALA RE 6 -2.34 -24.66 131.60
N LEU RE 7 -3.01 -24.10 130.60
CA LEU RE 7 -3.39 -22.69 130.64
C LEU RE 7 -4.80 -22.56 131.19
N VAL RE 8 -5.11 -21.43 131.78
CA VAL RE 8 -6.44 -21.19 132.32
C VAL RE 8 -7.30 -20.50 131.27
N GLY RE 9 -8.48 -21.07 131.01
CA GLY RE 9 -9.49 -20.50 130.15
C GLY RE 9 -10.84 -20.56 130.84
N ALA RE 10 -11.90 -20.58 130.03
CA ALA RE 10 -13.26 -20.55 130.54
C ALA RE 10 -14.12 -21.60 129.83
N ASN RE 11 -15.01 -22.24 130.61
CA ASN RE 11 -15.97 -23.19 130.07
C ASN RE 11 -17.22 -22.44 129.61
N SER RE 12 -18.29 -23.18 129.34
CA SER RE 12 -19.53 -22.55 128.91
C SER RE 12 -20.14 -21.68 130.02
N THR RE 13 -19.86 -22.01 131.29
CA THR RE 13 -20.29 -21.21 132.43
C THR RE 13 -19.41 -19.98 132.66
N LEU RE 14 -18.28 -19.89 131.94
CA LEU RE 14 -17.23 -18.90 132.15
C LEU RE 14 -16.49 -19.11 133.47
N ALA RE 15 -16.60 -20.30 134.06
CA ALA RE 15 -15.78 -20.66 135.20
C ALA RE 15 -14.38 -21.01 134.74
N SER RE 16 -13.39 -20.72 135.59
CA SER RE 16 -12.00 -20.95 135.23
C SER RE 16 -11.73 -22.44 135.08
N THR RE 17 -11.28 -22.84 133.90
CA THR RE 17 -11.07 -24.25 133.56
C THR RE 17 -9.69 -24.41 132.95
N LEU RE 18 -9.03 -25.52 133.24
CA LEU RE 18 -7.76 -25.78 132.57
C LEU RE 18 -7.97 -26.21 131.13
N VAL RE 19 -7.02 -25.82 130.29
CA VAL RE 19 -6.94 -26.26 128.91
C VAL RE 19 -5.50 -26.67 128.64
N ASN RE 20 -5.33 -27.90 128.17
CA ASN RE 20 -4.04 -28.57 128.14
C ASN RE 20 -3.48 -28.56 126.73
N TYR RE 21 -2.29 -28.02 126.58
CA TYR RE 21 -1.56 -28.03 125.33
C TYR RE 21 -0.28 -28.86 125.49
N SER RE 22 0.18 -29.44 124.40
CA SER RE 22 1.44 -30.15 124.37
C SER RE 22 2.21 -29.74 123.13
N LEU RE 23 3.53 -29.77 123.23
CA LEU RE 23 4.39 -29.27 122.16
C LEU RE 23 4.32 -30.17 120.95
N ARG RE 24 3.72 -29.66 119.87
CA ARG RE 24 3.79 -30.37 118.59
C ARG RE 24 5.18 -30.27 118.00
N SER RE 25 5.67 -29.05 117.76
CA SER RE 25 6.97 -28.97 117.12
C SER RE 25 7.63 -27.62 117.42
N GLN RE 26 8.96 -27.66 117.60
CA GLN RE 26 9.76 -26.44 117.68
C GLN RE 26 10.59 -26.34 116.41
N ASN RE 27 10.32 -25.30 115.62
CA ASN RE 27 11.19 -24.83 114.58
C ASN RE 27 12.07 -23.70 115.17
N GLY RE 28 13.08 -23.29 114.42
CA GLY RE 28 13.96 -22.27 114.93
C GLY RE 28 13.25 -20.95 115.20
N ASN RE 29 13.19 -20.56 116.47
CA ASN RE 29 12.44 -19.37 116.90
C ASN RE 29 10.96 -19.48 116.53
N ASN RE 30 10.43 -20.70 116.58
CA ASN RE 30 9.02 -20.91 116.27
C ASN RE 30 8.53 -22.12 117.05
N VAL RE 31 7.35 -22.03 117.63
CA VAL RE 31 6.82 -23.09 118.49
C VAL RE 31 5.35 -23.31 118.17
N ASP RE 32 4.96 -24.59 118.04
CA ASP RE 32 3.59 -24.99 117.76
C ASP RE 32 3.14 -25.98 118.83
N TYR RE 33 2.07 -25.60 119.56
CA TYR RE 33 1.42 -26.42 120.56
C TYR RE 33 0.03 -26.83 120.08
N VAL RE 34 -0.44 -27.97 120.57
CA VAL RE 34 -1.75 -28.54 120.22
C VAL RE 34 -2.50 -28.86 121.49
N CYS RE 35 -3.82 -28.66 121.48
CA CYS RE 35 -4.64 -28.95 122.64
C CYS RE 35 -4.87 -30.46 122.74
N THR RE 36 -4.64 -31.00 123.94
CA THR RE 36 -4.75 -32.44 124.19
C THR RE 36 -6.05 -32.82 124.89
N ASP RE 37 -6.99 -31.90 125.01
CA ASP RE 37 -8.28 -32.19 125.61
C ASP RE 37 -9.17 -32.92 124.61
N PRO RE 38 -10.29 -33.49 125.07
CA PRO RE 38 -11.29 -33.98 124.11
C PRO RE 38 -11.94 -32.87 123.30
N ASP RE 39 -11.82 -31.61 123.73
CA ASP RE 39 -12.39 -30.49 122.98
C ASP RE 39 -11.80 -30.38 121.58
N SER RE 40 -10.49 -30.55 121.46
CA SER RE 40 -9.82 -30.48 120.17
C SER RE 40 -9.63 -31.89 119.62
N THR RE 41 -9.86 -32.00 118.32
CA THR RE 41 -9.54 -33.17 117.53
C THR RE 41 -8.70 -32.70 116.35
N LEU RE 42 -8.13 -33.64 115.61
CA LEU RE 42 -7.39 -33.25 114.42
C LEU RE 42 -8.29 -32.50 113.45
N SER RE 43 -9.57 -32.87 113.37
CA SER RE 43 -10.47 -32.21 112.44
C SER RE 43 -10.77 -30.78 112.85
N ALA RE 44 -10.92 -30.53 114.16
CA ALA RE 44 -11.21 -29.20 114.68
C ALA RE 44 -10.33 -28.94 115.90
N PRO RE 45 -9.08 -28.55 115.68
CA PRO RE 45 -8.10 -28.50 116.77
C PRO RE 45 -8.08 -27.16 117.50
N GLY RE 46 -7.45 -27.19 118.67
CA GLY RE 46 -7.03 -25.99 119.37
C GLY RE 46 -5.52 -25.90 119.27
N LEU RE 47 -5.04 -24.70 118.92
CA LEU RE 47 -3.66 -24.56 118.51
C LEU RE 47 -3.04 -23.30 119.10
N ILE RE 48 -1.72 -23.35 119.29
CA ILE RE 48 -0.95 -22.17 119.70
C ILE RE 48 0.31 -22.11 118.84
N ASN RE 49 0.67 -20.89 118.44
CA ASN RE 49 1.86 -20.62 117.64
C ASN RE 49 2.58 -19.41 118.20
N ALA RE 50 3.91 -19.50 118.29
CA ALA RE 50 4.73 -18.40 118.81
C ALA RE 50 5.99 -18.25 117.98
N LYS RE 51 6.25 -17.03 117.51
CA LYS RE 51 7.33 -16.72 116.58
C LYS RE 51 8.13 -15.53 117.08
N PHE RE 52 9.40 -15.48 116.66
CA PHE RE 52 10.33 -14.42 117.03
C PHE RE 52 10.95 -13.83 115.77
N ASP RE 53 10.58 -12.58 115.46
CA ASP RE 53 11.22 -11.80 114.42
C ASP RE 53 12.35 -11.00 115.07
N ILE RE 54 13.55 -11.56 115.04
CA ILE RE 54 14.72 -10.95 115.68
C ILE RE 54 15.62 -10.42 114.57
N LYS RE 55 15.85 -9.11 114.58
CA LYS RE 55 16.66 -8.49 113.57
C LYS RE 55 18.14 -8.75 113.83
N ALA RE 56 18.96 -8.55 112.80
CA ALA RE 56 20.39 -8.75 112.93
C ALA RE 56 20.94 -7.89 114.07
N PRO RE 57 21.97 -8.37 114.78
CA PRO RE 57 22.46 -7.62 115.94
C PRO RE 57 23.02 -6.23 115.60
N GLY RE 58 23.60 -6.07 114.42
CA GLY RE 58 24.07 -4.74 114.03
C GLY RE 58 22.93 -3.77 113.77
N ILE RE 59 21.85 -4.24 113.13
CA ILE RE 59 20.74 -3.39 112.71
C ILE RE 59 19.92 -2.97 113.91
N THR RE 60 19.53 -1.70 113.97
CA THR RE 60 18.54 -1.22 114.92
C THR RE 60 17.15 -1.27 114.28
N GLY RE 61 16.21 -1.79 115.03
CA GLY RE 61 14.82 -1.80 114.62
C GLY RE 61 14.00 -2.16 115.83
N ASN RE 62 12.87 -2.83 115.59
CA ASN RE 62 12.08 -3.43 116.65
C ASN RE 62 12.17 -4.94 116.53
N ASP RE 63 12.45 -5.62 117.64
CA ASP RE 63 12.25 -7.05 117.70
C ASP RE 63 10.77 -7.33 117.91
N ARG RE 64 10.30 -8.47 117.37
CA ARG RE 64 8.87 -8.74 117.38
C ARG RE 64 8.58 -10.15 117.87
N ILE RE 65 7.46 -10.28 118.60
CA ILE RE 65 6.93 -11.55 119.05
C ILE RE 65 5.54 -11.70 118.44
N HIS RE 66 5.27 -12.85 117.83
CA HIS RE 66 3.96 -13.14 117.24
C HIS RE 66 3.36 -14.35 117.91
N ALA RE 67 2.23 -14.18 118.57
CA ALA RE 67 1.54 -15.29 119.22
C ALA RE 67 0.14 -15.43 118.65
N ASN RE 68 -0.33 -16.67 118.58
CA ASN RE 68 -1.64 -16.95 118.01
C ASN RE 68 -2.26 -18.12 118.74
N LEU RE 69 -3.46 -17.91 119.31
CA LEU RE 69 -4.21 -18.95 120.00
C LEU RE 69 -5.53 -19.15 119.27
N ARG RE 70 -5.73 -20.35 118.73
CA ARG RE 70 -6.83 -20.65 117.83
C ARG RE 70 -7.68 -21.78 118.38
N LYS RE 71 -8.96 -21.74 118.05
CA LYS RE 71 -9.87 -22.88 118.21
C LYS RE 71 -10.69 -23.00 116.95
N VAL RE 72 -10.62 -24.16 116.30
CA VAL RE 72 -11.41 -24.45 115.11
C VAL RE 72 -12.72 -25.08 115.54
N VAL RE 73 -13.80 -24.72 114.85
CA VAL RE 73 -15.11 -25.29 115.12
C VAL RE 73 -15.75 -25.70 113.80
N LEU RE 74 -16.51 -26.79 113.83
CA LEU RE 74 -17.19 -27.31 112.65
C LEU RE 74 -18.66 -26.91 112.67
N ASP RE 75 -19.17 -26.54 111.50
CA ASP RE 75 -20.60 -26.26 111.38
C ASP RE 75 -21.40 -27.54 111.56
N GLU RE 76 -22.48 -27.45 112.35
CA GLU RE 76 -23.32 -28.62 112.54
C GLU RE 76 -23.87 -29.14 111.21
N LYS RE 77 -24.36 -28.23 110.37
CA LYS RE 77 -25.01 -28.65 109.14
C LYS RE 77 -24.00 -29.02 108.05
N THR RE 78 -22.95 -28.22 107.83
CA THR RE 78 -22.06 -28.44 106.70
C THR RE 78 -20.71 -29.05 107.06
N ASN RE 79 -20.39 -29.16 108.36
CA ASN RE 79 -19.08 -29.61 108.83
C ASN RE 79 -17.93 -28.79 108.27
N LEU RE 80 -18.24 -27.62 107.70
CA LEU RE 80 -17.19 -26.71 107.25
C LEU RE 80 -16.54 -26.04 108.44
N PRO RE 81 -15.23 -25.92 108.44
CA PRO RE 81 -14.55 -25.36 109.61
C PRO RE 81 -14.42 -23.86 109.53
N SER RE 82 -14.78 -23.17 110.61
CA SER RE 82 -14.38 -21.80 110.78
C SER RE 82 -13.68 -21.68 112.12
N THR RE 83 -12.75 -20.74 112.20
CA THR RE 83 -11.84 -20.69 113.34
C THR RE 83 -11.95 -19.35 114.06
N GLY RE 84 -11.77 -19.40 115.37
CA GLY RE 84 -11.74 -18.20 116.19
C GLY RE 84 -10.38 -18.07 116.87
N SER RE 85 -9.87 -16.84 116.94
CA SER RE 85 -8.47 -16.71 117.32
C SER RE 85 -8.19 -15.40 118.05
N VAL RE 86 -7.20 -15.47 118.93
CA VAL RE 86 -6.60 -14.28 119.54
C VAL RE 86 -5.13 -14.24 119.14
N THR RE 87 -4.74 -13.18 118.45
CA THR RE 87 -3.36 -12.98 118.03
C THR RE 87 -2.76 -11.77 118.73
N ILE RE 88 -1.46 -11.85 119.00
CA ILE RE 88 -0.75 -10.86 119.80
C ILE RE 88 0.57 -10.56 119.11
N GLN RE 89 0.89 -9.28 119.01
CA GLN RE 89 2.17 -8.88 118.44
C GLN RE 89 2.83 -7.94 119.43
N VAL RE 90 4.03 -8.31 119.88
CA VAL RE 90 4.80 -7.50 120.81
C VAL RE 90 5.97 -6.91 120.03
N SER RE 91 6.05 -5.58 119.99
CA SER RE 91 7.13 -4.88 119.30
C SER RE 91 7.98 -4.17 120.35
N ILE RE 92 9.21 -4.65 120.52
CA ILE RE 92 10.15 -4.21 121.54
C ILE RE 92 11.26 -3.43 120.85
N PRO RE 93 11.47 -2.16 121.15
CA PRO RE 93 12.57 -1.42 120.52
C PRO RE 93 13.93 -1.75 121.09
N ARG RE 94 14.94 -1.61 120.23
CA ARG RE 94 16.32 -1.94 120.56
C ARG RE 94 17.09 -0.76 121.17
N ASN RE 95 16.40 0.21 121.74
CA ASN RE 95 17.02 1.35 122.41
C ASN RE 95 17.14 1.06 123.90
N PRO RE 96 18.32 1.24 124.52
CA PRO RE 96 18.43 1.00 125.97
C PRO RE 96 17.46 1.81 126.81
N ALA RE 97 16.84 2.84 126.24
CA ALA RE 97 15.82 3.58 126.95
C ALA RE 97 14.55 2.77 127.17
N TRP RE 98 14.45 1.59 126.57
CA TRP RE 98 13.37 0.64 126.79
C TRP RE 98 13.92 -0.57 127.54
N ASN RE 99 13.08 -1.20 128.34
CA ASN RE 99 13.56 -2.37 129.06
C ASN RE 99 12.44 -3.38 129.28
N ALA RE 100 12.86 -4.53 129.82
CA ALA RE 100 11.93 -5.64 129.99
C ALA RE 100 10.80 -5.29 130.94
N SER RE 101 11.06 -4.42 131.92
CA SER RE 101 9.98 -3.99 132.82
C SER RE 101 8.87 -3.31 132.04
N MET RE 102 9.25 -2.54 131.02
CA MET RE 102 8.24 -1.87 130.20
C MET RE 102 7.52 -2.86 129.29
N THR RE 103 8.26 -3.81 128.72
CA THR RE 103 7.60 -4.88 127.96
C THR RE 103 6.55 -5.59 128.81
N VAL RE 104 6.94 -6.00 130.02
CA VAL RE 104 6.04 -6.71 130.91
C VAL RE 104 4.88 -5.82 131.32
N SER RE 105 5.14 -4.52 131.51
CA SER RE 105 4.06 -3.61 131.90
C SER RE 105 3.00 -3.55 130.81
N LEU RE 106 3.42 -3.45 129.54
CA LEU RE 106 2.43 -3.47 128.47
C LEU RE 106 1.67 -4.79 128.43
N LEU RE 107 2.38 -5.91 128.62
CA LEU RE 107 1.69 -7.20 128.63
C LEU RE 107 0.63 -7.25 129.73
N LYS RE 108 1.00 -6.82 130.94
CA LYS RE 108 0.07 -6.86 132.07
C LYS RE 108 -1.13 -5.95 131.84
N GLN RE 109 -0.90 -4.76 131.26
CA GLN RE 109 -2.00 -3.85 131.02
C GLN RE 109 -2.95 -4.41 129.97
N ALA RE 110 -2.41 -5.00 128.91
CA ALA RE 110 -3.27 -5.62 127.91
C ALA RE 110 -4.07 -6.75 128.53
N ALA RE 111 -3.44 -7.56 129.39
CA ALA RE 111 -4.16 -8.62 130.08
C ALA RE 111 -5.30 -8.07 130.91
N ASP RE 112 -5.03 -7.02 131.70
CA ASP RE 112 -6.08 -6.42 132.51
C ASP RE 112 -7.22 -5.90 131.64
N TYR RE 113 -6.90 -5.23 130.54
CA TYR RE 113 -7.94 -4.50 129.80
C TYR RE 113 -8.75 -5.39 128.86
N LEU RE 114 -8.16 -6.49 128.35
CA LEU RE 114 -8.91 -7.34 127.44
C LEU RE 114 -9.33 -8.68 128.04
N ALA RE 115 -8.64 -9.17 129.06
CA ALA RE 115 -9.03 -10.40 129.72
C ALA RE 115 -9.50 -10.21 131.15
N GLY RE 116 -9.20 -9.07 131.76
CA GLY RE 116 -9.60 -8.80 133.13
C GLY RE 116 -8.97 -9.76 134.12
N THR RE 117 -7.63 -9.89 134.06
CA THR RE 117 -6.93 -10.84 134.92
C THR RE 117 -5.77 -10.23 135.70
N SER RE 118 -5.67 -8.90 135.76
CA SER RE 118 -4.62 -8.25 136.52
C SER RE 118 -4.59 -8.70 137.99
N ALA RE 119 -3.44 -8.51 138.63
CA ALA RE 119 -3.31 -8.71 140.06
C ALA RE 119 -4.07 -7.63 140.83
N THR RE 120 -4.44 -7.96 142.07
CA THR RE 120 -5.21 -7.02 142.87
C THR RE 120 -4.32 -5.86 143.32
N VAL RE 121 -4.76 -4.64 143.00
CA VAL RE 121 -4.05 -3.40 143.32
C VAL RE 121 -5.11 -2.36 143.63
N SER RE 122 -4.98 -1.66 144.76
CA SER RE 122 -6.04 -0.76 145.19
C SER RE 122 -6.20 0.38 144.20
N GLY RE 123 -7.46 0.68 143.86
CA GLY RE 123 -7.76 1.71 142.88
C GLY RE 123 -7.87 1.25 141.46
N GLN RE 124 -7.62 -0.03 141.18
CA GLN RE 124 -7.78 -0.57 139.84
C GLN RE 124 -9.25 -0.59 139.45
N THR RE 125 -9.51 -0.35 138.18
CA THR RE 125 -10.87 -0.52 137.69
C THR RE 125 -11.22 -2.00 137.65
N ASP RE 126 -12.49 -2.30 137.90
CA ASP RE 126 -12.97 -3.68 137.92
C ASP RE 126 -13.12 -4.15 136.48
N THR RE 127 -12.12 -4.87 136.02
CA THR RE 127 -12.04 -5.33 134.65
C THR RE 127 -12.63 -6.72 134.45
N SER RE 128 -13.26 -7.27 135.48
CA SER RE 128 -13.73 -8.65 135.43
C SER RE 128 -14.73 -8.88 134.30
N GLY RE 129 -15.60 -7.91 134.04
CA GLY RE 129 -16.60 -8.08 133.01
C GLY RE 129 -16.18 -7.66 131.63
N PHE RE 130 -14.98 -7.10 131.53
CA PHE RE 130 -14.50 -6.63 130.23
C PHE RE 130 -14.41 -7.74 129.19
N PRO RE 131 -13.89 -8.94 129.48
CA PRO RE 131 -13.89 -9.97 128.43
C PRO RE 131 -15.28 -10.30 127.92
N ALA RE 132 -16.27 -10.35 128.80
CA ALA RE 132 -17.64 -10.52 128.36
C ALA RE 132 -18.06 -9.40 127.42
N LYS RE 133 -17.81 -8.15 127.81
CA LYS RE 133 -18.20 -7.03 126.94
C LYS RE 133 -17.49 -7.10 125.59
N TRP RE 134 -16.20 -7.45 125.59
CA TRP RE 134 -15.48 -7.56 124.32
C TRP RE 134 -16.09 -8.64 123.45
N ALA RE 135 -16.36 -9.82 124.02
CA ALA RE 135 -16.98 -10.90 123.28
C ALA RE 135 -18.37 -10.53 122.77
N GLY RE 136 -18.97 -9.49 123.34
CA GLY RE 136 -20.18 -8.94 122.78
C GLY RE 136 -20.00 -7.80 121.79
N LEU RE 137 -18.76 -7.48 121.40
CA LEU RE 137 -18.43 -6.30 120.59
C LEU RE 137 -18.97 -5.02 121.22
N MET RE 138 -18.64 -4.82 122.50
CA MET RE 138 -19.02 -3.65 123.28
C MET RE 138 -17.78 -3.09 123.95
N PHE RE 139 -17.57 -1.79 123.84
CA PHE RE 139 -16.44 -1.20 124.54
C PHE RE 139 -16.72 -1.20 126.04
N PRO RE 140 -15.75 -1.59 126.87
CA PRO RE 140 -15.90 -1.56 128.32
C PRO RE 140 -16.22 -0.16 128.83
N ALA SE 1 21.05 -30.41 121.96
CA ALA SE 1 22.00 -29.39 122.36
C ALA SE 1 21.85 -29.05 123.84
N ALA SE 2 22.93 -28.59 124.46
CA ALA SE 2 22.91 -28.24 125.88
C ALA SE 2 21.95 -27.08 126.11
N PRO SE 3 21.07 -27.16 127.11
CA PRO SE 3 20.11 -26.06 127.32
C PRO SE 3 20.74 -24.80 127.85
N SER SE 4 21.93 -24.87 128.45
CA SER SE 4 22.59 -23.69 128.97
C SER SE 4 24.08 -23.96 129.06
N LEU SE 5 24.85 -22.87 129.09
CA LEU SE 5 26.30 -22.92 129.05
C LEU SE 5 26.87 -21.88 130.00
N ALA SE 6 27.98 -22.23 130.65
CA ALA SE 6 28.75 -21.30 131.47
C ALA SE 6 30.17 -21.31 130.93
N LEU SE 7 30.46 -20.38 130.02
CA LEU SE 7 31.75 -20.35 129.34
C LEU SE 7 32.69 -19.40 130.06
N VAL SE 8 33.99 -19.61 129.89
CA VAL SE 8 34.99 -18.74 130.52
C VAL SE 8 35.40 -17.66 129.53
N GLY SE 9 35.34 -16.40 129.97
CA GLY SE 9 35.85 -15.28 129.21
C GLY SE 9 36.69 -14.41 130.11
N ALA SE 10 36.84 -13.14 129.77
CA ALA SE 10 37.69 -12.22 130.52
C ALA SE 10 36.91 -10.96 130.90
N ASN SE 11 37.11 -10.51 132.13
CA ASN SE 11 36.52 -9.26 132.60
C ASN SE 11 37.34 -8.08 132.07
N SER SE 12 37.07 -6.88 132.57
CA SER SE 12 37.82 -5.71 132.14
C SER SE 12 39.30 -5.82 132.50
N THR SE 13 39.64 -6.65 133.47
CA THR SE 13 41.03 -6.83 133.89
C THR SE 13 41.67 -8.06 133.26
N LEU SE 14 40.94 -8.77 132.41
CA LEU SE 14 41.38 -10.01 131.76
C LEU SE 14 41.45 -11.18 132.71
N ALA SE 15 40.80 -11.09 133.87
CA ALA SE 15 40.67 -12.22 134.76
C ALA SE 15 39.58 -13.17 134.25
N SER SE 16 39.80 -14.46 134.45
CA SER SE 16 38.83 -15.44 133.99
C SER SE 16 37.50 -15.25 134.72
N THR SE 17 36.44 -15.06 133.95
CA THR SE 17 35.11 -14.79 134.48
C THR SE 17 34.09 -15.61 133.72
N LEU SE 18 33.08 -16.12 134.43
CA LEU SE 18 32.03 -16.85 133.72
C LEU SE 18 31.14 -15.90 132.92
N VAL SE 19 30.63 -16.44 131.81
CA VAL SE 19 29.67 -15.78 130.94
C VAL SE 19 28.60 -16.80 130.62
N ASN SE 20 27.35 -16.46 130.93
CA ASN SE 20 26.26 -17.41 130.98
C ASN SE 20 25.39 -17.26 129.74
N TYR SE 21 25.23 -18.36 129.00
CA TYR SE 21 24.37 -18.41 127.84
C TYR SE 21 23.25 -19.41 128.07
N SER SE 22 22.11 -19.17 127.43
CA SER SE 22 20.99 -20.09 127.46
C SER SE 22 20.50 -20.32 126.04
N LEU SE 23 20.00 -21.52 125.80
CA LEU SE 23 19.60 -21.94 124.46
C LEU SE 23 18.27 -21.28 124.08
N ARG SE 24 18.30 -20.45 123.06
CA ARG SE 24 17.08 -19.77 122.62
C ARG SE 24 16.21 -20.67 121.76
N SER SE 25 16.79 -21.30 120.73
CA SER SE 25 16.05 -22.20 119.86
C SER SE 25 17.02 -23.11 119.12
N GLN SE 26 16.47 -24.06 118.37
CA GLN SE 26 17.25 -24.95 117.52
C GLN SE 26 16.50 -25.14 116.20
N ASN SE 27 17.12 -24.70 115.10
CA ASN SE 27 16.63 -24.81 113.73
C ASN SE 27 17.35 -25.95 113.02
N GLY SE 28 17.18 -26.04 111.71
CA GLY SE 28 17.85 -27.01 110.89
C GLY SE 28 19.36 -26.87 110.99
N ASN SE 29 19.98 -27.86 111.64
CA ASN SE 29 21.43 -27.97 111.73
C ASN SE 29 22.06 -26.71 112.31
N ASN SE 30 21.41 -26.11 113.31
CA ASN SE 30 21.99 -24.93 113.94
C ASN SE 30 21.46 -24.80 115.36
N VAL SE 31 22.08 -23.89 116.10
CA VAL SE 31 21.83 -23.69 117.52
C VAL SE 31 22.07 -22.22 117.83
N ASP SE 32 21.16 -21.61 118.60
CA ASP SE 32 21.20 -20.19 118.93
C ASP SE 32 21.18 -20.02 120.44
N TYR SE 33 22.24 -19.43 121.00
CA TYR SE 33 22.36 -19.14 122.42
C TYR SE 33 22.39 -17.63 122.65
N VAL SE 34 21.87 -17.22 123.81
CA VAL SE 34 21.80 -15.81 124.20
C VAL SE 34 22.42 -15.66 125.58
N CYS SE 35 23.13 -14.55 125.80
CA CYS SE 35 23.75 -14.31 127.08
C CYS SE 35 22.70 -13.84 128.08
N THR SE 36 22.71 -14.42 129.27
CA THR SE 36 21.73 -14.16 130.32
C THR SE 36 22.28 -13.32 131.46
N ASP SE 37 23.48 -12.78 131.30
CA ASP SE 37 24.06 -11.91 132.31
C ASP SE 37 23.35 -10.56 132.30
N PRO SE 38 23.57 -9.73 133.32
CA PRO SE 38 22.96 -8.40 133.31
C PRO SE 38 23.49 -7.48 132.22
N ASP SE 39 24.77 -7.64 131.82
CA ASP SE 39 25.37 -6.71 130.86
C ASP SE 39 24.83 -6.88 129.45
N SER SE 40 24.17 -7.99 129.13
CA SER SE 40 23.56 -8.18 127.82
C SER SE 40 22.06 -7.93 127.91
N THR SE 41 21.57 -7.10 126.99
CA THR SE 41 20.16 -6.76 126.86
C THR SE 41 19.82 -6.82 125.38
N LEU SE 42 18.53 -6.69 125.06
CA LEU SE 42 18.14 -6.74 123.65
C LEU SE 42 18.78 -5.62 122.87
N SER SE 43 19.05 -4.48 123.52
CA SER SE 43 19.71 -3.37 122.83
C SER SE 43 21.14 -3.72 122.46
N ALA SE 44 21.84 -4.45 123.32
CA ALA SE 44 23.24 -4.84 123.07
C ALA SE 44 23.49 -6.23 123.63
N PRO SE 45 23.09 -7.26 122.89
CA PRO SE 45 23.14 -8.62 123.40
C PRO SE 45 24.49 -9.30 123.18
N GLY SE 46 24.66 -10.44 123.86
CA GLY SE 46 25.72 -11.39 123.55
C GLY SE 46 25.09 -12.65 122.98
N LEU SE 47 25.69 -13.16 121.90
CA LEU SE 47 25.05 -14.21 121.13
C LEU SE 47 26.08 -15.27 120.72
N ILE SE 48 25.61 -16.51 120.61
CA ILE SE 48 26.42 -17.59 120.05
C ILE SE 48 25.57 -18.38 119.07
N ASN SE 49 26.15 -18.75 117.93
CA ASN SE 49 25.42 -19.42 116.87
C ASN SE 49 26.29 -20.51 116.26
N ALA SE 50 25.70 -21.69 116.03
CA ALA SE 50 26.45 -22.80 115.46
C ALA SE 50 25.62 -23.49 114.39
N LYS SE 51 26.28 -23.94 113.32
CA LYS SE 51 25.61 -24.54 112.18
C LYS SE 51 26.48 -25.64 111.59
N PHE SE 52 25.84 -26.69 111.08
CA PHE SE 52 26.53 -27.75 110.36
C PHE SE 52 26.12 -27.75 108.89
N ASP SE 53 27.11 -27.74 108.01
CA ASP SE 53 26.92 -28.03 106.59
C ASP SE 53 27.40 -29.46 106.39
N ILE SE 54 26.46 -30.38 106.27
CA ILE SE 54 26.76 -31.82 106.26
C ILE SE 54 26.56 -32.34 104.85
N LYS SE 55 27.63 -32.88 104.26
CA LYS SE 55 27.54 -33.39 102.92
C LYS SE 55 27.00 -34.81 102.92
N ALA SE 56 26.60 -35.28 101.74
CA ALA SE 56 25.94 -36.57 101.61
C ALA SE 56 26.84 -37.70 102.08
N PRO SE 57 26.27 -38.85 102.42
CA PRO SE 57 27.11 -39.99 102.84
C PRO SE 57 28.09 -40.37 101.76
N GLY SE 58 29.27 -40.81 102.19
CA GLY SE 58 30.36 -41.15 101.31
C GLY SE 58 31.65 -40.65 101.91
N ILE SE 59 32.74 -40.78 101.16
CA ILE SE 59 34.04 -40.31 101.61
C ILE SE 59 34.56 -39.15 100.76
N THR SE 60 33.70 -38.57 99.92
CA THR SE 60 34.16 -37.61 98.92
C THR SE 60 34.27 -36.19 99.49
N GLY SE 61 33.33 -35.78 100.33
CA GLY SE 61 33.13 -34.37 100.61
C GLY SE 61 33.99 -33.80 101.72
N ASN SE 62 33.60 -32.60 102.14
CA ASN SE 62 34.14 -31.87 103.28
C ASN SE 62 32.97 -31.34 104.11
N ASP SE 63 32.79 -31.88 105.31
CA ASP SE 63 31.80 -31.36 106.25
C ASP SE 63 32.29 -30.03 106.82
N ARG SE 64 31.36 -29.17 107.25
CA ARG SE 64 31.74 -27.87 107.78
C ARG SE 64 30.94 -27.53 109.03
N ILE SE 65 31.62 -26.88 109.97
CA ILE SE 65 31.04 -26.34 111.20
C ILE SE 65 31.24 -24.83 111.17
N HIS SE 66 30.18 -24.08 111.47
CA HIS SE 66 30.22 -22.63 111.53
C HIS SE 66 29.81 -22.19 112.93
N ALA SE 67 30.72 -21.56 113.66
CA ALA SE 67 30.41 -20.99 114.95
C ALA SE 67 30.61 -19.48 114.89
N ASN SE 68 29.85 -18.77 115.73
CA ASN SE 68 29.91 -17.32 115.72
C ASN SE 68 29.57 -16.81 117.12
N LEU SE 69 30.52 -16.11 117.74
CA LEU SE 69 30.35 -15.55 119.07
C LEU SE 69 30.41 -14.04 118.95
N ARG SE 70 29.30 -13.37 119.26
CA ARG SE 70 29.17 -11.94 119.05
C ARG SE 70 28.81 -11.23 120.35
N LYS SE 71 29.23 -9.97 120.44
CA LYS SE 71 28.78 -9.06 121.48
C LYS SE 71 28.56 -7.68 120.89
N VAL SE 72 27.38 -7.12 121.14
CA VAL SE 72 27.03 -5.79 120.65
C VAL SE 72 27.35 -4.77 121.73
N VAL SE 73 27.81 -3.59 121.31
CA VAL SE 73 28.13 -2.51 122.24
C VAL SE 73 27.53 -1.23 121.68
N LEU SE 74 27.16 -0.33 122.58
CA LEU SE 74 26.55 0.95 122.22
C LEU SE 74 27.53 2.10 122.48
N ASP SE 75 27.58 3.05 121.55
CA ASP SE 75 28.43 4.23 121.70
C ASP SE 75 27.99 5.06 122.89
N GLU SE 76 28.96 5.48 123.72
CA GLU SE 76 28.62 6.33 124.86
C GLU SE 76 28.01 7.67 124.43
N LYS SE 77 28.32 8.12 123.21
CA LYS SE 77 27.87 9.42 122.77
C LYS SE 77 26.54 9.33 122.04
N THR SE 78 26.33 8.26 121.27
CA THR SE 78 25.18 8.18 120.38
C THR SE 78 24.30 6.95 120.56
N ASN SE 79 24.66 6.02 121.46
CA ASN SE 79 23.98 4.73 121.59
C ASN SE 79 23.91 3.99 120.26
N LEU SE 80 24.85 4.25 119.36
CA LEU SE 80 24.80 3.49 118.12
C LEU SE 80 25.51 2.15 118.29
N PRO SE 81 24.90 1.09 117.78
CA PRO SE 81 25.43 -0.25 118.00
C PRO SE 81 26.55 -0.57 117.00
N SER SE 82 27.62 -1.15 117.52
CA SER SE 82 28.56 -1.88 116.68
C SER SE 82 28.88 -3.20 117.37
N THR SE 83 29.20 -4.21 116.58
CA THR SE 83 29.35 -5.56 117.10
C THR SE 83 30.79 -6.04 116.96
N GLY SE 84 31.26 -6.76 117.97
CA GLY SE 84 32.52 -7.47 117.90
C GLY SE 84 32.20 -8.95 117.81
N SER SE 85 33.03 -9.68 117.07
CA SER SE 85 32.69 -11.08 116.83
C SER SE 85 33.93 -11.93 116.58
N VAL SE 86 33.86 -13.18 117.02
CA VAL SE 86 34.81 -14.22 116.67
C VAL SE 86 34.04 -15.32 115.96
N THR SE 87 34.33 -15.53 114.68
CA THR SE 87 33.70 -16.57 113.90
C THR SE 87 34.71 -17.67 113.62
N ILE SE 88 34.21 -18.90 113.55
CA ILE SE 88 35.05 -20.09 113.39
C ILE SE 88 34.42 -20.96 112.30
N GLN SE 89 35.27 -21.50 111.43
CA GLN SE 89 34.82 -22.46 110.43
C GLN SE 89 35.75 -23.66 110.45
N VAL SE 90 35.19 -24.82 110.75
CA VAL SE 90 35.92 -26.09 110.76
C VAL SE 90 35.52 -26.84 109.51
N SER SE 91 36.51 -27.33 108.76
CA SER SE 91 36.28 -28.13 107.56
C SER SE 91 36.95 -29.47 107.77
N ILE SE 92 36.14 -30.53 107.82
CA ILE SE 92 36.51 -31.90 108.14
C ILE SE 92 36.36 -32.73 106.86
N PRO SE 93 37.44 -33.22 106.27
CA PRO SE 93 37.31 -34.11 105.11
C PRO SE 93 36.78 -35.49 105.50
N ARG SE 94 36.17 -36.15 104.53
CA ARG SE 94 35.59 -37.47 104.72
C ARG SE 94 36.49 -38.59 104.22
N ASN SE 95 37.54 -38.27 103.47
CA ASN SE 95 38.57 -39.25 103.13
C ASN SE 95 39.05 -39.95 104.39
N PRO SE 96 38.96 -41.28 104.46
CA PRO SE 96 39.31 -42.00 105.70
C PRO SE 96 40.73 -41.76 106.17
N ALA SE 97 41.54 -41.07 105.39
CA ALA SE 97 42.86 -40.66 105.81
C ALA SE 97 42.83 -39.51 106.81
N TRP SE 98 41.65 -39.06 107.23
CA TRP SE 98 41.47 -38.03 108.23
C TRP SE 98 40.85 -38.64 109.48
N ASN SE 99 41.08 -37.98 110.63
CA ASN SE 99 40.59 -38.49 111.91
C ASN SE 99 39.90 -37.39 112.70
N ALA SE 100 38.92 -37.82 113.51
CA ALA SE 100 38.43 -36.95 114.57
C ALA SE 100 39.59 -36.46 115.44
N SER SE 101 40.63 -37.28 115.61
CA SER SE 101 41.80 -36.84 116.37
C SER SE 101 42.47 -35.66 115.68
N MET SE 102 42.51 -35.66 114.36
CA MET SE 102 43.12 -34.55 113.63
C MET SE 102 42.26 -33.29 113.73
N THR SE 103 40.94 -33.46 113.66
CA THR SE 103 40.03 -32.33 113.92
C THR SE 103 40.30 -31.72 115.29
N VAL SE 104 40.31 -32.56 116.33
CA VAL SE 104 40.52 -32.07 117.68
C VAL SE 104 41.89 -31.42 117.81
N SER SE 105 42.91 -31.97 117.14
CA SER SE 105 44.24 -31.38 117.22
C SER SE 105 44.26 -29.98 116.64
N LEU SE 106 43.61 -29.78 115.49
CA LEU SE 106 43.52 -28.44 114.94
C LEU SE 106 42.78 -27.50 115.88
N LEU SE 107 41.69 -27.98 116.49
CA LEU SE 107 40.95 -27.13 117.43
C LEU SE 107 41.83 -26.70 118.59
N LYS SE 108 42.56 -27.66 119.18
CA LYS SE 108 43.42 -27.36 120.32
C LYS SE 108 44.53 -26.40 119.94
N GLN SE 109 45.10 -26.57 118.74
CA GLN SE 109 46.18 -25.69 118.30
C GLN SE 109 45.68 -24.28 118.08
N ALA SE 110 44.51 -24.14 117.44
CA ALA SE 110 43.93 -22.81 117.26
C ALA SE 110 43.64 -22.17 118.61
N ALA SE 111 43.15 -22.95 119.57
CA ALA SE 111 42.89 -22.42 120.90
C ALA SE 111 44.18 -21.91 121.55
N ASP SE 112 45.23 -22.72 121.50
CA ASP SE 112 46.52 -22.30 122.05
C ASP SE 112 47.04 -21.03 121.36
N TYR SE 113 46.91 -20.95 120.04
CA TYR SE 113 47.59 -19.89 119.31
C TYR SE 113 46.82 -18.57 119.30
N LEU SE 114 45.49 -18.61 119.40
CA LEU SE 114 44.72 -17.38 119.40
C LEU SE 114 44.11 -17.01 120.73
N ALA SE 115 43.92 -17.98 121.64
CA ALA SE 115 43.41 -17.70 122.97
C ALA SE 115 44.40 -18.01 124.08
N GLY SE 116 45.45 -18.78 123.81
CA GLY SE 116 46.42 -19.13 124.83
C GLY SE 116 45.83 -19.92 125.96
N THR SE 117 45.11 -21.00 125.65
CA THR SE 117 44.40 -21.78 126.66
C THR SE 117 44.75 -23.26 126.65
N SER SE 118 45.73 -23.68 125.86
CA SER SE 118 46.08 -25.09 125.77
C SER SE 118 46.49 -25.68 127.12
N ALA SE 119 46.45 -27.01 127.19
CA ALA SE 119 46.93 -27.75 128.35
C ALA SE 119 48.45 -27.66 128.44
N THR SE 120 48.99 -28.13 129.57
CA THR SE 120 50.41 -27.99 129.85
C THR SE 120 51.19 -29.18 129.32
N VAL SE 121 52.21 -28.91 128.51
CA VAL SE 121 53.12 -29.91 127.96
C VAL SE 121 54.52 -29.34 128.09
N SER SE 122 55.52 -30.24 128.08
CA SER SE 122 56.88 -29.86 128.45
C SER SE 122 57.37 -28.65 127.67
N GLY SE 123 57.57 -28.82 126.36
CA GLY SE 123 58.27 -27.79 125.63
C GLY SE 123 57.39 -26.74 124.99
N GLN SE 124 56.20 -26.51 125.55
CA GLN SE 124 55.22 -25.70 124.83
C GLN SE 124 55.66 -24.25 124.89
N THR SE 125 55.31 -23.48 123.86
CA THR SE 125 55.62 -22.06 123.95
C THR SE 125 54.55 -21.35 124.78
N ASP SE 126 54.99 -20.29 125.46
CA ASP SE 126 54.12 -19.52 126.34
C ASP SE 126 53.18 -18.68 125.50
N THR SE 127 51.91 -19.04 125.50
CA THR SE 127 50.90 -18.39 124.68
C THR SE 127 49.92 -17.56 125.50
N SER SE 128 50.23 -17.34 126.78
CA SER SE 128 49.29 -16.62 127.64
C SER SE 128 49.06 -15.19 127.16
N GLY SE 129 50.09 -14.54 126.63
CA GLY SE 129 49.97 -13.17 126.17
C GLY SE 129 49.49 -13.01 124.75
N PHE SE 130 49.36 -14.12 124.03
CA PHE SE 130 48.95 -14.04 122.64
C PHE SE 130 47.57 -13.40 122.46
N PRO SE 131 46.54 -13.71 123.24
CA PRO SE 131 45.26 -13.01 123.02
C PRO SE 131 45.38 -11.51 123.17
N ALA SE 132 46.17 -11.04 124.14
CA ALA SE 132 46.42 -9.61 124.28
C ALA SE 132 47.10 -9.05 123.02
N LYS SE 133 48.13 -9.74 122.53
CA LYS SE 133 48.81 -9.25 121.34
C LYS SE 133 47.89 -9.22 120.13
N TRP SE 134 47.02 -10.23 120.00
CA TRP SE 134 46.06 -10.22 118.90
C TRP SE 134 45.11 -9.04 119.03
N ALA SE 135 44.53 -8.85 120.22
CA ALA SE 135 43.60 -7.74 120.44
C ALA SE 135 44.25 -6.40 120.20
N GLY SE 136 45.58 -6.33 120.27
CA GLY SE 136 46.28 -5.14 119.85
C GLY SE 136 46.63 -5.08 118.38
N LEU SE 137 46.16 -6.04 117.59
CA LEU SE 137 46.49 -6.18 116.17
C LEU SE 137 48.00 -6.24 115.96
N MET SE 138 48.65 -7.15 116.68
CA MET SE 138 50.05 -7.47 116.43
C MET SE 138 50.26 -8.97 116.54
N PHE SE 139 51.18 -9.47 115.73
CA PHE SE 139 51.44 -10.89 115.68
C PHE SE 139 52.18 -11.34 116.94
N PRO SE 140 51.86 -12.54 117.45
CA PRO SE 140 52.62 -13.17 118.54
C PRO SE 140 54.07 -13.39 118.12
N ALA TE 1 10.91 -31.36 120.31
CA ALA TE 1 11.12 -32.80 120.34
C ALA TE 1 12.16 -33.20 121.38
N ALA TE 2 12.25 -34.50 121.66
CA ALA TE 2 13.21 -34.99 122.64
C ALA TE 2 14.64 -34.75 122.15
N PRO TE 3 15.52 -34.24 123.03
CA PRO TE 3 16.88 -33.92 122.58
C PRO TE 3 17.74 -35.14 122.34
N SER TE 4 17.37 -36.29 122.90
CA SER TE 4 18.16 -37.50 122.74
C SER TE 4 17.27 -38.71 122.98
N LEU TE 5 17.67 -39.83 122.38
CA LEU TE 5 16.89 -41.07 122.39
C LEU TE 5 17.81 -42.25 122.60
N ALA TE 6 17.34 -43.23 123.35
CA ALA TE 6 18.02 -44.51 123.52
C ALA TE 6 17.07 -45.59 123.03
N LEU TE 7 17.13 -45.91 121.75
CA LEU TE 7 16.22 -46.89 121.17
C LEU TE 7 16.83 -48.29 121.29
N VAL TE 8 15.97 -49.29 121.23
CA VAL TE 8 16.42 -50.68 121.31
C VAL TE 8 16.51 -51.26 119.91
N GLY TE 9 17.69 -51.77 119.56
CA GLY TE 9 17.93 -52.51 118.34
C GLY TE 9 18.60 -53.83 118.66
N ALA TE 10 19.33 -54.35 117.68
CA ALA TE 10 19.97 -55.65 117.79
C ALA TE 10 21.43 -55.55 117.34
N ASN TE 11 22.30 -56.22 118.09
CA ASN TE 11 23.70 -56.32 117.70
C ASN TE 11 23.87 -57.46 116.70
N SER TE 12 25.12 -57.86 116.46
CA SER TE 12 25.38 -58.95 115.52
C SER TE 12 24.80 -60.28 116.00
N THR TE 13 24.64 -60.43 117.32
CA THR TE 13 24.05 -61.63 117.91
C THR TE 13 22.53 -61.61 117.88
N LEU TE 14 21.93 -60.49 117.47
CA LEU TE 14 20.51 -60.18 117.59
C LEU TE 14 20.07 -59.96 119.04
N ALA TE 15 21.02 -59.81 119.97
CA ALA TE 15 20.67 -59.46 121.33
C ALA TE 15 20.23 -58.00 121.41
N SER TE 16 19.29 -57.73 122.31
CA SER TE 16 18.75 -56.37 122.44
C SER TE 16 19.83 -55.43 122.95
N THR TE 17 20.14 -54.42 122.15
CA THR TE 17 21.23 -53.48 122.42
C THR TE 17 20.71 -52.05 122.25
N LEU TE 18 21.19 -51.13 123.08
CA LEU TE 18 20.82 -49.74 122.90
C LEU TE 18 21.55 -49.12 121.73
N VAL TE 19 20.82 -48.29 120.98
CA VAL TE 19 21.36 -47.45 119.93
C VAL TE 19 20.93 -46.02 120.22
N ASN TE 20 21.91 -45.11 120.27
CA ASN TE 20 21.74 -43.79 120.86
C ASN TE 20 21.72 -42.73 119.77
N TYR TE 21 20.71 -41.86 119.81
CA TYR TE 21 20.56 -40.78 118.86
C TYR TE 21 20.49 -39.45 119.62
N SER TE 22 21.02 -38.40 119.01
CA SER TE 22 20.83 -37.05 119.51
C SER TE 22 20.16 -36.19 118.45
N LEU TE 23 19.41 -35.20 118.91
CA LEU TE 23 18.63 -34.33 118.04
C LEU TE 23 19.57 -33.34 117.37
N ARG TE 24 19.83 -33.56 116.08
CA ARG TE 24 20.70 -32.66 115.33
C ARG TE 24 19.92 -31.49 114.73
N SER TE 25 18.75 -31.71 114.13
CA SER TE 25 18.01 -30.57 113.61
C SER TE 25 16.52 -30.76 113.77
N GLN TE 26 15.80 -29.63 113.75
CA GLN TE 26 14.35 -29.63 113.73
C GLN TE 26 13.92 -28.38 113.00
N ASN TE 27 13.13 -28.56 111.93
CA ASN TE 27 12.78 -27.47 111.03
C ASN TE 27 11.50 -27.83 110.29
N GLY TE 28 10.53 -26.91 110.32
CA GLY TE 28 9.35 -27.03 109.50
C GLY TE 28 8.64 -28.35 109.65
N ASN TE 29 8.16 -28.62 110.86
CA ASN TE 29 7.53 -29.91 111.19
C ASN TE 29 8.37 -31.07 110.69
N ASN TE 30 9.67 -30.97 110.90
CA ASN TE 30 10.59 -32.01 110.48
C ASN TE 30 11.63 -32.16 111.58
N VAL TE 31 12.02 -33.40 111.86
CA VAL TE 31 12.90 -33.70 112.99
C VAL TE 31 13.96 -34.71 112.54
N ASP TE 32 15.23 -34.39 112.77
CA ASP TE 32 16.35 -35.20 112.29
C ASP TE 32 17.32 -35.51 113.43
N TYR TE 33 17.51 -36.81 113.69
CA TYR TE 33 18.41 -37.33 114.71
C TYR TE 33 19.61 -38.00 114.06
N VAL TE 34 20.74 -37.98 114.76
CA VAL TE 34 21.95 -38.69 114.30
C VAL TE 34 22.40 -39.64 115.41
N CYS TE 35 22.98 -40.77 114.99
CA CYS TE 35 23.43 -41.78 115.93
C CYS TE 35 24.77 -41.39 116.53
N THR TE 36 24.86 -41.46 117.86
CA THR TE 36 26.03 -41.03 118.61
C THR TE 36 27.01 -42.16 118.89
N ASP TE 37 26.68 -43.38 118.48
CA ASP TE 37 27.50 -44.55 118.80
C ASP TE 37 28.73 -44.58 117.91
N PRO TE 38 29.69 -45.44 118.22
CA PRO TE 38 30.88 -45.55 117.35
C PRO TE 38 30.58 -46.12 115.97
N ASP TE 39 29.54 -46.93 115.83
CA ASP TE 39 29.25 -47.54 114.53
C ASP TE 39 28.75 -46.53 113.49
N SER TE 40 28.33 -45.34 113.90
CA SER TE 40 27.97 -44.28 112.96
C SER TE 40 29.13 -43.31 112.88
N THR TE 41 29.72 -43.21 111.69
CA THR TE 41 30.78 -42.26 111.40
C THR TE 41 30.21 -41.15 110.52
N LEU TE 42 31.05 -40.13 110.28
CA LEU TE 42 30.65 -39.07 109.36
C LEU TE 42 30.40 -39.63 107.98
N SER TE 43 31.24 -40.57 107.55
CA SER TE 43 31.15 -41.05 106.18
C SER TE 43 29.98 -42.02 106.03
N ALA TE 44 29.70 -42.80 107.08
CA ALA TE 44 28.63 -43.81 107.07
C ALA TE 44 27.84 -43.69 108.36
N PRO TE 45 26.87 -42.77 108.41
CA PRO TE 45 26.18 -42.48 109.66
C PRO TE 45 24.92 -43.32 109.84
N GLY TE 46 24.36 -43.23 111.05
CA GLY TE 46 23.02 -43.70 111.34
C GLY TE 46 22.13 -42.50 111.58
N LEU TE 47 20.95 -42.52 110.96
CA LEU TE 47 20.14 -41.31 110.88
C LEU TE 47 18.66 -41.63 111.09
N ILE TE 48 17.93 -40.65 111.62
CA ILE TE 48 16.48 -40.76 111.76
C ILE TE 48 15.86 -39.46 111.27
N ASN TE 49 14.72 -39.59 110.58
CA ASN TE 49 13.97 -38.48 110.01
C ASN TE 49 12.49 -38.66 110.33
N ALA TE 50 11.78 -37.56 110.59
CA ALA TE 50 10.35 -37.63 110.87
C ALA TE 50 9.66 -36.34 110.45
N LYS TE 51 8.64 -36.46 109.59
CA LYS TE 51 7.91 -35.34 108.98
C LYS TE 51 6.43 -35.45 109.29
N PHE TE 52 5.77 -34.29 109.32
CA PHE TE 52 4.32 -34.18 109.46
C PHE TE 52 3.74 -33.43 108.28
N ASP TE 53 2.90 -34.12 107.50
CA ASP TE 53 2.03 -33.46 106.52
C ASP TE 53 0.71 -33.23 107.22
N ILE TE 54 0.50 -32.01 107.73
CA ILE TE 54 -0.71 -31.66 108.45
C ILE TE 54 -1.62 -30.90 107.51
N LYS TE 55 -2.78 -31.49 107.22
CA LYS TE 55 -3.75 -30.87 106.35
C LYS TE 55 -4.46 -29.73 107.08
N ALA TE 56 -5.00 -28.79 106.29
CA ALA TE 56 -5.81 -27.69 106.79
C ALA TE 56 -6.96 -28.22 107.62
N PRO TE 57 -7.48 -27.44 108.57
CA PRO TE 57 -8.60 -27.94 109.39
C PRO TE 57 -9.77 -28.35 108.51
N GLY TE 58 -10.47 -29.36 108.97
CA GLY TE 58 -11.56 -29.90 108.19
C GLY TE 58 -11.82 -31.33 108.57
N ILE TE 59 -12.97 -31.82 108.12
CA ILE TE 59 -13.37 -33.19 108.41
C ILE TE 59 -12.94 -34.14 107.30
N THR TE 60 -12.43 -33.62 106.19
CA THR TE 60 -12.04 -34.41 105.03
C THR TE 60 -10.51 -34.45 104.93
N GLY TE 61 -10.01 -35.54 104.35
CA GLY TE 61 -8.60 -35.69 104.09
C GLY TE 61 -7.93 -36.61 105.10
N ASN TE 62 -6.65 -36.87 104.84
CA ASN TE 62 -5.80 -37.65 105.72
C ASN TE 62 -4.60 -36.79 106.15
N ASP TE 63 -4.27 -36.84 107.44
CA ASP TE 63 -2.99 -36.36 107.94
C ASP TE 63 -1.95 -37.45 107.75
N ARG TE 64 -0.68 -37.05 107.59
CA ARG TE 64 0.35 -38.06 107.33
C ARG TE 64 1.59 -37.85 108.18
N ILE TE 65 2.17 -38.96 108.63
CA ILE TE 65 3.42 -39.00 109.36
C ILE TE 65 4.41 -39.79 108.51
N HIS TE 66 5.61 -39.25 108.35
CA HIS TE 66 6.68 -39.96 107.65
C HIS TE 66 7.86 -40.15 108.59
N ALA TE 67 8.48 -41.33 108.54
CA ALA TE 67 9.61 -41.61 109.40
C ALA TE 67 10.59 -42.50 108.66
N ASN TE 68 11.87 -42.24 108.85
CA ASN TE 68 12.91 -42.99 108.17
C ASN TE 68 14.04 -43.28 109.13
N LEU TE 69 14.41 -44.56 109.25
CA LEU TE 69 15.53 -44.98 110.07
C LEU TE 69 16.57 -45.63 109.16
N ARG TE 70 17.75 -45.01 109.06
CA ARG TE 70 18.76 -45.33 108.08
C ARG TE 70 20.07 -45.72 108.75
N LYS TE 71 20.78 -46.65 108.13
CA LYS TE 71 22.18 -46.91 108.43
C LYS TE 71 22.95 -46.99 107.12
N VAL TE 72 23.97 -46.16 106.98
CA VAL TE 72 24.82 -46.15 105.79
C VAL TE 72 25.99 -47.09 106.02
N VAL TE 73 26.39 -47.79 104.97
CA VAL TE 73 27.54 -48.68 105.03
C VAL TE 73 28.39 -48.46 103.79
N LEU TE 74 29.70 -48.51 103.96
CA LEU TE 74 30.65 -48.28 102.89
C LEU TE 74 31.15 -49.61 102.32
N ASP TE 75 31.32 -49.66 101.01
CA ASP TE 75 31.88 -50.84 100.36
C ASP TE 75 33.32 -51.06 100.79
N GLU TE 76 33.69 -52.32 100.98
CA GLU TE 76 35.03 -52.64 101.46
C GLU TE 76 36.08 -52.14 100.48
N LYS TE 77 35.87 -52.36 99.19
CA LYS TE 77 36.85 -52.01 98.18
C LYS TE 77 36.63 -50.58 97.66
N THR TE 78 35.44 -50.30 97.13
CA THR TE 78 35.20 -49.03 96.45
C THR TE 78 34.90 -47.88 97.41
N ASN TE 79 34.59 -48.16 98.67
CA ASN TE 79 34.19 -47.15 99.66
C ASN TE 79 32.96 -46.36 99.22
N LEU TE 80 32.23 -46.83 98.21
CA LEU TE 80 30.96 -46.24 97.83
C LEU TE 80 29.92 -46.55 98.89
N PRO TE 81 29.10 -45.59 99.26
CA PRO TE 81 28.11 -45.84 100.31
C PRO TE 81 26.83 -46.40 99.73
N SER TE 82 26.29 -47.44 100.35
CA SER TE 82 24.91 -47.82 100.14
C SER TE 82 24.23 -47.85 101.50
N THR TE 83 22.93 -47.56 101.51
CA THR TE 83 22.22 -47.34 102.75
C THR TE 83 21.03 -48.30 102.89
N GLY TE 84 20.86 -48.81 104.09
CA GLY TE 84 19.73 -49.67 104.43
C GLY TE 84 18.77 -48.92 105.33
N SER TE 85 17.48 -49.13 105.11
CA SER TE 85 16.52 -48.23 105.74
C SER TE 85 15.16 -48.87 105.98
N VAL TE 86 14.58 -48.57 107.13
CA VAL TE 86 13.18 -48.89 107.42
C VAL TE 86 12.42 -47.56 107.45
N THR TE 87 11.43 -47.43 106.57
CA THR TE 87 10.65 -46.20 106.51
C THR TE 87 9.17 -46.49 106.69
N ILE TE 88 8.49 -45.59 107.40
CA ILE TE 88 7.10 -45.77 107.83
C ILE TE 88 6.28 -44.57 107.38
N GLN TE 89 5.10 -44.82 106.84
CA GLN TE 89 4.10 -43.80 106.57
C GLN TE 89 2.81 -44.14 107.32
N VAL TE 90 2.37 -43.21 108.16
CA VAL TE 90 1.11 -43.33 108.88
C VAL TE 90 0.12 -42.36 108.26
N SER TE 91 -1.06 -42.86 107.87
CA SER TE 91 -2.11 -42.04 107.26
C SER TE 91 -3.32 -42.11 108.17
N ILE TE 92 -3.66 -40.98 108.79
CA ILE TE 92 -4.71 -40.83 109.79
C ILE TE 92 -5.86 -40.05 109.17
N PRO TE 93 -7.01 -40.65 108.93
CA PRO TE 93 -8.15 -39.89 108.39
C PRO TE 93 -8.72 -38.93 109.42
N ARG TE 94 -9.54 -38.01 108.91
CA ARG TE 94 -10.15 -36.98 109.73
C ARG TE 94 -11.63 -37.17 109.97
N ASN TE 95 -12.26 -38.14 109.32
CA ASN TE 95 -13.64 -38.49 109.66
C ASN TE 95 -13.71 -38.85 111.14
N PRO TE 96 -14.62 -38.25 111.91
CA PRO TE 96 -14.67 -38.54 113.36
C PRO TE 96 -14.88 -40.01 113.68
N ALA TE 97 -15.18 -40.81 112.67
CA ALA TE 97 -15.30 -42.24 112.83
C ALA TE 97 -13.94 -42.92 112.93
N TRP TE 98 -12.85 -42.17 112.97
CA TRP TE 98 -11.51 -42.69 113.23
C TRP TE 98 -11.05 -42.23 114.62
N ASN TE 99 -10.16 -43.02 115.23
CA ASN TE 99 -9.67 -42.73 116.57
C ASN TE 99 -8.16 -42.82 116.63
N ALA TE 100 -7.59 -42.00 117.53
CA ALA TE 100 -6.22 -42.22 117.92
C ALA TE 100 -6.00 -43.66 118.39
N SER TE 101 -7.03 -44.26 119.00
CA SER TE 101 -6.90 -45.66 119.41
C SER TE 101 -6.70 -46.56 118.21
N MET TE 102 -7.35 -46.25 117.10
CA MET TE 102 -7.18 -47.04 115.88
C MET TE 102 -5.81 -46.83 115.28
N THR TE 103 -5.32 -45.57 115.30
CA THR TE 103 -3.94 -45.30 114.88
C THR TE 103 -2.95 -46.14 115.70
N VAL TE 104 -3.08 -46.08 117.02
CA VAL TE 104 -2.16 -46.81 117.89
C VAL TE 104 -2.29 -48.31 117.66
N SER TE 105 -3.50 -48.79 117.42
CA SER TE 105 -3.69 -50.23 117.18
C SER TE 105 -2.94 -50.66 115.94
N LEU TE 106 -3.03 -49.87 114.86
CA LEU TE 106 -2.27 -50.22 113.66
C LEU TE 106 -0.77 -50.16 113.91
N LEU TE 107 -0.30 -49.17 114.67
CA LEU TE 107 1.12 -49.10 114.98
C LEU TE 107 1.59 -50.34 115.74
N LYS TE 108 0.82 -50.74 116.76
CA LYS TE 108 1.18 -51.90 117.56
C LYS TE 108 1.17 -53.18 116.75
N GLN TE 109 0.18 -53.31 115.85
CA GLN TE 109 0.11 -54.50 115.01
C GLN TE 109 1.28 -54.57 114.03
N ALA TE 110 1.63 -53.43 113.44
CA ALA TE 110 2.81 -53.40 112.58
C ALA TE 110 4.06 -53.77 113.35
N ALA TE 111 4.21 -53.24 114.56
CA ALA TE 111 5.35 -53.61 115.39
C ALA TE 111 5.38 -55.11 115.66
N ASP TE 112 4.23 -55.70 115.96
CA ASP TE 112 4.18 -57.14 116.21
C ASP TE 112 4.55 -57.93 114.96
N TYR TE 113 4.02 -57.52 113.79
CA TYR TE 113 4.14 -58.37 112.61
C TYR TE 113 5.47 -58.20 111.89
N LEU TE 114 6.07 -57.02 111.92
CA LEU TE 114 7.33 -56.82 111.23
C LEU TE 114 8.54 -56.78 112.16
N ALA TE 115 8.34 -56.48 113.44
CA ALA TE 115 9.44 -56.45 114.38
C ALA TE 115 9.33 -57.50 115.48
N GLY TE 116 8.14 -58.04 115.72
CA GLY TE 116 7.98 -59.04 116.76
C GLY TE 116 8.21 -58.50 118.16
N THR TE 117 7.58 -57.38 118.50
CA THR TE 117 7.82 -56.72 119.77
C THR TE 117 6.54 -56.43 120.57
N SER TE 118 5.39 -56.93 120.14
CA SER TE 118 4.14 -56.69 120.85
C SER TE 118 4.22 -57.09 122.33
N ALA TE 119 3.34 -56.50 123.13
CA ALA TE 119 3.15 -56.90 124.52
C ALA TE 119 2.57 -58.31 124.60
N THR TE 120 2.64 -58.89 125.79
CA THR TE 120 2.18 -60.27 125.97
C THR TE 120 0.68 -60.32 126.20
N VAL TE 121 -0.01 -61.13 125.41
CA VAL TE 121 -1.44 -61.37 125.51
C VAL TE 121 -1.68 -62.85 125.25
N SER TE 122 -2.58 -63.45 126.02
CA SER TE 122 -2.92 -64.86 125.85
C SER TE 122 -3.42 -65.12 124.44
N GLY TE 123 -2.83 -66.10 123.78
CA GLY TE 123 -3.25 -66.47 122.44
C GLY TE 123 -2.59 -65.71 121.32
N GLN TE 124 -1.56 -64.90 121.60
CA GLN TE 124 -0.96 -64.13 120.53
C GLN TE 124 -0.05 -65.06 119.73
N THR TE 125 0.12 -64.78 118.44
CA THR TE 125 1.05 -65.61 117.70
C THR TE 125 2.48 -65.17 118.02
N ASP TE 126 3.38 -66.16 118.07
CA ASP TE 126 4.77 -65.91 118.38
C ASP TE 126 5.44 -65.26 117.19
N THR TE 127 5.77 -64.00 117.34
CA THR TE 127 6.34 -63.19 116.28
C THR TE 127 7.83 -62.95 116.47
N SER TE 128 8.45 -63.65 117.43
CA SER TE 128 9.84 -63.39 117.77
C SER TE 128 10.76 -63.59 116.57
N GLY TE 129 10.52 -64.63 115.78
CA GLY TE 129 11.36 -64.92 114.63
C GLY TE 129 10.98 -64.20 113.37
N PHE TE 130 9.87 -63.46 113.41
CA PHE TE 130 9.43 -62.76 112.20
C PHE TE 130 10.44 -61.74 111.69
N PRO TE 131 11.09 -60.90 112.51
CA PRO TE 131 12.08 -59.98 111.94
C PRO TE 131 13.21 -60.71 111.24
N ALA TE 132 13.65 -61.84 111.78
CA ALA TE 132 14.65 -62.65 111.09
C ALA TE 132 14.13 -63.12 109.73
N LYS TE 133 12.91 -63.67 109.71
CA LYS TE 133 12.36 -64.14 108.44
C LYS TE 133 12.22 -63.01 107.43
N TRP TE 134 11.82 -61.82 107.90
CA TRP TE 134 11.73 -60.67 106.99
C TRP TE 134 13.10 -60.31 106.42
N ALA TE 135 14.10 -60.21 107.31
CA ALA TE 135 15.45 -59.88 106.85
C ALA TE 135 15.97 -60.90 105.86
N GLY TE 136 15.47 -62.13 105.92
CA GLY TE 136 15.75 -63.11 104.90
C GLY TE 136 14.84 -63.08 103.69
N LEU TE 137 13.93 -62.11 103.60
CA LEU TE 137 12.94 -62.04 102.53
C LEU TE 137 12.09 -63.30 102.47
N MET TE 138 11.49 -63.64 103.62
CA MET TE 138 10.62 -64.80 103.73
C MET TE 138 9.35 -64.37 104.46
N PHE TE 139 8.20 -64.68 103.90
CA PHE TE 139 6.96 -64.36 104.58
C PHE TE 139 6.83 -65.21 105.84
N PRO TE 140 6.47 -64.61 106.98
CA PRO TE 140 6.26 -65.31 108.25
C PRO TE 140 5.15 -66.34 108.14
N ALA UE 1 -64.10 -100.35 -45.42
CA ALA UE 1 -63.97 -99.88 -46.79
C ALA UE 1 -63.74 -101.02 -47.76
N ALA UE 2 -64.22 -100.85 -48.99
CA ALA UE 2 -64.04 -101.86 -50.02
C ALA UE 2 -62.57 -101.97 -50.40
N PRO UE 3 -62.08 -103.18 -50.66
CA PRO UE 3 -60.65 -103.33 -50.99
C PRO UE 3 -60.29 -102.84 -52.37
N SER UE 4 -61.25 -102.82 -53.30
CA SER UE 4 -60.97 -102.41 -54.67
C SER UE 4 -62.27 -102.00 -55.33
N LEU UE 5 -62.14 -101.22 -56.39
CA LEU UE 5 -63.27 -100.61 -57.07
C LEU UE 5 -63.03 -100.64 -58.58
N ALA UE 6 -64.11 -100.85 -59.32
CA ALA UE 6 -64.10 -100.73 -60.78
C ALA UE 6 -65.16 -99.70 -61.12
N LEU UE 7 -64.76 -98.44 -61.24
CA LEU UE 7 -65.70 -97.35 -61.47
C LEU UE 7 -65.80 -97.09 -62.96
N VAL UE 8 -66.94 -96.57 -63.39
CA VAL UE 8 -67.14 -96.26 -64.81
C VAL UE 8 -66.73 -94.81 -65.07
N GLY UE 9 -65.87 -94.60 -66.06
CA GLY UE 9 -65.48 -93.31 -66.55
C GLY UE 9 -65.57 -93.28 -68.06
N ALA UE 10 -64.76 -92.40 -68.67
CA ALA UE 10 -64.78 -92.21 -70.11
C ALA UE 10 -63.37 -92.18 -70.68
N ASN UE 11 -63.18 -92.77 -71.85
CA ASN UE 11 -61.93 -92.74 -72.57
C ASN UE 11 -61.85 -91.48 -73.43
N SER UE 12 -60.89 -91.43 -74.34
CA SER UE 12 -60.77 -90.27 -75.22
C SER UE 12 -61.96 -90.15 -76.17
N THR UE 13 -62.63 -91.26 -76.49
CA THR UE 13 -63.83 -91.28 -77.31
C THR UE 13 -65.07 -90.88 -76.50
N LEU UE 14 -64.95 -90.79 -75.18
CA LEU UE 14 -66.05 -90.63 -74.23
C LEU UE 14 -66.94 -91.87 -74.15
N ALA UE 15 -66.44 -93.01 -74.61
CA ALA UE 15 -67.13 -94.28 -74.39
C ALA UE 15 -66.92 -94.74 -72.96
N SER UE 16 -67.92 -95.44 -72.42
CA SER UE 16 -67.86 -95.87 -71.02
C SER UE 16 -66.75 -96.91 -70.85
N THR UE 17 -65.79 -96.62 -69.97
CA THR UE 17 -64.62 -97.44 -69.76
C THR UE 17 -64.44 -97.69 -68.26
N LEU UE 18 -63.98 -98.88 -67.90
CA LEU UE 18 -63.68 -99.10 -66.49
C LEU UE 18 -62.38 -98.41 -66.10
N VAL UE 19 -62.35 -97.97 -64.85
CA VAL UE 19 -61.15 -97.43 -64.22
C VAL UE 19 -61.02 -98.07 -62.85
N ASN UE 20 -59.87 -98.69 -62.60
CA ASN UE 20 -59.69 -99.60 -61.49
C ASN UE 20 -58.91 -98.91 -60.38
N TYR UE 21 -59.49 -98.89 -59.19
CA TYR UE 21 -58.84 -98.38 -57.99
C TYR UE 21 -58.67 -99.52 -57.00
N SER UE 22 -57.65 -99.40 -56.16
CA SER UE 22 -57.42 -100.34 -55.07
C SER UE 22 -57.10 -99.55 -53.81
N LEU UE 23 -57.46 -100.12 -52.67
CA LEU UE 23 -57.34 -99.42 -51.40
C LEU UE 23 -55.89 -99.26 -51.02
N ARG UE 24 -55.39 -98.02 -51.05
CA ARG UE 24 -54.08 -97.73 -50.50
C ARG UE 24 -54.10 -97.80 -48.98
N SER UE 25 -54.94 -96.99 -48.33
CA SER UE 25 -54.91 -97.00 -46.87
C SER UE 25 -56.22 -96.52 -46.30
N GLN UE 26 -56.64 -97.12 -45.19
CA GLN UE 26 -57.76 -96.62 -44.40
C GLN UE 26 -57.21 -96.07 -43.10
N ASN UE 27 -57.38 -94.76 -42.92
CA ASN UE 27 -57.25 -94.10 -41.64
C ASN UE 27 -58.65 -94.02 -41.01
N GLY UE 28 -58.71 -93.64 -39.75
CA GLY UE 28 -60.00 -93.57 -39.08
C GLY UE 28 -60.94 -92.58 -39.72
N ASN UE 29 -62.04 -93.08 -40.30
CA ASN UE 29 -63.00 -92.25 -41.06
C ASN UE 29 -62.31 -91.56 -42.23
N ASN UE 30 -61.33 -92.23 -42.83
CA ASN UE 30 -60.64 -91.67 -43.99
C ASN UE 30 -60.16 -92.82 -44.86
N VAL UE 31 -60.31 -92.68 -46.17
CA VAL UE 31 -59.98 -93.75 -47.10
C VAL UE 31 -59.26 -93.17 -48.30
N ASP UE 32 -58.16 -93.83 -48.70
CA ASP UE 32 -57.36 -93.43 -49.86
C ASP UE 32 -57.23 -94.61 -50.81
N TYR UE 33 -57.73 -94.41 -52.04
CA TYR UE 33 -57.63 -95.37 -53.14
C TYR UE 33 -56.69 -94.83 -54.21
N VAL UE 34 -56.06 -95.77 -54.94
CA VAL UE 34 -55.12 -95.45 -56.01
C VAL UE 34 -55.52 -96.21 -57.27
N CYS UE 35 -55.34 -95.57 -58.42
CA CYS UE 35 -55.69 -96.21 -59.68
C CYS UE 35 -54.62 -97.22 -60.07
N THR UE 36 -55.05 -98.43 -60.43
CA THR UE 36 -54.16 -99.54 -60.76
C THR UE 36 -54.03 -99.76 -62.26
N ASP UE 37 -54.53 -98.86 -63.07
CA ASP UE 37 -54.41 -98.97 -64.51
C ASP UE 37 -53.02 -98.51 -64.94
N PRO UE 38 -52.64 -98.78 -66.19
CA PRO UE 38 -51.42 -98.16 -66.73
C PRO UE 38 -51.53 -96.65 -66.87
N ASP UE 39 -52.75 -96.08 -66.84
CA ASP UE 39 -52.92 -94.63 -66.93
C ASP UE 39 -52.24 -93.90 -65.79
N SER UE 40 -52.35 -94.42 -64.58
CA SER UE 40 -51.73 -93.82 -63.42
C SER UE 40 -50.41 -94.50 -63.13
N THR UE 41 -49.42 -93.70 -62.79
CA THR UE 41 -48.14 -94.12 -62.26
C THR UE 41 -47.92 -93.36 -60.96
N LEU UE 42 -46.89 -93.76 -60.20
CA LEU UE 42 -46.57 -93.02 -58.99
C LEU UE 42 -46.27 -91.56 -59.31
N SER UE 43 -45.65 -91.30 -60.46
CA SER UE 43 -45.28 -89.93 -60.83
C SER UE 43 -46.53 -89.10 -61.15
N ALA UE 44 -47.51 -89.68 -61.82
CA ALA UE 44 -48.74 -88.99 -62.20
C ALA UE 44 -49.93 -89.90 -61.90
N PRO UE 45 -50.37 -89.94 -60.65
CA PRO UE 45 -51.36 -90.94 -60.24
C PRO UE 45 -52.80 -90.49 -60.41
N GLY UE 46 -53.70 -91.47 -60.36
CA GLY UE 46 -55.12 -91.24 -60.18
C GLY UE 46 -55.48 -91.66 -58.77
N LEU UE 47 -56.23 -90.80 -58.09
CA LEU UE 47 -56.40 -90.95 -56.65
C LEU UE 47 -57.83 -90.68 -56.24
N ILE UE 48 -58.25 -91.31 -55.14
CA ILE UE 48 -59.55 -91.04 -54.53
C ILE UE 48 -59.34 -90.92 -53.03
N ASN UE 49 -60.05 -89.96 -52.41
CA ASN UE 49 -60.00 -89.72 -50.98
C ASN UE 49 -61.41 -89.49 -50.47
N ALA UE 50 -61.73 -90.09 -49.32
CA ALA UE 50 -63.05 -89.96 -48.71
C ALA UE 50 -62.94 -89.80 -47.20
N LYS UE 51 -63.58 -88.76 -46.67
CA LYS UE 51 -63.45 -88.36 -45.27
C LYS UE 51 -64.83 -88.15 -44.66
N PHE UE 52 -64.90 -88.32 -43.34
CA PHE UE 52 -66.13 -88.16 -42.57
C PHE UE 52 -65.89 -87.18 -41.42
N ASP UE 53 -66.49 -86.00 -41.52
CA ASP UE 53 -66.53 -85.04 -40.41
C ASP UE 53 -67.81 -85.31 -39.62
N ILE UE 54 -67.68 -86.12 -38.58
CA ILE UE 54 -68.80 -86.52 -37.75
C ILE UE 54 -68.69 -85.79 -36.42
N LYS UE 55 -69.69 -84.98 -36.11
CA LYS UE 55 -69.67 -84.20 -34.88
C LYS UE 55 -70.01 -85.11 -33.69
N ALA UE 56 -69.69 -84.61 -32.50
CA ALA UE 56 -69.99 -85.35 -31.28
C ALA UE 56 -71.47 -85.68 -31.20
N PRO UE 57 -71.84 -86.83 -30.63
CA PRO UE 57 -73.26 -87.21 -30.62
C PRO UE 57 -74.16 -86.25 -29.86
N GLY UE 58 -73.66 -85.61 -28.80
CA GLY UE 58 -74.47 -84.63 -28.10
C GLY UE 58 -74.72 -83.38 -28.93
N ILE UE 59 -73.71 -82.91 -29.66
CA ILE UE 59 -73.78 -81.65 -30.40
C ILE UE 59 -74.66 -81.82 -31.63
N THR UE 60 -75.52 -80.83 -31.89
CA THR UE 60 -76.24 -80.73 -33.16
C THR UE 60 -75.46 -79.87 -34.13
N GLY UE 61 -75.34 -80.35 -35.35
CA GLY UE 61 -74.73 -79.60 -36.42
C GLY UE 61 -75.06 -80.29 -37.71
N ASN UE 62 -74.14 -80.19 -38.68
CA ASN UE 62 -74.21 -80.99 -39.90
C ASN UE 62 -73.07 -81.98 -39.89
N ASP UE 63 -73.37 -83.24 -40.17
CA ASP UE 63 -72.34 -84.20 -40.50
C ASP UE 63 -71.91 -83.98 -41.95
N ARG UE 64 -70.62 -84.25 -42.23
CA ARG UE 64 -70.09 -83.93 -43.55
C ARG UE 64 -69.32 -85.10 -44.15
N ILE UE 65 -69.43 -85.23 -45.47
CA ILE UE 65 -68.68 -86.20 -46.26
C ILE UE 65 -67.84 -85.41 -47.26
N HIS UE 66 -66.54 -85.72 -47.33
CA HIS UE 66 -65.64 -85.07 -48.28
C HIS UE 66 -65.06 -86.12 -49.21
N ALA UE 67 -65.33 -85.99 -50.50
CA ALA UE 67 -64.79 -86.91 -51.49
C ALA UE 67 -63.98 -86.13 -52.52
N ASN UE 68 -62.94 -86.77 -53.02
CA ASN UE 68 -62.03 -86.13 -53.97
C ASN UE 68 -61.53 -87.18 -54.94
N LEU UE 69 -61.76 -86.95 -56.24
CA LEU UE 69 -61.28 -87.82 -57.31
C LEU UE 69 -60.33 -87.02 -58.20
N ARG UE 70 -59.07 -87.43 -58.25
CA ARG UE 70 -57.99 -86.67 -58.86
C ARG UE 70 -57.34 -87.49 -59.97
N LYS UE 71 -56.85 -86.78 -60.98
CA LYS UE 71 -55.91 -87.34 -61.96
C LYS UE 71 -54.80 -86.33 -62.18
N VAL UE 72 -53.56 -86.75 -61.93
CA VAL UE 72 -52.39 -85.91 -62.14
C VAL UE 72 -51.90 -86.13 -63.56
N VAL UE 73 -51.45 -85.06 -64.21
CA VAL UE 73 -50.89 -85.15 -65.56
C VAL UE 73 -49.58 -84.37 -65.59
N LEU UE 74 -48.64 -84.85 -66.38
CA LEU UE 74 -47.33 -84.23 -66.53
C LEU UE 74 -47.27 -83.44 -67.83
N ASP UE 75 -46.66 -82.25 -67.76
CA ASP UE 75 -46.43 -81.47 -68.95
C ASP UE 75 -45.44 -82.17 -69.87
N GLU UE 76 -45.75 -82.20 -71.16
CA GLU UE 76 -44.82 -82.83 -72.11
C GLU UE 76 -43.46 -82.15 -72.07
N LYS UE 77 -43.44 -80.81 -72.07
CA LYS UE 77 -42.18 -80.10 -72.16
C LYS UE 77 -41.45 -80.05 -70.81
N THR UE 78 -42.14 -79.74 -69.72
CA THR UE 78 -41.46 -79.50 -68.45
C THR UE 78 -41.58 -80.65 -67.45
N ASN UE 79 -42.42 -81.65 -67.71
CA ASN UE 79 -42.73 -82.74 -66.78
C ASN UE 79 -43.23 -82.23 -65.43
N LEU UE 80 -43.63 -80.97 -65.36
CA LEU UE 80 -44.24 -80.43 -64.16
C LEU UE 80 -45.66 -80.97 -64.03
N PRO UE 81 -46.07 -81.35 -62.84
CA PRO UE 81 -47.39 -81.96 -62.68
C PRO UE 81 -48.45 -80.92 -62.41
N SER UE 82 -49.56 -80.99 -63.13
CA SER UE 82 -50.76 -80.29 -62.73
C SER UE 82 -51.89 -81.30 -62.67
N THR UE 83 -52.84 -81.06 -61.78
CA THR UE 83 -53.83 -82.05 -61.44
C THR UE 83 -55.24 -81.54 -61.73
N GLY UE 84 -56.11 -82.46 -62.15
CA GLY UE 84 -57.51 -82.16 -62.37
C GLY UE 84 -58.37 -82.99 -61.43
N SER UE 85 -59.42 -82.37 -60.90
CA SER UE 85 -60.11 -83.03 -59.79
C SER UE 85 -61.59 -82.70 -59.75
N VAL UE 86 -62.36 -83.65 -59.23
CA VAL UE 86 -63.75 -83.43 -58.86
C VAL UE 86 -63.87 -83.69 -57.36
N THR UE 87 -64.29 -82.68 -56.61
CA THR UE 87 -64.49 -82.78 -55.17
C THR UE 87 -65.96 -82.60 -54.84
N ILE UE 88 -66.39 -83.31 -53.80
CA ILE UE 88 -67.80 -83.39 -53.42
C ILE UE 88 -67.89 -83.23 -51.91
N GLN UE 89 -68.83 -82.41 -51.46
CA GLN UE 89 -69.04 -82.23 -50.03
C GLN UE 89 -70.53 -82.45 -49.78
N VAL UE 90 -70.86 -83.42 -48.94
CA VAL UE 90 -72.23 -83.74 -48.58
C VAL UE 90 -72.43 -83.26 -47.14
N SER UE 91 -73.38 -82.36 -46.93
CA SER UE 91 -73.70 -81.82 -45.61
C SER UE 91 -75.09 -82.31 -45.23
N ILE UE 92 -75.15 -83.20 -44.25
CA ILE UE 92 -76.36 -83.88 -43.81
C ILE UE 92 -76.74 -83.32 -42.44
N PRO UE 93 -77.90 -82.70 -42.28
CA PRO UE 93 -78.30 -82.19 -40.96
C PRO UE 93 -78.75 -83.29 -40.00
N ARG UE 94 -78.54 -83.02 -38.71
CA ARG UE 94 -78.86 -83.95 -37.63
C ARG UE 94 -80.29 -83.80 -37.10
N ASN UE 95 -81.19 -83.24 -37.88
CA ASN UE 95 -82.59 -83.10 -37.52
C ASN UE 95 -83.39 -84.27 -38.08
N PRO UE 96 -84.20 -84.97 -37.27
CA PRO UE 96 -85.01 -86.09 -37.81
C PRO UE 96 -85.89 -85.70 -38.97
N ALA UE 97 -86.12 -84.41 -39.20
CA ALA UE 97 -86.87 -83.96 -40.36
C ALA UE 97 -86.12 -84.18 -41.66
N TRP UE 98 -84.85 -84.60 -41.59
CA TRP UE 98 -84.05 -85.00 -42.75
C TRP UE 98 -83.80 -86.49 -42.67
N ASN UE 99 -83.68 -87.13 -43.83
CA ASN UE 99 -83.41 -88.56 -43.81
C ASN UE 99 -82.55 -88.99 -45.00
N ALA UE 100 -82.19 -90.26 -44.96
CA ALA UE 100 -81.26 -90.80 -45.95
C ALA UE 100 -81.87 -90.74 -47.36
N SER UE 101 -83.20 -90.85 -47.46
CA SER UE 101 -83.82 -90.73 -48.78
C SER UE 101 -83.54 -89.36 -49.38
N MET UE 102 -83.51 -88.32 -48.54
CA MET UE 102 -83.22 -86.98 -49.04
C MET UE 102 -81.74 -86.83 -49.38
N THR UE 103 -80.86 -87.40 -48.55
CA THR UE 103 -79.44 -87.42 -48.90
C THR UE 103 -79.23 -88.06 -50.28
N VAL UE 104 -79.82 -89.24 -50.48
CA VAL UE 104 -79.67 -89.96 -51.74
C VAL UE 104 -80.29 -89.17 -52.88
N SER UE 105 -81.42 -88.50 -52.62
CA SER UE 105 -82.06 -87.72 -53.67
C SER UE 105 -81.14 -86.61 -54.16
N LEU UE 106 -80.49 -85.90 -53.22
CA LEU UE 106 -79.53 -84.88 -53.65
C LEU UE 106 -78.37 -85.49 -54.43
N LEU UE 107 -77.86 -86.65 -53.98
CA LEU UE 107 -76.78 -87.27 -54.72
C LEU UE 107 -77.20 -87.62 -56.14
N LYS UE 108 -78.39 -88.21 -56.29
CA LYS UE 108 -78.87 -88.60 -57.62
C LYS UE 108 -79.08 -87.40 -58.52
N GLN UE 109 -79.61 -86.31 -57.95
CA GLN UE 109 -79.85 -85.11 -58.77
C GLN UE 109 -78.53 -84.50 -59.22
N ALA UE 110 -77.55 -84.44 -58.32
CA ALA UE 110 -76.24 -83.94 -58.71
C ALA UE 110 -75.63 -84.80 -59.80
N ALA UE 111 -75.77 -86.12 -59.68
CA ALA UE 111 -75.27 -87.03 -60.71
C ALA UE 111 -75.93 -86.74 -62.05
N ASP UE 112 -77.27 -86.62 -62.05
CA ASP UE 112 -77.99 -86.32 -63.29
C ASP UE 112 -77.50 -85.01 -63.90
N TYR UE 113 -77.35 -83.97 -63.08
CA TYR UE 113 -77.14 -82.64 -63.63
C TYR UE 113 -75.69 -82.37 -64.03
N LEU UE 114 -74.72 -83.01 -63.38
CA LEU UE 114 -73.32 -82.76 -63.73
C LEU UE 114 -72.65 -83.90 -64.48
N ALA UE 115 -73.13 -85.12 -64.34
CA ALA UE 115 -72.58 -86.25 -65.08
C ALA UE 115 -73.54 -86.84 -66.11
N GLY UE 116 -74.83 -86.55 -66.00
CA GLY UE 116 -75.80 -87.07 -66.93
C GLY UE 116 -75.92 -88.57 -66.86
N THR UE 117 -76.11 -89.12 -65.66
CA THR UE 117 -76.15 -90.56 -65.47
C THR UE 117 -77.39 -91.06 -64.71
N SER UE 118 -78.39 -90.22 -64.53
CA SER UE 118 -79.62 -90.64 -63.85
C SER UE 118 -80.26 -91.87 -64.51
N ALA UE 119 -81.09 -92.56 -63.73
CA ALA UE 119 -81.91 -93.65 -64.24
C ALA UE 119 -83.00 -93.11 -65.16
N THR UE 120 -83.48 -93.97 -66.06
CA THR UE 120 -84.50 -93.54 -67.01
C THR UE 120 -85.83 -93.34 -66.31
N VAL UE 121 -86.39 -92.15 -66.46
CA VAL UE 121 -87.68 -91.76 -65.87
C VAL UE 121 -88.37 -90.84 -66.86
N SER UE 122 -89.63 -91.12 -67.16
CA SER UE 122 -90.30 -90.38 -68.23
C SER UE 122 -90.44 -88.91 -67.85
N GLY UE 123 -90.13 -88.03 -68.79
CA GLY UE 123 -90.17 -86.61 -68.57
C GLY UE 123 -88.88 -85.99 -68.09
N GLN UE 124 -87.85 -86.79 -67.86
CA GLN UE 124 -86.55 -86.26 -67.46
C GLN UE 124 -85.92 -85.49 -68.63
N THR UE 125 -85.19 -84.43 -68.29
CA THR UE 125 -84.43 -83.75 -69.32
C THR UE 125 -83.25 -84.62 -69.74
N ASP UE 126 -82.90 -84.53 -71.02
CA ASP UE 126 -81.80 -85.31 -71.57
C ASP UE 126 -80.49 -84.68 -71.13
N THR UE 127 -79.91 -85.25 -70.09
CA THR UE 127 -78.70 -84.73 -69.48
C THR UE 127 -77.43 -85.36 -70.04
N SER UE 128 -77.55 -86.14 -71.11
CA SER UE 128 -76.42 -86.90 -71.61
C SER UE 128 -75.28 -85.99 -72.05
N GLY UE 129 -75.59 -84.84 -72.64
CA GLY UE 129 -74.55 -83.94 -73.11
C GLY UE 129 -74.06 -82.94 -72.10
N PHE UE 130 -74.70 -82.93 -70.92
CA PHE UE 130 -74.30 -81.96 -69.90
C PHE UE 130 -72.85 -82.11 -69.46
N PRO UE 131 -72.30 -83.31 -69.22
CA PRO UE 131 -70.87 -83.37 -68.85
C PRO UE 131 -69.96 -82.77 -69.91
N ALA UE 132 -70.27 -82.99 -71.19
CA ALA UE 132 -69.51 -82.33 -72.26
C ALA UE 132 -69.61 -80.81 -72.13
N LYS UE 133 -70.82 -80.29 -71.96
CA LYS UE 133 -70.98 -78.84 -71.84
C LYS UE 133 -70.22 -78.30 -70.63
N TRP UE 134 -70.27 -79.01 -69.49
CA TRP UE 134 -69.55 -78.55 -68.31
C TRP UE 134 -68.05 -78.52 -68.58
N ALA UE 135 -67.52 -79.60 -69.17
CA ALA UE 135 -66.09 -79.66 -69.51
C ALA UE 135 -65.71 -78.57 -70.49
N GLY UE 136 -66.68 -78.00 -71.20
CA GLY UE 136 -66.41 -76.82 -72.00
C GLY UE 136 -66.64 -75.49 -71.31
N LEU UE 137 -66.91 -75.48 -70.00
CA LEU UE 137 -67.32 -74.29 -69.25
C LEU UE 137 -68.52 -73.59 -69.90
N MET UE 138 -69.57 -74.37 -70.14
CA MET UE 138 -70.82 -73.90 -70.71
C MET UE 138 -71.96 -74.40 -69.84
N PHE UE 139 -72.88 -73.51 -69.48
CA PHE UE 139 -74.04 -73.95 -68.73
C PHE UE 139 -74.94 -74.79 -69.62
N PRO UE 140 -75.44 -75.93 -69.14
CA PRO UE 140 -76.37 -76.77 -69.91
C PRO UE 140 -77.62 -76.00 -70.29
N ALA VE 1 -60.42 -106.17 -36.44
CA ALA VE 1 -61.66 -106.08 -35.67
C ALA VE 1 -62.82 -106.71 -36.41
N ALA VE 2 -63.83 -107.18 -35.66
CA ALA VE 2 -64.99 -107.81 -36.27
C ALA VE 2 -65.74 -106.80 -37.12
N PRO VE 3 -66.12 -107.16 -38.35
CA PRO VE 3 -66.81 -106.19 -39.22
C PRO VE 3 -68.22 -105.87 -38.76
N SER VE 4 -68.84 -106.74 -37.97
CA SER VE 4 -70.20 -106.49 -37.49
C SER VE 4 -70.44 -107.28 -36.22
N LEU VE 5 -71.42 -106.82 -35.44
CA LEU VE 5 -71.71 -107.37 -34.13
C LEU VE 5 -73.21 -107.46 -33.93
N ALA VE 6 -73.64 -108.51 -33.24
CA ALA VE 6 -75.03 -108.67 -32.83
C ALA VE 6 -75.02 -108.85 -31.32
N LEU VE 7 -75.18 -107.75 -30.59
CA LEU VE 7 -75.07 -107.78 -29.13
C LEU VE 7 -76.45 -107.91 -28.52
N VAL VE 8 -76.50 -108.42 -27.29
CA VAL VE 8 -77.76 -108.58 -26.59
C VAL VE 8 -78.00 -107.37 -25.70
N GLY VE 9 -79.18 -106.76 -25.83
CA GLY VE 9 -79.62 -105.70 -24.96
C GLY VE 9 -81.04 -105.97 -24.51
N ALA VE 10 -81.77 -104.93 -24.11
CA ALA VE 10 -83.12 -105.08 -23.61
C ALA VE 10 -84.08 -104.17 -24.35
N ASN VE 11 -85.27 -104.70 -24.66
CA ASN VE 11 -86.32 -103.91 -25.29
C ASN VE 11 -87.03 -103.08 -24.22
N SER VE 12 -88.15 -102.45 -24.59
CA SER VE 12 -88.89 -101.66 -23.63
C SER VE 12 -89.40 -102.49 -22.45
N THR VE 13 -89.52 -103.80 -22.62
CA THR VE 13 -90.00 -104.70 -21.59
C THR VE 13 -88.86 -105.38 -20.84
N LEU VE 14 -87.62 -105.07 -21.19
CA LEU VE 14 -86.41 -105.67 -20.62
C LEU VE 14 -86.20 -107.12 -21.07
N ALA VE 15 -86.88 -107.53 -22.15
CA ALA VE 15 -86.60 -108.82 -22.74
C ALA VE 15 -85.33 -108.76 -23.58
N SER VE 16 -84.58 -109.86 -23.59
CA SER VE 16 -83.34 -109.89 -24.35
C SER VE 16 -83.63 -109.73 -25.84
N THR VE 17 -82.99 -108.73 -26.45
CA THR VE 17 -83.22 -108.38 -27.85
C THR VE 17 -81.89 -108.11 -28.51
N LEU VE 18 -81.74 -108.52 -29.76
CA LEU VE 18 -80.51 -108.20 -30.47
C LEU VE 18 -80.45 -106.73 -30.84
N VAL VE 19 -79.21 -106.22 -30.86
CA VAL VE 19 -78.89 -104.87 -31.30
C VAL VE 19 -77.69 -104.97 -32.22
N ASN VE 20 -77.83 -104.48 -33.44
CA ASN VE 20 -76.91 -104.77 -34.52
C ASN VE 20 -76.00 -103.57 -34.75
N TYR VE 21 -74.70 -103.80 -34.68
CA TYR VE 21 -73.69 -102.79 -34.95
C TYR VE 21 -72.85 -103.23 -36.14
N SER VE 22 -72.34 -102.25 -36.87
CA SER VE 22 -71.42 -102.48 -37.97
C SER VE 22 -70.21 -101.57 -37.82
N LEU VE 23 -69.06 -102.07 -38.27
CA LEU VE 23 -67.79 -101.37 -38.10
C LEU VE 23 -67.69 -100.20 -39.06
N ARG VE 24 -67.65 -98.98 -38.52
CA ARG VE 24 -67.56 -97.80 -39.38
C ARG VE 24 -66.13 -97.58 -39.87
N SER VE 25 -65.15 -97.58 -38.95
CA SER VE 25 -63.76 -97.38 -39.32
C SER VE 25 -62.86 -97.89 -38.21
N GLN VE 26 -61.55 -97.88 -38.46
CA GLN VE 26 -60.55 -98.24 -37.47
C GLN VE 26 -59.38 -97.28 -37.60
N ASN VE 27 -59.11 -96.52 -36.53
CA ASN VE 27 -58.03 -95.54 -36.39
C ASN VE 27 -56.93 -96.15 -35.53
N GLY VE 28 -55.96 -95.32 -35.14
CA GLY VE 28 -54.89 -95.74 -34.25
C GLY VE 28 -55.42 -96.25 -32.93
N ASN VE 29 -55.29 -97.56 -32.73
CA ASN VE 29 -55.61 -98.23 -31.48
C ASN VE 29 -57.06 -97.95 -31.05
N ASN VE 30 -57.98 -97.92 -32.02
CA ASN VE 30 -59.38 -97.72 -31.67
C ASN VE 30 -60.26 -98.32 -32.75
N VAL VE 31 -61.56 -98.40 -32.43
CA VAL VE 31 -62.57 -99.05 -33.25
C VAL VE 31 -63.88 -98.31 -33.04
N ASP VE 32 -64.60 -98.05 -34.14
CA ASP VE 32 -65.85 -97.29 -34.12
C ASP VE 32 -66.95 -98.11 -34.78
N TYR VE 33 -67.99 -98.44 -34.01
CA TYR VE 33 -69.15 -99.17 -34.49
C TYR VE 33 -70.40 -98.29 -34.42
N VAL VE 34 -71.32 -98.54 -35.36
CA VAL VE 34 -72.57 -97.79 -35.48
C VAL VE 34 -73.73 -98.78 -35.50
N CYS VE 35 -74.83 -98.41 -34.86
CA CYS VE 35 -76.01 -99.27 -34.83
C CYS VE 35 -76.73 -99.19 -36.17
N THR VE 36 -77.09 -100.35 -36.72
CA THR VE 36 -77.72 -100.46 -38.03
C THR VE 36 -79.21 -100.79 -37.95
N ASP VE 37 -79.79 -100.76 -36.75
CA ASP VE 37 -81.20 -101.01 -36.59
C ASP VE 37 -81.99 -99.81 -37.11
N PRO VE 38 -83.30 -99.96 -37.28
CA PRO VE 38 -84.11 -98.80 -37.72
C PRO VE 38 -84.20 -97.69 -36.68
N ASP VE 39 -84.14 -98.01 -35.38
CA ASP VE 39 -84.33 -97.00 -34.35
C ASP VE 39 -83.15 -96.02 -34.24
N SER VE 40 -81.98 -96.35 -34.79
CA SER VE 40 -80.85 -95.45 -34.79
C SER VE 40 -80.73 -94.78 -36.15
N THR VE 41 -80.60 -93.45 -36.12
CA THR VE 41 -80.43 -92.62 -37.30
C THR VE 41 -79.34 -91.62 -36.98
N LEU VE 42 -78.91 -90.85 -38.00
CA LEU VE 42 -77.86 -89.86 -37.74
C LEU VE 42 -78.30 -88.83 -36.73
N SER VE 43 -79.61 -88.55 -36.67
CA SER VE 43 -80.13 -87.60 -35.70
C SER VE 43 -79.98 -88.13 -34.27
N ALA VE 44 -80.18 -89.43 -34.07
CA ALA VE 44 -80.09 -90.04 -32.75
C ALA VE 44 -79.51 -91.45 -32.88
N PRO VE 45 -78.19 -91.55 -33.00
CA PRO VE 45 -77.55 -92.83 -33.31
C PRO VE 45 -77.24 -93.65 -32.05
N GLY VE 46 -76.91 -94.91 -32.29
CA GLY VE 46 -76.28 -95.77 -31.29
C GLY VE 46 -74.85 -96.05 -31.72
N LEU VE 47 -73.93 -95.95 -30.76
CA LEU VE 47 -72.51 -95.96 -31.09
C LEU VE 47 -71.73 -96.80 -30.09
N ILE VE 48 -70.66 -97.42 -30.56
CA ILE VE 48 -69.72 -98.12 -29.69
C ILE VE 48 -68.30 -97.73 -30.11
N ASN VE 49 -67.44 -97.49 -29.12
CA ASN VE 49 -66.09 -97.02 -29.38
C ASN VE 49 -65.12 -97.70 -28.43
N ALA VE 50 -63.98 -98.15 -28.96
CA ALA VE 50 -62.98 -98.83 -28.14
C ALA VE 50 -61.59 -98.34 -28.48
N LYS VE 51 -60.74 -98.22 -27.47
CA LYS VE 51 -59.39 -97.67 -27.63
C LYS VE 51 -58.43 -98.38 -26.68
N PHE VE 52 -57.19 -98.56 -27.13
CA PHE VE 52 -56.12 -99.09 -26.29
C PHE VE 52 -55.08 -98.01 -26.03
N ASP VE 53 -54.75 -97.81 -24.75
CA ASP VE 53 -53.57 -97.06 -24.34
C ASP VE 53 -52.53 -98.10 -23.95
N ILE VE 54 -51.55 -98.31 -24.82
CA ILE VE 54 -50.58 -99.41 -24.68
C ILE VE 54 -49.24 -98.81 -24.29
N LYS VE 55 -48.73 -99.20 -23.13
CA LYS VE 55 -47.47 -98.67 -22.67
C LYS VE 55 -46.32 -99.46 -23.28
N ALA VE 56 -45.11 -98.90 -23.18
CA ALA VE 56 -43.94 -99.46 -23.82
C ALA VE 56 -43.66 -100.87 -23.30
N PRO VE 57 -42.90 -101.67 -24.06
CA PRO VE 57 -42.56 -103.02 -23.60
C PRO VE 57 -41.82 -102.97 -22.28
N GLY VE 58 -42.08 -103.96 -21.44
CA GLY VE 58 -41.53 -104.05 -20.11
C GLY VE 58 -42.59 -104.56 -19.16
N ILE VE 59 -42.26 -104.57 -17.87
CA ILE VE 59 -43.21 -105.00 -16.87
C ILE VE 59 -43.62 -103.86 -15.94
N THR VE 60 -43.28 -102.62 -16.30
CA THR VE 60 -43.45 -101.50 -15.37
C THR VE 60 -44.85 -100.92 -15.39
N GLY VE 61 -45.47 -100.82 -16.56
CA GLY VE 61 -46.61 -99.96 -16.74
C GLY VE 61 -47.96 -100.58 -16.39
N ASN VE 62 -49.00 -99.86 -16.82
CA ASN VE 62 -50.40 -100.27 -16.76
C ASN VE 62 -51.03 -99.99 -18.13
N ASP VE 63 -51.38 -101.05 -18.86
CA ASP VE 63 -52.12 -100.91 -20.10
C ASP VE 63 -53.58 -100.55 -19.79
N ARG VE 64 -54.24 -99.88 -20.74
CA ARG VE 64 -55.62 -99.46 -20.50
C ARG VE 64 -56.49 -99.71 -21.74
N ILE VE 65 -57.73 -100.09 -21.47
CA ILE VE 65 -58.78 -100.28 -22.48
C ILE VE 65 -59.89 -99.30 -22.17
N HIS VE 66 -60.37 -98.59 -23.18
CA HIS VE 66 -61.46 -97.64 -23.04
C HIS VE 66 -62.59 -98.06 -23.98
N ALA VE 67 -63.73 -98.41 -23.42
CA ALA VE 67 -64.91 -98.72 -24.20
C ALA VE 67 -66.02 -97.72 -23.87
N ASN VE 68 -66.88 -97.47 -24.84
CA ASN VE 68 -67.94 -96.49 -24.67
C ASN VE 68 -69.13 -96.89 -25.52
N LEU VE 69 -70.26 -97.14 -24.88
CA LEU VE 69 -71.50 -97.53 -25.55
C LEU VE 69 -72.52 -96.43 -25.32
N ARG VE 70 -72.93 -95.75 -26.40
CA ARG VE 70 -73.79 -94.60 -26.30
C ARG VE 70 -75.06 -94.79 -27.12
N LYS VE 71 -76.13 -94.13 -26.68
CA LYS VE 71 -77.36 -94.00 -27.45
C LYS VE 71 -77.90 -92.59 -27.27
N VAL VE 72 -78.20 -91.93 -28.38
CA VAL VE 72 -78.74 -90.57 -28.38
C VAL VE 72 -80.26 -90.66 -28.47
N VAL VE 73 -80.95 -89.76 -27.77
CA VAL VE 73 -82.40 -89.71 -27.79
C VAL VE 73 -82.81 -88.26 -27.98
N LEU VE 74 -83.96 -88.07 -28.63
CA LEU VE 74 -84.50 -86.74 -28.91
C LEU VE 74 -85.73 -86.48 -28.04
N ASP VE 75 -85.82 -85.25 -27.52
CA ASP VE 75 -86.96 -84.84 -26.71
C ASP VE 75 -88.24 -84.85 -27.55
N GLU VE 76 -89.32 -85.43 -27.01
CA GLU VE 76 -90.59 -85.44 -27.73
C GLU VE 76 -91.11 -84.03 -27.96
N LYS VE 77 -90.73 -83.08 -27.12
CA LYS VE 77 -91.27 -81.73 -27.23
C LYS VE 77 -90.41 -80.85 -28.12
N THR VE 78 -89.09 -81.02 -28.08
CA THR VE 78 -88.17 -80.10 -28.73
C THR VE 78 -87.19 -80.75 -29.70
N ASN VE 79 -87.20 -82.08 -29.84
CA ASN VE 79 -86.18 -82.80 -30.62
C ASN VE 79 -84.76 -82.46 -30.18
N LEU VE 80 -84.60 -82.06 -28.92
CA LEU VE 80 -83.23 -81.79 -28.49
C LEU VE 80 -82.55 -83.07 -28.05
N PRO VE 81 -81.30 -83.26 -28.47
CA PRO VE 81 -80.62 -84.52 -28.20
C PRO VE 81 -80.02 -84.52 -26.80
N SER VE 82 -80.18 -85.64 -26.10
CA SER VE 82 -79.35 -85.96 -24.96
C SER VE 82 -78.93 -87.41 -25.09
N THR VE 83 -77.76 -87.74 -24.55
CA THR VE 83 -77.16 -89.05 -24.75
C THR VE 83 -77.08 -89.81 -23.43
N GLY VE 84 -77.33 -91.11 -23.51
CA GLY VE 84 -77.07 -92.03 -22.42
C GLY VE 84 -75.87 -92.87 -22.78
N SER VE 85 -75.06 -93.20 -21.78
CA SER VE 85 -73.83 -93.89 -22.10
C SER VE 85 -73.35 -94.78 -20.96
N VAL VE 86 -72.73 -95.89 -21.32
CA VAL VE 86 -71.97 -96.74 -20.40
C VAL VE 86 -70.54 -96.76 -20.90
N THR VE 87 -69.63 -96.22 -20.10
CA THR VE 87 -68.21 -96.22 -20.41
C THR VE 87 -67.48 -97.17 -19.47
N ILE VE 88 -66.43 -97.79 -20.00
CA ILE VE 88 -65.67 -98.81 -19.28
C ILE VE 88 -64.19 -98.50 -19.45
N GLN VE 89 -63.44 -98.64 -18.36
CA GLN VE 89 -61.99 -98.51 -18.41
C GLN VE 89 -61.36 -99.69 -17.69
N VAL VE 90 -60.58 -100.47 -18.42
CA VAL VE 90 -59.87 -101.61 -17.88
C VAL VE 90 -58.39 -101.21 -17.77
N SER VE 91 -57.81 -101.44 -16.60
CA SER VE 91 -56.39 -101.16 -16.37
C SER VE 91 -55.72 -102.46 -15.96
N ILE VE 92 -54.80 -102.92 -16.81
CA ILE VE 92 -54.11 -104.20 -16.72
C ILE VE 92 -52.64 -103.92 -16.39
N PRO VE 93 -52.17 -104.29 -15.20
CA PRO VE 93 -50.75 -104.12 -14.90
C PRO VE 93 -49.89 -105.12 -15.65
N ARG VE 94 -48.62 -104.74 -15.84
CA ARG VE 94 -47.66 -105.56 -16.56
C ARG VE 94 -46.74 -106.36 -15.64
N ASN VE 95 -46.74 -106.05 -14.34
CA ASN VE 95 -46.06 -106.88 -13.35
C ASN VE 95 -46.49 -108.33 -13.52
N PRO VE 96 -45.56 -109.26 -13.75
CA PRO VE 96 -45.94 -110.66 -14.03
C PRO VE 96 -46.76 -111.30 -12.94
N ALA VE 97 -46.94 -110.63 -11.82
CA ALA VE 97 -47.84 -111.10 -10.77
C ALA VE 97 -49.30 -110.91 -11.13
N TRP VE 98 -49.61 -110.44 -12.33
CA TRP VE 98 -50.97 -110.30 -12.83
C TRP VE 98 -51.19 -111.27 -13.99
N ASN VE 99 -52.46 -111.62 -14.22
CA ASN VE 99 -52.82 -112.59 -15.25
C ASN VE 99 -53.95 -112.08 -16.13
N ALA VE 100 -53.93 -112.52 -17.38
CA ALA VE 100 -55.13 -112.41 -18.20
C ALA VE 100 -56.33 -113.03 -17.49
N SER VE 101 -56.10 -114.09 -16.71
CA SER VE 101 -57.20 -114.69 -15.94
C SER VE 101 -57.76 -113.70 -14.94
N MET VE 102 -56.90 -112.88 -14.34
CA MET VE 102 -57.38 -111.88 -13.38
C MET VE 102 -58.14 -110.77 -14.08
N THR VE 103 -57.66 -110.35 -15.26
CA THR VE 103 -58.41 -109.40 -16.08
C THR VE 103 -59.82 -109.93 -16.38
N VAL VE 104 -59.89 -111.17 -16.89
CA VAL VE 104 -61.17 -111.76 -17.24
C VAL VE 104 -62.06 -111.89 -16.01
N SER VE 105 -61.47 -112.21 -14.86
CA SER VE 105 -62.26 -112.35 -13.65
C SER VE 105 -62.90 -111.03 -13.26
N LEU VE 106 -62.14 -109.94 -13.33
CA LEU VE 106 -62.72 -108.63 -13.06
C LEU VE 106 -63.83 -108.30 -14.05
N LEU VE 107 -63.62 -108.62 -15.33
CA LEU VE 107 -64.67 -108.34 -16.32
C LEU VE 107 -65.95 -109.11 -16.00
N LYS VE 108 -65.82 -110.40 -15.68
CA LYS VE 108 -66.98 -111.22 -15.38
C LYS VE 108 -67.69 -110.72 -14.12
N GLN VE 109 -66.92 -110.31 -13.10
CA GLN VE 109 -67.54 -109.82 -11.87
C GLN VE 109 -68.29 -108.52 -12.11
N ALA VE 110 -67.69 -107.60 -12.87
CA ALA VE 110 -68.38 -106.36 -13.21
C ALA VE 110 -69.66 -106.65 -13.99
N ALA VE 111 -69.60 -107.61 -14.91
CA ALA VE 111 -70.79 -107.98 -15.67
C ALA VE 111 -71.89 -108.52 -14.75
N ASP VE 112 -71.53 -109.43 -13.84
CA ASP VE 112 -72.49 -109.96 -12.89
C ASP VE 112 -73.08 -108.84 -12.02
N TYR VE 113 -72.25 -107.91 -11.56
CA TYR VE 113 -72.72 -106.97 -10.54
C TYR VE 113 -73.47 -105.78 -11.12
N LEU VE 114 -73.18 -105.38 -12.36
CA LEU VE 114 -73.88 -104.24 -12.94
C LEU VE 114 -74.86 -104.61 -14.04
N ALA VE 115 -74.71 -105.77 -14.68
CA ALA VE 115 -75.65 -106.22 -15.69
C ALA VE 115 -76.40 -107.49 -15.30
N GLY VE 116 -75.92 -108.24 -14.31
CA GLY VE 116 -76.56 -109.46 -13.90
C GLY VE 116 -76.59 -110.52 -14.99
N THR VE 117 -75.44 -110.80 -15.60
CA THR VE 117 -75.36 -111.70 -16.74
C THR VE 117 -74.38 -112.85 -16.54
N SER VE 118 -73.79 -113.00 -15.35
CA SER VE 118 -72.80 -114.05 -15.12
C SER VE 118 -73.36 -115.45 -15.39
N ALA VE 119 -72.43 -116.39 -15.57
CA ALA VE 119 -72.77 -117.80 -15.70
C ALA VE 119 -73.28 -118.35 -14.37
N THR VE 120 -73.80 -119.57 -14.41
CA THR VE 120 -74.42 -120.17 -13.24
C THR VE 120 -73.40 -120.95 -12.42
N VAL VE 121 -73.32 -120.62 -11.12
CA VAL VE 121 -72.47 -121.31 -10.16
C VAL VE 121 -73.30 -121.51 -8.90
N SER VE 122 -72.89 -122.48 -8.08
CA SER VE 122 -73.74 -122.96 -6.99
C SER VE 122 -74.21 -121.82 -6.10
N GLY VE 123 -73.30 -121.18 -5.38
CA GLY VE 123 -73.73 -120.27 -4.34
C GLY VE 123 -73.85 -118.82 -4.78
N GLN VE 124 -74.09 -118.58 -6.06
CA GLN VE 124 -73.97 -117.22 -6.56
C GLN VE 124 -75.17 -116.41 -6.06
N THR VE 125 -74.96 -115.12 -5.87
CA THR VE 125 -76.11 -114.30 -5.51
C THR VE 125 -76.90 -113.95 -6.76
N ASP VE 126 -78.21 -113.79 -6.57
CA ASP VE 126 -79.13 -113.51 -7.67
C ASP VE 126 -78.97 -112.05 -8.07
N THR VE 127 -78.39 -111.83 -9.25
CA THR VE 127 -78.09 -110.51 -9.75
C THR VE 127 -78.98 -110.09 -10.90
N SER VE 128 -80.05 -110.84 -11.17
CA SER VE 128 -80.90 -110.55 -12.31
C SER VE 128 -81.56 -109.18 -12.20
N GLY VE 129 -81.93 -108.78 -10.98
CA GLY VE 129 -82.59 -107.50 -10.78
C GLY VE 129 -81.67 -106.33 -10.59
N PHE VE 130 -80.37 -106.60 -10.49
CA PHE VE 130 -79.42 -105.52 -10.26
C PHE VE 130 -79.41 -104.46 -11.35
N PRO VE 131 -79.45 -104.78 -12.65
CA PRO VE 131 -79.50 -103.70 -13.64
C PRO VE 131 -80.72 -102.80 -13.46
N ALA VE 132 -81.87 -103.38 -13.13
CA ALA VE 132 -83.05 -102.57 -12.84
C ALA VE 132 -82.80 -101.64 -11.66
N LYS VE 133 -82.24 -102.19 -10.58
CA LYS VE 133 -81.99 -101.36 -9.40
C LYS VE 133 -80.99 -100.24 -9.71
N TRP VE 134 -79.97 -100.53 -10.52
CA TRP VE 134 -79.02 -99.49 -10.91
C TRP VE 134 -79.73 -98.40 -11.71
N ALA VE 135 -80.51 -98.81 -12.73
CA ALA VE 135 -81.22 -97.85 -13.57
C ALA VE 135 -82.19 -97.01 -12.77
N GLY VE 136 -82.60 -97.49 -11.59
CA GLY VE 136 -83.37 -96.67 -10.68
C GLY VE 136 -82.53 -95.83 -9.73
N LEU VE 137 -81.21 -95.83 -9.90
CA LEU VE 137 -80.27 -95.16 -9.00
C LEU VE 137 -80.45 -95.61 -7.56
N MET VE 138 -80.42 -96.93 -7.35
CA MET VE 138 -80.37 -97.51 -6.02
C MET VE 138 -79.42 -98.68 -6.01
N PHE VE 139 -78.75 -98.86 -4.88
CA PHE VE 139 -77.75 -99.90 -4.74
C PHE VE 139 -78.43 -101.27 -4.66
N PRO VE 140 -77.83 -102.30 -5.27
CA PRO VE 140 -78.25 -103.69 -5.12
C PRO VE 140 -78.18 -104.11 -3.66
N ALA WE 1 -56.21 -102.09 -44.93
CA ALA WE 1 -55.24 -103.18 -44.86
C ALA WE 1 -55.89 -104.48 -44.41
N ALA WE 2 -55.15 -105.59 -44.57
CA ALA WE 2 -55.67 -106.89 -44.17
C ALA WE 2 -55.88 -106.94 -42.66
N PRO WE 3 -57.02 -107.46 -42.20
CA PRO WE 3 -57.30 -107.46 -40.76
C PRO WE 3 -56.47 -108.47 -39.99
N SER WE 4 -55.91 -109.47 -40.66
CA SER WE 4 -55.12 -110.49 -39.98
C SER WE 4 -54.21 -111.15 -40.99
N LEU WE 5 -53.09 -111.69 -40.47
CA LEU WE 5 -52.03 -112.26 -41.27
C LEU WE 5 -51.53 -113.55 -40.63
N ALA WE 6 -51.21 -114.53 -41.47
CA ALA WE 6 -50.57 -115.76 -41.04
C ALA WE 6 -49.24 -115.85 -41.79
N LEU WE 7 -48.19 -115.29 -41.20
CA LEU WE 7 -46.89 -115.27 -41.86
C LEU WE 7 -46.10 -116.53 -41.49
N VAL WE 8 -45.12 -116.88 -42.32
CA VAL WE 8 -44.29 -118.04 -42.06
C VAL WE 8 -42.99 -117.59 -41.42
N GLY WE 9 -42.68 -118.16 -40.26
CA GLY WE 9 -41.41 -118.00 -39.59
C GLY WE 9 -40.83 -119.34 -39.24
N ALA WE 10 -40.00 -119.35 -38.20
CA ALA WE 10 -39.29 -120.56 -37.79
C ALA WE 10 -39.42 -120.74 -36.28
N ASN WE 11 -39.64 -121.99 -35.87
CA ASN WE 11 -39.66 -122.33 -34.45
C ASN WE 11 -38.23 -122.56 -33.97
N SER WE 12 -38.08 -123.13 -32.77
CA SER WE 12 -36.75 -123.38 -32.23
C SER WE 12 -35.97 -124.39 -33.08
N THR WE 13 -36.67 -125.26 -33.80
CA THR WE 13 -36.06 -126.25 -34.68
C THR WE 13 -35.69 -125.65 -36.04
N LEU WE 14 -36.07 -124.41 -36.30
CA LEU WE 14 -36.03 -123.75 -37.62
C LEU WE 14 -37.02 -124.35 -38.60
N ALA WE 15 -37.96 -125.16 -38.14
CA ALA WE 15 -39.02 -125.66 -39.01
C ALA WE 15 -40.01 -124.54 -39.32
N SER WE 16 -40.57 -124.57 -40.52
CA SER WE 16 -41.50 -123.53 -40.95
C SER WE 16 -42.77 -123.59 -40.11
N THR WE 17 -43.06 -122.50 -39.40
CA THR WE 17 -44.17 -122.42 -38.46
C THR WE 17 -44.96 -121.15 -38.72
N LEU WE 18 -46.28 -121.20 -38.57
CA LEU WE 18 -47.08 -120.00 -38.72
C LEU WE 18 -46.93 -119.09 -37.50
N VAL WE 19 -46.87 -117.79 -37.76
CA VAL WE 19 -46.92 -116.75 -36.76
C VAL WE 19 -48.04 -115.79 -37.14
N ASN WE 20 -48.96 -115.56 -36.21
CA ASN WE 20 -50.25 -114.95 -36.50
C ASN WE 20 -50.30 -113.53 -35.95
N TYR WE 21 -50.70 -112.60 -36.81
CA TYR WE 21 -50.83 -111.19 -36.44
C TYR WE 21 -52.26 -110.73 -36.71
N SER WE 22 -52.75 -109.82 -35.89
CA SER WE 22 -54.01 -109.13 -36.15
C SER WE 22 -53.77 -107.63 -36.22
N LEU WE 23 -54.59 -106.96 -37.02
CA LEU WE 23 -54.47 -105.53 -37.26
C LEU WE 23 -54.97 -104.78 -36.04
N ARG WE 24 -54.05 -104.23 -35.27
CA ARG WE 24 -54.41 -103.44 -34.10
C ARG WE 24 -54.67 -101.97 -34.43
N SER WE 25 -53.84 -101.33 -35.25
CA SER WE 25 -54.14 -99.94 -35.59
C SER WE 25 -53.75 -99.63 -37.02
N GLN WE 26 -54.36 -98.58 -37.55
CA GLN WE 26 -54.01 -98.04 -38.85
C GLN WE 26 -54.33 -96.56 -38.82
N ASN WE 27 -53.32 -95.73 -39.09
CA ASN WE 27 -53.43 -94.28 -38.92
C ASN WE 27 -52.38 -93.60 -39.77
N GLY WE 28 -52.82 -92.64 -40.58
CA GLY WE 28 -51.91 -91.77 -41.30
C GLY WE 28 -50.89 -92.51 -42.12
N ASN WE 29 -51.35 -93.29 -43.10
CA ASN WE 29 -50.50 -94.14 -43.91
C ASN WE 29 -49.54 -94.94 -43.04
N ASN WE 30 -50.07 -95.47 -41.95
CA ASN WE 30 -49.27 -96.26 -41.04
C ASN WE 30 -50.13 -97.44 -40.59
N VAL WE 31 -49.51 -98.62 -40.47
CA VAL WE 31 -50.24 -99.85 -40.18
C VAL WE 31 -49.47 -100.64 -39.12
N ASP WE 32 -50.16 -101.04 -38.05
CA ASP WE 32 -49.55 -101.71 -36.91
C ASP WE 32 -50.30 -102.98 -36.57
N TYR WE 33 -49.59 -104.11 -36.61
CA TYR WE 33 -50.10 -105.44 -36.29
C TYR WE 33 -49.47 -105.94 -34.99
N VAL WE 34 -50.21 -106.77 -34.26
CA VAL WE 34 -49.71 -107.41 -33.06
C VAL WE 34 -49.85 -108.92 -33.19
N CYS WE 35 -48.91 -109.66 -32.59
CA CYS WE 35 -48.90 -111.10 -32.68
C CYS WE 35 -49.89 -111.70 -31.71
N THR WE 36 -50.73 -112.61 -32.20
CA THR WE 36 -51.81 -113.21 -31.43
C THR WE 36 -51.42 -114.53 -30.77
N ASP WE 37 -50.20 -114.99 -30.99
CA ASP WE 37 -49.76 -116.28 -30.50
C ASP WE 37 -49.46 -116.21 -29.02
N PRO WE 38 -49.27 -117.35 -28.35
CA PRO WE 38 -48.92 -117.31 -26.92
C PRO WE 38 -47.54 -116.73 -26.65
N ASP WE 39 -46.61 -116.81 -27.60
CA ASP WE 39 -45.26 -116.32 -27.34
C ASP WE 39 -45.19 -114.80 -27.26
N SER WE 40 -46.21 -114.07 -27.72
CA SER WE 40 -46.27 -112.63 -27.54
C SER WE 40 -47.19 -112.33 -26.38
N THR WE 41 -46.63 -111.74 -25.33
CA THR WE 41 -47.38 -111.28 -24.17
C THR WE 41 -47.48 -109.77 -24.20
N LEU WE 42 -48.25 -109.22 -23.26
CA LEU WE 42 -48.32 -107.77 -23.14
C LEU WE 42 -46.96 -107.20 -22.81
N SER WE 43 -46.21 -107.88 -21.96
CA SER WE 43 -44.95 -107.32 -21.50
C SER WE 43 -43.87 -107.47 -22.56
N ALA WE 44 -43.93 -108.55 -23.33
CA ALA WE 44 -42.94 -108.86 -24.36
C ALA WE 44 -43.67 -109.29 -25.63
N PRO WE 45 -44.13 -108.33 -26.44
CA PRO WE 45 -44.98 -108.66 -27.58
C PRO WE 45 -44.20 -108.90 -28.86
N GLY WE 46 -44.90 -109.39 -29.87
CA GLY WE 46 -44.43 -109.40 -31.24
C GLY WE 46 -45.23 -108.40 -32.04
N LEU WE 47 -44.53 -107.59 -32.84
CA LEU WE 47 -45.16 -106.42 -33.43
C LEU WE 47 -44.70 -106.23 -34.87
N ILE WE 48 -45.58 -105.63 -35.68
CA ILE WE 48 -45.23 -105.25 -37.05
C ILE WE 48 -45.70 -103.81 -37.29
N ASN WE 49 -44.88 -103.06 -38.03
CA ASN WE 49 -45.12 -101.67 -38.36
C ASN WE 49 -44.84 -101.45 -39.84
N ALA WE 50 -45.64 -100.59 -40.49
CA ALA WE 50 -45.42 -100.30 -41.91
C ALA WE 50 -45.91 -98.89 -42.23
N LYS WE 51 -45.02 -98.06 -42.79
CA LYS WE 51 -45.25 -96.65 -43.08
C LYS WE 51 -45.01 -96.36 -44.57
N PHE WE 52 -45.70 -95.35 -45.07
CA PHE WE 52 -45.53 -94.83 -46.42
C PHE WE 52 -45.15 -93.37 -46.37
N ASP WE 53 -43.94 -93.04 -46.85
CA ASP WE 53 -43.57 -91.66 -47.15
C ASP WE 53 -43.88 -91.46 -48.63
N ILE WE 54 -45.03 -90.87 -48.92
CA ILE WE 54 -45.46 -90.63 -50.29
C ILE WE 54 -45.17 -89.18 -50.64
N LYS WE 55 -44.29 -88.98 -51.61
CA LYS WE 55 -43.93 -87.65 -52.06
C LYS WE 55 -45.05 -87.06 -52.89
N ALA WE 56 -45.08 -85.73 -52.96
CA ALA WE 56 -45.99 -84.98 -53.81
C ALA WE 56 -45.88 -85.45 -55.26
N PRO WE 57 -46.93 -85.32 -56.06
CA PRO WE 57 -46.84 -85.76 -57.46
C PRO WE 57 -45.69 -85.08 -58.17
N GLY WE 58 -45.09 -85.79 -59.09
CA GLY WE 58 -43.93 -85.28 -59.78
C GLY WE 58 -43.08 -86.41 -60.29
N ILE WE 59 -42.16 -86.04 -61.19
CA ILE WE 59 -41.26 -87.02 -61.79
C ILE WE 59 -39.96 -87.14 -61.00
N THR WE 60 -39.74 -86.28 -60.01
CA THR WE 60 -38.52 -86.24 -59.23
C THR WE 60 -38.78 -86.76 -57.83
N GLY WE 61 -37.75 -87.33 -57.22
CA GLY WE 61 -37.81 -87.79 -55.85
C GLY WE 61 -37.96 -89.30 -55.76
N ASN WE 62 -37.92 -89.78 -54.52
CA ASN WE 62 -38.14 -91.19 -54.20
C ASN WE 62 -39.32 -91.30 -53.24
N ASP WE 63 -40.21 -92.26 -53.50
CA ASP WE 63 -41.19 -92.71 -52.52
C ASP WE 63 -40.54 -93.73 -51.60
N ARG WE 64 -41.03 -93.82 -50.35
CA ARG WE 64 -40.38 -94.72 -49.41
C ARG WE 64 -41.39 -95.56 -48.63
N ILE WE 65 -41.02 -96.82 -48.42
CA ILE WE 65 -41.77 -97.77 -47.59
C ILE WE 65 -40.90 -98.14 -46.41
N HIS WE 66 -41.46 -98.11 -45.21
CA HIS WE 66 -40.76 -98.54 -44.02
C HIS WE 66 -41.52 -99.69 -43.38
N ALA WE 67 -40.79 -100.69 -42.90
CA ALA WE 67 -41.42 -101.85 -42.29
C ALA WE 67 -40.54 -102.35 -41.16
N ASN WE 68 -41.16 -102.77 -40.06
CA ASN WE 68 -40.42 -103.23 -38.90
C ASN WE 68 -41.11 -104.45 -38.32
N LEU WE 69 -40.37 -105.54 -38.16
CA LEU WE 69 -40.87 -106.76 -37.53
C LEU WE 69 -40.05 -107.01 -36.26
N ARG WE 70 -40.73 -106.96 -35.11
CA ARG WE 70 -40.10 -106.93 -33.81
C ARG WE 70 -40.58 -108.10 -32.96
N LYS WE 71 -39.67 -108.60 -32.13
CA LYS WE 71 -40.03 -109.48 -31.02
C LYS WE 71 -39.30 -109.00 -29.78
N VAL WE 72 -40.06 -108.72 -28.72
CA VAL WE 72 -39.50 -108.28 -27.45
C VAL WE 72 -39.26 -109.50 -26.58
N VAL WE 73 -38.16 -109.47 -25.82
CA VAL WE 73 -37.84 -110.54 -24.90
C VAL WE 73 -37.40 -109.92 -23.58
N LEU WE 74 -37.79 -110.54 -22.48
CA LEU WE 74 -37.48 -110.06 -21.14
C LEU WE 74 -36.28 -110.80 -20.57
N ASP WE 75 -35.43 -110.07 -19.85
CA ASP WE 75 -34.29 -110.69 -19.16
C ASP WE 75 -34.77 -111.63 -18.07
N GLU WE 76 -34.08 -112.77 -17.94
CA GLU WE 76 -34.48 -113.76 -16.97
C GLU WE 76 -34.46 -113.20 -15.55
N LYS WE 77 -33.40 -112.46 -15.21
CA LYS WE 77 -33.25 -111.94 -13.86
C LYS WE 77 -33.88 -110.56 -13.72
N THR WE 78 -33.45 -109.60 -14.54
CA THR WE 78 -33.85 -108.21 -14.36
C THR WE 78 -35.24 -107.91 -14.93
N ASN WE 79 -35.78 -108.77 -15.78
CA ASN WE 79 -37.06 -108.56 -16.48
C ASN WE 79 -37.06 -107.28 -17.33
N LEU WE 80 -35.87 -106.72 -17.59
CA LEU WE 80 -35.74 -105.61 -18.51
C LEU WE 80 -35.95 -106.10 -19.93
N PRO WE 81 -36.68 -105.37 -20.74
CA PRO WE 81 -36.95 -105.83 -22.11
C PRO WE 81 -35.86 -105.39 -23.06
N SER WE 82 -35.38 -106.30 -23.89
CA SER WE 82 -34.64 -105.92 -25.08
C SER WE 82 -35.32 -106.55 -26.29
N THR WE 83 -35.23 -105.88 -27.42
CA THR WE 83 -36.03 -106.23 -28.58
C THR WE 83 -35.15 -106.55 -29.78
N GLY WE 84 -35.52 -107.60 -30.51
CA GLY WE 84 -34.83 -107.99 -31.73
C GLY WE 84 -35.73 -107.68 -32.93
N SER WE 85 -35.13 -107.22 -34.01
CA SER WE 85 -35.95 -106.64 -35.07
C SER WE 85 -35.31 -106.74 -36.44
N VAL WE 86 -36.14 -107.04 -37.44
CA VAL WE 86 -35.76 -106.92 -38.84
C VAL WE 86 -36.54 -105.76 -39.43
N THR WE 87 -35.84 -104.75 -39.93
CA THR WE 87 -36.48 -103.58 -40.49
C THR WE 87 -36.04 -103.35 -41.93
N ILE WE 88 -36.98 -102.92 -42.78
CA ILE WE 88 -36.80 -102.81 -44.22
C ILE WE 88 -37.18 -101.41 -44.65
N GLN WE 89 -36.35 -100.82 -45.51
CA GLN WE 89 -36.67 -99.57 -46.20
C GLN WE 89 -36.60 -99.79 -47.70
N VAL WE 90 -37.70 -99.52 -48.39
CA VAL WE 90 -37.79 -99.60 -49.84
C VAL WE 90 -37.84 -98.18 -50.38
N SER WE 91 -36.95 -97.85 -51.31
CA SER WE 91 -36.88 -96.53 -51.92
C SER WE 91 -37.12 -96.69 -53.42
N ILE WE 92 -38.26 -96.18 -53.89
CA ILE WE 92 -38.75 -96.33 -55.25
C ILE WE 92 -38.65 -94.97 -55.94
N PRO WE 93 -37.77 -94.81 -56.92
CA PRO WE 93 -37.69 -93.54 -57.65
C PRO WE 93 -38.92 -93.31 -58.52
N ARG WE 94 -39.05 -92.05 -58.97
CA ARG WE 94 -40.18 -91.64 -59.78
C ARG WE 94 -39.84 -91.37 -61.24
N ASN WE 95 -38.57 -91.40 -61.60
CA ASN WE 95 -38.19 -91.36 -63.01
C ASN WE 95 -38.88 -92.51 -63.75
N PRO WE 96 -39.59 -92.25 -64.85
CA PRO WE 96 -40.32 -93.34 -65.53
C PRO WE 96 -39.42 -94.46 -65.98
N ALA WE 97 -38.11 -94.27 -65.90
CA ALA WE 97 -37.15 -95.32 -66.18
C ALA WE 97 -37.06 -96.36 -65.06
N TRP WE 98 -37.89 -96.26 -64.04
CA TRP WE 98 -38.02 -97.27 -63.00
C TRP WE 98 -39.35 -97.99 -63.15
N ASN WE 99 -39.40 -99.25 -62.68
CA ASN WE 99 -40.60 -100.06 -62.78
C ASN WE 99 -40.95 -100.72 -61.46
N ALA WE 100 -42.25 -100.92 -61.27
CA ALA WE 100 -42.69 -101.81 -60.21
C ALA WE 100 -42.00 -103.17 -60.35
N SER WE 101 -41.72 -103.60 -61.59
CA SER WE 101 -41.02 -104.87 -61.78
C SER WE 101 -39.63 -104.81 -61.14
N MET WE 102 -38.97 -103.65 -61.23
CA MET WE 102 -37.65 -103.51 -60.63
C MET WE 102 -37.76 -103.49 -59.11
N THR WE 103 -38.78 -102.81 -58.57
CA THR WE 103 -39.04 -102.87 -57.13
C THR WE 103 -39.21 -104.31 -56.66
N VAL WE 104 -40.08 -105.06 -57.34
CA VAL WE 104 -40.34 -106.44 -56.96
C VAL WE 104 -39.09 -107.29 -57.10
N SER WE 105 -38.29 -107.03 -58.13
CA SER WE 105 -37.06 -107.79 -58.32
C SER WE 105 -36.11 -107.58 -57.14
N LEU WE 106 -35.95 -106.33 -56.70
CA LEU WE 106 -35.12 -106.09 -55.52
C LEU WE 106 -35.68 -106.78 -54.28
N LEU WE 107 -37.00 -106.73 -54.11
CA LEU WE 107 -37.60 -107.41 -52.95
C LEU WE 107 -37.31 -108.89 -52.97
N LYS WE 108 -37.50 -109.53 -54.13
CA LYS WE 108 -37.28 -110.97 -54.24
C LYS WE 108 -35.83 -111.32 -54.02
N GLN WE 109 -34.91 -110.50 -54.53
CA GLN WE 109 -33.48 -110.77 -54.34
C GLN WE 109 -33.09 -110.63 -52.88
N ALA WE 110 -33.61 -109.61 -52.20
CA ALA WE 110 -33.35 -109.47 -50.78
C ALA WE 110 -33.89 -110.66 -50.01
N ALA WE 111 -35.09 -111.12 -50.36
CA ALA WE 111 -35.65 -112.31 -49.72
C ALA WE 111 -34.75 -113.52 -49.93
N ASP WE 112 -34.25 -113.69 -51.15
CA ASP WE 112 -33.36 -114.82 -51.42
C ASP WE 112 -32.07 -114.71 -50.62
N TYR WE 113 -31.47 -113.52 -50.55
CA TYR WE 113 -30.13 -113.40 -50.02
C TYR WE 113 -30.10 -113.33 -48.51
N LEU WE 114 -31.12 -112.74 -47.87
CA LEU WE 114 -31.11 -112.64 -46.42
C LEU WE 114 -32.04 -113.63 -45.73
N ALA WE 115 -33.04 -114.15 -46.43
CA ALA WE 115 -33.94 -115.13 -45.86
C ALA WE 115 -33.88 -116.50 -46.51
N GLY WE 116 -33.35 -116.60 -47.73
CA GLY WE 116 -33.27 -117.86 -48.42
C GLY WE 116 -34.62 -118.46 -48.75
N THR WE 117 -35.50 -117.66 -49.38
CA THR WE 117 -36.86 -118.09 -49.65
C THR WE 117 -37.28 -117.93 -51.12
N SER WE 118 -36.37 -117.58 -52.01
CA SER WE 118 -36.70 -117.40 -53.42
C SER WE 118 -37.38 -118.64 -54.02
N ALA WE 119 -38.12 -118.40 -55.10
CA ALA WE 119 -38.69 -119.49 -55.90
C ALA WE 119 -37.59 -120.28 -56.58
N THR WE 120 -37.95 -121.46 -57.08
CA THR WE 120 -36.98 -122.35 -57.68
C THR WE 120 -36.72 -121.98 -59.14
N VAL WE 121 -35.45 -121.79 -59.49
CA VAL WE 121 -35.00 -121.50 -60.85
C VAL WE 121 -33.71 -122.27 -61.07
N SER WE 122 -33.56 -122.84 -62.27
CA SER WE 122 -32.35 -123.59 -62.61
C SER WE 122 -31.12 -122.69 -62.48
N GLY WE 123 -30.12 -123.17 -61.75
CA GLY WE 123 -28.90 -122.44 -61.58
C GLY WE 123 -28.88 -121.45 -60.44
N GLN WE 124 -29.88 -121.44 -59.58
CA GLN WE 124 -29.90 -120.47 -58.50
C GLN WE 124 -28.93 -120.94 -57.43
N THR WE 125 -28.33 -120.00 -56.70
CA THR WE 125 -27.48 -120.45 -55.60
C THR WE 125 -28.34 -120.87 -54.42
N ASP WE 126 -27.88 -121.92 -53.73
CA ASP WE 126 -28.60 -122.45 -52.59
C ASP WE 126 -28.46 -121.50 -51.41
N THR WE 127 -29.55 -120.83 -51.08
CA THR WE 127 -29.58 -119.82 -50.02
C THR WE 127 -30.24 -120.32 -48.76
N SER WE 128 -30.51 -121.63 -48.68
CA SER WE 128 -31.25 -122.18 -47.54
C SER WE 128 -30.55 -121.90 -46.22
N GLY WE 129 -29.21 -122.03 -46.19
CA GLY WE 129 -28.47 -121.82 -44.96
C GLY WE 129 -28.07 -120.40 -44.70
N PHE WE 130 -28.36 -119.50 -45.65
CA PHE WE 130 -27.98 -118.11 -45.46
C PHE WE 130 -28.62 -117.45 -44.25
N PRO WE 131 -29.92 -117.63 -43.96
CA PRO WE 131 -30.45 -117.00 -42.74
C PRO WE 131 -29.75 -117.47 -41.47
N ALA WE 132 -29.38 -118.76 -41.41
CA ALA WE 132 -28.60 -119.24 -40.29
C ALA WE 132 -27.26 -118.53 -40.21
N LYS WE 133 -26.55 -118.44 -41.34
CA LYS WE 133 -25.25 -117.78 -41.33
C LYS WE 133 -25.38 -116.31 -40.92
N TRP WE 134 -26.44 -115.64 -41.37
CA TRP WE 134 -26.64 -114.25 -40.97
C TRP WE 134 -26.87 -114.14 -39.47
N ALA WE 135 -27.77 -114.99 -38.94
CA ALA WE 135 -28.04 -114.98 -37.51
C ALA WE 135 -26.78 -115.24 -36.70
N GLY WE 136 -25.81 -115.95 -37.29
CA GLY WE 136 -24.51 -116.09 -36.68
C GLY WE 136 -23.51 -114.98 -36.96
N LEU WE 137 -23.94 -113.92 -37.66
CA LEU WE 137 -23.05 -112.83 -38.08
C LEU WE 137 -21.90 -113.37 -38.94
N MET WE 138 -22.25 -114.10 -39.99
CA MET WE 138 -21.30 -114.65 -40.93
C MET WE 138 -21.77 -114.35 -42.34
N PHE WE 139 -20.90 -113.79 -43.17
CA PHE WE 139 -21.28 -113.53 -44.54
C PHE WE 139 -21.44 -114.86 -45.28
N PRO WE 140 -22.54 -115.03 -46.04
CA PRO WE 140 -22.80 -116.23 -46.83
C PRO WE 140 -21.72 -116.48 -47.87
N ALA XE 1 -85.72 -39.31 86.39
CA ALA XE 1 -86.41 -40.15 85.42
C ALA XE 1 -86.86 -41.46 86.03
N ALA XE 2 -87.98 -41.98 85.52
CA ALA XE 2 -88.50 -43.25 86.00
C ALA XE 2 -87.56 -44.39 85.62
N PRO XE 3 -87.38 -45.38 86.49
CA PRO XE 3 -86.44 -46.46 86.19
C PRO XE 3 -86.97 -47.43 85.15
N SER XE 4 -88.27 -47.54 85.00
CA SER XE 4 -88.85 -48.48 84.06
C SER XE 4 -90.27 -48.05 83.73
N LEU XE 5 -90.76 -48.53 82.59
CA LEU XE 5 -92.04 -48.13 82.04
C LEU XE 5 -92.75 -49.33 81.45
N ALA XE 6 -94.07 -49.35 81.60
CA ALA XE 6 -94.93 -50.34 80.94
C ALA XE 6 -95.94 -49.53 80.12
N LEU XE 7 -95.61 -49.29 78.86
CA LEU XE 7 -96.44 -48.46 78.00
C LEU XE 7 -97.42 -49.35 77.23
N VAL XE 8 -98.55 -48.78 76.85
CA VAL XE 8 -99.53 -49.54 76.08
C VAL XE 8 -99.30 -49.32 74.60
N GLY XE 9 -99.19 -50.41 73.84
CA GLY XE 9 -99.11 -50.40 72.40
C GLY XE 9 -100.07 -51.43 71.83
N ALA XE 10 -99.76 -51.92 70.63
CA ALA XE 10 -100.62 -52.85 69.92
C ALA XE 10 -99.82 -54.02 69.36
N ASN XE 11 -100.42 -55.20 69.41
CA ASN XE 11 -99.83 -56.41 68.83
C ASN XE 11 -100.23 -56.49 67.35
N SER XE 12 -100.00 -57.66 66.75
CA SER XE 12 -100.37 -57.84 65.35
C SER XE 12 -101.89 -57.80 65.15
N THR XE 13 -102.66 -58.14 66.18
CA THR XE 13 -104.12 -58.05 66.16
C THR XE 13 -104.61 -56.62 66.39
N LEU XE 14 -103.71 -55.71 66.78
CA LEU XE 14 -104.02 -54.36 67.23
C LEU XE 14 -104.75 -54.34 68.58
N ALA XE 15 -104.68 -55.45 69.31
CA ALA XE 15 -105.16 -55.46 70.69
C ALA XE 15 -104.15 -54.77 71.60
N SER XE 16 -104.67 -54.13 72.65
CA SER XE 16 -103.81 -53.37 73.56
C SER XE 16 -102.87 -54.32 74.30
N THR XE 17 -101.57 -54.10 74.16
CA THR XE 17 -100.55 -54.96 74.72
C THR XE 17 -99.52 -54.11 75.46
N LEU XE 18 -99.00 -54.62 76.56
CA LEU XE 18 -97.93 -53.91 77.22
C LEU XE 18 -96.62 -54.05 76.46
N VAL XE 19 -95.81 -53.00 76.53
CA VAL XE 19 -94.46 -52.97 76.02
C VAL XE 19 -93.58 -52.36 77.08
N ASN XE 20 -92.54 -53.09 77.47
CA ASN XE 20 -91.76 -52.80 78.67
C ASN XE 20 -90.44 -52.14 78.29
N TYR XE 21 -90.20 -50.97 78.85
CA TYR XE 21 -88.94 -50.27 78.69
C TYR XE 21 -88.27 -50.16 80.05
N SER XE 22 -86.93 -50.09 80.04
CA SER XE 22 -86.16 -49.85 81.24
C SER XE 22 -85.11 -48.80 80.93
N LEU XE 23 -84.74 -48.04 81.96
CA LEU XE 23 -83.84 -46.89 81.78
C LEU XE 23 -82.44 -47.38 81.45
N ARG XE 24 -82.01 -47.12 80.22
CA ARG XE 24 -80.61 -47.34 79.87
C ARG XE 24 -79.72 -46.28 80.51
N SER XE 25 -79.96 -45.01 80.21
CA SER XE 25 -79.06 -44.00 80.77
C SER XE 25 -79.75 -42.65 80.84
N GLN XE 26 -79.45 -41.91 81.90
CA GLN XE 26 -79.84 -40.50 81.99
C GLN XE 26 -78.60 -39.64 81.86
N ASN XE 27 -78.56 -38.86 80.81
CA ASN XE 27 -77.67 -37.73 80.66
C ASN XE 27 -78.40 -36.47 81.13
N GLY XE 28 -77.67 -35.37 81.27
CA GLY XE 28 -78.30 -34.16 81.76
C GLY XE 28 -79.38 -33.65 80.84
N ASN XE 29 -80.63 -33.67 81.32
CA ASN XE 29 -81.80 -33.31 80.51
C ASN XE 29 -81.93 -34.22 79.29
N ASN XE 30 -81.54 -35.48 79.44
CA ASN XE 30 -81.65 -36.44 78.35
C ASN XE 30 -81.84 -37.83 78.94
N VAL XE 31 -82.74 -38.61 78.37
CA VAL XE 31 -83.09 -39.91 78.90
C VAL XE 31 -83.20 -40.92 77.76
N ASP XE 32 -82.60 -42.10 77.95
CA ASP XE 32 -82.63 -43.18 76.98
C ASP XE 32 -83.15 -44.44 77.66
N TYR XE 33 -84.27 -44.96 77.13
CA TYR XE 33 -84.91 -46.20 77.55
C TYR XE 33 -84.77 -47.25 76.46
N VAL XE 34 -84.76 -48.53 76.87
CA VAL XE 34 -84.62 -49.67 75.98
C VAL XE 34 -85.74 -50.66 76.27
N CYS XE 35 -86.25 -51.30 75.23
CA CYS XE 35 -87.32 -52.28 75.40
C CYS XE 35 -86.75 -53.59 75.92
N THR XE 36 -87.37 -54.13 76.97
CA THR XE 36 -86.91 -55.34 77.65
C THR XE 36 -87.71 -56.57 77.25
N ASP XE 37 -88.55 -56.47 76.24
CA ASP XE 37 -89.32 -57.61 75.78
C ASP XE 37 -88.45 -58.50 74.89
N PRO XE 38 -88.90 -59.71 74.58
CA PRO XE 38 -88.22 -60.49 73.54
C PRO XE 38 -88.32 -59.87 72.15
N ASP XE 39 -89.23 -58.92 71.93
CA ASP XE 39 -89.36 -58.25 70.63
C ASP XE 39 -88.09 -57.52 70.25
N SER XE 40 -87.49 -56.82 71.21
CA SER XE 40 -86.25 -56.08 70.95
C SER XE 40 -85.06 -56.92 71.39
N THR XE 41 -84.03 -56.87 70.56
CA THR XE 41 -82.72 -57.39 70.86
C THR XE 41 -81.72 -56.26 70.61
N LEU XE 42 -80.46 -56.48 71.03
CA LEU XE 42 -79.45 -55.47 70.74
C LEU XE 42 -79.32 -55.23 69.25
N SER XE 43 -79.50 -56.29 68.44
CA SER XE 43 -79.36 -56.14 66.99
C SER XE 43 -80.50 -55.33 66.40
N ALA XE 44 -81.72 -55.51 66.90
CA ALA XE 44 -82.89 -54.78 66.40
C ALA XE 44 -83.71 -54.31 67.60
N PRO XE 45 -83.33 -53.19 68.22
CA PRO XE 45 -83.91 -52.79 69.49
C PRO XE 45 -85.15 -51.92 69.33
N GLY XE 46 -85.88 -51.81 70.44
CA GLY XE 46 -86.89 -50.79 70.62
C GLY XE 46 -86.37 -49.76 71.61
N LEU XE 47 -86.52 -48.49 71.26
CA LEU XE 47 -85.79 -47.45 71.98
C LEU XE 47 -86.69 -46.24 72.21
N ILE XE 48 -86.39 -45.51 73.29
CA ILE XE 48 -87.04 -44.23 73.56
C ILE XE 48 -85.98 -43.22 73.98
N ASN XE 49 -86.13 -41.99 73.51
CA ASN XE 49 -85.22 -40.89 73.80
C ASN XE 49 -86.04 -39.64 74.12
N ALA XE 50 -85.63 -38.92 75.17
CA ALA XE 50 -86.32 -37.70 75.57
C ALA XE 50 -85.31 -36.62 75.97
N LYS XE 51 -85.45 -35.43 75.38
CA LYS XE 51 -84.49 -34.35 75.51
C LYS XE 51 -85.22 -33.06 75.87
N PHE XE 52 -84.50 -32.15 76.53
CA PHE XE 52 -85.01 -30.85 76.95
C PHE XE 52 -84.08 -29.75 76.46
N ASP XE 53 -84.56 -28.96 75.50
CA ASP XE 53 -83.88 -27.75 75.05
C ASP XE 53 -84.44 -26.60 75.89
N ILE XE 54 -83.76 -26.28 76.97
CA ILE XE 54 -84.18 -25.24 77.91
C ILE XE 54 -83.25 -24.05 77.72
N LYS XE 55 -83.83 -22.91 77.34
CA LYS XE 55 -83.04 -21.72 77.10
C LYS XE 55 -82.65 -21.08 78.43
N ALA XE 56 -81.65 -20.21 78.37
CA ALA XE 56 -81.19 -19.50 79.56
C ALA XE 56 -82.35 -18.75 80.21
N PRO XE 57 -82.36 -18.65 81.54
CA PRO XE 57 -83.52 -18.02 82.21
C PRO XE 57 -83.72 -16.56 81.84
N GLY XE 58 -82.67 -15.82 81.54
CA GLY XE 58 -82.84 -14.44 81.11
C GLY XE 58 -83.48 -14.33 79.73
N ILE XE 59 -83.08 -15.22 78.81
CA ILE XE 59 -83.51 -15.15 77.41
C ILE XE 59 -84.96 -15.60 77.29
N THR XE 60 -85.76 -14.88 76.50
CA THR XE 60 -87.08 -15.34 76.11
C THR XE 60 -86.99 -16.08 74.79
N GLY XE 61 -87.66 -17.21 74.73
CA GLY XE 61 -87.77 -17.99 73.50
C GLY XE 61 -88.84 -19.02 73.72
N ASN XE 62 -88.68 -20.17 73.06
CA ASN XE 62 -89.50 -21.33 73.34
C ASN XE 62 -88.63 -22.40 73.98
N ASP XE 63 -89.12 -22.98 75.07
CA ASP XE 63 -88.53 -24.21 75.58
C ASP XE 63 -89.04 -25.38 74.74
N ARG XE 64 -88.21 -26.42 74.58
CA ARG XE 64 -88.55 -27.50 73.67
C ARG XE 64 -88.35 -28.86 74.33
N ILE XE 65 -89.24 -29.79 73.98
CA ILE XE 65 -89.16 -31.19 74.38
C ILE XE 65 -89.04 -32.02 73.11
N HIS XE 66 -88.07 -32.92 73.07
CA HIS XE 66 -87.88 -33.82 71.92
C HIS XE 66 -88.02 -35.26 72.38
N ALA XE 67 -89.00 -35.96 71.84
CA ALA XE 67 -89.22 -37.37 72.18
C ALA XE 67 -89.14 -38.20 70.91
N ASN XE 68 -88.63 -39.42 71.05
CA ASN XE 68 -88.45 -40.32 69.93
C ASN XE 68 -88.69 -41.75 70.38
N LEU XE 69 -89.63 -42.43 69.74
CA LEU XE 69 -89.94 -43.83 70.01
C LEU XE 69 -89.66 -44.63 68.74
N ARG XE 70 -88.72 -45.55 68.81
CA ARG XE 70 -88.18 -46.26 67.66
C ARG XE 70 -88.36 -47.76 67.83
N LYS XE 71 -88.53 -48.45 66.70
CA LYS XE 71 -88.40 -49.89 66.62
C LYS XE 71 -87.59 -50.23 65.39
N VAL XE 72 -86.47 -50.93 65.57
CA VAL XE 72 -85.62 -51.37 64.48
C VAL XE 72 -86.09 -52.74 64.04
N VAL XE 73 -86.06 -52.99 62.72
CA VAL XE 73 -86.43 -54.28 62.18
C VAL XE 73 -85.37 -54.69 61.17
N LEU XE 74 -85.11 -56.00 61.09
CA LEU XE 74 -84.11 -56.56 60.19
C LEU XE 74 -84.80 -57.16 58.96
N ASP XE 75 -84.21 -56.94 57.80
CA ASP XE 75 -84.71 -57.57 56.58
C ASP XE 75 -84.49 -59.07 56.65
N GLU XE 76 -85.52 -59.84 56.27
CA GLU XE 76 -85.38 -61.29 56.25
C GLU XE 76 -84.23 -61.72 55.35
N LYS XE 77 -84.15 -61.15 54.15
CA LYS XE 77 -83.15 -61.61 53.19
C LYS XE 77 -81.76 -61.04 53.49
N THR XE 78 -81.64 -59.74 53.77
CA THR XE 78 -80.33 -59.13 53.90
C THR XE 78 -79.89 -58.84 55.33
N ASN XE 79 -80.76 -59.01 56.32
CA ASN XE 79 -80.51 -58.65 57.72
C ASN XE 79 -80.08 -57.20 57.87
N LEU XE 80 -80.29 -56.37 56.86
CA LEU XE 80 -80.03 -54.95 56.97
C LEU XE 80 -81.12 -54.29 57.82
N PRO XE 81 -80.75 -53.39 58.70
CA PRO XE 81 -81.74 -52.81 59.61
C PRO XE 81 -82.38 -51.57 59.00
N SER XE 82 -83.69 -51.50 59.05
CA SER XE 82 -84.38 -50.24 58.84
C SER XE 82 -85.31 -50.02 60.03
N THR XE 83 -85.51 -48.75 60.36
CA THR XE 83 -86.16 -48.39 61.61
C THR XE 83 -87.44 -47.59 61.35
N GLY XE 84 -88.41 -47.80 62.21
CA GLY XE 84 -89.66 -47.04 62.17
C GLY XE 84 -89.82 -46.26 63.46
N SER XE 85 -90.32 -45.03 63.35
CA SER XE 85 -90.23 -44.16 64.51
C SER XE 85 -91.37 -43.15 64.57
N VAL XE 86 -91.74 -42.77 65.79
CA VAL XE 86 -92.61 -41.63 66.05
C VAL XE 86 -91.83 -40.62 66.87
N THR XE 87 -91.67 -39.41 66.33
CA THR XE 87 -90.97 -38.34 67.01
C THR XE 87 -91.93 -37.20 67.31
N ILE XE 88 -91.69 -36.53 68.43
CA ILE XE 88 -92.60 -35.52 68.96
C ILE XE 88 -91.76 -34.33 69.40
N GLN XE 89 -92.18 -33.12 69.04
CA GLN XE 89 -91.51 -31.92 69.48
C GLN XE 89 -92.56 -31.02 70.10
N VAL XE 90 -92.36 -30.66 71.37
CA VAL XE 90 -93.25 -29.77 72.09
C VAL XE 90 -92.53 -28.45 72.25
N SER XE 91 -93.12 -27.37 71.73
CA SER XE 91 -92.55 -26.03 71.82
C SER XE 91 -93.46 -25.20 72.71
N ILE XE 92 -92.97 -24.85 73.89
CA ILE XE 92 -93.72 -24.15 74.94
C ILE XE 92 -93.17 -22.74 75.03
N PRO XE 93 -93.97 -21.71 74.81
CA PRO XE 93 -93.47 -20.34 74.94
C PRO XE 93 -93.32 -19.87 76.38
N ARG XE 94 -92.35 -18.97 76.58
CA ARG XE 94 -92.02 -18.43 77.89
C ARG XE 94 -92.84 -17.20 78.28
N ASN XE 95 -94.00 -17.01 77.68
CA ASN XE 95 -94.90 -15.91 78.01
C ASN XE 95 -95.93 -16.37 79.03
N PRO XE 96 -96.12 -15.65 80.14
CA PRO XE 96 -97.14 -16.06 81.12
C PRO XE 96 -98.53 -16.23 80.54
N ALA XE 97 -98.78 -15.70 79.34
CA ALA XE 97 -100.06 -15.91 78.68
C ALA XE 97 -100.25 -17.35 78.21
N TRP XE 98 -99.22 -18.18 78.33
CA TRP XE 98 -99.28 -19.61 78.07
C TRP XE 98 -99.11 -20.36 79.39
N ASN XE 99 -99.73 -21.52 79.50
CA ASN XE 99 -99.59 -22.28 80.74
C ASN XE 99 -99.64 -23.78 80.47
N ALA XE 100 -99.38 -24.52 81.55
CA ALA XE 100 -99.27 -25.96 81.45
C ALA XE 100 -100.59 -26.58 81.01
N SER XE 101 -101.72 -25.98 81.36
CA SER XE 101 -103.00 -26.50 80.90
C SER XE 101 -103.07 -26.50 79.38
N MET XE 102 -102.50 -25.46 78.75
CA MET XE 102 -102.49 -25.39 77.30
C MET XE 102 -101.50 -26.39 76.71
N THR XE 103 -100.32 -26.55 77.33
CA THR XE 103 -99.41 -27.60 76.90
C THR XE 103 -100.09 -28.97 76.91
N VAL XE 104 -100.74 -29.29 78.03
CA VAL XE 104 -101.41 -30.58 78.16
C VAL XE 104 -102.55 -30.69 77.16
N SER XE 105 -103.26 -29.59 76.91
CA SER XE 105 -104.36 -29.64 75.96
C SER XE 105 -103.86 -30.01 74.57
N LEU XE 106 -102.75 -29.40 74.13
CA LEU XE 106 -102.18 -29.79 72.85
C LEU XE 106 -101.76 -31.25 72.84
N LEU XE 107 -101.14 -31.72 73.93
CA LEU XE 107 -100.74 -33.13 73.98
C LEU XE 107 -101.95 -34.04 73.85
N LYS XE 108 -103.02 -33.75 74.59
CA LYS XE 108 -104.22 -34.59 74.55
C LYS XE 108 -104.86 -34.58 73.17
N GLN XE 109 -104.90 -33.41 72.52
CA GLN XE 109 -105.51 -33.34 71.20
C GLN XE 109 -104.70 -34.12 70.18
N ALA XE 110 -103.37 -34.01 70.25
CA ALA XE 110 -102.53 -34.80 69.35
C ALA XE 110 -102.74 -36.28 69.57
N ALA XE 111 -102.85 -36.69 70.84
CA ALA XE 111 -103.12 -38.09 71.16
C ALA XE 111 -104.44 -38.55 70.54
N ASP XE 112 -105.49 -37.75 70.74
CA ASP XE 112 -106.79 -38.11 70.16
C ASP XE 112 -106.70 -38.23 68.64
N TYR XE 113 -106.04 -37.28 67.99
CA TYR XE 113 -106.14 -37.21 66.53
C TYR XE 113 -105.21 -38.17 65.82
N LEU XE 114 -104.06 -38.54 66.42
CA LEU XE 114 -103.16 -39.45 65.75
C LEU XE 114 -103.11 -40.85 66.33
N ALA XE 115 -103.49 -41.03 67.60
CA ALA XE 115 -103.54 -42.35 68.20
C ALA XE 115 -104.95 -42.79 68.56
N GLY XE 116 -105.90 -41.87 68.64
CA GLY XE 116 -107.27 -42.21 68.97
C GLY XE 116 -107.40 -42.76 70.37
N THR XE 117 -106.86 -42.04 71.37
CA THR XE 117 -106.85 -42.51 72.75
C THR XE 117 -107.42 -41.50 73.75
N SER XE 118 -108.07 -40.44 73.29
CA SER XE 118 -108.66 -39.47 74.19
C SER XE 118 -109.63 -40.12 75.19
N ALA XE 119 -109.86 -39.40 76.29
CA ALA XE 119 -110.88 -39.78 77.26
C ALA XE 119 -112.27 -39.58 76.69
N THR XE 120 -113.24 -40.32 77.23
CA THR XE 120 -114.60 -40.26 76.71
C THR XE 120 -115.24 -38.92 77.10
N VAL XE 121 -115.72 -38.19 76.09
CA VAL XE 121 -116.36 -36.89 76.25
C VAL XE 121 -117.47 -36.80 75.20
N SER XE 122 -118.67 -36.43 75.63
CA SER XE 122 -119.80 -36.50 74.71
C SER XE 122 -119.61 -35.51 73.57
N GLY XE 123 -119.88 -35.97 72.35
CA GLY XE 123 -119.71 -35.16 71.16
C GLY XE 123 -118.36 -35.28 70.49
N GLN XE 124 -117.43 -36.04 71.08
CA GLN XE 124 -116.14 -36.27 70.45
C GLN XE 124 -116.29 -37.09 69.19
N THR XE 125 -115.46 -36.79 68.20
CA THR XE 125 -115.43 -37.66 67.03
C THR XE 125 -114.77 -38.99 67.38
N ASP XE 126 -115.25 -40.04 66.74
CA ASP XE 126 -114.75 -41.40 66.99
C ASP XE 126 -113.40 -41.52 66.29
N THR XE 127 -112.34 -41.37 67.07
CA THR XE 127 -110.99 -41.38 66.56
C THR XE 127 -110.34 -42.75 66.63
N SER XE 128 -111.12 -43.78 66.96
CA SER XE 128 -110.54 -45.11 67.19
C SER XE 128 -109.85 -45.66 65.95
N GLY XE 129 -110.39 -45.40 64.77
CA GLY XE 129 -109.81 -45.91 63.54
C GLY XE 129 -108.76 -45.04 62.93
N PHE XE 130 -108.56 -43.85 63.50
CA PHE XE 130 -107.58 -42.93 62.93
C PHE XE 130 -106.16 -43.49 62.91
N PRO XE 131 -105.65 -44.16 63.95
CA PRO XE 131 -104.28 -44.71 63.82
C PRO XE 131 -104.16 -45.70 62.67
N ALA XE 132 -105.19 -46.54 62.46
CA ALA XE 132 -105.18 -47.42 61.29
C ALA XE 132 -105.10 -46.61 60.00
N LYS XE 133 -105.95 -45.59 59.87
CA LYS XE 133 -105.92 -44.79 58.64
C LYS XE 133 -104.56 -44.12 58.45
N TRP XE 134 -103.96 -43.59 59.51
CA TRP XE 134 -102.66 -42.97 59.39
C TRP XE 134 -101.61 -43.98 58.93
N ALA XE 135 -101.60 -45.16 59.56
CA ALA XE 135 -100.66 -46.21 59.17
C ALA XE 135 -100.89 -46.66 57.72
N GLY XE 136 -102.06 -46.36 57.16
CA GLY XE 136 -102.26 -46.57 55.74
C GLY XE 136 -101.96 -45.37 54.85
N LEU XE 137 -101.40 -44.29 55.41
CA LEU XE 137 -101.21 -43.02 54.70
C LEU XE 137 -102.53 -42.50 54.10
N MET XE 138 -103.55 -42.44 54.96
CA MET XE 138 -104.87 -41.93 54.60
C MET XE 138 -105.29 -40.89 55.63
N PHE XE 139 -105.76 -39.75 55.16
CA PHE XE 139 -106.26 -38.76 56.11
C PHE XE 139 -107.56 -39.25 56.73
N PRO XE 140 -107.73 -39.13 58.05
CA PRO XE 140 -108.97 -39.52 58.72
C PRO XE 140 -110.16 -38.76 58.17
N ALA YE 1 -77.69 -37.55 94.18
CA ALA YE 1 -78.22 -36.27 94.65
C ALA YE 1 -79.63 -36.42 95.21
N ALA YE 2 -80.00 -35.54 96.13
CA ALA YE 2 -81.33 -35.59 96.74
C ALA YE 2 -82.40 -35.34 95.68
N PRO YE 3 -83.45 -36.15 95.62
CA PRO YE 3 -84.48 -35.96 94.58
C PRO YE 3 -85.31 -34.71 94.78
N SER YE 4 -85.38 -34.18 96.00
CA SER YE 4 -86.16 -32.98 96.26
C SER YE 4 -85.63 -32.29 97.50
N LEU YE 5 -85.93 -30.99 97.61
CA LEU YE 5 -85.41 -30.14 98.66
C LEU YE 5 -86.49 -29.20 99.14
N ALA YE 6 -86.48 -28.93 100.44
CA ALA YE 6 -87.35 -27.94 101.05
C ALA YE 6 -86.45 -26.96 101.79
N LEU YE 7 -86.08 -25.87 101.11
CA LEU YE 7 -85.11 -24.92 101.66
C LEU YE 7 -85.86 -23.77 102.32
N VAL YE 8 -85.20 -23.10 103.25
CA VAL YE 8 -85.80 -21.96 103.94
C VAL YE 8 -85.40 -20.68 103.25
N GLY YE 9 -86.38 -19.85 102.92
CA GLY YE 9 -86.16 -18.52 102.39
C GLY YE 9 -87.04 -17.54 103.12
N ALA YE 10 -87.33 -16.39 102.49
CA ALA YE 10 -88.12 -15.35 103.13
C ALA YE 10 -89.28 -14.95 102.24
N ASN YE 11 -90.45 -14.74 102.86
CA ASN YE 11 -91.63 -14.25 102.15
C ASN YE 11 -91.50 -12.74 101.96
N SER YE 12 -92.58 -12.10 101.52
CA SER YE 12 -92.56 -10.66 101.33
C SER YE 12 -92.32 -9.90 102.63
N THR YE 13 -92.58 -10.53 103.78
CA THR YE 13 -92.39 -9.93 105.09
C THR YE 13 -91.07 -10.32 105.73
N LEU YE 14 -90.26 -11.14 105.03
CA LEU YE 14 -88.99 -11.66 105.52
C LEU YE 14 -89.18 -12.73 106.60
N ALA YE 15 -90.37 -13.29 106.72
CA ALA YE 15 -90.57 -14.44 107.60
C ALA YE 15 -90.05 -15.70 106.93
N SER YE 16 -89.52 -16.61 107.75
CA SER YE 16 -88.98 -17.85 107.22
C SER YE 16 -90.09 -18.67 106.57
N THR YE 17 -89.91 -19.01 105.30
CA THR YE 17 -90.90 -19.73 104.51
C THR YE 17 -90.22 -20.82 103.71
N LEU YE 18 -90.87 -21.97 103.59
CA LEU YE 18 -90.28 -23.01 102.76
C LEU YE 18 -90.39 -22.67 101.27
N VAL YE 19 -89.40 -23.15 100.53
CA VAL YE 19 -89.33 -23.05 99.09
C VAL YE 19 -88.92 -24.41 98.57
N ASN YE 20 -89.74 -24.98 97.69
CA ASN YE 20 -89.66 -26.39 97.34
C ASN YE 20 -89.02 -26.55 95.97
N TYR YE 21 -87.94 -27.32 95.91
CA TYR YE 21 -87.25 -27.62 94.67
C TYR YE 21 -87.31 -29.12 94.43
N SER YE 22 -87.29 -29.50 93.16
CA SER YE 22 -87.23 -30.89 92.74
C SER YE 22 -86.12 -31.06 91.72
N LEU YE 23 -85.50 -32.23 91.74
CA LEU YE 23 -84.34 -32.52 90.90
C LEU YE 23 -84.78 -32.74 89.46
N ARG YE 24 -84.36 -31.86 88.55
CA ARG YE 24 -84.74 -32.01 87.16
C ARG YE 24 -83.87 -33.05 86.44
N SER YE 25 -82.55 -32.94 86.56
CA SER YE 25 -81.64 -33.90 85.94
C SER YE 25 -80.28 -33.83 86.62
N GLN YE 26 -79.39 -34.73 86.21
CA GLN YE 26 -78.01 -34.75 86.68
C GLN YE 26 -77.09 -35.07 85.51
N ASN YE 27 -76.21 -34.12 85.17
CA ASN YE 27 -75.21 -34.22 84.11
C ASN YE 27 -73.85 -34.49 84.73
N GLY YE 28 -72.79 -34.39 83.92
CA GLY YE 28 -71.44 -34.54 84.39
C GLY YE 28 -71.09 -33.53 85.46
N ASN YE 29 -70.93 -34.04 86.69
CA ASN YE 29 -70.49 -33.26 87.83
C ASN YE 29 -71.37 -32.03 88.06
N ASN YE 30 -72.68 -32.18 87.88
CA ASN YE 30 -73.58 -31.06 88.14
C ASN YE 30 -74.97 -31.60 88.48
N VAL YE 31 -75.81 -30.70 88.95
CA VAL YE 31 -77.14 -30.99 89.46
C VAL YE 31 -78.03 -29.79 89.17
N ASP YE 32 -79.24 -30.05 88.68
CA ASP YE 32 -80.20 -29.01 88.29
C ASP YE 32 -81.52 -29.22 89.02
N TYR YE 33 -81.90 -28.24 89.84
CA TYR YE 33 -83.16 -28.25 90.58
C TYR YE 33 -84.06 -27.13 90.10
N VAL YE 34 -85.38 -27.38 90.17
CA VAL YE 34 -86.40 -26.45 89.73
C VAL YE 34 -87.40 -26.24 90.87
N CYS YE 35 -87.88 -25.01 91.03
CA CYS YE 35 -88.85 -24.72 92.07
C CYS YE 35 -90.23 -25.22 91.66
N THR YE 36 -90.90 -25.92 92.58
CA THR YE 36 -92.19 -26.54 92.33
C THR YE 36 -93.35 -25.80 92.99
N ASP YE 37 -93.09 -24.62 93.53
CA ASP YE 37 -94.14 -23.82 94.15
C ASP YE 37 -95.02 -23.23 93.04
N PRO YE 38 -96.19 -22.68 93.41
CA PRO YE 38 -97.02 -22.04 92.39
C PRO YE 38 -96.41 -20.77 91.80
N ASP YE 39 -95.60 -20.03 92.56
CA ASP YE 39 -95.09 -18.75 92.08
C ASP YE 39 -94.04 -18.90 90.99
N SER YE 40 -93.46 -20.09 90.81
CA SER YE 40 -92.50 -20.33 89.74
C SER YE 40 -93.18 -21.07 88.60
N THR YE 41 -93.00 -20.54 87.40
CA THR YE 41 -93.52 -21.10 86.17
C THR YE 41 -92.40 -21.05 85.12
N LEU YE 42 -92.63 -21.67 83.97
CA LEU YE 42 -91.59 -21.65 82.94
C LEU YE 42 -91.29 -20.23 82.49
N SER YE 43 -92.28 -19.35 82.56
CA SER YE 43 -92.07 -17.95 82.19
C SER YE 43 -91.12 -17.26 83.17
N ALA YE 44 -91.23 -17.57 84.45
CA ALA YE 44 -90.40 -16.95 85.49
C ALA YE 44 -90.08 -17.99 86.57
N PRO YE 45 -89.10 -18.86 86.31
CA PRO YE 45 -88.83 -19.98 87.22
C PRO YE 45 -87.88 -19.62 88.35
N GLY YE 46 -87.83 -20.52 89.32
CA GLY YE 46 -86.77 -20.53 90.32
C GLY YE 46 -85.89 -21.76 90.10
N LEU YE 47 -84.57 -21.55 90.15
CA LEU YE 47 -83.65 -22.58 89.72
C LEU YE 47 -82.47 -22.67 90.69
N ILE YE 48 -81.92 -23.88 90.83
CA ILE YE 48 -80.67 -24.09 91.56
C ILE YE 48 -79.77 -25.00 90.75
N ASN YE 49 -78.48 -24.68 90.71
CA ASN YE 49 -77.53 -25.41 89.87
C ASN YE 49 -76.23 -25.59 90.64
N ALA YE 50 -75.66 -26.78 90.59
CA ALA YE 50 -74.40 -27.05 91.29
C ALA YE 50 -73.47 -27.86 90.40
N LYS YE 51 -72.17 -27.56 90.48
CA LYS YE 51 -71.17 -28.18 89.63
C LYS YE 51 -69.86 -28.36 90.40
N PHE YE 52 -69.16 -29.45 90.11
CA PHE YE 52 -67.83 -29.68 90.67
C PHE YE 52 -66.78 -29.61 89.57
N ASP YE 53 -65.74 -28.80 89.79
CA ASP YE 53 -64.51 -28.84 89.00
C ASP YE 53 -63.50 -29.60 89.86
N ILE YE 54 -63.25 -30.85 89.49
CA ILE YE 54 -62.44 -31.76 90.31
C ILE YE 54 -61.11 -31.97 89.63
N LYS YE 55 -60.03 -31.61 90.31
CA LYS YE 55 -58.72 -31.76 89.72
C LYS YE 55 -58.20 -33.17 89.94
N ALA YE 56 -57.15 -33.53 89.21
CA ALA YE 56 -56.63 -34.88 89.20
C ALA YE 56 -56.17 -35.29 90.60
N PRO YE 57 -56.05 -36.59 90.86
CA PRO YE 57 -55.57 -37.03 92.17
C PRO YE 57 -54.18 -36.50 92.47
N GLY YE 58 -53.95 -36.20 93.72
CA GLY YE 58 -52.71 -35.60 94.18
C GLY YE 58 -53.02 -34.56 95.23
N ILE YE 59 -51.98 -33.84 95.66
CA ILE YE 59 -52.17 -32.78 96.64
C ILE YE 59 -51.88 -31.41 96.06
N THR YE 60 -51.75 -31.30 94.74
CA THR YE 60 -51.28 -30.07 94.11
C THR YE 60 -52.39 -29.04 93.90
N GLY YE 61 -53.58 -29.49 93.50
CA GLY YE 61 -54.54 -28.60 92.91
C GLY YE 61 -55.44 -27.87 93.90
N ASN YE 62 -56.50 -27.29 93.33
CA ASN YE 62 -57.61 -26.65 94.04
C ASN YE 62 -58.92 -27.14 93.42
N ASP YE 63 -59.69 -27.92 94.17
CA ASP YE 63 -61.02 -28.32 93.75
C ASP YE 63 -61.98 -27.13 93.86
N ARG YE 64 -63.04 -27.14 93.04
CA ARG YE 64 -63.99 -26.03 93.07
C ARG YE 64 -65.43 -26.52 93.03
N ILE YE 65 -66.29 -25.81 93.76
CA ILE YE 65 -67.73 -26.03 93.77
C ILE YE 65 -68.38 -24.76 93.27
N HIS YE 66 -69.34 -24.89 92.35
CA HIS YE 66 -70.08 -23.77 91.79
C HIS YE 66 -71.56 -24.00 92.07
N ALA YE 67 -72.16 -23.11 92.85
CA ALA YE 67 -73.59 -23.14 93.09
C ALA YE 67 -74.22 -21.86 92.57
N ASN YE 68 -75.48 -21.95 92.18
CA ASN YE 68 -76.17 -20.81 91.59
C ASN YE 68 -77.66 -20.94 91.90
N LEU YE 69 -78.19 -19.96 92.63
CA LEU YE 69 -79.60 -19.91 93.00
C LEU YE 69 -80.22 -18.70 92.32
N ARG YE 70 -81.15 -18.94 91.41
CA ARG YE 70 -81.73 -17.89 90.59
C ARG YE 70 -83.25 -17.84 90.75
N LYS YE 71 -83.80 -16.65 90.55
CA LYS YE 71 -85.23 -16.45 90.42
C LYS YE 71 -85.50 -15.41 89.33
N VAL YE 72 -86.36 -15.74 88.40
CA VAL YE 72 -86.73 -14.84 87.30
C VAL YE 72 -87.99 -14.11 87.69
N VAL YE 73 -88.08 -12.84 87.30
CA VAL YE 73 -89.26 -12.02 87.57
C VAL YE 73 -89.62 -11.28 86.29
N LEU YE 74 -90.91 -11.02 86.13
CA LEU YE 74 -91.45 -10.34 84.96
C LEU YE 74 -91.90 -8.93 85.32
N ASP YE 75 -91.60 -7.98 84.44
CA ASP YE 75 -92.01 -6.59 84.63
C ASP YE 75 -93.53 -6.48 84.61
N GLU YE 76 -94.10 -5.74 85.58
CA GLU YE 76 -95.55 -5.54 85.60
C GLU YE 76 -96.04 -4.81 84.37
N LYS YE 77 -95.17 -4.01 83.73
CA LYS YE 77 -95.60 -3.21 82.60
C LYS YE 77 -95.40 -3.93 81.28
N THR YE 78 -94.32 -4.71 81.16
CA THR YE 78 -93.93 -5.28 79.88
C THR YE 78 -93.77 -6.80 79.88
N ASN YE 79 -93.93 -7.47 81.01
CA ASN YE 79 -93.62 -8.90 81.15
C ASN YE 79 -92.20 -9.23 80.68
N LEU YE 80 -91.30 -8.25 80.76
CA LEU YE 80 -89.94 -8.60 80.38
C LEU YE 80 -89.19 -9.22 81.53
N PRO YE 81 -88.45 -10.29 81.27
CA PRO YE 81 -87.80 -11.03 82.36
C PRO YE 81 -86.48 -10.38 82.75
N SER YE 82 -86.26 -10.28 84.05
CA SER YE 82 -84.93 -10.08 84.58
C SER YE 82 -84.74 -11.04 85.75
N THR YE 83 -83.50 -11.44 85.98
CA THR YE 83 -83.22 -12.50 86.95
C THR YE 83 -82.40 -11.95 88.11
N GLY YE 84 -82.71 -12.42 89.31
CA GLY YE 84 -81.90 -12.19 90.49
C GLY YE 84 -81.19 -13.48 90.84
N SER YE 85 -79.97 -13.38 91.34
CA SER YE 85 -79.21 -14.60 91.55
C SER YE 85 -78.20 -14.43 92.68
N VAL YE 86 -77.97 -15.52 93.39
CA VAL YE 86 -76.86 -15.66 94.33
C VAL YE 86 -76.00 -16.81 93.85
N THR YE 87 -74.77 -16.53 93.46
CA THR YE 87 -73.83 -17.53 93.01
C THR YE 87 -72.73 -17.69 94.06
N ILE YE 88 -72.24 -18.92 94.18
CA ILE YE 88 -71.26 -19.28 95.19
C ILE YE 88 -70.16 -20.09 94.53
N GLN YE 89 -68.92 -19.80 94.89
CA GLN YE 89 -67.77 -20.59 94.43
C GLN YE 89 -66.90 -20.94 95.62
N VAL YE 90 -66.76 -22.23 95.88
CA VAL YE 90 -65.92 -22.76 96.94
C VAL YE 90 -64.66 -23.31 96.30
N SER YE 91 -63.50 -22.92 96.81
CA SER YE 91 -62.22 -23.42 96.33
C SER YE 91 -61.49 -24.07 97.50
N ILE YE 92 -61.29 -25.38 97.39
CA ILE YE 92 -60.76 -26.26 98.42
C ILE YE 92 -59.37 -26.72 97.96
N PRO YE 93 -58.30 -26.30 98.63
CA PRO YE 93 -56.97 -26.81 98.28
C PRO YE 93 -56.79 -28.26 98.70
N ARG YE 94 -55.87 -28.93 98.00
CA ARG YE 94 -55.57 -30.33 98.25
C ARG YE 94 -54.33 -30.54 99.10
N ASN YE 95 -53.52 -29.49 99.32
CA ASN YE 95 -52.44 -29.52 100.28
C ASN YE 95 -52.96 -30.04 101.63
N PRO YE 96 -52.39 -31.13 102.17
CA PRO YE 96 -52.94 -31.73 103.40
C PRO YE 96 -52.97 -30.78 104.58
N ALA YE 97 -52.42 -29.59 104.44
CA ALA YE 97 -52.53 -28.55 105.45
C ALA YE 97 -53.91 -27.91 105.48
N TRP YE 98 -54.85 -28.38 104.66
CA TRP YE 98 -56.23 -27.92 104.65
C TRP YE 98 -57.15 -29.03 105.15
N ASN YE 99 -58.32 -28.65 105.66
CA ASN YE 99 -59.27 -29.60 106.22
C ASN YE 99 -60.68 -29.36 105.68
N ALA YE 100 -61.43 -30.45 105.61
CA ALA YE 100 -62.87 -30.31 105.47
C ALA YE 100 -63.44 -29.42 106.56
N SER YE 101 -62.84 -29.44 107.76
CA SER YE 101 -63.29 -28.56 108.82
C SER YE 101 -63.10 -27.09 108.43
N MET YE 102 -62.00 -26.80 107.73
CA MET YE 102 -61.77 -25.42 107.31
C MET YE 102 -62.74 -25.01 106.22
N THR YE 103 -63.03 -25.92 105.29
CA THR YE 103 -64.08 -25.67 104.31
C THR YE 103 -65.41 -25.34 104.98
N VAL YE 104 -65.83 -26.19 105.92
CA VAL YE 104 -67.10 -25.98 106.60
C VAL YE 104 -67.08 -24.67 107.37
N SER YE 105 -65.93 -24.33 107.97
CA SER YE 105 -65.86 -23.10 108.74
C SER YE 105 -66.06 -21.89 107.84
N LEU YE 106 -65.44 -21.89 106.65
CA LEU YE 106 -65.68 -20.80 105.71
C LEU YE 106 -67.14 -20.74 105.29
N LEU YE 107 -67.75 -21.90 105.05
CA LEU YE 107 -69.17 -21.90 104.66
C LEU YE 107 -70.04 -21.29 105.75
N LYS YE 108 -69.80 -21.70 107.00
CA LYS YE 108 -70.59 -21.19 108.12
C LYS YE 108 -70.39 -19.70 108.31
N GLN YE 109 -69.15 -19.22 108.15
CA GLN YE 109 -68.88 -17.79 108.31
C GLN YE 109 -69.56 -16.98 107.22
N ALA YE 110 -69.48 -17.45 105.97
CA ALA YE 110 -70.18 -16.76 104.89
C ALA YE 110 -71.67 -16.73 105.15
N ALA YE 111 -72.23 -17.83 105.64
CA ALA YE 111 -73.66 -17.87 105.96
C ALA YE 111 -74.00 -16.85 107.02
N ASP YE 112 -73.22 -16.80 108.11
CA ASP YE 112 -73.45 -15.81 109.16
C ASP YE 112 -73.35 -14.38 108.61
N TYR YE 113 -72.36 -14.12 107.76
CA TYR YE 113 -72.07 -12.73 107.40
C TYR YE 113 -72.96 -12.20 106.29
N LEU YE 114 -73.45 -13.06 105.40
CA LEU YE 114 -74.30 -12.59 104.32
C LEU YE 114 -75.76 -12.98 104.45
N ALA YE 115 -76.08 -14.02 105.22
CA ALA YE 115 -77.47 -14.41 105.46
C ALA YE 115 -77.89 -14.27 106.91
N GLY YE 116 -76.95 -14.17 107.85
CA GLY YE 116 -77.29 -14.05 109.25
C GLY YE 116 -78.02 -15.26 109.79
N THR YE 117 -77.47 -16.46 109.56
CA THR YE 117 -78.13 -17.71 109.92
C THR YE 117 -77.29 -18.61 110.81
N SER YE 118 -76.12 -18.16 111.26
CA SER YE 118 -75.25 -19.00 112.06
C SER YE 118 -75.92 -19.50 113.34
N ALA YE 119 -75.34 -20.55 113.92
CA ALA YE 119 -75.76 -21.06 115.21
C ALA YE 119 -75.40 -20.08 116.32
N THR YE 120 -75.90 -20.36 117.52
CA THR YE 120 -75.73 -19.44 118.65
C THR YE 120 -74.46 -19.77 119.43
N VAL YE 121 -73.60 -18.75 119.60
CA VAL YE 121 -72.38 -18.84 120.39
C VAL YE 121 -72.31 -17.57 121.23
N SER YE 122 -71.55 -17.65 122.32
CA SER YE 122 -71.58 -16.61 123.35
C SER YE 122 -71.37 -15.22 122.76
N GLY YE 123 -70.18 -14.95 122.25
CA GLY YE 123 -69.86 -13.57 121.93
C GLY YE 123 -70.14 -13.18 120.49
N GLN YE 124 -71.09 -13.86 119.84
CA GLN YE 124 -71.23 -13.67 118.40
C GLN YE 124 -71.84 -12.31 118.14
N THR YE 125 -71.50 -11.73 116.99
CA THR YE 125 -72.15 -10.48 116.65
C THR YE 125 -73.52 -10.76 116.03
N ASP YE 126 -74.45 -9.84 116.27
CA ASP YE 126 -75.82 -9.97 115.80
C ASP YE 126 -75.85 -9.71 114.30
N THR YE 127 -76.09 -10.77 113.54
CA THR YE 127 -76.07 -10.72 112.09
C THR YE 127 -77.46 -10.86 111.48
N SER YE 128 -78.51 -10.78 112.30
CA SER YE 128 -79.86 -10.99 111.79
C SER YE 128 -80.24 -9.94 110.76
N GLY YE 129 -79.79 -8.70 110.94
CA GLY YE 129 -80.14 -7.64 110.01
C GLY YE 129 -79.23 -7.50 108.83
N PHE YE 130 -78.14 -8.27 108.81
CA PHE YE 130 -77.19 -8.16 107.72
C PHE YE 130 -77.79 -8.47 106.35
N PRO YE 131 -78.61 -9.51 106.16
CA PRO YE 131 -79.19 -9.71 104.83
C PRO YE 131 -80.01 -8.53 104.36
N ALA YE 132 -80.76 -7.89 105.26
CA ALA YE 132 -81.49 -6.68 104.91
C ALA YE 132 -80.54 -5.58 104.47
N LYS YE 133 -79.47 -5.36 105.23
CA LYS YE 133 -78.51 -4.31 104.88
C LYS YE 133 -77.85 -4.60 103.53
N TRP YE 134 -77.53 -5.87 103.26
CA TRP YE 134 -76.95 -6.21 101.97
C TRP YE 134 -77.95 -5.92 100.84
N ALA YE 135 -79.19 -6.39 101.00
CA ALA YE 135 -80.21 -6.16 99.98
C ALA YE 135 -80.47 -4.69 99.75
N GLY YE 136 -80.12 -3.84 100.71
CA GLY YE 136 -80.14 -2.41 100.49
C GLY YE 136 -78.87 -1.84 99.91
N LEU YE 137 -77.91 -2.69 99.54
CA LEU YE 137 -76.59 -2.28 99.07
C LEU YE 137 -75.89 -1.36 100.07
N MET YE 138 -75.82 -1.81 101.32
CA MET YE 138 -75.01 -1.15 102.32
C MET YE 138 -74.30 -2.19 103.17
N PHE YE 139 -73.09 -1.83 103.61
CA PHE YE 139 -72.28 -2.75 104.38
C PHE YE 139 -72.83 -2.91 105.78
N PRO YE 140 -72.77 -4.13 106.35
CA PRO YE 140 -73.09 -4.38 107.75
C PRO YE 140 -72.17 -3.58 108.67
N ALA ZE 1 -79.20 -44.11 86.37
CA ALA ZE 1 -78.44 -45.09 87.15
C ALA ZE 1 -78.76 -44.97 88.64
N ALA ZE 2 -78.32 -45.97 89.41
CA ALA ZE 2 -78.57 -45.98 90.84
C ALA ZE 2 -77.83 -44.80 91.49
N PRO ZE 3 -78.49 -44.07 92.39
CA PRO ZE 3 -77.84 -42.90 93.00
C PRO ZE 3 -76.78 -43.25 94.02
N SER ZE 4 -76.79 -44.48 94.54
CA SER ZE 4 -75.81 -44.88 95.53
C SER ZE 4 -75.70 -46.39 95.55
N LEU ZE 5 -74.54 -46.88 95.97
CA LEU ZE 5 -74.20 -48.30 95.95
C LEU ZE 5 -73.48 -48.68 97.23
N ALA ZE 6 -73.78 -49.87 97.72
CA ALA ZE 6 -73.07 -50.47 98.85
C ALA ZE 6 -72.45 -51.77 98.35
N LEU ZE 7 -71.24 -51.70 97.83
CA LEU ZE 7 -70.58 -52.87 97.27
C LEU ZE 7 -69.80 -53.59 98.37
N VAL ZE 8 -69.54 -54.88 98.14
CA VAL ZE 8 -68.78 -55.68 99.11
C VAL ZE 8 -67.32 -55.76 98.65
N GLY ZE 9 -66.41 -55.35 99.52
CA GLY ZE 9 -64.99 -55.51 99.35
C GLY ZE 9 -64.39 -56.17 100.57
N ALA ZE 10 -63.10 -55.91 100.78
CA ALA ZE 10 -62.35 -56.54 101.85
C ALA ZE 10 -61.56 -55.48 102.62
N ASN ZE 11 -61.54 -55.60 103.94
CA ASN ZE 11 -60.73 -54.75 104.79
C ASN ZE 11 -59.32 -55.31 104.85
N SER ZE 12 -58.52 -54.78 105.78
CA SER ZE 12 -57.14 -55.26 105.92
C SER ZE 12 -57.07 -56.72 106.33
N THR ZE 13 -58.12 -57.22 107.00
CA THR ZE 13 -58.20 -58.62 107.41
C THR ZE 13 -58.68 -59.53 106.29
N LEU ZE 14 -59.09 -58.96 105.15
CA LEU ZE 14 -59.80 -59.62 104.06
C LEU ZE 14 -61.21 -60.02 104.44
N ALA ZE 15 -61.73 -59.53 105.56
CA ALA ZE 15 -63.12 -59.77 105.91
C ALA ZE 15 -64.05 -58.94 105.02
N SER ZE 16 -65.21 -59.51 104.71
CA SER ZE 16 -66.15 -58.84 103.83
C SER ZE 16 -66.68 -57.56 104.48
N THR ZE 17 -66.42 -56.42 103.84
CA THR ZE 17 -66.75 -55.10 104.36
C THR ZE 17 -67.47 -54.30 103.30
N LEU ZE 18 -68.44 -53.48 103.71
CA LEU ZE 18 -69.10 -52.62 102.74
C LEU ZE 18 -68.21 -51.44 102.36
N VAL ZE 19 -68.26 -51.09 101.08
CA VAL ZE 19 -67.64 -49.89 100.54
C VAL ZE 19 -68.71 -49.13 99.78
N ASN ZE 20 -68.88 -47.86 100.13
CA ASN ZE 20 -70.05 -47.08 99.77
C ASN ZE 20 -69.69 -46.05 98.70
N TYR ZE 21 -70.48 -46.01 97.63
CA TYR ZE 21 -70.29 -45.08 96.54
C TYR ZE 21 -71.57 -44.27 96.34
N SER ZE 22 -71.42 -43.02 95.93
CA SER ZE 22 -72.55 -42.20 95.50
C SER ZE 22 -72.32 -41.74 94.08
N LEU ZE 23 -73.43 -41.55 93.36
CA LEU ZE 23 -73.40 -41.16 91.95
C LEU ZE 23 -73.04 -39.68 91.85
N ARG ZE 24 -71.80 -39.41 91.43
CA ARG ZE 24 -71.35 -38.04 91.26
C ARG ZE 24 -71.68 -37.50 89.87
N SER ZE 25 -71.48 -38.26 88.79
CA SER ZE 25 -71.85 -37.73 87.48
C SER ZE 25 -72.38 -38.82 86.59
N GLN ZE 26 -73.14 -38.40 85.58
CA GLN ZE 26 -73.60 -39.29 84.52
C GLN ZE 26 -73.76 -38.43 83.27
N ASN ZE 27 -73.07 -38.82 82.20
CA ASN ZE 27 -72.99 -38.01 81.00
C ASN ZE 27 -72.62 -38.91 79.82
N GLY ZE 28 -73.41 -38.82 78.75
CA GLY ZE 28 -73.07 -39.45 77.49
C GLY ZE 28 -72.77 -40.93 77.62
N ASN ZE 29 -73.78 -41.69 78.05
CA ASN ZE 29 -73.63 -43.11 78.32
C ASN ZE 29 -72.37 -43.38 79.16
N ASN ZE 30 -72.17 -42.55 80.16
CA ASN ZE 30 -71.02 -42.69 81.03
C ASN ZE 30 -71.51 -42.41 82.44
N VAL ZE 31 -71.00 -43.17 83.42
CA VAL ZE 31 -71.48 -43.11 84.80
C VAL ZE 31 -70.28 -43.13 85.74
N ASP ZE 32 -70.21 -42.16 86.66
CA ASP ZE 32 -69.06 -41.99 87.55
C ASP ZE 32 -69.52 -41.89 88.99
N TYR ZE 33 -69.03 -42.80 89.83
CA TYR ZE 33 -69.31 -42.87 91.25
C TYR ZE 33 -68.06 -42.51 92.05
N VAL ZE 34 -68.28 -41.96 93.24
CA VAL ZE 34 -67.17 -41.66 94.17
C VAL ZE 34 -67.44 -42.34 95.50
N CYS ZE 35 -66.38 -42.76 96.17
CA CYS ZE 35 -66.50 -43.46 97.43
C CYS ZE 35 -66.74 -42.47 98.57
N THR ZE 36 -67.75 -42.75 99.39
CA THR ZE 36 -68.19 -41.86 100.46
C THR ZE 36 -67.54 -42.20 101.80
N ASP ZE 37 -66.72 -43.23 101.86
CA ASP ZE 37 -66.14 -43.69 103.12
C ASP ZE 37 -65.00 -42.77 103.53
N PRO ZE 38 -64.51 -42.91 104.77
CA PRO ZE 38 -63.38 -42.08 105.19
C PRO ZE 38 -62.09 -42.39 104.47
N ASP ZE 39 -61.92 -43.62 103.97
CA ASP ZE 39 -60.65 -43.98 103.32
C ASP ZE 39 -60.47 -43.30 101.96
N SER ZE 40 -61.52 -42.74 101.37
CA SER ZE 40 -61.39 -41.95 100.15
C SER ZE 40 -61.41 -40.48 100.53
N THR ZE 41 -60.32 -39.80 100.27
CA THR ZE 41 -60.20 -38.36 100.47
C THR ZE 41 -60.22 -37.66 99.12
N LEU ZE 42 -60.24 -36.34 99.15
CA LEU ZE 42 -60.15 -35.58 97.92
C LEU ZE 42 -58.84 -35.86 97.21
N SER ZE 43 -57.76 -35.96 97.98
CA SER ZE 43 -56.44 -36.10 97.36
C SER ZE 43 -56.23 -37.52 96.85
N ALA ZE 44 -56.79 -38.50 97.55
CA ALA ZE 44 -56.63 -39.91 97.22
C ALA ZE 44 -58.00 -40.59 97.29
N PRO ZE 45 -58.79 -40.50 96.23
CA PRO ZE 45 -60.18 -40.97 96.29
C PRO ZE 45 -60.33 -42.41 95.84
N GLY ZE 46 -61.52 -42.95 96.06
CA GLY ZE 46 -61.97 -44.19 95.45
C GLY ZE 46 -63.03 -43.87 94.43
N LEU ZE 47 -62.90 -44.47 93.24
CA LEU ZE 47 -63.70 -44.03 92.10
C LEU ZE 47 -64.19 -45.22 91.29
N ILE ZE 48 -65.34 -45.04 90.64
CA ILE ZE 48 -65.87 -46.03 89.70
C ILE ZE 48 -66.32 -45.32 88.44
N ASN ZE 49 -66.07 -45.96 87.30
CA ASN ZE 49 -66.39 -45.46 85.97
C ASN ZE 49 -67.03 -46.57 85.15
N ALA ZE 50 -68.02 -46.22 84.33
CA ALA ZE 50 -68.68 -47.21 83.47
C ALA ZE 50 -69.19 -46.56 82.19
N LYS ZE 51 -68.76 -47.08 81.04
CA LYS ZE 51 -69.06 -46.55 79.71
C LYS ZE 51 -69.74 -47.61 78.84
N PHE ZE 52 -70.54 -47.13 77.89
CA PHE ZE 52 -71.19 -47.96 76.88
C PHE ZE 52 -70.78 -47.50 75.50
N ASP ZE 53 -70.08 -48.36 74.76
CA ASP ZE 53 -69.90 -48.19 73.32
C ASP ZE 53 -71.02 -48.97 72.65
N ILE ZE 54 -72.08 -48.27 72.26
CA ILE ZE 54 -73.23 -48.90 71.63
C ILE ZE 54 -73.14 -48.67 70.13
N LYS ZE 55 -73.00 -49.77 69.39
CA LYS ZE 55 -72.91 -49.71 67.94
C LYS ZE 55 -74.28 -49.42 67.35
N ALA ZE 56 -74.27 -48.87 66.13
CA ALA ZE 56 -75.48 -48.63 65.35
C ALA ZE 56 -76.27 -49.93 65.20
N PRO ZE 57 -77.59 -49.85 65.02
CA PRO ZE 57 -78.38 -51.08 64.86
C PRO ZE 57 -77.85 -51.93 63.72
N GLY ZE 58 -77.95 -53.23 63.89
CA GLY ZE 58 -77.41 -54.14 62.91
C GLY ZE 58 -77.09 -55.47 63.53
N ILE ZE 59 -76.87 -56.45 62.67
CA ILE ZE 59 -76.57 -57.79 63.12
C ILE ZE 59 -75.06 -58.02 63.22
N THR ZE 60 -74.25 -57.07 62.77
CA THR ZE 60 -72.81 -57.18 62.76
C THR ZE 60 -72.20 -56.26 63.81
N GLY ZE 61 -71.04 -56.66 64.32
CA GLY ZE 61 -70.30 -55.86 65.28
C GLY ZE 61 -70.45 -56.37 66.69
N ASN ZE 62 -69.68 -55.73 67.58
CA ASN ZE 62 -69.75 -55.99 69.02
C ASN ZE 62 -70.12 -54.70 69.74
N ASP ZE 63 -71.04 -54.80 70.70
CA ASP ZE 63 -71.26 -53.77 71.70
C ASP ZE 63 -70.23 -53.91 72.82
N ARG ZE 64 -69.89 -52.80 73.48
CA ARG ZE 64 -68.86 -52.89 74.50
C ARG ZE 64 -69.24 -52.15 75.77
N ILE ZE 65 -68.88 -52.74 76.90
CA ILE ZE 65 -69.04 -52.16 78.24
C ILE ZE 65 -67.64 -51.98 78.82
N HIS ZE 66 -67.38 -50.80 79.37
CA HIS ZE 66 -66.12 -50.53 80.05
C HIS ZE 66 -66.40 -50.15 81.50
N ALA ZE 67 -65.60 -50.67 82.41
CA ALA ZE 67 -65.78 -50.39 83.83
C ALA ZE 67 -64.43 -50.30 84.50
N ASN ZE 68 -64.29 -49.35 85.42
CA ASN ZE 68 -63.03 -49.14 86.12
C ASN ZE 68 -63.30 -48.88 87.59
N LEU ZE 69 -62.66 -49.65 88.46
CA LEU ZE 69 -62.75 -49.47 89.90
C LEU ZE 69 -61.36 -49.13 90.42
N ARG ZE 70 -61.20 -47.92 90.95
CA ARG ZE 70 -59.92 -47.32 91.29
C ARG ZE 70 -59.85 -46.98 92.77
N LYS ZE 71 -58.65 -47.11 93.33
CA LYS ZE 71 -58.33 -46.52 94.61
C LYS ZE 71 -56.97 -45.83 94.48
N VAL ZE 72 -56.93 -44.54 94.81
CA VAL ZE 72 -55.70 -43.76 94.76
C VAL ZE 72 -55.04 -43.82 96.13
N VAL ZE 73 -53.71 -43.87 96.14
CA VAL ZE 73 -52.96 -43.87 97.38
C VAL ZE 73 -51.79 -42.91 97.22
N LEU ZE 74 -51.47 -42.18 98.29
CA LEU ZE 74 -50.41 -41.20 98.30
C LEU ZE 74 -49.14 -41.80 98.90
N ASP ZE 75 -47.99 -41.44 98.33
CA ASP ZE 75 -46.70 -41.85 98.88
C ASP ZE 75 -46.48 -41.22 100.25
N GLU ZE 76 -45.90 -42.02 101.16
CA GLU ZE 76 -45.70 -41.53 102.52
C GLU ZE 76 -44.80 -40.31 102.54
N LYS ZE 77 -43.73 -40.32 101.76
CA LYS ZE 77 -42.75 -39.23 101.77
C LYS ZE 77 -43.11 -38.17 100.72
N THR ZE 78 -43.20 -38.58 99.45
CA THR ZE 78 -43.35 -37.62 98.37
C THR ZE 78 -44.78 -37.12 98.19
N ASN ZE 79 -45.77 -37.80 98.77
CA ASN ZE 79 -47.19 -37.49 98.59
C ASN ZE 79 -47.63 -37.54 97.13
N LEU ZE 80 -46.82 -38.13 96.26
CA LEU ZE 80 -47.21 -38.37 94.88
C LEU ZE 80 -48.25 -39.47 94.83
N PRO ZE 81 -49.29 -39.32 94.04
CA PRO ZE 81 -50.34 -40.33 94.00
C PRO ZE 81 -50.02 -41.42 92.99
N SER ZE 82 -50.18 -42.68 93.40
CA SER ZE 82 -50.28 -43.77 92.44
C SER ZE 82 -51.58 -44.51 92.71
N THR ZE 83 -52.15 -45.07 91.66
CA THR ZE 83 -53.50 -45.61 91.72
C THR ZE 83 -53.53 -47.09 91.35
N GLY ZE 84 -54.31 -47.85 92.11
CA GLY ZE 84 -54.52 -49.27 91.84
C GLY ZE 84 -55.93 -49.46 91.31
N SER ZE 85 -56.08 -50.37 90.35
CA SER ZE 85 -57.34 -50.41 89.63
C SER ZE 85 -57.65 -51.78 89.05
N VAL ZE 86 -58.92 -52.16 89.13
CA VAL ZE 86 -59.46 -53.31 88.41
C VAL ZE 86 -60.38 -52.78 87.32
N THR ZE 87 -60.06 -53.09 86.06
CA THR ZE 87 -60.85 -52.61 84.95
C THR ZE 87 -61.35 -53.79 84.09
N ILE ZE 88 -62.58 -53.67 83.61
CA ILE ZE 88 -63.29 -54.74 82.93
C ILE ZE 88 -63.78 -54.23 81.58
N GLN ZE 89 -63.61 -55.03 80.54
CA GLN ZE 89 -64.21 -54.80 79.24
C GLN ZE 89 -65.07 -56.00 78.86
N VAL ZE 90 -66.35 -55.76 78.60
CA VAL ZE 90 -67.28 -56.77 78.15
C VAL ZE 90 -67.58 -56.50 76.67
N SER ZE 91 -67.40 -57.52 75.83
CA SER ZE 91 -67.65 -57.40 74.40
C SER ZE 91 -68.74 -58.40 74.03
N ILE ZE 92 -69.92 -57.88 73.65
CA ILE ZE 92 -71.13 -58.63 73.38
C ILE ZE 92 -71.39 -58.59 71.88
N PRO ZE 93 -71.26 -59.70 71.16
CA PRO ZE 93 -71.57 -59.71 69.73
C PRO ZE 93 -73.06 -59.53 69.46
N ARG ZE 94 -73.36 -59.22 68.20
CA ARG ZE 94 -74.73 -58.98 67.78
C ARG ZE 94 -75.32 -60.09 66.92
N ASN ZE 95 -74.52 -61.08 66.52
CA ASN ZE 95 -75.07 -62.27 65.87
C ASN ZE 95 -76.11 -62.90 66.78
N PRO ZE 96 -77.34 -63.16 66.29
CA PRO ZE 96 -78.38 -63.72 67.17
C PRO ZE 96 -77.98 -65.03 67.81
N ALA ZE 97 -76.88 -65.62 67.38
CA ALA ZE 97 -76.34 -66.82 68.00
C ALA ZE 97 -75.65 -66.53 69.33
N TRP ZE 98 -75.70 -65.28 69.81
CA TRP ZE 98 -75.22 -64.92 71.14
C TRP ZE 98 -76.42 -64.60 72.03
N ASN ZE 99 -76.24 -64.78 73.34
CA ASN ZE 99 -77.31 -64.55 74.30
C ASN ZE 99 -76.82 -63.71 75.47
N ALA ZE 100 -77.76 -62.93 76.02
CA ALA ZE 100 -77.53 -62.34 77.32
C ALA ZE 100 -77.14 -63.40 78.34
N SER ZE 101 -77.66 -64.62 78.20
CA SER ZE 101 -77.27 -65.70 79.10
C SER ZE 101 -75.79 -65.99 78.98
N MET ZE 102 -75.25 -65.93 77.76
CA MET ZE 102 -73.83 -66.17 77.56
C MET ZE 102 -73.00 -65.03 78.14
N THR ZE 103 -73.47 -63.79 77.97
CA THR ZE 103 -72.82 -62.65 78.61
C THR ZE 103 -72.74 -62.85 80.12
N VAL ZE 104 -73.89 -63.17 80.74
CA VAL ZE 104 -73.94 -63.34 82.18
C VAL ZE 104 -73.07 -64.52 82.60
N SER ZE 105 -73.03 -65.58 81.79
CA SER ZE 105 -72.19 -66.73 82.14
C SER ZE 105 -70.72 -66.34 82.19
N LEU ZE 106 -70.27 -65.57 81.20
CA LEU ZE 106 -68.88 -65.10 81.23
C LEU ZE 106 -68.63 -64.21 82.44
N LEU ZE 107 -69.58 -63.32 82.76
CA LEU ZE 107 -69.39 -62.46 83.94
C LEU ZE 107 -69.25 -63.29 85.21
N LYS ZE 108 -70.14 -64.28 85.38
CA LYS ZE 108 -70.10 -65.11 86.58
C LYS ZE 108 -68.82 -65.92 86.66
N GLN ZE 109 -68.35 -66.43 85.52
CA GLN ZE 109 -67.11 -67.22 85.52
C GLN ZE 109 -65.91 -66.33 85.86
N ALA ZE 110 -65.87 -65.12 85.31
CA ALA ZE 110 -64.81 -64.20 85.67
C ALA ZE 110 -64.84 -63.87 87.15
N ALA ZE 111 -66.03 -63.65 87.70
CA ALA ZE 111 -66.15 -63.40 89.13
C ALA ZE 111 -65.63 -64.58 89.93
N ASP ZE 112 -65.95 -65.81 89.52
CA ASP ZE 112 -65.47 -66.98 90.23
C ASP ZE 112 -63.95 -67.09 90.15
N TYR ZE 113 -63.38 -66.86 88.96
CA TYR ZE 113 -61.98 -67.17 88.75
C TYR ZE 113 -61.03 -66.09 89.26
N LEU ZE 114 -61.44 -64.81 89.20
CA LEU ZE 114 -60.57 -63.75 89.66
C LEU ZE 114 -60.95 -63.17 91.01
N ALA ZE 115 -62.20 -63.34 91.44
CA ALA ZE 115 -62.62 -62.85 92.74
C ALA ZE 115 -63.04 -63.95 93.70
N GLY ZE 116 -63.35 -65.14 93.21
CA GLY ZE 116 -63.76 -66.23 94.08
C GLY ZE 116 -65.07 -65.98 94.79
N THR ZE 117 -66.10 -65.58 94.04
CA THR ZE 117 -67.38 -65.20 94.62
C THR ZE 117 -68.58 -65.93 94.02
N SER ZE 118 -68.36 -66.93 93.17
CA SER ZE 118 -69.47 -67.66 92.55
C SER ZE 118 -70.44 -68.24 93.59
N ALA ZE 119 -71.66 -68.49 93.14
CA ALA ZE 119 -72.65 -69.20 93.94
C ALA ZE 119 -72.22 -70.65 94.14
N THR ZE 120 -72.88 -71.32 95.10
CA THR ZE 120 -72.50 -72.68 95.45
C THR ZE 120 -73.16 -73.69 94.51
N VAL ZE 121 -72.33 -74.56 93.93
CA VAL ZE 121 -72.77 -75.64 93.05
C VAL ZE 121 -71.90 -76.85 93.37
N SER ZE 122 -72.53 -78.03 93.39
CA SER ZE 122 -71.81 -79.27 93.66
C SER ZE 122 -70.70 -79.47 92.63
N GLY ZE 123 -69.50 -79.73 93.12
CA GLY ZE 123 -68.38 -79.97 92.25
C GLY ZE 123 -67.63 -78.74 91.78
N GLN ZE 124 -67.92 -77.56 92.34
CA GLN ZE 124 -67.23 -76.37 91.87
C GLN ZE 124 -65.84 -76.36 92.48
N THR ZE 125 -64.87 -75.77 91.77
CA THR ZE 125 -63.56 -75.66 92.39
C THR ZE 125 -63.56 -74.54 93.41
N ASP ZE 126 -62.83 -74.76 94.50
CA ASP ZE 126 -62.75 -73.78 95.58
C ASP ZE 126 -61.89 -72.61 95.13
N THR ZE 127 -62.53 -71.48 94.90
CA THR ZE 127 -61.87 -70.28 94.40
C THR ZE 127 -61.66 -69.23 95.48
N SER ZE 128 -61.89 -69.59 96.74
CA SER ZE 128 -61.83 -68.62 97.83
C SER ZE 128 -60.47 -67.96 97.92
N GLY ZE 129 -59.40 -68.72 97.75
CA GLY ZE 129 -58.06 -68.18 97.86
C GLY ZE 129 -57.50 -67.61 96.58
N PHE ZE 130 -58.26 -67.72 95.50
CA PHE ZE 130 -57.77 -67.20 94.22
C PHE ZE 130 -57.53 -65.69 94.23
N PRO ZE 131 -58.40 -64.84 94.79
CA PRO ZE 131 -58.05 -63.41 94.81
C PRO ZE 131 -56.76 -63.12 95.55
N ALA ZE 132 -56.51 -63.82 96.64
CA ALA ZE 132 -55.23 -63.69 97.33
C ALA ZE 132 -54.07 -64.07 96.43
N LYS ZE 133 -54.18 -65.23 95.76
CA LYS ZE 133 -53.10 -65.65 94.87
C LYS ZE 133 -52.88 -64.65 93.73
N TRP ZE 134 -53.97 -64.09 93.20
CA TRP ZE 134 -53.82 -63.09 92.15
C TRP ZE 134 -53.10 -61.85 92.67
N ALA ZE 135 -53.54 -61.35 93.83
CA ALA ZE 135 -52.90 -60.18 94.42
C ALA ZE 135 -51.43 -60.42 94.67
N GLY ZE 136 -51.03 -61.68 94.88
CA GLY ZE 136 -49.63 -62.03 94.94
C GLY ZE 136 -48.96 -62.31 93.61
N LEU ZE 137 -49.66 -62.10 92.49
CA LEU ZE 137 -49.15 -62.43 91.15
C LEU ZE 137 -48.76 -63.91 91.06
N MET ZE 138 -49.72 -64.77 91.39
CA MET ZE 138 -49.53 -66.21 91.32
C MET ZE 138 -50.75 -66.81 90.62
N PHE ZE 139 -50.51 -67.64 89.62
CA PHE ZE 139 -51.62 -68.29 88.95
C PHE ZE 139 -52.27 -69.29 89.91
N PRO ZE 140 -53.60 -69.30 90.02
CA PRO ZE 140 -54.36 -70.24 90.85
C PRO ZE 140 -54.12 -71.68 90.45
N ALA AF 1 -5.32 -49.88 -116.69
CA ALA AF 1 -3.92 -49.56 -116.95
C ALA AF 1 -3.21 -50.68 -117.71
N ALA AF 2 -2.23 -50.30 -118.52
CA ALA AF 2 -1.47 -51.27 -119.28
C ALA AF 2 -0.62 -52.14 -118.34
N PRO AF 3 -0.49 -53.44 -118.62
CA PRO AF 3 0.27 -54.30 -117.71
C PRO AF 3 1.76 -54.09 -117.79
N SER AF 4 2.27 -53.60 -118.92
CA SER AF 4 3.70 -53.42 -119.09
C SER AF 4 3.94 -52.40 -120.20
N LEU AF 5 5.14 -51.82 -120.17
CA LEU AF 5 5.50 -50.72 -121.05
C LEU AF 5 6.94 -50.89 -121.52
N ALA AF 6 7.19 -50.53 -122.77
CA ALA AF 6 8.54 -50.46 -123.30
C ALA AF 6 8.71 -49.02 -123.81
N LEU AF 7 9.25 -48.16 -122.96
CA LEU AF 7 9.37 -46.75 -123.27
C LEU AF 7 10.75 -46.50 -123.87
N VAL AF 8 10.88 -45.47 -124.69
CA VAL AF 8 12.16 -45.12 -125.30
C VAL AF 8 12.87 -44.10 -124.42
N GLY AF 9 14.12 -44.39 -124.07
CA GLY AF 9 15.00 -43.48 -123.37
C GLY AF 9 16.36 -43.45 -124.05
N ALA AF 10 17.38 -43.12 -123.27
CA ALA AF 10 18.74 -42.98 -123.81
C ALA AF 10 19.75 -43.68 -122.92
N ASN AF 11 20.74 -44.29 -123.55
CA ASN AF 11 21.85 -44.95 -122.86
C ASN AF 11 22.94 -43.91 -122.59
N SER AF 12 24.12 -44.39 -122.18
CA SER AF 12 25.23 -43.47 -121.92
C SER AF 12 25.70 -42.77 -123.19
N THR AF 13 25.50 -43.39 -124.36
CA THR AF 13 25.81 -42.78 -125.66
C THR AF 13 24.73 -41.79 -126.10
N LEU AF 14 23.60 -41.75 -125.40
CA LEU AF 14 22.39 -41.03 -125.80
C LEU AF 14 21.71 -41.63 -127.03
N ALA AF 15 22.04 -42.87 -127.36
CA ALA AF 15 21.32 -43.58 -128.39
C ALA AF 15 19.98 -44.08 -127.83
N SER AF 16 18.98 -44.14 -128.71
CA SER AF 16 17.64 -44.53 -128.29
C SER AF 16 17.63 -45.99 -127.83
N THR AF 17 17.24 -46.21 -126.58
CA THR AF 17 17.26 -47.52 -125.96
C THR AF 17 15.92 -47.79 -125.30
N LEU AF 18 15.47 -49.05 -125.35
CA LEU AF 18 14.24 -49.37 -124.62
C LEU AF 18 14.51 -49.45 -123.13
N VAL AF 19 13.49 -49.08 -122.37
CA VAL AF 19 13.46 -49.22 -120.93
C VAL AF 19 12.11 -49.81 -120.55
N ASN AF 20 12.15 -50.93 -119.83
CA ASN AF 20 10.99 -51.79 -119.64
C ASN AF 20 10.42 -51.58 -118.25
N TYR AF 21 9.13 -51.24 -118.20
CA TYR AF 21 8.40 -51.11 -116.96
C TYR AF 21 7.30 -52.17 -116.92
N SER AF 22 6.93 -52.59 -115.72
CA SER AF 22 5.79 -53.48 -115.53
C SER AF 22 4.95 -52.95 -114.38
N LEU AF 23 3.65 -53.24 -114.45
CA LEU AF 23 2.70 -52.68 -113.49
C LEU AF 23 2.91 -53.30 -112.12
N ARG AF 24 3.39 -52.48 -111.18
CA ARG AF 24 3.42 -52.91 -109.78
C ARG AF 24 2.03 -52.94 -109.20
N SER AF 25 1.32 -51.80 -109.20
CA SER AF 25 0.01 -51.80 -108.58
C SER AF 25 -0.86 -50.69 -109.13
N GLN AF 26 -2.15 -50.98 -109.28
CA GLN AF 26 -3.15 -49.96 -109.59
C GLN AF 26 -4.00 -49.75 -108.35
N ASN AF 27 -3.93 -48.55 -107.81
CA ASN AF 27 -4.89 -48.01 -106.86
C ASN AF 27 -5.93 -47.22 -107.65
N GLY AF 28 -7.02 -46.83 -106.99
CA GLY AF 28 -8.06 -46.10 -107.68
C GLY AF 28 -7.58 -44.77 -108.22
N ASN AF 29 -7.56 -44.64 -109.55
CA ASN AF 29 -7.02 -43.46 -110.22
C ASN AF 29 -5.56 -43.24 -109.87
N ASN AF 30 -4.82 -44.33 -109.67
CA ASN AF 30 -3.41 -44.22 -109.36
C ASN AF 30 -2.70 -45.47 -109.88
N VAL AF 31 -1.53 -45.29 -110.48
CA VAL AF 31 -0.83 -46.40 -111.12
C VAL AF 31 0.66 -46.29 -110.79
N ASP AF 32 1.26 -47.44 -110.41
CA ASP AF 32 2.67 -47.52 -110.08
C ASP AF 32 3.31 -48.62 -110.93
N TYR AF 33 4.30 -48.22 -111.74
CA TYR AF 33 5.11 -49.10 -112.56
C TYR AF 33 6.54 -49.15 -112.04
N VAL AF 34 7.22 -50.28 -112.29
CA VAL AF 34 8.58 -50.52 -111.86
C VAL AF 34 9.41 -50.98 -113.05
N CYS AF 35 10.66 -50.55 -113.10
CA CYS AF 35 11.54 -50.92 -114.20
C CYS AF 35 12.05 -52.35 -113.99
N THR AF 36 11.93 -53.17 -115.04
CA THR AF 36 12.29 -54.58 -115.00
C THR AF 36 13.64 -54.87 -115.63
N ASP AF 37 14.42 -53.84 -115.94
CA ASP AF 37 15.75 -54.04 -116.51
C ASP AF 37 16.72 -54.37 -115.40
N PRO AF 38 17.92 -54.82 -115.74
CA PRO AF 38 18.98 -54.92 -114.73
C PRO AF 38 19.42 -53.58 -114.16
N ASP AF 39 19.09 -52.47 -114.85
CA ASP AF 39 19.46 -51.14 -114.35
C ASP AF 39 18.83 -50.85 -113.00
N SER AF 40 17.56 -51.21 -112.82
CA SER AF 40 16.87 -50.99 -111.56
C SER AF 40 16.92 -52.27 -110.73
N THR AF 41 17.14 -52.08 -109.43
CA THR AF 41 17.01 -53.10 -108.41
C THR AF 41 16.08 -52.54 -107.34
N LEU AF 42 15.67 -53.40 -106.41
CA LEU AF 42 14.85 -52.90 -105.31
C LEU AF 42 15.58 -51.83 -104.53
N SER AF 43 16.92 -51.95 -104.41
CA SER AF 43 17.69 -50.97 -103.65
C SER AF 43 17.73 -49.62 -104.36
N ALA AF 44 17.86 -49.63 -105.68
CA ALA AF 44 17.93 -48.39 -106.47
C ALA AF 44 17.04 -48.55 -107.70
N PRO AF 45 15.73 -48.35 -107.54
CA PRO AF 45 14.77 -48.68 -108.60
C PRO AF 45 14.55 -47.55 -109.59
N GLY AF 46 13.96 -47.93 -110.72
CA GLY AF 46 13.35 -46.99 -111.65
C GLY AF 46 11.83 -47.14 -111.54
N LEU AF 47 11.15 -46.00 -111.44
CA LEU AF 47 9.75 -46.02 -111.03
C LEU AF 47 8.93 -45.03 -111.85
N ILE AF 48 7.65 -45.33 -112.01
CA ILE AF 48 6.70 -44.43 -112.63
C ILE AF 48 5.43 -44.40 -111.79
N ASN AF 49 4.85 -43.21 -111.65
CA ASN AF 49 3.63 -42.99 -110.88
C ASN AF 49 2.72 -42.06 -111.67
N ALA AF 50 1.42 -42.40 -111.72
CA ALA AF 50 0.44 -41.58 -112.43
C ALA AF 50 -0.85 -41.48 -111.63
N LYS AF 51 -1.33 -40.26 -111.42
CA LYS AF 51 -2.45 -39.96 -110.55
C LYS AF 51 -3.44 -39.06 -111.27
N PHE AF 52 -4.70 -39.14 -110.85
CA PHE AF 52 -5.80 -38.35 -111.41
C PHE AF 52 -6.53 -37.63 -110.29
N ASP AF 53 -6.38 -36.31 -110.25
CA ASP AF 53 -7.18 -35.44 -109.37
C ASP AF 53 -8.41 -35.01 -110.16
N ILE AF 54 -9.50 -35.74 -110.00
CA ILE AF 54 -10.74 -35.49 -110.72
C ILE AF 54 -11.74 -34.91 -109.73
N LYS AF 55 -12.19 -33.68 -110.00
CA LYS AF 55 -13.12 -33.01 -109.11
C LYS AF 55 -14.52 -33.58 -109.29
N ALA AF 56 -15.38 -33.31 -108.32
CA ALA AF 56 -16.76 -33.78 -108.37
C ALA AF 56 -17.43 -33.28 -109.65
N PRO AF 57 -18.33 -34.06 -110.23
CA PRO AF 57 -18.93 -33.66 -111.52
C PRO AF 57 -19.73 -32.36 -111.45
N GLY AF 58 -20.35 -32.05 -110.32
CA GLY AF 58 -21.05 -30.78 -110.21
C GLY AF 58 -20.09 -29.59 -110.17
N ILE AF 59 -18.96 -29.73 -109.47
CA ILE AF 59 -18.03 -28.63 -109.25
C ILE AF 59 -17.27 -28.33 -110.54
N THR AF 60 -17.11 -27.05 -110.85
CA THR AF 60 -16.20 -26.62 -111.90
C THR AF 60 -14.83 -26.30 -111.29
N GLY AF 61 -13.79 -26.78 -111.94
CA GLY AF 61 -12.43 -26.48 -111.56
C GLY AF 61 -11.54 -26.93 -112.69
N ASN AF 62 -10.32 -27.32 -112.33
CA ASN AF 62 -9.42 -27.98 -113.26
C ASN AF 62 -9.25 -29.43 -112.82
N ASP AF 63 -9.39 -30.36 -113.77
CA ASP AF 63 -8.95 -31.72 -113.55
C ASP AF 63 -7.44 -31.79 -113.72
N ARG AF 64 -6.79 -32.68 -112.96
CA ARG AF 64 -5.33 -32.71 -112.94
C ARG AF 64 -4.78 -34.11 -113.14
N ILE AF 65 -3.66 -34.19 -113.85
CA ILE AF 65 -2.90 -35.42 -114.04
C ILE AF 65 -1.52 -35.19 -113.44
N HIS AF 66 -1.06 -36.13 -112.60
CA HIS AF 66 0.26 -36.06 -111.99
C HIS AF 66 1.07 -37.28 -112.42
N ALA AF 67 2.17 -37.05 -113.12
CA ALA AF 67 3.05 -38.13 -113.54
C ALA AF 67 4.45 -37.90 -112.98
N ASN AF 68 5.12 -39.00 -112.67
CA ASN AF 68 6.45 -38.93 -112.06
C ASN AF 68 7.28 -40.11 -112.56
N LEU AF 69 8.42 -39.81 -113.18
CA LEU AF 69 9.36 -40.82 -113.66
C LEU AF 69 10.68 -40.63 -112.92
N ARG AF 70 11.08 -41.65 -112.15
CA ARG AF 70 12.18 -41.56 -111.22
C ARG AF 70 13.23 -42.62 -111.55
N LYS AF 71 14.49 -42.29 -111.26
CA LYS AF 71 15.57 -43.26 -111.21
C LYS AF 71 16.39 -42.98 -109.96
N VAL AF 72 16.50 -43.98 -109.09
CA VAL AF 72 17.31 -43.87 -107.87
C VAL AF 72 18.72 -44.33 -108.19
N VAL AF 73 19.71 -43.67 -107.61
CA VAL AF 73 21.10 -44.06 -107.79
C VAL AF 73 21.77 -44.07 -106.41
N LEU AF 74 22.71 -44.98 -106.24
CA LEU AF 74 23.45 -45.13 -104.99
C LEU AF 74 24.83 -44.50 -105.11
N ASP AF 75 25.26 -43.81 -104.06
CA ASP AF 75 26.61 -43.27 -104.02
C ASP AF 75 27.61 -44.40 -103.95
N GLU AF 76 28.68 -44.29 -104.76
CA GLU AF 76 29.73 -45.32 -104.72
C GLU AF 76 30.32 -45.44 -103.33
N LYS AF 77 30.63 -44.31 -102.70
CA LYS AF 77 31.33 -44.36 -101.42
C LYS AF 77 30.37 -44.67 -100.26
N THR AF 78 29.20 -44.02 -100.20
CA THR AF 78 28.34 -44.16 -99.02
C THR AF 78 27.12 -45.06 -99.23
N ASN AF 79 26.84 -45.48 -100.46
CA ASN AF 79 25.64 -46.24 -100.81
C ASN AF 79 24.36 -45.53 -100.40
N LEU AF 80 24.44 -44.23 -100.10
CA LEU AF 80 23.26 -43.45 -99.82
C LEU AF 80 22.51 -43.16 -101.12
N PRO AF 81 21.20 -43.26 -101.11
CA PRO AF 81 20.46 -43.08 -102.36
C PRO AF 81 20.07 -41.64 -102.59
N SER AF 82 20.33 -41.14 -103.79
CA SER AF 82 19.71 -39.92 -104.24
C SER AF 82 19.02 -40.20 -105.57
N THR AF 83 17.94 -39.48 -105.82
CA THR AF 83 17.05 -39.82 -106.91
C THR AF 83 16.94 -38.66 -107.90
N GLY AF 84 16.79 -39.00 -109.17
CA GLY AF 84 16.58 -38.02 -110.22
C GLY AF 84 15.24 -38.27 -110.88
N SER AF 85 14.52 -37.19 -111.19
CA SER AF 85 13.12 -37.38 -111.56
C SER AF 85 12.63 -36.32 -112.54
N VAL AF 86 11.68 -36.73 -113.38
CA VAL AF 86 10.90 -35.81 -114.21
C VAL AF 86 9.44 -35.95 -113.80
N THR AF 87 8.84 -34.85 -113.33
CA THR AF 87 7.46 -34.82 -112.93
C THR AF 87 6.66 -33.89 -113.85
N ILE AF 88 5.41 -34.26 -114.08
CA ILE AF 88 4.56 -33.59 -115.06
C ILE AF 88 3.19 -33.38 -114.43
N GLN AF 89 2.65 -32.19 -114.57
CA GLN AF 89 1.31 -31.90 -114.07
C GLN AF 89 0.50 -31.31 -115.22
N VAL AF 90 -0.59 -31.96 -115.57
CA VAL AF 90 -1.47 -31.51 -116.63
C VAL AF 90 -2.74 -30.98 -115.97
N SER AF 91 -3.06 -29.71 -116.20
CA SER AF 91 -4.25 -29.07 -115.65
C SER AF 91 -5.19 -28.75 -116.81
N ILE AF 92 -6.31 -29.47 -116.85
CA ILE AF 92 -7.29 -29.41 -117.93
C ILE AF 92 -8.53 -28.72 -117.38
N PRO AF 93 -8.96 -27.58 -117.94
CA PRO AF 93 -10.17 -26.93 -117.45
C PRO AF 93 -11.46 -27.60 -117.92
N ARG AF 94 -12.49 -27.47 -117.08
CA ARG AF 94 -13.79 -28.08 -117.32
C ARG AF 94 -14.73 -27.21 -118.14
N ASN AF 95 -14.22 -26.27 -118.91
CA ASN AF 95 -15.01 -25.41 -119.78
C ASN AF 95 -15.05 -26.01 -121.19
N PRO AF 96 -16.22 -26.17 -121.80
CA PRO AF 96 -16.27 -26.72 -123.17
C PRO AF 96 -15.45 -25.95 -124.17
N ALA AF 97 -15.03 -24.74 -123.84
CA ALA AF 97 -14.14 -23.99 -124.71
C ALA AF 97 -12.74 -24.58 -124.77
N TRP AF 98 -12.45 -25.60 -123.95
CA TRP AF 98 -11.21 -26.36 -123.99
C TRP AF 98 -11.54 -27.77 -124.46
N ASN AF 99 -10.59 -28.41 -125.14
CA ASN AF 99 -10.85 -29.77 -125.60
C ASN AF 99 -9.56 -30.60 -125.61
N ALA AF 100 -9.76 -31.88 -125.91
CA ALA AF 100 -8.66 -32.82 -125.86
C ALA AF 100 -7.59 -32.49 -126.89
N SER AF 101 -7.98 -31.89 -128.02
CA SER AF 101 -6.98 -31.50 -129.01
C SER AF 101 -6.01 -30.47 -128.40
N MET AF 102 -6.53 -29.58 -127.56
CA MET AF 102 -5.67 -28.60 -126.91
C MET AF 102 -4.80 -29.24 -125.83
N THR AF 103 -5.38 -30.18 -125.06
CA THR AF 103 -4.57 -30.93 -124.11
C THR AF 103 -3.39 -31.61 -124.82
N VAL AF 104 -3.69 -32.32 -125.91
CA VAL AF 104 -2.66 -33.03 -126.65
C VAL AF 104 -1.66 -32.06 -127.26
N SER AF 105 -2.13 -30.89 -127.72
CA SER AF 105 -1.22 -29.92 -128.29
C SER AF 105 -0.21 -29.44 -127.26
N LEU AF 106 -0.66 -29.16 -126.03
CA LEU AF 106 0.29 -28.79 -124.99
C LEU AF 106 1.27 -29.92 -124.70
N LEU AF 107 0.77 -31.16 -124.64
CA LEU AF 107 1.68 -32.29 -124.40
C LEU AF 107 2.74 -32.38 -125.49
N LYS AF 108 2.33 -32.27 -126.76
CA LYS AF 108 3.26 -32.38 -127.87
C LYS AF 108 4.29 -31.26 -127.85
N GLN AF 109 3.85 -30.05 -127.52
CA GLN AF 109 4.77 -28.92 -127.50
C GLN AF 109 5.79 -29.07 -126.38
N ALA AF 110 5.33 -29.52 -125.20
CA ALA AF 110 6.27 -29.77 -124.11
C ALA AF 110 7.27 -30.85 -124.49
N ALA AF 111 6.80 -31.90 -125.17
CA ALA AF 111 7.71 -32.95 -125.63
C ALA AF 111 8.75 -32.38 -126.58
N ASP AF 112 8.32 -31.60 -127.57
CA ASP AF 112 9.26 -30.99 -128.50
C ASP AF 112 10.28 -30.12 -127.77
N TYR AF 113 9.83 -29.30 -126.83
CA TYR AF 113 10.71 -28.27 -126.28
C TYR AF 113 11.64 -28.80 -125.19
N LEU AF 114 11.25 -29.85 -124.46
CA LEU AF 114 12.11 -30.35 -123.40
C LEU AF 114 12.77 -31.69 -123.71
N ALA AF 115 12.19 -32.49 -124.61
CA ALA AF 115 12.80 -33.75 -125.00
C ALA AF 115 13.25 -33.77 -126.45
N GLY AF 116 12.76 -32.86 -127.28
CA GLY AF 116 13.15 -32.81 -128.67
C GLY AF 116 12.71 -34.03 -129.44
N THR AF 117 11.42 -34.38 -129.34
CA THR AF 117 10.90 -35.60 -129.97
C THR AF 117 9.67 -35.37 -130.84
N SER AF 118 9.34 -34.13 -131.16
CA SER AF 118 8.20 -33.83 -132.02
C SER AF 118 8.29 -34.57 -133.37
N ALA AF 119 7.12 -34.72 -134.01
CA ALA AF 119 7.05 -35.23 -135.37
C ALA AF 119 7.62 -34.22 -136.36
N THR AF 120 8.07 -34.72 -137.51
CA THR AF 120 8.69 -33.84 -138.49
C THR AF 120 7.62 -32.98 -139.15
N VAL AF 121 7.83 -31.66 -139.11
CA VAL AF 121 6.93 -30.65 -139.66
C VAL AF 121 7.80 -29.53 -140.20
N SER AF 122 7.57 -29.11 -141.44
CA SER AF 122 8.48 -28.16 -142.06
C SER AF 122 8.42 -26.82 -141.34
N GLY AF 123 9.59 -26.25 -141.08
CA GLY AF 123 9.69 -25.00 -140.36
C GLY AF 123 9.86 -25.14 -138.86
N GLN AF 124 9.83 -26.35 -138.33
CA GLN AF 124 10.06 -26.56 -136.90
C GLN AF 124 11.50 -26.25 -136.55
N THR AF 125 11.70 -25.71 -135.35
CA THR AF 125 13.05 -25.54 -134.87
C THR AF 125 13.65 -26.90 -134.53
N ASP AF 126 14.96 -27.03 -134.74
CA ASP AF 126 15.67 -28.28 -134.49
C ASP AF 126 15.86 -28.41 -132.99
N THR AF 127 15.00 -29.18 -132.36
CA THR AF 127 14.98 -29.36 -130.92
C THR AF 127 15.79 -30.55 -130.46
N SER AF 128 16.54 -31.18 -131.37
CA SER AF 128 17.23 -32.43 -131.04
C SER AF 128 18.23 -32.25 -129.91
N GLY AF 129 18.92 -31.11 -129.87
CA GLY AF 129 19.93 -30.88 -128.84
C GLY AF 129 19.40 -30.27 -127.57
N PHE AF 130 18.12 -29.92 -127.56
CA PHE AF 130 17.55 -29.28 -126.38
C PHE AF 130 17.63 -30.14 -125.13
N PRO AF 131 17.34 -31.46 -125.17
CA PRO AF 131 17.49 -32.23 -123.93
C PRO AF 131 18.90 -32.21 -123.38
N ALA AF 132 19.90 -32.26 -124.26
CA ALA AF 132 21.29 -32.10 -123.81
C ALA AF 132 21.48 -30.76 -123.12
N LYS AF 133 21.03 -29.67 -123.76
CA LYS AF 133 21.20 -28.35 -123.15
C LYS AF 133 20.49 -28.27 -121.81
N TRP AF 134 19.28 -28.82 -121.70
CA TRP AF 134 18.56 -28.79 -120.43
C TRP AF 134 19.34 -29.54 -119.36
N ALA AF 135 19.82 -30.76 -119.69
CA ALA AF 135 20.61 -31.54 -118.74
C ALA AF 135 21.89 -30.83 -118.35
N GLY AF 136 22.32 -29.85 -119.13
CA GLY AF 136 23.41 -28.99 -118.72
C GLY AF 136 23.02 -27.73 -117.99
N LEU AF 137 21.73 -27.55 -117.65
CA LEU AF 137 21.19 -26.31 -117.09
C LEU AF 137 21.51 -25.11 -117.99
N MET AF 138 21.19 -25.24 -119.27
CA MET AF 138 21.37 -24.20 -120.27
C MET AF 138 20.06 -24.01 -121.03
N PHE AF 139 19.63 -22.78 -121.17
CA PHE AF 139 18.43 -22.54 -121.97
C PHE AF 139 18.73 -22.80 -123.44
N PRO AF 140 17.85 -23.52 -124.16
CA PRO AF 140 18.03 -23.76 -125.59
C PRO AF 140 18.12 -22.46 -126.37
N ALA BF 1 -13.51 -56.62 -112.75
CA ALA BF 1 -14.62 -55.88 -113.34
C ALA BF 1 -14.50 -55.83 -114.87
N ALA BF 2 -15.65 -55.70 -115.54
CA ALA BF 2 -15.64 -55.65 -117.00
C ALA BF 2 -14.90 -54.40 -117.48
N PRO BF 3 -14.00 -54.54 -118.45
CA PRO BF 3 -13.24 -53.37 -118.90
C PRO BF 3 -14.08 -52.36 -119.68
N SER BF 4 -15.21 -52.77 -120.23
CA SER BF 4 -16.06 -51.84 -120.96
C SER BF 4 -17.48 -52.37 -120.97
N LEU BF 5 -18.43 -51.46 -121.21
CA LEU BF 5 -19.85 -51.76 -121.13
C LEU BF 5 -20.58 -51.05 -122.26
N ALA BF 6 -21.60 -51.71 -122.81
CA ALA BF 6 -22.50 -51.12 -123.79
C ALA BF 6 -23.91 -51.26 -123.23
N LEU BF 7 -24.37 -50.23 -122.53
CA LEU BF 7 -25.66 -50.29 -121.84
C LEU BF 7 -26.74 -49.67 -122.72
N VAL BF 8 -27.98 -50.06 -122.50
CA VAL BF 8 -29.10 -49.53 -123.26
C VAL BF 8 -29.72 -48.36 -122.51
N GLY BF 9 -29.86 -47.22 -123.20
CA GLY BF 9 -30.57 -46.08 -122.68
C GLY BF 9 -31.53 -45.57 -123.73
N ALA BF 10 -31.90 -44.29 -123.65
CA ALA BF 10 -32.88 -43.71 -124.56
C ALA BF 10 -32.33 -42.44 -125.19
N ASN BF 11 -32.59 -42.29 -126.50
CA ASN BF 11 -32.20 -41.08 -127.22
C ASN BF 11 -33.23 -39.98 -126.93
N SER BF 12 -33.15 -38.88 -127.67
CA SER BF 12 -34.10 -37.79 -127.47
C SER BF 12 -35.54 -38.22 -127.77
N THR BF 13 -35.73 -39.28 -128.55
CA THR BF 13 -37.05 -39.79 -128.90
C THR BF 13 -37.48 -40.95 -128.01
N LEU BF 14 -36.65 -41.34 -127.05
CA LEU BF 14 -36.88 -42.47 -126.15
C LEU BF 14 -36.72 -43.81 -126.84
N ALA BF 15 -36.09 -43.84 -128.01
CA ALA BF 15 -35.75 -45.10 -128.65
C ALA BF 15 -34.52 -45.72 -127.98
N SER BF 16 -34.50 -47.03 -127.91
CA SER BF 16 -33.39 -47.72 -127.28
C SER BF 16 -32.10 -47.47 -128.05
N THR BF 17 -31.10 -46.95 -127.35
CA THR BF 17 -29.83 -46.54 -127.95
C THR BF 17 -28.69 -47.02 -127.06
N LEU BF 18 -27.60 -47.47 -127.67
CA LEU BF 18 -26.46 -47.85 -126.85
C LEU BF 18 -25.75 -46.63 -126.27
N VAL BF 19 -25.19 -46.82 -125.09
CA VAL BF 19 -24.37 -45.85 -124.39
C VAL BF 19 -23.13 -46.58 -123.89
N ASN BF 20 -21.97 -46.09 -124.28
CA ASN BF 20 -20.72 -46.84 -124.14
C ASN BF 20 -19.91 -46.29 -122.98
N TYR BF 21 -19.58 -47.16 -122.04
CA TYR BF 21 -18.75 -46.83 -120.90
C TYR BF 21 -17.47 -47.66 -120.96
N SER BF 22 -16.41 -47.09 -120.40
CA SER BF 22 -15.13 -47.79 -120.26
C SER BF 22 -14.64 -47.63 -118.83
N LEU BF 23 -13.95 -48.66 -118.36
CA LEU BF 23 -13.50 -48.72 -116.96
C LEU BF 23 -12.32 -47.79 -116.76
N ARG BF 24 -12.50 -46.77 -115.92
CA ARG BF 24 -11.43 -45.81 -115.66
C ARG BF 24 -10.42 -46.36 -114.64
N SER BF 25 -10.91 -46.85 -113.50
CA SER BF 25 -10.04 -47.42 -112.48
C SER BF 25 -10.85 -48.31 -111.55
N GLN BF 26 -10.15 -48.96 -110.63
CA GLN BF 26 -10.79 -49.78 -109.60
C GLN BF 26 -10.04 -49.57 -108.28
N ASN BF 27 -10.75 -49.04 -107.29
CA ASN BF 27 -10.26 -48.77 -105.94
C ASN BF 27 -10.79 -49.85 -104.99
N GLY BF 28 -10.63 -49.63 -103.69
CA GLY BF 28 -11.14 -50.53 -102.68
C GLY BF 28 -12.64 -50.67 -102.78
N ASN BF 29 -13.08 -51.85 -103.19
CA ASN BF 29 -14.50 -52.23 -103.23
C ASN BF 29 -15.32 -51.24 -104.05
N ASN BF 30 -14.76 -50.76 -105.17
CA ASN BF 30 -15.52 -49.85 -106.01
C ASN BF 30 -15.00 -49.92 -107.44
N VAL BF 31 -15.75 -49.31 -108.34
CA VAL BF 31 -15.52 -49.36 -109.78
C VAL BF 31 -16.01 -48.05 -110.37
N ASP BF 32 -15.19 -47.47 -111.27
CA ASP BF 32 -15.47 -46.18 -111.88
C ASP BF 32 -15.45 -46.32 -113.40
N TYR BF 33 -16.59 -46.04 -114.05
CA TYR BF 33 -16.73 -46.07 -115.50
C TYR BF 33 -17.03 -44.68 -116.02
N VAL BF 34 -16.56 -44.42 -117.25
CA VAL BF 34 -16.72 -43.14 -117.93
C VAL BF 34 -17.34 -43.38 -119.30
N CYS BF 35 -18.22 -42.48 -119.72
CA CYS BF 35 -18.85 -42.61 -121.02
C CYS BF 35 -17.88 -42.19 -122.11
N THR BF 36 -17.78 -43.01 -123.17
CA THR BF 36 -16.83 -42.80 -124.25
C THR BF 36 -17.51 -42.30 -125.54
N ASP BF 37 -18.78 -41.96 -125.47
CA ASP BF 37 -19.48 -41.44 -126.62
C ASP BF 37 -19.02 -40.01 -126.90
N PRO BF 38 -19.35 -39.46 -128.07
CA PRO BF 38 -18.97 -38.07 -128.34
C PRO BF 38 -19.69 -37.05 -127.46
N ASP BF 39 -20.93 -37.33 -127.01
CA ASP BF 39 -21.69 -36.34 -126.25
C ASP BF 39 -21.16 -36.12 -124.84
N SER BF 40 -20.32 -37.02 -124.32
CA SER BF 40 -19.71 -36.84 -123.01
C SER BF 40 -18.28 -36.35 -123.16
N THR BF 41 -17.95 -35.28 -122.45
CA THR BF 41 -16.64 -34.67 -122.42
C THR BF 41 -16.31 -34.37 -120.97
N LEU BF 42 -15.07 -33.96 -120.70
CA LEU BF 42 -14.70 -33.65 -119.32
C LEU BF 42 -15.54 -32.52 -118.77
N SER BF 43 -15.99 -31.61 -119.63
CA SER BF 43 -16.83 -30.51 -119.19
C SER BF 43 -18.20 -31.02 -118.72
N ALA BF 44 -18.74 -32.02 -119.40
CA ALA BF 44 -20.06 -32.58 -119.05
C ALA BF 44 -20.06 -34.08 -119.30
N PRO BF 45 -19.49 -34.85 -118.38
CA PRO BF 45 -19.30 -36.29 -118.60
C PRO BF 45 -20.51 -37.13 -118.21
N GLY BF 46 -20.48 -38.38 -118.64
CA GLY BF 46 -21.36 -39.42 -118.13
C GLY BF 46 -20.53 -40.41 -117.32
N LEU BF 47 -21.05 -40.78 -116.15
CA LEU BF 47 -20.26 -41.53 -115.19
C LEU BF 47 -21.09 -42.64 -114.55
N ILE BF 48 -20.42 -43.74 -114.20
CA ILE BF 48 -21.04 -44.80 -113.42
C ILE BF 48 -20.09 -45.21 -112.31
N ASN BF 49 -20.62 -45.44 -111.12
CA ASN BF 49 -19.80 -45.74 -109.94
C ASN BF 49 -20.47 -46.81 -109.11
N ALA BF 50 -19.70 -47.79 -108.66
CA ALA BF 50 -20.25 -48.88 -107.86
C ALA BF 50 -19.34 -49.18 -106.69
N LYS BF 51 -19.93 -49.51 -105.54
CA LYS BF 51 -19.19 -49.73 -104.30
C LYS BF 51 -19.87 -50.82 -103.48
N PHE BF 52 -19.06 -51.63 -102.79
CA PHE BF 52 -19.56 -52.62 -101.84
C PHE BF 52 -19.20 -52.23 -100.42
N ASP BF 53 -20.19 -52.21 -99.53
CA ASP BF 53 -19.98 -52.18 -98.10
C ASP BF 53 -20.21 -53.60 -97.60
N ILE BF 54 -19.12 -54.30 -97.30
CA ILE BF 54 -19.16 -55.72 -96.99
C ILE BF 54 -18.91 -55.91 -95.51
N LYS BF 55 -19.87 -56.49 -94.81
CA LYS BF 55 -19.73 -56.69 -93.38
C LYS BF 55 -18.95 -57.98 -93.12
N ALA BF 56 -18.50 -58.11 -91.86
CA ALA BF 56 -17.62 -59.21 -91.48
C ALA BF 56 -18.32 -60.55 -91.70
N PRO BF 57 -17.55 -61.64 -91.81
CA PRO BF 57 -18.16 -62.96 -91.97
C PRO BF 57 -19.08 -63.28 -90.81
N GLY BF 58 -20.16 -63.99 -91.12
CA GLY BF 58 -21.20 -64.33 -90.18
C GLY BF 58 -22.54 -64.19 -90.84
N ILE BF 59 -23.60 -64.36 -90.05
CA ILE BF 59 -24.95 -64.20 -90.58
C ILE BF 59 -25.68 -63.02 -89.97
N THR BF 60 -24.95 -62.13 -89.28
CA THR BF 60 -25.59 -61.08 -88.49
C THR BF 60 -25.93 -59.85 -89.33
N GLY BF 61 -25.06 -59.45 -90.26
CA GLY BF 61 -25.10 -58.13 -90.82
C GLY BF 61 -26.03 -57.95 -92.01
N ASN BF 62 -25.84 -56.82 -92.68
CA ASN BF 62 -26.48 -56.44 -93.93
C ASN BF 62 -25.41 -55.90 -94.87
N ASP BF 63 -25.11 -56.63 -95.94
CA ASP BF 63 -24.21 -56.15 -96.99
C ASP BF 63 -24.91 -55.08 -97.81
N ARG BF 64 -24.14 -54.17 -98.41
CA ARG BF 64 -24.73 -53.10 -99.19
C ARG BF 64 -23.98 -52.89 -100.51
N ILE BF 65 -24.74 -52.57 -101.56
CA ILE BF 65 -24.24 -52.20 -102.87
C ILE BF 65 -24.69 -50.78 -103.15
N HIS BF 66 -23.77 -49.94 -103.62
CA HIS BF 66 -24.07 -48.56 -103.98
C HIS BF 66 -23.71 -48.35 -105.44
N ALA BF 67 -24.70 -48.04 -106.26
CA ALA BF 67 -24.48 -47.71 -107.66
C ALA BF 67 -24.93 -46.28 -107.91
N ASN BF 68 -24.29 -45.64 -108.88
CA ASN BF 68 -24.60 -44.24 -109.17
C ASN BF 68 -24.34 -43.99 -110.65
N LEU BF 69 -25.38 -43.60 -111.39
CA LEU BF 69 -25.29 -43.31 -112.81
C LEU BF 69 -25.61 -41.83 -112.99
N ARG BF 70 -24.62 -41.06 -113.45
CA ARG BF 70 -24.73 -39.62 -113.55
C ARG BF 70 -24.49 -39.15 -114.97
N LYS BF 71 -25.11 -38.01 -115.31
CA LYS BF 71 -24.81 -37.27 -116.53
C LYS BF 71 -24.84 -35.79 -116.22
N VAL BF 72 -23.78 -35.09 -116.62
CA VAL BF 72 -23.67 -33.66 -116.41
C VAL BF 72 -24.14 -32.95 -117.67
N VAL BF 73 -24.81 -31.81 -117.50
CA VAL BF 73 -25.28 -31.01 -118.62
C VAL BF 73 -24.93 -29.56 -118.35
N LEU BF 74 -24.70 -28.80 -119.42
CA LEU BF 74 -24.33 -27.40 -119.34
C LEU BF 74 -25.48 -26.52 -119.81
N ASP BF 75 -25.71 -25.42 -119.10
CA ASP BF 75 -26.76 -24.47 -119.46
C ASP BF 75 -26.45 -23.83 -120.81
N GLU BF 76 -27.45 -23.75 -121.70
CA GLU BF 76 -27.25 -23.12 -123.00
C GLU BF 76 -26.89 -21.64 -122.85
N LYS BF 77 -27.29 -21.01 -121.75
CA LYS BF 77 -27.07 -19.59 -121.59
C LYS BF 77 -25.76 -19.29 -120.88
N THR BF 78 -25.38 -20.12 -119.91
CA THR BF 78 -24.25 -19.82 -119.04
C THR BF 78 -23.17 -20.90 -118.99
N ASN BF 79 -23.35 -22.03 -119.67
CA ASN BF 79 -22.45 -23.19 -119.54
C ASN BF 79 -22.28 -23.62 -118.08
N LEU BF 80 -23.28 -23.34 -117.25
CA LEU BF 80 -23.12 -23.81 -115.88
C LEU BF 80 -23.58 -25.26 -115.76
N PRO BF 81 -22.80 -26.07 -115.04
CA PRO BF 81 -23.10 -27.50 -114.97
C PRO BF 81 -24.16 -27.80 -113.93
N SER BF 82 -25.11 -28.65 -114.29
CA SER BF 82 -25.92 -29.34 -113.30
C SER BF 82 -26.00 -30.80 -113.70
N THR BF 83 -26.16 -31.68 -112.72
CA THR BF 83 -26.05 -33.11 -112.95
C THR BF 83 -27.40 -33.78 -112.68
N GLY BF 84 -27.71 -34.77 -113.52
CA GLY BF 84 -28.83 -35.66 -113.29
C GLY BF 84 -28.27 -37.01 -112.89
N SER BF 85 -28.98 -37.70 -111.99
CA SER BF 85 -28.40 -38.95 -111.48
C SER BF 85 -29.49 -39.92 -111.05
N VAL BF 86 -29.18 -41.20 -111.22
CA VAL BF 86 -29.94 -42.30 -110.65
C VAL BF 86 -29.01 -43.08 -109.74
N THR BF 87 -29.29 -43.07 -108.44
CA THR BF 87 -28.50 -43.80 -107.47
C THR BF 87 -29.31 -44.98 -106.95
N ILE BF 88 -28.61 -46.06 -106.64
CA ILE BF 88 -29.22 -47.32 -106.23
C ILE BF 88 -28.48 -47.82 -105.00
N GLN BF 89 -29.24 -48.32 -104.02
CA GLN BF 89 -28.66 -48.96 -102.85
C GLN BF 89 -29.36 -50.28 -102.59
N VAL BF 90 -28.60 -51.36 -102.67
CA VAL BF 90 -29.09 -52.70 -102.41
C VAL BF 90 -28.60 -53.11 -101.03
N SER BF 91 -29.50 -53.60 -100.19
CA SER BF 91 -29.15 -54.08 -98.86
C SER BF 91 -29.59 -55.54 -98.77
N ILE BF 92 -28.61 -56.43 -98.62
CA ILE BF 92 -28.73 -57.88 -98.64
C ILE BF 92 -28.45 -58.39 -97.23
N PRO BF 93 -29.45 -58.92 -96.52
CA PRO BF 93 -29.18 -59.52 -95.21
C PRO BF 93 -28.42 -60.83 -95.31
N ARG BF 94 -27.72 -61.17 -94.24
CA ARG BF 94 -26.92 -62.38 -94.17
C ARG BF 94 -27.62 -63.52 -93.44
N ASN BF 95 -28.72 -63.24 -92.74
CA ASN BF 95 -29.57 -64.28 -92.19
C ASN BF 95 -29.91 -65.30 -93.27
N PRO BF 96 -29.58 -66.59 -93.07
CA PRO BF 96 -29.78 -67.58 -94.13
C PRO BF 96 -31.21 -67.70 -94.62
N ALA BF 97 -32.14 -67.01 -93.98
CA ALA BF 97 -33.51 -66.93 -94.44
C ALA BF 97 -33.66 -66.02 -95.66
N TRP BF 98 -32.56 -65.47 -96.18
CA TRP BF 98 -32.55 -64.65 -97.39
C TRP BF 98 -31.81 -65.39 -98.49
N ASN BF 99 -32.12 -65.04 -99.75
CA ASN BF 99 -31.54 -65.70 -100.90
C ASN BF 99 -31.03 -64.68 -101.91
N ALA BF 100 -29.99 -65.09 -102.64
CA ALA BF 100 -29.64 -64.39 -103.86
C ALA BF 100 -30.84 -64.29 -104.79
N SER BF 101 -31.72 -65.30 -104.78
CA SER BF 101 -32.93 -65.23 -105.58
C SER BF 101 -33.82 -64.07 -105.14
N MET BF 102 -33.87 -63.81 -103.84
CA MET BF 102 -34.68 -62.70 -103.35
C MET BF 102 -34.05 -61.36 -103.73
N THR BF 103 -32.71 -61.27 -103.64
CA THR BF 103 -32.02 -60.08 -104.14
C THR BF 103 -32.36 -59.82 -105.61
N VAL BF 104 -32.21 -60.85 -106.44
CA VAL BF 104 -32.47 -60.69 -107.87
C VAL BF 104 -33.94 -60.32 -108.11
N SER BF 105 -34.85 -60.88 -107.31
CA SER BF 105 -36.26 -60.58 -107.49
C SER BF 105 -36.54 -59.10 -107.20
N LEU BF 106 -35.95 -58.57 -106.14
CA LEU BF 106 -36.10 -57.14 -105.88
C LEU BF 106 -35.51 -56.30 -107.00
N LEU BF 107 -34.35 -56.70 -107.52
CA LEU BF 107 -33.76 -55.94 -108.62
C LEU BF 107 -34.68 -55.93 -109.83
N LYS BF 108 -35.22 -57.09 -110.20
CA LYS BF 108 -36.10 -57.18 -111.36
C LYS BF 108 -37.37 -56.37 -111.16
N GLN BF 109 -37.93 -56.41 -109.95
CA GLN BF 109 -39.15 -55.65 -109.68
C GLN BF 109 -38.89 -54.15 -109.76
N ALA BF 110 -37.78 -53.69 -109.18
CA ALA BF 110 -37.43 -52.27 -109.29
C ALA BF 110 -37.24 -51.87 -110.75
N ALA BF 111 -36.60 -52.74 -111.53
CA ALA BF 111 -36.42 -52.45 -112.96
C ALA BF 111 -37.76 -52.32 -113.67
N ASP BF 112 -38.66 -53.28 -113.44
CA ASP BF 112 -40.00 -53.21 -114.03
C ASP BF 112 -40.73 -51.94 -113.61
N TYR BF 113 -40.64 -51.56 -112.33
CA TYR BF 113 -41.51 -50.50 -111.83
C TYR BF 113 -40.98 -49.11 -112.11
N LEU BF 114 -39.66 -48.92 -112.22
CA LEU BF 114 -39.12 -47.60 -112.48
C LEU BF 114 -38.54 -47.42 -113.88
N ALA BF 115 -38.19 -48.51 -114.57
CA ALA BF 115 -37.71 -48.42 -115.94
C ALA BF 115 -38.61 -49.13 -116.94
N GLY BF 116 -39.51 -49.98 -116.50
CA GLY BF 116 -40.39 -50.70 -117.40
C GLY BF 116 -39.66 -51.60 -118.37
N THR BF 117 -38.76 -52.45 -117.86
CA THR BF 117 -37.91 -53.28 -118.69
C THR BF 117 -38.01 -54.77 -118.38
N SER BF 118 -38.91 -55.18 -117.49
CA SER BF 118 -39.02 -56.58 -117.12
C SER BF 118 -39.30 -57.50 -118.31
N ALA BF 119 -39.02 -58.79 -118.11
CA ALA BF 119 -39.34 -59.82 -119.07
C ALA BF 119 -40.86 -60.01 -119.17
N THR BF 120 -41.29 -60.79 -120.15
CA THR BF 120 -42.70 -60.95 -120.43
C THR BF 120 -43.28 -62.13 -119.65
N VAL BF 121 -44.34 -61.87 -118.90
CA VAL BF 121 -45.07 -62.89 -118.14
C VAL BF 121 -46.56 -62.60 -118.35
N SER BF 122 -47.38 -63.64 -118.15
CA SER BF 122 -48.79 -63.59 -118.56
C SER BF 122 -49.49 -62.35 -118.03
N GLY BF 123 -49.67 -62.27 -116.72
CA GLY BF 123 -50.56 -61.25 -116.19
C GLY BF 123 -49.88 -59.96 -115.80
N GLN BF 124 -48.73 -59.65 -116.41
CA GLN BF 124 -47.92 -58.55 -115.91
C GLN BF 124 -48.62 -57.23 -116.25
N THR BF 125 -48.42 -56.22 -115.41
CA THR BF 125 -48.96 -54.93 -115.78
C THR BF 125 -48.02 -54.23 -116.75
N ASP BF 126 -48.62 -53.43 -117.62
CA ASP BF 126 -47.88 -52.72 -118.66
C ASP BF 126 -47.12 -51.57 -118.03
N THR BF 127 -45.80 -51.70 -117.98
CA THR BF 127 -44.93 -50.73 -117.33
C THR BF 127 -44.10 -49.93 -118.32
N SER BF 128 -44.41 -50.02 -119.61
CA SER BF 128 -43.61 -49.36 -120.62
C SER BF 128 -43.63 -47.85 -120.45
N GLY BF 129 -44.77 -47.28 -120.04
CA GLY BF 129 -44.89 -45.85 -119.88
C GLY BF 129 -44.47 -45.32 -118.54
N PHE BF 130 -44.16 -46.21 -117.61
CA PHE BF 130 -43.79 -45.79 -116.27
C PHE BF 130 -42.55 -44.90 -116.23
N PRO BF 131 -41.46 -45.18 -116.96
CA PRO BF 131 -40.33 -44.24 -116.92
C PRO BF 131 -40.71 -42.84 -117.37
N ALA BF 132 -41.56 -42.73 -118.40
CA ALA BF 132 -42.04 -41.42 -118.82
C ALA BF 132 -42.82 -40.74 -117.70
N LYS BF 133 -43.73 -41.48 -117.05
CA LYS BF 133 -44.52 -40.88 -115.98
C LYS BF 133 -43.63 -40.45 -114.82
N TRP BF 134 -42.60 -41.24 -114.50
CA TRP BF 134 -41.68 -40.84 -113.44
C TRP BF 134 -40.94 -39.56 -113.83
N ALA BF 135 -40.39 -39.53 -115.04
CA ALA BF 135 -39.65 -38.35 -115.50
C ALA BF 135 -40.53 -37.12 -115.54
N GLY BF 136 -41.85 -37.30 -115.59
CA GLY BF 136 -42.76 -36.18 -115.41
C GLY BF 136 -43.13 -35.88 -113.98
N LEU BF 137 -42.51 -36.56 -113.02
CA LEU BF 137 -42.85 -36.46 -111.59
C LEU BF 137 -44.33 -36.74 -111.34
N MET BF 138 -44.80 -37.88 -111.86
CA MET BF 138 -46.12 -38.37 -111.52
C MET BF 138 -46.07 -39.87 -111.31
N PHE BF 139 -46.91 -40.35 -110.40
CA PHE BF 139 -46.92 -41.75 -110.05
C PHE BF 139 -47.54 -42.58 -111.18
N PRO BF 140 -47.02 -43.77 -111.44
CA PRO BF 140 -47.63 -44.74 -112.36
C PRO BF 140 -49.03 -45.12 -111.87
N ALA CF 1 -3.39 -55.45 -111.13
CA ALA CF 1 -3.35 -56.88 -110.86
C ALA CF 1 -4.29 -57.65 -111.78
N ALA CF 2 -4.15 -58.98 -111.78
CA ALA CF 2 -4.98 -59.82 -112.63
C ALA CF 2 -6.44 -59.72 -112.18
N PRO CF 3 -7.38 -59.57 -113.11
CA PRO CF 3 -8.79 -59.41 -112.72
C PRO CF 3 -9.43 -60.69 -112.22
N SER CF 4 -8.86 -61.85 -112.54
CA SER CF 4 -9.43 -63.11 -112.11
C SER CF 4 -8.34 -64.17 -112.12
N LEU CF 5 -8.55 -65.20 -111.29
CA LEU CF 5 -7.58 -66.25 -111.06
C LEU CF 5 -8.27 -67.60 -111.00
N ALA CF 6 -7.63 -68.62 -111.56
CA ALA CF 6 -8.08 -70.00 -111.45
C ALA CF 6 -6.96 -70.77 -110.77
N LEU CF 7 -6.99 -70.82 -109.44
CA LEU CF 7 -5.93 -71.49 -108.69
C LEU CF 7 -6.29 -72.97 -108.52
N VAL CF 8 -5.27 -73.79 -108.26
CA VAL CF 8 -5.48 -75.22 -108.04
C VAL CF 8 -5.49 -75.50 -106.55
N GLY CF 9 -6.57 -76.13 -106.08
CA GLY CF 9 -6.69 -76.63 -104.74
C GLY CF 9 -7.12 -78.08 -104.77
N ALA CF 10 -7.78 -78.51 -103.69
CA ALA CF 10 -8.18 -79.88 -103.52
C ALA CF 10 -9.63 -79.95 -103.07
N ASN CF 11 -10.37 -80.90 -103.64
CA ASN CF 11 -11.74 -81.16 -103.23
C ASN CF 11 -11.72 -82.09 -102.01
N SER CF 12 -12.89 -82.63 -101.67
CA SER CF 12 -12.97 -83.53 -100.52
C SER CF 12 -12.17 -84.81 -100.74
N THR CF 13 -11.96 -85.20 -101.99
CA THR CF 13 -11.17 -86.38 -102.34
C THR CF 13 -9.66 -86.09 -102.34
N LEU CF 14 -9.27 -84.83 -102.17
CA LEU CF 14 -7.92 -84.30 -102.38
C LEU CF 14 -7.51 -84.32 -103.84
N ALA CF 15 -8.45 -84.52 -104.77
CA ALA CF 15 -8.14 -84.41 -106.19
C ALA CF 15 -7.96 -82.95 -106.57
N SER CF 16 -7.06 -82.70 -107.53
CA SER CF 16 -6.76 -81.34 -107.95
C SER CF 16 -7.99 -80.71 -108.62
N THR CF 17 -8.48 -79.62 -108.02
CA THR CF 17 -9.71 -78.96 -108.47
C THR CF 17 -9.45 -77.47 -108.60
N LEU CF 18 -10.07 -76.84 -109.60
CA LEU CF 18 -9.94 -75.39 -109.72
C LEU CF 18 -10.78 -74.68 -108.68
N VAL CF 19 -10.23 -73.60 -108.13
CA VAL CF 19 -10.91 -72.66 -107.27
C VAL CF 19 -10.73 -71.27 -107.86
N ASN CF 20 -11.85 -70.58 -108.07
CA ASN CF 20 -11.90 -69.40 -108.93
C ASN CF 20 -12.08 -68.15 -108.08
N TYR CF 21 -11.24 -67.16 -108.31
CA TYR CF 21 -11.29 -65.88 -107.61
C TYR CF 21 -11.44 -64.76 -108.62
N SER CF 22 -12.15 -63.69 -108.22
CA SER CF 22 -12.19 -62.46 -109.00
C SER CF 22 -11.70 -61.30 -108.15
N LEU CF 23 -11.12 -60.32 -108.81
CA LEU CF 23 -10.52 -59.16 -108.15
C LEU CF 23 -11.64 -58.23 -107.69
N ARG CF 24 -11.88 -58.23 -106.39
CA ARG CF 24 -12.90 -57.35 -105.81
C ARG CF 24 -12.34 -55.97 -105.47
N SER CF 25 -11.16 -55.87 -104.87
CA SER CF 25 -10.64 -54.52 -104.61
C SER CF 25 -9.13 -54.48 -104.76
N GLN CF 26 -8.62 -53.28 -104.97
CA GLN CF 26 -7.19 -53.02 -104.98
C GLN CF 26 -6.99 -51.59 -104.53
N ASN CF 27 -6.21 -51.41 -103.47
CA ASN CF 27 -6.06 -50.11 -102.82
C ASN CF 27 -4.76 -50.09 -102.04
N GLY CF 28 -3.96 -49.05 -102.28
CA GLY CF 28 -2.79 -48.78 -101.47
C GLY CF 28 -1.85 -49.97 -101.35
N ASN CF 29 -1.32 -50.40 -102.50
CA ASN CF 29 -0.48 -51.59 -102.56
C ASN CF 29 -1.11 -52.76 -101.82
N ASN CF 30 -2.41 -52.92 -102.03
CA ASN CF 30 -3.14 -53.99 -101.38
C ASN CF 30 -4.11 -54.55 -102.41
N VAL CF 31 -4.28 -55.87 -102.43
CA VAL CF 31 -5.08 -56.55 -103.45
C VAL CF 31 -5.95 -57.60 -102.77
N ASP CF 32 -7.26 -57.57 -103.05
CA ASP CF 32 -8.23 -58.44 -102.39
C ASP CF 32 -9.11 -59.13 -103.44
N TYR CF 33 -9.07 -60.46 -103.42
CA TYR CF 33 -9.85 -61.34 -104.29
C TYR CF 33 -10.92 -62.06 -103.49
N VAL CF 34 -12.04 -62.38 -104.16
CA VAL CF 34 -13.10 -63.18 -103.55
C VAL CF 34 -13.37 -64.40 -104.42
N CYS CF 35 -13.75 -65.50 -103.78
CA CYS CF 35 -14.00 -66.75 -104.48
C CYS CF 35 -15.38 -66.72 -105.12
N THR CF 36 -15.43 -67.08 -106.40
CA THR CF 36 -16.65 -67.02 -107.21
C THR CF 36 -17.41 -68.33 -107.23
N ASP CF 37 -16.89 -69.37 -106.59
CA ASP CF 37 -17.48 -70.69 -106.64
C ASP CF 37 -18.71 -70.76 -105.74
N PRO CF 38 -19.50 -71.82 -105.85
CA PRO CF 38 -20.67 -71.95 -104.96
C PRO CF 38 -20.30 -72.15 -103.50
N ASP CF 39 -19.13 -72.73 -103.21
CA ASP CF 39 -18.77 -73.00 -101.82
C ASP CF 39 -18.47 -71.74 -101.01
N SER CF 40 -18.25 -70.60 -101.68
CA SER CF 40 -18.09 -69.33 -100.97
C SER CF 40 -19.41 -68.58 -101.07
N THR CF 41 -20.02 -68.33 -99.92
CA THR CF 41 -21.23 -67.55 -99.81
C THR CF 41 -20.89 -66.20 -99.19
N LEU CF 42 -21.89 -65.31 -99.14
CA LEU CF 42 -21.70 -64.04 -98.47
C LEU CF 42 -21.37 -64.24 -97.01
N SER CF 43 -22.05 -65.20 -96.37
CA SER CF 43 -21.89 -65.36 -94.94
C SER CF 43 -20.59 -66.07 -94.62
N ALA CF 44 -20.16 -66.98 -95.49
CA ALA CF 44 -18.94 -67.78 -95.29
C ALA CF 44 -18.15 -67.78 -96.59
N PRO CF 45 -17.35 -66.75 -96.85
CA PRO CF 45 -16.70 -66.59 -98.15
C PRO CF 45 -15.31 -67.23 -98.18
N GLY CF 46 -14.76 -67.30 -99.38
CA GLY CF 46 -13.36 -67.58 -99.59
C GLY CF 46 -12.68 -66.32 -100.09
N LEU CF 47 -11.52 -66.01 -99.50
CA LEU CF 47 -10.93 -64.68 -99.69
C LEU CF 47 -9.43 -64.79 -99.86
N ILE CF 48 -8.85 -63.82 -100.59
CA ILE CF 48 -7.41 -63.71 -100.73
C ILE CF 48 -7.02 -62.25 -100.54
N ASN CF 49 -5.90 -62.04 -99.86
CA ASN CF 49 -5.36 -60.72 -99.53
C ASN CF 49 -3.86 -60.70 -99.83
N ALA CF 50 -3.36 -59.57 -100.34
CA ALA CF 50 -1.92 -59.45 -100.62
C ALA CF 50 -1.48 -58.01 -100.48
N LYS CF 51 -0.47 -57.77 -99.63
CA LYS CF 51 0.05 -56.45 -99.28
C LYS CF 51 1.54 -56.35 -99.59
N PHE CF 52 1.99 -55.13 -99.87
CA PHE CF 52 3.40 -54.80 -100.07
C PHE CF 52 3.82 -53.73 -99.07
N ASP CF 53 4.75 -54.09 -98.17
CA ASP CF 53 5.48 -53.11 -97.37
C ASP CF 53 6.75 -52.80 -98.13
N ILE CF 54 6.75 -51.70 -98.89
CA ILE CF 54 7.90 -51.30 -99.68
C ILE CF 54 8.65 -50.22 -98.93
N LYS CF 55 9.89 -50.52 -98.56
CA LYS CF 55 10.73 -49.58 -97.84
C LYS CF 55 11.23 -48.51 -98.80
N ALA CF 56 11.59 -47.35 -98.23
CA ALA CF 56 12.21 -46.25 -98.96
C ALA CF 56 13.44 -46.74 -99.69
N PRO CF 57 13.84 -46.10 -100.79
CA PRO CF 57 15.03 -46.54 -101.51
C PRO CF 57 16.24 -46.56 -100.58
N GLY CF 58 17.13 -47.51 -100.85
CA GLY CF 58 18.28 -47.68 -99.98
C GLY CF 58 18.78 -49.10 -100.06
N ILE CF 59 20.01 -49.27 -99.55
CA ILE CF 59 20.63 -50.58 -99.56
C ILE CF 59 20.36 -51.34 -98.27
N THR CF 60 19.74 -50.71 -97.28
CA THR CF 60 19.46 -51.30 -95.99
C THR CF 60 17.98 -51.58 -95.84
N GLY CF 61 17.66 -52.58 -95.04
CA GLY CF 61 16.29 -52.93 -94.73
C GLY CF 61 15.80 -54.14 -95.52
N ASN CF 62 14.58 -54.56 -95.18
CA ASN CF 62 13.89 -55.63 -95.88
C ASN CF 62 12.57 -55.11 -96.44
N ASP CF 63 12.28 -55.47 -97.68
CA ASP CF 63 10.95 -55.33 -98.26
C ASP CF 63 10.10 -56.52 -97.83
N ARG CF 64 8.78 -56.33 -97.74
CA ARG CF 64 7.94 -57.41 -97.25
C ARG CF 64 6.69 -57.59 -98.11
N ILE CF 65 6.33 -58.86 -98.30
CA ILE CF 65 5.11 -59.28 -98.99
C ILE CF 65 4.26 -60.03 -97.98
N HIS CF 66 2.98 -59.69 -97.91
CA HIS CF 66 2.03 -60.39 -97.05
C HIS CF 66 0.92 -60.98 -97.91
N ALA CF 67 0.52 -62.22 -97.61
CA ALA CF 67 -0.52 -62.86 -98.38
C ALA CF 67 -1.36 -63.73 -97.45
N ASN CF 68 -2.66 -63.74 -97.66
CA ASN CF 68 -3.58 -64.50 -96.82
C ASN CF 68 -4.62 -65.18 -97.70
N LEU CF 69 -4.76 -66.50 -97.53
CA LEU CF 69 -5.78 -67.26 -98.23
C LEU CF 69 -6.70 -67.88 -97.18
N ARG CF 70 -7.97 -67.46 -97.20
CA ARG CF 70 -8.93 -67.74 -96.15
C ARG CF 70 -10.14 -68.48 -96.71
N LYS CF 71 -10.69 -69.38 -95.89
CA LYS CF 71 -12.02 -69.93 -96.11
C LYS CF 71 -12.78 -69.87 -94.79
N VAL CF 72 -13.95 -69.22 -94.82
CA VAL CF 72 -14.80 -69.10 -93.63
C VAL CF 72 -15.78 -70.26 -93.64
N VAL CF 73 -16.08 -70.80 -92.47
CA VAL CF 73 -17.06 -71.87 -92.32
C VAL CF 73 -17.95 -71.54 -91.13
N LEU CF 74 -19.23 -71.85 -91.27
CA LEU CF 74 -20.23 -71.58 -90.25
C LEU CF 74 -20.49 -72.82 -89.41
N ASP CF 75 -20.68 -72.63 -88.10
CA ASP CF 75 -21.03 -73.73 -87.22
C ASP CF 75 -22.42 -74.28 -87.58
N GLU CF 76 -22.55 -75.60 -87.50
CA GLU CF 76 -23.82 -76.23 -87.88
C GLU CF 76 -24.96 -75.74 -87.00
N LYS CF 77 -24.71 -75.64 -85.69
CA LYS CF 77 -25.77 -75.26 -84.76
C LYS CF 77 -25.81 -73.75 -84.56
N THR CF 78 -24.69 -73.16 -84.11
CA THR CF 78 -24.68 -71.76 -83.72
C THR CF 78 -24.58 -70.79 -84.89
N ASN CF 79 -24.19 -71.26 -86.07
CA ASN CF 79 -23.96 -70.43 -87.26
C ASN CF 79 -22.89 -69.35 -87.01
N LEU CF 80 -22.12 -69.49 -85.94
CA LEU CF 80 -20.98 -68.61 -85.71
C LEU CF 80 -19.87 -68.96 -86.69
N PRO CF 81 -19.22 -67.96 -87.28
CA PRO CF 81 -18.19 -68.25 -88.27
C PRO CF 81 -16.83 -68.45 -87.62
N SER CF 82 -16.12 -69.49 -88.02
CA SER CF 82 -14.69 -69.57 -87.76
C SER CF 82 -14.00 -69.77 -89.10
N THR CF 83 -12.77 -69.26 -89.18
CA THR CF 83 -12.09 -69.18 -90.46
C THR CF 83 -10.75 -69.93 -90.42
N GLY CF 84 -10.46 -70.65 -91.50
CA GLY CF 84 -9.20 -71.35 -91.67
C GLY CF 84 -8.37 -70.64 -92.72
N SER CF 85 -7.06 -70.58 -92.49
CA SER CF 85 -6.26 -69.67 -93.32
C SER CF 85 -4.81 -70.11 -93.44
N VAL CF 86 -4.26 -69.96 -94.64
CA VAL CF 86 -2.83 -70.07 -94.88
C VAL CF 86 -2.31 -68.68 -95.20
N THR CF 87 -1.37 -68.19 -94.39
CA THR CF 87 -0.82 -66.87 -94.58
C THR CF 87 0.70 -66.93 -94.73
N ILE CF 88 1.23 -66.09 -95.62
CA ILE CF 88 2.62 -66.11 -96.03
C ILE CF 88 3.21 -64.72 -95.86
N GLN CF 89 4.42 -64.65 -95.30
CA GLN CF 89 5.22 -63.43 -95.27
C GLN CF 89 6.55 -63.69 -95.95
N VAL CF 90 6.85 -62.89 -96.96
CA VAL CF 90 8.12 -62.94 -97.67
C VAL CF 90 8.91 -61.71 -97.28
N SER CF 91 10.15 -61.91 -96.82
CA SER CF 91 11.03 -60.82 -96.42
C SER CF 91 12.27 -60.86 -97.30
N ILE CF 92 12.41 -59.84 -98.15
CA ILE CF 92 13.44 -59.73 -99.19
C ILE CF 92 14.42 -58.64 -98.76
N PRO CF 93 15.66 -58.98 -98.42
CA PRO CF 93 16.64 -57.94 -98.06
C PRO CF 93 17.05 -57.12 -99.28
N ARG CF 94 17.70 -55.99 -98.98
CA ARG CF 94 18.12 -55.06 -100.02
C ARG CF 94 19.63 -55.04 -100.23
N ASN CF 95 20.41 -55.72 -99.41
CA ASN CF 95 21.82 -55.90 -99.70
C ASN CF 95 21.98 -56.55 -101.07
N PRO CF 96 22.79 -55.97 -101.97
CA PRO CF 96 22.91 -56.53 -103.33
C PRO CF 96 23.38 -57.97 -103.34
N ALA CF 97 23.80 -58.49 -102.20
CA ALA CF 97 24.16 -59.88 -102.05
C ALA CF 97 22.94 -60.80 -102.00
N TRP CF 98 21.74 -60.26 -102.17
CA TRP CF 98 20.51 -61.04 -102.29
C TRP CF 98 20.02 -60.98 -103.73
N ASN CF 99 19.29 -62.01 -104.16
CA ASN CF 99 18.76 -62.09 -105.52
C ASN CF 99 17.30 -62.45 -105.54
N ALA CF 100 16.62 -61.94 -106.56
CA ALA CF 100 15.30 -62.47 -106.89
C ALA CF 100 15.35 -63.98 -107.04
N SER CF 101 16.47 -64.52 -107.53
CA SER CF 101 16.59 -65.97 -107.65
C SER CF 101 16.53 -66.63 -106.28
N MET CF 102 17.10 -65.98 -105.27
CA MET CF 102 17.06 -66.53 -103.91
C MET CF 102 15.64 -66.44 -103.34
N THR CF 103 14.96 -65.32 -103.61
CA THR CF 103 13.54 -65.21 -103.23
C THR CF 103 12.73 -66.35 -103.84
N VAL CF 104 12.86 -66.54 -105.14
CA VAL CF 104 12.10 -67.58 -105.84
C VAL CF 104 12.48 -68.96 -105.31
N SER CF 105 13.76 -69.16 -104.99
CA SER CF 105 14.18 -70.46 -104.47
C SER CF 105 13.50 -70.76 -103.14
N LEU CF 106 13.44 -69.77 -102.25
CA LEU CF 106 12.72 -69.98 -101.00
C LEU CF 106 11.24 -70.24 -101.23
N LEU CF 107 10.62 -69.52 -102.17
CA LEU CF 107 9.20 -69.76 -102.45
C LEU CF 107 8.99 -71.19 -102.94
N LYS CF 108 9.83 -71.65 -103.87
CA LYS CF 108 9.68 -73.00 -104.41
C LYS CF 108 9.90 -74.05 -103.35
N GLN CF 109 10.88 -73.84 -102.46
CA GLN CF 109 11.14 -74.80 -101.40
C GLN CF 109 9.99 -74.86 -100.41
N ALA CF 110 9.43 -73.70 -100.05
CA ALA CF 110 8.25 -73.70 -99.19
C ALA CF 110 7.09 -74.43 -99.85
N ALA CF 111 6.88 -74.20 -101.14
CA ALA CF 111 5.83 -74.91 -101.86
C ALA CF 111 6.06 -76.42 -101.80
N ASP CF 112 7.31 -76.85 -102.00
CA ASP CF 112 7.61 -78.28 -101.95
C ASP CF 112 7.36 -78.84 -100.56
N TYR CF 113 7.79 -78.13 -99.52
CA TYR CF 113 7.80 -78.72 -98.18
C TYR CF 113 6.45 -78.65 -97.49
N LEU CF 114 5.65 -77.60 -97.74
CA LEU CF 114 4.36 -77.50 -97.09
C LEU CF 114 3.18 -77.85 -97.99
N ALA CF 115 3.35 -77.79 -99.31
CA ALA CF 115 2.27 -78.15 -100.22
C ALA CF 115 2.58 -79.36 -101.08
N GLY CF 116 3.85 -79.74 -101.23
CA GLY CF 116 4.21 -80.88 -102.03
C GLY CF 116 3.90 -80.69 -103.51
N THR CF 117 4.35 -79.57 -104.08
CA THR CF 117 4.01 -79.23 -105.47
C THR CF 117 5.23 -78.90 -106.33
N SER CF 118 6.44 -79.09 -105.83
CA SER CF 118 7.64 -78.80 -106.60
C SER CF 118 7.66 -79.50 -107.95
N ALA CF 119 8.45 -78.94 -108.87
CA ALA CF 119 8.71 -79.58 -110.16
C ALA CF 119 9.55 -80.85 -109.95
N THR CF 120 9.60 -81.67 -111.00
CA THR CF 120 10.28 -82.95 -110.90
C THR CF 120 11.78 -82.79 -111.15
N VAL CF 121 12.58 -83.29 -110.21
CA VAL CF 121 14.04 -83.30 -110.29
C VAL CF 121 14.53 -84.63 -109.73
N SER CF 122 15.53 -85.21 -110.38
CA SER CF 122 16.09 -86.47 -109.94
C SER CF 122 16.61 -86.35 -108.51
N GLY CF 123 16.20 -87.26 -107.65
CA GLY CF 123 16.64 -87.28 -106.27
C GLY CF 123 15.84 -86.42 -105.33
N GLN CF 124 14.70 -85.88 -105.75
CA GLN CF 124 13.94 -85.02 -104.85
C GLN CF 124 13.19 -85.91 -103.87
N THR CF 125 12.97 -85.41 -102.65
CA THR CF 125 12.16 -86.20 -101.73
C THR CF 125 10.70 -86.10 -102.11
N ASP CF 126 9.99 -87.22 -101.94
CA ASP CF 126 8.57 -87.28 -102.27
C ASP CF 126 7.79 -86.53 -101.23
N THR CF 127 7.24 -85.39 -101.63
CA THR CF 127 6.52 -84.49 -100.74
C THR CF 127 5.02 -84.56 -100.95
N SER CF 128 4.55 -85.54 -101.73
CA SER CF 128 3.13 -85.60 -102.09
C SER CF 128 2.24 -85.71 -100.86
N GLY CF 129 2.64 -86.50 -99.87
CA GLY CF 129 1.85 -86.69 -98.69
C GLY CF 129 2.08 -85.68 -97.60
N PHE CF 130 3.04 -84.77 -97.80
CA PHE CF 130 3.33 -83.78 -96.78
C PHE CF 130 2.16 -82.87 -96.47
N PRO CF 131 1.40 -82.33 -97.44
CA PRO CF 131 0.24 -81.50 -97.05
C PRO CF 131 -0.76 -82.26 -96.19
N ALA CF 132 -0.99 -83.54 -96.48
CA ALA CF 132 -1.84 -84.34 -95.62
C ALA CF 132 -1.28 -84.43 -94.21
N LYS CF 133 0.02 -84.74 -94.10
CA LYS CF 133 0.62 -84.84 -92.76
C LYS CF 133 0.54 -83.52 -92.02
N TRP CF 134 0.73 -82.40 -92.72
CA TRP CF 134 0.62 -81.10 -92.07
C TRP CF 134 -0.80 -80.86 -91.57
N ALA CF 135 -1.79 -81.12 -92.43
CA ALA CF 135 -3.19 -80.94 -92.03
C ALA CF 135 -3.54 -81.80 -90.84
N GLY CF 136 -2.83 -82.92 -90.66
CA GLY CF 136 -2.96 -83.70 -89.46
C GLY CF 136 -2.09 -83.27 -88.28
N LEU CF 137 -1.36 -82.16 -88.41
CA LEU CF 137 -0.42 -81.71 -87.39
C LEU CF 137 0.64 -82.76 -87.10
N MET CF 138 1.30 -83.23 -88.16
CA MET CF 138 2.37 -84.21 -88.06
C MET CF 138 3.55 -83.73 -88.89
N PHE CF 139 4.73 -83.72 -88.29
CA PHE CF 139 5.90 -83.33 -89.04
C PHE CF 139 6.21 -84.38 -90.10
N PRO CF 140 6.48 -83.98 -91.35
CA PRO CF 140 6.83 -84.87 -92.45
C PRO CF 140 8.10 -85.67 -92.16
N ALA DF 1 112.26 42.77 41.91
CA ALA DF 1 111.85 42.63 43.30
C ALA DF 1 112.98 42.12 44.19
N ALA DF 2 112.97 42.54 45.45
CA ALA DF 2 113.99 42.10 46.39
C ALA DF 2 113.83 40.61 46.67
N PRO DF 3 114.94 39.88 46.83
CA PRO DF 3 114.84 38.43 47.04
C PRO DF 3 114.37 38.07 48.44
N SER DF 4 114.59 38.95 49.41
CA SER DF 4 114.20 38.65 50.79
C SER DF 4 114.08 39.96 51.55
N LEU DF 5 113.35 39.89 52.66
CA LEU DF 5 112.99 41.06 53.45
C LEU DF 5 113.06 40.71 54.93
N ALA DF 6 113.52 41.68 55.73
CA ALA DF 6 113.47 41.59 57.18
C ALA DF 6 112.68 42.79 57.66
N LEU DF 7 111.37 42.61 57.83
CA LEU DF 7 110.49 43.71 58.20
C LEU DF 7 110.34 43.75 59.71
N VAL DF 8 110.06 44.93 60.24
CA VAL DF 8 109.87 45.08 61.68
C VAL DF 8 108.39 44.93 62.01
N GLY DF 9 108.09 44.05 62.96
CA GLY DF 9 106.77 43.87 63.51
C GLY DF 9 106.84 43.84 65.03
N ALA DF 10 105.87 43.17 65.65
CA ALA DF 10 105.75 43.12 67.10
C ALA DF 10 105.48 41.69 67.58
N ASN DF 11 106.10 41.33 68.69
CA ASN DF 11 105.88 40.04 69.34
C ASN DF 11 104.68 40.15 70.26
N SER DF 12 104.50 39.14 71.13
CA SER DF 12 103.38 39.17 72.07
C SER DF 12 103.54 40.29 73.10
N THR DF 13 104.78 40.71 73.38
CA THR DF 13 105.06 41.84 74.26
C THR DF 13 104.86 43.18 73.56
N LEU DF 14 104.67 43.17 72.24
CA LEU DF 14 104.67 44.35 71.38
C LEU DF 14 106.05 45.00 71.27
N ALA DF 15 107.09 44.27 71.62
CA ALA DF 15 108.45 44.73 71.37
C ALA DF 15 108.79 44.54 69.89
N SER DF 16 109.62 45.44 69.36
CA SER DF 16 109.97 45.40 67.94
C SER DF 16 110.77 44.14 67.64
N THR DF 17 110.26 43.32 66.72
CA THR DF 17 110.83 42.03 66.38
C THR DF 17 110.95 41.92 64.87
N LEU DF 18 112.02 41.29 64.40
CA LEU DF 18 112.11 41.05 62.96
C LEU DF 18 111.17 39.92 62.53
N VAL DF 19 110.66 40.06 61.32
CA VAL DF 19 109.88 39.04 60.66
C VAL DF 19 110.41 38.89 59.24
N ASN DF 20 110.78 37.67 58.88
CA ASN DF 20 111.58 37.41 57.70
C ASN DF 20 110.70 36.86 56.58
N TYR DF 21 110.72 37.52 55.44
CA TYR DF 21 110.04 37.06 54.25
C TYR DF 21 111.06 36.75 53.17
N SER DF 22 110.72 35.83 52.28
CA SER DF 22 111.53 35.53 51.12
C SER DF 22 110.62 35.44 49.90
N LEU DF 23 111.20 35.77 48.74
CA LEU DF 23 110.41 35.87 47.52
C LEU DF 23 109.96 34.49 47.07
N ARG DF 24 108.66 34.24 47.15
CA ARG DF 24 108.09 33.05 46.53
C ARG DF 24 108.08 33.17 45.01
N SER DF 25 107.42 34.18 44.48
CA SER DF 25 107.34 34.25 43.02
C SER DF 25 107.08 35.67 42.57
N GLN DF 26 107.69 36.06 41.45
CA GLN DF 26 107.36 37.30 40.76
C GLN DF 26 106.64 36.96 39.48
N ASN DF 27 105.39 37.37 39.39
CA ASN DF 27 104.64 37.46 38.15
C ASN DF 27 104.80 38.90 37.62
N GLY DF 28 104.35 39.11 36.39
CA GLY DF 28 104.49 40.44 35.81
C GLY DF 28 103.73 41.50 36.57
N ASN DF 29 104.46 42.45 37.18
CA ASN DF 29 103.87 43.48 38.04
C ASN DF 29 103.13 42.85 39.22
N ASN DF 30 103.63 41.72 39.71
CA ASN DF 30 103.02 41.07 40.85
C ASN DF 30 104.10 40.31 41.62
N VAL DF 31 104.07 40.39 42.95
CA VAL DF 31 105.11 39.81 43.78
C VAL DF 31 104.47 39.12 44.97
N ASP DF 32 104.93 37.90 45.26
CA ASP DF 32 104.46 37.10 46.38
C ASP DF 32 105.64 36.68 47.24
N TYR DF 33 105.61 37.11 48.52
CA TYR DF 33 106.59 36.76 49.54
C TYR DF 33 105.96 35.86 50.58
N VAL DF 34 106.79 35.03 51.21
CA VAL DF 34 106.35 34.08 52.24
C VAL DF 34 107.24 34.24 53.47
N CYS DF 35 106.66 34.10 54.65
CA CYS DF 35 107.41 34.23 55.89
C CYS DF 35 108.23 32.97 56.13
N THR DF 36 109.50 33.15 56.44
CA THR DF 36 110.45 32.05 56.64
C THR DF 36 110.73 31.77 58.11
N ASP DF 37 109.97 32.37 59.01
CA ASP DF 37 110.14 32.12 60.43
C ASP DF 37 109.47 30.81 60.80
N PRO DF 38 109.73 30.30 62.00
CA PRO DF 38 108.91 29.19 62.51
C PRO DF 38 107.46 29.55 62.75
N ASP DF 39 107.13 30.84 62.83
CA ASP DF 39 105.75 31.29 63.04
C ASP DF 39 104.84 30.83 61.91
N SER DF 40 105.31 30.93 60.67
CA SER DF 40 104.53 30.51 59.52
C SER DF 40 104.94 29.12 59.10
N THR DF 41 103.94 28.32 58.76
CA THR DF 41 104.09 27.03 58.12
C THR DF 41 103.24 27.04 56.87
N LEU DF 42 103.40 26.01 56.03
CA LEU DF 42 102.53 25.94 54.86
C LEU DF 42 101.07 25.87 55.24
N SER DF 43 100.77 25.22 56.38
CA SER DF 43 99.38 25.10 56.80
C SER DF 43 98.81 26.44 57.26
N ALA DF 44 99.61 27.25 57.95
CA ALA DF 44 99.17 28.56 58.44
C ALA DF 44 100.26 29.58 58.17
N PRO DF 45 100.33 30.10 56.94
CA PRO DF 45 101.48 30.91 56.53
C PRO DF 45 101.31 32.38 56.82
N GLY DF 46 102.43 33.08 56.76
CA GLY DF 46 102.46 34.54 56.68
C GLY DF 46 102.86 34.92 55.26
N LEU DF 47 102.12 35.87 54.70
CA LEU DF 47 102.22 36.10 53.26
C LEU DF 47 102.20 37.60 52.96
N ILE DF 48 102.83 37.97 51.84
CA ILE DF 48 102.78 39.33 51.33
C ILE DF 48 102.54 39.27 49.83
N ASN DF 49 101.70 40.17 49.33
CA ASN DF 49 101.36 40.28 47.92
C ASN DF 49 101.38 41.75 47.51
N ALA DF 50 101.97 42.03 46.35
CA ALA DF 50 102.05 43.39 45.83
C ALA DF 50 101.79 43.42 44.33
N LYS DF 51 100.85 44.28 43.91
CA LYS DF 51 100.36 44.32 42.54
C LYS DF 51 100.38 45.76 42.03
N PHE DF 52 100.49 45.89 40.70
CA PHE DF 52 100.51 47.19 40.03
C PHE DF 52 99.45 47.22 38.93
N ASP DF 53 98.41 48.01 39.14
CA ASP DF 53 97.41 48.30 38.12
C ASP DF 53 97.88 49.55 37.39
N ILE DF 54 98.59 49.36 36.28
CA ILE DF 54 99.15 50.46 35.49
C ILE DF 54 98.34 50.57 34.21
N LYS DF 55 97.71 51.73 34.02
CA LYS DF 55 96.87 51.94 32.85
C LYS DF 55 97.76 52.21 31.63
N ALA DF 56 97.15 52.06 30.44
CA ALA DF 56 97.86 52.30 29.20
C ALA DF 56 98.45 53.70 29.20
N PRO DF 57 99.62 53.90 28.57
CA PRO DF 57 100.27 55.22 28.63
C PRO DF 57 99.46 56.34 27.99
N GLY DF 58 98.66 56.04 26.95
CA GLY DF 58 97.82 57.06 26.37
C GLY DF 58 96.68 57.48 27.29
N ILE DF 59 96.07 56.51 27.98
CA ILE DF 59 94.90 56.76 28.82
C ILE DF 59 95.29 57.51 30.08
N THR DF 60 94.50 58.51 30.45
CA THR DF 60 94.61 59.13 31.77
C THR DF 60 93.66 58.45 32.74
N GLY DF 61 94.18 58.17 33.93
CA GLY DF 61 93.39 57.62 35.01
C GLY DF 61 94.21 57.72 36.26
N ASN DF 62 93.98 56.78 37.18
CA ASN DF 62 94.84 56.61 38.34
C ASN DF 62 95.60 55.30 38.19
N ASP DF 63 96.91 55.36 38.41
CA ASP DF 63 97.68 54.14 38.61
C ASP DF 63 97.47 53.65 40.04
N ARG DF 64 97.50 52.33 40.23
CA ARG DF 64 97.16 51.76 41.52
C ARG DF 64 98.19 50.75 42.00
N ILE DF 65 98.42 50.75 43.31
CA ILE DF 65 99.27 49.77 43.99
C ILE DF 65 98.40 49.02 44.98
N HIS DF 66 98.47 47.69 44.96
CA HIS DF 66 97.71 46.85 45.88
C HIS DF 66 98.68 46.03 46.70
N ALA DF 67 98.68 46.22 48.02
CA ALA DF 67 99.53 45.45 48.91
C ALA DF 67 98.68 44.72 49.93
N ASN DF 68 99.14 43.54 50.33
CA ASN DF 68 98.40 42.71 51.26
C ASN DF 68 99.38 41.95 52.14
N LEU DF 69 99.26 42.12 53.45
CA LEU DF 69 100.09 41.42 54.42
C LEU DF 69 99.17 40.57 55.31
N ARG DF 70 99.35 39.25 55.25
CA ARG DF 70 98.44 38.29 55.85
C ARG DF 70 99.18 37.42 56.86
N LYS DF 71 98.45 36.99 57.88
CA LYS DF 71 98.88 35.90 58.76
C LYS DF 71 97.68 34.98 58.98
N VAL DF 72 97.86 33.72 58.62
CA VAL DF 72 96.83 32.69 58.82
C VAL DF 72 97.03 32.08 60.19
N VAL DF 73 95.94 31.77 60.88
CA VAL DF 73 95.99 31.11 62.17
C VAL DF 73 94.98 29.98 62.18
N LEU DF 74 95.33 28.90 62.89
CA LEU DF 74 94.48 27.72 62.99
C LEU DF 74 93.76 27.72 64.33
N ASP DF 75 92.48 27.33 64.31
CA ASP DF 75 91.73 27.17 65.54
C ASP DF 75 92.28 25.99 66.34
N GLU DF 76 92.45 26.20 67.65
CA GLU DF 76 92.94 25.11 68.49
C GLU DF 76 92.01 23.91 68.42
N LYS DF 77 90.71 24.13 68.50
CA LYS DF 77 89.77 23.01 68.56
C LYS DF 77 89.51 22.40 67.19
N THR DF 78 89.28 23.23 66.15
CA THR DF 78 88.86 22.69 64.86
C THR DF 78 89.94 22.67 63.79
N ASN DF 79 91.10 23.28 64.05
CA ASN DF 79 92.17 23.46 63.06
C ASN DF 79 91.70 24.15 61.79
N LEU DF 80 90.52 24.78 61.83
CA LEU DF 80 90.05 25.56 60.70
C LEU DF 80 90.83 26.87 60.62
N PRO DF 81 91.22 27.28 59.43
CA PRO DF 81 92.05 28.47 59.31
C PRO DF 81 91.21 29.73 59.19
N SER DF 82 91.53 30.75 59.97
CA SER DF 82 91.04 32.08 59.69
C SER DF 82 92.24 33.02 59.63
N THR DF 83 92.13 34.06 58.81
CA THR DF 83 93.27 34.87 58.47
C THR DF 83 93.06 36.32 58.89
N GLY DF 84 94.13 36.97 59.28
CA GLY DF 84 94.12 38.39 59.61
C GLY DF 84 95.03 39.14 58.68
N SER DF 85 94.61 40.33 58.25
CA SER DF 85 95.32 40.96 57.15
C SER DF 85 95.26 42.47 57.21
N VAL DF 86 96.31 43.10 56.69
CA VAL DF 86 96.34 44.54 56.41
C VAL DF 86 96.53 44.71 54.91
N THR DF 87 95.57 45.36 54.27
CA THR DF 87 95.63 45.64 52.84
C THR DF 87 95.71 47.14 52.61
N ILE DF 88 96.43 47.52 51.55
CA ILE DF 88 96.74 48.90 51.25
C ILE DF 88 96.53 49.14 49.77
N GLN DF 89 95.86 50.23 49.43
CA GLN DF 89 95.66 50.59 48.03
C GLN DF 89 96.14 52.01 47.86
N VAL DF 90 97.10 52.22 46.98
CA VAL DF 90 97.64 53.53 46.67
C VAL DF 90 97.14 53.92 45.29
N SER DF 91 96.42 55.02 45.20
CA SER DF 91 95.89 55.53 43.94
C SER DF 91 96.59 56.85 43.62
N ILE DF 92 97.42 56.81 42.59
CA ILE DF 92 98.29 57.91 42.17
C ILE DF 92 97.74 58.48 40.87
N PRO DF 93 97.35 59.74 40.82
CA PRO DF 93 96.85 60.32 39.56
C PRO DF 93 97.95 60.64 38.56
N ARG DF 94 97.58 60.58 37.28
CA ARG DF 94 98.49 60.80 36.17
C ARG DF 94 98.59 62.26 35.74
N ASN DF 95 98.25 63.19 36.62
CA ASN DF 95 98.35 64.62 36.34
C ASN DF 95 99.67 65.15 36.88
N PRO DF 96 100.46 65.87 36.08
CA PRO DF 96 101.73 66.41 36.58
C PRO DF 96 101.59 67.27 37.82
N ALA DF 97 100.37 67.72 38.14
CA ALA DF 97 100.14 68.45 39.38
C ALA DF 97 100.30 67.57 40.62
N TRP DF 98 100.46 66.27 40.44
CA TRP DF 98 100.77 65.33 41.50
C TRP DF 98 102.18 64.81 41.32
N ASN DF 99 102.85 64.48 42.42
CA ASN DF 99 104.21 63.96 42.29
C ASN DF 99 104.52 62.96 43.39
N ALA DF 100 105.71 62.36 43.25
CA ALA DF 100 106.11 61.30 44.14
C ALA DF 100 106.24 61.80 45.57
N SER DF 101 106.60 63.08 45.76
CA SER DF 101 106.68 63.61 47.12
C SER DF 101 105.32 63.54 47.79
N MET DF 102 104.24 63.77 47.03
CA MET DF 102 102.90 63.69 47.59
C MET DF 102 102.50 62.23 47.85
N THR DF 103 102.85 61.34 46.93
CA THR DF 103 102.63 59.91 47.20
C THR DF 103 103.28 59.49 48.51
N VAL DF 104 104.57 59.84 48.67
CA VAL DF 104 105.31 59.46 49.86
C VAL DF 104 104.71 60.14 51.09
N SER DF 105 104.26 61.38 50.95
CA SER DF 105 103.67 62.08 52.09
C SER DF 105 102.43 61.34 52.59
N LEU DF 106 101.56 60.90 51.66
CA LEU DF 106 100.41 60.12 52.09
C LEU DF 106 100.83 58.81 52.76
N LEU DF 107 101.84 58.14 52.20
CA LEU DF 107 102.30 56.90 52.83
C LEU DF 107 102.80 57.15 54.25
N LYS DF 108 103.60 58.19 54.44
CA LYS DF 108 104.15 58.50 55.75
C LYS DF 108 103.06 58.86 56.74
N GLN DF 109 102.06 59.62 56.30
CA GLN DF 109 100.99 60.01 57.20
C GLN DF 109 100.16 58.80 57.61
N ALA DF 110 99.86 57.91 56.66
CA ALA DF 110 99.14 56.69 57.01
C ALA DF 110 99.94 55.86 57.99
N ALA DF 111 101.26 55.76 57.79
CA ALA DF 111 102.11 55.03 58.73
C ALA DF 111 102.03 55.64 60.12
N ASP DF 112 102.16 56.97 60.21
CA ASP DF 112 102.07 57.63 61.51
C ASP DF 112 100.71 57.36 62.17
N TYR DF 113 99.62 57.46 61.41
CA TYR DF 113 98.31 57.46 62.04
C TYR DF 113 97.80 56.05 62.37
N LEU DF 114 98.21 55.03 61.62
CA LEU DF 114 97.73 53.68 61.90
C LEU DF 114 98.76 52.76 62.52
N ALA DF 115 100.04 53.02 62.34
CA ALA DF 115 101.08 52.21 62.96
C ALA DF 115 101.89 52.97 64.00
N GLY DF 116 101.84 54.31 63.99
CA GLY DF 116 102.59 55.10 64.95
C GLY DF 116 104.08 54.95 64.79
N THR DF 117 104.59 55.11 63.56
CA THR DF 117 106.00 54.91 63.28
C THR DF 117 106.68 56.08 62.57
N SER DF 118 106.03 57.24 62.50
CA SER DF 118 106.63 58.42 61.88
C SER DF 118 108.00 58.76 62.49
N ALA DF 119 108.78 59.52 61.72
CA ALA DF 119 110.04 60.07 62.20
C ALA DF 119 109.76 61.19 63.22
N THR DF 120 110.74 61.44 64.09
CA THR DF 120 110.56 62.44 65.13
C THR DF 120 110.59 63.84 64.52
N VAL DF 121 109.53 64.60 64.79
CA VAL DF 121 109.34 65.96 64.31
C VAL DF 121 108.62 66.74 65.39
N SER DF 122 109.15 67.90 65.75
CA SER DF 122 108.61 68.60 66.91
C SER DF 122 107.17 69.05 66.63
N GLY DF 123 106.31 68.83 67.62
CA GLY DF 123 104.90 69.15 67.49
C GLY DF 123 104.03 68.03 66.98
N GLN DF 124 104.62 66.89 66.62
CA GLN DF 124 103.83 65.73 66.20
C GLN DF 124 103.03 65.18 67.36
N THR DF 125 101.83 64.69 67.06
CA THR DF 125 101.07 63.99 68.08
C THR DF 125 101.73 62.64 68.37
N ASP DF 126 101.64 62.22 69.63
CA ASP DF 126 102.24 60.96 70.06
C ASP DF 126 101.35 59.83 69.58
N THR DF 127 101.75 59.23 68.46
CA THR DF 127 100.98 58.17 67.82
C THR DF 127 101.39 56.79 68.25
N SER DF 128 102.24 56.68 69.27
CA SER DF 128 102.80 55.39 69.66
C SER DF 128 101.71 54.40 70.09
N GLY DF 129 100.67 54.89 70.77
CA GLY DF 129 99.62 54.00 71.24
C GLY DF 129 98.51 53.76 70.26
N PHE DF 130 98.55 54.47 69.13
CA PHE DF 130 97.47 54.34 68.16
C PHE DF 130 97.32 52.92 67.61
N PRO DF 131 98.38 52.17 67.28
CA PRO DF 131 98.15 50.80 66.82
C PRO DF 131 97.45 49.93 67.85
N ALA DF 132 97.79 50.11 69.13
CA ALA DF 132 97.06 49.41 70.18
C ALA DF 132 95.59 49.78 70.17
N LYS DF 133 95.28 51.08 70.11
CA LYS DF 133 93.89 51.50 70.09
C LYS DF 133 93.15 50.95 68.87
N TRP DF 134 93.79 50.95 67.71
CA TRP DF 134 93.15 50.41 66.52
C TRP DF 134 92.86 48.93 66.69
N ALA DF 135 93.85 48.17 67.18
CA ALA DF 135 93.65 46.74 67.42
C ALA DF 135 92.57 46.49 68.46
N GLY DF 136 92.22 47.49 69.25
CA GLY DF 136 91.06 47.39 70.10
C GLY DF 136 89.75 47.90 69.52
N LEU DF 137 89.74 48.27 68.24
CA LEU DF 137 88.59 48.94 67.60
C LEU DF 137 88.18 50.19 68.37
N MET DF 138 89.15 51.05 68.62
CA MET DF 138 88.96 52.33 69.29
C MET DF 138 89.61 53.43 68.46
N PHE DF 139 88.89 54.51 68.22
CA PHE DF 139 89.49 55.62 67.51
C PHE DF 139 90.54 56.29 68.41
N PRO DF 140 91.72 56.61 67.88
CA PRO DF 140 92.76 57.31 68.64
C PRO DF 140 92.26 58.66 69.15
N ALA EF 1 116.79 38.75 32.36
CA ALA EF 1 116.88 40.04 31.67
C ALA EF 1 117.76 41.02 32.43
N ALA EF 2 118.36 41.97 31.72
CA ALA EF 2 119.24 42.94 32.35
C ALA EF 2 118.43 43.81 33.31
N PRO EF 3 118.92 44.02 34.55
CA PRO EF 3 118.15 44.81 35.51
C PRO EF 3 118.07 46.29 35.17
N SER EF 4 119.00 46.80 34.36
CA SER EF 4 118.97 48.21 33.98
C SER EF 4 119.73 48.39 32.68
N LEU EF 5 119.41 49.48 31.99
CA LEU EF 5 119.94 49.77 30.66
C LEU EF 5 120.30 51.24 30.55
N ALA EF 6 121.36 51.53 29.82
CA ALA EF 6 121.76 52.89 29.49
C ALA EF 6 121.85 52.95 27.97
N LEU EF 7 120.76 53.36 27.32
CA LEU EF 7 120.69 53.35 25.87
C LEU EF 7 121.04 54.73 25.33
N VAL EF 8 121.49 54.77 24.07
CA VAL EF 8 121.84 56.05 23.45
C VAL EF 8 120.65 56.56 22.65
N GLY EF 9 120.28 57.81 22.91
CA GLY EF 9 119.27 58.50 22.13
C GLY EF 9 119.77 59.87 21.76
N ALA EF 10 118.87 60.80 21.47
CA ALA EF 10 119.24 62.14 21.03
C ALA EF 10 118.57 63.19 21.91
N ASN EF 11 119.32 64.24 22.25
CA ASN EF 11 118.79 65.37 22.99
C ASN EF 11 118.03 66.29 22.03
N SER EF 12 117.66 67.48 22.50
CA SER EF 12 116.96 68.42 21.64
C SER EF 12 117.81 68.85 20.45
N THR EF 13 119.12 68.73 20.55
CA THR EF 13 120.04 69.11 19.47
C THR EF 13 120.46 67.93 18.62
N LEU EF 14 119.94 66.73 18.92
CA LEU EF 14 120.27 65.49 18.23
C LEU EF 14 121.68 64.98 18.57
N ALA EF 15 122.27 65.49 19.65
CA ALA EF 15 123.52 64.93 20.15
C ALA EF 15 123.26 63.64 20.90
N SER EF 16 124.20 62.71 20.79
CA SER EF 16 124.05 61.43 21.47
C SER EF 16 124.02 61.63 22.98
N THR EF 17 122.96 61.15 23.62
CA THR EF 17 122.74 61.34 25.05
C THR EF 17 122.25 60.02 25.65
N LEU EF 18 122.70 59.71 26.85
CA LEU EF 18 122.20 58.51 27.50
C LEU EF 18 120.75 58.69 27.96
N VAL EF 19 120.03 57.58 27.96
CA VAL EF 19 118.67 57.47 28.45
C VAL EF 19 118.60 56.20 29.29
N ASN EF 20 118.20 56.35 30.54
CA ASN EF 20 118.38 55.32 31.54
C ASN EF 20 117.05 54.63 31.81
N TYR EF 21 117.03 53.31 31.63
CA TYR EF 21 115.86 52.49 31.91
C TYR EF 21 116.20 51.50 33.02
N SER EF 22 115.18 51.11 33.78
CA SER EF 22 115.30 50.10 34.80
C SER EF 22 114.17 49.09 34.64
N LEU EF 23 114.47 47.84 34.97
CA LEU EF 23 113.54 46.73 34.77
C LEU EF 23 112.43 46.79 35.81
N ARG EF 24 111.20 46.99 35.35
CA ARG EF 24 110.07 47.06 36.28
C ARG EF 24 109.61 45.66 36.69
N SER EF 25 109.37 44.78 35.73
CA SER EF 25 108.94 43.42 36.02
C SER EF 25 109.22 42.52 34.82
N GLN EF 26 108.97 41.22 35.00
CA GLN EF 26 109.08 40.24 33.92
C GLN EF 26 107.93 39.26 34.04
N ASN EF 27 107.07 39.23 33.01
CA ASN EF 27 105.92 38.35 32.88
C ASN EF 27 106.26 37.21 31.91
N GLY EF 28 105.24 36.45 31.51
CA GLY EF 28 105.41 35.39 30.55
C GLY EF 28 105.93 35.91 29.22
N ASN EF 29 107.18 35.55 28.92
CA ASN EF 29 107.83 35.85 27.66
C ASN EF 29 107.80 37.34 27.34
N ASN EF 30 108.00 38.18 28.35
CA ASN EF 30 108.03 39.62 28.11
C ASN EF 30 108.86 40.30 29.20
N VAL EF 31 109.15 41.57 28.96
CA VAL EF 31 110.02 42.38 29.80
C VAL EF 31 109.54 43.82 29.70
N ASP EF 32 109.47 44.49 30.86
CA ASP EF 32 108.96 45.86 30.98
C ASP EF 32 110.01 46.74 31.65
N TYR EF 33 110.47 47.76 30.92
CA TYR EF 33 111.44 48.73 31.42
C TYR EF 33 110.81 50.11 31.49
N VAL EF 34 111.27 50.91 32.46
CA VAL EF 34 110.78 52.26 32.70
C VAL EF 34 111.96 53.22 32.73
N CYS EF 35 111.77 54.42 32.18
CA CYS EF 35 112.84 55.41 32.17
C CYS EF 35 112.96 56.04 33.55
N THR EF 36 114.20 56.13 34.04
CA THR EF 36 114.51 56.64 35.38
C THR EF 36 115.09 58.05 35.36
N ASP EF 37 115.10 58.71 34.22
CA ASP EF 37 115.60 60.06 34.12
C ASP EF 37 114.60 61.01 34.77
N PRO EF 38 115.00 62.26 35.02
CA PRO EF 38 114.04 63.23 35.57
C PRO EF 38 112.92 63.59 34.62
N ASP EF 39 113.15 63.57 33.30
CA ASP EF 39 112.12 64.01 32.36
C ASP EF 39 110.95 63.04 32.24
N SER EF 40 111.08 61.81 32.70
CA SER EF 40 109.98 60.85 32.68
C SER EF 40 109.37 60.76 34.08
N THR EF 41 108.06 60.88 34.14
CA THR EF 41 107.27 60.78 35.35
C THR EF 41 106.05 59.91 35.03
N LEU EF 42 105.29 59.55 36.07
CA LEU EF 42 104.11 58.72 35.82
C LEU EF 42 103.12 59.43 34.91
N SER EF 43 103.09 60.76 34.94
CA SER EF 43 102.20 61.52 34.07
C SER EF 43 102.62 61.38 32.61
N ALA EF 44 103.92 61.35 32.34
CA ALA EF 44 104.43 61.25 30.98
C ALA EF 44 105.71 60.41 30.98
N PRO EF 45 105.56 59.08 31.01
CA PRO EF 45 106.72 58.20 31.18
C PRO EF 45 107.40 57.84 29.87
N GLY EF 46 108.59 57.27 29.99
CA GLY EF 46 109.25 56.58 28.90
C GLY EF 46 109.29 55.08 29.22
N LEU EF 47 108.95 54.27 28.22
CA LEU EF 47 108.73 52.86 28.46
C LEU EF 47 109.35 52.02 27.36
N ILE EF 48 109.79 50.81 27.72
CA ILE EF 48 110.24 49.82 26.74
C ILE EF 48 109.63 48.48 27.09
N ASN EF 49 109.18 47.74 26.08
CA ASN EF 49 108.47 46.49 26.29
C ASN EF 49 108.92 45.48 25.23
N ALA EF 50 109.17 44.24 25.66
CA ALA EF 50 109.62 43.21 24.73
C ALA EF 50 108.89 41.91 25.03
N LYS EF 51 108.56 41.16 23.97
CA LYS EF 51 107.77 39.93 24.09
C LYS EF 51 108.24 38.92 23.04
N PHE EF 52 108.21 37.65 23.40
CA PHE EF 52 108.48 36.56 22.46
C PHE EF 52 107.21 35.75 22.21
N ASP EF 53 106.89 35.56 20.93
CA ASP EF 53 105.90 34.57 20.50
C ASP EF 53 106.71 33.39 19.98
N ILE EF 54 106.78 32.32 20.77
CA ILE EF 54 107.66 31.20 20.49
C ILE EF 54 106.81 30.01 20.07
N LYS EF 55 107.04 29.53 18.85
CA LYS EF 55 106.26 28.41 18.35
C LYS EF 55 106.86 27.10 18.83
N ALA EF 56 106.07 26.03 18.69
CA ALA EF 56 106.45 24.73 19.23
C ALA EF 56 107.74 24.23 18.60
N PRO EF 57 108.42 23.30 19.26
CA PRO EF 57 109.67 22.75 18.68
C PRO EF 57 109.40 22.13 17.32
N GLY EF 58 110.38 22.26 16.43
CA GLY EF 58 110.30 21.80 15.07
C GLY EF 58 110.93 22.81 14.16
N ILE EF 59 110.82 22.59 12.86
CA ILE EF 59 111.36 23.52 11.88
C ILE EF 59 110.26 24.19 11.06
N THR EF 60 109.01 24.06 11.48
CA THR EF 60 107.89 24.49 10.64
C THR EF 60 107.58 25.98 10.79
N GLY EF 61 107.66 26.51 12.00
CA GLY EF 61 107.03 27.78 12.30
C GLY EF 61 107.87 29.01 11.99
N ASN EF 62 107.39 30.13 12.54
CA ASN EF 62 108.05 31.43 12.54
C ASN EF 62 107.97 32.00 13.95
N ASP EF 63 109.11 32.10 14.64
CA ASP EF 63 109.20 32.77 15.93
C ASP EF 63 109.08 34.27 15.73
N ARG EF 64 108.60 34.98 16.76
CA ARG EF 64 108.43 36.43 16.65
C ARG EF 64 108.91 37.14 17.91
N ILE EF 65 109.50 38.31 17.69
CA ILE EF 65 109.94 39.23 18.75
C ILE EF 65 109.16 40.52 18.56
N HIS EF 66 108.61 41.05 19.66
CA HIS EF 66 107.88 42.31 19.64
C HIS EF 66 108.55 43.26 20.62
N ALA EF 67 109.07 44.37 20.11
CA ALA EF 67 109.64 45.41 20.95
C ALA EF 67 108.85 46.69 20.75
N ASN EF 68 108.82 47.52 21.79
CA ASN EF 68 108.03 48.75 21.75
C ASN EF 68 108.70 49.77 22.64
N LEU EF 69 109.13 50.89 22.05
CA LEU EF 69 109.78 51.98 22.78
C LEU EF 69 108.87 53.20 22.69
N ARG EF 70 108.35 53.65 23.82
CA ARG EF 70 107.36 54.71 23.86
C ARG EF 70 107.84 55.85 24.73
N LYS EF 71 107.36 57.06 24.41
CA LYS EF 71 107.50 58.23 25.25
C LYS EF 71 106.21 59.04 25.21
N VAL EF 72 105.68 59.36 26.39
CA VAL EF 72 104.46 60.15 26.50
C VAL EF 72 104.83 61.61 26.68
N VAL EF 73 104.04 62.50 26.08
CA VAL EF 73 104.26 63.93 26.20
C VAL EF 73 102.93 64.58 26.51
N LEU EF 74 102.99 65.70 27.23
CA LEU EF 74 101.80 66.45 27.64
C LEU EF 74 101.72 67.77 26.87
N ASP EF 75 100.51 68.12 26.44
CA ASP EF 75 100.28 69.38 25.74
C ASP EF 75 100.57 70.57 26.64
N GLU EF 76 101.30 71.56 26.12
CA GLU EF 76 101.59 72.75 26.93
C GLU EF 76 100.32 73.50 27.29
N LYS EF 77 99.27 73.35 26.50
CA LYS EF 77 98.06 74.13 26.73
C LYS EF 77 97.07 73.38 27.61
N THR EF 78 97.00 72.05 27.48
CA THR EF 78 95.96 71.27 28.14
C THR EF 78 96.47 70.12 29.00
N ASN EF 79 97.78 69.87 29.05
CA ASN EF 79 98.34 68.69 29.72
C ASN EF 79 97.72 67.39 29.21
N LEU EF 80 97.22 67.40 27.97
CA LEU EF 80 96.68 66.15 27.49
C LEU EF 80 97.79 65.27 26.92
N PRO EF 81 97.76 63.98 27.24
CA PRO EF 81 98.86 63.09 26.84
C PRO EF 81 98.67 62.61 25.41
N SER EF 82 99.76 62.62 24.65
CA SER EF 82 99.85 61.83 23.44
C SER EF 82 101.21 61.15 23.45
N THR EF 83 101.28 59.98 22.81
CA THR EF 83 102.47 59.14 22.90
C THR EF 83 103.13 59.01 21.54
N GLY EF 84 104.46 59.01 21.54
CA GLY EF 84 105.25 58.68 20.37
C GLY EF 84 105.86 57.32 20.60
N SER EF 85 105.99 56.53 19.53
CA SER EF 85 106.45 55.17 19.72
C SER EF 85 107.18 54.64 18.49
N VAL EF 86 108.16 53.79 18.75
CA VAL EF 86 108.80 52.97 17.73
C VAL EF 86 108.59 51.51 18.12
N THR EF 87 107.85 50.78 17.31
CA THR EF 87 107.59 49.37 17.54
C THR EF 87 108.34 48.55 16.50
N ILE EF 88 108.78 47.37 16.91
CA ILE EF 88 109.60 46.49 16.09
C ILE EF 88 109.03 45.09 16.18
N GLN EF 89 108.96 44.40 15.05
CA GLN EF 89 108.58 42.99 15.01
C GLN EF 89 109.57 42.22 14.18
N VAL EF 90 110.24 41.26 14.80
CA VAL EF 90 111.20 40.38 14.15
C VAL EF 90 110.52 39.03 13.97
N SER EF 91 110.57 38.49 12.76
CA SER EF 91 110.01 37.18 12.46
C SER EF 91 111.15 36.31 11.92
N ILE EF 92 111.47 35.26 12.67
CA ILE EF 92 112.60 34.36 12.46
C ILE EF 92 112.03 32.99 12.06
N PRO EF 93 112.23 32.55 10.82
CA PRO EF 93 111.79 31.20 10.44
C PRO EF 93 112.65 30.13 11.08
N ARG EF 94 112.05 28.94 11.22
CA ARG EF 94 112.71 27.80 11.82
C ARG EF 94 113.28 26.82 10.79
N ASN EF 95 112.90 26.96 9.51
CA ASN EF 95 113.54 26.22 8.43
C ASN EF 95 115.05 26.37 8.53
N PRO EF 96 115.80 25.27 8.63
CA PRO EF 96 117.26 25.37 8.85
C PRO EF 96 117.99 26.13 7.77
N ALA EF 97 117.30 26.52 6.70
CA ALA EF 97 117.87 27.37 5.69
C ALA EF 97 117.97 28.83 6.14
N TRP EF 98 117.64 29.13 7.39
CA TRP EF 98 117.78 30.45 7.99
C TRP EF 98 118.84 30.40 9.09
N ASN EF 99 119.43 31.57 9.37
CA ASN EF 99 120.50 31.67 10.35
C ASN EF 99 120.25 32.81 11.33
N ALA EF 100 120.77 32.62 12.55
CA ALA EF 100 120.92 33.75 13.44
C ALA EF 100 121.72 34.87 12.77
N SER EF 101 122.67 34.51 11.90
CA SER EF 101 123.41 35.53 11.17
C SER EF 101 122.49 36.34 10.27
N MET EF 102 121.49 35.69 9.67
CA MET EF 102 120.55 36.41 8.82
C MET EF 102 119.64 37.31 9.64
N THR EF 103 119.20 36.83 10.81
CA THR EF 103 118.47 37.68 11.74
C THR EF 103 119.26 38.93 12.09
N VAL EF 104 120.52 38.74 12.51
CA VAL EF 104 121.35 39.87 12.90
C VAL EF 104 121.58 40.80 11.72
N SER EF 105 121.72 40.25 10.52
CA SER EF 105 121.94 41.09 9.36
C SER EF 105 120.74 41.98 9.09
N LEU EF 106 119.53 41.43 9.19
CA LEU EF 106 118.34 42.26 9.04
C LEU EF 106 118.29 43.34 10.13
N LEU EF 107 118.62 42.99 11.37
CA LEU EF 107 118.60 43.98 12.43
C LEU EF 107 119.57 45.12 12.13
N LYS EF 108 120.80 44.78 11.72
CA LYS EF 108 121.81 45.80 11.44
C LYS EF 108 121.39 46.67 10.27
N GLN EF 109 120.78 46.08 9.24
CA GLN EF 109 120.34 46.86 8.08
C GLN EF 109 119.22 47.81 8.45
N ALA EF 110 118.25 47.33 9.23
CA ALA EF 110 117.18 48.22 9.69
C ALA EF 110 117.74 49.36 10.53
N ALA EF 111 118.73 49.06 11.38
CA ALA EF 111 119.36 50.10 12.18
C ALA EF 111 120.03 51.14 11.30
N ASP EF 112 120.81 50.69 10.31
CA ASP EF 112 121.45 51.61 9.38
C ASP EF 112 120.42 52.46 8.63
N TYR EF 113 119.32 51.84 8.19
CA TYR EF 113 118.43 52.55 7.26
C TYR EF 113 117.44 53.46 7.97
N LEU EF 114 117.06 53.16 9.21
CA LEU EF 114 116.11 54.02 9.91
C LEU EF 114 116.71 54.83 11.04
N ALA EF 115 117.86 54.42 11.59
CA ALA EF 115 118.53 55.18 12.62
C ALA EF 115 119.90 55.71 12.19
N GLY EF 116 120.49 55.18 11.13
CA GLY EF 116 121.79 55.62 10.68
C GLY EF 116 122.88 55.38 11.69
N THR EF 117 122.97 54.15 12.21
CA THR EF 117 123.91 53.82 13.28
C THR EF 117 124.85 52.67 12.95
N SER EF 118 124.82 52.16 11.72
CA SER EF 118 125.65 51.01 11.35
C SER EF 118 127.14 51.27 11.56
N ALA EF 119 127.91 50.18 11.63
CA ALA EF 119 129.36 50.25 11.68
C ALA EF 119 129.91 50.75 10.35
N THR EF 120 131.22 51.03 10.34
CA THR EF 120 131.86 51.61 9.17
C THR EF 120 132.38 50.54 8.23
N VAL EF 121 131.98 50.61 6.96
CA VAL EF 121 132.44 49.71 5.90
C VAL EF 121 132.71 50.60 4.69
N SER EF 122 133.55 50.07 3.77
CA SER EF 122 134.12 50.90 2.70
C SER EF 122 133.03 51.63 1.93
N GLY EF 123 132.20 50.90 1.20
CA GLY EF 123 131.34 51.57 0.25
C GLY EF 123 129.96 51.92 0.79
N GLN EF 124 129.83 52.10 2.11
CA GLN EF 124 128.50 52.21 2.69
C GLN EF 124 127.91 53.56 2.31
N THR EF 125 126.60 53.61 2.20
CA THR EF 125 125.98 54.91 1.97
C THR EF 125 125.85 55.66 3.28
N ASP EF 126 125.93 56.98 3.19
CA ASP EF 126 125.88 57.85 4.35
C ASP EF 126 124.44 57.92 4.84
N THR EF 127 124.19 57.32 6.00
CA THR EF 127 122.86 57.22 6.57
C THR EF 127 122.69 58.10 7.80
N SER EF 128 123.64 58.98 8.08
CA SER EF 128 123.57 59.79 9.29
C SER EF 128 122.34 60.69 9.30
N GLY EF 129 121.95 61.22 8.15
CA GLY EF 129 120.81 62.12 8.07
C GLY EF 129 119.48 61.44 7.91
N PHE EF 130 119.50 60.12 7.71
CA PHE EF 130 118.25 59.41 7.49
C PHE EF 130 117.26 59.52 8.65
N PRO EF 131 117.67 59.40 9.92
CA PRO EF 131 116.66 59.58 10.99
C PRO EF 131 116.01 60.94 10.95
N ALA EF 132 116.76 61.99 10.64
CA ALA EF 132 116.18 63.32 10.49
C ALA EF 132 115.15 63.32 9.36
N LYS EF 133 115.53 62.76 8.20
CA LYS EF 133 114.59 62.75 7.07
C LYS EF 133 113.33 61.95 7.40
N TRP EF 134 113.47 60.84 8.12
CA TRP EF 134 112.29 60.08 8.52
C TRP EF 134 111.40 60.90 9.44
N ALA EF 135 112.01 61.51 10.47
CA ALA EF 135 111.24 62.32 11.41
C ALA EF 135 110.56 63.49 10.73
N GLY EF 136 111.04 63.89 9.56
CA GLY EF 136 110.32 64.85 8.74
C GLY EF 136 109.30 64.26 7.81
N LEU EF 137 109.06 62.96 7.90
CA LEU EF 137 108.17 62.23 6.99
C LEU EF 137 108.58 62.42 5.53
N MET EF 138 109.86 62.17 5.25
CA MET EF 138 110.33 62.11 3.87
C MET EF 138 111.31 60.96 3.72
N PHE EF 139 111.29 60.36 2.54
CA PHE EF 139 112.13 59.20 2.28
C PHE EF 139 113.59 59.62 2.15
N PRO EF 140 114.52 58.79 2.65
CA PRO EF 140 115.96 58.97 2.42
C PRO EF 140 116.28 58.92 0.93
N ALA FF 1 112.47 34.75 40.81
CA ALA FF 1 113.35 33.60 40.62
C ALA FF 1 114.73 34.03 40.14
N ALA FF 2 115.68 33.10 40.16
CA ALA FF 2 117.03 33.40 39.71
C ALA FF 2 117.03 33.71 38.22
N PRO FF 3 117.73 34.76 37.79
CA PRO FF 3 117.70 35.14 36.38
C PRO FF 3 118.50 34.20 35.49
N SER FF 4 119.42 33.42 36.05
CA SER FF 4 120.23 32.51 35.26
C SER FF 4 120.77 31.42 36.16
N LEU FF 5 121.06 30.27 35.54
CA LEU FF 5 121.46 29.07 36.24
C LEU FF 5 122.60 28.39 35.49
N ALA FF 6 123.55 27.83 36.24
CA ALA FF 6 124.61 27.00 35.68
C ALA FF 6 124.49 25.63 36.34
N LEU FF 7 123.71 24.75 35.73
CA LEU FF 7 123.48 23.43 36.30
C LEU FF 7 124.55 22.46 35.80
N VAL FF 8 124.76 21.37 36.54
CA VAL FF 8 125.74 20.36 36.16
C VAL FF 8 125.03 19.21 35.48
N GLY FF 9 125.45 18.89 34.26
CA GLY FF 9 125.01 17.73 33.52
C GLY FF 9 126.21 16.94 33.05
N ALA FF 10 126.02 16.20 31.97
CA ALA FF 10 127.04 15.31 31.43
C ALA FF 10 127.17 15.52 29.93
N ASN FF 11 128.40 15.53 29.44
CA ASN FF 11 128.66 15.59 28.01
C ASN FF 11 128.59 14.18 27.43
N SER FF 12 129.05 14.02 26.19
CA SER FF 12 129.03 12.71 25.55
C SER FF 12 129.92 11.70 26.27
N THR FF 13 130.96 12.18 26.98
CA THR FF 13 131.85 11.33 27.75
C THR FF 13 131.27 10.97 29.12
N LEU FF 14 130.13 11.56 29.49
CA LEU FF 14 129.55 11.54 30.83
C LEU FF 14 130.37 12.34 31.84
N ALA FF 15 131.32 13.14 31.38
CA ALA FF 15 132.06 14.03 32.29
C ALA FF 15 131.16 15.19 32.73
N SER FF 16 131.36 15.63 33.97
CA SER FF 16 130.54 16.70 34.52
C SER FF 16 130.78 18.00 33.75
N THR FF 17 129.73 18.53 33.13
CA THR FF 17 129.80 19.71 32.27
C THR FF 17 128.71 20.69 32.67
N LEU FF 18 129.02 21.99 32.60
CA LEU FF 18 127.99 22.98 32.88
C LEU FF 18 127.01 23.10 31.71
N VAL FF 19 125.74 23.25 32.06
CA VAL FF 19 124.67 23.57 31.13
C VAL FF 19 123.95 24.81 31.64
N ASN FF 20 123.85 25.82 30.79
CA ASN FF 20 123.51 27.17 31.20
C ASN FF 20 122.10 27.52 30.75
N TYR FF 21 121.30 28.02 31.69
CA TYR FF 21 119.93 28.44 31.43
C TYR FF 21 119.76 29.89 31.82
N SER FF 22 118.90 30.60 31.08
CA SER FF 22 118.49 31.94 31.47
C SER FF 22 116.96 31.98 31.62
N LEU FF 23 116.50 32.85 32.52
CA LEU FF 23 115.09 32.98 32.85
C LEU FF 23 114.38 33.70 31.72
N ARG FF 24 113.62 32.94 30.93
CA ARG FF 24 112.86 33.53 29.83
C ARG FF 24 111.49 34.02 30.28
N SER FF 25 110.75 33.27 31.09
CA SER FF 25 109.46 33.80 31.55
C SER FF 25 109.16 33.36 32.96
N GLN FF 26 108.28 34.12 33.61
CA GLN FF 26 107.74 33.76 34.91
C GLN FF 26 106.34 34.35 34.99
N ASN FF 27 105.36 33.50 35.26
CA ASN FF 27 103.96 33.87 35.19
C ASN FF 27 103.14 32.92 36.03
N GLY FF 28 102.33 33.46 36.92
CA GLY FF 28 101.34 32.68 37.64
C GLY FF 28 101.92 31.48 38.35
N ASN FF 29 102.83 31.73 39.29
CA ASN FF 29 103.56 30.67 39.99
C ASN FF 29 104.11 29.65 39.01
N ASN FF 30 104.67 30.15 37.92
CA ASN FF 30 105.24 29.29 36.91
C ASN FF 30 106.53 29.95 36.44
N VAL FF 31 107.56 29.14 36.20
CA VAL FF 31 108.89 29.65 35.88
C VAL FF 31 109.47 28.83 34.74
N ASP FF 32 109.93 29.51 33.67
CA ASP FF 32 110.41 28.87 32.45
C ASP FF 32 111.78 29.40 32.07
N TYR FF 33 112.76 28.50 32.00
CA TYR FF 33 114.14 28.77 31.62
C TYR FF 33 114.43 28.17 30.25
N VAL FF 34 115.35 28.79 29.52
CA VAL FF 34 115.82 28.26 28.24
C VAL FF 34 117.34 28.12 28.28
N CYS FF 35 117.85 27.11 27.59
CA CYS FF 35 119.27 26.82 27.58
C CYS FF 35 119.99 27.76 26.62
N THR FF 36 121.06 28.38 27.11
CA THR FF 36 121.81 29.39 26.36
C THR FF 36 123.00 28.82 25.59
N ASP FF 37 123.24 27.52 25.71
CA ASP FF 37 124.40 26.89 25.11
C ASP FF 37 124.18 26.71 23.61
N PRO FF 38 125.23 26.36 22.87
CA PRO FF 38 125.05 26.13 21.42
C PRO FF 38 124.21 24.91 21.10
N ASP FF 39 124.17 23.91 21.99
CA ASP FF 39 123.42 22.70 21.69
C ASP FF 39 121.91 22.90 21.70
N SER FF 40 121.41 24.01 22.27
CA SER FF 40 119.99 24.33 22.19
C SER FF 40 119.81 25.39 21.10
N THR FF 41 119.07 25.03 20.07
CA THR FF 41 118.70 25.92 19.00
C THR FF 41 117.23 26.29 19.14
N LEU FF 42 116.79 27.23 18.28
CA LEU FF 42 115.37 27.56 18.26
C LEU FF 42 114.54 26.36 17.90
N SER FF 43 115.02 25.56 16.94
CA SER FF 43 114.21 24.45 16.45
C SER FF 43 114.21 23.29 17.43
N ALA FF 44 115.33 23.10 18.12
CA ALA FF 44 115.50 22.00 19.07
C ALA FF 44 116.13 22.54 20.35
N PRO FF 45 115.32 23.10 21.25
CA PRO FF 45 115.87 23.81 22.41
C PRO FF 45 116.02 22.89 23.62
N GLY FF 46 116.69 23.43 24.64
CA GLY FF 46 116.69 22.86 25.97
C GLY FF 46 115.90 23.77 26.89
N LEU FF 47 115.02 23.17 27.69
CA LEU FF 47 114.02 23.95 28.40
C LEU FF 47 113.83 23.43 29.82
N ILE FF 48 113.44 24.35 30.72
CA ILE FF 48 113.09 23.98 32.09
C ILE FF 48 111.78 24.68 32.46
N ASN FF 49 110.93 23.96 33.19
CA ASN FF 49 109.63 24.44 33.62
C ASN FF 49 109.44 24.08 35.10
N ALA FF 50 108.80 24.98 35.85
CA ALA FF 50 108.53 24.71 37.27
C ALA FF 50 107.26 25.42 37.72
N LYS FF 51 106.31 24.66 38.28
CA LYS FF 51 104.98 25.12 38.68
C LYS FF 51 104.75 24.84 40.16
N PHE FF 52 103.90 25.66 40.78
CA PHE FF 52 103.44 25.49 42.15
C PHE FF 52 101.93 25.39 42.17
N ASP FF 53 101.41 24.23 42.59
CA ASP FF 53 100.00 24.09 42.97
C ASP FF 53 99.94 24.33 44.47
N ILE FF 54 99.59 25.54 44.86
CA ILE FF 54 99.52 25.91 46.28
C ILE FF 54 98.05 25.87 46.70
N LYS FF 55 97.76 24.96 47.63
CA LYS FF 55 96.41 24.81 48.14
C LYS FF 55 96.08 25.97 49.08
N ALA FF 56 94.79 26.22 49.24
CA ALA FF 56 94.27 27.20 50.20
C ALA FF 56 94.78 26.90 51.59
N PRO FF 57 94.90 27.89 52.48
CA PRO FF 57 95.39 27.62 53.83
C PRO FF 57 94.54 26.57 54.51
N GLY FF 58 95.18 25.78 55.35
CA GLY FF 58 94.50 24.68 55.99
C GLY FF 58 95.48 23.61 56.38
N ILE FF 59 95.00 22.71 57.23
CA ILE FF 59 95.82 21.61 57.70
C ILE FF 59 95.65 20.37 56.84
N THR FF 60 94.71 20.38 55.91
CA THR FF 60 94.41 19.24 55.05
C THR FF 60 94.88 19.51 53.63
N GLY FF 61 95.22 18.45 52.92
CA GLY FF 61 95.61 18.52 51.54
C GLY FF 61 97.12 18.40 51.36
N ASN FF 62 97.52 18.35 50.08
CA ASN FF 62 98.91 18.35 49.68
C ASN FF 62 99.19 19.55 48.78
N ASP FF 63 100.31 20.23 49.04
CA ASP FF 63 100.88 21.17 48.10
C ASP FF 63 101.70 20.42 47.06
N ARG FF 64 101.81 20.98 45.85
CA ARG FF 64 102.53 20.25 44.81
C ARG FF 64 103.50 21.14 44.04
N ILE FF 65 104.66 20.56 43.72
CA ILE FF 65 105.68 21.18 42.88
C ILE FF 65 105.83 20.34 41.63
N HIS FF 66 105.83 20.99 40.47
CA HIS FF 66 106.05 20.31 39.20
C HIS FF 66 107.29 20.89 38.54
N ALA FF 67 108.12 20.03 37.96
CA ALA FF 67 109.33 20.48 37.30
C ALA FF 67 109.59 19.61 36.09
N ASN FF 68 110.05 20.22 35.01
CA ASN FF 68 110.31 19.50 33.77
C ASN FF 68 111.61 20.00 33.16
N LEU FF 69 112.52 19.08 32.87
CA LEU FF 69 113.78 19.39 32.21
C LEU FF 69 113.80 18.64 30.87
N ARG FF 70 113.82 19.40 29.77
CA ARG FF 70 113.59 18.89 28.43
C ARG FF 70 114.79 19.19 27.55
N LYS FF 71 115.08 18.27 26.62
CA LYS FF 71 115.95 18.55 25.48
C LYS FF 71 115.26 18.01 24.23
N VAL FF 72 115.06 18.88 23.25
CA VAL FF 72 114.45 18.50 21.97
C VAL FF 72 115.56 18.11 21.01
N VAL FF 73 115.29 17.09 20.19
CA VAL FF 73 116.23 16.65 19.18
C VAL FF 73 115.47 16.43 17.88
N LEU FF 74 116.09 16.78 16.76
CA LEU FF 74 115.49 16.66 15.45
C LEU FF 74 115.96 15.40 14.76
N ASP FF 75 115.04 14.74 14.03
CA ASP FF 75 115.40 13.57 13.25
C ASP FF 75 116.36 13.94 12.12
N GLU FF 76 117.33 13.06 11.87
CA GLU FF 76 118.33 13.35 10.86
C GLU FF 76 117.69 13.53 9.48
N LYS FF 77 116.75 12.66 9.14
CA LYS FF 77 116.14 12.70 7.81
C LYS FF 77 114.90 13.58 7.80
N THR FF 78 113.92 13.27 8.66
CA THR FF 78 112.63 13.94 8.60
C THR FF 78 112.61 15.30 9.27
N ASN FF 79 113.62 15.62 10.10
CA ASN FF 79 113.67 16.86 10.87
C ASN FF 79 112.47 17.02 11.81
N LEU FF 80 111.71 15.95 12.03
CA LEU FF 80 110.65 15.96 13.02
C LEU FF 80 111.24 15.96 14.41
N PRO FF 81 110.71 16.76 15.32
CA PRO FF 81 111.29 16.84 16.66
C PRO FF 81 110.71 15.78 17.57
N SER FF 82 111.56 15.09 18.31
CA SER FF 82 111.12 14.34 19.48
C SER FF 82 111.93 14.81 20.67
N THR FF 83 111.31 14.76 21.85
CA THR FF 83 111.87 15.39 23.02
C THR FF 83 112.08 14.38 24.15
N GLY FF 84 113.23 14.50 24.82
CA GLY FF 84 113.55 13.68 25.98
C GLY FF 84 113.47 14.53 27.24
N SER FF 85 112.97 13.93 28.32
CA SER FF 85 112.62 14.78 29.46
C SER FF 85 112.67 14.02 30.78
N VAL FF 86 113.17 14.71 31.80
CA VAL FF 86 113.05 14.26 33.19
C VAL FF 86 112.09 15.20 33.90
N THR FF 87 111.01 14.65 34.42
CA THR FF 87 110.01 15.46 35.10
C THR FF 87 109.78 14.95 36.53
N ILE FF 88 109.57 15.90 37.44
CA ILE FF 88 109.52 15.63 38.88
C ILE FF 88 108.23 16.23 39.43
N GLN FF 89 107.55 15.46 40.27
CA GLN FF 89 106.43 15.96 41.06
C GLN FF 89 106.71 15.74 42.54
N VAL FF 90 106.69 16.81 43.31
CA VAL FF 90 106.87 16.78 44.75
C VAL FF 90 105.51 17.05 45.39
N SER FF 91 105.07 16.17 46.28
CA SER FF 91 103.79 16.30 46.98
C SER FF 91 104.08 16.40 48.47
N ILE FF 92 103.82 17.57 49.05
CA ILE FF 92 104.13 17.93 50.42
C ILE FF 92 102.82 18.01 51.20
N PRO FF 93 102.55 17.12 52.13
CA PRO FF 93 101.32 17.22 52.93
C PRO FF 93 101.37 18.40 53.89
N ARG FF 94 100.19 18.72 54.43
CA ARG FF 94 100.04 19.86 55.32
C ARG FF 94 99.80 19.45 56.77
N ASN FF 95 99.61 18.18 57.07
CA ASN FF 95 99.58 17.72 58.45
C ASN FF 95 100.87 18.12 59.14
N PRO FF 96 100.81 18.80 60.30
CA PRO FF 96 102.05 19.26 60.97
C PRO FF 96 103.02 18.14 61.27
N ALA FF 97 102.58 16.90 61.13
CA ALA FF 97 103.44 15.74 61.28
C ALA FF 97 104.38 15.55 60.09
N TRP FF 98 104.38 16.46 59.12
CA TRP FF 98 105.33 16.48 58.02
C TRP FF 98 106.31 17.64 58.20
N ASN FF 99 107.52 17.49 57.66
CA ASN FF 99 108.55 18.52 57.79
C ASN FF 99 109.18 18.83 56.44
N ALA FF 100 109.61 20.09 56.32
CA ALA FF 100 110.52 20.43 55.24
C ALA FF 100 111.73 19.50 55.24
N SER FF 101 112.17 19.05 56.42
CA SER FF 101 113.28 18.12 56.48
C SER FF 101 112.93 16.82 55.77
N MET FF 102 111.68 16.38 55.89
CA MET FF 102 111.26 15.15 55.22
C MET FF 102 111.18 15.37 53.71
N THR FF 103 110.68 16.53 53.29
CA THR FF 103 110.70 16.88 51.87
C THR FF 103 112.12 16.82 51.32
N VAL FF 104 113.06 17.49 51.99
CA VAL FF 104 114.44 17.53 51.53
C VAL FF 104 115.04 16.12 51.55
N SER FF 105 114.69 15.31 52.54
CA SER FF 105 115.23 13.96 52.59
C SER FF 105 114.78 13.15 51.39
N LEU FF 106 113.50 13.26 51.02
CA LEU FF 106 113.04 12.56 49.81
C LEU FF 106 113.75 13.09 48.56
N LEU FF 107 113.94 14.41 48.47
CA LEU FF 107 114.65 14.95 47.31
C LEU FF 107 116.06 14.40 47.22
N LYS FF 108 116.78 14.39 48.34
CA LYS FF 108 118.16 13.90 48.34
C LYS FF 108 118.23 12.41 48.00
N GLN FF 109 117.27 11.63 48.51
CA GLN FF 109 117.26 10.20 48.22
C GLN FF 109 116.97 9.94 46.75
N ALA FF 110 116.02 10.69 46.18
CA ALA FF 110 115.76 10.56 44.74
C ALA FF 110 117.00 10.93 43.93
N ALA FF 111 117.69 12.00 44.32
CA ALA FF 111 118.92 12.37 43.64
C ALA FF 111 119.95 11.25 43.72
N ASP FF 112 120.10 10.64 44.90
CA ASP FF 112 121.05 9.55 45.04
C ASP FF 112 120.66 8.36 44.16
N TYR FF 113 119.38 8.00 44.14
CA TYR FF 113 118.98 6.74 43.53
C TYR FF 113 118.82 6.83 42.02
N LEU FF 114 118.40 7.98 41.49
CA LEU FF 114 118.22 8.10 40.05
C LEU FF 114 119.33 8.89 39.36
N ALA FF 115 120.06 9.72 40.09
CA ALA FF 115 121.16 10.47 39.49
C ALA FF 115 122.53 10.11 40.06
N GLY FF 116 122.59 9.50 41.23
CA GLY FF 116 123.87 9.12 41.83
C GLY FF 116 124.71 10.32 42.21
N THR FF 117 124.13 11.28 42.94
CA THR FF 117 124.82 12.52 43.26
C THR FF 117 124.82 12.85 44.75
N SER FF 118 124.35 11.95 45.61
CA SER FF 118 124.32 12.20 47.05
C SER FF 118 125.69 12.61 47.60
N ALA FF 119 125.66 13.30 48.74
CA ALA FF 119 126.87 13.61 49.49
C ALA FF 119 127.49 12.33 50.06
N THR FF 120 128.74 12.43 50.50
CA THR FF 120 129.46 11.27 50.98
C THR FF 120 129.14 10.98 52.45
N VAL FF 121 128.73 9.75 52.72
CA VAL FF 121 128.43 9.26 54.06
C VAL FF 121 128.96 7.83 54.16
N SER FF 122 129.55 7.50 55.30
CA SER FF 122 130.07 6.15 55.52
C SER FF 122 128.96 5.12 55.37
N GLY FF 123 129.21 4.10 54.56
CA GLY FF 123 128.26 3.05 54.36
C GLY FF 123 127.22 3.29 53.29
N GLN FF 124 127.35 4.35 52.49
CA GLN FF 124 126.33 4.61 51.48
C GLN FF 124 126.56 3.66 50.31
N THR FF 125 125.49 3.28 49.62
CA THR FF 125 125.70 2.45 48.45
C THR FF 125 126.22 3.31 47.30
N ASP FF 126 127.11 2.72 46.51
CA ASP FF 126 127.71 3.41 45.38
C ASP FF 126 126.69 3.53 44.26
N THR FF 127 126.21 4.74 44.04
CA THR FF 127 125.18 5.02 43.07
C THR FF 127 125.72 5.68 41.81
N SER FF 128 127.05 5.71 41.66
CA SER FF 128 127.66 6.42 40.54
C SER FF 128 127.19 5.87 39.20
N GLY FF 129 127.07 4.56 39.07
CA GLY FF 129 126.65 3.95 37.83
C GLY FF 129 125.16 3.84 37.64
N PHE FF 130 124.39 4.21 38.65
CA PHE FF 130 122.95 4.11 38.54
C PHE FF 130 122.35 4.95 37.42
N PRO FF 131 122.75 6.20 37.19
CA PRO FF 131 122.17 6.93 36.05
C PRO FF 131 122.43 6.25 34.73
N ALA FF 132 123.61 5.67 34.56
CA ALA FF 132 123.90 4.88 33.35
C ALA FF 132 122.94 3.70 33.24
N LYS FF 133 122.78 2.94 34.33
CA LYS FF 133 121.89 1.79 34.29
C LYS FF 133 120.45 2.21 33.99
N TRP FF 134 120.02 3.35 34.54
CA TRP FF 134 118.66 3.84 34.25
C TRP FF 134 118.53 4.18 32.77
N ALA FF 135 119.49 4.94 32.24
CA ALA FF 135 119.44 5.31 30.83
C ALA FF 135 119.43 4.09 29.94
N GLY FF 136 119.97 2.97 30.42
CA GLY FF 136 119.83 1.71 29.72
C GLY FF 136 118.58 0.92 30.02
N LEU FF 137 117.66 1.48 30.81
CA LEU FF 137 116.45 0.77 31.25
C LEU FF 137 116.80 -0.51 31.99
N MET FF 138 117.64 -0.38 33.02
CA MET FF 138 118.06 -1.49 33.85
C MET FF 138 117.93 -1.07 35.31
N PHE FF 139 117.27 -1.88 36.11
CA PHE FF 139 117.16 -1.56 37.52
C PHE FF 139 118.53 -1.69 38.18
N PRO FF 140 118.94 -0.71 38.99
CA PRO FF 140 120.21 -0.72 39.72
C PRO FF 140 120.31 -1.91 40.67
N ALA GF 1 24.10 -124.57 -13.51
CA ALA GF 1 25.37 -124.46 -12.81
C ALA GF 1 25.61 -125.66 -11.90
N ALA GF 2 26.88 -126.02 -11.73
CA ALA GF 2 27.24 -127.12 -10.86
C ALA GF 2 26.93 -126.78 -9.40
N PRO GF 3 26.45 -127.75 -8.61
CA PRO GF 3 26.09 -127.44 -7.22
C PRO GF 3 27.30 -127.25 -6.31
N SER GF 4 28.44 -127.84 -6.67
CA SER GF 4 29.62 -127.74 -5.83
C SER GF 4 30.85 -128.03 -6.68
N LEU GF 5 31.99 -127.58 -6.18
CA LEU GF 5 33.25 -127.62 -6.90
C LEU GF 5 34.37 -127.98 -5.95
N ALA GF 6 35.33 -128.77 -6.43
CA ALA GF 6 36.56 -129.04 -5.72
C ALA GF 6 37.70 -128.60 -6.65
N LEU GF 7 38.15 -127.37 -6.50
CA LEU GF 7 39.16 -126.81 -7.39
C LEU GF 7 40.54 -127.02 -6.77
N VAL GF 8 41.55 -127.08 -7.61
CA VAL GF 8 42.92 -127.26 -7.12
C VAL GF 8 43.57 -125.90 -6.95
N GLY GF 9 44.13 -125.67 -5.76
CA GLY GF 9 44.91 -124.49 -5.44
C GLY GF 9 46.20 -124.92 -4.75
N ALA GF 10 46.75 -124.00 -3.95
CA ALA GF 10 48.02 -124.23 -3.27
C ALA GF 10 47.94 -123.82 -1.81
N ASN GF 11 48.59 -124.60 -0.95
CA ASN GF 11 48.69 -124.31 0.47
C ASN GF 11 49.90 -123.39 0.71
N SER GF 12 50.28 -123.24 1.98
CA SER GF 12 51.43 -122.40 2.29
C SER GF 12 52.73 -122.99 1.74
N THR GF 13 52.80 -124.31 1.56
CA THR GF 13 53.94 -124.99 0.96
C THR GF 13 53.93 -124.88 -0.57
N LEU GF 14 52.82 -124.39 -1.15
CA LEU GF 14 52.55 -124.40 -2.59
C LEU GF 14 52.32 -125.81 -3.13
N ALA GF 15 52.03 -126.77 -2.26
CA ALA GF 15 51.61 -128.08 -2.69
C ALA GF 15 50.15 -128.03 -3.14
N SER GF 16 49.82 -128.86 -4.13
CA SER GF 16 48.46 -128.86 -4.69
C SER GF 16 47.46 -129.33 -3.64
N THR GF 17 46.49 -128.47 -3.34
CA THR GF 17 45.51 -128.72 -2.29
C THR GF 17 44.11 -128.47 -2.84
N LEU GF 18 43.14 -129.27 -2.42
CA LEU GF 18 41.77 -128.98 -2.81
C LEU GF 18 41.22 -127.78 -2.05
N VAL GF 19 40.36 -127.04 -2.74
CA VAL GF 19 39.59 -125.95 -2.16
C VAL GF 19 38.15 -126.10 -2.61
N ASN GF 20 37.24 -126.16 -1.64
CA ASN GF 20 35.88 -126.60 -1.86
C ASN GF 20 34.95 -125.40 -1.91
N TYR GF 21 34.20 -125.28 -3.01
CA TYR GF 21 33.18 -124.27 -3.16
C TYR GF 21 31.83 -124.94 -3.28
N SER GF 22 30.78 -124.23 -2.86
CA SER GF 22 29.41 -124.70 -3.05
C SER GF 22 28.58 -123.54 -3.56
N LEU GF 23 27.54 -123.87 -4.32
CA LEU GF 23 26.73 -122.86 -5.00
C LEU GF 23 25.91 -122.08 -3.98
N ARG GF 24 26.26 -120.80 -3.81
CA ARG GF 24 25.41 -119.91 -3.03
C ARG GF 24 24.14 -119.58 -3.79
N SER GF 25 24.27 -118.99 -4.99
CA SER GF 25 23.06 -118.59 -5.69
C SER GF 25 23.31 -118.48 -7.18
N GLN GF 26 22.31 -118.88 -7.97
CA GLN GF 26 22.31 -118.64 -9.41
C GLN GF 26 21.25 -117.59 -9.70
N ASN GF 27 21.70 -116.44 -10.19
CA ASN GF 27 20.88 -115.46 -10.86
C ASN GF 27 20.95 -115.73 -12.37
N GLY GF 28 20.09 -115.08 -13.13
CA GLY GF 28 20.08 -115.30 -14.56
C GLY GF 28 21.38 -114.95 -15.23
N ASN GF 29 22.08 -115.94 -15.77
CA ASN GF 29 23.41 -115.76 -16.35
C ASN GF 29 24.40 -115.22 -15.32
N ASN GF 30 24.23 -115.61 -14.07
CA ASN GF 30 25.14 -115.18 -13.02
C ASN GF 30 25.19 -116.25 -11.94
N VAL GF 31 26.38 -116.54 -11.45
CA VAL GF 31 26.58 -117.63 -10.49
C VAL GF 31 27.52 -117.17 -9.39
N ASP GF 32 27.15 -117.45 -8.13
CA ASP GF 32 27.94 -117.12 -6.96
C ASP GF 32 28.19 -118.38 -6.14
N TYR GF 33 29.47 -118.72 -5.97
CA TYR GF 33 29.95 -119.84 -5.16
C TYR GF 33 30.67 -119.30 -3.93
N VAL GF 34 30.65 -120.09 -2.85
CA VAL GF 34 31.29 -119.75 -1.58
C VAL GF 34 32.16 -120.91 -1.14
N CYS GF 35 33.30 -120.60 -0.54
CA CYS GF 35 34.22 -121.63 -0.08
C CYS GF 35 33.70 -122.24 1.23
N THR GF 36 33.67 -123.57 1.28
CA THR GF 36 33.13 -124.32 2.40
C THR GF 36 34.21 -124.88 3.32
N ASP GF 37 35.46 -124.47 3.12
CA ASP GF 37 36.55 -124.92 3.98
C ASP GF 37 36.54 -124.12 5.27
N PRO GF 38 37.30 -124.56 6.28
CA PRO GF 38 37.52 -123.70 7.45
C PRO GF 38 38.30 -122.42 7.13
N ASP GF 39 38.99 -122.36 5.98
CA ASP GF 39 39.73 -121.16 5.59
C ASP GF 39 38.83 -119.96 5.45
N SER GF 40 37.66 -120.14 4.85
CA SER GF 40 36.71 -119.05 4.68
C SER GF 40 35.67 -119.10 5.78
N THR GF 41 35.33 -117.92 6.28
CA THR GF 41 34.22 -117.69 7.17
C THR GF 41 33.37 -116.58 6.56
N LEU GF 42 32.19 -116.36 7.13
CA LEU GF 42 31.38 -115.25 6.63
C LEU GF 42 32.11 -113.92 6.77
N SER GF 43 32.92 -113.78 7.82
CA SER GF 43 33.64 -112.53 8.04
C SER GF 43 34.74 -112.32 6.99
N ALA GF 44 35.43 -113.39 6.62
CA ALA GF 44 36.51 -113.33 5.63
C ALA GF 44 36.37 -114.49 4.66
N PRO GF 45 35.50 -114.36 3.67
CA PRO GF 45 35.13 -115.51 2.83
C PRO GF 45 36.03 -115.68 1.61
N GLY GF 46 35.93 -116.86 1.03
CA GLY GF 46 36.45 -117.13 -0.30
C GLY GF 46 35.26 -117.26 -1.25
N LEU GF 47 35.35 -116.58 -2.39
CA LEU GF 47 34.17 -116.39 -3.22
C LEU GF 47 34.51 -116.57 -4.69
N ILE GF 48 33.51 -116.99 -5.47
CA ILE GF 48 33.63 -117.06 -6.92
C ILE GF 48 32.37 -116.47 -7.53
N ASN GF 49 32.54 -115.71 -8.61
CA ASN GF 49 31.44 -115.08 -9.34
C ASN GF 49 31.67 -115.27 -10.83
N ALA GF 50 30.61 -115.61 -11.56
CA ALA GF 50 30.68 -115.82 -13.01
C ALA GF 50 29.46 -115.22 -13.70
N LYS GF 51 29.70 -114.38 -14.71
CA LYS GF 51 28.67 -113.61 -15.38
C LYS GF 51 28.80 -113.76 -16.89
N PHE GF 52 27.67 -113.58 -17.58
CA PHE GF 52 27.59 -113.68 -19.03
C PHE GF 52 26.95 -112.41 -19.59
N ASP GF 53 27.75 -111.61 -20.28
CA ASP GF 53 27.26 -110.48 -21.07
C ASP GF 53 26.99 -110.97 -22.48
N ILE GF 54 25.76 -111.37 -22.74
CA ILE GF 54 25.35 -111.91 -24.03
C ILE GF 54 24.52 -110.86 -24.74
N LYS GF 55 24.99 -110.42 -25.91
CA LYS GF 55 24.30 -109.40 -26.65
C LYS GF 55 23.09 -110.00 -27.36
N ALA GF 56 22.17 -109.12 -27.79
CA ALA GF 56 20.98 -109.55 -28.50
C ALA GF 56 21.37 -110.38 -29.72
N PRO GF 57 20.57 -111.37 -30.10
CA PRO GF 57 20.97 -112.24 -31.22
C PRO GF 57 21.09 -111.52 -32.55
N GLY GF 58 20.29 -110.47 -32.79
CA GLY GF 58 20.44 -109.70 -34.01
C GLY GF 58 21.74 -108.92 -34.05
N ILE GF 59 22.13 -108.32 -32.93
CA ILE GF 59 23.28 -107.42 -32.86
C ILE GF 59 24.58 -108.23 -32.96
N THR GF 60 25.53 -107.74 -33.75
CA THR GF 60 26.89 -108.26 -33.73
C THR GF 60 27.74 -107.46 -32.75
N GLY GF 61 28.50 -108.17 -31.95
CA GLY GF 61 29.45 -107.57 -31.04
C GLY GF 61 30.35 -108.66 -30.53
N ASN GF 62 30.83 -108.49 -29.30
CA ASN GF 62 31.52 -109.55 -28.60
C ASN GF 62 30.66 -110.02 -27.44
N ASP GF 63 30.50 -111.33 -27.30
CA ASP GF 63 29.96 -111.88 -26.07
C ASP GF 63 31.07 -111.92 -25.02
N ARG GF 64 30.69 -111.77 -23.76
CA ARG GF 64 31.69 -111.64 -22.70
C ARG GF 64 31.40 -112.56 -21.53
N ILE GF 65 32.48 -113.08 -20.93
CA ILE GF 65 32.43 -113.87 -19.72
C ILE GF 65 33.24 -113.14 -18.66
N HIS GF 66 32.67 -112.95 -17.46
CA HIS GF 66 33.36 -112.29 -16.36
C HIS GF 66 33.46 -113.27 -15.19
N ALA GF 67 34.68 -113.61 -14.81
CA ALA GF 67 34.90 -114.50 -13.67
C ALA GF 67 35.75 -113.79 -12.62
N ASN GF 68 35.48 -114.10 -11.36
CA ASN GF 68 36.18 -113.45 -10.26
C ASN GF 68 36.34 -114.46 -9.13
N LEU GF 69 37.59 -114.68 -8.72
CA LEU GF 69 37.92 -115.57 -7.62
C LEU GF 69 38.61 -114.76 -6.53
N ARG GF 70 37.99 -114.67 -5.36
CA ARG GF 70 38.38 -113.77 -4.29
C ARG GF 70 38.69 -114.55 -3.03
N LYS GF 71 39.62 -114.01 -2.24
CA LYS GF 71 39.83 -114.43 -0.85
C LYS GF 71 39.98 -113.18 0.00
N VAL GF 72 39.12 -113.03 1.00
CA VAL GF 72 39.18 -111.92 1.93
C VAL GF 72 40.06 -112.32 3.10
N VAL GF 73 40.85 -111.37 3.60
CA VAL GF 73 41.70 -111.61 4.75
C VAL GF 73 41.54 -110.44 5.72
N LEU GF 74 41.62 -110.74 7.01
CA LEU GF 74 41.47 -109.74 8.06
C LEU GF 74 42.85 -109.36 8.61
N ASP GF 75 43.04 -108.07 8.86
CA ASP GF 75 44.26 -107.60 9.50
C ASP GF 75 44.32 -108.12 10.94
N GLU GF 76 45.49 -108.61 11.33
CA GLU GF 76 45.65 -109.08 12.70
C GLU GF 76 45.36 -107.96 13.70
N LYS GF 77 45.91 -106.77 13.45
CA LYS GF 77 45.77 -105.69 14.42
C LYS GF 77 44.41 -105.01 14.35
N THR GF 78 43.91 -104.70 13.16
CA THR GF 78 42.68 -103.90 13.05
C THR GF 78 41.44 -104.69 12.66
N ASN GF 79 41.58 -105.96 12.29
CA ASN GF 79 40.49 -106.79 11.77
C ASN GF 79 39.78 -106.16 10.58
N LEU GF 80 40.40 -105.16 9.96
CA LEU GF 80 39.88 -104.59 8.74
C LEU GF 80 40.11 -105.55 7.58
N PRO GF 81 39.13 -105.73 6.71
CA PRO GF 81 39.27 -106.70 5.63
C PRO GF 81 39.90 -106.10 4.40
N SER GF 82 40.91 -106.76 3.85
CA SER GF 82 41.33 -106.47 2.50
C SER GF 82 41.31 -107.77 1.71
N THR GF 83 41.06 -107.66 0.42
CA THR GF 83 40.76 -108.83 -0.39
C THR GF 83 41.77 -108.96 -1.53
N GLY GF 84 42.06 -110.21 -1.87
CA GLY GF 84 42.93 -110.52 -3.00
C GLY GF 84 42.15 -111.32 -4.03
N SER GF 85 42.38 -111.02 -5.30
CA SER GF 85 41.47 -111.56 -6.32
C SER GF 85 42.15 -111.79 -7.65
N VAL GF 86 41.65 -112.79 -8.38
CA VAL GF 86 41.97 -113.00 -9.78
C VAL GF 86 40.69 -112.88 -10.58
N THR GF 87 40.66 -111.92 -11.50
CA THR GF 87 39.51 -111.71 -12.37
C THR GF 87 39.88 -111.99 -13.82
N ILE GF 88 38.92 -112.50 -14.57
CA ILE GF 88 39.13 -112.98 -15.93
C ILE GF 88 37.99 -112.47 -16.79
N GLN GF 89 38.32 -111.95 -17.96
CA GLN GF 89 37.30 -111.49 -18.91
C GLN GF 89 37.59 -112.17 -20.24
N VAL GF 90 36.63 -112.92 -20.74
CA VAL GF 90 36.75 -113.61 -22.02
C VAL GF 90 35.84 -112.88 -22.99
N SER GF 91 36.41 -112.35 -24.09
CA SER GF 91 35.66 -111.65 -25.12
C SER GF 91 35.71 -112.49 -26.40
N ILE GF 92 34.57 -113.05 -26.76
CA ILE GF 92 34.40 -113.97 -27.88
C ILE GF 92 33.65 -113.23 -28.98
N PRO GF 93 34.23 -113.08 -30.17
CA PRO GF 93 33.51 -112.41 -31.26
C PRO GF 93 32.46 -113.29 -31.92
N ARG GF 94 31.42 -112.63 -32.43
CA ARG GF 94 30.28 -113.28 -33.06
C ARG GF 94 30.47 -113.54 -34.56
N ASN GF 95 31.70 -113.59 -35.04
CA ASN GF 95 32.01 -113.88 -36.43
C ASN GF 95 32.31 -115.36 -36.59
N PRO GF 96 31.68 -116.06 -37.54
CA PRO GF 96 31.97 -117.49 -37.73
C PRO GF 96 33.43 -117.79 -37.97
N ALA GF 97 34.24 -116.78 -38.31
CA ALA GF 97 35.68 -116.98 -38.43
C ALA GF 97 36.36 -117.25 -37.10
N TRP GF 98 35.63 -117.14 -36.00
CA TRP GF 98 36.09 -117.50 -34.67
C TRP GF 98 35.32 -118.73 -34.19
N ASN GF 99 35.95 -119.56 -33.37
CA ASN GF 99 35.25 -120.73 -32.89
C ASN GF 99 35.71 -121.11 -31.48
N ALA GF 100 35.01 -122.10 -30.94
CA ALA GF 100 35.25 -122.51 -29.56
C ALA GF 100 36.65 -123.06 -29.39
N SER GF 101 37.22 -123.67 -30.43
CA SER GF 101 38.60 -124.15 -30.32
C SER GF 101 39.55 -122.99 -30.04
N MET GF 102 39.29 -121.83 -30.64
CA MET GF 102 40.12 -120.67 -30.41
C MET GF 102 39.88 -120.08 -29.03
N THR GF 103 38.62 -120.04 -28.59
CA THR GF 103 38.35 -119.63 -27.21
C THR GF 103 39.12 -120.49 -26.22
N VAL GF 104 39.03 -121.81 -26.38
CA VAL GF 104 39.71 -122.74 -25.48
C VAL GF 104 41.21 -122.57 -25.58
N SER GF 105 41.73 -122.32 -26.79
CA SER GF 105 43.17 -122.14 -26.96
C SER GF 105 43.65 -120.94 -26.16
N LEU GF 106 42.93 -119.82 -26.22
CA LEU GF 106 43.31 -118.68 -25.40
C LEU GF 106 43.26 -119.01 -23.91
N LEU GF 107 42.21 -119.72 -23.48
CA LEU GF 107 42.12 -120.09 -22.07
C LEU GF 107 43.32 -120.93 -21.65
N LYS GF 108 43.67 -121.93 -22.46
CA LYS GF 108 44.78 -122.82 -22.13
C LYS GF 108 46.10 -122.06 -22.09
N GLN GF 109 46.30 -121.14 -23.03
CA GLN GF 109 47.56 -120.39 -23.04
C GLN GF 109 47.66 -119.48 -21.84
N ALA GF 110 46.56 -118.82 -21.47
CA ALA GF 110 46.58 -117.99 -20.27
C ALA GF 110 46.87 -118.83 -19.03
N ALA GF 111 46.28 -120.03 -18.96
CA ALA GF 111 46.56 -120.93 -17.84
C ALA GF 111 48.04 -121.29 -17.78
N ASP GF 112 48.62 -121.67 -18.93
CA ASP GF 112 50.04 -122.00 -18.97
C ASP GF 112 50.89 -120.81 -18.52
N TYR GF 113 50.59 -119.61 -19.01
CA TYR GF 113 51.51 -118.51 -18.82
C TYR GF 113 51.37 -117.83 -17.45
N LEU GF 114 50.19 -117.87 -16.83
CA LEU GF 114 50.03 -117.24 -15.53
C LEU GF 114 49.91 -118.20 -14.36
N ALA GF 115 49.49 -119.44 -14.59
CA ALA GF 115 49.41 -120.42 -13.53
C ALA GF 115 50.39 -121.58 -13.71
N GLY GF 116 50.92 -121.76 -14.91
CA GLY GF 116 51.86 -122.84 -15.16
C GLY GF 116 51.24 -124.20 -15.00
N THR GF 117 50.09 -124.44 -15.66
CA THR GF 117 49.37 -125.69 -15.51
C THR GF 117 49.02 -126.38 -16.83
N SER GF 118 49.62 -125.95 -17.94
CA SER GF 118 49.37 -126.59 -19.22
C SER GF 118 49.66 -128.10 -19.19
N ALA GF 119 49.06 -128.81 -20.15
CA ALA GF 119 49.36 -130.22 -20.37
C ALA GF 119 50.75 -130.39 -20.93
N THR GF 120 51.33 -131.57 -20.71
CA THR GF 120 52.69 -131.82 -21.18
C THR GF 120 52.72 -131.95 -22.70
N VAL GF 121 53.56 -131.14 -23.33
CA VAL GF 121 53.75 -131.09 -24.78
C VAL GF 121 55.21 -130.80 -25.05
N SER GF 122 55.84 -131.59 -25.90
CA SER GF 122 57.28 -131.47 -26.08
C SER GF 122 57.62 -130.11 -26.67
N GLY GF 123 58.65 -129.47 -26.10
CA GLY GF 123 59.06 -128.16 -26.54
C GLY GF 123 58.41 -127.00 -25.80
N GLN GF 124 57.48 -127.26 -24.90
CA GLN GF 124 56.87 -126.22 -24.10
C GLN GF 124 57.89 -125.62 -23.15
N THR GF 125 57.77 -124.32 -22.91
CA THR GF 125 58.60 -123.71 -21.88
C THR GF 125 58.11 -124.16 -20.50
N ASP GF 126 59.07 -124.29 -19.58
CA ASP GF 126 58.77 -124.74 -18.22
C ASP GF 126 58.15 -123.57 -17.47
N THR GF 127 56.83 -123.59 -17.39
CA THR GF 127 56.05 -122.52 -16.79
C THR GF 127 55.76 -122.76 -15.32
N SER GF 128 56.36 -123.79 -14.72
CA SER GF 128 56.01 -124.18 -13.37
C SER GF 128 56.30 -123.07 -12.36
N GLY GF 129 57.39 -122.32 -12.55
CA GLY GF 129 57.74 -121.26 -11.62
C GLY GF 129 57.12 -119.93 -11.90
N PHE GF 130 56.41 -119.83 -13.03
CA PHE GF 130 55.81 -118.56 -13.40
C PHE GF 130 54.81 -118.03 -12.38
N PRO GF 131 53.92 -118.83 -11.79
CA PRO GF 131 53.03 -118.26 -10.77
C PRO GF 131 53.78 -117.68 -9.59
N ALA GF 132 54.86 -118.33 -9.16
CA ALA GF 132 55.71 -117.75 -8.12
C ALA GF 132 56.27 -116.40 -8.56
N LYS GF 133 56.83 -116.33 -9.77
CA LYS GF 133 57.38 -115.06 -10.24
C LYS GF 133 56.31 -113.98 -10.32
N TRP GF 134 55.11 -114.32 -10.80
CA TRP GF 134 54.04 -113.33 -10.87
C TRP GF 134 53.68 -112.83 -9.47
N ALA GF 135 53.50 -113.76 -8.52
CA ALA GF 135 53.20 -113.37 -7.14
C ALA GF 135 54.31 -112.53 -6.53
N GLY GF 136 55.50 -112.56 -7.10
CA GLY GF 136 56.54 -111.63 -6.72
C GLY GF 136 56.62 -110.34 -7.51
N LEU GF 137 55.65 -110.08 -8.40
CA LEU GF 137 55.69 -108.96 -9.35
C LEU GF 137 56.98 -108.96 -10.17
N MET GF 138 57.26 -110.12 -10.78
CA MET GF 138 58.42 -110.32 -11.65
C MET GF 138 57.95 -110.94 -12.94
N PHE GF 139 58.38 -110.39 -14.06
CA PHE GF 139 58.04 -111.00 -15.33
C PHE GF 139 58.79 -112.33 -15.48
N PRO GF 140 58.12 -113.40 -15.93
CA PRO GF 140 58.77 -114.69 -16.16
C PRO GF 140 59.90 -114.56 -17.17
N ALA HF 1 12.88 -125.96 -13.78
CA ALA HF 1 12.78 -126.12 -15.23
C ALA HF 1 13.58 -127.33 -15.71
N ALA HF 2 13.16 -127.90 -16.84
CA ALA HF 2 13.86 -129.05 -17.39
C ALA HF 2 15.29 -128.66 -17.79
N PRO HF 3 16.29 -129.45 -17.43
CA PRO HF 3 17.67 -129.08 -17.77
C PRO HF 3 17.99 -129.20 -19.25
N SER HF 4 17.23 -129.98 -20.00
CA SER HF 4 17.48 -130.12 -21.42
C SER HF 4 16.19 -130.57 -22.10
N LEU HF 5 16.12 -130.31 -23.41
CA LEU HF 5 14.93 -130.56 -24.21
C LEU HF 5 15.33 -131.13 -25.56
N ALA HF 6 14.50 -132.04 -26.07
CA ALA HF 6 14.65 -132.58 -27.42
C ALA HF 6 13.33 -132.33 -28.12
N LEU HF 7 13.24 -131.21 -28.84
CA LEU HF 7 11.99 -130.81 -29.46
C LEU HF 7 11.97 -131.26 -30.92
N VAL HF 8 10.77 -131.41 -31.48
CA VAL HF 8 10.64 -131.83 -32.87
C VAL HF 8 10.50 -130.60 -33.75
N GLY HF 9 11.32 -130.52 -34.79
CA GLY HF 9 11.21 -129.51 -35.81
C GLY HF 9 11.29 -130.14 -37.18
N ALA HF 10 11.69 -129.38 -38.19
CA ALA HF 10 11.73 -129.88 -39.56
C ALA HF 10 13.10 -129.62 -40.17
N ASN HF 11 13.61 -130.61 -40.91
CA ASN HF 11 14.86 -130.47 -41.64
C ASN HF 11 14.61 -129.69 -42.93
N SER HF 12 15.61 -129.65 -43.82
CA SER HF 12 15.44 -128.96 -45.08
C SER HF 12 14.34 -129.56 -45.93
N THR HF 13 13.98 -130.83 -45.69
CA THR HF 13 12.94 -131.52 -46.45
C THR HF 13 11.60 -131.51 -45.73
N LEU HF 14 11.53 -130.87 -44.57
CA LEU HF 14 10.34 -130.81 -43.72
C LEU HF 14 10.03 -132.14 -43.03
N ALA HF 15 11.00 -133.04 -42.98
CA ALA HF 15 10.85 -134.25 -42.19
C ALA HF 15 11.07 -133.96 -40.71
N SER HF 16 10.33 -134.66 -39.87
CA SER HF 16 10.45 -134.44 -38.43
C SER HF 16 11.85 -134.80 -37.95
N THR HF 17 12.52 -133.84 -37.32
CA THR HF 17 13.89 -133.99 -36.87
C THR HF 17 14.04 -133.44 -35.47
N LEU HF 18 14.84 -134.09 -34.63
CA LEU HF 18 15.05 -133.54 -33.31
C LEU HF 18 15.94 -132.31 -33.35
N VAL HF 19 15.69 -131.41 -32.41
CA VAL HF 19 16.48 -130.21 -32.18
C VAL HF 19 16.71 -130.10 -30.68
N ASN HF 20 17.97 -130.04 -30.29
CA ASN HF 20 18.38 -130.26 -28.91
C ASN HF 20 18.71 -128.92 -28.25
N TYR HF 21 18.03 -128.63 -27.15
CA TYR HF 21 18.28 -127.44 -26.37
C TYR HF 21 18.76 -127.84 -24.98
N SER HF 22 19.55 -126.97 -24.37
CA SER HF 22 20.00 -127.14 -23.00
C SER HF 22 19.77 -125.84 -22.23
N LEU HF 23 19.48 -125.98 -20.95
CA LEU HF 23 19.12 -124.85 -20.10
C LEU HF 23 20.36 -124.04 -19.76
N ARG HF 24 20.40 -122.78 -20.22
CA ARG HF 24 21.55 -121.94 -19.95
C ARG HF 24 21.48 -121.34 -18.55
N SER HF 25 20.35 -120.73 -18.19
CA SER HF 25 20.19 -120.15 -16.86
C SER HF 25 18.71 -119.98 -16.57
N GLN HF 26 18.41 -119.54 -15.34
CA GLN HF 26 17.04 -119.23 -14.92
C GLN HF 26 17.08 -117.97 -14.06
N ASN HF 27 16.41 -116.91 -14.53
CA ASN HF 27 16.28 -115.62 -13.87
C ASN HF 27 14.88 -115.52 -13.25
N GLY HF 28 14.51 -114.33 -12.80
CA GLY HF 28 13.21 -114.06 -12.26
C GLY HF 28 12.11 -114.36 -13.27
N ASN HF 29 11.36 -115.42 -13.00
CA ASN HF 29 10.19 -115.80 -13.78
C ASN HF 29 10.52 -115.97 -15.26
N ASN HF 30 11.68 -116.54 -15.55
CA ASN HF 30 12.04 -116.77 -16.96
C ASN HF 30 13.02 -117.93 -17.04
N VAL HF 31 13.24 -118.38 -18.26
CA VAL HF 31 14.04 -119.55 -18.58
C VAL HF 31 14.69 -119.33 -19.93
N ASP HF 32 15.98 -119.65 -20.04
CA ASP HF 32 16.77 -119.43 -21.26
C ASP HF 32 17.41 -120.74 -21.69
N TYR HF 33 17.06 -121.22 -22.89
CA TYR HF 33 17.61 -122.42 -23.48
C TYR HF 33 18.40 -122.08 -24.73
N VAL HF 34 19.43 -122.88 -25.00
CA VAL HF 34 20.32 -122.71 -26.14
C VAL HF 34 20.40 -124.02 -26.91
N CYS HF 35 20.46 -123.93 -28.23
CA CYS HF 35 20.55 -125.12 -29.07
C CYS HF 35 21.96 -125.67 -29.03
N THR HF 36 22.08 -126.99 -28.82
CA THR HF 36 23.36 -127.67 -28.67
C THR HF 36 23.74 -128.49 -29.90
N ASP HF 37 23.00 -128.34 -31.00
CA ASP HF 37 23.32 -129.05 -32.21
C ASP HF 37 24.55 -128.41 -32.86
N PRO HF 38 25.15 -129.08 -33.85
CA PRO HF 38 26.30 -128.46 -34.53
C PRO HF 38 25.94 -127.23 -35.34
N ASP HF 39 24.72 -127.14 -35.88
CA ASP HF 39 24.37 -126.02 -36.76
C ASP HF 39 24.22 -124.69 -36.01
N SER HF 40 24.08 -124.70 -34.69
CA SER HF 40 24.00 -123.48 -33.91
C SER HF 40 25.34 -123.21 -33.26
N THR HF 41 25.81 -121.98 -33.42
CA THR HF 41 27.06 -121.49 -32.85
C THR HF 41 26.78 -120.10 -32.29
N LEU HF 42 27.76 -119.54 -31.57
CA LEU HF 42 27.54 -118.21 -31.00
C LEU HF 42 27.32 -117.18 -32.09
N SER HF 43 27.89 -117.40 -33.27
CA SER HF 43 27.69 -116.48 -34.39
C SER HF 43 26.24 -116.51 -34.87
N ALA HF 44 25.62 -117.69 -34.89
CA ALA HF 44 24.25 -117.85 -35.36
C ALA HF 44 23.55 -118.92 -34.52
N PRO HF 45 23.08 -118.56 -33.32
CA PRO HF 45 22.55 -119.54 -32.39
C PRO HF 45 21.06 -119.82 -32.60
N GLY HF 46 20.61 -120.88 -31.96
CA GLY HF 46 19.19 -121.15 -31.76
C GLY HF 46 18.85 -120.99 -30.29
N LEU HF 47 17.75 -120.29 -30.02
CA LEU HF 47 17.46 -119.87 -28.65
C LEU HF 47 15.98 -120.07 -28.33
N ILE HF 48 15.70 -120.35 -27.06
CA ILE HF 48 14.32 -120.39 -26.57
C ILE HF 48 14.26 -119.64 -25.25
N ASN HF 49 13.21 -118.84 -25.06
CA ASN HF 49 13.08 -117.99 -23.89
C ASN HF 49 11.63 -118.00 -23.41
N ALA HF 50 11.44 -118.12 -22.10
CA ALA HF 50 10.09 -118.14 -21.54
C ALA HF 50 10.03 -117.28 -20.29
N LYS HF 51 8.90 -116.59 -20.10
CA LYS HF 51 8.74 -115.65 -19.01
C LYS HF 51 7.29 -115.67 -18.52
N PHE HF 52 7.09 -115.49 -17.21
CA PHE HF 52 5.77 -115.34 -16.64
C PHE HF 52 5.58 -113.92 -16.10
N ASP HF 53 4.49 -113.29 -16.50
CA ASP HF 53 3.99 -112.07 -15.87
C ASP HF 53 2.83 -112.51 -14.98
N ILE HF 54 3.07 -112.58 -13.68
CA ILE HF 54 2.12 -113.15 -12.73
C ILE HF 54 1.53 -112.03 -11.91
N LYS HF 55 0.21 -111.87 -11.98
CA LYS HF 55 -0.45 -110.81 -11.26
C LYS HF 55 -0.73 -111.27 -9.82
N ALA HF 56 -1.06 -110.29 -8.97
CA ALA HF 56 -1.22 -110.54 -7.55
C ALA HF 56 -2.34 -111.55 -7.29
N PRO HF 57 -2.34 -112.18 -6.11
CA PRO HF 57 -3.41 -113.14 -5.80
C PRO HF 57 -4.78 -112.46 -5.85
N GLY HF 58 -5.76 -113.22 -6.30
CA GLY HF 58 -7.11 -112.73 -6.49
C GLY HF 58 -7.68 -113.32 -7.75
N ILE HF 59 -8.87 -112.86 -8.12
CA ILE HF 59 -9.50 -113.32 -9.34
C ILE HF 59 -9.63 -112.21 -10.37
N THR HF 60 -8.97 -111.07 -10.16
CA THR HF 60 -9.21 -109.89 -10.98
C THR HF 60 -8.39 -109.89 -12.27
N GLY HF 61 -7.14 -110.34 -12.22
CA GLY HF 61 -6.19 -110.04 -13.26
C GLY HF 61 -6.20 -110.99 -14.44
N ASN HF 62 -5.14 -110.86 -15.25
CA ASN HF 62 -4.80 -111.72 -16.37
C ASN HF 62 -3.32 -112.08 -16.28
N ASP HF 63 -3.02 -113.34 -15.99
CA ASP HF 63 -1.65 -113.84 -16.03
C ASP HF 63 -1.18 -113.96 -17.47
N ARG HF 64 0.14 -113.86 -17.69
CA ARG HF 64 0.67 -113.94 -19.05
C ARG HF 64 1.91 -114.80 -19.12
N ILE HF 65 2.03 -115.54 -20.22
CA ILE HF 65 3.18 -116.36 -20.55
C ILE HF 65 3.77 -115.81 -21.85
N HIS HF 66 5.08 -115.62 -21.88
CA HIS HF 66 5.79 -115.15 -23.06
C HIS HF 66 6.83 -116.19 -23.44
N ALA HF 67 6.68 -116.76 -24.64
CA ALA HF 67 7.67 -117.69 -25.17
C ALA HF 67 8.24 -117.11 -26.45
N ASN HF 68 9.49 -117.47 -26.75
CA ASN HF 68 10.16 -116.93 -27.92
C ASN HF 68 11.17 -117.96 -28.41
N LEU HF 69 10.97 -118.43 -29.64
CA LEU HF 69 11.86 -119.40 -30.26
C LEU HF 69 12.53 -118.74 -31.46
N ARG HF 70 13.85 -118.58 -31.39
CA ARG HF 70 14.59 -117.84 -32.40
C ARG HF 70 15.68 -118.71 -33.02
N LYS HF 71 16.01 -118.38 -34.27
CA LYS HF 71 17.19 -118.92 -34.94
C LYS HF 71 17.84 -117.82 -35.76
N VAL HF 72 19.14 -117.65 -35.58
CA VAL HF 72 19.90 -116.65 -36.31
C VAL HF 72 20.54 -117.30 -37.53
N VAL HF 73 20.61 -116.57 -38.63
CA VAL HF 73 21.22 -117.06 -39.86
C VAL HF 73 22.13 -115.97 -40.40
N LEU HF 74 23.20 -116.39 -41.08
CA LEU HF 74 24.18 -115.49 -41.65
C LEU HF 74 24.07 -115.47 -43.16
N ASP HF 75 24.18 -114.27 -43.75
CA ASP HF 75 24.14 -114.12 -45.19
C ASP HF 75 25.32 -114.83 -45.85
N GLU HF 76 25.06 -115.58 -46.92
CA GLU HF 76 26.15 -116.26 -47.63
C GLU HF 76 27.13 -115.26 -48.22
N LYS HF 77 26.68 -114.03 -48.50
CA LYS HF 77 27.54 -113.07 -49.17
C LYS HF 77 28.29 -112.20 -48.18
N THR HF 78 27.66 -111.87 -47.05
CA THR HF 78 28.22 -110.88 -46.12
C THR HF 78 28.36 -111.36 -44.68
N ASN HF 79 27.93 -112.58 -44.35
CA ASN HF 79 27.88 -113.06 -42.97
C ASN HF 79 27.09 -112.11 -42.06
N LEU HF 80 26.17 -111.36 -42.65
CA LEU HF 80 25.39 -110.50 -41.76
C LEU HF 80 24.22 -111.28 -41.16
N PRO HF 81 24.00 -111.09 -39.85
CA PRO HF 81 22.98 -111.89 -39.16
C PRO HF 81 21.60 -111.30 -39.36
N SER HF 82 20.63 -112.16 -39.63
CA SER HF 82 19.24 -111.84 -39.44
C SER HF 82 18.58 -113.01 -38.74
N THR HF 83 17.53 -112.72 -37.97
CA THR HF 83 16.93 -113.73 -37.11
C THR HF 83 15.50 -114.02 -37.54
N GLY HF 84 15.13 -115.29 -37.46
CA GLY HF 84 13.75 -115.72 -37.61
C GLY HF 84 13.23 -116.12 -36.25
N SER HF 85 11.95 -115.85 -36.01
CA SER HF 85 11.44 -116.10 -34.67
C SER HF 85 9.95 -116.41 -34.68
N VAL HF 86 9.55 -117.26 -33.75
CA VAL HF 86 8.15 -117.49 -33.41
C VAL HF 86 7.97 -117.12 -31.95
N THR HF 87 7.18 -116.09 -31.70
CA THR HF 87 6.88 -115.64 -30.34
C THR HF 87 5.44 -115.98 -30.01
N ILE HF 88 5.19 -116.27 -28.74
CA ILE HF 88 3.89 -116.72 -28.26
C ILE HF 88 3.57 -115.95 -26.99
N GLN HF 89 2.33 -115.50 -26.87
CA GLN HF 89 1.84 -114.86 -25.65
C GLN HF 89 0.52 -115.49 -25.25
N VAL HF 90 0.49 -116.10 -24.08
CA VAL HF 90 -0.71 -116.70 -23.51
C VAL HF 90 -1.21 -115.77 -22.42
N SER HF 91 -2.50 -115.45 -22.46
CA SER HF 91 -3.13 -114.62 -21.44
C SER HF 91 -4.27 -115.41 -20.84
N ILE HF 92 -4.13 -115.72 -19.54
CA ILE HF 92 -4.99 -116.57 -18.75
C ILE HF 92 -5.74 -115.70 -17.73
N PRO HF 93 -7.04 -115.52 -17.86
CA PRO HF 93 -7.78 -114.78 -16.85
C PRO HF 93 -7.91 -115.55 -15.54
N ARG HF 94 -8.11 -114.80 -14.47
CA ARG HF 94 -8.23 -115.37 -13.14
C ARG HF 94 -9.68 -115.48 -12.66
N ASN HF 95 -10.62 -114.87 -13.37
CA ASN HF 95 -12.05 -115.09 -13.14
C ASN HF 95 -12.33 -116.59 -13.14
N PRO HF 96 -12.90 -117.14 -12.05
CA PRO HF 96 -13.08 -118.59 -11.95
C PRO HF 96 -13.93 -119.18 -13.06
N ALA HF 97 -14.50 -118.34 -13.92
CA ALA HF 97 -15.20 -118.80 -15.10
C ALA HF 97 -14.25 -119.27 -16.20
N TRP HF 98 -12.94 -119.29 -15.94
CA TRP HF 98 -11.93 -119.80 -16.86
C TRP HF 98 -11.30 -121.06 -16.28
N ASN HF 99 -10.75 -121.90 -17.16
CA ASN HF 99 -10.16 -123.17 -16.76
C ASN HF 99 -8.79 -123.36 -17.38
N ALA HF 100 -7.96 -124.10 -16.64
CA ALA HF 100 -6.76 -124.65 -17.26
C ALA HF 100 -7.12 -125.46 -18.50
N SER HF 101 -8.30 -126.10 -18.50
CA SER HF 101 -8.74 -126.82 -19.69
C SER HF 101 -8.93 -125.88 -20.87
N MET HF 102 -9.43 -124.68 -20.60
CA MET HF 102 -9.62 -123.71 -21.68
C MET HF 102 -8.28 -123.19 -22.19
N THR HF 103 -7.32 -122.95 -21.27
CA THR HF 103 -5.96 -122.61 -21.68
C THR HF 103 -5.38 -123.68 -22.60
N VAL HF 104 -5.46 -124.95 -22.18
CA VAL HF 104 -4.90 -126.03 -22.96
C VAL HF 104 -5.61 -126.15 -24.30
N SER HF 105 -6.92 -125.91 -24.31
CA SER HF 105 -7.66 -126.01 -25.57
C SER HF 105 -7.19 -124.94 -26.56
N LEU HF 106 -6.98 -123.71 -26.09
CA LEU HF 106 -6.43 -122.70 -26.98
C LEU HF 106 -5.04 -123.08 -27.48
N LEU HF 107 -4.21 -123.63 -26.60
CA LEU HF 107 -2.87 -124.03 -27.03
C LEU HF 107 -2.94 -125.09 -28.12
N LYS HF 108 -3.80 -126.11 -27.92
CA LYS HF 108 -3.92 -127.19 -28.90
C LYS HF 108 -4.47 -126.67 -30.22
N GLN HF 109 -5.43 -125.75 -30.17
CA GLN HF 109 -6.00 -125.21 -31.40
C GLN HF 109 -4.97 -124.38 -32.16
N ALA HF 110 -4.21 -123.55 -31.46
CA ALA HF 110 -3.15 -122.80 -32.12
C ALA HF 110 -2.13 -123.73 -32.74
N ALA HF 111 -1.78 -124.82 -32.04
CA ALA HF 111 -0.85 -125.79 -32.59
C ALA HF 111 -1.39 -126.41 -33.87
N ASP HF 112 -2.65 -126.85 -33.85
CA ASP HF 112 -3.27 -127.41 -35.04
C ASP HF 112 -3.29 -126.40 -36.18
N TYR HF 113 -3.61 -125.14 -35.90
CA TYR HF 113 -3.88 -124.20 -36.98
C TYR HF 113 -2.61 -123.57 -37.56
N LEU HF 114 -1.54 -123.45 -36.78
CA LEU HF 114 -0.32 -122.86 -37.30
C LEU HF 114 0.82 -123.84 -37.50
N ALA HF 115 0.80 -124.99 -36.83
CA ALA HF 115 1.81 -126.01 -37.02
C ALA HF 115 1.27 -127.31 -37.59
N GLY HF 116 -0.04 -127.53 -37.54
CA GLY HF 116 -0.63 -128.75 -38.06
C GLY HF 116 -0.16 -129.99 -37.33
N THR HF 117 -0.23 -129.97 -35.99
CA THR HF 117 0.31 -131.06 -35.17
C THR HF 117 -0.72 -131.67 -34.22
N SER HF 118 -1.98 -131.27 -34.30
CA SER HF 118 -3.00 -131.77 -33.37
C SER HF 118 -3.13 -133.30 -33.43
N ALA HF 119 -3.74 -133.85 -32.38
CA ALA HF 119 -4.08 -135.26 -32.32
C ALA HF 119 -5.20 -135.58 -33.31
N THR HF 120 -5.46 -136.87 -33.48
CA THR HF 120 -6.42 -137.32 -34.49
C THR HF 120 -7.82 -137.41 -33.89
N VAL HF 121 -8.78 -136.74 -34.53
CA VAL HF 121 -10.20 -136.78 -34.16
C VAL HF 121 -10.98 -136.92 -35.46
N SER HF 122 -12.22 -137.42 -35.34
CA SER HF 122 -12.98 -137.86 -36.50
C SER HF 122 -13.05 -136.77 -37.57
N GLY HF 123 -13.74 -135.68 -37.29
CA GLY HF 123 -14.05 -134.75 -38.35
C GLY HF 123 -13.05 -133.63 -38.52
N GLN HF 124 -11.80 -133.83 -38.12
CA GLN HF 124 -10.87 -132.72 -38.04
C GLN HF 124 -10.48 -132.30 -39.45
N THR HF 125 -10.18 -131.02 -39.63
CA THR HF 125 -9.69 -130.62 -40.94
C THR HF 125 -8.20 -130.93 -41.05
N ASP HF 126 -7.78 -131.23 -42.27
CA ASP HF 126 -6.40 -131.61 -42.55
C ASP HF 126 -5.54 -130.36 -42.50
N THR HF 127 -4.70 -130.28 -41.47
CA THR HF 127 -3.87 -129.12 -41.22
C THR HF 127 -2.39 -129.39 -41.47
N SER HF 128 -2.07 -130.52 -42.09
CA SER HF 128 -0.67 -130.88 -42.29
C SER HF 128 0.06 -129.87 -43.17
N GLY HF 129 -0.63 -129.32 -44.17
CA GLY HF 129 -0.01 -128.38 -45.08
C GLY HF 129 -0.05 -126.94 -44.63
N PHE HF 130 -0.75 -126.68 -43.53
CA PHE HF 130 -0.87 -125.30 -43.06
C PHE HF 130 0.46 -124.65 -42.72
N PRO HF 131 1.41 -125.31 -42.03
CA PRO HF 131 2.69 -124.63 -41.79
C PRO HF 131 3.39 -124.23 -43.07
N ALA HF 132 3.34 -125.08 -44.11
CA ALA HF 132 3.90 -124.71 -45.41
C ALA HF 132 3.20 -123.48 -45.96
N LYS HF 133 1.87 -123.47 -45.93
CA LYS HF 133 1.15 -122.31 -46.47
C LYS HF 133 1.48 -121.04 -45.69
N TRP HF 134 1.61 -121.14 -44.37
CA TRP HF 134 1.99 -119.97 -43.58
C TRP HF 134 3.38 -119.48 -43.98
N ALA HF 135 4.35 -120.40 -44.04
CA ALA HF 135 5.72 -120.03 -44.41
C ALA HF 135 5.79 -119.43 -45.80
N GLY HF 136 4.79 -119.69 -46.64
CA GLY HF 136 4.67 -118.99 -47.90
C GLY HF 136 3.91 -117.68 -47.84
N LEU HF 137 3.53 -117.24 -46.64
CA LEU HF 137 2.70 -116.05 -46.44
C LEU HF 137 1.39 -116.14 -47.22
N MET HF 138 0.68 -117.26 -47.04
CA MET HF 138 -0.67 -117.38 -47.56
C MET HF 138 -1.55 -118.08 -46.53
N PHE HF 139 -2.81 -117.68 -46.50
CA PHE HF 139 -3.74 -118.21 -45.53
C PHE HF 139 -4.10 -119.65 -45.86
N PRO HF 140 -4.27 -120.51 -44.85
CA PRO HF 140 -4.80 -121.86 -45.02
C PRO HF 140 -6.22 -121.82 -45.60
N ALA IF 1 19.87 -123.07 -6.77
CA ALA IF 1 18.99 -123.67 -5.77
C ALA IF 1 18.35 -124.95 -6.28
N ALA IF 2 17.72 -125.70 -5.37
CA ALA IF 2 17.07 -126.95 -5.75
C ALA IF 2 15.89 -126.66 -6.68
N PRO IF 3 15.75 -127.42 -7.76
CA PRO IF 3 14.68 -127.13 -8.73
C PRO IF 3 13.29 -127.52 -8.22
N SER IF 4 13.22 -128.39 -7.22
CA SER IF 4 11.92 -128.82 -6.70
C SER IF 4 12.11 -129.34 -5.28
N LEU IF 5 11.03 -129.27 -4.50
CA LEU IF 5 11.04 -129.61 -3.09
C LEU IF 5 9.79 -130.40 -2.74
N ALA IF 6 9.95 -131.37 -1.86
CA ALA IF 6 8.82 -132.12 -1.29
C ALA IF 6 8.88 -131.91 0.22
N LEU IF 7 8.22 -130.86 0.70
CA LEU IF 7 8.25 -130.55 2.12
C LEU IF 7 7.12 -131.28 2.84
N VAL IF 8 7.27 -131.46 4.15
CA VAL IF 8 6.25 -132.12 4.95
C VAL IF 8 5.40 -131.07 5.65
N GLY IF 9 4.08 -131.15 5.43
CA GLY IF 9 3.11 -130.35 6.13
C GLY IF 9 2.04 -131.25 6.70
N ALA IF 10 0.85 -130.67 6.88
CA ALA IF 10 -0.27 -131.37 7.51
C ALA IF 10 -1.52 -131.17 6.68
N ASN IF 11 -2.30 -132.25 6.53
CA ASN IF 11 -3.60 -132.18 5.88
C ASN IF 11 -4.64 -131.72 6.89
N SER IF 12 -5.92 -131.86 6.52
CA SER IF 12 -6.99 -131.45 7.42
C SER IF 12 -7.02 -132.29 8.69
N THR IF 13 -6.51 -133.52 8.63
CA THR IF 13 -6.43 -134.40 9.79
C THR IF 13 -5.23 -134.11 10.67
N LEU IF 14 -4.34 -133.21 10.24
CA LEU IF 14 -3.01 -132.97 10.80
C LEU IF 14 -2.05 -134.13 10.57
N ALA IF 15 -2.39 -135.08 9.71
CA ALA IF 15 -1.46 -136.14 9.34
C ALA IF 15 -0.36 -135.59 8.45
N SER IF 16 0.83 -136.15 8.59
CA SER IF 16 1.98 -135.68 7.82
C SER IF 16 1.77 -135.96 6.34
N THR IF 17 1.74 -134.91 5.53
CA THR IF 17 1.44 -135.00 4.10
C THR IF 17 2.50 -134.23 3.32
N LEU IF 18 2.87 -134.73 2.15
CA LEU IF 18 3.80 -133.99 1.31
C LEU IF 18 3.11 -132.80 0.64
N VAL IF 19 3.84 -131.69 0.57
CA VAL IF 19 3.46 -130.51 -0.18
C VAL IF 19 4.62 -130.16 -1.12
N ASN IF 20 4.31 -130.05 -2.40
CA ASN IF 20 5.31 -130.07 -3.47
C ASN IF 20 5.46 -128.67 -4.06
N TYR IF 21 6.71 -128.22 -4.15
CA TYR IF 21 7.03 -126.92 -4.73
C TYR IF 21 8.01 -127.11 -5.87
N SER IF 22 7.90 -126.24 -6.89
CA SER IF 22 8.90 -126.16 -7.94
C SER IF 22 9.48 -124.76 -8.00
N LEU IF 23 10.73 -124.68 -8.43
CA LEU IF 23 11.47 -123.43 -8.48
C LEU IF 23 10.98 -122.61 -9.68
N ARG IF 24 10.21 -121.57 -9.38
CA ARG IF 24 9.71 -120.70 -10.43
C ARG IF 24 10.69 -119.57 -10.77
N SER IF 25 11.30 -118.92 -9.78
CA SER IF 25 12.27 -117.89 -10.14
C SER IF 25 13.43 -117.85 -9.15
N GLN IF 26 14.54 -117.29 -9.61
CA GLN IF 26 15.69 -117.02 -8.75
C GLN IF 26 16.39 -115.80 -9.33
N ASN IF 27 16.55 -114.77 -8.51
CA ASN IF 27 17.06 -113.49 -8.97
C ASN IF 27 17.62 -112.73 -7.79
N GLY IF 28 18.86 -112.25 -7.94
CA GLY IF 28 19.46 -111.33 -6.99
C GLY IF 28 19.42 -111.83 -5.57
N ASN IF 29 20.08 -112.96 -5.33
CA ASN IF 29 20.06 -113.63 -4.02
C ASN IF 29 18.64 -113.75 -3.50
N ASN IF 30 17.73 -114.12 -4.38
CA ASN IF 30 16.34 -114.28 -4.01
C ASN IF 30 15.83 -115.53 -4.73
N VAL IF 31 15.01 -116.32 -4.05
CA VAL IF 31 14.54 -117.61 -4.56
C VAL IF 31 13.05 -117.75 -4.29
N ASP IF 32 12.28 -118.07 -5.34
CA ASP IF 32 10.81 -118.12 -5.26
C ASP IF 32 10.31 -119.44 -5.82
N TYR IF 33 9.60 -120.20 -4.98
CA TYR IF 33 8.99 -121.48 -5.30
C TYR IF 33 7.47 -121.33 -5.33
N VAL IF 34 6.83 -122.16 -6.16
CA VAL IF 34 5.36 -122.22 -6.21
C VAL IF 34 4.91 -123.66 -5.96
N CYS IF 35 3.75 -123.80 -5.34
CA CYS IF 35 3.23 -125.11 -4.99
C CYS IF 35 2.56 -125.75 -6.21
N THR IF 36 2.93 -127.00 -6.49
CA THR IF 36 2.48 -127.72 -7.66
C THR IF 36 1.24 -128.57 -7.41
N ASP IF 37 0.74 -128.60 -6.18
CA ASP IF 37 -0.37 -129.45 -5.81
C ASP IF 37 -1.68 -128.87 -6.31
N PRO IF 38 -2.76 -129.64 -6.25
CA PRO IF 38 -4.06 -129.09 -6.69
C PRO IF 38 -4.59 -128.00 -5.78
N ASP IF 39 -4.20 -127.98 -4.51
CA ASP IF 39 -4.75 -126.97 -3.59
C ASP IF 39 -4.22 -125.57 -3.86
N SER IF 40 -3.14 -125.42 -4.64
CA SER IF 40 -2.67 -124.11 -5.06
C SER IF 40 -3.14 -123.88 -6.49
N THR IF 41 -3.97 -122.85 -6.66
CA THR IF 41 -4.44 -122.42 -7.96
C THR IF 41 -3.75 -121.12 -8.32
N LEU IF 42 -4.00 -120.65 -9.55
CA LEU IF 42 -3.48 -119.36 -9.95
C LEU IF 42 -4.04 -118.26 -9.09
N SER IF 43 -5.32 -118.35 -8.76
CA SER IF 43 -5.97 -117.27 -8.02
C SER IF 43 -5.58 -117.30 -6.55
N ALA IF 44 -5.37 -118.49 -6.00
CA ALA IF 44 -5.04 -118.68 -4.59
C ALA IF 44 -3.88 -119.67 -4.49
N PRO IF 45 -2.65 -119.20 -4.65
CA PRO IF 45 -1.51 -120.12 -4.74
C PRO IF 45 -0.87 -120.39 -3.39
N GLY IF 46 0.04 -121.36 -3.38
CA GLY IF 46 0.97 -121.57 -2.29
C GLY IF 46 2.36 -121.18 -2.76
N LEU IF 47 3.07 -120.42 -1.92
CA LEU IF 47 4.28 -119.76 -2.38
C LEU IF 47 5.37 -119.82 -1.31
N ILE IF 48 6.63 -119.81 -1.76
CA ILE IF 48 7.78 -119.73 -0.87
C ILE IF 48 8.75 -118.69 -1.41
N ASN IF 49 9.34 -117.92 -0.50
CA ASN IF 49 10.27 -116.85 -0.81
C ASN IF 49 11.48 -116.95 0.13
N ALA IF 50 12.68 -116.67 -0.39
CA ALA IF 50 13.88 -116.69 0.45
C ALA IF 50 14.92 -115.72 -0.07
N LYS IF 51 15.36 -114.79 0.80
CA LYS IF 51 16.29 -113.71 0.48
C LYS IF 51 17.52 -113.76 1.36
N PHE IF 52 18.63 -113.25 0.83
CA PHE IF 52 19.89 -113.10 1.56
C PHE IF 52 20.30 -111.63 1.56
N ASP IF 53 20.34 -111.03 2.76
CA ASP IF 53 21.02 -109.75 2.96
C ASP IF 53 22.44 -110.08 3.39
N ILE IF 54 23.37 -110.05 2.45
CA ILE IF 54 24.76 -110.37 2.73
C ILE IF 54 25.54 -109.06 2.87
N LYS IF 55 26.06 -108.83 4.07
CA LYS IF 55 26.84 -107.63 4.34
C LYS IF 55 28.22 -107.75 3.69
N ALA IF 56 28.82 -106.59 3.44
CA ALA IF 56 30.19 -106.49 2.95
C ALA IF 56 31.14 -107.26 3.86
N PRO IF 57 32.28 -107.74 3.35
CA PRO IF 57 33.21 -108.48 4.22
C PRO IF 57 33.62 -107.63 5.41
N GLY IF 58 33.84 -108.31 6.53
CA GLY IF 58 34.15 -107.61 7.75
C GLY IF 58 33.78 -108.45 8.95
N ILE IF 59 34.31 -108.02 10.09
CA ILE IF 59 34.03 -108.72 11.34
C ILE IF 59 32.84 -108.14 12.07
N THR IF 60 32.29 -107.02 11.59
CA THR IF 60 31.17 -106.33 12.22
C THR IF 60 29.92 -106.51 11.39
N GLY IF 61 28.78 -106.47 12.06
CA GLY IF 61 27.49 -106.53 11.42
C GLY IF 61 26.85 -107.92 11.54
N ASN IF 62 25.62 -107.99 11.05
CA ASN IF 62 24.86 -109.23 10.97
C ASN IF 62 24.49 -109.50 9.52
N ASP IF 63 24.67 -110.75 9.10
CA ASP IF 63 24.06 -111.26 7.87
C ASP IF 63 22.62 -111.67 8.14
N ARG IF 64 21.76 -111.60 7.12
CA ARG IF 64 20.35 -111.91 7.37
C ARG IF 64 19.77 -112.82 6.30
N ILE IF 65 18.92 -113.74 6.74
CA ILE IF 65 18.16 -114.65 5.89
C ILE IF 65 16.69 -114.33 6.11
N HIS IF 66 15.94 -114.19 5.02
CA HIS IF 66 14.50 -113.99 5.09
C HIS IF 66 13.79 -115.12 4.36
N ALA IF 67 12.71 -115.62 4.94
CA ALA IF 67 11.97 -116.71 4.32
C ALA IF 67 10.49 -116.53 4.60
N ASN IF 68 9.67 -116.83 3.60
CA ASN IF 68 8.23 -116.66 3.73
C ASN IF 68 7.53 -117.85 3.09
N LEU IF 69 6.64 -118.50 3.85
CA LEU IF 69 5.83 -119.59 3.35
C LEU IF 69 4.37 -119.17 3.45
N ARG IF 70 3.71 -119.07 2.30
CA ARG IF 70 2.40 -118.46 2.16
C ARG IF 70 1.41 -119.45 1.56
N LYS IF 71 0.15 -119.35 2.01
CA LYS IF 71 -0.97 -119.96 1.32
C LYS IF 71 -2.08 -118.93 1.22
N VAL IF 72 -2.54 -118.67 -0.01
CA VAL IF 72 -3.62 -117.73 -0.26
C VAL IF 72 -4.94 -118.49 -0.26
N VAL IF 73 -5.97 -117.85 0.29
CA VAL IF 73 -7.31 -118.44 0.30
C VAL IF 73 -8.30 -117.37 -0.11
N LEU IF 74 -9.31 -117.78 -0.88
CA LEU IF 74 -10.33 -116.88 -1.39
C LEU IF 74 -11.58 -116.94 -0.51
N ASP IF 75 -12.21 -115.78 -0.29
CA ASP IF 75 -13.46 -115.73 0.43
C ASP IF 75 -14.57 -116.45 -0.33
N GLU IF 76 -15.42 -117.16 0.42
CA GLU IF 76 -16.47 -117.94 -0.22
C GLU IF 76 -17.41 -117.05 -1.02
N LYS IF 77 -17.79 -115.91 -0.45
CA LYS IF 77 -18.76 -115.02 -1.10
C LYS IF 77 -18.06 -113.99 -1.98
N THR IF 78 -17.15 -113.20 -1.39
CA THR IF 78 -16.57 -112.07 -2.10
C THR IF 78 -15.43 -112.45 -3.03
N ASN IF 79 -14.87 -113.66 -2.89
CA ASN IF 79 -13.71 -114.12 -3.66
C ASN IF 79 -12.49 -113.21 -3.47
N LEU IF 80 -12.52 -112.34 -2.46
CA LEU IF 80 -11.35 -111.56 -2.10
C LEU IF 80 -10.30 -112.46 -1.47
N PRO IF 81 -9.04 -112.29 -1.82
CA PRO IF 81 -8.01 -113.17 -1.27
C PRO IF 81 -7.46 -112.64 0.03
N SER IF 82 -7.35 -113.50 1.03
CA SER IF 82 -6.52 -113.20 2.19
C SER IF 82 -5.51 -114.35 2.33
N THR IF 83 -4.33 -114.02 2.85
CA THR IF 83 -3.22 -114.94 2.84
C THR IF 83 -2.71 -115.22 4.24
N GLY IF 84 -2.40 -116.49 4.50
CA GLY IF 84 -1.82 -116.92 5.76
C GLY IF 84 -0.36 -117.28 5.54
N SER IF 85 0.49 -116.95 6.51
CA SER IF 85 1.92 -117.02 6.23
C SER IF 85 2.75 -117.24 7.48
N VAL IF 86 3.77 -118.09 7.35
CA VAL IF 86 4.83 -118.21 8.35
C VAL IF 86 6.10 -117.63 7.75
N THR IF 87 6.65 -116.61 8.40
CA THR IF 87 7.85 -115.95 7.91
C THR IF 87 8.94 -115.98 8.96
N ILE IF 88 10.18 -116.17 8.51
CA ILE IF 88 11.35 -116.39 9.36
C ILE IF 88 12.43 -115.40 8.99
N GLN IF 89 13.05 -114.80 10.00
CA GLN IF 89 14.26 -114.00 9.83
C GLN IF 89 15.38 -114.58 10.69
N VAL IF 90 16.48 -114.92 10.05
CA VAL IF 90 17.68 -115.41 10.74
C VAL IF 90 18.72 -114.31 10.68
N SER IF 91 19.28 -113.95 11.83
CA SER IF 91 20.30 -112.91 11.94
C SER IF 91 21.55 -113.55 12.52
N ILE IF 92 22.59 -113.63 11.69
CA ILE IF 92 23.85 -114.31 11.99
C ILE IF 92 24.93 -113.26 12.16
N PRO IF 93 25.46 -113.06 13.37
CA PRO IF 93 26.54 -112.09 13.56
C PRO IF 93 27.84 -112.57 12.91
N ARG IF 94 28.77 -111.62 12.78
CA ARG IF 94 30.05 -111.89 12.15
C ARG IF 94 31.22 -111.92 13.11
N ASN IF 95 31.02 -111.57 14.37
CA ASN IF 95 32.05 -111.79 15.39
C ASN IF 95 32.44 -113.26 15.40
N PRO IF 96 33.74 -113.59 15.31
CA PRO IF 96 34.14 -115.00 15.25
C PRO IF 96 33.70 -115.80 16.46
N ALA IF 97 33.19 -115.13 17.48
CA ALA IF 97 32.62 -115.78 18.64
C ALA IF 97 31.24 -116.37 18.35
N TRP IF 98 30.76 -116.31 17.12
CA TRP IF 98 29.54 -116.97 16.69
C TRP IF 98 29.89 -118.15 15.78
N ASN IF 99 29.00 -119.16 15.74
CA ASN IF 99 29.23 -120.35 14.95
C ASN IF 99 28.01 -120.70 14.12
N ALA IF 100 28.28 -121.31 12.97
CA ALA IF 100 27.22 -121.99 12.24
C ALA IF 100 26.50 -122.99 13.15
N SER IF 101 27.22 -123.59 14.10
CA SER IF 101 26.58 -124.51 15.03
C SER IF 101 25.55 -123.78 15.88
N MET IF 102 25.83 -122.53 16.24
CA MET IF 102 24.87 -121.76 17.02
C MET IF 102 23.67 -121.36 16.17
N THR IF 103 23.92 -121.00 14.90
CA THR IF 103 22.81 -120.75 13.98
C THR IF 103 21.90 -121.97 13.88
N VAL IF 104 22.49 -123.13 13.63
CA VAL IF 104 21.71 -124.36 13.49
C VAL IF 104 20.99 -124.69 14.78
N SER IF 105 21.63 -124.44 15.92
CA SER IF 105 20.98 -124.73 17.20
C SER IF 105 19.73 -123.87 17.36
N LEU IF 106 19.82 -122.58 17.03
CA LEU IF 106 18.62 -121.74 17.10
C LEU IF 106 17.54 -122.23 16.13
N LEU IF 107 17.94 -122.63 14.93
CA LEU IF 107 16.94 -123.13 13.97
C LEU IF 107 16.24 -124.36 14.52
N LYS IF 108 17.01 -125.30 15.07
CA LYS IF 108 16.42 -126.54 15.59
C LYS IF 108 15.51 -126.26 16.78
N GLN IF 109 15.91 -125.32 17.65
CA GLN IF 109 15.08 -125.00 18.80
C GLN IF 109 13.78 -124.33 18.37
N ALA IF 110 13.85 -123.43 17.39
CA ALA IF 110 12.63 -122.82 16.87
C ALA IF 110 11.72 -123.88 16.27
N ALA IF 111 12.29 -124.82 15.51
CA ALA IF 111 11.49 -125.91 14.95
C ALA IF 111 10.82 -126.71 16.06
N ASP IF 112 11.55 -127.00 17.13
CA ASP IF 112 10.97 -127.76 18.23
C ASP IF 112 9.84 -126.98 18.90
N TYR IF 113 10.05 -125.68 19.13
CA TYR IF 113 9.12 -124.92 19.98
C TYR IF 113 7.89 -124.44 19.22
N LEU IF 114 8.01 -124.13 17.94
CA LEU IF 114 6.86 -123.64 17.19
C LEU IF 114 6.26 -124.68 16.26
N ALA IF 115 7.02 -125.70 15.86
CA ALA IF 115 6.49 -126.75 15.00
C ALA IF 115 6.44 -128.12 15.65
N GLY IF 116 7.20 -128.35 16.73
CA GLY IF 116 7.20 -129.63 17.39
C GLY IF 116 7.77 -130.75 16.54
N THR IF 117 8.96 -130.53 15.96
CA THR IF 117 9.55 -131.48 15.03
C THR IF 117 10.97 -131.88 15.38
N SER IF 118 11.49 -131.48 16.53
CA SER IF 118 12.85 -131.83 16.93
C SER IF 118 13.10 -133.34 16.90
N ALA IF 119 14.38 -133.69 16.77
CA ALA IF 119 14.82 -135.08 16.90
C ALA IF 119 14.62 -135.58 18.33
N THR IF 120 14.69 -136.89 18.51
CA THR IF 120 14.43 -137.48 19.81
C THR IF 120 15.68 -137.46 20.67
N VAL IF 121 15.54 -136.91 21.89
CA VAL IF 121 16.60 -136.86 22.89
C VAL IF 121 15.96 -137.13 24.24
N SER IF 122 16.65 -137.89 25.08
CA SER IF 122 16.16 -138.21 26.41
C SER IF 122 15.93 -136.93 27.20
N GLY IF 123 14.74 -136.79 27.78
CA GLY IF 123 14.41 -135.65 28.58
C GLY IF 123 13.88 -134.45 27.83
N GLN IF 124 13.56 -134.58 26.54
CA GLN IF 124 13.08 -133.42 25.80
C GLN IF 124 11.63 -133.20 26.18
N THR IF 125 11.17 -131.95 26.13
CA THR IF 125 9.76 -131.73 26.39
C THR IF 125 8.95 -132.11 25.14
N ASP IF 126 7.77 -132.67 25.39
CA ASP IF 126 6.90 -133.12 24.31
C ASP IF 126 6.27 -131.89 23.66
N THR IF 127 6.70 -131.61 22.44
CA THR IF 127 6.26 -130.45 21.70
C THR IF 127 5.28 -130.79 20.61
N SER IF 128 4.77 -132.03 20.59
CA SER IF 128 3.92 -132.49 19.51
C SER IF 128 2.66 -131.63 19.37
N GLY IF 129 2.06 -131.24 20.50
CA GLY IF 129 0.85 -130.46 20.48
C GLY IF 129 1.06 -128.97 20.40
N PHE IF 130 2.32 -128.53 20.45
CA PHE IF 130 2.59 -127.10 20.42
C PHE IF 130 2.12 -126.43 19.13
N PRO IF 131 2.31 -126.98 17.93
CA PRO IF 131 1.78 -126.28 16.74
C PRO IF 131 0.28 -126.10 16.80
N ALA IF 132 -0.45 -127.10 17.32
CA ALA IF 132 -1.88 -126.95 17.51
C ALA IF 132 -2.18 -125.79 18.47
N LYS IF 133 -1.50 -125.77 19.62
CA LYS IF 133 -1.74 -124.69 20.58
C LYS IF 133 -1.42 -123.33 19.98
N TRP IF 134 -0.36 -123.24 19.17
CA TRP IF 134 -0.03 -121.97 18.53
C TRP IF 134 -1.14 -121.55 17.57
N ALA IF 135 -1.57 -122.49 16.71
CA ALA IF 135 -2.63 -122.18 15.76
C ALA IF 135 -3.90 -121.75 16.46
N GLY IF 136 -4.09 -122.17 17.71
CA GLY IF 136 -5.16 -121.66 18.53
C GLY IF 136 -4.86 -120.38 19.29
N LEU IF 137 -3.69 -119.78 19.08
CA LEU IF 137 -3.25 -118.61 19.83
C LEU IF 137 -3.22 -118.89 21.33
N MET IF 138 -2.50 -119.95 21.71
CA MET IF 138 -2.34 -120.35 23.09
C MET IF 138 -0.88 -120.63 23.34
N PHE IF 139 -0.32 -120.03 24.38
CA PHE IF 139 1.07 -120.33 24.71
C PHE IF 139 1.21 -121.76 25.19
N PRO IF 140 2.19 -122.51 24.69
CA PRO IF 140 2.45 -123.90 25.10
C PRO IF 140 2.77 -124.00 26.58
N ALA JF 1 93.97 -84.55 17.60
CA ALA JF 1 93.13 -85.39 18.45
C ALA JF 1 93.39 -86.88 18.20
N ALA JF 2 93.22 -87.68 19.25
CA ALA JF 2 93.41 -89.11 19.14
C ALA JF 2 92.34 -89.72 18.24
N PRO JF 3 92.69 -90.71 17.43
CA PRO JF 3 91.69 -91.29 16.51
C PRO JF 3 90.69 -92.18 17.21
N SER JF 4 91.04 -92.74 18.36
CA SER JF 4 90.15 -93.65 19.06
C SER JF 4 90.57 -93.72 20.52
N LEU JF 5 89.62 -94.15 21.35
CA LEU JF 5 89.79 -94.15 22.80
C LEU JF 5 89.16 -95.40 23.38
N ALA JF 6 89.80 -95.95 24.40
CA ALA JF 6 89.25 -97.04 25.20
C ALA JF 6 89.21 -96.54 26.64
N LEU JF 7 88.08 -95.97 27.04
CA LEU JF 7 87.96 -95.37 28.36
C LEU JF 7 87.38 -96.41 29.32
N VAL JF 8 87.69 -96.26 30.60
CA VAL JF 8 87.17 -97.18 31.61
C VAL JF 8 85.88 -96.61 32.18
N GLY JF 9 84.82 -97.43 32.19
CA GLY JF 9 83.56 -97.13 32.82
C GLY JF 9 83.11 -98.32 33.65
N ALA JF 10 81.79 -98.43 33.83
CA ALA JF 10 81.22 -99.47 34.67
C ALA JF 10 80.03 -100.13 33.99
N ASN JF 11 79.91 -101.44 34.16
CA ASN JF 11 78.78 -102.21 33.66
C ASN JF 11 77.65 -102.18 34.67
N SER JF 12 76.65 -103.04 34.48
CA SER JF 12 75.54 -103.09 35.42
C SER JF 12 75.98 -103.58 36.80
N THR JF 13 77.05 -104.37 36.87
CA THR JF 13 77.64 -104.83 38.12
C THR JF 13 78.50 -103.76 38.79
N LEU JF 14 78.78 -102.66 38.07
CA LEU JF 14 79.75 -101.64 38.44
C LEU JF 14 81.18 -102.14 38.40
N ALA JF 15 81.43 -103.25 37.72
CA ALA JF 15 82.79 -103.69 37.45
C ALA JF 15 83.41 -102.85 36.35
N SER JF 16 84.72 -102.65 36.43
CA SER JF 16 85.41 -101.81 35.46
C SER JF 16 85.37 -102.45 34.08
N THR JF 17 84.80 -101.73 33.11
CA THR JF 17 84.59 -102.23 31.76
C THR JF 17 85.10 -101.21 30.76
N LEU JF 18 85.67 -101.68 29.66
CA LEU JF 18 86.06 -100.74 28.62
C LEU JF 18 84.85 -100.24 27.85
N VAL JF 19 84.93 -98.99 27.41
CA VAL JF 19 83.97 -98.37 26.53
C VAL JF 19 84.73 -97.68 25.42
N ASN JF 20 84.41 -98.01 24.18
CA ASN JF 20 85.23 -97.69 23.03
C ASN JF 20 84.61 -96.52 22.27
N TYR JF 21 85.38 -95.47 22.08
CA TYR JF 21 84.99 -94.32 21.28
C TYR JF 21 85.92 -94.22 20.08
N SER JF 22 85.41 -93.65 19.00
CA SER JF 22 86.21 -93.36 17.82
C SER JF 22 85.89 -91.95 17.35
N LEU JF 23 86.87 -91.31 16.73
CA LEU JF 23 86.75 -89.90 16.35
C LEU JF 23 85.75 -89.75 15.22
N ARG JF 24 84.61 -89.13 15.51
CA ARG JF 24 83.69 -88.74 14.46
C ARG JF 24 84.24 -87.57 13.67
N SER JF 25 84.50 -86.45 14.34
CA SER JF 25 84.96 -85.29 13.57
C SER JF 25 85.74 -84.34 14.44
N GLN JF 26 86.79 -83.73 13.87
CA GLN JF 26 87.50 -82.64 14.51
C GLN JF 26 87.18 -81.35 13.74
N ASN JF 27 86.51 -80.43 14.41
CA ASN JF 27 86.41 -79.05 14.02
C ASN JF 27 87.53 -78.26 14.71
N GLY JF 28 87.73 -77.03 14.31
CA GLY JF 28 88.80 -76.25 14.91
C GLY JF 28 88.61 -76.03 16.39
N ASN JF 29 89.50 -76.59 17.20
CA ASN JF 29 89.39 -76.56 18.67
C ASN JF 29 88.09 -77.22 19.14
N ASN JF 30 87.65 -78.24 18.42
CA ASN JF 30 86.45 -78.95 18.80
C ASN JF 30 86.55 -80.40 18.32
N VAL JF 31 86.15 -81.33 19.17
CA VAL JF 31 86.32 -82.75 18.86
C VAL JF 31 85.05 -83.49 19.26
N ASP JF 32 84.59 -84.38 18.37
CA ASP JF 32 83.40 -85.20 18.59
C ASP JF 32 83.77 -86.67 18.39
N TYR JF 33 83.59 -87.46 19.46
CA TYR JF 33 83.78 -88.91 19.47
C TYR JF 33 82.43 -89.61 19.61
N VAL JF 34 82.37 -90.84 19.09
CA VAL JF 34 81.16 -91.66 19.13
C VAL JF 34 81.52 -93.04 19.67
N CYS JF 35 80.62 -93.62 20.44
CA CYS JF 35 80.86 -94.94 21.01
C CYS JF 35 80.64 -96.01 19.95
N THR JF 36 81.61 -96.92 19.83
CA THR JF 36 81.60 -97.97 18.82
C THR JF 36 81.16 -99.33 19.36
N ASP JF 37 80.67 -99.37 20.59
CA ASP JF 37 80.19 -100.61 21.18
C ASP JF 37 78.80 -100.92 20.64
N PRO JF 38 78.30 -102.14 20.87
CA PRO JF 38 76.88 -102.41 20.61
C PRO JF 38 75.94 -101.63 21.51
N ASP JF 39 76.43 -101.07 22.64
CA ASP JF 39 75.59 -100.28 23.53
C ASP JF 39 75.01 -99.06 22.83
N SER JF 40 75.81 -98.37 22.05
CA SER JF 40 75.37 -97.20 21.32
C SER JF 40 74.98 -97.58 19.90
N THR JF 41 73.89 -97.00 19.44
CA THR JF 41 73.45 -97.03 18.06
C THR JF 41 73.22 -95.60 17.63
N LEU JF 42 73.01 -95.39 16.32
CA LEU JF 42 72.70 -94.04 15.86
C LEU JF 42 71.44 -93.51 16.54
N SER JF 43 70.48 -94.38 16.82
CA SER JF 43 69.23 -93.94 17.44
C SER JF 43 69.44 -93.51 18.88
N ALA JF 44 70.29 -94.23 19.62
CA ALA JF 44 70.58 -93.92 21.02
C ALA JF 44 72.08 -94.02 21.25
N PRO JF 45 72.82 -92.97 20.91
CA PRO JF 45 74.29 -93.06 20.89
C PRO JF 45 74.93 -92.71 22.21
N GLY JF 46 76.21 -93.08 22.32
CA GLY JF 46 77.10 -92.57 23.34
C GLY JF 46 78.09 -91.62 22.67
N LEU JF 47 78.26 -90.45 23.29
CA LEU JF 47 78.95 -89.36 22.60
C LEU JF 47 79.90 -88.64 23.53
N ILE JF 48 80.95 -88.06 22.96
CA ILE JF 48 81.87 -87.20 23.69
C ILE JF 48 82.13 -85.96 22.85
N ASN JF 49 82.21 -84.80 23.51
CA ASN JF 49 82.47 -83.52 22.87
C ASN JF 49 83.48 -82.75 23.72
N ALA JF 50 84.46 -82.13 23.05
CA ALA JF 50 85.48 -81.35 23.75
C ALA JF 50 85.78 -80.07 22.97
N LYS JF 51 85.73 -78.94 23.67
CA LYS JF 51 85.83 -77.60 23.08
C LYS JF 51 86.85 -76.77 23.84
N PHE JF 52 87.43 -75.80 23.13
CA PHE JF 52 88.44 -74.89 23.69
C PHE JF 52 88.02 -73.45 23.43
N ASP JF 53 87.64 -72.74 24.48
CA ASP JF 53 87.40 -71.29 24.44
C ASP JF 53 88.71 -70.62 24.79
N ILE JF 54 89.49 -70.27 23.77
CA ILE JF 54 90.80 -69.65 23.94
C ILE JF 54 90.67 -68.19 23.55
N LYS JF 55 90.95 -67.30 24.51
CA LYS JF 55 90.83 -65.87 24.26
C LYS JF 55 92.03 -65.38 23.44
N ALA JF 56 91.88 -64.20 22.86
CA ALA JF 56 92.95 -63.60 22.06
C ALA JF 56 94.22 -63.49 22.91
N PRO JF 57 95.39 -63.63 22.31
CA PRO JF 57 96.63 -63.62 23.10
C PRO JF 57 96.88 -62.31 23.83
N GLY JF 58 96.46 -61.17 23.27
CA GLY JF 58 96.62 -59.92 23.97
C GLY JF 58 95.72 -59.81 25.20
N ILE JF 59 94.48 -60.29 25.09
CA ILE JF 59 93.48 -60.15 26.15
C ILE JF 59 93.80 -61.07 27.30
N THR JF 60 93.68 -60.57 28.53
CA THR JF 60 93.71 -61.41 29.72
C THR JF 60 92.29 -61.82 30.10
N GLY JF 61 92.13 -63.09 30.40
CA GLY JF 61 90.86 -63.61 30.89
C GLY JF 61 91.13 -64.99 31.42
N ASN JF 62 90.12 -65.85 31.32
CA ASN JF 62 90.29 -67.27 31.59
C ASN JF 62 90.14 -68.03 30.28
N ASP JF 63 91.06 -68.94 30.01
CA ASP JF 63 90.86 -69.93 28.97
C ASP JF 63 89.95 -71.03 29.51
N ARG JF 64 89.14 -71.62 28.63
CA ARG JF 64 88.14 -72.57 29.08
C ARG JF 64 88.17 -73.85 28.25
N ILE JF 65 87.91 -74.97 28.93
CA ILE JF 65 87.75 -76.29 28.33
C ILE JF 65 86.34 -76.76 28.64
N HIS JF 66 85.62 -77.22 27.62
CA HIS JF 66 84.26 -77.75 27.79
C HIS JF 66 84.23 -79.19 27.32
N ALA JF 67 83.93 -80.11 28.23
CA ALA JF 67 83.83 -81.52 27.89
C ALA JF 67 82.44 -82.02 28.23
N ASN JF 68 81.95 -82.97 27.43
CA ASN JF 68 80.61 -83.51 27.60
C ASN JF 68 80.62 -84.97 27.22
N LEU JF 69 80.21 -85.83 28.15
CA LEU JF 69 80.09 -87.27 27.92
C LEU JF 69 78.63 -87.67 28.11
N ARG JF 70 78.01 -88.16 27.05
CA ARG JF 70 76.59 -88.39 26.99
C ARG JF 70 76.29 -89.85 26.67
N LYS JF 71 75.16 -90.34 27.20
CA LYS JF 71 74.56 -91.59 26.76
C LYS JF 71 73.08 -91.37 26.59
N VAL JF 72 72.56 -91.61 25.39
CA VAL JF 72 71.15 -91.50 25.09
C VAL JF 72 70.49 -92.84 25.36
N VAL JF 73 69.27 -92.82 25.91
CA VAL JF 73 68.51 -94.03 26.15
C VAL JF 73 67.10 -93.82 25.64
N LEU JF 74 66.49 -94.89 25.14
CA LEU JF 74 65.14 -94.86 24.61
C LEU JF 74 64.16 -95.44 25.62
N ASP JF 75 63.00 -94.81 25.75
CA ASP JF 75 61.95 -95.35 26.59
C ASP JF 75 61.42 -96.66 26.00
N GLU JF 76 61.24 -97.66 26.87
CA GLU JF 76 60.68 -98.93 26.38
C GLU JF 76 59.32 -98.73 25.75
N LYS JF 77 58.45 -97.96 26.41
CA LYS JF 77 57.09 -97.83 25.93
C LYS JF 77 56.98 -96.84 24.76
N THR JF 78 57.62 -95.67 24.84
CA THR JF 78 57.40 -94.64 23.83
C THR JF 78 58.55 -94.47 22.84
N ASN JF 79 59.69 -95.13 23.06
CA ASN JF 79 60.90 -94.96 22.26
C ASN JF 79 61.36 -93.51 22.18
N LEU JF 80 60.84 -92.66 23.06
CA LEU JF 80 61.32 -91.29 23.14
C LEU JF 80 62.69 -91.25 23.81
N PRO JF 81 63.60 -90.46 23.30
CA PRO JF 81 64.96 -90.46 23.84
C PRO JF 81 65.11 -89.47 24.97
N SER JF 82 65.69 -89.91 26.08
CA SER JF 82 66.20 -88.99 27.07
C SER JF 82 67.66 -89.33 27.32
N THR JF 83 68.44 -88.33 27.66
CA THR JF 83 69.89 -88.47 27.68
C THR JF 83 70.44 -88.18 29.08
N GLY JF 84 71.49 -88.90 29.44
CA GLY JF 84 72.20 -88.67 30.68
C GLY JF 84 73.64 -88.26 30.39
N SER JF 85 74.14 -87.30 31.17
CA SER JF 85 75.40 -86.69 30.75
C SER JF 85 76.22 -86.21 31.94
N VAL JF 86 77.55 -86.23 31.75
CA VAL JF 86 78.49 -85.57 32.64
C VAL JF 86 79.23 -84.50 31.84
N THR JF 87 79.10 -83.25 32.26
CA THR JF 87 79.77 -82.14 31.62
C THR JF 87 80.78 -81.50 32.57
N ILE JF 88 81.87 -81.02 31.99
CA ILE JF 88 83.02 -80.53 32.75
C ILE JF 88 83.47 -79.22 32.13
N GLN JF 89 83.73 -78.22 32.97
CA GLN JF 89 84.23 -76.95 32.48
C GLN JF 89 85.48 -76.62 33.29
N VAL JF 90 86.61 -76.46 32.60
CA VAL JF 90 87.88 -76.13 33.22
C VAL JF 90 88.17 -74.67 32.87
N SER JF 91 88.31 -73.82 33.88
CA SER JF 91 88.62 -72.41 33.70
C SER JF 91 90.02 -72.16 34.26
N ILE JF 92 90.95 -71.88 33.35
CA ILE JF 92 92.38 -71.71 33.64
C ILE JF 92 92.71 -70.23 33.49
N PRO JF 93 93.19 -69.55 34.53
CA PRO JF 93 93.55 -68.14 34.39
C PRO JF 93 94.88 -67.93 33.68
N ARG JF 94 94.98 -66.78 33.01
CA ARG JF 94 96.15 -66.42 32.22
C ARG JF 94 97.21 -65.67 33.03
N ASN JF 95 97.22 -65.82 34.34
CA ASN JF 95 98.22 -65.21 35.21
C ASN JF 95 99.35 -66.21 35.47
N PRO JF 96 100.62 -65.84 35.28
CA PRO JF 96 101.72 -66.77 35.55
C PRO JF 96 101.71 -67.33 36.96
N ALA JF 97 100.97 -66.73 37.88
CA ALA JF 97 100.82 -67.27 39.22
C ALA JF 97 100.03 -68.57 39.23
N TRP JF 98 99.44 -68.97 38.11
CA TRP JF 98 98.76 -70.24 37.93
C TRP JF 98 99.59 -71.10 36.97
N ASN JF 99 99.53 -72.42 37.14
CA ASN JF 99 100.28 -73.27 36.24
C ASN JF 99 99.57 -74.60 36.02
N ALA JF 100 100.15 -75.37 35.10
CA ALA JF 100 99.54 -76.62 34.70
C ALA JF 100 99.47 -77.60 35.85
N SER JF 101 100.42 -77.54 36.80
CA SER JF 101 100.36 -78.42 37.96
C SER JF 101 99.08 -78.15 38.74
N MET JF 102 98.66 -76.89 38.83
CA MET JF 102 97.43 -76.56 39.55
C MET JF 102 96.21 -76.99 38.75
N THR JF 103 96.23 -76.80 37.43
CA THR JF 103 95.15 -77.33 36.60
C THR JF 103 94.97 -78.83 36.84
N VAL JF 104 96.06 -79.58 36.75
CA VAL JF 104 96.02 -81.02 36.93
C VAL JF 104 95.58 -81.38 38.34
N SER JF 105 96.01 -80.60 39.33
CA SER JF 105 95.61 -80.88 40.70
C SER JF 105 94.10 -80.77 40.87
N LEU JF 106 93.50 -79.73 40.29
CA LEU JF 106 92.03 -79.64 40.35
C LEU JF 106 91.38 -80.80 39.63
N LEU JF 107 91.91 -81.19 38.46
CA LEU JF 107 91.33 -82.33 37.75
C LEU JF 107 91.38 -83.60 38.60
N LYS JF 108 92.53 -83.87 39.21
CA LYS JF 108 92.70 -85.07 40.02
C LYS JF 108 91.78 -85.05 41.23
N GLN JF 109 91.62 -83.89 41.87
CA GLN JF 109 90.76 -83.82 43.05
C GLN JF 109 89.30 -84.04 42.66
N ALA JF 110 88.87 -83.45 41.54
CA ALA JF 110 87.50 -83.68 41.07
C ALA JF 110 87.29 -85.15 40.77
N ALA JF 111 88.28 -85.79 40.15
CA ALA JF 111 88.19 -87.22 39.87
C ALA JF 111 88.03 -88.02 41.15
N ASP JF 112 88.87 -87.74 42.14
CA ASP JF 112 88.77 -88.43 43.43
C ASP JF 112 87.40 -88.24 44.05
N TYR JF 113 86.90 -87.00 44.05
CA TYR JF 113 85.71 -86.72 44.86
C TYR JF 113 84.41 -87.11 44.17
N LEU JF 114 84.35 -87.13 42.84
CA LEU JF 114 83.11 -87.49 42.17
C LEU JF 114 83.14 -88.86 41.50
N ALA JF 115 84.31 -89.38 41.16
CA ALA JF 115 84.40 -90.71 40.58
C ALA JF 115 85.12 -91.71 41.48
N GLY JF 116 85.86 -91.24 42.47
CA GLY JF 116 86.57 -92.13 43.37
C GLY JF 116 87.65 -92.93 42.67
N THR JF 117 88.52 -92.25 41.91
CA THR JF 117 89.55 -92.93 41.13
C THR JF 117 90.96 -92.40 41.36
N SER JF 118 91.18 -91.60 42.40
CA SER JF 118 92.52 -91.11 42.70
C SER JF 118 93.54 -92.24 42.86
N ALA JF 119 94.81 -91.87 42.71
CA ALA JF 119 95.91 -92.78 43.00
C ALA JF 119 96.03 -93.02 44.50
N THR JF 120 96.63 -94.15 44.86
CA THR JF 120 96.74 -94.51 46.27
C THR JF 120 97.78 -93.61 46.95
N VAL JF 121 97.35 -92.95 48.02
CA VAL JF 121 98.16 -92.04 48.82
C VAL JF 121 97.74 -92.18 50.26
N SER JF 122 98.70 -92.37 51.16
CA SER JF 122 98.34 -92.69 52.54
C SER JF 122 97.61 -91.51 53.18
N GLY JF 123 96.53 -91.82 53.88
CA GLY JF 123 95.71 -90.80 54.50
C GLY JF 123 94.57 -90.28 53.67
N GLN JF 124 94.44 -90.73 52.42
CA GLN JF 124 93.33 -90.33 51.59
C GLN JF 124 92.02 -90.91 52.11
N THR JF 125 90.95 -90.14 51.97
CA THR JF 125 89.65 -90.71 52.30
C THR JF 125 89.25 -91.73 51.24
N ASP JF 126 88.53 -92.76 51.69
CA ASP JF 126 88.10 -93.84 50.81
C ASP JF 126 86.93 -93.33 49.99
N THR JF 127 87.23 -92.93 48.76
CA THR JF 127 86.26 -92.34 47.86
C THR JF 127 85.61 -93.35 46.95
N SER JF 128 85.84 -94.65 47.18
CA SER JF 128 85.38 -95.67 46.26
C SER JF 128 83.86 -95.68 46.13
N GLY JF 129 83.15 -95.44 47.23
CA GLY JF 129 81.70 -95.47 47.20
C GLY JF 129 81.04 -94.17 46.83
N PHE JF 130 81.85 -93.12 46.69
CA PHE JF 130 81.29 -91.81 46.37
C PHE JF 130 80.52 -91.77 45.06
N PRO JF 131 80.98 -92.38 43.96
CA PRO JF 131 80.15 -92.35 42.74
C PRO JF 131 78.79 -93.00 42.93
N ALA JF 132 78.74 -94.09 43.69
CA ALA JF 132 77.45 -94.69 44.03
C ALA JF 132 76.58 -93.69 44.79
N LYS JF 133 77.13 -93.05 45.83
CA LYS JF 133 76.34 -92.09 46.58
C LYS JF 133 75.85 -90.94 45.72
N TRP JF 134 76.72 -90.43 44.84
CA TRP JF 134 76.31 -89.34 43.94
C TRP JF 134 75.16 -89.79 43.05
N ALA JF 135 75.30 -90.97 42.43
CA ALA JF 135 74.23 -91.51 41.58
C ALA JF 135 72.95 -91.73 42.35
N GLY JF 136 73.02 -91.80 43.67
CA GLY JF 136 71.82 -91.80 44.49
C GLY JF 136 71.34 -90.44 44.96
N LEU JF 137 71.95 -89.35 44.48
CA LEU JF 137 71.70 -88.00 44.99
C LEU JF 137 71.88 -87.92 46.52
N MET JF 138 73.03 -88.38 46.98
CA MET JF 138 73.42 -88.36 48.38
C MET JF 138 74.81 -87.77 48.49
N PHE JF 139 74.98 -86.81 49.40
CA PHE JF 139 76.32 -86.28 49.61
C PHE JF 139 77.19 -87.33 50.27
N PRO JF 140 78.44 -87.52 49.81
CA PRO JF 140 79.37 -88.47 50.43
C PRO JF 140 79.62 -88.11 51.90
N ALA KF 1 98.06 -81.35 7.55
CA ALA KF 1 99.11 -80.47 8.08
C ALA KF 1 100.08 -81.24 8.96
N ALA KF 2 101.33 -80.74 9.04
CA ALA KF 2 102.34 -81.40 9.85
C ALA KF 2 101.93 -81.38 11.32
N PRO KF 3 102.03 -82.51 12.03
CA PRO KF 3 101.61 -82.52 13.44
C PRO KF 3 102.53 -81.74 14.35
N SER KF 4 103.78 -81.50 13.96
CA SER KF 4 104.71 -80.76 14.79
C SER KF 4 105.78 -80.16 13.91
N LEU KF 5 106.43 -79.11 14.44
CA LEU KF 5 107.41 -78.33 13.70
C LEU KF 5 108.57 -77.96 14.61
N ALA KF 6 109.77 -77.95 14.04
CA ALA KF 6 110.96 -77.49 14.73
C ALA KF 6 111.57 -76.39 13.86
N LEU KF 7 111.21 -75.15 14.15
CA LEU KF 7 111.61 -74.03 13.31
C LEU KF 7 112.86 -73.37 13.91
N VAL KF 8 113.62 -72.69 13.08
CA VAL KF 8 114.82 -72.00 13.53
C VAL KF 8 114.50 -70.56 13.84
N GLY KF 9 114.87 -70.11 15.04
CA GLY KF 9 114.77 -68.73 15.44
C GLY KF 9 116.08 -68.30 16.07
N ALA KF 10 116.04 -67.26 16.91
CA ALA KF 10 117.25 -66.71 17.51
C ALA KF 10 117.07 -66.63 19.03
N ASN KF 11 118.14 -66.98 19.75
CA ASN KF 11 118.17 -66.86 21.20
C ASN KF 11 118.46 -65.40 21.57
N SER KF 12 118.72 -65.15 22.86
CA SER KF 12 119.03 -63.79 23.29
C SER KF 12 120.30 -63.26 22.64
N THR KF 13 121.18 -64.14 22.15
CA THR KF 13 122.42 -63.74 21.51
C THR KF 13 122.31 -63.74 20.00
N LEU KF 14 121.14 -64.04 19.46
CA LEU KF 14 120.88 -64.13 18.02
C LEU KF 14 121.51 -65.36 17.38
N ALA KF 15 121.89 -66.34 18.19
CA ALA KF 15 122.34 -67.62 17.65
C ALA KF 15 121.15 -68.45 17.22
N SER KF 16 121.34 -69.22 16.15
CA SER KF 16 120.25 -70.05 15.64
C SER KF 16 119.87 -71.11 16.67
N THR KF 17 118.59 -71.11 17.05
CA THR KF 17 118.08 -71.99 18.09
C THR KF 17 116.76 -72.58 17.63
N LEU KF 18 116.51 -73.86 17.95
CA LEU KF 18 115.23 -74.43 17.60
C LEU KF 18 114.11 -73.89 18.48
N VAL KF 19 112.92 -73.82 17.89
CA VAL KF 19 111.69 -73.43 18.56
C VAL KF 19 110.63 -74.43 18.13
N ASN KF 20 110.02 -75.09 19.10
CA ASN KF 20 109.21 -76.27 18.84
C ASN KF 20 107.74 -75.93 18.93
N TYR KF 21 107.01 -76.21 17.86
CA TYR KF 21 105.57 -76.01 17.80
C TYR KF 21 104.88 -77.35 17.60
N SER KF 22 103.66 -77.46 18.10
CA SER KF 22 102.82 -78.62 17.90
C SER KF 22 101.44 -78.17 17.43
N LEU KF 23 100.82 -79.00 16.60
CA LEU KF 23 99.56 -78.68 15.97
C LEU KF 23 98.42 -78.79 16.98
N ARG KF 24 97.77 -77.66 17.28
CA ARG KF 24 96.67 -77.68 18.24
C ARG KF 24 95.37 -78.17 17.60
N SER KF 25 94.99 -77.60 16.46
CA SER KF 25 93.78 -78.02 15.76
C SER KF 25 93.85 -77.57 14.31
N GLN KF 26 92.85 -77.98 13.53
CA GLN KF 26 92.71 -77.56 12.13
C GLN KF 26 91.23 -77.30 11.86
N ASN KF 27 90.91 -76.05 11.52
CA ASN KF 27 89.57 -75.56 11.17
C ASN KF 27 89.48 -75.41 9.66
N GLY KF 28 88.40 -74.77 9.20
CA GLY KF 28 88.22 -74.49 7.79
C GLY KF 28 89.34 -73.64 7.23
N ASN KF 29 90.15 -74.25 6.38
CA ASN KF 29 91.22 -73.58 5.65
C ASN KF 29 92.18 -72.85 6.58
N ASN KF 30 92.49 -73.45 7.72
CA ASN KF 30 93.43 -72.82 8.64
C ASN KF 30 94.10 -73.88 9.50
N VAL KF 31 95.14 -73.46 10.21
CA VAL KF 31 96.00 -74.33 11.01
C VAL KF 31 96.50 -73.52 12.19
N ASP KF 32 96.47 -74.12 13.39
CA ASP KF 32 96.86 -73.46 14.63
C ASP KF 32 97.94 -74.29 15.32
N TYR KF 33 99.11 -73.69 15.51
CA TYR KF 33 100.25 -74.30 16.20
C TYR KF 33 100.56 -73.54 17.47
N VAL KF 34 101.05 -74.27 18.47
CA VAL KF 34 101.40 -73.73 19.79
C VAL KF 34 102.83 -74.11 20.11
N CYS KF 35 103.57 -73.21 20.75
CA CYS KF 35 104.95 -73.50 21.12
C CYS KF 35 104.96 -74.40 22.36
N THR KF 36 105.78 -75.45 22.31
CA THR KF 36 105.87 -76.46 23.35
C THR KF 36 107.14 -76.34 24.19
N ASP KF 37 107.89 -75.27 24.01
CA ASP KF 37 109.10 -75.05 24.80
C ASP KF 37 108.71 -74.64 26.21
N PRO KF 38 109.66 -74.65 27.15
CA PRO KF 38 109.32 -74.20 28.51
C PRO KF 38 109.01 -72.71 28.60
N ASP KF 39 109.59 -71.87 27.74
CA ASP KF 39 109.40 -70.42 27.86
C ASP KF 39 107.99 -69.96 27.47
N SER KF 40 107.22 -70.80 26.76
CA SER KF 40 105.84 -70.45 26.42
C SER KF 40 104.89 -71.18 27.36
N THR KF 41 103.97 -70.41 27.92
CA THR KF 41 102.92 -70.90 28.81
C THR KF 41 101.62 -70.24 28.39
N LEU KF 42 100.50 -70.68 28.98
CA LEU KF 42 99.23 -70.08 28.61
C LEU KF 42 99.19 -68.60 28.93
N SER KF 43 99.95 -68.18 29.96
CA SER KF 43 100.00 -66.77 30.31
C SER KF 43 100.70 -65.95 29.21
N ALA KF 44 101.74 -66.52 28.60
CA ALA KF 44 102.51 -65.83 27.56
C ALA KF 44 102.96 -66.84 26.51
N PRO KF 45 102.07 -67.22 25.60
CA PRO KF 45 102.36 -68.31 24.66
C PRO KF 45 103.07 -67.82 23.40
N GLY KF 46 103.58 -68.80 22.65
CA GLY KF 46 104.02 -68.60 21.28
C GLY KF 46 103.08 -69.34 20.35
N LEU KF 47 102.67 -68.67 19.27
CA LEU KF 47 101.59 -69.17 18.43
C LEU KF 47 101.92 -68.99 16.96
N ILE KF 48 101.42 -69.90 16.14
CA ILE KF 48 101.50 -69.76 14.69
C ILE KF 48 100.13 -70.11 14.09
N ASN KF 49 99.70 -69.32 13.12
CA ASN KF 49 98.37 -69.47 12.53
C ASN KF 49 98.45 -69.28 11.02
N ALA KF 50 97.78 -70.14 10.27
CA ALA KF 50 97.81 -70.05 8.82
C ALA KF 50 96.40 -70.26 8.26
N LYS KF 51 96.06 -69.53 7.21
CA LYS KF 51 94.73 -69.55 6.62
C LYS KF 51 94.82 -69.37 5.11
N PHE KF 52 93.93 -70.04 4.38
CA PHE KF 52 93.80 -69.86 2.94
C PHE KF 52 92.46 -69.19 2.61
N ASP KF 53 92.51 -68.11 1.84
CA ASP KF 53 91.35 -67.54 1.17
C ASP KF 53 91.43 -68.00 -0.27
N ILE KF 54 90.61 -68.98 -0.63
CA ILE KF 54 90.68 -69.65 -1.93
C ILE KF 54 89.50 -69.22 -2.76
N LYS KF 55 89.77 -68.61 -3.90
CA LYS KF 55 88.70 -68.14 -4.76
C LYS KF 55 88.22 -69.28 -5.66
N ALA KF 56 87.05 -69.06 -6.27
CA ALA KF 56 86.39 -70.10 -7.04
C ALA KF 56 87.27 -70.54 -8.22
N PRO KF 57 87.01 -71.74 -8.76
CA PRO KF 57 87.81 -72.20 -9.91
C PRO KF 57 87.69 -71.25 -11.07
N GLY KF 58 88.77 -71.10 -11.82
CA GLY KF 58 88.88 -70.18 -12.92
C GLY KF 58 90.24 -69.55 -12.91
N ILE KF 59 90.44 -68.58 -13.80
CA ILE KF 59 91.71 -67.86 -13.85
C ILE KF 59 91.56 -66.40 -13.48
N THR KF 60 90.41 -66.02 -12.91
CA THR KF 60 90.09 -64.61 -12.70
C THR KF 60 90.70 -64.05 -11.41
N GLY KF 61 90.67 -64.83 -10.34
CA GLY KF 61 90.85 -64.29 -9.01
C GLY KF 61 92.29 -64.14 -8.56
N ASN KF 62 92.42 -63.90 -7.24
CA ASN KF 62 93.67 -63.87 -6.50
C ASN KF 62 93.49 -64.69 -5.22
N ASP KF 63 94.18 -65.83 -5.14
CA ASP KF 63 94.21 -66.62 -3.91
C ASP KF 63 95.08 -65.92 -2.87
N ARG KF 64 94.80 -66.17 -1.59
CA ARG KF 64 95.56 -65.53 -0.53
C ARG KF 64 95.92 -66.51 0.58
N ILE KF 65 97.12 -66.32 1.13
CA ILE KF 65 97.64 -67.06 2.27
C ILE KF 65 97.89 -66.05 3.38
N HIS KF 66 97.43 -66.37 4.59
CA HIS KF 66 97.62 -65.53 5.77
C HIS KF 66 98.37 -66.34 6.82
N ALA KF 67 99.57 -65.91 7.16
CA ALA KF 67 100.34 -66.51 8.23
C ALA KF 67 100.56 -65.49 9.34
N ASN KF 68 100.68 -65.98 10.57
CA ASN KF 68 100.83 -65.09 11.72
C ASN KF 68 101.64 -65.82 12.78
N LEU KF 69 102.81 -65.26 13.12
CA LEU KF 69 103.69 -65.82 14.14
C LEU KF 69 103.76 -64.83 15.28
N ARG KF 70 103.27 -65.24 16.45
CA ARG KF 70 103.14 -64.35 17.60
C ARG KF 70 103.90 -64.90 18.79
N LYS KF 71 104.35 -63.99 19.66
CA LYS KF 71 104.87 -64.32 20.98
C LYS KF 71 104.39 -63.28 21.97
N VAL KF 72 103.81 -63.74 23.07
CA VAL KF 72 103.32 -62.87 24.13
C VAL KF 72 104.39 -62.74 25.19
N VAL KF 73 104.53 -61.55 25.77
CA VAL KF 73 105.48 -61.30 26.83
C VAL KF 73 104.79 -60.53 27.94
N LEU KF 74 105.24 -60.75 29.17
CA LEU KF 74 104.67 -60.12 30.36
C LEU KF 74 105.63 -59.08 30.91
N ASP KF 75 105.07 -57.93 31.33
CA ASP KF 75 105.86 -56.87 31.92
C ASP KF 75 106.49 -57.33 33.24
N GLU KF 76 107.78 -57.05 33.43
CA GLU KF 76 108.44 -57.42 34.69
C GLU KF 76 107.82 -56.72 35.88
N LYS KF 77 107.21 -55.56 35.66
CA LYS KF 77 106.68 -54.77 36.76
C LYS KF 77 105.23 -55.11 37.06
N THR KF 78 104.43 -55.39 36.02
CA THR KF 78 102.99 -55.54 36.17
C THR KF 78 102.41 -56.85 35.65
N ASN KF 79 103.23 -57.73 35.05
CA ASN KF 79 102.75 -58.94 34.38
C ASN KF 79 101.68 -58.62 33.33
N LEU KF 80 101.72 -57.41 32.78
CA LEU KF 80 100.74 -57.14 31.74
C LEU KF 80 101.23 -57.64 30.39
N PRO KF 81 100.35 -58.28 29.64
CA PRO KF 81 100.77 -58.91 28.38
C PRO KF 81 100.81 -57.89 27.25
N SER KF 82 101.88 -57.95 26.46
CA SER KF 82 101.88 -57.36 25.13
C SER KF 82 102.48 -58.38 24.17
N THR KF 83 102.05 -58.33 22.92
CA THR KF 83 102.42 -59.35 21.94
C THR KF 83 103.27 -58.75 20.84
N GLY KF 84 104.26 -59.52 20.40
CA GLY KF 84 105.02 -59.21 19.21
C GLY KF 84 104.62 -60.19 18.13
N SER KF 85 104.60 -59.72 16.88
CA SER KF 85 104.08 -60.58 15.83
C SER KF 85 104.70 -60.25 14.47
N VAL KF 86 104.85 -61.28 13.67
CA VAL KF 86 105.17 -61.16 12.26
C VAL KF 86 104.04 -61.81 11.48
N THR KF 87 103.32 -61.01 10.71
CA THR KF 87 102.23 -61.49 9.88
C THR KF 87 102.64 -61.42 8.41
N ILE KF 88 102.14 -62.36 7.63
CA ILE KF 88 102.50 -62.51 6.23
C ILE KF 88 101.23 -62.71 5.43
N GLN KF 89 101.14 -62.04 4.28
CA GLN KF 89 100.04 -62.25 3.35
C GLN KF 89 100.60 -62.46 1.95
N VAL KF 90 100.33 -63.62 1.39
CA VAL KF 90 100.73 -63.98 0.03
C VAL KF 90 99.50 -63.89 -0.85
N SER KF 91 99.62 -63.19 -1.97
CA SER KF 91 98.53 -63.07 -2.93
C SER KF 91 99.03 -63.61 -4.27
N ILE KF 92 98.42 -64.71 -4.71
CA ILE KF 92 98.79 -65.49 -5.89
C ILE KF 92 97.70 -65.31 -6.95
N PRO KF 93 97.99 -64.64 -8.06
CA PRO KF 93 96.99 -64.54 -9.13
C PRO KF 93 96.80 -65.87 -9.85
N ARG KF 94 95.62 -66.00 -10.45
CA ARG KF 94 95.24 -67.21 -11.16
C ARG KF 94 95.42 -67.09 -12.68
N ASN KF 95 95.64 -65.87 -13.19
CA ASN KF 95 96.02 -65.67 -14.58
C ASN KF 95 97.20 -66.58 -14.92
N PRO KF 96 97.09 -67.45 -15.93
CA PRO KF 96 98.15 -68.42 -16.21
C PRO KF 96 99.49 -67.79 -16.52
N ALA KF 97 99.55 -66.47 -16.62
CA ALA KF 97 100.80 -65.76 -16.76
C ALA KF 97 101.60 -65.69 -15.45
N TRP KF 98 101.11 -66.33 -14.39
CA TRP KF 98 101.79 -66.43 -13.11
C TRP KF 98 102.20 -67.88 -12.86
N ASN KF 99 103.24 -68.05 -12.02
CA ASN KF 99 103.78 -69.37 -11.73
C ASN KF 99 103.95 -69.59 -10.24
N ALA KF 100 103.82 -70.85 -9.84
CA ALA KF 100 104.31 -71.25 -8.53
C ALA KF 100 105.76 -70.85 -8.36
N SER KF 101 106.55 -70.87 -9.45
CA SER KF 101 107.94 -70.42 -9.36
C SER KF 101 108.01 -68.94 -8.97
N MET KF 102 107.08 -68.14 -9.47
CA MET KF 102 107.08 -66.72 -9.13
C MET KF 102 106.67 -66.51 -7.69
N THR KF 103 105.68 -67.29 -7.21
CA THR KF 103 105.33 -67.27 -5.79
C THR KF 103 106.55 -67.59 -4.92
N VAL KF 104 107.24 -68.69 -5.24
CA VAL KF 104 108.39 -69.11 -4.45
C VAL KF 104 109.48 -68.05 -4.51
N SER KF 105 109.66 -67.42 -5.68
CA SER KF 105 110.69 -66.40 -5.81
C SER KF 105 110.40 -65.22 -4.90
N LEU KF 106 109.14 -64.77 -4.85
CA LEU KF 106 108.81 -63.70 -3.91
C LEU KF 106 109.03 -64.12 -2.47
N LEU KF 107 108.68 -65.36 -2.12
CA LEU KF 107 108.91 -65.82 -0.76
C LEU KF 107 110.39 -65.79 -0.41
N LYS KF 108 111.23 -66.30 -1.30
CA LYS KF 108 112.67 -66.35 -1.05
C LYS KF 108 113.25 -64.94 -0.94
N GLN KF 109 112.78 -64.02 -1.78
CA GLN KF 109 113.28 -62.65 -1.74
C GLN KF 109 112.89 -61.96 -0.44
N ALA KF 110 111.64 -62.13 -0.02
CA ALA KF 110 111.21 -61.57 1.27
C ALA KF 110 112.03 -62.15 2.41
N ALA KF 111 112.31 -63.46 2.36
CA ALA KF 111 113.13 -64.09 3.39
C ALA KF 111 114.53 -63.48 3.42
N ASP KF 112 115.16 -63.34 2.26
CA ASP KF 112 116.48 -62.71 2.19
C ASP KF 112 116.45 -61.28 2.72
N TYR KF 113 115.41 -60.51 2.38
CA TYR KF 113 115.46 -59.08 2.65
C TYR KF 113 115.03 -58.73 4.07
N LEU KF 114 114.17 -59.53 4.69
CA LEU KF 114 113.74 -59.23 6.06
C LEU KF 114 114.30 -60.16 7.11
N ALA KF 115 114.74 -61.36 6.74
CA ALA KF 115 115.36 -62.28 7.69
C ALA KF 115 116.82 -62.58 7.38
N GLY KF 116 117.28 -62.30 6.17
CA GLY KF 116 118.66 -62.57 5.80
C GLY KF 116 119.00 -64.04 5.85
N THR KF 117 118.18 -64.89 5.20
CA THR KF 117 118.35 -66.34 5.27
C THR KF 117 118.47 -67.00 3.91
N SER KF 118 118.55 -66.24 2.82
CA SER KF 118 118.61 -66.82 1.50
C SER KF 118 119.80 -67.75 1.31
N ALA KF 119 119.72 -68.60 0.28
CA ALA KF 119 120.82 -69.46 -0.11
C ALA KF 119 121.95 -68.62 -0.71
N THR KF 120 123.08 -69.28 -0.94
CA THR KF 120 124.29 -68.59 -1.40
C THR KF 120 124.35 -68.55 -2.92
N VAL KF 121 124.50 -67.34 -3.47
CA VAL KF 121 124.66 -67.10 -4.89
C VAL KF 121 125.77 -66.08 -5.05
N SER KF 122 126.38 -66.05 -6.24
CA SER KF 122 127.63 -65.32 -6.44
C SER KF 122 127.50 -63.87 -5.98
N GLY KF 123 126.69 -63.08 -6.67
CA GLY KF 123 126.75 -61.65 -6.44
C GLY KF 123 125.76 -61.14 -5.41
N GLN KF 124 125.35 -61.98 -4.48
CA GLN KF 124 124.23 -61.62 -3.62
C GLN KF 124 124.70 -60.56 -2.63
N THR KF 125 123.78 -59.69 -2.22
CA THR KF 125 124.16 -58.74 -1.19
C THR KF 125 124.08 -59.40 0.18
N ASP KF 126 124.96 -58.95 1.08
CA ASP KF 126 125.05 -59.51 2.42
C ASP KF 126 123.87 -59.01 3.24
N THR KF 127 122.95 -59.92 3.54
CA THR KF 127 121.72 -59.60 4.25
C THR KF 127 121.71 -60.15 5.67
N SER KF 128 122.85 -60.61 6.17
CA SER KF 128 122.87 -61.22 7.50
C SER KF 128 122.48 -60.22 8.59
N GLY KF 129 122.88 -58.96 8.43
CA GLY KF 129 122.58 -57.95 9.43
C GLY KF 129 121.25 -57.27 9.27
N PHE KF 130 120.56 -57.56 8.18
CA PHE KF 130 119.27 -56.91 7.94
C PHE KF 130 118.23 -57.17 9.02
N PRO KF 131 118.05 -58.40 9.54
CA PRO KF 131 117.06 -58.54 10.62
C PRO KF 131 117.39 -57.69 11.84
N ALA KF 132 118.67 -57.56 12.18
CA ALA KF 132 119.06 -56.68 13.27
C ALA KF 132 118.67 -55.22 12.96
N LYS KF 133 118.98 -54.78 11.75
CA LYS KF 133 118.65 -53.39 11.39
C LYS KF 133 117.14 -53.16 11.40
N TRP KF 134 116.36 -54.14 10.95
CA TRP KF 134 114.90 -54.01 11.01
C TRP KF 134 114.43 -53.91 12.46
N ALA KF 135 114.90 -54.83 13.31
CA ALA KF 135 114.51 -54.82 14.71
C ALA KF 135 114.90 -53.54 15.41
N GLY KF 136 115.88 -52.81 14.87
CA GLY KF 136 116.17 -51.48 15.35
C GLY KF 136 115.36 -50.38 14.71
N LEU KF 137 114.38 -50.73 13.86
CA LEU KF 137 113.60 -49.77 13.08
C LEU KF 137 114.49 -48.86 12.25
N MET KF 138 115.37 -49.47 11.47
CA MET KF 138 116.13 -48.74 10.48
C MET KF 138 116.24 -49.56 9.20
N PHE KF 139 116.25 -48.87 8.07
CA PHE KF 139 116.28 -49.54 6.79
C PHE KF 139 117.65 -50.15 6.53
N PRO KF 140 117.70 -51.33 5.90
CA PRO KF 140 118.95 -51.93 5.43
C PRO KF 140 119.64 -51.03 4.42
N ALA LF 1 89.77 -86.46 10.94
CA ALA LF 1 89.82 -87.21 9.68
C ALA LF 1 91.25 -87.49 9.26
N ALA LF 2 91.41 -88.37 8.27
CA ALA LF 2 92.74 -88.72 7.78
C ALA LF 2 93.40 -87.51 7.15
N PRO LF 3 94.68 -87.25 7.45
CA PRO LF 3 95.33 -86.05 6.90
C PRO LF 3 95.66 -86.16 5.43
N SER LF 4 95.70 -87.36 4.88
CA SER LF 4 96.03 -87.54 3.47
C SER LF 4 95.50 -88.88 3.00
N LEU LF 5 95.24 -88.96 1.69
CA LEU LF 5 94.61 -90.11 1.07
C LEU LF 5 95.30 -90.43 -0.25
N ALA LF 6 95.43 -91.72 -0.54
CA ALA LF 6 95.92 -92.19 -1.83
C ALA LF 6 94.82 -93.06 -2.43
N LEU LF 7 93.92 -92.44 -3.18
CA LEU LF 7 92.80 -93.16 -3.76
C LEU LF 7 93.18 -93.72 -5.12
N VAL LF 8 92.46 -94.74 -5.56
CA VAL LF 8 92.72 -95.36 -6.85
C VAL LF 8 91.73 -94.81 -7.87
N GLY LF 9 92.26 -94.25 -8.96
CA GLY LF 9 91.49 -93.83 -10.11
C GLY LF 9 92.08 -94.43 -11.37
N ALA LF 10 91.84 -93.75 -12.49
CA ALA LF 10 92.25 -94.22 -13.80
C ALA LF 10 92.95 -93.10 -14.55
N ASN LF 11 94.03 -93.45 -15.24
CA ASN LF 11 94.72 -92.51 -16.12
C ASN LF 11 94.03 -92.51 -17.48
N SER LF 12 94.69 -91.90 -18.46
CA SER LF 12 94.11 -91.84 -19.80
C SER LF 12 93.94 -93.22 -20.42
N THR LF 13 94.76 -94.19 -20.00
CA THR LF 13 94.68 -95.57 -20.49
C THR LF 13 93.60 -96.37 -19.76
N LEU LF 14 92.98 -95.79 -18.73
CA LEU LF 14 92.11 -96.47 -17.78
C LEU LF 14 92.85 -97.44 -16.86
N ALA LF 15 94.18 -97.39 -16.86
CA ALA LF 15 94.95 -98.19 -15.92
C ALA LF 15 94.82 -97.63 -14.50
N SER LF 16 94.84 -98.52 -13.52
CA SER LF 16 94.67 -98.10 -12.12
C SER LF 16 95.87 -97.26 -11.69
N THR LF 17 95.58 -96.01 -11.30
CA THR LF 17 96.61 -95.03 -10.96
C THR LF 17 96.25 -94.38 -9.64
N LEU LF 18 97.25 -94.08 -8.81
CA LEU LF 18 96.98 -93.36 -7.58
C LEU LF 18 96.70 -91.88 -7.84
N VAL LF 19 95.73 -91.36 -7.10
CA VAL LF 19 95.42 -89.94 -7.06
C VAL LF 19 95.45 -89.50 -5.60
N ASN LF 20 96.24 -88.48 -5.31
CA ASN LF 20 96.66 -88.15 -3.95
C ASN LF 20 95.95 -86.89 -3.48
N TYR LF 21 95.35 -86.95 -2.30
CA TYR LF 21 94.66 -85.83 -1.69
C TYR LF 21 95.26 -85.54 -0.32
N SER LF 22 95.27 -84.28 0.07
CA SER LF 22 95.62 -83.89 1.43
C SER LF 22 94.46 -83.11 2.05
N LEU LF 23 94.35 -83.23 3.36
CA LEU LF 23 93.27 -82.61 4.11
C LEU LF 23 93.52 -81.12 4.23
N ARG LF 24 92.77 -80.33 3.46
CA ARG LF 24 92.90 -78.88 3.52
C ARG LF 24 92.02 -78.26 4.60
N SER LF 25 90.77 -78.68 4.76
CA SER LF 25 89.98 -78.10 5.84
C SER LF 25 89.04 -79.12 6.44
N GLN LF 26 88.62 -78.85 7.67
CA GLN LF 26 87.60 -79.64 8.35
C GLN LF 26 86.87 -78.69 9.30
N ASN LF 27 85.56 -78.59 9.14
CA ASN LF 27 84.76 -77.61 9.86
C ASN LF 27 83.31 -78.07 9.90
N GLY LF 28 82.74 -78.09 11.10
CA GLY LF 28 81.31 -78.31 11.26
C GLY LF 28 80.82 -79.56 10.58
N ASN LF 29 81.33 -80.71 11.03
CA ASN LF 29 81.03 -82.00 10.40
C ASN LF 29 81.16 -81.92 8.89
N ASN LF 30 82.22 -81.27 8.44
CA ASN LF 30 82.46 -81.13 7.02
C ASN LF 30 83.96 -81.31 6.80
N VAL LF 31 84.34 -82.00 5.73
CA VAL LF 31 85.73 -82.36 5.47
C VAL LF 31 86.05 -82.09 4.01
N ASP LF 32 87.13 -81.36 3.75
CA ASP LF 32 87.49 -80.93 2.40
C ASP LF 32 88.96 -81.27 2.12
N TYR LF 33 89.17 -82.08 1.08
CA TYR LF 33 90.48 -82.50 0.60
C TYR LF 33 90.79 -81.84 -0.75
N VAL LF 34 92.08 -81.64 -1.01
CA VAL LF 34 92.53 -81.13 -2.29
C VAL LF 34 93.56 -82.09 -2.89
N CYS LF 35 93.57 -82.18 -4.21
CA CYS LF 35 94.47 -83.10 -4.91
C CYS LF 35 95.86 -82.50 -5.00
N THR LF 36 96.87 -83.28 -4.62
CA THR LF 36 98.25 -82.84 -4.55
C THR LF 36 99.04 -83.13 -5.82
N ASP LF 37 98.43 -83.78 -6.80
CA ASP LF 37 99.11 -84.21 -8.00
C ASP LF 37 99.33 -83.01 -8.93
N PRO LF 38 100.15 -83.18 -9.97
CA PRO LF 38 100.34 -82.08 -10.92
C PRO LF 38 99.11 -81.75 -11.74
N ASP LF 39 98.21 -82.71 -11.95
CA ASP LF 39 97.03 -82.44 -12.78
C ASP LF 39 96.02 -81.52 -12.11
N SER LF 40 96.13 -81.29 -10.80
CA SER LF 40 95.28 -80.31 -10.12
C SER LF 40 96.11 -79.04 -9.91
N THR LF 41 95.69 -77.96 -10.53
CA THR LF 41 96.28 -76.65 -10.38
C THR LF 41 95.36 -75.78 -9.53
N LEU LF 42 95.85 -74.58 -9.20
CA LEU LF 42 95.01 -73.64 -8.48
C LEU LF 42 93.80 -73.27 -9.31
N SER LF 43 93.99 -73.10 -10.62
CA SER LF 43 92.90 -72.62 -11.46
C SER LF 43 91.91 -73.73 -11.75
N ALA LF 44 92.40 -74.96 -11.85
CA ALA LF 44 91.58 -76.13 -12.18
C ALA LF 44 91.95 -77.27 -11.24
N PRO LF 45 91.39 -77.29 -10.03
CA PRO LF 45 91.83 -78.25 -9.01
C PRO LF 45 91.02 -79.54 -9.05
N GLY LF 46 91.51 -80.51 -8.28
CA GLY LF 46 90.74 -81.70 -7.92
C GLY LF 46 90.39 -81.62 -6.45
N LEU LF 47 89.13 -81.91 -6.13
CA LEU LF 47 88.61 -81.60 -4.81
C LEU LF 47 87.71 -82.71 -4.30
N ILE LF 48 87.66 -82.86 -2.98
CA ILE LF 48 86.74 -83.80 -2.33
C ILE LF 48 86.07 -83.10 -1.16
N ASN LF 49 84.78 -83.38 -0.98
CA ASN LF 49 83.94 -82.80 0.05
C ASN LF 49 83.12 -83.90 0.71
N ALA LF 50 82.92 -83.80 2.02
CA ALA LF 50 82.12 -84.79 2.74
C ALA LF 50 81.44 -84.16 3.96
N LYS LF 51 80.11 -84.27 4.03
CA LYS LF 51 79.27 -83.66 5.05
C LYS LF 51 78.44 -84.72 5.77
N PHE LF 52 78.10 -84.41 7.03
CA PHE LF 52 77.22 -85.23 7.84
C PHE LF 52 76.02 -84.40 8.29
N ASP LF 53 74.83 -84.78 7.84
CA ASP LF 53 73.58 -84.30 8.44
C ASP LF 53 73.18 -85.31 9.50
N ILE LF 54 73.51 -85.01 10.75
CA ILE LF 54 73.21 -85.90 11.87
C ILE LF 54 71.96 -85.38 12.57
N LYS LF 55 70.91 -86.19 12.53
CA LYS LF 55 69.66 -85.84 13.17
C LYS LF 55 69.78 -85.99 14.69
N ALA LF 56 68.92 -85.26 15.40
CA ALA LF 56 68.81 -85.36 16.86
C ALA LF 56 68.56 -86.80 17.27
N PRO LF 57 68.94 -87.20 18.48
CA PRO LF 57 68.71 -88.58 18.90
C PRO LF 57 67.25 -88.94 18.80
N GLY LF 58 66.99 -90.20 18.48
CA GLY LF 58 65.63 -90.64 18.27
C GLY LF 58 65.60 -91.84 17.38
N ILE LF 59 64.45 -92.49 17.37
CA ILE LF 59 64.26 -93.69 16.56
C ILE LF 59 63.68 -93.35 15.18
N THR LF 60 63.30 -92.10 14.96
CA THR LF 60 62.68 -91.66 13.72
C THR LF 60 63.65 -90.78 12.94
N GLY LF 61 63.49 -90.79 11.61
CA GLY LF 61 64.28 -89.97 10.74
C GLY LF 61 65.40 -90.73 10.05
N ASN LF 62 66.07 -90.04 9.14
CA ASN LF 62 67.23 -90.55 8.44
C ASN LF 62 68.43 -89.64 8.71
N ASP LF 63 69.57 -90.26 8.99
CA ASP LF 63 70.87 -89.59 8.96
C ASP LF 63 71.37 -89.55 7.52
N ARG LF 64 72.17 -88.52 7.19
CA ARG LF 64 72.61 -88.39 5.80
C ARG LF 64 74.10 -88.10 5.70
N ILE LF 65 74.72 -88.70 4.70
CA ILE LF 65 76.12 -88.48 4.33
C ILE LF 65 76.13 -87.90 2.93
N HIS LF 66 76.90 -86.83 2.74
CA HIS LF 66 77.07 -86.23 1.42
C HIS LF 66 78.54 -86.26 1.05
N ALA LF 67 78.84 -86.59 -0.20
CA ALA LF 67 80.21 -86.66 -0.65
C ALA LF 67 80.30 -86.19 -2.10
N ASN LF 68 81.34 -85.44 -2.41
CA ASN LF 68 81.51 -84.91 -3.76
C ASN LF 68 82.97 -85.05 -4.17
N LEU LF 69 83.20 -85.66 -5.33
CA LEU LF 69 84.53 -85.78 -5.91
C LEU LF 69 84.54 -85.05 -7.24
N ARG LF 70 85.35 -83.99 -7.32
CA ARG LF 70 85.32 -83.03 -8.41
C ARG LF 70 86.67 -82.95 -9.10
N LYS LF 71 86.65 -82.73 -10.41
CA LYS LF 71 87.82 -82.29 -11.16
C LYS LF 71 87.40 -81.14 -12.06
N VAL LF 72 88.09 -80.01 -11.92
CA VAL LF 72 87.82 -78.83 -12.73
C VAL LF 72 88.72 -78.88 -13.96
N VAL LF 73 88.19 -78.44 -15.10
CA VAL LF 73 88.96 -78.36 -16.33
C VAL LF 73 88.68 -77.03 -16.99
N LEU LF 74 89.71 -76.45 -17.59
CA LEU LF 74 89.62 -75.15 -18.25
C LEU LF 74 89.44 -75.32 -19.75
N ASP LF 75 88.62 -74.47 -20.35
CA ASP LF 75 88.44 -74.47 -21.80
C ASP LF 75 89.74 -74.06 -22.48
N GLU LF 76 90.02 -74.72 -23.61
CA GLU LF 76 91.27 -74.45 -24.31
C GLU LF 76 91.35 -73.01 -24.77
N LYS LF 77 90.25 -72.47 -25.31
CA LYS LF 77 90.23 -71.12 -25.85
C LYS LF 77 89.84 -70.10 -24.79
N THR LF 78 88.65 -70.28 -24.19
CA THR LF 78 88.10 -69.26 -23.30
C THR LF 78 88.67 -69.31 -21.90
N ASN LF 79 89.34 -70.41 -21.51
CA ASN LF 79 89.84 -70.62 -20.15
C ASN LF 79 88.75 -70.57 -19.09
N LEU LF 80 87.48 -70.64 -19.51
CA LEU LF 80 86.38 -70.76 -18.57
C LEU LF 80 86.38 -72.15 -17.96
N PRO LF 81 86.16 -72.24 -16.65
CA PRO LF 81 86.20 -73.57 -16.01
C PRO LF 81 84.86 -74.25 -16.07
N SER LF 82 84.84 -75.52 -16.44
CA SER LF 82 83.70 -76.38 -16.17
C SER LF 82 84.19 -77.59 -15.39
N THR LF 83 83.33 -78.13 -14.55
CA THR LF 83 83.74 -79.12 -13.57
C THR LF 83 82.94 -80.41 -13.74
N GLY LF 84 83.63 -81.54 -13.64
CA GLY LF 84 83.02 -82.86 -13.69
C GLY LF 84 83.05 -83.47 -12.31
N SER LF 85 81.99 -84.18 -11.95
CA SER LF 85 81.86 -84.56 -10.54
C SER LF 85 81.02 -85.82 -10.34
N VAL LF 86 81.47 -86.65 -9.41
CA VAL LF 86 80.68 -87.77 -8.90
C VAL LF 86 80.28 -87.44 -7.47
N THR LF 87 78.99 -87.37 -7.21
CA THR LF 87 78.49 -87.03 -5.88
C THR LF 87 77.57 -88.13 -5.36
N ILE LF 88 77.68 -88.40 -4.05
CA ILE LF 88 77.02 -89.51 -3.39
C ILE LF 88 76.22 -88.98 -2.21
N GLN LF 89 75.00 -89.46 -2.05
CA GLN LF 89 74.20 -89.25 -0.85
C GLN LF 89 73.81 -90.59 -0.25
N VAL LF 90 74.17 -90.79 1.00
CA VAL LF 90 73.81 -91.99 1.76
C VAL LF 90 72.76 -91.59 2.78
N SER LF 91 71.62 -92.29 2.79
CA SER LF 91 70.53 -92.03 3.72
C SER LF 91 70.32 -93.28 4.57
N ILE LF 92 70.63 -93.18 5.85
CA ILE LF 92 70.63 -94.26 6.82
C ILE LF 92 69.46 -94.05 7.77
N PRO LF 93 68.43 -94.89 7.73
CA PRO LF 93 67.32 -94.75 8.67
C PRO LF 93 67.73 -95.10 10.10
N ARG LF 94 66.87 -94.71 11.04
CA ARG LF 94 67.14 -94.93 12.46
C ARG LF 94 66.26 -96.00 13.09
N ASN LF 95 65.28 -96.52 12.37
CA ASN LF 95 64.54 -97.68 12.84
C ASN LF 95 65.52 -98.82 13.12
N PRO LF 96 65.49 -99.43 14.32
CA PRO LF 96 66.46 -100.49 14.63
C PRO LF 96 66.42 -101.66 13.66
N ALA LF 97 65.42 -101.70 12.80
CA ALA LF 97 65.34 -102.68 11.75
C ALA LF 97 66.30 -102.40 10.59
N TRP LF 98 67.16 -101.38 10.71
CA TRP LF 98 68.22 -101.12 9.76
C TRP LF 98 69.57 -101.44 10.41
N ASN LF 99 70.56 -101.77 9.58
CA ASN LF 99 71.88 -102.14 10.07
C ASN LF 99 72.97 -101.40 9.31
N ALA LF 100 74.07 -101.15 10.02
CA ALA LF 100 75.29 -100.75 9.34
C ALA LF 100 75.64 -101.76 8.26
N SER LF 101 75.33 -103.04 8.47
CA SER LF 101 75.59 -104.03 7.44
C SER LF 101 74.80 -103.73 6.17
N MET LF 102 73.56 -103.24 6.34
CA MET LF 102 72.76 -102.89 5.18
C MET LF 102 73.31 -101.65 4.48
N THR LF 103 73.75 -100.67 5.27
CA THR LF 103 74.43 -99.50 4.69
C THR LF 103 75.64 -99.93 3.85
N VAL LF 104 76.49 -100.76 4.44
CA VAL LF 104 77.70 -101.21 3.74
C VAL LF 104 77.32 -102.02 2.51
N SER LF 105 76.26 -102.82 2.60
CA SER LF 105 75.86 -103.62 1.45
C SER LF 105 75.43 -102.71 0.29
N LEU LF 106 74.67 -101.66 0.57
CA LEU LF 106 74.31 -100.73 -0.49
C LEU LF 106 75.54 -100.03 -1.06
N LEU LF 107 76.49 -99.65 -0.19
CA LEU LF 107 77.71 -99.01 -0.70
C LEU LF 107 78.47 -99.95 -1.64
N LYS LF 108 78.63 -101.20 -1.23
CA LYS LF 108 79.36 -102.16 -2.05
C LYS LF 108 78.66 -102.43 -3.37
N GLN LF 109 77.32 -102.51 -3.34
CA GLN LF 109 76.57 -102.75 -4.57
C GLN LF 109 76.68 -101.57 -5.52
N ALA LF 110 76.60 -100.35 -4.98
CA ALA LF 110 76.79 -99.17 -5.82
C ALA LF 110 78.19 -99.17 -6.43
N ALA LF 111 79.21 -99.50 -5.64
CA ALA LF 111 80.56 -99.59 -6.16
C ALA LF 111 80.64 -100.61 -7.29
N ASP LF 112 80.01 -101.77 -7.13
CA ASP LF 112 80.04 -102.79 -8.17
C ASP LF 112 79.33 -102.29 -9.43
N TYR LF 113 78.18 -101.65 -9.28
CA TYR LF 113 77.33 -101.38 -10.44
C TYR LF 113 77.76 -100.12 -11.20
N LEU LF 114 78.28 -99.11 -10.51
CA LEU LF 114 78.69 -97.89 -11.19
C LEU LF 114 80.20 -97.76 -11.38
N ALA LF 115 81.00 -98.46 -10.58
CA ALA LF 115 82.44 -98.41 -10.74
C ALA LF 115 83.06 -99.74 -11.13
N GLY LF 116 82.37 -100.85 -10.93
CA GLY LF 116 82.91 -102.16 -11.28
C GLY LF 116 84.12 -102.55 -10.46
N THR LF 117 84.01 -102.44 -9.12
CA THR LF 117 85.14 -102.68 -8.24
C THR LF 117 84.86 -103.69 -7.13
N SER LF 118 83.71 -104.35 -7.15
CA SER LF 118 83.37 -105.32 -6.11
C SER LF 118 84.45 -106.39 -5.94
N ALA LF 119 84.46 -107.02 -4.76
CA ALA LF 119 85.30 -108.18 -4.50
C ALA LF 119 84.83 -109.37 -5.32
N THR LF 120 85.68 -110.38 -5.40
CA THR LF 120 85.38 -111.55 -6.23
C THR LF 120 84.50 -112.54 -5.47
N VAL LF 121 83.38 -112.91 -6.10
CA VAL LF 121 82.44 -113.91 -5.58
C VAL LF 121 81.96 -114.74 -6.76
N SER LF 122 81.84 -116.06 -6.54
CA SER LF 122 81.37 -116.96 -7.59
C SER LF 122 79.99 -116.54 -8.06
N GLY LF 123 79.84 -116.40 -9.38
CA GLY LF 123 78.57 -116.04 -9.96
C GLY LF 123 78.29 -114.56 -10.06
N GLN LF 124 79.27 -113.69 -9.79
CA GLN LF 124 78.99 -112.27 -9.83
C GLN LF 124 78.98 -111.85 -11.30
N THR LF 125 78.19 -110.82 -11.62
CA THR LF 125 78.23 -110.34 -12.99
C THR LF 125 79.49 -109.50 -13.20
N ASP LF 126 80.06 -109.62 -14.40
CA ASP LF 126 81.28 -108.90 -14.74
C ASP LF 126 80.95 -107.44 -14.96
N THR LF 127 81.39 -106.60 -14.03
CA THR LF 127 81.09 -105.18 -14.04
C THR LF 127 82.28 -104.35 -14.47
N SER LF 128 83.33 -104.99 -14.97
CA SER LF 128 84.56 -104.28 -15.29
C SER LF 128 84.33 -103.17 -16.33
N GLY LF 129 83.50 -103.44 -17.34
CA GLY LF 129 83.25 -102.47 -18.38
C GLY LF 129 82.13 -101.51 -18.08
N PHE LF 130 81.46 -101.69 -16.96
CA PHE LF 130 80.35 -100.81 -16.61
C PHE LF 130 80.76 -99.35 -16.44
N PRO LF 131 81.87 -99.00 -15.77
CA PRO LF 131 82.23 -97.57 -15.70
C PRO LF 131 82.45 -96.96 -17.07
N ALA LF 132 83.05 -97.70 -18.00
CA ALA LF 132 83.19 -97.23 -19.36
C ALA LF 132 81.82 -96.98 -20.00
N LYS LF 133 80.91 -97.95 -19.88
CA LYS LF 133 79.59 -97.76 -20.45
C LYS LF 133 78.86 -96.57 -19.83
N TRP LF 134 79.02 -96.37 -18.52
CA TRP LF 134 78.39 -95.21 -17.89
C TRP LF 134 78.97 -93.91 -18.44
N ALA LF 135 80.30 -93.82 -18.50
CA ALA LF 135 80.95 -92.63 -19.04
C ALA LF 135 80.50 -92.35 -20.45
N GLY LF 136 80.10 -93.38 -21.19
CA GLY LF 136 79.49 -93.19 -22.49
C GLY LF 136 77.99 -92.94 -22.48
N LEU LF 137 77.37 -92.81 -21.30
CA LEU LF 137 75.92 -92.68 -21.17
C LEU LF 137 75.19 -93.86 -21.80
N MET LF 138 75.56 -95.06 -21.39
CA MET LF 138 74.95 -96.29 -21.86
C MET LF 138 74.63 -97.16 -20.66
N PHE LF 139 73.41 -97.64 -20.59
CA PHE LF 139 73.06 -98.53 -19.49
C PHE LF 139 73.79 -99.86 -19.66
N PRO LF 140 74.41 -100.40 -18.60
CA PRO LF 140 75.11 -101.67 -18.60
C PRO LF 140 74.18 -102.82 -18.97
N ALA MF 1 27.89 -102.92 70.06
CA ALA MF 1 28.17 -103.73 68.88
C ALA MF 1 29.35 -104.67 69.09
N ALA MF 2 29.32 -105.82 68.43
CA ALA MF 2 30.40 -106.78 68.53
C ALA MF 2 31.67 -106.22 67.90
N PRO MF 3 32.84 -106.48 68.50
CA PRO MF 3 34.08 -105.91 67.93
C PRO MF 3 34.53 -106.59 66.66
N SER MF 4 34.13 -107.84 66.44
CA SER MF 4 34.57 -108.58 65.27
C SER MF 4 33.60 -109.73 65.02
N LEU MF 5 33.60 -110.21 63.78
CA LEU MF 5 32.65 -111.20 63.31
C LEU MF 5 33.36 -112.19 62.40
N ALA MF 6 32.96 -113.45 62.50
CA ALA MF 6 33.39 -114.49 61.57
C ALA MF 6 32.12 -115.07 60.96
N LEU MF 7 31.71 -114.53 59.81
CA LEU MF 7 30.46 -114.94 59.18
C LEU MF 7 30.75 -116.04 58.17
N VAL MF 8 29.76 -116.88 57.91
CA VAL MF 8 29.92 -117.95 56.95
C VAL MF 8 29.45 -117.47 55.58
N GLY MF 9 30.29 -117.64 54.56
CA GLY MF 9 29.98 -117.38 53.18
C GLY MF 9 30.43 -118.55 52.33
N ALA MF 10 30.70 -118.27 51.06
CA ALA MF 10 31.07 -119.30 50.08
C ALA MF 10 32.27 -118.86 49.27
N ASN MF 11 33.16 -119.81 48.97
CA ASN MF 11 34.32 -119.59 48.12
C ASN MF 11 33.91 -119.81 46.67
N SER MF 12 34.90 -119.90 45.78
CA SER MF 12 34.61 -120.14 44.37
C SER MF 12 33.99 -121.51 44.14
N THR MF 13 34.28 -122.48 45.01
CA THR MF 13 33.68 -123.81 44.97
C THR MF 13 32.27 -123.83 45.55
N LEU MF 14 31.85 -122.74 46.19
CA LEU MF 14 30.62 -122.65 46.99
C LEU MF 14 30.68 -123.48 48.26
N ALA MF 15 31.87 -123.87 48.68
CA ALA MF 15 32.04 -124.50 49.98
C ALA MF 15 31.99 -123.45 51.09
N SER MF 16 31.48 -123.84 52.24
CA SER MF 16 31.30 -122.91 53.35
C SER MF 16 32.66 -122.43 53.85
N THR MF 17 32.88 -121.11 53.81
CA THR MF 17 34.16 -120.49 54.15
C THR MF 17 33.91 -119.36 55.13
N LEU MF 18 34.82 -119.17 56.07
CA LEU MF 18 34.70 -118.01 56.94
C LEU MF 18 35.11 -116.74 56.22
N VAL MF 19 34.44 -115.65 56.59
CA VAL MF 19 34.78 -114.30 56.14
C VAL MF 19 34.78 -113.41 57.36
N ASN MF 20 35.89 -112.72 57.57
CA ASN MF 20 36.19 -112.06 58.83
C ASN MF 20 35.96 -110.56 58.68
N TYR MF 21 35.11 -110.01 59.54
CA TYR MF 21 34.88 -108.58 59.62
C TYR MF 21 35.33 -108.08 60.99
N SER MF 22 35.73 -106.81 61.03
CA SER MF 22 36.07 -106.15 62.28
C SER MF 22 35.41 -104.77 62.30
N LEU MF 23 35.09 -104.32 63.50
CA LEU MF 23 34.32 -103.09 63.66
C LEU MF 23 35.17 -101.88 63.26
N ARG MF 24 34.80 -101.25 62.16
CA ARG MF 24 35.40 -99.96 61.81
C ARG MF 24 34.90 -98.87 62.74
N SER MF 25 33.58 -98.64 62.78
CA SER MF 25 33.12 -97.54 63.61
C SER MF 25 31.67 -97.74 64.02
N GLN MF 26 31.35 -97.35 65.24
CA GLN MF 26 29.97 -97.28 65.70
C GLN MF 26 29.58 -95.81 65.84
N ASN MF 27 28.63 -95.38 65.03
CA ASN MF 27 27.89 -94.15 65.22
C ASN MF 27 26.60 -94.50 65.99
N GLY MF 28 25.90 -93.47 66.45
CA GLY MF 28 24.69 -93.72 67.21
C GLY MF 28 23.63 -94.46 66.41
N ASN MF 29 23.33 -95.69 66.84
CA ASN MF 29 22.40 -96.57 66.10
C ASN MF 29 22.90 -96.84 64.69
N ASN MF 30 24.21 -96.90 64.51
CA ASN MF 30 24.78 -97.19 63.21
C ASN MF 30 26.12 -97.89 63.40
N VAL MF 31 26.38 -98.92 62.60
CA VAL MF 31 27.57 -99.74 62.77
C VAL MF 31 28.17 -100.03 61.40
N ASP MF 32 29.49 -99.88 61.29
CA ASP MF 32 30.24 -100.13 60.07
C ASP MF 32 31.36 -101.13 60.35
N TYR MF 33 31.31 -102.29 59.68
CA TYR MF 33 32.32 -103.34 59.73
C TYR MF 33 33.06 -103.41 58.41
N VAL MF 34 34.32 -103.87 58.47
CA VAL MF 34 35.18 -104.01 57.31
C VAL MF 34 35.77 -105.41 57.29
N CYS MF 35 35.92 -105.98 56.10
CA CYS MF 35 36.48 -107.31 55.97
C CYS MF 35 38.00 -107.27 56.14
N THR MF 36 38.51 -108.15 56.99
CA THR MF 36 39.93 -108.21 57.34
C THR MF 36 40.68 -109.31 56.60
N ASP MF 37 40.06 -109.95 55.63
CA ASP MF 37 40.71 -110.98 54.84
C ASP MF 37 41.60 -110.35 53.80
N PRO MF 38 42.47 -111.13 53.16
CA PRO MF 38 43.17 -110.61 51.96
C PRO MF 38 42.24 -110.33 50.79
N ASP MF 39 41.02 -110.86 50.80
CA ASP MF 39 40.06 -110.60 49.72
C ASP MF 39 39.74 -109.12 49.60
N SER MF 40 39.54 -108.45 50.72
CA SER MF 40 39.24 -107.03 50.71
C SER MF 40 40.51 -106.23 50.95
N THR MF 41 40.63 -105.14 50.20
CA THR MF 41 41.64 -104.11 50.39
C THR MF 41 40.91 -102.78 50.50
N LEU MF 42 41.63 -101.73 50.88
CA LEU MF 42 41.01 -100.42 50.90
C LEU MF 42 40.48 -100.04 49.52
N SER MF 43 41.18 -100.45 48.47
CA SER MF 43 40.75 -100.09 47.11
C SER MF 43 39.47 -100.82 46.72
N ALA MF 44 39.34 -102.08 47.11
CA ALA MF 44 38.15 -102.89 46.79
C ALA MF 44 37.72 -103.64 48.04
N PRO MF 45 36.99 -102.99 48.94
CA PRO MF 45 36.73 -103.57 50.26
C PRO MF 45 35.46 -104.42 50.30
N GLY MF 46 35.38 -105.21 51.37
CA GLY MF 46 34.14 -105.86 51.77
C GLY MF 46 33.63 -105.14 53.01
N LEU MF 47 32.34 -104.82 53.02
CA LEU MF 47 31.82 -103.90 54.01
C LEU MF 47 30.46 -104.36 54.52
N ILE MF 48 30.16 -103.97 55.76
CA ILE MF 48 28.84 -104.21 56.34
C ILE MF 48 28.40 -102.93 57.04
N ASN MF 49 27.11 -102.61 56.92
CA ASN MF 49 26.51 -101.43 57.52
C ASN MF 49 25.16 -101.82 58.13
N ALA MF 50 24.90 -101.34 59.34
CA ALA MF 50 23.65 -101.64 60.04
C ALA MF 50 23.11 -100.40 60.74
N LYS MF 51 21.84 -100.06 60.48
CA LYS MF 51 21.22 -98.82 60.93
C LYS MF 51 19.89 -99.12 61.59
N PHE MF 52 19.48 -98.23 62.49
CA PHE MF 52 18.21 -98.34 63.23
C PHE MF 52 17.43 -97.04 63.08
N ASP MF 53 16.32 -97.12 62.34
CA ASP MF 53 15.34 -96.04 62.26
C ASP MF 53 14.30 -96.28 63.34
N ILE MF 54 14.51 -95.67 64.51
CA ILE MF 54 13.64 -95.85 65.66
C ILE MF 54 12.84 -94.56 65.84
N LYS MF 55 11.51 -94.68 65.74
CA LYS MF 55 10.65 -93.53 65.86
C LYS MF 55 10.53 -93.11 67.32
N ALA MF 56 10.06 -91.88 67.54
CA ALA MF 56 9.86 -91.37 68.87
C ALA MF 56 8.94 -92.29 69.67
N PRO MF 57 9.15 -92.43 70.98
CA PRO MF 57 8.35 -93.39 71.75
C PRO MF 57 6.86 -93.06 71.77
N GLY MF 58 6.49 -91.79 71.72
CA GLY MF 58 5.07 -91.46 71.66
C GLY MF 58 4.43 -91.85 70.34
N ILE MF 59 5.15 -91.64 69.23
CA ILE MF 59 4.60 -91.86 67.89
C ILE MF 59 4.49 -93.35 67.61
N THR MF 60 3.37 -93.76 67.01
CA THR MF 60 3.22 -95.10 66.47
C THR MF 60 3.61 -95.10 64.99
N GLY MF 61 4.39 -96.08 64.61
CA GLY MF 61 4.77 -96.29 63.23
C GLY MF 61 5.39 -97.67 63.13
N ASN MF 62 6.32 -97.81 62.20
CA ASN MF 62 7.16 -99.00 62.11
C ASN MF 62 8.59 -98.60 62.48
N ASP MF 63 9.20 -99.38 63.36
CA ASP MF 63 10.64 -99.30 63.55
C ASP MF 63 11.32 -100.05 62.41
N ARG MF 64 12.51 -99.59 62.02
CA ARG MF 64 13.17 -100.15 60.85
C ARG MF 64 14.63 -100.49 61.12
N ILE MF 65 15.08 -101.59 60.51
CA ILE MF 65 16.47 -102.01 60.52
C ILE MF 65 16.96 -102.03 59.08
N HIS MF 66 18.11 -101.40 58.83
CA HIS MF 66 18.71 -101.37 57.50
C HIS MF 66 20.07 -102.04 57.56
N ALA MF 67 20.25 -103.13 56.81
CA ALA MF 67 21.53 -103.82 56.75
C ALA MF 67 22.01 -103.87 55.31
N ASN MF 68 23.33 -103.82 55.16
CA ASN MF 68 23.93 -103.79 53.83
C ASN MF 68 25.27 -104.54 53.88
N LEU MF 69 25.39 -105.56 53.05
CA LEU MF 69 26.63 -106.34 52.92
C LEU MF 69 27.15 -106.20 51.50
N ARG MF 70 28.34 -105.62 51.36
CA ARG MF 70 28.88 -105.21 50.08
C ARG MF 70 30.22 -105.89 49.84
N LYS MF 71 30.52 -106.14 48.56
CA LYS MF 71 31.86 -106.48 48.11
C LYS MF 71 32.15 -105.67 46.85
N VAL MF 72 33.21 -104.87 46.89
CA VAL MF 72 33.65 -104.09 45.74
C VAL MF 72 34.63 -104.92 44.93
N VAL MF 73 34.55 -104.82 43.61
CA VAL MF 73 35.46 -105.51 42.72
C VAL MF 73 35.97 -104.53 41.69
N LEU MF 74 37.22 -104.70 41.27
CA LEU MF 74 37.86 -103.85 40.28
C LEU MF 74 37.87 -104.54 38.92
N ASP MF 75 37.60 -103.76 37.87
CA ASP MF 75 37.72 -104.29 36.52
C ASP MF 75 39.17 -104.59 36.19
N GLU MF 76 39.42 -105.75 35.59
CA GLU MF 76 40.78 -106.09 35.20
C GLU MF 76 41.35 -105.05 34.25
N LYS MF 77 40.57 -104.64 33.25
CA LYS MF 77 41.11 -103.74 32.23
C LYS MF 77 41.15 -102.29 32.71
N THR MF 78 40.08 -101.78 33.34
CA THR MF 78 40.01 -100.36 33.66
C THR MF 78 40.24 -100.04 35.13
N ASN MF 79 40.32 -101.04 36.02
CA ASN MF 79 40.42 -100.85 37.46
C ASN MF 79 39.29 -99.99 38.03
N LEU MF 80 38.23 -99.79 37.25
CA LEU MF 80 37.06 -99.10 37.74
C LEU MF 80 36.28 -100.00 38.69
N PRO MF 81 35.81 -99.47 39.80
CA PRO MF 81 35.14 -100.32 40.79
C PRO MF 81 33.66 -100.44 40.52
N SER MF 82 33.15 -101.66 40.54
CA SER MF 82 31.72 -101.87 40.65
C SER MF 82 31.47 -102.80 41.82
N THR MF 83 30.33 -102.63 42.46
CA THR MF 83 30.07 -103.26 43.75
C THR MF 83 28.85 -104.16 43.67
N GLY MF 84 28.90 -105.26 44.41
CA GLY MF 84 27.78 -106.18 44.54
C GLY MF 84 27.32 -106.24 45.98
N SER MF 85 26.00 -106.28 46.19
CA SER MF 85 25.51 -106.05 47.54
C SER MF 85 24.21 -106.80 47.81
N VAL MF 86 24.03 -107.17 49.08
CA VAL MF 86 22.76 -107.65 49.60
C VAL MF 86 22.32 -106.69 50.69
N THR MF 87 21.15 -106.07 50.49
CA THR MF 87 20.58 -105.15 51.47
C THR MF 87 19.28 -105.72 52.02
N ILE MF 88 19.02 -105.41 53.28
CA ILE MF 88 17.91 -105.99 54.03
C ILE MF 88 17.23 -104.87 54.80
N GLN MF 89 15.90 -104.84 54.76
CA GLN MF 89 15.16 -103.86 55.52
C GLN MF 89 14.11 -104.62 56.33
N VAL MF 90 14.16 -104.47 57.65
CA VAL MF 90 13.23 -105.11 58.55
C VAL MF 90 12.30 -104.02 59.08
N SER MF 91 11.00 -104.16 58.85
CA SER MF 91 10.01 -103.20 59.31
C SER MF 91 9.14 -103.89 60.36
N ILE MF 92 9.28 -103.47 61.61
CA ILE MF 92 8.65 -104.06 62.77
C ILE MF 92 7.57 -103.09 63.26
N PRO MF 93 6.30 -103.48 63.30
CA PRO MF 93 5.26 -102.58 63.80
C PRO MF 93 5.24 -102.46 65.31
N ARG MF 94 4.80 -101.29 65.78
CA ARG MF 94 4.74 -100.97 67.20
C ARG MF 94 3.43 -101.38 67.87
N ASN MF 95 2.71 -102.32 67.31
CA ASN MF 95 1.47 -102.85 67.88
C ASN MF 95 1.78 -104.10 68.71
N PRO MF 96 1.32 -104.18 69.96
CA PRO MF 96 1.58 -105.39 70.76
C PRO MF 96 1.11 -106.67 70.11
N ALA MF 97 0.26 -106.58 69.09
CA ALA MF 97 -0.15 -107.76 68.35
C ALA MF 97 0.98 -108.36 67.51
N TRP MF 98 2.12 -107.68 67.44
CA TRP MF 98 3.33 -108.18 66.81
C TRP MF 98 4.37 -108.42 67.89
N ASN MF 99 5.25 -109.40 67.66
CA ASN MF 99 6.27 -109.66 68.65
C ASN MF 99 7.56 -110.16 68.01
N ALA MF 100 8.57 -110.30 68.86
CA ALA MF 100 9.89 -110.66 68.38
C ALA MF 100 9.90 -112.04 67.74
N SER MF 101 9.03 -112.94 68.21
CA SER MF 101 8.96 -114.26 67.58
C SER MF 101 8.57 -114.12 66.11
N MET MF 102 7.68 -113.18 65.80
CA MET MF 102 7.27 -112.98 64.43
C MET MF 102 8.39 -112.31 63.62
N THR MF 103 9.08 -111.34 64.22
CA THR MF 103 10.25 -110.75 63.56
C THR MF 103 11.25 -111.85 63.18
N VAL MF 104 11.59 -112.70 64.15
CA VAL MF 104 12.55 -113.77 63.91
C VAL MF 104 12.03 -114.75 62.88
N SER MF 105 10.72 -115.03 62.91
CA SER MF 105 10.15 -115.96 61.93
C SER MF 105 10.34 -115.44 60.52
N LEU MF 106 10.07 -114.15 60.30
CA LEU MF 106 10.31 -113.58 58.98
C LEU MF 106 11.79 -113.66 58.60
N LEU MF 107 12.68 -113.36 59.54
CA LEU MF 107 14.11 -113.46 59.23
C LEU MF 107 14.48 -114.88 58.82
N LYS MF 108 14.03 -115.88 59.57
CA LYS MF 108 14.36 -117.27 59.28
C LYS MF 108 13.80 -117.70 57.93
N GLN MF 109 12.57 -117.27 57.62
CA GLN MF 109 11.99 -117.67 56.34
C GLN MF 109 12.73 -117.03 55.17
N ALA MF 110 13.10 -115.76 55.31
CA ALA MF 110 13.90 -115.12 54.26
C ALA MF 110 15.24 -115.83 54.08
N ALA MF 111 15.87 -116.22 55.19
CA ALA MF 111 17.12 -116.96 55.11
C ALA MF 111 16.93 -118.28 54.36
N ASP MF 112 15.88 -119.04 54.72
CA ASP MF 112 15.61 -120.29 54.03
C ASP MF 112 15.39 -120.05 52.54
N TYR MF 113 14.60 -119.05 52.17
CA TYR MF 113 14.15 -118.94 50.79
C TYR MF 113 15.19 -118.29 49.88
N LEU MF 114 16.06 -117.42 50.40
CA LEU MF 114 17.05 -116.77 49.54
C LEU MF 114 18.47 -117.27 49.74
N ALA MF 115 18.81 -117.83 50.89
CA ALA MF 115 20.12 -118.39 51.13
C ALA MF 115 20.13 -119.89 51.31
N GLY MF 116 18.98 -120.49 51.59
CA GLY MF 116 18.89 -121.93 51.78
C GLY MF 116 19.67 -122.40 52.98
N THR MF 117 19.44 -121.78 54.14
CA THR MF 117 20.20 -122.10 55.35
C THR MF 117 19.33 -122.42 56.56
N SER MF 118 18.04 -122.63 56.38
CA SER MF 118 17.16 -122.98 57.49
C SER MF 118 17.65 -124.22 58.26
N ALA MF 119 17.18 -124.35 59.49
CA ALA MF 119 17.40 -125.53 60.30
C ALA MF 119 16.60 -126.71 59.73
N THR MF 120 17.07 -127.92 60.03
CA THR MF 120 16.41 -129.11 59.51
C THR MF 120 15.07 -129.32 60.21
N VAL MF 121 14.00 -129.41 59.42
CA VAL MF 121 12.63 -129.61 59.90
C VAL MF 121 11.92 -130.48 58.87
N SER MF 122 11.27 -131.55 59.34
CA SER MF 122 10.71 -132.52 58.40
C SER MF 122 9.61 -131.88 57.57
N GLY MF 123 9.65 -132.12 56.26
CA GLY MF 123 8.70 -131.55 55.34
C GLY MF 123 9.11 -130.24 54.72
N GLN MF 124 10.25 -129.70 55.10
CA GLN MF 124 10.76 -128.48 54.49
C GLN MF 124 11.16 -128.74 53.05
N THR MF 125 10.95 -127.73 52.19
CA THR MF 125 11.45 -127.84 50.84
C THR MF 125 12.97 -127.71 50.85
N ASP MF 126 13.62 -128.43 49.93
CA ASP MF 126 15.08 -128.43 49.83
C ASP MF 126 15.49 -127.13 49.17
N THR MF 127 15.91 -126.17 50.00
CA THR MF 127 16.27 -124.85 49.56
C THR MF 127 17.76 -124.70 49.27
N SER MF 128 18.50 -125.81 49.29
CA SER MF 128 19.95 -125.73 49.19
C SER MF 128 20.40 -125.10 47.87
N GLY MF 129 19.69 -125.39 46.77
CA GLY MF 129 20.07 -124.86 45.48
C GLY MF 129 19.50 -123.51 45.15
N PHE MF 130 18.63 -123.00 46.02
CA PHE MF 130 18.00 -121.71 45.76
C PHE MF 130 18.99 -120.57 45.63
N PRO MF 131 20.02 -120.43 46.47
CA PRO MF 131 20.97 -119.32 46.24
C PRO MF 131 21.64 -119.39 44.89
N ALA MF 132 21.99 -120.59 44.42
CA ALA MF 132 22.51 -120.74 43.07
C ALA MF 132 21.51 -120.24 42.04
N LYS MF 133 20.25 -120.68 42.15
CA LYS MF 133 19.24 -120.24 41.19
C LYS MF 133 19.06 -118.73 41.21
N TRP MF 134 19.05 -118.13 42.41
CA TRP MF 134 18.90 -116.69 42.50
C TRP MF 134 20.07 -115.98 41.83
N ALA MF 135 21.30 -116.42 42.11
CA ALA MF 135 22.48 -115.85 41.48
C ALA MF 135 22.47 -116.03 39.97
N GLY MF 136 21.66 -116.96 39.46
CA GLY MF 136 21.43 -117.04 38.04
C GLY MF 136 20.24 -116.26 37.51
N LEU MF 137 19.59 -115.44 38.35
CA LEU MF 137 18.33 -114.77 38.02
C LEU MF 137 17.27 -115.76 37.53
N MET MF 138 17.05 -116.80 38.34
CA MET MF 138 16.05 -117.83 38.08
C MET MF 138 15.21 -118.01 39.33
N PHE MF 139 13.90 -118.02 39.18
CA PHE MF 139 13.05 -118.28 40.34
C PHE MF 139 13.19 -119.73 40.75
N PRO MF 140 13.34 -120.02 42.06
CA PRO MF 140 13.42 -121.39 42.55
C PRO MF 140 12.18 -122.19 42.19
N ALA NF 1 30.92 -95.79 78.29
CA ALA NF 1 29.70 -95.92 79.08
C ALA NF 1 29.47 -97.36 79.52
N ALA NF 2 28.76 -97.53 80.63
CA ALA NF 2 28.50 -98.86 81.16
C ALA NF 2 27.64 -99.66 80.17
N PRO NF 3 28.00 -100.90 79.86
CA PRO NF 3 27.22 -101.67 78.88
C PRO NF 3 25.85 -102.07 79.38
N SER NF 4 25.63 -102.11 80.69
CA SER NF 4 24.33 -102.48 81.22
C SER NF 4 24.19 -101.91 82.63
N LEU NF 5 22.94 -101.78 83.06
CA LEU NF 5 22.60 -101.14 84.31
C LEU NF 5 21.48 -101.91 85.00
N ALA NF 6 21.55 -101.97 86.33
CA ALA NF 6 20.48 -102.54 87.15
C ALA NF 6 20.08 -101.46 88.14
N LEU NF 7 19.07 -100.67 87.80
CA LEU NF 7 18.68 -99.53 88.61
C LEU NF 7 17.53 -99.93 89.52
N VAL NF 8 17.37 -99.21 90.62
CA VAL NF 8 16.30 -99.49 91.57
C VAL NF 8 15.10 -98.60 91.25
N GLY NF 9 13.93 -99.22 91.11
CA GLY NF 9 12.69 -98.50 90.97
C GLY NF 9 11.66 -99.10 91.90
N ALA NF 10 10.37 -98.92 91.59
CA ALA NF 10 9.30 -99.39 92.46
C ALA NF 10 8.31 -100.25 91.67
N ASN NF 11 7.87 -101.34 92.29
CA ASN NF 11 6.85 -102.20 91.70
C ASN NF 11 5.47 -101.57 91.92
N SER NF 12 4.41 -102.32 91.62
CA SER NF 12 3.07 -101.81 91.83
C SER NF 12 2.78 -101.49 93.29
N THR NF 13 3.53 -102.08 94.22
CA THR NF 13 3.35 -101.87 95.64
C THR NF 13 4.34 -100.84 96.20
N LEU NF 14 5.18 -100.27 95.34
CA LEU NF 14 6.22 -99.31 95.71
C LEU NF 14 7.38 -99.95 96.46
N ALA NF 15 7.50 -101.27 96.39
CA ALA NF 15 8.68 -101.95 96.92
C ALA NF 15 9.84 -101.79 95.97
N SER NF 16 11.04 -101.68 96.53
CA SER NF 16 12.23 -101.52 95.71
C SER NF 16 12.44 -102.75 94.83
N THR NF 17 12.52 -102.53 93.52
CA THR NF 17 12.62 -103.60 92.54
C THR NF 17 13.68 -103.22 91.50
N LEU NF 18 14.46 -104.20 91.05
CA LEU NF 18 15.41 -103.89 89.99
C LEU NF 18 14.71 -103.69 88.66
N VAL NF 19 15.31 -102.82 87.85
CA VAL NF 19 14.90 -102.55 86.48
C VAL NF 19 16.16 -102.55 85.63
N ASN NF 20 16.17 -103.40 84.61
CA ASN NF 20 17.40 -103.74 83.90
C ASN NF 20 17.44 -103.02 82.55
N TYR NF 21 18.50 -102.25 82.34
CA TYR NF 21 18.72 -101.56 81.09
C TYR NF 21 20.01 -102.07 80.45
N SER NF 22 20.06 -102.01 79.13
CA SER NF 22 21.23 -102.37 78.36
C SER NF 22 21.53 -101.26 77.36
N LEU NF 23 22.81 -101.06 77.09
CA LEU NF 23 23.27 -99.96 76.24
C LEU NF 23 22.98 -100.28 74.78
N ARG NF 24 22.12 -99.48 74.16
CA ARG NF 24 21.78 -99.71 72.76
C ARG NF 24 22.86 -99.15 71.83
N SER NF 25 23.25 -97.89 72.01
CA SER NF 25 24.29 -97.28 71.18
C SER NF 25 24.86 -96.07 71.90
N GLN NF 26 25.89 -95.48 71.30
CA GLN NF 26 26.49 -94.25 71.80
C GLN NF 26 26.82 -93.35 70.62
N ASN NF 27 26.19 -92.17 70.57
CA ASN NF 27 26.37 -91.14 69.56
C ASN NF 27 27.25 -90.02 70.13
N GLY NF 28 27.32 -88.90 69.41
CA GLY NF 28 28.04 -87.74 69.87
C GLY NF 28 27.50 -87.22 71.19
N ASN NF 29 28.31 -87.39 72.23
CA ASN NF 29 28.03 -86.85 73.56
C ASN NF 29 26.67 -87.31 74.07
N ASN NF 30 26.31 -88.56 73.82
CA ASN NF 30 25.05 -89.07 74.33
C ASN NF 30 25.13 -90.58 74.47
N VAL NF 31 24.12 -91.14 75.14
CA VAL NF 31 24.06 -92.55 75.50
C VAL NF 31 22.59 -92.95 75.52
N ASP NF 32 22.28 -94.11 74.93
CA ASP NF 32 20.92 -94.62 74.80
C ASP NF 32 20.83 -96.01 75.41
N TYR NF 33 20.00 -96.16 76.44
CA TYR NF 33 19.74 -97.43 77.11
C TYR NF 33 18.29 -97.85 76.91
N VAL NF 34 18.09 -99.17 76.87
CA VAL NF 34 16.78 -99.77 76.67
C VAL NF 34 16.51 -100.78 77.78
N CYS NF 35 15.27 -100.85 78.24
CA CYS NF 35 14.92 -101.79 79.30
C CYS NF 35 14.79 -103.19 78.72
N THR NF 36 15.41 -104.15 79.40
CA THR NF 36 15.47 -105.55 78.95
C THR NF 36 14.54 -106.47 79.74
N ASP NF 37 13.70 -105.91 80.59
CA ASP NF 37 12.75 -106.70 81.35
C ASP NF 37 11.65 -107.21 80.42
N PRO NF 38 10.83 -108.16 80.88
CA PRO NF 38 9.72 -108.61 80.03
C PRO NF 38 8.64 -107.55 79.83
N ASP NF 39 8.43 -106.65 80.78
CA ASP NF 39 7.34 -105.68 80.68
C ASP NF 39 7.58 -104.61 79.62
N SER NF 40 8.82 -104.44 79.15
CA SER NF 40 9.11 -103.48 78.10
C SER NF 40 9.27 -104.22 76.77
N THR NF 41 8.58 -103.73 75.76
CA THR NF 41 8.61 -104.26 74.40
C THR NF 41 8.70 -103.06 73.46
N LEU NF 42 8.91 -103.34 72.17
CA LEU NF 42 9.01 -102.23 71.22
C LEU NF 42 7.72 -101.43 71.17
N SER NF 43 6.58 -102.07 71.44
CA SER NF 43 5.31 -101.38 71.47
C SER NF 43 5.24 -100.38 72.61
N ALA NF 44 5.80 -100.75 73.78
CA ALA NF 44 5.77 -99.89 74.96
C ALA NF 44 7.07 -100.06 75.74
N PRO NF 45 8.13 -99.40 75.30
CA PRO NF 45 9.46 -99.62 75.87
C PRO NF 45 9.74 -98.76 77.09
N GLY NF 46 10.81 -99.11 77.80
CA GLY NF 46 11.43 -98.26 78.79
C GLY NF 46 12.79 -97.80 78.28
N LEU NF 47 13.07 -96.51 78.42
CA LEU NF 47 14.23 -95.91 77.77
C LEU NF 47 14.95 -94.97 78.71
N ILE NF 48 16.26 -94.86 78.55
CA ILE NF 48 17.06 -93.86 79.25
C ILE NF 48 18.01 -93.22 78.25
N ASN NF 49 18.16 -91.90 78.33
CA ASN NF 49 18.95 -91.14 77.38
C ASN NF 49 19.73 -90.06 78.11
N ALA NF 50 21.02 -89.92 77.75
CA ALA NF 50 21.86 -88.92 78.41
C ALA NF 50 22.70 -88.19 77.37
N LYS NF 51 22.91 -86.89 77.57
CA LYS NF 51 23.62 -86.05 76.62
C LYS NF 51 24.41 -84.99 77.36
N PHE NF 52 25.58 -84.64 76.81
CA PHE NF 52 26.38 -83.54 77.33
C PHE NF 52 26.43 -82.39 76.32
N ASP NF 53 26.10 -81.19 76.79
CA ASP NF 53 26.38 -79.95 76.06
C ASP NF 53 27.62 -79.36 76.71
N ILE NF 54 28.77 -79.49 76.04
CA ILE NF 54 30.05 -79.14 76.62
C ILE NF 54 30.56 -77.87 75.95
N LYS NF 55 30.75 -76.82 76.72
CA LYS NF 55 31.21 -75.56 76.17
C LYS NF 55 32.73 -75.57 76.03
N ALA NF 56 33.24 -74.61 75.26
CA ALA NF 56 34.65 -74.56 74.92
C ALA NF 56 35.51 -74.44 76.17
N PRO NF 57 36.79 -74.79 76.08
CA PRO NF 57 37.68 -74.64 77.24
C PRO NF 57 37.73 -73.20 77.71
N GLY NF 58 37.85 -73.03 79.02
CA GLY NF 58 37.84 -71.74 79.66
C GLY NF 58 37.04 -71.81 80.93
N ILE NF 59 36.85 -70.67 81.57
CA ILE NF 59 36.05 -70.61 82.79
C ILE NF 59 34.78 -69.81 82.60
N THR NF 60 34.41 -69.51 81.35
CA THR NF 60 33.31 -68.58 81.10
C THR NF 60 31.94 -69.25 81.13
N GLY NF 61 31.84 -70.46 80.59
CA GLY NF 61 30.55 -71.02 80.22
C GLY NF 61 29.81 -71.74 81.33
N ASN NF 62 28.78 -72.47 80.91
CA ASN NF 62 27.98 -73.38 81.73
C ASN NF 62 27.83 -74.70 80.95
N ASP NF 63 28.45 -75.77 81.45
CA ASP NF 63 28.25 -77.09 80.89
C ASP NF 63 26.87 -77.61 81.28
N ARG NF 64 26.31 -78.51 80.46
CA ARG NF 64 24.97 -79.04 80.74
C ARG NF 64 24.92 -80.55 80.52
N ILE NF 65 24.15 -81.20 81.38
CA ILE NF 65 23.85 -82.63 81.30
C ILE NF 65 22.34 -82.76 81.12
N HIS NF 66 21.92 -83.59 80.17
CA HIS NF 66 20.51 -83.85 79.91
C HIS NF 66 20.27 -85.34 80.07
N ALA NF 67 19.44 -85.72 81.03
CA ALA NF 67 19.02 -87.09 81.21
C ALA NF 67 17.52 -87.21 81.02
N ASN NF 68 17.07 -88.37 80.57
CA ASN NF 68 15.66 -88.57 80.29
C ASN NF 68 15.33 -90.04 80.50
N LEU NF 69 14.42 -90.31 81.45
CA LEU NF 69 13.98 -91.66 81.77
C LEU NF 69 12.51 -91.76 81.42
N ARG NF 70 12.19 -92.61 80.45
CA ARG NF 70 10.84 -92.70 79.92
C ARG NF 70 10.31 -94.12 80.03
N LYS NF 71 8.99 -94.23 80.14
CA LYS NF 71 8.27 -95.50 80.03
C LYS NF 71 6.98 -95.27 79.25
N VAL NF 72 6.77 -96.07 78.22
CA VAL NF 72 5.56 -95.99 77.40
C VAL NF 72 4.54 -96.99 77.92
N VAL NF 73 3.26 -96.60 77.88
CA VAL NF 73 2.18 -97.46 78.32
C VAL NF 73 1.08 -97.42 77.26
N LEU NF 74 0.35 -98.51 77.14
CA LEU NF 74 -0.72 -98.64 76.16
C LEU NF 74 -2.07 -98.66 76.87
N ASP NF 75 -3.04 -97.95 76.28
CA ASP NF 75 -4.40 -97.91 76.83
C ASP NF 75 -5.03 -99.29 76.79
N GLU NF 76 -5.67 -99.70 77.89
CA GLU NF 76 -6.35 -101.00 77.92
C GLU NF 76 -7.48 -101.06 76.91
N LYS NF 77 -8.05 -99.93 76.54
CA LYS NF 77 -9.20 -99.92 75.66
C LYS NF 77 -8.79 -99.80 74.19
N THR NF 78 -7.73 -99.03 73.90
CA THR NF 78 -7.39 -98.71 72.53
C THR NF 78 -5.95 -99.04 72.13
N ASN NF 79 -5.12 -99.54 73.05
CA ASN NF 79 -3.69 -99.74 72.80
C ASN NF 79 -3.01 -98.46 72.31
N LEU NF 80 -3.56 -97.32 72.68
CA LEU NF 80 -2.87 -96.10 72.26
C LEU NF 80 -1.76 -95.75 73.24
N PRO NF 81 -0.60 -95.38 72.73
CA PRO NF 81 0.55 -95.14 73.60
C PRO NF 81 0.52 -93.74 74.19
N SER NF 82 0.81 -93.66 75.48
CA SER NF 82 1.22 -92.41 76.09
C SER NF 82 2.43 -92.69 76.97
N THR NF 83 3.28 -91.69 77.13
CA THR NF 83 4.57 -91.89 77.79
C THR NF 83 4.63 -91.08 79.09
N GLY NF 84 5.24 -91.68 80.10
CA GLY NF 84 5.59 -90.98 81.33
C GLY NF 84 7.09 -90.78 81.34
N SER NF 85 7.54 -89.67 81.89
CA SER NF 85 8.96 -89.37 81.80
C SER NF 85 9.42 -88.51 82.97
N VAL NF 86 10.67 -88.74 83.38
CA VAL NF 86 11.40 -87.87 84.28
C VAL NF 86 12.64 -87.38 83.54
N THR NF 87 12.70 -86.09 83.28
CA THR NF 87 13.84 -85.48 82.61
C THR NF 87 14.61 -84.63 83.61
N ILE NF 88 15.92 -84.58 83.43
CA ILE NF 88 16.85 -83.91 84.34
C ILE NF 88 17.80 -83.06 83.52
N GLN NF 89 18.05 -81.85 83.99
CA GLN NF 89 19.06 -80.98 83.38
C GLN NF 89 19.96 -80.42 84.46
N VAL NF 90 21.24 -80.74 84.36
CA VAL NF 90 22.26 -80.25 85.28
C VAL NF 90 23.04 -79.17 84.55
N SER NF 91 23.22 -78.03 85.19
CA SER NF 91 24.00 -76.92 84.64
C SER NF 91 25.12 -76.62 85.62
N ILE NF 92 26.35 -76.83 85.17
CA ILE NF 92 27.58 -76.74 85.94
C ILE NF 92 28.37 -75.53 85.43
N PRO NF 93 28.52 -74.47 86.22
CA PRO NF 93 29.36 -73.35 85.79
C PRO NF 93 30.84 -73.71 85.81
N ARG NF 94 31.60 -72.98 85.00
CA ARG NF 94 33.03 -73.20 84.87
C ARG NF 94 33.87 -72.19 85.69
N ASN NF 95 33.24 -71.13 86.19
CA ASN NF 95 33.88 -70.25 87.16
C ASN NF 95 34.49 -71.07 88.29
N PRO NF 96 35.80 -70.95 88.55
CA PRO NF 96 36.44 -71.82 89.55
C PRO NF 96 35.85 -71.69 90.94
N ALA NF 97 34.93 -70.75 91.15
CA ALA NF 97 34.20 -70.64 92.39
C ALA NF 97 33.13 -71.73 92.54
N TRP NF 98 33.04 -72.66 91.60
CA TRP NF 98 32.14 -73.81 91.66
C TRP NF 98 32.96 -75.10 91.81
N ASN NF 99 32.32 -76.13 92.37
CA ASN NF 99 32.97 -77.40 92.63
C ASN NF 99 32.14 -78.57 92.13
N ALA NF 100 32.86 -79.63 91.74
CA ALA NF 100 32.20 -80.92 91.59
C ALA NF 100 31.45 -81.30 92.86
N SER NF 101 31.97 -80.89 94.03
CA SER NF 101 31.26 -81.14 95.28
C SER NF 101 29.91 -80.44 95.30
N MET NF 102 29.85 -79.23 94.74
CA MET NF 102 28.59 -78.51 94.71
C MET NF 102 27.61 -79.15 93.73
N THR NF 103 28.12 -79.61 92.57
CA THR NF 103 27.29 -80.39 91.66
C THR NF 103 26.69 -81.60 92.36
N VAL NF 104 27.55 -82.39 93.02
CA VAL NF 104 27.07 -83.60 93.68
C VAL NF 104 26.08 -83.25 94.78
N SER NF 105 26.31 -82.14 95.49
CA SER NF 105 25.39 -81.74 96.55
C SER NF 105 24.01 -81.43 95.99
N LEU NF 106 23.95 -80.71 94.88
CA LEU NF 106 22.66 -80.46 94.26
C LEU NF 106 22.00 -81.77 93.82
N LEU NF 107 22.77 -82.69 93.26
CA LEU NF 107 22.19 -83.96 92.83
C LEU NF 107 21.60 -84.71 94.02
N LYS NF 108 22.34 -84.79 95.13
CA LYS NF 108 21.87 -85.50 96.31
C LYS NF 108 20.63 -84.84 96.89
N GLN NF 109 20.59 -83.50 96.91
CA GLN NF 109 19.43 -82.80 97.45
C GLN NF 109 18.21 -83.03 96.60
N ALA NF 110 18.36 -82.97 95.26
CA ALA NF 110 17.23 -83.26 94.38
C ALA NF 110 16.74 -84.68 94.58
N ALA NF 111 17.67 -85.63 94.76
CA ALA NF 111 17.29 -87.02 95.01
C ALA NF 111 16.48 -87.13 96.29
N ASP NF 112 16.98 -86.52 97.37
CA ASP NF 112 16.24 -86.54 98.64
C ASP NF 112 14.86 -85.92 98.50
N TYR NF 113 14.76 -84.79 97.78
CA TYR NF 113 13.51 -84.02 97.82
C TYR NF 113 12.46 -84.55 96.85
N LEU NF 114 12.86 -85.18 95.75
CA LEU NF 114 11.88 -85.69 94.80
C LEU NF 114 11.76 -87.21 94.77
N ALA NF 115 12.77 -87.94 95.23
CA ALA NF 115 12.70 -89.38 95.32
C ALA NF 115 12.77 -89.92 96.73
N GLY NF 116 13.22 -89.12 97.70
CA GLY NF 116 13.33 -89.58 99.07
C GLY NF 116 14.31 -90.71 99.24
N THR NF 117 15.53 -90.57 98.72
CA THR NF 117 16.51 -91.65 98.71
C THR NF 117 17.84 -91.26 99.35
N SER NF 118 17.95 -90.08 99.95
CA SER NF 118 19.21 -89.62 100.53
C SER NF 118 19.72 -90.57 101.62
N ALA NF 119 21.02 -90.45 101.90
CA ALA NF 119 21.65 -91.17 103.00
C ALA NF 119 21.15 -90.64 104.34
N THR NF 120 21.50 -91.34 105.41
CA THR NF 120 21.00 -91.03 106.74
C THR NF 120 21.92 -90.04 107.45
N VAL NF 121 21.34 -88.93 107.91
CA VAL NF 121 22.03 -87.90 108.69
C VAL NF 121 21.11 -87.53 109.84
N SER NF 122 21.70 -86.97 110.90
CA SER NF 122 21.00 -86.79 112.17
C SER NF 122 19.67 -86.07 111.97
N GLY NF 123 19.71 -84.79 111.60
CA GLY NF 123 18.50 -84.01 111.66
C GLY NF 123 17.71 -83.97 110.37
N GLN NF 124 17.83 -84.99 109.53
CA GLN NF 124 17.28 -84.89 108.19
C GLN NF 124 15.77 -84.99 108.27
N THR NF 125 15.08 -84.33 107.34
CA THR NF 125 13.63 -84.50 107.32
C THR NF 125 13.28 -85.79 106.61
N ASP NF 126 12.17 -86.39 107.04
CA ASP NF 126 11.70 -87.66 106.51
C ASP NF 126 11.10 -87.43 105.14
N THR NF 127 11.80 -87.91 104.12
CA THR NF 127 11.40 -87.70 102.73
C THR NF 127 10.92 -88.96 102.06
N SER NF 128 10.67 -90.02 102.83
CA SER NF 128 10.28 -91.29 102.25
C SER NF 128 8.94 -91.18 101.51
N GLY NF 129 8.01 -90.37 102.03
CA GLY NF 129 6.71 -90.24 101.41
C GLY NF 129 6.62 -89.19 100.33
N PHE NF 130 7.69 -88.44 100.15
CA PHE NF 130 7.67 -87.37 99.16
C PHE NF 130 7.42 -87.87 97.73
N PRO NF 131 8.03 -88.95 97.25
CA PRO NF 131 7.69 -89.40 95.89
C PRO NF 131 6.22 -89.72 95.73
N ALA NF 132 5.60 -90.32 96.74
CA ALA NF 132 4.16 -90.57 96.70
C ALA NF 132 3.39 -89.26 96.60
N LYS NF 133 3.75 -88.28 97.43
CA LYS NF 133 3.04 -87.00 97.40
C LYS NF 133 3.21 -86.31 96.04
N TRP NF 134 4.41 -86.39 95.46
CA TRP NF 134 4.61 -85.80 94.14
C TRP NF 134 3.74 -86.50 93.10
N ALA NF 135 3.76 -87.84 93.09
CA ALA NF 135 2.97 -88.60 92.12
C ALA NF 135 1.48 -88.33 92.29
N GLY NF 136 1.05 -87.85 93.45
CA GLY NF 136 -0.29 -87.37 93.63
C GLY NF 136 -0.51 -85.91 93.25
N LEU NF 137 0.51 -85.25 92.70
CA LEU NF 137 0.49 -83.82 92.40
C LEU NF 137 0.14 -82.99 93.63
N MET NF 138 0.86 -83.22 94.72
CA MET NF 138 0.78 -82.37 95.89
C MET NF 138 2.18 -82.14 96.46
N PHE NF 139 2.37 -80.96 97.01
CA PHE NF 139 3.67 -80.58 97.54
C PHE NF 139 3.96 -81.33 98.83
N PRO NF 140 5.21 -81.73 99.06
CA PRO NF 140 5.67 -82.28 100.33
C PRO NF 140 5.48 -81.28 101.45
N ALA OF 1 34.50 -98.38 68.97
CA ALA OF 1 35.83 -98.09 69.49
C ALA OF 1 35.97 -98.53 70.94
N ALA OF 2 37.22 -98.54 71.44
CA ALA OF 2 37.47 -98.95 72.81
C ALA OF 2 36.83 -97.96 73.78
N PRO OF 3 36.15 -98.45 74.81
CA PRO OF 3 35.45 -97.54 75.74
C PRO OF 3 36.39 -96.77 76.66
N SER OF 4 37.61 -97.24 76.83
CA SER OF 4 38.56 -96.58 77.72
C SER OF 4 39.97 -96.98 77.33
N LEU OF 5 40.92 -96.10 77.65
CA LEU OF 5 42.31 -96.23 77.26
C LEU OF 5 43.21 -95.85 78.42
N ALA OF 6 44.31 -96.57 78.57
CA ALA OF 6 45.37 -96.25 79.52
C ALA OF 6 46.65 -96.03 78.72
N LEU OF 7 46.88 -94.80 78.27
CA LEU OF 7 48.04 -94.51 77.44
C LEU OF 7 49.22 -94.15 78.34
N VAL OF 8 50.43 -94.29 77.80
CA VAL OF 8 51.64 -93.96 78.53
C VAL OF 8 52.12 -92.57 78.13
N GLY OF 9 52.27 -91.69 79.11
CA GLY OF 9 52.86 -90.38 78.93
C GLY OF 9 53.97 -90.19 79.95
N ALA OF 10 54.22 -88.92 80.28
CA ALA OF 10 55.30 -88.55 81.17
C ALA OF 10 54.80 -87.56 82.21
N ASN OF 11 55.24 -87.75 83.46
CA ASN OF 11 54.94 -86.81 84.53
C ASN OF 11 55.96 -85.68 84.49
N SER OF 12 55.99 -84.87 85.54
CA SER OF 12 56.92 -83.76 85.60
C SER OF 12 58.37 -84.22 85.60
N THR OF 13 58.63 -85.44 86.09
CA THR OF 13 59.96 -86.03 86.10
C THR OF 13 60.35 -86.64 84.77
N LEU OF 14 59.42 -86.69 83.81
CA LEU OF 14 59.52 -87.44 82.56
C LEU OF 14 59.48 -88.95 82.77
N ALA OF 15 59.13 -89.41 83.97
CA ALA OF 15 58.94 -90.83 84.19
C ALA OF 15 57.66 -91.33 83.52
N SER OF 16 57.69 -92.56 83.04
CA SER OF 16 56.54 -93.12 82.34
C SER OF 16 55.36 -93.27 83.28
N THR OF 17 54.26 -92.57 82.97
CA THR OF 17 53.08 -92.51 83.82
C THR OF 17 51.84 -92.80 82.98
N LEU OF 18 50.86 -93.49 83.56
CA LEU OF 18 49.61 -93.71 82.85
C LEU OF 18 48.76 -92.44 82.81
N VAL OF 19 48.14 -92.22 81.67
CA VAL OF 19 47.13 -91.18 81.48
C VAL OF 19 45.89 -91.84 80.91
N ASN OF 20 44.76 -91.62 81.58
CA ASN OF 20 43.56 -92.43 81.41
C ASN OF 20 42.50 -91.62 80.67
N TYR OF 21 41.93 -92.22 79.62
CA TYR OF 21 40.89 -91.60 78.82
C TYR OF 21 39.67 -92.51 78.81
N SER OF 22 38.48 -91.91 78.75
CA SER OF 22 37.25 -92.65 78.51
C SER OF 22 36.57 -92.11 77.27
N LEU OF 23 35.84 -92.99 76.59
CA LEU OF 23 35.16 -92.66 75.34
C LEU OF 23 33.93 -91.84 75.64
N ARG OF 24 34.02 -90.54 75.35
CA ARG OF 24 32.89 -89.65 75.56
C ARG OF 24 31.95 -89.61 74.36
N SER OF 25 32.45 -89.54 73.13
CA SER OF 25 31.53 -89.55 71.99
C SER OF 25 32.12 -90.29 70.82
N GLN OF 26 31.24 -90.74 69.94
CA GLN OF 26 31.63 -91.33 68.66
C GLN OF 26 30.51 -91.04 67.68
N ASN OF 27 30.84 -90.40 66.57
CA ASN OF 27 29.85 -89.90 65.62
C ASN OF 27 30.51 -89.72 64.27
N GLY OF 28 29.90 -90.29 63.24
CA GLY OF 28 30.30 -90.03 61.86
C GLY OF 28 31.77 -90.25 61.61
N ASN OF 29 32.22 -91.49 61.79
CA ASN OF 29 33.62 -91.84 61.68
C ASN OF 29 34.50 -90.87 62.45
N ASN OF 30 34.05 -90.52 63.65
CA ASN OF 30 34.79 -89.60 64.49
C ASN OF 30 34.71 -90.14 65.91
N VAL OF 31 35.80 -90.03 66.66
CA VAL OF 31 35.91 -90.62 68.00
C VAL OF 31 36.57 -89.62 68.93
N ASP OF 32 35.93 -89.35 70.08
CA ASP OF 32 36.38 -88.33 71.01
C ASP OF 32 36.47 -88.92 72.42
N TYR OF 33 37.67 -88.86 73.00
CA TYR OF 33 37.97 -89.31 74.35
C TYR OF 33 38.27 -88.13 75.25
N VAL OF 34 37.98 -88.28 76.55
CA VAL OF 34 38.31 -87.27 77.54
C VAL OF 34 39.14 -87.91 78.64
N CYS OF 35 40.06 -87.12 79.21
CA CYS OF 35 40.96 -87.63 80.25
C CYS OF 35 40.24 -87.66 81.59
N THR OF 36 40.35 -88.81 82.26
CA THR OF 36 39.64 -89.05 83.52
C THR OF 36 40.48 -88.73 84.75
N ASP OF 37 41.72 -88.30 84.56
CA ASP OF 37 42.64 -88.06 85.66
C ASP OF 37 42.30 -86.75 86.35
N PRO OF 38 42.89 -86.49 87.52
CA PRO OF 38 42.63 -85.20 88.19
C PRO OF 38 43.20 -84.00 87.45
N ASP OF 39 44.26 -84.18 86.65
CA ASP OF 39 44.87 -83.05 85.96
C ASP OF 39 43.99 -82.48 84.85
N SER OF 40 42.97 -83.21 84.39
CA SER OF 40 42.01 -82.67 83.43
C SER OF 40 40.76 -82.27 84.19
N THR OF 41 40.45 -80.98 84.15
CA THR OF 41 39.24 -80.42 84.73
C THR OF 41 38.28 -80.06 83.60
N LEU OF 42 37.08 -79.65 83.99
CA LEU OF 42 36.12 -79.16 83.00
C LEU OF 42 36.67 -77.93 82.29
N SER OF 43 37.32 -77.06 83.05
CA SER OF 43 37.76 -75.79 82.46
C SER OF 43 39.00 -75.99 81.61
N ALA OF 44 39.86 -76.92 81.99
CA ALA OF 44 41.12 -77.20 81.30
C ALA OF 44 41.27 -78.70 81.15
N PRO OF 45 40.66 -79.29 80.13
CA PRO OF 45 40.62 -80.75 80.01
C PRO OF 45 41.77 -81.31 79.18
N GLY OF 46 41.89 -82.63 79.22
CA GLY OF 46 42.72 -83.37 78.29
C GLY OF 46 41.81 -84.15 77.35
N LEU OF 47 42.12 -84.08 76.05
CA LEU OF 47 41.18 -84.54 75.05
C LEU OF 47 41.89 -85.29 73.93
N ILE OF 48 41.17 -86.23 73.31
CA ILE OF 48 41.67 -86.93 72.13
C ILE OF 48 40.57 -86.96 71.08
N ASN OF 49 40.97 -86.80 69.82
CA ASN OF 49 40.09 -86.76 68.68
C ASN OF 49 40.67 -87.63 67.57
N ALA OF 50 39.81 -88.35 66.83
CA ALA OF 50 40.28 -89.18 65.72
C ALA OF 50 39.21 -89.29 64.63
N LYS OF 51 39.56 -88.92 63.40
CA LYS OF 51 38.66 -88.86 62.25
C LYS OF 51 39.17 -89.73 61.12
N PHE OF 52 38.24 -90.22 60.30
CA PHE OF 52 38.52 -90.97 59.08
C PHE OF 52 37.91 -90.26 57.89
N ASP OF 53 38.77 -89.80 56.97
CA ASP OF 53 38.33 -89.39 55.63
C ASP OF 53 38.49 -90.62 54.75
N ILE OF 54 37.39 -91.34 54.52
CA ILE OF 54 37.41 -92.54 53.71
C ILE OF 54 36.89 -92.20 52.33
N LYS OF 55 37.76 -92.33 51.33
CA LYS OF 55 37.39 -92.06 49.95
C LYS OF 55 36.50 -93.17 49.41
N ALA OF 56 35.72 -92.84 48.38
CA ALA OF 56 34.90 -93.79 47.65
C ALA OF 56 35.76 -94.94 47.14
N PRO OF 57 35.20 -96.13 46.93
CA PRO OF 57 35.99 -97.25 46.43
C PRO OF 57 36.68 -96.89 45.13
N GLY OF 58 37.85 -97.44 44.94
CA GLY OF 58 38.64 -97.10 43.77
C GLY OF 58 40.11 -97.32 44.03
N ILE OF 59 40.87 -97.34 42.94
CA ILE OF 59 42.30 -97.54 43.04
C ILE OF 59 43.06 -96.22 43.13
N THR OF 60 42.37 -95.09 42.97
CA THR OF 60 42.98 -93.77 42.98
C THR OF 60 42.60 -93.03 44.25
N GLY OF 61 43.48 -92.13 44.68
CA GLY OF 61 43.24 -91.30 45.83
C GLY OF 61 43.99 -91.78 47.06
N ASN OF 62 43.88 -90.96 48.12
CA ASN OF 62 44.43 -91.28 49.43
C ASN OF 62 43.31 -91.29 50.46
N ASP OF 63 43.32 -92.30 51.32
CA ASP OF 63 42.54 -92.31 52.55
C ASP OF 63 43.29 -91.52 53.62
N ARG OF 64 42.56 -90.93 54.56
CA ARG OF 64 43.23 -90.10 55.56
C ARG OF 64 42.74 -90.38 56.97
N ILE OF 65 43.68 -90.37 57.91
CA ILE OF 65 43.41 -90.49 59.34
C ILE OF 65 43.86 -89.21 60.00
N HIS OF 66 43.01 -88.63 60.85
CA HIS OF 66 43.37 -87.44 61.63
C HIS OF 66 43.28 -87.77 63.11
N ALA OF 67 44.24 -87.29 63.89
CA ALA OF 67 44.25 -87.55 65.31
C ALA OF 67 44.80 -86.33 66.04
N ASN OF 68 44.21 -86.01 67.18
CA ASN OF 68 44.62 -84.85 67.95
C ASN OF 68 44.64 -85.20 69.42
N LEU OF 69 45.78 -84.95 70.08
CA LEU OF 69 45.92 -85.15 71.51
C LEU OF 69 46.21 -83.80 72.15
N ARG OF 70 45.30 -83.33 72.99
CA ARG OF 70 45.29 -81.97 73.51
C ARG OF 70 45.34 -81.98 75.03
N LYS OF 71 46.02 -80.97 75.58
CA LYS OF 71 45.90 -80.62 76.99
C LYS OF 71 45.72 -79.11 77.08
N VAL OF 72 44.63 -78.69 77.74
CA VAL OF 72 44.34 -77.27 77.94
C VAL OF 72 44.94 -76.85 79.27
N VAL OF 73 45.46 -75.63 79.32
CA VAL OF 73 46.01 -75.07 80.54
C VAL OF 73 45.52 -73.63 80.67
N LEU OF 74 45.22 -73.24 81.91
CA LEU OF 74 44.70 -71.91 82.21
C LEU OF 74 45.82 -71.00 82.68
N ASP OF 75 45.76 -69.73 82.26
CA ASP OF 75 46.72 -68.73 82.72
C ASP OF 75 46.56 -68.49 84.22
N GLU OF 76 47.68 -68.31 84.90
CA GLU OF 76 47.64 -68.13 86.35
C GLU OF 76 46.84 -66.89 86.72
N LYS OF 77 47.06 -65.79 86.00
CA LYS OF 77 46.40 -64.53 86.34
C LYS OF 77 45.07 -64.39 85.60
N THR OF 78 45.11 -64.45 84.26
CA THR OF 78 43.92 -64.15 83.47
C THR OF 78 42.93 -65.29 83.37
N ASN OF 79 43.33 -66.52 83.73
CA ASN OF 79 42.52 -67.72 83.60
C ASN OF 79 42.06 -67.97 82.15
N LEU OF 80 42.68 -67.29 81.18
CA LEU OF 80 42.43 -67.57 79.77
C LEU OF 80 43.06 -68.91 79.41
N PRO OF 81 42.37 -69.73 78.64
CA PRO OF 81 42.92 -71.04 78.30
C PRO OF 81 43.78 -70.97 77.05
N SER OF 82 44.96 -71.59 77.10
CA SER OF 82 45.68 -71.92 75.89
C SER OF 82 45.97 -73.41 75.91
N THR OF 83 46.03 -74.00 74.73
CA THR OF 83 46.06 -75.44 74.60
C THR OF 83 47.30 -75.91 73.84
N GLY OF 84 47.91 -76.99 74.35
CA GLY OF 84 49.05 -77.62 73.71
C GLY OF 84 48.62 -78.94 73.11
N SER OF 85 49.17 -79.26 71.93
CA SER OF 85 48.59 -80.36 71.18
C SER OF 85 49.59 -81.03 70.25
N VAL OF 86 49.51 -82.36 70.18
CA VAL OF 86 50.19 -83.14 69.17
C VAL OF 86 49.14 -83.70 68.22
N THR OF 87 49.22 -83.35 66.94
CA THR OF 87 48.25 -83.80 65.96
C THR OF 87 48.94 -84.54 64.82
N ILE OF 88 48.29 -85.60 64.34
CA ILE OF 88 48.85 -86.54 63.37
C ILE OF 88 47.90 -86.65 62.20
N GLN OF 89 48.44 -86.63 60.99
CA GLN OF 89 47.71 -86.96 59.77
C GLN OF 89 48.41 -88.11 59.06
N VAL OF 90 47.69 -89.19 58.83
CA VAL OF 90 48.17 -90.35 58.09
C VAL OF 90 47.47 -90.35 56.74
N SER OF 91 48.25 -90.42 55.66
CA SER OF 91 47.73 -90.44 54.30
C SER OF 91 48.16 -91.75 53.65
N ILE OF 92 47.19 -92.62 53.38
CA ILE OF 92 47.39 -93.97 52.88
C ILE OF 92 46.90 -94.02 51.43
N PRO OF 93 47.79 -94.18 50.46
CA PRO OF 93 47.34 -94.29 49.06
C PRO OF 93 46.61 -95.60 48.80
N ARG OF 94 45.93 -95.62 47.66
CA ARG OF 94 45.13 -96.78 47.26
C ARG OF 94 45.73 -97.59 46.13
N ASN OF 95 46.80 -97.11 45.51
CA ASN OF 95 47.53 -97.94 44.54
C ASN OF 95 47.96 -99.23 45.22
N PRO OF 96 47.67 -100.40 44.64
CA PRO OF 96 48.01 -101.67 45.30
C PRO OF 96 49.49 -101.81 45.58
N ALA OF 97 50.31 -100.92 45.05
CA ALA OF 97 51.72 -100.87 45.34
C ALA OF 97 52.02 -100.29 46.73
N TRP OF 98 50.99 -99.99 47.52
CA TRP OF 98 51.14 -99.59 48.91
C TRP OF 98 50.65 -100.72 49.82
N ASN OF 99 51.19 -100.77 51.04
CA ASN OF 99 50.84 -101.81 52.00
C ASN OF 99 50.51 -101.23 53.36
N ALA OF 100 49.62 -101.92 54.06
CA ALA OF 100 49.47 -101.66 55.48
C ALA OF 100 50.81 -101.77 56.19
N SER OF 101 51.69 -102.65 55.71
CA SER OF 101 53.03 -102.75 56.31
C SER OF 101 53.78 -101.43 56.17
N MET OF 102 53.61 -100.76 55.03
CA MET OF 102 54.27 -99.48 54.82
C MET OF 102 53.67 -98.41 55.71
N THR OF 103 52.34 -98.41 55.85
CA THR OF 103 51.69 -97.52 56.80
C THR OF 103 52.25 -97.70 58.20
N VAL OF 104 52.29 -98.94 58.67
CA VAL OF 104 52.79 -99.23 60.01
C VAL OF 104 54.26 -98.84 60.14
N SER OF 105 55.04 -99.05 59.09
CA SER OF 105 56.45 -98.70 59.14
C SER OF 105 56.62 -97.20 59.33
N LEU OF 106 55.84 -96.40 58.60
CA LEU OF 106 55.91 -94.95 58.80
C LEU OF 106 55.47 -94.57 60.22
N LEU OF 107 54.42 -95.21 60.74
CA LEU OF 107 53.98 -94.89 62.10
C LEU OF 107 55.08 -95.20 63.11
N LYS OF 108 55.71 -96.36 62.98
CA LYS OF 108 56.76 -96.76 63.92
C LYS OF 108 57.97 -95.82 63.82
N GLN OF 109 58.32 -95.41 62.60
CA GLN OF 109 59.46 -94.51 62.43
C GLN OF 109 59.15 -93.13 63.03
N ALA OF 110 57.93 -92.63 62.83
CA ALA OF 110 57.55 -91.37 63.44
C ALA OF 110 57.61 -91.48 64.97
N ALA OF 111 57.12 -92.59 65.52
CA ALA OF 111 57.19 -92.81 66.95
C ALA OF 111 58.64 -92.79 67.43
N ASP OF 112 59.54 -93.46 66.70
CA ASP OF 112 60.94 -93.47 67.09
C ASP OF 112 61.54 -92.07 67.04
N TYR OF 113 61.25 -91.31 65.97
CA TYR OF 113 61.97 -90.07 65.74
C TYR OF 113 61.43 -88.90 66.54
N LEU OF 114 60.13 -88.86 66.80
CA LEU OF 114 59.57 -87.75 67.56
C LEU OF 114 59.24 -88.09 69.00
N ALA OF 115 59.05 -89.36 69.33
CA ALA OF 115 58.78 -89.75 70.70
C ALA OF 115 59.86 -90.62 71.32
N GLY OF 116 60.72 -91.25 70.52
CA GLY OF 116 61.77 -92.09 71.06
C GLY OF 116 61.25 -93.33 71.76
N THR OF 117 60.35 -94.07 71.11
CA THR OF 117 59.71 -95.22 71.73
C THR OF 117 59.80 -96.50 70.91
N SER OF 118 60.57 -96.53 69.83
CA SER OF 118 60.71 -97.72 69.01
C SER OF 118 61.14 -98.94 69.83
N ALA OF 119 60.85 -100.12 69.28
CA ALA OF 119 61.33 -101.38 69.83
C ALA OF 119 62.85 -101.47 69.67
N THR OF 120 63.45 -102.42 70.38
CA THR OF 120 64.90 -102.55 70.38
C THR OF 120 65.37 -103.38 69.19
N VAL OF 121 66.30 -102.82 68.42
CA VAL OF 121 66.93 -103.48 67.27
C VAL OF 121 68.40 -103.11 67.28
N SER OF 122 69.26 -104.08 66.97
CA SER OF 122 70.69 -103.84 66.92
C SER OF 122 71.01 -102.76 65.92
N GLY OF 123 71.79 -101.76 66.36
CA GLY OF 123 72.19 -100.68 65.48
C GLY OF 123 71.22 -99.52 65.40
N GLN OF 124 70.18 -99.47 66.23
CA GLN OF 124 69.22 -98.38 66.11
C GLN OF 124 69.84 -97.14 66.76
N THR OF 125 69.48 -95.97 66.27
CA THR OF 125 69.99 -94.78 66.93
C THR OF 125 69.20 -94.54 68.21
N ASP OF 126 69.91 -94.06 69.23
CA ASP OF 126 69.31 -93.80 70.54
C ASP OF 126 68.46 -92.56 70.44
N THR OF 127 67.14 -92.75 70.51
CA THR OF 127 66.18 -91.68 70.36
C THR OF 127 65.55 -91.28 71.69
N SER OF 128 66.10 -91.77 72.80
CA SER OF 128 65.49 -91.53 74.10
C SER OF 128 65.38 -90.05 74.42
N GLY OF 129 66.41 -89.28 74.08
CA GLY OF 129 66.42 -87.85 74.38
C GLY OF 129 65.78 -86.99 73.32
N PHE OF 130 65.36 -87.60 72.22
CA PHE OF 130 64.75 -86.81 71.14
C PHE OF 130 63.48 -86.10 71.55
N PRO OF 131 62.54 -86.70 72.29
CA PRO OF 131 61.36 -85.92 72.70
C PRO OF 131 61.72 -84.70 73.54
N ALA OF 132 62.71 -84.83 74.41
CA ALA OF 132 63.19 -83.66 75.16
C ALA OF 132 63.73 -82.59 74.21
N LYS OF 133 64.58 -83.00 73.26
CA LYS OF 133 65.13 -82.01 72.33
C LYS OF 133 64.03 -81.35 71.51
N TRP OF 134 63.01 -82.11 71.11
CA TRP OF 134 61.90 -81.52 70.36
C TRP OF 134 61.16 -80.49 71.22
N ALA OF 135 60.82 -80.89 72.46
CA ALA OF 135 60.12 -79.98 73.36
C ALA OF 135 60.92 -78.71 73.59
N GLY OF 136 62.25 -78.78 73.46
CA GLY OF 136 63.07 -77.59 73.48
C GLY OF 136 63.24 -76.89 72.14
N LEU OF 137 62.54 -77.34 71.10
CA LEU OF 137 62.70 -76.80 69.74
C LEU OF 137 64.15 -76.91 69.26
N MET OF 138 64.68 -78.12 69.33
CA MET OF 138 66.03 -78.42 68.89
C MET OF 138 66.00 -79.66 68.01
N PHE OF 139 66.58 -79.58 66.83
CA PHE OF 139 66.63 -80.77 65.98
C PHE OF 139 67.54 -81.81 66.61
N PRO OF 140 67.11 -83.09 66.67
CA PRO OF 140 67.90 -84.20 67.20
C PRO OF 140 69.19 -84.40 66.43
N ALA PF 1 56.84 -11.02 113.81
CA ALA PF 1 56.30 -12.37 114.00
C ALA PF 1 57.31 -13.30 114.65
N ALA PF 2 56.81 -14.25 115.43
CA ALA PF 2 57.68 -15.22 116.08
C ALA PF 2 58.33 -16.13 115.04
N PRO PF 3 59.60 -16.50 115.25
CA PRO PF 3 60.28 -17.33 114.24
C PRO PF 3 59.82 -18.77 114.24
N SER PF 4 59.30 -19.26 115.37
CA SER PF 4 58.89 -20.65 115.47
C SER PF 4 57.89 -20.78 116.62
N LEU PF 5 57.12 -21.86 116.57
CA LEU PF 5 56.02 -22.09 117.50
C LEU PF 5 55.98 -23.56 117.88
N ALA PF 6 55.64 -23.83 119.13
CA ALA PF 6 55.36 -25.18 119.60
C ALA PF 6 53.94 -25.14 120.17
N LEU PF 7 52.96 -25.47 119.35
CA LEU PF 7 51.56 -25.38 119.75
C LEU PF 7 51.11 -26.73 120.28
N VAL PF 8 50.12 -26.72 121.16
CA VAL PF 8 49.59 -27.96 121.71
C VAL PF 8 48.41 -28.43 120.87
N GLY PF 9 48.46 -29.69 120.43
CA GLY PF 9 47.38 -30.36 119.73
C GLY PF 9 47.16 -31.73 120.34
N ALA PF 10 46.61 -32.63 119.53
CA ALA PF 10 46.26 -33.98 120.00
C ALA PF 10 46.74 -35.03 119.02
N ASN PF 11 47.21 -36.15 119.56
CA ASN PF 11 47.61 -37.30 118.75
C ASN PF 11 46.40 -38.18 118.49
N SER PF 12 46.63 -39.40 118.00
CA SER PF 12 45.53 -40.32 117.73
C SER PF 12 44.83 -40.74 119.01
N THR PF 13 45.53 -40.73 120.15
CA THR PF 13 44.95 -41.01 121.46
C THR PF 13 44.18 -39.83 122.03
N LEU PF 14 44.31 -38.65 121.40
CA LEU PF 14 43.82 -37.36 121.90
C LEU PF 14 44.59 -36.89 123.12
N ALA PF 15 45.78 -37.44 123.36
CA ALA PF 15 46.66 -36.92 124.38
C ALA PF 15 47.35 -35.65 123.88
N SER PF 16 47.62 -34.73 124.80
CA SER PF 16 48.21 -33.44 124.43
C SER PF 16 49.63 -33.66 123.88
N THR PF 17 49.85 -33.23 122.64
CA THR PF 17 51.10 -33.44 121.93
C THR PF 17 51.57 -32.12 121.34
N LEU PF 18 52.88 -31.89 121.34
CA LEU PF 18 53.38 -30.70 120.66
C LEU PF 18 53.33 -30.87 119.15
N VAL PF 19 53.09 -29.75 118.48
CA VAL PF 19 53.17 -29.66 117.02
C VAL PF 19 53.96 -28.40 116.69
N ASN PF 20 55.01 -28.58 115.90
CA ASN PF 20 56.06 -27.58 115.72
C ASN PF 20 55.87 -26.89 114.38
N TYR PF 21 55.75 -25.57 114.42
CA TYR PF 21 55.70 -24.74 113.23
C TYR PF 21 56.92 -23.83 113.20
N SER PF 22 57.33 -23.46 111.99
CA SER PF 22 58.40 -22.49 111.81
C SER PF 22 57.97 -21.50 110.74
N LEU PF 23 58.47 -20.27 110.86
CA LEU PF 23 58.04 -19.18 110.00
C LEU PF 23 58.54 -19.40 108.58
N ARG PF 24 57.60 -19.67 107.66
CA ARG PF 24 57.94 -19.68 106.25
C ARG PF 24 58.18 -18.26 105.74
N SER PF 25 57.18 -17.39 105.86
CA SER PF 25 57.38 -16.06 105.30
C SER PF 25 56.46 -15.04 105.98
N GLN PF 26 56.98 -13.84 106.17
CA GLN PF 26 56.16 -12.70 106.60
C GLN PF 26 56.04 -11.75 105.44
N ASN PF 27 54.82 -11.59 104.96
CA ASN PF 27 54.41 -10.49 104.11
C ASN PF 27 53.84 -9.37 105.00
N GLY PF 28 53.62 -8.20 104.42
CA GLY PF 28 53.12 -7.10 105.22
C GLY PF 28 51.76 -7.37 105.81
N ASN PF 29 51.69 -7.46 107.15
CA ASN PF 29 50.47 -7.84 107.87
C ASN PF 29 49.98 -9.23 107.45
N ASN PF 30 50.92 -10.11 107.13
CA ASN PF 30 50.56 -11.47 106.76
C ASN PF 30 51.69 -12.40 107.15
N VAL PF 31 51.35 -13.56 107.71
CA VAL PF 31 52.34 -14.49 108.22
C VAL PF 31 51.97 -15.90 107.82
N ASP PF 32 52.96 -16.67 107.33
CA ASP PF 32 52.79 -18.05 106.93
C ASP PF 32 53.80 -18.92 107.67
N TYR PF 33 53.28 -19.88 108.44
CA TYR PF 33 54.04 -20.88 109.17
C TYR PF 33 53.82 -22.26 108.56
N VAL PF 34 54.84 -23.12 108.70
CA VAL PF 34 54.80 -24.49 108.18
C VAL PF 34 55.18 -25.45 109.28
N CYS PF 35 54.54 -26.61 109.30
CA CYS PF 35 54.82 -27.62 110.31
C CYS PF 35 56.13 -28.33 110.00
N THR PF 36 57.00 -28.44 111.00
CA THR PF 36 58.33 -29.02 110.84
C THR PF 36 58.41 -30.45 111.38
N ASP PF 37 57.29 -31.05 111.72
CA ASP PF 37 57.27 -32.42 112.19
C ASP PF 37 57.37 -33.37 111.00
N PRO PF 38 57.63 -34.65 111.26
CA PRO PF 38 57.49 -35.65 110.18
C PRO PF 38 56.06 -35.81 109.69
N ASP PF 39 55.06 -35.35 110.45
CA ASP PF 39 53.67 -35.44 110.03
C ASP PF 39 53.42 -34.69 108.72
N SER PF 40 53.98 -33.50 108.60
CA SER PF 40 53.83 -32.71 107.39
C SER PF 40 55.03 -32.91 106.48
N THR PF 41 54.73 -33.01 105.20
CA THR PF 41 55.71 -32.98 104.12
C THR PF 41 55.27 -31.91 103.14
N LEU PF 42 56.13 -31.59 102.18
CA LEU PF 42 55.73 -30.63 101.16
C LEU PF 42 54.50 -31.11 100.41
N SER PF 43 54.38 -32.43 100.21
CA SER PF 43 53.25 -32.96 99.46
C SER PF 43 51.94 -32.84 100.25
N ALA PF 44 52.00 -33.05 101.57
CA ALA PF 44 50.82 -32.96 102.44
C ALA PF 44 51.19 -32.19 103.69
N PRO PF 45 51.20 -30.86 103.63
CA PRO PF 45 51.76 -30.06 104.72
C PRO PF 45 50.74 -29.69 105.78
N GLY PF 46 51.27 -29.25 106.91
CA GLY PF 46 50.50 -28.56 107.93
C GLY PF 46 50.90 -27.09 107.90
N LEU PF 47 49.89 -26.22 107.90
CA LEU PF 47 50.13 -24.82 107.58
C LEU PF 47 49.35 -23.90 108.50
N ILE PF 48 49.88 -22.70 108.71
CA ILE PF 48 49.18 -21.65 109.45
C ILE PF 48 49.33 -20.35 108.67
N ASN PF 49 48.25 -19.57 108.63
CA ASN PF 49 48.22 -18.28 107.96
C ASN PF 49 47.50 -17.27 108.86
N ALA PF 50 48.05 -16.06 108.95
CA ALA PF 50 47.46 -15.00 109.77
C ALA PF 50 47.54 -13.66 109.05
N LYS PF 51 46.41 -12.98 108.94
CA LYS PF 51 46.26 -11.76 108.16
C LYS PF 51 45.58 -10.68 108.98
N PHE PF 52 45.86 -9.43 108.63
CA PHE PF 52 45.30 -8.25 109.30
C PHE PF 52 44.66 -7.34 108.27
N ASP PF 53 43.33 -7.25 108.30
CA ASP PF 53 42.58 -6.27 107.53
C ASP PF 53 42.39 -5.04 108.41
N ILE PF 54 43.30 -4.08 108.26
CA ILE PF 54 43.30 -2.86 109.06
C ILE PF 54 42.85 -1.72 108.17
N LYS PF 55 41.74 -1.09 108.54
CA LYS PF 55 41.19 0.00 107.76
C LYS PF 55 42.01 1.27 107.98
N ALA PF 56 41.84 2.22 107.07
CA ALA PF 56 42.53 3.50 107.17
C ALA PF 56 42.23 4.15 108.51
N PRO PF 57 43.19 4.88 109.09
CA PRO PF 57 42.96 5.45 110.43
C PRO PF 57 41.82 6.46 110.50
N GLY PF 58 41.57 7.20 109.42
CA GLY PF 58 40.42 8.10 109.43
C GLY PF 58 39.09 7.38 109.41
N ILE PF 59 39.00 6.29 108.64
CA ILE PF 59 37.74 5.56 108.44
C ILE PF 59 37.39 4.78 109.70
N THR PF 60 36.11 4.82 110.08
CA THR PF 60 35.58 3.92 111.11
C THR PF 60 35.00 2.68 110.44
N GLY PF 61 35.33 1.53 111.00
CA GLY PF 61 34.78 0.26 110.57
C GLY PF 61 35.12 -0.76 111.61
N ASN PF 62 35.28 -2.01 111.16
CA ASN PF 62 35.83 -3.06 112.00
C ASN PF 62 37.20 -3.44 111.47
N ASP PF 63 38.18 -3.52 112.36
CA ASP PF 63 39.44 -4.17 112.02
C ASP PF 63 39.24 -5.68 112.10
N ARG PF 64 39.98 -6.42 111.26
CA ARG PF 64 39.75 -7.86 111.16
C ARG PF 64 41.05 -8.65 111.24
N ILE PF 65 40.97 -9.81 111.87
CA ILE PF 65 42.05 -10.78 111.95
C ILE PF 65 41.56 -12.07 111.28
N HIS PF 66 42.36 -12.61 110.37
CA HIS PF 66 42.03 -13.86 109.69
C HIS PF 66 43.11 -14.89 109.99
N ALA PF 67 42.73 -15.98 110.63
CA ALA PF 67 43.66 -17.06 110.94
C ALA PF 67 43.17 -18.36 110.32
N ASN PF 68 44.12 -19.19 109.90
CA ASN PF 68 43.80 -20.44 109.23
C ASN PF 68 44.83 -21.48 109.61
N LEU PF 69 44.38 -22.60 110.18
CA LEU PF 69 45.22 -23.72 110.54
C LEU PF 69 44.77 -24.94 109.75
N ARG PF 70 45.66 -25.45 108.90
CA ARG PF 70 45.35 -26.47 107.92
C ARG PF 70 46.22 -27.70 108.11
N LYS PF 71 45.66 -28.86 107.77
CA LYS PF 71 46.43 -30.08 107.60
C LYS PF 71 45.94 -30.76 106.33
N VAL PF 72 46.85 -30.99 105.39
CA VAL PF 72 46.55 -31.68 104.14
C VAL PF 72 46.79 -33.17 104.35
N VAL PF 73 45.93 -33.99 103.76
CA VAL PF 73 46.07 -35.43 103.83
C VAL PF 73 45.89 -36.01 102.43
N LEU PF 74 46.62 -37.08 102.14
CA LEU PF 74 46.57 -37.75 100.85
C LEU PF 74 45.72 -39.00 100.94
N ASP PF 75 44.92 -39.23 99.91
CA ASP PF 75 44.15 -40.47 99.83
C ASP PF 75 45.08 -41.65 99.63
N GLU PF 76 44.84 -42.73 100.38
CA GLU PF 76 45.66 -43.92 100.22
C GLU PF 76 45.60 -44.44 98.80
N LYS PF 77 44.40 -44.51 98.22
CA LYS PF 77 44.27 -45.12 96.91
C LYS PF 77 44.67 -44.16 95.78
N THR PF 78 44.24 -42.90 95.82
CA THR PF 78 44.46 -41.99 94.69
C THR PF 78 45.56 -40.96 94.91
N ASN PF 79 46.11 -40.85 96.13
CA ASN PF 79 47.07 -39.81 96.49
C ASN PF 79 46.57 -38.41 96.21
N LEU PF 80 45.27 -38.25 95.97
CA LEU PF 80 44.68 -36.93 95.81
C LEU PF 80 44.59 -36.23 97.17
N PRO PF 81 44.92 -34.97 97.23
CA PRO PF 81 44.95 -34.28 98.53
C PRO PF 81 43.61 -33.68 98.87
N SER PF 82 43.13 -33.93 100.08
CA SER PF 82 42.05 -33.13 100.64
C SER PF 82 42.52 -32.58 101.98
N THR PF 83 42.01 -31.42 102.34
CA THR PF 83 42.56 -30.68 103.46
C THR PF 83 41.49 -30.44 104.52
N GLY PF 84 41.91 -30.43 105.77
CA GLY PF 84 41.04 -30.12 106.89
C GLY PF 84 41.56 -28.89 107.61
N SER PF 85 40.63 -28.02 108.03
CA SER PF 85 41.09 -26.70 108.47
C SER PF 85 40.18 -26.11 109.54
N VAL PF 86 40.79 -25.30 110.40
CA VAL PF 86 40.06 -24.42 111.32
C VAL PF 86 40.43 -22.99 110.97
N THR PF 87 39.43 -22.19 110.62
CA THR PF 87 39.61 -20.78 110.30
C THR PF 87 38.89 -19.91 111.33
N ILE PF 88 39.47 -18.76 111.60
CA ILE PF 88 39.02 -17.86 112.66
C ILE PF 88 39.02 -16.45 112.12
N GLN PF 89 37.94 -15.71 112.37
CA GLN PF 89 37.87 -14.33 111.96
C GLN PF 89 37.49 -13.51 113.19
N VAL PF 90 38.34 -12.57 113.56
CA VAL PF 90 38.10 -11.69 114.70
C VAL PF 90 37.76 -10.31 114.14
N SER PF 91 36.58 -9.80 114.46
CA SER PF 91 36.13 -8.48 114.02
C SER PF 91 36.03 -7.58 115.24
N ILE PF 92 36.94 -6.60 115.31
CA ILE PF 92 37.10 -5.69 116.44
C ILE PF 92 36.61 -4.32 116.01
N PRO PF 93 35.60 -3.76 116.66
CA PRO PF 93 35.14 -2.42 116.29
C PRO PF 93 36.05 -1.30 116.78
N ARG PF 94 36.05 -0.21 116.01
CA ARG PF 94 36.89 0.96 116.28
C ARG PF 94 36.24 1.98 117.21
N ASN PF 95 35.27 1.57 118.00
CA ASN PF 95 34.61 2.45 118.97
C ASN PF 95 35.28 2.29 120.34
N PRO PF 96 35.67 3.38 121.00
CA PRO PF 96 36.30 3.25 122.33
C PRO PF 96 35.45 2.50 123.33
N ALA PF 97 34.16 2.31 123.06
CA ALA PF 97 33.32 1.50 123.92
C ALA PF 97 33.66 0.01 123.87
N TRP PF 98 34.57 -0.38 122.97
CA TRP PF 98 35.11 -1.72 122.90
C TRP PF 98 36.58 -1.67 123.29
N ASN PF 99 37.08 -2.77 123.88
CA ASN PF 99 38.48 -2.76 124.26
C ASN PF 99 39.08 -4.16 124.15
N ALA PF 100 40.39 -4.22 124.38
CA ALA PF 100 41.13 -5.46 124.21
C ALA PF 100 40.66 -6.51 125.20
N SER PF 101 40.21 -6.10 126.38
CA SER PF 101 39.69 -7.08 127.33
C SER PF 101 38.49 -7.82 126.74
N MET PF 102 37.66 -7.11 125.98
CA MET PF 102 36.51 -7.74 125.35
C MET PF 102 36.94 -8.64 124.19
N THR PF 103 37.91 -8.18 123.39
CA THR PF 103 38.46 -9.05 122.36
C THR PF 103 38.96 -10.36 122.96
N VAL PF 104 39.77 -10.26 124.01
CA VAL PF 104 40.33 -11.44 124.65
C VAL PF 104 39.23 -12.29 125.26
N SER PF 105 38.19 -11.66 125.82
CA SER PF 105 37.10 -12.43 126.40
C SER PF 105 36.41 -13.28 125.34
N LEU PF 106 36.14 -12.71 124.17
CA LEU PF 106 35.56 -13.52 123.10
C LEU PF 106 36.49 -14.64 122.68
N LEU PF 107 37.80 -14.37 122.58
CA LEU PF 107 38.73 -15.43 122.21
C LEU PF 107 38.70 -16.57 123.24
N LYS PF 108 38.74 -16.22 124.52
CA LYS PF 108 38.73 -17.23 125.57
C LYS PF 108 37.44 -18.05 125.57
N GLN PF 109 36.31 -17.39 125.35
CA GLN PF 109 35.04 -18.11 125.34
C GLN PF 109 34.96 -19.06 124.15
N ALA PF 110 35.42 -18.61 122.98
CA ALA PF 110 35.45 -19.50 121.83
C ALA PF 110 36.35 -20.70 122.08
N ALA PF 111 37.51 -20.46 122.72
CA ALA PF 111 38.40 -21.55 123.06
C ALA PF 111 37.72 -22.55 123.99
N ASP PF 112 37.07 -22.05 125.04
CA ASP PF 112 36.36 -22.93 125.96
C ASP PF 112 35.29 -23.74 125.23
N TYR PF 113 34.50 -23.10 124.37
CA TYR PF 113 33.32 -23.76 123.84
C TYR PF 113 33.62 -24.69 122.66
N LEU PF 114 34.67 -24.43 121.89
CA LEU PF 114 34.97 -25.30 120.76
C LEU PF 114 36.19 -26.18 120.95
N ALA PF 115 37.12 -25.82 121.82
CA ALA PF 115 38.27 -26.66 122.10
C ALA PF 115 38.30 -27.20 123.52
N GLY PF 116 37.52 -26.62 124.43
CA GLY PF 116 37.49 -27.09 125.80
C GLY PF 116 38.82 -26.90 126.51
N THR PF 117 39.37 -25.69 126.46
CA THR PF 117 40.69 -25.43 127.03
C THR PF 117 40.71 -24.23 127.99
N SER PF 118 39.56 -23.72 128.40
CA SER PF 118 39.53 -22.61 129.35
C SER PF 118 40.31 -22.91 130.64
N ALA PF 119 40.68 -21.83 131.33
CA ALA PF 119 41.27 -21.94 132.65
C ALA PF 119 40.24 -22.39 133.68
N THR PF 120 40.71 -22.99 134.76
CA THR PF 120 39.80 -23.51 135.78
C THR PF 120 39.15 -22.35 136.54
N VAL PF 121 37.83 -22.34 136.56
CA VAL PF 121 37.01 -21.33 137.24
C VAL PF 121 35.79 -22.03 137.78
N SER PF 122 35.49 -21.80 139.06
CA SER PF 122 34.42 -22.57 139.69
C SER PF 122 33.08 -22.24 139.06
N GLY PF 123 32.30 -23.28 138.78
CA GLY PF 123 31.02 -23.12 138.12
C GLY PF 123 31.05 -23.21 136.61
N GLN PF 124 32.22 -23.35 136.01
CA GLN PF 124 32.32 -23.51 134.57
C GLN PF 124 31.74 -24.87 134.15
N THR PF 125 31.11 -24.88 132.98
CA THR PF 125 30.69 -26.16 132.44
C THR PF 125 31.91 -26.95 131.98
N ASP PF 126 31.80 -28.27 132.12
CA ASP PF 126 32.90 -29.17 131.74
C ASP PF 126 32.92 -29.29 130.23
N THR PF 127 33.79 -28.53 129.60
CA THR PF 127 33.89 -28.44 128.15
C THR PF 127 34.91 -29.41 127.58
N SER PF 128 35.44 -30.31 128.40
CA SER PF 128 36.53 -31.18 127.96
C SER PF 128 36.12 -32.07 126.79
N GLY PF 129 34.87 -32.54 126.78
CA GLY PF 129 34.43 -33.42 125.72
C GLY PF 129 33.85 -32.73 124.52
N PHE PF 130 33.73 -31.41 124.60
CA PHE PF 130 33.13 -30.66 123.50
C PHE PF 130 33.90 -30.80 122.20
N PRO PF 131 35.25 -30.73 122.16
CA PRO PF 131 35.92 -30.94 120.86
C PRO PF 131 35.63 -32.29 120.25
N ALA PF 132 35.55 -33.34 121.06
CA ALA PF 132 35.13 -34.64 120.55
C ALA PF 132 33.74 -34.56 119.93
N LYS PF 133 32.79 -33.97 120.67
CA LYS PF 133 31.43 -33.88 120.13
C LYS PF 133 31.38 -33.08 118.83
N TRP PF 134 32.14 -31.98 118.77
CA TRP PF 134 32.17 -31.19 117.53
C TRP PF 134 32.72 -32.01 116.38
N ALA PF 135 33.84 -32.70 116.61
CA ALA PF 135 34.43 -33.55 115.57
C ALA PF 135 33.49 -34.67 115.16
N GLY PF 136 32.49 -34.98 115.97
CA GLY PF 136 31.43 -35.87 115.55
C GLY PF 136 30.22 -35.22 114.93
N LEU PF 137 30.26 -33.91 114.67
CA LEU PF 137 29.09 -33.13 114.23
C LEU PF 137 27.90 -33.30 115.17
N MET PF 138 28.16 -33.08 116.46
CA MET PF 138 27.16 -33.15 117.52
C MET PF 138 27.24 -31.89 118.35
N PHE PF 139 26.10 -31.25 118.60
CA PHE PF 139 26.12 -30.09 119.47
C PHE PF 139 26.40 -30.53 120.90
N PRO PF 140 27.29 -29.83 121.62
CA PRO PF 140 27.58 -30.14 123.03
C PRO PF 140 26.33 -30.06 123.88
N ALA QF 1 64.67 -3.85 109.91
CA ALA QF 1 64.16 -2.67 110.61
C ALA QF 1 64.18 -2.88 112.12
N ALA QF 2 64.28 -1.79 112.87
CA ALA QF 2 64.31 -1.87 114.33
C ALA QF 2 62.99 -2.42 114.84
N PRO QF 3 63.02 -3.39 115.75
CA PRO QF 3 61.75 -3.97 116.24
C PRO QF 3 60.94 -3.03 117.11
N SER QF 4 61.57 -2.01 117.69
CA SER QF 4 60.84 -1.07 118.54
C SER QF 4 61.61 0.23 118.59
N LEU QF 5 60.89 1.30 118.94
CA LEU QF 5 61.43 2.66 118.92
C LEU QF 5 60.91 3.42 120.13
N ALA QF 6 61.77 4.27 120.69
CA ALA QF 6 61.39 5.19 121.75
C ALA QF 6 61.75 6.59 121.27
N LEU QF 7 60.78 7.27 120.66
CA LEU QF 7 61.03 8.57 120.05
C LEU QF 7 60.65 9.68 121.02
N VAL QF 8 61.24 10.85 120.83
CA VAL QF 8 60.95 11.99 121.69
C VAL QF 8 59.86 12.84 121.06
N GLY QF 9 58.81 13.14 121.82
CA GLY QF 9 57.78 14.06 121.42
C GLY QF 9 57.49 15.02 122.55
N ALA QF 10 56.30 15.61 122.57
CA ALA QF 10 55.95 16.60 123.57
C ALA QF 10 54.64 16.24 124.26
N ASN QF 11 54.60 16.43 125.57
CA ASN QF 11 53.38 16.22 126.35
C ASN QF 11 52.47 17.43 126.18
N SER QF 12 51.40 17.49 126.99
CA SER QF 12 50.49 18.62 126.91
C SER QF 12 51.18 19.94 127.26
N THR QF 13 52.30 19.90 127.98
CA THR QF 13 53.04 21.09 128.37
C THR QF 13 54.20 21.37 127.44
N LEU QF 14 54.39 20.55 126.40
CA LEU QF 14 55.49 20.65 125.45
C LEU QF 14 56.83 20.23 126.05
N ALA QF 15 56.81 19.52 127.17
CA ALA QF 15 58.02 18.93 127.71
C ALA QF 15 58.38 17.67 126.94
N SER QF 16 59.68 17.42 126.78
CA SER QF 16 60.12 16.25 126.05
C SER QF 16 59.69 14.98 126.77
N THR QF 17 58.97 14.12 126.05
CA THR QF 17 58.39 12.91 126.60
C THR QF 17 58.61 11.76 125.61
N LEU QF 18 58.90 10.58 126.13
CA LEU QF 18 59.03 9.44 125.23
C LEU QF 18 57.67 9.00 124.69
N VAL QF 19 57.71 8.48 123.47
CA VAL QF 19 56.56 7.90 122.79
C VAL QF 19 57.05 6.59 122.18
N ASN QF 20 56.39 5.49 122.54
CA ASN QF 20 56.91 4.15 122.29
C ASN QF 20 56.17 3.52 121.11
N TYR QF 21 56.91 3.11 120.11
CA TYR QF 21 56.37 2.43 118.94
C TYR QF 21 56.97 1.02 118.87
N SER QF 22 56.21 0.10 118.30
CA SER QF 22 56.66 -1.25 118.03
C SER QF 22 56.34 -1.62 116.60
N LEU QF 23 57.21 -2.44 116.02
CA LEU QF 23 57.12 -2.80 114.61
C LEU QF 23 55.99 -3.80 114.40
N ARG QF 24 54.98 -3.38 113.64
CA ARG QF 24 53.84 -4.27 113.38
C ARG QF 24 54.16 -5.27 112.27
N SER QF 25 54.66 -4.80 111.14
CA SER QF 25 55.01 -5.69 110.03
C SER QF 25 55.97 -4.97 109.09
N GLN QF 26 56.46 -5.71 108.09
CA GLN QF 26 57.31 -5.16 107.04
C GLN QF 26 56.91 -5.77 105.72
N ASN QF 27 56.44 -4.93 104.79
CA ASN QF 27 56.03 -5.27 103.44
C ASN QF 27 57.13 -4.86 102.45
N GLY QF 28 56.82 -4.91 101.17
CA GLY QF 28 57.74 -4.48 100.13
C GLY QF 28 58.14 -3.04 100.30
N ASN QF 29 59.40 -2.84 100.66
CA ASN QF 29 60.02 -1.52 100.76
C ASN QF 29 59.24 -0.60 101.68
N ASN QF 30 58.72 -1.13 102.79
CA ASN QF 30 58.01 -0.28 103.73
C ASN QF 30 58.06 -0.91 105.12
N VAL QF 31 57.65 -0.12 106.10
CA VAL QF 31 57.72 -0.46 107.52
C VAL QF 31 56.55 0.20 108.22
N ASP QF 32 55.88 -0.54 109.10
CA ASP QF 32 54.69 -0.09 109.82
C ASP QF 32 54.90 -0.24 111.32
N TYR QF 33 54.87 0.89 112.04
CA TYR QF 33 55.00 0.93 113.49
C TYR QF 33 53.71 1.42 114.12
N VAL QF 34 53.44 0.93 115.33
CA VAL QF 34 52.25 1.26 116.10
C VAL QF 34 52.65 1.73 117.49
N CYS QF 35 51.95 2.72 118.01
CA CYS QF 35 52.26 3.24 119.33
C CYS QF 35 51.73 2.28 120.40
N THR QF 36 52.57 1.96 121.38
CA THR QF 36 52.26 1.01 122.44
C THR QF 36 51.96 1.67 123.77
N ASP QF 37 51.84 2.99 123.80
CA ASP QF 37 51.50 3.69 125.02
C ASP QF 37 50.03 3.45 125.36
N PRO QF 38 49.61 3.80 126.58
CA PRO QF 38 48.18 3.65 126.92
C PRO QF 38 47.27 4.58 126.14
N ASP QF 39 47.75 5.77 125.75
CA ASP QF 39 46.86 6.74 125.09
C ASP QF 39 46.47 6.35 123.67
N SER QF 40 47.19 5.40 123.05
CA SER QF 40 46.82 4.93 121.72
C SER QF 40 46.11 3.59 121.84
N THR QF 41 44.96 3.50 121.17
CA THR QF 41 44.14 2.31 121.10
C THR QF 41 43.71 2.13 119.66
N LEU QF 42 43.08 1.00 119.35
CA LEU QF 42 42.64 0.77 117.97
C LEU QF 42 41.64 1.83 117.54
N SER QF 43 40.87 2.37 118.48
CA SER QF 43 39.90 3.42 118.16
C SER QF 43 40.62 4.70 117.73
N ALA QF 44 41.73 5.03 118.38
CA ALA QF 44 42.49 6.24 118.08
C ALA QF 44 43.98 5.97 118.22
N PRO QF 45 44.59 5.35 117.22
CA PRO QF 45 45.98 4.90 117.34
C PRO QF 45 46.99 5.98 116.97
N GLY QF 46 48.24 5.70 117.32
CA GLY QF 46 49.39 6.42 116.79
C GLY QF 46 50.18 5.50 115.88
N LEU QF 47 50.58 6.03 114.72
CA LEU QF 47 51.13 5.18 113.67
C LEU QF 47 52.32 5.85 113.01
N ILE QF 48 53.27 5.04 112.56
CA ILE QF 48 54.38 5.52 111.74
C ILE QF 48 54.57 4.57 110.56
N ASN QF 49 54.82 5.14 109.38
CA ASN QF 49 54.90 4.36 108.15
C ASN QF 49 56.04 4.90 107.29
N ALA QF 50 56.84 4.00 106.73
CA ALA QF 50 57.97 4.41 105.90
C ALA QF 50 58.05 3.53 104.66
N LYS QF 51 58.41 4.14 103.53
CA LYS QF 51 58.44 3.46 102.25
C LYS QF 51 59.58 3.99 101.39
N PHE QF 52 60.19 3.10 100.60
CA PHE QF 52 61.21 3.50 99.63
C PHE QF 52 60.69 3.29 98.22
N ASP QF 53 60.80 4.33 97.39
CA ASP QF 53 60.65 4.22 95.94
C ASP QF 53 62.06 4.24 95.38
N ILE QF 54 62.56 3.07 94.97
CA ILE QF 54 63.94 2.90 94.58
C ILE QF 54 64.00 2.71 93.08
N LYS QF 55 64.70 3.61 92.40
CA LYS QF 55 64.79 3.52 90.95
C LYS QF 55 65.91 2.56 90.56
N ALA QF 56 65.90 2.16 89.28
CA ALA QF 56 66.81 1.15 88.78
C ALA QF 56 68.26 1.59 88.95
N PRO QF 57 69.20 0.64 88.94
CA PRO QF 57 70.62 1.01 89.06
C PRO QF 57 71.04 1.95 87.94
N GLY QF 58 71.93 2.87 88.27
CA GLY QF 58 72.39 3.89 87.36
C GLY QF 58 72.52 5.19 88.10
N ILE QF 59 72.82 6.25 87.36
CA ILE QF 59 72.94 7.57 87.97
C ILE QF 59 71.86 8.52 87.48
N THR QF 60 70.83 8.01 86.81
CA THR QF 60 69.87 8.86 86.13
C THR QF 60 68.76 9.35 87.06
N GLY QF 61 68.28 8.50 87.96
CA GLY QF 61 67.01 8.73 88.60
C GLY QF 61 67.06 9.60 89.85
N ASN QF 62 65.93 9.56 90.58
CA ASN QF 62 65.75 10.16 91.89
C ASN QF 62 65.08 9.14 92.79
N ASP QF 63 65.80 8.65 93.81
CA ASP QF 63 65.23 7.79 94.82
C ASP QF 63 64.34 8.60 95.75
N ARG QF 64 63.35 7.95 96.37
CA ARG QF 64 62.43 8.67 97.26
C ARG QF 64 62.17 7.88 98.53
N ILE QF 65 62.04 8.61 99.63
CA ILE QF 65 61.66 8.10 100.94
C ILE QF 65 60.36 8.76 101.34
N HIS QF 66 59.39 7.97 101.80
CA HIS QF 66 58.10 8.48 102.26
C HIS QF 66 57.92 8.06 103.72
N ALA QF 67 57.83 9.03 104.61
CA ALA QF 67 57.54 8.77 106.01
C ALA QF 67 56.22 9.45 106.37
N ASN QF 68 55.53 8.87 107.35
CA ASN QF 68 54.23 9.39 107.74
C ASN QF 68 54.01 9.07 109.21
N LEU QF 69 53.86 10.11 110.02
CA LEU QF 69 53.62 9.98 111.46
C LEU QF 69 52.23 10.53 111.76
N ARG QF 70 51.33 9.67 112.21
CA ARG QF 70 49.93 10.02 112.39
C ARG QF 70 49.51 9.76 113.83
N LYS QF 71 48.51 10.54 114.27
CA LYS QF 71 47.80 10.29 115.52
C LYS QF 71 46.33 10.59 115.31
N VAL QF 72 45.47 9.64 115.70
CA VAL QF 72 44.04 9.79 115.57
C VAL QF 72 43.49 10.29 116.90
N VAL QF 73 42.47 11.16 116.83
CA VAL QF 73 41.83 11.69 118.03
C VAL QF 73 40.33 11.60 117.83
N LEU QF 74 39.61 11.43 118.94
CA LEU QF 74 38.16 11.31 118.92
C LEU QF 74 37.51 12.56 119.51
N ASP QF 75 36.43 13.01 118.88
CA ASP QF 75 35.69 14.17 119.37
C ASP QF 75 35.08 13.89 120.74
N GLU QF 76 35.23 14.83 121.67
CA GLU QF 76 34.63 14.66 123.00
C GLU QF 76 33.11 14.57 122.92
N LYS QF 77 32.51 15.14 121.89
CA LYS QF 77 31.05 15.18 121.81
C LYS QF 77 30.50 13.99 121.06
N THR QF 78 31.20 13.53 120.02
CA THR QF 78 30.67 12.53 119.10
C THR QF 78 31.54 11.29 118.91
N ASN QF 79 32.72 11.24 119.54
CA ASN QF 79 33.70 10.16 119.29
C ASN QF 79 34.01 10.01 117.80
N LEU QF 80 33.87 11.09 117.04
CA LEU QF 80 34.23 10.94 115.63
C LEU QF 80 35.73 11.16 115.45
N PRO QF 81 36.36 10.31 114.65
CA PRO QF 81 37.81 10.36 114.50
C PRO QF 81 38.23 11.42 113.49
N SER QF 82 39.24 12.18 113.85
CA SER QF 82 40.01 12.94 112.87
C SER QF 82 41.48 12.74 113.19
N THR QF 83 42.32 12.81 112.16
CA THR QF 83 43.72 12.45 112.29
C THR QF 83 44.61 13.67 112.06
N GLY QF 84 45.67 13.76 112.84
CA GLY QF 84 46.73 14.73 112.61
C GLY QF 84 47.94 13.97 112.10
N SER QF 85 48.70 14.60 111.20
CA SER QF 85 49.79 13.87 110.59
C SER QF 85 50.92 14.80 110.16
N VAL QF 86 52.14 14.27 110.23
CA VAL QF 86 53.31 14.87 109.63
C VAL QF 86 53.88 13.88 108.63
N THR QF 87 53.84 14.24 107.35
CA THR QF 87 54.37 13.40 106.29
C THR QF 87 55.65 14.04 105.74
N ILE QF 88 56.58 13.19 105.33
CA ILE QF 88 57.89 13.60 104.86
C ILE QF 88 58.20 12.87 103.57
N GLN QF 89 58.76 13.59 102.61
CA GLN QF 89 59.23 12.99 101.37
C GLN QF 89 60.63 13.48 101.08
N VAL QF 90 61.58 12.54 101.03
CA VAL QF 90 62.97 12.82 100.71
C VAL QF 90 63.21 12.34 99.29
N SER QF 91 63.80 13.20 98.47
CA SER QF 91 64.16 12.87 97.10
C SER QF 91 65.66 13.06 96.94
N ILE QF 92 66.34 11.95 96.67
CA ILE QF 92 67.80 11.83 96.61
C ILE QF 92 68.18 11.56 95.16
N PRO QF 93 68.84 12.49 94.48
CA PRO QF 93 69.31 12.22 93.12
C PRO QF 93 70.48 11.25 93.10
N ARG QF 94 70.62 10.57 91.97
CA ARG QF 94 71.67 9.58 91.77
C ARG QF 94 72.88 10.12 91.01
N ASN QF 95 72.75 11.30 90.39
CA ASN QF 95 73.90 12.00 89.83
C ASN QF 95 75.02 12.09 90.87
N PRO QF 96 76.21 11.57 90.56
CA PRO QF 96 77.29 11.52 91.57
C PRO QF 96 77.68 12.86 92.12
N ALA QF 97 77.12 13.94 91.58
CA ALA QF 97 77.30 15.27 92.13
C ALA QF 97 76.50 15.50 93.41
N TRP QF 98 75.80 14.48 93.90
CA TRP QF 98 75.05 14.52 95.15
C TRP QF 98 75.71 13.60 96.17
N ASN QF 99 75.49 13.89 97.45
CA ASN QF 99 76.09 13.12 98.53
C ASN QF 99 75.06 12.72 99.58
N ALA QF 100 75.32 11.58 100.22
CA ALA QF 100 74.63 11.28 101.46
C ALA QF 100 74.79 12.41 102.45
N SER QF 101 75.94 13.12 102.42
CA SER QF 101 76.13 14.27 103.30
C SER QF 101 75.11 15.35 102.99
N MET QF 102 74.80 15.54 101.71
CA MET QF 102 73.82 16.55 101.33
C MET QF 102 72.41 16.14 101.76
N THR QF 103 72.09 14.85 101.60
CA THR QF 103 70.82 14.33 102.14
C THR QF 103 70.70 14.61 103.64
N VAL QF 104 71.73 14.24 104.40
CA VAL QF 104 71.70 14.43 105.84
C VAL QF 104 71.60 15.91 106.18
N SER QF 105 72.27 16.77 105.41
CA SER QF 105 72.22 18.20 105.68
C SER QF 105 70.81 18.74 105.50
N LEU QF 106 70.12 18.32 104.44
CA LEU QF 106 68.73 18.73 104.28
C LEU QF 106 67.86 18.22 105.42
N LEU QF 107 68.08 16.97 105.85
CA LEU QF 107 67.29 16.44 106.96
C LEU QF 107 67.50 17.27 108.23
N LYS QF 108 68.76 17.58 108.55
CA LYS QF 108 69.06 18.36 109.74
C LYS QF 108 68.48 19.75 109.66
N GLN QF 109 68.53 20.38 108.48
CA GLN QF 109 67.99 21.72 108.34
C GLN QF 109 66.47 21.72 108.49
N ALA QF 110 65.79 20.74 107.89
CA ALA QF 110 64.35 20.64 108.07
C ALA QF 110 64.00 20.43 109.53
N ALA QF 111 64.79 19.60 110.23
CA ALA QF 111 64.55 19.37 111.65
C ALA QF 111 64.69 20.66 112.44
N ASP QF 112 65.77 21.41 112.20
CA ASP QF 112 65.96 22.69 112.87
C ASP QF 112 64.82 23.66 112.58
N TYR QF 113 64.37 23.71 111.32
CA TYR QF 113 63.45 24.78 110.93
C TYR QF 113 61.99 24.48 111.27
N LEU QF 114 61.60 23.20 111.31
CA LEU QF 114 60.22 22.88 111.63
C LEU QF 114 60.02 22.26 113.00
N ALA QF 115 61.06 21.67 113.60
CA ALA QF 115 60.97 21.12 114.94
C ALA QF 115 61.86 21.82 115.95
N GLY QF 116 62.85 22.60 115.51
CA GLY QF 116 63.74 23.29 116.41
C GLY QF 116 64.55 22.34 117.28
N THR QF 117 65.20 21.36 116.67
CA THR QF 117 65.93 20.31 117.39
C THR QF 117 67.38 20.19 116.99
N SER QF 118 67.90 21.06 116.14
CA SER QF 118 69.28 20.95 115.67
C SER QF 118 70.29 20.98 116.82
N ALA QF 119 71.50 20.52 116.52
CA ALA QF 119 72.62 20.60 117.44
C ALA QF 119 73.07 22.05 117.61
N THR QF 120 73.96 22.27 118.56
CA THR QF 120 74.39 23.62 118.91
C THR QF 120 75.61 24.04 118.09
N VAL QF 121 75.50 25.18 117.41
CA VAL QF 121 76.58 25.78 116.63
C VAL QF 121 76.57 27.27 116.95
N SER QF 122 77.71 27.92 116.73
CA SER QF 122 77.93 29.28 117.22
C SER QF 122 76.80 30.22 116.81
N GLY QF 123 76.69 30.50 115.51
CA GLY QF 123 75.81 31.57 115.10
C GLY QF 123 74.40 31.15 114.77
N GLN QF 124 73.94 30.04 115.33
CA GLN QF 124 72.69 29.46 114.84
C GLN QF 124 71.53 30.34 115.31
N THR QF 125 70.46 30.37 114.53
CA THR QF 125 69.30 31.10 115.00
C THR QF 125 68.51 30.23 115.96
N ASP QF 126 67.86 30.89 116.92
CA ASP QF 126 67.09 30.22 117.95
C ASP QF 126 65.80 29.71 117.35
N THR QF 127 65.69 28.39 117.23
CA THR QF 127 64.55 27.75 116.59
C THR QF 127 63.67 27.00 117.58
N SER QF 128 63.90 27.20 118.88
CA SER QF 128 63.15 26.46 119.88
C SER QF 128 61.65 26.75 119.80
N GLY QF 129 61.28 27.99 119.50
CA GLY QF 129 59.88 28.36 119.44
C GLY QF 129 59.22 28.13 118.11
N PHE QF 130 60.00 27.74 117.11
CA PHE QF 130 59.44 27.53 115.79
C PHE QF 130 58.35 26.47 115.73
N PRO QF 131 58.47 25.31 116.37
CA PRO QF 131 57.35 24.35 116.33
C PRO QF 131 56.07 24.93 116.89
N ALA QF 132 56.15 25.71 117.97
CA ALA QF 132 54.97 26.39 118.50
C ALA QF 132 54.38 27.34 117.47
N LYS QF 133 55.23 28.15 116.83
CA LYS QF 133 54.72 29.10 115.84
C LYS QF 133 54.08 28.36 114.66
N TRP QF 134 54.66 27.25 114.23
CA TRP QF 134 54.06 26.48 113.15
C TRP QF 134 52.69 25.94 113.57
N ALA QF 135 52.63 25.32 114.76
CA ALA QF 135 51.37 24.77 115.25
C ALA QF 135 50.31 25.84 115.42
N GLY QF 136 50.71 27.10 115.53
CA GLY QF 136 49.77 28.20 115.48
C GLY QF 136 49.46 28.71 114.09
N LEU QF 137 49.98 28.05 113.05
CA LEU QF 137 49.85 28.49 111.66
C LEU QF 137 50.37 29.92 111.48
N MET QF 138 51.60 30.15 111.93
CA MET QF 138 52.30 31.39 111.64
C MET QF 138 53.75 31.10 111.34
N PHE QF 139 54.32 31.90 110.45
CA PHE QF 139 55.69 31.70 110.02
C PHE QF 139 56.66 32.09 111.12
N PRO QF 140 57.76 31.35 111.28
CA PRO QF 140 58.86 31.74 112.16
C PRO QF 140 59.45 33.08 111.73
N ALA RF 1 61.69 -13.50 107.81
CA ALA RF 1 63.08 -13.76 107.44
C ALA RF 1 64.04 -13.03 108.36
N ALA RF 2 65.33 -13.39 108.28
CA ALA RF 2 66.34 -12.76 109.11
C ALA RF 2 66.47 -11.29 108.75
N PRO RF 3 66.53 -10.40 109.74
CA PRO RF 3 66.60 -8.97 109.44
C PRO RF 3 67.94 -8.52 108.90
N SER RF 4 68.99 -9.30 109.11
CA SER RF 4 70.31 -8.92 108.64
C SER RF 4 71.17 -10.17 108.52
N LEU RF 5 72.18 -10.08 107.64
CA LEU RF 5 73.04 -11.21 107.29
C LEU RF 5 74.48 -10.74 107.19
N ALA RF 6 75.39 -11.59 107.64
CA ALA RF 6 76.83 -11.37 107.47
C ALA RF 6 77.36 -12.57 106.68
N LEU RF 7 77.35 -12.46 105.36
CA LEU RF 7 77.78 -13.55 104.51
C LEU RF 7 79.28 -13.45 104.25
N VAL RF 8 79.90 -14.57 103.90
CA VAL RF 8 81.33 -14.59 103.60
C VAL RF 8 81.53 -14.53 102.10
N GLY RF 9 82.31 -13.54 101.65
CA GLY RF 9 82.75 -13.42 100.28
C GLY RF 9 84.25 -13.24 100.24
N ALA RF 10 84.73 -12.60 99.18
CA ALA RF 10 86.15 -12.43 98.94
C ALA RF 10 86.45 -10.98 98.58
N ASN RF 11 87.53 -10.45 99.13
CA ASN RF 11 88.00 -9.12 98.77
C ASN RF 11 88.85 -9.21 97.50
N SER RF 12 89.56 -8.14 97.18
CA SER RF 12 90.40 -8.14 95.99
C SER RF 12 91.53 -9.16 96.08
N THR RF 13 91.95 -9.51 97.29
CA THR RF 13 92.99 -10.52 97.53
C THR RF 13 92.44 -11.94 97.46
N LEU RF 14 91.12 -12.10 97.35
CA LEU RF 14 90.39 -13.36 97.52
C LEU RF 14 90.41 -13.86 98.96
N ALA RF 15 90.82 -13.03 99.92
CA ALA RF 15 90.73 -13.41 101.32
C ALA RF 15 89.28 -13.36 101.79
N SER RF 16 88.94 -14.26 102.69
CA SER RF 16 87.57 -14.36 103.19
C SER RF 16 87.20 -13.09 103.96
N THR RF 17 86.18 -12.38 103.47
CA THR RF 17 85.77 -11.10 104.02
C THR RF 17 84.26 -11.10 104.24
N LEU RF 18 83.79 -10.46 105.30
CA LEU RF 18 82.36 -10.34 105.50
C LEU RF 18 81.75 -9.32 104.56
N VAL RF 19 80.56 -9.66 104.05
CA VAL RF 19 79.71 -8.76 103.29
C VAL RF 19 78.34 -8.74 103.95
N ASN RF 20 77.87 -7.54 104.28
CA ASN RF 20 76.76 -7.34 105.20
C ASN RF 20 75.53 -6.90 104.45
N TYR RF 21 74.41 -7.57 104.69
CA TYR RF 21 73.13 -7.26 104.08
C TYR RF 21 72.10 -6.99 105.17
N SER RF 22 71.16 -6.09 104.88
CA SER RF 22 70.00 -5.89 105.73
C SER RF 22 68.73 -6.12 104.92
N LEU RF 23 67.69 -6.57 105.63
CA LEU RF 23 66.41 -6.91 105.01
C LEU RF 23 65.67 -5.63 104.66
N ARG RF 24 65.64 -5.31 103.37
CA ARG RF 24 64.92 -4.13 102.91
C ARG RF 24 63.45 -4.41 102.63
N SER RF 25 63.11 -5.52 101.98
CA SER RF 25 61.68 -5.79 101.77
C SER RF 25 61.40 -7.28 101.83
N GLN RF 26 60.13 -7.58 102.10
CA GLN RF 26 59.64 -8.95 102.05
C GLN RF 26 58.16 -8.87 101.68
N ASN RF 27 57.79 -9.54 100.58
CA ASN RF 27 56.47 -9.42 100.01
C ASN RF 27 56.17 -10.64 99.17
N GLY RF 28 55.03 -11.28 99.43
CA GLY RF 28 54.52 -12.33 98.56
C GLY RF 28 55.51 -13.44 98.33
N ASN RF 29 55.90 -14.12 99.41
CA ASN RF 29 56.94 -15.15 99.35
C ASN RF 29 58.15 -14.67 98.58
N ASN RF 30 58.55 -13.45 98.84
CA ASN RF 30 59.70 -12.87 98.16
C ASN RF 30 60.47 -12.06 99.21
N VAL RF 31 61.80 -12.13 99.16
CA VAL RF 31 62.65 -11.52 100.18
C VAL RF 31 63.81 -10.80 99.49
N ASP RF 32 64.01 -9.52 99.83
CA ASP RF 32 65.00 -8.67 99.18
C ASP RF 32 65.90 -8.00 100.22
N TYR RF 33 67.20 -8.26 100.13
CA TYR RF 33 68.23 -7.69 100.98
C TYR RF 33 69.08 -6.71 100.19
N VAL RF 34 69.63 -5.71 100.90
CA VAL RF 34 70.56 -4.76 100.31
C VAL RF 34 71.86 -4.75 101.11
N CYS RF 35 72.97 -4.53 100.42
CA CYS RF 35 74.28 -4.54 101.05
C CYS RF 35 74.53 -3.22 101.77
N THR RF 36 74.96 -3.31 103.04
CA THR RF 36 75.15 -2.16 103.90
C THR RF 36 76.57 -1.63 103.89
N ASP RF 37 77.47 -2.28 103.15
CA ASP RF 37 78.88 -1.93 103.15
C ASP RF 37 79.10 -0.67 102.32
N PRO RF 38 80.30 -0.07 102.40
CA PRO RF 38 80.58 1.10 101.57
C PRO RF 38 80.65 0.80 100.09
N ASP RF 39 80.98 -0.42 99.69
CA ASP RF 39 81.11 -0.74 98.27
C ASP RF 39 79.78 -0.76 97.54
N SER RF 40 78.65 -0.83 98.25
CA SER RF 40 77.34 -0.72 97.63
C SER RF 40 76.84 0.69 97.84
N THR RF 41 76.64 1.41 96.75
CA THR RF 41 76.08 2.75 96.75
C THR RF 41 74.65 2.67 96.21
N LEU RF 42 73.95 3.81 96.27
CA LEU RF 42 72.62 3.88 95.67
C LEU RF 42 72.70 3.63 94.18
N SER RF 43 73.73 4.17 93.53
CA SER RF 43 73.79 4.08 92.08
C SER RF 43 74.23 2.69 91.63
N ALA RF 44 75.10 2.06 92.42
CA ALA RF 44 75.66 0.74 92.11
C ALA RF 44 75.60 -0.13 93.37
N PRO RF 45 74.46 -0.74 93.64
CA PRO RF 45 74.27 -1.45 94.90
C PRO RF 45 74.65 -2.92 94.82
N GLY RF 46 74.69 -3.55 95.99
CA GLY RF 46 74.73 -5.00 96.10
C GLY RF 46 73.40 -5.48 96.64
N LEU RF 47 72.86 -6.53 96.01
CA LEU RF 47 71.47 -6.90 96.25
C LEU RF 47 71.32 -8.41 96.33
N ILE RF 48 70.32 -8.85 97.09
CA ILE RF 48 69.95 -10.26 97.15
C ILE RF 48 68.44 -10.38 97.02
N ASN RF 49 68.01 -11.41 96.30
CA ASN RF 49 66.61 -11.70 96.03
C ASN RF 49 66.35 -13.18 96.25
N ALA RF 50 65.17 -13.53 96.79
CA ALA RF 50 64.82 -14.93 96.99
C ALA RF 50 63.31 -15.12 96.93
N LYS RF 51 62.86 -16.01 96.04
CA LYS RF 51 61.45 -16.27 95.75
C LYS RF 51 61.11 -17.75 95.98
N PHE RF 52 59.84 -18.00 96.31
CA PHE RF 52 59.29 -19.34 96.45
C PHE RF 52 58.12 -19.51 95.50
N ASP RF 53 58.27 -20.42 94.53
CA ASP RF 53 57.13 -20.92 93.76
C ASP RF 53 56.65 -22.17 94.46
N ILE RF 54 55.61 -22.03 95.27
CA ILE RF 54 55.05 -23.15 96.04
C ILE RF 54 53.82 -23.66 95.31
N LYS RF 55 53.89 -24.90 94.85
CA LYS RF 55 52.77 -25.51 94.15
C LYS RF 55 51.68 -25.89 95.15
N ALA RF 56 50.45 -26.01 94.64
CA ALA RF 56 49.31 -26.48 95.39
C ALA RF 56 49.60 -27.83 96.03
N PRO RF 57 48.96 -28.18 97.14
CA PRO RF 57 49.24 -29.48 97.76
C PRO RF 57 48.99 -30.61 96.77
N GLY RF 58 49.78 -31.66 96.92
CA GLY RF 58 49.71 -32.76 95.99
C GLY RF 58 51.02 -33.51 95.96
N ILE RF 59 50.96 -34.70 95.37
CA ILE RF 59 52.14 -35.54 95.25
C ILE RF 59 52.87 -35.32 93.93
N THR RF 60 52.30 -34.53 93.02
CA THR RF 60 52.86 -34.28 91.71
C THR RF 60 53.37 -32.85 91.63
N GLY RF 61 54.38 -32.66 90.79
CA GLY RF 61 54.95 -31.35 90.54
C GLY RF 61 56.26 -31.12 91.28
N ASN RF 62 56.87 -29.98 90.98
CA ASN RF 62 58.08 -29.52 91.64
C ASN RF 62 57.81 -28.18 92.30
N ASP RF 63 58.29 -28.03 93.54
CA ASP RF 63 58.41 -26.74 94.19
C ASP RF 63 59.71 -26.07 93.74
N ARG RF 64 59.74 -24.73 93.73
CA ARG RF 64 60.93 -24.07 93.23
C ARG RF 64 61.37 -22.92 94.13
N ILE RF 65 62.69 -22.79 94.27
CA ILE RF 65 63.35 -21.71 95.00
C ILE RF 65 64.18 -20.93 94.00
N HIS RF 66 64.06 -19.61 94.01
CA HIS RF 66 64.88 -18.74 93.17
C HIS RF 66 65.69 -17.81 94.05
N ALA RF 67 66.95 -17.60 93.70
CA ALA RF 67 67.81 -16.73 94.47
C ALA RF 67 68.76 -16.00 93.54
N ASN RF 68 69.01 -14.73 93.83
CA ASN RF 68 69.87 -13.91 92.99
C ASN RF 68 70.76 -13.06 93.87
N LEU RF 69 72.07 -13.13 93.64
CA LEU RF 69 73.04 -12.30 94.34
C LEU RF 69 73.74 -11.43 93.30
N ARG RF 70 73.56 -10.12 93.42
CA ARG RF 70 73.95 -9.14 92.41
C ARG RF 70 74.91 -8.12 92.99
N LYS RF 71 75.85 -7.68 92.16
CA LYS RF 71 76.62 -6.48 92.41
C LYS RF 71 76.63 -5.63 91.14
N VAL RF 72 76.19 -4.39 91.27
CA VAL RF 72 76.17 -3.45 90.15
C VAL RF 72 77.47 -2.68 90.14
N VAL RF 73 77.99 -2.39 88.94
CA VAL RF 73 79.20 -1.61 88.78
C VAL RF 73 78.97 -0.59 87.67
N LEU RF 74 79.51 0.61 87.86
CA LEU RF 74 79.36 1.70 86.92
C LEU RF 74 80.58 1.80 86.02
N ASP RF 75 80.35 2.10 84.74
CA ASP RF 75 81.46 2.33 83.81
C ASP RF 75 82.25 3.57 84.20
N GLU RF 76 83.57 3.48 84.05
CA GLU RF 76 84.42 4.59 84.46
C GLU RF 76 84.10 5.86 83.68
N LYS RF 77 83.89 5.72 82.37
CA LYS RF 77 83.65 6.88 81.52
C LYS RF 77 82.16 7.19 81.42
N THR RF 78 81.36 6.22 80.95
CA THR RF 78 79.97 6.48 80.64
C THR RF 78 79.06 6.46 81.86
N ASN RF 79 79.52 5.93 82.99
CA ASN RF 79 78.72 5.75 84.21
C ASN RF 79 77.47 4.91 83.98
N LEU RF 80 77.41 4.18 82.86
CA LEU RF 80 76.34 3.23 82.63
C LEU RF 80 76.53 2.02 83.53
N PRO RF 81 75.48 1.52 84.13
CA PRO RF 81 75.62 0.38 85.04
C PRO RF 81 75.56 -0.93 84.31
N SER RF 82 76.48 -1.84 84.60
CA SER RF 82 76.30 -3.24 84.26
C SER RF 82 76.44 -4.05 85.53
N THR RF 83 75.75 -5.17 85.59
CA THR RF 83 75.60 -5.92 86.82
C THR RF 83 76.10 -7.35 86.67
N GLY RF 84 76.82 -7.82 87.68
CA GLY RF 84 77.30 -9.19 87.73
C GLY RF 84 76.52 -9.97 88.78
N SER RF 85 76.21 -11.23 88.49
CA SER RF 85 75.23 -11.91 89.32
C SER RF 85 75.43 -13.42 89.33
N VAL RF 86 75.23 -14.01 90.51
CA VAL RF 86 75.12 -15.46 90.66
C VAL RF 86 73.67 -15.76 91.03
N THR RF 87 72.99 -16.54 90.21
CA THR RF 87 71.60 -16.87 90.46
C THR RF 87 71.40 -18.39 90.52
N ILE RF 88 70.53 -18.82 91.43
CA ILE RF 88 70.34 -20.23 91.76
C ILE RF 88 68.86 -20.56 91.64
N GLN RF 89 68.55 -21.69 91.02
CA GLN RF 89 67.22 -22.27 91.01
C GLN RF 89 67.27 -23.67 91.60
N VAL RF 90 66.49 -23.90 92.65
CA VAL RF 90 66.36 -25.21 93.29
C VAL RF 90 64.98 -25.76 92.93
N SER RF 91 64.94 -26.98 92.40
CA SER RF 91 63.70 -27.63 92.01
C SER RF 91 63.57 -28.90 92.82
N ILE RF 92 62.59 -28.93 93.72
CA ILE RF 92 62.36 -29.99 94.70
C ILE RF 92 61.09 -30.74 94.30
N PRO RF 93 61.19 -32.00 93.86
CA PRO RF 93 59.99 -32.76 93.52
C PRO RF 93 59.17 -33.11 94.75
N ARG RF 94 57.93 -33.53 94.50
CA ARG RF 94 57.00 -33.86 95.56
C ARG RF 94 56.73 -35.35 95.71
N ASN RF 95 57.23 -36.18 94.79
CA ASN RF 95 57.18 -37.62 94.99
C ASN RF 95 57.85 -37.98 96.31
N PRO RF 96 57.19 -38.73 97.20
CA PRO RF 96 57.80 -39.04 98.50
C PRO RF 96 59.13 -39.74 98.40
N ALA RF 97 59.51 -40.18 97.21
CA ALA RF 97 60.81 -40.75 96.96
C ALA RF 97 61.91 -39.70 96.90
N TRP RF 98 61.61 -38.43 97.18
CA TRP RF 98 62.59 -37.38 97.33
C TRP RF 98 62.69 -36.97 98.80
N ASN RF 99 63.85 -36.45 99.19
CA ASN RF 99 64.09 -36.04 100.57
C ASN RF 99 64.70 -34.66 100.64
N ALA RF 100 64.38 -33.97 101.74
CA ALA RF 100 65.13 -32.79 102.09
C ALA RF 100 66.63 -33.11 102.15
N SER RF 101 66.99 -34.33 102.55
CA SER RF 101 68.40 -34.71 102.56
C SER RF 101 68.98 -34.65 101.16
N MET RF 102 68.19 -35.05 100.16
CA MET RF 102 68.67 -35.01 98.78
C MET RF 102 68.79 -33.57 98.31
N THR RF 103 67.83 -32.71 98.68
CA THR RF 103 67.95 -31.28 98.38
C THR RF 103 69.24 -30.71 98.96
N VAL RF 104 69.48 -30.97 100.24
CA VAL RF 104 70.66 -30.44 100.90
C VAL RF 104 71.92 -31.01 100.27
N SER RF 105 71.89 -32.28 99.88
CA SER RF 105 73.06 -32.88 99.25
C SER RF 105 73.40 -32.17 97.95
N LEU RF 106 72.39 -31.89 97.12
CA LEU RF 106 72.65 -31.14 95.90
C LEU RF 106 73.18 -29.73 96.20
N LEU RF 107 72.63 -29.07 97.21
CA LEU RF 107 73.13 -27.74 97.56
C LEU RF 107 74.60 -27.80 97.97
N LYS RF 108 74.95 -28.76 98.82
CA LYS RF 108 76.33 -28.87 99.28
C LYS RF 108 77.27 -29.21 98.14
N GLN RF 109 76.84 -30.07 97.21
CA GLN RF 109 77.70 -30.43 96.09
C GLN RF 109 77.90 -29.24 95.16
N ALA RF 110 76.85 -28.47 94.91
CA ALA RF 110 76.99 -27.26 94.11
C ALA RF 110 77.95 -26.27 94.78
N ALA RF 111 77.82 -26.12 96.10
CA ALA RF 111 78.76 -25.26 96.82
C ALA RF 111 80.19 -25.74 96.67
N ASP RF 112 80.41 -27.05 96.77
CA ASP RF 112 81.76 -27.58 96.61
C ASP RF 112 82.28 -27.33 95.20
N TYR RF 113 81.45 -27.56 94.19
CA TYR RF 113 81.95 -27.59 92.82
C TYR RF 113 82.08 -26.20 92.21
N LEU RF 114 81.21 -25.26 92.57
CA LEU RF 114 81.29 -23.93 91.99
C LEU RF 114 81.89 -22.89 92.92
N ALA RF 115 81.87 -23.13 94.24
CA ALA RF 115 82.46 -22.20 95.18
C ALA RF 115 83.64 -22.76 95.95
N GLY RF 116 83.81 -24.08 96.00
CA GLY RF 116 84.91 -24.68 96.72
C GLY RF 116 84.86 -24.44 98.21
N THR RF 117 83.70 -24.73 98.83
CA THR RF 117 83.50 -24.44 100.25
C THR RF 117 83.01 -25.63 101.06
N SER RF 118 82.96 -26.83 100.48
CA SER RF 118 82.50 -28.01 101.20
C SER RF 118 83.27 -28.23 102.51
N ALA RF 119 82.63 -28.96 103.42
CA ALA RF 119 83.28 -29.43 104.64
C ALA RF 119 84.37 -30.44 104.31
N THR RF 120 85.22 -30.70 105.30
CA THR RF 120 86.36 -31.59 105.08
C THR RF 120 85.95 -33.04 105.26
N VAL RF 121 86.26 -33.86 104.25
CA VAL RF 121 86.02 -35.29 104.25
C VAL RF 121 87.22 -35.96 103.58
N SER RF 122 87.65 -37.09 104.13
CA SER RF 122 88.77 -37.83 103.57
C SER RF 122 88.48 -38.23 102.14
N GLY RF 123 89.41 -37.91 101.24
CA GLY RF 123 89.27 -38.27 99.85
C GLY RF 123 88.51 -37.27 99.00
N GLN RF 124 88.21 -36.08 99.52
CA GLN RF 124 87.44 -35.14 98.72
C GLN RF 124 88.40 -34.49 97.73
N THR RF 125 87.88 -34.09 96.56
CA THR RF 125 88.75 -33.39 95.64
C THR RF 125 88.93 -31.94 96.10
N ASP RF 126 90.13 -31.43 95.90
CA ASP RF 126 90.46 -30.07 96.31
C ASP RF 126 89.80 -29.10 95.36
N THR RF 127 88.79 -28.40 95.86
CA THR RF 127 87.99 -27.48 95.07
C THR RF 127 88.33 -26.03 95.36
N SER RF 128 89.42 -25.78 96.11
CA SER RF 128 89.73 -24.43 96.54
C SER RF 128 89.93 -23.48 95.35
N GLY RF 129 90.58 -23.96 94.30
CA GLY RF 129 90.86 -23.12 93.14
C GLY RF 129 89.76 -23.11 92.11
N PHE RF 130 88.72 -23.91 92.31
CA PHE RF 130 87.63 -23.97 91.35
C PHE RF 130 86.92 -22.63 91.16
N PRO RF 131 86.58 -21.86 92.20
CA PRO RF 131 85.95 -20.56 91.92
C PRO RF 131 86.81 -19.65 91.08
N ALA RF 132 88.12 -19.66 91.30
CA ALA RF 132 89.03 -18.89 90.45
C ALA RF 132 88.94 -19.37 89.00
N LYS RF 133 89.01 -20.70 88.79
CA LYS RF 133 88.94 -21.21 87.43
C LYS RF 133 87.61 -20.86 86.77
N TRP RF 134 86.51 -20.91 87.53
CA TRP RF 134 85.21 -20.53 86.97
C TRP RF 134 85.21 -19.06 86.57
N ALA RF 135 85.67 -18.19 87.47
CA ALA RF 135 85.72 -16.76 87.16
C ALA RF 135 86.57 -16.49 85.93
N GLY RF 136 87.53 -17.36 85.65
CA GLY RF 136 88.26 -17.28 84.39
C GLY RF 136 87.62 -17.99 83.22
N LEU RF 137 86.41 -18.53 83.37
CA LEU RF 137 85.74 -19.32 82.33
C LEU RF 137 86.59 -20.51 81.91
N MET RF 138 86.98 -21.31 82.90
CA MET RF 138 87.76 -22.52 82.69
C MET RF 138 87.13 -23.65 83.47
N PHE RF 139 86.89 -24.77 82.81
CA PHE RF 139 86.34 -25.92 83.52
C PHE RF 139 87.38 -26.46 84.50
N PRO RF 140 87.00 -26.73 85.75
CA PRO RF 140 87.88 -27.31 86.77
C PRO RF 140 88.43 -28.66 86.35
N ALA SF 1 -78.00 -101.03 0.81
CA ALA SF 1 -77.01 -101.85 0.13
C ALA SF 1 -77.01 -103.28 0.67
N ALA SF 2 -76.68 -104.24 -0.20
CA ALA SF 2 -76.61 -105.63 0.20
C ALA SF 2 -75.46 -105.84 1.17
N PRO SF 3 -75.63 -106.70 2.18
CA PRO SF 3 -74.56 -106.88 3.17
C PRO SF 3 -73.39 -107.69 2.64
N SER SF 4 -73.63 -108.54 1.63
CA SER SF 4 -72.58 -109.39 1.11
C SER SF 4 -72.96 -109.83 -0.30
N LEU SF 5 -71.95 -110.24 -1.05
CA LEU SF 5 -72.10 -110.57 -2.47
C LEU SF 5 -71.25 -111.79 -2.79
N ALA SF 6 -71.77 -112.63 -3.67
CA ALA SF 6 -71.02 -113.75 -4.25
C ALA SF 6 -71.05 -113.54 -5.76
N LEU SF 7 -70.04 -112.87 -6.29
CA LEU SF 7 -70.01 -112.54 -7.71
C LEU SF 7 -69.24 -113.62 -8.46
N VAL SF 8 -69.56 -113.80 -9.74
CA VAL SF 8 -68.87 -114.79 -10.55
C VAL SF 8 -67.69 -114.13 -11.26
N GLY SF 9 -66.51 -114.73 -11.13
CA GLY SF 9 -65.31 -114.34 -11.83
C GLY SF 9 -64.65 -115.58 -12.42
N ALA SF 10 -63.33 -115.48 -12.62
CA ALA SF 10 -62.56 -116.55 -13.24
C ALA SF 10 -61.29 -116.83 -12.46
N ASN SF 11 -60.93 -118.11 -12.38
CA ASN SF 11 -59.69 -118.55 -11.76
C ASN SF 11 -58.57 -118.52 -12.79
N SER SF 12 -57.43 -119.13 -12.45
CA SER SF 12 -56.31 -119.17 -13.39
C SER SF 12 -56.64 -120.01 -14.63
N THR SF 13 -57.56 -120.97 -14.51
CA THR SF 13 -58.03 -121.76 -15.64
C THR SF 13 -59.07 -121.03 -16.47
N LEU SF 14 -59.56 -119.88 -15.98
CA LEU SF 14 -60.69 -119.13 -16.54
C LEU SF 14 -62.01 -119.87 -16.36
N ALA SF 15 -62.06 -120.84 -15.46
CA ALA SF 15 -63.32 -121.46 -15.08
C ALA SF 15 -64.09 -120.54 -14.14
N SER SF 16 -65.42 -120.59 -14.23
CA SER SF 16 -66.26 -119.71 -13.44
C SER SF 16 -66.12 -120.04 -11.96
N THR SF 17 -65.70 -119.06 -11.16
CA THR SF 17 -65.41 -119.23 -9.75
C THR SF 17 -66.12 -118.13 -8.96
N LEU SF 18 -66.61 -118.46 -7.77
CA LEU SF 18 -67.17 -117.42 -6.93
C LEU SF 18 -66.07 -116.56 -6.31
N VAL SF 19 -66.40 -115.29 -6.13
CA VAL SF 19 -65.56 -114.34 -5.41
C VAL SF 19 -66.45 -113.58 -4.45
N ASN SF 20 -66.09 -113.61 -3.18
CA ASN SF 20 -66.98 -113.20 -2.09
C ASN SF 20 -66.58 -111.82 -1.60
N TYR SF 21 -67.54 -110.90 -1.61
CA TYR SF 21 -67.36 -109.57 -1.07
C TYR SF 21 -68.32 -109.39 0.12
N SER SF 22 -67.92 -108.54 1.05
CA SER SF 22 -68.78 -108.17 2.17
C SER SF 22 -68.72 -106.66 2.33
N LEU SF 23 -69.81 -106.09 2.83
CA LEU SF 23 -69.95 -104.64 2.91
C LEU SF 23 -69.01 -104.08 3.98
N ARG SF 24 -67.99 -103.34 3.54
CA ARG SF 24 -67.17 -102.59 4.47
C ARG SF 24 -67.93 -101.40 5.03
N SER SF 25 -68.39 -100.49 4.15
CA SER SF 25 -69.06 -99.31 4.69
C SER SF 25 -69.99 -98.70 3.65
N GLN SF 26 -71.13 -98.20 4.12
CA GLN SF 26 -72.01 -97.40 3.30
C GLN SF 26 -71.94 -95.95 3.78
N ASN SF 27 -71.44 -95.08 2.92
CA ASN SF 27 -71.60 -93.65 3.03
C ASN SF 27 -72.85 -93.24 2.21
N GLY SF 28 -73.27 -91.99 2.37
CA GLY SF 28 -74.45 -91.55 1.65
C GLY SF 28 -74.28 -91.61 0.14
N ASN SF 29 -75.05 -92.48 -0.51
CA ASN SF 29 -74.93 -92.73 -1.95
C ASN SF 29 -73.53 -93.21 -2.31
N ASN SF 30 -72.91 -93.98 -1.40
CA ASN SF 30 -71.59 -94.53 -1.67
C ASN SF 30 -71.45 -95.83 -0.92
N VAL SF 31 -70.88 -96.84 -1.56
CA VAL SF 31 -70.79 -98.18 -0.99
C VAL SF 31 -69.40 -98.75 -1.25
N ASP SF 32 -68.79 -99.34 -0.21
CA ASP SF 32 -67.48 -99.96 -0.29
C ASP SF 32 -67.57 -101.40 0.20
N TYR SF 33 -67.25 -102.34 -0.68
CA TYR SF 33 -67.17 -103.77 -0.41
C TYR SF 33 -65.72 -104.24 -0.45
N VAL SF 34 -65.44 -105.30 0.32
CA VAL SF 34 -64.11 -105.89 0.42
C VAL SF 34 -64.20 -107.38 0.18
N CYS SF 35 -63.20 -107.95 -0.50
CA CYS SF 35 -63.19 -109.37 -0.77
C CYS SF 35 -62.79 -110.15 0.47
N THR SF 36 -63.58 -111.18 0.80
CA THR SF 36 -63.40 -111.98 2.00
C THR SF 36 -62.73 -113.32 1.72
N ASP SF 37 -62.21 -113.52 0.52
CA ASP SF 37 -61.51 -114.75 0.18
C ASP SF 37 -60.09 -114.69 0.73
N PRO SF 38 -59.38 -115.81 0.73
CA PRO SF 38 -57.94 -115.77 1.02
C PRO SF 38 -57.14 -115.02 -0.05
N ASP SF 39 -57.71 -114.81 -1.24
CA ASP SF 39 -57.01 -114.08 -2.31
C ASP SF 39 -56.67 -112.65 -1.89
N SER SF 40 -57.60 -111.97 -1.22
CA SER SF 40 -57.38 -110.62 -0.76
C SER SF 40 -56.95 -110.63 0.69
N THR SF 41 -55.98 -109.79 1.00
CA THR SF 41 -55.56 -109.46 2.34
C THR SF 41 -55.60 -107.95 2.48
N LEU SF 42 -55.44 -107.46 3.71
CA LEU SF 42 -55.39 -106.01 3.88
C LEU SF 42 -54.25 -105.41 3.08
N SER SF 43 -53.13 -106.13 2.96
CA SER SF 43 -51.98 -105.60 2.23
C SER SF 43 -52.25 -105.52 0.73
N ALA SF 44 -52.95 -106.51 0.18
CA ALA SF 44 -53.27 -106.55 -1.25
C ALA SF 44 -54.72 -106.95 -1.42
N PRO SF 45 -55.65 -106.02 -1.27
CA PRO SF 45 -57.07 -106.36 -1.20
C PRO SF 45 -57.75 -106.40 -2.55
N GLY SF 46 -58.93 -107.01 -2.55
CA GLY SF 46 -59.89 -106.88 -3.63
C GLY SF 46 -61.04 -106.01 -3.14
N LEU SF 47 -61.43 -105.04 -3.97
CA LEU SF 47 -62.29 -103.97 -3.49
C LEU SF 47 -63.35 -103.64 -4.54
N ILE SF 48 -64.49 -103.15 -4.06
CA ILE SF 48 -65.55 -102.63 -4.93
C ILE SF 48 -66.05 -101.32 -4.34
N ASN SF 49 -66.32 -100.35 -5.21
CA ASN SF 49 -66.81 -99.04 -4.85
C ASN SF 49 -67.93 -98.64 -5.81
N ALA SF 50 -69.02 -98.09 -5.26
CA ALA SF 50 -70.16 -97.67 -6.06
C ALA SF 50 -70.69 -96.33 -5.56
N LYS SF 51 -70.84 -95.36 -6.47
CA LYS SF 51 -71.18 -93.99 -6.15
C LYS SF 51 -72.33 -93.52 -7.04
N PHE SF 52 -73.09 -92.54 -6.53
CA PHE SF 52 -74.23 -91.96 -7.23
C PHE SF 52 -74.08 -90.44 -7.27
N ASP SF 53 -73.83 -89.91 -8.46
CA ASP SF 53 -73.85 -88.46 -8.71
C ASP SF 53 -75.26 -88.11 -9.16
N ILE SF 54 -76.10 -87.71 -8.20
CA ILE SF 54 -77.50 -87.39 -8.46
C ILE SF 54 -77.65 -85.87 -8.38
N LYS SF 55 -78.06 -85.26 -9.49
CA LYS SF 55 -78.21 -83.82 -9.53
C LYS SF 55 -79.49 -83.41 -8.80
N ALA SF 56 -79.56 -82.11 -8.46
CA ALA SF 56 -80.72 -81.57 -7.79
C ALA SF 56 -81.98 -81.86 -8.61
N PRO SF 57 -83.12 -82.09 -7.95
CA PRO SF 57 -84.33 -82.46 -8.71
C PRO SF 57 -84.82 -81.38 -9.68
N GLY SF 58 -84.60 -80.10 -9.37
CA GLY SF 58 -84.98 -79.06 -10.31
C GLY SF 58 -84.10 -79.05 -11.54
N ILE SF 59 -82.80 -79.27 -11.37
CA ILE SF 59 -81.82 -79.16 -12.46
C ILE SF 59 -81.96 -80.35 -13.40
N THR SF 60 -81.91 -80.08 -14.71
CA THR SF 60 -81.78 -81.14 -15.70
C THR SF 60 -80.31 -81.36 -16.03
N GLY SF 61 -79.91 -82.61 -16.08
CA GLY SF 61 -78.57 -82.98 -16.48
C GLY SF 61 -78.58 -84.47 -16.72
N ASN SF 62 -77.43 -85.10 -16.48
CA ASN SF 62 -77.33 -86.55 -16.45
C ASN SF 62 -77.06 -86.98 -15.02
N ASP SF 63 -77.82 -87.97 -14.55
CA ASP SF 63 -77.45 -88.68 -13.34
C ASP SF 63 -76.35 -89.69 -13.67
N ARG SF 64 -75.46 -89.94 -12.70
CA ARG SF 64 -74.29 -90.77 -12.98
C ARG SF 64 -74.10 -91.84 -11.92
N ILE SF 65 -73.63 -93.00 -12.36
CA ILE SF 65 -73.25 -94.11 -11.51
C ILE SF 65 -71.77 -94.39 -11.75
N HIS SF 66 -70.99 -94.49 -10.68
CA HIS SF 66 -69.56 -94.79 -10.78
C HIS SF 66 -69.28 -96.08 -10.03
N ALA SF 67 -68.80 -97.09 -10.74
CA ALA SF 67 -68.45 -98.37 -10.14
C ALA SF 67 -66.98 -98.67 -10.40
N ASN SF 68 -66.35 -99.33 -9.44
CA ASN SF 68 -64.93 -99.64 -9.53
C ASN SF 68 -64.68 -100.99 -8.86
N LEU SF 69 -64.11 -101.93 -9.62
CA LEU SF 69 -63.75 -103.24 -9.11
C LEU SF 69 -62.23 -103.40 -9.25
N ARG SF 70 -61.54 -103.55 -8.12
CA ARG SF 70 -60.09 -103.50 -8.05
C ARG SF 70 -59.56 -104.79 -7.46
N LYS SF 71 -58.35 -105.17 -7.89
CA LYS SF 71 -57.54 -106.19 -7.24
C LYS SF 71 -56.11 -105.66 -7.15
N VAL SF 72 -55.58 -105.57 -5.93
CA VAL SF 72 -54.21 -105.14 -5.71
C VAL SF 72 -53.32 -106.37 -5.72
N VAL SF 73 -52.12 -106.24 -6.29
CA VAL SF 73 -51.16 -107.32 -6.30
C VAL SF 73 -49.80 -106.76 -5.88
N LEU SF 74 -49.02 -107.58 -5.19
CA LEU SF 74 -47.70 -107.20 -4.71
C LEU SF 74 -46.62 -107.79 -5.61
N ASP SF 75 -45.59 -107.00 -5.89
CA ASP SF 75 -44.45 -107.51 -6.64
C ASP SF 75 -43.70 -108.54 -5.82
N GLU SF 76 -43.34 -109.65 -6.45
CA GLU SF 76 -42.57 -110.68 -5.74
C GLU SF 76 -41.27 -110.11 -5.19
N LYS SF 77 -40.55 -109.35 -6.02
CA LYS SF 77 -39.23 -108.88 -5.61
C LYS SF 77 -39.32 -107.67 -4.66
N THR SF 78 -40.16 -106.68 -4.96
CA THR SF 78 -40.15 -105.44 -4.19
C THR SF 78 -41.32 -105.29 -3.23
N ASN SF 79 -42.31 -106.18 -3.27
CA ASN SF 79 -43.54 -106.07 -2.49
C ASN SF 79 -44.26 -104.74 -2.70
N LEU SF 80 -43.90 -103.99 -3.74
CA LEU SF 80 -44.60 -102.79 -4.08
C LEU SF 80 -45.95 -103.12 -4.71
N PRO SF 81 -47.00 -102.43 -4.35
CA PRO SF 81 -48.33 -102.78 -4.84
C PRO SF 81 -48.65 -102.08 -6.15
N SER SF 82 -49.12 -102.84 -7.12
CA SER SF 82 -49.78 -102.23 -8.27
C SER SF 82 -51.15 -102.88 -8.41
N THR SF 83 -52.10 -102.12 -8.92
CA THR SF 83 -53.49 -102.52 -8.88
C THR SF 83 -54.07 -102.62 -10.30
N GLY SF 84 -54.97 -103.57 -10.47
CA GLY SF 84 -55.70 -103.73 -11.73
C GLY SF 84 -57.19 -103.53 -11.49
N SER SF 85 -57.85 -102.86 -12.42
CA SER SF 85 -59.20 -102.41 -12.11
C SER SF 85 -60.08 -102.34 -13.35
N VAL SF 86 -61.38 -102.55 -13.12
CA VAL SF 86 -62.42 -102.26 -14.10
C VAL SF 86 -63.34 -101.21 -13.51
N THR SF 87 -63.44 -100.07 -14.19
CA THR SF 87 -64.30 -98.97 -13.76
C THR SF 87 -65.40 -98.75 -14.79
N ILE SF 88 -66.57 -98.36 -14.31
CA ILE SF 88 -67.78 -98.24 -15.11
C ILE SF 88 -68.47 -96.94 -14.75
N GLN SF 89 -68.88 -96.19 -15.77
CA GLN SF 89 -69.62 -94.96 -15.54
C GLN SF 89 -70.91 -95.04 -16.36
N VAL SF 90 -72.04 -94.95 -15.69
CA VAL SF 90 -73.35 -94.97 -16.33
C VAL SF 90 -73.91 -93.56 -16.27
N SER SF 91 -74.18 -92.97 -17.43
CA SER SF 91 -74.75 -91.63 -17.53
C SER SF 91 -76.16 -91.74 -18.08
N ILE SF 92 -77.15 -91.46 -17.23
CA ILE SF 92 -78.56 -91.61 -17.52
C ILE SF 92 -79.17 -90.21 -17.66
N PRO SF 93 -79.73 -89.86 -18.80
CA PRO SF 93 -80.35 -88.54 -18.93
C PRO SF 93 -81.71 -88.43 -18.25
N ARG SF 94 -82.03 -87.20 -17.82
CA ARG SF 94 -83.25 -86.89 -17.09
C ARG SF 94 -84.42 -86.53 -18.00
N ASN SF 95 -84.39 -86.96 -19.26
CA ASN SF 95 -85.47 -86.72 -20.21
C ASN SF 95 -86.39 -87.93 -20.24
N PRO SF 96 -87.72 -87.76 -20.09
CA PRO SF 96 -88.62 -88.91 -20.14
C PRO SF 96 -88.50 -89.74 -21.40
N ALA SF 97 -87.86 -89.20 -22.45
CA ALA SF 97 -87.60 -89.98 -23.66
C ALA SF 97 -86.59 -91.09 -23.43
N TRP SF 98 -85.95 -91.13 -22.27
CA TRP SF 98 -85.07 -92.21 -21.85
C TRP SF 98 -85.73 -92.99 -20.72
N ASN SF 99 -85.43 -94.27 -20.62
CA ASN SF 99 -86.03 -95.04 -19.54
C ASN SF 99 -85.09 -96.15 -19.08
N ALA SF 100 -85.53 -96.82 -18.02
CA ALA SF 100 -84.71 -97.84 -17.39
C ALA SF 100 -84.45 -99.01 -18.33
N SER SF 101 -85.39 -99.30 -19.23
CA SER SF 101 -85.15 -100.37 -20.20
C SER SF 101 -83.93 -100.05 -21.05
N MET SF 102 -83.75 -98.77 -21.40
CA MET SF 102 -82.60 -98.38 -22.20
C MET SF 102 -81.32 -98.42 -21.37
N THR SF 103 -81.39 -97.97 -20.10
CA THR SF 103 -80.23 -98.12 -19.22
C THR SF 103 -79.79 -99.58 -19.15
N VAL SF 104 -80.75 -100.48 -18.90
CA VAL SF 104 -80.43 -101.89 -18.78
C VAL SF 104 -79.91 -102.44 -20.10
N SER SF 105 -80.46 -101.97 -21.22
CA SER SF 105 -80.01 -102.44 -22.52
C SER SF 105 -78.54 -102.10 -22.73
N LEU SF 106 -78.14 -100.88 -22.39
CA LEU SF 106 -76.73 -100.53 -22.50
C LEU SF 106 -75.87 -101.40 -21.58
N LEU SF 107 -76.34 -101.63 -20.35
CA LEU SF 107 -75.57 -102.48 -19.44
C LEU SF 107 -75.38 -103.89 -20.02
N LYS SF 108 -76.46 -104.47 -20.53
CA LYS SF 108 -76.40 -105.82 -21.08
C LYS SF 108 -75.48 -105.88 -22.29
N GLN SF 109 -75.52 -104.87 -23.15
CA GLN SF 109 -74.67 -104.88 -24.34
C GLN SF 109 -73.21 -104.74 -23.96
N ALA SF 110 -72.90 -103.88 -22.99
CA ALA SF 110 -71.53 -103.76 -22.52
C ALA SF 110 -71.05 -105.08 -21.93
N ALA SF 111 -71.92 -105.75 -21.16
CA ALA SF 111 -71.57 -107.05 -20.60
C ALA SF 111 -71.26 -108.05 -21.71
N ASP SF 112 -72.13 -108.14 -22.72
CA ASP SF 112 -71.89 -109.04 -23.83
C ASP SF 112 -70.57 -108.73 -24.53
N TYR SF 113 -70.29 -107.45 -24.79
CA TYR SF 113 -69.17 -107.13 -25.66
C TYR SF 113 -67.83 -107.14 -24.94
N LEU SF 114 -67.78 -106.87 -23.64
CA LEU SF 114 -66.50 -106.87 -22.94
C LEU SF 114 -66.29 -108.05 -22.01
N ALA SF 115 -67.35 -108.70 -21.54
CA ALA SF 115 -67.21 -109.88 -20.70
C ALA SF 115 -67.72 -111.15 -21.36
N GLY SF 116 -68.53 -111.04 -22.41
CA GLY SF 116 -69.06 -112.20 -23.09
C GLY SF 116 -69.97 -113.02 -22.22
N THR SF 117 -70.97 -112.37 -21.60
CA THR SF 117 -71.86 -113.05 -20.66
C THR SF 117 -73.34 -112.84 -20.96
N SER SF 118 -73.69 -112.33 -22.13
CA SER SF 118 -75.09 -112.14 -22.49
C SER SF 118 -75.88 -113.45 -22.40
N ALA SF 119 -77.21 -113.30 -22.29
CA ALA SF 119 -78.13 -114.42 -22.36
C ALA SF 119 -78.18 -114.98 -23.78
N THR SF 120 -78.56 -116.25 -23.89
CA THR SF 120 -78.59 -116.89 -25.20
C THR SF 120 -79.77 -116.35 -26.02
N VAL SF 121 -79.45 -115.85 -27.21
CA VAL SF 121 -80.41 -115.28 -28.15
C VAL SF 121 -79.94 -115.63 -29.55
N SER SF 122 -80.84 -116.18 -30.38
CA SER SF 122 -80.42 -116.69 -31.67
C SER SF 122 -79.91 -115.56 -32.55
N GLY SF 123 -78.77 -115.80 -33.20
CA GLY SF 123 -78.15 -114.80 -34.04
C GLY SF 123 -77.14 -113.92 -33.35
N GLN SF 124 -76.95 -114.08 -32.04
CA GLN SF 124 -75.93 -113.33 -31.32
C GLN SF 124 -74.54 -113.76 -31.77
N THR SF 125 -73.62 -112.80 -31.80
CA THR SF 125 -72.24 -113.18 -32.05
C THR SF 125 -71.67 -113.88 -30.82
N ASP SF 126 -70.77 -114.83 -31.07
CA ASP SF 126 -70.16 -115.62 -30.00
C ASP SF 126 -69.11 -114.75 -29.32
N THR SF 127 -69.49 -114.18 -28.19
CA THR SF 127 -68.65 -113.24 -27.46
C THR SF 127 -67.84 -113.92 -26.37
N SER SF 128 -67.84 -115.26 -26.33
CA SER SF 128 -67.20 -115.98 -25.25
C SER SF 128 -65.71 -115.69 -25.15
N GLY SF 129 -65.05 -115.55 -26.30
CA GLY SF 129 -63.61 -115.31 -26.30
C GLY SF 129 -63.21 -113.86 -26.22
N PHE SF 130 -64.19 -112.97 -26.26
CA PHE SF 130 -63.88 -111.54 -26.23
C PHE SF 130 -63.15 -111.11 -24.97
N PRO SF 131 -63.50 -111.55 -23.75
CA PRO SF 131 -62.71 -111.12 -22.60
C PRO SF 131 -61.25 -111.54 -22.69
N ALA SF 132 -60.99 -112.75 -23.21
CA ALA SF 132 -59.61 -113.15 -23.46
C ALA SF 132 -58.92 -112.20 -24.42
N LYS SF 133 -59.58 -111.89 -25.55
CA LYS SF 133 -58.96 -110.98 -26.51
C LYS SF 133 -58.70 -109.60 -25.90
N TRP SF 134 -59.65 -109.10 -25.11
CA TRP SF 134 -59.46 -107.79 -24.47
C TRP SF 134 -58.26 -107.84 -23.53
N ALA SF 135 -58.19 -108.87 -22.69
CA ALA SF 135 -57.06 -109.02 -21.77
C ALA SF 135 -55.74 -109.17 -22.52
N GLY SF 136 -55.79 -109.51 -23.80
CA GLY SF 136 -54.60 -109.46 -24.62
C GLY SF 136 -54.36 -108.17 -25.37
N LEU SF 137 -55.17 -107.12 -25.11
CA LEU SF 137 -55.16 -105.88 -25.88
C LEU SF 137 -55.33 -106.14 -27.38
N MET SF 138 -56.38 -106.89 -27.72
CA MET SF 138 -56.74 -107.22 -29.09
C MET SF 138 -58.22 -106.92 -29.29
N PHE SF 139 -58.55 -106.22 -30.36
CA PHE SF 139 -59.95 -105.98 -30.63
C PHE SF 139 -60.62 -107.29 -31.06
N PRO SF 140 -61.81 -107.60 -30.54
CA PRO SF 140 -62.55 -108.80 -30.92
C PRO SF 140 -62.84 -108.81 -32.42
N ALA TF 1 -82.73 -96.65 10.11
CA ALA TF 1 -83.90 -96.09 9.44
C ALA TF 1 -84.72 -97.19 8.77
N ALA TF 2 -86.02 -96.94 8.61
CA ALA TF 2 -86.89 -97.94 7.98
C ALA TF 2 -86.49 -98.13 6.53
N PRO TF 3 -86.37 -99.38 6.06
CA PRO TF 3 -85.93 -99.59 4.67
C PRO TF 3 -86.97 -99.20 3.64
N SER TF 4 -88.24 -99.12 4.01
CA SER TF 4 -89.28 -98.73 3.07
C SER TF 4 -90.46 -98.17 3.84
N LEU TF 5 -91.27 -97.38 3.13
CA LEU TF 5 -92.39 -96.66 3.72
C LEU TF 5 -93.58 -96.70 2.79
N ALA TF 6 -94.77 -96.79 3.37
CA ALA TF 6 -96.03 -96.69 2.63
C ALA TF 6 -96.83 -95.57 3.28
N LEU TF 7 -96.69 -94.36 2.74
CA LEU TF 7 -97.31 -93.19 3.34
C LEU TF 7 -98.64 -92.90 2.66
N VAL TF 8 -99.52 -92.21 3.36
CA VAL TF 8 -100.83 -91.86 2.81
C VAL TF 8 -100.77 -90.47 2.20
N GLY TF 9 -101.20 -90.35 0.95
CA GLY TF 9 -101.34 -89.08 0.28
C GLY TF 9 -102.70 -89.03 -0.39
N ALA TF 10 -102.83 -88.19 -1.43
CA ALA TF 10 -104.11 -88.00 -2.10
C ALA TF 10 -103.95 -88.19 -3.61
N ASN TF 11 -104.92 -88.88 -4.22
CA ASN TF 11 -104.95 -89.05 -5.66
C ASN TF 11 -105.50 -87.78 -6.31
N SER TF 12 -105.78 -87.84 -7.61
CA SER TF 12 -106.33 -86.68 -8.30
C SER TF 12 -107.68 -86.25 -7.74
N THR TF 13 -108.39 -87.17 -7.06
CA THR TF 13 -109.70 -86.87 -6.48
C THR TF 13 -109.61 -86.54 -5.00
N LEU TF 14 -108.40 -86.52 -4.44
CA LEU TF 14 -108.14 -86.26 -3.02
C LEU TF 14 -108.55 -87.44 -2.13
N ALA TF 15 -108.75 -88.62 -2.71
CA ALA TF 15 -108.97 -89.81 -1.92
C ALA TF 15 -107.64 -90.32 -1.36
N SER TF 16 -107.71 -90.88 -0.16
CA SER TF 16 -106.49 -91.38 0.48
C SER TF 16 -105.92 -92.53 -0.33
N THR TF 17 -104.64 -92.39 -0.72
CA THR TF 17 -103.97 -93.35 -1.58
C THR TF 17 -102.57 -93.59 -1.05
N LEU TF 18 -102.10 -94.83 -1.11
CA LEU TF 18 -100.73 -95.09 -0.68
C LEU TF 18 -99.73 -94.55 -1.69
N VAL TF 19 -98.58 -94.15 -1.15
CA VAL TF 19 -97.42 -93.69 -1.91
C VAL TF 19 -96.21 -94.37 -1.32
N ASN TF 20 -95.47 -95.10 -2.15
CA ASN TF 20 -94.47 -96.04 -1.69
C ASN TF 20 -93.08 -95.45 -1.88
N TYR TF 21 -92.32 -95.38 -0.79
CA TYR TF 21 -90.95 -94.92 -0.81
C TYR TF 21 -90.04 -96.05 -0.35
N SER TF 22 -88.81 -96.03 -0.86
CA SER TF 22 -87.77 -96.96 -0.45
C SER TF 22 -86.51 -96.19 -0.12
N LEU TF 23 -85.75 -96.71 0.85
CA LEU TF 23 -84.57 -96.04 1.37
C LEU TF 23 -83.43 -96.15 0.38
N ARG TF 24 -82.98 -95.01 -0.16
CA ARG TF 24 -81.90 -95.02 -1.12
C ARG TF 24 -80.54 -95.14 -0.42
N SER TF 25 -80.28 -94.28 0.57
CA SER TF 25 -79.02 -94.33 1.30
C SER TF 25 -79.18 -93.61 2.63
N GLN TF 26 -78.14 -93.68 3.45
CA GLN TF 26 -78.08 -92.97 4.73
C GLN TF 26 -76.68 -92.39 4.91
N ASN TF 27 -76.60 -91.06 4.99
CA ASN TF 27 -75.39 -90.28 5.19
C ASN TF 27 -75.33 -89.81 6.65
N GLY TF 28 -74.39 -88.91 6.95
CA GLY TF 28 -74.28 -88.32 8.26
C GLY TF 28 -75.54 -87.60 8.65
N ASN TF 29 -76.24 -88.17 9.64
CA ASN TF 29 -77.41 -87.56 10.24
C ASN TF 29 -78.48 -87.21 9.21
N ASN TF 30 -78.67 -88.08 8.22
CA ASN TF 30 -79.70 -87.82 7.22
C ASN TF 30 -80.14 -89.14 6.60
N VAL TF 31 -81.24 -89.07 5.85
CA VAL TF 31 -81.92 -90.21 5.27
C VAL TF 31 -82.55 -89.76 3.96
N ASP TF 32 -82.40 -90.58 2.92
CA ASP TF 32 -82.88 -90.27 1.57
C ASP TF 32 -83.79 -91.39 1.08
N TYR TF 33 -85.05 -91.07 0.82
CA TYR TF 33 -86.03 -92.00 0.29
C TYR TF 33 -86.47 -91.58 -1.11
N VAL TF 34 -86.81 -92.57 -1.92
CA VAL TF 34 -87.24 -92.37 -3.31
C VAL TF 34 -88.57 -93.07 -3.52
N CYS TF 35 -89.45 -92.46 -4.31
CA CYS TF 35 -90.75 -93.07 -4.59
C CYS TF 35 -90.59 -94.18 -5.61
N THR TF 36 -91.21 -95.33 -5.32
CA THR TF 36 -91.10 -96.53 -6.14
C THR TF 36 -92.35 -96.81 -6.96
N ASP TF 37 -93.31 -95.87 -6.98
CA ASP TF 37 -94.51 -96.04 -7.75
C ASP TF 37 -94.18 -95.86 -9.24
N PRO TF 38 -95.10 -96.23 -10.13
CA PRO TF 38 -94.85 -96.01 -11.56
C PRO TF 38 -94.80 -94.54 -11.95
N ASP TF 39 -95.54 -93.66 -11.26
CA ASP TF 39 -95.61 -92.26 -11.68
C ASP TF 39 -94.31 -91.49 -11.42
N SER TF 40 -93.41 -92.01 -10.59
CA SER TF 40 -92.13 -91.36 -10.35
C SER TF 40 -91.04 -92.07 -11.15
N THR TF 41 -90.26 -91.29 -11.88
CA THR TF 41 -89.15 -91.74 -12.68
C THR TF 41 -87.98 -90.80 -12.44
N LEU TF 42 -86.80 -91.14 -12.95
CA LEU TF 42 -85.65 -90.26 -12.74
C LEU TF 42 -85.89 -88.89 -13.36
N SER TF 43 -86.69 -88.83 -14.42
CA SER TF 43 -87.00 -87.55 -15.05
C SER TF 43 -87.84 -86.67 -14.12
N ALA TF 44 -88.78 -87.28 -13.38
CA ALA TF 44 -89.66 -86.54 -12.48
C ALA TF 44 -89.93 -87.38 -11.24
N PRO TF 45 -89.00 -87.40 -10.29
CA PRO TF 45 -89.09 -88.31 -9.15
C PRO TF 45 -89.91 -87.72 -7.99
N GLY TF 46 -90.24 -88.60 -7.06
CA GLY TF 46 -90.72 -88.21 -5.74
C GLY TF 46 -89.67 -88.57 -4.70
N LEU TF 47 -89.41 -87.63 -3.80
CA LEU TF 47 -88.26 -87.75 -2.90
C LEU TF 47 -88.64 -87.33 -1.49
N ILE TF 48 -88.00 -87.96 -0.50
CA ILE TF 48 -88.11 -87.53 0.89
C ILE TF 48 -86.72 -87.51 1.49
N ASN TF 49 -86.44 -86.48 2.29
CA ASN TF 49 -85.11 -86.27 2.86
C ASN TF 49 -85.24 -85.80 4.30
N ALA TF 50 -84.44 -86.36 5.20
CA ALA TF 50 -84.49 -85.97 6.60
C ALA TF 50 -83.08 -85.82 7.15
N LYS TF 51 -82.89 -84.83 8.03
CA LYS TF 51 -81.58 -84.51 8.58
C LYS TF 51 -81.72 -84.04 10.02
N PHE TF 52 -80.73 -84.38 10.84
CA PHE TF 52 -80.65 -83.88 12.22
C PHE TF 52 -79.46 -82.94 12.37
N ASP TF 53 -79.73 -81.76 12.92
CA ASP TF 53 -78.69 -80.86 13.42
C ASP TF 53 -78.70 -81.03 14.94
N ILE TF 54 -77.72 -81.75 15.46
CA ILE TF 54 -77.69 -82.15 16.86
C ILE TF 54 -76.60 -81.36 17.57
N LYS TF 55 -77.01 -80.59 18.57
CA LYS TF 55 -76.04 -79.77 19.29
C LYS TF 55 -75.38 -80.59 20.38
N ALA TF 56 -74.27 -80.06 20.91
CA ALA TF 56 -73.45 -80.79 21.86
C ALA TF 56 -74.24 -81.14 23.12
N PRO TF 57 -73.78 -82.13 23.88
CA PRO TF 57 -74.49 -82.49 25.12
C PRO TF 57 -74.56 -81.31 26.08
N GLY TF 58 -75.66 -81.21 26.80
CA GLY TF 58 -75.94 -80.12 27.69
C GLY TF 58 -77.40 -79.76 27.59
N ILE TF 59 -77.78 -78.68 28.27
CA ILE TF 59 -79.16 -78.21 28.22
C ILE TF 59 -79.27 -76.85 27.54
N THR TF 60 -78.20 -76.39 26.89
CA THR TF 60 -78.15 -75.01 26.39
C THR TF 60 -78.81 -74.85 25.04
N GLY TF 61 -78.65 -75.81 24.14
CA GLY TF 61 -78.91 -75.58 22.74
C GLY TF 61 -80.35 -75.79 22.29
N ASN TF 62 -80.49 -75.86 20.97
CA ASN TF 62 -81.73 -76.19 20.26
C ASN TF 62 -81.39 -77.21 19.17
N ASP TF 63 -81.86 -78.45 19.34
CA ASP TF 63 -81.72 -79.47 18.30
C ASP TF 63 -82.70 -79.16 17.15
N ARG TF 64 -82.36 -79.61 15.94
CA ARG TF 64 -83.21 -79.34 14.79
C ARG TF 64 -83.39 -80.57 13.92
N ILE TF 65 -84.59 -80.71 13.37
CA ILE TF 65 -84.95 -81.74 12.41
C ILE TF 65 -85.36 -81.05 11.12
N HIS TF 66 -84.83 -81.52 9.99
CA HIS TF 66 -85.17 -80.98 8.68
C HIS TF 66 -85.74 -82.11 7.84
N ALA TF 67 -87.00 -81.97 7.44
CA ALA TF 67 -87.63 -82.91 6.52
C ALA TF 67 -88.01 -82.19 5.24
N ASN TF 68 -88.04 -82.93 4.15
CA ASN TF 68 -88.33 -82.34 2.85
C ASN TF 68 -88.98 -83.39 1.97
N LEU TF 69 -90.23 -83.14 1.56
CA LEU TF 69 -90.99 -84.04 0.70
C LEU TF 69 -91.22 -83.33 -0.63
N ARG TF 70 -90.65 -83.87 -1.70
CA ARG TF 70 -90.67 -83.22 -3.00
C ARG TF 70 -91.30 -84.13 -4.05
N LYS TF 71 -91.90 -83.50 -5.06
CA LYS TF 71 -92.33 -84.19 -6.27
C LYS TF 71 -92.04 -83.30 -7.48
N VAL TF 72 -91.37 -83.85 -8.47
CA VAL TF 72 -91.04 -83.14 -9.70
C VAL TF 72 -92.11 -83.42 -10.74
N VAL TF 73 -92.43 -82.42 -11.54
CA VAL TF 73 -93.43 -82.56 -12.61
C VAL TF 73 -92.85 -81.93 -13.86
N LEU TF 74 -93.25 -82.46 -15.02
CA LEU TF 74 -92.79 -81.99 -16.31
C LEU TF 74 -93.91 -81.27 -17.05
N ASP TF 75 -93.57 -80.15 -17.68
CA ASP TF 75 -94.53 -79.38 -18.47
C ASP TF 75 -95.04 -80.21 -19.65
N GLU TF 76 -96.37 -80.21 -19.86
CA GLU TF 76 -96.93 -80.94 -20.99
C GLU TF 76 -96.44 -80.39 -22.32
N LYS TF 77 -96.04 -79.11 -22.36
CA LYS TF 77 -95.65 -78.50 -23.61
C LYS TF 77 -94.15 -78.62 -23.87
N THR TF 78 -93.35 -78.54 -22.81
CA THR TF 78 -91.90 -78.45 -22.96
C THR TF 78 -91.10 -79.51 -22.20
N ASN TF 79 -91.75 -80.37 -21.43
CA ASN TF 79 -91.06 -81.32 -20.54
C ASN TF 79 -90.08 -80.60 -19.60
N LEU TF 80 -90.35 -79.34 -19.31
CA LEU TF 80 -89.43 -78.69 -18.37
C LEU TF 80 -89.85 -78.99 -16.93
N PRO TF 81 -88.88 -79.30 -16.09
CA PRO TF 81 -89.20 -79.73 -14.72
C PRO TF 81 -89.43 -78.53 -13.81
N SER TF 82 -90.47 -78.62 -13.00
CA SER TF 82 -90.59 -77.78 -11.82
C SER TF 82 -91.02 -78.67 -10.66
N THR TF 83 -90.62 -78.29 -9.45
CA THR TF 83 -90.81 -79.15 -8.29
C THR TF 83 -91.77 -78.50 -7.30
N GLY TF 84 -92.61 -79.34 -6.70
CA GLY TF 84 -93.43 -78.93 -5.57
C GLY TF 84 -92.86 -79.59 -4.33
N SER TF 85 -92.95 -78.88 -3.20
CA SER TF 85 -92.29 -79.40 -2.01
C SER TF 85 -92.98 -78.92 -0.73
N VAL TF 86 -92.95 -79.79 0.27
CA VAL TF 86 -93.31 -79.45 1.64
C VAL TF 86 -92.08 -79.71 2.50
N THR TF 87 -91.53 -78.64 3.08
CA THR TF 87 -90.38 -78.75 3.95
C THR TF 87 -90.82 -78.45 5.39
N ILE TF 88 -90.16 -79.12 6.33
CA ILE TF 88 -90.50 -79.05 7.75
C ILE TF 88 -89.23 -78.85 8.54
N GLN TF 89 -89.27 -77.95 9.52
CA GLN TF 89 -88.17 -77.77 10.45
C GLN TF 89 -88.69 -77.78 11.87
N VAL TF 90 -88.22 -78.74 12.65
CA VAL TF 90 -88.57 -78.89 14.05
C VAL TF 90 -87.38 -78.40 14.87
N SER TF 91 -87.64 -77.53 15.84
CA SER TF 91 -86.61 -77.02 16.73
C SER TF 91 -87.02 -77.36 18.16
N ILE TF 92 -86.22 -78.21 18.80
CA ILE TF 92 -86.46 -78.80 20.11
C ILE TF 92 -85.44 -78.21 21.08
N PRO TF 93 -85.85 -77.39 22.05
CA PRO TF 93 -84.90 -76.91 23.05
C PRO TF 93 -84.48 -78.00 24.02
N ARG TF 94 -83.30 -77.81 24.60
CA ARG TF 94 -82.72 -78.76 25.54
C ARG TF 94 -82.94 -78.36 27.01
N ASN TF 95 -83.37 -77.13 27.26
CA ASN TF 95 -83.81 -76.73 28.60
C ASN TF 95 -84.81 -77.74 29.14
N PRO TF 96 -84.55 -78.35 30.30
CA PRO TF 96 -85.43 -79.42 30.80
C PRO TF 96 -86.86 -79.00 31.00
N ALA TF 97 -87.16 -77.72 30.85
CA ALA TF 97 -88.52 -77.22 30.86
C ALA TF 97 -89.29 -77.57 29.60
N TRP TF 98 -88.68 -78.31 28.67
CA TRP TF 98 -89.33 -78.78 27.45
C TRP TF 98 -89.47 -80.30 27.51
N ASN TF 99 -90.44 -80.83 26.75
CA ASN TF 99 -90.73 -82.25 26.74
C ASN TF 99 -90.85 -82.79 25.33
N ALA TF 100 -90.48 -84.07 25.19
CA ALA TF 100 -90.88 -84.80 24.00
C ALA TF 100 -92.39 -84.71 23.78
N SER TF 101 -93.16 -84.64 24.87
CA SER TF 101 -94.61 -84.48 24.73
C SER TF 101 -94.94 -83.16 24.06
N MET TF 102 -94.19 -82.11 24.37
CA MET TF 102 -94.43 -80.81 23.74
C MET TF 102 -94.05 -80.83 22.28
N THR TF 103 -92.92 -81.50 21.94
CA THR TF 103 -92.58 -81.71 20.54
C THR TF 103 -93.70 -82.41 19.79
N VAL TF 104 -94.17 -83.53 20.33
CA VAL TF 104 -95.23 -84.29 19.68
C VAL TF 104 -96.50 -83.46 19.55
N SER TF 105 -96.79 -82.65 20.57
CA SER TF 105 -98.00 -81.82 20.52
C SER TF 105 -97.91 -80.81 19.38
N LEU TF 106 -96.76 -80.17 19.21
CA LEU TF 106 -96.61 -79.27 18.07
C LEU TF 106 -96.75 -80.01 16.75
N LEU TF 107 -96.16 -81.20 16.65
CA LEU TF 107 -96.29 -81.96 15.41
C LEU TF 107 -97.75 -82.27 15.10
N LYS TF 108 -98.49 -82.74 16.10
CA LYS TF 108 -99.90 -83.08 15.89
C LYS TF 108 -100.72 -81.86 15.52
N GLN TF 109 -100.44 -80.71 16.15
CA GLN TF 109 -101.18 -79.50 15.84
C GLN TF 109 -100.90 -79.04 14.42
N ALA TF 110 -99.63 -79.05 14.01
CA ALA TF 110 -99.30 -78.69 12.63
C ALA TF 110 -99.99 -79.63 11.65
N ALA TF 111 -100.03 -80.93 11.98
CA ALA TF 111 -100.71 -81.89 11.11
C ALA TF 111 -102.19 -81.55 10.98
N ASP TF 112 -102.86 -81.30 12.12
CA ASP TF 112 -104.26 -80.92 12.09
C ASP TF 112 -104.48 -79.65 11.29
N TYR TF 113 -103.61 -78.65 11.44
CA TYR TF 113 -103.91 -77.34 10.88
C TYR TF 113 -103.54 -77.21 9.41
N LEU TF 114 -102.53 -77.96 8.94
CA LEU TF 114 -102.15 -77.85 7.54
C LEU TF 114 -102.53 -79.07 6.70
N ALA TF 115 -102.74 -80.23 7.31
CA ALA TF 115 -103.18 -81.41 6.59
C ALA TF 115 -104.56 -81.90 6.98
N GLY TF 116 -105.08 -81.47 8.13
CA GLY TF 116 -106.39 -81.91 8.58
C GLY TF 116 -106.46 -83.39 8.83
N THR TF 117 -105.51 -83.93 9.62
CA THR TF 117 -105.41 -85.36 9.84
C THR TF 117 -105.43 -85.75 11.31
N SER TF 118 -105.65 -84.82 12.22
CA SER TF 118 -105.62 -85.11 13.65
C SER TF 118 -106.63 -86.19 14.05
N ALA TF 119 -106.41 -86.78 15.22
CA ALA TF 119 -107.34 -87.73 15.81
C ALA TF 119 -108.62 -87.02 16.25
N THR TF 120 -109.62 -87.80 16.64
CA THR TF 120 -110.92 -87.25 16.97
C THR TF 120 -111.01 -86.92 18.46
N VAL TF 121 -111.38 -85.68 18.75
CA VAL TF 121 -111.59 -85.19 20.11
C VAL TF 121 -112.88 -84.37 20.08
N SER TF 122 -113.50 -84.21 21.26
CA SER TF 122 -114.85 -83.68 21.35
C SER TF 122 -115.00 -82.35 20.61
N GLY TF 123 -114.35 -81.31 21.10
CA GLY TF 123 -114.65 -79.99 20.59
C GLY TF 123 -113.76 -79.54 19.45
N GLN TF 124 -113.19 -80.47 18.69
CA GLN TF 124 -112.15 -80.08 17.75
C GLN TF 124 -112.79 -79.35 16.59
N THR TF 125 -112.05 -78.43 15.98
CA THR TF 125 -112.58 -77.80 14.79
C THR TF 125 -112.36 -78.69 13.58
N ASP TF 126 -113.29 -78.59 12.64
CA ASP TF 126 -113.27 -79.42 11.44
C ASP TF 126 -112.19 -78.89 10.51
N THR TF 127 -111.12 -79.67 10.37
CA THR TF 127 -109.96 -79.28 9.58
C THR TF 127 -109.83 -80.08 8.30
N SER TF 128 -110.86 -80.84 7.93
CA SER TF 128 -110.76 -81.70 6.75
C SER TF 128 -110.55 -80.89 5.48
N GLY TF 129 -111.16 -79.71 5.39
CA GLY TF 129 -111.04 -78.89 4.20
C GLY TF 129 -109.85 -77.97 4.18
N PHE TF 130 -109.13 -77.90 5.29
CA PHE TF 130 -107.99 -76.99 5.37
C PHE TF 130 -106.91 -77.28 4.33
N PRO TF 131 -106.50 -78.53 4.07
CA PRO TF 131 -105.49 -78.71 3.01
C PRO TF 131 -105.95 -78.19 1.66
N ALA TF 132 -107.23 -78.37 1.32
CA ALA TF 132 -107.76 -77.80 0.09
C ALA TF 132 -107.64 -76.28 0.10
N LYS TF 133 -108.04 -75.65 1.21
CA LYS TF 133 -107.97 -74.19 1.27
C LYS TF 133 -106.53 -73.70 1.16
N TRP TF 134 -105.59 -74.41 1.79
CA TRP TF 134 -104.19 -74.03 1.67
C TRP TF 134 -103.72 -74.14 0.22
N ALA TF 135 -104.00 -75.30 -0.42
CA ALA TF 135 -103.60 -75.50 -1.80
C ALA TF 135 -104.21 -74.47 -2.74
N GLY TF 136 -105.30 -73.84 -2.33
CA GLY TF 136 -105.83 -72.70 -3.06
C GLY TF 136 -105.24 -71.36 -2.66
N LEU TF 137 -104.23 -71.36 -1.80
CA LEU TF 137 -103.63 -70.14 -1.25
C LEU TF 137 -104.69 -69.26 -0.59
N MET TF 138 -105.46 -69.84 0.31
CA MET TF 138 -106.35 -69.07 1.17
C MET TF 138 -106.32 -69.63 2.58
N PHE TF 139 -106.47 -68.74 3.54
CA PHE TF 139 -106.39 -69.13 4.94
C PHE TF 139 -107.63 -69.92 5.35
N PRO TF 140 -107.49 -70.93 6.21
CA PRO TF 140 -108.60 -71.64 6.82
C PRO TF 140 -109.45 -70.69 7.65
N ALA UF 1 -73.61 -100.78 7.61
CA ALA UF 1 -73.53 -101.24 8.99
C ALA UF 1 -74.90 -101.69 9.50
N ALA UF 2 -74.90 -102.37 10.64
CA ALA UF 2 -76.15 -102.84 11.23
C ALA UF 2 -77.03 -101.66 11.63
N PRO UF 3 -78.33 -101.70 11.31
CA PRO UF 3 -79.19 -100.56 11.62
C PRO UF 3 -79.52 -100.42 13.09
N SER UF 4 -79.35 -101.48 13.88
CA SER UF 4 -79.66 -101.43 15.30
C SER UF 4 -78.89 -102.53 16.01
N LEU UF 5 -78.64 -102.30 17.30
CA LEU UF 5 -77.82 -103.17 18.14
C LEU UF 5 -78.45 -103.32 19.50
N ALA UF 6 -78.37 -104.53 20.05
CA ALA UF 6 -78.78 -104.82 21.42
C ALA UF 6 -77.54 -105.34 22.15
N LEU UF 7 -76.77 -104.43 22.74
CA LEU UF 7 -75.54 -104.79 23.41
C LEU UF 7 -75.84 -105.13 24.88
N VAL UF 8 -74.96 -105.90 25.50
CA VAL UF 8 -75.11 -106.28 26.90
C VAL UF 8 -74.25 -105.37 27.76
N GLY UF 9 -74.87 -104.70 28.72
CA GLY UF 9 -74.21 -103.92 29.75
C GLY UF 9 -74.69 -104.36 31.11
N ALA UF 10 -74.60 -103.43 32.07
CA ALA UF 10 -74.94 -103.70 33.46
C ALA UF 10 -75.83 -102.60 34.00
N ASN UF 11 -76.85 -102.99 34.76
CA ASN UF 11 -77.70 -102.03 35.45
C ASN UF 11 -77.04 -101.62 36.76
N SER UF 12 -77.80 -100.96 37.63
CA SER UF 12 -77.26 -100.52 38.91
C SER UF 12 -76.85 -101.70 39.79
N THR UF 13 -77.48 -102.87 39.60
CA THR UF 13 -77.16 -104.08 40.34
C THR UF 13 -75.95 -104.80 39.76
N LEU UF 14 -75.43 -104.34 38.62
CA LEU UF 14 -74.43 -105.03 37.80
C LEU UF 14 -74.98 -106.28 37.13
N ALA UF 15 -76.30 -106.47 37.13
CA ALA UF 15 -76.90 -107.58 36.40
C ALA UF 15 -76.87 -107.30 34.89
N SER UF 16 -76.69 -108.36 34.11
CA SER UF 16 -76.60 -108.20 32.66
C SER UF 16 -77.91 -107.69 32.09
N THR UF 17 -77.86 -106.53 31.46
CA THR UF 17 -79.04 -105.83 30.95
C THR UF 17 -78.79 -105.40 29.51
N LEU UF 18 -79.83 -105.46 28.68
CA LEU UF 18 -79.67 -104.97 27.31
C LEU UF 18 -79.66 -103.45 27.27
N VAL UF 19 -78.80 -102.91 26.41
CA VAL UF 19 -78.75 -101.50 26.07
C VAL UF 19 -78.83 -101.39 24.55
N ASN UF 20 -79.79 -100.60 24.09
CA ASN UF 20 -80.25 -100.62 22.70
C ASN UF 20 -79.77 -99.38 21.97
N TYR UF 21 -79.16 -99.58 20.82
CA TYR UF 21 -78.67 -98.49 19.98
C TYR UF 21 -79.30 -98.60 18.60
N SER UF 22 -79.53 -97.46 17.96
CA SER UF 22 -79.94 -97.42 16.55
C SER UF 22 -78.93 -96.59 15.77
N LEU UF 23 -78.78 -96.95 14.50
CA LEU UF 23 -77.82 -96.31 13.61
C LEU UF 23 -78.34 -94.94 13.21
N ARG UF 24 -77.75 -93.90 13.78
CA ARG UF 24 -78.14 -92.54 13.45
C ARG UF 24 -77.37 -92.00 12.23
N SER UF 25 -76.06 -92.22 12.13
CA SER UF 25 -75.38 -91.73 10.93
C SER UF 25 -74.27 -92.67 10.53
N GLN UF 26 -73.89 -92.57 9.26
CA GLN UF 26 -72.74 -93.28 8.72
C GLN UF 26 -72.18 -92.44 7.59
N ASN UF 27 -70.90 -92.07 7.69
CA ASN UF 27 -70.29 -91.13 6.77
C ASN UF 27 -68.78 -91.32 6.78
N GLY UF 28 -68.20 -91.48 5.60
CA GLY UF 28 -66.76 -91.47 5.44
C GLY UF 28 -66.05 -92.44 6.35
N ASN UF 29 -66.34 -93.74 6.17
CA ASN UF 29 -65.82 -94.80 7.02
C ASN UF 29 -65.98 -94.44 8.50
N ASN UF 30 -67.15 -93.92 8.83
CA ASN UF 30 -67.43 -93.54 10.20
C ASN UF 30 -68.87 -93.93 10.47
N VAL UF 31 -69.13 -94.44 11.68
CA VAL UF 31 -70.44 -95.00 12.04
C VAL UF 31 -70.81 -94.51 13.44
N ASP UF 32 -72.01 -93.93 13.57
CA ASP UF 32 -72.47 -93.31 14.81
C ASP UF 32 -73.85 -93.85 15.19
N TYR UF 33 -73.92 -94.45 16.38
CA TYR UF 33 -75.14 -95.00 16.96
C TYR UF 33 -75.58 -94.15 18.16
N VAL UF 34 -76.89 -94.13 18.40
CA VAL UF 34 -77.45 -93.46 19.58
C VAL UF 34 -78.28 -94.45 20.37
N CYS UF 35 -78.29 -94.28 21.69
CA CYS UF 35 -79.02 -95.18 22.57
C CYS UF 35 -80.50 -94.82 22.59
N THR UF 36 -81.35 -95.84 22.39
CA THR UF 36 -82.79 -95.67 22.27
C THR UF 36 -83.52 -95.84 23.58
N ASP UF 37 -82.80 -96.16 24.66
CA ASP UF 37 -83.43 -96.45 25.94
C ASP UF 37 -83.87 -95.16 26.63
N PRO UF 38 -84.66 -95.26 27.70
CA PRO UF 38 -85.05 -94.04 28.41
C PRO UF 38 -83.90 -93.33 29.11
N ASP UF 39 -82.84 -94.06 29.49
CA ASP UF 39 -81.75 -93.43 30.21
C ASP UF 39 -80.92 -92.48 29.35
N SER UF 40 -81.04 -92.54 28.02
CA SER UF 40 -80.39 -91.58 27.14
C SER UF 40 -81.42 -90.56 26.71
N THR UF 41 -81.21 -89.31 27.09
CA THR UF 41 -82.03 -88.19 26.68
C THR UF 41 -81.27 -87.36 25.66
N LEU UF 42 -81.97 -86.37 25.10
CA LEU UF 42 -81.30 -85.44 24.19
C LEU UF 42 -80.19 -84.70 24.90
N SER UF 43 -80.42 -84.32 26.15
CA SER UF 43 -79.45 -83.49 26.85
C SER UF 43 -78.27 -84.32 27.33
N ALA UF 44 -78.53 -85.57 27.70
CA ALA UF 44 -77.52 -86.48 28.23
C ALA UF 44 -77.67 -87.84 27.55
N PRO UF 45 -77.10 -88.00 26.36
CA PRO UF 45 -77.35 -89.21 25.56
C PRO UF 45 -76.32 -90.29 25.82
N GLY UF 46 -76.61 -91.47 25.28
CA GLY UF 46 -75.64 -92.55 25.15
C GLY UF 46 -75.30 -92.71 23.69
N LEU UF 47 -74.00 -92.83 23.40
CA LEU UF 47 -73.53 -92.71 22.04
C LEU UF 47 -72.44 -93.72 21.74
N ILE UF 48 -72.35 -94.13 20.47
CA ILE UF 48 -71.27 -94.99 20.00
C ILE UF 48 -70.71 -94.43 18.70
N ASN UF 49 -69.39 -94.51 18.55
CA ASN UF 49 -68.66 -94.00 17.40
C ASN UF 49 -67.65 -95.05 16.95
N ALA UF 50 -67.45 -95.18 15.64
CA ALA UF 50 -66.47 -96.14 15.11
C ALA UF 50 -65.92 -95.66 13.78
N LYS UF 51 -64.58 -95.54 13.71
CA LYS UF 51 -63.85 -95.00 12.56
C LYS UF 51 -62.84 -96.01 12.04
N PHE UF 52 -62.55 -95.92 10.74
CA PHE UF 52 -61.51 -96.71 10.08
C PHE UF 52 -60.49 -95.78 9.44
N ASP UF 53 -59.25 -95.85 9.94
CA ASP UF 53 -58.10 -95.28 9.23
C ASP UF 53 -57.52 -96.40 8.38
N ILE UF 54 -57.87 -96.41 7.10
CA ILE UF 54 -57.40 -97.45 6.17
C ILE UF 54 -56.26 -96.87 5.35
N LYS UF 55 -55.09 -97.45 5.53
CA LYS UF 55 -53.90 -97.02 4.80
C LYS UF 55 -53.99 -97.48 3.35
N ALA UF 56 -53.26 -96.78 2.48
CA ALA UF 56 -53.11 -97.14 1.08
C ALA UF 56 -52.61 -98.57 0.96
N PRO UF 57 -52.90 -99.27 -0.14
CA PRO UF 57 -52.41 -100.65 -0.30
C PRO UF 57 -50.90 -100.71 -0.15
N GLY UF 58 -50.44 -101.81 0.40
CA GLY UF 58 -49.02 -101.95 0.66
C GLY UF 58 -48.79 -102.92 1.78
N ILE UF 59 -47.53 -103.34 1.89
CA ILE UF 59 -47.15 -104.29 2.93
C ILE UF 59 -46.66 -103.59 4.18
N THR UF 60 -46.50 -102.27 4.14
CA THR UF 60 -45.99 -101.47 5.25
C THR UF 60 -47.11 -100.66 5.87
N GLY UF 61 -46.97 -100.37 7.16
CA GLY UF 61 -47.91 -99.53 7.87
C GLY UF 61 -48.87 -100.34 8.74
N ASN UF 62 -49.67 -99.60 9.50
CA ASN UF 62 -50.73 -100.16 10.33
C ASN UF 62 -52.07 -99.57 9.89
N ASP UF 63 -53.09 -100.42 9.78
CA ASP UF 63 -54.48 -100.00 9.70
C ASP UF 63 -54.99 -99.75 11.11
N ARG UF 64 -55.97 -98.84 11.25
CA ARG UF 64 -56.43 -98.52 12.60
C ARG UF 64 -57.96 -98.48 12.68
N ILE UF 65 -58.48 -98.97 13.80
CA ILE UF 65 -59.89 -98.93 14.14
C ILE UF 65 -60.03 -98.09 15.40
N HIS UF 66 -60.98 -97.15 15.39
CA HIS UF 66 -61.27 -96.35 16.57
C HIS UF 66 -62.72 -96.57 16.97
N ALA UF 67 -62.96 -96.68 18.27
CA ALA UF 67 -64.31 -96.91 18.76
C ALA UF 67 -64.49 -96.18 20.09
N ASN UF 68 -65.66 -95.59 20.27
CA ASN UF 68 -65.94 -94.83 21.49
C ASN UF 68 -67.35 -95.13 21.96
N LEU UF 69 -67.48 -95.54 23.22
CA LEU UF 69 -68.77 -95.78 23.84
C LEU UF 69 -68.93 -94.80 25.00
N ARG UF 70 -69.92 -93.91 24.89
CA ARG UF 70 -70.07 -92.76 25.77
C ARG UF 70 -71.43 -92.79 26.45
N LYS UF 71 -71.45 -92.31 27.69
CA LYS UF 71 -72.70 -91.94 28.37
C LYS UF 71 -72.50 -90.59 29.01
N VAL UF 72 -73.38 -89.65 28.66
CA VAL UF 72 -73.34 -88.29 29.22
C VAL UF 72 -74.24 -88.25 30.45
N VAL UF 73 -73.81 -87.51 31.47
CA VAL UF 73 -74.58 -87.33 32.67
C VAL UF 73 -74.55 -85.86 33.05
N LEU UF 74 -75.69 -85.36 33.55
CA LEU UF 74 -75.84 -83.97 33.92
C LEU UF 74 -75.65 -83.80 35.42
N ASP UF 75 -75.01 -82.70 35.81
CA ASP UF 75 -74.85 -82.38 37.23
C ASP UF 75 -76.20 -82.07 37.86
N GLU UF 76 -76.37 -82.54 39.10
CA GLU UF 76 -77.66 -82.36 39.77
C GLU UF 76 -78.00 -80.89 39.92
N LYS UF 77 -77.02 -80.07 40.32
CA LYS UF 77 -77.26 -78.66 40.58
C LYS UF 77 -77.04 -77.82 39.32
N THR UF 78 -75.83 -77.90 38.74
CA THR UF 78 -75.47 -77.00 37.66
C THR UF 78 -76.01 -77.44 36.30
N ASN UF 79 -76.46 -78.69 36.16
CA ASN UF 79 -76.90 -79.26 34.89
C ASN UF 79 -75.82 -79.23 33.81
N LEU UF 80 -74.57 -78.99 34.20
CA LEU UF 80 -73.45 -79.09 33.27
C LEU UF 80 -73.19 -80.55 32.96
N PRO UF 81 -72.95 -80.87 31.70
CA PRO UF 81 -72.75 -82.28 31.33
C PRO UF 81 -71.30 -82.69 31.49
N SER UF 82 -71.06 -83.83 32.11
CA SER UF 82 -69.77 -84.50 31.99
C SER UF 82 -70.03 -85.92 31.48
N THR UF 83 -69.08 -86.44 30.73
CA THR UF 83 -69.28 -87.68 30.00
C THR UF 83 -68.27 -88.75 30.40
N GLY UF 84 -68.75 -89.97 30.55
CA GLY UF 84 -67.91 -91.13 30.84
C GLY UF 84 -67.82 -92.01 29.61
N SER UF 85 -66.63 -92.57 29.37
CA SER UF 85 -66.42 -93.19 28.07
C SER UF 85 -65.37 -94.29 28.11
N VAL UF 86 -65.65 -95.36 27.38
CA VAL UF 86 -64.66 -96.39 27.08
C VAL UF 86 -64.31 -96.30 25.60
N THR UF 87 -63.04 -96.05 25.30
CA THR UF 87 -62.61 -95.91 23.92
C THR UF 87 -61.50 -96.90 23.60
N ILE UF 88 -61.54 -97.45 22.38
CA ILE UF 88 -60.68 -98.53 21.94
C ILE UF 88 -59.99 -98.13 20.65
N GLN UF 89 -58.68 -98.40 20.57
CA GLN UF 89 -57.93 -98.29 19.33
C GLN UF 89 -57.29 -99.63 19.00
N VAL UF 90 -57.60 -100.14 17.82
CA VAL UF 90 -57.02 -101.39 17.32
C VAL UF 90 -56.05 -101.01 16.20
N SER UF 91 -54.81 -101.49 16.31
CA SER UF 91 -53.77 -101.23 15.32
C SER UF 91 -53.32 -102.56 14.74
N ILE UF 92 -53.63 -102.78 13.46
CA ILE UF 92 -53.42 -104.01 12.73
C ILE UF 92 -52.29 -103.80 11.72
N PRO UF 93 -51.13 -104.41 11.91
CA PRO UF 93 -50.06 -104.27 10.92
C PRO UF 93 -50.38 -104.97 9.61
N ARG UF 94 -49.59 -104.63 8.58
CA ARG UF 94 -49.79 -105.17 7.25
C ARG UF 94 -48.73 -106.18 6.83
N ASN UF 95 -47.68 -106.36 7.62
CA ASN UF 95 -46.73 -107.44 7.36
C ASN UF 95 -47.49 -108.77 7.34
N PRO UF 96 -47.34 -109.59 6.30
CA PRO UF 96 -48.11 -110.85 6.22
C PRO UF 96 -47.87 -111.76 7.40
N ALA UF 97 -46.88 -111.45 8.23
CA ALA UF 97 -46.64 -112.18 9.46
C ALA UF 97 -47.65 -111.85 10.56
N TRP UF 98 -48.67 -111.04 10.26
CA TRP UF 98 -49.78 -110.78 11.16
C TRP UF 98 -51.03 -111.46 10.63
N ASN UF 99 -51.96 -111.80 11.53
CA ASN UF 99 -53.19 -112.48 11.15
C ASN UF 99 -54.40 -111.81 11.78
N ALA UF 100 -55.52 -111.91 11.05
CA ALA UF 100 -56.79 -111.62 11.68
C ALA UF 100 -56.98 -112.43 12.95
N SER UF 101 -56.44 -113.65 12.99
CA SER UF 101 -56.53 -114.45 14.22
C SER UF 101 -55.81 -113.75 15.37
N MET UF 102 -54.70 -113.10 15.08
CA MET UF 102 -53.97 -112.38 16.12
C MET UF 102 -54.74 -111.14 16.56
N THR UF 103 -55.36 -110.43 15.61
CA THR UF 103 -56.24 -109.31 15.96
C THR UF 103 -57.35 -109.77 16.89
N VAL UF 104 -58.04 -110.85 16.51
CA VAL UF 104 -59.15 -111.35 17.32
C VAL UF 104 -58.65 -111.82 18.68
N SER UF 105 -57.46 -112.42 18.72
CA SER UF 105 -56.93 -112.88 20.00
C SER UF 105 -56.70 -111.71 20.94
N LEU UF 106 -56.13 -110.61 20.43
CA LEU UF 106 -55.96 -109.43 21.26
C LEU UF 106 -57.30 -108.87 21.72
N LEU UF 107 -58.29 -108.84 20.83
CA LEU UF 107 -59.61 -108.35 21.23
C LEU UF 107 -60.19 -109.19 22.35
N LYS UF 108 -60.13 -110.51 22.21
CA LYS UF 108 -60.70 -111.41 23.22
C LYS UF 108 -59.96 -111.27 24.55
N GLN UF 109 -58.63 -111.12 24.50
CA GLN UF 109 -57.87 -110.97 25.74
C GLN UF 109 -58.20 -109.65 26.43
N ALA UF 110 -58.34 -108.57 25.66
CA ALA UF 110 -58.74 -107.31 26.25
C ALA UF 110 -60.12 -107.42 26.89
N ALA UF 111 -61.05 -108.09 26.20
CA ALA UF 111 -62.38 -108.31 26.77
C ALA UF 111 -62.29 -109.08 28.08
N ASP UF 112 -61.46 -110.12 28.12
CA ASP UF 112 -61.31 -110.89 29.35
C ASP UF 112 -60.72 -110.03 30.48
N TYR UF 113 -59.69 -109.25 30.16
CA TYR UF 113 -58.94 -108.59 31.22
C TYR UF 113 -59.59 -107.31 31.72
N LEU UF 114 -60.28 -106.57 30.86
CA LEU UF 114 -60.91 -105.32 31.29
C LEU UF 114 -62.41 -105.43 31.50
N ALA UF 115 -63.07 -106.41 30.88
CA ALA UF 115 -64.50 -106.59 31.06
C ALA UF 115 -64.88 -107.91 31.72
N GLY UF 116 -63.99 -108.90 31.73
CA GLY UF 116 -64.29 -110.18 32.35
C GLY UF 116 -65.39 -110.93 31.65
N THR UF 117 -65.29 -111.08 30.32
CA THR UF 117 -66.36 -111.69 29.53
C THR UF 117 -65.88 -112.83 28.64
N SER UF 118 -64.63 -113.26 28.76
CA SER UF 118 -64.11 -114.35 27.93
C SER UF 118 -64.98 -115.61 28.01
N ALA UF 119 -64.86 -116.44 26.97
CA ALA UF 119 -65.46 -117.76 26.97
C ALA UF 119 -64.80 -118.67 28.01
N THR UF 120 -65.45 -119.78 28.31
CA THR UF 120 -64.96 -120.67 29.35
C THR UF 120 -63.90 -121.62 28.79
N VAL UF 121 -62.75 -121.66 29.44
CA VAL UF 121 -61.64 -122.55 29.11
C VAL UF 121 -61.04 -123.03 30.42
N SER UF 122 -60.67 -124.31 30.46
CA SER UF 122 -60.06 -124.89 31.65
C SER UF 122 -58.78 -124.15 32.00
N GLY UF 123 -58.67 -123.72 33.26
CA GLY UF 123 -57.49 -123.03 33.73
C GLY UF 123 -57.49 -121.54 33.52
N GLN UF 124 -58.60 -120.93 33.11
CA GLN UF 124 -58.59 -119.50 32.86
C GLN UF 124 -58.67 -118.79 34.20
N THR UF 125 -58.08 -117.61 34.30
CA THR UF 125 -58.24 -116.87 35.55
C THR UF 125 -59.62 -116.24 35.61
N ASP UF 126 -60.18 -116.22 36.82
CA ASP UF 126 -61.51 -115.69 37.04
C ASP UF 126 -61.44 -114.17 36.96
N THR UF 127 -62.02 -113.62 35.89
CA THR UF 127 -61.98 -112.21 35.60
C THR UF 127 -63.31 -111.53 35.89
N SER UF 128 -64.23 -112.23 36.54
CA SER UF 128 -65.58 -111.70 36.75
C SER UF 128 -65.55 -110.39 37.54
N GLY UF 129 -64.71 -110.30 38.55
CA GLY UF 129 -64.65 -109.11 39.37
C GLY UF 129 -63.72 -108.04 38.85
N PHE UF 130 -63.00 -108.32 37.77
CA PHE UF 130 -62.08 -107.34 37.23
C PHE UF 130 -62.75 -106.05 36.78
N PRO UF 131 -63.89 -106.05 36.09
CA PRO UF 131 -64.49 -104.75 35.75
C PRO UF 131 -64.84 -103.92 36.97
N ALA UF 132 -65.31 -104.56 38.04
CA ALA UF 132 -65.55 -103.84 39.29
C ALA UF 132 -64.25 -103.23 39.82
N LYS UF 133 -63.18 -104.03 39.87
CA LYS UF 133 -61.91 -103.49 40.36
C LYS UF 133 -61.41 -102.35 39.50
N TRP UF 134 -61.59 -102.44 38.18
CA TRP UF 134 -61.17 -101.34 37.31
C TRP UF 134 -61.98 -100.09 37.60
N ALA UF 135 -63.31 -100.23 37.68
CA ALA UF 135 -64.17 -99.08 37.98
C ALA UF 135 -63.79 -98.44 39.30
N GLY UF 136 -63.22 -99.22 40.23
CA GLY UF 136 -62.67 -98.66 41.44
C GLY UF 136 -61.24 -98.15 41.34
N LEU UF 137 -60.65 -98.16 40.15
CA LEU UF 137 -59.24 -97.80 39.96
C LEU UF 137 -58.32 -98.67 40.81
N MET UF 138 -58.46 -99.98 40.64
CA MET UF 138 -57.64 -100.96 41.34
C MET UF 138 -57.16 -101.99 40.33
N PHE UF 139 -55.86 -102.25 40.31
CA PHE UF 139 -55.35 -103.27 39.42
C PHE UF 139 -55.83 -104.64 39.86
N PRO UF 140 -56.33 -105.47 38.94
CA PRO UF 140 -56.79 -106.83 39.23
C PRO UF 140 -55.67 -107.71 39.79
N ALA VF 1 92.11 -40.33 -78.05
CA ALA VF 1 92.92 -40.82 -76.93
C ALA VF 1 93.61 -42.14 -77.27
N ALA VF 2 94.77 -42.35 -76.68
CA ALA VF 2 95.53 -43.57 -76.89
C ALA VF 2 94.78 -44.77 -76.30
N PRO VF 3 94.81 -45.92 -76.96
CA PRO VF 3 94.05 -47.07 -76.44
C PRO VF 3 94.71 -47.71 -75.23
N SER VF 4 96.02 -47.56 -75.07
CA SER VF 4 96.71 -48.18 -73.96
C SER VF 4 98.03 -47.45 -73.74
N LEU VF 5 98.56 -47.61 -72.53
CA LEU VF 5 99.74 -46.88 -72.08
C LEU VF 5 100.63 -47.81 -71.26
N ALA VF 6 101.94 -47.63 -71.42
CA ALA VF 6 102.92 -48.30 -70.57
C ALA VF 6 103.75 -47.19 -69.94
N LEU VF 7 103.36 -46.76 -68.75
CA LEU VF 7 104.02 -45.65 -68.08
C LEU VF 7 105.09 -46.18 -67.15
N VAL VF 8 106.11 -45.37 -66.90
CA VAL VF 8 107.19 -45.77 -66.00
C VAL VF 8 106.88 -45.31 -64.58
N GLY VF 9 106.94 -46.23 -63.63
CA GLY VF 9 106.81 -45.96 -62.22
C GLY VF 9 107.92 -46.67 -61.46
N ALA VF 10 107.66 -46.96 -60.19
CA ALA VF 10 108.65 -47.57 -59.31
C ALA VF 10 108.05 -48.73 -58.53
N ASN VF 11 108.84 -49.79 -58.35
CA ASN VF 11 108.46 -50.93 -57.54
C ASN VF 11 108.83 -50.65 -56.08
N SER VF 12 108.79 -51.70 -55.25
CA SER VF 12 109.14 -51.54 -53.85
C SER VF 12 110.61 -51.20 -53.67
N THR VF 13 111.47 -51.60 -54.62
CA THR VF 13 112.89 -51.24 -54.62
C THR VF 13 113.13 -49.82 -55.13
N LEU VF 14 112.10 -49.18 -55.68
CA LEU VF 14 112.18 -47.90 -56.40
C LEU VF 14 112.93 -48.03 -57.73
N ALA VF 15 113.08 -49.24 -58.24
CA ALA VF 15 113.60 -49.45 -59.57
C ALA VF 15 112.51 -49.13 -60.61
N SER VF 16 112.94 -48.63 -61.76
CA SER VF 16 111.99 -48.23 -62.80
C SER VF 16 111.25 -49.45 -63.34
N THR VF 17 109.93 -49.44 -63.23
CA THR VF 17 109.07 -50.56 -63.60
C THR VF 17 107.95 -50.07 -64.48
N LEU VF 18 107.55 -50.86 -65.47
CA LEU VF 18 106.40 -50.49 -66.26
C LEU VF 18 105.11 -50.71 -65.47
N VAL VF 19 104.14 -49.84 -65.73
CA VAL VF 19 102.78 -49.96 -65.22
C VAL VF 19 101.83 -49.72 -66.39
N ASN VF 20 100.94 -50.69 -66.61
CA ASN VF 20 100.17 -50.78 -67.84
C ASN VF 20 98.75 -50.31 -67.60
N TYR VF 21 98.33 -49.33 -68.38
CA TYR VF 21 96.96 -48.83 -68.36
C TYR VF 21 96.31 -49.12 -69.70
N SER VF 22 94.99 -49.28 -69.69
CA SER VF 22 94.22 -49.42 -70.92
C SER VF 22 92.99 -48.53 -70.82
N LEU VF 23 92.53 -48.07 -71.97
CA LEU VF 23 91.44 -47.08 -72.02
C LEU VF 23 90.14 -47.72 -71.59
N ARG VF 24 89.63 -47.32 -70.42
CA ARG VF 24 88.28 -47.70 -70.03
C ARG VF 24 87.25 -46.96 -70.86
N SER VF 25 87.25 -45.63 -70.83
CA SER VF 25 86.21 -44.93 -71.57
C SER VF 25 86.66 -43.52 -71.91
N GLN VF 26 86.26 -43.05 -73.09
CA GLN VF 26 86.41 -41.65 -73.46
C GLN VF 26 85.03 -41.02 -73.49
N ASN VF 27 84.83 -40.05 -72.61
CA ASN VF 27 83.75 -39.10 -72.69
C ASN VF 27 84.26 -37.84 -73.41
N GLY VF 28 83.36 -36.95 -73.77
CA GLY VF 28 83.79 -35.75 -74.48
C GLY VF 28 84.75 -34.89 -73.68
N ASN VF 29 85.99 -34.79 -74.15
CA ASN VF 29 87.05 -34.07 -73.44
C ASN VF 29 87.30 -34.69 -72.07
N ASN VF 30 87.14 -36.02 -71.97
CA ASN VF 30 87.38 -36.70 -70.71
C ASN VF 30 87.82 -38.12 -71.01
N VAL VF 31 88.83 -38.61 -70.29
CA VAL VF 31 89.41 -39.91 -70.57
C VAL VF 31 89.67 -40.64 -69.26
N ASP VF 32 89.28 -41.91 -69.21
CA ASP VF 32 89.47 -42.77 -68.04
C ASP VF 32 90.23 -44.03 -68.45
N TYR VF 33 91.40 -44.22 -67.84
CA TYR VF 33 92.25 -45.40 -68.01
C TYR VF 33 92.26 -46.22 -66.73
N VAL VF 34 92.49 -47.53 -66.89
CA VAL VF 34 92.52 -48.49 -65.78
C VAL VF 34 93.80 -49.31 -65.88
N CYS VF 35 94.39 -49.62 -64.74
CA CYS VF 35 95.61 -50.42 -64.71
C CYS VF 35 95.28 -51.89 -64.97
N THR VF 36 96.02 -52.50 -65.89
CA THR VF 36 95.80 -53.88 -66.31
C THR VF 36 96.79 -54.85 -65.69
N ASP VF 37 97.58 -54.41 -64.72
CA ASP VF 37 98.52 -55.28 -64.04
C ASP VF 37 97.78 -56.12 -63.00
N PRO VF 38 98.43 -57.14 -62.46
CA PRO VF 38 97.86 -57.82 -61.28
C PRO VF 38 97.80 -56.93 -60.04
N ASP VF 39 98.55 -55.82 -60.02
CA ASP VF 39 98.52 -54.90 -58.88
C ASP VF 39 97.13 -54.33 -58.64
N SER VF 40 96.44 -53.95 -59.71
CA SER VF 40 95.10 -53.40 -59.60
C SER VF 40 94.08 -54.50 -59.85
N THR VF 41 93.03 -54.47 -59.05
CA THR VF 41 91.83 -55.27 -59.23
C THR VF 41 90.65 -54.31 -59.21
N LEU VF 42 89.47 -54.82 -59.57
CA LEU VF 42 88.28 -53.97 -59.48
C LEU VF 42 88.07 -53.46 -58.06
N SER VF 43 88.41 -54.30 -57.06
CA SER VF 43 88.21 -53.89 -55.66
C SER VF 43 89.16 -52.79 -55.25
N ALA VF 44 90.41 -52.84 -55.71
CA ALA VF 44 91.44 -51.84 -55.38
C ALA VF 44 92.19 -51.48 -56.65
N PRO VF 45 91.63 -50.60 -57.47
CA PRO VF 45 92.19 -50.35 -58.80
C PRO VF 45 93.24 -49.26 -58.84
N GLY VF 46 93.97 -49.24 -59.94
CA GLY VF 46 94.81 -48.12 -60.32
C GLY VF 46 94.14 -47.42 -61.50
N LEU VF 47 94.06 -46.10 -61.41
CA LEU VF 47 93.19 -45.35 -62.31
C LEU VF 47 93.85 -44.08 -62.79
N ILE VF 48 93.47 -43.63 -63.99
CA ILE VF 48 93.90 -42.35 -64.51
C ILE VF 48 92.69 -41.64 -65.10
N ASN VF 49 92.62 -40.33 -64.89
CA ASN VF 49 91.54 -39.49 -65.39
C ASN VF 49 92.14 -38.20 -65.95
N ALA VF 50 91.64 -37.78 -67.13
CA ALA VF 50 92.12 -36.56 -67.76
C ALA VF 50 90.96 -35.77 -68.35
N LYS VF 51 90.87 -34.49 -68.02
CA LYS VF 51 89.74 -33.63 -68.36
C LYS VF 51 90.24 -32.33 -68.96
N PHE VF 52 89.40 -31.71 -69.79
CA PHE VF 52 89.69 -30.45 -70.46
C PHE VF 52 88.56 -29.45 -70.19
N ASP VF 53 88.88 -28.43 -69.40
CA ASP VF 53 87.99 -27.28 -69.21
C ASP VF 53 88.36 -26.24 -70.26
N ILE VF 54 87.66 -26.27 -71.39
CA ILE VF 54 87.93 -25.36 -72.50
C ILE VF 54 86.81 -24.34 -72.55
N LYS VF 55 87.17 -23.07 -72.40
CA LYS VF 55 86.18 -22.02 -72.40
C LYS VF 55 85.72 -21.72 -73.83
N ALA VF 56 84.58 -21.04 -73.94
CA ALA VF 56 84.04 -20.68 -75.24
C ALA VF 56 85.08 -19.88 -76.03
N PRO VF 57 85.11 -20.03 -77.36
CA PRO VF 57 86.15 -19.36 -78.15
C PRO VF 57 86.10 -17.84 -78.08
N GLY VF 58 84.91 -17.25 -77.92
CA GLY VF 58 84.84 -15.81 -77.77
C GLY VF 58 85.41 -15.33 -76.44
N ILE VF 59 85.14 -16.07 -75.36
CA ILE VF 59 85.52 -15.65 -74.01
C ILE VF 59 87.02 -15.81 -73.82
N THR VF 60 87.65 -14.82 -73.19
CA THR VF 60 89.03 -14.94 -72.71
C THR VF 60 89.03 -15.42 -71.27
N GLY VF 61 89.88 -16.39 -70.99
CA GLY VF 61 90.08 -16.88 -69.65
C GLY VF 61 91.32 -17.73 -69.66
N ASN VF 62 91.35 -18.73 -68.79
CA ASN VF 62 92.37 -19.77 -68.82
C ASN VF 62 91.71 -21.08 -69.24
N ASP VF 63 92.32 -21.76 -70.19
CA ASP VF 63 91.97 -23.15 -70.45
C ASP VF 63 92.65 -24.03 -69.40
N ARG VF 64 91.99 -25.14 -69.04
CA ARG VF 64 92.49 -25.96 -67.94
C ARG VF 64 92.56 -27.44 -68.31
N ILE VF 65 93.58 -28.11 -67.78
CA ILE VF 65 93.75 -29.54 -67.90
C ILE VF 65 93.75 -30.12 -66.48
N HIS VF 66 92.94 -31.16 -66.26
CA HIS VF 66 92.87 -31.82 -64.96
C HIS VF 66 93.28 -33.28 -65.13
N ALA VF 67 94.35 -33.68 -64.48
CA ALA VF 67 94.81 -35.06 -64.52
C ALA VF 67 94.85 -35.64 -63.11
N ASN VF 68 94.57 -36.93 -63.01
CA ASN VF 68 94.51 -37.60 -61.72
C ASN VF 68 94.99 -39.03 -61.89
N LEU VF 69 96.02 -39.40 -61.13
CA LEU VF 69 96.57 -40.75 -61.13
C LEU VF 69 96.41 -41.33 -59.72
N ARG VF 70 95.63 -42.40 -59.60
CA ARG VF 70 95.20 -42.94 -58.33
C ARG VF 70 95.64 -44.39 -58.20
N LYS VF 71 95.90 -44.80 -56.95
CA LYS VF 71 96.02 -46.21 -56.59
C LYS VF 71 95.24 -46.44 -55.31
N VAL VF 72 94.26 -47.34 -55.35
CA VAL VF 72 93.47 -47.70 -54.19
C VAL VF 72 94.15 -48.86 -53.48
N VAL VF 73 94.14 -48.84 -52.15
CA VAL VF 73 94.70 -49.92 -51.36
C VAL VF 73 93.69 -50.31 -50.28
N LEU VF 74 93.67 -51.60 -49.95
CA LEU VF 74 92.76 -52.12 -48.94
C LEU VF 74 93.51 -52.35 -47.62
N ASP VF 75 92.85 -52.01 -46.52
CA ASP VF 75 93.41 -52.29 -45.21
C ASP VF 75 93.46 -53.80 -44.97
N GLU VF 76 94.60 -54.27 -44.45
CA GLU VF 76 94.71 -55.70 -44.16
C GLU VF 76 93.62 -56.15 -43.18
N LYS VF 77 93.41 -55.37 -42.11
CA LYS VF 77 92.49 -55.80 -41.08
C LYS VF 77 91.02 -55.56 -41.47
N THR VF 78 90.69 -54.38 -42.01
CA THR VF 78 89.29 -54.03 -42.24
C THR VF 78 88.85 -54.12 -43.70
N ASN VF 79 89.78 -54.32 -44.64
CA ASN VF 79 89.49 -54.29 -46.08
C ASN VF 79 88.83 -53.00 -46.53
N LEU VF 80 88.87 -51.97 -45.68
CA LEU VF 80 88.37 -50.66 -46.08
C LEU VF 80 89.35 -50.00 -47.04
N PRO VF 81 88.85 -49.37 -48.09
CA PRO VF 81 89.76 -48.81 -49.10
C PRO VF 81 90.16 -47.40 -48.76
N SER VF 82 91.44 -47.11 -48.82
CA SER VF 82 91.90 -45.73 -48.87
C SER VF 82 92.80 -45.58 -50.09
N THR VF 83 92.80 -44.38 -50.65
CA THR VF 83 93.41 -44.17 -51.96
C THR VF 83 94.51 -43.13 -51.87
N GLY VF 84 95.55 -43.33 -52.68
CA GLY VF 84 96.64 -42.37 -52.81
C GLY VF 84 96.70 -41.84 -54.22
N SER VF 85 96.98 -40.54 -54.36
CA SER VF 85 96.77 -39.94 -55.67
C SER VF 85 97.72 -38.78 -55.93
N VAL VF 86 98.05 -38.59 -57.20
CA VAL VF 86 98.72 -37.39 -57.69
C VAL VF 86 97.79 -36.71 -58.68
N THR VF 87 97.41 -35.47 -58.40
CA THR VF 87 96.56 -34.69 -59.27
C THR VF 87 97.32 -33.48 -59.79
N ILE VF 88 97.00 -33.10 -61.03
CA ILE VF 88 97.73 -32.06 -61.75
C ILE VF 88 96.71 -31.14 -62.42
N GLN VF 89 96.92 -29.85 -62.30
CA GLN VF 89 96.05 -28.89 -62.97
C GLN VF 89 96.95 -27.95 -63.76
N VAL VF 90 96.73 -27.89 -65.07
CA VAL VF 90 97.47 -27.02 -65.96
C VAL VF 90 96.54 -25.89 -66.37
N SER VF 91 96.92 -24.66 -66.08
CA SER VF 91 96.14 -23.47 -66.44
C SER VF 91 96.92 -22.68 -67.47
N ILE VF 92 96.41 -22.68 -68.70
CA ILE VF 92 97.05 -22.07 -69.87
C ILE VF 92 96.26 -20.83 -70.24
N PRO VF 93 96.86 -19.64 -70.22
CA PRO VF 93 96.14 -18.43 -70.62
C PRO VF 93 95.96 -18.29 -72.12
N ARG VF 94 94.86 -17.62 -72.50
CA ARG VF 94 94.48 -17.43 -73.89
C ARG VF 94 95.08 -16.17 -74.51
N ASN VF 95 96.16 -15.67 -73.97
CA ASN VF 95 96.87 -14.50 -74.51
C ASN VF 95 98.00 -14.98 -75.43
N PRO VF 96 98.11 -14.46 -76.66
CA PRO VF 96 99.20 -14.88 -77.55
C PRO VF 96 100.59 -14.67 -76.95
N ALA VF 97 100.70 -13.88 -75.89
CA ALA VF 97 101.98 -13.73 -75.19
C ALA VF 97 102.39 -15.00 -74.46
N TRP VF 98 101.52 -16.01 -74.41
CA TRP VF 98 101.83 -17.33 -73.86
C TRP VF 98 101.83 -18.33 -75.02
N ASN VF 99 102.65 -19.37 -74.90
CA ASN VF 99 102.68 -20.37 -75.96
C ASN VF 99 102.97 -21.75 -75.40
N ALA VF 100 102.88 -22.73 -76.31
CA ALA VF 100 103.02 -24.12 -75.92
C ALA VF 100 104.41 -24.41 -75.38
N SER VF 101 105.42 -23.68 -75.85
CA SER VF 101 106.76 -23.89 -75.30
C SER VF 101 106.78 -23.56 -73.81
N MET VF 102 106.02 -22.55 -73.40
CA MET VF 102 105.96 -22.20 -71.99
C MET VF 102 105.14 -23.22 -71.21
N THR VF 103 104.05 -23.69 -71.78
CA THR VF 103 103.30 -24.78 -71.14
C THR VF 103 104.21 -25.99 -70.88
N VAL VF 104 104.94 -26.40 -71.91
CA VAL VF 104 105.82 -27.56 -71.81
C VAL VF 104 106.94 -27.27 -70.81
N SER VF 105 107.44 -26.03 -70.78
CA SER VF 105 108.51 -25.70 -69.84
C SER VF 105 108.03 -25.87 -68.40
N LEU VF 106 106.82 -25.40 -68.10
CA LEU VF 106 106.30 -25.62 -66.75
C LEU VF 106 106.13 -27.10 -66.45
N LEU VF 107 105.63 -27.87 -67.42
CA LEU VF 107 105.49 -29.31 -67.19
C LEU VF 107 106.84 -29.96 -66.89
N LYS VF 108 107.85 -29.64 -67.68
CA LYS VF 108 109.18 -30.23 -67.49
C LYS VF 108 109.77 -29.84 -66.15
N GLN VF 109 109.58 -28.58 -65.74
CA GLN VF 109 110.14 -28.14 -64.46
C GLN VF 109 109.45 -28.83 -63.30
N ALA VF 110 108.12 -28.97 -63.38
CA ALA VF 110 107.41 -29.71 -62.33
C ALA VF 110 107.88 -31.15 -62.26
N ALA VF 111 108.09 -31.77 -63.43
CA ALA VF 111 108.60 -33.14 -63.46
C ALA VF 111 109.95 -33.23 -62.78
N ASP VF 112 110.87 -32.32 -63.12
CA ASP VF 112 112.19 -32.31 -62.50
C ASP VF 112 112.08 -32.15 -60.99
N TYR VF 113 111.24 -31.22 -60.53
CA TYR VF 113 111.29 -30.85 -59.12
C TYR VF 113 110.51 -31.81 -58.23
N LEU VF 114 109.47 -32.47 -58.73
CA LEU VF 114 108.71 -33.38 -57.89
C LEU VF 114 108.93 -34.86 -58.19
N ALA VF 115 109.37 -35.21 -59.40
CA ALA VF 115 109.66 -36.59 -59.73
C ALA VF 115 111.13 -36.84 -60.00
N GLY VF 116 111.91 -35.80 -60.26
CA GLY VF 116 113.33 -35.96 -60.53
C GLY VF 116 113.59 -36.73 -61.80
N THR VF 117 112.97 -36.33 -62.90
CA THR VF 117 113.08 -37.06 -64.17
C THR VF 117 113.49 -36.19 -65.35
N SER VF 118 113.94 -34.96 -65.12
CA SER VF 118 114.38 -34.09 -66.20
C SER VF 118 115.47 -34.74 -67.06
N ALA VF 119 115.62 -34.22 -68.28
CA ALA VF 119 116.71 -34.61 -69.16
C ALA VF 119 118.03 -34.05 -68.64
N THR VF 120 119.12 -34.71 -69.03
CA THR VF 120 120.43 -34.29 -68.54
C THR VF 120 120.84 -32.98 -69.19
N VAL VF 121 121.16 -31.99 -68.36
CA VAL VF 121 121.59 -30.66 -68.77
C VAL VF 121 122.62 -30.18 -67.77
N SER VF 122 123.75 -29.69 -68.27
CA SER VF 122 124.85 -29.38 -67.36
C SER VF 122 124.46 -28.23 -66.43
N GLY VF 123 124.77 -28.40 -65.15
CA GLY VF 123 124.43 -27.41 -64.15
C GLY VF 123 123.10 -27.63 -63.47
N GLN VF 124 122.34 -28.64 -63.88
CA GLN VF 124 121.07 -28.96 -63.22
C GLN VF 124 121.34 -29.48 -61.81
N THR VF 125 120.44 -29.15 -60.89
CA THR VF 125 120.52 -29.75 -59.58
C THR VF 125 120.12 -31.22 -59.66
N ASP VF 126 120.76 -32.04 -58.81
CA ASP VF 126 120.50 -33.47 -58.79
C ASP VF 126 119.18 -33.70 -58.07
N THR VF 127 118.13 -33.89 -58.86
CA THR VF 127 116.77 -34.03 -58.35
C THR VF 127 116.39 -35.49 -58.14
N SER VF 128 117.34 -36.41 -58.27
CA SER VF 128 117.01 -37.83 -58.24
C SER VF 128 116.38 -38.24 -56.90
N GLY VF 129 116.84 -37.66 -55.80
CA GLY VF 129 116.32 -38.03 -54.49
C GLY VF 129 115.11 -37.25 -54.06
N PHE VF 130 114.72 -36.25 -54.85
CA PHE VF 130 113.59 -35.41 -54.47
C PHE VF 130 112.29 -36.20 -54.32
N PRO VF 131 111.92 -37.14 -55.20
CA PRO VF 131 110.68 -37.89 -54.96
C PRO VF 131 110.70 -38.63 -53.65
N ALA VF 132 111.84 -39.22 -53.27
CA ALA VF 132 111.96 -39.85 -51.97
C ALA VF 132 111.71 -38.83 -50.86
N LYS VF 133 112.36 -37.67 -50.93
CA LYS VF 133 112.15 -36.66 -49.89
C LYS VF 133 110.69 -36.22 -49.82
N TRP VF 134 110.05 -36.02 -50.97
CA TRP VF 134 108.65 -35.62 -50.96
C TRP VF 134 107.79 -36.69 -50.31
N ALA VF 135 107.99 -37.95 -50.68
CA ALA VF 135 107.24 -39.05 -50.08
C ALA VF 135 107.50 -39.16 -48.59
N GLY VF 136 108.58 -38.56 -48.10
CA GLY VF 136 108.77 -38.44 -46.67
C GLY VF 136 108.24 -37.17 -46.03
N LEU VF 137 107.52 -36.33 -46.78
CA LEU VF 137 107.10 -35.00 -46.34
C LEU VF 137 108.29 -34.16 -45.87
N MET VF 138 109.30 -34.08 -46.72
CA MET VF 138 110.51 -33.29 -46.49
C MET VF 138 110.77 -32.42 -47.70
N PHE VF 139 111.02 -31.14 -47.47
CA PHE VF 139 111.38 -30.29 -48.60
C PHE VF 139 112.76 -30.66 -49.11
N PRO VF 140 112.95 -30.77 -50.43
CA PRO VF 140 114.25 -31.06 -51.03
C PRO VF 140 115.28 -30.00 -50.64
N ALA WF 1 84.14 -41.56 -85.97
CA ALA WF 1 84.44 -40.33 -86.70
C ALA WF 1 85.88 -40.34 -87.23
N ALA WF 2 86.12 -39.61 -88.31
CA ALA WF 2 87.45 -39.55 -88.89
C ALA WF 2 88.43 -38.90 -87.92
N PRO WF 3 89.60 -39.49 -87.70
CA PRO WF 3 90.55 -38.92 -86.73
C PRO WF 3 91.16 -37.61 -87.18
N SER WF 4 91.18 -37.32 -88.47
CA SER WF 4 91.74 -36.08 -88.97
C SER WF 4 91.13 -35.76 -90.32
N LEU WF 5 91.20 -34.48 -90.68
CA LEU WF 5 90.57 -33.95 -91.88
C LEU WF 5 91.50 -32.94 -92.55
N ALA WF 6 91.47 -32.93 -93.88
CA ALA WF 6 92.18 -31.95 -94.68
C ALA WF 6 91.14 -31.30 -95.58
N LEU WF 7 90.57 -30.19 -95.14
CA LEU WF 7 89.48 -29.55 -95.86
C LEU WF 7 90.03 -28.43 -96.74
N VAL WF 8 89.29 -28.08 -97.78
CA VAL WF 8 89.70 -27.02 -98.68
C VAL WF 8 89.06 -25.71 -98.25
N GLY WF 9 89.88 -24.68 -98.09
CA GLY WF 9 89.42 -23.33 -97.84
C GLY WF 9 90.13 -22.37 -98.76
N ALA WF 10 90.21 -21.10 -98.37
CA ALA WF 10 90.82 -20.07 -99.20
C ALA WF 10 91.87 -19.30 -98.42
N ASN WF 11 93.00 -19.02 -99.08
CA ASN WF 11 94.06 -18.21 -98.50
C ASN WF 11 93.68 -16.73 -98.60
N SER WF 12 94.61 -15.84 -98.30
CA SER WF 12 94.34 -14.41 -98.40
C SER WF 12 94.00 -13.98 -99.82
N THR WF 13 94.40 -14.77 -100.83
CA THR WF 13 94.15 -14.47 -102.23
C THR WF 13 92.93 -15.22 -102.76
N LEU WF 14 92.27 -16.00 -101.92
CA LEU WF 14 91.12 -16.83 -102.28
C LEU WF 14 91.51 -18.03 -103.13
N ALA WF 15 92.79 -18.39 -103.14
CA ALA WF 15 93.21 -19.64 -103.78
C ALA WF 15 92.90 -20.81 -102.88
N SER WF 16 92.55 -21.94 -103.50
CA SER WF 16 92.22 -23.13 -102.72
C SER WF 16 93.44 -23.61 -101.94
N THR WF 17 93.28 -23.73 -100.63
CA THR WF 17 94.36 -24.08 -99.72
C THR WF 17 93.85 -25.10 -98.71
N LEU WF 18 94.69 -26.07 -98.36
CA LEU WF 18 94.28 -27.02 -97.34
C LEU WF 18 94.27 -26.37 -95.96
N VAL WF 19 93.36 -26.87 -95.12
CA VAL WF 19 93.23 -26.50 -93.73
C VAL WF 19 93.04 -27.78 -92.95
N ASN WF 20 93.92 -28.01 -91.99
CA ASN WF 20 94.08 -29.32 -91.36
C ASN WF 20 93.43 -29.32 -89.98
N TYR WF 21 92.50 -30.24 -89.76
CA TYR WF 21 91.84 -30.41 -88.49
C TYR WF 21 92.15 -31.80 -87.96
N SER WF 22 92.16 -31.92 -86.63
CA SER WF 22 92.33 -33.19 -85.95
C SER WF 22 91.24 -33.35 -84.90
N LEU WF 23 90.83 -34.59 -84.69
CA LEU WF 23 89.71 -34.89 -83.80
C LEU WF 23 90.15 -34.76 -82.35
N ARG WF 24 89.55 -33.81 -81.63
CA ARG WF 24 89.91 -33.61 -80.23
C ARG WF 24 89.21 -34.62 -79.33
N SER WF 25 87.90 -34.78 -79.46
CA SER WF 25 87.16 -35.74 -78.64
C SER WF 25 85.82 -36.04 -79.32
N GLN WF 26 85.08 -36.99 -78.73
CA GLN WF 26 83.75 -37.34 -79.19
C GLN WF 26 82.87 -37.57 -77.97
N ASN WF 27 81.83 -36.76 -77.81
CA ASN WF 27 80.84 -36.81 -76.75
C ASN WF 27 79.55 -37.43 -77.30
N GLY WF 28 78.47 -37.36 -76.52
CA GLY WF 28 77.18 -37.83 -76.93
C GLY WF 28 76.69 -37.13 -78.19
N ASN WF 29 76.65 -37.89 -79.29
CA ASN WF 29 76.12 -37.43 -80.56
C ASN WF 29 76.78 -36.15 -81.03
N ASN WF 30 78.09 -36.03 -80.84
CA ASN WF 30 78.79 -34.85 -81.31
C ASN WF 30 80.26 -35.19 -81.55
N VAL WF 31 80.94 -34.26 -82.20
CA VAL WF 31 82.32 -34.41 -82.64
C VAL WF 31 82.98 -33.04 -82.60
N ASP WF 32 84.21 -32.98 -82.08
CA ASP WF 32 84.96 -31.74 -81.91
C ASP WF 32 86.31 -31.85 -82.59
N TYR WF 33 86.55 -31.00 -83.59
CA TYR WF 33 87.81 -30.93 -84.32
C TYR WF 33 88.49 -29.60 -84.07
N VAL WF 34 89.83 -29.63 -84.11
CA VAL WF 34 90.67 -28.46 -83.87
C VAL WF 34 91.65 -28.31 -85.03
N CYS WF 35 91.91 -27.07 -85.44
CA CYS WF 35 92.84 -26.82 -86.53
C CYS WF 35 94.27 -26.99 -86.02
N THR WF 36 95.08 -27.72 -86.79
CA THR WF 36 96.45 -28.05 -86.44
C THR WF 36 97.48 -27.26 -87.23
N ASP WF 37 97.04 -26.27 -88.01
CA ASP WF 37 97.96 -25.44 -88.76
C ASP WF 37 98.69 -24.50 -87.81
N PRO WF 38 99.75 -23.84 -88.27
CA PRO WF 38 100.44 -22.87 -87.41
C PRO WF 38 99.60 -21.64 -87.08
N ASP WF 39 98.70 -21.21 -87.97
CA ASP WF 39 97.96 -19.97 -87.74
C ASP WF 39 96.91 -20.09 -86.64
N SER WF 40 96.54 -21.30 -86.23
CA SER WF 40 95.61 -21.49 -85.13
C SER WF 40 96.37 -21.86 -83.87
N THR WF 41 96.07 -21.14 -82.78
CA THR WF 41 96.64 -21.36 -81.47
C THR WF 41 95.51 -21.30 -80.46
N LEU WF 42 95.81 -21.64 -79.21
CA LEU WF 42 94.74 -21.59 -78.19
C LEU WF 42 94.19 -20.19 -78.03
N SER WF 43 95.02 -19.17 -78.28
CA SER WF 43 94.55 -17.79 -78.19
C SER WF 43 93.54 -17.48 -79.28
N ALA WF 44 93.74 -18.02 -80.48
CA ALA WF 44 92.83 -17.78 -81.61
C ALA WF 44 92.73 -19.03 -82.46
N PRO WF 45 91.91 -19.99 -82.03
CA PRO WF 45 91.87 -21.30 -82.69
C PRO WF 45 90.90 -21.35 -83.87
N GLY WF 46 91.03 -22.41 -84.65
CA GLY WF 46 90.02 -22.80 -85.62
C GLY WF 46 89.36 -24.09 -85.16
N LEU WF 47 88.04 -24.14 -85.24
CA LEU WF 47 87.28 -25.20 -84.61
C LEU WF 47 86.16 -25.69 -85.52
N ILE WF 48 85.84 -26.97 -85.42
CA ILE WF 48 84.67 -27.54 -86.10
C ILE WF 48 83.92 -28.42 -85.11
N ASN WF 49 82.59 -28.33 -85.12
CA ASN WF 49 81.76 -29.03 -84.16
C ASN WF 49 80.52 -29.58 -84.86
N ALA WF 50 80.17 -30.83 -84.57
CA ALA WF 50 79.00 -31.44 -85.20
C ALA WF 50 78.19 -32.20 -84.16
N LYS WF 51 76.86 -32.17 -84.30
CA LYS WF 51 75.96 -32.78 -83.33
C LYS WF 51 74.74 -33.32 -84.05
N PHE WF 52 74.22 -34.45 -83.54
CA PHE WF 52 72.96 -35.01 -84.03
C PHE WF 52 71.89 -34.91 -82.96
N ASP WF 53 70.73 -34.36 -83.33
CA ASP WF 53 69.50 -34.45 -82.55
C ASP WF 53 68.67 -35.52 -83.22
N ILE WF 54 68.62 -36.71 -82.63
CA ILE WF 54 68.01 -37.89 -83.24
C ILE WF 54 66.72 -38.20 -82.52
N LYS WF 55 65.61 -38.16 -83.25
CA LYS WF 55 64.33 -38.42 -82.63
C LYS WF 55 64.07 -39.92 -82.58
N ALA WF 56 63.07 -40.29 -81.78
CA ALA WF 56 62.79 -41.70 -81.50
C ALA WF 56 62.44 -42.44 -82.79
N PRO WF 57 62.56 -43.77 -82.78
CA PRO WF 57 62.21 -44.55 -83.98
C PRO WF 57 60.76 -44.33 -84.37
N GLY WF 58 60.50 -44.32 -85.66
CA GLY WF 58 59.21 -44.05 -86.21
C GLY WF 58 59.35 -43.20 -87.45
N ILE WF 59 58.22 -42.77 -88.00
CA ILE WF 59 58.25 -41.90 -89.17
C ILE WF 59 57.71 -40.52 -88.87
N THR WF 60 57.54 -40.17 -87.60
CA THR WF 60 56.84 -38.95 -87.23
C THR WF 60 57.74 -37.73 -87.23
N GLY WF 61 58.98 -37.87 -86.76
CA GLY WF 61 59.76 -36.73 -86.36
C GLY WF 61 60.55 -36.06 -87.48
N ASN WF 62 61.48 -35.20 -87.05
CA ASN WF 62 62.47 -34.52 -87.87
C ASN WF 62 63.83 -34.65 -87.18
N ASP WF 63 64.74 -35.42 -87.77
CA ASP WF 63 66.12 -35.50 -87.28
C ASP WF 63 66.85 -34.20 -87.63
N ARG WF 64 67.88 -33.86 -86.84
CA ARG WF 64 68.62 -32.63 -87.09
C ARG WF 64 70.12 -32.84 -86.96
N ILE WF 65 70.87 -32.15 -87.81
CA ILE WF 65 72.32 -32.11 -87.80
C ILE WF 65 72.73 -30.67 -87.55
N HIS WF 66 73.66 -30.46 -86.63
CA HIS WF 66 74.20 -29.13 -86.32
C HIS WF 66 75.69 -29.14 -86.55
N ALA WF 67 76.15 -28.33 -87.49
CA ALA WF 67 77.58 -28.17 -87.75
C ALA WF 67 77.96 -26.71 -87.48
N ASN WF 68 79.21 -26.51 -87.09
CA ASN WF 68 79.67 -25.17 -86.74
C ASN WF 68 81.16 -25.09 -87.03
N LEU WF 69 81.54 -24.19 -87.94
CA LEU WF 69 82.94 -23.98 -88.32
C LEU WF 69 83.31 -22.57 -87.90
N ARG WF 70 84.26 -22.45 -86.96
CA ARG WF 70 84.61 -21.18 -86.37
C ARG WF 70 86.10 -20.90 -86.55
N LYS WF 71 86.44 -19.62 -86.60
CA LYS WF 71 87.81 -19.14 -86.52
C LYS WF 71 87.85 -17.89 -85.66
N VAL WF 72 88.74 -17.88 -84.68
CA VAL WF 72 88.91 -16.73 -83.79
C VAL WF 72 90.04 -15.87 -84.32
N VAL WF 73 89.90 -14.55 -84.19
CA VAL WF 73 90.92 -13.61 -84.62
C VAL WF 73 91.12 -12.59 -83.51
N LEU WF 74 92.34 -12.08 -83.42
CA LEU WF 74 92.71 -11.10 -82.40
C LEU WF 74 92.93 -9.73 -83.04
N ASP WF 75 92.44 -8.69 -82.36
CA ASP WF 75 92.62 -7.32 -82.84
C ASP WF 75 94.10 -6.94 -82.84
N GLU WF 76 94.55 -6.31 -83.94
CA GLU WF 76 95.94 -5.88 -84.01
C GLU WF 76 96.26 -4.85 -82.95
N LYS WF 77 95.26 -4.10 -82.48
CA LYS WF 77 95.52 -3.03 -81.53
C LYS WF 77 95.40 -3.50 -80.09
N THR WF 78 94.47 -4.41 -79.81
CA THR WF 78 94.14 -4.79 -78.44
C THR WF 78 94.24 -6.28 -78.14
N ASN WF 79 94.55 -7.13 -79.12
CA ASN WF 79 94.50 -8.58 -78.96
C ASN WF 79 93.14 -9.05 -78.43
N LEU WF 80 92.09 -8.29 -78.70
CA LEU WF 80 90.79 -8.78 -78.24
C LEU WF 80 90.21 -9.75 -79.26
N PRO WF 81 89.65 -10.86 -78.78
CA PRO WF 81 89.17 -11.89 -79.69
C PRO WF 81 87.77 -11.58 -80.20
N SER WF 82 87.58 -11.77 -81.49
CA SER WF 82 86.24 -11.92 -82.05
C SER WF 82 86.26 -13.10 -83.00
N THR WF 83 85.11 -13.75 -83.14
CA THR WF 83 85.04 -15.01 -83.88
C THR WF 83 84.18 -14.85 -85.12
N GLY WF 84 84.60 -15.49 -86.21
CA GLY WF 84 83.79 -15.63 -87.40
C GLY WF 84 83.33 -17.08 -87.48
N SER WF 85 82.12 -17.28 -87.98
CA SER WF 85 81.59 -18.64 -87.96
C SER WF 85 80.60 -18.87 -89.09
N VAL WF 86 80.58 -20.11 -89.57
CA VAL WF 86 79.54 -20.61 -90.45
C VAL WF 86 78.88 -21.79 -89.75
N THR WF 87 77.61 -21.64 -89.42
CA THR WF 87 76.84 -22.70 -88.77
C THR WF 87 75.82 -23.25 -89.75
N ILE WF 88 75.55 -24.54 -89.64
CA ILE WF 88 74.67 -25.27 -90.55
C ILE WF 88 73.71 -26.10 -89.73
N GLN WF 89 72.44 -26.12 -90.13
CA GLN WF 89 71.45 -26.98 -89.52
C GLN WF 89 70.68 -27.70 -90.62
N VAL WF 90 70.77 -29.03 -90.61
CA VAL WF 90 70.07 -29.89 -91.54
C VAL WF 90 68.91 -30.52 -90.79
N SER WF 91 67.71 -30.44 -91.37
CA SER WF 91 66.52 -31.05 -90.79
C SER WF 91 65.96 -32.04 -91.81
N ILE WF 92 65.98 -33.31 -91.43
CA ILE WF 92 65.63 -34.46 -92.26
C ILE WF 92 64.33 -35.06 -91.73
N PRO WF 93 63.22 -34.97 -92.44
CA PRO WF 93 61.99 -35.63 -92.00
C PRO WF 93 62.07 -37.14 -92.12
N ARG WF 94 61.27 -37.81 -91.31
CA ARG WF 94 61.23 -39.26 -91.26
C ARG WF 94 60.05 -39.85 -92.05
N ASN WF 95 59.09 -39.02 -92.46
CA ASN WF 95 58.06 -39.43 -93.40
C ASN WF 95 58.70 -40.10 -94.62
N PRO WF 96 58.35 -41.35 -94.93
CA PRO WF 96 59.02 -42.07 -96.01
C PRO WF 96 58.93 -41.38 -97.36
N ALA WF 97 58.17 -40.31 -97.46
CA ALA WF 97 58.12 -39.49 -98.65
C ALA WF 97 59.38 -38.63 -98.82
N TRP WF 98 60.36 -38.76 -97.94
CA TRP WF 98 61.64 -38.08 -98.02
C TRP WF 98 62.75 -39.09 -98.28
N ASN WF 99 63.85 -38.60 -98.88
CA ASN WF 99 64.97 -39.47 -99.25
C ASN WF 99 66.29 -38.89 -98.78
N ALA WF 100 67.22 -39.79 -98.49
CA ALA WF 100 68.61 -39.38 -98.39
C ALA WF 100 69.05 -38.64 -99.63
N SER WF 101 68.50 -39.00 -100.80
CA SER WF 101 68.82 -38.27 -102.03
C SER WF 101 68.37 -36.82 -101.93
N MET WF 102 67.22 -36.58 -101.30
CA MET WF 102 66.73 -35.22 -101.16
C MET WF 102 67.59 -34.43 -100.18
N THR WF 103 68.01 -35.09 -99.08
CA THR WF 103 68.97 -34.47 -98.16
C THR WF 103 70.24 -34.04 -98.91
N VAL WF 104 70.82 -34.97 -99.66
CA VAL WF 104 72.06 -34.70 -100.37
C VAL WF 104 71.84 -33.58 -101.39
N SER WF 105 70.67 -33.57 -102.04
CA SER WF 105 70.40 -32.54 -103.04
C SER WF 105 70.36 -31.16 -102.39
N LEU WF 106 69.73 -31.04 -101.23
CA LEU WF 106 69.74 -29.76 -100.52
C LEU WF 106 71.16 -29.37 -100.14
N LEU WF 107 71.95 -30.33 -99.67
CA LEU WF 107 73.34 -30.01 -99.30
C LEU WF 107 74.12 -29.48 -100.49
N LYS WF 108 74.00 -30.15 -101.64
CA LYS WF 108 74.72 -29.75 -102.84
C LYS WF 108 74.26 -28.38 -103.32
N GLN WF 109 72.96 -28.11 -103.24
CA GLN WF 109 72.45 -26.81 -103.68
C GLN WF 109 72.95 -25.70 -102.78
N ALA WF 110 72.91 -25.91 -101.46
CA ALA WF 110 73.45 -24.92 -100.54
C ALA WF 110 74.93 -24.67 -100.81
N ALA WF 111 75.68 -25.74 -101.08
CA ALA WF 111 77.10 -25.59 -101.40
C ALA WF 111 77.30 -24.74 -102.65
N ASP WF 112 76.55 -25.05 -103.71
CA ASP WF 112 76.64 -24.26 -104.93
C ASP WF 112 76.27 -22.79 -104.68
N TYR WF 113 75.23 -22.55 -103.90
CA TYR WF 113 74.69 -21.19 -103.82
C TYR WF 113 75.45 -20.30 -102.83
N LEU WF 114 76.05 -20.87 -101.79
CA LEU WF 114 76.78 -20.06 -100.83
C LEU WF 114 78.29 -20.21 -100.89
N ALA WF 115 78.80 -21.30 -101.45
CA ALA WF 115 80.23 -21.48 -101.62
C ALA WF 115 80.67 -21.56 -103.06
N GLY WF 116 79.76 -21.80 -104.00
CA GLY WF 116 80.11 -21.91 -105.40
C GLY WF 116 81.06 -23.05 -105.69
N THR WF 117 80.71 -24.26 -105.22
CA THR WF 117 81.60 -25.42 -105.34
C THR WF 117 80.95 -26.61 -106.03
N SER WF 118 79.74 -26.47 -106.54
CA SER WF 118 79.04 -27.59 -107.16
C SER WF 118 79.83 -28.21 -108.33
N ALA WF 119 79.45 -29.44 -108.67
CA ALA WF 119 79.99 -30.12 -109.84
C ALA WF 119 79.49 -29.44 -111.12
N THR WF 120 80.07 -29.85 -112.25
CA THR WF 120 79.78 -29.22 -113.53
C THR WF 120 78.61 -29.91 -114.22
N VAL WF 121 77.60 -29.11 -114.58
CA VAL WF 121 76.43 -29.57 -115.34
C VAL WF 121 76.16 -28.52 -116.41
N SER WF 122 75.45 -28.94 -117.46
CA SER WF 122 75.34 -28.14 -118.67
C SER WF 122 74.87 -26.71 -118.37
N GLY WF 123 73.64 -26.56 -117.92
CA GLY WF 123 73.08 -25.23 -117.87
C GLY WF 123 73.24 -24.52 -116.54
N GLN WF 124 74.27 -24.88 -115.78
CA GLN WF 124 74.34 -24.40 -114.40
C GLN WF 124 74.70 -22.92 -114.41
N THR WF 125 74.23 -22.19 -113.41
CA THR WF 125 74.66 -20.81 -113.33
C THR WF 125 76.03 -20.72 -112.68
N ASP WF 126 76.78 -19.71 -113.09
CA ASP WF 126 78.14 -19.51 -112.61
C ASP WF 126 78.10 -18.97 -111.20
N THR WF 127 78.49 -19.79 -110.24
CA THR WF 127 78.43 -19.46 -108.83
C THR WF 127 79.79 -19.24 -108.22
N SER WF 128 80.84 -19.13 -109.05
CA SER WF 128 82.19 -19.00 -108.52
C SER WF 128 82.35 -17.73 -107.70
N GLY WF 129 81.70 -16.63 -108.12
CA GLY WF 129 81.83 -15.36 -107.44
C GLY WF 129 80.87 -15.17 -106.29
N PHE WF 130 79.95 -16.10 -106.12
CA PHE WF 130 78.95 -15.94 -105.06
C PHE WF 130 79.56 -15.88 -103.66
N PRO WF 131 80.55 -16.70 -103.28
CA PRO WF 131 81.11 -16.53 -101.93
C PRO WF 131 81.69 -15.15 -101.71
N ALA WF 132 82.36 -14.58 -102.73
CA ALA WF 132 82.85 -13.21 -102.63
C ALA WF 132 81.71 -12.24 -102.40
N LYS WF 133 80.64 -12.37 -103.19
CA LYS WF 133 79.52 -11.44 -103.04
C LYS WF 133 78.87 -11.57 -101.67
N TRP WF 134 78.77 -12.80 -101.14
CA TRP WF 134 78.22 -12.98 -99.80
C TRP WF 134 79.11 -12.31 -98.77
N ALA WF 135 80.43 -12.57 -98.84
CA ALA WF 135 81.36 -11.97 -97.89
C ALA WF 135 81.35 -10.46 -97.95
N GLY WF 136 80.90 -9.89 -99.06
CA GLY WF 136 80.66 -8.47 -99.13
C GLY WF 136 79.29 -8.02 -98.67
N LEU WF 137 78.49 -8.94 -98.14
CA LEU WF 137 77.10 -8.69 -97.74
C LEU WF 137 76.28 -8.11 -98.90
N MET WF 138 76.33 -8.80 -100.03
CA MET WF 138 75.44 -8.50 -101.14
C MET WF 138 74.94 -9.79 -101.77
N PHE WF 139 73.71 -9.75 -102.25
CA PHE WF 139 73.09 -10.92 -102.83
C PHE WF 139 73.71 -11.26 -104.17
N PRO WF 140 73.86 -12.56 -104.48
CA PRO WF 140 74.26 -13.02 -105.81
C PRO WF 140 73.25 -12.58 -106.86
N ALA XF 1 86.52 -46.11 -77.04
CA ALA XF 1 85.97 -47.33 -77.60
C ALA XF 1 86.30 -47.46 -79.08
N ALA XF 2 86.07 -48.65 -79.63
CA ALA XF 2 86.35 -48.89 -81.05
C ALA XF 2 85.45 -48.01 -81.91
N PRO XF 3 86.00 -47.37 -82.94
CA PRO XF 3 85.17 -46.46 -83.77
C PRO XF 3 84.22 -47.20 -84.68
N SER XF 4 84.45 -48.48 -84.96
CA SER XF 4 83.59 -49.23 -85.85
C SER XF 4 83.74 -50.72 -85.56
N LEU XF 5 82.69 -51.46 -85.87
CA LEU XF 5 82.59 -52.89 -85.56
C LEU XF 5 81.99 -53.64 -86.75
N ALA XF 6 82.51 -54.84 -86.99
CA ALA XF 6 81.94 -55.75 -87.97
C ALA XF 6 81.55 -57.02 -87.22
N LEU XF 7 80.32 -57.06 -86.72
CA LEU XF 7 79.87 -58.20 -85.94
C LEU XF 7 79.26 -59.25 -86.86
N VAL XF 8 79.21 -60.49 -86.40
CA VAL XF 8 78.62 -61.58 -87.17
C VAL XF 8 77.20 -61.82 -86.71
N GLY XF 9 76.25 -61.76 -87.63
CA GLY XF 9 74.87 -62.12 -87.42
C GLY XF 9 74.43 -63.11 -88.48
N ALA XF 10 73.13 -63.12 -88.73
CA ALA XF 10 72.52 -64.07 -89.66
C ALA XF 10 71.58 -63.34 -90.61
N ASN XF 11 71.63 -63.72 -91.88
CA ASN XF 11 70.70 -63.19 -92.88
C ASN XF 11 69.41 -64.00 -92.82
N SER XF 12 68.55 -63.82 -93.83
CA SER XF 12 67.29 -64.54 -93.86
C SER XF 12 67.49 -66.05 -93.97
N THR XF 13 68.62 -66.48 -94.54
CA THR XF 13 68.96 -67.90 -94.67
C THR XF 13 69.55 -68.47 -93.38
N LEU XF 14 69.82 -67.62 -92.39
CA LEU XF 14 70.61 -67.93 -91.19
C LEU XF 14 72.08 -68.14 -91.50
N ALA XF 15 72.54 -67.79 -92.70
CA ALA XF 15 73.96 -67.85 -93.00
C ALA XF 15 74.70 -66.72 -92.29
N SER XF 16 75.93 -67.00 -91.88
CA SER XF 16 76.73 -66.01 -91.16
C SER XF 16 77.03 -64.82 -92.06
N THR XF 17 76.56 -63.64 -91.65
CA THR XF 17 76.68 -62.41 -92.43
C THR XF 17 77.21 -61.29 -91.54
N LEU XF 18 78.05 -60.42 -92.11
CA LEU XF 18 78.51 -59.28 -91.34
C LEU XF 18 77.43 -58.23 -91.20
N VAL XF 19 77.37 -57.64 -90.01
CA VAL XF 19 76.55 -56.48 -89.70
C VAL XF 19 77.45 -55.40 -89.13
N ASN XF 20 77.40 -54.21 -89.71
CA ASN XF 20 78.42 -53.19 -89.52
C ASN XF 20 77.85 -52.05 -88.69
N TYR XF 21 78.59 -51.67 -87.64
CA TYR XF 21 78.21 -50.58 -86.76
C TYR XF 21 79.32 -49.54 -86.74
N SER XF 22 78.95 -48.27 -86.58
CA SER XF 22 79.91 -47.22 -86.33
C SER XF 22 79.57 -46.52 -85.01
N LEU XF 23 80.60 -46.01 -84.36
CA LEU XF 23 80.47 -45.36 -83.06
C LEU XF 23 79.85 -43.98 -83.24
N ARG XF 24 78.58 -43.85 -82.89
CA ARG XF 24 77.90 -42.58 -82.98
C ARG XF 24 78.09 -41.72 -81.73
N SER XF 25 77.98 -42.29 -80.52
CA SER XF 25 78.23 -41.44 -79.35
C SER XF 25 78.91 -42.23 -78.25
N GLN XF 26 79.55 -41.50 -77.35
CA GLN XF 26 80.12 -42.06 -76.13
C GLN XF 26 80.10 -40.97 -75.08
N ASN XF 27 79.45 -41.25 -73.96
CA ASN XF 27 79.20 -40.25 -72.93
C ASN XF 27 78.96 -40.94 -71.60
N GLY XF 28 79.69 -40.51 -70.57
CA GLY XF 28 79.43 -40.93 -69.22
C GLY XF 28 79.39 -42.44 -69.05
N ASN XF 29 80.53 -43.08 -69.34
CA ASN XF 29 80.63 -44.54 -69.31
C ASN XF 29 79.47 -45.19 -70.07
N ASN XF 30 79.15 -44.61 -71.22
CA ASN XF 30 78.07 -45.11 -72.04
C ASN XF 30 78.53 -45.04 -73.48
N VAL XF 31 78.21 -46.06 -74.27
CA VAL XF 31 78.70 -46.18 -75.65
C VAL XF 31 77.55 -46.60 -76.55
N ASP XF 32 77.34 -45.86 -77.64
CA ASP XF 32 76.21 -46.06 -78.55
C ASP XF 32 76.69 -46.16 -79.99
N TYR XF 33 76.39 -47.29 -80.62
CA TYR XF 33 76.72 -47.59 -82.01
C TYR XF 33 75.44 -47.62 -82.85
N VAL XF 34 75.59 -47.28 -84.14
CA VAL XF 34 74.49 -47.37 -85.08
C VAL XF 34 74.91 -48.23 -86.26
N CYS XF 35 73.95 -48.96 -86.83
CA CYS XF 35 74.22 -49.86 -87.93
C CYS XF 35 74.32 -49.09 -89.25
N THR XF 36 75.39 -49.34 -90.00
CA THR XF 36 75.69 -48.62 -91.22
C THR XF 36 75.16 -49.31 -92.47
N ASP XF 37 74.53 -50.46 -92.32
CA ASP XF 37 74.08 -51.25 -93.45
C ASP XF 37 72.80 -50.66 -94.04
N PRO XF 38 72.39 -51.12 -95.22
CA PRO XF 38 71.14 -50.59 -95.79
C PRO XF 38 69.90 -50.99 -95.01
N ASP XF 39 69.92 -52.10 -94.28
CA ASP XF 39 68.74 -52.54 -93.57
C ASP XF 39 68.38 -51.65 -92.37
N SER XF 40 69.31 -50.81 -91.91
CA SER XF 40 69.01 -49.83 -90.87
C SER XF 40 68.79 -48.48 -91.53
N THR XF 41 67.58 -47.96 -91.40
CA THR XF 41 67.23 -46.64 -91.88
C THR XF 41 67.09 -45.70 -90.69
N LEU XF 42 66.89 -44.41 -90.99
CA LEU XF 42 66.62 -43.45 -89.92
C LEU XF 42 65.36 -43.82 -89.17
N SER XF 43 64.34 -44.26 -89.89
CA SER XF 43 63.06 -44.50 -89.26
C SER XF 43 63.07 -45.81 -88.47
N ALA XF 44 63.81 -46.80 -88.97
CA ALA XF 44 63.89 -48.12 -88.37
C ALA XF 44 65.36 -48.55 -88.31
N PRO XF 45 66.10 -48.12 -87.30
CA PRO XF 45 67.54 -48.33 -87.26
C PRO XF 45 67.93 -49.62 -86.54
N GLY XF 46 69.20 -49.96 -86.66
CA GLY XF 46 69.83 -50.97 -85.82
C GLY XF 46 70.80 -50.27 -84.88
N LEU XF 47 70.75 -50.65 -83.61
CA LEU XF 47 71.42 -49.86 -82.59
C LEU XF 47 72.08 -50.76 -81.56
N ILE XF 48 73.16 -50.25 -80.95
CA ILE XF 48 73.83 -50.94 -79.85
C ILE XF 48 74.11 -49.93 -78.75
N ASN XF 49 73.94 -50.37 -77.50
CA ASN XF 49 74.12 -49.57 -76.30
C ASN XF 49 74.93 -50.36 -75.28
N ALA XF 50 75.82 -49.69 -74.54
CA ALA XF 50 76.61 -50.36 -73.52
C ALA XF 50 76.97 -49.40 -72.40
N LYS XF 51 76.61 -49.76 -71.16
CA LYS XF 51 76.76 -48.93 -69.96
C LYS XF 51 77.59 -49.65 -68.92
N PHE XF 52 78.28 -48.87 -68.08
CA PHE XF 52 79.03 -49.36 -66.92
C PHE XF 52 78.51 -48.71 -65.66
N ASP XF 53 77.94 -49.52 -64.75
CA ASP XF 53 77.70 -49.10 -63.37
C ASP XF 53 78.91 -49.53 -62.57
N ILE XF 54 79.82 -48.61 -62.34
CA ILE XF 54 81.05 -48.89 -61.61
C ILE XF 54 80.87 -48.39 -60.18
N LYS XF 55 80.91 -49.32 -59.24
CA LYS XF 55 80.77 -49.01 -57.83
C LYS XF 55 82.05 -48.36 -57.31
N ALA XF 56 81.92 -47.60 -56.23
CA ALA XF 56 83.03 -47.00 -55.51
C ALA XF 56 84.04 -48.09 -55.12
N PRO XF 57 85.32 -47.75 -54.96
CA PRO XF 57 86.29 -48.76 -54.57
C PRO XF 57 85.89 -49.45 -53.28
N GLY XF 58 86.22 -50.71 -53.19
CA GLY XF 58 85.82 -51.51 -52.04
C GLY XF 58 85.76 -52.97 -52.39
N ILE XF 59 85.69 -53.78 -51.34
CA ILE XF 59 85.62 -55.22 -51.52
C ILE XF 59 84.19 -55.72 -51.58
N THR XF 60 83.22 -54.86 -51.31
CA THR XF 60 81.81 -55.22 -51.28
C THR XF 60 81.09 -54.64 -52.48
N GLY XF 61 80.02 -55.33 -52.90
CA GLY XF 61 79.18 -54.87 -53.97
C GLY XF 61 79.46 -55.61 -55.27
N ASN XF 62 78.63 -55.30 -56.27
CA ASN XF 62 78.77 -55.82 -57.62
C ASN XF 62 78.93 -54.65 -58.60
N ASP XF 63 79.89 -54.79 -59.52
CA ASP XF 63 79.96 -53.94 -60.70
C ASP XF 63 79.00 -54.48 -61.75
N ARG XF 64 78.49 -53.60 -62.63
CA ARG XF 64 77.51 -54.05 -63.60
C ARG XF 64 77.80 -53.52 -65.00
N ILE XF 65 77.57 -54.39 -65.99
CA ILE XF 65 77.67 -54.06 -67.41
C ILE XF 65 76.28 -54.24 -68.01
N HIS XF 66 75.84 -53.24 -68.78
CA HIS XF 66 74.57 -53.35 -69.49
C HIS XF 66 74.83 -53.22 -70.98
N ALA XF 67 74.14 -54.04 -71.78
CA ALA XF 67 74.33 -54.00 -73.22
C ALA XF 67 72.99 -54.29 -73.90
N ASN XF 68 72.72 -53.58 -74.98
CA ASN XF 68 71.46 -53.74 -75.70
C ASN XF 68 71.73 -53.73 -77.20
N LEU XF 69 71.25 -54.75 -77.89
CA LEU XF 69 71.35 -54.84 -79.34
C LEU XF 69 69.93 -54.86 -79.90
N ARG XF 70 69.60 -53.82 -80.67
CA ARG XF 70 68.24 -53.54 -81.10
C ARG XF 70 68.16 -53.51 -82.62
N LYS XF 71 67.02 -53.96 -83.15
CA LYS XF 71 66.62 -53.69 -84.53
C LYS XF 71 65.17 -53.24 -84.51
N VAL XF 72 64.91 -52.06 -85.08
CA VAL XF 72 63.57 -51.52 -85.18
C VAL XF 72 62.97 -51.94 -86.52
N VAL XF 73 61.67 -52.24 -86.51
CA VAL XF 73 60.96 -52.61 -87.71
C VAL XF 73 59.64 -51.86 -87.75
N LEU XF 74 59.24 -51.42 -88.94
CA LEU XF 74 58.01 -50.66 -89.13
C LEU XF 74 56.88 -51.58 -89.60
N ASP XF 75 55.68 -51.31 -89.10
CA ASP XF 75 54.50 -52.05 -89.55
C ASP XF 75 54.21 -51.76 -91.01
N GLU XF 76 53.81 -52.80 -91.75
CA GLU XF 76 53.56 -52.63 -93.17
C GLU XF 76 52.47 -51.61 -93.43
N LYS XF 77 51.38 -51.67 -92.66
CA LYS XF 77 50.24 -50.78 -92.87
C LYS XF 77 50.38 -49.50 -92.06
N THR XF 78 50.51 -49.63 -90.73
CA THR XF 78 50.45 -48.46 -89.86
C THR XF 78 51.77 -47.69 -89.80
N ASN XF 79 52.88 -48.28 -90.24
CA ASN XF 79 54.22 -47.69 -90.13
C ASN XF 79 54.61 -47.38 -88.70
N LEU XF 80 53.89 -47.93 -87.71
CA LEU XF 80 54.28 -47.82 -86.32
C LEU XF 80 55.49 -48.70 -86.06
N PRO XF 81 56.47 -48.21 -85.33
CA PRO XF 81 57.68 -49.01 -85.09
C PRO XF 81 57.52 -49.91 -83.89
N SER XF 82 57.91 -51.17 -84.03
CA SER XF 82 58.16 -52.02 -82.89
C SER XF 82 59.57 -52.56 -83.00
N THR XF 83 60.21 -52.79 -81.86
CA THR XF 83 61.63 -53.08 -81.83
C THR XF 83 61.91 -54.44 -81.17
N GLY XF 84 62.83 -55.19 -81.77
CA GLY XF 84 63.28 -56.47 -81.23
C GLY XF 84 64.68 -56.31 -80.68
N SER XF 85 64.96 -56.97 -79.56
CA SER XF 85 66.18 -56.64 -78.85
C SER XF 85 66.71 -57.80 -78.01
N VAL XF 86 68.03 -57.95 -78.03
CA VAL XF 86 68.73 -58.83 -77.10
C VAL XF 86 69.52 -57.95 -76.13
N THR XF 87 69.23 -58.06 -74.85
CA THR XF 87 69.89 -57.24 -73.85
C THR XF 87 70.55 -58.12 -72.79
N ILE XF 88 71.74 -57.69 -72.34
CA ILE XF 88 72.60 -58.47 -71.46
C ILE XF 88 72.95 -57.62 -70.25
N GLN XF 89 72.89 -58.22 -69.07
CA GLN XF 89 73.41 -57.64 -67.83
C GLN XF 89 74.45 -58.58 -67.24
N VAL XF 90 75.66 -58.06 -67.04
CA VAL XF 90 76.74 -58.79 -66.39
C VAL XF 90 76.94 -58.19 -65.02
N SER XF 91 76.92 -59.03 -63.98
CA SER XF 91 77.11 -58.60 -62.60
C SER XF 91 78.34 -59.30 -62.04
N ILE XF 92 79.39 -58.52 -61.79
CA ILE XF 92 80.71 -58.98 -61.38
C ILE XF 92 80.92 -58.60 -59.92
N PRO XF 93 80.97 -59.56 -59.01
CA PRO XF 93 81.23 -59.23 -57.60
C PRO XF 93 82.66 -58.75 -57.38
N ARG XF 94 82.86 -58.15 -56.21
CA ARG XF 94 84.16 -57.61 -55.84
C ARG XF 94 84.91 -58.40 -54.79
N ASN XF 95 84.28 -59.41 -54.20
CA ASN XF 95 85.00 -60.33 -53.33
C ASN XF 95 86.17 -60.94 -54.10
N PRO XF 96 87.40 -60.89 -53.58
CA PRO XF 96 88.55 -61.42 -54.32
C PRO XF 96 88.42 -62.87 -54.69
N ALA XF 97 87.41 -63.55 -54.15
CA ALA XF 97 87.10 -64.91 -54.52
C ALA XF 97 86.41 -65.02 -55.87
N TRP XF 98 86.25 -63.91 -56.60
CA TRP XF 98 85.77 -63.90 -57.97
C TRP XF 98 86.92 -63.56 -58.92
N ASN XF 99 86.81 -64.02 -60.16
CA ASN XF 99 87.85 -63.79 -61.16
C ASN XF 99 87.25 -63.30 -62.46
N ALA XF 100 88.06 -62.49 -63.16
CA ALA XF 100 87.76 -62.21 -64.55
C ALA XF 100 87.59 -63.51 -65.34
N SER XF 101 88.32 -64.57 -64.96
CA SER XF 101 88.15 -65.85 -65.63
C SER XF 101 86.73 -66.38 -65.44
N MET XF 102 86.17 -66.16 -64.26
CA MET XF 102 84.79 -66.60 -64.01
C MET XF 102 83.80 -65.76 -64.79
N THR XF 103 84.04 -64.45 -64.88
CA THR XF 103 83.22 -63.59 -65.72
C THR XF 103 83.23 -64.09 -67.17
N VAL XF 104 84.42 -64.32 -67.72
CA VAL XF 104 84.55 -64.77 -69.09
C VAL XF 104 83.90 -66.13 -69.27
N SER XF 105 84.02 -67.01 -68.27
CA SER XF 105 83.41 -68.32 -68.38
C SER XF 105 81.90 -68.22 -68.49
N LEU XF 106 81.28 -67.36 -67.67
CA LEU XF 106 79.85 -67.16 -67.79
C LEU XF 106 79.47 -66.57 -69.15
N LEU XF 107 80.27 -65.62 -69.65
CA LEU XF 107 79.97 -65.05 -70.96
C LEU XF 107 80.01 -66.13 -72.05
N LYS XF 108 81.05 -66.96 -72.03
CA LYS XF 108 81.20 -68.01 -73.03
C LYS XF 108 80.08 -69.02 -72.94
N GLN XF 109 79.67 -69.38 -71.73
CA GLN XF 109 78.59 -70.35 -71.56
C GLN XF 109 77.26 -69.77 -72.06
N ALA XF 110 76.99 -68.50 -71.76
CA ALA XF 110 75.80 -67.87 -72.28
C ALA XF 110 75.82 -67.84 -73.80
N ALA XF 111 76.97 -67.52 -74.39
CA ALA XF 111 77.09 -67.55 -75.85
C ALA XF 111 76.80 -68.93 -76.40
N ASP XF 112 77.32 -69.97 -75.75
CA ASP XF 112 77.06 -71.34 -76.22
C ASP XF 112 75.58 -71.68 -76.10
N TYR XF 113 74.95 -71.33 -74.99
CA TYR XF 113 73.62 -71.84 -74.71
C TYR XF 113 72.52 -71.05 -75.41
N LEU XF 114 72.70 -69.74 -75.60
CA LEU XF 114 71.66 -68.95 -76.25
C LEU XF 114 71.98 -68.60 -77.70
N ALA XF 115 73.25 -68.62 -78.10
CA ALA XF 115 73.62 -68.34 -79.47
C ALA XF 115 74.24 -69.50 -80.20
N GLY XF 116 74.75 -70.51 -79.49
CA GLY XF 116 75.36 -71.67 -80.13
C GLY XF 116 76.63 -71.32 -80.88
N THR XF 117 77.56 -70.61 -80.22
CA THR XF 117 78.77 -70.14 -80.88
C THR XF 117 80.06 -70.51 -80.16
N SER XF 118 79.98 -71.34 -79.12
CA SER XF 118 81.18 -71.74 -78.37
C SER XF 118 82.27 -72.33 -79.29
N ALA XF 119 83.51 -72.28 -78.80
CA ALA XF 119 84.63 -72.95 -79.46
C ALA XF 119 84.46 -74.46 -79.37
N THR XF 120 85.24 -75.17 -80.18
CA THR XF 120 85.11 -76.62 -80.25
C THR XF 120 85.91 -77.30 -79.14
N VAL XF 121 85.23 -78.16 -78.38
CA VAL XF 121 85.83 -78.96 -77.31
C VAL XF 121 85.19 -80.34 -77.38
N SER XF 122 86.02 -81.38 -77.18
CA SER XF 122 85.53 -82.75 -77.18
C SER XF 122 84.45 -82.93 -76.13
N GLY XF 123 83.31 -83.49 -76.55
CA GLY XF 123 82.23 -83.75 -75.64
C GLY XF 123 81.26 -82.61 -75.42
N GLN XF 124 81.35 -81.52 -76.20
CA GLN XF 124 80.46 -80.40 -75.97
C GLN XF 124 79.11 -80.75 -76.56
N THR XF 125 78.03 -80.21 -75.99
CA THR XF 125 76.74 -80.46 -76.60
C THR XF 125 76.58 -79.57 -77.83
N ASP XF 126 75.92 -80.12 -78.85
CA ASP XF 126 75.71 -79.40 -80.10
C ASP XF 126 74.64 -78.35 -79.88
N THR XF 127 75.07 -77.10 -79.89
CA THR XF 127 74.20 -75.97 -79.62
C THR XF 127 73.85 -75.20 -80.89
N SER XF 128 74.18 -75.75 -82.06
CA SER XF 128 73.99 -75.03 -83.31
C SER XF 128 72.52 -74.65 -83.53
N GLY XF 129 71.60 -75.54 -83.20
CA GLY XF 129 70.20 -75.28 -83.41
C GLY XF 129 69.51 -74.57 -82.28
N PHE XF 130 70.24 -74.33 -81.18
CA PHE XF 130 69.64 -73.66 -80.04
C PHE XF 130 69.14 -72.26 -80.35
N PRO XF 131 69.86 -71.39 -81.06
CA PRO XF 131 69.28 -70.07 -81.36
C PRO XF 131 67.97 -70.16 -82.14
N ALA XF 132 67.88 -71.10 -83.07
CA ALA XF 132 66.62 -71.33 -83.77
C ALA XF 132 65.51 -71.72 -82.79
N LYS XF 133 65.80 -72.69 -81.91
CA LYS XF 133 64.78 -73.12 -80.95
C LYS XF 133 64.38 -71.97 -80.03
N TRP XF 134 65.33 -71.13 -79.62
CA TRP XF 134 64.98 -69.98 -78.79
C TRP XF 134 64.07 -69.02 -79.55
N ALA XF 135 64.44 -68.68 -80.79
CA ALA XF 135 63.64 -67.78 -81.59
C ALA XF 135 62.23 -68.32 -81.79
N GLY XF 136 62.08 -69.65 -81.72
CA GLY XF 136 60.75 -70.25 -81.71
C GLY XF 136 60.10 -70.37 -80.36
N LEU XF 137 60.72 -69.82 -79.30
CA LEU XF 137 60.23 -69.98 -77.92
C LEU XF 137 60.11 -71.44 -77.53
N MET XF 138 61.21 -72.18 -77.69
CA MET XF 138 61.28 -73.59 -77.34
C MET XF 138 62.55 -73.81 -76.55
N PHE XF 139 62.43 -74.46 -75.39
CA PHE XF 139 63.62 -74.77 -74.62
C PHE XF 139 64.46 -75.80 -75.36
N PRO XF 140 65.78 -75.60 -75.48
CA PRO XF 140 66.70 -76.53 -76.12
C PRO XF 140 66.71 -77.89 -75.43
#